data_7W5Z
#
_entry.id   7W5Z
#
_cell.length_a   1.00
_cell.length_b   1.00
_cell.length_c   1.00
_cell.angle_alpha   90.00
_cell.angle_beta   90.00
_cell.angle_gamma   90.00
#
_symmetry.space_group_name_H-M   'P 1'
#
loop_
_entity.id
_entity.type
_entity.pdbx_description
1 polymer 'Unknown peptide'
2 polymer 'Transmembrane protein, putative'
3 polymer 'Unknown peptide'
4 polymer 'Unknown peptide'
5 polymer 'Uncharacterized protein'
6 polymer 'Protein transporter Sec61 alpha subunit'
7 polymer 'Cytochrome c oxidase subunit 1'
8 polymer 'Cytochrome c oxidase subunit 2'
9 polymer Ymf68
10 polymer 'Cytochrome C oxidase subunit Vb protein'
11 polymer 'Transmembrane protein, putative'
12 polymer 'Cytochrome c oxidase subunit 6B'
13 polymer 'Cytochrome c oxidase subunit 6B-like'
14 polymer 'Transmembrane protein, putative'
15 polymer 'Transmembrane protein, putative'
16 polymer 'Cytochrome c oxidase subunit 7C'
17 polymer 'CTF/NF-I domain-containing protein'
18 polymer 'Oxoglutarate/malate translocator protein, putative'
19 polymer '2-oxoglutarate/malate carrier protein'
20 polymer 'Carrier protein'
21 polymer 'Tim10/DDP family zinc finger protein'
22 polymer 'Cytochrome c oxidase small TIM subunit 2'
23 polymer 'Cytochrome c oxidase small TIM subunit 3'
24 polymer 'Cytochrome c oxidase small TIM subunit 4'
25 polymer 'Cytochrome c oxidase small TIM subunit 5'
26 polymer 'Cytochrome c oxidase small TIM subunit 6'
27 polymer 'Chromosome condensation regulator RCC1 repeat protein'
28 polymer 'Iron-binding zinc finger CDGSH type protein'
29 polymer 'Cytochrome c oxidase acyl carrier-like subunit'
30 polymer Ymf67
31 polymer Ymf70
32 polymer Ymf75
33 polymer 'Transmembrane protein, putative'
34 polymer 'Protein phosphatase 2C, putative'
35 polymer 'Cyclic nucleotide-binding domain protein'
36 polymer 'SURF1-like protein'
37 polymer 'TraB family protein'
38 polymer 'Transmembrane protein, putative'
39 polymer 'Cytochrome c oxidase subunit TT7'
40 polymer 'SURF1-like protein'
41 polymer 'Cytochrome c oxidase subunit TT9'
42 polymer 'Cytochrome c oxidase subunit TT10'
43 polymer 'Cytochrome c oxidase subunit TT11'
44 polymer 'Cytochrome c oxidase subunit TT12'
45 polymer 'Transmembrane protein, putative'
46 polymer 'Transmembrane protein, putative'
47 polymer 'Cytochrome c oxidase subunit TT15'
48 polymer 'Cytochrome c oxidase subunit TT16'
49 polymer 'Transmembrane protein, putative'
50 polymer 'Cytochrome c oxidase subunit TT18'
51 polymer 'Cytochrome c oxidase subunit TT19'
52 polymer 'Transmembrane protein, putative'
53 polymer 'Transmembrane protein, putative'
54 polymer 'Cytochrome c oxidase subunit TT22'
55 polymer 'Transmembrane protein, putative'
56 polymer 'Transmembrane protein, putative'
57 polymer 'Cytochrome c oxidase subunit TT25'
58 polymer 'Cytochrome c oxidase subunit TT26'
59 non-polymer HEME-A
60 non-polymer 'COPPER (II) ION'
61 non-polymer 'MAGNESIUM ION'
62 non-polymer 1,2-DIACYL-SN-GLYCERO-3-PHOSPHOCHOLINE
63 non-polymer CARDIOLIPIN
64 non-polymer 'ZINC ION'
65 non-polymer 'FE2/S2 (INORGANIC) CLUSTER'
#
loop_
_entity_poly.entity_id
_entity_poly.type
_entity_poly.pdbx_seq_one_letter_code
_entity_poly.pdbx_strand_id
1 'polypeptide(L)'
;(UNK)(UNK)(UNK)(UNK)(UNK)(UNK)(UNK)(UNK)(UNK)(UNK)(UNK)(UNK)(UNK)(UNK)(UNK)(UNK)
(UNK)(UNK)(UNK)(UNK)(UNK)(UNK)(UNK)(UNK)(UNK)(UNK)(UNK)(UNK)(UNK)(UNK)(UNK)(UNK)
(UNK)(UNK)(UNK)(UNK)(UNK)(UNK)(UNK)(UNK)(UNK)(UNK)(UNK)(UNK)(UNK)(UNK)(UNK)(UNK)
(UNK)(UNK)(UNK)(UNK)(UNK)(UNK)(UNK)(UNK)(UNK)(UNK)(UNK)(UNK)(UNK)(UNK)(UNK)(UNK)
(UNK)(UNK)(UNK)(UNK)(UNK)(UNK)(UNK)(UNK)(UNK)(UNK)(UNK)(UNK)(UNK)(UNK)(UNK)(UNK)
(UNK)(UNK)(UNK)(UNK)(UNK)(UNK)(UNK)(UNK)(UNK)(UNK)(UNK)(UNK)(UNK)(UNK)(UNK)(UNK)
(UNK)(UNK)
;
U1,u1
2 'polypeptide(L)'
;MLIQIVLVLCQYFQLISCFCQGRLECLNPIQKRCVQIDGLQFIGREKKTGFCVIDSVLYDEIDFCLSESNNVCITYDRKM
CIKVESNNSIVAINQEDSICGITIDGYCVDENQNYSQEIYCNDSHCKFTNKQYQKSCLNYKSPQIYGKANKNECVLQDQY
FHSDAQIICKPHYCIYFQDKQITCVKMDHSIHPQIIGKDSDGICIFQKVEKQDFYLKYRNLQLCADQKHCYDTSQQTCMP
LSASYPAVKMGGTCGNYNEPISISCFYEGNVCLLENPRVCIRIFFNQDYDVCGIRKDGLCAASNIYYQNLQICASDYCMY
GQANNAKCIKMDGQQAVGIDSQGFCVQNFEQKADRCSTNFSYICYLNSSQICINLQGYQNYCQQANKCYEFSLQQYIGRD
IYYYCIQSEQSLQPQNVQNCLQNPSYICQKRDGTMCVYYYQIPTYFTYLGYINSSGYCAQEGYQTYTSQPQFQTITNLNP
NFCQDDSYVIQKILPPYYGRLDSYNYNRCLKQSDQSPYIESCIQGYCISNNSCQKIGFDSKNVSKLSNQYCGLVQQSSAI
ECAYDQDYCIYNSICYNLSDQNIQTSGIDYYGNCLQRGKYYQNWKKCSVNHCYQKKLLLNSFGCFYLDGTQGAAGIDSNG
MCLDYGVSTPVRCALSSQVCLDFQKNTCQQTINFGSTGNGCYYSGYCYQINLGQFIGRDTSLICLSDQEATNNLDTCYND
NQNICMAVYSSLKFCVVYPRTSLYLGYIVQNKQCAVENQQTNQGQLVDLVNLRNNYCQDQQGYIRRLDGKQYVGVDSSQY
LCLESGKTPSKSIIQCYTGFCIVENACKAYDQQYVGRDKYYQCLKKGEGISVECAANYCIDLSTKNCVQINDTNPAQAGV
LDNFQCAHSERYYYSQILQCSESYCLQQNPNNPSQQGCFELDGDINRAGIDSKGNCLQQDLPNAVRCSPGQFCLNDKFGN
ACQSLLLSFKNNRFARQKGTGVCLSYIDPSQFKGDNIDICVKGSCKYSDPKNLDFCFSLGQLAFGNQVVGRDINGDCVLK
DQQTSTQIVECFDMIYCILDLGGGKQKCQLLQEKDLQFPNLIYKAKNINQTCQDINMPNSMGCLYGLYCINPNDGYKCVL
MNDDNKIGRSLVNQQCLQQGELIANYCQPDFCILNGACVPLSNKFPGKENQTQKCLPEQIEGQYGASNCYKEGFCLIINP
QNQLASCYQLDYSNPNTIGIQIDTQHCLKEGETVAIMCAYEKYCIDPVSQSCKIQDIKQGYCLGKNGMCAKNGSCVYCQV
SQCLTNQNSGTCIDLQQPPALFCKDINVHSENIFIQNQKGICQYLNSGQCDICPENYCKFNNMCFGSQDLLKILKGNQCF
VYVPKLKTCQIQDLNTPNSQGNMNCMNNKGFCQDTTVVKNQCLMCANYYFNPGNQQCFSIEEKALLSSSQLFFNMQLIYV
KQDCYDQDYCQSIPSLKCPKGCFSCNSPNFCTQCIEGFFLYQDTSNQQFCIQCQKQIIQDNTLKIYYNQIPTYSCLDCSS
EYGTWNQISSKYRNCQNFIVKLDNLLQITSQKYAAQNYIISPISTTQAPYQLYFHRSRLCPTGCLSCVQISDSKVMCLQC
QDYYINDDNGSCQKCPDFCINCQYATFISGKVIPKSQIEKNQQKYYYFVTICLKCSQYYLVSYNLQSCDNCGINCLYCQY
ENYKTVLNYNIRQLQYLSYYEFSTQNFIKKCIQCPQGYVVGYDGQFCQKEIQNCRYTTFQIAQSYDLTLYIWSFTQNSTI
ANQICKQCVDGYILSGDASSCLDGCQQQISDNRCESCYSPLNKIQCQFCNSGQILNQVVNPGACQDDICSRNIVGCQECY
KYQDPQNPSPFYQIYQCTKCIDQYSIPSIFSCIQCPTGCAKCYEGYRYYNFTSELVYKRTQFTVNQRLNYYQNDYQLYCT
ECQKGYQFDQQQKKCIKIQCGPNCNLCILINNQPQCVQCNYDKLIAELNQLSYFIGILYFKQNYIPNPKTMISLTSSGND
CQICPILCETCVNNSDVSINPLFIYDAQCLSCKQSLDQSYVLQNYQITYDKSRRKCYLCNKSEQGCYYKKQKVIYAQCLD
LSTRLGDGSLQNPINFSRLNEIDLNQFLINEIEYNQAIIYYNELQVKELEVQLIFVDGSCYDYRPQKFSINIKDSIRALS
TSLNITTLNQNSVLKFYQLDAFTVQGFDQIYIKNIIFLQQRNDAKLGLILVDKALTNIQLFNCQFLQIQQLIQSIQFMTF
NLQTIQQTKVKLEQVVFQNIQIFESTSLININNTQNSSIYLKMNQVKLNNVLFQQSKLISTNSMNITIDITNLFVNQSLF
DQQSLLLDMKQNLLVDQYIGILLNNIIFLNSSFLHGSTILNSDFLDFLQIDNLTFNNCTFQQTQKQAVLPLIAANTFMLT
QIQIISNTITNYSFLQQYDNYFKDQNQSSSFSGIDIIDNKVNSDSYLFLFFQTQQNRNSSIHGINILRNQFSSNYTQVIV
QFNQQNFVQIQNLTIVDNQQFLFISTDSVRNILLQQVYQYQTSSQYFAAQICYLRQTKNQINIKNIKLEGIYFQKNIFQI
ENSLNNYLQKDFQITVTNLFSTQSTLLLKRYTNDVTIFSLYSKQQISLTVQNVTFSFFKSQVLNNKTSLGKISLGFYFQG
LQIKATILNSTFADLDISSPFNWIEGSVQQMILKSCNFTNSNGYQNYNSVRNGGFFKITSQKLIIKKSIFINGNALNGGA
FYLIMQGKGTLNLINSTFINNKAYSNNDQETKGGAFYLDGFMSESLDVLVFKSIFSKNLALFSGGAINIQSSNQQNAFII
QESFFFDNLSCQGSSINIQSSSDFQSEVVISKTKVNNQIQNTISTVENIANLLSQYTLLNIQQLSSSQIFIKDVRNVQFF
QSRFQIVPYKFKDSNVLKYFKGIIFSQMFSIQNVLNYLDINNIYEKSVFYGKLINVNNVKNIQIQHTQILNNQNIIEDLS
HQDNRVSNLASFHSQNCLVFNLTVNQNKCLQCNLGIIEILSSKLDMQNSTFQNNLAQYGSSLQLQQNKQYIYNLSKLLQS
FQDKLVISNSTFSHNIANVNGGALYIKESTVFIYQTLFDTNTARQYGGALFLENTKKNILTNLINLQNCTFSNNKAKFGG
VLASTTGQRVNKYTNNTYKDNKGYQYGENIQTSPTKFIITVNKTQLTDTQYINIQNHQGGTLRDEILLALCDDQNNYIQN
IPQDSFLSINITQGSGFLNQNKIAHKNGIFNLTQQIQVYGYSKQQLLLSITSDLIQIPVFNKDEIIIGYDSYQLIINIQM
VQVCLPGQIPKKFQEKFDLCYDCQDGSYSFQVSDTCQICPSPQAKCFRDKILLPSNLWRVSQKSIVLFPCKNCVGDIQLY
KKFKKRSLLKIQSTDLNYYCKEGYIGALCEDCDRNGQHWGDSYFMNLDLKCQRCSQTTFAEIAYPLMISLIAFILMIFLT
YYIQIQVHLKLTKKVLTILSKKYYGFNDQSIARTIKFLVYQSSIIGIMFWYDCYIPNTFSYIFIDIGNLFTDQIRISECF
LEQKFSGTSIIYKGIYFLLGTYFAIISCIIIFYMLLRIKFNYQNYLQDILISLSIFVYFSYNSILSKIFRSVIHLLFLKI
KKNVILQNITNRLIAKSLTKKDSQWSIYQFHVMK
;
U2,u2
3 'polypeptide(L)'
;(UNK)(UNK)(UNK)(UNK)(UNK)(UNK)(UNK)(UNK)(UNK)(UNK)(UNK)(UNK)(UNK)(UNK)(UNK)(UNK)
(UNK)(UNK)(UNK)(UNK)(UNK)(UNK)(UNK)(UNK)(UNK)(UNK)(UNK)(UNK)(UNK)(UNK)(UNK)(UNK)
(UNK)(UNK)
;
U3,u3
4 'polypeptide(L)'
;(UNK)(UNK)(UNK)(UNK)(UNK)(UNK)(UNK)(UNK)(UNK)(UNK)(UNK)(UNK)(UNK)(UNK)(UNK)(UNK)
(UNK)(UNK)(UNK)(UNK)(UNK)(UNK)(UNK)(UNK)(UNK)(UNK)(UNK)(UNK)(UNK)(UNK)
;
U4,u4
5 'polypeptide(L)'
;MIQQMDQYISMQNESSSEISDIETRSPSHSFEDNLKYYSDIYEVLSKDQIKQEYEQLQKSNFVKNIIRSFYLFILESGDE
IVIESMFENQEKGIIQIRKEFQTFTRQKKFNQSTLNSLINSKRFGKIFYYFLKYYIYDWVISRSVKDLKSHVIFITYLKK
QLEQNIENQQFD
;
U5,u5
6 'polypeptide(L)'
;MGFIDLLKPAFSLIPEVQPARQYIPKDHKIVWTGITLFIYLVCCQIPLYGVVRAQGSDPFYWMRVILASNRGTLMELGIS
PLVTSSMIVQLLVNTRILDFNARVQDDRQAIQGAQKLLGLIMSMCEAFAYIWSGQYGDPNKIGLGSCLLIFIQLVFSGIV
VLLLDDMLNKGYGLGSGISLFIATNICENIVWRSFSPITITTQQGTEFEGSIINLFHSLLTKDRVSNALYHSFYRTSAPN
LVNLISTLLVFLVVIYLQGVKYDLRIARRQERNSESSYPIKLFYTSNYPIILQTALVSQIFFFSRILSSKFKNNFFVKLL
GQWQDGSVAGGQDHPIGGFVYFLTAPRDLNQVISDPIHAIFYVLIILTLCGVISRYWIEFSDESTSSVHKKFMEEKIEIP
GHRQDSVYRTLDRIIPTAATLGGICVGVLTIVADFLGAIGSGTGILLAVNIIYGYFEQVKKENKLKKTGIVQQQQQQM
;
U6,u6
7 'polypeptide(L)'
;MWVDFIDQTKSLKVSVNNYFYYLDRIKKLFTYLNDLRKHILKKYVYTINHKRIAINYLYFSMVTGLSGAALATMIRLELA
HPGSPFFKGDSLRYLQVVTAHGLIMVFFVVVPILFGGFANFLIPYHVGSKDVAYPRLNSIGFWIQPCGYILLAKIGFLRP
QFWRYYDKTSFSFPFLEKMKYNQYKEYKNDYLFYLDFLKKEITDDHSFFWKARKVIKLPQYSVFSFVPLKLMMWKTMINY
PESFWYAASRVVQSRRKKVFVTKCSARTLTTAGWTFITPFSSNIKYTGVGSQDILILSVVFAGISTTISFTNLLITRRTL
AMPGLRHRRVLMPFVTISIFLTLRMLATITPVLGAAVIMMAFDRHWQTTFFEYAYGGDPILSQHLFWFFGHPEVYVLIIP
TFGFINMIVPHNNTRRVASKHHMIWAIYVMAYMGYLVWGHHMYLVGLDHRSRTMYSTITIMISMPATIKVVNWTLSLVNG
ALKIDLPFLFSMSFLLLFLVAGFTGMWLSHVSLNVSMHDTFYVVAHFHIMLSGAAMTGIFSGIYYYFNALFGVKYSRMFG
YMHLIYYSGGQWVAFVPLFYLGFSGMPRRIHDYPVVFMGWHSMSTTGHFITLVGIIFFFLMMFDSHIERRASTSTTLGLP
RWYKRISYYIFKIRYLQHTKSKMNGIPGSTVRLMLINRHFVEYEVYEK
;
C1,c1
8 'polypeptide(L)'
;MWGNLWTEASYQLNFNIGFSSLRSDVLIHLAQWQYWWWFWFALIWSFYYFIILKVARFRVLKMRPKISTSYRPHGKWGDF
LACIIPLIWCINILTNSNLILRLIEWQNESSLFTVRVRARQWYWIYKFELKNFTDILSTPKNIGNNRWQINTFGELQTAD
DYLHVLQLRSQNKWVKNYWNRSLQETGKTNKAHVISPQEQLRLSLINQYKSLNLSSSIKHNAPFINRDLYVFDDLFSYNL
GDITTKKSLFNDKNSFLTSYSYLNNNSWNNNEFDLIDNLPFTTLFDNNDLFNNYKSFFQDSIFNSPKKQLSSDSKQLFKH
IIYRSIKNNIIQDYTKLVKHEDFDEYSRWIKRSPGEVLPLRIIKYPLGLETIHNNIFENTNNEGNVELFRLRFNSNSSKM
QHKLVQDTIYLTLKQKRYNRKKVVAPQIKYYKDDNGNKTDLVKYTGKPYLSNDKLLKQSIYDQTTQYKLIKKNKKRGELI
PVTLARRILRTKKTLVLPAHVNITLITNSYDIVHSWFIPGLGIKLDCVPGRSTHHTFFIDNVGFYYGQCAEICGRYHHHM
PIRVCALPFEHFLLWWNTFGLPKMLNTVSRKRFETHYELRKYSW
;
C2,c2
9 'polypeptide(L)'
;MLICNFLMYSNFSRIYWFDFNGTVNENLPLNYNVLKICRNEINKLEKLNENNLGTQKNPIKLNLSFEDKHYNTNNLVLDL
NSYETFNSKNFISSIFDKTFESLNTVLMAPIYSFLEFKLKLSSTKINTNHYYVINGKLYITYNDSFKLFTTINDYFNDLN
ELSNTKLFFLYRSFNIYNIKLNSLVDFVFLKLILFIHLLYLKSTNYNRFDYRLKQTDWGFYINNNSNYIQNIFSGLKYIW
RGLRFWIIGLLLGLSSIYYLMYVRLLPFNKIIFAWILVAMFLYWLLSGFVFFVKKYQYSKFTAAIQRFWKRTYIIFWVIE
AGTFSVFFYLTLNASSEPVYMYDQIKIYKTHLFSWRWFLIKLLPSVSIILLGYYLQLTLKWNLFNKQNTIVLLITLLLLY
ILWLEFYQFYHILSFYGNINWAFDYDEYIWTLELDTRRTRLANNYIAICLFAKFWHFVFIFLFWVFFVLRINELGRIRYP
LLVANVQNFIIIYIMSWAYMYPWLKFIFRKYLDVPYYWFYLNGRELGIRVFFTDLKLFFYGITNRLFDFNPSSIKFEKYP
FYYWINSSQLTEFNQYRKFVIRDSIIYSLNNYII
;
C3,c3
10 'polypeptide(L)'
;MKKQKRTQGKQNTKQIKQEKLSSKRKANNQKEGKKKVKQEDYKEIKQKGKRMLSKIVKASFSSKGFNLANAVNTVKSTLN
APIKHIKRNIEPTGSNYSRMTNTTEEAFDEVSHEWQALVTSNPFDLNVFNYLENTQTSNFGTVDNPLVVFTSETPFRYVG
CTGQMNEDDYEGHELLFFLLREGSLQRCMGCGQVFKLVRLRNEYSPEMDYYLSNFHPYEMQEMGESDTTVLMSPYKYASH
YEYTQFETPSNMVYSMVNPDEHDRLLVDPAYRMERTKALEEKYKVYTSSLREVEKQFEERYGRAGQINISKVTYSTLIDV
EKAVLKMDRLFRKVAKFENRAFIDRANHSRREKRMLERAQQRWDSNYSFFTGSLTEEEQKYRDYYE(TPO)ELEAYPEDE
GIEQQLDQQEVLLSGRYDPKLYDFQEGYTKNPEDDQTSLIEKKAFKFRYRLANETSETFQRRNNRMVERQIKRFQQPQYK
HAFEQLQKNIAISSNSGNALHSEYGYLELLSNESVQLYKDYYE(SEP)DAEEDFKVFENLSSKEKLVMIANFENNLLPKY
DRSEVHLIPKRQWEPAFGVWENFLYDITEYASFIAPRGKEIAADYQIQSAIPLTKEELIEAGLYKETIEKKVEPKLEAKK
QTKSE
;
5B,5b
11 'polypeptide(L)'
;MIWKYLQRTNRGNIIQAGLQHRKFENLPFKQNFDNLTKAYDLRMWYISNSPHEAKNLEYVNELEALHNELNYQNSRQFLF
RTVSFLLGWALFYQFYELPKTYDWQDTQEPKHQVPAYGDLEEGGDEGGDD
;
6A,6a
12 'polypeptide(L)'
;MSSAVEKKDLPADYGKMPAGYNFLTRGKDWREYDKDFILRTDAVWEKFQLEHFFRNYMKCFFFDHGLKKYQMFEPEDMYT
VVFEGWALDDLITFPGFTPTGRTNSYQIGLSPRQRTVVPTQTFYQMQDYYMLCGLRFERWFRCDLVYHDQRHTKFDQVKN
QKNYKTYPCYREYYEAQYACQDDMFDFLMELAYARRAADNFESDFASHELTTLPTFYDTPKAAERKTYTY
;
6B,6b
13 'polypeptide(L)'
;(FME)EVKYRGPSDDKLECEFLENNLLSCLREKSVQDNVAKMTCRPEFLVWFFLECPTKAAVYHDPKGLRNIFIQDKIKQ
KGSDDGVLSKDD
;
6L,6l
14 'polypeptide(L)'
;MGSVWFRNRYWWYRSLYDDYVAREAKLAFGIAAFIWLPHYYWGIHLNRAFEVNFSHRNYAHEWGPRRNRLAHSLEFEQFD
MILENWQDLEDEYAQRGDGMLKK
;
6C,6c
15 'polypeptide(L)'
;(FME)NRFFKVSSKYQYYKYLEQYDAAFLRKYQSETHWYLGRRGAWKNLVIKYAGDHISLEEEHNVKYKTHLSFVYLSYR
LAWVLFAYVLIYNHFLLGDIGKTFNVGEWDHRLKPSAERDYPTRYESLYILDRTQKW
;
7A,7a
16 'polypeptide(L)'
;MISKYRYLHCARKLVKQSVQAFGGGHHHHEYDWRDDPKVNKDIEEDIRDRGWHPETYDFPYTKKHDDWVFDVTMPSQNYQ
TDLTVNIHPENKKMHVMKQVMRQSYWDAEHDMAHEYDYE(SEP)EDLDFQCESFKSQHFRKKGPISQYLILGLLPILYFG
TEFFYNHYPDEDYWRVAHPPPLDYPDTDDTDDTETFKDYK(SEP)FTGRRMVDTGIVDPLWYDIREGKKVYYDWAGVNQP
MEDI
;
7C,7c
17 'polypeptide(L)'
;MNKSQDEVKEDYFSIKKKKYNSLDCVLSPIVTRKKQESINSFQAGLQEDQNSTAVPESPFIRNCSETLNRSQHKILDHYF
EYDYSLKKKIEKIKISLQNKTGTDSSQSLVQKRLDDLRKKTLIYKQFNIQKNNNNINNTGQFFIEKDKQNNLNLSQPHQI
IKSKQGHKRSFTNTLYCSSNDKKIFNISSQKQNIKTVKQSNNSSMYEEQIKNDQNKKQNFNKQAKSERKQAEFCDLFYES
MQKDAERQFKSNSDKSKSITQILENNCENAIVLLNHLIQILTDSIPISKNSILLDEKLSQCVNLSNNSKISQLMLVIQKL
QGKISYYYNDFLKCIRMMKICKNFCQLFGTLKFKISCYKYIGLGFQRLNKPKVALVYFVKMLRQSWFLKQEDQEINSYDF
IGMSYFYLGSIDKAYQYHQMMIDGIKADEEVKKISNIMLKNRKYSNYPTLQNIRIIQETSDGQPLQKTIRKSKIINPQFQ
LTQQEWGENISSSEDEFELPQMQIAVKNAEEQTFQKKFLSTPWNDRFIQAQIHKLEIAQELNYNKFPIGLVFKNQSVLNF
PNSSNQPQLVVGPYANKIYNQELSSTYSSRQRISHQTPNREFFNYHSQLQQVKEQTQLNQMKQQYNQIVDSIELANHLIV
LKNLKKVKDLFQNLIPYLNEKYYNIKQQNTKSLKQQQNSFDAQNSNQSFLGLQNYSIQINGILNINNQTDEYVNNQSDRS
YQQQSDKLKLLIKSKSRNHSKEINMTQNYFKSPSNESKQIKNLRVIVDNSNKKKAQQKLNQEFSMNFCESPKYDNSILSL
FINKLSQESALRLEIRQIGSASRYQRKKQQKGKQRKEKYQKKQEENKLNIKQYKKERYNMALFFMANTAISVPSVLDTSP
CMKQMLAYEDCVLDANVPQQEVIHPQWPTIWPRLLTDGKLLEFDKVPFHPENIYNYTYMRPLTKKNKQYLYECEEERFVF
KACLRKVISLKKTDKHTSWDTAEVANLQLT
;
7L,7l
18 'polypeptide(L)'
;MFFELEDIKRRHSLYWDIYNVQGWVRRPDSTLYNNVKRGVTAGVVASLVQENITALVENCKLLATKYEKPQNLRQAATFM
KEVFKLENYRKAVWNRSQYALCIGTFDIGARLATFRWLNNGWQRVFAGFEFNFVRKIPTTMLAALFTAPFSVPFELARMA
YYGDKTFPKELQRGYSSYLSALARIPFEEGPYFLFKNSFPLIIRNFFQTFTLFYTYDFLKDKASFAWRVGEQNEYACKMI
IAGISTYLAAVFSYPWMVTREMVDFWPKVPGAPCTFNGNYRKAAVWIWYHEFSGNYFAGFFTKYFWKASPGMFLTLMLAD
KVGLFDQTTVDNFGGAGNNSWEDTFV
;
M1,m1
19 'polypeptide(L)'
;(FME)NYSYKRYWEPSTAEVIGLSLSVNTISAALTYPIEFVKVRSQIRTEGVGIRSKNLYMGINPNKVFREIHATGNGLR
GFYQGFESHLIGRLSYLFIRNLTYKIIYDRTKPVKAHNDLSHREKGVIAGFAGGLAAFLTSPADLVNTRTIAEGGKPKEW
RWGYKGLMDGINKIAATEGGNAALFRGSYANVLRAVILNISLTGPFDYLNEKIWITFGDMTWNKYAALLWASFWGSVATL
PFDNIRTRLYAQNADPTKNRLTYSGWADAAKKLIQHEGISGFYVGFYAFYIRTFLYAWTTVFITDKITSDWKRKAGLKEW
QI
;
M2,m2
20 'polypeptide(L)'
;MANFVIPYLKPVADFWNSLCIDQHQDSLFQFKGQTGSLGTDWTSKYLRSEQDVYNHKYLQYHKRVHEAPELTDVISDNVY
RLTLFAGVERVLSVRQAQAILKTQFAGATENISGAFQTVLNGGIFRRGYFRGALLNLLQFCGAPYQSLIWSRNSGITNQV
IVSSIFEAFFYPLDTVKTLIYNDVQGKYKGAFHCASQVVQNAGWSRLYAGIFQKLIFNSALIFHLNQVWDGSSQQWASLA
LVAAAYPLLVLKTRFQVAGTPLALATSNEVLKVNRKTLYAGLVPYLIFNTLFAYEFAAWHSSTAQERVIGGLQNAMKQFS
SPAAEQVWSS
;
M3,m3
21 'polypeptide(L)' MDTEVSNHNYTQAVAYLNRATSSCVKKCDSLNNNGSLSSKQESCLKTCAENHAIATKIHAEYIRKLAESKYL T1,t1
22 'polypeptide(L)' MSDKRKIQHEGIIALINYSTLCAQKCDVLKGHDDKITDTEEQCLRVCAEKIRQTFEFTNDIYLKNPNLTKPN T2,t2
23 'polypeptide(L)'
;MSTRKIFDSEEQSFIRLVDKFYLGLSLTKLCAQSCNLLRNDISGSALTQKEKDCLSICYNNIEKTQSAFYAKVKTTMNLP
AVEDDGEEGGDDE
;
T3,t3
24 'polypeptide(L)' (FME)EQNTTQVFSDLAYKVCFKVINDKNKPFVLHDEQRLANCLTRYVEAFNVTSEYFFRERAGETKVTEKQ T4,t4
25 'polypeptide(L)'
;MEDNYAADVQRQFNRTAFDSLYKICYNSLVQKNGSTIDFQKQIDCHQRLIQVFAKIAPIVVKVEQDAASSGGAAAGGEDE
E
;
T5,t5
26 'polypeptide(L)' (FME)DPVLGDVIATRIYKACFKHVYGKNMKAYSEKDEAKFDQCLTSYVESYKSVTNHFITYLGQLPKKGLSLDGS T6,t6
27 'polypeptide(L)'
;GNLYTWGQYASGTGFETASAVPRKVDYFSGNVSKVAMGPYHTAVITNDGSLYTFGWGQNGALGNGAKEFQLSPSPVSFFN
DKKLKVKDVVVGESYTIAVTENGEVYSWGYGGEPSSKINLDFFRNAILPQRCGALGSGDNKNRLTPQQIANLKADGYKNI
SGGDNFATLVNQSGEVINWGTGLFGSLGNGSDYPLFTPEVNAYFKHLKEHEGLTVQSIKSAGHFSAALLSNGKLYTFGVN
TQGQLGIRENLGHNTDQNARLPTPVVDRHFVGQKVVDFEVGENTLVFLTDKNEVFFSGLELAYQPIRWEIPTDKKIVKLA
ASKDTFAAVTETGKIYQFNEFVGVSTNEVGNDYNVADSKAFEGKVVDLGGSYGIRFAIVN
;
BP,bp
28 'polypeptide(L)'
;MSAILKRAAKYKRVSSILCEGEAHLRDPFTPPPVILKPPAPRKDKKPDDITDFPAQKLIPLPESIPYQEGKYRPASIPMV
AGFFPYNCYLQQGKVYSWCSCGISQSGPWCDGLCNSVVTRCRPVVFNVSQSGYYKICNCKFSANAPFCNNTHRKMVRYHH
QTHRGFYEIWGAALFVLGWVYMGFNYYT
;
FS,fs
29 'polypeptide(L)'
;MMQNLKKFMSKTIQVQPVSFNQIPKAFYNFPEYRTGGVQANPGITAKRIIKCIGERLRKYDPARWENVPITFKTHFRDEN
GYSDVATSIQIHDALEREFGIDIKDRLALVTDVETAFYIVMSHHDPL
;
AC,ac
30 'polypeptide(L)'
;MTALFLHILWSISYIIINILYIFLSLLLSNNNEKIKQYNSNYFIKILLVLFYNKNLSFYKNLLSEDEISKIEFERLKNYP
TLVLIHSNLNKLEKRNKIINSFINFKTKYRFYKFISTNFNLQTIIKNCNDKIIFSTLLYIVNLNYSFFYKTIKNTDLIVY
LLANKFSILNDNIIVSKFNISKFNDYIKYINNTNSIDTYLENQIILGLNNNTNSNITKNINTKLLNSYSNLKNLVNITNN
TFYLKKINDNYNTVINSEFLTYLKSNYKISFSASNIVKYLSDKSVNNSVILYLRKNKIFNKSRYSRNRQTYRTGAYWCLY
VNIIAVVAFYFWFYKFTMNFGYLWWLLYSLILSFFFSRALKHRFYNPLNVMTEFKNGFMWFIIILINIFKPLLKLLENNY
INLYNHLVIKYYQSFICNTLINKKKLEFNYILSSFKFIKELNNIIIISLNKLF
;
Y7,y7
31 'polypeptide(L)'
;(FME)FRWLFLYWYNSTDTPSAIAKVNLWSYINLRLFKARLSSSIAYYILGLNNLELKKLKIFYKNTYFDYIYLKSIPCL
FLIIFFTNLYLFL
;
Y0,y0
32 'polypeptide(L)'
;MFLGIFKDVIKLLNKKVVPVYFWFFLYCFLSTMDTNIFVSSCSFLKVEVFGKDENTTLVLLFYVFYSLFNFYLSRIKNKN
NYLVRKHLYTTELLIELILFKYKLIILKFSSIKYILNFNVRKFILFNLFLINNYKAYKINTFFLYIYIYLNNLNIIWYPI
FKAYSIFGYYKSTRLNFIDTKNENIKRIKY
;
Y5,y5
33 'polypeptide(L)'
;MLSKVTRRFLNYNQIYCFASQHGAEHHKLTASDEAYLNEVRQRYVTPDMEKWAYLDYKKHPSTTLSHYDHKSKDYVESER
DDYNADVATNSHNKLIDDFKRNLQMQRKVHDILQKMDRPYLRGVPGVTKNISAGLQDYSAPVSKKSQSDPNDFYRDAYRN
ENRWIDQSVFTPKTSKMTHYDVEWPKELASRPVTKKFHHDKGYKYDVTTPYDQRYNYVADRLGHPEILGNPFERLMRLEG
DIYHPNYLDQPFVKVPNANPNASLNFEEGEVLYENTRLLEWAKFWNYSVVVGYLWCAYFVPYNIFFKTHMPLEHAYDNLF
FPYFQHTHFLWDNNALHIPTVGGVAIYATYIALSYINNIWKDYVVRAQFSKDKELLFVTRVSPFGTTEEEVYEVAHLEHL
PPSVRSGVKDLSAQDADGLVDVTCMSSQRSLVFYKGDQYWNPKVYNDFINQTSNLWTRNYTGYNRLEVQNSVEQVKIGFS
HSSQPKLEKK
;
A,a
34 'polypeptide(L)'
;MFRRIISNGALLSTQTQRWQDLSKFACLRASLNKESEKAFQELAKKNNVSPQELVELSKIVSMNLDVLKQNINSEQFLLE
KESTLKRYRQSSIGTRGHLQTVNEAVNTKYPTLAEGLGQVAGYKEAYQALREIFVHPSISVNNLRQGSYGQQFAVDFRTR
ADEYVKALLKDHSSNPQAVQTIQEIQHTLHQIIKNYEQNPASIYARILTVLQTRGVNTLPVSKTADQKAVATIQKTSTPS
LTIDQLTVPVQERVQTQTVFDAELAFIKEANEMIQQNTGNLPWDGGKKKIFQGQANKYLETPYYLLAALSGLGLLYFLYS
GDAKYKTLVLTPVVGIAAFVLLRRNQILNRVPTLTELFLHKDGKFVDAVVSVNGQLISKNDIPVSTLKLYRGDHTVKVNL
NDFEDASAKKFLAQQSGQEGVINVHFSKLRNLAARNGQVLNLGDTEVVVPFENQANRIILKQIFKGVEVLPSS
;
B,b
35 'polypeptide(L)'
;MSVPSLEYQKQYIYSMQKSQCSIQNQSINIIADEQQAPQESYLSRKCQRHLFETKCVQLELGLNGDYSLSNNSLFIQNNN
TVFDNLQQNTESNIKQTNRSNKERYETQIFEQHPIIKNPKNDQVSSIMNEQEQKKFINTDENVQQTAQVSKNSKQSFKNG
IQQVQTLSIDKSQASIREQKKISDCNLDKQFIKGDSRLDESSKIPSKCCGWIPEDIIFENNIHQLNKKVTLVAKNNFSDS
KIQNHKEKKYQQNFQKAAEIVNRLLNTSMNRIMRVRQHVRNFIMLLKLRYLNRKIDDLTDRDYASINDLSNFYKSHKKKR
NSKAFMKHFNFVIKLSQKLPIFMPTDTLRVVWDVILVLFTYIFLYFYSILMFFNQDNPDTEFIKEFYFCTFFIFLIDVLV
NFNTAFFNKDLIIINRRQIAKQYIFSTVFFTDFVSLIVLGIKVIKRSNFIVYNPNHNLLTYCFNMLIFFKVNGISSKKKG
FDYVFTLKESEKHVIKLINQLFSVITVAHLAAIGWYFLGILQVVNDNQTNWLVKLNISEGVYYQKYIYSIYWSITTMTTV
GYGDISATNYGEALYISIVMLLFSCVFAYSINNIGFILQEIEKSSKQLNDKITTMQRYLNRKKVNISLKSRIRHYLSFLA
QEQRDRDKQAEDEIISILSNKLREEITVEINSKILNKFNIFSSNFSKQTLDKLVFKMTEVLINPNEIIFREEQNDDMSIY
FIQSGVIEVYQQSVQKQDKVTVIQTLTDESLFGEISFFSGLSRKASARSINLSTLYKISREDFIYIIQENNEDYERFKMI
QEQIVFQGELPLLHVECYNCKKIGHISSSCPKTHQIFDKQFIILREIYSSFQQRIFFDRTRYKNNLKPLNLIQDNQNVCK
ILKQNLQDDNISIEIMFDSCNRYTGSSYYNSEDLEDDEYGQCDEYATSSNSQTNIDNFSNKSSLNNIKNNALQKKKTMKK
KEVSKKYLDNNQICENISSILNSDQYCNSQKVISNNINDNLEIKKSYVKSFNLSNRQKSLDDFEKIKSSQNLEQNNNFNN
SDIQHSKSQIQIKADSEQFQQNIKAYSQTNKNEVDGDQEQSNISQIFKKRKSQKQQEQINNTNTDIKLQTEYPKQQARFS
STSGSTLQSQQLKMPSQKVQDELQLNINQNLKGQEFNINQSNKRVSTLLNQISNNHNQILKNCTEQTNYRNSIDQILLQG
ILVNNLIQSHSSQNILPIEQSFKYLKKADGDLEKKKNSILLQNFSLNNNKSSINITKEFIEDQAAVSHKNLSQIKTKQSI
GKSSILNALSNINNIDGNTNDLNNKNNNSKLLQAQNSQITNGNQLQIVDRLSKLLLNPQLPLLLKLTSVGMSFREMNSIN
SNNAMDMFDKMHNFKKFFPHNNIENVLNKLKLLQLELKKQKKQKQINKPRRQNILFFRYYSNCGSQVHDNLKLLQQEFNI
DDYRPTYLSYGVSKRRGQQFPCNKHNLTLYF
;
C,c
36 'polypeptide(L)'
;MYEGRWKMVNQIKQDVQNDIELILRQMNERIHAMKKKKYNELKGKIKQKCIDLLIDYAKQKIGKKNKIKKEGNNIRHNKQ
KKLKNIQKKIFKIISTRMLQTTLSAFRPRGSNVTGKVALATLGALTGYGAFYHYNQYLNLSARWQQIQENIAKDQPFDVD
GFDAKVYPWVRENNVNDWEYKLVKMRGYFKDQRFFVRRKRDGKEGFLVFAPFVTAVERVNHRLKQKDLLPVEYSVFVNLG
WVPVENKKDVELGGEVCPPMDAPTDSTLFVNDTFTGFNPDPANPEDTEQVTLTEITGIVRRGEQQDILARRRNWNKEGIY
NWVDLDYMGKIFRLFNLDAINTAYIERVVPSFEEGEEGLYPIPATKDTFERPLNTPERHSTFFNFYAATSALSFISMLLL
RR
;
D,d
37 'polypeptide(L)'
;(FME)ISARAVHRFLRNPNLETGAAFRAGTRFDPFKNTLTVLKDPQNGRTLYLIGTTNSSTLLANRTKDLVQKEKPDAVF
VQTNKEWWNLAKNIQDVKCQQELNRYNDLLSQAYTLSLDNTIRNLVFKAKFYSWLFVINWFKAFPDDFHPFIPGLEMKFA
IEEANKQNIPVVLGGLEVDDVTLSALKVEPRLDPFSQLYYGYRALHNSFWRREHFDNYATLDVVGGEAYAESMDRFRTNW
FVKYFEKLAPYQKKIIVDQKDLDLFYALYRDTPGKKIVAVVNQWHVPGIENHWKSATNTHEPLKAINPIGDMDINKYMES
QLVNDTLRAFVSKVGKTEPATWKNYSTIYHKDNYEAERVRHVAFVDHKDPHMYHGLPQDYDDNIKPKHH
;
E,e
38 'polypeptide(L)'
;MRYLKIEKEKLVSCKKQEQEVQRIRRRKGNQKLNSIAKQQRVKRRDYQQNIKQNKEVKNPKKLIKQQIINKVKKRKKMFR
GLTKFNKVFALNSFKNSLVAVPKANLNHVQNMLEENLKYDAQKYNDEVAVIQKTSRIYKPTYTIEFNREGEVLVYSADPI
KNSVVYFKYPYVLYEAAIPLFIWAWIYNPLELSKNAVNSLLIYPNIAWIPRMWYWRSLQYKIQKMYLLRGGKVAKIETQS
LAGDRFTSWVETYQFHPLTQDQKNFDNQDNAEFLEDEGQLKYELGVQLDNLQEMGTTSQDIVINFMKEGTVHHPELFEAI
VKGYNIDTSDYVINTANNLRAREGNHNH
;
F,f
39 'polypeptide(L)'
;MFLNRLVKETSKAKRLFSMAQNNFARAGPYNPNRYKDYYIPRTLPKNEEIVEFVQSQHSVPASPIRNQRHINPVRESGPL
PSYDGTYTMEDIRAVFYNTTVGRDYCYCQMDPEEIMRRVPGITRKEAEFITKLGLSPQEQVDFAYIAYNIGLDIFYFTNQ
MFVARQVVTNSKGEKVEVLWNAQCYEDIAQLNVGFAPVLESVDYHWEIFLWADPPIKPNNDFDLNVPCTWFEYEQEWWME
SCIQEDQFNLPEDERPYNTPRNPHCRKELWRSQDALQEEELMVNENWYPKNTQYNIYNQPDFIKPKSGSGAAADDIRI
;
G,g
40 'polypeptide(L)'
;MLQQVFGKSKGGEVTNSHLTPKVLNKAQEAEKLASQIQAQRFSNRLVAFSSQYPRAKLFFAGIGIGTLLYGANQSSKARE
NKVATETRKERMAKPTIQLTGADSQNPPFTEKNINDWLYKTVSITGRPIHGKGMMIPAKSYGLHGFEYLVPFVTKENEDG
SVQEGLILNLGFIPREYAPIWARARVENVEEQTFTCVVTDGKHLSEQGGLFASNKPCENQWEYADLDQLAKHTGFVNQEQ
VRSCILEHVNTETPNDERDCRHIDICSDYKEDYPYKFTRSGVLQQPGQMYWDLNKSASYYSLLGLGCSVFSALLFLAK
;
H,h
41 'polypeptide(L)'
;MVYHLFERICNPDNFKLSGEAARVRTLIAAGFSKEEAEQVAWLQNHQVNGKILGLFTGGFALYCCNNYFHYFERYFPRLR
YQPFTKFLAQAATVYFFFKIGDYYFTSRRYGSNDARMNGLMYSNTYYSTNKEALIQNFEPLNRKFTEEEVEQFLRNEGRS
QEEKRNWIYNPHIHGSTEGEWKADIHEKFDSGKAPWEREHVKAKILETNKAKIDAGEEIQLKPFKTLNHLDKTGLLHRLH
PFIWTNNWTLLG
;
I,i
42 'polypeptide(L)'
;MSSFIQYEFLKIYQGNQKIKNYYKRKRLIFQQKKVLKKKQKEIQMSTNNLRLKPWFHWTDEERSHAIFSAYEKRILKSED
LPSFLRANRINNVSTWVFPLIALPLFNQSIFKLGFAQRILLTRPAIEWHCFKIATVAASWLAWLNFSPFYRKLENEKEYL
LDTLESRIGINVLDLNDALPRWTTSQEYNRRTQQLYNQRNGFFAGLLYPQEESSRPLVDIASFPKNLHKEKLTK
;
J,j
43 'polypeptide(L)'
;MFGRLVLKQTRRTLFNPVLKNTFCIYQAYQNPLRHINTGHNPNNVYEDIVMLGDYPVQNRTHDKVISQTYVPAIANIAFT
HLSKKYPQAGLKVDQLNTLKEKTWNDLGVNIEHEKQEILVELSEQIFVKESKLRWVHEQRQRLAHTTYVFSGLEFQNVKV
GFFIDSYNFLLQELAHRSNLYQSKDIVGEKSFHEKHLEQQTAPYSGVKSLEEPVSQNKSFINSLMRAIHNH
;
K,k
44 'polypeptide(L)'
;IKGNQKKQKGKNQSNNNNNIREEGKQIKEMILPHNNRQLARQYFDSLPENDINRKYYEGLKYETPKTFFGRFLNQFNIDA
KLDTLSKFYTYQKTIRATQAELQEDRKSYLTNSLLFTAVSWFSIYQFARKGAVLPVLREYGRYFGTHRLFRQYLHTLVLP
LLYTEYALNQKYYTHMEHLWTVHVNRLNQKILEDPLYTFYPQELNVPKHNIIVPTIFRDTPQ
;
L,l
45 'polypeptide(L)'
;MSLSLFGVKNNWHKNGIWWFSKILNKTVGEERYDALRVQRRIWSMRFYYARQQCLYELFVDHPDLAQWTGTYPKVDSSHG
FPFYSTYEMYRDFQENTLNSDGSFAQWITLVCGIYVIHVIYNYMIPYYWVSTPLKNDEFTRLRMKDYIASTVLEEVYGIS
YAEWGWLPHDFAYNRMRGLAGYMHPDDPRAMCTSTFHRKHKYIEHEVEKVGDYHHMTYPK
;
M,m
46 'polypeptide(L)'
;MKKGTASEEELKKLYDPNTFYEHGDNPAFKQFMNIAVENLREGKLTDHRTYVVDTYKKWMYARNWDDFLQRDCKAITFPR
AFALWIVGTLGMATASKWCRQILPVGSHGITKISQTQFFHQFGPLGTLGAVGFYGLTAYLYYKTTIFTVKKFYSHCILQE
REWIFEQERQNPGYGEYFFKDVPLSAEEHFNDLARGEMAKKKFEKPNHEF
;
N,n
47 'polypeptide(L)'
;MKEKIFNELTRKMKRKEISAKIQREENKQILIRQRNNKKYIQSIQGIQQERKKGKLYLVEMATQNVEEMDTIQKMNYEAT
VNMGRQDLITREYTFYSDYEFIPIQEDRKQQMEDALNNLHKIIHPTVTQLKKKANVQEIQDRVFRKLQGWEGELNTCVFS
AKNVRDSNFCADRFTNRINTEGVEFVKQILREY
;
O,o
48 'polypeptide(L)'
;(FME)NNTFKFLHQVISKLTLKAQVPNYGQYSHSLKRPINPKVVVFGNSSRAYELISSQFRNFNHVNGLELKGQEDNIQA
NKVAQSVLSINDGFQDGYYITDFPQNSKQAERLDLITDGVNLALYIKDPSDKVTVTRQQEAIDYYRKTGALVEFEVDPRG
DLEEQVKQLSNQVLNGYKH
;
P,p
49 'polypeptide(L)'
;MDNNYHFWGNGDRQDVSLSYEDYYSILDCLLDEKLSPQGLMKFKNLHEVSMYGVSYVPLYCFPVAYGISHMLTGKVRRGH
SGYRNLFSLMSVVLPFTCWYAYTTPIPRRLYTEIICSNNADGAYVRNRIKQQKPGIWRKLSQQLYNKNFRFPELNQDLTA
TEFPLDYVAPHKF
;
Q,q
50 'polypeptide(L)'
;MVFEFLFYNQQHKTRNGYFINHDNLMLASLEERKKLIFYFIANQVPEKLDPVDRVKFNEELSDNLSTKARLIGSLTGLIG
LVGFPYISTRIYSRPVLNIGLSLLICPFLYYVGNQLTYSVWEPKFIANNNTVCELSKKYNFTVFDFAQAKKEAHLKALRT
ELVSDNLLYSPGI
;
R,r
51 'polypeptide(L)'
;MAIRNFVFKISNQIQNLAAKRSLAYLNQIDSQSVPSRATINMKDQVTQMQREIDNMANVIRAQIPDEDRAEFEILKKYYV
TGQHDSLVDPQDVLLQLDRIQVLKNLKMIELNEEAYDPELVRLEKLKARVLLEEEGALLEYAHFISKRPYNKPYEKWGVS
EEHVKQQILG
;
S,s
52 'polypeptide(L)'
;MGFETVVPAPPTRDDELRMIKATEEQFLQQPRYKLYMNEAHRIAKMNHGDRHNNIRAHFWSNFALGLLITGPIFIIPFGK
AFRNLRSGVPYYFRPKYVFTQKNQYNQDRNWGAMKKQIPLWLGLSTAYAYWFTDFSINDDEWLEKGKVIYPHQTIKVL
;
T,t
53 'polypeptide(L)'
;MSCTTRRFIDEKEKLEYSRGYNQQELEASKLRKDFVKKYIVDFDTTLYKTQVERDWAYIAKREYRYEVQLKSIGYGGALA
NAVLLWRIYANKKMVFWPIPIVGALGYLYFQPVFFQKSNKRFFDMCNVGEEYYLGRERNKILRECNKILNVEDF
;
U,u
54 'polypeptide(L)'
;MGKDQLDFSHFDKAFENKYDIVAPEFGDLHQKRAEFIAKNQGTYRPVPLVPNNIKGLIPKTCRLPATRNWYRRTSSFERN
GFFNIHTPVLNTKMIPWLLFIVLTWGWSSFQIGGYNYERFDDNGERRNTLYWKLSPVEFPQSKLWNRPS
;
V,v
55 'polypeptide(L)'
;MVFHYTNFVQETNAWWLRRVRPVYCTVLAYYGWWLYDRYYLFGKNATQDIRKDTTEVWEKRAALNKRNWGYNAHYKPELE
RSMKKVLYADPNYKFPIEWPERYMAETKTLEQVMDEEENWEYYK
;
W,w
56 'polypeptide(L)'
;MEPFGTDERNWTHEEKDIITRFLKYDKHVNLKTAEMVYSAEVESAYFGKAGALAGGVISALFFNFPIVRNLPIIRRSVIG
VLPFLYCYTWGKNTQEELRWLKTFAAYQRFVVYHGQHCKLWV
;
X,x
57 'polypeptide(L)'
;MAQTAHQNRYQGGLCYAQCNELFSFWNPSIQQCWKGCDFGVGRVNDPEGRIEAQQMCKRWAAELYWTYKGELDTIKDLRV
HADMYPTTPQNVYRACLAGVRRQKF
;
Y,y
58 'polypeptide(L)'
;MSSDPFKKVERDYHNERSVHKHFASYPLKFWWGLNKFETIQGIHSILGNAADLVVSTLSFIPGVQGRNNASYIENSIRVT
RFRGFDDKTQ
;
Z,z
#
# COMPACT_ATOMS: atom_id res chain seq x y z
N UNK A 1 -21.07 -12.06 -59.56
CA UNK A 1 -20.52 -12.74 -58.39
C UNK A 1 -21.12 -12.17 -57.10
N UNK A 2 -21.05 -12.95 -56.03
CA UNK A 2 -21.60 -12.54 -54.74
C UNK A 2 -20.75 -13.19 -53.65
N UNK A 3 -21.27 -13.18 -52.43
CA UNK A 3 -20.54 -13.70 -51.28
C UNK A 3 -20.77 -15.21 -51.18
N UNK A 4 -19.68 -15.97 -51.24
CA UNK A 4 -19.74 -17.42 -51.05
C UNK A 4 -19.47 -17.74 -49.59
N UNK A 5 -20.35 -18.53 -48.99
CA UNK A 5 -20.23 -18.84 -47.57
C UNK A 5 -19.08 -19.81 -47.32
N UNK A 6 -18.68 -19.90 -46.05
CA UNK A 6 -17.59 -20.79 -45.67
C UNK A 6 -17.97 -22.24 -45.95
N UNK A 7 -17.04 -22.99 -46.55
CA UNK A 7 -17.32 -24.37 -46.91
C UNK A 7 -17.56 -25.24 -45.68
N UNK A 8 -16.77 -25.04 -44.63
CA UNK A 8 -16.94 -25.84 -43.42
C UNK A 8 -18.32 -25.62 -42.80
N UNK A 9 -18.75 -24.37 -42.71
CA UNK A 9 -20.07 -24.08 -42.17
C UNK A 9 -21.16 -24.68 -43.05
N UNK A 10 -20.98 -24.62 -44.37
CA UNK A 10 -21.96 -25.20 -45.28
C UNK A 10 -22.08 -26.71 -45.08
N UNK A 11 -20.94 -27.41 -44.96
CA UNK A 11 -20.98 -28.85 -44.76
C UNK A 11 -21.61 -29.21 -43.41
N UNK A 12 -21.26 -28.49 -42.35
CA UNK A 12 -21.84 -28.76 -41.05
C UNK A 12 -23.35 -28.52 -41.06
N UNK A 13 -23.78 -27.43 -41.69
CA UNK A 13 -25.21 -27.15 -41.79
C UNK A 13 -25.92 -28.20 -42.63
N UNK A 14 -25.26 -28.72 -43.67
CA UNK A 14 -25.88 -29.77 -44.47
C UNK A 14 -26.10 -31.03 -43.65
N UNK A 15 -25.09 -31.43 -42.87
CA UNK A 15 -25.26 -32.59 -42.01
C UNK A 15 -26.36 -32.37 -40.98
N UNK A 16 -26.37 -31.19 -40.35
CA UNK A 16 -27.40 -30.89 -39.37
C UNK A 16 -28.79 -30.90 -39.99
N UNK A 17 -28.92 -30.37 -41.21
CA UNK A 17 -30.22 -30.34 -41.87
C UNK A 17 -30.71 -31.73 -42.22
N UNK A 18 -29.80 -32.59 -42.70
CA UNK A 18 -30.20 -33.97 -42.99
C UNK A 18 -30.70 -34.68 -41.73
N UNK A 19 -29.94 -34.55 -40.64
CA UNK A 19 -30.37 -35.16 -39.39
C UNK A 19 -31.70 -34.58 -38.91
N UNK A 20 -31.86 -33.26 -39.03
CA UNK A 20 -33.08 -32.61 -38.55
C UNK A 20 -34.30 -33.06 -39.35
N UNK A 21 -34.16 -33.19 -40.67
CA UNK A 21 -35.30 -33.61 -41.49
C UNK A 21 -35.69 -35.06 -41.18
N UNK A 22 -34.69 -35.94 -41.08
CA UNK A 22 -35.00 -37.33 -40.74
C UNK A 22 -35.67 -37.42 -39.37
N UNK A 23 -35.14 -36.69 -38.39
CA UNK A 23 -35.72 -36.72 -37.06
C UNK A 23 -37.11 -36.09 -37.04
N UNK A 24 -37.35 -35.08 -37.87
CA UNK A 24 -38.68 -34.48 -37.94
C UNK A 24 -39.71 -35.47 -38.44
N UNK A 25 -39.37 -36.22 -39.49
CA UNK A 25 -40.29 -37.24 -39.99
C UNK A 25 -40.55 -38.31 -38.93
N UNK A 26 -39.48 -38.82 -38.32
CA UNK A 26 -39.63 -39.86 -37.30
C UNK A 26 -40.43 -39.35 -36.12
N UNK A 27 -40.21 -38.09 -35.73
CA UNK A 27 -40.93 -37.51 -34.61
C UNK A 27 -42.39 -37.28 -34.93
N UNK A 28 -42.72 -36.94 -36.18
CA UNK A 28 -44.12 -36.83 -36.56
C UNK A 28 -44.82 -38.18 -36.42
N UNK A 29 -44.18 -39.24 -36.89
CA UNK A 29 -44.77 -40.57 -36.76
C UNK A 29 -44.92 -40.96 -35.29
N UNK A 30 -43.87 -40.72 -34.49
CA UNK A 30 -43.93 -41.05 -33.07
C UNK A 30 -44.96 -40.22 -32.33
N UNK A 31 -45.17 -38.98 -32.75
CA UNK A 31 -46.18 -38.13 -32.12
C UNK A 31 -47.58 -38.60 -32.45
N UNK A 32 -47.82 -39.03 -33.69
CA UNK A 32 -49.12 -39.62 -34.01
C UNK A 32 -49.37 -40.87 -33.17
N UNK A 33 -48.35 -41.72 -33.04
CA UNK A 33 -48.49 -42.92 -32.22
C UNK A 33 -48.75 -42.56 -30.76
N UNK A 34 -48.06 -41.55 -30.24
CA UNK A 34 -48.23 -41.15 -28.85
C UNK A 34 -49.61 -40.56 -28.61
N UNK A 35 -50.13 -39.78 -29.57
CA UNK A 35 -51.49 -39.27 -29.45
C UNK A 35 -52.50 -40.42 -29.41
N UNK A 36 -52.32 -41.41 -30.29
CA UNK A 36 -53.22 -42.56 -30.27
C UNK A 36 -53.16 -43.30 -28.94
N UNK A 37 -51.94 -43.52 -28.43
CA UNK A 37 -51.79 -44.24 -27.16
C UNK A 37 -52.39 -43.47 -26.01
N UNK A 38 -52.15 -42.16 -25.95
CA UNK A 38 -52.70 -41.34 -24.87
C UNK A 38 -54.22 -41.30 -24.94
N UNK A 39 -54.79 -41.20 -26.14
CA UNK A 39 -56.24 -41.23 -26.26
C UNK A 39 -56.80 -42.57 -25.79
N UNK A 40 -56.15 -43.67 -26.17
CA UNK A 40 -56.62 -44.99 -25.73
C UNK A 40 -56.55 -45.12 -24.21
N UNK A 41 -55.45 -44.67 -23.61
CA UNK A 41 -55.31 -44.77 -22.16
C UNK A 41 -56.32 -43.89 -21.44
N UNK A 42 -56.58 -42.70 -21.96
CA UNK A 42 -57.53 -41.80 -21.31
C UNK A 42 -58.96 -42.31 -21.46
N UNK A 43 -59.28 -42.93 -22.60
CA UNK A 43 -60.63 -43.44 -22.79
C UNK A 43 -60.87 -44.71 -21.97
N UNK A 44 -59.89 -45.61 -21.93
CA UNK A 44 -60.09 -46.90 -21.29
C UNK A 44 -60.08 -46.80 -19.76
N UNK A 45 -59.16 -46.03 -19.20
CA UNK A 45 -58.90 -46.08 -17.76
C UNK A 45 -59.12 -44.77 -17.02
N UNK A 46 -59.18 -43.63 -17.71
CA UNK A 46 -59.34 -42.35 -17.05
C UNK A 46 -60.78 -41.86 -17.19
N UNK A 47 -61.29 -41.22 -16.14
CA UNK A 47 -62.65 -40.69 -16.11
C UNK A 47 -62.57 -39.17 -16.22
N UNK A 48 -62.78 -38.64 -17.41
CA UNK A 48 -62.69 -37.21 -17.65
C UNK A 48 -63.53 -36.86 -18.88
N UNK A 49 -63.76 -35.56 -19.06
CA UNK A 49 -64.50 -35.09 -20.22
C UNK A 49 -63.68 -35.31 -21.49
N UNK A 50 -64.39 -35.32 -22.63
CA UNK A 50 -63.72 -35.57 -23.90
C UNK A 50 -62.74 -34.45 -24.24
N UNK A 51 -63.09 -33.20 -23.91
CA UNK A 51 -62.19 -32.08 -24.19
C UNK A 51 -60.89 -32.22 -23.43
N UNK A 52 -60.97 -32.56 -22.13
CA UNK A 52 -59.77 -32.73 -21.33
C UNK A 52 -58.94 -33.90 -21.83
N UNK A 53 -59.59 -35.00 -22.22
CA UNK A 53 -58.86 -36.15 -22.74
C UNK A 53 -58.14 -35.79 -24.04
N UNK A 54 -58.80 -35.06 -24.93
CA UNK A 54 -58.17 -34.66 -26.18
C UNK A 54 -57.00 -33.72 -25.94
N UNK A 55 -57.17 -32.75 -25.04
CA UNK A 55 -56.07 -31.83 -24.74
C UNK A 55 -54.88 -32.57 -24.14
N UNK A 56 -55.15 -33.49 -23.22
CA UNK A 56 -54.06 -34.26 -22.61
C UNK A 56 -53.36 -35.13 -23.65
N UNK A 57 -54.12 -35.74 -24.55
CA UNK A 57 -53.52 -36.56 -25.58
C UNK A 57 -52.65 -35.73 -26.52
N UNK A 58 -53.13 -34.54 -26.90
CA UNK A 58 -52.33 -33.67 -27.75
C UNK A 58 -51.06 -33.22 -27.05
N UNK A 59 -51.15 -32.87 -25.77
CA UNK A 59 -49.96 -32.46 -25.02
C UNK A 59 -48.96 -33.61 -24.91
N UNK A 60 -49.45 -34.83 -24.67
CA UNK A 60 -48.56 -35.99 -24.58
C UNK A 60 -47.88 -36.26 -25.92
N UNK A 61 -48.64 -36.14 -27.01
CA UNK A 61 -48.04 -36.34 -28.34
C UNK A 61 -46.97 -35.29 -28.61
N UNK A 62 -47.24 -34.03 -28.26
CA UNK A 62 -46.25 -32.98 -28.45
C UNK A 62 -45.00 -33.24 -27.62
N UNK A 63 -45.19 -33.68 -26.38
CA UNK A 63 -44.04 -33.98 -25.52
C UNK A 63 -43.21 -35.12 -26.08
N UNK A 64 -43.86 -36.17 -26.57
CA UNK A 64 -43.14 -37.30 -27.14
C UNK A 64 -42.37 -36.88 -28.39
N UNK A 65 -43.01 -36.08 -29.26
CA UNK A 65 -42.32 -35.60 -30.45
C UNK A 65 -41.12 -34.73 -30.09
N UNK A 66 -41.30 -33.84 -29.12
CA UNK A 66 -40.20 -32.97 -28.71
C UNK A 66 -39.05 -33.77 -28.14
N UNK A 67 -39.35 -34.78 -27.31
CA UNK A 67 -38.30 -35.62 -26.75
C UNK A 67 -37.58 -36.40 -27.85
N UNK A 68 -38.33 -36.90 -28.84
CA UNK A 68 -37.72 -37.69 -29.90
C UNK A 68 -36.74 -36.87 -30.73
N UNK A 69 -37.10 -35.63 -31.05
CA UNK A 69 -36.30 -34.80 -31.95
C UNK A 69 -35.55 -33.70 -31.23
N UNK A 70 -35.44 -33.76 -29.90
CA UNK A 70 -34.78 -32.69 -29.16
C UNK A 70 -33.31 -32.58 -29.54
N UNK A 71 -32.61 -33.71 -29.64
CA UNK A 71 -31.18 -33.66 -29.92
C UNK A 71 -30.92 -33.09 -31.31
N UNK A 72 -31.64 -33.58 -32.33
CA UNK A 72 -31.45 -33.08 -33.68
C UNK A 72 -31.84 -31.61 -33.79
N UNK A 73 -32.95 -31.22 -33.16
CA UNK A 73 -33.37 -29.82 -33.21
C UNK A 73 -32.34 -28.91 -32.56
N UNK A 74 -31.81 -29.31 -31.40
CA UNK A 74 -30.81 -28.49 -30.72
C UNK A 74 -29.52 -28.40 -31.52
N UNK A 75 -29.08 -29.52 -32.11
CA UNK A 75 -27.85 -29.50 -32.90
C UNK A 75 -28.02 -28.61 -34.13
N UNK A 76 -29.15 -28.72 -34.82
CA UNK A 76 -29.40 -27.86 -35.97
C UNK A 76 -29.46 -26.41 -35.56
N UNK A 77 -30.11 -26.11 -34.43
CA UNK A 77 -30.19 -24.73 -33.97
C UNK A 77 -28.80 -24.17 -33.65
N UNK A 78 -27.96 -24.96 -32.99
CA UNK A 78 -26.63 -24.49 -32.64
C UNK A 78 -25.77 -24.25 -33.88
N UNK A 79 -25.79 -25.20 -34.82
CA UNK A 79 -25.01 -25.04 -36.04
C UNK A 79 -25.51 -23.86 -36.86
N UNK A 80 -26.83 -23.70 -36.96
CA UNK A 80 -27.38 -22.57 -37.70
C UNK A 80 -27.02 -21.24 -37.04
N UNK A 81 -27.07 -21.19 -35.70
CA UNK A 81 -26.71 -19.95 -35.01
C UNK A 81 -25.25 -19.60 -35.24
N UNK A 82 -24.35 -20.59 -35.15
CA UNK A 82 -22.94 -20.31 -35.38
C UNK A 82 -22.70 -19.84 -36.81
N UNK A 83 -23.28 -20.54 -37.79
CA UNK A 83 -23.08 -20.18 -39.19
C UNK A 83 -23.65 -18.80 -39.49
N UNK A 84 -24.85 -18.52 -38.97
CA UNK A 84 -25.48 -17.23 -39.22
C UNK A 84 -24.69 -16.10 -38.58
N UNK A 85 -24.19 -16.30 -37.36
CA UNK A 85 -23.37 -15.27 -36.72
C UNK A 85 -22.09 -15.01 -37.50
N UNK A 86 -21.43 -16.07 -37.95
CA UNK A 86 -20.19 -15.90 -38.72
C UNK A 86 -20.47 -15.17 -40.04
N UNK A 87 -21.53 -15.58 -40.75
CA UNK A 87 -21.86 -14.94 -42.02
C UNK A 87 -22.26 -13.48 -41.83
N UNK A 88 -23.04 -13.18 -40.79
CA UNK A 88 -23.43 -11.80 -40.52
C UNK A 88 -22.22 -10.94 -40.19
N UNK A 89 -21.30 -11.46 -39.38
CA UNK A 89 -20.10 -10.71 -39.04
C UNK A 89 -19.26 -10.45 -40.29
N UNK A 90 -19.10 -11.46 -41.15
CA UNK A 90 -18.30 -11.29 -42.36
C UNK A 90 -18.94 -10.27 -43.29
N UNK A 91 -20.26 -10.37 -43.49
CA UNK A 91 -20.94 -9.45 -44.39
C UNK A 91 -20.89 -8.02 -43.86
N UNK A 92 -21.05 -7.84 -42.54
CA UNK A 92 -20.94 -6.50 -41.97
C UNK A 92 -19.53 -5.96 -42.10
N UNK A 93 -18.52 -6.82 -41.94
CA UNK A 93 -17.13 -6.38 -42.09
C UNK A 93 -16.85 -5.95 -43.52
N UNK A 94 -17.39 -6.67 -44.50
CA UNK A 94 -17.10 -6.37 -45.90
C UNK A 94 -17.94 -5.22 -46.45
N UNK A 95 -18.87 -4.67 -45.67
CA UNK A 95 -19.73 -3.60 -46.12
C UNK A 95 -19.88 -2.52 -45.05
N UNK A 96 -18.77 -2.15 -44.42
CA UNK A 96 -18.79 -1.18 -43.32
C UNK A 96 -18.49 0.22 -43.86
N UNK A 97 -19.53 0.84 -44.42
CA UNK A 97 -19.48 2.23 -44.89
C UNK A 97 -18.38 2.45 -45.92
N UNK A 98 -18.15 1.46 -46.77
CA UNK A 98 -17.17 1.55 -47.84
C UNK A 98 -17.35 0.42 -48.83
N TYR B 160 -127.23 -27.94 -5.68
CA TYR B 160 -127.16 -29.27 -6.27
C TYR B 160 -125.91 -30.01 -5.80
N PHE B 161 -124.93 -29.25 -5.30
CA PHE B 161 -123.70 -29.86 -4.81
C PHE B 161 -123.97 -30.75 -3.62
N HIS B 162 -124.82 -30.31 -2.69
CA HIS B 162 -125.15 -31.14 -1.53
C HIS B 162 -125.88 -32.41 -1.95
N SER B 163 -126.81 -32.30 -2.90
CA SER B 163 -127.51 -33.47 -3.40
C SER B 163 -126.55 -34.45 -4.07
N ASP B 164 -125.62 -33.93 -4.86
CA ASP B 164 -124.64 -34.79 -5.51
C ASP B 164 -123.75 -35.49 -4.49
N ALA B 165 -123.33 -34.76 -3.45
CA ALA B 165 -122.51 -35.36 -2.41
C ALA B 165 -123.28 -36.44 -1.67
N GLN B 166 -124.56 -36.20 -1.39
CA GLN B 166 -125.39 -37.22 -0.74
C GLN B 166 -125.55 -38.44 -1.62
N ILE B 167 -125.77 -38.24 -2.91
CA ILE B 167 -125.90 -39.37 -3.83
C ILE B 167 -124.59 -40.14 -3.97
N ILE B 168 -123.45 -39.45 -3.81
CA ILE B 168 -122.16 -40.13 -3.89
C ILE B 168 -122.00 -41.15 -2.78
N CYS B 169 -122.47 -40.83 -1.57
CA CYS B 169 -122.38 -41.76 -0.46
C CYS B 169 -123.20 -43.02 -0.73
N LYS B 170 -124.39 -42.85 -1.29
CA LYS B 170 -125.25 -43.98 -1.63
C LYS B 170 -124.77 -44.62 -2.94
N PRO B 171 -125.56 -45.54 -3.47
CA PRO B 171 -125.22 -46.18 -4.74
C PRO B 171 -125.20 -45.14 -5.86
N HIS B 172 -124.16 -45.21 -6.69
CA HIS B 172 -123.93 -44.23 -7.74
C HIS B 172 -123.97 -44.88 -9.11
N TYR B 173 -124.23 -44.05 -10.12
CA TYR B 173 -124.28 -44.40 -11.54
C TYR B 173 -125.46 -45.27 -11.91
N CYS B 174 -126.30 -45.69 -10.96
CA CYS B 174 -127.49 -46.49 -11.25
C CYS B 174 -128.65 -45.92 -10.43
N ILE B 175 -129.34 -44.94 -11.01
CA ILE B 175 -130.47 -44.28 -10.37
C ILE B 175 -131.12 -43.37 -11.40
N TYR B 176 -132.19 -42.68 -10.98
CA TYR B 176 -132.88 -41.71 -11.81
C TYR B 176 -132.80 -40.30 -11.23
N PHE B 177 -133.07 -40.14 -9.95
CA PHE B 177 -132.92 -38.83 -9.32
C PHE B 177 -131.48 -38.36 -9.35
N GLN B 178 -130.53 -39.28 -9.11
CA GLN B 178 -129.12 -38.94 -9.20
C GLN B 178 -128.75 -38.52 -10.62
N ASP B 179 -129.28 -39.21 -11.62
CA ASP B 179 -129.00 -38.83 -13.01
C ASP B 179 -129.58 -37.46 -13.34
N LYS B 180 -130.80 -37.17 -12.85
CA LYS B 180 -131.38 -35.86 -13.08
C LYS B 180 -130.57 -34.76 -12.40
N GLN B 181 -130.10 -35.02 -11.17
CA GLN B 181 -129.28 -34.04 -10.47
C GLN B 181 -127.96 -33.82 -11.19
N ILE B 182 -127.35 -34.89 -11.70
CA ILE B 182 -126.11 -34.76 -12.45
C ILE B 182 -126.32 -33.97 -13.74
N THR B 183 -127.43 -34.21 -14.43
CA THR B 183 -127.74 -33.43 -15.63
C THR B 183 -127.93 -31.95 -15.29
N CYS B 184 -128.64 -31.66 -14.21
CA CYS B 184 -128.84 -30.28 -13.80
C CYS B 184 -127.52 -29.61 -13.44
N VAL B 185 -126.64 -30.33 -12.74
CA VAL B 185 -125.33 -29.77 -12.39
C VAL B 185 -124.48 -29.53 -13.63
N LYS B 186 -124.51 -30.46 -14.59
CA LYS B 186 -123.78 -30.26 -15.83
C LYS B 186 -124.31 -29.06 -16.61
N MET B 187 -125.64 -28.87 -16.60
CA MET B 187 -126.20 -27.67 -17.20
C MET B 187 -125.74 -26.42 -16.47
N ASP B 188 -125.68 -26.49 -15.14
CA ASP B 188 -125.19 -25.36 -14.36
C ASP B 188 -123.69 -25.13 -14.57
N HIS B 189 -122.95 -26.18 -14.94
CA HIS B 189 -121.53 -26.10 -15.26
C HIS B 189 -120.72 -25.52 -14.09
N SER B 190 -120.72 -26.28 -12.99
CA SER B 190 -119.91 -25.91 -11.84
C SER B 190 -118.43 -26.10 -12.14
N ILE B 191 -117.60 -25.35 -11.41
CA ILE B 191 -116.16 -25.38 -11.67
C ILE B 191 -115.51 -26.62 -11.06
N HIS B 192 -115.61 -26.78 -9.74
CA HIS B 192 -115.01 -27.91 -9.05
C HIS B 192 -116.02 -28.87 -8.45
N PRO B 193 -117.19 -28.38 -8.05
CA PRO B 193 -118.22 -29.26 -7.50
C PRO B 193 -118.68 -30.27 -8.55
N GLN B 194 -118.84 -29.81 -9.80
CA GLN B 194 -119.23 -30.74 -10.87
C GLN B 194 -118.17 -31.80 -11.09
N ILE B 195 -116.89 -31.42 -11.08
CA ILE B 195 -115.82 -32.39 -11.25
C ILE B 195 -115.80 -33.40 -10.10
N ILE B 196 -115.97 -32.93 -8.87
CA ILE B 196 -116.00 -33.84 -7.72
C ILE B 196 -117.19 -34.79 -7.81
N GLY B 197 -118.36 -34.28 -8.20
CA GLY B 197 -119.53 -35.14 -8.34
C GLY B 197 -119.33 -36.18 -9.43
N LYS B 198 -118.74 -35.78 -10.55
CA LYS B 198 -118.48 -36.73 -11.63
C LYS B 198 -117.47 -37.79 -11.20
N ASP B 199 -116.44 -37.39 -10.47
CA ASP B 199 -115.45 -38.35 -9.98
C ASP B 199 -116.07 -39.34 -9.00
N SER B 200 -116.92 -38.85 -8.09
CA SER B 200 -117.49 -39.72 -7.08
C SER B 200 -118.55 -40.65 -7.67
N ASP B 201 -119.39 -40.13 -8.56
CA ASP B 201 -120.48 -40.92 -9.12
C ASP B 201 -119.96 -42.00 -10.05
N GLY B 202 -118.91 -41.70 -10.83
CA GLY B 202 -118.37 -42.64 -11.78
C GLY B 202 -117.38 -43.63 -11.16
N ILE B 203 -117.12 -43.52 -9.86
CA ILE B 203 -116.24 -44.48 -9.21
C ILE B 203 -116.87 -45.87 -9.16
N CYS B 204 -118.18 -45.94 -8.91
CA CYS B 204 -118.86 -47.23 -8.83
C CYS B 204 -118.86 -47.95 -10.17
N ILE B 205 -119.15 -47.23 -11.25
CA ILE B 205 -119.19 -47.81 -12.60
C ILE B 205 -117.86 -47.48 -13.28
N PHE B 206 -117.00 -48.49 -13.40
CA PHE B 206 -115.65 -48.35 -13.95
C PHE B 206 -114.82 -47.39 -13.11
N GLN B 207 -113.55 -47.20 -13.47
CA GLN B 207 -112.67 -46.33 -12.71
C GLN B 207 -111.80 -45.42 -13.56
N LYS B 208 -111.67 -45.65 -14.87
CA LYS B 208 -110.78 -44.83 -15.68
C LYS B 208 -111.23 -43.38 -15.75
N VAL B 209 -112.50 -43.16 -16.10
CA VAL B 209 -113.00 -41.79 -16.24
C VAL B 209 -113.01 -41.07 -14.91
N GLU B 210 -113.47 -41.74 -13.84
CA GLU B 210 -113.56 -41.09 -12.53
C GLU B 210 -112.17 -40.72 -12.01
N LYS B 211 -111.21 -41.64 -12.11
CA LYS B 211 -109.86 -41.35 -11.65
C LYS B 211 -109.20 -40.28 -12.50
N GLN B 212 -109.45 -40.30 -13.81
CA GLN B 212 -108.90 -39.25 -14.68
C GLN B 212 -109.45 -37.89 -14.30
N ASP B 213 -110.76 -37.81 -14.04
CA ASP B 213 -111.36 -36.54 -13.62
C ASP B 213 -110.81 -36.09 -12.28
N PHE B 214 -110.64 -37.02 -11.34
CA PHE B 214 -110.11 -36.66 -10.02
C PHE B 214 -108.68 -36.15 -10.13
N TYR B 215 -107.85 -36.83 -10.92
CA TYR B 215 -106.48 -36.37 -11.11
C TYR B 215 -106.42 -35.02 -11.81
N LEU B 216 -107.26 -34.82 -12.83
CA LEU B 216 -107.32 -33.53 -13.49
C LEU B 216 -107.82 -32.45 -12.54
N LYS B 217 -108.82 -32.77 -11.73
CA LYS B 217 -109.34 -31.82 -10.75
C LYS B 217 -108.36 -31.60 -9.59
N TYR B 218 -107.40 -32.50 -9.41
CA TYR B 218 -106.40 -32.30 -8.38
C TYR B 218 -105.56 -31.07 -8.66
N ARG B 219 -105.22 -30.84 -9.94
CA ARG B 219 -104.52 -29.64 -10.35
C ARG B 219 -105.46 -28.47 -10.60
N ASN B 220 -106.77 -28.67 -10.44
CA ASN B 220 -107.78 -27.62 -10.61
C ASN B 220 -107.71 -27.00 -12.01
N LEU B 221 -107.92 -27.85 -13.01
CA LEU B 221 -107.88 -27.44 -14.42
C LEU B 221 -109.28 -27.04 -14.85
N GLN B 222 -109.50 -25.73 -14.98
CA GLN B 222 -110.80 -25.25 -15.45
C GLN B 222 -110.99 -25.53 -16.93
N LEU B 223 -109.93 -25.47 -17.72
CA LEU B 223 -110.03 -25.69 -19.16
C LEU B 223 -110.33 -27.16 -19.45
N CYS B 224 -110.53 -27.45 -20.74
CA CYS B 224 -110.88 -28.80 -21.20
C CYS B 224 -112.13 -29.30 -20.50
N ALA B 225 -113.24 -28.59 -20.73
CA ALA B 225 -114.52 -28.89 -20.10
C ALA B 225 -115.30 -29.98 -20.82
N ASP B 226 -114.64 -30.77 -21.67
CA ASP B 226 -115.33 -31.85 -22.37
C ASP B 226 -115.80 -32.95 -21.42
N GLN B 227 -115.22 -33.02 -20.21
CA GLN B 227 -115.63 -34.04 -19.25
C GLN B 227 -117.07 -33.85 -18.80
N LYS B 228 -117.54 -32.60 -18.72
CA LYS B 228 -118.90 -32.35 -18.28
C LYS B 228 -119.93 -33.01 -19.18
N HIS B 229 -119.61 -33.19 -20.45
CA HIS B 229 -120.48 -33.89 -21.38
C HIS B 229 -120.10 -35.36 -21.58
N CYS B 230 -118.81 -35.68 -21.47
CA CYS B 230 -118.38 -37.07 -21.64
C CYS B 230 -118.86 -37.94 -20.49
N TYR B 231 -118.83 -37.41 -19.26
CA TYR B 231 -119.22 -38.20 -18.10
C TYR B 231 -120.71 -38.53 -18.09
N ASP B 232 -121.52 -37.79 -18.82
CA ASP B 232 -122.94 -38.08 -18.90
C ASP B 232 -123.16 -39.34 -19.73
N THR B 233 -123.70 -40.38 -19.11
CA THR B 233 -123.89 -41.68 -19.74
C THR B 233 -122.57 -42.18 -20.35
N SER B 234 -121.52 -42.15 -19.53
CA SER B 234 -120.18 -42.50 -19.97
C SER B 234 -120.04 -44.03 -20.09
N GLN B 235 -120.71 -44.57 -21.10
CA GLN B 235 -120.55 -45.99 -21.41
C GLN B 235 -119.20 -46.27 -22.05
N GLN B 236 -118.66 -45.31 -22.77
CA GLN B 236 -117.36 -45.44 -23.41
C GLN B 236 -116.67 -44.08 -23.36
N THR B 237 -115.58 -43.95 -24.12
CA THR B 237 -114.82 -42.71 -24.18
C THR B 237 -114.74 -42.24 -25.62
N CYS B 238 -115.00 -40.95 -25.85
CA CYS B 238 -114.88 -40.37 -27.16
C CYS B 238 -113.41 -40.14 -27.52
N MET B 239 -113.16 -39.94 -28.81
CA MET B 239 -111.80 -39.67 -29.26
C MET B 239 -111.26 -38.38 -28.66
N PRO B 240 -112.09 -37.34 -28.62
CA PRO B 240 -111.64 -36.06 -28.04
C PRO B 240 -111.32 -36.22 -26.56
N LEU B 241 -112.17 -36.92 -25.82
CA LEU B 241 -111.93 -37.12 -24.39
C LEU B 241 -110.66 -37.92 -24.14
N SER B 242 -110.45 -38.99 -24.92
CA SER B 242 -109.24 -39.79 -24.77
C SER B 242 -107.99 -38.97 -25.10
N ALA B 243 -108.06 -38.18 -26.18
CA ALA B 243 -106.92 -37.34 -26.54
C ALA B 243 -106.63 -36.31 -25.46
N SER B 244 -107.67 -35.70 -24.90
CA SER B 244 -107.48 -34.73 -23.83
C SER B 244 -106.87 -35.37 -22.60
N TYR B 245 -107.35 -36.55 -22.23
CA TYR B 245 -106.78 -37.24 -21.05
C TYR B 245 -105.33 -37.61 -21.28
N PRO B 246 -105.00 -38.12 -22.47
CA PRO B 246 -103.61 -38.47 -22.77
C PRO B 246 -102.72 -37.23 -22.75
N ALA B 247 -103.18 -36.13 -23.32
CA ALA B 247 -102.39 -34.90 -23.31
C ALA B 247 -102.19 -34.39 -21.89
N VAL B 248 -103.23 -34.46 -21.05
CA VAL B 248 -103.10 -34.02 -19.67
C VAL B 248 -102.10 -34.88 -18.92
N LYS B 249 -102.16 -36.20 -19.11
CA LYS B 249 -101.22 -37.08 -18.43
C LYS B 249 -99.78 -36.83 -18.90
N MET B 250 -99.58 -36.62 -20.20
CA MET B 250 -98.24 -36.36 -20.71
C MET B 250 -97.71 -35.03 -20.18
N GLY B 251 -98.54 -33.99 -20.15
CA GLY B 251 -98.11 -32.73 -19.56
C GLY B 251 -97.76 -32.88 -18.09
N GLY B 252 -98.57 -33.65 -17.35
CA GLY B 252 -98.29 -33.86 -15.94
C GLY B 252 -96.99 -34.58 -15.70
N THR B 253 -96.73 -35.65 -16.46
CA THR B 253 -95.47 -36.37 -16.27
C THR B 253 -94.27 -35.53 -16.68
N CYS B 254 -94.40 -34.75 -17.76
CA CYS B 254 -93.30 -33.87 -18.14
C CYS B 254 -93.01 -32.86 -17.04
N GLY B 255 -94.05 -32.20 -16.51
CA GLY B 255 -93.84 -31.20 -15.48
C GLY B 255 -93.27 -31.78 -14.19
N ASN B 256 -93.85 -32.89 -13.73
CA ASN B 256 -93.44 -33.50 -12.47
C ASN B 256 -92.29 -34.48 -12.64
N TYR B 257 -91.68 -34.54 -13.81
CA TYR B 257 -90.34 -35.07 -13.98
C TYR B 257 -89.30 -33.97 -14.07
N ASN B 258 -89.64 -32.85 -14.72
CA ASN B 258 -88.71 -31.72 -14.74
C ASN B 258 -88.53 -31.13 -13.35
N GLU B 259 -89.58 -31.10 -12.54
CA GLU B 259 -89.46 -30.54 -11.20
C GLU B 259 -88.51 -31.32 -10.30
N PRO B 260 -88.60 -32.64 -10.18
CA PRO B 260 -87.61 -33.36 -9.35
C PRO B 260 -86.19 -33.25 -9.86
N ILE B 261 -86.00 -33.17 -11.18
CA ILE B 261 -84.65 -32.99 -11.71
C ILE B 261 -84.08 -31.65 -11.25
N SER B 262 -84.91 -30.61 -11.25
CA SER B 262 -84.49 -29.33 -10.70
C SER B 262 -84.20 -29.43 -9.21
N ILE B 263 -85.06 -30.13 -8.47
CA ILE B 263 -84.85 -30.27 -7.03
C ILE B 263 -83.61 -31.10 -6.73
N SER B 264 -83.48 -32.25 -7.40
CA SER B 264 -82.34 -33.13 -7.23
C SER B 264 -81.85 -33.53 -8.62
N CYS B 265 -80.65 -33.09 -8.97
CA CYS B 265 -80.12 -33.34 -10.31
C CYS B 265 -79.85 -34.81 -10.57
N PHE B 266 -79.76 -35.62 -9.52
CA PHE B 266 -79.41 -37.03 -9.62
C PHE B 266 -80.63 -37.94 -9.68
N TYR B 267 -81.84 -37.36 -9.77
CA TYR B 267 -83.05 -38.16 -9.69
C TYR B 267 -83.15 -39.17 -10.84
N GLU B 268 -82.93 -38.71 -12.07
CA GLU B 268 -83.02 -39.62 -13.22
C GLU B 268 -81.96 -40.70 -13.13
N GLY B 269 -80.73 -40.32 -12.78
CA GLY B 269 -79.68 -41.32 -12.60
C GLY B 269 -80.02 -42.32 -11.52
N ASN B 270 -80.57 -41.83 -10.40
CA ASN B 270 -80.96 -42.73 -9.32
C ASN B 270 -82.01 -43.74 -9.79
N VAL B 271 -83.04 -43.26 -10.48
CA VAL B 271 -84.11 -44.16 -10.93
C VAL B 271 -83.57 -45.18 -11.93
N CYS B 272 -82.77 -44.72 -12.90
CA CYS B 272 -82.24 -45.64 -13.90
C CYS B 272 -81.33 -46.67 -13.27
N LEU B 273 -80.52 -46.27 -12.28
CA LEU B 273 -79.68 -47.25 -11.58
C LEU B 273 -80.49 -48.14 -10.66
N LEU B 274 -81.68 -47.72 -10.25
CA LEU B 274 -82.55 -48.59 -9.46
C LEU B 274 -83.24 -49.64 -10.33
N GLU B 275 -83.57 -49.30 -11.58
CA GLU B 275 -84.26 -50.23 -12.45
C GLU B 275 -83.32 -51.17 -13.20
N ASN B 276 -82.05 -50.83 -13.31
CA ASN B 276 -81.08 -51.60 -14.10
C ASN B 276 -80.52 -52.87 -13.43
N PRO B 277 -80.16 -52.86 -12.14
CA PRO B 277 -79.23 -53.90 -11.65
C PRO B 277 -79.71 -55.32 -11.83
N ARG B 278 -81.01 -55.58 -11.68
CA ARG B 278 -81.54 -56.94 -11.78
C ARG B 278 -82.14 -57.15 -13.17
N VAL B 279 -81.26 -57.20 -14.18
CA VAL B 279 -81.64 -57.50 -15.55
C VAL B 279 -80.60 -58.43 -16.14
N CYS B 280 -80.87 -58.88 -17.37
CA CYS B 280 -79.90 -59.67 -18.11
C CYS B 280 -78.90 -58.74 -18.80
N ILE B 281 -77.94 -59.34 -19.51
CA ILE B 281 -76.93 -58.54 -20.21
C ILE B 281 -77.55 -57.71 -21.33
N ARG B 282 -78.72 -58.08 -21.83
CA ARG B 282 -79.36 -57.34 -22.91
C ARG B 282 -79.66 -55.91 -22.49
N ILE B 283 -80.35 -55.73 -21.36
CA ILE B 283 -80.69 -54.40 -20.88
C ILE B 283 -79.43 -53.66 -20.45
N PHE B 284 -78.47 -54.38 -19.86
CA PHE B 284 -77.22 -53.76 -19.44
C PHE B 284 -76.50 -53.11 -20.62
N PHE B 285 -76.33 -53.87 -21.72
CA PHE B 285 -75.70 -53.31 -22.90
C PHE B 285 -76.55 -52.20 -23.51
N ASN B 286 -77.88 -52.39 -23.53
CA ASN B 286 -78.82 -51.35 -23.93
C ASN B 286 -78.52 -50.81 -25.33
N UNK C 1 -55.52 -54.74 -23.92
CA UNK C 1 -55.42 -53.83 -25.06
C UNK C 1 -56.76 -53.75 -25.79
N UNK C 2 -57.84 -53.96 -25.06
CA UNK C 2 -59.18 -53.90 -25.64
C UNK C 2 -59.61 -52.46 -25.83
N UNK C 3 -60.08 -52.14 -27.03
CA UNK C 3 -60.58 -50.81 -27.35
C UNK C 3 -62.02 -50.72 -26.88
N UNK C 4 -62.19 -50.35 -25.60
CA UNK C 4 -63.53 -50.31 -25.01
C UNK C 4 -64.41 -49.27 -25.70
N UNK C 5 -63.87 -48.08 -25.94
CA UNK C 5 -64.61 -47.01 -26.58
C UNK C 5 -64.14 -46.67 -27.98
N UNK C 6 -62.89 -46.98 -28.33
CA UNK C 6 -62.40 -46.69 -29.67
C UNK C 6 -63.18 -47.48 -30.71
N UNK C 7 -63.47 -48.75 -30.44
CA UNK C 7 -64.26 -49.58 -31.33
C UNK C 7 -65.76 -49.48 -31.06
N UNK C 8 -66.16 -48.74 -30.02
CA UNK C 8 -67.57 -48.53 -29.71
C UNK C 8 -68.07 -47.17 -30.16
N UNK C 9 -67.30 -46.10 -29.90
CA UNK C 9 -67.68 -44.78 -30.40
C UNK C 9 -67.66 -44.75 -31.93
N UNK C 10 -66.66 -45.38 -32.54
CA UNK C 10 -66.62 -45.47 -33.99
C UNK C 10 -67.82 -46.23 -34.53
N UNK C 11 -68.19 -47.33 -33.88
CA UNK C 11 -69.35 -48.09 -34.30
C UNK C 11 -70.63 -47.26 -34.17
N UNK C 12 -70.75 -46.51 -33.08
CA UNK C 12 -71.93 -45.66 -32.90
C UNK C 12 -71.99 -44.56 -33.95
N UNK C 13 -70.85 -43.96 -34.28
CA UNK C 13 -70.81 -42.93 -35.31
C UNK C 13 -71.17 -43.51 -36.67
N UNK C 14 -70.64 -44.69 -37.00
CA UNK C 14 -70.96 -45.30 -38.29
C UNK C 14 -72.41 -45.77 -38.35
N UNK C 15 -73.00 -46.12 -37.20
CA UNK C 15 -74.38 -46.57 -37.17
C UNK C 15 -75.38 -45.44 -37.41
N UNK C 16 -74.93 -44.18 -37.42
CA UNK C 16 -75.84 -43.06 -37.65
C UNK C 16 -76.46 -43.13 -39.04
N UNK C 17 -75.66 -43.48 -40.05
CA UNK C 17 -76.15 -43.56 -41.43
C UNK C 17 -75.78 -44.84 -42.15
N UNK C 18 -74.76 -45.56 -41.71
CA UNK C 18 -74.34 -46.80 -42.36
C UNK C 18 -74.84 -48.00 -41.55
N UNK C 19 -75.47 -48.95 -42.23
CA UNK C 19 -76.03 -50.14 -41.59
C UNK C 19 -75.25 -51.40 -41.95
N UNK C 20 -73.99 -51.25 -42.33
CA UNK C 20 -73.16 -52.42 -42.64
C UNK C 20 -72.95 -53.29 -41.42
N UNK C 21 -72.78 -52.67 -40.25
CA UNK C 21 -72.61 -53.39 -38.98
C UNK C 21 -71.39 -54.30 -38.99
N UNK C 22 -70.36 -53.91 -39.73
CA UNK C 22 -69.12 -54.67 -39.81
C UNK C 22 -67.94 -53.74 -39.55
N UNK C 23 -66.91 -54.28 -38.91
CA UNK C 23 -65.74 -53.51 -38.53
C UNK C 23 -64.48 -54.27 -38.89
N UNK C 24 -63.39 -53.52 -39.07
CA UNK C 24 -62.08 -54.11 -39.30
C UNK C 24 -61.41 -54.58 -38.03
N UNK C 25 -61.99 -54.30 -36.86
CA UNK C 25 -61.40 -54.69 -35.59
C UNK C 25 -62.24 -55.72 -34.85
N UNK C 26 -63.52 -55.41 -34.59
CA UNK C 26 -64.35 -56.34 -33.83
C UNK C 26 -64.68 -57.59 -34.65
N UNK C 27 -65.14 -57.39 -35.88
CA UNK C 27 -65.49 -58.53 -36.73
C UNK C 27 -64.25 -59.33 -37.12
N UNK C 28 -63.14 -58.64 -37.42
CA UNK C 28 -61.91 -59.34 -37.76
C UNK C 28 -61.39 -60.14 -36.57
N UNK C 29 -61.43 -59.57 -35.37
CA UNK C 29 -61.01 -60.31 -34.18
C UNK C 29 -61.91 -61.51 -33.92
N UNK C 30 -63.22 -61.34 -34.10
CA UNK C 30 -64.13 -62.47 -33.92
C UNK C 30 -63.86 -63.57 -34.94
N UNK C 31 -63.60 -63.20 -36.19
CA UNK C 31 -63.29 -64.19 -37.21
C UNK C 31 -61.98 -64.91 -36.92
N UNK C 32 -60.97 -64.17 -36.45
CA UNK C 32 -59.70 -64.80 -36.10
C UNK C 32 -59.86 -65.75 -34.92
N UNK C 33 -60.65 -65.36 -33.92
CA UNK C 33 -60.90 -66.24 -32.79
C UNK C 33 -61.65 -67.49 -33.21
N UNK C 34 -62.65 -67.35 -34.08
CA UNK C 34 -63.43 -68.49 -34.54
C UNK C 34 -62.98 -68.94 -35.93
N UNK D 1 -63.16 -27.69 -31.94
CA UNK D 1 -63.69 -28.86 -31.25
C UNK D 1 -62.67 -30.00 -31.25
N UNK D 2 -61.90 -30.07 -30.17
CA UNK D 2 -60.86 -31.11 -30.08
C UNK D 2 -61.48 -32.50 -30.05
N UNK D 3 -62.61 -32.66 -29.34
CA UNK D 3 -63.29 -33.95 -29.30
C UNK D 3 -63.78 -34.37 -30.68
N UNK D 4 -64.36 -33.43 -31.42
CA UNK D 4 -64.83 -33.73 -32.77
C UNK D 4 -63.67 -34.08 -33.69
N UNK D 5 -62.55 -33.35 -33.57
CA UNK D 5 -61.39 -33.66 -34.39
C UNK D 5 -60.84 -35.04 -34.07
N UNK D 6 -60.78 -35.41 -32.78
CA UNK D 6 -60.31 -36.74 -32.41
C UNK D 6 -61.24 -37.82 -32.94
N UNK D 7 -62.56 -37.59 -32.84
CA UNK D 7 -63.51 -38.56 -33.37
C UNK D 7 -63.35 -38.71 -34.88
N UNK D 8 -63.16 -37.60 -35.59
CA UNK D 8 -62.97 -37.67 -37.04
C UNK D 8 -61.69 -38.41 -37.39
N UNK D 9 -60.61 -38.18 -36.65
CA UNK D 9 -59.36 -38.89 -36.90
C UNK D 9 -59.52 -40.39 -36.67
N UNK D 10 -60.20 -40.75 -35.58
CA UNK D 10 -60.44 -42.17 -35.31
C UNK D 10 -61.31 -42.80 -36.40
N UNK D 11 -62.32 -42.07 -36.86
CA UNK D 11 -63.18 -42.58 -37.93
C UNK D 11 -62.38 -42.77 -39.22
N UNK D 12 -61.50 -41.82 -39.54
CA UNK D 12 -60.68 -41.96 -40.74
C UNK D 12 -59.73 -43.15 -40.64
N UNK D 13 -59.10 -43.34 -39.48
CA UNK D 13 -58.23 -44.49 -39.30
C UNK D 13 -59.00 -45.79 -39.43
N UNK D 14 -60.18 -45.86 -38.82
CA UNK D 14 -61.01 -47.05 -38.92
C UNK D 14 -61.44 -47.32 -40.35
N UNK D 15 -61.79 -46.26 -41.09
CA UNK D 15 -62.18 -46.43 -42.49
C UNK D 15 -61.03 -46.94 -43.34
N UNK D 16 -59.83 -46.41 -43.14
CA UNK D 16 -58.67 -46.90 -43.87
C UNK D 16 -58.39 -48.36 -43.53
N UNK D 17 -58.48 -48.72 -42.24
CA UNK D 17 -58.28 -50.11 -41.85
C UNK D 17 -59.34 -51.01 -42.46
N UNK D 18 -60.59 -50.55 -42.52
CA UNK D 18 -61.66 -51.33 -43.11
C UNK D 18 -61.42 -51.54 -44.60
N UNK D 19 -60.97 -50.50 -45.30
CA UNK D 19 -60.67 -50.65 -46.72
C UNK D 19 -59.54 -51.66 -46.94
N UNK D 20 -58.48 -51.57 -46.13
CA UNK D 20 -57.38 -52.52 -46.26
C UNK D 20 -57.85 -53.94 -45.96
N UNK D 21 -58.68 -54.11 -44.93
CA UNK D 21 -59.20 -55.43 -44.60
C UNK D 21 -60.09 -55.98 -45.70
N UNK D 22 -60.91 -55.12 -46.31
CA UNK D 22 -61.75 -55.57 -47.41
C UNK D 22 -60.91 -56.00 -48.62
N UNK D 23 -59.86 -55.24 -48.93
CA UNK D 23 -58.97 -55.64 -50.02
C UNK D 23 -58.30 -56.98 -49.71
N UNK D 24 -57.83 -57.16 -48.48
CA UNK D 24 -57.19 -58.42 -48.11
C UNK D 24 -58.18 -59.57 -48.17
N UNK D 25 -59.41 -59.35 -47.74
CA UNK D 25 -60.44 -60.39 -47.79
C UNK D 25 -60.76 -60.76 -49.23
N UNK D 26 -60.87 -59.77 -50.12
CA UNK D 26 -61.11 -60.07 -51.52
C UNK D 26 -59.96 -60.87 -52.13
N UNK D 27 -58.72 -60.48 -51.82
CA UNK D 27 -57.57 -61.21 -52.33
C UNK D 27 -57.54 -62.64 -51.81
N UNK D 28 -57.87 -62.84 -50.54
CA UNK D 28 -57.88 -64.18 -49.96
C UNK D 28 -58.99 -65.03 -50.57
N UNK D 29 -60.18 -64.45 -50.76
CA UNK D 29 -61.29 -65.20 -51.33
C UNK D 29 -61.02 -65.59 -52.78
N UNK D 30 -60.47 -64.67 -53.56
CA UNK D 30 -60.17 -64.95 -54.96
C UNK D 30 -58.90 -65.79 -55.09
N SER E 117 -66.37 -49.89 -52.40
CA SER E 117 -66.56 -48.68 -53.20
C SER E 117 -67.80 -47.92 -52.75
N LEU E 118 -68.96 -48.57 -52.84
CA LEU E 118 -70.20 -47.92 -52.40
C LEU E 118 -70.18 -47.63 -50.91
N ILE E 119 -69.69 -48.58 -50.10
CA ILE E 119 -69.59 -48.35 -48.67
C ILE E 119 -68.62 -47.22 -48.36
N ASN E 120 -67.49 -47.17 -49.07
CA ASN E 120 -66.53 -46.10 -48.87
C ASN E 120 -67.13 -44.74 -49.20
N SER E 121 -67.87 -44.66 -50.32
CA SER E 121 -68.52 -43.42 -50.69
C SER E 121 -69.55 -43.00 -49.66
N LYS E 122 -70.34 -43.96 -49.17
CA LYS E 122 -71.36 -43.64 -48.16
C LYS E 122 -70.71 -43.13 -46.88
N ARG E 123 -69.64 -43.78 -46.43
CA ARG E 123 -68.94 -43.35 -45.23
C ARG E 123 -68.33 -41.97 -45.42
N PHE E 124 -67.74 -41.71 -46.59
CA PHE E 124 -67.10 -40.42 -46.83
C PHE E 124 -68.12 -39.30 -46.91
N GLY E 125 -69.31 -39.57 -47.45
CA GLY E 125 -70.30 -38.51 -47.64
C GLY E 125 -71.19 -38.29 -46.43
N LYS E 126 -71.47 -39.34 -45.65
CA LYS E 126 -72.47 -39.26 -44.58
C LYS E 126 -71.85 -39.12 -43.19
N ILE E 127 -70.85 -39.92 -42.86
CA ILE E 127 -70.30 -39.90 -41.51
C ILE E 127 -69.66 -38.56 -41.17
N PHE E 128 -68.87 -38.02 -42.10
CA PHE E 128 -68.20 -36.74 -41.86
C PHE E 128 -69.18 -35.60 -42.00
N TYR E 129 -69.04 -34.61 -41.12
CA TYR E 129 -69.92 -33.44 -41.14
C TYR E 129 -69.66 -32.61 -42.39
N TYR E 130 -70.72 -31.93 -42.85
CA TYR E 130 -70.58 -31.08 -44.03
C TYR E 130 -69.65 -29.91 -43.77
N PHE E 131 -69.58 -29.44 -42.52
CA PHE E 131 -68.67 -28.34 -42.21
C PHE E 131 -67.21 -28.75 -42.37
N LEU E 132 -66.88 -30.02 -42.10
CA LEU E 132 -65.52 -30.47 -42.34
C LEU E 132 -65.17 -30.43 -43.81
N LYS E 133 -66.11 -30.85 -44.67
CA LYS E 133 -65.88 -30.76 -46.11
C LYS E 133 -65.74 -29.32 -46.56
N TYR E 134 -66.58 -28.43 -46.01
CA TYR E 134 -66.46 -27.01 -46.33
C TYR E 134 -65.10 -26.46 -45.93
N TYR E 135 -64.64 -26.84 -44.73
CA TYR E 135 -63.32 -26.39 -44.26
C TYR E 135 -62.21 -26.93 -45.14
N ILE E 136 -62.31 -28.19 -45.56
CA ILE E 136 -61.29 -28.77 -46.42
C ILE E 136 -61.24 -28.05 -47.75
N TYR E 137 -62.40 -27.79 -48.34
CA TYR E 137 -62.43 -27.06 -49.61
C TYR E 137 -61.87 -25.65 -49.45
N ASP E 138 -62.25 -24.97 -48.38
CA ASP E 138 -61.77 -23.60 -48.17
C ASP E 138 -60.26 -23.56 -47.96
N TRP E 139 -59.74 -24.53 -47.22
CA TRP E 139 -58.32 -24.53 -46.85
C TRP E 139 -57.44 -24.99 -48.00
N VAL E 140 -57.90 -25.94 -48.81
CA VAL E 140 -57.08 -26.41 -49.93
C VAL E 140 -57.13 -25.44 -51.09
N ILE E 141 -58.32 -24.96 -51.44
CA ILE E 141 -58.50 -24.09 -52.59
C ILE E 141 -58.09 -22.67 -52.23
N SER E 142 -57.40 -22.01 -53.15
CA SER E 142 -56.89 -20.66 -52.91
C SER E 142 -58.04 -19.65 -52.82
N ARG E 143 -57.73 -18.50 -52.23
CA ARG E 143 -58.72 -17.46 -52.03
C ARG E 143 -59.24 -16.90 -53.35
N SER E 144 -58.35 -16.69 -54.32
CA SER E 144 -58.75 -16.06 -55.57
C SER E 144 -59.71 -16.93 -56.36
N VAL E 145 -59.43 -18.24 -56.46
CA VAL E 145 -60.22 -19.14 -57.28
C VAL E 145 -61.34 -19.81 -56.50
N LYS E 146 -61.49 -19.50 -55.22
CA LYS E 146 -62.55 -20.09 -54.42
C LYS E 146 -63.92 -19.63 -54.92
N ASP E 147 -64.88 -20.56 -54.91
CA ASP E 147 -66.22 -20.24 -55.39
C ASP E 147 -66.94 -19.29 -54.44
N LEU E 148 -66.92 -19.60 -53.14
CA LEU E 148 -67.64 -18.78 -52.17
C LEU E 148 -66.90 -17.48 -51.85
N LYS E 149 -65.57 -17.50 -51.90
CA LYS E 149 -64.74 -16.34 -51.58
C LYS E 149 -65.04 -15.79 -50.19
N GLY F 145 -24.95 -10.50 -23.36
CA GLY F 145 -24.25 -11.64 -23.95
C GLY F 145 -25.14 -12.51 -24.80
N SER F 146 -26.18 -13.09 -24.18
CA SER F 146 -27.14 -13.88 -24.93
C SER F 146 -27.87 -13.02 -25.96
N CYS F 147 -28.29 -11.81 -25.57
CA CYS F 147 -28.90 -10.90 -26.52
C CYS F 147 -27.92 -10.50 -27.61
N LEU F 148 -26.65 -10.30 -27.24
CA LEU F 148 -25.64 -9.99 -28.24
C LEU F 148 -25.53 -11.10 -29.28
N LEU F 149 -25.46 -12.35 -28.83
CA LEU F 149 -25.37 -13.46 -29.78
C LEU F 149 -26.63 -13.58 -30.61
N ILE F 150 -27.80 -13.36 -30.00
CA ILE F 150 -29.06 -13.44 -30.72
C ILE F 150 -29.12 -12.40 -31.84
N PHE F 151 -28.74 -11.16 -31.52
CA PHE F 151 -28.80 -10.09 -32.51
C PHE F 151 -27.68 -10.18 -33.55
N ILE F 152 -26.55 -10.79 -33.20
CA ILE F 152 -25.51 -11.04 -34.20
C ILE F 152 -25.95 -12.14 -35.16
N GLN F 153 -26.78 -13.07 -34.70
CA GLN F 153 -27.31 -14.11 -35.60
C GLN F 153 -28.08 -13.48 -36.75
N LEU F 154 -28.96 -12.53 -36.44
CA LEU F 154 -29.47 -11.65 -37.47
C LEU F 154 -28.36 -10.73 -37.93
N VAL F 155 -28.43 -10.28 -39.18
CA VAL F 155 -27.32 -9.52 -39.74
C VAL F 155 -27.07 -8.28 -38.90
N PHE F 156 -25.89 -8.22 -38.30
CA PHE F 156 -25.51 -7.16 -37.36
C PHE F 156 -24.03 -7.35 -37.04
N SER F 157 -23.48 -6.40 -36.29
CA SER F 157 -22.12 -6.49 -35.81
C SER F 157 -22.11 -6.21 -34.31
N GLY F 158 -21.03 -6.64 -33.66
CA GLY F 158 -20.98 -6.56 -32.20
C GLY F 158 -21.15 -5.15 -31.68
N ILE F 159 -20.58 -4.16 -32.37
CA ILE F 159 -20.71 -2.78 -31.94
C ILE F 159 -22.14 -2.30 -32.09
N VAL F 160 -22.76 -2.58 -33.24
CA VAL F 160 -24.12 -2.11 -33.49
C VAL F 160 -25.11 -2.80 -32.56
N VAL F 161 -24.87 -4.08 -32.26
CA VAL F 161 -25.80 -4.84 -31.43
C VAL F 161 -25.94 -4.23 -30.04
N LEU F 162 -24.87 -3.62 -29.52
CA LEU F 162 -24.90 -3.11 -28.16
C LEU F 162 -26.00 -2.07 -27.97
N LEU F 163 -26.12 -1.13 -28.91
CA LEU F 163 -27.11 -0.06 -28.77
C LEU F 163 -28.53 -0.63 -28.81
N LEU F 164 -28.80 -1.52 -29.76
CA LEU F 164 -30.12 -2.11 -29.87
C LEU F 164 -30.46 -2.94 -28.63
N ASP F 165 -29.48 -3.70 -28.13
CA ASP F 165 -29.70 -4.48 -26.91
C ASP F 165 -29.99 -3.57 -25.73
N ASP F 166 -29.26 -2.45 -25.61
CA ASP F 166 -29.54 -1.52 -24.53
C ASP F 166 -30.95 -0.96 -24.64
N MET F 167 -31.38 -0.60 -25.86
CA MET F 167 -32.73 -0.07 -26.04
C MET F 167 -33.77 -1.11 -25.66
N LEU F 168 -33.57 -2.37 -26.07
CA LEU F 168 -34.54 -3.41 -25.73
C LEU F 168 -34.57 -3.68 -24.24
N ASN F 169 -33.41 -3.66 -23.58
CA ASN F 169 -33.38 -3.84 -22.13
C ASN F 169 -34.11 -2.72 -21.42
N LYS F 170 -33.90 -1.47 -21.87
CA LYS F 170 -34.60 -0.34 -21.27
C LYS F 170 -36.12 -0.48 -21.47
N GLY F 171 -36.54 -0.88 -22.67
CA GLY F 171 -37.96 -1.07 -22.90
C GLY F 171 -38.56 -2.17 -22.04
N TYR F 172 -37.85 -3.28 -21.89
CA TYR F 172 -38.33 -4.38 -21.06
C TYR F 172 -38.40 -3.96 -19.59
N GLY F 173 -37.42 -3.19 -19.12
CA GLY F 173 -37.44 -2.70 -17.74
C GLY F 173 -38.60 -1.75 -17.53
N LEU F 174 -38.88 -0.88 -18.50
CA LEU F 174 -40.02 0.02 -18.38
C LEU F 174 -41.33 -0.75 -18.35
N GLY F 175 -41.45 -1.78 -19.19
CA GLY F 175 -42.65 -2.61 -19.17
C GLY F 175 -42.82 -3.33 -17.84
N SER F 176 -41.72 -3.83 -17.28
CA SER F 176 -41.78 -4.50 -15.99
C SER F 176 -42.19 -3.53 -14.89
N GLY F 177 -41.66 -2.31 -14.92
CA GLY F 177 -42.06 -1.31 -13.94
C GLY F 177 -43.54 -0.96 -14.07
N ILE F 178 -44.03 -0.85 -15.31
CA ILE F 178 -45.45 -0.57 -15.52
C ILE F 178 -46.31 -1.72 -15.00
N SER F 179 -45.89 -2.96 -15.24
CA SER F 179 -46.63 -4.11 -14.72
C SER F 179 -46.63 -4.13 -13.20
N LEU F 180 -45.50 -3.80 -12.58
CA LEU F 180 -45.45 -3.74 -11.11
C LEU F 180 -46.36 -2.65 -10.57
N PHE F 181 -46.39 -1.49 -11.23
CA PHE F 181 -47.28 -0.41 -10.82
C PHE F 181 -48.74 -0.82 -10.95
N ILE F 182 -49.08 -1.52 -12.04
CA ILE F 182 -50.45 -1.99 -12.22
C ILE F 182 -50.83 -3.00 -11.15
N ALA F 183 -49.90 -3.91 -10.81
CA ALA F 183 -50.15 -4.88 -9.76
C ALA F 183 -50.35 -4.21 -8.41
N THR F 184 -49.54 -3.19 -8.12
CA THR F 184 -49.71 -2.44 -6.87
C THR F 184 -51.06 -1.72 -6.84
N ASN F 185 -51.47 -1.13 -7.97
CA ASN F 185 -52.74 -0.43 -8.01
C ASN F 185 -53.91 -1.40 -7.82
N ILE F 186 -53.84 -2.56 -8.45
CA ILE F 186 -54.91 -3.55 -8.33
C ILE F 186 -54.44 -4.77 -7.54
N VAL G 16 52.47 -122.48 6.57
CA VAL G 16 52.09 -122.73 5.18
C VAL G 16 53.20 -122.30 4.25
N ASN G 17 53.82 -123.26 3.56
CA ASN G 17 54.94 -122.98 2.66
C ASN G 17 54.42 -122.64 1.26
N ASN G 18 53.66 -121.56 1.20
CA ASN G 18 53.16 -121.08 -0.08
C ASN G 18 54.32 -120.59 -0.94
N TYR G 19 54.23 -120.84 -2.24
CA TYR G 19 55.31 -120.53 -3.17
C TYR G 19 55.21 -119.12 -3.75
N PHE G 20 54.20 -118.35 -3.37
CA PHE G 20 53.88 -117.08 -4.03
C PHE G 20 53.62 -115.97 -3.03
N TYR G 21 54.51 -115.84 -2.04
CA TYR G 21 54.38 -114.77 -1.05
C TYR G 21 54.60 -113.40 -1.68
N TYR G 22 55.64 -113.26 -2.50
CA TYR G 22 55.84 -112.04 -3.27
C TYR G 22 54.64 -111.76 -4.14
N LEU G 23 54.03 -112.81 -4.69
CA LEU G 23 52.82 -112.64 -5.50
C LEU G 23 51.68 -112.09 -4.66
N ASP G 24 51.57 -112.54 -3.40
CA ASP G 24 50.54 -111.99 -2.52
C ASP G 24 50.77 -110.51 -2.26
N ARG G 25 52.04 -110.12 -2.05
CA ARG G 25 52.35 -108.70 -1.87
C ARG G 25 51.97 -107.89 -3.11
N ILE G 26 52.26 -108.43 -4.30
CA ILE G 26 51.94 -107.71 -5.53
C ILE G 26 50.42 -107.64 -5.73
N LYS G 27 49.70 -108.70 -5.35
CA LYS G 27 48.24 -108.67 -5.41
C LYS G 27 47.69 -107.58 -4.51
N LYS G 28 48.24 -107.46 -3.29
CA LYS G 28 47.80 -106.39 -2.40
C LYS G 28 48.11 -105.03 -2.99
N LEU G 29 49.25 -104.88 -3.66
CA LEU G 29 49.57 -103.62 -4.30
C LEU G 29 48.57 -103.27 -5.40
N PHE G 30 48.20 -104.25 -6.21
CA PHE G 30 47.22 -104.00 -7.27
C PHE G 30 45.85 -103.64 -6.70
N THR G 31 45.42 -104.36 -5.66
CA THR G 31 44.16 -104.02 -5.01
C THR G 31 44.20 -102.61 -4.44
N TYR G 32 45.32 -102.25 -3.82
CA TYR G 32 45.48 -100.90 -3.29
C TYR G 32 45.40 -99.85 -4.38
N LEU G 33 46.04 -100.10 -5.52
CA LEU G 33 46.00 -99.13 -6.61
C LEU G 33 44.59 -98.95 -7.15
N ASN G 34 43.86 -100.06 -7.34
CA ASN G 34 42.48 -99.91 -7.83
C ASN G 34 41.60 -99.19 -6.82
N ASP G 35 41.76 -99.51 -5.52
CA ASP G 35 40.97 -98.84 -4.51
C ASP G 35 41.29 -97.35 -4.47
N LEU G 36 42.57 -96.99 -4.60
CA LEU G 36 42.96 -95.59 -4.61
C LEU G 36 42.41 -94.87 -5.83
N ARG G 37 42.39 -95.54 -6.99
CA ARG G 37 41.80 -94.94 -8.19
C ARG G 37 40.33 -94.64 -7.97
N LYS G 38 39.58 -95.63 -7.45
CA LYS G 38 38.16 -95.41 -7.19
C LYS G 38 37.96 -94.29 -6.17
N HIS G 39 38.78 -94.27 -5.12
CA HIS G 39 38.67 -93.25 -4.09
C HIS G 39 38.90 -91.86 -4.67
N ILE G 40 39.95 -91.71 -5.46
CA ILE G 40 40.27 -90.40 -6.05
C ILE G 40 39.15 -89.95 -6.96
N LEU G 41 38.64 -90.84 -7.82
CA LEU G 41 37.58 -90.47 -8.73
C LEU G 41 36.32 -90.06 -7.98
N LYS G 42 35.93 -90.83 -6.96
CA LYS G 42 34.71 -90.54 -6.24
C LYS G 42 34.84 -89.30 -5.36
N LYS G 43 36.06 -88.97 -4.93
CA LYS G 43 36.23 -87.89 -3.96
C LYS G 43 36.55 -86.55 -4.60
N TYR G 44 37.32 -86.53 -5.69
CA TYR G 44 37.77 -85.26 -6.25
C TYR G 44 37.21 -84.94 -7.63
N VAL G 45 36.88 -85.93 -8.44
CA VAL G 45 36.38 -85.71 -9.79
C VAL G 45 34.87 -85.74 -9.84
N TYR G 46 34.26 -86.77 -9.25
CA TYR G 46 32.82 -86.95 -9.31
C TYR G 46 32.08 -86.23 -8.19
N THR G 47 32.79 -85.58 -7.28
CA THR G 47 32.17 -85.02 -6.10
C THR G 47 31.35 -83.78 -6.44
N ILE G 48 30.46 -83.43 -5.51
CA ILE G 48 29.74 -82.17 -5.52
C ILE G 48 30.01 -81.35 -4.27
N ASN G 49 30.94 -81.80 -3.42
CA ASN G 49 31.29 -81.07 -2.21
C ASN G 49 31.90 -79.73 -2.58
N HIS G 50 31.41 -78.66 -1.93
CA HIS G 50 31.83 -77.32 -2.33
C HIS G 50 33.27 -77.03 -1.94
N LYS G 51 33.77 -77.65 -0.86
CA LYS G 51 35.14 -77.38 -0.43
C LYS G 51 36.14 -77.99 -1.40
N ARG G 52 35.93 -79.25 -1.80
CA ARG G 52 36.83 -79.87 -2.76
C ARG G 52 36.75 -79.18 -4.12
N ILE G 53 35.55 -78.77 -4.53
CA ILE G 53 35.42 -78.03 -5.78
C ILE G 53 36.16 -76.70 -5.70
N ALA G 54 36.08 -76.02 -4.55
CA ALA G 54 36.79 -74.76 -4.39
C ALA G 54 38.29 -74.96 -4.41
N ILE G 55 38.80 -76.04 -3.80
CA ILE G 55 40.23 -76.30 -3.82
C ILE G 55 40.70 -76.65 -5.22
N ASN G 56 39.90 -77.42 -5.96
CA ASN G 56 40.21 -77.69 -7.36
C ASN G 56 40.22 -76.40 -8.17
N TYR G 57 39.29 -75.50 -7.88
CA TYR G 57 39.27 -74.19 -8.52
C TYR G 57 40.55 -73.42 -8.21
N LEU G 58 41.02 -73.50 -6.97
CA LEU G 58 42.25 -72.79 -6.60
C LEU G 58 43.46 -73.34 -7.34
N TYR G 59 43.55 -74.66 -7.49
CA TYR G 59 44.70 -75.22 -8.20
C TYR G 59 44.62 -74.93 -9.71
N PHE G 60 43.43 -75.05 -10.29
CA PHE G 60 43.25 -74.65 -11.68
C PHE G 60 43.61 -73.19 -11.88
N SER G 61 43.26 -72.35 -10.90
CA SER G 61 43.60 -70.94 -10.97
C SER G 61 45.09 -70.72 -10.83
N MET G 62 45.79 -71.56 -10.06
CA MET G 62 47.25 -71.48 -10.03
C MET G 62 47.83 -71.75 -11.41
N VAL G 63 47.33 -72.78 -12.09
CA VAL G 63 47.83 -73.09 -13.43
C VAL G 63 47.54 -71.93 -14.40
N THR G 64 46.31 -71.42 -14.36
CA THR G 64 45.95 -70.33 -15.27
C THR G 64 46.69 -69.03 -14.94
N GLY G 65 46.97 -68.79 -13.66
CA GLY G 65 47.77 -67.63 -13.29
C GLY G 65 49.20 -67.76 -13.78
N LEU G 66 49.76 -68.97 -13.74
CA LEU G 66 51.07 -69.18 -14.33
C LEU G 66 51.03 -68.95 -15.83
N SER G 67 49.95 -69.37 -16.50
CA SER G 67 49.81 -69.10 -17.92
C SER G 67 49.78 -67.60 -18.21
N GLY G 68 49.00 -66.86 -17.43
CA GLY G 68 48.94 -65.41 -17.60
C GLY G 68 50.25 -64.74 -17.30
N ALA G 69 50.98 -65.23 -16.28
CA ALA G 69 52.30 -64.69 -15.98
C ALA G 69 53.28 -64.96 -17.11
N ALA G 70 53.18 -66.12 -17.76
CA ALA G 70 54.02 -66.39 -18.91
C ALA G 70 53.69 -65.46 -20.07
N LEU G 71 52.40 -65.20 -20.30
CA LEU G 71 52.03 -64.26 -21.36
C LEU G 71 52.54 -62.85 -21.05
N ALA G 72 52.44 -62.43 -19.80
CA ALA G 72 52.99 -61.13 -19.40
C ALA G 72 54.51 -61.11 -19.55
N THR G 73 55.17 -62.23 -19.28
CA THR G 73 56.61 -62.33 -19.49
C THR G 73 56.96 -62.15 -20.96
N MET G 74 56.19 -62.76 -21.85
CA MET G 74 56.39 -62.54 -23.28
C MET G 74 56.22 -61.07 -23.63
N ILE G 75 55.17 -60.44 -23.10
CA ILE G 75 54.91 -59.03 -23.36
C ILE G 75 56.08 -58.17 -22.91
N ARG G 76 56.60 -58.43 -21.71
CA ARG G 76 57.68 -57.62 -21.18
C ARG G 76 59.01 -57.91 -21.87
N LEU G 77 59.21 -59.14 -22.37
CA LEU G 77 60.42 -59.44 -23.11
C LEU G 77 60.41 -58.81 -24.49
N GLU G 78 59.23 -58.64 -25.10
CA GLU G 78 59.16 -57.92 -26.36
C GLU G 78 59.44 -56.43 -26.17
N LEU G 79 59.07 -55.88 -25.02
CA LEU G 79 59.21 -54.45 -24.75
C LEU G 79 60.46 -54.14 -23.93
N ALA G 80 61.37 -55.09 -23.77
CA ALA G 80 62.57 -54.84 -22.97
C ALA G 80 63.43 -53.75 -23.59
N HIS G 81 63.59 -53.77 -24.91
CA HIS G 81 64.30 -52.72 -25.64
C HIS G 81 63.73 -52.68 -27.05
N PRO G 82 63.84 -51.54 -27.73
CA PRO G 82 63.25 -51.43 -29.06
C PRO G 82 63.96 -52.32 -30.07
N GLY G 83 63.27 -52.61 -31.16
CA GLY G 83 63.75 -53.51 -32.17
C GLY G 83 63.15 -54.89 -32.15
N SER G 84 62.15 -55.13 -31.30
CA SER G 84 61.43 -56.40 -31.22
C SER G 84 62.39 -57.55 -30.94
N PRO G 85 62.97 -57.63 -29.75
CA PRO G 85 63.91 -58.73 -29.48
C PRO G 85 63.26 -60.08 -29.32
N PHE G 86 61.97 -60.13 -28.98
CA PHE G 86 61.31 -61.40 -28.66
C PHE G 86 60.63 -61.99 -29.89
N PHE G 87 59.65 -61.27 -30.45
CA PHE G 87 58.93 -61.78 -31.61
C PHE G 87 59.61 -61.46 -32.93
N LYS G 88 60.63 -60.59 -32.91
CA LYS G 88 61.49 -60.35 -34.07
C LYS G 88 60.69 -59.85 -35.28
N GLY G 89 59.96 -58.76 -35.07
CA GLY G 89 59.24 -58.11 -36.13
C GLY G 89 57.84 -58.61 -36.39
N ASP G 90 57.37 -59.62 -35.66
CA ASP G 90 56.03 -60.17 -35.85
C ASP G 90 55.08 -59.41 -34.93
N SER G 91 54.43 -58.38 -35.48
CA SER G 91 53.55 -57.55 -34.68
C SER G 91 52.25 -58.27 -34.35
N LEU G 92 51.74 -59.07 -35.30
CA LEU G 92 50.46 -59.74 -35.09
C LEU G 92 50.55 -60.76 -33.96
N ARG G 93 51.66 -61.48 -33.86
CA ARG G 93 51.85 -62.41 -32.75
C ARG G 93 51.89 -61.67 -31.42
N TYR G 94 52.53 -60.50 -31.38
CA TYR G 94 52.55 -59.70 -30.17
C TYR G 94 51.15 -59.24 -29.78
N LEU G 95 50.35 -58.82 -30.77
CA LEU G 95 48.99 -58.40 -30.47
C LEU G 95 48.15 -59.56 -29.97
N GLN G 96 48.33 -60.75 -30.55
CA GLN G 96 47.64 -61.93 -30.04
C GLN G 96 48.04 -62.23 -28.61
N VAL G 97 49.34 -62.11 -28.30
CA VAL G 97 49.81 -62.36 -26.94
C VAL G 97 49.20 -61.37 -25.96
N VAL G 98 49.14 -60.09 -26.34
CA VAL G 98 48.56 -59.07 -25.46
C VAL G 98 47.08 -59.35 -25.23
N THR G 99 46.34 -59.67 -26.29
CA THR G 99 44.92 -59.95 -26.14
C THR G 99 44.69 -61.17 -25.25
N ALA G 100 45.45 -62.24 -25.48
CA ALA G 100 45.31 -63.44 -24.66
C ALA G 100 45.66 -63.15 -23.21
N HIS G 101 46.71 -62.38 -22.98
CA HIS G 101 47.09 -62.03 -21.61
C HIS G 101 45.95 -61.31 -20.91
N GLY G 102 45.41 -60.26 -21.54
CA GLY G 102 44.32 -59.54 -20.92
C GLY G 102 43.11 -60.41 -20.65
N LEU G 103 42.71 -61.21 -21.65
CA LEU G 103 41.49 -61.99 -21.53
C LEU G 103 41.62 -63.09 -20.47
N ILE G 104 42.75 -63.81 -20.44
CA ILE G 104 42.86 -64.88 -19.46
C ILE G 104 43.25 -64.37 -18.08
N MET G 105 43.81 -63.17 -17.97
CA MET G 105 44.04 -62.61 -16.66
C MET G 105 42.74 -62.10 -16.05
N VAL G 106 41.89 -61.48 -16.87
CA VAL G 106 40.62 -60.96 -16.35
C VAL G 106 39.63 -62.10 -16.13
N PHE G 107 39.37 -62.89 -17.18
CA PHE G 107 38.27 -63.85 -17.14
C PHE G 107 38.67 -65.22 -16.64
N PHE G 108 39.96 -65.57 -16.65
CA PHE G 108 40.36 -66.92 -16.28
C PHE G 108 41.46 -66.98 -15.23
N VAL G 109 41.75 -65.88 -14.55
CA VAL G 109 42.59 -65.94 -13.35
C VAL G 109 41.84 -65.32 -12.18
N VAL G 110 41.56 -64.02 -12.27
CA VAL G 110 40.96 -63.31 -11.14
C VAL G 110 39.53 -63.76 -10.91
N VAL G 111 38.75 -63.85 -11.98
CA VAL G 111 37.36 -64.31 -11.85
C VAL G 111 37.30 -65.74 -11.32
N PRO G 112 38.03 -66.71 -11.88
CA PRO G 112 38.06 -68.04 -11.24
C PRO G 112 38.47 -67.99 -9.79
N ILE G 113 39.62 -67.37 -9.46
CA ILE G 113 40.09 -67.35 -8.09
C ILE G 113 38.97 -66.85 -7.20
N LEU G 114 38.59 -65.58 -7.36
CA LEU G 114 37.62 -64.98 -6.48
C LEU G 114 36.32 -65.78 -6.48
N PHE G 115 35.59 -65.75 -7.59
CA PHE G 115 34.26 -66.35 -7.59
C PHE G 115 34.34 -67.84 -7.33
N GLY G 116 34.93 -68.61 -8.25
CA GLY G 116 35.01 -70.03 -8.05
C GLY G 116 35.56 -70.41 -6.69
N GLY G 117 36.86 -70.18 -6.46
CA GLY G 117 37.46 -70.65 -5.23
C GLY G 117 36.81 -70.08 -3.99
N PHE G 118 36.91 -68.75 -3.80
CA PHE G 118 36.47 -68.19 -2.53
C PHE G 118 34.96 -68.27 -2.36
N ALA G 119 34.19 -67.98 -3.42
CA ALA G 119 32.75 -68.06 -3.30
C ALA G 119 32.31 -69.48 -2.97
N ASN G 120 32.75 -70.48 -3.74
CA ASN G 120 32.30 -71.84 -3.48
C ASN G 120 32.78 -72.33 -2.12
N PHE G 121 33.93 -71.85 -1.65
CA PHE G 121 34.40 -72.28 -0.33
C PHE G 121 33.62 -71.61 0.79
N LEU G 122 33.30 -70.33 0.65
CA LEU G 122 32.88 -69.51 1.78
C LEU G 122 31.39 -69.21 1.83
N ILE G 123 30.69 -69.18 0.69
CA ILE G 123 29.25 -68.94 0.73
C ILE G 123 28.53 -69.97 1.59
N PRO G 124 28.80 -71.28 1.47
CA PRO G 124 28.18 -72.21 2.42
C PRO G 124 28.52 -71.93 3.87
N TYR G 125 29.73 -71.43 4.15
CA TYR G 125 30.06 -71.04 5.52
C TYR G 125 29.30 -69.79 5.94
N HIS G 126 29.49 -68.69 5.20
CA HIS G 126 28.97 -67.40 5.62
C HIS G 126 27.46 -67.34 5.52
N VAL G 127 26.91 -67.79 4.40
CA VAL G 127 25.45 -67.82 4.25
C VAL G 127 24.87 -68.88 5.17
N GLY G 128 25.55 -70.00 5.36
CA GLY G 128 25.10 -71.04 6.26
C GLY G 128 24.24 -72.08 5.58
N SER G 129 24.75 -72.68 4.51
CA SER G 129 23.98 -73.60 3.69
C SER G 129 24.70 -74.93 3.53
N LYS G 130 23.93 -75.96 3.22
CA LYS G 130 24.48 -77.29 2.92
C LYS G 130 24.89 -77.30 1.45
N ASP G 131 26.18 -77.20 1.20
CA ASP G 131 26.74 -77.08 -0.16
C ASP G 131 26.12 -75.84 -0.78
N VAL G 132 25.60 -75.91 -2.00
CA VAL G 132 24.97 -74.77 -2.66
C VAL G 132 23.59 -75.19 -3.15
N ALA G 133 22.90 -74.25 -3.81
CA ALA G 133 21.59 -74.56 -4.36
C ALA G 133 21.68 -75.57 -5.49
N TYR G 134 22.69 -75.43 -6.35
CA TYR G 134 22.89 -76.32 -7.50
C TYR G 134 24.30 -76.90 -7.43
N PRO G 135 24.50 -77.95 -6.64
CA PRO G 135 25.83 -78.59 -6.62
C PRO G 135 26.26 -79.10 -7.97
N ARG G 136 25.29 -79.58 -8.76
CA ARG G 136 25.58 -80.01 -10.12
C ARG G 136 26.10 -78.85 -10.95
N LEU G 137 25.46 -77.68 -10.85
CA LEU G 137 25.94 -76.52 -11.60
C LEU G 137 27.31 -76.05 -11.11
N ASN G 138 27.58 -76.20 -9.82
CA ASN G 138 28.91 -75.86 -9.30
C ASN G 138 29.99 -76.73 -9.93
N SER G 139 29.77 -78.05 -9.89
CA SER G 139 30.72 -78.97 -10.53
C SER G 139 30.84 -78.71 -12.02
N ILE G 140 29.72 -78.39 -12.66
CA ILE G 140 29.72 -78.13 -14.11
C ILE G 140 30.54 -76.89 -14.43
N GLY G 141 30.37 -75.82 -13.67
CA GLY G 141 31.18 -74.63 -13.91
C GLY G 141 32.67 -74.92 -13.78
N PHE G 142 33.05 -75.61 -12.70
CA PHE G 142 34.47 -75.91 -12.54
C PHE G 142 34.99 -76.73 -13.71
N TRP G 143 34.26 -77.75 -14.13
CA TRP G 143 34.78 -78.63 -15.16
C TRP G 143 34.62 -78.07 -16.57
N ILE G 144 33.90 -76.96 -16.76
CA ILE G 144 33.88 -76.30 -18.06
C ILE G 144 34.89 -75.16 -18.15
N GLN G 145 35.47 -74.72 -17.03
CA GLN G 145 36.54 -73.73 -17.11
C GLN G 145 37.70 -74.10 -18.05
N PRO G 146 38.27 -75.31 -18.02
CA PRO G 146 39.54 -75.55 -18.74
C PRO G 146 39.48 -75.32 -20.24
N CYS G 147 38.36 -75.62 -20.90
CA CYS G 147 38.30 -75.45 -22.35
C CYS G 147 38.44 -73.99 -22.74
N GLY G 148 37.68 -73.11 -22.08
CA GLY G 148 37.83 -71.70 -22.33
C GLY G 148 39.22 -71.19 -21.98
N TYR G 149 39.78 -71.71 -20.89
CA TYR G 149 41.14 -71.33 -20.53
C TYR G 149 42.12 -71.64 -21.66
N ILE G 150 42.08 -72.87 -22.18
CA ILE G 150 43.00 -73.27 -23.24
C ILE G 150 42.77 -72.43 -24.49
N LEU G 151 41.50 -72.27 -24.89
CA LEU G 151 41.19 -71.54 -26.11
C LEU G 151 41.69 -70.10 -26.04
N LEU G 152 41.51 -69.43 -24.90
CA LEU G 152 41.96 -68.05 -24.81
C LEU G 152 43.47 -67.96 -24.62
N ALA G 153 44.10 -68.94 -23.99
CA ALA G 153 45.50 -68.79 -23.62
C ALA G 153 46.48 -69.29 -24.68
N LYS G 154 46.04 -70.12 -25.64
CA LYS G 154 46.97 -70.70 -26.59
C LYS G 154 46.86 -70.11 -27.98
N ILE G 155 46.31 -68.89 -28.12
CA ILE G 155 46.23 -68.28 -29.44
C ILE G 155 47.57 -67.76 -29.90
N GLY G 156 48.51 -67.51 -28.99
CA GLY G 156 49.83 -67.05 -29.38
C GLY G 156 50.70 -68.11 -30.03
N PHE G 157 50.30 -69.38 -29.93
CA PHE G 157 51.03 -70.47 -30.56
C PHE G 157 50.40 -70.94 -31.86
N LEU G 158 49.14 -70.59 -32.12
CA LEU G 158 48.36 -71.16 -33.20
C LEU G 158 47.90 -70.08 -34.16
N ARG G 159 48.03 -70.35 -35.46
CA ARG G 159 47.48 -69.52 -36.51
C ARG G 159 47.09 -70.43 -37.66
N PRO G 160 46.11 -70.03 -38.48
CA PRO G 160 45.70 -70.91 -39.59
C PRO G 160 46.83 -71.23 -40.56
N GLN G 161 47.72 -70.27 -40.82
CA GLN G 161 48.89 -70.51 -41.66
C GLN G 161 50.05 -70.86 -40.73
N PHE G 162 50.06 -72.12 -40.30
CA PHE G 162 50.95 -72.57 -39.23
C PHE G 162 52.41 -72.63 -39.66
N TRP G 163 52.69 -72.68 -40.96
CA TRP G 163 54.06 -72.85 -41.44
C TRP G 163 54.86 -71.56 -41.28
N ARG G 164 56.14 -71.71 -40.97
CA ARG G 164 57.03 -70.57 -40.87
C ARG G 164 57.55 -70.19 -42.26
N TYR G 165 58.38 -69.16 -42.31
CA TYR G 165 58.78 -68.58 -43.59
C TYR G 165 59.72 -69.48 -44.38
N TYR G 166 60.35 -70.46 -43.73
CA TYR G 166 61.27 -71.37 -44.41
C TYR G 166 60.64 -72.72 -44.73
N ASP G 167 59.34 -72.88 -44.50
CA ASP G 167 58.64 -74.10 -44.87
C ASP G 167 58.18 -73.96 -46.32
N LYS G 168 58.81 -74.73 -47.20
CA LYS G 168 58.51 -74.65 -48.63
C LYS G 168 57.18 -75.31 -48.93
N THR G 169 56.09 -74.52 -48.85
CA THR G 169 54.77 -75.07 -49.09
C THR G 169 54.60 -75.56 -50.52
N SER G 170 55.46 -75.14 -51.44
CA SER G 170 55.40 -75.61 -52.81
C SER G 170 55.82 -77.07 -52.94
N PHE G 171 56.35 -77.68 -51.88
CA PHE G 171 56.72 -79.08 -51.92
C PHE G 171 55.60 -80.03 -51.56
N SER G 172 54.52 -79.53 -50.93
CA SER G 172 53.47 -80.40 -50.45
C SER G 172 52.09 -79.96 -50.94
N PHE G 173 51.92 -78.66 -51.20
CA PHE G 173 50.66 -78.13 -51.67
C PHE G 173 50.27 -78.61 -53.08
N PRO G 174 51.22 -78.96 -53.95
CA PRO G 174 50.80 -79.59 -55.22
C PRO G 174 49.97 -80.84 -55.04
N PHE G 175 50.16 -81.58 -53.94
CA PHE G 175 49.34 -82.76 -53.69
C PHE G 175 47.94 -82.42 -53.21
N LEU G 176 47.66 -81.16 -52.92
CA LEU G 176 46.35 -80.76 -52.42
C LEU G 176 45.40 -80.29 -53.51
N GLU G 177 45.93 -79.65 -54.56
CA GLU G 177 45.09 -79.10 -55.62
C GLU G 177 44.40 -80.24 -56.38
N LYS G 178 43.09 -80.37 -56.20
CA LYS G 178 42.31 -81.35 -56.94
C LYS G 178 41.72 -80.79 -58.22
N MET G 179 41.98 -79.52 -58.52
CA MET G 179 41.63 -78.96 -59.82
C MET G 179 42.47 -79.56 -60.93
N LYS G 180 43.61 -80.15 -60.59
CA LYS G 180 44.47 -80.80 -61.57
C LYS G 180 43.76 -81.97 -62.25
N TYR G 181 42.85 -82.63 -61.53
CA TYR G 181 42.16 -83.81 -62.04
C TYR G 181 40.73 -83.52 -62.46
N ASN G 182 40.34 -82.26 -62.56
CA ASN G 182 38.97 -81.93 -62.92
C ASN G 182 38.59 -82.48 -64.28
N GLN G 183 39.55 -82.56 -65.21
CA GLN G 183 39.28 -83.12 -66.53
C GLN G 183 38.82 -84.56 -66.43
N TYR G 184 39.25 -85.30 -65.41
CA TYR G 184 38.79 -86.66 -65.22
C TYR G 184 37.38 -86.73 -64.65
N LYS G 185 36.93 -85.68 -63.96
CA LYS G 185 35.61 -85.72 -63.35
C LYS G 185 34.49 -85.65 -64.38
N GLU G 186 34.75 -85.10 -65.57
CA GLU G 186 33.72 -85.00 -66.59
C GLU G 186 33.24 -86.38 -67.04
N TYR G 187 34.17 -87.32 -67.19
CA TYR G 187 33.87 -88.63 -67.76
C TYR G 187 33.55 -89.67 -66.71
N LYS G 188 33.46 -89.29 -65.43
CA LYS G 188 32.96 -90.21 -64.42
C LYS G 188 31.48 -90.51 -64.62
N ASN G 189 30.75 -89.63 -65.29
CA ASN G 189 29.34 -89.84 -65.60
C ASN G 189 29.04 -89.81 -67.09
N ASP G 190 29.83 -89.10 -67.88
CA ASP G 190 29.66 -89.04 -69.34
C ASP G 190 30.75 -89.90 -69.96
N TYR G 191 30.47 -91.19 -70.10
CA TYR G 191 31.44 -92.11 -70.70
C TYR G 191 31.56 -91.93 -72.21
N LEU G 192 30.63 -91.22 -72.84
CA LEU G 192 30.52 -91.22 -74.30
C LEU G 192 31.84 -90.86 -74.97
N PHE G 193 32.51 -89.81 -74.49
CA PHE G 193 33.76 -89.36 -75.09
C PHE G 193 34.97 -89.66 -74.21
N TYR G 194 34.84 -90.62 -73.28
CA TYR G 194 35.96 -91.00 -72.45
C TYR G 194 37.09 -91.60 -73.26
N LEU G 195 36.75 -92.43 -74.26
CA LEU G 195 37.78 -93.03 -75.11
C LEU G 195 38.48 -91.96 -75.95
N ASP G 196 37.73 -90.96 -76.41
CA ASP G 196 38.36 -89.84 -77.11
C ASP G 196 39.29 -89.07 -76.18
N PHE G 197 38.90 -88.93 -74.91
CA PHE G 197 39.77 -88.27 -73.95
C PHE G 197 41.05 -89.07 -73.72
N LEU G 198 40.96 -90.39 -73.68
CA LEU G 198 42.14 -91.21 -73.40
C LEU G 198 43.14 -91.15 -74.55
N LYS G 199 42.68 -90.87 -75.77
CA LYS G 199 43.58 -90.73 -76.92
C LYS G 199 44.07 -89.28 -77.03
N LYS G 200 44.79 -88.86 -75.99
CA LYS G 200 45.25 -87.48 -75.87
C LYS G 200 46.71 -87.46 -75.47
N GLU G 201 47.38 -86.38 -75.84
CA GLU G 201 48.78 -86.20 -75.46
C GLU G 201 48.89 -86.08 -73.95
N ILE G 202 49.82 -86.84 -73.37
CA ILE G 202 50.04 -86.83 -71.92
C ILE G 202 51.01 -85.71 -71.59
N THR G 203 50.57 -84.76 -70.77
CA THR G 203 51.36 -83.60 -70.39
C THR G 203 51.71 -83.61 -68.91
N ASP G 204 50.71 -83.67 -68.02
CA ASP G 204 50.93 -83.71 -66.59
C ASP G 204 49.96 -84.65 -65.90
N ASP G 205 49.52 -85.68 -66.61
CA ASP G 205 48.51 -86.58 -66.07
C ASP G 205 49.12 -87.50 -65.02
N HIS G 206 48.62 -87.41 -63.79
CA HIS G 206 49.09 -88.24 -62.68
C HIS G 206 50.60 -88.09 -62.48
N SER G 207 51.09 -86.87 -62.60
CA SER G 207 52.50 -86.60 -62.38
C SER G 207 52.67 -85.18 -61.89
N PHE G 208 53.71 -84.95 -61.08
CA PHE G 208 54.04 -83.64 -60.55
C PHE G 208 55.41 -83.23 -61.06
N PHE G 209 55.49 -82.03 -61.60
CA PHE G 209 56.74 -81.46 -62.07
C PHE G 209 57.03 -80.18 -61.30
N TRP G 210 58.22 -80.09 -60.73
CA TRP G 210 58.65 -78.92 -59.98
C TRP G 210 59.63 -78.12 -60.83
N LYS G 211 59.29 -76.86 -61.09
CA LYS G 211 60.15 -76.01 -61.89
C LYS G 211 61.45 -75.71 -61.16
N ALA G 212 62.48 -75.39 -61.94
CA ALA G 212 63.81 -75.23 -61.38
C ALA G 212 63.85 -74.10 -60.36
N ARG G 213 64.40 -74.41 -59.19
CA ARG G 213 64.62 -73.43 -58.13
C ARG G 213 66.08 -72.98 -58.06
N LYS G 214 66.88 -73.36 -59.05
CA LYS G 214 68.31 -73.07 -59.04
C LYS G 214 68.78 -72.96 -60.48
N VAL G 215 69.88 -72.25 -60.67
CA VAL G 215 70.48 -72.07 -61.99
C VAL G 215 71.56 -73.12 -62.15
N ILE G 216 71.35 -74.06 -63.07
CA ILE G 216 72.27 -75.18 -63.30
C ILE G 216 72.83 -75.04 -64.70
N LYS G 217 74.15 -74.87 -64.80
CA LYS G 217 74.82 -74.71 -66.09
C LYS G 217 75.43 -76.04 -66.53
N LEU G 218 74.55 -76.98 -66.85
CA LEU G 218 74.94 -78.30 -67.35
C LEU G 218 74.27 -78.52 -68.70
N PRO G 219 74.95 -78.20 -69.79
CA PRO G 219 74.33 -78.37 -71.12
C PRO G 219 74.09 -79.83 -71.50
N GLN G 220 74.78 -80.77 -70.84
CA GLN G 220 74.62 -82.17 -71.20
C GLN G 220 73.22 -82.70 -70.86
N TYR G 221 72.59 -82.15 -69.84
CA TYR G 221 71.29 -82.60 -69.37
C TYR G 221 70.24 -81.59 -69.80
N SER G 222 69.23 -82.07 -70.55
CA SER G 222 68.19 -81.18 -71.05
C SER G 222 67.21 -80.76 -69.96
N VAL G 223 66.80 -81.70 -69.11
CA VAL G 223 65.81 -81.45 -68.07
C VAL G 223 66.37 -81.91 -66.74
N PHE G 224 66.09 -81.14 -65.69
CA PHE G 224 66.59 -81.41 -64.36
C PHE G 224 65.44 -81.72 -63.41
N SER G 225 65.71 -82.56 -62.43
CA SER G 225 64.70 -83.02 -61.48
C SER G 225 64.82 -82.22 -60.19
N PHE G 226 63.76 -81.49 -59.84
CA PHE G 226 63.69 -80.74 -58.60
C PHE G 226 62.62 -81.31 -57.67
N VAL G 227 62.37 -82.62 -57.77
CA VAL G 227 61.43 -83.28 -56.86
C VAL G 227 61.97 -83.17 -55.44
N PRO G 228 61.13 -82.90 -54.44
CA PRO G 228 61.63 -82.82 -53.06
C PRO G 228 62.30 -84.12 -52.63
N LEU G 229 63.36 -83.98 -51.84
CA LEU G 229 64.19 -85.12 -51.48
C LEU G 229 63.43 -86.16 -50.66
N LYS G 230 62.31 -85.80 -50.06
CA LYS G 230 61.54 -86.71 -49.24
C LYS G 230 60.32 -87.27 -49.97
N LEU G 231 60.23 -87.07 -51.29
CA LEU G 231 59.14 -87.61 -52.09
C LEU G 231 59.65 -88.46 -53.25
N MET G 232 60.93 -88.80 -53.28
CA MET G 232 61.50 -89.48 -54.43
C MET G 232 61.13 -90.95 -54.47
N MET G 233 60.98 -91.61 -53.33
CA MET G 233 60.67 -93.03 -53.26
C MET G 233 59.23 -93.22 -52.81
N TRP G 234 58.41 -93.77 -53.70
CA TRP G 234 56.99 -93.99 -53.39
C TRP G 234 56.77 -95.21 -52.51
N LYS G 235 57.74 -96.11 -52.41
CA LYS G 235 57.57 -97.28 -51.56
C LYS G 235 57.42 -96.88 -50.10
N THR G 236 58.19 -95.89 -49.66
CA THR G 236 58.05 -95.40 -48.29
C THR G 236 56.81 -94.51 -48.13
N MET G 237 56.42 -93.79 -49.19
CA MET G 237 55.31 -92.86 -49.08
C MET G 237 53.96 -93.56 -49.10
N ILE G 238 53.83 -94.69 -49.79
CA ILE G 238 52.52 -95.26 -50.04
C ILE G 238 51.89 -95.79 -48.76
N ASN G 239 52.69 -96.37 -47.87
CA ASN G 239 52.18 -96.98 -46.66
C ASN G 239 52.22 -96.07 -45.44
N TYR G 240 52.67 -94.84 -45.60
CA TYR G 240 52.77 -93.92 -44.47
C TYR G 240 51.45 -93.18 -44.30
N PRO G 241 50.73 -93.35 -43.19
CA PRO G 241 49.42 -92.72 -43.00
C PRO G 241 49.50 -91.26 -42.52
N GLU G 242 50.24 -90.44 -43.24
CA GLU G 242 50.39 -89.04 -42.91
C GLU G 242 50.36 -88.21 -44.17
N SER G 243 50.03 -86.92 -44.00
CA SER G 243 50.03 -86.01 -45.12
C SER G 243 51.46 -85.74 -45.59
N PHE G 244 51.57 -85.18 -46.79
CA PHE G 244 52.87 -84.93 -47.41
C PHE G 244 53.55 -83.68 -46.87
N TRP G 245 53.11 -83.16 -45.72
CA TRP G 245 53.74 -81.99 -45.15
C TRP G 245 55.13 -82.27 -44.61
N TYR G 246 55.47 -83.54 -44.39
CA TYR G 246 56.83 -83.87 -43.94
C TYR G 246 57.87 -83.51 -44.99
N ALA G 247 57.47 -83.39 -46.25
CA ALA G 247 58.39 -82.98 -47.32
C ALA G 247 58.55 -81.47 -47.41
N ALA G 248 57.77 -80.71 -46.65
CA ALA G 248 57.81 -79.26 -46.70
C ALA G 248 58.22 -78.61 -45.39
N SER G 249 58.34 -79.38 -44.31
CA SER G 249 58.58 -78.83 -42.97
C SER G 249 60.07 -78.79 -42.70
N ARG G 250 60.67 -77.60 -42.81
CA ARG G 250 62.05 -77.35 -42.42
C ARG G 250 63.01 -78.29 -43.13
N VAL G 251 63.05 -78.17 -44.46
CA VAL G 251 63.88 -79.01 -45.30
C VAL G 251 65.00 -78.22 -45.97
N VAL G 252 65.12 -76.93 -45.65
CA VAL G 252 66.13 -76.07 -46.26
C VAL G 252 66.91 -75.37 -45.16
N GLN G 253 68.17 -75.06 -45.45
CA GLN G 253 69.01 -74.32 -44.51
C GLN G 253 68.92 -72.81 -44.70
N SER G 254 68.24 -72.36 -45.75
CA SER G 254 68.18 -70.94 -46.06
C SER G 254 67.32 -70.21 -45.05
N ARG G 255 67.96 -69.45 -44.16
CA ARG G 255 67.27 -68.61 -43.19
C ARG G 255 67.60 -67.16 -43.47
N ARG G 256 66.71 -66.27 -43.02
CA ARG G 256 66.88 -64.84 -43.25
C ARG G 256 66.43 -64.10 -41.98
N LYS G 257 67.40 -63.72 -41.15
CA LYS G 257 67.12 -63.07 -39.88
C LYS G 257 67.22 -61.55 -40.06
N LYS G 258 66.14 -60.97 -40.57
CA LYS G 258 66.04 -59.52 -40.75
C LYS G 258 64.67 -59.07 -40.28
N VAL G 259 64.64 -58.11 -39.35
CA VAL G 259 63.38 -57.69 -38.75
C VAL G 259 62.40 -57.21 -39.80
N PHE G 260 62.89 -56.62 -40.89
CA PHE G 260 62.01 -56.07 -41.90
C PHE G 260 61.57 -57.08 -42.94
N VAL G 261 62.14 -58.28 -42.98
CA VAL G 261 61.77 -59.28 -43.98
C VAL G 261 60.73 -60.26 -43.45
N THR G 262 60.14 -59.97 -42.30
CA THR G 262 59.16 -60.89 -41.72
C THR G 262 57.90 -60.86 -42.58
N LYS G 263 57.79 -61.84 -43.47
CA LYS G 263 56.55 -62.07 -44.20
C LYS G 263 55.67 -62.94 -43.30
N CYS G 264 54.77 -62.29 -42.56
CA CYS G 264 53.93 -62.98 -41.61
C CYS G 264 52.99 -63.95 -42.32
N SER G 265 52.23 -64.71 -41.54
CA SER G 265 51.27 -65.65 -42.12
C SER G 265 50.32 -64.93 -43.06
N ALA G 266 49.71 -63.85 -42.59
CA ALA G 266 48.82 -63.00 -43.37
C ALA G 266 48.57 -61.75 -42.55
N ARG G 267 48.49 -60.60 -43.23
CA ARG G 267 48.31 -59.34 -42.51
C ARG G 267 47.02 -59.30 -41.71
N THR G 268 46.06 -60.15 -42.04
CA THR G 268 44.76 -60.16 -41.38
C THR G 268 44.66 -61.16 -40.23
N LEU G 269 45.73 -61.88 -39.93
CA LEU G 269 45.69 -62.89 -38.86
C LEU G 269 46.15 -62.26 -37.55
N THR G 270 45.30 -61.37 -37.03
CA THR G 270 45.59 -60.60 -35.83
C THR G 270 44.35 -60.57 -34.94
N THR G 271 44.49 -59.93 -33.79
CA THR G 271 43.40 -59.75 -32.84
C THR G 271 43.29 -58.28 -32.48
N ALA G 272 42.11 -57.87 -32.01
CA ALA G 272 41.79 -56.48 -31.77
C ALA G 272 41.83 -56.11 -30.29
N GLY G 273 42.64 -56.80 -29.49
CA GLY G 273 42.73 -56.51 -28.08
C GLY G 273 41.60 -57.14 -27.29
N TRP G 274 41.70 -57.03 -25.97
CA TRP G 274 40.66 -57.61 -25.11
C TRP G 274 39.36 -56.81 -25.20
N THR G 275 39.43 -55.57 -25.67
CA THR G 275 38.23 -54.78 -25.98
C THR G 275 38.04 -54.87 -27.49
N PHE G 276 37.08 -55.69 -27.91
CA PHE G 276 36.87 -55.94 -29.33
C PHE G 276 36.40 -54.66 -30.00
N ILE G 277 37.28 -54.03 -30.76
CA ILE G 277 37.02 -52.74 -31.40
C ILE G 277 36.62 -52.98 -32.85
N THR G 278 35.54 -52.34 -33.27
CA THR G 278 34.99 -52.50 -34.62
C THR G 278 35.29 -51.28 -35.47
N PRO G 279 35.33 -51.42 -36.81
CA PRO G 279 35.07 -52.63 -37.60
C PRO G 279 36.27 -53.55 -37.69
N PHE G 280 37.28 -53.29 -36.87
CA PHE G 280 38.47 -54.13 -36.86
C PHE G 280 38.12 -55.56 -36.47
N SER G 281 37.30 -55.73 -35.43
CA SER G 281 36.95 -57.06 -34.95
C SER G 281 35.93 -57.76 -35.84
N SER G 282 34.99 -57.00 -36.41
CA SER G 282 33.82 -57.55 -37.07
C SER G 282 33.98 -57.66 -38.59
N ASN G 283 35.20 -57.80 -39.08
CA ASN G 283 35.43 -57.89 -40.52
C ASN G 283 36.56 -58.85 -40.79
N ILE G 284 36.30 -59.82 -41.68
CA ILE G 284 37.34 -60.75 -42.11
C ILE G 284 38.40 -60.05 -42.94
N LYS G 285 38.05 -58.92 -43.56
CA LYS G 285 39.00 -58.19 -44.39
C LYS G 285 40.17 -57.65 -43.56
N TYR G 286 39.93 -57.36 -42.28
CA TYR G 286 40.96 -56.80 -41.40
C TYR G 286 41.47 -57.77 -40.35
N THR G 287 40.59 -58.57 -39.75
CA THR G 287 40.99 -59.66 -38.86
C THR G 287 40.48 -60.96 -39.45
N GLY G 288 41.39 -61.81 -39.91
CA GLY G 288 41.01 -63.00 -40.63
C GLY G 288 40.39 -64.05 -39.73
N VAL G 289 39.84 -65.09 -40.38
CA VAL G 289 39.21 -66.18 -39.66
C VAL G 289 40.27 -66.95 -38.89
N GLY G 290 40.05 -67.13 -37.60
CA GLY G 290 41.08 -67.69 -36.74
C GLY G 290 41.00 -67.21 -35.31
N SER G 291 42.09 -66.62 -34.83
CA SER G 291 42.20 -66.24 -33.43
C SER G 291 41.06 -65.31 -33.00
N GLN G 292 40.65 -64.40 -33.88
CA GLN G 292 39.59 -63.46 -33.50
C GLN G 292 38.27 -64.19 -33.26
N ASP G 293 37.92 -65.14 -34.13
CA ASP G 293 36.72 -65.93 -33.92
C ASP G 293 36.84 -66.79 -32.67
N ILE G 294 38.03 -67.33 -32.42
CA ILE G 294 38.29 -68.06 -31.18
C ILE G 294 37.97 -67.19 -29.98
N LEU G 295 38.45 -65.95 -30.00
CA LEU G 295 38.21 -65.04 -28.89
C LEU G 295 36.72 -64.73 -28.72
N ILE G 296 36.03 -64.47 -29.82
CA ILE G 296 34.61 -64.11 -29.73
C ILE G 296 33.80 -65.26 -29.17
N LEU G 297 34.00 -66.47 -29.68
CA LEU G 297 33.23 -67.60 -29.19
C LEU G 297 33.66 -68.00 -27.79
N SER G 298 34.93 -67.81 -27.43
CA SER G 298 35.35 -68.07 -26.06
C SER G 298 34.75 -67.07 -25.09
N VAL G 299 34.53 -65.83 -25.53
CA VAL G 299 33.83 -64.86 -24.69
C VAL G 299 32.37 -65.25 -24.52
N VAL G 300 31.75 -65.78 -25.58
CA VAL G 300 30.39 -66.32 -25.44
C VAL G 300 30.36 -67.43 -24.40
N PHE G 301 31.33 -68.35 -24.47
CA PHE G 301 31.38 -69.45 -23.52
C PHE G 301 31.65 -68.94 -22.10
N ALA G 302 32.50 -67.93 -21.96
CA ALA G 302 32.76 -67.34 -20.65
C ALA G 302 31.50 -66.69 -20.09
N GLY G 303 30.70 -66.07 -20.96
CA GLY G 303 29.42 -65.54 -20.52
C GLY G 303 28.49 -66.62 -20.01
N ILE G 304 28.47 -67.77 -20.70
CA ILE G 304 27.64 -68.88 -20.23
C ILE G 304 28.13 -69.39 -18.87
N SER G 305 29.45 -69.51 -18.72
CA SER G 305 30.01 -69.98 -17.45
C SER G 305 29.69 -69.01 -16.32
N THR G 306 29.83 -67.70 -16.57
CA THR G 306 29.49 -66.70 -15.57
C THR G 306 28.01 -66.75 -15.24
N THR G 307 27.16 -67.01 -16.23
CA THR G 307 25.74 -67.18 -15.98
C THR G 307 25.49 -68.31 -15.00
N ILE G 308 26.10 -69.47 -15.25
CA ILE G 308 25.96 -70.61 -14.35
C ILE G 308 26.40 -70.22 -12.94
N SER G 309 27.57 -69.57 -12.85
CA SER G 309 28.13 -69.26 -11.53
C SER G 309 27.24 -68.30 -10.75
N PHE G 310 26.83 -67.19 -11.37
CA PHE G 310 26.05 -66.21 -10.62
C PHE G 310 24.67 -66.75 -10.29
N THR G 311 24.07 -67.53 -11.20
CA THR G 311 22.79 -68.16 -10.88
C THR G 311 22.91 -69.05 -9.66
N ASN G 312 23.91 -69.94 -9.68
CA ASN G 312 24.08 -70.87 -8.56
C ASN G 312 24.26 -70.12 -7.25
N LEU G 313 25.15 -69.13 -7.22
CA LEU G 313 25.47 -68.49 -5.95
C LEU G 313 24.34 -67.56 -5.47
N LEU G 314 23.72 -66.81 -6.38
CA LEU G 314 22.62 -65.95 -5.99
C LEU G 314 21.44 -66.75 -5.46
N ILE G 315 21.12 -67.88 -6.10
CA ILE G 315 20.02 -68.69 -5.60
C ILE G 315 20.42 -69.39 -4.31
N THR G 316 21.72 -69.70 -4.14
CA THR G 316 22.18 -70.26 -2.88
C THR G 316 21.93 -69.29 -1.73
N ARG G 317 22.21 -68.00 -1.94
CA ARG G 317 21.91 -67.02 -0.90
C ARG G 317 20.41 -66.85 -0.71
N ARG G 318 19.68 -66.67 -1.81
CA ARG G 318 18.27 -66.31 -1.74
C ARG G 318 17.39 -67.44 -1.22
N THR G 319 17.91 -68.66 -1.15
CA THR G 319 17.09 -69.81 -0.78
C THR G 319 17.61 -70.58 0.42
N LEU G 320 18.93 -70.80 0.51
CA LEU G 320 19.50 -71.67 1.53
C LEU G 320 20.19 -70.90 2.65
N ALA G 321 19.89 -69.62 2.80
CA ALA G 321 20.49 -68.84 3.87
C ALA G 321 19.97 -69.30 5.23
N MET G 322 20.82 -69.18 6.24
CA MET G 322 20.45 -69.57 7.58
C MET G 322 19.33 -68.67 8.10
N PRO G 323 18.53 -69.15 9.06
CA PRO G 323 17.31 -68.40 9.43
C PRO G 323 17.55 -66.97 9.89
N GLY G 324 18.72 -66.65 10.41
CA GLY G 324 18.95 -65.29 10.87
C GLY G 324 19.65 -64.39 9.89
N LEU G 325 20.22 -64.96 8.83
CA LEU G 325 21.01 -64.22 7.85
C LEU G 325 20.34 -64.25 6.48
N ARG G 326 19.01 -64.17 6.46
CA ARG G 326 18.31 -64.21 5.17
C ARG G 326 18.45 -62.89 4.43
N HIS G 327 18.30 -61.77 5.13
CA HIS G 327 18.27 -60.46 4.50
C HIS G 327 19.30 -59.48 5.02
N ARG G 328 19.95 -59.77 6.14
CA ARG G 328 20.89 -58.84 6.75
C ARG G 328 22.21 -58.91 5.99
N ARG G 329 22.46 -57.91 5.14
CA ARG G 329 23.73 -57.84 4.43
C ARG G 329 24.89 -57.61 5.41
N VAL G 330 24.67 -56.78 6.43
CA VAL G 330 25.75 -56.35 7.30
C VAL G 330 26.35 -57.52 8.08
N LEU G 331 25.52 -58.51 8.44
CA LEU G 331 25.99 -59.58 9.32
C LEU G 331 27.09 -60.42 8.65
N MET G 332 26.95 -60.68 7.36
CA MET G 332 27.89 -61.54 6.67
C MET G 332 29.28 -60.91 6.62
N PRO G 333 30.32 -61.73 6.46
CA PRO G 333 31.66 -61.18 6.24
C PRO G 333 31.70 -60.34 4.98
N PHE G 334 32.57 -59.33 4.98
CA PHE G 334 32.53 -58.33 3.92
C PHE G 334 32.83 -58.93 2.56
N VAL G 335 33.65 -59.98 2.51
CA VAL G 335 33.96 -60.59 1.22
C VAL G 335 32.70 -61.20 0.60
N THR G 336 31.80 -61.73 1.43
CA THR G 336 30.58 -62.34 0.90
C THR G 336 29.60 -61.26 0.43
N ILE G 337 29.50 -60.15 1.16
CA ILE G 337 28.68 -59.03 0.71
C ILE G 337 29.18 -58.54 -0.64
N SER G 338 30.50 -58.37 -0.75
CA SER G 338 31.09 -57.92 -2.01
C SER G 338 30.81 -58.90 -3.13
N ILE G 339 30.94 -60.21 -2.85
CA ILE G 339 30.73 -61.21 -3.88
C ILE G 339 29.29 -61.17 -4.37
N PHE G 340 28.32 -61.06 -3.45
CA PHE G 340 26.92 -61.02 -3.86
C PHE G 340 26.60 -59.77 -4.67
N LEU G 341 27.14 -58.61 -4.25
CA LEU G 341 26.93 -57.39 -5.03
C LEU G 341 27.50 -57.54 -6.44
N THR G 342 28.72 -58.08 -6.54
CA THR G 342 29.33 -58.25 -7.85
C THR G 342 28.59 -59.28 -8.70
N LEU G 343 27.99 -60.29 -8.07
CA LEU G 343 27.21 -61.26 -8.82
C LEU G 343 25.92 -60.63 -9.36
N ARG G 344 25.29 -59.76 -8.58
CA ARG G 344 24.15 -59.02 -9.12
C ARG G 344 24.58 -58.16 -10.31
N MET G 345 25.73 -57.49 -10.20
CA MET G 345 26.23 -56.69 -11.32
C MET G 345 26.50 -57.56 -12.55
N LEU G 346 27.09 -58.73 -12.35
CA LEU G 346 27.34 -59.64 -13.47
C LEU G 346 26.03 -60.09 -14.10
N ALA G 347 25.03 -60.39 -13.27
CA ALA G 347 23.73 -60.76 -13.81
C ALA G 347 23.16 -59.65 -14.67
N THR G 348 23.36 -58.40 -14.26
CA THR G 348 22.88 -57.28 -15.06
C THR G 348 23.63 -57.15 -16.37
N ILE G 349 24.96 -57.32 -16.34
CA ILE G 349 25.78 -56.93 -17.50
C ILE G 349 26.09 -58.05 -18.49
N THR G 350 25.96 -59.32 -18.09
CA THR G 350 26.35 -60.42 -18.97
C THR G 350 25.55 -60.47 -20.28
N PRO G 351 24.22 -60.33 -20.29
CA PRO G 351 23.51 -60.39 -21.58
C PRO G 351 23.97 -59.35 -22.58
N VAL G 352 24.38 -58.17 -22.14
CA VAL G 352 24.81 -57.13 -23.07
C VAL G 352 26.08 -57.56 -23.79
N LEU G 353 27.07 -58.06 -23.04
CA LEU G 353 28.29 -58.55 -23.67
C LEU G 353 28.00 -59.74 -24.58
N GLY G 354 27.14 -60.65 -24.14
CA GLY G 354 26.78 -61.78 -24.99
C GLY G 354 26.16 -61.35 -26.30
N ALA G 355 25.24 -60.39 -26.24
CA ALA G 355 24.63 -59.88 -27.46
C ALA G 355 25.67 -59.21 -28.35
N ALA G 356 26.58 -58.43 -27.76
CA ALA G 356 27.59 -57.74 -28.55
C ALA G 356 28.48 -58.73 -29.30
N VAL G 357 28.94 -59.78 -28.60
CA VAL G 357 29.84 -60.73 -29.25
C VAL G 357 29.09 -61.61 -30.25
N ILE G 358 27.82 -61.93 -29.98
CA ILE G 358 27.04 -62.68 -30.96
C ILE G 358 26.83 -61.84 -32.23
N MET G 359 26.57 -60.55 -32.06
CA MET G 359 26.46 -59.66 -33.22
C MET G 359 27.77 -59.59 -33.98
N MET G 360 28.90 -59.56 -33.26
CA MET G 360 30.20 -59.56 -33.93
C MET G 360 30.40 -60.83 -34.74
N ALA G 361 30.03 -61.98 -34.17
CA ALA G 361 30.17 -63.24 -34.90
C ALA G 361 29.30 -63.26 -36.15
N PHE G 362 28.04 -62.81 -36.03
CA PHE G 362 27.17 -62.74 -37.19
C PHE G 362 27.73 -61.80 -38.25
N ASP G 363 28.27 -60.66 -37.82
CA ASP G 363 28.85 -59.70 -38.78
C ASP G 363 30.06 -60.30 -39.48
N ARG G 364 30.88 -61.06 -38.75
CA ARG G 364 32.06 -61.66 -39.35
C ARG G 364 31.69 -62.73 -40.36
N HIS G 365 30.74 -63.61 -40.03
CA HIS G 365 30.52 -64.80 -40.82
C HIS G 365 29.25 -64.79 -41.66
N TRP G 366 28.33 -63.86 -41.44
CA TRP G 366 27.12 -63.76 -42.24
C TRP G 366 27.02 -62.45 -43.01
N GLN G 367 27.94 -61.52 -42.81
CA GLN G 367 27.88 -60.19 -43.42
C GLN G 367 26.55 -59.51 -43.12
N THR G 368 26.21 -59.45 -41.83
CA THR G 368 25.01 -58.74 -41.41
C THR G 368 25.22 -57.23 -41.31
N THR G 369 26.46 -56.77 -41.41
CA THR G 369 26.79 -55.34 -41.42
C THR G 369 26.20 -54.62 -40.21
N PHE G 370 26.33 -55.24 -39.03
CA PHE G 370 25.91 -54.59 -37.80
C PHE G 370 26.80 -53.40 -37.48
N PHE G 371 28.11 -53.53 -37.72
CA PHE G 371 29.08 -52.50 -37.39
C PHE G 371 29.77 -51.96 -38.64
N GLU G 372 29.07 -51.95 -39.77
CA GLU G 372 29.55 -51.35 -41.00
C GLU G 372 28.71 -50.12 -41.32
N TYR G 373 29.37 -48.97 -41.45
CA TYR G 373 28.66 -47.71 -41.61
C TYR G 373 28.01 -47.57 -42.98
N ALA G 374 28.43 -48.36 -43.97
CA ALA G 374 28.08 -48.07 -45.35
C ALA G 374 26.59 -48.13 -45.60
N TYR G 375 25.88 -49.06 -44.95
CA TYR G 375 24.46 -49.26 -45.24
C TYR G 375 23.61 -49.27 -43.97
N GLY G 376 24.02 -48.54 -42.94
CA GLY G 376 23.17 -48.39 -41.78
C GLY G 376 23.82 -48.62 -40.43
N GLY G 377 24.76 -49.56 -40.36
CA GLY G 377 25.38 -49.87 -39.08
C GLY G 377 26.25 -48.75 -38.57
N ASP G 378 26.69 -48.89 -37.32
CA ASP G 378 27.60 -47.93 -36.74
C ASP G 378 28.62 -48.63 -35.85
N PRO G 379 29.92 -48.45 -36.11
CA PRO G 379 30.93 -49.12 -35.27
C PRO G 379 30.94 -48.67 -33.82
N ILE G 380 30.41 -47.49 -33.52
CA ILE G 380 30.47 -46.98 -32.15
C ILE G 380 29.57 -47.79 -31.23
N LEU G 381 28.47 -48.35 -31.76
CA LEU G 381 27.57 -49.14 -30.93
C LEU G 381 28.29 -50.29 -30.26
N SER G 382 29.23 -50.91 -30.97
CA SER G 382 30.02 -51.99 -30.39
C SER G 382 30.79 -51.52 -29.16
N GLN G 383 31.42 -50.34 -29.26
CA GLN G 383 32.14 -49.81 -28.11
C GLN G 383 31.20 -49.51 -26.96
N HIS G 384 30.02 -48.95 -27.26
CA HIS G 384 29.05 -48.67 -26.22
C HIS G 384 28.65 -49.94 -25.48
N LEU G 385 28.26 -50.97 -26.21
CA LEU G 385 27.85 -52.23 -25.57
C LEU G 385 29.00 -52.84 -24.78
N PHE G 386 30.19 -52.91 -25.39
CA PHE G 386 31.30 -53.55 -24.71
C PHE G 386 31.67 -52.81 -23.44
N TRP G 387 31.70 -51.48 -23.46
CA TRP G 387 32.13 -50.75 -22.28
C TRP G 387 31.05 -50.69 -21.20
N PHE G 388 29.77 -50.69 -21.62
CA PHE G 388 28.69 -50.88 -20.67
C PHE G 388 28.84 -52.21 -19.93
N PHE G 389 29.34 -53.24 -20.62
CA PHE G 389 29.74 -54.44 -19.88
C PHE G 389 31.01 -54.21 -19.07
N GLY G 390 31.99 -53.55 -19.67
CA GLY G 390 33.37 -53.54 -19.22
C GLY G 390 33.68 -52.81 -17.94
N HIS G 391 33.15 -51.61 -17.75
CA HIS G 391 33.42 -50.93 -16.48
C HIS G 391 32.82 -51.70 -15.29
N PRO G 392 31.57 -52.15 -15.33
CA PRO G 392 31.09 -53.01 -14.24
C PRO G 392 31.95 -54.25 -14.06
N GLU G 393 32.60 -54.74 -15.12
CA GLU G 393 33.49 -55.88 -14.97
C GLU G 393 34.69 -55.54 -14.09
N VAL G 394 35.28 -54.36 -14.28
CA VAL G 394 36.40 -54.00 -13.42
C VAL G 394 35.90 -53.77 -11.99
N TYR G 395 34.69 -53.24 -11.82
CA TYR G 395 34.19 -53.06 -10.46
C TYR G 395 33.94 -54.40 -9.78
N VAL G 396 33.39 -55.38 -10.50
CA VAL G 396 33.19 -56.70 -9.90
C VAL G 396 34.53 -57.40 -9.68
N LEU G 397 35.57 -57.03 -10.41
CA LEU G 397 36.89 -57.58 -10.13
C LEU G 397 37.47 -56.98 -8.84
N ILE G 398 37.20 -55.71 -8.59
CA ILE G 398 37.90 -55.04 -7.49
C ILE G 398 37.16 -55.16 -6.15
N ILE G 399 35.83 -55.21 -6.14
CA ILE G 399 35.09 -55.11 -4.86
C ILE G 399 35.39 -56.26 -3.91
N PRO G 400 35.45 -57.52 -4.33
CA PRO G 400 35.76 -58.60 -3.36
C PRO G 400 37.09 -58.42 -2.64
N THR G 401 38.08 -57.76 -3.25
CA THR G 401 39.33 -57.48 -2.54
C THR G 401 39.11 -56.45 -1.43
N PHE G 402 38.25 -55.46 -1.69
CA PHE G 402 37.78 -54.59 -0.61
C PHE G 402 37.18 -55.43 0.50
N GLY G 403 36.43 -56.46 0.15
CA GLY G 403 35.95 -57.37 1.17
C GLY G 403 37.08 -58.04 1.92
N PHE G 404 38.14 -58.42 1.21
CA PHE G 404 39.25 -59.12 1.84
C PHE G 404 39.94 -58.26 2.89
N ILE G 405 40.18 -56.98 2.59
CA ILE G 405 40.89 -56.16 3.57
C ILE G 405 40.01 -55.90 4.80
N ASN G 406 38.70 -55.78 4.62
CA ASN G 406 37.81 -55.43 5.72
C ASN G 406 37.62 -56.55 6.74
N MET G 407 38.12 -57.74 6.47
CA MET G 407 38.03 -58.85 7.40
C MET G 407 39.31 -59.07 8.19
N ILE G 408 40.47 -58.88 7.55
CA ILE G 408 41.74 -59.15 8.20
C ILE G 408 42.03 -58.12 9.28
N VAL G 409 41.82 -56.83 8.98
CA VAL G 409 42.15 -55.79 9.95
C VAL G 409 41.33 -55.91 11.23
N PRO G 410 40.00 -56.05 11.19
CA PRO G 410 39.27 -56.30 12.44
C PRO G 410 39.70 -57.57 13.15
N HIS G 411 40.07 -58.61 12.40
CA HIS G 411 40.50 -59.85 13.03
C HIS G 411 41.78 -59.66 13.82
N ASN G 412 42.74 -58.92 13.27
CA ASN G 412 44.04 -58.74 13.91
C ASN G 412 44.08 -57.55 14.87
N ASN G 413 43.22 -56.55 14.67
CA ASN G 413 43.20 -55.39 15.55
C ASN G 413 42.30 -55.59 16.77
N THR G 414 41.55 -56.70 16.82
CA THR G 414 40.71 -57.04 17.97
C THR G 414 39.71 -55.94 18.29
N ARG G 415 39.17 -55.33 17.24
CA ARG G 415 38.15 -54.30 17.41
C ARG G 415 37.23 -54.30 16.20
N ARG G 416 36.05 -53.73 16.40
CA ARG G 416 35.09 -53.62 15.31
C ARG G 416 35.62 -52.72 14.21
N VAL G 417 35.18 -53.00 12.98
CA VAL G 417 35.52 -52.11 11.87
C VAL G 417 34.91 -50.73 12.14
N ALA G 418 35.50 -49.72 11.51
CA ALA G 418 35.15 -48.33 11.83
C ALA G 418 33.66 -48.09 11.65
N SER G 419 33.11 -48.43 10.49
CA SER G 419 31.68 -48.36 10.26
C SER G 419 31.34 -49.28 9.09
N LYS G 420 30.74 -50.43 9.39
CA LYS G 420 30.47 -51.40 8.33
C LYS G 420 29.34 -50.95 7.43
N HIS G 421 28.33 -50.28 7.99
CA HIS G 421 27.21 -49.80 7.18
C HIS G 421 27.67 -48.80 6.14
N HIS G 422 28.57 -47.89 6.52
CA HIS G 422 29.05 -46.89 5.57
C HIS G 422 29.91 -47.51 4.49
N MET G 423 30.71 -48.53 4.83
CA MET G 423 31.49 -49.21 3.80
C MET G 423 30.58 -49.96 2.83
N ILE G 424 29.54 -50.61 3.34
CA ILE G 424 28.58 -51.31 2.48
C ILE G 424 27.87 -50.32 1.58
N TRP G 425 27.45 -49.19 2.13
CA TRP G 425 26.81 -48.16 1.32
C TRP G 425 27.76 -47.62 0.26
N ALA G 426 29.05 -47.47 0.61
CA ALA G 426 30.03 -46.97 -0.35
C ALA G 426 30.19 -47.94 -1.52
N ILE G 427 30.31 -49.23 -1.22
CA ILE G 427 30.48 -50.20 -2.32
C ILE G 427 29.20 -50.29 -3.15
N TYR G 428 28.03 -50.19 -2.51
CA TYR G 428 26.78 -50.22 -3.26
C TYR G 428 26.64 -48.99 -4.14
N VAL G 429 27.06 -47.82 -3.66
CA VAL G 429 27.01 -46.60 -4.46
C VAL G 429 27.98 -46.70 -5.64
N MET G 430 29.17 -47.25 -5.39
CA MET G 430 30.10 -47.47 -6.50
C MET G 430 29.51 -48.42 -7.53
N ALA G 431 28.85 -49.48 -7.07
CA ALA G 431 28.22 -50.42 -8.01
C ALA G 431 27.12 -49.74 -8.82
N TYR G 432 26.29 -48.93 -8.17
CA TYR G 432 25.20 -48.27 -8.88
C TYR G 432 25.72 -47.22 -9.86
N MET G 433 26.78 -46.49 -9.48
CA MET G 433 27.34 -45.48 -10.35
C MET G 433 28.31 -46.04 -11.37
N GLY G 434 28.63 -47.33 -11.30
CA GLY G 434 29.45 -47.94 -12.34
C GLY G 434 28.73 -48.14 -13.66
N TYR G 435 27.41 -48.02 -13.66
CA TYR G 435 26.62 -48.17 -14.88
C TYR G 435 26.46 -46.89 -15.67
N LEU G 436 26.91 -45.76 -15.12
CA LEU G 436 26.75 -44.46 -15.78
C LEU G 436 28.08 -43.82 -16.09
N VAL G 437 29.17 -44.58 -16.07
CA VAL G 437 30.51 -44.05 -16.29
C VAL G 437 31.24 -44.76 -17.41
N TRP G 438 30.60 -45.70 -18.11
CA TRP G 438 31.31 -46.45 -19.15
C TRP G 438 31.85 -45.53 -20.23
N GLY G 439 31.17 -44.41 -20.47
CA GLY G 439 31.57 -43.50 -21.52
C GLY G 439 32.92 -42.83 -21.30
N HIS G 440 33.49 -42.92 -20.09
CA HIS G 440 34.84 -42.41 -19.93
C HIS G 440 35.86 -43.26 -20.67
N HIS G 441 35.47 -44.44 -21.16
CA HIS G 441 36.32 -45.22 -22.04
C HIS G 441 36.17 -44.81 -23.49
N MET G 442 35.29 -43.87 -23.79
CA MET G 442 34.97 -43.48 -25.17
C MET G 442 34.93 -41.96 -25.29
N TYR G 443 35.86 -41.27 -24.64
CA TYR G 443 35.86 -39.81 -24.68
C TYR G 443 36.16 -39.30 -26.09
N LEU G 444 37.12 -39.91 -26.77
CA LEU G 444 37.65 -39.36 -28.02
C LEU G 444 36.95 -39.90 -29.27
N VAL G 445 36.04 -40.87 -29.13
CA VAL G 445 35.40 -41.48 -30.29
C VAL G 445 34.43 -40.50 -30.93
N GLY G 446 34.18 -39.38 -30.26
CA GLY G 446 33.31 -38.36 -30.83
C GLY G 446 31.94 -38.31 -30.20
N LEU G 447 31.87 -38.57 -28.90
CA LEU G 447 30.60 -38.47 -28.19
C LEU G 447 30.16 -37.01 -28.09
N ASP G 448 28.85 -36.82 -28.00
CA ASP G 448 28.31 -35.48 -27.81
C ASP G 448 28.78 -34.93 -26.46
N HIS G 449 28.99 -33.60 -26.43
CA HIS G 449 29.63 -32.99 -25.27
C HIS G 449 28.77 -33.13 -24.01
N ARG G 450 27.45 -33.19 -24.17
CA ARG G 450 26.60 -33.47 -23.00
C ARG G 450 26.93 -34.83 -22.39
N SER G 451 27.09 -35.84 -23.25
CA SER G 451 27.44 -37.16 -22.76
C SER G 451 28.80 -37.15 -22.07
N ARG G 452 29.78 -36.45 -22.65
CA ARG G 452 31.09 -36.39 -22.03
C ARG G 452 31.04 -35.71 -20.68
N THR G 453 30.29 -34.61 -20.57
CA THR G 453 30.17 -33.93 -19.28
C THR G 453 29.51 -34.83 -18.25
N MET G 454 28.44 -35.54 -18.64
CA MET G 454 27.78 -36.45 -17.72
C MET G 454 28.74 -37.54 -17.24
N TYR G 455 29.41 -38.20 -18.19
CA TYR G 455 30.32 -39.30 -17.84
C TYR G 455 31.45 -38.79 -16.96
N SER G 456 32.02 -37.64 -17.29
CA SER G 456 33.13 -37.11 -16.50
C SER G 456 32.69 -36.74 -15.09
N THR G 457 31.54 -36.09 -14.95
CA THR G 457 31.07 -35.71 -13.62
C THR G 457 30.81 -36.94 -12.76
N ILE G 458 30.11 -37.93 -13.32
CA ILE G 458 29.79 -39.11 -12.53
C ILE G 458 31.07 -39.91 -12.22
N THR G 459 32.02 -39.94 -13.15
CA THR G 459 33.27 -40.65 -12.91
C THR G 459 34.10 -39.98 -11.82
N ILE G 460 34.15 -38.65 -11.82
CA ILE G 460 34.89 -37.94 -10.79
C ILE G 460 34.21 -38.11 -9.44
N MET G 461 32.87 -38.16 -9.43
CA MET G 461 32.17 -38.36 -8.17
C MET G 461 32.37 -39.74 -7.58
N ILE G 462 32.98 -40.67 -8.32
CA ILE G 462 33.34 -41.98 -7.76
C ILE G 462 34.36 -41.83 -6.63
N SER G 463 35.13 -40.75 -6.62
CA SER G 463 36.17 -40.57 -5.61
C SER G 463 35.61 -40.44 -4.21
N MET G 464 34.35 -40.06 -4.07
CA MET G 464 33.78 -39.86 -2.74
C MET G 464 33.41 -41.18 -2.08
N PRO G 465 32.71 -42.11 -2.76
CA PRO G 465 32.53 -43.44 -2.17
C PRO G 465 33.83 -44.17 -1.92
N ALA G 466 34.84 -43.97 -2.75
CA ALA G 466 36.11 -44.66 -2.57
C ALA G 466 36.92 -44.08 -1.41
N THR G 467 36.77 -42.79 -1.14
CA THR G 467 37.45 -42.20 0.00
C THR G 467 36.85 -42.67 1.32
N ILE G 468 35.56 -42.95 1.34
CA ILE G 468 34.92 -43.51 2.53
C ILE G 468 35.60 -44.81 2.93
N LYS G 469 35.93 -45.65 1.94
CA LYS G 469 36.59 -46.92 2.22
C LYS G 469 37.96 -46.69 2.86
N VAL G 470 38.74 -45.76 2.31
CA VAL G 470 40.08 -45.51 2.83
C VAL G 470 40.01 -44.95 4.24
N VAL G 471 39.10 -44.01 4.48
CA VAL G 471 38.95 -43.43 5.82
C VAL G 471 38.52 -44.51 6.80
N ASN G 472 37.60 -45.39 6.39
CA ASN G 472 37.16 -46.46 7.28
C ASN G 472 38.29 -47.44 7.59
N TRP G 473 39.12 -47.76 6.61
CA TRP G 473 40.27 -48.63 6.89
C TRP G 473 41.23 -47.98 7.86
N THR G 474 41.53 -46.69 7.65
CA THR G 474 42.44 -45.98 8.54
C THR G 474 41.89 -45.91 9.96
N LEU G 475 40.59 -45.65 10.10
CA LEU G 475 39.99 -45.57 11.43
C LEU G 475 39.85 -46.94 12.07
N SER G 476 39.74 -47.99 11.27
CA SER G 476 39.74 -49.34 11.80
C SER G 476 41.13 -49.81 12.18
N LEU G 477 42.16 -49.10 11.76
CA LEU G 477 43.54 -49.45 12.11
C LEU G 477 44.02 -48.80 13.40
N VAL G 478 43.17 -48.09 14.14
CA VAL G 478 43.62 -47.33 15.30
C VAL G 478 42.84 -47.74 16.54
N ASN G 479 43.47 -47.55 17.70
CA ASN G 479 42.86 -47.78 19.00
C ASN G 479 42.36 -49.22 19.16
N GLY G 480 43.30 -50.16 19.13
CA GLY G 480 42.95 -51.55 19.26
C GLY G 480 44.16 -52.38 19.66
N ALA G 481 43.92 -53.67 19.83
CA ALA G 481 44.96 -54.63 20.20
C ALA G 481 45.48 -55.27 18.91
N LEU G 482 46.66 -54.85 18.46
CA LEU G 482 47.17 -55.22 17.15
C LEU G 482 48.01 -56.48 17.25
N LYS G 483 47.77 -57.41 16.33
CA LYS G 483 48.55 -58.64 16.19
C LYS G 483 49.09 -58.69 14.77
N ILE G 484 50.41 -58.59 14.61
CA ILE G 484 51.02 -58.48 13.30
C ILE G 484 51.05 -59.86 12.64
N ASP G 485 50.47 -59.96 11.46
CA ASP G 485 50.37 -61.21 10.72
C ASP G 485 50.74 -60.96 9.25
N LEU G 486 51.09 -62.05 8.57
CA LEU G 486 51.31 -61.98 7.13
C LEU G 486 50.09 -61.50 6.36
N PRO G 487 48.86 -61.97 6.65
CA PRO G 487 47.70 -61.34 6.01
C PRO G 487 47.59 -59.85 6.29
N PHE G 488 47.97 -59.42 7.50
CA PHE G 488 47.92 -58.00 7.82
C PHE G 488 48.91 -57.21 6.97
N LEU G 489 50.13 -57.73 6.79
CA LEU G 489 51.12 -57.05 5.96
C LEU G 489 50.67 -57.01 4.51
N PHE G 490 50.08 -58.10 4.02
CA PHE G 490 49.52 -58.09 2.68
C PHE G 490 48.40 -57.05 2.54
N SER G 491 47.59 -56.90 3.58
CA SER G 491 46.54 -55.88 3.56
C SER G 491 47.14 -54.47 3.49
N MET G 492 48.22 -54.23 4.21
CA MET G 492 48.88 -52.93 4.13
C MET G 492 49.42 -52.66 2.73
N SER G 493 50.04 -53.68 2.11
CA SER G 493 50.50 -53.53 0.74
C SER G 493 49.35 -53.23 -0.20
N PHE G 494 48.23 -53.94 -0.02
CA PHE G 494 47.03 -53.65 -0.81
C PHE G 494 46.58 -52.22 -0.61
N LEU G 495 46.63 -51.73 0.62
CA LEU G 495 46.19 -50.37 0.91
C LEU G 495 47.01 -49.36 0.13
N LEU G 496 48.33 -49.50 0.16
CA LEU G 496 49.20 -48.57 -0.58
C LEU G 496 48.93 -48.64 -2.07
N LEU G 497 48.88 -49.85 -2.62
CA LEU G 497 48.67 -50.00 -4.06
C LEU G 497 47.32 -49.43 -4.49
N PHE G 498 46.27 -49.67 -3.69
CA PHE G 498 44.95 -49.14 -4.02
C PHE G 498 44.93 -47.62 -3.94
N LEU G 499 45.60 -47.03 -2.96
CA LEU G 499 45.67 -45.58 -2.89
C LEU G 499 46.26 -45.00 -4.17
N VAL G 500 47.42 -45.53 -4.57
CA VAL G 500 48.08 -44.99 -5.77
C VAL G 500 47.21 -45.20 -7.00
N ALA G 501 46.66 -46.40 -7.16
CA ALA G 501 45.86 -46.70 -8.35
C ALA G 501 44.61 -45.82 -8.42
N GLY G 502 43.93 -45.65 -7.28
CA GLY G 502 42.72 -44.85 -7.29
C GLY G 502 42.99 -43.39 -7.57
N PHE G 503 44.05 -42.83 -7.00
CA PHE G 503 44.40 -41.45 -7.30
C PHE G 503 44.71 -41.27 -8.79
N THR G 504 45.51 -42.18 -9.35
CA THR G 504 45.87 -42.07 -10.76
C THR G 504 44.64 -42.22 -11.65
N GLY G 505 43.75 -43.13 -11.31
CA GLY G 505 42.52 -43.29 -12.08
C GLY G 505 41.61 -42.08 -11.98
N MET G 506 41.58 -41.44 -10.82
CA MET G 506 40.81 -40.21 -10.68
C MET G 506 41.37 -39.12 -11.58
N TRP G 507 42.70 -39.05 -11.69
CA TRP G 507 43.31 -38.08 -12.61
C TRP G 507 42.85 -38.31 -14.05
N LEU G 508 42.61 -39.56 -14.44
CA LEU G 508 42.27 -39.86 -15.82
C LEU G 508 40.90 -39.33 -16.24
N SER G 509 40.04 -39.00 -15.29
CA SER G 509 38.74 -38.44 -15.63
C SER G 509 38.81 -36.94 -15.92
N HIS G 510 39.90 -36.28 -15.55
CA HIS G 510 40.19 -34.93 -16.01
C HIS G 510 40.30 -34.97 -17.53
N VAL G 511 39.32 -34.39 -18.23
CA VAL G 511 39.16 -34.67 -19.66
C VAL G 511 40.37 -34.18 -20.46
N SER G 512 40.86 -32.99 -20.13
CA SER G 512 42.00 -32.44 -20.88
C SER G 512 43.23 -33.31 -20.73
N LEU G 513 43.49 -33.83 -19.52
CA LEU G 513 44.57 -34.79 -19.33
C LEU G 513 44.27 -36.10 -20.04
N ASN G 514 43.00 -36.52 -20.04
CA ASN G 514 42.63 -37.79 -20.65
C ASN G 514 42.87 -37.79 -22.15
N VAL G 515 42.72 -36.62 -22.79
CA VAL G 515 42.98 -36.54 -24.23
C VAL G 515 44.43 -36.92 -24.52
N SER G 516 45.36 -36.42 -23.72
CA SER G 516 46.76 -36.80 -23.89
C SER G 516 47.06 -38.18 -23.31
N MET G 517 46.29 -38.63 -22.32
CA MET G 517 46.58 -39.88 -21.63
C MET G 517 45.68 -41.03 -22.06
N HIS G 518 44.83 -40.85 -23.05
CA HIS G 518 44.01 -41.95 -23.54
C HIS G 518 44.86 -42.90 -24.38
N ASP G 519 44.59 -44.19 -24.25
CA ASP G 519 45.27 -45.22 -25.04
C ASP G 519 46.78 -45.06 -24.99
N THR G 520 47.31 -44.80 -23.79
CA THR G 520 48.74 -44.69 -23.57
C THR G 520 49.11 -45.56 -22.38
N PHE G 521 50.40 -45.62 -22.07
CA PHE G 521 50.85 -46.47 -20.98
C PHE G 521 50.53 -45.88 -19.61
N TYR G 522 50.03 -44.66 -19.53
CA TYR G 522 49.51 -44.16 -18.26
C TYR G 522 48.29 -44.95 -17.82
N VAL G 523 47.39 -45.25 -18.76
CA VAL G 523 46.24 -46.10 -18.45
C VAL G 523 46.69 -47.49 -18.07
N VAL G 524 47.68 -48.02 -18.79
CA VAL G 524 48.20 -49.35 -18.47
C VAL G 524 48.76 -49.37 -17.05
N ALA G 525 49.51 -48.35 -16.68
CA ALA G 525 50.04 -48.27 -15.33
C ALA G 525 48.93 -48.16 -14.30
N HIS G 526 47.94 -47.30 -14.56
CA HIS G 526 46.81 -47.14 -13.65
C HIS G 526 46.14 -48.49 -13.37
N PHE G 527 45.64 -49.13 -14.42
CA PHE G 527 44.86 -50.32 -14.20
C PHE G 527 45.72 -51.52 -13.86
N HIS G 528 47.01 -51.52 -14.17
CA HIS G 528 47.84 -52.61 -13.72
C HIS G 528 48.17 -52.48 -12.24
N ILE G 529 48.55 -51.29 -11.78
CA ILE G 529 48.65 -51.08 -10.34
C ILE G 529 47.39 -51.59 -9.67
N MET G 530 46.23 -51.06 -10.09
CA MET G 530 44.98 -51.46 -9.45
C MET G 530 44.77 -52.98 -9.51
N LEU G 531 44.52 -53.52 -10.71
CA LEU G 531 44.22 -54.94 -10.84
C LEU G 531 45.33 -55.80 -10.26
N SER G 532 46.50 -55.81 -10.89
CA SER G 532 47.57 -56.69 -10.46
C SER G 532 47.90 -56.45 -8.99
N GLY G 533 48.44 -55.28 -8.65
CA GLY G 533 48.87 -55.05 -7.29
C GLY G 533 47.75 -55.23 -6.29
N ALA G 534 46.72 -54.38 -6.32
CA ALA G 534 45.72 -54.40 -5.26
C ALA G 534 44.94 -55.72 -5.26
N ALA G 535 44.40 -56.13 -6.41
CA ALA G 535 43.55 -57.31 -6.44
C ALA G 535 44.33 -58.56 -6.05
N MET G 536 45.53 -58.74 -6.61
CA MET G 536 46.28 -59.95 -6.29
C MET G 536 46.85 -59.91 -4.88
N THR G 537 47.16 -58.72 -4.36
CA THR G 537 47.60 -58.64 -2.98
C THR G 537 46.46 -58.96 -2.02
N GLY G 538 45.24 -58.52 -2.33
CA GLY G 538 44.09 -58.91 -1.54
C GLY G 538 43.79 -60.40 -1.65
N ILE G 539 43.96 -60.96 -2.84
CA ILE G 539 43.76 -62.40 -3.01
C ILE G 539 44.78 -63.18 -2.19
N PHE G 540 46.04 -62.74 -2.19
CA PHE G 540 47.05 -63.39 -1.35
C PHE G 540 46.76 -63.18 0.12
N SER G 541 46.22 -62.03 0.50
CA SER G 541 45.81 -61.81 1.88
C SER G 541 44.74 -62.81 2.28
N GLY G 542 43.78 -63.07 1.40
CA GLY G 542 42.78 -64.09 1.68
C GLY G 542 43.36 -65.49 1.71
N ILE G 543 44.34 -65.77 0.86
CA ILE G 543 44.96 -67.09 0.83
C ILE G 543 45.68 -67.37 2.15
N TYR G 544 46.44 -66.38 2.64
CA TYR G 544 47.12 -66.56 3.92
C TYR G 544 46.15 -66.51 5.10
N TYR G 545 45.07 -65.73 4.96
CA TYR G 545 44.08 -65.63 6.03
C TYR G 545 43.28 -66.92 6.15
N TYR G 546 43.08 -67.64 5.05
CA TYR G 546 42.35 -68.90 5.04
C TYR G 546 43.26 -70.09 4.73
N PHE G 547 44.52 -70.04 5.13
CA PHE G 547 45.43 -71.10 4.75
C PHE G 547 45.10 -72.41 5.47
N ASN G 548 44.75 -72.33 6.76
CA ASN G 548 44.36 -73.54 7.47
C ASN G 548 43.01 -74.07 6.97
N ALA G 549 42.09 -73.17 6.63
CA ALA G 549 40.81 -73.61 6.11
C ALA G 549 40.94 -74.24 4.73
N LEU G 550 41.91 -73.79 3.94
CA LEU G 550 42.09 -74.28 2.58
C LEU G 550 42.98 -75.51 2.51
N PHE G 551 44.03 -75.56 3.32
CA PHE G 551 45.03 -76.62 3.21
C PHE G 551 45.12 -77.52 4.43
N GLY G 552 44.56 -77.14 5.57
CA GLY G 552 44.59 -77.98 6.75
C GLY G 552 45.85 -77.89 7.57
N VAL G 553 46.82 -77.07 7.16
CA VAL G 553 48.06 -76.86 7.89
C VAL G 553 48.31 -75.37 7.97
N LYS G 554 49.22 -74.97 8.85
CA LYS G 554 49.60 -73.58 8.95
C LYS G 554 50.77 -73.28 8.01
N TYR G 555 50.79 -72.06 7.49
CA TYR G 555 51.77 -71.69 6.48
C TYR G 555 53.11 -71.39 7.13
N SER G 556 54.16 -71.43 6.30
CA SER G 556 55.51 -71.10 6.73
C SER G 556 55.78 -69.62 6.56
N ARG G 557 56.39 -69.02 7.58
CA ARG G 557 56.57 -67.57 7.59
C ARG G 557 57.69 -67.10 6.68
N MET G 558 58.74 -67.90 6.49
CA MET G 558 59.92 -67.42 5.79
C MET G 558 59.63 -67.15 4.32
N PHE G 559 59.19 -68.18 3.59
CA PHE G 559 58.85 -67.99 2.19
C PHE G 559 57.63 -67.12 2.01
N GLY G 560 56.74 -67.04 3.01
CA GLY G 560 55.65 -66.09 2.92
C GLY G 560 56.11 -64.65 2.97
N TYR G 561 57.04 -64.33 3.87
CA TYR G 561 57.62 -62.99 3.91
C TYR G 561 58.37 -62.69 2.62
N MET G 562 59.11 -63.68 2.11
CA MET G 562 59.80 -63.47 0.83
C MET G 562 58.81 -63.20 -0.29
N HIS G 563 57.71 -63.95 -0.34
CA HIS G 563 56.68 -63.71 -1.34
C HIS G 563 56.12 -62.31 -1.23
N LEU G 564 55.80 -61.88 0.00
CA LEU G 564 55.27 -60.53 0.19
C LEU G 564 56.23 -59.48 -0.32
N ILE G 565 57.48 -59.54 0.15
CA ILE G 565 58.47 -58.52 -0.21
C ILE G 565 58.66 -58.47 -1.72
N TYR G 566 58.90 -59.63 -2.34
CA TYR G 566 59.23 -59.64 -3.75
C TYR G 566 58.04 -59.27 -4.62
N TYR G 567 56.84 -59.75 -4.28
CA TYR G 567 55.68 -59.40 -5.08
C TYR G 567 55.38 -57.91 -5.01
N SER G 568 55.42 -57.32 -3.80
CA SER G 568 55.13 -55.90 -3.68
C SER G 568 56.18 -55.05 -4.39
N GLY G 569 57.46 -55.38 -4.17
CA GLY G 569 58.51 -54.65 -4.86
C GLY G 569 58.41 -54.76 -6.36
N GLY G 570 58.10 -55.96 -6.86
CA GLY G 570 57.93 -56.14 -8.28
C GLY G 570 56.79 -55.33 -8.85
N GLN G 571 55.67 -55.28 -8.13
CA GLN G 571 54.53 -54.47 -8.59
C GLN G 571 54.93 -53.00 -8.72
N TRP G 572 55.57 -52.46 -7.68
CA TRP G 572 55.96 -51.04 -7.73
C TRP G 572 56.96 -50.79 -8.86
N VAL G 573 58.03 -51.60 -8.90
CA VAL G 573 59.10 -51.37 -9.87
C VAL G 573 58.61 -51.60 -11.29
N ALA G 574 57.60 -52.44 -11.48
CA ALA G 574 57.12 -52.72 -12.82
C ALA G 574 56.07 -51.73 -13.30
N PHE G 575 55.35 -51.07 -12.40
CA PHE G 575 54.26 -50.22 -12.84
C PHE G 575 54.43 -48.73 -12.56
N VAL G 576 55.50 -48.30 -11.89
CA VAL G 576 55.77 -46.87 -11.80
C VAL G 576 56.44 -46.35 -13.08
N PRO G 577 57.46 -47.05 -13.62
CA PRO G 577 58.02 -46.61 -14.91
C PRO G 577 56.99 -46.58 -16.02
N LEU G 578 55.92 -47.38 -15.92
CA LEU G 578 54.86 -47.27 -16.91
C LEU G 578 54.13 -45.95 -16.80
N PHE G 579 53.97 -45.42 -15.58
CA PHE G 579 53.45 -44.07 -15.44
C PHE G 579 54.40 -43.06 -16.09
N TYR G 580 55.70 -43.24 -15.86
CA TYR G 580 56.67 -42.34 -16.48
C TYR G 580 56.57 -42.37 -18.00
N LEU G 581 56.41 -43.56 -18.58
CA LEU G 581 56.30 -43.68 -20.03
C LEU G 581 54.98 -43.13 -20.55
N GLY G 582 53.91 -43.28 -19.76
CA GLY G 582 52.63 -42.72 -20.15
C GLY G 582 52.64 -41.21 -20.18
N PHE G 583 53.38 -40.59 -19.25
CA PHE G 583 53.52 -39.13 -19.31
C PHE G 583 54.31 -38.66 -20.52
N SER G 584 55.17 -39.50 -21.08
CA SER G 584 56.01 -39.12 -22.20
C SER G 584 55.38 -39.43 -23.56
N GLY G 585 54.16 -39.95 -23.59
CA GLY G 585 53.50 -40.23 -24.84
C GLY G 585 53.83 -41.58 -25.44
N MET G 586 53.60 -42.64 -24.69
CA MET G 586 53.85 -43.99 -25.16
C MET G 586 52.54 -44.71 -25.40
N PRO G 587 52.16 -44.98 -26.65
CA PRO G 587 50.91 -45.70 -26.91
C PRO G 587 50.96 -47.12 -26.37
N ARG G 588 49.79 -47.75 -26.33
CA ARG G 588 49.64 -48.99 -25.57
C ARG G 588 50.18 -50.20 -26.33
N ARG G 589 49.59 -50.53 -27.48
CA ARG G 589 49.73 -51.85 -28.09
C ARG G 589 50.78 -51.86 -29.19
N ILE G 590 51.87 -51.12 -29.03
CA ILE G 590 52.96 -51.10 -29.99
C ILE G 590 54.10 -51.96 -29.45
N HIS G 591 54.58 -52.88 -30.28
CA HIS G 591 55.71 -53.72 -29.89
C HIS G 591 57.05 -53.07 -30.20
N ASP G 592 57.05 -51.99 -30.96
CA ASP G 592 58.25 -51.18 -31.20
C ASP G 592 57.92 -49.74 -30.84
N TYR G 593 58.86 -49.07 -30.19
CA TYR G 593 58.62 -47.75 -29.64
C TYR G 593 59.84 -46.87 -29.88
N PRO G 594 59.70 -45.55 -29.77
CA PRO G 594 60.85 -44.66 -29.93
C PRO G 594 61.97 -45.00 -28.95
N VAL G 595 63.19 -44.68 -29.37
CA VAL G 595 64.39 -45.09 -28.63
C VAL G 595 64.41 -44.51 -27.23
N VAL G 596 63.76 -43.36 -27.02
CA VAL G 596 63.87 -42.66 -25.73
C VAL G 596 63.03 -43.28 -24.62
N PHE G 597 62.35 -44.40 -24.89
CA PHE G 597 61.55 -45.06 -23.86
C PHE G 597 62.27 -46.25 -23.25
N MET G 598 63.21 -46.85 -23.98
CA MET G 598 63.77 -48.15 -23.61
C MET G 598 64.18 -48.21 -22.15
N GLY G 599 64.88 -47.17 -21.69
CA GLY G 599 65.31 -47.09 -20.31
C GLY G 599 64.23 -47.50 -19.36
N TRP G 600 63.14 -46.73 -19.29
CA TRP G 600 62.11 -47.05 -18.31
C TRP G 600 61.49 -48.41 -18.61
N HIS G 601 61.32 -48.73 -19.89
CA HIS G 601 60.77 -50.04 -20.23
C HIS G 601 61.62 -51.15 -19.64
N SER G 602 62.95 -51.03 -19.75
CA SER G 602 63.81 -52.04 -19.13
C SER G 602 63.52 -52.15 -17.64
N MET G 603 63.47 -51.00 -16.96
CA MET G 603 63.14 -51.02 -15.53
C MET G 603 61.81 -51.72 -15.30
N SER G 604 60.81 -51.37 -16.12
CA SER G 604 59.51 -52.02 -15.98
C SER G 604 59.66 -53.53 -16.10
N THR G 605 60.37 -53.99 -17.13
CA THR G 605 60.56 -55.43 -17.30
C THR G 605 61.28 -56.01 -16.09
N THR G 606 62.29 -55.29 -15.58
CA THR G 606 62.96 -55.75 -14.37
C THR G 606 61.96 -56.00 -13.27
N GLY G 607 61.07 -55.02 -13.04
CA GLY G 607 60.07 -55.19 -12.00
C GLY G 607 59.26 -56.45 -12.18
N HIS G 608 58.84 -56.72 -13.42
CA HIS G 608 58.06 -57.92 -13.68
C HIS G 608 58.80 -59.16 -13.21
N PHE G 609 60.09 -59.26 -13.54
CA PHE G 609 60.83 -60.43 -13.13
C PHE G 609 60.92 -60.51 -11.62
N ILE G 610 61.06 -59.37 -10.94
CA ILE G 610 60.99 -59.37 -9.48
C ILE G 610 59.68 -59.99 -9.03
N THR G 611 58.57 -59.54 -9.63
CA THR G 611 57.27 -60.13 -9.34
C THR G 611 57.32 -61.64 -9.53
N LEU G 612 57.92 -62.09 -10.63
CA LEU G 612 57.98 -63.53 -10.90
C LEU G 612 58.70 -64.24 -9.77
N VAL G 613 59.80 -63.67 -9.28
CA VAL G 613 60.51 -64.29 -8.16
C VAL G 613 59.57 -64.44 -6.98
N GLY G 614 58.80 -63.40 -6.68
CA GLY G 614 57.82 -63.50 -5.61
C GLY G 614 56.85 -64.64 -5.84
N ILE G 615 56.36 -64.77 -7.07
CA ILE G 615 55.46 -65.88 -7.39
C ILE G 615 56.12 -67.20 -7.05
N ILE G 616 57.41 -67.36 -7.40
CA ILE G 616 58.12 -68.58 -7.07
C ILE G 616 58.03 -68.84 -5.57
N PHE G 617 58.36 -67.82 -4.78
CA PHE G 617 58.34 -67.98 -3.34
C PHE G 617 56.96 -68.41 -2.86
N PHE G 618 55.91 -67.84 -3.44
CA PHE G 618 54.56 -68.27 -3.11
C PHE G 618 54.45 -69.78 -3.19
N PHE G 619 54.73 -70.34 -4.38
CA PHE G 619 54.61 -71.78 -4.52
C PHE G 619 55.54 -72.49 -3.56
N LEU G 620 56.75 -71.97 -3.37
CA LEU G 620 57.68 -72.59 -2.45
C LEU G 620 57.07 -72.70 -1.07
N MET G 621 56.42 -71.63 -0.59
CA MET G 621 55.87 -71.68 0.77
C MET G 621 54.82 -72.77 0.86
N MET G 622 54.02 -72.95 -0.19
CA MET G 622 53.04 -74.03 -0.17
C MET G 622 53.73 -75.38 -0.01
N PHE G 623 54.79 -75.60 -0.80
CA PHE G 623 55.60 -76.79 -0.59
C PHE G 623 56.16 -76.81 0.84
N ASP G 624 56.72 -75.68 1.26
CA ASP G 624 57.27 -75.59 2.61
C ASP G 624 56.18 -75.73 3.66
N SER G 625 54.91 -75.49 3.30
CA SER G 625 53.84 -75.65 4.27
C SER G 625 53.48 -77.10 4.51
N HIS G 626 53.87 -78.00 3.60
CA HIS G 626 53.52 -79.40 3.73
C HIS G 626 54.70 -80.27 4.13
N ILE G 627 55.93 -79.75 4.06
CA ILE G 627 57.01 -80.34 4.82
C ILE G 627 56.82 -80.07 6.31
N GLU G 628 56.33 -78.88 6.64
CA GLU G 628 56.19 -78.48 8.03
C GLU G 628 55.17 -79.34 8.77
N ARG G 629 53.96 -79.45 8.21
CA ARG G 629 52.88 -80.28 8.77
C ARG G 629 52.63 -79.95 10.25
N ARG G 630 52.20 -78.71 10.49
CA ARG G 630 51.82 -78.28 11.81
C ARG G 630 50.33 -77.97 11.84
N ALA G 631 49.72 -78.14 13.01
CA ALA G 631 48.33 -77.79 13.23
C ALA G 631 48.22 -76.31 13.59
N SER G 632 47.38 -75.59 12.87
CA SER G 632 47.27 -74.15 13.07
C SER G 632 46.57 -73.83 14.37
N THR G 633 47.03 -72.78 15.04
CA THR G 633 46.40 -72.26 16.25
C THR G 633 45.97 -70.82 15.98
N SER G 634 44.70 -70.52 16.24
CA SER G 634 44.19 -69.18 16.02
C SER G 634 44.83 -68.20 16.99
N THR G 635 45.19 -67.02 16.49
CA THR G 635 45.82 -66.01 17.33
C THR G 635 44.85 -65.39 18.33
N THR G 636 43.55 -65.56 18.12
CA THR G 636 42.54 -65.00 19.02
C THR G 636 42.32 -65.84 20.27
N LEU G 637 42.81 -67.09 20.29
CA LEU G 637 42.64 -68.00 21.41
C LEU G 637 41.17 -68.26 21.74
N GLY G 638 40.28 -68.05 20.78
CA GLY G 638 38.86 -68.21 21.02
C GLY G 638 38.15 -66.98 21.53
N LEU G 639 38.85 -65.85 21.63
CA LEU G 639 38.25 -64.59 22.11
C LEU G 639 38.50 -63.53 21.05
N PRO G 640 37.72 -63.53 19.98
CA PRO G 640 37.95 -62.55 18.89
C PRO G 640 37.77 -61.10 19.33
N ARG G 641 36.85 -60.84 20.25
CA ARG G 641 36.52 -59.48 20.64
C ARG G 641 36.63 -59.32 22.15
N TRP G 642 37.25 -58.23 22.57
CA TRP G 642 37.31 -57.87 23.99
C TRP G 642 36.21 -56.87 24.34
N TYR G 643 34.96 -57.30 24.15
CA TYR G 643 33.83 -56.43 24.43
C TYR G 643 33.76 -56.07 25.91
N LYS G 644 34.23 -56.96 26.78
CA LYS G 644 34.28 -56.72 28.21
C LYS G 644 35.71 -56.92 28.68
N ARG G 645 36.02 -56.40 29.87
CA ARG G 645 37.37 -56.57 30.40
C ARG G 645 37.61 -57.97 30.93
N ILE G 646 36.55 -58.73 31.22
CA ILE G 646 36.73 -60.12 31.61
C ILE G 646 37.27 -60.94 30.44
N SER G 647 36.83 -60.62 29.22
CA SER G 647 37.40 -61.25 28.03
C SER G 647 38.87 -60.93 27.90
N TYR G 648 39.25 -59.68 28.18
CA TYR G 648 40.65 -59.30 28.16
C TYR G 648 41.45 -60.08 29.19
N TYR G 649 40.89 -60.26 30.40
CA TYR G 649 41.59 -61.03 31.42
C TYR G 649 41.77 -62.48 31.01
N ILE G 650 40.72 -63.10 30.47
CA ILE G 650 40.81 -64.49 30.04
C ILE G 650 41.85 -64.65 28.94
N PHE G 651 41.81 -63.75 27.96
CA PHE G 651 42.79 -63.80 26.89
C PHE G 651 44.21 -63.62 27.43
N LYS G 652 44.39 -62.68 28.35
CA LYS G 652 45.72 -62.42 28.88
C LYS G 652 46.26 -63.64 29.63
N ILE G 653 45.42 -64.27 30.45
CA ILE G 653 45.86 -65.44 31.21
C ILE G 653 46.22 -66.57 30.26
N ARG G 654 45.35 -66.87 29.30
CA ARG G 654 45.63 -67.96 28.38
C ARG G 654 46.84 -67.66 27.52
N TYR G 655 47.00 -66.40 27.11
CA TYR G 655 48.14 -66.00 26.29
C TYR G 655 49.45 -66.16 27.05
N LEU G 656 49.48 -65.77 28.32
CA LEU G 656 50.69 -65.94 29.11
C LEU G 656 51.01 -67.42 29.32
N GLN G 657 50.00 -68.24 29.59
CA GLN G 657 50.25 -69.68 29.71
C GLN G 657 50.77 -70.27 28.40
N HIS G 658 50.16 -69.86 27.28
CA HIS G 658 50.57 -70.36 25.97
C HIS G 658 52.01 -69.97 25.66
N THR G 659 52.38 -68.72 25.95
CA THR G 659 53.74 -68.27 25.69
C THR G 659 54.74 -68.97 26.61
N LYS G 660 54.37 -69.20 27.87
CA LYS G 660 55.24 -69.95 28.75
C LYS G 660 55.47 -71.36 28.24
N SER G 661 54.41 -72.01 27.75
CA SER G 661 54.57 -73.35 27.18
C SER G 661 55.44 -73.31 25.93
N LYS G 662 55.28 -72.29 25.10
CA LYS G 662 56.11 -72.16 23.91
C LYS G 662 57.57 -71.98 24.26
N MET G 663 57.85 -71.17 25.28
CA MET G 663 59.23 -70.90 25.70
C MET G 663 59.74 -71.97 26.65
N ASN G 664 59.61 -73.24 26.27
CA ASN G 664 60.14 -74.37 27.02
C ASN G 664 61.24 -75.02 26.19
N GLY G 665 62.35 -75.32 26.84
CA GLY G 665 63.54 -75.74 26.12
C GLY G 665 64.39 -74.61 25.62
N ILE G 666 63.97 -73.37 25.84
CA ILE G 666 64.73 -72.17 25.52
C ILE G 666 65.22 -71.58 26.85
N PRO G 667 66.53 -71.41 27.03
CA PRO G 667 67.04 -71.11 28.37
C PRO G 667 66.61 -69.73 28.86
N GLY G 668 66.65 -69.56 30.17
CA GLY G 668 66.26 -68.31 30.78
C GLY G 668 67.17 -67.17 30.39
N SER G 669 66.78 -65.97 30.82
CA SER G 669 67.52 -64.77 30.45
C SER G 669 68.95 -64.82 30.95
N THR G 670 69.17 -65.27 32.19
CA THR G 670 70.51 -65.24 32.76
C THR G 670 71.43 -66.21 32.04
N VAL G 671 70.98 -67.45 31.83
CA VAL G 671 71.81 -68.43 31.15
C VAL G 671 72.05 -68.02 29.71
N ARG G 672 71.02 -67.49 29.04
CA ARG G 672 71.20 -67.05 27.66
C ARG G 672 72.21 -65.93 27.56
N LEU G 673 72.15 -64.94 28.45
CA LEU G 673 73.12 -63.86 28.44
C LEU G 673 74.51 -64.37 28.78
N MET G 674 74.62 -65.34 29.69
CA MET G 674 75.92 -65.93 29.98
C MET G 674 76.51 -66.60 28.76
N LEU G 675 75.69 -67.34 28.01
CA LEU G 675 76.19 -68.01 26.82
C LEU G 675 76.58 -67.01 25.74
N ILE G 676 75.80 -65.94 25.59
CA ILE G 676 76.09 -64.95 24.55
C ILE G 676 77.36 -64.16 24.87
N ASN G 677 77.51 -63.73 26.12
CA ASN G 677 78.64 -62.88 26.46
C ASN G 677 79.95 -63.64 26.47
N ARG G 678 79.94 -64.90 26.91
CA ARG G 678 81.15 -65.71 27.00
C ARG G 678 81.39 -66.56 25.77
N HIS G 679 80.95 -66.10 24.59
CA HIS G 679 81.04 -66.89 23.38
C HIS G 679 82.48 -67.04 22.91
N PHE G 680 83.29 -66.01 23.07
CA PHE G 680 84.64 -66.00 22.50
C PHE G 680 85.59 -66.77 23.39
N VAL G 681 86.15 -67.86 22.86
CA VAL G 681 86.96 -68.78 23.63
C VAL G 681 88.31 -68.99 22.96
N GLU G 682 88.79 -67.99 22.23
CA GLU G 682 90.02 -68.09 21.44
C GLU G 682 91.02 -67.03 21.91
N TYR G 683 91.86 -67.39 22.86
CA TYR G 683 92.89 -66.51 23.37
C TYR G 683 94.25 -67.18 23.25
N GLU G 684 95.27 -66.40 22.87
CA GLU G 684 96.58 -66.97 22.61
C GLU G 684 97.33 -67.32 23.89
N VAL G 685 97.29 -66.44 24.89
CA VAL G 685 98.10 -66.58 26.09
C VAL G 685 97.18 -66.71 27.30
N TYR G 686 97.45 -67.70 28.14
CA TYR G 686 96.71 -67.92 29.37
C TYR G 686 97.67 -67.82 30.55
N GLU G 687 97.11 -67.63 31.74
CA GLU G 687 97.92 -67.53 32.95
C GLU G 687 98.36 -68.91 33.43
N MET H 1 64.49 -28.56 -37.62
CA MET H 1 65.28 -27.49 -38.20
C MET H 1 64.64 -26.92 -39.46
N TRP H 2 64.40 -25.62 -39.45
CA TRP H 2 63.90 -24.87 -40.60
C TRP H 2 64.82 -23.66 -40.75
N GLY H 3 65.93 -23.86 -41.46
CA GLY H 3 67.00 -22.87 -41.39
C GLY H 3 67.70 -22.96 -40.05
N ASN H 4 67.95 -21.79 -39.45
CA ASN H 4 68.43 -21.74 -38.07
C ASN H 4 67.29 -21.64 -37.07
N LEU H 5 66.04 -21.70 -37.53
CA LEU H 5 64.89 -21.76 -36.65
C LEU H 5 64.66 -23.23 -36.28
N TRP H 6 65.10 -23.61 -35.09
CA TRP H 6 64.91 -24.99 -34.62
C TRP H 6 63.46 -25.17 -34.24
N THR H 7 62.65 -25.60 -35.20
CA THR H 7 61.23 -25.83 -34.96
C THR H 7 60.98 -27.06 -34.09
N GLU H 8 62.00 -27.86 -33.80
CA GLU H 8 61.81 -29.04 -32.98
C GLU H 8 61.30 -28.64 -31.60
N ALA H 9 60.39 -29.44 -31.05
CA ALA H 9 59.67 -29.06 -29.85
C ALA H 9 59.88 -29.99 -28.66
N SER H 10 60.23 -31.25 -28.89
CA SER H 10 60.27 -32.20 -27.78
C SER H 10 61.57 -32.12 -27.00
N TYR H 11 62.70 -32.44 -27.66
CA TYR H 11 64.00 -32.54 -26.99
C TYR H 11 63.94 -33.47 -25.79
N GLN H 12 63.13 -34.51 -25.88
CA GLN H 12 62.87 -35.40 -24.76
C GLN H 12 64.00 -36.41 -24.65
N LEU H 13 64.68 -36.42 -23.50
CA LEU H 13 65.78 -37.33 -23.28
C LEU H 13 65.28 -38.72 -22.90
N ASN H 14 66.20 -39.67 -22.91
CA ASN H 14 65.91 -40.98 -22.35
C ASN H 14 65.83 -40.89 -20.83
N PHE H 15 65.09 -41.82 -20.23
CA PHE H 15 64.73 -41.74 -18.81
C PHE H 15 63.95 -40.46 -18.50
N ASN H 16 63.11 -40.05 -19.45
CA ASN H 16 62.27 -38.88 -19.25
C ASN H 16 61.24 -39.15 -18.17
N ILE H 17 60.99 -38.15 -17.33
CA ILE H 17 60.18 -38.35 -16.13
C ILE H 17 58.82 -37.67 -16.21
N GLY H 18 58.63 -36.68 -17.09
CA GLY H 18 57.40 -35.92 -17.16
C GLY H 18 56.87 -35.84 -18.57
N PHE H 19 56.27 -34.69 -18.88
CA PHE H 19 55.70 -34.47 -20.20
C PHE H 19 56.80 -34.41 -21.25
N SER H 20 56.43 -34.76 -22.49
CA SER H 20 57.39 -34.75 -23.58
C SER H 20 57.91 -33.33 -23.84
N SER H 21 57.02 -32.35 -23.83
CA SER H 21 57.41 -30.96 -24.05
C SER H 21 56.46 -30.06 -23.27
N LEU H 22 56.93 -28.85 -22.96
CA LEU H 22 56.11 -27.84 -22.31
C LEU H 22 56.02 -26.57 -23.16
N ARG H 23 56.05 -26.72 -24.48
CA ARG H 23 55.91 -25.59 -25.39
C ARG H 23 54.49 -25.35 -25.84
N SER H 24 53.54 -26.19 -25.41
CA SER H 24 52.13 -26.03 -25.72
C SER H 24 51.39 -25.57 -24.47
N ASP H 25 50.34 -24.79 -24.67
CA ASP H 25 49.62 -24.19 -23.55
C ASP H 25 48.94 -25.26 -22.70
N VAL H 26 48.38 -26.29 -23.33
CA VAL H 26 47.66 -27.33 -22.60
C VAL H 26 48.59 -28.02 -21.62
N LEU H 27 49.80 -28.38 -22.07
CA LEU H 27 50.72 -29.10 -21.21
C LEU H 27 51.28 -28.21 -20.11
N ILE H 28 51.46 -26.91 -20.37
CA ILE H 28 51.88 -26.00 -19.31
C ILE H 28 50.81 -25.91 -18.23
N HIS H 29 49.55 -25.79 -18.66
CA HIS H 29 48.46 -25.75 -17.69
C HIS H 29 48.40 -27.03 -16.88
N LEU H 30 48.57 -28.18 -17.54
CA LEU H 30 48.54 -29.45 -16.83
C LEU H 30 49.69 -29.57 -15.84
N ALA H 31 50.88 -29.11 -16.22
CA ALA H 31 52.03 -29.20 -15.33
C ALA H 31 51.83 -28.34 -14.09
N GLN H 32 51.37 -27.11 -14.28
CA GLN H 32 51.10 -26.24 -13.13
C GLN H 32 50.02 -26.84 -12.24
N TRP H 33 48.96 -27.37 -12.85
CA TRP H 33 47.88 -27.97 -12.08
C TRP H 33 48.37 -29.15 -11.26
N GLN H 34 49.21 -30.00 -11.86
CA GLN H 34 49.72 -31.16 -11.13
C GLN H 34 50.60 -30.75 -9.97
N TYR H 35 51.49 -29.77 -10.18
CA TYR H 35 52.34 -29.32 -9.10
C TYR H 35 51.51 -28.80 -7.93
N TRP H 36 50.55 -27.93 -8.21
CA TRP H 36 49.77 -27.38 -7.12
C TRP H 36 48.79 -28.39 -6.54
N TRP H 37 48.39 -29.40 -7.32
CA TRP H 37 47.61 -30.50 -6.77
C TRP H 37 48.42 -31.24 -5.71
N TRP H 38 49.70 -31.49 -5.99
CA TRP H 38 50.54 -32.12 -4.98
C TRP H 38 50.85 -31.20 -3.82
N PHE H 39 50.69 -29.89 -3.99
CA PHE H 39 50.96 -28.97 -2.88
C PHE H 39 49.95 -29.11 -1.73
N TRP H 40 48.69 -29.44 -2.04
CA TRP H 40 47.59 -29.25 -1.09
C TRP H 40 47.29 -30.50 -0.26
N PHE H 41 48.30 -31.30 0.07
CA PHE H 41 48.10 -32.50 0.87
C PHE H 41 48.73 -32.44 2.26
N ALA H 42 49.53 -31.41 2.54
CA ALA H 42 50.41 -31.38 3.70
C ALA H 42 49.72 -31.88 4.96
N LEU H 43 48.69 -31.16 5.41
CA LEU H 43 48.01 -31.53 6.65
C LEU H 43 47.58 -33.00 6.63
N ILE H 44 46.86 -33.39 5.57
CA ILE H 44 46.41 -34.77 5.48
C ILE H 44 47.59 -35.71 5.59
N TRP H 45 48.64 -35.46 4.80
CA TRP H 45 49.83 -36.27 4.86
C TRP H 45 50.36 -36.33 6.27
N SER H 46 50.56 -35.16 6.88
CA SER H 46 51.08 -35.11 8.23
C SER H 46 50.20 -35.92 9.17
N PHE H 47 48.89 -35.78 9.03
CA PHE H 47 47.97 -36.51 9.88
C PHE H 47 48.27 -38.00 9.83
N TYR H 48 48.35 -38.55 8.62
CA TYR H 48 48.54 -39.99 8.51
C TYR H 48 49.85 -40.41 9.17
N TYR H 49 50.88 -39.58 9.03
CA TYR H 49 52.16 -39.91 9.64
C TYR H 49 51.96 -40.21 11.12
N PHE H 50 51.30 -39.30 11.84
CA PHE H 50 51.13 -39.49 13.27
C PHE H 50 50.35 -40.76 13.55
N ILE H 51 49.28 -41.00 12.76
CA ILE H 51 48.50 -42.22 12.95
C ILE H 51 49.41 -43.42 12.89
N ILE H 52 50.24 -43.49 11.84
CA ILE H 52 51.12 -44.63 11.67
C ILE H 52 51.95 -44.83 12.92
N LEU H 53 52.54 -43.73 13.41
CA LEU H 53 53.40 -43.83 14.58
C LEU H 53 52.69 -44.54 15.72
N LYS H 54 51.46 -44.10 16.03
CA LYS H 54 50.73 -44.72 17.13
C LYS H 54 50.57 -46.22 16.88
N VAL H 55 50.07 -46.58 15.69
CA VAL H 55 49.81 -47.99 15.45
C VAL H 55 51.11 -48.77 15.33
N ALA H 56 52.22 -48.08 15.09
CA ALA H 56 53.50 -48.76 15.01
C ALA H 56 54.23 -48.78 16.34
N ARG H 57 53.72 -48.09 17.36
CA ARG H 57 54.50 -47.94 18.59
C ARG H 57 53.69 -48.27 19.83
N PHE H 58 52.36 -48.13 19.77
CA PHE H 58 51.57 -48.25 20.98
C PHE H 58 50.27 -49.03 20.79
N ARG H 59 50.13 -49.85 19.74
CA ARG H 59 48.91 -50.62 19.56
C ARG H 59 49.12 -52.13 19.54
N VAL H 60 50.36 -52.60 19.51
CA VAL H 60 50.62 -54.04 19.57
C VAL H 60 50.30 -54.51 20.99
N LEU H 61 50.19 -55.82 21.17
CA LEU H 61 49.76 -56.35 22.46
C LEU H 61 50.74 -55.99 23.57
N LYS H 62 52.04 -56.03 23.28
CA LYS H 62 53.04 -55.75 24.29
C LYS H 62 53.23 -54.27 24.57
N MET H 63 52.57 -53.39 23.80
CA MET H 63 52.68 -51.93 23.95
C MET H 63 51.28 -51.34 24.04
N ARG H 64 50.71 -51.33 25.24
CA ARG H 64 49.46 -50.64 25.55
C ARG H 64 48.37 -50.86 24.51
N PRO H 65 47.79 -52.05 24.42
CA PRO H 65 46.60 -52.23 23.57
C PRO H 65 45.38 -51.63 24.24
N LYS H 66 44.28 -51.59 23.48
CA LYS H 66 43.03 -51.02 23.96
C LYS H 66 41.97 -52.11 24.03
N ILE H 67 41.13 -52.04 25.07
CA ILE H 67 39.98 -52.92 25.20
C ILE H 67 38.83 -52.26 24.44
N SER H 68 38.63 -52.69 23.20
CA SER H 68 37.56 -52.14 22.36
C SER H 68 36.23 -52.70 22.84
N THR H 69 35.51 -51.92 23.62
CA THR H 69 34.26 -52.37 24.23
C THR H 69 33.03 -51.90 23.46
N SER H 70 33.21 -51.26 22.30
CA SER H 70 32.09 -50.72 21.55
C SER H 70 31.46 -51.81 20.69
N TYR H 71 30.16 -52.06 20.90
CA TYR H 71 29.46 -53.02 20.07
C TYR H 71 29.32 -52.54 18.64
N ARG H 72 28.84 -51.32 18.46
CA ARG H 72 28.55 -50.76 17.15
C ARG H 72 28.90 -49.27 17.16
N PRO H 73 29.17 -48.70 15.99
CA PRO H 73 29.52 -47.27 15.95
C PRO H 73 28.28 -46.38 15.97
N HIS H 74 28.41 -45.24 16.65
CA HIS H 74 27.39 -44.20 16.65
C HIS H 74 28.06 -42.91 16.20
N GLY H 75 27.75 -42.46 14.98
CA GLY H 75 28.47 -41.34 14.41
C GLY H 75 27.66 -40.06 14.28
N LYS H 76 28.36 -38.93 14.22
CA LYS H 76 27.76 -37.62 14.06
C LYS H 76 28.22 -37.05 12.72
N TRP H 77 27.44 -37.31 11.66
CA TRP H 77 27.75 -36.84 10.31
C TRP H 77 29.13 -37.34 9.86
N GLY H 78 29.24 -38.67 9.76
CA GLY H 78 30.49 -39.28 9.38
C GLY H 78 30.93 -38.96 7.96
N ASP H 79 30.16 -39.44 6.99
CA ASP H 79 30.53 -39.27 5.58
C ASP H 79 30.72 -37.80 5.22
N PHE H 80 29.98 -36.91 5.88
CA PHE H 80 30.11 -35.48 5.58
C PHE H 80 31.55 -35.01 5.76
N LEU H 81 32.25 -35.51 6.78
CA LEU H 81 33.65 -35.16 6.94
C LEU H 81 34.55 -35.92 5.98
N ALA H 82 34.16 -37.13 5.59
CA ALA H 82 34.98 -37.93 4.70
C ALA H 82 34.80 -37.58 3.24
N CYS H 83 33.83 -36.74 2.90
CA CYS H 83 33.56 -36.37 1.52
C CYS H 83 33.90 -34.92 1.20
N ILE H 84 34.31 -34.13 2.20
CA ILE H 84 34.69 -32.75 1.92
C ILE H 84 36.01 -32.70 1.16
N ILE H 85 36.99 -33.50 1.59
CA ILE H 85 38.28 -33.53 0.89
C ILE H 85 38.15 -34.03 -0.54
N PRO H 86 37.44 -35.12 -0.84
CA PRO H 86 37.27 -35.51 -2.25
C PRO H 86 36.53 -34.47 -3.07
N LEU H 87 35.45 -33.90 -2.52
CA LEU H 87 34.65 -32.96 -3.29
C LEU H 87 35.49 -31.78 -3.76
N ILE H 88 36.33 -31.24 -2.87
CA ILE H 88 37.24 -30.17 -3.26
C ILE H 88 38.04 -30.59 -4.48
N TRP H 89 38.64 -31.79 -4.42
CA TRP H 89 39.38 -32.32 -5.56
C TRP H 89 38.53 -32.26 -6.82
N CYS H 90 37.30 -32.78 -6.74
CA CYS H 90 36.42 -32.77 -7.89
C CYS H 90 36.30 -31.37 -8.44
N ILE H 91 35.97 -30.41 -7.56
CA ILE H 91 35.86 -29.01 -7.98
C ILE H 91 37.11 -28.63 -8.77
N ASN H 92 38.28 -28.77 -8.13
CA ASN H 92 39.53 -28.43 -8.79
C ASN H 92 39.57 -29.02 -10.19
N ILE H 93 39.45 -30.35 -10.28
CA ILE H 93 39.59 -31.01 -11.57
C ILE H 93 38.61 -30.41 -12.56
N LEU H 94 37.33 -30.32 -12.17
CA LEU H 94 36.31 -29.81 -13.08
C LEU H 94 36.74 -28.45 -13.61
N THR H 95 37.07 -27.53 -12.70
CA THR H 95 37.41 -26.18 -13.13
C THR H 95 38.52 -26.24 -14.17
N ASN H 96 39.61 -26.95 -13.85
CA ASN H 96 40.74 -26.99 -14.77
C ASN H 96 40.29 -27.49 -16.13
N SER H 97 39.55 -28.59 -16.16
CA SER H 97 39.10 -29.15 -17.43
C SER H 97 38.36 -28.10 -18.22
N ASN H 98 37.40 -27.42 -17.57
CA ASN H 98 36.59 -26.44 -18.28
C ASN H 98 37.47 -25.39 -18.95
N LEU H 99 38.48 -24.91 -18.23
CA LEU H 99 39.35 -23.87 -18.81
C LEU H 99 40.01 -24.40 -20.08
N ILE H 100 40.61 -25.59 -20.01
CA ILE H 100 41.29 -26.12 -21.18
C ILE H 100 40.29 -26.49 -22.25
N LEU H 101 39.03 -26.70 -21.88
CA LEU H 101 38.00 -26.98 -22.89
C LEU H 101 37.41 -25.70 -23.48
N ARG H 102 37.71 -24.53 -22.91
CA ARG H 102 37.19 -23.29 -23.47
C ARG H 102 37.93 -22.88 -24.72
N LEU H 103 39.12 -23.43 -24.96
CA LEU H 103 39.99 -22.98 -26.03
C LEU H 103 40.18 -23.99 -27.15
N ILE H 104 39.95 -25.27 -26.89
CA ILE H 104 40.20 -26.32 -27.87
C ILE H 104 38.92 -26.97 -28.37
N GLU H 105 37.76 -26.36 -28.12
CA GLU H 105 36.49 -26.94 -28.53
C GLU H 105 35.53 -25.82 -28.92
N TRP H 106 34.49 -26.22 -29.66
CA TRP H 106 33.36 -25.34 -30.01
C TRP H 106 33.82 -24.12 -30.80
N GLN H 107 34.81 -24.30 -31.68
CA GLN H 107 35.30 -23.20 -32.49
C GLN H 107 35.51 -23.64 -33.94
N ASN H 108 34.74 -24.63 -34.40
CA ASN H 108 34.88 -25.11 -35.76
C ASN H 108 34.49 -24.05 -36.78
N GLU H 109 33.42 -23.30 -36.48
CA GLU H 109 32.93 -22.30 -37.44
C GLU H 109 33.97 -21.23 -37.72
N SER H 110 34.66 -20.75 -36.67
CA SER H 110 35.62 -19.66 -36.80
C SER H 110 37.03 -20.26 -36.87
N SER H 111 37.41 -20.69 -38.06
CA SER H 111 38.73 -21.22 -38.31
C SER H 111 39.31 -20.60 -39.56
N LEU H 112 40.63 -20.40 -39.58
CA LEU H 112 41.25 -19.83 -40.76
C LEU H 112 41.08 -20.73 -41.96
N PHE H 113 41.41 -22.02 -41.82
CA PHE H 113 41.14 -22.89 -42.96
C PHE H 113 41.04 -24.34 -42.51
N THR H 114 40.70 -25.21 -43.46
CA THR H 114 40.29 -26.57 -43.18
C THR H 114 41.26 -27.58 -43.79
N VAL H 115 41.66 -28.57 -42.99
CA VAL H 115 42.50 -29.67 -43.43
C VAL H 115 41.77 -30.97 -43.12
N ARG H 116 41.80 -31.92 -44.05
CA ARG H 116 41.14 -33.20 -43.88
C ARG H 116 42.18 -34.27 -43.59
N VAL H 117 42.04 -34.94 -42.46
CA VAL H 117 42.95 -36.01 -42.04
C VAL H 117 42.22 -37.32 -42.21
N ARG H 118 42.69 -38.15 -43.14
CA ARG H 118 42.15 -39.47 -43.39
C ARG H 118 43.18 -40.52 -43.02
N ALA H 119 42.77 -41.48 -42.22
CA ALA H 119 43.68 -42.49 -41.69
C ALA H 119 43.45 -43.80 -42.45
N ARG H 120 44.17 -43.98 -43.54
CA ARG H 120 44.21 -45.30 -44.14
C ARG H 120 45.17 -46.18 -43.33
N GLN H 121 45.11 -47.48 -43.57
CA GLN H 121 45.89 -48.41 -42.77
C GLN H 121 47.37 -48.18 -42.99
N TRP H 122 48.03 -47.69 -41.94
CA TRP H 122 49.49 -47.60 -41.79
C TRP H 122 50.11 -46.45 -42.57
N TYR H 123 49.30 -45.46 -42.96
CA TYR H 123 49.81 -44.16 -43.36
C TYR H 123 48.67 -43.16 -43.32
N TRP H 124 49.02 -41.87 -43.33
CA TRP H 124 48.03 -40.81 -43.21
C TRP H 124 47.91 -40.06 -44.52
N ILE H 125 46.75 -39.43 -44.72
CA ILE H 125 46.48 -38.64 -45.92
C ILE H 125 45.92 -37.30 -45.47
N TYR H 126 46.57 -36.22 -45.89
CA TYR H 126 46.13 -34.87 -45.55
C TYR H 126 45.66 -34.18 -46.82
N LYS H 127 44.42 -33.73 -46.83
CA LYS H 127 43.81 -33.12 -48.00
C LYS H 127 43.52 -31.65 -47.72
N PHE H 128 43.98 -30.79 -48.62
CA PHE H 128 43.64 -29.38 -48.63
C PHE H 128 42.68 -29.15 -49.80
N GLU H 129 41.47 -28.69 -49.50
CA GLU H 129 40.50 -28.42 -50.55
C GLU H 129 40.94 -27.20 -51.36
N LEU H 130 40.29 -27.02 -52.51
CA LEU H 130 40.64 -25.90 -53.38
C LEU H 130 40.33 -24.56 -52.72
N LYS H 131 39.18 -24.47 -52.03
CA LYS H 131 38.77 -23.21 -51.42
C LYS H 131 39.82 -22.69 -50.44
N ASN H 132 40.55 -23.60 -49.79
CA ASN H 132 41.60 -23.21 -48.86
C ASN H 132 42.55 -22.21 -49.51
N PHE H 133 42.87 -22.41 -50.78
CA PHE H 133 43.76 -21.50 -51.48
C PHE H 133 43.28 -20.06 -51.35
N THR H 134 42.01 -19.82 -51.69
CA THR H 134 41.46 -18.47 -51.53
C THR H 134 41.45 -18.05 -50.07
N ASP H 135 41.13 -18.99 -49.18
CA ASP H 135 41.12 -18.68 -47.76
C ASP H 135 42.49 -18.27 -47.26
N ILE H 136 43.56 -18.66 -47.94
CA ILE H 136 44.89 -18.24 -47.52
C ILE H 136 45.26 -16.89 -48.15
N LEU H 137 44.66 -16.56 -49.29
CA LEU H 137 44.90 -15.25 -49.89
C LEU H 137 44.21 -14.16 -49.08
N SER H 138 43.00 -14.42 -48.59
CA SER H 138 42.23 -13.44 -47.82
C SER H 138 42.53 -13.66 -46.34
N THR H 139 43.59 -13.01 -45.87
CA THR H 139 43.97 -13.11 -44.47
C THR H 139 44.35 -11.72 -43.95
N PRO H 140 43.67 -11.21 -42.93
CA PRO H 140 44.02 -9.90 -42.38
C PRO H 140 45.43 -9.92 -41.81
N LYS H 141 46.09 -8.77 -41.91
CA LYS H 141 47.46 -8.60 -41.41
C LYS H 141 47.50 -7.45 -40.42
N ASN H 142 48.24 -7.62 -39.34
CA ASN H 142 48.38 -6.60 -38.32
C ASN H 142 49.47 -5.63 -38.75
N ILE H 143 49.06 -4.44 -39.19
CA ILE H 143 49.99 -3.43 -39.72
C ILE H 143 49.90 -2.19 -38.83
N GLY H 144 51.05 -1.72 -38.38
CA GLY H 144 51.10 -0.54 -37.54
C GLY H 144 50.67 -0.80 -36.12
N ASN H 145 49.97 0.16 -35.51
CA ASN H 145 49.54 0.05 -34.11
C ASN H 145 48.26 -0.78 -34.04
N ASN H 146 48.43 -2.09 -34.24
CA ASN H 146 47.35 -3.06 -34.12
C ASN H 146 46.19 -2.74 -35.05
N ARG H 147 46.51 -2.26 -36.25
CA ARG H 147 45.52 -2.02 -37.29
C ARG H 147 45.58 -3.15 -38.32
N TRP H 148 44.42 -3.62 -38.73
CA TRP H 148 44.30 -4.79 -39.59
C TRP H 148 43.87 -4.38 -40.99
N GLN H 149 44.52 -4.97 -41.99
CA GLN H 149 44.23 -4.68 -43.39
C GLN H 149 44.01 -5.98 -44.14
N ILE H 150 43.04 -5.98 -45.06
CA ILE H 150 42.80 -7.10 -45.96
C ILE H 150 43.09 -6.61 -47.38
N ASN H 151 43.99 -7.30 -48.06
CA ASN H 151 44.36 -6.93 -49.42
C ASN H 151 43.51 -7.63 -50.46
N THR H 152 43.30 -8.94 -50.30
CA THR H 152 42.43 -9.71 -51.17
C THR H 152 41.20 -10.11 -50.36
N PHE H 153 40.02 -9.75 -50.85
CA PHE H 153 38.78 -10.08 -50.17
C PHE H 153 38.22 -11.38 -50.74
N GLY H 154 38.07 -12.37 -49.87
CA GLY H 154 37.74 -13.72 -50.30
C GLY H 154 36.28 -14.09 -50.22
N GLU H 155 35.40 -13.18 -50.61
CA GLU H 155 33.98 -13.50 -50.68
C GLU H 155 33.77 -14.66 -51.64
N LEU H 156 32.83 -15.54 -51.31
CA LEU H 156 32.76 -16.82 -52.01
C LEU H 156 32.43 -16.66 -53.49
N GLN H 157 31.78 -15.57 -53.89
CA GLN H 157 31.55 -15.36 -55.31
C GLN H 157 32.82 -14.97 -56.04
N THR H 158 33.61 -14.07 -55.48
CA THR H 158 34.89 -13.73 -56.08
C THR H 158 35.85 -14.91 -56.04
N ALA H 159 35.84 -15.67 -54.95
CA ALA H 159 36.65 -16.87 -54.87
C ALA H 159 36.21 -17.89 -55.90
N ASP H 160 34.90 -18.01 -56.13
CA ASP H 160 34.39 -18.94 -57.14
C ASP H 160 34.80 -18.50 -58.54
N ASP H 161 34.82 -17.19 -58.78
CA ASP H 161 35.35 -16.70 -60.05
C ASP H 161 36.83 -17.04 -60.21
N TYR H 162 37.60 -16.94 -59.12
CA TYR H 162 39.00 -17.36 -59.16
C TYR H 162 39.14 -18.85 -59.45
N LEU H 163 38.31 -19.67 -58.83
CA LEU H 163 38.50 -21.12 -58.81
C LEU H 163 37.74 -21.85 -59.90
N HIS H 164 37.00 -21.14 -60.76
CA HIS H 164 36.28 -21.86 -61.81
C HIS H 164 37.22 -22.34 -62.90
N VAL H 165 38.35 -21.65 -63.11
CA VAL H 165 39.32 -22.07 -64.12
C VAL H 165 39.97 -23.39 -63.70
N LEU H 166 40.45 -23.46 -62.46
CA LEU H 166 41.07 -24.69 -61.97
C LEU H 166 40.07 -25.83 -61.95
N GLN H 167 38.84 -25.56 -61.50
CA GLN H 167 37.79 -26.56 -61.56
C GLN H 167 37.51 -26.96 -63.00
N LEU H 168 37.57 -26.02 -63.94
CA LEU H 168 37.34 -26.36 -65.34
C LEU H 168 38.38 -27.34 -65.85
N ARG H 169 39.65 -27.08 -65.54
CA ARG H 169 40.70 -27.99 -66.01
C ARG H 169 40.59 -29.36 -65.36
N SER H 170 40.33 -29.39 -64.05
CA SER H 170 40.18 -30.68 -63.37
C SER H 170 38.99 -31.45 -63.91
N GLN H 171 37.87 -30.76 -64.16
CA GLN H 171 36.70 -31.40 -64.73
C GLN H 171 36.98 -31.92 -66.13
N ASN H 172 37.73 -31.17 -66.93
CA ASN H 172 38.10 -31.64 -68.26
C ASN H 172 38.88 -32.93 -68.19
N LYS H 173 39.89 -32.98 -67.32
CA LYS H 173 40.68 -34.20 -67.17
C LYS H 173 39.80 -35.36 -66.73
N TRP H 174 38.96 -35.13 -65.71
CA TRP H 174 38.11 -36.19 -65.20
C TRP H 174 37.14 -36.68 -66.25
N VAL H 175 36.54 -35.77 -67.02
CA VAL H 175 35.51 -36.16 -67.97
C VAL H 175 36.13 -36.89 -69.15
N LYS H 176 37.32 -36.49 -69.58
CA LYS H 176 37.99 -37.23 -70.65
C LYS H 176 38.33 -38.64 -70.20
N ASN H 177 38.89 -38.78 -69.00
CA ASN H 177 39.17 -40.11 -68.47
C ASN H 177 37.89 -40.92 -68.33
N TYR H 178 36.83 -40.30 -67.81
CA TYR H 178 35.55 -40.98 -67.67
C TYR H 178 35.07 -41.51 -69.01
N TRP H 179 34.86 -40.61 -69.98
CA TRP H 179 34.43 -41.01 -71.31
C TRP H 179 35.26 -42.19 -71.79
N ASN H 180 36.56 -41.97 -72.00
CA ASN H 180 37.37 -43.01 -72.62
C ASN H 180 37.31 -44.31 -71.82
N ARG H 181 37.92 -44.32 -70.64
CA ARG H 181 38.07 -45.57 -69.91
C ARG H 181 36.73 -46.13 -69.48
N SER H 182 35.97 -45.37 -68.70
CA SER H 182 34.75 -45.91 -68.10
C SER H 182 33.74 -46.29 -69.16
N LEU H 183 33.44 -45.39 -70.11
CA LEU H 183 32.37 -45.70 -71.05
C LEU H 183 32.81 -46.77 -72.06
N GLN H 184 34.04 -46.70 -72.58
CA GLN H 184 34.44 -47.71 -73.56
C GLN H 184 34.63 -49.08 -72.92
N GLU H 185 34.94 -49.13 -71.63
CA GLU H 185 35.20 -50.41 -70.98
C GLU H 185 33.97 -51.01 -70.32
N THR H 186 32.92 -50.21 -70.05
CA THR H 186 31.75 -50.70 -69.35
C THR H 186 30.48 -50.63 -70.19
N GLY H 187 30.17 -49.48 -70.76
CA GLY H 187 28.91 -49.32 -71.45
C GLY H 187 28.85 -50.07 -72.77
N LYS H 188 27.63 -50.36 -73.18
CA LYS H 188 27.34 -51.00 -74.47
C LYS H 188 26.44 -50.08 -75.28
N THR H 189 26.81 -49.87 -76.54
CA THR H 189 26.13 -48.91 -77.39
C THR H 189 25.08 -49.57 -78.27
N ASN H 190 24.11 -48.77 -78.69
CA ASN H 190 23.14 -49.15 -79.72
C ASN H 190 22.27 -50.32 -79.27
N LYS H 191 21.67 -50.19 -78.09
CA LYS H 191 20.62 -51.08 -77.61
C LYS H 191 21.07 -52.54 -77.59
N ALA H 192 22.06 -52.82 -76.74
CA ALA H 192 22.53 -54.18 -76.56
C ALA H 192 21.47 -55.03 -75.88
N HIS H 193 21.27 -56.23 -76.40
CA HIS H 193 20.27 -57.14 -75.83
C HIS H 193 20.65 -58.58 -76.15
N VAL H 194 20.03 -59.50 -75.43
CA VAL H 194 20.27 -60.93 -75.58
C VAL H 194 19.16 -61.51 -76.43
N ILE H 195 19.54 -62.23 -77.50
CA ILE H 195 18.59 -62.77 -78.47
C ILE H 195 18.46 -64.26 -78.24
N SER H 196 17.23 -64.73 -78.08
CA SER H 196 16.93 -66.16 -77.92
C SER H 196 16.08 -66.62 -79.08
N PRO H 197 16.65 -67.33 -80.05
CA PRO H 197 15.87 -67.81 -81.19
C PRO H 197 15.01 -69.02 -80.84
N GLN H 198 13.92 -69.15 -81.59
CA GLN H 198 13.05 -70.32 -81.54
C GLN H 198 12.75 -70.75 -82.95
N GLU H 199 12.84 -72.05 -83.21
CA GLU H 199 12.44 -72.61 -84.48
C GLU H 199 10.93 -72.63 -84.58
N GLN H 200 10.42 -72.37 -85.78
CA GLN H 200 8.98 -72.44 -86.03
C GLN H 200 8.59 -73.89 -86.27
N LEU H 201 7.88 -74.47 -85.32
CA LEU H 201 7.60 -75.90 -85.32
C LEU H 201 6.55 -76.26 -86.37
N ARG H 202 6.47 -77.56 -86.67
CA ARG H 202 5.60 -78.04 -87.73
C ARG H 202 4.12 -77.81 -87.43
N LEU H 203 3.75 -77.65 -86.17
CA LEU H 203 2.37 -77.30 -85.85
C LEU H 203 2.03 -75.89 -86.33
N SER H 204 3.02 -75.01 -86.38
CA SER H 204 2.81 -73.63 -86.79
C SER H 204 2.98 -73.44 -88.30
N LEU H 205 3.45 -74.44 -89.02
CA LEU H 205 3.70 -74.32 -90.46
C LEU H 205 2.58 -74.92 -91.30
N ILE H 206 1.44 -75.24 -90.70
CA ILE H 206 0.42 -76.02 -91.39
C ILE H 206 -0.13 -75.25 -92.60
N ASN H 207 -0.44 -73.98 -92.40
CA ASN H 207 -0.94 -73.15 -93.50
C ASN H 207 -0.32 -71.77 -93.49
N GLN H 208 0.89 -71.64 -92.95
CA GLN H 208 1.50 -70.32 -92.82
C GLN H 208 2.05 -69.82 -94.15
N TYR H 209 2.57 -70.70 -94.99
CA TYR H 209 3.21 -70.33 -96.24
C TYR H 209 2.36 -70.83 -97.40
N LYS H 210 1.47 -69.96 -97.90
CA LYS H 210 0.59 -70.33 -99.00
C LYS H 210 1.36 -70.39 -100.31
N SER H 211 1.99 -69.29 -100.68
CA SER H 211 2.75 -69.18 -101.92
C SER H 211 4.23 -68.96 -101.60
N LEU H 212 5.09 -69.46 -102.49
CA LEU H 212 6.52 -69.34 -102.31
C LEU H 212 7.22 -68.57 -103.43
N ASN H 213 6.53 -68.29 -104.53
CA ASN H 213 7.14 -67.65 -105.70
C ASN H 213 6.81 -66.17 -105.69
N LEU H 214 7.79 -65.34 -105.33
CA LEU H 214 7.61 -63.90 -105.42
C LEU H 214 7.51 -63.43 -106.86
N SER H 215 8.16 -64.16 -107.78
CA SER H 215 8.23 -63.72 -109.17
C SER H 215 6.85 -63.67 -109.82
N SER H 216 6.02 -64.69 -109.58
CA SER H 216 4.69 -64.71 -110.17
C SER H 216 3.83 -63.56 -109.69
N SER H 217 3.85 -63.31 -108.37
CA SER H 217 3.08 -62.21 -107.82
C SER H 217 3.59 -60.86 -108.33
N ILE H 218 4.90 -60.72 -108.46
CA ILE H 218 5.47 -59.49 -109.02
C ILE H 218 5.01 -59.30 -110.45
N LYS H 219 5.06 -60.36 -111.26
CA LYS H 219 4.72 -60.23 -112.67
C LYS H 219 3.24 -59.95 -112.87
N HIS H 220 2.38 -60.52 -112.03
CA HIS H 220 0.94 -60.35 -112.20
C HIS H 220 0.38 -59.11 -111.51
N ASN H 221 1.19 -58.38 -110.73
CA ASN H 221 0.68 -57.27 -109.94
C ASN H 221 1.51 -56.00 -110.02
N ALA H 222 2.78 -56.05 -110.39
CA ALA H 222 3.60 -54.85 -110.42
C ALA H 222 3.12 -53.92 -111.54
N PRO H 223 3.25 -52.61 -111.35
CA PRO H 223 2.79 -51.66 -112.38
C PRO H 223 3.83 -51.47 -113.48
N PHE H 224 4.07 -52.53 -114.24
CA PHE H 224 5.01 -52.48 -115.35
C PHE H 224 4.43 -53.26 -116.53
N ILE H 225 4.86 -52.88 -117.73
CA ILE H 225 4.33 -53.49 -118.94
C ILE H 225 4.83 -54.93 -119.05
N ASN H 226 4.05 -55.76 -119.74
CA ASN H 226 4.35 -57.18 -119.84
C ASN H 226 5.74 -57.41 -120.40
N ARG H 227 6.50 -58.29 -119.76
CA ARG H 227 7.90 -58.51 -120.09
C ARG H 227 8.11 -59.59 -121.14
N ASP H 228 7.04 -60.22 -121.62
CA ASP H 228 7.16 -61.23 -122.65
C ASP H 228 6.95 -60.69 -124.06
N LEU H 229 6.81 -59.38 -124.22
CA LEU H 229 6.60 -58.79 -125.53
C LEU H 229 7.83 -59.03 -126.42
N TYR H 230 7.57 -59.30 -127.70
CA TYR H 230 8.65 -59.57 -128.64
C TYR H 230 9.32 -58.30 -129.15
N VAL H 231 8.79 -57.13 -128.81
CA VAL H 231 9.37 -55.88 -129.30
C VAL H 231 10.67 -55.54 -128.58
N PHE H 232 10.90 -56.09 -127.39
CA PHE H 232 12.08 -55.76 -126.61
C PHE H 232 13.36 -56.34 -127.17
N ASP H 233 13.36 -56.96 -128.35
CA ASP H 233 14.57 -57.54 -128.92
C ASP H 233 15.33 -56.55 -129.80
N ASP H 234 14.63 -55.88 -130.71
CA ASP H 234 15.25 -54.93 -131.62
C ASP H 234 14.44 -53.65 -131.71
N LEU H 235 13.97 -53.15 -130.56
CA LEU H 235 13.21 -51.90 -130.55
C LEU H 235 14.13 -50.70 -130.78
N PHE H 236 15.27 -50.66 -130.09
CA PHE H 236 16.24 -49.59 -130.23
C PHE H 236 17.60 -50.17 -130.58
N SER H 237 18.46 -49.32 -131.13
CA SER H 237 19.79 -49.73 -131.57
C SER H 237 20.85 -49.05 -130.71
N TYR H 238 21.75 -49.85 -130.14
CA TYR H 238 22.87 -49.35 -129.38
C TYR H 238 24.14 -50.05 -129.84
N ASN H 239 25.27 -49.39 -129.63
CA ASN H 239 26.59 -49.99 -129.80
C ASN H 239 27.04 -50.47 -128.43
N LEU H 240 26.94 -51.77 -128.18
CA LEU H 240 27.27 -52.35 -126.89
C LEU H 240 28.68 -52.92 -126.85
N GLY H 241 29.46 -52.77 -127.92
CA GLY H 241 30.80 -53.34 -127.94
C GLY H 241 30.76 -54.85 -127.85
N ASP H 242 31.63 -55.40 -127.01
CA ASP H 242 31.71 -56.84 -126.79
C ASP H 242 31.31 -57.13 -125.36
N ILE H 243 30.35 -58.02 -125.17
CA ILE H 243 29.83 -58.38 -123.86
C ILE H 243 30.06 -59.88 -123.69
N THR H 244 31.19 -60.23 -123.08
CA THR H 244 31.56 -61.62 -122.87
C THR H 244 31.13 -62.15 -121.51
N THR H 245 30.51 -61.33 -120.68
CA THR H 245 30.06 -61.73 -119.35
C THR H 245 28.64 -61.24 -119.12
N LYS H 246 27.91 -61.95 -118.27
CA LYS H 246 26.53 -61.59 -117.98
C LYS H 246 26.51 -60.25 -117.24
N LYS H 247 26.06 -59.20 -117.92
CA LYS H 247 25.98 -57.87 -117.35
C LYS H 247 24.53 -57.55 -116.99
N SER H 248 24.34 -56.99 -115.80
CA SER H 248 23.03 -56.62 -115.30
C SER H 248 22.92 -55.10 -115.19
N LEU H 249 21.75 -54.57 -115.52
CA LEU H 249 21.51 -53.14 -115.50
C LEU H 249 20.88 -52.73 -114.18
N PHE H 250 21.35 -51.61 -113.64
CA PHE H 250 20.82 -51.04 -112.41
C PHE H 250 20.17 -49.69 -112.71
N ASN H 251 19.27 -49.28 -111.83
CA ASN H 251 18.26 -48.29 -112.17
C ASN H 251 18.47 -46.97 -111.41
N ASP H 252 17.52 -46.07 -111.62
CA ASP H 252 17.34 -44.74 -111.01
C ASP H 252 18.24 -43.68 -111.64
N LYS H 253 19.13 -44.03 -112.57
CA LYS H 253 19.94 -43.08 -113.34
C LYS H 253 20.90 -42.28 -112.46
N ASN H 254 20.83 -42.50 -111.15
CA ASN H 254 21.78 -41.94 -110.21
C ASN H 254 22.33 -42.97 -109.23
N SER H 255 21.62 -44.08 -109.00
CA SER H 255 22.00 -45.07 -108.01
C SER H 255 22.65 -46.31 -108.62
N PHE H 256 22.85 -46.33 -109.95
CA PHE H 256 23.43 -47.52 -110.57
C PHE H 256 24.90 -47.66 -110.21
N LEU H 257 25.63 -46.54 -110.16
CA LEU H 257 27.06 -46.63 -109.87
C LEU H 257 27.31 -47.05 -108.42
N THR H 258 26.45 -46.63 -107.50
CA THR H 258 26.60 -47.06 -106.11
C THR H 258 26.47 -48.57 -106.00
N SER H 259 25.48 -49.15 -106.68
CA SER H 259 25.31 -50.60 -106.62
C SER H 259 26.42 -51.33 -107.35
N TYR H 260 26.91 -50.76 -108.46
CA TYR H 260 28.04 -51.37 -109.16
C TYR H 260 29.29 -51.39 -108.29
N SER H 261 29.54 -50.31 -107.55
CA SER H 261 30.67 -50.30 -106.63
C SER H 261 30.45 -51.23 -105.46
N TYR H 262 29.20 -51.34 -104.99
CA TYR H 262 28.91 -52.25 -103.89
C TYR H 262 29.17 -53.70 -104.28
N LEU H 263 28.81 -54.08 -105.51
CA LEU H 263 29.04 -55.45 -105.94
C LEU H 263 30.53 -55.79 -106.00
N ASN H 264 31.34 -54.85 -106.49
CA ASN H 264 32.75 -55.14 -106.73
C ASN H 264 33.50 -55.34 -105.42
N ASN H 265 34.48 -56.24 -105.46
CA ASN H 265 35.30 -56.52 -104.29
C ASN H 265 36.44 -55.53 -104.11
N ASN H 266 36.86 -54.86 -105.18
CA ASN H 266 37.95 -53.89 -105.09
C ASN H 266 37.49 -52.55 -104.54
N SER H 267 36.18 -52.37 -104.32
CA SER H 267 35.67 -51.15 -103.72
C SER H 267 35.78 -51.16 -102.20
N TRP H 268 36.23 -52.26 -101.61
CA TRP H 268 36.33 -52.38 -100.15
C TRP H 268 37.77 -52.40 -99.68
N ASN H 269 38.70 -51.92 -100.49
CA ASN H 269 40.08 -51.78 -100.08
C ASN H 269 40.24 -50.46 -99.31
N ASN H 270 40.61 -50.56 -98.04
CA ASN H 270 40.71 -49.37 -97.19
C ASN H 270 41.80 -48.44 -97.69
N ASN H 271 41.55 -47.14 -97.54
CA ASN H 271 42.49 -46.11 -97.98
C ASN H 271 42.79 -45.16 -96.83
N GLU H 272 44.07 -44.79 -96.69
CA GLU H 272 44.45 -43.75 -95.77
C GLU H 272 44.18 -42.38 -96.40
N PHE H 273 44.03 -41.37 -95.54
CA PHE H 273 43.66 -40.04 -96.02
C PHE H 273 44.77 -39.43 -96.87
N ASP H 274 46.03 -39.66 -96.50
CA ASP H 274 47.13 -39.17 -97.33
C ASP H 274 47.10 -39.80 -98.71
N LEU H 275 46.52 -40.99 -98.84
CA LEU H 275 46.29 -41.57 -100.16
C LEU H 275 45.11 -40.88 -100.84
N ILE H 276 43.93 -40.95 -100.22
CA ILE H 276 42.75 -40.24 -100.74
C ILE H 276 42.76 -38.87 -100.06
N ASP H 277 43.61 -37.99 -100.58
CA ASP H 277 43.65 -36.57 -100.20
C ASP H 277 43.24 -35.68 -101.37
N ASN H 278 42.22 -36.10 -102.11
CA ASN H 278 41.83 -35.36 -103.31
C ASN H 278 40.33 -35.57 -103.54
N LEU H 279 39.74 -34.63 -104.26
CA LEU H 279 38.32 -34.64 -104.60
C LEU H 279 38.19 -34.28 -106.07
N PRO H 280 37.05 -34.63 -106.71
CA PRO H 280 36.98 -34.55 -108.18
C PRO H 280 37.36 -33.20 -108.78
N PHE H 281 36.99 -32.09 -108.17
CA PHE H 281 37.39 -30.78 -108.65
C PHE H 281 38.20 -29.99 -107.64
N THR H 282 38.49 -30.55 -106.48
CA THR H 282 39.20 -29.85 -105.41
C THR H 282 40.36 -30.69 -104.94
N THR H 283 41.51 -30.04 -104.74
CA THR H 283 42.70 -30.69 -104.19
C THR H 283 42.79 -30.36 -102.70
N LEU H 284 43.03 -31.39 -101.89
CA LEU H 284 43.02 -31.23 -100.45
C LEU H 284 44.39 -31.23 -99.80
N PHE H 285 45.46 -31.50 -100.56
CA PHE H 285 46.79 -31.49 -99.96
C PHE H 285 47.30 -30.09 -99.69
N ASP H 286 46.77 -29.08 -100.38
CA ASP H 286 47.17 -27.69 -100.17
C ASP H 286 46.18 -26.92 -99.30
N ASN H 287 45.00 -27.48 -99.03
CA ASN H 287 43.99 -26.84 -98.20
C ASN H 287 43.91 -27.64 -96.90
N ASN H 288 44.57 -27.14 -95.86
CA ASN H 288 44.66 -27.91 -94.61
C ASN H 288 43.35 -27.88 -93.82
N ASP H 289 42.67 -26.74 -93.80
CA ASP H 289 41.39 -26.67 -93.09
C ASP H 289 40.37 -27.60 -93.72
N LEU H 290 40.27 -27.57 -95.05
CA LEU H 290 39.35 -28.47 -95.73
C LEU H 290 39.79 -29.92 -95.59
N PHE H 291 41.10 -30.18 -95.53
CA PHE H 291 41.56 -31.54 -95.30
C PHE H 291 41.15 -32.05 -93.92
N ASN H 292 41.28 -31.21 -92.90
CA ASN H 292 40.85 -31.61 -91.56
C ASN H 292 39.35 -31.82 -91.50
N ASN H 293 38.58 -30.95 -92.15
CA ASN H 293 37.14 -31.13 -92.18
C ASN H 293 36.76 -32.40 -92.92
N TYR H 294 37.50 -32.72 -93.98
CA TYR H 294 37.28 -33.96 -94.72
C TYR H 294 37.55 -35.18 -93.86
N LYS H 295 38.66 -35.17 -93.10
CA LYS H 295 38.95 -36.26 -92.18
C LYS H 295 37.86 -36.39 -91.13
N SER H 296 37.38 -35.27 -90.59
CA SER H 296 36.30 -35.31 -89.61
C SER H 296 35.03 -35.87 -90.24
N PHE H 297 34.76 -35.51 -91.49
CA PHE H 297 33.59 -36.05 -92.19
C PHE H 297 33.68 -37.56 -92.32
N PHE H 298 34.87 -38.09 -92.58
CA PHE H 298 35.04 -39.53 -92.69
C PHE H 298 35.27 -40.21 -91.35
N GLN H 299 35.30 -39.45 -90.25
CA GLN H 299 35.35 -40.03 -88.91
C GLN H 299 33.96 -40.30 -88.35
N ASP H 300 32.91 -40.04 -89.12
CA ASP H 300 31.55 -40.35 -88.72
C ASP H 300 31.23 -41.79 -89.11
N SER H 301 30.68 -42.55 -88.17
CA SER H 301 30.35 -43.95 -88.44
C SER H 301 29.24 -44.11 -89.45
N ILE H 302 28.42 -43.07 -89.66
CA ILE H 302 27.33 -43.17 -90.61
C ILE H 302 27.79 -42.91 -92.04
N PHE H 303 28.95 -42.29 -92.22
CA PHE H 303 29.50 -42.02 -93.53
C PHE H 303 30.66 -42.93 -93.89
N ASN H 304 31.13 -43.74 -92.94
CA ASN H 304 32.23 -44.69 -93.16
C ASN H 304 31.82 -46.01 -92.52
N SER H 305 31.12 -46.85 -93.28
CA SER H 305 30.59 -48.09 -92.76
C SER H 305 31.26 -49.30 -93.43
N PRO H 306 31.43 -50.40 -92.70
CA PRO H 306 31.93 -51.62 -93.33
C PRO H 306 30.86 -52.24 -94.23
N LYS H 307 31.29 -53.20 -95.05
CA LYS H 307 30.36 -53.82 -95.99
C LYS H 307 29.26 -54.59 -95.27
N LYS H 308 29.56 -55.12 -94.07
CA LYS H 308 28.53 -55.87 -93.34
C LYS H 308 27.37 -54.97 -92.93
N GLN H 309 27.66 -53.73 -92.52
CA GLN H 309 26.58 -52.81 -92.18
C GLN H 309 25.70 -52.51 -93.39
N LEU H 310 26.31 -52.24 -94.54
CA LEU H 310 25.53 -51.95 -95.73
C LEU H 310 24.74 -53.15 -96.19
N SER H 311 25.33 -54.35 -96.10
CA SER H 311 24.61 -55.56 -96.46
C SER H 311 23.40 -55.78 -95.54
N SER H 312 23.59 -55.58 -94.24
CA SER H 312 22.47 -55.73 -93.31
C SER H 312 21.38 -54.71 -93.58
N ASP H 313 21.77 -53.46 -93.84
CA ASP H 313 20.78 -52.42 -94.13
C ASP H 313 20.01 -52.74 -95.41
N SER H 314 20.70 -53.18 -96.45
CA SER H 314 20.03 -53.52 -97.70
C SER H 314 19.10 -54.71 -97.50
N LYS H 315 19.54 -55.71 -96.73
CA LYS H 315 18.69 -56.87 -96.45
C LYS H 315 17.41 -56.45 -95.74
N GLN H 316 17.53 -55.62 -94.70
CA GLN H 316 16.35 -55.23 -93.94
C GLN H 316 15.44 -54.31 -94.76
N LEU H 317 16.02 -53.42 -95.56
CA LEU H 317 15.20 -52.57 -96.41
C LEU H 317 14.45 -53.38 -97.46
N PHE H 318 15.11 -54.37 -98.05
CA PHE H 318 14.42 -55.21 -99.03
C PHE H 318 13.33 -56.05 -98.36
N LYS H 319 13.59 -56.53 -97.14
CA LYS H 319 12.55 -57.21 -96.39
C LYS H 319 11.35 -56.31 -96.16
N HIS H 320 11.60 -55.06 -95.79
CA HIS H 320 10.52 -54.10 -95.60
C HIS H 320 9.74 -53.89 -96.89
N ILE H 321 10.46 -53.70 -98.01
CA ILE H 321 9.81 -53.45 -99.29
C ILE H 321 8.93 -54.63 -99.68
N ILE H 322 9.48 -55.84 -99.63
CA ILE H 322 8.73 -57.00 -100.06
C ILE H 322 7.54 -57.26 -99.16
N TYR H 323 7.72 -57.15 -97.84
CA TYR H 323 6.60 -57.43 -96.96
C TYR H 323 5.49 -56.39 -97.10
N ARG H 324 5.85 -55.11 -97.21
CA ARG H 324 4.83 -54.09 -97.34
C ARG H 324 4.14 -54.14 -98.69
N SER H 325 4.83 -54.62 -99.73
CA SER H 325 4.23 -54.71 -101.05
C SER H 325 3.46 -56.01 -101.24
N ILE H 326 4.13 -57.14 -101.08
CA ILE H 326 3.53 -58.43 -101.40
C ILE H 326 2.82 -59.07 -100.20
N LYS H 327 3.34 -58.85 -98.98
CA LYS H 327 2.83 -59.52 -97.79
C LYS H 327 2.91 -61.04 -97.93
N ASN H 328 4.02 -61.52 -98.50
CA ASN H 328 4.15 -62.93 -98.82
C ASN H 328 4.60 -63.78 -97.64
N ASN H 329 5.02 -63.16 -96.53
CA ASN H 329 5.29 -63.85 -95.27
C ASN H 329 6.52 -64.74 -95.33
N ILE H 330 7.14 -64.89 -96.51
CA ILE H 330 8.38 -65.64 -96.64
C ILE H 330 9.61 -64.75 -96.62
N ILE H 331 9.44 -63.43 -96.76
CA ILE H 331 10.56 -62.51 -96.69
C ILE H 331 10.95 -62.21 -95.25
N GLN H 332 10.08 -62.51 -94.29
CA GLN H 332 10.38 -62.29 -92.88
C GLN H 332 11.35 -63.35 -92.37
N ASP H 333 11.91 -63.09 -91.20
CA ASP H 333 12.80 -64.05 -90.57
C ASP H 333 12.02 -65.29 -90.15
N TYR H 334 12.54 -66.46 -90.50
CA TYR H 334 11.87 -67.71 -90.15
C TYR H 334 11.93 -67.97 -88.65
N THR H 335 13.02 -67.58 -88.00
CA THR H 335 13.13 -67.73 -86.55
C THR H 335 12.20 -66.77 -85.83
N LYS H 336 11.80 -67.16 -84.62
CA LYS H 336 11.06 -66.29 -83.73
C LYS H 336 12.00 -65.89 -82.60
N LEU H 337 12.37 -64.62 -82.55
CA LEU H 337 13.39 -64.14 -81.63
C LEU H 337 12.73 -63.51 -80.41
N VAL H 338 13.12 -63.97 -79.23
CA VAL H 338 12.73 -63.34 -77.98
C VAL H 338 13.94 -62.59 -77.45
N LYS H 339 13.83 -61.27 -77.37
CA LYS H 339 14.96 -60.39 -77.06
C LYS H 339 14.77 -59.75 -75.69
N HIS H 340 15.78 -59.90 -74.84
CA HIS H 340 15.77 -59.34 -73.50
C HIS H 340 17.03 -58.52 -73.29
N GLU H 341 16.91 -57.41 -72.57
CA GLU H 341 18.04 -56.55 -72.27
C GLU H 341 18.73 -57.03 -71.00
N ASP H 342 20.02 -57.32 -71.10
CA ASP H 342 20.83 -57.69 -69.95
C ASP H 342 21.77 -56.52 -69.66
N PHE H 343 21.48 -55.80 -68.58
CA PHE H 343 22.24 -54.61 -68.20
C PHE H 343 22.90 -54.85 -66.85
N ASP H 344 24.19 -54.52 -66.77
CA ASP H 344 24.94 -54.68 -65.53
C ASP H 344 24.58 -53.52 -64.60
N GLU H 345 23.61 -53.77 -63.72
CA GLU H 345 23.11 -52.75 -62.81
C GLU H 345 24.11 -52.40 -61.72
N TYR H 346 25.19 -53.16 -61.57
CA TYR H 346 26.18 -52.94 -60.52
C TYR H 346 27.33 -52.04 -60.96
N SER H 347 27.09 -51.15 -61.92
CA SER H 347 28.11 -50.26 -62.43
C SER H 347 27.74 -48.83 -62.07
N ARG H 348 28.68 -48.11 -61.45
CA ARG H 348 28.47 -46.72 -61.08
C ARG H 348 28.77 -45.74 -62.21
N TRP H 349 29.45 -46.19 -63.26
CA TRP H 349 29.78 -45.31 -64.37
C TRP H 349 28.61 -45.05 -65.29
N ILE H 350 27.71 -46.03 -65.45
CA ILE H 350 26.53 -45.88 -66.29
C ILE H 350 25.33 -46.37 -65.50
N LYS H 351 24.30 -45.52 -65.40
CA LYS H 351 23.07 -45.86 -64.73
C LYS H 351 21.90 -45.55 -65.64
N ARG H 352 20.98 -46.49 -65.77
CA ARG H 352 19.77 -46.26 -66.55
C ARG H 352 18.77 -45.43 -65.73
N SER H 353 17.71 -45.01 -66.40
CA SER H 353 16.71 -44.17 -65.76
C SER H 353 15.48 -45.00 -65.46
N PRO H 354 15.24 -45.39 -64.21
CA PRO H 354 13.98 -46.06 -63.88
C PRO H 354 12.81 -45.17 -64.23
N GLY H 355 11.76 -45.78 -64.74
CA GLY H 355 10.74 -44.98 -65.40
C GLY H 355 11.36 -44.36 -66.64
N GLU H 356 11.14 -43.06 -66.79
CA GLU H 356 11.76 -42.31 -67.88
C GLU H 356 12.03 -40.90 -67.39
N VAL H 357 12.83 -40.17 -68.18
CA VAL H 357 12.86 -38.72 -68.07
C VAL H 357 11.70 -38.20 -68.93
N LEU H 358 10.66 -37.70 -68.27
CA LEU H 358 9.40 -37.43 -68.94
C LEU H 358 9.56 -36.30 -69.97
N PRO H 359 8.67 -36.23 -70.96
CA PRO H 359 8.86 -35.26 -72.04
C PRO H 359 8.98 -33.82 -71.58
N LEU H 360 8.25 -33.43 -70.53
CA LEU H 360 8.30 -32.06 -70.03
C LEU H 360 8.28 -32.07 -68.51
N ARG H 361 9.13 -31.26 -67.91
CA ARG H 361 9.10 -31.00 -66.48
C ARG H 361 9.09 -29.51 -66.25
N ILE H 362 8.17 -29.05 -65.39
CA ILE H 362 8.11 -27.66 -64.97
C ILE H 362 8.80 -27.56 -63.61
N ILE H 363 9.83 -26.73 -63.54
CA ILE H 363 10.73 -26.65 -62.39
C ILE H 363 10.61 -25.27 -61.77
N LYS H 364 10.38 -25.22 -60.47
CA LYS H 364 10.33 -23.95 -59.76
C LYS H 364 11.74 -23.46 -59.50
N TYR H 365 12.04 -22.26 -59.95
CA TYR H 365 13.32 -21.64 -59.64
C TYR H 365 13.38 -21.31 -58.15
N PRO H 366 14.36 -21.79 -57.41
CA PRO H 366 14.46 -21.44 -55.99
C PRO H 366 14.66 -19.94 -55.81
N LEU H 367 14.04 -19.40 -54.77
CA LEU H 367 14.07 -17.97 -54.48
C LEU H 367 14.81 -17.74 -53.17
N GLY H 368 15.64 -16.70 -53.15
CA GLY H 368 16.32 -16.32 -51.94
C GLY H 368 17.58 -17.10 -51.63
N LEU H 369 18.04 -17.96 -52.53
CA LEU H 369 19.30 -18.66 -52.30
C LEU H 369 20.49 -17.71 -52.32
N GLU H 370 20.32 -16.51 -52.86
CA GLU H 370 21.40 -15.53 -52.96
C GLU H 370 20.95 -14.22 -52.34
N THR H 371 21.78 -13.66 -51.47
CA THR H 371 21.50 -12.38 -50.83
C THR H 371 22.68 -11.42 -50.99
N ILE H 372 23.42 -11.57 -52.09
CA ILE H 372 24.63 -10.77 -52.27
C ILE H 372 24.28 -9.29 -52.43
N HIS H 373 23.27 -8.98 -53.21
CA HIS H 373 22.85 -7.58 -53.41
C HIS H 373 21.35 -7.45 -53.26
N ASN H 374 20.78 -8.15 -52.27
CA ASN H 374 19.37 -8.03 -51.91
C ASN H 374 18.46 -8.30 -53.10
N ASN H 375 18.83 -9.28 -53.92
CA ASN H 375 18.03 -9.72 -55.05
C ASN H 375 17.69 -11.19 -54.87
N ILE H 376 16.40 -11.52 -54.96
CA ILE H 376 15.93 -12.88 -54.74
C ILE H 376 15.56 -13.57 -56.03
N PHE H 377 15.87 -12.96 -57.18
CA PHE H 377 15.59 -13.55 -58.49
C PHE H 377 16.91 -13.79 -59.20
N GLU H 378 17.39 -15.04 -59.17
CA GLU H 378 18.65 -15.38 -59.80
C GLU H 378 18.57 -15.24 -61.31
N ASN H 379 17.42 -15.55 -61.90
CA ASN H 379 17.28 -15.68 -63.34
C ASN H 379 16.40 -14.56 -63.90
N THR H 380 16.72 -14.15 -65.13
CA THR H 380 15.95 -13.16 -65.87
C THR H 380 16.08 -13.48 -67.35
N ASN H 381 14.97 -13.43 -68.08
CA ASN H 381 14.98 -13.76 -69.49
C ASN H 381 15.42 -12.56 -70.33
N ASN H 382 15.45 -12.76 -71.64
CA ASN H 382 15.94 -11.71 -72.55
C ASN H 382 15.01 -10.50 -72.55
N GLU H 383 13.71 -10.71 -72.33
CA GLU H 383 12.77 -9.60 -72.26
C GLU H 383 12.96 -8.73 -71.02
N GLY H 384 13.77 -9.18 -70.06
CA GLY H 384 13.98 -8.44 -68.84
C GLY H 384 13.08 -8.83 -67.69
N ASN H 385 12.13 -9.74 -67.92
CA ASN H 385 11.22 -10.18 -66.87
C ASN H 385 11.85 -11.30 -66.06
N VAL H 386 11.75 -11.20 -64.74
CA VAL H 386 12.29 -12.24 -63.88
C VAL H 386 11.50 -13.54 -64.07
N GLU H 387 12.19 -14.65 -63.89
CA GLU H 387 11.62 -15.98 -64.15
C GLU H 387 11.36 -16.69 -62.84
N LEU H 388 10.17 -17.25 -62.70
CA LEU H 388 9.82 -18.10 -61.57
C LEU H 388 9.80 -19.58 -61.90
N PHE H 389 9.59 -19.93 -63.17
CA PHE H 389 9.47 -21.32 -63.58
C PHE H 389 10.42 -21.59 -64.74
N ARG H 390 10.63 -22.88 -64.99
CA ARG H 390 11.51 -23.34 -66.06
C ARG H 390 10.89 -24.57 -66.71
N LEU H 391 11.12 -24.72 -68.01
CA LEU H 391 10.67 -25.88 -68.77
C LEU H 391 11.89 -26.70 -69.17
N ARG H 392 11.91 -27.97 -68.77
CA ARG H 392 12.97 -28.89 -69.15
C ARG H 392 12.38 -29.99 -70.01
N PHE H 393 13.02 -30.26 -71.15
CA PHE H 393 12.52 -31.23 -72.12
C PHE H 393 13.49 -32.40 -72.23
N ASN H 394 12.94 -33.57 -72.52
CA ASN H 394 13.71 -34.78 -72.76
C ASN H 394 13.62 -35.10 -74.25
N SER H 395 14.60 -34.64 -75.01
CA SER H 395 14.56 -34.81 -76.46
C SER H 395 14.83 -36.26 -76.85
N ASN H 396 15.83 -36.89 -76.26
CA ASN H 396 16.21 -38.26 -76.57
C ASN H 396 15.75 -39.15 -75.42
N SER H 397 14.86 -40.09 -75.72
CA SER H 397 14.20 -40.89 -74.70
C SER H 397 14.95 -42.17 -74.33
N SER H 398 15.99 -42.53 -75.07
CA SER H 398 16.71 -43.78 -74.83
C SER H 398 18.13 -43.61 -74.34
N LYS H 399 18.75 -42.45 -74.56
CA LYS H 399 20.13 -42.26 -74.19
C LYS H 399 20.30 -42.29 -72.68
N MET H 400 21.49 -42.71 -72.23
CA MET H 400 21.82 -42.67 -70.82
C MET H 400 22.05 -41.23 -70.37
N GLN H 401 21.94 -41.02 -69.06
CA GLN H 401 22.22 -39.73 -68.47
C GLN H 401 23.66 -39.69 -67.99
N HIS H 402 24.37 -38.63 -68.34
CA HIS H 402 25.79 -38.54 -68.06
C HIS H 402 26.03 -38.45 -66.56
N LYS H 403 27.12 -39.07 -66.10
CA LYS H 403 27.47 -39.05 -64.69
C LYS H 403 27.89 -37.66 -64.26
N LEU H 404 27.59 -37.33 -63.01
CA LEU H 404 27.98 -36.03 -62.46
C LEU H 404 29.49 -35.87 -62.48
N VAL H 405 29.96 -34.75 -63.03
CA VAL H 405 31.40 -34.52 -63.14
C VAL H 405 31.95 -34.15 -61.77
N GLN H 406 33.11 -34.71 -61.44
CA GLN H 406 33.71 -34.52 -60.12
C GLN H 406 34.40 -33.16 -60.07
N ASP H 407 33.80 -32.20 -59.37
CA ASP H 407 34.39 -30.88 -59.23
C ASP H 407 35.53 -30.86 -58.22
N THR H 408 35.50 -31.76 -57.24
CA THR H 408 36.43 -31.67 -56.11
C THR H 408 37.87 -31.85 -56.57
N ILE H 409 38.74 -30.93 -56.14
CA ILE H 409 40.16 -30.99 -56.41
C ILE H 409 40.89 -30.70 -55.11
N TYR H 410 41.79 -31.61 -54.72
CA TYR H 410 42.48 -31.54 -53.45
C TYR H 410 43.99 -31.58 -53.66
N LEU H 411 44.71 -30.92 -52.76
CA LEU H 411 46.13 -31.16 -52.57
C LEU H 411 46.27 -32.27 -51.55
N THR H 412 46.76 -33.42 -51.98
CA THR H 412 46.82 -34.62 -51.16
C THR H 412 48.27 -34.92 -50.79
N LEU H 413 48.55 -34.98 -49.50
CA LEU H 413 49.86 -35.36 -49.00
C LEU H 413 49.72 -36.72 -48.33
N LYS H 414 50.44 -37.72 -48.84
CA LYS H 414 50.44 -39.05 -48.27
C LYS H 414 51.68 -39.19 -47.40
N GLN H 415 51.46 -39.20 -46.09
CA GLN H 415 52.54 -39.32 -45.13
C GLN H 415 52.68 -40.79 -44.74
N LYS H 416 53.76 -41.41 -45.20
CA LYS H 416 54.09 -42.80 -44.90
C LYS H 416 55.42 -42.84 -44.16
N ARG H 417 55.74 -44.01 -43.61
CA ARG H 417 56.99 -44.17 -42.90
C ARG H 417 58.18 -44.04 -43.85
N TYR H 418 59.32 -43.66 -43.28
CA TYR H 418 60.52 -43.44 -44.07
C TYR H 418 60.98 -44.72 -44.74
N ASN H 419 61.33 -44.62 -46.02
CA ASN H 419 61.82 -45.75 -46.81
C ASN H 419 63.33 -45.67 -46.89
N ARG H 420 63.98 -46.80 -46.61
CA ARG H 420 65.44 -46.86 -46.61
C ARG H 420 65.99 -46.63 -48.01
N LYS H 421 67.07 -45.87 -48.09
CA LYS H 421 67.75 -45.61 -49.36
C LYS H 421 68.75 -46.70 -49.68
N LYS H 422 68.91 -46.97 -50.97
CA LYS H 422 69.92 -47.90 -51.44
C LYS H 422 71.22 -47.18 -51.78
N VAL H 423 71.13 -46.15 -52.63
CA VAL H 423 72.25 -45.29 -52.96
C VAL H 423 71.80 -43.85 -52.86
N VAL H 424 72.75 -42.95 -52.63
CA VAL H 424 72.47 -41.52 -52.54
C VAL H 424 72.58 -40.97 -53.96
N ALA H 425 71.44 -40.73 -54.58
CA ALA H 425 71.42 -40.27 -55.97
C ALA H 425 71.88 -38.82 -56.05
N PRO H 426 72.83 -38.50 -56.92
CA PRO H 426 73.28 -37.11 -57.05
C PRO H 426 72.19 -36.22 -57.64
N GLN H 427 72.27 -34.93 -57.31
CA GLN H 427 71.32 -33.97 -57.84
C GLN H 427 71.64 -33.70 -59.31
N ILE H 428 70.71 -34.07 -60.20
CA ILE H 428 70.90 -33.94 -61.63
C ILE H 428 69.79 -33.05 -62.19
N LYS H 429 70.19 -32.04 -62.96
CA LYS H 429 69.27 -31.14 -63.65
C LYS H 429 69.58 -31.16 -65.14
N TYR H 430 68.54 -31.31 -65.95
CA TYR H 430 68.67 -31.39 -67.40
C TYR H 430 68.32 -30.05 -68.04
N TYR H 431 68.75 -29.90 -69.30
CA TYR H 431 68.44 -28.71 -70.06
C TYR H 431 66.95 -28.61 -70.35
N THR H 439 66.22 -31.44 -71.57
CA THR H 439 65.63 -32.76 -71.39
C THR H 439 66.55 -33.83 -71.98
N ASP H 440 66.78 -34.89 -71.20
CA ASP H 440 67.60 -36.05 -71.54
C ASP H 440 69.09 -35.74 -71.63
N LEU H 441 69.49 -34.48 -71.45
CA LEU H 441 70.91 -34.10 -71.45
C LEU H 441 71.24 -33.50 -70.09
N VAL H 442 72.28 -34.04 -69.45
CA VAL H 442 72.65 -33.64 -68.10
C VAL H 442 73.26 -32.25 -68.11
N LYS H 443 72.48 -31.24 -67.71
CA LYS H 443 73.01 -29.88 -67.63
C LYS H 443 73.96 -29.73 -66.45
N TYR H 444 73.55 -30.24 -65.28
CA TYR H 444 74.37 -30.11 -64.08
C TYR H 444 74.17 -31.32 -63.18
N THR H 445 75.27 -31.99 -62.83
CA THR H 445 75.24 -33.08 -61.88
C THR H 445 76.13 -32.72 -60.69
N GLY H 446 75.59 -32.86 -59.49
CA GLY H 446 76.33 -32.48 -58.29
C GLY H 446 76.02 -33.39 -57.13
N LYS H 447 76.84 -33.27 -56.09
CA LYS H 447 76.72 -34.04 -54.87
C LYS H 447 76.65 -33.08 -53.69
N PRO H 448 75.51 -32.40 -53.52
CA PRO H 448 75.42 -31.38 -52.47
C PRO H 448 75.24 -32.00 -51.09
N TYR H 449 75.84 -31.34 -50.10
CA TYR H 449 75.62 -31.70 -48.71
C TYR H 449 75.45 -30.41 -47.92
N LEU H 450 74.50 -30.43 -46.98
CA LEU H 450 74.20 -29.26 -46.16
C LEU H 450 75.27 -29.14 -45.09
N SER H 451 76.07 -28.07 -45.15
CA SER H 451 77.15 -27.87 -44.20
C SER H 451 76.61 -27.35 -42.87
N ASN H 452 77.48 -27.36 -41.86
CA ASN H 452 77.10 -26.87 -40.54
C ASN H 452 76.81 -25.38 -40.53
N ASP H 453 77.37 -24.62 -41.48
CA ASP H 453 77.11 -23.19 -41.60
C ASP H 453 76.03 -22.88 -42.63
N LYS H 454 75.16 -23.85 -42.91
CA LYS H 454 73.99 -23.66 -43.77
C LYS H 454 74.40 -23.27 -45.20
N LEU H 455 75.22 -24.13 -45.81
CA LEU H 455 75.61 -23.99 -47.20
C LEU H 455 75.56 -25.36 -47.86
N LEU H 456 74.95 -25.42 -49.05
CA LEU H 456 74.91 -26.66 -49.82
C LEU H 456 76.23 -26.81 -50.55
N LYS H 457 77.24 -27.29 -49.84
CA LYS H 457 78.57 -27.40 -50.41
C LYS H 457 78.68 -28.67 -51.24
N GLN H 458 79.75 -28.76 -52.02
CA GLN H 458 80.05 -29.95 -52.79
C GLN H 458 80.82 -30.94 -51.93
N SER H 459 80.32 -32.16 -51.84
CA SER H 459 80.88 -33.15 -50.93
C SER H 459 82.11 -33.80 -51.53
N ILE H 460 83.18 -33.90 -50.72
CA ILE H 460 84.38 -34.62 -51.13
C ILE H 460 84.36 -36.06 -50.65
N TYR H 461 83.31 -36.49 -49.97
CA TYR H 461 83.17 -37.84 -49.47
C TYR H 461 82.30 -38.67 -50.42
N ASP H 462 82.09 -39.93 -50.05
CA ASP H 462 81.15 -40.80 -50.75
C ASP H 462 79.86 -40.81 -49.93
N GLN H 463 78.83 -40.14 -50.44
CA GLN H 463 77.60 -39.99 -49.68
C GLN H 463 76.95 -41.32 -49.37
N THR H 464 77.04 -42.28 -50.30
CA THR H 464 76.52 -43.62 -50.02
C THR H 464 77.25 -44.26 -48.86
N THR H 465 78.57 -44.10 -48.80
CA THR H 465 79.34 -44.65 -47.69
C THR H 465 78.94 -44.01 -46.36
N GLN H 466 78.75 -42.69 -46.35
CA GLN H 466 78.31 -42.04 -45.12
C GLN H 466 76.94 -42.54 -44.69
N TYR H 467 76.02 -42.69 -45.65
CA TYR H 467 74.70 -43.21 -45.34
C TYR H 467 74.78 -44.62 -44.76
N LYS H 468 75.61 -45.48 -45.37
CA LYS H 468 75.71 -46.85 -44.90
C LYS H 468 76.45 -46.96 -43.59
N LEU H 469 77.37 -46.05 -43.30
CA LEU H 469 78.05 -46.08 -42.01
C LEU H 469 77.15 -45.58 -40.89
N ILE H 470 76.31 -44.57 -41.17
CA ILE H 470 75.30 -44.17 -40.19
C ILE H 470 74.31 -45.29 -39.97
N LYS H 471 73.91 -45.98 -41.04
CA LYS H 471 72.98 -47.09 -40.91
C LYS H 471 73.58 -48.23 -40.10
N LYS H 472 74.85 -48.55 -40.34
CA LYS H 472 75.47 -49.70 -39.69
C LYS H 472 75.74 -49.43 -38.22
N ASN H 473 76.57 -48.44 -37.92
CA ASN H 473 77.09 -48.24 -36.57
C ASN H 473 77.14 -46.75 -36.27
N LYS H 474 76.15 -46.25 -35.55
CA LYS H 474 76.12 -44.85 -35.13
C LYS H 474 76.30 -44.77 -33.63
N LYS H 475 77.05 -43.76 -33.18
CA LYS H 475 77.31 -43.58 -31.77
C LYS H 475 76.04 -43.17 -31.05
N ARG H 476 75.74 -43.85 -29.95
CA ARG H 476 74.58 -43.52 -29.12
C ARG H 476 75.00 -43.55 -27.65
N GLY H 477 74.12 -43.04 -26.80
CA GLY H 477 74.39 -42.98 -25.38
C GLY H 477 73.11 -43.13 -24.58
N GLU H 478 73.26 -43.19 -23.27
CA GLU H 478 72.11 -43.39 -22.39
C GLU H 478 71.13 -42.23 -22.50
N LEU H 479 71.63 -41.00 -22.32
CA LEU H 479 70.76 -39.81 -22.28
C LEU H 479 70.79 -39.10 -23.63
N ILE H 480 70.22 -39.77 -24.62
CA ILE H 480 70.22 -39.27 -26.00
C ILE H 480 68.85 -38.67 -26.30
N PRO H 481 68.77 -37.45 -26.82
CA PRO H 481 67.47 -36.82 -27.04
C PRO H 481 66.67 -37.49 -28.15
N VAL H 482 65.36 -37.32 -28.10
CA VAL H 482 64.49 -37.85 -29.15
C VAL H 482 64.72 -37.12 -30.47
N THR H 483 65.30 -35.92 -30.44
CA THR H 483 65.61 -35.21 -31.67
C THR H 483 66.69 -35.93 -32.47
N LEU H 484 67.69 -36.47 -31.78
CA LEU H 484 68.82 -37.13 -32.42
C LEU H 484 68.65 -38.64 -32.51
N ALA H 485 67.58 -39.20 -31.94
CA ALA H 485 67.33 -40.65 -31.98
C ALA H 485 65.91 -40.85 -32.47
N ARG H 486 65.74 -40.89 -33.79
CA ARG H 486 64.45 -41.14 -34.42
C ARG H 486 64.55 -42.44 -35.21
N ARG H 487 63.86 -43.47 -34.75
CA ARG H 487 63.84 -44.76 -35.41
C ARG H 487 62.45 -45.21 -35.81
N ILE H 488 61.42 -44.83 -35.07
CA ILE H 488 60.05 -45.19 -35.38
C ILE H 488 59.20 -43.99 -35.75
N LEU H 489 59.75 -42.78 -35.65
CA LEU H 489 59.01 -41.54 -35.83
C LEU H 489 59.43 -40.79 -37.08
N ARG H 490 59.91 -41.50 -38.10
CA ARG H 490 60.43 -40.89 -39.32
C ARG H 490 59.46 -41.12 -40.46
N THR H 491 59.14 -40.04 -41.18
CA THR H 491 58.28 -40.10 -42.35
C THR H 491 58.95 -39.34 -43.50
N LYS H 492 58.40 -39.52 -44.69
CA LYS H 492 58.93 -38.86 -45.88
C LYS H 492 58.20 -37.57 -46.23
N LYS H 493 57.23 -37.16 -45.42
CA LYS H 493 56.50 -35.93 -45.69
C LYS H 493 56.07 -35.30 -44.38
N THR H 494 55.87 -33.99 -44.40
CA THR H 494 55.50 -33.22 -43.22
C THR H 494 54.21 -32.45 -43.48
N LEU H 495 53.31 -32.45 -42.50
CA LEU H 495 52.10 -31.65 -42.58
C LEU H 495 52.40 -30.27 -42.02
N VAL H 496 52.46 -29.27 -42.90
CA VAL H 496 52.84 -27.91 -42.52
C VAL H 496 51.57 -27.08 -42.32
N LEU H 497 51.48 -26.43 -41.18
CA LEU H 497 50.34 -25.60 -40.80
C LEU H 497 50.85 -24.29 -40.22
N PRO H 498 50.04 -23.24 -40.27
CA PRO H 498 50.44 -21.96 -39.65
C PRO H 498 50.21 -21.99 -38.14
N ALA H 499 50.85 -21.04 -37.48
CA ALA H 499 50.77 -20.92 -36.03
C ALA H 499 49.92 -19.72 -35.64
N HIS H 500 49.34 -19.80 -34.44
CA HIS H 500 48.52 -18.74 -33.86
C HIS H 500 47.28 -18.45 -34.70
N VAL H 501 46.69 -19.49 -35.27
CA VAL H 501 45.49 -19.34 -36.09
C VAL H 501 44.68 -20.64 -36.02
N ASN H 502 43.47 -20.61 -36.55
CA ASN H 502 42.50 -21.69 -36.38
C ASN H 502 42.35 -22.52 -37.65
N ILE H 503 42.51 -23.84 -37.47
CA ILE H 503 42.40 -24.81 -38.54
C ILE H 503 41.36 -25.84 -38.14
N THR H 504 40.38 -26.06 -39.01
CA THR H 504 39.37 -27.10 -38.78
C THR H 504 39.89 -28.41 -39.37
N LEU H 505 40.16 -29.37 -38.50
CA LEU H 505 40.59 -30.69 -38.93
C LEU H 505 39.37 -31.59 -39.04
N ILE H 506 39.12 -32.09 -40.24
CA ILE H 506 38.05 -33.06 -40.46
C ILE H 506 38.68 -34.44 -40.46
N THR H 507 38.48 -35.18 -39.38
CA THR H 507 39.10 -36.49 -39.20
C THR H 507 38.15 -37.59 -39.66
N ASN H 508 38.71 -38.55 -40.40
CA ASN H 508 37.98 -39.69 -40.91
C ASN H 508 38.98 -40.80 -41.19
N SER H 509 38.47 -42.00 -41.45
CA SER H 509 39.32 -43.16 -41.70
C SER H 509 38.77 -43.96 -42.86
N TYR H 510 39.68 -44.49 -43.68
CA TYR H 510 39.27 -45.29 -44.83
C TYR H 510 38.62 -46.60 -44.39
N ASP H 511 39.28 -47.35 -43.51
CA ASP H 511 38.87 -48.72 -43.20
C ASP H 511 38.47 -48.91 -41.74
N ILE H 512 39.36 -48.64 -40.79
CA ILE H 512 39.13 -48.92 -39.38
C ILE H 512 39.53 -47.70 -38.56
N VAL H 513 39.31 -47.79 -37.25
CA VAL H 513 39.53 -46.66 -36.36
C VAL H 513 41.01 -46.51 -36.08
N HIS H 514 41.54 -45.31 -36.31
CA HIS H 514 42.90 -44.94 -35.93
C HIS H 514 42.83 -43.77 -34.98
N SER H 515 43.98 -43.38 -34.44
CA SER H 515 44.05 -42.25 -33.51
C SER H 515 45.24 -41.39 -33.84
N TRP H 516 44.98 -40.23 -34.43
CA TRP H 516 45.99 -39.21 -34.71
C TRP H 516 46.41 -38.62 -33.37
N PHE H 517 47.54 -39.08 -32.81
CA PHE H 517 47.93 -38.75 -31.45
C PHE H 517 49.21 -37.93 -31.48
N ILE H 518 49.11 -36.66 -31.09
CA ILE H 518 50.25 -35.76 -30.99
C ILE H 518 50.53 -35.55 -29.50
N PRO H 519 51.61 -36.10 -28.96
CA PRO H 519 51.89 -35.94 -27.53
C PRO H 519 52.39 -34.55 -27.17
N GLY H 520 53.19 -33.95 -28.05
CA GLY H 520 53.71 -32.62 -27.77
C GLY H 520 52.62 -31.58 -27.66
N LEU H 521 51.62 -31.65 -28.53
CA LEU H 521 50.45 -30.79 -28.42
C LEU H 521 49.43 -31.32 -27.43
N GLY H 522 49.63 -32.54 -26.93
CA GLY H 522 48.68 -33.12 -26.00
C GLY H 522 47.30 -33.30 -26.58
N ILE H 523 47.20 -33.73 -27.83
CA ILE H 523 45.91 -33.91 -28.48
C ILE H 523 45.85 -35.30 -29.09
N LYS H 524 44.64 -35.79 -29.28
CA LYS H 524 44.41 -37.08 -29.93
C LYS H 524 43.04 -37.05 -30.58
N LEU H 525 43.01 -37.23 -31.90
CA LEU H 525 41.79 -37.21 -32.67
C LEU H 525 41.52 -38.61 -33.19
N ASP H 526 40.34 -39.15 -32.88
CA ASP H 526 39.99 -40.50 -33.28
C ASP H 526 39.40 -40.46 -34.68
N CYS H 527 40.11 -41.04 -35.64
CA CYS H 527 39.64 -41.15 -37.02
C CYS H 527 38.80 -42.43 -37.11
N VAL H 528 37.48 -42.24 -37.24
CA VAL H 528 36.51 -43.33 -37.21
C VAL H 528 35.87 -43.44 -38.58
N PRO H 529 35.70 -44.64 -39.13
CA PRO H 529 35.07 -44.78 -40.45
C PRO H 529 33.64 -44.24 -40.45
N GLY H 530 33.31 -43.52 -41.52
CA GLY H 530 31.98 -42.97 -41.67
C GLY H 530 31.67 -41.78 -40.78
N ARG H 531 32.62 -41.33 -39.97
CA ARG H 531 32.43 -40.19 -39.08
C ARG H 531 33.36 -39.08 -39.54
N SER H 532 32.79 -37.99 -40.04
CA SER H 532 33.56 -36.81 -40.46
C SER H 532 33.61 -35.84 -39.28
N THR H 533 34.51 -36.12 -38.34
CA THR H 533 34.53 -35.38 -37.09
C THR H 533 35.30 -34.08 -37.26
N HIS H 534 34.66 -32.96 -36.93
CA HIS H 534 35.29 -31.66 -37.03
C HIS H 534 35.91 -31.28 -35.69
N HIS H 535 37.21 -30.96 -35.72
CA HIS H 535 37.94 -30.50 -34.55
C HIS H 535 38.53 -29.14 -34.84
N THR H 536 38.59 -28.30 -33.81
CA THR H 536 39.34 -27.06 -33.90
C THR H 536 40.80 -27.32 -33.55
N PHE H 537 41.69 -26.59 -34.22
CA PHE H 537 43.12 -26.83 -34.10
C PHE H 537 43.82 -25.48 -34.00
N PHE H 538 44.47 -25.23 -32.87
CA PHE H 538 45.20 -23.99 -32.63
C PHE H 538 46.55 -24.35 -32.05
N ILE H 539 47.62 -23.90 -32.70
CA ILE H 539 48.98 -24.09 -32.21
C ILE H 539 49.55 -22.71 -31.92
N ASP H 540 49.93 -22.48 -30.67
CA ASP H 540 50.34 -21.17 -30.20
C ASP H 540 51.85 -21.01 -30.14
N ASN H 541 52.59 -21.81 -30.92
CA ASN H 541 54.04 -21.68 -30.95
C ASN H 541 54.55 -22.30 -32.24
N VAL H 542 55.74 -21.88 -32.63
CA VAL H 542 56.45 -22.49 -33.76
C VAL H 542 57.02 -23.82 -33.30
N GLY H 543 56.58 -24.90 -33.91
CA GLY H 543 56.99 -26.20 -33.41
C GLY H 543 56.87 -27.37 -34.36
N PHE H 544 57.84 -28.27 -34.32
CA PHE H 544 57.83 -29.51 -35.09
C PHE H 544 57.50 -30.64 -34.14
N TYR H 545 56.30 -31.20 -34.26
CA TYR H 545 55.81 -32.23 -33.35
C TYR H 545 55.71 -33.56 -34.09
N TYR H 546 56.27 -34.60 -33.49
CA TYR H 546 56.03 -35.96 -33.94
C TYR H 546 54.79 -36.53 -33.25
N GLY H 547 54.29 -37.61 -33.80
CA GLY H 547 53.11 -38.24 -33.23
C GLY H 547 52.96 -39.65 -33.77
N GLN H 548 51.94 -40.34 -33.29
CA GLN H 548 51.74 -41.74 -33.64
C GLN H 548 50.27 -42.06 -33.79
N CYS H 549 49.99 -43.34 -34.01
CA CYS H 549 48.65 -43.89 -34.03
C CYS H 549 48.40 -44.54 -32.67
N ALA H 550 47.33 -44.13 -32.00
CA ALA H 550 47.03 -44.61 -30.65
C ALA H 550 45.74 -45.42 -30.61
N GLU H 551 45.42 -46.12 -31.70
CA GLU H 551 44.32 -47.07 -31.73
C GLU H 551 44.79 -48.29 -32.49
N ILE H 552 44.64 -49.47 -31.88
CA ILE H 552 45.19 -50.69 -32.47
C ILE H 552 44.59 -50.91 -33.84
N CYS H 553 45.46 -51.13 -34.83
CA CYS H 553 45.00 -51.23 -36.20
C CYS H 553 45.60 -52.37 -37.02
N GLY H 554 46.65 -53.04 -36.57
CA GLY H 554 47.14 -54.17 -37.32
C GLY H 554 48.65 -54.33 -37.34
N ARG H 555 49.20 -54.65 -38.52
CA ARG H 555 50.62 -54.95 -38.62
C ARG H 555 51.48 -53.75 -38.24
N TYR H 556 51.23 -52.60 -38.85
CA TYR H 556 52.07 -51.42 -38.70
C TYR H 556 51.43 -50.38 -37.81
N HIS H 557 50.75 -50.84 -36.75
CA HIS H 557 50.23 -49.91 -35.75
C HIS H 557 51.37 -49.13 -35.10
N HIS H 558 52.49 -49.80 -34.82
CA HIS H 558 53.64 -49.12 -34.25
C HIS H 558 54.28 -48.17 -35.26
N HIS H 559 54.43 -48.59 -36.50
CA HIS H 559 55.12 -47.81 -37.52
C HIS H 559 54.12 -47.04 -38.38
N MET H 560 53.42 -46.12 -37.72
CA MET H 560 52.43 -45.24 -38.36
C MET H 560 52.67 -43.82 -37.85
N PRO H 561 53.80 -43.22 -38.20
CA PRO H 561 54.21 -41.97 -37.54
C PRO H 561 53.58 -40.75 -38.18
N ILE H 562 53.69 -39.63 -37.45
CA ILE H 562 53.11 -38.35 -37.85
C ILE H 562 54.15 -37.27 -37.63
N ARG H 563 54.24 -36.32 -38.56
CA ARG H 563 55.08 -35.14 -38.40
C ARG H 563 54.28 -33.90 -38.79
N VAL H 564 54.09 -32.99 -37.84
CA VAL H 564 53.34 -31.76 -38.05
C VAL H 564 54.25 -30.59 -37.70
N CYS H 565 54.40 -29.67 -38.64
CA CYS H 565 55.24 -28.49 -38.45
C CYS H 565 54.34 -27.25 -38.45
N ALA H 566 54.22 -26.61 -37.29
CA ALA H 566 53.53 -25.34 -37.17
C ALA H 566 54.55 -24.22 -37.31
N LEU H 567 54.35 -23.37 -38.31
CA LEU H 567 55.28 -22.33 -38.71
C LEU H 567 54.57 -20.99 -38.71
N PRO H 568 55.31 -19.89 -38.59
CA PRO H 568 54.70 -18.57 -38.76
C PRO H 568 54.17 -18.41 -40.19
N PHE H 569 53.18 -17.53 -40.33
CA PHE H 569 52.42 -17.48 -41.57
C PHE H 569 53.27 -17.09 -42.77
N GLU H 570 54.38 -16.38 -42.57
CA GLU H 570 55.26 -16.09 -43.70
C GLU H 570 55.93 -17.34 -44.22
N HIS H 571 56.48 -18.17 -43.32
CA HIS H 571 57.10 -19.41 -43.74
C HIS H 571 56.06 -20.41 -44.23
N PHE H 572 54.89 -20.44 -43.60
CA PHE H 572 53.82 -21.30 -44.10
C PHE H 572 53.39 -20.89 -45.50
N LEU H 573 53.30 -19.58 -45.75
CA LEU H 573 52.93 -19.11 -47.08
C LEU H 573 54.01 -19.45 -48.10
N LEU H 574 55.28 -19.37 -47.70
CA LEU H 574 56.35 -19.77 -48.60
C LEU H 574 56.25 -21.25 -48.95
N TRP H 575 55.98 -22.09 -47.95
CA TRP H 575 55.79 -23.52 -48.23
C TRP H 575 54.57 -23.76 -49.11
N TRP H 576 53.49 -23.04 -48.85
CA TRP H 576 52.24 -23.22 -49.59
C TRP H 576 52.41 -22.83 -51.05
N ASN H 577 53.12 -21.73 -51.32
CA ASN H 577 53.30 -21.29 -52.69
C ASN H 577 54.30 -22.15 -53.43
N THR H 578 55.28 -22.74 -52.73
CA THR H 578 56.33 -23.51 -53.38
C THR H 578 55.98 -24.99 -53.50
N PHE H 579 55.38 -25.58 -52.46
CA PHE H 579 55.09 -27.00 -52.47
C PHE H 579 53.61 -27.35 -52.45
N GLY H 580 52.74 -26.39 -52.11
CA GLY H 580 51.32 -26.66 -52.06
C GLY H 580 50.57 -26.24 -53.30
N LEU H 581 50.82 -25.01 -53.76
CA LEU H 581 50.13 -24.52 -54.95
C LEU H 581 50.41 -25.31 -56.21
N PRO H 582 51.67 -25.70 -56.54
CA PRO H 582 51.88 -26.49 -57.75
C PRO H 582 51.20 -27.85 -57.73
N LYS H 583 50.52 -28.18 -56.63
CA LYS H 583 49.83 -29.46 -56.46
C LYS H 583 50.80 -30.62 -56.58
N SER I 13 -62.21 -109.72 -48.62
CA SER I 13 -62.66 -109.94 -47.25
C SER I 13 -63.66 -111.09 -47.18
N ARG I 14 -63.38 -112.16 -47.91
CA ARG I 14 -64.25 -113.32 -47.92
C ARG I 14 -64.11 -114.12 -46.62
N ILE I 15 -65.14 -114.90 -46.30
CA ILE I 15 -65.16 -115.76 -45.13
C ILE I 15 -65.51 -117.17 -45.58
N TYR I 16 -64.69 -118.14 -45.19
CA TYR I 16 -64.95 -119.54 -45.50
C TYR I 16 -64.59 -120.41 -44.30
N TRP I 17 -65.25 -121.56 -44.21
CA TRP I 17 -64.99 -122.52 -43.16
C TRP I 17 -64.70 -123.88 -43.78
N PHE I 18 -63.61 -124.51 -43.36
CA PHE I 18 -63.22 -125.84 -43.84
C PHE I 18 -63.29 -126.83 -42.69
N ASP I 19 -63.94 -127.97 -42.94
CA ASP I 19 -64.03 -129.06 -41.97
C ASP I 19 -63.07 -130.15 -42.42
N PHE I 20 -62.00 -130.36 -41.65
CA PHE I 20 -60.98 -131.33 -41.98
C PHE I 20 -61.19 -132.68 -41.33
N ASN I 21 -62.28 -132.84 -40.54
CA ASN I 21 -62.58 -134.08 -39.85
C ASN I 21 -61.45 -134.52 -38.93
N GLY I 22 -60.67 -133.56 -38.44
CA GLY I 22 -59.54 -133.86 -37.58
C GLY I 22 -58.31 -134.37 -38.30
N THR I 23 -58.33 -134.45 -39.63
CA THR I 23 -57.15 -134.92 -40.36
C THR I 23 -56.01 -133.92 -40.25
N VAL I 24 -56.31 -132.63 -40.26
CA VAL I 24 -55.31 -131.57 -40.20
C VAL I 24 -55.31 -131.01 -38.78
N ASN I 25 -54.13 -130.96 -38.17
CA ASN I 25 -54.00 -130.41 -36.83
C ASN I 25 -54.22 -128.90 -36.87
N GLU I 26 -55.14 -128.41 -36.04
CA GLU I 26 -55.50 -127.00 -36.02
C GLU I 26 -54.81 -126.22 -34.92
N ASN I 27 -53.95 -126.86 -34.12
CA ASN I 27 -53.24 -126.16 -33.06
C ASN I 27 -52.00 -125.43 -33.56
N LEU I 28 -51.59 -125.66 -34.80
CA LEU I 28 -50.42 -125.05 -35.40
C LEU I 28 -50.80 -124.46 -36.74
N PRO I 29 -50.02 -123.49 -37.24
CA PRO I 29 -50.38 -122.84 -38.50
C PRO I 29 -50.50 -123.85 -39.63
N LEU I 30 -51.47 -123.58 -40.52
CA LEU I 30 -51.74 -124.50 -41.62
C LEU I 30 -50.56 -124.57 -42.58
N ASN I 31 -50.30 -125.76 -43.10
CA ASN I 31 -49.19 -125.98 -44.00
C ASN I 31 -49.42 -125.25 -45.32
N TYR I 32 -48.33 -125.04 -46.06
CA TYR I 32 -48.44 -124.41 -47.37
C TYR I 32 -49.30 -125.24 -48.32
N ASN I 33 -49.13 -126.56 -48.29
CA ASN I 33 -49.91 -127.43 -49.17
C ASN I 33 -51.38 -127.45 -48.78
N VAL I 34 -51.67 -127.44 -47.47
CA VAL I 34 -53.05 -127.40 -47.02
C VAL I 34 -53.73 -126.12 -47.46
N LEU I 35 -53.02 -124.98 -47.32
CA LEU I 35 -53.57 -123.72 -47.77
C LEU I 35 -53.70 -123.67 -49.29
N LYS I 36 -52.80 -124.32 -50.02
CA LYS I 36 -52.94 -124.41 -51.47
C LYS I 36 -54.19 -125.20 -51.85
N ILE I 37 -54.44 -126.30 -51.14
CA ILE I 37 -55.66 -127.07 -51.38
C ILE I 37 -56.89 -126.23 -51.07
N CYS I 38 -56.86 -125.47 -49.97
CA CYS I 38 -57.97 -124.59 -49.64
C CYS I 38 -58.19 -123.53 -50.72
N ARG I 39 -57.10 -122.95 -51.23
CA ARG I 39 -57.21 -121.94 -52.28
C ARG I 39 -57.80 -122.54 -53.55
N ASN I 40 -57.36 -123.74 -53.93
CA ASN I 40 -57.93 -124.40 -55.09
C ASN I 40 -59.41 -124.70 -54.89
N GLU I 41 -59.78 -125.14 -53.68
CA GLU I 41 -61.18 -125.41 -53.37
C GLU I 41 -62.02 -124.14 -53.48
N ILE I 42 -61.51 -123.02 -52.98
CA ILE I 42 -62.23 -121.76 -53.07
C ILE I 42 -62.37 -121.32 -54.52
N ASN I 43 -61.29 -121.44 -55.30
CA ASN I 43 -61.34 -121.04 -56.70
C ASN I 43 -62.34 -121.88 -57.48
N LYS I 44 -62.38 -123.19 -57.22
CA LYS I 44 -63.39 -124.04 -57.85
C LYS I 44 -64.79 -123.64 -57.39
N LEU I 45 -64.93 -123.29 -56.10
CA LEU I 45 -66.24 -122.95 -55.57
C LEU I 45 -66.71 -121.58 -56.06
N GLU I 46 -65.78 -120.62 -56.19
CA GLU I 46 -66.19 -119.26 -56.51
C GLU I 46 -66.63 -119.12 -57.96
N LYS I 47 -66.14 -119.98 -58.86
CA LYS I 47 -66.58 -119.93 -60.25
C LYS I 47 -68.06 -120.26 -60.37
N LEU I 48 -68.52 -121.27 -59.64
CA LEU I 48 -69.93 -121.62 -59.59
C LEU I 48 -70.26 -121.99 -58.15
N ASN I 49 -71.05 -121.15 -57.49
CA ASN I 49 -71.34 -121.35 -56.07
C ASN I 49 -72.05 -122.68 -55.86
N GLU I 50 -71.62 -123.41 -54.84
CA GLU I 50 -72.12 -124.75 -54.55
C GLU I 50 -72.81 -124.72 -53.19
N ASN I 51 -74.10 -124.36 -53.19
CA ASN I 51 -74.93 -124.41 -51.99
C ASN I 51 -74.37 -123.57 -50.84
N ASN I 52 -73.66 -122.49 -51.19
CA ASN I 52 -73.06 -121.59 -50.20
C ASN I 52 -72.16 -122.35 -49.23
N LEU I 53 -71.35 -123.27 -49.77
CA LEU I 53 -70.43 -124.02 -48.93
C LEU I 53 -69.36 -123.10 -48.35
N GLY I 54 -68.95 -123.39 -47.12
CA GLY I 54 -67.99 -122.57 -46.41
C GLY I 54 -68.56 -121.80 -45.24
N THR I 55 -69.85 -121.90 -44.98
CA THR I 55 -70.45 -121.23 -43.84
C THR I 55 -70.01 -121.91 -42.54
N GLN I 56 -70.18 -121.19 -41.43
CA GLN I 56 -69.76 -121.72 -40.14
C GLN I 56 -70.53 -122.99 -39.79
N LYS I 57 -71.83 -123.01 -40.08
CA LYS I 57 -72.64 -124.19 -39.82
C LYS I 57 -72.67 -125.17 -40.99
N ASN I 58 -72.13 -124.78 -42.15
CA ASN I 58 -72.07 -125.64 -43.34
C ASN I 58 -70.65 -125.62 -43.89
N PRO I 59 -69.70 -126.22 -43.18
CA PRO I 59 -68.30 -126.16 -43.62
C PRO I 59 -68.02 -127.06 -44.80
N ILE I 60 -66.91 -126.77 -45.48
CA ILE I 60 -66.44 -127.60 -46.58
C ILE I 60 -65.73 -128.82 -46.01
N LYS I 61 -66.09 -130.00 -46.53
CA LYS I 61 -65.56 -131.26 -46.02
C LYS I 61 -64.36 -131.67 -46.87
N LEU I 62 -63.18 -131.73 -46.24
CA LEU I 62 -61.96 -132.16 -46.90
C LEU I 62 -61.28 -133.25 -46.08
N ASN I 63 -60.92 -134.35 -46.72
CA ASN I 63 -60.17 -135.44 -46.09
C ASN I 63 -58.77 -135.43 -46.68
N LEU I 64 -57.85 -134.76 -46.01
CA LEU I 64 -56.48 -134.58 -46.49
C LEU I 64 -55.59 -135.62 -45.82
N SER I 65 -54.91 -136.42 -46.64
CA SER I 65 -54.04 -137.46 -46.15
C SER I 65 -52.62 -136.91 -45.95
N PHE I 66 -51.73 -137.78 -45.45
CA PHE I 66 -50.35 -137.35 -45.22
C PHE I 66 -49.67 -136.96 -46.52
N GLU I 67 -49.91 -137.72 -47.58
CA GLU I 67 -49.32 -137.39 -48.88
C GLU I 67 -49.86 -136.07 -49.40
N ASP I 68 -51.16 -135.83 -49.25
CA ASP I 68 -51.74 -134.58 -49.72
C ASP I 68 -51.19 -133.39 -48.94
N LYS I 69 -51.04 -133.54 -47.62
CA LYS I 69 -50.64 -132.41 -46.78
C LYS I 69 -49.16 -132.07 -46.89
N HIS I 70 -48.30 -133.06 -47.11
CA HIS I 70 -46.86 -132.83 -46.99
C HIS I 70 -46.07 -133.18 -48.24
N TYR I 71 -46.42 -134.27 -48.94
CA TYR I 71 -45.57 -134.76 -50.02
C TYR I 71 -45.46 -133.75 -51.15
N ASN I 72 -46.59 -133.26 -51.65
CA ASN I 72 -46.59 -132.37 -52.80
C ASN I 72 -45.98 -131.02 -52.45
N ASN I 87 -24.35 -131.15 -84.16
CA ASN I 87 -25.49 -130.29 -84.44
C ASN I 87 -25.04 -128.87 -84.80
N SER I 88 -23.97 -128.78 -85.57
CA SER I 88 -23.48 -127.47 -86.00
C SER I 88 -24.50 -126.76 -86.89
N LYS I 89 -25.09 -127.49 -87.83
CA LYS I 89 -26.12 -126.88 -88.69
C LYS I 89 -27.35 -126.50 -87.88
N ASN I 90 -27.74 -127.34 -86.92
CA ASN I 90 -28.88 -127.02 -86.07
C ASN I 90 -28.61 -125.75 -85.28
N PHE I 91 -27.41 -125.61 -84.71
CA PHE I 91 -27.07 -124.40 -83.97
C PHE I 91 -27.00 -123.18 -84.88
N ILE I 92 -26.53 -123.35 -86.12
CA ILE I 92 -26.49 -122.23 -87.05
C ILE I 92 -27.91 -121.75 -87.36
N SER I 93 -28.82 -122.67 -87.65
CA SER I 93 -30.20 -122.30 -87.91
C SER I 93 -30.83 -121.65 -86.68
N SER I 94 -30.53 -122.20 -85.50
CA SER I 94 -31.06 -121.65 -84.26
C SER I 94 -30.58 -120.22 -84.03
N ILE I 95 -29.28 -119.96 -84.26
CA ILE I 95 -28.77 -118.62 -84.02
C ILE I 95 -29.30 -117.64 -85.05
N PHE I 96 -29.50 -118.07 -86.30
CA PHE I 96 -30.11 -117.18 -87.28
C PHE I 96 -31.54 -116.81 -86.88
N ASP I 97 -32.35 -117.81 -86.54
CA ASP I 97 -33.74 -117.54 -86.16
C ASP I 97 -33.80 -116.68 -84.91
N LYS I 98 -32.94 -116.97 -83.92
CA LYS I 98 -32.92 -116.18 -82.70
C LYS I 98 -32.39 -114.78 -82.95
N THR I 99 -31.53 -114.60 -83.95
CA THR I 99 -31.11 -113.25 -84.34
C THR I 99 -32.29 -112.45 -84.88
N PHE I 100 -33.09 -113.07 -85.75
CA PHE I 100 -34.26 -112.36 -86.27
C PHE I 100 -35.25 -112.04 -85.14
N GLU I 101 -35.49 -113.00 -84.25
CA GLU I 101 -36.40 -112.77 -83.14
C GLU I 101 -35.85 -111.70 -82.18
N SER I 102 -34.52 -111.68 -81.99
CA SER I 102 -33.90 -110.67 -81.15
C SER I 102 -34.07 -109.29 -81.76
N LEU I 103 -33.91 -109.17 -83.07
CA LEU I 103 -34.16 -107.90 -83.73
C LEU I 103 -35.61 -107.46 -83.53
N ASN I 104 -36.55 -108.40 -83.67
CA ASN I 104 -37.96 -108.07 -83.44
C ASN I 104 -38.19 -107.57 -82.01
N THR I 105 -37.61 -108.27 -81.03
CA THR I 105 -37.80 -107.86 -79.64
C THR I 105 -37.19 -106.50 -79.37
N VAL I 106 -36.00 -106.24 -79.91
CA VAL I 106 -35.36 -104.95 -79.71
C VAL I 106 -36.20 -103.83 -80.34
N LEU I 107 -36.70 -104.05 -81.55
CA LEU I 107 -37.51 -103.03 -82.21
C LEU I 107 -38.80 -102.77 -81.45
N MET I 108 -39.43 -103.82 -80.90
CA MET I 108 -40.71 -103.66 -80.24
C MET I 108 -40.61 -103.29 -78.77
N ALA I 109 -39.42 -103.35 -78.16
CA ALA I 109 -39.31 -103.10 -76.73
C ALA I 109 -39.72 -101.68 -76.32
N PRO I 110 -39.22 -100.61 -76.95
CA PRO I 110 -39.70 -99.27 -76.56
C PRO I 110 -41.20 -99.09 -76.78
N ILE I 111 -41.73 -99.69 -77.85
CA ILE I 111 -43.16 -99.60 -78.10
C ILE I 111 -43.95 -100.29 -77.01
N TYR I 112 -43.51 -101.48 -76.59
CA TYR I 112 -44.18 -102.19 -75.52
C TYR I 112 -44.10 -101.41 -74.21
N SER I 113 -42.94 -100.81 -73.93
CA SER I 113 -42.81 -100.00 -72.72
C SER I 113 -43.75 -98.81 -72.74
N PHE I 114 -43.85 -98.12 -73.88
CA PHE I 114 -44.76 -96.98 -73.98
C PHE I 114 -46.21 -97.42 -73.83
N LEU I 115 -46.58 -98.55 -74.44
CA LEU I 115 -47.95 -99.04 -74.32
C LEU I 115 -48.28 -99.41 -72.88
N GLU I 116 -47.34 -100.07 -72.20
CA GLU I 116 -47.56 -100.42 -70.79
C GLU I 116 -47.67 -99.17 -69.93
N PHE I 117 -46.85 -98.15 -70.20
CA PHE I 117 -46.94 -96.92 -69.44
C PHE I 117 -48.28 -96.22 -69.67
N LYS I 118 -48.77 -96.21 -70.91
CA LYS I 118 -50.07 -95.63 -71.18
C LYS I 118 -51.19 -96.43 -70.51
N LEU I 119 -51.04 -97.75 -70.45
CA LEU I 119 -52.00 -98.57 -69.72
C LEU I 119 -51.99 -98.22 -68.23
N LYS I 120 -50.80 -97.99 -67.66
CA LYS I 120 -50.71 -97.59 -66.26
C LYS I 120 -51.37 -96.23 -66.04
N LEU I 121 -51.17 -95.30 -66.97
CA LEU I 121 -51.83 -94.00 -66.87
C LEU I 121 -53.34 -94.13 -66.92
N SER I 122 -53.85 -94.98 -67.82
CA SER I 122 -55.29 -95.19 -67.92
C SER I 122 -55.84 -95.83 -66.65
N SER I 123 -55.12 -96.78 -66.09
CA SER I 123 -55.55 -97.47 -64.87
C SER I 123 -55.66 -96.50 -63.69
N ASN I 129 -60.46 -108.17 -51.25
CA ASN I 129 -59.69 -108.29 -52.49
C ASN I 129 -58.69 -109.43 -52.39
N HIS I 130 -57.68 -109.24 -51.53
CA HIS I 130 -56.65 -110.24 -51.30
C HIS I 130 -56.70 -110.81 -49.88
N TYR I 131 -57.84 -110.71 -49.21
CA TYR I 131 -57.99 -111.18 -47.84
C TYR I 131 -59.10 -112.23 -47.79
N TYR I 132 -58.78 -113.40 -47.24
CA TYR I 132 -59.74 -114.49 -47.08
C TYR I 132 -59.70 -114.97 -45.64
N VAL I 133 -60.87 -115.04 -45.00
CA VAL I 133 -60.96 -115.46 -43.61
C VAL I 133 -61.23 -116.97 -43.64
N ILE I 134 -60.16 -117.75 -43.65
CA ILE I 134 -60.27 -119.20 -43.62
C ILE I 134 -60.39 -119.63 -42.17
N ASN I 135 -61.52 -120.27 -41.83
CA ASN I 135 -61.85 -120.67 -40.46
C ASN I 135 -61.80 -119.42 -39.60
N GLY I 136 -61.13 -119.43 -38.45
CA GLY I 136 -61.09 -118.28 -37.56
C GLY I 136 -59.89 -117.38 -37.70
N LYS I 137 -59.11 -117.51 -38.77
CA LYS I 137 -57.90 -116.71 -38.95
C LYS I 137 -57.91 -116.08 -40.34
N LEU I 138 -57.19 -114.97 -40.46
CA LEU I 138 -57.13 -114.18 -41.68
C LEU I 138 -55.92 -114.58 -42.50
N TYR I 139 -56.11 -114.68 -43.82
CA TYR I 139 -55.05 -115.07 -44.74
C TYR I 139 -55.02 -114.12 -45.93
N ILE I 140 -53.84 -113.97 -46.52
CA ILE I 140 -53.62 -113.11 -47.67
C ILE I 140 -53.09 -113.95 -48.82
N THR I 141 -53.58 -113.67 -50.02
CA THR I 141 -53.19 -114.42 -51.21
C THR I 141 -51.72 -114.18 -51.50
N TYR I 142 -50.88 -115.20 -51.26
CA TYR I 142 -49.45 -115.09 -51.46
C TYR I 142 -49.01 -116.21 -52.40
N ASN I 143 -48.35 -115.82 -53.50
CA ASN I 143 -47.85 -116.74 -54.52
C ASN I 143 -49.02 -117.60 -55.00
N ASP I 144 -48.94 -118.92 -54.92
CA ASP I 144 -50.03 -119.80 -55.36
C ASP I 144 -50.87 -120.31 -54.20
N SER I 145 -50.74 -119.74 -53.02
CA SER I 145 -51.41 -120.26 -51.83
C SER I 145 -51.82 -119.08 -50.96
N PHE I 146 -52.17 -119.35 -49.70
CA PHE I 146 -52.43 -118.33 -48.72
C PHE I 146 -51.26 -118.22 -47.74
N LYS I 147 -51.15 -117.06 -47.11
CA LYS I 147 -50.19 -116.82 -46.05
C LYS I 147 -50.89 -116.17 -44.88
N LEU I 148 -50.58 -116.63 -43.68
CA LEU I 148 -51.18 -116.08 -42.48
C LEU I 148 -50.88 -114.59 -42.38
N PHE I 149 -51.91 -113.79 -42.13
CA PHE I 149 -51.79 -112.34 -42.04
C PHE I 149 -52.35 -111.89 -40.71
N THR I 150 -51.47 -111.37 -39.85
CA THR I 150 -51.87 -110.84 -38.55
C THR I 150 -51.67 -109.33 -38.46
N THR I 151 -50.48 -108.85 -38.81
CA THR I 151 -50.17 -107.43 -38.80
C THR I 151 -49.41 -107.09 -40.07
N ILE I 152 -49.50 -105.82 -40.48
CA ILE I 152 -48.70 -105.38 -41.62
C ILE I 152 -47.21 -105.44 -41.28
N ASN I 153 -46.85 -105.15 -40.03
CA ASN I 153 -45.47 -105.29 -39.60
C ASN I 153 -45.01 -106.74 -39.69
N ASP I 154 -45.86 -107.68 -39.28
CA ASP I 154 -45.51 -109.09 -39.40
C ASP I 154 -45.42 -109.52 -40.86
N TYR I 155 -46.27 -108.97 -41.72
CA TYR I 155 -46.17 -109.27 -43.15
C TYR I 155 -44.84 -108.78 -43.72
N PHE I 156 -44.43 -107.57 -43.33
CA PHE I 156 -43.13 -107.06 -43.78
C PHE I 156 -41.99 -107.90 -43.23
N ASN I 157 -42.12 -108.37 -41.99
CA ASN I 157 -41.12 -109.26 -41.43
C ASN I 157 -41.03 -110.57 -42.21
N ASP I 158 -42.18 -111.12 -42.60
CA ASP I 158 -42.18 -112.33 -43.42
C ASP I 158 -41.52 -112.08 -44.77
N LEU I 159 -41.80 -110.94 -45.38
CA LEU I 159 -41.14 -110.59 -46.64
C LEU I 159 -39.63 -110.48 -46.45
N ASN I 160 -39.20 -109.85 -45.37
CA ASN I 160 -37.76 -109.72 -45.12
C ASN I 160 -37.11 -111.09 -44.88
N GLU I 161 -37.78 -111.97 -44.14
CA GLU I 161 -37.23 -113.30 -43.92
C GLU I 161 -37.14 -114.09 -45.21
N LEU I 162 -38.16 -113.98 -46.08
CA LEU I 162 -38.11 -114.66 -47.36
C LEU I 162 -36.98 -114.12 -48.23
N SER I 163 -36.80 -112.79 -48.23
CA SER I 163 -35.70 -112.19 -48.98
C SER I 163 -34.35 -112.64 -48.46
N ASN I 164 -34.21 -112.72 -47.13
CA ASN I 164 -32.96 -113.20 -46.55
C ASN I 164 -32.71 -114.66 -46.91
N THR I 165 -33.78 -115.47 -46.91
CA THR I 165 -33.65 -116.87 -47.30
C THR I 165 -33.17 -117.01 -48.74
N LYS I 166 -33.76 -116.23 -49.66
CA LYS I 166 -33.36 -116.31 -51.06
C LYS I 166 -31.99 -115.72 -51.31
N LEU I 167 -31.59 -114.71 -50.53
CA LEU I 167 -30.43 -113.90 -50.87
C LEU I 167 -29.11 -114.60 -50.57
N PHE I 168 -29.05 -115.39 -49.50
CA PHE I 168 -27.81 -116.01 -49.05
C PHE I 168 -27.83 -117.53 -49.21
N PHE I 169 -28.64 -118.04 -50.14
CA PHE I 169 -28.74 -119.49 -50.28
C PHE I 169 -27.43 -120.11 -50.72
N LEU I 170 -26.75 -119.50 -51.68
CA LEU I 170 -25.49 -120.06 -52.17
C LEU I 170 -24.36 -119.86 -51.18
N TYR I 171 -24.41 -118.78 -50.39
CA TYR I 171 -23.41 -118.58 -49.35
C TYR I 171 -23.51 -119.66 -48.27
N ARG I 172 -24.73 -119.99 -47.85
CA ARG I 172 -24.93 -120.97 -46.79
C ARG I 172 -24.67 -122.39 -47.27
N SER I 173 -24.75 -122.65 -48.57
CA SER I 173 -24.48 -123.97 -49.12
C SER I 173 -23.04 -124.05 -49.64
N PHE I 174 -22.10 -123.90 -48.71
CA PHE I 174 -20.68 -124.02 -49.03
C PHE I 174 -20.24 -125.48 -48.91
N ASN I 175 -19.08 -125.78 -49.47
CA ASN I 175 -18.57 -127.14 -49.48
C ASN I 175 -17.90 -127.42 -48.15
N ILE I 176 -18.49 -128.35 -47.38
CA ILE I 176 -17.96 -128.68 -46.06
C ILE I 176 -16.59 -129.35 -46.19
N TYR I 177 -16.41 -130.15 -47.24
CA TYR I 177 -15.18 -130.92 -47.43
C TYR I 177 -14.14 -130.20 -48.27
N ASN I 178 -14.17 -128.86 -48.27
CA ASN I 178 -13.15 -128.04 -48.92
C ASN I 178 -12.01 -127.70 -47.97
N ILE I 179 -11.75 -128.56 -46.97
CA ILE I 179 -10.82 -128.25 -45.89
C ILE I 179 -9.38 -128.58 -46.23
N LYS I 180 -9.09 -129.04 -47.45
CA LYS I 180 -7.75 -129.51 -47.79
C LYS I 180 -6.68 -128.53 -47.33
N LEU I 181 -6.72 -127.30 -47.84
CA LEU I 181 -5.74 -126.29 -47.45
C LEU I 181 -5.68 -126.15 -45.94
N ASN I 182 -6.84 -126.02 -45.30
CA ASN I 182 -6.89 -125.92 -43.84
C ASN I 182 -6.14 -127.07 -43.20
N SER I 183 -6.44 -128.30 -43.65
CA SER I 183 -5.76 -129.46 -43.09
C SER I 183 -4.25 -129.28 -43.15
N LEU I 184 -3.74 -128.88 -44.32
CA LEU I 184 -2.31 -128.68 -44.48
C LEU I 184 -1.77 -127.80 -43.37
N VAL I 185 -2.42 -126.64 -43.16
CA VAL I 185 -1.98 -125.71 -42.13
C VAL I 185 -1.79 -126.46 -40.81
N ASP I 186 -2.85 -127.09 -40.33
CA ASP I 186 -2.77 -127.81 -39.06
C ASP I 186 -1.61 -128.78 -39.09
N PHE I 187 -1.56 -129.62 -40.13
CA PHE I 187 -0.52 -130.63 -40.22
C PHE I 187 0.85 -129.99 -40.04
N VAL I 188 1.11 -128.91 -40.77
CA VAL I 188 2.43 -128.32 -40.76
C VAL I 188 2.82 -127.99 -39.33
N PHE I 189 1.95 -127.29 -38.61
CA PHE I 189 2.30 -126.88 -37.26
C PHE I 189 2.52 -128.09 -36.38
N LEU I 190 1.62 -129.07 -36.47
CA LEU I 190 1.79 -130.27 -35.66
C LEU I 190 3.11 -130.94 -35.99
N LYS I 191 3.46 -130.99 -37.28
CA LYS I 191 4.74 -131.55 -37.67
C LYS I 191 5.86 -130.90 -36.89
N LEU I 192 5.91 -129.57 -36.91
CA LEU I 192 6.94 -128.86 -36.17
C LEU I 192 6.90 -129.24 -34.71
N ILE I 193 5.70 -129.24 -34.12
CA ILE I 193 5.58 -129.58 -32.71
C ILE I 193 6.03 -131.00 -32.47
N LEU I 194 5.71 -131.91 -33.40
CA LEU I 194 6.18 -133.28 -33.27
C LEU I 194 7.70 -133.32 -33.18
N PHE I 195 8.38 -132.54 -34.04
CA PHE I 195 9.84 -132.51 -34.00
C PHE I 195 10.32 -132.07 -32.63
N ILE I 196 9.65 -131.06 -32.05
CA ILE I 196 10.04 -130.60 -30.72
C ILE I 196 9.88 -131.73 -29.71
N HIS I 197 8.78 -132.48 -29.81
CA HIS I 197 8.61 -133.60 -28.89
C HIS I 197 9.66 -134.67 -29.13
N LEU I 198 10.18 -134.78 -30.34
CA LEU I 198 11.25 -135.72 -30.61
C LEU I 198 12.61 -135.19 -30.18
N LEU I 199 12.69 -133.90 -29.81
CA LEU I 199 13.95 -133.28 -29.43
C LEU I 199 14.18 -133.26 -27.93
N TYR I 200 13.12 -133.30 -27.14
CA TYR I 200 13.19 -133.25 -25.68
C TYR I 200 12.52 -134.47 -25.07
N LEU I 201 12.76 -135.65 -25.64
CA LEU I 201 12.12 -136.86 -25.13
C LEU I 201 12.74 -137.30 -23.80
N LYS I 202 14.07 -137.29 -23.72
CA LYS I 202 14.79 -137.70 -22.50
C LYS I 202 15.54 -136.53 -21.87
N SER I 203 14.99 -135.32 -21.99
CA SER I 203 15.64 -134.11 -21.52
C SER I 203 15.11 -133.75 -20.14
N THR I 204 16.03 -133.49 -19.21
CA THR I 204 15.66 -133.15 -17.85
C THR I 204 15.06 -131.75 -17.79
N ASN I 205 14.34 -131.48 -16.70
CA ASN I 205 13.67 -130.19 -16.55
C ASN I 205 14.67 -129.08 -16.25
N TYR I 206 15.60 -129.32 -15.34
CA TYR I 206 16.48 -128.25 -14.88
C TYR I 206 17.47 -127.84 -15.96
N ASN I 207 17.81 -126.54 -15.95
CA ASN I 207 18.87 -125.97 -16.75
C ASN I 207 20.02 -125.55 -15.84
N ARG I 208 21.03 -124.90 -16.41
CA ARG I 208 22.14 -124.39 -15.60
C ARG I 208 21.65 -123.35 -14.61
N PHE I 209 20.75 -122.47 -15.04
CA PHE I 209 20.24 -121.44 -14.14
C PHE I 209 19.49 -122.05 -12.97
N ASP I 210 18.93 -123.24 -13.13
CA ASP I 210 18.23 -123.86 -12.01
C ASP I 210 19.19 -124.23 -10.89
N TYR I 211 20.34 -124.82 -11.22
CA TYR I 211 21.33 -125.11 -10.19
C TYR I 211 21.92 -123.82 -9.62
N ARG I 212 22.16 -122.82 -10.49
CA ARG I 212 22.65 -121.55 -9.99
C ARG I 212 21.67 -120.92 -9.00
N LEU I 213 20.37 -121.02 -9.29
CA LEU I 213 19.35 -120.52 -8.37
C LEU I 213 19.30 -121.33 -7.10
N LYS I 214 19.45 -122.66 -7.19
CA LYS I 214 19.52 -123.49 -6.00
C LYS I 214 20.70 -123.13 -5.13
N GLN I 215 21.72 -122.48 -5.69
CA GLN I 215 22.86 -122.03 -4.91
C GLN I 215 22.71 -120.61 -4.37
N THR I 216 21.57 -119.96 -4.57
CA THR I 216 21.36 -118.59 -4.13
C THR I 216 20.18 -118.51 -3.17
N ASP I 217 20.18 -117.45 -2.36
CA ASP I 217 19.06 -117.17 -1.46
C ASP I 217 18.04 -116.24 -2.11
N TRP I 218 17.61 -116.58 -3.32
CA TRP I 218 16.60 -115.81 -4.05
C TRP I 218 15.28 -116.55 -3.90
N GLY I 219 14.51 -116.18 -2.87
CA GLY I 219 13.23 -116.81 -2.65
C GLY I 219 12.17 -116.41 -3.65
N PHE I 220 12.36 -115.29 -4.36
CA PHE I 220 11.38 -114.82 -5.32
C PHE I 220 11.41 -115.59 -6.63
N TYR I 221 12.44 -116.40 -6.87
CA TYR I 221 12.53 -117.24 -8.06
C TYR I 221 12.49 -118.70 -7.63
N ILE I 222 11.78 -119.52 -8.40
CA ILE I 222 11.66 -120.94 -8.13
C ILE I 222 12.19 -121.72 -9.33
N ASN I 223 12.36 -123.03 -9.13
CA ASN I 223 12.92 -123.90 -10.15
C ASN I 223 11.79 -124.55 -10.95
N ASN I 224 11.96 -124.58 -12.27
CA ASN I 224 10.95 -125.17 -13.13
C ASN I 224 10.85 -126.68 -12.91
N ASN I 225 9.61 -127.17 -12.85
CA ASN I 225 9.34 -128.56 -12.54
C ASN I 225 8.62 -129.31 -13.65
N SER I 226 8.30 -128.64 -14.76
CA SER I 226 7.59 -129.26 -15.86
C SER I 226 8.37 -129.04 -17.15
N ASN I 227 7.95 -129.74 -18.20
CA ASN I 227 8.62 -129.60 -19.49
C ASN I 227 8.35 -128.23 -20.10
N TYR I 228 9.32 -127.74 -20.86
CA TYR I 228 9.28 -126.41 -21.46
C TYR I 228 8.79 -126.43 -22.90
N ILE I 229 8.23 -127.56 -23.36
CA ILE I 229 7.75 -127.64 -24.73
C ILE I 229 6.59 -126.69 -24.96
N GLN I 230 5.73 -126.49 -23.96
CA GLN I 230 4.57 -125.61 -24.12
C GLN I 230 5.00 -124.19 -24.43
N ASN I 231 6.01 -123.68 -23.74
CA ASN I 231 6.45 -122.29 -23.87
C ASN I 231 7.78 -122.17 -24.60
N ILE I 232 8.04 -123.06 -25.55
CA ILE I 232 9.31 -123.03 -26.26
C ILE I 232 9.35 -121.86 -27.22
N PHE I 233 10.54 -121.29 -27.40
CA PHE I 233 10.77 -120.16 -28.31
C PHE I 233 9.95 -118.93 -27.91
N SER I 234 9.83 -118.68 -26.60
CA SER I 234 9.16 -117.48 -26.14
C SER I 234 10.08 -116.26 -26.17
N GLY I 235 11.39 -116.48 -26.17
CA GLY I 235 12.32 -115.36 -26.26
C GLY I 235 12.15 -114.57 -27.54
N LEU I 236 11.79 -115.25 -28.63
CA LEU I 236 11.50 -114.54 -29.88
C LEU I 236 10.28 -113.65 -29.72
N LYS I 237 9.26 -114.12 -29.01
CA LYS I 237 8.08 -113.31 -28.73
C LYS I 237 8.46 -112.05 -27.95
N TYR I 238 9.29 -112.22 -26.92
CA TYR I 238 9.69 -111.06 -26.13
C TYR I 238 10.62 -110.13 -26.90
N ILE I 239 11.44 -110.67 -27.79
CA ILE I 239 12.27 -109.84 -28.66
C ILE I 239 11.41 -109.00 -29.58
N TRP I 240 10.36 -109.61 -30.15
CA TRP I 240 9.44 -108.83 -30.97
C TRP I 240 8.76 -107.74 -30.16
N ARG I 241 8.31 -108.07 -28.95
CA ARG I 241 7.65 -107.06 -28.13
C ARG I 241 8.60 -105.92 -27.77
N GLY I 242 9.87 -106.23 -27.56
CA GLY I 242 10.84 -105.18 -27.23
C GLY I 242 11.09 -104.22 -28.37
N LEU I 243 11.16 -104.73 -29.59
CA LEU I 243 11.43 -103.92 -30.78
C LEU I 243 10.18 -103.58 -31.57
N ARG I 244 9.00 -103.78 -30.98
CA ARG I 244 7.76 -103.66 -31.72
C ARG I 244 7.50 -102.22 -32.17
N PHE I 245 7.61 -101.27 -31.24
CA PHE I 245 7.36 -99.88 -31.57
C PHE I 245 8.57 -99.19 -32.19
N TRP I 246 9.70 -99.87 -32.30
CA TRP I 246 10.93 -99.27 -32.79
C TRP I 246 11.23 -99.60 -34.25
N ILE I 247 10.54 -100.57 -34.85
CA ILE I 247 10.92 -100.98 -36.20
C ILE I 247 10.59 -99.89 -37.21
N ILE I 248 9.35 -99.37 -37.17
CA ILE I 248 8.95 -98.36 -38.15
C ILE I 248 9.72 -97.07 -37.92
N GLY I 249 9.82 -96.64 -36.65
CA GLY I 249 10.55 -95.43 -36.35
C GLY I 249 12.01 -95.52 -36.71
N LEU I 250 12.65 -96.65 -36.41
CA LEU I 250 14.05 -96.84 -36.77
C LEU I 250 14.24 -96.88 -38.28
N LEU I 251 13.33 -97.54 -39.00
CA LEU I 251 13.45 -97.57 -40.45
C LEU I 251 13.37 -96.17 -41.04
N LEU I 252 12.35 -95.40 -40.64
CA LEU I 252 12.22 -94.04 -41.14
C LEU I 252 13.40 -93.17 -40.75
N GLY I 253 13.83 -93.26 -39.48
CA GLY I 253 14.92 -92.42 -39.02
C GLY I 253 16.25 -92.75 -39.68
N LEU I 254 16.57 -94.04 -39.79
CA LEU I 254 17.83 -94.42 -40.42
C LEU I 254 17.82 -94.12 -41.91
N SER I 255 16.68 -94.32 -42.58
CA SER I 255 16.60 -93.95 -43.99
C SER I 255 16.77 -92.44 -44.17
N SER I 256 16.13 -91.64 -43.30
CA SER I 256 16.28 -90.20 -43.38
C SER I 256 17.72 -89.77 -43.13
N ILE I 257 18.36 -90.35 -42.11
CA ILE I 257 19.74 -89.99 -41.79
C ILE I 257 20.66 -90.36 -42.94
N TYR I 258 20.49 -91.56 -43.50
CA TYR I 258 21.35 -91.98 -44.60
C TYR I 258 21.13 -91.11 -45.83
N TYR I 259 19.88 -90.75 -46.11
CA TYR I 259 19.63 -89.87 -47.26
C TYR I 259 20.28 -88.51 -47.06
N LEU I 260 20.14 -87.94 -45.86
CA LEU I 260 20.72 -86.63 -45.59
C LEU I 260 22.24 -86.65 -45.62
N MET I 261 22.84 -87.79 -45.26
CA MET I 261 24.29 -87.92 -45.40
C MET I 261 24.67 -88.10 -46.87
N TYR I 262 23.91 -88.89 -47.61
CA TYR I 262 24.27 -89.25 -48.97
C TYR I 262 24.16 -88.04 -49.91
N VAL I 263 23.13 -87.20 -49.72
CA VAL I 263 22.96 -86.07 -50.62
C VAL I 263 24.09 -85.06 -50.46
N ARG I 264 24.68 -84.98 -49.27
CA ARG I 264 25.76 -84.03 -49.02
C ARG I 264 27.14 -84.67 -49.06
N LEU I 265 27.22 -86.00 -49.05
CA LEU I 265 28.49 -86.73 -49.15
C LEU I 265 29.47 -86.30 -48.07
N LEU I 266 28.98 -86.23 -46.85
CA LEU I 266 29.79 -85.78 -45.73
C LEU I 266 30.90 -86.79 -45.43
N PRO I 267 32.07 -86.32 -45.02
CA PRO I 267 33.16 -87.24 -44.64
C PRO I 267 32.75 -88.03 -43.39
N PHE I 268 32.76 -89.36 -43.50
CA PHE I 268 32.14 -90.19 -42.47
C PHE I 268 32.84 -90.04 -41.13
N ASN I 269 34.17 -90.03 -41.11
CA ASN I 269 34.89 -90.03 -39.83
C ASN I 269 34.67 -88.74 -39.07
N LYS I 270 34.80 -87.60 -39.74
CA LYS I 270 34.65 -86.32 -39.06
C LYS I 270 33.23 -86.13 -38.55
N ILE I 271 32.23 -86.41 -39.38
CA ILE I 271 30.86 -86.21 -38.96
C ILE I 271 30.46 -87.22 -37.90
N ILE I 272 30.99 -88.44 -37.96
CA ILE I 272 30.63 -89.41 -36.92
C ILE I 272 31.28 -89.02 -35.59
N PHE I 273 32.48 -88.45 -35.62
CA PHE I 273 33.07 -87.92 -34.40
C PHE I 273 32.22 -86.78 -33.83
N ALA I 274 31.80 -85.86 -34.69
CA ALA I 274 30.96 -84.76 -34.25
C ALA I 274 29.64 -85.26 -33.68
N TRP I 275 29.02 -86.24 -34.34
CA TRP I 275 27.75 -86.77 -33.88
C TRP I 275 27.90 -87.55 -32.59
N ILE I 276 29.02 -88.24 -32.39
CA ILE I 276 29.26 -88.88 -31.10
C ILE I 276 29.36 -87.85 -30.00
N LEU I 277 30.08 -86.74 -30.25
CA LEU I 277 30.18 -85.69 -29.24
C LEU I 277 28.81 -85.11 -28.91
N VAL I 278 28.03 -84.79 -29.93
CA VAL I 278 26.70 -84.21 -29.70
C VAL I 278 25.79 -85.21 -29.00
N ALA I 279 25.91 -86.49 -29.36
CA ALA I 279 25.10 -87.52 -28.73
C ALA I 279 25.43 -87.64 -27.25
N MET I 280 26.71 -87.60 -26.90
CA MET I 280 27.07 -87.65 -25.48
C MET I 280 26.53 -86.44 -24.74
N PHE I 281 26.68 -85.25 -25.33
CA PHE I 281 26.12 -84.03 -24.75
C PHE I 281 24.64 -84.20 -24.40
N LEU I 282 23.83 -84.45 -25.44
CA LEU I 282 22.38 -84.53 -25.25
C LEU I 282 22.01 -85.69 -24.35
N TYR I 283 22.67 -86.84 -24.50
CA TYR I 283 22.29 -88.01 -23.73
C TYR I 283 22.57 -87.80 -22.25
N TRP I 284 23.68 -87.16 -21.90
CA TRP I 284 23.93 -86.98 -20.48
C TRP I 284 23.00 -85.92 -19.88
N LEU I 285 22.65 -84.89 -20.64
CA LEU I 285 21.60 -83.99 -20.15
C LEU I 285 20.30 -84.74 -19.87
N LEU I 286 19.82 -85.51 -20.86
CA LEU I 286 18.56 -86.22 -20.70
C LEU I 286 18.65 -87.31 -19.64
N SER I 287 19.84 -87.88 -19.45
CA SER I 287 20.00 -88.90 -18.41
C SER I 287 19.92 -88.30 -17.03
N GLY I 288 20.52 -87.12 -16.83
CA GLY I 288 20.33 -86.43 -15.57
C GLY I 288 18.86 -86.12 -15.29
N PHE I 289 18.15 -85.67 -16.31
CA PHE I 289 16.73 -85.36 -16.11
C PHE I 289 15.91 -86.63 -15.86
N VAL I 290 16.25 -87.73 -16.51
CA VAL I 290 15.56 -89.00 -16.25
C VAL I 290 15.85 -89.46 -14.83
N PHE I 291 17.08 -89.27 -14.37
CA PHE I 291 17.42 -89.61 -12.99
C PHE I 291 16.55 -88.84 -12.01
N PHE I 292 16.38 -87.54 -12.26
CA PHE I 292 15.53 -86.74 -11.37
C PHE I 292 14.09 -87.20 -11.42
N VAL I 293 13.58 -87.53 -12.61
CA VAL I 293 12.19 -87.98 -12.73
C VAL I 293 11.99 -89.29 -12.00
N LYS I 294 12.96 -90.21 -12.10
CA LYS I 294 12.83 -91.51 -11.45
C LYS I 294 12.95 -91.41 -9.94
N LYS I 295 13.86 -90.57 -9.45
CA LYS I 295 14.12 -90.51 -8.01
C LYS I 295 12.89 -90.06 -7.24
N TYR I 296 12.17 -89.07 -7.78
CA TYR I 296 11.10 -88.39 -7.04
C TYR I 296 9.79 -89.17 -7.04
N GLN I 297 9.77 -90.43 -7.45
CA GLN I 297 8.52 -91.19 -7.40
C GLN I 297 8.05 -91.39 -5.96
N TYR I 298 8.96 -91.71 -5.05
CA TYR I 298 8.62 -91.95 -3.66
C TYR I 298 9.67 -91.38 -2.74
N SER I 299 9.22 -90.76 -1.65
CA SER I 299 10.04 -90.41 -0.49
C SER I 299 11.12 -89.38 -0.76
N LYS I 300 11.02 -88.62 -1.85
CA LYS I 300 12.03 -87.61 -2.14
C LYS I 300 11.42 -86.26 -2.46
N PHE I 301 10.19 -86.26 -2.96
CA PHE I 301 9.56 -85.04 -3.48
C PHE I 301 8.76 -84.37 -2.37
N THR I 302 9.48 -83.62 -1.54
CA THR I 302 8.86 -82.87 -0.45
C THR I 302 8.37 -81.52 -0.98
N ALA I 303 7.96 -80.63 -0.07
CA ALA I 303 7.56 -79.29 -0.48
C ALA I 303 8.77 -78.44 -0.86
N ALA I 304 9.89 -78.63 -0.17
CA ALA I 304 11.10 -77.89 -0.51
C ALA I 304 11.58 -78.24 -1.90
N ILE I 305 11.53 -79.53 -2.27
CA ILE I 305 11.97 -79.95 -3.59
C ILE I 305 11.06 -79.39 -4.67
N GLN I 306 9.75 -79.42 -4.44
CA GLN I 306 8.81 -78.88 -5.41
C GLN I 306 9.03 -77.39 -5.62
N ARG I 307 9.20 -76.65 -4.52
CA ARG I 307 9.49 -75.22 -4.63
C ARG I 307 10.83 -74.99 -5.34
N PHE I 308 11.81 -75.85 -5.08
CA PHE I 308 13.10 -75.73 -5.76
C PHE I 308 12.93 -75.87 -7.26
N TRP I 309 12.12 -76.84 -7.70
CA TRP I 309 11.97 -77.04 -9.14
C TRP I 309 11.14 -75.94 -9.79
N LYS I 310 10.16 -75.39 -9.07
CA LYS I 310 9.47 -74.20 -9.57
C LYS I 310 10.43 -73.03 -9.75
N ARG I 311 11.29 -72.80 -8.75
CA ARG I 311 12.29 -71.76 -8.86
C ARG I 311 13.23 -72.02 -10.02
N THR I 312 13.65 -73.27 -10.20
CA THR I 312 14.55 -73.62 -11.30
C THR I 312 13.91 -73.31 -12.65
N TYR I 313 12.63 -73.66 -12.80
CA TYR I 313 11.91 -73.33 -14.03
C TYR I 313 11.91 -71.83 -14.29
N ILE I 314 11.51 -71.04 -13.28
CA ILE I 314 11.42 -69.60 -13.51
C ILE I 314 12.80 -69.00 -13.75
N ILE I 315 13.83 -69.52 -13.09
CA ILE I 315 15.19 -69.01 -13.28
C ILE I 315 15.68 -69.29 -14.69
N PHE I 316 15.44 -70.50 -15.19
CA PHE I 316 15.84 -70.80 -16.56
C PHE I 316 15.15 -69.88 -17.56
N TRP I 317 13.84 -69.68 -17.38
CA TRP I 317 13.14 -68.85 -18.35
C TRP I 317 13.49 -67.37 -18.20
N VAL I 318 13.90 -66.93 -17.01
CA VAL I 318 14.38 -65.57 -16.85
C VAL I 318 15.73 -65.39 -17.52
N ILE I 319 16.62 -66.39 -17.38
CA ILE I 319 17.92 -66.31 -18.03
C ILE I 319 17.76 -66.27 -19.54
N GLU I 320 16.88 -67.13 -20.08
CA GLU I 320 16.67 -67.13 -21.53
C GLU I 320 15.98 -65.88 -22.03
N ALA I 321 15.31 -65.13 -21.14
CA ALA I 321 14.62 -63.92 -21.52
C ALA I 321 15.47 -62.67 -21.38
N GLY I 322 16.74 -62.81 -21.00
CA GLY I 322 17.62 -61.67 -20.88
C GLY I 322 18.29 -61.31 -22.20
N THR I 323 18.94 -62.30 -22.81
CA THR I 323 19.57 -62.08 -24.12
C THR I 323 18.51 -61.74 -25.16
N PHE I 324 17.36 -62.41 -25.11
CA PHE I 324 16.28 -62.08 -26.02
C PHE I 324 15.78 -60.66 -25.79
N SER I 325 15.73 -60.22 -24.53
CA SER I 325 15.34 -58.85 -24.24
C SER I 325 16.32 -57.85 -24.82
N VAL I 326 17.62 -58.13 -24.70
CA VAL I 326 18.62 -57.24 -25.26
C VAL I 326 18.49 -57.18 -26.78
N PHE I 327 18.29 -58.33 -27.42
CA PHE I 327 18.13 -58.35 -28.88
C PHE I 327 16.87 -57.62 -29.31
N PHE I 328 15.79 -57.76 -28.54
CA PHE I 328 14.55 -57.04 -28.87
C PHE I 328 14.73 -55.53 -28.71
N TYR I 329 15.42 -55.10 -27.65
CA TYR I 329 15.69 -53.68 -27.49
C TYR I 329 16.53 -53.14 -28.62
N LEU I 330 17.57 -53.87 -29.04
CA LEU I 330 18.37 -53.44 -30.17
C LEU I 330 17.55 -53.43 -31.45
N THR I 331 16.61 -54.37 -31.59
CA THR I 331 15.76 -54.42 -32.77
C THR I 331 14.86 -53.20 -32.84
N LEU I 332 14.34 -52.74 -31.69
CA LEU I 332 13.44 -51.60 -31.70
C LEU I 332 14.13 -50.35 -32.25
N ASN I 333 15.24 -49.95 -31.64
CA ASN I 333 16.01 -48.81 -32.12
C ASN I 333 17.21 -49.28 -32.94
N ALA I 334 16.90 -49.91 -34.07
CA ALA I 334 17.93 -50.39 -34.97
C ALA I 334 18.61 -49.22 -35.67
N SER I 335 19.91 -49.38 -35.93
CA SER I 335 20.69 -48.32 -36.56
C SER I 335 20.30 -48.16 -38.03
N SER I 336 20.43 -46.94 -38.52
CA SER I 336 20.07 -46.63 -39.91
C SER I 336 20.85 -45.41 -40.37
N GLU I 337 20.85 -45.20 -41.67
CA GLU I 337 21.50 -44.04 -42.26
C GLU I 337 20.67 -42.79 -42.01
N PRO I 338 21.27 -41.60 -42.12
CA PRO I 338 20.50 -40.36 -41.95
C PRO I 338 19.37 -40.27 -42.96
N VAL I 339 18.27 -39.64 -42.51
CA VAL I 339 17.06 -39.56 -43.33
C VAL I 339 17.15 -38.53 -44.44
N TYR I 340 18.17 -37.67 -44.43
CA TYR I 340 18.16 -36.52 -45.32
C TYR I 340 18.60 -36.87 -46.74
N MET I 341 19.76 -37.48 -46.87
CA MET I 341 20.17 -37.86 -48.22
C MET I 341 20.50 -39.33 -48.35
N TYR I 342 21.09 -39.94 -47.33
CA TYR I 342 21.48 -41.34 -47.42
C TYR I 342 20.26 -42.25 -47.51
N ASP I 343 19.30 -42.08 -46.60
CA ASP I 343 18.16 -42.97 -46.49
C ASP I 343 16.89 -42.12 -46.44
N GLN I 344 16.39 -41.74 -47.61
CA GLN I 344 15.17 -40.96 -47.70
C GLN I 344 13.92 -41.84 -47.70
N ILE I 345 14.07 -43.15 -47.78
CA ILE I 345 12.93 -44.05 -47.94
C ILE I 345 12.49 -44.68 -46.63
N LYS I 346 13.32 -44.62 -45.58
CA LYS I 346 12.98 -45.26 -44.31
C LYS I 346 11.78 -44.60 -43.64
N ILE I 347 11.36 -43.43 -44.10
CA ILE I 347 10.12 -42.84 -43.61
C ILE I 347 8.94 -43.74 -43.94
N TYR I 348 8.96 -44.35 -45.13
CA TYR I 348 7.85 -45.14 -45.61
C TYR I 348 8.03 -46.64 -45.35
N LYS I 349 9.14 -47.03 -44.73
CA LYS I 349 9.36 -48.44 -44.40
C LYS I 349 8.89 -48.70 -42.97
N THR I 350 7.56 -48.75 -42.83
CA THR I 350 6.94 -49.01 -41.55
C THR I 350 7.02 -50.49 -41.15
N HIS I 351 7.21 -51.38 -42.12
CA HIS I 351 7.34 -52.82 -41.87
C HIS I 351 6.12 -53.38 -41.13
N LEU I 352 4.93 -52.91 -41.51
CA LEU I 352 3.71 -53.37 -40.88
C LEU I 352 3.20 -54.62 -41.58
N PHE I 353 2.97 -55.67 -40.79
CA PHE I 353 2.46 -56.94 -41.30
C PHE I 353 0.96 -57.05 -41.00
N SER I 354 0.24 -57.65 -41.95
CA SER I 354 -1.22 -57.74 -41.82
C SER I 354 -1.60 -58.53 -40.58
N TRP I 355 -2.61 -58.02 -39.86
CA TRP I 355 -3.07 -58.70 -38.66
C TRP I 355 -3.93 -59.91 -38.97
N ARG I 356 -4.62 -59.93 -40.11
CA ARG I 356 -5.44 -61.08 -40.47
C ARG I 356 -4.57 -62.32 -40.70
N TRP I 357 -3.45 -62.15 -41.41
CA TRP I 357 -2.52 -63.25 -41.62
C TRP I 357 -1.91 -63.71 -40.31
N PHE I 358 -1.57 -62.77 -39.43
CA PHE I 358 -1.04 -63.13 -38.12
C PHE I 358 -2.07 -63.93 -37.33
N LEU I 359 -3.33 -63.50 -37.36
CA LEU I 359 -4.37 -64.21 -36.62
C LEU I 359 -4.54 -65.63 -37.14
N ILE I 360 -4.54 -65.82 -38.46
CA ILE I 360 -4.63 -67.21 -38.93
C ILE I 360 -3.38 -67.98 -38.55
N LYS I 361 -2.22 -67.31 -38.45
CA LYS I 361 -1.02 -67.99 -37.99
C LYS I 361 -1.14 -68.48 -36.56
N LEU I 362 -1.85 -67.74 -35.71
CA LEU I 362 -1.84 -68.00 -34.27
C LEU I 362 -2.60 -69.25 -33.84
N LEU I 363 -3.37 -69.89 -34.73
CA LEU I 363 -4.32 -70.91 -34.29
C LEU I 363 -3.70 -72.09 -33.57
N PRO I 364 -2.67 -72.77 -34.09
CA PRO I 364 -2.16 -73.97 -33.39
C PRO I 364 -1.63 -73.72 -31.99
N SER I 365 -0.99 -72.57 -31.75
CA SER I 365 -0.41 -72.31 -30.44
C SER I 365 -1.50 -72.13 -29.38
N VAL I 366 -2.52 -71.34 -29.68
CA VAL I 366 -3.64 -71.19 -28.76
C VAL I 366 -4.36 -72.52 -28.60
N SER I 367 -4.44 -73.31 -29.68
CA SER I 367 -5.07 -74.62 -29.59
C SER I 367 -4.35 -75.51 -28.58
N ILE I 368 -3.01 -75.55 -28.65
CA ILE I 368 -2.28 -76.41 -27.70
C ILE I 368 -2.37 -75.84 -26.29
N ILE I 369 -2.43 -74.52 -26.14
CA ILE I 369 -2.58 -73.94 -24.80
C ILE I 369 -3.91 -74.39 -24.17
N LEU I 370 -5.00 -74.26 -24.93
CA LEU I 370 -6.30 -74.64 -24.40
C LEU I 370 -6.38 -76.14 -24.15
N LEU I 371 -5.82 -76.95 -25.04
CA LEU I 371 -5.82 -78.39 -24.84
C LEU I 371 -5.00 -78.79 -23.62
N GLY I 372 -3.87 -78.11 -23.40
CA GLY I 372 -3.08 -78.39 -22.20
C GLY I 372 -3.82 -78.03 -20.93
N TYR I 373 -4.53 -76.90 -20.93
CA TYR I 373 -5.32 -76.57 -19.75
C TYR I 373 -6.42 -77.60 -19.51
N TYR I 374 -7.10 -78.04 -20.57
CA TYR I 374 -8.13 -79.05 -20.39
C TYR I 374 -7.53 -80.35 -19.88
N LEU I 375 -6.34 -80.71 -20.38
CA LEU I 375 -5.68 -81.91 -19.91
C LEU I 375 -5.32 -81.82 -18.43
N GLN I 376 -4.85 -80.65 -17.98
CA GLN I 376 -4.46 -80.52 -16.59
C GLN I 376 -5.65 -80.40 -15.66
N LEU I 377 -6.78 -79.84 -16.13
CA LEU I 377 -7.95 -79.71 -15.28
C LEU I 377 -8.64 -81.05 -15.09
N THR I 378 -8.74 -81.85 -16.15
CA THR I 378 -9.44 -83.13 -16.09
C THR I 378 -8.58 -84.25 -15.52
N LEU I 379 -7.32 -83.98 -15.20
CA LEU I 379 -6.48 -84.98 -14.57
C LEU I 379 -7.01 -85.38 -13.19
N LYS I 380 -7.90 -84.58 -12.62
CA LYS I 380 -8.47 -84.87 -11.31
C LYS I 380 -9.35 -86.11 -11.33
N TRP I 381 -10.06 -86.36 -12.44
CA TRP I 381 -11.04 -87.43 -12.50
C TRP I 381 -10.90 -88.30 -13.75
N ASN I 382 -9.74 -88.30 -14.40
CA ASN I 382 -9.56 -89.04 -15.63
C ASN I 382 -8.30 -89.90 -15.53
N LEU I 383 -8.26 -90.96 -16.34
CA LEU I 383 -7.18 -91.93 -16.32
C LEU I 383 -6.16 -91.60 -17.41
N PHE I 384 -5.11 -92.42 -17.47
CA PHE I 384 -4.04 -92.16 -18.42
C PHE I 384 -4.44 -92.53 -19.85
N ASN I 385 -5.11 -93.67 -20.03
CA ASN I 385 -5.47 -94.08 -21.38
C ASN I 385 -6.56 -93.21 -21.96
N LYS I 386 -7.42 -92.63 -21.13
CA LYS I 386 -8.45 -91.73 -21.63
C LYS I 386 -7.89 -90.36 -22.02
N GLN I 387 -6.77 -89.96 -21.42
CA GLN I 387 -6.12 -88.70 -21.74
C GLN I 387 -5.08 -88.82 -22.85
N ASN I 388 -4.78 -90.04 -23.29
CA ASN I 388 -3.83 -90.19 -24.39
C ASN I 388 -4.34 -89.53 -25.66
N THR I 389 -5.65 -89.38 -25.81
CA THR I 389 -6.18 -88.66 -26.94
C THR I 389 -5.70 -87.20 -26.94
N ILE I 390 -5.84 -86.53 -25.79
CA ILE I 390 -5.40 -85.15 -25.69
C ILE I 390 -3.89 -85.06 -25.83
N VAL I 391 -3.15 -86.00 -25.21
CA VAL I 391 -1.70 -85.95 -25.30
C VAL I 391 -1.24 -86.13 -26.74
N LEU I 392 -1.83 -87.08 -27.48
CA LEU I 392 -1.45 -87.30 -28.86
C LEU I 392 -1.84 -86.11 -29.74
N LEU I 393 -3.00 -85.51 -29.48
CA LEU I 393 -3.39 -84.34 -30.26
C LEU I 393 -2.42 -83.19 -30.05
N ILE I 394 -1.99 -82.97 -28.81
CA ILE I 394 -1.01 -81.91 -28.54
C ILE I 394 0.32 -82.26 -29.19
N THR I 395 0.70 -83.53 -29.19
CA THR I 395 1.95 -83.94 -29.83
C THR I 395 1.92 -83.66 -31.33
N LEU I 396 0.81 -84.01 -31.99
CA LEU I 396 0.71 -83.77 -33.43
C LEU I 396 0.69 -82.28 -33.74
N LEU I 397 -0.01 -81.49 -32.94
CA LEU I 397 0.00 -80.04 -33.15
C LEU I 397 1.38 -79.46 -32.94
N LEU I 398 2.13 -79.97 -31.96
CA LEU I 398 3.49 -79.51 -31.75
C LEU I 398 4.39 -79.88 -32.92
N LEU I 399 4.20 -81.07 -33.50
CA LEU I 399 4.94 -81.43 -34.70
C LEU I 399 4.63 -80.46 -35.84
N TYR I 400 3.36 -80.11 -36.01
CA TYR I 400 2.98 -79.15 -37.05
C TYR I 400 3.65 -77.80 -36.84
N ILE I 401 3.62 -77.31 -35.60
CA ILE I 401 4.24 -76.02 -35.29
C ILE I 401 5.74 -76.11 -35.49
N LEU I 402 6.35 -77.25 -35.15
CA LEU I 402 7.78 -77.42 -35.35
C LEU I 402 8.14 -77.35 -36.82
N TRP I 403 7.36 -78.00 -37.68
CA TRP I 403 7.65 -77.92 -39.11
C TRP I 403 7.51 -76.49 -39.62
N LEU I 404 6.46 -75.78 -39.19
CA LEU I 404 6.26 -74.41 -39.66
C LEU I 404 7.41 -73.51 -39.23
N GLU I 405 7.80 -73.60 -37.96
CA GLU I 405 8.88 -72.78 -37.44
C GLU I 405 10.20 -73.13 -38.10
N PHE I 406 10.46 -74.42 -38.35
CA PHE I 406 11.69 -74.79 -39.04
C PHE I 406 11.69 -74.29 -40.47
N TYR I 407 10.54 -74.32 -41.15
CA TYR I 407 10.49 -73.81 -42.51
C TYR I 407 10.85 -72.32 -42.55
N GLN I 408 10.24 -71.54 -41.66
CA GLN I 408 10.56 -70.11 -41.63
C GLN I 408 12.01 -69.87 -41.24
N PHE I 409 12.53 -70.63 -40.27
CA PHE I 409 13.91 -70.49 -39.82
C PHE I 409 14.88 -70.82 -40.95
N TYR I 410 14.60 -71.87 -41.70
CA TYR I 410 15.42 -72.24 -42.84
C TYR I 410 15.40 -71.16 -43.91
N HIS I 411 14.23 -70.57 -44.18
CA HIS I 411 14.18 -69.46 -45.13
C HIS I 411 15.04 -68.30 -44.66
N ILE I 412 14.92 -67.94 -43.38
CA ILE I 412 15.67 -66.79 -42.86
C ILE I 412 17.16 -67.03 -42.97
N LEU I 413 17.62 -68.22 -42.60
CA LEU I 413 19.06 -68.48 -42.73
C LEU I 413 19.49 -68.61 -44.19
N SER I 414 18.56 -68.95 -45.08
CA SER I 414 18.87 -69.01 -46.50
C SER I 414 18.91 -67.64 -47.16
N PHE I 415 18.44 -66.59 -46.46
CA PHE I 415 18.53 -65.25 -47.02
C PHE I 415 19.97 -64.84 -47.29
N TYR I 416 20.88 -65.15 -46.36
CA TYR I 416 22.18 -64.48 -46.30
C TYR I 416 23.18 -64.96 -47.34
N GLY I 417 22.86 -65.97 -48.14
CA GLY I 417 23.69 -66.30 -49.28
C GLY I 417 22.98 -66.02 -50.59
N ASN I 418 23.38 -64.97 -51.29
CA ASN I 418 22.70 -64.54 -52.51
C ASN I 418 23.19 -65.40 -53.66
N ILE I 419 22.40 -66.39 -54.04
CA ILE I 419 22.74 -67.31 -55.13
C ILE I 419 21.89 -66.95 -56.33
N ASN I 420 22.53 -66.61 -57.44
CA ASN I 420 21.82 -66.14 -58.62
C ASN I 420 22.38 -66.81 -59.86
N TRP I 421 21.68 -66.63 -60.97
CA TRP I 421 22.11 -67.12 -62.27
C TRP I 421 22.58 -65.93 -63.11
N ALA I 422 23.78 -66.04 -63.67
CA ALA I 422 24.36 -65.00 -64.50
C ALA I 422 24.57 -65.56 -65.90
N PHE I 423 24.16 -64.80 -66.91
CA PHE I 423 24.28 -65.23 -68.29
C PHE I 423 25.58 -64.71 -68.88
N ASP I 424 26.34 -65.60 -69.50
CA ASP I 424 27.58 -65.25 -70.19
C ASP I 424 27.28 -65.26 -71.68
N TYR I 425 27.00 -64.07 -72.23
CA TYR I 425 26.62 -63.99 -73.64
C TYR I 425 27.76 -64.42 -74.55
N ASP I 426 29.01 -64.28 -74.09
CA ASP I 426 30.14 -64.73 -74.89
C ASP I 426 30.16 -66.25 -75.03
N GLU I 427 29.89 -66.96 -73.95
CA GLU I 427 29.89 -68.42 -73.96
C GLU I 427 28.49 -69.01 -74.12
N TYR I 428 27.44 -68.18 -74.08
CA TYR I 428 26.06 -68.64 -74.22
C TYR I 428 25.72 -69.72 -73.19
N ILE I 429 26.18 -69.51 -71.95
CA ILE I 429 25.97 -70.45 -70.87
C ILE I 429 25.63 -69.68 -69.60
N TRP I 430 24.71 -70.22 -68.82
CA TRP I 430 24.37 -69.67 -67.51
C TRP I 430 25.30 -70.25 -66.46
N THR I 431 25.64 -69.44 -65.46
CA THR I 431 26.50 -69.87 -64.38
C THR I 431 25.88 -69.47 -63.04
N LEU I 432 26.20 -70.24 -62.01
CA LEU I 432 25.65 -70.01 -60.68
C LEU I 432 26.65 -69.18 -59.87
N GLU I 433 26.23 -67.99 -59.46
CA GLU I 433 27.08 -67.03 -58.77
C GLU I 433 26.62 -66.88 -57.33
N LEU I 434 27.58 -66.87 -56.41
CA LEU I 434 27.33 -66.69 -54.99
C LEU I 434 27.85 -65.34 -54.55
N ASP I 435 27.06 -64.65 -53.72
CA ASP I 435 27.37 -63.29 -53.33
C ASP I 435 26.83 -63.05 -51.92
N THR I 436 27.24 -61.93 -51.33
CA THR I 436 26.72 -61.47 -50.07
C THR I 436 25.44 -60.68 -50.30
N ARG I 437 24.83 -60.21 -49.21
CA ARG I 437 23.60 -59.44 -49.29
C ARG I 437 23.69 -58.20 -48.41
N ARG I 438 23.01 -57.14 -48.84
CA ARG I 438 22.86 -55.91 -48.08
C ARG I 438 21.38 -55.69 -47.83
N THR I 439 21.03 -55.33 -46.59
CA THR I 439 19.64 -55.14 -46.23
C THR I 439 19.58 -54.20 -45.03
N ARG I 440 18.37 -53.72 -44.76
CA ARG I 440 18.16 -52.86 -43.61
C ARG I 440 18.46 -53.62 -42.33
N LEU I 441 19.06 -52.93 -41.35
CA LEU I 441 19.53 -53.61 -40.15
C LEU I 441 18.40 -54.21 -39.33
N ALA I 442 17.22 -53.58 -39.36
CA ALA I 442 16.08 -54.11 -38.62
C ALA I 442 15.76 -55.55 -39.04
N ASN I 443 15.96 -55.86 -40.33
CA ASN I 443 15.77 -57.22 -40.79
C ASN I 443 16.75 -58.18 -40.13
N ASN I 444 18.02 -57.77 -40.00
CA ASN I 444 19.00 -58.63 -39.35
C ASN I 444 18.68 -58.83 -37.88
N TYR I 445 18.27 -57.76 -37.19
CA TYR I 445 17.92 -57.88 -35.77
C TYR I 445 16.73 -58.80 -35.56
N ILE I 446 15.68 -58.64 -36.38
CA ILE I 446 14.53 -59.53 -36.23
C ILE I 446 14.88 -60.94 -36.64
N ALA I 447 15.85 -61.12 -37.56
CA ALA I 447 16.31 -62.46 -37.89
C ALA I 447 16.98 -63.13 -36.70
N ILE I 448 17.81 -62.38 -35.98
CA ILE I 448 18.44 -62.93 -34.77
C ILE I 448 17.38 -63.29 -33.74
N CYS I 449 16.40 -62.41 -33.55
CA CYS I 449 15.33 -62.69 -32.60
C CYS I 449 14.56 -63.95 -33.00
N LEU I 450 14.32 -64.14 -34.29
CA LEU I 450 13.59 -65.32 -34.74
C LEU I 450 14.43 -66.59 -34.63
N PHE I 451 15.76 -66.47 -34.78
CA PHE I 451 16.62 -67.62 -34.49
C PHE I 451 16.51 -68.03 -33.03
N ALA I 452 16.54 -67.04 -32.13
CA ALA I 452 16.37 -67.34 -30.71
C ALA I 452 15.01 -67.98 -30.44
N LYS I 453 13.97 -67.47 -31.09
CA LYS I 453 12.63 -68.04 -30.93
C LYS I 453 12.60 -69.49 -31.38
N PHE I 454 13.22 -69.80 -32.53
CA PHE I 454 13.22 -71.17 -33.01
C PHE I 454 13.94 -72.09 -32.05
N TRP I 455 15.08 -71.67 -31.52
CA TRP I 455 15.82 -72.55 -30.62
C TRP I 455 15.07 -72.76 -29.31
N HIS I 456 14.39 -71.72 -28.81
CA HIS I 456 13.58 -71.90 -27.62
C HIS I 456 12.41 -72.84 -27.88
N PHE I 457 11.80 -72.76 -29.07
CA PHE I 457 10.74 -73.71 -29.40
C PHE I 457 11.28 -75.13 -29.49
N VAL I 458 12.49 -75.30 -30.03
CA VAL I 458 13.09 -76.62 -30.05
C VAL I 458 13.27 -77.15 -28.64
N PHE I 459 13.70 -76.28 -27.72
CA PHE I 459 13.83 -76.69 -26.33
C PHE I 459 12.50 -77.15 -25.75
N ILE I 460 11.43 -76.37 -25.98
CA ILE I 460 10.15 -76.77 -25.40
C ILE I 460 9.61 -78.04 -26.06
N PHE I 461 9.93 -78.25 -27.34
CA PHE I 461 9.52 -79.48 -28.02
C PHE I 461 10.22 -80.69 -27.41
N LEU I 462 11.52 -80.56 -27.14
CA LEU I 462 12.22 -81.64 -26.44
C LEU I 462 11.66 -81.86 -25.06
N PHE I 463 11.31 -80.78 -24.36
CA PHE I 463 10.66 -80.87 -23.07
C PHE I 463 9.38 -81.71 -23.15
N TRP I 464 8.53 -81.42 -24.14
CA TRP I 464 7.28 -82.15 -24.28
C TRP I 464 7.50 -83.60 -24.65
N VAL I 465 8.47 -83.88 -25.53
CA VAL I 465 8.76 -85.27 -25.90
C VAL I 465 9.24 -86.05 -24.68
N PHE I 466 10.15 -85.45 -23.91
CA PHE I 466 10.58 -86.07 -22.66
C PHE I 466 9.41 -86.36 -21.75
N PHE I 467 8.51 -85.39 -21.59
CA PHE I 467 7.37 -85.56 -20.70
C PHE I 467 6.47 -86.69 -21.15
N VAL I 468 6.16 -86.76 -22.46
CA VAL I 468 5.23 -87.79 -22.92
C VAL I 468 5.86 -89.17 -22.83
N LEU I 469 7.16 -89.28 -23.12
CA LEU I 469 7.81 -90.57 -22.95
C LEU I 469 7.79 -91.01 -21.49
N ARG I 470 8.06 -90.08 -20.57
CA ARG I 470 8.07 -90.43 -19.15
C ARG I 470 6.69 -90.85 -18.67
N ILE I 471 5.64 -90.14 -19.09
CA ILE I 471 4.31 -90.51 -18.63
C ILE I 471 3.86 -91.83 -19.27
N ASN I 472 4.31 -92.12 -20.49
CA ASN I 472 3.99 -93.42 -21.06
C ASN I 472 4.68 -94.55 -20.30
N GLU I 473 5.93 -94.34 -19.90
CA GLU I 473 6.65 -95.39 -19.16
C GLU I 473 6.07 -95.57 -17.77
N LEU I 474 5.86 -94.47 -17.04
CA LEU I 474 5.34 -94.55 -15.68
C LEU I 474 3.93 -95.13 -15.66
N GLY I 475 3.10 -94.74 -16.63
CA GLY I 475 1.74 -95.22 -16.73
C GLY I 475 0.68 -94.28 -16.22
N ARG I 476 1.06 -93.10 -15.75
CA ARG I 476 0.09 -92.11 -15.31
C ARG I 476 0.71 -90.73 -15.40
N ILE I 477 -0.14 -89.71 -15.42
CA ILE I 477 0.27 -88.32 -15.56
C ILE I 477 0.26 -87.67 -14.19
N ARG I 478 1.24 -86.80 -13.94
CA ARG I 478 1.37 -86.07 -12.69
C ARG I 478 1.30 -84.57 -12.94
N TYR I 479 0.89 -83.83 -11.92
CA TYR I 479 0.68 -82.39 -12.07
C TYR I 479 1.94 -81.60 -12.41
N PRO I 480 3.08 -81.77 -11.71
CA PRO I 480 4.18 -80.82 -11.90
C PRO I 480 4.72 -80.73 -13.32
N LEU I 481 5.10 -81.87 -13.91
CA LEU I 481 5.67 -81.85 -15.25
C LEU I 481 4.65 -81.37 -16.28
N LEU I 482 3.40 -81.77 -16.13
CA LEU I 482 2.35 -81.36 -17.06
C LEU I 482 2.16 -79.85 -17.04
N VAL I 483 2.07 -79.27 -15.84
CA VAL I 483 1.83 -77.83 -15.77
C VAL I 483 3.07 -77.06 -16.21
N ALA I 484 4.27 -77.62 -15.98
CA ALA I 484 5.47 -77.01 -16.54
C ALA I 484 5.40 -76.97 -18.06
N ASN I 485 4.95 -78.05 -18.69
CA ASN I 485 4.81 -78.08 -20.14
C ASN I 485 3.79 -77.04 -20.62
N VAL I 486 2.67 -76.91 -19.91
CA VAL I 486 1.66 -75.94 -20.31
C VAL I 486 2.21 -74.52 -20.23
N GLN I 487 2.94 -74.22 -19.16
CA GLN I 487 3.55 -72.89 -19.06
C GLN I 487 4.60 -72.68 -20.15
N ASN I 488 5.30 -73.75 -20.54
CA ASN I 488 6.22 -73.66 -21.68
C ASN I 488 5.47 -73.27 -22.94
N PHE I 489 4.31 -73.87 -23.17
CA PHE I 489 3.51 -73.53 -24.34
C PHE I 489 3.12 -72.06 -24.32
N ILE I 490 2.69 -71.57 -23.16
CA ILE I 490 2.29 -70.16 -23.05
C ILE I 490 3.47 -69.24 -23.34
N ILE I 491 4.64 -69.56 -22.79
CA ILE I 491 5.82 -68.73 -23.00
C ILE I 491 6.22 -68.72 -24.47
N ILE I 492 6.16 -69.88 -25.13
CA ILE I 492 6.55 -69.91 -26.53
C ILE I 492 5.53 -69.17 -27.39
N TYR I 493 4.26 -69.15 -26.99
CA TYR I 493 3.27 -68.35 -27.71
C TYR I 493 3.59 -66.85 -27.57
N ILE I 494 3.92 -66.43 -26.34
CA ILE I 494 4.30 -65.04 -26.12
C ILE I 494 5.50 -64.67 -26.99
N MET I 495 6.49 -65.56 -27.08
CA MET I 495 7.63 -65.30 -27.95
C MET I 495 7.23 -65.30 -29.43
N SER I 496 6.25 -66.12 -29.80
CA SER I 496 5.77 -66.11 -31.18
C SER I 496 5.16 -64.78 -31.55
N TRP I 497 4.64 -64.06 -30.57
CA TRP I 497 4.17 -62.70 -30.87
C TRP I 497 5.32 -61.69 -31.17
N ALA I 498 6.60 -62.07 -31.31
CA ALA I 498 7.69 -61.09 -31.27
C ALA I 498 7.80 -60.28 -32.55
N TYR I 499 7.61 -60.90 -33.71
CA TYR I 499 7.90 -60.16 -34.95
C TYR I 499 6.84 -59.12 -35.29
N MET I 500 5.91 -58.83 -34.37
CA MET I 500 4.87 -57.83 -34.58
C MET I 500 5.23 -56.49 -33.95
N TYR I 501 6.51 -56.29 -33.59
CA TYR I 501 6.91 -55.05 -32.96
C TYR I 501 6.77 -53.80 -33.84
N PRO I 502 6.81 -53.87 -35.19
CA PRO I 502 6.61 -52.63 -35.96
C PRO I 502 5.30 -51.93 -35.66
N TRP I 503 4.24 -52.67 -35.35
CA TRP I 503 3.00 -52.01 -34.91
C TRP I 503 3.22 -51.27 -33.59
N LEU I 504 3.97 -51.89 -32.67
CA LEU I 504 4.27 -51.25 -31.40
C LEU I 504 5.02 -49.94 -31.60
N LYS I 505 6.00 -49.95 -32.49
CA LYS I 505 6.70 -48.70 -32.83
C LYS I 505 5.76 -47.72 -33.52
N PHE I 506 4.90 -48.22 -34.39
CA PHE I 506 3.96 -47.37 -35.12
C PHE I 506 3.02 -46.63 -34.19
N ILE I 507 2.68 -47.23 -33.06
CA ILE I 507 1.74 -46.59 -32.14
C ILE I 507 2.46 -45.58 -31.24
N PHE I 508 3.60 -45.96 -30.67
CA PHE I 508 4.21 -45.18 -29.59
C PHE I 508 5.30 -44.21 -30.05
N ARG I 509 5.92 -44.44 -31.21
CA ARG I 509 6.88 -43.47 -31.71
C ARG I 509 6.22 -42.14 -32.00
N LYS I 510 4.97 -42.17 -32.46
CA LYS I 510 4.22 -40.94 -32.68
C LYS I 510 4.00 -40.20 -31.36
N TYR I 511 3.84 -40.94 -30.26
CA TYR I 511 3.84 -40.29 -28.94
C TYR I 511 5.22 -39.74 -28.59
N LEU I 512 6.28 -40.43 -29.03
CA LEU I 512 7.63 -39.97 -28.73
C LEU I 512 7.95 -38.65 -29.43
N ASP I 513 7.41 -38.43 -30.63
CA ASP I 513 7.75 -37.22 -31.39
C ASP I 513 6.84 -36.04 -31.07
N VAL I 514 6.23 -36.00 -29.90
CA VAL I 514 5.42 -34.86 -29.46
C VAL I 514 6.30 -33.97 -28.60
N PRO I 515 6.52 -32.71 -28.97
CA PRO I 515 7.43 -31.85 -28.20
C PRO I 515 6.81 -31.41 -26.89
N TYR I 516 7.62 -30.72 -26.10
CA TYR I 516 7.16 -30.20 -24.82
C TYR I 516 6.09 -29.13 -25.01
N TYR I 517 5.15 -29.08 -24.08
CA TYR I 517 4.01 -28.19 -24.23
C TYR I 517 4.43 -26.72 -24.23
N TRP I 518 5.33 -26.35 -23.32
CA TRP I 518 5.72 -24.96 -23.17
C TRP I 518 6.87 -24.56 -24.08
N PHE I 519 7.12 -25.34 -25.13
CA PHE I 519 7.95 -24.87 -26.24
C PHE I 519 7.14 -24.08 -27.25
N TYR I 520 5.81 -24.12 -27.15
CA TYR I 520 4.90 -23.32 -27.96
C TYR I 520 5.11 -23.57 -29.45
N LEU I 521 5.08 -24.85 -29.82
CA LEU I 521 5.07 -25.22 -31.23
C LEU I 521 3.65 -25.28 -31.78
N ASN I 522 2.73 -25.88 -31.05
CA ASN I 522 1.31 -25.80 -31.35
C ASN I 522 0.45 -25.47 -30.14
N GLY I 523 0.94 -25.66 -28.92
CA GLY I 523 0.16 -25.33 -27.74
C GLY I 523 -1.08 -26.17 -27.58
N ARG I 524 -1.02 -27.45 -27.95
CA ARG I 524 -2.16 -28.35 -27.88
C ARG I 524 -1.84 -29.54 -26.99
N GLU I 525 -2.81 -29.90 -26.15
CA GLU I 525 -2.76 -31.16 -25.40
C GLU I 525 -4.14 -31.79 -25.52
N LEU I 526 -4.27 -32.73 -26.45
CA LEU I 526 -5.56 -33.27 -26.88
C LEU I 526 -5.70 -34.75 -26.57
N GLY I 527 -5.03 -35.24 -25.54
CA GLY I 527 -5.07 -36.67 -25.25
C GLY I 527 -6.43 -37.15 -24.77
N ILE I 528 -6.83 -36.72 -23.57
CA ILE I 528 -8.05 -37.20 -22.96
C ILE I 528 -9.28 -36.67 -23.69
N ARG I 529 -9.20 -35.44 -24.22
CA ARG I 529 -10.28 -34.92 -25.04
C ARG I 529 -10.58 -35.84 -26.21
N VAL I 530 -9.52 -36.25 -26.92
CA VAL I 530 -9.70 -37.18 -28.03
C VAL I 530 -10.17 -38.54 -27.52
N PHE I 531 -9.73 -38.95 -26.33
CA PHE I 531 -10.22 -40.20 -25.76
C PHE I 531 -11.73 -40.21 -25.68
N PHE I 532 -12.31 -39.18 -25.05
CA PHE I 532 -13.76 -39.17 -24.87
C PHE I 532 -14.49 -38.87 -26.18
N THR I 533 -13.95 -37.98 -27.00
CA THR I 533 -14.58 -37.67 -28.27
C THR I 533 -14.62 -38.90 -29.18
N ASP I 534 -13.54 -39.68 -29.20
CA ASP I 534 -13.50 -40.88 -30.01
C ASP I 534 -14.36 -41.98 -29.43
N LEU I 535 -14.54 -42.02 -28.11
CA LEU I 535 -15.51 -42.95 -27.54
C LEU I 535 -16.90 -42.65 -28.07
N LYS I 536 -17.30 -41.37 -28.04
CA LYS I 536 -18.61 -41.00 -28.59
C LYS I 536 -18.68 -41.28 -30.09
N LEU I 537 -17.60 -40.98 -30.81
CA LEU I 537 -17.58 -41.20 -32.26
C LEU I 537 -17.70 -42.67 -32.60
N PHE I 538 -17.08 -43.54 -31.80
CA PHE I 538 -17.18 -44.97 -32.05
C PHE I 538 -18.57 -45.49 -31.73
N PHE I 539 -19.21 -44.93 -30.69
CA PHE I 539 -20.62 -45.24 -30.47
C PHE I 539 -21.44 -44.91 -31.70
N TYR I 540 -21.25 -43.70 -32.24
CA TYR I 540 -21.98 -43.28 -33.44
C TYR I 540 -21.68 -44.19 -34.61
N GLY I 541 -20.41 -44.52 -34.82
CA GLY I 541 -20.03 -45.32 -35.98
C GLY I 541 -20.57 -46.73 -35.92
N ILE I 542 -20.49 -47.36 -34.74
CA ILE I 542 -21.04 -48.71 -34.59
C ILE I 542 -22.55 -48.69 -34.78
N THR I 543 -23.22 -47.69 -34.20
CA THR I 543 -24.68 -47.60 -34.37
C THR I 543 -25.06 -47.43 -35.83
N ASN I 544 -24.31 -46.59 -36.57
CA ASN I 544 -24.60 -46.43 -38.00
C ASN I 544 -24.31 -47.71 -38.77
N ARG I 545 -23.22 -48.40 -38.43
CA ARG I 545 -22.88 -49.64 -39.13
C ARG I 545 -23.93 -50.71 -38.89
N LEU I 546 -24.59 -50.70 -37.73
CA LEU I 546 -25.57 -51.71 -37.42
C LEU I 546 -26.98 -51.35 -37.90
N PHE I 547 -27.41 -50.11 -37.70
CA PHE I 547 -28.81 -49.73 -37.93
C PHE I 547 -28.91 -48.51 -38.83
N ASP I 548 -28.17 -48.51 -39.94
CA ASP I 548 -28.25 -47.40 -40.89
C ASP I 548 -27.74 -47.88 -42.25
N PHE I 549 -27.68 -46.94 -43.20
CA PHE I 549 -27.22 -47.26 -44.54
C PHE I 549 -25.76 -47.72 -44.51
N ASN I 550 -25.48 -48.79 -45.23
CA ASN I 550 -24.14 -49.36 -45.30
C ASN I 550 -23.77 -49.54 -46.77
N PRO I 551 -22.65 -48.98 -47.23
CA PRO I 551 -22.29 -49.11 -48.64
C PRO I 551 -22.08 -50.58 -49.03
N SER I 552 -22.49 -50.90 -50.25
CA SER I 552 -22.34 -52.25 -50.77
C SER I 552 -20.89 -52.51 -51.18
N SER I 553 -20.50 -53.78 -51.13
CA SER I 553 -19.16 -54.21 -51.49
C SER I 553 -19.13 -54.94 -52.83
N ILE I 554 -20.24 -54.96 -53.57
CA ILE I 554 -20.27 -55.66 -54.84
C ILE I 554 -19.44 -54.91 -55.87
N LYS I 555 -18.70 -55.66 -56.68
CA LYS I 555 -17.81 -55.07 -57.67
C LYS I 555 -17.80 -55.95 -58.91
N PHE I 556 -17.07 -55.50 -59.93
CA PHE I 556 -16.85 -56.29 -61.13
C PHE I 556 -15.68 -57.23 -60.88
N GLU I 557 -15.94 -58.53 -60.80
CA GLU I 557 -14.94 -59.50 -60.40
C GLU I 557 -14.60 -60.49 -61.51
N LYS I 558 -14.91 -60.15 -62.76
CA LYS I 558 -14.60 -61.02 -63.89
C LYS I 558 -13.72 -60.36 -64.95
N TYR I 559 -13.91 -59.08 -65.22
CA TYR I 559 -13.17 -58.43 -66.29
C TYR I 559 -11.72 -58.25 -65.86
N PRO I 560 -10.75 -58.69 -66.66
CA PRO I 560 -9.35 -58.56 -66.26
C PRO I 560 -8.89 -57.11 -66.25
N PHE I 561 -8.11 -56.77 -65.23
CA PHE I 561 -7.48 -55.45 -65.12
C PHE I 561 -8.51 -54.33 -65.20
N TYR I 562 -9.69 -54.57 -64.64
CA TYR I 562 -10.74 -53.55 -64.70
C TYR I 562 -10.41 -52.38 -63.79
N TYR I 563 -9.74 -52.62 -62.68
CA TYR I 563 -9.46 -51.58 -61.69
C TYR I 563 -8.06 -51.00 -61.85
N TRP I 564 -7.36 -51.32 -62.94
CA TRP I 564 -6.15 -50.61 -63.32
C TRP I 564 -6.58 -49.40 -64.14
N ILE I 565 -7.06 -48.38 -63.44
CA ILE I 565 -7.60 -47.19 -64.09
C ILE I 565 -6.45 -46.29 -64.50
N ASN I 566 -6.42 -45.91 -65.77
CA ASN I 566 -5.40 -45.02 -66.29
C ASN I 566 -5.92 -43.57 -66.32
N SER I 567 -4.98 -42.65 -66.51
CA SER I 567 -5.29 -41.23 -66.41
C SER I 567 -6.22 -40.79 -67.53
N SER I 568 -7.17 -39.92 -67.17
CA SER I 568 -8.05 -39.27 -68.14
C SER I 568 -8.60 -38.02 -67.46
N GLN I 569 -9.48 -37.31 -68.17
CA GLN I 569 -10.07 -36.11 -67.59
C GLN I 569 -10.91 -36.44 -66.36
N LEU I 570 -11.27 -37.70 -66.17
CA LEU I 570 -11.99 -38.15 -65.00
C LEU I 570 -11.09 -38.38 -63.79
N THR I 571 -9.77 -38.29 -63.95
CA THR I 571 -8.83 -38.49 -62.85
C THR I 571 -7.88 -37.31 -62.66
N GLU I 572 -7.94 -36.30 -63.52
CA GLU I 572 -7.27 -35.00 -63.38
C GLU I 572 -5.76 -35.04 -63.51
N PHE I 573 -5.15 -36.19 -63.81
CA PHE I 573 -3.73 -36.27 -64.16
C PHE I 573 -2.81 -35.80 -63.04
N ASN I 574 -3.25 -35.89 -61.79
CA ASN I 574 -2.43 -35.50 -60.64
C ASN I 574 -1.77 -36.70 -59.97
N GLN I 575 -1.42 -37.72 -60.74
CA GLN I 575 -0.90 -38.96 -60.20
C GLN I 575 0.62 -38.89 -60.11
N TYR I 576 1.23 -40.03 -59.77
CA TYR I 576 2.68 -40.16 -59.78
C TYR I 576 3.20 -39.92 -61.20
N ARG I 577 4.29 -39.17 -61.31
CA ARG I 577 4.74 -38.70 -62.61
C ARG I 577 5.08 -39.86 -63.54
N LYS I 578 5.80 -40.85 -63.04
CA LYS I 578 6.28 -41.96 -63.86
C LYS I 578 5.22 -43.02 -64.09
N PHE I 579 3.97 -42.77 -63.69
CA PHE I 579 2.89 -43.71 -63.97
C PHE I 579 2.44 -43.67 -65.42
N VAL I 580 2.94 -42.73 -66.21
CA VAL I 580 2.57 -42.68 -67.63
C VAL I 580 2.89 -44.01 -68.31
N ILE I 581 4.05 -44.58 -67.99
CA ILE I 581 4.39 -45.90 -68.51
C ILE I 581 3.30 -46.90 -68.15
N ARG I 582 2.88 -46.90 -66.88
CA ARG I 582 1.79 -47.77 -66.46
C ARG I 582 0.58 -47.58 -67.34
N ASP I 583 0.22 -46.31 -67.62
CA ASP I 583 -0.92 -46.05 -68.49
C ASP I 583 -0.77 -46.79 -69.81
N SER I 584 0.41 -46.64 -70.44
CA SER I 584 0.65 -47.35 -71.69
C SER I 584 0.41 -48.84 -71.52
N ILE I 585 1.00 -49.42 -70.47
CA ILE I 585 0.80 -50.84 -70.23
C ILE I 585 -0.69 -51.14 -70.12
N ILE I 586 -1.40 -50.36 -69.31
CA ILE I 586 -2.84 -50.57 -69.16
C ILE I 586 -3.50 -50.53 -70.53
N TYR I 587 -3.17 -49.50 -71.31
CA TYR I 587 -3.72 -49.38 -72.66
C TYR I 587 -3.49 -50.66 -73.43
N SER I 588 -2.24 -51.11 -73.46
CA SER I 588 -1.93 -52.33 -74.21
C SER I 588 -2.74 -53.50 -73.69
N LEU I 589 -2.81 -53.64 -72.37
CA LEU I 589 -3.57 -54.76 -71.80
C LEU I 589 -5.01 -54.71 -72.25
N ASN I 590 -5.61 -53.52 -72.24
CA ASN I 590 -7.02 -53.44 -72.60
C ASN I 590 -7.25 -53.62 -74.09
N ASN I 591 -6.20 -53.55 -74.90
CA ASN I 591 -6.33 -53.91 -76.30
C ASN I 591 -6.11 -55.40 -76.53
N TYR I 592 -5.52 -56.10 -75.56
CA TYR I 592 -5.33 -57.53 -75.71
C TYR I 592 -6.62 -58.29 -75.47
N ILE I 593 -7.43 -57.83 -74.52
CA ILE I 593 -8.71 -58.45 -74.20
C ILE I 593 -9.79 -57.76 -75.04
N ILE I 594 -9.37 -57.01 -76.04
CA ILE I 594 -10.25 -56.27 -76.93
C ILE I 594 -11.10 -55.28 -76.16
N LYS J 64 -34.59 -101.71 -54.96
CA LYS J 64 -33.88 -102.17 -56.16
C LYS J 64 -33.18 -101.00 -56.83
N GLY J 65 -32.35 -100.30 -56.06
CA GLY J 65 -31.62 -99.17 -56.58
C GLY J 65 -31.27 -98.19 -55.48
N PHE J 66 -30.64 -97.10 -55.89
CA PHE J 66 -30.29 -96.04 -54.97
C PHE J 66 -31.56 -95.39 -54.40
N ASN J 67 -31.53 -95.06 -53.12
CA ASN J 67 -32.64 -94.39 -52.46
C ASN J 67 -32.10 -93.37 -51.49
N LEU J 68 -32.68 -92.17 -51.50
CA LEU J 68 -32.15 -91.09 -50.66
C LEU J 68 -32.48 -91.29 -49.20
N ALA J 69 -33.60 -91.95 -48.89
CA ALA J 69 -33.92 -92.20 -47.48
C ALA J 69 -32.87 -93.10 -46.83
N ASN J 70 -32.47 -94.17 -47.52
CA ASN J 70 -31.43 -95.05 -46.99
C ASN J 70 -30.11 -94.32 -46.86
N ALA J 71 -29.79 -93.47 -47.84
CA ALA J 71 -28.55 -92.71 -47.77
C ALA J 71 -28.55 -91.76 -46.58
N VAL J 72 -29.67 -91.09 -46.32
CA VAL J 72 -29.76 -90.18 -45.19
C VAL J 72 -29.67 -90.95 -43.88
N ASN J 73 -30.31 -92.12 -43.80
CA ASN J 73 -30.21 -92.94 -42.60
C ASN J 73 -28.76 -93.37 -42.36
N THR J 74 -28.05 -93.76 -43.42
CA THR J 74 -26.66 -94.14 -43.27
C THR J 74 -25.79 -92.97 -42.85
N VAL J 75 -26.07 -91.78 -43.37
CA VAL J 75 -25.33 -90.59 -42.96
C VAL J 75 -25.56 -90.30 -41.48
N LYS J 76 -26.81 -90.41 -41.03
CA LYS J 76 -27.11 -90.21 -39.62
C LYS J 76 -26.41 -91.24 -38.75
N SER J 77 -26.38 -92.50 -39.19
CA SER J 77 -25.68 -93.53 -38.43
C SER J 77 -24.18 -93.24 -38.36
N THR J 78 -23.61 -92.78 -39.48
CA THR J 78 -22.19 -92.42 -39.50
C THR J 78 -21.91 -91.28 -38.54
N LEU J 79 -22.79 -90.28 -38.49
CA LEU J 79 -22.58 -89.15 -37.59
C LEU J 79 -22.76 -89.54 -36.13
N ASN J 80 -23.72 -90.43 -35.84
CA ASN J 80 -23.98 -90.83 -34.47
C ASN J 80 -23.04 -91.91 -33.96
N ALA J 81 -22.28 -92.55 -34.84
CA ALA J 81 -21.39 -93.63 -34.39
C ALA J 81 -20.31 -93.17 -33.42
N PRO J 82 -19.55 -92.09 -33.67
CA PRO J 82 -18.48 -91.73 -32.75
C PRO J 82 -18.93 -91.08 -31.46
N ILE J 83 -20.24 -90.93 -31.24
CA ILE J 83 -20.71 -90.22 -30.04
C ILE J 83 -20.34 -90.99 -28.78
N LYS J 84 -20.53 -92.32 -28.79
CA LYS J 84 -20.30 -93.11 -27.59
C LYS J 84 -18.85 -93.04 -27.15
N HIS J 85 -17.92 -93.05 -28.10
CA HIS J 85 -16.50 -93.06 -27.74
C HIS J 85 -16.05 -91.70 -27.21
N ILE J 86 -16.54 -90.61 -27.81
CA ILE J 86 -16.24 -89.28 -27.29
C ILE J 86 -16.80 -89.13 -25.88
N LYS J 87 -18.05 -89.57 -25.67
CA LYS J 87 -18.63 -89.48 -24.34
C LYS J 87 -17.86 -90.30 -23.33
N ARG J 88 -17.41 -91.50 -23.73
CA ARG J 88 -16.60 -92.32 -22.82
C ARG J 88 -15.29 -91.65 -22.49
N ASN J 89 -14.66 -90.97 -23.46
CA ASN J 89 -13.43 -90.25 -23.18
C ASN J 89 -13.67 -89.10 -22.21
N ILE J 90 -14.79 -88.39 -22.36
CA ILE J 90 -15.09 -87.28 -21.46
C ILE J 90 -15.55 -87.77 -20.09
N GLU J 91 -15.91 -89.05 -19.98
CA GLU J 91 -16.47 -89.58 -18.75
C GLU J 91 -15.51 -89.35 -17.58
N PRO J 92 -16.02 -88.94 -16.42
CA PRO J 92 -15.18 -88.96 -15.21
C PRO J 92 -15.08 -90.37 -14.65
N THR J 93 -13.87 -90.78 -14.34
CA THR J 93 -13.64 -92.11 -13.80
C THR J 93 -13.97 -92.11 -12.30
N GLY J 94 -13.86 -93.29 -11.68
CA GLY J 94 -14.04 -93.39 -10.25
C GLY J 94 -12.77 -93.02 -9.50
N SER J 95 -11.99 -92.12 -10.08
CA SER J 95 -10.71 -91.70 -9.51
C SER J 95 -10.81 -90.23 -9.11
N ASN J 96 -10.30 -89.92 -7.92
CA ASN J 96 -10.24 -88.54 -7.41
C ASN J 96 -8.79 -88.25 -7.07
N TYR J 97 -8.04 -87.76 -8.06
CA TYR J 97 -6.62 -87.46 -7.90
C TYR J 97 -6.49 -86.13 -7.16
N SER J 98 -6.60 -86.20 -5.85
CA SER J 98 -6.51 -85.00 -5.02
C SER J 98 -5.11 -84.41 -5.07
N ARG J 99 -5.04 -83.08 -4.94
CA ARG J 99 -3.76 -82.41 -4.85
C ARG J 99 -3.02 -82.75 -3.57
N MET J 100 -3.74 -83.16 -2.52
CA MET J 100 -3.11 -83.62 -1.29
C MET J 100 -2.71 -85.08 -1.44
N THR J 101 -1.47 -85.38 -1.11
CA THR J 101 -0.93 -86.72 -1.35
C THR J 101 -1.71 -87.76 -0.57
N ASN J 102 -2.03 -88.88 -1.24
CA ASN J 102 -2.61 -90.05 -0.59
C ASN J 102 -1.48 -90.75 0.15
N THR J 103 -1.30 -90.38 1.42
CA THR J 103 -0.14 -90.79 2.18
C THR J 103 -0.11 -92.28 2.49
N THR J 104 -1.20 -93.01 2.25
CA THR J 104 -1.20 -94.44 2.50
C THR J 104 -0.23 -95.17 1.57
N GLU J 105 -0.18 -94.77 0.30
CA GLU J 105 0.58 -95.49 -0.71
C GLU J 105 1.78 -94.73 -1.25
N GLU J 106 1.92 -93.45 -0.97
CA GLU J 106 2.95 -92.64 -1.61
C GLU J 106 3.99 -92.09 -0.66
N ALA J 107 3.60 -91.62 0.51
CA ALA J 107 4.53 -90.99 1.43
C ALA J 107 5.27 -92.05 2.22
N PHE J 108 6.59 -92.12 2.06
CA PHE J 108 7.37 -93.18 2.70
C PHE J 108 8.35 -92.67 3.74
N ASP J 109 9.33 -91.83 3.37
CA ASP J 109 10.34 -91.41 4.34
C ASP J 109 10.33 -89.91 4.59
N GLU J 110 10.67 -89.09 3.59
CA GLU J 110 10.74 -87.65 3.81
C GLU J 110 9.37 -87.02 3.62
N VAL J 111 8.61 -87.48 2.64
CA VAL J 111 7.23 -87.03 2.50
C VAL J 111 6.43 -87.43 3.74
N SER J 112 6.63 -88.66 4.22
CA SER J 112 5.93 -89.10 5.42
C SER J 112 6.33 -88.28 6.63
N HIS J 113 7.62 -87.99 6.79
CA HIS J 113 8.03 -87.17 7.93
C HIS J 113 7.48 -85.76 7.82
N GLU J 114 7.41 -85.22 6.61
CA GLU J 114 6.86 -83.88 6.42
C GLU J 114 5.38 -83.85 6.78
N TRP J 115 4.63 -84.87 6.39
CA TRP J 115 3.22 -84.91 6.75
C TRP J 115 3.04 -85.10 8.25
N GLN J 116 3.93 -85.88 8.89
CA GLN J 116 3.89 -85.98 10.34
C GLN J 116 4.13 -84.62 11.00
N ALA J 117 5.11 -83.88 10.50
CA ALA J 117 5.37 -82.54 11.03
C ALA J 117 4.17 -81.63 10.84
N LEU J 118 3.49 -81.74 9.70
CA LEU J 118 2.33 -80.89 9.44
C LEU J 118 1.18 -81.23 10.38
N VAL J 119 0.84 -82.51 10.51
CA VAL J 119 -0.39 -82.88 11.21
C VAL J 119 -0.23 -83.06 12.72
N THR J 120 0.99 -83.31 13.20
CA THR J 120 1.20 -83.46 14.64
C THR J 120 1.83 -82.22 15.27
N SER J 121 2.59 -81.45 14.51
CA SER J 121 3.32 -80.29 15.03
C SER J 121 4.25 -80.70 16.16
N ASN J 122 4.73 -81.93 16.13
CA ASN J 122 5.68 -82.39 17.13
C ASN J 122 6.97 -81.59 17.01
N PRO J 123 7.55 -81.11 18.11
CA PRO J 123 8.75 -80.27 18.00
C PRO J 123 9.90 -80.90 17.23
N PHE J 124 10.10 -82.21 17.36
CA PHE J 124 11.15 -82.87 16.58
C PHE J 124 10.87 -82.77 15.08
N ASP J 125 9.71 -83.26 14.66
CA ASP J 125 9.35 -83.22 13.24
C ASP J 125 9.22 -81.80 12.74
N LEU J 126 8.63 -80.91 13.54
CA LEU J 126 8.45 -79.53 13.14
C LEU J 126 9.77 -78.78 13.06
N ASN J 127 10.75 -79.17 13.87
CA ASN J 127 12.08 -78.56 13.81
C ASN J 127 12.87 -79.05 12.61
N VAL J 128 12.68 -80.31 12.21
CA VAL J 128 13.34 -80.81 11.01
C VAL J 128 12.90 -80.00 9.80
N PHE J 129 11.59 -79.77 9.66
CA PHE J 129 11.01 -79.17 8.47
C PHE J 129 10.68 -77.70 8.63
N ASN J 130 11.23 -77.04 9.65
CA ASN J 130 10.98 -75.62 9.81
C ASN J 130 11.54 -74.86 8.61
N TYR J 131 10.78 -73.87 8.15
CA TYR J 131 11.21 -73.07 7.00
C TYR J 131 12.52 -72.36 7.31
N LEU J 132 13.46 -72.42 6.37
CA LEU J 132 14.71 -71.68 6.51
C LEU J 132 14.49 -70.19 6.46
N GLU J 133 13.37 -69.74 5.89
CA GLU J 133 13.16 -68.31 5.68
C GLU J 133 13.04 -67.57 7.01
N ASN J 134 12.19 -68.08 7.91
CA ASN J 134 11.93 -67.41 9.18
C ASN J 134 11.88 -68.45 10.29
N THR J 135 12.75 -68.31 11.27
CA THR J 135 12.65 -69.04 12.52
C THR J 135 12.13 -68.10 13.59
N GLN J 136 11.20 -68.59 14.41
CA GLN J 136 10.45 -67.74 15.32
C GLN J 136 11.37 -66.94 16.23
N THR J 137 11.09 -65.64 16.35
CA THR J 137 11.86 -64.79 17.24
C THR J 137 11.59 -65.17 18.69
N SER J 138 12.66 -65.18 19.48
CA SER J 138 12.59 -65.63 20.87
C SER J 138 12.97 -64.48 21.81
N ASN J 139 13.12 -64.81 23.08
CA ASN J 139 13.46 -63.83 24.10
C ASN J 139 14.96 -63.55 24.07
N PHE J 140 15.46 -62.85 25.08
CA PHE J 140 16.89 -62.69 25.27
C PHE J 140 17.34 -63.72 26.31
N GLY J 141 18.45 -64.39 26.01
CA GLY J 141 18.91 -65.46 26.89
C GLY J 141 19.37 -64.93 28.23
N THR J 142 18.83 -65.50 29.30
CA THR J 142 19.29 -65.26 30.66
C THR J 142 19.43 -66.60 31.36
N VAL J 143 20.09 -66.60 32.51
CA VAL J 143 20.28 -67.84 33.24
C VAL J 143 18.94 -68.42 33.65
N ASP J 144 18.00 -67.56 34.05
CA ASP J 144 16.66 -68.02 34.41
C ASP J 144 15.81 -68.35 33.18
N ASN J 145 16.01 -67.62 32.08
CA ASN J 145 15.22 -67.80 30.86
C ASN J 145 16.17 -67.91 29.66
N PRO J 146 16.85 -69.04 29.51
CA PRO J 146 17.84 -69.15 28.44
C PRO J 146 17.18 -69.19 27.07
N LEU J 147 17.90 -68.68 26.07
CA LEU J 147 17.43 -68.76 24.70
C LEU J 147 17.62 -70.18 24.20
N VAL J 148 16.53 -70.83 23.82
CA VAL J 148 16.55 -72.25 23.51
C VAL J 148 16.77 -72.42 22.01
N VAL J 149 17.81 -73.17 21.67
CA VAL J 149 18.13 -73.51 20.28
C VAL J 149 17.89 -75.00 20.14
N PHE J 150 17.07 -75.38 19.17
CA PHE J 150 16.63 -76.75 19.02
C PHE J 150 17.50 -77.50 18.02
N THR J 151 17.76 -78.77 18.31
CA THR J 151 18.34 -79.70 17.36
C THR J 151 17.54 -80.99 17.37
N SER J 152 17.34 -81.56 16.19
CA SER J 152 16.61 -82.83 16.07
C SER J 152 17.62 -83.95 16.20
N GLU J 153 17.91 -84.34 17.44
CA GLU J 153 18.80 -85.46 17.74
C GLU J 153 20.18 -85.28 17.12
N THR J 154 20.70 -84.05 17.17
CA THR J 154 22.08 -83.83 16.80
C THR J 154 22.84 -83.21 17.98
N PRO J 155 24.09 -83.59 18.20
CA PRO J 155 24.77 -83.19 19.44
C PRO J 155 25.14 -81.72 19.53
N PHE J 156 25.09 -80.96 18.45
CA PHE J 156 25.52 -79.57 18.50
C PHE J 156 24.90 -78.82 17.33
N ARG J 157 25.06 -77.49 17.35
CA ARG J 157 24.57 -76.64 16.28
C ARG J 157 25.35 -75.34 16.28
N TYR J 158 25.63 -74.82 15.09
CA TYR J 158 26.29 -73.52 14.98
C TYR J 158 25.30 -72.41 15.30
N VAL J 159 25.68 -71.52 16.21
CA VAL J 159 24.82 -70.42 16.64
C VAL J 159 25.60 -69.13 16.53
N GLY J 160 24.97 -68.11 15.93
CA GLY J 160 25.54 -66.79 15.83
C GLY J 160 24.79 -65.82 16.73
N CYS J 161 25.54 -64.99 17.45
CA CYS J 161 24.97 -64.04 18.39
C CYS J 161 25.29 -62.63 17.95
N THR J 162 24.28 -61.76 17.91
CA THR J 162 24.47 -60.35 17.65
C THR J 162 24.04 -59.49 18.83
N GLY J 163 23.99 -60.07 20.02
CA GLY J 163 23.71 -59.29 21.21
C GLY J 163 22.25 -58.90 21.34
N GLN J 164 22.03 -57.86 22.15
CA GLN J 164 20.69 -57.35 22.43
C GLN J 164 20.25 -56.49 21.27
N MET J 165 19.40 -57.04 20.42
CA MET J 165 18.94 -56.31 19.24
C MET J 165 18.03 -55.16 19.64
N ASN J 166 18.23 -54.02 19.01
CA ASN J 166 17.50 -52.80 19.33
C ASN J 166 16.76 -52.30 18.09
N GLU J 167 15.91 -51.28 18.31
CA GLU J 167 15.11 -50.74 17.21
C GLU J 167 15.94 -49.88 16.27
N ASP J 168 16.83 -49.05 16.81
CA ASP J 168 17.63 -48.17 15.96
C ASP J 168 18.56 -48.96 15.06
N ASP J 169 19.34 -49.86 15.64
CA ASP J 169 20.18 -50.79 14.89
C ASP J 169 19.69 -52.19 15.14
N TYR J 170 19.42 -52.94 14.08
CA TYR J 170 18.76 -54.23 14.22
C TYR J 170 19.61 -55.25 14.97
N GLU J 171 20.91 -54.99 15.15
CA GLU J 171 21.79 -55.91 15.85
C GLU J 171 22.54 -55.17 16.96
N GLY J 172 22.78 -55.86 18.06
CA GLY J 172 23.50 -55.27 19.16
C GLY J 172 24.99 -55.16 18.91
N HIS J 173 25.67 -56.29 18.77
CA HIS J 173 27.10 -56.30 18.48
C HIS J 173 27.35 -57.11 17.21
N GLU J 174 28.63 -57.32 16.90
CA GLU J 174 29.00 -58.02 15.68
C GLU J 174 28.58 -59.49 15.75
N LEU J 175 28.34 -60.07 14.59
CA LEU J 175 27.89 -61.46 14.50
C LEU J 175 29.02 -62.37 14.91
N LEU J 176 28.94 -62.91 16.12
CA LEU J 176 29.94 -63.82 16.65
C LEU J 176 29.36 -65.23 16.63
N PHE J 177 30.06 -66.15 15.96
CA PHE J 177 29.61 -67.52 15.84
C PHE J 177 30.31 -68.42 16.84
N PHE J 178 29.61 -69.47 17.26
CA PHE J 178 30.16 -70.48 18.13
C PHE J 178 29.40 -71.78 17.89
N LEU J 179 29.88 -72.85 18.51
CA LEU J 179 29.29 -74.18 18.36
C LEU J 179 28.55 -74.49 19.65
N LEU J 180 27.25 -74.22 19.67
CA LEU J 180 26.44 -74.52 20.84
C LEU J 180 26.31 -76.04 20.97
N ARG J 181 26.81 -76.57 22.08
CA ARG J 181 26.85 -78.01 22.31
C ARG J 181 25.77 -78.43 23.29
N GLU J 182 25.64 -79.74 23.46
CA GLU J 182 24.61 -80.32 24.30
C GLU J 182 25.18 -80.64 25.67
N GLY J 183 24.44 -80.30 26.73
CA GLY J 183 24.82 -80.70 28.06
C GLY J 183 24.64 -79.66 29.15
N SER J 184 24.79 -78.38 28.81
CA SER J 184 24.74 -77.33 29.82
C SER J 184 24.36 -76.02 29.16
N LEU J 185 24.15 -75.01 30.00
CA LEU J 185 23.97 -73.66 29.50
C LEU J 185 25.30 -73.11 29.02
N GLN J 186 25.25 -72.30 27.97
CA GLN J 186 26.43 -71.66 27.42
C GLN J 186 26.06 -70.23 27.05
N ARG J 187 27.00 -69.30 27.21
CA ARG J 187 26.70 -67.89 27.03
C ARG J 187 27.74 -67.21 26.16
N CYS J 188 27.30 -66.15 25.50
CA CYS J 188 28.16 -65.30 24.68
C CYS J 188 28.83 -64.29 25.59
N MET J 189 30.15 -64.40 25.73
CA MET J 189 30.90 -63.52 26.61
C MET J 189 30.81 -62.05 26.20
N GLY J 190 30.55 -61.78 24.92
CA GLY J 190 30.45 -60.40 24.47
C GLY J 190 29.26 -59.66 25.06
N CYS J 191 28.10 -60.32 25.09
CA CYS J 191 26.87 -59.70 25.58
C CYS J 191 26.22 -60.44 26.72
N GLY J 192 26.67 -61.63 27.08
CA GLY J 192 26.13 -62.36 28.20
C GLY J 192 24.88 -63.15 27.93
N GLN J 193 24.47 -63.28 26.67
CA GLN J 193 23.24 -64.00 26.35
C GLN J 193 23.45 -65.49 26.54
N VAL J 194 22.61 -66.11 27.36
CA VAL J 194 22.73 -67.52 27.70
C VAL J 194 21.91 -68.35 26.72
N PHE J 195 22.55 -69.34 26.10
CA PHE J 195 21.91 -70.24 25.17
C PHE J 195 21.82 -71.63 25.79
N LYS J 196 20.70 -72.30 25.57
CA LYS J 196 20.52 -73.70 25.95
C LYS J 196 20.19 -74.50 24.70
N LEU J 197 20.94 -75.57 24.46
CA LEU J 197 20.66 -76.46 23.34
C LEU J 197 19.71 -77.55 23.81
N VAL J 198 18.50 -77.56 23.25
CA VAL J 198 17.52 -78.58 23.53
C VAL J 198 17.55 -79.58 22.39
N ARG J 199 18.00 -80.80 22.69
CA ARG J 199 18.09 -81.86 21.71
C ARG J 199 16.77 -82.60 21.70
N LEU J 200 15.91 -82.25 20.74
CA LEU J 200 14.58 -82.85 20.66
C LEU J 200 14.69 -84.33 20.31
N ARG J 201 13.83 -85.13 20.93
CA ARG J 201 13.79 -86.57 20.70
C ARG J 201 12.55 -86.92 19.88
N ASN J 202 12.62 -88.10 19.26
CA ASN J 202 11.51 -88.61 18.45
C ASN J 202 10.53 -89.37 19.35
N GLU J 203 9.81 -88.61 20.16
CA GLU J 203 8.89 -89.16 21.15
C GLU J 203 7.70 -88.24 21.30
N TYR J 204 6.72 -88.67 22.09
CA TYR J 204 5.52 -87.90 22.40
C TYR J 204 5.43 -87.63 23.90
N SER J 205 6.55 -87.31 24.52
CA SER J 205 6.57 -87.05 25.95
C SER J 205 6.01 -85.66 26.25
N PRO J 206 5.53 -85.44 27.48
CA PRO J 206 5.13 -84.08 27.87
C PRO J 206 6.27 -83.08 27.84
N GLU J 207 7.51 -83.55 27.94
CA GLU J 207 8.66 -82.64 27.84
C GLU J 207 8.75 -82.01 26.47
N MET J 208 8.50 -82.79 25.42
CA MET J 208 8.52 -82.25 24.06
C MET J 208 7.38 -81.26 23.85
N ASP J 209 6.19 -81.57 24.38
CA ASP J 209 5.06 -80.68 24.24
C ASP J 209 5.27 -79.36 24.96
N TYR J 210 6.23 -79.30 25.88
CA TYR J 210 6.56 -78.04 26.55
C TYR J 210 7.09 -77.01 25.56
N TYR J 211 7.80 -77.46 24.52
CA TYR J 211 8.36 -76.57 23.51
C TYR J 211 7.45 -76.43 22.30
N LEU J 212 6.15 -76.65 22.47
CA LEU J 212 5.22 -76.59 21.36
C LEU J 212 5.00 -75.17 20.87
N SER J 213 5.28 -74.17 21.70
CA SER J 213 5.02 -72.79 21.37
C SER J 213 6.23 -72.07 20.78
N ASN J 214 7.35 -72.77 20.59
CA ASN J 214 8.56 -72.16 20.07
C ASN J 214 8.74 -72.39 18.57
N PHE J 215 7.71 -72.84 17.88
CA PHE J 215 7.80 -73.14 16.46
C PHE J 215 6.65 -72.49 15.70
N HIS J 216 6.96 -71.90 14.56
CA HIS J 216 5.92 -71.49 13.64
C HIS J 216 5.15 -72.72 13.18
N PRO J 217 3.82 -72.66 13.12
CA PRO J 217 3.08 -73.77 12.54
C PRO J 217 3.48 -73.98 11.09
N TYR J 218 3.54 -75.25 10.68
CA TYR J 218 4.04 -75.57 9.35
C TYR J 218 3.02 -75.18 8.28
N GLU J 219 3.46 -74.36 7.33
CA GLU J 219 2.57 -73.89 6.28
C GLU J 219 2.17 -75.03 5.36
N MET J 220 0.88 -75.12 5.05
CA MET J 220 0.34 -76.19 4.21
C MET J 220 0.26 -75.81 2.75
N GLN J 221 0.63 -74.58 2.38
CA GLN J 221 0.44 -74.13 0.99
C GLN J 221 1.31 -74.93 0.03
N GLU J 222 2.55 -75.24 0.42
CA GLU J 222 3.45 -75.99 -0.44
C GLU J 222 3.31 -77.49 -0.30
N MET J 223 2.45 -77.96 0.59
CA MET J 223 2.21 -79.39 0.74
C MET J 223 1.34 -79.91 -0.40
N GLY J 224 1.53 -81.18 -0.72
CA GLY J 224 0.76 -81.81 -1.79
C GLY J 224 1.39 -81.60 -3.15
N GLU J 225 0.56 -81.58 -4.20
CA GLU J 225 1.03 -81.39 -5.56
C GLU J 225 0.39 -80.13 -6.13
N SER J 226 1.19 -79.35 -6.86
CA SER J 226 0.78 -78.06 -7.36
C SER J 226 0.41 -78.16 -8.83
N ASP J 227 -0.73 -77.55 -9.19
CA ASP J 227 -1.17 -77.49 -10.57
C ASP J 227 -0.78 -76.18 -11.25
N THR J 228 0.12 -75.41 -10.64
CA THR J 228 0.67 -74.21 -11.26
C THR J 228 2.16 -74.20 -10.99
N THR J 229 2.96 -74.01 -12.05
CA THR J 229 4.41 -74.06 -11.88
C THR J 229 4.91 -72.87 -11.07
N VAL J 230 4.74 -71.66 -11.60
CA VAL J 230 5.21 -70.47 -10.91
C VAL J 230 4.48 -69.27 -11.52
N LEU J 231 4.22 -68.26 -10.69
CA LEU J 231 3.59 -67.05 -11.17
C LEU J 231 4.58 -66.24 -12.01
N MET J 232 4.12 -65.78 -13.16
CA MET J 232 4.94 -64.98 -14.05
C MET J 232 4.92 -63.50 -13.70
N SER J 233 4.09 -63.10 -12.74
CA SER J 233 4.03 -61.70 -12.34
C SER J 233 5.28 -61.34 -11.53
N PRO J 234 6.00 -60.28 -11.90
CA PRO J 234 7.17 -59.89 -11.11
C PRO J 234 6.82 -59.28 -9.77
N TYR J 235 5.69 -58.58 -9.66
CA TYR J 235 5.32 -57.94 -8.40
C TYR J 235 5.01 -58.96 -7.32
N LYS J 236 4.29 -60.03 -7.65
CA LYS J 236 3.97 -61.09 -6.71
C LYS J 236 4.69 -62.36 -7.14
N TYR J 237 5.95 -62.47 -6.71
CA TYR J 237 6.79 -63.61 -7.01
C TYR J 237 7.78 -63.80 -5.89
N ALA J 238 8.06 -65.06 -5.55
CA ALA J 238 8.95 -65.49 -4.47
C ALA J 238 8.39 -65.15 -3.10
N SER J 239 7.26 -64.47 -3.04
CA SER J 239 6.55 -64.16 -1.79
C SER J 239 5.19 -64.83 -1.71
N HIS J 240 4.42 -64.78 -2.79
CA HIS J 240 3.15 -65.48 -2.86
C HIS J 240 3.37 -66.90 -3.34
N TYR J 241 2.50 -67.80 -2.88
CA TYR J 241 2.50 -69.16 -3.37
C TYR J 241 1.58 -69.28 -4.58
N GLU J 242 1.77 -70.34 -5.35
CA GLU J 242 0.99 -70.53 -6.56
C GLU J 242 -0.46 -70.85 -6.22
N TYR J 243 -1.37 -70.31 -7.01
CA TYR J 243 -2.78 -70.62 -6.86
C TYR J 243 -3.06 -72.05 -7.33
N THR J 244 -4.24 -72.55 -6.98
CA THR J 244 -4.66 -73.89 -7.36
C THR J 244 -6.05 -73.85 -7.96
N GLN J 245 -6.27 -74.70 -8.97
CA GLN J 245 -7.59 -74.85 -9.57
C GLN J 245 -8.47 -75.82 -8.80
N PHE J 246 -7.92 -76.56 -7.85
CA PHE J 246 -8.63 -77.59 -7.12
C PHE J 246 -8.78 -77.19 -5.66
N GLU J 247 -9.63 -77.94 -4.96
CA GLU J 247 -9.89 -77.70 -3.55
C GLU J 247 -9.01 -78.58 -2.69
N THR J 248 -8.79 -78.14 -1.45
CA THR J 248 -8.03 -78.91 -0.49
C THR J 248 -9.00 -79.63 0.44
N PRO J 249 -9.11 -80.95 0.38
CA PRO J 249 -10.03 -81.65 1.28
C PRO J 249 -9.61 -81.49 2.73
N SER J 250 -10.59 -81.53 3.62
CA SER J 250 -10.36 -81.37 5.05
C SER J 250 -10.92 -82.53 5.86
N ASN J 251 -11.18 -83.67 5.21
CA ASN J 251 -11.73 -84.84 5.88
C ASN J 251 -10.71 -85.96 6.00
N MET J 252 -9.43 -85.61 6.11
CA MET J 252 -8.36 -86.59 6.20
C MET J 252 -7.92 -86.72 7.66
N VAL J 253 -7.95 -87.95 8.17
CA VAL J 253 -7.47 -88.27 9.51
C VAL J 253 -6.27 -89.17 9.36
N TYR J 254 -5.13 -88.75 9.91
CA TYR J 254 -3.88 -89.44 9.73
C TYR J 254 -3.57 -90.31 10.93
N SER J 255 -3.20 -91.57 10.66
CA SER J 255 -2.81 -92.50 11.71
C SER J 255 -1.41 -93.01 11.40
N MET J 256 -0.54 -92.99 12.40
CA MET J 256 0.83 -93.45 12.24
C MET J 256 0.89 -94.96 12.30
N VAL J 257 1.71 -95.56 11.43
CA VAL J 257 1.92 -96.99 11.41
C VAL J 257 3.42 -97.25 11.36
N ASN J 258 3.80 -98.44 11.82
CA ASN J 258 5.18 -98.88 11.73
C ASN J 258 5.50 -99.30 10.30
N PRO J 259 6.78 -99.29 9.92
CA PRO J 259 7.13 -99.70 8.55
C PRO J 259 6.67 -101.10 8.19
N ASP J 260 6.78 -102.05 9.13
CA ASP J 260 6.32 -103.41 8.87
C ASP J 260 4.80 -103.44 8.66
N GLU J 261 4.06 -102.74 9.52
CA GLU J 261 2.62 -102.70 9.37
C GLU J 261 2.23 -101.95 8.10
N HIS J 262 2.98 -100.93 7.71
CA HIS J 262 2.67 -100.22 6.48
C HIS J 262 2.90 -101.10 5.26
N ASP J 263 3.97 -101.91 5.27
CA ASP J 263 4.18 -102.86 4.19
C ASP J 263 3.03 -103.85 4.12
N ARG J 264 2.60 -104.38 5.26
CA ARG J 264 1.48 -105.32 5.25
C ARG J 264 0.20 -104.65 4.75
N LEU J 265 -0.04 -103.41 5.14
CA LEU J 265 -1.20 -102.67 4.64
C LEU J 265 -1.15 -102.52 3.14
N LEU J 266 0.02 -102.19 2.59
CA LEU J 266 0.14 -101.99 1.16
C LEU J 266 -0.09 -103.30 0.40
N VAL J 267 0.48 -104.40 0.87
CA VAL J 267 0.41 -105.66 0.12
C VAL J 267 -0.75 -106.55 0.52
N ASP J 268 -1.56 -106.15 1.51
CA ASP J 268 -2.70 -106.94 1.96
C ASP J 268 -3.92 -106.05 2.06
N PRO J 269 -4.74 -106.01 0.99
CA PRO J 269 -5.94 -105.16 1.04
C PRO J 269 -6.93 -105.52 2.14
N ALA J 270 -7.07 -106.81 2.47
CA ALA J 270 -8.03 -107.21 3.50
C ALA J 270 -7.63 -106.66 4.86
N TYR J 271 -6.34 -106.78 5.20
CA TYR J 271 -5.85 -106.20 6.44
C TYR J 271 -5.99 -104.69 6.44
N ARG J 272 -5.79 -104.06 5.28
CA ARG J 272 -5.94 -102.61 5.18
C ARG J 272 -7.38 -102.21 5.50
N MET J 273 -8.36 -102.91 4.91
CA MET J 273 -9.75 -102.57 5.19
C MET J 273 -10.10 -102.83 6.64
N GLU J 274 -9.62 -103.92 7.21
CA GLU J 274 -9.90 -104.22 8.61
C GLU J 274 -9.36 -103.14 9.53
N ARG J 275 -8.10 -102.77 9.36
CA ARG J 275 -7.49 -101.75 10.21
C ARG J 275 -8.17 -100.40 9.99
N THR J 276 -8.55 -100.09 8.75
CA THR J 276 -9.20 -98.83 8.48
C THR J 276 -10.56 -98.74 9.17
N LYS J 277 -11.34 -99.83 9.14
CA LYS J 277 -12.63 -99.78 9.82
C LYS J 277 -12.45 -99.70 11.33
N ALA J 278 -11.45 -100.39 11.87
CA ALA J 278 -11.18 -100.28 13.30
C ALA J 278 -10.82 -98.85 13.68
N LEU J 279 -9.98 -98.20 12.88
CA LEU J 279 -9.60 -96.82 13.17
C LEU J 279 -10.77 -95.86 13.00
N GLU J 280 -11.68 -96.13 12.06
CA GLU J 280 -12.88 -95.31 11.94
C GLU J 280 -13.76 -95.44 13.18
N GLU J 281 -13.90 -96.66 13.70
CA GLU J 281 -14.62 -96.85 14.95
C GLU J 281 -13.96 -96.08 16.08
N LYS J 282 -12.63 -96.12 16.13
CA LYS J 282 -11.91 -95.37 17.16
C LYS J 282 -12.13 -93.88 17.03
N TYR J 283 -12.17 -93.37 15.80
CA TYR J 283 -12.42 -91.95 15.59
C TYR J 283 -13.82 -91.56 16.05
N LYS J 284 -14.81 -92.40 15.77
CA LYS J 284 -16.16 -92.15 16.27
C LYS J 284 -16.18 -92.11 17.79
N VAL J 285 -15.51 -93.06 18.44
CA VAL J 285 -15.47 -93.11 19.89
C VAL J 285 -14.80 -91.85 20.45
N TYR J 286 -13.69 -91.44 19.84
CA TYR J 286 -12.96 -90.26 20.33
C TYR J 286 -13.79 -88.99 20.18
N THR J 287 -14.46 -88.84 19.04
CA THR J 287 -15.32 -87.66 18.86
C THR J 287 -16.46 -87.65 19.86
N SER J 288 -17.08 -88.81 20.10
CA SER J 288 -18.17 -88.86 21.07
C SER J 288 -17.66 -88.53 22.47
N SER J 289 -16.46 -89.00 22.82
CA SER J 289 -15.88 -88.69 24.12
C SER J 289 -15.65 -87.19 24.27
N LEU J 290 -15.10 -86.55 23.24
CA LEU J 290 -14.89 -85.12 23.29
C LEU J 290 -16.20 -84.37 23.43
N ARG J 291 -17.23 -84.81 22.70
CA ARG J 291 -18.55 -84.17 22.81
C ARG J 291 -19.11 -84.30 24.22
N GLU J 292 -18.98 -85.48 24.82
CA GLU J 292 -19.47 -85.68 26.19
C GLU J 292 -18.72 -84.81 27.18
N VAL J 293 -17.39 -84.71 27.02
CA VAL J 293 -16.60 -83.85 27.90
C VAL J 293 -17.05 -82.40 27.78
N GLU J 294 -17.29 -81.94 26.55
CA GLU J 294 -17.76 -80.57 26.36
C GLU J 294 -19.13 -80.36 26.98
N LYS J 295 -20.02 -81.35 26.88
CA LYS J 295 -21.32 -81.24 27.52
C LYS J 295 -21.18 -81.11 29.03
N GLN J 296 -20.32 -81.92 29.64
CA GLN J 296 -20.12 -81.83 31.09
C GLN J 296 -19.56 -80.47 31.48
N PHE J 297 -18.57 -79.98 30.72
CA PHE J 297 -17.98 -78.68 31.03
C PHE J 297 -19.00 -77.56 30.92
N GLU J 298 -19.82 -77.58 29.87
CA GLU J 298 -20.84 -76.56 29.70
C GLU J 298 -21.88 -76.63 30.81
N GLU J 299 -22.23 -77.85 31.24
CA GLU J 299 -23.16 -77.98 32.35
C GLU J 299 -22.58 -77.41 33.63
N ARG J 300 -21.29 -77.65 33.88
CA ARG J 300 -20.69 -77.23 35.15
C ARG J 300 -20.47 -75.72 35.20
N TYR J 301 -20.02 -75.12 34.09
CA TYR J 301 -19.61 -73.72 34.10
C TYR J 301 -20.50 -72.81 33.27
N GLY J 302 -21.46 -73.35 32.53
CA GLY J 302 -22.35 -72.52 31.73
C GLY J 302 -21.70 -72.04 30.44
N ARG J 303 -22.46 -71.22 29.71
CA ARG J 303 -21.98 -70.70 28.44
C ARG J 303 -20.97 -69.57 28.66
N ALA J 304 -20.08 -69.40 27.68
CA ALA J 304 -19.13 -68.30 27.73
C ALA J 304 -19.84 -66.96 27.69
N GLY J 305 -20.85 -66.84 26.84
CA GLY J 305 -21.60 -65.61 26.74
C GLY J 305 -22.58 -65.67 25.59
N GLN J 306 -23.36 -64.60 25.45
CA GLN J 306 -24.32 -64.51 24.37
C GLN J 306 -23.63 -64.06 23.08
N ILE J 307 -24.30 -64.31 21.96
CA ILE J 307 -23.76 -64.01 20.65
C ILE J 307 -24.44 -62.76 20.11
N ASN J 308 -23.65 -61.77 19.75
CA ASN J 308 -24.17 -60.54 19.16
C ASN J 308 -24.48 -60.81 17.69
N ILE J 309 -25.77 -60.88 17.36
CA ILE J 309 -26.22 -61.17 16.01
C ILE J 309 -27.34 -60.21 15.66
N SER J 310 -27.57 -60.05 14.36
CA SER J 310 -28.71 -59.28 13.88
C SER J 310 -29.89 -60.20 13.65
N LYS J 311 -31.10 -59.66 13.79
CA LYS J 311 -32.28 -60.45 13.48
C LYS J 311 -32.37 -60.77 11.99
N VAL J 312 -31.89 -59.87 11.14
CA VAL J 312 -31.84 -60.14 9.71
C VAL J 312 -30.92 -61.32 9.44
N THR J 313 -29.75 -61.34 10.06
CA THR J 313 -28.80 -62.44 9.86
C THR J 313 -29.33 -63.73 10.46
N TYR J 314 -30.02 -63.64 11.59
CA TYR J 314 -30.66 -64.81 12.19
C TYR J 314 -31.67 -65.44 11.23
N SER J 315 -32.58 -64.63 10.71
CA SER J 315 -33.58 -65.12 9.77
C SER J 315 -32.92 -65.67 8.52
N THR J 316 -31.88 -65.00 8.03
CA THR J 316 -31.22 -65.47 6.82
C THR J 316 -30.47 -66.78 7.06
N LEU J 317 -29.90 -66.97 8.25
CA LEU J 317 -29.26 -68.25 8.55
C LEU J 317 -30.29 -69.37 8.55
N ILE J 318 -31.45 -69.15 9.16
CA ILE J 318 -32.48 -70.18 9.15
C ILE J 318 -32.96 -70.46 7.74
N ASP J 319 -33.15 -69.41 6.94
CA ASP J 319 -33.57 -69.59 5.55
C ASP J 319 -32.52 -70.34 4.74
N VAL J 320 -31.25 -70.05 4.97
CA VAL J 320 -30.18 -70.73 4.25
C VAL J 320 -30.14 -72.21 4.63
N GLU J 321 -30.35 -72.53 5.91
CA GLU J 321 -30.41 -73.93 6.30
C GLU J 321 -31.55 -74.66 5.61
N LYS J 322 -32.74 -74.04 5.60
CA LYS J 322 -33.88 -74.68 4.94
C LYS J 322 -33.64 -74.85 3.45
N ALA J 323 -33.05 -73.84 2.80
CA ALA J 323 -32.76 -73.93 1.37
C ALA J 323 -31.73 -75.02 1.08
N VAL J 324 -30.72 -75.15 1.95
CA VAL J 324 -29.71 -76.18 1.78
C VAL J 324 -30.35 -77.56 1.89
N LEU J 325 -31.25 -77.75 2.86
CA LEU J 325 -31.94 -79.03 2.98
C LEU J 325 -32.79 -79.31 1.74
N LYS J 326 -33.49 -78.30 1.24
CA LYS J 326 -34.32 -78.48 0.05
C LYS J 326 -33.49 -78.87 -1.16
N MET J 327 -32.34 -78.21 -1.35
CA MET J 327 -31.50 -78.52 -2.48
C MET J 327 -30.83 -79.88 -2.33
N ASP J 328 -30.50 -80.29 -1.10
CA ASP J 328 -29.99 -81.63 -0.88
C ASP J 328 -31.04 -82.68 -1.25
N ARG J 329 -32.29 -82.45 -0.88
CA ARG J 329 -33.35 -83.38 -1.26
C ARG J 329 -33.51 -83.45 -2.78
N LEU J 330 -33.47 -82.29 -3.44
CA LEU J 330 -33.57 -82.27 -4.89
C LEU J 330 -32.41 -83.03 -5.54
N PHE J 331 -31.20 -82.83 -5.05
CA PHE J 331 -30.05 -83.53 -5.59
C PHE J 331 -30.15 -85.03 -5.36
N ARG J 332 -30.69 -85.42 -4.20
CA ARG J 332 -30.89 -86.83 -3.92
C ARG J 332 -31.85 -87.47 -4.92
N LYS J 333 -32.96 -86.78 -5.19
CA LYS J 333 -33.91 -87.29 -6.18
C LYS J 333 -33.28 -87.38 -7.57
N VAL J 334 -32.53 -86.34 -7.96
CA VAL J 334 -31.90 -86.32 -9.27
C VAL J 334 -30.89 -87.44 -9.41
N ALA J 335 -30.08 -87.67 -8.37
CA ALA J 335 -29.10 -88.74 -8.41
C ALA J 335 -29.77 -90.11 -8.46
N LYS J 336 -30.86 -90.29 -7.71
CA LYS J 336 -31.59 -91.55 -7.78
C LYS J 336 -32.13 -91.80 -9.18
N PHE J 337 -32.60 -90.75 -9.85
CA PHE J 337 -33.11 -90.96 -11.21
C PHE J 337 -31.97 -91.20 -12.20
N GLU J 338 -30.85 -90.50 -12.04
CA GLU J 338 -29.74 -90.68 -12.97
C GLU J 338 -29.14 -92.09 -12.85
N ASN J 339 -28.96 -92.57 -11.63
CA ASN J 339 -28.32 -93.86 -11.39
C ASN J 339 -29.32 -95.02 -11.37
N ARG J 340 -30.50 -94.85 -11.97
CA ARG J 340 -31.53 -95.87 -11.88
C ARG J 340 -31.07 -97.18 -12.54
N ALA J 341 -30.37 -97.08 -13.67
CA ALA J 341 -29.97 -98.27 -14.41
C ALA J 341 -28.84 -99.04 -13.74
N PHE J 342 -28.21 -98.46 -12.72
CA PHE J 342 -27.08 -99.10 -12.05
C PHE J 342 -27.38 -99.50 -10.62
N ILE J 343 -28.27 -98.78 -9.92
CA ILE J 343 -28.58 -99.12 -8.54
C ILE J 343 -29.33 -100.44 -8.47
N ASP J 344 -30.36 -100.60 -9.28
CA ASP J 344 -31.22 -101.79 -9.27
C ASP J 344 -31.35 -102.27 -10.70
N ARG J 345 -30.50 -103.21 -11.08
CA ARG J 345 -30.51 -103.73 -12.44
C ARG J 345 -31.53 -104.84 -12.66
N ALA J 346 -32.11 -105.38 -11.59
CA ALA J 346 -33.08 -106.45 -11.74
C ALA J 346 -34.41 -105.93 -12.27
N ASN J 347 -34.90 -104.82 -11.70
CA ASN J 347 -36.20 -104.26 -12.05
C ASN J 347 -36.09 -103.09 -13.02
N HIS J 348 -34.88 -102.81 -13.53
CA HIS J 348 -34.70 -101.63 -14.37
C HIS J 348 -35.52 -101.73 -15.65
N SER J 349 -35.55 -102.91 -16.26
CA SER J 349 -36.27 -103.05 -17.52
C SER J 349 -37.76 -102.77 -17.35
N ARG J 350 -38.37 -103.38 -16.34
CA ARG J 350 -39.81 -103.19 -16.11
C ARG J 350 -40.12 -101.75 -15.72
N ARG J 351 -39.33 -101.18 -14.81
CA ARG J 351 -39.58 -99.79 -14.40
C ARG J 351 -39.38 -98.82 -15.55
N GLU J 352 -38.36 -99.04 -16.37
CA GLU J 352 -38.12 -98.19 -17.53
C GLU J 352 -39.25 -98.32 -18.54
N LYS J 353 -39.76 -99.53 -18.75
CA LYS J 353 -40.89 -99.70 -19.65
C LYS J 353 -42.10 -98.92 -19.16
N ARG J 354 -42.39 -99.02 -17.85
CA ARG J 354 -43.51 -98.27 -17.29
C ARG J 354 -43.31 -96.77 -17.46
N MET J 355 -42.12 -96.27 -17.13
CA MET J 355 -41.85 -94.84 -17.24
C MET J 355 -41.99 -94.36 -18.68
N LEU J 356 -41.41 -95.11 -19.62
CA LEU J 356 -41.44 -94.68 -21.01
C LEU J 356 -42.85 -94.75 -21.59
N GLU J 357 -43.61 -95.78 -21.25
CA GLU J 357 -44.98 -95.85 -21.77
C GLU J 357 -45.85 -94.74 -21.20
N ARG J 358 -45.68 -94.42 -19.91
CA ARG J 358 -46.45 -93.32 -19.34
C ARG J 358 -46.05 -91.98 -19.96
N ALA J 359 -44.75 -91.77 -20.18
CA ALA J 359 -44.30 -90.52 -20.80
C ALA J 359 -44.82 -90.39 -22.22
N GLN J 360 -44.78 -91.49 -22.99
CA GLN J 360 -45.31 -91.46 -24.35
C GLN J 360 -46.80 -91.20 -24.34
N GLN J 361 -47.54 -91.81 -23.40
CA GLN J 361 -48.97 -91.56 -23.31
C GLN J 361 -49.26 -90.10 -23.01
N ARG J 362 -48.50 -89.50 -22.09
CA ARG J 362 -48.79 -88.14 -21.69
C ARG J 362 -48.34 -87.11 -22.73
N TRP J 363 -47.31 -87.41 -23.52
CA TRP J 363 -46.80 -86.46 -24.50
C TRP J 363 -47.11 -86.84 -25.94
N ASP J 364 -47.98 -87.83 -26.16
CA ASP J 364 -48.45 -88.18 -27.49
C ASP J 364 -49.96 -88.04 -27.52
N SER J 365 -50.46 -87.27 -28.50
CA SER J 365 -51.88 -86.95 -28.63
C SER J 365 -52.41 -86.20 -27.42
N ASN J 366 -51.53 -85.62 -26.61
CA ASN J 366 -51.91 -84.87 -25.43
C ASN J 366 -50.88 -83.78 -25.17
N TYR J 367 -51.31 -82.75 -24.45
CA TYR J 367 -50.44 -81.70 -23.96
C TYR J 367 -50.39 -81.80 -22.44
N SER J 368 -49.19 -81.92 -21.89
CA SER J 368 -49.02 -82.09 -20.45
C SER J 368 -48.82 -80.72 -19.81
N PHE J 369 -49.75 -80.32 -18.95
CA PHE J 369 -49.71 -79.02 -18.29
C PHE J 369 -49.31 -79.23 -16.84
N PHE J 370 -48.09 -78.82 -16.50
CA PHE J 370 -47.59 -78.96 -15.14
C PHE J 370 -47.87 -77.70 -14.33
N THR J 371 -48.21 -77.88 -13.06
CA THR J 371 -48.44 -76.78 -12.14
C THR J 371 -47.47 -76.88 -10.98
N GLY J 372 -47.02 -75.73 -10.49
CA GLY J 372 -46.09 -75.70 -9.38
C GLY J 372 -44.67 -76.01 -9.78
N SER J 373 -43.96 -76.76 -8.94
CA SER J 373 -42.58 -77.12 -9.20
C SER J 373 -42.44 -78.43 -9.95
N LEU J 374 -43.53 -79.07 -10.33
CA LEU J 374 -43.46 -80.33 -11.04
C LEU J 374 -43.01 -80.10 -12.49
N THR J 375 -42.13 -81.00 -12.96
CA THR J 375 -41.61 -80.95 -14.32
C THR J 375 -41.73 -82.33 -14.95
N GLU J 376 -41.42 -82.40 -16.24
CA GLU J 376 -41.46 -83.68 -16.94
C GLU J 376 -40.43 -84.66 -16.39
N GLU J 377 -39.23 -84.17 -16.07
CA GLU J 377 -38.20 -85.04 -15.50
C GLU J 377 -38.64 -85.58 -14.15
N GLU J 378 -39.23 -84.73 -13.31
CA GLU J 378 -39.68 -85.19 -12.00
C GLU J 378 -40.85 -86.17 -12.14
N GLN J 379 -41.72 -85.94 -13.13
CA GLN J 379 -42.81 -86.89 -13.36
C GLN J 379 -42.28 -88.24 -13.83
N LYS J 380 -41.24 -88.24 -14.67
CA LYS J 380 -40.61 -89.49 -15.06
C LYS J 380 -39.97 -90.18 -13.87
N TYR J 381 -39.36 -89.40 -12.97
CA TYR J 381 -38.81 -89.97 -11.74
C TYR J 381 -39.91 -90.62 -10.91
N ARG J 382 -41.07 -89.96 -10.80
CA ARG J 382 -42.18 -90.54 -10.06
C ARG J 382 -42.69 -91.81 -10.73
N ASP J 383 -42.73 -91.82 -12.06
CA ASP J 383 -43.17 -93.02 -12.77
C ASP J 383 -42.22 -94.19 -12.53
N TYR J 384 -40.91 -93.93 -12.56
CA TYR J 384 -39.95 -95.02 -12.42
C TYR J 384 -40.01 -95.62 -11.03
N TYR J 385 -39.92 -94.78 -9.99
CA TYR J 385 -39.89 -95.25 -8.61
C TYR J 385 -41.27 -95.26 -7.98
N GLU J 386 -42.24 -95.89 -8.64
CA GLU J 386 -43.61 -95.88 -8.15
C GLU J 386 -43.74 -96.63 -6.84
N GLU J 388 -41.44 -97.48 -4.72
CA GLU J 388 -40.65 -96.87 -3.66
C GLU J 388 -41.33 -95.62 -3.12
N LEU J 389 -41.87 -94.79 -4.01
CA LEU J 389 -42.55 -93.56 -3.58
C LEU J 389 -43.90 -93.85 -2.93
N GLU J 390 -44.48 -95.02 -3.18
CA GLU J 390 -45.71 -95.38 -2.48
C GLU J 390 -45.46 -95.74 -1.02
N ALA J 391 -44.21 -95.95 -0.62
CA ALA J 391 -43.87 -96.30 0.76
C ALA J 391 -43.48 -95.07 1.58
N TYR J 392 -42.44 -94.36 1.13
CA TYR J 392 -42.02 -93.10 1.76
C TYR J 392 -41.92 -92.03 0.68
N PRO J 393 -43.01 -91.33 0.40
CA PRO J 393 -42.94 -90.23 -0.57
C PRO J 393 -42.30 -89.00 0.05
N GLU J 394 -41.23 -88.50 -0.56
CA GLU J 394 -40.59 -87.29 -0.09
C GLU J 394 -41.39 -86.08 -0.60
N ASP J 395 -42.62 -85.97 -0.10
CA ASP J 395 -43.51 -84.91 -0.53
C ASP J 395 -42.90 -83.56 -0.20
N GLU J 396 -42.92 -82.65 -1.18
CA GLU J 396 -42.15 -81.41 -1.03
C GLU J 396 -42.69 -80.55 0.09
N GLY J 397 -44.01 -80.39 0.19
CA GLY J 397 -44.57 -79.56 1.24
C GLY J 397 -44.32 -80.14 2.63
N ILE J 398 -44.58 -81.43 2.81
CA ILE J 398 -44.38 -82.05 4.10
C ILE J 398 -42.90 -82.09 4.46
N GLU J 399 -42.04 -82.38 3.48
CA GLU J 399 -40.61 -82.39 3.76
C GLU J 399 -40.11 -80.99 4.10
N GLN J 400 -40.66 -79.95 3.48
CA GLN J 400 -40.26 -78.59 3.84
C GLN J 400 -40.70 -78.24 5.25
N GLN J 401 -41.92 -78.63 5.64
CA GLN J 401 -42.35 -78.41 7.01
C GLN J 401 -41.47 -79.14 8.00
N LEU J 402 -41.12 -80.39 7.70
CA LEU J 402 -40.23 -81.15 8.58
C LEU J 402 -38.84 -80.56 8.62
N ASP J 403 -38.35 -80.01 7.50
CA ASP J 403 -37.06 -79.35 7.49
C ASP J 403 -37.06 -78.12 8.39
N GLN J 404 -38.13 -77.32 8.33
CA GLN J 404 -38.22 -76.17 9.22
C GLN J 404 -38.26 -76.60 10.68
N GLN J 405 -39.04 -77.64 10.97
CA GLN J 405 -39.12 -78.13 12.35
C GLN J 405 -37.77 -78.64 12.83
N GLU J 406 -37.04 -79.36 11.97
CA GLU J 406 -35.72 -79.86 12.35
C GLU J 406 -34.75 -78.71 12.59
N VAL J 407 -34.77 -77.71 11.72
CA VAL J 407 -33.87 -76.57 11.88
C VAL J 407 -34.15 -75.85 13.19
N LEU J 408 -35.42 -75.62 13.51
CA LEU J 408 -35.76 -74.88 14.71
C LEU J 408 -35.59 -75.71 15.98
N LEU J 409 -35.72 -77.03 15.89
CA LEU J 409 -35.56 -77.90 17.04
C LEU J 409 -34.12 -78.35 17.26
N SER J 410 -33.22 -78.03 16.33
CA SER J 410 -31.81 -78.36 16.52
C SER J 410 -31.23 -77.70 17.77
N GLY J 411 -31.86 -76.62 18.25
CA GLY J 411 -31.39 -75.93 19.43
C GLY J 411 -30.35 -74.86 19.17
N ARG J 412 -29.86 -74.74 17.94
CA ARG J 412 -28.87 -73.73 17.63
C ARG J 412 -29.48 -72.33 17.66
N TYR J 413 -30.74 -72.20 17.30
CA TYR J 413 -31.40 -70.90 17.15
C TYR J 413 -32.27 -70.53 18.33
N ASP J 414 -31.88 -70.93 19.53
CA ASP J 414 -32.60 -70.55 20.73
C ASP J 414 -32.38 -69.07 21.00
N PRO J 415 -33.43 -68.26 21.10
CA PRO J 415 -33.22 -66.82 21.29
C PRO J 415 -32.48 -66.46 22.56
N LYS J 416 -32.45 -67.35 23.55
CA LYS J 416 -31.68 -67.07 24.76
C LYS J 416 -30.19 -67.07 24.51
N LEU J 417 -29.73 -67.66 23.41
CA LEU J 417 -28.31 -67.70 23.10
C LEU J 417 -27.83 -66.47 22.36
N TYR J 418 -28.74 -65.60 21.93
CA TYR J 418 -28.40 -64.48 21.06
C TYR J 418 -28.77 -63.17 21.72
N ASP J 419 -27.86 -62.20 21.60
CA ASP J 419 -28.13 -60.81 21.99
C ASP J 419 -28.35 -60.03 20.69
N PHE J 420 -29.62 -59.93 20.29
CA PHE J 420 -29.95 -59.30 19.03
C PHE J 420 -29.57 -57.82 19.05
N GLN J 421 -28.92 -57.37 17.98
CA GLN J 421 -28.43 -56.01 17.89
C GLN J 421 -28.68 -55.45 16.50
N GLU J 422 -28.51 -54.15 16.36
CA GLU J 422 -28.46 -53.49 15.06
C GLU J 422 -27.01 -53.54 14.61
N GLY J 423 -26.69 -54.47 13.71
CA GLY J 423 -25.30 -54.70 13.35
C GLY J 423 -24.64 -53.52 12.65
N TYR J 424 -25.41 -52.74 11.90
CA TYR J 424 -24.83 -51.67 11.10
C TYR J 424 -24.29 -50.53 11.98
N THR J 425 -24.90 -50.30 13.13
CA THR J 425 -24.50 -49.18 13.98
C THR J 425 -23.06 -49.35 14.45
N LYS J 426 -22.30 -48.25 14.43
CA LYS J 426 -20.92 -48.31 14.87
C LYS J 426 -20.82 -48.62 16.36
N ASN J 427 -21.69 -48.03 17.16
CA ASN J 427 -21.75 -48.40 18.58
C ASN J 427 -22.69 -49.59 18.77
N PRO J 428 -22.34 -50.55 19.62
CA PRO J 428 -23.22 -51.71 19.83
C PRO J 428 -24.53 -51.32 20.49
N GLU J 429 -25.63 -51.45 19.75
CA GLU J 429 -26.94 -51.06 20.25
C GLU J 429 -27.92 -52.21 20.05
N ASP J 430 -28.86 -52.34 20.97
CA ASP J 430 -29.80 -53.45 20.95
C ASP J 430 -30.72 -53.34 19.73
N ASP J 431 -31.56 -54.35 19.57
CA ASP J 431 -32.52 -54.36 18.47
C ASP J 431 -33.58 -53.30 18.70
N GLN J 432 -33.72 -52.37 17.76
CA GLN J 432 -34.61 -51.24 17.91
C GLN J 432 -35.79 -51.28 16.94
N THR J 433 -36.16 -52.46 16.46
CA THR J 433 -37.37 -52.60 15.69
C THR J 433 -38.59 -52.37 16.58
N SER J 434 -39.72 -52.04 15.94
CA SER J 434 -40.90 -51.67 16.70
C SER J 434 -41.41 -52.84 17.52
N LEU J 435 -42.30 -52.54 18.48
CA LEU J 435 -42.79 -53.55 19.40
C LEU J 435 -43.57 -54.64 18.66
N ILE J 436 -44.39 -54.25 17.69
CA ILE J 436 -45.18 -55.24 16.95
C ILE J 436 -44.25 -56.09 16.07
N GLU J 437 -43.21 -55.49 15.51
CA GLU J 437 -42.24 -56.26 14.75
C GLU J 437 -41.51 -57.26 15.64
N LYS J 438 -41.20 -56.86 16.88
CA LYS J 438 -40.58 -57.78 17.81
C LYS J 438 -41.52 -58.92 18.17
N LYS J 439 -42.81 -58.62 18.35
CA LYS J 439 -43.78 -59.68 18.63
C LYS J 439 -43.91 -60.62 17.44
N ALA J 440 -43.89 -60.09 16.23
CA ALA J 440 -43.99 -60.95 15.04
C ALA J 440 -42.75 -61.82 14.89
N PHE J 441 -41.56 -61.28 15.18
CA PHE J 441 -40.35 -62.09 15.19
C PHE J 441 -40.43 -63.17 16.26
N LYS J 442 -40.99 -62.83 17.42
CA LYS J 442 -41.17 -63.80 18.49
C LYS J 442 -42.08 -64.93 18.07
N PHE J 443 -43.18 -64.61 17.39
CA PHE J 443 -44.12 -65.65 16.96
C PHE J 443 -43.61 -66.44 15.77
N ARG J 444 -42.82 -65.83 14.90
CA ARG J 444 -42.33 -66.54 13.72
C ARG J 444 -41.41 -67.69 14.11
N TYR J 445 -40.61 -67.50 15.14
CA TYR J 445 -39.66 -68.50 15.62
C TYR J 445 -40.04 -69.00 17.01
N ARG J 446 -41.33 -69.25 17.22
CA ARG J 446 -41.79 -69.80 18.48
C ARG J 446 -41.22 -71.18 18.72
N LEU J 447 -41.06 -71.97 17.65
CA LEU J 447 -40.55 -73.33 17.79
C LEU J 447 -39.10 -73.35 18.26
N ALA J 448 -38.33 -72.31 17.94
CA ALA J 448 -36.94 -72.26 18.37
C ALA J 448 -36.83 -72.15 19.90
N ASN J 449 -37.73 -71.38 20.52
CA ASN J 449 -37.68 -71.16 21.95
C ASN J 449 -38.38 -72.26 22.75
N GLU J 450 -39.17 -73.11 22.11
CA GLU J 450 -39.94 -74.13 22.79
C GLU J 450 -39.32 -75.50 22.61
N THR J 451 -39.63 -76.39 23.55
CA THR J 451 -39.33 -77.80 23.36
C THR J 451 -40.39 -78.44 22.46
N SER J 452 -40.14 -79.69 22.07
CA SER J 452 -41.05 -80.36 21.15
C SER J 452 -42.44 -80.52 21.75
N GLU J 453 -42.51 -80.96 23.01
CA GLU J 453 -43.80 -81.22 23.64
C GLU J 453 -44.57 -79.93 23.91
N THR J 454 -43.88 -78.91 24.43
CA THR J 454 -44.54 -77.63 24.69
C THR J 454 -45.00 -76.98 23.39
N PHE J 455 -44.17 -77.05 22.35
CA PHE J 455 -44.60 -76.55 21.06
C PHE J 455 -45.82 -77.30 20.55
N GLN J 456 -45.83 -78.62 20.69
CA GLN J 456 -46.98 -79.39 20.25
C GLN J 456 -48.23 -78.97 21.00
N ARG J 457 -48.13 -78.77 22.31
CA ARG J 457 -49.32 -78.39 23.09
C ARG J 457 -49.84 -77.02 22.67
N ARG J 458 -48.95 -76.02 22.65
CA ARG J 458 -49.38 -74.66 22.31
C ARG J 458 -49.89 -74.58 20.88
N ASN J 459 -49.20 -75.22 19.94
CA ASN J 459 -49.62 -75.18 18.55
C ASN J 459 -50.90 -75.96 18.33
N ASN J 460 -51.12 -77.05 19.06
CA ASN J 460 -52.38 -77.77 18.97
C ASN J 460 -53.53 -76.91 19.48
N ARG J 461 -53.32 -76.18 20.58
CA ARG J 461 -54.34 -75.26 21.04
C ARG J 461 -54.64 -74.19 19.99
N MET J 462 -53.59 -73.62 19.42
CA MET J 462 -53.77 -72.58 18.41
C MET J 462 -54.53 -73.10 17.20
N VAL J 463 -54.13 -74.27 16.69
CA VAL J 463 -54.75 -74.82 15.49
C VAL J 463 -56.17 -75.26 15.76
N GLU J 464 -56.43 -75.83 16.94
CA GLU J 464 -57.79 -76.22 17.30
C GLU J 464 -58.71 -75.01 17.34
N ARG J 465 -58.25 -73.91 17.96
CA ARG J 465 -59.08 -72.71 17.99
C ARG J 465 -59.26 -72.12 16.61
N GLN J 466 -58.22 -72.19 15.76
CA GLN J 466 -58.37 -71.71 14.38
C GLN J 466 -59.40 -72.53 13.62
N ILE J 467 -59.37 -73.84 13.79
CA ILE J 467 -60.34 -74.71 13.12
C ILE J 467 -61.75 -74.38 13.60
N LYS J 468 -61.91 -74.17 14.90
CA LYS J 468 -63.23 -73.80 15.42
C LYS J 468 -63.69 -72.46 14.87
N ARG J 469 -62.76 -71.52 14.69
CA ARG J 469 -63.13 -70.22 14.12
C ARG J 469 -63.54 -70.36 12.66
N PHE J 470 -62.85 -71.20 11.89
CA PHE J 470 -63.14 -71.30 10.47
C PHE J 470 -64.46 -71.98 10.17
N GLN J 471 -65.11 -72.57 11.17
CA GLN J 471 -66.44 -73.15 10.98
C GLN J 471 -67.55 -72.13 11.14
N GLN J 472 -67.22 -70.88 11.49
CA GLN J 472 -68.22 -69.84 11.61
C GLN J 472 -68.77 -69.46 10.24
N PRO J 473 -70.01 -68.97 10.18
CA PRO J 473 -70.59 -68.61 8.88
C PRO J 473 -69.82 -67.54 8.13
N GLN J 474 -69.18 -66.60 8.84
CA GLN J 474 -68.49 -65.51 8.16
C GLN J 474 -67.30 -66.03 7.37
N TYR J 475 -66.49 -66.91 7.97
CA TYR J 475 -65.34 -67.45 7.26
C TYR J 475 -65.78 -68.35 6.10
N LYS J 476 -66.81 -69.16 6.30
CA LYS J 476 -67.34 -69.97 5.22
C LYS J 476 -67.83 -69.09 4.07
N HIS J 477 -68.54 -68.02 4.39
CA HIS J 477 -68.99 -67.10 3.36
C HIS J 477 -67.83 -66.45 2.62
N ALA J 478 -66.78 -66.08 3.37
CA ALA J 478 -65.62 -65.47 2.75
C ALA J 478 -64.96 -66.42 1.76
N PHE J 479 -64.79 -67.69 2.15
CA PHE J 479 -64.18 -68.66 1.25
C PHE J 479 -65.08 -68.95 0.06
N GLU J 480 -66.40 -69.01 0.28
CA GLU J 480 -67.33 -69.25 -0.82
C GLU J 480 -67.27 -68.13 -1.84
N GLN J 481 -67.22 -66.87 -1.39
CA GLN J 481 -67.07 -65.76 -2.31
C GLN J 481 -65.68 -65.73 -2.94
N LEU J 482 -64.68 -66.25 -2.24
CA LEU J 482 -63.36 -66.37 -2.83
C LEU J 482 -63.38 -67.32 -4.02
N GLN J 483 -64.08 -68.45 -3.89
CA GLN J 483 -64.20 -69.39 -4.99
C GLN J 483 -65.15 -68.91 -6.08
N LYS J 484 -66.12 -68.06 -5.73
CA LYS J 484 -67.16 -67.69 -6.69
C LYS J 484 -66.59 -66.87 -7.84
N ASN J 485 -65.74 -65.89 -7.53
CA ASN J 485 -65.22 -64.96 -8.53
C ASN J 485 -63.80 -65.28 -8.95
N ILE J 486 -63.45 -66.57 -9.03
CA ILE J 486 -62.09 -66.94 -9.44
C ILE J 486 -61.87 -66.60 -10.90
N ALA J 487 -62.87 -66.86 -11.76
CA ALA J 487 -62.72 -66.61 -13.18
C ALA J 487 -62.54 -65.12 -13.47
N ILE J 488 -63.32 -64.27 -12.81
CA ILE J 488 -63.21 -62.83 -13.04
C ILE J 488 -61.91 -62.30 -12.46
N SER J 489 -61.56 -62.73 -11.25
CA SER J 489 -60.36 -62.22 -10.59
C SER J 489 -59.07 -62.71 -11.23
N SER J 490 -59.12 -63.81 -11.98
CA SER J 490 -57.93 -64.30 -12.65
C SER J 490 -57.52 -63.46 -13.85
N ASN J 491 -58.36 -62.51 -14.27
CA ASN J 491 -58.09 -61.70 -15.45
C ASN J 491 -57.40 -60.38 -15.13
N SER J 492 -57.13 -60.09 -13.87
CA SER J 492 -56.52 -58.81 -13.53
C SER J 492 -55.82 -58.93 -12.18
N GLY J 493 -54.77 -58.12 -12.01
CA GLY J 493 -54.09 -58.05 -10.74
C GLY J 493 -54.80 -57.23 -9.69
N ASN J 494 -55.77 -56.41 -10.09
CA ASN J 494 -56.56 -55.65 -9.14
C ASN J 494 -57.55 -56.57 -8.44
N ALA J 495 -57.59 -56.46 -7.11
CA ALA J 495 -58.46 -57.33 -6.33
C ALA J 495 -59.91 -56.85 -6.40
N LEU J 496 -60.82 -57.75 -6.08
CA LEU J 496 -62.25 -57.49 -6.05
C LEU J 496 -62.72 -57.40 -4.59
N HIS J 497 -64.01 -57.11 -4.42
CA HIS J 497 -64.57 -57.05 -3.08
C HIS J 497 -64.52 -58.43 -2.41
N SER J 498 -64.78 -59.49 -3.17
CA SER J 498 -64.72 -60.84 -2.63
C SER J 498 -63.30 -61.19 -2.20
N GLU J 499 -62.30 -60.79 -3.00
CA GLU J 499 -60.91 -61.01 -2.60
C GLU J 499 -60.55 -60.21 -1.37
N TYR J 500 -61.00 -58.95 -1.29
CA TYR J 500 -60.67 -58.11 -0.14
C TYR J 500 -61.37 -58.56 1.13
N GLY J 501 -62.52 -59.23 1.00
CA GLY J 501 -63.16 -59.78 2.19
C GLY J 501 -62.31 -60.85 2.86
N TYR J 502 -61.65 -61.68 2.06
CA TYR J 502 -60.75 -62.68 2.61
C TYR J 502 -59.49 -62.04 3.18
N LEU J 503 -58.97 -61.02 2.51
CA LEU J 503 -57.72 -60.40 2.95
C LEU J 503 -57.90 -59.60 4.23
N GLU J 504 -59.09 -59.03 4.46
CA GLU J 504 -59.32 -58.27 5.69
C GLU J 504 -59.28 -59.17 6.92
N LEU J 505 -59.64 -60.45 6.77
CA LEU J 505 -59.61 -61.37 7.90
C LEU J 505 -58.21 -61.82 8.27
N LEU J 506 -57.21 -61.58 7.42
CA LEU J 506 -55.87 -62.10 7.66
C LEU J 506 -55.22 -61.44 8.87
N SER J 507 -55.39 -60.13 9.02
CA SER J 507 -54.75 -59.43 10.13
C SER J 507 -55.33 -59.87 11.47
N ASN J 508 -56.67 -59.89 11.57
CA ASN J 508 -57.29 -60.34 12.81
C ASN J 508 -56.98 -61.80 13.07
N GLU J 509 -56.90 -62.62 12.01
CA GLU J 509 -56.57 -64.02 12.19
C GLU J 509 -55.16 -64.18 12.74
N SER J 510 -54.20 -63.39 12.25
CA SER J 510 -52.84 -63.46 12.76
C SER J 510 -52.77 -62.99 14.22
N VAL J 511 -53.49 -61.92 14.54
CA VAL J 511 -53.52 -61.45 15.92
C VAL J 511 -54.10 -62.51 16.83
N GLN J 512 -55.18 -63.16 16.40
CA GLN J 512 -55.80 -64.21 17.21
C GLN J 512 -54.91 -65.44 17.33
N LEU J 513 -54.16 -65.77 16.28
CA LEU J 513 -53.19 -66.86 16.38
C LEU J 513 -52.12 -66.55 17.42
N TYR J 514 -51.62 -65.31 17.41
CA TYR J 514 -50.64 -64.92 18.42
C TYR J 514 -51.23 -65.02 19.81
N LYS J 515 -52.47 -64.56 19.98
CA LYS J 515 -53.12 -64.65 21.30
C LYS J 515 -53.29 -66.09 21.73
N ASP J 516 -53.69 -66.97 20.81
CA ASP J 516 -53.95 -68.37 21.15
C ASP J 516 -52.66 -69.10 21.52
N TYR J 517 -51.57 -68.85 20.78
CA TYR J 517 -50.33 -69.54 21.10
C TYR J 517 -49.78 -69.06 22.44
N TYR J 518 -49.90 -67.76 22.73
CA TYR J 518 -49.26 -67.14 23.89
C TYR J 518 -50.27 -66.67 24.92
N GLU J 519 -51.29 -67.48 25.19
CA GLU J 519 -52.31 -67.08 26.16
C GLU J 519 -51.86 -67.37 27.59
N ASP J 521 -48.79 -66.77 28.73
CA ASP J 521 -47.86 -65.74 29.15
C ASP J 521 -48.57 -64.58 29.85
N ALA J 522 -48.28 -64.40 31.13
CA ALA J 522 -48.78 -63.24 31.85
C ALA J 522 -47.99 -61.98 31.56
N GLU J 523 -46.83 -62.11 30.90
CA GLU J 523 -46.00 -60.98 30.53
C GLU J 523 -46.34 -60.43 29.15
N GLU J 524 -47.41 -60.92 28.53
CA GLU J 524 -47.81 -60.50 27.21
C GLU J 524 -49.00 -59.55 27.31
N ASP J 525 -48.88 -58.38 26.69
CA ASP J 525 -49.91 -57.35 26.71
C ASP J 525 -50.56 -57.30 25.34
N PHE J 526 -51.88 -57.52 25.29
CA PHE J 526 -52.62 -57.53 24.04
C PHE J 526 -53.29 -56.20 23.73
N LYS J 527 -53.24 -55.24 24.66
CA LYS J 527 -53.75 -53.91 24.35
C LYS J 527 -52.98 -53.25 23.23
N VAL J 528 -51.73 -53.65 23.01
CA VAL J 528 -51.00 -53.17 21.84
C VAL J 528 -51.60 -53.74 20.56
N PHE J 529 -52.14 -54.96 20.62
CA PHE J 529 -52.85 -55.55 19.49
C PHE J 529 -54.26 -55.01 19.33
N GLU J 530 -54.78 -54.33 20.35
CA GLU J 530 -56.15 -53.82 20.26
C GLU J 530 -56.32 -52.89 19.07
N ASN J 531 -55.36 -52.00 18.83
CA ASN J 531 -55.39 -51.12 17.68
C ASN J 531 -54.01 -51.04 17.04
N LEU J 532 -53.96 -51.19 15.72
CA LEU J 532 -52.70 -51.26 15.00
C LEU J 532 -52.73 -50.30 13.81
N SER J 533 -51.54 -49.89 13.37
CA SER J 533 -51.40 -49.07 12.19
C SER J 533 -51.33 -49.97 10.95
N SER J 534 -51.17 -49.35 9.79
CA SER J 534 -51.09 -50.13 8.55
C SER J 534 -49.82 -50.97 8.50
N LYS J 535 -48.68 -50.39 8.88
CA LYS J 535 -47.44 -51.15 8.90
C LYS J 535 -47.50 -52.30 9.90
N GLU J 536 -48.06 -52.05 11.07
CA GLU J 536 -48.19 -53.11 12.07
C GLU J 536 -49.14 -54.21 11.59
N LYS J 537 -50.22 -53.82 10.93
CA LYS J 537 -51.13 -54.82 10.38
C LYS J 537 -50.45 -55.67 9.32
N LEU J 538 -49.66 -55.06 8.44
CA LEU J 538 -48.92 -55.84 7.44
C LEU J 538 -47.91 -56.75 8.10
N VAL J 539 -47.23 -56.27 9.14
CA VAL J 539 -46.26 -57.11 9.85
C VAL J 539 -46.94 -58.31 10.46
N MET J 540 -48.11 -58.11 11.07
CA MET J 540 -48.85 -59.24 11.64
C MET J 540 -49.32 -60.19 10.54
N ILE J 541 -49.78 -59.66 9.40
CA ILE J 541 -50.26 -60.50 8.30
C ILE J 541 -49.13 -61.36 7.76
N ALA J 542 -47.89 -60.85 7.79
CA ALA J 542 -46.77 -61.63 7.28
C ALA J 542 -46.67 -63.00 7.94
N ASN J 543 -46.98 -63.08 9.24
CA ASN J 543 -46.98 -64.35 9.97
C ASN J 543 -48.38 -64.92 10.05
N PHE J 544 -48.96 -65.24 8.89
CA PHE J 544 -50.27 -65.86 8.81
C PHE J 544 -50.12 -67.24 8.16
N GLU J 545 -50.72 -68.24 8.78
CA GLU J 545 -50.73 -69.60 8.25
C GLU J 545 -52.13 -70.16 8.33
N ASN J 546 -52.56 -70.82 7.26
CA ASN J 546 -53.84 -71.50 7.20
C ASN J 546 -53.58 -72.97 7.50
N ASN J 547 -53.93 -73.39 8.71
CA ASN J 547 -53.61 -74.74 9.16
C ASN J 547 -54.62 -75.78 8.69
N LEU J 548 -55.69 -75.38 8.01
CA LEU J 548 -56.65 -76.30 7.45
C LEU J 548 -56.37 -76.62 5.98
N LEU J 549 -55.31 -76.06 5.41
CA LEU J 549 -54.94 -76.38 4.04
C LEU J 549 -54.32 -77.77 3.97
N PRO J 550 -54.39 -78.42 2.82
CA PRO J 550 -53.62 -79.67 2.62
C PRO J 550 -52.12 -79.39 2.67
N LYS J 551 -51.44 -80.02 3.63
CA LYS J 551 -50.04 -79.71 3.85
C LYS J 551 -49.13 -80.33 2.80
N TYR J 552 -49.62 -81.28 2.02
CA TYR J 552 -48.78 -81.93 1.03
C TYR J 552 -48.62 -81.05 -0.21
N ASP J 553 -47.75 -81.51 -1.12
CA ASP J 553 -47.50 -80.78 -2.35
C ASP J 553 -48.72 -80.83 -3.26
N ARG J 554 -49.05 -79.69 -3.86
CA ARG J 554 -50.22 -79.57 -4.71
C ARG J 554 -49.90 -79.65 -6.19
N SER J 555 -48.66 -79.92 -6.57
CA SER J 555 -48.29 -80.00 -7.97
C SER J 555 -48.92 -81.22 -8.62
N GLU J 556 -49.43 -81.04 -9.83
CA GLU J 556 -50.15 -82.09 -10.55
C GLU J 556 -49.83 -81.99 -12.04
N VAL J 557 -50.17 -83.05 -12.76
CA VAL J 557 -50.06 -83.11 -14.21
C VAL J 557 -51.45 -83.14 -14.81
N HIS J 558 -51.74 -82.19 -15.70
CA HIS J 558 -53.02 -82.11 -16.39
C HIS J 558 -52.79 -82.30 -17.87
N LEU J 559 -53.54 -83.22 -18.49
CA LEU J 559 -53.35 -83.57 -19.89
C LEU J 559 -54.39 -82.82 -20.73
N ILE J 560 -53.91 -81.98 -21.63
CA ILE J 560 -54.76 -81.24 -22.56
C ILE J 560 -54.70 -81.94 -23.91
N PRO J 561 -55.83 -82.30 -24.52
CA PRO J 561 -55.79 -82.99 -25.81
C PRO J 561 -55.07 -82.19 -26.86
N LYS J 562 -54.29 -82.88 -27.68
CA LYS J 562 -53.48 -82.27 -28.73
C LYS J 562 -54.11 -82.54 -30.09
N ARG J 563 -54.13 -81.52 -30.94
CA ARG J 563 -54.62 -81.66 -32.30
C ARG J 563 -53.51 -82.20 -33.20
N GLN J 564 -53.83 -83.23 -33.97
CA GLN J 564 -52.87 -83.83 -34.88
C GLN J 564 -52.94 -83.16 -36.24
N TRP J 565 -51.77 -82.90 -36.82
CA TRP J 565 -51.72 -82.22 -38.11
C TRP J 565 -52.39 -83.04 -39.19
N GLU J 566 -53.23 -82.38 -39.98
CA GLU J 566 -53.92 -83.04 -41.08
C GLU J 566 -53.01 -83.11 -42.30
N PRO J 567 -52.73 -84.30 -42.85
CA PRO J 567 -51.92 -84.36 -44.08
C PRO J 567 -52.58 -83.70 -45.27
N ALA J 568 -53.91 -83.64 -45.29
CA ALA J 568 -54.61 -83.00 -46.40
C ALA J 568 -54.32 -81.51 -46.45
N PHE J 569 -54.29 -80.84 -45.31
CA PHE J 569 -54.08 -79.40 -45.27
C PHE J 569 -52.61 -79.07 -45.47
N GLY J 570 -52.35 -77.80 -45.79
CA GLY J 570 -51.00 -77.31 -45.94
C GLY J 570 -50.42 -76.80 -44.64
N VAL J 571 -49.19 -76.29 -44.73
CA VAL J 571 -48.51 -75.76 -43.55
C VAL J 571 -49.28 -74.58 -42.98
N TRP J 572 -49.67 -73.64 -43.84
CA TRP J 572 -50.37 -72.45 -43.37
C TRP J 572 -51.75 -72.78 -42.80
N GLU J 573 -52.48 -73.68 -43.46
CA GLU J 573 -53.80 -74.05 -42.96
C GLU J 573 -53.70 -74.77 -41.62
N ASN J 574 -52.73 -75.69 -41.49
CA ASN J 574 -52.53 -76.36 -40.21
C ASN J 574 -52.11 -75.39 -39.13
N PHE J 575 -51.25 -74.42 -39.47
CA PHE J 575 -50.84 -73.42 -38.50
C PHE J 575 -52.02 -72.57 -38.04
N LEU J 576 -52.88 -72.18 -38.97
CA LEU J 576 -54.08 -71.42 -38.59
C LEU J 576 -55.00 -72.25 -37.71
N TYR J 577 -55.17 -73.53 -38.03
CA TYR J 577 -56.00 -74.40 -37.20
C TYR J 577 -55.41 -74.54 -35.79
N ASP J 578 -54.08 -74.69 -35.71
CA ASP J 578 -53.44 -74.79 -34.39
C ASP J 578 -53.57 -73.50 -33.60
N ILE J 579 -53.43 -72.36 -34.26
CA ILE J 579 -53.59 -71.07 -33.56
C ILE J 579 -55.02 -70.92 -33.06
N THR J 580 -56.01 -71.29 -33.89
CA THR J 580 -57.39 -71.22 -33.45
C THR J 580 -57.65 -72.16 -32.28
N GLU J 581 -57.09 -73.37 -32.33
CA GLU J 581 -57.27 -74.31 -31.23
C GLU J 581 -56.64 -73.80 -29.94
N TYR J 582 -55.45 -73.20 -30.06
CA TYR J 582 -54.78 -72.65 -28.88
C TYR J 582 -55.56 -71.49 -28.28
N ALA J 583 -55.99 -70.56 -29.13
CA ALA J 583 -56.67 -69.37 -28.63
C ALA J 583 -58.07 -69.66 -28.10
N SER J 584 -58.65 -70.80 -28.47
CA SER J 584 -60.01 -71.13 -28.07
C SER J 584 -60.11 -72.24 -27.03
N PHE J 585 -59.19 -73.21 -27.04
CA PHE J 585 -59.25 -74.34 -26.13
C PHE J 585 -58.04 -74.43 -25.21
N ILE J 586 -56.83 -74.43 -25.77
CA ILE J 586 -55.63 -74.68 -24.98
C ILE J 586 -55.38 -73.54 -24.00
N ALA J 587 -55.47 -72.30 -24.47
CA ALA J 587 -55.26 -71.16 -23.58
C ALA J 587 -56.31 -71.08 -22.47
N PRO J 588 -57.62 -71.19 -22.75
CA PRO J 588 -58.57 -71.23 -21.62
C PRO J 588 -58.35 -72.40 -20.67
N ARG J 589 -57.99 -73.58 -21.20
CA ARG J 589 -57.73 -74.71 -20.32
C ARG J 589 -56.55 -74.44 -19.40
N GLY J 590 -55.46 -73.90 -19.96
CA GLY J 590 -54.31 -73.58 -19.13
C GLY J 590 -54.60 -72.51 -18.10
N LYS J 591 -55.34 -71.47 -18.50
CA LYS J 591 -55.71 -70.43 -17.56
C LYS J 591 -56.55 -70.99 -16.42
N GLU J 592 -57.53 -71.84 -16.74
CA GLU J 592 -58.36 -72.44 -15.71
C GLU J 592 -57.53 -73.33 -14.78
N ILE J 593 -56.62 -74.13 -15.34
CA ILE J 593 -55.81 -75.02 -14.51
C ILE J 593 -54.93 -74.21 -13.56
N ALA J 594 -54.28 -73.17 -14.08
CA ALA J 594 -53.38 -72.37 -13.25
C ALA J 594 -54.15 -71.59 -12.18
N ALA J 595 -55.31 -71.03 -12.54
CA ALA J 595 -56.13 -70.34 -11.55
C ALA J 595 -56.63 -71.29 -10.48
N ASP J 596 -57.01 -72.52 -10.88
CA ASP J 596 -57.43 -73.51 -9.90
C ASP J 596 -56.29 -73.88 -8.96
N TYR J 597 -55.08 -74.01 -9.50
CA TYR J 597 -53.93 -74.28 -8.63
C TYR J 597 -53.71 -73.15 -7.65
N GLN J 598 -53.84 -71.91 -8.11
CA GLN J 598 -53.61 -70.77 -7.22
C GLN J 598 -54.69 -70.69 -6.13
N ILE J 599 -55.96 -70.90 -6.49
CA ILE J 599 -57.03 -70.73 -5.52
C ILE J 599 -57.05 -71.90 -4.54
N GLN J 600 -56.76 -73.11 -5.01
CA GLN J 600 -56.81 -74.28 -4.13
C GLN J 600 -55.76 -74.24 -3.03
N SER J 601 -54.75 -73.38 -3.14
CA SER J 601 -53.78 -73.17 -2.10
C SER J 601 -54.23 -72.14 -1.07
N ALA J 602 -55.49 -71.75 -1.10
CA ALA J 602 -56.04 -70.79 -0.15
C ALA J 602 -57.29 -71.30 0.55
N ILE J 603 -58.15 -72.03 -0.15
CA ILE J 603 -59.40 -72.51 0.44
C ILE J 603 -59.09 -73.71 1.34
N PRO J 604 -59.60 -73.73 2.57
CA PRO J 604 -59.26 -74.79 3.52
C PRO J 604 -60.17 -76.00 3.38
N LEU J 605 -59.71 -77.11 3.95
CA LEU J 605 -60.53 -78.31 4.07
C LEU J 605 -61.57 -78.10 5.16
N THR J 606 -62.76 -78.63 4.92
CA THR J 606 -63.81 -78.54 5.93
C THR J 606 -63.50 -79.50 7.09
N LYS J 607 -64.23 -79.32 8.18
CA LYS J 607 -64.06 -80.19 9.34
C LYS J 607 -64.37 -81.64 8.97
N GLU J 608 -65.39 -81.85 8.15
CA GLU J 608 -65.74 -83.20 7.72
C GLU J 608 -64.61 -83.83 6.91
N GLU J 609 -64.00 -83.06 6.01
CA GLU J 609 -62.87 -83.60 5.23
C GLU J 609 -61.67 -83.88 6.13
N LEU J 610 -61.41 -83.00 7.10
CA LEU J 610 -60.30 -83.23 8.02
C LEU J 610 -60.52 -84.50 8.85
N ILE J 611 -61.75 -84.72 9.30
CA ILE J 611 -62.04 -85.94 10.07
C ILE J 611 -61.96 -87.17 9.17
N GLU J 612 -62.46 -87.07 7.93
CA GLU J 612 -62.40 -88.20 7.01
C GLU J 612 -60.97 -88.59 6.69
N ALA J 613 -60.10 -87.60 6.47
CA ALA J 613 -58.70 -87.88 6.20
C ALA J 613 -57.91 -88.26 7.44
N GLY J 614 -58.53 -88.17 8.62
CA GLY J 614 -57.83 -88.48 9.85
C GLY J 614 -56.85 -87.42 10.31
N LEU J 615 -57.01 -86.19 9.84
CA LEU J 615 -56.11 -85.10 10.17
C LEU J 615 -56.56 -84.28 11.36
N TYR J 616 -57.71 -84.59 11.95
CA TYR J 616 -58.24 -83.79 13.05
C TYR J 616 -59.05 -84.68 13.98
N LYS J 617 -58.73 -84.62 15.28
CA LYS J 617 -59.45 -85.34 16.32
C LYS J 617 -59.58 -86.82 16.01
N MET K 1 -36.97 -31.67 1.81
CA MET K 1 -37.10 -31.55 0.37
C MET K 1 -35.98 -32.30 -0.34
N ILE K 2 -34.89 -31.59 -0.62
CA ILE K 2 -33.77 -32.19 -1.33
C ILE K 2 -33.08 -33.23 -0.45
N TRP K 3 -32.98 -32.97 0.86
CA TRP K 3 -32.33 -33.90 1.76
C TRP K 3 -33.10 -35.21 1.91
N LYS K 4 -34.40 -35.21 1.62
CA LYS K 4 -35.19 -36.43 1.78
C LYS K 4 -34.74 -37.52 0.81
N TYR K 5 -34.43 -37.14 -0.43
CA TYR K 5 -33.98 -38.10 -1.44
C TYR K 5 -32.55 -37.82 -1.90
N LEU K 6 -31.79 -37.04 -1.14
CA LEU K 6 -30.40 -36.76 -1.48
C LEU K 6 -29.49 -37.07 -0.30
N GLN K 7 -30.01 -36.92 0.91
CA GLN K 7 -29.23 -37.17 2.12
C GLN K 7 -29.74 -38.34 2.94
N ARG K 8 -31.02 -38.66 2.86
CA ARG K 8 -31.61 -39.76 3.61
C ARG K 8 -31.31 -41.05 2.87
N THR K 9 -30.34 -41.80 3.37
CA THR K 9 -29.89 -43.02 2.70
C THR K 9 -30.99 -44.08 2.73
N ASN K 10 -31.07 -44.85 1.65
CA ASN K 10 -32.08 -45.91 1.56
C ASN K 10 -31.77 -47.03 2.54
N ARG K 11 -32.83 -47.74 2.93
CA ARG K 11 -32.69 -48.82 3.91
C ARG K 11 -31.82 -49.95 3.37
N GLY K 12 -32.00 -50.30 2.11
CA GLY K 12 -31.31 -51.45 1.55
C GLY K 12 -29.80 -51.28 1.51
N ASN K 13 -29.32 -50.05 1.32
CA ASN K 13 -27.89 -49.80 1.24
C ASN K 13 -27.18 -49.98 2.58
N ILE K 14 -27.93 -50.12 3.68
CA ILE K 14 -27.36 -50.20 5.00
C ILE K 14 -27.38 -51.62 5.53
N ILE K 15 -28.58 -52.20 5.63
CA ILE K 15 -28.72 -53.52 6.23
C ILE K 15 -28.22 -54.59 5.27
N GLN K 16 -27.95 -55.77 5.84
CA GLN K 16 -27.52 -56.91 5.04
C GLN K 16 -28.67 -57.41 4.17
N ALA K 17 -28.34 -57.79 2.95
CA ALA K 17 -29.36 -58.28 2.03
C ALA K 17 -29.88 -59.64 2.48
N GLY K 18 -31.18 -59.85 2.27
CA GLY K 18 -31.78 -61.13 2.58
C GLY K 18 -31.73 -62.08 1.41
N LEU K 19 -32.04 -63.34 1.69
CA LEU K 19 -32.04 -64.37 0.66
C LEU K 19 -33.14 -64.09 -0.36
N GLN K 20 -32.80 -64.18 -1.64
CA GLN K 20 -33.79 -64.02 -2.71
C GLN K 20 -34.51 -65.34 -2.87
N HIS K 21 -35.70 -65.44 -2.27
CA HIS K 21 -36.42 -66.71 -2.26
C HIS K 21 -37.00 -67.06 -3.63
N ARG K 22 -37.09 -66.10 -4.55
CA ARG K 22 -37.62 -66.41 -5.87
C ARG K 22 -36.71 -67.38 -6.62
N LYS K 23 -35.41 -67.31 -6.38
CA LYS K 23 -34.44 -68.07 -7.15
C LYS K 23 -34.20 -69.48 -6.60
N PHE K 24 -34.90 -69.87 -5.52
CA PHE K 24 -34.79 -71.22 -4.99
C PHE K 24 -36.12 -71.96 -4.98
N GLU K 25 -37.17 -71.38 -5.57
CA GLU K 25 -38.48 -72.03 -5.53
C GLU K 25 -38.63 -73.08 -6.62
N ASN K 26 -38.56 -72.67 -7.89
CA ASN K 26 -38.77 -73.58 -9.01
C ASN K 26 -37.40 -73.91 -9.60
N LEU K 27 -36.81 -74.99 -9.10
CA LEU K 27 -35.50 -75.38 -9.60
C LEU K 27 -35.64 -76.52 -10.60
N PRO K 28 -34.82 -76.52 -11.65
CA PRO K 28 -34.86 -77.65 -12.59
C PRO K 28 -34.43 -78.94 -11.93
N PHE K 29 -35.01 -80.04 -12.40
CA PHE K 29 -34.71 -81.37 -11.86
C PHE K 29 -33.38 -81.88 -12.42
N LYS K 30 -32.32 -81.13 -12.14
CA LYS K 30 -31.01 -81.43 -12.66
C LYS K 30 -29.94 -81.03 -11.64
N GLN K 31 -28.80 -81.71 -11.70
CA GLN K 31 -27.61 -81.29 -10.96
C GLN K 31 -26.70 -80.47 -11.87
N ASN K 32 -27.27 -79.39 -12.43
CA ASN K 32 -26.55 -78.60 -13.41
C ASN K 32 -25.70 -77.54 -12.70
N PHE K 33 -25.02 -76.73 -13.52
CA PHE K 33 -24.12 -75.73 -12.98
C PHE K 33 -24.86 -74.71 -12.13
N ASP K 34 -26.08 -74.35 -12.54
CA ASP K 34 -26.85 -73.37 -11.79
C ASP K 34 -27.18 -73.87 -10.38
N ASN K 35 -27.71 -75.10 -10.29
CA ASN K 35 -28.07 -75.66 -9.00
C ASN K 35 -26.84 -75.89 -8.13
N LEU K 36 -25.75 -76.39 -8.72
CA LEU K 36 -24.53 -76.60 -7.94
C LEU K 36 -23.98 -75.28 -7.42
N THR K 37 -24.02 -74.23 -8.24
CA THR K 37 -23.56 -72.91 -7.80
C THR K 37 -24.46 -72.36 -6.70
N LYS K 38 -25.77 -72.57 -6.80
CA LYS K 38 -26.67 -72.12 -5.74
C LYS K 38 -26.35 -72.82 -4.42
N ALA K 39 -26.13 -74.13 -4.46
CA ALA K 39 -25.78 -74.85 -3.23
C ALA K 39 -24.46 -74.36 -2.66
N TYR K 40 -23.45 -74.17 -3.52
CA TYR K 40 -22.15 -73.70 -3.07
C TYR K 40 -22.26 -72.33 -2.43
N ASP K 41 -23.01 -71.42 -3.05
CA ASP K 41 -23.18 -70.07 -2.50
C ASP K 41 -23.91 -70.11 -1.17
N LEU K 42 -24.97 -70.92 -1.07
CA LEU K 42 -25.70 -71.04 0.19
C LEU K 42 -24.77 -71.48 1.32
N ARG K 43 -24.00 -72.54 1.09
CA ARG K 43 -23.15 -73.06 2.15
C ARG K 43 -22.02 -72.10 2.48
N MET K 44 -21.45 -71.43 1.48
CA MET K 44 -20.39 -70.47 1.74
C MET K 44 -20.88 -69.29 2.56
N TRP K 45 -22.05 -68.75 2.21
CA TRP K 45 -22.61 -67.66 3.01
C TRP K 45 -22.92 -68.11 4.42
N TYR K 46 -23.44 -69.34 4.57
CA TYR K 46 -23.73 -69.83 5.91
C TYR K 46 -22.47 -69.90 6.75
N ILE K 47 -21.42 -70.56 6.24
CA ILE K 47 -20.21 -70.68 7.05
C ILE K 47 -19.54 -69.32 7.25
N SER K 48 -19.83 -68.34 6.40
CA SER K 48 -19.28 -67.00 6.61
C SER K 48 -20.01 -66.22 7.70
N ASN K 49 -21.20 -66.65 8.12
CA ASN K 49 -22.00 -65.86 9.05
C ASN K 49 -22.68 -66.69 10.13
N SER K 50 -22.18 -67.88 10.45
CA SER K 50 -22.86 -68.76 11.39
C SER K 50 -21.99 -69.04 12.60
N PRO K 51 -22.51 -68.84 13.82
CA PRO K 51 -21.75 -69.17 15.02
C PRO K 51 -21.76 -70.63 15.40
N HIS K 52 -22.37 -71.50 14.58
CA HIS K 52 -22.52 -72.91 14.90
C HIS K 52 -21.46 -73.71 14.14
N GLU K 53 -20.63 -74.46 14.87
CA GLU K 53 -19.46 -75.07 14.26
C GLU K 53 -19.74 -76.44 13.64
N ALA K 54 -20.67 -77.22 14.19
CA ALA K 54 -20.98 -78.52 13.61
C ALA K 54 -21.54 -78.37 12.20
N LYS K 55 -22.55 -77.51 12.04
CA LYS K 55 -23.11 -77.27 10.72
C LYS K 55 -22.07 -76.65 9.81
N ASN K 56 -21.20 -75.79 10.35
CA ASN K 56 -20.16 -75.17 9.54
C ASN K 56 -19.20 -76.21 8.98
N LEU K 57 -18.81 -77.20 9.79
CA LEU K 57 -17.88 -78.21 9.29
C LEU K 57 -18.55 -79.17 8.32
N GLU K 58 -19.81 -79.52 8.57
CA GLU K 58 -20.56 -80.30 7.59
C GLU K 58 -20.62 -79.55 6.26
N TYR K 59 -20.91 -78.26 6.30
CA TYR K 59 -20.97 -77.47 5.09
C TYR K 59 -19.60 -77.32 4.44
N VAL K 60 -18.52 -77.35 5.23
CA VAL K 60 -17.18 -77.30 4.65
C VAL K 60 -16.92 -78.56 3.81
N ASN K 61 -17.26 -79.73 4.36
CA ASN K 61 -17.10 -80.96 3.59
C ASN K 61 -17.96 -80.94 2.32
N GLU K 62 -19.22 -80.53 2.46
CA GLU K 62 -20.10 -80.48 1.31
C GLU K 62 -19.62 -79.44 0.29
N LEU K 63 -18.97 -78.37 0.75
CA LEU K 63 -18.44 -77.36 -0.15
C LEU K 63 -17.26 -77.89 -0.94
N GLU K 64 -16.42 -78.71 -0.31
CA GLU K 64 -15.34 -79.34 -1.07
C GLU K 64 -15.89 -80.27 -2.15
N ALA K 65 -16.90 -81.06 -1.80
CA ALA K 65 -17.52 -81.91 -2.81
C ALA K 65 -18.12 -81.09 -3.95
N LEU K 66 -18.81 -80.00 -3.61
CA LEU K 66 -19.39 -79.13 -4.62
C LEU K 66 -18.33 -78.46 -5.47
N HIS K 67 -17.18 -78.13 -4.88
CA HIS K 67 -16.08 -77.55 -5.65
C HIS K 67 -15.60 -78.53 -6.70
N ASN K 68 -15.46 -79.81 -6.34
CA ASN K 68 -15.05 -80.81 -7.32
C ASN K 68 -16.09 -80.95 -8.44
N GLU K 69 -17.37 -81.02 -8.06
CA GLU K 69 -18.40 -81.19 -9.09
C GLU K 69 -18.50 -79.97 -10.01
N LEU K 70 -18.37 -78.77 -9.46
CA LEU K 70 -18.37 -77.57 -10.27
C LEU K 70 -17.14 -77.48 -11.16
N ASN K 71 -15.99 -78.00 -10.70
CA ASN K 71 -14.83 -78.10 -11.58
C ASN K 71 -15.12 -79.01 -12.76
N TYR K 72 -15.82 -80.13 -12.52
CA TYR K 72 -16.16 -81.00 -13.64
C TYR K 72 -17.09 -80.31 -14.63
N GLN K 73 -18.12 -79.63 -14.11
CA GLN K 73 -19.05 -78.94 -15.00
C GLN K 73 -18.34 -77.85 -15.80
N ASN K 74 -17.44 -77.11 -15.16
CA ASN K 74 -16.67 -76.08 -15.85
C ASN K 74 -15.72 -76.69 -16.88
N SER K 75 -15.19 -77.88 -16.60
CA SER K 75 -14.36 -78.54 -17.61
C SER K 75 -15.17 -78.86 -18.85
N ARG K 76 -16.39 -79.36 -18.66
CA ARG K 76 -17.26 -79.61 -19.82
C ARG K 76 -17.53 -78.33 -20.59
N GLN K 77 -17.88 -77.26 -19.87
CA GLN K 77 -18.17 -75.99 -20.52
C GLN K 77 -16.95 -75.47 -21.29
N PHE K 78 -15.78 -75.53 -20.67
CA PHE K 78 -14.55 -75.07 -21.31
C PHE K 78 -14.27 -75.87 -22.57
N LEU K 79 -14.37 -77.20 -22.48
CA LEU K 79 -14.12 -78.03 -23.66
C LEU K 79 -15.06 -77.66 -24.80
N PHE K 80 -16.36 -77.63 -24.52
CA PHE K 80 -17.32 -77.38 -25.59
C PHE K 80 -17.12 -76.00 -26.20
N ARG K 81 -17.04 -74.97 -25.35
CA ARG K 81 -16.93 -73.60 -25.86
C ARG K 81 -15.64 -73.37 -26.61
N THR K 82 -14.51 -73.87 -26.10
CA THR K 82 -13.24 -73.61 -26.77
C THR K 82 -13.11 -74.42 -28.05
N VAL K 83 -13.62 -75.65 -28.07
CA VAL K 83 -13.61 -76.42 -29.32
C VAL K 83 -14.48 -75.73 -30.36
N SER K 84 -15.65 -75.24 -29.96
CA SER K 84 -16.49 -74.49 -30.90
C SER K 84 -15.78 -73.25 -31.40
N PHE K 85 -15.08 -72.54 -30.51
CA PHE K 85 -14.38 -71.33 -30.91
C PHE K 85 -13.27 -71.64 -31.91
N LEU K 86 -12.49 -72.68 -31.65
CA LEU K 86 -11.40 -73.04 -32.57
C LEU K 86 -11.94 -73.49 -33.91
N LEU K 87 -13.01 -74.30 -33.92
CA LEU K 87 -13.59 -74.75 -35.18
C LEU K 87 -14.18 -73.58 -35.95
N GLY K 88 -14.84 -72.65 -35.27
CA GLY K 88 -15.38 -71.48 -35.94
C GLY K 88 -14.29 -70.59 -36.50
N TRP K 89 -13.19 -70.44 -35.77
CA TRP K 89 -12.03 -69.69 -36.25
C TRP K 89 -11.48 -70.31 -37.53
N ALA K 90 -11.27 -71.63 -37.51
CA ALA K 90 -10.75 -72.33 -38.68
C ALA K 90 -11.70 -72.24 -39.86
N LEU K 91 -13.01 -72.41 -39.62
CA LEU K 91 -13.98 -72.32 -40.71
C LEU K 91 -14.05 -70.92 -41.28
N PHE K 92 -14.01 -69.90 -40.42
CA PHE K 92 -14.01 -68.53 -40.89
C PHE K 92 -12.83 -68.27 -41.81
N TYR K 93 -11.64 -68.65 -41.38
CA TYR K 93 -10.49 -68.41 -42.25
C TYR K 93 -10.47 -69.36 -43.45
N GLN K 94 -11.24 -70.44 -43.40
CA GLN K 94 -11.38 -71.29 -44.58
C GLN K 94 -12.27 -70.64 -45.63
N PHE K 95 -13.32 -69.95 -45.19
CA PHE K 95 -14.25 -69.31 -46.12
C PHE K 95 -13.91 -67.86 -46.41
N TYR K 96 -13.21 -67.19 -45.50
CA TYR K 96 -12.85 -65.79 -45.71
C TYR K 96 -11.86 -65.65 -46.86
N GLU K 97 -12.11 -64.68 -47.73
CA GLU K 97 -11.23 -64.38 -48.85
C GLU K 97 -10.15 -63.42 -48.33
N LEU K 98 -8.99 -63.97 -47.99
CA LEU K 98 -7.94 -63.17 -47.40
C LEU K 98 -7.46 -62.11 -48.39
N PRO K 99 -7.40 -60.84 -47.98
CA PRO K 99 -6.83 -59.82 -48.86
C PRO K 99 -5.33 -59.99 -49.04
N LYS K 100 -4.91 -60.42 -50.22
CA LYS K 100 -3.49 -60.54 -50.55
C LYS K 100 -2.99 -59.35 -51.36
N THR K 101 -3.77 -58.28 -51.44
CA THR K 101 -3.44 -57.11 -52.25
C THR K 101 -2.86 -55.98 -51.43
N TYR K 102 -2.06 -56.28 -50.42
CA TYR K 102 -1.43 -55.24 -49.63
C TYR K 102 -0.14 -54.77 -50.31
N ASP K 103 0.28 -53.56 -49.95
CA ASP K 103 1.46 -52.97 -50.57
C ASP K 103 2.71 -53.75 -50.20
N TRP K 104 3.57 -53.98 -51.18
CA TRP K 104 4.79 -54.76 -51.01
C TRP K 104 6.04 -53.89 -51.04
N GLN K 105 5.90 -52.59 -50.75
CA GLN K 105 7.06 -51.70 -50.76
C GLN K 105 8.05 -52.04 -49.66
N ASP K 106 7.58 -52.62 -48.56
CA ASP K 106 8.45 -52.87 -47.42
C ASP K 106 9.53 -53.89 -47.74
N THR K 107 9.24 -54.84 -48.63
CA THR K 107 10.21 -55.88 -48.97
C THR K 107 11.24 -55.39 -49.98
N GLN K 108 11.00 -54.27 -50.64
CA GLN K 108 11.88 -53.76 -51.69
C GLN K 108 12.70 -52.60 -51.14
N GLU K 109 14.02 -52.71 -51.21
CA GLU K 109 14.94 -51.64 -50.86
C GLU K 109 15.95 -51.50 -51.98
N PRO K 110 15.64 -50.71 -53.01
CA PRO K 110 16.51 -50.66 -54.19
C PRO K 110 17.93 -50.22 -53.92
N LYS K 111 18.15 -49.37 -52.91
CA LYS K 111 19.53 -48.98 -52.59
C LYS K 111 20.31 -50.15 -52.01
N HIS K 112 19.63 -51.12 -51.39
CA HIS K 112 20.29 -52.27 -50.79
C HIS K 112 20.26 -53.51 -51.68
N GLN K 113 19.17 -53.71 -52.44
CA GLN K 113 19.11 -54.87 -53.33
C GLN K 113 20.20 -54.80 -54.39
N VAL K 114 20.39 -53.63 -54.98
CA VAL K 114 21.53 -53.34 -55.85
C VAL K 114 22.33 -52.23 -55.18
N PRO K 115 23.40 -52.56 -54.47
CA PRO K 115 24.11 -51.57 -53.64
C PRO K 115 24.54 -50.35 -54.44
N ALA K 116 23.97 -49.20 -54.07
CA ALA K 116 24.25 -47.97 -54.81
C ALA K 116 25.70 -47.53 -54.64
N TYR K 117 26.34 -47.92 -53.55
CA TYR K 117 27.73 -47.57 -53.28
C TYR K 117 28.70 -48.63 -53.77
N GLY K 118 28.35 -49.38 -54.81
CA GLY K 118 29.22 -50.44 -55.26
C GLY K 118 30.59 -49.92 -55.64
N ASP K 119 31.61 -50.74 -55.34
CA ASP K 119 33.03 -50.45 -55.57
C ASP K 119 33.56 -49.36 -54.64
N LEU K 120 32.71 -48.74 -53.84
CA LEU K 120 33.14 -47.72 -52.89
C LEU K 120 32.98 -48.16 -51.44
N GLU K 121 32.24 -49.23 -51.18
CA GLU K 121 32.13 -49.73 -49.81
C GLU K 121 33.50 -50.11 -49.26
N GLU K 122 34.31 -50.79 -50.07
CA GLU K 122 35.72 -50.94 -49.76
C GLU K 122 36.42 -49.60 -49.94
N GLY K 123 37.32 -49.28 -49.02
CA GLY K 123 37.96 -47.97 -49.03
C GLY K 123 38.73 -47.68 -50.30
N GLY K 124 38.19 -46.79 -51.13
CA GLY K 124 38.86 -46.42 -52.36
C GLY K 124 38.63 -44.97 -52.75
N ASP K 125 39.71 -44.22 -52.93
CA ASP K 125 39.64 -42.81 -53.30
C ASP K 125 40.85 -42.41 -54.11
N LEU L 10 49.46 29.39 -42.41
CA LEU L 10 49.34 28.25 -43.31
C LEU L 10 48.57 28.61 -44.57
N PRO L 11 49.13 28.29 -45.73
CA PRO L 11 48.42 28.57 -46.99
C PRO L 11 47.16 27.72 -47.12
N ALA L 12 46.21 28.23 -47.90
CA ALA L 12 44.98 27.51 -48.14
C ALA L 12 45.19 26.21 -48.89
N ASP L 13 46.36 26.04 -49.52
CA ASP L 13 46.69 24.83 -50.26
C ASP L 13 47.58 23.88 -49.44
N TYR L 14 47.69 24.11 -48.14
CA TYR L 14 48.50 23.23 -47.29
C TYR L 14 47.94 21.81 -47.32
N GLY L 15 48.83 20.84 -47.52
CA GLY L 15 48.43 19.46 -47.65
C GLY L 15 48.19 19.00 -49.07
N LYS L 16 48.00 19.94 -50.00
CA LYS L 16 47.81 19.59 -51.40
C LYS L 16 49.15 19.22 -52.02
N MET L 17 49.21 18.07 -52.67
CA MET L 17 50.46 17.62 -53.26
C MET L 17 50.85 18.53 -54.41
N PRO L 18 52.05 19.10 -54.39
CA PRO L 18 52.48 19.96 -55.51
C PRO L 18 52.55 19.16 -56.80
N ALA L 19 52.32 19.86 -57.91
CA ALA L 19 52.33 19.21 -59.22
C ALA L 19 53.71 18.63 -59.52
N GLY L 20 53.73 17.42 -60.06
CA GLY L 20 54.99 16.76 -60.38
C GLY L 20 55.82 16.40 -59.17
N TYR L 21 55.19 15.87 -58.12
CA TYR L 21 55.91 15.45 -56.92
C TYR L 21 56.41 14.02 -57.12
N ASN L 22 57.72 13.83 -57.08
CA ASN L 22 58.34 12.56 -57.39
C ASN L 22 58.62 11.70 -56.16
N PHE L 23 58.29 12.19 -54.96
CA PHE L 23 58.51 11.45 -53.72
C PHE L 23 59.99 11.10 -53.51
N LEU L 24 60.88 11.94 -54.03
CA LEU L 24 62.31 11.65 -54.00
C LEU L 24 62.99 12.39 -52.86
N THR L 25 63.88 11.69 -52.16
CA THR L 25 64.62 12.25 -51.03
C THR L 25 66.08 12.47 -51.36
N ARG L 26 66.44 12.54 -52.63
CA ARG L 26 67.83 12.65 -53.02
C ARG L 26 68.38 14.04 -52.67
N GLY L 27 69.60 14.05 -52.13
CA GLY L 27 70.23 15.31 -51.75
C GLY L 27 69.49 16.06 -50.67
N LYS L 28 69.03 15.35 -49.65
CA LYS L 28 68.18 15.93 -48.60
C LYS L 28 68.94 16.00 -47.29
N ASP L 29 68.73 17.10 -46.55
CA ASP L 29 69.34 17.27 -45.24
C ASP L 29 68.55 16.47 -44.23
N TRP L 30 69.17 15.44 -43.65
CA TRP L 30 68.54 14.59 -42.67
C TRP L 30 68.86 15.00 -41.23
N ARG L 31 69.56 16.10 -41.04
CA ARG L 31 69.93 16.57 -39.71
C ARG L 31 68.85 17.40 -39.05
N GLU L 32 67.74 17.67 -39.75
CA GLU L 32 66.65 18.43 -39.17
C GLU L 32 65.63 17.55 -38.45
N TYR L 33 65.68 16.24 -38.67
CA TYR L 33 64.74 15.31 -38.04
C TYR L 33 65.29 14.68 -36.78
N ASP L 34 66.50 15.06 -36.34
CA ASP L 34 67.12 14.42 -35.19
C ASP L 34 66.32 14.63 -33.91
N LYS L 35 65.45 15.64 -33.85
CA LYS L 35 64.64 15.90 -32.69
C LYS L 35 63.25 15.29 -32.78
N ASP L 36 62.95 14.55 -33.85
CA ASP L 36 61.66 13.92 -34.03
C ASP L 36 61.66 12.45 -33.66
N PHE L 37 62.79 11.89 -33.24
CA PHE L 37 62.86 10.50 -32.82
C PHE L 37 63.87 10.39 -31.68
N ILE L 38 63.72 9.34 -30.89
CA ILE L 38 64.59 9.07 -29.76
C ILE L 38 65.18 7.68 -29.92
N LEU L 39 66.51 7.59 -29.85
CA LEU L 39 67.22 6.31 -29.84
C LEU L 39 67.86 6.12 -28.48
N ARG L 40 67.62 4.97 -27.87
CA ARG L 40 68.16 4.72 -26.54
C ARG L 40 69.65 4.38 -26.64
N THR L 41 70.28 4.23 -25.47
CA THR L 41 71.72 4.03 -25.44
C THR L 41 72.13 2.71 -26.07
N ASP L 42 71.26 1.70 -26.02
CA ASP L 42 71.54 0.39 -26.61
C ASP L 42 71.03 0.27 -28.03
N ALA L 43 70.88 1.39 -28.75
CA ALA L 43 70.40 1.33 -30.11
C ALA L 43 71.39 0.63 -31.03
N VAL L 44 72.68 0.85 -30.82
CA VAL L 44 73.69 0.19 -31.64
C VAL L 44 73.65 -1.32 -31.39
N TRP L 45 73.56 -1.73 -30.14
CA TRP L 45 73.48 -3.16 -29.84
C TRP L 45 72.20 -3.76 -30.43
N GLU L 46 71.05 -3.16 -30.13
CA GLU L 46 69.78 -3.72 -30.58
C GLU L 46 69.75 -3.87 -32.09
N LYS L 47 70.29 -2.88 -32.82
CA LYS L 47 70.35 -2.98 -34.27
C LYS L 47 70.97 -4.29 -34.70
N PHE L 48 72.15 -4.60 -34.15
CA PHE L 48 72.81 -5.85 -34.49
C PHE L 48 71.89 -7.03 -34.22
N GLN L 49 71.26 -7.04 -33.04
CA GLN L 49 70.35 -8.12 -32.69
C GLN L 49 69.28 -8.27 -33.76
N LEU L 50 68.68 -7.15 -34.18
CA LEU L 50 67.72 -7.18 -35.28
C LEU L 50 68.28 -7.99 -36.44
N GLU L 51 69.41 -7.53 -36.99
CA GLU L 51 70.03 -8.24 -38.10
C GLU L 51 70.21 -9.70 -37.78
N HIS L 52 70.79 -9.99 -36.60
CA HIS L 52 71.05 -11.37 -36.23
C HIS L 52 69.78 -12.19 -36.37
N PHE L 53 68.70 -11.72 -35.73
CA PHE L 53 67.47 -12.50 -35.75
C PHE L 53 67.01 -12.72 -37.17
N PHE L 54 67.00 -11.66 -37.98
CA PHE L 54 66.55 -11.80 -39.36
C PHE L 54 67.41 -12.82 -40.08
N ARG L 55 68.74 -12.69 -39.94
CA ARG L 55 69.65 -13.57 -40.67
C ARG L 55 69.44 -15.02 -40.29
N ASN L 56 68.86 -15.29 -39.13
CA ASN L 56 68.67 -16.65 -38.67
C ASN L 56 67.20 -17.03 -38.59
N TYR L 57 66.29 -16.15 -38.97
CA TYR L 57 64.87 -16.46 -38.90
C TYR L 57 64.20 -16.56 -40.26
N MET L 58 64.53 -15.65 -41.17
CA MET L 58 64.00 -15.69 -42.53
C MET L 58 64.90 -16.43 -43.49
N LYS L 59 65.98 -17.04 -43.00
CA LYS L 59 66.92 -17.75 -43.86
C LYS L 59 66.60 -19.24 -43.81
N CYS L 60 65.52 -19.61 -44.50
CA CYS L 60 65.13 -21.00 -44.68
C CYS L 60 65.63 -21.54 -46.02
N PHE L 61 66.71 -20.98 -46.55
CA PHE L 61 67.27 -21.37 -47.83
C PHE L 61 68.79 -21.31 -47.73
N PHE L 62 69.45 -22.09 -48.58
CA PHE L 62 70.89 -22.27 -48.50
C PHE L 62 71.52 -22.07 -49.87
N PHE L 63 72.67 -21.41 -49.90
CA PHE L 63 73.36 -21.19 -51.15
C PHE L 63 74.08 -22.45 -51.60
N ASP L 64 73.95 -22.78 -52.88
CA ASP L 64 74.54 -23.97 -53.47
C ASP L 64 75.67 -23.56 -54.39
N HIS L 65 76.85 -24.14 -54.17
CA HIS L 65 78.03 -23.81 -54.95
C HIS L 65 78.01 -24.45 -56.33
N GLY L 66 77.47 -25.67 -56.44
CA GLY L 66 77.37 -26.29 -57.75
C GLY L 66 76.46 -25.53 -58.69
N LEU L 67 75.28 -25.15 -58.20
CA LEU L 67 74.38 -24.30 -58.96
C LEU L 67 74.67 -22.82 -58.77
N LYS L 68 75.42 -22.46 -57.73
CA LYS L 68 75.69 -21.07 -57.38
C LYS L 68 74.39 -20.27 -57.25
N LYS L 69 73.46 -20.82 -56.49
CA LYS L 69 72.18 -20.14 -56.28
C LYS L 69 71.50 -20.71 -55.05
N TYR L 70 70.48 -20.01 -54.58
CA TYR L 70 69.80 -20.40 -53.36
C TYR L 70 68.80 -21.53 -53.64
N GLN L 71 68.83 -22.55 -52.79
CA GLN L 71 67.92 -23.68 -52.86
C GLN L 71 67.28 -23.91 -51.50
N MET L 72 66.27 -24.79 -51.47
CA MET L 72 65.54 -25.07 -50.26
C MET L 72 64.89 -26.44 -50.39
N PHE L 73 64.35 -26.93 -49.28
CA PHE L 73 63.59 -28.17 -49.27
C PHE L 73 62.47 -28.05 -48.25
N GLU L 74 61.59 -29.05 -48.25
CA GLU L 74 60.44 -29.05 -47.36
C GLU L 74 60.89 -29.16 -45.90
N PRO L 75 60.04 -28.73 -44.97
CA PRO L 75 60.42 -28.82 -43.54
C PRO L 75 60.78 -30.25 -43.15
N GLU L 76 61.88 -30.37 -42.42
CA GLU L 76 62.46 -31.67 -42.10
C GLU L 76 62.84 -31.69 -40.63
N ASP L 77 62.90 -32.89 -40.05
CA ASP L 77 63.27 -33.01 -38.65
C ASP L 77 64.78 -32.86 -38.46
N MET L 78 65.17 -32.65 -37.20
CA MET L 78 66.57 -32.39 -36.89
C MET L 78 67.43 -33.60 -37.22
N TYR L 79 66.93 -34.82 -36.97
CA TYR L 79 67.71 -36.01 -37.29
C TYR L 79 68.00 -36.08 -38.78
N THR L 80 67.02 -35.78 -39.62
CA THR L 80 67.23 -35.85 -41.06
C THR L 80 68.13 -34.72 -41.54
N VAL L 81 68.03 -33.54 -40.93
CA VAL L 81 68.88 -32.43 -41.35
C VAL L 81 70.33 -32.69 -40.96
N VAL L 82 70.56 -33.29 -39.79
CA VAL L 82 71.91 -33.44 -39.26
C VAL L 82 72.56 -34.71 -39.78
N PHE L 83 71.92 -35.85 -39.57
CA PHE L 83 72.50 -37.15 -39.90
C PHE L 83 72.11 -37.63 -41.30
N GLU L 84 71.39 -36.83 -42.07
CA GLU L 84 71.17 -37.12 -43.48
C GLU L 84 71.36 -35.86 -44.32
N GLY L 85 72.27 -34.98 -43.90
CA GLY L 85 72.56 -33.81 -44.71
C GLY L 85 73.19 -34.15 -46.03
N TRP L 86 73.98 -35.23 -46.08
CA TRP L 86 74.56 -35.66 -47.34
C TRP L 86 73.51 -36.23 -48.28
N ALA L 87 72.48 -36.89 -47.76
CA ALA L 87 71.43 -37.48 -48.57
C ALA L 87 70.21 -36.57 -48.52
N LEU L 88 70.21 -35.55 -49.37
CA LEU L 88 69.12 -34.59 -49.47
C LEU L 88 68.35 -34.82 -50.77
N ASP L 89 67.03 -34.86 -50.68
CA ASP L 89 66.17 -35.08 -51.82
C ASP L 89 65.20 -33.91 -51.99
N ASP L 90 64.78 -33.69 -53.24
CA ASP L 90 63.79 -32.67 -53.58
C ASP L 90 64.26 -31.28 -53.17
N LEU L 91 65.35 -30.85 -53.80
CA LEU L 91 65.86 -29.49 -53.64
C LEU L 91 65.27 -28.60 -54.73
N ILE L 92 64.61 -27.52 -54.32
CA ILE L 92 63.95 -26.59 -55.24
C ILE L 92 64.59 -25.22 -55.08
N THR L 93 64.87 -24.58 -56.21
CA THR L 93 65.46 -23.23 -56.18
C THR L 93 64.55 -22.28 -55.40
N PHE L 94 65.16 -21.52 -54.50
CA PHE L 94 64.42 -20.61 -53.65
C PHE L 94 63.79 -19.50 -54.47
N PRO L 95 62.47 -19.31 -54.42
CA PRO L 95 61.82 -18.28 -55.24
C PRO L 95 61.65 -16.93 -54.55
N GLY L 96 61.86 -16.85 -53.25
CA GLY L 96 61.59 -15.62 -52.53
C GLY L 96 60.27 -15.66 -51.81
N PHE L 97 60.20 -14.95 -50.69
CA PHE L 97 58.97 -14.93 -49.90
C PHE L 97 57.85 -14.21 -50.64
N THR L 98 58.17 -13.13 -51.34
CA THR L 98 57.20 -12.36 -52.11
C THR L 98 57.72 -12.14 -53.52
N PRO L 99 56.82 -12.06 -54.51
CA PRO L 99 57.29 -11.84 -55.89
C PRO L 99 58.04 -10.53 -56.09
N THR L 100 57.63 -9.47 -55.40
CA THR L 100 58.22 -8.16 -55.59
C THR L 100 59.34 -7.84 -54.61
N GLY L 101 59.70 -8.79 -53.74
CA GLY L 101 60.77 -8.58 -52.80
C GLY L 101 60.40 -7.79 -51.56
N ARG L 102 59.14 -7.42 -51.40
CA ARG L 102 58.71 -6.70 -50.21
C ARG L 102 58.68 -7.64 -49.01
N THR L 103 58.29 -7.09 -47.86
CA THR L 103 58.21 -7.89 -46.64
C THR L 103 56.85 -8.57 -46.55
N ASN L 104 56.86 -9.76 -45.94
CA ASN L 104 55.64 -10.52 -45.72
C ASN L 104 55.45 -10.86 -44.25
N SER L 105 56.36 -10.45 -43.38
CA SER L 105 56.32 -10.80 -41.96
C SER L 105 55.26 -9.94 -41.28
N TYR L 106 54.04 -10.45 -41.23
CA TYR L 106 52.92 -9.79 -40.59
C TYR L 106 52.22 -10.75 -39.64
N GLN L 107 51.63 -10.20 -38.58
CA GLN L 107 50.78 -10.98 -37.70
C GLN L 107 49.40 -11.14 -38.34
N ILE L 108 48.89 -12.36 -38.34
CA ILE L 108 47.67 -12.69 -39.03
C ILE L 108 46.52 -12.81 -38.04
N GLY L 109 45.30 -12.89 -38.56
CA GLY L 109 44.12 -13.10 -37.76
C GLY L 109 43.07 -13.85 -38.54
N LEU L 110 41.86 -13.96 -38.00
CA LEU L 110 40.78 -14.66 -38.68
C LEU L 110 40.04 -13.71 -39.62
N SER L 111 39.94 -14.10 -40.88
CA SER L 111 39.20 -13.32 -41.85
C SER L 111 37.71 -13.40 -41.57
N PRO L 112 36.94 -12.44 -42.08
CA PRO L 112 35.49 -12.48 -41.86
C PRO L 112 34.87 -13.77 -42.39
N ARG L 113 33.84 -14.22 -41.69
CA ARG L 113 33.15 -15.45 -42.07
C ARG L 113 32.37 -15.23 -43.36
N GLN L 114 31.74 -16.31 -43.83
CA GLN L 114 30.95 -16.28 -45.06
C GLN L 114 29.49 -16.59 -44.75
N ARG L 115 28.62 -16.11 -45.63
CA ARG L 115 27.19 -16.33 -45.47
C ARG L 115 26.87 -17.82 -45.49
N THR L 116 25.88 -18.21 -44.69
CA THR L 116 25.47 -19.60 -44.59
C THR L 116 24.06 -19.75 -45.13
N VAL L 117 23.89 -20.68 -46.08
CA VAL L 117 22.58 -21.04 -46.58
C VAL L 117 21.92 -22.11 -45.72
N VAL L 118 22.66 -23.18 -45.45
CA VAL L 118 22.22 -24.23 -44.53
C VAL L 118 23.03 -24.07 -43.24
N PRO L 119 22.43 -23.60 -42.15
CA PRO L 119 23.22 -23.30 -40.95
C PRO L 119 23.83 -24.55 -40.34
N THR L 120 25.00 -24.35 -39.70
CA THR L 120 25.60 -25.40 -38.91
C THR L 120 24.84 -25.62 -37.60
N GLN L 121 24.08 -24.63 -37.15
CA GLN L 121 23.38 -24.71 -35.87
C GLN L 121 22.19 -25.66 -35.90
N THR L 122 21.78 -26.14 -37.08
CA THR L 122 20.74 -27.16 -37.12
C THR L 122 21.18 -28.41 -36.39
N PHE L 123 22.43 -28.85 -36.60
CA PHE L 123 23.03 -29.96 -35.87
C PHE L 123 24.40 -29.49 -35.38
N TYR L 124 24.42 -28.82 -34.22
CA TYR L 124 25.66 -28.33 -33.65
C TYR L 124 26.01 -28.97 -32.32
N GLN L 125 25.06 -29.63 -31.65
CA GLN L 125 25.38 -30.40 -30.46
C GLN L 125 26.28 -31.59 -30.76
N MET L 126 26.27 -32.07 -32.00
CA MET L 126 27.06 -33.23 -32.40
C MET L 126 28.37 -32.72 -33.01
N GLN L 127 29.50 -33.20 -32.47
CA GLN L 127 30.79 -32.83 -33.04
C GLN L 127 31.00 -33.46 -34.40
N ASP L 128 30.41 -34.62 -34.64
CA ASP L 128 30.51 -35.31 -35.92
C ASP L 128 29.39 -34.85 -36.83
N TYR L 129 29.73 -34.29 -37.98
CA TYR L 129 28.75 -33.73 -38.90
C TYR L 129 28.40 -34.78 -39.96
N TYR L 130 27.44 -35.63 -39.62
CA TYR L 130 26.91 -36.59 -40.58
C TYR L 130 25.48 -36.28 -40.99
N MET L 131 24.60 -36.00 -40.04
CA MET L 131 23.27 -35.52 -40.39
C MET L 131 23.35 -34.15 -41.06
N LEU L 132 24.23 -33.28 -40.58
CA LEU L 132 24.42 -32.00 -41.23
C LEU L 132 24.97 -32.18 -42.65
N CYS L 133 25.90 -33.12 -42.83
CA CYS L 133 26.41 -33.41 -44.15
C CYS L 133 25.29 -33.86 -45.08
N GLY L 134 24.44 -34.78 -44.61
CA GLY L 134 23.33 -35.21 -45.43
C GLY L 134 22.37 -34.10 -45.77
N LEU L 135 22.05 -33.24 -44.80
CA LEU L 135 21.14 -32.13 -45.02
C LEU L 135 21.70 -31.16 -46.05
N ARG L 136 22.96 -30.77 -45.90
CA ARG L 136 23.57 -29.83 -46.84
C ARG L 136 23.65 -30.42 -48.24
N PHE L 137 24.01 -31.71 -48.34
CA PHE L 137 24.07 -32.32 -49.66
C PHE L 137 22.69 -32.41 -50.29
N GLU L 138 21.65 -32.68 -49.48
CA GLU L 138 20.30 -32.73 -50.03
C GLU L 138 19.87 -31.37 -50.56
N ARG L 139 20.17 -30.30 -49.82
CA ARG L 139 19.83 -28.96 -50.29
C ARG L 139 20.58 -28.63 -51.59
N TRP L 140 21.88 -28.95 -51.64
CA TRP L 140 22.62 -28.71 -52.86
C TRP L 140 22.07 -29.53 -54.01
N PHE L 141 21.63 -30.76 -53.75
CA PHE L 141 21.13 -31.61 -54.82
C PHE L 141 19.81 -31.07 -55.35
N ARG L 142 18.97 -30.51 -54.48
CA ARG L 142 17.77 -29.82 -54.98
C ARG L 142 18.16 -28.68 -55.91
N CYS L 143 19.06 -27.82 -55.46
CA CYS L 143 19.48 -26.69 -56.28
C CYS L 143 20.07 -27.17 -57.61
N ASP L 144 20.85 -28.25 -57.56
CA ASP L 144 21.47 -28.78 -58.78
C ASP L 144 20.43 -29.35 -59.72
N LEU L 145 19.48 -30.11 -59.20
CA LEU L 145 18.38 -30.62 -60.02
C LEU L 145 17.66 -29.49 -60.73
N VAL L 146 17.62 -28.30 -60.12
CA VAL L 146 17.04 -27.17 -60.84
C VAL L 146 17.94 -26.73 -61.98
N TYR L 147 19.25 -26.63 -61.76
CA TYR L 147 20.15 -25.93 -62.66
C TYR L 147 21.20 -26.80 -63.35
N HIS L 148 21.10 -28.14 -63.26
CA HIS L 148 22.25 -28.95 -63.67
C HIS L 148 22.50 -28.90 -65.18
N ASP L 149 21.45 -28.82 -65.98
CA ASP L 149 21.62 -28.85 -67.43
C ASP L 149 21.80 -27.49 -68.07
N GLN L 150 21.65 -26.41 -67.30
CA GLN L 150 21.87 -25.06 -67.80
C GLN L 150 23.26 -24.54 -67.50
N ARG L 151 24.13 -25.36 -66.92
CA ARG L 151 25.41 -24.86 -66.42
C ARG L 151 26.32 -24.44 -67.57
N HIS L 152 26.33 -25.21 -68.67
CA HIS L 152 27.25 -24.93 -69.76
C HIS L 152 26.74 -23.88 -70.72
N THR L 153 25.53 -23.36 -70.52
CA THR L 153 24.98 -22.32 -71.39
C THR L 153 24.72 -21.01 -70.69
N LYS L 154 24.47 -21.02 -69.38
CA LYS L 154 24.14 -19.80 -68.64
C LYS L 154 25.01 -19.58 -67.41
N PHE L 155 25.99 -20.43 -67.14
CA PHE L 155 26.67 -20.43 -65.86
C PHE L 155 28.15 -20.71 -66.10
N ASP L 156 28.85 -21.10 -65.03
CA ASP L 156 30.30 -21.15 -64.99
C ASP L 156 30.94 -21.81 -66.21
N GLN L 157 30.27 -22.78 -66.82
CA GLN L 157 30.88 -23.58 -67.88
C GLN L 157 30.61 -23.03 -69.28
N VAL L 158 30.39 -21.72 -69.42
CA VAL L 158 30.19 -21.13 -70.73
C VAL L 158 31.51 -21.05 -71.48
N LYS L 159 31.43 -21.03 -72.81
CA LYS L 159 32.64 -20.97 -73.63
C LYS L 159 33.29 -19.60 -73.56
N ASN L 160 32.48 -18.53 -73.58
CA ASN L 160 32.99 -17.17 -73.55
C ASN L 160 32.62 -16.51 -72.24
N GLN L 161 33.53 -15.67 -71.72
CA GLN L 161 33.32 -15.00 -70.45
C GLN L 161 32.26 -13.91 -70.52
N LYS L 162 31.77 -13.58 -71.73
CA LYS L 162 30.71 -12.58 -71.85
C LYS L 162 29.45 -13.00 -71.12
N ASN L 163 29.07 -14.28 -71.24
CA ASN L 163 27.87 -14.81 -70.61
C ASN L 163 28.16 -15.52 -69.29
N TYR L 164 29.31 -15.24 -68.69
CA TYR L 164 29.70 -15.95 -67.47
C TYR L 164 28.84 -15.50 -66.28
N LYS L 165 28.28 -16.48 -65.58
CA LYS L 165 27.56 -16.23 -64.34
C LYS L 165 27.92 -17.31 -63.34
N THR L 166 27.99 -16.94 -62.07
CA THR L 166 28.29 -17.91 -61.03
C THR L 166 27.14 -18.91 -60.88
N TYR L 167 27.49 -20.18 -60.75
CA TYR L 167 26.47 -21.22 -60.62
C TYR L 167 25.66 -20.98 -59.34
N PRO L 168 24.33 -21.03 -59.41
CA PRO L 168 23.53 -20.64 -58.24
C PRO L 168 23.75 -21.51 -57.02
N CYS L 169 24.29 -22.72 -57.18
CA CYS L 169 24.47 -23.65 -56.07
C CYS L 169 25.91 -23.69 -55.57
N TYR L 170 26.70 -22.66 -55.86
CA TYR L 170 28.11 -22.68 -55.46
C TYR L 170 28.25 -22.70 -53.94
N ARG L 171 27.47 -21.87 -53.24
CA ARG L 171 27.61 -21.76 -51.80
C ARG L 171 27.14 -23.04 -51.11
N GLU L 172 26.01 -23.59 -51.55
CA GLU L 172 25.53 -24.84 -50.98
C GLU L 172 26.49 -25.99 -51.28
N TYR L 173 27.08 -25.98 -52.48
CA TYR L 173 28.07 -27.00 -52.82
C TYR L 173 29.28 -26.93 -51.89
N TYR L 174 29.78 -25.72 -51.65
CA TYR L 174 30.95 -25.59 -50.78
C TYR L 174 30.62 -25.93 -49.33
N GLU L 175 29.40 -25.59 -48.89
CA GLU L 175 28.98 -25.98 -47.55
C GLU L 175 28.88 -27.50 -47.41
N ALA L 176 28.30 -28.17 -48.41
CA ALA L 176 28.21 -29.62 -48.38
C ALA L 176 29.59 -30.26 -48.40
N GLN L 177 30.50 -29.71 -49.22
CA GLN L 177 31.86 -30.21 -49.25
C GLN L 177 32.55 -30.04 -47.91
N TYR L 178 32.32 -28.90 -47.25
CA TYR L 178 32.91 -28.68 -45.92
C TYR L 178 32.36 -29.66 -44.90
N ALA L 179 31.05 -29.91 -44.94
CA ALA L 179 30.43 -30.76 -43.93
C ALA L 179 30.74 -32.23 -44.11
N CYS L 180 31.02 -32.67 -45.34
CA CYS L 180 31.22 -34.07 -45.66
C CYS L 180 32.69 -34.34 -45.97
N GLN L 181 33.17 -35.50 -45.56
CA GLN L 181 34.45 -36.00 -46.05
C GLN L 181 34.29 -36.48 -47.50
N ASP L 182 35.42 -36.66 -48.18
CA ASP L 182 35.36 -37.06 -49.58
C ASP L 182 34.75 -38.44 -49.75
N ASP L 183 34.91 -39.34 -48.78
CA ASP L 183 34.28 -40.65 -48.87
C ASP L 183 32.77 -40.54 -48.84
N MET L 184 32.23 -39.86 -47.83
CA MET L 184 30.80 -39.66 -47.74
C MET L 184 30.28 -38.80 -48.87
N PHE L 185 31.09 -37.83 -49.31
CA PHE L 185 30.71 -37.03 -50.47
C PHE L 185 30.62 -37.91 -51.72
N ASP L 186 31.54 -38.87 -51.86
CA ASP L 186 31.45 -39.80 -52.99
C ASP L 186 30.21 -40.67 -52.92
N PHE L 187 29.87 -41.16 -51.73
CA PHE L 187 28.63 -41.92 -51.58
C PHE L 187 27.42 -41.09 -51.99
N LEU L 188 27.36 -39.85 -51.51
CA LEU L 188 26.24 -38.98 -51.83
C LEU L 188 26.22 -38.61 -53.30
N MET L 189 27.38 -38.54 -53.95
CA MET L 189 27.41 -38.28 -55.38
C MET L 189 26.92 -39.48 -56.18
N GLU L 190 27.20 -40.70 -55.70
CA GLU L 190 26.61 -41.87 -56.33
C GLU L 190 25.09 -41.84 -56.22
N LEU L 191 24.57 -41.49 -55.03
CA LEU L 191 23.13 -41.34 -54.88
C LEU L 191 22.58 -40.23 -55.78
N ALA L 192 23.30 -39.12 -55.88
CA ALA L 192 22.87 -38.01 -56.72
C ALA L 192 22.81 -38.41 -58.18
N TYR L 193 23.79 -39.18 -58.66
CA TYR L 193 23.72 -39.68 -60.02
C TYR L 193 22.54 -40.61 -60.20
N ALA L 194 22.32 -41.52 -59.25
CA ALA L 194 21.20 -42.45 -59.37
C ALA L 194 19.87 -41.72 -59.40
N ARG L 195 19.76 -40.57 -58.72
CA ARG L 195 18.51 -39.83 -58.68
C ARG L 195 18.40 -38.78 -59.78
N ARG L 196 19.51 -38.38 -60.40
CA ARG L 196 19.46 -37.43 -61.50
C ARG L 196 19.33 -38.12 -62.85
N ALA L 197 19.78 -39.37 -62.95
CA ALA L 197 19.53 -40.15 -64.16
C ALA L 197 18.03 -40.36 -64.36
N ALA L 198 17.31 -40.64 -63.28
CA ALA L 198 15.87 -40.85 -63.33
C ALA L 198 15.08 -39.56 -63.16
N ASP L 199 15.76 -38.43 -62.92
CA ASP L 199 15.11 -37.14 -62.70
C ASP L 199 14.12 -37.23 -61.53
N ASN L 200 14.58 -37.79 -60.41
CA ASN L 200 13.74 -38.00 -59.23
C ASN L 200 13.80 -36.77 -58.35
N PHE L 201 12.91 -35.83 -58.60
CA PHE L 201 12.69 -34.74 -57.65
C PHE L 201 12.04 -35.30 -56.39
N GLU L 202 12.47 -34.80 -55.23
CA GLU L 202 11.96 -35.33 -53.98
C GLU L 202 10.47 -35.03 -53.81
N SER L 203 9.99 -33.95 -54.42
CA SER L 203 8.57 -33.61 -54.34
C SER L 203 7.68 -34.63 -55.04
N ASP L 204 8.25 -35.46 -55.92
CA ASP L 204 7.44 -36.47 -56.60
C ASP L 204 7.01 -37.58 -55.66
N PHE L 205 7.77 -37.81 -54.59
CA PHE L 205 7.50 -38.91 -53.67
C PHE L 205 7.10 -38.45 -52.27
N ALA L 206 7.41 -37.21 -51.90
CA ALA L 206 7.24 -36.77 -50.52
C ALA L 206 5.76 -36.76 -50.14
N SER L 207 5.44 -37.44 -49.05
CA SER L 207 4.10 -37.39 -48.47
C SER L 207 4.11 -37.30 -46.95
N HIS L 208 5.28 -37.32 -46.32
CA HIS L 208 5.36 -37.38 -44.86
C HIS L 208 4.78 -36.14 -44.19
N GLU L 209 4.60 -35.04 -44.93
CA GLU L 209 3.96 -33.88 -44.34
C GLU L 209 2.51 -34.13 -43.98
N LEU L 210 1.89 -35.18 -44.54
CA LEU L 210 0.54 -35.54 -44.16
C LEU L 210 0.50 -36.32 -42.85
N THR L 211 1.65 -36.80 -42.37
CA THR L 211 1.75 -37.55 -41.12
C THR L 211 2.72 -36.87 -40.16
N THR L 212 2.68 -35.55 -40.12
CA THR L 212 3.53 -34.76 -39.23
C THR L 212 2.64 -33.86 -38.39
N LEU L 213 3.02 -33.66 -37.13
CA LEU L 213 2.21 -32.87 -36.22
C LEU L 213 2.14 -31.42 -36.68
N PRO L 214 0.99 -30.77 -36.52
CA PRO L 214 0.90 -29.36 -36.89
C PRO L 214 1.75 -28.48 -35.98
N THR L 215 2.18 -27.35 -36.53
CA THR L 215 3.02 -26.40 -35.84
C THR L 215 2.55 -25.00 -36.17
N PHE L 216 2.95 -24.02 -35.35
CA PHE L 216 2.63 -22.63 -35.64
C PHE L 216 3.22 -22.19 -36.97
N TYR L 217 4.33 -22.81 -37.39
CA TYR L 217 4.94 -22.48 -38.67
C TYR L 217 4.20 -23.08 -39.85
N ASP L 218 3.21 -23.94 -39.62
CA ASP L 218 2.47 -24.61 -40.68
C ASP L 218 1.16 -23.91 -41.01
N THR L 219 1.00 -22.66 -40.58
CA THR L 219 -0.23 -21.93 -40.86
C THR L 219 -0.39 -21.70 -42.35
N PRO L 220 -1.64 -21.69 -42.84
CA PRO L 220 -1.86 -21.39 -44.26
C PRO L 220 -1.35 -20.02 -44.69
N LYS L 221 -1.41 -19.02 -43.81
CA LYS L 221 -0.94 -17.68 -44.13
C LYS L 221 0.48 -17.52 -43.57
N ALA L 222 1.45 -18.01 -44.34
CA ALA L 222 2.83 -18.05 -43.86
C ALA L 222 3.47 -16.66 -43.88
N ALA L 223 3.09 -15.81 -44.82
CA ALA L 223 3.70 -14.48 -44.91
C ALA L 223 3.26 -13.58 -43.77
N GLU L 224 2.04 -13.75 -43.28
CA GLU L 224 1.50 -12.90 -42.22
C GLU L 224 1.82 -13.42 -40.83
N ARG L 225 2.50 -14.56 -40.71
CA ARG L 225 2.83 -15.08 -39.38
C ARG L 225 3.96 -14.28 -38.74
N LYS L 226 4.82 -13.68 -39.54
CA LYS L 226 6.00 -12.99 -39.03
C LYS L 226 5.65 -11.56 -38.67
N THR L 227 6.04 -11.14 -37.47
CA THR L 227 5.86 -9.76 -37.01
C THR L 227 7.17 -9.03 -37.20
N TYR L 228 7.15 -7.95 -37.98
CA TYR L 228 8.33 -7.17 -38.26
C TYR L 228 8.33 -5.92 -37.38
N THR L 229 9.51 -5.57 -36.87
CA THR L 229 9.64 -4.47 -35.92
C THR L 229 11.02 -3.85 -36.06
N TYR L 230 11.07 -2.53 -36.08
CA TYR L 230 12.34 -1.81 -36.11
C TYR L 230 13.10 -1.97 -34.80
N GLU M 2 62.60 -20.54 -30.97
CA GLU M 2 63.98 -20.88 -30.60
C GLU M 2 64.90 -20.75 -31.80
N VAL M 3 65.29 -19.51 -32.11
CA VAL M 3 66.15 -19.23 -33.25
C VAL M 3 67.60 -19.31 -32.80
N LYS M 4 68.38 -20.15 -33.46
CA LYS M 4 69.80 -20.29 -33.14
C LYS M 4 70.61 -19.18 -33.81
N TYR M 5 71.85 -19.04 -33.39
CA TYR M 5 72.71 -17.96 -33.85
C TYR M 5 73.74 -18.47 -34.85
N ARG M 6 73.89 -17.75 -35.95
CA ARG M 6 74.95 -18.00 -36.93
C ARG M 6 75.33 -16.65 -37.52
N GLY M 7 76.62 -16.31 -37.46
CA GLY M 7 77.07 -15.02 -37.88
C GLY M 7 77.05 -14.89 -39.39
N PRO M 8 77.36 -13.69 -39.88
CA PRO M 8 77.35 -13.47 -41.34
C PRO M 8 78.32 -14.40 -42.04
N SER M 9 77.86 -14.96 -43.16
CA SER M 9 78.61 -16.03 -43.81
C SER M 9 79.91 -15.52 -44.40
N ASP M 10 79.87 -14.40 -45.11
CA ASP M 10 81.03 -13.88 -45.84
C ASP M 10 81.60 -14.91 -46.82
N ASP M 11 80.74 -15.77 -47.34
CA ASP M 11 81.18 -16.79 -48.28
C ASP M 11 81.51 -16.14 -49.62
N LYS M 12 82.55 -16.65 -50.27
CA LYS M 12 83.02 -16.02 -51.51
C LYS M 12 81.96 -16.10 -52.60
N LEU M 13 81.44 -17.29 -52.87
CA LEU M 13 80.47 -17.45 -53.95
C LEU M 13 79.15 -16.80 -53.61
N GLU M 14 78.69 -16.95 -52.37
CA GLU M 14 77.42 -16.33 -51.97
C GLU M 14 77.51 -14.82 -52.06
N CYS M 15 78.62 -14.23 -51.60
CA CYS M 15 78.76 -12.79 -51.66
C CYS M 15 78.96 -12.31 -53.09
N GLU M 16 79.59 -13.11 -53.95
CA GLU M 16 79.66 -12.74 -55.36
C GLU M 16 78.26 -12.71 -55.99
N PHE M 17 77.44 -13.71 -55.67
CA PHE M 17 76.06 -13.72 -56.16
C PHE M 17 75.29 -12.51 -55.67
N LEU M 18 75.39 -12.22 -54.37
CA LEU M 18 74.67 -11.09 -53.80
C LEU M 18 75.18 -9.76 -54.36
N GLU M 19 76.49 -9.66 -54.61
CA GLU M 19 77.05 -8.43 -55.14
C GLU M 19 76.66 -8.23 -56.60
N ASN M 20 76.58 -9.32 -57.38
CA ASN M 20 76.07 -9.20 -58.73
C ASN M 20 74.62 -8.73 -58.73
N ASN M 21 73.81 -9.27 -57.82
CA ASN M 21 72.43 -8.79 -57.70
C ASN M 21 72.40 -7.32 -57.29
N LEU M 22 73.28 -6.92 -56.38
CA LEU M 22 73.33 -5.52 -55.95
C LEU M 22 73.71 -4.60 -57.09
N LEU M 23 74.71 -4.99 -57.89
CA LEU M 23 75.11 -4.17 -59.03
C LEU M 23 73.99 -4.07 -60.05
N SER M 24 73.32 -5.18 -60.31
CA SER M 24 72.18 -5.15 -61.24
C SER M 24 71.09 -4.22 -60.72
N CYS M 25 70.80 -4.29 -59.42
CA CYS M 25 69.78 -3.42 -58.85
C CYS M 25 70.19 -1.96 -58.90
N LEU M 26 71.46 -1.66 -58.62
CA LEU M 26 71.92 -0.28 -58.70
C LEU M 26 71.80 0.26 -60.11
N ARG M 27 72.20 -0.53 -61.11
CA ARG M 27 72.11 -0.09 -62.49
C ARG M 27 70.67 0.08 -62.94
N GLU M 28 69.77 -0.80 -62.47
CA GLU M 28 68.37 -0.68 -62.86
C GLU M 28 67.71 0.52 -62.20
N LYS M 29 67.90 0.69 -60.88
CA LYS M 29 67.20 1.73 -60.15
C LYS M 29 67.82 3.11 -60.34
N SER M 30 69.06 3.19 -60.82
CA SER M 30 69.65 4.50 -61.08
C SER M 30 69.00 5.19 -62.27
N VAL M 31 68.21 4.48 -63.06
CA VAL M 31 67.51 5.07 -64.21
C VAL M 31 66.01 4.83 -64.06
N GLN M 32 65.56 4.65 -62.83
CA GLN M 32 64.13 4.47 -62.51
C GLN M 32 63.54 3.29 -63.28
N ASP M 33 64.33 2.22 -63.43
CA ASP M 33 63.91 1.01 -64.13
C ASP M 33 63.42 1.32 -65.54
N ASN M 34 64.27 1.99 -66.31
CA ASN M 34 64.01 2.25 -67.72
C ASN M 34 64.65 1.22 -68.64
N VAL M 35 65.21 0.15 -68.07
CA VAL M 35 65.83 -0.89 -68.88
C VAL M 35 64.76 -1.67 -69.64
N ALA M 36 65.19 -2.31 -70.72
CA ALA M 36 64.28 -3.17 -71.48
C ALA M 36 63.85 -4.38 -70.65
N LYS M 37 64.81 -5.04 -70.00
CA LYS M 37 64.52 -6.14 -69.09
C LYS M 37 65.21 -5.87 -67.76
N MET M 38 64.44 -5.92 -66.68
CA MET M 38 64.96 -5.68 -65.34
C MET M 38 65.13 -7.02 -64.63
N THR M 39 66.36 -7.31 -64.22
CA THR M 39 66.68 -8.55 -63.53
C THR M 39 66.92 -8.36 -62.04
N CYS M 40 66.71 -7.15 -61.52
CA CYS M 40 66.97 -6.90 -60.11
C CYS M 40 65.98 -7.65 -59.23
N ARG M 41 66.50 -8.24 -58.16
CA ARG M 41 65.69 -8.90 -57.14
C ARG M 41 65.87 -8.16 -55.83
N PRO M 42 64.91 -7.32 -55.42
CA PRO M 42 65.12 -6.51 -54.22
C PRO M 42 65.37 -7.31 -52.96
N GLU M 43 64.73 -8.48 -52.82
CA GLU M 43 64.85 -9.25 -51.59
C GLU M 43 66.29 -9.65 -51.32
N PHE M 44 67.00 -10.11 -52.35
CA PHE M 44 68.41 -10.49 -52.17
C PHE M 44 69.24 -9.30 -51.72
N LEU M 45 68.84 -8.08 -52.09
CA LEU M 45 69.50 -6.89 -51.59
C LEU M 45 69.61 -6.94 -50.07
N VAL M 46 68.50 -7.28 -49.42
CA VAL M 46 68.50 -7.39 -47.96
C VAL M 46 69.60 -8.33 -47.51
N TRP M 47 69.67 -9.51 -48.13
CA TRP M 47 70.65 -10.49 -47.70
C TRP M 47 72.08 -10.01 -47.95
N PHE M 48 72.28 -9.13 -48.94
CA PHE M 48 73.62 -8.62 -49.15
C PHE M 48 74.13 -7.87 -47.93
N PHE M 49 73.24 -7.22 -47.19
CA PHE M 49 73.64 -6.49 -46.01
C PHE M 49 73.54 -7.33 -44.75
N LEU M 50 73.17 -8.60 -44.87
CA LEU M 50 73.12 -9.50 -43.73
C LEU M 50 74.22 -10.55 -43.74
N GLU M 51 74.85 -10.78 -44.88
CA GLU M 51 75.84 -11.84 -44.98
C GLU M 51 77.13 -11.43 -45.70
N CYS M 52 77.27 -10.17 -46.11
CA CYS M 52 78.50 -9.68 -46.72
C CYS M 52 78.88 -8.34 -46.10
N PRO M 53 79.23 -8.33 -44.81
CA PRO M 53 79.63 -7.06 -44.17
C PRO M 53 80.84 -6.41 -44.78
N THR M 54 81.83 -7.20 -45.24
CA THR M 54 83.03 -6.61 -45.83
C THR M 54 82.70 -5.87 -47.13
N LYS M 55 81.96 -6.52 -48.03
CA LYS M 55 81.59 -5.86 -49.26
C LYS M 55 80.62 -4.72 -49.03
N ALA M 56 79.75 -4.83 -48.03
CA ALA M 56 78.86 -3.71 -47.70
C ALA M 56 79.66 -2.50 -47.22
N ALA M 57 80.67 -2.73 -46.39
CA ALA M 57 81.53 -1.64 -45.94
C ALA M 57 82.31 -1.04 -47.09
N VAL M 58 82.74 -1.88 -48.04
CA VAL M 58 83.42 -1.36 -49.23
C VAL M 58 82.48 -0.48 -50.04
N TYR M 59 81.23 -0.93 -50.23
CA TYR M 59 80.27 -0.15 -50.99
C TYR M 59 79.92 1.17 -50.31
N HIS M 60 79.87 1.18 -48.98
CA HIS M 60 79.59 2.44 -48.29
C HIS M 60 80.75 3.42 -48.42
N ASP M 61 81.97 2.94 -48.46
CA ASP M 61 83.13 3.82 -48.56
C ASP M 61 83.13 4.53 -49.91
N PRO M 62 83.23 5.86 -49.94
CA PRO M 62 83.11 6.58 -51.23
C PRO M 62 84.16 6.17 -52.26
N LYS M 63 85.41 5.95 -51.84
CA LYS M 63 86.45 5.58 -52.80
C LYS M 63 86.23 4.16 -53.32
N GLY M 64 85.86 3.24 -52.44
CA GLY M 64 85.55 1.89 -52.88
C GLY M 64 84.37 1.86 -53.83
N LEU M 65 83.33 2.63 -53.54
CA LEU M 65 82.19 2.68 -54.44
C LEU M 65 82.57 3.32 -55.77
N ARG M 66 83.43 4.34 -55.75
CA ARG M 66 83.87 4.93 -57.01
C ARG M 66 84.63 3.92 -57.85
N ASN M 67 85.52 3.15 -57.22
CA ASN M 67 86.24 2.11 -57.94
C ASN M 67 85.27 1.08 -58.52
N ILE M 68 84.28 0.66 -57.73
CA ILE M 68 83.32 -0.32 -58.20
C ILE M 68 82.53 0.21 -59.38
N PHE M 69 82.11 1.48 -59.31
CA PHE M 69 81.36 2.08 -60.41
C PHE M 69 82.21 2.17 -61.67
N ILE M 70 83.48 2.56 -61.52
CA ILE M 70 84.36 2.66 -62.68
C ILE M 70 84.54 1.29 -63.33
N GLN M 71 84.78 0.26 -62.52
CA GLN M 71 84.96 -1.08 -63.07
C GLN M 71 83.69 -1.58 -63.73
N ASP M 72 82.53 -1.31 -63.13
CA ASP M 72 81.26 -1.73 -63.74
C ASP M 72 81.02 -1.01 -65.06
N LYS M 73 81.34 0.28 -65.13
CA LYS M 73 81.20 1.01 -66.39
C LYS M 73 82.13 0.44 -67.46
N ILE M 74 83.36 0.11 -67.09
CA ILE M 74 84.29 -0.50 -68.04
C ILE M 74 83.73 -1.84 -68.52
N LYS M 75 83.19 -2.64 -67.60
CA LYS M 75 82.61 -3.92 -67.98
C LYS M 75 81.43 -3.75 -68.93
N GLN M 76 80.57 -2.78 -68.66
CA GLN M 76 79.39 -2.54 -69.49
C GLN M 76 79.72 -1.77 -70.77
N LYS M 77 80.95 -1.29 -70.92
CA LYS M 77 81.41 -0.61 -72.13
C LYS M 77 80.63 0.67 -72.37
N ARG N 7 34.60 -25.16 19.06
CA ARG N 7 33.23 -25.58 18.77
C ARG N 7 32.72 -26.52 19.85
N ASN N 8 32.08 -27.62 19.45
CA ASN N 8 31.59 -28.63 20.38
C ASN N 8 32.58 -29.79 20.39
N ARG N 9 33.30 -29.92 21.51
CA ARG N 9 34.33 -30.95 21.61
C ARG N 9 33.74 -32.35 21.46
N TYR N 10 32.61 -32.62 22.10
CA TYR N 10 32.02 -33.95 22.01
C TYR N 10 31.54 -34.24 20.59
N TRP N 11 30.97 -33.25 19.93
CA TRP N 11 30.51 -33.45 18.56
C TRP N 11 31.69 -33.72 17.62
N TRP N 12 32.79 -32.99 17.79
CA TRP N 12 33.94 -33.15 16.91
C TRP N 12 34.85 -34.32 17.29
N TYR N 13 34.65 -34.91 18.47
CA TYR N 13 35.48 -36.03 18.89
C TYR N 13 34.92 -37.39 18.50
N ARG N 14 33.68 -37.44 18.00
CA ARG N 14 33.14 -38.71 17.51
C ARG N 14 32.37 -38.53 16.21
N SER N 15 32.68 -37.48 15.45
CA SER N 15 32.04 -37.29 14.14
C SER N 15 32.56 -38.30 13.13
N LEU N 16 33.86 -38.60 13.17
CA LEU N 16 34.49 -39.50 12.20
C LEU N 16 34.21 -40.94 12.61
N TYR N 17 32.98 -41.39 12.32
CA TYR N 17 32.59 -42.79 12.48
C TYR N 17 32.84 -43.29 13.89
N ASP N 18 32.57 -42.45 14.88
CA ASP N 18 32.68 -42.78 16.30
C ASP N 18 34.11 -43.15 16.70
N ASP N 19 35.10 -42.79 15.89
CA ASP N 19 36.49 -43.11 16.18
C ASP N 19 37.26 -41.84 16.52
N TYR N 20 38.21 -41.97 17.44
CA TYR N 20 38.92 -40.83 18.02
C TYR N 20 40.32 -40.76 17.43
N VAL N 21 40.58 -39.73 16.63
CA VAL N 21 41.90 -39.47 16.08
C VAL N 21 42.27 -38.02 16.36
N ALA N 22 41.65 -37.46 17.40
CA ALA N 22 41.83 -36.03 17.66
C ALA N 22 43.23 -35.70 18.12
N ARG N 23 43.90 -36.61 18.84
CA ARG N 23 45.28 -36.33 19.26
C ARG N 23 46.19 -36.20 18.05
N GLU N 24 46.06 -37.11 17.09
CA GLU N 24 46.88 -37.04 15.89
C GLU N 24 46.50 -35.87 15.00
N ALA N 25 45.21 -35.51 14.98
CA ALA N 25 44.80 -34.31 14.26
C ALA N 25 45.42 -33.06 14.88
N LYS N 26 45.42 -32.98 16.21
CA LYS N 26 46.02 -31.83 16.89
C LYS N 26 47.51 -31.76 16.64
N LEU N 27 48.21 -32.90 16.71
CA LEU N 27 49.65 -32.89 16.46
C LEU N 27 49.98 -32.70 14.98
N ALA N 28 48.99 -32.82 14.09
CA ALA N 28 49.26 -32.70 12.66
C ALA N 28 49.48 -31.25 12.24
N PHE N 29 48.80 -30.30 12.89
CA PHE N 29 48.88 -28.90 12.47
C PHE N 29 50.28 -28.34 12.65
N GLY N 30 50.94 -28.65 13.77
CA GLY N 30 52.25 -28.07 14.03
C GLY N 30 53.29 -28.47 12.99
N ILE N 31 53.34 -29.76 12.67
CA ILE N 31 54.28 -30.23 11.65
C ILE N 31 53.84 -29.77 10.26
N ALA N 32 52.54 -29.82 9.99
CA ALA N 32 52.03 -29.41 8.68
C ALA N 32 52.20 -27.92 8.44
N ALA N 33 52.49 -27.13 9.47
CA ALA N 33 52.70 -25.71 9.30
C ALA N 33 54.03 -25.37 8.66
N PHE N 34 54.94 -26.35 8.50
CA PHE N 34 56.27 -26.08 7.98
C PHE N 34 56.68 -26.95 6.80
N ILE N 35 56.03 -28.10 6.59
CA ILE N 35 56.46 -28.99 5.52
C ILE N 35 56.09 -28.43 4.15
N TRP N 36 55.19 -27.47 4.08
CA TRP N 36 54.73 -26.92 2.82
C TRP N 36 55.57 -25.75 2.33
N LEU N 37 56.55 -25.29 3.11
CA LEU N 37 57.32 -24.12 2.71
C LEU N 37 58.19 -24.36 1.48
N PRO N 38 59.00 -25.43 1.40
CA PRO N 38 59.76 -25.63 0.16
C PRO N 38 58.88 -25.79 -1.06
N HIS N 39 57.78 -26.52 -0.92
CA HIS N 39 56.85 -26.70 -2.03
C HIS N 39 56.27 -25.37 -2.47
N TYR N 40 55.90 -24.53 -1.50
CA TYR N 40 55.32 -23.23 -1.80
C TYR N 40 56.31 -22.31 -2.50
N TYR N 41 57.55 -22.27 -2.02
CA TYR N 41 58.54 -21.38 -2.63
C TYR N 41 58.92 -21.84 -4.03
N TRP N 42 59.13 -23.14 -4.22
CA TRP N 42 59.43 -23.61 -5.56
C TRP N 42 58.23 -23.44 -6.49
N GLY N 43 57.01 -23.55 -5.97
CA GLY N 43 55.85 -23.27 -6.79
C GLY N 43 55.75 -21.81 -7.17
N ILE N 44 56.17 -20.91 -6.28
CA ILE N 44 56.27 -19.49 -6.63
C ILE N 44 57.25 -19.32 -7.78
N HIS N 45 58.40 -19.99 -7.70
CA HIS N 45 59.39 -19.91 -8.77
C HIS N 45 58.81 -20.43 -10.09
N LEU N 46 58.10 -21.55 -10.04
CA LEU N 46 57.51 -22.13 -11.25
C LEU N 46 56.44 -21.22 -11.84
N ASN N 47 55.61 -20.62 -10.99
CA ASN N 47 54.58 -19.71 -11.47
C ASN N 47 55.19 -18.49 -12.13
N ARG N 48 56.26 -17.95 -11.55
CA ARG N 48 56.93 -16.82 -12.18
C ARG N 48 57.54 -17.22 -13.52
N ALA N 49 58.11 -18.42 -13.60
CA ALA N 49 58.65 -18.89 -14.88
C ALA N 49 57.55 -19.03 -15.93
N PHE N 50 56.40 -19.58 -15.53
CA PHE N 50 55.28 -19.70 -16.47
C PHE N 50 54.81 -18.34 -16.94
N GLU N 51 54.72 -17.37 -16.03
CA GLU N 51 54.30 -16.02 -16.41
C GLU N 51 55.29 -15.38 -17.37
N VAL N 52 56.59 -15.58 -17.12
CA VAL N 52 57.60 -15.03 -18.02
C VAL N 52 57.50 -15.67 -19.39
N ASN N 53 57.27 -16.98 -19.44
CA ASN N 53 57.11 -17.66 -20.72
C ASN N 53 55.89 -17.14 -21.47
N PHE N 54 54.78 -16.91 -20.77
CA PHE N 54 53.59 -16.37 -21.43
C PHE N 54 53.82 -14.94 -21.92
N SER N 55 54.57 -14.15 -21.16
CA SER N 55 54.94 -12.81 -21.61
C SER N 55 55.78 -12.88 -22.88
N HIS N 56 56.73 -13.81 -22.93
CA HIS N 56 57.55 -14.00 -24.13
C HIS N 56 56.69 -14.45 -25.31
N ARG N 57 55.73 -15.32 -25.06
CA ARG N 57 54.83 -15.76 -26.14
C ARG N 57 54.04 -14.59 -26.69
N ASN N 58 53.51 -13.73 -25.81
CA ASN N 58 52.78 -12.56 -26.27
C ASN N 58 53.68 -11.63 -27.08
N TYR N 59 54.89 -11.38 -26.59
CA TYR N 59 55.80 -10.48 -27.31
C TYR N 59 56.16 -11.03 -28.67
N ALA N 60 56.47 -12.33 -28.75
CA ALA N 60 56.84 -12.93 -30.02
C ALA N 60 55.65 -12.95 -30.99
N HIS N 61 54.44 -13.18 -30.48
CA HIS N 61 53.27 -13.16 -31.33
C HIS N 61 53.01 -11.77 -31.88
N GLU N 62 53.21 -10.74 -31.06
CA GLU N 62 52.88 -9.37 -31.46
C GLU N 62 54.05 -8.67 -32.13
N TRP N 63 55.17 -8.53 -31.42
CA TRP N 63 56.32 -7.77 -31.88
C TRP N 63 57.33 -8.61 -32.65
N GLY N 64 57.09 -9.90 -32.79
CA GLY N 64 57.95 -10.75 -33.58
C GLY N 64 57.99 -10.35 -35.05
N PRO N 65 56.82 -10.32 -35.69
CA PRO N 65 56.78 -9.88 -37.10
C PRO N 65 57.25 -8.45 -37.31
N ARG N 66 57.03 -7.56 -36.34
CA ARG N 66 57.34 -6.15 -36.55
C ARG N 66 58.84 -5.91 -36.66
N ARG N 67 59.64 -6.64 -35.86
CA ARG N 67 61.08 -6.43 -35.89
C ARG N 67 61.69 -6.89 -37.21
N ASN N 68 61.14 -7.94 -37.81
CA ASN N 68 61.63 -8.39 -39.12
C ASN N 68 61.41 -7.33 -40.19
N ARG N 69 60.24 -6.68 -40.16
CA ARG N 69 59.99 -5.58 -41.08
C ARG N 69 60.97 -4.42 -40.85
N LEU N 70 61.30 -4.16 -39.58
CA LEU N 70 62.26 -3.11 -39.28
C LEU N 70 63.64 -3.44 -39.84
N ALA N 71 64.07 -4.69 -39.72
CA ALA N 71 65.34 -5.10 -40.32
C ALA N 71 65.29 -5.00 -41.85
N HIS N 72 64.17 -5.39 -42.43
CA HIS N 72 64.00 -5.28 -43.88
C HIS N 72 64.14 -3.82 -44.32
N SER N 73 63.51 -2.91 -43.60
CA SER N 73 63.60 -1.50 -43.93
C SER N 73 65.00 -0.95 -43.70
N LEU N 74 65.71 -1.44 -42.68
CA LEU N 74 67.09 -1.02 -42.47
C LEU N 74 67.97 -1.39 -43.67
N GLU N 75 67.81 -2.63 -44.16
CA GLU N 75 68.58 -3.05 -45.33
C GLU N 75 68.22 -2.24 -46.56
N PHE N 76 66.91 -1.97 -46.76
CA PHE N 76 66.50 -1.16 -47.89
C PHE N 76 67.06 0.26 -47.79
N GLU N 77 67.17 0.80 -46.58
CA GLU N 77 67.72 2.14 -46.41
C GLU N 77 69.22 2.16 -46.70
N GLN N 78 69.94 1.11 -46.31
CA GLN N 78 71.34 1.00 -46.71
C GLN N 78 71.48 1.00 -48.22
N PHE N 79 70.61 0.23 -48.89
CA PHE N 79 70.64 0.23 -50.36
C PHE N 79 70.31 1.61 -50.90
N ASP N 80 69.40 2.34 -50.25
CA ASP N 80 69.05 3.68 -50.71
C ASP N 80 70.24 4.63 -50.64
N MET N 81 71.00 4.58 -49.54
CA MET N 81 72.19 5.42 -49.42
C MET N 81 73.20 5.08 -50.50
N ILE N 82 73.44 3.78 -50.73
CA ILE N 82 74.35 3.37 -51.78
C ILE N 82 73.85 3.84 -53.14
N LEU N 83 72.53 3.81 -53.34
CA LEU N 83 71.94 4.22 -54.62
C LEU N 83 72.10 5.71 -54.84
N GLU N 84 71.96 6.52 -53.79
CA GLU N 84 72.18 7.95 -53.94
C GLU N 84 73.62 8.24 -54.34
N ASN N 85 74.58 7.58 -53.69
CA ASN N 85 75.98 7.78 -54.08
C ASN N 85 76.24 7.30 -55.51
N TRP N 86 75.62 6.18 -55.89
CA TRP N 86 75.78 5.66 -57.24
C TRP N 86 75.20 6.61 -58.28
N GLN N 87 74.07 7.24 -57.97
CA GLN N 87 73.48 8.20 -58.89
C GLN N 87 74.33 9.47 -59.00
N ASP N 88 74.95 9.89 -57.89
CA ASP N 88 75.90 11.00 -57.99
C ASP N 88 77.07 10.64 -58.91
N LEU N 89 77.57 9.41 -58.77
CA LEU N 89 78.64 8.97 -59.67
C LEU N 89 78.17 8.92 -61.12
N GLU N 90 76.93 8.51 -61.35
CA GLU N 90 76.37 8.49 -62.70
C GLU N 90 76.29 9.89 -63.28
N ASP N 91 75.89 10.87 -62.46
CA ASP N 91 75.88 12.25 -62.93
C ASP N 91 77.28 12.73 -63.28
N GLU N 92 78.26 12.40 -62.45
CA GLU N 92 79.64 12.79 -62.74
C GLU N 92 80.12 12.15 -64.04
N TYR N 93 79.79 10.88 -64.26
CA TYR N 93 80.16 10.21 -65.49
C TYR N 93 79.42 10.79 -66.70
N ALA N 94 78.19 11.28 -66.49
CA ALA N 94 77.49 11.97 -67.56
C ALA N 94 78.18 13.28 -67.92
N GLN N 95 78.74 13.98 -66.93
CA GLN N 95 79.56 15.15 -67.24
C GLN N 95 80.84 14.74 -67.95
N ARG N 96 81.68 13.96 -67.29
CA ARG N 96 82.94 13.47 -67.85
C ARG N 96 82.65 12.17 -68.58
N GLY N 97 82.41 12.27 -69.90
CA GLY N 97 81.91 11.12 -70.65
C GLY N 97 82.81 9.90 -70.55
N ASP N 98 84.11 10.11 -70.71
CA ASP N 98 85.06 9.00 -70.58
C ASP N 98 86.31 9.36 -69.81
N GLY N 99 86.48 10.63 -69.40
CA GLY N 99 87.62 10.99 -68.58
C GLY N 99 87.55 10.46 -67.17
N MET N 100 86.35 10.14 -66.68
CA MET N 100 86.22 9.58 -65.35
C MET N 100 86.88 8.21 -65.25
N LEU N 101 86.72 7.37 -66.27
CA LEU N 101 87.31 6.05 -66.27
C LEU N 101 88.82 6.12 -66.38
N ASN O 2 -25.46 -100.35 2.44
CA ASN O 2 -25.59 -101.38 1.42
C ASN O 2 -24.40 -102.34 1.47
N ARG O 3 -24.51 -103.38 2.30
CA ARG O 3 -23.40 -104.29 2.53
C ARG O 3 -23.12 -105.13 1.28
N PHE O 4 -21.84 -105.45 1.09
CA PHE O 4 -21.40 -106.28 -0.02
C PHE O 4 -22.05 -107.65 0.07
N PHE O 5 -22.94 -107.96 -0.87
CA PHE O 5 -23.85 -109.10 -0.69
C PHE O 5 -23.11 -110.42 -0.71
N LYS O 6 -22.27 -110.65 -1.72
CA LYS O 6 -21.68 -111.98 -1.89
C LYS O 6 -20.45 -111.88 -2.78
N VAL O 7 -19.44 -112.68 -2.45
CA VAL O 7 -18.27 -112.89 -3.30
C VAL O 7 -18.33 -114.31 -3.82
N SER O 8 -18.45 -114.47 -5.14
CA SER O 8 -18.66 -115.77 -5.75
C SER O 8 -17.36 -116.52 -6.01
N SER O 9 -16.21 -115.95 -5.70
CA SER O 9 -14.95 -116.61 -5.94
C SER O 9 -14.73 -117.75 -4.93
N LYS O 10 -13.97 -118.75 -5.36
CA LYS O 10 -13.59 -119.84 -4.47
C LYS O 10 -12.37 -119.51 -3.62
N TYR O 11 -11.74 -118.36 -3.83
CA TYR O 11 -10.64 -117.90 -2.99
C TYR O 11 -11.21 -117.38 -1.68
N GLN O 12 -10.85 -118.02 -0.57
CA GLN O 12 -11.40 -117.62 0.72
C GLN O 12 -10.89 -116.27 1.18
N TYR O 13 -9.81 -115.77 0.58
CA TYR O 13 -9.33 -114.44 0.91
C TYR O 13 -10.34 -113.37 0.51
N TYR O 14 -10.81 -113.42 -0.73
CA TYR O 14 -11.74 -112.42 -1.26
C TYR O 14 -13.03 -112.34 -0.46
N LYS O 15 -13.24 -113.23 0.50
CA LYS O 15 -14.40 -113.16 1.38
C LYS O 15 -14.35 -111.95 2.31
N TYR O 16 -13.21 -111.26 2.39
CA TYR O 16 -13.15 -110.07 3.24
C TYR O 16 -14.11 -108.99 2.78
N LEU O 17 -14.44 -108.97 1.48
CA LEU O 17 -15.28 -107.90 0.95
C LEU O 17 -16.68 -107.90 1.54
N GLU O 18 -17.20 -109.09 1.87
CA GLU O 18 -18.59 -109.18 2.32
C GLU O 18 -18.82 -108.50 3.66
N GLN O 19 -17.75 -108.21 4.41
CA GLN O 19 -17.91 -107.63 5.74
C GLN O 19 -18.24 -106.14 5.70
N TYR O 20 -17.83 -105.43 4.65
CA TYR O 20 -17.85 -103.99 4.65
C TYR O 20 -18.99 -103.44 3.79
N ASP O 21 -19.36 -102.20 4.07
CA ASP O 21 -20.37 -101.49 3.32
C ASP O 21 -19.85 -101.09 1.94
N ALA O 22 -20.77 -100.92 1.00
CA ALA O 22 -20.38 -100.48 -0.34
C ALA O 22 -19.76 -99.10 -0.30
N ALA O 23 -20.29 -98.20 0.53
CA ALA O 23 -19.71 -96.87 0.66
C ALA O 23 -18.31 -96.93 1.25
N PHE O 24 -18.10 -97.81 2.24
CA PHE O 24 -16.78 -97.94 2.85
C PHE O 24 -15.74 -98.41 1.84
N LEU O 25 -16.08 -99.42 1.04
CA LEU O 25 -15.17 -99.87 0.00
C LEU O 25 -14.98 -98.80 -1.06
N ARG O 26 -16.04 -98.08 -1.40
CA ARG O 26 -15.94 -97.03 -2.41
C ARG O 26 -15.01 -95.91 -1.95
N LYS O 27 -14.96 -95.64 -0.64
CA LYS O 27 -14.10 -94.59 -0.14
C LYS O 27 -12.63 -95.02 -0.15
N TYR O 28 -12.35 -96.27 0.24
CA TYR O 28 -10.99 -96.74 0.42
C TYR O 28 -10.49 -97.66 -0.68
N GLN O 29 -11.33 -97.97 -1.66
CA GLN O 29 -10.89 -98.70 -2.84
C GLN O 29 -11.19 -97.97 -4.14
N SER O 30 -11.75 -96.77 -4.07
CA SER O 30 -12.01 -95.96 -5.25
C SER O 30 -11.84 -94.49 -4.86
N GLU O 31 -12.19 -93.60 -5.78
CA GLU O 31 -12.07 -92.16 -5.57
C GLU O 31 -10.64 -91.78 -5.21
N THR O 32 -10.40 -91.47 -3.94
CA THR O 32 -9.05 -91.06 -3.53
C THR O 32 -8.08 -92.22 -3.61
N HIS O 33 -8.51 -93.42 -3.24
CA HIS O 33 -7.66 -94.61 -3.23
C HIS O 33 -7.82 -95.43 -4.50
N TRP O 34 -8.12 -94.79 -5.64
CA TRP O 34 -8.36 -95.54 -6.86
C TRP O 34 -7.11 -96.28 -7.33
N TYR O 35 -5.95 -95.63 -7.24
CA TYR O 35 -4.69 -96.24 -7.67
C TYR O 35 -4.14 -97.22 -6.64
N LEU O 36 -4.95 -97.58 -5.65
CA LEU O 36 -4.55 -98.52 -4.61
C LEU O 36 -5.60 -99.57 -4.30
N GLY O 37 -6.84 -99.38 -4.72
CA GLY O 37 -7.92 -100.24 -4.25
C GLY O 37 -7.76 -101.67 -4.74
N ARG O 38 -7.85 -102.62 -3.81
CA ARG O 38 -7.89 -104.06 -4.09
C ARG O 38 -6.61 -104.54 -4.77
N ARG O 39 -5.52 -103.80 -4.65
CA ARG O 39 -4.25 -104.16 -5.27
C ARG O 39 -3.17 -104.30 -4.20
N GLY O 40 -2.39 -105.36 -4.30
CA GLY O 40 -1.21 -105.48 -3.47
C GLY O 40 -0.10 -104.59 -3.98
N ALA O 41 0.21 -103.53 -3.26
CA ALA O 41 1.15 -102.50 -3.72
C ALA O 41 2.59 -102.90 -3.42
N TRP O 42 2.97 -104.08 -3.90
CA TRP O 42 4.37 -104.51 -3.78
C TRP O 42 5.27 -103.69 -4.69
N LYS O 43 4.76 -103.28 -5.85
CA LYS O 43 5.57 -102.50 -6.77
C LYS O 43 5.96 -101.16 -6.19
N ASN O 44 5.09 -100.56 -5.37
CA ASN O 44 5.47 -99.34 -4.67
C ASN O 44 6.68 -99.55 -3.79
N LEU O 45 6.71 -100.65 -3.05
CA LEU O 45 7.84 -100.96 -2.19
C LEU O 45 9.10 -101.20 -3.01
N VAL O 46 8.98 -101.96 -4.10
CA VAL O 46 10.14 -102.25 -4.94
C VAL O 46 10.70 -100.97 -5.54
N ILE O 47 9.83 -100.09 -6.05
CA ILE O 47 10.29 -98.85 -6.68
C ILE O 47 10.86 -97.90 -5.64
N LYS O 48 10.29 -97.88 -4.43
CA LYS O 48 10.87 -97.08 -3.37
C LYS O 48 12.29 -97.54 -3.05
N TYR O 49 12.48 -98.86 -2.93
CA TYR O 49 13.81 -99.39 -2.70
C TYR O 49 14.75 -99.07 -3.86
N ALA O 50 14.23 -99.06 -5.08
CA ALA O 50 15.04 -98.66 -6.22
C ALA O 50 15.49 -97.21 -6.10
N GLY O 51 14.56 -96.34 -5.68
CA GLY O 51 14.88 -94.92 -5.60
C GLY O 51 15.85 -94.56 -4.50
N ASP O 52 15.67 -95.15 -3.32
CA ASP O 52 16.41 -94.66 -2.16
C ASP O 52 17.82 -95.23 -2.02
N HIS O 53 18.19 -96.23 -2.80
CA HIS O 53 19.52 -96.79 -2.69
C HIS O 53 20.51 -96.01 -3.56
N ILE O 54 21.79 -96.28 -3.34
CA ILE O 54 22.86 -95.65 -4.15
C ILE O 54 23.06 -96.56 -5.36
N SER O 55 22.21 -96.38 -6.35
CA SER O 55 22.23 -97.24 -7.52
C SER O 55 23.15 -96.64 -8.58
N LEU O 56 23.13 -97.20 -9.78
CA LEU O 56 23.83 -96.60 -10.91
C LEU O 56 23.08 -95.34 -11.33
N GLU O 57 23.81 -94.24 -11.48
CA GLU O 57 23.20 -92.96 -11.77
C GLU O 57 23.00 -92.71 -13.27
N GLU O 58 23.34 -93.68 -14.11
CA GLU O 58 23.11 -93.57 -15.55
C GLU O 58 21.78 -94.21 -15.88
N GLU O 59 20.73 -93.40 -15.94
CA GLU O 59 19.40 -93.88 -16.26
C GLU O 59 19.07 -93.55 -17.71
N HIS O 60 18.67 -94.56 -18.48
CA HIS O 60 18.23 -94.32 -19.85
C HIS O 60 16.80 -93.80 -19.86
N ASN O 61 15.87 -94.59 -19.35
CA ASN O 61 14.49 -94.17 -19.16
C ASN O 61 14.05 -94.64 -17.79
N VAL O 62 12.75 -94.57 -17.52
CA VAL O 62 12.23 -94.96 -16.22
C VAL O 62 12.50 -96.43 -15.95
N LYS O 63 12.27 -97.28 -16.94
CA LYS O 63 12.36 -98.72 -16.70
C LYS O 63 13.80 -99.19 -16.59
N TYR O 64 14.68 -98.71 -17.45
CA TYR O 64 16.01 -99.29 -17.61
C TYR O 64 17.11 -98.28 -17.32
N LYS O 65 18.27 -98.80 -16.93
CA LYS O 65 19.50 -98.03 -16.88
C LYS O 65 20.11 -97.94 -18.28
N THR O 66 21.09 -97.05 -18.41
CA THR O 66 21.83 -96.96 -19.66
C THR O 66 22.65 -98.23 -19.87
N HIS O 67 22.69 -98.70 -21.11
CA HIS O 67 23.49 -99.87 -21.43
C HIS O 67 24.96 -99.60 -21.12
N LEU O 68 25.61 -100.58 -20.49
CA LEU O 68 26.98 -100.37 -20.02
C LEU O 68 27.93 -100.10 -21.17
N SER O 69 27.62 -100.60 -22.37
CA SER O 69 28.49 -100.35 -23.51
C SER O 69 28.58 -98.86 -23.81
N PHE O 70 27.41 -98.19 -23.87
CA PHE O 70 27.39 -96.75 -24.12
C PHE O 70 28.08 -95.98 -22.99
N VAL O 71 27.82 -96.37 -21.75
CA VAL O 71 28.44 -95.68 -20.61
C VAL O 71 29.94 -95.75 -20.69
N TYR O 72 30.49 -96.96 -20.90
CA TYR O 72 31.92 -97.14 -20.90
C TYR O 72 32.56 -96.48 -22.11
N LEU O 73 31.91 -96.57 -23.27
CA LEU O 73 32.41 -95.86 -24.45
C LEU O 73 32.52 -94.37 -24.19
N SER O 74 31.46 -93.79 -23.62
CA SER O 74 31.46 -92.36 -23.34
C SER O 74 32.58 -91.99 -22.38
N TYR O 75 32.74 -92.77 -21.31
CA TYR O 75 33.72 -92.41 -20.28
C TYR O 75 35.14 -92.55 -20.79
N ARG O 76 35.43 -93.65 -21.49
CA ARG O 76 36.78 -93.85 -22.04
C ARG O 76 37.12 -92.77 -23.06
N LEU O 77 36.18 -92.47 -23.97
CA LEU O 77 36.43 -91.43 -24.94
C LEU O 77 36.65 -90.08 -24.26
N ALA O 78 35.83 -89.76 -23.25
CA ALA O 78 35.99 -88.49 -22.57
C ALA O 78 37.37 -88.37 -21.95
N TRP O 79 37.79 -89.39 -21.21
CA TRP O 79 39.08 -89.31 -20.54
C TRP O 79 40.23 -89.20 -21.53
N VAL O 80 40.21 -90.03 -22.58
CA VAL O 80 41.32 -90.04 -23.52
C VAL O 80 41.38 -88.74 -24.31
N LEU O 81 40.23 -88.25 -24.80
CA LEU O 81 40.22 -87.01 -25.56
C LEU O 81 40.59 -85.81 -24.70
N PHE O 82 40.15 -85.80 -23.43
CA PHE O 82 40.53 -84.71 -22.54
C PHE O 82 42.04 -84.72 -22.27
N ALA O 83 42.61 -85.91 -22.07
CA ALA O 83 44.05 -86.00 -21.90
C ALA O 83 44.77 -85.51 -23.14
N TYR O 84 44.27 -85.88 -24.33
CA TYR O 84 44.87 -85.40 -25.57
C TYR O 84 44.82 -83.88 -25.65
N VAL O 85 43.67 -83.29 -25.32
CA VAL O 85 43.52 -81.84 -25.40
C VAL O 85 44.53 -81.16 -24.49
N LEU O 86 44.60 -81.60 -23.23
CA LEU O 86 45.51 -80.96 -22.27
C LEU O 86 46.96 -81.12 -22.70
N ILE O 87 47.36 -82.34 -23.05
CA ILE O 87 48.77 -82.61 -23.37
C ILE O 87 49.18 -81.85 -24.62
N TYR O 88 48.35 -81.90 -25.67
CA TYR O 88 48.70 -81.23 -26.92
C TYR O 88 48.73 -79.72 -26.75
N ASN O 89 47.77 -79.14 -26.02
CA ASN O 89 47.76 -77.70 -25.87
C ASN O 89 48.73 -77.19 -24.82
N HIS O 90 49.37 -78.07 -24.05
CA HIS O 90 50.40 -77.63 -23.12
C HIS O 90 51.81 -78.05 -23.49
N PHE O 91 51.99 -79.12 -24.25
CA PHE O 91 53.32 -79.66 -24.51
C PHE O 91 53.67 -79.79 -25.99
N LEU O 92 52.70 -79.83 -26.90
CA LEU O 92 53.01 -80.18 -28.28
C LEU O 92 52.57 -79.11 -29.26
N LEU O 93 52.84 -77.84 -28.96
CA LEU O 93 52.54 -76.75 -29.86
C LEU O 93 53.78 -76.15 -30.51
N GLY O 94 54.96 -76.72 -30.28
CA GLY O 94 56.16 -76.21 -30.93
C GLY O 94 56.14 -76.41 -32.42
N ASP O 95 55.72 -77.59 -32.88
CA ASP O 95 55.55 -77.89 -34.30
C ASP O 95 54.07 -78.19 -34.51
N ILE O 96 53.34 -77.23 -35.07
CA ILE O 96 51.92 -77.45 -35.36
C ILE O 96 51.76 -78.47 -36.46
N GLY O 97 52.67 -78.49 -37.43
CA GLY O 97 52.56 -79.43 -38.53
C GLY O 97 52.71 -80.87 -38.09
N LYS O 98 53.58 -81.12 -37.12
CA LYS O 98 53.79 -82.48 -36.64
C LYS O 98 52.58 -82.99 -35.85
N THR O 99 52.09 -82.18 -34.92
CA THR O 99 51.11 -82.62 -33.94
C THR O 99 49.67 -82.33 -34.35
N PHE O 100 49.44 -81.71 -35.49
CA PHE O 100 48.10 -81.40 -35.95
C PHE O 100 47.95 -81.76 -37.42
N ASN O 101 46.70 -82.05 -37.81
CA ASN O 101 46.32 -82.23 -39.19
C ASN O 101 45.39 -81.09 -39.61
N VAL O 102 45.47 -80.70 -40.87
CA VAL O 102 44.61 -79.66 -41.41
C VAL O 102 43.46 -80.31 -42.13
N GLY O 103 42.24 -80.07 -41.66
CA GLY O 103 41.06 -80.68 -42.22
C GLY O 103 39.98 -79.64 -42.48
N GLU O 104 39.07 -80.00 -43.37
CA GLU O 104 38.05 -79.07 -43.84
C GLU O 104 37.04 -79.83 -44.68
N TRP O 105 35.79 -79.39 -44.62
CA TRP O 105 34.79 -79.79 -45.61
C TRP O 105 33.81 -78.65 -45.77
N ASP O 106 33.50 -78.32 -47.03
CA ASP O 106 32.71 -77.15 -47.36
C ASP O 106 31.35 -77.57 -47.93
N HIS O 107 30.59 -76.59 -48.38
CA HIS O 107 29.27 -76.84 -48.92
C HIS O 107 29.37 -77.56 -50.28
N ARG O 108 28.30 -78.29 -50.61
CA ARG O 108 28.23 -78.94 -51.92
C ARG O 108 28.15 -77.94 -53.05
N LEU O 109 27.61 -76.75 -52.78
CA LEU O 109 27.51 -75.72 -53.81
C LEU O 109 28.90 -75.28 -54.28
N LYS O 110 29.81 -75.07 -53.36
CA LYS O 110 31.16 -74.65 -53.68
C LYS O 110 32.01 -75.83 -54.15
N PRO O 111 33.05 -75.56 -54.94
CA PRO O 111 33.94 -76.64 -55.35
C PRO O 111 34.62 -77.29 -54.15
N SER O 112 34.94 -78.57 -54.30
CA SER O 112 35.48 -79.35 -53.19
C SER O 112 36.75 -78.70 -52.64
N ALA O 113 36.83 -78.64 -51.32
CA ALA O 113 37.92 -77.95 -50.66
C ALA O 113 39.23 -78.70 -50.84
N GLU O 114 40.33 -77.96 -50.71
CA GLU O 114 41.66 -78.56 -50.85
C GLU O 114 41.91 -79.58 -49.75
N ARG O 115 41.43 -79.30 -48.54
CA ARG O 115 41.60 -80.17 -47.39
C ARG O 115 40.45 -81.14 -47.21
N ASP O 116 39.49 -81.17 -48.14
CA ASP O 116 38.36 -82.08 -48.05
C ASP O 116 38.73 -83.43 -48.65
N TYR O 117 39.51 -84.17 -47.87
CA TYR O 117 39.96 -85.51 -48.24
C TYR O 117 39.96 -86.37 -46.98
N PRO O 118 39.91 -87.70 -47.14
CA PRO O 118 40.01 -88.57 -45.96
C PRO O 118 41.43 -88.59 -45.42
N THR O 119 41.57 -88.33 -44.12
CA THR O 119 42.87 -88.37 -43.48
C THR O 119 43.38 -89.80 -43.43
N ARG O 120 44.70 -89.93 -43.29
CA ARG O 120 45.45 -91.19 -43.24
C ARG O 120 45.47 -91.91 -44.57
N TYR O 121 44.79 -91.38 -45.59
CA TYR O 121 44.80 -91.95 -46.94
C TYR O 121 45.18 -90.88 -47.96
N GLU O 122 46.05 -89.95 -47.56
CA GLU O 122 46.49 -88.91 -48.48
C GLU O 122 47.41 -89.45 -49.56
N SER O 123 48.05 -90.59 -49.33
CA SER O 123 48.93 -91.20 -50.31
C SER O 123 48.23 -92.28 -51.13
N LEU O 124 46.93 -92.47 -50.94
CA LEU O 124 46.15 -93.44 -51.68
C LEU O 124 45.09 -92.82 -52.58
N TYR O 125 44.35 -91.84 -52.10
CA TYR O 125 43.17 -91.35 -52.80
C TYR O 125 43.20 -89.84 -52.92
N ILE O 126 42.58 -89.36 -54.00
CA ILE O 126 42.27 -87.94 -54.19
C ILE O 126 40.76 -87.84 -54.23
N LEU O 127 40.18 -87.19 -53.23
CA LEU O 127 38.73 -87.19 -53.07
C LEU O 127 38.14 -85.93 -53.68
N ASP O 128 37.12 -86.10 -54.51
CA ASP O 128 36.42 -84.99 -55.12
C ASP O 128 34.95 -85.38 -55.26
N ARG O 129 34.11 -84.39 -55.54
CA ARG O 129 32.69 -84.63 -55.67
C ARG O 129 32.08 -83.62 -56.62
N THR O 130 30.95 -83.97 -57.20
CA THR O 130 30.23 -83.07 -58.09
C THR O 130 29.41 -82.07 -57.29
N GLN O 131 29.42 -80.82 -57.75
CA GLN O 131 28.68 -79.77 -57.08
C GLN O 131 27.18 -79.95 -57.29
N LYS O 132 26.40 -79.52 -56.30
CA LYS O 132 24.95 -79.64 -56.32
C LYS O 132 24.32 -78.32 -55.94
N TRP O 133 23.12 -78.09 -56.45
CA TRP O 133 22.35 -76.90 -56.11
C TRP O 133 20.87 -77.24 -55.96
N GLU P 30 50.38 -109.15 16.11
CA GLU P 30 50.75 -108.41 14.89
C GLU P 30 51.80 -107.35 15.20
N TYR P 31 52.72 -107.66 16.10
CA TYR P 31 53.80 -106.76 16.46
C TYR P 31 55.03 -107.07 15.62
N ASP P 32 55.48 -106.09 14.85
CA ASP P 32 56.66 -106.22 14.00
C ASP P 32 57.71 -105.26 14.54
N TRP P 33 58.78 -105.80 15.12
CA TRP P 33 59.79 -104.94 15.74
C TRP P 33 60.46 -104.03 14.73
N ARG P 34 60.41 -104.37 13.44
CA ARG P 34 60.98 -103.51 12.43
C ARG P 34 60.23 -102.19 12.33
N ASP P 35 58.94 -102.18 12.65
CA ASP P 35 58.14 -100.97 12.66
C ASP P 35 58.21 -100.22 13.99
N ASP P 36 58.90 -100.78 14.98
CA ASP P 36 58.99 -100.15 16.29
C ASP P 36 60.18 -99.20 16.33
N PRO P 37 59.99 -97.91 16.56
CA PRO P 37 61.13 -96.97 16.56
C PRO P 37 62.16 -97.25 17.64
N LYS P 38 61.79 -97.97 18.70
CA LYS P 38 62.75 -98.24 19.78
C LYS P 38 63.69 -99.38 19.41
N VAL P 39 63.12 -100.52 19.01
CA VAL P 39 63.94 -101.69 18.67
C VAL P 39 64.68 -101.45 17.36
N ASN P 40 63.99 -100.92 16.35
CA ASN P 40 64.57 -100.71 15.03
C ASN P 40 65.25 -99.34 15.03
N LYS P 41 66.58 -99.34 15.10
CA LYS P 41 67.35 -98.10 15.13
C LYS P 41 67.43 -97.42 13.78
N ASP P 42 67.06 -98.09 12.69
CA ASP P 42 67.09 -97.48 11.37
C ASP P 42 65.90 -96.58 11.10
N ILE P 43 64.92 -96.53 12.00
CA ILE P 43 63.80 -95.60 11.88
C ILE P 43 64.28 -94.26 12.42
N GLU P 44 64.58 -93.32 11.53
CA GLU P 44 65.04 -92.01 11.95
C GLU P 44 63.89 -91.22 12.56
N GLU P 45 64.20 -90.51 13.64
CA GLU P 45 63.18 -89.78 14.41
C GLU P 45 63.10 -88.35 13.92
N ASP P 46 61.88 -87.90 13.62
CA ASP P 46 61.63 -86.49 13.32
C ASP P 46 61.45 -85.78 14.64
N ILE P 47 62.47 -85.02 15.05
CA ILE P 47 62.47 -84.40 16.37
C ILE P 47 61.37 -83.37 16.50
N ARG P 48 60.85 -82.84 15.39
CA ARG P 48 59.74 -81.90 15.42
C ARG P 48 58.41 -82.58 15.70
N ASP P 49 58.37 -83.91 15.74
CA ASP P 49 57.20 -84.68 16.09
C ASP P 49 57.49 -85.58 17.29
N ARG P 50 58.21 -85.07 18.28
CA ARG P 50 58.66 -85.93 19.37
C ARG P 50 57.51 -86.35 20.27
N GLY P 51 56.67 -85.39 20.65
CA GLY P 51 55.55 -85.70 21.52
C GLY P 51 54.25 -86.01 20.81
N TRP P 52 54.26 -86.12 19.49
CA TRP P 52 53.03 -86.26 18.70
C TRP P 52 53.09 -87.55 17.89
N HIS P 53 52.06 -88.36 18.03
CA HIS P 53 51.92 -89.61 17.28
C HIS P 53 50.63 -89.59 16.49
N PRO P 54 50.65 -89.15 15.22
CA PRO P 54 49.41 -89.08 14.44
C PRO P 54 48.73 -90.41 14.23
N GLU P 55 49.41 -91.54 14.49
CA GLU P 55 48.75 -92.84 14.42
C GLU P 55 47.69 -92.97 15.49
N THR P 56 47.90 -92.38 16.66
CA THR P 56 46.98 -92.48 17.79
C THR P 56 45.95 -91.36 17.84
N TYR P 57 45.93 -90.49 16.83
CA TYR P 57 44.93 -89.43 16.80
C TYR P 57 43.56 -90.03 16.54
N ASP P 58 42.60 -89.72 17.40
CA ASP P 58 41.22 -90.12 17.18
C ASP P 58 40.50 -89.04 16.38
N PHE P 59 39.48 -89.44 15.65
CA PHE P 59 38.70 -88.52 14.83
C PHE P 59 37.23 -88.62 15.20
N PRO P 60 36.63 -87.57 15.79
CA PRO P 60 37.24 -86.28 16.09
C PRO P 60 38.23 -86.31 17.25
N TYR P 61 39.19 -85.40 17.23
CA TYR P 61 40.25 -85.37 18.24
C TYR P 61 39.65 -84.99 19.60
N THR P 62 40.01 -85.77 20.62
CA THR P 62 39.49 -85.53 21.96
C THR P 62 40.57 -85.54 23.04
N LYS P 63 41.83 -85.69 22.68
CA LYS P 63 42.90 -85.71 23.67
C LYS P 63 43.07 -84.33 24.30
N LYS P 64 43.54 -84.32 25.53
CA LYS P 64 43.82 -83.09 26.27
C LYS P 64 45.32 -83.06 26.58
N HIS P 65 46.08 -82.38 25.73
CA HIS P 65 47.52 -82.24 25.91
C HIS P 65 47.91 -80.89 26.47
N ASP P 66 46.95 -80.09 26.93
CA ASP P 66 47.22 -78.78 27.51
C ASP P 66 46.53 -78.67 28.86
N ASP P 67 47.24 -78.07 29.82
CA ASP P 67 46.70 -77.82 31.15
C ASP P 67 47.56 -76.74 31.80
N TRP P 68 47.22 -76.39 33.03
CA TRP P 68 47.98 -75.38 33.76
C TRP P 68 49.42 -75.81 33.94
N VAL P 69 50.34 -74.89 33.68
CA VAL P 69 51.77 -75.13 33.83
C VAL P 69 52.31 -74.14 34.84
N PHE P 70 52.88 -74.66 35.92
CA PHE P 70 53.51 -73.84 36.95
C PHE P 70 54.87 -74.43 37.28
N ASP P 71 55.57 -73.78 38.21
CA ASP P 71 56.92 -74.16 38.63
C ASP P 71 57.92 -74.10 37.49
N VAL P 72 57.65 -73.30 36.47
CA VAL P 72 58.62 -73.04 35.41
C VAL P 72 59.32 -71.73 35.74
N THR P 73 58.56 -70.65 35.79
CA THR P 73 59.00 -69.35 36.29
C THR P 73 58.14 -68.85 37.44
N MET P 74 56.84 -69.13 37.41
CA MET P 74 55.95 -68.77 38.50
C MET P 74 55.70 -69.99 39.36
N PRO P 75 56.17 -70.03 40.61
CA PRO P 75 55.98 -71.23 41.42
C PRO P 75 54.51 -71.45 41.76
N SER P 76 54.16 -72.72 41.96
CA SER P 76 52.82 -73.08 42.39
C SER P 76 52.62 -72.87 43.88
N GLN P 77 53.69 -72.72 44.65
CA GLN P 77 53.59 -72.42 46.08
C GLN P 77 53.22 -70.95 46.28
N ASN P 78 53.00 -70.59 47.54
CA ASN P 78 52.56 -69.26 47.92
C ASN P 78 53.66 -68.56 48.69
N TYR P 79 54.25 -67.53 48.09
CA TYR P 79 55.28 -66.72 48.72
C TYR P 79 54.95 -65.23 48.59
N GLN P 80 53.67 -64.89 48.52
CA GLN P 80 53.29 -63.49 48.35
C GLN P 80 53.71 -62.65 49.56
N THR P 81 53.52 -63.17 50.76
CA THR P 81 53.86 -62.46 51.97
C THR P 81 55.17 -62.95 52.59
N ASP P 82 55.84 -63.91 51.96
CA ASP P 82 57.06 -64.48 52.51
C ASP P 82 58.21 -63.51 52.31
N LEU P 83 58.68 -62.91 53.40
CA LEU P 83 59.75 -61.92 53.31
C LEU P 83 61.12 -62.55 53.12
N THR P 84 61.27 -63.83 53.43
CA THR P 84 62.55 -64.51 53.30
C THR P 84 62.75 -65.16 51.93
N VAL P 85 61.80 -65.00 51.01
CA VAL P 85 61.85 -65.63 49.70
C VAL P 85 61.69 -64.57 48.64
N ASN P 86 62.62 -64.52 47.69
CA ASN P 86 62.52 -63.68 46.51
C ASN P 86 62.41 -64.57 45.28
N ILE P 87 61.49 -64.22 44.38
CA ILE P 87 61.27 -64.98 43.17
C ILE P 87 62.11 -64.37 42.06
N HIS P 88 62.99 -65.19 41.46
CA HIS P 88 63.86 -64.76 40.36
C HIS P 88 63.50 -65.61 39.14
N PRO P 89 62.55 -65.17 38.33
CA PRO P 89 62.17 -65.95 37.14
C PRO P 89 63.26 -66.07 36.11
N GLU P 90 64.28 -65.21 36.13
CA GLU P 90 65.38 -65.34 35.19
C GLU P 90 66.22 -66.58 35.43
N ASN P 91 66.04 -67.25 36.58
CA ASN P 91 66.69 -68.51 36.86
C ASN P 91 65.87 -69.70 36.38
N LYS P 92 65.02 -69.50 35.38
CA LYS P 92 64.17 -70.57 34.87
C LYS P 92 65.00 -71.76 34.40
N LYS P 93 64.59 -72.96 34.79
CA LYS P 93 65.29 -74.18 34.43
C LYS P 93 64.80 -74.69 33.08
N MET P 94 65.69 -75.37 32.38
CA MET P 94 65.34 -75.96 31.09
C MET P 94 64.36 -77.12 31.27
N HIS P 95 63.34 -77.15 30.43
CA HIS P 95 62.37 -78.23 30.40
C HIS P 95 62.34 -78.85 29.01
N VAL P 96 61.56 -79.93 28.89
CA VAL P 96 61.43 -80.60 27.60
C VAL P 96 60.66 -79.69 26.65
N MET P 97 61.26 -79.42 25.49
CA MET P 97 60.64 -78.52 24.52
C MET P 97 59.34 -79.12 23.99
N LYS P 98 58.30 -78.31 23.94
CA LYS P 98 57.00 -78.75 23.46
C LYS P 98 56.87 -78.33 21.99
N GLN P 99 56.90 -79.32 21.10
CA GLN P 99 56.85 -79.03 19.68
C GLN P 99 55.44 -78.65 19.26
N VAL P 100 55.35 -77.89 18.17
CA VAL P 100 54.05 -77.53 17.61
C VAL P 100 53.36 -78.80 17.14
N MET P 101 52.04 -78.83 17.28
CA MET P 101 51.30 -80.07 17.06
C MET P 101 51.45 -80.55 15.62
N ARG P 102 51.76 -81.83 15.47
CA ARG P 102 51.88 -82.47 14.17
C ARG P 102 50.49 -82.78 13.61
N GLN P 103 50.24 -82.40 12.37
CA GLN P 103 48.96 -82.67 11.75
C GLN P 103 48.76 -84.17 11.55
N SER P 104 47.50 -84.57 11.48
CA SER P 104 47.16 -85.98 11.32
C SER P 104 47.63 -86.50 9.96
N TYR P 105 48.06 -87.75 9.93
CA TYR P 105 48.50 -88.41 8.71
C TYR P 105 47.51 -89.50 8.34
N TRP P 106 47.19 -89.59 7.05
CA TRP P 106 46.14 -90.48 6.60
C TRP P 106 46.53 -91.94 6.77
N ASP P 107 45.52 -92.77 7.02
CA ASP P 107 45.66 -94.23 6.97
C ASP P 107 44.93 -94.68 5.71
N ALA P 108 45.68 -95.18 4.73
CA ALA P 108 45.10 -95.42 3.41
C ALA P 108 44.00 -96.47 3.48
N GLU P 109 44.28 -97.62 4.08
CA GLU P 109 43.31 -98.71 4.12
C GLU P 109 42.06 -98.31 4.90
N HIS P 110 42.25 -97.69 6.07
CA HIS P 110 41.11 -97.28 6.88
C HIS P 110 40.26 -96.25 6.17
N ASP P 111 40.90 -95.26 5.54
CA ASP P 111 40.15 -94.20 4.86
C ASP P 111 39.40 -94.76 3.66
N MET P 112 40.03 -95.65 2.88
CA MET P 112 39.33 -96.24 1.75
C MET P 112 38.16 -97.09 2.21
N ALA P 113 38.34 -97.87 3.29
CA ALA P 113 37.27 -98.73 3.76
C ALA P 113 36.10 -97.92 4.30
N HIS P 114 36.38 -96.84 5.04
CA HIS P 114 35.29 -96.10 5.68
C HIS P 114 34.50 -95.28 4.68
N GLU P 115 35.15 -94.75 3.65
CA GLU P 115 34.48 -93.93 2.65
C GLU P 115 33.94 -94.76 1.48
N TYR P 116 34.20 -96.06 1.47
CA TYR P 116 33.66 -96.94 0.44
C TYR P 116 32.15 -97.04 0.58
N ASP P 117 31.45 -97.10 -0.56
CA ASP P 117 30.01 -97.24 -0.59
C ASP P 117 29.64 -98.45 -1.43
N TYR P 118 28.74 -99.28 -0.90
CA TYR P 118 28.26 -100.48 -1.58
C TYR P 118 27.08 -100.07 -2.44
N GLU P 119 27.36 -99.71 -3.68
CA GLU P 119 26.33 -99.22 -4.60
C GLU P 119 25.16 -100.21 -4.71
N GLU P 121 23.13 -101.34 -2.83
CA GLU P 121 22.80 -102.17 -1.67
C GLU P 121 23.13 -101.45 -0.37
N ASP P 122 23.56 -100.19 -0.50
CA ASP P 122 23.77 -99.31 0.64
C ASP P 122 22.80 -98.15 0.51
N LEU P 123 22.02 -97.91 1.56
CA LEU P 123 21.04 -96.83 1.53
C LEU P 123 21.73 -95.48 1.43
N ASP P 124 21.14 -94.57 0.68
CA ASP P 124 21.64 -93.21 0.55
C ASP P 124 21.10 -92.40 1.73
N PHE P 125 21.85 -92.42 2.82
CA PHE P 125 21.44 -91.75 4.05
C PHE P 125 22.67 -91.26 4.78
N GLN P 126 22.46 -90.54 5.88
CA GLN P 126 23.53 -90.03 6.71
C GLN P 126 23.48 -90.69 8.08
N CYS P 127 24.63 -91.18 8.53
CA CYS P 127 24.71 -91.84 9.82
C CYS P 127 24.51 -90.85 10.95
N GLU P 128 23.96 -91.34 12.06
CA GLU P 128 23.69 -90.47 13.20
C GLU P 128 24.98 -90.06 13.90
N SER P 129 25.95 -90.95 13.97
CA SER P 129 27.19 -90.67 14.69
C SER P 129 28.01 -89.62 13.95
N PHE P 130 28.78 -88.85 14.72
CA PHE P 130 29.66 -87.85 14.15
C PHE P 130 30.98 -88.44 13.65
N LYS P 131 31.30 -89.68 14.03
CA LYS P 131 32.48 -90.33 13.48
C LYS P 131 32.35 -90.64 12.00
N SER P 132 31.15 -90.54 11.44
CA SER P 132 30.95 -90.69 10.01
C SER P 132 31.36 -89.45 9.23
N GLN P 133 31.78 -88.40 9.91
CA GLN P 133 32.27 -87.20 9.24
C GLN P 133 33.51 -87.53 8.42
N HIS P 134 33.62 -86.89 7.25
CA HIS P 134 34.78 -87.06 6.38
C HIS P 134 35.87 -86.11 6.85
N PHE P 135 36.73 -86.60 7.73
CA PHE P 135 37.85 -85.82 8.22
C PHE P 135 38.97 -85.82 7.19
N ARG P 136 39.64 -84.68 7.06
CA ARG P 136 40.76 -84.55 6.14
C ARG P 136 42.06 -84.81 6.90
N LYS P 137 42.86 -85.74 6.38
CA LYS P 137 44.16 -86.06 6.93
C LYS P 137 45.21 -85.87 5.85
N LYS P 138 46.40 -85.42 6.26
CA LYS P 138 47.45 -85.15 5.29
C LYS P 138 48.05 -86.45 4.76
N GLY P 139 48.86 -86.31 3.70
CA GLY P 139 49.43 -87.46 3.05
C GLY P 139 50.86 -87.23 2.58
N PRO P 140 51.18 -87.77 1.40
CA PRO P 140 52.55 -87.69 0.90
C PRO P 140 52.95 -86.26 0.56
N ILE P 141 54.26 -86.08 0.34
CA ILE P 141 54.83 -84.76 0.11
C ILE P 141 55.53 -84.63 -1.23
N SER P 142 55.77 -85.73 -1.96
CA SER P 142 56.40 -85.60 -3.27
C SER P 142 55.50 -84.88 -4.28
N GLN P 143 54.19 -85.06 -4.15
CA GLN P 143 53.25 -84.28 -4.95
C GLN P 143 53.46 -82.79 -4.73
N TYR P 144 53.67 -82.39 -3.48
CA TYR P 144 53.94 -80.98 -3.21
C TYR P 144 55.35 -80.57 -3.57
N LEU P 145 56.27 -81.52 -3.70
CA LEU P 145 57.56 -81.21 -4.33
C LEU P 145 57.35 -80.81 -5.78
N ILE P 146 56.47 -81.53 -6.48
CA ILE P 146 56.10 -81.14 -7.84
C ILE P 146 55.43 -79.78 -7.84
N LEU P 147 54.55 -79.54 -6.85
CA LEU P 147 53.86 -78.25 -6.77
C LEU P 147 54.83 -77.10 -6.53
N GLY P 148 55.83 -77.31 -5.67
CA GLY P 148 56.75 -76.24 -5.33
C GLY P 148 57.53 -75.74 -6.52
N LEU P 149 57.89 -76.63 -7.45
CA LEU P 149 58.58 -76.26 -8.67
C LEU P 149 57.62 -75.99 -9.82
N LEU P 150 56.34 -75.77 -9.53
CA LEU P 150 55.38 -75.55 -10.61
C LEU P 150 55.67 -74.34 -11.47
N PRO P 151 56.01 -73.16 -10.94
CA PRO P 151 56.34 -72.04 -11.84
C PRO P 151 57.54 -72.33 -12.73
N ILE P 152 58.59 -72.93 -12.16
CA ILE P 152 59.77 -73.27 -12.95
C ILE P 152 59.40 -74.26 -14.04
N LEU P 153 58.64 -75.30 -13.70
CA LEU P 153 58.26 -76.31 -14.67
C LEU P 153 57.37 -75.74 -15.75
N TYR P 154 56.41 -74.88 -15.39
CA TYR P 154 55.50 -74.32 -16.37
C TYR P 154 56.23 -73.40 -17.34
N PHE P 155 57.06 -72.50 -16.82
CA PHE P 155 57.81 -71.60 -17.69
C PHE P 155 58.79 -72.37 -18.57
N GLY P 156 59.49 -73.36 -18.00
CA GLY P 156 60.36 -74.19 -18.80
C GLY P 156 59.60 -74.92 -19.89
N THR P 157 58.49 -75.56 -19.53
CA THR P 157 57.65 -76.24 -20.50
C THR P 157 57.32 -75.30 -21.65
N GLU P 158 56.64 -74.20 -21.36
CA GLU P 158 56.23 -73.28 -22.41
C GLU P 158 57.41 -72.85 -23.26
N PHE P 159 58.34 -72.10 -22.65
CA PHE P 159 59.37 -71.42 -23.45
C PHE P 159 60.33 -72.40 -24.10
N PHE P 160 60.87 -73.35 -23.33
CA PHE P 160 61.88 -74.25 -23.87
C PHE P 160 61.23 -75.40 -24.64
N TYR P 161 60.33 -76.14 -23.99
CA TYR P 161 59.73 -77.31 -24.62
C TYR P 161 58.94 -76.93 -25.86
N ASN P 162 58.15 -75.85 -25.80
CA ASN P 162 57.43 -75.42 -26.99
C ASN P 162 58.30 -74.56 -27.91
N HIS P 163 59.52 -74.23 -27.47
CA HIS P 163 60.46 -73.42 -28.26
C HIS P 163 59.81 -72.12 -28.71
N TYR P 164 59.31 -71.38 -27.72
CA TYR P 164 58.67 -70.09 -27.92
C TYR P 164 59.63 -68.96 -27.53
N PRO P 165 59.74 -67.90 -28.33
CA PRO P 165 58.99 -67.63 -29.57
C PRO P 165 59.50 -68.42 -30.76
N ASP P 166 60.77 -68.79 -30.75
CA ASP P 166 61.37 -69.58 -31.82
C ASP P 166 62.57 -70.32 -31.25
N GLU P 167 63.16 -71.16 -32.09
CA GLU P 167 64.29 -71.99 -31.66
C GLU P 167 65.50 -71.16 -31.27
N ASP P 168 65.79 -70.11 -32.04
CA ASP P 168 67.05 -69.38 -31.89
C ASP P 168 67.03 -68.34 -30.78
N TYR P 169 65.88 -68.07 -30.16
CA TYR P 169 65.83 -66.99 -29.18
C TYR P 169 66.62 -67.33 -27.92
N TRP P 170 66.44 -68.54 -27.40
CA TRP P 170 67.10 -68.91 -26.15
C TRP P 170 68.52 -69.42 -26.35
N ARG P 171 68.93 -69.70 -27.58
CA ARG P 171 70.28 -70.18 -27.84
C ARG P 171 71.30 -69.09 -27.59
N VAL P 172 72.52 -69.50 -27.27
CA VAL P 172 73.60 -68.54 -27.07
C VAL P 172 73.89 -67.83 -28.39
N ALA P 173 73.96 -66.51 -28.35
CA ALA P 173 73.93 -65.70 -29.56
C ALA P 173 75.26 -65.77 -30.30
N HIS P 174 75.20 -66.03 -31.60
CA HIS P 174 76.37 -66.08 -32.47
C HIS P 174 76.11 -65.20 -33.68
N PRO P 175 77.09 -64.40 -34.10
CA PRO P 175 76.97 -63.68 -35.37
C PRO P 175 77.11 -64.65 -36.53
N PRO P 176 76.58 -64.31 -37.70
CA PRO P 176 76.75 -65.17 -38.88
C PRO P 176 78.18 -65.15 -39.35
N PRO P 177 78.63 -66.19 -40.05
CA PRO P 177 79.99 -66.18 -40.61
C PRO P 177 80.15 -65.12 -41.70
N LEU P 178 81.33 -65.05 -42.30
CA LEU P 178 81.62 -63.99 -43.27
C LEU P 178 80.68 -64.11 -44.47
N ASP P 179 79.95 -63.03 -44.74
CA ASP P 179 79.05 -62.93 -45.90
C ASP P 179 78.04 -64.08 -45.91
N TYR P 180 77.52 -64.42 -44.74
CA TYR P 180 76.53 -65.48 -44.65
C TYR P 180 75.18 -64.90 -44.24
N PRO P 181 74.09 -65.31 -44.89
CA PRO P 181 74.04 -66.29 -45.98
C PRO P 181 74.46 -65.73 -47.33
N ASP P 182 74.31 -64.42 -47.52
CA ASP P 182 74.67 -63.77 -48.76
C ASP P 182 75.10 -62.34 -48.47
N THR P 183 75.83 -61.75 -49.41
CA THR P 183 76.33 -60.39 -49.24
C THR P 183 75.20 -59.36 -49.21
N ASP P 184 74.02 -59.69 -49.74
CA ASP P 184 72.89 -58.77 -49.64
C ASP P 184 72.46 -58.60 -48.19
N ASP P 185 72.44 -59.68 -47.42
CA ASP P 185 72.07 -59.61 -46.02
C ASP P 185 73.27 -59.19 -45.16
N THR P 186 74.34 -59.97 -45.19
CA THR P 186 75.53 -59.74 -44.38
C THR P 186 76.65 -59.26 -45.29
N ASP P 187 76.72 -57.95 -45.51
CA ASP P 187 77.74 -57.36 -46.38
C ASP P 187 78.97 -56.98 -45.54
N ASP P 188 79.67 -58.01 -45.08
CA ASP P 188 80.82 -57.78 -44.21
C ASP P 188 82.01 -57.21 -44.98
N THR P 189 82.28 -57.74 -46.18
CA THR P 189 83.42 -57.25 -46.95
C THR P 189 83.20 -55.82 -47.42
N GLU P 190 81.98 -55.49 -47.84
CA GLU P 190 81.69 -54.13 -48.28
C GLU P 190 81.87 -53.14 -47.12
N THR P 191 81.38 -53.49 -45.93
CA THR P 191 81.56 -52.62 -44.78
C THR P 191 83.03 -52.52 -44.38
N PHE P 192 83.77 -53.62 -44.51
CA PHE P 192 85.19 -53.60 -44.22
C PHE P 192 85.93 -52.63 -45.15
N LYS P 193 85.55 -52.64 -46.44
CA LYS P 193 86.15 -51.69 -47.37
C LYS P 193 85.71 -50.26 -47.09
N ASP P 194 84.44 -50.08 -46.69
CA ASP P 194 83.93 -48.75 -46.40
C ASP P 194 84.66 -48.12 -45.23
N TYR P 195 84.89 -48.88 -44.17
CA TYR P 195 85.62 -48.36 -43.02
C TYR P 195 87.09 -48.10 -43.32
N LYS P 196 87.64 -48.73 -44.35
CA LYS P 196 89.06 -48.60 -44.65
C LYS P 196 89.32 -47.61 -45.77
N PHE P 198 88.69 -43.45 -47.51
CA PHE P 198 88.76 -42.04 -47.12
C PHE P 198 87.51 -41.58 -46.39
N THR P 199 86.35 -41.86 -46.98
CA THR P 199 85.08 -41.46 -46.38
C THR P 199 84.87 -42.14 -45.03
N GLY P 200 85.18 -43.43 -44.94
CA GLY P 200 85.02 -44.14 -43.68
C GLY P 200 85.95 -43.64 -42.59
N ARG P 201 87.21 -43.39 -42.95
CA ARG P 201 88.16 -42.86 -41.97
C ARG P 201 87.73 -41.48 -41.49
N ARG P 202 87.26 -40.63 -42.40
CA ARG P 202 86.79 -39.31 -41.98
C ARG P 202 85.55 -39.41 -41.10
N MET P 203 84.62 -40.30 -41.43
CA MET P 203 83.42 -40.47 -40.62
C MET P 203 83.77 -40.96 -39.21
N VAL P 204 84.74 -41.86 -39.10
CA VAL P 204 85.21 -42.27 -37.79
C VAL P 204 85.90 -41.12 -37.07
N ASP P 205 86.60 -40.27 -37.81
CA ASP P 205 87.25 -39.11 -37.20
C ASP P 205 86.23 -38.16 -36.61
N THR P 206 85.08 -37.99 -37.27
CA THR P 206 84.06 -37.08 -36.74
C THR P 206 83.54 -37.51 -35.38
N GLY P 207 83.68 -38.80 -35.03
CA GLY P 207 83.25 -39.29 -33.75
C GLY P 207 81.81 -39.77 -33.68
N ILE P 208 81.04 -39.61 -34.76
CA ILE P 208 79.65 -40.05 -34.75
C ILE P 208 79.50 -41.51 -35.17
N VAL P 209 80.55 -42.13 -35.67
CA VAL P 209 80.53 -43.52 -36.09
C VAL P 209 81.55 -44.30 -35.25
N ASP P 210 81.11 -45.41 -34.68
CA ASP P 210 81.99 -46.25 -33.89
C ASP P 210 83.00 -46.97 -34.79
N PRO P 211 84.15 -47.35 -34.25
CA PRO P 211 85.17 -48.02 -35.07
C PRO P 211 84.71 -49.38 -35.53
N LEU P 212 85.43 -49.91 -36.53
CA LEU P 212 85.12 -51.23 -37.05
C LEU P 212 85.31 -52.29 -35.98
N TRP P 213 84.36 -53.20 -35.88
CA TRP P 213 84.31 -54.16 -34.79
C TRP P 213 84.85 -55.54 -35.14
N TYR P 214 85.34 -55.73 -36.36
CA TYR P 214 85.85 -57.03 -36.76
C TYR P 214 86.97 -56.85 -37.78
N ASP P 215 87.66 -57.96 -38.05
CA ASP P 215 88.72 -58.00 -39.05
C ASP P 215 88.52 -59.24 -39.91
N ILE P 216 88.73 -59.09 -41.22
CA ILE P 216 88.58 -60.21 -42.16
C ILE P 216 89.97 -60.80 -42.34
N ARG P 217 90.29 -61.81 -41.55
CA ARG P 217 91.57 -62.51 -41.61
C ARG P 217 91.38 -63.83 -42.34
N GLU P 218 92.18 -64.03 -43.37
CA GLU P 218 91.98 -65.15 -44.33
C GLU P 218 90.56 -65.00 -44.86
N GLY P 219 89.72 -66.03 -44.77
CA GLY P 219 88.33 -65.91 -45.18
C GLY P 219 87.40 -65.88 -44.00
N LYS P 220 87.94 -65.56 -42.82
CA LYS P 220 87.19 -65.60 -41.57
C LYS P 220 87.00 -64.20 -41.02
N LYS P 221 85.77 -63.92 -40.58
CA LYS P 221 85.46 -62.69 -39.88
C LYS P 221 85.70 -62.91 -38.39
N VAL P 222 86.68 -62.22 -37.83
CA VAL P 222 87.07 -62.35 -36.43
C VAL P 222 86.66 -61.06 -35.72
N TYR P 223 85.78 -61.19 -34.73
CA TYR P 223 85.35 -60.05 -33.96
C TYR P 223 86.37 -59.72 -32.88
N TYR P 224 86.59 -58.43 -32.66
CA TYR P 224 87.53 -58.00 -31.65
C TYR P 224 86.97 -58.28 -30.25
N ASP P 225 87.88 -58.36 -29.28
CA ASP P 225 87.47 -58.69 -27.92
C ASP P 225 86.54 -57.62 -27.35
N TRP P 226 86.82 -56.35 -27.64
CA TRP P 226 85.98 -55.28 -27.12
C TRP P 226 84.61 -55.21 -27.79
N ALA P 227 84.40 -55.94 -28.88
CA ALA P 227 83.10 -55.91 -29.55
C ALA P 227 82.00 -56.51 -28.70
N GLY P 228 82.34 -57.37 -27.73
CA GLY P 228 81.37 -57.94 -26.84
C GLY P 228 80.38 -58.90 -27.46
N VAL P 229 80.84 -59.72 -28.43
CA VAL P 229 80.00 -60.73 -29.06
C VAL P 229 80.79 -62.03 -29.16
N ASN P 230 80.06 -63.13 -29.30
CA ASN P 230 80.68 -64.42 -29.55
C ASN P 230 81.25 -64.45 -30.96
N GLN P 231 82.12 -65.43 -31.20
CA GLN P 231 82.61 -65.61 -32.55
C GLN P 231 81.59 -66.37 -33.39
N PRO P 232 81.57 -66.13 -34.70
CA PRO P 232 80.64 -66.87 -35.56
C PRO P 232 80.91 -68.36 -35.54
N MET P 233 79.85 -69.14 -35.70
CA MET P 233 79.97 -70.59 -35.71
C MET P 233 80.65 -71.05 -36.99
N GLU P 234 81.34 -72.19 -36.90
CA GLU P 234 81.94 -72.81 -38.07
C GLU P 234 80.86 -73.30 -39.02
N ASP P 235 81.11 -73.16 -40.32
CA ASP P 235 80.18 -73.64 -41.33
C ASP P 235 80.49 -75.12 -41.58
N ILE P 236 79.77 -75.97 -40.86
CA ILE P 236 79.99 -77.41 -40.95
C ILE P 236 79.17 -78.00 -42.08
N ALA Q 861 40.93 -23.94 -8.69
CA ALA Q 861 39.78 -23.27 -8.08
C ALA Q 861 40.14 -21.87 -7.60
N LEU Q 862 39.68 -21.53 -6.39
CA LEU Q 862 39.80 -20.15 -5.91
C LEU Q 862 41.25 -19.72 -5.77
N PHE Q 863 42.04 -20.50 -5.05
CA PHE Q 863 43.45 -20.20 -4.82
C PHE Q 863 44.29 -21.46 -5.00
N PHE Q 864 43.93 -22.26 -6.00
CA PHE Q 864 44.61 -23.53 -6.23
C PHE Q 864 46.09 -23.31 -6.55
N MET Q 865 46.39 -22.29 -7.37
CA MET Q 865 47.77 -22.00 -7.72
C MET Q 865 48.53 -21.28 -6.61
N ALA Q 866 47.82 -20.79 -5.58
CA ALA Q 866 48.43 -20.31 -4.35
C ALA Q 866 49.29 -19.07 -4.54
N ASN Q 867 49.44 -18.61 -5.78
CA ASN Q 867 50.26 -17.45 -6.08
C ASN Q 867 50.07 -17.08 -7.55
N THR Q 868 50.15 -15.79 -7.84
CA THR Q 868 50.14 -15.29 -9.20
C THR Q 868 51.22 -14.23 -9.33
N ALA Q 869 52.07 -14.39 -10.36
CA ALA Q 869 53.21 -13.49 -10.55
C ALA Q 869 52.75 -12.29 -11.36
N ILE Q 870 52.15 -11.33 -10.66
CA ILE Q 870 51.77 -10.07 -11.30
C ILE Q 870 52.93 -9.11 -11.42
N SER Q 871 54.05 -9.40 -10.75
CA SER Q 871 55.20 -8.49 -10.78
C SER Q 871 55.87 -8.45 -12.14
N VAL Q 872 55.90 -9.57 -12.85
CA VAL Q 872 56.59 -9.64 -14.14
C VAL Q 872 55.77 -8.86 -15.17
N PRO Q 873 56.33 -7.82 -15.76
CA PRO Q 873 55.57 -6.98 -16.69
C PRO Q 873 55.63 -7.51 -18.12
N SER Q 874 54.87 -6.85 -18.99
CA SER Q 874 54.95 -7.16 -20.41
C SER Q 874 56.33 -6.83 -20.94
N VAL Q 875 56.79 -7.62 -21.91
CA VAL Q 875 58.13 -7.42 -22.45
C VAL Q 875 58.19 -6.05 -23.11
N LEU Q 876 59.08 -5.20 -22.62
CA LEU Q 876 59.22 -3.86 -23.17
C LEU Q 876 59.87 -3.92 -24.54
N ASP Q 877 59.28 -3.21 -25.50
CA ASP Q 877 59.80 -3.17 -26.86
C ASP Q 877 60.88 -2.10 -26.95
N THR Q 878 62.12 -2.52 -27.18
CA THR Q 878 63.27 -1.63 -27.19
C THR Q 878 63.89 -1.51 -28.59
N SER Q 879 63.09 -1.75 -29.63
CA SER Q 879 63.59 -1.66 -30.99
C SER Q 879 63.99 -0.22 -31.32
N PRO Q 880 64.98 -0.04 -32.18
CA PRO Q 880 65.50 1.32 -32.44
C PRO Q 880 64.46 2.30 -32.98
N CYS Q 881 63.85 2.00 -34.12
CA CYS Q 881 62.91 2.91 -34.77
C CYS Q 881 61.53 2.29 -34.90
N MET Q 882 61.11 1.54 -33.88
CA MET Q 882 59.81 0.86 -33.96
C MET Q 882 58.66 1.86 -33.93
N LYS Q 883 58.75 2.89 -33.09
CA LYS Q 883 57.66 3.85 -32.99
C LYS Q 883 57.44 4.57 -34.31
N GLN Q 884 58.53 5.01 -34.95
CA GLN Q 884 58.41 5.68 -36.24
C GLN Q 884 57.88 4.74 -37.31
N MET Q 885 58.32 3.47 -37.28
CA MET Q 885 57.82 2.50 -38.25
C MET Q 885 56.32 2.32 -38.10
N LEU Q 886 55.85 2.17 -36.86
CA LEU Q 886 54.42 1.98 -36.64
C LEU Q 886 53.63 3.23 -37.02
N ALA Q 887 54.17 4.42 -36.73
CA ALA Q 887 53.50 5.65 -37.13
C ALA Q 887 53.37 5.74 -38.65
N TYR Q 888 54.46 5.44 -39.36
CA TYR Q 888 54.43 5.49 -40.82
C TYR Q 888 53.46 4.46 -41.38
N GLU Q 889 53.44 3.26 -40.80
CA GLU Q 889 52.53 2.21 -41.28
C GLU Q 889 51.08 2.59 -41.04
N ASP Q 890 50.77 3.18 -39.89
CA ASP Q 890 49.41 3.66 -39.65
C ASP Q 890 49.03 4.72 -40.66
N CYS Q 891 49.94 5.65 -40.94
CA CYS Q 891 49.66 6.71 -41.90
C CYS Q 891 49.41 6.14 -43.28
N VAL Q 892 50.22 5.18 -43.72
CA VAL Q 892 50.05 4.56 -45.02
C VAL Q 892 48.74 3.79 -45.08
N LEU Q 893 48.36 3.14 -43.98
CA LEU Q 893 47.07 2.47 -43.92
C LEU Q 893 45.94 3.47 -44.09
N ASP Q 894 46.10 4.68 -43.55
CA ASP Q 894 45.08 5.70 -43.74
C ASP Q 894 44.90 6.03 -45.22
N ALA Q 895 45.97 6.00 -46.00
CA ALA Q 895 45.90 6.35 -47.42
C ALA Q 895 45.06 5.37 -48.23
N ASN Q 896 44.93 4.12 -47.77
CA ASN Q 896 44.14 3.08 -48.44
C ASN Q 896 44.64 2.85 -49.87
N VAL Q 897 45.88 2.38 -49.94
CA VAL Q 897 46.57 2.14 -51.21
C VAL Q 897 46.61 0.63 -51.46
N PRO Q 898 46.16 0.15 -52.62
CA PRO Q 898 46.20 -1.29 -52.89
C PRO Q 898 47.61 -1.88 -52.88
N GLN Q 899 48.61 -1.12 -53.32
CA GLN Q 899 49.97 -1.65 -53.39
C GLN Q 899 50.55 -1.82 -51.99
N GLN Q 900 51.11 -3.00 -51.73
CA GLN Q 900 51.73 -3.29 -50.44
C GLN Q 900 53.17 -2.82 -50.37
N GLU Q 901 53.81 -2.60 -51.53
CA GLU Q 901 55.19 -2.13 -51.53
C GLU Q 901 55.34 -0.79 -50.82
N VAL Q 902 54.26 -0.03 -50.69
CA VAL Q 902 54.29 1.24 -49.98
C VAL Q 902 54.56 1.08 -48.50
N ILE Q 903 54.49 -0.14 -47.97
CA ILE Q 903 54.77 -0.35 -46.56
C ILE Q 903 56.21 0.05 -46.23
N HIS Q 904 57.14 -0.23 -47.13
CA HIS Q 904 58.51 0.21 -46.95
C HIS Q 904 58.63 1.70 -47.28
N PRO Q 905 59.27 2.50 -46.44
CA PRO Q 905 59.42 3.92 -46.76
C PRO Q 905 60.27 4.18 -47.99
N GLN Q 906 61.04 3.20 -48.45
CA GLN Q 906 61.94 3.38 -49.58
C GLN Q 906 61.30 3.02 -50.91
N TRP Q 907 59.96 2.90 -50.95
CA TRP Q 907 59.31 2.45 -52.18
C TRP Q 907 59.60 3.32 -53.40
N PRO Q 908 59.71 4.66 -53.33
CA PRO Q 908 59.95 5.42 -54.56
C PRO Q 908 61.24 5.04 -55.27
N THR Q 909 62.25 4.56 -54.52
CA THR Q 909 63.52 4.15 -55.10
C THR Q 909 63.60 2.66 -55.38
N ILE Q 910 63.06 1.82 -54.50
CA ILE Q 910 63.10 0.38 -54.72
C ILE Q 910 62.18 -0.03 -55.86
N TRP Q 911 61.01 0.60 -55.95
CA TRP Q 911 60.01 0.27 -56.98
C TRP Q 911 59.56 1.54 -57.69
N PRO Q 912 60.46 2.21 -58.41
CA PRO Q 912 60.11 3.49 -59.04
C PRO Q 912 58.98 3.38 -60.05
N ARG Q 913 58.77 2.19 -60.63
CA ARG Q 913 57.68 2.00 -61.57
C ARG Q 913 56.32 2.22 -60.94
N LEU Q 914 56.24 2.23 -59.60
CA LEU Q 914 54.97 2.58 -58.96
C LEU Q 914 54.51 3.98 -59.32
N LEU Q 915 55.42 4.84 -59.78
CA LEU Q 915 55.08 6.21 -60.14
C LEU Q 915 54.97 6.43 -61.64
N THR Q 916 55.32 5.45 -62.47
CA THR Q 916 55.28 5.63 -63.91
C THR Q 916 54.25 4.74 -64.58
N ASP Q 917 54.36 3.42 -64.43
CA ASP Q 917 53.40 2.51 -65.06
C ASP Q 917 52.99 1.34 -64.19
N GLY Q 918 53.66 1.10 -63.06
CA GLY Q 918 53.29 0.01 -62.17
C GLY Q 918 53.85 -1.35 -62.53
N LYS Q 919 54.61 -1.46 -63.61
CA LYS Q 919 55.18 -2.74 -64.01
C LYS Q 919 56.38 -3.02 -63.10
N LEU Q 920 56.16 -3.79 -62.04
CA LEU Q 920 57.21 -4.11 -61.08
C LEU Q 920 57.88 -5.45 -61.34
N LEU Q 921 57.32 -6.27 -62.23
CA LEU Q 921 57.90 -7.56 -62.58
C LEU Q 921 57.88 -7.74 -64.09
N GLU Q 922 58.90 -8.41 -64.61
CA GLU Q 922 59.03 -8.63 -66.06
C GLU Q 922 58.36 -9.94 -66.45
N PHE Q 923 57.06 -10.03 -66.13
CA PHE Q 923 56.26 -11.23 -66.42
C PHE Q 923 56.89 -12.48 -65.80
N ASP Q 924 57.33 -12.34 -64.55
CA ASP Q 924 57.90 -13.46 -63.79
C ASP Q 924 57.13 -13.61 -62.49
N LYS Q 925 55.80 -13.60 -62.60
CA LYS Q 925 54.90 -13.52 -61.47
C LYS Q 925 54.03 -14.77 -61.39
N VAL Q 926 53.47 -15.02 -60.21
CA VAL Q 926 52.51 -16.11 -60.05
C VAL Q 926 51.29 -15.69 -59.21
N PRO Q 927 50.61 -14.59 -59.55
CA PRO Q 927 49.39 -14.22 -58.81
C PRO Q 927 48.08 -14.67 -59.48
N PHE Q 928 48.15 -15.53 -60.49
CA PHE Q 928 47.04 -15.97 -61.34
C PHE Q 928 46.66 -14.90 -62.36
N HIS Q 929 45.69 -15.22 -63.20
CA HIS Q 929 45.32 -14.41 -64.35
C HIS Q 929 44.48 -13.20 -63.94
N PRO Q 930 44.51 -12.12 -64.73
CA PRO Q 930 43.76 -10.89 -64.38
C PRO Q 930 42.26 -11.04 -64.63
N GLU Q 931 41.62 -11.88 -63.82
CA GLU Q 931 40.19 -12.14 -63.93
C GLU Q 931 39.36 -11.31 -62.96
N ASN Q 932 39.91 -10.96 -61.81
CA ASN Q 932 39.21 -10.15 -60.82
C ASN Q 932 40.05 -8.90 -60.52
N ILE Q 933 39.45 -7.99 -59.73
CA ILE Q 933 40.14 -6.76 -59.38
C ILE Q 933 41.33 -7.04 -58.47
N TYR Q 934 41.20 -8.01 -57.57
CA TYR Q 934 42.25 -8.33 -56.61
C TYR Q 934 43.34 -9.19 -57.26
N ASN Q 935 43.89 -8.67 -58.35
CA ASN Q 935 44.99 -9.32 -59.06
C ASN Q 935 45.95 -8.26 -59.55
N TYR Q 936 47.23 -8.63 -59.61
CA TYR Q 936 48.29 -7.75 -60.10
C TYR Q 936 48.28 -6.40 -59.38
N THR Q 937 48.11 -6.45 -58.06
CA THR Q 937 48.04 -5.22 -57.28
C THR Q 937 49.32 -4.41 -57.42
N TYR Q 938 50.47 -5.08 -57.38
CA TYR Q 938 51.72 -4.38 -57.62
C TYR Q 938 51.90 -3.98 -59.07
N MET Q 939 51.21 -4.65 -59.99
CA MET Q 939 51.22 -4.27 -61.41
C MET Q 939 50.25 -3.15 -61.71
N ARG Q 940 49.77 -2.45 -60.69
CA ARG Q 940 48.83 -1.35 -60.83
C ARG Q 940 49.51 -0.06 -60.39
N PRO Q 941 49.70 0.92 -61.27
CA PRO Q 941 50.37 2.16 -60.86
C PRO Q 941 49.52 2.95 -59.89
N LEU Q 942 50.21 3.79 -59.10
CA LEU Q 942 49.52 4.66 -58.17
C LEU Q 942 48.70 5.69 -58.92
N THR Q 943 47.45 5.88 -58.50
CA THR Q 943 46.58 6.88 -59.11
C THR Q 943 46.78 8.22 -58.41
N LYS Q 944 46.06 9.23 -58.87
CA LYS Q 944 46.19 10.57 -58.30
C LYS Q 944 45.74 10.58 -56.84
N LYS Q 945 44.63 9.90 -56.53
CA LYS Q 945 44.16 9.85 -55.14
C LYS Q 945 45.18 9.16 -54.25
N ASN Q 946 45.74 8.04 -54.70
CA ASN Q 946 46.75 7.35 -53.92
C ASN Q 946 47.97 8.23 -53.71
N LYS Q 947 48.42 8.91 -54.77
CA LYS Q 947 49.59 9.76 -54.64
C LYS Q 947 49.36 10.90 -53.66
N GLN Q 948 48.16 11.51 -53.70
CA GLN Q 948 47.85 12.58 -52.75
C GLN Q 948 47.86 12.06 -51.32
N TYR Q 949 47.13 10.97 -51.06
CA TYR Q 949 47.02 10.49 -49.70
C TYR Q 949 48.31 9.83 -49.20
N LEU Q 950 49.25 9.54 -50.10
CA LEU Q 950 50.59 9.16 -49.67
C LEU Q 950 51.47 10.37 -49.40
N TYR Q 951 51.31 11.44 -50.18
CA TYR Q 951 52.02 12.68 -49.90
C TYR Q 951 51.63 13.25 -48.55
N GLU Q 952 50.38 13.03 -48.13
CA GLU Q 952 49.98 13.49 -46.80
C GLU Q 952 50.77 12.81 -45.69
N CYS Q 953 51.43 11.69 -45.99
CA CYS Q 953 52.25 10.95 -45.04
C CYS Q 953 53.73 11.11 -45.31
N GLU Q 954 54.14 12.31 -45.72
CA GLU Q 954 55.52 12.53 -46.13
C GLU Q 954 56.44 12.84 -44.96
N GLU Q 955 55.97 13.62 -43.98
CA GLU Q 955 56.82 13.97 -42.86
C GLU Q 955 57.15 12.76 -41.99
N GLU Q 956 56.16 11.90 -41.76
CA GLU Q 956 56.42 10.69 -40.97
C GLU Q 956 57.31 9.72 -41.71
N ARG Q 957 57.14 9.61 -43.02
CA ARG Q 957 58.06 8.81 -43.84
C ARG Q 957 59.47 9.36 -43.75
N PHE Q 958 59.63 10.68 -43.80
CA PHE Q 958 60.95 11.28 -43.70
C PHE Q 958 61.56 11.03 -42.33
N VAL Q 959 60.77 11.13 -41.27
CA VAL Q 959 61.28 10.87 -39.93
C VAL Q 959 61.71 9.41 -39.79
N PHE Q 960 60.92 8.49 -40.34
CA PHE Q 960 61.30 7.08 -40.31
C PHE Q 960 62.61 6.85 -41.07
N LYS Q 961 62.75 7.44 -42.25
CA LYS Q 961 63.98 7.27 -43.02
C LYS Q 961 65.18 7.89 -42.30
N ALA Q 962 64.99 9.03 -41.66
CA ALA Q 962 66.08 9.65 -40.90
C ALA Q 962 66.48 8.78 -39.73
N CYS Q 963 65.51 8.19 -39.03
CA CYS Q 963 65.82 7.28 -37.93
C CYS Q 963 66.58 6.06 -38.44
N LEU Q 964 66.15 5.50 -39.58
CA LEU Q 964 66.86 4.36 -40.15
C LEU Q 964 68.29 4.73 -40.52
N ARG Q 965 68.49 5.90 -41.12
CA ARG Q 965 69.84 6.30 -41.51
C ARG Q 965 70.72 6.52 -40.29
N LYS Q 966 70.19 7.13 -39.24
CA LYS Q 966 70.97 7.33 -38.03
C LYS Q 966 71.33 6.00 -37.38
N VAL Q 967 70.40 5.05 -37.37
CA VAL Q 967 70.69 3.72 -36.82
C VAL Q 967 71.77 3.04 -37.66
N ILE Q 968 71.69 3.18 -38.98
CA ILE Q 968 72.73 2.62 -39.85
C ILE Q 968 74.07 3.25 -39.54
N SER Q 969 74.09 4.54 -39.22
CA SER Q 969 75.34 5.22 -38.91
C SER Q 969 75.97 4.75 -37.61
N LEU Q 970 75.24 4.00 -36.79
CA LEU Q 970 75.77 3.54 -35.51
C LEU Q 970 76.65 2.31 -35.73
N LYS Q 971 77.90 2.38 -35.29
CA LYS Q 971 78.86 1.30 -35.46
C LYS Q 971 79.35 0.85 -34.08
N LYS Q 972 79.62 -0.45 -33.98
CA LYS Q 972 80.17 -1.01 -32.75
C LYS Q 972 81.64 -0.66 -32.65
N THR Q 973 82.01 0.04 -31.58
CA THR Q 973 83.38 0.50 -31.37
C THR Q 973 83.99 -0.23 -30.18
N ASP Q 974 85.25 0.11 -29.89
CA ASP Q 974 86.00 -0.54 -28.83
C ASP Q 974 85.69 0.00 -27.45
N LYS Q 975 84.97 1.11 -27.35
CA LYS Q 975 84.62 1.69 -26.06
C LYS Q 975 83.35 1.08 -25.47
N HIS Q 976 82.70 0.16 -26.18
CA HIS Q 976 81.49 -0.49 -25.68
C HIS Q 976 81.88 -1.68 -24.79
N THR Q 977 82.37 -1.35 -23.61
CA THR Q 977 82.78 -2.37 -22.65
C THR Q 977 81.59 -3.16 -22.10
N SER Q 978 80.38 -2.62 -22.21
CA SER Q 978 79.17 -3.29 -21.73
C SER Q 978 78.47 -4.09 -22.80
N TRP Q 979 79.19 -4.50 -23.86
CA TRP Q 979 78.55 -5.23 -24.94
C TRP Q 979 78.18 -6.65 -24.52
N ASP Q 980 79.05 -7.30 -23.73
CA ASP Q 980 78.80 -8.68 -23.34
C ASP Q 980 77.71 -8.81 -22.30
N THR Q 981 77.34 -7.72 -21.63
CA THR Q 981 76.28 -7.72 -20.63
C THR Q 981 75.20 -6.70 -21.00
N ALA Q 982 74.93 -6.57 -22.29
CA ALA Q 982 73.95 -5.59 -22.77
C ALA Q 982 72.51 -6.02 -22.53
N GLU Q 983 72.28 -7.29 -22.14
CA GLU Q 983 70.93 -7.76 -21.88
C GLU Q 983 70.32 -7.03 -20.68
N VAL Q 984 71.11 -6.80 -19.64
CA VAL Q 984 70.61 -6.13 -18.45
C VAL Q 984 70.12 -4.72 -18.80
N ALA Q 985 70.92 -3.98 -19.58
CA ALA Q 985 70.50 -2.66 -20.02
C ALA Q 985 69.31 -2.75 -20.97
N ASN Q 986 69.23 -3.82 -21.77
CA ASN Q 986 68.07 -4.03 -22.62
C ASN Q 986 66.84 -4.44 -21.84
N LEU Q 987 66.97 -4.68 -20.53
CA LEU Q 987 65.84 -4.95 -19.64
C LEU Q 987 65.20 -6.30 -19.94
N GLN Q 988 66.04 -7.32 -20.05
CA GLN Q 988 65.56 -8.67 -20.27
C GLN Q 988 65.32 -9.45 -18.98
N LEU Q 989 65.68 -8.90 -17.83
CA LEU Q 989 65.54 -9.57 -16.55
C LEU Q 989 64.23 -9.14 -15.90
N THR Q 990 63.35 -10.09 -15.62
CA THR Q 990 62.11 -9.81 -14.90
C THR Q 990 61.99 -10.71 -13.68
N MET R 1 83.98 -97.00 -26.47
CA MET R 1 83.77 -96.38 -25.17
C MET R 1 84.97 -96.60 -24.27
N PHE R 2 85.03 -95.82 -23.19
CA PHE R 2 86.02 -96.01 -22.14
C PHE R 2 85.44 -96.55 -20.85
N PHE R 3 84.13 -96.43 -20.67
CA PHE R 3 83.41 -97.08 -19.58
C PHE R 3 81.94 -97.18 -19.99
N GLU R 4 81.07 -97.46 -19.02
CA GLU R 4 79.67 -97.77 -19.35
C GLU R 4 78.97 -96.63 -20.07
N LEU R 5 79.45 -95.40 -19.96
CA LEU R 5 78.86 -94.25 -20.60
C LEU R 5 79.78 -93.73 -21.71
N GLU R 6 79.17 -93.36 -22.83
CA GLU R 6 79.89 -92.70 -23.92
C GLU R 6 79.36 -91.28 -24.05
N ASP R 7 80.26 -90.29 -23.97
CA ASP R 7 79.89 -88.90 -24.19
C ASP R 7 79.87 -88.66 -25.69
N ILE R 8 78.69 -88.77 -26.29
CA ILE R 8 78.56 -88.69 -27.73
C ILE R 8 78.59 -87.23 -28.17
N LYS R 9 79.78 -86.74 -28.52
CA LYS R 9 79.89 -85.41 -29.07
C LYS R 9 79.35 -85.40 -30.50
N ARG R 10 78.63 -84.33 -30.85
CA ARG R 10 77.98 -84.24 -32.14
C ARG R 10 78.34 -82.92 -32.80
N ARG R 11 78.23 -82.90 -34.13
CA ARG R 11 78.45 -81.70 -34.92
C ARG R 11 77.11 -81.12 -35.33
N HIS R 12 77.02 -79.79 -35.33
CA HIS R 12 75.80 -79.09 -35.67
C HIS R 12 76.08 -77.98 -36.67
N SER R 13 75.13 -77.75 -37.56
CA SER R 13 75.23 -76.64 -38.49
C SER R 13 75.02 -75.32 -37.74
N LEU R 14 75.47 -74.24 -38.38
CA LEU R 14 75.49 -72.94 -37.73
C LEU R 14 74.09 -72.38 -37.55
N TYR R 15 73.96 -71.47 -36.58
CA TYR R 15 72.77 -70.66 -36.40
C TYR R 15 73.20 -69.25 -36.03
N TRP R 16 72.30 -68.30 -36.25
CA TRP R 16 72.53 -66.93 -35.83
C TRP R 16 71.17 -66.26 -35.61
N ASP R 17 71.20 -65.13 -34.90
CA ASP R 17 69.99 -64.41 -34.56
C ASP R 17 70.17 -62.93 -34.90
N ILE R 18 69.12 -62.15 -34.64
CA ILE R 18 69.16 -60.72 -34.97
C ILE R 18 70.08 -59.97 -34.03
N TYR R 19 70.08 -60.32 -32.74
CA TYR R 19 70.88 -59.63 -31.74
C TYR R 19 71.90 -60.57 -31.14
N ASN R 20 73.01 -60.01 -30.69
CA ASN R 20 74.12 -60.79 -30.16
C ASN R 20 74.60 -60.35 -28.79
N VAL R 21 73.99 -59.34 -28.16
CA VAL R 21 74.66 -58.64 -27.06
C VAL R 21 73.85 -58.57 -25.77
N GLN R 22 72.97 -59.55 -25.52
CA GLN R 22 72.29 -59.54 -24.23
C GLN R 22 72.14 -60.94 -23.64
N GLY R 23 72.90 -61.91 -24.12
CA GLY R 23 72.87 -63.24 -23.55
C GLY R 23 74.16 -63.57 -22.83
N TRP R 24 74.59 -64.82 -22.94
CA TRP R 24 75.87 -65.24 -22.36
C TRP R 24 76.97 -65.02 -23.39
N VAL R 25 77.89 -64.11 -23.08
CA VAL R 25 79.10 -63.89 -23.88
C VAL R 25 80.26 -63.83 -22.91
N ARG R 26 81.07 -64.88 -22.88
CA ARG R 26 82.18 -64.97 -21.93
C ARG R 26 83.19 -63.85 -22.20
N ARG R 27 83.60 -63.16 -21.13
CA ARG R 27 84.50 -62.03 -21.26
C ARG R 27 85.93 -62.47 -21.48
N PRO R 28 86.72 -61.68 -22.19
CA PRO R 28 88.12 -62.06 -22.46
C PRO R 28 88.98 -62.18 -21.22
N ASP R 29 88.63 -61.51 -20.13
CA ASP R 29 89.41 -61.54 -18.91
C ASP R 29 88.94 -62.60 -17.92
N SER R 30 88.08 -63.52 -18.35
CA SER R 30 87.52 -64.55 -17.48
C SER R 30 88.34 -65.84 -17.50
N THR R 31 89.63 -65.76 -17.77
CA THR R 31 90.48 -66.94 -17.69
C THR R 31 90.65 -67.37 -16.24
N LEU R 32 91.01 -68.65 -16.07
CA LEU R 32 91.15 -69.20 -14.72
C LEU R 32 92.22 -68.46 -13.93
N TYR R 33 93.36 -68.19 -14.56
CA TYR R 33 94.46 -67.53 -13.86
C TYR R 33 94.06 -66.14 -13.38
N ASN R 34 93.43 -65.36 -14.26
CA ASN R 34 93.07 -63.99 -13.90
C ASN R 34 92.02 -63.96 -12.80
N ASN R 35 90.98 -64.80 -12.92
CA ASN R 35 89.96 -64.86 -11.88
C ASN R 35 90.55 -65.27 -10.55
N VAL R 36 91.40 -66.31 -10.56
CA VAL R 36 92.02 -66.77 -9.32
C VAL R 36 92.86 -65.66 -8.70
N LYS R 37 93.67 -64.98 -9.51
CA LYS R 37 94.54 -63.93 -8.98
C LYS R 37 93.73 -62.80 -8.37
N ARG R 38 92.70 -62.32 -9.08
CA ARG R 38 91.92 -61.21 -8.57
C ARG R 38 91.15 -61.59 -7.31
N GLY R 39 90.52 -62.77 -7.33
CA GLY R 39 89.78 -63.20 -6.16
C GLY R 39 90.67 -63.41 -4.96
N VAL R 40 91.85 -63.99 -5.16
CA VAL R 40 92.78 -64.21 -4.06
C VAL R 40 93.26 -62.88 -3.49
N THR R 41 93.58 -61.91 -4.35
CA THR R 41 94.02 -60.61 -3.87
C THR R 41 92.95 -59.95 -3.01
N ALA R 42 91.73 -59.84 -3.55
CA ALA R 42 90.65 -59.21 -2.80
C ALA R 42 90.37 -59.96 -1.51
N GLY R 43 90.35 -61.30 -1.57
CA GLY R 43 90.05 -62.08 -0.39
C GLY R 43 91.09 -61.94 0.70
N VAL R 44 92.38 -61.96 0.34
CA VAL R 44 93.40 -61.87 1.37
C VAL R 44 93.40 -60.49 2.00
N VAL R 45 93.18 -59.43 1.21
CA VAL R 45 93.15 -58.10 1.81
C VAL R 45 91.97 -57.97 2.76
N ALA R 46 90.78 -58.38 2.30
CA ALA R 46 89.59 -58.26 3.14
C ALA R 46 89.71 -59.12 4.40
N SER R 47 90.26 -60.33 4.26
CA SER R 47 90.40 -61.22 5.41
C SER R 47 91.42 -60.69 6.40
N LEU R 48 92.53 -60.13 5.91
CA LEU R 48 93.51 -59.56 6.84
C LEU R 48 92.89 -58.42 7.64
N VAL R 49 92.16 -57.54 6.96
CA VAL R 49 91.54 -56.43 7.70
C VAL R 49 90.51 -56.96 8.69
N GLN R 50 89.69 -57.93 8.27
CA GLN R 50 88.65 -58.48 9.14
C GLN R 50 89.26 -59.15 10.37
N GLU R 51 90.34 -59.91 10.19
CA GLU R 51 90.93 -60.61 11.33
C GLU R 51 91.66 -59.66 12.26
N ASN R 52 92.29 -58.62 11.73
CA ASN R 52 92.84 -57.59 12.61
C ASN R 52 91.74 -56.90 13.41
N ILE R 53 90.60 -56.63 12.76
CA ILE R 53 89.46 -56.05 13.47
C ILE R 53 89.00 -56.97 14.59
N THR R 54 88.87 -58.26 14.28
CA THR R 54 88.40 -59.21 15.28
C THR R 54 89.37 -59.31 16.46
N ALA R 55 90.67 -59.40 16.17
CA ALA R 55 91.66 -59.49 17.24
C ALA R 55 91.62 -58.24 18.12
N LEU R 56 91.55 -57.06 17.50
CA LEU R 56 91.51 -55.82 18.28
C LEU R 56 90.25 -55.76 19.13
N VAL R 57 89.10 -56.10 18.57
CA VAL R 57 87.85 -56.02 19.32
C VAL R 57 87.87 -56.97 20.50
N GLU R 58 88.33 -58.21 20.27
CA GLU R 58 88.28 -59.20 21.33
C GLU R 58 89.34 -58.94 22.40
N ASN R 59 90.48 -58.36 22.03
CA ASN R 59 91.46 -58.00 23.05
C ASN R 59 91.07 -56.74 23.80
N CYS R 60 90.29 -55.86 23.18
CA CYS R 60 89.70 -54.75 23.94
C CYS R 60 88.67 -55.25 24.93
N LYS R 61 87.84 -56.20 24.52
CA LYS R 61 86.89 -56.81 25.45
C LYS R 61 87.61 -57.58 26.55
N LEU R 62 88.74 -58.21 26.22
CA LEU R 62 89.52 -58.92 27.23
C LEU R 62 90.09 -57.96 28.27
N LEU R 63 90.57 -56.79 27.83
CA LEU R 63 91.11 -55.82 28.78
C LEU R 63 90.00 -55.13 29.57
N ALA R 64 88.83 -54.95 28.96
CA ALA R 64 87.75 -54.25 29.63
C ALA R 64 87.12 -55.07 30.75
N THR R 65 87.31 -56.38 30.76
CA THR R 65 86.79 -57.20 31.84
C THR R 65 87.64 -57.13 33.10
N LYS R 66 88.84 -56.55 33.01
CA LYS R 66 89.72 -56.39 34.15
C LYS R 66 90.00 -54.94 34.49
N TYR R 67 89.71 -53.99 33.60
CA TYR R 67 89.85 -52.57 33.85
C TYR R 67 88.58 -51.86 33.39
N GLU R 68 88.28 -50.74 34.05
CA GLU R 68 87.07 -49.99 33.74
C GLU R 68 87.14 -49.41 32.34
N LYS R 69 86.01 -49.40 31.65
CA LYS R 69 85.94 -48.79 30.33
C LYS R 69 86.24 -47.30 30.43
N PRO R 70 86.87 -46.72 29.42
CA PRO R 70 87.27 -45.31 29.51
C PRO R 70 86.08 -44.38 29.59
N GLN R 71 86.27 -43.27 30.29
CA GLN R 71 85.20 -42.28 30.45
C GLN R 71 85.24 -41.21 29.37
N ASN R 72 86.43 -40.74 28.99
CA ASN R 72 86.57 -39.70 27.99
C ASN R 72 87.49 -40.14 26.87
N LEU R 73 87.86 -39.23 25.98
CA LEU R 73 88.64 -39.60 24.81
C LEU R 73 90.10 -39.88 25.15
N ARG R 74 90.66 -39.13 26.10
CA ARG R 74 92.04 -39.39 26.52
C ARG R 74 92.17 -40.76 27.17
N GLN R 75 91.21 -41.11 28.03
CA GLN R 75 91.21 -42.45 28.61
C GLN R 75 91.00 -43.52 27.55
N ALA R 76 90.21 -43.21 26.52
CA ALA R 76 90.03 -44.16 25.42
C ALA R 76 91.33 -44.39 24.68
N ALA R 77 92.09 -43.32 24.43
CA ALA R 77 93.39 -43.47 23.78
C ALA R 77 94.35 -44.28 24.64
N THR R 78 94.36 -44.01 25.95
CA THR R 78 95.22 -44.80 26.84
C THR R 78 94.82 -46.27 26.84
N PHE R 79 93.51 -46.54 26.86
CA PHE R 79 93.00 -47.90 26.83
C PHE R 79 93.43 -48.61 25.56
N MET R 80 93.32 -47.92 24.41
CA MET R 80 93.73 -48.51 23.15
C MET R 80 95.23 -48.77 23.11
N LYS R 81 96.03 -47.85 23.66
CA LYS R 81 97.47 -48.06 23.72
C LYS R 81 97.81 -49.30 24.55
N GLU R 82 97.13 -49.46 25.69
CA GLU R 82 97.38 -50.64 26.52
C GLU R 82 96.89 -51.91 25.84
N VAL R 83 95.83 -51.83 25.05
CA VAL R 83 95.37 -52.99 24.27
C VAL R 83 96.45 -53.39 23.26
N PHE R 84 96.99 -52.40 22.55
CA PHE R 84 98.08 -52.70 21.61
C PHE R 84 99.30 -53.25 22.32
N LYS R 85 99.55 -52.81 23.55
CA LYS R 85 100.72 -53.29 24.30
C LYS R 85 100.56 -54.74 24.75
N LEU R 86 99.35 -55.29 24.72
CA LEU R 86 99.11 -56.61 25.28
C LEU R 86 99.92 -57.67 24.54
N GLU R 87 100.50 -58.59 25.32
CA GLU R 87 101.15 -59.75 24.73
C GLU R 87 100.13 -60.64 24.01
N ASN R 88 98.93 -60.76 24.59
CA ASN R 88 97.89 -61.59 23.99
C ASN R 88 97.44 -61.02 22.65
N TYR R 89 97.58 -59.72 22.44
CA TYR R 89 97.11 -59.11 21.20
C TYR R 89 98.04 -59.37 20.03
N ARG R 90 99.35 -59.35 20.27
CA ARG R 90 100.32 -59.49 19.17
C ARG R 90 100.29 -60.90 18.59
N LYS R 91 100.28 -61.92 19.46
CA LYS R 91 100.18 -63.29 18.98
C LYS R 91 98.86 -63.53 18.27
N ALA R 92 97.78 -62.92 18.77
CA ALA R 92 96.49 -63.03 18.10
C ALA R 92 96.57 -62.41 16.71
N VAL R 93 97.22 -61.25 16.58
CA VAL R 93 97.36 -60.62 15.27
C VAL R 93 98.11 -61.53 14.33
N TRP R 94 99.21 -62.13 14.80
CA TRP R 94 100.03 -62.99 13.93
C TRP R 94 99.23 -64.21 13.48
N ASN R 95 98.61 -64.93 14.42
CA ASN R 95 97.94 -66.17 14.07
C ASN R 95 96.68 -65.92 13.25
N ARG R 96 95.91 -64.88 13.58
CA ARG R 96 94.74 -64.56 12.78
C ARG R 96 95.12 -63.98 11.43
N SER R 97 96.32 -63.40 11.28
CA SER R 97 96.79 -63.03 9.95
C SER R 97 97.08 -64.27 9.11
N GLN R 98 97.70 -65.29 9.72
CA GLN R 98 97.89 -66.54 9.00
C GLN R 98 96.55 -67.15 8.61
N TYR R 99 95.58 -67.13 9.53
CA TYR R 99 94.26 -67.64 9.23
C TYR R 99 93.59 -66.84 8.12
N ALA R 100 93.79 -65.51 8.11
CA ALA R 100 93.23 -64.67 7.08
C ALA R 100 93.84 -64.99 5.72
N LEU R 101 95.14 -65.23 5.67
CA LEU R 101 95.76 -65.63 4.41
C LEU R 101 95.17 -66.95 3.92
N CYS R 102 95.01 -67.92 4.84
CA CYS R 102 94.47 -69.22 4.43
C CYS R 102 93.04 -69.10 3.92
N ILE R 103 92.20 -68.32 4.60
CA ILE R 103 90.80 -68.20 4.18
C ILE R 103 90.59 -67.21 3.05
N GLY R 104 91.59 -66.40 2.72
CA GLY R 104 91.47 -65.52 1.58
C GLY R 104 91.94 -66.19 0.31
N THR R 105 93.04 -66.95 0.40
CA THR R 105 93.54 -67.65 -0.77
C THR R 105 92.68 -68.85 -1.15
N PHE R 106 91.87 -69.38 -0.23
CA PHE R 106 91.16 -70.63 -0.47
C PHE R 106 89.66 -70.58 -0.23
N ASP R 107 89.14 -69.60 0.50
CA ASP R 107 87.70 -69.51 0.72
C ASP R 107 87.09 -68.28 0.05
N ILE R 108 87.52 -67.09 0.43
CA ILE R 108 86.97 -65.89 -0.20
C ILE R 108 87.47 -65.77 -1.64
N GLY R 109 88.76 -66.07 -1.86
CA GLY R 109 89.27 -66.08 -3.21
C GLY R 109 88.57 -67.10 -4.09
N ALA R 110 88.32 -68.29 -3.53
CA ALA R 110 87.60 -69.30 -4.29
C ALA R 110 86.17 -68.88 -4.59
N ARG R 111 85.49 -68.25 -3.63
CA ARG R 111 84.14 -67.75 -3.87
C ARG R 111 84.14 -66.72 -4.99
N LEU R 112 85.07 -65.77 -4.94
CA LEU R 112 85.12 -64.74 -5.97
C LEU R 112 85.45 -65.33 -7.34
N ALA R 113 86.42 -66.25 -7.38
CA ALA R 113 86.79 -66.87 -8.64
C ALA R 113 85.64 -67.67 -9.23
N THR R 114 84.94 -68.45 -8.41
CA THR R 114 83.82 -69.23 -8.90
C THR R 114 82.67 -68.35 -9.38
N PHE R 115 82.38 -67.29 -8.62
CA PHE R 115 81.30 -66.38 -9.03
C PHE R 115 81.64 -65.70 -10.35
N ARG R 116 82.87 -65.21 -10.50
CA ARG R 116 83.25 -64.59 -11.76
C ARG R 116 83.24 -65.61 -12.90
N TRP R 117 83.74 -66.82 -12.65
CA TRP R 117 83.76 -67.84 -13.69
C TRP R 117 82.35 -68.16 -14.18
N LEU R 118 81.40 -68.25 -13.25
CA LEU R 118 80.04 -68.61 -13.62
C LEU R 118 79.23 -67.42 -14.13
N ASN R 119 79.56 -66.19 -13.70
CA ASN R 119 78.72 -65.03 -13.97
C ASN R 119 79.42 -63.94 -14.78
N ASN R 120 80.54 -64.25 -15.44
CA ASN R 120 81.22 -63.20 -16.20
C ASN R 120 80.47 -62.85 -17.48
N GLY R 121 79.83 -63.83 -18.12
CA GLY R 121 79.26 -63.63 -19.42
C GLY R 121 77.87 -63.03 -19.48
N TRP R 122 77.25 -62.73 -18.34
CA TRP R 122 75.91 -62.17 -18.35
C TRP R 122 76.00 -60.69 -18.70
N GLN R 123 75.68 -60.36 -19.95
CA GLN R 123 75.76 -58.98 -20.41
C GLN R 123 74.53 -58.19 -19.96
N ARG R 124 74.66 -56.88 -20.00
CA ARG R 124 73.62 -55.96 -19.55
C ARG R 124 73.07 -55.16 -20.72
N VAL R 125 71.85 -54.66 -20.53
CA VAL R 125 71.21 -53.83 -21.55
C VAL R 125 71.92 -52.49 -21.66
N PHE R 126 71.94 -51.93 -22.87
CA PHE R 126 72.74 -50.75 -23.17
C PHE R 126 72.35 -49.54 -22.35
N ALA R 127 71.14 -49.02 -22.56
CA ALA R 127 70.68 -47.83 -21.84
C ALA R 127 69.49 -48.15 -20.94
N GLY R 128 69.44 -49.37 -20.44
CA GLY R 128 68.42 -49.79 -19.50
C GLY R 128 69.05 -50.55 -18.35
N PHE R 129 68.32 -51.54 -17.86
CA PHE R 129 68.75 -52.36 -16.74
C PHE R 129 68.66 -53.82 -17.14
N GLU R 130 69.46 -54.66 -16.49
CA GLU R 130 69.44 -56.07 -16.82
C GLU R 130 68.14 -56.68 -16.32
N PHE R 131 67.13 -56.72 -17.19
CA PHE R 131 65.81 -57.15 -16.78
C PHE R 131 65.79 -58.63 -16.41
N ASN R 132 66.51 -59.47 -17.16
CA ASN R 132 66.53 -60.91 -16.91
C ASN R 132 67.67 -61.23 -15.95
N PHE R 133 67.44 -60.94 -14.68
CA PHE R 133 68.37 -61.31 -13.62
C PHE R 133 68.09 -62.70 -13.06
N VAL R 134 66.94 -63.28 -13.38
CA VAL R 134 66.59 -64.61 -12.87
C VAL R 134 67.60 -65.64 -13.35
N ARG R 135 68.17 -65.43 -14.55
CA ARG R 135 69.19 -66.34 -15.06
C ARG R 135 70.40 -66.40 -14.15
N LYS R 136 70.65 -65.37 -13.34
CA LYS R 136 71.75 -65.39 -12.39
C LYS R 136 71.43 -66.13 -11.11
N ILE R 137 70.14 -66.39 -10.84
CA ILE R 137 69.78 -67.07 -9.58
C ILE R 137 70.35 -68.48 -9.51
N PRO R 138 70.19 -69.36 -10.52
CA PRO R 138 70.82 -70.68 -10.44
C PRO R 138 72.33 -70.57 -10.45
N THR R 139 72.85 -69.81 -11.42
CA THR R 139 74.28 -69.64 -11.59
C THR R 139 74.96 -69.27 -10.27
N THR R 140 74.59 -68.12 -9.71
CA THR R 140 75.14 -67.71 -8.43
C THR R 140 74.97 -68.80 -7.38
N MET R 141 73.77 -69.39 -7.31
CA MET R 141 73.53 -70.46 -6.35
C MET R 141 74.58 -71.55 -6.49
N LEU R 142 74.82 -72.00 -7.71
CA LEU R 142 75.82 -73.04 -7.93
C LEU R 142 77.14 -72.65 -7.29
N ALA R 143 77.59 -71.42 -7.58
CA ALA R 143 78.85 -70.95 -7.03
C ALA R 143 78.87 -71.11 -5.52
N ALA R 144 77.81 -70.63 -4.86
CA ALA R 144 77.74 -70.73 -3.40
C ALA R 144 77.92 -72.17 -2.96
N LEU R 145 77.14 -73.07 -3.56
CA LEU R 145 77.27 -74.49 -3.21
C LEU R 145 78.70 -74.95 -3.44
N PHE R 146 79.24 -74.67 -4.62
CA PHE R 146 80.56 -75.19 -4.95
C PHE R 146 81.63 -74.62 -4.03
N THR R 147 81.36 -73.51 -3.36
CA THR R 147 82.32 -72.91 -2.46
C THR R 147 81.86 -72.92 -1.01
N ALA R 148 80.77 -73.62 -0.71
CA ALA R 148 80.29 -73.69 0.67
C ALA R 148 81.29 -74.35 1.61
N PRO R 149 81.85 -75.52 1.32
CA PRO R 149 82.75 -76.18 2.28
C PRO R 149 84.23 -75.81 2.17
N PHE R 150 84.58 -74.76 1.45
CA PHE R 150 85.99 -74.43 1.26
C PHE R 150 86.62 -73.77 2.49
N SER R 151 85.81 -73.22 3.40
CA SER R 151 86.32 -72.62 4.62
C SER R 151 86.25 -73.55 5.82
N VAL R 152 85.54 -74.68 5.69
CA VAL R 152 85.33 -75.54 6.84
C VAL R 152 86.62 -76.11 7.41
N PRO R 153 87.53 -76.71 6.61
CA PRO R 153 88.76 -77.23 7.20
C PRO R 153 89.59 -76.17 7.90
N PHE R 154 89.66 -74.96 7.34
CA PHE R 154 90.46 -73.91 7.95
C PHE R 154 89.82 -73.43 9.26
N GLU R 155 88.50 -73.26 9.27
CA GLU R 155 87.83 -72.86 10.50
C GLU R 155 87.99 -73.90 11.59
N LEU R 156 87.84 -75.17 11.25
CA LEU R 156 87.98 -76.21 12.25
C LEU R 156 89.44 -76.37 12.70
N ALA R 157 90.39 -76.10 11.81
CA ALA R 157 91.79 -76.09 12.21
C ALA R 157 92.07 -74.96 13.20
N ARG R 158 91.48 -73.78 12.97
CA ARG R 158 91.62 -72.69 13.93
C ARG R 158 91.01 -73.05 15.28
N MET R 159 89.82 -73.66 15.25
CA MET R 159 89.18 -74.08 16.49
C MET R 159 90.06 -75.08 17.24
N ALA R 160 90.61 -76.06 16.53
CA ALA R 160 91.48 -77.06 17.16
C ALA R 160 92.75 -76.41 17.70
N TYR R 161 93.30 -75.43 16.98
CA TYR R 161 94.49 -74.75 17.45
C TYR R 161 94.24 -74.05 18.78
N TYR R 162 93.14 -73.31 18.89
CA TYR R 162 92.86 -72.63 20.14
C TYR R 162 92.50 -73.61 21.25
N GLY R 163 91.74 -74.66 20.93
CA GLY R 163 91.44 -75.68 21.92
C GLY R 163 92.69 -76.35 22.45
N ASP R 164 93.68 -76.57 21.58
CA ASP R 164 94.97 -77.04 22.05
C ASP R 164 95.63 -76.02 22.96
N LYS R 165 95.53 -74.74 22.60
CA LYS R 165 96.15 -73.70 23.41
C LYS R 165 95.57 -73.67 24.83
N THR R 166 94.32 -74.09 25.01
CA THR R 166 93.64 -73.92 26.28
C THR R 166 93.66 -75.15 27.18
N PHE R 167 94.45 -76.17 26.87
CA PHE R 167 94.51 -77.40 27.66
C PHE R 167 95.77 -77.43 28.52
N PRO R 168 95.84 -78.33 29.50
CA PRO R 168 97.06 -78.46 30.31
C PRO R 168 98.27 -78.85 29.47
N LYS R 169 99.44 -78.74 30.09
CA LYS R 169 100.70 -78.93 29.38
C LYS R 169 100.82 -80.36 28.86
N GLU R 170 100.43 -81.35 29.69
CA GLU R 170 100.56 -82.74 29.28
C GLU R 170 99.59 -83.12 28.16
N LEU R 171 98.52 -82.36 27.98
CA LEU R 171 97.50 -82.65 26.97
C LEU R 171 97.52 -81.60 25.85
N GLN R 172 98.71 -81.16 25.46
CA GLN R 172 98.87 -80.17 24.42
C GLN R 172 99.65 -80.75 23.25
N ARG R 173 99.25 -80.38 22.03
CA ARG R 173 99.96 -80.76 20.82
C ARG R 173 101.19 -79.90 20.57
N GLY R 174 101.33 -78.78 21.27
CA GLY R 174 102.45 -77.89 21.03
C GLY R 174 102.42 -77.22 19.67
N TYR R 175 101.25 -76.74 19.24
CA TYR R 175 101.14 -76.04 17.97
C TYR R 175 101.87 -74.70 18.04
N SER R 176 102.90 -74.54 17.20
CA SER R 176 103.67 -73.30 17.23
C SER R 176 102.87 -72.14 16.64
N SER R 177 102.04 -72.40 15.64
CA SER R 177 101.26 -71.35 14.99
C SER R 177 100.03 -72.00 14.37
N TYR R 178 99.24 -71.17 13.67
CA TYR R 178 98.06 -71.68 13.00
C TYR R 178 98.43 -72.57 11.82
N LEU R 179 99.46 -72.19 11.06
CA LEU R 179 99.87 -72.99 9.91
C LEU R 179 100.39 -74.36 10.36
N SER R 180 101.10 -74.40 11.49
CA SER R 180 101.57 -75.68 12.02
C SER R 180 100.40 -76.58 12.36
N ALA R 181 99.37 -76.02 13.02
CA ALA R 181 98.19 -76.81 13.34
C ALA R 181 97.49 -77.29 12.07
N LEU R 182 97.34 -76.42 11.08
CA LEU R 182 96.67 -76.79 9.85
C LEU R 182 97.42 -77.90 9.12
N ALA R 183 98.75 -77.85 9.14
CA ALA R 183 99.55 -78.88 8.49
C ALA R 183 99.59 -80.18 9.28
N ARG R 184 99.45 -80.11 10.61
CA ARG R 184 99.60 -81.31 11.44
C ARG R 184 98.30 -82.04 11.70
N ILE R 185 97.16 -81.35 11.70
CA ILE R 185 95.89 -82.00 12.06
C ILE R 185 95.55 -83.16 11.12
N PRO R 186 95.59 -83.00 9.79
CA PRO R 186 95.15 -84.12 8.92
C PRO R 186 96.00 -85.36 9.06
N PHE R 187 97.22 -85.26 9.55
CA PHE R 187 98.09 -86.42 9.75
C PHE R 187 98.10 -86.93 11.18
N GLU R 188 97.34 -86.30 12.08
CA GLU R 188 97.23 -86.76 13.46
C GLU R 188 95.81 -87.18 13.82
N GLU R 189 94.82 -86.33 13.59
CA GLU R 189 93.43 -86.67 13.83
C GLU R 189 92.67 -87.04 12.56
N GLY R 190 93.33 -87.01 11.41
CA GLY R 190 92.71 -87.41 10.17
C GLY R 190 92.04 -86.25 9.45
N PRO R 191 91.85 -86.41 8.14
CA PRO R 191 91.16 -85.36 7.38
C PRO R 191 89.75 -85.08 7.83
N TYR R 192 89.02 -86.10 8.30
CA TYR R 192 87.65 -85.91 8.72
C TYR R 192 87.52 -85.09 9.99
N PHE R 193 88.61 -84.91 10.74
CA PHE R 193 88.58 -84.03 11.91
C PHE R 193 88.31 -82.58 11.52
N LEU R 194 88.51 -82.24 10.25
CA LEU R 194 88.29 -80.90 9.74
C LEU R 194 86.97 -80.76 8.99
N PHE R 195 86.14 -81.81 8.97
CA PHE R 195 84.88 -81.77 8.26
C PHE R 195 83.70 -82.33 9.04
N LYS R 196 83.92 -82.96 10.19
CA LYS R 196 82.85 -83.68 10.88
C LYS R 196 81.84 -82.70 11.46
N ASN R 197 80.56 -82.95 11.18
CA ASN R 197 79.45 -82.15 11.72
C ASN R 197 79.64 -80.67 11.45
N SER R 198 79.84 -80.33 10.18
CA SER R 198 80.12 -78.96 9.76
C SER R 198 78.96 -78.34 9.00
N PHE R 199 77.75 -78.87 9.18
CA PHE R 199 76.58 -78.27 8.52
C PHE R 199 76.38 -76.80 8.85
N PRO R 200 76.51 -76.35 10.10
CA PRO R 200 76.35 -74.90 10.34
C PRO R 200 77.29 -74.06 9.52
N LEU R 201 78.58 -74.41 9.48
CA LEU R 201 79.55 -73.65 8.71
C LEU R 201 79.22 -73.70 7.22
N ILE R 202 78.84 -74.88 6.71
CA ILE R 202 78.58 -75.02 5.28
C ILE R 202 77.38 -74.17 4.87
N ILE R 203 76.28 -74.27 5.61
CA ILE R 203 75.09 -73.52 5.22
C ILE R 203 75.27 -72.02 5.47
N ARG R 204 76.04 -71.64 6.50
CA ARG R 204 76.34 -70.23 6.72
C ARG R 204 77.17 -69.68 5.56
N ASN R 205 78.17 -70.42 5.10
CA ASN R 205 78.94 -69.99 3.94
C ASN R 205 78.06 -69.89 2.71
N PHE R 206 77.16 -70.86 2.51
CA PHE R 206 76.26 -70.80 1.37
C PHE R 206 75.43 -69.52 1.39
N PHE R 207 74.82 -69.20 2.53
CA PHE R 207 73.96 -68.03 2.58
C PHE R 207 74.76 -66.75 2.49
N GLN R 208 75.94 -66.69 3.14
CA GLN R 208 76.81 -65.54 2.97
C GLN R 208 77.12 -65.29 1.50
N THR R 209 77.61 -66.32 0.80
CA THR R 209 78.01 -66.15 -0.58
C THR R 209 76.83 -65.73 -1.45
N PHE R 210 75.73 -66.49 -1.38
CA PHE R 210 74.61 -66.21 -2.27
C PHE R 210 74.02 -64.84 -1.99
N THR R 211 73.68 -64.56 -0.73
CA THR R 211 73.06 -63.28 -0.42
C THR R 211 73.98 -62.12 -0.78
N LEU R 212 75.24 -62.17 -0.33
CA LEU R 212 76.17 -61.09 -0.61
C LEU R 212 76.30 -60.82 -2.10
N PHE R 213 76.72 -61.84 -2.86
CA PHE R 213 77.02 -61.61 -4.27
C PHE R 213 75.77 -61.26 -5.07
N TYR R 214 74.68 -62.03 -4.88
CA TYR R 214 73.48 -61.76 -5.64
C TYR R 214 72.91 -60.39 -5.32
N THR R 215 72.80 -60.05 -4.04
CA THR R 215 72.25 -58.75 -3.65
C THR R 215 73.12 -57.62 -4.18
N TYR R 216 74.44 -57.75 -4.07
CA TYR R 216 75.31 -56.67 -4.53
C TYR R 216 75.19 -56.46 -6.03
N ASP R 217 75.26 -57.55 -6.81
CA ASP R 217 75.17 -57.39 -8.26
C ASP R 217 73.82 -56.83 -8.66
N PHE R 218 72.74 -57.37 -8.07
CA PHE R 218 71.40 -56.90 -8.39
C PHE R 218 71.26 -55.41 -8.08
N LEU R 219 71.61 -55.00 -6.86
CA LEU R 219 71.43 -53.59 -6.50
C LEU R 219 72.34 -52.69 -7.32
N LYS R 220 73.59 -53.09 -7.55
CA LYS R 220 74.49 -52.26 -8.33
C LYS R 220 74.07 -52.14 -9.78
N ASP R 221 73.19 -53.03 -10.25
CA ASP R 221 72.59 -52.81 -11.56
C ASP R 221 71.23 -52.13 -11.49
N LYS R 222 70.35 -52.58 -10.60
CA LYS R 222 68.98 -52.05 -10.58
C LYS R 222 68.90 -50.67 -9.96
N ALA R 223 69.75 -50.36 -8.98
CA ALA R 223 69.80 -49.04 -8.39
C ALA R 223 70.76 -48.12 -9.13
N SER R 224 71.08 -48.43 -10.39
CA SER R 224 72.00 -47.61 -11.16
C SER R 224 71.37 -46.31 -11.63
N PHE R 225 70.03 -46.21 -11.64
CA PHE R 225 69.40 -44.94 -11.95
C PHE R 225 69.75 -43.88 -10.92
N ALA R 226 70.17 -44.29 -9.72
CA ALA R 226 70.52 -43.35 -8.66
C ALA R 226 71.71 -42.49 -9.03
N TRP R 227 72.55 -42.92 -9.97
CA TRP R 227 73.69 -42.11 -10.39
C TRP R 227 73.79 -42.00 -11.91
N ARG R 228 72.80 -42.48 -12.66
CA ARG R 228 72.74 -42.33 -14.10
C ARG R 228 71.67 -41.36 -14.56
N VAL R 229 70.47 -41.45 -14.00
CA VAL R 229 69.38 -40.53 -14.34
C VAL R 229 69.49 -39.28 -13.48
N GLY R 230 69.38 -39.44 -12.17
CA GLY R 230 69.62 -38.35 -11.25
C GLY R 230 71.03 -38.39 -10.72
N GLU R 231 71.88 -37.48 -11.18
CA GLU R 231 73.32 -37.58 -10.95
C GLU R 231 73.67 -37.52 -9.47
N GLN R 232 74.12 -38.65 -8.91
CA GLN R 232 74.66 -38.72 -7.56
C GLN R 232 76.11 -39.19 -7.64
N ASN R 233 76.72 -39.37 -6.46
CA ASN R 233 78.16 -39.59 -6.40
C ASN R 233 78.56 -40.93 -7.01
N GLU R 234 77.70 -41.95 -6.88
CA GLU R 234 77.90 -43.32 -7.33
C GLU R 234 78.90 -44.05 -6.45
N TYR R 235 79.70 -43.32 -5.69
CA TYR R 235 80.60 -43.97 -4.75
C TYR R 235 79.93 -44.11 -3.38
N ALA R 236 79.26 -43.06 -2.93
CA ALA R 236 78.39 -43.19 -1.77
C ALA R 236 77.28 -44.20 -2.06
N CYS R 237 76.75 -44.20 -3.28
CA CYS R 237 75.73 -45.17 -3.65
C CYS R 237 76.28 -46.59 -3.64
N LYS R 238 77.48 -46.79 -4.19
CA LYS R 238 78.08 -48.12 -4.13
C LYS R 238 78.34 -48.56 -2.70
N MET R 239 78.80 -47.65 -1.84
CA MET R 239 79.03 -48.02 -0.45
C MET R 239 77.73 -48.37 0.26
N ILE R 240 76.67 -47.62 0.00
CA ILE R 240 75.37 -47.91 0.60
C ILE R 240 74.87 -49.28 0.13
N ILE R 241 75.01 -49.56 -1.16
CA ILE R 241 74.59 -50.85 -1.70
C ILE R 241 75.39 -51.99 -1.06
N ALA R 242 76.70 -51.80 -0.93
CA ALA R 242 77.54 -52.82 -0.30
C ALA R 242 77.15 -53.03 1.15
N GLY R 243 76.84 -51.95 1.88
CA GLY R 243 76.40 -52.10 3.25
C GLY R 243 75.08 -52.83 3.38
N ILE R 244 74.13 -52.53 2.48
CA ILE R 244 72.85 -53.22 2.50
C ILE R 244 73.05 -54.71 2.22
N SER R 245 73.87 -55.02 1.22
CA SER R 245 74.13 -56.42 0.88
C SER R 245 74.80 -57.15 2.03
N THR R 246 75.77 -56.49 2.68
CA THR R 246 76.46 -57.11 3.80
C THR R 246 75.52 -57.35 4.97
N TYR R 247 74.66 -56.38 5.27
CA TYR R 247 73.71 -56.57 6.36
C TYR R 247 72.75 -57.72 6.05
N LEU R 248 72.26 -57.81 4.81
CA LEU R 248 71.37 -58.91 4.45
C LEU R 248 72.08 -60.25 4.53
N ALA R 249 73.34 -60.32 4.08
CA ALA R 249 74.08 -61.57 4.19
C ALA R 249 74.29 -61.98 5.63
N ALA R 250 74.65 -61.02 6.49
CA ALA R 250 74.83 -61.33 7.91
C ALA R 250 73.53 -61.76 8.55
N VAL R 251 72.42 -61.13 8.19
CA VAL R 251 71.13 -61.51 8.75
C VAL R 251 70.74 -62.92 8.31
N PHE R 252 70.93 -63.24 7.03
CA PHE R 252 70.53 -64.55 6.53
C PHE R 252 71.51 -65.65 6.86
N SER R 253 72.70 -65.31 7.36
CA SER R 253 73.69 -66.32 7.70
C SER R 253 73.79 -66.62 9.19
N TYR R 254 73.41 -65.68 10.04
CA TYR R 254 73.58 -65.88 11.49
C TYR R 254 72.75 -67.02 12.06
N PRO R 255 71.44 -67.15 11.77
CA PRO R 255 70.63 -68.13 12.50
C PRO R 255 71.17 -69.55 12.43
N TRP R 256 71.92 -69.88 11.39
CA TRP R 256 72.53 -71.20 11.29
C TRP R 256 73.72 -71.37 12.20
N MET R 257 74.28 -70.27 12.71
CA MET R 257 75.35 -70.35 13.70
C MET R 257 74.83 -70.41 15.12
N VAL R 258 73.52 -70.25 15.32
CA VAL R 258 72.94 -70.45 16.65
C VAL R 258 72.77 -71.92 16.96
N THR R 259 72.73 -72.78 15.94
CA THR R 259 72.56 -74.21 16.17
C THR R 259 73.67 -74.77 17.05
N ARG R 260 74.88 -74.21 16.96
CA ARG R 260 75.93 -74.60 17.89
C ARG R 260 75.53 -74.30 19.33
N GLU R 261 75.04 -73.09 19.57
CA GLU R 261 74.62 -72.72 20.92
C GLU R 261 73.45 -73.59 21.40
N MET R 262 72.50 -73.86 20.51
CA MET R 262 71.32 -74.63 20.92
C MET R 262 71.67 -76.08 21.20
N VAL R 263 72.62 -76.65 20.45
CA VAL R 263 72.84 -78.09 20.53
C VAL R 263 73.73 -78.44 21.72
N ASP R 264 74.95 -77.89 21.77
CA ASP R 264 75.92 -78.33 22.77
C ASP R 264 76.31 -77.22 23.74
N PHE R 265 75.48 -76.21 23.91
CA PHE R 265 75.74 -75.22 24.95
C PHE R 265 74.55 -74.99 25.87
N TRP R 266 73.33 -75.07 25.35
CA TRP R 266 72.16 -74.95 26.21
C TRP R 266 72.15 -76.10 27.21
N PRO R 267 71.87 -75.84 28.48
CA PRO R 267 71.85 -76.93 29.46
C PRO R 267 70.79 -77.97 29.11
N LYS R 268 71.12 -79.23 29.42
CA LYS R 268 70.25 -80.34 29.08
C LYS R 268 69.35 -80.70 30.26
N VAL R 269 68.15 -81.17 29.94
CA VAL R 269 67.21 -81.65 30.96
C VAL R 269 67.68 -83.04 31.39
N PRO R 270 67.99 -83.25 32.68
CA PRO R 270 68.42 -84.57 33.12
C PRO R 270 67.34 -85.61 32.93
N GLY R 271 67.76 -86.82 32.54
CA GLY R 271 66.83 -87.92 32.39
C GLY R 271 65.87 -87.80 31.23
N ALA R 272 66.15 -86.93 30.27
CA ALA R 272 65.31 -86.75 29.10
C ALA R 272 66.14 -86.82 27.84
N PRO R 273 65.58 -87.34 26.75
CA PRO R 273 66.35 -87.40 25.49
C PRO R 273 66.73 -86.01 25.01
N CYS R 274 67.94 -85.89 24.51
CA CYS R 274 68.43 -84.59 24.06
C CYS R 274 67.67 -84.15 22.81
N THR R 275 67.15 -82.93 22.85
CA THR R 275 66.48 -82.39 21.68
C THR R 275 67.50 -82.10 20.58
N PHE R 276 67.05 -82.20 19.33
CA PHE R 276 67.86 -81.99 18.14
C PHE R 276 68.82 -83.15 17.93
N ASN R 277 68.90 -84.06 18.89
CA ASN R 277 69.77 -85.25 18.85
C ASN R 277 71.22 -84.89 18.52
N GLY R 278 71.63 -83.66 18.80
CA GLY R 278 73.00 -83.25 18.55
C GLY R 278 73.41 -83.28 17.10
N ASN R 279 72.57 -82.74 16.21
CA ASN R 279 72.77 -82.89 14.78
C ASN R 279 73.11 -81.61 14.04
N TYR R 280 72.64 -80.46 14.53
CA TYR R 280 72.78 -79.13 13.93
C TYR R 280 71.90 -78.96 12.71
N ARG R 281 71.44 -80.06 12.11
CA ARG R 281 70.55 -79.96 10.96
C ARG R 281 69.10 -80.08 11.37
N LYS R 282 68.81 -80.98 12.30
CA LYS R 282 67.52 -80.94 12.96
C LYS R 282 67.32 -79.61 13.68
N ALA R 283 68.39 -79.09 14.29
CA ALA R 283 68.32 -77.77 14.91
C ALA R 283 68.10 -76.69 13.85
N ALA R 284 68.78 -76.79 12.71
CA ALA R 284 68.57 -75.81 11.64
C ALA R 284 67.14 -75.84 11.13
N VAL R 285 66.57 -77.03 10.98
CA VAL R 285 65.19 -77.15 10.52
C VAL R 285 64.23 -76.59 11.55
N TRP R 286 64.49 -76.85 12.83
CA TRP R 286 63.64 -76.28 13.89
C TRP R 286 63.70 -74.77 13.87
N ILE R 287 64.89 -74.20 13.66
CA ILE R 287 65.03 -72.75 13.54
C ILE R 287 64.25 -72.25 12.34
N TRP R 288 64.35 -72.97 11.21
CA TRP R 288 63.64 -72.56 10.01
C TRP R 288 62.14 -72.53 10.23
N TYR R 289 61.61 -73.47 11.02
CA TYR R 289 60.18 -73.55 11.27
C TYR R 289 59.77 -72.90 12.58
N HIS R 290 60.67 -72.26 13.30
CA HIS R 290 60.32 -71.63 14.57
C HIS R 290 59.46 -70.40 14.33
N GLU R 291 58.49 -70.18 15.21
CA GLU R 291 57.54 -69.09 15.04
C GLU R 291 58.13 -67.74 15.41
N PHE R 292 58.95 -67.67 16.45
CA PHE R 292 59.52 -66.41 16.91
C PHE R 292 60.90 -66.25 16.27
N SER R 293 61.04 -65.27 15.40
CA SER R 293 62.31 -65.06 14.70
C SER R 293 63.34 -64.34 15.55
N GLY R 294 62.97 -63.85 16.72
CA GLY R 294 63.92 -63.14 17.55
C GLY R 294 64.71 -64.05 18.46
N ASN R 295 64.22 -65.28 18.67
CA ASN R 295 64.89 -66.18 19.60
C ASN R 295 66.22 -66.66 19.08
N TYR R 296 66.37 -66.82 17.76
CA TYR R 296 67.62 -67.23 17.17
C TYR R 296 68.39 -66.07 16.56
N PHE R 297 68.03 -64.84 16.91
CA PHE R 297 68.81 -63.66 16.54
C PHE R 297 69.43 -62.98 17.74
N ALA R 298 69.35 -63.58 18.92
CA ALA R 298 70.00 -63.02 20.09
C ALA R 298 71.51 -63.22 19.99
N GLY R 299 72.27 -62.17 20.25
CA GLY R 299 73.70 -62.23 20.06
C GLY R 299 74.16 -62.04 18.64
N PHE R 300 73.30 -61.51 17.76
CA PHE R 300 73.69 -61.30 16.37
C PHE R 300 74.91 -60.41 16.27
N PHE R 301 74.90 -59.28 16.97
CA PHE R 301 76.03 -58.36 16.91
C PHE R 301 77.13 -58.71 17.90
N THR R 302 76.80 -59.41 18.98
CA THR R 302 77.83 -59.77 19.95
C THR R 302 78.72 -60.90 19.45
N LYS R 303 78.13 -61.89 18.77
CA LYS R 303 78.85 -63.10 18.39
C LYS R 303 79.27 -63.15 16.93
N TYR R 304 78.52 -62.54 16.03
CA TYR R 304 78.75 -62.84 14.63
C TYR R 304 78.97 -61.62 13.75
N PHE R 305 78.24 -60.53 13.97
CA PHE R 305 78.22 -59.45 12.98
C PHE R 305 79.60 -58.82 12.82
N TRP R 306 80.23 -58.43 13.91
CA TRP R 306 81.51 -57.74 13.82
C TRP R 306 82.68 -58.69 13.61
N LYS R 307 82.41 -59.96 13.29
CA LYS R 307 83.44 -60.90 12.90
C LYS R 307 83.32 -61.36 11.46
N ALA R 308 82.25 -61.00 10.76
CA ALA R 308 82.06 -61.32 9.35
C ALA R 308 81.68 -60.11 8.51
N SER R 309 80.92 -59.17 9.06
CA SER R 309 80.39 -58.07 8.25
C SER R 309 81.46 -57.15 7.67
N PRO R 310 82.45 -56.66 8.44
CA PRO R 310 83.50 -55.86 7.80
C PRO R 310 84.25 -56.62 6.72
N GLY R 311 84.49 -57.91 6.93
CA GLY R 311 85.13 -58.71 5.91
C GLY R 311 84.31 -58.81 4.64
N MET R 312 83.00 -59.03 4.77
CA MET R 312 82.16 -59.11 3.58
C MET R 312 82.05 -57.76 2.88
N PHE R 313 81.96 -56.67 3.65
CA PHE R 313 81.88 -55.34 3.06
C PHE R 313 83.14 -55.01 2.26
N LEU R 314 84.31 -55.29 2.85
CA LEU R 314 85.55 -55.05 2.12
C LEU R 314 85.70 -56.00 0.95
N THR R 315 85.20 -57.23 1.07
CA THR R 315 85.24 -58.14 -0.07
C THR R 315 84.45 -57.59 -1.23
N LEU R 316 83.23 -57.07 -0.97
CA LEU R 316 82.45 -56.47 -2.03
C LEU R 316 83.15 -55.26 -2.63
N MET R 317 83.67 -54.37 -1.78
CA MET R 317 84.30 -53.17 -2.28
C MET R 317 85.52 -53.49 -3.14
N LEU R 318 86.39 -54.37 -2.65
CA LEU R 318 87.61 -54.70 -3.39
C LEU R 318 87.31 -55.51 -4.64
N ALA R 319 86.31 -56.40 -4.60
CA ALA R 319 85.94 -57.14 -5.80
C ALA R 319 85.39 -56.21 -6.86
N ASP R 320 84.59 -55.22 -6.48
CA ASP R 320 84.11 -54.25 -7.46
C ASP R 320 85.25 -53.38 -7.98
N LYS R 321 86.21 -53.03 -7.12
CA LYS R 321 87.34 -52.22 -7.56
C LYS R 321 88.22 -52.98 -8.55
N VAL R 322 88.52 -54.25 -8.26
CA VAL R 322 89.37 -55.03 -9.14
C VAL R 322 88.64 -55.36 -10.44
N GLY R 323 87.34 -55.64 -10.36
CA GLY R 323 86.55 -55.82 -11.56
C GLY R 323 85.82 -57.15 -11.67
N LEU R 324 85.54 -57.78 -10.54
CA LEU R 324 84.85 -59.06 -10.54
C LEU R 324 83.33 -58.92 -10.63
N PHE R 325 82.81 -57.70 -10.64
CA PHE R 325 81.38 -57.46 -10.82
C PHE R 325 81.06 -56.68 -12.09
N ASP R 326 82.06 -56.44 -12.94
CA ASP R 326 81.84 -55.73 -14.19
C ASP R 326 81.20 -56.64 -15.22
N GLN R 327 80.21 -56.12 -15.93
CA GLN R 327 79.53 -56.84 -16.99
C GLN R 327 79.56 -56.00 -18.26
N THR R 328 79.59 -56.69 -19.40
CA THR R 328 79.71 -56.01 -20.68
C THR R 328 78.37 -55.47 -21.14
N THR R 329 78.34 -54.18 -21.49
CA THR R 329 77.16 -53.54 -22.03
C THR R 329 77.49 -53.00 -23.41
N VAL R 330 76.77 -53.47 -24.43
CA VAL R 330 77.01 -53.12 -25.82
C VAL R 330 75.70 -52.66 -26.44
N ASP R 331 75.79 -51.61 -27.26
CA ASP R 331 74.61 -51.11 -27.97
C ASP R 331 73.99 -52.22 -28.80
N ASN R 332 72.68 -52.38 -28.66
CA ASN R 332 71.95 -53.47 -29.31
C ASN R 332 71.48 -53.12 -30.71
N PHE R 333 71.84 -51.95 -31.21
CA PHE R 333 71.44 -51.53 -32.55
C PHE R 333 72.61 -51.37 -33.51
N GLY R 334 73.69 -50.73 -33.08
CA GLY R 334 74.80 -50.43 -33.96
C GLY R 334 75.97 -51.39 -33.76
N GLY R 335 76.67 -51.67 -34.85
CA GLY R 335 77.88 -52.46 -34.78
C GLY R 335 77.65 -53.94 -34.60
N ALA R 336 78.43 -54.56 -33.72
CA ALA R 336 78.38 -56.00 -33.52
C ALA R 336 77.10 -56.46 -32.84
N GLY R 337 76.32 -55.55 -32.27
CA GLY R 337 75.14 -55.94 -31.52
C GLY R 337 73.95 -56.35 -32.35
N ASN R 338 73.96 -56.09 -33.65
CA ASN R 338 72.80 -56.28 -34.50
C ASN R 338 73.19 -57.03 -35.76
N ASN R 339 72.27 -57.85 -36.26
CA ASN R 339 72.41 -58.49 -37.55
C ASN R 339 71.39 -58.00 -38.56
N SER R 340 70.52 -57.07 -38.17
CA SER R 340 69.57 -56.42 -39.07
C SER R 340 69.75 -54.92 -38.87
N TRP R 341 70.72 -54.35 -39.58
CA TRP R 341 71.02 -52.93 -39.44
C TRP R 341 70.01 -52.03 -40.15
N GLU R 342 69.17 -52.60 -41.02
CA GLU R 342 68.29 -51.78 -41.84
C GLU R 342 67.15 -51.18 -41.04
N ASP R 343 66.79 -51.77 -39.90
CA ASP R 343 65.76 -51.22 -39.04
C ASP R 343 66.33 -50.35 -37.92
N THR R 344 67.65 -50.18 -37.86
CA THR R 344 68.26 -49.44 -36.76
C THR R 344 67.88 -47.96 -36.80
N PHE R 345 67.85 -47.37 -37.99
CA PHE R 345 67.72 -45.92 -38.11
C PHE R 345 66.46 -45.45 -38.82
N VAL R 346 65.66 -46.35 -39.39
CA VAL R 346 64.49 -45.95 -40.18
C VAL R 346 63.50 -45.18 -39.33
N ASN S 2 71.54 -88.75 -37.43
CA ASN S 2 72.43 -89.84 -37.83
C ASN S 2 73.62 -89.29 -38.62
N TYR S 3 73.47 -88.09 -39.17
CA TYR S 3 74.59 -87.38 -39.77
C TYR S 3 75.34 -86.53 -38.77
N SER S 4 74.83 -86.41 -37.55
CA SER S 4 75.36 -85.46 -36.58
C SER S 4 76.58 -85.97 -35.83
N TYR S 5 76.92 -87.25 -35.96
CA TYR S 5 78.02 -87.79 -35.19
C TYR S 5 79.35 -87.20 -35.64
N LYS S 6 80.35 -87.29 -34.77
CA LYS S 6 81.66 -86.68 -34.99
C LYS S 6 82.71 -87.71 -34.60
N ARG S 7 83.09 -88.55 -35.56
CA ARG S 7 84.07 -89.61 -35.35
C ARG S 7 85.24 -89.49 -36.32
N TYR S 8 85.72 -88.27 -36.52
CA TYR S 8 86.83 -88.06 -37.45
C TYR S 8 88.17 -88.53 -36.89
N TRP S 9 88.22 -88.87 -35.61
CA TRP S 9 89.41 -89.45 -35.00
C TRP S 9 88.99 -90.65 -34.16
N GLU S 10 89.52 -91.81 -34.49
CA GLU S 10 89.21 -93.04 -33.76
C GLU S 10 90.44 -93.49 -33.00
N PRO S 11 90.39 -93.56 -31.67
CA PRO S 11 91.55 -94.03 -30.91
C PRO S 11 91.84 -95.50 -31.17
N SER S 12 93.12 -95.85 -31.07
CA SER S 12 93.53 -97.23 -31.28
C SER S 12 93.27 -98.07 -30.03
N THR S 13 93.47 -99.37 -30.17
CA THR S 13 93.22 -100.28 -29.05
C THR S 13 94.15 -99.98 -27.87
N ALA S 14 95.43 -99.74 -28.16
CA ALA S 14 96.37 -99.41 -27.09
C ALA S 14 95.95 -98.12 -26.39
N GLU S 15 95.55 -97.10 -27.15
CA GLU S 15 95.16 -95.83 -26.56
C GLU S 15 93.94 -95.99 -25.67
N VAL S 16 92.91 -96.69 -26.15
CA VAL S 16 91.70 -96.85 -25.34
C VAL S 16 92.01 -97.66 -24.10
N ILE S 17 92.81 -98.72 -24.22
CA ILE S 17 93.11 -99.55 -23.06
C ILE S 17 93.86 -98.74 -22.00
N GLY S 18 94.93 -98.05 -22.41
CA GLY S 18 95.71 -97.29 -21.44
C GLY S 18 94.91 -96.17 -20.81
N LEU S 19 94.19 -95.40 -21.63
CA LEU S 19 93.40 -94.29 -21.10
C LEU S 19 92.31 -94.78 -20.16
N SER S 20 91.60 -95.83 -20.54
CA SER S 20 90.56 -96.38 -19.69
C SER S 20 91.14 -96.83 -18.36
N LEU S 21 92.23 -97.59 -18.41
CA LEU S 21 92.83 -98.09 -17.17
C LEU S 21 93.21 -96.95 -16.24
N SER S 22 93.96 -95.97 -16.76
CA SER S 22 94.44 -94.88 -15.89
C SER S 22 93.27 -94.04 -15.35
N VAL S 23 92.41 -93.57 -16.24
CA VAL S 23 91.35 -92.65 -15.82
C VAL S 23 90.38 -93.35 -14.88
N ASN S 24 90.02 -94.60 -15.17
CA ASN S 24 89.10 -95.31 -14.30
C ASN S 24 89.76 -95.72 -12.99
N THR S 25 91.09 -95.91 -12.97
CA THR S 25 91.76 -96.09 -11.70
C THR S 25 91.58 -94.86 -10.82
N ILE S 26 91.77 -93.68 -11.41
CA ILE S 26 91.58 -92.44 -10.65
C ILE S 26 90.13 -92.34 -10.17
N SER S 27 89.18 -92.59 -11.07
CA SER S 27 87.76 -92.45 -10.74
C SER S 27 87.35 -93.42 -9.64
N ALA S 28 87.79 -94.67 -9.72
CA ALA S 28 87.46 -95.66 -8.70
C ALA S 28 88.12 -95.32 -7.38
N ALA S 29 89.34 -94.80 -7.41
CA ALA S 29 89.98 -94.39 -6.16
C ALA S 29 89.24 -93.23 -5.51
N LEU S 30 88.61 -92.37 -6.30
CA LEU S 30 87.92 -91.22 -5.72
C LEU S 30 86.62 -91.61 -5.02
N THR S 31 85.86 -92.55 -5.59
CA THR S 31 84.50 -92.83 -5.14
C THR S 31 84.36 -94.15 -4.40
N TYR S 32 85.47 -94.82 -4.09
CA TYR S 32 85.37 -96.08 -3.35
C TYR S 32 84.72 -95.93 -1.98
N PRO S 33 85.00 -94.90 -1.17
CA PRO S 33 84.23 -94.74 0.07
C PRO S 33 82.74 -94.61 -0.16
N ILE S 34 82.31 -93.97 -1.26
CA ILE S 34 80.89 -93.87 -1.54
C ILE S 34 80.32 -95.24 -1.87
N GLU S 35 81.07 -96.05 -2.64
CA GLU S 35 80.62 -97.42 -2.90
C GLU S 35 80.55 -98.24 -1.61
N PHE S 36 81.52 -98.04 -0.72
CA PHE S 36 81.54 -98.71 0.58
C PHE S 36 80.29 -98.37 1.38
N VAL S 37 79.95 -97.08 1.42
CA VAL S 37 78.76 -96.63 2.14
C VAL S 37 77.50 -97.22 1.52
N LYS S 38 77.44 -97.26 0.19
CA LYS S 38 76.26 -97.82 -0.47
C LYS S 38 76.10 -99.31 -0.14
N VAL S 39 77.20 -100.07 -0.19
CA VAL S 39 77.12 -101.50 0.12
C VAL S 39 76.71 -101.71 1.57
N ARG S 40 77.27 -100.93 2.49
CA ARG S 40 76.90 -101.07 3.89
C ARG S 40 75.43 -100.73 4.11
N SER S 41 74.93 -99.69 3.44
CA SER S 41 73.52 -99.32 3.55
C SER S 41 72.62 -100.43 3.02
N GLN S 42 73.02 -101.07 1.92
CA GLN S 42 72.24 -102.18 1.40
C GLN S 42 72.29 -103.38 2.34
N ILE S 43 73.44 -103.59 2.99
CA ILE S 43 73.58 -104.74 3.89
C ILE S 43 72.71 -104.58 5.13
N ARG S 44 72.69 -103.37 5.70
CA ARG S 44 72.04 -103.19 7.00
C ARG S 44 70.53 -103.27 6.93
N THR S 45 69.92 -103.31 5.75
CA THR S 45 68.47 -103.35 5.60
C THR S 45 68.04 -104.52 4.74
N GLU S 46 68.56 -105.72 5.02
CA GLU S 46 68.20 -106.88 4.21
C GLU S 46 66.81 -107.40 4.57
N GLY S 47 66.62 -107.85 5.80
CA GLY S 47 65.31 -108.33 6.18
C GLY S 47 64.36 -107.25 6.64
N VAL S 48 64.85 -106.02 6.78
CA VAL S 48 64.06 -104.93 7.36
C VAL S 48 63.41 -104.10 6.25
N GLY S 49 64.22 -103.51 5.39
CA GLY S 49 63.72 -102.62 4.38
C GLY S 49 63.74 -101.17 4.82
N ILE S 50 62.90 -100.37 4.17
CA ILE S 50 62.76 -98.96 4.51
C ILE S 50 61.57 -98.81 5.44
N ARG S 51 61.83 -98.31 6.66
CA ARG S 51 60.83 -98.26 7.71
C ARG S 51 60.42 -96.85 8.10
N SER S 52 61.16 -95.83 7.69
CA SER S 52 60.76 -94.45 7.95
C SER S 52 59.64 -94.05 6.99
N LYS S 53 59.18 -92.81 7.13
CA LYS S 53 58.04 -92.34 6.34
C LYS S 53 58.32 -90.95 5.80
N ASN S 54 57.69 -90.65 4.66
CA ASN S 54 57.72 -89.33 4.03
C ASN S 54 59.17 -88.97 3.70
N LEU S 55 59.64 -87.79 4.05
CA LEU S 55 60.98 -87.34 3.67
C LEU S 55 62.09 -88.14 4.33
N TYR S 56 61.77 -88.96 5.32
CA TYR S 56 62.77 -89.77 6.01
C TYR S 56 62.99 -91.13 5.37
N MET S 57 62.28 -91.44 4.30
CA MET S 57 62.41 -92.74 3.65
C MET S 57 63.83 -92.97 3.16
N GLY S 58 64.35 -94.16 3.41
CA GLY S 58 65.67 -94.54 2.98
C GLY S 58 66.66 -94.58 4.14
N ILE S 59 67.92 -94.76 3.79
CA ILE S 59 69.02 -94.80 4.75
C ILE S 59 69.93 -93.61 4.48
N ASN S 60 70.20 -92.83 5.51
CA ASN S 60 71.02 -91.63 5.37
C ASN S 60 72.46 -92.01 5.08
N PRO S 61 73.03 -91.61 3.94
CA PRO S 61 74.44 -91.93 3.68
C PRO S 61 75.40 -91.32 4.69
N ASN S 62 75.12 -90.10 5.16
CA ASN S 62 76.01 -89.47 6.12
C ASN S 62 76.01 -90.18 7.46
N LYS S 63 74.86 -90.70 7.88
CA LYS S 63 74.81 -91.47 9.12
C LYS S 63 75.69 -92.70 9.04
N VAL S 64 75.62 -93.42 7.92
CA VAL S 64 76.47 -94.59 7.74
C VAL S 64 77.93 -94.20 7.70
N PHE S 65 78.25 -93.09 7.02
CA PHE S 65 79.63 -92.61 6.99
C PHE S 65 80.14 -92.30 8.39
N ARG S 66 79.32 -91.62 9.19
CA ARG S 66 79.73 -91.26 10.54
C ARG S 66 79.93 -92.50 11.40
N GLU S 67 79.06 -93.50 11.27
CA GLU S 67 79.24 -94.72 12.04
C GLU S 67 80.50 -95.46 11.64
N ILE S 68 80.75 -95.58 10.32
CA ILE S 68 81.95 -96.28 9.85
C ILE S 68 83.21 -95.54 10.28
N HIS S 69 83.16 -94.21 10.33
CA HIS S 69 84.33 -93.47 10.80
C HIS S 69 84.50 -93.61 12.30
N ALA S 70 83.40 -93.59 13.05
CA ALA S 70 83.44 -93.76 14.50
C ALA S 70 83.86 -95.16 14.90
N THR S 71 83.86 -96.12 13.96
CA THR S 71 84.46 -97.42 14.22
C THR S 71 85.87 -97.28 14.76
N GLY S 72 86.63 -96.33 14.23
CA GLY S 72 87.97 -96.05 14.72
C GLY S 72 89.08 -96.25 13.70
N ASN S 73 88.76 -96.66 12.48
CA ASN S 73 89.78 -96.88 11.45
C ASN S 73 90.00 -95.64 10.57
N GLY S 74 89.25 -94.57 10.79
CA GLY S 74 89.45 -93.37 10.01
C GLY S 74 88.95 -93.52 8.59
N LEU S 75 89.52 -92.68 7.71
CA LEU S 75 89.19 -92.77 6.29
C LEU S 75 89.80 -94.02 5.66
N ARG S 76 90.93 -94.49 6.18
CA ARG S 76 91.50 -95.74 5.68
C ARG S 76 90.57 -96.92 5.90
N GLY S 77 89.62 -96.81 6.82
CA GLY S 77 88.62 -97.85 6.97
C GLY S 77 87.57 -97.89 5.89
N PHE S 78 87.48 -96.84 5.08
CA PHE S 78 86.61 -96.83 3.91
C PHE S 78 87.26 -97.43 2.68
N TYR S 79 88.56 -97.72 2.74
CA TYR S 79 89.30 -98.30 1.62
C TYR S 79 89.66 -99.76 1.86
N GLN S 80 88.94 -100.44 2.75
CA GLN S 80 89.14 -101.86 2.97
C GLN S 80 88.48 -102.64 1.84
N GLY S 81 89.23 -103.56 1.25
CA GLY S 81 88.77 -104.24 0.05
C GLY S 81 88.99 -103.48 -1.23
N PHE S 82 89.70 -102.35 -1.16
CA PHE S 82 89.93 -101.56 -2.36
C PHE S 82 90.82 -102.29 -3.35
N GLU S 83 91.73 -103.15 -2.87
CA GLU S 83 92.53 -103.96 -3.78
C GLU S 83 91.63 -104.84 -4.64
N SER S 84 90.70 -105.55 -4.02
CA SER S 84 89.77 -106.39 -4.76
C SER S 84 88.91 -105.57 -5.69
N HIS S 85 88.40 -104.43 -5.20
CA HIS S 85 87.54 -103.59 -6.03
C HIS S 85 88.28 -103.09 -7.26
N LEU S 86 89.51 -102.61 -7.07
CA LEU S 86 90.27 -102.06 -8.18
C LEU S 86 90.66 -103.14 -9.19
N ILE S 87 91.12 -104.30 -8.70
CA ILE S 87 91.49 -105.35 -9.64
C ILE S 87 90.28 -105.84 -10.43
N GLY S 88 89.14 -106.02 -9.74
CA GLY S 88 87.94 -106.44 -10.45
C GLY S 88 87.47 -105.42 -11.46
N ARG S 89 87.48 -104.14 -11.07
CA ARG S 89 87.05 -103.08 -11.98
C ARG S 89 87.96 -103.00 -13.20
N LEU S 90 89.28 -103.09 -12.98
CA LEU S 90 90.21 -102.99 -14.09
C LEU S 90 90.08 -104.19 -15.03
N SER S 91 89.93 -105.39 -14.48
CA SER S 91 89.75 -106.56 -15.33
C SER S 91 88.44 -106.48 -16.13
N TYR S 92 87.36 -106.06 -15.46
CA TYR S 92 86.09 -105.90 -16.15
C TYR S 92 86.21 -104.88 -17.28
N LEU S 93 86.86 -103.75 -17.01
CA LEU S 93 87.02 -102.73 -18.03
C LEU S 93 87.89 -103.22 -19.17
N PHE S 94 88.96 -103.94 -18.87
CA PHE S 94 89.81 -104.47 -19.93
C PHE S 94 89.03 -105.38 -20.86
N ILE S 95 88.33 -106.35 -20.29
CA ILE S 95 87.58 -107.31 -21.12
C ILE S 95 86.47 -106.60 -21.89
N ARG S 96 85.72 -105.74 -21.21
CA ARG S 96 84.60 -105.07 -21.84
C ARG S 96 85.07 -104.15 -22.96
N ASN S 97 86.12 -103.37 -22.72
CA ASN S 97 86.61 -102.44 -23.72
C ASN S 97 87.22 -103.19 -24.91
N LEU S 98 87.94 -104.28 -24.66
CA LEU S 98 88.48 -105.07 -25.77
C LEU S 98 87.35 -105.62 -26.64
N THR S 99 86.36 -106.26 -26.03
CA THR S 99 85.28 -106.85 -26.82
C THR S 99 84.47 -105.78 -27.53
N TYR S 100 84.19 -104.67 -26.85
CA TYR S 100 83.44 -103.59 -27.47
C TYR S 100 84.20 -102.98 -28.64
N LYS S 101 85.51 -102.78 -28.47
CA LYS S 101 86.32 -102.23 -29.56
C LYS S 101 86.34 -103.17 -30.76
N ILE S 102 86.48 -104.48 -30.52
CA ILE S 102 86.51 -105.43 -31.62
C ILE S 102 85.19 -105.44 -32.38
N ILE S 103 84.08 -105.59 -31.64
CA ILE S 103 82.77 -105.67 -32.29
C ILE S 103 82.40 -104.35 -32.95
N TYR S 104 82.87 -103.23 -32.39
CA TYR S 104 82.60 -101.93 -32.99
C TYR S 104 83.39 -101.74 -34.28
N ASP S 105 84.68 -102.08 -34.26
CA ASP S 105 85.49 -101.98 -35.46
C ASP S 105 84.97 -102.88 -36.56
N ARG S 106 84.37 -104.03 -36.20
CA ARG S 106 83.77 -104.86 -37.23
C ARG S 106 82.45 -104.31 -37.75
N THR S 107 81.79 -103.42 -37.00
CA THR S 107 80.41 -103.03 -37.31
C THR S 107 80.21 -101.54 -37.53
N LYS S 108 81.20 -100.70 -37.21
CA LYS S 108 80.98 -99.26 -37.29
C LYS S 108 80.78 -98.81 -38.73
N PRO S 109 80.00 -97.77 -38.96
CA PRO S 109 79.74 -97.30 -40.32
C PRO S 109 80.98 -96.69 -40.97
N VAL S 110 80.95 -96.63 -42.30
CA VAL S 110 82.11 -96.16 -43.06
C VAL S 110 82.33 -94.67 -42.82
N LYS S 111 81.28 -93.87 -42.92
CA LYS S 111 81.42 -92.42 -42.85
C LYS S 111 81.76 -91.97 -41.43
N ALA S 112 82.63 -90.96 -41.34
CA ALA S 112 83.07 -90.47 -40.04
C ALA S 112 81.98 -89.66 -39.33
N HIS S 113 80.94 -89.26 -40.05
CA HIS S 113 79.81 -88.56 -39.44
C HIS S 113 78.61 -89.47 -39.22
N ASN S 114 78.82 -90.79 -39.32
CA ASN S 114 77.80 -91.77 -39.01
C ASN S 114 78.28 -92.64 -37.85
N ASP S 115 77.33 -93.26 -37.15
CA ASP S 115 77.66 -94.15 -36.05
C ASP S 115 76.48 -95.07 -35.83
N LEU S 116 76.73 -96.16 -35.10
CA LEU S 116 75.67 -97.10 -34.77
C LEU S 116 74.60 -96.44 -33.92
N SER S 117 73.36 -96.82 -34.14
CA SER S 117 72.28 -96.31 -33.31
C SER S 117 72.44 -96.82 -31.89
N HIS S 118 71.83 -96.11 -30.94
CA HIS S 118 72.00 -96.44 -29.54
C HIS S 118 71.52 -97.84 -29.21
N ARG S 119 70.62 -98.41 -30.03
CA ARG S 119 70.22 -99.79 -29.80
C ARG S 119 71.31 -100.77 -30.18
N GLU S 120 71.99 -100.55 -31.31
CA GLU S 120 73.07 -101.44 -31.72
C GLU S 120 74.25 -101.33 -30.77
N LYS S 121 74.67 -100.11 -30.46
CA LYS S 121 75.73 -99.92 -29.47
C LYS S 121 75.30 -100.44 -28.11
N GLY S 122 74.02 -100.36 -27.79
CA GLY S 122 73.54 -100.92 -26.53
C GLY S 122 73.65 -102.43 -26.50
N VAL S 123 73.34 -103.09 -27.61
CA VAL S 123 73.49 -104.54 -27.70
C VAL S 123 74.96 -104.92 -27.53
N ILE S 124 75.85 -104.21 -28.24
CA ILE S 124 77.28 -104.52 -28.15
C ILE S 124 77.79 -104.30 -26.73
N ALA S 125 77.40 -103.19 -26.12
CA ALA S 125 77.84 -102.87 -24.76
C ALA S 125 77.27 -103.85 -23.74
N GLY S 126 76.02 -104.26 -23.93
CA GLY S 126 75.43 -105.23 -23.02
C GLY S 126 76.13 -106.58 -23.09
N PHE S 127 76.42 -107.05 -24.31
CA PHE S 127 77.15 -108.30 -24.46
C PHE S 127 78.54 -108.20 -23.83
N ALA S 128 79.25 -107.11 -24.11
CA ALA S 128 80.60 -106.93 -23.56
C ALA S 128 80.57 -106.87 -22.04
N GLY S 129 79.64 -106.09 -21.48
CA GLY S 129 79.55 -105.97 -20.04
C GLY S 129 79.15 -107.27 -19.37
N GLY S 130 78.22 -108.00 -19.97
CA GLY S 130 77.85 -109.30 -19.42
C GLY S 130 79.03 -110.25 -19.39
N LEU S 131 79.78 -110.33 -20.49
CA LEU S 131 80.94 -111.21 -20.53
C LEU S 131 81.97 -110.81 -19.48
N ALA S 132 82.31 -109.52 -19.43
CA ALA S 132 83.34 -109.05 -18.50
C ALA S 132 82.91 -109.24 -17.06
N ALA S 133 81.63 -108.99 -16.76
CA ALA S 133 81.14 -109.18 -15.40
C ALA S 133 81.11 -110.64 -15.00
N PHE S 134 80.78 -111.52 -15.94
CA PHE S 134 80.85 -112.95 -15.65
C PHE S 134 82.27 -113.37 -15.33
N LEU S 135 83.25 -112.81 -16.04
CA LEU S 135 84.63 -113.22 -15.80
C LEU S 135 85.22 -112.61 -14.52
N THR S 136 84.73 -111.45 -14.08
CA THR S 136 85.25 -110.77 -12.90
C THR S 136 84.36 -110.94 -11.67
N SER S 137 83.38 -111.82 -11.76
CA SER S 137 82.52 -112.10 -10.60
C SER S 137 83.29 -112.54 -9.36
N PRO S 138 84.34 -113.38 -9.44
CA PRO S 138 85.09 -113.69 -8.21
C PRO S 138 85.65 -112.46 -7.51
N ALA S 139 86.23 -111.52 -8.27
CA ALA S 139 86.76 -110.31 -7.65
C ALA S 139 85.66 -109.45 -7.05
N ASP S 140 84.55 -109.31 -7.78
CA ASP S 140 83.44 -108.54 -7.21
C ASP S 140 82.90 -109.20 -5.95
N LEU S 141 82.84 -110.54 -5.93
CA LEU S 141 82.38 -111.27 -4.76
C LEU S 141 83.29 -111.05 -3.57
N VAL S 142 84.61 -111.12 -3.78
CA VAL S 142 85.55 -110.90 -2.68
C VAL S 142 85.42 -109.48 -2.17
N ASN S 143 85.30 -108.50 -3.07
CA ASN S 143 85.17 -107.12 -2.64
C ASN S 143 83.89 -106.91 -1.82
N THR S 144 82.77 -107.45 -2.29
CA THR S 144 81.51 -107.26 -1.57
C THR S 144 81.53 -107.98 -0.23
N ARG S 145 82.17 -109.14 -0.14
CA ARG S 145 82.27 -109.82 1.14
C ARG S 145 83.18 -109.05 2.09
N THR S 146 84.25 -108.44 1.59
CA THR S 146 85.11 -107.62 2.43
C THR S 146 84.36 -106.40 2.96
N ILE S 147 83.56 -105.77 2.11
CA ILE S 147 82.81 -104.59 2.55
C ILE S 147 81.71 -104.98 3.53
N ALA S 148 80.97 -106.05 3.22
CA ALA S 148 79.79 -106.40 4.00
C ALA S 148 80.15 -106.79 5.44
N GLU S 149 81.23 -107.54 5.62
CA GLU S 149 81.65 -107.90 6.96
C GLU S 149 82.03 -106.65 7.75
N GLY S 150 81.62 -106.62 9.01
CA GLY S 150 81.73 -105.41 9.81
C GLY S 150 80.34 -104.96 10.22
N GLY S 151 79.38 -105.16 9.32
CA GLY S 151 77.98 -104.96 9.65
C GLY S 151 77.29 -106.28 9.91
N LYS S 152 78.08 -107.31 10.19
CA LYS S 152 77.62 -108.67 10.42
C LYS S 152 78.22 -109.19 11.71
N PRO S 153 77.58 -110.18 12.34
CA PRO S 153 78.13 -110.74 13.58
C PRO S 153 79.50 -111.36 13.37
N LYS S 154 80.23 -111.49 14.48
CA LYS S 154 81.62 -111.94 14.42
C LYS S 154 81.74 -113.33 13.79
N GLU S 155 80.86 -114.24 14.16
CA GLU S 155 80.91 -115.59 13.61
C GLU S 155 80.44 -115.66 12.17
N TRP S 156 79.85 -114.59 11.63
CA TRP S 156 79.39 -114.57 10.26
C TRP S 156 80.42 -114.03 9.28
N ARG S 157 81.55 -113.54 9.77
CA ARG S 157 82.52 -112.86 8.92
C ARG S 157 83.47 -113.87 8.27
N TRP S 158 83.96 -113.50 7.08
CA TRP S 158 84.85 -114.36 6.32
C TRP S 158 86.32 -114.08 6.60
N GLY S 159 86.69 -112.82 6.81
CA GLY S 159 88.06 -112.48 7.11
C GLY S 159 89.00 -112.62 5.93
N TYR S 160 88.82 -111.76 4.93
CA TYR S 160 89.68 -111.75 3.75
C TYR S 160 90.70 -110.63 3.87
N LYS S 161 91.96 -110.95 3.60
CA LYS S 161 93.05 -109.98 3.69
C LYS S 161 93.58 -109.57 2.32
N GLY S 162 92.89 -109.93 1.25
CA GLY S 162 93.32 -109.57 -0.09
C GLY S 162 92.42 -110.22 -1.12
N LEU S 163 92.76 -110.01 -2.38
CA LEU S 163 91.98 -110.64 -3.45
C LEU S 163 92.40 -112.09 -3.66
N MET S 164 93.69 -112.35 -3.77
CA MET S 164 94.16 -113.73 -3.91
C MET S 164 93.87 -114.52 -2.64
N ASP S 165 94.04 -113.90 -1.47
CA ASP S 165 93.71 -114.59 -0.22
C ASP S 165 92.24 -114.94 -0.16
N GLY S 166 91.37 -114.00 -0.55
CA GLY S 166 89.94 -114.28 -0.56
C GLY S 166 89.57 -115.36 -1.56
N ILE S 167 90.19 -115.33 -2.74
CA ILE S 167 89.90 -116.34 -3.76
C ILE S 167 90.33 -117.73 -3.27
N ASN S 168 91.52 -117.81 -2.66
CA ASN S 168 91.98 -119.09 -2.12
C ASN S 168 91.05 -119.59 -1.04
N LYS S 169 90.61 -118.70 -0.14
CA LYS S 169 89.71 -119.12 0.93
C LYS S 169 88.36 -119.58 0.38
N ILE S 170 87.83 -118.88 -0.63
CA ILE S 170 86.55 -119.28 -1.21
C ILE S 170 86.68 -120.63 -1.90
N ALA S 171 87.73 -120.82 -2.69
CA ALA S 171 87.90 -122.09 -3.41
C ALA S 171 88.13 -123.25 -2.44
N ALA S 172 88.95 -123.04 -1.42
CA ALA S 172 89.29 -124.12 -0.50
C ALA S 172 88.12 -124.47 0.41
N THR S 173 87.46 -123.47 0.99
CA THR S 173 86.43 -123.74 1.98
C THR S 173 85.12 -124.16 1.31
N GLU S 174 84.54 -123.30 0.49
CA GLU S 174 83.26 -123.60 -0.13
C GLU S 174 83.37 -124.78 -1.08
N GLY S 175 84.48 -124.87 -1.82
CA GLY S 175 84.72 -126.03 -2.65
C GLY S 175 84.58 -125.81 -4.14
N GLY S 176 85.69 -125.94 -4.86
CA GLY S 176 85.68 -125.86 -6.30
C GLY S 176 85.74 -124.43 -6.80
N ASN S 177 86.04 -124.29 -8.09
CA ASN S 177 86.06 -122.99 -8.74
C ASN S 177 84.65 -122.47 -9.02
N ALA S 178 83.63 -123.34 -8.97
CA ALA S 178 82.26 -122.88 -9.08
C ALA S 178 81.84 -122.04 -7.88
N ALA S 179 82.55 -122.15 -6.76
CA ALA S 179 82.26 -121.31 -5.61
C ALA S 179 82.65 -119.86 -5.86
N LEU S 180 83.70 -119.62 -6.64
CA LEU S 180 84.09 -118.26 -6.97
C LEU S 180 83.02 -117.51 -7.75
N PHE S 181 82.12 -118.23 -8.42
CA PHE S 181 81.10 -117.61 -9.26
C PHE S 181 79.72 -117.63 -8.59
N ARG S 182 79.69 -117.44 -7.27
CA ARG S 182 78.42 -117.29 -6.57
C ARG S 182 77.79 -115.96 -6.94
N GLY S 183 76.54 -115.99 -7.38
CA GLY S 183 75.85 -114.78 -7.78
C GLY S 183 76.44 -114.10 -9.00
N SER S 184 77.08 -114.86 -9.89
CA SER S 184 77.67 -114.28 -11.09
C SER S 184 76.59 -113.83 -12.08
N TYR S 185 75.45 -114.52 -12.11
CA TYR S 185 74.36 -114.10 -12.98
C TYR S 185 73.82 -112.74 -12.55
N ALA S 186 73.82 -112.46 -11.25
CA ALA S 186 73.43 -111.13 -10.78
C ALA S 186 74.39 -110.06 -11.29
N ASN S 187 75.69 -110.35 -11.26
CA ASN S 187 76.66 -109.40 -11.80
C ASN S 187 76.48 -109.21 -13.29
N VAL S 188 76.19 -110.29 -14.02
CA VAL S 188 75.96 -110.18 -15.45
C VAL S 188 74.76 -109.30 -15.74
N LEU S 189 73.67 -109.50 -15.01
CA LEU S 189 72.48 -108.67 -15.20
C LEU S 189 72.76 -107.20 -14.85
N ARG S 190 73.50 -106.98 -13.77
CA ARG S 190 73.84 -105.61 -13.37
C ARG S 190 74.68 -104.91 -14.43
N ALA S 191 75.66 -105.62 -14.99
CA ALA S 191 76.51 -105.02 -16.02
C ALA S 191 75.75 -104.80 -17.31
N VAL S 192 74.84 -105.72 -17.66
CA VAL S 192 74.03 -105.54 -18.85
C VAL S 192 73.14 -104.30 -18.72
N ILE S 193 72.52 -104.14 -17.55
CA ILE S 193 71.64 -102.99 -17.37
C ILE S 193 72.44 -101.69 -17.28
N LEU S 194 73.58 -101.72 -16.61
CA LEU S 194 74.38 -100.51 -16.44
C LEU S 194 74.95 -100.03 -17.76
N ASN S 195 75.32 -100.96 -18.65
CA ASN S 195 75.93 -100.59 -19.92
C ASN S 195 74.94 -100.04 -20.93
N ILE S 196 73.64 -100.11 -20.65
CA ILE S 196 72.62 -99.60 -21.55
C ILE S 196 71.80 -98.48 -20.95
N SER S 197 72.02 -98.13 -19.68
CA SER S 197 71.20 -97.14 -19.00
C SER S 197 71.84 -95.76 -18.94
N LEU S 198 73.05 -95.60 -19.47
CA LEU S 198 73.76 -94.33 -19.38
C LEU S 198 73.92 -93.63 -20.72
N THR S 199 74.29 -94.36 -21.77
CA THR S 199 74.48 -93.75 -23.08
C THR S 199 73.18 -93.19 -23.64
N GLY S 200 72.07 -93.90 -23.44
CA GLY S 200 70.79 -93.47 -23.94
C GLY S 200 70.31 -92.16 -23.33
N PRO S 201 70.14 -92.13 -22.01
CA PRO S 201 69.69 -90.88 -21.36
C PRO S 201 70.64 -89.71 -21.54
N PHE S 202 71.95 -89.95 -21.62
CA PHE S 202 72.89 -88.84 -21.75
C PHE S 202 72.72 -88.11 -23.08
N ASP S 203 72.72 -88.86 -24.18
CA ASP S 203 72.62 -88.24 -25.50
C ASP S 203 71.27 -87.54 -25.66
N TYR S 204 70.21 -88.15 -25.16
CA TYR S 204 68.88 -87.57 -25.20
C TYR S 204 68.89 -86.14 -24.66
N LEU S 205 69.21 -85.99 -23.38
CA LEU S 205 69.16 -84.67 -22.77
C LEU S 205 70.24 -83.75 -23.31
N ASN S 206 71.42 -84.30 -23.65
CA ASN S 206 72.47 -83.44 -24.19
C ASN S 206 72.02 -82.77 -25.49
N GLU S 207 71.46 -83.56 -26.41
CA GLU S 207 71.01 -83.00 -27.67
C GLU S 207 69.81 -82.08 -27.48
N LYS S 208 68.91 -82.43 -26.55
CA LYS S 208 67.76 -81.55 -26.31
C LYS S 208 68.18 -80.22 -25.72
N ILE S 209 69.15 -80.23 -24.79
CA ILE S 209 69.69 -78.99 -24.24
C ILE S 209 70.36 -78.17 -25.33
N TRP S 210 71.12 -78.83 -26.22
CA TRP S 210 71.72 -78.11 -27.32
C TRP S 210 70.66 -77.45 -28.20
N ILE S 211 69.60 -78.20 -28.52
CA ILE S 211 68.53 -77.65 -29.34
C ILE S 211 67.90 -76.44 -28.66
N THR S 212 67.78 -76.48 -27.34
CA THR S 212 67.15 -75.38 -26.62
C THR S 212 68.11 -74.20 -26.42
N PHE S 213 69.29 -74.44 -25.85
CA PHE S 213 70.17 -73.38 -25.41
C PHE S 213 71.41 -73.22 -26.28
N GLY S 214 71.47 -73.84 -27.45
CA GLY S 214 72.65 -73.65 -28.25
C GLY S 214 73.85 -74.37 -27.69
N ASP S 215 75.03 -73.94 -28.13
CA ASP S 215 76.28 -74.61 -27.76
C ASP S 215 76.92 -73.91 -26.55
N MET S 216 76.28 -74.11 -25.41
CA MET S 216 76.85 -73.68 -24.15
C MET S 216 77.78 -74.77 -23.62
N THR S 217 78.36 -74.54 -22.45
CA THR S 217 79.32 -75.48 -21.87
C THR S 217 78.71 -76.39 -20.82
N TRP S 218 77.59 -76.00 -20.22
CA TRP S 218 76.96 -76.78 -19.16
C TRP S 218 76.08 -77.90 -19.68
N ASN S 219 75.89 -77.99 -21.01
CA ASN S 219 74.96 -78.96 -21.57
C ASN S 219 75.36 -80.38 -21.21
N LYS S 220 76.63 -80.71 -21.41
CA LYS S 220 77.08 -82.08 -21.17
C LYS S 220 77.00 -82.44 -19.69
N TYR S 221 77.23 -81.48 -18.79
CA TYR S 221 77.19 -81.79 -17.37
C TYR S 221 75.76 -81.94 -16.86
N ALA S 222 74.82 -81.12 -17.35
CA ALA S 222 73.42 -81.35 -17.02
C ALA S 222 72.94 -82.69 -17.56
N ALA S 223 73.33 -83.03 -18.80
CA ALA S 223 72.98 -84.32 -19.36
C ALA S 223 73.62 -85.46 -18.58
N LEU S 224 74.84 -85.25 -18.06
CA LEU S 224 75.50 -86.24 -17.24
C LEU S 224 74.75 -86.47 -15.94
N LEU S 225 74.26 -85.39 -15.31
CA LEU S 225 73.47 -85.52 -14.10
C LEU S 225 72.19 -86.31 -14.37
N TRP S 226 71.51 -85.98 -15.47
CA TRP S 226 70.28 -86.69 -15.85
C TRP S 226 70.56 -88.17 -16.14
N ALA S 227 71.61 -88.46 -16.89
CA ALA S 227 71.96 -89.83 -17.22
C ALA S 227 72.34 -90.61 -15.98
N SER S 228 73.06 -89.98 -15.05
CA SER S 228 73.39 -90.65 -13.79
C SER S 228 72.13 -90.99 -13.01
N PHE S 229 71.18 -90.07 -12.96
CA PHE S 229 69.92 -90.34 -12.26
C PHE S 229 69.21 -91.54 -12.88
N TRP S 230 69.09 -91.56 -14.20
CA TRP S 230 68.34 -92.66 -14.83
C TRP S 230 69.09 -93.98 -14.78
N GLY S 231 70.42 -93.95 -14.90
CA GLY S 231 71.20 -95.17 -14.73
C GLY S 231 71.11 -95.73 -13.32
N SER S 232 71.10 -94.85 -12.32
CA SER S 232 70.91 -95.30 -10.95
C SER S 232 69.51 -95.88 -10.74
N VAL S 233 68.50 -95.25 -11.36
CA VAL S 233 67.14 -95.77 -11.23
C VAL S 233 67.04 -97.16 -11.85
N ALA S 234 67.68 -97.36 -13.01
CA ALA S 234 67.58 -98.65 -13.68
C ALA S 234 68.46 -99.72 -13.02
N THR S 235 69.66 -99.34 -12.58
CA THR S 235 70.65 -100.33 -12.15
C THR S 235 70.58 -100.70 -10.68
N LEU S 236 70.02 -99.82 -9.84
CA LEU S 236 70.10 -100.05 -8.40
C LEU S 236 69.43 -101.35 -7.93
N PRO S 237 68.24 -101.74 -8.41
CA PRO S 237 67.70 -103.04 -7.96
C PRO S 237 68.62 -104.21 -8.25
N PHE S 238 69.25 -104.22 -9.44
CA PHE S 238 70.15 -105.29 -9.79
C PHE S 238 71.40 -105.26 -8.92
N ASP S 239 71.90 -104.06 -8.62
CA ASP S 239 73.04 -103.95 -7.71
C ASP S 239 72.68 -104.45 -6.32
N ASN S 240 71.46 -104.15 -5.86
CA ASN S 240 71.02 -104.62 -4.55
C ASN S 240 70.96 -106.14 -4.51
N ILE S 241 70.40 -106.76 -5.55
CA ILE S 241 70.31 -108.21 -5.58
C ILE S 241 71.69 -108.84 -5.68
N ARG S 242 72.60 -108.23 -6.45
CA ARG S 242 73.97 -108.73 -6.52
C ARG S 242 74.65 -108.64 -5.17
N THR S 243 74.43 -107.56 -4.43
CA THR S 243 74.99 -107.44 -3.09
C THR S 243 74.44 -108.51 -2.16
N ARG S 244 73.13 -108.78 -2.25
CA ARG S 244 72.53 -109.81 -1.41
C ARG S 244 73.10 -111.18 -1.72
N LEU S 245 73.27 -111.50 -3.00
CA LEU S 245 73.78 -112.81 -3.37
C LEU S 245 75.26 -112.95 -3.03
N TYR S 246 76.04 -111.88 -3.18
CA TYR S 246 77.46 -111.94 -2.87
C TYR S 246 77.71 -112.12 -1.38
N ALA S 247 76.95 -111.42 -0.55
CA ALA S 247 77.20 -111.41 0.89
C ALA S 247 76.61 -112.63 1.60
N GLN S 248 75.86 -113.48 0.91
CA GLN S 248 75.27 -114.63 1.56
C GLN S 248 76.33 -115.65 1.94
N ASN S 249 76.33 -116.07 3.20
CA ASN S 249 77.32 -117.00 3.70
C ASN S 249 77.00 -118.41 3.27
N ALA S 250 78.04 -119.25 3.20
CA ALA S 250 77.84 -120.63 2.77
C ALA S 250 76.97 -121.40 3.76
N ASP S 251 77.17 -121.18 5.05
CA ASP S 251 76.36 -121.83 6.07
C ASP S 251 74.98 -121.19 6.11
N PRO S 252 73.90 -121.95 5.90
CA PRO S 252 72.55 -121.34 5.98
C PRO S 252 72.23 -120.79 7.35
N THR S 253 72.90 -121.27 8.40
CA THR S 253 72.69 -120.71 9.73
C THR S 253 73.12 -119.25 9.81
N LYS S 254 74.26 -118.93 9.19
CA LYS S 254 74.85 -117.60 9.30
C LYS S 254 74.31 -116.64 8.24
N ASN S 255 72.98 -116.52 8.18
CA ASN S 255 72.34 -115.65 7.20
C ASN S 255 71.02 -115.14 7.76
N ARG S 256 70.77 -113.85 7.58
CA ARG S 256 69.45 -113.31 7.87
C ARG S 256 68.41 -113.91 6.93
N LEU S 257 68.76 -114.07 5.66
CA LEU S 257 67.93 -114.75 4.69
C LEU S 257 68.81 -115.63 3.82
N THR S 258 68.23 -116.70 3.30
CA THR S 258 68.93 -117.62 2.40
C THR S 258 68.31 -117.53 1.03
N TYR S 259 69.16 -117.29 0.02
CA TYR S 259 68.73 -117.15 -1.36
C TYR S 259 69.30 -118.28 -2.18
N SER S 260 68.46 -118.93 -2.98
CA SER S 260 68.88 -120.00 -3.86
C SER S 260 69.18 -119.52 -5.27
N GLY S 261 69.02 -118.23 -5.55
CA GLY S 261 69.26 -117.72 -6.87
C GLY S 261 68.84 -116.26 -6.97
N TRP S 262 68.94 -115.72 -8.19
CA TRP S 262 68.56 -114.34 -8.42
C TRP S 262 67.07 -114.14 -8.20
N ALA S 263 66.26 -115.04 -8.76
CA ALA S 263 64.81 -114.94 -8.59
C ALA S 263 64.42 -115.09 -7.13
N ASP S 264 65.05 -116.02 -6.41
CA ASP S 264 64.74 -116.19 -5.00
C ASP S 264 65.07 -114.94 -4.20
N ALA S 265 66.21 -114.32 -4.51
CA ALA S 265 66.58 -113.08 -3.82
C ALA S 265 65.58 -111.98 -4.11
N ALA S 266 65.14 -111.84 -5.36
CA ALA S 266 64.14 -110.83 -5.68
C ALA S 266 62.82 -111.10 -4.97
N LYS S 267 62.40 -112.38 -4.91
CA LYS S 267 61.16 -112.72 -4.26
C LYS S 267 61.21 -112.41 -2.77
N LYS S 268 62.31 -112.77 -2.10
CA LYS S 268 62.43 -112.49 -0.68
C LYS S 268 62.67 -111.03 -0.38
N LEU S 269 63.16 -110.26 -1.36
CA LEU S 269 63.22 -108.82 -1.19
C LEU S 269 61.82 -108.20 -1.28
N ILE S 270 61.02 -108.65 -2.24
CA ILE S 270 59.67 -108.12 -2.38
C ILE S 270 58.81 -108.51 -1.18
N GLN S 271 58.99 -109.72 -0.66
CA GLN S 271 58.16 -110.19 0.44
C GLN S 271 58.40 -109.38 1.71
N HIS S 272 59.66 -109.20 2.10
CA HIS S 272 59.97 -108.59 3.38
C HIS S 272 60.12 -107.07 3.28
N GLU S 273 60.72 -106.55 2.21
CA GLU S 273 60.98 -105.13 2.11
C GLU S 273 59.99 -104.38 1.22
N GLY S 274 59.35 -105.07 0.28
CA GLY S 274 58.53 -104.39 -0.70
C GLY S 274 59.33 -103.91 -1.88
N ILE S 275 58.65 -103.23 -2.80
CA ILE S 275 59.31 -102.71 -3.99
C ILE S 275 60.33 -101.65 -3.60
N SER S 276 59.95 -100.74 -2.70
CA SER S 276 60.84 -99.65 -2.31
C SER S 276 62.11 -100.16 -1.64
N GLY S 277 62.13 -101.42 -1.21
CA GLY S 277 63.33 -102.00 -0.65
C GLY S 277 64.46 -102.15 -1.65
N PHE S 278 64.14 -102.13 -2.95
CA PHE S 278 65.19 -102.19 -3.97
C PHE S 278 66.08 -100.94 -3.92
N TYR S 279 65.47 -99.77 -3.72
CA TYR S 279 66.19 -98.50 -3.79
C TYR S 279 66.60 -98.06 -2.38
N VAL S 280 67.61 -98.74 -1.85
CA VAL S 280 68.22 -98.39 -0.58
C VAL S 280 69.66 -98.02 -0.85
N GLY S 281 70.07 -96.86 -0.35
CA GLY S 281 71.34 -96.29 -0.77
C GLY S 281 71.29 -95.65 -2.13
N PHE S 282 70.11 -95.17 -2.54
CA PHE S 282 69.99 -94.53 -3.84
C PHE S 282 70.81 -93.25 -3.92
N TYR S 283 70.82 -92.45 -2.85
CA TYR S 283 71.60 -91.23 -2.88
C TYR S 283 73.08 -91.52 -3.04
N ALA S 284 73.59 -92.51 -2.29
CA ALA S 284 74.99 -92.88 -2.41
C ALA S 284 75.31 -93.43 -3.79
N PHE S 285 74.44 -94.30 -4.31
CA PHE S 285 74.69 -94.88 -5.63
C PHE S 285 74.68 -93.81 -6.71
N TYR S 286 73.72 -92.90 -6.66
CA TYR S 286 73.62 -91.83 -7.64
C TYR S 286 74.81 -90.88 -7.55
N ILE S 287 75.23 -90.52 -6.33
CA ILE S 287 76.37 -89.63 -6.17
C ILE S 287 77.64 -90.30 -6.68
N ARG S 288 77.84 -91.57 -6.35
CA ARG S 288 79.02 -92.28 -6.86
C ARG S 288 78.99 -92.37 -8.37
N THR S 289 77.83 -92.69 -8.95
CA THR S 289 77.72 -92.78 -10.40
C THR S 289 78.07 -91.44 -11.04
N PHE S 290 77.51 -90.35 -10.53
CA PHE S 290 77.78 -89.04 -11.12
C PHE S 290 79.24 -88.65 -10.98
N LEU S 291 79.84 -88.87 -9.79
CA LEU S 291 81.23 -88.49 -9.60
C LEU S 291 82.16 -89.33 -10.48
N TYR S 292 81.94 -90.65 -10.52
CA TYR S 292 82.75 -91.52 -11.37
C TYR S 292 82.63 -91.12 -12.83
N ALA S 293 81.41 -90.93 -13.31
CA ALA S 293 81.20 -90.56 -14.70
C ALA S 293 81.81 -89.19 -15.00
N TRP S 294 81.65 -88.22 -14.10
CA TRP S 294 82.20 -86.89 -14.34
C TRP S 294 83.72 -86.94 -14.41
N THR S 295 84.35 -87.64 -13.47
CA THR S 295 85.81 -87.73 -13.48
C THR S 295 86.29 -88.39 -14.77
N THR S 296 85.68 -89.52 -15.13
CA THR S 296 86.12 -90.23 -16.33
C THR S 296 85.91 -89.39 -17.58
N VAL S 297 84.72 -88.80 -17.72
CA VAL S 297 84.42 -88.00 -18.91
C VAL S 297 85.34 -86.79 -19.00
N PHE S 298 85.54 -86.09 -17.88
CA PHE S 298 86.39 -84.89 -17.89
C PHE S 298 87.82 -85.23 -18.29
N ILE S 299 88.42 -86.21 -17.60
CA ILE S 299 89.83 -86.51 -17.88
C ILE S 299 89.98 -87.09 -19.29
N THR S 300 89.09 -88.01 -19.68
CA THR S 300 89.17 -88.60 -21.00
C THR S 300 88.98 -87.57 -22.09
N ASP S 301 88.04 -86.64 -21.90
CA ASP S 301 87.83 -85.59 -22.89
C ASP S 301 89.06 -84.70 -23.01
N LYS S 302 89.67 -84.32 -21.88
CA LYS S 302 90.88 -83.51 -21.95
C LYS S 302 91.98 -84.23 -22.71
N ILE S 303 92.23 -85.50 -22.37
CA ILE S 303 93.32 -86.24 -23.00
C ILE S 303 93.05 -86.44 -24.48
N THR S 304 91.82 -86.84 -24.83
CA THR S 304 91.52 -87.12 -26.23
C THR S 304 91.51 -85.85 -27.07
N SER S 305 91.06 -84.72 -26.50
CA SER S 305 91.14 -83.47 -27.23
C SER S 305 92.59 -83.06 -27.46
N ASP S 306 93.45 -83.26 -26.46
CA ASP S 306 94.87 -82.97 -26.64
C ASP S 306 95.45 -83.85 -27.75
N TRP S 307 95.05 -85.13 -27.78
CA TRP S 307 95.51 -86.02 -28.84
C TRP S 307 95.02 -85.58 -30.21
N LYS S 308 93.76 -85.17 -30.30
CA LYS S 308 93.18 -84.74 -31.57
C LYS S 308 93.88 -83.49 -32.11
N ARG S 309 94.16 -82.53 -31.22
CA ARG S 309 94.80 -81.30 -31.67
C ARG S 309 96.20 -81.58 -32.23
N LYS S 310 96.86 -82.64 -31.75
CA LYS S 310 98.14 -83.05 -32.30
C LYS S 310 98.00 -83.88 -33.56
N ALA S 311 96.78 -84.30 -33.90
CA ALA S 311 96.53 -85.07 -35.12
C ALA S 311 96.09 -84.19 -36.28
N GLY S 312 96.01 -82.88 -36.09
CA GLY S 312 95.64 -81.97 -37.15
C GLY S 312 94.15 -81.78 -37.36
N LEU S 313 93.30 -82.31 -36.47
CA LEU S 313 91.87 -82.13 -36.61
C LEU S 313 91.50 -80.66 -36.41
N LYS S 314 90.53 -80.20 -37.18
CA LYS S 314 90.04 -78.84 -37.03
C LYS S 314 89.21 -78.71 -35.75
N GLU S 315 88.95 -77.46 -35.36
CA GLU S 315 88.26 -77.21 -34.09
C GLU S 315 86.86 -77.78 -34.09
N TRP S 316 86.13 -77.66 -35.20
CA TRP S 316 84.77 -78.18 -35.24
C TRP S 316 84.73 -79.70 -35.25
N GLN S 317 85.85 -80.35 -35.57
CA GLN S 317 85.93 -81.81 -35.55
C GLN S 317 86.37 -82.36 -34.21
N ILE S 318 86.67 -81.50 -33.24
CA ILE S 318 87.12 -81.94 -31.93
C ILE S 318 86.01 -81.79 -30.90
N ALA T 2 23.88 -97.37 -50.32
CA ALA T 2 24.43 -97.03 -51.63
C ALA T 2 24.91 -98.26 -52.35
N ASN T 3 25.25 -99.30 -51.59
CA ASN T 3 25.71 -100.56 -52.15
C ASN T 3 24.66 -101.66 -52.12
N PHE T 4 23.62 -101.53 -51.30
CA PHE T 4 22.67 -102.62 -51.11
C PHE T 4 21.23 -102.19 -51.29
N VAL T 5 20.91 -100.92 -51.03
CA VAL T 5 19.54 -100.43 -51.09
C VAL T 5 19.35 -99.43 -52.24
N ILE T 6 20.24 -98.45 -52.34
CA ILE T 6 20.11 -97.45 -53.41
C ILE T 6 20.08 -98.07 -54.79
N PRO T 7 20.89 -99.10 -55.11
CA PRO T 7 20.75 -99.74 -56.43
C PRO T 7 19.35 -100.23 -56.74
N TYR T 8 18.51 -100.47 -55.73
CA TYR T 8 17.14 -100.88 -55.95
C TYR T 8 16.13 -99.75 -55.76
N LEU T 9 16.40 -98.82 -54.85
CA LEU T 9 15.48 -97.72 -54.60
C LEU T 9 15.57 -96.65 -55.69
N LYS T 10 16.78 -96.38 -56.19
CA LYS T 10 16.96 -95.32 -57.19
C LYS T 10 16.17 -95.56 -58.48
N PRO T 11 16.11 -96.77 -59.05
CA PRO T 11 15.26 -96.95 -60.25
C PRO T 11 13.80 -96.60 -60.01
N VAL T 12 13.26 -96.87 -58.82
CA VAL T 12 11.88 -96.50 -58.53
C VAL T 12 11.72 -94.98 -58.54
N ALA T 13 12.67 -94.26 -57.95
CA ALA T 13 12.62 -92.80 -57.97
C ALA T 13 12.76 -92.27 -59.38
N ASP T 14 13.61 -92.90 -60.19
CA ASP T 14 13.74 -92.48 -61.59
C ASP T 14 12.44 -92.68 -62.35
N PHE T 15 11.77 -93.81 -62.12
CA PHE T 15 10.47 -94.04 -62.75
C PHE T 15 9.44 -93.01 -62.30
N TRP T 16 9.44 -92.70 -61.00
CA TRP T 16 8.54 -91.69 -60.47
C TRP T 16 8.78 -90.33 -61.12
N ASN T 17 10.05 -89.94 -61.25
CA ASN T 17 10.38 -88.67 -61.89
C ASN T 17 10.00 -88.68 -63.36
N SER T 18 10.22 -89.80 -64.05
CA SER T 18 9.82 -89.88 -65.45
C SER T 18 8.32 -89.70 -65.61
N LEU T 19 7.54 -90.25 -64.67
CA LEU T 19 6.10 -90.02 -64.70
C LEU T 19 5.74 -88.59 -64.32
N CYS T 20 6.59 -87.91 -63.54
CA CYS T 20 6.27 -86.59 -63.04
C CYS T 20 6.93 -85.45 -63.82
N ILE T 21 8.21 -85.57 -64.11
CA ILE T 21 8.97 -84.50 -64.76
C ILE T 21 8.80 -84.58 -66.27
N ASP T 22 8.76 -83.42 -66.92
CA ASP T 22 8.68 -83.34 -68.37
C ASP T 22 9.94 -83.93 -69.00
N GLN T 23 9.80 -85.09 -69.63
CA GLN T 23 10.97 -85.84 -70.09
C GLN T 23 11.66 -85.15 -71.28
N HIS T 24 10.87 -84.67 -72.24
CA HIS T 24 11.48 -84.02 -73.40
C HIS T 24 12.23 -82.76 -72.99
N GLN T 25 11.63 -81.94 -72.13
CA GLN T 25 12.29 -80.74 -71.65
C GLN T 25 13.54 -81.07 -70.84
N ASP T 26 13.45 -82.08 -69.97
CA ASP T 26 14.61 -82.46 -69.17
C ASP T 26 15.75 -82.96 -70.05
N SER T 27 15.44 -83.77 -71.06
CA SER T 27 16.47 -84.26 -71.97
C SER T 27 17.06 -83.11 -72.78
N LEU T 28 16.24 -82.14 -73.15
CA LEU T 28 16.74 -80.96 -73.85
C LEU T 28 17.72 -80.19 -72.98
N PHE T 29 17.41 -80.04 -71.69
CA PHE T 29 18.29 -79.30 -70.79
C PHE T 29 19.59 -80.05 -70.49
N GLN T 30 19.65 -81.36 -70.78
CA GLN T 30 20.85 -82.13 -70.44
C GLN T 30 22.03 -81.73 -71.31
N PHE T 31 21.80 -81.37 -72.56
CA PHE T 31 22.87 -81.02 -73.49
C PHE T 31 23.05 -79.51 -73.46
N LYS T 32 23.84 -79.03 -72.49
CA LYS T 32 24.07 -77.60 -72.33
C LYS T 32 25.39 -77.24 -73.00
N GLY T 33 25.34 -76.26 -73.91
CA GLY T 33 26.49 -75.86 -74.68
C GLY T 33 26.08 -75.47 -76.09
N GLN T 34 27.03 -74.99 -76.88
CA GLN T 34 26.76 -74.64 -78.28
C GLN T 34 27.89 -75.17 -79.15
N THR T 35 27.56 -75.45 -80.41
CA THR T 35 28.54 -75.93 -81.39
C THR T 35 28.42 -75.13 -82.67
N GLY T 36 28.37 -73.81 -82.54
CA GLY T 36 28.39 -72.91 -83.68
C GLY T 36 27.05 -72.35 -84.08
N SER T 37 25.98 -72.63 -83.35
CA SER T 37 24.66 -72.13 -83.70
C SER T 37 24.05 -71.41 -82.51
N LEU T 38 23.23 -70.41 -82.82
CA LEU T 38 22.52 -69.66 -81.80
C LEU T 38 21.20 -70.34 -81.47
N GLY T 39 20.74 -70.15 -80.25
CA GLY T 39 19.50 -70.75 -79.81
C GLY T 39 19.61 -72.08 -79.12
N THR T 40 20.81 -72.46 -78.69
CA THR T 40 21.01 -73.70 -77.94
C THR T 40 21.33 -73.45 -76.48
N ASP T 41 21.10 -72.23 -75.99
CA ASP T 41 21.30 -71.93 -74.58
C ASP T 41 20.06 -72.35 -73.80
N TRP T 42 20.10 -72.15 -72.48
CA TRP T 42 19.01 -72.61 -71.63
C TRP T 42 17.70 -71.89 -71.93
N THR T 43 17.77 -70.58 -72.21
CA THR T 43 16.55 -69.82 -72.42
C THR T 43 15.83 -70.27 -73.68
N SER T 44 16.56 -70.38 -74.80
CA SER T 44 15.95 -70.81 -76.05
C SER T 44 15.43 -72.23 -75.95
N LYS T 45 16.18 -73.11 -75.27
CA LYS T 45 15.73 -74.48 -75.09
C LYS T 45 14.46 -74.53 -74.27
N TYR T 46 14.36 -73.73 -73.22
CA TYR T 46 13.13 -73.68 -72.44
C TYR T 46 11.96 -73.20 -73.29
N LEU T 47 12.18 -72.15 -74.08
CA LEU T 47 11.09 -71.59 -74.87
C LEU T 47 10.59 -72.61 -75.89
N ARG T 48 11.51 -73.26 -76.60
CA ARG T 48 11.08 -74.27 -77.57
C ARG T 48 10.45 -75.47 -76.89
N SER T 49 10.91 -75.83 -75.69
CA SER T 49 10.31 -76.96 -74.98
C SER T 49 8.90 -76.64 -74.54
N GLU T 50 8.65 -75.40 -74.09
CA GLU T 50 7.30 -75.03 -73.73
C GLU T 50 6.40 -74.87 -74.94
N GLN T 51 6.98 -74.63 -76.12
CA GLN T 51 6.21 -74.71 -77.36
C GLN T 51 6.17 -76.12 -77.93
N ASP T 52 7.00 -77.04 -77.41
CA ASP T 52 7.09 -78.39 -77.97
C ASP T 52 6.04 -79.34 -77.42
N VAL T 53 5.31 -78.96 -76.37
CA VAL T 53 4.28 -79.85 -75.84
C VAL T 53 3.17 -80.02 -76.85
N TYR T 54 2.64 -78.91 -77.38
CA TYR T 54 1.57 -79.00 -78.35
C TYR T 54 2.06 -79.51 -79.69
N ASN T 55 3.31 -79.20 -80.06
CA ASN T 55 3.88 -79.77 -81.27
C ASN T 55 4.00 -81.28 -81.16
N HIS T 56 4.41 -81.79 -79.99
CA HIS T 56 4.50 -83.23 -79.80
C HIS T 56 3.13 -83.88 -79.82
N LYS T 57 2.13 -83.22 -79.24
CA LYS T 57 0.76 -83.73 -79.35
C LYS T 57 0.33 -83.82 -80.80
N TYR T 58 0.63 -82.77 -81.59
CA TYR T 58 0.29 -82.78 -83.00
C TYR T 58 1.02 -83.88 -83.76
N LEU T 59 2.29 -84.10 -83.43
CA LEU T 59 3.05 -85.15 -84.11
C LEU T 59 2.53 -86.53 -83.78
N GLN T 60 2.15 -86.76 -82.52
CA GLN T 60 1.56 -88.04 -82.15
C GLN T 60 0.24 -88.26 -82.90
N TYR T 61 -0.60 -87.22 -82.97
CA TYR T 61 -1.86 -87.36 -83.69
C TYR T 61 -1.61 -87.59 -85.18
N HIS T 62 -0.62 -86.92 -85.74
CA HIS T 62 -0.26 -87.10 -87.15
C HIS T 62 0.19 -88.52 -87.42
N LYS T 63 1.02 -89.08 -86.53
CA LYS T 63 1.44 -90.46 -86.68
C LYS T 63 0.27 -91.42 -86.59
N ARG T 64 -0.65 -91.16 -85.65
CA ARG T 64 -1.81 -92.03 -85.52
C ARG T 64 -2.71 -91.97 -86.75
N VAL T 65 -2.88 -90.78 -87.32
CA VAL T 65 -3.81 -90.62 -88.44
C VAL T 65 -3.21 -91.14 -89.74
N HIS T 66 -1.99 -90.69 -90.07
CA HIS T 66 -1.45 -90.94 -91.40
C HIS T 66 -0.62 -92.21 -91.48
N GLU T 67 0.34 -92.39 -90.59
CA GLU T 67 1.20 -93.57 -90.66
C GLU T 67 0.44 -94.82 -90.23
N ALA T 68 1.06 -95.97 -90.47
CA ALA T 68 0.45 -97.23 -90.11
C ALA T 68 0.32 -97.35 -88.59
N PRO T 69 -0.83 -97.81 -88.10
CA PRO T 69 -1.04 -97.83 -86.65
C PRO T 69 -0.13 -98.82 -85.95
N GLU T 70 0.18 -98.51 -84.70
CA GLU T 70 1.00 -99.35 -83.85
C GLU T 70 0.21 -99.76 -82.62
N LEU T 71 0.44 -100.99 -82.15
CA LEU T 71 -0.33 -101.50 -81.02
C LEU T 71 -0.09 -100.68 -79.76
N THR T 72 1.18 -100.30 -79.52
CA THR T 72 1.50 -99.54 -78.31
C THR T 72 0.79 -98.20 -78.31
N ASP T 73 0.75 -97.52 -79.46
CA ASP T 73 0.09 -96.22 -79.54
C ASP T 73 -1.40 -96.34 -79.23
N VAL T 74 -2.07 -97.34 -79.80
CA VAL T 74 -3.49 -97.51 -79.54
C VAL T 74 -3.75 -97.87 -78.09
N ILE T 75 -2.92 -98.76 -77.52
CA ILE T 75 -3.10 -99.16 -76.12
C ILE T 75 -2.93 -97.96 -75.20
N SER T 76 -1.89 -97.16 -75.42
CA SER T 76 -1.67 -95.99 -74.59
C SER T 76 -2.76 -94.95 -74.82
N ASP T 77 -3.35 -94.91 -76.02
CA ASP T 77 -4.48 -94.03 -76.27
C ASP T 77 -5.72 -94.46 -75.49
N ASN T 78 -5.86 -95.77 -75.24
CA ASN T 78 -6.99 -96.28 -74.49
C ASN T 78 -6.53 -97.01 -73.24
N VAL T 79 -5.60 -96.42 -72.50
CA VAL T 79 -4.94 -97.12 -71.40
C VAL T 79 -5.88 -97.31 -70.22
N TYR T 80 -6.80 -96.37 -69.98
CA TYR T 80 -7.65 -96.47 -68.79
C TYR T 80 -8.71 -97.56 -68.93
N ARG T 81 -9.18 -97.83 -70.15
CA ARG T 81 -10.14 -98.91 -70.34
C ARG T 81 -9.50 -100.27 -70.09
N LEU T 82 -8.21 -100.40 -70.33
CA LEU T 82 -7.54 -101.69 -70.33
C LEU T 82 -6.75 -101.97 -69.06
N THR T 83 -6.22 -100.94 -68.40
CA THR T 83 -5.33 -101.14 -67.27
C THR T 83 -6.02 -100.96 -65.92
N LEU T 84 -6.62 -99.80 -65.68
CA LEU T 84 -7.16 -99.51 -64.35
C LEU T 84 -8.63 -99.89 -64.24
N PHE T 85 -9.46 -99.47 -65.20
CA PHE T 85 -10.89 -99.76 -65.18
C PHE T 85 -11.23 -100.97 -66.05
N ALA T 86 -10.33 -101.94 -66.15
CA ALA T 86 -10.62 -103.15 -66.90
C ALA T 86 -11.67 -104.00 -66.20
N GLY T 87 -11.78 -103.88 -64.87
CA GLY T 87 -12.80 -104.62 -64.15
C GLY T 87 -14.19 -104.08 -64.34
N VAL T 88 -14.32 -102.81 -64.76
CA VAL T 88 -15.63 -102.27 -65.06
C VAL T 88 -16.26 -102.97 -66.25
N GLU T 89 -15.44 -103.46 -67.18
CA GLU T 89 -15.96 -104.28 -68.26
C GLU T 89 -16.59 -105.56 -67.72
N ARG T 90 -15.92 -106.20 -66.76
CA ARG T 90 -16.50 -107.40 -66.15
C ARG T 90 -17.78 -107.07 -65.39
N VAL T 91 -17.80 -105.91 -64.70
CA VAL T 91 -19.00 -105.50 -63.99
C VAL T 91 -20.15 -105.31 -64.95
N LEU T 92 -19.91 -104.66 -66.08
CA LEU T 92 -20.97 -104.46 -67.08
C LEU T 92 -21.44 -105.79 -67.66
N SER T 93 -20.51 -106.71 -67.93
CA SER T 93 -20.91 -108.00 -68.46
C SER T 93 -21.76 -108.77 -67.46
N VAL T 94 -21.38 -108.75 -66.18
CA VAL T 94 -22.17 -109.43 -65.15
C VAL T 94 -23.54 -108.78 -65.02
N ARG T 95 -23.59 -107.45 -65.10
CA ARG T 95 -24.88 -106.75 -65.03
C ARG T 95 -25.77 -107.16 -66.20
N GLN T 96 -25.21 -107.25 -67.40
CA GLN T 96 -26.00 -107.66 -68.57
C GLN T 96 -26.50 -109.09 -68.42
N ALA T 97 -25.66 -109.98 -67.92
CA ALA T 97 -26.04 -111.39 -67.76
C ALA T 97 -26.67 -111.69 -66.40
N GLN T 98 -26.88 -110.67 -65.57
CA GLN T 98 -27.32 -110.90 -64.19
C GLN T 98 -28.71 -111.51 -64.10
N ALA T 99 -29.54 -111.35 -65.14
CA ALA T 99 -30.92 -111.81 -65.06
C ALA T 99 -31.02 -113.33 -64.97
N ILE T 100 -29.99 -114.06 -65.38
CA ILE T 100 -30.05 -115.52 -65.39
C ILE T 100 -28.81 -116.12 -64.73
N LEU T 101 -28.14 -115.34 -63.86
CA LEU T 101 -26.80 -115.68 -63.42
C LEU T 101 -26.70 -116.13 -61.97
N LYS T 102 -27.82 -116.29 -61.27
CA LYS T 102 -27.85 -116.79 -59.90
C LYS T 102 -27.17 -115.86 -58.90
N THR T 103 -26.65 -114.71 -59.36
CA THR T 103 -26.00 -113.79 -58.45
C THR T 103 -26.97 -113.21 -57.43
N GLN T 104 -28.26 -113.19 -57.75
CA GLN T 104 -29.28 -112.76 -56.79
C GLN T 104 -29.40 -113.70 -55.62
N PHE T 105 -28.86 -114.92 -55.71
CA PHE T 105 -28.93 -115.89 -54.63
C PHE T 105 -27.65 -116.00 -53.84
N ALA T 106 -26.62 -115.21 -54.17
CA ALA T 106 -25.38 -115.15 -53.39
C ALA T 106 -25.05 -113.69 -53.10
N GLY T 107 -25.69 -113.14 -52.07
CA GLY T 107 -25.27 -111.86 -51.51
C GLY T 107 -25.18 -110.72 -52.51
N ALA T 108 -26.14 -110.61 -53.42
CA ALA T 108 -26.12 -109.54 -54.40
C ALA T 108 -27.54 -109.23 -54.84
N THR T 109 -27.73 -108.00 -55.28
CA THR T 109 -29.02 -107.53 -55.77
C THR T 109 -29.00 -107.44 -57.30
N GLU T 110 -30.14 -107.11 -57.87
CA GLU T 110 -30.28 -107.00 -59.32
C GLU T 110 -30.13 -105.54 -59.74
N ASN T 111 -28.93 -105.02 -59.54
CA ASN T 111 -28.59 -103.66 -59.94
C ASN T 111 -27.09 -103.57 -60.12
N ILE T 112 -26.61 -102.36 -60.44
CA ILE T 112 -25.19 -102.18 -60.72
C ILE T 112 -24.36 -102.42 -59.47
N SER T 113 -24.88 -102.05 -58.30
CA SER T 113 -24.18 -102.36 -57.06
C SER T 113 -24.05 -103.87 -56.86
N GLY T 114 -25.08 -104.61 -57.24
CA GLY T 114 -25.02 -106.06 -57.14
C GLY T 114 -23.93 -106.65 -58.02
N ALA T 115 -23.82 -106.17 -59.26
CA ALA T 115 -22.77 -106.64 -60.15
C ALA T 115 -21.39 -106.25 -59.63
N PHE T 116 -21.26 -105.02 -59.13
CA PHE T 116 -19.98 -104.57 -58.56
C PHE T 116 -19.58 -105.45 -57.38
N GLN T 117 -20.53 -105.79 -56.52
CA GLN T 117 -20.20 -106.61 -55.36
C GLN T 117 -19.90 -108.05 -55.76
N THR T 118 -20.61 -108.56 -56.76
CA THR T 118 -20.33 -109.91 -57.25
C THR T 118 -18.92 -109.99 -57.83
N VAL T 119 -18.52 -108.96 -58.58
CA VAL T 119 -17.16 -108.93 -59.13
C VAL T 119 -16.14 -108.78 -58.00
N LEU T 120 -16.39 -107.87 -57.07
CA LEU T 120 -15.41 -107.52 -56.04
C LEU T 120 -15.40 -108.49 -54.87
N ASN T 121 -16.37 -109.41 -54.78
CA ASN T 121 -16.32 -110.41 -53.72
C ASN T 121 -15.15 -111.36 -53.90
N GLY T 122 -14.83 -111.70 -55.15
CA GLY T 122 -13.71 -112.59 -55.41
C GLY T 122 -12.38 -111.98 -54.99
N GLY T 123 -12.27 -110.67 -55.03
CA GLY T 123 -11.05 -110.01 -54.64
C GLY T 123 -10.73 -108.80 -55.51
N ILE T 124 -9.45 -108.50 -55.66
CA ILE T 124 -8.99 -107.41 -56.51
C ILE T 124 -8.10 -107.93 -57.64
N PHE T 125 -8.02 -109.24 -57.81
CA PHE T 125 -7.05 -109.87 -58.70
C PHE T 125 -7.75 -111.01 -59.42
N ARG T 126 -6.94 -111.93 -59.96
CA ARG T 126 -7.34 -112.95 -60.93
C ARG T 126 -8.72 -113.57 -60.70
N ARG T 127 -9.12 -113.74 -59.45
CA ARG T 127 -10.44 -114.26 -59.13
C ARG T 127 -11.48 -113.17 -58.92
N GLY T 128 -11.09 -111.90 -59.00
CA GLY T 128 -11.99 -110.81 -58.66
C GLY T 128 -12.09 -109.73 -59.72
N TYR T 129 -11.72 -108.51 -59.33
CA TYR T 129 -11.85 -107.36 -60.21
C TYR T 129 -11.09 -107.55 -61.51
N PHE T 130 -9.85 -108.03 -61.42
CA PHE T 130 -9.03 -108.27 -62.61
C PHE T 130 -9.11 -109.72 -63.05
N ARG T 131 -10.33 -110.17 -63.36
CA ARG T 131 -10.58 -111.49 -63.93
C ARG T 131 -10.94 -111.30 -65.39
N GLY T 132 -10.16 -111.90 -66.28
CA GLY T 132 -10.35 -111.69 -67.70
C GLY T 132 -9.71 -110.43 -68.24
N ALA T 133 -8.96 -109.69 -67.43
CA ALA T 133 -8.31 -108.47 -67.90
C ALA T 133 -7.30 -108.75 -69.00
N LEU T 134 -6.53 -109.83 -68.85
CA LEU T 134 -5.62 -110.23 -69.92
C LEU T 134 -6.38 -110.66 -71.16
N LEU T 135 -7.50 -111.37 -70.98
CA LEU T 135 -8.34 -111.72 -72.12
C LEU T 135 -8.93 -110.47 -72.77
N ASN T 136 -9.31 -109.48 -71.96
CA ASN T 136 -9.80 -108.23 -72.51
C ASN T 136 -8.72 -107.53 -73.33
N LEU T 137 -7.50 -107.50 -72.82
CA LEU T 137 -6.38 -106.90 -73.56
C LEU T 137 -6.13 -107.64 -74.86
N LEU T 138 -6.19 -108.98 -74.83
CA LEU T 138 -6.02 -109.75 -76.05
C LEU T 138 -7.13 -109.48 -77.06
N GLN T 139 -8.37 -109.37 -76.59
CA GLN T 139 -9.47 -109.06 -77.49
C GLN T 139 -9.30 -107.69 -78.11
N PHE T 140 -8.83 -106.72 -77.33
CA PHE T 140 -8.58 -105.38 -77.86
C PHE T 140 -7.45 -105.41 -78.88
N CYS T 141 -6.40 -106.18 -78.62
CA CYS T 141 -5.30 -106.29 -79.59
C CYS T 141 -5.77 -106.99 -80.85
N GLY T 142 -6.71 -107.92 -80.74
CA GLY T 142 -7.20 -108.65 -81.89
C GLY T 142 -8.20 -107.94 -82.75
N ALA T 143 -9.39 -107.67 -82.23
CA ALA T 143 -10.44 -107.19 -83.13
C ALA T 143 -10.29 -105.71 -83.49
N PRO T 144 -10.31 -104.79 -82.52
CA PRO T 144 -10.28 -103.36 -82.91
C PRO T 144 -8.97 -102.93 -83.52
N TYR T 145 -7.85 -103.46 -83.02
CA TYR T 145 -6.55 -103.05 -83.55
C TYR T 145 -6.37 -103.52 -84.99
N GLN T 146 -6.71 -104.77 -85.28
CA GLN T 146 -6.60 -105.24 -86.66
C GLN T 146 -7.61 -104.53 -87.57
N SER T 147 -8.80 -104.22 -87.05
CA SER T 147 -9.75 -103.44 -87.83
C SER T 147 -9.17 -102.08 -88.20
N LEU T 148 -8.50 -101.42 -87.25
CA LEU T 148 -7.83 -100.17 -87.54
C LEU T 148 -6.72 -100.37 -88.57
N ILE T 149 -5.97 -101.46 -88.45
CA ILE T 149 -4.85 -101.71 -89.36
C ILE T 149 -5.36 -101.84 -90.80
N TRP T 150 -6.41 -102.63 -91.00
CA TRP T 150 -6.86 -102.93 -92.36
C TRP T 150 -7.75 -101.86 -92.96
N SER T 151 -8.29 -100.94 -92.16
CA SER T 151 -9.06 -99.80 -92.65
C SER T 151 -8.56 -98.58 -91.90
N ARG T 152 -7.50 -97.95 -92.41
CA ARG T 152 -6.87 -96.86 -91.68
C ARG T 152 -7.66 -95.57 -91.84
N ASN T 153 -7.74 -95.05 -93.06
CA ASN T 153 -8.49 -93.84 -93.36
C ASN T 153 -9.67 -94.26 -94.24
N SER T 154 -10.78 -94.59 -93.60
CA SER T 154 -11.94 -95.14 -94.30
C SER T 154 -13.20 -94.44 -93.81
N GLY T 155 -14.23 -94.46 -94.67
CA GLY T 155 -15.52 -93.96 -94.29
C GLY T 155 -16.20 -94.89 -93.29
N ILE T 156 -17.31 -94.41 -92.73
CA ILE T 156 -17.97 -95.14 -91.65
C ILE T 156 -18.43 -96.50 -92.13
N THR T 157 -18.91 -96.60 -93.37
CA THR T 157 -19.35 -97.89 -93.90
C THR T 157 -18.20 -98.89 -93.97
N ASN T 158 -17.05 -98.45 -94.47
CA ASN T 158 -15.91 -99.36 -94.56
C ASN T 158 -15.40 -99.74 -93.18
N GLN T 159 -15.42 -98.79 -92.24
CA GLN T 159 -15.06 -99.11 -90.85
C GLN T 159 -15.97 -100.20 -90.31
N VAL T 160 -17.28 -100.06 -90.52
CA VAL T 160 -18.23 -101.04 -90.03
C VAL T 160 -18.00 -102.40 -90.68
N ILE T 161 -17.74 -102.41 -91.98
CA ILE T 161 -17.52 -103.67 -92.70
C ILE T 161 -16.30 -104.38 -92.16
N VAL T 162 -15.16 -103.67 -92.06
CA VAL T 162 -13.93 -104.29 -91.58
C VAL T 162 -14.08 -104.75 -90.14
N SER T 163 -14.70 -103.92 -89.30
CA SER T 163 -14.89 -104.28 -87.90
C SER T 163 -15.78 -105.51 -87.77
N SER T 164 -16.85 -105.58 -88.57
CA SER T 164 -17.72 -106.75 -88.51
C SER T 164 -16.97 -108.00 -88.92
N ILE T 165 -16.15 -107.92 -89.97
CA ILE T 165 -15.38 -109.07 -90.41
C ILE T 165 -14.45 -109.54 -89.30
N PHE T 166 -13.75 -108.60 -88.66
CA PHE T 166 -12.78 -109.00 -87.65
C PHE T 166 -13.43 -109.46 -86.36
N GLU T 167 -14.57 -108.87 -85.98
CA GLU T 167 -15.29 -109.35 -84.81
C GLU T 167 -15.86 -110.74 -85.04
N ALA T 168 -16.29 -111.03 -86.28
CA ALA T 168 -16.70 -112.39 -86.61
C ALA T 168 -15.52 -113.34 -86.52
N PHE T 169 -14.34 -112.90 -86.97
CA PHE T 169 -13.17 -113.79 -86.93
C PHE T 169 -12.72 -114.07 -85.50
N PHE T 170 -12.79 -113.07 -84.61
CA PHE T 170 -12.28 -113.19 -83.26
C PHE T 170 -13.36 -113.43 -82.22
N TYR T 171 -14.59 -113.76 -82.65
CA TYR T 171 -15.69 -113.89 -81.70
C TYR T 171 -15.50 -114.96 -80.63
N PRO T 172 -14.95 -116.15 -80.91
CA PRO T 172 -14.78 -117.14 -79.83
C PRO T 172 -14.00 -116.62 -78.64
N LEU T 173 -13.01 -115.75 -78.86
CA LEU T 173 -12.33 -115.12 -77.74
C LEU T 173 -13.29 -114.27 -76.91
N ASP T 174 -14.21 -113.58 -77.58
CA ASP T 174 -15.21 -112.81 -76.85
C ASP T 174 -16.11 -113.71 -76.02
N THR T 175 -16.53 -114.84 -76.59
CA THR T 175 -17.37 -115.77 -75.84
C THR T 175 -16.63 -116.32 -74.63
N VAL T 176 -15.36 -116.68 -74.81
CA VAL T 176 -14.56 -117.19 -73.69
C VAL T 176 -14.41 -116.12 -72.62
N LYS T 177 -14.15 -114.88 -73.02
CA LYS T 177 -14.02 -113.80 -72.05
C LYS T 177 -15.31 -113.57 -71.29
N THR T 178 -16.45 -113.63 -71.98
CA THR T 178 -17.72 -113.44 -71.31
C THR T 178 -17.98 -114.57 -70.31
N LEU T 179 -17.65 -115.80 -70.68
CA LEU T 179 -17.83 -116.92 -69.75
C LEU T 179 -16.89 -116.81 -68.56
N ILE T 180 -15.68 -116.33 -68.77
CA ILE T 180 -14.74 -116.15 -67.67
C ILE T 180 -15.16 -114.98 -66.78
N TYR T 181 -15.89 -114.01 -67.33
CA TYR T 181 -16.38 -112.90 -66.52
C TYR T 181 -17.44 -113.36 -65.51
N ASN T 182 -18.26 -114.34 -65.87
CA ASN T 182 -19.48 -114.64 -65.15
C ASN T 182 -19.40 -115.86 -64.25
N ASP T 183 -18.24 -116.50 -64.11
CA ASP T 183 -18.12 -117.67 -63.23
C ASP T 183 -17.74 -117.17 -61.84
N VAL T 184 -18.75 -116.94 -61.02
CA VAL T 184 -18.51 -116.44 -59.67
C VAL T 184 -17.78 -117.47 -58.82
N GLN T 185 -18.07 -118.75 -59.03
CA GLN T 185 -17.44 -119.82 -58.26
C GLN T 185 -16.09 -120.24 -58.83
N GLY T 186 -15.65 -119.65 -59.93
CA GLY T 186 -14.35 -119.97 -60.50
C GLY T 186 -14.22 -121.37 -61.03
N LYS T 187 -15.23 -121.86 -61.75
CA LYS T 187 -15.19 -123.22 -62.30
C LYS T 187 -14.08 -123.35 -63.33
N TYR T 188 -13.90 -122.35 -64.19
CA TYR T 188 -12.92 -122.42 -65.26
C TYR T 188 -11.57 -121.90 -64.75
N LYS T 189 -10.51 -122.67 -65.02
CA LYS T 189 -9.16 -122.29 -64.61
C LYS T 189 -8.48 -121.35 -65.59
N GLY T 190 -9.06 -121.13 -66.77
CA GLY T 190 -8.43 -120.26 -67.75
C GLY T 190 -9.27 -120.20 -69.01
N ALA T 191 -8.72 -119.49 -70.00
CA ALA T 191 -9.39 -119.35 -71.28
C ALA T 191 -9.42 -120.67 -72.04
N PHE T 192 -8.28 -121.35 -72.11
CA PHE T 192 -8.21 -122.63 -72.81
C PHE T 192 -9.10 -123.66 -72.13
N HIS T 193 -9.11 -123.69 -70.79
CA HIS T 193 -9.95 -124.65 -70.08
C HIS T 193 -11.43 -124.39 -70.34
N CYS T 194 -11.84 -123.12 -70.31
CA CYS T 194 -13.24 -122.79 -70.56
C CYS T 194 -13.64 -123.14 -71.99
N ALA T 195 -12.79 -122.80 -72.97
CA ALA T 195 -13.09 -123.12 -74.35
C ALA T 195 -13.17 -124.64 -74.56
N SER T 196 -12.26 -125.38 -73.92
CA SER T 196 -12.27 -126.83 -74.03
C SER T 196 -13.54 -127.42 -73.44
N GLN T 197 -13.96 -126.92 -72.27
CA GLN T 197 -15.19 -127.41 -71.67
C GLN T 197 -16.39 -127.12 -72.56
N VAL T 198 -16.46 -125.92 -73.13
CA VAL T 198 -17.58 -125.57 -73.98
C VAL T 198 -17.62 -126.44 -75.22
N VAL T 199 -16.46 -126.63 -75.86
CA VAL T 199 -16.41 -127.44 -77.07
C VAL T 199 -16.76 -128.89 -76.77
N GLN T 200 -16.23 -129.44 -75.67
CA GLN T 200 -16.48 -130.83 -75.34
C GLN T 200 -17.95 -131.06 -74.96
N ASN T 201 -18.57 -130.10 -74.27
CA ASN T 201 -19.92 -130.29 -73.79
C ASN T 201 -20.99 -129.74 -74.73
N ALA T 202 -20.63 -128.84 -75.65
CA ALA T 202 -21.63 -128.25 -76.53
C ALA T 202 -21.19 -128.12 -77.99
N GLY T 203 -19.97 -128.50 -78.34
CA GLY T 203 -19.51 -128.41 -79.71
C GLY T 203 -18.84 -127.08 -80.02
N TRP T 204 -18.26 -127.02 -81.22
CA TRP T 204 -17.55 -125.82 -81.65
C TRP T 204 -18.50 -124.67 -81.95
N SER T 205 -19.70 -124.97 -82.43
CA SER T 205 -20.62 -123.92 -82.85
C SER T 205 -21.21 -123.13 -81.68
N ARG T 206 -20.99 -123.58 -80.44
CA ARG T 206 -21.52 -122.87 -79.29
C ARG T 206 -20.67 -121.66 -78.89
N LEU T 207 -19.52 -121.46 -79.55
CA LEU T 207 -18.70 -120.27 -79.31
C LEU T 207 -19.19 -119.06 -80.07
N TYR T 208 -20.23 -119.20 -80.89
CA TYR T 208 -20.75 -118.11 -81.70
C TYR T 208 -22.20 -117.83 -81.35
N ALA T 209 -22.49 -117.72 -80.05
CA ALA T 209 -23.87 -117.63 -79.59
C ALA T 209 -24.54 -116.34 -80.05
N GLY T 210 -23.90 -115.19 -79.82
CA GLY T 210 -24.52 -113.92 -80.14
C GLY T 210 -23.73 -113.06 -81.10
N ILE T 211 -23.12 -113.70 -82.11
CA ILE T 211 -22.22 -113.00 -83.01
C ILE T 211 -22.95 -111.93 -83.79
N PHE T 212 -24.17 -112.24 -84.26
CA PHE T 212 -24.90 -111.27 -85.07
C PHE T 212 -25.36 -110.07 -84.23
N GLN T 213 -25.82 -110.32 -82.99
CA GLN T 213 -26.16 -109.21 -82.12
C GLN T 213 -24.94 -108.34 -81.83
N LYS T 214 -23.79 -108.97 -81.60
CA LYS T 214 -22.57 -108.20 -81.40
C LYS T 214 -22.23 -107.36 -82.62
N LEU T 215 -22.39 -107.93 -83.83
CA LEU T 215 -22.07 -107.19 -85.04
C LEU T 215 -22.98 -105.99 -85.22
N ILE T 216 -24.28 -106.15 -85.00
CA ILE T 216 -25.20 -105.03 -85.14
C ILE T 216 -24.91 -103.95 -84.11
N PHE T 217 -24.69 -104.35 -82.85
CA PHE T 217 -24.39 -103.35 -81.84
C PHE T 217 -23.06 -102.67 -82.11
N ASN T 218 -22.09 -103.39 -82.68
CA ASN T 218 -20.81 -102.77 -83.02
C ASN T 218 -21.00 -101.75 -84.14
N SER T 219 -21.88 -102.03 -85.10
CA SER T 219 -22.18 -101.04 -86.12
C SER T 219 -22.75 -99.77 -85.50
N ALA T 220 -23.71 -99.93 -84.58
CA ALA T 220 -24.29 -98.77 -83.91
C ALA T 220 -23.24 -98.01 -83.11
N LEU T 221 -22.38 -98.73 -82.39
CA LEU T 221 -21.34 -98.10 -81.57
C LEU T 221 -20.33 -97.38 -82.43
N ILE T 222 -19.98 -97.93 -83.59
CA ILE T 222 -19.04 -97.27 -84.49
C ILE T 222 -19.63 -95.98 -85.01
N PHE T 223 -20.93 -96.00 -85.38
CA PHE T 223 -21.57 -94.76 -85.81
C PHE T 223 -21.54 -93.72 -84.70
N HIS T 224 -21.84 -94.14 -83.46
CA HIS T 224 -21.82 -93.20 -82.35
C HIS T 224 -20.43 -92.64 -82.11
N LEU T 225 -19.41 -93.49 -82.18
CA LEU T 225 -18.03 -93.02 -81.98
C LEU T 225 -17.63 -92.03 -83.06
N ASN T 226 -18.01 -92.30 -84.30
CA ASN T 226 -17.67 -91.37 -85.38
C ASN T 226 -18.38 -90.04 -85.19
N GLN T 227 -19.63 -90.07 -84.72
CA GLN T 227 -20.32 -88.81 -84.45
C GLN T 227 -19.70 -88.07 -83.27
N VAL T 228 -19.18 -88.79 -82.29
CA VAL T 228 -18.53 -88.16 -81.14
C VAL T 228 -17.21 -87.51 -81.55
N TRP T 229 -16.42 -88.22 -82.36
CA TRP T 229 -15.11 -87.70 -82.75
C TRP T 229 -15.25 -86.43 -83.56
N ASP T 230 -16.21 -86.38 -84.47
CA ASP T 230 -16.44 -85.18 -85.27
C ASP T 230 -16.94 -84.01 -84.45
N GLY T 231 -17.46 -84.27 -83.25
CA GLY T 231 -18.01 -83.19 -82.44
C GLY T 231 -19.31 -82.64 -82.96
N SER T 232 -20.03 -83.39 -83.79
CA SER T 232 -21.27 -82.91 -84.36
C SER T 232 -22.37 -82.87 -83.31
N SER T 233 -23.45 -82.16 -83.65
CA SER T 233 -24.61 -82.10 -82.77
C SER T 233 -25.37 -83.42 -82.71
N GLN T 234 -25.06 -84.37 -83.58
CA GLN T 234 -25.73 -85.66 -83.61
C GLN T 234 -25.22 -86.62 -82.53
N GLN T 235 -24.46 -86.12 -81.54
CA GLN T 235 -24.01 -86.98 -80.46
C GLN T 235 -25.18 -87.51 -79.66
N TRP T 236 -26.22 -86.68 -79.46
CA TRP T 236 -27.39 -87.13 -78.71
C TRP T 236 -28.21 -88.13 -79.50
N ALA T 237 -28.34 -87.92 -80.81
CA ALA T 237 -29.03 -88.91 -81.64
C ALA T 237 -28.29 -90.24 -81.64
N SER T 238 -26.96 -90.19 -81.69
CA SER T 238 -26.18 -91.41 -81.63
C SER T 238 -26.29 -92.09 -80.27
N LEU T 239 -26.35 -91.29 -79.19
CA LEU T 239 -26.57 -91.87 -77.87
C LEU T 239 -27.93 -92.55 -77.79
N ALA T 240 -28.96 -91.94 -78.38
CA ALA T 240 -30.27 -92.57 -78.42
C ALA T 240 -30.23 -93.86 -79.22
N LEU T 241 -29.49 -93.87 -80.34
CA LEU T 241 -29.36 -95.08 -81.14
C LEU T 241 -28.65 -96.19 -80.37
N VAL T 242 -27.60 -95.83 -79.62
CA VAL T 242 -26.89 -96.83 -78.82
C VAL T 242 -27.78 -97.34 -77.69
N ALA T 243 -28.58 -96.46 -77.10
CA ALA T 243 -29.53 -96.89 -76.08
C ALA T 243 -30.55 -97.87 -76.67
N ALA T 244 -31.00 -97.61 -77.90
CA ALA T 244 -31.92 -98.52 -78.55
C ALA T 244 -31.26 -99.86 -78.87
N ALA T 245 -29.99 -99.83 -79.24
CA ALA T 245 -29.29 -101.06 -79.62
C ALA T 245 -28.71 -101.82 -78.44
N TYR T 246 -28.70 -101.24 -77.25
CA TYR T 246 -28.17 -101.93 -76.07
C TYR T 246 -28.83 -103.27 -75.79
N PRO T 247 -30.15 -103.45 -75.94
CA PRO T 247 -30.72 -104.79 -75.76
C PRO T 247 -30.07 -105.85 -76.62
N LEU T 248 -29.53 -105.48 -77.78
CA LEU T 248 -28.78 -106.44 -78.58
C LEU T 248 -27.54 -106.92 -77.83
N LEU T 249 -26.83 -106.01 -77.17
CA LEU T 249 -25.67 -106.40 -76.36
C LEU T 249 -26.08 -107.26 -75.18
N VAL T 250 -27.19 -106.91 -74.52
CA VAL T 250 -27.67 -107.70 -73.39
C VAL T 250 -28.01 -109.12 -73.85
N LEU T 251 -28.71 -109.23 -74.98
CA LEU T 251 -29.06 -110.54 -75.52
C LEU T 251 -27.81 -111.30 -75.93
N LYS T 252 -26.80 -110.60 -76.45
CA LYS T 252 -25.54 -111.26 -76.79
C LYS T 252 -24.92 -111.90 -75.56
N THR T 253 -24.83 -111.16 -74.47
CA THR T 253 -24.24 -111.70 -73.25
C THR T 253 -25.05 -112.88 -72.72
N ARG T 254 -26.39 -112.75 -72.72
CA ARG T 254 -27.23 -113.81 -72.22
C ARG T 254 -27.13 -115.06 -73.08
N PHE T 255 -27.09 -114.91 -74.40
CA PHE T 255 -26.91 -116.06 -75.28
C PHE T 255 -25.55 -116.71 -75.07
N GLN T 256 -24.51 -115.90 -74.83
CA GLN T 256 -23.18 -116.44 -74.61
C GLN T 256 -23.13 -117.28 -73.34
N VAL T 257 -23.77 -116.82 -72.27
CA VAL T 257 -23.71 -117.55 -71.00
C VAL T 257 -24.87 -118.52 -70.81
N ALA T 258 -25.78 -118.64 -71.79
CA ALA T 258 -27.03 -119.36 -71.61
C ALA T 258 -26.87 -120.85 -71.30
N GLY T 259 -26.35 -121.62 -72.25
CA GLY T 259 -26.37 -123.07 -72.11
C GLY T 259 -25.42 -123.60 -71.06
N THR T 260 -24.44 -122.81 -70.64
CA THR T 260 -23.46 -123.25 -69.68
C THR T 260 -24.09 -123.42 -68.30
N PRO T 261 -23.45 -124.20 -67.42
CA PRO T 261 -23.95 -124.30 -66.03
C PRO T 261 -23.86 -123.00 -65.26
N LEU T 262 -23.24 -121.96 -65.83
CA LEU T 262 -23.16 -120.66 -65.17
C LEU T 262 -24.50 -119.97 -65.07
N ALA T 263 -25.51 -120.41 -65.84
CA ALA T 263 -26.77 -119.70 -65.95
C ALA T 263 -27.94 -120.64 -65.66
N LEU T 264 -29.04 -120.03 -65.19
CA LEU T 264 -30.27 -120.78 -64.96
C LEU T 264 -31.03 -121.07 -66.24
N ALA T 265 -30.96 -120.17 -67.22
CA ALA T 265 -31.77 -120.26 -68.42
C ALA T 265 -30.97 -120.85 -69.57
N THR T 266 -31.59 -121.76 -70.31
CA THR T 266 -31.02 -122.27 -71.54
C THR T 266 -31.25 -121.26 -72.67
N SER T 267 -30.67 -121.56 -73.83
CA SER T 267 -30.70 -120.60 -74.93
C SER T 267 -32.12 -120.27 -75.35
N ASN T 268 -32.97 -121.29 -75.50
CA ASN T 268 -34.35 -121.06 -75.89
C ASN T 268 -35.11 -120.20 -74.87
N GLU T 269 -34.63 -120.13 -73.64
CA GLU T 269 -35.26 -119.33 -72.60
C GLU T 269 -34.66 -117.93 -72.49
N VAL T 270 -33.66 -117.60 -73.30
CA VAL T 270 -33.07 -116.26 -73.24
C VAL T 270 -34.06 -115.22 -73.75
N LEU T 271 -34.84 -115.57 -74.78
CA LEU T 271 -35.85 -114.66 -75.30
C LEU T 271 -37.14 -114.71 -74.50
N LYS T 272 -37.24 -115.58 -73.50
CA LYS T 272 -38.37 -115.63 -72.59
C LYS T 272 -38.16 -114.81 -71.34
N VAL T 273 -36.98 -114.21 -71.17
CA VAL T 273 -36.72 -113.39 -69.99
C VAL T 273 -37.61 -112.14 -70.02
N ASN T 274 -37.85 -111.57 -68.84
CA ASN T 274 -38.71 -110.41 -68.71
C ASN T 274 -38.21 -109.27 -69.60
N ARG T 275 -39.16 -108.59 -70.24
CA ARG T 275 -38.81 -107.49 -71.14
C ARG T 275 -38.20 -106.31 -70.40
N LYS T 276 -38.66 -106.07 -69.16
CA LYS T 276 -38.14 -104.95 -68.39
C LYS T 276 -36.65 -105.07 -68.11
N THR T 277 -36.09 -106.27 -68.25
CA THR T 277 -34.68 -106.51 -68.03
C THR T 277 -33.85 -106.36 -69.30
N LEU T 278 -34.45 -105.93 -70.41
CA LEU T 278 -33.69 -105.81 -71.65
C LEU T 278 -32.61 -104.75 -71.54
N TYR T 279 -32.90 -103.64 -70.87
CA TYR T 279 -31.89 -102.60 -70.63
C TYR T 279 -31.27 -102.82 -69.25
N ALA T 280 -30.47 -103.88 -69.17
CA ALA T 280 -29.92 -104.30 -67.89
C ALA T 280 -28.94 -103.28 -67.33
N GLY T 281 -27.96 -102.85 -68.13
CA GLY T 281 -26.93 -101.96 -67.65
C GLY T 281 -26.75 -100.74 -68.54
N LEU T 282 -27.86 -100.18 -69.03
CA LEU T 282 -27.79 -99.14 -70.04
C LEU T 282 -27.08 -97.90 -69.52
N VAL T 283 -27.51 -97.38 -68.38
CA VAL T 283 -26.95 -96.15 -67.84
C VAL T 283 -25.49 -96.34 -67.44
N PRO T 284 -25.13 -97.40 -66.69
CA PRO T 284 -23.69 -97.60 -66.42
C PRO T 284 -22.86 -97.77 -67.68
N TYR T 285 -23.37 -98.47 -68.68
CA TYR T 285 -22.61 -98.65 -69.93
C TYR T 285 -22.41 -97.32 -70.64
N LEU T 286 -23.46 -96.50 -70.72
CA LEU T 286 -23.35 -95.21 -71.38
C LEU T 286 -22.38 -94.30 -70.62
N ILE T 287 -22.45 -94.30 -69.28
CA ILE T 287 -21.54 -93.48 -68.50
C ILE T 287 -20.10 -93.92 -68.72
N PHE T 288 -19.86 -95.23 -68.67
CA PHE T 288 -18.50 -95.74 -68.84
C PHE T 288 -17.96 -95.41 -70.22
N ASN T 289 -18.77 -95.57 -71.26
CA ASN T 289 -18.29 -95.28 -72.61
C ASN T 289 -18.09 -93.78 -72.82
N THR T 290 -18.96 -92.96 -72.24
CA THR T 290 -18.79 -91.51 -72.35
C THR T 290 -17.50 -91.07 -71.67
N LEU T 291 -17.21 -91.62 -70.48
CA LEU T 291 -15.98 -91.25 -69.79
C LEU T 291 -14.76 -91.77 -70.51
N PHE T 292 -14.67 -93.09 -70.70
CA PHE T 292 -13.55 -93.71 -71.40
C PHE T 292 -14.10 -94.40 -72.63
N ALA T 293 -14.27 -93.65 -73.71
CA ALA T 293 -14.65 -94.21 -74.99
C ALA T 293 -13.42 -94.61 -75.78
N TYR T 294 -13.64 -95.43 -76.80
CA TYR T 294 -12.55 -95.86 -77.66
C TYR T 294 -12.00 -94.67 -78.43
N GLU T 295 -10.68 -94.51 -78.41
CA GLU T 295 -10.01 -93.44 -79.14
C GLU T 295 -9.19 -94.09 -80.26
N PHE T 296 -9.78 -94.13 -81.45
CA PHE T 296 -9.15 -94.69 -82.64
C PHE T 296 -8.84 -93.52 -83.58
N ALA T 297 -7.68 -92.91 -83.38
CA ALA T 297 -7.31 -91.74 -84.18
C ALA T 297 -7.13 -92.08 -85.65
N ALA T 298 -6.89 -93.36 -85.98
CA ALA T 298 -6.82 -93.74 -87.39
C ALA T 298 -8.17 -93.53 -88.07
N TRP T 299 -9.26 -93.90 -87.41
CA TRP T 299 -10.60 -93.80 -87.97
C TRP T 299 -11.16 -92.39 -87.94
N HIS T 300 -10.44 -91.43 -87.37
CA HIS T 300 -10.93 -90.05 -87.32
C HIS T 300 -11.16 -89.53 -88.73
N SER T 301 -12.33 -88.94 -88.95
CA SER T 301 -12.69 -88.38 -90.24
C SER T 301 -12.02 -87.03 -90.42
N SER T 302 -12.32 -86.34 -91.52
CA SER T 302 -11.72 -85.03 -91.75
C SER T 302 -12.15 -84.03 -90.68
N THR T 303 -13.42 -84.09 -90.26
CA THR T 303 -13.90 -83.15 -89.26
C THR T 303 -13.19 -83.36 -87.92
N ALA T 304 -12.98 -84.62 -87.52
CA ALA T 304 -12.30 -84.87 -86.25
C ALA T 304 -10.86 -84.40 -86.29
N GLN T 305 -10.16 -84.67 -87.40
CA GLN T 305 -8.78 -84.19 -87.54
C GLN T 305 -8.74 -82.67 -87.50
N GLU T 306 -9.66 -82.02 -88.20
CA GLU T 306 -9.70 -80.55 -88.17
C GLU T 306 -9.96 -80.04 -86.76
N ARG T 307 -10.87 -80.70 -86.03
CA ARG T 307 -11.17 -80.25 -84.66
C ARG T 307 -9.95 -80.37 -83.76
N VAL T 308 -9.27 -81.52 -83.80
CA VAL T 308 -8.12 -81.73 -82.92
C VAL T 308 -6.99 -80.76 -83.27
N ILE T 309 -6.68 -80.64 -84.57
CA ILE T 309 -5.58 -79.78 -84.98
C ILE T 309 -5.90 -78.32 -84.73
N GLY T 310 -7.16 -77.92 -84.92
CA GLY T 310 -7.55 -76.56 -84.60
C GLY T 310 -7.46 -76.26 -83.13
N GLY T 311 -7.83 -77.23 -82.28
CA GLY T 311 -7.63 -77.04 -80.85
C GLY T 311 -6.18 -76.84 -80.49
N LEU T 312 -5.29 -77.66 -81.09
CA LEU T 312 -3.86 -77.48 -80.83
C LEU T 312 -3.36 -76.13 -81.31
N GLN T 313 -3.78 -75.71 -82.51
CA GLN T 313 -3.35 -74.44 -83.05
C GLN T 313 -3.83 -73.27 -82.19
N ASN T 314 -5.08 -73.34 -81.71
CA ASN T 314 -5.58 -72.33 -80.81
C ASN T 314 -4.79 -72.32 -79.51
N ALA T 315 -4.40 -73.50 -79.01
CA ALA T 315 -3.56 -73.57 -77.83
C ALA T 315 -2.16 -73.03 -78.08
N MET T 316 -1.74 -72.93 -79.33
CA MET T 316 -0.43 -72.38 -79.66
C MET T 316 -0.41 -70.86 -79.76
N LYS T 317 -1.54 -70.19 -79.54
CA LYS T 317 -1.63 -68.74 -79.69
C LYS T 317 -1.21 -67.98 -78.43
N GLN T 318 -0.84 -68.67 -77.36
CA GLN T 318 -0.53 -68.03 -76.10
C GLN T 318 0.90 -67.53 -76.02
N PHE T 319 1.75 -67.84 -77.00
CA PHE T 319 3.18 -67.55 -76.90
C PHE T 319 3.50 -66.19 -77.53
N SER T 320 2.87 -65.16 -76.98
CA SER T 320 3.13 -63.78 -77.39
C SER T 320 2.77 -62.87 -76.23
N SER T 321 3.41 -61.71 -76.20
CA SER T 321 3.20 -60.77 -75.10
C SER T 321 1.83 -60.12 -75.21
N PRO T 322 1.01 -60.17 -74.15
CA PRO T 322 -0.27 -59.43 -74.19
C PRO T 322 -0.10 -57.95 -74.42
N ALA T 323 0.91 -57.33 -73.80
CA ALA T 323 1.17 -55.91 -73.97
C ALA T 323 2.28 -55.70 -75.00
N ALA T 324 1.95 -56.03 -76.24
CA ALA T 324 2.87 -55.88 -77.36
C ALA T 324 2.47 -54.64 -78.14
N GLU T 325 3.40 -53.68 -78.25
CA GLU T 325 3.11 -52.45 -78.97
C GLU T 325 2.96 -52.72 -80.46
N GLN T 326 1.94 -52.09 -81.06
CA GLN T 326 1.73 -52.15 -82.50
C GLN T 326 2.64 -51.10 -83.13
N VAL T 327 3.73 -51.56 -83.74
CA VAL T 327 4.80 -50.69 -84.21
C VAL T 327 4.66 -50.47 -85.70
N TRP T 328 4.97 -49.26 -86.15
CA TRP T 328 4.85 -48.91 -87.57
C TRP T 328 5.87 -49.66 -88.41
N SER T 329 7.11 -49.74 -87.94
CA SER T 329 8.18 -50.46 -88.63
C SER T 329 8.62 -51.63 -87.77
N SER T 330 8.58 -52.83 -88.34
CA SER T 330 8.94 -54.04 -87.62
C SER T 330 9.58 -55.07 -88.53
N THR U 3 39.93 -43.85 -89.65
CA THR U 3 41.26 -43.60 -90.18
C THR U 3 41.40 -44.17 -91.60
N GLU U 4 40.69 -45.25 -91.86
CA GLU U 4 40.71 -45.91 -93.16
C GLU U 4 39.33 -45.80 -93.80
N VAL U 5 39.30 -45.38 -95.07
CA VAL U 5 38.06 -45.18 -95.81
C VAL U 5 38.06 -46.11 -97.02
N SER U 6 36.98 -46.83 -97.20
CA SER U 6 36.86 -47.74 -98.33
C SER U 6 36.66 -46.96 -99.63
N ASN U 7 36.97 -47.61 -100.74
CA ASN U 7 36.71 -47.00 -102.05
C ASN U 7 35.22 -46.77 -102.25
N HIS U 8 34.38 -47.69 -101.76
CA HIS U 8 32.94 -47.50 -101.87
C HIS U 8 32.48 -46.29 -101.07
N ASN U 9 33.05 -46.09 -99.87
CA ASN U 9 32.66 -44.93 -99.07
C ASN U 9 33.14 -43.63 -99.69
N TYR U 10 34.33 -43.64 -100.29
CA TYR U 10 34.77 -42.46 -101.05
C TYR U 10 33.84 -42.18 -102.21
N THR U 11 33.42 -43.22 -102.93
CA THR U 11 32.48 -43.04 -104.03
C THR U 11 31.14 -42.50 -103.53
N GLN U 12 30.70 -42.97 -102.36
CA GLN U 12 29.45 -42.46 -101.80
C GLN U 12 29.58 -40.97 -101.43
N ALA U 13 30.73 -40.58 -100.88
CA ALA U 13 30.96 -39.16 -100.60
C ALA U 13 30.92 -38.34 -101.89
N VAL U 14 31.55 -38.86 -102.95
CA VAL U 14 31.52 -38.16 -104.23
C VAL U 14 30.09 -38.07 -104.76
N ALA U 15 29.28 -39.12 -104.54
CA ALA U 15 27.89 -39.08 -104.98
C ALA U 15 27.09 -38.04 -104.20
N TYR U 16 27.35 -37.93 -102.89
CA TYR U 16 26.75 -36.88 -102.09
C TYR U 16 27.09 -35.51 -102.66
N LEU U 17 28.37 -35.31 -102.97
CA LEU U 17 28.79 -34.03 -103.54
C LEU U 17 28.13 -33.79 -104.88
N ASN U 18 27.98 -34.83 -105.70
CA ASN U 18 27.36 -34.68 -107.01
C ASN U 18 25.91 -34.25 -106.89
N ARG U 19 25.14 -34.94 -106.04
CA ARG U 19 23.72 -34.58 -105.91
C ARG U 19 23.57 -33.19 -105.29
N ALA U 20 24.40 -32.86 -104.30
CA ALA U 20 24.33 -31.53 -103.72
C ALA U 20 24.67 -30.45 -104.74
N THR U 21 25.70 -30.68 -105.55
CA THR U 21 26.09 -29.70 -106.56
C THR U 21 24.99 -29.51 -107.59
N SER U 22 24.40 -30.61 -108.07
CA SER U 22 23.33 -30.48 -109.07
C SER U 22 22.14 -29.74 -108.50
N SER U 23 21.72 -30.08 -107.28
CA SER U 23 20.56 -29.43 -106.69
C SER U 23 20.83 -27.95 -106.41
N CYS U 24 22.04 -27.62 -105.97
CA CYS U 24 22.35 -26.22 -105.68
C CYS U 24 22.52 -25.41 -106.97
N VAL U 25 23.02 -26.03 -108.03
CA VAL U 25 23.09 -25.34 -109.32
C VAL U 25 21.69 -25.04 -109.83
N LYS U 26 20.79 -26.02 -109.75
CA LYS U 26 19.41 -25.78 -110.19
C LYS U 26 18.71 -24.74 -109.31
N LYS U 27 18.93 -24.82 -108.00
CA LYS U 27 18.20 -23.96 -107.07
C LYS U 27 18.69 -22.53 -107.14
N CYS U 28 20.01 -22.33 -107.15
CA CYS U 28 20.61 -21.01 -107.07
C CYS U 28 20.88 -20.38 -108.42
N ASP U 29 20.53 -21.05 -109.52
CA ASP U 29 20.78 -20.56 -110.87
C ASP U 29 22.26 -20.19 -111.05
N SER U 30 23.13 -21.08 -110.56
CA SER U 30 24.56 -20.81 -110.55
C SER U 30 25.18 -20.83 -111.95
N LEU U 31 24.47 -21.32 -112.96
CA LEU U 31 24.98 -21.34 -114.32
C LEU U 31 24.69 -20.06 -115.09
N ASN U 32 23.86 -19.18 -114.54
CA ASN U 32 23.52 -17.91 -115.20
C ASN U 32 24.55 -16.85 -114.80
N ASN U 33 25.74 -16.99 -115.38
CA ASN U 33 26.89 -16.18 -115.01
C ASN U 33 27.66 -15.79 -116.26
N ASN U 34 28.78 -15.10 -116.04
CA ASN U 34 29.74 -14.80 -117.09
C ASN U 34 31.04 -15.58 -116.87
N GLY U 35 30.93 -16.78 -116.32
CA GLY U 35 32.07 -17.62 -115.99
C GLY U 35 32.43 -17.63 -114.51
N SER U 36 31.94 -16.66 -113.74
CA SER U 36 32.22 -16.59 -112.32
C SER U 36 30.94 -16.32 -111.56
N LEU U 37 30.88 -16.83 -110.32
CA LEU U 37 29.68 -16.70 -109.52
C LEU U 37 29.50 -15.28 -109.01
N SER U 38 28.26 -14.94 -108.68
CA SER U 38 27.93 -13.67 -108.07
C SER U 38 27.95 -13.80 -106.55
N SER U 39 27.93 -12.66 -105.87
CA SER U 39 27.86 -12.67 -104.41
C SER U 39 26.57 -13.31 -103.93
N LYS U 40 25.45 -12.95 -104.54
CA LYS U 40 24.18 -13.58 -104.21
C LYS U 40 24.20 -15.07 -104.52
N GLN U 41 24.77 -15.44 -105.67
CA GLN U 41 24.86 -16.86 -106.02
C GLN U 41 25.79 -17.59 -105.07
N GLU U 42 26.89 -16.98 -104.66
CA GLU U 42 27.77 -17.63 -103.70
C GLU U 42 27.07 -17.85 -102.36
N SER U 43 26.31 -16.84 -101.89
CA SER U 43 25.56 -17.00 -100.65
C SER U 43 24.53 -18.12 -100.76
N CYS U 44 23.81 -18.16 -101.88
CA CYS U 44 22.80 -19.19 -102.08
C CYS U 44 23.43 -20.57 -102.15
N LEU U 45 24.58 -20.69 -102.83
CA LEU U 45 25.28 -21.97 -102.89
C LEU U 45 25.76 -22.42 -101.52
N LYS U 46 26.28 -21.49 -100.72
CA LYS U 46 26.70 -21.83 -99.37
C LYS U 46 25.54 -22.34 -98.53
N THR U 47 24.41 -21.62 -98.58
CA THR U 47 23.23 -22.05 -97.81
C THR U 47 22.73 -23.40 -98.29
N CYS U 48 22.68 -23.60 -99.61
CA CYS U 48 22.19 -24.86 -100.15
C CYS U 48 23.13 -26.02 -99.80
N ALA U 49 24.45 -25.79 -99.83
CA ALA U 49 25.38 -26.84 -99.48
C ALA U 49 25.28 -27.21 -98.00
N GLU U 50 25.13 -26.23 -97.12
CA GLU U 50 24.94 -26.53 -95.70
C GLU U 50 23.64 -27.30 -95.48
N ASN U 51 22.57 -26.89 -96.17
CA ASN U 51 21.31 -27.62 -96.07
C ASN U 51 21.45 -29.05 -96.56
N HIS U 52 22.20 -29.25 -97.65
CA HIS U 52 22.43 -30.59 -98.15
C HIS U 52 23.23 -31.43 -97.17
N ALA U 53 24.22 -30.83 -96.51
CA ALA U 53 24.97 -31.57 -95.50
C ALA U 53 24.07 -32.03 -94.36
N ILE U 54 23.24 -31.12 -93.85
CA ILE U 54 22.31 -31.48 -92.78
C ILE U 54 21.36 -32.58 -93.24
N ALA U 55 20.82 -32.43 -94.44
CA ALA U 55 19.85 -33.40 -94.94
C ALA U 55 20.49 -34.75 -95.19
N THR U 56 21.74 -34.77 -95.67
CA THR U 56 22.45 -36.03 -95.87
C THR U 56 22.66 -36.75 -94.54
N LYS U 57 23.08 -36.01 -93.52
CA LYS U 57 23.26 -36.62 -92.20
C LYS U 57 21.94 -37.20 -91.69
N ILE U 58 20.86 -36.43 -91.79
CA ILE U 58 19.57 -36.87 -91.26
C ILE U 58 19.04 -38.06 -92.06
N HIS U 59 19.18 -38.03 -93.38
CA HIS U 59 18.70 -39.11 -94.22
C HIS U 59 19.45 -40.40 -93.96
N ALA U 60 20.78 -40.33 -93.83
CA ALA U 60 21.55 -41.53 -93.52
C ALA U 60 21.16 -42.09 -92.17
N GLU U 61 21.00 -41.22 -91.17
CA GLU U 61 20.58 -41.69 -89.86
C GLU U 61 19.20 -42.33 -89.90
N TYR U 62 18.27 -41.74 -90.66
CA TYR U 62 16.92 -42.29 -90.74
C TYR U 62 16.92 -43.66 -91.42
N ILE U 63 17.67 -43.80 -92.50
CA ILE U 63 17.70 -45.09 -93.19
C ILE U 63 18.33 -46.16 -92.30
N ARG U 64 19.42 -45.82 -91.63
CA ARG U 64 20.04 -46.79 -90.73
C ARG U 64 19.09 -47.16 -89.60
N LYS U 65 18.36 -46.19 -89.06
CA LYS U 65 17.44 -46.49 -87.97
C LYS U 65 16.27 -47.35 -88.44
N LEU U 66 15.80 -47.14 -89.66
CA LEU U 66 14.75 -48.01 -90.21
C LEU U 66 15.26 -49.44 -90.34
N ALA U 67 16.44 -49.60 -90.94
CA ALA U 67 17.01 -50.95 -91.10
C ALA U 67 17.23 -51.62 -89.74
N GLU U 68 17.70 -50.87 -88.75
CA GLU U 68 17.91 -51.43 -87.42
C GLU U 68 16.59 -51.72 -86.71
N SER U 69 15.56 -50.93 -86.97
CA SER U 69 14.25 -51.21 -86.40
C SER U 69 13.67 -52.50 -86.95
N LYS U 70 14.08 -52.88 -88.16
CA LYS U 70 13.72 -54.22 -88.64
C LYS U 70 14.30 -55.30 -87.74
N TYR U 71 15.54 -55.10 -87.26
CA TYR U 71 16.14 -56.06 -86.33
C TYR U 71 15.42 -56.06 -85.00
N LEU U 72 15.22 -54.90 -84.40
CA LEU U 72 14.60 -54.78 -83.09
C LEU U 72 13.13 -55.19 -83.13
N ASP V 3 15.97 -62.80 -117.30
CA ASP V 3 16.11 -63.67 -116.13
C ASP V 3 15.00 -63.40 -115.13
N LYS V 4 14.66 -64.42 -114.34
CA LYS V 4 13.58 -64.26 -113.36
C LYS V 4 13.97 -63.25 -112.29
N ARG V 5 15.22 -63.29 -111.83
CA ARG V 5 15.70 -62.30 -110.87
C ARG V 5 15.63 -60.89 -111.45
N LYS V 6 16.01 -60.74 -112.73
CA LYS V 6 15.94 -59.43 -113.36
C LYS V 6 14.50 -58.94 -113.47
N ILE V 7 13.57 -59.85 -113.78
CA ILE V 7 12.16 -59.46 -113.88
C ILE V 7 11.63 -59.02 -112.53
N GLN V 8 11.98 -59.75 -111.46
CA GLN V 8 11.57 -59.35 -110.13
C GLN V 8 12.17 -58.00 -109.75
N HIS V 9 13.44 -57.78 -110.08
CA HIS V 9 14.08 -56.50 -109.81
C HIS V 9 13.37 -55.35 -110.52
N GLU V 10 13.05 -55.55 -111.79
CA GLU V 10 12.34 -54.51 -112.55
C GLU V 10 10.95 -54.26 -111.97
N GLY V 11 10.26 -55.32 -111.55
CA GLY V 11 8.95 -55.13 -110.95
C GLY V 11 9.00 -54.31 -109.67
N ILE V 12 9.98 -54.60 -108.81
CA ILE V 12 10.09 -53.87 -107.56
C ILE V 12 10.51 -52.42 -107.82
N ILE V 13 11.40 -52.20 -108.79
CA ILE V 13 11.79 -50.84 -109.15
C ILE V 13 10.59 -50.07 -109.67
N ALA V 14 9.76 -50.71 -110.48
CA ALA V 14 8.55 -50.05 -110.98
C ALA V 14 7.60 -49.71 -109.83
N LEU V 15 7.46 -50.62 -108.87
CA LEU V 15 6.66 -50.33 -107.68
C LEU V 15 7.16 -49.09 -106.97
N ILE V 16 8.48 -49.00 -106.75
CA ILE V 16 9.05 -47.86 -106.05
C ILE V 16 8.82 -46.58 -106.83
N ASN V 17 9.06 -46.62 -108.15
CA ASN V 17 8.92 -45.43 -108.96
C ASN V 17 7.48 -44.92 -108.97
N TYR V 18 6.51 -45.80 -109.13
CA TYR V 18 5.14 -45.32 -109.20
C TYR V 18 4.58 -44.96 -107.83
N SER V 19 5.06 -45.59 -106.76
CA SER V 19 4.71 -45.12 -105.42
C SER V 19 5.22 -43.70 -105.20
N THR V 20 6.46 -43.43 -105.62
CA THR V 20 6.99 -42.07 -105.53
C THR V 20 6.18 -41.10 -106.37
N LEU V 21 5.78 -41.53 -107.58
CA LEU V 21 4.99 -40.68 -108.45
C LEU V 21 3.64 -40.32 -107.81
N CYS V 22 2.96 -41.31 -107.22
CA CYS V 22 1.70 -41.03 -106.54
C CYS V 22 1.91 -40.13 -105.33
N ALA V 23 2.99 -40.34 -104.58
CA ALA V 23 3.25 -39.49 -103.43
C ALA V 23 3.47 -38.04 -103.85
N GLN V 24 4.17 -37.83 -104.96
CA GLN V 24 4.37 -36.47 -105.46
C GLN V 24 3.08 -35.87 -105.98
N LYS V 25 2.27 -36.67 -106.71
CA LYS V 25 1.07 -36.13 -107.34
C LYS V 25 0.00 -35.79 -106.31
N CYS V 26 -0.09 -36.58 -105.24
CA CYS V 26 -1.10 -36.33 -104.21
C CYS V 26 -0.65 -35.32 -103.16
N ASP V 27 0.56 -34.77 -103.30
CA ASP V 27 1.09 -33.80 -102.34
C ASP V 27 1.11 -34.36 -100.91
N VAL V 28 1.44 -35.64 -100.80
CA VAL V 28 1.47 -36.30 -99.49
C VAL V 28 2.66 -35.79 -98.68
N LEU V 29 3.82 -35.63 -99.30
CA LEU V 29 5.04 -35.31 -98.58
C LEU V 29 4.98 -33.89 -98.02
N LYS V 30 4.81 -33.78 -96.71
CA LYS V 30 4.79 -32.51 -96.01
C LYS V 30 5.61 -32.63 -94.74
N GLY V 31 6.08 -31.49 -94.24
CA GLY V 31 6.98 -31.51 -93.10
C GLY V 31 6.36 -31.23 -91.76
N HIS V 32 5.09 -30.81 -91.73
CA HIS V 32 4.50 -30.37 -90.47
C HIS V 32 4.28 -31.55 -89.51
N ASP V 33 3.93 -32.72 -90.04
CA ASP V 33 3.84 -33.92 -89.24
C ASP V 33 4.06 -35.14 -90.13
N ASP V 34 4.35 -36.27 -89.50
CA ASP V 34 4.69 -37.49 -90.22
C ASP V 34 3.51 -38.41 -90.47
N LYS V 35 2.31 -38.03 -90.04
CA LYS V 35 1.15 -38.90 -90.18
C LYS V 35 0.38 -38.54 -91.44
N ILE V 36 0.11 -39.55 -92.27
CA ILE V 36 -0.67 -39.38 -93.49
C ILE V 36 -2.14 -39.54 -93.13
N THR V 37 -2.93 -38.51 -93.40
CA THR V 37 -4.35 -38.54 -93.04
C THR V 37 -5.10 -39.51 -93.94
N ASP V 38 -6.34 -39.80 -93.54
CA ASP V 38 -7.16 -40.73 -94.32
C ASP V 38 -7.49 -40.16 -95.70
N THR V 39 -7.66 -38.84 -95.81
CA THR V 39 -7.88 -38.24 -97.12
C THR V 39 -6.69 -38.46 -98.04
N GLU V 40 -5.47 -38.29 -97.51
CA GLU V 40 -4.28 -38.51 -98.33
C GLU V 40 -4.11 -39.98 -98.67
N GLU V 41 -4.47 -40.88 -97.75
CA GLU V 41 -4.43 -42.30 -98.07
C GLU V 41 -5.41 -42.64 -99.18
N GLN V 42 -6.61 -42.06 -99.14
CA GLN V 42 -7.57 -42.28 -100.21
C GLN V 42 -7.04 -41.73 -101.53
N CYS V 43 -6.41 -40.57 -101.51
CA CYS V 43 -5.84 -40.02 -102.73
C CYS V 43 -4.75 -40.94 -103.30
N LEU V 44 -3.89 -41.46 -102.42
CA LEU V 44 -2.84 -42.38 -102.87
C LEU V 44 -3.43 -43.65 -103.47
N ARG V 45 -4.48 -44.19 -102.83
CA ARG V 45 -5.09 -45.40 -103.35
C ARG V 45 -5.78 -45.16 -104.69
N VAL V 46 -6.42 -44.00 -104.86
CA VAL V 46 -7.04 -43.69 -106.14
C VAL V 46 -5.97 -43.50 -107.21
N CYS V 47 -4.84 -42.88 -106.86
CA CYS V 47 -3.74 -42.75 -107.82
C CYS V 47 -3.20 -44.12 -108.23
N ALA V 48 -3.03 -45.02 -107.26
CA ALA V 48 -2.57 -46.37 -107.59
C ALA V 48 -3.58 -47.10 -108.46
N GLU V 49 -4.88 -46.93 -108.19
CA GLU V 49 -5.89 -47.55 -109.02
C GLU V 49 -5.84 -47.03 -110.44
N LYS V 50 -5.66 -45.72 -110.61
CA LYS V 50 -5.57 -45.16 -111.96
C LYS V 50 -4.34 -45.67 -112.69
N ILE V 51 -3.21 -45.80 -111.98
CA ILE V 51 -2.02 -46.37 -112.60
C ILE V 51 -2.28 -47.80 -113.04
N ARG V 52 -2.94 -48.58 -112.19
CA ARG V 52 -3.24 -49.97 -112.54
C ARG V 52 -4.14 -50.06 -113.76
N GLN V 53 -5.17 -49.21 -113.83
CA GLN V 53 -6.05 -49.21 -114.99
C GLN V 53 -5.29 -48.83 -116.27
N THR V 54 -4.45 -47.80 -116.18
CA THR V 54 -3.68 -47.38 -117.35
C THR V 54 -2.75 -48.48 -117.83
N PHE V 55 -2.11 -49.18 -116.88
CA PHE V 55 -1.20 -50.25 -117.28
C PHE V 55 -1.95 -51.45 -117.83
N GLU V 56 -3.15 -51.76 -117.31
CA GLU V 56 -3.96 -52.81 -117.91
C GLU V 56 -4.32 -52.47 -119.34
N PHE V 57 -4.73 -51.23 -119.58
CA PHE V 57 -5.06 -50.80 -120.95
C PHE V 57 -3.85 -50.91 -121.86
N THR V 58 -2.69 -50.45 -121.39
CA THR V 58 -1.48 -50.51 -122.22
C THR V 58 -1.06 -51.94 -122.50
N ASN V 59 -1.14 -52.82 -121.50
CA ASN V 59 -0.80 -54.22 -121.70
C ASN V 59 -1.73 -54.87 -122.71
N ASP V 60 -3.03 -54.60 -122.62
CA ASP V 60 -3.96 -55.18 -123.59
C ASP V 60 -3.67 -54.67 -124.99
N ILE V 61 -3.40 -53.38 -125.14
CA ILE V 61 -3.14 -52.82 -126.47
C ILE V 61 -1.87 -53.42 -127.06
N TYR V 62 -0.80 -53.52 -126.26
CA TYR V 62 0.46 -54.04 -126.78
C TYR V 62 0.42 -55.55 -126.98
N LEU V 63 -0.43 -56.27 -126.27
CA LEU V 63 -0.62 -57.69 -126.57
C LEU V 63 -1.41 -57.87 -127.87
N LYS V 64 -2.38 -57.01 -128.11
CA LYS V 64 -3.08 -57.03 -129.39
C LYS V 64 -2.13 -56.72 -130.54
N ASN V 65 -1.26 -55.73 -130.35
CA ASN V 65 -0.27 -55.39 -131.37
C ASN V 65 0.98 -56.26 -131.23
N MET W 1 39.19 -36.99 -106.99
CA MET W 1 40.21 -37.19 -108.02
C MET W 1 41.04 -38.42 -107.73
N SER W 2 41.03 -38.87 -106.48
CA SER W 2 41.79 -40.07 -106.10
C SER W 2 41.25 -41.27 -106.87
N THR W 3 42.03 -41.78 -107.82
CA THR W 3 41.60 -42.82 -108.72
C THR W 3 42.19 -44.17 -108.30
N ARG W 4 41.37 -45.21 -108.41
CA ARG W 4 41.78 -46.57 -108.09
C ARG W 4 41.31 -47.49 -109.20
N LYS W 5 41.96 -48.66 -109.28
CA LYS W 5 41.55 -49.70 -110.22
C LYS W 5 40.50 -50.54 -109.52
N ILE W 6 39.23 -50.31 -109.86
CA ILE W 6 38.10 -50.99 -109.24
C ILE W 6 37.44 -51.96 -110.22
N PHE W 7 36.90 -51.43 -111.32
CA PHE W 7 36.23 -52.26 -112.31
C PHE W 7 37.22 -52.72 -113.37
N ASP W 8 36.90 -53.84 -114.01
CA ASP W 8 37.68 -54.32 -115.14
C ASP W 8 37.38 -53.48 -116.37
N SER W 9 38.10 -53.76 -117.46
CA SER W 9 37.90 -52.99 -118.69
C SER W 9 36.48 -53.17 -119.22
N GLU W 10 36.00 -54.41 -119.29
CA GLU W 10 34.65 -54.66 -119.77
C GLU W 10 33.61 -54.06 -118.83
N GLU W 11 33.82 -54.17 -117.52
CA GLU W 11 32.88 -53.59 -116.58
C GLU W 11 32.87 -52.07 -116.68
N GLN W 12 34.03 -51.45 -116.82
CA GLN W 12 34.08 -50.00 -117.01
C GLN W 12 33.34 -49.58 -118.27
N SER W 13 33.56 -50.32 -119.36
CA SER W 13 32.86 -50.00 -120.61
C SER W 13 31.36 -50.14 -120.45
N PHE W 14 30.92 -51.18 -119.74
CA PHE W 14 29.49 -51.36 -119.54
C PHE W 14 28.90 -50.25 -118.69
N ILE W 15 29.61 -49.83 -117.65
CA ILE W 15 29.08 -48.74 -116.80
C ILE W 15 29.03 -47.44 -117.59
N ARG W 16 30.03 -47.20 -118.44
CA ARG W 16 29.98 -46.04 -119.32
C ARG W 16 28.77 -46.11 -120.25
N LEU W 17 28.50 -47.29 -120.81
CA LEU W 17 27.34 -47.45 -121.67
C LEU W 17 26.05 -47.24 -120.88
N VAL W 18 26.02 -47.65 -119.62
CA VAL W 18 24.83 -47.49 -118.80
C VAL W 18 24.56 -46.01 -118.51
N ASP W 19 25.60 -45.26 -118.15
CA ASP W 19 25.38 -43.83 -117.92
C ASP W 19 25.05 -43.11 -119.21
N LYS W 20 25.59 -43.56 -120.34
CA LYS W 20 25.19 -43.01 -121.63
C LYS W 20 23.72 -43.31 -121.92
N PHE W 21 23.27 -44.50 -121.55
CA PHE W 21 21.86 -44.87 -121.74
C PHE W 21 20.95 -43.97 -120.92
N TYR W 22 21.30 -43.73 -119.67
CA TYR W 22 20.47 -42.85 -118.84
C TYR W 22 20.56 -41.39 -119.31
N LEU W 23 21.71 -40.96 -119.80
CA LEU W 23 21.81 -39.65 -120.42
C LEU W 23 20.93 -39.56 -121.65
N GLY W 24 20.85 -40.65 -122.43
CA GLY W 24 19.96 -40.67 -123.57
C GLY W 24 18.50 -40.54 -123.17
N LEU W 25 18.11 -41.21 -122.10
CA LEU W 25 16.74 -41.06 -121.60
C LEU W 25 16.48 -39.61 -121.14
N SER W 26 17.45 -39.03 -120.43
CA SER W 26 17.29 -37.64 -119.98
C SER W 26 17.18 -36.69 -121.16
N LEU W 27 18.01 -36.89 -122.19
CA LEU W 27 17.94 -36.03 -123.37
C LEU W 27 16.66 -36.27 -124.17
N THR W 28 16.12 -37.49 -124.11
CA THR W 28 14.82 -37.73 -124.73
C THR W 28 13.75 -36.89 -124.05
N LYS W 29 13.73 -36.88 -122.72
CA LYS W 29 12.79 -36.03 -122.01
C LYS W 29 13.04 -34.55 -122.32
N LEU W 30 14.30 -34.15 -122.39
CA LEU W 30 14.65 -32.76 -122.67
C LEU W 30 14.14 -32.32 -124.03
N CYS W 31 14.43 -33.12 -125.07
CA CYS W 31 13.98 -32.77 -126.42
C CYS W 31 12.47 -32.83 -126.51
N ALA W 32 11.82 -33.73 -125.77
CA ALA W 32 10.36 -33.76 -125.76
C ALA W 32 9.79 -32.47 -125.18
N GLN W 33 10.35 -32.00 -124.06
CA GLN W 33 9.85 -30.78 -123.44
C GLN W 33 10.13 -29.56 -124.32
N SER W 34 11.35 -29.46 -124.85
CA SER W 34 11.75 -28.28 -125.62
C SER W 34 11.04 -28.19 -126.96
N CYS W 35 10.48 -29.28 -127.46
CA CYS W 35 9.76 -29.29 -128.72
C CYS W 35 8.25 -29.31 -128.53
N ASN W 36 7.77 -29.06 -127.31
CA ASN W 36 6.35 -28.99 -127.00
C ASN W 36 5.62 -30.28 -127.35
N LEU W 37 6.30 -31.42 -127.18
CA LEU W 37 5.67 -32.70 -127.43
C LEU W 37 4.74 -33.12 -126.30
N LEU W 38 5.11 -32.81 -125.05
CA LEU W 38 4.35 -33.24 -123.88
C LEU W 38 3.29 -32.21 -123.57
N ARG W 39 2.13 -32.35 -124.22
CA ARG W 39 0.99 -31.50 -123.96
C ARG W 39 -0.29 -32.29 -124.10
N ASN W 40 -1.33 -31.86 -123.38
CA ASN W 40 -2.62 -32.52 -123.43
C ASN W 40 -3.42 -32.18 -124.69
N ASP W 41 -2.99 -31.19 -125.45
CA ASP W 41 -3.67 -30.82 -126.68
C ASP W 41 -3.46 -31.86 -127.78
N ILE W 42 -2.42 -32.67 -127.68
CA ILE W 42 -2.12 -33.64 -128.72
C ILE W 42 -3.20 -34.71 -128.76
N SER W 43 -3.77 -34.94 -129.95
CA SER W 43 -4.79 -35.95 -130.15
C SER W 43 -4.39 -36.96 -131.23
N GLY W 44 -3.11 -37.02 -131.56
CA GLY W 44 -2.63 -37.97 -132.55
C GLY W 44 -1.42 -38.73 -132.03
N SER W 45 -1.15 -39.85 -132.69
CA SER W 45 -0.03 -40.72 -132.33
C SER W 45 1.18 -40.54 -133.22
N ALA W 46 1.21 -39.47 -134.03
CA ALA W 46 2.32 -39.22 -134.95
C ALA W 46 2.85 -37.82 -134.73
N LEU W 47 4.12 -37.62 -135.11
CA LEU W 47 4.76 -36.33 -134.95
C LEU W 47 4.44 -35.43 -136.14
N THR W 48 4.08 -34.18 -135.86
CA THR W 48 3.82 -33.21 -136.91
C THR W 48 5.14 -32.72 -137.50
N GLN W 49 5.04 -31.96 -138.60
CA GLN W 49 6.23 -31.51 -139.31
C GLN W 49 7.07 -30.57 -138.45
N LYS W 50 6.43 -29.63 -137.76
CA LYS W 50 7.17 -28.71 -136.89
C LYS W 50 7.86 -29.45 -135.77
N GLU W 51 7.16 -30.41 -135.15
CA GLU W 51 7.77 -31.20 -134.09
C GLU W 51 8.95 -32.00 -134.62
N LYS W 52 8.82 -32.59 -135.81
CA LYS W 52 9.93 -33.34 -136.39
C LYS W 52 11.13 -32.44 -136.68
N ASP W 53 10.88 -31.23 -137.19
CA ASP W 53 11.98 -30.31 -137.44
C ASP W 53 12.68 -29.91 -136.14
N CYS W 54 11.91 -29.62 -135.09
CA CYS W 54 12.51 -29.26 -133.82
C CYS W 54 13.30 -30.42 -133.22
N LEU W 55 12.76 -31.64 -133.35
CA LEU W 55 13.48 -32.81 -132.87
C LEU W 55 14.78 -33.03 -133.65
N SER W 56 14.75 -32.79 -134.96
CA SER W 56 15.97 -32.89 -135.75
C SER W 56 16.99 -31.87 -135.31
N ILE W 57 16.54 -30.65 -134.98
CA ILE W 57 17.45 -29.65 -134.45
C ILE W 57 18.04 -30.12 -133.12
N CYS W 58 17.21 -30.73 -132.26
CA CYS W 58 17.71 -31.25 -131.00
C CYS W 58 18.77 -32.33 -131.21
N TYR W 59 18.52 -33.24 -132.16
CA TYR W 59 19.48 -34.29 -132.46
C TYR W 59 20.79 -33.71 -132.98
N ASN W 60 20.70 -32.71 -133.87
CA ASN W 60 21.89 -32.08 -134.40
C ASN W 60 22.70 -31.40 -133.30
N ASN W 61 22.02 -30.71 -132.39
CA ASN W 61 22.71 -30.06 -131.28
C ASN W 61 23.38 -31.08 -130.38
N ILE W 62 22.70 -32.20 -130.11
CA ILE W 62 23.32 -33.26 -129.31
C ILE W 62 24.56 -33.81 -130.01
N GLU W 63 24.47 -34.01 -131.32
CA GLU W 63 25.58 -34.58 -132.08
C GLU W 63 26.81 -33.68 -132.06
N LYS W 64 26.60 -32.36 -132.20
CA LYS W 64 27.72 -31.46 -132.45
C LYS W 64 28.65 -31.33 -131.25
N THR W 65 28.08 -31.27 -130.04
CA THR W 65 28.85 -30.85 -128.87
C THR W 65 29.05 -31.92 -127.81
N GLN W 66 28.53 -33.14 -127.99
CA GLN W 66 28.63 -34.14 -126.94
C GLN W 66 30.08 -34.55 -126.71
N SER W 67 30.76 -35.02 -127.76
CA SER W 67 32.12 -35.48 -127.62
C SER W 67 33.06 -34.35 -127.22
N ALA W 68 32.87 -33.17 -127.82
CA ALA W 68 33.70 -32.02 -127.48
C ALA W 68 33.54 -31.63 -126.02
N PHE W 69 32.30 -31.61 -125.53
CA PHE W 69 32.07 -31.24 -124.14
C PHE W 69 32.63 -32.30 -123.20
N TYR W 70 32.50 -33.57 -123.55
CA TYR W 70 33.09 -34.62 -122.72
C TYR W 70 34.60 -34.48 -122.65
N ALA W 71 35.25 -34.19 -123.78
CA ALA W 71 36.69 -33.98 -123.78
C ALA W 71 37.07 -32.78 -122.92
N LYS W 72 36.30 -31.69 -123.02
CA LYS W 72 36.60 -30.51 -122.21
C LYS W 72 36.45 -30.79 -120.73
N VAL W 73 35.40 -31.52 -120.33
CA VAL W 73 35.23 -31.87 -118.92
C VAL W 73 36.37 -32.78 -118.46
N LYS W 74 36.77 -33.73 -119.30
CA LYS W 74 37.86 -34.62 -118.93
C LYS W 74 39.16 -33.84 -118.73
N THR W 75 39.43 -32.86 -119.59
CA THR W 75 40.62 -32.04 -119.41
C THR W 75 40.52 -31.18 -118.16
N THR W 76 39.35 -30.60 -117.89
CA THR W 76 39.21 -29.69 -116.76
C THR W 76 39.32 -30.44 -115.43
N MET W 77 38.61 -31.56 -115.30
CA MET W 77 38.63 -32.33 -114.06
C MET W 77 40.02 -32.89 -113.79
N ASN W 78 40.67 -33.42 -114.82
CA ASN W 78 42.07 -33.87 -114.75
C ASN W 78 42.26 -34.94 -113.68
N LEU W 79 41.60 -36.07 -113.87
CA LEU W 79 41.77 -37.20 -112.96
C LEU W 79 43.13 -37.84 -113.20
N PRO W 80 43.94 -38.03 -112.17
CA PRO W 80 45.25 -38.68 -112.35
C PRO W 80 45.10 -40.13 -112.78
N ALA W 81 46.07 -40.59 -113.56
CA ALA W 81 46.04 -41.95 -114.08
C ALA W 81 46.24 -42.96 -112.96
N VAL W 82 45.65 -44.13 -113.13
CA VAL W 82 45.68 -45.18 -112.11
C VAL W 82 47.02 -45.90 -112.18
N GLU W 83 47.70 -45.99 -111.04
CA GLU W 83 48.94 -46.74 -110.93
C GLU W 83 49.03 -47.47 -109.60
N GLU X 2 18.97 -56.93 -105.04
CA GLU X 2 18.17 -56.38 -103.97
C GLU X 2 18.78 -55.10 -103.42
N GLN X 3 20.11 -55.08 -103.36
CA GLN X 3 20.81 -53.89 -102.88
C GLN X 3 20.53 -52.71 -103.79
N ASN X 4 20.47 -52.95 -105.10
CA ASN X 4 20.14 -51.86 -106.02
C ASN X 4 18.72 -51.36 -105.78
N THR X 5 17.79 -52.27 -105.49
CA THR X 5 16.43 -51.87 -105.19
C THR X 5 16.39 -50.96 -103.96
N THR X 6 17.08 -51.36 -102.89
CA THR X 6 17.08 -50.55 -101.68
C THR X 6 17.80 -49.23 -101.90
N GLN X 7 18.86 -49.22 -102.70
CA GLN X 7 19.56 -47.98 -103.00
C GLN X 7 18.66 -47.02 -103.76
N VAL X 8 17.91 -47.52 -104.74
CA VAL X 8 16.96 -46.67 -105.46
C VAL X 8 15.90 -46.14 -104.51
N PHE X 9 15.39 -47.00 -103.63
CA PHE X 9 14.39 -46.57 -102.65
C PHE X 9 14.90 -45.42 -101.80
N SER X 10 16.10 -45.59 -101.22
CA SER X 10 16.65 -44.57 -100.34
C SER X 10 16.97 -43.28 -101.09
N ASP X 11 17.55 -43.40 -102.29
CA ASP X 11 17.91 -42.20 -103.04
C ASP X 11 16.67 -41.42 -103.46
N LEU X 12 15.61 -42.11 -103.90
CA LEU X 12 14.38 -41.41 -104.22
C LEU X 12 13.78 -40.75 -102.99
N ALA X 13 13.83 -41.44 -101.84
CA ALA X 13 13.34 -40.85 -100.61
C ALA X 13 14.05 -39.53 -100.33
N TYR X 14 15.39 -39.54 -100.34
CA TYR X 14 16.14 -38.33 -100.07
C TYR X 14 15.83 -37.25 -101.08
N LYS X 15 15.80 -37.60 -102.37
CA LYS X 15 15.57 -36.61 -103.41
C LYS X 15 14.24 -35.90 -103.22
N VAL X 16 13.16 -36.67 -103.08
CA VAL X 16 11.83 -36.07 -102.98
C VAL X 16 11.71 -35.28 -101.67
N CYS X 17 12.17 -35.86 -100.57
CA CYS X 17 11.99 -35.19 -99.28
C CYS X 17 12.80 -33.91 -99.18
N PHE X 18 14.03 -33.90 -99.71
CA PHE X 18 14.81 -32.67 -99.67
C PHE X 18 14.25 -31.63 -100.64
N LYS X 19 13.70 -32.06 -101.77
CA LYS X 19 13.06 -31.10 -102.66
C LYS X 19 11.87 -30.44 -101.96
N VAL X 20 11.10 -31.21 -101.21
CA VAL X 20 9.94 -30.63 -100.52
C VAL X 20 10.39 -29.72 -99.39
N ILE X 21 11.33 -30.18 -98.56
CA ILE X 21 11.69 -29.44 -97.35
C ILE X 21 12.46 -28.17 -97.70
N ASN X 22 13.47 -28.28 -98.56
CA ASN X 22 14.29 -27.13 -98.94
C ASN X 22 13.64 -26.43 -100.12
N ASP X 23 12.57 -25.70 -99.82
CA ASP X 23 11.80 -24.99 -100.85
C ASP X 23 12.20 -23.53 -100.99
N LYS X 24 12.40 -22.82 -99.87
CA LYS X 24 12.78 -21.43 -99.89
C LYS X 24 14.28 -21.21 -99.84
N ASN X 25 15.06 -22.29 -99.76
CA ASN X 25 16.52 -22.21 -99.69
C ASN X 25 16.99 -21.38 -98.49
N LYS X 26 16.21 -21.37 -97.43
CA LYS X 26 16.68 -20.72 -96.22
C LYS X 26 17.60 -21.66 -95.45
N PRO X 27 18.52 -21.13 -94.64
CA PRO X 27 19.35 -22.01 -93.80
C PRO X 27 18.49 -22.82 -92.85
N PHE X 28 18.88 -24.07 -92.65
CA PHE X 28 18.09 -24.99 -91.85
C PHE X 28 18.26 -24.71 -90.36
N VAL X 29 17.31 -25.22 -89.58
CA VAL X 29 17.37 -25.21 -88.13
C VAL X 29 17.12 -26.64 -87.64
N LEU X 30 17.05 -26.81 -86.33
CA LEU X 30 16.79 -28.15 -85.78
C LEU X 30 15.42 -28.65 -86.21
N HIS X 31 14.41 -27.78 -86.16
CA HIS X 31 13.09 -28.20 -86.60
C HIS X 31 13.08 -28.54 -88.08
N ASP X 32 13.99 -27.98 -88.87
CA ASP X 32 14.08 -28.39 -90.27
C ASP X 32 14.56 -29.83 -90.39
N GLU X 33 15.49 -30.25 -89.53
CA GLU X 33 15.87 -31.65 -89.48
C GLU X 33 14.69 -32.53 -89.10
N GLN X 34 13.92 -32.09 -88.10
CA GLN X 34 12.76 -32.88 -87.70
C GLN X 34 11.71 -32.92 -88.81
N ARG X 35 11.56 -31.83 -89.56
CA ARG X 35 10.62 -31.82 -90.68
C ARG X 35 11.09 -32.74 -91.80
N LEU X 36 12.40 -32.81 -92.04
CA LEU X 36 12.92 -33.76 -93.01
C LEU X 36 12.63 -35.19 -92.58
N ALA X 37 12.80 -35.48 -91.29
CA ALA X 37 12.45 -36.82 -90.79
C ALA X 37 10.97 -37.11 -90.98
N ASN X 38 10.11 -36.13 -90.71
CA ASN X 38 8.68 -36.29 -90.93
C ASN X 38 8.37 -36.57 -92.39
N CYS X 39 9.02 -35.84 -93.30
CA CYS X 39 8.79 -36.05 -94.73
C CYS X 39 9.27 -37.44 -95.17
N LEU X 40 10.39 -37.90 -94.62
CA LEU X 40 10.86 -39.25 -94.93
C LEU X 40 9.86 -40.30 -94.45
N THR X 41 9.32 -40.11 -93.24
CA THR X 41 8.32 -41.04 -92.73
C THR X 41 7.07 -41.04 -93.60
N ARG X 42 6.65 -39.86 -94.06
CA ARG X 42 5.51 -39.78 -94.96
C ARG X 42 5.80 -40.48 -96.28
N TYR X 43 7.02 -40.37 -96.78
CA TYR X 43 7.38 -41.07 -98.02
C TYR X 43 7.30 -42.58 -97.83
N VAL X 44 7.84 -43.08 -96.72
CA VAL X 44 7.82 -44.52 -96.47
C VAL X 44 6.38 -45.01 -96.34
N GLU X 45 5.55 -44.27 -95.60
CA GLU X 45 4.16 -44.68 -95.44
C GLU X 45 3.39 -44.61 -96.75
N ALA X 46 3.68 -43.60 -97.58
CA ALA X 46 3.04 -43.51 -98.89
C ALA X 46 3.41 -44.68 -99.77
N PHE X 47 4.68 -45.08 -99.73
CA PHE X 47 5.09 -46.29 -100.45
C PHE X 47 4.32 -47.51 -99.95
N ASN X 48 4.22 -47.65 -98.62
CA ASN X 48 3.49 -48.77 -98.06
C ASN X 48 2.05 -48.82 -98.58
N VAL X 49 1.36 -47.67 -98.51
CA VAL X 49 -0.04 -47.61 -98.92
C VAL X 49 -0.17 -47.94 -100.41
N THR X 50 0.65 -47.31 -101.24
CA THR X 50 0.50 -47.48 -102.68
C THR X 50 0.84 -48.90 -103.12
N SER X 51 1.93 -49.48 -102.62
CA SER X 51 2.27 -50.84 -103.01
C SER X 51 1.24 -51.85 -102.49
N GLU X 52 0.78 -51.67 -101.25
CA GLU X 52 -0.24 -52.57 -100.71
C GLU X 52 -1.51 -52.50 -101.54
N TYR X 53 -1.91 -51.31 -101.98
CA TYR X 53 -3.06 -51.23 -102.87
C TYR X 53 -2.77 -51.89 -104.21
N PHE X 54 -1.55 -51.73 -104.72
CA PHE X 54 -1.21 -52.30 -106.02
C PHE X 54 -1.37 -53.82 -106.01
N PHE X 55 -0.88 -54.49 -104.97
CA PHE X 55 -0.96 -55.94 -104.99
C PHE X 55 -2.36 -56.46 -104.70
N ARG X 56 -3.05 -55.88 -103.72
CA ARG X 56 -4.45 -56.24 -103.49
C ARG X 56 -5.12 -55.14 -102.69
N GLU X 57 -5.96 -54.35 -103.36
CA GLU X 57 -6.78 -53.30 -102.73
C GLU X 57 -6.09 -52.52 -101.62
N GLU Y 2 22.72 -67.52 -122.21
CA GLU Y 2 23.84 -68.25 -122.79
C GLU Y 2 24.79 -67.33 -123.53
N ASP Y 3 25.16 -67.72 -124.76
CA ASP Y 3 26.12 -66.94 -125.54
C ASP Y 3 25.57 -65.58 -125.95
N ASN Y 4 24.25 -65.38 -125.86
CA ASN Y 4 23.65 -64.10 -126.25
C ASN Y 4 23.66 -63.12 -125.07
N TYR Y 5 24.87 -62.88 -124.54
CA TYR Y 5 25.03 -61.89 -123.49
C TYR Y 5 24.71 -60.49 -124.00
N ALA Y 6 25.17 -60.16 -125.21
CA ALA Y 6 24.84 -58.87 -125.80
C ALA Y 6 23.35 -58.73 -126.03
N ALA Y 7 22.70 -59.80 -126.50
CA ALA Y 7 21.25 -59.76 -126.69
C ALA Y 7 20.52 -59.56 -125.37
N ASP Y 8 20.99 -60.22 -124.31
CA ASP Y 8 20.37 -60.04 -123.00
C ASP Y 8 20.52 -58.62 -122.50
N VAL Y 9 21.71 -58.05 -122.66
CA VAL Y 9 21.93 -56.66 -122.23
C VAL Y 9 21.06 -55.72 -123.03
N GLN Y 10 20.95 -55.94 -124.35
CA GLN Y 10 20.10 -55.10 -125.17
C GLN Y 10 18.65 -55.22 -124.77
N ARG Y 11 18.21 -56.43 -124.43
CA ARG Y 11 16.82 -56.62 -124.00
C ARG Y 11 16.56 -55.88 -122.68
N GLN Y 12 17.51 -55.94 -121.75
CA GLN Y 12 17.37 -55.18 -120.51
C GLN Y 12 17.30 -53.68 -120.78
N PHE Y 13 18.15 -53.19 -121.67
CA PHE Y 13 18.11 -51.78 -122.03
C PHE Y 13 16.77 -51.40 -122.64
N ASN Y 14 16.25 -52.24 -123.53
CA ASN Y 14 14.97 -51.96 -124.17
C ASN Y 14 13.85 -51.92 -123.14
N ARG Y 15 13.81 -52.89 -122.22
CA ARG Y 15 12.77 -52.90 -121.20
C ARG Y 15 12.86 -51.65 -120.32
N THR Y 16 14.06 -51.29 -119.90
CA THR Y 16 14.21 -50.13 -119.02
C THR Y 16 13.82 -48.84 -119.72
N ALA Y 17 14.25 -48.67 -120.98
CA ALA Y 17 13.88 -47.47 -121.73
C ALA Y 17 12.37 -47.41 -121.96
N PHE Y 18 11.76 -48.55 -122.30
CA PHE Y 18 10.31 -48.62 -122.47
C PHE Y 18 9.59 -48.15 -121.22
N ASP Y 19 9.96 -48.72 -120.06
CA ASP Y 19 9.30 -48.36 -118.82
C ASP Y 19 9.55 -46.90 -118.44
N SER Y 20 10.77 -46.41 -118.64
CA SER Y 20 11.09 -45.03 -118.30
C SER Y 20 10.29 -44.05 -119.16
N LEU Y 21 10.20 -44.30 -120.46
CA LEU Y 21 9.41 -43.43 -121.32
C LEU Y 21 7.93 -43.47 -120.95
N TYR Y 22 7.41 -44.66 -120.65
CA TYR Y 22 6.01 -44.74 -120.24
C TYR Y 22 5.77 -43.96 -118.95
N LYS Y 23 6.70 -44.06 -118.00
CA LYS Y 23 6.57 -43.30 -116.75
C LYS Y 23 6.64 -41.80 -117.01
N ILE Y 24 7.51 -41.37 -117.92
CA ILE Y 24 7.59 -39.95 -118.26
C ILE Y 24 6.25 -39.47 -118.81
N CYS Y 25 5.68 -40.24 -119.74
CA CYS Y 25 4.39 -39.85 -120.30
C CYS Y 25 3.30 -39.82 -119.24
N TYR Y 26 3.28 -40.82 -118.36
CA TYR Y 26 2.25 -40.85 -117.32
C TYR Y 26 2.40 -39.66 -116.36
N ASN Y 27 3.64 -39.33 -116.00
CA ASN Y 27 3.88 -38.18 -115.12
C ASN Y 27 3.47 -36.89 -115.79
N SER Y 28 3.69 -36.79 -117.11
CA SER Y 28 3.36 -35.56 -117.82
C SER Y 28 1.86 -35.40 -118.02
N LEU Y 29 1.15 -36.51 -118.24
CA LEU Y 29 -0.25 -36.43 -118.65
C LEU Y 29 -1.25 -36.53 -117.51
N VAL Y 30 -0.90 -37.17 -116.39
CA VAL Y 30 -1.86 -37.37 -115.31
C VAL Y 30 -2.27 -36.02 -114.74
N GLN Y 31 -3.55 -35.91 -114.36
CA GLN Y 31 -4.13 -34.65 -113.93
C GLN Y 31 -4.90 -34.82 -112.64
N LYS Y 32 -4.97 -33.72 -111.87
CA LYS Y 32 -5.81 -33.64 -110.67
C LYS Y 32 -5.44 -34.70 -109.64
N ASN Y 33 -4.15 -34.77 -109.31
CA ASN Y 33 -3.63 -35.68 -108.28
C ASN Y 33 -4.01 -37.12 -108.58
N GLY Y 34 -3.85 -37.52 -109.84
CA GLY Y 34 -4.31 -38.82 -110.28
C GLY Y 34 -5.79 -38.81 -110.56
N SER Y 35 -6.33 -40.00 -110.80
CA SER Y 35 -7.74 -40.25 -111.07
C SER Y 35 -8.23 -39.64 -112.37
N THR Y 36 -7.34 -39.07 -113.19
CA THR Y 36 -7.76 -38.47 -114.45
C THR Y 36 -6.60 -38.55 -115.43
N ILE Y 37 -6.76 -39.41 -116.44
CA ILE Y 37 -5.79 -39.50 -117.54
C ILE Y 37 -6.48 -40.24 -118.68
N ASP Y 38 -6.10 -39.90 -119.91
CA ASP Y 38 -6.68 -40.50 -121.10
C ASP Y 38 -5.75 -41.59 -121.59
N PHE Y 39 -6.29 -42.81 -121.75
CA PHE Y 39 -5.46 -43.94 -122.14
C PHE Y 39 -4.92 -43.79 -123.56
N GLN Y 40 -5.75 -43.29 -124.47
CA GLN Y 40 -5.28 -43.06 -125.84
C GLN Y 40 -4.18 -41.99 -125.88
N LYS Y 41 -4.34 -40.93 -125.09
CA LYS Y 41 -3.29 -39.92 -125.02
C LYS Y 41 -2.01 -40.50 -124.45
N GLN Y 42 -2.13 -41.37 -123.44
CA GLN Y 42 -0.95 -42.02 -122.88
C GLN Y 42 -0.25 -42.87 -123.94
N ILE Y 43 -1.01 -43.63 -124.71
CA ILE Y 43 -0.43 -44.48 -125.75
C ILE Y 43 0.26 -43.64 -126.81
N ASP Y 44 -0.40 -42.56 -127.25
CA ASP Y 44 0.19 -41.70 -128.27
C ASP Y 44 1.47 -41.05 -127.77
N CYS Y 45 1.47 -40.56 -126.53
CA CYS Y 45 2.69 -39.98 -125.97
C CYS Y 45 3.80 -41.02 -125.89
N HIS Y 46 3.45 -42.25 -125.49
CA HIS Y 46 4.46 -43.29 -125.39
C HIS Y 46 5.07 -43.59 -126.75
N GLN Y 47 4.24 -43.66 -127.79
CA GLN Y 47 4.75 -43.92 -129.13
C GLN Y 47 5.66 -42.78 -129.61
N ARG Y 48 5.26 -41.54 -129.37
CA ARG Y 48 6.07 -40.40 -129.80
C ARG Y 48 7.41 -40.38 -129.06
N LEU Y 49 7.40 -40.64 -127.76
CA LEU Y 49 8.66 -40.69 -127.02
C LEU Y 49 9.51 -41.88 -127.45
N ILE Y 50 8.88 -42.98 -127.84
CA ILE Y 50 9.64 -44.12 -128.38
C ILE Y 50 10.36 -43.71 -129.65
N GLN Y 51 9.66 -42.97 -130.53
CA GLN Y 51 10.31 -42.50 -131.75
C GLN Y 51 11.48 -41.56 -131.43
N VAL Y 52 11.28 -40.66 -130.47
CA VAL Y 52 12.34 -39.72 -130.10
C VAL Y 52 13.56 -40.47 -129.57
N PHE Y 53 13.33 -41.43 -128.66
CA PHE Y 53 14.46 -42.17 -128.11
C PHE Y 53 15.09 -43.08 -129.15
N ALA Y 54 14.32 -43.58 -130.10
CA ALA Y 54 14.89 -44.36 -131.19
C ALA Y 54 15.83 -43.51 -132.03
N LYS Y 55 15.46 -42.25 -132.25
CA LYS Y 55 16.38 -41.35 -132.96
C LYS Y 55 17.59 -40.97 -132.11
N ILE Y 56 17.42 -40.90 -130.79
CA ILE Y 56 18.51 -40.41 -129.94
C ILE Y 56 19.52 -41.51 -129.62
N ALA Y 57 19.06 -42.75 -129.47
CA ALA Y 57 19.92 -43.81 -128.95
C ALA Y 57 21.20 -44.03 -129.75
N PRO Y 58 21.18 -44.11 -131.09
CA PRO Y 58 22.46 -44.22 -131.81
C PRO Y 58 23.38 -43.03 -131.59
N ILE Y 59 22.84 -41.84 -131.39
CA ILE Y 59 23.67 -40.66 -131.20
C ILE Y 59 24.40 -40.72 -129.87
N VAL Y 60 23.67 -41.05 -128.80
CA VAL Y 60 24.20 -40.94 -127.45
C VAL Y 60 24.68 -42.30 -126.94
N VAL Y 61 23.80 -43.30 -126.96
CA VAL Y 61 24.11 -44.59 -126.38
C VAL Y 61 25.06 -45.35 -127.30
N LYS Y 62 26.34 -45.30 -127.00
CA LYS Y 62 27.36 -46.00 -127.78
C LYS Y 62 28.63 -46.07 -126.96
N VAL Y 63 29.53 -46.93 -127.39
CA VAL Y 63 30.79 -47.16 -126.70
C VAL Y 63 31.90 -46.37 -127.39
N GLU Y 64 33.02 -46.23 -126.69
CA GLU Y 64 34.20 -45.53 -127.21
C GLU Y 64 33.89 -44.10 -127.62
N ASP Z 2 36.86 -45.26 -108.93
CA ASP Z 2 37.18 -45.71 -110.28
C ASP Z 2 37.02 -44.56 -111.25
N PRO Z 3 37.88 -44.49 -112.26
CA PRO Z 3 37.82 -43.37 -113.22
C PRO Z 3 36.47 -43.21 -113.90
N VAL Z 4 35.70 -44.30 -114.06
CA VAL Z 4 34.41 -44.20 -114.71
C VAL Z 4 33.50 -43.23 -113.97
N LEU Z 5 33.64 -43.14 -112.65
CA LEU Z 5 32.84 -42.18 -111.88
C LEU Z 5 33.06 -40.77 -112.39
N GLY Z 6 34.31 -40.40 -112.67
CA GLY Z 6 34.57 -39.10 -113.28
C GLY Z 6 33.79 -38.94 -114.57
N ASP Z 7 33.81 -39.96 -115.42
CA ASP Z 7 33.00 -39.95 -116.62
C ASP Z 7 31.54 -39.71 -116.27
N VAL Z 8 31.04 -40.42 -115.26
CA VAL Z 8 29.67 -40.21 -114.80
C VAL Z 8 29.46 -38.75 -114.45
N ILE Z 9 30.39 -38.17 -113.70
CA ILE Z 9 30.28 -36.76 -113.34
C ILE Z 9 30.15 -35.92 -114.59
N ALA Z 10 31.00 -36.19 -115.58
CA ALA Z 10 30.95 -35.44 -116.84
C ALA Z 10 29.54 -35.45 -117.40
N THR Z 11 28.92 -36.62 -117.43
CA THR Z 11 27.58 -36.74 -117.98
C THR Z 11 26.64 -35.74 -117.31
N ARG Z 12 26.61 -35.76 -115.97
CA ARG Z 12 25.73 -34.84 -115.26
C ARG Z 12 26.00 -33.41 -115.70
N ILE Z 13 27.27 -33.02 -115.71
CA ILE Z 13 27.62 -31.66 -116.09
C ILE Z 13 27.07 -31.37 -117.48
N TYR Z 14 27.33 -32.26 -118.44
CA TYR Z 14 26.84 -32.04 -119.79
C TYR Z 14 25.34 -31.83 -119.77
N LYS Z 15 24.63 -32.73 -119.08
CA LYS Z 15 23.18 -32.62 -119.00
C LYS Z 15 22.80 -31.23 -118.52
N ALA Z 16 23.36 -30.81 -117.38
CA ALA Z 16 23.04 -29.50 -116.84
C ALA Z 16 23.33 -28.42 -117.87
N CYS Z 17 24.52 -28.46 -118.45
CA CYS Z 17 24.90 -27.41 -119.39
C CYS Z 17 23.95 -27.41 -120.58
N PHE Z 18 23.51 -28.58 -121.02
CA PHE Z 18 22.57 -28.63 -122.14
C PHE Z 18 21.31 -27.87 -121.80
N LYS Z 19 20.77 -28.09 -120.60
CA LYS Z 19 19.55 -27.39 -120.20
C LYS Z 19 19.76 -25.90 -120.13
N HIS Z 20 21.01 -25.45 -119.91
CA HIS Z 20 21.26 -24.03 -119.82
C HIS Z 20 21.39 -23.38 -121.18
N VAL Z 21 21.64 -24.17 -122.23
CA VAL Z 21 21.88 -23.58 -123.54
C VAL Z 21 20.65 -23.72 -124.42
N TYR Z 22 20.20 -24.95 -124.63
CA TYR Z 22 19.06 -25.24 -125.49
C TYR Z 22 17.80 -25.56 -124.70
N GLY Z 23 17.79 -25.32 -123.40
CA GLY Z 23 16.61 -25.62 -122.61
C GLY Z 23 15.40 -24.82 -123.05
N LYS Z 24 15.61 -23.58 -123.48
CA LYS Z 24 14.54 -22.71 -123.94
C LYS Z 24 14.56 -22.47 -125.44
N ASN Z 25 15.71 -22.07 -125.98
CA ASN Z 25 15.85 -21.78 -127.42
C ASN Z 25 16.55 -22.96 -128.08
N MET Z 26 15.80 -23.73 -128.87
CA MET Z 26 16.35 -24.86 -129.59
C MET Z 26 16.77 -24.40 -130.99
N LYS Z 27 17.94 -23.77 -131.04
CA LYS Z 27 18.49 -23.27 -132.29
C LYS Z 27 19.54 -24.23 -132.82
N ALA Z 28 20.20 -23.84 -133.91
CA ALA Z 28 21.26 -24.65 -134.50
C ALA Z 28 22.54 -24.46 -133.70
N TYR Z 29 23.66 -24.95 -134.25
CA TYR Z 29 24.93 -24.91 -133.56
C TYR Z 29 25.90 -23.97 -134.27
N SER Z 30 26.73 -23.28 -133.49
CA SER Z 30 27.76 -22.40 -134.01
C SER Z 30 28.81 -22.22 -132.92
N GLU Z 31 29.82 -21.40 -133.23
CA GLU Z 31 30.86 -21.13 -132.24
C GLU Z 31 30.32 -20.41 -131.02
N LYS Z 32 29.25 -19.64 -131.19
CA LYS Z 32 28.63 -18.98 -130.04
C LYS Z 32 28.11 -20.00 -129.03
N ASP Z 33 27.50 -21.08 -129.53
CA ASP Z 33 27.04 -22.13 -128.63
C ASP Z 33 28.21 -22.83 -127.95
N GLU Z 34 29.34 -22.97 -128.65
CA GLU Z 34 30.52 -23.56 -128.02
C GLU Z 34 31.05 -22.67 -126.90
N ALA Z 35 31.07 -21.34 -127.12
CA ALA Z 35 31.47 -20.42 -126.07
C ALA Z 35 30.51 -20.48 -124.89
N LYS Z 36 29.22 -20.56 -125.16
CA LYS Z 36 28.24 -20.68 -124.07
C LYS Z 36 28.43 -21.99 -123.30
N PHE Z 37 28.74 -23.08 -124.00
CA PHE Z 37 29.00 -24.35 -123.33
C PHE Z 37 30.24 -24.26 -122.45
N ASP Z 38 31.29 -23.60 -122.92
CA ASP Z 38 32.49 -23.44 -122.09
C ASP Z 38 32.19 -22.58 -120.87
N GLN Z 39 31.38 -21.53 -121.04
CA GLN Z 39 30.97 -20.70 -119.91
C GLN Z 39 30.20 -21.54 -118.88
N CYS Z 40 29.26 -22.35 -119.36
CA CYS Z 40 28.48 -23.19 -118.44
C CYS Z 40 29.37 -24.22 -117.74
N LEU Z 41 30.35 -24.76 -118.45
CA LEU Z 41 31.27 -25.71 -117.84
C LEU Z 41 32.07 -25.05 -116.73
N THR Z 42 32.59 -23.84 -116.98
CA THR Z 42 33.35 -23.15 -115.94
C THR Z 42 32.48 -22.81 -114.75
N SER Z 43 31.25 -22.34 -115.01
CA SER Z 43 30.34 -22.02 -113.92
C SER Z 43 30.00 -23.26 -113.10
N TYR Z 44 29.77 -24.39 -113.76
CA TYR Z 44 29.46 -25.62 -113.04
C TYR Z 44 30.66 -26.11 -112.23
N VAL Z 45 31.87 -25.98 -112.77
CA VAL Z 45 33.05 -26.41 -112.02
C VAL Z 45 33.24 -25.54 -110.79
N GLU Z 46 33.07 -24.22 -110.93
CA GLU Z 46 33.20 -23.35 -109.76
C GLU Z 46 32.11 -23.62 -108.73
N SER Z 47 30.88 -23.86 -109.20
CA SER Z 47 29.80 -24.18 -108.28
C SER Z 47 30.06 -25.50 -107.56
N TYR Z 48 30.61 -26.50 -108.27
CA TYR Z 48 30.96 -27.76 -107.64
C TYR Z 48 32.03 -27.55 -106.58
N LYS Z 49 33.04 -26.72 -106.88
CA LYS Z 49 34.08 -26.44 -105.89
C LYS Z 49 33.49 -25.78 -104.65
N SER Z 50 32.62 -24.79 -104.84
CA SER Z 50 32.01 -24.10 -103.70
C SER Z 50 31.14 -25.05 -102.88
N VAL Z 51 30.33 -25.85 -103.55
CA VAL Z 51 29.45 -26.78 -102.86
C VAL Z 51 30.26 -27.82 -102.09
N THR Z 52 31.32 -28.34 -102.71
CA THR Z 52 32.18 -29.29 -102.02
C THR Z 52 32.79 -28.66 -100.78
N ASN Z 53 33.31 -27.44 -100.92
CA ASN Z 53 33.94 -26.77 -99.79
C ASN Z 53 32.96 -26.61 -98.63
N HIS Z 54 31.76 -26.08 -98.91
CA HIS Z 54 30.82 -25.81 -97.84
C HIS Z 54 30.23 -27.09 -97.25
N PHE Z 55 29.94 -28.07 -98.09
CA PHE Z 55 29.42 -29.36 -97.63
C PHE Z 55 30.41 -30.03 -96.69
N ILE Z 56 31.67 -30.16 -97.12
CA ILE Z 56 32.67 -30.81 -96.30
C ILE Z 56 32.94 -30.02 -95.04
N THR Z 57 32.97 -28.68 -95.14
CA THR Z 57 33.21 -27.85 -93.97
C THR Z 57 32.11 -28.05 -92.93
N TYR Z 58 30.85 -28.01 -93.36
CA TYR Z 58 29.76 -28.17 -92.41
C TYR Z 58 29.75 -29.56 -91.79
N LEU Z 59 29.97 -30.60 -92.59
CA LEU Z 59 29.94 -31.94 -92.04
C LEU Z 59 31.19 -32.29 -91.23
N GLY Z 60 32.27 -31.52 -91.37
CA GLY Z 60 33.45 -31.77 -90.57
C GLY Z 60 33.51 -30.93 -89.32
N GLN Z 61 32.78 -29.82 -89.30
CA GLN Z 61 32.72 -29.00 -88.09
C GLN Z 61 31.71 -29.51 -87.07
N LEU Z 62 30.88 -30.49 -87.43
CA LEU Z 62 29.96 -31.08 -86.47
C LEU Z 62 30.76 -31.89 -85.46
N PRO Z 63 30.62 -31.64 -84.17
CA PRO Z 63 31.38 -32.42 -83.17
C PRO Z 63 31.00 -33.88 -83.20
N LYS Z 64 31.99 -34.74 -82.96
CA LYS Z 64 31.78 -36.19 -82.96
C LYS Z 64 32.34 -36.90 -81.75
N LYS Z 65 33.25 -36.28 -80.99
CA LYS Z 65 33.77 -36.84 -79.76
C LYS Z 65 34.34 -35.70 -78.93
N GLY Z 66 34.99 -36.05 -77.82
CA GLY Z 66 35.58 -35.03 -76.98
C GLY Z 66 36.70 -34.29 -77.69
N LEU Z 67 36.78 -32.98 -77.43
CA LEU Z 67 37.81 -32.16 -78.04
C LEU Z 67 39.18 -32.54 -77.45
N SER Z 68 40.15 -32.74 -78.33
CA SER Z 68 41.47 -33.20 -77.90
C SER Z 68 42.43 -32.04 -77.67
N LEU Z 69 42.71 -31.26 -78.71
CA LEU Z 69 43.63 -30.13 -78.65
C LEU Z 69 44.95 -30.53 -77.98
N ASP Z 70 45.55 -31.60 -78.50
CA ASP Z 70 46.78 -32.15 -77.94
C ASP Z 70 47.90 -31.12 -77.89
N GLY AA 1 33.37 -160.60 -11.34
CA GLY AA 1 32.43 -160.51 -12.44
C GLY AA 1 33.06 -160.03 -13.73
N ASN AA 2 32.30 -160.12 -14.82
CA ASN AA 2 32.77 -159.65 -16.11
C ASN AA 2 32.98 -158.14 -16.09
N LEU AA 3 33.92 -157.66 -16.91
CA LEU AA 3 34.18 -156.24 -16.92
C LEU AA 3 33.34 -155.60 -18.01
N TYR AA 4 32.96 -154.35 -17.81
CA TYR AA 4 32.30 -153.58 -18.85
C TYR AA 4 32.95 -152.21 -18.91
N THR AA 5 33.28 -151.77 -20.11
CA THR AA 5 33.99 -150.51 -20.27
C THR AA 5 33.35 -149.69 -21.37
N TRP AA 6 33.37 -148.38 -21.19
CA TRP AA 6 32.91 -147.44 -22.20
C TRP AA 6 33.61 -146.11 -21.93
N GLY AA 7 33.40 -145.15 -22.81
CA GLY AA 7 33.98 -143.84 -22.62
C GLY AA 7 34.09 -143.08 -23.92
N GLN AA 8 34.61 -141.86 -23.78
CA GLN AA 8 34.74 -140.98 -24.94
C GLN AA 8 35.78 -141.48 -25.92
N TYR AA 9 36.89 -142.02 -25.43
CA TYR AA 9 37.98 -142.51 -26.25
C TYR AA 9 38.24 -143.97 -25.94
N ALA AA 10 39.23 -144.54 -26.65
CA ALA AA 10 39.51 -145.97 -26.58
C ALA AA 10 40.90 -146.28 -26.04
N SER AA 11 41.48 -145.38 -25.26
CA SER AA 11 42.83 -145.61 -24.76
C SER AA 11 42.84 -146.71 -23.70
N GLY AA 12 42.18 -146.47 -22.58
CA GLY AA 12 42.23 -147.41 -21.48
C GLY AA 12 41.02 -148.31 -21.37
N THR AA 13 40.26 -148.44 -22.46
CA THR AA 13 39.03 -149.22 -22.46
C THR AA 13 39.24 -150.69 -22.71
N GLY AA 14 40.47 -151.13 -23.01
CA GLY AA 14 40.72 -152.51 -23.34
C GLY AA 14 40.41 -152.89 -24.77
N PHE AA 15 39.93 -151.95 -25.58
CA PHE AA 15 39.65 -152.17 -26.99
C PHE AA 15 40.48 -151.19 -27.82
N GLU AA 16 40.24 -151.22 -29.13
CA GLU AA 16 40.94 -150.34 -30.06
C GLU AA 16 40.07 -149.20 -30.58
N THR AA 17 38.75 -149.37 -30.58
CA THR AA 17 37.82 -148.35 -31.04
C THR AA 17 36.90 -147.96 -29.90
N ALA AA 18 36.62 -146.66 -29.80
CA ALA AA 18 35.80 -146.15 -28.72
C ALA AA 18 34.33 -146.49 -28.91
N SER AA 19 33.59 -146.54 -27.81
CA SER AA 19 32.16 -146.81 -27.85
C SER AA 19 31.51 -146.16 -26.64
N ALA AA 20 30.40 -145.44 -26.88
CA ALA AA 20 29.65 -144.88 -25.77
C ALA AA 20 28.87 -145.96 -25.02
N VAL AA 21 28.26 -146.88 -25.75
CA VAL AA 21 27.53 -147.98 -25.13
C VAL AA 21 28.52 -148.87 -24.39
N PRO AA 22 28.16 -149.41 -23.21
CA PRO AA 22 29.08 -150.33 -22.53
C PRO AA 22 29.41 -151.55 -23.38
N ARG AA 23 30.68 -151.94 -23.37
CA ARG AA 23 31.13 -153.13 -24.06
C ARG AA 23 31.77 -154.08 -23.06
N LYS AA 24 31.43 -155.36 -23.19
CA LYS AA 24 31.85 -156.36 -22.21
C LYS AA 24 33.29 -156.75 -22.47
N VAL AA 25 34.17 -156.40 -21.54
CA VAL AA 25 35.51 -156.99 -21.48
C VAL AA 25 35.35 -158.39 -20.89
N ASP AA 26 35.63 -159.38 -21.74
CA ASP AA 26 35.53 -160.80 -21.43
C ASP AA 26 36.87 -161.50 -21.54
N TYR AA 27 37.96 -160.75 -21.76
CA TYR AA 27 39.29 -161.33 -21.61
C TYR AA 27 39.45 -161.92 -20.22
N PHE AA 28 38.75 -161.37 -19.24
CA PHE AA 28 38.61 -161.96 -17.91
C PHE AA 28 37.30 -162.72 -17.86
N SER AA 29 37.34 -163.97 -17.42
CA SER AA 29 36.16 -164.82 -17.39
C SER AA 29 35.45 -164.67 -16.05
N GLY AA 30 34.92 -163.47 -15.83
CA GLY AA 30 34.19 -163.19 -14.60
C GLY AA 30 35.04 -163.23 -13.35
N ASN AA 31 36.35 -163.06 -13.47
CA ASN AA 31 37.26 -163.11 -12.33
C ASN AA 31 37.76 -161.74 -11.91
N VAL AA 32 37.21 -160.67 -12.46
CA VAL AA 32 37.67 -159.32 -12.11
C VAL AA 32 37.28 -159.02 -10.67
N SER AA 33 38.25 -158.58 -9.88
CA SER AA 33 38.04 -158.20 -8.49
C SER AA 33 38.09 -156.69 -8.29
N LYS AA 34 39.11 -156.03 -8.81
CA LYS AA 34 39.25 -154.58 -8.67
C LYS AA 34 39.67 -153.99 -10.01
N VAL AA 35 39.22 -152.75 -10.25
CA VAL AA 35 39.60 -152.01 -11.45
C VAL AA 35 39.95 -150.59 -11.04
N ALA AA 36 41.06 -150.07 -11.57
CA ALA AA 36 41.45 -148.68 -11.36
C ALA AA 36 41.73 -148.07 -12.72
N MET AA 37 40.99 -147.03 -13.07
CA MET AA 37 41.10 -146.39 -14.38
C MET AA 37 41.70 -145.00 -14.20
N GLY AA 38 42.81 -144.74 -14.89
CA GLY AA 38 43.35 -143.42 -14.99
C GLY AA 38 42.77 -142.72 -16.21
N PRO AA 39 43.30 -141.55 -16.54
CA PRO AA 39 42.83 -140.86 -17.74
C PRO AA 39 43.03 -141.65 -19.02
N TYR AA 40 44.13 -142.40 -19.12
CA TYR AA 40 44.50 -143.04 -20.37
C TYR AA 40 44.89 -144.51 -20.25
N HIS AA 41 44.93 -145.07 -19.04
CA HIS AA 41 45.23 -146.49 -18.92
C HIS AA 41 44.53 -147.05 -17.69
N THR AA 42 44.39 -148.37 -17.68
CA THR AA 42 43.60 -149.09 -16.69
C THR AA 42 44.41 -150.26 -16.13
N ALA AA 43 44.20 -150.54 -14.85
CA ALA AA 43 44.81 -151.70 -14.19
C ALA AA 43 43.73 -152.50 -13.50
N VAL AA 44 43.69 -153.80 -13.75
CA VAL AA 44 42.65 -154.70 -13.25
C VAL AA 44 43.32 -155.81 -12.45
N ILE AA 45 42.81 -156.05 -11.25
CA ILE AA 45 43.26 -157.12 -10.38
C ILE AA 45 42.17 -158.19 -10.34
N THR AA 46 42.56 -159.43 -10.64
CA THR AA 46 41.61 -160.53 -10.70
C THR AA 46 41.51 -161.21 -9.33
N ASN AA 47 40.80 -162.34 -9.27
CA ASN AA 47 40.61 -163.04 -8.01
C ASN AA 47 41.91 -163.62 -7.47
N ASP AA 48 42.80 -164.07 -8.36
CA ASP AA 48 44.04 -164.71 -7.96
C ASP AA 48 45.17 -163.72 -7.71
N GLY AA 49 44.86 -162.42 -7.64
CA GLY AA 49 45.85 -161.41 -7.35
C GLY AA 49 46.69 -160.98 -8.54
N SER AA 50 46.43 -161.50 -9.73
CA SER AA 50 47.19 -161.10 -10.90
C SER AA 50 46.81 -159.69 -11.33
N LEU AA 51 47.78 -158.97 -11.88
CA LEU AA 51 47.60 -157.58 -12.30
C LEU AA 51 47.71 -157.50 -13.81
N TYR AA 52 46.69 -156.89 -14.44
CA TYR AA 52 46.65 -156.71 -15.88
C TYR AA 52 46.52 -155.22 -16.17
N THR AA 53 47.52 -154.63 -16.81
CA THR AA 53 47.49 -153.24 -17.19
C THR AA 53 47.34 -153.11 -18.70
N PHE AA 54 46.59 -152.11 -19.13
CA PHE AA 54 46.42 -151.85 -20.55
C PHE AA 54 46.13 -150.37 -20.76
N GLY AA 55 46.25 -149.93 -22.01
CA GLY AA 55 46.02 -148.55 -22.37
C GLY AA 55 47.28 -147.89 -22.91
N TRP AA 56 47.38 -146.58 -22.68
CA TRP AA 56 48.53 -145.81 -23.11
C TRP AA 56 49.68 -146.02 -22.13
N GLY AA 57 50.80 -146.56 -22.62
CA GLY AA 57 51.92 -146.87 -21.75
C GLY AA 57 52.97 -145.78 -21.75
N GLN AA 58 52.55 -144.53 -21.77
CA GLN AA 58 53.48 -143.41 -21.83
C GLN AA 58 54.33 -143.34 -20.56
N ASN AA 59 55.57 -142.87 -20.73
CA ASN AA 59 56.49 -142.65 -19.62
C ASN AA 59 56.72 -143.92 -18.80
N GLY AA 60 56.75 -145.06 -19.49
CA GLY AA 60 57.04 -146.31 -18.83
C GLY AA 60 55.93 -146.86 -17.97
N ALA AA 61 54.69 -146.43 -18.20
CA ALA AA 61 53.57 -146.99 -17.45
C ALA AA 61 53.27 -148.40 -17.94
N LEU AA 62 52.19 -148.99 -17.39
CA LEU AA 62 51.72 -150.31 -17.76
C LEU AA 62 52.67 -151.41 -17.31
N GLY AA 63 53.81 -151.03 -16.73
CA GLY AA 63 54.76 -152.01 -16.24
C GLY AA 63 55.27 -152.98 -17.28
N ASN AA 64 55.54 -152.49 -18.48
CA ASN AA 64 56.05 -153.33 -19.56
C ASN AA 64 57.39 -152.87 -20.11
N GLY AA 65 57.95 -151.78 -19.59
CA GLY AA 65 59.25 -151.32 -20.04
C GLY AA 65 59.26 -150.60 -21.37
N ALA AA 66 58.11 -150.15 -21.84
CA ALA AA 66 58.00 -149.44 -23.11
C ALA AA 66 57.24 -148.13 -22.91
N LYS AA 67 57.09 -147.38 -24.00
CA LYS AA 67 56.36 -146.11 -24.00
C LYS AA 67 55.42 -146.05 -25.19
N GLU AA 68 54.67 -147.12 -25.41
CA GLU AA 68 53.78 -147.24 -26.56
C GLU AA 68 52.39 -147.68 -26.11
N PHE AA 69 51.44 -147.60 -27.02
CA PHE AA 69 50.08 -148.03 -26.74
C PHE AA 69 49.99 -149.54 -26.63
N GLN AA 70 49.30 -150.02 -25.59
CA GLN AA 70 48.94 -151.42 -25.44
C GLN AA 70 47.45 -151.44 -25.13
N LEU AA 71 46.64 -151.40 -26.18
CA LEU AA 71 45.19 -151.27 -25.98
C LEU AA 71 44.59 -152.56 -25.44
N SER AA 72 45.06 -153.71 -25.91
CA SER AA 72 44.56 -154.98 -25.42
C SER AA 72 45.06 -155.24 -24.00
N PRO AA 73 44.24 -155.87 -23.16
CA PRO AA 73 44.69 -156.22 -21.81
C PRO AA 73 45.89 -157.15 -21.85
N SER AA 74 46.81 -156.95 -20.90
CA SER AA 74 48.02 -157.74 -20.84
C SER AA 74 48.51 -157.80 -19.40
N PRO AA 75 48.93 -158.97 -18.94
CA PRO AA 75 49.39 -159.09 -17.55
C PRO AA 75 50.71 -158.37 -17.32
N VAL AA 76 50.93 -157.97 -16.07
CA VAL AA 76 52.19 -157.36 -15.68
C VAL AA 76 53.18 -158.47 -15.34
N SER AA 77 54.28 -158.54 -16.09
CA SER AA 77 55.23 -159.63 -15.93
C SER AA 77 55.98 -159.57 -14.61
N PHE AA 78 56.08 -158.40 -13.99
CA PHE AA 78 56.83 -158.28 -12.75
C PHE AA 78 56.18 -159.08 -11.63
N PHE AA 79 54.86 -159.03 -11.52
CA PHE AA 79 54.16 -159.69 -10.42
C PHE AA 79 53.74 -161.12 -10.77
N ASN AA 80 53.34 -161.36 -12.03
CA ASN AA 80 52.89 -162.69 -12.41
C ASN AA 80 54.05 -163.69 -12.44
N ASP AA 81 55.25 -163.24 -12.83
CA ASP AA 81 56.39 -164.16 -12.85
C ASP AA 81 56.74 -164.64 -11.46
N LYS AA 82 56.75 -163.75 -10.48
CA LYS AA 82 57.05 -164.11 -9.09
C LYS AA 82 55.83 -164.61 -8.34
N LYS AA 83 54.66 -164.63 -8.97
CA LYS AA 83 53.40 -165.03 -8.33
C LYS AA 83 53.14 -164.20 -7.07
N LEU AA 84 53.43 -162.91 -7.16
CA LEU AA 84 53.23 -161.99 -6.06
C LEU AA 84 51.82 -161.40 -6.19
N LYS AA 85 50.90 -161.85 -5.35
CA LYS AA 85 49.51 -161.41 -5.44
C LYS AA 85 49.40 -159.95 -5.01
N VAL AA 86 48.66 -159.18 -5.79
CA VAL AA 86 48.49 -157.74 -5.56
C VAL AA 86 47.13 -157.52 -4.91
N LYS AA 87 47.12 -156.75 -3.82
CA LYS AA 87 45.88 -156.49 -3.09
C LYS AA 87 45.09 -155.33 -3.68
N ASP AA 88 45.75 -154.24 -4.04
CA ASP AA 88 45.04 -153.07 -4.54
C ASP AA 88 45.93 -152.34 -5.54
N VAL AA 89 45.31 -151.46 -6.32
CA VAL AA 89 46.01 -150.72 -7.36
C VAL AA 89 45.45 -149.30 -7.45
N VAL AA 90 46.34 -148.35 -7.70
CA VAL AA 90 45.98 -146.94 -7.90
C VAL AA 90 46.59 -146.50 -9.22
N VAL AA 91 45.77 -145.92 -10.09
CA VAL AA 91 46.20 -145.51 -11.42
C VAL AA 91 46.02 -144.00 -11.56
N GLY AA 92 47.09 -143.32 -11.99
CA GLY AA 92 47.02 -141.89 -12.23
C GLY AA 92 47.57 -141.56 -13.61
N GLU AA 93 47.46 -140.27 -13.95
CA GLU AA 93 47.61 -139.78 -15.31
C GLU AA 93 48.69 -140.52 -16.11
N SER AA 94 49.85 -140.73 -15.52
CA SER AA 94 50.90 -141.49 -16.19
C SER AA 94 51.67 -142.38 -15.22
N TYR AA 95 51.01 -142.88 -14.18
CA TYR AA 95 51.69 -143.72 -13.20
C TYR AA 95 50.75 -144.81 -12.71
N THR AA 96 51.35 -145.85 -12.15
CA THR AA 96 50.60 -146.92 -11.50
C THR AA 96 51.29 -147.29 -10.19
N ILE AA 97 50.50 -147.61 -9.17
CA ILE AA 97 50.98 -148.04 -7.87
C ILE AA 97 50.23 -149.31 -7.49
N ALA AA 98 50.96 -150.32 -7.04
CA ALA AA 98 50.38 -151.60 -6.66
C ALA AA 98 50.73 -151.91 -5.21
N VAL AA 99 49.71 -152.19 -4.41
CA VAL AA 99 49.88 -152.61 -3.03
C VAL AA 99 49.67 -154.12 -2.99
N THR AA 100 50.72 -154.86 -2.66
CA THR AA 100 50.65 -156.31 -2.60
C THR AA 100 50.13 -156.75 -1.24
N GLU AA 101 49.89 -158.06 -1.12
CA GLU AA 101 49.28 -158.59 0.09
C GLU AA 101 50.24 -158.65 1.26
N ASN AA 102 51.55 -158.59 1.02
CA ASN AA 102 52.52 -158.57 2.11
C ASN AA 102 52.75 -157.18 2.67
N GLY AA 103 52.13 -156.15 2.11
CA GLY AA 103 52.29 -154.79 2.56
C GLY AA 103 53.24 -153.95 1.73
N GLU AA 104 54.03 -154.57 0.85
CA GLU AA 104 54.94 -153.81 0.01
C GLU AA 104 54.16 -152.99 -1.02
N VAL AA 105 54.70 -151.82 -1.35
CA VAL AA 105 54.09 -150.91 -2.30
C VAL AA 105 55.06 -150.68 -3.44
N TYR AA 106 54.63 -150.94 -4.67
CA TYR AA 106 55.42 -150.76 -5.87
C TYR AA 106 54.82 -149.63 -6.70
N SER AA 107 55.67 -148.97 -7.49
CA SER AA 107 55.22 -147.91 -8.38
C SER AA 107 56.00 -148.00 -9.69
N TRP AA 108 55.39 -147.46 -10.75
CA TRP AA 108 56.04 -147.39 -12.04
C TRP AA 108 55.32 -146.39 -12.92
N GLY AA 109 56.09 -145.56 -13.64
CA GLY AA 109 55.51 -144.59 -14.55
C GLY AA 109 56.28 -143.28 -14.60
N TYR AA 110 55.57 -142.21 -14.94
CA TYR AA 110 56.19 -140.89 -15.00
C TYR AA 110 56.61 -140.43 -13.61
N GLY AA 111 57.79 -139.81 -13.53
CA GLY AA 111 58.33 -139.40 -12.25
C GLY AA 111 58.78 -137.95 -12.20
N GLY AA 112 58.60 -137.22 -13.29
CA GLY AA 112 59.01 -135.83 -13.36
C GLY AA 112 60.25 -135.54 -14.18
N GLU AA 113 60.81 -136.53 -14.85
CA GLU AA 113 61.99 -136.31 -15.67
C GLU AA 113 61.66 -135.39 -16.83
N PRO AA 114 62.49 -134.39 -17.12
CA PRO AA 114 62.20 -133.51 -18.26
C PRO AA 114 62.16 -134.30 -19.57
N SER AA 115 61.25 -133.88 -20.45
CA SER AA 115 61.06 -134.61 -21.71
C SER AA 115 62.29 -134.54 -22.59
N SER AA 116 62.92 -133.37 -22.70
CA SER AA 116 64.05 -133.16 -23.58
C SER AA 116 65.08 -132.27 -22.90
N LYS AA 117 66.30 -132.29 -23.45
CA LYS AA 117 67.38 -131.46 -22.92
C LYS AA 117 67.20 -129.99 -23.28
N ILE AA 118 66.42 -129.69 -24.31
CA ILE AA 118 66.16 -128.32 -24.74
C ILE AA 118 64.76 -127.95 -24.25
N ASN AA 119 64.70 -127.18 -23.18
CA ASN AA 119 63.43 -126.78 -22.61
C ASN AA 119 63.63 -125.50 -21.79
N LEU AA 120 62.51 -124.81 -21.53
CA LEU AA 120 62.54 -123.57 -20.75
C LEU AA 120 62.42 -123.85 -19.26
N ASP AA 121 63.29 -124.73 -18.75
CA ASP AA 121 63.32 -125.02 -17.32
C ASP AA 121 63.95 -123.91 -16.50
N PHE AA 122 64.76 -123.06 -17.12
CA PHE AA 122 65.34 -121.93 -16.41
C PHE AA 122 64.25 -121.00 -15.87
N PHE AA 123 63.45 -120.43 -16.78
CA PHE AA 123 62.38 -119.53 -16.37
C PHE AA 123 61.32 -120.25 -15.54
N ARG AA 124 60.96 -121.48 -15.94
CA ARG AA 124 59.92 -122.19 -15.22
C ARG AA 124 60.32 -122.46 -13.77
N ASN AA 125 61.56 -122.92 -13.57
CA ASN AA 125 62.03 -123.15 -12.20
C ASN AA 125 62.24 -121.83 -11.47
N ALA AA 126 62.48 -120.74 -12.20
CA ALA AA 126 62.44 -119.43 -11.56
C ALA AA 126 61.04 -119.04 -11.13
N ILE AA 127 60.01 -119.61 -11.75
CA ILE AA 127 58.62 -119.28 -11.45
C ILE AA 127 57.94 -120.40 -10.65
N LEU AA 128 57.85 -121.59 -11.23
CA LEU AA 128 57.09 -122.71 -10.68
C LEU AA 128 58.00 -123.69 -9.95
N PRO AA 129 57.45 -124.50 -9.06
CA PRO AA 129 58.27 -125.52 -8.38
C PRO AA 129 58.72 -126.60 -9.35
N GLN AA 130 59.69 -127.39 -8.88
CA GLN AA 130 60.22 -128.47 -9.68
C GLN AA 130 59.16 -129.55 -9.89
N ARG AA 131 59.11 -130.08 -11.12
CA ARG AA 131 58.12 -131.10 -11.45
C ARG AA 131 58.42 -132.41 -10.74
N CYS AA 132 57.34 -133.12 -10.39
CA CYS AA 132 57.47 -134.40 -9.71
C CYS AA 132 56.26 -135.26 -10.05
N GLY AA 133 56.43 -136.57 -9.84
CA GLY AA 133 55.37 -137.53 -10.07
C GLY AA 133 55.02 -138.28 -8.79
N ALA AA 134 54.06 -139.19 -8.93
CA ALA AA 134 53.56 -139.94 -7.79
C ALA AA 134 54.45 -141.12 -7.40
N LEU AA 135 55.69 -141.15 -7.87
CA LEU AA 135 56.63 -142.18 -7.45
C LEU AA 135 57.28 -141.79 -6.12
N GLY AA 136 57.57 -142.80 -5.32
CA GLY AA 136 58.24 -142.58 -4.05
C GLY AA 136 59.72 -142.80 -4.15
N SER AA 137 60.24 -142.72 -5.38
CA SER AA 137 61.65 -143.03 -5.63
C SER AA 137 62.58 -142.07 -4.89
N GLY AA 138 62.23 -140.79 -4.88
CA GLY AA 138 63.11 -139.77 -4.34
C GLY AA 138 63.85 -138.96 -5.39
N ASP AA 139 63.57 -139.19 -6.66
CA ASP AA 139 64.15 -138.42 -7.75
C ASP AA 139 63.18 -138.40 -8.91
N ASN AA 140 63.35 -137.39 -9.79
CA ASN AA 140 62.48 -137.24 -10.95
C ASN AA 140 63.00 -138.10 -12.10
N LYS AA 141 62.79 -139.41 -11.95
CA LYS AA 141 63.23 -140.38 -12.95
C LYS AA 141 62.09 -141.34 -13.24
N ASN AA 142 61.80 -141.54 -14.52
CA ASN AA 142 60.72 -142.44 -14.91
C ASN AA 142 61.07 -143.88 -14.58
N ARG AA 143 60.07 -144.64 -14.14
CA ARG AA 143 60.21 -146.06 -13.85
C ARG AA 143 59.47 -146.84 -14.93
N LEU AA 144 60.23 -147.41 -15.87
CA LEU AA 144 59.60 -148.18 -16.94
C LEU AA 144 59.09 -149.53 -16.46
N THR AA 145 59.64 -150.05 -15.37
CA THR AA 145 59.22 -151.33 -14.79
C THR AA 145 58.89 -151.14 -13.32
N PRO AA 146 58.01 -151.97 -12.77
CA PRO AA 146 57.62 -151.81 -11.36
C PRO AA 146 58.82 -151.83 -10.44
N GLN AA 147 58.83 -150.92 -9.47
CA GLN AA 147 59.90 -150.86 -8.49
C GLN AA 147 59.33 -150.47 -7.14
N GLN AA 148 59.82 -151.12 -6.09
CA GLN AA 148 59.26 -150.95 -4.76
C GLN AA 148 59.53 -149.54 -4.23
N ILE AA 149 58.54 -148.98 -3.54
CA ILE AA 149 58.71 -147.71 -2.85
C ILE AA 149 59.41 -147.97 -1.53
N ALA AA 150 60.62 -147.44 -1.37
CA ALA AA 150 61.42 -147.71 -0.19
C ALA AA 150 60.79 -147.09 1.05
N ASN AA 151 60.81 -147.84 2.16
CA ASN AA 151 60.34 -147.37 3.46
C ASN AA 151 58.87 -146.93 3.39
N LEU AA 152 58.02 -147.83 2.91
CA LEU AA 152 56.58 -147.60 2.89
C LEU AA 152 55.88 -148.94 2.99
N LYS AA 153 55.15 -149.16 4.08
CA LYS AA 153 54.39 -150.38 4.29
C LYS AA 153 52.91 -150.03 4.37
N ALA AA 154 52.10 -150.74 3.57
CA ALA AA 154 50.65 -150.53 3.54
C ALA AA 154 49.99 -151.86 3.91
N ASP AA 155 49.85 -152.11 5.21
CA ASP AA 155 49.17 -153.30 5.72
C ASP AA 155 48.12 -152.84 6.72
N GLY AA 156 46.87 -153.24 6.49
CA GLY AA 156 45.79 -152.75 7.32
C GLY AA 156 45.38 -151.33 7.05
N TYR AA 157 45.89 -150.72 5.98
CA TYR AA 157 45.60 -149.34 5.67
C TYR AA 157 44.10 -149.15 5.41
N LYS AA 158 43.58 -148.01 5.82
CA LYS AA 158 42.19 -147.69 5.53
C LYS AA 158 41.96 -147.51 4.02
N ASN AA 159 42.86 -146.78 3.36
CA ASN AA 159 42.61 -146.41 1.98
C ASN AA 159 43.92 -146.02 1.30
N ILE AA 160 43.90 -146.04 -0.03
CA ILE AA 160 44.99 -145.49 -0.82
C ILE AA 160 44.40 -144.94 -2.11
N SER AA 161 44.78 -143.72 -2.47
CA SER AA 161 44.22 -143.09 -3.66
C SER AA 161 45.20 -142.04 -4.18
N GLY AA 162 45.14 -141.80 -5.47
CA GLY AA 162 46.06 -140.86 -6.09
C GLY AA 162 45.38 -140.07 -7.19
N GLY AA 163 45.90 -138.87 -7.42
CA GLY AA 163 45.45 -137.99 -8.47
C GLY AA 163 46.31 -138.11 -9.71
N ASP AA 164 46.40 -137.02 -10.47
CA ASP AA 164 47.16 -137.06 -11.72
C ASP AA 164 48.66 -137.19 -11.45
N ASN AA 165 49.17 -136.49 -10.43
CA ASN AA 165 50.61 -136.53 -10.15
C ASN AA 165 50.89 -136.56 -8.65
N PHE AA 166 50.03 -137.20 -7.86
CA PHE AA 166 50.26 -137.32 -6.43
C PHE AA 166 49.53 -138.55 -5.91
N ALA AA 167 49.98 -139.03 -4.75
CA ALA AA 167 49.39 -140.22 -4.13
C ALA AA 167 49.31 -140.04 -2.63
N THR AA 168 48.37 -140.76 -2.01
CA THR AA 168 48.03 -140.61 -0.61
C THR AA 168 47.64 -141.97 -0.06
N LEU AA 169 48.12 -142.28 1.16
CA LEU AA 169 47.84 -143.53 1.84
C LEU AA 169 47.34 -143.21 3.24
N VAL AA 170 46.13 -143.66 3.56
CA VAL AA 170 45.54 -143.48 4.88
C VAL AA 170 45.60 -144.81 5.61
N ASN AA 171 46.37 -144.84 6.69
CA ASN AA 171 46.62 -146.05 7.46
C ASN AA 171 45.46 -146.35 8.39
N GLN AA 172 45.61 -147.44 9.16
CA GLN AA 172 44.57 -147.84 10.11
C GLN AA 172 44.49 -146.89 11.30
N SER AA 173 45.57 -146.21 11.63
CA SER AA 173 45.61 -145.29 12.76
C SER AA 173 45.19 -143.88 12.41
N GLY AA 174 44.72 -143.66 11.19
CA GLY AA 174 44.36 -142.33 10.73
C GLY AA 174 45.51 -141.51 10.21
N GLU AA 175 46.72 -142.06 10.19
CA GLU AA 175 47.88 -141.34 9.68
C GLU AA 175 47.81 -141.25 8.16
N VAL AA 176 48.09 -140.06 7.63
CA VAL AA 176 48.05 -139.80 6.20
C VAL AA 176 49.48 -139.62 5.70
N ILE AA 177 49.87 -140.43 4.72
CA ILE AA 177 51.20 -140.36 4.11
C ILE AA 177 51.02 -139.95 2.66
N ASN AA 178 51.61 -138.81 2.29
CA ASN AA 178 51.45 -138.25 0.97
C ASN AA 178 52.79 -138.22 0.25
N TRP AA 179 52.73 -138.30 -1.08
CA TRP AA 179 53.91 -138.04 -1.89
C TRP AA 179 53.47 -137.60 -3.28
N GLY AA 180 54.40 -136.99 -4.00
CA GLY AA 180 54.13 -136.47 -5.32
C GLY AA 180 54.08 -134.96 -5.36
N THR AA 181 53.36 -134.45 -6.35
CA THR AA 181 53.26 -133.00 -6.55
C THR AA 181 52.23 -132.42 -5.59
N GLY AA 182 52.69 -131.56 -4.69
CA GLY AA 182 51.83 -130.86 -3.76
C GLY AA 182 51.46 -129.45 -4.14
N LEU AA 183 51.70 -129.05 -5.38
CA LEU AA 183 51.42 -127.68 -5.80
C LEU AA 183 49.93 -127.39 -5.76
N PHE AA 184 49.59 -126.16 -5.35
CA PHE AA 184 48.20 -125.71 -5.23
C PHE AA 184 47.43 -126.56 -4.23
N GLY AA 185 48.11 -127.05 -3.19
CA GLY AA 185 47.45 -127.75 -2.11
C GLY AA 185 46.76 -129.04 -2.52
N SER AA 186 47.33 -129.77 -3.49
CA SER AA 186 46.75 -131.04 -3.88
C SER AA 186 46.84 -132.06 -2.75
N LEU AA 187 47.97 -132.07 -2.04
CA LEU AA 187 48.16 -133.00 -0.93
C LEU AA 187 47.49 -132.54 0.36
N GLY AA 188 47.13 -131.26 0.46
CA GLY AA 188 46.52 -130.75 1.66
C GLY AA 188 47.47 -130.58 2.83
N ASN AA 189 48.78 -130.65 2.60
CA ASN AA 189 49.78 -130.54 3.66
C ASN AA 189 50.24 -129.12 3.91
N GLY AA 190 49.74 -128.15 3.15
CA GLY AA 190 50.10 -126.76 3.39
C GLY AA 190 51.37 -126.29 2.72
N SER AA 191 51.96 -127.08 1.83
CA SER AA 191 53.15 -126.68 1.11
C SER AA 191 52.98 -126.98 -0.38
N ASP AA 192 53.57 -126.13 -1.21
CA ASP AA 192 53.55 -126.30 -2.65
C ASP AA 192 54.78 -127.04 -3.16
N TYR AA 193 55.72 -127.39 -2.29
CA TYR AA 193 56.92 -128.09 -2.74
C TYR AA 193 56.62 -129.55 -3.00
N PRO AA 194 57.30 -130.16 -3.96
CA PRO AA 194 57.08 -131.58 -4.24
C PRO AA 194 57.62 -132.46 -3.13
N LEU AA 195 57.00 -133.63 -2.98
CA LEU AA 195 57.44 -134.64 -2.02
C LEU AA 195 57.92 -135.85 -2.82
N PHE AA 196 59.23 -135.89 -3.09
CA PHE AA 196 59.80 -137.01 -3.83
C PHE AA 196 59.68 -138.30 -3.06
N THR AA 197 59.88 -138.25 -1.75
CA THR AA 197 59.70 -139.40 -0.87
C THR AA 197 58.41 -139.26 -0.07
N PRO AA 198 57.76 -140.37 0.28
CA PRO AA 198 56.54 -140.27 1.09
C PRO AA 198 56.80 -139.63 2.43
N GLU AA 199 55.88 -138.78 2.87
CA GLU AA 199 56.02 -138.07 4.14
C GLU AA 199 54.67 -138.02 4.84
N VAL AA 200 54.72 -138.02 6.17
CA VAL AA 200 53.51 -137.96 6.97
C VAL AA 200 52.90 -136.57 6.85
N ASN AA 201 51.59 -136.52 6.61
CA ASN AA 201 50.91 -135.25 6.46
C ASN AA 201 50.79 -134.56 7.82
N ALA AA 202 51.34 -133.35 7.91
CA ALA AA 202 51.38 -132.65 9.19
C ALA AA 202 50.02 -132.08 9.58
N TYR AA 203 49.21 -131.66 8.59
CA TYR AA 203 47.94 -131.03 8.89
C TYR AA 203 46.97 -132.01 9.54
N PHE AA 204 46.84 -133.21 8.97
CA PHE AA 204 45.93 -134.19 9.54
C PHE AA 204 46.44 -134.72 10.87
N LYS AA 205 47.76 -134.81 11.03
CA LYS AA 205 48.32 -135.15 12.34
C LYS AA 205 47.96 -134.10 13.38
N HIS AA 206 48.05 -132.82 13.01
CA HIS AA 206 47.64 -131.75 13.91
C HIS AA 206 46.15 -131.84 14.24
N LEU AA 207 45.33 -132.15 13.24
CA LEU AA 207 43.89 -132.29 13.48
C LEU AA 207 43.61 -133.43 14.46
N LYS AA 208 44.27 -134.57 14.28
CA LYS AA 208 44.03 -135.70 15.18
C LYS AA 208 44.57 -135.42 16.58
N GLU AA 209 45.67 -134.66 16.69
CA GLU AA 209 46.19 -134.33 18.02
C GLU AA 209 45.27 -133.36 18.75
N HIS AA 210 45.06 -132.18 18.16
CA HIS AA 210 44.31 -131.14 18.86
C HIS AA 210 42.80 -131.35 18.75
N GLU AA 211 42.28 -131.33 17.53
CA GLU AA 211 40.84 -131.46 17.34
C GLU AA 211 40.33 -132.89 17.51
N GLY AA 212 41.22 -133.88 17.43
CA GLY AA 212 40.81 -135.25 17.63
C GLY AA 212 40.02 -135.86 16.49
N LEU AA 213 40.19 -135.36 15.28
CA LEU AA 213 39.47 -135.87 14.10
C LEU AA 213 40.36 -136.86 13.36
N THR AA 214 39.87 -138.08 13.20
CA THR AA 214 40.59 -139.14 12.51
C THR AA 214 40.11 -139.23 11.07
N VAL AA 215 41.05 -139.36 10.14
CA VAL AA 215 40.74 -139.39 8.72
C VAL AA 215 40.12 -140.74 8.38
N GLN AA 216 38.83 -140.75 8.05
CA GLN AA 216 38.20 -141.99 7.62
C GLN AA 216 38.71 -142.43 6.26
N SER AA 217 38.76 -141.50 5.30
CA SER AA 217 39.22 -141.86 3.96
C SER AA 217 39.60 -140.60 3.19
N ILE AA 218 40.36 -140.80 2.11
CA ILE AA 218 40.74 -139.73 1.19
C ILE AA 218 40.62 -140.27 -0.23
N LYS AA 219 39.98 -139.50 -1.11
CA LYS AA 219 39.84 -139.87 -2.51
C LYS AA 219 40.19 -138.69 -3.39
N SER AA 220 40.94 -138.95 -4.46
CA SER AA 220 41.48 -137.90 -5.30
C SER AA 220 41.18 -138.17 -6.77
N ALA AA 221 41.06 -137.09 -7.53
CA ALA AA 221 41.00 -137.15 -8.99
C ALA AA 221 41.51 -135.84 -9.53
N GLY AA 222 42.18 -135.90 -10.68
CA GLY AA 222 42.81 -134.70 -11.23
C GLY AA 222 43.81 -134.16 -10.23
N HIS AA 223 43.75 -132.85 -10.01
CA HIS AA 223 44.55 -132.19 -8.98
C HIS AA 223 43.70 -131.82 -7.76
N PHE AA 224 42.65 -132.58 -7.51
CA PHE AA 224 41.67 -132.28 -6.47
C PHE AA 224 41.49 -133.51 -5.60
N SER AA 225 41.26 -133.29 -4.30
CA SER AA 225 41.10 -134.39 -3.36
C SER AA 225 40.07 -134.01 -2.31
N ALA AA 226 39.42 -135.03 -1.76
CA ALA AA 226 38.43 -134.84 -0.70
C ALA AA 226 38.65 -135.89 0.37
N ALA AA 227 38.55 -135.47 1.63
CA ALA AA 227 38.79 -136.33 2.77
C ALA AA 227 37.56 -136.37 3.65
N LEU AA 228 37.17 -137.58 4.07
CA LEU AA 228 36.13 -137.77 5.06
C LEU AA 228 36.79 -138.09 6.39
N LEU AA 229 36.46 -137.31 7.41
CA LEU AA 229 37.08 -137.38 8.73
C LEU AA 229 36.17 -138.14 9.70
N SER AA 230 36.55 -138.15 10.98
CA SER AA 230 35.80 -138.89 11.98
C SER AA 230 34.38 -138.35 12.10
N ASN AA 231 34.23 -137.03 12.15
CA ASN AA 231 32.90 -136.45 12.05
C ASN AA 231 32.43 -136.51 10.60
N GLY AA 232 31.11 -136.41 10.43
CA GLY AA 232 30.54 -136.49 9.09
C GLY AA 232 30.74 -135.23 8.30
N LYS AA 233 31.99 -134.90 7.99
CA LYS AA 233 32.32 -133.70 7.23
C LYS AA 233 33.31 -134.04 6.13
N LEU AA 234 33.20 -133.32 5.02
CA LEU AA 234 34.10 -133.45 3.88
C LEU AA 234 35.04 -132.25 3.84
N TYR AA 235 36.33 -132.53 3.72
CA TYR AA 235 37.36 -131.49 3.62
C TYR AA 235 38.01 -131.62 2.25
N THR AA 236 37.79 -130.63 1.40
CA THR AA 236 38.31 -130.64 0.05
C THR AA 236 39.56 -129.77 -0.06
N PHE AA 237 40.46 -130.16 -0.95
CA PHE AA 237 41.69 -129.41 -1.16
C PHE AA 237 42.25 -129.75 -2.54
N GLY AA 238 42.75 -128.74 -3.23
CA GLY AA 238 43.29 -128.92 -4.56
C GLY AA 238 42.96 -127.76 -5.48
N VAL AA 239 42.87 -128.03 -6.78
CA VAL AA 239 42.53 -127.01 -7.76
C VAL AA 239 41.04 -127.09 -8.05
N ASN AA 240 40.35 -125.96 -7.90
CA ASN AA 240 38.90 -125.90 -8.04
C ASN AA 240 38.54 -125.41 -9.44
N THR AA 241 38.78 -126.29 -10.42
CA THR AA 241 38.58 -125.91 -11.81
C THR AA 241 37.11 -125.62 -12.10
N GLN AA 242 36.22 -126.50 -11.64
CA GLN AA 242 34.81 -126.40 -12.00
C GLN AA 242 33.90 -126.54 -10.78
N GLY AA 243 34.31 -126.01 -9.64
CA GLY AA 243 33.48 -126.06 -8.46
C GLY AA 243 33.43 -127.40 -7.76
N GLN AA 244 34.42 -128.26 -7.98
CA GLN AA 244 34.40 -129.57 -7.34
C GLN AA 244 34.57 -129.47 -5.83
N LEU AA 245 35.33 -128.48 -5.36
CA LEU AA 245 35.64 -128.38 -3.94
C LEU AA 245 34.40 -128.11 -3.10
N GLY AA 246 33.41 -127.41 -3.66
CA GLY AA 246 32.21 -127.10 -2.91
C GLY AA 246 32.45 -126.19 -1.72
N ILE AA 247 33.27 -125.15 -1.89
CA ILE AA 247 33.64 -124.26 -0.80
C ILE AA 247 33.20 -122.83 -1.06
N ARG AA 248 32.34 -122.60 -2.04
CA ARG AA 248 31.96 -121.25 -2.43
C ARG AA 248 30.71 -120.84 -1.65
N GLU AA 249 30.88 -119.92 -0.71
CA GLU AA 249 29.75 -119.41 0.05
C GLU AA 249 28.83 -118.56 -0.82
N ASN AA 250 29.39 -117.62 -1.57
CA ASN AA 250 28.63 -116.73 -2.42
C ASN AA 250 28.88 -117.10 -3.87
N LEU AA 251 27.80 -117.46 -4.58
CA LEU AA 251 27.93 -118.00 -5.93
C LEU AA 251 28.68 -117.05 -6.86
N GLY AA 252 28.57 -115.74 -6.63
CA GLY AA 252 29.18 -114.76 -7.49
C GLY AA 252 30.60 -114.37 -7.18
N HIS AA 253 31.25 -115.01 -6.21
CA HIS AA 253 32.62 -114.69 -5.84
C HIS AA 253 33.56 -115.71 -6.47
N ASN AA 254 34.39 -115.25 -7.39
CA ASN AA 254 35.40 -116.12 -8.03
C ASN AA 254 36.74 -116.01 -7.31
N THR AA 255 36.71 -116.29 -6.01
CA THR AA 255 37.92 -116.26 -5.18
C THR AA 255 38.28 -117.63 -4.64
N ASP AA 256 37.64 -118.69 -5.12
CA ASP AA 256 37.85 -120.05 -4.64
C ASP AA 256 38.67 -120.88 -5.62
N GLN AA 257 39.70 -120.25 -6.22
CA GLN AA 257 40.44 -120.92 -7.28
C GLN AA 257 41.09 -122.20 -6.80
N ASN AA 258 41.68 -122.19 -5.61
CA ASN AA 258 42.29 -123.38 -5.05
C ASN AA 258 42.31 -123.26 -3.54
N ALA AA 259 42.46 -124.40 -2.86
CA ALA AA 259 42.52 -124.47 -1.41
C ALA AA 259 43.81 -125.18 -1.00
N ARG AA 260 44.74 -124.44 -0.41
CA ARG AA 260 46.00 -125.04 0.01
C ARG AA 260 45.78 -126.05 1.14
N LEU AA 261 44.94 -125.72 2.11
CA LEU AA 261 44.64 -126.58 3.22
C LEU AA 261 43.25 -127.18 3.08
N PRO AA 262 43.00 -128.35 3.66
CA PRO AA 262 41.66 -128.95 3.59
C PRO AA 262 40.60 -128.04 4.17
N THR AA 263 39.70 -127.55 3.32
CA THR AA 263 38.63 -126.71 3.81
C THR AA 263 37.32 -127.47 3.78
N PRO AA 264 36.48 -127.35 4.80
CA PRO AA 264 35.19 -128.05 4.79
C PRO AA 264 34.29 -127.54 3.68
N VAL AA 265 33.51 -128.46 3.10
CA VAL AA 265 32.53 -128.06 2.11
C VAL AA 265 31.43 -127.23 2.76
N VAL AA 266 30.71 -126.48 1.94
CA VAL AA 266 29.65 -125.61 2.46
C VAL AA 266 28.51 -126.48 2.97
N ASP AA 267 28.34 -126.52 4.29
CA ASP AA 267 27.33 -127.33 4.96
C ASP AA 267 25.95 -126.70 4.94
N ARG AA 268 25.73 -125.70 4.07
CA ARG AA 268 24.49 -124.94 4.11
C ARG AA 268 23.28 -125.81 3.77
N HIS AA 269 23.40 -126.67 2.77
CA HIS AA 269 22.26 -127.40 2.24
C HIS AA 269 21.99 -128.71 2.95
N PHE AA 270 22.86 -129.17 3.83
CA PHE AA 270 22.67 -130.41 4.57
C PHE AA 270 23.02 -130.22 6.04
N VAL AA 271 22.48 -129.15 6.64
CA VAL AA 271 22.71 -128.91 8.06
C VAL AA 271 22.13 -130.05 8.87
N GLY AA 272 22.91 -130.55 9.83
CA GLY AA 272 22.47 -131.63 10.68
C GLY AA 272 22.68 -133.02 10.15
N GLN AA 273 23.19 -133.16 8.93
CA GLN AA 273 23.46 -134.46 8.33
C GLN AA 273 24.95 -134.73 8.32
N LYS AA 274 25.30 -136.02 8.38
CA LYS AA 274 26.69 -136.46 8.35
C LYS AA 274 26.92 -137.28 7.10
N VAL AA 275 28.02 -136.99 6.40
CA VAL AA 275 28.33 -137.67 5.16
C VAL AA 275 28.68 -139.12 5.45
N VAL AA 276 28.00 -140.04 4.78
CA VAL AA 276 28.32 -141.46 4.91
C VAL AA 276 29.49 -141.83 4.01
N ASP AA 277 29.42 -141.47 2.73
CA ASP AA 277 30.52 -141.77 1.82
C ASP AA 277 30.56 -140.73 0.72
N PHE AA 278 31.59 -140.83 -0.12
CA PHE AA 278 31.78 -139.86 -1.18
C PHE AA 278 32.56 -140.49 -2.33
N GLU AA 279 32.49 -139.82 -3.48
CA GLU AA 279 33.21 -140.23 -4.69
C GLU AA 279 33.68 -138.98 -5.42
N VAL AA 280 34.90 -139.07 -5.96
CA VAL AA 280 35.58 -137.93 -6.56
C VAL AA 280 35.87 -138.26 -8.02
N GLY AA 281 35.41 -137.39 -8.93
CA GLY AA 281 35.73 -137.49 -10.33
C GLY AA 281 36.38 -136.20 -10.81
N GLU AA 282 36.89 -136.25 -12.05
CA GLU AA 282 37.83 -135.24 -12.52
C GLU AA 282 37.32 -133.82 -12.29
N ASN AA 283 36.04 -133.59 -12.51
CA ASN AA 283 35.45 -132.28 -12.29
C ASN AA 283 34.17 -132.38 -11.47
N THR AA 284 34.09 -133.34 -10.55
CA THR AA 284 32.86 -133.51 -9.79
C THR AA 284 33.15 -134.19 -8.46
N LEU AA 285 32.23 -133.97 -7.51
CA LEU AA 285 32.30 -134.57 -6.19
C LEU AA 285 30.88 -134.91 -5.76
N VAL AA 286 30.62 -136.19 -5.51
CA VAL AA 286 29.27 -136.65 -5.19
C VAL AA 286 29.34 -137.44 -3.89
N PHE AA 287 28.61 -136.98 -2.87
CA PHE AA 287 28.65 -137.65 -1.58
C PHE AA 287 27.24 -137.94 -1.07
N LEU AA 288 27.13 -139.08 -0.38
CA LEU AA 288 25.90 -139.55 0.20
C LEU AA 288 25.95 -139.38 1.72
N THR AA 289 24.92 -138.74 2.27
CA THR AA 289 24.79 -138.45 3.68
C THR AA 289 23.68 -139.32 4.30
N ASP AA 290 23.80 -139.49 5.62
CA ASP AA 290 23.13 -140.55 6.37
C ASP AA 290 21.62 -140.48 6.33
N LYS AA 291 21.04 -139.36 5.89
CA LYS AA 291 19.62 -139.33 5.59
C LYS AA 291 19.30 -139.92 4.23
N ASN AA 292 20.22 -140.74 3.69
CA ASN AA 292 20.11 -141.31 2.36
C ASN AA 292 19.95 -140.22 1.30
N GLU AA 293 20.74 -139.15 1.44
CA GLU AA 293 20.62 -138.01 0.56
C GLU AA 293 21.91 -137.80 -0.22
N VAL AA 294 21.78 -137.61 -1.53
CA VAL AA 294 22.92 -137.48 -2.43
C VAL AA 294 23.10 -136.01 -2.76
N PHE AA 295 24.28 -135.47 -2.44
CA PHE AA 295 24.64 -134.11 -2.77
C PHE AA 295 25.80 -134.14 -3.75
N PHE AA 296 25.85 -133.13 -4.62
CA PHE AA 296 26.91 -133.07 -5.62
C PHE AA 296 27.41 -131.64 -5.77
N SER AA 297 28.64 -131.53 -6.25
CA SER AA 297 29.27 -130.27 -6.61
C SER AA 297 30.14 -130.50 -7.83
N GLY AA 298 30.31 -129.46 -8.62
CA GLY AA 298 31.15 -129.56 -9.79
C GLY AA 298 30.43 -129.36 -11.11
N LEU AA 299 31.04 -129.80 -12.20
CA LEU AA 299 30.50 -129.68 -13.55
C LEU AA 299 30.24 -128.23 -13.96
N GLU AA 300 30.86 -127.28 -13.27
CA GLU AA 300 30.64 -125.84 -13.45
C GLU AA 300 29.20 -125.44 -13.18
N LEU AA 301 28.40 -126.31 -12.58
CA LEU AA 301 27.02 -126.00 -12.23
C LEU AA 301 26.89 -125.64 -10.76
N ALA AA 302 27.36 -126.51 -9.87
CA ALA AA 302 27.26 -126.31 -8.43
C ALA AA 302 28.66 -126.06 -7.89
N TYR AA 303 28.90 -124.85 -7.39
CA TYR AA 303 30.15 -124.52 -6.72
C TYR AA 303 30.10 -124.79 -5.23
N GLN AA 304 28.93 -125.15 -4.71
CA GLN AA 304 28.73 -125.62 -3.35
C GLN AA 304 27.80 -126.81 -3.39
N PRO AA 305 27.93 -127.75 -2.45
CA PRO AA 305 27.17 -129.00 -2.55
C PRO AA 305 25.66 -128.76 -2.52
N ILE AA 306 24.99 -129.15 -3.61
CA ILE AA 306 23.55 -129.03 -3.70
C ILE AA 306 22.96 -130.43 -3.87
N ARG AA 307 21.73 -130.60 -3.39
CA ARG AA 307 21.14 -131.93 -3.33
C ARG AA 307 20.73 -132.43 -4.71
N TRP AA 308 21.11 -133.66 -5.02
CA TRP AA 308 20.56 -134.35 -6.18
C TRP AA 308 19.18 -134.88 -5.82
N GLU AA 309 18.20 -134.62 -6.67
CA GLU AA 309 16.80 -134.85 -6.34
C GLU AA 309 16.30 -136.22 -6.78
N ILE AA 310 17.17 -137.23 -6.80
CA ILE AA 310 16.76 -138.60 -7.09
C ILE AA 310 15.86 -139.09 -5.95
N PRO AA 311 14.95 -140.03 -6.20
CA PRO AA 311 14.08 -140.51 -5.13
C PRO AA 311 14.88 -141.12 -3.98
N THR AA 312 14.42 -140.86 -2.76
CA THR AA 312 15.05 -141.36 -1.55
C THR AA 312 14.33 -142.57 -0.97
N ASP AA 313 13.37 -143.14 -1.70
CA ASP AA 313 12.65 -144.31 -1.21
C ASP AA 313 13.59 -145.49 -1.01
N LYS AA 314 14.47 -145.73 -1.97
CA LYS AA 314 15.39 -146.85 -1.93
C LYS AA 314 16.77 -146.40 -1.49
N LYS AA 315 17.40 -147.20 -0.64
CA LYS AA 315 18.72 -146.85 -0.13
C LYS AA 315 19.75 -146.87 -1.23
N ILE AA 316 20.63 -145.87 -1.24
CA ILE AA 316 21.67 -145.75 -2.25
C ILE AA 316 22.86 -146.60 -1.82
N VAL AA 317 23.26 -147.53 -2.67
CA VAL AA 317 24.34 -148.46 -2.37
C VAL AA 317 25.67 -148.00 -2.93
N LYS AA 318 25.70 -147.61 -4.19
CA LYS AA 318 26.94 -147.22 -4.85
C LYS AA 318 26.83 -145.80 -5.37
N LEU AA 319 27.97 -145.10 -5.36
CA LEU AA 319 28.10 -143.80 -6.00
C LEU AA 319 29.25 -143.86 -6.99
N ALA AA 320 29.13 -143.08 -8.06
CA ALA AA 320 30.21 -143.01 -9.04
C ALA AA 320 30.25 -141.61 -9.62
N ALA AA 321 31.46 -141.10 -9.85
CA ALA AA 321 31.67 -139.80 -10.43
C ALA AA 321 32.67 -139.91 -11.57
N SER AA 322 32.51 -139.04 -12.57
CA SER AA 322 33.35 -139.07 -13.75
C SER AA 322 33.24 -137.72 -14.44
N LYS AA 323 34.11 -137.51 -15.43
CA LYS AA 323 34.15 -136.23 -16.13
C LYS AA 323 32.78 -135.89 -16.71
N ASP AA 324 32.15 -134.85 -16.15
CA ASP AA 324 30.86 -134.32 -16.57
C ASP AA 324 29.69 -135.25 -16.30
N THR AA 325 29.90 -136.36 -15.58
CA THR AA 325 28.82 -137.30 -15.33
C THR AA 325 28.91 -137.83 -13.91
N PHE AA 326 27.79 -138.29 -13.39
CA PHE AA 326 27.86 -139.11 -12.18
C PHE AA 326 26.60 -139.96 -12.07
N ALA AA 327 26.64 -140.91 -11.14
CA ALA AA 327 25.57 -141.89 -11.05
C ALA AA 327 25.47 -142.43 -9.62
N ALA AA 328 24.29 -142.96 -9.31
CA ALA AA 328 24.00 -143.59 -8.03
C ALA AA 328 23.22 -144.87 -8.26
N VAL AA 329 23.65 -145.94 -7.61
CA VAL AA 329 23.04 -147.26 -7.74
C VAL AA 329 22.38 -147.61 -6.42
N THR AA 330 21.09 -147.97 -6.48
CA THR AA 330 20.29 -148.22 -5.30
C THR AA 330 20.35 -149.70 -4.92
N GLU AA 331 19.49 -150.10 -3.98
CA GLU AA 331 19.44 -151.50 -3.57
C GLU AA 331 18.98 -152.40 -4.71
N THR AA 332 17.97 -151.96 -5.46
CA THR AA 332 17.40 -152.78 -6.53
C THR AA 332 18.24 -152.79 -7.80
N GLY AA 333 19.38 -152.11 -7.80
CA GLY AA 333 20.22 -152.03 -8.97
C GLY AA 333 19.87 -150.91 -9.92
N LYS AA 334 18.81 -150.15 -9.65
CA LYS AA 334 18.46 -149.02 -10.49
C LYS AA 334 19.56 -147.96 -10.44
N ILE AA 335 19.95 -147.47 -11.60
CA ILE AA 335 21.10 -146.57 -11.73
C ILE AA 335 20.57 -145.21 -12.18
N TYR AA 336 20.46 -144.29 -11.23
CA TYR AA 336 20.21 -142.90 -11.60
C TYR AA 336 21.50 -142.28 -12.09
N GLN AA 337 21.39 -141.37 -13.06
CA GLN AA 337 22.58 -140.75 -13.63
C GLN AA 337 22.34 -139.30 -13.96
N PHE AA 338 23.29 -138.46 -13.58
CA PHE AA 338 23.40 -137.10 -14.09
C PHE AA 338 24.30 -137.14 -15.31
N ASN AA 339 23.74 -136.74 -16.46
CA ASN AA 339 24.32 -136.89 -17.79
C ASN AA 339 24.41 -138.36 -18.16
N GLU AA 340 24.99 -138.66 -19.32
CA GLU AA 340 25.07 -140.03 -19.82
C GLU AA 340 26.29 -140.71 -19.21
N PHE AA 341 26.09 -141.31 -18.04
CA PHE AA 341 27.17 -142.03 -17.38
C PHE AA 341 27.35 -143.42 -17.99
N VAL AA 342 26.30 -144.24 -17.94
CA VAL AA 342 26.36 -145.56 -18.56
C VAL AA 342 26.41 -145.44 -20.07
N GLY AA 343 25.66 -144.49 -20.63
CA GLY AA 343 25.60 -144.28 -22.06
C GLY AA 343 24.26 -144.58 -22.68
N VAL AA 344 23.42 -145.36 -22.00
CA VAL AA 344 22.07 -145.68 -22.45
C VAL AA 344 21.09 -145.26 -21.37
N SER AA 345 20.07 -144.52 -21.75
CA SER AA 345 19.09 -143.99 -20.81
C SER AA 345 17.68 -144.42 -21.21
N THR AA 346 16.84 -144.67 -20.22
CA THR AA 346 15.44 -144.95 -20.45
C THR AA 346 14.64 -143.66 -20.51
N ASN AA 347 13.36 -143.79 -20.85
CA ASN AA 347 12.48 -142.63 -20.93
C ASN AA 347 12.10 -142.09 -19.56
N GLU AA 348 12.42 -142.78 -18.47
CA GLU AA 348 12.14 -142.29 -17.14
C GLU AA 348 13.12 -141.18 -16.79
N VAL AA 349 12.63 -139.95 -16.69
CA VAL AA 349 13.45 -138.78 -16.47
C VAL AA 349 12.87 -137.99 -15.30
N GLY AA 350 13.71 -137.16 -14.69
CA GLY AA 350 13.27 -136.29 -13.62
C GLY AA 350 14.11 -135.02 -13.64
N ASN AA 351 13.68 -134.06 -12.82
CA ASN AA 351 14.18 -132.69 -12.81
C ASN AA 351 15.68 -132.61 -13.08
N ASP AA 352 16.47 -133.49 -12.47
CA ASP AA 352 17.91 -133.45 -12.67
C ASP AA 352 18.52 -134.84 -12.82
N TYR AA 353 17.78 -135.80 -13.36
CA TYR AA 353 18.37 -137.13 -13.50
C TYR AA 353 17.71 -137.89 -14.62
N ASN AA 354 18.46 -138.86 -15.16
CA ASN AA 354 17.94 -139.90 -16.03
C ASN AA 354 18.14 -141.24 -15.35
N VAL AA 355 17.57 -142.28 -15.92
CA VAL AA 355 17.71 -143.64 -15.39
C VAL AA 355 18.43 -144.46 -16.44
N ALA AA 356 19.56 -145.05 -16.06
CA ALA AA 356 20.33 -145.86 -17.00
C ALA AA 356 19.57 -147.14 -17.34
N ASP AA 357 19.65 -147.54 -18.60
CA ASP AA 357 18.96 -148.74 -19.05
C ASP AA 357 19.68 -149.97 -18.51
N SER AA 358 18.91 -150.89 -17.92
CA SER AA 358 19.50 -152.10 -17.36
C SER AA 358 19.91 -153.09 -18.44
N LYS AA 359 19.43 -152.92 -19.67
CA LYS AA 359 19.75 -153.84 -20.75
C LYS AA 359 21.19 -153.73 -21.21
N ALA AA 360 21.91 -152.67 -20.82
CA ALA AA 360 23.29 -152.51 -21.25
C ALA AA 360 24.18 -153.63 -20.71
N PHE AA 361 23.97 -154.02 -19.45
CA PHE AA 361 24.75 -155.05 -18.81
C PHE AA 361 23.92 -156.33 -18.67
N GLU AA 362 24.60 -157.46 -18.72
CA GLU AA 362 23.99 -158.78 -18.54
C GLU AA 362 24.34 -159.28 -17.15
N GLY AA 363 23.51 -158.92 -16.18
CA GLY AA 363 23.72 -159.27 -14.79
C GLY AA 363 23.43 -158.10 -13.90
N LYS AA 364 23.93 -158.16 -12.67
CA LYS AA 364 23.74 -157.11 -11.69
C LYS AA 364 25.02 -156.30 -11.57
N VAL AA 365 24.87 -154.97 -11.62
CA VAL AA 365 26.03 -154.08 -11.57
C VAL AA 365 26.55 -154.02 -10.14
N VAL AA 366 27.58 -154.81 -9.85
CA VAL AA 366 28.16 -154.80 -8.51
C VAL AA 366 28.93 -153.51 -8.27
N ASP AA 367 29.74 -153.08 -9.24
CA ASP AA 367 30.59 -151.93 -9.03
C ASP AA 367 30.56 -151.01 -10.23
N LEU AA 368 30.68 -149.71 -9.97
CA LEU AA 368 30.81 -148.68 -11.01
C LEU AA 368 32.02 -147.82 -10.69
N GLY AA 369 32.63 -147.26 -11.73
CA GLY AA 369 33.77 -146.40 -11.48
C GLY AA 369 34.31 -145.80 -12.76
N GLY AA 370 35.45 -145.11 -12.61
CA GLY AA 370 36.07 -144.39 -13.70
C GLY AA 370 35.85 -142.90 -13.54
N SER AA 371 36.91 -142.11 -13.50
CA SER AA 371 36.80 -140.70 -13.18
C SER AA 371 37.30 -139.74 -14.26
N TYR AA 372 37.96 -140.23 -15.30
CA TYR AA 372 38.43 -139.37 -16.39
C TYR AA 372 37.96 -139.92 -17.72
N GLY AA 373 36.73 -139.63 -18.10
CA GLY AA 373 36.31 -139.85 -19.47
C GLY AA 373 36.07 -141.30 -19.88
N ILE AA 374 36.69 -142.25 -19.18
CA ILE AA 374 36.51 -143.66 -19.43
C ILE AA 374 35.97 -144.31 -18.17
N ARG AA 375 34.85 -145.02 -18.29
CA ARG AA 375 34.12 -145.56 -17.17
C ARG AA 375 33.99 -147.07 -17.28
N PHE AA 376 33.84 -147.72 -16.14
CA PHE AA 376 33.77 -149.17 -16.07
C PHE AA 376 32.69 -149.59 -15.09
N ALA AA 377 32.23 -150.82 -15.28
CA ALA AA 377 31.26 -151.47 -14.41
C ALA AA 377 31.66 -152.93 -14.25
N ILE AA 378 31.85 -153.35 -13.01
CA ILE AA 378 32.10 -154.75 -12.70
C ILE AA 378 30.75 -155.40 -12.44
N VAL AA 379 30.37 -156.37 -13.27
CA VAL AA 379 29.02 -156.93 -13.27
C VAL AA 379 29.12 -158.42 -12.94
N ASN AA 380 28.35 -158.85 -11.95
CA ASN AA 380 28.28 -160.27 -11.60
C ASN AA 380 27.16 -160.96 -12.38
N MET BA 1 68.85 -52.05 57.02
CA MET BA 1 68.05 -52.32 58.19
C MET BA 1 68.64 -51.63 59.41
N SER BA 2 69.80 -52.10 59.86
CA SER BA 2 70.45 -51.46 61.00
C SER BA 2 70.82 -50.02 60.68
N ALA BA 3 71.34 -49.77 59.47
CA ALA BA 3 71.67 -48.41 59.06
C ALA BA 3 70.43 -47.53 59.00
N ILE BA 4 69.31 -48.09 58.52
CA ILE BA 4 68.07 -47.33 58.47
C ILE BA 4 67.54 -47.08 59.87
N LEU BA 5 67.62 -48.09 60.74
CA LEU BA 5 67.13 -47.93 62.10
C LEU BA 5 67.96 -46.92 62.90
N LYS BA 6 69.25 -46.78 62.56
CA LYS BA 6 70.08 -45.79 63.24
C LYS BA 6 69.54 -44.39 63.02
N ARG BA 7 69.12 -44.07 61.80
CA ARG BA 7 68.62 -42.75 61.46
C ARG BA 7 67.10 -42.65 61.48
N ALA BA 8 66.40 -43.74 61.81
CA ALA BA 8 64.94 -43.72 61.76
C ALA BA 8 64.33 -42.88 62.87
N ALA BA 9 65.06 -42.64 63.95
CA ALA BA 9 64.51 -41.85 65.05
C ALA BA 9 64.26 -40.41 64.62
N LYS BA 10 65.17 -39.82 63.85
CA LYS BA 10 65.07 -38.43 63.44
C LYS BA 10 64.20 -38.21 62.22
N TYR BA 11 63.82 -39.26 61.51
CA TYR BA 11 63.04 -39.10 60.29
C TYR BA 11 61.62 -38.63 60.62
N LYS BA 12 61.11 -37.71 59.80
CA LYS BA 12 59.79 -37.15 59.97
C LYS BA 12 58.96 -37.44 58.72
N ARG BA 13 57.71 -37.84 58.92
CA ARG BA 13 56.82 -38.17 57.82
C ARG BA 13 56.05 -36.94 57.37
N VAL BA 14 55.52 -37.02 56.15
CA VAL BA 14 54.75 -35.94 55.54
C VAL BA 14 53.39 -36.49 55.16
N SER BA 15 52.38 -35.61 55.14
CA SER BA 15 51.03 -36.01 54.80
C SER BA 15 50.96 -36.44 53.34
N SER BA 16 50.02 -37.36 53.05
CA SER BA 16 49.84 -37.89 51.72
C SER BA 16 48.79 -37.14 50.91
N ILE BA 17 48.22 -36.08 51.45
CA ILE BA 17 47.19 -35.31 50.76
C ILE BA 17 47.88 -34.23 49.93
N LEU BA 18 47.77 -34.33 48.61
CA LEU BA 18 48.40 -33.36 47.71
C LEU BA 18 47.51 -33.15 46.49
N CYS BA 19 47.16 -31.88 46.23
CA CYS BA 19 46.41 -31.47 45.04
C CYS BA 19 45.10 -32.23 44.88
N GLU BA 20 44.61 -32.86 45.95
CA GLU BA 20 43.35 -33.57 45.92
C GLU BA 20 42.43 -33.27 47.09
N GLY BA 21 42.97 -32.82 48.22
CA GLY BA 21 42.14 -32.49 49.36
C GLY BA 21 41.43 -33.70 49.93
N GLU BA 22 40.30 -33.43 50.57
CA GLU BA 22 39.46 -34.48 51.15
C GLU BA 22 38.15 -34.55 50.38
N ALA BA 23 37.79 -35.76 49.94
CA ALA BA 23 36.57 -35.92 49.15
C ALA BA 23 35.33 -35.68 50.00
N HIS BA 24 35.36 -36.09 51.27
CA HIS BA 24 34.18 -35.95 52.12
C HIS BA 24 33.86 -34.50 52.44
N LEU BA 25 34.84 -33.60 52.35
CA LEU BA 25 34.57 -32.20 52.62
C LEU BA 25 33.83 -31.53 51.46
N ARG BA 26 34.18 -31.89 50.22
CA ARG BA 26 33.57 -31.28 49.05
C ARG BA 26 32.54 -32.16 48.38
N ASP BA 27 32.20 -33.31 48.95
CA ASP BA 27 31.31 -34.22 48.26
C ASP BA 27 30.50 -35.06 49.24
N PRO BA 28 29.18 -35.02 49.19
CA PRO BA 28 28.37 -35.98 49.96
C PRO BA 28 28.50 -37.37 49.39
N PHE BA 29 27.79 -38.34 49.94
CA PHE BA 29 27.83 -39.75 49.56
C PHE BA 29 29.18 -40.38 49.89
N THR BA 30 30.13 -39.62 50.41
CA THR BA 30 31.45 -40.15 50.77
C THR BA 30 31.64 -40.02 52.28
N PRO BA 31 31.58 -41.11 53.04
CA PRO BA 31 31.77 -41.01 54.47
C PRO BA 31 33.19 -40.56 54.79
N PRO BA 32 33.40 -39.92 55.94
CA PRO BA 32 34.75 -39.48 56.29
C PRO BA 32 35.67 -40.67 56.46
N PRO BA 33 36.97 -40.48 56.25
CA PRO BA 33 37.90 -41.61 56.36
C PRO BA 33 37.89 -42.24 57.74
N VAL BA 34 37.97 -43.56 57.77
CA VAL BA 34 37.93 -44.34 58.99
C VAL BA 34 39.16 -45.24 59.03
N ILE BA 35 39.86 -45.24 60.16
CA ILE BA 35 41.04 -46.08 60.34
C ILE BA 35 40.57 -47.45 60.80
N LEU BA 36 40.70 -48.44 59.93
CA LEU BA 36 40.35 -49.82 60.24
C LEU BA 36 41.60 -50.56 60.66
N LYS BA 37 41.53 -51.23 61.80
CA LYS BA 37 42.64 -52.02 62.33
C LYS BA 37 42.39 -53.50 62.13
N PRO BA 38 43.42 -54.24 61.71
CA PRO BA 38 43.23 -55.67 61.46
C PRO BA 38 42.98 -56.42 62.77
N PRO BA 39 42.27 -57.53 62.71
CA PRO BA 39 42.16 -58.39 63.90
C PRO BA 39 43.43 -59.16 64.17
N ALA BA 40 43.43 -60.02 65.17
CA ALA BA 40 44.59 -60.85 65.43
C ALA BA 40 44.80 -61.82 64.27
N PRO BA 41 46.05 -62.10 63.91
CA PRO BA 41 46.30 -63.02 62.80
C PRO BA 41 45.77 -64.42 63.11
N ARG BA 42 45.24 -65.06 62.07
CA ARG BA 42 44.65 -66.38 62.23
C ARG BA 42 45.70 -67.42 62.60
N LYS BA 43 45.34 -68.30 63.54
CA LYS BA 43 46.26 -69.34 63.96
C LYS BA 43 46.58 -70.31 62.81
N ASP BA 44 45.56 -70.71 62.07
CA ASP BA 44 45.72 -71.62 60.95
C ASP BA 44 45.09 -71.00 59.71
N LYS BA 45 45.78 -71.12 58.58
CA LYS BA 45 45.30 -70.60 57.31
C LYS BA 45 44.63 -71.75 56.55
N LYS BA 46 43.35 -71.59 56.26
CA LYS BA 46 42.62 -72.62 55.55
C LYS BA 46 42.35 -72.18 54.11
N PRO BA 47 42.29 -73.12 53.17
CA PRO BA 47 42.06 -72.75 51.77
C PRO BA 47 40.72 -72.07 51.52
N ASP BA 48 39.74 -72.26 52.40
CA ASP BA 48 38.41 -71.68 52.21
C ASP BA 48 38.13 -70.54 53.18
N ASP BA 49 39.18 -69.88 53.69
CA ASP BA 49 39.01 -68.77 54.60
C ASP BA 49 38.66 -67.50 53.85
N ILE BA 50 37.51 -66.91 54.17
CA ILE BA 50 37.17 -65.57 53.70
C ILE BA 50 37.84 -64.58 54.65
N THR BA 51 37.85 -63.30 54.26
CA THR BA 51 38.54 -62.29 55.04
C THR BA 51 37.87 -62.08 56.40
N ASP BA 52 38.69 -61.75 57.40
CA ASP BA 52 38.22 -61.42 58.73
C ASP BA 52 38.39 -59.94 59.05
N PHE BA 53 38.76 -59.13 58.06
CA PHE BA 53 38.94 -57.70 58.27
C PHE BA 53 37.60 -57.05 58.59
N PRO BA 54 37.60 -55.99 59.39
CA PRO BA 54 36.35 -55.30 59.71
C PRO BA 54 35.66 -54.80 58.44
N ALA BA 55 34.33 -54.91 58.43
CA ALA BA 55 33.56 -54.52 57.26
C ALA BA 55 33.62 -53.02 57.04
N GLN BA 56 33.41 -52.62 55.79
CA GLN BA 56 33.46 -51.22 55.39
C GLN BA 56 32.11 -50.80 54.83
N LYS BA 57 31.68 -49.59 55.19
CA LYS BA 57 30.40 -49.08 54.71
C LYS BA 57 30.38 -49.02 53.19
N LEU BA 58 29.32 -49.56 52.59
CA LEU BA 58 29.21 -49.69 51.15
C LEU BA 58 28.07 -48.79 50.67
N ILE BA 59 28.42 -47.75 49.91
CA ILE BA 59 27.45 -46.80 49.38
C ILE BA 59 27.17 -47.19 47.93
N PRO BA 60 25.94 -47.54 47.58
CA PRO BA 60 25.63 -47.87 46.18
C PRO BA 60 25.64 -46.62 45.31
N LEU BA 61 25.68 -46.85 44.00
CA LEU BA 61 25.63 -45.74 43.07
C LEU BA 61 24.24 -45.12 43.10
N PRO BA 62 24.11 -43.84 43.43
CA PRO BA 62 22.80 -43.20 43.37
C PRO BA 62 22.30 -43.09 41.94
N GLU BA 63 20.97 -43.16 41.78
CA GLU BA 63 20.41 -43.02 40.45
C GLU BA 63 20.66 -41.62 39.89
N SER BA 64 20.57 -40.61 40.75
CA SER BA 64 20.91 -39.24 40.39
C SER BA 64 21.24 -38.49 41.67
N ILE BA 65 21.95 -37.38 41.53
CA ILE BA 65 22.36 -36.60 42.70
C ILE BA 65 21.60 -35.28 42.72
N PRO BA 66 21.32 -34.73 43.90
CA PRO BA 66 20.59 -33.44 43.96
C PRO BA 66 21.49 -32.29 43.54
N TYR BA 67 20.87 -31.12 43.40
CA TYR BA 67 21.62 -29.91 43.12
C TYR BA 67 22.36 -29.46 44.37
N GLN BA 68 23.68 -29.63 44.36
CA GLN BA 68 24.51 -29.15 45.46
C GLN BA 68 24.82 -27.68 45.23
N GLU BA 69 24.35 -26.83 46.12
CA GLU BA 69 24.21 -25.40 45.86
C GLU BA 69 25.57 -24.72 45.86
N GLY BA 70 26.23 -24.78 44.69
CA GLY BA 70 27.52 -24.18 44.51
C GLY BA 70 28.69 -24.98 45.05
N LYS BA 71 28.46 -26.18 45.57
CA LYS BA 71 29.50 -27.02 46.16
C LYS BA 71 29.41 -28.39 45.51
N TYR BA 72 30.04 -28.55 44.35
CA TYR BA 72 29.93 -29.78 43.56
C TYR BA 72 31.32 -30.23 43.15
N ARG BA 73 31.78 -31.33 43.74
CA ARG BA 73 33.01 -31.98 43.31
C ARG BA 73 32.64 -33.22 42.51
N PRO BA 74 33.04 -33.32 41.25
CA PRO BA 74 32.70 -34.52 40.46
C PRO BA 74 33.19 -35.78 41.13
N ALA BA 75 32.32 -36.80 41.14
CA ALA BA 75 32.68 -38.07 41.78
C ALA BA 75 33.83 -38.74 41.04
N SER BA 76 33.83 -38.65 39.71
CA SER BA 76 34.93 -39.09 38.89
C SER BA 76 35.23 -37.99 37.87
N ILE BA 77 36.36 -38.12 37.19
CA ILE BA 77 36.74 -37.13 36.18
C ILE BA 77 35.82 -37.29 34.98
N PRO BA 78 35.10 -36.24 34.59
CA PRO BA 78 34.21 -36.33 33.43
C PRO BA 78 34.91 -35.93 32.14
N MET BA 79 34.31 -36.34 31.04
CA MET BA 79 34.73 -35.83 29.74
C MET BA 79 34.29 -34.38 29.61
N VAL BA 80 35.19 -33.52 29.13
CA VAL BA 80 34.90 -32.09 29.10
C VAL BA 80 33.70 -31.81 28.21
N ALA BA 81 33.70 -32.36 26.99
CA ALA BA 81 32.56 -32.24 26.08
C ALA BA 81 32.21 -30.79 25.78
N GLY BA 82 33.23 -29.93 25.68
CA GLY BA 82 33.01 -28.55 25.34
C GLY BA 82 33.46 -27.58 26.41
N PHE BA 83 34.08 -26.48 25.99
CA PHE BA 83 34.56 -25.45 26.91
C PHE BA 83 33.66 -24.21 26.89
N PHE BA 84 32.44 -24.34 26.41
CA PHE BA 84 31.51 -23.22 26.32
C PHE BA 84 30.18 -23.61 26.95
N PRO BA 85 29.56 -22.73 27.73
CA PRO BA 85 28.27 -23.05 28.33
C PRO BA 85 27.14 -22.95 27.32
N TYR BA 86 26.17 -23.86 27.47
CA TYR BA 86 24.95 -23.76 26.68
C TYR BA 86 24.06 -22.67 27.24
N ASN BA 87 23.30 -22.03 26.37
CA ASN BA 87 22.33 -21.02 26.78
C ASN BA 87 20.95 -21.61 26.52
N CYS BA 88 20.41 -22.30 27.52
CA CYS BA 88 19.20 -23.10 27.35
C CYS BA 88 18.04 -22.47 28.10
N TYR BA 89 16.86 -22.51 27.48
CA TYR BA 89 15.64 -21.99 28.09
C TYR BA 89 15.04 -23.09 28.96
N LEU BA 90 15.02 -22.87 30.27
CA LEU BA 90 14.47 -23.83 31.21
C LEU BA 90 13.09 -23.36 31.66
N GLN BA 91 12.12 -24.26 31.64
CA GLN BA 91 10.77 -23.96 32.06
C GLN BA 91 10.66 -24.08 33.57
N GLN BA 92 9.83 -23.22 34.17
CA GLN BA 92 9.67 -23.21 35.61
C GLN BA 92 8.96 -24.47 36.08
N GLY BA 93 9.50 -25.09 37.13
CA GLY BA 93 8.86 -26.24 37.73
C GLY BA 93 9.00 -27.54 36.97
N LYS BA 94 9.85 -27.60 35.95
CA LYS BA 94 10.05 -28.82 35.18
C LYS BA 94 11.37 -29.45 35.57
N VAL BA 95 11.34 -30.75 35.83
CA VAL BA 95 12.53 -31.46 36.29
C VAL BA 95 13.45 -31.72 35.12
N TYR BA 96 14.71 -31.29 35.26
CA TYR BA 96 15.73 -31.50 34.24
C TYR BA 96 16.84 -32.36 34.81
N SER BA 97 17.33 -33.29 34.00
CA SER BA 97 18.49 -34.11 34.36
C SER BA 97 19.69 -33.60 33.59
N TRP BA 98 20.73 -33.19 34.31
CA TRP BA 98 21.94 -32.63 33.73
C TRP BA 98 22.99 -33.70 33.62
N CYS BA 99 23.60 -33.82 32.44
CA CYS BA 99 24.63 -34.84 32.21
C CYS BA 99 25.91 -34.47 32.94
N SER BA 100 26.32 -35.30 33.89
CA SER BA 100 27.56 -35.09 34.62
C SER BA 100 28.74 -35.78 33.95
N CYS BA 101 28.52 -36.95 33.35
CA CYS BA 101 29.61 -37.67 32.70
C CYS BA 101 30.13 -36.91 31.49
N GLY BA 102 29.24 -36.31 30.71
CA GLY BA 102 29.64 -35.55 29.54
C GLY BA 102 29.57 -36.31 28.23
N ILE BA 103 29.23 -37.59 28.25
CA ILE BA 103 29.18 -38.40 27.03
C ILE BA 103 27.78 -38.48 26.46
N SER BA 104 26.84 -37.68 26.96
CA SER BA 104 25.47 -37.73 26.48
C SER BA 104 25.37 -37.19 25.07
N GLN BA 105 24.61 -37.91 24.23
CA GLN BA 105 24.32 -37.43 22.88
C GLN BA 105 23.27 -36.33 22.88
N SER BA 106 22.45 -36.24 23.93
CA SER BA 106 21.35 -35.28 23.99
C SER BA 106 21.77 -33.97 24.63
N GLY BA 107 22.85 -33.38 24.12
CA GLY BA 107 23.32 -32.09 24.59
C GLY BA 107 23.70 -32.08 26.04
N PRO BA 108 23.21 -31.07 26.78
CA PRO BA 108 23.58 -30.97 28.20
C PRO BA 108 22.86 -31.96 29.08
N TRP BA 109 21.79 -32.57 28.60
CA TRP BA 109 20.95 -33.41 29.45
C TRP BA 109 21.43 -34.85 29.46
N CYS BA 110 20.91 -35.62 30.42
CA CYS BA 110 21.53 -36.90 30.78
C CYS BA 110 21.43 -37.92 29.67
N ASP BA 111 20.28 -38.00 29.00
CA ASP BA 111 19.99 -39.08 28.05
C ASP BA 111 20.02 -40.38 28.85
N GLY BA 112 20.87 -41.35 28.51
CA GLY BA 112 20.98 -42.53 29.34
C GLY BA 112 22.37 -43.14 29.38
N LEU BA 113 23.36 -42.44 28.83
CA LEU BA 113 24.67 -43.03 28.58
C LEU BA 113 25.57 -43.06 29.80
N CYS BA 114 25.16 -42.45 30.92
CA CYS BA 114 25.96 -42.59 32.14
C CYS BA 114 25.92 -44.01 32.68
N ASN BA 115 24.87 -44.77 32.37
CA ASN BA 115 24.79 -46.17 32.74
C ASN BA 115 25.64 -47.06 31.85
N SER BA 116 26.12 -46.55 30.73
CA SER BA 116 26.92 -47.31 29.78
C SER BA 116 28.39 -46.93 29.81
N VAL BA 117 28.84 -46.26 30.86
CA VAL BA 117 30.25 -45.91 31.01
C VAL BA 117 30.65 -46.14 32.46
N VAL BA 118 31.92 -46.49 32.67
CA VAL BA 118 32.44 -46.71 34.01
C VAL BA 118 32.75 -45.36 34.65
N THR BA 119 31.79 -44.82 35.40
CA THR BA 119 31.98 -43.55 36.07
C THR BA 119 31.04 -43.49 37.26
N ARG BA 120 31.41 -42.66 38.23
CA ARG BA 120 30.54 -42.35 39.35
C ARG BA 120 29.79 -41.04 39.16
N CYS BA 121 29.88 -40.44 37.98
CA CYS BA 121 29.17 -39.20 37.68
C CYS BA 121 27.72 -39.52 37.35
N ARG BA 122 26.83 -39.14 38.24
CA ARG BA 122 25.40 -39.35 38.09
C ARG BA 122 24.72 -38.04 37.71
N PRO BA 123 23.59 -38.09 37.01
CA PRO BA 123 22.92 -36.86 36.58
C PRO BA 123 22.48 -36.01 37.76
N VAL BA 124 22.48 -34.70 37.55
CA VAL BA 124 22.05 -33.75 38.56
C VAL BA 124 20.60 -33.40 38.22
N VAL BA 125 19.66 -33.97 38.95
CA VAL BA 125 18.25 -33.66 38.77
C VAL BA 125 17.92 -32.40 39.54
N PHE BA 126 17.55 -31.35 38.81
CA PHE BA 126 17.34 -30.04 39.41
C PHE BA 126 16.05 -29.44 38.87
N ASN BA 127 15.54 -28.45 39.60
CA ASN BA 127 14.31 -27.74 39.23
C ASN BA 127 14.52 -26.27 39.48
N VAL BA 128 14.17 -25.44 38.50
CA VAL BA 128 14.35 -23.99 38.58
C VAL BA 128 13.06 -23.35 39.07
N SER BA 129 13.20 -22.30 39.86
CA SER BA 129 12.04 -21.60 40.42
C SER BA 129 11.40 -20.63 39.44
N GLN BA 130 12.08 -20.29 38.35
CA GLN BA 130 11.54 -19.36 37.37
C GLN BA 130 12.07 -19.73 35.99
N SER BA 131 11.18 -19.72 35.00
CA SER BA 131 11.57 -20.03 33.64
C SER BA 131 12.42 -18.91 33.06
N GLY BA 132 13.38 -19.28 32.22
CA GLY BA 132 14.24 -18.29 31.61
C GLY BA 132 15.46 -18.94 31.00
N TYR BA 133 16.34 -18.10 30.47
CA TYR BA 133 17.56 -18.57 29.83
C TYR BA 133 18.65 -18.71 30.88
N TYR BA 134 19.23 -19.91 30.96
CA TYR BA 134 20.28 -20.22 31.91
C TYR BA 134 21.52 -20.71 31.17
N LYS BA 135 22.69 -20.43 31.75
CA LYS BA 135 23.96 -20.92 31.24
C LYS BA 135 24.23 -22.28 31.84
N ILE BA 136 23.84 -23.33 31.13
CA ILE BA 136 24.06 -24.70 31.56
C ILE BA 136 25.52 -25.06 31.32
N CYS BA 137 26.17 -25.58 32.36
CA CYS BA 137 27.57 -25.97 32.25
C CYS BA 137 27.73 -27.08 31.23
N ASN BA 138 28.74 -26.96 30.38
CA ASN BA 138 29.04 -27.98 29.40
C ASN BA 138 30.43 -28.56 29.55
N CYS BA 139 31.27 -28.01 30.43
CA CYS BA 139 32.57 -28.59 30.74
C CYS BA 139 32.51 -29.59 31.89
N LYS BA 140 31.37 -29.68 32.57
CA LYS BA 140 31.11 -30.67 33.62
C LYS BA 140 32.04 -30.53 34.82
N PHE BA 141 32.64 -29.35 35.00
CA PHE BA 141 33.55 -29.11 36.12
C PHE BA 141 33.09 -28.00 37.05
N SER BA 142 31.98 -27.34 36.74
CA SER BA 142 31.58 -26.16 37.50
C SER BA 142 31.16 -26.53 38.92
N ALA BA 143 31.50 -25.66 39.87
CA ALA BA 143 31.06 -25.85 41.24
C ALA BA 143 29.54 -25.76 41.35
N ASN BA 144 28.93 -24.85 40.59
CA ASN BA 144 27.49 -24.91 40.40
C ASN BA 144 27.17 -26.13 39.55
N ALA BA 145 26.33 -27.03 40.06
CA ALA BA 145 26.21 -28.35 39.46
C ALA BA 145 25.72 -28.28 38.02
N PRO BA 146 24.56 -27.72 37.71
CA PRO BA 146 24.13 -27.64 36.30
C PRO BA 146 24.42 -26.32 35.61
N PHE BA 147 24.97 -25.33 36.31
CA PHE BA 147 25.12 -23.98 35.79
C PHE BA 147 26.60 -23.65 35.63
N CYS BA 148 26.86 -22.63 34.83
CA CYS BA 148 28.23 -22.22 34.50
C CYS BA 148 28.70 -21.15 35.48
N ASN BA 149 29.89 -21.35 36.04
CA ASN BA 149 30.52 -20.38 36.93
C ASN BA 149 31.88 -19.95 36.38
N ASN BA 150 32.04 -20.00 35.06
CA ASN BA 150 33.26 -19.57 34.38
C ASN BA 150 34.47 -20.41 34.79
N THR BA 151 34.24 -21.69 35.12
CA THR BA 151 35.36 -22.59 35.35
C THR BA 151 36.01 -23.02 34.04
N HIS BA 152 35.26 -23.00 32.94
CA HIS BA 152 35.82 -23.40 31.66
C HIS BA 152 36.96 -22.50 31.22
N ARG BA 153 36.94 -21.23 31.63
CA ARG BA 153 38.07 -20.36 31.35
C ARG BA 153 39.33 -20.85 32.06
N LYS BA 154 39.20 -21.25 33.32
CA LYS BA 154 40.33 -21.81 34.04
C LYS BA 154 40.80 -23.10 33.39
N MET BA 155 39.87 -23.93 32.93
CA MET BA 155 40.24 -25.17 32.26
C MET BA 155 41.02 -24.89 30.97
N VAL BA 156 40.57 -23.91 30.20
CA VAL BA 156 41.26 -23.55 28.96
C VAL BA 156 42.66 -23.01 29.27
N ARG BA 157 42.77 -22.17 30.30
CA ARG BA 157 44.08 -21.65 30.67
C ARG BA 157 45.02 -22.76 31.12
N TYR BA 158 44.51 -23.71 31.91
CA TYR BA 158 45.34 -24.83 32.34
C TYR BA 158 45.76 -25.69 31.16
N HIS BA 159 44.85 -25.92 30.21
CA HIS BA 159 45.20 -26.69 29.02
C HIS BA 159 46.30 -25.98 28.24
N HIS BA 160 46.21 -24.66 28.13
CA HIS BA 160 47.26 -23.91 27.43
C HIS BA 160 48.58 -23.95 28.19
N GLN BA 161 48.54 -24.04 29.52
CA GLN BA 161 49.78 -24.08 30.30
C GLN BA 161 50.54 -25.39 30.10
N THR BA 162 49.84 -26.48 29.83
CA THR BA 162 50.49 -27.76 29.64
C THR BA 162 51.37 -27.72 28.38
N HIS BA 163 52.43 -28.52 28.40
CA HIS BA 163 53.36 -28.53 27.26
C HIS BA 163 52.67 -28.95 25.98
N ARG BA 164 51.92 -30.05 26.04
CA ARG BA 164 51.26 -30.54 24.84
C ARG BA 164 50.15 -29.60 24.38
N GLY BA 165 49.40 -29.04 25.32
CA GLY BA 165 48.38 -28.07 24.95
C GLY BA 165 48.97 -26.80 24.36
N PHE BA 166 50.09 -26.34 24.93
CA PHE BA 166 50.81 -25.21 24.36
C PHE BA 166 51.24 -25.50 22.93
N TYR BA 167 51.80 -26.69 22.70
CA TYR BA 167 52.20 -27.05 21.34
C TYR BA 167 51.00 -27.12 20.41
N GLU BA 168 49.88 -27.66 20.88
CA GLU BA 168 48.71 -27.79 20.01
C GLU BA 168 48.17 -26.43 19.61
N ILE BA 169 48.03 -25.52 20.58
CA ILE BA 169 47.48 -24.21 20.26
C ILE BA 169 48.44 -23.44 19.36
N TRP BA 170 49.76 -23.55 19.60
CA TRP BA 170 50.69 -22.85 18.73
C TRP BA 170 50.75 -23.47 17.35
N GLY BA 171 50.57 -24.78 17.23
CA GLY BA 171 50.52 -25.40 15.91
C GLY BA 171 49.30 -24.95 15.12
N ALA BA 172 48.13 -24.89 15.77
CA ALA BA 172 46.96 -24.36 15.09
C ALA BA 172 47.14 -22.90 14.71
N ALA BA 173 47.74 -22.12 15.61
CA ALA BA 173 47.99 -20.71 15.31
C ALA BA 173 48.92 -20.57 14.12
N LEU BA 174 49.97 -21.39 14.05
CA LEU BA 174 50.90 -21.30 12.93
C LEU BA 174 50.29 -21.82 11.64
N PHE BA 175 49.36 -22.77 11.72
CA PHE BA 175 48.63 -23.19 10.52
C PHE BA 175 47.80 -22.03 9.98
N VAL BA 176 47.09 -21.33 10.87
CA VAL BA 176 46.30 -20.18 10.44
C VAL BA 176 47.20 -19.07 9.92
N LEU BA 177 48.35 -18.86 10.56
CA LEU BA 177 49.28 -17.85 10.08
C LEU BA 177 49.91 -18.22 8.76
N GLY BA 178 50.07 -19.52 8.47
CA GLY BA 178 50.50 -19.93 7.15
C GLY BA 178 49.47 -19.62 6.09
N TRP BA 179 48.19 -19.87 6.41
CA TRP BA 179 47.13 -19.45 5.48
C TRP BA 179 47.17 -17.94 5.25
N VAL BA 180 47.33 -17.17 6.32
CA VAL BA 180 47.36 -15.71 6.22
C VAL BA 180 48.58 -15.26 5.41
N TYR BA 181 49.73 -15.90 5.62
CA TYR BA 181 50.93 -15.56 4.88
C TYR BA 181 50.78 -15.85 3.40
N MET BA 182 50.13 -16.98 3.05
CA MET BA 182 49.85 -17.26 1.66
C MET BA 182 48.93 -16.20 1.06
N GLY BA 183 47.88 -15.82 1.79
CA GLY BA 183 46.99 -14.78 1.31
C GLY BA 183 47.68 -13.44 1.14
N PHE BA 184 48.66 -13.14 2.00
CA PHE BA 184 49.42 -11.89 1.91
C PHE BA 184 50.42 -11.91 0.77
N ASN BA 185 51.03 -13.06 0.49
CA ASN BA 185 52.00 -13.21 -0.58
C ASN BA 185 51.37 -13.73 -1.87
N TYR BA 186 50.05 -13.68 -1.99
CA TYR BA 186 49.39 -14.22 -3.18
C TYR BA 186 49.79 -13.49 -4.45
N TYR BA 187 50.34 -12.28 -4.35
CA TYR BA 187 50.66 -11.46 -5.52
C TYR BA 187 52.16 -11.24 -5.67
N THR BA 188 52.94 -12.29 -5.48
CA THR BA 188 54.39 -12.19 -5.68
C THR BA 188 54.87 -13.25 -6.67
N TYR CA 28 6.02 -19.91 55.19
CA TYR CA 28 6.49 -20.56 53.98
C TYR CA 28 6.56 -22.07 54.16
N ASN CA 29 6.00 -22.81 53.19
CA ASN CA 29 5.97 -24.26 53.22
C ASN CA 29 7.13 -24.77 52.37
N PHE CA 30 8.12 -25.36 53.01
CA PHE CA 30 9.30 -25.82 52.28
C PHE CA 30 8.96 -27.08 51.49
N PRO CA 31 9.28 -27.13 50.19
CA PRO CA 31 9.04 -28.35 49.43
C PRO CA 31 9.90 -29.50 49.95
N GLU CA 32 9.39 -30.72 49.79
CA GLU CA 32 10.04 -31.90 50.35
C GLU CA 32 11.35 -32.19 49.63
N TYR CA 33 12.37 -32.60 50.40
CA TYR CA 33 13.66 -32.94 49.82
C TYR CA 33 13.59 -34.25 49.05
N ARG CA 34 12.96 -35.27 49.63
CA ARG CA 34 12.93 -36.59 49.00
C ARG CA 34 12.22 -36.54 47.65
N THR CA 35 12.87 -37.09 46.64
CA THR CA 35 12.32 -37.11 45.29
C THR CA 35 11.40 -38.31 45.12
N GLY CA 36 10.75 -38.38 43.96
CA GLY CA 36 9.82 -39.47 43.69
C GLY CA 36 8.59 -39.46 44.57
N GLY CA 37 8.07 -38.28 44.90
CA GLY CA 37 6.85 -38.19 45.69
C GLY CA 37 5.60 -38.53 44.92
N VAL CA 38 5.63 -38.42 43.60
CA VAL CA 38 4.47 -38.80 42.78
C VAL CA 38 4.21 -40.29 42.89
N GLN CA 39 5.27 -41.10 42.88
CA GLN CA 39 5.12 -42.54 43.01
C GLN CA 39 4.82 -42.97 44.44
N ALA CA 40 5.09 -42.13 45.43
CA ALA CA 40 4.85 -42.48 46.82
C ALA CA 40 3.41 -42.25 47.26
N ASN CA 41 2.62 -41.51 46.48
CA ASN CA 41 1.23 -41.21 46.80
C ASN CA 41 0.38 -41.57 45.59
N PRO CA 42 0.09 -42.86 45.39
CA PRO CA 42 -0.75 -43.24 44.24
C PRO CA 42 -2.13 -42.58 44.26
N GLY CA 43 -2.73 -42.45 45.44
CA GLY CA 43 -4.03 -41.82 45.53
C GLY CA 43 -4.00 -40.35 45.13
N ILE CA 44 -3.00 -39.61 45.62
CA ILE CA 44 -2.89 -38.20 45.27
C ILE CA 44 -2.56 -38.03 43.80
N THR CA 45 -1.69 -38.90 43.25
CA THR CA 45 -1.40 -38.85 41.83
C THR CA 45 -2.66 -39.10 41.00
N ALA CA 46 -3.47 -40.08 41.39
CA ALA CA 46 -4.71 -40.34 40.67
C ALA CA 46 -5.68 -39.18 40.79
N LYS CA 47 -5.72 -38.54 41.96
CA LYS CA 47 -6.58 -37.36 42.13
C LYS CA 47 -6.15 -36.22 41.21
N ARG CA 48 -4.84 -35.97 41.12
CA ARG CA 48 -4.33 -34.93 40.23
C ARG CA 48 -4.66 -35.26 38.78
N ILE CA 49 -4.46 -36.51 38.39
CA ILE CA 49 -4.76 -36.93 37.02
C ILE CA 49 -6.24 -36.73 36.72
N ILE CA 50 -7.11 -37.14 37.65
CA ILE CA 50 -8.54 -36.99 37.46
C ILE CA 50 -8.91 -35.52 37.32
N LYS CA 51 -8.35 -34.67 38.18
CA LYS CA 51 -8.68 -33.25 38.14
C LYS CA 51 -8.26 -32.62 36.81
N CYS CA 52 -7.00 -32.83 36.41
CA CYS CA 52 -6.53 -32.21 35.17
C CYS CA 52 -7.27 -32.74 33.96
N ILE CA 53 -7.48 -34.06 33.89
CA ILE CA 53 -8.20 -34.65 32.77
C ILE CA 53 -9.63 -34.12 32.72
N GLY CA 54 -10.29 -34.03 33.87
CA GLY CA 54 -11.66 -33.51 33.88
C GLY CA 54 -11.74 -32.08 33.40
N GLU CA 55 -10.83 -31.23 33.89
CA GLU CA 55 -10.83 -29.84 33.45
C GLU CA 55 -10.59 -29.73 31.95
N ARG CA 56 -9.61 -30.48 31.43
CA ARG CA 56 -9.30 -30.41 30.01
C ARG CA 56 -10.45 -30.93 29.17
N LEU CA 57 -11.10 -32.02 29.59
CA LEU CA 57 -12.19 -32.57 28.80
C LEU CA 57 -13.42 -31.68 28.85
N ARG CA 58 -13.68 -31.03 29.99
CA ARG CA 58 -14.82 -30.12 30.04
C ARG CA 58 -14.56 -28.85 29.25
N LYS CA 59 -13.30 -28.39 29.17
CA LYS CA 59 -12.99 -27.23 28.35
C LYS CA 59 -13.04 -27.57 26.87
N TYR CA 60 -12.44 -28.70 26.48
CA TYR CA 60 -12.32 -29.05 25.07
C TYR CA 60 -13.64 -29.53 24.49
N ASP CA 61 -14.37 -30.36 25.22
CA ASP CA 61 -15.62 -30.94 24.75
C ASP CA 61 -16.69 -30.75 25.83
N PRO CA 62 -17.14 -29.51 26.03
CA PRO CA 62 -18.13 -29.27 27.08
C PRO CA 62 -19.45 -29.99 26.86
N ALA CA 63 -19.89 -30.14 25.61
CA ALA CA 63 -21.19 -30.73 25.35
C ALA CA 63 -21.27 -32.20 25.76
N ARG CA 64 -20.14 -32.85 26.01
CA ARG CA 64 -20.09 -34.28 26.30
C ARG CA 64 -19.66 -34.58 27.73
N TRP CA 65 -18.64 -33.90 28.25
CA TRP CA 65 -18.03 -34.25 29.52
C TRP CA 65 -18.42 -33.33 30.66
N GLU CA 66 -19.30 -32.35 30.43
CA GLU CA 66 -19.68 -31.44 31.51
C GLU CA 66 -20.63 -32.07 32.51
N ASN CA 67 -21.30 -33.15 32.15
CA ASN CA 67 -22.21 -33.84 33.06
C ASN CA 67 -21.66 -35.17 33.56
N VAL CA 68 -20.58 -35.66 32.97
CA VAL CA 68 -20.07 -37.00 33.26
C VAL CA 68 -19.03 -36.89 34.37
N PRO CA 69 -19.24 -37.54 35.52
CA PRO CA 69 -18.17 -37.60 36.52
C PRO CA 69 -17.03 -38.46 36.03
N ILE CA 70 -15.81 -37.98 36.24
CA ILE CA 70 -14.61 -38.66 35.80
C ILE CA 70 -13.96 -39.28 37.03
N THR CA 71 -13.94 -40.61 37.06
CA THR CA 71 -13.35 -41.37 38.14
C THR CA 71 -12.20 -42.22 37.56
N PHE CA 72 -11.65 -43.09 38.40
CA PHE CA 72 -10.46 -43.84 37.98
C PHE CA 72 -10.78 -44.85 36.90
N LYS CA 73 -12.00 -45.38 36.88
CA LYS CA 73 -12.38 -46.39 35.90
C LYS CA 73 -12.98 -45.79 34.63
N THR CA 74 -13.03 -44.47 34.51
CA THR CA 74 -13.60 -43.82 33.34
C THR CA 74 -12.65 -43.91 32.17
N HIS CA 75 -13.17 -44.36 31.03
CA HIS CA 75 -12.40 -44.43 29.79
C HIS CA 75 -12.94 -43.41 28.79
N PHE CA 76 -12.13 -43.12 27.78
CA PHE CA 76 -12.46 -42.09 26.81
C PHE CA 76 -12.55 -42.68 25.40
N ARG CA 77 -13.24 -43.81 25.27
CA ARG CA 77 -13.45 -44.48 24.00
C ARG CA 77 -14.94 -44.56 23.70
N ASP CA 78 -15.27 -45.02 22.50
CA ASP CA 78 -16.65 -45.24 22.13
C ASP CA 78 -17.20 -46.46 22.87
N GLU CA 79 -18.50 -46.69 22.70
CA GLU CA 79 -19.13 -47.88 23.28
C GLU CA 79 -18.64 -49.16 22.63
N ASN CA 80 -17.96 -49.07 21.48
CA ASN CA 80 -17.41 -50.23 20.80
C ASN CA 80 -15.91 -50.35 20.96
N GLY CA 81 -15.30 -49.55 21.82
CA GLY CA 81 -13.87 -49.62 22.05
C GLY CA 81 -13.02 -48.83 21.08
N TYR CA 82 -13.64 -48.05 20.19
CA TYR CA 82 -12.88 -47.24 19.25
C TYR CA 82 -12.48 -45.92 19.89
N SER CA 83 -11.21 -45.57 19.77
CA SER CA 83 -10.64 -44.41 20.45
C SER CA 83 -10.58 -43.21 19.52
N ASP CA 84 -10.66 -42.02 20.12
CA ASP CA 84 -10.56 -40.76 19.40
C ASP CA 84 -9.19 -40.16 19.66
N VAL CA 85 -8.45 -39.88 18.59
CA VAL CA 85 -7.08 -39.39 18.74
C VAL CA 85 -7.07 -37.96 19.28
N ALA CA 86 -8.03 -37.13 18.85
CA ALA CA 86 -8.05 -35.74 19.27
C ALA CA 86 -8.23 -35.63 20.78
N THR CA 87 -9.20 -36.36 21.34
CA THR CA 87 -9.44 -36.32 22.78
C THR CA 87 -8.22 -36.80 23.55
N SER CA 88 -7.59 -37.88 23.06
CA SER CA 88 -6.43 -38.42 23.77
C SER CA 88 -5.23 -37.49 23.69
N ILE CA 89 -5.05 -36.78 22.58
CA ILE CA 89 -3.96 -35.81 22.50
C ILE CA 89 -4.24 -34.61 23.39
N GLN CA 90 -5.50 -34.21 23.50
CA GLN CA 90 -5.84 -33.18 24.48
C GLN CA 90 -5.49 -33.63 25.89
N ILE CA 91 -5.77 -34.90 26.21
CA ILE CA 91 -5.43 -35.44 27.52
C ILE CA 91 -3.92 -35.50 27.71
N HIS CA 92 -3.18 -35.83 26.66
CA HIS CA 92 -1.73 -35.82 26.73
C HIS CA 92 -1.22 -34.43 27.05
N ASP CA 93 -1.76 -33.41 26.40
CA ASP CA 93 -1.35 -32.03 26.68
C ASP CA 93 -1.68 -31.64 28.11
N ALA CA 94 -2.87 -32.04 28.59
CA ALA CA 94 -3.25 -31.74 29.96
C ALA CA 94 -2.30 -32.40 30.95
N LEU CA 95 -1.93 -33.66 30.71
CA LEU CA 95 -1.02 -34.35 31.61
C LEU CA 95 0.38 -33.75 31.56
N GLU CA 96 0.84 -33.34 30.38
CA GLU CA 96 2.13 -32.69 30.27
C GLU CA 96 2.17 -31.39 31.06
N ARG CA 97 1.11 -30.58 30.96
CA ARG CA 97 1.09 -29.32 31.69
C ARG CA 97 0.91 -29.53 33.19
N GLU CA 98 0.17 -30.56 33.59
CA GLU CA 98 -0.09 -30.78 35.01
C GLU CA 98 1.15 -31.30 35.73
N PHE CA 99 1.84 -32.27 35.14
CA PHE CA 99 2.96 -32.94 35.80
C PHE CA 99 4.32 -32.53 35.28
N GLY CA 100 4.39 -31.64 34.30
CA GLY CA 100 5.68 -31.23 33.77
C GLY CA 100 6.45 -32.36 33.13
N ILE CA 101 5.79 -33.19 32.34
CA ILE CA 101 6.41 -34.32 31.67
C ILE CA 101 6.23 -34.16 30.17
N ASP CA 102 6.90 -35.02 29.41
CA ASP CA 102 6.80 -35.06 27.95
C ASP CA 102 6.30 -36.44 27.56
N ILE CA 103 5.00 -36.55 27.29
CA ILE CA 103 4.39 -37.83 26.96
C ILE CA 103 4.68 -38.15 25.50
N LYS CA 104 5.26 -39.33 25.26
CA LYS CA 104 5.52 -39.79 23.90
C LYS CA 104 4.20 -40.24 23.30
N ASP CA 105 3.63 -39.41 22.42
CA ASP CA 105 2.32 -39.70 21.85
C ASP CA 105 2.37 -40.90 20.90
N ARG CA 106 3.54 -41.22 20.36
CA ARG CA 106 3.66 -42.31 19.40
C ARG CA 106 3.78 -43.68 20.06
N LEU CA 107 4.03 -43.73 21.37
CA LEU CA 107 4.21 -45.00 22.06
C LEU CA 107 2.95 -45.51 22.72
N ALA CA 108 2.18 -44.64 23.38
CA ALA CA 108 0.93 -45.03 24.00
C ALA CA 108 -0.08 -43.90 23.84
N LEU CA 109 -1.35 -44.29 23.75
CA LEU CA 109 -2.46 -43.35 23.64
C LEU CA 109 -3.32 -43.46 24.89
N VAL CA 110 -3.53 -42.34 25.57
CA VAL CA 110 -4.30 -42.33 26.80
C VAL CA 110 -5.78 -42.38 26.45
N THR CA 111 -6.41 -43.53 26.67
CA THR CA 111 -7.83 -43.71 26.42
C THR CA 111 -8.63 -43.96 27.69
N ASP CA 112 -7.97 -43.95 28.85
CA ASP CA 112 -8.66 -44.10 30.12
C ASP CA 112 -7.78 -43.52 31.20
N VAL CA 113 -8.36 -43.34 32.40
CA VAL CA 113 -7.60 -42.81 33.52
C VAL CA 113 -6.53 -43.81 33.96
N GLU CA 114 -6.77 -45.10 33.79
CA GLU CA 114 -5.76 -46.10 34.16
C GLU CA 114 -4.52 -45.97 33.29
N THR CA 115 -4.69 -45.75 31.98
CA THR CA 115 -3.53 -45.56 31.11
C THR CA 115 -2.78 -44.30 31.48
N ALA CA 116 -3.50 -43.22 31.82
CA ALA CA 116 -2.85 -41.99 32.25
C ALA CA 116 -2.06 -42.22 33.54
N PHE CA 117 -2.63 -42.98 34.47
CA PHE CA 117 -1.93 -43.30 35.71
C PHE CA 117 -0.66 -44.10 35.43
N TYR CA 118 -0.75 -45.08 34.54
CA TYR CA 118 0.42 -45.86 34.18
C TYR CA 118 1.50 -44.99 33.55
N ILE CA 119 1.10 -44.09 32.65
CA ILE CA 119 2.08 -43.23 31.99
C ILE CA 119 2.74 -42.30 32.99
N VAL CA 120 1.93 -41.68 33.87
CA VAL CA 120 2.47 -40.72 34.82
C VAL CA 120 3.40 -41.40 35.81
N MET CA 121 2.99 -42.55 36.35
CA MET CA 121 3.83 -43.24 37.33
C MET CA 121 5.04 -43.90 36.68
N SER CA 122 5.01 -44.16 35.37
CA SER CA 122 6.17 -44.72 34.70
C SER CA 122 7.25 -43.66 34.45
N HIS CA 123 6.86 -42.41 34.22
CA HIS CA 123 7.83 -41.35 34.03
C HIS CA 123 8.67 -41.15 35.28
N HIS CA 124 9.97 -40.89 35.08
CA HIS CA 124 10.90 -40.74 36.19
C HIS CA 124 11.06 -39.30 36.63
N ASP CA 125 10.43 -38.33 35.96
CA ASP CA 125 10.48 -36.93 36.37
C ASP CA 125 9.09 -36.29 36.37
N PRO CA 126 8.13 -36.85 37.12
CA PRO CA 126 6.86 -36.13 37.28
C PRO CA 126 6.87 -35.29 38.55
N LEU CA 127 6.22 -34.12 38.51
CA LEU CA 127 6.20 -33.25 39.67
C LEU CA 127 5.00 -32.30 39.62
N ILE DA 103 -103.39 -44.30 -28.07
CA ILE DA 103 -103.83 -45.50 -27.37
C ILE DA 103 -105.06 -45.19 -26.55
N ASN DA 104 -105.95 -46.17 -26.42
CA ASN DA 104 -107.18 -45.98 -25.65
C ASN DA 104 -106.85 -45.81 -24.17
N PHE DA 105 -107.61 -44.92 -23.51
CA PHE DA 105 -107.32 -44.60 -22.12
C PHE DA 105 -107.57 -45.79 -21.21
N LYS DA 106 -108.59 -46.59 -21.51
CA LYS DA 106 -108.95 -47.70 -20.63
C LYS DA 106 -107.81 -48.70 -20.49
N THR DA 107 -107.15 -49.05 -21.61
CA THR DA 107 -106.05 -50.00 -21.55
C THR DA 107 -104.89 -49.47 -20.71
N LYS DA 108 -104.53 -48.20 -20.92
CA LYS DA 108 -103.45 -47.61 -20.13
C LYS DA 108 -103.84 -47.51 -18.66
N TYR DA 109 -105.10 -47.15 -18.37
CA TYR DA 109 -105.52 -47.09 -16.98
C TYR DA 109 -105.58 -48.49 -16.36
N ARG DA 110 -105.96 -49.50 -17.13
CA ARG DA 110 -105.93 -50.87 -16.62
C ARG DA 110 -104.51 -51.29 -16.30
N PHE DA 111 -103.56 -50.95 -17.16
CA PHE DA 111 -102.15 -51.24 -16.88
C PHE DA 111 -101.68 -50.52 -15.63
N TYR DA 112 -102.09 -49.25 -15.47
CA TYR DA 112 -101.73 -48.50 -14.27
C TYR DA 112 -102.31 -49.15 -13.02
N LYS DA 113 -103.56 -49.61 -13.09
CA LYS DA 113 -104.17 -50.27 -11.94
C LYS DA 113 -103.43 -51.56 -11.60
N PHE DA 114 -103.03 -52.33 -12.62
CA PHE DA 114 -102.25 -53.53 -12.37
C PHE DA 114 -100.91 -53.20 -11.72
N ILE DA 115 -100.24 -52.15 -12.22
CA ILE DA 115 -98.95 -51.77 -11.66
C ILE DA 115 -99.10 -51.34 -10.20
N SER DA 116 -100.11 -50.53 -9.91
CA SER DA 116 -100.31 -50.06 -8.54
C SER DA 116 -100.75 -51.19 -7.61
N THR DA 117 -101.45 -52.18 -8.14
CA THR DA 117 -101.99 -53.25 -7.28
C THR DA 117 -100.86 -54.12 -6.71
N ASN DA 118 -99.93 -54.56 -7.55
CA ASN DA 118 -98.91 -55.51 -7.13
C ASN DA 118 -97.57 -54.85 -6.82
N PHE DA 119 -97.35 -53.61 -7.23
CA PHE DA 119 -96.13 -52.88 -6.93
C PHE DA 119 -96.46 -51.72 -6.00
N ASN DA 120 -95.63 -51.54 -4.96
CA ASN DA 120 -95.86 -50.45 -4.02
C ASN DA 120 -95.80 -49.10 -4.72
N LEU DA 121 -94.76 -48.87 -5.51
CA LEU DA 121 -94.56 -47.71 -6.37
C LEU DA 121 -94.36 -46.42 -5.61
N GLN DA 122 -94.48 -46.42 -4.28
CA GLN DA 122 -94.26 -45.22 -3.49
C GLN DA 122 -92.81 -45.06 -3.06
N THR DA 123 -92.03 -46.14 -3.07
CA THR DA 123 -90.62 -46.03 -2.68
C THR DA 123 -89.81 -45.25 -3.70
N ILE DA 124 -90.14 -45.36 -4.98
CA ILE DA 124 -89.36 -44.71 -6.03
C ILE DA 124 -89.48 -43.19 -5.91
N ILE DA 125 -90.71 -42.69 -5.80
CA ILE DA 125 -90.97 -41.26 -5.66
C ILE DA 125 -91.89 -41.05 -4.47
N LYS DA 126 -91.51 -40.13 -3.58
CA LYS DA 126 -92.28 -39.84 -2.38
C LYS DA 126 -93.03 -38.53 -2.51
N ASN DA 127 -94.01 -38.34 -1.62
CA ASN DA 127 -94.80 -37.11 -1.54
C ASN DA 127 -95.51 -36.81 -2.85
N CYS DA 128 -96.15 -37.82 -3.41
CA CYS DA 128 -96.90 -37.66 -4.65
C CYS DA 128 -97.88 -38.81 -4.80
N ASN DA 129 -98.84 -38.62 -5.70
CA ASN DA 129 -99.87 -39.62 -5.96
C ASN DA 129 -99.35 -40.69 -6.90
N ASP DA 130 -100.07 -41.83 -6.93
CA ASP DA 130 -99.66 -42.94 -7.77
C ASP DA 130 -99.77 -42.61 -9.25
N LYS DA 131 -100.70 -41.73 -9.63
CA LYS DA 131 -100.82 -41.33 -11.03
C LYS DA 131 -99.55 -40.64 -11.50
N ILE DA 132 -99.04 -39.69 -10.70
CA ILE DA 132 -97.84 -38.96 -11.07
C ILE DA 132 -96.64 -39.89 -11.13
N ILE DA 133 -96.52 -40.79 -10.15
CA ILE DA 133 -95.40 -41.74 -10.13
C ILE DA 133 -95.44 -42.62 -11.37
N PHE DA 134 -96.62 -43.15 -11.70
CA PHE DA 134 -96.76 -44.02 -12.85
C PHE DA 134 -96.39 -43.29 -14.14
N SER DA 135 -96.89 -42.06 -14.30
CA SER DA 135 -96.61 -41.31 -15.51
C SER DA 135 -95.13 -40.95 -15.60
N THR DA 136 -94.51 -40.58 -14.49
CA THR DA 136 -93.09 -40.24 -14.49
C THR DA 136 -92.24 -41.45 -14.82
N LEU DA 137 -92.58 -42.62 -14.27
CA LEU DA 137 -91.85 -43.84 -14.61
C LEU DA 137 -92.02 -44.17 -16.09
N LEU DA 138 -93.23 -43.98 -16.62
CA LEU DA 138 -93.44 -44.20 -18.05
C LEU DA 138 -92.55 -43.29 -18.88
N TYR DA 139 -92.48 -42.01 -18.51
CA TYR DA 139 -91.62 -41.08 -19.24
C TYR DA 139 -90.15 -41.49 -19.16
N ILE DA 140 -89.71 -41.91 -17.97
CA ILE DA 140 -88.31 -42.30 -17.80
C ILE DA 140 -87.98 -43.51 -18.66
N VAL DA 141 -88.86 -44.52 -18.65
CA VAL DA 141 -88.60 -45.72 -19.45
C VAL DA 141 -88.65 -45.40 -20.93
N ASN DA 142 -89.56 -44.51 -21.34
CA ASN DA 142 -89.62 -44.09 -22.73
C ASN DA 142 -88.33 -43.39 -23.15
N LEU DA 143 -87.80 -42.52 -22.29
CA LEU DA 143 -86.58 -41.80 -22.63
C LEU DA 143 -85.36 -42.71 -22.63
N ASN DA 144 -85.36 -43.76 -21.80
CA ASN DA 144 -84.17 -44.58 -21.63
C ASN DA 144 -84.26 -45.95 -22.28
N TYR DA 145 -85.44 -46.42 -22.66
CA TYR DA 145 -85.60 -47.78 -23.17
C TYR DA 145 -86.48 -47.80 -24.42
N SER DA 146 -86.20 -46.91 -25.37
CA SER DA 146 -86.86 -46.98 -26.67
C SER DA 146 -86.26 -48.07 -27.54
N PHE DA 147 -84.95 -48.31 -27.40
CA PHE DA 147 -84.29 -49.35 -28.17
C PHE DA 147 -84.88 -50.72 -27.88
N PHE DA 148 -85.46 -50.91 -26.70
CA PHE DA 148 -86.20 -52.13 -26.41
C PHE DA 148 -87.70 -51.97 -26.65
N TYR DA 149 -88.20 -50.74 -26.72
CA TYR DA 149 -89.57 -50.52 -27.15
C TYR DA 149 -89.79 -51.00 -28.58
N LYS DA 150 -88.83 -50.74 -29.45
CA LYS DA 150 -88.98 -51.14 -30.85
C LYS DA 150 -89.04 -52.66 -31.02
N THR DA 151 -88.61 -53.43 -30.02
CA THR DA 151 -88.58 -54.88 -30.11
C THR DA 151 -89.60 -55.55 -29.21
N ILE DA 152 -89.68 -55.18 -27.93
CA ILE DA 152 -90.61 -55.77 -27.00
C ILE DA 152 -91.63 -54.71 -26.58
N LYS DA 153 -92.72 -55.19 -25.99
CA LYS DA 153 -93.83 -54.32 -25.65
C LYS DA 153 -93.44 -53.31 -24.56
N ASN DA 154 -94.11 -52.16 -24.58
CA ASN DA 154 -93.88 -51.14 -23.56
C ASN DA 154 -94.27 -51.66 -22.18
N THR DA 155 -95.50 -52.17 -22.06
CA THR DA 155 -95.99 -52.64 -20.77
C THR DA 155 -95.19 -53.85 -20.28
N ASP DA 156 -94.83 -54.75 -21.19
CA ASP DA 156 -94.02 -55.91 -20.82
C ASP DA 156 -92.69 -55.48 -20.21
N LEU DA 157 -92.02 -54.54 -20.86
CA LEU DA 157 -90.73 -54.07 -20.36
C LEU DA 157 -90.89 -53.35 -19.02
N ILE DA 158 -91.93 -52.53 -18.89
CA ILE DA 158 -92.14 -51.82 -17.63
C ILE DA 158 -92.39 -52.80 -16.49
N VAL DA 159 -93.23 -53.81 -16.73
CA VAL DA 159 -93.52 -54.79 -15.69
C VAL DA 159 -92.27 -55.58 -15.34
N TYR DA 160 -91.48 -55.96 -16.35
CA TYR DA 160 -90.24 -56.69 -16.07
C TYR DA 160 -89.30 -55.87 -15.19
N LEU DA 161 -89.08 -54.61 -15.55
CA LEU DA 161 -88.16 -53.77 -14.79
C LEU DA 161 -88.65 -53.56 -13.37
N LEU DA 162 -89.93 -53.21 -13.21
CA LEU DA 162 -90.47 -52.98 -11.87
C LEU DA 162 -90.46 -54.24 -11.03
N ALA DA 163 -90.79 -55.39 -11.64
CA ALA DA 163 -90.80 -56.64 -10.91
C ALA DA 163 -89.40 -56.99 -10.42
N ASN DA 164 -88.39 -56.83 -11.26
CA ASN DA 164 -87.02 -57.09 -10.81
C ASN DA 164 -86.60 -56.12 -9.71
N LYS DA 165 -86.90 -54.83 -9.89
CA LYS DA 165 -86.48 -53.83 -8.92
C LYS DA 165 -87.09 -54.11 -7.55
N PHE DA 166 -88.37 -54.45 -7.51
CA PHE DA 166 -88.99 -54.78 -6.23
C PHE DA 166 -88.70 -56.20 -5.77
N SER DA 167 -88.18 -57.05 -6.67
CA SER DA 167 -87.67 -58.35 -6.24
C SER DA 167 -86.38 -58.20 -5.45
N ILE DA 168 -85.57 -57.19 -5.79
CA ILE DA 168 -84.40 -56.91 -4.97
C ILE DA 168 -84.80 -56.60 -3.54
N LEU DA 169 -85.81 -55.74 -3.38
CA LEU DA 169 -86.43 -55.47 -2.08
C LEU DA 169 -87.68 -54.62 -2.31
N ASN DA 170 -88.71 -54.87 -1.50
CA ASN DA 170 -89.94 -54.10 -1.61
C ASN DA 170 -89.74 -52.63 -1.29
N ASP DA 171 -88.95 -52.34 -0.26
CA ASP DA 171 -88.78 -50.97 0.21
C ASP DA 171 -87.63 -50.30 -0.54
N ASN DA 172 -87.21 -49.13 -0.06
CA ASN DA 172 -86.21 -48.32 -0.75
C ASN DA 172 -84.87 -49.04 -0.80
N ILE DA 173 -84.18 -48.93 -1.94
CA ILE DA 173 -82.84 -49.44 -2.13
C ILE DA 173 -81.99 -48.34 -2.74
N ILE DA 174 -80.67 -48.45 -2.53
CA ILE DA 174 -79.72 -47.50 -3.10
C ILE DA 174 -78.72 -48.31 -3.92
N VAL DA 175 -78.70 -48.07 -5.23
CA VAL DA 175 -77.86 -48.84 -6.15
C VAL DA 175 -76.86 -47.89 -6.79
N SER DA 176 -75.59 -48.27 -6.75
CA SER DA 176 -74.52 -47.50 -7.36
C SER DA 176 -73.77 -48.37 -8.35
N LYS DA 177 -73.52 -47.84 -9.54
CA LYS DA 177 -72.85 -48.60 -10.59
C LYS DA 177 -71.41 -48.12 -10.75
N PHE DA 178 -70.50 -49.07 -10.95
CA PHE DA 178 -69.09 -48.79 -11.08
C PHE DA 178 -68.52 -49.54 -12.28
N ASN DA 179 -67.61 -48.89 -13.00
CA ASN DA 179 -66.89 -49.49 -14.11
C ASN DA 179 -65.50 -49.85 -13.61
N ILE DA 180 -65.27 -51.14 -13.36
CA ILE DA 180 -64.06 -51.58 -12.70
C ILE DA 180 -62.83 -51.28 -13.54
N SER DA 181 -62.98 -51.20 -14.86
CA SER DA 181 -61.85 -50.90 -15.73
C SER DA 181 -61.33 -49.49 -15.57
N LYS DA 182 -62.08 -48.60 -14.92
CA LYS DA 182 -61.66 -47.22 -14.71
C LYS DA 182 -61.15 -47.04 -13.27
N PHE DA 183 -60.16 -46.15 -13.14
CA PHE DA 183 -59.46 -45.98 -11.86
C PHE DA 183 -60.38 -45.43 -10.79
N ASN DA 184 -61.09 -44.34 -11.08
CA ASN DA 184 -61.95 -43.71 -10.09
C ASN DA 184 -63.10 -44.63 -9.68
N ASP DA 185 -63.72 -45.30 -10.65
CA ASP DA 185 -64.82 -46.20 -10.33
C ASP DA 185 -64.33 -47.41 -9.56
N TYR DA 186 -63.15 -47.93 -9.88
CA TYR DA 186 -62.58 -49.04 -9.13
C TYR DA 186 -62.31 -48.63 -7.68
N ILE DA 187 -61.79 -47.42 -7.48
CA ILE DA 187 -61.56 -46.92 -6.13
C ILE DA 187 -62.87 -46.84 -5.36
N LYS DA 188 -63.89 -46.23 -5.97
CA LYS DA 188 -65.19 -46.14 -5.31
C LYS DA 188 -65.75 -47.52 -5.00
N TYR DA 189 -65.55 -48.48 -5.90
CA TYR DA 189 -66.08 -49.82 -5.70
C TYR DA 189 -65.40 -50.53 -4.53
N ILE DA 190 -64.07 -50.51 -4.50
CA ILE DA 190 -63.37 -51.22 -3.42
C ILE DA 190 -63.47 -50.48 -2.09
N ASN DA 191 -63.83 -49.20 -2.09
CA ASN DA 191 -64.00 -48.51 -0.82
C ASN DA 191 -65.40 -48.74 -0.25
N ASN DA 192 -66.44 -48.52 -1.05
CA ASN DA 192 -67.80 -48.55 -0.52
C ASN DA 192 -68.21 -49.97 -0.11
N THR DA 193 -67.85 -50.97 -0.89
CA THR DA 193 -68.29 -52.33 -0.61
C THR DA 193 -67.58 -52.89 0.62
N ASN DA 194 -68.32 -53.64 1.42
CA ASN DA 194 -67.79 -54.29 2.61
C ASN DA 194 -68.20 -55.76 2.61
N SER DA 195 -67.31 -56.60 3.13
CA SER DA 195 -67.62 -58.03 3.25
C SER DA 195 -68.68 -58.29 4.31
N ILE DA 196 -68.67 -57.52 5.40
CA ILE DA 196 -69.65 -57.71 6.46
C ILE DA 196 -71.06 -57.43 5.94
N ASP DA 197 -71.21 -56.33 5.20
CA ASP DA 197 -72.53 -55.98 4.66
C ASP DA 197 -73.01 -57.03 3.68
N THR DA 198 -72.11 -57.57 2.85
CA THR DA 198 -72.51 -58.63 1.92
C THR DA 198 -72.91 -59.89 2.67
N TYR DA 199 -72.18 -60.25 3.73
CA TYR DA 199 -72.55 -61.43 4.51
C TYR DA 199 -73.90 -61.25 5.18
N LEU DA 200 -74.15 -60.07 5.74
CA LEU DA 200 -75.42 -59.76 6.39
C LEU DA 200 -76.53 -59.44 5.39
N GLU DA 201 -76.28 -59.66 4.09
CA GLU DA 201 -77.25 -59.41 3.04
C GLU DA 201 -77.70 -57.95 3.00
N ASN DA 202 -76.90 -57.05 3.56
CA ASN DA 202 -77.18 -55.62 3.41
C ASN DA 202 -76.77 -55.11 2.04
N GLN DA 203 -75.69 -55.66 1.47
CA GLN DA 203 -75.21 -55.29 0.15
C GLN DA 203 -75.26 -56.51 -0.76
N ILE DA 204 -75.81 -56.31 -1.95
CA ILE DA 204 -75.79 -57.34 -2.99
C ILE DA 204 -75.13 -56.74 -4.23
N ILE DA 205 -74.17 -57.46 -4.81
CA ILE DA 205 -73.40 -56.98 -5.95
C ILE DA 205 -73.79 -57.80 -7.17
N LEU DA 206 -74.24 -57.13 -8.22
CA LEU DA 206 -74.73 -57.76 -9.43
C LEU DA 206 -73.89 -57.30 -10.61
N GLY DA 207 -73.42 -58.25 -11.42
CA GLY DA 207 -72.59 -57.92 -12.56
C GLY DA 207 -71.43 -58.88 -12.74
N LEU DA 208 -70.92 -59.41 -11.62
CA LEU DA 208 -69.89 -60.43 -11.63
C LEU DA 208 -70.46 -61.73 -11.09
N ASN DA 209 -70.03 -62.85 -11.67
CA ASN DA 209 -70.60 -64.15 -11.34
C ASN DA 209 -69.65 -64.97 -10.47
N LYS DA 218 -61.28 -80.90 -6.02
CA LYS DA 218 -60.85 -80.93 -4.62
C LYS DA 218 -60.84 -82.37 -4.10
N ASN DA 219 -59.79 -83.11 -4.43
CA ASN DA 219 -59.62 -84.49 -3.99
C ASN DA 219 -58.43 -84.58 -3.05
N ILE DA 220 -58.65 -85.14 -1.87
CA ILE DA 220 -57.61 -85.25 -0.86
C ILE DA 220 -56.68 -86.40 -1.22
N ASN DA 221 -55.37 -86.17 -1.08
CA ASN DA 221 -54.37 -87.18 -1.40
C ASN DA 221 -54.29 -88.19 -0.25
N THR DA 222 -55.37 -88.96 -0.12
CA THR DA 222 -55.48 -89.91 0.99
C THR DA 222 -54.37 -90.95 0.95
N LYS DA 223 -53.93 -91.32 -0.25
CA LYS DA 223 -52.82 -92.28 -0.36
C LYS DA 223 -51.56 -91.75 0.32
N LEU DA 224 -51.17 -90.52 0.01
CA LEU DA 224 -49.97 -89.95 0.60
C LEU DA 224 -50.16 -89.67 2.08
N LEU DA 225 -51.38 -89.25 2.47
CA LEU DA 225 -51.64 -89.02 3.89
C LEU DA 225 -51.50 -90.31 4.69
N ASN DA 226 -52.01 -91.42 4.17
CA ASN DA 226 -51.85 -92.71 4.84
C ASN DA 226 -50.40 -93.17 4.80
N SER DA 227 -49.69 -92.88 3.72
CA SER DA 227 -48.27 -93.25 3.65
C SER DA 227 -47.48 -92.55 4.74
N TYR DA 228 -47.76 -91.27 4.97
CA TYR DA 228 -47.07 -90.56 6.05
C TYR DA 228 -47.61 -90.96 7.42
N SER DA 229 -48.87 -91.38 7.50
CA SER DA 229 -49.43 -91.84 8.76
C SER DA 229 -48.79 -93.14 9.22
N ASN DA 230 -48.48 -94.03 8.28
CA ASN DA 230 -47.84 -95.29 8.63
C ASN DA 230 -46.40 -95.12 9.11
N LEU DA 231 -45.80 -93.95 8.91
CA LEU DA 231 -44.45 -93.68 9.38
C LEU DA 231 -44.48 -93.02 10.75
N LYS DA 232 -45.08 -93.73 11.70
CA LYS DA 232 -45.26 -93.19 13.04
C LYS DA 232 -43.93 -93.01 13.78
N ASN DA 233 -42.88 -93.70 13.35
CA ASN DA 233 -41.57 -93.48 13.96
C ASN DA 233 -41.00 -92.12 13.57
N LEU DA 234 -41.33 -91.63 12.37
CA LEU DA 234 -40.77 -90.39 11.88
C LEU DA 234 -41.51 -89.17 12.44
N VAL DA 235 -42.79 -89.04 12.12
CA VAL DA 235 -43.60 -87.90 12.51
C VAL DA 235 -44.92 -88.38 13.07
N ASN DA 236 -45.60 -87.49 13.78
CA ASN DA 236 -46.97 -87.74 14.22
C ASN DA 236 -47.86 -86.62 13.71
N ILE DA 237 -49.04 -86.99 13.21
CA ILE DA 237 -49.97 -86.06 12.60
C ILE DA 237 -51.04 -85.70 13.62
N THR DA 238 -51.16 -84.41 13.92
CA THR DA 238 -52.16 -83.94 14.87
C THR DA 238 -52.65 -82.57 14.44
N ASN DA 239 -53.98 -82.40 14.38
CA ASN DA 239 -54.59 -81.14 13.98
C ASN DA 239 -54.06 -80.65 12.64
N ASN DA 240 -53.93 -81.59 11.69
CA ASN DA 240 -53.41 -81.30 10.35
C ASN DA 240 -52.02 -80.67 10.42
N THR DA 241 -51.21 -81.14 11.38
CA THR DA 241 -49.84 -80.66 11.53
C THR DA 241 -48.94 -81.87 11.70
N PHE DA 242 -47.83 -81.89 10.97
CA PHE DA 242 -46.90 -83.02 10.94
C PHE DA 242 -45.76 -82.72 11.91
N TYR DA 243 -45.97 -83.04 13.18
CA TYR DA 243 -44.94 -82.80 14.18
C TYR DA 243 -43.83 -83.82 14.04
N LEU DA 244 -42.63 -83.35 13.72
CA LEU DA 244 -41.48 -84.22 13.57
C LEU DA 244 -41.00 -84.67 14.95
N LYS DA 245 -40.78 -85.97 15.11
CA LYS DA 245 -40.22 -86.51 16.34
C LYS DA 245 -38.72 -86.26 16.34
N LYS DA 246 -38.25 -85.42 17.26
CA LYS DA 246 -36.85 -85.00 17.28
C LYS DA 246 -35.92 -86.18 17.51
N ILE DA 247 -35.12 -86.52 16.50
CA ILE DA 247 -34.14 -87.59 16.58
C ILE DA 247 -32.76 -86.96 16.69
N ASN DA 248 -31.95 -87.45 17.62
CA ASN DA 248 -30.63 -86.88 17.84
C ASN DA 248 -29.74 -87.11 16.62
N ASP DA 249 -28.93 -86.11 16.30
CA ASP DA 249 -27.94 -86.25 15.24
C ASP DA 249 -26.76 -87.12 15.66
N ASN DA 250 -26.69 -87.50 16.92
CA ASN DA 250 -25.64 -88.41 17.41
C ASN DA 250 -26.14 -89.83 17.28
N TYR DA 251 -25.79 -90.48 16.16
CA TYR DA 251 -26.21 -91.85 15.89
C TYR DA 251 -25.03 -92.80 15.73
N ASN DA 252 -23.81 -92.35 15.98
CA ASN DA 252 -22.63 -93.19 15.81
C ASN DA 252 -22.31 -94.02 17.04
N THR DA 253 -22.51 -93.47 18.24
CA THR DA 253 -22.03 -94.09 19.46
C THR DA 253 -23.07 -93.96 20.56
N VAL DA 254 -23.20 -95.02 21.36
CA VAL DA 254 -24.01 -95.02 22.57
C VAL DA 254 -23.11 -95.37 23.74
N ILE DA 255 -23.10 -94.52 24.76
CA ILE DA 255 -22.32 -94.74 25.97
C ILE DA 255 -23.26 -95.18 27.08
N ASN DA 256 -22.90 -96.27 27.75
CA ASN DA 256 -23.77 -96.86 28.76
C ASN DA 256 -24.00 -95.88 29.91
N SER DA 257 -25.22 -95.90 30.46
CA SER DA 257 -25.54 -95.00 31.55
C SER DA 257 -24.72 -95.30 32.80
N GLU DA 258 -24.53 -96.59 33.11
CA GLU DA 258 -23.71 -96.95 34.26
C GLU DA 258 -22.26 -96.52 34.06
N PHE DA 259 -21.73 -96.69 32.84
CA PHE DA 259 -20.38 -96.26 32.54
C PHE DA 259 -20.25 -94.75 32.66
N LEU DA 260 -21.25 -94.01 32.18
CA LEU DA 260 -21.23 -92.55 32.31
C LEU DA 260 -21.27 -92.14 33.78
N THR DA 261 -22.08 -92.81 34.59
CA THR DA 261 -22.13 -92.50 36.01
C THR DA 261 -20.79 -92.78 36.68
N TYR DA 262 -20.15 -93.89 36.32
CA TYR DA 262 -18.83 -94.21 36.86
C TYR DA 262 -17.82 -93.13 36.48
N LEU DA 263 -17.84 -92.70 35.22
CA LEU DA 263 -16.91 -91.64 34.78
C LEU DA 263 -17.17 -90.34 35.51
N LYS DA 264 -18.43 -89.95 35.65
CA LYS DA 264 -18.74 -88.69 36.31
C LYS DA 264 -18.36 -88.73 37.78
N SER DA 265 -18.57 -89.86 38.45
CA SER DA 265 -18.21 -89.96 39.85
C SER DA 265 -16.69 -89.95 40.04
N ASN DA 266 -15.96 -90.70 39.19
CA ASN DA 266 -14.52 -90.78 39.35
C ASN DA 266 -13.81 -89.52 38.88
N TYR DA 267 -14.22 -88.96 37.74
CA TYR DA 267 -13.55 -87.82 37.14
C TYR DA 267 -14.53 -86.67 36.98
N LYS DA 268 -14.14 -85.49 37.46
CA LYS DA 268 -14.95 -84.28 37.34
C LYS DA 268 -14.34 -83.40 36.25
N ILE DA 269 -15.12 -83.14 35.20
CA ILE DA 269 -14.63 -82.35 34.08
C ILE DA 269 -14.45 -80.90 34.55
N SER DA 270 -13.19 -80.46 34.62
CA SER DA 270 -12.87 -79.12 35.08
C SER DA 270 -12.31 -78.22 34.00
N PHE DA 271 -11.89 -78.77 32.86
CA PHE DA 271 -11.27 -77.99 31.80
C PHE DA 271 -11.90 -78.37 30.46
N SER DA 272 -11.86 -77.42 29.53
CA SER DA 272 -12.46 -77.63 28.23
C SER DA 272 -11.52 -78.38 27.31
N ALA DA 273 -12.08 -78.90 26.21
CA ALA DA 273 -11.30 -79.61 25.21
C ALA DA 273 -10.78 -78.63 24.17
N SER DA 274 -9.48 -78.63 23.95
CA SER DA 274 -8.89 -77.76 22.95
C SER DA 274 -8.95 -78.34 21.55
N ASN DA 275 -9.26 -79.62 21.41
CA ASN DA 275 -9.30 -80.24 20.10
C ASN DA 275 -10.54 -79.76 19.34
N ILE DA 276 -10.35 -79.37 18.08
CA ILE DA 276 -11.47 -78.90 17.27
C ILE DA 276 -12.38 -80.04 16.82
N VAL DA 277 -11.97 -81.29 17.04
CA VAL DA 277 -12.80 -82.44 16.72
C VAL DA 277 -14.09 -82.44 17.55
N LYS DA 278 -14.07 -81.79 18.72
CA LYS DA 278 -15.24 -81.77 19.57
C LYS DA 278 -16.46 -81.15 18.89
N TYR DA 279 -16.25 -80.29 17.90
CA TYR DA 279 -17.36 -79.69 17.17
C TYR DA 279 -17.94 -80.59 16.10
N LEU DA 280 -17.24 -81.65 15.72
CA LEU DA 280 -17.70 -82.50 14.63
C LEU DA 280 -18.97 -83.24 15.01
N SER DA 281 -19.94 -83.25 14.10
CA SER DA 281 -21.13 -84.06 14.25
C SER DA 281 -20.88 -85.45 13.67
N ASP DA 282 -21.81 -86.37 13.96
CA ASP DA 282 -21.65 -87.73 13.48
C ASP DA 282 -21.74 -87.83 11.96
N LYS DA 283 -22.42 -86.89 11.31
CA LYS DA 283 -22.42 -86.86 9.85
C LYS DA 283 -21.03 -86.55 9.31
N SER DA 284 -20.32 -85.62 9.93
CA SER DA 284 -18.99 -85.25 9.47
C SER DA 284 -17.94 -86.27 9.87
N VAL DA 285 -18.17 -87.00 10.95
CA VAL DA 285 -17.23 -88.06 11.34
C VAL DA 285 -17.24 -89.19 10.32
N ASN DA 286 -18.42 -89.56 9.83
CA ASN DA 286 -18.51 -90.66 8.88
C ASN DA 286 -17.91 -90.32 7.53
N ASN DA 287 -17.69 -89.05 7.24
CA ASN DA 287 -17.11 -88.62 5.96
C ASN DA 287 -15.60 -88.49 6.01
N SER DA 288 -14.97 -88.80 7.14
CA SER DA 288 -13.53 -88.68 7.25
C SER DA 288 -12.83 -89.85 6.55
N VAL DA 289 -11.63 -89.59 6.07
CA VAL DA 289 -10.81 -90.58 5.37
C VAL DA 289 -9.57 -90.85 6.20
N ILE DA 290 -9.35 -92.13 6.53
CA ILE DA 290 -8.22 -92.52 7.36
C ILE DA 290 -7.02 -92.76 6.45
N LEU DA 291 -6.04 -91.86 6.53
CA LEU DA 291 -4.78 -92.01 5.82
C LEU DA 291 -3.71 -92.49 6.80
N TYR DA 292 -2.70 -93.18 6.28
CA TYR DA 292 -1.66 -93.77 7.09
C TYR DA 292 -0.33 -93.07 6.82
N LEU DA 293 0.44 -92.85 7.88
CA LEU DA 293 1.76 -92.23 7.80
C LEU DA 293 2.77 -93.20 8.37
N ARG DA 294 3.60 -93.78 7.51
CA ARG DA 294 4.66 -94.67 7.96
C ARG DA 294 5.62 -93.91 8.85
N LYS DA 295 5.80 -94.38 10.08
CA LYS DA 295 6.67 -93.73 11.05
C LYS DA 295 7.87 -94.65 11.32
N ASN DA 296 8.98 -94.35 10.66
CA ASN DA 296 10.22 -95.08 10.85
C ASN DA 296 11.27 -94.16 11.46
N LYS DA 297 12.48 -94.65 11.58
CA LYS DA 297 13.58 -93.85 12.10
C LYS DA 297 13.95 -92.74 11.12
N ILE DA 298 14.38 -91.61 11.66
CA ILE DA 298 14.66 -90.41 10.89
C ILE DA 298 16.17 -90.20 10.85
N PHE DA 299 16.71 -90.09 9.62
CA PHE DA 299 18.14 -89.83 9.43
C PHE DA 299 18.43 -88.52 8.72
N ASN DA 300 17.46 -87.94 8.02
CA ASN DA 300 17.66 -86.68 7.32
C ASN DA 300 17.11 -85.55 8.18
N LYS DA 301 17.99 -84.62 8.54
CA LYS DA 301 17.65 -83.53 9.46
C LYS DA 301 17.46 -82.20 8.74
N SER DA 302 16.88 -82.23 7.54
CA SER DA 302 16.63 -81.02 6.77
C SER DA 302 15.32 -81.17 6.01
N ARG DA 303 14.75 -80.04 5.63
CA ARG DA 303 13.52 -80.06 4.84
C ARG DA 303 13.74 -80.46 3.40
N TYR DA 304 15.00 -80.54 2.96
CA TYR DA 304 15.34 -81.06 1.65
C TYR DA 304 15.69 -82.54 1.75
N SER DA 305 15.23 -83.32 0.79
CA SER DA 305 15.49 -84.75 0.79
C SER DA 305 16.99 -85.01 0.64
N ARG DA 306 17.37 -86.27 0.86
CA ARG DA 306 18.76 -86.66 0.75
C ARG DA 306 19.25 -86.46 -0.69
N ASN DA 307 20.42 -85.85 -0.83
CA ASN DA 307 21.00 -85.54 -2.12
C ASN DA 307 22.19 -86.45 -2.38
N ARG DA 308 22.22 -87.07 -3.55
CA ARG DA 308 23.35 -87.92 -3.92
C ARG DA 308 24.63 -87.10 -3.95
N GLN DA 309 25.72 -87.69 -3.45
CA GLN DA 309 26.95 -86.96 -3.20
C GLN DA 309 27.95 -87.02 -4.35
N THR DA 310 27.61 -87.66 -5.46
CA THR DA 310 28.51 -87.74 -6.60
C THR DA 310 27.76 -87.40 -7.89
N TYR DA 311 28.49 -86.78 -8.83
CA TYR DA 311 27.94 -86.45 -10.16
C TYR DA 311 28.91 -86.94 -11.22
N ARG DA 312 28.83 -88.25 -11.52
CA ARG DA 312 29.73 -88.84 -12.51
C ARG DA 312 29.30 -88.46 -13.92
N THR DA 313 28.00 -88.56 -14.20
CA THR DA 313 27.50 -88.16 -15.51
C THR DA 313 27.75 -86.69 -15.75
N GLY DA 314 27.67 -85.86 -14.71
CA GLY DA 314 27.99 -84.45 -14.87
C GLY DA 314 29.46 -84.22 -15.17
N ALA DA 315 30.36 -84.92 -14.45
CA ALA DA 315 31.78 -84.78 -14.75
C ALA DA 315 32.08 -85.16 -16.19
N TYR DA 316 31.48 -86.24 -16.68
CA TYR DA 316 31.77 -86.67 -18.04
C TYR DA 316 31.08 -85.79 -19.08
N TRP DA 317 29.90 -85.27 -18.78
CA TRP DA 317 29.25 -84.32 -19.67
C TRP DA 317 30.09 -83.05 -19.80
N CYS DA 318 30.71 -82.62 -18.71
CA CYS DA 318 31.57 -81.44 -18.78
C CYS DA 318 32.86 -81.73 -19.53
N LEU DA 319 33.43 -82.92 -19.35
CA LEU DA 319 34.58 -83.29 -20.16
C LEU DA 319 34.23 -83.27 -21.64
N TYR DA 320 33.04 -83.77 -21.99
CA TYR DA 320 32.61 -83.73 -23.38
C TYR DA 320 32.37 -82.31 -23.86
N VAL DA 321 31.88 -81.44 -22.99
CA VAL DA 321 31.71 -80.03 -23.37
C VAL DA 321 33.06 -79.40 -23.67
N ASN DA 322 34.07 -79.68 -22.85
CA ASN DA 322 35.41 -79.16 -23.12
C ASN DA 322 35.96 -79.69 -24.44
N ILE DA 323 35.79 -80.99 -24.69
CA ILE DA 323 36.26 -81.58 -25.94
C ILE DA 323 35.55 -80.94 -27.12
N ILE DA 324 34.23 -80.77 -27.02
CA ILE DA 324 33.47 -80.14 -28.09
C ILE DA 324 33.99 -78.74 -28.36
N ALA DA 325 34.15 -77.95 -27.31
CA ALA DA 325 34.59 -76.56 -27.50
C ALA DA 325 35.94 -76.51 -28.20
N VAL DA 326 36.94 -77.21 -27.66
CA VAL DA 326 38.28 -77.10 -28.21
C VAL DA 326 38.33 -77.67 -29.63
N VAL DA 327 37.82 -78.88 -29.82
CA VAL DA 327 37.92 -79.54 -31.12
C VAL DA 327 37.15 -78.77 -32.17
N ALA DA 328 35.90 -78.40 -31.86
CA ALA DA 328 35.07 -77.70 -32.83
C ALA DA 328 35.67 -76.34 -33.19
N PHE DA 329 36.17 -75.59 -32.20
CA PHE DA 329 36.72 -74.29 -32.51
C PHE DA 329 37.98 -74.40 -33.35
N TYR DA 330 38.86 -75.35 -33.02
CA TYR DA 330 40.06 -75.54 -33.82
C TYR DA 330 39.72 -75.97 -35.24
N PHE DA 331 38.73 -76.84 -35.39
CA PHE DA 331 38.37 -77.32 -36.73
C PHE DA 331 37.71 -76.23 -37.55
N TRP DA 332 36.84 -75.43 -36.93
CA TRP DA 332 36.10 -74.41 -37.67
C TRP DA 332 37.00 -73.26 -38.07
N PHE DA 333 37.83 -72.79 -37.13
CA PHE DA 333 38.56 -71.54 -37.33
C PHE DA 333 40.02 -71.75 -37.71
N TYR DA 334 40.73 -72.60 -36.98
CA TYR DA 334 42.11 -72.94 -37.34
C TYR DA 334 42.20 -74.07 -38.36
N LYS DA 335 41.10 -74.78 -38.61
CA LYS DA 335 41.09 -75.96 -39.48
C LYS DA 335 42.09 -77.02 -38.99
N PHE DA 336 42.26 -77.12 -37.69
CA PHE DA 336 43.19 -78.07 -37.09
C PHE DA 336 42.44 -79.26 -36.52
N THR DA 337 43.00 -80.45 -36.73
CA THR DA 337 42.56 -81.66 -36.04
C THR DA 337 43.78 -82.27 -35.37
N MET DA 338 43.63 -82.66 -34.11
CA MET DA 338 44.76 -83.20 -33.37
C MET DA 338 45.24 -84.49 -34.01
N ASN DA 339 46.56 -84.67 -34.05
CA ASN DA 339 47.17 -85.87 -34.59
C ASN DA 339 47.31 -86.85 -33.44
N PHE DA 340 46.31 -87.72 -33.28
CA PHE DA 340 46.31 -88.69 -32.19
C PHE DA 340 47.42 -89.71 -32.33
N GLY DA 341 47.95 -89.92 -33.53
CA GLY DA 341 49.03 -90.86 -33.72
C GLY DA 341 50.39 -90.35 -33.31
N TYR DA 342 50.50 -89.06 -32.97
CA TYR DA 342 51.78 -88.53 -32.50
C TYR DA 342 52.16 -89.14 -31.16
N LEU DA 343 51.23 -89.11 -30.19
CA LEU DA 343 51.37 -89.88 -28.96
C LEU DA 343 50.51 -91.12 -29.11
N TRP DA 344 51.06 -92.12 -29.82
CA TRP DA 344 50.26 -93.28 -30.17
C TRP DA 344 49.84 -94.09 -28.95
N TRP DA 345 50.58 -94.01 -27.85
CA TRP DA 345 50.25 -94.84 -26.69
C TRP DA 345 49.02 -94.34 -25.95
N LEU DA 346 48.69 -93.05 -26.04
CA LEU DA 346 47.38 -92.60 -25.56
C LEU DA 346 46.26 -93.20 -26.39
N LEU DA 347 46.45 -93.27 -27.71
CA LEU DA 347 45.46 -93.91 -28.57
C LEU DA 347 45.34 -95.39 -28.24
N TYR DA 348 46.47 -96.04 -27.94
CA TYR DA 348 46.43 -97.44 -27.53
C TYR DA 348 45.71 -97.61 -26.20
N SER DA 349 45.95 -96.70 -25.25
CA SER DA 349 45.23 -96.75 -23.98
C SER DA 349 43.74 -96.61 -24.20
N LEU DA 350 43.34 -95.79 -25.16
CA LEU DA 350 41.93 -95.75 -25.55
C LEU DA 350 41.48 -97.08 -26.11
N ILE DA 351 42.29 -97.68 -26.99
CA ILE DA 351 41.94 -98.97 -27.60
C ILE DA 351 41.98 -100.09 -26.57
N LEU DA 352 42.99 -100.08 -25.70
CA LEU DA 352 43.14 -101.14 -24.71
C LEU DA 352 41.97 -101.14 -23.73
N SER DA 353 41.49 -99.96 -23.35
CA SER DA 353 40.46 -99.86 -22.32
C SER DA 353 39.16 -100.55 -22.71
N PHE DA 354 38.90 -100.69 -24.02
CA PHE DA 354 37.65 -101.33 -24.43
C PHE DA 354 37.65 -102.83 -24.16
N PHE DA 355 38.83 -103.45 -24.13
CA PHE DA 355 38.93 -104.89 -23.94
C PHE DA 355 39.57 -105.29 -22.62
N PHE DA 356 40.11 -104.34 -21.86
CA PHE DA 356 40.88 -104.70 -20.66
C PHE DA 356 39.97 -105.24 -19.57
N SER DA 357 38.88 -104.53 -19.26
CA SER DA 357 38.09 -104.87 -18.09
C SER DA 357 37.37 -106.21 -18.25
N ARG DA 358 36.75 -106.42 -19.41
CA ARG DA 358 36.00 -107.66 -19.62
C ARG DA 358 36.94 -108.87 -19.62
N ALA DA 359 38.13 -108.72 -20.19
CA ALA DA 359 39.11 -109.78 -20.09
C ALA DA 359 39.67 -109.91 -18.68
N LEU DA 360 39.73 -108.79 -17.95
CA LEU DA 360 40.17 -108.83 -16.56
C LEU DA 360 39.20 -109.64 -15.70
N LYS DA 361 37.91 -109.58 -16.02
CA LYS DA 361 36.92 -110.32 -15.25
C LYS DA 361 37.19 -111.82 -15.29
N HIS DA 362 37.57 -112.34 -16.45
CA HIS DA 362 37.85 -113.77 -16.61
C HIS DA 362 39.32 -114.10 -16.40
N ARG DA 363 40.11 -113.14 -15.90
CA ARG DA 363 41.53 -113.35 -15.62
C ARG DA 363 42.28 -113.80 -16.86
N PHE DA 364 42.05 -113.07 -17.95
CA PHE DA 364 42.75 -113.32 -19.21
C PHE DA 364 44.11 -112.65 -19.28
N TYR DA 365 44.52 -111.91 -18.26
CA TYR DA 365 45.90 -111.49 -18.16
C TYR DA 365 46.84 -112.67 -17.95
N ASN DA 366 46.30 -113.80 -17.50
CA ASN DA 366 47.09 -115.03 -17.39
C ASN DA 366 47.17 -115.69 -18.76
N PRO DA 367 48.37 -115.93 -19.30
CA PRO DA 367 48.47 -116.56 -20.62
C PRO DA 367 47.84 -117.95 -20.69
N LEU DA 368 47.86 -118.71 -19.58
CA LEU DA 368 47.27 -120.05 -19.61
C LEU DA 368 45.76 -119.99 -19.82
N ASN DA 369 45.09 -119.04 -19.18
CA ASN DA 369 43.65 -118.90 -19.35
C ASN DA 369 43.30 -118.56 -20.79
N VAL DA 370 44.13 -117.75 -21.45
CA VAL DA 370 43.88 -117.40 -22.85
C VAL DA 370 43.98 -118.63 -23.74
N MET DA 371 45.01 -119.46 -23.53
CA MET DA 371 45.16 -120.67 -24.35
C MET DA 371 44.00 -121.62 -24.13
N THR DA 372 43.62 -121.83 -22.86
CA THR DA 372 42.49 -122.70 -22.57
C THR DA 372 41.21 -122.18 -23.20
N GLU DA 373 40.99 -120.87 -23.14
CA GLU DA 373 39.79 -120.29 -23.73
C GLU DA 373 39.79 -120.41 -25.24
N PHE DA 374 40.95 -120.24 -25.88
CA PHE DA 374 41.03 -120.41 -27.32
C PHE DA 374 40.67 -121.84 -27.71
N LYS DA 375 41.25 -122.82 -27.02
CA LYS DA 375 40.95 -124.22 -27.33
C LYS DA 375 39.47 -124.51 -27.14
N ASN DA 376 38.91 -124.10 -26.01
CA ASN DA 376 37.51 -124.38 -25.71
C ASN DA 376 36.57 -123.68 -26.69
N GLY DA 377 36.89 -122.44 -27.06
CA GLY DA 377 36.04 -121.74 -28.00
C GLY DA 377 36.07 -122.36 -29.39
N PHE DA 378 37.25 -122.78 -29.85
CA PHE DA 378 37.30 -123.44 -31.14
C PHE DA 378 36.53 -124.77 -31.11
N MET DA 379 36.67 -125.53 -30.01
CA MET DA 379 35.90 -126.77 -29.92
C MET DA 379 34.40 -126.49 -29.90
N TRP DA 380 33.98 -125.43 -29.21
CA TRP DA 380 32.58 -125.04 -29.19
C TRP DA 380 32.08 -124.71 -30.60
N PHE DA 381 32.88 -123.96 -31.35
CA PHE DA 381 32.51 -123.61 -32.73
C PHE DA 381 32.37 -124.87 -33.59
N ILE DA 382 33.31 -125.81 -33.45
CA ILE DA 382 33.26 -127.04 -34.22
C ILE DA 382 32.02 -127.85 -33.85
N ILE DA 383 31.69 -127.91 -32.55
CA ILE DA 383 30.50 -128.64 -32.12
C ILE DA 383 29.25 -128.05 -32.76
N ILE DA 384 29.15 -126.71 -32.74
CA ILE DA 384 27.97 -126.07 -33.31
C ILE DA 384 27.85 -126.38 -34.79
N LEU DA 385 28.96 -126.27 -35.52
CA LEU DA 385 28.91 -126.53 -36.96
C LEU DA 385 28.53 -127.98 -37.27
N ILE DA 386 29.10 -128.93 -36.53
CA ILE DA 386 28.79 -130.34 -36.76
C ILE DA 386 27.33 -130.63 -36.45
N ASN DA 387 26.82 -130.08 -35.35
CA ASN DA 387 25.41 -130.28 -35.01
C ASN DA 387 24.50 -129.59 -36.01
N ILE DA 388 24.97 -128.54 -36.68
CA ILE DA 388 24.19 -127.92 -37.75
C ILE DA 388 24.15 -128.84 -38.97
N PHE DA 389 25.27 -129.48 -39.30
CA PHE DA 389 25.36 -130.22 -40.55
C PHE DA 389 24.92 -131.68 -40.45
N LYS DA 390 24.68 -132.21 -39.24
CA LYS DA 390 24.16 -133.58 -39.13
C LYS DA 390 22.70 -133.73 -39.60
N PRO DA 391 21.84 -132.71 -39.42
CA PRO DA 391 20.50 -132.81 -40.01
C PRO DA 391 20.50 -133.08 -41.51
N LEU DA 392 21.57 -132.72 -42.23
CA LEU DA 392 21.65 -133.10 -43.63
C LEU DA 392 21.69 -134.62 -43.78
N LEU DA 393 22.47 -135.30 -42.95
CA LEU DA 393 22.50 -136.75 -42.98
C LEU DA 393 21.15 -137.34 -42.58
N LYS DA 394 20.50 -136.74 -41.58
CA LYS DA 394 19.17 -137.22 -41.20
C LYS DA 394 18.20 -137.10 -42.37
N LEU DA 395 18.23 -135.97 -43.08
CA LEU DA 395 17.37 -135.78 -44.25
C LEU DA 395 17.72 -136.75 -45.37
N LEU DA 396 19.00 -137.10 -45.52
CA LEU DA 396 19.38 -138.09 -46.52
C LEU DA 396 18.77 -139.46 -46.20
N GLU DA 397 18.82 -139.87 -44.93
CA GLU DA 397 18.20 -141.14 -44.56
C GLU DA 397 16.68 -141.09 -44.75
N ASN DA 398 16.06 -139.96 -44.41
CA ASN DA 398 14.63 -139.80 -44.65
C ASN DA 398 14.31 -139.89 -46.13
N ASN DA 399 15.18 -139.35 -46.98
CA ASN DA 399 14.99 -139.44 -48.43
C ASN DA 399 15.11 -140.89 -48.90
N TYR DA 400 16.04 -141.64 -48.34
CA TYR DA 400 16.14 -143.06 -48.67
C TYR DA 400 14.84 -143.79 -48.35
N ILE DA 401 14.33 -143.59 -47.14
CA ILE DA 401 13.10 -144.28 -46.73
C ILE DA 401 11.92 -143.81 -47.59
N ASN DA 402 11.90 -142.51 -47.94
CA ASN DA 402 10.84 -141.99 -48.79
C ASN DA 402 10.89 -142.59 -50.18
N LEU DA 403 12.09 -142.80 -50.72
CA LEU DA 403 12.23 -143.46 -52.00
C LEU DA 403 11.72 -144.90 -51.94
N TYR DA 404 12.02 -145.60 -50.85
CA TYR DA 404 11.52 -146.96 -50.69
C TYR DA 404 9.99 -146.97 -50.66
N ASN DA 405 9.39 -146.06 -49.90
CA ASN DA 405 7.94 -145.98 -49.83
C ASN DA 405 7.34 -145.62 -51.19
N HIS DA 406 7.98 -144.72 -51.93
CA HIS DA 406 7.51 -144.36 -53.25
C HIS DA 406 7.51 -145.56 -54.18
N LEU DA 407 8.59 -146.36 -54.13
CA LEU DA 407 8.65 -147.55 -54.97
C LEU DA 407 7.54 -148.54 -54.62
N VAL DA 408 7.31 -148.77 -53.32
CA VAL DA 408 6.27 -149.70 -52.91
C VAL DA 408 4.90 -149.21 -53.36
N ILE DA 409 4.63 -147.92 -53.18
CA ILE DA 409 3.32 -147.37 -53.54
C ILE DA 409 3.11 -147.42 -55.05
N LYS DA 410 4.16 -147.13 -55.83
CA LYS DA 410 4.04 -147.21 -57.28
C LYS DA 410 3.78 -148.64 -57.73
N TYR DA 411 4.46 -149.61 -57.11
CA TYR DA 411 4.19 -151.00 -57.44
C TYR DA 411 2.75 -151.38 -57.12
N TYR DA 412 2.26 -150.94 -55.95
CA TYR DA 412 0.88 -151.24 -55.56
C TYR DA 412 -0.12 -150.64 -56.54
N GLN DA 413 0.09 -149.37 -56.91
CA GLN DA 413 -0.82 -148.71 -57.83
C GLN DA 413 -0.78 -149.35 -59.21
N SER DA 414 0.41 -149.72 -59.68
CA SER DA 414 0.51 -150.39 -60.98
C SER DA 414 -0.18 -151.74 -60.95
N PHE DA 415 -0.03 -152.49 -59.86
CA PHE DA 415 -0.73 -153.77 -59.76
C PHE DA 415 -2.24 -153.58 -59.77
N ILE DA 416 -2.73 -152.57 -59.05
CA ILE DA 416 -4.18 -152.32 -59.04
C ILE DA 416 -4.66 -151.95 -60.43
N CYS DA 417 -3.93 -151.08 -61.12
CA CYS DA 417 -4.34 -150.65 -62.46
C CYS DA 417 -4.32 -151.81 -63.44
N ASN DA 418 -3.31 -152.67 -63.35
CA ASN DA 418 -3.24 -153.84 -64.22
C ASN DA 418 -4.40 -154.80 -63.95
N THR DA 419 -4.73 -155.00 -62.67
CA THR DA 419 -5.85 -155.87 -62.33
C THR DA 419 -7.17 -155.27 -62.83
N LEU DA 420 -7.31 -153.94 -62.78
CA LEU DA 420 -8.47 -153.28 -63.34
C LEU DA 420 -8.48 -153.32 -64.86
N ILE DA 421 -7.32 -153.52 -65.49
CA ILE DA 421 -7.18 -153.54 -66.94
C ILE DA 421 -7.66 -152.23 -67.55
N GLU DA 427 4.44 -150.78 -67.44
CA GLU DA 427 4.11 -151.21 -66.09
C GLU DA 427 5.19 -150.75 -65.10
N PHE DA 428 6.39 -151.29 -65.26
CA PHE DA 428 7.51 -150.92 -64.39
C PHE DA 428 8.25 -149.67 -64.86
N ASN DA 429 7.89 -149.13 -66.02
CA ASN DA 429 8.46 -147.86 -66.46
C ASN DA 429 8.07 -146.74 -65.50
N TYR DA 430 6.81 -146.73 -65.06
CA TYR DA 430 6.37 -145.73 -64.08
C TYR DA 430 6.93 -146.03 -62.69
N ILE DA 431 7.07 -147.31 -62.34
CA ILE DA 431 7.55 -147.68 -61.01
C ILE DA 431 8.99 -147.23 -60.80
N LEU DA 432 9.82 -147.37 -61.83
CA LEU DA 432 11.24 -147.07 -61.75
C LEU DA 432 11.62 -145.89 -62.63
N SER DA 433 10.80 -144.83 -62.59
CA SER DA 433 11.03 -143.67 -63.44
C SER DA 433 12.36 -143.00 -63.16
N SER DA 434 12.68 -142.80 -61.88
CA SER DA 434 13.91 -142.10 -61.50
C SER DA 434 14.60 -142.74 -60.31
N PHE DA 435 14.46 -144.05 -60.14
CA PHE DA 435 15.10 -144.74 -59.03
C PHE DA 435 16.62 -144.67 -59.14
N LYS DA 436 17.16 -144.85 -60.35
CA LYS DA 436 18.61 -144.90 -60.52
C LYS DA 436 19.27 -143.59 -60.14
N PHE DA 437 18.68 -142.46 -60.55
CA PHE DA 437 19.29 -141.16 -60.24
C PHE DA 437 19.32 -140.90 -58.75
N ILE DA 438 18.21 -141.14 -58.06
CA ILE DA 438 18.16 -140.92 -56.62
C ILE DA 438 19.13 -141.85 -55.90
N LYS DA 439 19.15 -143.12 -56.29
CA LYS DA 439 20.05 -144.07 -55.65
C LYS DA 439 21.52 -143.69 -55.85
N GLU DA 440 21.88 -143.31 -57.08
CA GLU DA 440 23.27 -142.92 -57.34
C GLU DA 440 23.65 -141.67 -56.58
N LEU DA 441 22.77 -140.67 -56.54
CA LEU DA 441 23.07 -139.45 -55.80
C LEU DA 441 23.25 -139.73 -54.32
N ASN DA 442 22.34 -140.53 -53.74
CA ASN DA 442 22.45 -140.87 -52.32
C ASN DA 442 23.72 -141.65 -52.03
N ASN DA 443 24.08 -142.59 -52.91
CA ASN DA 443 25.30 -143.36 -52.71
C ASN DA 443 26.53 -142.47 -52.81
N ILE DA 444 26.54 -141.52 -53.74
CA ILE DA 444 27.66 -140.59 -53.86
C ILE DA 444 27.79 -139.76 -52.60
N ILE DA 445 26.68 -139.27 -52.07
CA ILE DA 445 26.73 -138.47 -50.84
C ILE DA 445 27.19 -139.31 -49.66
N ILE DA 446 26.77 -140.58 -49.61
CA ILE DA 446 27.21 -141.47 -48.53
C ILE DA 446 28.71 -141.71 -48.64
N ILE DA 447 29.23 -141.89 -49.85
CA ILE DA 447 30.66 -142.06 -50.04
C ILE DA 447 31.41 -140.80 -49.60
N SER DA 448 30.89 -139.64 -49.95
CA SER DA 448 31.52 -138.39 -49.53
C SER DA 448 31.55 -138.28 -48.01
N LEU DA 449 30.47 -138.68 -47.35
CA LEU DA 449 30.46 -138.71 -45.89
C LEU DA 449 31.50 -139.69 -45.35
N ASN DA 450 31.59 -140.87 -45.96
CA ASN DA 450 32.59 -141.85 -45.55
C ASN DA 450 34.00 -141.36 -45.77
N LYS DA 451 34.19 -140.36 -46.63
CA LYS DA 451 35.46 -139.68 -46.75
C LYS DA 451 35.72 -138.70 -45.62
N LEU DA 452 34.96 -138.81 -44.52
CA LEU DA 452 35.13 -137.98 -43.32
C LEU DA 452 34.76 -136.52 -43.60
N PHE DA 453 33.63 -136.32 -44.26
CA PHE DA 453 33.12 -134.98 -44.52
C PHE DA 453 32.43 -134.44 -43.26
N PHE EA 2 -9.16 -70.14 18.89
CA PHE EA 2 -8.53 -69.21 19.83
C PHE EA 2 -8.18 -67.88 19.17
N ARG EA 3 -8.28 -66.80 19.95
CA ARG EA 3 -7.90 -65.46 19.50
C ARG EA 3 -6.63 -64.94 20.16
N TRP EA 4 -6.33 -65.39 21.38
CA TRP EA 4 -5.18 -64.91 22.13
C TRP EA 4 -4.23 -66.06 22.39
N LEU EA 5 -2.93 -65.80 22.26
CA LEU EA 5 -1.95 -66.85 22.46
C LEU EA 5 -1.87 -67.29 23.92
N PHE EA 6 -2.10 -66.37 24.87
CA PHE EA 6 -2.04 -66.76 26.27
C PHE EA 6 -3.20 -67.64 26.67
N LEU EA 7 -4.35 -67.50 26.01
CA LEU EA 7 -5.43 -68.47 26.19
C LEU EA 7 -5.18 -69.74 25.40
N TYR EA 8 -4.55 -69.63 24.23
CA TYR EA 8 -4.27 -70.79 23.40
C TYR EA 8 -3.32 -71.75 24.09
N TRP EA 9 -2.26 -71.24 24.69
CA TRP EA 9 -1.22 -72.07 25.29
C TRP EA 9 -1.40 -72.29 26.78
N TYR EA 10 -2.50 -71.83 27.37
CA TYR EA 10 -2.66 -71.93 28.81
C TYR EA 10 -2.86 -73.39 29.22
N ASN EA 11 -3.94 -74.01 28.76
CA ASN EA 11 -4.25 -75.40 29.08
C ASN EA 11 -4.73 -76.06 27.79
N SER EA 12 -3.80 -76.66 27.06
CA SER EA 12 -4.11 -77.33 25.80
C SER EA 12 -4.10 -78.83 26.04
N THR EA 13 -5.20 -79.49 25.70
CA THR EA 13 -5.34 -80.92 25.88
C THR EA 13 -5.22 -81.70 24.58
N ASP EA 14 -5.05 -81.01 23.45
CA ASP EA 14 -4.85 -81.67 22.16
C ASP EA 14 -3.37 -81.80 21.81
N THR EA 15 -2.52 -81.93 22.82
CA THR EA 15 -1.09 -82.02 22.59
C THR EA 15 -0.73 -83.36 21.95
N PRO EA 16 0.45 -83.43 21.31
CA PRO EA 16 0.85 -84.70 20.68
C PRO EA 16 0.86 -85.89 21.62
N SER EA 17 1.10 -85.69 22.92
CA SER EA 17 1.07 -86.83 23.84
C SER EA 17 -0.30 -87.48 23.87
N ALA EA 18 -1.35 -86.70 24.11
CA ALA EA 18 -2.69 -87.25 24.15
C ALA EA 18 -3.14 -87.76 22.79
N ILE EA 19 -2.90 -86.95 21.74
CA ILE EA 19 -3.37 -87.37 20.43
C ILE EA 19 -2.64 -88.64 19.98
N ALA EA 20 -1.41 -88.85 20.45
CA ALA EA 20 -0.71 -90.10 20.17
C ALA EA 20 -1.27 -91.24 21.00
N LYS EA 21 -1.72 -90.94 22.23
CA LYS EA 21 -2.42 -91.98 22.99
C LYS EA 21 -3.67 -92.44 22.28
N VAL EA 22 -4.29 -91.58 21.46
CA VAL EA 22 -5.39 -92.04 20.62
C VAL EA 22 -4.97 -92.29 19.17
N ASN EA 23 -3.91 -91.64 18.68
CA ASN EA 23 -3.36 -91.88 17.34
C ASN EA 23 -4.38 -91.59 16.24
N LEU EA 24 -4.97 -90.40 16.27
CA LEU EA 24 -5.92 -89.96 15.26
C LEU EA 24 -5.69 -88.47 15.03
N TRP EA 25 -4.87 -88.15 14.04
CA TRP EA 25 -4.43 -86.78 13.78
C TRP EA 25 -5.29 -86.20 12.67
N SER EA 26 -6.40 -85.58 13.05
CA SER EA 26 -7.32 -85.02 12.07
C SER EA 26 -6.72 -83.79 11.40
N TYR EA 27 -7.10 -83.56 10.15
CA TYR EA 27 -6.57 -82.43 9.39
C TYR EA 27 -7.13 -81.11 9.91
N ILE EA 28 -8.40 -81.09 10.32
CA ILE EA 28 -9.02 -79.85 10.76
C ILE EA 28 -8.40 -79.30 12.04
N ASN EA 29 -7.57 -80.09 12.72
CA ASN EA 29 -6.93 -79.68 13.96
C ASN EA 29 -5.48 -79.24 13.74
N LEU EA 30 -5.15 -78.78 12.55
CA LEU EA 30 -3.82 -78.25 12.30
C LEU EA 30 -3.59 -77.00 13.16
N ARG EA 31 -2.38 -76.89 13.70
CA ARG EA 31 -2.05 -75.72 14.50
C ARG EA 31 -1.85 -74.47 13.66
N LEU EA 32 -1.81 -74.60 12.33
CA LEU EA 32 -1.72 -73.44 11.47
C LEU EA 32 -2.99 -72.60 11.52
N PHE EA 33 -4.13 -73.22 11.85
CA PHE EA 33 -5.41 -72.54 11.85
C PHE EA 33 -6.00 -72.35 13.24
N LYS EA 34 -5.35 -72.84 14.29
CA LYS EA 34 -5.98 -72.84 15.61
C LYS EA 34 -6.09 -71.43 16.18
N ALA EA 35 -5.02 -70.65 16.10
CA ALA EA 35 -5.00 -69.31 16.67
C ALA EA 35 -4.80 -68.27 15.59
N ARG EA 36 -5.45 -67.12 15.75
CA ARG EA 36 -5.31 -66.01 14.81
C ARG EA 36 -5.73 -64.73 15.53
N LEU EA 37 -4.91 -63.69 15.42
CA LEU EA 37 -5.17 -62.44 16.12
C LEU EA 37 -6.29 -61.67 15.44
N SER EA 38 -6.66 -60.54 16.04
CA SER EA 38 -7.86 -59.81 15.66
C SER EA 38 -7.64 -58.74 14.60
N SER EA 39 -6.40 -58.55 14.15
CA SER EA 39 -6.02 -57.53 13.16
C SER EA 39 -6.30 -56.11 13.63
N SER EA 40 -6.63 -55.93 14.91
CA SER EA 40 -6.75 -54.61 15.52
C SER EA 40 -5.65 -54.45 16.55
N ILE EA 41 -5.06 -53.25 16.61
CA ILE EA 41 -3.92 -53.02 17.47
C ILE EA 41 -4.27 -53.39 18.90
N ALA EA 42 -3.37 -54.14 19.55
CA ALA EA 42 -3.57 -54.54 20.94
C ALA EA 42 -2.20 -54.59 21.59
N TYR EA 43 -1.93 -53.63 22.47
CA TYR EA 43 -0.65 -53.54 23.17
C TYR EA 43 -0.89 -53.72 24.66
N TYR EA 44 0.19 -53.72 25.43
CA TYR EA 44 0.14 -54.00 26.86
C TYR EA 44 0.66 -52.81 27.64
N ILE EA 45 -0.10 -52.39 28.66
CA ILE EA 45 0.37 -51.43 29.63
C ILE EA 45 0.48 -52.16 30.96
N LEU EA 46 0.97 -51.50 31.99
CA LEU EA 46 1.03 -52.07 33.33
C LEU EA 46 -0.16 -51.54 34.13
N GLY EA 47 -1.06 -52.43 34.49
CA GLY EA 47 -2.22 -52.04 35.28
C GLY EA 47 -1.88 -51.88 36.74
N LEU EA 48 -2.79 -52.31 37.61
CA LEU EA 48 -2.55 -52.23 39.05
C LEU EA 48 -1.88 -53.48 39.59
N ASN EA 49 -2.19 -54.64 39.01
CA ASN EA 49 -1.60 -55.91 39.45
C ASN EA 49 -0.73 -56.57 38.41
N ASN EA 50 -1.03 -56.41 37.13
CA ASN EA 50 -0.41 -57.20 36.07
C ASN EA 50 -0.49 -56.41 34.77
N LEU EA 51 -0.21 -57.09 33.66
CA LEU EA 51 -0.34 -56.47 32.36
C LEU EA 51 -1.81 -56.27 32.00
N GLU EA 52 -2.10 -55.12 31.37
CA GLU EA 52 -3.44 -54.79 30.91
C GLU EA 52 -3.41 -54.65 29.40
N LEU EA 53 -4.35 -55.30 28.73
CA LEU EA 53 -4.40 -55.32 27.27
C LEU EA 53 -5.27 -54.16 26.80
N LYS EA 54 -4.67 -53.24 26.06
CA LYS EA 54 -5.35 -52.07 25.52
C LYS EA 54 -5.42 -52.18 24.01
N LYS EA 55 -6.62 -52.03 23.46
CA LYS EA 55 -6.84 -52.17 22.02
C LYS EA 55 -6.96 -50.78 21.39
N LEU EA 56 -6.15 -50.53 20.36
CA LEU EA 56 -6.15 -49.26 19.64
C LEU EA 56 -6.87 -49.45 18.32
N LYS EA 57 -8.13 -49.00 18.27
CA LYS EA 57 -8.95 -49.09 17.07
C LYS EA 57 -9.32 -47.67 16.67
N ILE EA 58 -8.93 -47.28 15.45
CA ILE EA 58 -9.00 -45.89 15.02
C ILE EA 58 -10.20 -45.66 14.10
N PHE EA 59 -10.30 -46.41 13.01
CA PHE EA 59 -11.38 -46.22 12.06
C PHE EA 59 -11.99 -47.55 11.66
N TYR EA 60 -13.26 -47.50 11.25
CA TYR EA 60 -13.96 -48.67 10.77
C TYR EA 60 -13.57 -48.98 9.33
N LYS EA 61 -13.83 -50.22 8.92
CA LYS EA 61 -13.52 -50.68 7.57
C LYS EA 61 -14.74 -51.05 6.76
N ASN EA 62 -15.95 -50.90 7.31
CA ASN EA 62 -17.17 -51.29 6.64
C ASN EA 62 -17.93 -50.11 6.06
N THR EA 63 -17.25 -49.00 5.80
CA THR EA 63 -17.91 -47.82 5.25
C THR EA 63 -18.40 -48.10 3.83
N TYR EA 64 -19.62 -47.65 3.54
CA TYR EA 64 -20.18 -47.77 2.20
C TYR EA 64 -20.06 -46.42 1.47
N PHE EA 65 -20.39 -46.45 0.18
CA PHE EA 65 -20.16 -45.28 -0.66
C PHE EA 65 -21.04 -44.11 -0.27
N ASP EA 66 -22.25 -44.35 0.23
CA ASP EA 66 -23.15 -43.26 0.54
C ASP EA 66 -22.56 -42.35 1.61
N TYR EA 67 -21.89 -42.93 2.61
CA TYR EA 67 -21.23 -42.12 3.62
C TYR EA 67 -20.15 -41.24 3.01
N ILE EA 68 -19.36 -41.80 2.09
CA ILE EA 68 -18.30 -41.04 1.44
C ILE EA 68 -18.89 -39.90 0.62
N TYR EA 69 -19.97 -40.17 -0.11
CA TYR EA 69 -20.60 -39.15 -0.94
C TYR EA 69 -21.20 -38.04 -0.09
N LEU EA 70 -21.89 -38.39 0.99
CA LEU EA 70 -22.50 -37.36 1.84
C LEU EA 70 -21.44 -36.54 2.58
N LYS EA 71 -20.32 -37.16 2.95
CA LYS EA 71 -19.25 -36.43 3.61
C LYS EA 71 -18.41 -35.61 2.65
N SER EA 72 -18.65 -35.72 1.34
CA SER EA 72 -17.88 -34.99 0.34
C SER EA 72 -18.62 -33.79 -0.22
N ILE EA 73 -19.91 -33.66 0.04
CA ILE EA 73 -20.69 -32.55 -0.53
C ILE EA 73 -20.12 -31.19 -0.16
N PRO EA 74 -19.78 -30.89 1.10
CA PRO EA 74 -19.18 -29.58 1.39
C PRO EA 74 -17.89 -29.34 0.64
N CYS EA 75 -17.05 -30.36 0.48
CA CYS EA 75 -15.80 -30.18 -0.27
C CYS EA 75 -16.07 -29.86 -1.73
N LEU EA 76 -17.01 -30.55 -2.35
CA LEU EA 76 -17.34 -30.28 -3.74
C LEU EA 76 -17.91 -28.87 -3.91
N PHE EA 77 -18.79 -28.45 -2.99
CA PHE EA 77 -19.34 -27.11 -3.09
C PHE EA 77 -18.27 -26.05 -2.85
N LEU EA 78 -17.31 -26.32 -1.96
CA LEU EA 78 -16.20 -25.40 -1.78
C LEU EA 78 -15.36 -25.30 -3.05
N ILE EA 79 -15.13 -26.43 -3.73
CA ILE EA 79 -14.37 -26.39 -4.99
C ILE EA 79 -15.12 -25.56 -6.03
N ILE EA 80 -16.44 -25.78 -6.15
CA ILE EA 80 -17.23 -25.02 -7.11
C ILE EA 80 -17.16 -23.53 -6.79
N PHE EA 81 -17.33 -23.19 -5.51
CA PHE EA 81 -17.32 -21.78 -5.11
C PHE EA 81 -15.96 -21.14 -5.38
N PHE EA 82 -14.87 -21.84 -5.06
CA PHE EA 82 -13.55 -21.28 -5.29
C PHE EA 82 -13.27 -21.11 -6.78
N THR EA 83 -13.66 -22.08 -7.61
CA THR EA 83 -13.43 -21.94 -9.04
C THR EA 83 -14.24 -20.79 -9.64
N ASN EA 84 -15.51 -20.65 -9.22
CA ASN EA 84 -16.31 -19.53 -9.73
C ASN EA 84 -15.78 -18.19 -9.22
N LEU EA 85 -15.28 -18.16 -7.98
CA LEU EA 85 -14.68 -16.94 -7.45
C LEU EA 85 -13.42 -16.57 -8.23
N TYR EA 86 -12.60 -17.57 -8.58
CA TYR EA 86 -11.43 -17.30 -9.40
C TYR EA 86 -11.83 -16.77 -10.77
N LEU EA 87 -12.88 -17.35 -11.36
CA LEU EA 87 -13.34 -16.88 -12.66
C LEU EA 87 -13.82 -15.43 -12.59
N PHE EA 88 -14.57 -15.09 -11.55
CA PHE EA 88 -15.10 -13.73 -11.44
C PHE EA 88 -14.02 -12.73 -11.03
N LEU EA 89 -12.98 -13.19 -10.34
CA LEU EA 89 -11.94 -12.30 -9.83
C LEU EA 89 -10.55 -12.83 -10.17
N HIS FA 87 -74.38 -29.88 -29.09
CA HIS FA 87 -73.91 -30.09 -27.73
C HIS FA 87 -72.60 -30.85 -27.69
N LEU FA 88 -72.33 -31.49 -26.55
CA LEU FA 88 -71.10 -32.23 -26.25
C LEU FA 88 -69.88 -31.33 -26.17
N TYR FA 89 -70.03 -30.03 -26.39
CA TYR FA 89 -68.95 -29.06 -26.24
C TYR FA 89 -69.28 -28.01 -25.19
N THR FA 90 -70.46 -27.39 -25.28
CA THR FA 90 -70.89 -26.46 -24.25
C THR FA 90 -71.13 -27.18 -22.93
N THR FA 91 -71.67 -28.40 -22.98
CA THR FA 91 -71.87 -29.17 -21.76
C THR FA 91 -70.53 -29.49 -21.09
N GLU FA 92 -69.54 -29.89 -21.88
CA GLU FA 92 -68.22 -30.17 -21.31
C GLU FA 92 -67.55 -28.91 -20.79
N LEU FA 93 -67.77 -27.76 -21.46
CA LEU FA 93 -67.26 -26.51 -20.92
C LEU FA 93 -67.91 -26.18 -19.59
N LEU FA 94 -69.22 -26.40 -19.46
CA LEU FA 94 -69.90 -26.16 -18.19
C LEU FA 94 -69.38 -27.10 -17.11
N ILE FA 95 -69.15 -28.37 -17.45
CA ILE FA 95 -68.60 -29.33 -16.49
C ILE FA 95 -67.24 -28.87 -16.02
N GLU FA 96 -66.38 -28.44 -16.96
CA GLU FA 96 -65.07 -27.96 -16.60
C GLU FA 96 -65.15 -26.71 -15.73
N LEU FA 97 -66.09 -25.82 -16.01
CA LEU FA 97 -66.24 -24.61 -15.19
C LEU FA 97 -66.70 -24.94 -13.78
N ILE FA 98 -67.62 -25.89 -13.62
CA ILE FA 98 -68.08 -26.26 -12.28
C ILE FA 98 -66.93 -26.92 -11.51
N LEU FA 99 -66.21 -27.84 -12.15
CA LEU FA 99 -65.05 -28.43 -11.50
C LEU FA 99 -64.01 -27.37 -11.16
N PHE FA 100 -63.88 -26.35 -12.02
CA PHE FA 100 -62.93 -25.27 -11.77
C PHE FA 100 -63.34 -24.46 -10.56
N LYS FA 101 -64.64 -24.20 -10.40
CA LYS FA 101 -65.10 -23.50 -9.21
C LYS FA 101 -64.81 -24.30 -7.94
N TYR FA 102 -65.08 -25.61 -7.99
CA TYR FA 102 -64.76 -26.43 -6.81
C TYR FA 102 -63.27 -26.45 -6.53
N LYS FA 103 -62.44 -26.53 -7.58
CA LYS FA 103 -61.00 -26.56 -7.39
C LYS FA 103 -60.48 -25.22 -6.88
N LEU FA 104 -61.10 -24.12 -7.28
CA LEU FA 104 -60.75 -22.82 -6.70
C LEU FA 104 -61.08 -22.79 -5.22
N ILE FA 105 -62.24 -23.34 -4.84
CA ILE FA 105 -62.59 -23.40 -3.43
C ILE FA 105 -61.56 -24.25 -2.67
N ILE FA 106 -61.11 -25.35 -3.27
CA ILE FA 106 -60.09 -26.18 -2.65
C ILE FA 106 -58.79 -25.40 -2.48
N LEU FA 107 -58.36 -24.71 -3.54
CA LEU FA 107 -57.09 -24.01 -3.52
C LEU FA 107 -57.10 -22.83 -2.56
N LYS FA 108 -58.27 -22.24 -2.31
CA LYS FA 108 -58.34 -21.12 -1.38
C LYS FA 108 -57.98 -21.54 0.04
N PHE FA 109 -58.36 -22.76 0.43
CA PHE FA 109 -58.13 -23.26 1.78
C PHE FA 109 -57.07 -24.35 1.82
N SER FA 110 -56.04 -24.24 0.98
CA SER FA 110 -55.00 -25.24 0.91
C SER FA 110 -53.74 -24.61 0.35
N SER FA 111 -52.64 -25.35 0.47
CA SER FA 111 -51.34 -24.90 0.00
C SER FA 111 -50.97 -25.60 -1.30
N ILE FA 112 -49.94 -25.08 -1.97
CA ILE FA 112 -49.47 -25.67 -3.21
C ILE FA 112 -48.81 -27.01 -2.93
N LYS FA 113 -48.03 -27.10 -1.85
CA LYS FA 113 -47.31 -28.33 -1.54
C LYS FA 113 -48.28 -29.49 -1.30
N TYR FA 114 -49.36 -29.25 -0.56
CA TYR FA 114 -50.33 -30.29 -0.29
C TYR FA 114 -50.99 -30.79 -1.57
N ILE FA 115 -51.36 -29.86 -2.46
CA ILE FA 115 -51.98 -30.25 -3.72
C ILE FA 115 -51.00 -31.05 -4.57
N LEU FA 116 -49.75 -30.62 -4.63
CA LEU FA 116 -48.75 -31.35 -5.41
C LEU FA 116 -48.56 -32.76 -4.85
N ASN FA 117 -48.47 -32.89 -3.52
CA ASN FA 117 -48.31 -34.21 -2.92
C ASN FA 117 -49.50 -35.10 -3.21
N PHE FA 118 -50.72 -34.56 -3.08
CA PHE FA 118 -51.90 -35.37 -3.34
C PHE FA 118 -51.96 -35.81 -4.79
N ASN FA 119 -51.65 -34.91 -5.72
CA ASN FA 119 -51.71 -35.28 -7.14
C ASN FA 119 -50.62 -36.28 -7.49
N VAL FA 120 -49.43 -36.15 -6.92
CA VAL FA 120 -48.37 -37.13 -7.18
C VAL FA 120 -48.76 -38.50 -6.64
N ARG FA 121 -49.33 -38.55 -5.44
CA ARG FA 121 -49.77 -39.83 -4.89
C ARG FA 121 -50.88 -40.43 -5.74
N LYS FA 122 -51.82 -39.61 -6.21
CA LYS FA 122 -52.90 -40.11 -7.05
C LYS FA 122 -52.36 -40.65 -8.38
N PHE FA 123 -51.38 -39.97 -8.97
CA PHE FA 123 -50.79 -40.45 -10.21
C PHE FA 123 -50.04 -41.76 -10.00
N ILE FA 124 -49.33 -41.88 -8.87
CA ILE FA 124 -48.64 -43.13 -8.57
C ILE FA 124 -49.66 -44.27 -8.41
N LEU FA 125 -50.77 -43.99 -7.72
CA LEU FA 125 -51.82 -45.00 -7.58
C LEU FA 125 -52.39 -45.37 -8.94
N PHE FA 126 -52.58 -44.40 -9.82
CA PHE FA 126 -53.12 -44.70 -11.16
C PHE FA 126 -52.16 -45.58 -11.95
N ASN FA 127 -50.86 -45.27 -11.89
CA ASN FA 127 -49.88 -46.11 -12.60
C ASN FA 127 -49.85 -47.51 -12.04
N LEU FA 128 -49.91 -47.66 -10.71
CA LEU FA 128 -49.96 -48.99 -10.12
C LEU FA 128 -51.23 -49.72 -10.55
N PHE FA 129 -52.35 -49.00 -10.64
CA PHE FA 129 -53.59 -49.60 -11.10
C PHE FA 129 -53.46 -50.12 -12.53
N LEU FA 130 -52.84 -49.34 -13.41
CA LEU FA 130 -52.64 -49.79 -14.79
C LEU FA 130 -51.75 -51.02 -14.84
N ILE FA 131 -50.65 -51.01 -14.07
CA ILE FA 131 -49.73 -52.14 -14.08
C ILE FA 131 -50.42 -53.40 -13.58
N ASN FA 132 -51.22 -53.27 -12.52
CA ASN FA 132 -51.99 -54.41 -12.04
C ASN FA 132 -53.00 -54.88 -13.08
N ASN FA 133 -53.62 -53.93 -13.79
CA ASN FA 133 -54.63 -54.28 -14.78
C ASN FA 133 -54.02 -55.10 -15.91
N TYR FA 134 -52.79 -54.79 -16.30
CA TYR FA 134 -52.12 -55.53 -17.37
C TYR FA 134 -51.16 -56.58 -16.84
N LYS FA 135 -51.50 -57.23 -15.73
CA LYS FA 135 -50.67 -58.29 -15.18
C LYS FA 135 -51.03 -59.67 -15.73
N ALA FA 136 -52.31 -59.92 -15.99
CA ALA FA 136 -52.77 -61.22 -16.45
C ALA FA 136 -52.69 -61.39 -17.96
N TYR FA 137 -52.24 -60.38 -18.68
CA TYR FA 137 -52.14 -60.49 -20.13
C TYR FA 137 -50.97 -61.38 -20.53
N LYS FA 138 -51.21 -62.24 -21.52
CA LYS FA 138 -50.21 -63.23 -21.91
C LYS FA 138 -48.99 -62.56 -22.55
N ILE FA 139 -49.19 -61.48 -23.30
CA ILE FA 139 -48.06 -60.82 -23.96
C ILE FA 139 -47.17 -60.14 -22.93
N ASN FA 140 -47.78 -59.42 -21.98
CA ASN FA 140 -46.99 -58.79 -20.91
C ASN FA 140 -46.30 -59.83 -20.05
N THR FA 141 -46.99 -60.92 -19.75
CA THR FA 141 -46.35 -61.99 -18.98
C THR FA 141 -45.23 -62.65 -19.77
N PHE FA 142 -45.36 -62.76 -21.08
CA PHE FA 142 -44.27 -63.29 -21.90
C PHE FA 142 -43.05 -62.37 -21.88
N PHE FA 143 -43.28 -61.06 -21.95
CA PHE FA 143 -42.15 -60.13 -21.83
C PHE FA 143 -41.49 -60.25 -20.47
N LEU FA 144 -42.27 -60.33 -19.41
CA LEU FA 144 -41.71 -60.48 -18.07
C LEU FA 144 -40.96 -61.81 -17.94
N TYR FA 145 -41.49 -62.87 -18.55
CA TYR FA 145 -40.83 -64.16 -18.51
C TYR FA 145 -39.50 -64.14 -19.24
N ILE FA 146 -39.44 -63.47 -20.39
CA ILE FA 146 -38.17 -63.31 -21.09
C ILE FA 146 -37.19 -62.53 -20.25
N TYR FA 147 -37.66 -61.46 -19.60
CA TYR FA 147 -36.80 -60.67 -18.72
C TYR FA 147 -36.24 -61.53 -17.58
N ILE FA 148 -37.10 -62.31 -16.95
CA ILE FA 148 -36.67 -63.17 -15.85
C ILE FA 148 -35.67 -64.21 -16.34
N TYR FA 149 -35.95 -64.84 -17.48
CA TYR FA 149 -35.06 -65.86 -18.01
C TYR FA 149 -33.69 -65.28 -18.34
N LEU FA 150 -33.66 -64.08 -18.92
CA LEU FA 150 -32.38 -63.43 -19.19
C LEU FA 150 -31.67 -63.04 -17.91
N ASN FA 151 -32.42 -62.74 -16.85
CA ASN FA 151 -31.81 -62.37 -15.58
C ASN FA 151 -31.03 -63.54 -14.97
N ASN FA 152 -31.66 -64.70 -14.89
CA ASN FA 152 -31.04 -65.87 -14.26
C ASN FA 152 -30.23 -66.71 -15.23
N LEU FA 153 -30.05 -66.24 -16.47
CA LEU FA 153 -29.30 -67.02 -17.45
C LEU FA 153 -27.83 -67.16 -17.06
N ASN FA 154 -27.23 -66.10 -16.54
CA ASN FA 154 -25.79 -66.06 -16.27
C ASN FA 154 -25.58 -66.11 -14.76
N ILE FA 155 -25.44 -67.33 -14.24
CA ILE FA 155 -25.09 -67.57 -12.85
C ILE FA 155 -23.62 -67.98 -12.82
N ILE FA 156 -22.82 -67.26 -12.04
CA ILE FA 156 -21.36 -67.37 -12.07
C ILE FA 156 -20.89 -67.95 -10.75
N TRP FA 157 -19.91 -68.85 -10.82
CA TRP FA 157 -19.32 -69.47 -9.64
C TRP FA 157 -17.95 -68.85 -9.37
N TYR FA 158 -17.72 -68.45 -8.12
CA TYR FA 158 -16.45 -67.86 -7.70
C TYR FA 158 -15.73 -68.82 -6.78
N PRO FA 159 -14.76 -69.58 -7.26
CA PRO FA 159 -14.05 -70.52 -6.40
C PRO FA 159 -12.98 -69.82 -5.56
N ILE FA 160 -12.46 -70.58 -4.60
CA ILE FA 160 -11.33 -70.16 -3.78
C ILE FA 160 -10.09 -70.83 -4.34
N PHE FA 161 -9.17 -70.05 -4.89
CA PHE FA 161 -8.01 -70.58 -5.58
C PHE FA 161 -6.74 -70.54 -4.75
N LYS FA 162 -6.84 -70.28 -3.45
CA LYS FA 162 -5.70 -70.39 -2.58
C LYS FA 162 -5.61 -71.81 -2.02
N ALA FA 163 -4.38 -72.21 -1.63
CA ALA FA 163 -4.15 -73.55 -1.13
C ALA FA 163 -4.89 -73.81 0.18
N TYR FA 164 -5.25 -72.76 0.92
CA TYR FA 164 -6.04 -72.96 2.13
C TYR FA 164 -7.41 -73.55 1.82
N SER FA 165 -8.01 -73.11 0.71
CA SER FA 165 -9.30 -73.59 0.24
C SER FA 165 -10.42 -73.28 1.23
N ILE FA 166 -11.37 -74.21 1.38
CA ILE FA 166 -12.58 -73.92 2.13
C ILE FA 166 -12.30 -73.81 3.62
N PHE FA 167 -11.44 -74.69 4.15
CA PHE FA 167 -11.23 -74.71 5.59
C PHE FA 167 -10.47 -73.48 6.07
N GLY FA 168 -9.46 -73.03 5.31
CA GLY FA 168 -8.75 -71.83 5.68
C GLY FA 168 -9.64 -70.60 5.68
N TYR FA 169 -10.48 -70.47 4.64
CA TYR FA 169 -11.44 -69.38 4.60
C TYR FA 169 -12.42 -69.46 5.76
N TYR FA 170 -12.88 -70.67 6.08
CA TYR FA 170 -13.80 -70.85 7.19
C TYR FA 170 -13.18 -70.41 8.50
N LYS FA 171 -11.92 -70.79 8.74
CA LYS FA 171 -11.24 -70.35 9.94
C LYS FA 171 -10.95 -68.85 9.94
N SER FA 172 -10.90 -68.23 8.75
CA SER FA 172 -10.72 -66.78 8.70
C SER FA 172 -11.96 -66.02 9.12
N THR FA 173 -13.12 -66.68 9.16
CA THR FA 173 -14.40 -66.03 9.43
C THR FA 173 -14.93 -66.35 10.82
N ARG FA 174 -14.04 -66.57 11.78
CA ARG FA 174 -14.42 -67.01 13.12
C ARG FA 174 -14.20 -65.95 14.19
N LEU FA 175 -13.81 -64.73 13.81
CA LEU FA 175 -13.38 -63.75 14.81
C LEU FA 175 -14.52 -63.35 15.74
N ASN FA 176 -15.72 -63.13 15.20
CA ASN FA 176 -16.83 -62.64 16.01
C ASN FA 176 -17.36 -63.69 16.98
N PHE FA 177 -17.00 -64.96 16.81
CA PHE FA 177 -17.59 -66.03 17.60
C PHE FA 177 -16.57 -66.80 18.42
N ILE FA 178 -15.30 -66.41 18.42
CA ILE FA 178 -14.30 -67.13 19.19
C ILE FA 178 -14.50 -66.92 20.68
N ASP FA 179 -14.84 -65.70 21.09
CA ASP FA 179 -14.96 -65.39 22.51
C ASP FA 179 -16.17 -66.07 23.16
N THR FA 180 -17.10 -66.59 22.38
CA THR FA 180 -18.28 -67.27 22.93
C THR FA 180 -18.09 -68.78 22.98
N LYS FA 181 -16.85 -69.25 23.16
CA LYS FA 181 -16.55 -70.67 23.11
C LYS FA 181 -15.89 -71.11 24.40
N ASN FA 182 -16.13 -72.39 24.75
CA ASN FA 182 -15.76 -72.89 26.07
C ASN FA 182 -14.26 -72.84 26.30
N GLU FA 183 -13.45 -73.03 25.26
CA GLU FA 183 -12.00 -72.99 25.45
C GLU FA 183 -11.49 -71.59 25.75
N ASN FA 184 -12.32 -70.56 25.56
CA ASN FA 184 -11.95 -69.19 25.86
C ASN FA 184 -12.53 -68.69 27.18
N ILE FA 185 -13.23 -69.55 27.93
CA ILE FA 185 -13.74 -69.18 29.24
C ILE FA 185 -12.58 -69.07 30.23
N LYS FA 186 -12.61 -68.03 31.05
CA LYS FA 186 -11.65 -67.89 32.14
C LYS FA 186 -11.76 -69.10 33.07
N ARG FA 187 -10.68 -69.89 33.14
CA ARG FA 187 -10.68 -71.11 33.93
C ARG FA 187 -9.25 -71.32 34.44
N ILE FA 188 -8.99 -70.88 35.66
CA ILE FA 188 -7.64 -70.92 36.22
C ILE FA 188 -7.35 -72.32 36.74
N LYS FA 189 -6.13 -72.81 36.50
CA LYS FA 189 -5.74 -74.13 36.97
C LYS FA 189 -5.72 -74.19 38.49
N TYR FA 190 -5.16 -73.19 39.14
CA TYR FA 190 -5.04 -73.18 40.59
C TYR FA 190 -6.19 -72.40 41.22
N ASP GA 33 -7.36 -54.12 57.70
CA ASP GA 33 -8.64 -54.73 58.02
C ASP GA 33 -8.53 -56.25 57.95
N GLU GA 34 -9.25 -56.93 58.85
CA GLU GA 34 -9.14 -58.39 58.94
C GLU GA 34 -9.69 -59.08 57.69
N ALA GA 35 -10.79 -58.57 57.14
CA ALA GA 35 -11.33 -59.18 55.92
C ALA GA 35 -10.37 -59.03 54.76
N TYR GA 36 -9.78 -57.84 54.59
CA TYR GA 36 -8.81 -57.66 53.53
C TYR GA 36 -7.59 -58.54 53.75
N LEU GA 37 -7.15 -58.68 55.00
CA LEU GA 37 -6.04 -59.58 55.28
C LEU GA 37 -6.37 -61.00 54.89
N ASN GA 38 -7.58 -61.46 55.20
CA ASN GA 38 -7.99 -62.80 54.83
C ASN GA 38 -7.97 -62.99 53.32
N GLU GA 39 -8.52 -62.02 52.58
CA GLU GA 39 -8.55 -62.13 51.12
C GLU GA 39 -7.14 -62.17 50.54
N VAL GA 40 -6.30 -61.22 50.96
CA VAL GA 40 -4.96 -61.13 50.39
C VAL GA 40 -4.13 -62.36 50.76
N ARG GA 41 -4.33 -62.91 51.96
CA ARG GA 41 -3.65 -64.15 52.30
C ARG GA 41 -4.15 -65.30 51.46
N GLN GA 42 -5.45 -65.33 51.15
CA GLN GA 42 -5.97 -66.35 50.26
C GLN GA 42 -5.43 -66.21 48.84
N ARG GA 43 -4.93 -65.03 48.48
CA ARG GA 43 -4.34 -64.88 47.14
C ARG GA 43 -3.11 -65.77 46.96
N TYR GA 44 -2.37 -66.04 48.03
CA TYR GA 44 -1.15 -66.85 47.96
C TYR GA 44 -1.40 -68.18 48.63
N VAL GA 45 -1.94 -69.13 47.86
CA VAL GA 45 -2.18 -70.50 48.33
C VAL GA 45 -1.57 -71.44 47.30
N THR GA 46 -0.65 -72.27 47.74
CA THR GA 46 0.01 -73.21 46.83
C THR GA 46 -0.91 -74.40 46.57
N PRO GA 47 -1.24 -74.70 45.33
CA PRO GA 47 -2.10 -75.85 45.06
C PRO GA 47 -1.39 -77.16 45.35
N ASP GA 48 -2.18 -78.16 45.75
CA ASP GA 48 -1.65 -79.51 45.97
C ASP GA 48 -1.44 -80.16 44.61
N MET GA 49 -0.32 -79.79 43.98
CA MET GA 49 -0.04 -80.23 42.61
C MET GA 49 0.34 -81.69 42.52
N GLU GA 50 0.59 -82.37 43.65
CA GLU GA 50 0.99 -83.77 43.58
C GLU GA 50 -0.17 -84.68 43.21
N LYS GA 51 -1.39 -84.17 43.18
CA LYS GA 51 -2.54 -84.93 42.71
C LYS GA 51 -2.81 -84.72 41.23
N TRP GA 52 -2.04 -83.87 40.57
CA TRP GA 52 -2.18 -83.62 39.14
C TRP GA 52 -1.20 -84.41 38.30
N ALA GA 53 -0.17 -84.98 38.89
CA ALA GA 53 0.97 -85.50 38.16
C ALA GA 53 1.30 -86.91 38.59
N TYR GA 54 1.85 -87.67 37.65
CA TYR GA 54 2.47 -88.97 37.93
C TYR GA 54 3.92 -88.72 38.31
N LEU GA 55 4.24 -88.87 39.59
CA LEU GA 55 5.60 -88.66 40.09
C LEU GA 55 6.36 -89.95 40.25
N ASP GA 56 6.13 -90.91 39.35
CA ASP GA 56 6.77 -92.22 39.41
C ASP GA 56 8.07 -92.17 38.61
N TYR GA 57 9.19 -92.42 39.27
CA TYR GA 57 10.48 -92.39 38.61
C TYR GA 57 10.59 -93.53 37.61
N LYS GA 58 11.24 -93.24 36.47
CA LYS GA 58 11.39 -94.21 35.40
C LYS GA 58 12.71 -94.97 35.60
N LYS GA 59 12.61 -96.29 35.71
CA LYS GA 59 13.79 -97.12 35.92
C LYS GA 59 14.60 -97.23 34.64
N HIS GA 60 15.93 -97.27 34.79
CA HIS GA 60 16.79 -97.47 33.64
C HIS GA 60 16.58 -98.87 33.07
N PRO GA 61 16.66 -99.05 31.75
CA PRO GA 61 16.43 -100.38 31.17
C PRO GA 61 17.46 -101.41 31.59
N SER GA 62 18.62 -100.99 32.13
CA SER GA 62 19.63 -101.95 32.56
C SER GA 62 19.16 -102.83 33.69
N THR GA 63 18.07 -102.44 34.37
CA THR GA 63 17.52 -103.28 35.43
C THR GA 63 16.74 -104.44 34.86
N THR GA 64 15.71 -104.15 34.05
CA THR GA 64 14.84 -105.21 33.55
C THR GA 64 15.52 -106.01 32.44
N LEU GA 65 16.22 -105.34 31.53
CA LEU GA 65 16.79 -106.00 30.36
C LEU GA 65 18.28 -106.26 30.61
N SER GA 66 18.70 -107.50 30.39
CA SER GA 66 20.08 -107.89 30.68
C SER GA 66 21.07 -107.41 29.64
N HIS GA 67 20.62 -107.06 28.44
CA HIS GA 67 21.55 -106.61 27.41
C HIS GA 67 21.91 -105.14 27.53
N TYR GA 68 21.26 -104.41 28.43
CA TYR GA 68 21.72 -103.08 28.81
C TYR GA 68 22.63 -103.10 30.03
N ASP GA 69 22.60 -104.18 30.80
CA ASP GA 69 23.39 -104.28 32.02
C ASP GA 69 24.85 -104.50 31.67
N HIS GA 70 25.72 -103.57 32.10
CA HIS GA 70 27.11 -103.58 31.69
C HIS GA 70 27.91 -104.74 32.28
N LYS GA 71 27.36 -105.45 33.25
CA LYS GA 71 28.05 -106.55 33.92
C LYS GA 71 27.14 -107.77 34.04
N SER GA 72 26.48 -108.13 32.94
CA SER GA 72 25.55 -109.25 32.94
C SER GA 72 25.88 -110.33 31.92
N LYS GA 73 26.96 -110.17 31.16
CA LYS GA 73 27.48 -111.15 30.20
C LYS GA 73 26.56 -111.28 28.99
N ASP GA 74 25.39 -110.66 29.05
CA ASP GA 74 24.52 -110.50 27.90
C ASP GA 74 24.60 -109.09 27.32
N TYR GA 75 25.54 -108.29 27.80
CA TYR GA 75 25.64 -106.89 27.41
C TYR GA 75 26.02 -106.77 25.94
N VAL GA 76 25.26 -105.95 25.21
CA VAL GA 76 25.58 -105.58 23.84
C VAL GA 76 26.03 -104.14 23.86
N GLU GA 77 27.32 -103.91 23.57
CA GLU GA 77 27.91 -102.57 23.70
C GLU GA 77 27.50 -101.74 22.49
N SER GA 78 26.27 -101.23 22.53
CA SER GA 78 25.76 -100.32 21.52
C SER GA 78 25.75 -98.92 22.09
N GLU GA 79 26.65 -98.06 21.60
CA GLU GA 79 26.80 -96.73 22.17
C GLU GA 79 25.53 -95.90 21.99
N ARG GA 80 24.93 -95.95 20.81
CA ARG GA 80 23.78 -95.10 20.53
C ARG GA 80 22.55 -95.54 21.34
N ASP GA 81 22.32 -96.85 21.43
CA ASP GA 81 21.19 -97.34 22.21
C ASP GA 81 21.37 -97.05 23.70
N ASP GA 82 22.58 -97.23 24.22
CA ASP GA 82 22.85 -96.89 25.61
C ASP GA 82 22.63 -95.40 25.85
N TYR GA 83 23.08 -94.56 24.91
CA TYR GA 83 22.86 -93.12 25.06
C TYR GA 83 21.37 -92.78 25.06
N ASN GA 84 20.60 -93.41 24.17
CA ASN GA 84 19.17 -93.14 24.13
C ASN GA 84 18.48 -93.52 25.43
N ALA GA 85 18.81 -94.71 25.96
CA ALA GA 85 18.22 -95.14 27.23
C ALA GA 85 18.59 -94.18 28.34
N ASP GA 86 19.87 -93.81 28.41
CA ASP GA 86 20.33 -92.90 29.46
C ASP GA 86 19.61 -91.57 29.37
N VAL GA 87 19.51 -91.01 28.17
CA VAL GA 87 18.93 -89.67 28.04
C VAL GA 87 17.45 -89.69 28.36
N ALA GA 88 16.73 -90.73 27.94
CA ALA GA 88 15.30 -90.81 28.26
C ALA GA 88 15.08 -90.89 29.76
N THR GA 89 15.78 -91.84 30.42
CA THR GA 89 15.59 -92.01 31.86
C THR GA 89 15.99 -90.75 32.62
N ASN GA 90 17.14 -90.17 32.26
CA ASN GA 90 17.62 -88.98 32.96
C ASN GA 90 16.67 -87.81 32.77
N SER GA 91 16.14 -87.62 31.57
CA SER GA 91 15.22 -86.51 31.33
C SER GA 91 13.96 -86.67 32.15
N HIS GA 92 13.39 -87.88 32.19
CA HIS GA 92 12.16 -88.08 32.96
C HIS GA 92 12.40 -87.83 34.44
N ASN GA 93 13.45 -88.43 34.99
CA ASN GA 93 13.71 -88.28 36.42
C ASN GA 93 14.08 -86.84 36.76
N LYS GA 94 14.79 -86.15 35.87
CA LYS GA 94 15.12 -84.75 36.10
C LYS GA 94 13.87 -83.89 36.14
N LEU GA 95 12.91 -84.16 35.24
CA LEU GA 95 11.66 -83.42 35.29
C LEU GA 95 10.91 -83.67 36.60
N ILE GA 96 10.91 -84.92 37.07
CA ILE GA 96 10.22 -85.22 38.32
C ILE GA 96 10.88 -84.48 39.49
N ASP GA 97 12.22 -84.52 39.55
CA ASP GA 97 12.93 -83.85 40.64
C ASP GA 97 12.73 -82.34 40.59
N ASP GA 98 12.76 -81.76 39.37
CA ASP GA 98 12.50 -80.33 39.24
C ASP GA 98 11.09 -79.99 39.69
N PHE GA 99 10.11 -80.83 39.35
CA PHE GA 99 8.74 -80.60 39.81
C PHE GA 99 8.68 -80.54 41.33
N LYS GA 100 9.28 -81.53 41.99
CA LYS GA 100 9.24 -81.57 43.46
C LYS GA 100 9.92 -80.35 44.07
N ARG GA 101 11.14 -80.05 43.60
CA ARG GA 101 11.90 -78.94 44.19
C ARG GA 101 11.20 -77.60 43.93
N ASN GA 102 10.64 -77.43 42.74
CA ASN GA 102 9.93 -76.20 42.44
C ASN GA 102 8.67 -76.06 43.29
N LEU GA 103 7.97 -77.17 43.55
CA LEU GA 103 6.81 -77.10 44.43
C LEU GA 103 7.22 -76.69 45.84
N GLN GA 104 8.31 -77.24 46.35
CA GLN GA 104 8.78 -76.83 47.67
C GLN GA 104 9.17 -75.35 47.71
N MET GA 105 9.87 -74.88 46.67
CA MET GA 105 10.26 -73.48 46.61
C MET GA 105 9.04 -72.58 46.53
N GLN GA 106 8.02 -72.98 45.77
CA GLN GA 106 6.80 -72.20 45.68
C GLN GA 106 6.07 -72.14 47.01
N ARG GA 107 6.03 -73.26 47.74
CA ARG GA 107 5.43 -73.23 49.07
C ARG GA 107 6.18 -72.27 49.98
N LYS GA 108 7.51 -72.29 49.91
CA LYS GA 108 8.31 -71.36 50.73
C LYS GA 108 7.99 -69.91 50.38
N VAL GA 109 7.93 -69.60 49.09
CA VAL GA 109 7.70 -68.22 48.66
C VAL GA 109 6.30 -67.75 49.05
N HIS GA 110 5.30 -68.62 48.88
CA HIS GA 110 3.94 -68.25 49.26
C HIS GA 110 3.82 -68.07 50.76
N ASP GA 111 4.50 -68.89 51.56
CA ASP GA 111 4.51 -68.70 53.00
C ASP GA 111 5.17 -67.36 53.36
N ILE GA 112 6.24 -67.00 52.65
CA ILE GA 112 6.86 -65.70 52.87
C ILE GA 112 5.88 -64.58 52.56
N LEU GA 113 5.16 -64.68 51.44
CA LEU GA 113 4.27 -63.61 51.02
C LEU GA 113 3.03 -63.49 51.91
N GLN GA 114 2.55 -64.61 52.46
CA GLN GA 114 1.36 -64.55 53.29
C GLN GA 114 1.60 -63.80 54.59
N LYS GA 115 2.76 -64.03 55.23
CA LYS GA 115 3.02 -63.50 56.56
C LYS GA 115 3.79 -62.19 56.54
N MET GA 116 4.10 -61.64 55.37
CA MET GA 116 4.88 -60.41 55.32
C MET GA 116 4.07 -59.24 55.84
N ASP GA 117 4.76 -58.30 56.48
CA ASP GA 117 4.11 -57.10 56.97
C ASP GA 117 3.67 -56.23 55.80
N ARG GA 118 2.52 -55.57 55.94
CA ARG GA 118 1.94 -54.74 54.89
C ARG GA 118 1.79 -53.33 55.43
N PRO GA 119 2.83 -52.50 55.29
CA PRO GA 119 2.76 -51.13 55.84
C PRO GA 119 1.73 -50.25 55.15
N TYR GA 120 1.25 -50.62 53.96
CA TYR GA 120 0.25 -49.79 53.29
C TYR GA 120 -1.11 -49.87 53.94
N LEU GA 121 -1.33 -50.84 54.82
CA LEU GA 121 -2.59 -50.92 55.56
C LEU GA 121 -2.63 -49.97 56.75
N ARG GA 122 -1.51 -49.33 57.07
CA ARG GA 122 -1.45 -48.32 58.13
C ARG GA 122 -1.31 -46.92 57.58
N GLY GA 123 -1.45 -46.75 56.26
CA GLY GA 123 -1.33 -45.44 55.65
C GLY GA 123 -2.63 -44.66 55.64
N VAL GA 124 -2.56 -43.49 55.03
CA VAL GA 124 -3.74 -42.62 54.95
C VAL GA 124 -4.72 -43.20 53.94
N PRO GA 125 -6.00 -43.36 54.30
CA PRO GA 125 -6.98 -43.82 53.32
C PRO GA 125 -7.06 -42.86 52.15
N GLY GA 126 -7.14 -43.41 50.94
CA GLY GA 126 -7.20 -42.61 49.74
C GLY GA 126 -5.87 -42.14 49.20
N VAL GA 127 -4.76 -42.45 49.88
CA VAL GA 127 -3.43 -42.11 49.42
C VAL GA 127 -2.57 -43.36 49.25
N THR GA 128 -2.46 -44.18 50.29
CA THR GA 128 -1.78 -45.47 50.21
C THR GA 128 -2.71 -46.62 50.57
N LYS GA 129 -4.02 -46.40 50.52
CA LYS GA 129 -4.99 -47.39 50.95
C LYS GA 129 -6.32 -47.07 50.28
N ASN GA 130 -7.18 -48.08 50.19
CA ASN GA 130 -8.53 -47.84 49.71
C ASN GA 130 -9.27 -46.93 50.68
N ILE GA 131 -10.19 -46.13 50.12
CA ILE GA 131 -10.93 -45.18 50.95
C ILE GA 131 -11.73 -45.92 52.01
N SER GA 132 -12.09 -45.19 53.07
CA SER GA 132 -12.74 -45.81 54.22
C SER GA 132 -14.07 -46.44 53.85
N ALA GA 133 -14.77 -45.88 52.86
CA ALA GA 133 -16.04 -46.45 52.44
C ALA GA 133 -15.85 -47.85 51.85
N GLY GA 134 -14.78 -48.04 51.09
CA GLY GA 134 -14.47 -49.29 50.43
C GLY GA 134 -14.24 -49.06 48.95
N LEU GA 135 -14.38 -50.12 48.18
CA LEU GA 135 -14.26 -50.06 46.73
C LEU GA 135 -15.65 -49.94 46.11
N GLN GA 136 -15.82 -48.97 45.23
CA GLN GA 136 -17.12 -48.64 44.66
C GLN GA 136 -17.12 -48.90 43.16
N ASP GA 137 -18.31 -49.15 42.62
CA ASP GA 137 -18.50 -49.25 41.17
C ASP GA 137 -19.57 -48.23 40.78
N TYR GA 138 -19.18 -47.28 39.93
CA TYR GA 138 -20.06 -46.19 39.53
C TYR GA 138 -20.69 -46.42 38.17
N SER GA 139 -20.49 -47.59 37.58
CA SER GA 139 -21.11 -47.93 36.31
C SER GA 139 -22.51 -48.49 36.54
N ALA GA 140 -23.29 -48.57 35.47
CA ALA GA 140 -24.65 -49.10 35.49
C ALA GA 140 -24.76 -50.18 34.43
N PRO GA 141 -24.28 -51.38 34.73
CA PRO GA 141 -24.31 -52.46 33.73
C PRO GA 141 -25.74 -52.82 33.33
N VAL GA 142 -25.89 -53.21 32.07
CA VAL GA 142 -27.19 -53.59 31.53
C VAL GA 142 -27.28 -55.08 31.22
N SER GA 143 -26.15 -55.79 31.19
CA SER GA 143 -26.15 -57.21 30.89
C SER GA 143 -24.97 -57.86 31.58
N LYS GA 144 -25.03 -59.18 31.69
CA LYS GA 144 -23.96 -59.93 32.34
C LYS GA 144 -22.67 -59.84 31.51
N LYS GA 145 -21.56 -59.63 32.21
CA LYS GA 145 -20.27 -59.58 31.53
C LYS GA 145 -19.84 -60.99 31.13
N SER GA 146 -19.22 -61.09 29.95
CA SER GA 146 -18.79 -62.39 29.45
C SER GA 146 -17.66 -62.95 30.30
N GLN GA 147 -17.58 -64.28 30.34
CA GLN GA 147 -16.52 -64.98 31.06
C GLN GA 147 -15.22 -65.06 30.26
N SER GA 148 -15.22 -64.59 29.02
CA SER GA 148 -14.05 -64.70 28.15
C SER GA 148 -13.26 -63.39 28.07
N ASP GA 149 -13.37 -62.53 29.07
CA ASP GA 149 -12.58 -61.31 29.08
C ASP GA 149 -11.11 -61.68 29.23
N PRO GA 150 -10.22 -61.16 28.39
CA PRO GA 150 -8.82 -61.57 28.44
C PRO GA 150 -8.06 -60.98 29.62
N ASN GA 151 -8.46 -59.78 30.04
CA ASN GA 151 -7.70 -59.07 31.08
C ASN GA 151 -7.83 -59.76 32.43
N ASP GA 152 -9.06 -60.12 32.81
CA ASP GA 152 -9.24 -60.81 34.09
C ASP GA 152 -8.51 -62.14 34.11
N PHE GA 153 -8.62 -62.89 33.01
CA PHE GA 153 -7.95 -64.18 32.93
C PHE GA 153 -6.45 -64.03 33.03
N TYR GA 154 -5.88 -63.05 32.31
CA TYR GA 154 -4.43 -62.88 32.36
C TYR GA 154 -3.98 -62.42 33.73
N ARG GA 155 -4.70 -61.48 34.35
CA ARG GA 155 -4.27 -60.97 35.65
C ARG GA 155 -4.39 -62.01 36.74
N ASP GA 156 -5.27 -63.01 36.58
CA ASP GA 156 -5.37 -64.07 37.56
C ASP GA 156 -4.56 -65.32 37.20
N ALA GA 157 -4.05 -65.42 35.98
CA ALA GA 157 -3.37 -66.62 35.51
C ALA GA 157 -1.85 -66.50 35.54
N TYR GA 158 -1.30 -65.48 34.90
CA TYR GA 158 0.14 -65.32 34.78
C TYR GA 158 0.61 -64.29 35.82
N ARG GA 159 1.15 -64.80 36.92
CA ARG GA 159 1.59 -63.98 38.04
C ARG GA 159 3.04 -64.28 38.37
N ASN GA 160 3.72 -63.27 38.91
CA ASN GA 160 5.12 -63.46 39.30
C ASN GA 160 5.24 -64.35 40.54
N GLU GA 161 4.22 -64.34 41.40
CA GLU GA 161 4.27 -65.17 42.61
C GLU GA 161 4.30 -66.65 42.25
N ASN GA 162 3.50 -67.05 41.27
CA ASN GA 162 3.41 -68.45 40.85
C ASN GA 162 4.51 -68.86 39.88
N ARG GA 163 5.61 -68.11 39.84
CA ARG GA 163 6.67 -68.36 38.86
C ARG GA 163 7.26 -69.75 39.02
N TRP GA 164 7.24 -70.31 40.22
CA TRP GA 164 7.94 -71.56 40.50
C TRP GA 164 7.12 -72.80 40.15
N ILE GA 165 5.86 -72.66 39.74
CA ILE GA 165 5.07 -73.83 39.39
C ILE GA 165 4.41 -73.63 38.04
N ASP GA 166 4.47 -72.42 37.50
CA ASP GA 166 3.82 -72.14 36.23
C ASP GA 166 4.54 -72.79 35.05
N GLN GA 167 5.77 -73.24 35.24
CA GLN GA 167 6.56 -73.84 34.16
C GLN GA 167 7.21 -75.14 34.61
N SER GA 168 6.49 -75.94 35.37
CA SER GA 168 6.97 -77.23 35.83
C SER GA 168 6.31 -78.33 35.01
N VAL GA 169 7.09 -78.97 34.14
CA VAL GA 169 6.55 -80.01 33.27
C VAL GA 169 6.25 -81.26 34.09
N PHE GA 170 5.09 -81.85 33.87
CA PHE GA 170 4.70 -83.06 34.57
C PHE GA 170 3.84 -83.92 33.66
N THR GA 171 3.73 -85.20 34.02
CA THR GA 171 2.85 -86.11 33.32
C THR GA 171 1.48 -86.09 33.99
N PRO GA 172 0.42 -85.65 33.30
CA PRO GA 172 -0.89 -85.55 33.95
C PRO GA 172 -1.38 -86.90 34.45
N LYS GA 173 -2.11 -86.86 35.57
CA LYS GA 173 -2.66 -88.08 36.18
C LYS GA 173 -3.94 -88.47 35.45
N THR GA 174 -3.75 -89.00 34.25
CA THR GA 174 -4.84 -89.53 33.44
C THR GA 174 -4.94 -91.03 33.61
N SER GA 175 -6.02 -91.60 33.09
CA SER GA 175 -6.23 -93.04 33.20
C SER GA 175 -5.29 -93.78 32.26
N LYS GA 176 -4.77 -94.91 32.73
CA LYS GA 176 -3.83 -95.69 31.93
C LYS GA 176 -4.56 -96.41 30.79
N MET GA 177 -3.89 -96.50 29.65
CA MET GA 177 -4.40 -97.22 28.49
C MET GA 177 -3.58 -98.50 28.32
N THR GA 178 -4.27 -99.62 28.15
CA THR GA 178 -3.58 -100.91 28.09
C THR GA 178 -2.67 -101.01 26.87
N HIS GA 179 -3.15 -100.54 25.72
CA HIS GA 179 -2.36 -100.66 24.50
C HIS GA 179 -1.11 -99.78 24.52
N TYR GA 180 -1.08 -98.76 25.36
CA TYR GA 180 -0.02 -97.77 25.36
C TYR GA 180 0.89 -97.85 26.57
N ASP GA 181 0.36 -98.19 27.74
CA ASP GA 181 1.13 -98.21 28.97
C ASP GA 181 1.52 -99.61 29.42
N VAL GA 182 0.98 -100.65 28.79
CA VAL GA 182 1.32 -102.03 29.15
C VAL GA 182 1.83 -102.78 27.94
N GLU GA 183 0.97 -102.90 26.92
CA GLU GA 183 1.30 -103.70 25.74
C GLU GA 183 2.49 -103.11 24.99
N TRP GA 184 2.51 -101.79 24.81
CA TRP GA 184 3.64 -101.18 24.10
C TRP GA 184 4.94 -101.33 24.88
N PRO GA 185 5.00 -101.10 26.20
CA PRO GA 185 6.24 -101.42 26.92
C PRO GA 185 6.63 -102.89 26.82
N LYS GA 186 5.66 -103.81 26.80
CA LYS GA 186 6.01 -105.22 26.59
C LYS GA 186 6.62 -105.45 25.22
N GLU GA 187 6.07 -104.80 24.19
CA GLU GA 187 6.62 -104.95 22.84
C GLU GA 187 8.02 -104.37 22.75
N LEU GA 188 8.26 -103.23 23.40
CA LEU GA 188 9.58 -102.62 23.37
C LEU GA 188 10.62 -103.50 24.05
N ALA GA 189 10.25 -104.13 25.17
CA ALA GA 189 11.19 -104.95 25.93
C ALA GA 189 11.40 -106.33 25.32
N SER GA 190 10.56 -106.74 24.38
CA SER GA 190 10.68 -108.05 23.74
C SER GA 190 11.44 -107.99 22.43
N ARG GA 191 12.02 -106.85 22.08
CA ARG GA 191 12.75 -106.72 20.84
C ARG GA 191 14.00 -107.59 20.87
N PRO GA 192 14.20 -108.46 19.88
CA PRO GA 192 15.45 -109.22 19.81
C PRO GA 192 16.63 -108.29 19.56
N VAL GA 193 17.80 -108.69 20.07
CA VAL GA 193 19.02 -107.93 19.88
C VAL GA 193 20.07 -108.84 19.27
N THR GA 194 21.03 -108.23 18.58
CA THR GA 194 22.15 -108.94 17.98
C THR GA 194 23.43 -108.19 18.25
N LYS GA 195 24.47 -108.92 18.68
CA LYS GA 195 25.80 -108.33 18.79
C LYS GA 195 26.46 -108.15 17.44
N LYS GA 196 25.96 -108.81 16.40
CA LYS GA 196 26.51 -108.69 15.05
C LYS GA 196 25.76 -107.61 14.27
N PHE GA 197 25.77 -106.40 14.82
CA PHE GA 197 25.17 -105.25 14.17
C PHE GA 197 26.26 -104.40 13.55
N HIS GA 198 25.85 -103.52 12.63
CA HIS GA 198 26.81 -102.65 11.96
C HIS GA 198 27.38 -101.67 12.97
N HIS GA 199 28.64 -101.89 13.37
CA HIS GA 199 29.22 -101.16 14.48
C HIS GA 199 29.44 -99.68 14.17
N ASP GA 200 29.34 -99.28 12.91
CA ASP GA 200 29.54 -97.89 12.53
C ASP GA 200 28.25 -97.16 12.17
N LYS GA 201 27.21 -97.88 11.75
CA LYS GA 201 25.96 -97.27 11.34
C LYS GA 201 24.72 -97.85 12.00
N GLY GA 202 24.78 -99.07 12.52
CA GLY GA 202 23.59 -99.77 12.98
C GLY GA 202 23.45 -99.79 14.49
N TYR GA 203 22.31 -100.33 14.92
CA TYR GA 203 21.95 -100.45 16.32
C TYR GA 203 21.79 -101.92 16.67
N LYS GA 204 21.83 -102.22 17.97
CA LYS GA 204 21.68 -103.62 18.38
C LYS GA 204 20.29 -104.17 18.15
N TYR GA 205 19.30 -103.31 17.89
CA TYR GA 205 17.98 -103.77 17.51
C TYR GA 205 17.86 -103.91 15.99
N ASP GA 206 18.84 -104.58 15.39
CA ASP GA 206 18.88 -104.81 13.95
C ASP GA 206 18.85 -106.32 13.76
N VAL GA 207 17.64 -106.87 13.75
CA VAL GA 207 17.41 -108.29 13.54
C VAL GA 207 16.62 -108.44 12.25
N THR GA 208 17.23 -109.10 11.27
CA THR GA 208 16.57 -109.29 9.98
C THR GA 208 15.42 -110.27 10.12
N THR GA 209 14.28 -109.92 9.55
CA THR GA 209 13.16 -110.86 9.51
C THR GA 209 13.49 -111.96 8.51
N PRO GA 210 13.52 -113.22 8.93
CA PRO GA 210 13.87 -114.29 7.99
C PRO GA 210 12.82 -114.40 6.90
N TYR GA 211 13.25 -114.90 5.73
CA TYR GA 211 12.33 -115.05 4.62
C TYR GA 211 11.17 -115.97 4.95
N ASP GA 212 11.31 -116.83 5.96
CA ASP GA 212 10.21 -117.69 6.36
C ASP GA 212 9.12 -116.91 7.07
N GLN GA 213 9.50 -115.91 7.87
CA GLN GA 213 8.55 -115.16 8.68
C GLN GA 213 7.93 -113.97 7.96
N ARG GA 214 8.38 -113.66 6.75
CA ARG GA 214 7.80 -112.56 6.00
C ARG GA 214 6.41 -112.92 5.49
N TYR GA 215 5.56 -111.91 5.33
CA TYR GA 215 4.19 -112.15 4.92
C TYR GA 215 4.13 -112.59 3.47
N ASN GA 216 3.45 -113.70 3.21
CA ASN GA 216 3.27 -114.17 1.85
C ASN GA 216 2.31 -113.25 1.10
N TYR GA 217 2.42 -113.28 -0.22
CA TYR GA 217 1.56 -112.47 -1.07
C TYR GA 217 0.24 -113.21 -1.30
N VAL GA 218 -0.86 -112.61 -0.85
CA VAL GA 218 -2.18 -113.21 -0.99
C VAL GA 218 -3.17 -112.28 -1.68
N ALA GA 219 -2.74 -111.09 -2.12
CA ALA GA 219 -3.67 -110.11 -2.66
C ALA GA 219 -4.34 -110.63 -3.94
N ASP GA 220 -3.58 -111.30 -4.81
CA ASP GA 220 -4.12 -111.85 -6.04
C ASP GA 220 -3.46 -113.18 -6.32
N ARG GA 221 -4.12 -113.97 -7.17
CA ARG GA 221 -3.63 -115.30 -7.52
C ARG GA 221 -2.80 -115.33 -8.81
N LEU GA 222 -2.99 -114.35 -9.69
CA LEU GA 222 -2.23 -114.31 -10.93
C LEU GA 222 -0.76 -114.00 -10.65
N GLY GA 223 0.12 -114.57 -11.47
CA GLY GA 223 1.52 -114.30 -11.34
C GLY GA 223 1.92 -112.96 -11.91
N HIS GA 224 3.11 -112.51 -11.54
CA HIS GA 224 3.63 -111.21 -11.94
C HIS GA 224 5.02 -111.41 -12.54
N PRO GA 225 5.10 -111.79 -13.83
CA PRO GA 225 6.39 -112.11 -14.44
C PRO GA 225 7.29 -110.91 -14.67
N GLU GA 226 6.89 -109.71 -14.26
CA GLU GA 226 7.79 -108.56 -14.38
C GLU GA 226 9.04 -108.74 -13.54
N ILE GA 227 8.92 -109.42 -12.39
CA ILE GA 227 10.06 -109.63 -11.52
C ILE GA 227 11.11 -110.55 -12.13
N LEU GA 228 10.73 -111.32 -13.15
CA LEU GA 228 11.71 -112.13 -13.87
C LEU GA 228 12.53 -111.30 -14.85
N GLY GA 229 11.91 -110.29 -15.44
CA GLY GA 229 12.50 -109.58 -16.56
C GLY GA 229 11.89 -110.09 -17.85
N ASN GA 230 12.69 -110.12 -18.91
CA ASN GA 230 12.29 -110.73 -20.17
C ASN GA 230 13.50 -111.42 -20.75
N PRO GA 231 13.32 -112.46 -21.56
CA PRO GA 231 14.45 -112.96 -22.34
C PRO GA 231 15.07 -111.88 -23.22
N PHE GA 232 14.26 -110.94 -23.72
CA PHE GA 232 14.79 -109.87 -24.55
C PHE GA 232 15.69 -108.94 -23.74
N GLU GA 233 15.22 -108.47 -22.59
CA GLU GA 233 16.02 -107.52 -21.82
C GLU GA 233 17.07 -108.20 -20.94
N ARG GA 234 17.00 -109.52 -20.75
CA ARG GA 234 18.14 -110.24 -20.23
C ARG GA 234 19.20 -110.42 -21.30
N LEU GA 235 18.77 -110.69 -22.54
CA LEU GA 235 19.71 -110.82 -23.66
C LEU GA 235 20.41 -109.51 -23.95
N MET GA 236 19.67 -108.39 -23.89
CA MET GA 236 20.21 -107.07 -24.14
C MET GA 236 20.99 -106.52 -22.96
N ARG GA 237 21.08 -107.27 -21.86
CA ARG GA 237 21.83 -106.86 -20.67
C ARG GA 237 21.31 -105.55 -20.10
N LEU GA 238 20.00 -105.38 -20.13
CA LEU GA 238 19.35 -104.19 -19.57
C LEU GA 238 19.06 -104.41 -18.10
N GLU GA 239 19.33 -103.38 -17.30
CA GLU GA 239 19.09 -103.42 -15.87
C GLU GA 239 17.79 -102.68 -15.56
N GLY GA 240 16.85 -103.35 -14.93
CA GLY GA 240 15.57 -102.76 -14.59
C GLY GA 240 15.37 -102.77 -13.09
N ASP GA 241 14.61 -101.78 -12.61
CA ASP GA 241 14.35 -101.68 -11.17
C ASP GA 241 13.38 -102.75 -10.69
N ILE GA 242 12.64 -103.39 -11.59
CA ILE GA 242 11.59 -104.31 -11.18
C ILE GA 242 12.07 -105.74 -11.03
N TYR GA 243 13.24 -106.08 -11.59
CA TYR GA 243 13.80 -107.41 -11.42
C TYR GA 243 15.19 -107.34 -10.80
N HIS GA 244 15.46 -106.30 -10.03
CA HIS GA 244 16.71 -106.20 -9.30
C HIS GA 244 16.64 -107.08 -8.05
N PRO GA 245 17.58 -107.99 -7.85
CA PRO GA 245 17.50 -108.89 -6.68
C PRO GA 245 17.52 -108.17 -5.35
N ASN GA 246 18.21 -107.04 -5.25
CA ASN GA 246 18.26 -106.33 -3.97
C ASN GA 246 16.93 -105.67 -3.65
N TYR GA 247 16.28 -105.08 -4.64
CA TYR GA 247 15.01 -104.39 -4.41
C TYR GA 247 13.85 -105.36 -4.26
N LEU GA 248 13.94 -106.54 -4.88
CA LEU GA 248 12.95 -107.58 -4.68
C LEU GA 248 13.09 -108.29 -3.34
N ASP GA 249 14.21 -108.11 -2.66
CA ASP GA 249 14.45 -108.71 -1.34
C ASP GA 249 13.81 -107.81 -0.27
N GLN GA 250 12.48 -107.79 -0.28
CA GLN GA 250 11.76 -106.99 0.69
C GLN GA 250 11.91 -107.58 2.08
N PRO GA 251 12.16 -106.75 3.10
CA PRO GA 251 12.44 -107.29 4.43
C PRO GA 251 11.23 -107.66 5.25
N PHE GA 252 10.05 -107.11 4.93
CA PHE GA 252 8.87 -107.33 5.75
C PHE GA 252 7.78 -108.13 5.07
N VAL GA 253 7.69 -108.09 3.74
CA VAL GA 253 6.70 -108.82 2.99
C VAL GA 253 7.38 -109.52 1.82
N LYS GA 254 6.63 -110.37 1.14
CA LYS GA 254 7.12 -111.11 -0.02
C LYS GA 254 6.51 -110.55 -1.29
N VAL GA 255 7.33 -110.41 -2.32
CA VAL GA 255 6.86 -110.01 -3.64
C VAL GA 255 6.03 -111.17 -4.21
N PRO GA 256 5.10 -110.93 -5.12
CA PRO GA 256 4.28 -112.03 -5.65
C PRO GA 256 5.12 -113.01 -6.45
N ASN GA 257 4.66 -114.26 -6.47
CA ASN GA 257 5.32 -115.27 -7.27
C ASN GA 257 5.14 -114.96 -8.75
N ALA GA 258 6.17 -115.27 -9.54
CA ALA GA 258 6.11 -114.99 -10.96
C ALA GA 258 5.04 -115.82 -11.66
N ASN GA 259 4.89 -117.06 -11.27
CA ASN GA 259 3.91 -117.95 -11.86
C ASN GA 259 2.56 -117.79 -11.18
N PRO GA 260 1.47 -118.06 -11.89
CA PRO GA 260 0.14 -118.00 -11.27
C PRO GA 260 -0.03 -119.06 -10.19
N ASN GA 261 -0.97 -118.81 -9.30
CA ASN GA 261 -1.22 -119.71 -8.19
C ASN GA 261 -1.65 -121.08 -8.71
N ALA GA 262 -1.19 -122.13 -8.01
CA ALA GA 262 -1.49 -123.49 -8.44
C ALA GA 262 -2.98 -123.80 -8.35
N SER GA 263 -3.73 -123.08 -7.53
CA SER GA 263 -5.17 -123.29 -7.46
C SER GA 263 -5.87 -122.86 -8.74
N LEU GA 264 -5.33 -121.87 -9.44
CA LEU GA 264 -5.96 -121.37 -10.65
C LEU GA 264 -5.97 -122.42 -11.76
N ASN GA 265 -7.07 -122.47 -12.49
CA ASN GA 265 -7.22 -123.36 -13.65
C ASN GA 265 -7.50 -122.51 -14.88
N PHE GA 266 -6.70 -122.72 -15.93
CA PHE GA 266 -6.75 -121.87 -17.11
C PHE GA 266 -7.49 -122.51 -18.27
N GLU GA 267 -8.24 -123.58 -18.04
CA GLU GA 267 -9.00 -124.21 -19.11
C GLU GA 267 -10.10 -123.27 -19.60
N GLU GA 268 -10.34 -123.29 -20.91
CA GLU GA 268 -11.33 -122.41 -21.50
C GLU GA 268 -12.73 -122.71 -20.96
N GLY GA 269 -13.57 -121.67 -20.93
CA GLY GA 269 -14.94 -121.79 -20.48
C GLY GA 269 -15.89 -121.11 -21.45
N GLU GA 270 -17.01 -120.64 -20.90
CA GLU GA 270 -18.01 -119.97 -21.71
C GLU GA 270 -17.49 -118.63 -22.22
N VAL GA 271 -17.83 -118.31 -23.47
CA VAL GA 271 -17.54 -117.00 -24.01
C VAL GA 271 -18.58 -116.02 -23.49
N LEU GA 272 -18.12 -114.87 -23.00
CA LEU GA 272 -19.00 -113.87 -22.41
C LEU GA 272 -19.35 -112.76 -23.39
N TYR GA 273 -18.34 -112.11 -23.97
CA TYR GA 273 -18.53 -110.95 -24.82
C TYR GA 273 -17.68 -111.11 -26.06
N GLU GA 274 -18.17 -110.67 -27.21
CA GLU GA 274 -17.40 -110.81 -28.45
C GLU GA 274 -17.78 -109.68 -29.39
N ASN GA 275 -16.83 -108.76 -29.61
CA ASN GA 275 -16.95 -107.70 -30.62
C ASN GA 275 -15.66 -107.74 -31.42
N THR GA 276 -15.62 -108.61 -32.44
CA THR GA 276 -14.39 -108.82 -33.19
C THR GA 276 -14.13 -107.70 -34.19
N ARG GA 277 -15.18 -107.08 -34.71
CA ARG GA 277 -15.02 -106.05 -35.74
C ARG GA 277 -14.14 -104.91 -35.28
N LEU GA 278 -14.03 -104.68 -33.96
CA LEU GA 278 -13.12 -103.67 -33.45
C LEU GA 278 -11.73 -103.81 -34.05
N LEU GA 279 -11.23 -105.04 -34.15
CA LEU GA 279 -9.92 -105.26 -34.73
C LEU GA 279 -9.81 -104.58 -36.08
N GLU GA 280 -10.76 -104.85 -36.97
CA GLU GA 280 -10.75 -104.20 -38.28
C GLU GA 280 -10.70 -102.69 -38.13
N TRP GA 281 -11.64 -102.15 -37.34
CA TRP GA 281 -11.64 -100.71 -37.09
C TRP GA 281 -10.26 -100.26 -36.64
N ALA GA 282 -9.72 -100.95 -35.62
CA ALA GA 282 -8.38 -100.66 -35.15
C ALA GA 282 -7.42 -100.54 -36.33
N LYS GA 283 -7.28 -101.64 -37.09
CA LYS GA 283 -6.42 -101.64 -38.25
C LYS GA 283 -6.64 -100.38 -39.06
N PHE GA 284 -7.89 -100.20 -39.51
CA PHE GA 284 -8.23 -99.05 -40.33
C PHE GA 284 -7.64 -97.78 -39.73
N TRP GA 285 -8.09 -97.44 -38.52
CA TRP GA 285 -7.66 -96.17 -37.94
C TRP GA 285 -6.15 -96.11 -37.86
N ASN GA 286 -5.54 -97.18 -37.31
CA ASN GA 286 -4.10 -97.18 -37.16
C ASN GA 286 -3.45 -96.92 -38.51
N TYR GA 287 -3.82 -97.72 -39.51
CA TYR GA 287 -3.18 -97.59 -40.81
C TYR GA 287 -3.42 -96.19 -41.36
N SER GA 288 -4.67 -95.71 -41.26
CA SER GA 288 -4.98 -94.39 -41.76
C SER GA 288 -4.03 -93.38 -41.14
N VAL GA 289 -3.93 -93.39 -39.81
CA VAL GA 289 -3.08 -92.41 -39.14
C VAL GA 289 -1.67 -92.51 -39.68
N VAL GA 290 -1.13 -93.73 -39.75
CA VAL GA 290 0.23 -93.90 -40.22
C VAL GA 290 0.37 -93.30 -41.61
N VAL GA 291 -0.53 -93.67 -42.52
CA VAL GA 291 -0.47 -93.14 -43.86
C VAL GA 291 -0.53 -91.62 -43.81
N GLY GA 292 -1.53 -91.09 -43.10
CA GLY GA 292 -1.64 -89.65 -42.97
C GLY GA 292 -0.37 -89.08 -42.38
N TYR GA 293 0.12 -89.70 -41.30
CA TYR GA 293 1.35 -89.25 -40.68
C TYR GA 293 2.45 -89.16 -41.71
N LEU GA 294 2.64 -90.23 -42.49
CA LEU GA 294 3.69 -90.22 -43.51
C LEU GA 294 3.46 -89.06 -44.46
N TRP GA 295 2.26 -88.94 -45.02
CA TRP GA 295 2.00 -87.89 -45.99
C TRP GA 295 2.21 -86.53 -45.37
N CYS GA 296 1.91 -86.38 -44.09
CA CYS GA 296 2.02 -85.08 -43.46
C CYS GA 296 3.37 -84.85 -42.81
N ALA GA 297 4.25 -85.84 -42.80
CA ALA GA 297 5.52 -85.66 -42.10
C ALA GA 297 6.74 -85.89 -42.97
N TYR GA 298 6.63 -86.71 -44.01
CA TYR GA 298 7.79 -87.03 -44.83
C TYR GA 298 7.61 -86.64 -46.29
N PHE GA 299 6.48 -87.00 -46.91
CA PHE GA 299 6.32 -86.74 -48.34
C PHE GA 299 6.26 -85.25 -48.63
N VAL GA 300 5.38 -84.52 -47.94
CA VAL GA 300 5.19 -83.09 -48.19
C VAL GA 300 6.45 -82.31 -47.80
N PRO GA 301 7.02 -82.49 -46.60
CA PRO GA 301 8.28 -81.79 -46.30
C PRO GA 301 9.39 -82.15 -47.25
N TYR GA 302 9.50 -83.41 -47.65
CA TYR GA 302 10.55 -83.80 -48.59
C TYR GA 302 10.37 -83.08 -49.92
N ASN GA 303 9.14 -83.05 -50.44
CA ASN GA 303 8.92 -82.46 -51.74
C ASN GA 303 9.10 -80.95 -51.73
N ILE GA 304 8.69 -80.29 -50.64
CA ILE GA 304 8.83 -78.84 -50.59
C ILE GA 304 10.18 -78.39 -50.04
N PHE GA 305 11.04 -79.31 -49.63
CA PHE GA 305 12.37 -78.97 -49.16
C PHE GA 305 13.48 -79.36 -50.12
N PHE GA 306 13.36 -80.50 -50.80
CA PHE GA 306 14.42 -81.01 -51.67
C PHE GA 306 14.09 -80.93 -53.15
N LYS GA 307 12.82 -81.00 -53.52
CA LYS GA 307 12.42 -81.04 -54.92
C LYS GA 307 12.10 -79.66 -55.48
N THR GA 308 12.36 -78.59 -54.74
CA THR GA 308 12.15 -77.25 -55.24
C THR GA 308 13.07 -76.28 -54.51
N HIS GA 309 13.32 -75.14 -55.14
CA HIS GA 309 14.03 -74.04 -54.52
C HIS GA 309 13.12 -72.85 -54.21
N MET GA 310 11.93 -72.83 -54.76
CA MET GA 310 11.01 -71.72 -54.55
C MET GA 310 10.29 -71.87 -53.22
N PRO GA 311 10.30 -70.86 -52.36
CA PRO GA 311 9.59 -70.96 -51.08
C PRO GA 311 8.09 -70.93 -51.26
N LEU GA 312 7.39 -71.46 -50.25
CA LEU GA 312 5.95 -71.27 -50.16
C LEU GA 312 5.64 -69.98 -49.41
N GLU GA 313 4.36 -69.61 -49.41
CA GLU GA 313 3.99 -68.30 -48.88
C GLU GA 313 4.24 -68.21 -47.38
N HIS GA 314 3.97 -69.29 -46.64
CA HIS GA 314 4.11 -69.23 -45.19
C HIS GA 314 5.56 -69.22 -44.73
N ALA GA 315 6.52 -69.38 -45.64
CA ALA GA 315 7.92 -69.28 -45.27
C ALA GA 315 8.36 -67.83 -45.08
N TYR GA 316 7.76 -66.88 -45.79
CA TYR GA 316 8.24 -65.51 -45.77
C TYR GA 316 7.15 -64.44 -45.75
N ASP GA 317 5.89 -64.81 -45.47
CA ASP GA 317 4.83 -63.81 -45.54
C ASP GA 317 4.99 -62.74 -44.48
N ASN GA 318 5.47 -63.11 -43.28
CA ASN GA 318 5.68 -62.15 -42.21
C ASN GA 318 7.03 -61.46 -42.27
N LEU GA 319 7.93 -61.91 -43.13
CA LEU GA 319 9.25 -61.30 -43.26
C LEU GA 319 9.23 -60.18 -44.29
N PHE GA 320 10.23 -59.31 -44.21
CA PHE GA 320 10.36 -58.19 -45.13
C PHE GA 320 11.65 -58.26 -45.94
N PHE GA 321 12.20 -59.46 -46.08
CA PHE GA 321 13.27 -59.68 -47.04
C PHE GA 321 12.71 -59.58 -48.46
N PRO GA 322 13.55 -59.26 -49.44
CA PRO GA 322 13.15 -59.46 -50.83
C PRO GA 322 13.01 -60.94 -51.13
N TYR GA 323 12.29 -61.24 -52.19
CA TYR GA 323 12.10 -62.64 -52.57
C TYR GA 323 13.44 -63.28 -52.91
N PHE GA 324 13.62 -64.52 -52.46
CA PHE GA 324 14.82 -65.27 -52.79
C PHE GA 324 14.49 -66.76 -52.71
N GLN GA 325 15.34 -67.56 -53.34
CA GLN GA 325 15.22 -69.01 -53.30
C GLN GA 325 16.17 -69.59 -52.27
N HIS GA 326 15.95 -70.85 -51.93
CA HIS GA 326 16.76 -71.54 -50.94
C HIS GA 326 17.33 -72.82 -51.53
N THR GA 327 18.52 -73.18 -51.07
CA THR GA 327 19.19 -74.41 -51.49
C THR GA 327 19.53 -75.25 -50.26
N HIS GA 328 19.46 -76.56 -50.43
CA HIS GA 328 19.75 -77.48 -49.34
C HIS GA 328 21.24 -77.58 -49.03
N PHE GA 329 22.11 -77.06 -49.91
CA PHE GA 329 23.53 -77.32 -49.80
C PHE GA 329 24.35 -76.16 -49.27
N LEU GA 330 23.86 -74.93 -49.37
CA LEU GA 330 24.56 -73.79 -48.78
C LEU GA 330 23.96 -73.43 -47.42
N TRP GA 331 23.97 -74.39 -46.51
CA TRP GA 331 23.55 -74.15 -45.13
C TRP GA 331 23.93 -75.33 -44.27
N ASP GA 332 24.25 -75.05 -43.00
CA ASP GA 332 24.52 -76.08 -42.00
C ASP GA 332 25.67 -76.98 -42.43
N ASN GA 333 26.85 -76.36 -42.53
CA ASN GA 333 28.03 -77.06 -43.01
C ASN GA 333 28.34 -78.29 -42.16
N ASN GA 334 28.41 -78.11 -40.84
CA ASN GA 334 28.49 -79.24 -39.93
C ASN GA 334 27.07 -79.73 -39.69
N ALA GA 335 26.75 -80.92 -40.20
CA ALA GA 335 25.36 -81.33 -40.33
C ALA GA 335 24.75 -81.66 -38.98
N LEU GA 336 24.24 -80.65 -38.29
CA LEU GA 336 23.47 -80.85 -37.07
C LEU GA 336 21.99 -81.05 -37.34
N HIS GA 337 21.55 -80.88 -38.59
CA HIS GA 337 20.15 -81.12 -38.91
C HIS GA 337 19.86 -82.59 -39.14
N ILE GA 338 20.87 -83.38 -39.50
CA ILE GA 338 20.68 -84.80 -39.77
C ILE GA 338 20.33 -85.54 -38.48
N PRO GA 339 21.11 -85.44 -37.39
CA PRO GA 339 20.67 -86.10 -36.15
C PRO GA 339 19.36 -85.57 -35.63
N THR GA 340 19.08 -84.27 -35.80
CA THR GA 340 17.81 -83.71 -35.34
C THR GA 340 16.63 -84.31 -36.11
N VAL GA 341 16.74 -84.37 -37.44
CA VAL GA 341 15.68 -84.95 -38.25
C VAL GA 341 15.52 -86.44 -37.93
N GLY GA 342 16.62 -87.16 -37.78
CA GLY GA 342 16.53 -88.58 -37.45
C GLY GA 342 15.86 -88.82 -36.11
N GLY GA 343 16.26 -88.06 -35.09
CA GLY GA 343 15.64 -88.21 -33.78
C GLY GA 343 14.18 -87.82 -33.77
N VAL GA 344 13.84 -86.73 -34.46
CA VAL GA 344 12.45 -86.32 -34.53
C VAL GA 344 11.61 -87.39 -35.21
N ALA GA 345 12.11 -87.95 -36.32
CA ALA GA 345 11.37 -89.01 -37.01
C ALA GA 345 11.18 -90.22 -36.11
N ILE GA 346 12.28 -90.69 -35.50
CA ILE GA 346 12.21 -91.90 -34.69
C ILE GA 346 11.25 -91.72 -33.53
N TYR GA 347 11.40 -90.64 -32.76
CA TYR GA 347 10.60 -90.48 -31.57
C TYR GA 347 9.17 -90.06 -31.86
N ALA GA 348 8.93 -89.29 -32.93
CA ALA GA 348 7.56 -88.98 -33.31
C ALA GA 348 6.83 -90.24 -33.74
N THR GA 349 7.48 -91.10 -34.51
CA THR GA 349 6.84 -92.36 -34.90
C THR GA 349 6.58 -93.24 -33.68
N TYR GA 350 7.56 -93.32 -32.77
CA TYR GA 350 7.37 -94.12 -31.56
C TYR GA 350 6.20 -93.59 -30.74
N ILE GA 351 6.13 -92.28 -30.53
CA ILE GA 351 5.05 -91.70 -29.74
C ILE GA 351 3.71 -91.94 -30.42
N ALA GA 352 3.64 -91.74 -31.73
CA ALA GA 352 2.39 -91.95 -32.44
C ALA GA 352 1.91 -93.39 -32.28
N LEU GA 353 2.78 -94.36 -32.56
CA LEU GA 353 2.37 -95.76 -32.45
C LEU GA 353 1.99 -96.12 -31.02
N SER GA 354 2.80 -95.69 -30.04
CA SER GA 354 2.57 -96.07 -28.65
C SER GA 354 1.27 -95.49 -28.13
N TYR GA 355 0.98 -94.23 -28.45
CA TYR GA 355 -0.25 -93.62 -27.93
C TYR GA 355 -1.47 -94.09 -28.71
N ILE GA 356 -1.34 -94.41 -30.00
CA ILE GA 356 -2.43 -95.05 -30.71
C ILE GA 356 -2.77 -96.39 -30.07
N ASN GA 357 -1.75 -97.17 -29.72
CA ASN GA 357 -1.99 -98.44 -29.04
C ASN GA 357 -2.62 -98.21 -27.66
N ASN GA 358 -2.16 -97.19 -26.94
CA ASN GA 358 -2.70 -96.93 -25.61
C ASN GA 358 -4.17 -96.55 -25.67
N ILE GA 359 -4.57 -95.79 -26.69
CA ILE GA 359 -5.98 -95.41 -26.83
C ILE GA 359 -6.85 -96.66 -27.01
N TRP GA 360 -6.40 -97.59 -27.84
CA TRP GA 360 -7.15 -98.81 -28.13
C TRP GA 360 -7.03 -99.86 -27.04
N LYS GA 361 -6.13 -99.67 -26.08
CA LYS GA 361 -5.87 -100.71 -25.09
C LYS GA 361 -6.99 -100.87 -24.07
N ASP GA 362 -7.91 -99.91 -23.99
CA ASP GA 362 -9.05 -100.05 -23.07
C ASP GA 362 -10.10 -101.01 -23.62
N TYR GA 363 -10.34 -100.97 -24.93
CA TYR GA 363 -11.44 -101.71 -25.51
C TYR GA 363 -11.19 -103.21 -25.48
N VAL GA 364 -12.29 -103.96 -25.38
CA VAL GA 364 -12.26 -105.41 -25.29
C VAL GA 364 -12.73 -105.97 -26.62
N VAL GA 365 -11.82 -106.62 -27.36
CA VAL GA 365 -12.22 -107.31 -28.57
C VAL GA 365 -13.02 -108.56 -28.22
N ARG GA 366 -12.60 -109.29 -27.20
CA ARG GA 366 -13.29 -110.52 -26.80
C ARG GA 366 -13.06 -110.75 -25.31
N ALA GA 367 -14.01 -111.42 -24.67
CA ALA GA 367 -13.91 -111.74 -23.25
C ALA GA 367 -14.56 -113.09 -23.03
N GLN GA 368 -13.77 -114.05 -22.54
CA GLN GA 368 -14.23 -115.41 -22.35
C GLN GA 368 -13.94 -115.87 -20.94
N PHE GA 369 -14.91 -116.52 -20.31
CA PHE GA 369 -14.71 -117.00 -18.95
C PHE GA 369 -13.77 -118.21 -18.94
N SER GA 370 -13.28 -118.53 -17.74
CA SER GA 370 -12.63 -119.81 -17.53
C SER GA 370 -13.69 -120.88 -17.27
N LYS GA 371 -13.24 -122.14 -17.17
CA LYS GA 371 -14.19 -123.22 -16.94
C LYS GA 371 -14.88 -123.06 -15.60
N ASP GA 372 -14.13 -122.70 -14.56
CA ASP GA 372 -14.69 -122.43 -13.24
C ASP GA 372 -15.17 -121.00 -13.10
N LYS GA 373 -15.08 -120.19 -14.16
CA LYS GA 373 -15.54 -118.80 -14.17
C LYS GA 373 -14.81 -117.96 -13.11
N GLU GA 374 -13.58 -118.35 -12.78
CA GLU GA 374 -12.75 -117.59 -11.87
C GLU GA 374 -11.81 -116.64 -12.59
N LEU GA 375 -11.63 -116.80 -13.90
CA LEU GA 375 -10.77 -115.95 -14.69
C LEU GA 375 -11.53 -115.46 -15.93
N LEU GA 376 -11.10 -114.32 -16.45
CA LEU GA 376 -11.65 -113.74 -17.67
C LEU GA 376 -10.47 -113.50 -18.62
N PHE GA 377 -10.46 -114.23 -19.74
CA PHE GA 377 -9.46 -114.03 -20.77
C PHE GA 377 -9.96 -112.97 -21.74
N VAL GA 378 -9.25 -111.85 -21.82
CA VAL GA 378 -9.68 -110.69 -22.59
C VAL GA 378 -8.71 -110.50 -23.74
N THR GA 379 -9.23 -110.61 -24.96
CA THR GA 379 -8.49 -110.31 -26.17
C THR GA 379 -8.69 -108.84 -26.51
N ARG GA 380 -7.58 -108.12 -26.68
CA ARG GA 380 -7.57 -106.69 -26.96
C ARG GA 380 -6.74 -106.42 -28.21
N VAL GA 381 -6.65 -105.15 -28.57
CA VAL GA 381 -6.03 -104.73 -29.83
C VAL GA 381 -4.53 -104.61 -29.64
N SER GA 382 -3.77 -105.24 -30.52
CA SER GA 382 -2.32 -105.14 -30.55
C SER GA 382 -1.91 -103.84 -31.22
N PRO GA 383 -0.63 -103.45 -31.11
CA PRO GA 383 -0.19 -102.21 -31.76
C PRO GA 383 -0.45 -102.14 -33.25
N PHE GA 384 -0.37 -103.27 -33.96
CA PHE GA 384 -0.56 -103.29 -35.40
C PHE GA 384 -1.94 -103.79 -35.81
N GLY GA 385 -2.88 -103.91 -34.88
CA GLY GA 385 -4.27 -104.15 -35.20
C GLY GA 385 -4.77 -105.55 -34.94
N THR GA 386 -3.90 -106.52 -34.70
CA THR GA 386 -4.33 -107.89 -34.44
C THR GA 386 -4.54 -108.09 -32.95
N THR GA 387 -4.68 -109.35 -32.53
CA THR GA 387 -5.09 -109.68 -31.18
C THR GA 387 -3.90 -109.79 -30.23
N GLU GA 388 -4.13 -109.42 -28.98
CA GLU GA 388 -3.22 -109.74 -27.89
C GLU GA 388 -4.06 -110.11 -26.66
N GLU GA 389 -3.68 -111.19 -25.98
CA GLU GA 389 -4.50 -111.76 -24.93
C GLU GA 389 -3.98 -111.39 -23.55
N GLU GA 390 -4.90 -111.07 -22.64
CA GLU GA 390 -4.61 -110.82 -21.24
C GLU GA 390 -5.57 -111.64 -20.39
N VAL GA 391 -5.28 -111.74 -19.11
CA VAL GA 391 -6.12 -112.49 -18.17
C VAL GA 391 -6.38 -111.62 -16.95
N TYR GA 392 -7.62 -111.66 -16.46
CA TYR GA 392 -8.02 -110.94 -15.27
C TYR GA 392 -8.76 -111.88 -14.34
N GLU GA 393 -8.85 -111.49 -13.07
CA GLU GA 393 -9.65 -112.22 -12.09
C GLU GA 393 -11.00 -111.53 -11.96
N VAL GA 394 -12.07 -112.30 -12.09
CA VAL GA 394 -13.41 -111.73 -12.03
C VAL GA 394 -13.70 -111.09 -10.68
N ALA GA 395 -13.00 -111.54 -9.63
CA ALA GA 395 -13.20 -110.94 -8.31
C ALA GA 395 -12.72 -109.51 -8.25
N HIS GA 396 -11.76 -109.14 -9.09
CA HIS GA 396 -11.18 -107.80 -9.10
C HIS GA 396 -11.89 -106.85 -10.05
N LEU GA 397 -12.85 -107.33 -10.83
CA LEU GA 397 -13.55 -106.51 -11.80
C LEU GA 397 -14.75 -105.85 -11.15
N GLU GA 398 -14.85 -104.52 -11.28
CA GLU GA 398 -15.95 -103.79 -10.69
C GLU GA 398 -16.39 -102.67 -11.63
N HIS GA 399 -17.69 -102.44 -11.70
CA HIS GA 399 -18.23 -101.29 -12.44
C HIS GA 399 -18.34 -100.13 -11.46
N LEU GA 400 -17.27 -99.36 -11.37
CA LEU GA 400 -17.17 -98.29 -10.37
C LEU GA 400 -17.99 -97.08 -10.79
N PRO GA 401 -18.72 -96.46 -9.86
CA PRO GA 401 -19.41 -95.22 -10.16
C PRO GA 401 -18.43 -94.07 -10.30
N PRO GA 402 -18.79 -93.00 -11.00
CA PRO GA 402 -17.86 -91.90 -11.19
C PRO GA 402 -17.51 -91.23 -9.87
N SER GA 403 -16.29 -90.68 -9.81
CA SER GA 403 -15.90 -89.88 -8.65
C SER GA 403 -16.74 -88.63 -8.53
N VAL GA 404 -17.05 -88.00 -9.66
CA VAL GA 404 -17.90 -86.81 -9.70
C VAL GA 404 -19.34 -87.28 -9.84
N ARG GA 405 -20.14 -87.05 -8.79
CA ARG GA 405 -21.50 -87.56 -8.76
C ARG GA 405 -22.42 -86.88 -9.77
N SER GA 406 -22.08 -85.66 -10.20
CA SER GA 406 -22.90 -84.97 -11.19
C SER GA 406 -22.61 -85.43 -12.61
N GLY GA 407 -21.56 -86.21 -12.82
CA GLY GA 407 -21.19 -86.70 -14.13
C GLY GA 407 -21.82 -88.02 -14.53
N VAL GA 408 -22.70 -88.57 -13.70
CA VAL GA 408 -23.39 -89.81 -14.07
C VAL GA 408 -24.30 -89.56 -15.26
N LYS GA 409 -24.88 -88.38 -15.36
CA LYS GA 409 -25.70 -88.04 -16.52
C LYS GA 409 -24.89 -88.08 -17.80
N ASP GA 410 -23.64 -87.61 -17.74
CA ASP GA 410 -22.78 -87.52 -18.91
C ASP GA 410 -21.91 -88.77 -19.09
N LEU GA 411 -22.54 -89.94 -19.08
CA LEU GA 411 -21.86 -91.21 -19.29
C LEU GA 411 -22.30 -91.82 -20.61
N SER GA 412 -21.43 -92.67 -21.16
CA SER GA 412 -21.81 -93.43 -22.34
C SER GA 412 -22.84 -94.50 -22.00
N ALA GA 413 -22.77 -95.06 -20.80
CA ALA GA 413 -23.68 -96.13 -20.39
C ALA GA 413 -25.12 -95.67 -20.25
N GLN GA 414 -25.37 -94.35 -20.25
CA GLN GA 414 -26.73 -93.86 -20.24
C GLN GA 414 -27.47 -94.26 -21.50
N ASP GA 415 -26.78 -94.28 -22.63
CA ASP GA 415 -27.39 -94.67 -23.89
C ASP GA 415 -27.62 -96.18 -23.93
N ALA GA 416 -28.57 -96.58 -24.78
CA ALA GA 416 -28.85 -98.00 -24.95
C ALA GA 416 -27.77 -98.71 -25.74
N ASP GA 417 -26.94 -97.97 -26.48
CA ASP GA 417 -25.86 -98.55 -27.28
C ASP GA 417 -24.51 -97.98 -26.90
N GLY GA 418 -24.36 -97.45 -25.68
CA GLY GA 418 -23.13 -96.82 -25.25
C GLY GA 418 -22.05 -97.82 -24.90
N LEU GA 419 -21.18 -97.41 -23.99
CA LEU GA 419 -20.06 -98.23 -23.55
C LEU GA 419 -20.10 -98.40 -22.04
N VAL GA 420 -19.68 -99.57 -21.58
CA VAL GA 420 -19.60 -99.90 -20.16
C VAL GA 420 -18.13 -100.10 -19.83
N ASP GA 421 -17.62 -99.30 -18.89
CA ASP GA 421 -16.23 -99.35 -18.48
C ASP GA 421 -16.16 -100.09 -17.15
N VAL GA 422 -15.52 -101.25 -17.15
CA VAL GA 422 -15.36 -102.08 -15.97
C VAL GA 422 -13.89 -102.03 -15.57
N THR GA 423 -13.61 -101.61 -14.34
CA THR GA 423 -12.26 -101.45 -13.86
C THR GA 423 -11.76 -102.75 -13.23
N CYS GA 424 -10.61 -103.23 -13.70
CA CYS GA 424 -9.85 -104.23 -12.97
C CYS GA 424 -9.02 -103.50 -11.93
N MET GA 425 -9.33 -103.75 -10.66
CA MET GA 425 -8.78 -102.99 -9.55
C MET GA 425 -7.44 -103.52 -9.06
N SER GA 426 -7.13 -104.79 -9.30
CA SER GA 426 -5.82 -105.30 -8.93
C SER GA 426 -4.72 -104.82 -9.85
N SER GA 427 -5.07 -104.25 -11.00
CA SER GA 427 -4.08 -103.68 -11.91
C SER GA 427 -4.47 -102.29 -12.40
N GLN GA 428 -5.62 -101.76 -11.97
CA GLN GA 428 -6.12 -100.46 -12.40
C GLN GA 428 -6.16 -100.36 -13.92
N ARG GA 429 -6.80 -101.33 -14.54
CA ARG GA 429 -6.97 -101.31 -16.00
C ARG GA 429 -8.46 -101.23 -16.31
N SER GA 430 -8.76 -100.94 -17.57
CA SER GA 430 -10.14 -100.71 -17.99
C SER GA 430 -10.54 -101.71 -19.07
N LEU GA 431 -11.76 -102.23 -18.95
CA LEU GA 431 -12.36 -103.10 -19.94
C LEU GA 431 -13.60 -102.39 -20.46
N VAL GA 432 -13.57 -101.98 -21.72
CA VAL GA 432 -14.68 -101.25 -22.32
C VAL GA 432 -15.49 -102.20 -23.17
N PHE GA 433 -16.74 -102.43 -22.78
CA PHE GA 433 -17.65 -103.31 -23.49
C PHE GA 433 -18.71 -102.47 -24.19
N TYR GA 434 -19.20 -102.98 -25.31
CA TYR GA 434 -20.38 -102.41 -25.95
C TYR GA 434 -21.62 -102.96 -25.28
N LYS GA 435 -22.48 -102.09 -24.77
CA LYS GA 435 -23.66 -102.57 -24.05
C LYS GA 435 -24.83 -102.83 -25.00
N GLY GA 436 -24.56 -103.61 -26.04
CA GLY GA 436 -25.59 -104.10 -26.95
C GLY GA 436 -25.74 -105.60 -26.78
N ASP GA 437 -26.99 -106.06 -26.75
CA ASP GA 437 -27.25 -107.46 -26.44
C ASP GA 437 -26.69 -108.41 -27.50
N GLN GA 438 -26.40 -107.91 -28.70
CA GLN GA 438 -25.88 -108.78 -29.75
C GLN GA 438 -24.42 -109.13 -29.54
N TYR GA 439 -23.70 -108.40 -28.69
CA TYR GA 439 -22.30 -108.69 -28.42
C TYR GA 439 -22.09 -109.56 -27.19
N TRP GA 440 -23.16 -109.96 -26.50
CA TRP GA 440 -23.07 -110.63 -25.22
C TRP GA 440 -23.68 -112.02 -25.31
N ASN GA 441 -23.21 -112.89 -24.41
CA ASN GA 441 -23.74 -114.24 -24.28
C ASN GA 441 -24.76 -114.27 -23.16
N PRO GA 442 -26.03 -114.53 -23.44
CA PRO GA 442 -27.05 -114.44 -22.38
C PRO GA 442 -26.86 -115.44 -21.25
N LYS GA 443 -26.12 -116.53 -21.47
CA LYS GA 443 -25.99 -117.56 -20.45
C LYS GA 443 -25.06 -117.16 -19.31
N VAL GA 444 -24.21 -116.15 -19.51
CA VAL GA 444 -23.24 -115.76 -18.49
C VAL GA 444 -23.33 -114.26 -18.22
N TYR GA 445 -24.12 -113.55 -19.04
CA TYR GA 445 -24.18 -112.10 -18.95
C TYR GA 445 -24.72 -111.64 -17.60
N ASN GA 446 -25.81 -112.25 -17.15
CA ASN GA 446 -26.42 -111.82 -15.89
C ASN GA 446 -25.51 -112.11 -14.71
N ASP GA 447 -24.83 -113.25 -14.72
CA ASP GA 447 -23.87 -113.56 -13.67
C ASP GA 447 -22.73 -112.55 -13.64
N PHE GA 448 -22.21 -112.20 -14.82
CA PHE GA 448 -21.13 -111.20 -14.87
C PHE GA 448 -21.61 -109.85 -14.35
N ILE GA 449 -22.82 -109.44 -14.73
CA ILE GA 449 -23.35 -108.15 -14.29
C ILE GA 449 -23.55 -108.14 -12.78
N ASN GA 450 -24.08 -109.24 -12.23
CA ASN GA 450 -24.27 -109.31 -10.79
C ASN GA 450 -22.95 -109.28 -10.04
N GLN GA 451 -21.93 -109.96 -10.57
CA GLN GA 451 -20.66 -110.03 -9.88
C GLN GA 451 -19.88 -108.73 -9.98
N THR GA 452 -20.06 -107.96 -11.06
CA THR GA 452 -19.28 -106.74 -11.23
C THR GA 452 -19.96 -105.49 -10.68
N SER GA 453 -21.25 -105.53 -10.42
CA SER GA 453 -21.98 -104.37 -9.92
C SER GA 453 -22.25 -104.57 -8.44
N ASN GA 454 -21.32 -104.11 -7.60
CA ASN GA 454 -21.46 -104.26 -6.16
C ASN GA 454 -21.20 -102.93 -5.43
N LEU GA 455 -20.38 -102.07 -6.03
CA LEU GA 455 -20.07 -100.78 -5.43
C LEU GA 455 -20.94 -99.65 -5.96
N TRP GA 456 -21.74 -99.89 -7.01
CA TRP GA 456 -22.69 -98.89 -7.49
C TRP GA 456 -24.02 -99.19 -6.81
N THR GA 457 -24.20 -98.67 -5.61
CA THR GA 457 -25.36 -98.95 -4.78
C THR GA 457 -26.17 -97.68 -4.56
N ARG GA 458 -27.19 -97.79 -3.71
CA ARG GA 458 -28.10 -96.69 -3.46
C ARG GA 458 -27.46 -95.58 -2.62
N ASN GA 459 -26.45 -95.90 -1.81
CA ASN GA 459 -25.79 -94.88 -1.01
C ASN GA 459 -25.10 -93.84 -1.88
N TYR GA 460 -24.79 -94.17 -3.13
CA TYR GA 460 -24.14 -93.22 -4.01
C TYR GA 460 -24.99 -91.96 -4.20
N THR GA 461 -26.32 -92.12 -4.19
CA THR GA 461 -27.21 -90.98 -4.31
C THR GA 461 -27.31 -90.19 -3.01
N GLY GA 462 -27.26 -90.88 -1.87
CA GLY GA 462 -27.34 -90.24 -0.56
C GLY GA 462 -28.33 -90.95 0.33
N TYR GA 463 -28.47 -90.40 1.53
CA TYR GA 463 -29.38 -90.95 2.54
C TYR GA 463 -30.54 -90.00 2.74
N ASN GA 464 -31.76 -90.53 2.65
CA ASN GA 464 -32.94 -89.71 2.88
C ASN GA 464 -33.17 -89.57 4.38
N ARG GA 465 -34.34 -89.05 4.77
CA ARG GA 465 -34.60 -88.77 6.18
C ARG GA 465 -34.63 -90.05 7.01
N LEU GA 466 -34.97 -91.18 6.39
CA LEU GA 466 -35.11 -92.43 7.12
C LEU GA 466 -33.83 -93.26 7.12
N GLU GA 467 -33.06 -93.22 6.04
CA GLU GA 467 -31.86 -94.04 5.93
C GLU GA 467 -30.65 -93.43 6.62
N VAL GA 468 -30.70 -92.15 7.01
CA VAL GA 468 -29.55 -91.51 7.63
C VAL GA 468 -29.27 -92.13 8.99
N GLN GA 469 -30.31 -92.54 9.73
CA GLN GA 469 -30.09 -93.18 11.02
C GLN GA 469 -29.41 -94.53 10.87
N ASN GA 470 -29.65 -95.23 9.77
CA ASN GA 470 -29.03 -96.52 9.49
C ASN GA 470 -27.76 -96.39 8.65
N SER GA 471 -27.27 -95.17 8.45
CA SER GA 471 -26.07 -94.98 7.64
C SER GA 471 -24.86 -95.68 8.25
N VAL GA 472 -24.85 -95.87 9.56
CA VAL GA 472 -23.76 -96.54 10.26
C VAL GA 472 -24.36 -97.47 11.31
N GLU GA 473 -23.50 -98.29 11.91
CA GLU GA 473 -23.88 -99.17 13.00
C GLU GA 473 -23.34 -98.59 14.30
N GLN GA 474 -24.22 -98.45 15.29
CA GLN GA 474 -23.86 -97.79 16.54
C GLN GA 474 -22.74 -98.54 17.24
N VAL GA 475 -21.84 -97.78 17.86
CA VAL GA 475 -20.77 -98.32 18.68
C VAL GA 475 -21.22 -98.21 20.13
N LYS GA 476 -21.40 -99.36 20.78
CA LYS GA 476 -21.86 -99.40 22.17
C LYS GA 476 -20.67 -99.47 23.10
N ILE GA 477 -20.61 -98.55 24.06
CA ILE GA 477 -19.46 -98.37 24.93
C ILE GA 477 -19.90 -98.58 26.38
N GLY GA 478 -19.15 -99.39 27.12
CA GLY GA 478 -19.40 -99.59 28.53
C GLY GA 478 -20.42 -100.65 28.86
N PHE GA 479 -21.06 -101.25 27.86
CA PHE GA 479 -22.06 -102.28 28.13
C PHE GA 479 -21.44 -103.57 28.65
N SER GA 480 -20.14 -103.76 28.43
CA SER GA 480 -19.41 -104.93 28.93
C SER GA 480 -20.07 -106.24 28.50
N THR HA 258 -44.51 -119.12 -71.32
CA THR HA 258 -44.63 -117.85 -70.61
C THR HA 258 -43.26 -117.20 -70.41
N VAL HA 259 -43.21 -116.19 -69.55
CA VAL HA 259 -41.95 -115.52 -69.26
C VAL HA 259 -41.06 -116.44 -68.42
N PHE HA 260 -39.76 -116.21 -68.50
CA PHE HA 260 -38.81 -116.99 -67.70
C PHE HA 260 -38.83 -116.51 -66.26
N ASP HA 261 -38.93 -117.47 -65.33
CA ASP HA 261 -38.84 -117.20 -63.90
C ASP HA 261 -37.57 -117.82 -63.36
N ALA HA 262 -36.60 -116.97 -63.01
CA ALA HA 262 -35.33 -117.47 -62.48
C ALA HA 262 -35.50 -118.09 -61.10
N GLU HA 263 -36.46 -117.60 -60.32
CA GLU HA 263 -36.66 -118.12 -58.98
C GLU HA 263 -37.09 -119.59 -59.01
N LEU HA 264 -38.03 -119.93 -59.89
CA LEU HA 264 -38.47 -121.32 -59.98
C LEU HA 264 -37.36 -122.21 -60.53
N ALA HA 265 -36.57 -121.71 -61.48
CA ALA HA 265 -35.47 -122.50 -62.00
C ALA HA 265 -34.44 -122.78 -60.91
N PHE HA 266 -34.13 -121.78 -60.09
CA PHE HA 266 -33.20 -122.02 -59.00
C PHE HA 266 -33.81 -122.91 -57.93
N ILE HA 267 -35.12 -122.84 -57.73
CA ILE HA 267 -35.77 -123.74 -56.78
C ILE HA 267 -35.62 -125.19 -57.25
N LYS HA 268 -35.83 -125.42 -58.54
CA LYS HA 268 -35.64 -126.77 -59.09
C LYS HA 268 -34.19 -127.22 -58.95
N GLU HA 269 -33.24 -126.34 -59.25
CA GLU HA 269 -31.83 -126.69 -59.13
C GLU HA 269 -31.46 -126.99 -57.69
N ALA HA 270 -31.96 -126.19 -56.75
CA ALA HA 270 -31.67 -126.40 -55.33
C ALA HA 270 -32.29 -127.69 -54.83
N ASN HA 271 -33.49 -128.03 -55.29
CA ASN HA 271 -34.09 -129.31 -54.92
C ASN HA 271 -33.24 -130.46 -55.44
N GLU HA 272 -32.76 -130.36 -56.68
CA GLU HA 272 -31.89 -131.42 -57.21
C GLU HA 272 -30.61 -131.52 -56.40
N MET HA 273 -30.02 -130.38 -56.03
CA MET HA 273 -28.80 -130.40 -55.24
C MET HA 273 -29.02 -131.02 -53.86
N ILE HA 274 -30.15 -130.69 -53.24
CA ILE HA 274 -30.47 -131.25 -51.92
C ILE HA 274 -30.66 -132.76 -52.03
N GLN HA 275 -31.36 -133.22 -53.06
CA GLN HA 275 -31.53 -134.66 -53.25
C GLN HA 275 -30.21 -135.35 -53.50
N GLN HA 276 -29.30 -134.72 -54.25
CA GLN HA 276 -28.02 -135.34 -54.56
C GLN HA 276 -27.13 -135.40 -53.33
N ASN HA 277 -27.10 -134.34 -52.52
CA ASN HA 277 -26.21 -134.30 -51.37
C ASN HA 277 -26.57 -135.39 -50.37
N THR HA 278 -27.86 -135.61 -50.11
CA THR HA 278 -28.28 -136.65 -49.19
C THR HA 278 -28.13 -138.05 -49.77
N GLY HA 279 -27.82 -138.16 -51.06
CA GLY HA 279 -27.64 -139.46 -51.67
C GLY HA 279 -28.92 -140.16 -52.09
N ASN HA 280 -30.05 -139.47 -52.07
CA ASN HA 280 -31.33 -140.07 -52.43
C ASN HA 280 -31.52 -139.97 -53.95
N LEU HA 281 -31.35 -141.10 -54.64
CA LEU HA 281 -31.55 -141.16 -56.08
C LEU HA 281 -32.52 -142.28 -56.41
N PRO HA 282 -33.43 -142.07 -57.36
CA PRO HA 282 -34.43 -143.09 -57.68
C PRO HA 282 -33.84 -144.21 -58.54
N TRP HA 283 -34.66 -145.24 -58.74
CA TRP HA 283 -34.33 -146.32 -59.67
C TRP HA 283 -34.72 -145.88 -61.08
N ASP HA 284 -33.73 -145.77 -61.96
CA ASP HA 284 -33.96 -145.29 -63.33
C ASP HA 284 -34.02 -146.43 -64.33
N GLY HA 285 -32.99 -147.26 -64.40
CA GLY HA 285 -32.94 -148.34 -65.37
C GLY HA 285 -32.45 -149.65 -64.78
N GLY HA 286 -32.76 -149.90 -63.51
CA GLY HA 286 -32.29 -151.07 -62.82
C GLY HA 286 -30.96 -150.91 -62.12
N LYS HA 287 -30.28 -149.78 -62.31
CA LYS HA 287 -29.07 -149.46 -61.59
C LYS HA 287 -29.33 -148.22 -60.74
N LYS HA 288 -29.18 -148.35 -59.43
CA LYS HA 288 -29.38 -147.25 -58.50
C LYS HA 288 -28.02 -146.67 -58.14
N LYS HA 289 -27.82 -145.39 -58.43
CA LYS HA 289 -26.56 -144.73 -58.14
C LYS HA 289 -26.47 -144.51 -56.63
N ILE HA 290 -25.77 -145.40 -55.94
CA ILE HA 290 -25.67 -145.33 -54.49
C ILE HA 290 -24.38 -144.67 -54.02
N PHE HA 291 -23.47 -144.31 -54.93
CA PHE HA 291 -22.26 -143.64 -54.51
C PHE HA 291 -21.72 -142.76 -55.62
N GLN HA 292 -21.32 -141.54 -55.26
CA GLN HA 292 -20.64 -140.62 -56.16
C GLN HA 292 -19.46 -140.01 -55.42
N GLY HA 293 -18.30 -139.98 -56.07
CA GLY HA 293 -17.10 -139.47 -55.44
C GLY HA 293 -16.35 -138.52 -56.36
N GLN HA 294 -15.30 -137.91 -55.81
CA GLN HA 294 -14.47 -136.96 -56.52
C GLN HA 294 -13.01 -137.32 -56.36
N ALA HA 295 -12.25 -137.19 -57.43
CA ALA HA 295 -10.83 -137.52 -57.45
C ALA HA 295 -10.00 -136.24 -57.48
N ASN HA 296 -9.01 -136.16 -56.60
CA ASN HA 296 -8.15 -134.99 -56.55
C ASN HA 296 -7.19 -134.97 -57.74
N LYS HA 297 -7.01 -133.79 -58.32
CA LYS HA 297 -6.10 -133.59 -59.44
C LYS HA 297 -4.97 -132.68 -59.01
N TYR HA 298 -3.74 -133.13 -59.19
CA TYR HA 298 -2.55 -132.42 -58.74
C TYR HA 298 -1.70 -132.00 -59.93
N LEU HA 299 -1.04 -130.86 -59.79
CA LEU HA 299 -0.22 -130.32 -60.88
C LEU HA 299 1.08 -131.11 -61.01
N GLU HA 300 1.45 -131.40 -62.25
CA GLU HA 300 2.71 -132.06 -62.56
C GLU HA 300 3.53 -131.30 -63.59
N THR HA 301 2.88 -130.69 -64.59
CA THR HA 301 3.60 -129.97 -65.63
C THR HA 301 4.41 -128.79 -65.10
N PRO HA 302 3.86 -127.90 -64.25
CA PRO HA 302 4.72 -126.81 -63.74
C PRO HA 302 5.93 -127.30 -62.98
N TYR HA 303 5.77 -128.36 -62.18
CA TYR HA 303 6.91 -128.87 -61.41
C TYR HA 303 7.94 -129.52 -62.33
N TYR HA 304 7.49 -130.24 -63.35
CA TYR HA 304 8.42 -130.82 -64.31
C TYR HA 304 9.18 -129.73 -65.06
N LEU HA 305 8.47 -128.67 -65.46
CA LEU HA 305 9.13 -127.55 -66.12
C LEU HA 305 10.15 -126.88 -65.21
N LEU HA 306 9.80 -126.69 -63.94
CA LEU HA 306 10.73 -126.06 -63.00
C LEU HA 306 11.97 -126.93 -62.80
N ALA HA 307 11.79 -128.25 -62.66
CA ALA HA 307 12.93 -129.13 -62.49
C ALA HA 307 13.83 -129.12 -63.72
N ALA HA 308 13.24 -129.17 -64.92
CA ALA HA 308 14.03 -129.12 -66.14
C ALA HA 308 14.76 -127.79 -66.26
N LEU HA 309 14.10 -126.69 -65.91
CA LEU HA 309 14.76 -125.39 -65.96
C LEU HA 309 15.91 -125.31 -64.98
N SER HA 310 15.75 -125.88 -63.78
CA SER HA 310 16.84 -125.88 -62.81
C SER HA 310 18.02 -126.70 -63.31
N GLY HA 311 17.75 -127.87 -63.90
CA GLY HA 311 18.84 -128.67 -64.44
C GLY HA 311 19.56 -127.97 -65.57
N LEU HA 312 18.82 -127.37 -66.50
CA LEU HA 312 19.44 -126.64 -67.60
C LEU HA 312 20.21 -125.43 -67.09
N GLY HA 313 19.70 -124.76 -66.06
CA GLY HA 313 20.41 -123.63 -65.48
C GLY HA 313 21.71 -124.06 -64.83
N LEU HA 314 21.70 -125.19 -64.12
CA LEU HA 314 22.94 -125.70 -63.55
C LEU HA 314 23.95 -126.02 -64.65
N LEU HA 315 23.50 -126.69 -65.72
CA LEU HA 315 24.41 -127.00 -66.81
C LEU HA 315 24.96 -125.75 -67.46
N TYR HA 316 24.11 -124.72 -67.65
CA TYR HA 316 24.58 -123.47 -68.24
C TYR HA 316 25.57 -122.77 -67.34
N PHE HA 317 25.33 -122.78 -66.03
CA PHE HA 317 26.27 -122.17 -65.10
C PHE HA 317 27.59 -122.92 -65.05
N LEU HA 318 27.56 -124.22 -65.36
CA LEU HA 318 28.81 -124.94 -65.57
C LEU HA 318 29.52 -124.45 -66.82
N TYR HA 319 28.76 -124.17 -67.89
CA TYR HA 319 29.36 -123.72 -69.14
C TYR HA 319 29.91 -122.31 -69.02
N SER HA 320 29.13 -121.40 -68.45
CA SER HA 320 29.52 -120.01 -68.27
C SER HA 320 29.67 -119.71 -66.79
N GLY HA 321 30.84 -119.22 -66.39
CA GLY HA 321 31.11 -119.01 -64.98
C GLY HA 321 30.51 -117.75 -64.40
N ASP HA 322 29.41 -117.28 -64.98
CA ASP HA 322 28.70 -116.10 -64.49
C ASP HA 322 27.57 -116.47 -63.53
N ALA HA 323 27.87 -117.27 -62.51
CA ALA HA 323 26.88 -117.71 -61.54
C ALA HA 323 27.32 -117.29 -60.15
N LYS HA 324 26.43 -116.63 -59.41
CA LYS HA 324 26.74 -116.24 -58.05
C LYS HA 324 26.69 -117.45 -57.12
N TYR HA 325 27.29 -117.28 -55.94
CA TYR HA 325 27.22 -118.34 -54.93
C TYR HA 325 25.78 -118.56 -54.49
N LYS HA 326 25.02 -117.49 -54.28
CA LYS HA 326 23.63 -117.63 -53.89
C LYS HA 326 22.83 -118.31 -55.00
N THR HA 327 23.14 -118.01 -56.25
CA THR HA 327 22.46 -118.68 -57.36
C THR HA 327 22.80 -120.16 -57.40
N LEU HA 328 24.07 -120.50 -57.25
CA LEU HA 328 24.49 -121.90 -57.26
C LEU HA 328 23.99 -122.66 -56.04
N VAL HA 329 23.59 -121.96 -54.98
CA VAL HA 329 22.97 -122.62 -53.83
C VAL HA 329 21.47 -122.78 -54.03
N LEU HA 330 20.80 -121.74 -54.52
CA LEU HA 330 19.34 -121.76 -54.63
C LEU HA 330 18.86 -122.64 -55.78
N THR HA 331 19.58 -122.66 -56.91
CA THR HA 331 19.12 -123.44 -58.06
C THR HA 331 18.99 -124.92 -57.77
N PRO HA 332 20.00 -125.62 -57.21
CA PRO HA 332 19.80 -127.04 -56.88
C PRO HA 332 18.72 -127.27 -55.85
N VAL HA 333 18.57 -126.38 -54.86
CA VAL HA 333 17.55 -126.55 -53.85
C VAL HA 333 16.16 -126.47 -54.48
N VAL HA 334 15.94 -125.45 -55.31
CA VAL HA 334 14.66 -125.30 -55.99
C VAL HA 334 14.41 -126.49 -56.91
N GLY HA 335 15.44 -126.95 -57.62
CA GLY HA 335 15.26 -128.09 -58.50
C GLY HA 335 14.90 -129.36 -57.75
N ILE HA 336 15.58 -129.62 -56.64
CA ILE HA 336 15.28 -130.81 -55.84
C ILE HA 336 13.87 -130.73 -55.27
N ALA HA 337 13.48 -129.56 -54.75
CA ALA HA 337 12.13 -129.42 -54.21
C ALA HA 337 11.08 -129.63 -55.29
N ALA HA 338 11.31 -129.06 -56.48
CA ALA HA 338 10.36 -129.21 -57.57
C ALA HA 338 10.27 -130.67 -58.01
N PHE HA 339 11.41 -131.36 -58.07
CA PHE HA 339 11.39 -132.77 -58.46
C PHE HA 339 10.65 -133.62 -57.45
N VAL HA 340 10.88 -133.35 -56.15
CA VAL HA 340 10.18 -134.10 -55.10
C VAL HA 340 8.68 -133.86 -55.19
N LEU HA 341 8.27 -132.61 -55.37
CA LEU HA 341 6.85 -132.31 -55.49
C LEU HA 341 6.25 -132.95 -56.74
N LEU HA 342 7.01 -132.98 -57.84
CA LEU HA 342 6.53 -133.63 -59.05
C LEU HA 342 6.33 -135.12 -58.84
N ARG HA 343 7.28 -135.78 -58.19
CA ARG HA 343 7.13 -137.22 -57.92
C ARG HA 343 5.93 -137.47 -57.00
N ARG HA 344 5.77 -136.63 -55.97
CA ARG HA 344 4.64 -136.80 -55.06
C ARG HA 344 3.32 -136.63 -55.79
N ASN HA 345 3.21 -135.63 -56.67
CA ASN HA 345 1.97 -135.41 -57.40
C ASN HA 345 1.72 -136.51 -58.41
N GLN HA 346 2.77 -137.05 -59.03
CA GLN HA 346 2.60 -138.17 -59.94
C GLN HA 346 2.08 -139.39 -59.19
N ILE HA 347 2.60 -139.65 -58.00
CA ILE HA 347 2.10 -140.76 -57.19
C ILE HA 347 0.65 -140.52 -56.80
N LEU HA 348 0.31 -139.30 -56.40
CA LEU HA 348 -1.04 -139.00 -55.94
C LEU HA 348 -2.05 -139.05 -57.08
N ASN HA 349 -1.64 -138.76 -58.31
CA ASN HA 349 -2.57 -138.74 -59.42
C ASN HA 349 -2.96 -140.14 -59.86
N ARG HA 350 -2.04 -141.10 -59.81
CA ARG HA 350 -2.31 -142.45 -60.26
C ARG HA 350 -3.08 -143.27 -59.23
N VAL HA 351 -3.57 -142.65 -58.16
CA VAL HA 351 -4.35 -143.35 -57.14
C VAL HA 351 -5.69 -143.74 -57.73
N PRO HA 352 -6.05 -145.03 -57.74
CA PRO HA 352 -7.37 -145.44 -58.24
C PRO HA 352 -8.46 -145.14 -57.21
N THR HA 353 -9.28 -144.13 -57.50
CA THR HA 353 -10.32 -143.69 -56.59
C THR HA 353 -11.68 -144.08 -57.16
N LEU HA 354 -12.52 -144.67 -56.31
CA LEU HA 354 -13.87 -145.01 -56.71
C LEU HA 354 -14.68 -143.74 -56.90
N THR HA 355 -15.13 -143.48 -58.12
CA THR HA 355 -15.86 -142.27 -58.44
C THR HA 355 -17.37 -142.48 -58.50
N GLU HA 356 -17.84 -143.58 -59.08
CA GLU HA 356 -19.26 -143.87 -59.12
C GLU HA 356 -19.52 -145.31 -58.75
N LEU HA 357 -20.66 -145.55 -58.11
CA LEU HA 357 -21.03 -146.91 -57.71
C LEU HA 357 -22.54 -147.04 -57.80
N PHE HA 358 -22.99 -147.95 -58.67
CA PHE HA 358 -24.39 -148.22 -58.93
C PHE HA 358 -24.76 -149.58 -58.37
N LEU HA 359 -25.96 -149.69 -57.81
CA LEU HA 359 -26.45 -150.93 -57.22
C LEU HA 359 -27.43 -151.59 -58.17
N HIS HA 360 -27.27 -152.91 -58.35
CA HIS HA 360 -28.18 -153.65 -59.21
C HIS HA 360 -29.56 -153.75 -58.57
N LYS HA 361 -30.56 -154.07 -59.41
CA LYS HA 361 -31.93 -154.19 -58.92
C LYS HA 361 -32.05 -155.34 -57.93
N ASP HA 362 -31.36 -156.45 -58.18
CA ASP HA 362 -31.39 -157.59 -57.28
C ASP HA 362 -30.61 -157.34 -56.00
N GLY HA 363 -29.85 -156.25 -55.91
CA GLY HA 363 -29.12 -155.93 -54.70
C GLY HA 363 -28.04 -156.91 -54.33
N LYS HA 364 -27.37 -157.50 -55.32
CA LYS HA 364 -26.27 -158.42 -55.07
C LYS HA 364 -25.01 -158.09 -55.86
N PHE HA 365 -25.07 -157.19 -56.84
CA PHE HA 365 -23.91 -156.81 -57.62
C PHE HA 365 -23.86 -155.29 -57.73
N VAL HA 366 -22.64 -154.77 -57.85
CA VAL HA 366 -22.41 -153.33 -57.92
C VAL HA 366 -21.54 -153.03 -59.13
N ASP HA 367 -21.88 -151.96 -59.86
CA ASP HA 367 -21.10 -151.48 -60.98
C ASP HA 367 -20.27 -150.30 -60.53
N ALA HA 368 -18.95 -150.39 -60.67
CA ALA HA 368 -18.02 -149.40 -60.15
C ALA HA 368 -17.32 -148.68 -61.29
N VAL HA 369 -17.24 -147.35 -61.18
CA VAL HA 369 -16.49 -146.51 -62.10
C VAL HA 369 -15.37 -145.89 -61.29
N VAL HA 370 -14.13 -146.26 -61.62
CA VAL HA 370 -12.95 -145.92 -60.82
C VAL HA 370 -12.04 -145.05 -61.68
N SER HA 371 -11.56 -143.96 -61.12
CA SER HA 371 -10.71 -143.01 -61.83
C SER HA 371 -9.25 -143.29 -61.48
N VAL HA 372 -8.45 -143.55 -62.51
CA VAL HA 372 -7.01 -143.70 -62.39
C VAL HA 372 -6.37 -142.65 -63.29
N ASN HA 373 -5.82 -141.60 -62.69
CA ASN HA 373 -5.17 -140.51 -63.42
C ASN HA 373 -6.12 -139.91 -64.46
N GLY HA 374 -7.38 -139.75 -64.08
CA GLY HA 374 -8.37 -139.19 -64.97
C GLY HA 374 -8.97 -140.17 -65.97
N GLN HA 375 -8.57 -141.43 -65.93
CA GLN HA 375 -9.10 -142.44 -66.84
C GLN HA 375 -10.14 -143.27 -66.09
N LEU HA 376 -11.33 -143.39 -66.68
CA LEU HA 376 -12.45 -144.06 -66.03
C LEU HA 376 -12.48 -145.52 -66.44
N ILE HA 377 -12.36 -146.41 -65.46
CA ILE HA 377 -12.40 -147.86 -65.68
C ILE HA 377 -13.68 -148.39 -65.04
N SER HA 378 -14.43 -149.19 -65.78
CA SER HA 378 -15.73 -149.67 -65.35
C SER HA 378 -15.71 -151.16 -65.09
N LYS HA 379 -16.15 -151.57 -63.90
CA LYS HA 379 -16.35 -152.97 -63.55
C LYS HA 379 -17.85 -153.17 -63.36
N ASN HA 380 -18.47 -153.96 -64.23
CA ASN HA 380 -19.93 -154.09 -64.26
C ASN HA 380 -20.44 -155.34 -63.55
N ASP HA 381 -19.58 -156.09 -62.88
CA ASP HA 381 -20.02 -157.28 -62.15
C ASP HA 381 -19.10 -157.48 -60.96
N ILE HA 382 -19.53 -157.00 -59.79
CA ILE HA 382 -18.80 -157.22 -58.54
C ILE HA 382 -19.80 -157.64 -57.47
N PRO HA 383 -19.77 -158.90 -57.02
CA PRO HA 383 -20.71 -159.33 -55.97
C PRO HA 383 -20.53 -158.53 -54.69
N VAL HA 384 -21.65 -158.22 -54.04
CA VAL HA 384 -21.62 -157.44 -52.82
C VAL HA 384 -20.86 -158.19 -51.73
N SER HA 385 -20.96 -159.52 -51.70
CA SER HA 385 -20.21 -160.30 -50.72
C SER HA 385 -18.71 -160.12 -50.88
N THR HA 386 -18.24 -159.73 -52.06
CA THR HA 386 -16.80 -159.51 -52.25
C THR HA 386 -16.34 -158.15 -51.75
N LEU HA 387 -17.26 -157.19 -51.58
CA LEU HA 387 -16.87 -155.86 -51.13
C LEU HA 387 -16.41 -155.89 -49.69
N LYS HA 388 -15.39 -155.08 -49.38
CA LYS HA 388 -14.92 -154.98 -48.01
C LYS HA 388 -14.29 -153.61 -47.81
N LEU HA 389 -14.96 -152.74 -47.06
CA LEU HA 389 -14.39 -151.45 -46.72
C LEU HA 389 -13.51 -151.60 -45.49
N TYR HA 390 -12.24 -151.23 -45.61
CA TYR HA 390 -11.29 -151.40 -44.52
C TYR HA 390 -11.43 -150.23 -43.55
N ARG HA 391 -12.01 -150.50 -42.38
CA ARG HA 391 -12.11 -149.51 -41.31
C ARG HA 391 -10.80 -149.51 -40.50
N GLY HA 392 -9.73 -149.17 -41.19
CA GLY HA 392 -8.40 -149.22 -40.61
C GLY HA 392 -7.36 -149.65 -41.61
N ASP HA 393 -6.10 -149.44 -41.29
CA ASP HA 393 -5.03 -149.77 -42.23
C ASP HA 393 -4.90 -151.28 -42.40
N HIS HA 394 -4.41 -151.68 -43.57
CA HIS HA 394 -4.22 -153.08 -43.89
C HIS HA 394 -2.77 -153.32 -44.31
N THR HA 395 -2.47 -154.48 -44.88
CA THR HA 395 -1.12 -154.83 -45.28
C THR HA 395 -1.11 -155.20 -46.75
N VAL HA 396 -0.29 -154.52 -47.53
CA VAL HA 396 -0.10 -154.86 -48.94
C VAL HA 396 1.04 -155.87 -49.04
N LYS HA 397 1.02 -156.65 -50.12
CA LYS HA 397 1.99 -157.72 -50.31
C LYS HA 397 2.56 -157.67 -51.72
N VAL HA 398 3.87 -157.87 -51.82
CA VAL HA 398 4.56 -157.96 -53.10
C VAL HA 398 4.78 -159.45 -53.35
N ASN HA 399 3.82 -160.10 -54.02
CA ASN HA 399 3.86 -161.55 -54.14
C ASN HA 399 4.93 -162.01 -55.12
N LEU HA 400 5.23 -161.23 -56.16
CA LEU HA 400 6.22 -161.62 -57.16
C LEU HA 400 7.63 -161.21 -56.74
N ASN HA 401 8.04 -161.62 -55.54
CA ASN HA 401 9.33 -161.25 -54.98
C ASN HA 401 9.52 -159.74 -55.04
N ASP HA 402 10.22 -159.27 -56.06
CA ASP HA 402 10.26 -157.85 -56.39
C ASP HA 402 9.97 -157.67 -57.87
N PHE HA 403 10.32 -158.68 -58.67
CA PHE HA 403 10.00 -158.75 -60.09
C PHE HA 403 10.50 -157.51 -60.82
N GLU HA 404 11.82 -157.32 -60.79
CA GLU HA 404 12.45 -156.15 -61.36
C GLU HA 404 13.93 -156.44 -61.56
N ASP HA 405 14.71 -155.41 -61.87
CA ASP HA 405 16.14 -155.57 -62.08
C ASP HA 405 16.83 -155.90 -60.74
N ALA HA 406 18.10 -156.30 -60.85
CA ALA HA 406 18.83 -156.73 -59.67
C ALA HA 406 18.97 -155.61 -58.65
N SER HA 407 19.29 -154.40 -59.11
CA SER HA 407 19.49 -153.29 -58.18
C SER HA 407 18.21 -152.92 -57.44
N ALA HA 408 17.10 -152.78 -58.19
CA ALA HA 408 15.84 -152.46 -57.56
C ALA HA 408 15.36 -153.58 -56.65
N LYS HA 409 15.57 -154.83 -57.07
CA LYS HA 409 15.20 -155.96 -56.23
C LYS HA 409 15.97 -155.95 -54.91
N LYS HA 410 17.29 -155.69 -54.98
CA LYS HA 410 18.08 -155.63 -53.76
C LYS HA 410 17.63 -154.48 -52.87
N PHE HA 411 17.33 -153.32 -53.47
CA PHE HA 411 16.88 -152.18 -52.68
C PHE HA 411 15.56 -152.47 -51.98
N LEU HA 412 14.61 -153.08 -52.69
CA LEU HA 412 13.33 -153.39 -52.07
C LEU HA 412 13.46 -154.51 -51.04
N ALA HA 413 14.40 -155.44 -51.24
CA ALA HA 413 14.58 -156.53 -50.29
C ALA HA 413 15.28 -156.09 -49.02
N GLN HA 414 16.21 -155.12 -49.12
CA GLN HA 414 16.99 -154.73 -47.95
C GLN HA 414 16.10 -154.14 -46.86
N GLN HA 415 15.28 -153.15 -47.21
CA GLN HA 415 14.40 -152.50 -46.24
C GLN HA 415 13.03 -153.14 -46.20
N SER HA 416 12.99 -154.47 -46.05
CA SER HA 416 11.74 -155.21 -46.02
C SER HA 416 11.98 -156.55 -45.34
N GLY HA 417 11.04 -157.48 -45.51
CA GLY HA 417 11.17 -158.80 -44.93
C GLY HA 417 12.30 -159.62 -45.52
N GLN HA 418 12.78 -159.26 -46.71
CA GLN HA 418 13.99 -159.80 -47.31
C GLN HA 418 13.81 -161.25 -47.76
N GLU HA 419 12.66 -161.85 -47.45
CA GLU HA 419 12.42 -163.27 -47.74
C GLU HA 419 11.24 -163.39 -48.68
N GLY HA 420 11.52 -163.38 -49.98
CA GLY HA 420 10.48 -163.59 -50.97
C GLY HA 420 9.41 -162.53 -50.91
N VAL HA 421 8.17 -162.96 -50.69
CA VAL HA 421 7.05 -162.02 -50.59
C VAL HA 421 7.25 -161.14 -49.36
N ILE HA 422 7.21 -159.83 -49.56
CA ILE HA 422 7.38 -158.86 -48.48
C ILE HA 422 6.04 -158.18 -48.23
N ASN HA 423 5.66 -158.08 -46.96
CA ASN HA 423 4.41 -157.44 -46.56
C ASN HA 423 4.72 -156.09 -45.94
N VAL HA 424 4.05 -155.05 -46.45
CA VAL HA 424 4.24 -153.68 -45.97
C VAL HA 424 2.91 -153.19 -45.43
N HIS HA 425 2.91 -152.73 -44.18
CA HIS HA 425 1.69 -152.21 -43.57
C HIS HA 425 1.30 -150.89 -44.24
N PHE HA 426 -0.01 -150.70 -44.42
CA PHE HA 426 -0.51 -149.52 -45.14
C PHE HA 426 -0.29 -148.23 -44.38
N SER HA 427 0.10 -148.28 -43.10
CA SER HA 427 0.39 -147.06 -42.36
C SER HA 427 1.57 -146.31 -42.98
N LYS HA 428 2.59 -147.04 -43.43
CA LYS HA 428 3.73 -146.41 -44.07
C LYS HA 428 3.38 -145.80 -45.42
N LEU HA 429 2.27 -146.21 -46.02
CA LEU HA 429 1.89 -145.78 -47.36
C LEU HA 429 0.60 -144.98 -47.38
N ARG HA 430 -0.03 -144.73 -46.22
CA ARG HA 430 -1.33 -144.10 -46.19
C ARG HA 430 -1.28 -142.66 -46.70
N ASN HA 431 -0.21 -141.93 -46.40
CA ASN HA 431 -0.15 -140.52 -46.74
C ASN HA 431 -0.03 -140.25 -48.23
N LEU HA 432 0.23 -141.28 -49.05
CA LEU HA 432 0.32 -141.09 -50.48
C LEU HA 432 -0.65 -141.96 -51.28
N ALA HA 433 -1.26 -142.97 -50.66
CA ALA HA 433 -2.17 -143.86 -51.38
C ALA HA 433 -3.63 -143.58 -51.06
N ALA HA 434 -3.99 -143.43 -49.79
CA ALA HA 434 -5.37 -143.23 -49.39
C ALA HA 434 -5.48 -142.15 -48.33
N ARG HA 435 -4.75 -141.05 -48.51
CA ARG HA 435 -4.81 -139.97 -47.52
C ARG HA 435 -6.14 -139.21 -47.58
N ASN HA 436 -6.87 -139.32 -48.69
CA ASN HA 436 -8.14 -138.61 -48.85
C ASN HA 436 -9.30 -139.59 -49.01
N GLY HA 437 -9.18 -140.78 -48.42
CA GLY HA 437 -10.26 -141.74 -48.52
C GLY HA 437 -9.89 -143.02 -47.80
N GLN HA 438 -10.79 -143.99 -47.87
CA GLN HA 438 -10.62 -145.28 -47.23
C GLN HA 438 -10.45 -146.37 -48.30
N VAL HA 439 -9.64 -147.37 -47.99
CA VAL HA 439 -9.37 -148.44 -48.94
C VAL HA 439 -10.54 -149.40 -48.96
N LEU HA 440 -11.07 -149.66 -50.15
CA LEU HA 440 -12.21 -150.55 -50.35
C LEU HA 440 -11.78 -151.68 -51.28
N ASN HA 441 -11.81 -152.91 -50.78
CA ASN HA 441 -11.47 -154.07 -51.57
C ASN HA 441 -12.68 -154.49 -52.38
N LEU HA 442 -12.59 -154.38 -53.70
CA LEU HA 442 -13.64 -154.79 -54.63
C LEU HA 442 -13.43 -156.22 -55.10
N GLY HA 443 -13.25 -157.14 -54.16
CA GLY HA 443 -13.02 -158.53 -54.50
C GLY HA 443 -11.62 -158.79 -55.03
N ASP HA 444 -11.31 -158.22 -56.19
CA ASP HA 444 -10.01 -158.39 -56.83
C ASP HA 444 -9.10 -157.18 -56.67
N THR HA 445 -9.64 -155.98 -56.77
CA THR HA 445 -8.86 -154.75 -56.70
C THR HA 445 -9.28 -153.94 -55.49
N GLU HA 446 -8.36 -153.10 -55.02
CA GLU HA 446 -8.60 -152.21 -53.89
C GLU HA 446 -8.52 -150.78 -54.40
N VAL HA 447 -9.60 -150.02 -54.20
CA VAL HA 447 -9.67 -148.63 -54.63
C VAL HA 447 -9.74 -147.74 -53.40
N VAL HA 448 -9.77 -146.43 -53.59
CA VAL HA 448 -9.83 -145.47 -52.50
C VAL HA 448 -11.14 -144.70 -52.63
N VAL HA 449 -12.05 -144.94 -51.70
CA VAL HA 449 -13.31 -144.17 -51.67
C VAL HA 449 -13.01 -142.83 -51.02
N PRO HA 450 -13.29 -141.72 -51.70
CA PRO HA 450 -12.96 -140.40 -51.14
C PRO HA 450 -13.81 -140.09 -49.93
N PHE HA 451 -13.22 -139.29 -49.02
CA PHE HA 451 -13.98 -138.81 -47.88
C PHE HA 451 -15.06 -137.83 -48.30
N GLU HA 452 -14.82 -137.07 -49.36
CA GLU HA 452 -15.82 -136.17 -49.95
C GLU HA 452 -16.62 -136.98 -50.95
N ASN HA 453 -17.82 -137.38 -50.57
CA ASN HA 453 -18.63 -138.26 -51.41
C ASN HA 453 -20.10 -138.09 -51.04
N GLN HA 454 -20.96 -138.29 -52.04
CA GLN HA 454 -22.41 -138.28 -51.85
C GLN HA 454 -22.91 -139.70 -52.10
N ALA HA 455 -23.40 -140.35 -51.06
CA ALA HA 455 -23.75 -141.76 -51.15
C ALA HA 455 -25.00 -142.04 -50.35
N ASN HA 456 -25.68 -143.13 -50.70
CA ASN HA 456 -26.84 -143.60 -49.96
C ASN HA 456 -26.33 -144.32 -48.72
N ARG HA 457 -26.40 -143.65 -47.58
CA ARG HA 457 -25.66 -144.10 -46.39
C ARG HA 457 -26.15 -145.46 -45.91
N ILE HA 458 -27.46 -145.71 -45.95
CA ILE HA 458 -27.97 -146.99 -45.49
C ILE HA 458 -27.47 -148.13 -46.38
N ILE HA 459 -27.65 -147.98 -47.70
CA ILE HA 459 -27.22 -149.01 -48.62
C ILE HA 459 -25.70 -149.13 -48.62
N LEU HA 460 -24.99 -148.01 -48.51
CA LEU HA 460 -23.53 -148.04 -48.48
C LEU HA 460 -23.04 -148.78 -47.25
N LYS HA 461 -23.65 -148.53 -46.09
CA LYS HA 461 -23.28 -149.26 -44.88
C LYS HA 461 -23.58 -150.74 -45.01
N GLN HA 462 -24.70 -151.08 -45.64
CA GLN HA 462 -25.02 -152.49 -45.83
C GLN HA 462 -24.00 -153.19 -46.71
N ILE HA 463 -23.70 -152.62 -47.88
CA ILE HA 463 -22.86 -153.31 -48.84
C ILE HA 463 -21.39 -153.35 -48.38
N PHE HA 464 -20.91 -152.25 -47.78
CA PHE HA 464 -19.49 -152.16 -47.45
C PHE HA 464 -19.07 -153.12 -46.34
N LYS HA 465 -20.02 -153.72 -45.63
CA LYS HA 465 -19.72 -154.75 -44.65
C LYS HA 465 -19.84 -156.15 -45.24
N GLY HA 466 -20.10 -156.27 -46.54
CA GLY HA 466 -20.33 -157.55 -47.17
C GLY HA 466 -21.76 -158.04 -47.11
N VAL HA 467 -22.69 -157.24 -46.60
CA VAL HA 467 -24.08 -157.64 -46.45
C VAL HA 467 -24.86 -157.16 -47.66
N GLU HA 468 -25.58 -158.08 -48.29
CA GLU HA 468 -26.36 -157.75 -49.47
C GLU HA 468 -27.63 -156.98 -49.08
N VAL HA 469 -28.12 -156.17 -50.02
CA VAL HA 469 -29.29 -155.33 -49.81
C VAL HA 469 -30.51 -156.02 -50.42
N LEU HA 470 -31.59 -156.10 -49.66
CA LEU HA 470 -32.81 -156.73 -50.14
C LEU HA 470 -33.39 -155.95 -51.31
N PRO HA 471 -33.87 -156.64 -52.36
CA PRO HA 471 -34.45 -156.01 -53.55
C PRO HA 471 -35.62 -155.09 -53.24
N PHE IA 429 -71.17 -51.64 -22.22
CA PHE IA 429 -70.06 -51.79 -21.28
C PHE IA 429 -70.48 -52.62 -20.07
N PHE IA 430 -69.51 -53.24 -19.41
CA PHE IA 430 -69.76 -54.04 -18.23
C PHE IA 430 -69.60 -53.19 -16.98
N THR IA 431 -70.58 -53.25 -16.08
CA THR IA 431 -70.57 -52.49 -14.85
C THR IA 431 -71.04 -53.37 -13.70
N ASP IA 432 -70.59 -53.04 -12.50
CA ASP IA 432 -71.02 -53.72 -11.28
C ASP IA 432 -71.97 -52.81 -10.53
N PHE IA 433 -73.15 -53.33 -10.19
CA PHE IA 433 -74.13 -52.59 -9.41
C PHE IA 433 -74.11 -53.08 -7.98
N VAL IA 434 -73.87 -52.17 -7.04
CA VAL IA 434 -73.88 -52.48 -5.62
C VAL IA 434 -75.17 -51.91 -5.04
N SER IA 435 -75.99 -52.78 -4.47
CA SER IA 435 -77.28 -52.41 -3.92
C SER IA 435 -77.24 -52.53 -2.40
N LEU IA 436 -77.59 -51.45 -1.72
CA LEU IA 436 -77.59 -51.36 -0.27
C LEU IA 436 -78.96 -50.92 0.20
N ILE IA 437 -79.27 -51.20 1.47
CA ILE IA 437 -80.57 -50.88 2.04
C ILE IA 437 -80.38 -49.75 3.05
N VAL IA 438 -81.14 -48.67 2.86
CA VAL IA 438 -81.10 -47.57 3.82
C VAL IA 438 -81.72 -48.00 5.13
N LEU IA 439 -82.77 -48.82 5.08
CA LEU IA 439 -83.39 -49.32 6.31
C LEU IA 439 -82.43 -50.23 7.08
N GLY IA 440 -81.64 -51.03 6.37
CA GLY IA 440 -80.80 -52.04 6.98
C GLY IA 440 -81.35 -53.44 6.93
N ILE IA 441 -82.58 -53.61 6.44
CA ILE IA 441 -83.18 -54.93 6.32
C ILE IA 441 -82.45 -55.70 5.22
N LYS IA 442 -82.26 -57.00 5.43
CA LYS IA 442 -81.50 -57.81 4.50
C LYS IA 442 -82.20 -57.90 3.15
N VAL IA 443 -81.41 -57.91 2.08
CA VAL IA 443 -81.92 -58.20 0.74
C VAL IA 443 -82.13 -59.71 0.66
N ILE IA 444 -82.81 -60.16 -0.39
CA ILE IA 444 -83.09 -61.58 -0.55
C ILE IA 444 -82.21 -62.15 -1.66
N LYS IA 445 -82.04 -63.47 -1.63
CA LYS IA 445 -81.05 -64.15 -2.46
C LYS IA 445 -81.54 -64.25 -3.90
N ARG IA 446 -80.69 -64.85 -4.75
CA ARG IA 446 -81.03 -65.02 -6.17
C ARG IA 446 -82.23 -65.95 -6.35
N SER IA 447 -82.26 -67.05 -5.60
CA SER IA 447 -83.41 -67.95 -5.66
C SER IA 447 -84.69 -67.22 -5.26
N ASN IA 448 -84.58 -66.26 -4.34
CA ASN IA 448 -85.74 -65.44 -3.99
C ASN IA 448 -86.18 -64.60 -5.19
N PHE IA 449 -85.24 -64.12 -5.99
CA PHE IA 449 -85.61 -63.41 -7.21
C PHE IA 449 -86.32 -64.34 -8.19
N ILE IA 450 -85.76 -65.54 -8.38
CA ILE IA 450 -86.34 -66.50 -9.31
C ILE IA 450 -87.69 -67.00 -8.81
N VAL IA 451 -88.00 -66.82 -7.53
CA VAL IA 451 -89.34 -67.11 -7.03
C VAL IA 451 -90.26 -65.92 -7.20
N TYR IA 452 -89.77 -64.71 -6.90
CA TYR IA 452 -90.61 -63.52 -6.91
C TYR IA 452 -91.05 -63.15 -8.32
N ASN IA 453 -90.13 -63.19 -9.29
CA ASN IA 453 -90.46 -62.73 -10.63
C ASN IA 453 -91.59 -63.53 -11.29
N PRO IA 454 -91.58 -64.88 -11.29
CA PRO IA 454 -92.68 -65.61 -11.93
C PRO IA 454 -94.03 -65.33 -11.32
N ASN IA 455 -94.11 -64.97 -10.04
CA ASN IA 455 -95.40 -64.65 -9.44
C ASN IA 455 -96.05 -63.47 -10.13
N HIS IA 456 -95.33 -62.36 -10.27
CA HIS IA 456 -95.89 -61.21 -10.95
C HIS IA 456 -95.98 -61.42 -12.45
N ASN IA 457 -95.13 -62.28 -13.01
CA ASN IA 457 -95.29 -62.65 -14.42
C ASN IA 457 -96.62 -63.36 -14.64
N LEU IA 458 -96.98 -64.29 -13.76
CA LEU IA 458 -98.26 -64.97 -13.86
C LEU IA 458 -99.41 -63.99 -13.59
N LEU IA 459 -99.22 -63.05 -12.67
CA LEU IA 459 -100.25 -62.05 -12.43
C LEU IA 459 -100.51 -61.22 -13.69
N THR IA 460 -99.45 -60.81 -14.38
CA THR IA 460 -99.63 -60.05 -15.62
C THR IA 460 -100.26 -60.92 -16.70
N TYR IA 461 -99.86 -62.20 -16.78
CA TYR IA 461 -100.44 -63.10 -17.77
C TYR IA 461 -101.93 -63.27 -17.55
N CYS IA 462 -102.34 -63.40 -16.28
CA CYS IA 462 -103.77 -63.40 -15.97
C CYS IA 462 -104.42 -62.08 -16.34
N PHE IA 463 -103.71 -60.97 -16.11
CA PHE IA 463 -104.24 -59.67 -16.47
C PHE IA 463 -104.36 -59.51 -17.99
N ASN IA 464 -103.29 -59.82 -18.72
CA ASN IA 464 -103.27 -59.71 -20.17
C ASN IA 464 -102.54 -60.91 -20.75
N MET IA 465 -103.00 -61.36 -21.91
CA MET IA 465 -102.41 -62.49 -22.61
C MET IA 465 -101.61 -62.00 -23.80
N LEU IA 466 -101.07 -62.95 -24.57
CA LEU IA 466 -100.24 -62.73 -25.75
C LEU IA 466 -98.92 -62.03 -25.42
N ILE IA 467 -98.54 -61.96 -24.15
CA ILE IA 467 -97.27 -61.35 -23.77
C ILE IA 467 -96.20 -62.43 -23.74
N PHE IA 468 -94.94 -62.01 -23.75
CA PHE IA 468 -93.78 -62.89 -23.78
C PHE IA 468 -92.89 -62.66 -22.56
N PHE IA 469 -93.48 -62.61 -21.38
CA PHE IA 469 -92.72 -62.34 -20.16
C PHE IA 469 -91.66 -63.41 -19.92
N LYS IA 470 -91.97 -64.67 -20.20
CA LYS IA 470 -91.05 -65.76 -19.90
C LYS IA 470 -89.77 -65.63 -20.71
N VAL IA 471 -89.88 -65.30 -22.00
CA VAL IA 471 -88.71 -65.17 -22.86
C VAL IA 471 -87.81 -64.06 -22.35
N ASN IA 472 -88.39 -62.92 -21.97
CA ASN IA 472 -87.60 -61.83 -21.41
C ASN IA 472 -86.97 -62.23 -20.09
N GLY IA 473 -87.70 -62.98 -19.27
CA GLY IA 473 -87.15 -63.42 -17.99
C GLY IA 473 -85.94 -64.31 -18.15
N ILE IA 474 -85.98 -65.21 -19.12
CA ILE IA 474 -84.81 -66.03 -19.42
C ILE IA 474 -84.37 -65.82 -20.87
N ASN JA 112 -6.68 -133.69 -75.01
CA ASN JA 112 -7.34 -134.12 -76.24
C ASN JA 112 -8.17 -132.97 -76.83
N VAL JA 113 -9.33 -132.70 -76.22
CA VAL JA 113 -10.15 -131.59 -76.68
C VAL JA 113 -9.45 -130.26 -76.43
N THR JA 114 -8.75 -130.14 -75.31
CA THR JA 114 -7.95 -128.94 -75.05
C THR JA 114 -6.85 -128.79 -76.09
N GLY JA 115 -6.21 -129.90 -76.46
CA GLY JA 115 -5.20 -129.84 -77.51
C GLY JA 115 -5.78 -129.41 -78.84
N LYS JA 116 -6.97 -129.93 -79.18
CA LYS JA 116 -7.62 -129.53 -80.42
C LYS JA 116 -7.96 -128.04 -80.41
N VAL JA 117 -8.47 -127.54 -79.28
CA VAL JA 117 -8.81 -126.12 -79.19
C VAL JA 117 -7.55 -125.26 -79.34
N ALA JA 118 -6.47 -125.65 -78.66
CA ALA JA 118 -5.22 -124.89 -78.77
C ALA JA 118 -4.69 -124.90 -80.19
N LEU JA 119 -4.74 -126.07 -80.85
CA LEU JA 119 -4.28 -126.17 -82.23
C LEU JA 119 -5.12 -125.31 -83.16
N ALA JA 120 -6.44 -125.31 -82.97
CA ALA JA 120 -7.30 -124.48 -83.81
C ALA JA 120 -7.01 -123.00 -83.62
N THR JA 121 -6.83 -122.58 -82.36
CA THR JA 121 -6.53 -121.17 -82.10
C THR JA 121 -5.19 -120.77 -82.71
N LEU JA 122 -4.17 -121.62 -82.54
CA LEU JA 122 -2.86 -121.33 -83.10
C LEU JA 122 -2.91 -121.29 -84.62
N GLY JA 123 -3.64 -122.22 -85.24
CA GLY JA 123 -3.76 -122.23 -86.67
C GLY JA 123 -4.46 -121.00 -87.21
N ALA JA 124 -5.52 -120.56 -86.53
CA ALA JA 124 -6.22 -119.36 -86.95
C ALA JA 124 -5.31 -118.13 -86.85
N LEU JA 125 -4.62 -118.00 -85.72
CA LEU JA 125 -3.74 -116.84 -85.54
C LEU JA 125 -2.61 -116.83 -86.56
N THR JA 126 -1.97 -117.99 -86.78
CA THR JA 126 -0.86 -118.04 -87.72
C THR JA 126 -1.33 -117.87 -89.17
N GLY JA 127 -2.52 -118.37 -89.51
CA GLY JA 127 -3.05 -118.13 -90.84
C GLY JA 127 -3.36 -116.66 -91.08
N TYR JA 128 -3.93 -115.99 -90.07
CA TYR JA 128 -4.15 -114.55 -90.21
C TYR JA 128 -2.84 -113.79 -90.34
N GLY JA 129 -1.82 -114.19 -89.56
CA GLY JA 129 -0.52 -113.56 -89.68
C GLY JA 129 0.09 -113.74 -91.05
N ALA JA 130 -0.02 -114.96 -91.60
CA ALA JA 130 0.49 -115.21 -92.94
C ALA JA 130 -0.25 -114.38 -93.98
N PHE JA 131 -1.57 -114.28 -93.86
CA PHE JA 131 -2.34 -113.47 -94.81
C PHE JA 131 -1.94 -112.00 -94.74
N TYR JA 132 -1.80 -111.47 -93.52
CA TYR JA 132 -1.39 -110.08 -93.34
C TYR JA 132 -0.01 -109.85 -93.94
N HIS JA 133 0.94 -110.76 -93.67
CA HIS JA 133 2.29 -110.59 -94.21
C HIS JA 133 2.31 -110.72 -95.72
N TYR JA 134 1.46 -111.58 -96.29
CA TYR JA 134 1.41 -111.70 -97.75
C TYR JA 134 0.89 -110.41 -98.38
N ASN JA 135 -0.18 -109.84 -97.82
CA ASN JA 135 -0.69 -108.58 -98.36
C ASN JA 135 0.34 -107.47 -98.21
N GLN JA 136 1.03 -107.41 -97.07
CA GLN JA 136 2.07 -106.41 -96.89
C GLN JA 136 3.21 -106.62 -97.87
N TYR JA 137 3.54 -107.88 -98.17
CA TYR JA 137 4.57 -108.17 -99.15
C TYR JA 137 4.18 -107.67 -100.53
N LEU JA 138 2.93 -107.91 -100.93
CA LEU JA 138 2.46 -107.42 -102.22
C LEU JA 138 2.54 -105.89 -102.29
N ASN JA 139 2.02 -105.22 -101.25
CA ASN JA 139 2.03 -103.76 -101.25
C ASN JA 139 3.46 -103.21 -101.27
N LEU JA 140 4.35 -103.80 -100.48
CA LEU JA 140 5.73 -103.33 -100.42
C LEU JA 140 6.46 -103.58 -101.72
N SER JA 141 6.20 -104.71 -102.38
CA SER JA 141 6.82 -104.95 -103.68
C SER JA 141 6.35 -103.95 -104.71
N ALA JA 142 5.06 -103.65 -104.74
CA ALA JA 142 4.55 -102.66 -105.69
C ALA JA 142 5.17 -101.29 -105.41
N ARG JA 143 5.20 -100.88 -104.15
CA ARG JA 143 5.78 -99.58 -103.82
C ARG JA 143 7.26 -99.53 -104.13
N TRP JA 144 7.98 -100.64 -103.92
CA TRP JA 144 9.41 -100.66 -104.20
C TRP JA 144 9.67 -100.58 -105.69
N GLN JA 145 8.83 -101.23 -106.51
CA GLN JA 145 8.96 -101.06 -107.95
C GLN JA 145 8.72 -99.62 -108.37
N GLN JA 146 7.70 -98.99 -107.80
CA GLN JA 146 7.46 -97.57 -108.10
C GLN JA 146 8.66 -96.71 -107.68
N ILE JA 147 9.22 -96.98 -106.51
CA ILE JA 147 10.36 -96.21 -106.02
C ILE JA 147 11.56 -96.38 -106.93
N GLN JA 148 11.82 -97.62 -107.36
CA GLN JA 148 12.96 -97.88 -108.24
C GLN JA 148 12.78 -97.17 -109.58
N GLU JA 149 11.57 -97.19 -110.14
CA GLU JA 149 11.34 -96.48 -111.39
C GLU JA 149 11.54 -94.98 -111.21
N ASN JA 150 11.01 -94.41 -110.13
CA ASN JA 150 11.17 -92.97 -109.89
C ASN JA 150 12.63 -92.59 -109.71
N ILE JA 151 13.40 -93.40 -108.99
CA ILE JA 151 14.82 -93.11 -108.80
C ILE JA 151 15.57 -93.23 -110.12
N ALA JA 152 15.25 -94.26 -110.91
CA ALA JA 152 15.90 -94.41 -112.22
C ALA JA 152 15.55 -93.27 -113.17
N LYS JA 153 14.42 -92.59 -112.94
CA LYS JA 153 14.11 -91.40 -113.74
C LYS JA 153 15.19 -90.33 -113.59
N ASP JA 154 15.68 -90.13 -112.37
CA ASP JA 154 16.84 -89.27 -112.08
C ASP JA 154 16.59 -87.82 -112.51
N GLN JA 155 15.62 -87.21 -111.82
CA GLN JA 155 15.35 -85.77 -111.93
C GLN JA 155 15.34 -85.19 -110.52
N PRO JA 156 16.51 -84.86 -109.97
CA PRO JA 156 16.57 -84.33 -108.60
C PRO JA 156 15.80 -83.03 -108.47
N PHE JA 157 15.17 -82.86 -107.31
CA PHE JA 157 14.47 -81.61 -106.98
C PHE JA 157 15.47 -80.66 -106.32
N ASP JA 158 15.69 -79.50 -106.94
CA ASP JA 158 16.65 -78.54 -106.42
C ASP JA 158 16.07 -77.82 -105.21
N VAL JA 159 16.71 -78.00 -104.06
CA VAL JA 159 16.28 -77.36 -102.82
C VAL JA 159 17.08 -76.09 -102.68
N ASP JA 160 16.55 -74.99 -103.23
CA ASP JA 160 17.21 -73.70 -103.19
C ASP JA 160 16.21 -72.62 -102.80
N GLY JA 161 16.74 -71.53 -102.25
CA GLY JA 161 15.89 -70.41 -101.88
C GLY JA 161 15.20 -70.68 -100.56
N PHE JA 162 13.90 -70.39 -100.52
CA PHE JA 162 13.12 -70.61 -99.31
C PHE JA 162 13.07 -72.10 -98.95
N ASP JA 163 13.03 -72.98 -99.95
CA ASP JA 163 12.96 -74.40 -99.69
C ASP JA 163 14.17 -74.89 -98.91
N ALA JA 164 15.30 -74.21 -99.02
CA ALA JA 164 16.50 -74.60 -98.30
C ALA JA 164 16.49 -74.14 -96.85
N LYS JA 165 15.58 -73.24 -96.47
CA LYS JA 165 15.47 -72.79 -95.08
C LYS JA 165 14.49 -73.66 -94.31
N VAL JA 166 13.24 -73.73 -94.76
CA VAL JA 166 12.26 -74.68 -94.27
C VAL JA 166 11.91 -75.61 -95.41
N TYR JA 167 12.19 -76.89 -95.24
CA TYR JA 167 12.16 -77.85 -96.32
C TYR JA 167 10.73 -78.24 -96.68
N PRO JA 168 10.50 -78.64 -97.94
CA PRO JA 168 9.14 -78.98 -98.35
C PRO JA 168 8.51 -80.10 -97.54
N TRP JA 169 9.28 -81.09 -97.10
CA TRP JA 169 8.74 -82.15 -96.27
C TRP JA 169 8.52 -81.70 -94.82
N VAL JA 170 9.07 -80.56 -94.42
CA VAL JA 170 8.78 -79.99 -93.11
C VAL JA 170 7.62 -79.01 -93.19
N ARG JA 171 7.59 -78.20 -94.24
CA ARG JA 171 6.55 -77.18 -94.37
C ARG JA 171 5.17 -77.83 -94.55
N GLU JA 172 5.06 -78.78 -95.48
CA GLU JA 172 3.80 -79.50 -95.67
C GLU JA 172 3.68 -80.74 -94.79
N ASN JA 173 4.74 -81.11 -94.09
CA ASN JA 173 4.73 -82.26 -93.18
C ASN JA 173 4.33 -83.55 -93.91
N ASN JA 174 4.78 -83.70 -95.14
CA ASN JA 174 4.50 -84.90 -95.94
C ASN JA 174 5.84 -85.54 -96.30
N VAL JA 175 6.35 -86.38 -95.39
CA VAL JA 175 7.58 -87.10 -95.68
C VAL JA 175 7.27 -88.37 -96.47
N ASN JA 176 6.08 -88.93 -96.31
CA ASN JA 176 5.70 -90.10 -97.10
C ASN JA 176 5.55 -89.76 -98.57
N ASP JA 177 5.10 -88.54 -98.89
CA ASP JA 177 5.08 -88.09 -100.27
C ASP JA 177 6.48 -87.75 -100.78
N TRP JA 178 7.42 -87.49 -99.88
CA TRP JA 178 8.80 -87.16 -100.23
C TRP JA 178 9.77 -88.27 -99.86
N GLU JA 179 9.29 -89.47 -99.56
CA GLU JA 179 10.17 -90.53 -99.12
C GLU JA 179 10.90 -91.15 -100.30
N TYR JA 180 12.17 -91.50 -100.08
CA TYR JA 180 13.04 -92.04 -101.13
C TYR JA 180 13.10 -91.12 -102.34
N LYS JA 181 13.10 -89.81 -102.10
CA LYS JA 181 12.87 -88.87 -103.19
C LYS JA 181 14.13 -88.07 -103.51
N LEU JA 182 14.51 -88.05 -104.79
CA LEU JA 182 15.76 -87.41 -105.21
C LEU JA 182 15.70 -85.90 -105.02
N VAL JA 183 16.62 -85.37 -104.21
CA VAL JA 183 16.75 -83.94 -103.98
C VAL JA 183 18.20 -83.55 -104.14
N LYS JA 184 18.42 -82.24 -104.29
CA LYS JA 184 19.74 -81.66 -104.43
C LYS JA 184 19.80 -80.39 -103.61
N MET JA 185 20.84 -80.24 -102.80
CA MET JA 185 20.96 -79.07 -101.93
C MET JA 185 22.41 -78.72 -101.72
N ARG JA 186 22.68 -77.45 -101.45
CA ARG JA 186 24.04 -76.96 -101.28
C ARG JA 186 24.20 -76.34 -99.89
N GLY JA 187 25.40 -76.52 -99.33
CA GLY JA 187 25.69 -76.02 -98.00
C GLY JA 187 27.04 -76.52 -97.56
N TYR JA 188 27.36 -76.27 -96.29
CA TYR JA 188 28.63 -76.68 -95.71
C TYR JA 188 28.39 -77.66 -94.58
N PHE JA 189 29.08 -78.79 -94.62
CA PHE JA 189 28.96 -79.79 -93.57
C PHE JA 189 29.67 -79.33 -92.30
N LYS JA 190 29.12 -79.71 -91.16
CA LYS JA 190 29.76 -79.46 -89.88
C LYS JA 190 30.68 -80.63 -89.52
N ASP JA 191 31.65 -80.33 -88.66
CA ASP JA 191 32.76 -81.27 -88.45
C ASP JA 191 32.30 -82.60 -87.88
N GLN JA 192 31.37 -82.57 -86.93
CA GLN JA 192 31.03 -83.77 -86.18
C GLN JA 192 30.40 -84.84 -87.08
N ARG JA 193 30.69 -86.09 -86.77
CA ARG JA 193 30.14 -87.24 -87.48
C ARG JA 193 29.46 -88.17 -86.48
N PHE JA 194 28.42 -88.86 -86.95
CA PHE JA 194 27.65 -89.78 -86.12
C PHE JA 194 27.66 -91.15 -86.78
N PHE JA 195 27.87 -92.19 -85.98
CA PHE JA 195 27.96 -93.56 -86.48
C PHE JA 195 26.81 -94.39 -85.95
N VAL JA 196 26.14 -95.11 -86.84
CA VAL JA 196 25.06 -96.02 -86.47
C VAL JA 196 25.42 -97.41 -86.98
N ARG JA 197 25.40 -98.40 -86.09
CA ARG JA 197 25.75 -99.76 -86.47
C ARG JA 197 24.79 -100.28 -87.52
N ARG JA 198 25.34 -100.81 -88.61
CA ARG JA 198 24.52 -101.31 -89.71
C ARG JA 198 25.34 -102.30 -90.52
N LYS JA 199 24.65 -103.21 -91.21
CA LYS JA 199 25.27 -104.15 -92.12
C LYS JA 199 24.85 -103.85 -93.55
N ARG JA 200 25.82 -103.70 -94.43
CA ARG JA 200 25.59 -103.49 -95.85
C ARG JA 200 26.24 -104.61 -96.64
N ASP JA 201 25.47 -105.26 -97.51
CA ASP JA 201 25.93 -106.40 -98.30
C ASP JA 201 26.43 -107.54 -97.42
N GLY JA 202 25.81 -107.70 -96.24
CA GLY JA 202 26.11 -108.82 -95.38
C GLY JA 202 27.39 -108.72 -94.58
N LYS JA 203 27.98 -107.53 -94.45
CA LYS JA 203 29.15 -107.33 -93.64
C LYS JA 203 28.95 -106.16 -92.69
N GLU JA 204 29.52 -106.26 -91.51
CA GLU JA 204 29.27 -105.30 -90.45
C GLU JA 204 29.97 -103.97 -90.74
N GLY JA 205 29.31 -102.88 -90.36
CA GLY JA 205 29.86 -101.57 -90.60
C GLY JA 205 29.06 -100.50 -89.89
N PHE JA 206 29.25 -99.25 -90.33
CA PHE JA 206 28.60 -98.11 -89.72
C PHE JA 206 28.08 -97.17 -90.80
N LEU JA 207 26.85 -96.70 -90.62
CA LEU JA 207 26.32 -95.58 -91.38
C LEU JA 207 26.85 -94.29 -90.76
N VAL JA 208 27.31 -93.37 -91.60
CA VAL JA 208 27.93 -92.13 -91.17
C VAL JA 208 27.00 -90.97 -91.51
N PHE JA 209 26.66 -90.18 -90.50
CA PHE JA 209 25.78 -89.03 -90.65
C PHE JA 209 26.56 -87.77 -90.33
N ALA JA 210 26.27 -86.71 -91.08
CA ALA JA 210 26.88 -85.42 -90.82
C ALA JA 210 25.81 -84.34 -90.87
N PRO JA 211 25.93 -83.31 -90.03
CA PRO JA 211 25.07 -82.13 -90.19
C PRO JA 211 25.40 -81.40 -91.47
N PHE JA 212 24.38 -80.82 -92.08
CA PHE JA 212 24.53 -80.11 -93.36
C PHE JA 212 23.73 -78.84 -93.26
N VAL JA 213 24.41 -77.70 -93.22
CA VAL JA 213 23.78 -76.41 -93.02
C VAL JA 213 23.34 -75.89 -94.38
N THR JA 214 22.04 -75.93 -94.64
CA THR JA 214 21.49 -75.48 -95.92
C THR JA 214 21.03 -74.03 -95.89
N ALA JA 215 21.03 -73.39 -94.73
CA ALA JA 215 20.64 -71.99 -94.62
C ALA JA 215 21.23 -71.42 -93.34
N VAL JA 216 21.66 -70.16 -93.41
CA VAL JA 216 22.24 -69.46 -92.27
C VAL JA 216 21.52 -68.14 -92.10
N GLU JA 217 21.18 -67.81 -90.86
CA GLU JA 217 20.44 -66.59 -90.55
C GLU JA 217 21.22 -65.78 -89.53
N ARG JA 218 21.45 -64.51 -89.84
CA ARG JA 218 22.21 -63.61 -88.98
C ARG JA 218 21.26 -62.57 -88.41
N VAL JA 219 21.24 -62.46 -87.08
CA VAL JA 219 20.23 -61.64 -86.40
C VAL JA 219 20.91 -60.62 -85.49
N ASN JA 220 22.14 -60.24 -85.82
CA ASN JA 220 22.90 -59.27 -85.04
C ASN JA 220 22.94 -57.95 -85.78
N HIS JA 221 22.54 -56.87 -85.11
CA HIS JA 221 22.63 -55.53 -85.69
C HIS JA 221 23.77 -54.72 -85.10
N ARG JA 222 24.28 -55.11 -83.94
CA ARG JA 222 25.49 -54.50 -83.39
C ARG JA 222 26.70 -55.29 -83.90
N LEU JA 223 26.94 -55.14 -85.21
CA LEU JA 223 27.95 -55.95 -85.89
C LEU JA 223 29.35 -55.66 -85.37
N LYS JA 224 29.68 -54.38 -85.17
CA LYS JA 224 31.01 -54.04 -84.70
C LYS JA 224 31.18 -54.36 -83.22
N GLN JA 225 30.16 -54.11 -82.41
CA GLN JA 225 30.28 -54.35 -80.97
C GLN JA 225 30.23 -55.83 -80.64
N LYS JA 226 29.33 -56.58 -81.27
CA LYS JA 226 29.07 -57.97 -80.92
C LYS JA 226 29.28 -58.86 -82.14
N ASP JA 227 29.90 -60.02 -81.92
CA ASP JA 227 30.07 -61.04 -82.94
C ASP JA 227 29.17 -62.22 -82.57
N LEU JA 228 27.90 -62.13 -82.96
CA LEU JA 228 26.93 -63.14 -82.60
C LEU JA 228 27.10 -64.39 -83.45
N LEU JA 229 26.84 -65.54 -82.85
CA LEU JA 229 26.81 -66.78 -83.61
C LEU JA 229 25.56 -66.80 -84.50
N PRO JA 230 25.69 -67.28 -85.73
CA PRO JA 230 24.52 -67.31 -86.62
C PRO JA 230 23.57 -68.44 -86.25
N VAL JA 231 22.32 -68.26 -86.66
CA VAL JA 231 21.30 -69.29 -86.51
C VAL JA 231 21.37 -70.19 -87.74
N GLU JA 232 21.82 -71.43 -87.53
CA GLU JA 232 22.07 -72.36 -88.63
C GLU JA 232 20.93 -73.35 -88.75
N TYR JA 233 20.38 -73.47 -89.96
CA TYR JA 233 19.38 -74.48 -90.28
C TYR JA 233 20.09 -75.64 -90.97
N SER JA 234 19.99 -76.83 -90.40
CA SER JA 234 20.73 -77.97 -90.87
C SER JA 234 19.83 -79.19 -90.97
N VAL JA 235 20.25 -80.12 -91.83
CA VAL JA 235 19.60 -81.42 -91.97
C VAL JA 235 20.70 -82.48 -91.89
N PHE JA 236 20.31 -83.69 -91.51
CA PHE JA 236 21.26 -84.77 -91.39
C PHE JA 236 21.42 -85.48 -92.73
N VAL JA 237 22.67 -85.67 -93.15
CA VAL JA 237 23.00 -86.30 -94.42
C VAL JA 237 23.77 -87.56 -94.12
N ASN JA 238 23.28 -88.69 -94.63
CA ASN JA 238 23.95 -89.98 -94.52
C ASN JA 238 25.04 -90.03 -95.56
N LEU JA 239 26.29 -89.82 -95.12
CA LEU JA 239 27.41 -89.75 -96.05
C LEU JA 239 27.64 -91.07 -96.76
N GLY JA 240 27.44 -92.19 -96.06
CA GLY JA 240 27.65 -93.49 -96.67
C GLY JA 240 27.76 -94.56 -95.60
N TRP JA 241 28.49 -95.62 -95.94
CA TRP JA 241 28.69 -96.76 -95.05
C TRP JA 241 30.18 -97.08 -94.97
N VAL JA 242 30.69 -97.25 -93.76
CA VAL JA 242 32.09 -97.59 -93.56
C VAL JA 242 32.16 -98.87 -92.71
N PRO JA 243 32.96 -99.86 -93.09
CA PRO JA 243 33.05 -101.08 -92.29
C PRO JA 243 33.68 -100.83 -90.93
N VAL JA 244 33.44 -101.76 -90.01
CA VAL JA 244 33.92 -101.61 -88.65
C VAL JA 244 35.44 -101.52 -88.61
N GLU JA 245 36.12 -102.13 -89.58
CA GLU JA 245 37.57 -102.05 -89.62
C GLU JA 245 38.05 -100.63 -89.90
N ASN JA 246 37.32 -99.91 -90.76
CA ASN JA 246 37.75 -98.61 -91.25
C ASN JA 246 37.00 -97.45 -90.59
N LYS JA 247 36.34 -97.70 -89.46
CA LYS JA 247 35.70 -96.60 -88.75
C LYS JA 247 36.73 -95.58 -88.27
N LYS JA 248 37.94 -96.02 -87.96
CA LYS JA 248 39.02 -95.12 -87.59
C LYS JA 248 39.58 -94.35 -88.78
N ASP JA 249 39.22 -94.72 -90.01
CA ASP JA 249 39.67 -94.01 -91.20
C ASP JA 249 38.76 -92.86 -91.58
N VAL JA 250 37.61 -92.71 -90.92
CA VAL JA 250 36.75 -91.55 -91.13
C VAL JA 250 37.38 -90.36 -90.42
N GLU JA 251 37.65 -89.30 -91.17
CA GLU JA 251 38.37 -88.14 -90.65
C GLU JA 251 37.39 -87.06 -90.22
N LEU JA 252 37.74 -86.35 -89.14
CA LEU JA 252 36.91 -85.27 -88.64
C LEU JA 252 37.01 -84.06 -89.56
N GLY JA 253 35.87 -83.56 -90.01
CA GLY JA 253 35.85 -82.45 -90.94
C GLY JA 253 36.40 -82.80 -92.31
N GLY JA 254 36.11 -83.99 -92.80
CA GLY JA 254 36.55 -84.39 -94.13
C GLY JA 254 35.72 -83.75 -95.23
N GLU JA 255 36.24 -83.85 -96.45
CA GLU JA 255 35.58 -83.26 -97.62
C GLU JA 255 34.70 -84.32 -98.27
N VAL JA 256 33.39 -84.22 -98.05
CA VAL JA 256 32.46 -85.18 -98.62
C VAL JA 256 32.39 -85.03 -100.13
N CYS JA 257 32.23 -83.80 -100.61
CA CYS JA 257 32.09 -83.49 -102.02
C CYS JA 257 32.95 -82.28 -102.33
N PRO JA 258 33.51 -82.20 -103.54
CA PRO JA 258 34.26 -81.01 -103.94
C PRO JA 258 33.37 -79.77 -103.88
N PRO JA 259 33.93 -78.63 -103.50
CA PRO JA 259 33.11 -77.42 -103.33
C PRO JA 259 32.52 -76.97 -104.66
N MET JA 260 31.35 -76.34 -104.56
CA MET JA 260 30.61 -75.91 -105.74
C MET JA 260 31.36 -74.81 -106.48
N ASP JA 261 31.25 -74.83 -107.80
CA ASP JA 261 31.92 -73.84 -108.64
C ASP JA 261 31.31 -72.45 -108.42
N ALA JA 262 32.16 -71.43 -108.55
CA ALA JA 262 31.70 -70.07 -108.38
C ALA JA 262 30.79 -69.66 -109.53
N PRO JA 263 29.70 -68.96 -109.26
CA PRO JA 263 28.79 -68.55 -110.34
C PRO JA 263 29.43 -67.52 -111.26
N THR JA 264 28.94 -67.49 -112.49
CA THR JA 264 29.44 -66.59 -113.51
C THR JA 264 28.68 -65.26 -113.57
N ASP JA 265 27.71 -65.05 -112.70
CA ASP JA 265 26.95 -63.81 -112.65
C ASP JA 265 27.46 -62.96 -111.49
N SER JA 266 27.99 -61.77 -111.82
CA SER JA 266 28.59 -60.92 -110.81
C SER JA 266 27.60 -60.46 -109.74
N THR JA 267 26.31 -60.49 -110.05
CA THR JA 267 25.28 -60.11 -109.09
C THR JA 267 24.93 -61.23 -108.13
N LEU JA 268 25.49 -62.42 -108.31
CA LEU JA 268 25.25 -63.55 -107.41
C LEU JA 268 26.24 -63.62 -106.26
N PHE JA 269 27.15 -62.66 -106.14
CA PHE JA 269 28.17 -62.66 -105.10
C PHE JA 269 27.75 -61.88 -103.86
N VAL JA 270 26.45 -61.83 -103.58
CA VAL JA 270 25.91 -61.20 -102.38
C VAL JA 270 25.22 -62.26 -101.55
N ASN JA 271 24.99 -61.93 -100.28
CA ASN JA 271 24.28 -62.85 -99.39
C ASN JA 271 22.88 -63.11 -99.93
N ASP JA 272 22.52 -64.39 -100.00
CA ASP JA 272 21.22 -64.76 -100.54
C ASP JA 272 20.11 -64.26 -99.63
N THR JA 273 18.96 -63.95 -100.25
CA THR JA 273 17.85 -63.37 -99.49
C THR JA 273 17.32 -64.35 -98.45
N PHE JA 274 17.19 -65.63 -98.81
CA PHE JA 274 16.58 -66.63 -97.94
C PHE JA 274 17.62 -67.50 -97.24
N THR JA 275 18.53 -68.11 -97.99
CA THR JA 275 19.51 -69.00 -97.38
C THR JA 275 20.60 -68.22 -96.65
N GLY JA 276 20.89 -66.99 -97.08
CA GLY JA 276 21.91 -66.19 -96.45
C GLY JA 276 23.33 -66.55 -96.84
N PHE JA 277 23.52 -67.37 -97.86
CA PHE JA 277 24.85 -67.81 -98.28
C PHE JA 277 25.42 -66.88 -99.34
N ASN JA 278 26.71 -66.60 -99.24
CA ASN JA 278 27.42 -65.79 -100.22
C ASN JA 278 28.34 -66.68 -101.03
N PRO JA 279 28.06 -66.93 -102.31
CA PRO JA 279 28.92 -67.78 -103.14
C PRO JA 279 30.17 -67.06 -103.63
N ASP JA 280 30.86 -66.37 -102.73
CA ASP JA 280 32.02 -65.57 -103.08
C ASP JA 280 33.27 -66.23 -102.53
N PRO JA 281 34.17 -66.74 -103.40
CA PRO JA 281 35.41 -67.34 -102.89
C PRO JA 281 36.28 -66.36 -102.09
N ALA JA 282 36.31 -65.10 -102.49
CA ALA JA 282 37.07 -64.06 -101.79
C ALA JA 282 36.08 -63.01 -101.31
N ASN JA 283 35.50 -63.25 -100.16
CA ASN JA 283 34.48 -62.37 -99.59
C ASN JA 283 35.15 -61.28 -98.75
N PRO JA 284 34.87 -60.00 -99.03
CA PRO JA 284 35.42 -58.94 -98.19
C PRO JA 284 35.01 -59.07 -96.73
N GLU JA 285 33.80 -59.56 -96.47
CA GLU JA 285 33.35 -59.82 -95.11
C GLU JA 285 33.88 -61.18 -94.68
N ASP JA 286 34.95 -61.16 -93.88
CA ASP JA 286 35.56 -62.42 -93.45
C ASP JA 286 34.60 -63.25 -92.62
N THR JA 287 33.83 -62.60 -91.74
CA THR JA 287 32.87 -63.31 -90.90
C THR JA 287 31.70 -63.89 -91.69
N GLU JA 288 31.52 -63.50 -92.95
CA GLU JA 288 30.45 -64.03 -93.79
C GLU JA 288 30.98 -64.92 -94.90
N GLN JA 289 32.21 -65.41 -94.77
CA GLN JA 289 32.81 -66.26 -95.79
C GLN JA 289 32.35 -67.70 -95.59
N VAL JA 290 31.72 -68.26 -96.62
CA VAL JA 290 31.24 -69.64 -96.58
C VAL JA 290 31.72 -70.37 -97.83
N THR JA 291 31.96 -71.67 -97.68
CA THR JA 291 32.27 -72.56 -98.79
C THR JA 291 31.09 -73.50 -98.98
N LEU JA 292 30.51 -73.50 -100.16
CA LEU JA 292 29.30 -74.28 -100.43
C LEU JA 292 29.66 -75.51 -101.26
N THR JA 293 29.29 -76.68 -100.76
CA THR JA 293 29.36 -77.92 -101.50
C THR JA 293 27.94 -78.38 -101.82
N GLU JA 294 27.74 -78.87 -103.04
CA GLU JA 294 26.42 -79.26 -103.52
C GLU JA 294 26.33 -80.77 -103.54
N ILE JA 295 25.37 -81.30 -102.80
CA ILE JA 295 25.14 -82.74 -102.73
C ILE JA 295 23.81 -83.06 -103.36
N THR JA 296 23.69 -84.29 -103.82
CA THR JA 296 22.43 -84.87 -104.28
C THR JA 296 22.20 -86.16 -103.51
N GLY JA 297 20.96 -86.36 -103.08
CA GLY JA 297 20.63 -87.53 -102.31
C GLY JA 297 19.17 -87.89 -102.42
N ILE JA 298 18.69 -88.79 -101.57
CA ILE JA 298 17.28 -89.14 -101.52
C ILE JA 298 16.76 -88.84 -100.12
N VAL JA 299 15.63 -88.14 -100.06
CA VAL JA 299 14.94 -87.96 -98.79
C VAL JA 299 14.44 -89.30 -98.31
N ARG JA 300 14.76 -89.63 -97.04
CA ARG JA 300 14.32 -90.81 -96.33
C ARG JA 300 13.85 -90.38 -94.94
N ARG JA 301 12.90 -91.11 -94.39
CA ARG JA 301 12.40 -90.80 -93.06
C ARG JA 301 13.31 -91.41 -91.99
N GLY JA 302 13.14 -90.94 -90.76
CA GLY JA 302 13.91 -91.47 -89.64
C GLY JA 302 13.42 -92.84 -89.22
N GLU JA 303 14.22 -93.49 -88.38
CA GLU JA 303 13.94 -94.85 -87.94
C GLU JA 303 13.33 -94.84 -86.54
N GLN JA 304 12.85 -96.02 -86.13
CA GLN JA 304 12.22 -96.21 -84.83
C GLN JA 304 12.82 -97.44 -84.16
N GLN JA 305 12.59 -97.54 -82.86
CA GLN JA 305 13.14 -98.65 -82.09
C GLN JA 305 12.35 -99.93 -82.34
N ASP JA 306 13.07 -101.03 -82.55
CA ASP JA 306 12.44 -102.35 -82.68
C ASP JA 306 13.41 -103.35 -82.05
N ILE JA 307 13.18 -103.66 -80.78
CA ILE JA 307 14.11 -104.52 -80.04
C ILE JA 307 14.17 -105.91 -80.65
N LEU JA 308 13.02 -106.46 -81.04
CA LEU JA 308 12.99 -107.78 -81.67
C LEU JA 308 13.73 -107.79 -83.00
N ALA JA 309 13.87 -106.64 -83.64
CA ALA JA 309 14.65 -106.51 -84.87
C ALA JA 309 16.12 -106.21 -84.58
N ARG JA 310 16.52 -106.23 -83.32
CA ARG JA 310 17.89 -105.91 -82.90
C ARG JA 310 18.30 -104.52 -83.36
N ARG JA 311 17.36 -103.58 -83.29
CA ARG JA 311 17.62 -102.15 -83.52
C ARG JA 311 17.29 -101.44 -82.22
N ARG JA 312 18.26 -101.42 -81.32
CA ARG JA 312 18.14 -100.77 -80.02
C ARG JA 312 19.47 -100.11 -79.70
N ASN JA 313 19.42 -98.86 -79.26
CA ASN JA 313 20.62 -98.08 -79.04
C ASN JA 313 20.74 -97.69 -77.57
N TRP JA 314 21.92 -97.88 -77.01
CA TRP JA 314 22.24 -97.47 -75.64
C TRP JA 314 22.98 -96.14 -75.73
N ASN JA 315 22.25 -95.05 -75.47
CA ASN JA 315 22.82 -93.72 -75.64
C ASN JA 315 23.98 -93.48 -74.67
N LYS JA 316 23.84 -93.96 -73.43
CA LYS JA 316 24.89 -93.73 -72.45
C LYS JA 316 26.19 -94.42 -72.82
N GLU JA 317 26.11 -95.67 -73.30
CA GLU JA 317 27.30 -96.41 -73.69
C GLU JA 317 27.84 -96.01 -75.05
N GLY JA 318 27.08 -95.25 -75.84
CA GLY JA 318 27.51 -94.87 -77.16
C GLY JA 318 27.24 -95.88 -78.25
N ILE JA 319 26.47 -96.92 -77.96
CA ILE JA 319 26.10 -97.92 -78.96
C ILE JA 319 24.80 -97.49 -79.60
N TYR JA 320 24.82 -97.34 -80.92
CA TYR JA 320 23.64 -96.91 -81.68
C TYR JA 320 23.36 -97.92 -82.78
N ASN JA 321 22.10 -98.37 -82.86
CA ASN JA 321 21.69 -99.34 -83.85
C ASN JA 321 20.61 -98.83 -84.78
N TRP JA 322 19.86 -97.80 -84.41
CA TRP JA 322 18.85 -97.21 -85.27
C TRP JA 322 19.01 -95.69 -85.27
N VAL JA 323 18.55 -95.06 -86.34
CA VAL JA 323 18.73 -93.63 -86.55
C VAL JA 323 17.72 -92.90 -85.67
N ASP JA 324 18.19 -92.35 -84.56
CA ASP JA 324 17.36 -91.57 -83.65
C ASP JA 324 17.63 -90.11 -83.93
N LEU JA 325 16.88 -89.54 -84.88
CA LEU JA 325 17.15 -88.16 -85.31
C LEU JA 325 17.02 -87.17 -84.17
N ASP JA 326 16.11 -87.41 -83.24
CA ASP JA 326 15.95 -86.51 -82.10
C ASP JA 326 17.23 -86.46 -81.26
N TYR JA 327 17.75 -87.63 -80.88
CA TYR JA 327 18.98 -87.66 -80.10
C TYR JA 327 20.16 -87.13 -80.90
N MET JA 328 20.24 -87.46 -82.18
CA MET JA 328 21.36 -86.98 -83.00
C MET JA 328 21.34 -85.46 -83.10
N GLY JA 329 20.16 -84.85 -83.21
CA GLY JA 329 20.08 -83.40 -83.21
C GLY JA 329 20.41 -82.81 -81.86
N LYS JA 330 19.98 -83.45 -80.77
CA LYS JA 330 20.25 -82.90 -79.45
C LYS JA 330 21.72 -82.99 -79.09
N ILE JA 331 22.39 -84.09 -79.43
CA ILE JA 331 23.78 -84.29 -79.01
C ILE JA 331 24.71 -83.33 -79.74
N PHE JA 332 24.41 -83.03 -81.00
CA PHE JA 332 25.24 -82.13 -81.79
C PHE JA 332 24.89 -80.67 -81.59
N ARG JA 333 23.98 -80.37 -80.67
CA ARG JA 333 23.59 -78.99 -80.35
C ARG JA 333 23.13 -78.24 -81.59
N LEU JA 334 22.36 -78.92 -82.43
CA LEU JA 334 21.79 -78.32 -83.62
C LEU JA 334 20.54 -77.52 -83.24
N PHE JA 335 20.10 -76.67 -84.17
CA PHE JA 335 19.04 -75.70 -83.87
C PHE JA 335 17.65 -76.20 -84.26
N ASN JA 336 17.42 -76.47 -85.55
CA ASN JA 336 16.09 -76.81 -86.03
C ASN JA 336 15.82 -78.28 -85.76
N LEU JA 337 15.50 -78.58 -84.49
CA LEU JA 337 15.35 -79.95 -84.06
C LEU JA 337 14.16 -80.63 -84.74
N ASP JA 338 13.06 -79.91 -84.94
CA ASP JA 338 11.90 -80.52 -85.58
C ASP JA 338 12.16 -80.83 -87.04
N ALA JA 339 12.73 -79.87 -87.77
CA ALA JA 339 13.09 -80.09 -89.17
C ALA JA 339 14.21 -81.09 -89.32
N ILE JA 340 14.91 -81.43 -88.23
CA ILE JA 340 15.87 -82.52 -88.26
C ILE JA 340 15.17 -83.85 -88.00
N ASN JA 341 14.22 -83.87 -87.06
CA ASN JA 341 13.52 -85.10 -86.73
C ASN JA 341 12.62 -85.58 -87.85
N THR JA 342 12.17 -84.66 -88.72
CA THR JA 342 11.19 -85.07 -89.72
C THR JA 342 11.77 -86.09 -90.71
N ALA JA 343 13.00 -85.89 -91.17
CA ALA JA 343 13.60 -86.77 -92.17
C ALA JA 343 15.09 -86.46 -92.26
N TYR JA 344 15.77 -87.20 -93.13
CA TYR JA 344 17.19 -86.98 -93.42
C TYR JA 344 17.47 -87.38 -94.86
N ILE JA 345 18.56 -86.85 -95.39
CA ILE JA 345 18.91 -87.02 -96.80
C ILE JA 345 20.06 -88.02 -96.88
N GLU JA 346 19.86 -89.08 -97.64
CA GLU JA 346 20.89 -90.09 -97.86
C GLU JA 346 21.64 -89.78 -99.15
N ARG JA 347 22.93 -89.50 -99.04
CA ARG JA 347 23.70 -89.04 -100.18
C ARG JA 347 23.89 -90.17 -101.19
N VAL JA 348 23.59 -89.87 -102.45
CA VAL JA 348 23.63 -90.85 -103.54
C VAL JA 348 24.55 -90.31 -104.63
N VAL JA 349 25.67 -90.98 -104.85
CA VAL JA 349 26.62 -90.62 -105.91
C VAL JA 349 26.07 -91.11 -107.25
N PRO JA 350 26.43 -90.48 -108.37
CA PRO JA 350 25.74 -90.77 -109.64
C PRO JA 350 25.86 -92.21 -110.12
N SER JA 351 27.08 -92.72 -110.28
CA SER JA 351 27.23 -94.03 -110.89
C SER JA 351 28.19 -94.93 -110.12
N PHE JA 352 29.24 -94.35 -109.53
CA PHE JA 352 30.28 -95.13 -108.89
C PHE JA 352 30.48 -94.65 -107.46
N GLU JA 353 30.80 -95.59 -106.58
CA GLU JA 353 31.00 -95.29 -105.16
C GLU JA 353 32.44 -95.58 -104.73
N LEU JA 359 37.45 -92.19 -99.61
CA LEU JA 359 37.24 -93.62 -99.80
C LEU JA 359 36.29 -94.16 -98.73
N TYR JA 360 36.27 -93.51 -97.57
CA TYR JA 360 35.35 -93.86 -96.50
C TYR JA 360 34.76 -92.56 -95.95
N PRO JA 361 33.43 -92.47 -95.79
CA PRO JA 361 32.43 -93.50 -96.06
C PRO JA 361 32.19 -93.77 -97.54
N ILE JA 362 31.67 -94.94 -97.86
CA ILE JA 362 31.35 -95.31 -99.23
C ILE JA 362 29.92 -94.86 -99.51
N PRO JA 363 29.70 -93.86 -100.36
CA PRO JA 363 28.34 -93.35 -100.57
C PRO JA 363 27.46 -94.36 -101.27
N ALA JA 364 26.16 -94.26 -101.01
CA ALA JA 364 25.19 -95.09 -101.69
C ALA JA 364 25.02 -94.64 -103.14
N THR JA 365 24.60 -95.57 -103.98
CA THR JA 365 24.32 -95.28 -105.38
C THR JA 365 22.84 -95.56 -105.66
N LYS JA 366 22.46 -95.49 -106.94
CA LYS JA 366 21.08 -95.71 -107.33
C LYS JA 366 20.61 -97.13 -107.07
N ASP JA 367 21.53 -98.06 -106.79
CA ASP JA 367 21.17 -99.46 -106.60
C ASP JA 367 21.57 -100.03 -105.25
N THR JA 368 22.23 -99.26 -104.40
CA THR JA 368 22.70 -99.79 -103.11
C THR JA 368 22.41 -98.84 -101.96
N PHE JA 369 21.37 -98.01 -102.07
CA PHE JA 369 21.01 -97.17 -100.94
C PHE JA 369 20.36 -98.02 -99.85
N GLU JA 370 20.56 -97.60 -98.60
CA GLU JA 370 20.25 -98.44 -97.46
C GLU JA 370 18.78 -98.84 -97.45
N ARG JA 371 18.53 -100.15 -97.36
CA ARG JA 371 17.19 -100.70 -97.42
C ARG JA 371 16.45 -100.48 -96.11
N PRO JA 372 15.15 -100.22 -96.16
CA PRO JA 372 14.38 -100.09 -94.91
C PRO JA 372 14.20 -101.42 -94.21
N LEU JA 373 13.80 -101.35 -92.94
CA LEU JA 373 13.61 -102.57 -92.16
C LEU JA 373 12.47 -103.42 -92.75
N ASN JA 374 11.37 -102.79 -93.11
CA ASN JA 374 10.24 -103.49 -93.71
C ASN JA 374 10.54 -103.74 -95.18
N THR JA 375 10.82 -104.99 -95.52
CA THR JA 375 11.14 -105.36 -96.88
C THR JA 375 10.24 -106.50 -97.34
N PRO JA 376 10.02 -106.62 -98.65
CA PRO JA 376 9.29 -107.79 -99.16
C PRO JA 376 9.94 -109.10 -98.80
N GLU JA 377 11.27 -109.15 -98.73
CA GLU JA 377 11.94 -110.38 -98.30
C GLU JA 377 11.58 -110.71 -96.85
N ARG JA 378 11.61 -109.71 -95.97
CA ARG JA 378 11.27 -109.94 -94.57
C ARG JA 378 9.82 -110.40 -94.43
N HIS JA 379 8.90 -109.75 -95.13
CA HIS JA 379 7.51 -110.15 -95.03
C HIS JA 379 7.27 -111.51 -95.66
N SER JA 380 8.03 -111.88 -96.69
CA SER JA 380 7.92 -113.21 -97.26
C SER JA 380 8.41 -114.27 -96.28
N THR JA 381 9.50 -113.98 -95.56
CA THR JA 381 9.96 -114.92 -94.54
C THR JA 381 8.93 -115.09 -93.43
N PHE JA 382 8.33 -113.98 -92.98
CA PHE JA 382 7.29 -114.07 -91.95
C PHE JA 382 6.08 -114.84 -92.47
N PHE JA 383 5.69 -114.61 -93.72
CA PHE JA 383 4.57 -115.33 -94.31
C PHE JA 383 4.86 -116.82 -94.39
N ASN JA 384 6.07 -117.19 -94.80
CA ASN JA 384 6.43 -118.61 -94.86
C ASN JA 384 6.39 -119.24 -93.49
N PHE JA 385 6.93 -118.56 -92.48
CA PHE JA 385 6.92 -119.10 -91.12
C PHE JA 385 5.49 -119.30 -90.62
N TYR JA 386 4.63 -118.29 -90.82
CA TYR JA 386 3.27 -118.39 -90.31
C TYR JA 386 2.45 -119.42 -91.08
N ALA JA 387 2.63 -119.50 -92.40
CA ALA JA 387 1.92 -120.50 -93.17
C ALA JA 387 2.35 -121.92 -92.79
N ALA JA 388 3.65 -122.12 -92.57
CA ALA JA 388 4.12 -123.42 -92.11
C ALA JA 388 3.54 -123.76 -90.75
N THR JA 389 3.51 -122.79 -89.83
CA THR JA 389 2.95 -123.05 -88.51
C THR JA 389 1.48 -123.39 -88.59
N SER JA 390 0.71 -122.67 -89.42
CA SER JA 390 -0.71 -122.95 -89.56
C SER JA 390 -0.94 -124.32 -90.18
N ALA JA 391 -0.16 -124.68 -91.20
CA ALA JA 391 -0.31 -125.98 -91.82
C ALA JA 391 0.01 -127.09 -90.83
N LEU JA 392 1.07 -126.93 -90.04
CA LEU JA 392 1.41 -127.94 -89.04
C LEU JA 392 0.32 -128.04 -87.97
N SER JA 393 -0.23 -126.90 -87.55
CA SER JA 393 -1.31 -126.91 -86.56
C SER JA 393 -2.52 -127.65 -87.10
N PHE JA 394 -2.89 -127.39 -88.34
CA PHE JA 394 -4.04 -128.07 -88.94
C PHE JA 394 -3.78 -129.57 -89.11
N ILE JA 395 -2.56 -129.94 -89.49
CA ILE JA 395 -2.22 -131.35 -89.62
C ILE JA 395 -2.31 -132.06 -88.28
N SER JA 396 -1.79 -131.42 -87.22
CA SER JA 396 -1.87 -132.01 -85.89
C SER JA 396 -3.32 -132.10 -85.41
N MET JA 397 -4.13 -131.09 -85.71
CA MET JA 397 -5.54 -131.14 -85.35
C MET JA 397 -6.25 -132.28 -86.07
N LEU JA 398 -5.94 -132.48 -87.35
CA LEU JA 398 -6.52 -133.59 -88.08
C LEU JA 398 -6.08 -134.94 -87.51
N LEU JA 399 -4.81 -135.04 -87.13
CA LEU JA 399 -4.32 -136.28 -86.53
C LEU JA 399 -5.03 -136.56 -85.20
N LEU JA 400 -5.21 -135.53 -84.38
CA LEU JA 400 -5.91 -135.70 -83.11
C LEU JA 400 -7.42 -135.72 -83.33
N ILE KA 2 -29.03 -22.97 44.12
CA ILE KA 2 -29.05 -23.60 42.81
C ILE KA 2 -28.69 -25.07 42.91
N SER KA 3 -29.57 -25.92 42.40
CA SER KA 3 -29.34 -27.36 42.33
C SER KA 3 -28.79 -27.67 40.93
N ALA KA 4 -27.48 -27.93 40.87
CA ALA KA 4 -26.80 -28.09 39.58
C ALA KA 4 -26.71 -29.57 39.20
N ARG KA 5 -27.87 -30.20 39.09
CA ARG KA 5 -27.93 -31.57 38.63
C ARG KA 5 -27.69 -31.64 37.13
N ALA KA 6 -27.26 -32.81 36.67
CA ALA KA 6 -27.08 -33.03 35.24
C ALA KA 6 -28.44 -33.10 34.55
N VAL KA 7 -28.59 -32.39 33.44
CA VAL KA 7 -29.84 -32.30 32.71
C VAL KA 7 -29.77 -33.07 31.39
N HIS KA 8 -28.83 -32.68 30.51
CA HIS KA 8 -28.70 -33.28 29.19
C HIS KA 8 -27.39 -34.06 29.14
N ARG KA 9 -27.45 -35.32 29.57
CA ARG KA 9 -26.31 -36.23 29.50
C ARG KA 9 -26.66 -37.36 28.54
N PHE KA 10 -25.84 -37.54 27.51
CA PHE KA 10 -26.03 -38.61 26.55
C PHE KA 10 -24.96 -39.68 26.63
N LEU KA 11 -23.88 -39.44 27.37
CA LEU KA 11 -22.82 -40.44 27.53
C LEU KA 11 -23.26 -41.45 28.58
N ARG KA 12 -23.54 -42.67 28.15
CA ARG KA 12 -24.03 -43.73 29.03
C ARG KA 12 -22.93 -44.73 29.28
N ASN KA 13 -22.71 -45.06 30.54
CA ASN KA 13 -21.70 -46.02 30.98
C ASN KA 13 -20.32 -45.70 30.39
N PRO KA 14 -19.66 -44.64 30.84
CA PRO KA 14 -18.25 -44.42 30.47
C PRO KA 14 -17.24 -45.12 31.38
N ASN KA 15 -17.69 -46.05 32.24
CA ASN KA 15 -16.81 -46.76 33.16
C ASN KA 15 -16.89 -48.27 32.96
N LEU KA 16 -17.30 -48.73 31.78
CA LEU KA 16 -17.67 -50.14 31.61
C LEU KA 16 -16.78 -50.93 30.67
N GLU KA 17 -16.19 -50.30 29.65
CA GLU KA 17 -15.52 -51.02 28.56
C GLU KA 17 -16.51 -51.95 27.85
N THR KA 18 -17.51 -51.34 27.24
CA THR KA 18 -18.59 -52.05 26.58
C THR KA 18 -18.17 -52.51 25.19
N GLY KA 19 -19.09 -53.16 24.49
CA GLY KA 19 -18.84 -53.64 23.14
C GLY KA 19 -18.89 -55.14 23.00
N ALA KA 20 -19.27 -55.62 21.81
CA ALA KA 20 -19.31 -57.05 21.48
C ALA KA 20 -20.26 -57.81 22.42
N ALA KA 21 -21.54 -57.49 22.29
CA ALA KA 21 -22.67 -58.08 23.00
C ALA KA 21 -22.77 -57.60 24.44
N PHE KA 22 -21.84 -56.79 24.91
CA PHE KA 22 -21.90 -56.18 26.24
C PHE KA 22 -22.16 -54.70 25.99
N ARG KA 23 -23.43 -54.34 25.88
CA ARG KA 23 -23.82 -52.99 25.50
C ARG KA 23 -23.80 -52.05 26.71
N ALA KA 24 -23.84 -50.76 26.42
CA ALA KA 24 -23.90 -49.74 27.46
C ALA KA 24 -25.31 -49.52 27.98
N GLY KA 25 -26.32 -50.05 27.31
CA GLY KA 25 -27.69 -49.92 27.77
C GLY KA 25 -28.66 -50.27 26.67
N THR KA 26 -29.93 -50.38 27.07
CA THR KA 26 -31.02 -50.65 26.15
C THR KA 26 -31.70 -49.35 25.78
N ARG KA 27 -31.85 -49.10 24.48
CA ARG KA 27 -32.47 -47.88 24.00
C ARG KA 27 -33.90 -48.06 23.54
N PHE KA 28 -34.41 -49.29 23.47
CA PHE KA 28 -35.77 -49.48 22.97
C PHE KA 28 -36.80 -49.06 24.01
N ASP KA 29 -36.87 -49.81 25.12
CA ASP KA 29 -37.60 -49.49 26.35
C ASP KA 29 -38.83 -48.61 26.13
N PRO KA 30 -39.83 -49.09 25.39
CA PRO KA 30 -40.99 -48.23 25.10
C PRO KA 30 -41.87 -48.08 26.32
N PHE KA 31 -42.77 -47.08 26.25
CA PHE KA 31 -43.75 -46.79 27.29
C PHE KA 31 -43.09 -46.27 28.56
N LYS KA 32 -41.76 -46.24 28.59
CA LYS KA 32 -41.01 -45.72 29.71
C LYS KA 32 -40.07 -44.59 29.35
N ASN KA 33 -39.57 -44.56 28.11
CA ASN KA 33 -38.81 -43.40 27.65
C ASN KA 33 -39.69 -42.19 27.44
N THR KA 34 -41.00 -42.36 27.42
CA THR KA 34 -41.94 -41.31 27.04
C THR KA 34 -42.72 -40.73 28.21
N LEU KA 35 -43.23 -41.56 29.11
CA LEU KA 35 -44.03 -41.10 30.23
C LEU KA 35 -43.17 -40.93 31.47
N THR KA 36 -43.32 -39.79 32.15
CA THR KA 36 -42.65 -39.53 33.41
C THR KA 36 -43.69 -39.04 34.41
N VAL KA 37 -43.58 -39.50 35.65
CA VAL KA 37 -44.50 -39.12 36.72
C VAL KA 37 -43.75 -38.21 37.70
N LEU KA 38 -44.31 -37.03 37.93
CA LEU KA 38 -43.71 -36.03 38.81
C LEU KA 38 -44.73 -35.65 39.88
N LYS KA 39 -44.24 -35.30 41.06
CA LYS KA 39 -45.10 -35.02 42.19
C LYS KA 39 -44.70 -33.71 42.86
N ASP KA 40 -45.71 -33.03 43.41
CA ASP KA 40 -45.53 -31.79 44.16
C ASP KA 40 -46.20 -31.99 45.51
N PRO KA 41 -45.47 -32.54 46.48
CA PRO KA 41 -46.07 -32.82 47.80
C PRO KA 41 -46.52 -31.57 48.54
N GLN KA 42 -45.97 -30.40 48.23
CA GLN KA 42 -46.38 -29.18 48.92
C GLN KA 42 -47.86 -28.88 48.64
N ASN KA 43 -48.28 -29.02 47.38
CA ASN KA 43 -49.66 -28.81 47.01
C ASN KA 43 -50.38 -30.12 46.70
N GLY KA 44 -49.72 -31.26 46.83
CA GLY KA 44 -50.35 -32.54 46.51
C GLY KA 44 -50.73 -32.67 45.06
N ARG KA 45 -49.84 -32.26 44.15
CA ARG KA 45 -50.13 -32.29 42.72
C ARG KA 45 -49.38 -33.44 42.05
N THR KA 46 -49.98 -33.97 41.00
CA THR KA 46 -49.39 -35.04 40.21
C THR KA 46 -49.37 -34.63 38.74
N LEU KA 47 -48.21 -34.80 38.10
CA LEU KA 47 -48.02 -34.43 36.70
C LEU KA 47 -47.57 -35.67 35.93
N TYR KA 48 -48.21 -35.91 34.79
CA TYR KA 48 -47.83 -36.98 33.88
C TYR KA 48 -47.27 -36.31 32.64
N LEU KA 49 -45.95 -36.22 32.56
CA LEU KA 49 -45.27 -35.55 31.45
C LEU KA 49 -45.00 -36.59 30.37
N ILE KA 50 -45.64 -36.41 29.22
CA ILE KA 50 -45.55 -37.33 28.09
C ILE KA 50 -44.78 -36.62 26.99
N GLY KA 51 -43.58 -37.12 26.69
CA GLY KA 51 -42.79 -36.55 25.63
C GLY KA 51 -42.99 -37.28 24.31
N THR KA 52 -43.60 -36.62 23.34
CA THR KA 52 -43.97 -37.27 22.10
C THR KA 52 -43.13 -36.74 20.94
N THR KA 53 -42.76 -37.65 20.05
CA THR KA 53 -42.17 -37.29 18.77
C THR KA 53 -43.20 -37.24 17.65
N ASN KA 54 -44.48 -37.40 17.98
CA ASN KA 54 -45.58 -37.22 17.04
C ASN KA 54 -45.44 -38.14 15.82
N SER KA 55 -44.95 -39.35 16.04
CA SER KA 55 -44.68 -40.25 14.93
C SER KA 55 -45.16 -41.68 15.14
N SER KA 56 -45.56 -42.06 16.34
CA SER KA 56 -45.88 -43.45 16.65
C SER KA 56 -47.36 -43.59 16.97
N THR KA 57 -48.00 -44.60 16.38
CA THR KA 57 -49.39 -44.91 16.70
C THR KA 57 -49.51 -45.60 18.05
N LEU KA 58 -48.55 -46.46 18.38
CA LEU KA 58 -48.60 -47.18 19.66
C LEU KA 58 -48.57 -46.21 20.83
N LEU KA 59 -47.68 -45.23 20.78
CA LEU KA 59 -47.62 -44.23 21.84
C LEU KA 59 -48.87 -43.36 21.86
N ALA KA 60 -49.45 -43.08 20.70
CA ALA KA 60 -50.70 -42.32 20.66
C ALA KA 60 -51.82 -43.07 21.37
N ASN KA 61 -51.93 -44.38 21.11
CA ASN KA 61 -52.94 -45.19 21.79
C ASN KA 61 -52.68 -45.27 23.29
N ARG KA 62 -51.40 -45.40 23.69
CA ARG KA 62 -51.09 -45.43 25.11
C ARG KA 62 -51.47 -44.11 25.79
N THR KA 63 -51.17 -42.99 25.14
CA THR KA 63 -51.55 -41.69 25.69
C THR KA 63 -53.07 -41.54 25.79
N LYS KA 64 -53.79 -41.99 24.76
CA LYS KA 64 -55.24 -41.93 24.80
C LYS KA 64 -55.79 -42.75 25.97
N ASP KA 65 -55.26 -43.96 26.16
CA ASP KA 65 -55.72 -44.79 27.27
C ASP KA 65 -55.37 -44.16 28.61
N LEU KA 66 -54.19 -43.56 28.71
CA LEU KA 66 -53.79 -42.90 29.95
C LEU KA 66 -54.73 -41.75 30.29
N VAL KA 67 -55.08 -40.94 29.29
CA VAL KA 67 -56.01 -39.84 29.55
C VAL KA 67 -57.39 -40.39 29.90
N GLN KA 68 -57.80 -41.49 29.27
CA GLN KA 68 -59.11 -42.07 29.55
C GLN KA 68 -59.20 -42.57 30.99
N LYS KA 69 -58.16 -43.28 31.45
CA LYS KA 69 -58.26 -43.94 32.75
C LYS KA 69 -57.78 -43.08 33.91
N GLU KA 70 -56.84 -42.16 33.68
CA GLU KA 70 -56.31 -41.35 34.76
C GLU KA 70 -57.27 -40.25 35.18
N LYS KA 71 -58.05 -39.72 34.25
CA LYS KA 71 -59.00 -38.64 34.49
C LYS KA 71 -58.33 -37.46 35.16
N PRO KA 72 -57.43 -36.76 34.45
CA PRO KA 72 -56.73 -35.63 35.06
C PRO KA 72 -57.65 -34.43 35.20
N ASP KA 73 -57.25 -33.51 36.09
CA ASP KA 73 -57.97 -32.25 36.24
C ASP KA 73 -57.58 -31.23 35.18
N ALA KA 74 -56.51 -31.46 34.44
CA ALA KA 74 -56.13 -30.55 33.35
C ALA KA 74 -55.24 -31.30 32.37
N VAL KA 75 -55.36 -30.92 31.10
CA VAL KA 75 -54.54 -31.46 30.02
C VAL KA 75 -53.83 -30.31 29.33
N PHE KA 76 -52.51 -30.42 29.21
CA PHE KA 76 -51.66 -29.39 28.62
C PHE KA 76 -51.05 -29.95 27.34
N VAL KA 77 -51.56 -29.51 26.20
CA VAL KA 77 -51.13 -30.02 24.90
C VAL KA 77 -50.32 -28.94 24.21
N GLN KA 78 -49.15 -29.32 23.69
CA GLN KA 78 -48.24 -28.37 23.06
C GLN KA 78 -48.60 -28.17 21.59
N THR KA 79 -49.80 -27.63 21.36
CA THR KA 79 -50.26 -27.25 20.03
C THR KA 79 -50.85 -25.85 20.08
N ASN KA 80 -51.48 -25.42 18.99
CA ASN KA 80 -52.14 -24.12 18.95
C ASN KA 80 -53.54 -24.27 18.35
N LYS KA 81 -54.27 -23.15 18.33
CA LYS KA 81 -55.67 -23.17 17.91
C LYS KA 81 -55.80 -23.56 16.44
N GLU KA 82 -54.91 -23.07 15.59
CA GLU KA 82 -55.00 -23.39 14.16
C GLU KA 82 -54.81 -24.88 13.92
N TRP KA 83 -53.77 -25.46 14.54
CA TRP KA 83 -53.57 -26.90 14.38
C TRP KA 83 -54.72 -27.68 14.97
N TRP KA 84 -55.26 -27.23 16.11
CA TRP KA 84 -56.37 -27.97 16.70
C TRP KA 84 -57.59 -27.93 15.80
N ASN KA 85 -57.86 -26.79 15.16
CA ASN KA 85 -58.98 -26.73 14.21
C ASN KA 85 -58.75 -27.68 13.05
N LEU KA 86 -57.55 -27.65 12.47
CA LEU KA 86 -57.25 -28.52 11.34
C LEU KA 86 -57.38 -29.99 11.73
N ALA KA 87 -56.91 -30.35 12.92
CA ALA KA 87 -56.94 -31.74 13.35
C ALA KA 87 -58.34 -32.20 13.75
N LYS KA 88 -59.14 -31.33 14.34
CA LYS KA 88 -60.50 -31.71 14.71
C LYS KA 88 -61.39 -31.81 13.49
N ASN KA 89 -61.09 -31.07 12.43
CA ASN KA 89 -61.83 -31.25 11.19
C ASN KA 89 -61.43 -32.53 10.47
N ILE KA 90 -60.32 -33.16 10.87
CA ILE KA 90 -59.90 -34.43 10.31
C ILE KA 90 -60.42 -35.54 11.20
N GLN KA 91 -61.14 -36.50 10.61
CA GLN KA 91 -61.78 -37.56 11.36
C GLN KA 91 -61.62 -38.88 10.63
N ASP KA 92 -61.98 -39.97 11.33
CA ASP KA 92 -61.87 -41.33 10.84
C ASP KA 92 -60.42 -41.73 10.55
N VAL KA 93 -59.48 -41.13 11.29
CA VAL KA 93 -58.07 -41.46 11.18
C VAL KA 93 -57.61 -42.02 12.53
N LYS KA 94 -57.08 -43.24 12.52
CA LYS KA 94 -56.67 -43.90 13.75
C LYS KA 94 -55.25 -44.45 13.70
N CYS KA 95 -54.51 -44.24 12.62
CA CYS KA 95 -53.12 -44.64 12.53
C CYS KA 95 -52.28 -43.44 12.11
N GLN KA 96 -51.02 -43.45 12.50
CA GLN KA 96 -50.15 -42.30 12.25
C GLN KA 96 -49.81 -42.13 10.78
N GLN KA 97 -49.83 -43.21 9.98
CA GLN KA 97 -49.55 -43.05 8.55
C GLN KA 97 -50.60 -42.21 7.86
N GLU KA 98 -51.88 -42.45 8.16
CA GLU KA 98 -52.93 -41.64 7.57
C GLU KA 98 -52.79 -40.18 7.94
N LEU KA 99 -52.42 -39.90 9.19
CA LEU KA 99 -52.22 -38.51 9.59
C LEU KA 99 -50.97 -37.92 8.95
N ASN KA 100 -49.93 -38.73 8.74
CA ASN KA 100 -48.76 -38.28 8.01
C ASN KA 100 -49.11 -37.92 6.58
N ARG KA 101 -50.18 -38.50 6.05
CA ARG KA 101 -50.66 -38.11 4.73
C ARG KA 101 -51.10 -36.65 4.70
N TYR KA 102 -51.50 -36.08 5.84
CA TYR KA 102 -51.92 -34.68 5.93
C TYR KA 102 -50.81 -33.78 6.48
N ASN KA 103 -49.54 -34.16 6.31
CA ASN KA 103 -48.46 -33.43 6.97
C ASN KA 103 -48.38 -31.98 6.49
N ASP KA 104 -48.60 -31.75 5.20
CA ASP KA 104 -48.58 -30.38 4.69
C ASP KA 104 -49.73 -29.56 5.26
N LEU KA 105 -50.92 -30.14 5.31
CA LEU KA 105 -52.08 -29.42 5.83
C LEU KA 105 -51.89 -29.05 7.30
N LEU KA 106 -51.34 -29.97 8.10
CA LEU KA 106 -51.05 -29.67 9.50
C LEU KA 106 -49.90 -28.69 9.63
N SER KA 107 -48.93 -28.74 8.72
CA SER KA 107 -47.84 -27.77 8.72
C SER KA 107 -48.32 -26.38 8.34
N GLN KA 108 -49.51 -26.27 7.74
CA GLN KA 108 -50.10 -24.95 7.52
C GLN KA 108 -50.38 -24.23 8.83
N ALA KA 109 -50.42 -24.93 9.95
CA ALA KA 109 -50.65 -24.30 11.24
C ALA KA 109 -49.48 -23.42 11.69
N TYR KA 110 -48.31 -23.59 11.08
CA TYR KA 110 -47.17 -22.72 11.36
C TYR KA 110 -47.40 -21.38 10.68
N THR KA 111 -48.16 -20.52 11.35
CA THR KA 111 -48.50 -19.20 10.84
C THR KA 111 -47.77 -18.14 11.65
N LEU KA 112 -47.06 -17.26 10.96
CA LEU KA 112 -46.30 -16.19 11.60
C LEU KA 112 -47.05 -14.88 11.42
N SER KA 113 -47.43 -14.26 12.54
CA SER KA 113 -48.13 -12.97 12.50
C SER KA 113 -47.11 -11.84 12.50
N LEU KA 114 -46.41 -11.73 11.37
CA LEU KA 114 -45.39 -10.71 11.19
C LEU KA 114 -45.89 -9.61 10.27
N ASP KA 115 -45.23 -8.46 10.35
CA ASP KA 115 -45.60 -7.31 9.54
C ASP KA 115 -44.99 -7.41 8.15
N ASN KA 116 -45.37 -6.46 7.29
CA ASN KA 116 -44.87 -6.38 5.93
C ASN KA 116 -43.83 -5.28 5.75
N THR KA 117 -43.31 -4.73 6.85
CA THR KA 117 -42.31 -3.69 6.77
C THR KA 117 -41.00 -4.24 6.20
N ILE KA 118 -40.07 -3.33 5.91
CA ILE KA 118 -38.79 -3.73 5.33
C ILE KA 118 -38.01 -4.58 6.32
N ARG KA 119 -37.96 -4.17 7.59
CA ARG KA 119 -37.24 -4.94 8.59
C ARG KA 119 -37.85 -6.33 8.77
N ASN KA 120 -39.18 -6.41 8.83
CA ASN KA 120 -39.82 -7.70 9.00
C ASN KA 120 -39.63 -8.58 7.76
N LEU KA 121 -39.62 -7.98 6.57
CA LEU KA 121 -39.36 -8.76 5.36
C LEU KA 121 -37.93 -9.31 5.34
N VAL KA 122 -36.97 -8.49 5.75
CA VAL KA 122 -35.59 -8.96 5.85
C VAL KA 122 -35.47 -10.08 6.87
N PHE KA 123 -36.14 -9.92 8.02
CA PHE KA 123 -36.13 -10.98 9.03
C PHE KA 123 -36.78 -12.25 8.50
N LYS KA 124 -37.88 -12.13 7.75
CA LYS KA 124 -38.52 -13.31 7.19
C LYS KA 124 -37.60 -14.02 6.22
N ALA KA 125 -36.90 -13.27 5.37
CA ALA KA 125 -35.96 -13.89 4.44
C ALA KA 125 -34.86 -14.63 5.20
N LYS KA 126 -34.26 -13.97 6.20
CA LYS KA 126 -33.20 -14.60 6.96
C LYS KA 126 -33.70 -15.83 7.71
N PHE KA 127 -34.88 -15.74 8.31
CA PHE KA 127 -35.42 -16.85 9.08
C PHE KA 127 -35.76 -18.03 8.19
N TYR KA 128 -36.34 -17.78 7.02
CA TYR KA 128 -36.65 -18.88 6.11
C TYR KA 128 -35.37 -19.53 5.58
N SER KA 129 -34.34 -18.74 5.26
CA SER KA 129 -33.09 -19.32 4.84
C SER KA 129 -32.46 -20.17 5.94
N TRP KA 130 -32.48 -19.66 7.18
CA TRP KA 130 -31.94 -20.42 8.30
C TRP KA 130 -32.74 -21.70 8.54
N LEU KA 131 -34.06 -21.62 8.40
CA LEU KA 131 -34.89 -22.81 8.56
C LEU KA 131 -34.57 -23.84 7.50
N PHE KA 132 -34.36 -23.40 6.25
CA PHE KA 132 -33.98 -24.33 5.20
C PHE KA 132 -32.65 -25.01 5.51
N VAL KA 133 -31.67 -24.24 5.96
CA VAL KA 133 -30.36 -24.81 6.28
C VAL KA 133 -30.47 -25.78 7.46
N ILE KA 134 -31.22 -25.40 8.50
CA ILE KA 134 -31.30 -26.23 9.69
C ILE KA 134 -32.14 -27.47 9.43
N ASN KA 135 -33.06 -27.43 8.46
CA ASN KA 135 -33.76 -28.63 8.06
C ASN KA 135 -32.89 -29.53 7.18
N TRP KA 136 -31.98 -28.93 6.40
CA TRP KA 136 -30.99 -29.74 5.70
C TRP KA 136 -30.10 -30.48 6.69
N PHE KA 137 -29.67 -29.79 7.75
CA PHE KA 137 -28.82 -30.44 8.75
C PHE KA 137 -29.61 -31.44 9.60
N LYS KA 138 -30.89 -31.15 9.86
CA LYS KA 138 -31.71 -32.08 10.63
C LYS KA 138 -32.00 -33.35 9.84
N ALA KA 139 -32.42 -33.21 8.59
CA ALA KA 139 -32.58 -34.32 7.65
C ALA KA 139 -33.53 -35.40 8.18
N PHE KA 140 -34.77 -34.98 8.42
CA PHE KA 140 -35.68 -36.04 8.87
C PHE KA 140 -36.59 -36.46 7.73
N PRO KA 141 -36.95 -37.74 7.65
CA PRO KA 141 -37.86 -38.19 6.60
C PRO KA 141 -39.29 -37.75 6.85
N ASP KA 142 -40.20 -38.11 5.94
CA ASP KA 142 -41.60 -37.72 6.08
C ASP KA 142 -42.24 -38.36 7.30
N ASP KA 143 -41.92 -39.62 7.57
CA ASP KA 143 -42.61 -40.38 8.62
C ASP KA 143 -42.13 -40.06 10.03
N PHE KA 144 -41.04 -39.32 10.18
CA PHE KA 144 -40.54 -38.92 11.50
C PHE KA 144 -40.47 -37.40 11.53
N HIS KA 145 -41.50 -36.77 12.13
CA HIS KA 145 -41.62 -35.32 12.21
C HIS KA 145 -41.87 -34.93 13.66
N PRO KA 146 -40.81 -34.81 14.47
CA PRO KA 146 -41.02 -34.50 15.89
C PRO KA 146 -41.63 -33.14 16.15
N PHE KA 147 -41.58 -32.22 15.20
CA PHE KA 147 -42.06 -30.86 15.40
C PHE KA 147 -43.42 -30.60 14.78
N ILE KA 148 -44.01 -31.58 14.10
CA ILE KA 148 -45.36 -31.48 13.54
C ILE KA 148 -46.26 -32.38 14.39
N PRO KA 149 -47.15 -31.82 15.21
CA PRO KA 149 -47.96 -32.66 16.10
C PRO KA 149 -48.86 -33.61 15.32
N GLY KA 150 -49.12 -34.76 15.92
CA GLY KA 150 -49.87 -35.81 15.25
C GLY KA 150 -50.95 -36.45 16.08
N LEU KA 151 -51.02 -37.79 16.04
CA LEU KA 151 -52.15 -38.49 16.64
C LEU KA 151 -52.15 -38.42 18.16
N GLU KA 152 -50.97 -38.36 18.79
CA GLU KA 152 -50.92 -38.33 20.23
C GLU KA 152 -51.59 -37.06 20.79
N MET KA 153 -51.24 -35.90 20.21
CA MET KA 153 -51.86 -34.65 20.63
C MET KA 153 -53.37 -34.66 20.35
N LYS KA 154 -53.77 -35.15 19.17
CA LYS KA 154 -55.18 -35.15 18.82
C LYS KA 154 -55.99 -36.05 19.76
N PHE KA 155 -55.46 -37.23 20.07
CA PHE KA 155 -56.14 -38.13 20.99
C PHE KA 155 -56.22 -37.51 22.38
N ALA KA 156 -55.14 -36.88 22.84
CA ALA KA 156 -55.16 -36.23 24.15
C ALA KA 156 -56.22 -35.15 24.21
N ILE KA 157 -56.30 -34.31 23.17
CA ILE KA 157 -57.27 -33.22 23.17
C ILE KA 157 -58.69 -33.77 23.10
N GLU KA 158 -58.93 -34.78 22.27
CA GLU KA 158 -60.27 -35.34 22.15
C GLU KA 158 -60.71 -36.01 23.45
N GLU KA 159 -59.81 -36.74 24.11
CA GLU KA 159 -60.18 -37.38 25.37
C GLU KA 159 -60.34 -36.37 26.49
N ALA KA 160 -59.62 -35.24 26.42
CA ALA KA 160 -59.87 -34.16 27.36
C ALA KA 160 -61.23 -33.53 27.13
N ASN KA 161 -61.63 -33.38 25.87
CA ASN KA 161 -62.95 -32.83 25.56
C ASN KA 161 -64.06 -33.77 25.98
N LYS KA 162 -63.85 -35.08 25.84
CA LYS KA 162 -64.88 -36.04 26.24
C LYS KA 162 -65.15 -35.96 27.74
N GLN KA 163 -64.10 -35.79 28.55
CA GLN KA 163 -64.25 -35.67 29.99
C GLN KA 163 -64.54 -34.24 30.44
N ASN KA 164 -64.62 -33.29 29.50
CA ASN KA 164 -64.95 -31.90 29.80
C ASN KA 164 -63.97 -31.28 30.78
N ILE KA 165 -62.68 -31.58 30.60
CA ILE KA 165 -61.63 -30.98 31.42
C ILE KA 165 -60.92 -29.92 30.59
N PRO KA 166 -60.43 -28.85 31.20
CA PRO KA 166 -59.81 -27.76 30.42
C PRO KA 166 -58.57 -28.23 29.68
N VAL KA 167 -58.36 -27.64 28.51
CA VAL KA 167 -57.20 -27.94 27.66
C VAL KA 167 -56.39 -26.66 27.50
N VAL KA 168 -55.10 -26.73 27.80
CA VAL KA 168 -54.20 -25.59 27.70
C VAL KA 168 -53.25 -25.84 26.55
N LEU KA 169 -53.32 -24.97 25.53
CA LEU KA 169 -52.49 -25.10 24.35
C LEU KA 169 -51.22 -24.27 24.53
N GLY KA 170 -50.07 -24.92 24.55
CA GLY KA 170 -48.80 -24.28 24.77
C GLY KA 170 -48.09 -23.76 23.53
N GLY KA 171 -48.68 -23.93 22.36
CA GLY KA 171 -48.06 -23.46 21.13
C GLY KA 171 -47.04 -24.44 20.58
N LEU KA 172 -46.80 -24.33 19.28
CA LEU KA 172 -45.87 -25.24 18.61
C LEU KA 172 -44.43 -24.89 19.01
N GLU KA 173 -43.47 -25.59 18.38
CA GLU KA 173 -42.07 -25.32 18.67
C GLU KA 173 -41.69 -23.89 18.31
N VAL KA 174 -42.13 -23.43 17.15
CA VAL KA 174 -41.89 -22.07 16.69
C VAL KA 174 -43.24 -21.36 16.71
N ASP KA 175 -43.50 -20.62 17.78
CA ASP KA 175 -44.72 -19.84 17.94
C ASP KA 175 -44.35 -18.36 18.03
N ASP KA 176 -45.34 -17.53 18.34
CA ASP KA 176 -45.12 -16.09 18.36
C ASP KA 176 -44.06 -15.70 19.39
N VAL KA 177 -44.09 -16.35 20.57
CA VAL KA 177 -43.12 -16.04 21.61
C VAL KA 177 -41.71 -16.37 21.14
N THR KA 178 -41.52 -17.59 20.63
CA THR KA 178 -40.19 -17.98 20.15
C THR KA 178 -39.81 -17.21 18.90
N LEU KA 179 -40.78 -16.84 18.07
CA LEU KA 179 -40.47 -16.03 16.89
C LEU KA 179 -39.93 -14.66 17.29
N SER KA 180 -40.56 -14.03 18.29
CA SER KA 180 -40.03 -12.75 18.79
C SER KA 180 -38.67 -12.93 19.44
N ALA KA 181 -38.48 -14.04 20.17
CA ALA KA 181 -37.18 -14.31 20.77
C ALA KA 181 -36.09 -14.44 19.70
N LEU KA 182 -36.39 -15.13 18.61
CA LEU KA 182 -35.45 -15.23 17.51
C LEU KA 182 -35.25 -13.89 16.82
N LYS KA 183 -36.29 -13.05 16.80
CA LYS KA 183 -36.14 -11.69 16.27
C LYS KA 183 -35.14 -10.89 17.10
N VAL KA 184 -35.16 -11.07 18.42
CA VAL KA 184 -34.23 -10.35 19.28
C VAL KA 184 -32.79 -10.73 18.96
N GLU KA 185 -32.53 -12.02 18.76
CA GLU KA 185 -31.17 -12.49 18.49
C GLU KA 185 -30.85 -12.29 17.01
N PRO KA 186 -29.82 -11.51 16.67
CA PRO KA 186 -29.52 -11.27 15.26
C PRO KA 186 -28.57 -12.29 14.65
N ARG KA 187 -28.37 -13.43 15.32
CA ARG KA 187 -27.38 -14.40 14.89
C ARG KA 187 -27.91 -15.37 13.83
N LEU KA 188 -28.99 -15.03 13.14
CA LEU KA 188 -29.52 -15.89 12.08
C LEU KA 188 -28.85 -15.53 10.75
N ASP KA 189 -28.23 -16.51 10.12
CA ASP KA 189 -27.57 -16.33 8.83
C ASP KA 189 -27.42 -17.69 8.16
N PRO KA 190 -27.96 -17.88 6.96
CA PRO KA 190 -27.85 -19.20 6.31
C PRO KA 190 -26.42 -19.65 6.05
N PHE KA 191 -25.55 -18.73 5.62
CA PHE KA 191 -24.19 -19.13 5.26
C PHE KA 191 -23.36 -19.44 6.49
N SER KA 192 -23.45 -18.61 7.52
CA SER KA 192 -22.77 -18.91 8.78
C SER KA 192 -23.33 -20.18 9.40
N GLN KA 193 -24.63 -20.41 9.24
CA GLN KA 193 -25.24 -21.64 9.74
C GLN KA 193 -24.69 -22.86 9.02
N LEU KA 194 -24.54 -22.78 7.69
CA LEU KA 194 -23.94 -23.88 6.95
C LEU KA 194 -22.51 -24.14 7.42
N TYR KA 195 -21.72 -23.07 7.56
CA TYR KA 195 -20.33 -23.25 7.96
C TYR KA 195 -20.23 -23.85 9.35
N TYR KA 196 -21.06 -23.40 10.29
CA TYR KA 196 -21.00 -23.91 11.65
C TYR KA 196 -21.57 -25.32 11.76
N GLY KA 197 -22.56 -25.65 10.92
CA GLY KA 197 -23.13 -26.98 10.95
C GLY KA 197 -22.25 -28.03 10.30
N TYR KA 198 -21.37 -27.62 9.38
CA TYR KA 198 -20.39 -28.55 8.85
C TYR KA 198 -19.10 -28.58 9.67
N ARG KA 199 -19.08 -27.90 10.81
CA ARG KA 199 -17.98 -27.99 11.76
C ARG KA 199 -18.43 -28.48 13.13
N ALA KA 200 -19.70 -28.86 13.27
CA ALA KA 200 -20.23 -29.24 14.57
C ALA KA 200 -19.58 -30.53 15.08
N LEU KA 201 -19.42 -31.53 14.22
CA LEU KA 201 -18.86 -32.82 14.61
C LEU KA 201 -17.34 -32.73 14.56
N HIS KA 202 -16.78 -32.09 15.60
CA HIS KA 202 -15.36 -31.74 15.58
C HIS KA 202 -14.43 -32.90 15.92
N ASN KA 203 -14.95 -34.01 16.46
CA ASN KA 203 -14.14 -35.19 16.70
C ASN KA 203 -14.87 -36.42 16.18
N SER KA 204 -14.17 -37.54 16.15
CA SER KA 204 -14.73 -38.76 15.57
C SER KA 204 -15.97 -39.20 16.32
N PHE KA 205 -15.92 -39.18 17.64
CA PHE KA 205 -17.04 -39.64 18.47
C PHE KA 205 -18.37 -39.10 17.95
N TRP KA 206 -18.53 -37.78 17.96
CA TRP KA 206 -19.76 -37.16 17.48
C TRP KA 206 -20.12 -37.70 16.11
N ARG KA 207 -19.17 -37.65 15.18
CA ARG KA 207 -19.41 -38.18 13.84
C ARG KA 207 -20.00 -39.58 13.92
N ARG KA 208 -19.29 -40.50 14.58
CA ARG KA 208 -19.78 -41.86 14.69
C ARG KA 208 -21.18 -41.88 15.27
N GLU KA 209 -21.38 -41.19 16.39
CA GLU KA 209 -22.70 -41.15 17.00
C GLU KA 209 -23.73 -40.69 15.98
N HIS KA 210 -23.46 -39.56 15.35
CA HIS KA 210 -24.33 -39.03 14.31
C HIS KA 210 -24.73 -40.15 13.38
N PHE KA 211 -23.73 -40.78 12.75
CA PHE KA 211 -23.98 -41.84 11.80
C PHE KA 211 -25.01 -42.82 12.34
N ASP KA 212 -24.68 -43.48 13.45
CA ASP KA 212 -25.52 -44.59 13.88
C ASP KA 212 -26.93 -44.10 14.18
N ASN KA 213 -27.05 -42.93 14.81
CA ASN KA 213 -28.37 -42.39 15.08
C ASN KA 213 -29.17 -42.35 13.79
N TYR KA 214 -28.68 -41.58 12.81
CA TYR KA 214 -29.42 -41.47 11.57
C TYR KA 214 -29.48 -42.80 10.84
N ALA KA 215 -28.46 -43.65 11.02
CA ALA KA 215 -28.50 -44.96 10.40
C ALA KA 215 -29.74 -45.71 10.85
N THR KA 216 -30.03 -45.68 12.15
CA THR KA 216 -31.23 -46.34 12.64
C THR KA 216 -32.47 -45.73 12.01
N LEU KA 217 -32.49 -44.39 11.90
CA LEU KA 217 -33.64 -43.72 11.29
C LEU KA 217 -33.83 -44.15 9.85
N ASP KA 218 -32.75 -44.55 9.17
CA ASP KA 218 -32.89 -45.00 7.79
C ASP KA 218 -33.32 -46.46 7.70
N VAL KA 219 -33.09 -47.26 8.74
CA VAL KA 219 -33.43 -48.67 8.71
C VAL KA 219 -34.83 -48.86 9.25
N VAL KA 220 -35.03 -48.51 10.51
CA VAL KA 220 -36.35 -48.55 11.11
C VAL KA 220 -37.09 -47.26 10.77
N GLY KA 221 -38.41 -47.34 10.64
CA GLY KA 221 -39.17 -46.20 10.21
C GLY KA 221 -39.32 -45.18 11.33
N GLY KA 222 -40.16 -44.17 11.06
CA GLY KA 222 -40.46 -43.19 12.07
C GLY KA 222 -41.17 -43.78 13.27
N GLU KA 223 -42.11 -44.69 13.02
CA GLU KA 223 -42.83 -45.32 14.12
C GLU KA 223 -41.90 -46.16 14.99
N ALA KA 224 -41.02 -46.94 14.35
CA ALA KA 224 -40.10 -47.78 15.10
C ALA KA 224 -38.97 -46.99 15.74
N TYR KA 225 -38.69 -45.79 15.24
CA TYR KA 225 -37.66 -44.93 15.80
C TYR KA 225 -38.17 -44.06 16.93
N ALA KA 226 -39.47 -43.75 16.93
CA ALA KA 226 -40.04 -43.00 18.04
C ALA KA 226 -40.03 -43.79 19.33
N GLU KA 227 -40.25 -45.11 19.23
CA GLU KA 227 -40.26 -45.96 20.42
C GLU KA 227 -38.87 -46.11 21.02
N SER KA 228 -37.84 -46.14 20.18
CA SER KA 228 -36.47 -46.37 20.62
C SER KA 228 -35.69 -45.09 20.86
N MET KA 229 -36.37 -44.00 21.22
CA MET KA 229 -35.72 -42.74 21.54
C MET KA 229 -35.82 -42.54 23.05
N ASP KA 230 -34.72 -42.82 23.74
CA ASP KA 230 -34.68 -42.73 25.19
C ASP KA 230 -34.12 -41.38 25.62
N ARG KA 231 -33.90 -41.23 26.92
CA ARG KA 231 -33.39 -39.95 27.44
C ARG KA 231 -32.00 -39.66 26.89
N PHE KA 232 -31.16 -40.69 26.77
CA PHE KA 232 -29.81 -40.46 26.28
C PHE KA 232 -29.80 -40.01 24.83
N ARG KA 233 -30.63 -40.64 23.99
CA ARG KA 233 -30.73 -40.19 22.59
C ARG KA 233 -31.31 -38.80 22.50
N THR KA 234 -32.32 -38.49 23.32
CA THR KA 234 -32.89 -37.15 23.33
C THR KA 234 -31.84 -36.11 23.72
N ASN KA 235 -31.04 -36.40 24.75
CA ASN KA 235 -29.99 -35.49 25.16
C ASN KA 235 -28.93 -35.34 24.09
N TRP KA 236 -28.59 -36.43 23.39
CA TRP KA 236 -27.66 -36.32 22.28
C TRP KA 236 -28.21 -35.40 21.21
N PHE KA 237 -29.51 -35.50 20.92
CA PHE KA 237 -30.09 -34.64 19.89
C PHE KA 237 -30.10 -33.18 20.31
N VAL KA 238 -30.41 -32.89 21.58
CA VAL KA 238 -30.39 -31.50 22.03
C VAL KA 238 -28.97 -30.96 22.02
N LYS KA 239 -27.98 -31.79 22.35
CA LYS KA 239 -26.60 -31.34 22.29
C LYS KA 239 -26.13 -31.14 20.85
N TYR KA 240 -26.59 -31.99 19.93
CA TYR KA 240 -26.30 -31.78 18.52
C TYR KA 240 -26.89 -30.48 18.02
N PHE KA 241 -28.11 -30.16 18.45
CA PHE KA 241 -28.70 -28.86 18.13
C PHE KA 241 -27.86 -27.73 18.70
N GLU KA 242 -27.38 -27.90 19.94
CA GLU KA 242 -26.54 -26.88 20.55
C GLU KA 242 -25.26 -26.66 19.75
N LYS KA 243 -24.66 -27.75 19.26
CA LYS KA 243 -23.45 -27.61 18.46
C LYS KA 243 -23.76 -26.98 17.10
N LEU KA 244 -24.92 -27.29 16.51
CA LEU KA 244 -25.29 -26.67 15.25
C LEU KA 244 -25.53 -25.18 15.41
N ALA KA 245 -26.35 -24.79 16.39
CA ALA KA 245 -26.73 -23.39 16.59
C ALA KA 245 -26.94 -23.16 18.07
N PRO KA 246 -25.88 -22.78 18.80
CA PRO KA 246 -26.03 -22.60 20.24
C PRO KA 246 -27.03 -21.53 20.64
N TYR KA 247 -27.11 -20.44 19.89
CA TYR KA 247 -28.06 -19.37 20.23
C TYR KA 247 -29.50 -19.81 20.00
N GLN KA 248 -29.77 -20.42 18.84
CA GLN KA 248 -31.11 -20.90 18.57
C GLN KA 248 -31.47 -22.09 19.46
N LYS KA 249 -30.48 -22.89 19.86
CA LYS KA 249 -30.75 -23.94 20.85
C LYS KA 249 -31.13 -23.34 22.19
N LYS KA 250 -30.42 -22.28 22.61
CA LYS KA 250 -30.77 -21.61 23.86
C LYS KA 250 -32.16 -21.04 23.81
N ILE KA 251 -32.54 -20.44 22.67
CA ILE KA 251 -33.86 -19.85 22.55
C ILE KA 251 -34.94 -20.92 22.49
N ILE KA 252 -34.72 -21.97 21.71
CA ILE KA 252 -35.78 -22.92 21.40
C ILE KA 252 -35.91 -24.04 22.45
N VAL KA 253 -34.81 -24.46 23.06
CA VAL KA 253 -34.88 -25.56 24.01
C VAL KA 253 -34.94 -25.03 25.44
N ASP KA 254 -33.88 -24.33 25.87
CA ASP KA 254 -33.77 -23.94 27.27
C ASP KA 254 -34.87 -22.98 27.68
N GLN KA 255 -35.04 -21.89 26.92
CA GLN KA 255 -36.04 -20.89 27.27
C GLN KA 255 -37.45 -21.47 27.18
N LYS KA 256 -37.71 -22.29 26.17
CA LYS KA 256 -39.03 -22.90 26.07
C LYS KA 256 -39.24 -23.95 27.16
N ASP KA 257 -38.18 -24.64 27.58
CA ASP KA 257 -38.30 -25.52 28.74
C ASP KA 257 -38.72 -24.73 29.98
N LEU KA 258 -38.10 -23.56 30.19
CA LEU KA 258 -38.47 -22.74 31.33
C LEU KA 258 -39.91 -22.24 31.21
N ASP KA 259 -40.32 -21.84 30.01
CA ASP KA 259 -41.68 -21.36 29.81
C ASP KA 259 -42.70 -22.47 30.06
N LEU KA 260 -42.42 -23.67 29.57
CA LEU KA 260 -43.33 -24.79 29.80
C LEU KA 260 -43.37 -25.17 31.27
N PHE KA 261 -42.23 -25.10 31.97
CA PHE KA 261 -42.25 -25.33 33.41
C PHE KA 261 -43.08 -24.29 34.13
N TYR KA 262 -42.96 -23.02 33.74
CA TYR KA 262 -43.80 -21.99 34.33
C TYR KA 262 -45.28 -22.29 34.13
N ALA KA 263 -45.65 -22.62 32.89
CA ALA KA 263 -47.05 -22.88 32.58
C ALA KA 263 -47.58 -24.09 33.34
N LEU KA 264 -46.77 -25.15 33.44
CA LEU KA 264 -47.21 -26.37 34.12
C LEU KA 264 -47.23 -26.22 35.63
N TYR KA 265 -46.40 -25.34 36.18
CA TYR KA 265 -46.30 -25.22 37.63
C TYR KA 265 -47.27 -24.19 38.20
N ARG KA 266 -47.52 -23.11 37.47
CA ARG KA 266 -48.35 -22.03 37.99
C ARG KA 266 -49.62 -21.79 37.20
N ASP KA 267 -49.55 -21.80 35.87
CA ASP KA 267 -50.70 -21.46 35.03
C ASP KA 267 -51.44 -22.73 34.61
N THR KA 268 -52.11 -23.35 35.60
CA THR KA 268 -52.84 -24.58 35.36
C THR KA 268 -53.82 -24.78 36.51
N PRO KA 269 -54.95 -25.46 36.26
CA PRO KA 269 -55.89 -25.76 37.36
C PRO KA 269 -55.24 -26.55 38.48
N GLY KA 270 -54.70 -27.72 38.16
CA GLY KA 270 -53.84 -28.44 39.07
C GLY KA 270 -54.51 -29.64 39.73
N LYS KA 271 -53.73 -30.28 40.59
CA LYS KA 271 -54.05 -31.46 41.39
C LYS KA 271 -54.09 -32.73 40.57
N LYS KA 272 -54.13 -32.60 39.24
CA LYS KA 272 -53.81 -33.69 38.32
C LYS KA 272 -53.64 -33.13 36.92
N ILE KA 273 -52.44 -33.24 36.36
CA ILE KA 273 -52.14 -32.65 35.06
C ILE KA 273 -51.55 -33.73 34.17
N VAL KA 274 -52.03 -33.79 32.93
CA VAL KA 274 -51.42 -34.62 31.89
C VAL KA 274 -50.89 -33.68 30.83
N ALA KA 275 -49.58 -33.63 30.69
CA ALA KA 275 -48.92 -32.66 29.81
C ALA KA 275 -48.24 -33.40 28.67
N VAL KA 276 -48.82 -33.32 27.48
CA VAL KA 276 -48.25 -33.95 26.29
C VAL KA 276 -47.39 -32.90 25.60
N VAL KA 277 -46.09 -32.93 25.85
CA VAL KA 277 -45.17 -31.96 25.26
C VAL KA 277 -44.25 -32.67 24.29
N ASN KA 278 -43.41 -31.92 23.60
CA ASN KA 278 -42.44 -32.53 22.70
C ASN KA 278 -41.39 -33.28 23.49
N GLN KA 279 -40.72 -34.21 22.80
CA GLN KA 279 -39.85 -35.15 23.49
C GLN KA 279 -38.69 -34.47 24.19
N TRP KA 280 -38.07 -33.48 23.54
CA TRP KA 280 -36.81 -32.93 24.04
C TRP KA 280 -37.01 -31.81 25.06
N HIS KA 281 -38.24 -31.45 25.40
CA HIS KA 281 -38.49 -30.56 26.52
C HIS KA 281 -38.69 -31.30 27.83
N VAL KA 282 -38.83 -32.63 27.78
CA VAL KA 282 -39.05 -33.40 29.00
C VAL KA 282 -37.87 -33.30 29.96
N PRO KA 283 -36.60 -33.43 29.55
CA PRO KA 283 -35.51 -33.30 30.52
C PRO KA 283 -35.52 -31.98 31.27
N GLY KA 284 -35.65 -30.86 30.57
CA GLY KA 284 -35.63 -29.57 31.23
C GLY KA 284 -36.82 -29.36 32.14
N ILE KA 285 -38.02 -29.70 31.67
CA ILE KA 285 -39.22 -29.56 32.50
C ILE KA 285 -39.11 -30.41 33.75
N GLU KA 286 -38.66 -31.66 33.60
CA GLU KA 286 -38.53 -32.55 34.74
C GLU KA 286 -37.50 -32.03 35.73
N ASN KA 287 -36.36 -31.54 35.23
CA ASN KA 287 -35.33 -31.01 36.13
C ASN KA 287 -35.85 -29.80 36.90
N HIS KA 288 -36.51 -28.87 36.20
CA HIS KA 288 -37.05 -27.69 36.87
C HIS KA 288 -38.11 -28.08 37.89
N TRP KA 289 -38.99 -29.01 37.53
CA TRP KA 289 -40.05 -29.42 38.45
C TRP KA 289 -39.46 -30.06 39.70
N LYS KA 290 -38.49 -30.95 39.53
CA LYS KA 290 -37.88 -31.59 40.69
C LYS KA 290 -37.14 -30.59 41.55
N SER KA 291 -36.43 -29.64 40.94
CA SER KA 291 -35.71 -28.64 41.72
C SER KA 291 -36.68 -27.75 42.50
N ALA KA 292 -37.79 -27.35 41.87
CA ALA KA 292 -38.74 -26.48 42.54
C ALA KA 292 -39.48 -27.20 43.66
N THR KA 293 -39.85 -28.46 43.44
CA THR KA 293 -40.57 -29.23 44.44
C THR KA 293 -39.66 -30.05 45.34
N ASN KA 294 -38.34 -29.95 45.15
CA ASN KA 294 -37.34 -30.66 45.96
C ASN KA 294 -37.49 -32.18 45.86
N THR KA 295 -38.17 -32.68 44.85
CA THR KA 295 -38.36 -34.12 44.67
C THR KA 295 -37.28 -34.72 43.77
N HIS KA 296 -36.02 -34.45 44.08
CA HIS KA 296 -34.91 -35.07 43.38
C HIS KA 296 -34.56 -36.40 44.03
N GLU KA 297 -34.04 -37.31 43.22
CA GLU KA 297 -33.57 -38.58 43.76
C GLU KA 297 -32.39 -38.33 44.69
N PRO KA 298 -32.25 -39.12 45.75
CA PRO KA 298 -31.20 -38.86 46.74
C PRO KA 298 -29.81 -38.90 46.13
N LEU KA 299 -28.94 -38.00 46.61
CA LEU KA 299 -27.58 -37.91 46.11
C LEU KA 299 -26.73 -39.05 46.66
N LYS KA 300 -26.01 -39.73 45.78
CA LYS KA 300 -25.03 -40.73 46.15
C LYS KA 300 -23.65 -40.20 45.77
N ALA KA 301 -22.90 -39.74 46.78
CA ALA KA 301 -21.64 -39.06 46.53
C ALA KA 301 -20.66 -39.97 45.80
N ILE KA 302 -19.97 -39.39 44.81
CA ILE KA 302 -19.05 -40.13 43.95
C ILE KA 302 -17.64 -39.67 44.29
N ASN KA 303 -16.90 -40.52 44.98
CA ASN KA 303 -15.49 -40.24 45.24
C ASN KA 303 -14.69 -40.53 43.97
N PRO KA 304 -13.88 -39.58 43.50
CA PRO KA 304 -13.13 -39.82 42.25
C PRO KA 304 -12.28 -41.08 42.28
N ILE KA 305 -11.68 -41.40 43.42
CA ILE KA 305 -10.90 -42.61 43.56
C ILE KA 305 -11.69 -43.71 44.28
N GLY KA 306 -13.02 -43.58 44.30
CA GLY KA 306 -13.83 -44.61 44.94
C GLY KA 306 -13.72 -45.95 44.25
N ASP KA 307 -13.60 -45.94 42.92
CA ASP KA 307 -13.45 -47.16 42.14
C ASP KA 307 -11.99 -47.52 41.88
N MET KA 308 -11.06 -46.78 42.45
CA MET KA 308 -9.64 -47.10 42.35
C MET KA 308 -9.24 -48.01 43.51
N ASP KA 309 -8.65 -49.14 43.18
CA ASP KA 309 -8.18 -50.09 44.19
C ASP KA 309 -6.72 -49.80 44.47
N ILE KA 310 -6.48 -48.90 45.43
CA ILE KA 310 -5.12 -48.57 45.81
C ILE KA 310 -4.45 -49.74 46.52
N ASN KA 311 -5.23 -50.55 47.24
CA ASN KA 311 -4.67 -51.72 47.90
C ASN KA 311 -4.06 -52.68 46.90
N LYS KA 312 -4.69 -52.84 45.73
CA LYS KA 312 -4.13 -53.70 44.69
C LYS KA 312 -2.76 -53.20 44.26
N TYR KA 313 -2.64 -51.90 44.00
CA TYR KA 313 -1.37 -51.34 43.56
C TYR KA 313 -0.29 -51.50 44.64
N MET KA 314 -0.63 -51.16 45.88
CA MET KA 314 0.36 -51.24 46.94
C MET KA 314 0.77 -52.68 47.23
N GLU KA 315 -0.19 -53.61 47.19
CA GLU KA 315 0.14 -55.02 47.38
C GLU KA 315 1.02 -55.54 46.25
N SER KA 316 0.74 -55.13 45.02
CA SER KA 316 1.60 -55.53 43.92
C SER KA 316 3.03 -55.00 44.11
N GLN KA 317 3.15 -53.74 44.52
CA GLN KA 317 4.47 -53.17 44.75
C GLN KA 317 5.19 -53.93 45.86
N LEU KA 318 4.50 -54.21 46.96
CA LEU KA 318 5.12 -54.93 48.07
C LEU KA 318 5.53 -56.34 47.68
N VAL KA 319 4.66 -57.04 46.95
CA VAL KA 319 4.94 -58.40 46.52
C VAL KA 319 6.16 -58.42 45.61
N ASN KA 320 6.22 -57.50 44.65
CA ASN KA 320 7.33 -57.50 43.72
C ASN KA 320 8.63 -57.06 44.39
N ASP KA 321 8.57 -56.15 45.36
CA ASP KA 321 9.77 -55.82 46.12
C ASP KA 321 10.28 -57.02 46.90
N THR KA 322 9.36 -57.75 47.56
CA THR KA 322 9.77 -58.94 48.29
C THR KA 322 10.34 -60.00 47.35
N LEU KA 323 9.71 -60.18 46.19
CA LEU KA 323 10.22 -61.16 45.22
C LEU KA 323 11.59 -60.77 44.71
N ARG KA 324 11.81 -59.48 44.43
CA ARG KA 324 13.12 -59.02 43.98
C ARG KA 324 14.18 -59.27 45.05
N ALA KA 325 13.86 -58.94 46.30
CA ALA KA 325 14.82 -59.18 47.38
C ALA KA 325 15.11 -60.66 47.54
N PHE KA 326 14.07 -61.50 47.50
CA PHE KA 326 14.24 -62.94 47.67
C PHE KA 326 15.10 -63.51 46.55
N VAL KA 327 14.81 -63.14 45.30
CA VAL KA 327 15.54 -63.69 44.17
C VAL KA 327 16.98 -63.18 44.16
N SER KA 328 17.19 -61.91 44.53
CA SER KA 328 18.55 -61.38 44.60
C SER KA 328 19.37 -62.06 45.68
N LYS KA 329 18.76 -62.34 46.83
CA LYS KA 329 19.49 -63.05 47.88
C LYS KA 329 19.77 -64.49 47.49
N VAL KA 330 18.82 -65.14 46.79
CA VAL KA 330 19.05 -66.51 46.35
C VAL KA 330 20.19 -66.56 45.34
N GLY KA 331 20.19 -65.63 44.38
CA GLY KA 331 21.19 -65.59 43.34
C GLY KA 331 22.44 -64.81 43.65
N LYS KA 332 22.54 -64.20 44.84
CA LYS KA 332 23.70 -63.41 45.23
C LYS KA 332 23.99 -62.31 44.21
N THR KA 333 22.96 -61.53 43.90
CA THR KA 333 23.05 -60.50 42.88
C THR KA 333 22.10 -59.37 43.25
N GLU KA 334 21.76 -58.53 42.30
CA GLU KA 334 20.84 -57.42 42.47
C GLU KA 334 19.78 -57.47 41.38
N PRO KA 335 18.63 -56.84 41.60
CA PRO KA 335 17.60 -56.82 40.56
C PRO KA 335 18.09 -56.11 39.31
N ALA KA 336 17.54 -56.50 38.17
CA ALA KA 336 17.96 -55.94 36.89
C ALA KA 336 17.06 -54.82 36.40
N THR KA 337 15.79 -54.80 36.78
CA THR KA 337 14.84 -53.88 36.17
C THR KA 337 14.17 -52.93 37.16
N TRP KA 338 13.76 -53.41 38.34
CA TRP KA 338 12.93 -52.67 39.28
C TRP KA 338 11.58 -52.28 38.72
N LYS KA 339 11.22 -52.81 37.55
CA LYS KA 339 9.89 -52.67 36.99
C LYS KA 339 9.17 -53.99 37.15
N ASN KA 340 7.97 -53.96 37.75
CA ASN KA 340 7.31 -55.20 38.12
C ASN KA 340 7.01 -56.06 36.90
N TYR KA 341 6.48 -55.45 35.84
CA TYR KA 341 6.16 -56.16 34.62
C TYR KA 341 6.65 -55.35 33.44
N SER KA 342 7.29 -56.02 32.48
CA SER KA 342 7.99 -55.34 31.40
C SER KA 342 7.00 -54.93 30.30
N THR KA 343 6.91 -53.63 30.06
CA THR KA 343 6.14 -53.06 28.96
C THR KA 343 7.01 -52.07 28.22
N ILE KA 344 6.72 -51.89 26.93
CA ILE KA 344 7.54 -51.03 26.08
C ILE KA 344 6.87 -49.66 26.04
N TYR KA 345 7.22 -48.82 27.02
CA TYR KA 345 6.94 -47.40 26.95
C TYR KA 345 8.21 -46.62 27.24
N HIS KA 346 9.07 -47.19 28.08
CA HIS KA 346 10.36 -46.59 28.38
C HIS KA 346 11.47 -47.03 27.43
N LYS KA 347 11.24 -48.08 26.64
CA LYS KA 347 12.26 -48.61 25.73
C LYS KA 347 13.52 -49.01 26.47
N ASP KA 348 13.39 -49.34 27.76
CA ASP KA 348 14.55 -49.72 28.55
C ASP KA 348 15.08 -51.10 28.16
N ASN KA 349 14.29 -51.89 27.42
CA ASN KA 349 14.75 -53.20 26.99
C ASN KA 349 15.95 -53.09 26.07
N TYR KA 350 15.94 -52.13 25.14
CA TYR KA 350 17.00 -52.01 24.16
C TYR KA 350 17.74 -50.68 24.20
N GLU KA 351 17.34 -49.73 25.05
CA GLU KA 351 18.10 -48.51 25.23
C GLU KA 351 18.88 -48.58 26.53
N ALA KA 352 19.51 -47.47 26.90
CA ALA KA 352 20.40 -47.41 28.06
C ALA KA 352 19.76 -46.78 29.28
N GLU KA 353 18.46 -46.47 29.23
CA GLU KA 353 17.78 -45.83 30.35
C GLU KA 353 17.20 -46.91 31.27
N ARG KA 354 17.83 -47.09 32.43
CA ARG KA 354 17.39 -48.07 33.41
C ARG KA 354 16.19 -47.55 34.18
N VAL KA 355 15.51 -48.48 34.86
CA VAL KA 355 14.38 -48.15 35.71
C VAL KA 355 14.77 -48.43 37.15
N ARG KA 356 16.07 -48.30 37.44
CA ARG KA 356 16.58 -48.54 38.77
C ARG KA 356 16.08 -47.47 39.74
N HIS KA 357 15.70 -47.90 40.94
CA HIS KA 357 15.12 -47.02 41.96
C HIS KA 357 16.04 -47.03 43.18
N VAL KA 358 17.05 -46.16 43.16
CA VAL KA 358 17.95 -45.98 44.29
C VAL KA 358 18.18 -44.50 44.49
N ALA KA 359 17.54 -43.92 45.51
CA ALA KA 359 17.60 -42.48 45.74
C ALA KA 359 18.00 -42.23 47.20
N PHE KA 360 19.07 -41.46 47.38
CA PHE KA 360 19.49 -41.01 48.71
C PHE KA 360 20.32 -39.76 48.53
N VAL KA 361 20.50 -39.02 49.62
CA VAL KA 361 21.11 -37.70 49.54
C VAL KA 361 22.49 -37.64 50.19
N ASP KA 362 22.86 -38.60 51.03
CA ASP KA 362 24.19 -38.60 51.63
C ASP KA 362 24.48 -40.02 52.13
N HIS KA 363 25.67 -40.17 52.73
CA HIS KA 363 26.07 -41.48 53.24
C HIS KA 363 25.33 -41.86 54.51
N LYS KA 364 24.70 -40.90 55.19
CA LYS KA 364 23.95 -41.16 56.41
C LYS KA 364 22.47 -41.38 56.15
N ASP KA 365 22.05 -41.39 54.90
CA ASP KA 365 20.63 -41.49 54.58
C ASP KA 365 20.11 -42.88 54.95
N PRO KA 366 19.11 -42.98 55.81
CA PRO KA 366 18.54 -44.30 56.13
C PRO KA 366 17.95 -45.00 54.93
N HIS KA 367 17.39 -44.25 53.98
CA HIS KA 367 16.72 -44.80 52.80
C HIS KA 367 17.69 -45.11 51.67
N MET KA 368 18.97 -45.28 51.98
CA MET KA 368 19.96 -45.53 50.94
C MET KA 368 19.78 -46.91 50.33
N TYR KA 369 19.46 -47.92 51.14
CA TYR KA 369 19.38 -49.29 50.68
C TYR KA 369 17.97 -49.73 50.30
N HIS KA 370 16.99 -48.82 50.32
CA HIS KA 370 15.65 -49.17 49.88
C HIS KA 370 15.68 -49.51 48.40
N GLY KA 371 15.06 -50.63 48.05
CA GLY KA 371 15.07 -51.14 46.70
C GLY KA 371 16.16 -52.12 46.39
N LEU KA 372 17.14 -52.26 47.26
CA LEU KA 372 18.25 -53.19 47.12
C LEU KA 372 18.09 -54.37 48.06
N PRO KA 373 18.61 -55.54 47.71
CA PRO KA 373 18.47 -56.71 48.58
C PRO KA 373 19.11 -56.55 49.94
N GLN KA 374 20.04 -55.60 50.10
CA GLN KA 374 20.65 -55.37 51.40
C GLN KA 374 19.64 -54.85 52.42
N ASP KA 375 18.48 -54.38 51.98
CA ASP KA 375 17.47 -53.86 52.88
C ASP KA 375 16.77 -54.96 53.67
N TYR KA 376 16.84 -56.20 53.21
CA TYR KA 376 16.10 -57.31 53.80
C TYR KA 376 17.03 -58.19 54.62
N ASP KA 377 16.44 -58.86 55.62
CA ASP KA 377 17.16 -59.84 56.42
C ASP KA 377 17.28 -61.14 55.63
N ASP KA 378 17.99 -62.11 56.22
CA ASP KA 378 18.09 -63.43 55.60
C ASP KA 378 16.77 -64.18 55.62
N ASN KA 379 15.79 -63.73 56.42
CA ASN KA 379 14.44 -64.27 56.41
C ASN KA 379 13.54 -63.54 55.42
N ILE KA 380 14.10 -62.66 54.60
CA ILE KA 380 13.37 -61.81 53.66
C ILE KA 380 12.37 -60.98 54.46
N LYS KA 381 12.86 -60.33 55.52
CA LYS KA 381 12.05 -59.44 56.34
C LYS KA 381 12.25 -58.01 55.88
N PRO KA 382 11.17 -57.22 55.74
CA PRO KA 382 11.29 -55.95 55.02
C PRO KA 382 12.31 -54.98 55.59
N LYS KA 383 12.49 -54.94 56.91
CA LYS KA 383 13.35 -53.93 57.53
C LYS KA 383 14.69 -54.53 57.91
N HIS KA 384 15.75 -53.74 57.72
CA HIS KA 384 17.12 -54.12 58.06
C HIS KA 384 17.54 -55.40 57.36
N LEU LA 106 82.07 -80.07 14.73
CA LEU LA 106 82.23 -78.85 15.50
C LEU LA 106 82.37 -79.15 16.98
N ASN LA 107 81.54 -80.06 17.49
CA ASN LA 107 81.59 -80.45 18.88
C ASN LA 107 82.78 -81.35 19.19
N HIS LA 108 83.35 -82.02 18.20
CA HIS LA 108 84.50 -82.89 18.42
C HIS LA 108 85.77 -82.11 18.73
N VAL LA 109 85.77 -80.80 18.54
CA VAL LA 109 86.91 -79.97 18.90
C VAL LA 109 86.83 -79.64 20.39
N GLN LA 110 87.91 -79.90 21.11
CA GLN LA 110 87.91 -79.80 22.57
C GLN LA 110 88.53 -78.48 22.99
N ASN LA 111 87.72 -77.64 23.64
CA ASN LA 111 88.15 -76.35 24.15
C ASN LA 111 87.81 -76.31 25.63
N MET LA 112 88.80 -76.02 26.47
CA MET LA 112 88.57 -76.03 27.90
C MET LA 112 87.69 -74.86 28.32
N LEU LA 113 87.83 -73.71 27.66
CA LEU LA 113 86.94 -72.59 27.95
C LEU LA 113 85.51 -72.93 27.57
N GLU LA 114 85.31 -73.62 26.45
CA GLU LA 114 83.97 -74.07 26.07
C GLU LA 114 83.42 -75.05 27.10
N GLU LA 115 84.26 -75.97 27.59
CA GLU LA 115 83.79 -76.92 28.60
C GLU LA 115 83.43 -76.21 29.89
N ASN LA 116 84.23 -75.20 30.29
CA ASN LA 116 83.89 -74.43 31.47
C ASN LA 116 82.58 -73.67 31.28
N LEU LA 117 82.36 -73.12 30.09
CA LEU LA 117 81.10 -72.42 29.83
C LEU LA 117 79.92 -73.38 29.90
N LYS LA 118 80.06 -74.57 29.32
CA LYS LA 118 78.98 -75.57 29.40
C LYS LA 118 78.71 -75.97 30.84
N TYR LA 119 79.78 -76.18 31.62
CA TYR LA 119 79.61 -76.54 33.02
C TYR LA 119 78.95 -75.42 33.80
N ASP LA 120 79.33 -74.17 33.54
CA ASP LA 120 78.70 -73.04 34.22
C ASP LA 120 77.22 -72.95 33.89
N ALA LA 121 76.87 -73.11 32.61
CA ALA LA 121 75.47 -73.05 32.23
C ALA LA 121 74.67 -74.17 32.85
N GLN LA 122 75.20 -75.40 32.83
CA GLN LA 122 74.48 -76.52 33.43
C GLN LA 122 74.35 -76.37 34.94
N LYS LA 123 75.41 -75.92 35.61
CA LYS LA 123 75.36 -75.75 37.06
C LYS LA 123 74.41 -74.63 37.44
N TYR LA 124 74.36 -73.56 36.66
CA TYR LA 124 73.40 -72.50 36.92
C TYR LA 124 71.97 -72.98 36.69
N ASN LA 125 71.77 -73.82 35.69
CA ASN LA 125 70.45 -74.39 35.45
C ASN LA 125 70.03 -75.30 36.60
N ASP LA 126 70.97 -76.06 37.15
CA ASP LA 126 70.63 -77.04 38.19
C ASP LA 126 70.52 -76.40 39.57
N GLU LA 127 71.62 -75.84 40.07
CA GLU LA 127 71.70 -75.44 41.46
C GLU LA 127 70.94 -74.14 41.74
N VAL LA 128 71.02 -73.16 40.84
CA VAL LA 128 70.37 -71.88 41.06
C VAL LA 128 68.90 -72.00 40.69
N ALA LA 129 68.03 -71.76 41.66
CA ALA LA 129 66.59 -71.94 41.50
C ALA LA 129 65.90 -70.59 41.36
N VAL LA 130 64.63 -70.65 40.93
CA VAL LA 130 63.83 -69.44 40.84
C VAL LA 130 63.58 -68.85 42.22
N ILE LA 131 63.26 -69.70 43.19
CA ILE LA 131 62.98 -69.25 44.56
C ILE LA 131 64.31 -69.06 45.29
N GLN LA 132 64.58 -67.82 45.68
CA GLN LA 132 65.85 -67.46 46.31
C GLN LA 132 65.58 -66.99 47.74
N LYS LA 133 66.33 -67.53 48.69
CA LYS LA 133 66.19 -67.11 50.08
C LYS LA 133 66.95 -65.81 50.32
N THR LA 134 66.33 -64.90 51.07
CA THR LA 134 66.91 -63.61 51.35
C THR LA 134 66.79 -63.30 52.84
N SER LA 135 67.76 -62.55 53.36
CA SER LA 135 67.76 -62.11 54.74
C SER LA 135 67.64 -60.59 54.86
N ARG LA 136 67.46 -59.89 53.75
CA ARG LA 136 67.28 -58.44 53.77
C ARG LA 136 65.83 -58.14 54.10
N ILE LA 137 65.55 -58.02 55.38
CA ILE LA 137 64.21 -57.71 55.87
C ILE LA 137 64.31 -56.52 56.81
N TYR LA 138 63.45 -55.53 56.61
CA TYR LA 138 63.41 -54.33 57.43
C TYR LA 138 62.06 -54.25 58.14
N LYS LA 139 62.10 -54.03 59.44
CA LYS LA 139 60.88 -53.87 60.24
C LYS LA 139 60.73 -52.41 60.64
N PRO LA 140 59.79 -51.67 60.05
CA PRO LA 140 59.65 -50.25 60.40
C PRO LA 140 59.23 -50.08 61.85
N THR LA 141 59.62 -48.94 62.43
CA THR LA 141 59.42 -48.69 63.84
C THR LA 141 58.03 -48.14 64.16
N TYR LA 142 57.18 -47.95 63.17
CA TYR LA 142 55.85 -47.39 63.36
C TYR LA 142 54.81 -48.22 62.62
N THR LA 143 53.55 -47.96 62.93
CA THR LA 143 52.45 -48.62 62.25
C THR LA 143 52.25 -47.99 60.88
N ILE LA 144 52.21 -48.82 59.84
CA ILE LA 144 52.06 -48.35 58.47
C ILE LA 144 50.59 -48.14 58.16
N GLU LA 145 50.23 -46.95 57.71
CA GLU LA 145 48.84 -46.63 57.39
C GLU LA 145 48.68 -46.72 55.88
N PHE LA 146 48.28 -47.89 55.40
CA PHE LA 146 48.00 -48.06 53.98
C PHE LA 146 46.70 -47.35 53.63
N ASN LA 147 46.54 -47.05 52.35
CA ASN LA 147 45.34 -46.37 51.87
C ASN LA 147 44.23 -47.41 51.67
N ARG LA 148 43.13 -46.99 51.04
CA ARG LA 148 42.03 -47.91 50.80
C ARG LA 148 42.40 -49.02 49.82
N GLU LA 149 43.47 -48.84 49.05
CA GLU LA 149 43.90 -49.83 48.07
C GLU LA 149 45.08 -50.66 48.56
N GLY LA 150 45.41 -50.59 49.85
CA GLY LA 150 46.49 -51.38 50.40
C GLY LA 150 47.87 -51.02 49.89
N GLU LA 151 48.17 -49.73 49.79
CA GLU LA 151 49.49 -49.27 49.42
C GLU LA 151 49.73 -47.89 49.99
N VAL LA 152 50.92 -47.68 50.56
CA VAL LA 152 51.26 -46.42 51.20
C VAL LA 152 52.16 -45.62 50.27
N LEU LA 153 51.80 -44.38 50.02
CA LEU LA 153 52.60 -43.50 49.17
C LEU LA 153 53.88 -43.12 49.89
N VAL LA 154 55.02 -43.50 49.32
CA VAL LA 154 56.32 -43.24 49.93
C VAL LA 154 57.11 -42.17 49.19
N TYR LA 155 56.72 -41.78 47.98
CA TYR LA 155 57.41 -40.69 47.31
C TYR LA 155 56.48 -40.02 46.32
N SER LA 156 56.53 -38.69 46.26
CA SER LA 156 55.75 -37.93 45.29
C SER LA 156 56.59 -36.77 44.76
N ALA LA 157 56.33 -36.39 43.51
CA ALA LA 157 57.07 -35.31 42.87
C ALA LA 157 56.36 -34.89 41.60
N ASP LA 158 56.85 -33.80 41.01
CA ASP LA 158 56.42 -33.33 39.69
C ASP LA 158 57.67 -33.09 38.86
N PRO LA 159 58.24 -34.17 38.29
CA PRO LA 159 59.54 -34.03 37.60
C PRO LA 159 59.52 -33.09 36.40
N ILE LA 160 58.42 -33.06 35.64
CA ILE LA 160 58.38 -32.20 34.46
C ILE LA 160 58.33 -30.74 34.86
N LYS LA 161 57.62 -30.41 35.94
CA LYS LA 161 57.52 -29.04 36.38
C LYS LA 161 58.88 -28.47 36.79
N ASN LA 162 59.73 -29.31 37.36
CA ASN LA 162 61.01 -28.88 37.90
C ASN LA 162 62.18 -29.05 36.92
N SER LA 163 61.91 -29.48 35.69
CA SER LA 163 62.95 -29.72 34.71
C SER LA 163 62.91 -28.67 33.61
N VAL LA 164 64.07 -28.38 33.04
CA VAL LA 164 64.18 -27.46 31.90
C VAL LA 164 63.89 -28.27 30.64
N VAL LA 165 62.83 -27.88 29.93
CA VAL LA 165 62.35 -28.66 28.79
C VAL LA 165 62.94 -28.16 27.48
N TYR LA 166 62.93 -26.85 27.25
CA TYR LA 166 63.29 -26.29 25.95
C TYR LA 166 64.73 -25.84 25.89
N PHE LA 167 65.14 -24.92 26.77
CA PHE LA 167 66.45 -24.29 26.67
C PHE LA 167 67.46 -25.04 27.54
N LYS LA 168 67.80 -26.24 27.07
CA LYS LA 168 68.83 -27.06 27.68
C LYS LA 168 70.11 -26.96 26.86
N TYR LA 169 71.24 -26.82 27.54
CA TYR LA 169 72.46 -26.41 26.85
C TYR LA 169 72.90 -27.34 25.74
N PRO LA 170 73.04 -28.66 25.93
CA PRO LA 170 73.61 -29.48 24.86
C PRO LA 170 72.80 -29.46 23.58
N TYR LA 171 71.49 -29.21 23.67
CA TYR LA 171 70.60 -29.35 22.53
C TYR LA 171 70.28 -28.03 21.83
N VAL LA 172 70.26 -26.92 22.57
CA VAL LA 172 70.10 -25.62 21.94
C VAL LA 172 71.26 -25.36 20.98
N LEU LA 173 72.44 -25.92 21.27
CA LEU LA 173 73.58 -25.76 20.39
C LEU LA 173 73.31 -26.36 19.01
N TYR LA 174 72.82 -27.60 18.98
CA TYR LA 174 72.52 -28.25 17.71
C TYR LA 174 71.38 -27.53 16.99
N GLU LA 175 70.31 -27.19 17.73
CA GLU LA 175 69.17 -26.55 17.09
C GLU LA 175 69.48 -25.15 16.60
N ALA LA 176 70.48 -24.48 17.19
CA ALA LA 176 70.93 -23.20 16.68
C ALA LA 176 71.94 -23.35 15.54
N ALA LA 177 72.63 -24.49 15.46
CA ALA LA 177 73.49 -24.75 14.32
C ALA LA 177 72.70 -25.12 13.07
N ILE LA 178 71.46 -25.61 13.24
CA ILE LA 178 70.65 -25.98 12.07
C ILE LA 178 70.51 -24.85 11.04
N PRO LA 179 70.11 -23.63 11.41
CA PRO LA 179 69.95 -22.59 10.39
C PRO LA 179 71.22 -22.26 9.63
N LEU LA 180 72.38 -22.40 10.28
CA LEU LA 180 73.64 -22.16 9.59
C LEU LA 180 73.83 -23.14 8.43
N PHE LA 181 73.56 -24.41 8.67
CA PHE LA 181 73.65 -25.40 7.60
C PHE LA 181 72.62 -25.15 6.50
N ILE LA 182 71.40 -24.79 6.88
CA ILE LA 182 70.38 -24.51 5.86
C ILE LA 182 70.80 -23.32 5.00
N TRP LA 183 71.32 -22.26 5.62
CA TRP LA 183 71.80 -21.12 4.87
C TRP LA 183 72.98 -21.48 3.97
N ALA LA 184 73.90 -22.30 4.48
CA ALA LA 184 75.04 -22.72 3.68
C ALA LA 184 74.59 -23.48 2.44
N TRP LA 185 73.56 -24.31 2.58
CA TRP LA 185 73.02 -24.97 1.39
C TRP LA 185 72.36 -23.96 0.46
N ILE LA 186 71.56 -23.04 1.01
CA ILE LA 186 70.75 -22.15 0.18
C ILE LA 186 71.63 -21.24 -0.67
N TYR LA 187 72.65 -20.62 -0.04
CA TYR LA 187 73.45 -19.64 -0.76
C TYR LA 187 74.77 -20.19 -1.29
N ASN LA 188 75.21 -21.34 -0.79
CA ASN LA 188 76.44 -21.99 -1.26
C ASN LA 188 77.63 -21.03 -1.26
N PRO LA 189 78.01 -20.47 -0.10
CA PRO LA 189 79.17 -19.58 -0.07
C PRO LA 189 80.49 -20.28 -0.31
N LEU LA 190 80.56 -21.59 -0.15
CA LEU LA 190 81.79 -22.34 -0.34
C LEU LA 190 82.00 -22.82 -1.77
N GLU LA 191 81.05 -22.54 -2.66
CA GLU LA 191 81.13 -22.93 -4.07
C GLU LA 191 81.35 -24.43 -4.22
N LEU LA 192 80.58 -25.21 -3.46
CA LEU LA 192 80.66 -26.66 -3.52
C LEU LA 192 79.86 -27.19 -4.71
N SER LA 193 80.09 -28.46 -5.03
CA SER LA 193 79.36 -29.12 -6.10
C SER LA 193 77.96 -29.49 -5.63
N LYS LA 194 77.21 -30.20 -6.47
CA LYS LA 194 75.82 -30.51 -6.15
C LYS LA 194 75.72 -31.53 -5.02
N ASN LA 195 76.66 -32.46 -4.93
CA ASN LA 195 76.60 -33.47 -3.88
C ASN LA 195 77.05 -32.93 -2.53
N ALA LA 196 78.03 -32.02 -2.52
CA ALA LA 196 78.56 -31.52 -1.26
C ALA LA 196 77.53 -30.66 -0.52
N VAL LA 197 76.76 -29.85 -1.25
CA VAL LA 197 75.74 -29.03 -0.60
C VAL LA 197 74.64 -29.90 -0.01
N ASN LA 198 74.29 -30.99 -0.69
CA ASN LA 198 73.34 -31.93 -0.11
C ASN LA 198 73.92 -32.61 1.13
N SER LA 199 75.23 -32.91 1.11
CA SER LA 199 75.89 -33.41 2.31
C SER LA 199 75.78 -32.40 3.45
N LEU LA 200 75.85 -31.11 3.12
CA LEU LA 200 75.56 -30.08 4.12
C LEU LA 200 74.13 -30.21 4.63
N LEU LA 201 73.19 -30.45 3.72
CA LEU LA 201 71.78 -30.60 4.10
C LEU LA 201 71.51 -31.87 4.90
N ILE LA 202 72.49 -32.78 5.00
CA ILE LA 202 72.29 -33.97 5.83
C ILE LA 202 72.04 -33.58 7.29
N TYR LA 203 72.75 -32.56 7.78
CA TYR LA 203 72.77 -32.27 9.22
C TYR LA 203 71.40 -31.94 9.82
N PRO LA 204 70.55 -31.10 9.21
CA PRO LA 204 69.30 -30.73 9.89
C PRO LA 204 68.40 -31.89 10.23
N ASN LA 205 68.56 -33.04 9.58
CA ASN LA 205 67.71 -34.19 9.87
C ASN LA 205 68.10 -34.90 11.16
N ILE LA 206 69.33 -34.72 11.63
CA ILE LA 206 69.86 -35.50 12.74
C ILE LA 206 70.26 -34.62 13.92
N ALA LA 207 69.84 -33.35 13.93
CA ALA LA 207 70.27 -32.45 14.98
C ALA LA 207 69.29 -32.33 16.14
N TRP LA 208 68.03 -32.73 15.94
CA TRP LA 208 67.04 -32.71 17.00
C TRP LA 208 66.92 -34.04 17.74
N ILE LA 209 67.67 -35.06 17.31
CA ILE LA 209 67.58 -36.37 17.97
C ILE LA 209 68.02 -36.32 19.41
N PRO LA 210 69.13 -35.67 19.78
CA PRO LA 210 69.48 -35.61 21.22
C PRO LA 210 68.38 -34.99 22.08
N ARG LA 211 67.67 -33.99 21.57
CA ARG LA 211 66.55 -33.44 22.33
C ARG LA 211 65.44 -34.46 22.48
N MET LA 212 65.21 -35.29 21.46
CA MET LA 212 64.24 -36.37 21.59
C MET LA 212 64.64 -37.34 22.70
N TRP LA 213 65.93 -37.70 22.76
CA TRP LA 213 66.37 -38.61 23.81
C TRP LA 213 66.26 -37.97 25.18
N TYR LA 214 66.56 -36.67 25.30
CA TYR LA 214 66.42 -36.00 26.59
C TYR LA 214 64.96 -35.95 27.03
N TRP LA 215 64.06 -35.57 26.12
CA TRP LA 215 62.64 -35.53 26.46
C TRP LA 215 62.11 -36.91 26.80
N ARG LA 216 62.65 -37.96 26.18
CA ARG LA 216 62.32 -39.32 26.60
C ARG LA 216 62.84 -39.59 28.00
N SER LA 217 64.05 -39.14 28.31
CA SER LA 217 64.62 -39.38 29.63
C SER LA 217 63.82 -38.68 30.72
N LEU LA 218 63.12 -37.60 30.37
CA LEU LA 218 62.31 -36.90 31.36
C LEU LA 218 61.19 -37.78 31.92
N GLN LA 219 60.79 -38.82 31.20
CA GLN LA 219 59.71 -39.70 31.66
C GLN LA 219 60.19 -40.86 32.50
N TYR LA 220 61.50 -40.96 32.74
CA TYR LA 220 62.06 -41.94 33.66
C TYR LA 220 62.37 -41.36 35.02
N LYS LA 221 61.98 -40.11 35.27
CA LYS LA 221 62.04 -39.53 36.59
C LYS LA 221 60.75 -39.87 37.32
N ILE LA 222 60.88 -40.40 38.54
CA ILE LA 222 59.72 -40.96 39.23
C ILE LA 222 58.78 -39.84 39.64
N GLN LA 223 57.50 -40.01 39.32
CA GLN LA 223 56.46 -39.08 39.75
C GLN LA 223 55.82 -39.52 41.06
N LYS LA 224 55.47 -40.80 41.18
CA LYS LA 224 54.94 -41.34 42.41
C LYS LA 224 55.54 -42.72 42.67
N MET LA 225 55.68 -43.05 43.95
CA MET LA 225 56.08 -44.40 44.34
C MET LA 225 55.31 -44.78 45.59
N TYR LA 226 54.57 -45.89 45.48
CA TYR LA 226 53.80 -46.51 46.56
C TYR LA 226 54.46 -47.82 46.96
N LEU LA 227 54.24 -48.22 48.22
CA LEU LA 227 54.64 -49.53 48.71
C LEU LA 227 53.40 -50.36 48.98
N LEU LA 228 53.22 -51.42 48.21
CA LEU LA 228 52.06 -52.29 48.38
C LEU LA 228 52.19 -53.12 49.66
N ARG LA 229 51.07 -53.69 50.08
CA ARG LA 229 51.07 -54.56 51.25
C ARG LA 229 51.89 -55.81 50.98
N GLY LA 230 52.52 -56.31 52.03
CA GLY LA 230 53.47 -57.39 51.93
C GLY LA 230 54.91 -56.95 51.87
N GLY LA 231 55.17 -55.70 51.48
CA GLY LA 231 56.51 -55.15 51.52
C GLY LA 231 57.46 -55.72 50.50
N LYS LA 232 56.96 -56.35 49.44
CA LYS LA 232 57.81 -56.94 48.42
C LYS LA 232 57.62 -56.32 47.05
N VAL LA 233 56.65 -55.42 46.88
CA VAL LA 233 56.35 -54.80 45.60
C VAL LA 233 56.25 -53.30 45.81
N ALA LA 234 56.75 -52.52 44.85
CA ALA LA 234 56.62 -51.08 44.86
C ALA LA 234 56.04 -50.64 43.52
N LYS LA 235 55.03 -49.78 43.56
CA LYS LA 235 54.40 -49.27 42.35
C LYS LA 235 55.00 -47.91 42.01
N ILE LA 236 55.43 -47.76 40.76
CA ILE LA 236 56.12 -46.57 40.29
C ILE LA 236 55.29 -45.97 39.17
N GLU LA 237 54.92 -44.70 39.31
CA GLU LA 237 54.15 -43.98 38.32
C GLU LA 237 55.00 -42.86 37.75
N THR LA 238 55.09 -42.81 36.43
CA THR LA 238 55.82 -41.77 35.70
C THR LA 238 54.91 -41.18 34.64
N GLN LA 239 55.33 -40.07 34.05
CA GLN LA 239 54.54 -39.40 33.03
C GLN LA 239 55.44 -38.82 31.97
N SER LA 240 55.07 -39.02 30.71
CA SER LA 240 55.84 -38.47 29.60
C SER LA 240 55.54 -37.00 29.42
N LEU LA 241 56.27 -36.37 28.49
CA LEU LA 241 56.08 -34.95 28.23
C LEU LA 241 54.82 -34.65 27.43
N ALA LA 242 54.17 -35.67 26.87
CA ALA LA 242 52.92 -35.49 26.14
C ALA LA 242 51.70 -35.87 26.96
N GLY LA 243 51.86 -36.09 28.27
CA GLY LA 243 50.74 -36.39 29.12
C GLY LA 243 50.43 -37.86 29.30
N ASP LA 244 51.14 -38.75 28.62
CA ASP LA 244 50.94 -40.17 28.83
C ASP LA 244 51.45 -40.57 30.21
N ARG LA 245 50.73 -41.47 30.87
CA ARG LA 245 51.05 -41.92 32.21
C ARG LA 245 51.38 -43.40 32.19
N PHE LA 246 52.48 -43.78 32.84
CA PHE LA 246 52.96 -45.15 32.86
C PHE LA 246 53.06 -45.64 34.30
N THR LA 247 52.60 -46.87 34.51
CA THR LA 247 52.62 -47.50 35.82
C THR LA 247 53.41 -48.81 35.73
N SER LA 248 54.26 -49.05 36.71
CA SER LA 248 55.09 -50.25 36.73
C SER LA 248 55.23 -50.78 38.14
N TRP LA 249 54.87 -52.05 38.34
CA TRP LA 249 55.08 -52.71 39.62
C TRP LA 249 56.43 -53.42 39.57
N VAL LA 250 57.30 -53.09 40.52
CA VAL LA 250 58.67 -53.59 40.52
C VAL LA 250 58.99 -54.15 41.89
N GLU LA 251 59.64 -55.30 41.93
CA GLU LA 251 60.04 -55.90 43.20
C GLU LA 251 61.07 -55.01 43.88
N THR LA 252 61.08 -55.07 45.22
CA THR LA 252 61.96 -54.19 45.99
C THR LA 252 63.43 -54.53 45.78
N TYR LA 253 63.77 -55.81 45.54
CA TYR LA 253 65.17 -56.19 45.40
C TYR LA 253 65.77 -55.72 44.09
N GLN LA 254 64.97 -55.22 43.15
CA GLN LA 254 65.50 -54.72 41.90
C GLN LA 254 66.27 -53.41 42.07
N PHE LA 255 65.97 -52.65 43.13
CA PHE LA 255 66.53 -51.33 43.29
C PHE LA 255 67.99 -51.40 43.73
N HIS LA 256 68.86 -50.68 43.02
CA HIS LA 256 70.26 -50.53 43.41
C HIS LA 256 70.62 -49.05 43.38
N PRO LA 257 70.93 -48.43 44.52
CA PRO LA 257 71.25 -47.00 44.50
C PRO LA 257 72.52 -46.70 43.76
N LEU LA 258 72.54 -45.56 43.09
CA LEU LA 258 73.74 -45.01 42.46
C LEU LA 258 74.33 -43.93 43.35
N THR LA 259 75.57 -43.56 43.06
CA THR LA 259 76.24 -42.52 43.82
C THR LA 259 75.64 -41.16 43.46
N GLN LA 260 76.15 -40.10 44.10
CA GLN LA 260 75.64 -38.77 43.80
C GLN LA 260 75.94 -38.37 42.36
N ASP LA 261 77.15 -38.67 41.88
CA ASP LA 261 77.51 -38.38 40.50
C ASP LA 261 76.91 -39.38 39.52
N GLN LA 262 76.33 -40.48 40.02
CA GLN LA 262 75.73 -41.55 39.24
C GLN LA 262 76.73 -42.29 38.37
N LYS LA 263 78.03 -42.02 38.53
CA LYS LA 263 79.03 -42.72 37.73
C LYS LA 263 79.17 -44.18 38.17
N ASN LA 264 79.15 -44.43 39.47
CA ASN LA 264 79.37 -45.77 40.00
C ASN LA 264 78.20 -46.18 40.89
N PHE LA 265 78.08 -47.48 41.13
CA PHE LA 265 77.06 -47.98 42.03
C PHE LA 265 77.35 -47.54 43.46
N ASP LA 266 76.28 -47.32 44.22
CA ASP LA 266 76.38 -46.90 45.60
C ASP LA 266 76.22 -48.12 46.51
N ASN LA 267 76.96 -48.14 47.61
CA ASN LA 267 76.97 -49.29 48.49
C ASN LA 267 75.64 -49.41 49.21
N GLN LA 268 74.97 -50.55 49.04
CA GLN LA 268 73.79 -50.84 49.83
C GLN LA 268 74.18 -51.16 51.27
N ASP LA 269 73.21 -50.97 52.17
CA ASP LA 269 73.37 -51.17 53.61
C ASP LA 269 74.20 -50.05 54.23
N ASN LA 270 74.80 -49.20 53.41
CA ASN LA 270 75.51 -48.02 53.92
C ASN LA 270 75.53 -46.98 52.80
N ALA LA 271 74.59 -46.04 52.86
CA ALA LA 271 74.49 -44.97 51.88
C ALA LA 271 73.54 -43.92 52.42
N GLU LA 272 73.91 -42.65 52.26
CA GLU LA 272 73.15 -41.54 52.82
C GLU LA 272 72.64 -40.66 51.68
N PHE LA 273 71.50 -41.03 51.11
CA PHE LA 273 70.82 -40.19 50.14
C PHE LA 273 69.66 -39.42 50.75
N LEU LA 274 69.39 -39.61 52.04
CA LEU LA 274 68.40 -38.83 52.76
C LEU LA 274 69.12 -38.03 53.85
N GLU LA 275 68.74 -36.77 54.00
CA GLU LA 275 69.36 -35.93 55.01
C GLU LA 275 68.87 -36.36 56.40
N ASP LA 276 69.32 -35.63 57.42
CA ASP LA 276 68.98 -35.99 58.79
C ASP LA 276 67.47 -35.93 59.02
N GLU LA 277 66.80 -34.91 58.48
CA GLU LA 277 65.37 -34.79 58.66
C GLU LA 277 64.62 -35.94 57.98
N GLY LA 278 65.08 -36.36 56.81
CA GLY LA 278 64.47 -37.49 56.14
C GLY LA 278 64.14 -37.25 54.68
N GLN LA 279 64.40 -36.05 54.18
CA GLN LA 279 64.16 -35.73 52.79
C GLN LA 279 65.39 -36.03 51.94
N LEU LA 280 65.19 -36.02 50.63
CA LEU LA 280 66.27 -36.38 49.71
C LEU LA 280 67.40 -35.36 49.79
N LYS LA 281 68.63 -35.87 49.94
CA LYS LA 281 69.80 -35.01 49.99
C LYS LA 281 70.20 -34.52 48.59
N TYR LA 282 69.96 -35.33 47.58
CA TYR LA 282 70.30 -34.99 46.20
C TYR LA 282 69.41 -35.82 45.28
N GLU LA 283 69.52 -35.57 43.97
CA GLU LA 283 68.79 -36.38 43.00
C GLU LA 283 69.36 -37.78 42.99
N LEU LA 284 68.61 -38.74 43.49
CA LEU LA 284 69.09 -40.10 43.67
C LEU LA 284 68.81 -40.93 42.42
N GLY LA 285 69.85 -41.59 41.91
CA GLY LA 285 69.70 -42.51 40.80
C GLY LA 285 69.64 -43.94 41.30
N VAL LA 286 68.68 -44.69 40.78
CA VAL LA 286 68.48 -46.09 41.16
C VAL LA 286 68.41 -46.92 39.89
N GLN LA 287 69.19 -48.00 39.84
CA GLN LA 287 69.18 -48.91 38.71
C GLN LA 287 68.32 -50.13 39.03
N LEU LA 288 67.52 -50.53 38.05
CA LEU LA 288 66.66 -51.71 38.14
C LEU LA 288 67.17 -52.76 37.17
N ASP LA 289 67.38 -53.97 37.68
CA ASP LA 289 67.89 -55.05 36.85
C ASP LA 289 66.90 -55.44 35.76
N ASN LA 290 65.61 -55.50 36.09
CA ASN LA 290 64.57 -55.81 35.13
C ASN LA 290 63.34 -54.97 35.47
N LEU LA 291 62.97 -54.07 34.57
CA LEU LA 291 61.79 -53.24 34.73
C LEU LA 291 60.80 -53.58 33.62
N GLN LA 292 59.58 -53.93 34.00
CA GLN LA 292 58.54 -54.22 33.02
C GLN LA 292 57.78 -52.93 32.76
N GLU LA 293 58.10 -52.26 31.66
CA GLU LA 293 57.46 -51.02 31.28
C GLU LA 293 56.48 -51.29 30.15
N MET LA 294 55.20 -51.05 30.41
CA MET LA 294 54.13 -51.18 29.43
C MET LA 294 53.97 -52.60 28.92
N GLY LA 295 54.53 -53.58 29.62
CA GLY LA 295 54.44 -54.97 29.22
C GLY LA 295 55.66 -55.53 28.54
N THR LA 296 56.74 -54.76 28.43
CA THR LA 296 57.99 -55.21 27.84
C THR LA 296 59.08 -55.10 28.89
N THR LA 297 59.75 -56.22 29.18
CA THR LA 297 60.82 -56.23 30.18
C THR LA 297 62.08 -55.63 29.58
N SER LA 298 62.71 -54.73 30.32
CA SER LA 298 63.95 -54.10 29.91
C SER LA 298 64.98 -54.20 31.02
N GLN LA 299 66.23 -54.46 30.66
CA GLN LA 299 67.29 -54.69 31.62
C GLN LA 299 68.08 -53.41 31.89
N ASP LA 300 68.45 -53.22 33.16
CA ASP LA 300 69.34 -52.15 33.58
C ASP LA 300 68.76 -50.77 33.23
N ILE LA 301 67.64 -50.45 33.85
CA ILE LA 301 66.95 -49.18 33.62
C ILE LA 301 67.22 -48.27 34.80
N VAL LA 302 67.65 -47.05 34.53
CA VAL LA 302 68.00 -46.08 35.58
C VAL LA 302 66.85 -45.09 35.74
N ILE LA 303 66.39 -44.93 36.98
CA ILE LA 303 65.34 -43.99 37.34
C ILE LA 303 65.92 -42.97 38.32
N ASN LA 304 65.29 -41.80 38.36
CA ASN LA 304 65.79 -40.70 39.17
C ASN LA 304 64.70 -40.19 40.10
N PHE LA 305 65.07 -39.94 41.35
CA PHE LA 305 64.23 -39.28 42.34
C PHE LA 305 64.79 -37.89 42.55
N MET LA 306 64.04 -36.88 42.13
CA MET LA 306 64.53 -35.51 42.18
C MET LA 306 64.53 -34.98 43.61
N LYS LA 307 65.45 -34.05 43.87
CA LYS LA 307 65.57 -33.49 45.20
C LYS LA 307 64.33 -32.70 45.59
N GLU LA 308 63.74 -31.96 44.64
CA GLU LA 308 62.52 -31.20 44.89
C GLU LA 308 61.30 -32.11 44.82
N GLY LA 309 61.31 -33.12 45.69
CA GLY LA 309 60.19 -34.04 45.78
C GLY LA 309 59.98 -34.44 47.23
N THR LA 310 58.72 -34.74 47.55
CA THR LA 310 58.35 -35.04 48.92
C THR LA 310 58.55 -36.54 49.18
N VAL LA 311 59.37 -36.85 50.16
CA VAL LA 311 59.63 -38.23 50.57
C VAL LA 311 58.79 -38.47 51.81
N HIS LA 312 57.57 -38.95 51.62
CA HIS LA 312 56.77 -39.42 52.73
C HIS LA 312 57.35 -40.76 53.21
N HIS LA 313 57.28 -41.00 54.52
CA HIS LA 313 57.82 -42.21 55.10
C HIS LA 313 59.27 -42.41 54.70
N PRO LA 314 60.20 -41.61 55.24
CA PRO LA 314 61.61 -41.77 54.86
C PRO LA 314 62.16 -43.17 55.10
N GLU LA 315 61.72 -43.85 56.16
CA GLU LA 315 62.20 -45.20 56.42
C GLU LA 315 61.80 -46.15 55.31
N LEU LA 316 60.53 -46.11 54.89
CA LEU LA 316 60.06 -47.00 53.83
C LEU LA 316 60.75 -46.68 52.50
N PHE LA 317 60.93 -45.40 52.19
CA PHE LA 317 61.62 -45.02 50.97
C PHE LA 317 63.05 -45.54 50.98
N GLU LA 318 63.76 -45.36 52.09
CA GLU LA 318 65.13 -45.83 52.17
C GLU LA 318 65.21 -47.34 52.07
N ALA LA 319 64.27 -48.04 52.70
CA ALA LA 319 64.28 -49.50 52.63
C ALA LA 319 63.97 -50.00 51.22
N ILE LA 320 63.03 -49.38 50.53
CA ILE LA 320 62.70 -49.79 49.17
C ILE LA 320 63.89 -49.55 48.24
N VAL LA 321 64.50 -48.37 48.35
CA VAL LA 321 65.63 -48.05 47.48
C VAL LA 321 66.80 -48.98 47.78
N LYS LA 322 67.04 -49.28 49.05
CA LYS LA 322 68.11 -50.19 49.43
C LYS LA 322 67.74 -51.66 49.23
N GLY LA 323 66.65 -51.95 48.53
CA GLY LA 323 66.29 -53.32 48.21
C GLY LA 323 65.95 -54.20 49.39
N TYR LA 324 65.12 -53.72 50.30
CA TYR LA 324 64.70 -54.48 51.46
C TYR LA 324 63.27 -54.97 51.30
N ASN LA 325 63.01 -56.16 51.86
CA ASN LA 325 61.65 -56.67 52.01
C ASN LA 325 61.12 -56.14 53.33
N ILE LA 326 60.17 -55.21 53.27
CA ILE LA 326 59.70 -54.49 54.43
C ILE LA 326 58.57 -55.28 55.09
N ASP LA 327 58.65 -55.43 56.41
CA ASP LA 327 57.64 -56.15 57.17
C ASP LA 327 56.48 -55.21 57.47
N THR LA 328 55.35 -55.44 56.80
CA THR LA 328 54.16 -54.61 56.98
C THR LA 328 53.10 -55.29 57.84
N SER LA 329 53.52 -56.06 58.84
CA SER LA 329 52.55 -56.74 59.71
C SER LA 329 51.79 -55.73 60.56
N ASP LA 330 52.47 -54.70 61.06
CA ASP LA 330 51.83 -53.67 61.89
C ASP LA 330 51.28 -52.60 60.96
N TYR LA 331 50.01 -52.76 60.59
CA TYR LA 331 49.40 -51.89 59.61
C TYR LA 331 47.99 -51.51 60.04
N VAL LA 332 47.50 -50.40 59.48
CA VAL LA 332 46.10 -50.02 59.53
C VAL LA 332 45.71 -49.57 58.13
N ILE LA 333 44.40 -49.49 57.88
CA ILE LA 333 43.86 -49.13 56.58
C ILE LA 333 43.07 -47.84 56.72
N ASN LA 334 43.40 -46.85 55.91
CA ASN LA 334 42.70 -45.57 55.91
C ASN LA 334 41.68 -45.57 54.78
N THR LA 335 40.40 -45.43 55.13
CA THR LA 335 39.32 -45.50 54.15
C THR LA 335 39.05 -44.10 53.59
N ALA LA 336 40.05 -43.58 52.88
CA ALA LA 336 39.98 -42.26 52.29
C ALA LA 336 39.90 -42.42 50.77
N ASN LA 337 38.72 -42.15 50.21
CA ASN LA 337 38.51 -42.22 48.76
C ASN LA 337 38.71 -40.85 48.11
N ASN LA 338 39.87 -40.23 48.37
CA ASN LA 338 40.11 -38.87 47.90
C ASN LA 338 40.47 -38.83 46.41
N LEU LA 339 41.25 -39.79 45.94
CA LEU LA 339 41.77 -39.73 44.58
C LEU LA 339 40.73 -40.19 43.56
N ARG LA 340 41.01 -39.90 42.30
CA ARG LA 340 40.18 -40.33 41.18
C ARG LA 340 41.10 -40.77 40.04
N ALA LA 341 40.53 -41.56 39.13
CA ALA LA 341 41.28 -41.98 37.95
C ALA LA 341 41.55 -40.79 37.05
N ARG LA 342 42.77 -40.73 36.50
CA ARG LA 342 43.20 -39.64 35.64
C ARG LA 342 43.09 -38.30 36.35
N GLU LA 343 43.56 -38.27 37.60
CA GLU LA 343 43.49 -37.07 38.42
C GLU LA 343 44.60 -36.09 38.04
N GLY LA 344 44.23 -34.81 37.89
CA GLY LA 344 45.19 -33.77 37.59
C GLY LA 344 46.27 -33.63 38.64
N ASN LA 345 47.53 -33.49 38.21
CA ASN LA 345 48.66 -33.60 39.12
C ASN LA 345 49.73 -32.53 38.90
N HIS LA 346 49.45 -31.46 38.18
CA HIS LA 346 50.43 -30.42 37.86
C HIS LA 346 51.64 -31.00 37.13
N ASN LA 347 51.41 -32.01 36.31
CA ASN LA 347 52.45 -32.67 35.53
C ASN LA 347 53.61 -33.16 36.40
N ARG MA 26 36.39 -104.54 6.11
CA ARG MA 26 35.46 -103.41 6.17
C ARG MA 26 34.04 -103.90 6.45
N ALA MA 27 33.23 -103.02 7.02
CA ALA MA 27 31.84 -103.37 7.29
C ALA MA 27 31.05 -103.45 5.99
N GLY MA 28 30.02 -104.29 6.01
CA GLY MA 28 29.22 -104.53 4.82
C GLY MA 28 28.23 -103.41 4.55
N PRO MA 29 27.36 -103.62 3.57
CA PRO MA 29 26.32 -102.63 3.30
C PRO MA 29 25.31 -102.57 4.43
N TYR MA 30 24.73 -101.38 4.60
CA TYR MA 30 23.76 -101.14 5.67
C TYR MA 30 22.57 -100.39 5.11
N ASN MA 31 21.38 -100.97 5.27
CA ASN MA 31 20.12 -100.32 4.96
C ASN MA 31 19.25 -100.33 6.21
N PRO MA 32 19.13 -99.22 6.92
CA PRO MA 32 18.35 -99.22 8.17
C PRO MA 32 16.87 -99.49 7.98
N ASN MA 33 16.35 -99.31 6.76
CA ASN MA 33 14.94 -99.55 6.51
C ASN MA 33 14.56 -101.03 6.50
N ARG MA 34 15.54 -101.92 6.57
CA ARG MA 34 15.28 -103.36 6.57
C ARG MA 34 15.04 -103.91 7.97
N TYR MA 35 15.03 -103.07 8.99
CA TYR MA 35 14.85 -103.49 10.37
C TYR MA 35 13.66 -102.77 10.98
N LYS MA 36 12.86 -103.51 11.74
CA LYS MA 36 11.64 -102.95 12.31
C LYS MA 36 11.98 -101.92 13.39
N ASP MA 37 11.13 -100.90 13.48
CA ASP MA 37 11.21 -99.91 14.55
C ASP MA 37 9.86 -99.80 15.22
N TYR MA 38 9.88 -99.52 16.52
CA TYR MA 38 8.68 -99.55 17.37
C TYR MA 38 8.46 -98.16 17.94
N TYR MA 39 7.80 -97.31 17.16
CA TYR MA 39 7.42 -95.98 17.62
C TYR MA 39 5.93 -95.85 17.90
N ILE MA 40 5.11 -96.74 17.34
CA ILE MA 40 3.67 -96.72 17.52
C ILE MA 40 3.29 -98.05 18.15
N PRO MA 41 2.45 -98.07 19.19
CA PRO MA 41 1.99 -99.35 19.73
C PRO MA 41 1.24 -100.14 18.66
N ARG MA 42 1.44 -101.46 18.68
CA ARG MA 42 0.93 -102.33 17.64
C ARG MA 42 -0.48 -102.83 17.91
N THR MA 43 -1.12 -102.35 18.98
CA THR MA 43 -2.50 -102.68 19.28
C THR MA 43 -3.33 -101.41 19.34
N LEU MA 44 -4.64 -101.55 19.14
CA LEU MA 44 -5.51 -100.40 19.12
C LEU MA 44 -6.24 -100.24 20.46
N PRO MA 45 -6.53 -99.01 20.86
CA PRO MA 45 -7.13 -98.79 22.18
C PRO MA 45 -8.57 -99.30 22.24
N LYS MA 46 -9.00 -99.62 23.45
CA LYS MA 46 -10.39 -99.98 23.67
C LYS MA 46 -11.26 -98.72 23.66
N ASN MA 47 -12.53 -98.89 23.27
CA ASN MA 47 -13.45 -97.76 23.27
C ASN MA 47 -13.65 -97.20 24.66
N GLU MA 48 -13.87 -98.09 25.64
CA GLU MA 48 -14.04 -97.65 27.02
C GLU MA 48 -12.78 -96.95 27.52
N GLU MA 49 -11.62 -97.47 27.16
CA GLU MA 49 -10.38 -96.83 27.56
C GLU MA 49 -10.23 -95.45 26.92
N ILE MA 50 -10.66 -95.30 25.66
CA ILE MA 50 -10.61 -94.00 25.01
C ILE MA 50 -11.49 -93.00 25.75
N VAL MA 51 -12.72 -93.41 26.07
CA VAL MA 51 -13.63 -92.49 26.76
C VAL MA 51 -13.09 -92.12 28.13
N GLU MA 52 -12.59 -93.11 28.87
CA GLU MA 52 -12.07 -92.85 30.20
C GLU MA 52 -10.83 -91.97 30.14
N PHE MA 53 -9.98 -92.17 29.13
CA PHE MA 53 -8.78 -91.33 29.00
C PHE MA 53 -9.13 -89.89 28.68
N VAL MA 54 -10.10 -89.67 27.79
CA VAL MA 54 -10.51 -88.30 27.49
C VAL MA 54 -11.08 -87.63 28.74
N GLN MA 55 -11.94 -88.35 29.47
CA GLN MA 55 -12.48 -87.81 30.71
C GLN MA 55 -11.38 -87.47 31.70
N SER MA 56 -10.41 -88.38 31.86
CA SER MA 56 -9.34 -88.16 32.83
C SER MA 56 -8.46 -86.99 32.44
N GLN MA 57 -8.12 -86.87 31.16
CA GLN MA 57 -7.24 -85.78 30.74
C GLN MA 57 -7.94 -84.44 30.79
N HIS MA 58 -9.27 -84.42 30.70
CA HIS MA 58 -9.97 -83.15 30.89
C HIS MA 58 -10.47 -82.95 32.30
N SER MA 59 -10.16 -83.85 33.22
CA SER MA 59 -10.45 -83.64 34.63
C SER MA 59 -9.27 -83.05 35.41
N VAL MA 60 -8.09 -82.96 34.81
CA VAL MA 60 -6.89 -82.46 35.50
C VAL MA 60 -6.21 -81.45 34.61
N PRO MA 61 -5.42 -80.54 35.20
CA PRO MA 61 -4.67 -79.58 34.38
C PRO MA 61 -3.64 -80.26 33.50
N ALA MA 62 -3.41 -79.68 32.33
CA ALA MA 62 -2.41 -80.19 31.41
C ALA MA 62 -1.03 -79.65 31.78
N SER MA 63 0.00 -80.28 31.22
CA SER MA 63 1.35 -79.84 31.47
C SER MA 63 1.57 -78.43 30.90
N PRO MA 64 2.37 -77.60 31.56
CA PRO MA 64 2.57 -76.23 31.06
C PRO MA 64 3.40 -76.21 29.78
N ILE MA 65 3.23 -75.13 29.03
CA ILE MA 65 3.94 -74.90 27.78
C ILE MA 65 4.84 -73.68 27.97
N ARG MA 66 5.97 -73.69 27.26
CA ARG MA 66 7.04 -72.74 27.54
C ARG MA 66 6.56 -71.30 27.40
N ASN MA 67 6.88 -70.50 28.41
CA ASN MA 67 6.59 -69.07 28.43
C ASN MA 67 7.92 -68.34 28.51
N GLN MA 68 8.11 -67.36 27.63
CA GLN MA 68 9.39 -66.69 27.47
C GLN MA 68 9.44 -65.33 28.15
N ARG MA 69 8.47 -65.01 29.01
CA ARG MA 69 8.48 -63.75 29.72
C ARG MA 69 9.54 -63.75 30.82
N HIS MA 70 10.19 -62.62 31.01
CA HIS MA 70 11.16 -62.44 32.09
C HIS MA 70 10.41 -61.96 33.32
N ILE MA 71 10.36 -62.80 34.37
CA ILE MA 71 9.52 -62.50 35.52
C ILE MA 71 10.21 -61.49 36.44
N ASN MA 72 11.33 -61.87 37.01
CA ASN MA 72 12.09 -60.99 37.91
C ASN MA 72 13.55 -61.05 37.48
N PRO MA 73 13.93 -60.29 36.46
CA PRO MA 73 15.31 -60.35 35.97
C PRO MA 73 16.29 -59.88 37.04
N VAL MA 74 17.48 -60.48 37.03
CA VAL MA 74 18.56 -60.11 37.93
C VAL MA 74 19.80 -59.83 37.10
N ARG MA 75 20.74 -59.12 37.71
CA ARG MA 75 21.96 -58.76 37.00
C ARG MA 75 22.76 -60.00 36.66
N GLU MA 76 23.12 -60.13 35.38
CA GLU MA 76 23.91 -61.26 34.92
C GLU MA 76 25.36 -61.16 35.34
N SER MA 77 25.85 -59.96 35.64
CA SER MA 77 27.24 -59.73 36.00
C SER MA 77 27.42 -59.44 37.48
N GLY MA 78 26.49 -59.89 38.32
CA GLY MA 78 26.59 -59.68 39.74
C GLY MA 78 26.13 -58.30 40.16
N PRO MA 79 26.32 -57.97 41.43
CA PRO MA 79 25.88 -56.65 41.92
C PRO MA 79 26.61 -55.52 41.22
N LEU MA 80 25.90 -54.43 40.99
CA LEU MA 80 26.47 -53.27 40.33
C LEU MA 80 27.54 -52.64 41.22
N PRO MA 81 28.64 -52.14 40.65
CA PRO MA 81 29.72 -51.57 41.48
C PRO MA 81 29.23 -50.38 42.30
N SER MA 82 29.84 -50.22 43.46
CA SER MA 82 29.41 -49.25 44.44
C SER MA 82 30.06 -47.88 44.23
N TYR MA 83 29.38 -46.85 44.71
CA TYR MA 83 29.98 -45.52 44.74
C TYR MA 83 31.17 -45.48 45.68
N ASP MA 84 31.00 -46.00 46.89
CA ASP MA 84 32.06 -46.06 47.87
C ASP MA 84 32.02 -47.42 48.54
N GLY MA 85 33.20 -47.93 48.89
CA GLY MA 85 33.29 -49.24 49.50
C GLY MA 85 34.69 -49.80 49.29
N THR MA 86 34.80 -51.11 49.52
CA THR MA 86 36.08 -51.78 49.32
C THR MA 86 36.50 -51.73 47.85
N TYR MA 87 35.56 -51.92 46.94
CA TYR MA 87 35.84 -51.86 45.51
C TYR MA 87 34.76 -51.03 44.83
N THR MA 88 35.18 -50.00 44.09
CA THR MA 88 34.29 -49.04 43.45
C THR MA 88 34.62 -48.98 41.95
N MET MA 89 34.02 -48.01 41.26
CA MET MA 89 34.24 -47.87 39.82
C MET MA 89 35.54 -47.14 39.46
N GLU MA 90 36.06 -46.32 40.36
CA GLU MA 90 37.35 -45.69 40.12
C GLU MA 90 38.44 -46.74 39.95
N ASP MA 91 38.32 -47.85 40.69
CA ASP MA 91 39.26 -48.95 40.51
C ASP MA 91 39.15 -49.54 39.12
N ILE MA 92 37.93 -49.66 38.59
CA ILE MA 92 37.74 -50.20 37.25
C ILE MA 92 38.38 -49.29 36.20
N ARG MA 93 38.18 -47.97 36.33
CA ARG MA 93 38.80 -47.04 35.39
C ARG MA 93 40.33 -47.13 35.44
N ALA MA 94 40.89 -47.05 36.66
CA ALA MA 94 42.34 -47.17 36.80
C ALA MA 94 42.84 -48.47 36.22
N VAL MA 95 42.03 -49.53 36.29
CA VAL MA 95 42.37 -50.79 35.63
C VAL MA 95 42.47 -50.58 34.13
N PHE MA 96 41.51 -49.86 33.55
CA PHE MA 96 41.52 -49.69 32.09
C PHE MA 96 42.78 -48.99 31.63
N TYR MA 97 43.22 -47.96 32.33
CA TYR MA 97 44.26 -47.12 31.75
C TYR MA 97 45.65 -47.75 31.76
N ASN MA 98 45.80 -49.03 32.08
CA ASN MA 98 47.12 -49.67 32.11
C ASN MA 98 47.07 -51.08 31.51
N THR MA 99 46.39 -51.25 30.39
CA THR MA 99 46.22 -52.56 29.79
C THR MA 99 47.43 -52.91 28.93
N THR MA 100 47.93 -54.14 29.09
CA THR MA 100 49.04 -54.65 28.29
C THR MA 100 49.02 -56.16 28.36
N VAL MA 101 49.43 -56.79 27.25
CA VAL MA 101 49.51 -58.25 27.14
C VAL MA 101 50.92 -58.56 26.65
N GLY MA 102 51.84 -58.81 27.58
CA GLY MA 102 53.22 -59.10 27.24
C GLY MA 102 53.47 -60.57 27.01
N ARG MA 103 54.74 -60.89 26.79
CA ARG MA 103 55.19 -62.27 26.63
C ARG MA 103 55.67 -62.89 27.93
N ASP MA 104 55.58 -62.18 29.05
CA ASP MA 104 56.08 -62.68 30.32
C ASP MA 104 55.11 -62.28 31.42
N TYR MA 105 55.23 -62.99 32.55
CA TYR MA 105 54.37 -62.74 33.69
C TYR MA 105 54.71 -61.41 34.37
N CYS MA 106 53.75 -60.90 35.13
CA CYS MA 106 53.99 -59.83 36.09
C CYS MA 106 54.18 -60.51 37.44
N TYR MA 107 55.42 -60.84 37.75
CA TYR MA 107 55.74 -61.65 38.93
C TYR MA 107 55.53 -60.91 40.24
N CYS MA 108 55.05 -59.66 40.20
CA CYS MA 108 54.70 -58.93 41.41
C CYS MA 108 53.32 -59.40 41.87
N GLN MA 109 53.28 -60.06 43.02
CA GLN MA 109 52.07 -60.71 43.51
C GLN MA 109 51.41 -59.86 44.59
N MET MA 110 50.14 -59.56 44.39
CA MET MA 110 49.35 -58.89 45.42
C MET MA 110 49.17 -59.82 46.61
N ASP MA 111 49.05 -59.24 47.78
CA ASP MA 111 48.85 -60.03 48.99
C ASP MA 111 47.49 -60.72 48.91
N PRO MA 112 47.42 -62.04 49.11
CA PRO MA 112 46.11 -62.71 49.13
C PRO MA 112 45.20 -62.18 50.22
N GLU MA 113 45.77 -61.77 51.36
CA GLU MA 113 44.97 -61.14 52.40
C GLU MA 113 44.34 -59.84 51.90
N GLU MA 114 45.11 -59.04 51.16
CA GLU MA 114 44.57 -57.80 50.61
C GLU MA 114 43.51 -58.07 49.57
N ILE MA 115 43.71 -59.08 48.73
CA ILE MA 115 42.68 -59.43 47.74
C ILE MA 115 41.41 -59.88 48.45
N MET MA 116 41.55 -60.68 49.51
CA MET MA 116 40.39 -61.11 50.29
C MET MA 116 39.69 -59.92 50.94
N ARG MA 117 40.46 -58.93 51.40
CA ARG MA 117 39.86 -57.75 52.02
C ARG MA 117 39.10 -56.92 51.00
N ARG MA 118 39.67 -56.71 49.82
CA ARG MA 118 39.01 -55.91 48.78
C ARG MA 118 37.74 -56.59 48.30
N VAL MA 119 37.77 -57.90 48.13
CA VAL MA 119 36.59 -58.68 47.76
C VAL MA 119 36.26 -59.59 48.91
N PRO MA 120 35.38 -59.17 49.84
CA PRO MA 120 35.24 -59.90 51.11
C PRO MA 120 34.84 -61.36 50.97
N GLY MA 121 34.00 -61.70 49.99
CA GLY MA 121 33.52 -63.06 49.91
C GLY MA 121 34.44 -64.06 49.27
N ILE MA 122 35.57 -63.62 48.73
CA ILE MA 122 36.46 -64.52 48.00
C ILE MA 122 37.28 -65.33 49.00
N THR MA 123 37.57 -66.57 48.63
CA THR MA 123 38.28 -67.49 49.51
C THR MA 123 39.79 -67.36 49.33
N ARG MA 124 40.53 -67.99 50.23
CA ARG MA 124 41.98 -67.87 50.21
C ARG MA 124 42.58 -68.55 48.98
N LYS MA 125 42.07 -69.73 48.62
CA LYS MA 125 42.63 -70.46 47.48
C LYS MA 125 42.45 -69.69 46.19
N GLU MA 126 41.29 -69.07 45.99
CA GLU MA 126 41.06 -68.29 44.78
C GLU MA 126 41.99 -67.09 44.71
N ALA MA 127 42.15 -66.39 45.84
CA ALA MA 127 43.05 -65.24 45.86
C ALA MA 127 44.48 -65.64 45.56
N GLU MA 128 44.95 -66.74 46.15
CA GLU MA 128 46.31 -67.19 45.90
C GLU MA 128 46.49 -67.59 44.44
N PHE MA 129 45.53 -68.32 43.87
CA PHE MA 129 45.65 -68.72 42.47
C PHE MA 129 45.65 -67.51 41.55
N ILE MA 130 44.82 -66.51 41.86
CA ILE MA 130 44.80 -65.29 41.06
C ILE MA 130 46.14 -64.57 41.14
N THR MA 131 46.74 -64.53 42.32
CA THR MA 131 48.08 -63.96 42.43
C THR MA 131 49.12 -64.79 41.68
N LYS MA 132 48.85 -66.08 41.45
CA LYS MA 132 49.78 -66.90 40.68
C LYS MA 132 49.60 -66.77 39.18
N LEU MA 133 48.67 -65.94 38.71
CA LEU MA 133 48.55 -65.63 37.30
C LEU MA 133 49.43 -64.42 36.96
N GLY MA 134 49.44 -64.04 35.69
CA GLY MA 134 50.34 -63.01 35.23
C GLY MA 134 49.82 -61.59 35.26
N LEU MA 135 48.67 -61.35 35.87
CA LEU MA 135 48.08 -60.02 35.88
C LEU MA 135 48.82 -59.09 36.84
N SER MA 136 48.89 -57.81 36.47
CA SER MA 136 49.40 -56.80 37.37
C SER MA 136 48.44 -56.64 38.54
N PRO MA 137 48.94 -56.21 39.71
CA PRO MA 137 48.09 -56.25 40.92
C PRO MA 137 46.73 -55.58 40.78
N GLN MA 138 46.64 -54.47 40.04
CA GLN MA 138 45.33 -53.88 39.79
C GLN MA 138 44.42 -54.87 39.06
N GLU MA 139 44.96 -55.53 38.04
CA GLU MA 139 44.18 -56.51 37.30
C GLU MA 139 43.89 -57.74 38.15
N GLN MA 140 44.77 -58.09 39.07
CA GLN MA 140 44.52 -59.21 39.97
C GLN MA 140 43.31 -58.92 40.85
N VAL MA 141 43.27 -57.73 41.44
CA VAL MA 141 42.14 -57.38 42.29
C VAL MA 141 40.86 -57.26 41.46
N ASP MA 142 40.95 -56.66 40.28
CA ASP MA 142 39.76 -56.54 39.43
C ASP MA 142 39.24 -57.90 39.00
N PHE MA 143 40.14 -58.80 38.61
CA PHE MA 143 39.75 -60.14 38.21
C PHE MA 143 39.15 -60.91 39.37
N ALA MA 144 39.70 -60.73 40.58
CA ALA MA 144 39.10 -61.34 41.76
C ALA MA 144 37.69 -60.83 41.96
N TYR MA 145 37.48 -59.53 41.83
CA TYR MA 145 36.15 -58.95 41.97
C TYR MA 145 35.18 -59.56 40.97
N ILE MA 146 35.57 -59.59 39.69
CA ILE MA 146 34.68 -60.13 38.66
C ILE MA 146 34.39 -61.61 38.91
N ALA MA 147 35.44 -62.38 39.20
CA ALA MA 147 35.29 -63.82 39.38
C ALA MA 147 34.39 -64.14 40.56
N TYR MA 148 34.54 -63.42 41.67
CA TYR MA 148 33.67 -63.67 42.80
C TYR MA 148 32.23 -63.24 42.51
N ASN MA 149 32.04 -62.07 41.88
CA ASN MA 149 30.69 -61.55 41.69
C ASN MA 149 29.90 -62.40 40.70
N ILE MA 150 30.53 -62.83 39.60
CA ILE MA 150 29.80 -63.60 38.60
C ILE MA 150 29.90 -65.10 38.81
N GLY MA 151 30.56 -65.55 39.88
CA GLY MA 151 30.69 -66.97 40.12
C GLY MA 151 31.60 -67.68 39.16
N LEU MA 152 32.59 -66.99 38.61
CA LEU MA 152 33.50 -67.58 37.64
C LEU MA 152 34.40 -68.62 38.29
N ASP MA 153 34.70 -69.68 37.55
CA ASP MA 153 35.65 -70.70 37.97
C ASP MA 153 37.01 -70.34 37.40
N ILE MA 154 37.93 -69.89 38.27
CA ILE MA 154 39.23 -69.43 37.80
C ILE MA 154 40.20 -70.56 37.50
N PHE MA 155 39.91 -71.77 37.94
CA PHE MA 155 40.77 -72.93 37.69
C PHE MA 155 40.45 -73.61 36.38
N TYR MA 156 39.52 -73.07 35.60
CA TYR MA 156 39.17 -73.63 34.30
C TYR MA 156 40.17 -73.16 33.26
N PHE MA 157 40.78 -74.10 32.56
CA PHE MA 157 41.80 -73.79 31.56
C PHE MA 157 41.13 -73.48 30.22
N THR MA 158 41.49 -72.35 29.63
CA THR MA 158 40.88 -71.90 28.40
C THR MA 158 41.28 -72.81 27.24
N ASN MA 159 40.29 -73.25 26.47
CA ASN MA 159 40.53 -74.08 25.30
C ASN MA 159 39.64 -73.56 24.17
N GLN MA 160 39.60 -74.31 23.07
CA GLN MA 160 38.80 -73.94 21.92
C GLN MA 160 37.38 -74.50 21.96
N MET MA 161 37.02 -75.23 23.00
CA MET MA 161 35.63 -75.62 23.22
C MET MA 161 34.90 -74.54 23.99
N PHE MA 162 35.36 -74.25 25.21
CA PHE MA 162 34.79 -73.21 26.05
C PHE MA 162 35.93 -72.39 26.65
N VAL MA 163 35.82 -71.07 26.58
CA VAL MA 163 36.88 -70.23 27.14
C VAL MA 163 36.74 -70.05 28.64
N ALA MA 164 35.54 -70.23 29.20
CA ALA MA 164 35.39 -70.05 30.63
C ALA MA 164 34.26 -70.92 31.17
N ARG MA 165 34.24 -71.08 32.48
CA ARG MA 165 33.21 -71.83 33.18
C ARG MA 165 32.77 -71.04 34.41
N GLN MA 166 31.48 -71.05 34.70
CA GLN MA 166 30.95 -70.22 35.77
C GLN MA 166 29.76 -70.92 36.40
N VAL MA 167 29.81 -71.16 37.70
CA VAL MA 167 28.75 -71.86 38.41
C VAL MA 167 27.89 -70.82 39.12
N VAL MA 168 26.62 -70.74 38.75
CA VAL MA 168 25.70 -69.76 39.29
C VAL MA 168 24.38 -70.44 39.65
N THR MA 169 23.80 -70.03 40.78
CA THR MA 169 22.48 -70.50 41.19
C THR MA 169 21.42 -69.55 40.65
N ASN MA 170 20.45 -70.09 39.94
CA ASN MA 170 19.42 -69.26 39.32
C ASN MA 170 18.34 -68.93 40.34
N SER MA 171 17.25 -68.33 39.86
CA SER MA 171 16.18 -67.89 40.76
C SER MA 171 15.45 -69.06 41.41
N LYS MA 172 15.54 -70.25 40.85
CA LYS MA 172 14.95 -71.44 41.45
C LYS MA 172 15.94 -72.19 42.32
N GLY MA 173 17.15 -71.68 42.50
CA GLY MA 173 18.15 -72.32 43.33
C GLY MA 173 18.63 -73.66 42.81
N GLU MA 174 18.90 -73.77 41.50
CA GLU MA 174 19.32 -75.03 40.92
C GLU MA 174 20.83 -75.20 40.85
N LYS MA 175 21.59 -74.12 41.00
CA LYS MA 175 23.05 -74.17 40.99
C LYS MA 175 23.56 -74.74 39.66
N VAL MA 176 23.17 -74.09 38.57
CA VAL MA 176 23.54 -74.50 37.22
C VAL MA 176 24.94 -74.01 36.90
N GLU MA 177 25.50 -74.51 35.80
CA GLU MA 177 26.78 -74.03 35.29
C GLU MA 177 26.60 -73.48 33.88
N VAL MA 178 27.38 -72.46 33.56
CA VAL MA 178 27.36 -71.78 32.27
C VAL MA 178 28.78 -71.83 31.70
N LEU MA 179 28.89 -72.25 30.46
CA LEU MA 179 30.18 -72.40 29.79
C LEU MA 179 30.31 -71.34 28.71
N TRP MA 180 31.25 -70.42 28.89
CA TRP MA 180 31.53 -69.40 27.88
C TRP MA 180 32.34 -70.06 26.77
N ASN MA 181 31.74 -70.16 25.59
CA ASN MA 181 32.33 -70.85 24.47
C ASN MA 181 33.47 -70.03 23.86
N ALA MA 182 34.24 -70.68 22.99
CA ALA MA 182 35.18 -70.00 22.12
C ALA MA 182 34.44 -69.58 20.86
N GLN MA 183 34.60 -68.33 20.47
CA GLN MA 183 33.84 -67.74 19.39
C GLN MA 183 34.73 -67.38 18.21
N CYS MA 184 34.09 -66.99 17.12
CA CYS MA 184 34.78 -66.49 15.94
C CYS MA 184 34.04 -65.28 15.42
N TYR MA 185 34.78 -64.40 14.74
CA TYR MA 185 34.25 -63.12 14.27
C TYR MA 185 33.67 -63.32 12.88
N GLU MA 186 32.36 -63.60 12.82
CA GLU MA 186 31.54 -63.65 11.62
C GLU MA 186 31.90 -64.77 10.67
N ASP MA 187 32.94 -65.57 10.96
CA ASP MA 187 33.51 -66.48 9.98
C ASP MA 187 33.52 -67.90 10.56
N ILE MA 188 32.55 -68.72 10.14
CA ILE MA 188 32.56 -70.12 10.54
C ILE MA 188 33.80 -70.83 10.02
N ALA MA 189 34.35 -70.35 8.90
CA ALA MA 189 35.58 -70.92 8.38
C ALA MA 189 36.74 -70.74 9.34
N GLN MA 190 36.71 -69.67 10.13
CA GLN MA 190 37.72 -69.42 11.15
C GLN MA 190 37.35 -70.01 12.51
N LEU MA 191 36.21 -70.70 12.60
CA LEU MA 191 35.76 -71.27 13.86
C LEU MA 191 36.43 -72.62 14.09
N ASN MA 192 36.95 -72.83 15.29
CA ASN MA 192 37.60 -74.09 15.66
C ASN MA 192 36.51 -75.05 16.12
N VAL MA 193 36.03 -75.89 15.20
CA VAL MA 193 35.00 -76.87 15.52
C VAL MA 193 35.74 -78.11 16.03
N GLY MA 194 36.03 -78.12 17.32
CA GLY MA 194 36.76 -79.20 17.92
C GLY MA 194 36.04 -79.73 19.15
N PHE MA 195 36.46 -80.92 19.59
CA PHE MA 195 35.88 -81.57 20.75
C PHE MA 195 36.97 -81.96 21.74
N ALA MA 196 38.05 -81.20 21.78
CA ALA MA 196 39.17 -81.46 22.67
C ALA MA 196 39.52 -80.20 23.43
N PRO MA 197 39.98 -80.34 24.68
CA PRO MA 197 40.41 -79.18 25.47
C PRO MA 197 41.78 -78.66 25.07
N VAL MA 198 41.92 -78.32 23.79
CA VAL MA 198 43.18 -77.85 23.23
C VAL MA 198 42.92 -76.61 22.37
N LEU MA 199 44.00 -75.88 22.09
CA LEU MA 199 43.90 -74.65 21.31
C LEU MA 199 44.12 -74.87 19.81
N GLU MA 200 44.71 -75.99 19.41
CA GLU MA 200 45.05 -76.19 18.01
C GLU MA 200 43.81 -76.51 17.19
N SER MA 201 43.96 -76.35 15.87
CA SER MA 201 42.90 -76.70 14.92
C SER MA 201 43.33 -77.99 14.23
N VAL MA 202 42.96 -79.12 14.83
CA VAL MA 202 43.42 -80.42 14.38
C VAL MA 202 42.37 -81.07 13.49
N ASP MA 203 41.10 -80.83 13.76
CA ASP MA 203 40.01 -81.44 13.01
C ASP MA 203 39.68 -80.61 11.78
N TYR MA 204 39.62 -81.26 10.62
CA TYR MA 204 39.23 -80.65 9.37
C TYR MA 204 38.04 -81.43 8.83
N HIS MA 205 36.91 -80.76 8.66
CA HIS MA 205 35.67 -81.41 8.24
C HIS MA 205 35.39 -81.06 6.79
N TRP MA 206 35.26 -82.09 5.95
CA TRP MA 206 34.86 -81.84 4.57
C TRP MA 206 33.41 -81.39 4.49
N GLU MA 207 32.53 -81.98 5.29
CA GLU MA 207 31.12 -81.59 5.37
C GLU MA 207 30.91 -80.87 6.69
N ILE MA 208 30.74 -79.56 6.64
CA ILE MA 208 30.59 -78.77 7.86
C ILE MA 208 29.25 -79.05 8.52
N PHE MA 209 28.18 -79.07 7.74
CA PHE MA 209 26.84 -79.40 8.25
C PHE MA 209 26.59 -80.85 7.89
N LEU MA 210 27.07 -81.76 8.74
CA LEU MA 210 27.10 -83.18 8.40
C LEU MA 210 25.69 -83.73 8.19
N TRP MA 211 24.76 -83.37 9.07
CA TRP MA 211 23.40 -83.91 9.03
C TRP MA 211 22.44 -83.01 8.27
N ALA MA 212 22.95 -82.00 7.57
CA ALA MA 212 22.19 -81.00 6.82
C ALA MA 212 21.37 -80.09 7.72
N ASP MA 213 21.59 -80.13 9.03
CA ASP MA 213 20.90 -79.21 9.92
C ASP MA 213 21.51 -77.82 9.79
N PRO MA 214 20.71 -76.79 9.49
CA PRO MA 214 21.28 -75.48 9.27
C PRO MA 214 21.78 -74.86 10.56
N PRO MA 215 22.77 -73.97 10.50
CA PRO MA 215 23.09 -73.13 11.66
C PRO MA 215 21.97 -72.13 11.87
N ILE MA 216 22.03 -71.43 13.01
CA ILE MA 216 20.99 -70.47 13.36
C ILE MA 216 21.62 -69.17 13.85
N LYS MA 217 21.00 -68.07 13.47
CA LYS MA 217 21.24 -66.76 14.08
C LYS MA 217 19.93 -66.34 14.71
N PRO MA 218 19.77 -66.52 16.04
CA PRO MA 218 18.47 -66.26 16.65
C PRO MA 218 18.16 -64.78 16.72
N ASN MA 219 16.98 -64.41 16.24
CA ASN MA 219 16.47 -63.06 16.38
C ASN MA 219 15.70 -62.93 17.68
N ASN MA 220 15.89 -61.82 18.37
CA ASN MA 220 15.27 -61.58 19.67
C ASN MA 220 14.07 -60.67 19.49
N ASP MA 221 12.95 -61.06 20.07
CA ASP MA 221 11.78 -60.19 20.10
C ASP MA 221 12.05 -58.99 20.99
N PHE MA 222 11.69 -57.80 20.51
CA PHE MA 222 11.92 -56.59 21.29
C PHE MA 222 11.12 -56.60 22.58
N ASP MA 223 9.89 -57.10 22.53
CA ASP MA 223 9.04 -57.15 23.72
C ASP MA 223 9.60 -58.09 24.77
N LEU MA 224 10.38 -59.10 24.36
CA LEU MA 224 10.91 -60.09 25.26
C LEU MA 224 12.38 -59.85 25.61
N ASN MA 225 12.93 -58.70 25.22
CA ASN MA 225 14.28 -58.35 25.63
C ASN MA 225 14.32 -58.06 27.14
N VAL MA 226 15.53 -58.01 27.66
CA VAL MA 226 15.76 -57.70 29.08
C VAL MA 226 16.77 -56.56 29.12
N PRO MA 227 16.69 -55.67 30.10
CA PRO MA 227 17.71 -54.61 30.20
C PRO MA 227 19.11 -55.19 30.31
N CYS MA 228 20.06 -54.54 29.63
CA CYS MA 228 21.42 -55.04 29.60
C CYS MA 228 22.04 -54.97 30.99
N THR MA 229 22.50 -56.12 31.49
CA THR MA 229 23.12 -56.20 32.80
C THR MA 229 24.41 -57.01 32.78
N TRP MA 230 24.87 -57.43 31.61
CA TRP MA 230 26.14 -58.11 31.49
C TRP MA 230 27.23 -57.07 31.27
N PHE MA 231 27.70 -56.51 32.38
CA PHE MA 231 28.70 -55.44 32.37
C PHE MA 231 28.24 -54.29 31.48
N GLU MA 232 26.99 -53.86 31.71
CA GLU MA 232 26.38 -52.82 30.88
C GLU MA 232 27.18 -51.54 30.92
N TYR MA 233 27.89 -51.29 32.01
CA TYR MA 233 28.60 -50.04 32.23
C TYR MA 233 29.89 -49.93 31.45
N GLU MA 234 30.12 -50.81 30.48
CA GLU MA 234 31.35 -50.78 29.70
C GLU MA 234 31.13 -50.48 28.23
N GLN MA 235 29.88 -50.25 27.80
CA GLN MA 235 29.63 -50.10 26.37
C GLN MA 235 30.32 -48.87 25.79
N GLU MA 236 30.27 -47.74 26.51
CA GLU MA 236 30.93 -46.52 26.04
C GLU MA 236 32.32 -46.34 26.64
N TRP MA 237 32.68 -47.18 27.62
CA TRP MA 237 33.94 -47.06 28.36
C TRP MA 237 35.12 -46.75 27.46
N TRP MA 238 35.41 -47.67 26.53
CA TRP MA 238 36.54 -47.51 25.63
C TRP MA 238 36.53 -46.14 24.97
N MET MA 239 35.39 -45.77 24.38
CA MET MA 239 35.30 -44.47 23.73
C MET MA 239 35.72 -43.35 24.67
N GLU MA 240 35.12 -43.32 25.86
CA GLU MA 240 35.46 -42.27 26.80
C GLU MA 240 36.92 -42.33 27.17
N SER MA 241 37.45 -43.54 27.38
CA SER MA 241 38.84 -43.65 27.79
C SER MA 241 39.80 -43.30 26.66
N CYS MA 242 39.32 -43.29 25.41
CA CYS MA 242 40.17 -42.82 24.33
C CYS MA 242 40.16 -41.30 24.24
N ILE MA 243 39.23 -40.63 24.92
CA ILE MA 243 39.09 -39.19 24.85
C ILE MA 243 39.73 -38.57 26.08
N GLN MA 244 39.76 -39.31 27.18
CA GLN MA 244 40.35 -38.81 28.43
C GLN MA 244 41.84 -39.11 28.54
N GLU MA 245 42.41 -39.90 27.63
CA GLU MA 245 43.85 -40.12 27.67
C GLU MA 245 44.62 -38.88 27.25
N ASP MA 246 44.06 -38.08 26.33
CA ASP MA 246 44.69 -36.85 25.87
C ASP MA 246 43.95 -35.62 26.40
N GLN MA 247 43.42 -35.70 27.63
CA GLN MA 247 42.71 -34.61 28.25
C GLN MA 247 43.42 -34.25 29.56
N PHE MA 248 43.63 -32.95 29.77
CA PHE MA 248 44.27 -32.46 30.98
C PHE MA 248 43.21 -31.89 31.90
N ASN MA 249 43.18 -32.36 33.14
CA ASN MA 249 42.12 -32.03 34.08
C ASN MA 249 42.62 -31.02 35.10
N LEU MA 250 41.79 -30.02 35.38
CA LEU MA 250 42.14 -28.96 36.31
C LEU MA 250 42.24 -29.52 37.72
N PRO MA 251 43.36 -29.35 38.41
CA PRO MA 251 43.47 -29.86 39.78
C PRO MA 251 42.47 -29.18 40.71
N GLU MA 252 42.04 -29.91 41.73
CA GLU MA 252 41.09 -29.37 42.69
C GLU MA 252 41.64 -28.17 43.45
N ASP MA 253 42.95 -28.01 43.49
CA ASP MA 253 43.53 -26.82 44.11
C ASP MA 253 43.20 -25.57 43.29
N GLU MA 254 42.99 -25.72 41.99
CA GLU MA 254 42.73 -24.58 41.11
C GLU MA 254 41.27 -24.46 40.69
N ARG MA 255 40.46 -25.47 40.93
CA ARG MA 255 39.05 -25.41 40.54
C ARG MA 255 38.29 -24.55 41.54
N PRO MA 256 37.62 -23.47 41.10
CA PRO MA 256 36.86 -22.65 42.04
C PRO MA 256 35.75 -23.44 42.71
N TYR MA 257 35.50 -23.10 43.97
CA TYR MA 257 34.57 -23.84 44.80
C TYR MA 257 33.78 -22.85 45.67
N ASN MA 258 32.64 -23.31 46.18
CA ASN MA 258 31.75 -22.50 47.01
C ASN MA 258 31.31 -21.24 46.28
N THR MA 259 31.04 -21.37 44.99
CA THR MA 259 30.53 -20.25 44.21
C THR MA 259 29.10 -19.93 44.62
N PRO MA 260 28.65 -18.69 44.39
CA PRO MA 260 27.30 -18.33 44.80
C PRO MA 260 26.23 -19.20 44.15
N ARG MA 261 25.21 -19.54 44.94
CA ARG MA 261 24.14 -20.40 44.48
C ARG MA 261 23.29 -19.70 43.42
N ASN MA 262 22.75 -20.48 42.50
CA ASN MA 262 21.83 -19.93 41.52
C ASN MA 262 20.56 -19.45 42.22
N PRO MA 263 20.07 -18.26 41.88
CA PRO MA 263 18.93 -17.70 42.63
C PRO MA 263 17.67 -18.55 42.58
N HIS MA 264 17.45 -19.27 41.48
CA HIS MA 264 16.20 -19.97 41.25
C HIS MA 264 16.30 -21.48 41.42
N CYS MA 265 17.41 -21.98 41.97
CA CYS MA 265 17.61 -23.41 42.11
C CYS MA 265 18.08 -23.73 43.53
N ARG MA 266 17.52 -24.79 44.10
CA ARG MA 266 17.92 -25.28 45.41
C ARG MA 266 17.97 -26.80 45.36
N LYS MA 267 18.49 -27.41 46.43
CA LYS MA 267 18.63 -28.86 46.45
C LYS MA 267 17.28 -29.56 46.49
N GLU MA 268 16.29 -28.93 47.12
CA GLU MA 268 14.93 -29.46 47.09
C GLU MA 268 14.24 -29.04 45.80
N LEU MA 269 13.63 -30.00 45.11
CA LEU MA 269 12.94 -29.70 43.87
C LEU MA 269 11.79 -28.74 44.13
N TRP MA 270 11.66 -27.72 43.30
CA TRP MA 270 10.76 -26.62 43.58
C TRP MA 270 9.31 -27.03 43.38
N ARG MA 271 8.47 -26.68 44.35
CA ARG MA 271 7.03 -26.87 44.28
C ARG MA 271 6.36 -25.56 44.65
N SER MA 272 5.46 -25.08 43.81
CA SER MA 272 4.77 -23.84 44.09
C SER MA 272 3.86 -24.00 45.30
N GLN MA 273 3.69 -22.90 46.05
CA GLN MA 273 2.85 -22.94 47.24
C GLN MA 273 1.42 -23.37 46.91
N ASP MA 274 0.93 -22.98 45.73
CA ASP MA 274 -0.39 -23.43 45.29
C ASP MA 274 -0.43 -24.95 45.14
N ALA MA 275 0.63 -25.53 44.56
CA ALA MA 275 0.67 -26.98 44.40
C ALA MA 275 0.74 -27.70 45.73
N LEU MA 276 1.54 -27.17 46.67
CA LEU MA 276 1.61 -27.77 48.00
C LEU MA 276 0.26 -27.70 48.70
N GLN MA 277 -0.43 -26.57 48.61
CA GLN MA 277 -1.76 -26.45 49.20
C GLN MA 277 -2.74 -27.40 48.54
N GLU MA 278 -2.65 -27.56 47.23
CA GLU MA 278 -3.55 -28.46 46.53
C GLU MA 278 -3.33 -29.91 46.96
N GLU MA 279 -2.07 -30.31 47.12
CA GLU MA 279 -1.78 -31.66 47.63
C GLU MA 279 -2.29 -31.83 49.05
N GLU MA 280 -2.13 -30.79 49.90
CA GLU MA 280 -2.66 -30.85 51.25
C GLU MA 280 -4.17 -31.04 51.25
N LEU MA 281 -4.86 -30.34 50.36
CA LEU MA 281 -6.30 -30.51 50.22
C LEU MA 281 -6.64 -31.90 49.71
N MET MA 282 -5.86 -32.43 48.77
CA MET MA 282 -6.12 -33.76 48.21
C MET MA 282 -5.85 -34.87 49.21
N VAL MA 283 -5.10 -34.59 50.27
CA VAL MA 283 -4.91 -35.60 51.32
C VAL MA 283 -6.26 -36.01 51.91
N ASN MA 284 -7.21 -35.09 51.98
CA ASN MA 284 -8.52 -35.40 52.52
C ASN MA 284 -9.23 -36.44 51.67
N GLU MA 285 -10.00 -37.32 52.33
CA GLU MA 285 -10.66 -38.41 51.63
C GLU MA 285 -11.85 -37.92 50.81
N ASN MA 286 -12.55 -36.89 51.28
CA ASN MA 286 -13.75 -36.40 50.62
C ASN MA 286 -13.46 -35.35 49.55
N TRP MA 287 -12.27 -35.37 48.97
CA TRP MA 287 -11.87 -34.36 48.00
C TRP MA 287 -12.60 -34.56 46.68
N TYR MA 288 -13.12 -33.47 46.13
CA TYR MA 288 -13.67 -33.44 44.78
C TYR MA 288 -13.32 -32.09 44.16
N PRO MA 289 -13.31 -32.00 42.83
CA PRO MA 289 -12.77 -30.79 42.18
C PRO MA 289 -13.42 -29.47 42.60
N LYS MA 290 -14.73 -29.45 42.81
CA LYS MA 290 -15.46 -28.28 43.31
C LYS MA 290 -15.52 -27.12 42.30
N ASN MA 291 -14.86 -27.25 41.15
CA ASN MA 291 -14.86 -26.20 40.15
C ASN MA 291 -15.74 -26.53 38.95
N THR MA 292 -16.47 -27.63 38.99
CA THR MA 292 -17.35 -28.01 37.90
C THR MA 292 -18.58 -27.11 37.85
N GLN MA 293 -19.17 -26.99 36.67
CA GLN MA 293 -20.39 -26.21 36.52
C GLN MA 293 -21.61 -26.96 37.03
N TYR MA 294 -21.62 -28.28 36.90
CA TYR MA 294 -22.70 -29.12 37.39
C TYR MA 294 -22.21 -30.02 38.52
N ASN MA 295 -23.16 -30.52 39.30
CA ASN MA 295 -22.86 -31.40 40.44
C ASN MA 295 -22.69 -32.83 39.93
N ILE MA 296 -21.55 -33.05 39.25
CA ILE MA 296 -21.34 -34.34 38.59
C ILE MA 296 -20.94 -35.42 39.59
N TYR MA 297 -20.37 -35.05 40.73
CA TYR MA 297 -19.99 -36.02 41.74
C TYR MA 297 -21.06 -36.19 42.81
N ASN MA 298 -22.21 -35.55 42.66
CA ASN MA 298 -23.36 -35.71 43.55
C ASN MA 298 -22.98 -35.42 45.01
N GLN MA 299 -22.10 -34.44 45.21
CA GLN MA 299 -21.65 -34.11 46.55
C GLN MA 299 -22.70 -33.32 47.29
N PRO MA 300 -22.99 -33.65 48.55
CA PRO MA 300 -24.03 -32.91 49.29
C PRO MA 300 -23.70 -31.45 49.54
N ASP MA 301 -22.43 -31.06 49.46
CA ASP MA 301 -21.99 -29.71 49.80
C ASP MA 301 -21.50 -28.95 48.58
N PHE MA 302 -22.19 -29.12 47.45
CA PHE MA 302 -21.78 -28.49 46.20
C PHE MA 302 -22.49 -27.15 46.04
N ILE MA 303 -21.71 -26.10 45.79
CA ILE MA 303 -22.22 -24.76 45.53
C ILE MA 303 -21.79 -24.38 44.12
N LYS MA 304 -22.75 -24.01 43.29
CA LYS MA 304 -22.44 -23.69 41.90
C LYS MA 304 -21.55 -22.46 41.84
N PRO MA 305 -20.39 -22.53 41.16
CA PRO MA 305 -19.41 -21.44 41.27
C PRO MA 305 -19.72 -20.21 40.44
N LYS MA 306 -20.53 -20.31 39.39
CA LYS MA 306 -20.75 -19.20 38.49
C LYS MA 306 -21.45 -18.03 39.21
N THR NA 67 102.01 -19.64 9.69
CA THR NA 67 101.01 -18.74 9.15
C THR NA 67 101.66 -17.51 8.52
N LEU NA 68 102.57 -16.88 9.26
CA LEU NA 68 103.30 -15.74 8.70
C LEU NA 68 104.18 -16.18 7.54
N LEU NA 69 104.84 -17.34 7.67
CA LEU NA 69 105.64 -17.88 6.57
C LEU NA 69 104.77 -18.18 5.36
N TYR NA 70 103.59 -18.76 5.59
CA TYR NA 70 102.68 -19.05 4.49
C TYR NA 70 102.22 -17.77 3.81
N GLY NA 71 101.92 -16.74 4.60
CA GLY NA 71 101.52 -15.47 4.01
C GLY NA 71 102.62 -14.82 3.19
N ALA NA 72 103.85 -14.87 3.70
CA ALA NA 72 104.98 -14.33 2.93
C ALA NA 72 105.18 -15.11 1.63
N ASN NA 73 105.04 -16.44 1.69
CA ASN NA 73 105.16 -17.24 0.47
C ASN NA 73 104.06 -16.89 -0.52
N GLN NA 74 102.83 -16.68 -0.02
CA GLN NA 74 101.73 -16.28 -0.90
C GLN NA 74 102.00 -14.93 -1.53
N SER NA 75 102.54 -13.98 -0.77
CA SER NA 75 102.87 -12.67 -1.33
C SER NA 75 103.95 -12.77 -2.41
N SER NA 76 104.97 -13.60 -2.15
CA SER NA 76 106.02 -13.79 -3.15
C SER NA 76 105.46 -14.44 -4.42
N LYS NA 77 104.58 -15.43 -4.26
CA LYS NA 77 103.95 -16.05 -5.42
C LYS NA 77 103.08 -15.06 -6.17
N ALA NA 78 102.40 -14.16 -5.45
CA ALA NA 78 101.60 -13.13 -6.10
C ALA NA 78 102.47 -12.20 -6.93
N ARG NA 79 103.61 -11.78 -6.39
CA ARG NA 79 104.51 -10.92 -7.15
C ARG NA 79 105.04 -11.63 -8.39
N GLU NA 80 105.43 -12.90 -8.23
CA GLU NA 80 105.93 -13.67 -9.37
C GLU NA 80 104.84 -13.84 -10.43
N ASN NA 81 103.60 -14.09 -10.00
CA ASN NA 81 102.50 -14.23 -10.95
C ASN NA 81 102.22 -12.91 -11.66
N LYS NA 82 102.35 -11.78 -10.96
CA LYS NA 82 102.16 -10.50 -11.62
C LYS NA 82 103.21 -10.27 -12.70
N VAL NA 83 104.46 -10.60 -12.39
CA VAL NA 83 105.52 -10.47 -13.39
C VAL NA 83 105.25 -11.39 -14.58
N ALA NA 84 104.82 -12.63 -14.30
CA ALA NA 84 104.52 -13.57 -15.38
C ALA NA 84 103.37 -13.08 -16.24
N THR NA 85 102.33 -12.52 -15.62
CA THR NA 85 101.19 -12.01 -16.39
C THR NA 85 101.60 -10.84 -17.27
N GLU NA 86 102.45 -9.95 -16.75
CA GLU NA 86 102.96 -8.87 -17.60
C GLU NA 86 103.75 -9.41 -18.78
N THR NA 87 104.60 -10.41 -18.52
CA THR NA 87 105.37 -11.02 -19.60
C THR NA 87 104.46 -11.64 -20.65
N ARG NA 88 103.42 -12.36 -20.21
CA ARG NA 88 102.51 -12.99 -21.16
C ARG NA 88 101.72 -11.96 -21.95
N LYS NA 89 101.32 -10.86 -21.31
CA LYS NA 89 100.65 -9.78 -22.04
C LYS NA 89 101.56 -9.21 -23.11
N GLU NA 90 102.83 -8.99 -22.78
CA GLU NA 90 103.77 -8.48 -23.77
C GLU NA 90 103.95 -9.46 -24.92
N ARG NA 91 104.02 -10.76 -24.62
CA ARG NA 91 104.15 -11.77 -25.66
C ARG NA 91 102.92 -11.78 -26.57
N MET NA 92 101.73 -11.72 -25.99
CA MET NA 92 100.49 -11.82 -26.76
C MET NA 92 100.14 -10.54 -27.50
N ALA NA 93 100.73 -9.40 -27.12
CA ALA NA 93 100.44 -8.16 -27.82
C ALA NA 93 100.98 -8.16 -29.24
N LYS NA 94 101.94 -9.02 -29.55
CA LYS NA 94 102.52 -9.06 -30.88
C LYS NA 94 101.52 -9.61 -31.89
N PRO NA 95 101.64 -9.23 -33.16
CA PRO NA 95 100.74 -9.78 -34.18
C PRO NA 95 100.95 -11.27 -34.38
N THR NA 96 99.90 -11.93 -34.85
CA THR NA 96 99.91 -13.39 -34.99
C THR NA 96 100.92 -13.83 -36.03
N ILE NA 97 101.57 -14.96 -35.76
CA ILE NA 97 102.52 -15.56 -36.69
C ILE NA 97 101.78 -16.58 -37.56
N GLN NA 98 101.82 -16.39 -38.87
CA GLN NA 98 101.06 -17.25 -39.77
C GLN NA 98 101.75 -18.59 -39.97
N LEU NA 99 100.95 -19.65 -40.09
CA LEU NA 99 101.43 -21.01 -40.31
C LEU NA 99 100.48 -21.67 -41.31
N THR NA 100 100.85 -21.58 -42.59
CA THR NA 100 100.10 -22.15 -43.68
C THR NA 100 101.06 -22.90 -44.61
N GLY NA 101 100.51 -23.87 -45.34
CA GLY NA 101 101.36 -24.65 -46.21
C GLY NA 101 102.29 -25.56 -45.43
N ALA NA 102 103.48 -25.77 -45.98
CA ALA NA 102 104.44 -26.69 -45.38
C ALA NA 102 104.81 -26.27 -43.95
N ASP NA 103 104.79 -24.96 -43.67
CA ASP NA 103 105.10 -24.49 -42.33
C ASP NA 103 104.16 -25.07 -41.30
N SER NA 104 102.90 -25.31 -41.68
CA SER NA 104 101.98 -25.97 -40.76
C SER NA 104 102.32 -27.43 -40.56
N GLN NA 105 102.74 -28.11 -41.63
CA GLN NA 105 103.05 -29.53 -41.53
C GLN NA 105 104.26 -29.79 -40.64
N ASN NA 106 105.16 -28.82 -40.54
CA ASN NA 106 106.34 -28.90 -39.69
C ASN NA 106 106.36 -27.66 -38.81
N PRO NA 107 105.57 -27.63 -37.75
CA PRO NA 107 105.49 -26.43 -36.92
C PRO NA 107 106.82 -26.16 -36.26
N PRO NA 108 107.16 -24.88 -36.06
CA PRO NA 108 108.43 -24.55 -35.40
C PRO NA 108 108.46 -24.90 -33.91
N PHE NA 109 107.32 -25.24 -33.31
CA PHE NA 109 107.29 -25.57 -31.90
C PHE NA 109 108.05 -26.87 -31.65
N THR NA 110 108.87 -26.87 -30.61
CA THR NA 110 109.62 -28.07 -30.23
C THR NA 110 109.91 -27.99 -28.74
N GLU NA 111 110.29 -29.13 -28.16
CA GLU NA 111 110.58 -29.18 -26.73
C GLU NA 111 111.72 -28.25 -26.35
N LYS NA 112 112.64 -27.99 -27.27
CA LYS NA 112 113.80 -27.17 -26.98
C LYS NA 112 113.57 -25.69 -27.27
N ASN NA 113 112.76 -25.37 -28.27
CA ASN NA 113 112.51 -23.99 -28.69
C ASN NA 113 111.22 -23.43 -28.11
N ILE NA 114 110.55 -24.17 -27.22
CA ILE NA 114 109.21 -23.78 -26.77
C ILE NA 114 109.24 -22.45 -26.04
N ASN NA 115 110.32 -22.16 -25.32
CA ASN NA 115 110.40 -20.89 -24.61
C ASN NA 115 110.38 -19.69 -25.56
N ASP NA 116 110.76 -19.88 -26.83
CA ASP NA 116 110.67 -18.80 -27.79
C ASP NA 116 109.23 -18.55 -28.20
N TRP NA 117 108.43 -19.60 -28.33
CA TRP NA 117 107.05 -19.51 -28.80
C TRP NA 117 106.04 -19.62 -27.66
N LEU NA 118 106.49 -19.64 -26.42
CA LEU NA 118 105.58 -19.86 -25.30
C LEU NA 118 104.62 -18.69 -25.15
N TYR NA 119 103.33 -19.01 -24.98
CA TYR NA 119 102.28 -18.00 -24.84
C TYR NA 119 102.31 -16.99 -25.97
N LYS NA 120 102.43 -17.49 -27.19
CA LYS NA 120 102.59 -16.61 -28.35
C LYS NA 120 101.56 -16.95 -29.42
N THR NA 121 100.98 -15.93 -30.04
CA THR NA 121 99.83 -16.13 -30.92
C THR NA 121 100.28 -16.54 -32.31
N VAL NA 122 99.89 -17.74 -32.73
CA VAL NA 122 100.11 -18.22 -34.08
C VAL NA 122 98.75 -18.49 -34.71
N SER NA 123 98.75 -18.67 -36.02
CA SER NA 123 97.54 -19.00 -36.78
C SER NA 123 97.89 -20.17 -37.69
N ILE NA 124 97.58 -21.38 -37.25
CA ILE NA 124 98.05 -22.61 -37.89
C ILE NA 124 96.89 -23.28 -38.60
N THR NA 125 97.17 -23.86 -39.77
CA THR NA 125 96.15 -24.62 -40.47
C THR NA 125 96.38 -26.13 -40.32
N GLY NA 126 95.31 -26.86 -40.06
CA GLY NA 126 95.37 -28.29 -39.88
C GLY NA 126 93.98 -28.84 -39.66
N ARG NA 127 93.88 -30.15 -39.46
CA ARG NA 127 92.58 -30.79 -39.34
C ARG NA 127 92.37 -31.38 -37.95
N PRO NA 128 91.33 -30.99 -37.23
CA PRO NA 128 91.12 -31.52 -35.88
C PRO NA 128 90.37 -32.84 -35.89
N ILE NA 129 90.63 -33.65 -34.86
CA ILE NA 129 90.05 -34.98 -34.73
C ILE NA 129 89.09 -34.92 -33.56
N HIS NA 130 87.80 -34.71 -33.84
CA HIS NA 130 86.81 -34.63 -32.79
C HIS NA 130 86.44 -35.99 -32.22
N GLY NA 131 86.77 -37.08 -32.92
CA GLY NA 131 86.45 -38.39 -32.41
C GLY NA 131 87.21 -38.75 -31.15
N LYS NA 132 88.50 -38.43 -31.12
CA LYS NA 132 89.38 -38.74 -29.98
C LYS NA 132 89.62 -37.53 -29.09
N GLY NA 133 88.61 -36.68 -28.92
CA GLY NA 133 88.80 -35.50 -28.08
C GLY NA 133 88.84 -35.85 -26.62
N MET NA 134 89.76 -35.22 -25.90
CA MET NA 134 89.86 -35.32 -24.46
C MET NA 134 89.10 -34.19 -23.80
N MET NA 135 88.47 -34.48 -22.67
CA MET NA 135 87.64 -33.52 -21.94
C MET NA 135 88.27 -33.33 -20.56
N ILE NA 136 89.13 -32.33 -20.43
CA ILE NA 136 89.79 -32.05 -19.16
C ILE NA 136 88.79 -31.35 -18.26
N PRO NA 137 88.48 -31.86 -17.08
CA PRO NA 137 87.46 -31.20 -16.24
C PRO NA 137 87.87 -29.79 -15.87
N ALA NA 138 86.92 -28.88 -15.98
CA ALA NA 138 87.16 -27.47 -15.70
C ALA NA 138 85.84 -26.79 -15.40
N LYS NA 139 85.93 -25.63 -14.74
CA LYS NA 139 84.74 -24.85 -14.37
C LYS NA 139 84.89 -23.45 -14.92
N SER NA 140 83.86 -22.96 -15.59
CA SER NA 140 83.87 -21.63 -16.22
C SER NA 140 82.57 -20.93 -15.89
N TYR NA 141 82.65 -19.84 -15.12
CA TYR NA 141 81.50 -19.04 -14.74
C TYR NA 141 80.42 -19.88 -14.08
N GLY NA 142 80.84 -20.72 -13.13
CA GLY NA 142 79.92 -21.51 -12.36
C GLY NA 142 79.42 -22.76 -13.06
N LEU NA 143 79.85 -23.02 -14.28
CA LEU NA 143 79.44 -24.20 -15.02
C LEU NA 143 80.55 -25.24 -14.95
N HIS NA 144 80.22 -26.43 -14.48
CA HIS NA 144 81.16 -27.55 -14.49
C HIS NA 144 81.11 -28.18 -15.86
N GLY NA 145 82.11 -27.91 -16.68
CA GLY NA 145 82.19 -28.43 -18.02
C GLY NA 145 83.55 -29.07 -18.27
N PHE NA 146 84.03 -28.93 -19.49
CA PHE NA 146 85.30 -29.51 -19.87
C PHE NA 146 86.05 -28.60 -20.84
N GLU NA 147 87.36 -28.54 -20.67
CA GLU NA 147 88.25 -28.06 -21.70
C GLU NA 147 88.36 -29.12 -22.79
N TYR NA 148 88.16 -28.71 -24.04
CA TYR NA 148 87.96 -29.61 -25.16
C TYR NA 148 89.28 -29.70 -25.94
N LEU NA 149 90.15 -30.62 -25.53
CA LEU NA 149 91.38 -30.86 -26.25
C LEU NA 149 91.12 -31.82 -27.41
N VAL NA 150 91.73 -31.56 -28.55
CA VAL NA 150 91.62 -32.44 -29.71
C VAL NA 150 93.01 -32.69 -30.29
N PRO NA 151 93.25 -33.86 -30.86
CA PRO NA 151 94.48 -34.07 -31.64
C PRO NA 151 94.39 -33.34 -32.96
N PHE NA 152 95.24 -32.34 -33.14
CA PHE NA 152 95.23 -31.47 -34.32
C PHE NA 152 96.26 -32.01 -35.31
N VAL NA 153 95.77 -32.61 -36.39
CA VAL NA 153 96.64 -33.27 -37.37
C VAL NA 153 97.11 -32.23 -38.39
N THR NA 154 98.43 -32.07 -38.51
CA THR NA 154 99.02 -31.16 -39.47
C THR NA 154 99.54 -31.87 -40.72
N LYS NA 155 100.28 -32.96 -40.55
CA LYS NA 155 100.78 -33.75 -41.66
C LYS NA 155 100.39 -35.21 -41.45
N GLU NA 156 99.98 -35.86 -42.54
CA GLU NA 156 99.65 -37.28 -42.50
C GLU NA 156 99.85 -37.87 -43.89
N ASN NA 157 100.09 -39.18 -43.93
CA ASN NA 157 100.23 -39.89 -45.18
C ASN NA 157 98.86 -40.21 -45.76
N GLU NA 158 98.85 -40.67 -47.01
CA GLU NA 158 97.59 -40.91 -47.71
C GLU NA 158 96.77 -42.00 -47.03
N ASP NA 159 97.43 -43.06 -46.55
CA ASP NA 159 96.71 -44.13 -45.87
C ASP NA 159 96.15 -43.67 -44.52
N GLY NA 160 96.79 -42.68 -43.90
CA GLY NA 160 96.36 -42.19 -42.61
C GLY NA 160 96.90 -42.95 -41.42
N SER NA 161 97.69 -44.00 -41.64
CA SER NA 161 98.27 -44.75 -40.53
C SER NA 161 99.28 -43.91 -39.76
N VAL NA 162 100.07 -43.11 -40.47
CA VAL NA 162 101.11 -42.29 -39.85
C VAL NA 162 100.64 -40.84 -39.85
N GLN NA 163 100.47 -40.28 -38.65
CA GLN NA 163 100.03 -38.90 -38.49
C GLN NA 163 100.92 -38.20 -37.48
N GLU NA 164 101.12 -36.90 -37.71
CA GLU NA 164 101.81 -36.05 -36.76
C GLU NA 164 101.03 -34.75 -36.60
N GLY NA 165 101.13 -34.17 -35.41
CA GLY NA 165 100.41 -32.95 -35.13
C GLY NA 165 100.66 -32.36 -33.76
N LEU NA 166 99.63 -31.77 -33.17
CA LEU NA 166 99.74 -31.09 -31.88
C LEU NA 166 98.46 -31.37 -31.09
N ILE NA 167 98.35 -30.71 -29.94
CA ILE NA 167 97.14 -30.76 -29.12
C ILE NA 167 96.50 -29.37 -29.15
N LEU NA 168 95.22 -29.32 -29.47
CA LEU NA 168 94.51 -28.06 -29.65
C LEU NA 168 93.39 -27.96 -28.62
N ASN NA 169 93.45 -26.93 -27.79
CA ASN NA 169 92.41 -26.65 -26.80
C ASN NA 169 91.34 -25.82 -27.49
N LEU NA 170 90.22 -26.45 -27.83
CA LEU NA 170 89.15 -25.76 -28.53
C LEU NA 170 88.35 -24.83 -27.64
N GLY NA 171 88.55 -24.87 -26.33
CA GLY NA 171 87.86 -24.01 -25.41
C GLY NA 171 86.95 -24.80 -24.48
N PHE NA 172 86.10 -24.06 -23.77
CA PHE NA 172 85.19 -24.65 -22.81
C PHE NA 172 83.97 -25.21 -23.53
N ILE NA 173 83.63 -26.46 -23.21
CA ILE NA 173 82.41 -27.10 -23.70
C ILE NA 173 81.63 -27.58 -22.49
N PRO NA 174 80.33 -27.29 -22.40
CA PRO NA 174 79.57 -27.66 -21.20
C PRO NA 174 79.48 -29.17 -21.02
N ARG NA 175 79.15 -29.57 -19.79
CA ARG NA 175 79.07 -30.98 -19.46
C ARG NA 175 77.94 -31.69 -20.21
N GLU NA 176 76.87 -30.97 -20.52
CA GLU NA 176 75.72 -31.60 -21.17
C GLU NA 176 76.06 -32.05 -22.59
N TYR NA 177 76.89 -31.27 -23.30
CA TYR NA 177 77.18 -31.52 -24.70
C TYR NA 177 78.53 -32.18 -24.91
N ALA NA 178 79.21 -32.60 -23.85
CA ALA NA 178 80.52 -33.23 -24.02
C ALA NA 178 80.45 -34.51 -24.84
N PRO NA 179 79.53 -35.44 -24.60
CA PRO NA 179 79.46 -36.64 -25.46
C PRO NA 179 79.09 -36.29 -26.90
N ILE NA 180 79.73 -36.97 -27.83
CA ILE NA 180 79.53 -36.67 -29.25
C ILE NA 180 78.09 -36.92 -29.65
N TRP NA 181 77.47 -37.97 -29.11
CA TRP NA 181 76.08 -38.26 -29.42
C TRP NA 181 75.12 -37.25 -28.82
N ALA NA 182 75.57 -36.40 -27.90
CA ALA NA 182 74.71 -35.40 -27.30
C ALA NA 182 74.59 -34.14 -28.13
N ARG NA 183 75.36 -34.02 -29.20
CA ARG NA 183 75.40 -32.82 -30.02
C ARG NA 183 74.52 -32.98 -31.26
N ALA NA 184 73.92 -31.87 -31.68
CA ALA NA 184 73.09 -31.83 -32.88
C ALA NA 184 73.90 -31.48 -34.12
N ARG NA 185 75.18 -31.82 -34.14
CA ARG NA 185 76.07 -31.52 -35.24
C ARG NA 185 76.89 -32.75 -35.59
N VAL NA 186 77.34 -32.80 -36.83
CA VAL NA 186 78.38 -33.73 -37.26
C VAL NA 186 79.64 -32.91 -37.42
N GLU NA 187 80.64 -33.19 -36.57
CA GLU NA 187 81.80 -32.32 -36.46
C GLU NA 187 82.59 -32.29 -37.76
N ASN NA 188 83.15 -31.12 -38.06
CA ASN NA 188 83.95 -30.92 -39.26
C ASN NA 188 85.40 -31.26 -38.97
N VAL NA 189 85.93 -32.27 -39.67
CA VAL NA 189 87.29 -32.74 -39.44
C VAL NA 189 88.18 -32.51 -40.65
N GLU NA 190 87.83 -31.53 -41.49
CA GLU NA 190 88.64 -31.20 -42.64
C GLU NA 190 89.68 -30.14 -42.25
N GLU NA 191 90.42 -29.64 -43.23
CA GLU NA 191 91.46 -28.65 -42.97
C GLU NA 191 90.81 -27.32 -42.61
N GLN NA 192 91.13 -26.82 -41.41
CA GLN NA 192 90.64 -25.54 -40.93
C GLN NA 192 91.81 -24.75 -40.38
N THR NA 193 91.69 -23.43 -40.42
CA THR NA 193 92.71 -22.54 -39.88
C THR NA 193 92.25 -22.04 -38.51
N PHE NA 194 93.10 -22.23 -37.50
CA PHE NA 194 92.79 -21.83 -36.15
C PHE NA 194 93.86 -20.87 -35.65
N THR NA 195 93.43 -19.74 -35.10
CA THR NA 195 94.32 -18.78 -34.46
C THR NA 195 94.40 -19.13 -32.98
N CYS NA 196 95.55 -19.66 -32.56
CA CYS NA 196 95.70 -20.17 -31.21
C CYS NA 196 96.95 -19.57 -30.58
N VAL NA 197 96.90 -19.40 -29.26
CA VAL NA 197 98.06 -19.03 -28.48
C VAL NA 197 98.80 -20.29 -28.09
N VAL NA 198 100.07 -20.39 -28.47
CA VAL NA 198 100.92 -21.45 -27.98
C VAL NA 198 101.13 -21.25 -26.48
N THR NA 199 100.81 -22.29 -25.71
CA THR NA 199 100.76 -22.24 -24.26
C THR NA 199 101.36 -23.53 -23.70
N ASP NA 200 102.04 -23.39 -22.56
CA ASP NA 200 102.64 -24.57 -21.93
C ASP NA 200 101.58 -25.56 -21.48
N GLY NA 201 100.43 -25.06 -21.02
CA GLY NA 201 99.41 -25.93 -20.45
C GLY NA 201 99.74 -26.28 -19.02
N LYS NA 202 99.91 -25.27 -18.18
CA LYS NA 202 100.41 -25.46 -16.83
C LYS NA 202 99.28 -25.69 -15.83
N HIS NA 203 98.35 -24.75 -15.72
CA HIS NA 203 97.31 -24.86 -14.70
C HIS NA 203 96.40 -26.05 -14.96
N LEU NA 204 96.25 -26.46 -16.21
CA LEU NA 204 95.50 -27.68 -16.50
C LEU NA 204 96.24 -28.91 -15.98
N SER NA 205 97.57 -28.91 -16.02
CA SER NA 205 98.36 -30.02 -15.53
C SER NA 205 98.50 -30.03 -14.01
N GLU NA 206 98.09 -28.96 -13.33
CA GLU NA 206 98.22 -28.83 -11.89
C GLU NA 206 96.87 -28.64 -11.21
N GLN NA 207 95.80 -29.13 -11.83
CA GLN NA 207 94.46 -28.96 -11.30
C GLN NA 207 93.86 -30.23 -10.73
N GLY NA 208 94.50 -31.38 -10.94
CA GLY NA 208 93.91 -32.64 -10.48
C GLY NA 208 93.75 -32.70 -8.99
N GLY NA 209 94.76 -32.24 -8.25
CA GLY NA 209 94.73 -32.32 -6.81
C GLY NA 209 95.05 -33.72 -6.32
N LEU NA 210 95.09 -33.87 -4.99
CA LEU NA 210 95.36 -35.16 -4.40
C LEU NA 210 94.18 -36.11 -4.60
N PHE NA 211 94.48 -37.40 -4.58
CA PHE NA 211 93.47 -38.46 -4.71
C PHE NA 211 92.74 -38.39 -6.04
N ALA NA 212 93.41 -37.90 -7.08
CA ALA NA 212 92.85 -37.82 -8.42
C ALA NA 212 93.89 -38.31 -9.43
N SER NA 213 93.42 -39.03 -10.44
CA SER NA 213 94.30 -39.56 -11.47
C SER NA 213 93.51 -39.77 -12.76
N ASN NA 214 94.21 -39.70 -13.88
CA ASN NA 214 93.59 -39.89 -15.17
C ASN NA 214 93.47 -41.37 -15.50
N LYS NA 215 92.37 -41.72 -16.18
CA LYS NA 215 92.21 -43.06 -16.75
C LYS NA 215 92.23 -42.92 -18.27
N PRO NA 216 93.38 -43.14 -18.91
CA PRO NA 216 93.42 -43.27 -20.37
C PRO NA 216 93.15 -44.71 -20.79
N CYS NA 217 93.18 -44.96 -22.11
CA CYS NA 217 92.65 -46.18 -22.74
C CYS NA 217 91.14 -46.10 -22.68
N GLU NA 218 90.65 -45.12 -21.93
CA GLU NA 218 89.30 -44.59 -21.96
C GLU NA 218 89.44 -43.09 -21.85
N ASN NA 219 88.38 -42.37 -22.18
CA ASN NA 219 88.41 -40.91 -22.05
C ASN NA 219 88.00 -40.51 -20.63
N GLN NA 220 88.91 -40.72 -19.69
CA GLN NA 220 88.73 -40.23 -18.33
C GLN NA 220 89.92 -39.38 -17.95
N TRP NA 221 89.68 -38.11 -17.67
CA TRP NA 221 90.76 -37.19 -17.37
C TRP NA 221 90.42 -36.37 -16.14
N GLU NA 222 91.45 -36.05 -15.36
CA GLU NA 222 91.36 -35.14 -14.23
C GLU NA 222 92.31 -33.96 -14.34
N TYR NA 223 93.43 -34.13 -15.04
CA TYR NA 223 94.39 -33.06 -15.26
C TYR NA 223 95.09 -33.34 -16.59
N ALA NA 224 95.62 -32.28 -17.19
CA ALA NA 224 96.24 -32.37 -18.50
C ALA NA 224 97.68 -32.88 -18.35
N ASP NA 225 97.80 -34.19 -18.29
CA ASP NA 225 99.11 -34.84 -18.28
C ASP NA 225 99.61 -34.89 -19.72
N LEU NA 226 100.63 -34.09 -20.02
CA LEU NA 226 101.03 -33.89 -21.42
C LEU NA 226 101.50 -35.18 -22.07
N ASP NA 227 102.29 -35.98 -21.35
CA ASP NA 227 102.78 -37.23 -21.95
C ASP NA 227 101.65 -38.19 -22.22
N GLN NA 228 100.69 -38.31 -21.30
CA GLN NA 228 99.56 -39.21 -21.50
C GLN NA 228 98.68 -38.73 -22.65
N LEU NA 229 98.44 -37.43 -22.74
CA LEU NA 229 97.68 -36.89 -23.87
C LEU NA 229 98.39 -37.15 -25.19
N ALA NA 230 99.71 -36.97 -25.22
CA ALA NA 230 100.48 -37.23 -26.43
C ALA NA 230 100.40 -38.71 -26.83
N LYS NA 231 100.49 -39.61 -25.85
CA LYS NA 231 100.35 -41.03 -26.15
C LYS NA 231 98.95 -41.34 -26.68
N HIS NA 232 97.93 -40.69 -26.11
CA HIS NA 232 96.57 -40.91 -26.58
C HIS NA 232 96.39 -40.42 -28.01
N THR NA 233 97.07 -39.33 -28.38
CA THR NA 233 96.96 -38.81 -29.73
C THR NA 233 97.44 -39.81 -30.77
N GLY NA 234 98.54 -40.50 -30.47
CA GLY NA 234 99.10 -41.44 -31.41
C GLY NA 234 100.00 -40.82 -32.46
N PHE NA 235 100.29 -39.53 -32.35
CA PHE NA 235 101.14 -38.86 -33.32
C PHE NA 235 102.58 -39.34 -33.19
N VAL NA 236 103.29 -39.35 -34.32
CA VAL NA 236 104.67 -39.84 -34.32
C VAL NA 236 105.60 -38.86 -33.61
N ASN NA 237 105.39 -37.56 -33.78
CA ASN NA 237 106.25 -36.54 -33.18
C ASN NA 237 105.85 -36.33 -31.73
N GLN NA 238 106.20 -37.33 -30.90
CA GLN NA 238 105.75 -37.33 -29.51
C GLN NA 238 106.30 -36.16 -28.73
N GLU NA 239 107.58 -35.81 -28.96
CA GLU NA 239 108.19 -34.72 -28.20
C GLU NA 239 107.50 -33.39 -28.49
N GLN NA 240 107.22 -33.11 -29.76
CA GLN NA 240 106.57 -31.84 -30.11
C GLN NA 240 105.16 -31.78 -29.55
N VAL NA 241 104.44 -32.89 -29.56
CA VAL NA 241 103.10 -32.92 -28.96
C VAL NA 241 103.18 -32.68 -27.46
N ARG NA 242 104.15 -33.32 -26.80
CA ARG NA 242 104.33 -33.13 -25.36
C ARG NA 242 104.81 -31.73 -25.01
N SER NA 243 105.37 -30.99 -25.98
CA SER NA 243 105.99 -29.70 -25.68
C SER NA 243 104.96 -28.70 -25.15
N CYS NA 244 103.81 -28.60 -25.81
CA CYS NA 244 102.86 -27.53 -25.50
C CYS NA 244 101.49 -27.90 -26.05
N ILE NA 245 100.52 -27.02 -25.79
CA ILE NA 245 99.21 -27.10 -26.41
C ILE NA 245 98.85 -25.72 -26.95
N LEU NA 246 98.00 -25.71 -27.97
CA LEU NA 246 97.60 -24.47 -28.64
C LEU NA 246 96.17 -24.15 -28.22
N GLU NA 247 95.98 -23.07 -27.48
CA GLU NA 247 94.66 -22.70 -26.99
C GLU NA 247 93.97 -21.79 -28.00
N HIS NA 248 92.81 -22.22 -28.49
CA HIS NA 248 92.05 -21.44 -29.45
C HIS NA 248 91.62 -20.12 -28.82
N VAL NA 249 92.06 -19.01 -29.41
CA VAL NA 249 91.90 -17.69 -28.80
C VAL NA 249 91.29 -16.74 -29.81
N ASN NA 250 90.67 -15.69 -29.30
CA ASN NA 250 90.13 -14.60 -30.11
C ASN NA 250 90.98 -13.36 -29.85
N THR NA 251 91.68 -12.90 -30.89
CA THR NA 251 92.63 -11.80 -30.76
C THR NA 251 91.99 -10.42 -30.90
N GLU NA 252 90.67 -10.36 -31.08
CA GLU NA 252 89.96 -9.09 -31.15
C GLU NA 252 89.39 -8.67 -29.80
N THR NA 253 90.06 -9.02 -28.72
CA THR NA 253 89.61 -8.79 -27.36
C THR NA 253 90.68 -8.04 -26.58
N PRO NA 254 90.30 -7.32 -25.52
CA PRO NA 254 91.30 -6.60 -24.72
C PRO NA 254 92.34 -7.54 -24.13
N ASN NA 255 93.57 -7.05 -24.04
CA ASN NA 255 94.71 -7.84 -23.60
C ASN NA 255 94.98 -7.73 -22.10
N ASP NA 256 94.14 -7.01 -21.36
CA ASP NA 256 94.32 -6.92 -19.91
C ASP NA 256 93.78 -8.16 -19.23
N GLU NA 257 94.38 -8.50 -18.08
CA GLU NA 257 93.92 -9.63 -17.29
C GLU NA 257 92.75 -9.28 -16.38
N ARG NA 258 92.29 -8.03 -16.41
CA ARG NA 258 91.15 -7.58 -15.62
C ARG NA 258 89.87 -7.50 -16.43
N ASP NA 259 89.85 -8.10 -17.62
CA ASP NA 259 88.68 -7.97 -18.50
C ASP NA 259 87.46 -8.69 -17.94
N CYS NA 260 87.68 -9.77 -17.18
CA CYS NA 260 86.62 -10.54 -16.54
C CYS NA 260 85.66 -11.18 -17.55
N ARG NA 261 86.07 -11.30 -18.80
CA ARG NA 261 85.38 -12.12 -19.79
C ARG NA 261 86.42 -13.07 -20.36
N HIS NA 262 86.46 -14.29 -19.83
CA HIS NA 262 87.55 -15.21 -20.12
C HIS NA 262 87.30 -16.11 -21.32
N ILE NA 263 86.04 -16.34 -21.68
CA ILE NA 263 85.72 -17.06 -22.90
C ILE NA 263 84.91 -16.14 -23.80
N ASP NA 264 85.13 -16.26 -25.11
CA ASP NA 264 84.52 -15.36 -26.08
C ASP NA 264 83.03 -15.68 -26.20
N ILE NA 265 82.26 -15.12 -25.28
CA ILE NA 265 80.82 -15.30 -25.24
C ILE NA 265 80.16 -13.98 -24.88
N CYS NA 266 78.84 -13.97 -24.95
CA CYS NA 266 78.00 -12.91 -24.40
C CYS NA 266 77.22 -13.48 -23.21
N SER NA 267 76.44 -12.62 -22.57
CA SER NA 267 75.66 -13.08 -21.42
C SER NA 267 74.65 -14.14 -21.82
N ASP NA 268 74.02 -13.97 -22.98
CA ASP NA 268 73.02 -14.93 -23.45
C ASP NA 268 73.63 -16.20 -24.02
N TYR NA 269 74.97 -16.28 -24.08
CA TYR NA 269 75.67 -17.48 -24.58
C TYR NA 269 75.27 -17.81 -26.01
N LYS NA 270 75.04 -16.77 -26.82
CA LYS NA 270 74.58 -16.99 -28.18
C LYS NA 270 75.64 -17.63 -29.08
N GLU NA 271 76.88 -17.73 -28.61
CA GLU NA 271 77.91 -18.41 -29.38
C GLU NA 271 77.66 -19.91 -29.39
N ASP NA 272 78.48 -20.64 -30.14
CA ASP NA 272 78.35 -22.09 -30.28
C ASP NA 272 79.49 -22.78 -29.56
N TYR NA 273 79.16 -23.81 -28.79
CA TYR NA 273 80.18 -24.54 -28.05
C TYR NA 273 81.04 -25.36 -29.01
N PRO NA 274 82.34 -25.53 -28.70
CA PRO NA 274 83.03 -25.00 -27.53
C PRO NA 274 83.33 -23.50 -27.64
N TYR NA 275 83.42 -22.83 -26.50
CA TYR NA 275 83.59 -21.38 -26.48
C TYR NA 275 85.07 -21.05 -26.37
N LYS NA 276 85.61 -20.35 -27.37
CA LYS NA 276 87.03 -20.06 -27.41
C LYS NA 276 87.39 -19.00 -26.37
N PHE NA 277 88.68 -18.93 -26.04
CA PHE NA 277 89.15 -18.00 -25.03
C PHE NA 277 89.34 -16.62 -25.61
N THR NA 278 89.19 -15.62 -24.75
CA THR NA 278 89.65 -14.27 -25.06
C THR NA 278 91.10 -14.13 -24.61
N ARG NA 279 91.74 -13.04 -25.03
CA ARG NA 279 93.13 -12.84 -24.66
C ARG NA 279 93.30 -12.69 -23.15
N SER NA 280 92.25 -12.30 -22.44
CA SER NA 280 92.30 -12.32 -20.98
C SER NA 280 92.15 -13.72 -20.42
N GLY NA 281 91.44 -14.60 -21.13
CA GLY NA 281 91.27 -15.96 -20.65
C GLY NA 281 92.57 -16.76 -20.65
N VAL NA 282 93.41 -16.54 -21.66
CA VAL NA 282 94.70 -17.22 -21.71
C VAL NA 282 95.60 -16.76 -20.56
N LEU NA 283 95.58 -15.46 -20.26
CA LEU NA 283 96.38 -14.92 -19.17
C LEU NA 283 95.90 -15.41 -17.81
N GLN NA 284 94.69 -15.94 -17.73
CA GLN NA 284 94.02 -16.17 -16.46
C GLN NA 284 94.38 -17.55 -15.91
N GLN NA 285 95.03 -17.57 -14.75
CA GLN NA 285 95.25 -18.80 -14.01
C GLN NA 285 94.14 -18.93 -12.98
N PRO NA 286 93.28 -19.94 -13.05
CA PRO NA 286 92.10 -20.01 -12.17
C PRO NA 286 92.52 -20.16 -10.71
N GLY NA 287 92.19 -19.16 -9.90
CA GLY NA 287 92.39 -19.22 -8.47
C GLY NA 287 93.79 -18.89 -7.99
N GLN NA 288 94.73 -18.59 -8.90
CA GLN NA 288 96.10 -18.30 -8.51
C GLN NA 288 96.59 -16.97 -9.07
N MET NA 289 95.68 -16.05 -9.39
CA MET NA 289 96.09 -14.73 -9.82
C MET NA 289 96.65 -13.94 -8.64
N TYR NA 290 97.34 -12.84 -8.96
CA TYR NA 290 98.07 -12.13 -7.92
C TYR NA 290 97.14 -11.51 -6.89
N TRP NA 291 95.92 -11.11 -7.28
CA TRP NA 291 94.99 -10.56 -6.31
C TRP NA 291 94.50 -11.63 -5.35
N ASP NA 292 94.24 -12.85 -5.85
CA ASP NA 292 93.83 -13.94 -4.98
C ASP NA 292 94.92 -14.30 -3.99
N LEU NA 293 96.17 -14.35 -4.46
CA LEU NA 293 97.27 -14.64 -3.54
C LEU NA 293 97.51 -13.52 -2.55
N ASN NA 294 97.29 -12.26 -2.96
CA ASN NA 294 97.39 -11.16 -2.01
C ASN NA 294 96.30 -11.26 -0.94
N LYS NA 295 95.08 -11.62 -1.33
CA LYS NA 295 94.02 -11.80 -0.35
C LYS NA 295 94.36 -12.95 0.61
N SER NA 296 94.89 -14.05 0.08
CA SER NA 296 95.27 -15.16 0.93
C SER NA 296 96.39 -14.76 1.90
N ALA NA 297 97.36 -14.00 1.42
CA ALA NA 297 98.44 -13.53 2.27
C ALA NA 297 97.91 -12.63 3.38
N SER NA 298 97.00 -11.73 3.05
CA SER NA 298 96.41 -10.86 4.07
C SER NA 298 95.64 -11.67 5.10
N TYR NA 299 94.86 -12.65 4.64
CA TYR NA 299 94.08 -13.48 5.57
C TYR NA 299 94.99 -14.26 6.50
N TYR NA 300 96.07 -14.85 5.96
CA TYR NA 300 96.97 -15.63 6.81
C TYR NA 300 97.78 -14.75 7.75
N SER NA 301 98.13 -13.54 7.32
CA SER NA 301 98.78 -12.61 8.24
C SER NA 301 97.85 -12.23 9.40
N LEU NA 302 96.57 -11.99 9.08
CA LEU NA 302 95.60 -11.69 10.14
C LEU NA 302 95.43 -12.88 11.08
N LEU NA 303 95.38 -14.09 10.52
CA LEU NA 303 95.25 -15.28 11.36
C LEU NA 303 96.46 -15.47 12.26
N GLY NA 304 97.66 -15.27 11.72
CA GLY NA 304 98.86 -15.43 12.52
C GLY NA 304 99.00 -14.39 13.61
N LEU NA 305 98.72 -13.12 13.28
CA LEU NA 305 98.85 -12.05 14.26
C LEU NA 305 97.54 -11.86 15.02
N THR OA 125 -33.07 9.97 -19.98
CA THR OA 125 -33.41 10.70 -21.20
C THR OA 125 -32.67 10.13 -22.40
N TYR OA 126 -31.65 9.31 -22.13
CA TYR OA 126 -30.90 8.69 -23.21
C TYR OA 126 -31.78 7.80 -24.06
N TYR OA 127 -32.65 7.02 -23.42
CA TYR OA 127 -33.56 6.14 -24.17
C TYR OA 127 -34.52 6.95 -25.03
N SER OA 128 -35.09 8.02 -24.47
CA SER OA 128 -36.02 8.83 -25.24
C SER OA 128 -35.33 9.49 -26.44
N THR OA 129 -34.14 10.05 -26.22
CA THR OA 129 -33.43 10.70 -27.32
C THR OA 129 -33.03 9.69 -28.40
N ASN OA 130 -32.56 8.51 -27.99
CA ASN OA 130 -32.19 7.50 -28.97
C ASN OA 130 -33.41 7.01 -29.75
N LYS OA 131 -34.54 6.83 -29.07
CA LYS OA 131 -35.76 6.41 -29.75
C LYS OA 131 -36.20 7.47 -30.76
N GLU OA 132 -36.16 8.74 -30.37
CA GLU OA 132 -36.53 9.80 -31.31
C GLU OA 132 -35.58 9.84 -32.49
N ALA OA 133 -34.28 9.71 -32.25
CA ALA OA 133 -33.32 9.73 -33.34
C ALA OA 133 -33.53 8.56 -34.29
N LEU OA 134 -33.82 7.37 -33.76
CA LEU OA 134 -34.07 6.21 -34.60
C LEU OA 134 -35.34 6.40 -35.42
N ILE OA 135 -36.43 6.82 -34.78
CA ILE OA 135 -37.70 6.95 -35.49
C ILE OA 135 -37.60 8.00 -36.57
N GLN OA 136 -36.99 9.14 -36.26
CA GLN OA 136 -36.92 10.24 -37.22
C GLN OA 136 -36.00 9.92 -38.39
N ASN OA 137 -34.84 9.31 -38.12
CA ASN OA 137 -33.76 9.26 -39.09
C ASN OA 137 -33.49 7.84 -39.61
N PHE OA 138 -34.47 6.95 -39.56
CA PHE OA 138 -34.31 5.60 -40.09
C PHE OA 138 -35.27 5.40 -41.26
N GLU OA 139 -34.73 5.02 -42.41
CA GLU OA 139 -35.50 4.62 -43.57
C GLU OA 139 -34.85 3.39 -44.17
N PRO OA 140 -35.64 2.51 -44.79
CA PRO OA 140 -35.05 1.35 -45.47
C PRO OA 140 -34.22 1.78 -46.66
N LEU OA 141 -33.33 0.88 -47.08
CA LEU OA 141 -32.40 1.21 -48.17
C LEU OA 141 -33.14 1.61 -49.44
N ASN OA 142 -34.34 1.08 -49.65
CA ASN OA 142 -35.25 1.49 -50.72
C ASN OA 142 -34.69 1.19 -52.11
N ARG OA 143 -33.58 0.46 -52.21
CA ARG OA 143 -32.99 0.20 -53.52
C ARG OA 143 -32.20 -1.10 -53.46
N LYS OA 144 -31.96 -1.67 -54.63
CA LYS OA 144 -31.09 -2.83 -54.77
C LYS OA 144 -29.65 -2.38 -54.98
N PHE OA 145 -28.72 -3.03 -54.29
CA PHE OA 145 -27.32 -2.71 -54.44
C PHE OA 145 -26.88 -2.88 -55.88
N THR OA 146 -26.19 -1.87 -56.42
CA THR OA 146 -25.77 -1.90 -57.81
C THR OA 146 -24.61 -2.89 -57.99
N GLU OA 147 -24.29 -3.15 -59.25
CA GLU OA 147 -23.20 -4.06 -59.57
C GLU OA 147 -21.87 -3.52 -59.04
N GLU OA 148 -21.64 -2.21 -59.18
CA GLU OA 148 -20.41 -1.62 -58.69
C GLU OA 148 -20.29 -1.73 -57.18
N GLU OA 149 -21.39 -1.49 -56.46
CA GLU OA 149 -21.37 -1.62 -55.01
C GLU OA 149 -21.07 -3.04 -54.59
N VAL OA 150 -21.68 -4.02 -55.25
CA VAL OA 150 -21.43 -5.42 -54.91
C VAL OA 150 -19.98 -5.80 -55.19
N GLU OA 151 -19.44 -5.33 -56.32
CA GLU OA 151 -18.05 -5.61 -56.64
C GLU OA 151 -17.12 -4.98 -55.61
N GLN OA 152 -17.42 -3.75 -55.17
CA GLN OA 152 -16.62 -3.12 -54.12
C GLN OA 152 -16.69 -3.91 -52.82
N PHE OA 153 -17.88 -4.41 -52.48
CA PHE OA 153 -18.03 -5.23 -51.29
C PHE OA 153 -17.19 -6.50 -51.40
N LEU OA 154 -17.18 -7.13 -52.57
CA LEU OA 154 -16.40 -8.35 -52.75
C LEU OA 154 -14.90 -8.06 -52.71
N ARG OA 155 -14.49 -6.84 -53.06
CA ARG OA 155 -13.09 -6.46 -53.02
C ARG OA 155 -12.69 -5.82 -51.69
N ASN OA 156 -13.64 -5.65 -50.76
CA ASN OA 156 -13.31 -5.09 -49.46
C ASN OA 156 -12.46 -6.02 -48.62
N GLU OA 157 -12.29 -7.28 -49.02
CA GLU OA 157 -11.28 -8.13 -48.41
C GLU OA 157 -9.88 -7.58 -48.64
N GLY OA 158 -9.69 -6.78 -49.68
CA GLY OA 158 -8.40 -6.12 -49.91
C GLY OA 158 -8.13 -4.96 -48.98
N ARG OA 159 -9.14 -4.48 -48.26
CA ARG OA 159 -8.91 -3.45 -47.26
C ARG OA 159 -8.13 -4.03 -46.09
N SER OA 160 -7.18 -3.25 -45.58
CA SER OA 160 -6.35 -3.65 -44.46
C SER OA 160 -6.67 -2.78 -43.25
N GLN OA 161 -6.77 -3.41 -42.09
CA GLN OA 161 -7.14 -2.74 -40.85
C GLN OA 161 -5.91 -2.52 -39.98
N GLU OA 162 -5.83 -1.33 -39.39
CA GLU OA 162 -4.76 -0.87 -38.51
C GLU OA 162 -3.44 -0.60 -39.24
N GLU OA 163 -3.37 -0.85 -40.55
CA GLU OA 163 -2.15 -0.57 -41.31
C GLU OA 163 -2.52 -0.47 -42.78
N LYS OA 164 -2.05 0.58 -43.44
CA LYS OA 164 -2.41 0.82 -44.83
C LYS OA 164 -1.81 -0.23 -45.74
N ARG OA 165 -2.55 -0.60 -46.78
CA ARG OA 165 -2.09 -1.58 -47.74
C ARG OA 165 -1.18 -0.94 -48.78
N ASN OA 166 -0.09 -1.62 -49.10
CA ASN OA 166 0.82 -1.16 -50.14
C ASN OA 166 0.27 -1.57 -51.49
N TRP OA 167 -0.29 -0.60 -52.22
CA TRP OA 167 -0.88 -0.85 -53.52
C TRP OA 167 0.22 -0.80 -54.59
N ILE OA 168 0.45 -1.93 -55.25
CA ILE OA 168 1.44 -2.03 -56.32
C ILE OA 168 0.70 -2.16 -57.64
N TYR OA 169 1.18 -1.45 -58.66
CA TYR OA 169 0.51 -1.38 -59.95
C TYR OA 169 1.17 -2.33 -60.93
N ASN OA 170 0.37 -3.23 -61.49
CA ASN OA 170 0.81 -4.14 -62.54
C ASN OA 170 -0.02 -3.87 -63.79
N PRO OA 171 0.55 -3.28 -64.84
CA PRO OA 171 -0.28 -2.88 -66.00
C PRO OA 171 -0.97 -4.03 -66.70
N HIS OA 172 -0.46 -5.25 -66.58
CA HIS OA 172 -1.05 -6.39 -67.28
C HIS OA 172 -2.27 -6.95 -66.57
N ILE OA 173 -2.49 -6.60 -65.30
CA ILE OA 173 -3.65 -7.06 -64.57
C ILE OA 173 -4.60 -5.93 -64.19
N HIS OA 174 -4.13 -4.68 -64.15
CA HIS OA 174 -4.95 -3.55 -63.74
C HIS OA 174 -5.36 -2.65 -64.90
N GLY OA 175 -4.57 -2.60 -65.97
CA GLY OA 175 -4.88 -1.75 -67.08
C GLY OA 175 -4.66 -0.27 -66.75
N SER OA 176 -5.22 0.56 -67.62
CA SER OA 176 -5.18 2.03 -67.47
C SER OA 176 -3.71 2.46 -67.42
N THR OA 177 -3.44 3.52 -66.67
CA THR OA 177 -2.07 3.97 -66.40
C THR OA 177 -1.85 3.97 -64.90
N GLU OA 178 -0.58 4.10 -64.51
CA GLU OA 178 -0.25 4.03 -63.09
C GLU OA 178 -0.89 5.16 -62.30
N GLY OA 179 -0.84 6.38 -62.85
CA GLY OA 179 -1.44 7.51 -62.14
C GLY OA 179 -2.95 7.38 -62.00
N GLU OA 180 -3.63 7.02 -63.10
CA GLU OA 180 -5.08 6.87 -63.06
C GLU OA 180 -5.49 5.73 -62.14
N TRP OA 181 -4.76 4.60 -62.22
CA TRP OA 181 -5.09 3.47 -61.35
C TRP OA 181 -4.89 3.82 -59.89
N LYS OA 182 -3.79 4.52 -59.57
CA LYS OA 182 -3.55 4.89 -58.18
C LYS OA 182 -4.58 5.90 -57.69
N ALA OA 183 -5.00 6.83 -58.55
CA ALA OA 183 -6.05 7.77 -58.16
C ALA OA 183 -7.36 7.03 -57.88
N ASP OA 184 -7.73 6.08 -58.75
CA ASP OA 184 -8.94 5.30 -58.52
C ASP OA 184 -8.85 4.48 -57.24
N ILE OA 185 -7.68 3.89 -56.98
CA ILE OA 185 -7.51 3.10 -55.76
C ILE OA 185 -7.60 3.98 -54.53
N HIS OA 186 -7.00 5.17 -54.58
CA HIS OA 186 -7.11 6.09 -53.45
C HIS OA 186 -8.55 6.50 -53.22
N GLU OA 187 -9.30 6.74 -54.30
CA GLU OA 187 -10.72 7.07 -54.16
C GLU OA 187 -11.50 5.92 -53.55
N LYS OA 188 -11.25 4.70 -54.00
CA LYS OA 188 -12.05 3.54 -53.58
C LYS OA 188 -11.72 3.10 -52.15
N PHE OA 189 -10.46 3.05 -51.78
CA PHE OA 189 -10.03 2.43 -50.53
C PHE OA 189 -9.48 3.43 -49.52
N ASP OA 190 -8.44 4.17 -49.89
CA ASP OA 190 -7.72 4.98 -48.90
C ASP OA 190 -8.57 6.16 -48.42
N SER OA 191 -9.29 6.81 -49.33
CA SER OA 191 -10.08 7.98 -48.95
C SER OA 191 -11.22 7.62 -48.02
N GLY OA 192 -11.66 6.37 -48.01
CA GLY OA 192 -12.80 5.96 -47.22
C GLY OA 192 -14.14 6.30 -47.82
N LYS OA 193 -14.16 6.86 -49.03
CA LYS OA 193 -15.43 7.24 -49.65
C LYS OA 193 -16.19 5.99 -50.07
N ALA OA 194 -17.47 5.97 -49.73
CA ALA OA 194 -18.31 4.81 -49.96
C ALA OA 194 -18.70 4.69 -51.42
N PRO OA 195 -19.07 3.49 -51.87
CA PRO OA 195 -19.49 3.33 -53.28
C PRO OA 195 -20.68 4.19 -53.66
N TRP OA 196 -21.63 4.40 -52.75
CA TRP OA 196 -22.79 5.20 -53.07
C TRP OA 196 -22.48 6.69 -53.17
N GLU OA 197 -21.26 7.11 -52.83
CA GLU OA 197 -20.85 8.49 -52.96
C GLU OA 197 -20.15 8.78 -54.28
N ARG OA 198 -20.05 7.80 -55.17
CA ARG OA 198 -19.44 8.01 -56.49
C ARG OA 198 -20.49 8.49 -57.47
N GLU OA 199 -20.09 9.42 -58.35
CA GLU OA 199 -21.05 10.06 -59.23
C GLU OA 199 -21.67 9.08 -60.22
N HIS OA 200 -20.84 8.22 -60.83
CA HIS OA 200 -21.38 7.24 -61.77
C HIS OA 200 -22.26 6.22 -61.07
N VAL OA 201 -21.91 5.84 -59.85
CA VAL OA 201 -22.76 4.93 -59.07
C VAL OA 201 -24.09 5.61 -58.74
N LYS OA 202 -24.05 6.90 -58.39
CA LYS OA 202 -25.29 7.63 -58.13
C LYS OA 202 -26.16 7.71 -59.38
N ALA OA 203 -25.55 7.94 -60.54
CA ALA OA 203 -26.30 7.97 -61.79
C ALA OA 203 -26.93 6.61 -62.08
N LYS OA 204 -26.18 5.54 -61.85
CA LYS OA 204 -26.72 4.19 -62.04
C LYS OA 204 -27.88 3.93 -61.10
N ILE OA 205 -27.77 4.39 -59.85
CA ILE OA 205 -28.85 4.22 -58.88
C ILE OA 205 -30.10 4.97 -59.35
N LEU OA 206 -29.92 6.22 -59.77
CA LEU OA 206 -31.06 7.02 -60.22
C LEU OA 206 -31.61 6.56 -61.56
N GLU OA 207 -30.87 5.75 -62.31
CA GLU OA 207 -31.37 5.24 -63.58
C GLU OA 207 -32.06 3.89 -63.42
N THR OA 208 -31.42 2.95 -62.71
CA THR OA 208 -31.96 1.60 -62.59
C THR OA 208 -33.20 1.53 -61.72
N ASN OA 209 -33.47 2.56 -60.92
CA ASN OA 209 -34.63 2.59 -60.02
C ASN OA 209 -35.51 3.80 -60.29
N LYS OA 210 -35.65 4.16 -61.57
CA LYS OA 210 -36.48 5.29 -61.93
C LYS OA 210 -37.96 5.01 -61.70
N ALA OA 211 -38.35 3.72 -61.72
CA ALA OA 211 -39.73 3.36 -61.42
C ALA OA 211 -40.09 3.76 -59.99
N LYS OA 212 -39.19 3.54 -59.05
CA LYS OA 212 -39.42 4.00 -57.69
C LYS OA 212 -39.24 5.51 -57.55
N ILE OA 213 -38.43 6.12 -58.42
CA ILE OA 213 -38.32 7.57 -58.44
C ILE OA 213 -39.67 8.19 -58.78
N ASP OA 214 -40.36 7.62 -59.76
CA ASP OA 214 -41.73 8.01 -60.04
C ASP OA 214 -42.63 7.67 -58.86
N ALA OA 215 -43.85 8.22 -58.89
CA ALA OA 215 -44.84 8.05 -57.83
C ALA OA 215 -44.38 8.63 -56.50
N GLY OA 216 -43.40 9.54 -56.54
CA GLY OA 216 -42.98 10.26 -55.34
C GLY OA 216 -42.31 9.46 -54.25
N GLU OA 217 -41.39 8.57 -54.62
CA GLU OA 217 -40.54 7.89 -53.64
C GLU OA 217 -39.09 8.27 -53.90
N GLU OA 218 -38.41 8.73 -52.85
CA GLU OA 218 -37.02 9.16 -52.96
C GLU OA 218 -36.10 8.03 -52.54
N ILE OA 219 -35.07 7.80 -53.35
CA ILE OA 219 -34.14 6.70 -53.11
C ILE OA 219 -33.13 7.11 -52.03
N GLN OA 220 -32.87 6.20 -51.11
CA GLN OA 220 -31.86 6.41 -50.09
C GLN OA 220 -30.54 5.82 -50.55
N LEU OA 221 -29.48 6.62 -50.49
CA LEU OA 221 -28.17 6.19 -51.01
C LEU OA 221 -27.37 5.43 -49.95
N LYS OA 222 -27.09 6.07 -48.82
CA LYS OA 222 -26.29 5.44 -47.78
C LYS OA 222 -27.19 4.63 -46.86
N PRO OA 223 -26.92 3.34 -46.66
CA PRO OA 223 -27.72 2.56 -45.72
C PRO OA 223 -27.58 3.09 -44.30
N PHE OA 224 -28.67 2.98 -43.54
CA PHE OA 224 -28.69 3.50 -42.18
C PHE OA 224 -27.73 2.72 -41.27
N LYS OA 225 -27.13 3.43 -40.33
CA LYS OA 225 -26.24 2.82 -39.35
C LYS OA 225 -26.57 3.31 -37.95
N ASN PA 48 62.11 -103.22 -65.73
CA ASN PA 48 63.50 -103.14 -65.29
C ASN PA 48 63.65 -103.68 -63.87
N ASN PA 49 62.51 -103.95 -63.23
CA ASN PA 49 62.36 -104.42 -61.86
C ASN PA 49 62.72 -103.34 -60.84
N LEU PA 50 63.20 -102.17 -61.28
CA LEU PA 50 63.40 -101.03 -60.39
C LEU PA 50 62.35 -99.93 -60.60
N ARG PA 51 61.62 -99.97 -61.71
CA ARG PA 51 60.57 -99.01 -61.98
C ARG PA 51 59.28 -99.49 -61.34
N LEU PA 52 58.69 -98.65 -60.49
CA LEU PA 52 57.44 -98.99 -59.83
C LEU PA 52 56.30 -98.83 -60.82
N LYS PA 53 55.58 -99.92 -61.08
CA LYS PA 53 54.43 -99.85 -61.95
C LYS PA 53 53.33 -99.03 -61.28
N PRO PA 54 52.46 -98.40 -62.07
CA PRO PA 54 51.42 -97.55 -61.46
C PRO PA 54 50.52 -98.29 -60.48
N TRP PA 55 50.36 -99.60 -60.64
CA TRP PA 55 49.51 -100.41 -59.77
C TRP PA 55 50.32 -101.20 -58.75
N PHE PA 56 51.50 -100.71 -58.37
CA PHE PA 56 52.35 -101.46 -57.46
C PHE PA 56 51.75 -101.60 -56.07
N HIS PA 57 50.76 -100.76 -55.74
CA HIS PA 57 50.12 -100.79 -54.44
C HIS PA 57 48.71 -101.34 -54.47
N TRP PA 58 48.14 -101.59 -55.64
CA TRP PA 58 46.77 -102.04 -55.74
C TRP PA 58 46.60 -103.42 -55.12
N THR PA 59 45.41 -103.65 -54.56
CA THR PA 59 45.05 -104.95 -54.04
C THR PA 59 44.46 -105.80 -55.17
N ASP PA 60 44.18 -107.07 -54.87
CA ASP PA 60 43.62 -107.97 -55.88
C ASP PA 60 42.26 -107.48 -56.35
N GLU PA 61 41.44 -106.98 -55.42
CA GLU PA 61 40.14 -106.44 -55.81
C GLU PA 61 40.29 -105.23 -56.72
N GLU PA 62 41.26 -104.36 -56.43
CA GLU PA 62 41.50 -103.19 -57.27
C GLU PA 62 41.97 -103.59 -58.66
N ARG PA 63 42.87 -104.58 -58.76
CA ARG PA 63 43.32 -105.05 -60.06
C ARG PA 63 42.18 -105.66 -60.87
N SER PA 64 41.37 -106.49 -60.22
CA SER PA 64 40.24 -107.10 -60.91
C SER PA 64 39.23 -106.05 -61.36
N HIS PA 65 38.96 -105.05 -60.52
CA HIS PA 65 38.05 -103.99 -60.92
C HIS PA 65 38.62 -103.17 -62.07
N ALA PA 66 39.92 -102.92 -62.06
CA ALA PA 66 40.53 -102.18 -63.16
C ALA PA 66 40.37 -102.94 -64.47
N ILE PA 67 40.60 -104.24 -64.44
CA ILE PA 67 40.42 -105.05 -65.65
C ILE PA 67 38.96 -105.03 -66.10
N PHE PA 68 38.04 -105.18 -65.14
CA PHE PA 68 36.62 -105.18 -65.49
C PHE PA 68 36.18 -103.86 -66.08
N SER PA 69 36.64 -102.74 -65.51
CA SER PA 69 36.29 -101.43 -66.04
C SER PA 69 36.90 -101.21 -67.41
N ALA PA 70 38.14 -101.66 -67.62
CA ALA PA 70 38.76 -101.53 -68.93
C ALA PA 70 37.99 -102.31 -69.98
N TYR PA 71 37.54 -103.52 -69.64
CA TYR PA 71 36.75 -104.28 -70.60
C TYR PA 71 35.38 -103.66 -70.83
N GLU PA 72 34.75 -103.17 -69.75
CA GLU PA 72 33.43 -102.56 -69.87
C GLU PA 72 33.48 -101.27 -70.66
N LYS PA 73 34.52 -100.47 -70.46
CA LYS PA 73 34.68 -99.21 -71.17
C LYS PA 73 35.28 -99.40 -72.57
N ARG PA 74 35.39 -100.65 -73.03
CA ARG PA 74 35.88 -100.96 -74.38
C ARG PA 74 37.31 -100.50 -74.60
N ILE PA 75 38.11 -100.46 -73.52
CA ILE PA 75 39.54 -100.26 -73.68
C ILE PA 75 40.23 -101.59 -73.94
N LEU PA 76 39.82 -102.65 -73.25
CA LEU PA 76 40.27 -104.00 -73.50
C LEU PA 76 39.27 -104.71 -74.39
N LYS PA 77 39.77 -105.36 -75.45
CA LYS PA 77 38.90 -106.11 -76.33
C LYS PA 77 38.65 -107.50 -75.78
N SER PA 78 37.71 -108.21 -76.39
CA SER PA 78 37.44 -109.58 -75.99
C SER PA 78 38.55 -110.54 -76.39
N GLU PA 79 39.52 -110.08 -77.20
CA GLU PA 79 40.64 -110.90 -77.60
C GLU PA 79 41.73 -110.98 -76.54
N ASP PA 80 41.69 -110.12 -75.52
CA ASP PA 80 42.70 -110.13 -74.47
C ASP PA 80 42.29 -110.96 -73.26
N LEU PA 81 41.00 -111.21 -73.10
CA LEU PA 81 40.43 -111.92 -71.96
C LEU PA 81 40.57 -113.45 -71.97
N PRO PA 82 40.48 -114.14 -73.12
CA PRO PA 82 40.27 -115.60 -73.06
C PRO PA 82 41.31 -116.35 -72.25
N SER PA 83 42.57 -115.90 -72.23
CA SER PA 83 43.55 -116.54 -71.36
C SER PA 83 43.24 -116.26 -69.90
N PHE PA 84 43.20 -114.98 -69.53
CA PHE PA 84 42.96 -114.59 -68.14
C PHE PA 84 41.70 -115.24 -67.60
N LEU PA 85 40.59 -115.11 -68.31
CA LEU PA 85 39.34 -115.72 -67.88
C LEU PA 85 39.52 -117.21 -67.60
N ARG PA 86 40.19 -117.91 -68.52
CA ARG PA 86 40.43 -119.33 -68.31
C ARG PA 86 41.14 -119.56 -66.98
N ALA PA 87 42.24 -118.83 -66.75
CA ALA PA 87 42.94 -118.96 -65.49
C ALA PA 87 42.00 -118.72 -64.32
N ASN PA 88 41.17 -117.69 -64.42
CA ASN PA 88 40.22 -117.38 -63.37
C ASN PA 88 39.40 -118.61 -63.00
N ARG PA 89 38.83 -119.27 -64.02
CA ARG PA 89 38.00 -120.43 -63.73
C ARG PA 89 38.81 -121.50 -63.03
N ILE PA 90 40.02 -121.76 -63.50
CA ILE PA 90 40.87 -122.75 -62.85
C ILE PA 90 41.08 -122.38 -61.40
N ASN PA 91 41.31 -121.10 -61.13
CA ASN PA 91 41.53 -120.65 -59.76
C ASN PA 91 40.32 -121.00 -58.89
N ASN PA 92 39.11 -120.81 -59.42
CA ASN PA 92 37.93 -121.16 -58.65
C ASN PA 92 37.93 -122.65 -58.33
N VAL PA 93 38.23 -123.48 -59.33
CA VAL PA 93 38.30 -124.92 -59.08
C VAL PA 93 39.45 -125.23 -58.13
N SER PA 94 40.49 -124.41 -58.13
CA SER PA 94 41.60 -124.61 -57.22
C SER PA 94 41.26 -124.23 -55.78
N THR PA 95 40.11 -123.60 -55.55
CA THR PA 95 39.75 -123.12 -54.23
C THR PA 95 38.75 -124.04 -53.53
N TRP PA 96 37.67 -124.42 -54.21
CA TRP PA 96 36.60 -125.19 -53.61
C TRP PA 96 36.78 -126.69 -53.78
N VAL PA 97 37.86 -127.14 -54.41
CA VAL PA 97 38.15 -128.56 -54.51
C VAL PA 97 39.28 -128.99 -53.59
N PHE PA 98 40.22 -128.09 -53.27
CA PHE PA 98 41.38 -128.44 -52.46
C PHE PA 98 41.03 -129.16 -51.16
N PRO PA 99 40.10 -128.68 -50.32
CA PRO PA 99 39.78 -129.45 -49.10
C PRO PA 99 39.33 -130.86 -49.41
N LEU PA 100 38.51 -131.03 -50.45
CA LEU PA 100 38.15 -132.37 -50.89
C LEU PA 100 39.41 -133.16 -51.20
N ILE PA 101 40.28 -132.61 -52.05
CA ILE PA 101 41.53 -133.29 -52.38
C ILE PA 101 42.38 -133.50 -51.14
N ALA PA 102 42.28 -132.60 -50.17
CA ALA PA 102 43.08 -132.72 -48.96
C ALA PA 102 42.42 -133.57 -47.90
N LEU PA 103 41.18 -134.03 -48.12
CA LEU PA 103 40.52 -134.77 -47.05
C LEU PA 103 41.04 -136.20 -46.95
N PRO PA 104 41.02 -137.00 -48.02
CA PRO PA 104 41.56 -138.36 -47.89
C PRO PA 104 43.07 -138.41 -47.82
N LEU PA 105 43.76 -137.50 -48.51
CA LEU PA 105 45.22 -137.54 -48.53
C LEU PA 105 45.79 -137.45 -47.13
N PHE PA 106 45.29 -136.51 -46.32
CA PHE PA 106 45.71 -136.44 -44.93
C PHE PA 106 45.36 -137.72 -44.19
N ASN PA 107 44.18 -138.28 -44.45
CA ASN PA 107 43.80 -139.55 -43.85
C ASN PA 107 44.81 -140.64 -44.16
N GLN PA 108 45.56 -140.52 -45.25
CA GLN PA 108 46.58 -141.49 -45.60
C GLN PA 108 47.98 -141.07 -45.19
N SER PA 109 48.20 -139.78 -44.91
CA SER PA 109 49.55 -139.29 -44.68
C SER PA 109 49.75 -138.69 -43.29
N ILE PA 110 48.92 -137.75 -42.88
CA ILE PA 110 49.13 -137.00 -41.65
C ILE PA 110 48.33 -137.58 -40.49
N PHE PA 111 47.08 -137.96 -40.74
CA PHE PA 111 46.20 -138.41 -39.68
C PHE PA 111 46.47 -139.85 -39.25
N LYS PA 112 47.39 -140.54 -39.90
CA LYS PA 112 47.86 -141.85 -39.47
C LYS PA 112 49.20 -141.78 -38.75
N LEU PA 113 49.71 -140.58 -38.49
CA LEU PA 113 50.99 -140.42 -37.82
C LEU PA 113 50.84 -140.68 -36.32
N GLY PA 114 51.97 -140.64 -35.62
CA GLY PA 114 51.95 -140.93 -34.19
C GLY PA 114 51.19 -139.90 -33.37
N PHE PA 115 51.41 -138.61 -33.65
CA PHE PA 115 50.73 -137.56 -32.92
C PHE PA 115 49.22 -137.61 -33.17
N ALA PA 116 48.83 -137.80 -34.43
CA ALA PA 116 47.41 -137.89 -34.75
C ALA PA 116 46.77 -139.11 -34.11
N GLN PA 117 47.45 -140.25 -34.14
CA GLN PA 117 46.90 -141.45 -33.51
C GLN PA 117 46.79 -141.27 -32.00
N ARG PA 118 47.76 -140.60 -31.38
CA ARG PA 118 47.67 -140.31 -29.96
C ARG PA 118 46.45 -139.45 -29.65
N ILE PA 119 46.22 -138.42 -30.46
CA ILE PA 119 45.03 -137.59 -30.28
C ILE PA 119 43.76 -138.41 -30.46
N LEU PA 120 43.75 -139.29 -31.47
CA LEU PA 120 42.57 -140.10 -31.75
C LEU PA 120 42.25 -141.04 -30.61
N LEU PA 121 43.28 -141.64 -30.00
CA LEU PA 121 43.07 -142.68 -29.01
C LEU PA 121 42.90 -142.14 -27.60
N THR PA 122 43.49 -141.00 -27.27
CA THR PA 122 43.47 -140.50 -25.90
C THR PA 122 42.60 -139.26 -25.71
N ARG PA 123 41.77 -138.92 -26.69
CA ARG PA 123 40.93 -137.72 -26.59
C ARG PA 123 39.56 -137.99 -27.19
N PRO PA 124 38.54 -137.25 -26.76
CA PRO PA 124 37.19 -137.50 -27.25
C PRO PA 124 37.08 -137.30 -28.75
N ALA PA 125 36.06 -137.93 -29.33
CA ALA PA 125 35.87 -137.87 -30.78
C ALA PA 125 35.68 -136.44 -31.26
N ILE PA 126 35.13 -135.56 -30.42
CA ILE PA 126 34.96 -134.17 -30.82
C ILE PA 126 36.31 -133.48 -30.94
N GLU PA 127 37.27 -133.81 -30.07
CA GLU PA 127 38.60 -133.25 -30.22
C GLU PA 127 39.30 -133.79 -31.45
N TRP PA 128 39.05 -135.05 -31.81
CA TRP PA 128 39.60 -135.59 -33.05
C TRP PA 128 39.04 -134.85 -34.26
N HIS PA 129 37.72 -134.61 -34.26
CA HIS PA 129 37.13 -133.81 -35.33
C HIS PA 129 37.71 -132.41 -35.37
N CYS PA 130 37.91 -131.81 -34.19
CA CYS PA 130 38.49 -130.47 -34.13
C CYS PA 130 39.90 -130.46 -34.71
N PHE PA 131 40.71 -131.46 -34.37
CA PHE PA 131 42.07 -131.54 -34.90
C PHE PA 131 42.06 -131.69 -36.41
N LYS PA 132 41.21 -132.58 -36.93
CA LYS PA 132 41.16 -132.77 -38.38
C LYS PA 132 40.71 -131.50 -39.08
N ILE PA 133 39.66 -130.86 -38.57
CA ILE PA 133 39.14 -129.65 -39.20
C ILE PA 133 40.16 -128.53 -39.14
N ALA PA 134 40.85 -128.38 -38.01
CA ALA PA 134 41.86 -127.33 -37.88
C ALA PA 134 43.02 -127.57 -38.84
N THR PA 135 43.48 -128.82 -38.97
CA THR PA 135 44.56 -129.11 -39.89
C THR PA 135 44.14 -128.83 -41.34
N VAL PA 136 42.94 -129.27 -41.72
CA VAL PA 136 42.47 -129.06 -43.08
C VAL PA 136 42.29 -127.58 -43.36
N ALA PA 137 41.78 -126.82 -42.38
CA ALA PA 137 41.58 -125.39 -42.58
C ALA PA 137 42.90 -124.64 -42.67
N ALA PA 138 43.89 -125.01 -41.86
CA ALA PA 138 45.20 -124.40 -41.98
C ALA PA 138 45.83 -124.70 -43.33
N SER PA 139 45.71 -125.94 -43.80
CA SER PA 139 46.22 -126.27 -45.12
C SER PA 139 45.48 -125.50 -46.21
N TRP PA 140 44.18 -125.32 -46.05
CA TRP PA 140 43.39 -124.58 -47.02
C TRP PA 140 43.82 -123.12 -47.07
N LEU PA 141 44.05 -122.51 -45.91
CA LEU PA 141 44.50 -121.12 -45.87
C LEU PA 141 45.88 -120.98 -46.51
N ALA PA 142 46.80 -121.91 -46.21
CA ALA PA 142 48.12 -121.88 -46.82
C ALA PA 142 48.02 -122.04 -48.34
N TRP PA 143 47.12 -122.91 -48.79
CA TRP PA 143 46.90 -123.08 -50.23
C TRP PA 143 46.37 -121.81 -50.85
N LEU PA 144 45.41 -121.15 -50.20
CA LEU PA 144 44.84 -119.92 -50.74
C LEU PA 144 45.91 -118.84 -50.87
N ASN PA 145 46.76 -118.70 -49.86
CA ASN PA 145 47.81 -117.69 -49.94
C ASN PA 145 48.86 -118.06 -50.99
N PHE PA 146 49.25 -119.32 -51.05
CA PHE PA 146 50.32 -119.78 -51.94
C PHE PA 146 49.77 -120.91 -52.81
N SER PA 147 49.16 -120.55 -53.93
CA SER PA 147 48.61 -121.50 -54.88
C SER PA 147 49.23 -121.27 -56.25
N PRO PA 148 49.68 -122.31 -56.96
CA PRO PA 148 50.21 -122.09 -58.31
C PRO PA 148 49.19 -121.46 -59.25
N PHE PA 149 47.92 -121.84 -59.12
CA PHE PA 149 46.89 -121.28 -59.98
C PHE PA 149 46.56 -119.85 -59.59
N TYR PA 150 46.63 -119.52 -58.30
CA TYR PA 150 46.51 -118.14 -57.88
C TYR PA 150 47.64 -117.29 -58.44
N ARG PA 151 48.86 -117.82 -58.44
CA ARG PA 151 49.97 -117.10 -59.05
C ARG PA 151 49.76 -116.90 -60.55
N LYS PA 152 49.23 -117.93 -61.23
CA LYS PA 152 48.94 -117.80 -62.66
C LYS PA 152 47.88 -116.73 -62.91
N LEU PA 153 46.85 -116.69 -62.08
CA LEU PA 153 45.82 -115.67 -62.23
C LEU PA 153 46.39 -114.27 -62.01
N GLU PA 154 47.25 -114.12 -61.01
CA GLU PA 154 47.89 -112.83 -60.78
C GLU PA 154 48.79 -112.44 -61.95
N ASN PA 155 49.49 -113.41 -62.54
CA ASN PA 155 50.32 -113.11 -63.70
C ASN PA 155 49.47 -112.67 -64.89
N GLU PA 156 48.33 -113.32 -65.10
CA GLU PA 156 47.45 -112.92 -66.20
C GLU PA 156 46.89 -111.52 -65.98
N LYS PA 157 46.50 -111.21 -64.75
CA LYS PA 157 46.04 -109.85 -64.45
C LYS PA 157 47.15 -108.84 -64.65
N GLU PA 158 48.38 -109.19 -64.28
CA GLU PA 158 49.51 -108.30 -64.50
C GLU PA 158 49.74 -108.07 -65.99
N TYR PA 159 49.60 -109.12 -66.81
CA TYR PA 159 49.75 -108.97 -68.25
C TYR PA 159 48.68 -108.04 -68.82
N LEU PA 160 47.44 -108.20 -68.36
CA LEU PA 160 46.37 -107.31 -68.81
C LEU PA 160 46.65 -105.87 -68.41
N LEU PA 161 47.14 -105.65 -67.19
CA LEU PA 161 47.46 -104.30 -66.76
C LEU PA 161 48.62 -103.71 -67.56
N ASP PA 162 49.60 -104.55 -67.92
CA ASP PA 162 50.69 -104.09 -68.78
C ASP PA 162 50.18 -103.69 -70.16
N THR PA 163 49.24 -104.47 -70.70
CA THR PA 163 48.61 -104.09 -71.97
C THR PA 163 47.89 -102.76 -71.85
N LEU PA 164 47.16 -102.57 -70.74
CA LEU PA 164 46.47 -101.30 -70.52
C LEU PA 164 47.45 -100.14 -70.46
N GLU PA 165 48.56 -100.31 -69.73
CA GLU PA 165 49.56 -99.24 -69.66
C GLU PA 165 50.18 -98.97 -71.02
N SER PA 166 50.36 -100.01 -71.83
CA SER PA 166 50.87 -99.80 -73.18
C SER PA 166 49.85 -99.08 -74.06
N ARG PA 167 48.57 -99.20 -73.76
CA ARG PA 167 47.55 -98.56 -74.58
C ARG PA 167 47.25 -97.13 -74.15
N ILE PA 168 46.91 -96.91 -72.87
CA ILE PA 168 46.50 -95.59 -72.41
C ILE PA 168 47.57 -94.89 -71.58
N GLY PA 169 48.74 -95.52 -71.40
CA GLY PA 169 49.80 -94.84 -70.68
C GLY PA 169 49.51 -94.73 -69.20
N ILE PA 170 49.90 -93.60 -68.61
CA ILE PA 170 49.71 -93.36 -67.19
C ILE PA 170 48.24 -93.26 -66.81
N ASN PA 171 47.34 -93.07 -67.78
CA ASN PA 171 45.91 -93.02 -67.49
C ASN PA 171 45.33 -94.35 -67.06
N VAL PA 172 46.15 -95.39 -66.93
CA VAL PA 172 45.66 -96.66 -66.37
C VAL PA 172 45.24 -96.46 -64.92
N LEU PA 173 45.85 -95.50 -64.23
CA LEU PA 173 45.47 -95.19 -62.86
C LEU PA 173 44.05 -94.62 -62.77
N ASP PA 174 43.51 -94.14 -63.88
CA ASP PA 174 42.14 -93.63 -63.91
C ASP PA 174 41.10 -94.74 -63.89
N LEU PA 175 41.51 -95.99 -64.03
CA LEU PA 175 40.58 -97.12 -63.98
C LEU PA 175 40.25 -97.53 -62.55
N ASN PA 176 40.98 -97.04 -61.56
CA ASN PA 176 40.75 -97.40 -60.16
C ASN PA 176 39.77 -96.43 -59.52
N ASP PA 177 39.06 -96.92 -58.51
CA ASP PA 177 38.08 -96.12 -57.78
C ASP PA 177 38.05 -96.57 -56.33
N ALA PA 178 37.05 -96.11 -55.59
CA ALA PA 178 36.83 -96.55 -54.21
C ALA PA 178 35.84 -97.70 -54.25
N LEU PA 179 36.35 -98.92 -54.22
CA LEU PA 179 35.53 -100.10 -54.42
C LEU PA 179 34.64 -100.34 -53.19
N PRO PA 180 33.50 -101.00 -53.39
CA PRO PA 180 32.69 -101.43 -52.25
C PRO PA 180 33.47 -102.38 -51.36
N ARG PA 181 33.19 -102.30 -50.05
CA ARG PA 181 34.01 -103.00 -49.08
C ARG PA 181 33.94 -104.51 -49.24
N TRP PA 182 32.74 -105.04 -49.49
CA TRP PA 182 32.52 -106.48 -49.48
C TRP PA 182 32.52 -107.11 -50.87
N THR PA 183 32.76 -106.33 -51.92
CA THR PA 183 32.92 -106.89 -53.25
C THR PA 183 34.35 -107.39 -53.41
N THR PA 184 34.51 -108.59 -53.94
CA THR PA 184 35.79 -109.28 -53.93
C THR PA 184 36.39 -109.35 -55.34
N SER PA 185 37.67 -109.73 -55.36
CA SER PA 185 38.37 -109.91 -56.63
C SER PA 185 37.69 -110.98 -57.47
N GLN PA 186 37.26 -112.07 -56.84
CA GLN PA 186 36.52 -113.10 -57.56
C GLN PA 186 35.22 -112.55 -58.11
N GLU PA 187 34.55 -111.68 -57.36
CA GLU PA 187 33.30 -111.11 -57.86
C GLU PA 187 33.54 -110.24 -59.08
N TYR PA 188 34.61 -109.45 -59.07
CA TYR PA 188 34.91 -108.64 -60.25
C TYR PA 188 35.31 -109.50 -61.44
N ASN PA 189 36.05 -110.59 -61.19
CA ASN PA 189 36.38 -111.53 -62.26
C ASN PA 189 35.12 -112.17 -62.83
N ARG PA 190 34.18 -112.51 -61.96
CA ARG PA 190 32.91 -113.08 -62.42
C ARG PA 190 32.11 -112.08 -63.22
N ARG PA 191 32.15 -110.80 -62.83
CA ARG PA 191 31.49 -109.77 -63.62
C ARG PA 191 32.14 -109.63 -64.99
N THR PA 192 33.47 -109.71 -65.05
CA THR PA 192 34.15 -109.67 -66.35
C THR PA 192 33.76 -110.88 -67.20
N GLN PA 193 33.68 -112.06 -66.58
CA GLN PA 193 33.26 -113.25 -67.32
C GLN PA 193 31.83 -113.11 -67.81
N GLN PA 194 30.94 -112.55 -67.00
CA GLN PA 194 29.56 -112.32 -67.41
C GLN PA 194 29.49 -111.36 -68.58
N LEU PA 195 30.28 -110.28 -68.53
CA LEU PA 195 30.30 -109.32 -69.63
C LEU PA 195 30.85 -109.96 -70.90
N TYR PA 196 31.85 -110.82 -70.77
CA TYR PA 196 32.36 -111.55 -71.92
C TYR PA 196 31.30 -112.45 -72.51
N ASN PA 197 30.54 -113.15 -71.66
CA ASN PA 197 29.48 -114.02 -72.15
C ASN PA 197 28.38 -113.21 -72.83
N GLN PA 198 28.07 -112.04 -72.30
CA GLN PA 198 27.03 -111.21 -72.90
C GLN PA 198 27.47 -110.66 -74.25
N ARG PA 199 28.68 -110.12 -74.34
CA ARG PA 199 29.14 -109.53 -75.58
C ARG PA 199 29.48 -110.59 -76.61
N ASN PA 200 30.20 -111.64 -76.20
CA ASN PA 200 30.63 -112.69 -77.13
C ASN PA 200 29.64 -113.85 -77.12
N GLY PA 201 28.40 -113.53 -77.47
CA GLY PA 201 27.38 -114.55 -77.51
C GLY PA 201 26.10 -114.00 -78.08
N PHE PA 202 25.04 -114.79 -77.95
CA PHE PA 202 23.73 -114.36 -78.42
C PHE PA 202 23.22 -113.21 -77.55
N PHE PA 203 22.14 -112.58 -78.02
CA PHE PA 203 21.48 -111.45 -77.38
C PHE PA 203 22.32 -110.18 -77.39
N ALA PA 204 23.52 -110.20 -77.98
CA ALA PA 204 24.32 -108.99 -78.09
C ALA PA 204 23.69 -108.07 -79.14
N GLY PA 205 23.34 -106.86 -78.72
CA GLY PA 205 22.57 -105.96 -79.54
C GLY PA 205 21.08 -106.06 -79.35
N LEU PA 206 20.59 -107.09 -78.67
CA LEU PA 206 19.19 -107.25 -78.33
C LEU PA 206 18.92 -106.97 -76.86
N LEU PA 207 19.70 -107.58 -75.96
CA LEU PA 207 19.58 -107.35 -74.53
C LEU PA 207 20.78 -106.64 -73.93
N TYR PA 208 21.95 -106.72 -74.56
CA TYR PA 208 23.17 -106.17 -74.01
C TYR PA 208 23.89 -105.32 -75.05
N PRO PA 209 24.57 -104.26 -74.62
CA PRO PA 209 25.30 -103.42 -75.58
C PRO PA 209 26.41 -104.21 -76.25
N GLN PA 210 26.66 -103.87 -77.51
CA GLN PA 210 27.67 -104.54 -78.29
C GLN PA 210 29.07 -104.06 -77.91
N GLU PA 211 30.07 -104.85 -78.30
CA GLU PA 211 31.45 -104.52 -77.96
C GLU PA 211 32.02 -103.42 -78.85
N GLU PA 212 31.46 -103.20 -80.04
CA GLU PA 212 31.94 -102.17 -80.93
C GLU PA 212 31.28 -100.85 -80.60
N SER PA 213 32.07 -99.83 -80.32
CA SER PA 213 31.54 -98.52 -79.95
C SER PA 213 31.15 -97.73 -81.19
N SER PA 214 30.08 -96.95 -81.05
CA SER PA 214 29.56 -96.10 -82.12
C SER PA 214 29.51 -94.65 -81.68
N ARG PA 215 30.44 -94.24 -80.83
CA ARG PA 215 30.41 -92.89 -80.30
C ARG PA 215 30.62 -91.87 -81.41
N PRO PA 216 30.00 -90.69 -81.30
CA PRO PA 216 30.16 -89.68 -82.36
C PRO PA 216 31.60 -89.21 -82.46
N LEU PA 217 31.99 -88.81 -83.67
CA LEU PA 217 33.33 -88.30 -83.94
C LEU PA 217 33.29 -86.79 -83.81
N VAL PA 218 33.84 -86.27 -82.70
CA VAL PA 218 33.88 -84.85 -82.43
C VAL PA 218 35.30 -84.48 -81.99
N ASP PA 219 35.53 -83.17 -81.87
CA ASP PA 219 36.79 -82.64 -81.36
C ASP PA 219 36.58 -82.29 -79.89
N ILE PA 220 37.12 -83.12 -79.00
CA ILE PA 220 36.87 -82.95 -77.57
C ILE PA 220 37.45 -81.65 -77.04
N ALA PA 221 38.44 -81.07 -77.74
CA ALA PA 221 38.98 -79.79 -77.31
C ALA PA 221 37.94 -78.68 -77.44
N SER PA 222 37.07 -78.77 -78.45
CA SER PA 222 36.08 -77.73 -78.71
C SER PA 222 34.65 -78.15 -78.41
N PHE PA 223 34.37 -79.45 -78.33
CA PHE PA 223 33.01 -79.90 -78.11
C PHE PA 223 32.54 -79.51 -76.71
N PRO PA 224 31.30 -79.07 -76.55
CA PRO PA 224 30.82 -78.65 -75.22
C PRO PA 224 30.82 -79.81 -74.24
N LYS PA 225 31.09 -79.47 -72.98
CA LYS PA 225 31.18 -80.44 -71.90
C LYS PA 225 30.03 -80.24 -70.91
N ASN PA 226 29.72 -81.32 -70.18
CA ASN PA 226 28.62 -81.26 -69.22
C ASN PA 226 28.97 -80.47 -67.98
N LEU PA 227 30.20 -80.64 -67.48
CA LEU PA 227 30.62 -80.02 -66.22
C LEU PA 227 31.49 -78.80 -66.50
N HIS PA 228 31.20 -77.70 -65.81
CA HIS PA 228 32.07 -76.54 -65.85
C HIS PA 228 33.24 -76.74 -64.89
N LYS PA 229 34.28 -75.93 -65.09
CA LYS PA 229 35.48 -76.08 -64.28
C LYS PA 229 35.22 -75.76 -62.81
N GLU PA 230 34.49 -74.69 -62.53
CA GLU PA 230 34.29 -74.28 -61.14
C GLU PA 230 32.83 -74.12 -60.76
N LYS PA 231 32.01 -73.57 -61.64
CA LYS PA 231 30.63 -73.21 -61.31
C LYS PA 231 29.65 -74.27 -61.82
N LEU PA 232 28.39 -74.09 -61.46
CA LEU PA 232 27.30 -74.88 -62.00
C LEU PA 232 26.69 -74.14 -63.18
N THR PA 233 26.37 -74.89 -64.24
CA THR PA 233 25.85 -74.32 -65.46
C THR PA 233 24.53 -74.98 -65.82
N LYS PA 234 23.65 -74.20 -66.46
CA LYS PA 234 22.38 -74.73 -66.92
C LYS PA 234 22.13 -74.32 -68.37
N CYS QA 24 37.05 -103.95 -7.77
CA CYS QA 24 37.42 -104.90 -6.73
C CYS QA 24 38.36 -105.97 -7.28
N ILE QA 25 39.67 -105.76 -7.09
CA ILE QA 25 40.69 -106.63 -7.63
C ILE QA 25 41.19 -107.54 -6.51
N TYR QA 26 41.02 -108.85 -6.70
CA TYR QA 26 41.42 -109.91 -5.78
C TYR QA 26 40.69 -109.88 -4.44
N GLN QA 27 39.76 -108.94 -4.25
CA GLN QA 27 38.99 -108.84 -3.01
C GLN QA 27 37.52 -108.71 -3.37
N ALA QA 28 36.69 -109.52 -2.73
CA ALA QA 28 35.25 -109.55 -3.02
C ALA QA 28 34.53 -108.68 -2.00
N TYR QA 29 34.32 -107.41 -2.36
CA TYR QA 29 33.59 -106.48 -1.52
C TYR QA 29 32.09 -106.53 -1.80
N GLN QA 30 31.70 -106.38 -3.06
CA GLN QA 30 30.30 -106.37 -3.43
C GLN QA 30 29.68 -107.76 -3.29
N ASN QA 31 28.35 -107.78 -3.30
CA ASN QA 31 27.60 -109.02 -3.18
C ASN QA 31 26.86 -109.28 -4.49
N PRO QA 32 27.34 -110.18 -5.34
CA PRO QA 32 26.67 -110.41 -6.63
C PRO QA 32 25.24 -110.92 -6.51
N LEU QA 33 24.86 -111.47 -5.36
CA LEU QA 33 23.47 -111.89 -5.16
C LEU QA 33 22.52 -110.72 -5.10
N ARG QA 34 23.02 -109.49 -4.97
CA ARG QA 34 22.18 -108.30 -4.81
C ARG QA 34 22.43 -107.29 -5.93
N HIS QA 35 22.90 -107.76 -7.08
CA HIS QA 35 23.16 -106.89 -8.23
C HIS QA 35 22.73 -107.59 -9.51
N ILE QA 36 22.07 -106.83 -10.40
CA ILE QA 36 21.70 -107.38 -11.69
C ILE QA 36 22.95 -107.65 -12.53
N ASN QA 37 23.85 -106.67 -12.60
CA ASN QA 37 25.03 -106.73 -13.46
C ASN QA 37 26.26 -106.47 -12.63
N THR QA 38 27.04 -107.51 -12.37
CA THR QA 38 28.35 -107.35 -11.74
C THR QA 38 29.37 -107.06 -12.83
N GLY QA 39 30.03 -105.91 -12.73
CA GLY QA 39 30.80 -105.41 -13.84
C GLY QA 39 30.58 -103.92 -14.02
N HIS QA 40 29.91 -103.30 -13.06
CA HIS QA 40 29.87 -101.84 -12.99
C HIS QA 40 31.23 -101.26 -12.65
N ASN QA 41 32.13 -102.07 -12.07
CA ASN QA 41 33.49 -101.68 -11.79
C ASN QA 41 34.44 -102.74 -12.34
N PRO QA 42 35.64 -102.35 -12.76
CA PRO QA 42 36.62 -103.33 -13.23
C PRO QA 42 37.03 -104.24 -12.09
N ASN QA 43 36.85 -105.55 -12.28
CA ASN QA 43 37.08 -106.53 -11.22
C ASN QA 43 37.45 -107.86 -11.87
N ASN QA 44 37.95 -108.77 -11.04
CA ASN QA 44 38.26 -110.12 -11.48
C ASN QA 44 37.71 -111.17 -10.52
N VAL QA 45 36.76 -110.79 -9.66
CA VAL QA 45 36.31 -111.67 -8.59
C VAL QA 45 34.79 -111.74 -8.52
N TYR QA 46 34.10 -111.22 -9.54
CA TYR QA 46 32.65 -111.20 -9.54
C TYR QA 46 32.10 -111.91 -10.77
N GLU QA 47 30.96 -112.56 -10.58
CA GLU QA 47 30.23 -113.21 -11.66
C GLU QA 47 28.74 -113.00 -11.45
N ASP QA 48 28.03 -112.69 -12.53
CA ASP QA 48 26.59 -112.48 -12.45
C ASP QA 48 25.88 -113.78 -12.08
N ILE QA 49 24.88 -113.66 -11.22
CA ILE QA 49 24.07 -114.84 -10.86
C ILE QA 49 23.26 -115.31 -12.05
N VAL QA 50 22.66 -114.36 -12.79
CA VAL QA 50 21.97 -114.66 -14.04
C VAL QA 50 22.98 -114.37 -15.14
N MET QA 51 23.58 -115.42 -15.69
CA MET QA 51 24.69 -115.28 -16.63
C MET QA 51 24.13 -114.94 -18.02
N LEU QA 52 24.98 -115.03 -19.04
CA LEU QA 52 24.58 -114.62 -20.38
C LEU QA 52 23.45 -115.49 -20.91
N GLY QA 53 23.54 -116.80 -20.71
CA GLY QA 53 22.54 -117.71 -21.22
C GLY QA 53 21.41 -118.04 -20.27
N ASP QA 54 21.35 -117.40 -19.11
CA ASP QA 54 20.34 -117.70 -18.10
C ASP QA 54 19.16 -116.76 -18.25
N TYR QA 55 17.95 -117.32 -18.26
CA TYR QA 55 16.73 -116.54 -18.39
C TYR QA 55 15.67 -117.07 -17.44
N PRO QA 56 15.40 -116.37 -16.34
CA PRO QA 56 14.27 -116.77 -15.48
C PRO QA 56 12.96 -116.66 -16.24
N VAL QA 57 12.21 -117.77 -16.26
CA VAL QA 57 10.98 -117.85 -17.01
C VAL QA 57 9.90 -118.49 -16.14
N GLN QA 58 8.65 -118.27 -16.54
CA GLN QA 58 7.52 -118.84 -15.82
C GLN QA 58 7.42 -120.34 -16.08
N ASN QA 59 7.19 -121.11 -15.02
CA ASN QA 59 6.81 -122.51 -15.20
C ASN QA 59 5.46 -122.62 -15.90
N ARG QA 60 4.50 -121.80 -15.49
CA ARG QA 60 3.20 -121.70 -16.14
C ARG QA 60 2.98 -120.26 -16.57
N THR QA 61 2.50 -120.07 -17.79
CA THR QA 61 2.15 -118.75 -18.28
C THR QA 61 0.66 -118.51 -18.14
N HIS QA 62 0.25 -117.28 -18.43
CA HIS QA 62 -1.16 -116.90 -18.38
C HIS QA 62 -1.86 -117.13 -19.72
N ASP QA 63 -1.68 -118.33 -20.27
CA ASP QA 63 -2.28 -118.69 -21.55
C ASP QA 63 -3.37 -119.72 -21.30
N LYS QA 64 -4.55 -119.48 -21.87
CA LYS QA 64 -5.67 -120.37 -21.64
C LYS QA 64 -5.41 -121.74 -22.27
N VAL QA 65 -5.77 -122.78 -21.55
CA VAL QA 65 -5.60 -124.15 -21.99
C VAL QA 65 -6.84 -124.57 -22.78
N ILE QA 66 -6.62 -125.33 -23.86
CA ILE QA 66 -7.74 -125.77 -24.69
C ILE QA 66 -8.72 -126.60 -23.86
N SER QA 67 -9.99 -126.53 -24.22
CA SER QA 67 -11.04 -127.18 -23.45
C SER QA 67 -10.82 -128.68 -23.40
N GLN QA 68 -10.92 -129.26 -22.20
CA GLN QA 68 -10.71 -130.68 -21.98
C GLN QA 68 -12.02 -131.45 -21.87
N THR QA 69 -13.07 -130.98 -22.54
CA THR QA 69 -14.36 -131.63 -22.46
C THR QA 69 -14.30 -133.04 -23.03
N TYR QA 70 -13.63 -133.22 -24.16
CA TYR QA 70 -13.61 -134.49 -24.88
C TYR QA 70 -12.32 -135.26 -24.72
N VAL QA 71 -11.36 -134.76 -23.95
CA VAL QA 71 -10.12 -135.51 -23.71
C VAL QA 71 -10.39 -136.84 -23.01
N PRO QA 72 -11.19 -136.91 -21.93
CA PRO QA 72 -11.52 -138.22 -21.37
C PRO QA 72 -12.19 -139.16 -22.36
N ALA QA 73 -13.08 -138.64 -23.21
CA ALA QA 73 -13.73 -139.51 -24.19
C ALA QA 73 -12.75 -140.05 -25.22
N ILE QA 74 -11.86 -139.19 -25.71
CA ILE QA 74 -10.84 -139.62 -26.67
C ILE QA 74 -9.95 -140.68 -26.04
N ALA QA 75 -9.50 -140.44 -24.80
CA ALA QA 75 -8.65 -141.41 -24.12
C ALA QA 75 -9.39 -142.73 -23.91
N ASN QA 76 -10.66 -142.67 -23.51
CA ASN QA 76 -11.42 -143.88 -23.26
C ASN QA 76 -11.58 -144.71 -24.53
N ILE QA 77 -11.92 -144.05 -25.64
CA ILE QA 77 -12.11 -144.79 -26.89
C ILE QA 77 -10.80 -145.40 -27.35
N ALA QA 78 -9.73 -144.61 -27.35
CA ALA QA 78 -8.44 -145.12 -27.82
C ALA QA 78 -7.96 -146.27 -26.95
N PHE QA 79 -8.06 -146.13 -25.63
CA PHE QA 79 -7.57 -147.17 -24.74
C PHE QA 79 -8.45 -148.41 -24.77
N THR QA 80 -9.76 -148.26 -24.98
CA THR QA 80 -10.62 -149.43 -25.14
C THR QA 80 -10.23 -150.21 -26.39
N HIS QA 81 -10.00 -149.51 -27.50
CA HIS QA 81 -9.59 -150.21 -28.71
C HIS QA 81 -8.25 -150.90 -28.52
N LEU QA 82 -7.28 -150.19 -27.92
CA LEU QA 82 -5.95 -150.76 -27.74
C LEU QA 82 -5.97 -151.94 -26.79
N SER QA 83 -6.80 -151.87 -25.74
CA SER QA 83 -6.94 -153.01 -24.84
C SER QA 83 -7.59 -154.19 -25.52
N LYS QA 84 -8.55 -153.94 -26.43
CA LYS QA 84 -9.04 -155.02 -27.27
C LYS QA 84 -7.91 -155.61 -28.12
N LYS QA 85 -6.95 -154.79 -28.52
CA LYS QA 85 -5.82 -155.29 -29.31
C LYS QA 85 -4.63 -155.71 -28.45
N TYR QA 86 -4.30 -154.94 -27.40
CA TYR QA 86 -3.14 -155.18 -26.55
C TYR QA 86 -3.59 -155.34 -25.10
N PRO QA 87 -4.02 -156.53 -24.70
CA PRO QA 87 -4.37 -156.75 -23.30
C PRO QA 87 -3.14 -156.75 -22.41
N GLN QA 88 -3.39 -156.54 -21.11
CA GLN QA 88 -2.34 -156.49 -20.09
C GLN QA 88 -1.35 -155.36 -20.33
N ALA QA 89 -1.77 -154.31 -21.03
CA ALA QA 89 -0.95 -153.14 -21.25
C ALA QA 89 -1.24 -152.03 -20.24
N GLY QA 90 -2.18 -152.22 -19.33
CA GLY QA 90 -2.51 -151.20 -18.36
C GLY QA 90 -3.09 -149.94 -18.96
N LEU QA 91 -3.89 -150.08 -20.01
CA LEU QA 91 -4.45 -148.94 -20.74
C LEU QA 91 -5.88 -148.71 -20.23
N LYS QA 92 -6.00 -147.81 -19.25
CA LYS QA 92 -7.28 -147.43 -18.69
C LYS QA 92 -7.37 -145.91 -18.63
N VAL QA 93 -8.59 -145.40 -18.83
CA VAL QA 93 -8.81 -143.96 -18.75
C VAL QA 93 -8.61 -143.44 -17.34
N ASP QA 94 -8.75 -144.30 -16.32
CA ASP QA 94 -8.49 -143.88 -14.95
C ASP QA 94 -7.02 -143.55 -14.73
N GLN QA 95 -6.11 -144.25 -15.41
CA GLN QA 95 -4.68 -144.01 -15.30
C GLN QA 95 -4.18 -143.04 -16.36
N LEU QA 96 -5.02 -142.09 -16.77
CA LEU QA 96 -4.70 -141.26 -17.92
C LEU QA 96 -3.44 -140.43 -17.70
N ASN QA 97 -3.24 -139.92 -16.48
CA ASN QA 97 -2.05 -139.10 -16.23
C ASN QA 97 -0.78 -139.90 -16.38
N THR QA 98 -0.72 -141.08 -15.74
CA THR QA 98 0.46 -141.92 -15.84
C THR QA 98 0.70 -142.38 -17.28
N LEU QA 99 -0.38 -142.69 -18.00
CA LEU QA 99 -0.22 -143.09 -19.40
C LEU QA 99 0.24 -141.93 -20.26
N LYS QA 100 -0.21 -140.71 -19.96
CA LYS QA 100 0.27 -139.53 -20.67
C LYS QA 100 1.76 -139.34 -20.48
N GLU QA 101 2.24 -139.55 -19.25
CA GLU QA 101 3.67 -139.34 -19.04
C GLU QA 101 4.54 -140.44 -19.66
N LYS QA 102 4.00 -141.41 -20.40
CA LYS QA 102 4.80 -142.49 -20.97
C LYS QA 102 4.55 -142.59 -22.46
N THR QA 103 5.57 -143.05 -23.19
CA THR QA 103 5.47 -143.20 -24.63
C THR QA 103 4.82 -144.54 -24.98
N TRP QA 104 4.58 -144.74 -26.28
CA TRP QA 104 3.96 -145.98 -26.72
C TRP QA 104 4.94 -147.15 -26.70
N ASN QA 105 6.23 -146.89 -26.91
CA ASN QA 105 7.22 -147.96 -26.82
C ASN QA 105 7.29 -148.52 -25.42
N ASP QA 106 7.19 -147.67 -24.40
CA ASP QA 106 7.19 -148.14 -23.01
C ASP QA 106 5.99 -149.04 -22.74
N LEU QA 107 4.83 -148.69 -23.29
CA LEU QA 107 3.64 -149.51 -23.16
C LEU QA 107 3.66 -150.74 -24.06
N GLY QA 108 4.62 -150.83 -24.98
CA GLY QA 108 4.65 -151.92 -25.92
C GLY QA 108 3.49 -151.92 -26.89
N VAL QA 109 3.05 -150.74 -27.31
CA VAL QA 109 1.90 -150.59 -28.19
C VAL QA 109 2.39 -150.00 -29.51
N ASN QA 110 2.01 -150.63 -30.61
CA ASN QA 110 2.32 -150.12 -31.95
C ASN QA 110 1.16 -149.24 -32.38
N ILE QA 111 1.25 -147.95 -32.02
CA ILE QA 111 0.15 -147.03 -32.32
C ILE QA 111 0.01 -146.81 -33.81
N GLU QA 112 1.09 -147.00 -34.59
CA GLU QA 112 1.03 -146.77 -36.02
C GLU QA 112 0.05 -147.72 -36.69
N HIS QA 113 0.05 -148.99 -36.28
CA HIS QA 113 -0.87 -149.96 -36.87
C HIS QA 113 -2.32 -149.67 -36.46
N GLU QA 114 -2.54 -149.29 -35.21
CA GLU QA 114 -3.87 -149.05 -34.67
C GLU QA 114 -4.36 -147.63 -34.89
N LYS QA 115 -3.53 -146.77 -35.49
CA LYS QA 115 -3.87 -145.35 -35.58
C LYS QA 115 -5.14 -145.12 -36.40
N GLN QA 116 -5.28 -145.81 -37.53
CA GLN QA 116 -6.43 -145.57 -38.39
C GLN QA 116 -7.72 -146.09 -37.78
N GLU QA 117 -7.68 -147.27 -37.14
CA GLU QA 117 -8.86 -147.76 -36.45
C GLU QA 117 -9.26 -146.84 -35.30
N ILE QA 118 -8.26 -146.34 -34.57
CA ILE QA 118 -8.55 -145.40 -33.50
C ILE QA 118 -9.19 -144.14 -34.04
N LEU QA 119 -8.68 -143.63 -35.17
CA LEU QA 119 -9.25 -142.43 -35.77
C LEU QA 119 -10.70 -142.67 -36.21
N VAL QA 120 -10.97 -143.83 -36.82
CA VAL QA 120 -12.32 -144.12 -37.27
C VAL QA 120 -13.28 -144.23 -36.09
N GLU QA 121 -12.85 -144.91 -35.03
CA GLU QA 121 -13.71 -145.05 -33.85
C GLU QA 121 -13.93 -143.71 -33.16
N LEU QA 122 -12.90 -142.87 -33.08
CA LEU QA 122 -13.07 -141.54 -32.52
C LEU QA 122 -14.05 -140.71 -33.36
N SER QA 123 -13.95 -140.82 -34.68
CA SER QA 123 -14.89 -140.12 -35.54
C SER QA 123 -16.31 -140.61 -35.34
N GLU QA 124 -16.49 -141.92 -35.19
CA GLU QA 124 -17.85 -142.47 -35.10
C GLU QA 124 -18.49 -142.22 -33.74
N GLN QA 125 -17.74 -142.36 -32.65
CA GLN QA 125 -18.31 -142.46 -31.32
C GLN QA 125 -18.24 -141.15 -30.52
N ILE QA 126 -17.86 -140.04 -31.14
CA ILE QA 126 -17.80 -138.75 -30.45
C ILE QA 126 -18.72 -137.77 -31.16
N PHE QA 127 -19.65 -137.19 -30.41
CA PHE QA 127 -20.55 -136.16 -30.91
C PHE QA 127 -20.18 -134.83 -30.26
N VAL QA 128 -19.86 -133.85 -31.08
CA VAL QA 128 -19.43 -132.53 -30.61
C VAL QA 128 -20.61 -131.59 -30.73
N LYS QA 129 -21.15 -131.14 -29.60
CA LYS QA 129 -22.32 -130.29 -29.60
C LYS QA 129 -21.98 -128.83 -29.87
N GLU QA 130 -20.76 -128.40 -29.58
CA GLU QA 130 -20.35 -127.01 -29.82
C GLU QA 130 -19.72 -126.85 -31.20
N SER QA 131 -20.43 -127.35 -32.21
CA SER QA 131 -19.99 -127.25 -33.60
C SER QA 131 -21.22 -127.01 -34.45
N LYS QA 132 -21.13 -126.07 -35.38
CA LYS QA 132 -22.27 -125.70 -36.21
C LYS QA 132 -22.44 -126.61 -37.42
N LEU QA 133 -21.86 -127.80 -37.39
CA LEU QA 133 -22.05 -128.81 -38.41
C LEU QA 133 -22.85 -129.96 -37.84
N ARG QA 134 -23.81 -130.45 -38.61
CA ARG QA 134 -24.61 -131.58 -38.17
C ARG QA 134 -23.72 -132.79 -37.95
N TRP QA 135 -24.09 -133.62 -36.96
CA TRP QA 135 -23.17 -134.64 -36.47
C TRP QA 135 -22.73 -135.60 -37.57
N VAL QA 136 -23.58 -135.84 -38.57
CA VAL QA 136 -23.16 -136.64 -39.72
C VAL QA 136 -22.03 -135.94 -40.47
N HIS QA 137 -22.29 -134.70 -40.91
CA HIS QA 137 -21.27 -133.93 -41.62
C HIS QA 137 -20.09 -133.63 -40.72
N GLU QA 138 -20.34 -133.30 -39.45
CA GLU QA 138 -19.25 -132.98 -38.54
C GLU QA 138 -18.32 -134.17 -38.34
N GLN QA 139 -18.90 -135.36 -38.13
CA GLN QA 139 -18.09 -136.56 -37.93
C GLN QA 139 -17.34 -136.93 -39.20
N ARG QA 140 -17.98 -136.82 -40.36
CA ARG QA 140 -17.30 -137.15 -41.61
C ARG QA 140 -16.13 -136.20 -41.88
N GLN QA 141 -16.36 -134.89 -41.68
CA GLN QA 141 -15.28 -133.92 -41.86
C GLN QA 141 -14.16 -134.14 -40.86
N ARG QA 142 -14.50 -134.45 -39.61
CA ARG QA 142 -13.47 -134.72 -38.62
C ARG QA 142 -12.67 -135.96 -39.01
N LEU QA 143 -13.34 -137.00 -39.51
CA LEU QA 143 -12.62 -138.18 -39.95
C LEU QA 143 -11.66 -137.85 -41.08
N ALA QA 144 -12.11 -137.07 -42.06
CA ALA QA 144 -11.24 -136.70 -43.17
C ALA QA 144 -10.04 -135.89 -42.69
N HIS QA 145 -10.30 -134.84 -41.91
CA HIS QA 145 -9.23 -133.95 -41.45
C HIS QA 145 -8.22 -134.70 -40.58
N THR QA 146 -8.71 -135.48 -39.62
CA THR QA 146 -7.82 -136.20 -38.73
C THR QA 146 -7.08 -137.31 -39.46
N THR QA 147 -7.73 -137.98 -40.42
CA THR QA 147 -7.03 -138.98 -41.20
C THR QA 147 -5.87 -138.35 -41.96
N TYR QA 148 -6.11 -137.22 -42.63
CA TYR QA 148 -5.04 -136.53 -43.34
C TYR QA 148 -3.90 -136.17 -42.40
N VAL QA 149 -4.22 -135.47 -41.30
CA VAL QA 149 -3.16 -134.95 -40.43
C VAL QA 149 -2.40 -136.08 -39.74
N PHE QA 150 -3.13 -137.03 -39.16
CA PHE QA 150 -2.48 -138.12 -38.43
C PHE QA 150 -1.75 -139.07 -39.37
N SER QA 151 -2.22 -139.22 -40.61
CA SER QA 151 -1.47 -139.99 -41.59
C SER QA 151 -0.15 -139.32 -41.91
N GLY QA 152 -0.13 -137.99 -41.96
CA GLY QA 152 1.13 -137.30 -42.13
C GLY QA 152 2.10 -137.52 -40.99
N LEU QA 153 1.59 -137.68 -39.76
CA LEU QA 153 2.42 -137.65 -38.57
C LEU QA 153 2.86 -139.04 -38.13
N GLU QA 154 3.78 -139.08 -37.17
CA GLU QA 154 4.33 -140.30 -36.60
C GLU QA 154 4.33 -140.16 -35.10
N PHE QA 155 3.57 -141.01 -34.40
CA PHE QA 155 3.37 -140.89 -32.97
C PHE QA 155 4.06 -141.96 -32.15
N GLN QA 156 4.83 -142.86 -32.78
CA GLN QA 156 5.35 -144.02 -32.06
C GLN QA 156 6.35 -143.62 -30.99
N ASN QA 157 7.21 -142.65 -31.27
CA ASN QA 157 8.32 -142.32 -30.38
C ASN QA 157 7.99 -141.20 -29.40
N VAL QA 158 6.74 -140.75 -29.34
CA VAL QA 158 6.37 -139.68 -28.42
C VAL QA 158 5.35 -140.22 -27.41
N LYS QA 159 4.93 -139.36 -26.49
CA LYS QA 159 4.08 -139.78 -25.39
C LYS QA 159 2.63 -139.93 -25.84
N VAL QA 160 1.85 -140.65 -25.01
CA VAL QA 160 0.42 -140.80 -25.27
C VAL QA 160 -0.29 -139.45 -25.17
N GLY QA 161 0.19 -138.61 -24.26
CA GLY QA 161 -0.42 -137.29 -24.09
C GLY QA 161 -0.39 -136.47 -25.37
N PHE QA 162 0.71 -136.57 -26.13
CA PHE QA 162 0.77 -135.82 -27.38
C PHE QA 162 -0.30 -136.30 -28.36
N PHE QA 163 -0.49 -137.61 -28.46
CA PHE QA 163 -1.51 -138.15 -29.36
C PHE QA 163 -2.90 -137.66 -28.97
N ILE QA 164 -3.25 -137.81 -27.68
CA ILE QA 164 -4.60 -137.44 -27.24
C ILE QA 164 -4.81 -135.94 -27.34
N ASP QA 165 -3.82 -135.14 -26.92
CA ASP QA 165 -3.94 -133.69 -26.99
C ASP QA 165 -4.01 -133.21 -28.44
N SER QA 166 -3.27 -133.86 -29.34
CA SER QA 166 -3.33 -133.48 -30.74
C SER QA 166 -4.70 -133.76 -31.34
N TYR QA 167 -5.29 -134.93 -31.02
CA TYR QA 167 -6.63 -135.20 -31.52
C TYR QA 167 -7.64 -134.24 -30.94
N ASN QA 168 -7.54 -133.93 -29.65
CA ASN QA 168 -8.45 -132.96 -29.04
C ASN QA 168 -8.29 -131.59 -29.66
N PHE QA 169 -7.05 -131.20 -29.97
CA PHE QA 169 -6.80 -129.91 -30.61
C PHE QA 169 -7.43 -129.86 -31.99
N LEU QA 170 -7.29 -130.93 -32.78
CA LEU QA 170 -7.90 -130.94 -34.11
C LEU QA 170 -9.42 -130.89 -34.00
N LEU QA 171 -9.99 -131.63 -33.06
CA LEU QA 171 -11.44 -131.61 -32.86
C LEU QA 171 -11.94 -130.21 -32.52
N GLN QA 172 -11.28 -129.56 -31.55
CA GLN QA 172 -11.70 -128.23 -31.14
C GLN QA 172 -11.48 -127.20 -32.24
N GLU QA 173 -10.42 -127.36 -33.03
CA GLU QA 173 -10.16 -126.42 -34.13
C GLU QA 173 -11.20 -126.57 -35.23
N LEU QA 174 -11.61 -127.80 -35.53
CA LEU QA 174 -12.71 -128.00 -36.47
C LEU QA 174 -14.00 -127.40 -35.94
N ALA QA 175 -14.25 -127.55 -34.63
CA ALA QA 175 -15.44 -126.93 -34.04
C ALA QA 175 -15.39 -125.41 -34.14
N HIS QA 176 -14.22 -124.83 -33.93
CA HIS QA 176 -14.07 -123.38 -34.04
C HIS QA 176 -14.28 -122.91 -35.47
N ARG QA 177 -13.72 -123.63 -36.44
CA ARG QA 177 -13.87 -123.24 -37.84
C ARG QA 177 -15.31 -123.39 -38.31
N SER QA 178 -16.04 -124.38 -37.79
CA SER QA 178 -17.44 -124.52 -38.17
C SER QA 178 -18.26 -123.31 -37.77
N ASN QA 179 -17.83 -122.59 -36.73
CA ASN QA 179 -18.47 -121.35 -36.31
C ASN QA 179 -17.78 -120.13 -36.89
N LEU QA 180 -16.86 -120.31 -37.84
CA LEU QA 180 -16.16 -119.22 -38.53
C LEU QA 180 -15.39 -118.35 -37.55
N TYR QA 181 -14.81 -118.98 -36.53
CA TYR QA 181 -13.97 -118.29 -35.54
C TYR QA 181 -14.73 -117.20 -34.81
N GLN QA 182 -16.01 -117.45 -34.53
CA GLN QA 182 -16.83 -116.61 -33.67
C GLN QA 182 -17.60 -117.51 -32.72
N SER QA 183 -18.05 -116.93 -31.62
CA SER QA 183 -18.72 -117.71 -30.59
C SER QA 183 -20.10 -118.14 -31.08
N LYS QA 184 -20.42 -119.41 -30.88
CA LYS QA 184 -21.72 -119.94 -31.28
C LYS QA 184 -22.85 -119.32 -30.46
N ASP QA 185 -22.57 -118.82 -29.27
CA ASP QA 185 -23.60 -118.32 -28.37
C ASP QA 185 -23.85 -116.82 -28.50
N ILE QA 186 -23.03 -116.10 -29.26
CA ILE QA 186 -23.18 -114.67 -29.45
C ILE QA 186 -23.86 -114.43 -30.79
N VAL QA 187 -24.94 -113.65 -30.78
CA VAL QA 187 -25.67 -113.37 -32.02
C VAL QA 187 -24.80 -112.56 -32.97
N GLY QA 188 -24.11 -111.55 -32.47
CA GLY QA 188 -23.22 -110.75 -33.28
C GLY QA 188 -23.94 -109.62 -33.99
N GLU QA 189 -23.14 -108.71 -34.52
CA GLU QA 189 -23.65 -107.55 -35.27
C GLU QA 189 -23.50 -107.80 -36.76
N LYS QA 190 -24.54 -107.46 -37.51
CA LYS QA 190 -24.49 -107.62 -38.97
C LYS QA 190 -23.43 -106.69 -39.56
N SER QA 191 -22.75 -107.19 -40.58
CA SER QA 191 -21.68 -106.43 -41.22
C SER QA 191 -22.27 -105.33 -42.10
N PHE QA 192 -21.38 -104.57 -42.75
CA PHE QA 192 -21.84 -103.53 -43.66
C PHE QA 192 -22.63 -104.10 -44.81
N HIS QA 193 -22.16 -105.22 -45.39
CA HIS QA 193 -22.86 -105.84 -46.50
C HIS QA 193 -24.23 -106.35 -46.09
N GLU QA 194 -24.32 -106.99 -44.91
CA GLU QA 194 -25.60 -107.53 -44.48
C GLU QA 194 -26.61 -106.43 -44.22
N LYS QA 195 -26.20 -105.35 -43.56
CA LYS QA 195 -27.10 -104.23 -43.34
C LYS QA 195 -27.51 -103.58 -44.66
N HIS QA 196 -26.56 -103.44 -45.58
CA HIS QA 196 -26.87 -102.84 -46.88
C HIS QA 196 -27.88 -103.69 -47.63
N LEU QA 197 -27.71 -105.01 -47.63
CA LEU QA 197 -28.64 -105.89 -48.32
C LEU QA 197 -30.00 -105.91 -47.63
N GLU QA 198 -30.02 -105.82 -46.30
CA GLU QA 198 -31.29 -105.76 -45.58
C GLU QA 198 -32.05 -104.49 -45.94
N GLN QA 199 -31.35 -103.36 -46.05
CA GLN QA 199 -32.00 -102.12 -46.43
C GLN QA 199 -32.46 -102.13 -47.88
N GLN QA 200 -31.64 -102.69 -48.78
CA GLN QA 200 -31.92 -102.59 -50.20
C GLN QA 200 -33.04 -103.50 -50.65
N THR QA 201 -33.36 -104.55 -49.89
CA THR QA 201 -34.45 -105.45 -50.25
C THR QA 201 -35.76 -105.10 -49.58
N ALA QA 202 -35.81 -104.01 -48.81
CA ALA QA 202 -37.06 -103.60 -48.20
C ALA QA 202 -38.06 -103.16 -49.28
N PRO QA 203 -39.32 -103.61 -49.18
CA PRO QA 203 -40.30 -103.23 -50.19
C PRO QA 203 -40.54 -101.72 -50.19
N TYR QA 204 -40.77 -101.19 -51.39
CA TYR QA 204 -41.11 -99.78 -51.58
C TYR QA 204 -42.62 -99.63 -51.52
N SER QA 205 -43.12 -98.98 -50.48
CA SER QA 205 -44.54 -98.65 -50.38
C SER QA 205 -44.68 -97.19 -50.83
N GLY QA 206 -45.16 -97.02 -52.06
CA GLY QA 206 -45.23 -95.70 -52.66
C GLY QA 206 -46.25 -94.78 -52.02
N VAL QA 207 -46.59 -93.69 -52.71
CA VAL QA 207 -47.54 -92.72 -52.18
C VAL QA 207 -48.92 -93.39 -52.16
N LYS QA 208 -49.38 -93.74 -50.95
CA LYS QA 208 -50.64 -94.45 -50.80
C LYS QA 208 -51.86 -93.55 -50.99
N SER QA 209 -51.69 -92.23 -50.86
CA SER QA 209 -52.81 -91.33 -51.05
C SER QA 209 -53.21 -91.20 -52.52
N LEU QA 210 -52.31 -91.53 -53.43
CA LEU QA 210 -52.64 -91.47 -54.85
C LEU QA 210 -53.52 -92.64 -55.29
N GLU QA 211 -53.36 -93.80 -54.68
CA GLU QA 211 -54.16 -94.98 -55.01
C GLU QA 211 -55.39 -95.02 -54.10
N GLU QA 212 -56.34 -94.14 -54.40
CA GLU QA 212 -57.60 -94.06 -53.67
C GLU QA 212 -58.75 -93.94 -54.65
N PRO QA 213 -59.95 -94.40 -54.26
CA PRO QA 213 -61.09 -94.34 -55.19
C PRO QA 213 -61.62 -92.94 -55.41
N VAL QA 214 -60.92 -91.93 -54.88
CA VAL QA 214 -61.35 -90.54 -55.08
C VAL QA 214 -61.27 -90.18 -56.55
N SER QA 215 -62.29 -89.48 -57.03
CA SER QA 215 -62.30 -89.05 -58.43
C SER QA 215 -61.15 -88.10 -58.73
N GLN QA 216 -60.64 -87.39 -57.73
CA GLN QA 216 -59.55 -86.45 -57.94
C GLN QA 216 -58.29 -87.13 -58.43
N ASN QA 217 -58.16 -88.44 -58.23
CA ASN QA 217 -57.01 -89.20 -58.71
C ASN QA 217 -57.18 -89.68 -60.14
N LYS QA 218 -58.30 -89.39 -60.78
CA LYS QA 218 -58.53 -89.80 -62.16
C LYS QA 218 -58.01 -88.79 -63.17
N SER QA 219 -57.46 -87.66 -62.71
CA SER QA 219 -56.90 -86.68 -63.62
C SER QA 219 -55.63 -87.23 -64.29
N PHE QA 220 -55.28 -86.62 -65.42
CA PHE QA 220 -54.08 -87.04 -66.13
C PHE QA 220 -52.83 -86.79 -65.29
N ILE QA 221 -52.75 -85.64 -64.63
CA ILE QA 221 -51.59 -85.33 -63.81
C ILE QA 221 -51.51 -86.28 -62.61
N ASN QA 222 -52.63 -86.52 -61.95
CA ASN QA 222 -52.63 -87.45 -60.82
C ASN QA 222 -52.27 -88.87 -61.27
N SER QA 223 -52.78 -89.30 -62.42
CA SER QA 223 -52.44 -90.62 -62.94
C SER QA 223 -50.96 -90.71 -63.29
N LEU QA 224 -50.40 -89.66 -63.88
CA LEU QA 224 -48.99 -89.65 -64.22
C LEU QA 224 -48.13 -89.75 -62.96
N MET QA 225 -48.47 -88.96 -61.94
CA MET QA 225 -47.72 -89.02 -60.68
C MET QA 225 -47.86 -90.39 -60.03
N ARG QA 226 -49.08 -90.96 -60.06
CA ARG QA 226 -49.28 -92.28 -59.49
C ARG QA 226 -48.44 -93.32 -60.21
N ALA QA 227 -48.40 -93.27 -61.54
CA ALA QA 227 -47.59 -94.23 -62.28
C ALA QA 227 -46.12 -94.09 -61.91
N ILE QA 228 -45.58 -92.86 -62.01
CA ILE QA 228 -44.15 -92.66 -61.83
C ILE QA 228 -43.71 -92.88 -60.39
N HIS QA 229 -44.63 -92.85 -59.43
CA HIS QA 229 -44.26 -93.09 -58.04
C HIS QA 229 -44.58 -94.52 -57.59
N ASN QA 230 -45.84 -94.94 -57.70
CA ASN QA 230 -46.19 -96.33 -57.44
C ASN QA 230 -46.08 -97.18 -58.70
N HIS QA 231 -44.93 -97.07 -59.37
CA HIS QA 231 -44.50 -97.96 -60.47
C HIS QA 231 -45.41 -99.14 -60.79
N GLU RA 29 -8.44 -43.71 -71.10
CA GLU RA 29 -7.89 -42.42 -71.43
C GLU RA 29 -8.58 -41.87 -72.68
N MET RA 30 -8.56 -40.54 -72.83
CA MET RA 30 -9.17 -39.91 -73.99
C MET RA 30 -8.50 -40.37 -75.28
N ILE RA 31 -9.32 -40.61 -76.30
CA ILE RA 31 -8.83 -40.84 -77.65
C ILE RA 31 -8.80 -39.50 -78.37
N LEU RA 32 -7.68 -39.21 -79.02
CA LEU RA 32 -7.55 -37.93 -79.70
C LEU RA 32 -8.57 -37.84 -80.85
N PRO RA 33 -9.10 -36.66 -81.11
CA PRO RA 33 -10.18 -36.54 -82.10
C PRO RA 33 -9.82 -37.07 -83.49
N HIS RA 34 -8.57 -36.90 -83.92
CA HIS RA 34 -8.17 -37.41 -85.22
C HIS RA 34 -7.99 -38.93 -85.19
N ASN RA 35 -7.67 -39.49 -84.03
CA ASN RA 35 -7.58 -40.93 -83.86
C ASN RA 35 -8.88 -41.57 -83.38
N ASN RA 36 -9.96 -40.79 -83.28
CA ASN RA 36 -11.23 -41.27 -82.78
C ASN RA 36 -12.07 -41.80 -83.94
N ARG RA 37 -12.40 -43.08 -83.90
CA ARG RA 37 -13.28 -43.70 -84.87
C ARG RA 37 -14.71 -43.60 -84.33
N GLN RA 38 -15.56 -42.83 -85.02
CA GLN RA 38 -16.93 -42.62 -84.55
C GLN RA 38 -17.76 -43.88 -84.84
N LEU RA 39 -17.45 -44.94 -84.09
CA LEU RA 39 -18.22 -46.17 -84.19
C LEU RA 39 -19.65 -45.99 -83.69
N ALA RA 40 -19.82 -45.17 -82.64
CA ALA RA 40 -21.16 -44.85 -82.18
C ALA RA 40 -21.94 -44.12 -83.25
N ARG RA 41 -21.30 -43.19 -83.95
CA ARG RA 41 -21.98 -42.49 -85.05
C ARG RA 41 -22.30 -43.45 -86.20
N GLN RA 42 -21.39 -44.39 -86.48
CA GLN RA 42 -21.65 -45.36 -87.54
C GLN RA 42 -22.86 -46.20 -87.22
N TYR RA 43 -22.98 -46.66 -85.97
CA TYR RA 43 -24.18 -47.42 -85.59
C TYR RA 43 -25.41 -46.53 -85.60
N PHE RA 44 -25.28 -45.27 -85.18
CA PHE RA 44 -26.42 -44.37 -85.15
C PHE RA 44 -26.98 -44.13 -86.54
N ASP RA 45 -26.10 -43.97 -87.54
CA ASP RA 45 -26.55 -43.76 -88.91
C ASP RA 45 -27.26 -44.98 -89.47
N SER RA 46 -26.93 -46.17 -88.97
CA SER RA 46 -27.56 -47.39 -89.46
C SER RA 46 -28.89 -47.68 -88.79
N LEU RA 47 -29.31 -46.85 -87.84
CA LEU RA 47 -30.58 -47.08 -87.17
C LEU RA 47 -31.75 -46.74 -88.09
N PRO RA 48 -32.92 -47.33 -87.85
CA PRO RA 48 -34.12 -46.92 -88.58
C PRO RA 48 -34.51 -45.49 -88.24
N GLU RA 49 -35.25 -44.87 -89.16
CA GLU RA 49 -35.66 -43.49 -88.97
C GLU RA 49 -36.54 -43.34 -87.73
N ASN RA 50 -37.48 -44.27 -87.54
CA ASN RA 50 -38.36 -44.25 -86.37
C ASN RA 50 -37.72 -45.10 -85.27
N ASP RA 51 -36.77 -44.49 -84.57
CA ASP RA 51 -36.01 -45.18 -83.53
C ASP RA 51 -35.96 -44.33 -82.27
N ILE RA 52 -35.95 -45.01 -81.13
CA ILE RA 52 -35.92 -44.32 -79.84
C ILE RA 52 -34.59 -43.58 -79.65
N ASN RA 53 -33.49 -44.14 -80.15
CA ASN RA 53 -32.20 -43.45 -80.03
C ASN RA 53 -32.19 -42.17 -80.87
N ARG RA 54 -32.78 -42.21 -82.06
CA ARG RA 54 -32.91 -40.99 -82.85
C ARG RA 54 -33.84 -39.99 -82.18
N LYS RA 55 -34.89 -40.47 -81.50
CA LYS RA 55 -35.73 -39.58 -80.72
C LYS RA 55 -34.94 -38.91 -79.60
N TYR RA 56 -34.07 -39.67 -78.94
CA TYR RA 56 -33.20 -39.11 -77.91
C TYR RA 56 -32.26 -38.07 -78.51
N TYR RA 57 -31.75 -38.34 -79.70
CA TYR RA 57 -30.82 -37.42 -80.36
C TYR RA 57 -31.44 -36.07 -80.65
N GLU RA 58 -32.76 -35.99 -80.70
CA GLU RA 58 -33.47 -34.74 -81.00
C GLU RA 58 -33.85 -33.95 -79.76
N GLY RA 59 -33.49 -34.43 -78.56
CA GLY RA 59 -33.76 -33.68 -77.35
C GLY RA 59 -34.69 -34.36 -76.38
N LEU RA 60 -35.09 -35.60 -76.67
CA LEU RA 60 -35.95 -36.34 -75.76
C LEU RA 60 -35.21 -36.63 -74.45
N LYS RA 61 -35.91 -36.49 -73.34
CA LYS RA 61 -35.33 -36.68 -72.01
C LYS RA 61 -35.76 -38.03 -71.46
N TYR RA 62 -34.81 -38.77 -70.92
CA TYR RA 62 -35.07 -40.05 -70.27
C TYR RA 62 -35.14 -39.84 -68.77
N GLU RA 63 -36.26 -40.22 -68.16
CA GLU RA 63 -36.46 -40.10 -66.73
C GLU RA 63 -36.60 -41.50 -66.13
N THR RA 64 -35.78 -41.78 -65.12
CA THR RA 64 -35.87 -43.06 -64.43
C THR RA 64 -37.23 -43.18 -63.74
N PRO RA 65 -37.90 -44.32 -63.82
CA PRO RA 65 -39.19 -44.47 -63.15
C PRO RA 65 -39.07 -44.28 -61.65
N LYS RA 66 -40.08 -43.64 -61.06
CA LYS RA 66 -40.14 -43.43 -59.63
C LYS RA 66 -41.21 -44.27 -58.93
N THR RA 67 -42.30 -44.58 -59.60
CA THR RA 67 -43.32 -45.43 -59.03
C THR RA 67 -42.81 -46.86 -58.91
N PHE RA 68 -43.33 -47.58 -57.91
CA PHE RA 68 -42.95 -48.98 -57.74
C PHE RA 68 -43.40 -49.81 -58.94
N PHE RA 69 -44.61 -49.56 -59.43
CA PHE RA 69 -45.10 -50.28 -60.60
C PHE RA 69 -44.26 -49.95 -61.83
N GLY RA 70 -43.87 -48.69 -61.99
CA GLY RA 70 -43.02 -48.32 -63.10
C GLY RA 70 -41.65 -48.98 -63.03
N ARG RA 71 -41.06 -49.03 -61.84
CA ARG RA 71 -39.78 -49.70 -61.68
C ARG RA 71 -39.90 -51.20 -61.95
N PHE RA 72 -40.98 -51.81 -61.48
CA PHE RA 72 -41.17 -53.24 -61.70
C PHE RA 72 -41.34 -53.56 -63.19
N LEU RA 73 -42.08 -52.71 -63.91
CA LEU RA 73 -42.21 -52.91 -65.35
C LEU RA 73 -40.90 -52.65 -66.07
N ASN RA 74 -40.11 -51.68 -65.58
CA ASN RA 74 -38.89 -51.27 -66.26
C ASN RA 74 -37.75 -52.27 -66.09
N GLN RA 75 -37.78 -53.10 -65.04
CA GLN RA 75 -36.66 -54.00 -64.79
C GLN RA 75 -36.54 -55.10 -65.84
N PHE RA 76 -37.55 -55.28 -66.69
CA PHE RA 76 -37.49 -56.26 -67.76
C PHE RA 76 -36.79 -55.75 -69.01
N ASN RA 77 -36.54 -54.44 -69.10
CA ASN RA 77 -35.82 -53.88 -70.23
C ASN RA 77 -34.31 -53.91 -70.05
N ILE RA 78 -33.83 -54.29 -68.86
CA ILE RA 78 -32.41 -54.20 -68.54
C ILE RA 78 -31.56 -54.81 -69.64
N ASP RA 79 -31.76 -56.10 -69.90
CA ASP RA 79 -30.97 -56.79 -70.91
C ASP RA 79 -31.08 -56.09 -72.25
N ALA RA 80 -32.30 -55.72 -72.65
CA ALA RA 80 -32.50 -55.02 -73.90
C ALA RA 80 -31.61 -53.77 -73.95
N LYS RA 81 -31.66 -52.96 -72.89
CA LYS RA 81 -30.83 -51.76 -72.85
C LYS RA 81 -29.38 -52.11 -73.08
N LEU RA 82 -28.89 -53.16 -72.41
CA LEU RA 82 -27.49 -53.52 -72.56
C LEU RA 82 -27.16 -53.82 -74.02
N ASP RA 83 -28.05 -54.54 -74.69
CA ASP RA 83 -27.82 -54.85 -76.11
C ASP RA 83 -27.60 -53.56 -76.88
N THR RA 84 -28.47 -52.58 -76.68
CA THR RA 84 -28.31 -51.31 -77.38
C THR RA 84 -26.96 -50.69 -77.08
N LEU RA 85 -26.56 -50.69 -75.80
CA LEU RA 85 -25.25 -50.17 -75.45
C LEU RA 85 -24.16 -50.99 -76.13
N SER RA 86 -24.31 -52.31 -76.15
CA SER RA 86 -23.32 -53.16 -76.79
C SER RA 86 -23.22 -52.88 -78.29
N LYS RA 87 -24.22 -52.25 -78.87
CA LYS RA 87 -24.17 -51.87 -80.27
C LYS RA 87 -23.73 -50.43 -80.48
N PHE RA 88 -23.80 -49.60 -79.45
CA PHE RA 88 -23.31 -48.23 -79.53
C PHE RA 88 -21.85 -48.15 -79.12
N TYR RA 89 -21.54 -48.61 -77.91
CA TYR RA 89 -20.20 -48.58 -77.35
C TYR RA 89 -19.75 -50.02 -77.13
N THR RA 90 -19.23 -50.63 -78.19
CA THR RA 90 -18.87 -52.04 -78.13
C THR RA 90 -17.58 -52.26 -77.35
N TYR RA 91 -16.61 -51.35 -77.48
CA TYR RA 91 -15.30 -51.51 -76.89
C TYR RA 91 -15.10 -50.65 -75.64
N GLN RA 92 -16.14 -49.96 -75.17
CA GLN RA 92 -16.06 -49.23 -73.92
C GLN RA 92 -15.81 -50.20 -72.77
N LYS RA 93 -14.84 -49.87 -71.92
CA LYS RA 93 -14.42 -50.80 -70.87
C LYS RA 93 -15.55 -51.11 -69.90
N THR RA 94 -16.30 -50.09 -69.48
CA THR RA 94 -17.38 -50.32 -68.53
C THR RA 94 -18.49 -51.16 -69.14
N ILE RA 95 -18.84 -50.90 -70.41
CA ILE RA 95 -19.88 -51.70 -71.06
C ILE RA 95 -19.42 -53.14 -71.21
N ARG RA 96 -18.16 -53.36 -71.61
CA ARG RA 96 -17.65 -54.71 -71.75
C ARG RA 96 -17.64 -55.45 -70.42
N ALA RA 97 -17.20 -54.76 -69.35
CA ALA RA 97 -17.17 -55.38 -68.04
C ALA RA 97 -18.58 -55.68 -67.54
N THR RA 98 -19.54 -54.80 -67.82
CA THR RA 98 -20.92 -55.07 -67.45
C THR RA 98 -21.45 -56.29 -68.18
N GLN RA 99 -21.15 -56.41 -69.48
CA GLN RA 99 -21.59 -57.57 -70.24
C GLN RA 99 -20.97 -58.85 -69.68
N ALA RA 100 -19.66 -58.82 -69.41
CA ALA RA 100 -18.99 -60.01 -68.91
C ALA RA 100 -19.52 -60.43 -67.55
N GLU RA 101 -19.68 -59.47 -66.64
CA GLU RA 101 -20.18 -59.77 -65.30
C GLU RA 101 -21.62 -60.26 -65.35
N LEU RA 102 -22.46 -59.65 -66.19
CA LEU RA 102 -23.84 -60.11 -66.31
C LEU RA 102 -23.90 -61.52 -66.87
N GLN RA 103 -23.07 -61.82 -67.87
CA GLN RA 103 -23.06 -63.16 -68.44
C GLN RA 103 -22.62 -64.19 -67.41
N GLU RA 104 -21.55 -63.89 -66.67
CA GLU RA 104 -21.05 -64.84 -65.68
C GLU RA 104 -22.03 -65.01 -64.52
N ASP RA 105 -22.66 -63.92 -64.08
CA ASP RA 105 -23.66 -64.02 -63.03
C ASP RA 105 -24.88 -64.82 -63.49
N ARG RA 106 -25.32 -64.60 -64.74
CA ARG RA 106 -26.43 -65.39 -65.26
C ARG RA 106 -26.07 -66.87 -65.30
N LYS RA 107 -24.86 -67.18 -65.78
CA LYS RA 107 -24.45 -68.59 -65.84
C LYS RA 107 -24.39 -69.21 -64.45
N SER RA 108 -23.79 -68.50 -63.49
CA SER RA 108 -23.64 -69.04 -62.14
C SER RA 108 -24.99 -69.23 -61.47
N TYR RA 109 -25.87 -68.22 -61.55
CA TYR RA 109 -27.18 -68.32 -60.92
C TYR RA 109 -28.03 -69.39 -61.60
N LEU RA 110 -27.96 -69.50 -62.92
CA LEU RA 110 -28.71 -70.55 -63.61
C LEU RA 110 -28.22 -71.93 -63.20
N THR RA 111 -26.90 -72.12 -63.12
CA THR RA 111 -26.38 -73.41 -62.70
C THR RA 111 -26.79 -73.73 -61.26
N ASN RA 112 -26.74 -72.73 -60.37
CA ASN RA 112 -27.15 -72.96 -58.99
C ASN RA 112 -28.63 -73.30 -58.90
N SER RA 113 -29.48 -72.59 -59.65
CA SER RA 113 -30.91 -72.88 -59.63
C SER RA 113 -31.19 -74.25 -60.20
N LEU RA 114 -30.49 -74.64 -61.27
CA LEU RA 114 -30.70 -75.96 -61.84
C LEU RA 114 -30.23 -77.06 -60.90
N LEU RA 115 -29.12 -76.83 -60.19
CA LEU RA 115 -28.66 -77.80 -59.20
C LEU RA 115 -29.66 -77.92 -58.06
N PHE RA 116 -30.21 -76.79 -57.60
CA PHE RA 116 -31.23 -76.84 -56.55
C PHE RA 116 -32.46 -77.59 -57.03
N THR RA 117 -32.89 -77.33 -58.26
CA THR RA 117 -34.05 -78.02 -58.81
C THR RA 117 -33.79 -79.51 -58.94
N ALA RA 118 -32.60 -79.89 -59.40
CA ALA RA 118 -32.28 -81.31 -59.54
C ALA RA 118 -32.24 -81.99 -58.18
N VAL RA 119 -31.64 -81.35 -57.18
CA VAL RA 119 -31.60 -81.95 -55.84
C VAL RA 119 -33.00 -82.07 -55.27
N SER RA 120 -33.83 -81.02 -55.44
CA SER RA 120 -35.20 -81.07 -54.92
C SER RA 120 -36.01 -82.17 -55.59
N TRP RA 121 -35.92 -82.27 -56.92
CA TRP RA 121 -36.68 -83.29 -57.63
C TRP RA 121 -36.20 -84.69 -57.26
N PHE RA 122 -34.88 -84.88 -57.15
CA PHE RA 122 -34.35 -86.17 -56.73
C PHE RA 122 -34.84 -86.53 -55.34
N SER RA 123 -34.82 -85.58 -54.41
CA SER RA 123 -35.27 -85.85 -53.05
C SER RA 123 -36.76 -86.19 -53.03
N ILE RA 124 -37.57 -85.40 -53.73
CA ILE RA 124 -39.01 -85.65 -53.73
C ILE RA 124 -39.33 -87.00 -54.32
N TYR RA 125 -38.66 -87.36 -55.42
CA TYR RA 125 -38.91 -88.65 -56.04
C TYR RA 125 -38.47 -89.79 -55.13
N GLN RA 126 -37.26 -89.71 -54.56
CA GLN RA 126 -36.74 -90.80 -53.75
C GLN RA 126 -37.54 -90.98 -52.48
N PHE RA 127 -37.97 -89.88 -51.85
CA PHE RA 127 -38.76 -90.00 -50.63
C PHE RA 127 -40.20 -90.40 -50.91
N ALA RA 128 -40.75 -89.98 -52.04
CA ALA RA 128 -42.12 -90.37 -52.39
C ALA RA 128 -42.22 -91.85 -52.77
N ARG RA 129 -41.12 -92.45 -53.24
CA ARG RA 129 -41.13 -93.88 -53.52
C ARG RA 129 -41.35 -94.69 -52.25
N LYS RA 130 -40.95 -94.15 -51.09
CA LYS RA 130 -41.19 -94.78 -49.81
C LYS RA 130 -42.38 -94.18 -49.07
N GLY RA 131 -43.18 -93.34 -49.75
CA GLY RA 131 -44.37 -92.77 -49.16
C GLY RA 131 -44.15 -91.54 -48.32
N ALA RA 132 -42.90 -91.08 -48.18
CA ALA RA 132 -42.59 -89.92 -47.35
C ALA RA 132 -42.70 -88.67 -48.22
N VAL RA 133 -43.88 -88.06 -48.22
CA VAL RA 133 -44.14 -86.84 -48.96
C VAL RA 133 -44.20 -85.69 -47.96
N LEU RA 134 -43.36 -84.69 -48.17
CA LEU RA 134 -43.27 -83.57 -47.24
C LEU RA 134 -44.56 -82.76 -47.27
N PRO RA 135 -45.22 -82.55 -46.14
CA PRO RA 135 -46.52 -81.83 -46.14
C PRO RA 135 -46.36 -80.32 -46.24
N VAL RA 136 -45.97 -79.86 -47.43
CA VAL RA 136 -45.72 -78.44 -47.64
C VAL RA 136 -46.96 -77.72 -48.16
N LEU RA 137 -47.65 -78.31 -49.13
CA LEU RA 137 -48.82 -77.72 -49.74
C LEU RA 137 -50.05 -78.57 -49.42
N ARG RA 138 -51.21 -78.09 -49.84
CA ARG RA 138 -52.41 -78.89 -49.64
C ARG RA 138 -52.40 -80.10 -50.56
N GLU RA 139 -53.19 -81.11 -50.19
CA GLU RA 139 -53.03 -82.43 -50.79
C GLU RA 139 -53.43 -82.44 -52.26
N TYR RA 140 -54.70 -82.15 -52.55
CA TYR RA 140 -55.25 -82.30 -53.89
C TYR RA 140 -55.65 -80.98 -54.52
N GLY RA 141 -54.85 -79.95 -54.32
CA GLY RA 141 -55.11 -78.68 -54.98
C GLY RA 141 -56.45 -78.08 -54.57
N ARG RA 142 -56.80 -77.01 -55.27
CA ARG RA 142 -58.07 -76.37 -54.98
C ARG RA 142 -58.94 -76.17 -56.22
N TYR RA 143 -58.35 -75.84 -57.36
CA TYR RA 143 -59.11 -75.59 -58.59
C TYR RA 143 -59.07 -76.78 -59.55
N PHE RA 144 -57.86 -77.18 -59.94
CA PHE RA 144 -57.69 -78.26 -60.93
C PHE RA 144 -57.48 -79.62 -60.29
N GLY RA 145 -57.36 -79.69 -58.97
CA GLY RA 145 -57.20 -80.98 -58.32
C GLY RA 145 -55.84 -81.62 -58.48
N THR RA 146 -54.83 -80.85 -58.88
CA THR RA 146 -53.48 -81.40 -59.00
C THR RA 146 -52.95 -81.81 -57.64
N HIS RA 147 -52.08 -82.81 -57.64
CA HIS RA 147 -51.61 -83.39 -56.39
C HIS RA 147 -50.42 -82.61 -55.84
N ARG RA 148 -50.19 -82.80 -54.54
CA ARG RA 148 -49.11 -82.10 -53.85
C ARG RA 148 -47.75 -82.44 -54.47
N LEU RA 149 -47.57 -83.67 -54.93
CA LEU RA 149 -46.31 -84.03 -55.58
C LEU RA 149 -46.07 -83.19 -56.82
N PHE RA 150 -47.09 -83.08 -57.69
CA PHE RA 150 -46.92 -82.29 -58.91
C PHE RA 150 -46.69 -80.83 -58.59
N ARG RA 151 -47.44 -80.28 -57.63
CA ARG RA 151 -47.25 -78.87 -57.31
C ARG RA 151 -45.90 -78.61 -56.65
N GLN RA 152 -45.39 -79.56 -55.85
CA GLN RA 152 -44.05 -79.42 -55.29
C GLN RA 152 -42.98 -79.45 -56.38
N TYR RA 153 -43.13 -80.35 -57.36
CA TYR RA 153 -42.20 -80.37 -58.49
C TYR RA 153 -42.24 -79.03 -59.23
N LEU RA 154 -43.44 -78.54 -59.52
CA LEU RA 154 -43.58 -77.28 -60.24
C LEU RA 154 -42.96 -76.12 -59.48
N HIS RA 155 -43.19 -76.06 -58.16
CA HIS RA 155 -42.65 -74.96 -57.37
C HIS RA 155 -41.12 -75.04 -57.28
N THR RA 156 -40.59 -76.23 -56.98
CA THR RA 156 -39.14 -76.37 -56.90
C THR RA 156 -38.46 -76.16 -58.25
N LEU RA 157 -39.21 -76.23 -59.35
CA LEU RA 157 -38.63 -75.84 -60.64
C LEU RA 157 -38.74 -74.35 -60.91
N VAL RA 158 -39.86 -73.73 -60.55
CA VAL RA 158 -40.15 -72.36 -60.99
C VAL RA 158 -39.62 -71.33 -59.99
N LEU RA 159 -39.94 -71.48 -58.71
CA LEU RA 159 -39.55 -70.47 -57.72
C LEU RA 159 -38.05 -70.21 -57.69
N PRO RA 160 -37.16 -71.20 -57.75
CA PRO RA 160 -35.73 -70.88 -57.89
C PRO RA 160 -35.43 -70.01 -59.10
N LEU RA 161 -36.08 -70.26 -60.24
CA LEU RA 161 -35.86 -69.44 -61.42
C LEU RA 161 -36.35 -68.01 -61.21
N LEU RA 162 -37.52 -67.85 -60.58
CA LEU RA 162 -38.03 -66.51 -60.31
C LEU RA 162 -37.11 -65.76 -59.37
N TYR RA 163 -36.60 -66.44 -58.33
CA TYR RA 163 -35.67 -65.81 -57.41
C TYR RA 163 -34.37 -65.42 -58.12
N THR RA 164 -33.87 -66.29 -59.00
CA THR RA 164 -32.67 -65.99 -59.76
C THR RA 164 -32.86 -64.75 -60.62
N GLU RA 165 -33.99 -64.68 -61.34
CA GLU RA 165 -34.26 -63.53 -62.18
C GLU RA 165 -34.40 -62.26 -61.34
N TYR RA 166 -35.08 -62.36 -60.19
CA TYR RA 166 -35.24 -61.20 -59.33
C TYR RA 166 -33.90 -60.70 -58.81
N ALA RA 167 -33.03 -61.62 -58.39
CA ALA RA 167 -31.72 -61.22 -57.89
C ALA RA 167 -30.87 -60.60 -58.99
N LEU RA 168 -30.89 -61.19 -60.19
CA LEU RA 168 -30.12 -60.63 -61.30
C LEU RA 168 -30.61 -59.24 -61.66
N ASN RA 169 -31.93 -59.03 -61.70
CA ASN RA 169 -32.46 -57.71 -61.97
C ASN RA 169 -32.10 -56.73 -60.86
N GLN RA 170 -32.12 -57.20 -59.61
CA GLN RA 170 -31.80 -56.33 -58.49
C GLN RA 170 -30.34 -55.86 -58.54
N LYS RA 171 -29.43 -56.74 -58.94
CA LYS RA 171 -28.01 -56.37 -58.98
C LYS RA 171 -27.76 -55.27 -60.00
N TYR RA 172 -28.35 -55.38 -61.19
CA TYR RA 172 -27.95 -54.54 -62.31
C TYR RA 172 -28.97 -53.48 -62.70
N TYR RA 173 -30.07 -53.34 -61.95
CA TYR RA 173 -31.07 -52.34 -62.33
C TYR RA 173 -30.51 -50.93 -62.25
N THR RA 174 -29.91 -50.58 -61.11
CA THR RA 174 -29.37 -49.23 -60.94
C THR RA 174 -28.16 -48.99 -61.83
N HIS RA 175 -27.30 -50.01 -61.98
CA HIS RA 175 -26.15 -49.87 -62.86
C HIS RA 175 -26.58 -49.61 -64.30
N MET RA 176 -27.57 -50.37 -64.77
CA MET RA 176 -28.06 -50.16 -66.14
C MET RA 176 -28.81 -48.85 -66.27
N GLU RA 177 -29.49 -48.41 -65.21
CA GLU RA 177 -30.14 -47.10 -65.26
C GLU RA 177 -29.10 -45.99 -65.40
N HIS RA 178 -28.00 -46.09 -64.67
CA HIS RA 178 -26.93 -45.10 -64.82
C HIS RA 178 -26.32 -45.14 -66.20
N LEU RA 179 -26.08 -46.35 -66.73
CA LEU RA 179 -25.50 -46.46 -68.07
C LEU RA 179 -26.43 -45.85 -69.12
N TRP RA 180 -27.73 -46.17 -69.04
CA TRP RA 180 -28.67 -45.63 -70.00
C TRP RA 180 -28.85 -44.14 -69.86
N THR RA 181 -28.79 -43.62 -68.62
CA THR RA 181 -28.86 -42.17 -68.42
C THR RA 181 -27.67 -41.48 -69.04
N VAL RA 182 -26.47 -42.04 -68.90
CA VAL RA 182 -25.29 -41.48 -69.54
C VAL RA 182 -25.45 -41.51 -71.05
N HIS RA 183 -25.95 -42.62 -71.58
CA HIS RA 183 -26.16 -42.74 -73.02
C HIS RA 183 -27.13 -41.67 -73.52
N VAL RA 184 -28.25 -41.50 -72.81
CA VAL RA 184 -29.25 -40.52 -73.24
C VAL RA 184 -28.72 -39.10 -73.11
N ASN RA 185 -27.93 -38.84 -72.06
CA ASN RA 185 -27.35 -37.50 -71.89
C ASN RA 185 -26.41 -37.16 -73.04
N ARG RA 186 -25.53 -38.08 -73.39
CA ARG RA 186 -24.59 -37.80 -74.47
C ARG RA 186 -25.23 -37.86 -75.85
N LEU RA 187 -26.41 -38.49 -75.97
CA LEU RA 187 -27.17 -38.33 -77.20
C LEU RA 187 -27.88 -36.98 -77.25
N ASN RA 188 -28.40 -36.51 -76.12
CA ASN RA 188 -29.07 -35.21 -76.07
C ASN RA 188 -28.08 -34.09 -76.38
N GLN RA 189 -26.85 -34.21 -75.87
CA GLN RA 189 -25.80 -33.26 -76.22
C GLN RA 189 -25.20 -33.52 -77.59
N LYS RA 190 -25.79 -34.45 -78.35
CA LYS RA 190 -25.37 -34.75 -79.72
C LYS RA 190 -23.91 -35.17 -79.77
N ILE RA 191 -23.49 -35.98 -78.80
CA ILE RA 191 -22.13 -36.51 -78.74
C ILE RA 191 -22.18 -37.93 -79.29
N LEU RA 192 -21.87 -38.09 -80.57
CA LEU RA 192 -21.74 -39.40 -81.18
C LEU RA 192 -20.31 -39.89 -81.23
N GLU RA 193 -19.37 -39.15 -80.67
CA GLU RA 193 -18.01 -39.62 -80.55
C GLU RA 193 -17.92 -40.70 -79.49
N ASP RA 194 -16.90 -41.56 -79.62
CA ASP RA 194 -16.75 -42.66 -78.70
C ASP RA 194 -16.39 -42.16 -77.30
N PRO RA 195 -16.77 -42.90 -76.25
CA PRO RA 195 -16.49 -42.46 -74.88
C PRO RA 195 -15.01 -42.49 -74.56
N LEU RA 196 -14.66 -42.16 -73.31
CA LEU RA 196 -13.25 -42.06 -72.94
C LEU RA 196 -12.56 -43.42 -72.98
N TYR RA 197 -13.01 -44.36 -72.14
CA TYR RA 197 -12.32 -45.63 -71.99
C TYR RA 197 -12.77 -46.63 -73.06
N THR RA 198 -12.53 -46.26 -74.30
CA THR RA 198 -12.80 -47.09 -75.47
C THR RA 198 -11.48 -47.61 -76.00
N PHE RA 199 -11.33 -48.93 -76.03
CA PHE RA 199 -10.09 -49.57 -76.46
C PHE RA 199 -10.38 -50.37 -77.73
N TYR RA 200 -9.98 -49.81 -78.87
CA TYR RA 200 -10.29 -50.39 -80.17
C TYR RA 200 -9.53 -51.70 -80.37
N PRO RA 201 -9.99 -52.54 -81.29
CA PRO RA 201 -9.21 -53.73 -81.63
C PRO RA 201 -7.94 -53.38 -82.39
N GLN RA 202 -7.18 -54.39 -82.82
CA GLN RA 202 -5.89 -54.15 -83.44
C GLN RA 202 -6.04 -53.39 -84.76
N GLU RA 203 -7.07 -53.72 -85.54
CA GLU RA 203 -7.20 -53.12 -86.87
C GLU RA 203 -7.58 -51.64 -86.80
N LEU RA 204 -8.23 -51.21 -85.72
CA LEU RA 204 -8.65 -49.82 -85.60
C LEU RA 204 -7.65 -48.94 -84.86
N ASN RA 205 -6.55 -49.50 -84.38
CA ASN RA 205 -5.57 -48.72 -83.64
C ASN RA 205 -4.58 -48.06 -84.59
N VAL RA 206 -3.81 -47.13 -84.05
CA VAL RA 206 -2.78 -46.41 -84.80
C VAL RA 206 -1.42 -47.06 -84.48
N PRO RA 207 -0.70 -47.56 -85.47
CA PRO RA 207 0.64 -48.10 -85.19
C PRO RA 207 1.58 -47.01 -84.71
N LYS RA 208 2.46 -47.38 -83.78
CA LYS RA 208 3.40 -46.43 -83.22
C LYS RA 208 4.62 -46.30 -84.12
N HIS RA 209 5.04 -45.07 -84.38
CA HIS RA 209 6.17 -44.82 -85.27
C HIS RA 209 7.46 -45.07 -84.52
N ASN RA 210 8.21 -46.08 -84.96
CA ASN RA 210 9.46 -46.45 -84.29
C ASN RA 210 10.60 -45.49 -84.62
N ILE RA 211 10.66 -45.01 -85.87
CA ILE RA 211 11.85 -44.33 -86.35
C ILE RA 211 11.83 -42.91 -85.80
N ILE RA 212 12.55 -42.71 -84.70
CA ILE RA 212 12.75 -41.39 -84.10
C ILE RA 212 14.22 -41.06 -84.22
N VAL RA 213 14.54 -40.04 -85.02
CA VAL RA 213 15.92 -39.65 -85.29
C VAL RA 213 16.22 -38.42 -84.43
N PRO RA 214 17.12 -38.52 -83.45
CA PRO RA 214 17.48 -37.32 -82.68
C PRO RA 214 18.19 -36.29 -83.55
N THR RA 215 18.01 -35.03 -83.18
CA THR RA 215 18.60 -33.94 -83.93
C THR RA 215 20.13 -33.99 -83.83
N ILE RA 216 20.78 -33.34 -84.80
CA ILE RA 216 22.24 -33.33 -84.83
C ILE RA 216 22.76 -32.54 -83.64
N PHE RA 217 23.74 -33.09 -82.95
CA PHE RA 217 24.36 -32.37 -81.84
C PHE RA 217 25.27 -31.28 -82.39
N ARG RA 218 25.13 -30.07 -81.85
CA ARG RA 218 25.99 -28.96 -82.20
C ARG RA 218 26.37 -28.22 -80.93
N ASP RA 219 27.58 -27.69 -80.91
CA ASP RA 219 28.07 -26.95 -79.75
C ASP RA 219 27.26 -25.68 -79.54
N THR RA 220 26.94 -25.39 -78.28
CA THR RA 220 26.24 -24.17 -77.95
C THR RA 220 27.19 -22.98 -78.08
N PRO RA 221 26.83 -21.95 -78.84
CA PRO RA 221 27.74 -20.79 -78.96
C PRO RA 221 27.99 -20.09 -77.64
N GLN RA 222 27.04 -20.11 -76.71
CA GLN RA 222 27.23 -19.49 -75.41
C GLN RA 222 27.51 -20.55 -74.34
N GLU SA 30 0.55 -16.78 22.02
CA GLU SA 30 -0.06 -16.94 23.33
C GLU SA 30 -0.99 -18.15 23.35
N GLU SA 31 -2.23 -17.93 23.82
CA GLU SA 31 -3.21 -19.01 23.86
C GLU SA 31 -3.56 -19.49 22.46
N ARG SA 32 -3.65 -18.58 21.50
CA ARG SA 32 -3.91 -18.98 20.12
C ARG SA 32 -2.75 -19.81 19.56
N TYR SA 33 -1.51 -19.44 19.90
CA TYR SA 33 -0.36 -20.23 19.48
C TYR SA 33 -0.40 -21.62 20.10
N ASP SA 34 -0.78 -21.71 21.38
CA ASP SA 34 -0.91 -23.02 22.01
C ASP SA 34 -1.98 -23.85 21.34
N ALA SA 35 -3.11 -23.23 21.00
CA ALA SA 35 -4.17 -23.95 20.30
C ALA SA 35 -3.70 -24.44 18.93
N LEU SA 36 -2.95 -23.61 18.20
CA LEU SA 36 -2.42 -24.04 16.92
C LEU SA 36 -1.47 -25.21 17.07
N ARG SA 37 -0.60 -25.15 18.09
CA ARG SA 37 0.33 -26.25 18.32
C ARG SA 37 -0.40 -27.54 18.66
N VAL SA 38 -1.42 -27.45 19.50
CA VAL SA 38 -2.19 -28.65 19.86
C VAL SA 38 -2.92 -29.20 18.64
N GLN SA 39 -3.47 -28.32 17.80
CA GLN SA 39 -4.17 -28.80 16.61
C GLN SA 39 -3.20 -29.47 15.63
N ARG SA 40 -2.00 -28.91 15.46
CA ARG SA 40 -1.01 -29.55 14.60
C ARG SA 40 -0.62 -30.92 15.15
N ARG SA 41 -0.42 -31.02 16.46
CA ARG SA 41 -0.12 -32.32 17.05
C ARG SA 41 -1.27 -33.30 16.84
N ILE SA 42 -2.50 -32.82 16.96
CA ILE SA 42 -3.67 -33.69 16.78
C ILE SA 42 -3.71 -34.23 15.35
N TRP SA 43 -3.48 -33.36 14.36
CA TRP SA 43 -3.46 -33.82 12.97
C TRP SA 43 -2.36 -34.85 12.74
N SER SA 44 -1.16 -34.55 13.24
CA SER SA 44 -0.03 -35.46 13.07
C SER SA 44 -0.32 -36.82 13.69
N MET SA 45 -0.90 -36.83 14.89
CA MET SA 45 -1.17 -38.09 15.57
C MET SA 45 -2.35 -38.83 14.97
N ARG SA 46 -3.34 -38.13 14.42
CA ARG SA 46 -4.40 -38.82 13.70
C ARG SA 46 -3.85 -39.56 12.50
N PHE SA 47 -2.99 -38.89 11.72
CA PHE SA 47 -2.36 -39.57 10.60
C PHE SA 47 -1.50 -40.74 11.06
N TYR SA 48 -0.72 -40.52 12.12
CA TYR SA 48 0.17 -41.58 12.62
C TYR SA 48 -0.61 -42.80 13.06
N TYR SA 49 -1.72 -42.61 13.78
CA TYR SA 49 -2.44 -43.76 14.31
C TYR SA 49 -3.26 -44.46 13.24
N ALA SA 50 -3.81 -43.74 12.25
CA ALA SA 50 -4.43 -44.43 11.13
C ALA SA 50 -3.40 -45.26 10.37
N ARG SA 51 -2.20 -44.70 10.15
CA ARG SA 51 -1.15 -45.43 9.46
C ARG SA 51 -0.73 -46.66 10.27
N GLN SA 52 -0.64 -46.51 11.59
CA GLN SA 52 -0.23 -47.64 12.42
C GLN SA 52 -1.29 -48.75 12.44
N GLN SA 53 -2.56 -48.38 12.40
CA GLN SA 53 -3.60 -49.40 12.28
C GLN SA 53 -3.47 -50.15 10.96
N CYS SA 54 -3.24 -49.42 9.87
CA CYS SA 54 -3.04 -50.08 8.58
C CYS SA 54 -1.84 -51.01 8.62
N LEU SA 55 -0.73 -50.56 9.22
CA LEU SA 55 0.47 -51.38 9.28
C LEU SA 55 0.27 -52.62 10.13
N TYR SA 56 -0.43 -52.50 11.27
CA TYR SA 56 -0.71 -53.66 12.10
C TYR SA 56 -1.57 -54.67 11.36
N GLU SA 57 -2.60 -54.21 10.65
CA GLU SA 57 -3.43 -55.11 9.88
C GLU SA 57 -2.61 -55.80 8.79
N LEU SA 58 -1.73 -55.04 8.12
CA LEU SA 58 -0.88 -55.62 7.09
C LEU SA 58 0.03 -56.69 7.65
N PHE SA 59 0.63 -56.43 8.82
CA PHE SA 59 1.52 -57.42 9.43
C PHE SA 59 0.76 -58.67 9.83
N VAL SA 60 -0.44 -58.52 10.39
CA VAL SA 60 -1.18 -59.69 10.86
C VAL SA 60 -1.69 -60.51 9.68
N ASP SA 61 -2.25 -59.86 8.66
CA ASP SA 61 -2.93 -60.58 7.58
C ASP SA 61 -2.04 -60.86 6.38
N HIS SA 62 -1.03 -60.03 6.12
CA HIS SA 62 -0.19 -60.14 4.93
C HIS SA 62 1.28 -60.06 5.35
N PRO SA 63 1.80 -61.11 5.98
CA PRO SA 63 3.15 -61.03 6.56
C PRO SA 63 4.25 -60.77 5.54
N ASP SA 64 4.15 -61.30 4.32
CA ASP SA 64 5.23 -61.13 3.35
C ASP SA 64 5.31 -59.70 2.84
N LEU SA 65 4.15 -59.09 2.55
CA LEU SA 65 4.16 -57.70 2.12
C LEU SA 65 4.63 -56.78 3.24
N ALA SA 66 4.27 -57.10 4.49
CA ALA SA 66 4.75 -56.32 5.62
C ALA SA 66 6.26 -56.35 5.70
N GLN SA 67 6.85 -57.54 5.52
CA GLN SA 67 8.31 -57.65 5.53
C GLN SA 67 8.92 -56.90 4.35
N TRP SA 68 8.32 -57.00 3.17
CA TRP SA 68 8.86 -56.34 2.00
C TRP SA 68 8.86 -54.83 2.16
N THR SA 69 7.80 -54.27 2.72
CA THR SA 69 7.71 -52.82 2.88
C THR SA 69 8.59 -52.29 4.01
N GLY SA 70 9.17 -53.15 4.82
CA GLY SA 70 10.00 -52.72 5.92
C GLY SA 70 9.28 -52.49 7.23
N THR SA 71 8.17 -53.20 7.45
CA THR SA 71 7.38 -53.05 8.66
C THR SA 71 7.90 -53.99 9.74
N TYR SA 72 8.11 -53.45 10.94
CA TYR SA 72 8.55 -54.27 12.07
C TYR SA 72 7.46 -55.24 12.48
N PRO SA 73 7.83 -56.31 13.19
CA PRO SA 73 6.80 -57.14 13.83
C PRO SA 73 6.05 -56.33 14.87
N LYS SA 74 4.77 -56.08 14.62
CA LYS SA 74 4.00 -55.10 15.38
C LYS SA 74 3.06 -55.74 16.40
N VAL SA 75 3.26 -57.01 16.71
CA VAL SA 75 2.45 -57.70 17.73
C VAL SA 75 3.18 -57.62 19.06
N ASP SA 76 2.47 -57.15 20.08
CA ASP SA 76 3.04 -57.02 21.42
C ASP SA 76 3.05 -58.39 22.08
N SER SA 77 4.24 -58.94 22.28
CA SER SA 77 4.42 -60.25 22.90
C SER SA 77 4.91 -60.14 24.34
N SER SA 78 4.44 -59.14 25.08
CA SER SA 78 4.85 -58.95 26.46
C SER SA 78 4.32 -60.04 27.38
N HIS SA 79 3.34 -60.83 26.93
CA HIS SA 79 2.82 -61.93 27.74
C HIS SA 79 3.73 -63.15 27.74
N GLY SA 80 4.77 -63.16 26.92
CA GLY SA 80 5.75 -64.22 26.93
C GLY SA 80 5.59 -65.26 25.85
N PHE SA 81 4.49 -65.27 25.13
CA PHE SA 81 4.28 -66.25 24.07
C PHE SA 81 4.64 -65.63 22.73
N PRO SA 82 5.66 -66.14 22.04
CA PRO SA 82 6.05 -65.53 20.76
C PRO SA 82 4.96 -65.71 19.71
N PHE SA 83 4.94 -64.76 18.77
CA PHE SA 83 3.92 -64.73 17.74
C PHE SA 83 4.07 -65.91 16.80
N TYR SA 84 2.93 -66.39 16.27
CA TYR SA 84 2.96 -67.59 15.46
C TYR SA 84 3.54 -67.35 14.08
N SER SA 85 3.45 -66.11 13.56
CA SER SA 85 4.02 -65.78 12.25
C SER SA 85 4.78 -64.47 12.35
N THR SA 86 6.05 -64.55 12.73
CA THR SA 86 6.95 -63.41 12.77
C THR SA 86 8.05 -63.61 11.74
N TYR SA 87 8.82 -62.56 11.49
CA TYR SA 87 9.80 -62.60 10.42
C TYR SA 87 10.99 -61.72 10.76
N GLU SA 88 12.07 -61.93 10.02
CA GLU SA 88 13.27 -61.11 10.12
C GLU SA 88 13.12 -59.84 9.30
N MET SA 89 13.64 -58.73 9.84
CA MET SA 89 13.45 -57.44 9.20
C MET SA 89 14.22 -57.34 7.89
N TYR SA 90 13.54 -56.89 6.84
CA TYR SA 90 14.13 -56.63 5.54
C TYR SA 90 14.23 -55.12 5.38
N ARG SA 91 15.31 -54.55 5.90
CA ARG SA 91 15.51 -53.10 5.90
C ARG SA 91 16.37 -52.71 4.71
N ASP SA 92 15.75 -52.79 3.53
CA ASP SA 92 16.46 -52.48 2.29
C ASP SA 92 16.83 -51.00 2.23
N PHE SA 93 15.86 -50.11 2.46
CA PHE SA 93 16.14 -48.69 2.43
C PHE SA 93 17.00 -48.26 3.62
N GLN SA 94 16.62 -48.71 4.82
CA GLN SA 94 17.29 -48.36 6.07
C GLN SA 94 17.62 -46.87 6.18
N SER SA 103 22.67 -41.04 4.23
CA SER SA 103 22.99 -39.62 4.12
C SER SA 103 23.72 -39.32 2.83
N PHE SA 104 25.02 -39.67 2.79
CA PHE SA 104 25.81 -39.43 1.60
C PHE SA 104 25.27 -40.23 0.42
N ALA SA 105 24.87 -41.48 0.65
CA ALA SA 105 24.32 -42.29 -0.43
C ALA SA 105 23.08 -41.64 -1.01
N GLN SA 106 22.18 -41.19 -0.14
CA GLN SA 106 20.97 -40.52 -0.61
C GLN SA 106 21.30 -39.26 -1.39
N TRP SA 107 22.24 -38.46 -0.87
CA TRP SA 107 22.61 -37.21 -1.54
C TRP SA 107 23.19 -37.48 -2.93
N ILE SA 108 24.12 -38.44 -3.02
CA ILE SA 108 24.78 -38.69 -4.29
C ILE SA 108 23.82 -39.33 -5.29
N THR SA 109 22.93 -40.20 -4.81
CA THR SA 109 21.92 -40.76 -5.70
C THR SA 109 20.98 -39.67 -6.22
N LEU SA 110 20.58 -38.73 -5.35
CA LEU SA 110 19.75 -37.63 -5.81
C LEU SA 110 20.47 -36.77 -6.84
N VAL SA 111 21.75 -36.49 -6.60
CA VAL SA 111 22.50 -35.66 -7.55
C VAL SA 111 22.62 -36.36 -8.90
N CYS SA 112 22.96 -37.65 -8.89
CA CYS SA 112 23.09 -38.40 -10.14
C CYS SA 112 21.74 -38.51 -10.85
N GLY SA 113 20.67 -38.73 -10.11
CA GLY SA 113 19.36 -38.80 -10.73
C GLY SA 113 18.92 -37.48 -11.33
N ILE SA 114 19.21 -36.37 -10.64
CA ILE SA 114 18.90 -35.06 -11.19
C ILE SA 114 19.69 -34.82 -12.47
N TYR SA 115 20.98 -35.19 -12.48
CA TYR SA 115 21.77 -35.02 -13.68
C TYR SA 115 21.23 -35.86 -14.83
N VAL SA 116 20.85 -37.11 -14.55
CA VAL SA 116 20.33 -37.99 -15.59
C VAL SA 116 19.00 -37.48 -16.12
N ILE SA 117 18.13 -36.98 -15.24
CA ILE SA 117 16.85 -36.42 -15.68
C ILE SA 117 17.08 -35.17 -16.53
N HIS SA 118 18.06 -34.34 -16.14
CA HIS SA 118 18.39 -33.18 -16.95
C HIS SA 118 18.90 -33.59 -18.33
N VAL SA 119 19.72 -34.63 -18.39
CA VAL SA 119 20.24 -35.09 -19.68
C VAL SA 119 19.11 -35.61 -20.55
N ILE SA 120 18.25 -36.47 -20.00
CA ILE SA 120 17.18 -37.06 -20.80
C ILE SA 120 16.16 -36.00 -21.20
N TYR SA 121 16.02 -34.94 -20.40
CA TYR SA 121 15.05 -33.89 -20.72
C TYR SA 121 15.43 -33.15 -22.00
N ASN SA 122 16.72 -32.86 -22.20
CA ASN SA 122 17.16 -32.01 -23.29
C ASN SA 122 18.01 -32.71 -24.33
N TYR SA 123 18.47 -33.94 -24.09
CA TYR SA 123 19.33 -34.64 -25.03
C TYR SA 123 18.67 -35.86 -25.67
N MET SA 124 17.96 -36.67 -24.90
CA MET SA 124 17.35 -37.88 -25.46
C MET SA 124 16.01 -37.58 -26.13
N ILE SA 125 15.03 -37.12 -25.35
CA ILE SA 125 13.68 -36.94 -25.88
C ILE SA 125 13.63 -35.97 -27.05
N PRO SA 126 14.23 -34.77 -26.98
CA PRO SA 126 14.18 -33.85 -28.13
C PRO SA 126 14.80 -34.44 -29.39
N TYR SA 127 15.56 -35.52 -29.28
CA TYR SA 127 16.12 -36.15 -30.48
C TYR SA 127 15.03 -36.70 -31.38
N TYR SA 128 13.86 -37.02 -30.82
CA TYR SA 128 12.79 -37.64 -31.59
C TYR SA 128 11.78 -36.64 -32.14
N TRP SA 129 11.93 -35.35 -31.85
CA TRP SA 129 10.94 -34.38 -32.30
C TRP SA 129 10.93 -34.25 -33.82
N VAL SA 130 12.10 -34.17 -34.43
CA VAL SA 130 12.23 -34.03 -35.88
C VAL SA 130 12.93 -35.26 -36.42
N SER SA 131 12.28 -35.97 -37.33
CA SER SA 131 12.86 -37.15 -37.95
C SER SA 131 12.68 -37.17 -39.47
N THR SA 132 11.98 -36.20 -40.03
CA THR SA 132 11.74 -36.10 -41.46
C THR SA 132 12.03 -34.68 -41.91
N PRO SA 133 12.35 -34.47 -43.19
CA PRO SA 133 12.49 -33.10 -43.70
C PRO SA 133 11.19 -32.33 -43.56
N LEU SA 134 11.32 -31.04 -43.23
CA LEU SA 134 10.18 -30.20 -42.90
C LEU SA 134 10.00 -29.12 -43.96
N LYS SA 135 8.75 -28.90 -44.36
CA LYS SA 135 8.46 -27.91 -45.38
C LYS SA 135 8.63 -26.49 -44.85
N ASN SA 136 8.11 -26.22 -43.65
CA ASN SA 136 8.04 -24.87 -43.11
C ASN SA 136 9.00 -24.72 -41.94
N ASP SA 137 9.91 -23.75 -42.04
CA ASP SA 137 10.81 -23.37 -40.95
C ASP SA 137 11.56 -24.56 -40.39
N GLU SA 138 12.05 -25.41 -41.30
CA GLU SA 138 12.83 -26.58 -40.88
C GLU SA 138 14.08 -26.16 -40.12
N PHE SA 139 14.78 -25.15 -40.61
CA PHE SA 139 15.98 -24.68 -39.92
C PHE SA 139 15.64 -24.09 -38.57
N THR SA 140 14.50 -23.40 -38.46
CA THR SA 140 14.08 -22.87 -37.17
C THR SA 140 13.84 -24.00 -36.17
N ARG SA 141 13.12 -25.04 -36.58
CA ARG SA 141 12.83 -26.14 -35.66
C ARG SA 141 14.10 -26.89 -35.27
N LEU SA 142 14.99 -27.14 -36.24
CA LEU SA 142 16.25 -27.80 -35.93
C LEU SA 142 17.10 -26.95 -35.00
N ARG SA 143 17.12 -25.63 -35.21
CA ARG SA 143 17.85 -24.75 -34.32
C ARG SA 143 17.28 -24.79 -32.92
N MET SA 144 15.96 -24.86 -32.78
CA MET SA 144 15.35 -24.96 -31.47
C MET SA 144 15.80 -26.24 -30.75
N LYS SA 145 15.66 -27.38 -31.44
CA LYS SA 145 16.08 -28.64 -30.84
C LYS SA 145 17.54 -28.60 -30.44
N ASP SA 146 18.41 -28.08 -31.30
CA ASP SA 146 19.84 -28.06 -31.00
C ASP SA 146 20.15 -27.11 -29.86
N TYR SA 147 19.47 -25.95 -29.81
CA TYR SA 147 19.76 -24.97 -28.78
C TYR SA 147 19.42 -25.51 -27.40
N ILE SA 148 18.29 -26.21 -27.27
CA ILE SA 148 17.91 -26.67 -25.94
C ILE SA 148 18.85 -27.76 -25.46
N ALA SA 149 19.79 -28.18 -26.31
CA ALA SA 149 20.75 -29.21 -25.98
C ALA SA 149 22.19 -28.74 -26.01
N SER SA 150 22.59 -28.02 -27.06
CA SER SA 150 24.00 -27.66 -27.22
C SER SA 150 24.45 -26.66 -26.17
N THR SA 151 23.68 -25.60 -25.96
CA THR SA 151 24.06 -24.54 -25.03
C THR SA 151 23.72 -24.96 -23.61
N VAL SA 152 24.73 -25.02 -22.75
CA VAL SA 152 24.57 -25.36 -21.35
C VAL SA 152 25.02 -24.17 -20.51
N LEU SA 153 24.63 -24.17 -19.24
CA LEU SA 153 24.92 -23.03 -18.38
C LEU SA 153 26.40 -22.97 -18.03
N GLU SA 154 27.02 -24.12 -17.75
CA GLU SA 154 28.38 -24.15 -17.22
C GLU SA 154 29.35 -23.33 -18.05
N GLU SA 155 29.13 -23.28 -19.36
CA GLU SA 155 30.05 -22.59 -20.27
C GLU SA 155 30.31 -21.17 -19.79
N VAL SA 156 29.29 -20.47 -19.31
CA VAL SA 156 29.48 -19.07 -18.92
C VAL SA 156 30.49 -18.99 -17.78
N TYR SA 157 30.34 -19.87 -16.78
CA TYR SA 157 31.29 -19.88 -15.67
C TYR SA 157 32.69 -20.18 -16.18
N GLY SA 158 32.81 -21.01 -17.21
CA GLY SA 158 34.09 -21.39 -17.75
C GLY SA 158 34.93 -20.20 -18.16
N ILE SA 159 34.28 -19.07 -18.39
CA ILE SA 159 35.00 -17.83 -18.66
C ILE SA 159 34.71 -16.75 -17.62
N SER SA 160 33.62 -16.86 -16.84
CA SER SA 160 33.32 -15.85 -15.85
C SER SA 160 34.33 -15.84 -14.71
N TYR SA 161 35.01 -16.95 -14.47
CA TYR SA 161 36.06 -17.07 -13.46
C TYR SA 161 37.34 -17.61 -14.09
N ALA SA 162 37.72 -17.02 -15.22
CA ALA SA 162 38.87 -17.48 -15.99
C ALA SA 162 40.19 -17.27 -15.26
N GLU SA 163 40.22 -16.45 -14.21
CA GLU SA 163 41.45 -16.21 -13.46
C GLU SA 163 41.91 -17.43 -12.67
N TRP SA 164 41.07 -18.46 -12.55
CA TRP SA 164 41.41 -19.64 -11.78
C TRP SA 164 42.26 -20.60 -12.60
N GLY SA 165 43.36 -20.13 -13.16
CA GLY SA 165 44.20 -20.96 -13.99
C GLY SA 165 44.82 -20.23 -15.17
N TRP SA 166 44.33 -19.03 -15.46
CA TRP SA 166 44.91 -18.16 -16.47
C TRP SA 166 45.64 -17.02 -15.78
N LEU SA 167 46.96 -16.98 -15.96
CA LEU SA 167 47.78 -15.89 -15.47
C LEU SA 167 47.41 -14.61 -16.24
N PRO SA 168 47.98 -13.45 -15.89
CA PRO SA 168 47.64 -12.25 -16.65
C PRO SA 168 47.97 -12.33 -18.14
N HIS SA 169 49.20 -12.72 -18.50
CA HIS SA 169 49.58 -12.75 -19.90
C HIS SA 169 48.90 -13.87 -20.65
N ASP SA 170 48.78 -15.05 -20.02
CA ASP SA 170 48.03 -16.14 -20.63
C ASP SA 170 46.57 -15.74 -20.81
N PHE SA 171 46.02 -14.96 -19.88
CA PHE SA 171 44.66 -14.48 -20.00
C PHE SA 171 44.52 -13.53 -21.18
N ALA SA 172 45.49 -12.65 -21.38
CA ALA SA 172 45.43 -11.75 -22.54
C ALA SA 172 45.49 -12.54 -23.84
N TYR SA 173 46.41 -13.50 -23.94
CA TYR SA 173 46.52 -14.29 -25.16
C TYR SA 173 45.26 -15.11 -25.40
N ASN SA 174 44.74 -15.76 -24.37
CA ASN SA 174 43.50 -16.52 -24.50
C ASN SA 174 42.31 -15.62 -24.75
N ARG SA 175 42.36 -14.36 -24.34
CA ARG SA 175 41.29 -13.42 -24.66
C ARG SA 175 41.26 -13.11 -26.14
N MET SA 176 42.42 -12.81 -26.72
CA MET SA 176 42.45 -12.60 -28.18
C MET SA 176 42.07 -13.89 -28.91
N ARG SA 177 42.53 -15.03 -28.40
CA ARG SA 177 42.22 -16.32 -29.02
C ARG SA 177 40.72 -16.61 -28.97
N GLY SA 178 40.08 -16.33 -27.84
CA GLY SA 178 38.65 -16.56 -27.72
C GLY SA 178 37.84 -15.60 -28.57
N LEU SA 179 38.26 -14.34 -28.64
CA LEU SA 179 37.57 -13.39 -29.51
C LEU SA 179 37.68 -13.82 -30.97
N ALA SA 180 38.82 -14.41 -31.36
CA ALA SA 180 38.93 -14.96 -32.71
C ALA SA 180 38.04 -16.19 -32.89
N GLY SA 181 38.08 -17.12 -31.93
CA GLY SA 181 37.39 -18.39 -32.09
C GLY SA 181 35.88 -18.30 -31.98
N TYR SA 182 35.37 -17.31 -31.27
CA TYR SA 182 33.93 -17.06 -31.21
C TYR SA 182 33.51 -15.90 -32.09
N MET SA 183 34.22 -15.71 -33.21
CA MET SA 183 33.91 -14.62 -34.13
C MET SA 183 32.61 -14.86 -34.87
N HIS SA 184 32.27 -16.11 -35.14
CA HIS SA 184 31.10 -16.40 -35.96
C HIS SA 184 29.83 -15.93 -35.25
N PRO SA 185 28.98 -15.14 -35.93
CA PRO SA 185 27.79 -14.60 -35.25
C PRO SA 185 26.73 -15.66 -34.98
N ASP SA 186 26.51 -16.56 -35.93
CA ASP SA 186 25.45 -17.57 -35.81
C ASP SA 186 25.95 -18.72 -34.93
N ASP SA 187 25.99 -18.43 -33.63
CA ASP SA 187 26.46 -19.40 -32.63
C ASP SA 187 25.74 -19.09 -31.32
N PRO SA 188 24.68 -19.83 -31.01
CA PRO SA 188 24.01 -19.62 -29.72
C PRO SA 188 24.88 -19.94 -28.51
N ARG SA 189 25.95 -20.70 -28.69
CA ARG SA 189 26.85 -20.97 -27.58
C ARG SA 189 27.71 -19.77 -27.24
N ALA SA 190 28.06 -18.95 -28.25
CA ALA SA 190 28.75 -17.70 -27.96
C ALA SA 190 27.87 -16.77 -27.14
N MET SA 191 26.58 -16.72 -27.47
CA MET SA 191 25.61 -16.13 -26.56
C MET SA 191 25.52 -16.99 -25.30
N CYS SA 192 25.16 -16.36 -24.18
CA CYS SA 192 25.16 -17.00 -22.87
C CYS SA 192 26.56 -17.44 -22.44
N THR SA 193 27.59 -16.77 -22.95
CA THR SA 193 28.97 -17.00 -22.54
C THR SA 193 29.55 -15.65 -22.12
N SER SA 194 30.19 -15.62 -20.95
CA SER SA 194 30.70 -14.36 -20.43
C SER SA 194 31.71 -13.74 -21.39
N THR SA 195 31.69 -12.41 -21.45
CA THR SA 195 32.45 -11.70 -22.48
C THR SA 195 33.94 -11.91 -22.30
N PHE SA 196 34.66 -11.84 -23.42
CA PHE SA 196 36.11 -11.75 -23.40
C PHE SA 196 36.61 -10.31 -23.37
N HIS SA 197 35.72 -9.34 -23.52
CA HIS SA 197 36.08 -7.92 -23.43
C HIS SA 197 36.12 -7.52 -21.96
N ARG SA 198 37.13 -8.05 -21.25
CA ARG SA 198 37.28 -7.81 -19.84
C ARG SA 198 38.75 -7.83 -19.47
N LYS SA 199 39.09 -7.10 -18.41
CA LYS SA 199 40.44 -7.09 -17.89
C LYS SA 199 40.62 -8.22 -16.89
N HIS SA 200 41.86 -8.68 -16.75
CA HIS SA 200 42.18 -9.66 -15.73
C HIS SA 200 41.96 -9.05 -14.35
N LYS SA 201 41.33 -9.83 -13.47
CA LYS SA 201 40.96 -9.30 -12.15
C LYS SA 201 42.19 -8.93 -11.33
N TYR SA 202 43.24 -9.76 -11.39
CA TYR SA 202 44.42 -9.50 -10.59
C TYR SA 202 45.18 -8.28 -11.11
N ILE SA 203 45.64 -8.35 -12.36
CA ILE SA 203 46.27 -7.21 -13.01
C ILE SA 203 46.14 -7.40 -14.51
N GLU SA 204 45.98 -6.29 -15.22
CA GLU SA 204 45.85 -6.32 -16.67
C GLU SA 204 46.99 -5.54 -17.29
N HIS SA 205 47.71 -6.17 -18.22
CA HIS SA 205 48.87 -5.56 -18.85
C HIS SA 205 48.56 -4.98 -20.23
N GLU SA 206 47.95 -5.77 -21.12
CA GLU SA 206 47.76 -5.34 -22.50
C GLU SA 206 46.66 -4.28 -22.59
N VAL SA 207 45.54 -4.50 -21.92
CA VAL SA 207 44.36 -3.68 -22.11
C VAL SA 207 44.32 -2.57 -21.07
N GLU SA 208 44.23 -1.32 -21.53
CA GLU SA 208 44.10 -0.16 -20.67
C GLU SA 208 42.65 0.26 -20.45
N LYS SA 209 41.80 0.12 -21.46
CA LYS SA 209 40.37 0.36 -21.35
C LYS SA 209 39.62 -0.77 -22.05
N VAL SA 210 38.40 -1.02 -21.58
CA VAL SA 210 37.64 -2.18 -22.05
C VAL SA 210 37.34 -2.07 -23.54
N GLY SA 211 36.93 -0.88 -24.00
CA GLY SA 211 36.49 -0.75 -25.37
C GLY SA 211 37.31 0.19 -26.23
N ASP SA 212 38.60 0.31 -25.95
CA ASP SA 212 39.50 1.15 -26.73
C ASP SA 212 40.37 0.23 -27.59
N TYR SA 213 39.87 -0.08 -28.78
CA TYR SA 213 40.55 -0.97 -29.73
C TYR SA 213 40.81 -0.22 -31.03
N HIS SA 214 41.66 -0.82 -31.86
CA HIS SA 214 41.87 -0.36 -33.22
C HIS SA 214 41.14 -1.21 -34.24
N HIS SA 215 40.68 -2.39 -33.86
CA HIS SA 215 39.87 -3.25 -34.70
C HIS SA 215 38.71 -3.77 -33.86
N MET SA 216 37.53 -3.88 -34.46
CA MET SA 216 36.35 -4.26 -33.68
C MET SA 216 36.47 -5.67 -33.14
N THR SA 217 36.95 -6.62 -33.95
CA THR SA 217 37.02 -8.02 -33.57
C THR SA 217 38.41 -8.42 -33.06
N TYR SA 218 39.14 -7.48 -32.45
CA TYR SA 218 40.45 -7.80 -31.90
C TYR SA 218 40.65 -6.94 -30.66
N PRO SA 219 41.14 -7.52 -29.56
CA PRO SA 219 41.20 -6.77 -28.29
C PRO SA 219 42.33 -5.76 -28.22
N LYS SA 220 42.99 -5.49 -29.34
CA LYS SA 220 44.05 -4.49 -29.36
C LYS SA 220 43.97 -3.62 -30.61
N THR TA 5 88.18 -86.79 -67.89
CA THR TA 5 87.49 -87.90 -67.23
C THR TA 5 86.85 -87.46 -65.92
N ALA TA 6 86.85 -86.14 -65.69
CA ALA TA 6 86.24 -85.61 -64.48
C ALA TA 6 84.75 -85.90 -64.43
N SER TA 7 84.05 -85.73 -65.56
CA SER TA 7 82.63 -86.04 -65.60
C SER TA 7 82.39 -87.53 -65.36
N GLU TA 8 83.22 -88.39 -65.92
CA GLU TA 8 83.08 -89.82 -65.69
C GLU TA 8 83.28 -90.16 -64.21
N GLU TA 9 84.28 -89.55 -63.58
CA GLU TA 9 84.52 -89.80 -62.16
C GLU TA 9 83.35 -89.31 -61.32
N GLU TA 10 82.79 -88.13 -61.65
CA GLU TA 10 81.65 -87.62 -60.90
C GLU TA 10 80.44 -88.53 -61.06
N LEU TA 11 80.19 -89.04 -62.27
CA LEU TA 11 79.08 -89.97 -62.46
C LEU TA 11 79.29 -91.26 -61.68
N LYS TA 12 80.51 -91.80 -61.71
CA LYS TA 12 80.79 -93.02 -60.96
C LYS TA 12 80.62 -92.79 -59.46
N LYS TA 13 80.98 -91.60 -58.98
CA LYS TA 13 80.71 -91.26 -57.59
C LYS TA 13 79.21 -91.19 -57.31
N LEU TA 14 78.44 -90.67 -58.26
CA LEU TA 14 76.99 -90.63 -58.10
C LEU TA 14 76.41 -92.03 -57.98
N TYR TA 15 76.98 -92.99 -58.72
CA TYR TA 15 76.47 -94.37 -58.66
C TYR TA 15 77.16 -95.21 -57.58
N ASP TA 16 78.05 -94.63 -56.80
CA ASP TA 16 78.66 -95.35 -55.69
C ASP TA 16 77.63 -95.56 -54.58
N PRO TA 17 77.53 -96.76 -54.00
CA PRO TA 17 76.52 -96.99 -52.95
C PRO TA 17 76.70 -96.11 -51.72
N ASN TA 18 77.93 -95.71 -51.38
CA ASN TA 18 78.18 -94.91 -50.19
C ASN TA 18 78.04 -93.42 -50.45
N THR TA 19 77.30 -93.02 -51.48
CA THR TA 19 77.12 -91.60 -51.77
C THR TA 19 75.87 -91.03 -51.11
N PHE TA 20 74.71 -91.58 -51.44
CA PHE TA 20 73.45 -91.10 -50.90
C PHE TA 20 72.98 -91.86 -49.67
N TYR TA 21 73.77 -92.81 -49.17
CA TYR TA 21 73.36 -93.65 -48.05
C TYR TA 21 74.10 -93.22 -46.80
N GLU TA 22 73.35 -92.84 -45.78
CA GLU TA 22 73.87 -92.64 -44.43
C GLU TA 22 73.26 -93.70 -43.51
N HIS TA 23 74.05 -94.17 -42.57
CA HIS TA 23 73.58 -95.23 -41.67
C HIS TA 23 72.37 -94.73 -40.87
N GLY TA 24 71.43 -95.63 -40.66
CA GLY TA 24 70.18 -95.26 -40.01
C GLY TA 24 69.13 -94.70 -40.93
N ASP TA 25 69.41 -94.64 -42.23
CA ASP TA 25 68.47 -94.16 -43.24
C ASP TA 25 68.06 -95.34 -44.13
N ASN TA 26 67.29 -95.04 -45.17
CA ASN TA 26 66.78 -96.08 -46.05
C ASN TA 26 67.94 -96.78 -46.77
N PRO TA 27 68.07 -98.10 -46.66
CA PRO TA 27 69.10 -98.80 -47.43
C PRO TA 27 68.89 -98.74 -48.93
N ALA TA 28 67.68 -98.41 -49.39
CA ALA TA 28 67.45 -98.24 -50.81
C ALA TA 28 68.27 -97.09 -51.38
N PHE TA 29 68.79 -96.21 -50.53
CA PHE TA 29 69.71 -95.17 -50.96
C PHE TA 29 71.06 -95.73 -51.43
N LYS TA 30 71.35 -96.99 -51.14
CA LYS TA 30 72.56 -97.60 -51.68
C LYS TA 30 72.50 -97.69 -53.20
N GLN TA 31 71.31 -97.96 -53.74
CA GLN TA 31 71.10 -97.96 -55.18
C GLN TA 31 70.26 -96.78 -55.65
N PHE TA 32 70.16 -95.74 -54.81
CA PHE TA 32 69.29 -94.60 -55.04
C PHE TA 32 69.27 -94.15 -56.49
N MET TA 33 70.43 -93.74 -57.00
CA MET TA 33 70.51 -93.17 -58.34
C MET TA 33 69.86 -94.10 -59.35
N ASN TA 34 70.21 -95.39 -59.32
CA ASN TA 34 69.61 -96.33 -60.26
C ASN TA 34 68.10 -96.28 -60.16
N ILE TA 35 67.57 -96.44 -58.94
CA ILE TA 35 66.13 -96.38 -58.75
C ILE TA 35 65.60 -95.05 -59.28
N ALA TA 36 66.30 -93.96 -58.99
CA ALA TA 36 65.85 -92.65 -59.43
C ALA TA 36 65.70 -92.61 -60.94
N VAL TA 37 66.70 -93.11 -61.67
CA VAL TA 37 66.64 -92.95 -63.12
C VAL TA 37 65.53 -93.81 -63.70
N GLU TA 38 65.03 -94.78 -62.94
CA GLU TA 38 63.91 -95.60 -63.43
C GLU TA 38 62.55 -95.02 -63.07
N ASN TA 39 62.50 -94.05 -62.16
CA ASN TA 39 61.22 -93.54 -61.68
C ASN TA 39 61.02 -92.07 -61.92
N LEU TA 40 62.04 -91.25 -61.71
CA LEU TA 40 61.93 -89.80 -61.92
C LEU TA 40 62.28 -89.43 -63.35
N ARG TA 41 61.63 -90.07 -64.31
CA ARG TA 41 61.87 -89.80 -65.71
C ARG TA 41 61.36 -88.41 -66.07
N GLU TA 42 62.18 -87.65 -66.78
CA GLU TA 42 61.87 -86.28 -67.20
C GLU TA 42 61.69 -85.33 -66.02
N GLY TA 43 62.14 -85.73 -64.84
CA GLY TA 43 62.03 -84.89 -63.66
C GLY TA 43 60.65 -84.84 -63.04
N LYS TA 44 59.75 -85.73 -63.45
CA LYS TA 44 58.38 -85.73 -62.98
C LYS TA 44 58.16 -86.85 -61.98
N LEU TA 45 57.47 -86.55 -60.88
CA LEU TA 45 57.10 -87.54 -59.88
C LEU TA 45 55.75 -88.12 -60.24
N THR TA 46 55.71 -89.42 -60.52
CA THR TA 46 54.46 -90.08 -60.87
C THR TA 46 53.52 -90.07 -59.67
N ASP TA 47 52.26 -89.71 -59.91
CA ASP TA 47 51.24 -89.65 -58.87
C ASP TA 47 50.46 -90.95 -58.90
N HIS TA 48 50.71 -91.83 -57.94
CA HIS TA 48 50.03 -93.11 -57.85
C HIS TA 48 48.68 -93.02 -57.17
N ARG TA 49 48.31 -91.84 -56.67
CA ARG TA 49 47.04 -91.68 -55.97
C ARG TA 49 45.87 -91.87 -56.92
N THR TA 50 44.78 -92.41 -56.38
CA THR TA 50 43.58 -92.68 -57.16
C THR TA 50 42.60 -91.51 -57.04
N TYR TA 51 42.13 -91.02 -58.18
CA TYR TA 51 41.16 -89.94 -58.19
C TYR TA 51 39.77 -90.53 -57.99
N VAL TA 52 39.13 -90.20 -56.87
CA VAL TA 52 37.86 -90.77 -56.48
C VAL TA 52 36.81 -89.67 -56.48
N VAL TA 53 35.71 -89.89 -57.19
CA VAL TA 53 34.54 -89.04 -57.12
C VAL TA 53 33.52 -89.76 -56.26
N ASP TA 54 33.07 -89.11 -55.19
CA ASP TA 54 32.31 -89.79 -54.15
C ASP TA 54 30.93 -90.19 -54.66
N THR TA 55 30.58 -91.46 -54.41
CA THR TA 55 29.22 -91.94 -54.54
C THR TA 55 28.78 -92.66 -53.27
N TYR TA 56 29.49 -92.44 -52.17
CA TYR TA 56 29.22 -93.06 -50.88
C TYR TA 56 29.27 -94.59 -50.96
N LYS TA 57 30.19 -95.11 -51.78
CA LYS TA 57 30.44 -96.54 -51.79
C LYS TA 57 31.40 -96.97 -50.70
N LYS TA 58 32.08 -96.03 -50.05
CA LYS TA 58 32.97 -96.32 -48.93
C LYS TA 58 32.85 -95.22 -47.89
N TRP TA 59 33.01 -95.60 -46.63
CA TRP TA 59 33.04 -94.67 -45.51
C TRP TA 59 34.39 -94.62 -44.83
N MET TA 60 34.94 -95.77 -44.46
CA MET TA 60 36.22 -95.81 -43.76
C MET TA 60 37.41 -95.68 -44.70
N TYR TA 61 37.22 -95.90 -46.00
CA TYR TA 61 38.28 -95.83 -47.01
C TYR TA 61 39.45 -96.76 -46.70
N ALA TA 62 39.23 -97.77 -45.87
CA ALA TA 62 40.22 -98.80 -45.61
C ALA TA 62 39.92 -99.98 -46.51
N ARG TA 63 40.88 -100.32 -47.38
CA ARG TA 63 40.66 -101.37 -48.36
C ARG TA 63 40.46 -102.73 -47.69
N ASN TA 64 41.24 -103.01 -46.65
CA ASN TA 64 41.15 -104.27 -45.94
C ASN TA 64 41.54 -104.04 -44.49
N TRP TA 65 41.54 -105.12 -43.70
CA TRP TA 65 41.91 -105.02 -42.30
C TRP TA 65 43.38 -104.67 -42.14
N ASP TA 66 44.23 -105.13 -43.06
CA ASP TA 66 45.63 -104.73 -43.03
C ASP TA 66 45.76 -103.22 -43.19
N ASP TA 67 45.00 -102.63 -44.12
CA ASP TA 67 45.00 -101.18 -44.26
C ASP TA 67 44.49 -100.50 -43.01
N PHE TA 68 43.43 -101.05 -42.40
CA PHE TA 68 42.89 -100.47 -41.18
C PHE TA 68 43.95 -100.41 -40.09
N LEU TA 69 44.60 -101.55 -39.83
CA LEU TA 69 45.62 -101.60 -38.79
C LEU TA 69 46.81 -100.71 -39.11
N GLN TA 70 47.23 -100.67 -40.38
CA GLN TA 70 48.41 -99.91 -40.75
C GLN TA 70 48.16 -98.40 -40.68
N ARG TA 71 47.00 -97.96 -41.16
CA ARG TA 71 46.75 -96.53 -41.36
C ARG TA 71 45.82 -95.93 -40.32
N ASP TA 72 44.65 -96.54 -40.09
CA ASP TA 72 43.72 -95.98 -39.12
C ASP TA 72 44.27 -96.08 -37.71
N CYS TA 73 44.77 -97.26 -37.33
CA CYS TA 73 45.38 -97.43 -36.02
C CYS TA 73 46.83 -97.01 -35.97
N LYS TA 74 47.44 -96.73 -37.14
CA LYS TA 74 48.82 -96.26 -37.23
C LYS TA 74 49.78 -97.21 -36.53
N ALA TA 75 49.58 -98.52 -36.74
CA ALA TA 75 50.51 -99.53 -36.24
C ALA TA 75 51.66 -99.71 -37.23
N ILE TA 76 52.37 -98.61 -37.48
CA ILE TA 76 53.43 -98.61 -38.48
C ILE TA 76 54.64 -99.40 -38.01
N THR TA 77 54.91 -99.43 -36.71
CA THR TA 77 56.06 -100.12 -36.16
C THR TA 77 55.64 -101.48 -35.62
N PHE TA 78 56.62 -102.27 -35.17
CA PHE TA 78 56.34 -103.59 -34.64
C PHE TA 78 55.82 -103.56 -33.21
N PRO TA 79 56.37 -102.74 -32.30
CA PRO TA 79 55.77 -102.68 -30.97
C PRO TA 79 54.29 -102.30 -31.00
N ARG TA 80 53.91 -101.38 -31.88
CA ARG TA 80 52.50 -101.02 -32.01
C ARG TA 80 51.69 -102.20 -32.53
N ALA TA 81 52.24 -102.94 -33.50
CA ALA TA 81 51.54 -104.11 -34.04
C ALA TA 81 51.35 -105.16 -32.95
N PHE TA 82 52.36 -105.38 -32.12
CA PHE TA 82 52.25 -106.39 -31.06
C PHE TA 82 51.29 -105.93 -29.97
N ALA TA 83 51.26 -104.64 -29.66
CA ALA TA 83 50.27 -104.14 -28.72
C ALA TA 83 48.86 -104.33 -29.24
N LEU TA 84 48.63 -104.03 -30.52
CA LEU TA 84 47.32 -104.28 -31.12
C LEU TA 84 47.01 -105.77 -31.12
N TRP TA 85 48.01 -106.62 -31.32
CA TRP TA 85 47.78 -108.05 -31.28
C TRP TA 85 47.37 -108.51 -29.89
N ILE TA 86 47.99 -107.94 -28.85
CA ILE TA 86 47.61 -108.28 -27.48
C ILE TA 86 46.18 -107.86 -27.20
N VAL TA 87 45.81 -106.65 -27.65
CA VAL TA 87 44.42 -106.20 -27.50
C VAL TA 87 43.48 -107.13 -28.23
N GLY TA 88 43.84 -107.54 -29.45
CA GLY TA 88 42.99 -108.45 -30.19
C GLY TA 88 42.88 -109.82 -29.54
N THR TA 89 43.97 -110.29 -28.93
CA THR TA 89 43.92 -111.56 -28.22
C THR TA 89 42.99 -111.49 -27.02
N LEU TA 90 43.06 -110.40 -26.25
CA LEU TA 90 42.13 -110.23 -25.14
C LEU TA 90 40.69 -110.16 -25.63
N GLY TA 91 40.45 -109.42 -26.71
CA GLY TA 91 39.10 -109.35 -27.25
C GLY TA 91 38.59 -110.69 -27.74
N MET TA 92 39.45 -111.46 -28.41
CA MET TA 92 39.05 -112.77 -28.90
C MET TA 92 38.76 -113.73 -27.76
N ALA TA 93 39.60 -113.72 -26.72
CA ALA TA 93 39.33 -114.57 -25.56
C ALA TA 93 38.02 -114.19 -24.89
N THR TA 94 37.76 -112.89 -24.75
CA THR TA 94 36.51 -112.45 -24.16
C THR TA 94 35.32 -112.87 -25.01
N ALA TA 95 35.43 -112.74 -26.34
CA ALA TA 95 34.33 -113.13 -27.22
C ALA TA 95 34.08 -114.64 -27.15
N SER TA 96 35.15 -115.43 -27.11
CA SER TA 96 34.99 -116.88 -26.97
C SER TA 96 34.31 -117.23 -25.66
N LYS TA 97 34.71 -116.57 -24.56
CA LYS TA 97 34.08 -116.83 -23.28
C LYS TA 97 32.62 -116.44 -23.28
N TRP TA 98 32.29 -115.31 -23.91
CA TRP TA 98 30.89 -114.89 -23.99
C TRP TA 98 30.06 -115.88 -24.79
N CYS TA 99 30.60 -116.35 -25.91
CA CYS TA 99 29.85 -117.30 -26.73
C CYS TA 99 29.67 -118.63 -26.01
N ARG TA 100 30.69 -119.06 -25.26
CA ARG TA 100 30.55 -120.32 -24.52
C ARG TA 100 29.64 -120.17 -23.31
N GLN TA 101 29.51 -118.96 -22.76
CA GLN TA 101 28.59 -118.74 -21.66
C GLN TA 101 27.15 -118.64 -22.14
N ILE TA 102 26.92 -118.00 -23.28
CA ILE TA 102 25.55 -117.81 -23.74
C ILE TA 102 24.99 -119.09 -24.35
N LEU TA 103 25.83 -119.93 -24.92
CA LEU TA 103 25.41 -121.19 -25.54
C LEU TA 103 26.28 -122.31 -24.99
N PRO TA 104 26.04 -122.73 -23.75
CA PRO TA 104 26.98 -123.63 -23.07
C PRO TA 104 26.93 -125.06 -23.59
N VAL TA 105 27.57 -125.31 -24.73
CA VAL TA 105 27.66 -126.64 -25.30
C VAL TA 105 29.06 -127.17 -25.00
N GLY TA 106 29.13 -128.34 -24.38
CA GLY TA 106 30.41 -128.90 -23.98
C GLY TA 106 30.97 -128.38 -22.68
N SER TA 107 30.16 -127.68 -21.88
CA SER TA 107 30.63 -127.08 -20.63
C SER TA 107 30.23 -127.90 -19.40
N HIS TA 108 28.94 -128.18 -19.23
CA HIS TA 108 28.44 -128.92 -18.07
C HIS TA 108 27.97 -130.32 -18.46
N GLY TA 109 28.64 -130.94 -19.41
CA GLY TA 109 28.16 -132.18 -19.98
C GLY TA 109 27.13 -132.01 -21.06
N ILE TA 110 26.80 -130.78 -21.44
CA ILE TA 110 25.85 -130.53 -22.51
C ILE TA 110 26.52 -130.85 -23.84
N THR TA 111 25.82 -131.62 -24.68
CA THR TA 111 26.36 -132.02 -25.97
C THR TA 111 25.53 -131.55 -27.16
N LYS TA 112 24.28 -131.15 -26.94
CA LYS TA 112 23.38 -130.73 -28.01
C LYS TA 112 22.98 -129.29 -27.81
N ILE TA 113 22.87 -128.56 -28.92
CA ILE TA 113 22.42 -127.17 -28.87
C ILE TA 113 21.02 -127.09 -28.33
N SER TA 114 20.22 -128.13 -28.54
CA SER TA 114 18.84 -128.13 -28.06
C SER TA 114 18.78 -128.03 -26.54
N GLN TA 115 19.69 -128.71 -25.85
CA GLN TA 115 19.68 -128.74 -24.39
C GLN TA 115 20.39 -127.53 -23.80
N THR TA 116 20.02 -126.34 -24.26
CA THR TA 116 20.48 -125.09 -23.68
C THR TA 116 19.29 -124.16 -23.54
N GLN TA 117 19.30 -123.33 -22.49
CA GLN TA 117 18.21 -122.39 -22.28
C GLN TA 117 18.16 -121.33 -23.37
N PHE TA 118 19.32 -121.01 -23.95
CA PHE TA 118 19.37 -120.05 -25.06
C PHE TA 118 18.58 -120.57 -26.25
N PHE TA 119 18.72 -121.85 -26.57
CA PHE TA 119 17.95 -122.44 -27.66
C PHE TA 119 16.47 -122.54 -27.30
N HIS TA 120 16.16 -122.81 -26.03
CA HIS TA 120 14.76 -122.83 -25.62
C HIS TA 120 14.10 -121.48 -25.83
N GLN TA 121 14.82 -120.40 -25.51
CA GLN TA 121 14.23 -119.07 -25.61
C GLN TA 121 14.19 -118.57 -27.05
N PHE TA 122 15.31 -118.63 -27.76
CA PHE TA 122 15.44 -117.94 -29.04
C PHE TA 122 15.57 -118.87 -30.23
N GLY TA 123 15.85 -120.15 -30.03
CA GLY TA 123 15.85 -121.09 -31.12
C GLY TA 123 17.05 -120.97 -32.03
N PRO TA 124 16.91 -121.47 -33.26
CA PRO TA 124 18.05 -121.45 -34.20
C PRO TA 124 18.54 -120.06 -34.57
N LEU TA 125 17.69 -119.04 -34.47
CA LEU TA 125 18.14 -117.68 -34.79
C LEU TA 125 19.23 -117.23 -33.83
N GLY TA 126 19.06 -117.52 -32.54
CA GLY TA 126 20.09 -117.18 -31.57
C GLY TA 126 21.40 -117.91 -31.82
N THR TA 127 21.31 -119.19 -32.16
CA THR TA 127 22.52 -119.95 -32.48
C THR TA 127 23.21 -119.38 -33.69
N LEU TA 128 22.45 -119.00 -34.71
CA LEU TA 128 23.04 -118.36 -35.89
C LEU TA 128 23.72 -117.05 -35.54
N GLY TA 129 23.08 -116.26 -34.67
CA GLY TA 129 23.70 -115.01 -34.25
C GLY TA 129 24.99 -115.22 -33.49
N ALA TA 130 25.00 -116.18 -32.57
CA ALA TA 130 26.22 -116.47 -31.81
C ALA TA 130 27.33 -116.99 -32.72
N VAL TA 131 26.98 -117.85 -33.68
CA VAL TA 131 27.97 -118.35 -34.63
C VAL TA 131 28.53 -117.22 -35.46
N GLY TA 132 27.67 -116.31 -35.93
CA GLY TA 132 28.15 -115.18 -36.70
C GLY TA 132 29.06 -114.28 -35.90
N PHE TA 133 28.69 -114.02 -34.63
CA PHE TA 133 29.54 -113.19 -33.78
C PHE TA 133 30.91 -113.83 -33.58
N TYR TA 134 30.94 -115.12 -33.25
CA TYR TA 134 32.22 -115.77 -33.05
C TYR TA 134 33.03 -115.84 -34.34
N GLY TA 135 32.36 -116.08 -35.47
CA GLY TA 135 33.07 -116.13 -36.73
C GLY TA 135 33.69 -114.80 -37.10
N LEU TA 136 32.94 -113.71 -36.91
CA LEU TA 136 33.49 -112.39 -37.19
C LEU TA 136 34.68 -112.08 -36.28
N THR TA 137 34.55 -112.38 -34.99
CA THR TA 137 35.65 -112.11 -34.07
C THR TA 137 36.89 -112.95 -34.44
N ALA TA 138 36.69 -114.22 -34.76
CA ALA TA 138 37.81 -115.08 -35.13
C ALA TA 138 38.44 -114.62 -36.44
N TYR TA 139 37.63 -114.17 -37.40
CA TYR TA 139 38.16 -113.66 -38.66
C TYR TA 139 39.03 -112.43 -38.42
N LEU TA 140 38.54 -111.48 -37.62
CA LEU TA 140 39.32 -110.28 -37.35
C LEU TA 140 40.58 -110.61 -36.56
N TYR TA 141 40.50 -111.56 -35.62
CA TYR TA 141 41.70 -111.95 -34.89
C TYR TA 141 42.72 -112.62 -35.79
N TYR TA 142 42.26 -113.45 -36.74
CA TYR TA 142 43.18 -114.06 -37.70
C TYR TA 142 43.85 -113.00 -38.56
N LYS TA 143 43.10 -112.01 -39.02
CA LYS TA 143 43.68 -110.93 -39.81
C LYS TA 143 44.71 -110.16 -38.99
N THR TA 144 44.40 -109.87 -37.73
CA THR TA 144 45.33 -109.15 -36.86
C THR TA 144 46.60 -109.98 -36.63
N THR TA 145 46.44 -111.29 -36.43
CA THR TA 145 47.60 -112.16 -36.23
C THR TA 145 48.48 -112.20 -37.47
N ILE TA 146 47.87 -112.27 -38.65
CA ILE TA 146 48.66 -112.26 -39.89
C ILE TA 146 49.40 -110.94 -40.02
N PHE TA 147 48.73 -109.83 -39.72
CA PHE TA 147 49.37 -108.52 -39.78
C PHE TA 147 50.56 -108.45 -38.83
N THR TA 148 50.39 -108.95 -37.60
CA THR TA 148 51.46 -108.90 -36.61
C THR TA 148 52.63 -109.78 -37.01
N VAL TA 149 52.35 -110.98 -37.55
CA VAL TA 149 53.43 -111.86 -37.99
C VAL TA 149 54.18 -111.24 -39.16
N LYS TA 150 53.47 -110.64 -40.11
CA LYS TA 150 54.14 -109.98 -41.22
C LYS TA 150 55.00 -108.83 -40.73
N LYS TA 151 54.51 -108.04 -39.79
CA LYS TA 151 55.30 -106.92 -39.27
C LYS TA 151 56.51 -107.41 -38.50
N PHE TA 152 56.37 -108.52 -37.76
CA PHE TA 152 57.52 -109.09 -37.08
C PHE TA 152 58.56 -109.59 -38.07
N TYR TA 153 58.12 -110.25 -39.14
CA TYR TA 153 59.06 -110.75 -40.13
C TYR TA 153 59.77 -109.60 -40.84
N SER TA 154 59.05 -108.52 -41.11
CA SER TA 154 59.64 -107.39 -41.82
C SER TA 154 60.58 -106.61 -40.91
N HIS TA 155 60.06 -106.09 -39.79
CA HIS TA 155 60.82 -105.15 -38.98
C HIS TA 155 61.90 -105.84 -38.16
N CYS TA 156 61.64 -107.05 -37.68
CA CYS TA 156 62.57 -107.72 -36.78
C CYS TA 156 63.54 -108.66 -37.49
N ILE TA 157 63.05 -109.44 -38.45
CA ILE TA 157 63.92 -110.39 -39.16
C ILE TA 157 64.63 -109.69 -40.30
N LEU TA 158 63.86 -109.05 -41.18
CA LEU TA 158 64.43 -108.36 -42.33
C LEU TA 158 64.98 -106.97 -42.00
N GLN TA 159 64.75 -106.49 -40.78
CA GLN TA 159 65.26 -105.20 -40.32
C GLN TA 159 64.77 -104.05 -41.22
N GLU TA 160 63.52 -104.13 -41.66
CA GLU TA 160 62.89 -103.03 -42.36
C GLU TA 160 62.27 -102.07 -41.37
N ARG TA 161 62.03 -100.85 -41.82
CA ARG TA 161 61.47 -99.81 -40.98
C ARG TA 161 60.50 -98.96 -41.79
N GLU TA 162 59.68 -98.20 -41.08
CA GLU TA 162 58.90 -97.13 -41.70
C GLU TA 162 59.84 -95.93 -41.80
N TRP TA 163 60.38 -95.69 -42.99
CA TRP TA 163 61.56 -94.84 -43.09
C TRP TA 163 61.24 -93.36 -42.91
N ILE TA 164 60.04 -92.92 -43.29
CA ILE TA 164 59.65 -91.56 -42.99
C ILE TA 164 59.49 -91.38 -41.48
N PHE TA 165 58.96 -92.41 -40.81
CA PHE TA 165 58.87 -92.40 -39.35
C PHE TA 165 60.25 -92.32 -38.72
N GLU TA 166 61.22 -93.07 -39.28
CA GLU TA 166 62.59 -93.01 -38.78
C GLU TA 166 63.20 -91.63 -38.99
N GLN TA 167 62.95 -91.02 -40.16
CA GLN TA 167 63.43 -89.67 -40.41
C GLN TA 167 62.87 -88.68 -39.40
N GLU TA 168 61.57 -88.80 -39.10
CA GLU TA 168 60.99 -87.94 -38.08
C GLU TA 168 61.57 -88.22 -36.70
N ARG TA 169 61.93 -89.47 -36.42
CA ARG TA 169 62.58 -89.79 -35.15
C ARG TA 169 63.94 -89.13 -35.04
N GLN TA 170 64.72 -89.12 -36.12
CA GLN TA 170 66.09 -88.62 -36.04
C GLN TA 170 66.14 -87.14 -35.72
N ASN TA 171 65.30 -86.33 -36.34
CA ASN TA 171 65.29 -84.89 -36.10
C ASN TA 171 64.08 -84.52 -35.26
N PRO TA 172 64.26 -84.04 -34.01
CA PRO TA 172 63.14 -83.71 -33.14
C PRO TA 172 62.54 -82.33 -33.38
N GLY TA 173 62.31 -82.01 -34.65
CA GLY TA 173 61.66 -80.76 -34.99
C GLY TA 173 62.59 -79.60 -35.29
N TYR TA 174 63.38 -79.18 -34.29
CA TYR TA 174 64.17 -77.97 -34.43
C TYR TA 174 65.67 -78.24 -34.28
N GLY TA 175 66.16 -79.30 -34.90
CA GLY TA 175 67.58 -79.60 -34.87
C GLY TA 175 68.32 -78.95 -36.02
N GLU TA 176 69.61 -78.71 -35.82
CA GLU TA 176 70.47 -78.08 -36.82
C GLU TA 176 71.37 -79.17 -37.42
N TYR TA 177 70.85 -79.85 -38.43
CA TYR TA 177 71.56 -80.95 -39.07
C TYR TA 177 71.55 -80.80 -40.59
N PHE TA 178 71.86 -79.60 -41.07
CA PHE TA 178 72.02 -79.35 -42.50
C PHE TA 178 73.51 -79.27 -42.79
N PHE TA 179 74.06 -80.35 -43.32
CA PHE TA 179 75.50 -80.48 -43.51
C PHE TA 179 75.85 -80.54 -44.99
N LYS TA 180 77.04 -80.05 -45.32
CA LYS TA 180 77.51 -80.12 -46.70
C LYS TA 180 77.93 -81.53 -47.08
N ASP TA 181 78.42 -82.31 -46.12
CA ASP TA 181 78.87 -83.66 -46.41
C ASP TA 181 77.74 -84.60 -46.75
N VAL TA 182 76.50 -84.23 -46.44
CA VAL TA 182 75.33 -85.09 -46.62
C VAL TA 182 74.51 -84.52 -47.78
N PRO TA 183 74.48 -85.18 -48.93
CA PRO TA 183 73.67 -84.66 -50.04
C PRO TA 183 72.18 -84.59 -49.74
N LEU TA 184 71.67 -85.48 -48.90
CA LEU TA 184 70.24 -85.51 -48.58
C LEU TA 184 69.89 -84.71 -47.34
N SER TA 185 70.84 -83.99 -46.75
CA SER TA 185 70.56 -83.22 -45.54
C SER TA 185 69.61 -82.07 -45.83
N ALA TA 186 69.79 -81.39 -46.97
CA ALA TA 186 68.96 -80.24 -47.30
C ALA TA 186 68.85 -80.13 -48.81
N GLU TA 187 67.99 -79.22 -49.26
CA GLU TA 187 67.82 -78.98 -50.69
C GLU TA 187 69.02 -78.26 -51.28
N GLU TA 188 69.71 -77.43 -50.49
CA GLU TA 188 70.86 -76.70 -50.99
C GLU TA 188 72.08 -77.57 -51.19
N HIS TA 189 72.17 -78.70 -50.49
CA HIS TA 189 73.35 -79.54 -50.51
C HIS TA 189 73.21 -80.74 -51.44
N PHE TA 190 72.11 -80.82 -52.19
CA PHE TA 190 71.93 -81.87 -53.19
C PHE TA 190 72.56 -81.38 -54.50
N ASN TA 191 73.58 -82.09 -54.96
CA ASN TA 191 74.35 -81.63 -56.11
C ASN TA 191 73.51 -81.63 -57.38
N ASP TA 192 73.80 -80.67 -58.25
CA ASP TA 192 73.03 -80.49 -59.48
C ASP TA 192 73.24 -81.64 -60.46
N LEU TA 193 74.41 -82.29 -60.41
CA LEU TA 193 74.66 -83.40 -61.31
C LEU TA 193 73.69 -84.54 -61.06
N ALA TA 194 73.38 -84.82 -59.79
CA ALA TA 194 72.40 -85.85 -59.47
C ALA TA 194 71.02 -85.47 -60.01
N ARG TA 195 70.65 -84.20 -59.88
CA ARG TA 195 69.35 -83.76 -60.39
C ARG TA 195 69.27 -83.93 -61.89
N GLY TA 196 70.36 -83.62 -62.61
CA GLY TA 196 70.37 -83.84 -64.04
C GLY TA 196 70.35 -85.32 -64.42
N GLU TA 197 71.06 -86.14 -63.66
CA GLU TA 197 71.21 -87.55 -64.02
C GLU TA 197 69.94 -88.33 -63.76
N MET TA 198 69.24 -88.02 -62.66
CA MET TA 198 68.06 -88.80 -62.32
C MET TA 198 66.88 -88.53 -63.24
N ALA TA 199 66.97 -87.53 -64.12
CA ALA TA 199 65.87 -87.16 -65.00
C ALA TA 199 66.23 -87.34 -66.47
N LYS TA 200 67.22 -88.18 -66.79
CA LYS TA 200 67.67 -88.31 -68.16
C LYS TA 200 66.72 -89.14 -69.02
N LYS TA 201 66.08 -90.15 -68.46
CA LYS TA 201 65.23 -91.02 -69.24
C LYS TA 201 63.89 -90.35 -69.56
N LYS TA 202 63.15 -90.95 -70.48
CA LYS TA 202 61.89 -90.41 -70.96
C LYS TA 202 60.80 -91.47 -70.92
N PHE TA 203 59.57 -91.04 -70.69
CA PHE TA 203 58.44 -91.95 -70.67
C PHE TA 203 58.12 -92.45 -72.08
N GLU TA 204 57.61 -93.67 -72.15
CA GLU TA 204 57.14 -94.22 -73.42
C GLU TA 204 55.82 -93.59 -73.83
N LYS TA 205 55.64 -93.42 -75.13
CA LYS TA 205 54.39 -92.88 -75.65
C LYS TA 205 53.42 -94.01 -75.95
N PRO TA 206 52.26 -94.04 -75.32
CA PRO TA 206 51.33 -95.15 -75.52
C PRO TA 206 50.79 -95.19 -76.94
N ASN TA 207 50.50 -96.42 -77.39
CA ASN TA 207 49.86 -96.65 -78.67
C ASN TA 207 48.35 -96.78 -78.45
N HIS TA 208 47.59 -95.80 -78.92
CA HIS TA 208 46.16 -95.74 -78.63
C HIS TA 208 45.41 -96.73 -79.52
N GLU TA 209 45.66 -98.01 -79.26
CA GLU TA 209 45.09 -99.10 -80.05
C GLU TA 209 43.86 -99.66 -79.36
N PHE TA 210 42.82 -98.84 -79.31
CA PHE TA 210 41.54 -99.26 -78.75
C PHE TA 210 40.40 -98.43 -79.33
N VAL UA 66 40.18 -18.31 -82.74
CA VAL UA 66 40.22 -19.06 -81.49
C VAL UA 66 41.49 -19.90 -81.42
N GLU UA 67 42.24 -19.91 -82.52
CA GLU UA 67 43.47 -20.70 -82.55
C GLU UA 67 44.57 -20.06 -81.72
N GLU UA 68 44.74 -18.74 -81.84
CA GLU UA 68 45.86 -18.06 -81.21
C GLU UA 68 45.56 -17.82 -79.73
N MET UA 69 46.30 -18.52 -78.87
CA MET UA 69 46.17 -18.39 -77.42
C MET UA 69 47.31 -19.18 -76.79
N ASP UA 70 47.55 -18.93 -75.51
CA ASP UA 70 48.62 -19.62 -74.80
C ASP UA 70 48.14 -20.99 -74.33
N THR UA 71 49.02 -21.72 -73.64
CA THR UA 71 48.68 -23.06 -73.19
C THR UA 71 47.51 -23.06 -72.21
N ILE UA 72 47.52 -22.11 -71.26
CA ILE UA 72 46.46 -22.07 -70.25
C ILE UA 72 45.13 -21.72 -70.90
N GLN UA 73 45.12 -20.73 -71.80
CA GLN UA 73 43.88 -20.37 -72.47
C GLN UA 73 43.37 -21.50 -73.34
N LYS UA 74 44.27 -22.21 -74.03
CA LYS UA 74 43.86 -23.35 -74.84
C LYS UA 74 43.26 -24.44 -73.99
N MET UA 75 43.86 -24.73 -72.83
CA MET UA 75 43.32 -25.74 -71.94
C MET UA 75 41.96 -25.33 -71.40
N ASN UA 76 41.80 -24.05 -71.06
CA ASN UA 76 40.51 -23.58 -70.58
C ASN UA 76 39.43 -23.68 -71.66
N TYR UA 77 39.77 -23.32 -72.89
CA TYR UA 77 38.82 -23.44 -73.99
C TYR UA 77 38.45 -24.90 -74.23
N GLU UA 78 39.43 -25.80 -74.19
CA GLU UA 78 39.15 -27.22 -74.35
C GLU UA 78 38.24 -27.72 -73.24
N ALA UA 79 38.47 -27.27 -72.00
CA ALA UA 79 37.62 -27.67 -70.89
C ALA UA 79 36.19 -27.19 -71.09
N THR UA 80 36.03 -25.94 -71.50
CA THR UA 80 34.69 -25.39 -71.71
C THR UA 80 33.97 -26.12 -72.83
N VAL UA 81 34.70 -26.48 -73.90
CA VAL UA 81 34.09 -27.22 -75.00
C VAL UA 81 33.68 -28.62 -74.54
N ASN UA 82 34.56 -29.31 -73.81
CA ASN UA 82 34.29 -30.68 -73.39
C ASN UA 82 33.15 -30.75 -72.38
N MET UA 83 33.01 -29.75 -71.52
CA MET UA 83 31.92 -29.77 -70.56
C MET UA 83 30.56 -29.65 -71.22
N GLY UA 84 30.50 -29.28 -72.50
CA GLY UA 84 29.26 -29.18 -73.24
C GLY UA 84 28.98 -30.34 -74.17
N ARG UA 85 29.88 -31.32 -74.28
CA ARG UA 85 29.70 -32.46 -75.15
C ARG UA 85 29.28 -33.71 -74.40
N GLN UA 86 28.84 -33.57 -73.15
CA GLN UA 86 28.32 -34.71 -72.40
C GLN UA 86 27.07 -35.28 -73.05
N ASP UA 87 26.25 -34.41 -73.65
CA ASP UA 87 25.10 -34.89 -74.42
C ASP UA 87 25.54 -35.63 -75.67
N LEU UA 88 26.66 -35.21 -76.28
CA LEU UA 88 27.14 -35.87 -77.49
C LEU UA 88 27.71 -37.24 -77.20
N ILE UA 89 28.48 -37.37 -76.11
CA ILE UA 89 29.14 -38.64 -75.83
C ILE UA 89 28.13 -39.71 -75.44
N THR UA 90 27.12 -39.34 -74.65
CA THR UA 90 26.19 -40.30 -74.09
C THR UA 90 25.02 -40.63 -75.00
N ARG UA 91 24.92 -40.00 -76.17
CA ARG UA 91 23.80 -40.31 -77.07
C ARG UA 91 23.98 -41.67 -77.74
N GLU UA 92 25.20 -42.20 -77.77
CA GLU UA 92 25.43 -43.52 -78.35
C GLU UA 92 24.99 -44.65 -77.44
N TYR UA 93 25.00 -44.43 -76.12
CA TYR UA 93 24.67 -45.47 -75.15
C TYR UA 93 23.17 -45.44 -74.87
N THR UA 94 22.44 -46.19 -75.68
CA THR UA 94 21.00 -46.32 -75.54
C THR UA 94 20.63 -47.67 -74.95
N PHE UA 95 19.45 -47.72 -74.33
CA PHE UA 95 18.97 -48.92 -73.66
C PHE UA 95 17.83 -49.54 -74.46
N TYR UA 96 17.83 -50.87 -74.55
CA TYR UA 96 16.84 -51.57 -75.35
C TYR UA 96 15.48 -51.62 -74.66
N SER UA 97 15.46 -51.77 -73.34
CA SER UA 97 14.24 -52.03 -72.60
C SER UA 97 13.48 -50.77 -72.23
N ASP UA 98 13.99 -49.60 -72.57
CA ASP UA 98 13.32 -48.37 -72.18
C ASP UA 98 12.04 -48.18 -72.99
N TYR UA 99 11.09 -47.45 -72.40
CA TYR UA 99 9.85 -47.08 -73.08
C TYR UA 99 10.10 -45.78 -73.84
N GLU UA 100 10.20 -45.88 -75.16
CA GLU UA 100 10.42 -44.70 -75.98
C GLU UA 100 9.11 -43.96 -76.24
N PHE UA 101 9.23 -42.65 -76.45
CA PHE UA 101 8.10 -41.80 -76.79
C PHE UA 101 8.52 -40.84 -77.87
N ILE UA 102 7.55 -40.36 -78.63
CA ILE UA 102 7.81 -39.35 -79.65
C ILE UA 102 8.05 -38.04 -78.92
N PRO UA 103 9.22 -37.42 -79.06
CA PRO UA 103 9.51 -36.21 -78.30
C PRO UA 103 8.73 -35.01 -78.82
N ILE UA 104 8.63 -33.99 -77.98
CA ILE UA 104 8.01 -32.74 -78.37
C ILE UA 104 8.90 -32.04 -79.40
N GLN UA 105 8.29 -31.63 -80.51
CA GLN UA 105 9.06 -31.05 -81.61
C GLN UA 105 9.63 -29.69 -81.21
N GLU UA 106 10.62 -29.24 -81.99
CA GLU UA 106 11.33 -28.02 -81.64
C GLU UA 106 10.42 -26.79 -81.72
N ASP UA 107 9.56 -26.73 -82.73
CA ASP UA 107 8.64 -25.59 -82.83
C ASP UA 107 7.66 -25.57 -81.67
N ARG UA 108 7.17 -26.74 -81.26
CA ARG UA 108 6.28 -26.79 -80.11
C ARG UA 108 7.01 -26.42 -78.82
N LYS UA 109 8.28 -26.82 -78.70
CA LYS UA 109 9.08 -26.39 -77.57
C LYS UA 109 9.19 -24.87 -77.52
N GLN UA 110 9.45 -24.26 -78.68
CA GLN UA 110 9.56 -22.80 -78.73
C GLN UA 110 8.24 -22.14 -78.39
N GLN UA 111 7.13 -22.69 -78.86
CA GLN UA 111 5.82 -22.13 -78.55
C GLN UA 111 5.52 -22.22 -77.05
N MET UA 112 5.85 -23.36 -76.44
CA MET UA 112 5.63 -23.51 -75.00
C MET UA 112 6.51 -22.55 -74.20
N GLU UA 113 7.76 -22.37 -74.62
CA GLU UA 113 8.62 -21.41 -73.95
C GLU UA 113 8.14 -19.98 -74.14
N ASP UA 114 7.58 -19.67 -75.31
CA ASP UA 114 6.96 -18.36 -75.52
C ASP UA 114 5.77 -18.15 -74.60
N ALA UA 115 4.95 -19.19 -74.41
CA ALA UA 115 3.84 -19.08 -73.48
C ALA UA 115 4.32 -18.86 -72.05
N LEU UA 116 5.39 -19.56 -71.65
CA LEU UA 116 5.96 -19.36 -70.33
C LEU UA 116 6.50 -17.94 -70.17
N ASN UA 117 7.16 -17.42 -71.20
CA ASN UA 117 7.68 -16.06 -71.14
C ASN UA 117 6.54 -15.04 -71.06
N ASN UA 118 5.44 -15.31 -71.77
CA ASN UA 118 4.27 -14.45 -71.66
C ASN UA 118 3.71 -14.46 -70.25
N LEU UA 119 3.68 -15.63 -69.61
CA LEU UA 119 3.28 -15.69 -68.21
C LEU UA 119 4.22 -14.88 -67.33
N HIS UA 120 5.52 -15.01 -67.56
CA HIS UA 120 6.49 -14.27 -66.76
C HIS UA 120 6.38 -12.77 -66.96
N LYS UA 121 5.89 -12.35 -68.13
CA LYS UA 121 5.69 -10.93 -68.38
C LYS UA 121 4.64 -10.35 -67.44
N ILE UA 122 3.58 -11.09 -67.18
CA ILE UA 122 2.49 -10.60 -66.33
C ILE UA 122 2.94 -10.54 -64.87
N ILE UA 123 3.66 -11.56 -64.41
CA ILE UA 123 3.99 -11.66 -62.99
C ILE UA 123 5.15 -10.77 -62.58
N HIS UA 124 5.93 -10.28 -63.54
CA HIS UA 124 7.18 -9.57 -63.21
C HIS UA 124 6.98 -8.33 -62.36
N PRO UA 125 6.11 -7.37 -62.72
CA PRO UA 125 5.98 -6.19 -61.86
C PRO UA 125 5.49 -6.52 -60.46
N THR UA 126 4.56 -7.46 -60.34
CA THR UA 126 4.03 -7.82 -59.04
C THR UA 126 5.11 -8.44 -58.15
N VAL UA 127 5.87 -9.41 -58.68
CA VAL UA 127 6.86 -10.05 -57.84
C VAL UA 127 8.03 -9.11 -57.56
N THR UA 128 8.37 -8.22 -58.49
CA THR UA 128 9.45 -7.29 -58.22
C THR UA 128 9.05 -6.14 -57.32
N GLN UA 129 7.75 -5.92 -57.11
CA GLN UA 129 7.28 -4.90 -56.18
C GLN UA 129 6.90 -5.49 -54.82
N LEU UA 130 7.16 -6.76 -54.59
CA LEU UA 130 6.94 -7.40 -53.30
C LEU UA 130 8.26 -7.54 -52.56
N LYS UA 131 8.32 -7.05 -51.33
CA LYS UA 131 9.55 -7.05 -50.55
C LYS UA 131 9.67 -8.25 -49.62
N LYS UA 132 8.70 -9.16 -49.62
CA LYS UA 132 8.73 -10.34 -48.78
C LYS UA 132 8.94 -11.58 -49.64
N LYS UA 133 9.92 -12.40 -49.25
CA LYS UA 133 10.15 -13.64 -49.98
C LYS UA 133 8.99 -14.61 -49.83
N ALA UA 134 8.30 -14.56 -48.68
CA ALA UA 134 7.18 -15.47 -48.45
C ALA UA 134 6.06 -15.24 -49.45
N ASN UA 135 5.75 -13.98 -49.74
CA ASN UA 135 4.69 -13.69 -50.70
C ASN UA 135 5.06 -14.17 -52.10
N VAL UA 136 6.30 -13.96 -52.51
CA VAL UA 136 6.73 -14.40 -53.83
C VAL UA 136 6.71 -15.92 -53.92
N GLN UA 137 7.16 -16.60 -52.86
CA GLN UA 137 7.10 -18.06 -52.84
C GLN UA 137 5.66 -18.56 -52.89
N GLU UA 138 4.75 -17.88 -52.19
CA GLU UA 138 3.35 -18.28 -52.23
C GLU UA 138 2.77 -18.10 -53.62
N ILE UA 139 3.11 -16.98 -54.29
CA ILE UA 139 2.65 -16.77 -55.66
C ILE UA 139 3.20 -17.86 -56.57
N GLN UA 140 4.47 -18.21 -56.39
CA GLN UA 140 5.07 -19.27 -57.21
C GLN UA 140 4.37 -20.60 -56.99
N ASP UA 141 4.05 -20.92 -55.73
CA ASP UA 141 3.39 -22.19 -55.42
C ASP UA 141 1.98 -22.25 -55.98
N ARG UA 142 1.24 -21.15 -55.90
CA ARG UA 142 -0.15 -21.17 -56.35
C ARG UA 142 -0.26 -21.43 -57.85
N VAL UA 143 0.60 -20.78 -58.64
CA VAL UA 143 0.60 -21.02 -60.08
C VAL UA 143 1.11 -22.42 -60.40
N PHE UA 144 2.10 -22.87 -59.63
CA PHE UA 144 2.77 -24.12 -59.97
C PHE UA 144 1.85 -25.32 -59.87
N ARG UA 145 0.82 -25.28 -59.03
CA ARG UA 145 -0.11 -26.41 -58.95
C ARG UA 145 -0.90 -26.56 -60.24
N LYS UA 146 -1.44 -25.45 -60.75
CA LYS UA 146 -2.15 -25.48 -62.03
C LYS UA 146 -1.21 -25.92 -63.15
N LEU UA 147 -0.01 -25.34 -63.18
CA LEU UA 147 0.94 -25.70 -64.22
C LEU UA 147 1.34 -27.17 -64.12
N GLN UA 148 1.39 -27.72 -62.91
CA GLN UA 148 1.78 -29.12 -62.75
C GLN UA 148 0.67 -30.06 -63.18
N GLY UA 149 -0.59 -29.69 -62.92
CA GLY UA 149 -1.68 -30.49 -63.46
C GLY UA 149 -1.67 -30.51 -64.98
N TRP UA 150 -1.48 -29.34 -65.59
CA TRP UA 150 -1.41 -29.28 -67.05
C TRP UA 150 -0.20 -30.05 -67.59
N GLU UA 151 0.92 -29.96 -66.88
CA GLU UA 151 2.12 -30.70 -67.28
C GLU UA 151 1.91 -32.20 -67.19
N GLY UA 152 1.20 -32.66 -66.16
CA GLY UA 152 0.90 -34.07 -66.07
C GLY UA 152 0.01 -34.54 -67.21
N GLU UA 153 -1.00 -33.75 -67.56
CA GLU UA 153 -1.84 -34.09 -68.71
C GLU UA 153 -1.00 -34.17 -69.98
N LEU UA 154 -0.13 -33.19 -70.19
CA LEU UA 154 0.71 -33.17 -71.39
C LEU UA 154 1.65 -34.37 -71.42
N ASN UA 155 2.28 -34.70 -70.29
CA ASN UA 155 3.20 -35.81 -70.25
C ASN UA 155 2.51 -37.13 -70.55
N THR UA 156 1.32 -37.34 -69.97
CA THR UA 156 0.57 -38.55 -70.27
C THR UA 156 0.23 -38.63 -71.75
N CYS UA 157 -0.33 -37.56 -72.30
CA CYS UA 157 -0.80 -37.61 -73.68
C CYS UA 157 0.33 -37.62 -74.69
N VAL UA 158 1.53 -37.19 -74.31
CA VAL UA 158 2.68 -37.25 -75.21
C VAL UA 158 3.40 -38.59 -75.11
N PHE UA 159 3.48 -39.16 -73.90
CA PHE UA 159 4.06 -40.50 -73.78
C PHE UA 159 3.20 -41.52 -74.50
N SER UA 160 1.87 -41.38 -74.42
CA SER UA 160 0.97 -42.28 -75.12
C SER UA 160 0.75 -41.89 -76.58
N ALA UA 161 1.63 -41.10 -77.17
CA ALA UA 161 1.47 -40.65 -78.55
C ALA UA 161 2.05 -41.67 -79.52
N LYS UA 162 1.41 -41.80 -80.67
CA LYS UA 162 1.80 -42.75 -81.71
C LYS UA 162 2.65 -42.10 -82.81
N ASN UA 163 2.23 -40.94 -83.29
CA ASN UA 163 2.94 -40.21 -84.35
C ASN UA 163 3.21 -38.79 -83.90
N VAL UA 164 3.91 -38.05 -84.76
CA VAL UA 164 4.22 -36.65 -84.45
C VAL UA 164 2.96 -35.80 -84.44
N ARG UA 165 1.93 -36.20 -85.19
CA ARG UA 165 0.68 -35.44 -85.17
C ARG UA 165 0.06 -35.45 -83.78
N ASP UA 166 0.07 -36.60 -83.11
CA ASP UA 166 -0.47 -36.67 -81.75
C ASP UA 166 0.35 -35.83 -80.77
N SER UA 167 1.67 -35.90 -80.87
CA SER UA 167 2.51 -35.10 -79.98
C SER UA 167 2.28 -33.61 -80.20
N ASN UA 168 2.15 -33.20 -81.46
CA ASN UA 168 1.84 -31.81 -81.76
C ASN UA 168 0.48 -31.41 -81.20
N PHE UA 169 -0.51 -32.30 -81.31
CA PHE UA 169 -1.83 -32.00 -80.77
C PHE UA 169 -1.76 -31.78 -79.26
N CYS UA 170 -1.05 -32.66 -78.55
CA CYS UA 170 -0.96 -32.53 -77.10
C CYS UA 170 -0.20 -31.26 -76.70
N ALA UA 171 0.91 -30.97 -77.39
CA ALA UA 171 1.67 -29.76 -77.08
C ALA UA 171 0.85 -28.51 -77.35
N ASP UA 172 0.09 -28.50 -78.45
CA ASP UA 172 -0.77 -27.36 -78.75
C ASP UA 172 -1.86 -27.20 -77.70
N ARG UA 173 -2.43 -28.31 -77.22
CA ARG UA 173 -3.42 -28.22 -76.16
C ARG UA 173 -2.83 -27.63 -74.90
N PHE UA 174 -1.62 -28.07 -74.53
CA PHE UA 174 -0.97 -27.53 -73.33
C PHE UA 174 -0.67 -26.05 -73.48
N THR UA 175 -0.13 -25.65 -74.63
CA THR UA 175 0.16 -24.23 -74.86
C THR UA 175 -1.11 -23.39 -74.84
N ASN UA 176 -2.19 -23.91 -75.43
CA ASN UA 176 -3.45 -23.17 -75.43
C ASN UA 176 -4.02 -23.05 -74.02
N ARG UA 177 -3.86 -24.09 -73.20
CA ARG UA 177 -4.28 -24.00 -71.81
C ARG UA 177 -3.49 -22.92 -71.09
N ILE UA 178 -2.18 -22.84 -71.31
CA ILE UA 178 -1.39 -21.82 -70.66
C ILE UA 178 -1.82 -20.42 -71.12
N ASN UA 179 -2.00 -20.25 -72.42
CA ASN UA 179 -2.29 -18.93 -72.97
C ASN UA 179 -3.73 -18.49 -72.74
N THR UA 180 -4.64 -19.41 -72.45
CA THR UA 180 -6.05 -19.08 -72.27
C THR UA 180 -6.45 -19.03 -70.80
N GLU UA 181 -6.23 -20.11 -70.06
CA GLU UA 181 -6.61 -20.18 -68.66
C GLU UA 181 -5.48 -19.82 -67.72
N GLY UA 182 -4.23 -20.09 -68.12
CA GLY UA 182 -3.10 -19.77 -67.26
C GLY UA 182 -2.96 -18.29 -67.00
N VAL UA 183 -3.13 -17.47 -68.04
CA VAL UA 183 -3.01 -16.03 -67.86
C VAL UA 183 -4.13 -15.50 -67.00
N GLU UA 184 -5.35 -16.01 -67.18
CA GLU UA 184 -6.47 -15.57 -66.36
C GLU UA 184 -6.25 -15.92 -64.89
N PHE UA 185 -5.80 -17.15 -64.62
CA PHE UA 185 -5.53 -17.57 -63.25
C PHE UA 185 -4.42 -16.73 -62.64
N VAL UA 186 -3.35 -16.48 -63.40
CA VAL UA 186 -2.24 -15.67 -62.91
C VAL UA 186 -2.71 -14.26 -62.60
N LYS UA 187 -3.53 -13.68 -63.47
CA LYS UA 187 -4.03 -12.33 -63.23
C LYS UA 187 -4.88 -12.27 -61.97
N GLN UA 188 -5.73 -13.29 -61.75
CA GLN UA 188 -6.52 -13.31 -60.52
C GLN UA 188 -5.63 -13.39 -59.29
N ILE UA 189 -4.60 -14.25 -59.32
CA ILE UA 189 -3.69 -14.35 -58.19
C ILE UA 189 -3.01 -13.02 -57.93
N LEU UA 190 -2.48 -12.39 -58.98
CA LEU UA 190 -1.74 -11.15 -58.81
C LEU UA 190 -2.64 -10.01 -58.33
N ARG UA 191 -3.91 -10.00 -58.76
CA ARG UA 191 -4.85 -9.03 -58.20
C ARG UA 191 -5.09 -9.29 -56.72
N GLU UA 192 -5.14 -10.57 -56.33
CA GLU UA 192 -5.25 -10.87 -54.90
C GLU UA 192 -4.05 -10.34 -54.14
N TYR UA 193 -2.86 -10.42 -54.73
CA TYR UA 193 -1.67 -9.85 -54.11
C TYR UA 193 -1.51 -8.37 -54.44
N ASN VA 2 0.67 -125.78 -28.86
CA ASN VA 2 1.27 -125.19 -27.67
C ASN VA 2 1.02 -123.69 -27.62
N ASN VA 3 1.65 -123.02 -26.66
CA ASN VA 3 1.39 -121.60 -26.44
C ASN VA 3 2.06 -120.72 -27.47
N THR VA 4 3.28 -121.08 -27.89
CA THR VA 4 4.06 -120.18 -28.74
C THR VA 4 3.48 -120.07 -30.15
N PHE VA 5 3.16 -121.20 -30.77
CA PHE VA 5 2.69 -121.21 -32.14
C PHE VA 5 1.22 -120.91 -32.26
N LYS VA 6 0.54 -120.64 -31.15
CA LYS VA 6 -0.90 -120.42 -31.19
C LYS VA 6 -1.26 -119.20 -32.02
N PHE VA 7 -0.52 -118.10 -31.86
CA PHE VA 7 -0.84 -116.88 -32.60
C PHE VA 7 -0.66 -117.07 -34.10
N LEU VA 8 0.49 -117.60 -34.52
CA LEU VA 8 0.72 -117.83 -35.93
C LEU VA 8 -0.30 -118.81 -36.50
N HIS VA 9 -0.58 -119.88 -35.76
CA HIS VA 9 -1.54 -120.87 -36.24
C HIS VA 9 -2.92 -120.25 -36.43
N GLN VA 10 -3.38 -119.47 -35.46
CA GLN VA 10 -4.72 -118.89 -35.57
C GLN VA 10 -4.78 -117.85 -36.67
N VAL VA 11 -3.72 -117.06 -36.85
CA VAL VA 11 -3.70 -116.07 -37.92
C VAL VA 11 -3.77 -116.76 -39.28
N ILE VA 12 -2.93 -117.78 -39.49
CA ILE VA 12 -2.92 -118.46 -40.78
C ILE VA 12 -4.23 -119.20 -41.01
N SER VA 13 -4.80 -119.80 -39.95
CA SER VA 13 -6.06 -120.52 -40.10
C SER VA 13 -7.21 -119.58 -40.42
N LYS VA 14 -7.21 -118.38 -39.84
CA LYS VA 14 -8.20 -117.39 -40.22
C LYS VA 14 -8.01 -116.95 -41.67
N LEU VA 15 -6.76 -116.82 -42.11
CA LEU VA 15 -6.50 -116.47 -43.51
C LEU VA 15 -6.95 -117.56 -44.46
N THR VA 16 -6.68 -118.82 -44.13
CA THR VA 16 -6.99 -119.92 -45.04
C THR VA 16 -8.44 -120.35 -45.02
N LEU VA 17 -9.22 -119.93 -44.02
CA LEU VA 17 -10.63 -120.29 -44.00
C LEU VA 17 -11.42 -119.59 -45.09
N LYS VA 18 -10.92 -118.47 -45.61
CA LYS VA 18 -11.58 -117.80 -46.72
C LYS VA 18 -11.59 -118.67 -47.97
N ALA VA 19 -10.69 -119.64 -48.07
CA ALA VA 19 -10.70 -120.54 -49.22
C ALA VA 19 -11.96 -121.41 -49.23
N GLN VA 20 -12.38 -121.90 -48.07
CA GLN VA 20 -13.58 -122.72 -48.01
C GLN VA 20 -14.84 -121.88 -48.00
N VAL VA 21 -14.92 -120.91 -47.09
CA VAL VA 21 -16.06 -120.02 -47.00
C VAL VA 21 -15.61 -118.61 -47.37
N PRO VA 22 -15.86 -118.15 -48.60
CA PRO VA 22 -15.42 -116.81 -48.99
C PRO VA 22 -16.13 -115.73 -48.19
N ASN VA 23 -15.34 -114.76 -47.72
CA ASN VA 23 -15.85 -113.61 -46.99
C ASN VA 23 -16.73 -114.03 -45.80
N TYR VA 24 -16.22 -115.01 -45.03
CA TYR VA 24 -16.98 -115.47 -43.88
C TYR VA 24 -17.12 -114.39 -42.82
N GLY VA 25 -16.15 -113.49 -42.72
CA GLY VA 25 -16.22 -112.43 -41.74
C GLY VA 25 -17.36 -111.46 -41.97
N GLN VA 26 -17.68 -111.20 -43.24
CA GLN VA 26 -18.72 -110.24 -43.57
C GLN VA 26 -20.12 -110.86 -43.61
N TYR VA 27 -20.23 -112.18 -43.52
CA TYR VA 27 -21.52 -112.85 -43.62
C TYR VA 27 -21.73 -113.89 -42.53
N SER VA 28 -20.93 -113.84 -41.46
CA SER VA 28 -21.04 -114.82 -40.39
C SER VA 28 -22.45 -114.86 -39.82
N HIS VA 29 -23.01 -113.68 -39.51
CA HIS VA 29 -24.36 -113.63 -38.96
C HIS VA 29 -25.38 -114.19 -39.93
N SER VA 30 -25.12 -114.09 -41.24
CA SER VA 30 -26.04 -114.66 -42.23
C SER VA 30 -25.83 -116.15 -42.42
N LEU VA 31 -24.72 -116.70 -41.96
CA LEU VA 31 -24.45 -118.13 -42.09
C LEU VA 31 -24.86 -118.93 -40.87
N LYS VA 32 -25.46 -118.28 -39.87
CA LYS VA 32 -25.99 -119.00 -38.72
C LYS VA 32 -27.19 -119.87 -39.10
N ARG VA 33 -27.86 -119.56 -40.20
CA ARG VA 33 -29.04 -120.28 -40.66
C ARG VA 33 -28.66 -121.24 -41.77
N PRO VA 34 -29.11 -122.49 -41.71
CA PRO VA 34 -28.79 -123.45 -42.77
C PRO VA 34 -29.67 -123.23 -44.00
N ILE VA 35 -29.33 -123.94 -45.08
CA ILE VA 35 -30.06 -123.79 -46.33
C ILE VA 35 -31.46 -124.38 -46.22
N ASN VA 36 -31.58 -125.57 -45.61
CA ASN VA 36 -32.85 -126.28 -45.52
C ASN VA 36 -33.10 -126.61 -44.05
N PRO VA 37 -33.67 -125.69 -43.29
CA PRO VA 37 -33.83 -125.91 -41.85
C PRO VA 37 -34.89 -126.96 -41.51
N LYS VA 38 -34.44 -128.12 -41.06
CA LYS VA 38 -35.33 -129.15 -40.52
C LYS VA 38 -35.29 -129.06 -39.01
N VAL VA 39 -36.43 -128.79 -38.40
CA VAL VA 39 -36.56 -128.64 -36.96
C VAL VA 39 -37.48 -129.75 -36.46
N VAL VA 40 -37.17 -130.27 -35.28
CA VAL VA 40 -38.02 -131.25 -34.60
C VAL VA 40 -38.44 -130.63 -33.28
N VAL VA 41 -39.73 -130.38 -33.12
CA VAL VA 41 -40.25 -129.66 -31.96
C VAL VA 41 -40.94 -130.64 -31.02
N PHE VA 42 -40.61 -130.55 -29.74
CA PHE VA 42 -41.11 -131.50 -28.74
C PHE VA 42 -42.19 -130.92 -27.84
N GLY VA 43 -42.11 -129.64 -27.49
CA GLY VA 43 -43.10 -129.04 -26.60
C GLY VA 43 -44.51 -129.09 -27.13
N ASN VA 44 -45.45 -129.54 -26.29
CA ASN VA 44 -46.87 -129.68 -26.67
C ASN VA 44 -47.72 -129.01 -25.59
N SER VA 45 -47.91 -127.70 -25.72
CA SER VA 45 -48.67 -126.93 -24.74
C SER VA 45 -49.19 -125.67 -25.42
N SER VA 46 -50.05 -124.95 -24.69
CA SER VA 46 -50.63 -123.73 -25.24
C SER VA 46 -49.56 -122.67 -25.47
N ARG VA 47 -48.74 -122.39 -24.46
CA ARG VA 47 -47.65 -121.45 -24.64
C ARG VA 47 -46.62 -121.99 -25.62
N ALA VA 48 -46.39 -123.31 -25.60
CA ALA VA 48 -45.51 -123.92 -26.59
C ALA VA 48 -46.05 -123.71 -27.99
N TYR VA 49 -47.36 -123.86 -28.19
CA TYR VA 49 -47.95 -123.64 -29.50
C TYR VA 49 -47.82 -122.18 -29.92
N GLU VA 50 -48.01 -121.25 -28.98
CA GLU VA 50 -47.84 -119.83 -29.31
C GLU VA 50 -46.41 -119.54 -29.73
N LEU VA 51 -45.43 -120.11 -29.02
CA LEU VA 51 -44.04 -119.91 -29.38
C LEU VA 51 -43.71 -120.52 -30.74
N ILE VA 52 -44.25 -121.70 -31.02
CA ILE VA 52 -44.03 -122.34 -32.32
C ILE VA 52 -44.59 -121.47 -33.44
N SER VA 53 -45.82 -120.98 -33.25
CA SER VA 53 -46.45 -120.16 -34.28
C SER VA 53 -45.70 -118.86 -34.49
N SER VA 54 -45.23 -118.23 -33.41
CA SER VA 54 -44.53 -116.96 -33.55
C SER VA 54 -43.15 -117.14 -34.17
N GLN VA 55 -42.42 -118.18 -33.76
CA GLN VA 55 -41.06 -118.38 -34.24
C GLN VA 55 -41.02 -118.96 -35.64
N PHE VA 56 -41.65 -120.11 -35.83
CA PHE VA 56 -41.66 -120.80 -37.12
C PHE VA 56 -42.86 -120.38 -37.95
N ARG VA 57 -42.98 -119.07 -38.17
CA ARG VA 57 -44.11 -118.54 -38.93
C ARG VA 57 -43.97 -118.83 -40.41
N ASN VA 58 -42.76 -118.68 -40.95
CA ASN VA 58 -42.49 -118.93 -42.36
C ASN VA 58 -42.12 -120.38 -42.64
N PHE VA 59 -42.00 -121.21 -41.61
CA PHE VA 59 -41.73 -122.62 -41.81
C PHE VA 59 -43.03 -123.37 -42.07
N ASN VA 60 -42.88 -124.56 -42.66
CA ASN VA 60 -44.01 -125.45 -42.89
C ASN VA 60 -44.11 -126.46 -41.76
N HIS VA 61 -45.27 -127.08 -41.64
CA HIS VA 61 -45.58 -127.99 -40.55
C HIS VA 61 -45.64 -129.42 -41.07
N VAL VA 62 -44.92 -130.31 -40.41
CA VAL VA 62 -44.95 -131.74 -40.72
C VAL VA 62 -45.56 -132.43 -39.50
N ASN VA 63 -46.83 -132.80 -39.62
CA ASN VA 63 -47.55 -133.43 -38.53
C ASN VA 63 -47.19 -134.91 -38.50
N GLY VA 64 -46.29 -135.28 -37.61
CA GLY VA 64 -45.87 -136.66 -37.48
C GLY VA 64 -46.78 -137.54 -36.67
N LEU VA 65 -47.85 -136.98 -36.09
CA LEU VA 65 -48.77 -137.77 -35.30
C LEU VA 65 -49.58 -138.75 -36.15
N GLU VA 66 -49.75 -138.45 -37.44
CA GLU VA 66 -50.47 -139.38 -38.31
C GLU VA 66 -49.71 -140.69 -38.48
N LEU VA 67 -48.38 -140.61 -38.55
CA LEU VA 67 -47.54 -141.79 -38.74
C LEU VA 67 -47.47 -142.55 -37.42
N LYS VA 68 -48.54 -143.28 -37.13
CA LYS VA 68 -48.66 -144.06 -35.90
C LYS VA 68 -48.83 -145.53 -36.25
N GLY VA 69 -48.03 -146.38 -35.63
CA GLY VA 69 -48.18 -147.82 -35.81
C GLY VA 69 -47.48 -148.39 -37.02
N GLN VA 70 -46.54 -147.67 -37.62
CA GLN VA 70 -45.77 -148.18 -38.74
C GLN VA 70 -44.50 -148.86 -38.23
N GLU VA 71 -43.58 -149.16 -39.13
CA GLU VA 71 -42.40 -149.98 -38.84
C GLU VA 71 -41.21 -149.17 -38.33
N ASP VA 72 -41.39 -147.88 -38.05
CA ASP VA 72 -40.34 -146.99 -37.56
C ASP VA 72 -39.28 -146.73 -38.62
N ASN VA 73 -39.40 -147.39 -39.77
CA ASN VA 73 -38.64 -147.05 -40.97
C ASN VA 73 -39.49 -146.42 -42.05
N ILE VA 74 -40.77 -146.80 -42.12
CA ILE VA 74 -41.70 -146.12 -43.02
C ILE VA 74 -41.96 -144.69 -42.56
N GLN VA 75 -42.11 -144.50 -41.24
CA GLN VA 75 -42.36 -143.16 -40.71
C GLN VA 75 -41.20 -142.23 -41.01
N ALA VA 76 -39.97 -142.69 -40.73
CA ALA VA 76 -38.80 -141.85 -40.98
C ALA VA 76 -38.63 -141.56 -42.46
N ASN VA 77 -38.89 -142.55 -43.32
CA ASN VA 77 -38.82 -142.33 -44.76
C ASN VA 77 -39.83 -141.29 -45.21
N LYS VA 78 -41.07 -141.38 -44.73
CA LYS VA 78 -42.09 -140.41 -45.12
C LYS VA 78 -41.74 -139.01 -44.63
N VAL VA 79 -41.28 -138.91 -43.39
CA VAL VA 79 -40.90 -137.60 -42.85
C VAL VA 79 -39.75 -137.01 -43.64
N ALA VA 80 -38.75 -137.83 -43.98
CA ALA VA 80 -37.63 -137.35 -44.77
C ALA VA 80 -38.07 -136.89 -46.15
N GLN VA 81 -38.97 -137.64 -46.79
CA GLN VA 81 -39.51 -137.20 -48.07
C GLN VA 81 -40.33 -135.92 -47.93
N SER VA 82 -40.85 -135.64 -46.74
CA SER VA 82 -41.63 -134.42 -46.53
C SER VA 82 -40.78 -133.20 -46.20
N VAL VA 83 -39.49 -133.37 -45.91
CA VAL VA 83 -38.66 -132.26 -45.44
C VAL VA 83 -37.42 -132.07 -46.32
N LEU VA 84 -37.39 -132.66 -47.51
CA LEU VA 84 -36.22 -132.54 -48.36
C LEU VA 84 -36.56 -131.88 -49.69
N SER VA 85 -37.31 -130.78 -49.64
CA SER VA 85 -37.67 -130.06 -50.85
C SER VA 85 -37.95 -128.61 -50.49
N ILE VA 86 -37.95 -127.76 -51.51
CA ILE VA 86 -38.24 -126.34 -51.37
C ILE VA 86 -39.53 -126.03 -52.11
N ASN VA 87 -40.46 -125.36 -51.43
CA ASN VA 87 -41.72 -124.99 -52.05
C ASN VA 87 -41.51 -123.95 -53.13
N ASP VA 88 -42.53 -123.78 -53.98
CA ASP VA 88 -42.47 -122.77 -55.01
C ASP VA 88 -42.39 -121.36 -54.44
N GLY VA 89 -42.75 -121.19 -53.17
CA GLY VA 89 -42.58 -119.94 -52.46
C GLY VA 89 -41.24 -119.79 -51.77
N PHE VA 90 -40.28 -120.66 -52.09
CA PHE VA 90 -38.94 -120.65 -51.49
C PHE VA 90 -39.01 -120.80 -49.98
N GLN VA 91 -39.90 -121.67 -49.51
CA GLN VA 91 -40.01 -122.00 -48.09
C GLN VA 91 -39.29 -123.32 -47.88
N ASP VA 92 -38.01 -123.24 -47.55
CA ASP VA 92 -37.17 -124.42 -47.36
C ASP VA 92 -37.12 -124.88 -45.91
N GLY VA 93 -37.88 -124.25 -45.02
CA GLY VA 93 -37.87 -124.61 -43.61
C GLY VA 93 -39.09 -125.43 -43.24
N TYR VA 94 -38.85 -126.51 -42.50
CA TYR VA 94 -39.91 -127.36 -42.00
C TYR VA 94 -39.68 -127.63 -40.52
N TYR VA 95 -40.76 -127.73 -39.76
CA TYR VA 95 -40.70 -128.20 -38.38
C TYR VA 95 -41.68 -129.34 -38.21
N ILE VA 96 -41.22 -130.38 -37.51
CA ILE VA 96 -41.92 -131.66 -37.40
C ILE VA 96 -42.41 -131.80 -35.98
N THR VA 97 -43.70 -132.12 -35.84
CA THR VA 97 -44.35 -132.20 -34.54
C THR VA 97 -44.69 -133.65 -34.23
N ASP VA 98 -44.23 -134.13 -33.08
CA ASP VA 98 -44.64 -135.40 -32.49
C ASP VA 98 -44.23 -136.61 -33.32
N PHE VA 99 -43.29 -136.46 -34.25
CA PHE VA 99 -42.85 -137.65 -34.99
C PHE VA 99 -41.89 -138.51 -34.17
N PRO VA 100 -40.72 -138.00 -33.72
CA PRO VA 100 -39.75 -138.90 -33.08
C PRO VA 100 -40.20 -139.32 -31.70
N GLN VA 101 -40.49 -140.61 -31.53
CA GLN VA 101 -40.94 -141.14 -30.27
C GLN VA 101 -39.99 -142.16 -29.66
N ASN VA 102 -38.99 -142.61 -30.39
CA ASN VA 102 -37.97 -143.50 -29.86
C ASN VA 102 -36.66 -143.23 -30.59
N SER VA 103 -35.60 -143.93 -30.18
CA SER VA 103 -34.29 -143.67 -30.75
C SER VA 103 -34.19 -144.15 -32.19
N LYS VA 104 -34.86 -145.26 -32.53
CA LYS VA 104 -34.73 -145.83 -33.87
C LYS VA 104 -35.23 -144.88 -34.95
N GLN VA 105 -36.39 -144.26 -34.73
CA GLN VA 105 -36.94 -143.32 -35.70
C GLN VA 105 -36.01 -142.13 -35.89
N ALA VA 106 -35.47 -141.59 -34.79
CA ALA VA 106 -34.56 -140.46 -34.89
C ALA VA 106 -33.29 -140.84 -35.63
N GLU VA 107 -32.75 -142.03 -35.35
CA GLU VA 107 -31.56 -142.49 -36.05
C GLU VA 107 -31.82 -142.62 -37.54
N ARG VA 108 -32.96 -143.21 -37.91
CA ARG VA 108 -33.28 -143.37 -39.33
C ARG VA 108 -33.45 -142.01 -40.01
N LEU VA 109 -34.16 -141.09 -39.36
CA LEU VA 109 -34.36 -139.76 -39.95
C LEU VA 109 -33.04 -139.01 -40.09
N ASP VA 110 -32.14 -139.17 -39.14
CA ASP VA 110 -30.84 -138.52 -39.24
C ASP VA 110 -30.00 -139.14 -40.35
N LEU VA 111 -30.09 -140.46 -40.52
CA LEU VA 111 -29.34 -141.12 -41.59
C LEU VA 111 -29.83 -140.70 -42.96
N ILE VA 112 -31.15 -140.63 -43.15
CA ILE VA 112 -31.70 -140.30 -44.46
C ILE VA 112 -31.43 -138.83 -44.82
N THR VA 113 -31.66 -137.93 -43.87
CA THR VA 113 -31.58 -136.49 -44.13
C THR VA 113 -30.25 -135.88 -43.72
N ASP VA 114 -29.25 -136.71 -43.39
CA ASP VA 114 -27.97 -136.24 -42.88
C ASP VA 114 -28.13 -135.42 -41.60
N GLY VA 115 -29.16 -135.72 -40.83
CA GLY VA 115 -29.39 -135.08 -39.55
C GLY VA 115 -30.34 -133.91 -39.65
N VAL VA 116 -31.10 -133.69 -38.58
CA VAL VA 116 -31.99 -132.54 -38.49
C VAL VA 116 -31.16 -131.32 -38.10
N ASN VA 117 -31.56 -130.16 -38.63
CA ASN VA 117 -30.80 -128.94 -38.37
C ASN VA 117 -31.01 -128.44 -36.95
N LEU VA 118 -32.19 -128.66 -36.38
CA LEU VA 118 -32.44 -128.23 -35.02
C LEU VA 118 -33.44 -129.16 -34.36
N ALA VA 119 -33.24 -129.43 -33.08
CA ALA VA 119 -34.24 -130.05 -32.22
C ALA VA 119 -34.51 -129.08 -31.08
N LEU VA 120 -35.79 -128.75 -30.88
CA LEU VA 120 -36.19 -127.74 -29.92
C LEU VA 120 -37.08 -128.37 -28.86
N TYR VA 121 -36.79 -128.08 -27.59
CA TYR VA 121 -37.56 -128.58 -26.46
C TYR VA 121 -38.08 -127.38 -25.68
N ILE VA 122 -39.40 -127.17 -25.72
CA ILE VA 122 -39.99 -126.03 -25.04
C ILE VA 122 -39.91 -126.17 -23.53
N LYS VA 123 -39.90 -127.41 -23.02
CA LYS VA 123 -39.67 -127.67 -21.60
C LYS VA 123 -40.66 -126.90 -20.72
N ASP VA 124 -41.93 -126.97 -21.10
CA ASP VA 124 -42.98 -126.31 -20.32
C ASP VA 124 -43.51 -127.27 -19.27
N PRO VA 125 -43.48 -126.91 -17.98
CA PRO VA 125 -44.03 -127.81 -16.96
C PRO VA 125 -45.54 -127.97 -17.02
N SER VA 126 -46.24 -127.20 -17.85
CA SER VA 126 -47.70 -127.29 -17.94
C SER VA 126 -48.17 -128.45 -18.82
N ASP VA 127 -47.27 -129.08 -19.57
CA ASP VA 127 -47.64 -130.21 -20.41
C ASP VA 127 -47.13 -131.51 -19.81
N LYS VA 128 -47.88 -132.58 -20.05
CA LYS VA 128 -47.59 -133.88 -19.43
C LYS VA 128 -47.21 -134.96 -20.43
N VAL VA 129 -47.65 -134.87 -21.69
CA VAL VA 129 -47.47 -135.98 -22.61
C VAL VA 129 -46.08 -136.00 -23.22
N THR VA 130 -45.40 -134.86 -23.29
CA THR VA 130 -44.13 -134.79 -23.99
C THR VA 130 -43.09 -135.71 -23.37
N VAL VA 131 -42.96 -135.67 -22.04
CA VAL VA 131 -41.99 -136.52 -21.36
C VAL VA 131 -42.40 -137.98 -21.44
N THR VA 132 -43.70 -138.26 -21.50
CA THR VA 132 -44.16 -139.64 -21.51
C THR VA 132 -43.98 -140.31 -22.87
N ARG VA 133 -44.11 -139.56 -23.97
CA ARG VA 133 -44.13 -140.19 -25.29
C ARG VA 133 -42.90 -139.93 -26.13
N GLN VA 134 -42.05 -138.95 -25.78
CA GLN VA 134 -40.89 -138.62 -26.61
C GLN VA 134 -39.60 -138.53 -25.80
N GLN VA 135 -39.55 -139.19 -24.63
CA GLN VA 135 -38.34 -139.09 -23.80
C GLN VA 135 -37.14 -139.72 -24.48
N GLU VA 136 -37.35 -140.85 -25.18
CA GLU VA 136 -36.24 -141.48 -25.88
C GLU VA 136 -35.69 -140.58 -26.96
N ALA VA 137 -36.57 -139.91 -27.71
CA ALA VA 137 -36.11 -138.99 -28.75
C ALA VA 137 -35.37 -137.80 -28.14
N ILE VA 138 -35.88 -137.27 -27.03
CA ILE VA 138 -35.19 -136.14 -26.38
C ILE VA 138 -33.81 -136.57 -25.91
N ASP VA 139 -33.70 -137.76 -25.33
CA ASP VA 139 -32.40 -138.27 -24.89
C ASP VA 139 -31.46 -138.45 -26.07
N TYR VA 140 -31.97 -138.98 -27.19
CA TYR VA 140 -31.13 -139.16 -28.36
C TYR VA 140 -30.60 -137.83 -28.88
N TYR VA 141 -31.48 -136.83 -28.99
CA TYR VA 141 -31.05 -135.55 -29.53
C TYR VA 141 -30.14 -134.80 -28.56
N ARG VA 142 -30.26 -135.05 -27.26
CA ARG VA 142 -29.27 -134.54 -26.33
C ARG VA 142 -27.94 -135.27 -26.50
N LYS VA 143 -27.98 -136.56 -26.83
CA LYS VA 143 -26.76 -137.30 -27.07
C LYS VA 143 -26.01 -136.76 -28.28
N THR VA 144 -26.74 -136.50 -29.37
CA THR VA 144 -26.09 -136.03 -30.59
C THR VA 144 -25.76 -134.54 -30.56
N GLY VA 145 -26.22 -133.81 -29.55
CA GLY VA 145 -25.92 -132.40 -29.44
C GLY VA 145 -26.81 -131.48 -30.24
N ALA VA 146 -27.84 -132.02 -30.89
CA ALA VA 146 -28.75 -131.21 -31.69
C ALA VA 146 -29.92 -130.66 -30.89
N LEU VA 147 -29.97 -130.91 -29.59
CA LEU VA 147 -31.10 -130.51 -28.75
C LEU VA 147 -30.84 -129.16 -28.11
N VAL VA 148 -31.83 -128.27 -28.18
CA VAL VA 148 -31.80 -126.98 -27.52
C VAL VA 148 -33.02 -126.92 -26.61
N GLU VA 149 -32.79 -126.85 -25.31
CA GLU VA 149 -33.87 -126.76 -24.32
C GLU VA 149 -34.06 -125.29 -23.97
N PHE VA 150 -35.25 -124.78 -24.26
CA PHE VA 150 -35.60 -123.39 -23.98
C PHE VA 150 -36.67 -123.39 -22.89
N GLU VA 151 -36.23 -123.28 -21.63
CA GLU VA 151 -37.16 -123.33 -20.51
C GLU VA 151 -38.15 -122.17 -20.58
N VAL VA 152 -39.43 -122.49 -20.42
CA VAL VA 152 -40.52 -121.53 -20.59
C VAL VA 152 -41.38 -121.51 -19.34
N ASP VA 153 -41.65 -120.32 -18.83
CA ASP VA 153 -42.65 -120.15 -17.79
C ASP VA 153 -43.99 -119.84 -18.44
N PRO VA 154 -45.02 -120.66 -18.21
CA PRO VA 154 -46.31 -120.41 -18.88
C PRO VA 154 -46.95 -119.09 -18.50
N ARG VA 155 -46.58 -118.49 -17.38
CA ARG VA 155 -47.11 -117.21 -16.94
C ARG VA 155 -46.17 -116.06 -17.22
N GLY VA 156 -45.11 -116.28 -17.99
CA GLY VA 156 -44.12 -115.25 -18.27
C GLY VA 156 -44.56 -114.33 -19.39
N ASP VA 157 -43.64 -113.45 -19.78
CA ASP VA 157 -43.93 -112.46 -20.81
C ASP VA 157 -43.72 -113.07 -22.19
N LEU VA 158 -44.76 -113.03 -23.01
CA LEU VA 158 -44.70 -113.67 -24.33
C LEU VA 158 -43.67 -113.02 -25.22
N GLU VA 159 -43.57 -111.68 -25.20
CA GLU VA 159 -42.63 -111.00 -26.07
C GLU VA 159 -41.18 -111.30 -25.69
N GLU VA 160 -40.87 -111.26 -24.39
CA GLU VA 160 -39.52 -111.63 -23.96
C GLU VA 160 -39.22 -113.08 -24.30
N GLN VA 161 -40.20 -113.97 -24.09
CA GLN VA 161 -39.99 -115.38 -24.39
C GLN VA 161 -39.73 -115.60 -25.88
N VAL VA 162 -40.48 -114.90 -26.74
CA VAL VA 162 -40.30 -115.11 -28.17
C VAL VA 162 -38.99 -114.50 -28.65
N LYS VA 163 -38.55 -113.38 -28.07
CA LYS VA 163 -37.24 -112.84 -28.43
C LYS VA 163 -36.12 -113.80 -28.01
N GLN VA 164 -36.20 -114.33 -26.79
CA GLN VA 164 -35.19 -115.29 -26.34
C GLN VA 164 -35.20 -116.55 -27.19
N LEU VA 165 -36.39 -117.03 -27.55
CA LEU VA 165 -36.50 -118.20 -28.40
C LEU VA 165 -35.90 -117.94 -29.78
N SER VA 166 -36.14 -116.76 -30.34
CA SER VA 166 -35.56 -116.42 -31.63
C SER VA 166 -34.04 -116.43 -31.57
N ASN VA 167 -33.48 -115.80 -30.54
CA ASN VA 167 -32.02 -115.79 -30.42
C ASN VA 167 -31.47 -117.20 -30.24
N GLN VA 168 -32.09 -118.01 -29.39
CA GLN VA 168 -31.58 -119.35 -29.12
C GLN VA 168 -31.70 -120.24 -30.36
N VAL VA 169 -32.80 -120.14 -31.10
CA VAL VA 169 -32.95 -120.92 -32.32
C VAL VA 169 -31.92 -120.49 -33.35
N LEU VA 170 -31.71 -119.18 -33.52
CA LEU VA 170 -30.73 -118.72 -34.49
C LEU VA 170 -29.34 -119.20 -34.14
N ASN VA 171 -28.98 -119.19 -32.85
CA ASN VA 171 -27.67 -119.67 -32.44
C ASN VA 171 -27.57 -121.18 -32.37
N GLY VA 172 -28.68 -121.90 -32.41
CA GLY VA 172 -28.69 -123.34 -32.27
C GLY VA 172 -28.80 -124.14 -33.55
N TYR VA 173 -28.89 -123.48 -34.70
CA TYR VA 173 -28.96 -124.18 -35.97
C TYR VA 173 -27.64 -124.91 -36.26
N LYS VA 174 -27.75 -126.00 -37.01
CA LYS VA 174 -26.60 -126.78 -37.44
C LYS VA 174 -26.60 -126.86 -38.97
N HIS VA 175 -25.41 -126.75 -39.56
CA HIS VA 175 -25.28 -126.86 -41.00
C HIS VA 175 -25.32 -128.32 -41.45
N MET WA 1 -26.27 -30.58 -27.93
CA MET WA 1 -25.75 -31.75 -27.23
C MET WA 1 -24.42 -31.42 -26.54
N ASP WA 2 -23.32 -31.72 -27.22
CA ASP WA 2 -22.00 -31.48 -26.69
C ASP WA 2 -21.63 -30.01 -26.77
N ASN WA 3 -20.76 -29.58 -25.87
CA ASN WA 3 -20.27 -28.21 -25.84
C ASN WA 3 -19.03 -28.00 -26.70
N ASN WA 4 -18.55 -29.04 -27.38
CA ASN WA 4 -17.34 -28.93 -28.18
C ASN WA 4 -17.60 -29.32 -29.63
N TYR WA 5 -18.70 -28.82 -30.20
CA TYR WA 5 -18.98 -29.08 -31.62
C TYR WA 5 -18.02 -28.33 -32.53
N HIS WA 6 -17.32 -27.32 -32.02
CA HIS WA 6 -16.34 -26.59 -32.82
C HIS WA 6 -15.08 -27.42 -33.07
N PHE WA 7 -14.81 -28.42 -32.24
CA PHE WA 7 -13.56 -29.16 -32.32
C PHE WA 7 -13.45 -29.89 -33.65
N TRP WA 8 -12.27 -29.79 -34.28
CA TRP WA 8 -12.08 -30.39 -35.59
C TRP WA 8 -12.05 -31.91 -35.52
N GLY WA 9 -11.59 -32.47 -34.40
CA GLY WA 9 -11.58 -33.91 -34.21
C GLY WA 9 -12.91 -34.51 -33.82
N ASN WA 10 -13.94 -33.68 -33.68
CA ASN WA 10 -15.28 -34.12 -33.33
C ASN WA 10 -16.13 -34.27 -34.58
N GLY WA 11 -17.33 -34.78 -34.41
CA GLY WA 11 -18.24 -34.92 -35.53
C GLY WA 11 -19.62 -35.35 -35.05
N ASP WA 12 -20.59 -35.18 -35.94
CA ASP WA 12 -21.96 -35.61 -35.72
C ASP WA 12 -22.23 -36.86 -36.54
N ARG WA 13 -23.47 -37.34 -36.47
CA ARG WA 13 -23.81 -38.60 -37.14
C ARG WA 13 -23.69 -38.49 -38.65
N GLN WA 14 -24.08 -37.36 -39.23
CA GLN WA 14 -24.16 -37.21 -40.68
C GLN WA 14 -22.91 -36.61 -41.29
N ASP WA 15 -21.76 -36.78 -40.64
CA ASP WA 15 -20.48 -36.40 -41.23
C ASP WA 15 -19.91 -37.57 -42.01
N VAL WA 16 -18.93 -37.26 -42.86
CA VAL WA 16 -18.30 -38.31 -43.66
C VAL WA 16 -17.57 -39.27 -42.75
N SER WA 17 -17.85 -40.56 -42.91
CA SER WA 17 -17.35 -41.60 -42.03
C SER WA 17 -16.27 -42.40 -42.75
N LEU WA 18 -15.07 -42.43 -42.19
CA LEU WA 18 -13.98 -43.24 -42.70
C LEU WA 18 -13.40 -44.06 -41.56
N SER WA 19 -13.23 -45.35 -41.78
CA SER WA 19 -12.55 -46.18 -40.81
C SER WA 19 -11.07 -45.81 -40.76
N TYR WA 20 -10.38 -46.27 -39.72
CA TYR WA 20 -8.96 -45.99 -39.60
C TYR WA 20 -8.18 -46.66 -40.73
N GLU WA 21 -8.57 -47.88 -41.10
CA GLU WA 21 -7.92 -48.55 -42.22
C GLU WA 21 -8.09 -47.76 -43.51
N ASP WA 22 -9.31 -47.27 -43.77
CA ASP WA 22 -9.55 -46.44 -44.94
C ASP WA 22 -8.73 -45.16 -44.89
N TYR WA 23 -8.64 -44.54 -43.71
CA TYR WA 23 -7.89 -43.30 -43.59
C TYR WA 23 -6.42 -43.50 -43.88
N TYR WA 24 -5.83 -44.57 -43.34
CA TYR WA 24 -4.41 -44.83 -43.59
C TYR WA 24 -4.17 -45.18 -45.05
N SER WA 25 -5.05 -45.97 -45.65
CA SER WA 25 -4.89 -46.29 -47.07
C SER WA 25 -5.00 -45.04 -47.93
N ILE WA 26 -5.93 -44.14 -47.59
CA ILE WA 26 -6.06 -42.88 -48.31
C ILE WA 26 -4.78 -42.06 -48.18
N LEU WA 27 -4.22 -42.00 -46.97
CA LEU WA 27 -2.95 -41.31 -46.78
C LEU WA 27 -1.85 -41.93 -47.63
N ASP WA 28 -1.92 -43.23 -47.89
CA ASP WA 28 -0.86 -43.89 -48.66
C ASP WA 28 -0.86 -43.50 -50.13
N CYS WA 29 -1.86 -42.76 -50.62
CA CYS WA 29 -1.97 -42.44 -52.04
C CYS WA 29 -2.10 -40.95 -52.27
N LEU WA 30 -1.38 -40.14 -51.51
CA LEU WA 30 -1.45 -38.69 -51.67
C LEU WA 30 -0.05 -38.11 -51.60
N LEU WA 31 0.10 -36.91 -52.19
CA LEU WA 31 1.36 -36.17 -52.17
C LEU WA 31 1.13 -34.80 -51.56
N ASP WA 32 2.07 -34.38 -50.70
CA ASP WA 32 1.94 -33.08 -50.03
C ASP WA 32 2.23 -31.90 -50.95
N GLU WA 33 2.96 -32.12 -52.05
CA GLU WA 33 3.25 -31.03 -52.97
C GLU WA 33 2.00 -30.55 -53.69
N LYS WA 34 1.01 -31.42 -53.86
CA LYS WA 34 -0.20 -31.09 -54.60
C LYS WA 34 -1.27 -30.43 -53.76
N LEU WA 35 -1.01 -30.22 -52.47
CA LEU WA 35 -2.00 -29.66 -51.55
C LEU WA 35 -1.60 -28.25 -51.13
N SER WA 36 -2.60 -27.39 -50.98
CA SER WA 36 -2.38 -26.04 -50.50
C SER WA 36 -2.02 -26.07 -49.01
N PRO WA 37 -1.45 -24.99 -48.48
CA PRO WA 37 -1.11 -24.98 -47.05
C PRO WA 37 -2.31 -25.20 -46.14
N GLN WA 38 -3.52 -24.87 -46.58
CA GLN WA 38 -4.70 -25.16 -45.78
C GLN WA 38 -5.01 -26.66 -45.76
N GLY WA 39 -4.89 -27.32 -46.92
CA GLY WA 39 -5.10 -28.75 -46.95
C GLY WA 39 -4.09 -29.51 -46.11
N LEU WA 40 -2.83 -29.07 -46.14
CA LEU WA 40 -1.81 -29.67 -45.29
C LEU WA 40 -2.17 -29.50 -43.82
N MET WA 41 -2.71 -28.33 -43.46
CA MET WA 41 -3.12 -28.11 -42.07
C MET WA 41 -4.24 -29.05 -41.67
N LYS WA 42 -5.23 -29.23 -42.56
CA LYS WA 42 -6.29 -30.19 -42.28
C LYS WA 42 -5.74 -31.59 -42.07
N PHE WA 43 -4.80 -32.00 -42.93
CA PHE WA 43 -4.24 -33.34 -42.81
C PHE WA 43 -3.42 -33.49 -41.54
N LYS WA 44 -2.72 -32.44 -41.11
CA LYS WA 44 -1.93 -32.54 -39.89
C LYS WA 44 -2.82 -32.62 -38.64
N ASN WA 45 -3.88 -31.82 -38.60
CA ASN WA 45 -4.84 -31.94 -37.50
C ASN WA 45 -5.45 -33.33 -37.47
N LEU WA 46 -5.82 -33.85 -38.64
CA LEU WA 46 -6.35 -35.21 -38.71
C LEU WA 46 -5.31 -36.22 -38.24
N HIS WA 47 -4.04 -35.97 -38.55
CA HIS WA 47 -3.00 -36.90 -38.13
C HIS WA 47 -2.90 -36.97 -36.61
N GLU WA 48 -2.93 -35.83 -35.94
CA GLU WA 48 -2.81 -35.90 -34.48
C GLU WA 48 -4.05 -36.52 -33.85
N VAL WA 49 -5.23 -36.14 -34.32
CA VAL WA 49 -6.46 -36.76 -33.80
C VAL WA 49 -6.43 -38.26 -34.02
N SER WA 50 -5.98 -38.70 -35.20
CA SER WA 50 -6.00 -40.11 -35.53
C SER WA 50 -4.92 -40.90 -34.81
N MET WA 51 -3.76 -40.29 -34.54
CA MET WA 51 -2.76 -41.01 -33.75
C MET WA 51 -3.28 -41.27 -32.34
N TYR WA 52 -3.92 -40.27 -31.73
CA TYR WA 52 -4.54 -40.52 -30.42
C TYR WA 52 -5.64 -41.57 -30.53
N GLY WA 53 -6.45 -41.51 -31.58
CA GLY WA 53 -7.54 -42.47 -31.72
C GLY WA 53 -7.08 -43.89 -31.89
N VAL WA 54 -6.08 -44.11 -32.75
CA VAL WA 54 -5.56 -45.47 -32.94
C VAL WA 54 -4.87 -45.95 -31.68
N SER WA 55 -4.28 -45.05 -30.90
CA SER WA 55 -3.77 -45.46 -29.59
C SER WA 55 -4.89 -45.96 -28.70
N TYR WA 56 -6.04 -45.28 -28.72
CA TYR WA 56 -7.10 -45.54 -27.76
C TYR WA 56 -8.05 -46.69 -28.14
N VAL WA 57 -8.13 -47.05 -29.43
CA VAL WA 57 -9.13 -48.04 -29.85
C VAL WA 57 -9.04 -49.36 -29.07
N PRO WA 58 -7.86 -49.97 -28.88
CA PRO WA 58 -7.82 -51.20 -28.08
C PRO WA 58 -8.38 -51.02 -26.68
N LEU WA 59 -8.20 -49.84 -26.08
CA LEU WA 59 -8.80 -49.59 -24.78
C LEU WA 59 -10.33 -49.61 -24.86
N TYR WA 60 -10.89 -49.06 -25.95
CA TYR WA 60 -12.33 -49.12 -26.14
C TYR WA 60 -12.80 -50.56 -26.27
N CYS WA 61 -12.07 -51.38 -27.01
CA CYS WA 61 -12.49 -52.75 -27.27
C CYS WA 61 -12.17 -53.71 -26.14
N PHE WA 62 -11.36 -53.30 -25.17
CA PHE WA 62 -10.97 -54.22 -24.10
C PHE WA 62 -12.14 -54.76 -23.30
N PRO WA 63 -13.14 -53.98 -22.87
CA PRO WA 63 -14.26 -54.60 -22.13
C PRO WA 63 -14.97 -55.70 -22.89
N VAL WA 64 -15.21 -55.51 -24.19
CA VAL WA 64 -15.92 -56.51 -24.97
C VAL WA 64 -15.07 -57.77 -25.14
N ALA WA 65 -13.78 -57.60 -25.41
CA ALA WA 65 -12.89 -58.74 -25.51
C ALA WA 65 -12.80 -59.49 -24.20
N TYR WA 66 -12.75 -58.75 -23.09
CA TYR WA 66 -12.73 -59.37 -21.76
C TYR WA 66 -13.97 -60.20 -21.51
N GLY WA 67 -15.14 -59.63 -21.85
CA GLY WA 67 -16.38 -60.37 -21.66
C GLY WA 67 -16.46 -61.61 -22.53
N ILE WA 68 -16.05 -61.49 -23.79
CA ILE WA 68 -16.11 -62.63 -24.69
C ILE WA 68 -15.14 -63.72 -24.27
N SER WA 69 -13.93 -63.33 -23.86
CA SER WA 69 -12.96 -64.30 -23.38
C SER WA 69 -13.45 -65.00 -22.12
N HIS WA 70 -14.10 -64.26 -21.22
CA HIS WA 70 -14.68 -64.87 -20.04
C HIS WA 70 -15.77 -65.86 -20.42
N MET WA 71 -16.64 -65.50 -21.37
CA MET WA 71 -17.71 -66.40 -21.77
C MET WA 71 -17.21 -67.61 -22.53
N LEU WA 72 -16.02 -67.53 -23.14
CA LEU WA 72 -15.45 -68.69 -23.81
C LEU WA 72 -14.91 -69.70 -22.80
N THR WA 73 -14.31 -69.22 -21.72
CA THR WA 73 -13.79 -70.13 -20.70
C THR WA 73 -14.90 -70.92 -20.03
N GLY WA 74 -16.00 -70.26 -19.70
CA GLY WA 74 -17.11 -70.91 -19.03
C GLY WA 74 -17.81 -69.91 -18.13
N LYS WA 75 -18.56 -70.44 -17.17
CA LYS WA 75 -19.29 -69.63 -16.21
C LYS WA 75 -18.61 -69.61 -14.85
N VAL WA 76 -17.28 -69.67 -14.82
CA VAL WA 76 -16.50 -69.64 -13.60
C VAL WA 76 -15.51 -68.49 -13.70
N ARG WA 77 -15.50 -67.62 -12.69
CA ARG WA 77 -14.57 -66.49 -12.64
C ARG WA 77 -13.42 -66.85 -11.70
N ARG WA 78 -12.34 -67.38 -12.26
CA ARG WA 78 -11.14 -67.70 -11.50
C ARG WA 78 -10.14 -66.54 -11.58
N GLY WA 79 -10.51 -65.41 -10.98
CA GLY WA 79 -9.65 -64.25 -10.98
C GLY WA 79 -8.29 -64.56 -10.40
N HIS WA 80 -7.23 -64.08 -11.04
CA HIS WA 80 -5.85 -64.31 -10.62
C HIS WA 80 -5.45 -65.77 -10.76
N SER WA 81 -6.40 -66.63 -11.16
CA SER WA 81 -6.16 -68.05 -11.32
C SER WA 81 -6.51 -68.58 -12.69
N GLY WA 82 -7.40 -67.91 -13.42
CA GLY WA 82 -7.66 -68.26 -14.80
C GLY WA 82 -7.07 -67.22 -15.73
N TYR WA 83 -6.05 -66.50 -15.24
CA TYR WA 83 -5.46 -65.44 -16.03
C TYR WA 83 -4.80 -65.96 -17.29
N ARG WA 84 -4.20 -67.15 -17.22
CA ARG WA 84 -3.49 -67.67 -18.38
C ARG WA 84 -4.44 -67.96 -19.54
N ASN WA 85 -5.51 -68.72 -19.28
CA ASN WA 85 -6.51 -68.96 -20.32
C ASN WA 85 -7.20 -67.67 -20.73
N LEU WA 86 -7.52 -66.83 -19.74
CA LEU WA 86 -8.22 -65.58 -20.04
C LEU WA 86 -7.42 -64.70 -20.98
N PHE WA 87 -6.11 -64.60 -20.76
CA PHE WA 87 -5.30 -63.70 -21.57
C PHE WA 87 -4.82 -64.34 -22.86
N SER WA 88 -4.75 -65.67 -22.95
CA SER WA 88 -4.59 -66.28 -24.27
C SER WA 88 -5.81 -66.02 -25.13
N LEU WA 89 -7.01 -66.31 -24.60
CA LEU WA 89 -8.23 -65.98 -25.31
C LEU WA 89 -8.33 -64.49 -25.59
N MET WA 90 -7.77 -63.66 -24.71
CA MET WA 90 -7.77 -62.22 -24.94
C MET WA 90 -6.87 -61.85 -26.11
N SER WA 91 -5.64 -62.37 -26.13
CA SER WA 91 -4.73 -62.10 -27.23
C SER WA 91 -5.28 -62.61 -28.55
N VAL WA 92 -6.23 -63.53 -28.51
CA VAL WA 92 -6.92 -63.94 -29.73
C VAL WA 92 -8.10 -63.04 -30.06
N VAL WA 93 -8.94 -62.74 -29.07
CA VAL WA 93 -10.24 -62.12 -29.32
C VAL WA 93 -10.13 -60.61 -29.46
N LEU WA 94 -9.32 -59.96 -28.62
CA LEU WA 94 -9.11 -58.52 -28.73
C LEU WA 94 -8.66 -58.08 -30.12
N PRO WA 95 -7.77 -58.79 -30.82
CA PRO WA 95 -7.55 -58.46 -32.23
C PRO WA 95 -8.80 -58.55 -33.08
N PHE WA 96 -9.71 -59.50 -32.80
CA PHE WA 96 -10.94 -59.58 -33.60
C PHE WA 96 -11.87 -58.39 -33.32
N THR WA 97 -12.03 -58.03 -32.06
CA THR WA 97 -12.86 -56.87 -31.73
C THR WA 97 -12.24 -55.58 -32.28
N CYS WA 98 -10.92 -55.47 -32.20
CA CYS WA 98 -10.24 -54.31 -32.79
C CYS WA 98 -10.35 -54.34 -34.31
N TRP WA 99 -10.42 -55.51 -34.92
CA TRP WA 99 -10.68 -55.62 -36.36
C TRP WA 99 -12.05 -55.03 -36.68
N TYR WA 100 -13.06 -55.41 -35.90
CA TYR WA 100 -14.40 -54.86 -36.13
C TYR WA 100 -14.43 -53.36 -35.91
N ALA WA 101 -13.68 -52.87 -34.92
CA ALA WA 101 -13.67 -51.43 -34.64
C ALA WA 101 -12.91 -50.66 -35.71
N TYR WA 102 -11.75 -51.15 -36.12
CA TYR WA 102 -10.92 -50.46 -37.11
C TYR WA 102 -11.50 -50.53 -38.51
N THR WA 103 -12.34 -51.52 -38.79
CA THR WA 103 -13.06 -51.54 -40.06
C THR WA 103 -14.39 -50.80 -39.99
N THR WA 104 -14.71 -50.20 -38.85
CA THR WA 104 -15.95 -49.45 -38.68
C THR WA 104 -15.71 -47.98 -39.01
N PRO WA 105 -16.42 -47.41 -39.98
CA PRO WA 105 -16.28 -45.98 -40.25
C PRO WA 105 -16.75 -45.13 -39.08
N ILE WA 106 -16.05 -44.05 -38.82
CA ILE WA 106 -16.43 -43.11 -37.76
C ILE WA 106 -16.49 -41.71 -38.33
N PRO WA 107 -17.52 -40.92 -38.02
CA PRO WA 107 -17.66 -39.60 -38.61
C PRO WA 107 -16.75 -38.57 -37.96
N ARG WA 108 -16.29 -37.62 -38.78
CA ARG WA 108 -15.42 -36.56 -38.29
C ARG WA 108 -15.55 -35.33 -39.18
N ARG WA 109 -15.43 -34.17 -38.55
CA ARG WA 109 -15.43 -32.91 -39.29
C ARG WA 109 -14.23 -32.83 -40.23
N LEU WA 110 -13.08 -33.32 -39.78
CA LEU WA 110 -11.91 -33.33 -40.66
C LEU WA 110 -12.12 -34.28 -41.83
N TYR WA 111 -12.78 -35.42 -41.59
CA TYR WA 111 -13.11 -36.32 -42.69
C TYR WA 111 -14.02 -35.64 -43.70
N THR WA 112 -15.04 -34.93 -43.23
CA THR WA 112 -15.98 -34.30 -44.16
C THR WA 112 -15.40 -33.04 -44.81
N GLU WA 113 -14.37 -32.44 -44.23
CA GLU WA 113 -13.72 -31.29 -44.85
C GLU WA 113 -12.66 -31.70 -45.86
N ILE WA 114 -11.93 -32.78 -45.59
CA ILE WA 114 -10.89 -33.22 -46.50
C ILE WA 114 -11.50 -33.75 -47.80
N ILE WA 115 -12.57 -34.54 -47.69
CA ILE WA 115 -13.14 -35.19 -48.86
C ILE WA 115 -14.08 -34.25 -49.61
N CYS WA 116 -14.98 -33.59 -48.90
CA CYS WA 116 -16.09 -32.89 -49.52
C CYS WA 116 -15.85 -31.41 -49.74
N SER WA 117 -14.63 -30.92 -49.51
CA SER WA 117 -14.34 -29.51 -49.77
C SER WA 117 -14.42 -29.23 -51.26
N ASN WA 118 -14.94 -28.05 -51.61
CA ASN WA 118 -15.19 -27.70 -53.00
C ASN WA 118 -14.02 -26.99 -53.67
N ASN WA 119 -12.91 -26.79 -52.95
CA ASN WA 119 -11.75 -26.13 -53.54
C ASN WA 119 -10.93 -27.17 -54.31
N ALA WA 120 -9.72 -26.78 -54.71
CA ALA WA 120 -8.89 -27.69 -55.50
C ALA WA 120 -8.37 -28.86 -54.68
N ASP WA 121 -8.15 -28.66 -53.38
CA ASP WA 121 -7.67 -29.75 -52.54
C ASP WA 121 -8.69 -30.89 -52.47
N GLY WA 122 -9.97 -30.55 -52.33
CA GLY WA 122 -10.99 -31.58 -52.27
C GLY WA 122 -11.08 -32.36 -53.56
N ALA WA 123 -11.03 -31.67 -54.70
CA ALA WA 123 -11.06 -32.34 -55.99
C ALA WA 123 -9.85 -33.24 -56.16
N TYR WA 124 -8.67 -32.76 -55.76
CA TYR WA 124 -7.46 -33.56 -55.86
C TYR WA 124 -7.58 -34.83 -55.04
N VAL WA 125 -8.02 -34.70 -53.78
CA VAL WA 125 -8.15 -35.87 -52.92
C VAL WA 125 -9.18 -36.85 -53.48
N ARG WA 126 -10.32 -36.33 -53.91
CA ARG WA 126 -11.38 -37.20 -54.44
C ARG WA 126 -10.91 -37.96 -55.66
N ASN WA 127 -10.23 -37.28 -56.59
CA ASN WA 127 -9.78 -37.96 -57.80
C ASN WA 127 -8.65 -38.94 -57.50
N ARG WA 128 -7.78 -38.60 -56.55
CA ARG WA 128 -6.70 -39.51 -56.18
C ARG WA 128 -7.25 -40.79 -55.57
N ILE WA 129 -8.25 -40.67 -54.69
CA ILE WA 129 -8.90 -41.85 -54.14
C ILE WA 129 -9.65 -42.61 -55.23
N LYS WA 130 -10.26 -41.88 -56.16
CA LYS WA 130 -11.02 -42.51 -57.24
C LYS WA 130 -10.14 -43.38 -58.11
N GLN WA 131 -8.92 -42.92 -58.39
CA GLN WA 131 -8.05 -43.67 -59.29
C GLN WA 131 -7.19 -44.71 -58.58
N GLN WA 132 -6.53 -44.34 -57.48
CA GLN WA 132 -5.59 -45.26 -56.83
C GLN WA 132 -6.25 -46.22 -55.85
N LYS WA 133 -7.44 -45.89 -55.35
CA LYS WA 133 -8.14 -46.73 -54.38
C LYS WA 133 -9.57 -46.96 -54.86
N PRO WA 134 -9.75 -47.76 -55.91
CA PRO WA 134 -11.09 -47.93 -56.48
C PRO WA 134 -12.13 -48.48 -55.51
N GLY WA 135 -11.77 -49.40 -54.62
CA GLY WA 135 -12.74 -49.96 -53.69
C GLY WA 135 -13.11 -49.01 -52.57
N ILE WA 136 -12.09 -48.37 -52.01
CA ILE WA 136 -12.32 -47.32 -51.02
C ILE WA 136 -13.19 -46.23 -51.61
N TRP WA 137 -12.90 -45.82 -52.85
CA TRP WA 137 -13.74 -44.81 -53.48
C TRP WA 137 -15.13 -45.34 -53.80
N ARG WA 138 -15.28 -46.63 -54.07
CA ARG WA 138 -16.62 -47.18 -54.28
C ARG WA 138 -17.47 -46.99 -53.04
N LYS WA 139 -16.96 -47.45 -51.89
CA LYS WA 139 -17.69 -47.26 -50.63
C LYS WA 139 -17.90 -45.79 -50.33
N LEU WA 140 -16.87 -44.98 -50.50
CA LEU WA 140 -16.95 -43.56 -50.15
C LEU WA 140 -17.90 -42.82 -51.05
N SER WA 141 -17.95 -43.16 -52.34
CA SER WA 141 -18.89 -42.56 -53.26
C SER WA 141 -20.32 -42.93 -52.90
N GLN WA 142 -20.56 -44.19 -52.52
CA GLN WA 142 -21.90 -44.55 -52.06
C GLN WA 142 -22.29 -43.72 -50.85
N GLN WA 143 -21.38 -43.58 -49.89
CA GLN WA 143 -21.68 -42.82 -48.68
C GLN WA 143 -21.93 -41.35 -49.00
N LEU WA 144 -21.10 -40.75 -49.87
CA LEU WA 144 -21.25 -39.34 -50.20
C LEU WA 144 -22.55 -39.08 -50.95
N TYR WA 145 -22.89 -39.94 -51.90
CA TYR WA 145 -24.14 -39.75 -52.63
C TYR WA 145 -25.34 -39.91 -51.69
N ASN WA 146 -25.26 -40.86 -50.75
CA ASN WA 146 -26.33 -41.01 -49.79
C ASN WA 146 -26.50 -39.77 -48.92
N LYS WA 147 -25.43 -38.99 -48.72
CA LYS WA 147 -25.45 -37.80 -47.89
C LYS WA 147 -25.70 -36.52 -48.69
N ASN WA 148 -26.35 -36.64 -49.84
CA ASN WA 148 -26.73 -35.48 -50.66
C ASN WA 148 -25.52 -34.64 -51.07
N PHE WA 149 -24.42 -35.31 -51.36
CA PHE WA 149 -23.25 -34.68 -51.96
C PHE WA 149 -23.27 -34.94 -53.46
N ARG WA 150 -23.09 -33.89 -54.25
CA ARG WA 150 -23.11 -33.99 -55.70
C ARG WA 150 -21.76 -33.53 -56.23
N PHE WA 151 -20.92 -34.49 -56.59
CA PHE WA 151 -19.59 -34.25 -57.13
C PHE WA 151 -19.46 -34.99 -58.45
N PRO WA 152 -18.69 -34.45 -59.40
CA PRO WA 152 -18.45 -35.18 -60.65
C PRO WA 152 -17.76 -36.52 -60.44
N GLU WA 153 -16.92 -36.63 -59.41
CA GLU WA 153 -16.14 -37.84 -59.20
C GLU WA 153 -16.98 -39.02 -58.69
N LEU WA 154 -18.22 -38.79 -58.29
CA LEU WA 154 -19.05 -39.86 -57.80
C LEU WA 154 -19.46 -40.80 -58.94
N ASN WA 155 -19.49 -42.10 -58.64
CA ASN WA 155 -20.00 -43.05 -59.61
C ASN WA 155 -21.48 -42.81 -59.90
N GLN WA 156 -22.25 -42.49 -58.86
CA GLN WA 156 -23.67 -42.19 -59.01
C GLN WA 156 -23.81 -40.71 -59.39
N ASP WA 157 -23.57 -40.43 -60.67
CA ASP WA 157 -23.67 -39.07 -61.20
C ASP WA 157 -24.56 -39.13 -62.44
N LEU WA 158 -25.80 -38.66 -62.30
CA LEU WA 158 -26.77 -38.72 -63.39
C LEU WA 158 -26.59 -37.62 -64.42
N THR WA 159 -25.78 -36.61 -64.14
CA THR WA 159 -25.56 -35.50 -65.07
C THR WA 159 -24.32 -35.70 -65.93
N ALA WA 160 -23.62 -36.82 -65.79
CA ALA WA 160 -22.37 -37.04 -66.51
C ALA WA 160 -22.64 -37.61 -67.90
N THR WA 161 -21.77 -37.24 -68.84
CA THR WA 161 -21.79 -37.79 -70.19
C THR WA 161 -20.78 -38.92 -70.38
N GLU WA 162 -20.05 -39.28 -69.34
CA GLU WA 162 -19.10 -40.39 -69.38
C GLU WA 162 -19.57 -41.50 -68.45
N PHE WA 163 -19.33 -42.74 -68.85
CA PHE WA 163 -19.82 -43.87 -68.10
C PHE WA 163 -19.05 -44.02 -66.79
N PRO WA 164 -19.68 -44.59 -65.76
CA PRO WA 164 -18.99 -44.76 -64.48
C PRO WA 164 -17.81 -45.70 -64.60
N LEU WA 165 -16.81 -45.48 -63.75
CA LEU WA 165 -15.58 -46.26 -63.74
C LEU WA 165 -15.68 -47.48 -62.84
N ASP WA 166 -16.85 -47.79 -62.30
CA ASP WA 166 -16.99 -48.92 -61.40
C ASP WA 166 -18.45 -49.36 -61.40
N TYR WA 167 -18.72 -50.45 -60.69
CA TYR WA 167 -20.09 -50.94 -60.54
C TYR WA 167 -20.88 -50.02 -59.63
N VAL WA 168 -22.05 -49.59 -60.09
CA VAL WA 168 -22.91 -48.71 -59.31
C VAL WA 168 -23.87 -49.58 -58.52
N ALA WA 169 -23.66 -49.66 -57.21
CA ALA WA 169 -24.51 -50.47 -56.35
C ALA WA 169 -25.94 -49.91 -56.33
N PRO WA 170 -26.93 -50.77 -56.14
CA PRO WA 170 -28.32 -50.30 -56.14
C PRO WA 170 -28.57 -49.30 -55.02
N HIS WA 171 -29.37 -48.28 -55.33
CA HIS WA 171 -29.73 -47.26 -54.37
C HIS WA 171 -31.06 -46.65 -54.79
N LYS WA 172 -31.70 -45.95 -53.86
CA LYS WA 172 -32.97 -45.31 -54.13
C LYS WA 172 -32.74 -43.96 -54.80
N PHE WA 173 -33.24 -43.82 -56.03
CA PHE WA 173 -33.10 -42.57 -56.77
C PHE WA 173 -33.90 -41.45 -56.11
N PHE XA 5 -43.56 -13.39 -25.12
CA PHE XA 5 -44.17 -13.02 -23.85
C PHE XA 5 -45.32 -12.01 -24.05
N LEU XA 6 -45.98 -11.66 -22.94
CA LEU XA 6 -47.13 -10.77 -23.02
C LEU XA 6 -46.74 -9.34 -23.35
N PHE XA 7 -45.53 -8.93 -22.99
CA PHE XA 7 -45.13 -7.54 -23.16
C PHE XA 7 -45.12 -7.12 -24.63
N TYR XA 8 -44.58 -7.98 -25.50
CA TYR XA 8 -44.45 -7.67 -26.91
C TYR XA 8 -45.35 -8.57 -27.75
N ASN XA 9 -45.50 -8.19 -29.02
CA ASN XA 9 -46.29 -8.95 -29.98
C ASN XA 9 -45.35 -9.75 -30.86
N GLN XA 10 -45.59 -11.06 -30.96
CA GLN XA 10 -44.70 -11.97 -31.66
C GLN XA 10 -45.41 -12.74 -32.76
N GLN XA 11 -46.48 -12.17 -33.32
CA GLN XA 11 -47.17 -12.83 -34.42
C GLN XA 11 -46.40 -12.75 -35.72
N HIS XA 12 -45.45 -11.82 -35.83
CA HIS XA 12 -44.67 -11.65 -37.05
C HIS XA 12 -43.42 -12.49 -37.09
N LYS XA 13 -43.07 -13.17 -36.00
CA LYS XA 13 -41.80 -13.89 -35.94
C LYS XA 13 -41.80 -15.12 -36.83
N THR XA 14 -42.89 -15.90 -36.81
CA THR XA 14 -42.95 -17.18 -37.51
C THR XA 14 -43.84 -17.12 -38.75
N ARG XA 15 -44.04 -15.92 -39.30
CA ARG XA 15 -44.92 -15.75 -40.46
C ARG XA 15 -44.24 -14.84 -41.47
N ASN XA 16 -44.64 -15.00 -42.73
CA ASN XA 16 -44.16 -14.16 -43.83
C ASN XA 16 -42.64 -14.25 -43.98
N GLY XA 17 -42.10 -15.45 -43.79
CA GLY XA 17 -40.68 -15.67 -44.04
C GLY XA 17 -39.74 -14.91 -43.14
N TYR XA 18 -40.22 -14.44 -41.99
CA TYR XA 18 -39.35 -13.71 -41.06
C TYR XA 18 -38.25 -14.60 -40.50
N PHE XA 19 -38.45 -15.90 -40.50
CA PHE XA 19 -37.48 -16.85 -39.94
C PHE XA 19 -36.36 -17.20 -40.89
N ILE XA 20 -36.38 -16.70 -42.13
CA ILE XA 20 -35.33 -17.02 -43.09
C ILE XA 20 -34.05 -16.30 -42.69
N ASN XA 21 -32.95 -17.03 -42.65
CA ASN XA 21 -31.65 -16.46 -42.34
C ASN XA 21 -30.61 -17.11 -43.26
N HIS XA 22 -29.33 -16.89 -42.95
CA HIS XA 22 -28.26 -17.37 -43.82
C HIS XA 22 -28.19 -18.89 -43.86
N ASP XA 23 -28.66 -19.58 -42.83
CA ASP XA 23 -28.65 -21.05 -42.86
C ASP XA 23 -29.57 -21.59 -43.95
N ASN XA 24 -30.70 -20.91 -44.19
CA ASN XA 24 -31.58 -21.31 -45.29
C ASN XA 24 -30.94 -21.10 -46.65
N LEU XA 25 -29.96 -20.21 -46.75
CA LEU XA 25 -29.33 -19.88 -48.02
C LEU XA 25 -28.04 -20.65 -48.29
N MET XA 26 -27.33 -21.06 -47.23
CA MET XA 26 -26.07 -21.76 -47.43
C MET XA 26 -26.26 -23.07 -48.18
N LEU XA 27 -27.31 -23.81 -47.84
CA LEU XA 27 -27.56 -25.11 -48.43
C LEU XA 27 -28.43 -25.06 -49.69
N ALA XA 28 -28.97 -23.90 -50.03
CA ALA XA 28 -29.86 -23.79 -51.16
C ALA XA 28 -29.09 -23.70 -52.46
N SER XA 29 -29.75 -24.10 -53.55
CA SER XA 29 -29.19 -23.89 -54.88
C SER XA 29 -29.19 -22.41 -55.20
N LEU XA 30 -28.56 -22.05 -56.33
CA LEU XA 30 -28.52 -20.66 -56.73
C LEU XA 30 -29.93 -20.12 -56.98
N GLU XA 31 -30.73 -20.87 -57.74
CA GLU XA 31 -32.11 -20.46 -57.98
C GLU XA 31 -32.93 -20.47 -56.70
N GLU XA 32 -32.76 -21.50 -55.87
CA GLU XA 32 -33.48 -21.55 -54.60
C GLU XA 32 -33.04 -20.43 -53.67
N ARG XA 33 -31.74 -20.12 -53.66
CA ARG XA 33 -31.27 -18.99 -52.87
C ARG XA 33 -31.90 -17.69 -53.34
N LYS XA 34 -31.98 -17.49 -54.66
CA LYS XA 34 -32.62 -16.28 -55.19
C LYS XA 34 -34.08 -16.22 -54.77
N LYS XA 35 -34.79 -17.35 -54.86
CA LYS XA 35 -36.21 -17.37 -54.50
C LYS XA 35 -36.39 -17.04 -53.02
N LEU XA 36 -35.58 -17.65 -52.15
CA LEU XA 36 -35.71 -17.40 -50.72
C LEU XA 36 -35.39 -15.94 -50.38
N ILE XA 37 -34.32 -15.40 -50.96
CA ILE XA 37 -33.95 -14.02 -50.68
C ILE XA 37 -35.05 -13.08 -51.15
N PHE XA 38 -35.58 -13.31 -52.36
CA PHE XA 38 -36.64 -12.44 -52.86
C PHE XA 38 -37.88 -12.54 -51.99
N TYR XA 39 -38.24 -13.75 -51.54
CA TYR XA 39 -39.42 -13.91 -50.70
C TYR XA 39 -39.26 -13.14 -49.40
N PHE XA 40 -38.09 -13.28 -48.75
CA PHE XA 40 -37.85 -12.56 -47.51
C PHE XA 40 -37.91 -11.05 -47.73
N ILE XA 41 -37.26 -10.56 -48.79
CA ILE XA 41 -37.23 -9.12 -49.03
C ILE XA 41 -38.63 -8.60 -49.32
N ALA XA 42 -39.38 -9.30 -50.17
CA ALA XA 42 -40.71 -8.83 -50.52
C ALA XA 42 -41.65 -8.84 -49.33
N ASN XA 43 -41.57 -9.87 -48.47
CA ASN XA 43 -42.45 -9.92 -47.32
C ASN XA 43 -42.07 -8.90 -46.26
N GLN XA 44 -40.77 -8.71 -46.03
CA GLN XA 44 -40.30 -7.87 -44.94
C GLN XA 44 -39.96 -6.45 -45.36
N VAL XA 45 -39.31 -6.26 -46.50
CA VAL XA 45 -38.90 -4.93 -46.94
C VAL XA 45 -39.46 -4.69 -48.34
N PRO XA 46 -40.75 -4.40 -48.48
CA PRO XA 46 -41.32 -4.18 -49.82
C PRO XA 46 -40.77 -2.95 -50.52
N GLU XA 47 -40.15 -2.03 -49.79
CA GLU XA 47 -39.65 -0.80 -50.40
C GLU XA 47 -38.56 -1.07 -51.44
N LYS XA 48 -37.88 -2.21 -51.36
CA LYS XA 48 -36.84 -2.52 -52.33
C LYS XA 48 -37.39 -2.86 -53.71
N LEU XA 49 -38.70 -3.02 -53.85
CA LEU XA 49 -39.32 -3.39 -55.11
C LEU XA 49 -40.03 -2.19 -55.73
N ASP XA 50 -40.20 -2.24 -57.05
CA ASP XA 50 -41.00 -1.25 -57.74
C ASP XA 50 -42.47 -1.38 -57.31
N PRO XA 51 -43.23 -0.28 -57.32
CA PRO XA 51 -44.61 -0.36 -56.82
C PRO XA 51 -45.48 -1.37 -57.54
N VAL XA 52 -45.31 -1.53 -58.87
CA VAL XA 52 -46.10 -2.52 -59.60
C VAL XA 52 -45.75 -3.93 -59.12
N ASP XA 53 -44.46 -4.20 -58.92
CA ASP XA 53 -44.05 -5.50 -58.40
C ASP XA 53 -44.55 -5.71 -56.98
N ARG XA 54 -44.59 -4.65 -56.17
CA ARG XA 54 -45.15 -4.75 -54.83
C ARG XA 54 -46.62 -5.14 -54.89
N VAL XA 55 -47.38 -4.51 -55.79
CA VAL XA 55 -48.79 -4.84 -55.92
C VAL XA 55 -48.97 -6.28 -56.38
N LYS XA 56 -48.16 -6.71 -57.35
CA LYS XA 56 -48.26 -8.09 -57.84
C LYS XA 56 -47.94 -9.08 -56.74
N PHE XA 57 -46.88 -8.83 -55.96
CA PHE XA 57 -46.51 -9.76 -54.90
C PHE XA 57 -47.55 -9.77 -53.80
N ASN XA 58 -48.11 -8.61 -53.45
CA ASN XA 58 -49.16 -8.57 -52.44
C ASN XA 58 -50.39 -9.34 -52.90
N GLU XA 59 -50.76 -9.19 -54.18
CA GLU XA 59 -51.90 -9.94 -54.71
C GLU XA 59 -51.64 -11.43 -54.70
N GLU XA 60 -50.42 -11.84 -55.06
CA GLU XA 60 -50.11 -13.27 -55.10
C GLU XA 60 -50.00 -13.86 -53.70
N LEU XA 61 -49.56 -13.06 -52.72
CA LEU XA 61 -49.44 -13.54 -51.35
C LEU XA 61 -50.79 -13.59 -50.66
N SER XA 62 -51.66 -12.61 -50.93
CA SER XA 62 -52.93 -12.52 -50.22
C SER XA 62 -53.83 -13.71 -50.52
N ASP XA 63 -54.02 -14.01 -51.80
CA ASP XA 63 -54.92 -15.10 -52.17
C ASP XA 63 -54.34 -16.47 -51.84
N ASN XA 64 -53.07 -16.55 -51.44
CA ASN XA 64 -52.43 -17.82 -51.12
C ASN XA 64 -52.11 -17.96 -49.63
N LEU XA 65 -51.56 -16.94 -48.99
CA LEU XA 65 -51.13 -17.04 -47.61
C LEU XA 65 -51.86 -16.09 -46.66
N SER XA 66 -51.88 -14.79 -46.96
CA SER XA 66 -52.37 -13.82 -45.97
C SER XA 66 -53.88 -13.94 -45.79
N THR XA 67 -54.65 -13.70 -46.86
CA THR XA 67 -56.10 -13.74 -46.74
C THR XA 67 -56.59 -15.16 -46.49
N LYS XA 68 -55.92 -16.16 -47.07
CA LYS XA 68 -56.29 -17.54 -46.77
C LYS XA 68 -56.10 -17.85 -45.30
N ALA XA 69 -55.00 -17.37 -44.71
CA ALA XA 69 -54.77 -17.56 -43.28
C ALA XA 69 -55.82 -16.85 -42.46
N ARG XA 70 -56.19 -15.63 -42.85
CA ARG XA 70 -57.25 -14.92 -42.15
C ARG XA 70 -58.56 -15.68 -42.18
N LEU XA 71 -58.92 -16.22 -43.35
CA LEU XA 71 -60.17 -16.96 -43.48
C LEU XA 71 -60.13 -18.26 -42.69
N ILE XA 72 -59.00 -18.97 -42.73
CA ILE XA 72 -58.88 -20.22 -41.98
C ILE XA 72 -58.98 -19.96 -40.49
N GLY XA 73 -58.31 -18.91 -40.01
CA GLY XA 73 -58.44 -18.54 -38.60
C GLY XA 73 -59.85 -18.16 -38.23
N SER XA 74 -60.55 -17.45 -39.12
CA SER XA 74 -61.94 -17.10 -38.86
C SER XA 74 -62.82 -18.34 -38.75
N LEU XA 75 -62.62 -19.29 -39.66
CA LEU XA 75 -63.40 -20.54 -39.60
C LEU XA 75 -63.11 -21.32 -38.32
N THR XA 76 -61.83 -21.43 -37.96
CA THR XA 76 -61.48 -22.16 -36.74
C THR XA 76 -62.02 -21.46 -35.50
N GLY XA 77 -62.05 -20.13 -35.50
CA GLY XA 77 -62.68 -19.42 -34.40
C GLY XA 77 -64.18 -19.65 -34.36
N LEU XA 78 -64.82 -19.71 -35.53
CA LEU XA 78 -66.25 -20.03 -35.57
C LEU XA 78 -66.51 -21.44 -35.06
N ILE XA 79 -65.54 -22.34 -35.19
CA ILE XA 79 -65.70 -23.69 -34.64
C ILE XA 79 -65.90 -23.62 -33.12
N GLY XA 80 -65.21 -22.69 -32.47
CA GLY XA 80 -65.32 -22.53 -31.03
C GLY XA 80 -66.53 -21.77 -30.55
N LEU XA 81 -67.47 -21.45 -31.44
CA LEU XA 81 -68.70 -20.75 -31.10
C LEU XA 81 -69.92 -21.59 -31.46
N VAL XA 82 -69.87 -22.88 -31.16
CA VAL XA 82 -71.04 -23.75 -31.40
C VAL XA 82 -72.23 -23.26 -30.58
N GLY XA 83 -72.00 -23.00 -29.30
CA GLY XA 83 -73.00 -22.36 -28.46
C GLY XA 83 -72.48 -21.09 -27.84
N PHE XA 84 -73.01 -19.94 -28.27
CA PHE XA 84 -72.58 -18.67 -27.70
C PHE XA 84 -73.09 -18.47 -26.27
N PRO XA 85 -74.31 -18.90 -25.91
CA PRO XA 85 -74.72 -18.79 -24.51
C PRO XA 85 -73.78 -19.48 -23.55
N TYR XA 86 -73.17 -20.61 -23.94
CA TYR XA 86 -72.26 -21.34 -23.06
C TYR XA 86 -72.89 -21.60 -21.71
N ILE XA 87 -72.41 -20.90 -20.69
CA ILE XA 87 -73.00 -20.95 -19.36
C ILE XA 87 -74.18 -19.99 -19.35
N SER XA 88 -75.40 -20.54 -19.20
CA SER XA 88 -76.60 -19.71 -19.19
C SER XA 88 -77.76 -20.54 -18.64
N THR XA 89 -78.54 -19.93 -17.77
CA THR XA 89 -79.73 -20.56 -17.20
C THR XA 89 -80.85 -19.53 -17.15
N ARG XA 90 -82.07 -20.01 -16.87
CA ARG XA 90 -83.20 -19.10 -16.75
C ARG XA 90 -83.02 -18.18 -15.55
N ILE XA 91 -82.52 -18.71 -14.44
CA ILE XA 91 -82.38 -17.92 -13.22
C ILE XA 91 -81.36 -16.80 -13.41
N TYR XA 92 -80.21 -17.11 -14.00
CA TYR XA 92 -79.13 -16.16 -14.15
C TYR XA 92 -78.51 -16.30 -15.54
N SER XA 93 -78.16 -15.17 -16.13
CA SER XA 93 -77.38 -15.13 -17.36
C SER XA 93 -76.00 -14.59 -17.05
N ARG XA 94 -75.02 -14.97 -17.87
CA ARG XA 94 -73.62 -14.60 -17.67
C ARG XA 94 -73.08 -13.95 -18.94
N PRO XA 95 -73.52 -12.73 -19.26
CA PRO XA 95 -73.02 -12.08 -20.48
C PRO XA 95 -71.53 -11.79 -20.42
N VAL XA 96 -71.05 -11.22 -19.32
CA VAL XA 96 -69.63 -10.90 -19.21
C VAL XA 96 -68.79 -12.18 -19.22
N LEU XA 97 -69.24 -13.21 -18.51
CA LEU XA 97 -68.49 -14.46 -18.49
C LEU XA 97 -68.43 -15.11 -19.87
N ASN XA 98 -69.56 -15.09 -20.59
CA ASN XA 98 -69.57 -15.66 -21.93
C ASN XA 98 -68.69 -14.86 -22.89
N ILE XA 99 -68.71 -13.53 -22.77
CA ILE XA 99 -67.84 -12.69 -23.60
C ILE XA 99 -66.37 -13.00 -23.30
N GLY XA 100 -66.03 -13.15 -22.02
CA GLY XA 100 -64.67 -13.51 -21.67
C GLY XA 100 -64.26 -14.88 -22.21
N LEU XA 101 -65.17 -15.85 -22.13
CA LEU XA 101 -64.87 -17.17 -22.68
C LEU XA 101 -64.67 -17.11 -24.19
N SER XA 102 -65.50 -16.32 -24.88
CA SER XA 102 -65.30 -16.16 -26.32
C SER XA 102 -63.97 -15.50 -26.63
N LEU XA 103 -63.61 -14.44 -25.89
CA LEU XA 103 -62.35 -13.77 -26.12
C LEU XA 103 -61.15 -14.63 -25.72
N LEU XA 104 -61.37 -15.67 -24.92
CA LEU XA 104 -60.29 -16.59 -24.61
C LEU XA 104 -60.19 -17.76 -25.59
N ILE XA 105 -61.31 -18.16 -26.19
CA ILE XA 105 -61.32 -19.33 -27.06
C ILE XA 105 -61.08 -18.93 -28.51
N CYS XA 106 -61.91 -18.02 -29.03
CA CYS XA 106 -61.85 -17.69 -30.46
C CYS XA 106 -60.48 -17.16 -30.90
N PRO XA 107 -59.84 -16.23 -30.18
CA PRO XA 107 -58.48 -15.85 -30.58
C PRO XA 107 -57.50 -17.01 -30.57
N PHE XA 108 -57.62 -17.93 -29.62
CA PHE XA 108 -56.72 -19.08 -29.59
C PHE XA 108 -56.89 -19.96 -30.81
N LEU XA 109 -58.15 -20.28 -31.17
CA LEU XA 109 -58.39 -21.10 -32.34
C LEU XA 109 -57.99 -20.37 -33.62
N TYR XA 110 -58.20 -19.06 -33.66
CA TYR XA 110 -57.74 -18.26 -34.79
C TYR XA 110 -56.23 -18.38 -34.95
N TYR XA 111 -55.50 -18.24 -33.84
CA TYR XA 111 -54.05 -18.37 -33.87
C TYR XA 111 -53.61 -19.75 -34.34
N VAL XA 112 -54.28 -20.79 -33.82
CA VAL XA 112 -53.92 -22.16 -34.21
C VAL XA 112 -54.14 -22.38 -35.69
N GLY XA 113 -55.30 -21.96 -36.21
CA GLY XA 113 -55.58 -22.15 -37.62
C GLY XA 113 -54.65 -21.34 -38.51
N ASN XA 114 -54.37 -20.09 -38.13
CA ASN XA 114 -53.47 -19.26 -38.92
C ASN XA 114 -52.06 -19.85 -38.95
N GLN XA 115 -51.55 -20.30 -37.80
CA GLN XA 115 -50.24 -20.92 -37.77
C GLN XA 115 -50.21 -22.20 -38.57
N LEU XA 116 -51.31 -22.97 -38.54
CA LEU XA 116 -51.37 -24.20 -39.33
C LEU XA 116 -51.30 -23.92 -40.82
N THR XA 117 -52.14 -22.99 -41.30
CA THR XA 117 -52.15 -22.71 -42.74
C THR XA 117 -50.87 -22.01 -43.19
N TYR XA 118 -50.15 -21.35 -42.29
CA TYR XA 118 -48.82 -20.87 -42.65
C TYR XA 118 -47.81 -22.01 -42.67
N SER XA 119 -47.94 -22.96 -41.74
CA SER XA 119 -46.99 -24.06 -41.66
C SER XA 119 -47.15 -25.04 -42.83
N VAL XA 120 -48.32 -25.07 -43.47
CA VAL XA 120 -48.57 -25.99 -44.57
C VAL XA 120 -48.30 -25.35 -45.91
N TRP XA 121 -48.81 -24.15 -46.14
CA TRP XA 121 -48.84 -23.57 -47.48
C TRP XA 121 -47.68 -22.64 -47.79
N GLU XA 122 -47.00 -22.10 -46.78
CA GLU XA 122 -45.90 -21.18 -47.07
C GLU XA 122 -44.72 -21.83 -47.78
N PRO XA 123 -44.21 -23.00 -47.37
CA PRO XA 123 -43.13 -23.62 -48.15
C PRO XA 123 -43.51 -23.93 -49.58
N LYS XA 124 -44.74 -24.40 -49.80
CA LYS XA 124 -45.19 -24.70 -51.16
C LYS XA 124 -45.33 -23.43 -51.98
N PHE XA 125 -45.80 -22.34 -51.35
CA PHE XA 125 -45.88 -21.07 -52.04
C PHE XA 125 -44.51 -20.56 -52.43
N ILE XA 126 -43.53 -20.70 -51.54
CA ILE XA 126 -42.18 -20.27 -51.87
C ILE XA 126 -41.60 -21.11 -53.00
N ALA XA 127 -41.80 -22.43 -52.94
CA ALA XA 127 -41.14 -23.34 -53.87
C ALA XA 127 -41.91 -23.59 -55.15
N ASN XA 128 -43.22 -23.34 -55.18
CA ASN XA 128 -44.06 -23.73 -56.32
C ASN XA 128 -45.00 -22.59 -56.72
N ASN XA 129 -44.46 -21.38 -56.84
CA ASN XA 129 -45.23 -20.24 -57.33
C ASN XA 129 -44.51 -19.61 -58.51
N ASN XA 130 -45.25 -19.37 -59.59
CA ASN XA 130 -44.65 -18.80 -60.79
C ASN XA 130 -44.34 -17.32 -60.63
N THR XA 131 -45.21 -16.58 -59.94
CA THR XA 131 -44.98 -15.15 -59.75
C THR XA 131 -43.71 -14.91 -58.94
N VAL XA 132 -43.50 -15.70 -57.88
CA VAL XA 132 -42.31 -15.55 -57.06
C VAL XA 132 -41.05 -15.82 -57.87
N CYS XA 133 -41.07 -16.89 -58.66
CA CYS XA 133 -39.91 -17.22 -59.49
C CYS XA 133 -39.63 -16.13 -60.52
N GLU XA 134 -40.68 -15.65 -61.18
CA GLU XA 134 -40.49 -14.63 -62.21
C GLU XA 134 -39.96 -13.33 -61.62
N LEU XA 135 -40.50 -12.91 -60.47
CA LEU XA 135 -40.02 -11.68 -59.86
C LEU XA 135 -38.61 -11.85 -59.29
N SER XA 136 -38.28 -13.05 -58.80
CA SER XA 136 -36.93 -13.30 -58.34
C SER XA 136 -35.93 -13.22 -59.49
N LYS XA 137 -36.30 -13.77 -60.65
CA LYS XA 137 -35.44 -13.62 -61.82
C LYS XA 137 -35.37 -12.16 -62.27
N LYS XA 138 -36.48 -11.42 -62.14
CA LYS XA 138 -36.48 -10.02 -62.53
C LYS XA 138 -35.56 -9.19 -61.65
N TYR XA 139 -35.55 -9.45 -60.34
CA TYR XA 139 -34.75 -8.65 -59.42
C TYR XA 139 -33.35 -9.21 -59.21
N ASN XA 140 -33.23 -10.53 -58.99
CA ASN XA 140 -31.94 -11.19 -58.84
C ASN XA 140 -31.14 -10.57 -57.69
N PHE XA 141 -31.68 -10.72 -56.48
CA PHE XA 141 -31.03 -10.19 -55.30
C PHE XA 141 -29.79 -11.01 -54.96
N THR XA 142 -28.86 -10.39 -54.26
CA THR XA 142 -27.61 -11.01 -53.84
C THR XA 142 -27.62 -11.22 -52.32
N VAL XA 143 -26.55 -11.81 -51.82
CA VAL XA 143 -26.44 -12.07 -50.38
C VAL XA 143 -26.32 -10.76 -49.62
N PHE XA 144 -25.64 -9.77 -50.19
CA PHE XA 144 -25.55 -8.46 -49.56
C PHE XA 144 -26.93 -7.81 -49.44
N ASP XA 145 -27.75 -7.97 -50.49
CA ASP XA 145 -29.12 -7.47 -50.42
C ASP XA 145 -29.89 -8.16 -49.31
N PHE XA 146 -29.71 -9.47 -49.14
CA PHE XA 146 -30.39 -10.19 -48.08
C PHE XA 146 -29.92 -9.73 -46.71
N ALA XA 147 -28.63 -9.48 -46.54
CA ALA XA 147 -28.11 -9.00 -45.26
C ALA XA 147 -28.67 -7.62 -44.93
N GLN XA 148 -28.69 -6.72 -45.91
CA GLN XA 148 -29.28 -5.41 -45.69
C GLN XA 148 -30.76 -5.52 -45.36
N ALA XA 149 -31.48 -6.40 -46.06
CA ALA XA 149 -32.90 -6.57 -45.80
C ALA XA 149 -33.15 -7.14 -44.41
N LYS XA 150 -32.29 -8.06 -43.96
CA LYS XA 150 -32.42 -8.59 -42.61
C LYS XA 150 -32.24 -7.49 -41.58
N LYS XA 151 -31.22 -6.65 -41.77
CA LYS XA 151 -31.03 -5.52 -40.86
C LYS XA 151 -32.24 -4.60 -40.87
N GLU XA 152 -32.76 -4.28 -42.06
CA GLU XA 152 -33.88 -3.37 -42.17
C GLU XA 152 -35.13 -3.95 -41.52
N ALA XA 153 -35.37 -5.25 -41.70
CA ALA XA 153 -36.53 -5.89 -41.09
C ALA XA 153 -36.44 -5.86 -39.57
N HIS XA 154 -35.27 -6.18 -39.03
CA HIS XA 154 -35.11 -6.14 -37.58
C HIS XA 154 -35.29 -4.73 -37.05
N LEU XA 155 -34.74 -3.73 -37.74
CA LEU XA 155 -34.88 -2.35 -37.29
C LEU XA 155 -36.33 -1.88 -37.40
N LYS XA 156 -37.06 -2.30 -38.43
CA LYS XA 156 -38.46 -1.93 -38.54
C LYS XA 156 -39.29 -2.58 -37.45
N ALA XA 157 -39.00 -3.84 -37.11
CA ALA XA 157 -39.69 -4.47 -35.99
C ALA XA 157 -39.40 -3.73 -34.69
N LEU XA 158 -38.15 -3.33 -34.48
CA LEU XA 158 -37.80 -2.57 -33.30
C LEU XA 158 -38.55 -1.24 -33.26
N ARG XA 159 -38.64 -0.55 -34.39
CA ARG XA 159 -39.34 0.72 -34.45
C ARG XA 159 -40.83 0.54 -34.15
N THR XA 160 -41.43 -0.52 -34.69
CA THR XA 160 -42.84 -0.79 -34.41
C THR XA 160 -43.06 -1.08 -32.94
N GLU XA 161 -42.14 -1.82 -32.32
CA GLU XA 161 -42.23 -2.04 -30.87
C GLU XA 161 -42.10 -0.73 -30.11
N LEU XA 162 -41.22 0.16 -30.57
CA LEU XA 162 -41.04 1.45 -29.90
C LEU XA 162 -42.30 2.30 -29.98
N VAL XA 163 -42.93 2.35 -31.16
CA VAL XA 163 -44.13 3.16 -31.33
C VAL XA 163 -45.34 2.40 -30.79
N MET YA 1 -43.69 -82.03 -34.18
CA MET YA 1 -44.25 -82.32 -32.86
C MET YA 1 -43.35 -81.80 -31.75
N ALA YA 2 -42.04 -81.88 -31.97
CA ALA YA 2 -41.10 -81.33 -30.99
C ALA YA 2 -41.24 -79.82 -30.87
N ILE YA 3 -41.43 -79.14 -32.01
CA ILE YA 3 -41.63 -77.70 -31.98
C ILE YA 3 -42.91 -77.35 -31.23
N ARG YA 4 -43.99 -78.11 -31.47
CA ARG YA 4 -45.25 -77.85 -30.78
C ARG YA 4 -45.10 -78.11 -29.28
N ASN YA 5 -44.38 -79.15 -28.90
CA ASN YA 5 -44.17 -79.43 -27.49
C ASN YA 5 -43.35 -78.33 -26.82
N PHE YA 6 -42.32 -77.82 -27.49
CA PHE YA 6 -41.54 -76.72 -26.95
C PHE YA 6 -42.40 -75.46 -26.79
N VAL YA 7 -43.22 -75.16 -27.80
CA VAL YA 7 -44.11 -74.00 -27.73
C VAL YA 7 -45.09 -74.17 -26.58
N PHE YA 8 -45.61 -75.38 -26.39
CA PHE YA 8 -46.56 -75.59 -25.30
C PHE YA 8 -45.88 -75.51 -23.94
N LYS YA 9 -44.63 -75.95 -23.82
CA LYS YA 9 -43.92 -75.78 -22.55
C LYS YA 9 -43.75 -74.30 -22.23
N ILE YA 10 -43.36 -73.50 -23.23
CA ILE YA 10 -43.24 -72.06 -23.02
C ILE YA 10 -44.58 -71.47 -22.63
N SER YA 11 -45.65 -71.89 -23.32
CA SER YA 11 -46.99 -71.38 -23.00
C SER YA 11 -47.42 -71.76 -21.59
N ASN YA 12 -47.11 -72.99 -21.17
CA ASN YA 12 -47.45 -73.43 -19.83
C ASN YA 12 -46.74 -72.60 -18.78
N GLN YA 13 -45.45 -72.35 -18.97
CA GLN YA 13 -44.72 -71.52 -18.01
C GLN YA 13 -45.26 -70.09 -17.99
N ILE YA 14 -45.58 -69.55 -19.17
CA ILE YA 14 -46.13 -68.19 -19.23
C ILE YA 14 -47.46 -68.11 -18.51
N GLN YA 15 -48.33 -69.11 -18.71
CA GLN YA 15 -49.64 -69.08 -18.08
C GLN YA 15 -49.53 -69.27 -16.56
N ASN YA 16 -48.61 -70.12 -16.11
CA ASN YA 16 -48.38 -70.25 -14.68
C ASN YA 16 -47.91 -68.92 -14.08
N LEU YA 17 -46.97 -68.24 -14.76
CA LEU YA 17 -46.51 -66.95 -14.27
C LEU YA 17 -47.63 -65.92 -14.26
N ALA YA 18 -48.47 -65.91 -15.30
CA ALA YA 18 -49.56 -64.96 -15.38
C ALA YA 18 -50.58 -65.18 -14.27
N ALA YA 19 -50.89 -66.45 -13.97
CA ALA YA 19 -51.81 -66.73 -12.88
C ALA YA 19 -51.18 -66.40 -11.53
N LYS YA 20 -49.87 -66.60 -11.39
CA LYS YA 20 -49.20 -66.22 -10.16
C LYS YA 20 -49.25 -64.72 -9.95
N ARG YA 21 -49.05 -63.94 -11.01
CA ARG YA 21 -49.09 -62.49 -10.87
C ARG YA 21 -50.46 -61.99 -10.46
N SER YA 22 -51.52 -62.56 -11.04
CA SER YA 22 -52.87 -62.08 -10.81
C SER YA 22 -53.59 -62.77 -9.66
N LEU YA 23 -52.95 -63.75 -9.02
CA LEU YA 23 -53.60 -64.46 -7.91
C LEU YA 23 -52.66 -64.75 -6.75
N ALA YA 24 -51.52 -64.06 -6.66
CA ALA YA 24 -50.58 -64.34 -5.58
C ALA YA 24 -51.14 -63.95 -4.22
N TYR YA 25 -52.04 -62.96 -4.19
CA TYR YA 25 -52.54 -62.47 -2.91
C TYR YA 25 -53.48 -63.46 -2.22
N LEU YA 26 -54.05 -64.41 -2.95
CA LEU YA 26 -55.00 -65.34 -2.34
C LEU YA 26 -54.28 -66.35 -1.46
N ASN YA 27 -53.19 -66.92 -1.95
CA ASN YA 27 -52.52 -68.02 -1.28
C ASN YA 27 -51.29 -67.53 -0.51
N GLN YA 28 -50.80 -68.41 0.37
CA GLN YA 28 -49.57 -68.16 1.13
C GLN YA 28 -48.39 -68.97 0.60
N ILE YA 29 -48.41 -69.31 -0.70
CA ILE YA 29 -47.30 -70.05 -1.28
C ILE YA 29 -46.01 -69.26 -1.20
N ASP YA 30 -46.07 -67.97 -1.53
CA ASP YA 30 -44.90 -67.11 -1.41
C ASP YA 30 -44.51 -66.94 0.05
N SER YA 31 -43.21 -66.98 0.31
CA SER YA 31 -42.72 -66.91 1.68
C SER YA 31 -43.08 -65.57 2.31
N GLN YA 32 -43.39 -65.59 3.60
CA GLN YA 32 -43.72 -64.43 4.41
C GLN YA 32 -44.98 -63.70 3.91
N SER YA 33 -45.75 -64.32 3.02
CA SER YA 33 -47.01 -63.78 2.53
C SER YA 33 -46.82 -62.36 1.98
N VAL YA 34 -45.73 -62.15 1.26
CA VAL YA 34 -45.37 -60.83 0.76
C VAL YA 34 -46.43 -60.29 -0.19
N PRO YA 35 -46.67 -60.91 -1.36
CA PRO YA 35 -47.51 -60.24 -2.37
C PRO YA 35 -48.90 -59.91 -1.87
N SER YA 36 -49.49 -60.81 -1.07
CA SER YA 36 -50.80 -60.53 -0.49
C SER YA 36 -50.80 -59.19 0.24
N ARG YA 37 -49.84 -59.00 1.14
CA ARG YA 37 -49.72 -57.74 1.86
C ARG YA 37 -49.70 -56.57 0.88
N ALA YA 38 -48.92 -56.70 -0.20
CA ALA YA 38 -48.82 -55.64 -1.18
C ALA YA 38 -50.21 -55.23 -1.66
N THR YA 39 -51.02 -56.20 -2.08
CA THR YA 39 -52.36 -55.88 -2.55
C THR YA 39 -53.17 -55.23 -1.44
N ILE YA 40 -53.10 -55.79 -0.22
CA ILE YA 40 -53.77 -55.18 0.91
C ILE YA 40 -53.27 -53.75 1.09
N ASN YA 41 -51.94 -53.57 1.01
CA ASN YA 41 -51.36 -52.24 1.09
C ASN YA 41 -52.04 -51.31 0.10
N MET YA 42 -52.19 -51.76 -1.15
CA MET YA 42 -52.83 -50.94 -2.17
C MET YA 42 -54.20 -50.47 -1.69
N LYS YA 43 -55.02 -51.42 -1.21
CA LYS YA 43 -56.35 -51.05 -0.74
C LYS YA 43 -56.26 -49.95 0.30
N ASP YA 44 -55.36 -50.12 1.27
CA ASP YA 44 -55.20 -49.10 2.30
C ASP YA 44 -54.98 -47.75 1.66
N GLN YA 45 -53.99 -47.67 0.76
CA GLN YA 45 -53.71 -46.41 0.08
C GLN YA 45 -54.97 -45.85 -0.53
N VAL YA 46 -55.68 -46.69 -1.31
CA VAL YA 46 -56.90 -46.24 -1.96
C VAL YA 46 -57.86 -45.68 -0.94
N THR YA 47 -58.12 -46.46 0.12
CA THR YA 47 -59.05 -45.99 1.14
C THR YA 47 -58.58 -44.65 1.69
N GLN YA 48 -57.31 -44.57 2.08
CA GLN YA 48 -56.78 -43.34 2.63
C GLN YA 48 -57.07 -42.17 1.70
N MET YA 49 -56.78 -42.38 0.41
CA MET YA 49 -56.96 -41.30 -0.55
C MET YA 49 -58.39 -40.77 -0.49
N GLN YA 50 -59.37 -41.67 -0.58
CA GLN YA 50 -60.76 -41.22 -0.54
C GLN YA 50 -61.04 -40.49 0.76
N ARG YA 51 -60.63 -41.09 1.89
CA ARG YA 51 -60.83 -40.43 3.17
C ARG YA 51 -60.20 -39.05 3.17
N GLU YA 52 -58.98 -38.97 2.62
CA GLU YA 52 -58.29 -37.69 2.53
C GLU YA 52 -59.19 -36.64 1.88
N ILE YA 53 -59.76 -36.98 0.73
CA ILE YA 53 -60.61 -36.02 0.03
C ILE YA 53 -61.74 -35.58 0.95
N ASP YA 54 -62.42 -36.54 1.58
CA ASP YA 54 -63.52 -36.19 2.45
C ASP YA 54 -63.05 -35.27 3.56
N ASN YA 55 -61.90 -35.60 4.17
CA ASN YA 55 -61.40 -34.78 5.26
C ASN YA 55 -61.16 -33.36 4.79
N MET YA 56 -60.61 -33.20 3.58
CA MET YA 56 -60.40 -31.86 3.05
C MET YA 56 -61.70 -31.08 3.05
N ALA YA 57 -62.77 -31.70 2.54
CA ALA YA 57 -64.06 -31.02 2.51
C ALA YA 57 -64.48 -30.60 3.92
N ASN YA 58 -64.28 -31.49 4.90
CA ASN YA 58 -64.62 -31.16 6.28
C ASN YA 58 -63.91 -29.88 6.70
N VAL YA 59 -62.62 -29.78 6.40
CA VAL YA 59 -61.88 -28.56 6.73
C VAL YA 59 -62.55 -27.36 6.09
N ILE YA 60 -62.84 -27.45 4.78
CA ILE YA 60 -63.47 -26.35 4.09
C ILE YA 60 -64.87 -26.11 4.63
N ARG YA 61 -65.54 -27.17 5.09
CA ARG YA 61 -66.88 -26.99 5.63
C ARG YA 61 -66.86 -26.23 6.95
N ALA YA 62 -65.71 -26.14 7.61
CA ALA YA 62 -65.62 -25.45 8.89
C ALA YA 62 -65.08 -24.04 8.78
N GLN YA 63 -64.57 -23.65 7.61
CA GLN YA 63 -63.96 -22.33 7.45
C GLN YA 63 -64.74 -21.39 6.55
N ILE YA 64 -65.59 -21.91 5.67
CA ILE YA 64 -66.43 -21.06 4.82
C ILE YA 64 -67.54 -20.47 5.67
N PRO YA 65 -68.14 -19.34 5.27
CA PRO YA 65 -69.27 -18.81 6.01
C PRO YA 65 -70.45 -19.78 5.99
N ASP YA 66 -71.28 -19.71 7.03
CA ASP YA 66 -72.39 -20.65 7.17
C ASP YA 66 -73.35 -20.56 5.99
N GLU YA 67 -73.45 -19.38 5.35
CA GLU YA 67 -74.37 -19.24 4.24
C GLU YA 67 -73.92 -20.02 3.01
N ASP YA 68 -72.61 -20.26 2.88
CA ASP YA 68 -72.06 -20.91 1.69
C ASP YA 68 -72.07 -22.42 1.75
N ARG YA 69 -72.28 -23.01 2.94
CA ARG YA 69 -72.05 -24.44 3.13
C ARG YA 69 -72.80 -25.26 2.08
N ALA YA 70 -74.10 -25.02 1.94
CA ALA YA 70 -74.90 -25.78 0.99
C ALA YA 70 -74.27 -25.75 -0.39
N GLU YA 71 -73.92 -24.54 -0.87
CA GLU YA 71 -73.30 -24.42 -2.18
C GLU YA 71 -72.09 -25.33 -2.29
N PHE YA 72 -71.18 -25.25 -1.30
CA PHE YA 72 -69.99 -26.08 -1.34
C PHE YA 72 -70.38 -27.54 -1.46
N GLU YA 73 -71.35 -27.98 -0.64
CA GLU YA 73 -71.78 -29.37 -0.69
C GLU YA 73 -72.18 -29.75 -2.11
N ILE YA 74 -72.99 -28.92 -2.74
CA ILE YA 74 -73.40 -29.18 -4.12
C ILE YA 74 -72.17 -29.41 -4.98
N LEU YA 75 -71.26 -28.44 -4.97
CA LEU YA 75 -70.04 -28.58 -5.76
C LEU YA 75 -69.30 -29.84 -5.37
N LYS YA 76 -69.15 -30.08 -4.06
CA LYS YA 76 -68.46 -31.27 -3.61
C LYS YA 76 -69.10 -32.51 -4.21
N LYS YA 77 -70.43 -32.60 -4.15
CA LYS YA 77 -71.11 -33.76 -4.69
C LYS YA 77 -70.82 -33.89 -6.18
N TYR YA 78 -70.88 -32.77 -6.92
CA TYR YA 78 -70.62 -32.84 -8.34
C TYR YA 78 -69.18 -33.20 -8.64
N TYR YA 79 -68.26 -32.95 -7.71
CA TYR YA 79 -66.88 -33.37 -7.92
C TYR YA 79 -66.69 -34.85 -7.63
N VAL YA 80 -67.57 -35.47 -6.86
CA VAL YA 80 -67.35 -36.85 -6.42
C VAL YA 80 -68.02 -37.81 -7.40
N THR YA 81 -69.34 -37.70 -7.54
CA THR YA 81 -70.10 -38.64 -8.36
C THR YA 81 -70.93 -37.99 -9.45
N GLY YA 82 -71.24 -36.70 -9.35
CA GLY YA 82 -72.10 -36.08 -10.34
C GLY YA 82 -71.49 -36.05 -11.73
N GLN YA 83 -70.19 -35.73 -11.82
CA GLN YA 83 -69.55 -35.61 -13.12
C GLN YA 83 -69.48 -36.95 -13.84
N HIS YA 84 -69.24 -38.04 -13.10
CA HIS YA 84 -69.04 -39.34 -13.71
C HIS YA 84 -70.35 -39.96 -14.19
N ASP YA 85 -71.49 -39.46 -13.72
CA ASP YA 85 -72.79 -39.98 -14.14
C ASP YA 85 -73.29 -39.19 -15.34
N SER YA 86 -73.52 -39.87 -16.46
CA SER YA 86 -73.94 -39.19 -17.68
C SER YA 86 -75.40 -38.75 -17.62
N LEU YA 87 -76.17 -39.29 -16.68
CA LEU YA 87 -77.59 -38.95 -16.55
C LEU YA 87 -77.82 -37.72 -15.67
N VAL YA 88 -76.76 -37.13 -15.11
CA VAL YA 88 -76.87 -35.92 -14.32
C VAL YA 88 -76.57 -34.73 -15.20
N ASP YA 89 -77.45 -33.73 -15.17
CA ASP YA 89 -77.33 -32.58 -16.07
C ASP YA 89 -76.49 -31.49 -15.42
N PRO YA 90 -75.32 -31.16 -15.98
CA PRO YA 90 -74.60 -29.99 -15.48
C PRO YA 90 -75.40 -28.71 -15.62
N GLN YA 91 -76.26 -28.62 -16.63
CA GLN YA 91 -77.15 -27.47 -16.74
C GLN YA 91 -78.06 -27.36 -15.54
N ASP YA 92 -78.62 -28.49 -15.08
CA ASP YA 92 -79.48 -28.46 -13.91
C ASP YA 92 -78.69 -28.20 -12.64
N VAL YA 93 -77.46 -28.70 -12.55
CA VAL YA 93 -76.62 -28.38 -11.39
C VAL YA 93 -76.36 -26.88 -11.33
N LEU YA 94 -76.05 -26.28 -12.48
CA LEU YA 94 -75.84 -24.83 -12.53
C LEU YA 94 -77.12 -24.07 -12.17
N LEU YA 95 -78.27 -24.56 -12.64
CA LEU YA 95 -79.53 -23.91 -12.30
C LEU YA 95 -79.80 -23.98 -10.80
N GLN YA 96 -79.50 -25.11 -10.18
CA GLN YA 96 -79.66 -25.24 -8.73
C GLN YA 96 -78.73 -24.29 -8.00
N LEU YA 97 -77.49 -24.16 -8.47
CA LEU YA 97 -76.56 -23.22 -7.87
C LEU YA 97 -77.06 -21.78 -8.00
N ASP YA 98 -77.62 -21.44 -9.16
CA ASP YA 98 -78.19 -20.10 -9.34
C ASP YA 98 -79.36 -19.86 -8.40
N ARG YA 99 -80.22 -20.86 -8.22
CA ARG YA 99 -81.33 -20.72 -7.28
C ARG YA 99 -80.82 -20.51 -5.86
N ILE YA 100 -79.79 -21.26 -5.45
CA ILE YA 100 -79.24 -21.09 -4.12
C ILE YA 100 -78.61 -19.71 -3.96
N GLN YA 101 -77.97 -19.21 -5.02
CA GLN YA 101 -77.41 -17.87 -4.96
C GLN YA 101 -78.50 -16.81 -4.82
N VAL YA 102 -79.61 -17.00 -5.54
CA VAL YA 102 -80.74 -16.08 -5.41
C VAL YA 102 -81.28 -16.10 -3.99
N LEU YA 103 -81.41 -17.29 -3.40
CA LEU YA 103 -81.87 -17.40 -2.01
C LEU YA 103 -80.90 -16.71 -1.06
N LYS YA 104 -79.59 -16.86 -1.30
CA LYS YA 104 -78.60 -16.20 -0.46
C LYS YA 104 -78.71 -14.69 -0.56
N ASN YA 105 -78.92 -14.17 -1.77
CA ASN YA 105 -79.11 -12.72 -1.93
C ASN YA 105 -80.38 -12.26 -1.22
N LEU YA 106 -81.45 -13.06 -1.31
CA LEU YA 106 -82.68 -12.71 -0.61
C LEU YA 106 -82.46 -12.65 0.89
N LYS YA 107 -81.70 -13.60 1.44
CA LYS YA 107 -81.34 -13.54 2.86
C LYS YA 107 -80.48 -12.32 3.16
N MET YA 108 -79.59 -11.97 2.24
CA MET YA 108 -78.78 -10.76 2.41
C MET YA 108 -79.64 -9.51 2.45
N ILE YA 109 -80.78 -9.52 1.75
CA ILE YA 109 -81.70 -8.40 1.81
C ILE YA 109 -82.20 -8.19 3.23
N GLU YA 110 -82.39 -9.28 3.99
CA GLU YA 110 -82.90 -9.23 5.35
C GLU YA 110 -81.84 -8.87 6.37
N LEU YA 111 -80.72 -8.29 5.94
CA LEU YA 111 -79.65 -7.84 6.83
C LEU YA 111 -79.75 -6.35 7.12
N ASN YA 112 -80.97 -5.83 7.25
CA ASN YA 112 -81.23 -4.42 7.50
C ASN YA 112 -80.69 -3.54 6.37
N GLU YA 113 -81.14 -3.83 5.15
CA GLU YA 113 -80.75 -3.01 4.01
C GLU YA 113 -81.30 -1.60 4.14
N GLU YA 114 -82.49 -1.46 4.72
CA GLU YA 114 -83.13 -0.17 4.98
C GLU YA 114 -83.35 0.63 3.71
N ALA YA 115 -83.73 -0.06 2.63
CA ALA YA 115 -84.12 0.57 1.37
C ALA YA 115 -85.62 0.34 1.19
N TYR YA 116 -86.40 1.42 1.20
CA TYR YA 116 -87.85 1.29 1.25
C TYR YA 116 -88.41 0.64 -0.01
N ASP YA 117 -88.17 1.26 -1.16
CA ASP YA 117 -88.65 0.72 -2.43
C ASP YA 117 -87.80 -0.44 -2.94
N PRO YA 118 -86.46 -0.36 -2.88
CA PRO YA 118 -85.65 -1.50 -3.36
C PRO YA 118 -85.94 -2.80 -2.63
N GLU YA 119 -86.36 -2.76 -1.38
CA GLU YA 119 -86.73 -4.01 -0.70
C GLU YA 119 -87.85 -4.71 -1.44
N LEU YA 120 -88.95 -4.00 -1.71
CA LEU YA 120 -90.06 -4.59 -2.45
C LEU YA 120 -89.64 -4.99 -3.86
N VAL YA 121 -88.86 -4.13 -4.53
CA VAL YA 121 -88.46 -4.42 -5.90
C VAL YA 121 -87.66 -5.72 -5.96
N ARG YA 122 -86.65 -5.84 -5.10
CA ARG YA 122 -85.79 -7.01 -5.11
C ARG YA 122 -86.54 -8.26 -4.64
N LEU YA 123 -87.43 -8.12 -3.65
CA LEU YA 123 -88.21 -9.27 -3.22
C LEU YA 123 -89.08 -9.80 -4.35
N GLU YA 124 -89.76 -8.91 -5.06
CA GLU YA 124 -90.59 -9.33 -6.19
C GLU YA 124 -89.73 -9.94 -7.30
N LYS YA 125 -88.59 -9.32 -7.61
CA LYS YA 125 -87.73 -9.85 -8.68
C LYS YA 125 -87.22 -11.24 -8.34
N LEU YA 126 -86.82 -11.46 -7.09
CA LEU YA 126 -86.32 -12.77 -6.71
C LEU YA 126 -87.43 -13.80 -6.62
N LYS YA 127 -88.64 -13.39 -6.21
CA LYS YA 127 -89.76 -14.33 -6.21
C LYS YA 127 -90.10 -14.78 -7.62
N ALA YA 128 -90.12 -13.85 -8.58
CA ALA YA 128 -90.42 -14.23 -9.95
C ALA YA 128 -89.25 -14.89 -10.65
N ARG YA 129 -88.02 -14.72 -10.13
CA ARG YA 129 -86.85 -15.25 -10.81
C ARG YA 129 -86.74 -16.76 -10.63
N VAL YA 130 -87.05 -17.26 -9.44
CA VAL YA 130 -86.92 -18.69 -9.15
C VAL YA 130 -88.23 -19.39 -9.47
N LEU YA 131 -89.13 -18.69 -10.17
CA LEU YA 131 -90.40 -19.25 -10.63
C LEU YA 131 -91.26 -19.73 -9.45
N LEU YA 132 -91.59 -18.78 -8.59
CA LEU YA 132 -92.46 -19.04 -7.45
C LEU YA 132 -93.92 -18.90 -7.88
N GLU YA 133 -94.84 -18.98 -6.93
CA GLU YA 133 -96.25 -18.80 -7.24
C GLU YA 133 -96.56 -17.38 -7.68
N GLU YA 134 -95.78 -16.41 -7.21
CA GLU YA 134 -96.00 -15.02 -7.60
C GLU YA 134 -95.73 -14.84 -9.09
N GLU YA 135 -96.64 -14.13 -9.75
CA GLU YA 135 -96.54 -13.92 -11.19
C GLU YA 135 -95.60 -12.76 -11.50
N GLY YA 136 -95.01 -12.80 -12.70
CA GLY YA 136 -94.23 -11.67 -13.16
C GLY YA 136 -95.10 -10.45 -13.39
N ALA YA 137 -96.33 -10.67 -13.88
CA ALA YA 137 -97.25 -9.56 -14.07
C ALA YA 137 -97.60 -8.88 -12.74
N LEU YA 138 -97.51 -9.62 -11.63
CA LEU YA 138 -97.76 -9.02 -10.33
C LEU YA 138 -96.76 -7.91 -10.03
N LEU YA 139 -95.47 -8.20 -10.17
CA LEU YA 139 -94.46 -7.17 -9.96
C LEU YA 139 -94.50 -6.13 -11.07
N GLU YA 140 -94.90 -6.52 -12.28
CA GLU YA 140 -95.03 -5.56 -13.37
C GLU YA 140 -96.07 -4.49 -13.04
N TYR YA 141 -97.21 -4.92 -12.49
CA TYR YA 141 -98.22 -3.97 -12.06
C TYR YA 141 -97.77 -3.21 -10.81
N ALA YA 142 -97.02 -3.88 -9.94
CA ALA YA 142 -96.51 -3.20 -8.73
C ALA YA 142 -95.59 -2.05 -9.09
N HIS YA 143 -94.74 -2.23 -10.10
CA HIS YA 143 -93.82 -1.19 -10.55
C HIS YA 143 -94.59 0.02 -11.09
N GLY ZA 2 -2.91 -12.18 -50.04
CA GLY ZA 2 -1.71 -11.99 -49.24
C GLY ZA 2 -0.91 -10.77 -49.63
N PHE ZA 3 -1.53 -9.59 -49.51
CA PHE ZA 3 -0.90 -8.34 -49.90
C PHE ZA 3 0.11 -7.94 -48.83
N GLU ZA 4 0.71 -6.76 -49.00
CA GLU ZA 4 1.68 -6.23 -48.05
C GLU ZA 4 1.30 -4.81 -47.67
N THR ZA 5 1.77 -4.39 -46.49
CA THR ZA 5 1.50 -3.07 -45.97
C THR ZA 5 2.70 -2.16 -46.20
N VAL ZA 6 2.45 -0.86 -46.10
CA VAL ZA 6 3.51 0.12 -46.32
C VAL ZA 6 4.50 0.06 -45.17
N VAL ZA 7 5.79 -0.01 -45.51
CA VAL ZA 7 6.85 -0.07 -44.52
C VAL ZA 7 7.23 1.36 -44.15
N PRO ZA 8 7.03 1.80 -42.91
CA PRO ZA 8 7.44 3.14 -42.53
C PRO ZA 8 8.95 3.27 -42.46
N ALA ZA 9 9.42 4.50 -42.59
CA ALA ZA 9 10.84 4.78 -42.50
C ALA ZA 9 11.34 4.46 -41.09
N PRO ZA 10 12.63 4.17 -40.94
CA PRO ZA 10 13.17 3.86 -39.63
C PRO ZA 10 12.88 4.97 -38.64
N PRO ZA 11 12.48 4.63 -37.42
CA PRO ZA 11 12.01 5.65 -36.48
C PRO ZA 11 13.12 6.60 -36.07
N THR ZA 12 12.71 7.84 -35.78
CA THR ZA 12 13.62 8.85 -35.25
C THR ZA 12 13.83 8.60 -33.76
N ARG ZA 13 14.62 9.47 -33.12
CA ARG ZA 13 14.94 9.25 -31.72
C ARG ZA 13 13.70 9.37 -30.83
N ASP ZA 14 12.79 10.29 -31.17
CA ASP ZA 14 11.56 10.41 -30.40
C ASP ZA 14 10.71 9.14 -30.49
N ASP ZA 15 10.59 8.58 -31.68
CA ASP ZA 15 9.84 7.34 -31.84
C ASP ZA 15 10.52 6.18 -31.12
N GLU ZA 16 11.86 6.13 -31.16
CA GLU ZA 16 12.58 5.11 -30.42
C GLU ZA 16 12.34 5.23 -28.92
N LEU ZA 17 12.35 6.47 -28.41
CA LEU ZA 17 12.09 6.69 -26.99
C LEU ZA 17 10.66 6.29 -26.62
N ARG ZA 18 9.69 6.60 -27.48
CA ARG ZA 18 8.32 6.17 -27.22
C ARG ZA 18 8.22 4.65 -27.20
N MET ZA 19 8.91 3.98 -28.12
CA MET ZA 19 8.91 2.52 -28.14
C MET ZA 19 9.53 1.96 -26.86
N ILE ZA 20 10.64 2.55 -26.41
CA ILE ZA 20 11.28 2.10 -25.17
C ILE ZA 20 10.35 2.28 -23.99
N LYS ZA 21 9.66 3.44 -23.94
CA LYS ZA 21 8.73 3.69 -22.85
C LYS ZA 21 7.60 2.68 -22.86
N ALA ZA 22 7.05 2.37 -24.04
CA ALA ZA 22 5.98 1.38 -24.12
C ALA ZA 22 6.46 0.00 -23.67
N THR ZA 23 7.66 -0.39 -24.12
CA THR ZA 23 8.19 -1.70 -23.73
C THR ZA 23 8.39 -1.78 -22.23
N GLU ZA 24 8.94 -0.74 -21.62
CA GLU ZA 24 9.18 -0.81 -20.17
C GLU ZA 24 7.88 -0.77 -19.38
N GLU ZA 25 6.89 0.00 -19.86
CA GLU ZA 25 5.59 -0.01 -19.19
C GLU ZA 25 4.94 -1.38 -19.28
N GLN ZA 26 5.03 -2.04 -20.43
CA GLN ZA 26 4.48 -3.38 -20.55
C GLN ZA 26 5.27 -4.38 -19.72
N PHE ZA 27 6.57 -4.16 -19.56
CA PHE ZA 27 7.37 -5.00 -18.67
C PHE ZA 27 6.90 -4.88 -17.22
N LEU ZA 28 6.54 -3.67 -16.80
CA LEU ZA 28 6.11 -3.47 -15.42
C LEU ZA 28 4.81 -4.19 -15.09
N GLN ZA 29 4.04 -4.63 -16.09
CA GLN ZA 29 2.74 -5.21 -15.86
C GLN ZA 29 2.76 -6.71 -15.58
N GLN ZA 30 3.91 -7.36 -15.70
CA GLN ZA 30 3.98 -8.81 -15.51
C GLN ZA 30 3.91 -9.15 -14.03
N PRO ZA 31 2.93 -9.93 -13.59
CA PRO ZA 31 2.89 -10.34 -12.18
C PRO ZA 31 4.12 -11.17 -11.82
N ARG ZA 32 4.59 -11.00 -10.60
CA ARG ZA 32 5.82 -11.67 -10.18
C ARG ZA 32 5.62 -13.18 -10.01
N TYR ZA 33 4.39 -13.64 -9.83
CA TYR ZA 33 4.12 -15.06 -9.70
C TYR ZA 33 3.94 -15.76 -11.04
N LYS ZA 34 3.99 -15.04 -12.15
CA LYS ZA 34 3.96 -15.63 -13.48
C LYS ZA 34 5.38 -15.65 -14.01
N LEU ZA 35 5.97 -16.85 -14.09
CA LEU ZA 35 7.37 -17.01 -14.44
C LEU ZA 35 7.47 -17.34 -15.93
N TYR ZA 36 7.36 -16.30 -16.75
CA TYR ZA 36 7.59 -16.37 -18.18
C TYR ZA 36 8.85 -15.57 -18.52
N MET ZA 37 9.79 -16.20 -19.20
CA MET ZA 37 11.05 -15.54 -19.51
C MET ZA 37 10.86 -14.51 -20.62
N ASN ZA 38 11.84 -13.62 -20.74
CA ASN ZA 38 11.81 -12.59 -21.77
C ASN ZA 38 12.14 -13.21 -23.12
N GLU ZA 39 11.19 -13.15 -24.05
CA GLU ZA 39 11.36 -13.71 -25.38
C GLU ZA 39 10.29 -13.12 -26.28
N ALA ZA 40 10.42 -13.39 -27.58
CA ALA ZA 40 9.47 -12.85 -28.53
C ALA ZA 40 8.07 -13.38 -28.29
N HIS ZA 41 7.94 -14.67 -28.03
CA HIS ZA 41 6.63 -15.30 -27.87
C HIS ZA 41 6.06 -15.13 -26.47
N ARG ZA 42 6.82 -14.54 -25.54
CA ARG ZA 42 6.41 -14.45 -24.14
C ARG ZA 42 4.97 -13.97 -24.01
N ILE ZA 43 4.69 -12.77 -24.53
CA ILE ZA 43 3.34 -12.21 -24.40
C ILE ZA 43 2.32 -13.20 -24.96
N ALA ZA 44 2.58 -13.72 -26.17
CA ALA ZA 44 1.69 -14.72 -26.74
C ALA ZA 44 1.50 -15.88 -25.76
N LYS ZA 45 2.60 -16.45 -25.29
CA LYS ZA 45 2.52 -17.51 -24.30
C LYS ZA 45 1.66 -17.09 -23.13
N MET ZA 46 1.92 -15.90 -22.58
CA MET ZA 46 1.15 -15.45 -21.44
C MET ZA 46 -0.33 -15.42 -21.76
N ASN ZA 47 -0.69 -14.85 -22.91
CA ASN ZA 47 -2.09 -14.87 -23.30
C ASN ZA 47 -2.62 -16.30 -23.31
N HIS ZA 48 -1.90 -17.19 -23.99
CA HIS ZA 48 -2.27 -18.60 -24.01
C HIS ZA 48 -2.47 -19.09 -22.60
N GLY ZA 49 -1.49 -18.84 -21.72
CA GLY ZA 49 -1.59 -19.32 -20.36
C GLY ZA 49 -2.87 -18.85 -19.70
N ASP ZA 50 -3.16 -17.55 -19.85
CA ASP ZA 50 -4.38 -17.02 -19.25
C ASP ZA 50 -5.59 -17.82 -19.71
N ARG ZA 51 -5.74 -17.97 -21.03
CA ARG ZA 51 -6.87 -18.71 -21.54
C ARG ZA 51 -6.88 -20.12 -20.96
N HIS ZA 52 -5.73 -20.78 -20.97
CA HIS ZA 52 -5.65 -22.12 -20.42
C HIS ZA 52 -6.15 -22.13 -18.99
N ASN ZA 53 -5.66 -21.20 -18.17
CA ASN ZA 53 -6.09 -21.16 -16.77
C ASN ZA 53 -7.60 -21.01 -16.69
N ASN ZA 54 -8.16 -20.12 -17.52
CA ASN ZA 54 -9.61 -19.95 -17.53
C ASN ZA 54 -10.28 -21.29 -17.74
N ILE ZA 55 -9.88 -22.01 -18.79
CA ILE ZA 55 -10.46 -23.32 -19.07
C ILE ZA 55 -10.33 -24.20 -17.86
N ARG ZA 56 -9.13 -24.24 -17.27
CA ARG ZA 56 -8.88 -25.11 -16.13
C ARG ZA 56 -9.94 -24.89 -15.07
N ALA ZA 57 -10.19 -23.62 -14.71
CA ALA ZA 57 -11.17 -23.35 -13.66
C ALA ZA 57 -12.50 -23.97 -14.01
N HIS ZA 58 -13.02 -23.67 -15.21
CA HIS ZA 58 -14.31 -24.23 -15.61
C HIS ZA 58 -14.29 -25.74 -15.45
N PHE ZA 59 -13.24 -26.38 -15.98
CA PHE ZA 59 -13.16 -27.84 -15.94
C PHE ZA 59 -13.35 -28.33 -14.52
N TRP ZA 60 -12.58 -27.78 -13.58
CA TRP ZA 60 -12.64 -28.31 -12.23
C TRP ZA 60 -14.02 -28.10 -11.63
N SER ZA 61 -14.63 -26.93 -11.89
CA SER ZA 61 -16.00 -26.72 -11.42
C SER ZA 61 -16.89 -27.84 -11.94
N ASN ZA 62 -16.86 -28.07 -13.25
CA ASN ZA 62 -17.68 -29.14 -13.82
C ASN ZA 62 -17.32 -30.47 -13.18
N PHE ZA 63 -16.02 -30.73 -13.01
CA PHE ZA 63 -15.60 -31.98 -12.38
C PHE ZA 63 -16.29 -32.14 -11.04
N ALA ZA 64 -16.19 -31.11 -10.18
CA ALA ZA 64 -16.86 -31.17 -8.90
C ALA ZA 64 -18.36 -31.38 -9.09
N LEU ZA 65 -18.96 -30.58 -9.98
CA LEU ZA 65 -20.38 -30.74 -10.25
C LEU ZA 65 -20.67 -32.16 -10.72
N GLY ZA 66 -19.81 -32.69 -11.60
CA GLY ZA 66 -20.03 -34.04 -12.09
C GLY ZA 66 -20.11 -35.02 -10.95
N LEU ZA 67 -19.19 -34.91 -9.99
CA LEU ZA 67 -19.22 -35.81 -8.84
C LEU ZA 67 -20.59 -35.77 -8.18
N LEU ZA 68 -21.08 -34.57 -7.89
CA LEU ZA 68 -22.41 -34.45 -7.30
C LEU ZA 68 -23.45 -35.15 -8.16
N ILE ZA 69 -23.47 -34.82 -9.45
CA ILE ZA 69 -24.50 -35.37 -10.31
C ILE ZA 69 -24.31 -36.86 -10.52
N THR ZA 70 -23.09 -37.37 -10.34
CA THR ZA 70 -22.86 -38.80 -10.47
C THR ZA 70 -22.96 -39.53 -9.14
N GLY ZA 71 -23.30 -38.82 -8.06
CA GLY ZA 71 -23.44 -39.46 -6.78
C GLY ZA 71 -24.67 -40.34 -6.70
N PRO ZA 72 -25.86 -39.74 -6.70
CA PRO ZA 72 -27.08 -40.51 -6.50
C PRO ZA 72 -27.65 -41.11 -7.78
N ILE ZA 73 -27.22 -40.60 -8.93
CA ILE ZA 73 -27.85 -41.00 -10.18
C ILE ZA 73 -27.27 -42.31 -10.70
N PHE ZA 74 -25.96 -42.48 -10.60
CA PHE ZA 74 -25.31 -43.66 -11.18
C PHE ZA 74 -24.68 -44.57 -10.15
N ILE ZA 75 -23.80 -44.05 -9.30
CA ILE ZA 75 -22.92 -44.92 -8.52
C ILE ZA 75 -23.70 -45.63 -7.41
N ILE ZA 76 -24.63 -44.95 -6.74
CA ILE ZA 76 -25.42 -45.58 -5.69
C ILE ZA 76 -26.32 -46.68 -6.29
N PRO ZA 77 -27.07 -46.42 -7.36
CA PRO ZA 77 -27.81 -47.53 -8.00
C PRO ZA 77 -26.89 -48.63 -8.49
N PHE ZA 78 -25.66 -48.30 -8.90
CA PHE ZA 78 -24.70 -49.35 -9.24
C PHE ZA 78 -24.36 -50.20 -8.01
N GLY ZA 79 -24.19 -49.56 -6.87
CA GLY ZA 79 -23.95 -50.26 -5.62
C GLY ZA 79 -25.13 -51.06 -5.13
N LYS ZA 80 -26.32 -50.80 -5.66
CA LYS ZA 80 -27.46 -51.68 -5.39
C LYS ZA 80 -27.27 -53.09 -5.94
N ALA ZA 81 -26.29 -53.29 -6.81
CA ALA ZA 81 -26.08 -54.59 -7.45
C ALA ZA 81 -25.18 -55.53 -6.66
N PHE ZA 82 -24.60 -55.07 -5.55
CA PHE ZA 82 -23.73 -55.90 -4.74
C PHE ZA 82 -24.45 -56.49 -3.53
N ARG ZA 83 -25.76 -56.29 -3.42
CA ARG ZA 83 -26.50 -56.84 -2.29
C ARG ZA 83 -26.54 -58.36 -2.36
N ASN ZA 84 -26.91 -58.91 -3.52
CA ASN ZA 84 -27.01 -60.35 -3.71
C ASN ZA 84 -26.18 -60.74 -4.92
N LEU ZA 85 -25.85 -62.03 -4.98
CA LEU ZA 85 -25.17 -62.58 -6.14
C LEU ZA 85 -26.21 -62.99 -7.19
N ARG ZA 86 -25.73 -63.44 -8.35
CA ARG ZA 86 -26.64 -63.87 -9.40
C ARG ZA 86 -27.42 -65.13 -9.03
N SER ZA 87 -26.97 -65.86 -8.02
CA SER ZA 87 -27.66 -67.04 -7.53
C SER ZA 87 -28.69 -66.71 -6.46
N GLY ZA 88 -28.80 -65.46 -6.04
CA GLY ZA 88 -29.74 -65.06 -5.03
C GLY ZA 88 -29.19 -65.05 -3.62
N VAL ZA 89 -28.08 -65.72 -3.38
CA VAL ZA 89 -27.47 -65.74 -2.03
C VAL ZA 89 -26.84 -64.38 -1.76
N PRO ZA 90 -27.01 -63.81 -0.57
CA PRO ZA 90 -26.42 -62.50 -0.29
C PRO ZA 90 -24.90 -62.49 -0.50
N TYR ZA 91 -24.37 -61.28 -0.65
CA TYR ZA 91 -22.95 -61.12 -0.93
C TYR ZA 91 -22.10 -61.70 0.20
N TYR ZA 92 -21.07 -62.45 -0.18
CA TYR ZA 92 -20.08 -62.96 0.76
C TYR ZA 92 -18.70 -62.75 0.18
N PHE ZA 93 -17.70 -62.80 1.06
CA PHE ZA 93 -16.34 -62.48 0.67
C PHE ZA 93 -15.69 -63.64 -0.07
N ARG ZA 94 -15.14 -63.36 -1.25
CA ARG ZA 94 -14.31 -64.31 -1.97
C ARG ZA 94 -12.87 -63.83 -1.94
N PRO ZA 95 -11.99 -64.46 -1.15
CA PRO ZA 95 -10.64 -63.93 -1.00
C PRO ZA 95 -9.73 -64.33 -2.14
N LYS ZA 96 -8.89 -63.40 -2.57
CA LYS ZA 96 -7.94 -63.71 -3.64
C LYS ZA 96 -6.70 -64.41 -3.08
N TYR ZA 97 -5.89 -63.68 -2.31
CA TYR ZA 97 -4.74 -64.30 -1.66
C TYR ZA 97 -4.82 -64.12 -0.15
N VAL ZA 98 -5.07 -62.89 0.30
CA VAL ZA 98 -5.11 -62.59 1.73
C VAL ZA 98 -6.49 -62.94 2.26
N PHE ZA 99 -6.53 -63.80 3.28
CA PHE ZA 99 -7.78 -64.16 3.94
C PHE ZA 99 -8.07 -63.15 5.04
N THR ZA 100 -8.46 -61.95 4.61
CA THR ZA 100 -8.78 -60.89 5.54
C THR ZA 100 -10.00 -61.26 6.37
N GLN ZA 101 -9.98 -60.90 7.66
CA GLN ZA 101 -11.11 -61.15 8.55
C GLN ZA 101 -12.10 -60.01 8.40
N LYS ZA 102 -13.25 -60.31 7.79
CA LYS ZA 102 -14.31 -59.32 7.60
C LYS ZA 102 -15.30 -59.36 8.76
N ASN ZA 103 -14.77 -59.09 9.95
CA ASN ZA 103 -15.57 -59.26 11.16
C ASN ZA 103 -16.68 -58.22 11.27
N GLN ZA 104 -16.46 -57.01 10.78
CA GLN ZA 104 -17.46 -55.97 10.89
C GLN ZA 104 -18.66 -56.29 10.02
N TYR ZA 105 -19.72 -55.48 10.16
CA TYR ZA 105 -21.05 -55.87 9.70
C TYR ZA 105 -21.08 -56.26 8.23
N ASN ZA 106 -20.79 -55.30 7.35
CA ASN ZA 106 -20.78 -55.56 5.90
C ASN ZA 106 -19.44 -55.13 5.33
N GLN ZA 107 -18.35 -55.52 5.99
CA GLN ZA 107 -17.03 -55.10 5.55
C GLN ZA 107 -16.73 -55.61 4.15
N ASP ZA 108 -17.05 -56.88 3.88
CA ASP ZA 108 -16.79 -57.45 2.57
C ASP ZA 108 -17.62 -56.79 1.48
N ARG ZA 109 -18.94 -56.72 1.70
CA ARG ZA 109 -19.84 -56.15 0.70
C ARG ZA 109 -19.54 -54.68 0.45
N ASN ZA 110 -19.39 -53.91 1.52
CA ASN ZA 110 -19.12 -52.49 1.38
C ASN ZA 110 -17.77 -52.24 0.74
N TRP ZA 111 -16.75 -53.03 1.10
CA TRP ZA 111 -15.44 -52.82 0.50
C TRP ZA 111 -15.43 -53.17 -0.98
N GLY ZA 112 -16.08 -54.27 -1.37
CA GLY ZA 112 -16.19 -54.59 -2.78
C GLY ZA 112 -16.94 -53.54 -3.56
N ALA ZA 113 -18.06 -53.07 -3.00
CA ALA ZA 113 -18.82 -52.01 -3.65
C ALA ZA 113 -17.98 -50.74 -3.81
N MET ZA 114 -17.22 -50.37 -2.78
CA MET ZA 114 -16.38 -49.19 -2.89
C MET ZA 114 -15.27 -49.38 -3.91
N LYS ZA 115 -14.66 -50.57 -3.95
CA LYS ZA 115 -13.61 -50.82 -4.92
C LYS ZA 115 -14.13 -50.69 -6.34
N LYS ZA 116 -15.37 -51.11 -6.59
CA LYS ZA 116 -15.91 -50.99 -7.94
C LYS ZA 116 -16.71 -49.71 -8.16
N GLN ZA 117 -16.87 -48.87 -7.14
CA GLN ZA 117 -17.63 -47.62 -7.25
C GLN ZA 117 -16.76 -46.38 -7.31
N ILE ZA 118 -15.71 -46.29 -6.49
CA ILE ZA 118 -14.85 -45.10 -6.51
C ILE ZA 118 -14.20 -44.90 -7.88
N PRO ZA 119 -13.58 -45.90 -8.50
CA PRO ZA 119 -13.11 -45.69 -9.88
C PRO ZA 119 -14.24 -45.33 -10.85
N LEU ZA 120 -15.41 -45.94 -10.70
CA LEU ZA 120 -16.54 -45.58 -11.56
C LEU ZA 120 -16.98 -44.14 -11.30
N TRP ZA 121 -17.01 -43.73 -10.03
CA TRP ZA 121 -17.36 -42.36 -9.69
C TRP ZA 121 -16.41 -41.37 -10.34
N LEU ZA 122 -15.10 -41.60 -10.19
CA LEU ZA 122 -14.12 -40.69 -10.76
C LEU ZA 122 -14.15 -40.70 -12.28
N GLY ZA 123 -14.36 -41.87 -12.89
CA GLY ZA 123 -14.43 -41.93 -14.33
C GLY ZA 123 -15.63 -41.20 -14.90
N LEU ZA 124 -16.80 -41.39 -14.29
CA LEU ZA 124 -17.99 -40.70 -14.75
C LEU ZA 124 -17.86 -39.20 -14.52
N SER ZA 125 -17.24 -38.78 -13.41
CA SER ZA 125 -17.02 -37.36 -13.17
C SER ZA 125 -16.08 -36.76 -14.20
N THR ZA 126 -15.01 -37.47 -14.54
CA THR ZA 126 -14.09 -36.98 -15.58
C THR ZA 126 -14.78 -36.91 -16.93
N ALA ZA 127 -15.61 -37.91 -17.26
CA ALA ZA 127 -16.37 -37.87 -18.50
C ALA ZA 127 -17.32 -36.67 -18.53
N TYR ZA 128 -18.00 -36.41 -17.41
CA TYR ZA 128 -18.88 -35.26 -17.33
C TYR ZA 128 -18.11 -33.96 -17.51
N ALA ZA 129 -16.96 -33.84 -16.87
CA ALA ZA 129 -16.15 -32.63 -16.97
C ALA ZA 129 -15.69 -32.40 -18.40
N TYR ZA 130 -15.22 -33.45 -19.08
CA TYR ZA 130 -14.76 -33.28 -20.45
C TYR ZA 130 -15.92 -33.07 -21.42
N TRP ZA 131 -17.11 -33.60 -21.11
CA TRP ZA 131 -18.25 -33.42 -21.99
C TRP ZA 131 -18.84 -32.03 -21.89
N PHE ZA 132 -18.91 -31.45 -20.69
CA PHE ZA 132 -19.67 -30.23 -20.50
C PHE ZA 132 -18.83 -28.96 -20.48
N THR ZA 133 -17.52 -29.05 -20.21
CA THR ZA 133 -16.71 -27.85 -20.26
C THR ZA 133 -16.37 -27.49 -21.70
N ASP ZA 134 -16.12 -26.21 -21.94
CA ASP ZA 134 -15.91 -25.68 -23.28
C ASP ZA 134 -14.47 -25.24 -23.41
N PHE ZA 135 -13.77 -25.78 -24.42
CA PHE ZA 135 -12.39 -25.43 -24.70
C PHE ZA 135 -12.27 -24.45 -25.87
N SER ZA 136 -13.38 -23.81 -26.26
CA SER ZA 136 -13.39 -23.03 -27.49
C SER ZA 136 -12.46 -21.83 -27.43
N ILE ZA 137 -12.28 -21.23 -26.26
CA ILE ZA 137 -11.49 -20.00 -26.17
C ILE ZA 137 -10.04 -20.25 -26.53
N ASN ZA 138 -9.50 -21.42 -26.18
CA ASN ZA 138 -8.11 -21.74 -26.48
C ASN ZA 138 -7.94 -22.53 -27.77
N ASP ZA 139 -9.00 -23.11 -28.30
CA ASP ZA 139 -8.88 -23.90 -29.53
C ASP ZA 139 -8.53 -23.00 -30.70
N ASP ZA 140 -7.54 -23.42 -31.48
CA ASP ZA 140 -7.11 -22.70 -32.68
C ASP ZA 140 -6.82 -23.74 -33.75
N GLU ZA 141 -7.76 -23.95 -34.66
CA GLU ZA 141 -7.64 -25.01 -35.65
C GLU ZA 141 -6.46 -24.76 -36.58
N TRP ZA 142 -6.29 -23.52 -37.02
CA TRP ZA 142 -5.24 -23.17 -37.97
C TRP ZA 142 -3.98 -22.64 -37.29
N LEU ZA 143 -3.94 -22.64 -35.95
CA LEU ZA 143 -2.76 -22.22 -35.19
C LEU ZA 143 -2.33 -20.80 -35.55
N GLU ZA 144 -3.31 -19.91 -35.74
CA GLU ZA 144 -3.03 -18.53 -36.08
C GLU ZA 144 -2.67 -17.67 -34.87
N LYS ZA 145 -2.82 -18.17 -33.65
CA LYS ZA 145 -2.61 -17.39 -32.45
C LYS ZA 145 -1.19 -17.49 -31.91
N GLY ZA 146 -0.29 -18.15 -32.64
CA GLY ZA 146 1.10 -18.22 -32.27
C GLY ZA 146 1.94 -17.06 -32.75
N LYS ZA 147 1.31 -16.04 -33.36
CA LYS ZA 147 2.05 -14.90 -33.87
C LYS ZA 147 2.66 -14.09 -32.74
N VAL ZA 148 3.84 -13.55 -32.99
CA VAL ZA 148 4.58 -12.81 -31.97
C VAL ZA 148 3.96 -11.44 -31.79
N ILE ZA 149 3.64 -11.10 -30.56
CA ILE ZA 149 3.12 -9.78 -30.19
C ILE ZA 149 4.19 -9.06 -29.38
N TYR ZA 150 4.51 -7.85 -29.77
CA TYR ZA 150 5.57 -7.19 -29.05
C TYR ZA 150 5.01 -6.22 -28.01
N PRO ZA 151 5.74 -5.99 -26.91
CA PRO ZA 151 5.20 -5.15 -25.84
C PRO ZA 151 4.89 -3.73 -26.28
N HIS ZA 152 5.66 -3.15 -27.19
CA HIS ZA 152 5.41 -1.78 -27.63
C HIS ZA 152 4.17 -1.69 -28.51
N GLN ZA 153 3.77 -2.78 -29.15
CA GLN ZA 153 2.55 -2.79 -29.94
C GLN ZA 153 1.30 -2.83 -29.07
N THR ZA 154 1.42 -3.32 -27.84
CA THR ZA 154 0.26 -3.41 -26.95
C THR ZA 154 -0.12 -2.06 -26.36
N ILE ZA 155 0.88 -1.24 -26.03
CA ILE ZA 155 0.66 0.00 -25.31
C ILE ZA 155 0.97 1.18 -26.23
N LYS ZA 156 0.12 2.19 -26.19
CA LYS ZA 156 0.35 3.45 -26.91
C LYS ZA 156 0.84 4.50 -25.93
N VAL ZA 157 1.93 5.18 -26.29
CA VAL ZA 157 2.57 6.16 -25.43
C VAL ZA 157 2.53 7.51 -26.13
N LEU ZA 158 2.06 8.53 -25.42
CA LEU ZA 158 2.06 9.91 -25.89
C LEU ZA 158 1.29 10.06 -27.21
N SER AB 2 67.40 -14.81 -18.82
CA SER AB 2 67.55 -16.27 -18.84
C SER AB 2 68.41 -16.74 -17.69
N CYS AB 3 68.36 -18.05 -17.40
CA CYS AB 3 69.19 -18.60 -16.34
C CYS AB 3 70.67 -18.45 -16.68
N THR AB 4 71.04 -18.68 -17.94
CA THR AB 4 72.43 -18.52 -18.34
C THR AB 4 72.87 -17.06 -18.22
N THR AB 5 72.03 -16.12 -18.63
CA THR AB 5 72.36 -14.71 -18.50
C THR AB 5 72.53 -14.33 -17.03
N ARG AB 6 71.61 -14.78 -16.18
CA ARG AB 6 71.70 -14.46 -14.75
C ARG AB 6 72.95 -15.06 -14.13
N ARG AB 7 73.27 -16.31 -14.46
CA ARG AB 7 74.46 -16.95 -13.90
C ARG AB 7 75.73 -16.25 -14.38
N PHE AB 8 75.78 -15.87 -15.66
CA PHE AB 8 76.94 -15.16 -16.17
C PHE AB 8 77.11 -13.82 -15.47
N ILE AB 9 76.00 -13.09 -15.27
CA ILE AB 9 76.08 -11.80 -14.58
C ILE AB 9 76.59 -12.00 -13.16
N ASP AB 10 76.05 -13.00 -12.46
CA ASP AB 10 76.45 -13.24 -11.07
C ASP AB 10 77.94 -13.58 -10.98
N GLU AB 11 78.40 -14.50 -11.84
CA GLU AB 11 79.79 -14.93 -11.76
C GLU AB 11 80.75 -13.84 -12.21
N LYS AB 12 80.37 -13.05 -13.22
CA LYS AB 12 81.21 -11.94 -13.63
C LYS AB 12 81.31 -10.90 -12.53
N GLU AB 13 80.21 -10.63 -11.83
CA GLU AB 13 80.26 -9.71 -10.69
C GLU AB 13 81.15 -10.26 -9.59
N LYS AB 14 81.08 -11.56 -9.33
CA LYS AB 14 81.96 -12.17 -8.34
C LYS AB 14 83.42 -12.02 -8.72
N LEU AB 15 83.76 -12.26 -9.99
CA LEU AB 15 85.13 -12.12 -10.45
C LEU AB 15 85.60 -10.67 -10.34
N GLU AB 16 84.74 -9.72 -10.72
CA GLU AB 16 85.11 -8.32 -10.64
C GLU AB 16 85.35 -7.90 -9.19
N TYR AB 17 84.50 -8.35 -8.27
CA TYR AB 17 84.73 -8.03 -6.86
C TYR AB 17 85.98 -8.72 -6.33
N SER AB 18 86.31 -9.90 -6.87
CA SER AB 18 87.50 -10.61 -6.40
C SER AB 18 88.78 -9.92 -6.85
N ARG AB 19 88.83 -9.44 -8.09
CA ARG AB 19 90.08 -8.85 -8.57
C ARG AB 19 90.34 -7.47 -7.98
N GLY AB 20 89.30 -6.68 -7.76
CA GLY AB 20 89.46 -5.33 -7.25
C GLY AB 20 88.57 -4.34 -7.97
N TYR AB 21 88.64 -3.06 -7.60
CA TYR AB 21 87.72 -2.09 -8.19
C TYR AB 21 88.35 -0.74 -8.54
N ASN AB 22 89.67 -0.69 -8.70
CA ASN AB 22 90.34 0.50 -9.25
C ASN AB 22 90.01 1.75 -8.44
N GLN AB 23 90.12 2.92 -9.07
CA GLN AB 23 89.73 4.19 -8.44
C GLN AB 23 88.61 4.87 -9.21
N GLN AB 24 88.78 5.08 -10.52
CA GLN AB 24 87.70 5.61 -11.34
C GLN AB 24 86.51 4.67 -11.37
N GLU AB 25 86.78 3.36 -11.34
CA GLU AB 25 85.69 2.39 -11.22
C GLU AB 25 84.96 2.57 -9.89
N LEU AB 26 85.69 2.87 -8.82
CA LEU AB 26 85.04 3.13 -7.54
C LEU AB 26 84.18 4.40 -7.60
N GLU AB 27 84.66 5.44 -8.26
CA GLU AB 27 83.87 6.66 -8.39
C GLU AB 27 82.58 6.41 -9.18
N ALA AB 28 82.71 5.71 -10.31
CA ALA AB 28 81.52 5.38 -11.11
C ALA AB 28 80.56 4.50 -10.32
N SER AB 29 81.10 3.55 -9.56
CA SER AB 29 80.26 2.69 -8.73
C SER AB 29 79.54 3.50 -7.66
N LYS AB 30 80.21 4.48 -7.07
CA LYS AB 30 79.56 5.34 -6.08
C LYS AB 30 78.42 6.12 -6.70
N LEU AB 31 78.63 6.68 -7.90
CA LEU AB 31 77.55 7.40 -8.56
C LEU AB 31 76.37 6.49 -8.85
N ARG AB 32 76.65 5.30 -9.39
CA ARG AB 32 75.57 4.36 -9.72
C ARG AB 32 74.82 3.93 -8.46
N LYS AB 33 75.56 3.65 -7.38
CA LYS AB 33 74.92 3.23 -6.13
C LYS AB 33 74.07 4.34 -5.54
N ASP AB 34 74.55 5.59 -5.58
CA ASP AB 34 73.76 6.70 -5.08
C ASP AB 34 72.46 6.83 -5.85
N PHE AB 35 72.54 6.78 -7.19
CA PHE AB 35 71.32 6.89 -8.00
C PHE AB 35 70.36 5.75 -7.69
N VAL AB 36 70.87 4.52 -7.67
CA VAL AB 36 70.00 3.36 -7.44
C VAL AB 36 69.36 3.46 -6.06
N LYS AB 37 70.18 3.67 -5.03
CA LYS AB 37 69.68 3.80 -3.67
C LYS AB 37 68.56 4.81 -3.60
N LYS AB 38 68.84 6.05 -4.00
CA LYS AB 38 67.82 7.09 -3.93
C LYS AB 38 66.56 6.66 -4.69
N TYR AB 39 66.68 6.54 -6.01
CA TYR AB 39 65.51 6.45 -6.87
C TYR AB 39 64.75 5.14 -6.74
N ILE AB 40 65.31 4.11 -6.12
CA ILE AB 40 64.64 2.82 -5.96
C ILE AB 40 64.34 2.52 -4.49
N VAL AB 41 65.38 2.47 -3.66
CA VAL AB 41 65.17 2.11 -2.26
C VAL AB 41 64.51 3.26 -1.51
N ASP AB 42 64.95 4.49 -1.74
CA ASP AB 42 64.43 5.62 -0.96
C ASP AB 42 63.15 6.19 -1.54
N PHE AB 43 62.62 5.59 -2.60
CA PHE AB 43 61.43 6.09 -3.25
C PHE AB 43 60.45 4.95 -3.45
N ASP AB 44 59.16 5.28 -3.38
CA ASP AB 44 58.10 4.30 -3.65
C ASP AB 44 57.94 4.18 -5.15
N THR AB 45 58.34 3.03 -5.70
CA THR AB 45 58.35 2.85 -7.15
C THR AB 45 56.97 2.88 -7.77
N THR AB 46 55.90 2.83 -6.96
CA THR AB 46 54.55 2.94 -7.47
C THR AB 46 54.12 4.39 -7.66
N LEU AB 47 54.98 5.35 -7.35
CA LEU AB 47 54.65 6.77 -7.48
C LEU AB 47 55.10 7.37 -8.81
N TYR AB 48 55.69 6.58 -9.69
CA TYR AB 48 56.06 7.08 -11.00
C TYR AB 48 54.83 7.24 -11.88
N LYS AB 49 54.92 8.19 -12.83
CA LYS AB 49 53.74 8.56 -13.61
C LYS AB 49 53.31 7.44 -14.55
N THR AB 50 54.26 6.88 -15.30
CA THR AB 50 53.92 5.92 -16.34
C THR AB 50 53.98 4.50 -15.81
N GLN AB 51 53.22 3.61 -16.46
CA GLN AB 51 53.19 2.21 -16.04
C GLN AB 51 54.53 1.52 -16.27
N VAL AB 52 55.23 1.88 -17.36
CA VAL AB 52 56.53 1.28 -17.65
C VAL AB 52 57.52 1.58 -16.53
N GLU AB 53 57.56 2.83 -16.09
CA GLU AB 53 58.45 3.21 -15.00
C GLU AB 53 58.14 2.41 -13.74
N ARG AB 54 56.87 2.32 -13.37
CA ARG AB 54 56.50 1.61 -12.15
C ARG AB 54 56.88 0.14 -12.25
N ASP AB 55 56.54 -0.51 -13.37
CA ASP AB 55 56.82 -1.93 -13.52
C ASP AB 55 58.32 -2.21 -13.45
N TRP AB 56 59.11 -1.48 -14.22
CA TRP AB 56 60.53 -1.81 -14.27
C TRP AB 56 61.29 -1.32 -13.04
N ALA AB 57 60.84 -0.23 -12.40
CA ALA AB 57 61.43 0.16 -11.13
C ALA AB 57 61.12 -0.86 -10.04
N TYR AB 58 59.91 -1.44 -10.06
CA TYR AB 58 59.62 -2.50 -9.10
C TYR AB 58 60.43 -3.76 -9.38
N ILE AB 59 60.67 -4.06 -10.66
CA ILE AB 59 61.53 -5.19 -10.99
C ILE AB 59 62.93 -4.96 -10.46
N ALA AB 60 63.47 -3.75 -10.65
CA ALA AB 60 64.79 -3.44 -10.12
C ALA AB 60 64.81 -3.50 -8.60
N LYS AB 61 63.74 -3.04 -7.95
CA LYS AB 61 63.68 -3.07 -6.50
C LYS AB 61 63.60 -4.50 -5.98
N ARG AB 62 62.86 -5.36 -6.66
CA ARG AB 62 62.82 -6.77 -6.29
C ARG AB 62 64.18 -7.42 -6.46
N GLU AB 63 64.88 -7.09 -7.55
CA GLU AB 63 66.23 -7.61 -7.73
C GLU AB 63 67.16 -7.15 -6.61
N TYR AB 64 67.03 -5.88 -6.20
CA TYR AB 64 67.79 -5.39 -5.06
C TYR AB 64 67.44 -6.13 -3.78
N ARG AB 65 66.15 -6.39 -3.58
CA ARG AB 65 65.69 -7.08 -2.38
C ARG AB 65 66.27 -8.48 -2.28
N TYR AB 66 66.27 -9.22 -3.39
CA TYR AB 66 66.78 -10.59 -3.36
C TYR AB 66 68.31 -10.64 -3.39
N GLU AB 67 68.95 -9.72 -4.10
CA GLU AB 67 70.39 -9.80 -4.29
C GLU AB 67 71.20 -8.99 -3.28
N VAL AB 68 70.57 -8.05 -2.57
CA VAL AB 68 71.29 -7.27 -1.58
C VAL AB 68 70.64 -7.42 -0.22
N GLN AB 69 69.35 -7.10 -0.12
CA GLN AB 69 68.68 -7.15 1.18
C GLN AB 69 68.64 -8.57 1.74
N LEU AB 70 68.13 -9.52 0.96
CA LEU AB 70 68.00 -10.89 1.46
C LEU AB 70 69.36 -11.56 1.61
N LYS AB 71 70.28 -11.33 0.68
CA LYS AB 71 71.62 -11.91 0.81
C LYS AB 71 72.35 -11.37 2.03
N SER AB 72 72.26 -10.05 2.26
CA SER AB 72 72.90 -9.46 3.42
C SER AB 72 72.25 -9.94 4.71
N ILE AB 73 70.92 -10.10 4.71
CA ILE AB 73 70.25 -10.65 5.88
C ILE AB 73 70.74 -12.07 6.15
N GLY AB 74 70.87 -12.89 5.10
CA GLY AB 74 71.33 -14.25 5.28
C GLY AB 74 72.75 -14.33 5.80
N TYR AB 75 73.64 -13.51 5.24
CA TYR AB 75 75.04 -13.55 5.68
C TYR AB 75 75.21 -12.98 7.08
N GLY AB 76 74.49 -11.91 7.41
CA GLY AB 76 74.50 -11.41 8.77
C GLY AB 76 73.92 -12.40 9.75
N GLY AB 77 72.87 -13.13 9.34
CA GLY AB 77 72.34 -14.18 10.18
C GLY AB 77 73.29 -15.33 10.37
N ALA AB 78 74.07 -15.65 9.33
CA ALA AB 78 75.09 -16.69 9.47
C ALA AB 78 76.17 -16.25 10.45
N LEU AB 79 76.61 -14.99 10.36
CA LEU AB 79 77.59 -14.48 11.32
C LEU AB 79 77.02 -14.48 12.73
N ALA AB 80 75.76 -14.07 12.87
CA ALA AB 80 75.11 -14.08 14.18
C ALA AB 80 74.97 -15.49 14.72
N ASN AB 81 74.70 -16.46 13.84
CA ASN AB 81 74.64 -17.86 14.26
C ASN AB 81 75.98 -18.36 14.73
N ALA AB 82 77.06 -17.99 14.04
CA ALA AB 82 78.39 -18.38 14.49
C ALA AB 82 78.69 -17.81 15.87
N VAL AB 83 78.42 -16.51 16.05
CA VAL AB 83 78.66 -15.88 17.35
C VAL AB 83 77.75 -16.50 18.41
N LEU AB 84 76.51 -16.82 18.05
CA LEU AB 84 75.57 -17.42 18.98
C LEU AB 84 76.02 -18.80 19.43
N LEU AB 85 76.51 -19.61 18.50
CA LEU AB 85 77.06 -20.92 18.87
C LEU AB 85 78.26 -20.76 19.78
N TRP AB 86 79.14 -19.80 19.48
CA TRP AB 86 80.29 -19.54 20.34
C TRP AB 86 79.83 -19.19 21.75
N ARG AB 87 78.85 -18.30 21.86
CA ARG AB 87 78.41 -17.84 23.18
C ARG AB 87 77.66 -18.92 23.94
N ILE AB 88 76.88 -19.74 23.24
CA ILE AB 88 76.21 -20.86 23.89
C ILE AB 88 77.23 -21.86 24.43
N TYR AB 89 78.26 -22.16 23.64
CA TYR AB 89 79.30 -23.07 24.11
C TYR AB 89 80.06 -22.46 25.29
N ALA AB 90 80.34 -21.17 25.24
CA ALA AB 90 81.12 -20.53 26.31
C ALA AB 90 80.32 -20.48 27.61
N ASN AB 91 79.06 -20.08 27.53
CA ASN AB 91 78.23 -19.92 28.73
C ASN AB 91 77.54 -21.19 29.17
N LYS AB 92 77.60 -22.25 28.35
CA LYS AB 92 76.95 -23.53 28.67
C LYS AB 92 75.45 -23.35 28.92
N LYS AB 93 74.84 -22.42 28.20
CA LYS AB 93 73.41 -22.17 28.33
C LYS AB 93 72.96 -21.35 27.12
N MET AB 94 71.65 -21.30 26.92
CA MET AB 94 71.09 -20.54 25.82
C MET AB 94 71.21 -19.05 26.07
N VAL AB 95 71.65 -18.31 25.05
CA VAL AB 95 71.74 -16.86 25.11
C VAL AB 95 71.00 -16.27 23.93
N PHE AB 96 70.57 -15.02 24.08
CA PHE AB 96 69.79 -14.34 23.05
C PHE AB 96 70.43 -13.07 22.52
N TRP AB 97 71.40 -12.49 23.22
CA TRP AB 97 72.02 -11.25 22.75
C TRP AB 97 72.70 -11.36 21.39
N PRO AB 98 73.40 -12.44 21.03
CA PRO AB 98 74.10 -12.45 19.74
C PRO AB 98 73.19 -12.34 18.54
N ILE AB 99 71.90 -12.64 18.67
CA ILE AB 99 71.01 -12.61 17.51
C ILE AB 99 70.81 -11.17 17.04
N PRO AB 100 70.20 -10.26 17.84
CA PRO AB 100 69.90 -8.93 17.31
C PRO AB 100 71.15 -8.10 16.99
N ILE AB 101 72.04 -7.96 17.96
CA ILE AB 101 73.18 -7.06 17.79
C ILE AB 101 74.11 -7.54 16.67
N VAL AB 102 74.52 -8.80 16.73
CA VAL AB 102 75.44 -9.32 15.72
C VAL AB 102 74.74 -9.46 14.38
N GLY AB 103 73.43 -9.75 14.37
CA GLY AB 103 72.71 -9.76 13.11
C GLY AB 103 72.69 -8.40 12.44
N ALA AB 104 72.44 -7.35 13.23
CA ALA AB 104 72.45 -5.99 12.68
C ALA AB 104 73.85 -5.61 12.20
N LEU AB 105 74.88 -5.96 12.97
CA LEU AB 105 76.24 -5.66 12.55
C LEU AB 105 76.60 -6.40 11.27
N GLY AB 106 76.19 -7.67 11.15
CA GLY AB 106 76.44 -8.41 9.93
C GLY AB 106 75.70 -7.83 8.73
N TYR AB 107 74.45 -7.42 8.93
CA TYR AB 107 73.72 -6.78 7.84
C TYR AB 107 74.40 -5.48 7.41
N LEU AB 108 74.84 -4.67 8.37
CA LEU AB 108 75.50 -3.42 8.03
C LEU AB 108 76.86 -3.66 7.39
N TYR AB 109 77.51 -4.79 7.69
CA TYR AB 109 78.77 -5.11 7.05
C TYR AB 109 78.58 -5.63 5.63
N PHE AB 110 77.53 -6.42 5.41
CA PHE AB 110 77.37 -7.11 4.14
C PHE AB 110 76.53 -6.35 3.11
N GLN AB 111 75.67 -5.43 3.54
CA GLN AB 111 74.89 -4.66 2.57
C GLN AB 111 75.77 -3.81 1.65
N PRO AB 112 76.76 -3.06 2.14
CA PRO AB 112 77.65 -2.37 1.19
C PRO AB 112 78.40 -3.31 0.27
N VAL AB 113 78.79 -4.49 0.75
CA VAL AB 113 79.54 -5.43 -0.07
C VAL AB 113 78.69 -5.91 -1.24
N PHE AB 114 77.47 -6.36 -0.95
CA PHE AB 114 76.60 -6.87 -2.00
C PHE AB 114 76.03 -5.75 -2.87
N PHE AB 115 75.99 -4.51 -2.37
CA PHE AB 115 75.61 -3.40 -3.22
C PHE AB 115 76.72 -3.04 -4.19
N GLN AB 116 77.96 -3.02 -3.70
CA GLN AB 116 79.10 -2.74 -4.57
C GLN AB 116 79.27 -3.83 -5.61
N LYS AB 117 78.99 -5.08 -5.24
CA LYS AB 117 79.15 -6.18 -6.18
C LYS AB 117 78.18 -6.05 -7.35
N SER AB 118 76.94 -5.66 -7.09
CA SER AB 118 75.88 -5.68 -8.09
C SER AB 118 75.35 -4.29 -8.39
N ASN AB 119 76.23 -3.28 -8.38
CA ASN AB 119 75.77 -1.92 -8.67
C ASN AB 119 75.36 -1.75 -10.13
N LYS AB 120 76.16 -2.30 -11.06
CA LYS AB 120 75.85 -2.17 -12.47
C LYS AB 120 74.55 -2.87 -12.82
N ARG AB 121 74.29 -4.02 -12.19
CA ARG AB 121 73.07 -4.76 -12.48
C ARG AB 121 71.83 -3.92 -12.17
N PHE AB 122 71.81 -3.29 -10.99
CA PHE AB 122 70.66 -2.47 -10.63
C PHE AB 122 70.61 -1.20 -11.45
N PHE AB 123 71.76 -0.62 -11.77
CA PHE AB 123 71.78 0.61 -12.54
C PHE AB 123 71.23 0.39 -13.95
N ASP AB 124 71.60 -0.73 -14.58
CA ASP AB 124 71.15 -0.98 -15.95
C ASP AB 124 69.68 -1.34 -16.00
N MET AB 125 69.14 -1.96 -14.96
CA MET AB 125 67.74 -2.35 -14.96
C MET AB 125 66.79 -1.16 -14.94
N CYS AB 126 67.30 0.04 -14.69
CA CYS AB 126 66.50 1.25 -14.72
C CYS AB 126 66.45 1.90 -16.10
N ASN AB 127 67.06 1.28 -17.11
CA ASN AB 127 67.13 1.85 -18.44
C ASN AB 127 65.79 1.68 -19.15
N VAL AB 128 64.80 2.43 -18.67
CA VAL AB 128 63.48 2.38 -19.28
C VAL AB 128 63.37 3.26 -20.51
N GLY AB 129 64.30 4.19 -20.71
CA GLY AB 129 64.30 5.02 -21.89
C GLY AB 129 64.33 6.50 -21.61
N GLU AB 130 64.76 7.30 -22.60
CA GLU AB 130 64.86 8.74 -22.44
C GLU AB 130 63.50 9.42 -22.37
N GLU AB 131 62.41 8.72 -22.70
CA GLU AB 131 61.09 9.32 -22.66
C GLU AB 131 60.54 9.47 -21.25
N TYR AB 132 61.14 8.79 -20.27
CA TYR AB 132 60.64 8.75 -18.91
C TYR AB 132 61.62 9.45 -17.97
N TYR AB 133 61.09 9.91 -16.83
CA TYR AB 133 61.91 10.64 -15.87
C TYR AB 133 63.02 9.76 -15.30
N LEU AB 134 62.67 8.52 -14.93
CA LEU AB 134 63.67 7.59 -14.39
C LEU AB 134 64.76 7.30 -15.42
N GLY AB 135 64.36 7.08 -16.67
CA GLY AB 135 65.35 6.85 -17.72
C GLY AB 135 66.23 8.06 -17.97
N ARG AB 136 65.65 9.26 -17.92
CA ARG AB 136 66.44 10.47 -18.11
C ARG AB 136 67.48 10.63 -17.01
N GLU AB 137 67.08 10.41 -15.75
CA GLU AB 137 68.02 10.52 -14.65
C GLU AB 137 69.11 9.45 -14.76
N ARG AB 138 68.74 8.23 -15.10
CA ARG AB 138 69.74 7.18 -15.27
C ARG AB 138 70.69 7.51 -16.41
N ASN AB 139 70.18 8.11 -17.49
CA ASN AB 139 71.05 8.46 -18.61
C ASN AB 139 72.00 9.59 -18.23
N LYS AB 140 71.55 10.55 -17.41
CA LYS AB 140 72.46 11.57 -16.93
C LYS AB 140 73.59 10.97 -16.09
N ILE AB 141 73.23 10.08 -15.17
CA ILE AB 141 74.26 9.43 -14.35
C ILE AB 141 75.16 8.56 -15.22
N LEU AB 142 74.60 7.92 -16.24
CA LEU AB 142 75.38 7.09 -17.15
C LEU AB 142 76.37 7.93 -17.94
N ARG AB 143 75.97 9.11 -18.39
CA ARG AB 143 76.88 9.99 -19.09
C ARG AB 143 78.01 10.46 -18.17
N GLU AB 144 77.68 10.76 -16.91
CA GLU AB 144 78.74 11.11 -15.96
C GLU AB 144 79.71 9.96 -15.75
N CYS AB 145 79.19 8.73 -15.62
CA CYS AB 145 80.05 7.57 -15.44
C CYS AB 145 80.90 7.30 -16.68
N ASN AB 146 80.32 7.52 -17.87
CA ASN AB 146 81.09 7.38 -19.10
C ASN AB 146 82.21 8.40 -19.16
N LYS AB 147 81.94 9.62 -18.73
CA LYS AB 147 83.01 10.63 -18.64
C LYS AB 147 84.10 10.18 -17.69
N ILE AB 148 83.72 9.60 -16.55
CA ILE AB 148 84.72 9.19 -15.56
C ILE AB 148 85.57 8.04 -16.10
N LEU AB 149 84.94 7.01 -16.65
CA LEU AB 149 85.63 5.80 -17.05
C LEU AB 149 86.18 5.85 -18.47
N ASN AB 150 85.90 6.91 -19.22
CA ASN AB 150 86.37 7.08 -20.60
C ASN AB 150 85.93 5.91 -21.48
N VAL AB 151 84.70 5.44 -21.27
CA VAL AB 151 84.11 4.37 -22.05
C VAL AB 151 82.69 4.77 -22.43
N GLU AB 152 81.99 3.85 -23.10
CA GLU AB 152 80.59 4.04 -23.48
C GLU AB 152 79.82 2.82 -23.03
N ASP AB 153 78.77 3.03 -22.24
CA ASP AB 153 77.93 1.98 -21.72
C ASP AB 153 76.52 2.10 -22.31
N PHE AB 154 75.67 1.16 -21.95
CA PHE AB 154 74.30 1.14 -22.47
C PHE AB 154 73.29 1.46 -21.37
N ASP BB 4 63.22 -118.27 16.42
CA ASP BB 4 64.34 -118.00 15.51
C ASP BB 4 64.15 -116.68 14.79
N GLN BB 5 65.00 -116.44 13.79
CA GLN BB 5 64.86 -115.25 12.96
C GLN BB 5 63.66 -115.41 12.03
N LEU BB 6 63.33 -114.31 11.34
CA LEU BB 6 62.16 -114.15 10.48
C LEU BB 6 60.86 -114.19 11.26
N ASP BB 7 60.90 -114.36 12.57
CA ASP BB 7 59.76 -114.12 13.45
C ASP BB 7 59.98 -112.76 14.08
N PHE BB 8 59.35 -111.74 13.51
CA PHE BB 8 59.60 -110.36 13.90
C PHE BB 8 58.74 -109.91 15.07
N SER BB 9 58.20 -110.85 15.85
CA SER BB 9 57.53 -110.47 17.08
C SER BB 9 58.51 -110.08 18.17
N HIS BB 10 59.71 -110.66 18.15
CA HIS BB 10 60.77 -110.28 19.08
C HIS BB 10 62.07 -110.12 18.31
N PHE BB 11 62.89 -109.18 18.78
CA PHE BB 11 64.13 -108.84 18.09
C PHE BB 11 65.12 -110.01 18.14
N ASP BB 12 65.90 -110.14 17.06
CA ASP BB 12 66.91 -111.17 16.95
C ASP BB 12 68.28 -110.51 16.75
N LYS BB 13 69.31 -111.12 17.34
CA LYS BB 13 70.65 -110.54 17.29
C LYS BB 13 71.23 -110.58 15.88
N ALA BB 14 70.65 -111.37 14.98
CA ALA BB 14 71.12 -111.42 13.60
C ALA BB 14 70.84 -110.13 12.84
N PHE BB 15 69.98 -109.25 13.36
CA PHE BB 15 69.62 -108.01 12.72
C PHE BB 15 70.31 -106.81 13.36
N GLU BB 16 71.39 -107.04 14.10
CA GLU BB 16 72.10 -105.97 14.79
C GLU BB 16 73.01 -105.25 13.81
N ASN BB 17 72.69 -103.99 13.53
CA ASN BB 17 73.51 -103.15 12.66
C ASN BB 17 74.51 -102.33 13.47
N LYS BB 18 75.28 -103.00 14.32
CA LYS BB 18 76.25 -102.35 15.18
C LYS BB 18 77.66 -102.69 14.70
N TYR BB 19 78.47 -101.66 14.51
CA TYR BB 19 79.85 -101.82 14.06
C TYR BB 19 80.79 -101.80 15.26
N ASP BB 20 81.85 -102.60 15.17
CA ASP BB 20 82.81 -102.69 16.26
C ASP BB 20 83.59 -101.39 16.41
N ILE BB 21 84.18 -101.21 17.59
CA ILE BB 21 84.99 -100.03 17.90
C ILE BB 21 86.42 -100.51 18.02
N VAL BB 22 87.18 -100.38 16.93
CA VAL BB 22 88.56 -100.84 16.92
C VAL BB 22 89.44 -99.94 17.78
N ALA BB 23 89.28 -98.62 17.66
CA ALA BB 23 90.17 -97.67 18.29
C ALA BB 23 89.40 -96.37 18.50
N PRO BB 24 89.95 -95.44 19.26
CA PRO BB 24 89.32 -94.12 19.37
C PRO BB 24 89.20 -93.46 18.00
N GLU BB 25 88.11 -92.72 17.81
CA GLU BB 25 87.79 -92.20 16.48
C GLU BB 25 88.84 -91.21 16.00
N PHE BB 26 89.32 -90.34 16.88
CA PHE BB 26 90.23 -89.27 16.50
C PHE BB 26 91.55 -89.35 17.25
N GLY BB 27 92.06 -90.57 17.46
CA GLY BB 27 93.35 -90.75 18.07
C GLY BB 27 93.31 -90.87 19.57
N ASP BB 28 94.49 -91.14 20.13
CA ASP BB 28 94.63 -91.39 21.56
C ASP BB 28 94.51 -90.11 22.39
N LEU BB 29 95.16 -89.03 21.93
CA LEU BB 29 95.14 -87.79 22.69
C LEU BB 29 93.75 -87.19 22.76
N HIS BB 30 92.94 -87.35 21.71
CA HIS BB 30 91.56 -86.91 21.75
C HIS BB 30 90.80 -87.64 22.85
N GLN BB 31 91.01 -88.95 22.97
CA GLN BB 31 90.36 -89.72 24.03
C GLN BB 31 90.83 -89.29 25.41
N LYS BB 32 92.14 -89.05 25.57
CA LYS BB 32 92.66 -88.61 26.85
C LYS BB 32 92.07 -87.26 27.24
N ARG BB 33 91.96 -86.33 26.28
CA ARG BB 33 91.36 -85.04 26.54
C ARG BB 33 89.88 -85.18 26.88
N ALA BB 34 89.18 -86.12 26.24
CA ALA BB 34 87.78 -86.34 26.57
C ALA BB 34 87.63 -86.85 28.00
N GLU BB 35 88.51 -87.77 28.41
CA GLU BB 35 88.49 -88.24 29.79
C GLU BB 35 88.78 -87.10 30.77
N PHE BB 36 89.77 -86.26 30.44
CA PHE BB 36 90.09 -85.12 31.29
C PHE BB 36 88.92 -84.16 31.38
N ILE BB 37 88.24 -83.91 30.27
CA ILE BB 37 87.06 -83.05 30.28
C ILE BB 37 85.97 -83.64 31.16
N ALA BB 38 85.76 -84.94 31.05
CA ALA BB 38 84.76 -85.59 31.89
C ALA BB 38 85.09 -85.44 33.37
N LYS BB 39 86.37 -85.63 33.73
CA LYS BB 39 86.77 -85.50 35.13
C LYS BB 39 86.88 -84.04 35.57
N ASN BB 40 87.40 -83.18 34.70
CA ASN BB 40 87.78 -81.82 35.09
C ASN BB 40 87.03 -80.76 34.29
N GLN BB 41 85.72 -80.92 34.13
CA GLN BB 41 84.89 -79.89 33.51
C GLN BB 41 84.43 -78.94 34.60
N GLY BB 42 85.02 -77.76 34.66
CA GLY BB 42 84.68 -76.74 35.64
C GLY BB 42 85.72 -76.59 36.74
N THR BB 43 86.38 -77.68 37.13
CA THR BB 43 87.43 -77.57 38.14
C THR BB 43 88.69 -76.94 37.56
N TYR BB 44 89.01 -77.25 36.30
CA TYR BB 44 90.14 -76.66 35.61
C TYR BB 44 89.63 -75.49 34.77
N ARG BB 45 90.04 -74.28 35.12
CA ARG BB 45 89.59 -73.06 34.44
C ARG BB 45 90.79 -72.24 34.01
N PRO BB 46 91.19 -72.33 32.74
CA PRO BB 46 92.25 -71.46 32.24
C PRO BB 46 91.80 -70.00 32.22
N VAL BB 47 92.76 -69.11 32.46
CA VAL BB 47 92.50 -67.68 32.55
C VAL BB 47 93.35 -66.97 31.51
N PRO BB 48 92.76 -66.28 30.54
CA PRO BB 48 93.57 -65.51 29.58
C PRO BB 48 94.38 -64.44 30.30
N LEU BB 49 95.59 -64.22 29.80
CA LEU BB 49 96.56 -63.39 30.49
C LEU BB 49 96.24 -61.90 30.29
N VAL BB 50 96.06 -61.18 31.38
CA VAL BB 50 95.97 -59.73 31.37
C VAL BB 50 96.85 -59.20 32.50
N PRO BB 51 97.73 -58.24 32.24
CA PRO BB 51 98.56 -57.69 33.32
C PRO BB 51 97.71 -57.04 34.40
N ASN BB 52 98.18 -57.13 35.64
CA ASN BB 52 97.40 -56.68 36.79
C ASN BB 52 97.55 -55.18 37.03
N ASN BB 53 98.78 -54.72 37.27
CA ASN BB 53 99.03 -53.32 37.62
C ASN BB 53 99.49 -52.59 36.36
N ILE BB 54 98.55 -51.91 35.71
CA ILE BB 54 98.83 -51.10 34.52
C ILE BB 54 98.53 -49.65 34.87
N LYS BB 55 99.53 -48.79 34.71
CA LYS BB 55 99.35 -47.39 35.04
C LYS BB 55 98.43 -46.70 34.03
N GLY BB 56 97.60 -45.79 34.53
CA GLY BB 56 96.66 -45.07 33.70
C GLY BB 56 95.31 -45.74 33.52
N LEU BB 57 95.15 -46.96 34.02
CA LEU BB 57 93.89 -47.69 33.92
C LEU BB 57 93.32 -47.93 35.31
N ILE BB 58 92.04 -47.63 35.47
CA ILE BB 58 91.35 -47.83 36.74
C ILE BB 58 90.85 -49.27 36.78
N PRO BB 59 91.32 -50.10 37.71
CA PRO BB 59 90.85 -51.48 37.76
C PRO BB 59 89.36 -51.55 38.09
N LYS BB 60 88.69 -52.53 37.48
CA LYS BB 60 87.24 -52.68 37.65
C LYS BB 60 87.00 -53.55 38.87
N THR BB 61 86.80 -52.89 40.01
CA THR BB 61 86.52 -53.63 41.24
C THR BB 61 85.09 -54.17 41.26
N CYS BB 62 84.14 -53.39 40.77
CA CYS BB 62 82.73 -53.76 40.82
C CYS BB 62 82.05 -53.42 39.51
N ARG BB 63 80.84 -53.94 39.35
CA ARG BB 63 80.03 -53.69 38.16
C ARG BB 63 79.67 -52.20 38.06
N LEU BB 64 79.63 -51.70 36.81
CA LEU BB 64 79.33 -50.30 36.55
C LEU BB 64 77.86 -50.14 36.15
N PRO BB 65 77.27 -48.97 36.47
CA PRO BB 65 75.86 -48.75 36.14
C PRO BB 65 75.60 -48.62 34.65
N ALA BB 66 74.33 -48.41 34.29
CA ALA BB 66 73.97 -48.12 32.91
C ALA BB 66 74.25 -46.68 32.53
N THR BB 67 74.61 -45.84 33.49
CA THR BB 67 74.94 -44.45 33.19
C THR BB 67 76.21 -44.35 32.35
N ARG BB 68 77.14 -45.28 32.53
CA ARG BB 68 78.42 -45.24 31.83
C ARG BB 68 78.37 -45.83 30.43
N ASN BB 69 77.24 -46.40 30.02
CA ASN BB 69 77.15 -47.01 28.70
C ASN BB 69 77.23 -45.95 27.60
N TRP BB 70 78.05 -46.22 26.59
CA TRP BB 70 78.11 -45.33 25.43
C TRP BB 70 76.93 -45.52 24.49
N TYR BB 71 76.41 -46.75 24.39
CA TYR BB 71 75.36 -47.08 23.45
C TYR BB 71 74.16 -47.68 24.17
N ARG BB 72 72.97 -47.38 23.67
CA ARG BB 72 71.71 -47.81 24.27
C ARG BB 72 71.12 -48.95 23.47
N ARG BB 73 70.84 -50.07 24.14
CA ARG BB 73 70.29 -51.23 23.47
C ARG BB 73 68.85 -50.99 23.04
N THR BB 74 68.51 -51.43 21.84
CA THR BB 74 67.14 -51.40 21.34
C THR BB 74 66.42 -52.72 21.52
N SER BB 75 67.09 -53.73 22.08
CA SER BB 75 66.50 -55.04 22.27
C SER BB 75 66.73 -55.48 23.71
N SER BB 76 65.87 -56.35 24.20
CA SER BB 76 65.95 -56.78 25.59
C SER BB 76 65.59 -58.26 25.68
N PHE BB 77 65.66 -58.78 26.90
CA PHE BB 77 65.32 -60.17 27.19
C PHE BB 77 64.17 -60.20 28.18
N GLU BB 78 63.14 -60.99 27.88
CA GLU BB 78 62.16 -61.33 28.90
C GLU BB 78 62.79 -62.26 29.92
N ARG BB 79 62.26 -62.25 31.14
CA ARG BB 79 62.84 -63.07 32.20
C ARG BB 79 62.71 -64.55 31.94
N ASN BB 80 61.80 -64.97 31.06
CA ASN BB 80 61.65 -66.38 30.72
C ASN BB 80 62.44 -66.77 29.47
N GLY BB 81 63.28 -65.88 28.96
CA GLY BB 81 64.12 -66.18 27.82
C GLY BB 81 63.66 -65.60 26.51
N PHE BB 82 62.44 -65.06 26.45
CA PHE BB 82 61.93 -64.48 25.21
C PHE BB 82 62.71 -63.21 24.87
N PHE BB 83 63.09 -63.08 23.60
CA PHE BB 83 63.94 -61.98 23.15
C PHE BB 83 63.07 -60.90 22.52
N ASN BB 84 62.98 -59.76 23.19
CA ASN BB 84 62.19 -58.63 22.71
C ASN BB 84 63.01 -57.83 21.71
N ILE BB 85 62.56 -57.84 20.46
CA ILE BB 85 63.10 -56.98 19.42
C ILE BB 85 62.38 -55.63 19.41
N HIS BB 86 61.07 -55.65 19.57
CA HIS BB 86 60.25 -54.43 19.61
C HIS BB 86 60.16 -53.97 21.06
N THR BB 87 61.13 -53.16 21.47
CA THR BB 87 61.22 -52.63 22.82
C THR BB 87 60.80 -51.17 22.84
N PRO BB 88 60.59 -50.59 24.02
CA PRO BB 88 60.30 -49.15 24.08
C PRO BB 88 61.41 -48.29 23.49
N VAL BB 89 62.66 -48.74 23.53
CA VAL BB 89 63.73 -47.98 22.91
C VAL BB 89 63.59 -47.99 21.39
N LEU BB 90 63.05 -49.08 20.84
CA LEU BB 90 62.91 -49.18 19.39
C LEU BB 90 61.97 -48.13 18.83
N ASN BB 91 60.93 -47.75 19.58
CA ASN BB 91 60.03 -46.71 19.11
C ASN BB 91 60.75 -45.37 18.96
N THR BB 92 61.52 -44.99 19.98
CA THR BB 92 62.27 -43.76 19.92
C THR BB 92 63.33 -43.81 18.83
N LYS BB 93 63.93 -44.98 18.61
CA LYS BB 93 64.91 -45.10 17.55
C LYS BB 93 64.27 -45.04 16.17
N MET BB 94 63.05 -45.54 16.02
CA MET BB 94 62.37 -45.55 14.73
C MET BB 94 61.70 -44.23 14.41
N ILE BB 95 61.54 -43.35 15.39
CA ILE BB 95 60.94 -42.03 15.10
C ILE BB 95 61.69 -41.26 14.02
N PRO BB 96 63.02 -41.10 14.08
CA PRO BB 96 63.69 -40.30 13.05
C PRO BB 96 63.67 -40.92 11.66
N TRP BB 97 63.87 -42.23 11.56
CA TRP BB 97 63.83 -42.88 10.25
C TRP BB 97 62.47 -42.74 9.61
N LEU BB 98 61.41 -42.97 10.38
CA LEU BB 98 60.06 -42.81 9.85
C LEU BB 98 59.77 -41.37 9.48
N LEU BB 99 60.25 -40.42 10.28
CA LEU BB 99 60.04 -39.02 9.95
C LEU BB 99 60.69 -38.67 8.62
N PHE BB 100 61.95 -39.09 8.43
CA PHE BB 100 62.63 -38.76 7.18
C PHE BB 100 62.00 -39.45 5.99
N ILE BB 101 61.65 -40.73 6.13
CA ILE BB 101 61.12 -41.47 5.00
C ILE BB 101 59.75 -40.97 4.60
N VAL BB 102 58.86 -40.76 5.59
CA VAL BB 102 57.48 -40.43 5.27
C VAL BB 102 57.31 -38.95 4.97
N LEU BB 103 57.89 -38.07 5.77
CA LEU BB 103 57.61 -36.64 5.69
C LEU BB 103 58.74 -35.84 5.04
N THR BB 104 59.97 -35.94 5.57
CA THR BB 104 61.02 -35.02 5.15
C THR BB 104 61.44 -35.26 3.70
N TRP BB 105 61.59 -36.53 3.31
CA TRP BB 105 62.06 -36.80 1.95
C TRP BB 105 60.98 -36.52 0.92
N GLY BB 106 59.73 -36.86 1.23
CA GLY BB 106 58.67 -36.69 0.26
C GLY BB 106 58.19 -35.27 0.08
N TRP BB 107 58.68 -34.34 0.89
CA TRP BB 107 58.23 -32.95 0.83
C TRP BB 107 59.36 -31.95 0.60
N SER BB 108 60.60 -32.41 0.41
CA SER BB 108 61.72 -31.53 0.14
C SER BB 108 62.63 -31.99 -0.99
N SER BB 109 62.60 -33.27 -1.36
CA SER BB 109 63.57 -33.80 -2.32
C SER BB 109 63.42 -33.18 -3.69
N PHE BB 110 62.19 -33.04 -4.18
CA PHE BB 110 62.00 -32.51 -5.52
C PHE BB 110 62.35 -31.03 -5.59
N GLN BB 111 62.02 -30.28 -4.54
CA GLN BB 111 62.37 -28.87 -4.51
C GLN BB 111 63.88 -28.69 -4.50
N ILE BB 112 64.58 -29.51 -3.72
CA ILE BB 112 66.04 -29.49 -3.71
C ILE BB 112 66.58 -29.84 -5.09
N GLY BB 113 66.00 -30.84 -5.73
CA GLY BB 113 66.45 -31.23 -7.06
C GLY BB 113 66.29 -30.14 -8.08
N GLY BB 114 65.12 -29.48 -8.08
CA GLY BB 114 64.91 -28.38 -9.01
C GLY BB 114 65.81 -27.20 -8.73
N TYR BB 115 66.02 -26.87 -7.46
CA TYR BB 115 66.90 -25.77 -7.11
C TYR BB 115 68.33 -26.05 -7.55
N ASN BB 116 68.79 -27.28 -7.37
CA ASN BB 116 70.13 -27.64 -7.83
C ASN BB 116 70.22 -27.66 -9.34
N TYR BB 117 69.17 -28.12 -10.02
CA TYR BB 117 69.17 -28.13 -11.48
C TYR BB 117 69.26 -26.73 -12.05
N GLU BB 118 68.51 -25.79 -11.48
CA GLU BB 118 68.59 -24.42 -11.95
C GLU BB 118 69.90 -23.77 -11.55
N ARG BB 119 70.40 -24.08 -10.35
CA ARG BB 119 71.60 -23.43 -9.84
C ARG BB 119 72.84 -23.87 -10.60
N PHE BB 120 72.91 -25.14 -11.00
CA PHE BB 120 74.11 -25.70 -11.61
C PHE BB 120 73.95 -25.95 -13.10
N ASP BB 121 72.85 -26.55 -13.53
CA ASP BB 121 72.68 -26.96 -14.92
C ASP BB 121 71.92 -25.94 -15.75
N ASP BB 122 71.57 -24.78 -15.19
CA ASP BB 122 70.84 -23.73 -15.89
C ASP BB 122 69.54 -24.26 -16.48
N ASN BB 123 68.90 -25.19 -15.77
CA ASN BB 123 67.64 -25.80 -16.18
C ASN BB 123 67.75 -26.49 -17.54
N GLY BB 124 68.96 -26.93 -17.88
CA GLY BB 124 69.15 -27.65 -19.14
C GLY BB 124 68.86 -26.82 -20.37
N GLU BB 125 69.35 -25.58 -20.40
CA GLU BB 125 69.10 -24.71 -21.54
C GLU BB 125 70.06 -25.02 -22.67
N ARG BB 126 69.55 -24.94 -23.90
CA ARG BB 126 70.37 -24.98 -25.11
C ARG BB 126 70.79 -23.55 -25.39
N ARG BB 127 72.00 -23.20 -24.95
CA ARG BB 127 72.38 -21.80 -24.82
C ARG BB 127 72.56 -21.08 -26.15
N ASN BB 128 72.58 -21.79 -27.28
CA ASN BB 128 72.88 -21.16 -28.55
C ASN BB 128 71.66 -20.47 -29.15
N THR BB 129 70.99 -19.63 -28.37
CA THR BB 129 69.77 -18.97 -28.80
C THR BB 129 69.97 -17.46 -28.78
N LEU BB 130 69.22 -16.76 -29.64
CA LEU BB 130 69.53 -15.37 -29.93
C LEU BB 130 68.97 -14.38 -28.91
N TYR BB 131 67.65 -14.28 -28.81
CA TYR BB 131 67.00 -13.17 -28.13
C TYR BB 131 66.09 -13.69 -27.04
N TRP BB 132 66.42 -13.38 -25.78
CA TRP BB 132 65.67 -13.92 -24.66
C TRP BB 132 64.21 -13.48 -24.71
N LYS BB 133 63.95 -12.23 -25.06
CA LYS BB 133 62.59 -11.74 -25.15
C LYS BB 133 61.78 -12.42 -26.25
N LEU BB 134 62.44 -13.10 -27.19
CA LEU BB 134 61.76 -13.79 -28.27
C LEU BB 134 61.93 -15.30 -28.19
N SER BB 135 62.39 -15.82 -27.06
CA SER BB 135 62.68 -17.25 -26.94
C SER BB 135 61.79 -17.87 -25.88
N PRO BB 136 61.39 -19.13 -26.06
CA PRO BB 136 60.64 -19.83 -25.00
C PRO BB 136 61.53 -20.09 -23.80
N VAL BB 137 60.89 -20.17 -22.64
CA VAL BB 137 61.60 -20.33 -21.38
C VAL BB 137 61.76 -21.82 -21.10
N GLU BB 138 62.99 -22.22 -20.80
CA GLU BB 138 63.26 -23.56 -20.28
C GLU BB 138 62.80 -23.60 -18.82
N PHE BB 139 61.65 -24.21 -18.59
CA PHE BB 139 61.06 -24.18 -17.27
C PHE BB 139 61.90 -24.98 -16.28
N PRO BB 140 61.91 -24.58 -15.01
CA PRO BB 140 62.48 -25.43 -13.96
C PRO BB 140 61.65 -26.70 -13.83
N GLN BB 141 62.20 -27.65 -13.07
CA GLN BB 141 61.51 -28.93 -12.90
C GLN BB 141 60.15 -28.73 -12.25
N SER BB 142 59.13 -29.34 -12.85
CA SER BB 142 57.76 -29.20 -12.36
C SER BB 142 57.03 -30.52 -12.16
N LYS BB 143 57.49 -31.62 -12.78
CA LYS BB 143 56.89 -32.93 -12.57
C LYS BB 143 57.64 -33.61 -11.43
N LEU BB 144 56.94 -33.83 -10.32
CA LEU BB 144 57.58 -34.43 -9.15
C LEU BB 144 57.92 -35.89 -9.42
N TRP BB 145 59.19 -36.25 -9.21
CA TRP BB 145 59.64 -37.62 -9.36
C TRP BB 145 59.54 -38.42 -8.07
N ASN BB 146 59.18 -37.78 -6.95
CA ASN BB 146 59.00 -38.48 -5.68
C ASN BB 146 57.53 -38.78 -5.40
N ARG BB 147 56.66 -38.61 -6.38
CA ARG BB 147 55.28 -39.06 -6.28
C ARG BB 147 55.04 -40.20 -7.27
N PRO BB 148 54.16 -41.14 -6.94
CA PRO BB 148 54.03 -42.35 -7.78
C PRO BB 148 53.61 -42.08 -9.22
N SER BB 149 52.77 -41.08 -9.45
CA SER BB 149 52.31 -40.80 -10.81
C SER BB 149 53.42 -40.19 -11.64
N VAL CB 23 16.66 -22.88 9.40
CA VAL CB 23 16.63 -21.67 8.59
C VAL CB 23 17.47 -21.86 7.33
N TYR CB 24 18.29 -22.91 7.33
CA TYR CB 24 19.12 -23.22 6.16
C TYR CB 24 18.25 -23.53 4.95
N CYS CB 25 17.19 -24.31 5.14
CA CYS CB 25 16.27 -24.61 4.03
C CYS CB 25 15.60 -23.34 3.53
N THR CB 26 15.20 -22.45 4.44
CA THR CB 26 14.55 -21.20 4.03
C THR CB 26 15.50 -20.32 3.24
N VAL CB 27 16.77 -20.23 3.68
CA VAL CB 27 17.74 -19.42 2.94
C VAL CB 27 18.01 -20.02 1.57
N LEU CB 28 18.12 -21.35 1.49
CA LEU CB 28 18.32 -21.99 0.19
C LEU CB 28 17.13 -21.74 -0.73
N ALA CB 29 15.91 -21.83 -0.20
CA ALA CB 29 14.73 -21.55 -1.00
C ALA CB 29 14.69 -20.10 -1.47
N TYR CB 30 15.07 -19.17 -0.60
CA TYR CB 30 15.12 -17.76 -0.99
C TYR CB 30 16.14 -17.53 -2.10
N TYR CB 31 17.32 -18.16 -1.98
CA TYR CB 31 18.33 -18.01 -3.02
C TYR CB 31 17.84 -18.59 -4.35
N GLY CB 32 17.20 -19.76 -4.30
CA GLY CB 32 16.66 -20.34 -5.52
C GLY CB 32 15.59 -19.48 -6.15
N TRP CB 33 14.69 -18.92 -5.33
CA TRP CB 33 13.67 -18.03 -5.86
C TRP CB 33 14.29 -16.76 -6.45
N TRP CB 34 15.35 -16.25 -5.80
CA TRP CB 34 16.01 -15.07 -6.33
C TRP CB 34 16.62 -15.36 -7.70
N LEU CB 35 17.26 -16.51 -7.86
CA LEU CB 35 17.78 -16.88 -9.18
C LEU CB 35 16.66 -17.02 -10.20
N TYR CB 36 15.56 -17.67 -9.82
CA TYR CB 36 14.44 -17.86 -10.74
C TYR CB 36 13.85 -16.54 -11.16
N ASP CB 37 13.66 -15.62 -10.22
CA ASP CB 37 13.09 -14.31 -10.52
C ASP CB 37 14.04 -13.49 -11.36
N ARG CB 38 15.35 -13.55 -11.08
CA ARG CB 38 16.32 -12.82 -11.88
C ARG CB 38 16.31 -13.30 -13.32
N TYR CB 39 16.19 -14.62 -13.52
CA TYR CB 39 16.20 -15.14 -14.89
C TYR CB 39 14.89 -14.82 -15.61
N TYR CB 40 13.75 -14.99 -14.94
CA TYR CB 40 12.47 -14.94 -15.63
C TYR CB 40 11.85 -13.55 -15.69
N LEU CB 41 12.17 -12.67 -14.73
CA LEU CB 41 11.64 -11.31 -14.72
C LEU CB 41 12.74 -10.30 -15.01
N PHE CB 42 13.62 -10.62 -15.97
CA PHE CB 42 14.71 -9.72 -16.31
C PHE CB 42 14.20 -8.36 -16.78
N GLY CB 43 13.19 -8.36 -17.64
CA GLY CB 43 12.67 -7.10 -18.14
C GLY CB 43 12.07 -6.23 -17.05
N LYS CB 44 11.28 -6.84 -16.17
CA LYS CB 44 10.67 -6.09 -15.07
C LYS CB 44 11.73 -5.57 -14.11
N ASN CB 45 12.72 -6.39 -13.78
CA ASN CB 45 13.78 -5.96 -12.88
C ASN CB 45 14.58 -4.81 -13.49
N ALA CB 46 14.91 -4.91 -14.78
CA ALA CB 46 15.69 -3.85 -15.42
C ALA CB 46 14.88 -2.57 -15.53
N THR CB 47 13.58 -2.68 -15.80
CA THR CB 47 12.71 -1.49 -15.85
C THR CB 47 12.64 -0.82 -14.49
N GLN CB 48 12.53 -1.61 -13.41
CA GLN CB 48 12.53 -1.03 -12.08
C GLN CB 48 13.87 -0.38 -11.75
N ASP CB 49 14.97 -1.00 -12.17
CA ASP CB 49 16.29 -0.43 -11.89
C ASP CB 49 16.53 0.86 -12.67
N ILE CB 50 16.00 0.96 -13.89
CA ILE CB 50 16.22 2.15 -14.70
C ILE CB 50 15.52 3.37 -14.11
N ARG CB 51 14.50 3.17 -13.27
CA ARG CB 51 13.74 4.26 -12.69
C ARG CB 51 14.21 4.64 -11.29
N LYS CB 52 15.25 4.00 -10.77
CA LYS CB 52 15.76 4.32 -9.45
C LYS CB 52 16.71 5.51 -9.47
N ASP CB 53 17.15 5.96 -10.63
CA ASP CB 53 18.03 7.12 -10.76
C ASP CB 53 17.43 8.10 -11.74
N THR CB 54 17.76 9.38 -11.55
CA THR CB 54 17.23 10.43 -12.40
C THR CB 54 17.94 10.42 -13.76
N THR CB 55 17.53 11.35 -14.63
CA THR CB 55 18.10 11.41 -15.97
C THR CB 55 19.57 11.78 -15.94
N GLU CB 56 19.95 12.73 -15.07
CA GLU CB 56 21.33 13.20 -15.05
C GLU CB 56 22.29 12.09 -14.64
N VAL CB 57 21.93 11.30 -13.63
CA VAL CB 57 22.80 10.22 -13.17
C VAL CB 57 23.01 9.20 -14.28
N TRP CB 58 21.93 8.83 -14.96
CA TRP CB 58 22.06 7.85 -16.04
C TRP CB 58 22.86 8.41 -17.20
N GLU CB 59 22.71 9.69 -17.51
CA GLU CB 59 23.52 10.30 -18.55
C GLU CB 59 25.01 10.28 -18.18
N LYS CB 60 25.31 10.58 -16.92
CA LYS CB 60 26.71 10.53 -16.48
C LYS CB 60 27.26 9.11 -16.57
N ARG CB 61 26.47 8.11 -16.16
CA ARG CB 61 26.92 6.73 -16.26
C ARG CB 61 27.15 6.32 -17.70
N ALA CB 62 26.24 6.72 -18.60
CA ALA CB 62 26.40 6.40 -20.01
C ALA CB 62 27.63 7.06 -20.59
N ALA CB 63 27.91 8.31 -20.19
CA ALA CB 63 29.11 8.99 -20.66
C ALA CB 63 30.36 8.26 -20.17
N LEU CB 64 30.35 7.79 -18.93
CA LEU CB 64 31.51 7.07 -18.40
C LEU CB 64 31.75 5.76 -19.13
N ASN CB 65 30.70 5.12 -19.65
CA ASN CB 65 30.82 3.84 -20.33
C ASN CB 65 30.92 3.97 -21.85
N LYS CB 66 31.06 5.18 -22.37
CA LYS CB 66 31.16 5.37 -23.81
C LYS CB 66 32.53 4.92 -24.29
N ARG CB 67 32.55 3.96 -25.22
CA ARG CB 67 33.78 3.44 -25.80
C ARG CB 67 33.65 3.41 -27.31
N ASN CB 68 34.79 3.58 -27.99
CA ASN CB 68 34.77 3.56 -29.45
C ASN CB 68 34.61 2.16 -30.01
N TRP CB 69 35.09 1.14 -29.29
CA TRP CB 69 34.97 -0.27 -29.65
C TRP CB 69 35.76 -0.62 -30.91
N GLY CB 70 36.65 0.26 -31.37
CA GLY CB 70 37.44 -0.01 -32.55
C GLY CB 70 36.92 0.57 -33.83
N TYR CB 71 35.92 1.44 -33.78
CA TYR CB 71 35.40 2.08 -34.98
C TYR CB 71 36.14 3.39 -35.24
N ASN CB 72 36.45 3.63 -36.52
CA ASN CB 72 37.10 4.85 -36.96
C ASN CB 72 38.39 5.09 -36.18
N ALA CB 73 39.15 4.02 -35.99
CA ALA CB 73 40.43 4.09 -35.28
C ALA CB 73 41.56 4.39 -36.26
N HIS CB 74 41.42 5.51 -36.96
CA HIS CB 74 42.43 5.92 -37.93
C HIS CB 74 43.66 6.43 -37.20
N TYR CB 75 44.68 6.81 -37.98
CA TYR CB 75 45.93 7.27 -37.42
C TYR CB 75 45.73 8.54 -36.61
N LYS CB 76 46.29 8.57 -35.40
CA LYS CB 76 46.26 9.76 -34.56
C LYS CB 76 47.65 10.36 -34.53
N PRO CB 77 47.90 11.47 -35.21
CA PRO CB 77 49.26 12.00 -35.32
C PRO CB 77 49.82 12.49 -33.99
N GLU CB 78 50.86 11.81 -33.50
CA GLU CB 78 51.60 12.26 -32.33
C GLU CB 78 52.79 13.13 -32.69
N LEU CB 79 53.30 13.01 -33.92
CA LEU CB 79 54.40 13.85 -34.36
C LEU CB 79 53.95 15.30 -34.47
N GLU CB 80 54.78 16.22 -34.00
CA GLU CB 80 54.39 17.62 -33.95
C GLU CB 80 54.40 18.26 -35.34
N ARG CB 81 55.28 17.81 -36.22
CA ARG CB 81 55.38 18.38 -37.57
C ARG CB 81 54.55 17.62 -38.59
N SER CB 82 53.73 16.68 -38.16
CA SER CB 82 52.97 15.85 -39.09
C SER CB 82 51.94 16.68 -39.83
N MET CB 83 51.91 16.54 -41.15
CA MET CB 83 50.93 17.25 -41.97
C MET CB 83 49.51 16.73 -41.69
N LYS CB 84 49.37 15.42 -41.50
CA LYS CB 84 48.06 14.86 -41.23
C LYS CB 84 47.48 15.34 -39.91
N LYS CB 85 48.30 15.86 -39.00
CA LYS CB 85 47.76 16.47 -37.78
C LYS CB 85 46.89 17.67 -38.12
N VAL CB 86 47.42 18.59 -38.91
CA VAL CB 86 46.66 19.76 -39.33
C VAL CB 86 45.50 19.35 -40.24
N LEU CB 87 45.74 18.35 -41.10
CA LEU CB 87 44.67 17.89 -42.00
C LEU CB 87 43.50 17.30 -41.21
N TYR CB 88 43.78 16.52 -40.17
CA TYR CB 88 42.72 15.95 -39.35
C TYR CB 88 42.04 17.00 -38.50
N ALA CB 89 42.79 18.00 -38.03
CA ALA CB 89 42.15 19.11 -37.33
C ALA CB 89 41.17 19.86 -38.21
N ASP CB 90 41.33 19.77 -39.54
CA ASP CB 90 40.42 20.42 -40.47
C ASP CB 90 39.09 19.67 -40.50
N PRO CB 91 37.96 20.35 -40.23
CA PRO CB 91 36.66 19.65 -40.26
C PRO CB 91 36.22 19.24 -41.65
N ASN CB 92 36.84 19.74 -42.71
CA ASN CB 92 36.45 19.43 -44.08
C ASN CB 92 37.32 18.35 -44.72
N TYR CB 93 38.14 17.65 -43.92
CA TYR CB 93 39.01 16.63 -44.48
C TYR CB 93 38.22 15.39 -44.85
N LYS CB 94 38.48 14.85 -46.04
CA LYS CB 94 37.82 13.65 -46.52
C LYS CB 94 38.83 12.51 -46.60
N PHE CB 95 38.56 11.43 -45.89
CA PHE CB 95 39.37 10.24 -45.99
C PHE CB 95 39.13 9.57 -47.34
N PRO CB 96 40.10 8.80 -47.84
CA PRO CB 96 39.91 8.13 -49.13
C PRO CB 96 38.73 7.18 -49.15
N ILE CB 97 38.38 6.59 -48.01
CA ILE CB 97 37.27 5.67 -47.93
C ILE CB 97 36.71 5.69 -46.51
N GLU CB 98 35.39 5.54 -46.40
CA GLU CB 98 34.76 5.51 -45.09
C GLU CB 98 35.21 4.28 -44.32
N TRP CB 99 35.31 4.43 -42.99
CA TRP CB 99 35.83 3.35 -42.16
C TRP CB 99 35.07 2.05 -42.31
N PRO CB 100 33.73 2.01 -42.22
CA PRO CB 100 33.04 0.74 -42.42
C PRO CB 100 33.25 0.14 -43.79
N GLU CB 101 33.63 0.94 -44.78
CA GLU CB 101 33.91 0.46 -46.12
C GLU CB 101 35.34 -0.05 -46.29
N ARG CB 102 36.19 0.10 -45.26
CA ARG CB 102 37.55 -0.41 -45.35
C ARG CB 102 37.61 -1.93 -45.26
N TYR CB 103 36.52 -2.58 -44.86
CA TYR CB 103 36.48 -4.03 -44.72
C TYR CB 103 35.42 -4.66 -45.62
N MET CB 104 35.06 -3.98 -46.71
CA MET CB 104 34.07 -4.49 -47.65
C MET CB 104 34.71 -4.69 -49.01
N ALA CB 105 34.36 -5.80 -49.66
CA ALA CB 105 34.92 -6.12 -50.96
C ALA CB 105 34.39 -5.17 -52.03
N GLU CB 106 35.25 -4.80 -52.97
CA GLU CB 106 34.85 -3.91 -54.03
C GLU CB 106 33.84 -4.57 -54.95
N THR CB 107 32.85 -3.81 -55.39
CA THR CB 107 31.77 -4.32 -56.23
C THR CB 107 31.81 -3.73 -57.64
N LYS CB 108 32.93 -3.14 -58.05
CA LYS CB 108 33.07 -2.55 -59.37
C LYS CB 108 34.38 -3.01 -59.99
N THR CB 109 34.44 -2.90 -61.31
CA THR CB 109 35.58 -3.40 -62.05
C THR CB 109 36.82 -2.54 -61.82
N LEU CB 110 37.99 -3.14 -62.07
CA LEU CB 110 39.25 -2.45 -61.85
C LEU CB 110 39.38 -1.24 -62.77
N GLU CB 111 38.88 -1.35 -64.01
CA GLU CB 111 38.91 -0.20 -64.91
C GLU CB 111 38.11 0.96 -64.33
N GLN CB 112 36.92 0.67 -63.79
CA GLN CB 112 36.12 1.73 -63.16
C GLN CB 112 36.83 2.32 -61.95
N VAL CB 113 37.47 1.48 -61.14
CA VAL CB 113 38.18 1.97 -59.97
C VAL CB 113 39.30 2.92 -60.38
N MET CB 114 40.10 2.51 -61.36
CA MET CB 114 41.21 3.36 -61.81
C MET CB 114 40.70 4.63 -62.46
N ASP CB 115 39.62 4.55 -63.24
CA ASP CB 115 39.07 5.75 -63.85
C ASP CB 115 38.58 6.73 -62.79
N GLU CB 116 37.87 6.25 -61.77
CA GLU CB 116 37.39 7.13 -60.73
C GLU CB 116 38.53 7.75 -59.94
N GLU CB 117 39.57 6.97 -59.64
CA GLU CB 117 40.70 7.50 -58.90
C GLU CB 117 41.50 8.51 -59.71
N GLU CB 118 41.61 8.30 -61.02
CA GLU CB 118 42.36 9.23 -61.86
C GLU CB 118 41.58 10.51 -62.16
N ASN CB 119 40.25 10.47 -62.08
CA ASN CB 119 39.44 11.68 -62.19
C ASN CB 119 39.16 12.32 -60.84
N TRP CB 120 39.65 11.73 -59.76
CA TRP CB 120 39.44 12.27 -58.42
C TRP CB 120 40.21 13.56 -58.24
N GLU CB 121 39.62 14.49 -57.48
CA GLU CB 121 40.25 15.77 -57.19
C GLU CB 121 40.18 16.06 -55.69
N TYR CB 122 41.27 16.59 -55.17
CA TYR CB 122 41.39 16.84 -53.74
C TYR CB 122 40.55 18.05 -53.32
N TYR CB 123 39.99 17.99 -52.12
CA TYR CB 123 39.28 19.14 -51.58
C TYR CB 123 40.29 20.24 -51.25
N LYS CB 124 39.77 21.41 -50.92
CA LYS CB 124 40.60 22.58 -50.55
C LYS CB 124 41.62 22.92 -51.62
N MET DB 1 1.69 -50.55 -59.46
CA MET DB 1 0.74 -50.44 -60.57
C MET DB 1 -0.62 -51.01 -60.18
N GLU DB 2 -0.60 -52.17 -59.56
CA GLU DB 2 -1.82 -52.77 -59.06
C GLU DB 2 -2.38 -51.95 -57.89
N PRO DB 3 -3.70 -51.81 -57.79
CA PRO DB 3 -4.27 -51.16 -56.60
C PRO DB 3 -4.00 -51.97 -55.34
N PHE DB 4 -3.83 -51.27 -54.22
CA PHE DB 4 -3.50 -51.88 -52.95
C PHE DB 4 -4.56 -51.53 -51.92
N GLY DB 5 -4.91 -52.50 -51.10
CA GLY DB 5 -5.86 -52.28 -50.02
C GLY DB 5 -6.67 -53.52 -49.72
N THR DB 6 -7.43 -53.44 -48.64
CA THR DB 6 -8.31 -54.55 -48.26
C THR DB 6 -9.48 -54.67 -49.23
N ASP DB 7 -10.05 -53.54 -49.64
CA ASP DB 7 -11.22 -53.53 -50.51
C ASP DB 7 -10.91 -53.87 -51.95
N GLU DB 8 -9.64 -53.93 -52.33
CA GLU DB 8 -9.28 -54.17 -53.71
C GLU DB 8 -9.54 -55.62 -54.10
N ARG DB 9 -9.71 -55.84 -55.40
CA ARG DB 9 -9.95 -57.17 -55.93
C ARG DB 9 -8.64 -57.94 -55.99
N ASN DB 10 -8.67 -59.19 -55.54
CA ASN DB 10 -7.49 -60.05 -55.63
C ASN DB 10 -7.21 -60.38 -57.09
N TRP DB 11 -5.97 -60.80 -57.35
CA TRP DB 11 -5.58 -61.19 -58.70
C TRP DB 11 -6.44 -62.36 -59.17
N THR DB 12 -7.10 -62.18 -60.30
CA THR DB 12 -7.87 -63.27 -60.88
C THR DB 12 -6.98 -64.17 -61.72
N HIS DB 13 -7.51 -65.33 -62.10
CA HIS DB 13 -6.73 -66.29 -62.88
C HIS DB 13 -6.33 -65.69 -64.22
N GLU DB 14 -7.25 -64.99 -64.88
CA GLU DB 14 -6.94 -64.37 -66.15
C GLU DB 14 -5.85 -63.31 -66.00
N GLU DB 15 -5.92 -62.48 -64.96
CA GLU DB 15 -4.89 -61.48 -64.73
C GLU DB 15 -3.54 -62.13 -64.46
N LYS DB 16 -3.52 -63.19 -63.67
CA LYS DB 16 -2.27 -63.88 -63.39
C LYS DB 16 -1.66 -64.46 -64.67
N ASP DB 17 -2.49 -65.08 -65.51
CA ASP DB 17 -2.00 -65.64 -66.76
C ASP DB 17 -1.48 -64.56 -67.69
N ILE DB 18 -2.21 -63.44 -67.80
CA ILE DB 18 -1.77 -62.35 -68.68
C ILE DB 18 -0.46 -61.77 -68.19
N ILE DB 19 -0.31 -61.58 -66.88
CA ILE DB 19 0.93 -61.03 -66.35
C ILE DB 19 2.08 -62.02 -66.55
N THR DB 20 1.81 -63.32 -66.39
CA THR DB 20 2.86 -64.32 -66.60
C THR DB 20 3.34 -64.30 -68.04
N ARG DB 21 2.41 -64.27 -69.00
CA ARG DB 21 2.80 -64.26 -70.40
C ARG DB 21 3.38 -62.92 -70.82
N PHE DB 22 3.05 -61.84 -70.11
CA PHE DB 22 3.72 -60.56 -70.32
C PHE DB 22 5.17 -60.63 -69.87
N LEU DB 23 5.42 -61.14 -68.67
CA LEU DB 23 6.77 -61.21 -68.14
C LEU DB 23 7.64 -62.19 -68.92
N LYS DB 24 7.04 -63.25 -69.46
CA LYS DB 24 7.84 -64.26 -70.15
C LYS DB 24 8.32 -63.76 -71.52
N TYR DB 25 7.45 -63.13 -72.29
CA TYR DB 25 7.72 -62.89 -73.70
C TYR DB 25 7.95 -61.44 -74.07
N ASP DB 26 7.47 -60.49 -73.28
CA ASP DB 26 7.56 -59.09 -73.68
C ASP DB 26 8.99 -58.58 -73.59
N LYS DB 27 9.27 -57.55 -74.38
CA LYS DB 27 10.48 -56.75 -74.18
C LYS DB 27 10.22 -55.80 -73.02
N HIS DB 28 11.09 -54.81 -72.84
CA HIS DB 28 11.03 -53.91 -71.69
C HIS DB 28 11.23 -54.69 -70.39
N VAL DB 29 11.51 -55.98 -70.50
CA VAL DB 29 11.75 -56.85 -69.36
C VAL DB 29 13.17 -57.37 -69.46
N ASN DB 30 13.95 -57.18 -68.40
CA ASN DB 30 15.32 -57.63 -68.42
C ASN DB 30 15.39 -59.15 -68.46
N LEU DB 31 16.57 -59.66 -68.81
CA LEU DB 31 16.73 -61.10 -68.94
C LEU DB 31 16.53 -61.82 -67.61
N LYS DB 32 16.90 -61.17 -66.50
CA LYS DB 32 16.80 -61.82 -65.19
C LYS DB 32 15.35 -62.07 -64.81
N THR DB 33 14.46 -61.11 -65.05
CA THR DB 33 13.05 -61.29 -64.71
C THR DB 33 12.42 -62.42 -65.52
N ALA DB 34 12.69 -62.43 -66.83
CA ALA DB 34 12.17 -63.50 -67.68
C ALA DB 34 12.73 -64.85 -67.25
N GLU DB 35 14.00 -64.90 -66.90
CA GLU DB 35 14.58 -66.15 -66.41
C GLU DB 35 13.93 -66.59 -65.11
N MET DB 36 13.58 -65.63 -64.25
CA MET DB 36 12.86 -65.98 -63.02
C MET DB 36 11.52 -66.64 -63.34
N VAL DB 37 10.78 -66.07 -64.29
CA VAL DB 37 9.49 -66.66 -64.64
C VAL DB 37 9.68 -68.03 -65.28
N TYR DB 38 10.73 -68.18 -66.10
CA TYR DB 38 11.00 -69.48 -66.73
C TYR DB 38 11.32 -70.54 -65.68
N SER DB 39 12.16 -70.19 -64.71
CA SER DB 39 12.49 -71.13 -63.63
C SER DB 39 11.27 -71.44 -62.78
N ALA DB 40 10.37 -70.47 -62.61
CA ALA DB 40 9.10 -70.76 -61.96
C ALA DB 40 8.32 -71.83 -62.71
N GLU DB 41 8.23 -71.67 -64.03
CA GLU DB 41 7.47 -72.63 -64.83
C GLU DB 41 8.10 -74.01 -64.80
N VAL DB 42 9.43 -74.08 -64.83
CA VAL DB 42 10.09 -75.39 -64.91
C VAL DB 42 9.91 -76.17 -63.62
N GLU DB 43 10.18 -75.55 -62.48
CA GLU DB 43 10.21 -76.29 -61.22
C GLU DB 43 8.81 -76.59 -60.69
N SER DB 44 7.83 -75.74 -60.97
CA SER DB 44 6.49 -75.95 -60.42
C SER DB 44 5.80 -77.16 -61.03
N ALA DB 45 6.15 -77.51 -62.27
CA ALA DB 45 5.40 -78.53 -62.99
C ALA DB 45 5.50 -79.91 -62.36
N TYR DB 46 6.53 -80.15 -61.54
CA TYR DB 46 6.68 -81.45 -60.90
C TYR DB 46 5.56 -81.73 -59.90
N PHE DB 47 5.07 -80.69 -59.23
CA PHE DB 47 4.23 -80.90 -58.05
C PHE DB 47 2.82 -81.34 -58.41
N GLY DB 48 2.25 -80.82 -59.51
CA GLY DB 48 0.93 -81.30 -59.90
C GLY DB 48 0.92 -82.78 -60.23
N LYS DB 49 1.88 -83.22 -61.05
CA LYS DB 49 1.99 -84.63 -61.39
C LYS DB 49 2.31 -85.48 -60.17
N ALA DB 50 3.22 -85.00 -59.31
CA ALA DB 50 3.58 -85.76 -58.13
C ALA DB 50 2.39 -85.94 -57.19
N GLY DB 51 1.63 -84.87 -56.97
CA GLY DB 51 0.45 -84.99 -56.13
C GLY DB 51 -0.59 -85.93 -56.72
N ALA DB 52 -0.84 -85.81 -58.02
CA ALA DB 52 -1.82 -86.70 -58.66
C ALA DB 52 -1.39 -88.16 -58.55
N LEU DB 53 -0.10 -88.44 -58.79
CA LEU DB 53 0.38 -89.81 -58.77
C LEU DB 53 0.38 -90.39 -57.36
N ALA DB 54 0.84 -89.60 -56.38
CA ALA DB 54 0.81 -90.07 -55.00
C ALA DB 54 -0.62 -90.30 -54.53
N GLY DB 55 -1.55 -89.43 -54.93
CA GLY DB 55 -2.95 -89.64 -54.61
C GLY DB 55 -3.49 -90.91 -55.24
N GLY DB 56 -3.12 -91.17 -56.49
CA GLY DB 56 -3.56 -92.41 -57.13
C GLY DB 56 -3.07 -93.64 -56.41
N VAL DB 57 -1.79 -93.65 -56.02
CA VAL DB 57 -1.25 -94.80 -55.31
C VAL DB 57 -1.92 -94.97 -53.95
N ILE DB 58 -2.08 -93.87 -53.22
CA ILE DB 58 -2.69 -93.94 -51.90
C ILE DB 58 -4.14 -94.37 -52.00
N SER DB 59 -4.85 -93.92 -53.04
CA SER DB 59 -6.24 -94.32 -53.22
C SER DB 59 -6.34 -95.79 -53.61
N ALA DB 60 -5.39 -96.29 -54.40
CA ALA DB 60 -5.37 -97.72 -54.71
C ALA DB 60 -5.17 -98.54 -53.46
N LEU DB 61 -4.30 -98.08 -52.55
CA LEU DB 61 -4.12 -98.77 -51.28
C LEU DB 61 -5.36 -98.64 -50.40
N PHE DB 62 -6.01 -97.47 -50.43
CA PHE DB 62 -7.13 -97.19 -49.53
C PHE DB 62 -8.39 -97.92 -49.96
N PHE DB 63 -8.52 -98.23 -51.26
CA PHE DB 63 -9.67 -98.97 -51.74
C PHE DB 63 -9.74 -100.37 -51.16
N ASN DB 64 -8.64 -100.87 -50.60
CA ASN DB 64 -8.57 -102.19 -50.00
C ASN DB 64 -8.22 -102.14 -48.52
N PHE DB 65 -8.48 -101.01 -47.86
CA PHE DB 65 -8.18 -100.87 -46.46
C PHE DB 65 -9.11 -101.76 -45.63
N PRO DB 66 -8.71 -102.10 -44.39
CA PRO DB 66 -9.47 -103.12 -43.64
C PRO DB 66 -10.94 -102.82 -43.48
N ILE DB 67 -11.34 -101.57 -43.30
CA ILE DB 67 -12.77 -101.26 -43.23
C ILE DB 67 -13.33 -100.89 -44.59
N VAL DB 68 -12.53 -100.21 -45.42
CA VAL DB 68 -13.02 -99.79 -46.73
C VAL DB 68 -13.30 -101.00 -47.62
N ARG DB 69 -12.49 -102.05 -47.50
CA ARG DB 69 -12.62 -103.21 -48.37
C ARG DB 69 -13.94 -103.96 -48.16
N ASN DB 70 -14.66 -103.68 -47.07
CA ASN DB 70 -15.89 -104.38 -46.74
C ASN DB 70 -17.10 -103.46 -46.78
N LEU DB 71 -17.01 -102.36 -47.47
CA LEU DB 71 -18.09 -101.40 -47.61
C LEU DB 71 -18.86 -101.65 -48.90
N PRO DB 72 -20.12 -101.22 -48.97
CA PRO DB 72 -20.82 -101.22 -50.25
C PRO DB 72 -20.09 -100.38 -51.28
N ILE DB 73 -20.38 -100.65 -52.56
CA ILE DB 73 -19.53 -100.13 -53.64
C ILE DB 73 -19.53 -98.60 -53.65
N ILE DB 74 -20.67 -97.98 -53.35
CA ILE DB 74 -20.74 -96.52 -53.40
C ILE DB 74 -19.89 -95.89 -52.30
N ARG DB 75 -20.09 -96.35 -51.05
CA ARG DB 75 -19.29 -95.84 -49.94
C ARG DB 75 -17.82 -96.22 -50.11
N ARG DB 76 -17.55 -97.44 -50.56
CA ARG DB 76 -16.18 -97.87 -50.77
C ARG DB 76 -15.48 -96.99 -51.81
N SER DB 77 -16.18 -96.67 -52.89
CA SER DB 77 -15.60 -95.83 -53.93
C SER DB 77 -15.33 -94.42 -53.41
N VAL DB 78 -16.29 -93.83 -52.69
CA VAL DB 78 -16.09 -92.48 -52.19
C VAL DB 78 -14.91 -92.44 -51.21
N ILE DB 79 -14.88 -93.38 -50.27
CA ILE DB 79 -13.81 -93.38 -49.27
C ILE DB 79 -12.46 -93.67 -49.93
N GLY DB 80 -12.45 -94.52 -50.96
CA GLY DB 80 -11.20 -94.80 -51.65
C GLY DB 80 -10.69 -93.62 -52.44
N VAL DB 81 -11.59 -92.87 -53.09
CA VAL DB 81 -11.13 -91.73 -53.89
C VAL DB 81 -10.85 -90.49 -53.07
N LEU DB 82 -11.29 -90.44 -51.80
CA LEU DB 82 -10.96 -89.27 -50.98
C LEU DB 82 -9.46 -88.98 -50.91
N PRO DB 83 -8.57 -89.95 -50.63
CA PRO DB 83 -7.14 -89.63 -50.64
C PRO DB 83 -6.63 -89.13 -51.98
N PHE DB 84 -7.13 -89.68 -53.09
CA PHE DB 84 -6.71 -89.20 -54.40
C PHE DB 84 -7.11 -87.76 -54.60
N LEU DB 85 -8.34 -87.39 -54.24
CA LEU DB 85 -8.77 -86.02 -54.38
C LEU DB 85 -7.94 -85.09 -53.52
N TYR DB 86 -7.66 -85.50 -52.28
CA TYR DB 86 -6.88 -84.65 -51.39
C TYR DB 86 -5.49 -84.41 -51.93
N CYS DB 87 -4.81 -85.48 -52.38
CA CYS DB 87 -3.44 -85.33 -52.84
C CYS DB 87 -3.37 -84.62 -54.19
N TYR DB 88 -4.35 -84.85 -55.07
CA TYR DB 88 -4.40 -84.13 -56.32
C TYR DB 88 -4.60 -82.63 -56.09
N THR DB 89 -5.50 -82.27 -55.17
CA THR DB 89 -5.69 -80.87 -54.83
C THR DB 89 -4.42 -80.28 -54.23
N TRP DB 90 -3.74 -81.03 -53.36
CA TRP DB 90 -2.49 -80.55 -52.79
C TRP DB 90 -1.46 -80.27 -53.88
N GLY DB 91 -1.32 -81.20 -54.83
CA GLY DB 91 -0.35 -81.01 -55.88
C GLY DB 91 -0.66 -79.81 -56.75
N LYS DB 92 -1.92 -79.67 -57.17
CA LYS DB 92 -2.30 -78.53 -58.00
C LYS DB 92 -2.10 -77.22 -57.25
N ASN DB 93 -2.53 -77.15 -55.99
CA ASN DB 93 -2.40 -75.93 -55.22
C ASN DB 93 -0.94 -75.57 -55.00
N THR DB 94 -0.09 -76.56 -54.70
CA THR DB 94 1.32 -76.28 -54.50
C THR DB 94 1.98 -75.79 -55.77
N GLN DB 95 1.66 -76.41 -56.91
CA GLN DB 95 2.20 -75.94 -58.19
C GLN DB 95 1.80 -74.51 -58.46
N GLU DB 96 0.51 -74.22 -58.32
CA GLU DB 96 0.02 -72.86 -58.58
C GLU DB 96 0.68 -71.85 -57.64
N GLU DB 97 0.78 -72.20 -56.36
CA GLU DB 97 1.33 -71.27 -55.37
C GLU DB 97 2.80 -70.99 -55.65
N LEU DB 98 3.61 -72.02 -55.89
CA LEU DB 98 5.01 -71.80 -56.18
C LEU DB 98 5.19 -70.96 -57.44
N ARG DB 99 4.50 -71.34 -58.51
CA ARG DB 99 4.65 -70.62 -59.77
C ARG DB 99 4.24 -69.16 -59.61
N TRP DB 100 3.11 -68.90 -58.93
CA TRP DB 100 2.64 -67.53 -58.82
C TRP DB 100 3.49 -66.71 -57.86
N LEU DB 101 4.02 -67.30 -56.80
CA LEU DB 101 4.90 -66.54 -55.93
C LEU DB 101 6.16 -66.11 -56.67
N LYS DB 102 6.77 -67.02 -57.43
CA LYS DB 102 7.95 -66.62 -58.19
C LYS DB 102 7.59 -65.61 -59.29
N THR DB 103 6.44 -65.78 -59.94
CA THR DB 103 6.01 -64.84 -60.96
C THR DB 103 5.75 -63.45 -60.38
N PHE DB 104 5.15 -63.39 -59.20
CA PHE DB 104 4.90 -62.11 -58.55
C PHE DB 104 6.19 -61.47 -58.09
N ALA DB 105 7.17 -62.26 -57.66
CA ALA DB 105 8.49 -61.70 -57.40
C ALA DB 105 9.08 -61.08 -58.65
N ALA DB 106 8.94 -61.77 -59.79
CA ALA DB 106 9.42 -61.22 -61.06
C ALA DB 106 8.67 -59.94 -61.41
N TYR DB 107 7.37 -59.90 -61.14
CA TYR DB 107 6.58 -58.69 -61.41
C TYR DB 107 7.03 -57.52 -60.55
N GLN DB 108 7.33 -57.78 -59.27
CA GLN DB 108 7.87 -56.72 -58.41
C GLN DB 108 9.22 -56.24 -58.94
N ARG DB 109 10.06 -57.18 -59.39
CA ARG DB 109 11.34 -56.80 -59.95
C ARG DB 109 11.17 -55.93 -61.20
N PHE DB 110 10.21 -56.28 -62.05
CA PHE DB 110 9.92 -55.47 -63.23
C PHE DB 110 9.42 -54.08 -62.86
N VAL DB 111 8.52 -54.00 -61.88
CA VAL DB 111 7.96 -52.72 -61.47
C VAL DB 111 9.06 -51.82 -60.91
N VAL DB 112 9.92 -52.35 -60.06
CA VAL DB 112 11.04 -51.57 -59.55
C VAL DB 112 12.01 -51.21 -60.67
N TYR DB 113 12.18 -52.11 -61.64
CA TYR DB 113 13.09 -51.87 -62.75
C TYR DB 113 12.68 -50.65 -63.56
N HIS DB 114 11.38 -50.49 -63.81
CA HIS DB 114 10.86 -49.37 -64.57
C HIS DB 114 10.26 -48.29 -63.67
N GLY DB 115 10.55 -48.33 -62.38
CA GLY DB 115 10.13 -47.27 -61.47
C GLY DB 115 8.63 -47.03 -61.46
N GLN DB 116 7.84 -48.09 -61.52
CA GLN DB 116 6.39 -47.99 -61.62
C GLN DB 116 5.70 -48.18 -60.27
N HIS DB 117 6.41 -47.92 -59.17
CA HIS DB 117 5.82 -47.94 -57.84
C HIS DB 117 6.16 -46.63 -57.16
N CYS DB 118 5.15 -45.89 -56.74
CA CYS DB 118 5.39 -44.72 -55.93
C CYS DB 118 5.95 -45.13 -54.57
N LYS DB 119 6.68 -44.21 -53.95
CA LYS DB 119 7.37 -44.48 -52.69
C LYS DB 119 8.37 -45.63 -52.84
N LEU DB 120 9.04 -45.69 -54.00
CA LEU DB 120 10.14 -46.62 -54.22
C LEU DB 120 11.11 -45.98 -55.19
N TRP DB 121 12.33 -45.70 -54.72
CA TRP DB 121 13.35 -45.10 -55.57
C TRP DB 121 14.72 -45.41 -54.99
N VAL DB 122 15.73 -45.33 -55.83
CA VAL DB 122 17.10 -45.65 -55.42
C VAL DB 122 17.72 -44.48 -54.68
N MET EB 1 27.73 -14.22 -24.79
CA MET EB 1 27.97 -12.81 -25.09
C MET EB 1 29.46 -12.53 -25.13
N ALA EB 2 30.20 -13.42 -25.80
CA ALA EB 2 31.66 -13.31 -25.83
C ALA EB 2 32.11 -12.02 -26.52
N GLN EB 3 31.31 -11.49 -27.43
CA GLN EB 3 31.68 -10.28 -28.16
C GLN EB 3 31.16 -9.00 -27.53
N THR EB 4 30.36 -9.08 -26.47
CA THR EB 4 29.75 -7.91 -25.87
C THR EB 4 30.64 -7.37 -24.75
N ALA EB 5 30.10 -6.47 -23.93
CA ALA EB 5 30.87 -5.76 -22.93
C ALA EB 5 30.69 -6.27 -21.52
N HIS EB 6 29.66 -7.04 -21.24
CA HIS EB 6 29.30 -7.40 -19.88
C HIS EB 6 29.41 -8.90 -19.65
N GLN EB 7 29.76 -9.27 -18.42
CA GLN EB 7 29.93 -10.68 -18.08
C GLN EB 7 28.62 -11.46 -18.20
N ASN EB 8 27.52 -10.87 -17.73
CA ASN EB 8 26.22 -11.50 -17.83
C ASN EB 8 25.22 -10.51 -18.42
N ARG EB 9 24.15 -11.05 -18.99
CA ARG EB 9 23.17 -10.21 -19.68
C ARG EB 9 22.45 -9.28 -18.74
N TYR EB 10 22.45 -9.55 -17.43
CA TYR EB 10 21.74 -8.71 -16.48
C TYR EB 10 22.45 -7.37 -16.26
N GLN EB 11 23.77 -7.32 -16.47
CA GLN EB 11 24.48 -6.06 -16.35
C GLN EB 11 24.21 -5.13 -17.52
N GLY EB 12 23.72 -5.66 -18.64
CA GLY EB 12 23.40 -4.81 -19.77
C GLY EB 12 22.27 -3.85 -19.49
N GLY EB 13 21.30 -4.25 -18.67
CA GLY EB 13 20.24 -3.36 -18.26
C GLY EB 13 18.95 -3.55 -19.04
N LEU EB 14 18.21 -2.45 -19.21
CA LEU EB 14 16.95 -2.53 -19.94
C LEU EB 14 17.16 -2.83 -21.42
N CYS EB 15 18.27 -2.35 -21.99
CA CYS EB 15 18.53 -2.59 -23.41
C CYS EB 15 18.69 -4.08 -23.71
N TYR EB 16 19.42 -4.80 -22.86
CA TYR EB 16 19.56 -6.23 -23.07
C TYR EB 16 18.23 -6.95 -22.87
N ALA EB 17 17.40 -6.48 -21.93
CA ALA EB 17 16.08 -7.08 -21.75
C ALA EB 17 15.23 -6.90 -23.00
N GLN EB 18 15.26 -5.71 -23.60
CA GLN EB 18 14.51 -5.48 -24.83
C GLN EB 18 15.06 -6.32 -25.98
N CYS EB 19 16.38 -6.49 -26.03
CA CYS EB 19 16.97 -7.37 -27.04
C CYS EB 19 16.51 -8.81 -26.86
N ASN EB 20 16.45 -9.28 -25.62
CA ASN EB 20 15.92 -10.62 -25.36
C ASN EB 20 14.47 -10.72 -25.80
N GLU EB 21 13.66 -9.70 -25.50
CA GLU EB 21 12.26 -9.71 -25.90
C GLU EB 21 12.10 -9.62 -27.42
N LEU EB 22 13.12 -9.12 -28.13
CA LEU EB 22 12.97 -8.93 -29.57
C LEU EB 22 12.98 -10.25 -30.33
N PHE EB 23 13.85 -11.17 -29.94
CA PHE EB 23 14.03 -12.43 -30.66
C PHE EB 23 13.66 -13.61 -29.79
N SER EB 24 13.39 -14.75 -30.44
CA SER EB 24 13.12 -15.98 -29.73
C SER EB 24 14.37 -16.44 -28.98
N PHE EB 25 14.16 -17.27 -27.96
CA PHE EB 25 15.24 -17.58 -27.03
C PHE EB 25 16.38 -18.37 -27.68
N TRP EB 26 16.12 -19.06 -28.78
CA TRP EB 26 17.16 -19.82 -29.47
C TRP EB 26 17.84 -19.02 -30.56
N ASN EB 27 17.44 -17.77 -30.77
CA ASN EB 27 17.97 -16.96 -31.87
C ASN EB 27 19.28 -16.32 -31.45
N PRO EB 28 20.40 -16.58 -32.14
CA PRO EB 28 21.67 -15.94 -31.78
C PRO EB 28 21.73 -14.47 -32.15
N SER EB 29 20.71 -13.92 -32.79
CA SER EB 29 20.70 -12.49 -33.13
C SER EB 29 20.73 -11.62 -31.89
N ILE EB 30 20.25 -12.14 -30.75
CA ILE EB 30 20.18 -11.35 -29.53
C ILE EB 30 21.55 -10.78 -29.19
N GLN EB 31 22.58 -11.62 -29.27
CA GLN EB 31 23.94 -11.15 -28.99
C GLN EB 31 24.30 -9.97 -29.88
N GLN EB 32 24.01 -10.05 -31.18
CA GLN EB 32 24.25 -8.93 -32.07
C GLN EB 32 23.46 -7.72 -31.63
N CYS EB 33 22.19 -7.92 -31.27
CA CYS EB 33 21.39 -6.85 -30.69
C CYS EB 33 22.10 -6.24 -29.49
N TRP EB 34 22.68 -7.10 -28.64
CA TRP EB 34 23.41 -6.61 -27.48
C TRP EB 34 24.56 -5.70 -27.90
N LYS EB 35 25.26 -6.04 -28.98
CA LYS EB 35 26.34 -5.18 -29.45
C LYS EB 35 25.82 -3.81 -29.81
N GLY EB 36 24.61 -3.74 -30.38
CA GLY EB 36 23.99 -2.45 -30.61
C GLY EB 36 23.86 -1.65 -29.34
N CYS EB 37 23.39 -2.31 -28.26
CA CYS EB 37 23.32 -1.66 -26.97
C CYS EB 37 24.67 -1.13 -26.53
N ASP EB 38 25.75 -1.81 -26.92
CA ASP EB 38 27.08 -1.35 -26.56
C ASP EB 38 27.50 -0.15 -27.39
N PHE EB 39 27.07 -0.07 -28.64
CA PHE EB 39 27.51 1.00 -29.52
C PHE EB 39 26.82 2.31 -29.22
N GLY EB 40 25.59 2.26 -28.71
CA GLY EB 40 24.83 3.47 -28.45
C GLY EB 40 24.70 3.81 -26.98
N VAL EB 41 25.79 3.67 -26.22
CA VAL EB 41 25.72 3.98 -24.79
C VAL EB 41 25.69 5.49 -24.58
N GLY EB 42 26.76 6.17 -24.99
CA GLY EB 42 26.81 7.62 -24.84
C GLY EB 42 26.54 8.35 -26.14
N ARG EB 43 25.96 7.65 -27.12
CA ARG EB 43 25.79 8.19 -28.45
C ARG EB 43 24.34 8.33 -28.90
N VAL EB 44 23.40 7.61 -28.30
CA VAL EB 44 22.03 7.61 -28.80
C VAL EB 44 21.41 9.00 -28.68
N ASN EB 45 21.66 9.68 -27.56
CA ASN EB 45 21.02 10.98 -27.34
C ASN EB 45 21.66 12.08 -28.19
N ASP EB 46 22.95 11.96 -28.50
CA ASP EB 46 23.60 12.94 -29.34
C ASP EB 46 23.14 12.77 -30.79
N PRO EB 47 22.72 13.84 -31.47
CA PRO EB 47 22.18 13.68 -32.83
C PRO EB 47 23.16 13.06 -33.82
N GLU EB 48 24.45 13.38 -33.71
CA GLU EB 48 25.45 12.74 -34.54
C GLU EB 48 25.98 11.45 -33.92
N GLY EB 49 25.84 11.27 -32.61
CA GLY EB 49 26.21 10.02 -31.99
C GLY EB 49 25.37 8.85 -32.48
N ARG EB 50 24.10 9.10 -32.79
CA ARG EB 50 23.25 8.05 -33.33
C ARG EB 50 23.75 7.59 -34.69
N ILE EB 51 24.13 8.54 -35.56
CA ILE EB 51 24.69 8.20 -36.85
C ILE EB 51 26.01 7.47 -36.68
N GLU EB 52 26.82 7.90 -35.70
CA GLU EB 52 28.08 7.21 -35.43
C GLU EB 52 27.83 5.77 -35.00
N ALA EB 53 26.81 5.55 -34.16
CA ALA EB 53 26.49 4.20 -33.72
C ALA EB 53 26.01 3.34 -34.88
N GLN EB 54 25.22 3.91 -35.78
CA GLN EB 54 24.80 3.15 -36.96
C GLN EB 54 25.99 2.79 -37.84
N GLN EB 55 26.95 3.71 -37.99
CA GLN EB 55 28.17 3.40 -38.72
C GLN EB 55 28.96 2.30 -38.02
N MET EB 56 28.98 2.32 -36.69
CA MET EB 56 29.65 1.26 -35.95
C MET EB 56 28.99 -0.09 -36.21
N CYS EB 57 27.66 -0.11 -36.29
CA CYS EB 57 26.96 -1.34 -36.63
C CYS EB 57 27.33 -1.82 -38.03
N LYS EB 58 27.42 -0.89 -38.98
CA LYS EB 58 27.80 -1.27 -40.34
C LYS EB 58 29.21 -1.85 -40.38
N ARG EB 59 30.15 -1.23 -39.65
CA ARG EB 59 31.50 -1.75 -39.59
C ARG EB 59 31.55 -3.13 -38.93
N TRP EB 60 30.77 -3.31 -37.87
CA TRP EB 60 30.74 -4.60 -37.18
C TRP EB 60 30.22 -5.69 -38.10
N ALA EB 61 29.14 -5.41 -38.84
CA ALA EB 61 28.63 -6.38 -39.80
C ALA EB 61 29.64 -6.67 -40.89
N ALA EB 62 30.33 -5.63 -41.38
CA ALA EB 62 31.35 -5.84 -42.40
C ALA EB 62 32.52 -6.67 -41.89
N GLU EB 63 32.82 -6.57 -40.60
CA GLU EB 63 33.94 -7.34 -40.05
C GLU EB 63 33.56 -8.78 -39.74
N LEU EB 64 32.31 -9.04 -39.35
CA LEU EB 64 31.93 -10.42 -39.05
C LEU EB 64 31.84 -11.27 -40.31
N TYR EB 65 31.23 -10.75 -41.37
CA TYR EB 65 31.05 -11.48 -42.62
C TYR EB 65 31.69 -10.71 -43.77
N TRP EB 66 32.06 -11.44 -44.81
CA TRP EB 66 32.48 -10.78 -46.05
C TRP EB 66 31.31 -9.99 -46.62
N THR EB 67 31.56 -8.73 -46.95
CA THR EB 67 30.51 -7.85 -47.43
C THR EB 67 31.03 -7.08 -48.64
N TYR EB 68 30.10 -6.61 -49.47
CA TYR EB 68 30.43 -5.74 -50.58
C TYR EB 68 30.08 -4.30 -50.24
N LYS EB 69 30.67 -3.37 -50.99
CA LYS EB 69 30.64 -1.97 -50.58
C LYS EB 69 29.23 -1.40 -50.55
N GLY EB 70 28.42 -1.70 -51.55
CA GLY EB 70 27.05 -1.21 -51.55
C GLY EB 70 26.05 -2.08 -50.85
N GLU EB 71 26.46 -3.27 -50.41
CA GLU EB 71 25.50 -4.30 -49.98
C GLU EB 71 24.68 -3.84 -48.80
N LEU EB 72 25.30 -3.21 -47.81
CA LEU EB 72 24.57 -2.76 -46.63
C LEU EB 72 23.88 -1.42 -46.82
N ASP EB 73 24.04 -0.78 -47.98
CA ASP EB 73 23.40 0.49 -48.25
C ASP EB 73 22.15 0.37 -49.11
N THR EB 74 21.83 -0.82 -49.59
CA THR EB 74 20.67 -1.03 -50.45
C THR EB 74 19.65 -1.96 -49.82
N ILE EB 75 19.64 -2.08 -48.50
CA ILE EB 75 18.69 -2.95 -47.83
C ILE EB 75 17.30 -2.32 -47.90
N LYS EB 76 16.34 -3.03 -48.47
CA LYS EB 76 15.00 -2.48 -48.64
C LYS EB 76 14.29 -2.34 -47.31
N ASP EB 77 14.33 -3.38 -46.48
CA ASP EB 77 13.59 -3.41 -45.23
C ASP EB 77 14.56 -3.65 -44.09
N LEU EB 78 14.64 -2.69 -43.16
CA LEU EB 78 15.50 -2.82 -42.00
C LEU EB 78 14.78 -3.41 -40.79
N ARG EB 79 13.50 -3.73 -40.93
CA ARG EB 79 12.77 -4.33 -39.83
C ARG EB 79 13.25 -5.75 -39.58
N VAL EB 80 13.09 -6.21 -38.34
CA VAL EB 80 13.51 -7.54 -37.93
C VAL EB 80 12.30 -8.29 -37.40
N HIS EB 81 12.39 -9.62 -37.43
CA HIS EB 81 11.38 -10.48 -36.86
C HIS EB 81 12.04 -11.46 -35.90
N ALA EB 82 11.22 -12.28 -35.25
CA ALA EB 82 11.72 -13.17 -34.20
C ALA EB 82 12.68 -14.20 -34.76
N ASP EB 83 12.40 -14.73 -35.95
CA ASP EB 83 13.19 -15.80 -36.54
C ASP EB 83 14.26 -15.29 -37.50
N MET EB 84 14.79 -14.10 -37.24
CA MET EB 84 15.87 -13.54 -38.06
C MET EB 84 17.20 -13.97 -37.45
N TYR EB 85 17.96 -14.78 -38.19
CA TYR EB 85 19.20 -15.31 -37.66
C TYR EB 85 20.40 -14.62 -38.32
N PRO EB 86 21.50 -14.45 -37.59
CA PRO EB 86 22.66 -13.71 -38.12
C PRO EB 86 23.46 -14.54 -39.13
N THR EB 87 22.79 -15.01 -40.17
CA THR EB 87 23.46 -15.80 -41.21
C THR EB 87 24.07 -14.94 -42.29
N THR EB 88 23.70 -13.66 -42.37
CA THR EB 88 24.17 -12.75 -43.40
C THR EB 88 24.60 -11.44 -42.77
N PRO EB 89 25.50 -10.70 -43.42
CA PRO EB 89 25.84 -9.36 -42.91
C PRO EB 89 24.64 -8.44 -42.85
N GLN EB 90 23.66 -8.59 -43.74
CA GLN EB 90 22.45 -7.80 -43.64
C GLN EB 90 21.71 -8.08 -42.34
N ASN EB 91 21.60 -9.35 -41.96
CA ASN EB 91 20.93 -9.70 -40.72
C ASN EB 91 21.72 -9.21 -39.51
N VAL EB 92 23.05 -9.32 -39.55
CA VAL EB 92 23.86 -8.79 -38.46
C VAL EB 92 23.66 -7.29 -38.32
N TYR EB 93 23.67 -6.57 -39.44
CA TYR EB 93 23.45 -5.13 -39.43
C TYR EB 93 22.07 -4.77 -38.89
N ARG EB 94 21.04 -5.51 -39.31
CA ARG EB 94 19.69 -5.21 -38.84
C ARG EB 94 19.57 -5.46 -37.34
N ALA EB 95 20.13 -6.57 -36.85
CA ALA EB 95 20.09 -6.84 -35.42
C ALA EB 95 20.84 -5.77 -34.63
N CYS EB 96 22.00 -5.36 -35.12
CA CYS EB 96 22.78 -4.32 -34.44
C CYS EB 96 22.02 -3.01 -34.41
N LEU EB 97 21.37 -2.65 -35.52
CA LEU EB 97 20.59 -1.41 -35.56
C LEU EB 97 19.42 -1.48 -34.59
N ALA EB 98 18.74 -2.62 -34.54
CA ALA EB 98 17.63 -2.79 -33.60
C ALA EB 98 18.11 -2.66 -32.16
N GLY EB 99 19.30 -3.19 -31.87
CA GLY EB 99 19.86 -3.00 -30.54
C GLY EB 99 20.20 -1.56 -30.25
N VAL EB 100 20.68 -0.83 -31.26
CA VAL EB 100 20.96 0.59 -31.08
C VAL EB 100 19.69 1.37 -30.78
N ARG EB 101 18.59 1.04 -31.47
CA ARG EB 101 17.34 1.76 -31.27
C ARG EB 101 16.83 1.63 -29.84
N ARG EB 102 17.13 0.52 -29.17
CA ARG EB 102 16.57 0.21 -27.86
C ARG EB 102 17.48 0.63 -26.72
N GLN EB 103 18.42 1.54 -26.96
CA GLN EB 103 19.38 1.96 -25.95
C GLN EB 103 18.96 3.33 -25.43
N LYS EB 104 18.12 3.33 -24.40
CA LYS EB 104 17.84 4.57 -23.68
C LYS EB 104 19.08 5.03 -22.93
N PHE EB 105 19.32 6.33 -22.92
CA PHE EB 105 20.50 6.91 -22.27
C PHE EB 105 21.79 6.39 -22.90
N PRO FB 27 -53.56 -7.80 -25.52
CA PRO FB 27 -54.94 -7.88 -26.02
C PRO FB 27 -55.31 -9.28 -26.49
N LEU FB 28 -55.81 -9.38 -27.72
CA LEU FB 28 -56.20 -10.68 -28.27
C LEU FB 28 -54.99 -11.49 -28.74
N LYS FB 29 -53.90 -10.84 -29.12
CA LYS FB 29 -52.75 -11.50 -29.73
C LYS FB 29 -51.66 -11.70 -28.69
N PHE FB 30 -51.77 -12.79 -27.94
CA PHE FB 30 -50.67 -13.28 -27.10
C PHE FB 30 -50.42 -14.77 -27.24
N TRP FB 31 -51.39 -15.54 -27.75
CA TRP FB 31 -51.12 -16.93 -28.10
C TRP FB 31 -50.01 -17.02 -29.13
N TRP FB 32 -49.85 -15.99 -29.95
CA TRP FB 32 -48.69 -15.92 -30.84
C TRP FB 32 -47.40 -15.85 -30.04
N GLY FB 33 -47.38 -15.06 -28.97
CA GLY FB 33 -46.23 -15.04 -28.08
C GLY FB 33 -46.03 -16.33 -27.31
N LEU FB 34 -47.08 -17.16 -27.22
CA LEU FB 34 -46.93 -18.46 -26.58
C LEU FB 34 -46.12 -19.45 -27.40
N ASN FB 35 -45.73 -19.10 -28.63
CA ASN FB 35 -45.01 -20.02 -29.51
C ASN FB 35 -43.63 -20.38 -28.99
N LYS FB 36 -43.08 -19.66 -28.01
CA LYS FB 36 -41.73 -19.94 -27.56
C LYS FB 36 -41.61 -21.28 -26.86
N PHE FB 37 -42.70 -21.82 -26.32
CA PHE FB 37 -42.64 -23.11 -25.64
C PHE FB 37 -42.51 -24.23 -26.66
N GLU FB 38 -41.62 -25.18 -26.35
CA GLU FB 38 -41.35 -26.28 -27.28
C GLU FB 38 -42.56 -27.17 -27.46
N THR FB 39 -43.43 -27.26 -26.44
CA THR FB 39 -44.64 -28.07 -26.57
C THR FB 39 -45.58 -27.49 -27.62
N ILE FB 40 -45.74 -26.17 -27.64
CA ILE FB 40 -46.58 -25.53 -28.65
C ILE FB 40 -46.00 -25.73 -30.04
N GLN FB 41 -44.67 -25.62 -30.16
CA GLN FB 41 -44.03 -25.88 -31.45
C GLN FB 41 -44.25 -27.31 -31.89
N GLY FB 42 -44.18 -28.27 -30.96
CA GLY FB 42 -44.46 -29.65 -31.31
C GLY FB 42 -45.90 -29.85 -31.74
N ILE FB 43 -46.84 -29.19 -31.07
CA ILE FB 43 -48.24 -29.27 -31.47
C ILE FB 43 -48.42 -28.75 -32.89
N HIS FB 44 -47.81 -27.61 -33.18
CA HIS FB 44 -47.89 -27.03 -34.52
C HIS FB 44 -47.27 -27.96 -35.56
N SER FB 45 -46.15 -28.59 -35.21
CA SER FB 45 -45.51 -29.52 -36.15
C SER FB 45 -46.40 -30.73 -36.40
N ILE FB 46 -47.04 -31.27 -35.36
CA ILE FB 46 -47.94 -32.40 -35.53
C ILE FB 46 -49.10 -32.03 -36.45
N LEU FB 47 -49.71 -30.86 -36.19
CA LEU FB 47 -50.84 -30.43 -37.01
C LEU FB 47 -50.41 -30.20 -38.46
N GLY FB 48 -49.25 -29.58 -38.66
CA GLY FB 48 -48.77 -29.32 -40.01
C GLY FB 48 -48.47 -30.60 -40.77
N ASN FB 49 -47.84 -31.57 -40.11
CA ASN FB 49 -47.54 -32.83 -40.77
C ASN FB 49 -48.82 -33.61 -41.07
N ALA FB 50 -49.79 -33.58 -40.16
CA ALA FB 50 -51.06 -34.24 -40.43
C ALA FB 50 -51.77 -33.60 -41.62
N ALA FB 51 -51.76 -32.27 -41.69
CA ALA FB 51 -52.36 -31.59 -42.83
C ALA FB 51 -51.60 -31.89 -44.12
N ASP FB 52 -50.28 -32.00 -44.05
CA ASP FB 52 -49.49 -32.39 -45.21
C ASP FB 52 -49.87 -33.79 -45.69
N LEU FB 53 -50.07 -34.71 -44.76
CA LEU FB 53 -50.52 -36.05 -45.13
C LEU FB 53 -51.89 -36.00 -45.79
N VAL FB 54 -52.81 -35.19 -45.23
CA VAL FB 54 -54.13 -35.06 -45.82
C VAL FB 54 -54.05 -34.53 -47.24
N VAL FB 55 -53.22 -33.50 -47.45
CA VAL FB 55 -53.05 -32.94 -48.79
C VAL FB 55 -52.44 -33.97 -49.74
N SER FB 56 -51.42 -34.69 -49.28
CA SER FB 56 -50.75 -35.67 -50.14
C SER FB 56 -51.72 -36.78 -50.56
N THR FB 57 -52.56 -37.24 -49.63
CA THR FB 57 -53.58 -38.23 -50.00
C THR FB 57 -54.63 -37.64 -50.93
N LEU FB 58 -54.81 -36.32 -50.94
CA LEU FB 58 -55.78 -35.67 -51.80
C LEU FB 58 -55.13 -35.04 -53.03
N SER FB 59 -53.87 -35.38 -53.32
CA SER FB 59 -53.18 -34.81 -54.47
C SER FB 59 -53.75 -35.28 -55.80
N PHE FB 60 -54.57 -36.33 -55.81
CA PHE FB 60 -55.16 -36.79 -57.06
C PHE FB 60 -56.14 -35.77 -57.63
N ILE FB 61 -56.79 -34.99 -56.77
CA ILE FB 61 -57.67 -33.92 -57.24
C ILE FB 61 -56.82 -32.85 -57.93
N PRO FB 62 -57.15 -32.45 -59.15
CA PRO FB 62 -56.39 -31.37 -59.81
C PRO FB 62 -56.54 -30.05 -59.07
N GLY FB 63 -55.48 -29.26 -59.10
CA GLY FB 63 -55.46 -27.95 -58.50
C GLY FB 63 -54.70 -27.84 -57.19
N VAL FB 64 -54.42 -28.97 -56.54
CA VAL FB 64 -53.66 -28.98 -55.30
C VAL FB 64 -52.25 -29.47 -55.59
N GLN FB 65 -51.25 -28.72 -55.14
CA GLN FB 65 -49.87 -29.04 -55.49
C GLN FB 65 -49.39 -30.32 -54.80
N GLY FB 66 -49.76 -30.50 -53.54
CA GLY FB 66 -49.22 -31.60 -52.77
C GLY FB 66 -47.93 -31.22 -52.09
N ARG FB 67 -47.30 -32.22 -51.48
CA ARG FB 67 -46.04 -32.04 -50.77
C ARG FB 67 -44.95 -32.82 -51.47
N ASN FB 68 -43.80 -32.17 -51.68
CA ASN FB 68 -42.65 -32.78 -52.31
C ASN FB 68 -41.51 -32.87 -51.30
N ASN FB 69 -40.97 -34.09 -51.12
CA ASN FB 69 -39.90 -34.32 -50.17
C ASN FB 69 -38.52 -34.22 -50.79
N ALA FB 70 -38.43 -33.95 -52.10
CA ALA FB 70 -37.16 -33.82 -52.78
C ALA FB 70 -36.76 -32.36 -52.99
N SER FB 71 -37.50 -31.41 -52.42
CA SER FB 71 -37.23 -29.99 -52.57
C SER FB 71 -36.62 -29.46 -51.29
N TYR FB 72 -35.48 -28.76 -51.42
CA TYR FB 72 -34.82 -28.21 -50.25
C TYR FB 72 -35.65 -27.10 -49.60
N ILE FB 73 -36.31 -26.28 -50.41
CA ILE FB 73 -36.99 -25.10 -49.88
C ILE FB 73 -38.10 -25.51 -48.92
N GLU FB 74 -38.91 -26.50 -49.32
CA GLU FB 74 -40.03 -26.90 -48.49
C GLU FB 74 -39.55 -27.44 -47.15
N ASN FB 75 -38.56 -28.33 -47.18
CA ASN FB 75 -38.04 -28.91 -45.94
C ASN FB 75 -37.42 -27.84 -45.06
N SER FB 76 -36.65 -26.92 -45.65
CA SER FB 76 -35.99 -25.88 -44.87
C SER FB 76 -37.01 -24.96 -44.22
N ILE FB 77 -38.08 -24.61 -44.94
CA ILE FB 77 -39.13 -23.79 -44.35
C ILE FB 77 -39.82 -24.54 -43.22
N ARG FB 78 -40.09 -25.83 -43.42
CA ARG FB 78 -40.78 -26.60 -42.39
C ARG FB 78 -39.96 -26.72 -41.11
N VAL FB 79 -38.68 -27.06 -41.24
CA VAL FB 79 -37.89 -27.41 -40.06
C VAL FB 79 -37.25 -26.21 -39.38
N THR FB 80 -37.17 -25.06 -40.05
CA THR FB 80 -36.53 -23.88 -39.48
C THR FB 80 -37.52 -22.78 -39.14
N ARG FB 81 -38.82 -23.09 -39.09
CA ARG FB 81 -39.81 -22.08 -38.81
C ARG FB 81 -39.66 -21.53 -37.39
N PHE FB 82 -39.43 -22.41 -36.42
CA PHE FB 82 -39.26 -22.00 -35.03
C PHE FB 82 -37.79 -21.96 -34.61
N ARG FB 83 -36.87 -22.17 -35.54
CA ARG FB 83 -35.45 -22.08 -35.23
C ARG FB 83 -35.08 -20.63 -34.91
N GLY FB 84 -34.29 -20.47 -33.85
CA GLY FB 84 -33.85 -19.14 -33.46
C GLY FB 84 -34.94 -18.25 -32.91
N PHE FB 85 -36.02 -18.83 -32.39
CA PHE FB 85 -37.11 -18.03 -31.85
C PHE FB 85 -36.67 -17.32 -30.58
N ASP FB 86 -37.09 -16.07 -30.44
CA ASP FB 86 -36.78 -15.29 -29.25
C ASP FB 86 -38.00 -14.53 -28.75
N UNK GB 1 43.60 45.52 -12.41
CA UNK GB 1 42.43 45.27 -11.56
C UNK GB 1 42.46 43.84 -11.02
N UNK GB 2 41.72 43.61 -9.93
CA UNK GB 2 41.65 42.31 -9.30
C UNK GB 2 40.27 42.15 -8.66
N UNK GB 3 40.14 41.15 -7.80
CA UNK GB 3 38.86 40.85 -7.17
C UNK GB 3 38.67 41.72 -5.93
N UNK GB 4 37.64 42.56 -5.95
CA UNK GB 4 37.29 43.37 -4.79
C UNK GB 4 36.27 42.63 -3.94
N UNK GB 5 36.53 42.54 -2.65
CA UNK GB 5 35.67 41.79 -1.74
C UNK GB 5 34.38 42.56 -1.48
N UNK GB 6 33.40 41.84 -0.94
CA UNK GB 6 32.10 42.45 -0.65
C UNK GB 6 32.24 43.53 0.41
N UNK GB 7 31.56 44.65 0.19
CA UNK GB 7 31.66 45.78 1.12
C UNK GB 7 31.10 45.43 2.49
N UNK GB 8 29.96 44.72 2.51
CA UNK GB 8 29.35 44.35 3.80
C UNK GB 8 30.27 43.46 4.61
N UNK GB 9 30.86 42.45 3.96
CA UNK GB 9 31.81 41.57 4.66
C UNK GB 9 33.02 42.35 5.15
N UNK GB 10 33.51 43.29 4.33
CA UNK GB 10 34.66 44.10 4.74
C UNK GB 10 34.33 44.93 5.97
N UNK GB 11 33.15 45.56 5.99
CA UNK GB 11 32.77 46.38 7.15
C UNK GB 11 32.60 45.52 8.40
N UNK GB 12 31.94 44.36 8.27
CA UNK GB 12 31.77 43.49 9.42
C UNK GB 12 33.10 43.00 9.95
N UNK GB 13 34.02 42.62 9.05
CA UNK GB 13 35.34 42.18 9.47
C UNK GB 13 36.11 43.32 10.14
N UNK GB 14 35.94 44.54 9.65
CA UNK GB 14 36.62 45.68 10.27
C UNK GB 14 36.13 45.89 11.70
N UNK GB 15 34.82 45.84 11.90
CA UNK GB 15 34.28 45.96 13.26
C UNK GB 15 34.77 44.84 14.17
N UNK GB 16 34.75 43.61 13.66
CA UNK GB 16 35.22 42.48 14.45
C UNK GB 16 36.70 42.61 14.80
N UNK GB 17 37.50 43.09 13.85
CA UNK GB 17 38.93 43.24 14.10
C UNK GB 17 39.20 44.32 15.13
N UNK GB 18 38.47 45.44 15.07
CA UNK GB 18 38.65 46.48 16.07
C UNK GB 18 38.32 45.95 17.47
N UNK GB 19 37.17 45.26 17.59
CA UNK GB 19 36.80 44.68 18.88
C UNK GB 19 37.83 43.67 19.34
N UNK GB 20 38.32 42.82 18.43
CA UNK GB 20 39.28 41.79 18.80
C UNK GB 20 40.59 42.39 19.28
N UNK GB 21 41.08 43.44 18.62
CA UNK GB 21 42.34 44.06 19.04
C UNK GB 21 42.19 44.71 20.41
N UNK GB 22 41.10 45.46 20.62
CA UNK GB 22 40.90 46.07 21.92
C UNK GB 22 40.80 45.02 23.02
N UNK GB 23 40.04 43.95 22.76
CA UNK GB 23 39.90 42.89 23.75
C UNK GB 23 41.21 42.15 23.98
N UNK GB 24 42.05 42.01 22.94
CA UNK GB 24 43.34 41.37 23.12
C UNK GB 24 44.23 42.17 24.05
N UNK GB 25 44.27 43.49 23.88
CA UNK GB 25 45.06 44.32 24.78
C UNK GB 25 44.53 44.24 26.22
N UNK GB 26 43.21 44.38 26.37
CA UNK GB 26 42.62 44.31 27.71
C UNK GB 26 42.85 42.95 28.35
N UNK GB 27 42.77 41.88 27.56
CA UNK GB 27 42.97 40.54 28.08
C UNK GB 27 44.42 40.28 28.44
N UNK GB 28 45.37 40.87 27.71
CA UNK GB 28 46.77 40.77 28.11
C UNK GB 28 46.98 41.42 29.47
N UNK GB 29 46.42 42.62 29.66
CA UNK GB 29 46.56 43.27 30.96
C UNK GB 29 45.91 42.45 32.08
N UNK GB 30 44.69 41.95 31.81
CA UNK GB 30 43.98 41.15 32.80
C UNK GB 30 44.72 39.85 33.10
N UNK GB 31 45.37 39.26 32.10
CA UNK GB 31 46.12 38.03 32.32
C UNK GB 31 47.36 38.28 33.16
N UNK GB 32 48.05 39.39 32.93
CA UNK GB 32 49.17 39.74 33.80
C UNK GB 32 48.70 39.92 35.24
N UNK GB 33 47.58 40.63 35.42
CA UNK GB 33 47.05 40.82 36.77
C UNK GB 33 46.65 39.49 37.40
N UNK GB 34 46.04 38.59 36.62
CA UNK GB 34 45.62 37.30 37.15
C UNK GB 34 46.81 36.43 37.51
N UNK GB 35 47.88 36.48 36.70
CA UNK GB 35 49.09 35.74 37.06
C UNK GB 35 49.67 36.26 38.35
N UNK GB 36 49.72 37.59 38.52
CA UNK GB 36 50.23 38.15 39.78
C UNK GB 36 49.38 37.71 40.96
N UNK GB 37 48.05 37.78 40.82
CA UNK GB 37 47.16 37.40 41.91
C UNK GB 37 47.28 35.92 42.25
N UNK GB 38 47.35 35.06 41.24
CA UNK GB 38 47.48 33.63 41.48
C UNK GB 38 48.82 33.31 42.14
N UNK GB 39 49.89 33.96 41.71
CA UNK GB 39 51.18 33.75 42.36
C UNK GB 39 51.14 34.18 43.82
N UNK GB 40 50.51 35.32 44.10
CA UNK GB 40 50.41 35.78 45.48
C UNK GB 40 49.60 34.81 46.33
N UNK GB 41 48.47 34.33 45.79
CA UNK GB 41 47.64 33.39 46.55
C UNK GB 41 48.36 32.07 46.78
N UNK GB 42 49.09 31.58 45.78
CA UNK GB 42 49.80 30.31 45.93
C UNK GB 42 50.97 30.44 46.91
N UNK GB 43 51.65 31.59 46.91
CA UNK GB 43 52.77 31.76 47.83
C UNK GB 43 52.31 31.98 49.25
N UNK GB 44 51.26 32.78 49.45
CA UNK GB 44 50.84 33.15 50.80
C UNK GB 44 50.13 32.00 51.52
N UNK GB 45 49.23 31.30 50.83
CA UNK GB 45 48.32 30.37 51.49
C UNK GB 45 48.45 28.92 51.06
N UNK GB 46 49.06 28.64 49.91
CA UNK GB 46 49.18 27.28 49.42
C UNK GB 46 50.58 26.73 49.69
N UNK GB 47 50.65 25.44 50.02
CA UNK GB 47 51.91 24.76 50.31
C UNK GB 47 52.22 23.83 49.14
N UNK GB 48 53.09 24.29 48.25
CA UNK GB 48 53.45 23.53 47.06
C UNK GB 48 54.83 23.96 46.59
N UNK GB 49 55.40 23.17 45.69
CA UNK GB 49 56.68 23.51 45.11
C UNK GB 49 56.55 24.73 44.20
N UNK GB 50 57.69 25.39 43.95
CA UNK GB 50 57.66 26.60 43.13
C UNK GB 50 57.24 26.30 41.70
N UNK GB 51 57.65 25.15 41.16
CA UNK GB 51 57.27 24.80 39.80
C UNK GB 51 55.76 24.64 39.67
N UNK GB 52 55.14 23.95 40.63
CA UNK GB 52 53.69 23.78 40.61
C UNK GB 52 52.98 25.12 40.77
N UNK GB 53 53.48 25.98 41.64
CA UNK GB 53 52.87 27.29 41.83
C UNK GB 53 52.96 28.12 40.54
N UNK GB 54 54.11 28.10 39.88
CA UNK GB 54 54.26 28.85 38.64
C UNK GB 54 53.35 28.31 37.54
N UNK GB 55 53.27 26.97 37.42
CA UNK GB 55 52.39 26.39 36.41
C UNK GB 55 50.93 26.74 36.67
N UNK GB 56 50.50 26.65 37.94
CA UNK GB 56 49.13 26.99 38.28
C UNK GB 56 48.84 28.46 38.01
N UNK GB 57 49.80 29.35 38.34
CA UNK GB 57 49.61 30.77 38.08
C UNK GB 57 49.48 31.05 36.58
N UNK GB 58 50.34 30.41 35.78
CA UNK GB 58 50.25 30.60 34.33
C UNK GB 58 48.93 30.09 33.78
N UNK GB 59 48.47 28.93 34.26
CA UNK GB 59 47.19 28.40 33.79
C UNK GB 59 46.04 29.32 34.19
N UNK GB 60 46.08 29.85 35.41
CA UNK GB 60 45.03 30.78 35.84
C UNK GB 60 45.04 32.05 35.02
N UNK GB 61 46.22 32.58 34.72
CA UNK GB 61 46.30 33.78 33.88
C UNK GB 61 45.75 33.51 32.48
N UNK GB 62 46.10 32.36 31.90
CA UNK GB 62 45.57 32.02 30.58
C UNK GB 62 44.06 31.87 30.62
N UNK GB 63 43.53 31.24 31.66
CA UNK GB 63 42.08 31.07 31.78
C UNK GB 63 41.38 32.41 31.91
N UNK GB 64 41.94 33.32 32.72
CA UNK GB 64 41.33 34.64 32.88
C UNK GB 64 41.37 35.42 31.57
N UNK GB 65 42.49 35.38 30.85
CA UNK GB 65 42.58 36.06 29.57
C UNK GB 65 41.59 35.49 28.56
N UNK GB 66 41.48 34.15 28.51
CA UNK GB 66 40.55 33.53 27.58
C UNK GB 66 39.11 33.91 27.90
N UNK GB 67 38.76 33.92 29.19
CA UNK GB 67 37.40 34.30 29.56
C UNK GB 67 37.13 35.76 29.22
N UNK GB 68 38.13 36.63 29.42
CA UNK GB 68 37.93 38.05 29.14
C UNK GB 68 37.69 38.31 27.65
N UNK GB 69 38.43 37.63 26.78
CA UNK GB 69 38.38 37.88 25.35
C UNK GB 69 37.64 36.80 24.58
N UNK GB 70 36.91 35.91 25.26
CA UNK GB 70 36.24 34.82 24.56
C UNK GB 70 35.19 35.35 23.58
N UNK GB 71 34.39 36.32 24.01
CA UNK GB 71 33.32 36.82 23.15
C UNK GB 71 33.87 37.48 21.89
N UNK GB 72 34.86 38.36 22.05
CA UNK GB 72 35.44 39.03 20.90
C UNK GB 72 36.16 38.05 19.99
N UNK GB 73 36.90 37.10 20.57
CA UNK GB 73 37.59 36.12 19.75
C UNK GB 73 36.61 35.27 18.96
N UNK GB 74 35.53 34.82 19.60
CA UNK GB 74 34.54 34.01 18.90
C UNK GB 74 33.84 34.81 17.81
N UNK GB 75 33.49 36.06 18.08
CA UNK GB 75 32.83 36.88 17.06
C UNK GB 75 33.74 37.12 15.87
N UNK GB 76 35.02 37.43 16.13
CA UNK GB 76 35.96 37.62 15.04
C UNK GB 76 36.15 36.34 14.25
N UNK GB 77 36.23 35.20 14.93
CA UNK GB 77 36.37 33.92 14.24
C UNK GB 77 35.17 33.63 13.36
N UNK GB 78 33.96 33.87 13.86
CA UNK GB 78 32.76 33.60 13.07
C UNK GB 78 32.68 34.52 11.85
N UNK GB 79 32.93 35.81 12.04
CA UNK GB 79 32.88 36.74 10.92
C UNK GB 79 33.95 36.41 9.89
N UNK GB 80 35.16 36.08 10.35
CA UNK GB 80 36.23 35.71 9.43
C UNK GB 80 35.90 34.44 8.67
N UNK GB 81 35.32 33.45 9.35
CA UNK GB 81 34.95 32.22 8.67
C UNK GB 81 33.90 32.47 7.59
N UNK GB 82 32.88 33.27 7.91
CA UNK GB 82 31.84 33.57 6.92
C UNK GB 82 32.43 34.31 5.73
N UNK GB 83 33.25 35.34 5.99
CA UNK GB 83 33.83 36.13 4.92
C UNK GB 83 34.77 35.30 4.06
N UNK GB 84 35.60 34.47 4.70
CA UNK GB 84 36.53 33.63 3.95
C UNK GB 84 35.80 32.60 3.11
N UNK GB 85 34.74 32.00 3.66
CA UNK GB 85 33.96 31.04 2.87
C UNK GB 85 33.31 31.71 1.66
N UNK GB 86 32.73 32.89 1.87
CA UNK GB 86 32.11 33.59 0.74
C UNK GB 86 33.13 33.97 -0.31
N UNK GB 87 34.29 34.49 0.11
CA UNK GB 87 35.32 34.89 -0.84
C UNK GB 87 35.87 33.68 -1.59
N UNK GB 88 36.11 32.57 -0.88
CA UNK GB 88 36.61 31.37 -1.54
C UNK GB 88 35.61 30.83 -2.55
N UNK GB 89 34.33 30.82 -2.20
CA UNK GB 89 33.32 30.35 -3.14
C UNK GB 89 33.26 31.24 -4.36
N UNK GB 90 33.31 32.56 -4.17
CA UNK GB 90 33.26 33.47 -5.32
C UNK GB 90 34.48 33.31 -6.22
N UNK GB 91 35.68 33.21 -5.62
CA UNK GB 91 36.89 33.05 -6.41
C UNK GB 91 36.89 31.74 -7.17
N UNK GB 92 36.43 30.65 -6.53
CA UNK GB 92 36.34 29.37 -7.22
C UNK GB 92 35.32 29.43 -8.36
N UNK GB 93 34.21 30.12 -8.14
CA UNK GB 93 33.20 30.26 -9.20
C UNK GB 93 33.74 31.03 -10.39
N UNK GB 94 34.52 32.08 -10.12
CA UNK GB 94 35.01 32.93 -11.20
C UNK GB 94 36.23 32.36 -11.90
N UNK GB 95 36.77 31.22 -11.45
CA UNK GB 95 37.96 30.63 -12.04
C UNK GB 95 37.81 29.12 -12.18
N UNK GB 96 36.64 28.67 -12.66
CA UNK GB 96 36.35 27.25 -12.77
C UNK GB 96 36.67 26.76 -14.18
N UNK GB 97 37.97 26.54 -14.40
CA UNK GB 97 38.48 25.96 -15.65
C UNK GB 97 38.08 26.78 -16.87
N UNK GB 98 38.05 28.10 -16.72
CA UNK GB 98 37.73 29.00 -17.81
C UNK GB 98 38.10 30.44 -17.45
N TYR HB 160 104.66 -5.56 77.43
CA TYR HB 160 104.59 -4.27 78.12
C TYR HB 160 103.14 -3.83 78.29
N PHE HB 161 102.24 -4.48 77.55
CA PHE HB 161 100.82 -4.14 77.64
C PHE HB 161 100.28 -4.43 79.04
N HIS HB 162 100.65 -5.58 79.61
CA HIS HB 162 100.20 -5.91 80.96
C HIS HB 162 100.74 -4.91 81.98
N SER HB 163 102.01 -4.53 81.84
CA SER HB 163 102.59 -3.55 82.76
C SER HB 163 101.89 -2.21 82.63
N ASP HB 164 101.59 -1.79 81.41
CA ASP HB 164 100.88 -0.52 81.21
C ASP HB 164 99.48 -0.58 81.81
N ALA HB 165 98.78 -1.70 81.63
CA ALA HB 165 97.46 -1.85 82.22
C ALA HB 165 97.52 -1.81 83.74
N GLN HB 166 98.52 -2.46 84.33
CA GLN HB 166 98.69 -2.43 85.78
C GLN HB 166 98.99 -1.01 86.26
N ILE HB 167 99.84 -0.28 85.54
CA ILE HB 167 100.14 1.10 85.92
C ILE HB 167 98.92 2.00 85.76
N ILE HB 168 98.03 1.68 84.83
CA ILE HB 168 96.83 2.48 84.64
C ILE HB 168 95.93 2.41 85.87
N CYS HB 169 95.83 1.24 86.49
CA CYS HB 169 95.01 1.10 87.70
C CYS HB 169 95.57 1.94 88.83
N LYS HB 170 96.89 1.97 88.98
CA LYS HB 170 97.53 2.78 90.03
C LYS HB 170 97.60 4.23 89.56
N PRO HB 171 98.33 5.06 90.32
CA PRO HB 171 98.48 6.45 89.96
C PRO HB 171 99.23 6.57 88.63
N HIS HB 172 98.72 7.44 87.76
CA HIS HB 172 99.24 7.59 86.41
C HIS HB 172 99.77 8.99 86.19
N TYR HB 173 100.66 9.11 85.21
CA TYR HB 173 101.30 10.34 84.73
C TYR HB 173 102.29 10.92 85.73
N CYS HB 174 102.45 10.33 86.91
CA CYS HB 174 103.44 10.80 87.89
C CYS HB 174 104.15 9.58 88.46
N ILE HB 175 105.23 9.17 87.78
CA ILE HB 175 106.03 8.02 88.18
C ILE HB 175 107.28 7.99 87.31
N TYR HB 176 108.15 7.02 87.57
CA TYR HB 176 109.35 6.80 86.77
C TYR HB 176 109.32 5.47 86.03
N PHE HB 177 108.97 4.38 86.73
CA PHE HB 177 108.83 3.09 86.05
C PHE HB 177 107.72 3.12 85.02
N GLN HB 178 106.61 3.79 85.34
CA GLN HB 178 105.53 3.94 84.37
C GLN HB 178 105.99 4.73 83.15
N ASP HB 179 106.78 5.79 83.37
CA ASP HB 179 107.29 6.58 82.25
C ASP HB 179 108.23 5.75 81.38
N LYS HB 180 109.10 4.95 82.01
CA LYS HB 180 109.98 4.07 81.25
C LYS HB 180 109.20 3.05 80.44
N GLN HB 181 108.17 2.47 81.04
CA GLN HB 181 107.34 1.50 80.32
C GLN HB 181 106.62 2.16 79.16
N ILE HB 182 106.12 3.39 79.36
CA ILE HB 182 105.46 4.12 78.28
C ILE HB 182 106.43 4.43 77.15
N THR HB 183 107.65 4.83 77.49
CA THR HB 183 108.66 5.08 76.46
C THR HB 183 108.99 3.81 75.69
N CYS HB 184 109.13 2.69 76.39
CA CYS HB 184 109.41 1.42 75.71
C CYS HB 184 108.25 1.02 74.79
N VAL HB 185 107.01 1.21 75.25
CA VAL HB 185 105.86 0.88 74.43
C VAL HB 185 105.79 1.78 73.19
N LYS HB 186 106.07 3.08 73.36
CA LYS HB 186 106.08 3.99 72.22
C LYS HB 186 107.17 3.61 71.23
N MET HB 187 108.33 3.17 71.73
CA MET HB 187 109.37 2.67 70.84
C MET HB 187 108.91 1.43 70.09
N ASP HB 188 108.20 0.53 70.78
CA ASP HB 188 107.67 -0.67 70.13
C ASP HB 188 106.55 -0.34 69.15
N HIS HB 189 105.87 0.78 69.34
CA HIS HB 189 104.81 1.25 68.42
C HIS HB 189 103.70 0.22 68.27
N SER HB 190 103.02 -0.03 69.39
CA SER HB 190 101.87 -0.92 69.36
C SER HB 190 100.70 -0.27 68.63
N ILE HB 191 99.80 -1.10 68.10
CA ILE HB 191 98.68 -0.60 67.32
C ILE HB 191 97.57 -0.04 68.20
N HIS HB 192 97.00 -0.89 69.06
CA HIS HB 192 95.91 -0.47 69.93
C HIS HB 192 96.27 -0.47 71.40
N PRO HB 193 97.19 -1.35 71.83
CA PRO HB 193 97.61 -1.36 73.23
C PRO HB 193 98.27 -0.06 73.62
N GLN HB 194 99.10 0.50 72.72
CA GLN HB 194 99.73 1.79 73.00
C GLN HB 194 98.70 2.89 73.14
N ILE HB 195 97.69 2.90 72.26
CA ILE HB 195 96.64 3.91 72.33
C ILE HB 195 95.85 3.78 73.64
N ILE HB 196 95.52 2.55 74.03
CA ILE HB 196 94.79 2.35 75.29
C ILE HB 196 95.62 2.78 76.48
N GLY HB 197 96.91 2.46 76.48
CA GLY HB 197 97.78 2.87 77.58
C GLY HB 197 97.91 4.39 77.65
N LYS HB 198 98.02 5.05 76.49
CA LYS HB 198 98.11 6.50 76.48
C LYS HB 198 96.81 7.13 76.98
N ASP HB 199 95.67 6.57 76.57
CA ASP HB 199 94.39 7.09 77.03
C ASP HB 199 94.21 6.92 78.54
N SER HB 200 94.61 5.77 79.08
CA SER HB 200 94.42 5.51 80.50
C SER HB 200 95.40 6.31 81.35
N ASP HB 201 96.66 6.41 80.92
CA ASP HB 201 97.67 7.09 81.71
C ASP HB 201 97.43 8.60 81.73
N GLY HB 202 96.98 9.17 80.61
CA GLY HB 202 96.75 10.60 80.52
C GLY HB 202 95.40 11.04 81.07
N ILE HB 203 94.58 10.09 81.55
CA ILE HB 203 93.31 10.46 82.15
C ILE HB 203 93.52 11.22 83.47
N CYS HB 204 94.51 10.80 84.26
CA CYS HB 204 94.76 11.45 85.54
C CYS HB 204 95.23 12.89 85.36
N ILE HB 205 96.15 13.12 84.44
CA ILE HB 205 96.68 14.45 84.16
C ILE HB 205 95.96 15.01 82.94
N PHE HB 206 95.06 15.98 83.18
CA PHE HB 206 94.21 16.56 82.15
C PHE HB 206 93.31 15.52 81.51
N GLN HB 207 92.45 15.94 80.58
CA GLN HB 207 91.53 15.01 79.93
C GLN HB 207 91.41 15.19 78.42
N LYS HB 208 91.88 16.30 77.85
CA LYS HB 208 91.68 16.53 76.42
C LYS HB 208 92.43 15.50 75.58
N VAL HB 209 93.72 15.32 75.84
CA VAL HB 209 94.51 14.40 75.05
C VAL HB 209 94.05 12.95 75.24
N GLU HB 210 93.78 12.56 76.49
CA GLU HB 210 93.36 11.19 76.76
C GLU HB 210 92.02 10.87 76.10
N LYS HB 211 91.05 11.79 76.23
CA LYS HB 211 89.76 11.56 75.61
C LYS HB 211 89.84 11.58 74.09
N GLN HB 212 90.67 12.46 73.54
CA GLN HB 212 90.86 12.48 72.09
C GLN HB 212 91.46 11.18 71.59
N ASP HB 213 92.46 10.66 72.31
CA ASP HB 213 93.06 9.38 71.92
C ASP HB 213 92.06 8.24 72.04
N PHE HB 214 91.25 8.24 73.11
CA PHE HB 214 90.26 7.19 73.29
C PHE HB 214 89.20 7.23 72.19
N TYR HB 215 88.72 8.43 71.84
CA TYR HB 215 87.74 8.55 70.76
C TYR HB 215 88.34 8.15 69.42
N LEU HB 216 89.58 8.56 69.15
CA LEU HB 216 90.23 8.15 67.91
C LEU HB 216 90.45 6.64 67.89
N LYS HB 217 90.85 6.06 69.02
CA LYS HB 217 91.03 4.61 69.08
C LYS HB 217 89.70 3.86 69.08
N TYR HB 218 88.59 4.55 69.36
CA TYR HB 218 87.28 3.91 69.28
C TYR HB 218 86.98 3.46 67.84
N ARG HB 219 87.36 4.28 66.87
CA ARG HB 219 87.22 3.93 65.46
C ARG HB 219 88.40 3.11 64.95
N ASN HB 220 89.40 2.84 65.80
CA ASN HB 220 90.56 2.03 65.45
C ASN HB 220 91.32 2.64 64.26
N LEU HB 221 91.78 3.87 64.46
CA LEU HB 221 92.52 4.61 63.44
C LEU HB 221 94.00 4.34 63.60
N GLN HB 222 94.57 3.51 62.72
CA GLN HB 222 96.00 3.24 62.76
C GLN HB 222 96.80 4.43 62.25
N LEU HB 223 96.27 5.17 61.27
CA LEU HB 223 96.98 6.31 60.70
C LEU HB 223 97.06 7.45 61.71
N CYS HB 224 97.80 8.50 61.34
CA CYS HB 224 98.04 9.66 62.20
C CYS HB 224 98.65 9.23 63.54
N ALA HB 225 99.85 8.67 63.44
CA ALA HB 225 100.57 8.14 64.61
C ALA HB 225 101.33 9.21 65.38
N ASP HB 226 100.99 10.49 65.19
CA ASP HB 226 101.66 11.55 65.93
C ASP HB 226 101.36 11.50 67.42
N GLN HB 227 100.29 10.81 67.82
CA GLN HB 227 99.96 10.72 69.23
C GLN HB 227 101.00 9.96 70.03
N LYS HB 228 101.67 8.99 69.40
CA LYS HB 228 102.67 8.20 70.11
C LYS HB 228 103.82 9.06 70.61
N HIS HB 229 104.12 10.15 69.91
CA HIS HB 229 105.13 11.10 70.36
C HIS HB 229 104.56 12.29 71.11
N CYS HB 230 103.33 12.71 70.77
CA CYS HB 230 102.72 13.84 71.46
C CYS HB 230 102.38 13.50 72.91
N TYR HB 231 101.90 12.29 73.16
CA TYR HB 231 101.50 11.89 74.50
C TYR HB 231 102.69 11.78 75.46
N ASP HB 232 103.90 11.62 74.93
CA ASP HB 232 105.09 11.56 75.77
C ASP HB 232 105.38 12.93 76.32
N THR HB 233 105.32 13.07 77.65
CA THR HB 233 105.50 14.36 78.33
C THR HB 233 104.55 15.41 77.75
N SER HB 234 103.26 15.04 77.65
CA SER HB 234 102.25 15.88 77.03
C SER HB 234 101.85 17.01 77.99
N GLN HB 235 102.78 17.94 78.16
CA GLN HB 235 102.47 19.14 78.94
C GLN HB 235 101.59 20.10 78.17
N GLN HB 236 101.69 20.08 76.84
CA GLN HB 236 100.87 20.93 75.97
C GLN HB 236 100.55 20.14 74.71
N THR HB 237 100.02 20.83 73.70
CA THR HB 237 99.67 20.22 72.43
C THR HB 237 100.39 20.95 71.30
N CYS HB 238 101.00 20.18 70.41
CA CYS HB 238 101.65 20.76 69.24
C CYS HB 238 100.62 21.18 68.20
N MET HB 239 101.06 22.02 67.26
CA MET HB 239 100.18 22.47 66.21
C MET HB 239 99.72 21.31 65.33
N PRO HB 240 100.64 20.41 65.00
CA PRO HB 240 100.26 19.25 64.19
C PRO HB 240 99.27 18.36 64.90
N LEU HB 241 99.47 18.11 66.20
CA LEU HB 241 98.55 17.27 66.96
C LEU HB 241 97.17 17.92 67.06
N SER HB 242 97.13 19.23 67.32
CA SER HB 242 95.85 19.92 67.39
C SER HB 242 95.12 19.89 66.05
N ALA HB 243 95.86 20.12 64.96
CA ALA HB 243 95.25 20.07 63.64
C ALA HB 243 94.72 18.68 63.33
N SER HB 244 95.49 17.64 63.67
CA SER HB 244 95.03 16.27 63.44
C SER HB 244 93.78 15.95 64.24
N TYR HB 245 93.75 16.37 65.51
CA TYR HB 245 92.57 16.11 66.33
C TYR HB 245 91.34 16.85 65.79
N PRO HB 246 91.52 18.10 65.39
CA PRO HB 246 90.40 18.87 64.82
C PRO HB 246 89.90 18.22 63.54
N ALA HB 247 90.82 17.79 62.67
CA ALA HB 247 90.41 17.13 61.43
C ALA HB 247 89.67 15.83 61.71
N VAL HB 248 90.15 15.06 62.69
CA VAL HB 248 89.49 13.80 63.03
C VAL HB 248 88.08 14.07 63.56
N LYS HB 249 87.92 15.08 64.42
CA LYS HB 249 86.60 15.39 64.95
C LYS HB 249 85.66 15.87 63.85
N MET HB 250 86.16 16.70 62.93
CA MET HB 250 85.32 17.17 61.83
C MET HB 250 84.91 16.03 60.92
N GLY HB 251 85.83 15.13 60.59
CA GLY HB 251 85.46 13.96 59.80
C GLY HB 251 84.44 13.10 60.51
N GLY HB 252 84.61 12.91 61.82
CA GLY HB 252 83.66 12.11 62.58
C GLY HB 252 82.26 12.71 62.59
N THR HB 253 82.17 14.02 62.82
CA THR HB 253 80.85 14.65 62.83
C THR HB 253 80.22 14.63 61.44
N CYS HB 254 81.01 14.85 60.39
CA CYS HB 254 80.45 14.77 59.05
C CYS HB 254 79.90 13.38 58.76
N GLY HB 255 80.69 12.35 59.07
CA GLY HB 255 80.23 10.99 58.79
C GLY HB 255 79.01 10.59 59.61
N ASN HB 256 79.03 10.87 60.91
CA ASN HB 256 77.95 10.48 61.79
C ASN HB 256 76.83 11.50 61.86
N TYR HB 257 76.88 12.51 60.99
CA TYR HB 257 75.69 13.28 60.66
C TYR HB 257 75.09 12.86 59.32
N ASN HB 258 75.93 12.50 58.35
CA ASN HB 258 75.39 11.97 57.10
C ASN HB 258 74.72 10.63 57.30
N GLU HB 259 75.25 9.80 58.21
CA GLU HB 259 74.63 8.50 58.45
C GLU HB 259 73.21 8.58 59.01
N PRO HB 260 72.92 9.37 60.06
CA PRO HB 260 71.53 9.47 60.52
C PRO HB 260 70.59 10.06 59.50
N ILE HB 261 71.07 11.00 58.67
CA ILE HB 261 70.21 11.53 57.60
C ILE HB 261 69.82 10.44 56.63
N SER HB 262 70.77 9.55 56.30
CA SER HB 262 70.45 8.39 55.47
C SER HB 262 69.46 7.46 56.18
N ILE HB 263 69.68 7.24 57.48
CA ILE HB 263 68.79 6.34 58.22
C ILE HB 263 67.40 6.96 58.37
N SER HB 264 67.35 8.22 58.77
CA SER HB 264 66.09 8.96 58.93
C SER HB 264 66.25 10.31 58.26
N CYS HB 265 65.50 10.52 57.18
CA CYS HB 265 65.64 11.76 56.41
C CYS HB 265 65.18 12.98 57.18
N PHE HB 266 64.41 12.79 58.25
CA PHE HB 266 63.85 13.89 59.03
C PHE HB 266 64.72 14.25 60.22
N TYR HB 267 65.91 13.65 60.34
CA TYR HB 267 66.74 13.88 61.51
C TYR HB 267 67.17 15.34 61.62
N GLU HB 268 67.60 15.94 60.51
CA GLU HB 268 67.97 17.35 60.55
C GLU HB 268 66.77 18.24 60.85
N GLY HB 269 65.60 17.91 60.30
CA GLY HB 269 64.42 18.68 60.59
C GLY HB 269 64.02 18.62 62.05
N ASN HB 270 64.20 17.45 62.67
CA ASN HB 270 63.83 17.30 64.08
C ASN HB 270 64.73 18.15 64.98
N VAL HB 271 66.04 18.04 64.82
CA VAL HB 271 66.97 18.68 65.75
C VAL HB 271 66.83 20.19 65.71
N CYS HB 272 66.75 20.77 64.51
CA CYS HB 272 66.59 22.21 64.39
C CYS HB 272 65.28 22.67 65.00
N LEU HB 273 64.22 21.87 64.84
CA LEU HB 273 62.94 22.19 65.45
C LEU HB 273 62.91 21.92 66.94
N LEU HB 274 63.91 21.24 67.49
CA LEU HB 274 64.00 21.04 68.94
C LEU HB 274 64.70 22.19 69.65
N GLU HB 275 65.56 22.92 68.94
CA GLU HB 275 66.30 24.03 69.53
C GLU HB 275 65.65 25.38 69.30
N ASN HB 276 64.77 25.48 68.29
CA ASN HB 276 64.12 26.74 67.93
C ASN HB 276 62.99 27.19 68.86
N PRO HB 277 62.08 26.30 69.31
CA PRO HB 277 60.84 26.80 69.92
C PRO HB 277 61.03 27.76 71.08
N ARG HB 278 62.02 27.51 71.94
CA ARG HB 278 62.25 28.38 73.10
C ARG HB 278 63.39 29.35 72.80
N VAL HB 279 63.11 30.28 71.88
CA VAL HB 279 64.03 31.36 71.57
C VAL HB 279 63.24 32.66 71.39
N CYS HB 280 63.97 33.76 71.25
CA CYS HB 280 63.34 35.04 70.96
C CYS HB 280 63.07 35.14 69.46
N ILE HB 281 62.41 36.23 69.05
CA ILE HB 281 62.11 36.43 67.64
C ILE HB 281 63.38 36.61 66.82
N ARG HB 282 64.48 37.01 67.46
CA ARG HB 282 65.74 37.21 66.73
C ARG HB 282 66.19 35.91 66.06
N ILE HB 283 66.16 34.79 66.79
CA ILE HB 283 66.51 33.50 66.21
C ILE HB 283 65.41 33.02 65.29
N PHE HB 284 64.14 33.32 65.62
CA PHE HB 284 63.03 32.82 64.83
C PHE HB 284 63.09 33.33 63.40
N PHE HB 285 63.32 34.63 63.21
CA PHE HB 285 63.41 35.18 61.86
C PHE HB 285 64.62 34.60 61.12
N ASN HB 286 65.74 34.46 61.81
CA ASN HB 286 66.93 33.78 61.28
C ASN HB 286 67.40 34.42 59.97
N UNK IB 1 46.46 41.26 52.77
CA UNK IB 1 47.14 41.49 51.50
C UNK IB 1 48.63 41.67 51.71
N UNK IB 2 49.16 41.02 52.75
CA UNK IB 2 50.58 41.10 53.06
C UNK IB 2 51.37 40.18 52.13
N UNK IB 3 52.42 40.71 51.53
CA UNK IB 3 53.30 39.94 50.65
C UNK IB 3 54.31 39.21 51.53
N UNK IB 4 53.93 38.02 51.99
CA UNK IB 4 54.79 37.26 52.89
C UNK IB 4 56.10 36.87 52.22
N UNK IB 5 56.02 36.37 50.98
CA UNK IB 5 57.20 35.95 50.26
C UNK IB 5 57.54 36.84 49.06
N UNK IB 6 56.57 37.57 48.53
CA UNK IB 6 56.86 38.45 47.39
C UNK IB 6 57.84 39.55 47.78
N UNK IB 7 57.68 40.13 48.98
CA UNK IB 7 58.58 41.14 49.48
C UNK IB 7 59.75 40.56 50.28
N UNK IB 8 59.78 39.24 50.47
CA UNK IB 8 60.88 38.58 51.16
C UNK IB 8 61.83 37.88 50.20
N UNK IB 9 61.31 37.14 49.21
CA UNK IB 9 62.18 36.55 48.20
C UNK IB 9 62.86 37.62 47.36
N UNK IB 10 62.15 38.70 47.03
CA UNK IB 10 62.76 39.79 46.29
C UNK IB 10 63.87 40.44 47.11
N UNK IB 11 63.64 40.64 48.41
CA UNK IB 11 64.68 41.16 49.27
C UNK IB 11 65.85 40.19 49.37
N UNK IB 12 65.56 38.89 49.49
CA UNK IB 12 66.63 37.90 49.56
C UNK IB 12 67.43 37.85 48.26
N UNK IB 13 66.74 37.92 47.12
CA UNK IB 13 67.45 37.94 45.84
C UNK IB 13 68.30 39.20 45.69
N UNK IB 14 67.75 40.35 46.10
CA UNK IB 14 68.50 41.60 46.01
C UNK IB 14 69.65 41.62 47.00
N UNK IB 15 69.53 40.93 48.13
CA UNK IB 15 70.59 40.89 49.13
C UNK IB 15 71.81 40.12 48.66
N UNK IB 16 71.72 39.38 47.55
CA UNK IB 16 72.87 38.61 47.07
C UNK IB 16 74.02 39.52 46.69
N UNK IB 17 73.73 40.65 46.02
CA UNK IB 17 74.77 41.56 45.57
C UNK IB 17 74.50 43.02 45.92
N UNK IB 18 73.26 43.42 46.19
CA UNK IB 18 72.93 44.80 46.51
C UNK IB 18 72.74 44.94 48.02
N UNK IB 19 73.39 45.94 48.60
CA UNK IB 19 73.33 46.18 50.04
C UNK IB 19 72.55 47.43 50.39
N UNK IB 20 71.68 47.90 49.49
CA UNK IB 20 70.87 49.08 49.79
C UNK IB 20 69.91 48.81 50.94
N UNK IB 21 69.35 47.60 51.02
CA UNK IB 21 68.44 47.19 52.09
C UNK IB 21 67.21 48.07 52.17
N UNK IB 22 66.76 48.58 51.02
CA UNK IB 22 65.56 49.41 50.94
C UNK IB 22 64.67 48.89 49.84
N UNK IB 23 63.36 49.03 50.04
CA UNK IB 23 62.38 48.54 49.09
C UNK IB 23 61.30 49.58 48.87
N UNK IB 24 60.66 49.50 47.70
CA UNK IB 24 59.54 50.38 47.38
C UNK IB 24 58.24 49.97 48.07
N UNK IB 25 58.23 48.82 48.74
CA UNK IB 25 57.05 48.34 49.46
C UNK IB 25 57.29 48.20 50.96
N UNK IB 26 58.36 47.53 51.37
CA UNK IB 26 58.60 47.31 52.79
C UNK IB 26 58.94 48.62 53.50
N UNK IB 27 59.87 49.40 52.93
CA UNK IB 27 60.26 50.65 53.55
C UNK IB 27 59.20 51.73 53.35
N UNK IB 28 58.55 51.74 52.18
CA UNK IB 28 57.54 52.75 51.90
C UNK IB 28 56.33 52.60 52.81
N UNK IB 29 55.90 51.36 53.06
CA UNK IB 29 54.77 51.15 53.96
C UNK IB 29 55.10 51.58 55.37
N UNK IB 30 56.32 51.29 55.84
CA UNK IB 30 56.73 51.71 57.17
C UNK IB 30 56.78 53.22 57.27
N UNK IB 31 57.29 53.90 56.23
CA UNK IB 31 57.34 55.35 56.24
C UNK IB 31 55.92 55.95 56.26
N UNK IB 32 55.01 55.38 55.47
CA UNK IB 32 53.63 55.85 55.49
C UNK IB 32 52.97 55.60 56.84
N UNK IB 33 53.26 54.45 57.46
CA UNK IB 33 52.70 54.15 58.77
C UNK IB 33 53.21 55.12 59.83
N UNK IB 34 54.50 55.46 59.78
CA UNK IB 34 55.08 56.38 60.74
C UNK IB 34 55.28 57.77 60.13
N UNK JB 1 62.79 26.90 33.01
CA UNK JB 1 62.66 27.10 34.44
C UNK JB 1 61.54 28.07 34.76
N UNK JB 2 60.36 27.52 35.06
CA UNK JB 2 59.21 28.37 35.40
C UNK JB 2 59.44 29.13 36.69
N UNK JB 3 60.09 28.48 37.67
CA UNK JB 3 60.37 29.15 38.94
C UNK JB 3 61.30 30.34 38.75
N UNK JB 4 62.34 30.17 37.92
CA UNK JB 4 63.30 31.26 37.70
C UNK JB 4 62.63 32.45 37.03
N UNK JB 5 61.77 32.21 36.04
CA UNK JB 5 61.11 33.30 35.35
C UNK JB 5 60.17 34.06 36.29
N UNK JB 6 59.47 33.34 37.17
CA UNK JB 6 58.57 33.99 38.11
C UNK JB 6 59.34 34.89 39.07
N UNK JB 7 60.50 34.42 39.54
CA UNK JB 7 61.33 35.27 40.40
C UNK JB 7 61.86 36.47 39.63
N UNK JB 8 62.27 36.28 38.38
CA UNK JB 8 62.76 37.39 37.58
C UNK JB 8 61.65 38.39 37.29
N UNK JB 9 60.43 37.91 37.02
CA UNK JB 9 59.31 38.80 36.77
C UNK JB 9 58.99 39.65 37.99
N UNK JB 10 59.01 39.05 39.18
CA UNK JB 10 58.78 39.81 40.40
C UNK JB 10 59.91 40.80 40.65
N UNK JB 11 61.15 40.40 40.38
CA UNK JB 11 62.28 41.31 40.55
C UNK JB 11 62.17 42.50 39.60
N UNK JB 12 61.76 42.26 38.35
CA UNK JB 12 61.57 43.36 37.41
C UNK JB 12 60.45 44.29 37.83
N UNK JB 13 59.35 43.72 38.34
CA UNK JB 13 58.23 44.56 38.77
C UNK JB 13 58.61 45.43 39.96
N UNK JB 14 59.34 44.84 40.93
CA UNK JB 14 59.78 45.61 42.09
C UNK JB 14 60.80 46.67 41.69
N UNK JB 15 61.70 46.34 40.76
CA UNK JB 15 62.72 47.29 40.34
C UNK JB 15 62.10 48.51 39.67
N UNK JB 16 61.10 48.30 38.82
CA UNK JB 16 60.42 49.42 38.19
C UNK JB 16 59.71 50.30 39.22
N UNK JB 17 59.08 49.67 40.22
CA UNK JB 17 58.40 50.43 41.27
C UNK JB 17 59.42 51.22 42.10
N UNK JB 18 60.58 50.63 42.36
CA UNK JB 18 61.60 51.34 43.13
C UNK JB 18 62.08 52.60 42.41
N UNK JB 19 62.25 52.51 41.08
CA UNK JB 19 62.63 53.68 40.32
C UNK JB 19 61.55 54.76 40.38
N UNK JB 20 60.28 54.37 40.27
CA UNK JB 20 59.19 55.33 40.36
C UNK JB 20 59.11 55.95 41.76
N UNK JB 21 59.32 55.14 42.80
CA UNK JB 21 59.31 55.68 44.15
C UNK JB 21 60.47 56.65 44.38
N UNK JB 22 61.65 56.32 43.86
CA UNK JB 22 62.80 57.20 44.01
C UNK JB 22 62.58 58.53 43.30
N UNK JB 23 62.01 58.49 42.10
CA UNK JB 23 61.68 59.73 41.40
C UNK JB 23 60.66 60.55 42.17
N UNK JB 24 59.64 59.88 42.73
CA UNK JB 24 58.66 60.58 43.54
C UNK JB 24 59.29 61.15 44.81
N UNK JB 25 60.24 60.42 45.41
CA UNK JB 25 60.92 60.91 46.60
C UNK JB 25 61.73 62.17 46.30
N UNK JB 26 62.43 62.18 45.16
CA UNK JB 26 63.23 63.35 44.81
C UNK JB 26 62.35 64.58 44.61
N UNK JB 27 61.22 64.43 43.93
CA UNK JB 27 60.31 65.55 43.75
C UNK JB 27 59.71 65.99 45.08
N UNK JB 28 59.35 65.04 45.95
CA UNK JB 28 58.80 65.38 47.25
C UNK JB 28 59.83 66.05 48.14
N UNK JB 29 61.07 65.56 48.12
CA UNK JB 29 62.11 66.12 48.98
C UNK JB 29 62.42 67.57 48.61
N UNK JB 30 62.47 67.87 47.32
CA UNK JB 30 62.77 69.23 46.87
C UNK JB 30 61.53 70.11 46.98
N SER KB 117 70.13 55.93 39.80
CA SER KB 117 70.98 55.70 38.64
C SER KB 117 72.05 54.67 38.95
N LEU KB 118 72.82 54.91 40.01
CA LEU KB 118 73.86 53.96 40.40
C LEU KB 118 73.27 52.63 40.83
N ILE KB 119 72.17 52.67 41.59
CA ILE KB 119 71.53 51.42 42.03
C ILE KB 119 70.98 50.63 40.86
N ASN KB 120 70.39 51.33 39.87
CA ASN KB 120 69.82 50.64 38.72
C ASN KB 120 70.88 49.90 37.93
N SER KB 121 72.06 50.50 37.77
CA SER KB 121 73.14 49.84 37.04
C SER KB 121 73.60 48.58 37.76
N LYS KB 122 73.70 48.63 39.09
CA LYS KB 122 74.14 47.47 39.85
C LYS KB 122 73.12 46.34 39.79
N ARG KB 123 71.84 46.66 40.01
CA ARG KB 123 70.81 45.64 40.04
C ARG KB 123 70.63 44.98 38.67
N PHE KB 124 70.72 45.77 37.60
CA PHE KB 124 70.46 45.24 36.27
C PHE KB 124 71.49 44.19 35.87
N GLY KB 125 72.75 44.39 36.25
CA GLY KB 125 73.82 43.51 35.82
C GLY KB 125 74.08 42.36 36.79
N LYS KB 126 73.79 42.54 38.08
CA LYS KB 126 74.15 41.56 39.09
C LYS KB 126 72.99 40.65 39.48
N ILE KB 127 71.81 41.21 39.74
CA ILE KB 127 70.67 40.40 40.18
C ILE KB 127 70.22 39.44 39.08
N PHE KB 128 70.15 39.92 37.84
CA PHE KB 128 69.71 39.06 36.74
C PHE KB 128 70.83 38.09 36.36
N TYR KB 129 70.44 36.86 36.02
CA TYR KB 129 71.40 35.85 35.63
C TYR KB 129 72.07 36.21 34.31
N TYR KB 130 73.32 35.77 34.15
CA TYR KB 130 74.07 36.07 32.94
C TYR KB 130 73.44 35.41 31.71
N PHE KB 131 72.75 34.29 31.90
CA PHE KB 131 72.14 33.60 30.77
C PHE KB 131 70.97 34.39 30.20
N LEU KB 132 70.22 35.09 31.05
CA LEU KB 132 69.11 35.90 30.57
C LEU KB 132 69.60 37.01 29.65
N LYS KB 133 70.71 37.67 30.02
CA LYS KB 133 71.30 38.68 29.16
C LYS KB 133 71.76 38.05 27.85
N TYR KB 134 72.34 36.85 27.92
CA TYR KB 134 72.66 36.11 26.70
C TYR KB 134 71.40 35.77 25.91
N TYR KB 135 70.34 35.37 26.61
CA TYR KB 135 69.08 35.04 25.95
C TYR KB 135 68.46 36.28 25.31
N ILE KB 136 68.50 37.41 26.01
CA ILE KB 136 67.89 38.63 25.48
C ILE KB 136 68.62 39.09 24.22
N TYR KB 137 69.95 39.10 24.27
CA TYR KB 137 70.73 39.49 23.10
C TYR KB 137 70.48 38.54 21.94
N ASP KB 138 70.50 37.23 22.21
CA ASP KB 138 70.29 36.25 21.16
C ASP KB 138 68.90 36.37 20.55
N TRP KB 139 67.89 36.59 21.38
CA TRP KB 139 66.51 36.63 20.91
C TRP KB 139 66.17 37.92 20.17
N VAL KB 140 66.76 39.04 20.58
CA VAL KB 140 66.45 40.31 19.92
C VAL KB 140 67.27 40.47 18.64
N ILE KB 141 68.56 40.17 18.71
CA ILE KB 141 69.46 40.37 17.57
C ILE KB 141 69.26 39.24 16.56
N SER KB 142 69.26 39.59 15.28
CA SER KB 142 69.01 38.63 14.23
C SER KB 142 70.17 37.64 14.10
N ARG KB 143 69.88 36.52 13.44
CA ARG KB 143 70.87 35.46 13.30
C ARG KB 143 72.07 35.90 12.46
N SER KB 144 71.82 36.64 11.38
CA SER KB 144 72.90 37.02 10.47
C SER KB 144 73.90 37.96 11.13
N VAL KB 145 73.41 38.96 11.87
CA VAL KB 145 74.28 39.97 12.46
C VAL KB 145 74.71 39.63 13.88
N LYS KB 146 74.29 38.47 14.40
CA LYS KB 146 74.67 38.06 15.74
C LYS KB 146 76.17 37.81 15.82
N ASP KB 147 76.78 38.21 16.92
CA ASP KB 147 78.22 38.04 17.09
C ASP KB 147 78.59 36.57 17.26
N LEU KB 148 77.90 35.86 18.15
CA LEU KB 148 78.21 34.47 18.41
C LEU KB 148 77.70 33.54 17.31
N LYS KB 149 76.60 33.91 16.66
CA LYS KB 149 75.99 33.11 15.61
C LYS KB 149 75.65 31.70 16.10
N GLY LB 145 30.19 17.70 7.33
CA GLY LB 145 29.52 18.96 7.48
C GLY LB 145 30.41 20.06 8.03
N SER LB 146 30.92 19.85 9.24
CA SER LB 146 31.85 20.80 9.82
C SER LB 146 33.13 20.88 9.00
N CYS LB 147 33.66 19.73 8.57
CA CYS LB 147 34.85 19.74 7.73
C CYS LB 147 34.59 20.43 6.41
N LEU LB 148 33.38 20.31 5.88
CA LEU LB 148 33.02 21.00 4.64
C LEU LB 148 33.16 22.51 4.78
N LEU LB 149 32.63 23.06 5.87
CA LEU LB 149 32.76 24.49 6.11
C LEU LB 149 34.21 24.88 6.36
N ILE LB 150 34.95 24.03 7.08
CA ILE LB 150 36.35 24.33 7.37
C ILE LB 150 37.17 24.39 6.09
N PHE LB 151 36.96 23.43 5.19
CA PHE LB 151 37.72 23.42 3.95
C PHE LB 151 37.24 24.46 2.95
N ILE LB 152 35.98 24.89 3.05
CA ILE LB 152 35.50 25.99 2.22
C ILE LB 152 36.03 27.32 2.74
N GLN LB 153 36.31 27.41 4.05
CA GLN LB 153 36.97 28.59 4.58
C GLN LB 153 38.33 28.79 3.92
N LEU LB 154 39.09 27.72 3.80
CA LEU LB 154 40.22 27.71 2.88
C LEU LB 154 39.70 27.74 1.45
N VAL LB 155 40.51 28.24 0.53
CA VAL LB 155 40.04 28.40 -0.84
C VAL LB 155 39.70 27.03 -1.41
N PHE LB 156 38.41 26.82 -1.70
CA PHE LB 156 37.87 25.55 -2.16
C PHE LB 156 36.42 25.79 -2.54
N SER LB 157 35.83 24.79 -3.19
CA SER LB 157 34.41 24.79 -3.51
C SER LB 157 33.76 23.55 -2.93
N GLY LB 158 32.44 23.59 -2.82
CA GLY LB 158 31.72 22.51 -2.16
C GLY LB 158 31.97 21.16 -2.79
N ILE LB 159 32.05 21.10 -4.12
CA ILE LB 159 32.27 19.83 -4.80
C ILE LB 159 33.68 19.32 -4.52
N VAL LB 160 34.68 20.19 -4.63
CA VAL LB 160 36.07 19.77 -4.44
C VAL LB 160 36.32 19.35 -3.00
N VAL LB 161 35.67 20.00 -2.03
CA VAL LB 161 35.89 19.69 -0.63
C VAL LB 161 35.50 18.24 -0.32
N LEU LB 162 34.35 17.80 -0.86
CA LEU LB 162 33.86 16.46 -0.57
C LEU LB 162 34.89 15.40 -0.95
N LEU LB 163 35.55 15.57 -2.10
CA LEU LB 163 36.62 14.65 -2.48
C LEU LB 163 37.76 14.71 -1.48
N LEU LB 164 38.15 15.92 -1.06
CA LEU LB 164 39.24 16.06 -0.09
C LEU LB 164 38.79 15.64 1.31
N ASP LB 165 37.54 15.94 1.66
CA ASP LB 165 37.05 15.60 3.00
C ASP LB 165 37.02 14.09 3.22
N ASP LB 166 36.64 13.33 2.18
CA ASP LB 166 36.56 11.88 2.33
C ASP LB 166 37.92 11.27 2.64
N MET LB 167 38.97 11.78 1.99
CA MET LB 167 40.30 11.21 2.19
C MET LB 167 40.75 11.39 3.64
N LEU LB 168 40.51 12.56 4.22
CA LEU LB 168 40.91 12.79 5.60
C LEU LB 168 40.12 11.90 6.57
N ASN LB 169 38.82 11.72 6.31
CA ASN LB 169 38.03 10.82 7.14
C ASN LB 169 38.53 9.38 7.04
N LYS LB 170 38.86 8.94 5.83
CA LYS LB 170 39.41 7.59 5.66
C LYS LB 170 40.77 7.47 6.34
N GLY LB 171 41.61 8.50 6.24
CA GLY LB 171 42.91 8.45 6.87
C GLY LB 171 42.83 8.44 8.38
N TYR LB 172 41.96 9.28 8.96
CA TYR LB 172 41.82 9.34 10.40
C TYR LB 172 41.26 8.03 10.96
N GLY LB 173 40.30 7.43 10.25
CA GLY LB 173 39.74 6.15 10.69
C GLY LB 173 40.79 5.05 10.67
N LEU LB 174 41.65 5.05 9.65
CA LEU LB 174 42.72 4.07 9.59
C LEU LB 174 43.68 4.21 10.76
N GLY LB 175 44.00 5.45 11.13
CA GLY LB 175 44.85 5.67 12.30
C GLY LB 175 44.17 5.20 13.57
N SER LB 176 42.86 5.39 13.68
CA SER LB 176 42.13 4.94 14.86
C SER LB 176 42.19 3.42 14.99
N GLY LB 177 42.06 2.70 13.88
CA GLY LB 177 42.21 1.25 13.91
C GLY LB 177 43.62 0.87 14.31
N ILE LB 178 44.63 1.58 13.80
CA ILE LB 178 46.01 1.30 14.17
C ILE LB 178 46.23 1.54 15.66
N SER LB 179 45.66 2.61 16.20
CA SER LB 179 45.71 2.84 17.64
C SER LB 179 44.95 1.74 18.40
N LEU LB 180 43.79 1.33 17.88
CA LEU LB 180 43.05 0.24 18.51
C LEU LB 180 43.82 -1.06 18.45
N PHE LB 181 44.49 -1.34 17.32
CA PHE LB 181 45.28 -2.56 17.22
C PHE LB 181 46.46 -2.53 18.19
N ILE LB 182 47.08 -1.36 18.35
CA ILE LB 182 48.21 -1.23 19.28
C ILE LB 182 47.77 -1.49 20.72
N ALA LB 183 46.58 -1.01 21.08
CA ALA LB 183 46.09 -1.22 22.44
C ALA LB 183 45.89 -2.71 22.74
N THR LB 184 45.36 -3.46 21.77
CA THR LB 184 45.15 -4.88 21.99
C THR LB 184 46.47 -5.62 22.19
N ASN LB 185 47.49 -5.28 21.39
CA ASN LB 185 48.78 -5.95 21.52
C ASN LB 185 49.43 -5.67 22.86
N ILE LB 186 49.36 -4.42 23.32
CA ILE LB 186 49.97 -4.04 24.59
C ILE LB 186 48.89 -3.66 25.61
N VAL MB 16 -75.36 89.38 65.56
CA VAL MB 16 -74.39 90.23 64.90
C VAL MB 16 -74.98 90.80 63.61
N ASN MB 17 -74.73 92.07 63.36
CA ASN MB 17 -75.26 92.80 62.21
C ASN MB 17 -74.12 93.41 61.40
N ASN MB 18 -73.11 92.59 61.10
CA ASN MB 18 -71.98 93.04 60.31
C ASN MB 18 -72.46 93.55 58.96
N TYR MB 19 -71.87 94.66 58.52
CA TYR MB 19 -72.29 95.34 57.30
C TYR MB 19 -71.62 94.78 56.06
N PHE MB 20 -70.75 93.79 56.19
CA PHE MB 20 -69.89 93.34 55.10
C PHE MB 20 -69.90 91.82 54.98
N TYR MB 21 -71.10 91.22 54.97
CA TYR MB 21 -71.23 89.78 54.80
C TYR MB 21 -70.80 89.35 53.39
N TYR MB 22 -71.27 90.08 52.38
CA TYR MB 22 -70.79 89.83 51.01
C TYR MB 22 -69.30 89.99 50.93
N LEU MB 23 -68.74 90.94 51.69
CA LEU MB 23 -67.31 91.14 51.72
C LEU MB 23 -66.61 89.92 52.32
N ASP MB 24 -67.21 89.30 53.33
CA ASP MB 24 -66.64 88.08 53.89
C ASP MB 24 -66.65 86.96 52.86
N ARG MB 25 -67.73 86.83 52.10
CA ARG MB 25 -67.77 85.84 51.03
C ARG MB 25 -66.67 86.09 50.00
N ILE MB 26 -66.47 87.35 49.61
CA ILE MB 26 -65.44 87.67 48.63
C ILE MB 26 -64.05 87.42 49.19
N LYS MB 27 -63.85 87.70 50.47
CA LYS MB 27 -62.58 87.40 51.12
C LYS MB 27 -62.30 85.91 51.08
N LYS MB 28 -63.31 85.09 51.36
CA LYS MB 28 -63.14 83.65 51.28
C LYS MB 28 -62.81 83.22 49.86
N LEU MB 29 -63.44 83.85 48.87
CA LEU MB 29 -63.12 83.53 47.48
C LEU MB 29 -61.67 83.84 47.14
N PHE MB 30 -61.19 85.00 47.59
CA PHE MB 30 -59.79 85.36 47.32
C PHE MB 30 -58.82 84.41 48.01
N THR MB 31 -59.11 84.06 49.26
CA THR MB 31 -58.27 83.10 49.97
C THR MB 31 -58.26 81.75 49.26
N TYR MB 32 -59.43 81.31 48.78
CA TYR MB 32 -59.53 80.06 48.04
C TYR MB 32 -58.70 80.12 46.76
N LEU MB 33 -58.76 81.24 46.04
CA LEU MB 33 -58.00 81.36 44.81
C LEU MB 33 -56.50 81.31 45.06
N ASN MB 34 -56.02 82.01 46.10
CA ASN MB 34 -54.60 81.96 46.40
C ASN MB 34 -54.16 80.57 46.83
N ASP MB 35 -54.98 79.90 47.66
CA ASP MB 35 -54.65 78.54 48.08
C ASP MB 35 -54.61 77.60 46.89
N LEU MB 36 -55.55 77.74 45.96
CA LEU MB 36 -55.57 76.89 44.78
C LEU MB 36 -54.36 77.16 43.89
N ARG MB 37 -53.94 78.43 43.78
CA ARG MB 37 -52.74 78.75 43.01
C ARG MB 37 -51.52 78.06 43.61
N LYS MB 38 -51.35 78.19 44.94
CA LYS MB 38 -50.22 77.54 45.60
C LYS MB 38 -50.29 76.02 45.42
N HIS MB 39 -51.48 75.45 45.56
CA HIS MB 39 -51.66 74.01 45.44
C HIS MB 39 -51.26 73.54 44.04
N ILE MB 40 -51.74 74.24 43.01
CA ILE MB 40 -51.45 73.85 41.64
C ILE MB 40 -49.95 73.95 41.36
N LEU MB 41 -49.32 75.04 41.79
CA LEU MB 41 -47.90 75.20 41.56
C LEU MB 41 -47.09 74.12 42.26
N LYS MB 42 -47.42 73.82 43.51
CA LYS MB 42 -46.65 72.84 44.27
C LYS MB 42 -46.90 71.43 43.76
N LYS MB 43 -48.08 71.16 43.20
CA LYS MB 43 -48.45 69.80 42.85
C LYS MB 43 -48.11 69.43 41.42
N TYR MB 44 -48.25 70.36 40.47
CA TYR MB 44 -48.08 70.00 39.06
C TYR MB 44 -46.90 70.65 38.39
N VAL MB 45 -46.42 71.80 38.86
CA VAL MB 45 -45.30 72.50 38.24
C VAL MB 45 -43.99 72.21 38.96
N TYR MB 46 -43.99 72.31 40.29
CA TYR MB 46 -42.78 72.15 41.07
C TYR MB 46 -42.52 70.71 41.50
N THR MB 47 -43.42 69.79 41.18
CA THR MB 47 -43.33 68.44 41.72
C THR MB 47 -42.20 67.65 41.04
N ILE MB 48 -41.82 66.55 41.71
CA ILE MB 48 -40.92 65.56 41.15
C ILE MB 48 -41.58 64.19 41.08
N ASN MB 49 -42.87 64.10 41.38
CA ASN MB 49 -43.58 62.84 41.32
C ASN MB 49 -43.62 62.33 39.88
N HIS MB 50 -43.27 61.06 39.70
CA HIS MB 50 -43.13 60.54 38.34
C HIS MB 50 -44.47 60.39 37.63
N LYS MB 51 -45.55 60.14 38.38
CA LYS MB 51 -46.85 59.98 37.74
C LYS MB 51 -47.38 61.30 37.21
N ARG MB 52 -47.27 62.37 38.00
CA ARG MB 52 -47.73 63.68 37.53
C ARG MB 52 -46.87 64.16 36.36
N ILE MB 53 -45.56 63.92 36.41
CA ILE MB 53 -44.69 64.28 35.30
C ILE MB 53 -45.07 63.49 34.05
N ALA MB 54 -45.40 62.21 34.22
CA ALA MB 54 -45.80 61.39 33.08
C ALA MB 54 -47.11 61.88 32.48
N ILE MB 55 -48.07 62.28 33.31
CA ILE MB 55 -49.34 62.78 32.79
C ILE MB 55 -49.14 64.12 32.09
N ASN MB 56 -48.28 64.97 32.64
CA ASN MB 56 -47.93 66.22 31.96
C ASN MB 56 -47.27 65.94 30.62
N TYR MB 57 -46.41 64.92 30.57
CA TYR MB 57 -45.81 64.49 29.32
C TYR MB 57 -46.87 64.05 28.33
N LEU MB 58 -47.88 63.33 28.80
CA LEU MB 58 -48.95 62.87 27.91
C LEU MB 58 -49.74 64.03 27.34
N TYR MB 59 -50.05 65.04 28.16
CA TYR MB 59 -50.81 66.18 27.63
C TYR MB 59 -49.96 67.04 26.69
N PHE MB 60 -48.70 67.28 27.04
CA PHE MB 60 -47.80 67.96 26.13
C PHE MB 60 -47.69 67.20 24.81
N SER MB 61 -47.65 65.88 24.89
CA SER MB 61 -47.58 65.05 23.69
C SER MB 61 -48.87 65.12 22.89
N MET MB 62 -50.02 65.28 23.56
CA MET MB 62 -51.25 65.53 22.82
C MET MB 62 -51.16 66.81 22.01
N VAL MB 63 -50.64 67.88 22.63
CA VAL MB 63 -50.51 69.14 21.92
C VAL MB 63 -49.54 69.01 20.75
N THR MB 64 -48.40 68.36 20.98
CA THR MB 64 -47.41 68.20 19.90
C THR MB 64 -47.91 67.25 18.81
N GLY MB 65 -48.70 66.24 19.16
CA GLY MB 65 -49.29 65.38 18.16
C GLY MB 65 -50.31 66.11 17.31
N LEU MB 66 -51.08 67.01 17.93
CA LEU MB 66 -51.96 67.86 17.13
C LEU MB 66 -51.17 68.77 16.21
N SER MB 67 -50.02 69.26 16.68
CA SER MB 67 -49.15 70.07 15.83
C SER MB 67 -48.66 69.27 14.63
N GLY MB 68 -48.19 68.04 14.87
CA GLY MB 68 -47.74 67.20 13.78
C GLY MB 68 -48.86 66.82 12.84
N ALA MB 69 -50.07 66.61 13.37
CA ALA MB 69 -51.22 66.32 12.52
C ALA MB 69 -51.57 67.52 11.66
N ALA MB 70 -51.43 68.73 12.19
CA ALA MB 70 -51.66 69.92 11.37
C ALA MB 70 -50.61 70.03 10.28
N LEU MB 71 -49.35 69.74 10.59
CA LEU MB 71 -48.32 69.77 9.55
C LEU MB 71 -48.59 68.73 8.47
N ALA MB 72 -49.01 67.53 8.87
CA ALA MB 72 -49.39 66.51 7.89
C ALA MB 72 -50.61 66.94 7.08
N THR MB 73 -51.54 67.66 7.70
CA THR MB 73 -52.68 68.18 6.97
C THR MB 73 -52.24 69.18 5.91
N MET MB 74 -51.29 70.05 6.25
CA MET MB 74 -50.73 70.95 5.25
C MET MB 74 -50.09 70.16 4.11
N ILE MB 75 -49.33 69.12 4.44
CA ILE MB 75 -48.66 68.32 3.42
C ILE MB 75 -49.70 67.67 2.50
N ARG MB 76 -50.76 67.12 3.07
CA ARG MB 76 -51.77 66.44 2.25
C ARG MB 76 -52.64 67.41 1.48
N LEU MB 77 -52.82 68.63 1.98
CA LEU MB 77 -53.58 69.63 1.25
C LEU MB 77 -52.78 70.20 0.09
N GLU MB 78 -51.45 70.23 0.21
CA GLU MB 78 -50.63 70.63 -0.93
C GLU MB 78 -50.62 69.56 -2.01
N LEU MB 79 -50.70 68.29 -1.64
CA LEU MB 79 -50.63 67.18 -2.56
C LEU MB 79 -52.00 66.66 -2.98
N ALA MB 80 -53.08 67.36 -2.62
CA ALA MB 80 -54.42 66.88 -2.96
C ALA MB 80 -54.61 66.78 -4.47
N HIS MB 81 -54.13 67.77 -5.21
CA HIS MB 81 -54.16 67.75 -6.66
C HIS MB 81 -53.01 68.59 -7.17
N PRO MB 82 -52.53 68.34 -8.39
CA PRO MB 82 -51.36 69.07 -8.88
C PRO MB 82 -51.68 70.54 -9.11
N GLY MB 83 -50.63 71.34 -9.12
CA GLY MB 83 -50.75 72.76 -9.27
C GLY MB 83 -50.55 73.56 -8.00
N SER MB 84 -50.13 72.92 -6.92
CA SER MB 84 -49.84 73.56 -5.64
C SER MB 84 -51.05 74.34 -5.15
N PRO MB 85 -52.12 73.66 -4.73
CA PRO MB 85 -53.31 74.39 -4.27
C PRO MB 85 -53.13 75.06 -2.92
N PHE MB 86 -52.23 74.56 -2.08
CA PHE MB 86 -52.10 75.04 -0.71
C PHE MB 86 -51.06 76.16 -0.60
N PHE MB 87 -49.81 75.86 -0.93
CA PHE MB 87 -48.75 76.84 -0.82
C PHE MB 87 -48.63 77.73 -2.07
N LYS MB 88 -49.30 77.37 -3.16
CA LYS MB 88 -49.42 78.22 -4.34
C LYS MB 88 -48.06 78.57 -4.93
N GLY MB 89 -47.29 77.53 -5.24
CA GLY MB 89 -46.02 77.69 -5.91
C GLY MB 89 -44.82 77.93 -5.01
N ASP MB 90 -45.01 77.99 -3.69
CA ASP MB 90 -43.90 78.19 -2.76
C ASP MB 90 -43.35 76.82 -2.38
N SER MB 91 -42.30 76.40 -3.08
CA SER MB 91 -41.74 75.07 -2.86
C SER MB 91 -40.95 75.01 -1.56
N LEU MB 92 -40.24 76.09 -1.23
CA LEU MB 92 -39.41 76.10 -0.03
C LEU MB 92 -40.25 76.01 1.23
N ARG MB 93 -41.41 76.68 1.24
CA ARG MB 93 -42.32 76.56 2.38
C ARG MB 93 -42.82 75.13 2.53
N TYR MB 94 -43.12 74.47 1.41
CA TYR MB 94 -43.53 73.07 1.47
C TYR MB 94 -42.43 72.18 2.03
N LEU MB 95 -41.19 72.40 1.58
CA LEU MB 95 -40.08 71.61 2.08
C LEU MB 95 -39.87 71.83 3.58
N GLN MB 96 -40.01 73.08 4.04
CA GLN MB 96 -39.92 73.36 5.46
C GLN MB 96 -41.02 72.64 6.23
N VAL MB 97 -42.24 72.63 5.68
CA VAL MB 97 -43.35 71.95 6.34
C VAL MB 97 -43.08 70.45 6.44
N VAL MB 98 -42.57 69.85 5.37
CA VAL MB 98 -42.27 68.42 5.38
C VAL MB 98 -41.19 68.10 6.40
N THR MB 99 -40.13 68.90 6.44
CA THR MB 99 -39.05 68.67 7.40
C THR MB 99 -39.56 68.81 8.83
N ALA MB 100 -40.33 69.86 9.10
CA ALA MB 100 -40.86 70.06 10.44
C ALA MB 100 -41.79 68.92 10.84
N HIS MB 101 -42.64 68.47 9.90
CA HIS MB 101 -43.52 67.35 10.20
C HIS MB 101 -42.73 66.12 10.60
N GLY MB 102 -41.74 65.75 9.78
CA GLY MB 102 -40.93 64.58 10.11
C GLY MB 102 -40.23 64.71 11.45
N LEU MB 103 -39.59 65.85 11.68
CA LEU MB 103 -38.79 66.02 12.88
C LEU MB 103 -39.64 66.04 14.14
N ILE MB 104 -40.76 66.78 14.14
CA ILE MB 104 -41.57 66.83 15.35
C ILE MB 104 -42.44 65.60 15.53
N MET MB 105 -42.71 64.85 14.47
CA MET MB 105 -43.41 63.59 14.66
C MET MB 105 -42.50 62.53 15.23
N VAL MB 106 -41.24 62.48 14.77
CA VAL MB 106 -40.30 61.50 15.29
C VAL MB 106 -39.82 61.88 16.68
N PHE MB 107 -39.21 63.06 16.80
CA PHE MB 107 -38.53 63.44 18.04
C PHE MB 107 -39.42 64.11 19.07
N PHE MB 108 -40.60 64.60 18.68
CA PHE MB 108 -41.42 65.35 19.62
C PHE MB 108 -42.87 64.90 19.68
N VAL MB 109 -43.20 63.74 19.12
CA VAL MB 109 -44.49 63.13 19.39
C VAL MB 109 -44.29 61.72 19.92
N VAL MB 110 -43.72 60.83 19.09
CA VAL MB 110 -43.61 59.43 19.47
C VAL MB 110 -42.59 59.25 20.59
N VAL MB 111 -41.42 59.88 20.47
CA VAL MB 111 -40.42 59.78 21.52
C VAL MB 111 -40.93 60.37 22.83
N PRO MB 112 -41.51 61.57 22.88
CA PRO MB 112 -42.12 62.03 24.14
C PRO MB 112 -43.16 61.07 24.67
N ILE MB 113 -44.15 60.68 23.85
CA ILE MB 113 -45.22 59.80 24.33
C ILE MB 113 -44.58 58.59 24.98
N LEU MB 114 -43.89 57.77 24.18
CA LEU MB 114 -43.35 56.52 24.69
C LEU MB 114 -42.44 56.77 25.88
N PHE MB 115 -41.27 57.38 25.63
CA PHE MB 115 -40.28 57.49 26.69
C PHE MB 115 -40.81 58.32 27.85
N GLY MB 116 -41.05 59.61 27.63
CA GLY MB 116 -41.54 60.44 28.71
C GLY MB 116 -42.75 59.83 29.42
N GLY MB 117 -43.91 59.78 28.76
CA GLY MB 117 -45.09 59.34 29.45
C GLY MB 117 -44.99 57.94 29.99
N PHE MB 118 -44.86 56.94 29.10
CA PHE MB 118 -44.95 55.57 29.58
C PHE MB 118 -43.75 55.19 30.44
N ALA MB 119 -42.54 55.60 30.05
CA ALA MB 119 -41.38 55.26 30.87
C ALA MB 119 -41.49 55.87 32.26
N ASN MB 120 -41.73 57.18 32.35
CA ASN MB 120 -41.80 57.80 33.67
C ASN MB 120 -42.95 57.24 34.48
N PHE MB 121 -44.05 56.84 33.84
CA PHE MB 121 -45.16 56.30 34.61
C PHE MB 121 -44.88 54.88 35.08
N LEU MB 122 -44.25 54.05 34.25
CA LEU MB 122 -44.24 52.61 34.46
C LEU MB 122 -42.92 52.07 34.99
N ILE MB 123 -41.78 52.69 34.68
CA ILE MB 123 -40.51 52.19 35.21
C ILE MB 123 -40.53 52.12 36.73
N PRO MB 124 -41.00 53.14 37.47
CA PRO MB 124 -41.12 52.96 38.92
C PRO MB 124 -42.04 51.83 39.31
N TYR MB 125 -43.09 51.55 38.53
CA TYR MB 125 -43.94 50.40 38.82
C TYR MB 125 -43.22 49.10 38.52
N HIS MB 126 -42.79 48.92 37.28
CA HIS MB 126 -42.27 47.62 36.83
C HIS MB 126 -40.92 47.33 37.46
N VAL MB 127 -40.01 48.30 37.44
CA VAL MB 127 -38.71 48.11 38.09
C VAL MB 127 -38.89 48.04 39.61
N GLY MB 128 -39.82 48.81 40.15
CA GLY MB 128 -40.09 48.78 41.57
C GLY MB 128 -39.28 49.76 42.37
N SER MB 129 -39.35 51.04 41.99
CA SER MB 129 -38.50 52.06 42.57
C SER MB 129 -39.34 53.22 43.09
N LYS MB 130 -38.77 53.97 44.03
CA LYS MB 130 -39.36 55.19 44.54
C LYS MB 130 -39.01 56.33 43.59
N ASP MB 131 -39.98 56.74 42.76
CA ASP MB 131 -39.77 57.74 41.71
C ASP MB 131 -38.67 57.21 40.80
N VAL MB 132 -37.65 58.00 40.46
CA VAL MB 132 -36.56 57.57 39.60
C VAL MB 132 -35.25 57.89 40.31
N ALA MB 133 -34.14 57.59 39.63
CA ALA MB 133 -32.83 57.89 40.20
C ALA MB 133 -32.60 59.38 40.31
N TYR MB 134 -33.03 60.14 39.30
CA TYR MB 134 -32.88 61.59 39.27
C TYR MB 134 -34.24 62.23 39.05
N PRO MB 135 -35.02 62.43 40.11
CA PRO MB 135 -36.30 63.14 39.95
C PRO MB 135 -36.13 64.54 39.40
N ARG MB 136 -35.04 65.20 39.79
CA ARG MB 136 -34.73 66.52 39.24
C ARG MB 136 -34.53 66.44 37.73
N LEU MB 137 -33.78 65.44 37.27
CA LEU MB 137 -33.59 65.30 35.82
C LEU MB 137 -34.88 64.94 35.11
N ASN MB 138 -35.76 64.18 35.75
CA ASN MB 138 -37.06 63.87 35.15
C ASN MB 138 -37.87 65.16 34.92
N SER MB 139 -37.99 65.97 35.98
CA SER MB 139 -38.69 67.25 35.84
C SER MB 139 -38.01 68.14 34.81
N ILE MB 140 -36.68 68.13 34.79
CA ILE MB 140 -35.94 68.98 33.88
C ILE MB 140 -36.21 68.59 32.43
N GLY MB 141 -36.19 67.29 32.15
CA GLY MB 141 -36.49 66.85 30.79
C GLY MB 141 -37.87 67.27 30.35
N PHE MB 142 -38.87 67.04 31.22
CA PHE MB 142 -40.22 67.45 30.84
C PHE MB 142 -40.29 68.94 30.56
N TRP MB 143 -39.68 69.76 31.41
CA TRP MB 143 -39.83 71.21 31.24
C TRP MB 143 -38.90 71.80 30.20
N ILE MB 144 -37.95 71.02 29.66
CA ILE MB 144 -37.18 71.49 28.52
C ILE MB 144 -37.73 71.02 27.17
N GLN MB 145 -38.66 70.07 27.17
CA GLN MB 145 -39.31 69.69 25.91
C GLN MB 145 -39.94 70.86 25.12
N PRO MB 146 -40.71 71.77 25.72
CA PRO MB 146 -41.50 72.72 24.91
C PRO MB 146 -40.69 73.61 23.99
N CYS MB 147 -39.50 74.05 24.40
CA CYS MB 147 -38.71 74.95 23.55
C CYS MB 147 -38.31 74.26 22.25
N GLY MB 148 -37.79 73.04 22.35
CA GLY MB 148 -37.48 72.28 21.16
C GLY MB 148 -38.71 72.01 20.32
N TYR MB 149 -39.84 71.72 20.97
CA TYR MB 149 -41.08 71.52 20.21
C TYR MB 149 -41.40 72.75 19.37
N ILE MB 150 -41.40 73.93 19.98
CA ILE MB 150 -41.77 75.15 19.27
C ILE MB 150 -40.77 75.43 18.14
N LEU MB 151 -39.48 75.29 18.45
CA LEU MB 151 -38.45 75.59 17.46
C LEU MB 151 -38.58 74.69 16.23
N LEU MB 152 -38.82 73.40 16.45
CA LEU MB 152 -38.94 72.51 15.31
C LEU MB 152 -40.28 72.64 14.58
N ALA MB 153 -41.35 73.01 15.29
CA ALA MB 153 -42.67 72.96 14.70
C ALA MB 153 -43.12 74.26 14.04
N LYS MB 154 -42.47 75.38 14.35
CA LYS MB 154 -42.95 76.66 13.82
C LYS MB 154 -42.07 77.21 12.70
N ILE MB 155 -41.25 76.37 12.07
CA ILE MB 155 -40.40 76.86 10.98
C ILE MB 155 -41.21 77.14 9.72
N GLY MB 156 -42.39 76.55 9.57
CA GLY MB 156 -43.21 76.81 8.40
C GLY MB 156 -43.89 78.15 8.40
N PHE MB 157 -43.88 78.86 9.53
CA PHE MB 157 -44.46 80.20 9.63
C PHE MB 157 -43.41 81.30 9.59
N LEU MB 158 -42.14 80.97 9.79
CA LEU MB 158 -41.09 81.95 10.01
C LEU MB 158 -40.01 81.80 8.95
N ARG MB 159 -39.58 82.93 8.40
CA ARG MB 159 -38.41 83.01 7.53
C ARG MB 159 -37.74 84.35 7.77
N PRO MB 160 -36.43 84.45 7.55
CA PRO MB 160 -35.75 85.74 7.78
C PRO MB 160 -36.32 86.88 6.95
N GLN MB 161 -36.71 86.61 5.71
CA GLN MB 161 -37.37 87.62 4.88
C GLN MB 161 -38.87 87.47 5.08
N PHE MB 162 -39.34 88.00 6.21
CA PHE MB 162 -40.71 87.74 6.66
C PHE MB 162 -41.77 88.41 5.78
N TRP MB 163 -41.40 89.42 5.00
CA TRP MB 163 -42.38 90.18 4.23
C TRP MB 163 -42.84 89.40 3.01
N ARG MB 164 -44.12 89.57 2.68
CA ARG MB 164 -44.66 88.94 1.48
C ARG MB 164 -44.37 89.81 0.26
N TYR MB 165 -44.80 89.35 -0.92
CA TYR MB 165 -44.40 89.98 -2.17
C TYR MB 165 -45.05 91.33 -2.39
N TYR MB 166 -46.10 91.65 -1.65
CA TYR MB 166 -46.77 92.95 -1.80
C TYR MB 166 -46.40 93.93 -0.69
N ASP MB 167 -45.44 93.59 0.16
CA ASP MB 167 -44.92 94.52 1.15
C ASP MB 167 -43.80 95.33 0.49
N LYS MB 168 -44.06 96.61 0.24
CA LYS MB 168 -43.10 97.47 -0.44
C LYS MB 168 -41.99 97.83 0.54
N THR MB 169 -40.94 97.00 0.55
CA THR MB 169 -39.83 97.24 1.46
C THR MB 169 -39.09 98.53 1.16
N SER MB 170 -39.29 99.10 -0.04
CA SER MB 170 -38.67 100.38 -0.37
C SER MB 170 -39.29 101.54 0.38
N PHE MB 171 -40.40 101.31 1.10
CA PHE MB 171 -41.04 102.36 1.87
C PHE MB 171 -40.47 102.51 3.28
N SER MB 172 -39.71 101.52 3.76
CA SER MB 172 -39.25 101.53 5.14
C SER MB 172 -37.76 101.26 5.25
N PHE MB 173 -37.20 100.56 4.27
CA PHE MB 173 -35.77 100.25 4.25
C PHE MB 173 -34.87 101.48 4.06
N PRO MB 174 -35.32 102.56 3.41
CA PRO MB 174 -34.51 103.78 3.42
C PRO MB 174 -34.17 104.28 4.81
N PHE MB 175 -35.03 104.03 5.80
CA PHE MB 175 -34.73 104.44 7.17
C PHE MB 175 -33.69 103.54 7.83
N LEU MB 176 -33.30 102.43 7.20
CA LEU MB 176 -32.34 101.52 7.78
C LEU MB 176 -30.91 101.78 7.34
N GLU MB 177 -30.72 102.24 6.11
CA GLU MB 177 -29.37 102.43 5.57
C GLU MB 177 -28.68 103.58 6.30
N LYS MB 178 -27.67 103.24 7.10
CA LYS MB 178 -26.87 104.24 7.78
C LYS MB 178 -25.63 104.63 6.98
N MET MB 179 -25.43 104.03 5.81
CA MET MB 179 -24.39 104.51 4.90
C MET MB 179 -24.71 105.89 4.34
N LYS MB 180 -25.98 106.29 4.40
CA LYS MB 180 -26.38 107.61 3.93
C LYS MB 180 -25.71 108.71 4.73
N TYR MB 181 -25.44 108.47 6.01
CA TYR MB 181 -24.86 109.47 6.90
C TYR MB 181 -23.38 109.26 7.15
N ASN MB 182 -22.73 108.39 6.37
CA ASN MB 182 -21.31 108.12 6.61
C ASN MB 182 -20.46 109.38 6.49
N GLN MB 183 -20.85 110.30 5.60
CA GLN MB 183 -20.10 111.54 5.46
C GLN MB 183 -20.08 112.35 6.75
N TYR MB 184 -21.10 112.20 7.59
CA TYR MB 184 -21.11 112.87 8.89
C TYR MB 184 -20.19 112.21 9.89
N LYS MB 185 -19.91 110.90 9.74
CA LYS MB 185 -19.09 110.21 10.71
C LYS MB 185 -17.63 110.64 10.64
N GLU MB 186 -17.18 111.16 9.50
CA GLU MB 186 -15.80 111.58 9.37
C GLU MB 186 -15.47 112.72 10.33
N TYR MB 187 -16.39 113.67 10.48
CA TYR MB 187 -16.15 114.88 11.25
C TYR MB 187 -16.60 114.76 12.70
N LYS MB 188 -17.06 113.58 13.12
CA LYS MB 188 -17.33 113.36 14.53
C LYS MB 188 -16.06 113.38 15.37
N ASN MB 189 -14.91 113.15 14.75
CA ASN MB 189 -13.62 113.20 15.43
C ASN MB 189 -12.63 114.17 14.79
N ASP MB 190 -12.76 114.44 13.49
CA ASP MB 190 -11.91 115.39 12.79
C ASP MB 190 -12.73 116.64 12.54
N TYR MB 191 -12.72 117.56 13.51
CA TYR MB 191 -13.44 118.81 13.38
C TYR MB 191 -12.79 119.78 12.40
N LEU MB 192 -11.54 119.53 12.01
CA LEU MB 192 -10.75 120.54 11.31
C LEU MB 192 -11.46 121.07 10.07
N PHE MB 193 -12.06 120.19 9.28
CA PHE MB 193 -12.73 120.59 8.05
C PHE MB 193 -14.25 120.44 8.14
N TYR MB 194 -14.78 120.40 9.36
CA TYR MB 194 -16.23 120.30 9.54
C TYR MB 194 -16.93 121.54 9.00
N LEU MB 195 -16.36 122.72 9.23
CA LEU MB 195 -16.95 123.95 8.71
C LEU MB 195 -16.92 123.98 7.18
N ASP MB 196 -15.85 123.45 6.58
CA ASP MB 196 -15.83 123.32 5.14
C ASP MB 196 -16.88 122.34 4.64
N PHE MB 197 -17.13 121.27 5.39
CA PHE MB 197 -18.19 120.35 5.03
C PHE MB 197 -19.56 121.01 5.10
N LEU MB 198 -19.78 121.86 6.11
CA LEU MB 198 -21.08 122.50 6.27
C LEU MB 198 -21.38 123.47 5.15
N LYS MB 199 -20.34 124.05 4.53
CA LYS MB 199 -20.52 124.95 3.39
C LYS MB 199 -20.56 124.15 2.10
N LYS MB 200 -21.59 123.31 1.99
CA LYS MB 200 -21.73 122.39 0.87
C LYS MB 200 -23.16 122.41 0.37
N GLU MB 201 -23.33 122.09 -0.91
CA GLU MB 201 -24.66 122.00 -1.48
C GLU MB 201 -25.44 120.88 -0.83
N ILE MB 202 -26.67 121.17 -0.44
CA ILE MB 202 -27.54 120.20 0.20
C ILE MB 202 -28.28 119.41 -0.88
N THR MB 203 -28.06 118.10 -0.91
CA THR MB 203 -28.65 117.24 -1.91
C THR MB 203 -29.65 116.25 -1.30
N ASP MB 204 -29.21 115.46 -0.33
CA ASP MB 204 -30.08 114.48 0.33
C ASP MB 204 -29.81 114.43 1.83
N ASP MB 205 -29.34 115.53 2.40
CA ASP MB 205 -28.94 115.55 3.80
C ASP MB 205 -30.17 115.56 4.69
N HIS MB 206 -30.32 114.51 5.51
CA HIS MB 206 -31.45 114.39 6.43
C HIS MB 206 -32.78 114.48 5.70
N SER MB 207 -32.86 113.84 4.53
CA SER MB 207 -34.10 113.83 3.77
C SER MB 207 -34.14 112.58 2.91
N PHE MB 208 -35.36 112.10 2.67
CA PHE MB 208 -35.59 110.92 1.84
C PHE MB 208 -36.43 111.32 0.63
N PHE MB 209 -35.98 110.92 -0.55
CA PHE MB 209 -36.70 111.16 -1.79
C PHE MB 209 -37.05 109.82 -2.42
N TRP MB 210 -38.32 109.61 -2.72
CA TRP MB 210 -38.78 108.39 -3.37
C TRP MB 210 -39.04 108.67 -4.83
N LYS MB 211 -38.34 107.95 -5.71
CA LYS MB 211 -38.50 108.13 -7.14
C LYS MB 211 -39.89 107.71 -7.58
N ALA MB 212 -40.33 108.26 -8.71
CA ALA MB 212 -41.69 108.05 -9.17
C ALA MB 212 -41.95 106.58 -9.45
N ARG MB 213 -43.04 106.06 -8.88
CA ARG MB 213 -43.50 104.71 -9.13
C ARG MB 213 -44.68 104.69 -10.09
N LYS MB 214 -44.98 105.81 -10.72
CA LYS MB 214 -46.12 105.94 -11.61
C LYS MB 214 -45.81 106.99 -12.66
N VAL MB 215 -46.51 106.89 -13.79
CA VAL MB 215 -46.35 107.84 -14.89
C VAL MB 215 -47.44 108.90 -14.72
N ILE MB 216 -47.04 110.14 -14.46
CA ILE MB 216 -47.95 111.25 -14.23
C ILE MB 216 -47.73 112.28 -15.31
N LYS MB 217 -48.77 112.54 -16.10
CA LYS MB 217 -48.69 113.49 -17.20
C LYS MB 217 -49.29 114.83 -16.77
N LEU MB 218 -48.60 115.49 -15.84
CA LEU MB 218 -48.99 116.81 -15.34
C LEU MB 218 -47.83 117.77 -15.56
N PRO MB 219 -47.80 118.48 -16.70
CA PRO MB 219 -46.68 119.40 -16.96
C PRO MB 219 -46.61 120.59 -16.02
N GLN MB 220 -47.71 120.92 -15.34
CA GLN MB 220 -47.73 122.07 -14.45
C GLN MB 220 -46.83 121.87 -13.24
N TYR MB 221 -46.58 120.62 -12.84
CA TYR MB 221 -45.80 120.30 -11.66
C TYR MB 221 -44.47 119.70 -12.09
N SER MB 222 -43.38 120.33 -11.66
CA SER MB 222 -42.05 119.87 -12.04
C SER MB 222 -41.65 118.60 -11.29
N VAL MB 223 -41.93 118.53 -10.00
CA VAL MB 223 -41.52 117.41 -9.16
C VAL MB 223 -42.74 116.90 -8.41
N PHE MB 224 -42.86 115.58 -8.33
CA PHE MB 224 -43.98 114.93 -7.68
C PHE MB 224 -43.53 114.22 -6.41
N SER MB 225 -44.41 114.17 -5.42
CA SER MB 225 -44.12 113.58 -4.13
C SER MB 225 -44.66 112.17 -4.08
N PHE MB 226 -43.75 111.20 -3.89
CA PHE MB 226 -44.12 109.80 -3.72
C PHE MB 226 -43.77 109.29 -2.33
N VAL MB 227 -43.82 110.18 -1.34
CA VAL MB 227 -43.61 109.77 0.05
C VAL MB 227 -44.71 108.80 0.45
N PRO MB 228 -44.41 107.72 1.18
CA PRO MB 228 -45.47 106.80 1.60
C PRO MB 228 -46.54 107.51 2.42
N LEU MB 229 -47.79 107.08 2.24
CA LEU MB 229 -48.91 107.77 2.85
C LEU MB 229 -48.89 107.73 4.37
N LYS MB 230 -48.12 106.81 4.96
CA LYS MB 230 -48.06 106.66 6.40
C LYS MB 230 -46.81 107.29 7.00
N LEU MB 231 -46.06 108.08 6.22
CA LEU MB 231 -44.87 108.76 6.70
C LEU MB 231 -44.94 110.27 6.46
N MET MB 232 -46.10 110.79 6.08
CA MET MB 232 -46.18 112.20 5.69
C MET MB 232 -46.18 113.13 6.90
N MET MB 233 -46.78 112.71 8.01
CA MET MB 233 -46.90 113.55 9.20
C MET MB 233 -45.94 113.06 10.26
N TRP MB 234 -44.91 113.87 10.55
CA TRP MB 234 -43.91 113.50 11.54
C TRP MB 234 -44.39 113.64 12.98
N LYS MB 235 -45.46 114.40 13.21
CA LYS MB 235 -45.98 114.54 14.57
C LYS MB 235 -46.48 113.21 15.11
N THR MB 236 -47.11 112.40 14.25
CA THR MB 236 -47.52 111.07 14.67
C THR MB 236 -46.36 110.10 14.75
N MET MB 237 -45.35 110.27 13.88
CA MET MB 237 -44.25 109.32 13.82
C MET MB 237 -43.25 109.49 14.96
N ILE MB 238 -43.06 110.72 15.44
CA ILE MB 238 -41.95 111.00 16.34
C ILE MB 238 -42.14 110.30 17.68
N ASN MB 239 -43.37 110.23 18.18
CA ASN MB 239 -43.65 109.68 19.49
C ASN MB 239 -44.07 108.21 19.46
N TYR MB 240 -44.07 107.59 18.29
CA TYR MB 240 -44.49 106.20 18.17
C TYR MB 240 -43.29 105.28 18.36
N PRO MB 241 -43.26 104.45 19.40
CA PRO MB 241 -42.11 103.59 19.69
C PRO MB 241 -42.07 102.30 18.87
N GLU MB 242 -42.18 102.44 17.55
CA GLU MB 242 -42.17 101.28 16.66
C GLU MB 242 -41.35 101.62 15.42
N SER MB 243 -40.85 100.57 14.78
CA SER MB 243 -40.11 100.75 13.53
C SER MB 243 -41.05 101.21 12.42
N PHE MB 244 -40.46 101.71 11.34
CA PHE MB 244 -41.23 102.27 10.23
C PHE MB 244 -41.78 101.20 9.30
N TRP MB 245 -41.83 99.95 9.74
CA TRP MB 245 -42.38 98.88 8.91
C TRP MB 245 -43.88 99.00 8.74
N TYR MB 246 -44.56 99.78 9.58
CA TYR MB 246 -46.00 99.98 9.39
C TYR MB 246 -46.30 100.69 8.09
N ALA MB 247 -45.34 101.45 7.56
CA ALA MB 247 -45.51 102.15 6.30
C ALA MB 247 -45.28 101.26 5.09
N ALA MB 248 -44.81 100.03 5.30
CA ALA MB 248 -44.50 99.12 4.22
C ALA MB 248 -45.34 97.85 4.22
N SER MB 249 -46.07 97.56 5.29
CA SER MB 249 -46.75 96.28 5.44
C SER MB 249 -48.16 96.39 4.88
N ARG MB 250 -48.36 95.83 3.68
CA ARG MB 250 -49.69 95.69 3.07
C ARG MB 250 -50.38 97.05 2.92
N VAL MB 251 -49.76 97.91 2.11
CA VAL MB 251 -50.27 99.25 1.87
C VAL MB 251 -50.69 99.46 0.43
N VAL MB 252 -50.70 98.39 -0.37
CA VAL MB 252 -51.07 98.47 -1.78
C VAL MB 252 -52.12 97.40 -2.06
N GLN MB 253 -52.96 97.66 -3.06
CA GLN MB 253 -53.96 96.70 -3.48
C GLN MB 253 -53.45 95.79 -4.60
N SER MB 254 -52.27 96.05 -5.14
CA SER MB 254 -51.77 95.31 -6.29
C SER MB 254 -51.35 93.91 -5.85
N ARG MB 255 -52.12 92.90 -6.27
CA ARG MB 255 -51.81 91.51 -6.03
C ARG MB 255 -51.62 90.79 -7.37
N ARG MB 256 -50.91 89.67 -7.32
CA ARG MB 256 -50.62 88.90 -8.53
C ARG MB 256 -50.69 87.41 -8.17
N LYS MB 257 -51.82 86.79 -8.48
CA LYS MB 257 -52.05 85.38 -8.13
C LYS MB 257 -51.70 84.51 -9.34
N LYS MB 258 -50.41 84.23 -9.49
CA LYS MB 258 -49.92 83.35 -10.53
C LYS MB 258 -48.87 82.42 -9.95
N VAL MB 259 -49.06 81.11 -10.14
CA VAL MB 259 -48.18 80.12 -9.52
C VAL MB 259 -46.73 80.34 -9.92
N PHE MB 260 -46.49 80.84 -11.13
CA PHE MB 260 -45.13 81.03 -11.62
C PHE MB 260 -44.51 82.36 -11.21
N VAL MB 261 -45.29 83.32 -10.69
CA VAL MB 261 -44.73 84.61 -10.32
C VAL MB 261 -44.30 84.66 -8.87
N THR MB 262 -44.23 83.52 -8.21
CA THR MB 262 -43.85 83.50 -6.79
C THR MB 262 -42.37 83.85 -6.69
N LYS MB 263 -42.09 85.12 -6.40
CA LYS MB 263 -40.76 85.55 -6.03
C LYS MB 263 -40.63 85.30 -4.53
N CYS MB 264 -40.10 84.14 -4.19
CA CYS MB 264 -40.00 83.71 -2.80
C CYS MB 264 -39.07 84.63 -2.02
N SER MB 265 -38.97 84.39 -0.71
CA SER MB 265 -38.08 85.20 0.12
C SER MB 265 -36.66 85.21 -0.43
N ALA MB 266 -36.12 84.02 -0.69
CA ALA MB 266 -34.81 83.80 -1.29
C ALA MB 266 -34.71 82.33 -1.63
N ARG MB 267 -34.06 82.04 -2.76
CA ARG MB 267 -33.98 80.64 -3.20
C ARG MB 267 -33.24 79.76 -2.21
N THR MB 268 -32.45 80.35 -1.31
CA THR MB 268 -31.66 79.60 -0.35
C THR MB 268 -32.33 79.44 1.00
N LEU MB 269 -33.55 79.94 1.18
CA LEU MB 269 -34.24 79.84 2.47
C LEU MB 269 -35.12 78.59 2.50
N THR MB 270 -34.45 77.45 2.55
CA THR MB 270 -35.09 76.14 2.49
C THR MB 270 -34.46 75.22 3.52
N THR MB 271 -35.00 74.01 3.61
CA THR MB 271 -34.49 72.96 4.48
C THR MB 271 -34.21 71.71 3.66
N ALA MB 272 -33.40 70.81 4.22
CA ALA MB 272 -32.93 69.64 3.51
C ALA MB 272 -33.57 68.34 4.01
N GLY MB 273 -34.79 68.42 4.51
CA GLY MB 273 -35.48 67.24 5.00
C GLY MB 273 -35.04 66.87 6.40
N TRP MB 274 -35.73 65.88 6.97
CA TRP MB 274 -35.39 65.43 8.31
C TRP MB 274 -34.07 64.67 8.33
N THR MB 275 -33.62 64.18 7.18
CA THR MB 275 -32.28 63.61 7.02
C THR MB 275 -31.43 64.70 6.41
N PHE MB 276 -30.59 65.33 7.22
CA PHE MB 276 -29.79 66.46 6.76
C PHE MB 276 -28.78 65.99 5.73
N ILE MB 277 -29.04 66.30 4.46
CA ILE MB 277 -28.24 65.84 3.35
C ILE MB 277 -27.26 66.93 2.97
N THR MB 278 -25.99 66.56 2.78
CA THR MB 278 -24.91 67.48 2.47
C THR MB 278 -24.48 67.34 1.00
N PRO MB 279 -23.90 68.39 0.40
CA PRO MB 279 -23.57 69.70 0.96
C PRO MB 279 -24.76 70.66 1.02
N PHE MB 280 -25.96 70.12 0.77
CA PHE MB 280 -27.16 70.95 0.80
C PHE MB 280 -27.36 71.57 2.19
N SER MB 281 -27.19 70.77 3.24
CA SER MB 281 -27.40 71.27 4.60
C SER MB 281 -26.24 72.11 5.09
N SER MB 282 -25.01 71.75 4.73
CA SER MB 282 -23.82 72.34 5.31
C SER MB 282 -23.27 73.51 4.51
N ASN MB 283 -24.11 74.24 3.79
CA ASN MB 283 -23.64 75.35 2.98
C ASN MB 283 -24.68 76.45 2.97
N ILE MB 284 -24.26 77.66 3.35
CA ILE MB 284 -25.15 78.81 3.31
C ILE MB 284 -25.51 79.18 1.87
N LYS MB 285 -24.68 78.79 0.91
CA LYS MB 285 -24.95 79.10 -0.49
C LYS MB 285 -26.22 78.41 -0.99
N TYR MB 286 -26.57 77.27 -0.39
CA TYR MB 286 -27.72 76.49 -0.82
C TYR MB 286 -28.88 76.50 0.18
N THR MB 287 -28.59 76.38 1.47
CA THR MB 287 -29.58 76.56 2.52
C THR MB 287 -29.15 77.74 3.37
N GLY MB 288 -29.88 78.85 3.27
CA GLY MB 288 -29.47 80.08 3.91
C GLY MB 288 -29.61 80.03 5.41
N VAL MB 289 -29.07 81.06 6.07
CA VAL MB 289 -29.14 81.16 7.52
C VAL MB 289 -30.57 81.36 7.95
N GLY MB 290 -31.04 80.52 8.86
CA GLY MB 290 -32.45 80.52 9.19
C GLY MB 290 -32.96 79.17 9.65
N SER MB 291 -33.98 78.67 8.95
CA SER MB 291 -34.65 77.44 9.37
C SER MB 291 -33.69 76.27 9.48
N GLN MB 292 -32.71 76.18 8.57
CA GLN MB 292 -31.78 75.06 8.62
C GLN MB 292 -30.93 75.08 9.89
N ASP MB 293 -30.43 76.26 10.26
CA ASP MB 293 -29.68 76.38 11.51
C ASP MB 293 -30.57 76.09 12.70
N ILE MB 294 -31.82 76.54 12.65
CA ILE MB 294 -32.78 76.22 13.70
C ILE MB 294 -32.89 74.71 13.86
N LEU MB 295 -33.02 74.00 12.74
CA LEU MB 295 -33.14 72.54 12.78
C LEU MB 295 -31.90 71.89 13.36
N ILE MB 296 -30.72 72.34 12.94
CA ILE MB 296 -29.48 71.72 13.39
C ILE MB 296 -29.31 71.91 14.90
N LEU MB 297 -29.50 73.14 15.38
CA LEU MB 297 -29.33 73.37 16.81
C LEU MB 297 -30.45 72.74 17.62
N SER MB 298 -31.66 72.64 17.07
CA SER MB 298 -32.73 71.94 17.76
C SER MB 298 -32.46 70.45 17.84
N VAL MB 299 -31.79 69.87 16.84
CA VAL MB 299 -31.38 68.48 16.92
C VAL MB 299 -30.30 68.31 17.99
N VAL MB 300 -29.39 69.28 18.11
CA VAL MB 300 -28.42 69.24 19.21
C VAL MB 300 -29.15 69.24 20.56
N PHE MB 301 -30.13 70.12 20.71
CA PHE MB 301 -30.89 70.19 21.96
C PHE MB 301 -31.68 68.91 22.20
N ALA MB 302 -32.24 68.31 21.15
CA ALA MB 302 -32.95 67.05 21.29
C ALA MB 302 -32.01 65.94 21.72
N GLY MB 303 -30.77 65.96 21.21
CA GLY MB 303 -29.78 65.00 21.68
C GLY MB 303 -29.48 65.17 23.16
N ILE MB 304 -29.38 66.42 23.62
CA ILE MB 304 -29.16 66.65 25.04
C ILE MB 304 -30.33 66.14 25.87
N SER MB 305 -31.55 66.40 25.41
CA SER MB 305 -32.73 65.94 26.14
C SER MB 305 -32.79 64.42 26.18
N THR MB 306 -32.49 63.76 25.06
CA THR MB 306 -32.46 62.31 25.04
C THR MB 306 -31.37 61.77 25.96
N THR MB 307 -30.23 62.46 26.02
CA THR MB 307 -29.17 62.07 26.96
C THR MB 307 -29.69 62.09 28.39
N ILE MB 308 -30.35 63.18 28.78
CA ILE MB 308 -30.91 63.28 30.12
C ILE MB 308 -31.87 62.13 30.38
N SER MB 309 -32.78 61.89 29.43
CA SER MB 309 -33.81 60.88 29.63
C SER MB 309 -33.22 59.49 29.78
N PHE MB 310 -32.35 59.08 28.86
CA PHE MB 310 -31.83 57.72 28.92
C PHE MB 310 -30.92 57.54 30.13
N THR MB 311 -30.15 58.56 30.50
CA THR MB 311 -29.35 58.46 31.71
C THR MB 311 -30.23 58.24 32.92
N ASN MB 312 -31.27 59.06 33.08
CA ASN MB 312 -32.16 58.95 34.22
C ASN MB 312 -32.77 57.55 34.31
N LEU MB 313 -33.32 57.06 33.20
CA LEU MB 313 -34.05 55.80 33.25
C LEU MB 313 -33.10 54.60 33.39
N LEU MB 314 -31.97 54.60 32.68
CA LEU MB 314 -31.03 53.49 32.80
C LEU MB 314 -30.47 53.40 34.21
N ILE MB 315 -30.15 54.54 34.82
CA ILE MB 315 -29.62 54.48 36.19
C ILE MB 315 -30.73 54.17 37.18
N THR MB 316 -31.99 54.50 36.84
CA THR MB 316 -33.10 54.09 37.67
C THR MB 316 -33.21 52.57 37.71
N ARG MB 317 -33.06 51.92 36.55
CA ARG MB 317 -33.09 50.46 36.53
C ARG MB 317 -31.86 49.87 37.23
N ARG MB 318 -30.67 50.35 36.87
CA ARG MB 318 -29.44 49.72 37.32
C ARG MB 318 -29.18 49.93 38.80
N THR MB 319 -29.92 50.82 39.46
CA THR MB 319 -29.66 51.13 40.86
C THR MB 319 -30.85 50.93 41.77
N LEU MB 320 -32.05 51.31 41.34
CA LEU MB 320 -33.22 51.31 42.21
C LEU MB 320 -34.17 50.15 41.94
N ALA MB 321 -33.69 49.10 41.27
CA ALA MB 321 -34.55 47.95 40.99
C ALA MB 321 -34.86 47.20 42.27
N MET MB 322 -36.03 46.57 42.30
CA MET MB 322 -36.45 45.80 43.46
C MET MB 322 -35.54 44.58 43.61
N PRO MB 323 -35.44 44.04 44.84
CA PRO MB 323 -34.43 43.01 45.10
C PRO MB 323 -34.52 41.79 44.21
N GLY MB 324 -35.70 41.45 43.69
CA GLY MB 324 -35.81 40.26 42.86
C GLY MB 324 -35.73 40.52 41.37
N LEU MB 325 -35.84 41.78 40.95
CA LEU MB 325 -35.88 42.14 39.54
C LEU MB 325 -34.67 42.98 39.16
N ARG MB 326 -33.51 42.67 39.74
CA ARG MB 326 -32.32 43.44 39.43
C ARG MB 326 -31.79 43.12 38.03
N HIS MB 327 -31.72 41.82 37.69
CA HIS MB 327 -31.11 41.40 36.44
C HIS MB 327 -32.03 40.60 35.53
N ARG MB 328 -33.17 40.13 36.02
CA ARG MB 328 -34.05 39.29 35.23
C ARG MB 328 -34.81 40.17 34.24
N ARG MB 329 -34.41 40.15 32.97
CA ARG MB 329 -35.13 40.87 31.93
C ARG MB 329 -36.53 40.30 31.74
N VAL MB 330 -36.66 38.98 31.80
CA VAL MB 330 -37.91 38.32 31.42
C VAL MB 330 -39.04 38.70 32.37
N LEU MB 331 -38.74 38.92 33.65
CA LEU MB 331 -39.78 39.12 34.64
C LEU MB 331 -40.58 40.40 34.36
N MET MB 332 -39.90 41.47 33.93
CA MET MB 332 -40.57 42.74 33.74
C MET MB 332 -41.58 42.65 32.59
N PRO MB 333 -42.57 43.54 32.58
CA PRO MB 333 -43.48 43.61 31.44
C PRO MB 333 -42.72 43.96 30.17
N PHE MB 334 -43.23 43.49 29.04
CA PHE MB 334 -42.48 43.57 27.79
C PHE MB 334 -42.22 45.01 27.38
N VAL MB 335 -43.11 45.93 27.71
CA VAL MB 335 -42.90 47.32 27.33
C VAL MB 335 -41.67 47.87 28.05
N THR MB 336 -41.43 47.45 29.28
CA THR MB 336 -40.26 47.94 30.02
C THR MB 336 -38.97 47.36 29.48
N ILE MB 337 -38.98 46.07 29.11
CA ILE MB 337 -37.81 45.47 28.47
C ILE MB 337 -37.49 46.20 27.19
N SER MB 338 -38.52 46.45 26.38
CA SER MB 338 -38.33 47.18 25.13
C SER MB 338 -37.79 48.58 25.37
N ILE MB 339 -38.33 49.27 26.38
CA ILE MB 339 -37.87 50.62 26.66
C ILE MB 339 -36.40 50.63 27.06
N PHE MB 340 -36.00 49.69 27.91
CA PHE MB 340 -34.61 49.65 28.35
C PHE MB 340 -33.66 49.31 27.20
N LEU MB 341 -34.06 48.37 26.34
CA LEU MB 341 -33.24 48.06 25.17
C LEU MB 341 -33.10 49.28 24.27
N THR MB 342 -34.21 49.99 24.03
CA THR MB 342 -34.15 51.18 23.18
C THR MB 342 -33.33 52.29 23.81
N LEU MB 343 -33.34 52.38 25.15
CA LEU MB 343 -32.52 53.40 25.82
C LEU MB 343 -31.04 53.07 25.69
N ARG MB 344 -30.68 51.79 25.79
CA ARG MB 344 -29.29 51.41 25.51
C ARG MB 344 -28.90 51.77 24.07
N MET MB 345 -29.80 51.51 23.11
CA MET MB 345 -29.52 51.88 21.73
C MET MB 345 -29.34 53.39 21.58
N LEU MB 346 -30.19 54.18 22.24
CA LEU MB 346 -30.07 55.63 22.17
C LEU MB 346 -28.75 56.09 22.78
N ALA MB 347 -28.36 55.47 23.90
CA ALA MB 347 -27.07 55.80 24.50
C ALA MB 347 -25.94 55.54 23.51
N THR MB 348 -26.04 54.45 22.77
CA THR MB 348 -25.00 54.14 21.78
C THR MB 348 -24.98 55.16 20.64
N ILE MB 349 -26.16 55.57 20.14
CA ILE MB 349 -26.22 56.29 18.88
C ILE MB 349 -26.26 57.82 19.02
N THR MB 350 -26.61 58.35 20.19
CA THR MB 350 -26.75 59.80 20.33
C THR MB 350 -25.47 60.58 20.05
N PRO MB 351 -24.29 60.18 20.57
CA PRO MB 351 -23.08 60.97 20.27
C PRO MB 351 -22.77 61.09 18.79
N VAL MB 352 -23.08 60.07 17.99
CA VAL MB 352 -22.78 60.13 16.56
C VAL MB 352 -23.62 61.23 15.89
N LEU MB 353 -24.92 61.26 16.18
CA LEU MB 353 -25.76 62.30 15.61
C LEU MB 353 -25.34 63.68 16.12
N GLY MB 354 -25.01 63.77 17.41
CA GLY MB 354 -24.55 65.06 17.94
C GLY MB 354 -23.30 65.56 17.24
N ALA MB 355 -22.33 64.66 17.02
CA ALA MB 355 -21.13 65.03 16.30
C ALA MB 355 -21.44 65.46 14.88
N ALA MB 356 -22.33 64.72 14.19
CA ALA MB 356 -22.67 65.06 12.82
C ALA MB 356 -23.28 66.45 12.72
N VAL MB 357 -24.24 66.76 13.61
CA VAL MB 357 -24.90 68.06 13.51
C VAL MB 357 -23.98 69.19 13.97
N ILE MB 358 -23.10 68.93 14.94
CA ILE MB 358 -22.13 69.95 15.34
C ILE MB 358 -21.18 70.25 14.18
N MET MB 359 -20.74 69.20 13.47
CA MET MB 359 -19.90 69.41 12.30
C MET MB 359 -20.64 70.19 11.23
N MET MB 360 -21.93 69.91 11.04
CA MET MB 360 -22.71 70.68 10.07
C MET MB 360 -22.79 72.14 10.45
N ALA MB 361 -22.99 72.44 11.74
CA ALA MB 361 -23.05 73.83 12.19
C ALA MB 361 -21.71 74.53 11.98
N PHE MB 362 -20.61 73.86 12.32
CA PHE MB 362 -19.29 74.44 12.08
C PHE MB 362 -19.06 74.70 10.60
N ASP MB 363 -19.47 73.75 9.75
CA ASP MB 363 -19.30 73.92 8.31
C ASP MB 363 -20.12 75.09 7.79
N ARG MB 364 -21.33 75.25 8.31
CA ARG MB 364 -22.18 76.35 7.86
C ARG MB 364 -21.63 77.70 8.27
N HIS MB 365 -21.17 77.83 9.52
CA HIS MB 365 -20.85 79.15 10.05
C HIS MB 365 -19.37 79.45 10.19
N TRP MB 366 -18.50 78.45 10.12
CA TRP MB 366 -17.07 78.69 10.20
C TRP MB 366 -16.32 78.33 8.93
N GLN MB 367 -17.00 77.77 7.93
CA GLN MB 367 -16.38 77.30 6.70
C GLN MB 367 -15.23 76.33 7.00
N THR MB 368 -15.52 75.32 7.81
CA THR MB 368 -14.55 74.28 8.11
C THR MB 368 -14.44 73.25 7.00
N THR MB 369 -15.34 73.29 6.02
CA THR MB 369 -15.29 72.40 4.85
C THR MB 369 -15.23 70.93 5.24
N PHE MB 370 -16.03 70.56 6.23
CA PHE MB 370 -16.11 69.15 6.61
C PHE MB 370 -16.74 68.32 5.50
N PHE MB 371 -17.77 68.86 4.84
CA PHE MB 371 -18.52 68.13 3.83
C PHE MB 371 -18.39 68.79 2.46
N GLU MB 372 -17.27 69.45 2.20
CA GLU MB 372 -16.96 70.03 0.91
C GLU MB 372 -15.83 69.22 0.27
N TYR MB 373 -16.08 68.70 -0.93
CA TYR MB 373 -15.14 67.80 -1.57
C TYR MB 373 -13.89 68.50 -2.08
N ALA MB 374 -13.94 69.83 -2.23
CA ALA MB 374 -12.92 70.54 -2.99
C ALA MB 374 -11.54 70.40 -2.36
N TYR MB 375 -11.44 70.47 -1.03
CA TYR MB 375 -10.15 70.48 -0.37
C TYR MB 375 -10.04 69.41 0.70
N GLY MB 376 -10.72 68.28 0.52
CA GLY MB 376 -10.51 67.17 1.42
C GLY MB 376 -11.75 66.50 1.97
N GLY MB 377 -12.80 67.28 2.25
CA GLY MB 377 -14.00 66.73 2.85
C GLY MB 377 -14.74 65.81 1.90
N ASP MB 378 -15.75 65.15 2.44
CA ASP MB 378 -16.61 64.28 1.64
C ASP MB 378 -18.05 64.36 2.12
N PRO MB 379 -18.99 64.71 1.24
CA PRO MB 379 -20.40 64.81 1.67
C PRO MB 379 -20.99 63.48 2.10
N ILE MB 380 -20.43 62.35 1.67
CA ILE MB 380 -21.02 61.06 1.99
C ILE MB 380 -20.87 60.74 3.47
N LEU MB 381 -19.80 61.23 4.11
CA LEU MB 381 -19.59 60.96 5.53
C LEU MB 381 -20.78 61.44 6.36
N SER MB 382 -21.39 62.56 5.98
CA SER MB 382 -22.57 63.03 6.68
C SER MB 382 -23.71 62.02 6.61
N GLN MB 383 -23.94 61.46 5.43
CA GLN MB 383 -24.98 60.44 5.30
C GLN MB 383 -24.66 59.21 6.13
N HIS MB 384 -23.40 58.80 6.15
CA HIS MB 384 -23.01 57.65 6.96
C HIS MB 384 -23.31 57.88 8.43
N LEU MB 385 -22.85 59.02 8.97
CA LEU MB 385 -23.09 59.31 10.38
C LEU MB 385 -24.58 59.41 10.67
N PHE MB 386 -25.31 60.16 9.84
CA PHE MB 386 -26.73 60.36 10.12
C PHE MB 386 -27.48 59.05 10.07
N TRP MB 387 -27.20 58.18 9.10
CA TRP MB 387 -27.98 56.95 9.00
C TRP MB 387 -27.56 55.92 10.03
N PHE MB 388 -26.29 55.92 10.43
CA PHE MB 388 -25.85 55.13 11.57
C PHE MB 388 -26.62 55.52 12.81
N PHE MB 389 -26.95 56.82 12.95
CA PHE MB 389 -27.90 57.19 14.00
C PHE MB 389 -29.32 56.75 13.65
N GLY MB 390 -29.72 56.94 12.41
CA GLY MB 390 -31.10 56.94 11.99
C GLY MB 390 -31.82 55.60 11.99
N HIS MB 391 -31.20 54.55 11.47
CA HIS MB 391 -31.87 53.25 11.54
C HIS MB 391 -32.11 52.80 12.97
N PRO MB 392 -31.13 52.86 13.88
CA PRO MB 392 -31.44 52.56 15.29
C PRO MB 392 -32.54 53.45 15.85
N GLU MB 393 -32.69 54.67 15.33
CA GLU MB 393 -33.77 55.52 15.79
C GLU MB 393 -35.14 54.92 15.44
N VAL MB 394 -35.30 54.41 14.23
CA VAL MB 394 -36.58 53.80 13.88
C VAL MB 394 -36.78 52.52 14.70
N TYR MB 395 -35.71 51.79 14.98
CA TYR MB 395 -35.88 50.59 15.80
C TYR MB 395 -36.30 50.94 17.22
N VAL MB 396 -35.71 51.99 17.81
CA VAL MB 396 -36.13 52.41 19.14
C VAL MB 396 -37.52 53.01 19.13
N LEU MB 397 -37.97 53.53 17.98
CA LEU MB 397 -39.36 53.98 17.90
C LEU MB 397 -40.32 52.82 17.87
N ILE MB 398 -39.94 51.71 17.21
CA ILE MB 398 -40.92 50.64 17.00
C ILE MB 398 -40.96 49.62 18.14
N ILE MB 399 -39.82 49.33 18.79
CA ILE MB 399 -39.78 48.19 19.73
C ILE MB 399 -40.75 48.35 20.91
N PRO MB 400 -40.88 49.51 21.55
CA PRO MB 400 -41.84 49.60 22.67
C PRO MB 400 -43.28 49.27 22.28
N THR MB 401 -43.68 49.48 21.02
CA THR MB 401 -45.01 49.06 20.61
C THR MB 401 -45.12 47.54 20.56
N PHE MB 402 -44.05 46.86 20.14
CA PHE MB 402 -43.95 45.42 20.32
C PHE MB 402 -44.16 45.05 21.78
N GLY MB 403 -43.59 45.85 22.68
CA GLY MB 403 -43.86 45.64 24.09
C GLY MB 403 -45.33 45.79 24.42
N PHE MB 404 -45.99 46.77 23.80
CA PHE MB 404 -47.41 47.02 24.09
C PHE MB 404 -48.28 45.83 23.69
N ILE MB 405 -48.04 45.26 22.51
CA ILE MB 405 -48.91 44.16 22.09
C ILE MB 405 -48.71 42.92 22.97
N ASN MB 406 -47.48 42.69 23.44
CA ASN MB 406 -47.17 41.47 24.20
C ASN MB 406 -47.75 41.48 25.60
N MET MB 407 -48.31 42.58 26.06
CA MET MB 407 -48.93 42.65 27.38
C MET MB 407 -50.44 42.52 27.33
N ILE MB 408 -51.07 43.11 26.31
CA ILE MB 408 -52.53 43.11 26.24
C ILE MB 408 -53.07 41.73 25.93
N VAL MB 409 -52.46 41.03 24.97
CA VAL MB 409 -52.96 39.72 24.57
C VAL MB 409 -52.91 38.71 25.71
N PRO MB 410 -51.79 38.54 26.43
CA PRO MB 410 -51.82 37.65 27.60
C PRO MB 410 -52.81 38.09 28.67
N HIS MB 411 -53.01 39.40 28.84
CA HIS MB 411 -53.94 39.89 29.84
C HIS MB 411 -55.37 39.48 29.50
N ASN MB 412 -55.76 39.61 28.24
CA ASN MB 412 -57.13 39.31 27.83
C ASN MB 412 -57.36 37.85 27.48
N ASN MB 413 -56.31 37.12 27.12
CA ASN MB 413 -56.45 35.71 26.77
C ASN MB 413 -56.32 34.78 27.96
N THR MB 414 -55.96 35.31 29.13
CA THR MB 414 -55.88 34.53 30.37
C THR MB 414 -54.90 33.36 30.23
N ARG MB 415 -53.82 33.59 29.50
CA ARG MB 415 -52.80 32.56 29.32
C ARG MB 415 -51.45 33.22 29.11
N ARG MB 416 -50.40 32.45 29.32
CA ARG MB 416 -49.05 32.93 29.13
C ARG MB 416 -48.79 33.25 27.66
N VAL MB 417 -47.89 34.20 27.43
CA VAL MB 417 -47.44 34.46 26.06
C VAL MB 417 -46.76 33.19 25.53
N ALA MB 418 -46.72 33.08 24.20
CA ALA MB 418 -46.26 31.85 23.57
C ALA MB 418 -44.86 31.47 24.03
N SER MB 419 -43.92 32.40 23.93
CA SER MB 419 -42.57 32.18 24.46
C SER MB 419 -41.94 33.55 24.67
N LYS MB 420 -41.83 33.98 25.93
CA LYS MB 420 -41.32 35.32 26.21
C LYS MB 420 -39.83 35.40 25.95
N HIS MB 421 -39.09 34.34 26.27
CA HIS MB 421 -37.64 34.35 26.05
C HIS MB 421 -37.30 34.51 24.57
N HIS MB 422 -38.03 33.83 23.71
CA HIS MB 422 -37.74 33.91 22.28
C HIS MB 422 -38.08 35.29 21.72
N MET MB 423 -39.16 35.91 22.21
CA MET MB 423 -39.49 37.27 21.77
C MET MB 423 -38.45 38.27 22.26
N ILE MB 424 -37.98 38.12 23.50
CA ILE MB 424 -36.92 38.99 24.01
C ILE MB 424 -35.65 38.83 23.19
N TRP MB 425 -35.29 37.59 22.87
CA TRP MB 425 -34.12 37.35 22.04
C TRP MB 425 -34.32 37.93 20.65
N ALA MB 426 -35.55 37.87 20.12
CA ALA MB 426 -35.81 38.43 18.80
C ALA MB 426 -35.62 39.94 18.79
N ILE MB 427 -36.14 40.64 19.80
CA ILE MB 427 -35.98 42.08 19.83
C ILE MB 427 -34.52 42.45 20.07
N TYR MB 428 -33.80 41.67 20.89
CA TYR MB 428 -32.38 41.95 21.11
C TYR MB 428 -31.57 41.71 19.85
N VAL MB 429 -31.89 40.68 19.08
CA VAL MB 429 -31.20 40.43 17.81
C VAL MB 429 -31.51 41.54 16.81
N MET MB 430 -32.76 42.00 16.77
CA MET MB 430 -33.09 43.14 15.90
C MET MB 430 -32.29 44.37 16.31
N ALA MB 431 -32.18 44.63 17.61
CA ALA MB 431 -31.40 45.78 18.06
C ALA MB 431 -29.93 45.65 17.69
N TYR MB 432 -29.35 44.46 17.87
CA TYR MB 432 -27.94 44.27 17.56
C TYR MB 432 -27.67 44.36 16.06
N MET MB 433 -28.59 43.84 15.23
CA MET MB 433 -28.42 43.89 13.79
C MET MB 433 -28.88 45.21 13.19
N GLY MB 434 -29.48 46.10 13.97
CA GLY MB 434 -29.81 47.40 13.46
C GLY MB 434 -28.62 48.32 13.28
N TYR MB 435 -27.45 47.94 13.82
CA TYR MB 435 -26.23 48.71 13.69
C TYR MB 435 -25.44 48.39 12.44
N LEU MB 436 -25.84 47.37 11.68
CA LEU MB 436 -25.10 46.94 10.51
C LEU MB 436 -25.93 47.03 9.24
N VAL MB 437 -27.04 47.76 9.27
CA VAL MB 437 -27.95 47.86 8.15
C VAL MB 437 -28.20 49.30 7.72
N TRP MB 438 -27.53 50.27 8.33
CA TRP MB 438 -27.80 51.67 7.98
C TRP MB 438 -27.54 51.94 6.51
N GLY MB 439 -26.59 51.22 5.91
CA GLY MB 439 -26.23 51.43 4.53
C GLY MB 439 -27.33 51.13 3.54
N HIS MB 440 -28.40 50.45 3.96
CA HIS MB 440 -29.52 50.28 3.04
C HIS MB 440 -30.24 51.60 2.77
N HIS MB 441 -29.94 52.65 3.53
CA HIS MB 441 -30.42 53.98 3.21
C HIS MB 441 -29.50 54.71 2.23
N MET MB 442 -28.40 54.09 1.83
CA MET MB 442 -27.39 54.73 1.00
C MET MB 442 -26.96 53.80 -0.14
N TYR MB 443 -27.90 53.07 -0.72
CA TYR MB 443 -27.56 52.14 -1.78
C TYR MB 443 -27.04 52.86 -3.02
N LEU MB 444 -27.68 53.97 -3.40
CA LEU MB 444 -27.41 54.61 -4.68
C LEU MB 444 -26.33 55.67 -4.62
N VAL MB 445 -25.85 56.04 -3.43
CA VAL MB 445 -24.88 57.12 -3.29
C VAL MB 445 -23.53 56.70 -3.84
N GLY MB 446 -23.39 55.42 -4.16
CA GLY MB 446 -22.15 54.94 -4.75
C GLY MB 446 -21.28 54.17 -3.80
N LEU MB 447 -21.90 53.40 -2.91
CA LEU MB 447 -21.14 52.55 -2.01
C LEU MB 447 -20.50 51.39 -2.77
N ASP MB 448 -19.38 50.91 -2.24
CA ASP MB 448 -18.72 49.75 -2.84
C ASP MB 448 -19.64 48.53 -2.75
N HIS MB 449 -19.53 47.67 -3.75
CA HIS MB 449 -20.48 46.57 -3.89
C HIS MB 449 -20.38 45.58 -2.73
N ARG MB 450 -19.20 45.46 -2.12
CA ARG MB 450 -19.08 44.63 -0.92
C ARG MB 450 -19.96 45.18 0.20
N SER MB 451 -19.92 46.50 0.40
CA SER MB 451 -20.75 47.11 1.43
C SER MB 451 -22.23 46.92 1.12
N ARG MB 452 -22.62 47.08 -0.15
CA ARG MB 452 -24.03 46.88 -0.50
C ARG MB 452 -24.47 45.46 -0.25
N THR MB 453 -23.63 44.47 -0.61
CA THR MB 453 -24.00 43.08 -0.37
C THR MB 453 -24.13 42.81 1.12
N MET MB 454 -23.19 43.31 1.93
CA MET MB 454 -23.28 43.13 3.37
C MET MB 454 -24.56 43.74 3.94
N TYR MB 455 -24.83 45.00 3.59
CA TYR MB 455 -26.01 45.69 4.11
C TYR MB 455 -27.28 44.99 3.67
N SER MB 456 -27.36 44.57 2.41
CA SER MB 456 -28.56 43.90 1.91
C SER MB 456 -28.77 42.57 2.59
N THR MB 457 -27.71 41.77 2.75
CA THR MB 457 -27.86 40.46 3.40
C THR MB 457 -28.33 40.63 4.84
N ILE MB 458 -27.70 41.54 5.59
CA ILE MB 458 -28.08 41.71 6.99
C ILE MB 458 -29.49 42.30 7.10
N THR MB 459 -29.85 43.20 6.18
CA THR MB 459 -31.19 43.79 6.21
C THR MB 459 -32.26 42.75 5.89
N ILE MB 460 -32.01 41.88 4.92
CA ILE MB 460 -32.98 40.83 4.62
C ILE MB 460 -33.07 39.83 5.76
N MET MB 461 -31.95 39.56 6.44
CA MET MB 461 -31.99 38.65 7.58
C MET MB 461 -32.77 39.21 8.76
N ILE MB 462 -33.13 40.49 8.74
CA ILE MB 462 -33.99 41.06 9.80
C ILE MB 462 -35.36 40.39 9.79
N SER MB 463 -35.79 39.84 8.65
CA SER MB 463 -37.12 39.25 8.57
C SER MB 463 -37.28 38.03 9.47
N MET MB 464 -36.18 37.40 9.88
CA MET MB 464 -36.29 36.20 10.70
C MET MB 464 -36.57 36.53 12.16
N PRO MB 465 -35.86 37.49 12.79
CA PRO MB 465 -36.28 37.93 14.13
C PRO MB 465 -37.68 38.52 14.15
N ALA MB 466 -38.10 39.18 13.08
CA ALA MB 466 -39.42 39.79 13.05
C ALA MB 466 -40.52 38.76 12.86
N THR MB 467 -40.24 37.66 12.15
CA THR MB 467 -41.23 36.61 11.99
C THR MB 467 -41.45 35.84 13.30
N ILE MB 468 -40.40 35.74 14.12
CA ILE MB 468 -40.55 35.14 15.44
C ILE MB 468 -41.61 35.87 16.24
N LYS MB 469 -41.62 37.20 16.17
CA LYS MB 469 -42.60 38.00 16.88
C LYS MB 469 -44.01 37.69 16.40
N VAL MB 470 -44.21 37.62 15.07
CA VAL MB 470 -45.54 37.38 14.53
C VAL MB 470 -46.03 35.99 14.91
N VAL MB 471 -45.16 34.98 14.80
CA VAL MB 471 -45.54 33.62 15.17
C VAL MB 471 -45.88 33.55 16.65
N ASN MB 472 -45.11 34.23 17.49
CA ASN MB 472 -45.39 34.21 18.93
C ASN MB 472 -46.71 34.89 19.24
N TRP MB 473 -47.02 36.01 18.57
CA TRP MB 473 -48.31 36.65 18.79
C TRP MB 473 -49.46 35.74 18.37
N THR MB 474 -49.32 35.10 17.21
CA THR MB 474 -50.38 34.20 16.74
C THR MB 474 -50.57 33.02 17.68
N LEU MB 475 -49.47 32.46 18.19
CA LEU MB 475 -49.58 31.34 19.11
C LEU MB 475 -50.08 31.76 20.48
N SER MB 476 -49.83 33.01 20.87
CA SER MB 476 -50.37 33.55 22.10
C SER MB 476 -51.85 33.91 21.98
N LEU MB 477 -52.37 33.96 20.76
CA LEU MB 477 -53.77 34.25 20.54
C LEU MB 477 -54.66 33.01 20.55
N VAL MB 478 -54.13 31.82 20.80
CA VAL MB 478 -54.90 30.59 20.65
C VAL MB 478 -54.91 29.82 21.97
N ASN MB 479 -55.96 29.01 22.14
CA ASN MB 479 -56.11 28.10 23.27
C ASN MB 479 -56.08 28.85 24.61
N GLY MB 480 -57.08 29.69 24.81
CA GLY MB 480 -57.17 30.45 26.04
C GLY MB 480 -58.57 30.97 26.25
N ALA MB 481 -58.74 31.71 27.35
CA ALA MB 481 -60.01 32.31 27.72
C ALA MB 481 -59.98 33.77 27.26
N LEU MB 482 -60.69 34.07 26.18
CA LEU MB 482 -60.58 35.37 25.52
C LEU MB 482 -61.63 36.33 26.06
N LYS MB 483 -61.19 37.55 26.37
CA LYS MB 483 -62.06 38.64 26.80
C LYS MB 483 -61.84 39.81 25.85
N ILE MB 484 -62.86 40.12 25.05
CA ILE MB 484 -62.72 41.13 24.00
C ILE MB 484 -62.73 42.52 24.63
N ASP MB 485 -61.69 43.30 24.34
CA ASP MB 485 -61.52 44.64 24.88
C ASP MB 485 -61.09 45.59 23.78
N LEU MB 486 -61.32 46.88 24.02
CA LEU MB 486 -60.80 47.90 23.11
C LEU MB 486 -59.28 47.85 22.96
N PRO MB 487 -58.48 47.68 24.02
CA PRO MB 487 -57.04 47.46 23.79
C PRO MB 487 -56.77 46.24 22.94
N PHE MB 488 -57.56 45.17 23.08
CA PHE MB 488 -57.38 43.99 22.26
C PHE MB 488 -57.63 44.29 20.78
N LEU MB 489 -58.70 45.04 20.50
CA LEU MB 489 -58.99 45.39 19.10
C LEU MB 489 -57.90 46.28 18.53
N PHE MB 490 -57.39 47.22 19.34
CA PHE MB 490 -56.27 48.04 18.88
C PHE MB 490 -55.03 47.18 18.62
N SER MB 491 -54.81 46.15 19.45
CA SER MB 491 -53.69 45.24 19.22
C SER MB 491 -53.85 44.50 17.91
N MET MB 492 -55.07 44.07 17.57
CA MET MB 492 -55.30 43.40 16.29
C MET MB 492 -55.03 44.33 15.12
N SER MB 493 -55.47 45.59 15.23
CA SER MB 493 -55.17 46.57 14.18
C SER MB 493 -53.66 46.77 14.04
N PHE MB 494 -52.96 46.87 15.17
CA PHE MB 494 -51.50 46.95 15.14
C PHE MB 494 -50.90 45.75 14.43
N LEU MB 495 -51.44 44.56 14.70
CA LEU MB 495 -50.89 43.35 14.09
C LEU MB 495 -50.99 43.41 12.58
N LEU MB 496 -52.17 43.80 12.06
CA LEU MB 496 -52.34 43.89 10.61
C LEU MB 496 -51.40 44.93 10.01
N LEU MB 497 -51.36 46.12 10.62
CA LEU MB 497 -50.52 47.18 10.09
C LEU MB 497 -49.05 46.80 10.11
N PHE MB 498 -48.60 46.16 11.18
CA PHE MB 498 -47.21 45.74 11.26
C PHE MB 498 -46.88 44.67 10.23
N LEU MB 499 -47.80 43.73 10.00
CA LEU MB 499 -47.57 42.73 8.96
C LEU MB 499 -47.32 43.40 7.62
N VAL MB 500 -48.23 44.29 7.23
CA VAL MB 500 -48.11 44.93 5.91
C VAL MB 500 -46.83 45.74 5.83
N ALA MB 501 -46.56 46.55 6.86
CA ALA MB 501 -45.38 47.41 6.83
C ALA MB 501 -44.10 46.60 6.77
N GLY MB 502 -44.01 45.53 7.57
CA GLY MB 502 -42.80 44.73 7.58
C GLY MB 502 -42.56 44.02 6.27
N PHE MB 503 -43.62 43.47 5.67
CA PHE MB 503 -43.44 42.82 4.37
C PHE MB 503 -42.98 43.83 3.32
N THR MB 504 -43.61 45.01 3.28
CA THR MB 504 -43.22 46.01 2.29
C THR MB 504 -41.79 46.48 2.51
N GLY MB 505 -41.39 46.67 3.77
CA GLY MB 505 -40.02 47.06 4.03
C GLY MB 505 -39.02 45.99 3.66
N MET MB 506 -39.40 44.72 3.85
CA MET MB 506 -38.54 43.62 3.41
C MET MB 506 -38.35 43.64 1.90
N TRP MB 507 -39.41 43.97 1.17
CA TRP MB 507 -39.28 44.10 -0.28
C TRP MB 507 -38.25 45.16 -0.67
N LEU MB 508 -38.15 46.24 0.12
CA LEU MB 508 -37.26 47.34 -0.21
C LEU MB 508 -35.79 46.96 -0.14
N SER MB 509 -35.44 45.87 0.56
CA SER MB 509 -34.05 45.44 0.60
C SER MB 509 -33.63 44.68 -0.64
N HIS MB 510 -34.59 44.22 -1.45
CA HIS MB 510 -34.31 43.69 -2.78
C HIS MB 510 -33.68 44.82 -3.60
N VAL MB 511 -32.38 44.70 -3.91
CA VAL MB 511 -31.62 45.86 -4.37
C VAL MB 511 -32.15 46.37 -5.71
N SER MB 512 -32.48 45.45 -6.62
CA SER MB 512 -32.97 45.86 -7.95
C SER MB 512 -34.27 46.62 -7.83
N LEU MB 513 -35.17 46.18 -6.95
CA LEU MB 513 -36.39 46.94 -6.70
C LEU MB 513 -36.09 48.26 -6.01
N ASN MB 514 -35.11 48.26 -5.11
CA ASN MB 514 -34.78 49.47 -4.36
C ASN MB 514 -34.24 50.56 -5.27
N VAL MB 515 -33.56 50.18 -6.35
CA VAL MB 515 -33.09 51.18 -7.30
C VAL MB 515 -34.27 51.95 -7.90
N SER MB 516 -35.34 51.24 -8.22
CA SER MB 516 -36.53 51.91 -8.74
C SER MB 516 -37.46 52.44 -7.65
N MET MB 517 -37.23 52.07 -6.39
CA MET MB 517 -38.08 52.48 -5.29
C MET MB 517 -37.39 53.36 -4.25
N HIS MB 518 -36.13 53.73 -4.48
CA HIS MB 518 -35.45 54.63 -3.55
C HIS MB 518 -35.98 56.05 -3.71
N ASP MB 519 -36.14 56.75 -2.59
CA ASP MB 519 -36.60 58.14 -2.59
C ASP MB 519 -37.88 58.31 -3.41
N THR MB 520 -38.81 57.38 -3.22
CA THR MB 520 -40.12 57.46 -3.87
C THR MB 520 -41.19 57.27 -2.82
N PHE MB 521 -42.45 57.39 -3.24
CA PHE MB 521 -43.55 57.28 -2.30
C PHE MB 521 -43.81 55.85 -1.83
N TYR MB 522 -43.15 54.85 -2.43
CA TYR MB 522 -43.20 53.50 -1.87
C TYR MB 522 -42.55 53.47 -0.50
N VAL MB 523 -41.40 54.13 -0.35
CA VAL MB 523 -40.76 54.23 0.96
C VAL MB 523 -41.62 55.00 1.93
N VAL MB 524 -42.24 56.09 1.45
CA VAL MB 524 -43.13 56.87 2.31
C VAL MB 524 -44.27 56.00 2.80
N ALA MB 525 -44.88 55.22 1.91
CA ALA MB 525 -45.97 54.34 2.32
C ALA MB 525 -45.47 53.29 3.31
N HIS MB 526 -44.32 52.66 3.03
CA HIS MB 526 -43.76 51.67 3.94
C HIS MB 526 -43.62 52.23 5.35
N PHE MB 527 -42.83 53.29 5.49
CA PHE MB 527 -42.54 53.76 6.83
C PHE MB 527 -43.70 54.51 7.45
N HIS MB 528 -44.65 55.01 6.66
CA HIS MB 528 -45.82 55.62 7.28
C HIS MB 528 -46.77 54.57 7.80
N ILE MB 529 -47.05 53.52 7.01
CA ILE MB 529 -47.78 52.38 7.56
C ILE MB 529 -47.13 51.97 8.88
N MET MB 530 -45.83 51.66 8.84
CA MET MB 530 -45.16 51.21 10.05
C MET MB 530 -45.29 52.20 11.19
N LEU MB 531 -44.64 53.36 11.08
CA LEU MB 531 -44.64 54.35 12.15
C LEU MB 531 -46.05 54.75 12.53
N SER MB 532 -46.75 55.46 11.65
CA SER MB 532 -48.06 55.98 12.00
C SER MB 532 -48.97 54.84 12.43
N GLY MB 533 -49.34 53.95 11.50
CA GLY MB 533 -50.29 52.91 11.83
C GLY MB 533 -49.87 52.08 13.01
N ALA MB 534 -48.78 51.31 12.90
CA ALA MB 534 -48.46 50.35 13.94
C ALA MB 534 -48.08 51.04 15.24
N ALA MB 535 -47.16 52.01 15.19
CA ALA MB 535 -46.68 52.62 16.43
C ALA MB 535 -47.81 53.37 17.14
N MET MB 536 -48.60 54.16 16.41
CA MET MB 536 -49.65 54.91 17.08
C MET MB 536 -50.80 54.00 17.51
N THR MB 537 -51.04 52.90 16.79
CA THR MB 537 -52.06 51.96 17.23
C THR MB 537 -51.63 51.24 18.51
N GLY MB 538 -50.35 50.89 18.61
CA GLY MB 538 -49.84 50.33 19.84
C GLY MB 538 -49.86 51.33 20.99
N ILE MB 539 -49.57 52.60 20.67
CA ILE MB 539 -49.62 53.65 21.70
C ILE MB 539 -51.05 53.83 22.20
N PHE MB 540 -52.02 53.84 21.29
CA PHE MB 540 -53.42 53.91 21.70
C PHE MB 540 -53.85 52.66 22.46
N SER MB 541 -53.31 51.50 22.09
CA SER MB 541 -53.56 50.28 22.86
C SER MB 541 -53.07 50.44 24.30
N GLY MB 542 -51.89 51.04 24.47
CA GLY MB 542 -51.40 51.30 25.80
C GLY MB 542 -52.22 52.33 26.54
N ILE MB 543 -52.71 53.35 25.83
CA ILE MB 543 -53.53 54.39 26.46
C ILE MB 543 -54.82 53.79 26.99
N TYR MB 544 -55.47 52.93 26.19
CA TYR MB 544 -56.71 52.30 26.66
C TYR MB 544 -56.43 51.22 27.70
N TYR MB 545 -55.27 50.56 27.60
CA TYR MB 545 -54.91 49.53 28.56
C TYR MB 545 -54.58 50.13 29.92
N TYR MB 546 -54.05 51.35 29.94
CA TYR MB 546 -53.70 52.05 31.17
C TYR MB 546 -54.58 53.27 31.40
N PHE MB 547 -55.84 53.23 30.97
CA PHE MB 547 -56.67 54.42 31.11
C PHE MB 547 -57.02 54.70 32.56
N ASN MB 548 -57.32 53.66 33.34
CA ASN MB 548 -57.59 53.87 34.76
C ASN MB 548 -56.33 54.30 35.51
N ALA MB 549 -55.18 53.73 35.14
CA ALA MB 549 -53.93 54.13 35.77
C ALA MB 549 -53.57 55.57 35.45
N LEU MB 550 -53.89 56.03 34.25
CA LEU MB 550 -53.53 57.37 33.80
C LEU MB 550 -54.52 58.43 34.24
N PHE MB 551 -55.82 58.13 34.20
CA PHE MB 551 -56.85 59.13 34.43
C PHE MB 551 -57.71 58.89 35.66
N GLY MB 552 -57.68 57.69 36.24
CA GLY MB 552 -58.44 57.42 37.44
C GLY MB 552 -59.89 57.06 37.21
N VAL MB 553 -60.35 57.03 35.96
CA VAL MB 553 -61.71 56.64 35.61
C VAL MB 553 -61.62 55.63 34.48
N LYS MB 554 -62.74 54.94 34.24
CA LYS MB 554 -62.81 54.02 33.12
C LYS MB 554 -63.31 54.75 31.87
N TYR MB 555 -62.80 54.33 30.72
CA TYR MB 555 -63.07 55.02 29.47
C TYR MB 555 -64.45 54.66 28.93
N SER MB 556 -64.96 55.52 28.05
CA SER MB 556 -66.23 55.29 27.38
C SER MB 556 -66.03 54.46 26.12
N ARG MB 557 -66.90 53.47 25.94
CA ARG MB 557 -66.72 52.52 24.85
C ARG MB 557 -67.13 53.10 23.50
N MET MB 558 -68.11 54.01 23.46
CA MET MB 558 -68.67 54.44 22.18
C MET MB 558 -67.65 55.23 21.37
N PHE MB 559 -67.18 56.35 21.92
CA PHE MB 559 -66.20 57.14 21.20
C PHE MB 559 -64.88 56.40 21.07
N GLY MB 560 -64.58 55.45 21.96
CA GLY MB 560 -63.40 54.64 21.78
C GLY MB 560 -63.49 53.72 20.57
N TYR MB 561 -64.63 53.08 20.37
CA TYR MB 561 -64.84 52.28 19.18
C TYR MB 561 -64.81 53.15 17.92
N MET MB 562 -65.41 54.34 18.00
CA MET MB 562 -65.34 55.25 16.86
C MET MB 562 -63.90 55.64 16.54
N HIS MB 563 -63.11 55.93 17.57
CA HIS MB 563 -61.71 56.26 17.37
C HIS MB 563 -60.97 55.11 16.71
N LEU MB 564 -61.19 53.89 17.20
CA LEU MB 564 -60.53 52.72 16.62
C LEU MB 564 -60.86 52.58 15.14
N ILE MB 565 -62.16 52.57 14.83
CA ILE MB 565 -62.60 52.35 13.46
C ILE MB 565 -62.05 53.43 12.53
N TYR MB 566 -62.22 54.70 12.91
CA TYR MB 566 -61.83 55.78 12.02
C TYR MB 566 -60.32 55.89 11.88
N TYR MB 567 -59.58 55.70 12.97
CA TYR MB 567 -58.13 55.77 12.86
C TYR MB 567 -57.58 54.65 11.98
N SER MB 568 -58.04 53.42 12.18
CA SER MB 568 -57.53 52.32 11.37
C SER MB 568 -57.90 52.48 9.89
N GLY MB 569 -59.16 52.84 9.63
CA GLY MB 569 -59.57 53.07 8.25
C GLY MB 569 -58.79 54.19 7.60
N GLY MB 570 -58.55 55.27 8.35
CA GLY MB 570 -57.77 56.36 7.81
C GLY MB 570 -56.35 55.95 7.49
N GLN MB 571 -55.73 55.16 8.36
CA GLN MB 571 -54.37 54.70 8.08
C GLN MB 571 -54.32 53.90 6.79
N TRP MB 572 -55.23 52.94 6.63
CA TRP MB 572 -55.22 52.13 5.41
C TRP MB 572 -55.49 52.98 4.17
N VAL MB 573 -56.55 53.78 4.21
CA VAL MB 573 -56.95 54.56 3.04
C VAL MB 573 -55.91 55.62 2.70
N ALA MB 574 -55.14 56.08 3.68
CA ALA MB 574 -54.16 57.11 3.43
C ALA MB 574 -52.83 56.56 2.96
N PHE MB 575 -52.49 55.32 3.31
CA PHE MB 575 -51.16 54.82 2.99
C PHE MB 575 -51.11 53.66 2.01
N VAL MB 576 -52.24 53.14 1.53
CA VAL MB 576 -52.19 52.18 0.43
C VAL MB 576 -52.05 52.89 -0.91
N PRO MB 577 -52.80 53.95 -1.19
CA PRO MB 577 -52.57 54.69 -2.44
C PRO MB 577 -51.17 55.24 -2.55
N LEU MB 578 -50.48 55.47 -1.43
CA LEU MB 578 -49.08 55.86 -1.51
C LEU MB 578 -48.23 54.73 -2.06
N PHE MB 579 -48.54 53.49 -1.71
CA PHE MB 579 -47.88 52.35 -2.35
C PHE MB 579 -48.15 52.34 -3.85
N TYR MB 580 -49.41 52.60 -4.23
CA TYR MB 580 -49.74 52.65 -5.65
C TYR MB 580 -48.94 53.72 -6.38
N LEU MB 581 -48.79 54.89 -5.76
CA LEU MB 581 -48.03 55.98 -6.37
C LEU MB 581 -46.54 55.66 -6.41
N GLY MB 582 -46.02 55.01 -5.38
CA GLY MB 582 -44.62 54.63 -5.38
C GLY MB 582 -44.29 53.63 -6.46
N PHE MB 583 -45.21 52.72 -6.76
CA PHE MB 583 -44.99 51.79 -7.86
C PHE MB 583 -44.97 52.49 -9.21
N SER MB 584 -45.61 53.65 -9.32
CA SER MB 584 -45.70 54.38 -10.59
C SER MB 584 -44.58 55.40 -10.77
N GLY MB 585 -43.66 55.50 -9.82
CA GLY MB 585 -42.54 56.41 -9.95
C GLY MB 585 -42.84 57.82 -9.48
N MET MB 586 -43.26 57.96 -8.23
CA MET MB 586 -43.56 59.26 -7.65
C MET MB 586 -42.47 59.63 -6.64
N PRO MB 587 -41.63 60.62 -6.93
CA PRO MB 587 -40.61 61.02 -5.96
C PRO MB 587 -41.22 61.60 -4.70
N ARG MB 588 -40.39 61.70 -3.66
CA ARG MB 588 -40.90 61.97 -2.32
C ARG MB 588 -41.26 63.44 -2.12
N ARG MB 589 -40.27 64.33 -2.20
CA ARG MB 589 -40.40 65.69 -1.66
C ARG MB 589 -40.76 66.71 -2.73
N ILE MB 590 -41.60 66.34 -3.68
CA ILE MB 590 -42.07 67.26 -4.71
C ILE MB 590 -43.48 67.70 -4.36
N HIS MB 591 -43.72 69.02 -4.37
CA HIS MB 591 -45.06 69.55 -4.12
C HIS MB 591 -45.89 69.64 -5.39
N ASP MB 592 -45.28 69.45 -6.55
CA ASP MB 592 -45.99 69.36 -7.82
C ASP MB 592 -45.56 68.07 -8.51
N TYR MB 593 -46.52 67.37 -9.08
CA TYR MB 593 -46.29 66.04 -9.62
C TYR MB 593 -47.02 65.89 -10.95
N PRO MB 594 -46.66 64.88 -11.75
CA PRO MB 594 -47.39 64.66 -13.01
C PRO MB 594 -48.87 64.45 -12.78
N VAL MB 595 -49.66 64.79 -13.82
CA VAL MB 595 -51.10 64.80 -13.72
C VAL MB 595 -51.66 63.41 -13.41
N VAL MB 596 -50.95 62.35 -13.80
CA VAL MB 596 -51.49 61.00 -13.68
C VAL MB 596 -51.44 60.44 -12.26
N PHE MB 597 -51.00 61.23 -11.28
CA PHE MB 597 -50.96 60.78 -9.90
C PHE MB 597 -52.13 61.30 -9.07
N MET MB 598 -52.72 62.42 -9.48
CA MET MB 598 -53.64 63.16 -8.62
C MET MB 598 -54.70 62.26 -8.02
N GLY MB 599 -55.29 61.39 -8.85
CA GLY MB 599 -56.30 60.46 -8.40
C GLY MB 599 -55.92 59.82 -7.08
N TRP MB 600 -54.86 59.01 -7.08
CA TRP MB 600 -54.53 58.31 -5.85
C TRP MB 600 -54.17 59.29 -4.75
N HIS MB 601 -53.47 60.38 -5.10
CA HIS MB 601 -53.13 61.38 -4.10
C HIS MB 601 -54.40 61.89 -3.41
N SER MB 602 -55.44 62.18 -4.18
CA SER MB 602 -56.70 62.60 -3.57
C SER MB 602 -57.17 61.56 -2.58
N MET MB 603 -57.21 60.30 -3.00
CA MET MB 603 -57.62 59.23 -2.10
C MET MB 603 -56.75 59.24 -0.85
N SER MB 604 -55.44 59.37 -1.02
CA SER MB 604 -54.56 59.41 0.13
C SER MB 604 -54.96 60.53 1.07
N THR MB 605 -55.17 61.73 0.52
CA THR MB 605 -55.57 62.85 1.36
C THR MB 605 -56.88 62.55 2.05
N THR MB 606 -57.82 61.95 1.33
CA THR MB 606 -59.08 61.53 1.96
C THR MB 606 -58.80 60.70 3.19
N GLY MB 607 -57.93 59.69 3.05
CA GLY MB 607 -57.62 58.83 4.17
C GLY MB 607 -57.11 59.63 5.35
N HIS MB 608 -56.24 60.60 5.09
CA HIS MB 608 -55.70 61.41 6.18
C HIS MB 608 -56.83 62.06 6.96
N PHE MB 609 -57.79 62.64 6.25
CA PHE MB 609 -58.89 63.30 6.94
C PHE MB 609 -59.70 62.31 7.76
N ILE MB 610 -59.88 61.09 7.23
CA ILE MB 610 -60.52 60.04 8.03
C ILE MB 610 -59.74 59.85 9.33
N THR MB 611 -58.42 59.73 9.23
CA THR MB 611 -57.59 59.65 10.43
C THR MB 611 -57.88 60.79 11.37
N LEU MB 612 -57.96 62.01 10.83
CA LEU MB 612 -58.21 63.18 11.68
C LEU MB 612 -59.52 63.02 12.43
N VAL MB 613 -60.55 62.53 11.75
CA VAL MB 613 -61.83 62.29 12.41
C VAL MB 613 -61.63 61.36 13.59
N GLY MB 614 -60.90 60.27 13.39
CA GLY MB 614 -60.61 59.37 14.49
C GLY MB 614 -59.93 60.08 15.63
N ILE MB 615 -58.94 60.93 15.31
CA ILE MB 615 -58.27 61.70 16.36
C ILE MB 615 -59.29 62.49 17.16
N ILE MB 616 -60.23 63.13 16.47
CA ILE MB 616 -61.27 63.89 17.17
C ILE MB 616 -61.97 62.99 18.17
N PHE MB 617 -62.41 61.81 17.70
CA PHE MB 617 -63.13 60.90 18.59
C PHE MB 617 -62.27 60.56 19.81
N PHE MB 618 -60.97 60.35 19.59
CA PHE MB 618 -60.07 60.10 20.70
C PHE MB 618 -60.26 61.15 21.78
N PHE MB 619 -60.06 62.42 21.43
CA PHE MB 619 -60.21 63.46 22.43
C PHE MB 619 -61.62 63.46 23.00
N LEU MB 620 -62.62 63.26 22.13
CA LEU MB 620 -64.00 63.22 22.60
C LEU MB 620 -64.16 62.18 23.70
N MET MB 621 -63.61 60.97 23.49
CA MET MB 621 -63.80 59.94 24.48
C MET MB 621 -63.20 60.35 25.81
N MET MB 622 -62.06 61.04 25.78
CA MET MB 622 -61.47 61.51 27.03
C MET MB 622 -62.43 62.46 27.73
N PHE MB 623 -63.01 63.41 26.98
CA PHE MB 623 -64.06 64.23 27.55
C PHE MB 623 -65.20 63.36 28.05
N ASP MB 624 -65.65 62.43 27.20
CA ASP MB 624 -66.74 61.54 27.59
C ASP MB 624 -66.34 60.64 28.75
N SER MB 625 -65.04 60.46 28.98
CA SER MB 625 -64.61 59.63 30.10
C SER MB 625 -64.74 60.35 31.43
N HIS MB 626 -64.83 61.68 31.41
CA HIS MB 626 -64.91 62.45 32.64
C HIS MB 626 -66.29 63.01 32.91
N ILE MB 627 -67.18 62.99 31.92
CA ILE MB 627 -68.61 63.10 32.21
C ILE MB 627 -69.10 61.83 32.89
N GLU MB 628 -68.59 60.69 32.45
CA GLU MB 628 -69.06 59.40 32.97
C GLU MB 628 -68.72 59.24 34.44
N ARG MB 629 -67.46 59.43 34.80
CA ARG MB 629 -66.99 59.36 36.19
C ARG MB 629 -67.38 58.04 36.85
N ARG MB 630 -66.85 56.95 36.31
CA ARG MB 630 -67.05 55.62 36.89
C ARG MB 630 -65.73 55.08 37.39
N ALA MB 631 -65.81 54.21 38.40
CA ALA MB 631 -64.64 53.52 38.92
C ALA MB 631 -64.41 52.25 38.11
N SER MB 632 -63.18 52.09 37.64
CA SER MB 632 -62.86 50.95 36.77
C SER MB 632 -62.83 49.65 37.55
N THR MB 633 -63.31 48.59 36.93
CA THR MB 633 -63.24 47.24 37.48
C THR MB 633 -62.42 46.37 36.53
N SER MB 634 -61.40 45.71 37.07
CA SER MB 634 -60.57 44.84 36.24
C SER MB 634 -61.37 43.64 35.74
N THR MB 635 -61.15 43.29 34.48
CA THR MB 635 -61.87 42.16 33.88
C THR MB 635 -61.38 40.82 34.43
N THR MB 636 -60.21 40.79 35.06
CA THR MB 636 -59.68 39.55 35.62
C THR MB 636 -60.28 39.19 36.96
N LEU MB 637 -60.96 40.12 37.62
CA LEU MB 637 -61.58 39.90 38.94
C LEU MB 637 -60.54 39.49 39.98
N GLY MB 638 -59.28 39.88 39.77
CA GLY MB 638 -58.22 39.51 40.67
C GLY MB 638 -57.60 38.16 40.41
N LEU MB 639 -57.99 37.47 39.33
CA LEU MB 639 -57.45 36.16 38.98
C LEU MB 639 -56.92 36.24 37.55
N PRO MB 640 -55.71 36.81 37.37
CA PRO MB 640 -55.18 36.96 36.01
C PRO MB 640 -54.92 35.65 35.30
N ARG MB 641 -54.53 34.60 36.03
CA ARG MB 641 -54.12 33.34 35.44
C ARG MB 641 -54.91 32.20 36.05
N TRP MB 642 -55.40 31.30 35.21
CA TRP MB 642 -56.06 30.08 35.67
C TRP MB 642 -55.07 28.92 35.67
N TYR MB 643 -53.98 29.09 36.43
CA TYR MB 643 -52.96 28.05 36.50
C TYR MB 643 -53.52 26.75 37.05
N LYS MB 644 -54.52 26.83 37.93
CA LYS MB 644 -55.19 25.66 38.46
C LYS MB 644 -56.68 25.79 38.20
N ARG MB 645 -57.39 24.66 38.24
CA ARG MB 645 -58.83 24.72 37.99
C ARG MB 645 -59.60 25.34 39.16
N ILE MB 646 -58.99 25.41 40.34
CA ILE MB 646 -59.64 26.09 41.45
C ILE MB 646 -59.73 27.59 41.19
N SER MB 647 -58.71 28.16 40.53
CA SER MB 647 -58.78 29.55 40.12
C SER MB 647 -59.90 29.75 39.11
N TYR MB 648 -60.07 28.80 38.20
CA TYR MB 648 -61.18 28.86 37.25
C TYR MB 648 -62.52 28.83 37.97
N TYR MB 649 -62.66 27.98 38.98
CA TYR MB 649 -63.90 27.91 39.74
C TYR MB 649 -64.19 29.22 40.46
N ILE MB 650 -63.16 29.79 41.11
CA ILE MB 650 -63.35 31.04 41.85
C ILE MB 650 -63.74 32.15 40.90
N PHE MB 651 -63.05 32.24 39.76
CA PHE MB 651 -63.39 33.27 38.78
C PHE MB 651 -64.80 33.08 38.25
N LYS MB 652 -65.19 31.83 37.98
CA LYS MB 652 -66.53 31.58 37.44
C LYS MB 652 -67.60 31.98 38.44
N ILE MB 653 -67.42 31.63 39.72
CA ILE MB 653 -68.41 31.98 40.73
C ILE MB 653 -68.53 33.49 40.86
N ARG MB 654 -67.40 34.18 40.98
CA ARG MB 654 -67.44 35.62 41.16
C ARG MB 654 -68.00 36.31 39.91
N TYR MB 655 -67.65 35.79 38.73
CA TYR MB 655 -68.14 36.35 37.47
C TYR MB 655 -69.65 36.21 37.35
N LEU MB 656 -70.18 35.05 37.71
CA LEU MB 656 -71.63 34.87 37.66
C LEU MB 656 -72.34 35.78 38.66
N GLN MB 657 -71.80 35.91 39.88
CA GLN MB 657 -72.39 36.83 40.84
C GLN MB 657 -72.34 38.27 40.33
N HIS MB 658 -71.21 38.66 39.75
CA HIS MB 658 -71.07 40.02 39.22
C HIS MB 658 -72.05 40.28 38.10
N THR MB 659 -72.23 39.32 37.19
CA THR MB 659 -73.18 39.49 36.10
C THR MB 659 -74.61 39.55 36.62
N LYS MB 660 -74.93 38.73 37.62
CA LYS MB 660 -76.27 38.79 38.20
C LYS MB 660 -76.53 40.16 38.84
N SER MB 661 -75.52 40.71 39.52
CA SER MB 661 -75.68 42.04 40.10
C SER MB 661 -75.84 43.10 39.02
N LYS MB 662 -75.08 42.98 37.93
CA LYS MB 662 -75.21 43.93 36.82
C LYS MB 662 -76.59 43.89 36.20
N MET MB 663 -77.14 42.68 36.01
CA MET MB 663 -78.44 42.53 35.38
C MET MB 663 -79.56 42.71 36.39
N ASN MB 664 -79.54 43.82 37.12
CA ASN MB 664 -80.61 44.19 38.04
C ASN MB 664 -81.29 45.45 37.52
N GLY MB 665 -82.61 45.45 37.55
CA GLY MB 665 -83.37 46.48 36.90
C GLY MB 665 -83.60 46.24 35.42
N ILE MB 666 -83.09 45.14 34.88
CA ILE MB 666 -83.30 44.73 33.50
C ILE MB 666 -84.21 43.51 33.53
N PRO MB 667 -85.37 43.54 32.89
CA PRO MB 667 -86.37 42.50 33.12
C PRO MB 667 -85.92 41.15 32.59
N GLY MB 668 -86.54 40.11 33.14
CA GLY MB 668 -86.21 38.75 32.76
C GLY MB 668 -86.54 38.48 31.30
N SER MB 669 -86.14 37.28 30.86
CA SER MB 669 -86.33 36.90 29.47
C SER MB 669 -87.80 36.89 29.09
N THR MB 670 -88.67 36.36 29.96
CA THR MB 670 -90.08 36.23 29.61
C THR MB 670 -90.74 37.60 29.47
N VAL MB 671 -90.53 38.49 30.44
CA VAL MB 671 -91.14 39.81 30.37
C VAL MB 671 -90.56 40.61 29.22
N ARG MB 672 -89.25 40.50 28.98
CA ARG MB 672 -88.63 41.22 27.87
C ARG MB 672 -89.20 40.77 26.53
N LEU MB 673 -89.35 39.44 26.35
CA LEU MB 673 -89.92 38.94 25.11
C LEU MB 673 -91.38 39.35 24.98
N MET MB 674 -92.13 39.37 26.09
CA MET MB 674 -93.50 39.84 26.04
C MET MB 674 -93.57 41.29 25.58
N LEU MB 675 -92.69 42.13 26.11
CA LEU MB 675 -92.69 43.54 25.73
C LEU MB 675 -92.29 43.71 24.26
N ILE MB 676 -91.30 42.94 23.80
CA ILE MB 676 -90.84 43.09 22.42
C ILE MB 676 -91.91 42.60 21.44
N ASN MB 677 -92.55 41.46 21.73
CA ASN MB 677 -93.49 40.89 20.78
C ASN MB 677 -94.78 41.70 20.70
N ARG MB 678 -95.26 42.22 21.83
CA ARG MB 678 -96.50 42.96 21.88
C ARG MB 678 -96.30 44.46 21.74
N HIS MB 679 -95.25 44.88 21.02
CA HIS MB 679 -94.94 46.30 20.91
C HIS MB 679 -95.97 47.06 20.08
N PHE MB 680 -96.48 46.43 19.02
CA PHE MB 680 -97.34 47.13 18.06
C PHE MB 680 -98.75 47.25 18.63
N VAL MB 681 -99.21 48.48 18.81
CA VAL MB 681 -100.48 48.74 19.48
C VAL MB 681 -101.35 49.66 18.63
N GLU MB 682 -101.18 49.60 17.30
CA GLU MB 682 -101.86 50.49 16.38
C GLU MB 682 -102.70 49.69 15.40
N TYR MB 683 -103.95 49.42 15.76
CA TYR MB 683 -104.90 48.70 14.91
C TYR MB 683 -106.13 49.55 14.69
N GLU MB 684 -106.64 49.53 13.45
CA GLU MB 684 -107.75 50.40 13.08
C GLU MB 684 -109.08 49.89 13.64
N VAL MB 685 -109.33 48.59 13.55
CA VAL MB 685 -110.63 48.01 13.88
C VAL MB 685 -110.45 47.03 15.03
N TYR MB 686 -111.31 47.17 16.04
CA TYR MB 686 -111.33 46.27 17.18
C TYR MB 686 -112.70 45.60 17.26
N GLU MB 687 -112.75 44.49 18.00
CA GLU MB 687 -114.00 43.76 18.16
C GLU MB 687 -114.91 44.44 19.16
N MET NB 1 -43.21 60.08 -30.10
CA MET NB 1 -43.39 59.96 -31.54
C MET NB 1 -42.12 60.32 -32.30
N TRP NB 2 -41.63 59.39 -33.11
CA TRP NB 2 -40.49 59.60 -34.00
C TRP NB 2 -40.93 59.11 -35.37
N GLY NB 3 -41.58 59.99 -36.13
CA GLY NB 3 -42.28 59.53 -37.32
C GLY NB 3 -43.53 58.78 -36.90
N ASN NB 4 -43.76 57.62 -37.51
CA ASN NB 4 -44.81 56.72 -37.06
C ASN NB 4 -44.32 55.70 -36.04
N LEU NB 5 -43.05 55.78 -35.65
CA LEU NB 5 -42.50 54.94 -34.58
C LEU NB 5 -42.82 55.61 -33.25
N TRP NB 6 -43.84 55.10 -32.56
CA TRP NB 6 -44.22 55.65 -31.26
C TRP NB 6 -43.20 55.17 -30.24
N THR NB 7 -42.14 55.96 -30.08
CA THR NB 7 -41.10 55.64 -29.10
C THR NB 7 -41.57 55.81 -27.67
N GLU NB 8 -42.75 56.39 -27.44
CA GLU NB 8 -43.26 56.55 -26.09
C GLU NB 8 -43.41 55.19 -25.42
N ALA NB 9 -43.07 55.13 -24.14
CA ALA NB 9 -42.95 53.85 -23.45
C ALA NB 9 -43.90 53.67 -22.29
N SER NB 10 -44.36 54.74 -21.65
CA SER NB 10 -45.13 54.59 -20.42
C SER NB 10 -46.60 54.28 -20.68
N TYR NB 11 -47.31 55.22 -21.33
CA TYR NB 11 -48.75 55.11 -21.53
C TYR NB 11 -49.49 54.87 -20.21
N GLN NB 12 -48.96 55.44 -19.13
CA GLN NB 12 -49.48 55.21 -17.79
C GLN NB 12 -50.73 56.06 -17.57
N LEU NB 13 -51.85 55.40 -17.31
CA LEU NB 13 -53.10 56.10 -17.09
C LEU NB 13 -53.18 56.65 -15.67
N ASN NB 14 -54.17 57.49 -15.44
CA ASN NB 14 -54.49 57.90 -14.08
C ASN NB 14 -55.12 56.75 -13.32
N PHE NB 15 -54.98 56.79 -11.99
CA PHE NB 15 -55.33 55.67 -11.12
C PHE NB 15 -54.53 54.43 -11.49
N ASN NB 16 -53.27 54.63 -11.88
CA ASN NB 16 -52.39 53.51 -12.20
C ASN NB 16 -52.09 52.69 -10.96
N ILE NB 17 -52.05 51.38 -11.12
CA ILE NB 17 -51.98 50.47 -9.99
C ILE NB 17 -50.63 49.75 -9.87
N GLY NB 18 -49.84 49.69 -10.94
CA GLY NB 18 -48.61 48.94 -10.94
C GLY NB 18 -47.44 49.76 -11.45
N PHE NB 19 -46.53 49.08 -12.14
CA PHE NB 19 -45.37 49.74 -12.69
C PHE NB 19 -45.77 50.70 -13.81
N SER NB 20 -44.95 51.73 -14.01
CA SER NB 20 -45.23 52.72 -15.04
C SER NB 20 -45.24 52.09 -16.43
N SER NB 21 -44.26 51.24 -16.71
CA SER NB 21 -44.19 50.55 -17.99
C SER NB 21 -43.57 49.19 -17.79
N LEU NB 22 -43.87 48.25 -18.70
CA LEU NB 22 -43.27 46.93 -18.67
C LEU NB 22 -42.51 46.65 -19.97
N ARG NB 23 -41.92 47.67 -20.56
CA ARG NB 23 -41.13 47.51 -21.78
C ARG NB 23 -39.64 47.32 -21.49
N SER NB 24 -39.21 47.47 -20.24
CA SER NB 24 -37.83 47.25 -19.86
C SER NB 24 -37.70 45.90 -19.16
N ASP NB 25 -36.52 45.28 -19.32
CA ASP NB 25 -36.32 43.93 -18.82
C ASP NB 25 -36.40 43.89 -17.29
N VAL NB 26 -35.85 44.90 -16.63
CA VAL NB 26 -35.83 44.91 -15.16
C VAL NB 26 -37.25 44.89 -14.61
N LEU NB 27 -38.12 45.71 -15.18
CA LEU NB 27 -39.49 45.79 -14.66
C LEU NB 27 -40.29 44.54 -14.98
N ILE NB 28 -40.04 43.91 -16.13
CA ILE NB 28 -40.69 42.63 -16.43
C ILE NB 28 -40.27 41.58 -15.41
N HIS NB 29 -38.97 41.51 -15.12
CA HIS NB 29 -38.49 40.56 -14.12
C HIS NB 29 -39.12 40.82 -12.77
N LEU NB 30 -39.20 42.10 -12.37
CA LEU NB 30 -39.80 42.45 -11.09
C LEU NB 30 -41.27 42.08 -11.05
N ALA NB 31 -42.01 42.32 -12.14
CA ALA NB 31 -43.43 41.99 -12.15
C ALA NB 31 -43.66 40.50 -12.01
N GLN NB 32 -42.90 39.70 -12.76
CA GLN NB 32 -43.02 38.26 -12.65
C GLN NB 32 -42.66 37.78 -11.25
N TRP NB 33 -41.59 38.33 -10.69
CA TRP NB 33 -41.17 37.95 -9.35
C TRP NB 33 -42.23 38.28 -8.32
N GLN NB 34 -42.86 39.45 -8.42
CA GLN NB 34 -43.88 39.82 -7.45
C GLN NB 34 -45.11 38.92 -7.56
N TYR NB 35 -45.54 38.62 -8.79
CA TYR NB 35 -46.69 37.73 -8.95
C TYR NB 35 -46.41 36.38 -8.31
N TRP NB 36 -45.27 35.77 -8.63
CA TRP NB 36 -45.01 34.45 -8.07
C TRP NB 36 -44.67 34.51 -6.59
N TRP NB 37 -44.18 35.65 -6.09
CA TRP NB 37 -44.03 35.83 -4.65
C TRP NB 37 -45.38 35.74 -3.96
N TRP NB 38 -46.40 36.39 -4.53
CA TRP NB 38 -47.72 36.29 -3.95
C TRP NB 38 -48.33 34.91 -4.15
N PHE NB 39 -47.83 34.11 -5.09
CA PHE NB 39 -48.38 32.77 -5.27
C PHE NB 39 -48.10 31.84 -4.10
N TRP NB 40 -46.95 31.99 -3.44
CA TRP NB 40 -46.43 30.95 -2.54
C TRP NB 40 -46.84 31.14 -1.09
N PHE NB 41 -48.04 31.66 -0.84
CA PHE NB 41 -48.52 31.84 0.53
C PHE NB 41 -49.71 30.96 0.89
N ALA NB 42 -50.28 30.24 -0.07
CA ALA NB 42 -51.58 29.59 0.09
C ALA NB 42 -51.71 28.89 1.43
N LEU NB 43 -50.89 27.86 1.66
CA LEU NB 43 -51.00 27.07 2.88
C LEU NB 43 -50.97 27.98 4.11
N ILE NB 44 -49.94 28.82 4.19
CA ILE NB 44 -49.82 29.71 5.35
C ILE NB 44 -51.09 30.53 5.51
N TRP NB 45 -51.54 31.14 4.42
CA TRP NB 45 -52.76 31.92 4.45
C TRP NB 45 -53.91 31.08 4.99
N SER NB 46 -54.11 29.91 4.38
CA SER NB 46 -55.20 29.04 4.81
C SER NB 46 -55.06 28.73 6.29
N PHE NB 47 -53.84 28.43 6.73
CA PHE NB 47 -53.61 28.12 8.13
C PHE NB 47 -54.18 29.22 9.03
N TYR NB 48 -53.78 30.46 8.76
CA TYR NB 48 -54.21 31.56 9.61
C TYR NB 48 -55.72 31.66 9.63
N TYR NB 49 -56.36 31.43 8.48
CA TYR NB 49 -57.81 31.51 8.43
C TYR NB 49 -58.42 30.63 9.51
N PHE NB 50 -58.01 29.36 9.55
CA PHE NB 50 -58.60 28.45 10.51
C PHE NB 50 -58.35 28.92 11.92
N ILE NB 51 -57.13 29.40 12.20
CA ILE NB 51 -56.82 29.89 13.53
C ILE NB 51 -57.83 30.96 13.93
N ILE NB 52 -58.06 31.92 13.04
CA ILE NB 52 -58.98 33.01 13.35
C ILE NB 52 -60.33 32.45 13.74
N LEU NB 53 -60.82 31.49 12.96
CA LEU NB 53 -62.14 30.91 13.23
C LEU NB 53 -62.22 30.44 14.67
N LYS NB 54 -61.23 29.65 15.10
CA LYS NB 54 -61.27 29.15 16.47
C LYS NB 54 -61.34 30.29 17.46
N VAL NB 55 -60.43 31.25 17.34
CA VAL NB 55 -60.39 32.33 18.32
C VAL NB 55 -61.60 33.22 18.20
N ALA NB 56 -62.29 33.19 17.05
CA ALA NB 56 -63.49 33.98 16.89
C ALA NB 56 -64.75 33.21 17.22
N ARG NB 57 -64.66 31.91 17.50
CA ARG NB 57 -65.87 31.12 17.65
C ARG NB 57 -65.85 30.27 18.92
N PHE NB 58 -64.66 29.91 19.41
CA PHE NB 58 -64.59 28.96 20.50
C PHE NB 58 -63.56 29.31 21.57
N ARG NB 59 -63.12 30.57 21.68
CA ARG NB 59 -62.17 30.94 22.71
C ARG NB 59 -62.66 32.02 23.65
N VAL NB 60 -63.81 32.64 23.38
CA VAL NB 60 -64.37 33.62 24.30
C VAL NB 60 -64.89 32.87 25.52
N LEU NB 61 -65.18 33.60 26.60
CA LEU NB 61 -65.55 32.96 27.84
C LEU NB 61 -66.83 32.16 27.69
N LYS NB 62 -67.79 32.67 26.94
CA LYS NB 62 -69.08 32.00 26.80
C LYS NB 62 -69.04 30.84 25.80
N MET NB 63 -67.91 30.64 25.11
CA MET NB 63 -67.77 29.58 24.11
C MET NB 63 -66.49 28.79 24.41
N ARG NB 64 -66.58 27.82 25.30
CA ARG NB 64 -65.53 26.84 25.58
C ARG NB 64 -64.15 27.47 25.70
N PRO NB 65 -63.87 28.21 26.77
CA PRO NB 65 -62.49 28.65 27.00
C PRO NB 65 -61.62 27.50 27.49
N LYS NB 66 -60.32 27.75 27.57
CA LYS NB 66 -59.35 26.76 28.02
C LYS NB 66 -58.73 27.21 29.34
N ILE NB 67 -58.50 26.24 30.23
CA ILE NB 67 -57.79 26.50 31.47
C ILE NB 67 -56.31 26.34 31.17
N SER NB 68 -55.63 27.45 30.93
CA SER NB 68 -54.20 27.44 30.61
C SER NB 68 -53.42 27.20 31.90
N THR NB 69 -53.00 25.96 32.11
CA THR NB 69 -52.32 25.56 33.33
C THR NB 69 -50.81 25.51 33.18
N SER NB 70 -50.27 25.98 32.06
CA SER NB 70 -48.84 25.89 31.80
C SER NB 70 -48.13 27.10 32.40
N TYR NB 71 -47.19 26.84 33.31
CA TYR NB 71 -46.40 27.92 33.89
C TYR NB 71 -45.50 28.58 32.86
N ARG NB 72 -44.74 27.77 32.12
CA ARG NB 72 -43.73 28.26 31.19
C ARG NB 72 -43.70 27.33 29.98
N PRO NB 73 -43.25 27.82 28.84
CA PRO NB 73 -43.18 26.96 27.65
C PRO NB 73 -41.97 26.05 27.65
N HIS NB 74 -42.16 24.85 27.11
CA HIS NB 74 -41.06 23.90 26.89
C HIS NB 74 -41.13 23.47 25.43
N GLY NB 75 -40.22 24.00 24.60
CA GLY NB 75 -40.31 23.79 23.18
C GLY NB 75 -39.26 22.87 22.60
N LYS NB 76 -39.57 22.29 21.44
CA LYS NB 76 -38.68 21.39 20.72
C LYS NB 76 -38.31 22.06 19.39
N TRP NB 77 -37.19 22.80 19.40
CA TRP NB 77 -36.71 23.52 18.22
C TRP NB 77 -37.77 24.48 17.69
N GLY NB 78 -38.11 25.47 18.51
CA GLY NB 78 -39.14 26.43 18.15
C GLY NB 78 -38.75 27.32 16.99
N ASP NB 79 -37.73 28.17 17.20
CA ASP NB 79 -37.34 29.14 16.18
C ASP NB 79 -37.00 28.47 14.86
N PHE NB 80 -36.49 27.25 14.90
CA PHE NB 80 -36.14 26.54 13.68
C PHE NB 80 -37.34 26.43 12.74
N LEU NB 81 -38.52 26.16 13.29
CA LEU NB 81 -39.71 26.11 12.45
C LEU NB 81 -40.20 27.51 12.07
N ALA NB 82 -39.95 28.50 12.92
CA ALA NB 82 -40.41 29.85 12.63
C ALA NB 82 -39.49 30.62 11.69
N CYS NB 83 -38.31 30.08 11.38
CA CYS NB 83 -37.36 30.75 10.53
C CYS NB 83 -37.17 30.07 9.17
N ILE NB 84 -37.82 28.93 8.94
CA ILE NB 84 -37.72 28.28 7.65
C ILE NB 84 -38.45 29.09 6.59
N ILE NB 85 -39.67 29.53 6.89
CA ILE NB 85 -40.44 30.32 5.93
C ILE NB 85 -39.74 31.64 5.60
N PRO NB 86 -39.26 32.44 6.57
CA PRO NB 86 -38.52 33.66 6.18
C PRO NB 86 -37.27 33.38 5.38
N LEU NB 87 -36.50 32.37 5.76
CA LEU NB 87 -35.23 32.11 5.08
C LEU NB 87 -35.46 31.84 3.60
N ILE NB 88 -36.47 31.05 3.27
CA ILE NB 88 -36.81 30.82 1.87
C ILE NB 88 -37.01 32.15 1.16
N TRP NB 89 -37.81 33.04 1.76
CA TRP NB 89 -38.01 34.36 1.19
C TRP NB 89 -36.67 35.02 0.90
N CYS NB 90 -35.79 35.04 1.90
CA CYS NB 90 -34.48 35.65 1.71
C CYS NB 90 -33.81 35.07 0.48
N ILE NB 91 -33.73 33.74 0.42
CA ILE NB 91 -33.14 33.06 -0.73
C ILE NB 91 -33.73 33.64 -2.00
N ASN NB 92 -35.05 33.56 -2.14
CA ASN NB 92 -35.74 34.07 -3.31
C ASN NB 92 -35.23 35.47 -3.64
N ILE NB 93 -35.38 36.39 -2.69
CA ILE NB 93 -35.03 37.78 -2.96
C ILE NB 93 -33.59 37.86 -3.44
N LEU NB 94 -32.68 37.24 -2.68
CA LEU NB 94 -31.26 37.31 -3.03
C LEU NB 94 -31.06 36.87 -4.47
N THR NB 95 -31.58 35.68 -4.80
CA THR NB 95 -31.36 35.17 -6.15
C THR NB 95 -31.82 36.19 -7.17
N ASN NB 96 -33.05 36.69 -7.02
CA ASN NB 96 -33.58 37.60 -8.02
C ASN NB 96 -32.68 38.80 -8.16
N SER NB 97 -32.27 39.39 -7.03
CA SER NB 97 -31.41 40.56 -7.08
C SER NB 97 -30.16 40.26 -7.89
N ASN NB 98 -29.51 39.14 -7.57
CA ASN NB 98 -28.26 38.81 -8.25
C ASN NB 98 -28.46 38.79 -9.75
N LEU NB 99 -29.55 38.16 -10.21
CA LEU NB 99 -29.78 38.07 -11.65
C LEU NB 99 -29.87 39.45 -12.27
N ILE NB 100 -30.67 40.34 -11.68
CA ILE NB 100 -30.81 41.67 -12.24
C ILE NB 100 -29.52 42.46 -12.07
N LEU NB 101 -28.69 42.10 -11.10
CA LEU NB 101 -27.41 42.75 -10.94
C LEU NB 101 -26.33 42.18 -11.86
N ARG NB 102 -26.59 41.06 -12.53
CA ARG NB 102 -25.60 40.51 -13.44
C ARG NB 102 -25.53 41.27 -14.75
N LEU NB 103 -26.56 42.06 -15.07
CA LEU NB 103 -26.67 42.70 -16.37
C LEU NB 103 -26.53 44.21 -16.34
N ILE NB 104 -26.74 44.85 -15.19
CA ILE NB 104 -26.72 46.30 -15.10
C ILE NB 104 -25.55 46.80 -14.24
N GLU NB 105 -24.56 45.95 -14.00
CA GLU NB 105 -23.43 46.33 -13.18
C GLU NB 105 -22.16 45.65 -13.70
N TRP NB 106 -21.02 46.23 -13.32
CA TRP NB 106 -19.70 45.66 -13.58
C TRP NB 106 -19.43 45.49 -15.07
N GLN NB 107 -19.90 46.44 -15.87
CA GLN NB 107 -19.68 46.40 -17.32
C GLN NB 107 -19.28 47.76 -17.85
N ASN NB 108 -18.62 48.58 -17.02
CA ASN NB 108 -18.22 49.92 -17.46
C ASN NB 108 -17.17 49.85 -18.55
N GLU NB 109 -16.22 48.90 -18.44
CA GLU NB 109 -15.14 48.82 -19.40
C GLU NB 109 -15.65 48.51 -20.80
N SER NB 110 -16.62 47.60 -20.91
CA SER NB 110 -17.13 47.17 -22.20
C SER NB 110 -18.43 47.91 -22.49
N SER NB 111 -18.29 49.13 -22.99
CA SER NB 111 -19.41 49.95 -23.39
C SER NB 111 -19.14 50.56 -24.76
N LEU NB 112 -20.21 50.72 -25.54
CA LEU NB 112 -20.04 51.30 -26.86
C LEU NB 112 -19.49 52.72 -26.75
N PHE NB 113 -20.13 53.56 -25.93
CA PHE NB 113 -19.57 54.91 -25.80
C PHE NB 113 -20.01 55.53 -24.49
N THR NB 114 -19.45 56.70 -24.20
CA THR NB 114 -19.55 57.33 -22.89
C THR NB 114 -20.29 58.66 -22.97
N VAL NB 115 -21.23 58.85 -22.06
CA VAL NB 115 -21.98 60.10 -21.90
C VAL NB 115 -21.80 60.58 -20.46
N ARG NB 116 -21.62 61.88 -20.28
CA ARG NB 116 -21.43 62.46 -18.97
C ARG NB 116 -22.69 63.20 -18.56
N VAL NB 117 -23.26 62.83 -17.42
CA VAL NB 117 -24.47 63.45 -16.90
C VAL NB 117 -24.07 64.29 -15.70
N ARG NB 118 -24.22 65.61 -15.83
CA ARG NB 118 -23.92 66.55 -14.76
C ARG NB 118 -25.21 67.22 -14.31
N ALA NB 119 -25.45 67.22 -13.02
CA ALA NB 119 -26.70 67.71 -12.45
C ALA NB 119 -26.45 69.06 -11.80
N ARG NB 120 -26.56 70.13 -12.58
CA ARG NB 120 -26.61 71.45 -11.98
C ARG NB 120 -27.99 71.67 -11.40
N GLN NB 121 -28.10 72.69 -10.54
CA GLN NB 121 -29.37 72.93 -9.86
C GLN NB 121 -30.47 73.28 -10.84
N TRP NB 122 -31.43 72.36 -10.97
CA TRP NB 122 -32.71 72.52 -11.64
C TRP NB 122 -32.62 72.43 -13.16
N TYR NB 123 -31.54 71.86 -13.68
CA TYR NB 123 -31.49 71.40 -15.06
C TYR NB 123 -30.31 70.45 -15.20
N TRP NB 124 -30.32 69.68 -16.29
CA TRP NB 124 -29.31 68.66 -16.52
C TRP NB 124 -28.40 69.05 -17.67
N ILE NB 125 -27.19 68.51 -17.66
CA ILE NB 125 -26.21 68.76 -18.71
C ILE NB 125 -25.66 67.42 -19.16
N TYR NB 126 -25.76 67.13 -20.46
CA TYR NB 126 -25.26 65.90 -21.04
C TYR NB 126 -24.11 66.23 -21.96
N LYS NB 127 -22.95 65.65 -21.70
CA LYS NB 127 -21.73 65.93 -22.44
C LYS NB 127 -21.30 64.68 -23.22
N PHE NB 128 -21.06 64.86 -24.51
CA PHE NB 128 -20.44 63.84 -25.35
C PHE NB 128 -19.02 64.29 -25.66
N GLU NB 129 -18.04 63.51 -25.24
CA GLU NB 129 -16.66 63.85 -25.52
C GLU NB 129 -16.36 63.68 -27.01
N LEU NB 130 -15.24 64.24 -27.44
CA LEU NB 130 -14.87 64.18 -28.85
C LEU NB 130 -14.62 62.74 -29.30
N LYS NB 131 -13.95 61.95 -28.46
CA LYS NB 131 -13.62 60.58 -28.84
C LYS NB 131 -14.86 59.77 -29.18
N ASN NB 132 -15.99 60.08 -28.54
CA ASN NB 132 -17.24 59.39 -28.85
C ASN NB 132 -17.52 59.39 -30.34
N PHE NB 133 -17.22 60.50 -31.02
CA PHE NB 133 -17.45 60.59 -32.45
C PHE NB 133 -16.78 59.43 -33.17
N THR NB 134 -15.47 59.23 -32.92
CA THR NB 134 -14.78 58.11 -33.53
C THR NB 134 -15.36 56.78 -33.07
N ASP NB 135 -15.73 56.69 -31.79
CA ASP NB 135 -16.33 55.47 -31.27
C ASP NB 135 -17.65 55.15 -31.96
N ILE NB 136 -18.30 56.14 -32.56
CA ILE NB 136 -19.54 55.84 -33.27
C ILE NB 136 -19.24 55.44 -34.71
N LEU NB 137 -18.11 55.90 -35.25
CA LEU NB 137 -17.72 55.49 -36.60
C LEU NB 137 -17.29 54.03 -36.62
N SER NB 138 -16.57 53.59 -35.59
CA SER NB 138 -16.07 52.22 -35.51
C SER NB 138 -17.09 51.39 -34.74
N THR NB 139 -18.05 50.84 -35.47
CA THR NB 139 -19.08 50.01 -34.86
C THR NB 139 -19.33 48.79 -35.75
N PRO NB 140 -19.14 47.57 -35.23
CA PRO NB 140 -19.41 46.39 -36.04
C PRO NB 140 -20.89 46.31 -36.41
N LYS NB 141 -21.15 45.76 -37.59
CA LYS NB 141 -22.49 45.60 -38.11
C LYS NB 141 -22.76 44.14 -38.43
N ASN NB 142 -23.95 43.66 -38.10
CA ASN NB 142 -24.34 42.29 -38.36
C ASN NB 142 -24.84 42.19 -39.80
N ILE NB 143 -24.02 41.62 -40.67
CA ILE NB 143 -24.31 41.52 -42.09
C ILE NB 143 -24.39 40.05 -42.47
N GLY NB 144 -25.48 39.66 -43.12
CA GLY NB 144 -25.65 38.28 -43.55
C GLY NB 144 -26.03 37.36 -42.42
N ASN NB 145 -25.51 36.13 -42.44
CA ASN NB 145 -25.84 35.12 -41.43
C ASN NB 145 -24.97 35.35 -40.19
N ASN NB 146 -25.32 36.41 -39.45
CA ASN NB 146 -24.67 36.74 -38.18
C ASN NB 146 -23.16 36.91 -38.34
N ARG NB 147 -22.76 37.51 -39.46
CA ARG NB 147 -21.36 37.86 -39.69
C ARG NB 147 -21.17 39.35 -39.47
N TRP NB 148 -20.08 39.71 -38.80
CA TRP NB 148 -19.83 41.08 -38.36
C TRP NB 148 -18.70 41.70 -39.18
N GLN NB 149 -18.91 42.96 -39.57
CA GLN NB 149 -17.93 43.69 -40.36
C GLN NB 149 -17.67 45.05 -39.73
N ILE NB 150 -16.42 45.48 -39.74
CA ILE NB 150 -16.02 46.81 -39.30
C ILE NB 150 -15.49 47.56 -40.52
N ASN NB 151 -16.08 48.72 -40.81
CA ASN NB 151 -15.66 49.50 -41.96
C ASN NB 151 -14.59 50.52 -41.59
N THR NB 152 -14.81 51.27 -40.51
CA THR NB 152 -13.82 52.20 -39.98
C THR NB 152 -13.24 51.61 -38.70
N PHE NB 153 -11.93 51.44 -38.67
CA PHE NB 153 -11.27 50.88 -37.50
C PHE NB 153 -10.81 52.02 -36.60
N GLY NB 154 -11.40 52.12 -35.41
CA GLY NB 154 -11.19 53.25 -34.53
C GLY NB 154 -10.07 53.09 -33.53
N GLU NB 155 -8.92 52.58 -33.98
CA GLU NB 155 -7.76 52.53 -33.11
C GLU NB 155 -7.39 53.93 -32.66
N LEU NB 156 -6.92 54.05 -31.42
CA LEU NB 156 -6.80 55.37 -30.82
C LEU NB 156 -5.78 56.25 -31.53
N GLN NB 157 -4.78 55.65 -32.20
CA GLN NB 157 -3.85 56.47 -32.97
C GLN NB 157 -4.51 57.04 -34.23
N THR NB 158 -5.25 56.20 -34.96
CA THR NB 158 -5.98 56.69 -36.13
C THR NB 158 -7.07 57.66 -35.72
N ALA NB 159 -7.76 57.38 -34.61
CA ALA NB 159 -8.76 58.30 -34.11
C ALA NB 159 -8.12 59.63 -33.70
N ASP NB 160 -6.92 59.58 -33.11
CA ASP NB 160 -6.22 60.80 -32.73
C ASP NB 160 -5.81 61.60 -33.96
N ASP NB 161 -5.42 60.91 -35.02
CA ASP NB 161 -5.15 61.60 -36.29
C ASP NB 161 -6.42 62.27 -36.82
N TYR NB 162 -7.56 61.58 -36.70
CA TYR NB 162 -8.82 62.19 -37.10
C TYR NB 162 -9.15 63.43 -36.27
N LEU NB 163 -8.93 63.35 -34.96
CA LEU NB 163 -9.42 64.34 -34.02
C LEU NB 163 -8.41 65.44 -33.71
N HIS NB 164 -7.19 65.39 -34.27
CA HIS NB 164 -6.23 66.44 -33.98
C HIS NB 164 -6.61 67.74 -34.66
N VAL NB 165 -7.31 67.67 -35.80
CA VAL NB 165 -7.74 68.89 -36.49
C VAL NB 165 -8.78 69.63 -35.66
N LEU NB 166 -9.81 68.91 -35.19
CA LEU NB 166 -10.84 69.52 -34.37
C LEU NB 166 -10.25 70.05 -33.06
N GLN NB 167 -9.36 69.27 -32.45
CA GLN NB 167 -8.65 69.74 -31.27
C GLN NB 167 -7.82 70.97 -31.59
N LEU NB 168 -7.20 71.01 -32.78
CA LEU NB 168 -6.41 72.17 -33.15
C LEU NB 168 -7.27 73.42 -33.22
N ARG NB 169 -8.45 73.33 -33.85
CA ARG NB 169 -9.31 74.50 -33.95
C ARG NB 169 -9.84 74.94 -32.59
N SER NB 170 -10.26 73.98 -31.76
CA SER NB 170 -10.74 74.32 -30.42
C SER NB 170 -9.64 74.96 -29.58
N GLN NB 171 -8.42 74.42 -29.66
CA GLN NB 171 -7.29 74.99 -28.93
C GLN NB 171 -6.96 76.38 -29.44
N ASN NB 172 -7.06 76.61 -30.75
CA ASN NB 172 -6.82 77.94 -31.28
C ASN NB 172 -7.81 78.95 -30.72
N LYS NB 173 -9.09 78.59 -30.72
CA LYS NB 173 -10.10 79.49 -30.16
C LYS NB 173 -9.83 79.76 -28.68
N TRP NB 174 -9.55 78.69 -27.92
CA TRP NB 174 -9.31 78.85 -26.49
C TRP NB 174 -8.08 79.71 -26.23
N VAL NB 175 -7.01 79.50 -26.98
CA VAL NB 175 -5.78 80.22 -26.70
C VAL NB 175 -5.89 81.68 -27.11
N LYS NB 176 -6.61 81.97 -28.20
CA LYS NB 176 -6.82 83.37 -28.56
C LYS NB 176 -7.65 84.09 -27.49
N ASN NB 177 -8.73 83.46 -27.03
CA ASN NB 177 -9.51 84.06 -25.95
C ASN NB 177 -8.67 84.22 -24.69
N TYR NB 178 -7.88 83.20 -24.35
CA TYR NB 178 -7.01 83.26 -23.19
C TYR NB 178 -6.09 84.46 -23.28
N TRP NB 179 -5.24 84.49 -24.31
CA TRP NB 179 -4.34 85.61 -24.53
C TRP NB 179 -5.08 86.92 -24.34
N ASN NB 180 -6.04 87.21 -25.24
CA ASN NB 180 -6.66 88.53 -25.21
C ASN NB 180 -7.27 88.83 -23.86
N ARG NB 181 -8.35 88.14 -23.50
CA ARG NB 181 -9.10 88.52 -22.32
C ARG NB 181 -8.28 88.28 -21.05
N SER NB 182 -7.85 87.04 -20.82
CA SER NB 182 -7.22 86.71 -19.55
C SER NB 182 -5.93 87.50 -19.35
N LEU NB 183 -5.04 87.53 -20.34
CA LEU NB 183 -3.76 88.19 -20.10
C LEU NB 183 -3.90 89.71 -20.09
N GLN NB 184 -4.68 90.29 -21.01
CA GLN NB 184 -4.78 91.74 -21.01
C GLN NB 184 -5.58 92.26 -19.81
N GLU NB 185 -6.41 91.40 -19.20
CA GLU NB 185 -7.23 91.84 -18.08
C GLU NB 185 -6.61 91.52 -16.72
N THR NB 186 -5.69 90.57 -16.65
CA THR NB 186 -5.13 90.14 -15.36
C THR NB 186 -3.63 90.40 -15.26
N GLY NB 187 -2.85 89.94 -16.23
CA GLY NB 187 -1.41 90.03 -16.11
C GLY NB 187 -0.90 91.45 -16.24
N LYS NB 188 0.27 91.70 -15.64
CA LYS NB 188 0.97 92.98 -15.73
C LYS NB 188 2.32 92.75 -16.36
N THR NB 189 2.66 93.54 -17.37
CA THR NB 189 3.87 93.34 -18.15
C THR NB 189 5.02 94.18 -17.61
N ASN NB 190 6.24 93.73 -17.92
CA ASN NB 190 7.46 94.50 -17.72
C ASN NB 190 7.72 94.79 -16.24
N LYS NB 191 7.69 93.73 -15.43
CA LYS NB 191 8.15 93.76 -14.05
C LYS NB 191 7.43 94.81 -13.22
N ALA NB 192 6.13 94.60 -13.06
CA ALA NB 192 5.33 95.49 -12.23
C ALA NB 192 5.72 95.35 -10.77
N HIS NB 193 5.87 96.48 -10.09
CA HIS NB 193 6.24 96.46 -8.68
C HIS NB 193 5.76 97.74 -8.01
N VAL NB 194 5.72 97.71 -6.69
CA VAL NB 194 5.28 98.84 -5.86
C VAL NB 194 6.51 99.59 -5.38
N ILE NB 195 6.54 100.90 -5.61
CA ILE NB 195 7.69 101.74 -5.29
C ILE NB 195 7.36 102.56 -4.06
N SER NB 196 8.23 102.49 -3.06
CA SER NB 196 8.07 103.26 -1.81
C SER NB 196 9.25 104.21 -1.67
N PRO NB 197 9.07 105.50 -1.93
CA PRO NB 197 10.18 106.45 -1.81
C PRO NB 197 10.47 106.83 -0.37
N GLN NB 198 11.73 107.20 -0.13
CA GLN NB 198 12.16 107.77 1.13
C GLN NB 198 13.01 108.99 0.84
N GLU NB 199 12.77 110.06 1.58
CA GLU NB 199 13.60 111.25 1.48
C GLU NB 199 14.94 110.99 2.17
N GLN NB 200 16.00 111.55 1.59
CA GLN NB 200 17.32 111.45 2.19
C GLN NB 200 17.44 112.51 3.29
N LEU NB 201 17.47 112.05 4.54
CA LEU NB 201 17.38 112.95 5.68
C LEU NB 201 18.69 113.70 5.90
N ARG NB 202 18.60 114.76 6.70
CA ARG NB 202 19.74 115.65 6.91
C ARG NB 202 20.92 114.96 7.59
N LEU NB 203 20.67 113.86 8.29
CA LEU NB 203 21.78 113.11 8.88
C LEU NB 203 22.61 112.43 7.79
N SER NB 204 22.00 112.10 6.67
CA SER NB 204 22.70 111.44 5.56
C SER NB 204 23.30 112.41 4.56
N LEU NB 205 23.03 113.70 4.68
CA LEU NB 205 23.50 114.71 3.75
C LEU NB 205 24.72 115.46 4.27
N ILE NB 206 25.33 114.99 5.36
CA ILE NB 206 26.36 115.76 6.03
C ILE NB 206 27.57 115.97 5.12
N ASN NB 207 28.03 114.89 4.46
CA ASN NB 207 29.17 114.99 3.58
C ASN NB 207 28.95 114.19 2.29
N GLN NB 208 27.69 113.98 1.91
CA GLN NB 208 27.40 113.15 0.75
C GLN NB 208 27.70 113.87 -0.57
N TYR NB 209 27.47 115.17 -0.61
CA TYR NB 209 27.63 115.96 -1.84
C TYR NB 209 28.80 116.91 -1.66
N LYS NB 210 29.96 116.49 -2.16
CA LYS NB 210 31.17 117.31 -2.06
C LYS NB 210 31.14 118.45 -3.08
N SER NB 211 31.01 118.11 -4.35
CA SER NB 211 30.98 119.09 -5.44
C SER NB 211 29.62 119.05 -6.12
N LEU NB 212 29.20 120.21 -6.62
CA LEU NB 212 27.92 120.35 -7.30
C LEU NB 212 28.03 120.79 -8.75
N ASN NB 213 29.20 121.22 -9.20
CA ASN NB 213 29.38 121.76 -10.55
C ASN NB 213 29.98 120.68 -11.43
N LEU NB 214 29.15 120.10 -12.31
CA LEU NB 214 29.66 119.15 -13.29
C LEU NB 214 30.54 119.84 -14.32
N SER NB 215 30.27 121.12 -14.60
CA SER NB 215 30.96 121.82 -15.67
C SER NB 215 32.46 121.95 -15.39
N SER NB 216 32.83 122.27 -14.14
CA SER NB 216 34.24 122.41 -13.81
C SER NB 216 34.99 121.09 -13.96
N SER NB 217 34.40 120.00 -13.46
CA SER NB 217 35.03 118.69 -13.59
C SER NB 217 35.14 118.27 -15.05
N ILE NB 218 34.12 118.57 -15.84
CA ILE NB 218 34.16 118.26 -17.27
C ILE NB 218 35.29 119.04 -17.94
N LYS NB 219 35.40 120.33 -17.63
CA LYS NB 219 36.39 121.17 -18.29
C LYS NB 219 37.80 120.78 -17.89
N HIS NB 220 38.00 120.38 -16.64
CA HIS NB 220 39.35 120.06 -16.16
C HIS NB 220 39.76 118.62 -16.39
N ASN NB 221 38.86 117.76 -16.88
CA ASN NB 221 39.17 116.34 -17.01
C ASN NB 221 38.80 115.72 -18.35
N ALA NB 222 37.86 116.28 -19.10
CA ALA NB 222 37.47 115.68 -20.36
C ALA NB 222 38.60 115.77 -21.38
N PRO NB 223 38.70 114.78 -22.27
CA PRO NB 223 39.79 114.78 -23.27
C PRO NB 223 39.46 115.67 -24.47
N PHE NB 224 39.36 116.96 -24.23
CA PHE NB 224 39.08 117.93 -25.28
C PHE NB 224 39.95 119.16 -25.08
N ILE NB 225 40.28 119.82 -26.19
CA ILE NB 225 41.17 120.97 -26.13
C ILE NB 225 40.48 122.13 -25.42
N ASN NB 226 41.28 122.98 -24.80
CA ASN NB 226 40.74 124.08 -24.00
C ASN NB 226 39.81 124.95 -24.82
N ARG NB 227 38.64 125.26 -24.27
CA ARG NB 227 37.59 125.95 -24.98
C ARG NB 227 37.67 127.47 -24.85
N ASP NB 228 38.66 127.99 -24.13
CA ASP NB 228 38.84 129.43 -23.98
C ASP NB 228 39.82 130.02 -24.99
N LEU NB 229 40.31 129.22 -25.94
CA LEU NB 229 41.25 129.73 -26.92
C LEU NB 229 40.58 130.78 -27.81
N TYR NB 230 41.34 131.83 -28.13
CA TYR NB 230 40.81 132.92 -28.94
C TYR NB 230 40.78 132.57 -30.43
N VAL NB 231 41.34 131.43 -30.83
CA VAL NB 231 41.37 131.07 -32.24
C VAL NB 231 40.00 130.60 -32.73
N PHE NB 232 39.13 130.17 -31.84
CA PHE NB 232 37.82 129.64 -32.23
C PHE NB 232 36.87 130.71 -32.74
N ASP NB 233 37.28 131.95 -32.92
CA ASP NB 233 36.38 133.00 -33.37
C ASP NB 233 36.37 133.13 -34.89
N ASP NB 234 37.54 133.18 -35.52
CA ASP NB 234 37.67 133.33 -36.96
C ASP NB 234 38.71 132.37 -37.52
N LEU NB 235 38.68 131.11 -37.05
CA LEU NB 235 39.59 130.11 -37.58
C LEU NB 235 39.17 129.67 -38.98
N PHE NB 236 37.89 129.41 -39.18
CA PHE NB 236 37.35 129.02 -40.47
C PHE NB 236 36.23 129.98 -40.88
N SER NB 237 35.94 130.00 -42.17
CA SER NB 237 34.93 130.88 -42.73
C SER NB 237 33.79 130.06 -43.31
N TYR NB 238 32.57 130.34 -42.85
CA TYR NB 238 31.37 129.70 -43.37
C TYR NB 238 30.34 130.77 -43.71
N ASN NB 239 29.43 130.41 -44.60
CA ASN NB 239 28.24 131.22 -44.88
C ASN NB 239 27.12 130.69 -44.01
N LEU NB 240 26.82 131.40 -42.93
CA LEU NB 240 25.81 130.98 -41.97
C LEU NB 240 24.46 131.63 -42.22
N GLY NB 241 24.33 132.43 -43.28
CA GLY NB 241 23.06 133.10 -43.53
C GLY NB 241 22.73 134.07 -42.41
N ASP NB 242 21.46 134.05 -41.99
CA ASP NB 242 20.99 134.88 -40.89
C ASP NB 242 20.54 133.99 -39.75
N ILE NB 243 21.06 134.25 -38.55
CA ILE NB 243 20.78 133.45 -37.37
C ILE NB 243 20.14 134.39 -36.34
N THR NB 244 18.81 134.42 -36.33
CA THR NB 244 18.07 135.29 -35.42
C THR NB 244 17.67 134.60 -34.12
N THR NB 245 18.00 133.32 -33.97
CA THR NB 245 17.65 132.57 -32.77
C THR NB 245 18.87 131.77 -32.32
N LYS NB 246 18.94 131.50 -31.03
CA LYS NB 246 20.06 130.74 -30.47
C LYS NB 246 20.01 129.31 -31.00
N LYS NB 247 20.95 128.97 -31.89
CA LYS NB 247 21.02 127.65 -32.48
C LYS NB 247 22.15 126.85 -31.83
N SER NB 248 21.87 125.58 -31.54
CA SER NB 248 22.84 124.69 -30.92
C SER NB 248 23.21 123.58 -31.90
N LEU NB 249 24.47 123.18 -31.87
CA LEU NB 249 25.00 122.16 -32.77
C LEU NB 249 25.00 120.81 -32.08
N PHE NB 250 24.57 119.79 -32.81
CA PHE NB 250 24.57 118.41 -32.33
C PHE NB 250 25.58 117.59 -33.14
N ASN NB 251 25.99 116.46 -32.57
CA ASN NB 251 27.22 115.80 -32.98
C ASN NB 251 26.97 114.44 -33.61
N ASP NB 252 28.07 113.73 -33.87
CA ASP NB 252 28.22 112.39 -34.42
C ASP NB 252 28.04 112.36 -35.94
N LYS NB 253 27.65 113.46 -36.58
CA LYS NB 253 27.53 113.57 -38.04
C LYS NB 253 26.47 112.63 -38.60
N ASN NB 254 25.85 111.82 -37.73
CA ASN NB 254 24.71 111.00 -38.09
C ASN NB 254 23.57 111.11 -37.11
N SER NB 255 23.80 111.55 -35.88
CA SER NB 255 22.78 111.60 -34.84
C SER NB 255 22.27 113.02 -34.59
N PHE NB 256 22.73 114.00 -35.37
CA PHE NB 256 22.27 115.37 -35.14
C PHE NB 256 20.81 115.53 -35.54
N LEU NB 257 20.41 114.93 -36.65
CA LEU NB 257 19.04 115.09 -37.12
C LEU NB 257 18.05 114.39 -36.19
N THR NB 258 18.44 113.26 -35.60
CA THR NB 258 17.56 112.59 -34.65
C THR NB 258 17.27 113.47 -33.45
N SER NB 259 18.30 114.13 -32.91
CA SER NB 259 18.09 115.01 -31.77
C SER NB 259 17.33 116.28 -32.17
N TYR NB 260 17.58 116.79 -33.37
CA TYR NB 260 16.82 117.95 -33.84
C TYR NB 260 15.35 117.63 -33.99
N SER NB 261 15.02 116.43 -34.48
CA SER NB 261 13.62 116.03 -34.55
C SER NB 261 13.05 115.78 -33.17
N TYR NB 262 13.87 115.24 -32.25
CA TYR NB 262 13.39 115.00 -30.89
C TYR NB 262 13.02 116.31 -30.20
N LEU NB 263 13.83 117.36 -30.40
CA LEU NB 263 13.53 118.64 -29.76
C LEU NB 263 12.23 119.23 -30.26
N ASN NB 264 11.98 119.12 -31.57
CA ASN NB 264 10.83 119.80 -32.17
C ASN NB 264 9.52 119.18 -31.70
N ASN NB 265 8.51 120.03 -31.56
CA ASN NB 265 7.19 119.57 -31.14
C ASN NB 265 6.34 119.07 -32.29
N ASN NB 266 6.69 119.42 -33.53
CA ASN NB 266 5.94 118.94 -34.69
C ASN NB 266 6.34 117.54 -35.12
N SER NB 267 7.38 116.97 -34.50
CA SER NB 267 7.78 115.60 -34.80
C SER NB 267 6.94 114.57 -34.07
N TRP NB 268 6.06 114.99 -33.18
CA TRP NB 268 5.24 114.07 -32.41
C TRP NB 268 3.77 114.08 -32.84
N ASN NB 269 3.51 114.55 -34.06
CA ASN NB 269 2.17 114.48 -34.63
C ASN NB 269 1.97 113.10 -35.24
N ASN NB 270 1.01 112.34 -34.69
CA ASN NB 270 0.80 110.97 -35.11
C ASN NB 270 0.32 110.92 -36.56
N ASN NB 271 0.73 109.88 -37.27
CA ASN NB 271 0.38 109.70 -38.68
C ASN NB 271 -0.23 108.32 -38.89
N GLU NB 272 -1.29 108.28 -39.69
CA GLU NB 272 -1.82 107.01 -40.15
C GLU NB 272 -1.00 106.46 -41.30
N PHE NB 273 -1.05 105.14 -41.49
CA PHE NB 273 -0.22 104.50 -42.50
C PHE NB 273 -0.60 104.94 -43.91
N ASP NB 274 -1.91 105.11 -44.16
CA ASP NB 274 -2.32 105.62 -45.46
C ASP NB 274 -1.76 107.01 -45.72
N LEU NB 275 -1.50 107.77 -44.67
CA LEU NB 275 -0.79 109.04 -44.83
C LEU NB 275 0.68 108.80 -45.11
N ILE NB 276 1.38 108.16 -44.18
CA ILE NB 276 2.78 107.78 -44.40
C ILE NB 276 2.75 106.38 -45.02
N ASP NB 277 2.46 106.35 -46.31
CA ASP NB 277 2.56 105.15 -47.14
C ASP NB 277 3.66 105.29 -48.19
N ASN NB 278 4.80 105.87 -47.79
CA ASN NB 278 5.86 106.14 -48.74
C ASN NB 278 7.19 106.10 -48.01
N LEU NB 279 8.26 105.85 -48.76
CA LEU NB 279 9.62 105.77 -48.25
C LEU NB 279 10.53 106.55 -49.19
N PRO NB 280 11.71 106.97 -48.73
CA PRO NB 280 12.49 107.95 -49.50
C PRO NB 280 12.76 107.58 -50.94
N PHE NB 281 13.00 106.31 -51.25
CA PHE NB 281 13.17 105.89 -52.63
C PHE NB 281 12.15 104.83 -53.06
N THR NB 282 11.24 104.43 -52.18
CA THR NB 282 10.29 103.37 -52.46
C THR NB 282 8.88 103.86 -52.18
N THR NB 283 7.97 103.55 -53.09
CA THR NB 283 6.55 103.84 -52.91
C THR NB 283 5.84 102.59 -52.42
N LEU NB 284 5.03 102.73 -51.38
CA LEU NB 284 4.40 101.59 -50.73
C LEU NB 284 2.93 101.42 -51.05
N PHE NB 285 2.30 102.37 -51.76
CA PHE NB 285 0.89 102.23 -52.09
C PHE NB 285 0.65 101.20 -53.19
N ASP NB 286 1.65 100.93 -54.02
CA ASP NB 286 1.51 99.93 -55.08
C ASP NB 286 2.14 98.58 -54.71
N ASN NB 287 2.86 98.51 -53.59
CA ASN NB 287 3.48 97.28 -53.11
C ASN NB 287 2.76 96.87 -51.84
N ASN NB 288 1.82 95.94 -51.96
CA ASN NB 288 0.99 95.59 -50.82
C ASN NB 288 1.74 94.72 -49.80
N ASP NB 289 2.56 93.79 -50.28
CA ASP NB 289 3.33 92.95 -49.35
C ASP NB 289 4.29 93.80 -48.53
N LEU NB 290 5.02 94.70 -49.19
CA LEU NB 290 5.93 95.59 -48.47
C LEU NB 290 5.16 96.56 -47.57
N PHE NB 291 3.96 96.97 -48.00
CA PHE NB 291 3.15 97.83 -47.14
C PHE NB 291 2.74 97.11 -45.86
N ASN NB 292 2.32 95.85 -45.98
CA ASN NB 292 1.95 95.08 -44.79
C ASN NB 292 3.15 94.85 -43.89
N ASN NB 293 4.32 94.55 -44.48
CA ASN NB 293 5.52 94.38 -43.68
C ASN NB 293 5.91 95.68 -42.98
N TYR NB 294 5.71 96.80 -43.66
CA TYR NB 294 5.97 98.12 -43.08
C TYR NB 294 5.05 98.39 -41.89
N LYS NB 295 3.76 98.08 -42.05
CA LYS NB 295 2.82 98.23 -40.94
C LYS NB 295 3.22 97.34 -39.77
N SER NB 296 3.61 96.09 -40.04
CA SER NB 296 4.05 95.20 -38.98
C SER NB 296 5.30 95.73 -38.29
N PHE NB 297 6.22 96.30 -39.07
CA PHE NB 297 7.42 96.90 -38.51
C PHE NB 297 7.07 98.03 -37.55
N PHE NB 298 6.07 98.84 -37.90
CA PHE NB 298 5.66 99.92 -37.01
C PHE NB 298 4.68 99.48 -35.93
N GLN NB 299 4.30 98.21 -35.89
CA GLN NB 299 3.48 97.68 -34.81
C GLN NB 299 4.33 97.15 -33.65
N ASP NB 300 5.64 97.29 -33.73
CA ASP NB 300 6.54 96.90 -32.65
C ASP NB 300 6.68 98.07 -31.68
N SER NB 301 6.51 97.79 -30.39
CA SER NB 301 6.59 98.84 -29.38
C SER NB 301 8.00 99.41 -29.25
N ILE NB 302 9.02 98.67 -29.68
CA ILE NB 302 10.39 99.15 -29.58
C ILE NB 302 10.74 100.09 -30.72
N PHE NB 303 10.01 100.04 -31.83
CA PHE NB 303 10.24 100.91 -32.97
C PHE NB 303 9.24 102.05 -33.08
N ASN NB 304 8.18 102.02 -32.28
CA ASN NB 304 7.17 103.08 -32.27
C ASN NB 304 6.88 103.41 -30.80
N SER NB 305 7.65 104.35 -30.26
CA SER NB 305 7.55 104.70 -28.85
C SER NB 305 7.04 106.12 -28.67
N PRO NB 306 6.34 106.40 -27.58
CA PRO NB 306 5.94 107.78 -27.28
C PRO NB 306 7.14 108.59 -26.82
N LYS NB 307 6.94 109.91 -26.73
CA LYS NB 307 8.04 110.78 -26.33
C LYS NB 307 8.44 110.54 -24.88
N LYS NB 308 7.51 110.10 -24.03
CA LYS NB 308 7.85 109.86 -22.64
C LYS NB 308 8.86 108.73 -22.50
N GLN NB 309 8.70 107.67 -23.29
CA GLN NB 309 9.67 106.56 -23.26
C GLN NB 309 11.05 107.03 -23.69
N LEU NB 310 11.12 107.80 -24.77
CA LEU NB 310 12.42 108.29 -25.24
C LEU NB 310 13.05 109.24 -24.24
N SER NB 311 12.24 110.10 -23.61
CA SER NB 311 12.77 111.00 -22.59
C SER NB 311 13.31 110.22 -21.40
N SER NB 312 12.58 109.19 -20.95
CA SER NB 312 13.05 108.39 -19.83
C SER NB 312 14.34 107.66 -20.19
N ASP NB 313 14.41 107.09 -21.40
CA ASP NB 313 15.62 106.40 -21.81
C ASP NB 313 16.81 107.34 -21.88
N SER NB 314 16.61 108.53 -22.45
CA SER NB 314 17.70 109.50 -22.52
C SER NB 314 18.14 109.94 -21.14
N LYS NB 315 17.19 110.16 -20.23
CA LYS NB 315 17.53 110.55 -18.87
C LYS NB 315 18.36 109.48 -18.18
N GLN NB 316 17.95 108.22 -18.29
CA GLN NB 316 18.68 107.14 -17.63
C GLN NB 316 20.04 106.92 -18.26
N LEU NB 317 20.14 107.02 -19.58
CA LEU NB 317 21.43 106.86 -20.24
C LEU NB 317 22.39 107.99 -19.87
N PHE NB 318 21.89 109.23 -19.79
CA PHE NB 318 22.75 110.33 -19.37
C PHE NB 318 23.17 110.17 -17.92
N LYS NB 319 22.27 109.69 -17.07
CA LYS NB 319 22.64 109.39 -15.69
C LYS NB 319 23.75 108.35 -15.64
N HIS NB 320 23.64 107.30 -16.44
CA HIS NB 320 24.68 106.28 -16.51
C HIS NB 320 26.01 106.88 -16.96
N ILE NB 321 25.97 107.69 -18.02
CA ILE NB 321 27.19 108.28 -18.56
C ILE NB 321 27.87 109.15 -17.50
N ILE NB 322 27.10 110.05 -16.88
CA ILE NB 322 27.69 110.98 -15.93
C ILE NB 322 28.22 110.25 -14.70
N TYR NB 323 27.45 109.29 -14.18
CA TYR NB 323 27.92 108.60 -12.98
C TYR NB 323 29.15 107.75 -13.27
N ARG NB 324 29.19 107.07 -14.42
CA ARG NB 324 30.36 106.25 -14.72
C ARG NB 324 31.58 107.09 -15.04
N SER NB 325 31.38 108.29 -15.59
CA SER NB 325 32.51 109.15 -15.93
C SER NB 325 32.95 110.00 -14.73
N ILE NB 326 32.04 110.77 -14.17
CA ILE NB 326 32.41 111.73 -13.14
C ILE NB 326 32.31 111.16 -11.73
N LYS NB 327 31.34 110.27 -11.48
CA LYS NB 327 31.06 109.77 -10.12
C LYS NB 327 30.74 110.91 -9.17
N ASN NB 328 29.96 111.87 -9.65
CA ASN NB 328 29.68 113.08 -8.88
C ASN NB 328 28.54 112.89 -7.88
N ASN NB 329 27.77 111.81 -7.98
CA ASN NB 329 26.78 111.41 -6.98
C ASN NB 329 25.57 112.34 -6.96
N ILE NB 330 25.59 113.42 -7.74
CA ILE NB 330 24.44 114.29 -7.86
C ILE NB 330 23.58 113.97 -9.07
N ILE NB 331 24.08 113.12 -9.97
CA ILE NB 331 23.29 112.71 -11.13
C ILE NB 331 22.34 111.57 -10.79
N GLN NB 332 22.55 110.89 -9.66
CA GLN NB 332 21.68 109.82 -9.24
C GLN NB 332 20.37 110.37 -8.67
N ASP NB 333 19.40 109.48 -8.50
CA ASP NB 333 18.13 109.87 -7.92
C ASP NB 333 18.32 110.24 -6.45
N TYR NB 334 17.76 111.37 -6.05
CA TYR NB 334 17.87 111.81 -4.68
C TYR NB 334 17.05 110.94 -3.74
N THR NB 335 15.88 110.48 -4.19
CA THR NB 335 15.07 109.59 -3.40
C THR NB 335 15.73 108.23 -3.24
N LYS NB 336 15.41 107.56 -2.13
CA LYS NB 336 15.81 106.18 -1.91
C LYS NB 336 14.55 105.32 -2.05
N LEU NB 337 14.48 104.54 -3.12
CA LEU NB 337 13.28 103.79 -3.45
C LEU NB 337 13.42 102.35 -2.97
N VAL NB 338 12.43 101.89 -2.20
CA VAL NB 338 12.32 100.48 -1.83
C VAL NB 338 11.20 99.88 -2.66
N LYS NB 339 11.55 98.91 -3.50
CA LYS NB 339 10.63 98.37 -4.49
C LYS NB 339 10.29 96.93 -4.15
N HIS NB 340 8.99 96.63 -4.11
CA HIS NB 340 8.48 95.30 -3.80
C HIS NB 340 7.50 94.88 -4.88
N GLU NB 341 7.50 93.60 -5.22
CA GLU NB 341 6.59 93.06 -6.21
C GLU NB 341 5.29 92.64 -5.52
N ASP NB 342 4.18 93.19 -5.97
CA ASP NB 342 2.86 92.80 -5.50
C ASP NB 342 2.18 92.02 -6.60
N PHE NB 343 2.07 90.71 -6.43
CA PHE NB 343 1.52 89.81 -7.43
C PHE NB 343 0.25 89.17 -6.89
N ASP NB 344 -0.81 89.19 -7.69
CA ASP NB 344 -2.08 88.59 -7.31
C ASP NB 344 -1.96 87.08 -7.47
N GLU NB 345 -1.62 86.41 -6.38
CA GLU NB 345 -1.41 84.97 -6.40
C GLU NB 345 -2.70 84.18 -6.55
N TYR NB 346 -3.86 84.83 -6.44
CA TYR NB 346 -5.15 84.16 -6.52
C TYR NB 346 -5.72 84.13 -7.93
N SER NB 347 -4.86 84.16 -8.95
CA SER NB 347 -5.29 84.14 -10.34
C SER NB 347 -4.83 82.84 -10.99
N ARG NB 348 -5.77 82.13 -11.61
CA ARG NB 348 -5.45 80.88 -12.29
C ARG NB 348 -4.97 81.09 -13.73
N TRP NB 349 -5.10 82.29 -14.27
CA TRP NB 349 -4.67 82.55 -15.64
C TRP NB 349 -3.17 82.76 -15.74
N ILE NB 350 -2.56 83.35 -14.73
CA ILE NB 350 -1.11 83.57 -14.70
C ILE NB 350 -0.58 83.07 -13.37
N LYS NB 351 0.43 82.20 -13.43
CA LYS NB 351 1.09 81.68 -12.24
C LYS NB 351 2.59 81.86 -12.39
N ARG NB 352 3.22 82.39 -11.34
CA ARG NB 352 4.66 82.51 -11.35
C ARG NB 352 5.31 81.17 -11.04
N SER NB 353 6.62 81.11 -11.17
CA SER NB 353 7.35 79.87 -10.96
C SER NB 353 8.08 79.94 -9.63
N PRO NB 354 7.59 79.27 -8.58
CA PRO NB 354 8.35 79.20 -7.33
C PRO NB 354 9.71 78.58 -7.57
N GLY NB 355 10.72 79.12 -6.91
CA GLY NB 355 12.08 78.82 -7.32
C GLY NB 355 12.28 79.40 -8.70
N GLU NB 356 12.84 78.60 -9.60
CA GLU NB 356 13.01 79.00 -10.98
C GLU NB 356 12.85 77.78 -11.87
N VAL NB 357 12.70 78.03 -13.17
CA VAL NB 357 12.94 76.98 -14.16
C VAL NB 357 14.44 76.99 -14.43
N LEU NB 358 15.14 75.98 -13.93
CA LEU NB 358 16.59 75.99 -13.88
C LEU NB 358 17.19 75.99 -15.28
N PRO NB 359 18.44 76.45 -15.43
CA PRO NB 359 19.00 76.60 -16.78
C PRO NB 359 19.00 75.33 -17.61
N LEU NB 360 19.21 74.17 -16.99
CA LEU NB 360 19.24 72.91 -17.70
C LEU NB 360 18.51 71.84 -16.88
N ARG NB 361 17.68 71.05 -17.56
CA ARG NB 361 17.09 69.86 -16.97
C ARG NB 361 17.31 68.69 -17.91
N ILE NB 362 17.82 67.58 -17.36
CA ILE NB 362 17.98 66.34 -18.10
C ILE NB 362 16.77 65.46 -17.79
N ILE NB 363 16.05 65.07 -18.83
CA ILE NB 363 14.76 64.39 -18.70
C ILE NB 363 14.87 63.00 -19.30
N LYS NB 364 14.46 62.00 -18.54
CA LYS NB 364 14.44 60.63 -19.04
C LYS NB 364 13.23 60.44 -19.94
N TYR NB 365 13.46 60.01 -21.16
CA TYR NB 365 12.36 59.67 -22.07
C TYR NB 365 11.68 58.41 -21.56
N PRO NB 366 10.38 58.44 -21.31
CA PRO NB 366 9.70 57.21 -20.86
C PRO NB 366 9.75 56.12 -21.92
N LEU NB 367 9.88 54.88 -21.46
CA LEU NB 367 10.02 53.73 -22.33
C LEU NB 367 8.81 52.82 -22.16
N GLY NB 368 8.32 52.28 -23.28
CA GLY NB 368 7.25 51.33 -23.24
C GLY NB 368 5.85 51.91 -23.15
N LEU NB 369 5.71 53.23 -23.22
CA LEU NB 369 4.37 53.82 -23.22
C LEU NB 369 3.59 53.46 -24.48
N GLU NB 370 4.26 53.01 -25.52
CA GLU NB 370 3.62 52.67 -26.79
C GLU NB 370 4.00 51.24 -27.18
N THR NB 371 3.00 50.44 -27.54
CA THR NB 371 3.22 49.07 -27.98
C THR NB 371 2.51 48.81 -29.31
N ILE NB 372 2.37 49.85 -30.13
CA ILE NB 372 1.60 49.70 -31.37
C ILE NB 372 2.29 48.74 -32.33
N HIS NB 373 3.60 48.85 -32.48
CA HIS NB 373 4.35 47.97 -33.38
C HIS NB 373 5.58 47.42 -32.69
N ASN NB 374 5.44 47.05 -31.42
CA ASN NB 374 6.49 46.38 -30.66
C ASN NB 374 7.78 47.20 -30.62
N ASN NB 375 7.63 48.52 -30.50
CA ASN NB 375 8.76 49.43 -30.40
C ASN NB 375 8.63 50.22 -29.09
N ILE NB 376 9.71 50.23 -28.31
CA ILE NB 376 9.69 50.89 -27.00
C ILE NB 376 10.49 52.19 -27.02
N PHE NB 377 10.89 52.66 -28.20
CA PHE NB 377 11.64 53.91 -28.33
C PHE NB 377 10.80 54.88 -29.16
N GLU NB 378 10.11 55.79 -28.48
CA GLU NB 378 9.26 56.76 -29.16
C GLU NB 378 10.08 57.72 -30.00
N ASN NB 379 11.27 58.10 -29.54
CA ASN NB 379 12.05 59.18 -30.11
C ASN NB 379 13.30 58.65 -30.78
N THR NB 380 13.71 59.34 -31.86
CA THR NB 380 14.94 59.03 -32.58
C THR NB 380 15.46 60.32 -33.18
N ASN NB 381 16.77 60.54 -33.06
CA ASN NB 381 17.37 61.78 -33.55
C ASN NB 381 17.63 61.69 -35.04
N ASN NB 382 18.19 62.76 -35.61
CA ASN NB 382 18.43 62.81 -37.04
C ASN NB 382 19.49 61.80 -37.48
N GLU NB 383 20.44 61.49 -36.61
CA GLU NB 383 21.44 60.48 -36.92
C GLU NB 383 20.87 59.07 -36.98
N GLY NB 384 19.63 58.88 -36.54
CA GLY NB 384 19.02 57.56 -36.52
C GLY NB 384 19.18 56.80 -35.23
N ASN NB 385 19.91 57.35 -34.26
CA ASN NB 385 20.10 56.68 -32.98
C ASN NB 385 18.93 56.98 -32.05
N VAL NB 386 18.41 55.95 -31.40
CA VAL NB 386 17.30 56.15 -30.47
C VAL NB 386 17.78 56.97 -29.28
N GLU NB 387 16.85 57.75 -28.72
CA GLU NB 387 17.17 58.70 -27.65
C GLU NB 387 16.61 58.18 -26.33
N LEU NB 388 17.44 58.20 -25.30
CA LEU NB 388 17.00 57.87 -23.94
C LEU NB 388 16.85 59.10 -23.06
N PHE NB 389 17.54 60.19 -23.37
CA PHE NB 389 17.54 61.39 -22.54
C PHE NB 389 17.21 62.60 -23.40
N ARG NB 390 16.89 63.69 -22.71
CA ARG NB 390 16.54 64.95 -23.35
C ARG NB 390 17.12 66.10 -22.53
N LEU NB 391 17.49 67.17 -23.21
CA LEU NB 391 17.97 68.39 -22.54
C LEU NB 391 16.93 69.49 -22.75
N ARG NB 392 16.45 70.07 -21.65
CA ARG NB 392 15.53 71.19 -21.70
C ARG NB 392 16.21 72.41 -21.10
N PHE NB 393 16.16 73.53 -21.81
CA PHE NB 393 16.83 74.75 -21.40
C PHE NB 393 15.81 75.84 -21.08
N ASN NB 394 16.20 76.75 -20.20
CA ASN NB 394 15.39 77.90 -19.83
C ASN NB 394 16.11 79.15 -20.32
N SER NB 395 15.74 79.61 -21.51
CA SER NB 395 16.42 80.76 -22.11
C SER NB 395 16.05 82.05 -21.41
N ASN NB 396 14.76 82.26 -21.14
CA ASN NB 396 14.26 83.48 -20.51
C ASN NB 396 13.89 83.16 -19.07
N SER NB 397 14.60 83.78 -18.13
CA SER NB 397 14.48 83.43 -16.72
C SER NB 397 13.40 84.20 -15.99
N SER NB 398 12.80 85.21 -16.61
CA SER NB 398 11.82 86.05 -15.92
C SER NB 398 10.40 85.91 -16.47
N LYS NB 399 10.23 85.43 -17.69
CA LYS NB 399 8.91 85.36 -18.29
C LYS NB 399 8.03 84.34 -17.57
N MET NB 400 6.72 84.56 -17.64
CA MET NB 400 5.77 83.60 -17.09
C MET NB 400 5.71 82.36 -17.97
N GLN NB 401 5.18 81.28 -17.40
CA GLN NB 401 4.96 80.05 -18.12
C GLN NB 401 3.51 80.00 -18.60
N HIS NB 402 3.32 79.68 -19.87
CA HIS NB 402 1.99 79.72 -20.46
C HIS NB 402 1.09 78.64 -19.86
N LYS NB 403 -0.19 78.98 -19.71
CA LYS NB 403 -1.17 78.06 -19.16
C LYS NB 403 -1.42 76.90 -20.11
N LEU NB 404 -1.69 75.72 -19.54
CA LEU NB 404 -1.99 74.55 -20.35
C LEU NB 404 -3.24 74.80 -21.18
N VAL NB 405 -3.14 74.55 -22.48
CA VAL NB 405 -4.25 74.79 -23.40
C VAL NB 405 -5.29 73.70 -23.22
N GLN NB 406 -6.56 74.09 -23.18
CA GLN NB 406 -7.65 73.16 -22.93
C GLN NB 406 -7.97 72.39 -24.21
N ASP NB 407 -7.58 71.11 -24.25
CA ASP NB 407 -7.86 70.28 -25.41
C ASP NB 407 -9.30 69.81 -25.44
N THR NB 408 -9.95 69.68 -24.28
CA THR NB 408 -11.25 69.04 -24.20
C THR NB 408 -12.30 69.83 -24.97
N ILE NB 409 -13.04 69.11 -25.83
CA ILE NB 409 -14.14 69.67 -26.59
C ILE NB 409 -15.33 68.71 -26.48
N TYR NB 410 -16.48 69.24 -26.06
CA TYR NB 410 -17.65 68.43 -25.79
C TYR NB 410 -18.83 68.94 -26.59
N LEU NB 411 -19.73 68.02 -26.93
CA LEU NB 411 -21.09 68.36 -27.35
C LEU NB 411 -21.94 68.42 -26.09
N THR NB 412 -22.41 69.61 -25.75
CA THR NB 412 -23.11 69.84 -24.50
C THR NB 412 -24.58 70.10 -24.78
N LEU NB 413 -25.45 69.30 -24.18
CA LEU NB 413 -26.89 69.47 -24.26
C LEU NB 413 -27.39 69.89 -22.89
N LYS NB 414 -27.97 71.08 -22.81
CA LYS NB 414 -28.55 71.58 -21.56
C LYS NB 414 -30.05 71.33 -21.59
N GLN NB 415 -30.50 70.37 -20.79
CA GLN NB 415 -31.90 70.00 -20.72
C GLN NB 415 -32.53 70.75 -19.55
N LYS NB 416 -33.37 71.73 -19.87
CA LYS NB 416 -34.10 72.52 -18.88
C LYS NB 416 -35.59 72.32 -19.11
N ARG NB 417 -36.38 72.79 -18.15
CA ARG NB 417 -37.83 72.66 -18.26
C ARG NB 417 -38.36 73.52 -19.41
N TYR NB 418 -39.51 73.12 -19.93
CA TYR NB 418 -40.11 73.79 -21.07
C TYR NB 418 -40.44 75.24 -20.75
N ASN NB 419 -40.09 76.14 -21.66
CA ASN NB 419 -40.37 77.56 -21.52
C ASN NB 419 -41.62 77.91 -22.32
N ARG NB 420 -42.54 78.60 -21.68
CA ARG NB 420 -43.81 78.96 -22.31
C ARG NB 420 -43.57 79.93 -23.46
N LYS NB 421 -44.27 79.70 -24.57
CA LYS NB 421 -44.18 80.58 -25.72
C LYS NB 421 -45.13 81.76 -25.57
N LYS NB 422 -44.71 82.91 -26.11
CA LYS NB 422 -45.56 84.08 -26.18
C LYS NB 422 -46.32 84.14 -27.49
N VAL NB 423 -45.60 83.99 -28.61
CA VAL NB 423 -46.20 83.90 -29.93
C VAL NB 423 -45.53 82.75 -30.68
N VAL NB 424 -46.24 82.23 -31.67
CA VAL NB 424 -45.74 81.15 -32.51
C VAL NB 424 -45.01 81.80 -33.69
N ALA NB 425 -43.69 81.80 -33.65
CA ALA NB 425 -42.91 82.45 -34.68
C ALA NB 425 -42.95 81.64 -35.97
N PRO NB 426 -43.27 82.25 -37.10
CA PRO NB 426 -43.30 81.51 -38.37
C PRO NB 426 -41.90 81.09 -38.80
N GLN NB 427 -41.84 80.02 -39.58
CA GLN NB 427 -40.57 79.54 -40.10
C GLN NB 427 -40.09 80.47 -41.20
N ILE NB 428 -38.96 81.14 -40.97
CA ILE NB 428 -38.41 82.12 -41.90
C ILE NB 428 -37.01 81.69 -42.30
N LYS NB 429 -36.76 81.65 -43.60
CA LYS NB 429 -35.45 81.33 -44.16
C LYS NB 429 -35.02 82.46 -45.06
N TYR NB 430 -33.78 82.92 -44.89
CA TYR NB 430 -33.22 84.03 -45.65
C TYR NB 430 -32.32 83.52 -46.76
N TYR NB 431 -32.06 84.39 -47.73
CA TYR NB 431 -31.16 84.08 -48.83
C TYR NB 431 -29.73 83.89 -48.34
N THR NB 439 -29.16 86.46 -46.61
CA THR NB 439 -29.05 87.11 -45.31
C THR NB 439 -29.79 88.43 -45.30
N ASP NB 440 -30.61 88.64 -44.25
CA ASP NB 440 -31.40 89.84 -44.00
C ASP NB 440 -32.55 90.01 -44.99
N LEU NB 441 -32.69 89.14 -45.98
CA LEU NB 441 -33.80 89.19 -46.93
C LEU NB 441 -34.60 87.90 -46.81
N VAL NB 442 -35.91 88.03 -46.59
CA VAL NB 442 -36.76 86.87 -46.33
C VAL NB 442 -36.97 86.08 -47.61
N LYS NB 443 -36.27 84.95 -47.74
CA LYS NB 443 -36.46 84.10 -48.91
C LYS NB 443 -37.78 83.37 -48.86
N TYR NB 444 -38.12 82.79 -47.70
CA TYR NB 444 -39.37 82.04 -47.57
C TYR NB 444 -39.87 82.16 -46.14
N THR NB 445 -41.11 82.62 -45.98
CA THR NB 445 -41.78 82.66 -44.69
C THR NB 445 -43.03 81.80 -44.75
N GLY NB 446 -43.18 80.91 -43.77
CA GLY NB 446 -44.30 80.00 -43.77
C GLY NB 446 -44.77 79.68 -42.36
N LYS NB 447 -45.92 79.04 -42.29
CA LYS NB 447 -46.55 78.65 -41.02
C LYS NB 447 -46.84 77.15 -41.06
N PRO NB 448 -45.80 76.33 -40.94
CA PRO NB 448 -45.99 74.88 -41.07
C PRO NB 448 -46.65 74.29 -39.83
N TYR NB 449 -47.51 73.31 -40.06
CA TYR NB 449 -48.07 72.51 -38.99
C TYR NB 449 -48.05 71.04 -39.41
N LEU NB 450 -47.70 70.18 -38.46
CA LEU NB 450 -47.60 68.75 -38.72
C LEU NB 450 -48.99 68.15 -38.75
N SER NB 451 -49.41 67.67 -39.92
CA SER NB 451 -50.74 67.12 -40.08
C SER NB 451 -50.80 65.70 -39.52
N ASN NB 452 -52.02 65.18 -39.41
CA ASN NB 452 -52.23 63.83 -38.91
C ASN NB 452 -51.66 62.77 -39.84
N ASP NB 453 -51.51 63.08 -41.12
CA ASP NB 453 -50.92 62.16 -42.09
C ASP NB 453 -49.43 62.44 -42.30
N LYS NB 454 -48.77 63.08 -41.34
CA LYS NB 454 -47.34 63.29 -41.35
C LYS NB 454 -46.90 64.13 -42.56
N LEU NB 455 -47.49 65.32 -42.67
CA LEU NB 455 -47.11 66.30 -43.68
C LEU NB 455 -47.06 67.67 -43.04
N LEU NB 456 -45.98 68.42 -43.29
CA LEU NB 456 -45.84 69.78 -42.79
C LEU NB 456 -46.65 70.70 -43.70
N LYS NB 457 -47.95 70.73 -43.47
CA LYS NB 457 -48.82 71.52 -44.33
C LYS NB 457 -48.81 72.98 -43.90
N GLN NB 458 -49.36 73.84 -44.76
CA GLN NB 458 -49.50 75.25 -44.45
C GLN NB 458 -50.80 75.46 -43.68
N SER NB 459 -50.70 76.11 -42.51
CA SER NB 459 -51.84 76.26 -41.62
C SER NB 459 -52.73 77.41 -42.07
N ILE NB 460 -54.04 77.16 -42.09
CA ILE NB 460 -55.02 78.20 -42.36
C ILE NB 460 -55.57 78.81 -41.08
N TYR NB 461 -55.11 78.36 -39.92
CA TYR NB 461 -55.53 78.88 -38.63
C TYR NB 461 -54.52 79.90 -38.13
N ASP NB 462 -54.79 80.45 -36.95
CA ASP NB 462 -53.85 81.31 -36.23
C ASP NB 462 -53.15 80.44 -35.20
N GLN NB 463 -51.87 80.16 -35.43
CA GLN NB 463 -51.14 79.23 -34.58
C GLN NB 463 -51.04 79.75 -33.15
N THR NB 464 -50.90 81.07 -32.99
CA THR NB 464 -50.87 81.65 -31.66
C THR NB 464 -52.20 81.43 -30.94
N THR NB 465 -53.31 81.57 -31.66
CA THR NB 465 -54.62 81.33 -31.05
C THR NB 465 -54.78 79.88 -30.63
N GLN NB 466 -54.32 78.93 -31.46
CA GLN NB 466 -54.38 77.52 -31.08
C GLN NB 466 -53.54 77.25 -29.84
N TYR NB 467 -52.33 77.83 -29.79
CA TYR NB 467 -51.48 77.66 -28.63
C TYR NB 467 -52.13 78.22 -27.37
N LYS NB 468 -52.74 79.41 -27.48
CA LYS NB 468 -53.35 80.02 -26.32
C LYS NB 468 -54.64 79.33 -25.90
N LEU NB 469 -55.35 78.71 -26.84
CA LEU NB 469 -56.55 77.96 -26.48
C LEU NB 469 -56.20 76.64 -25.82
N ILE NB 470 -55.13 75.99 -26.27
CA ILE NB 470 -54.66 74.80 -25.57
C ILE NB 470 -54.16 75.17 -24.18
N LYS NB 471 -53.45 76.30 -24.06
CA LYS NB 471 -52.99 76.75 -22.76
C LYS NB 471 -54.16 77.07 -21.82
N LYS NB 472 -55.18 77.73 -22.34
CA LYS NB 472 -56.29 78.18 -21.50
C LYS NB 472 -57.16 77.01 -21.06
N ASN NB 473 -57.78 76.33 -22.01
CA ASN NB 473 -58.83 75.35 -21.71
C ASN NB 473 -58.68 74.15 -22.65
N LYS NB 474 -58.08 73.08 -22.13
CA LYS NB 474 -57.93 71.84 -22.88
C LYS NB 474 -58.79 70.76 -22.25
N LYS NB 475 -59.41 69.93 -23.09
CA LYS NB 475 -60.26 68.87 -22.60
C LYS NB 475 -59.43 67.80 -21.90
N ARG NB 476 -59.85 67.42 -20.69
CA ARG NB 476 -59.20 66.35 -19.95
C ARG NB 476 -60.27 65.45 -19.35
N GLY NB 477 -59.83 64.29 -18.86
CA GLY NB 477 -60.72 63.32 -18.28
C GLY NB 477 -60.04 62.59 -17.14
N GLU NB 478 -60.80 61.74 -16.48
CA GLU NB 478 -60.27 61.00 -15.33
C GLU NB 478 -59.13 60.08 -15.74
N LEU NB 479 -59.37 59.23 -16.74
CA LEU NB 479 -58.41 58.22 -17.15
C LEU NB 479 -57.62 58.69 -18.37
N ILE NB 480 -56.78 59.68 -18.15
CA ILE NB 480 -56.01 60.31 -19.22
C ILE NB 480 -54.56 59.82 -19.15
N PRO NB 481 -53.98 59.35 -20.24
CA PRO NB 481 -52.62 58.79 -20.19
C PRO NB 481 -51.57 59.85 -19.92
N VAL NB 482 -50.43 59.40 -19.39
CA VAL NB 482 -49.31 60.29 -19.15
C VAL NB 482 -48.73 60.80 -20.45
N THR NB 483 -48.96 60.10 -21.56
CA THR NB 483 -48.46 60.58 -22.85
C THR NB 483 -49.16 61.86 -23.27
N LEU NB 484 -50.47 61.96 -23.02
CA LEU NB 484 -51.27 63.10 -23.43
C LEU NB 484 -51.43 64.14 -22.33
N ALA NB 485 -50.91 63.88 -21.13
CA ALA NB 485 -51.00 64.81 -20.00
C ALA NB 485 -49.60 64.99 -19.44
N ARG NB 486 -48.84 65.90 -20.03
CA ARG NB 486 -47.50 66.23 -19.57
C ARG NB 486 -47.52 67.68 -19.10
N ARG NB 487 -47.37 67.88 -17.80
CA ARG NB 487 -47.34 69.21 -17.21
C ARG NB 487 -46.06 69.49 -16.44
N ILE NB 488 -45.45 68.48 -15.85
CA ILE NB 488 -44.21 68.66 -15.10
C ILE NB 488 -43.04 67.93 -15.75
N LEU NB 489 -43.28 67.14 -16.80
CA LEU NB 489 -42.27 66.29 -17.42
C LEU NB 489 -41.88 66.79 -18.81
N ARG NB 490 -41.97 68.09 -19.04
CA ARG NB 490 -41.70 68.67 -20.35
C ARG NB 490 -40.38 69.42 -20.32
N THR NB 491 -39.53 69.15 -21.31
CA THR NB 491 -38.25 69.82 -21.47
C THR NB 491 -38.12 70.29 -22.92
N LYS NB 492 -37.10 71.11 -23.16
CA LYS NB 492 -36.83 71.63 -24.49
C LYS NB 492 -35.74 70.84 -25.23
N LYS NB 493 -35.23 69.76 -24.65
CA LYS NB 493 -34.21 68.97 -25.29
C LYS NB 493 -34.35 67.52 -24.84
N THR NB 494 -33.87 66.61 -25.69
CA THR NB 494 -33.95 65.18 -25.43
C THR NB 494 -32.56 64.57 -25.50
N LEU NB 495 -32.26 63.67 -24.56
CA LEU NB 495 -31.00 62.91 -24.60
C LEU NB 495 -31.24 61.67 -25.45
N VAL NB 496 -30.67 61.66 -26.65
CA VAL NB 496 -30.87 60.57 -27.60
C VAL NB 496 -29.70 59.61 -27.51
N LEU NB 497 -30.01 58.34 -27.33
CA LEU NB 497 -29.03 57.27 -27.19
C LEU NB 497 -29.45 56.10 -28.05
N PRO NB 498 -28.51 55.25 -28.45
CA PRO NB 498 -28.87 54.03 -29.18
C PRO NB 498 -29.38 52.94 -28.25
N ALA NB 499 -30.07 51.98 -28.85
CA ALA NB 499 -30.64 50.86 -28.12
C ALA NB 499 -29.85 49.60 -28.41
N HIS NB 500 -29.95 48.65 -27.47
CA HIS NB 500 -29.28 47.35 -27.56
C HIS NB 500 -27.76 47.48 -27.61
N VAL NB 501 -27.22 48.46 -26.89
CA VAL NB 501 -25.78 48.68 -26.85
C VAL NB 501 -25.43 49.32 -25.50
N ASN NB 502 -24.13 49.41 -25.22
CA ASN NB 502 -23.64 49.78 -23.90
C ASN NB 502 -23.07 51.20 -23.88
N ILE NB 503 -23.57 51.98 -22.93
CA ILE NB 503 -23.17 53.37 -22.75
C ILE NB 503 -22.72 53.54 -21.31
N THR NB 504 -21.51 54.08 -21.13
CA THR NB 504 -21.00 54.38 -19.81
C THR NB 504 -21.45 55.80 -19.44
N LEU NB 505 -22.31 55.90 -18.43
CA LEU NB 505 -22.76 57.19 -17.93
C LEU NB 505 -21.87 57.59 -16.76
N ILE NB 506 -21.19 58.72 -16.90
CA ILE NB 506 -20.39 59.28 -15.82
C ILE NB 506 -21.23 60.34 -15.14
N THR NB 507 -21.74 60.04 -13.96
CA THR NB 507 -22.64 60.92 -13.24
C THR NB 507 -21.86 61.77 -12.25
N ASN NB 508 -22.19 63.06 -12.23
CA ASN NB 508 -21.59 64.04 -11.32
C ASN NB 508 -22.57 65.19 -11.17
N SER NB 509 -22.27 66.06 -10.19
CA SER NB 509 -23.14 67.19 -9.91
C SER NB 509 -22.30 68.44 -9.69
N TYR NB 510 -22.81 69.57 -10.18
CA TYR NB 510 -22.08 70.83 -10.03
C TYR NB 510 -22.02 71.27 -8.56
N ASP NB 511 -23.17 71.30 -7.89
CA ASP NB 511 -23.26 71.90 -6.56
C ASP NB 511 -23.66 70.91 -5.48
N ILE NB 512 -24.82 70.27 -5.59
CA ILE NB 512 -25.35 69.42 -4.54
C ILE NB 512 -25.82 68.11 -5.16
N VAL NB 513 -26.32 67.21 -4.32
CA VAL NB 513 -26.67 65.86 -4.74
C VAL NB 513 -28.03 65.88 -5.42
N HIS NB 514 -28.09 65.32 -6.63
CA HIS NB 514 -29.34 65.11 -7.35
C HIS NB 514 -29.46 63.62 -7.65
N SER NB 515 -30.60 63.23 -8.23
CA SER NB 515 -30.83 61.83 -8.58
C SER NB 515 -31.50 61.76 -9.94
N TRP NB 516 -30.75 61.36 -10.94
CA TRP NB 516 -31.25 61.11 -12.29
C TRP NB 516 -32.10 59.85 -12.23
N PHE NB 517 -33.43 60.01 -12.15
CA PHE NB 517 -34.33 58.90 -11.84
C PHE NB 517 -35.23 58.65 -13.04
N ILE NB 518 -35.04 57.52 -13.71
CA ILE NB 518 -35.88 57.09 -14.82
C ILE NB 518 -36.77 55.96 -14.31
N PRO NB 519 -38.08 56.18 -14.15
CA PRO NB 519 -38.95 55.11 -13.64
C PRO NB 519 -39.23 54.05 -14.68
N GLY NB 520 -39.35 54.44 -15.94
CA GLY NB 520 -39.63 53.46 -16.99
C GLY NB 520 -38.53 52.44 -17.15
N LEU NB 521 -37.29 52.88 -17.06
CA LEU NB 521 -36.15 51.96 -17.04
C LEU NB 521 -35.88 51.40 -15.66
N GLY NB 522 -36.53 51.92 -14.64
CA GLY NB 522 -36.29 51.47 -13.28
C GLY NB 522 -34.87 51.69 -12.83
N ILE NB 523 -34.29 52.85 -13.15
CA ILE NB 523 -32.93 53.16 -12.75
C ILE NB 523 -32.91 54.50 -12.05
N LYS NB 524 -31.88 54.72 -11.25
CA LYS NB 524 -31.72 55.97 -10.52
C LYS NB 524 -30.24 56.14 -10.21
N LEU NB 525 -29.61 57.10 -10.88
CA LEU NB 525 -28.19 57.37 -10.71
C LEU NB 525 -28.03 58.60 -9.84
N ASP NB 526 -27.31 58.47 -8.73
CA ASP NB 526 -27.13 59.56 -7.79
C ASP NB 526 -25.96 60.42 -8.24
N CYS NB 527 -26.25 61.65 -8.65
CA CYS NB 527 -25.23 62.61 -9.05
C CYS NB 527 -24.74 63.33 -7.79
N VAL NB 528 -23.52 63.03 -7.37
CA VAL NB 528 -22.95 63.52 -6.13
C VAL NB 528 -21.77 64.43 -6.46
N PRO NB 529 -21.64 65.58 -5.80
CA PRO NB 529 -20.49 66.46 -6.10
C PRO NB 529 -19.17 65.79 -5.79
N GLY NB 530 -18.21 66.00 -6.69
CA GLY NB 530 -16.89 65.43 -6.52
C GLY NB 530 -16.79 63.94 -6.73
N ARG NB 531 -17.89 63.28 -7.10
CA ARG NB 531 -17.91 61.85 -7.34
C ARG NB 531 -18.21 61.63 -8.82
N SER NB 532 -17.24 61.12 -9.56
CA SER NB 532 -17.41 60.80 -10.98
C SER NB 532 -17.80 59.33 -11.07
N THR NB 533 -19.08 59.05 -10.86
CA THR NB 533 -19.52 57.67 -10.74
C THR NB 533 -19.80 57.09 -12.12
N HIS NB 534 -19.16 55.98 -12.44
CA HIS NB 534 -19.36 55.31 -13.72
C HIS NB 534 -20.44 54.25 -13.59
N HIS NB 535 -21.49 54.36 -14.40
CA HIS NB 535 -22.55 53.38 -14.47
C HIS NB 535 -22.61 52.81 -15.87
N THR NB 536 -22.97 51.53 -15.96
CA THR NB 536 -23.28 50.93 -17.25
C THR NB 536 -24.75 51.18 -17.57
N PHE NB 537 -25.03 51.37 -18.85
CA PHE NB 537 -26.37 51.76 -19.30
C PHE NB 537 -26.70 50.95 -20.55
N PHE NB 538 -27.73 50.14 -20.45
CA PHE NB 538 -28.19 49.31 -21.55
C PHE NB 538 -29.70 49.43 -21.65
N ILE NB 539 -30.19 49.81 -22.81
CA ILE NB 539 -31.62 49.89 -23.08
C ILE NB 539 -31.94 48.88 -24.17
N ASP NB 540 -32.79 47.90 -23.84
CA ASP NB 540 -33.06 46.78 -24.72
C ASP NB 540 -34.33 46.96 -25.54
N ASN NB 541 -34.78 48.20 -25.72
CA ASN NB 541 -35.96 48.45 -26.53
C ASN NB 541 -35.94 49.90 -26.98
N VAL NB 542 -36.68 50.17 -28.06
CA VAL NB 542 -36.86 51.54 -28.54
C VAL NB 542 -37.87 52.22 -27.63
N GLY NB 543 -37.45 53.28 -26.96
CA GLY NB 543 -38.32 53.89 -25.97
C GLY NB 543 -38.02 55.32 -25.60
N PHE NB 544 -39.08 56.11 -25.42
CA PHE NB 544 -38.97 57.48 -24.95
C PHE NB 544 -39.41 57.50 -23.49
N TYR NB 545 -38.45 57.66 -22.58
CA TYR NB 545 -38.69 57.60 -21.15
C TYR NB 545 -38.55 58.99 -20.55
N TYR NB 546 -39.54 59.38 -19.76
CA TYR NB 546 -39.43 60.56 -18.92
C TYR NB 546 -38.81 60.18 -17.58
N GLY NB 547 -38.38 61.19 -16.84
CA GLY NB 547 -37.77 60.96 -15.56
C GLY NB 547 -37.72 62.26 -14.77
N GLN NB 548 -37.21 62.15 -13.54
CA GLN NB 548 -37.21 63.30 -12.64
C GLN NB 548 -35.96 63.30 -11.78
N CYS NB 549 -35.92 64.25 -10.86
CA CYS NB 549 -34.89 64.33 -9.83
C CYS NB 549 -35.46 63.74 -8.55
N ALA NB 550 -34.75 62.78 -7.97
CA ALA NB 550 -35.22 62.05 -6.80
C ALA NB 550 -34.32 62.28 -5.59
N GLU NB 551 -33.72 63.46 -5.50
CA GLU NB 551 -32.98 63.86 -4.31
C GLU NB 551 -33.28 65.33 -4.06
N ILE NB 552 -33.71 65.65 -2.84
CA ILE NB 552 -34.17 67.00 -2.54
C ILE NB 552 -33.07 68.00 -2.81
N CYS NB 553 -33.39 69.04 -3.59
CA CYS NB 553 -32.37 69.98 -4.03
C CYS NB 553 -32.75 71.45 -3.92
N GLY NB 554 -34.01 71.81 -3.69
CA GLY NB 554 -34.33 73.21 -3.53
C GLY NB 554 -35.63 73.65 -4.17
N ARG NB 555 -35.60 74.82 -4.83
CA ARG NB 555 -36.83 75.40 -5.37
C ARG NB 555 -37.46 74.52 -6.42
N TYR NB 556 -36.70 74.12 -7.43
CA TYR NB 556 -37.22 73.41 -8.59
C TYR NB 556 -36.87 71.94 -8.56
N HIS NB 557 -36.89 71.35 -7.36
CA HIS NB 557 -36.76 69.90 -7.25
C HIS NB 557 -37.88 69.20 -8.00
N HIS NB 558 -39.10 69.74 -7.91
CA HIS NB 558 -40.23 69.16 -8.63
C HIS NB 558 -40.10 69.36 -10.13
N HIS NB 559 -39.70 70.55 -10.56
CA HIS NB 559 -39.62 70.88 -11.98
C HIS NB 559 -38.19 70.73 -12.50
N MET NB 560 -37.71 69.50 -12.46
CA MET NB 560 -36.37 69.14 -12.93
C MET NB 560 -36.50 67.87 -13.77
N PRO NB 561 -37.14 67.96 -14.94
CA PRO NB 561 -37.52 66.78 -15.69
C PRO NB 561 -36.41 66.25 -16.59
N ILE NB 562 -36.60 65.02 -17.06
CA ILE NB 562 -35.64 64.30 -17.89
C ILE NB 562 -36.39 63.66 -19.04
N ARG NB 563 -35.81 63.70 -20.23
CA ARG NB 563 -36.34 62.99 -21.39
C ARG NB 563 -35.20 62.27 -22.08
N VAL NB 564 -35.31 60.94 -22.17
CA VAL NB 564 -34.29 60.11 -22.79
C VAL NB 564 -34.95 59.27 -23.88
N CYS NB 565 -34.43 59.35 -25.09
CA CYS NB 565 -34.97 58.62 -26.23
C CYS NB 565 -33.93 57.60 -26.68
N ALA NB 566 -34.23 56.32 -26.46
CA ALA NB 566 -33.41 55.23 -26.96
C ALA NB 566 -33.98 54.79 -28.31
N LEU NB 567 -33.13 54.86 -29.34
CA LEU NB 567 -33.51 54.64 -30.72
C LEU NB 567 -32.59 53.60 -31.34
N PRO NB 568 -33.02 52.95 -32.41
CA PRO NB 568 -32.11 52.06 -33.14
C PRO NB 568 -30.95 52.86 -33.73
N PHE NB 569 -29.86 52.14 -34.01
CA PHE NB 569 -28.61 52.82 -34.33
C PHE NB 569 -28.69 53.61 -35.62
N GLU NB 570 -29.58 53.24 -36.55
CA GLU NB 570 -29.72 54.04 -37.76
C GLU NB 570 -30.33 55.40 -37.46
N HIS NB 571 -31.41 55.42 -36.67
CA HIS NB 571 -32.02 56.70 -36.29
C HIS NB 571 -31.12 57.49 -35.34
N PHE NB 572 -30.43 56.79 -34.43
CA PHE NB 572 -29.47 57.49 -33.57
C PHE NB 572 -28.35 58.11 -34.39
N LEU NB 573 -27.86 57.39 -35.40
CA LEU NB 573 -26.81 57.94 -36.26
C LEU NB 573 -27.32 59.12 -37.06
N LEU NB 574 -28.57 59.06 -37.51
CA LEU NB 574 -29.14 60.21 -38.21
C LEU NB 574 -29.22 61.43 -37.29
N TRP NB 575 -29.65 61.21 -36.04
CA TRP NB 575 -29.67 62.32 -35.09
C TRP NB 575 -28.26 62.85 -34.80
N TRP NB 576 -27.31 61.94 -34.66
CA TRP NB 576 -25.93 62.31 -34.33
C TRP NB 576 -25.30 63.12 -35.45
N ASN NB 577 -25.53 62.73 -36.70
CA ASN NB 577 -24.94 63.45 -37.82
C ASN NB 577 -25.62 64.80 -38.03
N THR NB 578 -26.93 64.88 -37.77
CA THR NB 578 -27.68 66.09 -38.05
C THR NB 578 -27.65 67.09 -36.89
N PHE NB 579 -27.74 66.61 -35.65
CA PHE NB 579 -27.80 67.49 -34.50
C PHE NB 579 -26.62 67.38 -33.55
N GLY NB 580 -25.81 66.34 -33.65
CA GLY NB 580 -24.67 66.19 -32.77
C GLY NB 580 -23.35 66.62 -33.38
N LEU NB 581 -23.07 66.18 -34.61
CA LEU NB 581 -21.83 66.54 -35.27
C LEU NB 581 -21.67 68.04 -35.51
N PRO NB 582 -22.68 68.80 -35.97
CA PRO NB 582 -22.50 70.25 -36.12
C PRO NB 582 -22.23 70.97 -34.81
N LYS NB 583 -22.23 70.24 -33.70
CA LYS NB 583 -22.01 70.81 -32.37
C LYS NB 583 -23.07 71.85 -32.04
N SER OB 13 51.76 94.14 82.05
CA SER OB 13 51.43 93.21 83.13
C SER OB 13 51.99 93.70 84.46
N ARG OB 14 51.86 95.00 84.71
CA ARG OB 14 52.35 95.58 85.94
C ARG OB 14 51.43 95.23 87.10
N ILE OB 15 51.98 95.30 88.32
CA ILE OB 15 51.24 95.06 89.54
C ILE OB 15 51.44 96.24 90.47
N TYR OB 16 50.33 96.79 90.97
CA TYR OB 16 50.38 97.91 91.91
C TYR OB 16 49.31 97.71 92.99
N TRP OB 17 49.57 98.28 94.16
CA TRP OB 17 48.64 98.24 95.28
C TRP OB 17 48.39 99.65 95.77
N PHE OB 18 47.13 100.01 95.94
CA PHE OB 18 46.73 101.33 96.43
C PHE OB 18 46.02 101.17 97.76
N ASP OB 19 46.44 101.97 98.74
CA ASP OB 19 45.81 102.00 100.06
C ASP OB 19 44.97 103.27 100.14
N PHE OB 20 43.66 103.10 100.17
CA PHE OB 20 42.73 104.23 100.20
C PHE OB 20 42.30 104.61 101.61
N ASN OB 21 42.80 103.92 102.63
CA ASN OB 21 42.47 104.20 104.04
C ASN OB 21 40.96 104.09 104.29
N GLY OB 22 40.28 103.27 103.49
CA GLY OB 22 38.85 103.11 103.61
C GLY OB 22 38.02 104.22 103.01
N THR OB 23 38.64 105.22 102.39
CA THR OB 23 37.89 106.31 101.79
C THR OB 23 37.09 105.83 100.59
N VAL OB 24 37.64 104.89 99.82
CA VAL OB 24 37.00 104.36 98.63
C VAL OB 24 36.43 102.99 98.94
N ASN OB 25 35.15 102.79 98.67
CA ASN OB 25 34.51 101.51 98.90
C ASN OB 25 35.04 100.46 97.92
N GLU OB 26 35.57 99.37 98.46
CA GLU OB 26 36.19 98.33 97.65
C GLU OB 26 35.25 97.17 97.34
N ASN OB 27 34.00 97.23 97.80
CA ASN OB 27 33.04 96.18 97.53
C ASN OB 27 32.38 96.31 96.17
N LEU OB 28 32.58 97.42 95.48
CA LEU OB 28 32.00 97.70 94.17
C LEU OB 28 33.10 98.16 93.24
N PRO OB 29 32.89 98.04 91.93
CA PRO OB 29 33.94 98.41 90.97
C PRO OB 29 34.37 99.85 91.14
N LEU OB 30 35.67 100.09 90.97
CA LEU OB 30 36.23 101.42 91.17
C LEU OB 30 35.66 102.40 90.15
N ASN OB 31 35.43 103.63 90.61
CA ASN OB 31 34.85 104.66 89.77
C ASN OB 31 35.84 105.08 88.68
N TYR OB 32 35.30 105.70 87.63
CA TYR OB 32 36.15 106.19 86.55
C TYR OB 32 37.15 107.22 87.06
N ASN OB 33 36.70 108.13 87.92
CA ASN OB 33 37.59 109.16 88.45
C ASN OB 33 38.65 108.56 89.36
N VAL OB 34 38.28 107.56 90.17
CA VAL OB 34 39.25 106.91 91.04
C VAL OB 34 40.33 106.21 90.21
N LEU OB 35 39.91 105.50 89.16
CA LEU OB 35 40.88 104.86 88.28
C LEU OB 35 41.72 105.87 87.52
N LYS OB 36 41.15 107.02 87.17
CA LYS OB 36 41.94 108.08 86.55
C LYS OB 36 43.01 108.61 87.51
N ILE OB 37 42.65 108.78 88.77
CA ILE OB 37 43.62 109.20 89.78
C ILE OB 37 44.71 108.14 89.93
N CYS OB 38 44.33 106.87 89.95
CA CYS OB 38 45.31 105.80 90.02
C CYS OB 38 46.24 105.80 88.82
N ARG OB 39 45.68 106.02 87.62
CA ARG OB 39 46.50 106.07 86.41
C ARG OB 39 47.48 107.23 86.45
N ASN OB 40 47.03 108.40 86.90
CA ASN OB 40 47.92 109.54 87.04
C ASN OB 40 49.02 109.27 88.06
N GLU OB 41 48.65 108.61 89.18
CA GLU OB 41 49.64 108.26 90.19
C GLU OB 41 50.69 107.31 89.63
N ILE OB 42 50.25 106.31 88.87
CA ILE OB 42 51.20 105.37 88.27
C ILE OB 42 52.10 106.08 87.26
N ASN OB 43 51.53 106.95 86.44
CA ASN OB 43 52.33 107.66 85.44
C ASN OB 43 53.37 108.56 86.11
N LYS OB 44 52.99 109.24 87.19
CA LYS OB 44 53.97 110.02 87.94
C LYS OB 44 55.03 109.11 88.57
N LEU OB 45 54.60 107.95 89.06
CA LEU OB 45 55.54 107.05 89.72
C LEU OB 45 56.47 106.37 88.72
N GLU OB 46 55.96 106.03 87.54
CA GLU OB 46 56.75 105.24 86.59
C GLU OB 46 57.86 106.07 85.95
N LYS OB 47 57.68 107.40 85.86
CA LYS OB 47 58.73 108.25 85.31
C LYS OB 47 59.99 108.21 86.18
N LEU OB 48 59.81 108.28 87.50
CA LEU OB 48 60.91 108.15 88.44
C LEU OB 48 60.42 107.30 89.61
N ASN OB 49 60.98 106.11 89.75
CA ASN OB 49 60.50 105.19 90.77
C ASN OB 49 60.71 105.77 92.17
N GLU OB 50 59.69 105.64 93.01
CA GLU OB 50 59.67 106.21 94.35
C GLU OB 50 59.61 105.08 95.36
N ASN OB 51 60.78 104.55 95.72
CA ASN OB 51 60.90 103.54 96.78
C ASN OB 51 60.06 102.30 96.51
N ASN OB 52 59.86 101.98 95.22
CA ASN OB 52 59.08 100.82 94.81
C ASN OB 52 57.69 100.83 95.43
N LEU OB 53 57.05 102.00 95.42
CA LEU OB 53 55.69 102.13 95.93
C LEU OB 53 54.71 101.33 95.08
N GLY OB 54 53.72 100.74 95.73
CA GLY OB 54 52.74 99.90 95.06
C GLY OB 54 52.84 98.44 95.38
N THR OB 55 53.79 98.03 96.21
CA THR OB 55 53.90 96.63 96.59
C THR OB 55 52.76 96.26 97.54
N GLN OB 56 52.54 94.95 97.69
CA GLN OB 56 51.44 94.48 98.55
C GLN OB 56 51.65 94.93 99.99
N LYS OB 57 52.89 94.86 100.48
CA LYS OB 57 53.20 95.29 101.84
C LYS OB 57 53.54 96.76 101.93
N ASN OB 58 53.72 97.45 100.79
CA ASN OB 58 54.04 98.88 100.76
C ASN OB 58 53.10 99.58 99.78
N PRO OB 59 51.81 99.67 100.12
CA PRO OB 59 50.85 100.24 99.16
C PRO OB 59 50.97 101.75 99.06
N ILE OB 60 50.44 102.28 97.97
CA ILE OB 60 50.39 103.72 97.76
C ILE OB 60 49.25 104.31 98.58
N LYS OB 61 49.53 105.38 99.32
CA LYS OB 61 48.56 105.98 100.22
C LYS OB 61 47.85 107.12 99.50
N LEU OB 62 46.54 106.98 99.30
CA LEU OB 62 45.72 108.01 98.68
C LEU OB 62 44.51 108.30 99.55
N ASN OB 63 44.28 109.57 99.82
CA ASN OB 63 43.10 110.02 100.57
C ASN OB 63 42.19 110.76 99.59
N LEU OB 64 41.23 110.04 99.03
CA LEU OB 64 40.34 110.58 98.01
C LEU OB 64 39.03 111.01 98.66
N SER OB 65 38.67 112.27 98.49
CA SER OB 65 37.46 112.81 99.08
C SER OB 65 36.28 112.60 98.13
N PHE OB 66 35.09 113.01 98.58
CA PHE OB 66 33.90 112.87 97.75
C PHE OB 66 34.02 113.67 96.47
N GLU OB 67 34.56 114.88 96.55
CA GLU OB 67 34.75 115.70 95.35
C GLU OB 67 35.74 115.06 94.39
N ASP OB 68 36.84 114.53 94.93
CA ASP OB 68 37.83 113.88 94.07
C ASP OB 68 37.26 112.64 93.39
N LYS OB 69 36.47 111.86 94.12
CA LYS OB 69 35.97 110.60 93.58
C LYS OB 69 34.86 110.78 92.57
N HIS OB 70 34.01 111.80 92.73
CA HIS OB 70 32.79 111.89 91.94
C HIS OB 70 32.63 113.18 91.17
N TYR OB 71 33.03 114.33 91.74
CA TYR OB 71 32.71 115.60 91.10
C TYR OB 71 33.38 115.76 89.75
N ASN OB 72 34.70 115.54 89.70
CA ASN OB 72 35.44 115.76 88.45
C ASN OB 72 35.10 114.70 87.41
N ASN OB 87 31.75 142.09 60.62
CA ASN OB 87 33.04 141.45 60.40
C ASN OB 87 33.13 140.85 59.00
N SER OB 88 32.62 141.58 58.02
CA SER OB 88 32.70 141.11 56.63
C SER OB 88 34.14 141.04 56.16
N LYS OB 89 34.95 142.07 56.46
CA LYS OB 89 36.35 142.05 56.09
C LYS OB 89 37.10 140.94 56.83
N ASN OB 90 36.78 140.74 58.11
CA ASN OB 90 37.42 139.67 58.87
C ASN OB 90 37.10 138.31 58.26
N PHE OB 91 35.84 138.09 57.88
CA PHE OB 91 35.48 136.82 57.25
C PHE OB 91 36.11 136.67 55.87
N ILE OB 92 36.27 137.76 55.12
CA ILE OB 92 36.94 137.69 53.83
C ILE OB 92 38.40 137.25 54.01
N SER OB 93 39.10 137.89 54.94
CA SER OB 93 40.48 137.51 55.20
C SER OB 93 40.56 136.06 55.68
N SER OB 94 39.62 135.66 56.54
CA SER OB 94 39.60 134.30 57.05
C SER OB 94 39.40 133.29 55.93
N ILE OB 95 38.47 133.56 55.01
CA ILE OB 95 38.20 132.61 53.93
C ILE OB 95 39.38 132.56 52.97
N PHE OB 96 40.05 133.68 52.72
CA PHE OB 96 41.25 133.64 51.87
C PHE OB 96 42.35 132.80 52.50
N ASP OB 97 42.65 133.05 53.78
CA ASP OB 97 43.70 132.29 54.45
C ASP OB 97 43.35 130.81 54.54
N LYS OB 98 42.09 130.50 54.84
CA LYS OB 98 41.66 129.12 54.92
C LYS OB 98 41.64 128.46 53.55
N THR OB 99 41.43 129.24 52.48
CA THR OB 99 41.55 128.70 51.13
C THR OB 99 42.99 128.29 50.84
N PHE OB 100 43.95 129.14 51.21
CA PHE OB 100 45.35 128.76 51.00
C PHE OB 100 45.71 127.54 51.83
N GLU OB 101 45.28 127.50 53.09
CA GLU OB 101 45.56 126.34 53.94
C GLU OB 101 44.87 125.08 53.43
N SER OB 102 43.67 125.22 52.88
CA SER OB 102 42.97 124.09 52.29
C SER OB 102 43.71 123.55 51.09
N LEU OB 103 44.23 124.45 50.24
CA LEU OB 103 45.04 124.00 49.11
C LEU OB 103 46.28 123.25 49.61
N ASN OB 104 46.93 123.76 50.65
CA ASN OB 104 48.09 123.06 51.21
C ASN OB 104 47.71 121.67 51.70
N THR OB 105 46.60 121.56 52.43
CA THR OB 105 46.18 120.26 52.96
C THR OB 105 45.84 119.30 51.83
N VAL OB 106 45.15 119.79 50.79
CA VAL OB 106 44.80 118.92 49.67
C VAL OB 106 46.06 118.43 48.96
N LEU OB 107 47.02 119.32 48.74
CA LEU OB 107 48.24 118.93 48.06
C LEU OB 107 49.04 117.92 48.88
N MET OB 108 49.08 118.10 50.21
CA MET OB 108 49.89 117.24 51.05
C MET OB 108 49.18 115.97 51.51
N ALA OB 109 47.86 115.85 51.30
CA ALA OB 109 47.15 114.67 51.80
C ALA OB 109 47.62 113.36 51.20
N PRO OB 110 47.73 113.20 49.87
CA PRO OB 110 48.26 111.93 49.35
C PRO OB 110 49.68 111.63 49.83
N ILE OB 111 50.50 112.67 49.96
CA ILE OB 111 51.87 112.47 50.44
C ILE OB 111 51.85 111.99 51.89
N TYR OB 112 51.01 112.59 52.73
CA TYR OB 112 50.91 112.15 54.11
C TYR OB 112 50.39 110.71 54.21
N SER OB 113 49.41 110.37 53.37
CA SER OB 113 48.90 109.00 53.36
C SER OB 113 49.98 108.01 52.96
N PHE OB 114 50.76 108.33 51.93
CA PHE OB 114 51.83 107.45 51.50
C PHE OB 114 52.90 107.30 52.58
N LEU OB 115 53.26 108.41 53.24
CA LEU OB 115 54.26 108.35 54.30
C LEU OB 115 53.76 107.51 55.47
N GLU OB 116 52.49 107.67 55.85
CA GLU OB 116 51.93 106.87 56.93
C GLU OB 116 51.89 105.39 56.56
N PHE OB 117 51.55 105.09 55.30
CA PHE OB 117 51.54 103.69 54.86
C PHE OB 117 52.93 103.09 54.89
N LYS OB 118 53.95 103.86 54.46
CA LYS OB 118 55.31 103.37 54.54
C LYS OB 118 55.76 103.18 55.99
N LEU OB 119 55.32 104.06 56.89
CA LEU OB 119 55.59 103.88 58.30
C LEU OB 119 54.97 102.59 58.82
N LYS OB 120 53.72 102.31 58.40
CA LYS OB 120 53.07 101.06 58.79
C LYS OB 120 53.83 99.85 58.26
N LEU OB 121 54.31 99.92 57.02
CA LEU OB 121 55.10 98.82 56.47
C LEU OB 121 56.39 98.62 57.25
N SER OB 122 57.05 99.72 57.62
CA SER OB 122 58.29 99.61 58.41
C SER OB 122 58.01 99.02 59.78
N SER OB 123 56.91 99.42 60.42
CA SER OB 123 56.55 98.91 61.73
C SER OB 123 56.31 97.41 61.72
N ASN OB 129 51.85 95.37 78.79
CA ASN OB 129 51.76 96.49 77.86
C ASN OB 129 50.61 97.41 78.23
N HIS OB 130 49.38 96.90 78.07
CA HIS OB 130 48.17 97.64 78.39
C HIS OB 130 47.41 97.02 79.57
N TYR OB 131 48.07 96.20 80.36
CA TYR OB 131 47.44 95.52 81.49
C TYR OB 131 48.13 95.93 82.79
N TYR OB 132 47.33 96.41 83.74
CA TYR OB 132 47.83 96.82 85.05
C TYR OB 132 47.00 96.13 86.12
N VAL OB 133 47.67 95.45 87.05
CA VAL OB 133 46.98 94.73 88.12
C VAL OB 133 46.90 95.68 89.30
N ILE OB 134 45.82 96.47 89.34
CA ILE OB 134 45.58 97.39 90.44
C ILE OB 134 44.90 96.61 91.56
N ASN OB 135 45.56 96.55 92.72
CA ASN OB 135 45.09 95.76 93.88
C ASN OB 135 44.93 94.32 93.42
N GLY OB 136 43.81 93.66 93.69
CA GLY OB 136 43.61 92.28 93.32
C GLY OB 136 42.85 92.04 92.04
N LYS OB 137 42.66 93.07 91.20
CA LYS OB 137 41.90 92.94 89.97
C LYS OB 137 42.70 93.50 88.81
N LEU OB 138 42.39 93.00 87.61
CA LEU OB 138 43.11 93.36 86.40
C LEU OB 138 42.38 94.48 85.67
N TYR OB 139 43.15 95.43 85.15
CA TYR OB 139 42.60 96.58 84.44
C TYR OB 139 43.35 96.79 83.14
N ILE OB 140 42.67 97.38 82.16
CA ILE OB 140 43.22 97.66 80.84
C ILE OB 140 43.13 99.16 80.59
N THR OB 141 44.18 99.72 80.00
CA THR OB 141 44.25 101.15 79.73
C THR OB 141 43.18 101.52 78.71
N TYR OB 142 42.14 102.22 79.14
CA TYR OB 142 41.03 102.60 78.28
C TYR OB 142 40.85 104.11 78.37
N ASN OB 143 40.92 104.78 77.21
CA ASN OB 143 40.77 106.23 77.09
C ASN OB 143 41.81 106.88 78.00
N ASP OB 144 41.41 107.72 78.95
CA ASP OB 144 42.35 108.39 79.86
C ASP OB 144 42.40 107.73 81.23
N SER OB 145 41.84 106.53 81.38
CA SER OB 145 41.73 105.89 82.68
C SER OB 145 41.93 104.39 82.50
N PHE OB 146 41.56 103.62 83.51
CA PHE OB 146 41.55 102.17 83.43
C PHE OB 146 40.12 101.67 83.30
N LYS OB 147 39.99 100.46 82.76
CA LYS OB 147 38.71 99.78 82.67
C LYS OB 147 38.88 98.35 83.16
N LEU OB 148 37.94 97.88 83.97
CA LEU OB 148 38.00 96.53 84.49
C LEU OB 148 38.03 95.53 83.34
N PHE OB 149 38.96 94.59 83.41
CA PHE OB 149 39.14 93.57 82.37
C PHE OB 149 39.08 92.21 83.02
N THR OB 150 38.06 91.43 82.66
CA THR OB 150 37.90 90.07 83.15
C THR OB 150 38.01 89.04 82.03
N THR OB 151 37.27 89.22 80.93
CA THR OB 151 37.31 88.33 79.80
C THR OB 151 37.34 89.17 78.52
N ILE OB 152 37.89 88.60 77.45
CA ILE OB 152 37.85 89.28 76.17
C ILE OB 152 36.42 89.42 75.67
N ASN OB 153 35.58 88.43 75.96
CA ASN OB 153 34.17 88.53 75.62
C ASN OB 153 33.50 89.66 76.37
N ASP OB 154 33.82 89.82 77.67
CA ASP OB 154 33.26 90.92 78.44
C ASP OB 154 33.78 92.27 77.93
N TYR OB 155 35.05 92.31 77.51
CA TYR OB 155 35.58 93.55 76.93
C TYR OB 155 34.84 93.92 75.65
N PHE OB 156 34.57 92.94 74.79
CA PHE OB 156 33.81 93.20 73.57
C PHE OB 156 32.39 93.62 73.90
N ASN OB 157 31.80 93.04 74.95
CA ASN OB 157 30.46 93.46 75.37
C ASN OB 157 30.47 94.89 75.88
N ASP OB 158 31.52 95.29 76.61
CA ASP OB 158 31.63 96.67 77.05
C ASP OB 158 31.77 97.62 75.85
N LEU OB 159 32.56 97.22 74.86
CA LEU OB 159 32.68 98.04 73.65
C LEU OB 159 31.34 98.17 72.94
N ASN OB 160 30.59 97.07 72.85
CA ASN OB 160 29.28 97.11 72.20
C ASN OB 160 28.30 98.00 72.97
N GLU OB 161 28.32 97.93 74.30
CA GLU OB 161 27.44 98.78 75.09
C GLU OB 161 27.81 100.24 74.94
N LEU OB 162 29.11 100.55 74.91
CA LEU OB 162 29.53 101.93 74.70
C LEU OB 162 29.11 102.44 73.32
N SER OB 163 29.25 101.59 72.29
CA SER OB 163 28.82 101.97 70.95
C SER OB 163 27.32 102.18 70.90
N ASN OB 164 26.55 101.34 71.58
CA ASN OB 164 25.11 101.51 71.62
C ASN OB 164 24.73 102.79 72.35
N THR OB 165 25.46 103.12 73.42
CA THR OB 165 25.22 104.35 74.15
C THR OB 165 25.46 105.56 73.26
N LYS OB 166 26.57 105.56 72.52
CA LYS OB 166 26.89 106.70 71.66
C LYS OB 166 25.96 106.78 70.45
N LEU OB 167 25.49 105.64 69.95
CA LEU OB 167 24.85 105.60 68.64
C LEU OB 167 23.42 106.14 68.67
N PHE OB 168 22.69 105.91 69.75
CA PHE OB 168 21.28 106.30 69.83
C PHE OB 168 21.04 107.41 70.85
N PHE OB 169 22.06 108.25 71.10
CA PHE OB 169 21.90 109.28 72.11
C PHE OB 169 20.84 110.30 71.71
N LEU OB 170 20.84 110.72 70.44
CA LEU OB 170 19.87 111.72 70.01
C LEU OB 170 18.48 111.13 69.86
N TYR OB 171 18.39 109.83 69.54
CA TYR OB 171 17.08 109.18 69.48
C TYR OB 171 16.44 109.11 70.85
N ARG OB 172 17.20 108.75 71.88
CA ARG OB 172 16.66 108.62 73.23
C ARG OB 172 16.35 109.97 73.86
N SER OB 173 16.99 111.04 73.40
CA SER OB 173 16.71 112.39 73.91
C SER OB 173 15.71 113.10 73.00
N PHE OB 174 14.51 112.55 72.93
CA PHE OB 174 13.42 113.17 72.19
C PHE OB 174 12.68 114.16 73.07
N ASN OB 175 11.90 115.02 72.44
CA ASN OB 175 11.17 116.07 73.15
C ASN OB 175 9.89 115.46 73.73
N ILE OB 176 9.82 115.41 75.05
CA ILE OB 176 8.66 114.83 75.72
C ILE OB 176 7.43 115.67 75.47
N TYR OB 177 7.59 117.00 75.40
CA TYR OB 177 6.48 117.93 75.26
C TYR OB 177 6.16 118.27 73.82
N ASN OB 178 6.48 117.37 72.89
CA ASN OB 178 6.10 117.52 71.48
C ASN OB 178 4.76 116.88 71.17
N ILE OB 179 3.87 116.81 72.17
CA ILE OB 179 2.64 116.04 72.06
C ILE OB 179 1.50 116.83 71.43
N LYS OB 180 1.74 118.07 71.00
CA LYS OB 180 0.67 118.95 70.52
C LYS OB 180 -0.25 118.22 69.55
N LEU OB 181 0.30 117.76 68.43
CA LEU OB 181 -0.49 117.05 67.44
C LEU OB 181 -1.24 115.89 68.08
N ASN OB 182 -0.53 115.06 68.86
CA ASN OB 182 -1.18 113.96 69.57
C ASN OB 182 -2.37 114.43 70.36
N SER OB 183 -2.19 115.51 71.14
CA SER OB 183 -3.28 116.05 71.93
C SER OB 183 -4.50 116.29 71.05
N LEU OB 184 -4.30 116.97 69.92
CA LEU OB 184 -5.41 117.27 69.03
C LEU OB 184 -6.20 116.00 68.73
N VAL OB 185 -5.49 114.94 68.32
CA VAL OB 185 -6.15 113.68 68.00
C VAL OB 185 -7.10 113.29 69.12
N ASP OB 186 -6.55 113.14 70.33
CA ASP OB 186 -7.37 112.73 71.46
C ASP OB 186 -8.57 113.65 71.59
N PHE OB 187 -8.31 114.96 71.63
CA PHE OB 187 -9.37 115.93 71.80
C PHE OB 187 -10.48 115.68 70.81
N VAL OB 188 -10.11 115.55 69.53
CA VAL OB 188 -11.13 115.42 68.49
C VAL OB 188 -12.06 114.28 68.81
N PHE OB 189 -11.49 113.10 69.10
CA PHE OB 189 -12.33 111.94 69.35
C PHE OB 189 -13.22 112.18 70.56
N LEU OB 190 -12.63 112.71 71.64
CA LEU OB 190 -13.43 112.97 72.83
C LEU OB 190 -14.55 113.94 72.50
N LYS OB 191 -14.24 114.97 71.70
CA LYS OB 191 -15.27 115.91 71.28
C LYS OB 191 -16.45 115.16 70.68
N LEU OB 192 -16.17 114.29 69.71
CA LEU OB 192 -17.25 113.53 69.11
C LEU OB 192 -18.00 112.73 70.16
N ILE OB 193 -17.26 112.04 71.03
CA ILE OB 193 -17.91 111.24 72.06
C ILE OB 193 -18.73 112.13 72.98
N LEU OB 194 -18.21 113.32 73.30
CA LEU OB 194 -18.98 114.25 74.10
C LEU OB 194 -20.31 114.56 73.45
N PHE OB 195 -20.31 114.80 72.14
CA PHE OB 195 -21.55 115.08 71.44
C PHE OB 195 -22.52 113.92 71.60
N ILE OB 196 -22.01 112.69 71.51
CA ILE OB 196 -22.87 111.53 71.69
C ILE OB 196 -23.48 111.53 73.08
N HIS OB 197 -22.68 111.86 74.10
CA HIS OB 197 -23.22 111.93 75.45
C HIS OB 197 -24.24 113.04 75.58
N LEU OB 198 -24.12 114.10 74.78
CA LEU OB 198 -25.12 115.16 74.78
C LEU OB 198 -26.34 114.80 73.97
N LEU OB 199 -26.31 113.69 73.23
CA LEU OB 199 -27.42 113.29 72.38
C LEU OB 199 -28.32 112.26 73.04
N TYR OB 200 -27.80 111.48 73.98
CA TYR OB 200 -28.55 110.43 74.67
C TYR OB 200 -28.53 110.65 76.18
N LEU OB 201 -28.73 111.90 76.60
CA LEU OB 201 -28.70 112.22 78.03
C LEU OB 201 -29.95 111.70 78.73
N LYS OB 202 -31.12 111.93 78.14
CA LYS OB 202 -32.39 111.51 78.71
C LYS OB 202 -33.07 110.44 77.85
N SER OB 203 -32.28 109.60 77.19
CA SER OB 203 -32.79 108.61 76.26
C SER OB 203 -32.91 107.27 76.97
N THR OB 204 -34.07 106.63 76.83
CA THR OB 204 -34.32 105.35 77.47
C THR OB 204 -33.53 104.24 76.79
N ASN OB 205 -33.39 103.12 77.49
CA ASN OB 205 -32.62 102.00 76.97
C ASN OB 205 -33.37 101.27 75.86
N TYR OB 206 -34.64 101.00 76.07
CA TYR OB 206 -35.39 100.16 75.14
C TYR OB 206 -35.61 100.85 73.80
N ASN OB 207 -35.61 100.06 72.73
CA ASN OB 207 -35.99 100.46 71.40
C ASN OB 207 -37.31 99.79 71.03
N ARG OB 208 -37.75 99.99 69.78
CA ARG OB 208 -38.96 99.32 69.32
C ARG OB 208 -38.80 97.81 69.33
N PHE OB 209 -37.64 97.32 68.91
CA PHE OB 209 -37.41 95.89 68.91
C PHE OB 209 -37.48 95.30 70.31
N ASP OB 210 -37.19 96.09 71.33
CA ASP OB 210 -37.26 95.57 72.68
C ASP OB 210 -38.69 95.24 73.09
N TYR OB 211 -39.64 96.12 72.76
CA TYR OB 211 -41.04 95.80 73.03
C TYR OB 211 -41.52 94.67 72.13
N ARG OB 212 -41.11 94.67 70.86
CA ARG OB 212 -41.47 93.58 69.98
C ARG OB 212 -40.96 92.24 70.51
N LEU OB 213 -39.79 92.25 71.16
CA LEU OB 213 -39.25 91.04 71.76
C LEU OB 213 -40.00 90.67 73.03
N LYS OB 214 -40.37 91.67 73.83
CA LYS OB 214 -41.18 91.41 75.02
C LYS OB 214 -42.53 90.82 74.66
N GLN OB 215 -42.98 90.98 73.43
CA GLN OB 215 -44.22 90.37 72.98
C GLN OB 215 -44.03 89.00 72.31
N THR OB 216 -42.82 88.46 72.30
CA THR OB 216 -42.55 87.18 71.64
C THR OB 216 -42.00 86.17 72.64
N ASP OB 217 -42.12 84.90 72.28
CA ASP OB 217 -41.55 83.81 73.06
C ASP OB 217 -40.15 83.43 72.56
N TRP OB 218 -39.29 84.44 72.40
CA TRP OB 218 -37.91 84.22 71.96
C TRP OB 218 -37.03 84.31 73.20
N GLY OB 219 -36.80 83.16 73.84
CA GLY OB 219 -35.96 83.14 75.02
C GLY OB 219 -34.49 83.33 74.74
N PHE OB 220 -34.06 83.10 73.49
CA PHE OB 220 -32.66 83.25 73.14
C PHE OB 220 -32.23 84.71 72.98
N TYR OB 221 -33.18 85.64 72.95
CA TYR OB 221 -32.88 87.06 72.88
C TYR OB 221 -33.36 87.74 74.16
N ILE OB 222 -32.57 88.68 74.67
CA ILE OB 222 -32.91 89.42 75.88
C ILE OB 222 -32.94 90.90 75.54
N ASN OB 223 -33.53 91.68 76.45
CA ASN OB 223 -33.66 93.12 76.27
C ASN OB 223 -32.46 93.84 76.85
N ASN OB 224 -31.98 94.86 76.13
CA ASN OB 224 -30.84 95.63 76.58
C ASN OB 224 -31.20 96.42 77.83
N ASN OB 225 -30.26 96.46 78.78
CA ASN OB 225 -30.48 97.10 80.07
C ASN OB 225 -29.53 98.25 80.35
N SER OB 226 -28.58 98.52 79.46
CA SER OB 226 -27.59 99.57 79.66
C SER OB 226 -27.59 100.49 78.45
N ASN OB 227 -26.89 101.61 78.58
CA ASN OB 227 -26.82 102.58 77.49
C ASN OB 227 -25.99 102.02 76.34
N TYR OB 228 -26.32 102.47 75.13
CA TYR OB 228 -25.71 102.01 73.90
C TYR OB 228 -24.61 102.95 73.40
N ILE OB 229 -24.16 103.89 74.24
CA ILE OB 229 -23.13 104.82 73.82
C ILE OB 229 -21.82 104.09 73.56
N GLN OB 230 -21.53 103.05 74.33
CA GLN OB 230 -20.28 102.32 74.16
C GLN OB 230 -20.19 101.68 72.78
N ASN OB 231 -21.28 101.09 72.30
CA ASN OB 231 -21.29 100.34 71.05
C ASN OB 231 -22.04 101.08 69.95
N ILE OB 232 -21.99 102.40 69.95
CA ILE OB 232 -22.71 103.18 68.96
C ILE OB 232 -22.02 103.04 67.60
N PHE OB 233 -22.82 103.03 66.54
CA PHE OB 233 -22.32 102.95 65.16
C PHE OB 233 -21.54 101.66 64.90
N SER OB 234 -21.99 100.55 65.50
CA SER OB 234 -21.39 99.26 65.20
C SER OB 234 -21.89 98.66 63.90
N GLY OB 235 -23.06 99.10 63.42
CA GLY OB 235 -23.55 98.63 62.14
C GLY OB 235 -22.63 98.97 61.01
N LEU OB 236 -21.94 100.12 61.09
CA LEU OB 236 -20.95 100.46 60.08
C LEU OB 236 -19.78 99.48 60.11
N LYS OB 237 -19.36 99.07 61.30
CA LYS OB 237 -18.32 98.07 61.42
C LYS OB 237 -18.73 96.76 60.76
N TYR OB 238 -19.97 96.32 61.01
CA TYR OB 238 -20.42 95.07 60.41
C TYR OB 238 -20.64 95.21 58.90
N ILE OB 239 -21.03 96.40 58.44
CA ILE OB 239 -21.15 96.65 57.00
C ILE OB 239 -19.78 96.54 56.34
N TRP OB 240 -18.75 97.12 56.97
CA TRP OB 240 -17.40 96.97 56.44
C TRP OB 240 -16.98 95.51 56.40
N ARG OB 241 -17.24 94.77 57.47
CA ARG OB 241 -16.85 93.36 57.49
C ARG OB 241 -17.58 92.56 56.43
N GLY OB 242 -18.84 92.90 56.14
CA GLY OB 242 -19.58 92.18 55.12
C GLY OB 242 -19.03 92.40 53.73
N LEU OB 243 -18.63 93.63 53.41
CA LEU OB 243 -18.13 93.99 52.09
C LEU OB 243 -16.61 94.05 52.03
N ARG OB 244 -15.93 93.51 53.03
CA ARG OB 244 -14.48 93.69 53.16
C ARG OB 244 -13.74 92.99 52.03
N PHE OB 245 -14.05 91.72 51.78
CA PHE OB 245 -13.37 90.97 50.74
C PHE OB 245 -13.95 91.21 49.35
N TRP OB 246 -15.04 91.98 49.25
CA TRP OB 246 -15.70 92.19 47.98
C TRP OB 246 -15.34 93.51 47.32
N ILE OB 247 -14.69 94.44 48.01
CA ILE OB 247 -14.45 95.75 47.43
C ILE OB 247 -13.43 95.65 46.29
N ILE OB 248 -12.30 95.01 46.53
CA ILE OB 248 -11.26 94.93 45.49
C ILE OB 248 -11.75 94.06 44.33
N GLY OB 249 -12.33 92.91 44.65
CA GLY OB 249 -12.84 92.04 43.61
C GLY OB 249 -13.93 92.69 42.78
N LEU OB 250 -14.86 93.39 43.43
CA LEU OB 250 -15.92 94.07 42.71
C LEU OB 250 -15.37 95.22 41.88
N LEU OB 251 -14.40 95.97 42.39
CA LEU OB 251 -13.80 97.04 41.60
C LEU OB 251 -13.15 96.49 40.34
N LEU OB 252 -12.31 95.47 40.49
CA LEU OB 252 -11.66 94.88 39.33
C LEU OB 252 -12.67 94.29 38.36
N GLY OB 253 -13.66 93.55 38.87
CA GLY OB 253 -14.63 92.91 38.00
C GLY OB 253 -15.51 93.90 37.27
N LEU OB 254 -16.01 94.91 37.96
CA LEU OB 254 -16.85 95.90 37.31
C LEU OB 254 -16.07 96.74 36.32
N SER OB 255 -14.82 97.10 36.65
CA SER OB 255 -14.00 97.82 35.69
C SER OB 255 -13.73 96.98 34.45
N SER OB 256 -13.42 95.69 34.64
CA SER OB 256 -13.20 94.81 33.50
C SER OB 256 -14.45 94.66 32.65
N ILE OB 257 -15.60 94.47 33.29
CA ILE OB 257 -16.85 94.31 32.54
C ILE OB 257 -17.16 95.59 31.76
N TYR OB 258 -17.02 96.75 32.40
CA TYR OB 258 -17.32 98.00 31.71
C TYR OB 258 -16.35 98.23 30.57
N TYR OB 259 -15.06 97.91 30.75
CA TYR OB 259 -14.10 98.07 29.66
C TYR OB 259 -14.46 97.16 28.49
N LEU OB 260 -14.79 95.90 28.78
CA LEU OB 260 -15.10 94.96 27.71
C LEU OB 260 -16.39 95.33 27.00
N MET OB 261 -17.33 95.97 27.70
CA MET OB 261 -18.53 96.49 27.03
C MET OB 261 -18.20 97.73 26.20
N TYR OB 262 -17.36 98.61 26.74
CA TYR OB 262 -17.09 99.89 26.10
C TYR OB 262 -16.29 99.72 24.81
N VAL OB 263 -15.33 98.80 24.81
CA VAL OB 263 -14.49 98.63 23.63
C VAL OB 263 -15.29 98.11 22.46
N ARG OB 264 -16.35 97.32 22.72
CA ARG OB 264 -17.17 96.76 21.67
C ARG OB 264 -18.47 97.52 21.44
N LEU OB 265 -18.84 98.41 22.36
CA LEU OB 265 -20.03 99.25 22.21
C LEU OB 265 -21.28 98.41 22.00
N LEU OB 266 -21.44 97.39 22.83
CA LEU OB 266 -22.56 96.49 22.69
C LEU OB 266 -23.87 97.19 23.05
N PRO OB 267 -24.96 96.86 22.35
CA PRO OB 267 -26.28 97.45 22.70
C PRO OB 267 -26.70 96.99 24.09
N PHE OB 268 -26.94 97.97 24.97
CA PHE OB 268 -27.10 97.66 26.39
C PHE OB 268 -28.30 96.76 26.65
N ASN OB 269 -29.43 97.04 26.04
CA ASN OB 269 -30.65 96.29 26.36
C ASN OB 269 -30.54 94.83 25.94
N LYS OB 270 -30.09 94.58 24.72
CA LYS OB 270 -29.99 93.21 24.24
C LYS OB 270 -28.99 92.40 25.04
N ILE OB 271 -27.80 92.97 25.28
CA ILE OB 271 -26.79 92.22 26.02
C ILE OB 271 -27.18 92.06 27.48
N ILE OB 272 -27.87 93.03 28.06
CA ILE OB 272 -28.28 92.87 29.46
C ILE OB 272 -29.37 91.81 29.57
N PHE OB 273 -30.25 91.71 28.56
CA PHE OB 273 -31.22 90.62 28.53
C PHE OB 273 -30.51 89.27 28.44
N ALA OB 274 -29.53 89.17 27.54
CA ALA OB 274 -28.79 87.91 27.39
C ALA OB 274 -28.06 87.56 28.67
N TRP OB 275 -27.43 88.54 29.31
CA TRP OB 275 -26.68 88.29 30.54
C TRP OB 275 -27.59 87.95 31.69
N ILE OB 276 -28.79 88.53 31.75
CA ILE OB 276 -29.75 88.11 32.77
C ILE OB 276 -30.14 86.65 32.57
N LEU OB 277 -30.40 86.25 31.32
CA LEU OB 277 -30.74 84.85 31.05
C LEU OB 277 -29.61 83.92 31.47
N VAL OB 278 -28.37 84.25 31.08
CA VAL OB 278 -27.23 83.40 31.42
C VAL OB 278 -27.00 83.38 32.92
N ALA OB 279 -27.21 84.52 33.58
CA ALA OB 279 -27.06 84.59 35.03
C ALA OB 279 -28.07 83.69 35.73
N MET OB 280 -29.32 83.70 35.27
CA MET OB 280 -30.32 82.82 35.88
C MET OB 280 -29.94 81.36 35.66
N PHE OB 281 -29.52 81.02 34.44
CA PHE OB 281 -29.06 79.67 34.13
C PHE OB 281 -28.00 79.20 35.13
N LEU OB 282 -26.87 79.91 35.16
CA LEU OB 282 -25.74 79.51 36.00
C LEU OB 282 -26.10 79.56 37.48
N TYR OB 283 -26.85 80.58 37.89
CA TYR OB 283 -27.16 80.74 39.30
C TYR OB 283 -28.06 79.63 39.80
N TRP OB 284 -29.03 79.20 39.01
CA TRP OB 284 -29.88 78.12 39.49
C TRP OB 284 -29.14 76.79 39.51
N LEU OB 285 -28.25 76.55 38.54
CA LEU OB 285 -27.39 75.36 38.66
C LEU OB 285 -26.59 75.38 39.95
N LEU OB 286 -25.87 76.49 40.20
CA LEU OB 286 -25.03 76.57 41.39
C LEU OB 286 -25.86 76.57 42.66
N SER OB 287 -27.09 77.09 42.63
CA SER OB 287 -27.93 77.08 43.80
C SER OB 287 -28.41 75.68 44.13
N GLY OB 288 -28.73 74.88 43.12
CA GLY OB 288 -29.04 73.49 43.37
C GLY OB 288 -27.87 72.75 44.01
N PHE OB 289 -26.66 73.00 43.49
CA PHE OB 289 -25.49 72.33 44.06
C PHE OB 289 -25.21 72.81 45.48
N VAL OB 290 -25.42 74.10 45.75
CA VAL OB 290 -25.25 74.61 47.11
C VAL OB 290 -26.28 74.00 48.05
N PHE OB 291 -27.51 73.82 47.57
CA PHE OB 291 -28.54 73.15 48.36
C PHE OB 291 -28.09 71.75 48.74
N PHE OB 292 -27.55 71.00 47.78
CA PHE OB 292 -27.07 69.66 48.08
C PHE OB 292 -25.92 69.68 49.08
N VAL OB 293 -24.99 70.63 48.93
CA VAL OB 293 -23.87 70.71 49.86
C VAL OB 293 -24.34 71.02 51.27
N LYS OB 294 -25.30 71.96 51.40
CA LYS OB 294 -25.79 72.33 52.72
C LYS OB 294 -26.60 71.22 53.37
N LYS OB 295 -27.42 70.50 52.58
CA LYS OB 295 -28.30 69.51 53.15
C LYS OB 295 -27.51 68.37 53.81
N TYR OB 296 -26.43 67.93 53.17
CA TYR OB 296 -25.71 66.74 53.58
C TYR OB 296 -24.75 66.97 54.75
N GLN OB 297 -24.83 68.11 55.44
CA GLN OB 297 -23.96 68.32 56.59
C GLN OB 297 -24.28 67.33 57.71
N TYR OB 298 -25.57 67.12 57.98
CA TYR OB 298 -25.98 66.22 59.04
C TYR OB 298 -27.20 65.41 58.61
N SER OB 299 -27.19 64.12 58.96
CA SER OB 299 -28.36 63.24 58.95
C SER OB 299 -28.92 62.98 57.55
N LYS OB 300 -28.16 63.21 56.49
CA LYS OB 300 -28.67 62.95 55.15
C LYS OB 300 -27.69 62.13 54.32
N PHE OB 301 -26.40 62.21 54.65
CA PHE OB 301 -25.35 61.63 53.83
C PHE OB 301 -25.05 60.22 54.32
N THR OB 302 -25.88 59.27 53.89
CA THR OB 302 -25.69 57.87 54.23
C THR OB 302 -24.74 57.22 53.22
N ALA OB 303 -24.64 55.90 53.26
CA ALA OB 303 -23.81 55.19 52.29
C ALA OB 303 -24.46 55.17 50.92
N ALA OB 304 -25.78 55.04 50.87
CA ALA OB 304 -26.49 55.05 49.60
C ALA OB 304 -26.32 56.38 48.88
N ILE OB 305 -26.39 57.48 49.62
CA ILE OB 305 -26.22 58.80 49.01
C ILE OB 305 -24.81 58.99 48.49
N GLN OB 306 -23.81 58.55 49.26
CA GLN OB 306 -22.42 58.66 48.81
C GLN OB 306 -22.19 57.86 47.54
N ARG OB 307 -22.70 56.63 47.51
CA ARG OB 307 -22.58 55.81 46.30
C ARG OB 307 -23.33 56.46 45.14
N PHE OB 308 -24.48 57.07 45.41
CA PHE OB 308 -25.22 57.76 44.36
C PHE OB 308 -24.39 58.87 43.76
N TRP OB 309 -23.71 59.66 44.60
CA TRP OB 309 -22.94 60.77 44.07
C TRP OB 309 -21.68 60.31 43.34
N LYS OB 310 -21.08 59.21 43.79
CA LYS OB 310 -19.98 58.62 43.02
C LYS OB 310 -20.45 58.18 41.65
N ARG OB 311 -21.61 57.51 41.59
CA ARG OB 311 -22.17 57.11 40.31
C ARG OB 311 -22.49 58.32 39.45
N THR OB 312 -23.02 59.38 40.04
CA THR OB 312 -23.34 60.59 39.30
C THR OB 312 -22.09 61.19 38.67
N TYR OB 313 -21.01 61.24 39.45
CA TYR OB 313 -19.74 61.75 38.93
C TYR OB 313 -19.26 60.93 37.73
N ILE OB 314 -19.23 59.60 37.89
CA ILE OB 314 -18.72 58.77 36.80
C ILE OB 314 -19.64 58.84 35.59
N ILE OB 315 -20.95 58.95 35.80
CA ILE OB 315 -21.90 59.02 34.69
C ILE OB 315 -21.70 60.32 33.92
N PHE OB 316 -21.53 61.44 34.63
CA PHE OB 316 -21.30 62.71 33.94
C PHE OB 316 -20.03 62.64 33.10
N TRP OB 317 -18.95 62.09 33.68
CA TRP OB 317 -17.70 62.05 32.92
C TRP OB 317 -17.75 61.05 31.79
N VAL OB 318 -18.56 60.00 31.91
CA VAL OB 318 -18.73 59.07 30.80
C VAL OB 318 -19.53 59.73 29.67
N ILE OB 319 -20.57 60.48 30.02
CA ILE OB 319 -21.36 61.18 29.01
C ILE OB 319 -20.49 62.19 28.27
N GLU OB 320 -19.69 62.96 29.01
CA GLU OB 320 -18.83 63.94 28.36
C GLU OB 320 -17.72 63.30 27.54
N ALA OB 321 -17.40 62.04 27.79
CA ALA OB 321 -16.34 61.34 27.07
C ALA OB 321 -16.86 60.58 25.85
N GLY OB 322 -18.15 60.66 25.54
CA GLY OB 322 -18.69 60.01 24.37
C GLY OB 322 -18.56 60.84 23.12
N THR OB 323 -19.04 62.09 23.18
CA THR OB 323 -18.90 63.00 22.05
C THR OB 323 -17.43 63.29 21.77
N PHE OB 324 -16.62 63.45 22.82
CA PHE OB 324 -15.19 63.63 22.62
C PHE OB 324 -14.56 62.40 21.99
N SER OB 325 -15.04 61.21 22.35
CA SER OB 325 -14.52 59.99 21.72
C SER OB 325 -14.87 59.96 20.23
N VAL OB 326 -16.10 60.35 19.88
CA VAL OB 326 -16.48 60.38 18.47
C VAL OB 326 -15.63 61.38 17.71
N PHE OB 327 -15.42 62.56 18.29
CA PHE OB 327 -14.59 63.57 17.62
C PHE OB 327 -13.16 63.11 17.48
N PHE OB 328 -12.62 62.43 18.49
CA PHE OB 328 -11.26 61.90 18.41
C PHE OB 328 -11.15 60.82 17.33
N TYR OB 329 -12.14 59.94 17.25
CA TYR OB 329 -12.13 58.92 16.20
C TYR OB 329 -12.19 59.55 14.81
N LEU OB 330 -13.04 60.57 14.63
CA LEU OB 330 -13.07 61.27 13.35
C LEU OB 330 -11.76 61.99 13.07
N THR OB 331 -11.11 62.51 14.11
CA THR OB 331 -9.84 63.18 13.94
C THR OB 331 -8.76 62.21 13.48
N LEU OB 332 -8.78 60.98 13.98
CA LEU OB 332 -7.76 60.01 13.59
C LEU OB 332 -7.82 59.73 12.09
N ASN OB 333 -8.96 59.24 11.60
CA ASN OB 333 -9.13 58.97 10.18
C ASN OB 333 -9.86 60.15 9.52
N ALA OB 334 -9.19 61.29 9.52
CA ALA OB 334 -9.74 62.48 8.89
C ALA OB 334 -9.72 62.35 7.37
N SER OB 335 -10.71 62.94 6.71
CA SER OB 335 -10.82 62.84 5.27
C SER OB 335 -9.75 63.68 4.58
N SER OB 336 -9.37 63.24 3.38
CA SER OB 336 -8.35 63.94 2.60
C SER OB 336 -8.53 63.63 1.13
N GLU OB 337 -7.87 64.43 0.30
CA GLU OB 337 -7.88 64.22 -1.14
C GLU OB 337 -7.03 63.01 -1.49
N PRO OB 338 -7.23 62.44 -2.68
CA PRO OB 338 -6.39 61.31 -3.10
C PRO OB 338 -4.92 61.69 -3.13
N VAL OB 339 -4.07 60.72 -2.78
CA VAL OB 339 -2.63 60.96 -2.68
C VAL OB 339 -1.95 61.07 -4.03
N TYR OB 340 -2.62 60.72 -5.12
CA TYR OB 340 -1.91 60.56 -6.38
C TYR OB 340 -1.70 61.90 -7.09
N MET OB 341 -2.74 62.66 -7.31
CA MET OB 341 -2.52 63.94 -7.95
C MET OB 341 -3.08 65.10 -7.14
N TYR OB 342 -4.21 64.91 -6.47
CA TYR OB 342 -4.81 66.00 -5.71
C TYR OB 342 -3.94 66.42 -4.54
N ASP OB 343 -3.51 65.45 -3.72
CA ASP OB 343 -2.78 65.72 -2.49
C ASP OB 343 -1.52 64.85 -2.47
N GLN OB 344 -0.46 65.35 -3.12
CA GLN OB 344 0.80 64.62 -3.14
C GLN OB 344 1.67 64.90 -1.92
N ILE OB 345 1.28 65.84 -1.07
CA ILE OB 345 2.12 66.29 0.03
C ILE OB 345 1.72 65.68 1.36
N LYS OB 346 0.53 65.09 1.47
CA LYS OB 346 0.07 64.56 2.74
C LYS OB 346 0.90 63.37 3.21
N ILE OB 347 1.74 62.81 2.35
CA ILE OB 347 2.69 61.79 2.79
C ILE OB 347 3.65 62.37 3.82
N TYR OB 348 4.08 63.61 3.62
CA TYR OB 348 5.07 64.24 4.47
C TYR OB 348 4.47 65.09 5.58
N LYS OB 349 3.14 65.16 5.67
CA LYS OB 349 2.48 65.92 6.71
C LYS OB 349 2.15 64.99 7.88
N THR OB 350 3.20 64.62 8.60
CA THR OB 350 3.05 63.75 9.76
C THR OB 350 2.47 64.48 10.97
N HIS OB 351 2.58 65.81 11.01
CA HIS OB 351 2.03 66.63 12.10
C HIS OB 351 2.60 66.22 13.45
N LEU OB 352 3.90 65.90 13.48
CA LEU OB 352 4.55 65.49 14.72
C LEU OB 352 5.02 66.72 15.49
N PHE OB 353 4.59 66.82 16.74
CA PHE OB 353 4.97 67.93 17.62
C PHE OB 353 6.08 67.48 18.56
N SER OB 354 7.00 68.39 18.85
CA SER OB 354 8.15 68.04 19.67
C SER OB 354 7.71 67.61 21.07
N TRP OB 355 8.34 66.54 21.57
CA TRP OB 355 8.01 66.04 22.89
C TRP OB 355 8.62 66.89 24.00
N ARG OB 356 9.75 67.55 23.73
CA ARG OB 356 10.36 68.41 24.75
C ARG OB 356 9.47 69.60 25.09
N TRP OB 357 8.88 70.23 24.07
CA TRP OB 357 7.95 71.32 24.31
C TRP OB 357 6.71 70.82 25.02
N PHE OB 358 6.21 69.65 24.65
CA PHE OB 358 5.05 69.08 25.34
C PHE OB 358 5.36 68.83 26.81
N LEU OB 359 6.55 68.30 27.10
CA LEU OB 359 6.94 68.01 28.48
C LEU OB 359 7.01 69.30 29.29
N ILE OB 360 7.59 70.36 28.73
CA ILE OB 360 7.59 71.60 29.51
C ILE OB 360 6.17 72.14 29.65
N LYS OB 361 5.28 71.87 28.69
CA LYS OB 361 3.89 72.27 28.83
C LYS OB 361 3.21 71.55 29.99
N LEU OB 362 3.57 70.29 30.25
CA LEU OB 362 2.82 69.45 31.17
C LEU OB 362 2.98 69.82 32.65
N LEU OB 363 3.90 70.71 33.00
CA LEU OB 363 4.28 70.87 34.40
C LEU OB 363 3.13 71.29 35.32
N PRO OB 364 2.35 72.34 35.04
CA PRO OB 364 1.33 72.77 36.02
C PRO OB 364 0.27 71.73 36.32
N SER OB 365 -0.15 70.94 35.33
CA SER OB 365 -1.22 69.96 35.55
C SER OB 365 -0.75 68.85 36.49
N VAL OB 366 0.44 68.31 36.25
CA VAL OB 366 0.98 67.29 37.15
C VAL OB 366 1.24 67.91 38.51
N SER OB 367 1.64 69.17 38.56
CA SER OB 367 1.84 69.84 39.84
C SER OB 367 0.55 69.88 40.64
N ILE OB 368 -0.57 70.25 40.02
CA ILE OB 368 -1.81 70.32 40.77
C ILE OB 368 -2.29 68.92 41.13
N ILE OB 369 -2.01 67.91 40.31
CA ILE OB 369 -2.39 66.54 40.66
C ILE OB 369 -1.66 66.10 41.93
N LEU OB 370 -0.35 66.32 41.97
CA LEU OB 370 0.43 65.92 43.14
C LEU OB 370 0.04 66.72 44.37
N LEU OB 371 -0.21 68.02 44.21
CA LEU OB 371 -0.63 68.85 45.33
C LEU OB 371 -1.99 68.42 45.86
N GLY OB 372 -2.91 68.05 44.96
CA GLY OB 372 -4.20 67.56 45.40
C GLY OB 372 -4.10 66.26 46.16
N TYR OB 373 -3.23 65.35 45.70
CA TYR OB 373 -3.04 64.12 46.46
C TYR OB 373 -2.45 64.40 47.84
N TYR OB 374 -1.48 65.30 47.93
CA TYR OB 374 -0.92 65.63 49.23
C TYR OB 374 -1.96 66.28 50.13
N LEU OB 375 -2.81 67.13 49.56
CA LEU OB 375 -3.88 67.76 50.33
C LEU OB 375 -4.86 66.73 50.86
N GLN OB 376 -5.21 65.74 50.05
CA GLN OB 376 -6.18 64.74 50.50
C GLN OB 376 -5.58 63.73 51.47
N LEU OB 377 -4.28 63.45 51.35
CA LEU OB 377 -3.65 62.50 52.26
C LEU OB 377 -3.44 63.10 53.63
N THR OB 378 -3.03 64.36 53.70
CA THR OB 378 -2.74 65.03 54.96
C THR OB 378 -3.99 65.58 55.64
N LEU OB 379 -5.16 65.44 55.02
CA LEU OB 379 -6.39 65.86 55.66
C LEU OB 379 -6.69 65.05 56.92
N LYS OB 380 -6.02 63.90 57.08
CA LYS OB 380 -6.24 63.06 58.24
C LYS OB 380 -5.75 63.72 59.53
N TRP OB 381 -4.66 64.49 59.47
CA TRP OB 381 -4.03 65.03 60.66
C TRP OB 381 -3.77 66.53 60.57
N ASN OB 382 -4.42 67.24 59.64
CA ASN OB 382 -4.16 68.65 59.44
C ASN OB 382 -5.47 69.43 59.50
N LEU OB 383 -5.36 70.71 59.84
CA LEU OB 383 -6.49 71.59 60.02
C LEU OB 383 -6.78 72.37 58.75
N PHE OB 384 -7.83 73.19 58.80
CA PHE OB 384 -8.25 73.93 57.61
C PHE OB 384 -7.31 75.09 57.32
N ASN OB 385 -6.90 75.83 58.34
CA ASN OB 385 -6.05 76.99 58.10
C ASN OB 385 -4.64 76.59 57.69
N LYS OB 386 -4.19 75.41 58.10
CA LYS OB 386 -2.87 74.93 57.70
C LYS OB 386 -2.86 74.41 56.27
N GLN OB 387 -4.01 73.96 55.77
CA GLN OB 387 -4.12 73.48 54.40
C GLN OB 387 -4.51 74.58 53.41
N ASN OB 388 -4.82 75.78 53.90
CA ASN OB 388 -5.15 76.87 52.99
C ASN OB 388 -3.97 77.22 52.11
N THR OB 389 -2.75 76.94 52.55
CA THR OB 389 -1.59 77.16 51.69
C THR OB 389 -1.68 76.28 50.44
N ILE OB 390 -1.94 74.99 50.63
CA ILE OB 390 -2.05 74.08 49.48
C ILE OB 390 -3.26 74.45 48.63
N VAL OB 391 -4.38 74.79 49.27
CA VAL OB 391 -5.58 75.14 48.50
C VAL OB 391 -5.33 76.39 47.65
N LEU OB 392 -4.69 77.40 48.23
CA LEU OB 392 -4.40 78.63 47.48
C LEU OB 392 -3.38 78.39 46.38
N LEU OB 393 -2.38 77.55 46.64
CA LEU OB 393 -1.41 77.22 45.58
C LEU OB 393 -2.10 76.53 44.42
N ILE OB 394 -2.99 75.59 44.70
CA ILE OB 394 -3.72 74.93 43.63
C ILE OB 394 -4.63 75.91 42.90
N THR OB 395 -5.23 76.85 43.64
CA THR OB 395 -6.07 77.86 42.98
C THR OB 395 -5.27 78.74 42.03
N LEU OB 396 -4.10 79.19 42.46
CA LEU OB 396 -3.26 80.01 41.60
C LEU OB 396 -2.79 79.23 40.38
N LEU OB 397 -2.40 77.98 40.57
CA LEU OB 397 -1.98 77.16 39.44
C LEU OB 397 -3.13 76.92 38.48
N LEU OB 398 -4.35 76.75 39.00
CA LEU OB 398 -5.51 76.59 38.12
C LEU OB 398 -5.82 77.86 37.36
N LEU OB 399 -5.62 79.02 37.99
CA LEU OB 399 -5.75 80.28 37.25
C LEU OB 399 -4.74 80.37 36.12
N TYR OB 400 -3.50 79.97 36.39
CA TYR OB 400 -2.46 79.97 35.37
C TYR OB 400 -2.84 79.06 34.20
N ILE OB 401 -3.28 77.83 34.52
CA ILE OB 401 -3.66 76.89 33.47
C ILE OB 401 -4.87 77.42 32.70
N LEU OB 402 -5.80 78.07 33.40
CA LEU OB 402 -6.97 78.63 32.74
C LEU OB 402 -6.57 79.71 31.75
N TRP OB 403 -5.64 80.59 32.14
CA TRP OB 403 -5.20 81.61 31.20
C TRP OB 403 -4.51 80.98 29.99
N LEU OB 404 -3.65 79.98 30.22
CA LEU OB 404 -2.95 79.37 29.09
C LEU OB 404 -3.93 78.69 28.13
N GLU OB 405 -4.89 77.94 28.68
CA GLU OB 405 -5.87 77.26 27.84
C GLU OB 405 -6.75 78.25 27.11
N PHE OB 406 -7.15 79.35 27.77
CA PHE OB 406 -7.94 80.35 27.08
C PHE OB 406 -7.15 81.02 25.97
N TYR OB 407 -5.86 81.28 26.19
CA TYR OB 407 -5.05 81.88 25.14
C TYR OB 407 -5.00 80.99 23.91
N GLN OB 408 -4.73 79.70 24.11
CA GLN OB 408 -4.69 78.79 22.97
C GLN OB 408 -6.06 78.68 22.30
N PHE OB 409 -7.14 78.61 23.10
CA PHE OB 409 -8.48 78.51 22.55
C PHE OB 409 -8.85 79.74 21.74
N TYR OB 410 -8.47 80.92 22.23
CA TYR OB 410 -8.71 82.15 21.50
C TYR OB 410 -7.95 82.18 20.18
N HIS OB 411 -6.70 81.73 20.19
CA HIS OB 411 -5.96 81.64 18.93
C HIS OB 411 -6.64 80.71 17.95
N ILE OB 412 -7.06 79.53 18.42
CA ILE OB 412 -7.68 78.54 17.54
C ILE OB 412 -8.94 79.10 16.92
N LEU OB 413 -9.79 79.75 17.72
CA LEU OB 413 -11.01 80.32 17.15
C LEU OB 413 -10.69 81.52 16.25
N SER OB 414 -9.58 82.21 16.50
CA SER OB 414 -9.18 83.33 15.65
C SER OB 414 -8.60 82.87 14.32
N PHE OB 415 -8.29 81.59 14.17
CA PHE OB 415 -7.79 81.10 12.89
C PHE OB 415 -8.79 81.34 11.76
N TYR OB 416 -10.08 81.12 12.03
CA TYR OB 416 -11.05 80.91 10.96
C TYR OB 416 -11.51 82.19 10.27
N GLY OB 417 -11.08 83.37 10.72
CA GLY OB 417 -11.32 84.58 9.96
C GLY OB 417 -10.02 85.14 9.41
N ASN OB 418 -9.80 85.02 8.10
CA ASN OB 418 -8.54 85.45 7.50
C ASN OB 418 -8.60 86.95 7.27
N ILE OB 419 -7.96 87.72 8.13
CA ILE OB 419 -7.96 89.17 8.06
C ILE OB 419 -6.57 89.61 7.62
N ASN OB 420 -6.51 90.32 6.49
CA ASN OB 420 -5.22 90.70 5.91
C ASN OB 420 -5.28 92.14 5.45
N TRP OB 421 -4.12 92.67 5.07
CA TRP OB 421 -3.99 94.02 4.52
C TRP OB 421 -3.72 93.91 3.02
N ALA OB 422 -4.50 94.64 2.23
CA ALA OB 422 -4.35 94.66 0.79
C ALA OB 422 -3.99 96.08 0.35
N PHE OB 423 -2.97 96.18 -0.49
CA PHE OB 423 -2.52 97.48 -0.97
C PHE OB 423 -3.23 97.83 -2.27
N ASP OB 424 -3.79 99.04 -2.32
CA ASP OB 424 -4.45 99.56 -3.52
C ASP OB 424 -3.49 100.56 -4.16
N TYR OB 425 -2.72 100.09 -5.15
CA TYR OB 425 -1.70 100.92 -5.75
C TYR OB 425 -2.31 102.10 -6.51
N ASP OB 426 -3.57 101.98 -6.93
CA ASP OB 426 -4.24 103.11 -7.59
C ASP OB 426 -4.53 104.22 -6.60
N GLU OB 427 -4.99 103.88 -5.40
CA GLU OB 427 -5.30 104.86 -4.38
C GLU OB 427 -4.18 105.06 -3.37
N TYR OB 428 -3.12 104.24 -3.44
CA TYR OB 428 -1.99 104.34 -2.52
C TYR OB 428 -2.44 104.25 -1.06
N ILE OB 429 -3.38 103.35 -0.79
CA ILE OB 429 -3.93 103.17 0.55
C ILE OB 429 -4.07 101.69 0.84
N TRP OB 430 -3.76 101.29 2.06
CA TRP OB 430 -3.99 99.92 2.51
C TRP OB 430 -5.42 99.78 3.01
N THR OB 431 -5.99 98.59 2.80
CA THR OB 431 -7.34 98.30 3.25
C THR OB 431 -7.36 96.96 3.96
N LEU OB 432 -8.28 96.83 4.91
CA LEU OB 432 -8.40 95.60 5.69
C LEU OB 432 -9.42 94.70 5.03
N GLU OB 433 -9.00 93.51 4.62
CA GLU OB 433 -9.83 92.56 3.90
C GLU OB 433 -10.09 91.33 4.76
N LEU OB 434 -11.34 90.88 4.76
CA LEU OB 434 -11.77 89.72 5.51
C LEU OB 434 -12.13 88.59 4.54
N ASP OB 435 -11.71 87.37 4.86
CA ASP OB 435 -11.87 86.25 3.96
C ASP OB 435 -12.01 84.98 4.77
N THR OB 436 -12.41 83.90 4.08
CA THR OB 436 -12.46 82.58 4.67
C THR OB 436 -11.10 81.91 4.57
N ARG OB 437 -10.99 80.70 5.12
CA ARG OB 437 -9.73 79.97 5.12
C ARG OB 437 -9.96 78.53 4.66
N ARG OB 438 -8.92 77.98 4.02
CA ARG OB 438 -8.89 76.59 3.61
C ARG OB 438 -7.70 75.93 4.29
N THR OB 439 -7.93 74.74 4.85
CA THR OB 439 -6.88 74.04 5.58
C THR OB 439 -7.19 72.55 5.57
N ARG OB 440 -6.19 71.76 5.95
CA ARG OB 440 -6.38 70.32 6.04
C ARG OB 440 -7.42 69.99 7.10
N LEU OB 441 -8.22 68.95 6.84
CA LEU OB 441 -9.34 68.65 7.72
C LEU OB 441 -8.90 68.23 9.11
N ALA OB 442 -7.73 67.57 9.22
CA ALA OB 442 -7.24 67.17 10.54
C ALA OB 442 -7.10 68.35 11.47
N ASN OB 443 -6.73 69.52 10.92
CA ASN OB 443 -6.65 70.73 11.74
C ASN OB 443 -8.02 71.11 12.29
N ASN OB 444 -9.06 71.03 11.47
CA ASN OB 444 -10.40 71.35 11.95
C ASN OB 444 -10.87 70.36 13.01
N TYR OB 445 -10.60 69.07 12.81
CA TYR OB 445 -11.02 68.08 13.79
C TYR OB 445 -10.31 68.28 15.12
N ILE OB 446 -9.00 68.53 15.09
CA ILE OB 446 -8.28 68.75 16.34
C ILE OB 446 -8.70 70.08 16.96
N ALA OB 447 -9.11 71.05 16.15
CA ALA OB 447 -9.65 72.30 16.71
C ALA OB 447 -10.94 72.04 17.47
N ILE OB 448 -11.83 71.22 16.92
CA ILE OB 448 -13.06 70.89 17.64
C ILE OB 448 -12.74 70.15 18.94
N CYS OB 449 -11.80 69.21 18.89
CA CYS OB 449 -11.42 68.49 20.11
C CYS OB 449 -10.85 69.44 21.14
N LEU OB 450 -10.06 70.43 20.72
CA LEU OB 450 -9.48 71.38 21.67
C LEU OB 450 -10.53 72.34 22.22
N PHE OB 451 -11.56 72.68 21.43
CA PHE OB 451 -12.68 73.43 21.98
C PHE OB 451 -13.37 72.65 23.09
N ALA OB 452 -13.61 71.35 22.84
CA ALA OB 452 -14.22 70.51 23.88
C ALA OB 452 -13.34 70.46 25.12
N LYS OB 453 -12.03 70.34 24.92
CA LYS OB 453 -11.09 70.32 26.04
C LYS OB 453 -11.15 71.60 26.85
N PHE OB 454 -11.20 72.76 26.18
CA PHE OB 454 -11.28 74.01 26.90
C PHE OB 454 -12.57 74.11 27.71
N TRP OB 455 -13.69 73.71 27.12
CA TRP OB 455 -14.94 73.83 27.86
C TRP OB 455 -14.97 72.88 29.05
N HIS OB 456 -14.41 71.68 28.91
CA HIS OB 456 -14.33 70.78 30.05
C HIS OB 456 -13.41 71.34 31.14
N PHE OB 457 -12.31 71.98 30.75
CA PHE OB 457 -11.46 72.62 31.76
C PHE OB 457 -12.19 73.75 32.45
N VAL OB 458 -13.01 74.51 31.71
CA VAL OB 458 -13.81 75.55 32.36
C VAL OB 458 -14.76 74.92 33.38
N PHE OB 459 -15.35 73.78 33.03
CA PHE OB 459 -16.22 73.10 33.98
C PHE OB 459 -15.46 72.71 35.25
N ILE OB 460 -14.27 72.12 35.09
CA ILE OB 460 -13.55 71.69 36.29
C ILE OB 460 -13.05 72.90 37.09
N PHE OB 461 -12.76 74.01 36.43
CA PHE OB 461 -12.36 75.22 37.14
C PHE OB 461 -13.52 75.76 37.99
N LEU OB 462 -14.73 75.78 37.43
CA LEU OB 462 -15.89 76.17 38.21
C LEU OB 462 -16.13 75.19 39.36
N PHE OB 463 -15.89 73.90 39.11
CA PHE OB 463 -15.99 72.89 40.15
C PHE OB 463 -15.07 73.23 41.31
N TRP OB 464 -13.80 73.53 41.01
CA TRP OB 464 -12.83 73.84 42.05
C TRP OB 464 -13.17 75.13 42.78
N VAL OB 465 -13.63 76.15 42.06
CA VAL OB 465 -14.00 77.42 42.70
C VAL OB 465 -15.17 77.20 43.66
N PHE OB 466 -16.17 76.44 43.22
CA PHE OB 466 -17.28 76.07 44.09
C PHE OB 466 -16.77 75.36 45.33
N PHE OB 467 -15.88 74.39 45.15
CA PHE OB 467 -15.37 73.61 46.27
C PHE OB 467 -14.64 74.50 47.28
N VAL OB 468 -13.77 75.39 46.80
CA VAL OB 468 -12.98 76.20 47.72
C VAL OB 468 -13.87 77.21 48.46
N LEU OB 469 -14.86 77.78 47.76
CA LEU OB 469 -15.79 78.67 48.44
C LEU OB 469 -16.57 77.93 49.51
N ARG OB 470 -17.04 76.72 49.20
CA ARG OB 470 -17.81 75.95 50.18
C ARG OB 470 -16.98 75.57 51.39
N ILE OB 471 -15.73 75.16 51.18
CA ILE OB 471 -14.90 74.78 52.33
C ILE OB 471 -14.51 76.00 53.14
N ASN OB 472 -14.36 77.16 52.50
CA ASN OB 472 -14.10 78.38 53.27
C ASN OB 472 -15.29 78.75 54.13
N GLU OB 473 -16.51 78.61 53.58
CA GLU OB 473 -17.70 78.95 54.37
C GLU OB 473 -17.93 77.96 55.50
N LEU OB 474 -17.83 76.66 55.19
CA LEU OB 474 -18.05 75.64 56.22
C LEU OB 474 -17.00 75.70 57.30
N GLY OB 475 -15.74 75.96 56.93
CA GLY OB 475 -14.66 76.04 57.88
C GLY OB 475 -13.78 74.82 57.97
N ARG OB 476 -14.06 73.78 57.19
CA ARG OB 476 -13.21 72.59 57.18
C ARG OB 476 -13.40 71.88 55.85
N ILE OB 477 -12.43 71.02 55.53
CA ILE OB 477 -12.42 70.27 54.27
C ILE OB 477 -12.91 68.87 54.54
N ARG OB 478 -13.67 68.33 53.58
CA ARG OB 478 -14.24 66.99 53.67
C ARG OB 478 -13.71 66.14 52.52
N TYR OB 479 -13.68 64.82 52.73
CA TYR OB 479 -13.10 63.92 51.74
C TYR OB 479 -13.84 63.90 50.41
N PRO OB 480 -15.19 63.77 50.35
CA PRO OB 480 -15.82 63.50 49.04
C PRO OB 480 -15.57 64.58 47.99
N LEU OB 481 -15.87 65.84 48.29
CA LEU OB 481 -15.70 66.90 47.30
C LEU OB 481 -14.24 67.07 46.91
N LEU OB 482 -13.33 66.96 47.89
CA LEU OB 482 -11.91 67.12 47.61
C LEU OB 482 -11.41 66.04 46.65
N VAL OB 483 -11.78 64.78 46.91
CA VAL OB 483 -11.30 63.71 46.05
C VAL OB 483 -11.97 63.78 44.67
N ALA OB 484 -13.22 64.25 44.62
CA ALA OB 484 -13.84 64.49 43.32
C ALA OB 484 -13.05 65.53 42.52
N ASN OB 485 -12.61 66.60 43.18
CA ASN OB 485 -11.81 67.62 42.50
C ASN OB 485 -10.49 67.04 42.01
N VAL OB 486 -9.83 66.21 42.83
CA VAL OB 486 -8.55 65.63 42.41
C VAL OB 486 -8.75 64.74 41.18
N GLN OB 487 -9.81 63.94 41.18
CA GLN OB 487 -10.09 63.12 40.01
C GLN OB 487 -10.42 63.98 38.79
N ASN OB 488 -11.07 65.12 39.01
CA ASN OB 488 -11.29 66.07 37.91
C ASN OB 488 -9.97 66.55 37.33
N PHE OB 489 -9.01 66.86 38.20
CA PHE OB 489 -7.70 67.28 37.73
C PHE OB 489 -7.04 66.21 36.87
N ILE OB 490 -7.13 64.96 37.33
CA ILE OB 490 -6.52 63.85 36.58
C ILE OB 490 -7.19 63.70 35.22
N ILE OB 491 -8.52 63.78 35.18
CA ILE OB 491 -9.23 63.62 33.91
C ILE OB 491 -8.87 64.74 32.94
N ILE OB 492 -8.78 65.98 33.45
CA ILE OB 492 -8.45 67.09 32.55
C ILE OB 492 -7.01 66.98 32.07
N TYR OB 493 -6.11 66.41 32.88
CA TYR OB 493 -4.76 66.15 32.40
C TYR OB 493 -4.76 65.13 31.26
N ILE OB 494 -5.52 64.04 31.44
CA ILE OB 494 -5.65 63.04 30.39
C ILE OB 494 -6.17 63.68 29.11
N MET OB 495 -7.17 64.54 29.23
CA MET OB 495 -7.67 65.24 28.03
C MET OB 495 -6.64 66.20 27.47
N SER OB 496 -5.79 66.80 28.31
CA SER OB 496 -4.73 67.67 27.83
C SER OB 496 -3.73 66.91 26.99
N TRP OB 497 -3.59 65.61 27.23
CA TRP OB 497 -2.74 64.82 26.33
C TRP OB 497 -3.35 64.61 24.91
N ALA OB 498 -4.46 65.23 24.51
CA ALA OB 498 -5.18 64.79 23.31
C ALA OB 498 -4.49 65.18 22.01
N TYR OB 499 -3.91 66.37 21.94
CA TYR OB 499 -3.40 66.82 20.64
C TYR OB 499 -2.12 66.13 20.23
N MET OB 500 -1.70 65.07 20.93
CA MET OB 500 -0.50 64.32 20.60
C MET OB 500 -0.81 63.06 19.81
N TYR OB 501 -2.00 62.96 19.23
CA TYR OB 501 -2.38 61.76 18.48
C TYR OB 501 -1.55 61.52 17.22
N PRO OB 502 -0.96 62.52 16.54
CA PRO OB 502 -0.14 62.18 15.37
C PRO OB 502 0.98 61.21 15.67
N TRP OB 503 1.57 61.25 16.87
CA TRP OB 503 2.54 60.23 17.23
C TRP OB 503 1.89 58.85 17.29
N LEU OB 504 0.67 58.78 17.83
CA LEU OB 504 -0.05 57.52 17.90
C LEU OB 504 -0.29 56.96 16.51
N LYS OB 505 -0.68 57.80 15.56
CA LYS OB 505 -0.83 57.36 14.18
C LYS OB 505 0.52 56.98 13.58
N PHE OB 506 1.57 57.74 13.91
CA PHE OB 506 2.91 57.48 13.40
C PHE OB 506 3.41 56.11 13.80
N ILE OB 507 3.02 55.63 14.98
CA ILE OB 507 3.49 54.33 15.46
C ILE OB 507 2.67 53.18 14.89
N PHE OB 508 1.34 53.29 14.89
CA PHE OB 508 0.48 52.14 14.60
C PHE OB 508 0.00 52.05 13.17
N ARG OB 509 -0.03 53.16 12.43
CA ARG OB 509 -0.38 53.09 11.01
C ARG OB 509 0.63 52.26 10.24
N LYS OB 510 1.90 52.31 10.64
CA LYS OB 510 2.92 51.47 10.03
C LYS OB 510 2.62 49.99 10.25
N TYR OB 511 2.09 49.65 11.43
CA TYR OB 511 1.60 48.30 11.64
C TYR OB 511 0.38 48.01 10.76
N LEU OB 512 -0.46 49.01 10.53
CA LEU OB 512 -1.64 48.81 9.70
C LEU OB 512 -1.27 48.50 8.25
N ASP OB 513 -0.20 49.09 7.73
CA ASP OB 513 0.14 48.90 6.33
C ASP OB 513 1.03 47.68 6.07
N VAL OB 514 1.00 46.68 6.96
CA VAL OB 514 1.72 45.44 6.77
C VAL OB 514 0.76 44.43 6.15
N PRO OB 515 1.04 43.90 4.96
CA PRO OB 515 0.08 42.98 4.33
C PRO OB 515 0.05 41.61 4.97
N TYR OB 516 -0.85 40.75 4.51
CA TYR OB 516 -0.96 39.40 5.04
C TYR OB 516 0.28 38.59 4.68
N TYR OB 517 0.65 37.67 5.59
CA TYR OB 517 1.89 36.93 5.42
C TYR OB 517 1.85 36.04 4.18
N TRP OB 518 0.74 35.34 3.96
CA TRP OB 518 0.64 34.38 2.87
C TRP OB 518 0.20 35.02 1.56
N PHE OB 519 0.31 36.34 1.43
CA PHE OB 519 0.25 36.98 0.13
C PHE OB 519 1.61 36.99 -0.56
N TYR OB 520 2.67 36.64 0.17
CA TYR OB 520 4.01 36.48 -0.39
C TYR OB 520 4.48 37.77 -1.09
N LEU OB 521 4.40 38.88 -0.36
CA LEU OB 521 5.00 40.12 -0.84
C LEU OB 521 6.45 40.25 -0.40
N ASN OB 522 6.74 39.91 0.86
CA ASN OB 522 8.11 39.76 1.33
C ASN OB 522 8.35 38.50 2.14
N GLY OB 523 7.30 37.86 2.65
CA GLY OB 523 7.47 36.64 3.42
C GLY OB 523 8.25 36.81 4.69
N ARG OB 524 8.09 37.95 5.37
CA ARG OB 524 8.83 38.26 6.58
C ARG OB 524 7.86 38.48 7.74
N GLU OB 525 8.21 37.93 8.90
CA GLU OB 525 7.54 38.25 10.15
C GLU OB 525 8.64 38.45 11.19
N LEU OB 526 8.98 39.71 11.44
CA LEU OB 526 10.16 40.10 12.20
C LEU OB 526 9.81 40.84 13.48
N GLY OB 527 8.62 40.60 14.04
CA GLY OB 527 8.21 41.35 15.21
C GLY OB 527 9.02 41.04 16.46
N ILE OB 528 8.87 39.82 16.97
CA ILE OB 528 9.51 39.44 18.22
C ILE OB 528 11.02 39.31 18.05
N ARG OB 529 11.48 38.89 16.87
CA ARG OB 529 12.91 38.87 16.60
C ARG OB 529 13.51 40.25 16.77
N VAL OB 530 12.87 41.27 16.18
CA VAL OB 530 13.36 42.63 16.34
C VAL OB 530 13.20 43.07 17.79
N PHE OB 531 12.17 42.62 18.49
CA PHE OB 531 12.03 42.95 19.91
C PHE OB 531 13.27 42.56 20.69
N PHE OB 532 13.69 41.30 20.57
CA PHE OB 532 14.83 40.82 21.35
C PHE OB 532 16.15 41.38 20.81
N THR OB 533 16.28 41.48 19.48
CA THR OB 533 17.50 42.03 18.90
C THR OB 533 17.69 43.47 19.33
N ASP OB 534 16.62 44.26 19.35
CA ASP OB 534 16.73 45.66 19.75
C ASP OB 534 16.92 45.79 21.25
N LEU OB 535 16.42 44.84 22.04
CA LEU OB 535 16.78 44.84 23.46
C LEU OB 535 18.28 44.70 23.64
N LYS OB 536 18.88 43.74 22.94
CA LYS OB 536 20.33 43.59 23.02
C LYS OB 536 21.06 44.82 22.47
N LEU OB 537 20.56 45.37 21.37
CA LEU OB 537 21.18 46.53 20.76
C LEU OB 537 21.11 47.74 21.69
N PHE OB 538 20.02 47.89 22.42
CA PHE OB 538 19.91 49.00 23.36
C PHE OB 538 20.83 48.80 24.56
N PHE OB 539 21.00 47.55 25.01
CA PHE OB 539 22.02 47.29 26.01
C PHE OB 539 23.39 47.76 25.52
N TYR OB 540 23.75 47.37 24.29
CA TYR OB 540 25.03 47.77 23.72
C TYR OB 540 25.14 49.29 23.62
N GLY OB 541 24.08 49.95 23.14
CA GLY OB 541 24.13 51.38 22.93
C GLY OB 541 24.25 52.16 24.23
N ILE OB 542 23.49 51.77 25.25
CA ILE OB 542 23.58 52.44 26.54
C ILE OB 542 24.96 52.22 27.15
N THR OB 543 25.47 50.99 27.06
CA THR OB 543 26.80 50.72 27.61
C THR OB 543 27.87 51.55 26.91
N ASN OB 544 27.78 51.69 25.58
CA ASN OB 544 28.73 52.53 24.86
C ASN OB 544 28.57 54.00 25.22
N ARG OB 545 27.33 54.45 25.38
CA ARG OB 545 27.10 55.86 25.73
C ARG OB 545 27.64 56.18 27.11
N LEU OB 546 27.65 55.21 28.02
CA LEU OB 546 28.12 55.46 29.38
C LEU OB 546 29.61 55.24 29.54
N PHE OB 547 30.17 54.17 28.97
CA PHE OB 547 31.54 53.75 29.24
C PHE OB 547 32.34 53.56 27.95
N ASP OB 548 32.24 54.51 27.03
CA ASP OB 548 33.00 54.42 25.79
C ASP OB 548 33.12 55.81 25.17
N PHE OB 549 33.71 55.86 23.99
CA PHE OB 549 33.90 57.12 23.28
C PHE OB 549 32.55 57.75 22.93
N ASN OB 550 32.43 59.05 23.18
CA ASN OB 550 31.20 59.78 22.92
C ASN OB 550 31.55 61.01 22.09
N PRO OB 551 30.92 61.22 20.93
CA PRO OB 551 31.25 62.39 20.12
C PRO OB 551 30.95 63.69 20.85
N SER OB 552 31.80 64.68 20.63
CA SER OB 552 31.63 65.98 21.24
C SER OB 552 30.54 66.78 20.52
N SER OB 553 29.91 67.69 21.26
CA SER OB 553 28.84 68.53 20.73
C SER OB 553 29.28 69.98 20.55
N ILE OB 554 30.56 70.28 20.71
CA ILE OB 554 31.05 71.64 20.56
C ILE OB 554 31.01 72.03 19.09
N LYS OB 555 30.61 73.28 18.82
CA LYS OB 555 30.47 73.77 17.46
C LYS OB 555 30.83 75.24 17.43
N PHE OB 556 30.80 75.83 16.24
CA PHE OB 556 30.99 77.26 16.05
C PHE OB 556 29.66 77.96 16.29
N GLU OB 557 29.57 78.73 17.37
CA GLU OB 557 28.31 79.33 17.78
C GLU OB 557 28.34 80.85 17.73
N LYS OB 558 29.29 81.43 17.00
CA LYS OB 558 29.37 82.88 16.87
C LYS OB 558 29.28 83.38 15.45
N TYR OB 559 29.86 82.67 14.49
CA TYR OB 559 29.89 83.16 13.11
C TYR OB 559 28.50 83.05 12.50
N PRO OB 560 27.94 84.13 11.95
CA PRO OB 560 26.59 84.07 11.41
C PRO OB 560 26.51 83.20 10.16
N PHE OB 561 25.44 82.42 10.08
CA PHE OB 561 25.14 81.59 8.90
C PHE OB 561 26.30 80.67 8.56
N TYR OB 562 27.00 80.18 9.58
CA TYR OB 562 28.14 79.31 9.33
C TYR OB 562 27.70 77.95 8.82
N TYR OB 563 26.52 77.48 9.23
CA TYR OB 563 26.05 76.16 8.88
C TYR OB 563 25.07 76.18 7.73
N TRP OB 564 24.93 77.30 7.03
CA TRP OB 564 24.24 77.36 5.76
C TRP OB 564 25.26 77.04 4.68
N ILE OB 565 25.55 75.75 4.53
CA ILE OB 565 26.58 75.30 3.60
C ILE OB 565 25.99 75.23 2.20
N ASN OB 566 26.65 75.90 1.25
CA ASN OB 566 26.21 75.89 -0.13
C ASN OB 566 26.98 74.85 -0.93
N SER OB 567 26.47 74.57 -2.13
CA SER OB 567 27.00 73.47 -2.93
C SER OB 567 28.43 73.75 -3.39
N SER OB 568 29.26 72.72 -3.34
CA SER OB 568 30.61 72.76 -3.85
C SER OB 568 31.04 71.32 -4.11
N GLN OB 569 32.29 71.16 -4.57
CA GLN OB 569 32.78 69.81 -4.84
C GLN OB 569 32.85 68.97 -3.57
N LEU OB 570 32.79 69.60 -2.40
CA LEU OB 570 32.74 68.90 -1.13
C LEU OB 570 31.35 68.39 -0.77
N THR OB 571 30.33 68.76 -1.55
CA THR OB 571 28.96 68.30 -1.29
C THR OB 571 28.33 67.61 -2.49
N GLU OB 572 29.01 67.55 -3.63
CA GLU OB 572 28.69 66.73 -4.80
C GLU OB 572 27.45 67.19 -5.57
N PHE OB 573 26.83 68.31 -5.19
CA PHE OB 573 25.76 68.94 -6.00
C PHE OB 573 24.55 68.02 -6.19
N ASN OB 574 24.29 67.13 -5.24
CA ASN OB 574 23.14 66.23 -5.31
C ASN OB 574 21.99 66.70 -4.43
N GLN OB 575 21.82 68.01 -4.29
CA GLN OB 575 20.84 68.57 -3.38
C GLN OB 575 19.51 68.78 -4.08
N TYR OB 576 18.58 69.42 -3.38
CA TYR OB 576 17.31 69.82 -3.98
C TYR OB 576 17.59 70.80 -5.12
N ARG OB 577 16.88 70.61 -6.24
CA ARG OB 577 17.22 71.32 -7.47
C ARG OB 577 17.13 72.83 -7.28
N LYS OB 578 16.04 73.31 -6.68
CA LYS OB 578 15.79 74.73 -6.55
C LYS OB 578 16.57 75.38 -5.41
N PHE OB 579 17.50 74.65 -4.78
CA PHE OB 579 18.32 75.24 -3.75
C PHE OB 579 19.42 76.12 -4.31
N VAL OB 580 19.58 76.17 -5.63
CA VAL OB 580 20.57 77.06 -6.23
C VAL OB 580 20.33 78.49 -5.80
N ILE OB 581 19.07 78.92 -5.78
CA ILE OB 581 18.72 80.24 -5.27
C ILE OB 581 19.27 80.42 -3.87
N ARG OB 582 19.03 79.43 -3.00
CA ARG OB 582 19.56 79.45 -1.65
C ARG OB 582 21.06 79.69 -1.67
N ASP OB 583 21.77 78.96 -2.54
CA ASP OB 583 23.21 79.15 -2.65
C ASP OB 583 23.55 80.61 -2.89
N SER OB 584 22.87 81.23 -3.87
CA SER OB 584 23.11 82.64 -4.14
C SER OB 584 22.92 83.45 -2.87
N ILE OB 585 21.79 83.24 -2.18
CA ILE OB 585 21.54 83.97 -0.95
C ILE OB 585 22.69 83.77 0.02
N ILE OB 586 23.09 82.51 0.22
CA ILE OB 586 24.20 82.22 1.12
C ILE OB 586 25.42 83.01 0.69
N TYR OB 587 25.74 82.96 -0.60
CA TYR OB 587 26.87 83.72 -1.12
C TYR OB 587 26.76 85.17 -0.72
N SER OB 588 25.61 85.79 -1.01
CA SER OB 588 25.43 87.19 -0.68
C SER OB 588 25.60 87.42 0.81
N LEU OB 589 25.01 86.55 1.63
CA LEU OB 589 25.13 86.72 3.07
C LEU OB 589 26.58 86.67 3.50
N ASN OB 590 27.35 85.74 2.94
CA ASN OB 590 28.74 85.63 3.38
C ASN OB 590 29.60 86.75 2.83
N ASN OB 591 29.10 87.52 1.87
CA ASN OB 591 29.79 88.73 1.45
C ASN OB 591 29.40 89.93 2.29
N TYR OB 592 28.28 89.85 3.01
CA TYR OB 592 27.88 90.96 3.86
C TYR OB 592 28.69 91.02 5.14
N ILE OB 593 29.02 89.85 5.69
CA ILE OB 593 29.82 89.77 6.90
C ILE OB 593 31.29 89.66 6.51
N ILE OB 594 31.58 89.94 5.24
CA ILE OB 594 32.92 89.88 4.67
C ILE OB 594 33.49 88.48 4.78
N LYS PB 64 33.11 99.49 59.91
CA LYS PB 64 32.95 100.78 59.26
C LYS PB 64 32.92 100.62 57.74
N GLY PB 65 32.02 99.78 57.27
CA GLY PB 65 31.88 99.56 55.85
C GLY PB 65 31.26 98.20 55.56
N PHE PB 66 31.16 97.91 54.27
CA PHE PB 66 30.67 96.61 53.84
C PHE PB 66 31.61 95.50 54.28
N ASN PB 67 31.04 94.38 54.68
CA ASN PB 67 31.83 93.21 55.07
C ASN PB 67 31.12 91.95 54.59
N LEU PB 68 31.89 91.02 54.02
CA LEU PB 68 31.27 89.83 53.44
C LEU PB 68 30.81 88.85 54.51
N ALA PB 69 31.47 88.83 55.67
CA ALA PB 69 31.02 87.93 56.73
C ALA PB 69 29.62 88.30 57.20
N ASN PB 70 29.36 89.58 57.42
CA ASN PB 70 28.03 90.02 57.82
C ASN PB 70 27.00 89.72 56.73
N ALA PB 71 27.38 89.92 55.47
CA ALA PB 71 26.46 89.63 54.37
C ALA PB 71 26.11 88.15 54.33
N VAL PB 72 27.10 87.28 54.51
CA VAL PB 72 26.86 85.85 54.49
C VAL PB 72 25.99 85.43 55.67
N ASN PB 73 26.25 86.01 56.84
CA ASN PB 73 25.41 85.70 58.00
C ASN PB 73 23.97 86.14 57.77
N THR PB 74 23.78 87.32 57.17
CA THR PB 74 22.42 87.78 56.86
C THR PB 74 21.75 86.87 55.84
N VAL PB 75 22.50 86.40 54.84
CA VAL PB 75 21.92 85.48 53.86
C VAL PB 75 21.50 84.18 54.53
N LYS PB 76 22.34 83.66 55.42
CA LYS PB 76 21.97 82.44 56.15
C LYS PB 76 20.73 82.66 57.02
N SER PB 77 20.65 83.82 57.67
CA SER PB 77 19.46 84.12 58.47
C SER PB 77 18.22 84.21 57.59
N THR PB 78 18.34 84.83 56.42
CA THR PB 78 17.22 84.91 55.50
C THR PB 78 16.78 83.52 55.04
N LEU PB 79 17.73 82.63 54.76
CA LEU PB 79 17.38 81.29 54.33
C LEU PB 79 16.75 80.48 55.46
N ASN PB 80 17.22 80.66 56.68
CA ASN PB 80 16.71 79.90 57.81
C ASN PB 80 15.42 80.47 58.40
N ALA PB 81 15.05 81.70 58.03
CA ALA PB 81 13.86 82.32 58.60
C ALA PB 81 12.57 81.57 58.27
N PRO PB 82 12.28 81.20 57.03
CA PRO PB 82 10.99 80.55 56.74
C PRO PB 82 10.90 79.10 57.18
N ILE PB 83 11.92 78.54 57.81
CA ILE PB 83 11.91 77.12 58.17
C ILE PB 83 10.81 76.85 59.19
N LYS PB 84 10.68 77.72 60.20
CA LYS PB 84 9.72 77.47 61.27
C LYS PB 84 8.29 77.44 60.74
N HIS PB 85 7.97 78.32 59.80
CA HIS PB 85 6.60 78.40 59.30
C HIS PB 85 6.27 77.22 58.41
N ILE PB 86 7.20 76.78 57.56
CA ILE PB 86 6.99 75.60 56.75
C ILE PB 86 6.82 74.37 57.64
N LYS PB 87 7.68 74.24 58.66
CA LYS PB 87 7.57 73.10 59.56
C LYS PB 87 6.23 73.12 60.30
N ARG PB 88 5.78 74.30 60.71
CA ARG PB 88 4.48 74.40 61.38
C ARG PB 88 3.35 74.00 60.44
N ASN PB 89 3.45 74.37 59.16
CA ASN PB 89 2.43 73.96 58.21
C ASN PB 89 2.43 72.44 58.02
N ILE PB 90 3.60 71.83 57.97
CA ILE PB 90 3.69 70.39 57.81
C ILE PB 90 3.31 69.64 59.09
N GLU PB 91 3.27 70.34 60.22
CA GLU PB 91 3.04 69.69 61.51
C GLU PB 91 1.72 68.91 61.48
N PRO PB 92 1.70 67.70 62.03
CA PRO PB 92 0.42 67.03 62.27
C PRO PB 92 -0.24 67.60 63.52
N THR PB 93 -1.52 67.94 63.39
CA THR PB 93 -2.25 68.49 64.51
C THR PB 93 -2.70 67.37 65.43
N GLY PB 94 -3.35 67.73 66.54
CA GLY PB 94 -3.92 66.76 67.43
C GLY PB 94 -5.28 66.28 66.97
N SER PB 95 -5.48 66.28 65.66
CA SER PB 95 -6.74 65.87 65.04
C SER PB 95 -6.53 64.58 64.27
N ASN PB 96 -7.46 63.63 64.43
CA ASN PB 96 -7.44 62.37 63.72
C ASN PB 96 -8.76 62.24 62.98
N TYR PB 97 -8.80 62.76 61.75
CA TYR PB 97 -10.02 62.76 60.94
C TYR PB 97 -10.19 61.36 60.34
N SER PB 98 -10.75 60.47 61.14
CA SER PB 98 -10.98 59.09 60.71
C SER PB 98 -11.99 59.03 59.58
N ARG PB 99 -11.80 58.07 58.69
CA ARG PB 99 -12.78 57.83 57.63
C ARG PB 99 -14.10 57.31 58.20
N MET PB 100 -14.07 56.70 59.37
CA MET PB 100 -15.29 56.26 60.05
C MET PB 100 -15.87 57.43 60.83
N THR PB 101 -17.15 57.69 60.61
CA THR PB 101 -17.79 58.87 61.18
C THR PB 101 -17.73 58.86 62.70
N ASN PB 102 -17.38 60.01 63.28
CA ASN PB 102 -17.49 60.19 64.72
C ASN PB 102 -18.95 60.37 65.06
N THR PB 103 -19.64 59.27 65.38
CA THR PB 103 -21.09 59.27 65.50
C THR PB 103 -21.60 60.08 66.68
N THR PB 104 -20.71 60.48 67.60
CA THR PB 104 -21.16 61.28 68.75
C THR PB 104 -21.70 62.63 68.31
N GLU PB 105 -21.06 63.25 67.32
CA GLU PB 105 -21.37 64.61 66.93
C GLU PB 105 -21.99 64.75 65.55
N GLU PB 106 -21.94 63.73 64.72
CA GLU PB 106 -22.33 63.88 63.32
C GLU PB 106 -23.54 63.05 62.93
N ALA PB 107 -23.67 61.83 63.43
CA ALA PB 107 -24.77 60.94 63.01
C ALA PB 107 -26.01 61.25 63.82
N PHE PB 108 -27.07 61.73 63.16
CA PHE PB 108 -28.27 62.13 63.88
C PHE PB 108 -29.50 61.28 63.56
N ASP PB 109 -29.96 61.20 62.31
CA ASP PB 109 -31.19 60.46 62.03
C ASP PB 109 -30.95 59.28 61.09
N GLU PB 110 -30.57 59.53 59.84
CA GLU PB 110 -30.40 58.43 58.89
C GLU PB 110 -29.02 57.82 59.00
N VAL PB 111 -28.00 58.66 59.18
CA VAL PB 111 -26.66 58.14 59.46
C VAL PB 111 -26.66 57.35 60.76
N SER PB 112 -27.34 57.88 61.79
CA SER PB 112 -27.42 57.18 63.06
C SER PB 112 -28.16 55.85 62.91
N HIS PB 113 -29.27 55.84 62.17
CA HIS PB 113 -29.99 54.59 61.99
C HIS PB 113 -29.16 53.58 61.21
N GLU PB 114 -28.39 54.05 60.22
CA GLU PB 114 -27.54 53.17 59.45
C GLU PB 114 -26.45 52.57 60.31
N TRP PB 115 -25.85 53.37 61.20
CA TRP PB 115 -24.84 52.83 62.09
C TRP PB 115 -25.43 51.85 63.10
N GLN PB 116 -26.66 52.11 63.55
CA GLN PB 116 -27.34 51.15 64.40
C GLN PB 116 -27.55 49.83 63.67
N ALA PB 117 -27.98 49.90 62.41
CA ALA PB 117 -28.15 48.69 61.62
C ALA PB 117 -26.84 47.94 61.45
N LEU PB 118 -25.74 48.67 61.26
CA LEU PB 118 -24.44 48.04 61.08
C LEU PB 118 -23.98 47.34 62.36
N VAL PB 119 -24.04 48.04 63.49
CA VAL PB 119 -23.40 47.53 64.70
C VAL PB 119 -24.29 46.63 65.55
N THR PB 120 -25.61 46.71 65.38
CA THR PB 120 -26.51 45.85 66.14
C THR PB 120 -27.08 44.71 65.32
N SER PB 121 -27.20 44.88 64.00
CA SER PB 121 -27.83 43.91 63.12
C SER PB 121 -29.27 43.62 63.55
N ASN PB 122 -29.90 44.60 64.18
CA ASN PB 122 -31.30 44.43 64.58
C ASN PB 122 -32.16 44.29 63.33
N PRO PB 123 -33.07 43.31 63.30
CA PRO PB 123 -33.84 43.09 62.05
C PRO PB 123 -34.61 44.31 61.56
N PHE PB 124 -35.13 45.15 62.45
CA PHE PB 124 -35.80 46.37 62.00
C PHE PB 124 -34.83 47.29 61.27
N ASP PB 125 -33.72 47.62 61.92
CA ASP PB 125 -32.73 48.51 61.33
C ASP PB 125 -32.06 47.86 60.13
N LEU PB 126 -31.77 46.56 60.20
CA LEU PB 126 -31.12 45.87 59.10
C LEU PB 126 -32.04 45.73 57.90
N ASN PB 127 -33.34 45.65 58.13
CA ASN PB 127 -34.30 45.59 57.03
C ASN PB 127 -34.52 46.96 56.40
N VAL PB 128 -34.44 48.03 57.18
CA VAL PB 128 -34.55 49.36 56.59
C VAL PB 128 -33.42 49.60 55.59
N PHE PB 129 -32.19 49.24 55.98
CA PHE PB 129 -31.00 49.56 55.20
C PHE PB 129 -30.46 48.37 54.41
N ASN PB 130 -31.27 47.34 54.20
CA ASN PB 130 -30.83 46.21 53.40
C ASN PB 130 -30.54 46.67 51.97
N TYR PB 131 -29.47 46.15 51.40
CA TYR PB 131 -29.10 46.49 50.03
C TYR PB 131 -30.21 46.08 49.06
N LEU PB 132 -30.57 47.00 48.16
CA LEU PB 132 -31.54 46.65 47.13
C LEU PB 132 -30.99 45.64 46.13
N GLU PB 133 -29.67 45.52 46.04
CA GLU PB 133 -29.06 44.66 45.03
C GLU PB 133 -29.41 43.19 45.27
N ASN PB 134 -29.28 42.72 46.50
CA ASN PB 134 -29.51 41.32 46.81
C ASN PB 134 -30.21 41.21 48.16
N THR PB 135 -31.39 40.60 48.16
CA THR PB 135 -32.06 40.18 49.37
C THR PB 135 -31.90 38.68 49.52
N GLN PB 136 -31.61 38.23 50.74
CA GLN PB 136 -31.22 36.85 50.98
C GLN PB 136 -32.27 35.88 50.46
N THR PB 137 -31.82 34.86 49.73
CA THR PB 137 -32.72 33.84 49.23
C THR PB 137 -33.25 33.00 50.38
N SER PB 138 -34.54 32.70 50.32
CA SER PB 138 -35.24 32.00 51.38
C SER PB 138 -35.76 30.66 50.87
N ASN PB 139 -36.57 30.01 51.69
CA ASN PB 139 -37.13 28.71 51.36
C ASN PB 139 -38.31 28.89 50.40
N PHE PB 140 -39.04 27.80 50.15
CA PHE PB 140 -40.32 27.87 49.47
C PHE PB 140 -41.42 27.92 50.52
N GLY PB 141 -42.37 28.84 50.36
CA GLY PB 141 -43.39 29.03 51.36
C GLY PB 141 -44.32 27.83 51.45
N THR PB 142 -44.49 27.30 52.66
CA THR PB 142 -45.49 26.29 52.96
C THR PB 142 -46.25 26.73 54.20
N VAL PB 143 -47.38 26.07 54.45
CA VAL PB 143 -48.18 26.44 55.62
C VAL PB 143 -47.38 26.24 56.90
N ASP PB 144 -46.58 25.17 56.96
CA ASP PB 144 -45.74 24.93 58.11
C ASP PB 144 -44.51 25.84 58.13
N ASN PB 145 -43.98 26.20 56.96
CA ASN PB 145 -42.76 26.99 56.85
C ASN PB 145 -42.98 28.12 55.84
N PRO PB 146 -43.76 29.13 56.22
CA PRO PB 146 -44.09 30.18 55.26
C PRO PB 146 -42.90 31.04 54.90
N LEU PB 147 -42.90 31.57 53.68
CA LEU PB 147 -41.86 32.49 53.26
C LEU PB 147 -42.10 33.84 53.91
N VAL PB 148 -41.15 34.30 54.72
CA VAL PB 148 -41.34 35.48 55.54
C VAL PB 148 -40.83 36.70 54.77
N VAL PB 149 -41.73 37.68 54.60
CA VAL PB 149 -41.40 38.96 53.98
C VAL PB 149 -41.46 40.02 55.07
N PHE PB 150 -40.38 40.76 55.23
CA PHE PB 150 -40.26 41.70 56.33
C PHE PB 150 -40.69 43.10 55.90
N THR PB 151 -41.33 43.81 56.83
CA THR PB 151 -41.58 45.23 56.70
C THR PB 151 -41.19 45.91 58.01
N SER PB 152 -40.59 47.10 57.90
CA SER PB 152 -40.21 47.87 59.07
C SER PB 152 -41.37 48.77 59.46
N GLU PB 153 -42.30 48.20 60.24
CA GLU PB 153 -43.45 48.93 60.77
C GLU PB 153 -44.28 49.57 59.66
N THR PB 154 -44.47 48.85 58.56
CA THR PB 154 -45.42 49.25 57.53
C THR PB 154 -46.46 48.15 57.36
N PRO PB 155 -47.73 48.51 57.19
CA PRO PB 155 -48.80 47.50 57.25
C PRO PB 155 -48.85 46.54 56.08
N PHE PB 156 -48.13 46.80 54.99
CA PHE PB 156 -48.22 45.95 53.81
C PHE PB 156 -46.97 46.13 52.97
N ARG PB 157 -46.84 45.28 51.95
CA ARG PB 157 -45.71 45.35 51.03
C ARG PB 157 -46.08 44.65 49.74
N TYR PB 158 -45.62 45.19 48.62
CA TYR PB 158 -45.85 44.54 47.34
C TYR PB 158 -44.90 43.36 47.20
N VAL PB 159 -45.46 42.20 46.85
CA VAL PB 159 -44.69 40.97 46.71
C VAL PB 159 -45.01 40.34 45.36
N GLY PB 160 -43.97 39.94 44.64
CA GLY PB 160 -44.11 39.26 43.36
C GLY PB 160 -43.69 37.80 43.50
N CYS PB 161 -44.47 36.91 42.91
CA CYS PB 161 -44.23 35.48 42.99
C CYS PB 161 -43.98 34.92 41.61
N THR PB 162 -42.90 34.13 41.47
CA THR PB 162 -42.62 33.40 40.24
C THR PB 162 -42.63 31.90 40.47
N GLY PB 163 -43.32 31.43 41.49
CA GLY PB 163 -43.48 30.02 41.69
C GLY PB 163 -42.23 29.33 42.23
N GLN PB 164 -42.17 28.04 41.98
CA GLN PB 164 -41.06 27.20 42.44
C GLN PB 164 -39.92 27.33 41.44
N MET PB 165 -38.90 28.11 41.79
CA MET PB 165 -37.80 28.36 40.89
C MET PB 165 -36.95 27.11 40.72
N ASN PB 166 -36.58 26.82 39.47
CA ASN PB 166 -35.83 25.62 39.12
C ASN PB 166 -34.51 26.00 38.48
N GLU PB 167 -33.68 24.99 38.26
CA GLU PB 167 -32.35 25.22 37.70
C GLU PB 167 -32.41 25.51 36.20
N ASP PB 168 -33.23 24.77 35.46
CA ASP PB 168 -33.32 24.96 34.01
C ASP PB 168 -33.84 26.35 33.67
N ASP PB 169 -34.99 26.71 34.23
CA ASP PB 169 -35.57 28.04 34.10
C ASP PB 169 -35.57 28.68 35.47
N TYR PB 170 -35.00 29.88 35.58
CA TYR PB 170 -34.81 30.48 36.90
C TYR PB 170 -36.12 30.80 37.59
N GLU PB 171 -37.24 30.80 36.88
CA GLU PB 171 -38.54 31.12 37.44
C GLU PB 171 -39.53 30.02 37.14
N GLY PB 172 -40.42 29.74 38.09
CA GLY PB 172 -41.43 28.72 37.90
C GLY PB 172 -42.54 29.15 36.96
N HIS PB 173 -43.31 30.15 37.37
CA HIS PB 173 -44.39 30.70 36.54
C HIS PB 173 -44.17 32.20 36.33
N GLU PB 174 -45.15 32.83 35.71
CA GLU PB 174 -45.05 34.25 35.40
C GLU PB 174 -45.06 35.09 36.68
N LEU PB 175 -44.42 36.25 36.59
CA LEU PB 175 -44.29 37.14 37.74
C LEU PB 175 -45.66 37.72 38.07
N LEU PB 176 -46.29 37.20 39.12
CA LEU PB 176 -47.59 37.67 39.56
C LEU PB 176 -47.40 38.49 40.83
N PHE PB 177 -47.89 39.73 40.81
CA PHE PB 177 -47.74 40.64 41.93
C PHE PB 177 -49.01 40.70 42.76
N PHE PB 178 -48.84 40.95 44.05
CA PHE PB 178 -49.96 41.14 44.96
C PHE PB 178 -49.49 42.00 46.12
N LEU PB 179 -50.44 42.39 46.97
CA LEU PB 179 -50.16 43.24 48.11
C LEU PB 179 -50.21 42.38 49.36
N LEU PB 180 -49.05 41.90 49.80
CA LEU PB 180 -48.97 41.10 51.01
C LEU PB 180 -49.27 41.98 52.21
N ARG PB 181 -50.31 41.64 52.96
CA ARG PB 181 -50.80 42.43 54.07
C ARG PB 181 -50.44 41.76 55.39
N GLU PB 182 -50.68 42.49 56.48
CA GLU PB 182 -50.33 42.05 57.82
C GLU PB 182 -51.52 41.40 58.48
N GLY PB 183 -51.30 40.25 59.12
CA GLY PB 183 -52.35 39.65 59.93
C GLY PB 183 -52.48 38.15 59.83
N SER PB 184 -52.19 37.58 58.65
CA SER PB 184 -52.41 36.16 58.44
C SER PB 184 -51.49 35.67 57.33
N LEU PB 185 -51.42 34.35 57.18
CA LEU PB 185 -50.75 33.76 56.05
C LEU PB 185 -51.55 34.03 54.78
N GLN PB 186 -50.83 34.22 53.68
CA GLN PB 186 -51.44 34.43 52.38
C GLN PB 186 -50.64 33.67 51.34
N ARG PB 187 -51.33 33.14 50.34
CA ARG PB 187 -50.67 32.25 49.39
C ARG PB 187 -50.99 32.65 47.95
N CYS PB 188 -50.06 32.33 47.06
CA CYS PB 188 -50.22 32.55 45.63
C CYS PB 188 -51.00 31.39 45.05
N MET PB 189 -52.21 31.66 44.57
CA MET PB 189 -53.06 30.61 44.04
C MET PB 189 -52.45 29.91 42.82
N GLY PB 190 -51.55 30.58 42.11
CA GLY PB 190 -50.93 29.96 40.95
C GLY PB 190 -50.05 28.78 41.32
N CYS PB 191 -49.24 28.93 42.36
CA CYS PB 191 -48.29 27.90 42.76
C CYS PB 191 -48.44 27.44 44.21
N GLY PB 192 -49.26 28.10 45.01
CA GLY PB 192 -49.51 27.66 46.37
C GLY PB 192 -48.50 28.11 47.40
N GLN PB 193 -47.57 28.99 47.04
CA GLN PB 193 -46.54 29.42 47.97
C GLN PB 193 -47.14 30.31 49.04
N VAL PB 194 -46.96 29.95 50.30
CA VAL PB 194 -47.54 30.68 51.42
C VAL PB 194 -46.56 31.75 51.88
N PHE PB 195 -47.02 32.99 51.94
CA PHE PB 195 -46.24 34.13 52.38
C PHE PB 195 -46.76 34.61 53.73
N LYS PB 196 -45.85 34.96 54.62
CA LYS PB 196 -46.18 35.59 55.89
C LYS PB 196 -45.49 36.94 55.97
N LEU PB 197 -46.25 37.99 56.25
CA LEU PB 197 -45.68 39.32 56.41
C LEU PB 197 -45.32 39.51 57.88
N VAL PB 198 -44.03 39.64 58.16
CA VAL PB 198 -43.55 39.92 59.51
C VAL PB 198 -43.28 41.40 59.60
N ARG PB 199 -44.06 42.10 60.44
CA ARG PB 199 -43.91 43.53 60.63
C ARG PB 199 -42.94 43.75 61.79
N LEU PB 200 -41.69 44.04 61.45
CA LEU PB 200 -40.66 44.20 62.47
C LEU PB 200 -40.90 45.45 63.28
N ARG PB 201 -40.69 45.35 64.59
CA ARG PB 201 -40.87 46.46 65.51
C ARG PB 201 -39.51 47.02 65.92
N ASN PB 202 -39.53 48.27 66.40
CA ASN PB 202 -38.32 48.94 66.86
C ASN PB 202 -38.08 48.59 68.32
N GLU PB 203 -37.63 47.36 68.54
CA GLU PB 203 -37.44 46.81 69.88
C GLU PB 203 -36.29 45.82 69.86
N TYR PB 204 -35.94 45.33 71.05
CA TYR PB 204 -34.90 44.32 71.23
C TYR PB 204 -35.48 43.06 71.87
N SER PB 205 -36.66 42.65 71.43
CA SER PB 205 -37.31 41.47 71.97
C SER PB 205 -36.68 40.20 71.42
N PRO PB 206 -36.81 39.07 72.12
CA PRO PB 206 -36.35 37.79 71.56
C PRO PB 206 -37.09 37.40 70.29
N GLU PB 207 -38.30 37.92 70.07
CA GLU PB 207 -39.02 37.64 68.84
C GLU PB 207 -38.29 38.21 67.64
N MET PB 208 -37.75 39.43 67.76
CA MET PB 208 -36.99 40.02 66.67
C MET PB 208 -35.70 39.26 66.43
N ASP PB 209 -35.02 38.84 67.50
CA ASP PB 209 -33.78 38.09 67.35
C ASP PB 209 -34.01 36.73 66.68
N TYR PB 210 -35.25 36.24 66.68
CA TYR PB 210 -35.57 35.00 65.98
C TYR PB 210 -35.33 35.14 64.48
N TYR PB 211 -35.55 36.32 63.93
CA TYR PB 211 -35.35 36.58 62.51
C TYR PB 211 -33.98 37.14 62.20
N LEU PB 212 -32.98 36.83 63.03
CA LEU PB 212 -31.64 37.36 62.85
C LEU PB 212 -30.90 36.70 61.70
N SER PB 213 -31.32 35.51 61.30
CA SER PB 213 -30.63 34.75 60.26
C SER PB 213 -31.23 34.96 58.88
N ASN PB 214 -32.24 35.81 58.75
CA ASN PB 214 -32.90 36.05 57.47
C ASN PB 214 -32.40 37.31 56.78
N PHE PB 215 -31.31 37.90 57.24
CA PHE PB 215 -30.77 39.11 56.66
C PHE PB 215 -29.30 38.94 56.35
N HIS PB 216 -28.88 39.46 55.20
CA HIS PB 216 -27.45 39.59 54.93
C HIS PB 216 -26.84 40.56 55.93
N PRO PB 217 -25.67 40.26 56.47
CA PRO PB 217 -24.98 41.25 57.31
C PRO PB 217 -24.69 42.50 56.50
N TYR PB 218 -24.82 43.66 57.16
CA TYR PB 218 -24.70 44.92 56.46
C TYR PB 218 -23.24 45.18 56.10
N GLU PB 219 -22.98 45.42 54.82
CA GLU PB 219 -21.62 45.64 54.35
C GLU PB 219 -21.09 46.97 54.87
N MET PB 220 -19.86 46.95 55.39
CA MET PB 220 -19.25 48.13 55.98
C MET PB 220 -18.39 48.92 55.00
N GLN PB 221 -18.25 48.45 53.75
CA GLN PB 221 -17.33 49.09 52.83
C GLN PB 221 -17.79 50.50 52.46
N GLU PB 222 -19.09 50.69 52.28
CA GLU PB 222 -19.62 52.00 51.93
C GLU PB 222 -19.90 52.88 53.14
N MET PB 223 -19.68 52.37 54.34
CA MET PB 223 -19.86 53.17 55.55
C MET PB 223 -18.68 54.13 55.73
N GLY PB 224 -18.95 55.24 56.39
CA GLY PB 224 -17.92 56.23 56.63
C GLY PB 224 -17.76 57.21 55.49
N GLU PB 225 -16.56 57.76 55.33
CA GLU PB 225 -16.27 58.70 54.26
C GLU PB 225 -15.18 58.14 53.36
N SER PB 226 -15.35 58.32 52.06
CA SER PB 226 -14.47 57.72 51.08
C SER PB 226 -13.47 58.74 50.55
N ASP PB 227 -12.21 58.32 50.45
CA ASP PB 227 -11.15 59.15 49.90
C ASP PB 227 -10.87 58.84 48.43
N THR PB 228 -11.75 58.09 47.79
CA THR PB 228 -11.67 57.85 46.35
C THR PB 228 -13.06 57.98 45.77
N THR PB 229 -13.19 58.77 44.71
CA THR PB 229 -14.52 59.02 44.14
C THR PB 229 -15.06 57.76 43.48
N VAL PB 230 -14.40 57.29 42.43
CA VAL PB 230 -14.86 56.10 41.71
C VAL PB 230 -13.68 55.56 40.91
N LEU PB 231 -13.63 54.25 40.75
CA LEU PB 231 -12.59 53.62 39.95
C LEU PB 231 -12.84 53.89 38.48
N MET PB 232 -11.80 54.34 37.78
CA MET PB 232 -11.91 54.62 36.35
C MET PB 232 -11.73 53.36 35.50
N SER PB 233 -11.40 52.23 36.11
CA SER PB 233 -11.24 50.99 35.35
C SER PB 233 -12.60 50.46 34.92
N PRO PB 234 -12.81 50.19 33.63
CA PRO PB 234 -14.10 49.62 33.21
C PRO PB 234 -14.30 48.18 33.64
N TYR PB 235 -13.23 47.39 33.73
CA TYR PB 235 -13.37 45.98 34.10
C TYR PB 235 -13.87 45.84 35.54
N LYS PB 236 -13.34 46.63 36.47
CA LYS PB 236 -13.75 46.60 37.87
C LYS PB 236 -14.46 47.92 38.18
N TYR PB 237 -15.76 47.97 37.87
CA TYR PB 237 -16.58 49.14 38.11
C TYR PB 237 -18.00 48.69 38.38
N ALA PB 238 -18.67 49.36 39.32
CA ALA PB 238 -20.02 49.09 39.78
C ALA PB 238 -20.12 47.76 40.52
N SER PB 239 -19.04 46.99 40.59
CA SER PB 239 -18.98 45.75 41.36
C SER PB 239 -18.00 45.83 42.52
N HIS PB 240 -16.81 46.39 42.30
CA HIS PB 240 -15.86 46.62 43.36
C HIS PB 240 -16.12 47.96 44.02
N TYR PB 241 -15.82 48.04 45.31
CA TYR PB 241 -15.88 49.29 46.02
C TYR PB 241 -14.54 50.02 45.92
N GLU PB 242 -14.58 51.33 46.16
CA GLU PB 242 -13.38 52.13 46.03
C GLU PB 242 -12.38 51.80 47.14
N TYR PB 243 -11.10 51.79 46.78
CA TYR PB 243 -10.06 51.59 47.77
C TYR PB 243 -9.92 52.80 48.67
N THR PB 244 -9.20 52.62 49.77
CA THR PB 244 -8.98 53.69 50.73
C THR PB 244 -7.49 53.79 51.05
N GLN PB 245 -7.00 55.03 51.20
CA GLN PB 245 -5.63 55.26 51.61
C GLN PB 245 -5.43 55.17 53.11
N PHE PB 246 -6.51 55.12 53.88
CA PHE PB 246 -6.47 55.12 55.33
C PHE PB 246 -6.93 53.78 55.88
N GLU PB 247 -6.77 53.62 57.19
CA GLU PB 247 -7.16 52.40 57.88
C GLU PB 247 -8.52 52.59 58.53
N THR PB 248 -9.20 51.46 58.73
CA THR PB 248 -10.48 51.47 59.42
C THR PB 248 -10.25 51.07 60.86
N PRO PB 249 -10.42 51.97 61.83
CA PRO PB 249 -10.22 51.59 63.24
C PRO PB 249 -11.24 50.55 63.67
N SER PB 250 -10.83 49.72 64.62
CA SER PB 250 -11.68 48.64 65.13
C SER PB 250 -11.87 48.72 66.64
N ASN PB 251 -11.59 49.87 67.25
CA ASN PB 251 -11.69 50.04 68.68
C ASN PB 251 -12.87 50.93 69.07
N MET PB 252 -13.91 50.96 68.24
CA MET PB 252 -15.08 51.78 68.50
C MET PB 252 -16.17 50.93 69.14
N VAL PB 253 -16.67 51.39 70.29
CA VAL PB 253 -17.77 50.73 70.99
C VAL PB 253 -18.92 51.72 70.99
N TYR PB 254 -20.07 51.30 70.46
CA TYR PB 254 -21.20 52.18 70.26
C TYR PB 254 -22.22 51.97 71.37
N SER PB 255 -22.70 53.08 71.94
CA SER PB 255 -23.74 53.07 72.94
C SER PB 255 -24.90 53.94 72.47
N MET PB 256 -26.11 53.46 72.65
CA MET PB 256 -27.30 54.16 72.20
C MET PB 256 -27.76 55.16 73.26
N VAL PB 257 -28.15 56.35 72.83
CA VAL PB 257 -28.64 57.39 73.72
C VAL PB 257 -29.95 57.93 73.15
N ASN PB 258 -30.77 58.48 74.04
CA ASN PB 258 -31.98 59.14 73.64
C ASN PB 258 -31.66 60.51 73.04
N PRO PB 259 -32.55 61.06 72.22
CA PRO PB 259 -32.28 62.38 71.64
C PRO PB 259 -32.02 63.47 72.67
N ASP PB 260 -32.76 63.47 73.77
CA ASP PB 260 -32.53 64.46 74.83
C ASP PB 260 -31.15 64.28 75.45
N GLU PB 261 -30.80 63.03 75.75
CA GLU PB 261 -29.48 62.76 76.32
C GLU PB 261 -28.38 63.07 75.32
N HIS PB 262 -28.62 62.82 74.03
CA HIS PB 262 -27.59 63.15 73.04
C HIS PB 262 -27.40 64.66 72.92
N ASP PB 263 -28.50 65.43 73.00
CA ASP PB 263 -28.37 66.88 73.01
C ASP PB 263 -27.56 67.34 74.22
N ARG PB 264 -27.85 66.79 75.39
CA ARG PB 264 -27.11 67.17 76.58
C ARG PB 264 -25.63 66.79 76.45
N LEU PB 265 -25.35 65.62 75.87
CA LEU PB 265 -23.96 65.22 75.65
C LEU PB 265 -23.25 66.21 74.73
N LEU PB 266 -23.93 66.63 73.66
CA LEU PB 266 -23.31 67.56 72.73
C LEU PB 266 -23.04 68.92 73.37
N VAL PB 267 -23.98 69.44 74.15
CA VAL PB 267 -23.86 70.81 74.66
C VAL PB 267 -23.26 70.86 76.06
N ASP PB 268 -22.96 69.73 76.69
CA ASP PB 268 -22.40 69.69 78.03
C ASP PB 268 -21.19 68.75 78.03
N PRO PB 269 -19.99 69.29 77.82
CA PRO PB 269 -18.79 68.41 77.83
C PRO PB 269 -18.58 67.67 79.13
N ALA PB 270 -18.89 68.27 80.28
CA ALA PB 270 -18.67 67.58 81.55
C ALA PB 270 -19.55 66.34 81.67
N TYR PB 271 -20.82 66.46 81.30
CA TYR PB 271 -21.70 65.31 81.30
C TYR PB 271 -21.23 64.25 80.31
N ARG PB 272 -20.71 64.69 79.16
CA ARG PB 272 -20.19 63.76 78.17
C ARG PB 272 -19.03 62.96 78.74
N MET PB 273 -18.09 63.63 79.41
CA MET PB 273 -16.96 62.92 79.99
C MET PB 273 -17.41 61.97 81.09
N GLU PB 274 -18.34 62.41 81.93
CA GLU PB 274 -18.85 61.56 83.01
C GLU PB 274 -19.49 60.29 82.46
N ARG PB 275 -20.40 60.45 81.50
CA ARG PB 275 -21.08 59.29 80.94
C ARG PB 275 -20.11 58.39 80.19
N THR PB 276 -19.14 58.97 79.50
CA THR PB 276 -18.16 58.17 78.78
C THR PB 276 -17.32 57.33 79.73
N LYS PB 277 -16.87 57.91 80.85
CA LYS PB 277 -16.10 57.13 81.79
C LYS PB 277 -16.95 56.03 82.43
N ALA PB 278 -18.22 56.34 82.73
CA ALA PB 278 -19.10 55.31 83.26
C ALA PB 278 -19.27 54.16 82.27
N LEU PB 279 -19.45 54.48 80.99
CA LEU PB 279 -19.61 53.43 79.99
C LEU PB 279 -18.32 52.65 79.77
N GLU PB 280 -17.16 53.29 79.91
CA GLU PB 280 -15.91 52.55 79.84
C GLU PB 280 -15.77 51.57 81.00
N GLU PB 281 -16.18 52.00 82.20
CA GLU PB 281 -16.21 51.07 83.33
C GLU PB 281 -17.14 49.90 83.06
N LYS PB 282 -18.30 50.19 82.47
CA LYS PB 282 -19.25 49.13 82.13
C LYS PB 282 -18.66 48.16 81.11
N TYR PB 283 -17.92 48.69 80.13
CA TYR PB 283 -17.29 47.82 79.14
C TYR PB 283 -16.24 46.92 79.77
N LYS PB 284 -15.45 47.47 80.70
CA LYS PB 284 -14.49 46.64 81.42
C LYS PB 284 -15.20 45.54 82.21
N VAL PB 285 -16.29 45.87 82.88
CA VAL PB 285 -17.04 44.89 83.65
C VAL PB 285 -17.59 43.80 82.73
N TYR PB 286 -18.16 44.19 81.59
CA TYR PB 286 -18.74 43.22 80.67
C TYR PB 286 -17.68 42.29 80.10
N THR PB 287 -16.52 42.84 79.71
CA THR PB 287 -15.46 42.01 79.19
C THR PB 287 -14.96 41.03 80.25
N SER PB 288 -14.81 41.49 81.50
CA SER PB 288 -14.36 40.60 82.57
C SER PB 288 -15.38 39.51 82.82
N SER PB 289 -16.67 39.84 82.76
CA SER PB 289 -17.71 38.83 82.95
C SER PB 289 -17.66 37.77 81.86
N LEU PB 290 -17.49 38.20 80.60
CA LEU PB 290 -17.39 37.24 79.52
C LEU PB 290 -16.16 36.35 79.69
N ARG PB 291 -15.03 36.93 80.11
CA ARG PB 291 -13.83 36.14 80.32
C ARG PB 291 -14.03 35.11 81.42
N GLU PB 292 -14.68 35.50 82.51
CA GLU PB 292 -14.94 34.55 83.60
C GLU PB 292 -15.88 33.44 83.15
N VAL PB 293 -16.90 33.78 82.36
CA VAL PB 293 -17.81 32.76 81.84
C VAL PB 293 -17.05 31.76 80.97
N GLU PB 294 -16.16 32.27 80.11
CA GLU PB 294 -15.38 31.37 79.26
C GLU PB 294 -14.45 30.49 80.10
N LYS PB 295 -13.86 31.05 81.15
CA LYS PB 295 -13.02 30.23 82.03
C LYS PB 295 -13.82 29.10 82.66
N GLN PB 296 -15.01 29.40 83.15
CA GLN PB 296 -15.85 28.35 83.75
C GLN PB 296 -16.23 27.30 82.73
N PHE PB 297 -16.59 27.73 81.52
CA PHE PB 297 -16.97 26.77 80.48
C PHE PB 297 -15.80 25.87 80.12
N GLU PB 298 -14.60 26.45 79.97
CA GLU PB 298 -13.43 25.63 79.65
C GLU PB 298 -13.10 24.68 80.78
N GLU PB 299 -13.29 25.11 82.03
CA GLU PB 299 -13.06 24.21 83.16
C GLU PB 299 -14.04 23.05 83.14
N ARG PB 300 -15.30 23.32 82.81
CA ARG PB 300 -16.31 22.26 82.86
C ARG PB 300 -16.17 21.28 81.70
N TYR PB 301 -15.89 21.77 80.49
CA TYR PB 301 -15.90 20.93 79.30
C TYR PB 301 -14.54 20.72 78.65
N GLY PB 302 -13.51 21.43 79.08
CA GLY PB 302 -12.19 21.25 78.51
C GLY PB 302 -12.03 21.98 77.19
N ARG PB 303 -10.87 21.76 76.57
CA ARG PB 303 -10.56 22.40 75.30
C ARG PB 303 -11.28 21.71 74.15
N ALA PB 304 -11.56 22.49 73.10
CA ALA PB 304 -12.16 21.93 71.90
C ALA PB 304 -11.23 20.90 71.25
N GLY PB 305 -9.95 21.20 71.19
CA GLY PB 305 -8.99 20.28 70.62
C GLY PB 305 -7.63 20.92 70.54
N GLN PB 306 -6.67 20.12 70.08
CA GLN PB 306 -5.30 20.60 69.91
C GLN PB 306 -5.17 21.35 68.60
N ILE PB 307 -4.16 22.22 68.54
CA ILE PB 307 -3.91 23.07 67.38
C ILE PB 307 -2.79 22.42 66.57
N ASN PB 308 -3.06 22.15 65.29
CA ASN PB 308 -2.05 21.63 64.39
C ASN PB 308 -1.14 22.78 63.95
N ILE PB 309 0.09 22.80 64.47
CA ILE PB 309 1.04 23.86 64.18
C ILE PB 309 2.37 23.22 63.83
N SER PB 310 3.21 23.97 63.14
CA SER PB 310 4.58 23.56 62.88
C SER PB 310 5.49 24.08 63.97
N LYS PB 311 6.56 23.33 64.25
CA LYS PB 311 7.54 23.82 65.23
C LYS PB 311 8.24 25.07 64.72
N VAL PB 312 8.44 25.18 63.41
CA VAL PB 312 9.02 26.39 62.83
C VAL PB 312 8.12 27.58 63.08
N THR PB 313 6.82 27.42 62.84
CA THR PB 313 5.88 28.52 63.07
C THR PB 313 5.75 28.84 64.56
N TYR PB 314 5.81 27.82 65.41
CA TYR PB 314 5.80 28.04 66.86
C TYR PB 314 6.98 28.90 67.29
N SER PB 315 8.18 28.51 66.88
CA SER PB 315 9.38 29.28 67.23
C SER PB 315 9.30 30.69 66.65
N THR PB 316 8.79 30.83 65.43
CA THR PB 316 8.71 32.14 64.81
C THR PB 316 7.68 33.02 65.49
N LEU PB 317 6.58 32.45 65.97
CA LEU PB 317 5.61 33.24 66.74
C LEU PB 317 6.23 33.75 68.02
N ILE PB 318 6.97 32.91 68.72
CA ILE PB 318 7.64 33.37 69.94
C ILE PB 318 8.65 34.46 69.63
N ASP PB 319 9.42 34.28 68.56
CA ASP PB 319 10.41 35.28 68.16
C ASP PB 319 9.74 36.59 67.78
N VAL PB 320 8.60 36.53 67.08
CA VAL PB 320 7.88 37.73 66.69
C VAL PB 320 7.35 38.47 67.91
N GLU PB 321 6.85 37.73 68.91
CA GLU PB 321 6.39 38.38 70.12
C GLU PB 321 7.54 39.09 70.83
N LYS PB 322 8.69 38.42 70.95
CA LYS PB 322 9.83 39.05 71.59
C LYS PB 322 10.30 40.28 70.83
N ALA PB 323 10.33 40.19 69.50
CA ALA PB 323 10.75 41.33 68.69
C ALA PB 323 9.77 42.49 68.82
N VAL PB 324 8.47 42.19 68.89
CA VAL PB 324 7.47 43.23 69.07
C VAL PB 324 7.65 43.93 70.41
N LEU PB 325 7.91 43.17 71.47
CA LEU PB 325 8.17 43.78 72.78
C LEU PB 325 9.41 44.65 72.73
N LYS PB 326 10.48 44.18 72.08
CA LYS PB 326 11.72 44.94 71.99
C LYS PB 326 11.49 46.25 71.24
N MET PB 327 10.76 46.20 70.12
CA MET PB 327 10.51 47.41 69.35
C MET PB 327 9.56 48.36 70.07
N ASP PB 328 8.60 47.83 70.85
CA ASP PB 328 7.77 48.70 71.67
C ASP PB 328 8.60 49.42 72.72
N ARG PB 329 9.55 48.72 73.34
CA ARG PB 329 10.43 49.38 74.31
C ARG PB 329 11.28 50.46 73.63
N LEU PB 330 11.81 50.16 72.45
CA LEU PB 330 12.60 51.16 71.73
C LEU PB 330 11.76 52.38 71.37
N PHE PB 331 10.53 52.16 70.89
CA PHE PB 331 9.67 53.28 70.55
C PHE PB 331 9.30 54.10 71.79
N ARG PB 332 9.11 53.42 72.93
CA ARG PB 332 8.83 54.15 74.16
C ARG PB 332 10.00 55.04 74.54
N LYS PB 333 11.23 54.53 74.46
CA LYS PB 333 12.40 55.35 74.77
C LYS PB 333 12.51 56.52 73.80
N VAL PB 334 12.29 56.28 72.51
CA VAL PB 334 12.40 57.34 71.51
C VAL PB 334 11.35 58.41 71.76
N ALA PB 335 10.11 58.01 72.06
CA ALA PB 335 9.07 58.98 72.33
C ALA PB 335 9.36 59.78 73.59
N LYS PB 336 9.90 59.13 74.62
CA LYS PB 336 10.28 59.85 75.83
C LYS PB 336 11.35 60.89 75.53
N PHE PB 337 12.32 60.55 74.67
CA PHE PB 337 13.36 61.53 74.36
C PHE PB 337 12.82 62.64 73.47
N GLU PB 338 11.89 62.33 72.57
CA GLU PB 338 11.35 63.37 71.69
C GLU PB 338 10.47 64.35 72.45
N ASN PB 339 9.61 63.85 73.34
CA ASN PB 339 8.67 64.67 74.07
C ASN PB 339 9.25 65.22 75.37
N ARG PB 340 10.58 65.27 75.50
CA ARG PB 340 11.18 65.67 76.76
C ARG PB 340 10.83 67.11 77.11
N ALA PB 341 10.81 68.00 76.13
CA ALA PB 341 10.55 69.41 76.38
C ALA PB 341 9.11 69.70 76.73
N PHE PB 342 8.21 68.72 76.57
CA PHE PB 342 6.78 68.93 76.83
C PHE PB 342 6.26 68.12 78.00
N ILE PB 343 6.83 66.94 78.27
CA ILE PB 343 6.37 66.12 79.38
C ILE PB 343 6.68 66.79 80.71
N ASP PB 344 7.92 67.25 80.89
CA ASP PB 344 8.40 67.83 82.14
C ASP PB 344 9.07 69.15 81.79
N ARG PB 345 8.32 70.24 81.85
CA ARG PB 345 8.86 71.54 81.52
C ARG PB 345 9.58 72.22 82.67
N ALA PB 346 9.44 71.69 83.90
CA ALA PB 346 10.11 72.30 85.04
C ALA PB 346 11.60 72.02 85.02
N ASN PB 347 11.99 70.77 84.76
CA ASN PB 347 13.38 70.35 84.81
C ASN PB 347 14.01 70.28 83.42
N HIS PB 348 13.29 70.71 82.38
CA HIS PB 348 13.80 70.56 81.03
C HIS PB 348 15.08 71.36 80.82
N SER PB 349 15.14 72.57 81.36
CA SER PB 349 16.32 73.41 81.14
C SER PB 349 17.57 72.77 81.74
N ARG PB 350 17.48 72.32 82.99
CA ARG PB 350 18.64 71.72 83.65
C ARG PB 350 19.04 70.40 83.00
N ARG PB 351 18.05 69.55 82.68
CA ARG PB 351 18.37 68.28 82.05
C ARG PB 351 18.97 68.48 80.66
N GLU PB 352 18.44 69.44 79.90
CA GLU PB 352 18.99 69.75 78.58
C GLU PB 352 20.40 70.31 78.69
N LYS PB 353 20.65 71.15 79.68
CA LYS PB 353 22.01 71.65 79.88
C LYS PB 353 22.97 70.52 80.17
N ARG PB 354 22.59 69.59 81.04
CA ARG PB 354 23.45 68.45 81.34
C ARG PB 354 23.69 67.61 80.10
N MET PB 355 22.62 67.31 79.35
CA MET PB 355 22.76 66.49 78.16
C MET PB 355 23.67 67.14 77.13
N LEU PB 356 23.48 68.44 76.90
CA LEU PB 356 24.26 69.13 75.88
C LEU PB 356 25.71 69.28 76.30
N GLU PB 357 25.97 69.56 77.59
CA GLU PB 357 27.36 69.66 78.02
C GLU PB 357 28.07 68.32 77.94
N ARG PB 358 27.39 67.23 78.29
CA ARG PB 358 28.01 65.92 78.16
C ARG PB 358 28.26 65.55 76.70
N ALA PB 359 27.31 65.87 75.82
CA ALA PB 359 27.48 65.58 74.40
C ALA PB 359 28.65 66.38 73.83
N GLN PB 360 28.74 67.67 74.17
CA GLN PB 360 29.84 68.49 73.70
C GLN PB 360 31.17 67.98 74.24
N GLN PB 361 31.20 67.55 75.50
CA GLN PB 361 32.43 67.00 76.05
C GLN PB 361 32.85 65.74 75.32
N ARG PB 362 31.90 64.86 75.01
CA ARG PB 362 32.27 63.59 74.39
C ARG PB 362 32.60 63.74 72.91
N TRP PB 363 32.04 64.74 72.22
CA TRP PB 363 32.29 64.90 70.80
C TRP PB 363 33.15 66.11 70.46
N ASP PB 364 33.78 66.74 71.46
CA ASP PB 364 34.73 67.81 71.23
C ASP PB 364 36.07 67.41 71.84
N SER PB 365 37.12 67.47 71.03
CA SER PB 365 38.47 67.03 71.41
C SER PB 365 38.51 65.55 71.75
N ASN PB 366 37.49 64.79 71.34
CA ASN PB 366 37.44 63.37 71.61
C ASN PB 366 36.67 62.68 70.49
N TYR PB 367 36.93 61.39 70.33
CA TYR PB 367 36.19 60.53 69.42
C TYR PB 367 35.39 59.55 70.25
N SER PB 368 34.08 59.51 70.03
CA SER PB 368 33.19 58.65 70.82
C SER PB 368 33.01 57.32 70.08
N PHE PB 369 33.49 56.24 70.69
CA PHE PB 369 33.43 54.91 70.11
C PHE PB 369 32.35 54.11 70.84
N PHE PB 370 31.26 53.81 70.15
CA PHE PB 370 30.17 53.06 70.73
C PHE PB 370 30.29 51.57 70.38
N THR PB 371 29.95 50.72 71.35
CA THR PB 371 29.93 49.28 71.15
C THR PB 371 28.53 48.75 71.38
N GLY PB 372 28.17 47.71 70.63
CA GLY PB 372 26.86 47.12 70.76
C GLY PB 372 25.79 47.92 70.06
N SER PB 373 24.60 47.99 70.68
CA SER PB 373 23.48 48.73 70.12
C SER PB 373 23.42 50.18 70.59
N LEU PB 374 24.40 50.62 71.37
CA LEU PB 374 24.39 51.98 71.86
C LEU PB 374 24.75 52.96 70.75
N THR PB 375 24.05 54.09 70.70
CA THR PB 375 24.25 55.12 69.71
C THR PB 375 24.35 56.47 70.41
N GLU PB 376 24.68 57.50 69.63
CA GLU PB 376 24.76 58.85 70.19
C GLU PB 376 23.41 59.34 70.68
N GLU PB 377 22.34 59.06 69.93
CA GLU PB 377 21.01 59.47 70.35
C GLU PB 377 20.61 58.78 71.65
N GLU PB 378 20.90 57.48 71.76
CA GLU PB 378 20.55 56.77 72.99
C GLU PB 378 21.40 57.24 74.16
N GLN PB 379 22.65 57.60 73.91
CA GLN PB 379 23.48 58.14 74.99
C GLN PB 379 22.96 59.50 75.44
N LYS PB 380 22.48 60.32 74.51
CA LYS PB 380 21.85 61.58 74.89
C LYS PB 380 20.58 61.34 75.69
N TYR PB 381 19.80 60.33 75.31
CA TYR PB 381 18.63 59.97 76.10
C TYR PB 381 19.02 59.56 77.51
N ARG PB 382 20.09 58.79 77.65
CA ARG PB 382 20.56 58.41 78.98
C ARG PB 382 21.03 59.62 79.78
N ASP PB 383 21.70 60.56 79.12
CA ASP PB 383 22.15 61.77 79.80
C ASP PB 383 20.97 62.61 80.29
N TYR PB 384 19.94 62.76 79.47
CA TYR PB 384 18.81 63.59 79.84
C TYR PB 384 18.06 63.01 81.03
N TYR PB 385 17.67 61.73 80.92
CA TYR PB 385 16.88 61.08 81.96
C TYR PB 385 17.75 60.32 82.96
N GLU PB 386 18.74 60.98 83.52
CA GLU PB 386 19.68 60.31 84.42
C GLU PB 386 19.00 59.88 85.71
N GLU PB 388 15.84 59.48 86.31
CA GLU PB 388 14.79 58.50 86.06
C GLU PB 388 15.39 57.12 85.78
N LEU PB 389 16.46 57.07 84.99
CA LEU PB 389 17.09 55.80 84.68
C LEU PB 389 17.87 55.23 85.87
N GLU PB 390 18.22 56.07 86.85
CA GLU PB 390 18.84 55.54 88.06
C GLU PB 390 17.84 54.80 88.94
N ALA PB 391 16.54 54.99 88.71
CA ALA PB 391 15.51 54.33 89.50
C ALA PB 391 15.09 53.00 88.88
N TYR PB 392 14.58 53.04 87.65
CA TYR PB 392 14.22 51.85 86.90
C TYR PB 392 14.88 51.91 85.53
N PRO PB 393 16.11 51.39 85.41
CA PRO PB 393 16.77 51.35 84.10
C PRO PB 393 16.20 50.22 83.26
N GLU PB 394 15.72 50.56 82.06
CA GLU PB 394 15.21 49.54 81.14
C GLU PB 394 16.39 48.93 80.39
N ASP PB 395 17.23 48.23 81.15
CA ASP PB 395 18.42 47.60 80.59
C ASP PB 395 18.03 46.60 79.52
N GLU PB 396 18.70 46.67 78.37
CA GLU PB 396 18.24 45.93 77.21
C GLU PB 396 18.33 44.43 77.43
N GLY PB 397 19.45 43.96 77.99
CA GLY PB 397 19.60 42.52 78.21
C GLY PB 397 18.61 41.99 79.23
N ILE PB 398 18.49 42.68 80.36
CA ILE PB 398 17.57 42.22 81.40
C ILE PB 398 16.13 42.31 80.92
N GLU PB 399 15.79 43.40 80.23
CA GLU PB 399 14.43 43.52 79.71
C GLU PB 399 14.14 42.46 78.66
N GLN PB 400 15.13 42.09 77.84
CA GLN PB 400 14.90 41.02 76.87
C GLN PB 400 14.68 39.68 77.56
N GLN PB 401 15.45 39.40 78.61
CA GLN PB 401 15.22 38.18 79.39
C GLN PB 401 13.82 38.17 80.00
N LEU PB 402 13.40 39.30 80.56
CA LEU PB 402 12.07 39.38 81.14
C LEU PB 402 11.00 39.26 80.08
N ASP PB 403 11.25 39.79 78.87
CA ASP PB 403 10.30 39.64 77.78
C ASP PB 403 10.13 38.18 77.39
N GLN PB 404 11.24 37.45 77.28
CA GLN PB 404 11.14 36.03 76.98
C GLN PB 404 10.38 35.28 78.07
N GLN PB 405 10.68 35.60 79.34
CA GLN PB 405 9.97 34.93 80.43
C GLN PB 405 8.48 35.23 80.39
N GLU PB 406 8.11 36.48 80.11
CA GLU PB 406 6.70 36.84 80.02
C GLU PB 406 6.02 36.11 78.87
N VAL PB 407 6.68 36.07 77.71
CA VAL PB 407 6.09 35.39 76.56
C VAL PB 407 5.87 33.91 76.86
N LEU PB 408 6.85 33.26 77.47
CA LEU PB 408 6.73 31.83 77.73
C LEU PB 408 5.79 31.53 78.89
N LEU PB 409 5.66 32.43 79.86
CA LEU PB 409 4.78 32.23 81.00
C LEU PB 409 3.35 32.70 80.72
N SER PB 410 3.11 33.35 79.59
CA SER PB 410 1.75 33.73 79.25
C SER PB 410 0.80 32.54 79.14
N GLY PB 411 1.33 31.34 78.94
CA GLY PB 411 0.53 30.15 78.83
C GLY PB 411 0.00 29.85 77.44
N ARG PB 412 0.20 30.77 76.49
CA ARG PB 412 -0.27 30.54 75.13
C ARG PB 412 0.53 29.44 74.44
N TYR PB 413 1.82 29.32 74.76
CA TYR PB 413 2.73 28.42 74.06
C TYR PB 413 3.00 27.14 74.86
N ASP PB 414 2.00 26.65 75.58
CA ASP PB 414 2.14 25.39 76.28
C ASP PB 414 2.14 24.25 75.27
N PRO PB 415 3.16 23.39 75.27
CA PRO PB 415 3.22 22.33 74.25
C PRO PB 415 2.05 21.37 74.30
N LYS PB 416 1.35 21.27 75.42
CA LYS PB 416 0.19 20.39 75.47
C LYS PB 416 -0.96 20.90 74.61
N LEU PB 417 -0.95 22.18 74.25
CA LEU PB 417 -2.01 22.76 73.43
C LEU PB 417 -1.78 22.55 71.94
N TYR PB 418 -0.61 22.07 71.54
CA TYR PB 418 -0.22 22.01 70.14
C TYR PB 418 0.07 20.58 69.72
N ASP PB 419 -0.43 20.22 68.54
CA ASP PB 419 -0.09 18.95 67.89
C ASP PB 419 0.91 19.29 66.79
N PHE PB 420 2.19 19.23 67.13
CA PHE PB 420 3.23 19.63 66.19
C PHE PB 420 3.24 18.71 64.99
N GLN PB 421 3.31 19.30 63.80
CA GLN PB 421 3.22 18.56 62.55
C GLN PB 421 4.25 19.10 61.56
N GLU PB 422 4.41 18.37 60.47
CA GLU PB 422 5.13 18.86 59.30
C GLU PB 422 4.10 19.54 58.41
N GLY PB 423 4.08 20.88 58.43
CA GLY PB 423 3.02 21.60 57.75
C GLY PB 423 3.03 21.44 56.25
N TYR PB 424 4.21 21.27 55.66
CA TYR PB 424 4.33 21.23 54.20
C TYR PB 424 3.70 19.98 53.60
N THR PB 425 3.74 18.86 54.32
CA THR PB 425 3.24 17.61 53.78
C THR PB 425 1.74 17.70 53.46
N LYS PB 426 1.36 17.14 52.32
CA LYS PB 426 -0.04 17.16 51.91
C LYS PB 426 -0.91 16.35 52.87
N ASN PB 427 -0.42 15.19 53.32
CA ASN PB 427 -1.13 14.43 54.33
C ASN PB 427 -0.68 14.88 55.72
N PRO PB 428 -1.61 15.00 56.68
CA PRO PB 428 -1.21 15.45 58.02
C PRO PB 428 -0.33 14.44 58.73
N GLU PB 429 0.93 14.80 58.96
CA GLU PB 429 1.90 13.91 59.57
C GLU PB 429 2.57 14.61 60.74
N ASP PB 430 2.92 13.82 61.76
CA ASP PB 430 3.48 14.37 62.98
C ASP PB 430 4.86 14.96 62.71
N ASP PB 431 5.45 15.55 63.75
CA ASP PB 431 6.78 16.13 63.63
C ASP PB 431 7.80 15.02 63.50
N GLN PB 432 8.57 15.05 62.41
CA GLN PB 432 9.52 13.98 62.10
C GLN PB 432 10.96 14.45 62.18
N THR PB 433 11.24 15.49 62.96
CA THR PB 433 12.61 15.87 63.23
C THR PB 433 13.27 14.82 64.13
N SER PB 434 14.60 14.79 64.10
CA SER PB 434 15.33 13.74 64.80
C SER PB 434 15.11 13.83 66.31
N LEU PB 435 15.47 12.75 66.99
CA LEU PB 435 15.22 12.67 68.43
C LEU PB 435 15.98 13.73 69.20
N ILE PB 436 17.25 13.97 68.83
CA ILE PB 436 18.04 14.98 69.51
C ILE PB 436 17.50 16.37 69.22
N GLU PB 437 17.01 16.61 68.00
CA GLU PB 437 16.39 17.89 67.70
C GLU PB 437 15.11 18.08 68.51
N LYS PB 438 14.34 17.02 68.71
CA LYS PB 438 13.16 17.11 69.56
C LYS PB 438 13.54 17.42 71.00
N LYS PB 439 14.61 16.80 71.50
CA LYS PB 439 15.07 17.10 72.84
C LYS PB 439 15.53 18.55 72.97
N ALA PB 440 16.22 19.06 71.94
CA ALA PB 440 16.66 20.44 71.97
C ALA PB 440 15.49 21.42 71.92
N PHE PB 441 14.47 21.10 71.13
CA PHE PB 441 13.25 21.91 71.13
C PHE PB 441 12.57 21.86 72.49
N LYS PB 442 12.57 20.68 73.11
CA LYS PB 442 11.98 20.54 74.44
C LYS PB 442 12.71 21.39 75.47
N PHE PB 443 14.04 21.42 75.41
CA PHE PB 443 14.81 22.20 76.37
C PHE PB 443 14.76 23.69 76.08
N ARG PB 444 14.65 24.08 74.80
CA ARG PB 444 14.65 25.50 74.47
C ARG PB 444 13.42 26.19 75.06
N TYR PB 445 12.29 25.50 75.07
CA TYR PB 445 11.02 26.04 75.56
C TYR PB 445 10.57 25.30 76.81
N ARG PB 446 11.51 25.04 77.72
CA ARG PB 446 11.17 24.40 78.98
C ARG PB 446 10.28 25.29 79.84
N LEU PB 447 10.48 26.61 79.76
CA LEU PB 447 9.69 27.53 80.56
C LEU PB 447 8.22 27.52 80.16
N ALA PB 448 7.93 27.25 78.89
CA ALA PB 448 6.54 27.21 78.44
C ALA PB 448 5.77 26.08 79.10
N ASN PB 449 6.42 24.92 79.28
CA ASN PB 449 5.77 23.75 79.86
C ASN PB 449 5.73 23.77 81.37
N GLU PB 450 6.51 24.62 82.02
CA GLU PB 450 6.62 24.64 83.47
C GLU PB 450 5.87 25.84 84.05
N THR PB 451 5.50 25.71 85.32
CA THR PB 451 5.02 26.86 86.07
C THR PB 451 6.20 27.71 86.54
N SER PB 452 5.90 28.87 87.10
CA SER PB 452 6.96 29.78 87.52
C SER PB 452 7.82 29.15 88.60
N GLU PB 453 7.19 28.55 89.62
CA GLU PB 453 7.94 28.00 90.74
C GLU PB 453 8.73 26.76 90.33
N THR PB 454 8.12 25.87 89.56
CA THR PB 454 8.83 24.68 89.10
C THR PB 454 9.99 25.05 88.19
N PHE PB 455 9.78 26.03 87.31
CA PHE PB 455 10.88 26.51 86.47
C PHE PB 455 11.98 27.10 87.32
N GLN PB 456 11.63 27.88 88.34
CA GLN PB 456 12.65 28.44 89.21
C GLN PB 456 13.46 27.34 89.89
N ARG PB 457 12.79 26.31 90.39
CA ARG PB 457 13.51 25.23 91.08
C ARG PB 457 14.45 24.50 90.13
N ARG PB 458 13.91 24.06 88.98
CA ARG PB 458 14.74 23.28 88.04
C ARG PB 458 15.88 24.12 87.47
N ASN PB 459 15.60 25.37 87.10
CA ASN PB 459 16.62 26.23 86.54
C ASN PB 459 17.65 26.61 87.59
N ASN PB 460 17.24 26.80 88.85
CA ASN PB 460 18.21 27.06 89.91
C ASN PB 460 19.13 25.88 90.12
N ARG PB 461 18.58 24.65 90.09
CA ARG PB 461 19.44 23.47 90.16
C ARG PB 461 20.43 23.45 89.01
N MET PB 462 19.93 23.69 87.80
CA MET PB 462 20.80 23.67 86.61
C MET PB 462 21.91 24.71 86.72
N VAL PB 463 21.55 25.94 87.09
CA VAL PB 463 22.54 27.02 87.14
C VAL PB 463 23.52 26.81 88.29
N GLU PB 464 23.04 26.30 89.42
CA GLU PB 464 23.94 26.01 90.54
C GLU PB 464 24.97 24.97 90.14
N ARG PB 465 24.53 23.90 89.47
CA ARG PB 465 25.47 22.88 89.03
C ARG PB 465 26.43 23.43 87.98
N GLN PB 466 25.94 24.30 87.09
CA GLN PB 466 26.83 24.91 86.11
C GLN PB 466 27.89 25.79 86.77
N ILE PB 467 27.49 26.55 87.79
CA ILE PB 467 28.44 27.38 88.53
C ILE PB 467 29.48 26.52 89.21
N LYS PB 468 29.04 25.42 89.82
CA LYS PB 468 30.00 24.51 90.47
C LYS PB 468 30.95 23.90 89.44
N ARG PB 469 30.46 23.58 88.25
CA ARG PB 469 31.32 23.04 87.21
C ARG PB 469 32.34 24.06 86.74
N PHE PB 470 31.94 25.33 86.60
CA PHE PB 470 32.84 26.34 86.06
C PHE PB 470 33.96 26.71 87.01
N GLN PB 471 33.91 26.27 88.26
CA GLN PB 471 35.01 26.49 89.20
C GLN PB 471 36.10 25.44 89.09
N GLN PB 472 35.93 24.45 88.23
CA GLN PB 472 36.95 23.43 88.04
C GLN PB 472 38.16 24.01 87.33
N PRO PB 473 39.34 23.44 87.54
CA PRO PB 473 40.55 23.99 86.90
C PRO PB 473 40.50 23.98 85.38
N GLN PB 474 39.81 23.00 84.77
CA GLN PB 474 39.79 22.92 83.32
C GLN PB 474 39.04 24.09 82.70
N TYR PB 475 37.87 24.42 83.24
CA TYR PB 475 37.10 25.55 82.71
C TYR PB 475 37.82 26.87 82.94
N LYS PB 476 38.42 27.04 84.13
CA LYS PB 476 39.20 28.23 84.39
C LYS PB 476 40.37 28.36 83.41
N HIS PB 477 41.05 27.26 83.15
CA HIS PB 477 42.14 27.27 82.18
C HIS PB 477 41.64 27.62 80.78
N ALA PB 478 40.48 27.07 80.40
CA ALA PB 478 39.92 27.37 79.09
C ALA PB 478 39.62 28.85 78.94
N PHE PB 479 39.01 29.46 79.97
CA PHE PB 479 38.72 30.88 79.88
C PHE PB 479 39.98 31.72 79.91
N GLU PB 480 40.98 31.32 80.70
CA GLU PB 480 42.24 32.05 80.74
C GLU PB 480 42.93 32.04 79.38
N GLN PB 481 42.94 30.88 78.71
CA GLN PB 481 43.52 30.83 77.37
C GLN PB 481 42.64 31.56 76.36
N LEU PB 482 41.33 31.63 76.60
CA LEU PB 482 40.46 32.42 75.76
C LEU PB 482 40.84 33.90 75.82
N GLN PB 483 41.13 34.41 77.01
CA GLN PB 483 41.54 35.79 77.16
C GLN PB 483 42.98 36.03 76.72
N LYS PB 484 43.82 35.00 76.76
CA LYS PB 484 45.25 35.19 76.49
C LYS PB 484 45.50 35.58 75.04
N ASN PB 485 44.84 34.91 74.10
CA ASN PB 485 45.08 35.11 72.68
C ASN PB 485 44.00 35.94 72.01
N ILE PB 486 43.46 36.94 72.71
CA ILE PB 486 42.44 37.78 72.12
C ILE PB 486 43.02 38.65 71.01
N ALA PB 487 44.23 39.18 71.22
CA ALA PB 487 44.84 40.05 70.22
C ALA PB 487 45.14 39.30 68.94
N ILE PB 488 45.68 38.09 69.05
CA ILE PB 488 45.99 37.30 67.86
C ILE PB 488 44.72 36.83 67.17
N SER PB 489 43.75 36.36 67.94
CA SER PB 489 42.51 35.82 67.36
C SER PB 489 41.64 36.91 66.75
N SER PB 490 41.80 38.16 67.17
CA SER PB 490 41.00 39.24 66.59
C SER PB 490 41.43 39.60 65.18
N ASN PB 491 42.56 39.07 64.70
CA ASN PB 491 43.08 39.41 63.39
C ASN PB 491 42.63 38.46 62.29
N SER PB 492 41.86 37.43 62.60
CA SER PB 492 41.46 36.47 61.59
C SER PB 492 40.19 35.75 62.02
N GLY PB 493 39.40 35.32 61.05
CA GLY PB 493 38.22 34.54 61.33
C GLY PB 493 38.51 33.08 61.64
N ASN PB 494 39.71 32.61 61.31
CA ASN PB 494 40.09 31.24 61.63
C ASN PB 494 40.39 31.13 63.12
N ALA PB 495 39.80 30.13 63.77
CA ALA PB 495 39.97 29.97 65.20
C ALA PB 495 41.33 29.36 65.51
N LEU PB 496 41.76 29.55 66.75
CA LEU PB 496 43.02 29.02 67.26
C LEU PB 496 42.75 27.83 68.16
N HIS PB 497 43.82 27.21 68.66
CA HIS PB 497 43.66 26.09 69.58
C HIS PB 497 43.00 26.55 70.88
N SER PB 498 43.35 27.74 71.36
CA SER PB 498 42.73 28.27 72.57
C SER PB 498 41.24 28.52 72.36
N GLU PB 499 40.87 29.04 71.19
CA GLU PB 499 39.46 29.23 70.88
C GLU PB 499 38.73 27.89 70.78
N TYR PB 500 39.36 26.90 70.15
CA TYR PB 500 38.71 25.60 70.00
C TYR PB 500 38.62 24.83 71.31
N GLY PB 501 39.49 25.13 72.27
CA GLY PB 501 39.35 24.52 73.58
C GLY PB 501 38.07 24.94 74.28
N TYR PB 502 37.69 26.20 74.13
CA TYR PB 502 36.44 26.68 74.70
C TYR PB 502 35.24 26.13 73.94
N LEU PB 503 35.35 26.01 72.62
CA LEU PB 503 34.23 25.56 71.81
C LEU PB 503 33.94 24.08 72.01
N GLU PB 504 34.97 23.28 72.29
CA GLU PB 504 34.75 21.86 72.51
C GLU PB 504 33.95 21.59 73.78
N LEU PB 505 34.03 22.48 74.76
CA LEU PB 505 33.28 22.30 75.99
C LEU PB 505 31.80 22.62 75.83
N LEU PB 506 31.42 23.31 74.74
CA LEU PB 506 30.05 23.78 74.61
C LEU PB 506 29.06 22.62 74.45
N SER PB 507 29.42 21.60 73.68
CA SER PB 507 28.51 20.48 73.46
C SER PB 507 28.27 19.71 74.75
N ASN PB 508 29.35 19.34 75.45
CA ASN PB 508 29.19 18.63 76.72
C ASN PB 508 28.48 19.51 77.74
N GLU PB 509 28.74 20.81 77.72
CA GLU PB 509 28.05 21.71 78.65
C GLU PB 509 26.56 21.73 78.37
N SER PB 510 26.16 21.77 77.11
CA SER PB 510 24.73 21.75 76.78
C SER PB 510 24.09 20.43 77.17
N VAL PB 511 24.77 19.32 76.93
CA VAL PB 511 24.25 18.02 77.33
C VAL PB 511 24.07 17.96 78.84
N GLN PB 512 25.05 18.47 79.58
CA GLN PB 512 24.97 18.46 81.03
C GLN PB 512 23.88 19.40 81.54
N LEU PB 513 23.66 20.53 80.87
CA LEU PB 513 22.56 21.40 81.24
C LEU PB 513 21.22 20.71 81.05
N TYR PB 514 21.06 19.99 79.94
CA TYR PB 514 19.84 19.22 79.72
C TYR PB 514 19.66 18.16 80.80
N LYS PB 515 20.74 17.46 81.16
CA LYS PB 515 20.65 16.46 82.21
C LYS PB 515 20.27 17.08 83.55
N ASP PB 516 20.84 18.24 83.87
CA ASP PB 516 20.58 18.87 85.16
C ASP PB 516 19.16 19.39 85.25
N TYR PB 517 18.64 19.98 84.18
CA TYR PB 517 17.27 20.47 84.22
C TYR PB 517 16.27 19.32 84.32
N TYR PB 518 16.53 18.22 83.61
CA TYR PB 518 15.58 17.12 83.47
C TYR PB 518 16.08 15.85 84.15
N GLU PB 519 16.62 15.98 85.35
CA GLU PB 519 17.11 14.80 86.07
C GLU PB 519 15.99 14.09 86.81
N ASP PB 521 12.93 13.56 85.51
CA ASP PB 521 12.15 12.77 84.56
C ASP PB 521 12.70 11.35 84.43
N ALA PB 522 11.91 10.37 84.87
CA ALA PB 522 12.26 8.98 84.67
C ALA PB 522 11.99 8.51 83.24
N GLU PB 523 11.29 9.31 82.44
CA GLU PB 523 11.02 8.99 81.05
C GLU PB 523 12.09 9.54 80.11
N GLU PB 524 13.18 10.09 80.65
CA GLU PB 524 14.24 10.66 79.85
C GLU PB 524 15.41 9.69 79.79
N ASP PB 525 15.86 9.39 78.57
CA ASP PB 525 16.96 8.46 78.35
C ASP PB 525 18.19 9.25 77.90
N PHE PB 526 19.27 9.13 78.66
CA PHE PB 526 20.51 9.85 78.38
C PHE PB 526 21.52 9.02 77.59
N LYS PB 527 21.23 7.73 77.37
CA LYS PB 527 22.10 6.92 76.52
C LYS PB 527 22.14 7.46 75.10
N VAL PB 528 21.09 8.17 74.68
CA VAL PB 528 21.13 8.83 73.38
C VAL PB 528 22.14 9.98 73.39
N PHE PB 529 22.28 10.65 74.53
CA PHE PB 529 23.29 11.69 74.70
C PHE PB 529 24.68 11.13 74.90
N GLU PB 530 24.79 9.83 75.20
CA GLU PB 530 26.11 9.24 75.46
C GLU PB 530 27.04 9.42 74.26
N ASN PB 531 26.53 9.21 73.05
CA ASN PB 531 27.33 9.42 71.84
C ASN PB 531 26.47 10.12 70.79
N LEU PB 532 27.03 11.16 70.19
CA LEU PB 532 26.30 12.00 69.25
C LEU PB 532 27.10 12.17 67.97
N SER PB 533 26.39 12.49 66.89
CA SER PB 533 27.03 12.81 65.62
C SER PB 533 27.33 14.31 65.57
N SER PB 534 27.91 14.76 64.46
CA SER PB 534 28.24 16.17 64.33
C SER PB 534 26.99 17.05 64.30
N LYS PB 535 25.98 16.63 63.54
CA LYS PB 535 24.74 17.41 63.49
C LYS PB 535 24.06 17.46 64.85
N GLU PB 536 24.03 16.34 65.56
CA GLU PB 536 23.42 16.32 66.89
C GLU PB 536 24.20 17.18 67.87
N LYS PB 537 25.53 17.16 67.77
CA LYS PB 537 26.34 18.03 68.63
C LYS PB 537 26.07 19.50 68.35
N LEU PB 538 25.96 19.87 67.08
CA LEU PB 538 25.64 21.26 66.74
C LEU PB 538 24.26 21.64 67.26
N VAL PB 539 23.29 20.74 67.13
CA VAL PB 539 21.93 21.00 67.62
C VAL PB 539 21.95 21.24 69.12
N MET PB 540 22.70 20.41 69.86
CA MET PB 540 22.80 20.61 71.30
C MET PB 540 23.51 21.91 71.63
N ILE PB 541 24.57 22.25 70.88
CA ILE PB 541 25.29 23.50 71.12
C ILE PB 541 24.40 24.70 70.92
N ALA PB 542 23.45 24.62 69.99
CA ALA PB 542 22.55 25.75 69.73
C ALA PB 542 21.86 26.22 71.00
N ASN PB 543 21.48 25.30 71.88
CA ASN PB 543 20.85 25.64 73.15
C ASN PB 543 21.88 25.65 74.28
N PHE PB 544 22.85 26.55 74.16
CA PHE PB 544 23.87 26.74 75.19
C PHE PB 544 23.76 28.14 75.75
N GLU PB 545 23.78 28.25 77.08
CA GLU PB 545 23.73 29.53 77.76
C GLU PB 545 24.77 29.55 78.87
N ASN PB 546 25.49 30.66 78.98
CA ASN PB 546 26.46 30.87 80.05
C ASN PB 546 25.76 31.70 81.12
N ASN PB 547 25.38 31.05 82.22
CA ASN PB 547 24.60 31.72 83.25
C ASN PB 547 25.45 32.51 84.23
N LEU PB 548 26.76 32.48 84.09
CA LEU PB 548 27.66 33.30 84.91
C LEU PB 548 28.06 34.59 84.23
N LEU PB 549 27.55 34.86 83.04
CA LEU PB 549 27.83 36.12 82.37
C LEU PB 549 27.02 37.25 83.02
N PRO PB 550 27.48 38.49 82.90
CA PRO PB 550 26.67 39.63 83.32
C PRO PB 550 25.43 39.74 82.44
N LYS PB 551 24.26 39.60 83.06
CA LYS PB 551 23.02 39.57 82.30
C LYS PB 551 22.61 40.93 81.74
N TYR PB 552 23.21 42.02 82.22
CA TYR PB 552 22.81 43.34 81.78
C TYR PB 552 23.46 43.67 80.43
N ASP PB 553 23.09 44.83 79.90
CA ASP PB 553 23.61 45.28 78.61
C ASP PB 553 25.08 45.68 78.76
N ARG PB 554 25.90 45.24 77.81
CA ARG PB 554 27.33 45.51 77.83
C ARG PB 554 27.74 46.68 76.95
N SER PB 555 26.78 47.38 76.35
CA SER PB 555 27.10 48.52 75.49
C SER PB 555 27.66 49.67 76.31
N GLU PB 556 28.71 50.30 75.79
CA GLU PB 556 29.42 51.37 76.50
C GLU PB 556 29.86 52.43 75.51
N VAL PB 557 30.25 53.58 76.05
CA VAL PB 557 30.83 54.68 75.28
C VAL PB 557 32.30 54.81 75.67
N HIS PB 558 33.17 54.76 74.67
CA HIS PB 558 34.62 54.90 74.87
C HIS PB 558 35.11 56.12 74.13
N LEU PB 559 35.83 56.99 74.82
CA LEU PB 559 36.28 58.25 74.26
C LEU PB 559 37.72 58.11 73.80
N ILE PB 560 37.95 58.32 72.52
CA ILE PB 560 39.29 58.29 71.92
C ILE PB 560 39.73 59.73 71.67
N PRO PB 561 40.90 60.13 72.15
CA PRO PB 561 41.32 61.53 71.95
C PRO PB 561 41.40 61.89 70.48
N LYS PB 562 40.98 63.12 70.16
CA LYS PB 562 40.94 63.62 68.80
C LYS PB 562 42.05 64.62 68.58
N ARG PB 563 42.70 64.53 67.43
CA ARG PB 563 43.73 65.49 67.04
C ARG PB 563 43.08 66.72 66.43
N GLN PB 564 43.49 67.90 66.91
CA GLN PB 564 42.97 69.16 66.41
C GLN PB 564 43.82 69.66 65.26
N TRP PB 565 43.16 70.16 64.23
CA TRP PB 565 43.89 70.63 63.04
C TRP PB 565 44.80 71.80 63.39
N GLU PB 566 46.03 71.74 62.92
CA GLU PB 566 46.99 72.80 63.16
C GLU PB 566 46.80 73.91 62.14
N PRO PB 567 46.55 75.15 62.55
CA PRO PB 567 46.43 76.24 61.57
C PRO PB 567 47.71 76.50 60.80
N ALA PB 568 48.88 76.17 61.38
CA ALA PB 568 50.13 76.37 60.68
C ALA PB 568 50.24 75.47 59.45
N PHE PB 569 49.81 74.22 59.56
CA PHE PB 569 49.92 73.27 58.47
C PHE PB 569 48.84 73.52 57.43
N GLY PB 570 49.04 72.95 56.25
CA GLY PB 570 48.07 73.04 55.18
C GLY PB 570 47.08 71.88 55.21
N VAL PB 571 46.20 71.88 54.21
CA VAL PB 571 45.18 70.83 54.13
C VAL PB 571 45.83 69.47 53.96
N TRP PB 572 46.78 69.36 53.04
CA TRP PB 572 47.42 68.06 52.79
C TRP PB 572 48.25 67.60 53.97
N GLU PB 573 48.98 68.51 54.61
CA GLU PB 573 49.77 68.12 55.77
C GLU PB 573 48.89 67.68 56.93
N ASN PB 574 47.80 68.41 57.18
CA ASN PB 574 46.87 68.00 58.23
C ASN PB 574 46.21 66.67 57.90
N PHE PB 575 45.87 66.45 56.64
CA PHE PB 575 45.28 65.19 56.23
C PHE PB 575 46.24 64.03 56.44
N LEU PB 576 47.52 64.23 56.10
CA LEU PB 576 48.52 63.19 56.33
C LEU PB 576 48.70 62.93 57.81
N TYR PB 577 48.71 63.97 58.63
CA TYR PB 577 48.82 63.78 60.07
C TYR PB 577 47.61 63.01 60.61
N ASP PB 578 46.41 63.33 60.13
CA ASP PB 578 45.21 62.61 60.56
C ASP PB 578 45.25 61.15 60.14
N ILE PB 579 45.71 60.88 58.92
CA ILE PB 579 45.80 59.49 58.46
C ILE PB 579 46.81 58.72 59.29
N THR PB 580 47.95 59.35 59.60
CA THR PB 580 48.95 58.69 60.44
C THR PB 580 48.41 58.43 61.84
N GLU PB 581 47.67 59.39 62.40
CA GLU PB 581 47.09 59.20 63.72
C GLU PB 581 46.05 58.09 63.72
N TYR PB 582 45.23 58.02 62.67
CA TYR PB 582 44.22 56.98 62.57
C TYR PB 582 44.86 55.61 62.44
N ALA PB 583 45.83 55.47 61.54
CA ALA PB 583 46.44 54.17 61.29
C ALA PB 583 47.32 53.69 62.43
N SER PB 584 47.74 54.58 63.32
CA SER PB 584 48.64 54.22 64.42
C SER PB 584 47.97 54.20 65.78
N PHE PB 585 46.99 55.07 66.02
CA PHE PB 585 46.35 55.16 67.33
C PHE PB 585 44.86 54.85 67.28
N ILE PB 586 44.11 55.52 66.42
CA ILE PB 586 42.65 55.39 66.43
C ILE PB 586 42.23 53.99 66.00
N ALA PB 587 42.81 53.47 64.93
CA ALA PB 587 42.46 52.12 64.48
C ALA PB 587 42.83 51.06 65.50
N PRO PB 588 44.04 51.03 66.07
CA PRO PB 588 44.31 50.04 67.13
C PRO PB 588 43.41 50.21 68.34
N ARG PB 589 43.09 51.45 68.73
CA ARG PB 589 42.19 51.64 69.87
C ARG PB 589 40.80 51.07 69.57
N GLY PB 590 40.28 51.35 68.38
CA GLY PB 590 38.98 50.81 68.02
C GLY PB 590 38.97 49.30 67.93
N LYS PB 591 40.03 48.72 67.36
CA LYS PB 591 40.12 47.26 67.30
C LYS PB 591 40.16 46.66 68.69
N GLU PB 592 40.94 47.25 69.59
CA GLU PB 592 41.01 46.73 70.96
C GLU PB 592 39.66 46.86 71.66
N ILE PB 593 38.98 47.99 71.48
CA ILE PB 593 37.69 48.18 72.15
C ILE PB 593 36.67 47.16 71.65
N ALA PB 594 36.60 46.98 70.33
CA ALA PB 594 35.62 46.05 69.77
C ALA PB 594 35.94 44.61 70.14
N ALA PB 595 37.23 44.23 70.10
CA ALA PB 595 37.59 42.87 70.51
C ALA PB 595 37.30 42.65 71.98
N ASP PB 596 37.54 43.66 72.83
CA ASP PB 596 37.22 43.53 74.24
C ASP PB 596 35.72 43.38 74.46
N TYR PB 597 34.91 44.11 73.68
CA TYR PB 597 33.47 43.93 73.77
C TYR PB 597 33.06 42.52 73.38
N GLN PB 598 33.66 41.98 72.32
CA GLN PB 598 33.30 40.64 71.89
C GLN PB 598 33.72 39.58 72.90
N ILE PB 599 34.93 39.69 73.45
CA ILE PB 599 35.42 38.66 74.36
C ILE PB 599 34.71 38.73 75.71
N GLN PB 600 34.42 39.94 76.19
CA GLN PB 600 33.79 40.09 77.50
C GLN PB 600 32.38 39.50 77.56
N SER PB 601 31.77 39.21 76.41
CA SER PB 601 30.48 38.55 76.36
C SER PB 601 30.61 37.03 76.40
N ALA PB 602 31.78 36.51 76.71
CA ALA PB 602 32.01 35.07 76.80
C ALA PB 602 32.63 34.66 78.12
N ILE PB 603 33.51 35.47 78.69
CA ILE PB 603 34.19 35.10 79.93
C ILE PB 603 33.22 35.30 81.10
N PRO PB 604 33.07 34.32 81.97
CA PRO PB 604 32.08 34.43 83.06
C PRO PB 604 32.65 35.15 84.27
N LEU PB 605 31.73 35.58 85.14
CA LEU PB 605 32.12 36.12 86.43
C LEU PB 605 32.51 35.00 87.37
N THR PB 606 33.53 35.25 88.20
CA THR PB 606 33.94 34.25 89.16
C THR PB 606 32.91 34.14 90.28
N LYS PB 607 33.04 33.08 91.08
CA LYS PB 607 32.14 32.89 92.21
C LYS PB 607 32.26 34.05 93.19
N GLU PB 608 33.48 34.53 93.42
CA GLU PB 608 33.68 35.66 94.31
C GLU PB 608 32.98 36.91 93.79
N GLU PB 609 33.07 37.18 92.49
CA GLU PB 609 32.38 38.33 91.91
C GLU PB 609 30.86 38.17 92.01
N LEU PB 610 30.36 36.96 91.77
CA LEU PB 610 28.93 36.72 91.88
C LEU PB 610 28.43 36.94 93.31
N ILE PB 611 29.21 36.48 94.29
CA ILE PB 611 28.83 36.69 95.69
C ILE PB 611 28.91 38.16 96.06
N GLU PB 612 29.95 38.86 95.59
CA GLU PB 612 30.09 40.28 95.88
C GLU PB 612 28.95 41.08 95.30
N ALA PB 613 28.55 40.78 94.06
CA ALA PB 613 27.42 41.48 93.44
C ALA PB 613 26.08 41.02 93.98
N GLY PB 614 26.05 39.99 94.82
CA GLY PB 614 24.79 39.49 95.34
C GLY PB 614 23.99 38.67 94.35
N LEU PB 615 24.63 38.14 93.33
CA LEU PB 615 23.95 37.38 92.29
C LEU PB 615 23.94 35.88 92.56
N TYR PB 616 24.57 35.42 93.64
CA TYR PB 616 24.65 33.99 93.91
C TYR PB 616 24.71 33.76 95.40
N LYS PB 617 23.84 32.87 95.88
CA LYS PB 617 23.80 32.46 97.29
C LYS PB 617 23.75 33.65 98.25
N MET QB 1 23.55 11.73 41.00
CA MET QB 1 24.37 12.64 40.22
C MET QB 1 23.59 13.90 39.85
N ILE QB 2 22.95 13.87 38.68
CA ILE QB 2 22.20 15.03 38.23
C ILE QB 2 20.97 15.25 39.09
N TRP QB 3 20.32 14.17 39.52
CA TRP QB 3 19.12 14.29 40.35
C TRP QB 3 19.41 14.88 41.73
N LYS QB 4 20.65 14.79 42.21
CA LYS QB 4 20.97 15.32 43.53
C LYS QB 4 20.81 16.82 43.58
N TYR QB 5 21.22 17.53 42.52
CA TYR QB 5 21.11 18.99 42.48
C TYR QB 5 20.19 19.46 41.35
N LEU QB 6 19.35 18.57 40.82
CA LEU QB 6 18.40 18.95 39.79
C LEU QB 6 17.00 18.53 40.18
N GLN QB 7 16.88 17.45 40.94
CA GLN QB 7 15.59 16.92 41.35
C GLN QB 7 15.36 17.01 42.86
N ARG QB 8 16.42 17.00 43.66
CA ARG QB 8 16.30 17.07 45.11
C ARG QB 8 16.11 18.53 45.50
N THR QB 9 14.88 18.89 45.85
CA THR QB 9 14.55 20.28 46.15
C THR QB 9 15.24 20.72 47.44
N ASN QB 10 15.65 21.98 47.47
CA ASN QB 10 16.31 22.53 48.64
C ASN QB 10 15.33 22.65 49.81
N ARG QB 11 15.88 22.64 51.02
CA ARG QB 11 15.05 22.72 52.22
C ARG QB 11 14.33 24.06 52.31
N GLY QB 12 15.02 25.15 51.98
CA GLY QB 12 14.43 26.47 52.14
C GLY QB 12 13.21 26.71 51.28
N ASN QB 13 13.17 26.10 50.09
CA ASN QB 13 12.05 26.29 49.17
C ASN QB 13 10.77 25.63 49.68
N ILE QB 14 10.85 24.80 50.71
CA ILE QB 14 9.71 24.03 51.21
C ILE QB 14 9.18 24.60 52.52
N ILE QB 15 10.03 24.65 53.55
CA ILE QB 15 9.55 25.08 54.86
C ILE QB 15 9.35 26.60 54.88
N GLN QB 16 8.59 27.04 55.87
CA GLN QB 16 8.36 28.46 56.06
C GLN QB 16 9.64 29.15 56.51
N ALA QB 17 9.88 30.34 55.97
CA ALA QB 17 11.08 31.09 56.31
C ALA QB 17 11.02 31.56 57.75
N GLY QB 18 12.18 31.55 58.41
CA GLY QB 18 12.27 32.05 59.77
C GLY QB 18 12.54 33.54 59.81
N LEU QB 19 12.40 34.11 61.00
CA LEU QB 19 12.64 35.53 61.19
C LEU QB 19 14.12 35.84 61.01
N GLN QB 20 14.42 36.87 60.23
CA GLN QB 20 15.81 37.31 60.04
C GLN QB 20 16.20 38.15 61.24
N HIS QB 21 16.91 37.53 62.19
CA HIS QB 21 17.24 38.21 63.44
C HIS QB 21 18.29 39.30 63.25
N ARG QB 22 19.03 39.29 62.13
CA ARG QB 22 20.03 40.31 61.90
C ARG QB 22 19.41 41.69 61.76
N LYS QB 23 18.19 41.77 61.26
CA LYS QB 23 17.55 43.03 60.94
C LYS QB 23 16.78 43.62 62.12
N PHE QB 24 16.79 42.98 63.28
CA PHE QB 24 16.15 43.52 64.47
C PHE QB 24 17.11 43.71 65.63
N GLU QB 25 18.41 43.52 65.41
CA GLU QB 25 19.36 43.63 66.51
C GLU QB 25 19.77 45.08 66.77
N ASN QB 26 20.41 45.71 65.79
CA ASN QB 26 20.92 47.08 65.94
C ASN QB 26 19.96 48.02 65.23
N LEU QB 27 18.99 48.52 65.97
CA LEU QB 27 18.04 49.43 65.35
C LEU QB 27 18.37 50.88 65.69
N PRO QB 28 18.17 51.80 64.75
CA PRO QB 28 18.39 53.21 65.06
C PRO QB 28 17.43 53.70 66.12
N PHE QB 29 17.89 54.66 66.92
CA PHE QB 29 17.09 55.24 68.00
C PHE QB 29 16.11 56.27 67.44
N LYS QB 30 15.25 55.80 66.53
CA LYS QB 30 14.30 56.66 65.85
C LYS QB 30 13.02 55.90 65.58
N GLN QB 31 11.92 56.65 65.49
CA GLN QB 31 10.65 56.11 65.00
C GLN QB 31 10.50 56.41 63.51
N ASN QB 32 11.47 55.97 62.74
CA ASN QB 32 11.52 56.28 61.32
C ASN QB 32 10.68 55.27 60.54
N PHE QB 33 10.67 55.46 59.21
CA PHE QB 33 9.86 54.61 58.35
C PHE QB 33 10.32 53.15 58.43
N ASP QB 34 11.63 52.93 58.53
CA ASP QB 34 12.14 51.57 58.59
C ASP QB 34 11.65 50.84 59.84
N ASN QB 35 11.78 51.48 61.01
CA ASN QB 35 11.34 50.86 62.26
C ASN QB 35 9.83 50.67 62.28
N LEU QB 36 9.07 51.66 61.81
CA LEU QB 36 7.63 51.52 61.78
C LEU QB 36 7.21 50.39 60.85
N THR QB 37 7.87 50.26 59.69
CA THR QB 37 7.56 49.18 58.78
C THR QB 37 7.91 47.82 59.39
N LYS QB 38 9.03 47.75 60.11
CA LYS QB 38 9.37 46.49 60.78
C LYS QB 38 8.32 46.10 61.80
N ALA QB 39 7.86 47.05 62.61
CA ALA QB 39 6.82 46.75 63.59
C ALA QB 39 5.52 46.32 62.91
N TYR QB 40 5.13 47.03 61.85
CA TYR QB 40 3.91 46.67 61.13
C TYR QB 40 4.00 45.28 60.55
N ASP QB 41 5.14 44.95 59.94
CA ASP QB 41 5.32 43.62 59.35
C ASP QB 41 5.29 42.54 60.41
N LEU QB 42 5.95 42.78 61.55
CA LEU QB 42 5.94 41.80 62.63
C LEU QB 42 4.52 41.51 63.09
N ARG QB 43 3.75 42.56 63.36
CA ARG QB 43 2.40 42.35 63.87
C ARG QB 43 1.48 41.72 62.83
N MET QB 44 1.63 42.12 61.56
CA MET QB 44 0.81 41.53 60.51
C MET QB 44 1.11 40.05 60.34
N TRP QB 45 2.39 39.68 60.34
CA TRP QB 45 2.73 38.26 60.25
C TRP QB 45 2.22 37.50 61.45
N TYR QB 46 2.30 38.09 62.65
CA TYR QB 46 1.81 37.41 63.83
C TYR QB 46 0.31 37.14 63.72
N ILE QB 47 -0.48 38.17 63.41
CA ILE QB 47 -1.92 37.95 63.32
C ILE QB 47 -2.27 37.05 62.15
N SER QB 48 -1.39 36.91 61.17
CA SER QB 48 -1.65 35.98 60.07
C SER QB 48 -1.37 34.53 60.42
N ASN QB 49 -0.65 34.27 61.52
CA ASN QB 49 -0.22 32.90 61.83
C ASN QB 49 -0.34 32.54 63.30
N SER QB 50 -1.19 33.22 64.07
CA SER QB 50 -1.24 32.97 65.51
C SER QB 50 -2.63 32.52 65.92
N PRO QB 51 -2.76 31.42 66.65
CA PRO QB 51 -4.07 30.99 67.16
C PRO QB 51 -4.53 31.71 68.41
N HIS QB 52 -3.80 32.72 68.88
CA HIS QB 52 -4.09 33.39 70.14
C HIS QB 52 -4.82 34.70 69.85
N GLU QB 53 -6.10 34.77 70.23
CA GLU QB 53 -6.95 35.88 69.82
C GLU QB 53 -6.70 37.16 70.61
N ALA QB 54 -6.32 37.06 71.89
CA ALA QB 54 -6.09 38.27 72.68
C ALA QB 54 -4.91 39.07 72.13
N LYS QB 55 -3.78 38.40 71.93
CA LYS QB 55 -2.63 39.05 71.32
C LYS QB 55 -2.94 39.51 69.91
N ASN QB 56 -3.75 38.74 69.18
CA ASN QB 56 -4.11 39.14 67.82
C ASN QB 56 -4.89 40.44 67.81
N LEU QB 57 -5.82 40.63 68.75
CA LEU QB 57 -6.61 41.85 68.77
C LEU QB 57 -5.78 43.04 69.26
N GLU QB 58 -4.91 42.81 70.24
CA GLU QB 58 -3.97 43.85 70.63
C GLU QB 58 -3.12 44.29 69.44
N TYR QB 59 -2.62 43.33 68.68
CA TYR QB 59 -1.82 43.65 67.50
C TYR QB 59 -2.64 44.32 66.43
N VAL QB 60 -3.94 44.02 66.34
CA VAL QB 60 -4.80 44.70 65.37
C VAL QB 60 -4.89 46.19 65.70
N ASN QB 61 -5.12 46.51 66.98
CA ASN QB 61 -5.16 47.92 67.37
C ASN QB 61 -3.83 48.61 67.10
N GLU QB 62 -2.73 47.96 67.48
CA GLU QB 62 -1.41 48.54 67.26
C GLU QB 62 -1.11 48.67 65.77
N LEU QB 63 -1.64 47.76 64.95
CA LEU QB 63 -1.45 47.84 63.51
C LEU QB 63 -2.19 49.02 62.91
N GLU QB 64 -3.39 49.32 63.41
CA GLU QB 64 -4.09 50.51 62.93
C GLU QB 64 -3.31 51.77 63.29
N ALA QB 65 -2.79 51.84 64.52
CA ALA QB 65 -1.98 53.00 64.89
C ALA QB 65 -0.73 53.11 63.99
N LEU QB 66 -0.07 51.98 63.73
CA LEU QB 66 1.10 51.98 62.86
C LEU QB 66 0.76 52.37 61.45
N HIS QB 67 -0.43 51.98 60.97
CA HIS QB 67 -0.86 52.39 59.64
C HIS QB 67 -0.98 53.90 59.56
N ASN QB 68 -1.58 54.52 60.58
CA ASN QB 68 -1.68 55.98 60.58
C ASN QB 68 -0.30 56.64 60.59
N GLU QB 69 0.61 56.14 61.44
CA GLU QB 69 1.93 56.75 61.52
C GLU QB 69 2.73 56.57 60.23
N LEU QB 70 2.62 55.41 59.60
CA LEU QB 70 3.28 55.17 58.32
C LEU QB 70 2.68 56.03 57.22
N ASN QB 71 1.36 56.29 57.27
CA ASN QB 71 0.78 57.24 56.34
C ASN QB 71 1.39 58.63 56.51
N TYR QB 72 1.62 59.05 57.75
CA TYR QB 72 2.25 60.35 57.97
C TYR QB 72 3.66 60.38 57.40
N GLN QB 73 4.45 59.34 57.67
CA GLN QB 73 5.82 59.30 57.16
C GLN QB 73 5.84 59.30 55.64
N ASN QB 74 4.93 58.55 55.02
CA ASN QB 74 4.84 58.53 53.57
C ASN QB 74 4.39 59.87 53.02
N SER QB 75 3.54 60.60 53.74
CA SER QB 75 3.16 61.94 53.30
C SER QB 75 4.38 62.86 53.27
N ARG QB 76 5.22 62.78 54.30
CA ARG QB 76 6.44 63.57 54.30
C ARG QB 76 7.34 63.20 53.12
N GLN QB 77 7.53 61.90 52.90
CA GLN QB 77 8.37 61.45 51.79
C GLN QB 77 7.81 61.92 50.45
N PHE QB 78 6.49 61.79 50.25
CA PHE QB 78 5.86 62.20 49.01
C PHE QB 78 6.05 63.69 48.78
N LEU QB 79 5.80 64.50 49.82
CA LEU QB 79 5.97 65.94 49.68
C LEU QB 79 7.39 66.29 49.26
N PHE QB 80 8.38 65.78 50.01
CA PHE QB 80 9.76 66.16 49.72
C PHE QB 80 10.18 65.70 48.33
N ARG QB 81 9.93 64.43 48.00
CA ARG QB 81 10.38 63.89 46.73
C ARG QB 81 9.68 64.57 45.55
N THR QB 82 8.36 64.78 45.63
CA THR QB 82 7.66 65.37 44.49
C THR QB 82 7.99 66.85 44.34
N VAL QB 83 8.16 67.57 45.44
CA VAL QB 83 8.57 68.97 45.33
C VAL QB 83 9.96 69.07 44.72
N SER QB 84 10.87 68.19 45.15
CA SER QB 84 12.20 68.17 44.53
C SER QB 84 12.12 67.85 43.05
N PHE QB 85 11.26 66.90 42.68
CA PHE QB 85 11.11 66.53 41.27
C PHE QB 85 10.58 67.70 40.44
N LEU QB 86 9.56 68.39 40.94
CA LEU QB 86 9.00 69.52 40.21
C LEU QB 86 10.00 70.66 40.09
N LEU QB 87 10.73 70.96 41.17
CA LEU QB 87 11.73 72.02 41.10
C LEU QB 87 12.86 71.65 40.16
N GLY QB 88 13.30 70.39 40.16
CA GLY QB 88 14.33 69.97 39.23
C GLY QB 88 13.86 70.01 37.79
N TRP QB 89 12.61 69.65 37.55
CA TRP QB 89 12.02 69.75 36.22
C TRP QB 89 12.04 71.20 35.73
N ALA QB 90 11.56 72.12 36.58
CA ALA QB 90 11.52 73.53 36.21
C ALA QB 90 12.93 74.08 35.98
N LEU QB 91 13.88 73.73 36.86
CA LEU QB 91 15.24 74.21 36.69
C LEU QB 91 15.89 73.66 35.44
N PHE QB 92 15.66 72.37 35.14
CA PHE QB 92 16.20 71.78 33.93
C PHE QB 92 15.70 72.52 32.70
N TYR QB 93 14.39 72.74 32.62
CA TYR QB 93 13.88 73.45 31.45
C TYR QB 93 14.23 74.93 31.48
N GLN QB 94 14.62 75.46 32.63
CA GLN QB 94 15.11 76.83 32.69
C GLN QB 94 16.52 76.93 32.10
N PHE QB 95 17.35 75.93 32.35
CA PHE QB 95 18.73 75.95 31.87
C PHE QB 95 18.90 75.25 30.53
N TYR QB 96 18.01 74.31 30.19
CA TYR QB 96 18.11 73.61 28.91
C TYR QB 96 17.85 74.55 27.75
N GLU QB 97 18.70 74.46 26.73
CA GLU QB 97 18.54 75.25 25.51
C GLU QB 97 17.59 74.49 24.59
N LEU QB 98 16.33 74.87 24.60
CA LEU QB 98 15.32 74.15 23.84
C LEU QB 98 15.61 74.24 22.35
N PRO QB 99 15.65 73.13 21.63
CA PRO QB 99 15.81 73.20 20.18
C PRO QB 99 14.59 73.77 19.50
N LYS QB 100 14.71 74.99 18.97
CA LYS QB 100 13.65 75.64 18.23
C LYS QB 100 13.87 75.54 16.73
N THR QB 101 14.81 74.69 16.29
CA THR QB 101 15.17 74.56 14.89
C THR QB 101 14.52 73.35 14.22
N TYR QB 102 13.28 73.04 14.61
CA TYR QB 102 12.59 71.92 13.98
C TYR QB 102 11.92 72.36 12.69
N ASP QB 103 11.68 71.38 11.82
CA ASP QB 103 11.11 71.66 10.51
C ASP QB 103 9.69 72.19 10.65
N TRP QB 104 9.37 73.21 9.85
CA TRP QB 104 8.07 73.87 9.92
C TRP QB 104 7.21 73.58 8.69
N GLN QB 105 7.48 72.48 7.98
CA GLN QB 105 6.70 72.16 6.79
C GLN QB 105 5.25 71.84 7.13
N ASP QB 106 4.99 71.33 8.34
CA ASP QB 106 3.64 70.91 8.69
C ASP QB 106 2.67 72.09 8.72
N THR QB 107 3.14 73.26 9.11
CA THR QB 107 2.27 74.44 9.18
C THR QB 107 1.95 75.00 7.80
N GLN QB 108 2.75 74.68 6.78
CA GLN QB 108 2.61 75.27 5.47
C GLN QB 108 1.92 74.28 4.53
N GLU QB 109 0.81 74.70 3.94
CA GLU QB 109 0.09 73.93 2.93
C GLU QB 109 -0.21 74.86 1.77
N PRO QB 110 0.72 75.02 0.83
CA PRO QB 110 0.55 76.03 -0.22
C PRO QB 110 -0.68 75.84 -1.08
N LYS QB 111 -1.16 74.61 -1.27
CA LYS QB 111 -2.39 74.42 -2.03
C LYS QB 111 -3.59 74.95 -1.27
N HIS QB 112 -3.54 74.98 0.05
CA HIS QB 112 -4.64 75.47 0.88
C HIS QB 112 -4.45 76.92 1.31
N GLN QB 113 -3.22 77.35 1.56
CA GLN QB 113 -2.99 78.74 1.95
C GLN QB 113 -3.39 79.70 0.83
N VAL QB 114 -3.02 79.38 -0.40
CA VAL QB 114 -3.52 80.05 -1.59
C VAL QB 114 -4.27 79.02 -2.41
N PRO QB 115 -5.60 78.99 -2.31
CA PRO QB 115 -6.38 77.90 -2.91
C PRO QB 115 -6.10 77.76 -4.40
N ALA QB 116 -5.54 76.60 -4.76
CA ALA QB 116 -5.16 76.37 -6.15
C ALA QB 116 -6.37 76.27 -7.07
N TYR QB 117 -7.52 75.87 -6.54
CA TYR QB 117 -8.74 75.75 -7.31
C TYR QB 117 -9.58 77.01 -7.28
N GLY QB 118 -8.96 78.18 -7.09
CA GLY QB 118 -9.73 79.41 -6.99
C GLY QB 118 -10.57 79.63 -8.23
N ASP QB 119 -11.77 80.18 -8.01
CA ASP QB 119 -12.79 80.47 -9.01
C ASP QB 119 -13.43 79.19 -9.56
N LEU QB 120 -12.95 78.02 -9.18
CA LEU QB 120 -13.53 76.75 -9.62
C LEU QB 120 -14.18 75.98 -8.47
N GLU QB 121 -13.90 76.33 -7.22
CA GLU QB 121 -14.56 75.68 -6.10
C GLU QB 121 -16.07 75.86 -6.20
N GLU QB 122 -16.52 77.07 -6.51
CA GLU QB 122 -17.90 77.27 -6.90
C GLU QB 122 -18.13 76.67 -8.29
N GLY QB 123 -19.26 76.00 -8.47
CA GLY QB 123 -19.52 75.29 -9.71
C GLY QB 123 -19.50 76.17 -10.94
N GLY QB 124 -18.45 76.04 -11.75
CA GLY QB 124 -18.35 76.80 -12.97
C GLY QB 124 -17.67 76.05 -14.09
N ASP QB 125 -18.34 75.92 -15.22
CA ASP QB 125 -17.80 75.22 -16.38
C ASP QB 125 -18.36 75.79 -17.68
N LEU RB 10 -15.27 21.32 -66.46
CA LEU RB 10 -15.02 22.70 -66.08
C LEU RB 10 -13.67 23.17 -66.61
N PRO RB 11 -13.65 24.32 -67.27
CA PRO RB 11 -12.39 24.86 -67.78
C PRO RB 11 -11.47 25.28 -66.64
N ALA RB 12 -10.17 25.30 -66.95
CA ALA RB 12 -9.18 25.70 -65.95
C ALA RB 12 -9.32 27.15 -65.54
N ASP RB 13 -10.03 27.96 -66.32
CA ASP RB 13 -10.25 29.36 -66.01
C ASP RB 13 -11.60 29.63 -65.35
N TYR RB 14 -12.27 28.58 -64.86
CA TYR RB 14 -13.54 28.77 -64.19
C TYR RB 14 -13.36 29.62 -62.94
N GLY RB 15 -14.23 30.61 -62.78
CA GLY RB 15 -14.13 31.55 -61.69
C GLY RB 15 -13.34 32.81 -62.00
N LYS RB 16 -12.52 32.78 -63.05
CA LYS RB 16 -11.77 33.96 -63.46
C LYS RB 16 -12.70 34.93 -64.17
N MET RB 17 -12.72 36.17 -63.72
CA MET RB 17 -13.62 37.15 -64.29
C MET RB 17 -13.19 37.46 -65.73
N PRO RB 18 -14.09 37.32 -66.71
CA PRO RB 18 -13.71 37.63 -68.09
C PRO RB 18 -13.34 39.10 -68.24
N ALA RB 19 -12.47 39.37 -69.20
CA ALA RB 19 -12.00 40.73 -69.42
C ALA RB 19 -13.16 41.63 -69.82
N GLY RB 20 -13.20 42.82 -69.25
CA GLY RB 20 -14.26 43.77 -69.53
C GLY RB 20 -15.63 43.32 -69.05
N TYR RB 21 -15.71 42.76 -67.84
CA TYR RB 21 -16.99 42.36 -67.27
C TYR RB 21 -17.63 43.57 -66.60
N ASN RB 22 -18.80 43.96 -67.08
CA ASN RB 22 -19.46 45.18 -66.64
C ASN RB 22 -20.46 44.96 -65.52
N PHE RB 23 -20.66 43.71 -65.07
CA PHE RB 23 -21.60 43.38 -64.00
C PHE RB 23 -23.02 43.80 -64.34
N LEU RB 24 -23.35 43.82 -65.64
CA LEU RB 24 -24.65 44.30 -66.09
C LEU RB 24 -25.60 43.13 -66.35
N THR RB 25 -26.85 43.30 -65.92
CA THR RB 25 -27.88 42.28 -66.07
C THR RB 25 -28.93 42.68 -67.10
N ARG RB 26 -28.60 43.61 -67.98
CA ARG RB 26 -29.59 44.10 -68.94
C ARG RB 26 -29.90 43.05 -69.99
N GLY RB 27 -31.18 42.93 -70.34
CA GLY RB 27 -31.60 41.96 -71.34
C GLY RB 27 -31.33 40.53 -70.95
N LYS RB 28 -31.61 40.17 -69.71
CA LYS RB 28 -31.25 38.87 -69.16
C LYS RB 28 -32.51 38.06 -68.88
N ASP RB 29 -32.45 36.76 -69.16
CA ASP RB 29 -33.55 35.85 -68.89
C ASP RB 29 -33.55 35.49 -67.42
N TRP RB 30 -34.58 35.92 -66.69
CA TRP RB 30 -34.69 35.64 -65.26
C TRP RB 30 -35.56 34.43 -64.97
N ARG RB 31 -36.01 33.71 -66.00
CA ARG RB 31 -36.86 32.54 -65.80
C ARG RB 31 -36.07 31.28 -65.52
N GLU RB 32 -34.73 31.34 -65.55
CA GLU RB 32 -33.91 30.18 -65.26
C GLU RB 32 -33.59 30.03 -63.78
N TYR RB 33 -33.80 31.07 -62.99
CA TYR RB 33 -33.50 31.04 -61.56
C TYR RB 33 -34.71 30.70 -60.70
N ASP RB 34 -35.85 30.40 -61.32
CA ASP RB 34 -37.07 30.15 -60.56
C ASP RB 34 -36.96 28.93 -59.65
N LYS RB 35 -36.04 28.02 -59.94
CA LYS RB 35 -35.84 26.83 -59.12
C LYS RB 35 -34.75 27.00 -58.07
N ASP RB 36 -34.15 28.18 -57.97
CA ASP RB 36 -33.10 28.44 -57.00
C ASP RB 36 -33.60 29.17 -55.76
N PHE RB 37 -34.89 29.48 -55.69
CA PHE RB 37 -35.46 30.12 -54.51
C PHE RB 37 -36.89 29.65 -54.33
N ILE RB 38 -37.38 29.75 -53.09
CA ILE RB 38 -38.73 29.34 -52.74
C ILE RB 38 -39.46 30.52 -52.12
N LEU RB 39 -40.63 30.85 -52.66
CA LEU RB 39 -41.52 31.85 -52.09
C LEU RB 39 -42.75 31.14 -51.55
N ARG RB 40 -43.10 31.43 -50.30
CA ARG RB 40 -44.25 30.77 -49.69
C ARG RB 40 -45.54 31.39 -50.21
N THR RB 41 -46.67 30.81 -49.80
CA THR RB 41 -47.96 31.24 -50.32
C THR RB 41 -48.29 32.66 -49.91
N ASP RB 42 -47.81 33.11 -48.75
CA ASP RB 42 -48.05 34.46 -48.27
C ASP RB 42 -46.96 35.44 -48.67
N ALA RB 43 -46.26 35.18 -49.78
CA ALA RB 43 -45.20 36.08 -50.21
C ALA RB 43 -45.77 37.43 -50.65
N VAL RB 44 -46.93 37.41 -51.32
CA VAL RB 44 -47.54 38.66 -51.75
C VAL RB 44 -47.97 39.49 -50.54
N TRP RB 45 -48.58 38.85 -49.53
CA TRP RB 45 -48.97 39.58 -48.33
C TRP RB 45 -47.74 40.12 -47.60
N GLU RB 46 -46.77 39.25 -47.32
CA GLU RB 46 -45.59 39.66 -46.56
C GLU RB 46 -44.88 40.82 -47.22
N LYS RB 47 -44.77 40.79 -48.56
CA LYS RB 47 -44.15 41.90 -49.28
C LYS RB 47 -44.78 43.23 -48.87
N PHE RB 48 -46.11 43.31 -48.93
CA PHE RB 48 -46.77 44.54 -48.53
C PHE RB 48 -46.39 44.93 -47.12
N GLN RB 49 -46.41 43.96 -46.20
CA GLN RB 49 -46.04 44.23 -44.82
C GLN RB 49 -44.66 44.85 -44.76
N LEU RB 50 -43.70 44.26 -45.48
CA LEU RB 50 -42.36 44.85 -45.57
C LEU RB 50 -42.46 46.33 -45.86
N GLU RB 51 -43.07 46.67 -47.01
CA GLU RB 51 -43.20 48.07 -47.39
C GLU RB 51 -43.84 48.87 -46.27
N HIS RB 52 -44.95 48.35 -45.73
CA HIS RB 52 -45.65 49.07 -44.68
C HIS RB 52 -44.69 49.43 -43.57
N PHE RB 53 -43.98 48.43 -43.05
CA PHE RB 53 -43.10 48.68 -41.91
C PHE RB 53 -42.07 49.73 -42.28
N PHE RB 54 -41.45 49.59 -43.46
CA PHE RB 54 -40.44 50.56 -43.85
C PHE RB 54 -41.05 51.95 -43.90
N ARG RB 55 -42.21 52.07 -44.56
CA ARG RB 55 -42.84 53.37 -44.74
C ARG RB 55 -43.16 54.03 -43.40
N ASN RB 56 -43.27 53.24 -42.34
CA ASN RB 56 -43.63 53.78 -41.04
C ASN RB 56 -42.51 53.67 -40.03
N TYR RB 57 -41.37 53.09 -40.41
CA TYR RB 57 -40.26 52.93 -39.48
C TYR RB 57 -39.06 53.81 -39.82
N MET RB 58 -38.72 53.93 -41.10
CA MET RB 58 -37.64 54.78 -41.53
C MET RB 58 -38.10 56.17 -41.94
N LYS RB 59 -39.39 56.49 -41.77
CA LYS RB 59 -39.92 57.78 -42.16
C LYS RB 59 -39.97 58.69 -40.94
N CYS RB 60 -38.80 59.17 -40.54
CA CYS RB 60 -38.68 60.15 -39.47
C CYS RB 60 -38.59 61.57 -40.01
N PHE RB 61 -39.19 61.82 -41.17
CA PHE RB 61 -39.15 63.12 -41.83
C PHE RB 61 -40.48 63.33 -42.55
N PHE RB 62 -40.80 64.59 -42.80
CA PHE RB 62 -42.10 64.97 -43.33
C PHE RB 62 -41.91 65.95 -44.49
N PHE RB 63 -42.76 65.82 -45.50
CA PHE RB 63 -42.69 66.72 -46.65
C PHE RB 63 -43.37 68.04 -46.31
N ASP RB 64 -42.71 69.14 -46.69
CA ASP RB 64 -43.18 70.49 -46.44
C ASP RB 64 -43.59 71.12 -47.76
N HIS RB 65 -44.83 71.62 -47.80
CA HIS RB 65 -45.40 72.21 -49.00
C HIS RB 65 -44.85 73.61 -49.27
N GLY RB 66 -44.60 74.38 -48.21
CA GLY RB 66 -44.04 75.70 -48.40
C GLY RB 66 -42.64 75.65 -49.00
N LEU RB 67 -41.80 74.80 -48.43
CA LEU RB 67 -40.47 74.56 -48.99
C LEU RB 67 -40.48 73.48 -50.07
N LYS RB 68 -41.54 72.68 -50.13
CA LYS RB 68 -41.61 71.55 -51.06
C LYS RB 68 -40.38 70.65 -50.93
N LYS RB 69 -40.10 70.25 -49.70
CA LYS RB 69 -38.96 69.37 -49.46
C LYS RB 69 -39.11 68.70 -48.10
N TYR RB 70 -38.31 67.67 -47.87
CA TYR RB 70 -38.40 66.91 -46.63
C TYR RB 70 -37.67 67.63 -45.50
N GLN RB 71 -38.34 67.76 -44.36
CA GLN RB 71 -37.78 68.37 -43.16
C GLN RB 71 -37.96 67.43 -41.98
N MET RB 72 -37.31 67.76 -40.87
CA MET RB 72 -37.32 66.93 -39.69
C MET RB 72 -37.00 67.80 -38.48
N PHE RB 73 -37.19 67.23 -37.29
CA PHE RB 73 -36.81 67.88 -36.06
C PHE RB 73 -36.32 66.83 -35.07
N GLU RB 74 -35.81 67.31 -33.93
CA GLU RB 74 -35.25 66.43 -32.92
C GLU RB 74 -36.36 65.58 -32.30
N PRO RB 75 -36.01 64.43 -31.70
CA PRO RB 75 -37.03 63.58 -31.10
C PRO RB 75 -37.84 64.34 -30.06
N GLU RB 76 -39.15 64.16 -30.11
CA GLU RB 76 -40.09 64.92 -29.28
C GLU RB 76 -41.11 63.96 -28.71
N ASP RB 77 -41.72 64.35 -27.59
CA ASP RB 77 -42.71 63.52 -26.95
C ASP RB 77 -44.05 63.62 -27.69
N MET RB 78 -44.94 62.68 -27.36
CA MET RB 78 -46.23 62.60 -28.04
C MET RB 78 -47.07 63.83 -27.78
N TYR RB 79 -47.03 64.35 -26.55
CA TYR RB 79 -47.80 65.56 -26.23
C TYR RB 79 -47.35 66.74 -27.09
N THR RB 80 -46.05 66.90 -27.27
CA THR RB 80 -45.55 68.02 -28.07
C THR RB 80 -45.85 67.80 -29.55
N VAL RB 81 -45.77 66.57 -30.03
CA VAL RB 81 -46.05 66.31 -31.43
C VAL RB 81 -47.53 66.53 -31.74
N VAL RB 82 -48.42 66.15 -30.83
CA VAL RB 82 -49.85 66.19 -31.08
C VAL RB 82 -50.45 67.54 -30.74
N PHE RB 83 -50.24 68.04 -29.54
CA PHE RB 83 -50.85 69.27 -29.07
C PHE RB 83 -49.97 70.50 -29.27
N GLU RB 84 -48.81 70.35 -29.90
CA GLU RB 84 -48.02 71.47 -30.32
C GLU RB 84 -47.50 71.28 -31.74
N GLY RB 85 -48.27 70.60 -32.58
CA GLY RB 85 -47.88 70.45 -33.96
C GLY RB 85 -47.85 71.75 -34.72
N TRP RB 86 -48.74 72.69 -34.36
CA TRP RB 86 -48.73 74.00 -34.99
C TRP RB 86 -47.50 74.80 -34.60
N ALA RB 87 -47.04 74.65 -33.36
CA ALA RB 87 -45.87 75.40 -32.86
C ALA RB 87 -44.67 74.47 -32.88
N LEU RB 88 -44.02 74.38 -34.04
CA LEU RB 88 -42.84 73.56 -34.23
C LEU RB 88 -41.62 74.46 -34.40
N ASP RB 89 -40.54 74.13 -33.68
CA ASP RB 89 -39.31 74.90 -33.73
C ASP RB 89 -38.16 74.00 -34.19
N ASP RB 90 -37.14 74.65 -34.77
CA ASP RB 90 -35.92 73.99 -35.19
C ASP RB 90 -36.20 72.86 -36.20
N LEU RB 91 -36.72 73.26 -37.35
CA LEU RB 91 -36.93 72.36 -38.47
C LEU RB 91 -35.70 72.40 -39.38
N ILE RB 92 -35.12 71.24 -39.65
CA ILE RB 92 -33.92 71.11 -40.47
C ILE RB 92 -34.24 70.23 -41.66
N THR RB 93 -33.79 70.65 -42.85
CA THR RB 93 -34.00 69.86 -44.05
C THR RB 93 -33.40 68.46 -43.89
N PHE RB 94 -34.17 67.46 -44.27
CA PHE RB 94 -33.74 66.07 -44.10
C PHE RB 94 -32.56 65.77 -45.00
N PRO RB 95 -31.42 65.32 -44.47
CA PRO RB 95 -30.25 65.06 -45.30
C PRO RB 95 -30.13 63.63 -45.81
N GLY RB 96 -30.92 62.71 -45.30
CA GLY RB 96 -30.78 61.32 -45.67
C GLY RB 96 -30.00 60.53 -44.63
N PHE RB 97 -30.33 59.25 -44.51
CA PHE RB 97 -29.65 58.40 -43.53
C PHE RB 97 -28.18 58.21 -43.90
N THR RB 98 -27.88 58.04 -45.19
CA THR RB 98 -26.52 57.88 -45.67
C THR RB 98 -26.26 58.85 -46.81
N PRO RB 99 -25.01 59.31 -46.95
CA PRO RB 99 -24.72 60.27 -48.04
C PRO RB 99 -24.97 59.71 -49.43
N THR RB 100 -24.71 58.43 -49.64
CA THR RB 100 -24.83 57.81 -50.96
C THR RB 100 -26.18 57.14 -51.20
N GLY RB 101 -27.10 57.21 -50.24
CA GLY RB 101 -28.41 56.63 -50.42
C GLY RB 101 -28.51 55.15 -50.17
N ARG RB 102 -27.43 54.50 -49.75
CA ARG RB 102 -27.46 53.08 -49.46
C ARG RB 102 -28.22 52.83 -48.15
N THR RB 103 -28.29 51.57 -47.76
CA THR RB 103 -28.97 51.21 -46.53
C THR RB 103 -28.03 51.33 -45.34
N ASN RB 104 -28.59 51.69 -44.19
CA ASN RB 104 -27.84 51.78 -42.96
C ASN RB 104 -28.45 50.93 -41.85
N SER RB 105 -29.55 50.23 -42.12
CA SER RB 105 -30.27 49.46 -41.13
C SER RB 105 -29.50 48.16 -40.87
N TYR RB 106 -28.60 48.21 -39.89
CA TYR RB 106 -27.81 47.06 -39.49
C TYR RB 106 -27.87 46.89 -37.98
N GLN RB 107 -27.76 45.64 -37.54
CA GLN RB 107 -27.63 45.36 -36.12
C GLN RB 107 -26.19 45.61 -35.68
N ILE RB 108 -26.03 46.31 -34.56
CA ILE RB 108 -24.72 46.75 -34.12
C ILE RB 108 -24.25 45.87 -32.96
N GLY RB 109 -22.98 46.01 -32.60
CA GLY RB 109 -22.41 45.32 -31.47
C GLY RB 109 -21.31 46.14 -30.83
N LEU RB 110 -20.56 45.56 -29.90
CA LEU RB 110 -19.48 46.27 -29.24
C LEU RB 110 -18.20 46.13 -30.04
N SER RB 111 -17.58 47.26 -30.36
CA SER RB 111 -16.32 47.27 -31.06
C SER RB 111 -15.20 46.78 -30.14
N PRO RB 112 -14.09 46.34 -30.71
CA PRO RB 112 -12.97 45.88 -29.88
C PRO RB 112 -12.49 46.98 -28.93
N ARG RB 113 -12.05 46.55 -27.76
CA ARG RB 113 -11.55 47.48 -26.75
C ARG RB 113 -10.23 48.09 -27.21
N GLN RB 114 -9.69 48.98 -26.38
CA GLN RB 114 -8.44 49.66 -26.68
C GLN RB 114 -7.40 49.34 -25.61
N ARG RB 115 -6.13 49.45 -26.01
CA ARG RB 115 -5.04 49.16 -25.09
C ARG RB 115 -5.09 50.10 -23.89
N THR RB 116 -4.70 49.57 -22.74
CA THR RB 116 -4.71 50.33 -21.50
C THR RB 116 -3.28 50.52 -21.00
N VAL RB 117 -2.91 51.77 -20.76
CA VAL RB 117 -1.63 52.08 -20.13
C VAL RB 117 -1.73 52.04 -18.62
N VAL RB 118 -2.71 52.73 -18.06
CA VAL RB 118 -3.02 52.67 -16.63
C VAL RB 118 -4.28 51.82 -16.47
N PRO RB 119 -4.18 50.61 -15.94
CA PRO RB 119 -5.35 49.72 -15.91
C PRO RB 119 -6.46 50.27 -15.02
N THR RB 120 -7.69 49.94 -15.40
CA THR RB 120 -8.83 50.22 -14.54
C THR RB 120 -8.87 49.30 -13.33
N GLN RB 121 -8.22 48.13 -13.42
CA GLN RB 121 -8.28 47.14 -12.36
C GLN RB 121 -7.46 47.54 -11.13
N THR RB 122 -6.66 48.59 -11.20
CA THR RB 122 -5.97 49.07 -10.01
C THR RB 122 -6.97 49.51 -8.95
N PHE RB 123 -8.02 50.23 -9.34
CA PHE RB 123 -9.13 50.59 -8.46
C PHE RB 123 -10.41 50.24 -9.20
N TYR RB 124 -10.84 48.99 -9.07
CA TYR RB 124 -12.06 48.53 -9.72
C TYR RB 124 -13.14 48.11 -8.73
N GLN RB 125 -12.80 47.87 -7.46
CA GLN RB 125 -13.81 47.61 -6.45
C GLN RB 125 -14.72 48.82 -6.21
N MET RB 126 -14.23 50.02 -6.51
CA MET RB 126 -14.97 51.25 -6.29
C MET RB 126 -15.70 51.62 -7.58
N GLN RB 127 -17.02 51.80 -7.50
CA GLN RB 127 -17.77 52.25 -8.66
C GLN RB 127 -17.42 53.69 -9.02
N ASP RB 128 -17.09 54.51 -8.03
CA ASP RB 128 -16.71 55.89 -8.24
C ASP RB 128 -15.20 55.97 -8.49
N TYR RB 129 -14.82 56.49 -9.65
CA TYR RB 129 -13.41 56.54 -10.05
C TYR RB 129 -12.84 57.91 -9.65
N TYR RB 130 -12.32 58.00 -8.44
CA TYR RB 130 -11.62 59.20 -8.01
C TYR RB 130 -10.14 58.96 -7.77
N MET RB 131 -9.78 57.88 -7.06
CA MET RB 131 -8.38 57.51 -6.96
C MET RB 131 -7.82 57.10 -8.32
N LEU RB 132 -8.61 56.38 -9.10
CA LEU RB 132 -8.18 56.02 -10.45
C LEU RB 132 -8.02 57.26 -11.31
N CYS RB 133 -8.92 58.23 -11.19
CA CYS RB 133 -8.80 59.47 -11.92
C CYS RB 133 -7.51 60.20 -11.55
N GLY RB 134 -7.22 60.29 -10.26
CA GLY RB 134 -5.98 60.93 -9.83
C GLY RB 134 -4.75 60.21 -10.36
N LEU RB 135 -4.76 58.87 -10.31
CA LEU RB 135 -3.62 58.09 -10.78
C LEU RB 135 -3.39 58.30 -12.27
N ARG RB 136 -4.46 58.21 -13.07
CA ARG RB 136 -4.32 58.38 -14.51
C ARG RB 136 -3.87 59.79 -14.86
N PHE RB 137 -4.40 60.80 -14.18
CA PHE RB 137 -3.96 62.16 -14.46
C PHE RB 137 -2.50 62.36 -14.05
N GLU RB 138 -2.07 61.74 -12.95
CA GLU RB 138 -0.67 61.85 -12.55
C GLU RB 138 0.26 61.23 -13.59
N ARG RB 139 -0.11 60.06 -14.11
CA ARG RB 139 0.71 59.43 -15.15
C ARG RB 139 0.75 60.29 -16.41
N TRP RB 140 -0.40 60.82 -16.83
CA TRP RB 140 -0.41 61.69 -17.99
C TRP RB 140 0.43 62.94 -17.75
N PHE RB 141 0.39 63.49 -16.53
CA PHE RB 141 1.15 64.70 -16.25
C PHE RB 141 2.65 64.42 -16.28
N ARG RB 142 3.08 63.25 -15.83
CA ARG RB 142 4.48 62.87 -16.00
C ARG RB 142 4.85 62.85 -17.47
N CYS RB 143 4.06 62.14 -18.28
CA CYS RB 143 4.35 62.05 -19.71
C CYS RB 143 4.37 63.44 -20.35
N ASP RB 144 3.46 64.31 -19.93
CA ASP RB 144 3.39 65.66 -20.49
C ASP RB 144 4.60 66.48 -20.09
N LEU RB 145 5.00 66.40 -18.81
CA LEU RB 145 6.21 67.08 -18.36
C LEU RB 145 7.41 66.66 -19.20
N VAL RB 146 7.43 65.43 -19.70
CA VAL RB 146 8.52 65.06 -20.60
C VAL RB 146 8.40 65.78 -21.94
N TYR RB 147 7.18 65.84 -22.51
CA TYR RB 147 7.02 66.21 -23.92
C TYR RB 147 6.24 67.51 -24.15
N HIS RB 148 5.99 68.33 -23.12
CA HIS RB 148 5.03 69.40 -23.29
C HIS RB 148 5.53 70.48 -24.25
N ASP RB 149 6.83 70.78 -24.22
CA ASP RB 149 7.37 71.87 -25.03
C ASP RB 149 7.86 71.43 -26.40
N GLN RB 150 7.83 70.13 -26.70
CA GLN RB 150 8.21 69.63 -28.01
C GLN RB 150 7.01 69.38 -28.92
N ARG RB 151 5.80 69.73 -28.48
CA ARG RB 151 4.60 69.33 -29.20
C ARG RB 151 4.47 70.07 -30.53
N HIS RB 152 4.81 71.34 -30.56
CA HIS RB 152 4.60 72.15 -31.75
C HIS RB 152 5.73 72.02 -32.77
N THR RB 153 6.77 71.25 -32.47
CA THR RB 153 7.87 71.05 -33.39
C THR RB 153 8.05 69.60 -33.83
N LYS RB 154 7.66 68.64 -33.00
CA LYS RB 154 7.86 67.23 -33.31
C LYS RB 154 6.60 66.39 -33.23
N PHE RB 155 5.45 66.98 -32.94
CA PHE RB 155 4.25 66.23 -32.60
C PHE RB 155 3.04 66.91 -33.25
N ASP RB 156 1.85 66.58 -32.74
CA ASP RB 156 0.59 66.91 -33.38
C ASP RB 156 0.50 68.36 -33.88
N GLN RB 157 1.12 69.29 -33.18
CA GLN RB 157 0.94 70.71 -33.46
C GLN RB 157 1.96 71.27 -34.45
N VAL RB 158 2.51 70.43 -35.34
CA VAL RB 158 3.44 70.93 -36.34
C VAL RB 158 2.67 71.68 -37.43
N LYS RB 159 3.36 72.65 -38.05
CA LYS RB 159 2.72 73.45 -39.10
C LYS RB 159 2.45 72.62 -40.35
N ASN RB 160 3.40 71.78 -40.75
CA ASN RB 160 3.26 70.95 -41.94
C ASN RB 160 3.09 69.50 -41.53
N GLN RB 161 2.26 68.77 -42.29
CA GLN RB 161 1.97 67.38 -41.99
C GLN RB 161 3.14 66.46 -42.29
N LYS RB 162 4.20 66.96 -42.91
CA LYS RB 162 5.38 66.14 -43.18
C LYS RB 162 5.99 65.59 -41.89
N ASN RB 163 6.10 66.44 -40.87
CA ASN RB 163 6.70 66.07 -39.60
C ASN RB 163 5.66 65.69 -38.55
N TYR RB 164 4.46 65.32 -38.97
CA TYR RB 164 3.39 65.02 -38.02
C TYR RB 164 3.66 63.70 -37.32
N LYS RB 165 3.56 63.72 -35.99
CA LYS RB 165 3.65 62.52 -35.17
C LYS RB 165 2.63 62.61 -34.06
N THR RB 166 2.03 61.49 -33.70
CA THR RB 166 1.05 61.46 -32.62
C THR RB 166 1.74 61.77 -31.30
N TYR RB 167 1.11 62.63 -30.50
CA TYR RB 167 1.68 63.02 -29.22
C TYR RB 167 1.80 61.79 -28.33
N PRO RB 168 2.95 61.57 -27.70
CA PRO RB 168 3.17 60.30 -26.99
C PRO RB 168 2.22 60.06 -25.83
N CYS RB 169 1.58 61.11 -25.32
CA CYS RB 169 0.70 60.98 -24.16
C CYS RB 169 -0.77 60.98 -24.56
N TYR RB 170 -1.09 60.67 -25.81
CA TYR RB 170 -2.48 60.72 -26.27
C TYR RB 170 -3.34 59.68 -25.53
N ARG RB 171 -2.83 58.45 -25.40
CA ARG RB 171 -3.61 57.39 -24.77
C ARG RB 171 -3.82 57.67 -23.30
N GLU RB 172 -2.79 58.11 -22.59
CA GLU RB 172 -2.93 58.44 -21.18
C GLU RB 172 -3.84 59.64 -21.00
N TYR RB 173 -3.78 60.62 -21.90
CA TYR RB 173 -4.68 61.76 -21.83
C TYR RB 173 -6.12 61.32 -21.97
N TYR RB 174 -6.41 60.45 -22.93
CA TYR RB 174 -7.78 60.00 -23.13
C TYR RB 174 -8.26 59.14 -21.97
N GLU RB 175 -7.37 58.33 -21.40
CA GLU RB 175 -7.74 57.54 -20.23
C GLU RB 175 -8.04 58.44 -19.04
N ALA RB 176 -7.22 59.47 -18.80
CA ALA RB 176 -7.47 60.39 -17.70
C ALA RB 176 -8.77 61.15 -17.92
N GLN RB 177 -9.03 61.56 -19.17
CA GLN RB 177 -10.30 62.23 -19.47
C GLN RB 177 -11.48 61.31 -19.22
N TYR RB 178 -11.36 60.02 -19.57
CA TYR RB 178 -12.43 59.07 -19.32
C TYR RB 178 -12.67 58.87 -17.83
N ALA RB 179 -11.60 58.77 -17.04
CA ALA RB 179 -11.74 58.46 -15.63
C ALA RB 179 -12.24 59.65 -14.81
N CYS RB 180 -11.98 60.86 -15.27
CA CYS RB 180 -12.33 62.07 -14.52
C CYS RB 180 -13.49 62.80 -15.19
N GLN RB 181 -14.34 63.41 -14.38
CA GLN RB 181 -15.31 64.36 -14.91
C GLN RB 181 -14.60 65.67 -15.26
N ASP RB 182 -15.29 66.52 -16.01
CA ASP RB 182 -14.68 67.77 -16.45
C ASP RB 182 -14.36 68.70 -15.29
N ASP RB 183 -15.15 68.64 -14.21
CA ASP RB 183 -14.86 69.47 -13.04
C ASP RB 183 -13.56 69.03 -12.37
N MET RB 184 -13.44 67.74 -12.08
CA MET RB 184 -12.22 67.22 -11.48
C MET RB 184 -11.04 67.33 -12.44
N PHE RB 185 -11.30 67.17 -13.74
CA PHE RB 185 -10.25 67.38 -14.72
C PHE RB 185 -9.77 68.83 -14.70
N ASP RB 186 -10.70 69.78 -14.53
CA ASP RB 186 -10.30 71.19 -14.42
C ASP RB 186 -9.48 71.44 -13.17
N PHE RB 187 -9.86 70.84 -12.04
CA PHE RB 187 -9.05 70.99 -10.83
C PHE RB 187 -7.64 70.46 -11.06
N LEU RB 188 -7.55 69.27 -11.65
CA LEU RB 188 -6.24 68.66 -11.89
C LEU RB 188 -5.44 69.45 -12.92
N MET RB 189 -6.11 70.12 -13.85
CA MET RB 189 -5.39 70.96 -14.80
C MET RB 189 -4.86 72.22 -14.13
N GLU RB 190 -5.60 72.76 -13.16
CA GLU RB 190 -5.05 73.87 -12.37
C GLU RB 190 -3.81 73.44 -11.62
N LEU RB 191 -3.86 72.25 -11.01
CA LEU RB 191 -2.67 71.72 -10.34
C LEU RB 191 -1.53 71.50 -11.34
N ALA RB 192 -1.85 70.99 -12.53
CA ALA RB 192 -0.85 70.73 -13.55
C ALA RB 192 -0.18 72.02 -14.00
N TYR RB 193 -0.95 73.09 -14.16
CA TYR RB 193 -0.35 74.39 -14.48
C TYR RB 193 0.53 74.86 -13.35
N ALA RB 194 0.06 74.75 -12.10
CA ALA RB 194 0.86 75.20 -10.97
C ALA RB 194 2.17 74.44 -10.86
N ARG RB 195 2.19 73.18 -11.28
CA ARG RB 195 3.39 72.36 -11.19
C ARG RB 195 4.24 72.40 -12.45
N ARG RB 196 3.70 72.83 -13.57
CA ARG RB 196 4.47 72.96 -14.81
C ARG RB 196 5.09 74.33 -14.96
N ALA RB 197 4.47 75.35 -14.35
CA ALA RB 197 5.10 76.66 -14.30
C ALA RB 197 6.42 76.60 -13.53
N ALA RB 198 6.43 75.88 -12.41
CA ALA RB 198 7.62 75.72 -11.59
C ALA RB 198 8.50 74.57 -12.04
N ASP RB 199 8.08 73.81 -13.06
CA ASP RB 199 8.82 72.65 -13.55
C ASP RB 199 9.08 71.65 -12.43
N ASN RB 200 8.03 71.33 -11.67
CA ASN RB 200 8.14 70.45 -10.51
C ASN RB 200 7.93 69.01 -10.94
N PHE RB 201 9.03 68.36 -11.32
CA PHE RB 201 9.00 66.91 -11.47
C PHE RB 201 8.84 66.26 -10.11
N GLU RB 202 8.03 65.21 -10.06
CA GLU RB 202 7.74 64.57 -8.77
C GLU RB 202 8.98 63.92 -8.18
N SER RB 203 9.93 63.51 -9.02
CA SER RB 203 11.16 62.89 -8.52
C SER RB 203 12.03 63.87 -7.77
N ASP RB 204 11.80 65.18 -7.91
CA ASP RB 204 12.59 66.15 -7.18
C ASP RB 204 12.25 66.16 -5.69
N PHE RB 205 11.03 65.75 -5.33
CA PHE RB 205 10.57 65.77 -3.96
C PHE RB 205 10.35 64.39 -3.36
N ALA RB 206 10.19 63.36 -4.18
CA ALA RB 206 9.78 62.05 -3.68
C ALA RB 206 10.86 61.44 -2.80
N SER RB 207 10.46 61.05 -1.59
CA SER RB 207 11.34 60.32 -0.68
C SER RB 207 10.63 59.18 0.03
N HIS RB 208 9.33 59.00 -0.15
CA HIS RB 208 8.56 58.03 0.60
C HIS RB 208 9.00 56.59 0.34
N GLU RB 209 9.74 56.34 -0.75
CA GLU RB 209 10.24 55.00 -0.99
C GLU RB 209 11.25 54.57 0.07
N LEU RB 210 11.82 55.52 0.81
CA LEU RB 210 12.71 55.18 1.91
C LEU RB 210 11.96 54.75 3.16
N THR RB 211 10.65 54.97 3.22
CA THR RB 211 9.81 54.60 4.35
C THR RB 211 8.68 53.71 3.90
N THR RB 212 8.96 52.81 2.96
CA THR RB 212 7.99 51.84 2.46
C THR RB 212 8.54 50.45 2.69
N LEU RB 213 7.65 49.51 3.03
CA LEU RB 213 8.09 48.17 3.34
C LEU RB 213 8.69 47.50 2.12
N PRO RB 214 9.74 46.69 2.28
CA PRO RB 214 10.32 45.99 1.13
C PRO RB 214 9.36 44.94 0.59
N THR RB 215 9.51 44.67 -0.71
CA THR RB 215 8.67 43.72 -1.41
C THR RB 215 9.55 42.91 -2.36
N PHE RB 216 9.04 41.76 -2.79
CA PHE RB 216 9.76 40.97 -3.79
C PHE RB 216 9.98 41.76 -5.07
N TYR RB 217 9.09 42.69 -5.40
CA TYR RB 217 9.24 43.51 -6.58
C TYR RB 217 10.31 44.59 -6.42
N ASP RB 218 10.80 44.81 -5.21
CA ASP RB 218 11.78 45.84 -4.94
C ASP RB 218 13.22 45.32 -4.97
N THR RB 219 13.43 44.15 -5.56
CA THR RB 219 14.78 43.60 -5.62
C THR RB 219 15.68 44.48 -6.47
N PRO RB 220 16.97 44.56 -6.14
CA PRO RB 220 17.90 45.33 -6.98
C PRO RB 220 18.00 44.80 -8.41
N LYS RB 221 17.86 43.50 -8.62
CA LYS RB 221 17.91 42.92 -9.96
C LYS RB 221 16.49 42.72 -10.46
N ALA RB 222 15.91 43.81 -10.98
CA ALA RB 222 14.51 43.80 -11.38
C ALA RB 222 14.26 43.02 -12.67
N ALA RB 223 15.23 43.01 -13.58
CA ALA RB 223 15.03 42.33 -14.86
C ALA RB 223 15.06 40.82 -14.70
N GLU RB 224 15.82 40.32 -13.72
CA GLU RB 224 15.98 38.88 -13.51
C GLU RB 224 14.92 38.30 -12.59
N ARG RB 225 14.02 39.12 -12.05
CA ARG RB 225 12.99 38.59 -11.16
C ARG RB 225 11.90 37.86 -11.93
N LYS RB 226 11.70 38.21 -13.20
CA LYS RB 226 10.62 37.65 -13.99
C LYS RB 226 11.08 36.35 -14.66
N THR RB 227 10.27 35.31 -14.51
CA THR RB 227 10.51 34.03 -15.18
C THR RB 227 9.63 33.96 -16.42
N TYR RB 228 10.27 33.80 -17.58
CA TYR RB 228 9.57 33.72 -18.85
C TYR RB 228 9.43 32.27 -19.27
N THR RB 229 8.27 31.92 -19.81
CA THR RB 229 7.95 30.55 -20.16
C THR RB 229 6.97 30.53 -21.32
N TYR RB 230 7.23 29.68 -22.30
CA TYR RB 230 6.33 29.53 -23.42
C TYR RB 230 5.03 28.85 -23.00
N GLU SB 2 -43.01 49.58 -31.42
CA GLU SB 2 -44.42 49.85 -31.63
C GLU SB 2 -44.61 50.83 -32.79
N VAL SB 3 -44.58 50.29 -34.01
CA VAL SB 3 -44.68 51.11 -35.21
C VAL SB 3 -46.13 51.17 -35.64
N LYS SB 4 -46.67 52.38 -35.74
CA LYS SB 4 -48.05 52.57 -36.16
C LYS SB 4 -48.17 52.49 -37.69
N TYR SB 5 -49.40 52.36 -38.16
CA TYR SB 5 -49.66 52.17 -39.58
C TYR SB 5 -50.20 53.45 -40.22
N ARG SB 6 -49.61 53.82 -41.35
CA ARG SB 6 -50.09 54.92 -42.18
C ARG SB 6 -49.87 54.52 -43.63
N GLY SB 7 -50.93 54.54 -44.43
CA GLY SB 7 -50.86 54.06 -45.79
C GLY SB 7 -50.08 55.01 -46.69
N PRO SB 8 -49.87 54.62 -47.94
CA PRO SB 8 -49.12 55.47 -48.86
C PRO SB 8 -49.81 56.82 -49.04
N SER SB 9 -49.00 57.89 -49.01
CA SER SB 9 -49.54 59.23 -48.96
C SER SB 9 -50.25 59.61 -50.27
N ASP SB 10 -49.60 59.37 -51.40
CA ASP SB 10 -50.10 59.80 -52.71
C ASP SB 10 -50.36 61.30 -52.75
N ASP SB 11 -49.60 62.06 -51.97
CA ASP SB 11 -49.74 63.51 -51.98
C ASP SB 11 -49.23 64.08 -53.28
N LYS SB 12 -49.91 65.12 -53.78
CA LYS SB 12 -49.55 65.68 -55.08
C LYS SB 12 -48.14 66.24 -55.09
N LEU SB 13 -47.82 67.12 -54.13
CA LEU SB 13 -46.52 67.76 -54.13
C LEU SB 13 -45.41 66.79 -53.77
N GLU SB 14 -45.66 65.90 -52.80
CA GLU SB 14 -44.64 64.93 -52.42
C GLU SB 14 -44.33 63.98 -53.58
N CYS SB 15 -45.38 63.52 -54.28
CA CYS SB 15 -45.14 62.64 -55.41
C CYS SB 15 -44.53 63.36 -56.58
N GLU SB 16 -44.82 64.66 -56.77
CA GLU SB 16 -44.12 65.42 -57.78
C GLU SB 16 -42.62 65.52 -57.47
N PHE SB 17 -42.29 65.77 -56.20
CA PHE SB 17 -40.89 65.82 -55.79
C PHE SB 17 -40.20 64.48 -56.02
N LEU SB 18 -40.86 63.39 -55.62
CA LEU SB 18 -40.27 62.07 -55.77
C LEU SB 18 -40.15 61.69 -57.24
N GLU SB 19 -41.12 62.09 -58.08
CA GLU SB 19 -41.05 61.78 -59.49
C GLU SB 19 -39.97 62.60 -60.19
N ASN SB 20 -39.76 63.85 -59.76
CA ASN SB 20 -38.65 64.62 -60.29
C ASN SB 20 -37.32 63.96 -59.94
N ASN SB 21 -37.19 63.49 -58.70
CA ASN SB 21 -35.97 62.77 -58.32
C ASN SB 21 -35.82 61.50 -59.15
N LEU SB 22 -36.93 60.77 -59.38
CA LEU SB 22 -36.86 59.55 -60.18
C LEU SB 22 -36.44 59.84 -61.62
N LEU SB 23 -36.99 60.89 -62.21
CA LEU SB 23 -36.61 61.24 -63.58
C LEU SB 23 -35.15 61.66 -63.66
N SER SB 24 -34.69 62.44 -62.68
CA SER SB 24 -33.28 62.82 -62.65
C SER SB 24 -32.40 61.59 -62.53
N CYS SB 25 -32.77 60.64 -61.67
CA CYS SB 25 -32.00 59.42 -61.51
C CYS SB 25 -32.01 58.58 -62.78
N LEU SB 26 -33.15 58.48 -63.45
CA LEU SB 26 -33.21 57.73 -64.70
C LEU SB 26 -32.30 58.35 -65.75
N ARG SB 27 -32.35 59.68 -65.89
CA ARG SB 27 -31.51 60.35 -66.87
C ARG SB 27 -30.03 60.22 -66.53
N GLU SB 28 -29.67 60.29 -65.25
CA GLU SB 28 -28.27 60.17 -64.86
C GLU SB 28 -27.75 58.74 -65.05
N LYS SB 29 -28.51 57.75 -64.57
CA LYS SB 29 -28.03 56.37 -64.60
C LYS SB 29 -28.17 55.73 -65.96
N SER SB 30 -28.98 56.28 -66.86
CA SER SB 30 -29.07 55.71 -68.20
C SER SB 30 -27.81 55.94 -69.01
N VAL SB 31 -26.91 56.81 -68.55
CA VAL SB 31 -25.65 57.06 -69.24
C VAL SB 31 -24.49 56.81 -68.28
N GLN SB 32 -24.73 55.95 -67.28
CA GLN SB 32 -23.70 55.55 -66.31
C GLN SB 32 -23.09 56.74 -65.59
N ASP SB 33 -23.92 57.73 -65.28
CA ASP SB 33 -23.50 58.94 -64.57
C ASP SB 33 -22.36 59.65 -65.30
N ASN SB 34 -22.56 59.91 -66.58
CA ASN SB 34 -21.61 60.67 -67.38
C ASN SB 34 -21.96 62.15 -67.44
N VAL SB 35 -22.95 62.59 -66.65
CA VAL SB 35 -23.33 64.00 -66.65
C VAL SB 35 -22.24 64.82 -65.97
N ALA SB 36 -22.23 66.13 -66.29
CA ALA SB 36 -21.30 67.03 -65.64
C ALA SB 36 -21.59 67.16 -64.15
N LYS SB 37 -22.86 67.35 -63.80
CA LYS SB 37 -23.30 67.37 -62.41
C LYS SB 37 -24.45 66.40 -62.25
N MET SB 38 -24.33 65.49 -61.29
CA MET SB 38 -25.35 64.49 -61.00
C MET SB 38 -26.14 64.93 -59.77
N THR SB 39 -27.44 65.10 -59.94
CA THR SB 39 -28.33 65.52 -58.86
C THR SB 39 -29.19 64.37 -58.33
N CYS SB 40 -28.99 63.16 -58.82
CA CYS SB 40 -29.81 62.04 -58.38
C CYS SB 40 -29.54 61.71 -56.91
N ARG SB 41 -30.63 61.45 -56.18
CA ARG SB 41 -30.56 60.99 -54.79
C ARG SB 41 -31.18 59.61 -54.73
N PRO SB 42 -30.37 58.55 -54.64
CA PRO SB 42 -30.93 57.19 -54.69
C PRO SB 42 -31.94 56.91 -53.58
N GLU SB 43 -31.73 57.47 -52.39
CA GLU SB 43 -32.59 57.15 -51.26
C GLU SB 43 -34.03 57.53 -51.53
N PHE SB 44 -34.26 58.72 -52.08
CA PHE SB 44 -35.62 59.14 -52.39
C PHE SB 44 -36.27 58.21 -53.41
N LEU SB 45 -35.48 57.57 -54.26
CA LEU SB 45 -36.00 56.55 -55.16
C LEU SB 45 -36.83 55.53 -54.38
N VAL SB 46 -36.27 55.05 -53.26
CA VAL SB 46 -36.98 54.09 -52.42
C VAL SB 46 -38.35 54.65 -52.04
N TRP SB 47 -38.38 55.89 -51.58
CA TRP SB 47 -39.63 56.47 -51.13
C TRP SB 47 -40.62 56.63 -52.26
N PHE SB 48 -40.13 56.78 -53.50
CA PHE SB 48 -41.06 56.88 -54.62
C PHE SB 48 -41.91 55.63 -54.74
N PHE SB 49 -41.36 54.47 -54.39
CA PHE SB 49 -42.10 53.24 -54.48
C PHE SB 49 -42.80 52.89 -53.18
N LEU SB 50 -42.71 53.74 -52.17
CA LEU SB 50 -43.42 53.53 -50.91
C LEU SB 50 -44.57 54.48 -50.69
N GLU SB 51 -44.65 55.57 -51.45
CA GLU SB 51 -45.67 56.57 -51.22
C GLU SB 51 -46.33 57.09 -52.47
N CYS SB 52 -45.98 56.60 -53.66
CA CYS SB 52 -46.62 56.99 -54.92
C CYS SB 52 -46.94 55.75 -55.74
N PRO SB 53 -47.86 54.91 -55.25
CA PRO SB 53 -48.19 53.69 -56.02
C PRO SB 53 -48.80 53.97 -57.38
N THR SB 54 -49.59 55.04 -57.52
CA THR SB 54 -50.19 55.33 -58.83
C THR SB 54 -49.13 55.67 -59.87
N LYS SB 55 -48.21 56.58 -59.51
CA LYS SB 55 -47.15 56.93 -60.46
C LYS SB 55 -46.19 55.77 -60.67
N ALA SB 56 -45.96 54.94 -59.65
CA ALA SB 56 -45.13 53.76 -59.85
C ALA SB 56 -45.77 52.80 -60.84
N ALA SB 57 -47.09 52.59 -60.74
CA ALA SB 57 -47.78 51.74 -61.70
C ALA SB 57 -47.75 52.35 -63.09
N VAL SB 58 -47.85 53.67 -63.18
CA VAL SB 58 -47.73 54.33 -64.49
C VAL SB 58 -46.36 54.08 -65.09
N TYR SB 59 -45.31 54.22 -64.28
CA TYR SB 59 -43.95 54.03 -64.77
C TYR SB 59 -43.69 52.59 -65.17
N HIS SB 60 -44.28 51.62 -64.46
CA HIS SB 60 -44.11 50.22 -64.85
C HIS SB 60 -44.82 49.92 -66.17
N ASP SB 61 -45.94 50.56 -66.44
CA ASP SB 61 -46.68 50.30 -67.67
C ASP SB 61 -45.88 50.79 -68.87
N PRO SB 62 -45.64 49.94 -69.87
CA PRO SB 62 -44.77 50.34 -70.99
C PRO SB 62 -45.26 51.58 -71.74
N LYS SB 63 -46.57 51.72 -71.95
CA LYS SB 63 -47.07 52.87 -72.69
C LYS SB 63 -46.96 54.14 -71.86
N GLY SB 64 -47.27 54.06 -70.57
CA GLY SB 64 -47.10 55.21 -69.70
C GLY SB 64 -45.65 55.64 -69.61
N LEU SB 65 -44.73 54.68 -69.50
CA LEU SB 65 -43.31 55.02 -69.46
C LEU SB 65 -42.85 55.61 -70.78
N ARG SB 66 -43.36 55.12 -71.90
CA ARG SB 66 -43.00 55.70 -73.19
C ARG SB 66 -43.48 57.15 -73.28
N ASN SB 67 -44.70 57.42 -72.82
CA ASN SB 67 -45.20 58.79 -72.82
C ASN SB 67 -44.34 59.67 -71.92
N ILE SB 68 -43.97 59.17 -70.74
CA ILE SB 68 -43.13 59.94 -69.83
C ILE SB 68 -41.79 60.26 -70.47
N PHE SB 69 -41.17 59.26 -71.11
CA PHE SB 69 -39.89 59.47 -71.76
C PHE SB 69 -40.00 60.49 -72.89
N ILE SB 70 -41.06 60.41 -73.69
CA ILE SB 70 -41.23 61.35 -74.79
C ILE SB 70 -41.37 62.77 -74.26
N GLN SB 71 -42.19 62.94 -73.22
CA GLN SB 71 -42.38 64.27 -72.65
C GLN SB 71 -41.09 64.79 -72.02
N ASP SB 72 -40.33 63.93 -71.35
CA ASP SB 72 -39.07 64.36 -70.76
C ASP SB 72 -38.07 64.76 -71.85
N LYS SB 73 -38.02 64.02 -72.95
CA LYS SB 73 -37.14 64.39 -74.05
C LYS SB 73 -37.54 65.72 -74.66
N ILE SB 74 -38.84 65.95 -74.81
CA ILE SB 74 -39.31 67.25 -75.32
C ILE SB 74 -38.91 68.36 -74.37
N LYS SB 75 -39.07 68.13 -73.06
CA LYS SB 75 -38.68 69.14 -72.08
C LYS SB 75 -37.19 69.44 -72.13
N GLN SB 76 -36.36 68.40 -72.25
CA GLN SB 76 -34.92 68.57 -72.29
C GLN SB 76 -34.41 69.02 -73.66
N LYS SB 77 -35.28 69.08 -74.66
CA LYS SB 77 -34.94 69.57 -76.00
C LYS SB 77 -33.87 68.71 -76.66
N ARG TB 7 -44.10 10.99 11.24
CA ARG TB 7 -42.89 11.21 12.03
C ARG TB 7 -43.19 10.98 13.51
N ASN TB 8 -42.70 11.87 14.36
CA ASN TB 8 -42.94 11.79 15.81
C ASN TB 8 -44.05 12.78 16.16
N ARG TB 9 -45.22 12.24 16.49
CA ARG TB 9 -46.38 13.09 16.77
C ARG TB 9 -46.11 14.01 17.96
N TYR TB 10 -45.52 13.47 19.03
CA TYR TB 10 -45.27 14.29 20.20
C TYR TB 10 -44.26 15.38 19.91
N TRP TB 11 -43.22 15.06 19.13
CA TRP TB 11 -42.23 16.07 18.78
C TRP TB 11 -42.84 17.17 17.92
N TRP TB 12 -43.70 16.82 16.97
CA TRP TB 12 -44.29 17.81 16.08
C TRP TB 12 -45.48 18.53 16.68
N TYR TB 13 -46.05 18.04 17.80
CA TYR TB 13 -47.20 18.68 18.40
C TYR TB 13 -46.85 19.75 19.43
N ARG TB 14 -45.57 19.87 19.81
CA ARG TB 14 -45.15 20.93 20.71
C ARG TB 14 -43.83 21.55 20.26
N SER TB 15 -43.50 21.44 18.98
CA SER TB 15 -42.29 22.09 18.47
C SER TB 15 -42.46 23.59 18.39
N LEU TB 16 -43.66 24.06 18.01
CA LEU TB 16 -43.92 25.48 17.83
C LEU TB 16 -44.20 26.12 19.19
N TYR TB 17 -43.11 26.35 19.93
CA TYR TB 17 -43.16 27.10 21.19
C TYR TB 17 -44.16 26.50 22.18
N ASP TB 18 -44.22 25.17 22.21
CA ASP TB 18 -45.07 24.42 23.15
C ASP TB 18 -46.55 24.71 22.95
N ASP TB 19 -46.94 25.24 21.80
CA ASP TB 19 -48.33 25.57 21.52
C ASP TB 19 -48.86 24.66 20.43
N TYR TB 20 -50.14 24.29 20.54
CA TYR TB 20 -50.77 23.29 19.69
C TYR TB 20 -51.66 23.97 18.67
N VAL TB 21 -51.27 23.90 17.40
CA VAL TB 21 -52.08 24.41 16.30
C VAL TB 21 -52.21 23.31 15.25
N ALA TB 22 -52.07 22.07 15.69
CA ALA TB 22 -52.04 20.96 14.74
C ALA TB 22 -53.39 20.73 14.08
N ARG TB 23 -54.49 20.98 14.79
CA ARG TB 23 -55.80 20.81 14.17
C ARG TB 23 -55.98 21.78 13.00
N GLU TB 24 -55.60 23.04 13.21
CA GLU TB 24 -55.71 24.03 12.15
C GLU TB 24 -54.71 23.77 11.04
N ALA TB 25 -53.52 23.25 11.37
CA ALA TB 25 -52.57 22.88 10.33
C ALA TB 25 -53.10 21.73 9.48
N LYS TB 26 -53.72 20.74 10.12
CA LYS TB 26 -54.30 19.62 9.38
C LYS TB 26 -55.44 20.08 8.49
N LEU TB 27 -56.33 20.94 9.01
CA LEU TB 27 -57.41 21.44 8.19
C LEU TB 27 -56.95 22.42 7.12
N ALA TB 28 -55.72 22.93 7.23
CA ALA TB 28 -55.24 23.91 6.26
C ALA TB 28 -54.90 23.29 4.92
N PHE TB 29 -54.42 22.04 4.91
CA PHE TB 29 -53.98 21.42 3.67
C PHE TB 29 -55.13 21.24 2.68
N GLY TB 30 -56.29 20.81 3.18
CA GLY TB 30 -57.40 20.53 2.27
C GLY TB 30 -57.87 21.76 1.53
N ILE TB 31 -58.05 22.87 2.25
CA ILE TB 31 -58.47 24.11 1.60
C ILE TB 31 -57.33 24.68 0.77
N ALA TB 32 -56.10 24.64 1.29
CA ALA TB 32 -54.95 25.17 0.56
C ALA TB 32 -54.63 24.38 -0.70
N ALA TB 33 -55.19 23.18 -0.86
CA ALA TB 33 -54.96 22.39 -2.06
C ALA TB 33 -55.72 22.90 -3.27
N PHE TB 34 -56.63 23.85 -3.10
CA PHE TB 34 -57.45 24.34 -4.21
C PHE TB 34 -57.44 25.84 -4.40
N ILE TB 35 -57.04 26.63 -3.38
CA ILE TB 35 -57.08 28.09 -3.54
C ILE TB 35 -55.98 28.59 -4.45
N TRP TB 36 -54.98 27.77 -4.74
CA TRP TB 36 -53.86 28.19 -5.57
C TRP TB 36 -54.08 27.95 -7.06
N LEU TB 37 -55.19 27.30 -7.44
CA LEU TB 37 -55.38 26.98 -8.85
C LEU TB 37 -55.60 28.20 -9.73
N PRO TB 38 -56.48 29.15 -9.40
CA PRO TB 38 -56.58 30.35 -10.25
C PRO TB 38 -55.28 31.12 -10.37
N HIS TB 39 -54.57 31.27 -9.25
CA HIS TB 39 -53.29 31.96 -9.25
C HIS TB 39 -52.30 31.25 -10.15
N TYR TB 40 -52.26 29.91 -10.07
CA TYR TB 40 -51.33 29.13 -10.87
C TYR TB 40 -51.64 29.24 -12.36
N TYR TB 41 -52.92 29.15 -12.73
CA TYR TB 41 -53.27 29.20 -14.15
C TYR TB 41 -53.03 30.58 -14.73
N TRP TB 42 -53.40 31.64 -14.00
CA TRP TB 42 -53.12 32.97 -14.51
C TRP TB 42 -51.62 33.25 -14.54
N GLY TB 43 -50.86 32.66 -13.62
CA GLY TB 43 -49.41 32.79 -13.69
C GLY TB 43 -48.83 32.07 -14.88
N ILE TB 44 -49.41 30.93 -15.25
CA ILE TB 44 -49.02 30.26 -16.49
C ILE TB 44 -49.27 31.17 -17.69
N HIS TB 45 -50.44 31.81 -17.70
CA HIS TB 45 -50.74 32.75 -18.78
C HIS TB 45 -49.72 33.89 -18.83
N LEU TB 46 -49.40 34.45 -17.67
CA LEU TB 46 -48.44 35.55 -17.61
C LEU TB 46 -47.05 35.13 -18.04
N ASN TB 47 -46.62 33.93 -17.64
CA ASN TB 47 -45.32 33.43 -18.04
C ASN TB 47 -45.25 33.22 -19.54
N ARG TB 48 -46.32 32.70 -20.13
CA ARG TB 48 -46.34 32.55 -21.58
C ARG TB 48 -46.30 33.90 -22.28
N ALA TB 49 -47.01 34.89 -21.74
CA ALA TB 49 -46.98 36.23 -22.32
C ALA TB 49 -45.58 36.82 -22.26
N PHE TB 50 -44.89 36.66 -21.12
CA PHE TB 50 -43.53 37.15 -20.99
C PHE TB 50 -42.59 36.46 -21.97
N GLU TB 51 -42.75 35.15 -22.14
CA GLU TB 51 -41.90 34.42 -23.08
C GLU TB 51 -42.15 34.86 -24.51
N VAL TB 52 -43.41 35.10 -24.87
CA VAL TB 52 -43.73 35.58 -26.22
C VAL TB 52 -43.12 36.96 -26.43
N ASN TB 53 -43.19 37.83 -25.42
CA ASN TB 53 -42.60 39.15 -25.55
C ASN TB 53 -41.09 39.07 -25.72
N PHE TB 54 -40.43 38.18 -24.99
CA PHE TB 54 -38.99 38.03 -25.14
C PHE TB 54 -38.63 37.47 -26.52
N SER TB 55 -39.45 36.55 -27.03
CA SER TB 55 -39.24 36.06 -28.39
C SER TB 55 -39.37 37.19 -29.41
N HIS TB 56 -40.37 38.05 -29.22
CA HIS TB 56 -40.55 39.20 -30.11
C HIS TB 56 -39.36 40.15 -30.01
N ARG TB 57 -38.85 40.36 -28.79
CA ARG TB 57 -37.68 41.21 -28.63
C ARG TB 57 -36.48 40.66 -29.38
N ASN TB 58 -36.26 39.34 -29.27
CA ASN TB 58 -35.15 38.73 -30.00
C ASN TB 58 -35.32 38.90 -31.50
N TYR TB 59 -36.53 38.64 -32.00
CA TYR TB 59 -36.77 38.76 -33.44
C TYR TB 59 -36.56 40.19 -33.93
N ALA TB 60 -37.07 41.17 -33.18
CA ALA TB 60 -36.93 42.57 -33.59
C ALA TB 60 -35.47 43.00 -33.53
N HIS TB 61 -34.73 42.55 -32.53
CA HIS TB 61 -33.31 42.90 -32.43
C HIS TB 61 -32.52 42.29 -33.58
N GLU TB 62 -32.83 41.04 -33.95
CA GLU TB 62 -32.05 40.34 -34.97
C GLU TB 62 -32.58 40.60 -36.38
N TRP TB 63 -33.83 40.25 -36.64
CA TRP TB 63 -34.40 40.32 -37.98
C TRP TB 63 -35.08 41.65 -38.26
N GLY TB 64 -35.11 42.56 -37.31
CA GLY TB 64 -35.65 43.88 -37.55
C GLY TB 64 -34.89 44.66 -38.60
N PRO TB 65 -33.57 44.83 -38.40
CA PRO TB 65 -32.77 45.50 -39.42
C PRO TB 65 -32.75 44.80 -40.76
N ARG TB 66 -32.83 43.47 -40.78
CA ARG TB 66 -32.69 42.72 -42.04
C ARG TB 66 -33.87 42.97 -42.98
N ARG TB 67 -35.08 43.08 -42.42
CA ARG TB 67 -36.25 43.28 -43.27
C ARG TB 67 -36.24 44.65 -43.93
N ASN TB 68 -35.71 45.66 -43.24
CA ASN TB 68 -35.59 46.99 -43.84
C ASN TB 68 -34.66 46.98 -45.04
N ARG TB 69 -33.54 46.25 -44.94
CA ARG TB 69 -32.65 46.11 -46.08
C ARG TB 69 -33.33 45.40 -47.23
N LEU TB 70 -34.16 44.40 -46.92
CA LEU TB 70 -34.90 43.69 -47.97
C LEU TB 70 -35.87 44.62 -48.68
N ALA TB 71 -36.57 45.48 -47.92
CA ALA TB 71 -37.46 46.46 -48.55
C ALA TB 71 -36.67 47.45 -49.40
N HIS TB 72 -35.51 47.89 -48.89
CA HIS TB 72 -34.66 48.80 -49.64
C HIS TB 72 -34.24 48.18 -50.98
N SER TB 73 -33.85 46.91 -50.95
CA SER TB 73 -33.46 46.23 -52.18
C SER TB 73 -34.64 46.00 -53.10
N LEU TB 74 -35.84 45.76 -52.55
CA LEU TB 74 -37.03 45.64 -53.39
C LEU TB 74 -37.27 46.93 -54.17
N GLU TB 75 -37.18 48.08 -53.48
CA GLU TB 75 -37.37 49.36 -54.16
C GLU TB 75 -36.29 49.59 -55.21
N PHE TB 76 -35.03 49.27 -54.87
CA PHE TB 76 -33.96 49.42 -55.85
C PHE TB 76 -34.17 48.52 -57.06
N GLU TB 77 -34.73 47.32 -56.85
CA GLU TB 77 -34.99 46.44 -57.99
C GLU TB 77 -36.12 46.95 -58.87
N GLN TB 78 -37.14 47.55 -58.26
CA GLN TB 78 -38.17 48.20 -59.06
C GLN TB 78 -37.55 49.30 -59.92
N PHE TB 79 -36.67 50.11 -59.32
CA PHE TB 79 -36.00 51.14 -60.09
C PHE TB 79 -35.14 50.54 -61.19
N ASP TB 80 -34.52 49.38 -60.94
CA ASP TB 80 -33.70 48.74 -61.96
C ASP TB 80 -34.53 48.31 -63.16
N MET TB 81 -35.70 47.74 -62.91
CA MET TB 81 -36.58 47.36 -64.02
C MET TB 81 -37.01 48.59 -64.82
N ILE TB 82 -37.40 49.66 -64.12
CA ILE TB 82 -37.76 50.88 -64.81
C ILE TB 82 -36.59 51.43 -65.60
N LEU TB 83 -35.37 51.30 -65.06
CA LEU TB 83 -34.18 51.80 -65.74
C LEU TB 83 -33.88 51.00 -66.99
N GLU TB 84 -34.06 49.69 -66.95
CA GLU TB 84 -33.87 48.89 -68.15
C GLU TB 84 -34.84 49.30 -69.24
N ASN TB 85 -36.11 49.50 -68.90
CA ASN TB 85 -37.07 49.94 -69.90
C ASN TB 85 -36.72 51.33 -70.43
N TRP TB 86 -36.26 52.22 -69.53
CA TRP TB 86 -35.88 53.56 -69.94
C TRP TB 86 -34.68 53.53 -70.89
N GLN TB 87 -33.72 52.63 -70.63
CA GLN TB 87 -32.56 52.52 -71.51
C GLN TB 87 -32.94 51.95 -72.86
N ASP TB 88 -33.90 51.01 -72.88
CA ASP TB 88 -34.42 50.54 -74.17
C ASP TB 88 -35.06 51.69 -74.95
N LEU TB 89 -35.83 52.53 -74.26
CA LEU TB 89 -36.40 53.71 -74.92
C LEU TB 89 -35.32 54.65 -75.41
N GLU TB 90 -34.24 54.81 -74.64
CA GLU TB 90 -33.14 55.67 -75.07
C GLU TB 90 -32.47 55.12 -76.32
N ASP TB 91 -32.30 53.80 -76.40
CA ASP TB 91 -31.76 53.21 -77.62
C ASP TB 91 -32.68 53.45 -78.81
N GLU TB 92 -33.99 53.27 -78.61
CA GLU TB 92 -34.92 53.52 -79.70
C GLU TB 92 -34.87 54.98 -80.16
N TYR TB 93 -34.77 55.91 -79.21
CA TYR TB 93 -34.65 57.33 -79.56
C TYR TB 93 -33.32 57.62 -80.24
N ALA TB 94 -32.27 56.88 -79.89
CA ALA TB 94 -31.00 57.03 -80.60
C ALA TB 94 -31.11 56.56 -82.04
N GLN TB 95 -31.89 55.52 -82.29
CA GLN TB 95 -32.16 55.12 -83.68
C GLN TB 95 -33.00 56.18 -84.38
N ARG TB 96 -34.21 56.43 -83.89
CA ARG TB 96 -35.11 57.42 -84.46
C ARG TB 96 -34.82 58.75 -83.80
N GLY TB 97 -33.99 59.58 -84.45
CA GLY TB 97 -33.47 60.77 -83.81
C GLY TB 97 -34.54 61.70 -83.31
N ASP TB 98 -35.54 61.99 -84.15
CA ASP TB 98 -36.65 62.84 -83.75
C ASP TB 98 -38.00 62.33 -84.20
N GLY TB 99 -38.06 61.23 -84.94
CA GLY TB 99 -39.35 60.66 -85.31
C GLY TB 99 -40.09 60.01 -84.16
N MET TB 100 -39.36 59.62 -83.11
CA MET TB 100 -40.01 59.04 -81.94
C MET TB 100 -40.90 60.06 -81.24
N LEU TB 101 -40.44 61.29 -81.10
CA LEU TB 101 -41.22 62.34 -80.45
C LEU TB 101 -42.41 62.74 -81.30
N ASN UB 2 -1.80 59.94 84.41
CA ASN UB 2 -1.47 61.34 84.67
C ASN UB 2 -2.73 62.18 84.80
N ARG UB 3 -3.25 62.26 86.02
CA ARG UB 3 -4.50 62.95 86.27
C ARG UB 3 -4.34 64.46 86.07
N PHE UB 4 -5.41 65.09 85.58
CA PHE UB 4 -5.44 66.54 85.38
C PHE UB 4 -5.23 67.24 86.72
N PHE UB 5 -4.09 67.91 86.89
CA PHE UB 5 -3.66 68.34 88.22
C PHE UB 5 -4.57 69.40 88.80
N LYS UB 6 -4.85 70.46 88.05
CA LYS UB 6 -5.55 71.60 88.62
C LYS UB 6 -6.16 72.45 87.52
N VAL UB 7 -7.34 72.98 87.78
CA VAL UB 7 -7.99 73.98 86.93
C VAL UB 7 -7.97 75.30 87.69
N SER UB 8 -7.27 76.29 87.17
CA SER UB 8 -7.08 77.55 87.86
C SER UB 8 -8.22 78.53 87.65
N SER UB 9 -9.22 78.18 86.86
CA SER UB 9 -10.35 79.08 86.62
C SER UB 9 -11.24 79.17 87.85
N LYS UB 10 -11.94 80.30 87.97
CA LYS UB 10 -12.93 80.49 89.02
C LYS UB 10 -14.30 79.94 88.66
N TYR UB 11 -14.47 79.46 87.43
CA TYR UB 11 -15.71 78.82 87.01
C TYR UB 11 -15.73 77.40 87.57
N GLN UB 12 -16.70 77.11 88.44
CA GLN UB 12 -16.76 75.80 89.09
C GLN UB 12 -17.13 74.69 88.14
N TYR UB 13 -17.65 75.01 86.95
CA TYR UB 13 -17.94 73.98 85.96
C TYR UB 13 -16.66 73.33 85.46
N TYR UB 14 -15.67 74.14 85.06
CA TYR UB 14 -14.42 73.64 84.52
C TYR UB 14 -13.67 72.74 85.49
N LYS UB 15 -14.14 72.61 86.73
CA LYS UB 15 -13.55 71.68 87.68
C LYS UB 15 -13.76 70.23 87.29
N TYR UB 16 -14.62 69.95 86.30
CA TYR UB 16 -14.82 68.56 85.88
C TYR UB 16 -13.53 67.96 85.32
N LEU UB 17 -12.63 68.80 84.81
CA LEU UB 17 -11.42 68.29 84.15
C LEU UB 17 -10.53 67.54 85.13
N GLU UB 18 -10.48 67.98 86.39
CA GLU UB 18 -9.54 67.41 87.35
C GLU UB 18 -9.83 65.96 87.68
N GLN UB 19 -11.02 65.47 87.35
CA GLN UB 19 -11.39 64.09 87.70
C GLN UB 19 -10.76 63.06 86.77
N TYR UB 20 -10.45 63.43 85.54
CA TYR UB 20 -10.12 62.47 84.50
C TYR UB 20 -8.63 62.46 84.20
N ASP UB 21 -8.18 61.33 83.65
CA ASP UB 21 -6.80 61.15 83.25
C ASP UB 21 -6.51 61.96 81.98
N ALA UB 22 -5.23 62.30 81.79
CA ALA UB 22 -4.84 63.04 80.60
C ALA UB 22 -5.09 62.22 79.34
N ALA UB 23 -4.83 60.91 79.40
CA ALA UB 23 -5.10 60.06 78.25
C ALA UB 23 -6.59 60.01 77.93
N PHE UB 24 -7.43 59.95 78.97
CA PHE UB 24 -8.87 59.92 78.77
C PHE UB 24 -9.35 61.21 78.09
N LEU UB 25 -8.85 62.36 78.54
CA LEU UB 25 -9.23 63.61 77.91
C LEU UB 25 -8.69 63.69 76.49
N ARG UB 26 -7.48 63.19 76.25
CA ARG UB 26 -6.91 63.20 74.91
C ARG UB 26 -7.74 62.35 73.96
N LYS UB 27 -8.25 61.21 74.43
CA LYS UB 27 -9.02 60.35 73.56
C LYS UB 27 -10.37 60.95 73.20
N TYR UB 28 -11.02 61.61 74.15
CA TYR UB 28 -12.39 62.10 73.96
C TYR UB 28 -12.49 63.61 73.83
N GLN UB 29 -11.37 64.33 73.93
CA GLN UB 29 -11.37 65.76 73.62
C GLN UB 29 -10.32 66.12 72.58
N SER UB 30 -9.64 65.13 72.00
CA SER UB 30 -8.67 65.37 70.95
C SER UB 30 -8.68 64.17 70.02
N GLU UB 31 -7.73 64.14 69.09
CA GLU UB 31 -7.62 63.08 68.10
C GLU UB 31 -8.93 62.91 67.33
N THR UB 32 -9.69 61.85 67.62
CA THR UB 32 -10.93 61.61 66.90
C THR UB 32 -11.98 62.66 67.25
N HIS UB 33 -12.01 63.10 68.51
CA HIS UB 33 -12.98 64.08 68.99
C HIS UB 33 -12.41 65.50 68.99
N TRP UB 34 -11.47 65.79 68.09
CA TRP UB 34 -10.84 67.11 68.09
C TRP UB 34 -11.85 68.20 67.75
N TYR UB 35 -12.72 67.96 66.79
CA TYR UB 35 -13.73 68.94 66.39
C TYR UB 35 -14.91 68.99 67.35
N LEU UB 36 -14.78 68.34 68.51
CA LEU UB 36 -15.83 68.33 69.53
C LEU UB 36 -15.30 68.57 70.92
N GLY UB 37 -14.00 68.47 71.15
CA GLY UB 37 -13.47 68.46 72.51
C GLY UB 37 -13.69 69.79 73.21
N ARG UB 38 -14.25 69.73 74.41
CA ARG UB 38 -14.41 70.88 75.30
C ARG UB 38 -15.31 71.96 74.73
N ARG UB 39 -16.11 71.63 73.71
CA ARG UB 39 -16.98 72.59 73.06
C ARG UB 39 -18.43 72.14 73.18
N GLY UB 40 -19.31 73.08 73.50
CA GLY UB 40 -20.73 72.82 73.44
C GLY UB 40 -21.23 72.90 72.01
N ALA UB 41 -21.56 71.75 71.42
CA ALA UB 41 -21.90 71.67 70.00
C ALA UB 41 -23.37 72.00 69.76
N TRP UB 42 -23.75 73.21 70.18
CA TRP UB 42 -25.09 73.70 69.89
C TRP UB 42 -25.25 73.99 68.41
N LYS UB 43 -24.17 74.43 67.74
CA LYS UB 43 -24.25 74.73 66.32
C LYS UB 43 -24.57 73.50 65.50
N ASN UB 44 -24.10 72.33 65.94
CA ASN UB 44 -24.48 71.09 65.26
C ASN UB 44 -25.99 70.89 65.30
N LEU UB 45 -26.60 71.13 66.45
CA LEU UB 45 -28.05 70.99 66.57
C LEU UB 45 -28.78 72.01 65.72
N VAL UB 46 -28.32 73.27 65.73
CA VAL UB 46 -28.97 74.30 64.94
C VAL UB 46 -28.87 73.99 63.45
N ILE UB 47 -27.69 73.57 62.98
CA ILE UB 47 -27.51 73.27 61.57
C ILE UB 47 -28.27 72.02 61.17
N LYS UB 48 -28.36 71.03 62.06
CA LYS UB 48 -29.19 69.86 61.77
C LYS UB 48 -30.66 70.27 61.59
N TYR UB 49 -31.15 71.11 62.49
CA TYR UB 49 -32.53 71.60 62.35
C TYR UB 49 -32.71 72.41 61.08
N ALA UB 50 -31.67 73.14 60.66
CA ALA UB 50 -31.73 73.85 59.40
C ALA UB 50 -31.83 72.89 58.22
N GLY UB 51 -31.05 71.81 58.26
CA GLY UB 51 -31.03 70.87 57.16
C GLY UB 51 -32.32 70.06 57.02
N ASP UB 52 -32.88 69.61 58.15
CA ASP UB 52 -33.95 68.61 58.07
C ASP UB 52 -35.34 69.19 57.88
N HIS UB 53 -35.51 70.51 57.96
CA HIS UB 53 -36.82 71.11 57.78
C HIS UB 53 -37.09 71.43 56.31
N ILE UB 54 -38.35 71.74 56.01
CA ILE UB 54 -38.74 72.13 54.65
C ILE UB 54 -38.55 73.64 54.58
N SER UB 55 -37.33 74.05 54.33
CA SER UB 55 -36.99 75.47 54.32
C SER UB 55 -37.13 76.02 52.91
N LEU UB 56 -36.66 77.24 52.70
CA LEU UB 56 -36.56 77.79 51.35
C LEU UB 56 -35.43 77.10 50.61
N GLU UB 57 -35.72 76.60 49.41
CA GLU UB 57 -34.75 75.84 48.65
C GLU UB 57 -33.84 76.70 47.79
N GLU UB 58 -33.96 78.02 47.87
CA GLU UB 58 -33.08 78.92 47.14
C GLU UB 58 -31.91 79.28 48.05
N GLU UB 59 -30.83 78.51 47.94
CA GLU UB 59 -29.63 78.74 48.73
C GLU UB 59 -28.59 79.46 47.88
N HIS UB 60 -28.09 80.59 48.39
CA HIS UB 60 -27.01 81.29 47.71
C HIS UB 60 -25.67 80.65 48.04
N ASN UB 61 -25.31 80.65 49.31
CA ASN UB 61 -24.13 79.91 49.77
C ASN UB 61 -24.48 79.17 51.05
N VAL UB 62 -23.48 78.64 51.75
CA VAL UB 62 -23.75 77.86 52.95
C VAL UB 62 -24.43 78.71 54.01
N LYS UB 63 -23.94 79.94 54.21
CA LYS UB 63 -24.45 80.76 55.30
C LYS UB 63 -25.84 81.31 55.01
N TYR UB 64 -26.06 81.79 53.79
CA TYR UB 64 -27.25 82.59 53.48
C TYR UB 64 -28.10 81.96 52.40
N LYS UB 65 -29.39 82.28 52.43
CA LYS UB 65 -30.28 81.99 51.32
C LYS UB 65 -30.14 83.06 50.24
N THR UB 66 -30.70 82.77 49.07
CA THR UB 66 -30.71 83.76 48.00
C THR UB 66 -31.60 84.93 48.39
N HIS UB 67 -31.15 86.14 48.05
CA HIS UB 67 -31.94 87.33 48.33
C HIS UB 67 -33.28 87.25 47.62
N LEU UB 68 -34.34 87.64 48.33
CA LEU UB 68 -35.69 87.49 47.79
C LEU UB 68 -35.89 88.32 46.54
N SER UB 69 -35.18 89.45 46.41
CA SER UB 69 -35.30 90.27 45.21
C SER UB 69 -34.90 89.49 43.97
N PHE UB 70 -33.74 88.83 44.02
CA PHE UB 70 -33.28 88.04 42.89
C PHE UB 70 -34.23 86.89 42.59
N VAL UB 71 -34.68 86.19 43.64
CA VAL UB 71 -35.60 85.06 43.46
C VAL UB 71 -36.86 85.51 42.74
N TYR UB 72 -37.48 86.57 43.23
CA TYR UB 72 -38.76 87.02 42.67
C TYR UB 72 -38.56 87.57 41.27
N LEU UB 73 -37.48 88.31 41.04
CA LEU UB 73 -37.20 88.79 39.69
C LEU UB 73 -37.08 87.62 38.71
N SER UB 74 -36.32 86.60 39.10
CA SER UB 74 -36.13 85.44 38.23
C SER UB 74 -37.46 84.77 37.95
N TYR UB 75 -38.28 84.56 38.98
CA TYR UB 75 -39.52 83.81 38.79
C TYR UB 75 -40.52 84.58 37.94
N ARG UB 76 -40.68 85.88 38.21
CA ARG UB 76 -41.60 86.70 37.43
C ARG UB 76 -41.16 86.78 35.97
N LEU UB 77 -39.87 87.02 35.74
CA LEU UB 77 -39.39 87.06 34.36
C LEU UB 77 -39.60 85.74 33.66
N ALA UB 78 -39.31 84.62 34.34
CA ALA UB 78 -39.49 83.32 33.73
C ALA UB 78 -40.94 83.11 33.32
N TRP UB 79 -41.87 83.37 34.23
CA TRP UB 79 -43.28 83.14 33.91
C TRP UB 79 -43.75 84.02 32.76
N VAL UB 80 -43.43 85.32 32.81
CA VAL UB 80 -43.93 86.22 31.79
C VAL UB 80 -43.30 85.91 30.43
N LEU UB 81 -42.00 85.67 30.38
CA LEU UB 81 -41.34 85.38 29.11
C LEU UB 81 -41.81 84.05 28.53
N PHE UB 82 -42.03 83.04 29.39
CA PHE UB 82 -42.54 81.76 28.90
C PHE UB 82 -43.94 81.92 28.33
N ALA UB 83 -44.79 82.70 29.01
CA ALA UB 83 -46.12 82.96 28.49
C ALA UB 83 -46.03 83.68 27.14
N TYR UB 84 -45.13 84.65 27.02
CA TYR UB 84 -44.93 85.34 25.76
C TYR UB 84 -44.52 84.38 24.66
N VAL UB 85 -43.57 83.50 24.96
CA VAL UB 85 -43.09 82.54 23.96
C VAL UB 85 -44.25 81.68 23.47
N LEU UB 86 -44.99 81.09 24.41
CA LEU UB 86 -46.09 80.20 24.02
C LEU UB 86 -47.15 80.93 23.22
N ILE UB 87 -47.59 82.09 23.71
CA ILE UB 87 -48.69 82.80 23.07
C ILE UB 87 -48.28 83.28 21.69
N TYR UB 88 -47.09 83.85 21.56
CA TYR UB 88 -46.65 84.36 20.27
C TYR UB 88 -46.43 83.24 19.27
N ASN UB 89 -45.84 82.13 19.70
CA ASN UB 89 -45.56 81.05 18.76
C ASN UB 89 -46.78 80.19 18.48
N HIS UB 90 -47.87 80.35 19.21
CA HIS UB 90 -49.10 79.61 18.89
C HIS UB 90 -50.21 80.47 18.31
N PHE UB 91 -50.23 81.77 18.59
CA PHE UB 91 -51.34 82.62 18.18
C PHE UB 91 -50.96 83.82 17.33
N LEU UB 92 -49.71 84.29 17.38
CA LEU UB 92 -49.38 85.56 16.74
C LEU UB 92 -48.30 85.43 15.69
N LEU UB 93 -48.40 84.42 14.83
CA LEU UB 93 -47.46 84.26 13.72
C LEU UB 93 -48.08 84.59 12.37
N GLY UB 94 -49.32 85.06 12.33
CA GLY UB 94 -49.91 85.45 11.06
C GLY UB 94 -49.22 86.65 10.44
N ASP UB 95 -48.92 87.66 11.25
CA ASP UB 95 -48.17 88.84 10.83
C ASP UB 95 -46.87 88.85 11.62
N ILE UB 96 -45.78 88.45 10.98
CA ILE UB 96 -44.47 88.48 11.64
C ILE UB 96 -44.03 89.92 11.88
N GLY UB 97 -44.33 90.81 10.94
CA GLY UB 97 -43.93 92.20 11.09
C GLY UB 97 -44.59 92.89 12.27
N LYS UB 98 -45.86 92.56 12.53
CA LYS UB 98 -46.56 93.19 13.64
C LYS UB 98 -46.04 92.70 14.98
N THR UB 99 -45.87 91.39 15.14
CA THR UB 99 -45.60 90.79 16.43
C THR UB 99 -44.13 90.55 16.70
N PHE UB 100 -43.24 90.90 15.77
CA PHE UB 100 -41.81 90.71 15.95
C PHE UB 100 -41.07 91.96 15.52
N ASN UB 101 -39.90 92.16 16.12
CA ASN UB 101 -38.95 93.18 15.70
C ASN UB 101 -37.71 92.51 15.14
N VAL UB 102 -37.09 93.15 14.16
CA VAL UB 102 -35.87 92.65 13.54
C VAL UB 102 -34.69 93.35 14.19
N GLY UB 103 -33.82 92.58 14.84
CA GLY UB 103 -32.69 93.14 15.52
C GLY UB 103 -31.42 92.39 15.16
N GLU UB 104 -30.29 93.05 15.40
CA GLU UB 104 -29.00 92.53 14.98
C GLU UB 104 -27.90 93.40 15.57
N TRP UB 105 -26.78 92.78 15.91
CA TRP UB 105 -25.55 93.52 16.17
C TRP UB 105 -24.37 92.65 15.74
N ASP UB 106 -23.43 93.25 15.02
CA ASP UB 106 -22.35 92.52 14.39
C ASP UB 106 -21.02 92.92 15.02
N HIS UB 107 -19.93 92.39 14.45
CA HIS UB 107 -18.60 92.66 14.96
C HIS UB 107 -18.21 94.12 14.72
N ARG UB 108 -17.29 94.62 15.55
CA ARG UB 108 -16.75 95.96 15.36
C ARG UB 108 -15.92 96.06 14.09
N LEU UB 109 -15.33 94.96 13.65
CA LEU UB 109 -14.54 94.98 12.43
C LEU UB 109 -15.39 95.32 11.22
N LYS UB 110 -16.57 94.74 11.13
CA LYS UB 110 -17.47 94.98 10.01
C LYS UB 110 -18.22 96.28 10.19
N PRO UB 111 -18.69 96.89 9.10
CA PRO UB 111 -19.49 98.11 9.23
C PRO UB 111 -20.78 97.83 9.98
N SER UB 112 -21.27 98.87 10.66
CA SER UB 112 -22.43 98.71 11.54
C SER UB 112 -23.62 98.16 10.77
N ALA UB 113 -24.30 97.19 11.37
CA ALA UB 113 -25.38 96.51 10.71
C ALA UB 113 -26.59 97.42 10.51
N GLU UB 114 -27.42 97.09 9.53
CA GLU UB 114 -28.60 97.88 9.25
C GLU UB 114 -29.58 97.86 10.43
N ARG UB 115 -29.68 96.72 11.10
CA ARG UB 115 -30.59 96.55 12.23
C ARG UB 115 -29.92 96.82 13.57
N ASP UB 116 -28.68 97.31 13.56
CA ASP UB 116 -27.95 97.60 14.80
C ASP UB 116 -28.30 99.01 15.27
N TYR UB 117 -29.50 99.14 15.82
CA TYR UB 117 -30.00 100.38 16.38
C TYR UB 117 -30.78 100.08 17.64
N PRO UB 118 -30.96 101.06 18.53
CA PRO UB 118 -31.79 100.83 19.71
C PRO UB 118 -33.27 100.79 19.33
N THR UB 119 -33.94 99.73 19.77
CA THR UB 119 -35.36 99.59 19.49
C THR UB 119 -36.15 100.64 20.28
N ARG UB 120 -37.36 100.92 19.80
CA ARG UB 120 -38.30 101.89 20.35
C ARG UB 120 -37.84 103.33 20.15
N TYR UB 121 -36.64 103.54 19.61
CA TYR UB 121 -36.14 104.88 19.29
C TYR UB 121 -35.73 104.95 17.83
N GLU UB 122 -36.43 104.22 16.96
CA GLU UB 122 -36.12 104.25 15.54
C GLU UB 122 -36.50 105.58 14.90
N SER UB 123 -37.40 106.34 15.51
CA SER UB 123 -37.81 107.63 15.01
C SER UB 123 -37.06 108.79 15.69
N LEU UB 124 -36.11 108.48 16.57
CA LEU UB 124 -35.32 109.49 17.25
C LEU UB 124 -33.85 109.49 16.85
N TYR UB 125 -33.24 108.32 16.73
CA TYR UB 125 -31.80 108.23 16.57
C TYR UB 125 -31.43 107.30 15.42
N ILE UB 126 -30.28 107.58 14.82
CA ILE UB 126 -29.62 106.69 13.88
C ILE UB 126 -28.29 106.31 14.51
N LEU UB 127 -28.13 105.05 14.86
CA LEU UB 127 -26.98 104.61 15.64
C LEU UB 127 -25.91 104.08 14.70
N ASP UB 128 -24.67 104.56 14.90
CA ASP UB 128 -23.54 104.11 14.12
C ASP UB 128 -22.32 104.13 15.01
N ARG UB 129 -21.26 103.44 14.57
CA ARG UB 129 -20.03 103.37 15.34
C ARG UB 129 -18.85 103.23 14.40
N THR UB 130 -17.68 103.65 14.88
CA THR UB 130 -16.46 103.52 14.10
C THR UB 130 -15.92 102.10 14.20
N GLN UB 131 -15.44 101.59 13.07
CA GLN UB 131 -14.89 100.24 13.03
C GLN UB 131 -13.55 100.18 13.77
N LYS UB 132 -13.25 99.01 14.32
CA LYS UB 132 -12.05 98.80 15.10
C LYS UB 132 -11.38 97.51 14.65
N TRP UB 133 -10.07 97.43 14.87
CA TRP UB 133 -9.31 96.23 14.58
C TRP UB 133 -8.19 96.03 15.60
N GLU VB 30 -74.76 72.90 61.65
CA GLU VB 30 -74.36 73.37 60.33
C GLU VB 30 -75.17 72.70 59.24
N TYR VB 31 -76.45 72.46 59.51
CA TYR VB 31 -77.35 71.85 58.54
C TYR VB 31 -78.04 72.94 57.74
N ASP VB 32 -77.83 72.94 56.42
CA ASP VB 32 -78.45 73.88 55.51
C ASP VB 32 -79.37 73.09 54.59
N TRP VB 33 -80.68 73.26 54.76
CA TRP VB 33 -81.63 72.48 53.99
C TRP VB 33 -81.53 72.74 52.50
N ARG VB 34 -80.94 73.87 52.11
CA ARG VB 34 -80.74 74.16 50.70
C ARG VB 34 -79.77 73.17 50.06
N ASP VB 35 -78.81 72.67 50.83
CA ASP VB 35 -77.88 71.67 50.36
C ASP VB 35 -78.41 70.25 50.48
N ASP VB 36 -79.59 70.07 51.07
CA ASP VB 36 -80.16 68.74 51.25
C ASP VB 36 -81.01 68.36 50.05
N PRO VB 37 -80.68 67.29 49.33
CA PRO VB 37 -81.47 66.94 48.14
C PRO VB 37 -82.91 66.61 48.42
N LYS VB 38 -83.26 66.23 49.65
CA LYS VB 38 -84.64 65.87 49.95
C LYS VB 38 -85.51 67.11 50.14
N VAL VB 39 -85.08 68.03 51.02
CA VAL VB 39 -85.87 69.23 51.27
C VAL VB 39 -85.83 70.16 50.08
N ASN VB 40 -84.65 70.35 49.48
CA ASN VB 40 -84.48 71.25 48.35
C ASN VB 40 -84.75 70.48 47.06
N LYS VB 41 -85.90 70.75 46.45
CA LYS VB 41 -86.29 70.05 45.23
C LYS VB 41 -85.57 70.56 43.99
N ASP VB 42 -84.88 71.71 44.07
CA ASP VB 42 -84.16 72.23 42.94
C ASP VB 42 -82.80 71.55 42.73
N ILE VB 43 -82.39 70.66 43.63
CA ILE VB 43 -81.17 69.88 43.45
C ILE VB 43 -81.53 68.70 42.55
N GLU VB 44 -81.13 68.76 41.28
CA GLU VB 44 -81.44 67.68 40.36
C GLU VB 44 -80.59 66.46 40.67
N GLU VB 45 -81.20 65.28 40.58
CA GLU VB 45 -80.55 64.03 40.93
C GLU VB 45 -79.92 63.40 39.70
N ASP VB 46 -78.65 63.03 39.81
CA ASP VB 46 -77.98 62.25 38.78
C ASP VB 46 -78.31 60.79 39.04
N ILE VB 47 -79.20 60.22 38.22
CA ILE VB 47 -79.69 58.88 38.45
C ILE VB 47 -78.58 57.84 38.31
N ARG VB 48 -77.50 58.17 37.60
CA ARG VB 48 -76.36 57.27 37.49
C ARG VB 48 -75.51 57.23 38.76
N ASP VB 49 -75.80 58.09 39.74
CA ASP VB 49 -75.14 58.10 41.02
C ASP VB 49 -76.15 57.94 42.15
N ARG VB 50 -77.13 57.07 41.96
CA ARG VB 50 -78.23 56.98 42.92
C ARG VB 50 -77.77 56.36 44.23
N GLY VB 51 -77.05 55.25 44.16
CA GLY VB 51 -76.59 54.58 45.35
C GLY VB 51 -75.22 54.97 45.84
N TRP VB 52 -74.60 55.99 45.24
CA TRP VB 52 -73.22 56.35 45.53
C TRP VB 52 -73.15 57.80 45.99
N HIS VB 53 -72.52 58.02 47.13
CA HIS VB 53 -72.28 59.36 47.66
C HIS VB 53 -70.78 59.57 47.82
N PRO VB 54 -70.12 60.19 46.85
CA PRO VB 54 -68.66 60.38 46.98
C PRO VB 54 -68.26 61.27 48.14
N GLU VB 55 -69.21 62.01 48.74
CA GLU VB 55 -68.89 62.80 49.92
C GLU VB 55 -68.55 61.91 51.11
N THR VB 56 -69.17 60.75 51.21
CA THR VB 56 -68.95 59.83 52.32
C THR VB 56 -67.85 58.82 52.06
N TYR VB 57 -67.15 58.93 50.93
CA TYR VB 57 -66.05 58.01 50.65
C TYR VB 57 -64.89 58.29 51.59
N ASP VB 58 -64.46 57.28 52.33
CA ASP VB 58 -63.26 57.40 53.13
C ASP VB 58 -62.04 57.11 52.26
N PHE VB 59 -60.91 57.69 52.65
CA PHE VB 59 -59.66 57.50 51.92
C PHE VB 59 -58.60 56.97 52.87
N PRO VB 60 -58.14 55.71 52.72
CA PRO VB 60 -58.52 54.77 51.65
C PRO VB 60 -59.92 54.18 51.82
N TYR VB 61 -60.53 53.80 50.70
CA TYR VB 61 -61.89 53.29 50.71
C TYR VB 61 -61.94 51.95 51.42
N THR VB 62 -62.89 51.80 52.35
CA THR VB 62 -63.02 50.58 53.13
C THR VB 62 -64.45 50.06 53.20
N LYS VB 63 -65.41 50.69 52.52
CA LYS VB 63 -66.78 50.22 52.56
C LYS VB 63 -66.92 48.88 51.84
N LYS VB 64 -67.95 48.13 52.22
CA LYS VB 64 -68.26 46.85 51.60
C LYS VB 64 -69.66 46.94 51.01
N HIS VB 65 -69.75 47.24 49.71
CA HIS VB 65 -71.03 47.34 49.03
C HIS VB 65 -71.33 46.13 48.15
N ASP VB 66 -70.55 45.06 48.28
CA ASP VB 66 -70.78 43.83 47.53
C ASP VB 66 -70.81 42.65 48.49
N ASP VB 67 -71.78 41.76 48.27
CA ASP VB 67 -71.91 40.54 49.06
C ASP VB 67 -72.71 39.55 48.22
N TRP VB 68 -72.91 38.35 48.77
CA TRP VB 68 -73.65 37.32 48.07
C TRP VB 68 -75.07 37.79 47.78
N VAL VB 69 -75.52 37.58 46.55
CA VAL VB 69 -76.86 37.96 46.12
C VAL VB 69 -77.59 36.69 45.70
N PHE VB 70 -78.72 36.43 46.33
CA PHE VB 70 -79.56 35.29 45.99
C PHE VB 70 -81.01 35.76 45.91
N ASP VB 71 -81.91 34.81 45.60
CA ASP VB 71 -83.34 35.06 45.46
C ASP VB 71 -83.64 36.05 44.33
N VAL VB 72 -82.72 36.20 43.37
CA VAL VB 72 -82.99 36.97 42.16
C VAL VB 72 -83.44 36.00 41.08
N THR VB 73 -82.56 35.07 40.73
CA THR VB 73 -82.90 33.94 39.88
C THR VB 73 -82.60 32.60 40.54
N MET VB 74 -81.54 32.52 41.33
CA MET VB 74 -81.22 31.30 42.07
C MET VB 74 -81.68 31.48 43.51
N PRO VB 75 -82.68 30.73 43.97
CA PRO VB 75 -83.17 30.91 45.33
C PRO VB 75 -82.14 30.49 46.37
N SER VB 76 -82.23 31.10 47.55
CA SER VB 76 -81.38 30.71 48.66
C SER VB 76 -81.89 29.47 49.38
N GLN VB 77 -83.13 29.06 49.13
CA GLN VB 77 -83.66 27.83 49.69
C GLN VB 77 -83.13 26.63 48.94
N ASN VB 78 -83.46 25.44 49.44
CA ASN VB 78 -82.95 24.19 48.89
C ASN VB 78 -84.12 23.42 48.28
N TYR VB 79 -84.09 23.28 46.95
CA TYR VB 79 -85.10 22.51 46.22
C TYR VB 79 -84.44 21.53 45.25
N GLN VB 80 -83.23 21.07 45.58
CA GLN VB 80 -82.52 20.18 44.67
C GLN VB 80 -83.25 18.87 44.49
N THR VB 81 -83.77 18.31 45.58
CA THR VB 81 -84.49 17.03 45.54
C THR VB 81 -86.00 17.22 45.59
N ASP VB 82 -86.49 18.45 45.64
CA ASP VB 82 -87.92 18.71 45.74
C ASP VB 82 -88.58 18.46 44.40
N LEU VB 83 -89.36 17.39 44.30
CA LEU VB 83 -90.01 17.05 43.04
C LEU VB 83 -91.23 17.91 42.75
N THR VB 84 -91.77 18.59 43.76
CA THR VB 84 -92.95 19.42 43.57
C THR VB 84 -92.60 20.87 43.22
N VAL VB 85 -91.32 21.19 43.08
CA VAL VB 85 -90.88 22.56 42.82
C VAL VB 85 -89.98 22.56 41.59
N ASN VB 86 -90.31 23.42 40.63
CA ASN VB 86 -89.48 23.68 39.47
C ASN VB 86 -89.00 25.12 39.52
N ILE VB 87 -87.71 25.32 39.25
CA ILE VB 87 -87.12 26.65 39.27
C ILE VB 87 -87.16 27.22 37.86
N HIS VB 88 -87.81 28.37 37.70
CA HIS VB 88 -87.92 29.06 36.41
C HIS VB 88 -87.23 30.40 36.53
N PRO VB 89 -85.94 30.48 36.25
CA PRO VB 89 -85.23 31.76 36.37
C PRO VB 89 -85.70 32.82 35.39
N GLU VB 90 -86.39 32.45 34.32
CA GLU VB 90 -86.91 33.45 33.40
C GLU VB 90 -88.03 34.28 34.02
N ASN VB 91 -88.55 33.88 35.18
CA ASN VB 91 -89.52 34.66 35.93
C ASN VB 91 -88.86 35.63 36.90
N LYS VB 92 -87.63 36.03 36.62
CA LYS VB 92 -86.89 36.93 37.50
C LYS VB 92 -87.64 38.25 37.68
N LYS VB 93 -87.74 38.70 38.93
CA LYS VB 93 -88.43 39.93 39.27
C LYS VB 93 -87.49 41.12 39.16
N MET VB 94 -88.05 42.28 38.86
CA MET VB 94 -87.27 43.51 38.78
C MET VB 94 -86.80 43.93 40.16
N HIS VB 95 -85.53 44.33 40.23
CA HIS VB 95 -84.93 44.85 41.45
C HIS VB 95 -84.40 46.25 41.20
N VAL VB 96 -83.92 46.89 42.26
CA VAL VB 96 -83.35 48.22 42.15
C VAL VB 96 -82.04 48.13 41.38
N MET VB 97 -81.94 48.89 40.29
CA MET VB 97 -80.75 48.85 39.45
C MET VB 97 -79.53 49.34 40.23
N LYS VB 98 -78.44 48.59 40.15
CA LYS VB 98 -77.20 48.93 40.82
C LYS VB 98 -76.29 49.63 39.83
N GLN VB 99 -76.11 50.94 40.02
CA GLN VB 99 -75.30 51.72 39.09
C GLN VB 99 -73.81 51.43 39.30
N VAL VB 100 -73.04 51.65 38.23
CA VAL VB 100 -71.60 51.51 38.32
C VAL VB 100 -71.06 52.54 39.31
N MET VB 101 -70.03 52.17 40.05
CA MET VB 101 -69.55 52.99 41.15
C MET VB 101 -69.08 54.35 40.66
N ARG VB 102 -69.55 55.40 41.33
CA ARG VB 102 -69.14 56.76 41.01
C ARG VB 102 -67.78 57.05 41.63
N GLN VB 103 -66.88 57.60 40.83
CA GLN VB 103 -65.54 57.94 41.32
C GLN VB 103 -65.61 59.06 42.36
N SER VB 104 -64.60 59.08 43.22
CA SER VB 104 -64.56 60.06 44.29
C SER VB 104 -64.42 61.47 43.74
N TYR VB 105 -65.08 62.42 44.39
CA TYR VB 105 -65.04 63.83 44.02
C TYR VB 105 -64.26 64.60 45.07
N TRP VB 106 -63.40 65.51 44.61
CA TRP VB 106 -62.49 66.20 45.52
C TRP VB 106 -63.23 67.16 46.45
N ASP VB 107 -62.68 67.34 47.64
CA ASP VB 107 -63.09 68.38 48.57
C ASP VB 107 -61.97 69.41 48.57
N ALA VB 108 -62.26 70.60 48.05
CA ALA VB 108 -61.20 71.58 47.81
C ALA VB 108 -60.52 72.00 49.11
N GLU VB 109 -61.32 72.41 50.10
CA GLU VB 109 -60.75 72.91 51.35
C GLU VB 109 -59.96 71.82 52.07
N HIS VB 110 -60.54 70.62 52.16
CA HIS VB 110 -59.88 69.52 52.85
C HIS VB 110 -58.57 69.13 52.16
N ASP VB 111 -58.60 69.05 50.83
CA ASP VB 111 -57.40 68.66 50.08
C ASP VB 111 -56.31 69.71 50.19
N MET VB 112 -56.68 70.99 50.10
CA MET VB 112 -55.67 72.04 50.26
C MET VB 112 -55.09 72.04 51.66
N ALA VB 113 -55.93 71.85 52.68
CA ALA VB 113 -55.44 71.85 54.05
C ALA VB 113 -54.52 70.67 54.33
N HIS VB 114 -54.88 69.48 53.82
CA HIS VB 114 -54.09 68.29 54.13
C HIS VB 114 -52.75 68.28 53.41
N GLU VB 115 -52.72 68.76 52.17
CA GLU VB 115 -51.48 68.78 51.40
C GLU VB 115 -50.65 70.04 51.64
N TYR VB 116 -51.16 70.98 52.42
CA TYR VB 116 -50.41 72.18 52.76
C TYR VB 116 -49.20 71.82 53.63
N ASP VB 117 -48.09 72.52 53.39
CA ASP VB 117 -46.88 72.31 54.17
C ASP VB 117 -46.43 73.63 54.78
N TYR VB 118 -46.12 73.61 56.07
CA TYR VB 118 -45.61 74.77 56.78
C TYR VB 118 -44.11 74.82 56.56
N GLU VB 119 -43.64 75.73 55.73
CA GLU VB 119 -42.24 75.72 55.36
C GLU VB 119 -41.38 76.21 56.51
N GLU VB 121 -40.78 75.08 59.25
CA GLU VB 121 -41.24 74.73 60.59
C GLU VB 121 -42.01 73.42 60.62
N ASP VB 122 -42.01 72.71 59.48
CA ASP VB 122 -42.54 71.37 59.39
C ASP VB 122 -41.39 70.45 58.96
N LEU VB 123 -41.17 69.38 59.71
CA LEU VB 123 -40.08 68.47 59.39
C LEU VB 123 -40.35 67.78 58.05
N ASP VB 124 -39.28 67.60 57.28
CA ASP VB 124 -39.35 66.88 56.01
C ASP VB 124 -39.29 65.39 56.32
N PHE VB 125 -40.46 64.80 56.56
CA PHE VB 125 -40.56 63.40 56.93
C PHE VB 125 -41.84 62.83 56.36
N GLN VB 126 -42.03 61.52 56.51
CA GLN VB 126 -43.21 60.82 56.05
C GLN VB 126 -44.00 60.30 57.24
N CYS VB 127 -45.29 60.59 57.27
CA CYS VB 127 -46.15 60.15 58.37
C CYS VB 127 -46.28 58.64 58.37
N GLU VB 128 -46.47 58.08 59.57
CA GLU VB 128 -46.57 56.63 59.70
C GLU VB 128 -47.90 56.12 59.14
N SER VB 129 -48.99 56.86 59.35
CA SER VB 129 -50.29 56.41 58.92
C SER VB 129 -50.40 56.41 57.40
N PHE VB 130 -51.23 55.52 56.87
CA PHE VB 130 -51.48 55.46 55.44
C PHE VB 130 -52.49 56.50 54.97
N LYS VB 131 -53.23 57.12 55.88
CA LYS VB 131 -54.14 58.19 55.49
C LYS VB 131 -53.42 59.42 55.00
N SER VB 132 -52.10 59.52 55.21
CA SER VB 132 -51.30 60.61 54.67
C SER VB 132 -50.99 60.43 53.19
N GLN VB 133 -51.44 59.34 52.58
CA GLN VB 133 -51.25 59.13 51.15
C GLN VB 133 -51.96 60.22 50.36
N HIS VB 134 -51.34 60.64 49.26
CA HIS VB 134 -51.93 61.64 48.38
C HIS VB 134 -52.86 60.92 47.42
N PHE VB 135 -54.13 60.77 47.83
CA PHE VB 135 -55.13 60.15 46.99
C PHE VB 135 -55.59 61.12 45.92
N ARG VB 136 -55.85 60.59 44.73
CA ARG VB 136 -56.35 61.39 43.62
C ARG VB 136 -57.87 61.31 43.57
N LYS VB 137 -58.51 62.46 43.60
CA LYS VB 137 -59.96 62.57 43.48
C LYS VB 137 -60.29 63.45 42.29
N LYS VB 138 -61.40 63.14 41.63
CA LYS VB 138 -61.76 63.87 40.43
C LYS VB 138 -62.32 65.25 40.78
N GLY VB 139 -62.51 66.08 39.76
CA GLY VB 139 -62.94 67.44 39.96
C GLY VB 139 -63.87 67.94 38.88
N PRO VB 140 -63.69 69.20 38.47
CA PRO VB 140 -64.59 69.81 37.49
C PRO VB 140 -64.46 69.17 36.12
N ILE VB 141 -65.42 69.50 35.25
CA ILE VB 141 -65.50 68.90 33.92
C ILE VB 141 -65.41 69.92 32.79
N SER VB 142 -65.50 71.21 33.07
CA SER VB 142 -65.39 72.20 32.00
C SER VB 142 -63.99 72.22 31.39
N GLN VB 143 -62.97 71.97 32.22
CA GLN VB 143 -61.62 71.81 31.70
C GLN VB 143 -61.57 70.69 30.67
N TYR VB 144 -62.26 69.58 30.93
CA TYR VB 144 -62.30 68.50 29.96
C TYR VB 144 -63.24 68.80 28.80
N LEU VB 145 -64.17 69.74 28.97
CA LEU VB 145 -64.89 70.25 27.80
C LEU VB 145 -63.94 70.97 26.86
N ILE VB 146 -63.01 71.75 27.42
CA ILE VB 146 -61.97 72.36 26.62
C ILE VB 146 -61.09 71.29 25.98
N LEU VB 147 -60.76 70.25 26.73
CA LEU VB 147 -59.92 69.17 26.19
C LEU VB 147 -60.60 68.44 25.05
N GLY VB 148 -61.91 68.19 25.16
CA GLY VB 148 -62.61 67.44 24.14
C GLY VB 148 -62.60 68.12 22.79
N LEU VB 149 -62.65 69.45 22.78
CA LEU VB 149 -62.58 70.23 21.55
C LEU VB 149 -61.16 70.65 21.21
N LEU VB 150 -60.16 70.01 21.81
CA LEU VB 150 -58.78 70.42 21.55
C LEU VB 150 -58.36 70.28 20.09
N PRO VB 151 -58.65 69.18 19.37
CA PRO VB 151 -58.26 69.16 17.95
C PRO VB 151 -58.92 70.25 17.13
N ILE VB 152 -60.21 70.49 17.35
CA ILE VB 152 -60.93 71.55 16.64
C ILE VB 152 -60.30 72.90 16.94
N LEU VB 153 -60.06 73.17 18.22
CA LEU VB 153 -59.50 74.47 18.62
C LEU VB 153 -58.09 74.66 18.09
N TYR VB 154 -57.26 73.62 18.13
CA TYR VB 154 -55.88 73.74 17.67
C TYR VB 154 -55.84 73.97 16.16
N PHE VB 155 -56.60 73.18 15.40
CA PHE VB 155 -56.61 73.36 13.95
C PHE VB 155 -57.20 74.71 13.56
N GLY VB 156 -58.28 75.12 14.22
CA GLY VB 156 -58.82 76.44 13.97
C GLY VB 156 -57.82 77.53 14.28
N THR VB 157 -57.21 77.46 15.46
CA THR VB 157 -56.17 78.42 15.83
C THR VB 157 -55.14 78.54 14.72
N GLU VB 158 -54.45 77.44 14.41
CA GLU VB 158 -53.40 77.48 13.41
C GLU VB 158 -53.92 78.05 12.09
N PHE VB 159 -54.82 77.33 11.43
CA PHE VB 159 -55.17 77.66 10.06
C PHE VB 159 -55.91 78.98 9.96
N PHE VB 160 -56.94 79.19 10.78
CA PHE VB 160 -57.73 80.41 10.65
C PHE VB 160 -57.07 81.58 11.37
N TYR VB 161 -56.77 81.41 12.66
CA TYR VB 161 -56.23 82.52 13.44
C TYR VB 161 -54.88 82.97 12.89
N ASN VB 162 -54.00 82.03 12.53
CA ASN VB 162 -52.73 82.43 11.94
C ASN VB 162 -52.85 82.69 10.44
N HIS VB 163 -54.01 82.44 9.86
CA HIS VB 163 -54.26 82.64 8.44
C HIS VB 163 -53.22 81.93 7.59
N TYR VB 164 -53.09 80.63 7.85
CA TYR VB 164 -52.18 79.77 7.12
C TYR VB 164 -52.93 78.97 6.07
N PRO VB 165 -52.38 78.81 4.85
CA PRO VB 165 -51.09 79.32 4.40
C PRO VB 165 -51.10 80.81 4.07
N ASP VB 166 -52.28 81.33 3.73
CA ASP VB 166 -52.42 82.75 3.43
C ASP VB 166 -53.87 83.14 3.68
N GLU VB 167 -54.14 84.44 3.52
CA GLU VB 167 -55.47 84.96 3.79
C GLU VB 167 -56.52 84.38 2.85
N ASP VB 168 -56.18 84.24 1.56
CA ASP VB 168 -57.17 83.93 0.54
C ASP VB 168 -57.47 82.44 0.40
N TYR VB 169 -56.74 81.56 1.08
CA TYR VB 169 -56.93 80.14 0.86
C TYR VB 169 -58.29 79.67 1.38
N TRP VB 170 -58.65 80.08 2.59
CA TRP VB 170 -59.91 79.60 3.19
C TRP VB 170 -61.11 80.43 2.77
N ARG VB 171 -60.91 81.57 2.13
CA ARG VB 171 -62.02 82.40 1.69
C ARG VB 171 -62.78 81.71 0.55
N VAL VB 172 -64.07 82.03 0.44
CA VAL VB 172 -64.86 81.48 -0.65
C VAL VB 172 -64.33 82.01 -1.97
N ALA VB 173 -64.15 81.11 -2.93
CA ALA VB 173 -63.39 81.41 -4.13
C ALA VB 173 -64.18 82.29 -5.09
N HIS VB 174 -63.54 83.35 -5.57
CA HIS VB 174 -64.12 84.27 -6.54
C HIS VB 174 -63.14 84.46 -7.68
N PRO VB 175 -63.59 84.43 -8.93
CA PRO VB 175 -62.72 84.81 -10.05
C PRO VB 175 -62.49 86.31 -10.05
N PRO VB 176 -61.40 86.78 -10.65
CA PRO VB 176 -61.17 88.22 -10.74
C PRO VB 176 -62.15 88.86 -11.69
N PRO VB 177 -62.42 90.16 -11.54
CA PRO VB 177 -63.32 90.84 -12.48
C PRO VB 177 -62.71 90.96 -13.88
N LEU VB 178 -63.41 91.62 -14.79
CA LEU VB 178 -62.96 91.69 -16.17
C LEU VB 178 -61.61 92.39 -16.27
N ASP VB 179 -60.63 91.69 -16.83
CA ASP VB 179 -59.29 92.23 -17.07
C ASP VB 179 -58.66 92.77 -15.79
N TYR VB 180 -58.84 92.05 -14.69
CA TYR VB 180 -58.29 92.48 -13.41
C TYR VB 180 -57.20 91.52 -12.98
N PRO VB 181 -56.04 92.02 -12.51
CA PRO VB 181 -55.73 93.44 -12.36
C PRO VB 181 -55.31 94.12 -13.67
N ASP VB 182 -54.82 93.33 -14.62
CA ASP VB 182 -54.39 93.87 -15.90
C ASP VB 182 -54.58 92.80 -16.97
N THR VB 183 -54.61 93.25 -18.23
CA THR VB 183 -54.80 92.33 -19.35
C THR VB 183 -53.64 91.37 -19.51
N ASP VB 184 -52.46 91.69 -18.98
CA ASP VB 184 -51.34 90.74 -19.02
C ASP VB 184 -51.65 89.50 -18.19
N ASP VB 185 -52.24 89.69 -17.00
CA ASP VB 185 -52.59 88.56 -16.16
C ASP VB 185 -53.91 87.95 -16.57
N THR VB 186 -54.98 88.74 -16.55
CA THR VB 186 -56.33 88.27 -16.87
C THR VB 186 -56.74 88.88 -18.21
N ASP VB 187 -56.45 88.15 -19.29
CA ASP VB 187 -56.76 88.61 -20.64
C ASP VB 187 -58.12 88.05 -21.09
N ASP VB 188 -59.17 88.52 -20.40
CA ASP VB 188 -60.51 88.03 -20.68
C ASP VB 188 -60.99 88.44 -22.05
N THR VB 189 -60.78 89.70 -22.43
CA THR VB 189 -61.27 90.17 -23.73
C THR VB 189 -60.53 89.50 -24.88
N GLU VB 190 -59.22 89.30 -24.75
CA GLU VB 190 -58.46 88.63 -25.80
C GLU VB 190 -58.95 87.20 -25.99
N THR VB 191 -59.17 86.46 -24.91
CA THR VB 191 -59.69 85.10 -25.02
C THR VB 191 -61.10 85.09 -25.57
N PHE VB 192 -61.91 86.08 -25.20
CA PHE VB 192 -63.26 86.19 -25.74
C PHE VB 192 -63.23 86.37 -27.26
N LYS VB 193 -62.30 87.19 -27.75
CA LYS VB 193 -62.17 87.36 -29.19
C LYS VB 193 -61.59 86.11 -29.85
N ASP VB 194 -60.66 85.44 -29.18
CA ASP VB 194 -60.06 84.23 -29.74
C ASP VB 194 -61.10 83.13 -29.93
N TYR VB 195 -61.99 82.94 -28.95
CA TYR VB 195 -63.03 81.93 -29.09
C TYR VB 195 -64.03 82.30 -30.16
N LYS VB 196 -64.23 83.59 -30.42
CA LYS VB 196 -65.25 84.04 -31.35
C LYS VB 196 -64.72 84.21 -32.77
N PHE VB 198 -62.42 82.48 -36.30
CA PHE VB 198 -62.33 81.28 -37.12
C PHE VB 198 -61.51 80.18 -36.45
N THR VB 199 -60.31 80.54 -36.01
CA THR VB 199 -59.43 79.56 -35.38
C THR VB 199 -60.05 79.01 -34.10
N GLY VB 200 -60.65 79.88 -33.28
CA GLY VB 200 -61.26 79.41 -32.04
C GLY VB 200 -62.45 78.52 -32.29
N ARG VB 201 -63.31 78.88 -33.25
CA ARG VB 201 -64.46 78.05 -33.55
C ARG VB 201 -64.03 76.69 -34.08
N ARG VB 202 -63.00 76.66 -34.94
CA ARG VB 202 -62.51 75.39 -35.45
C ARG VB 202 -61.90 74.54 -34.33
N MET VB 203 -61.14 75.17 -33.43
CA MET VB 203 -60.55 74.42 -32.32
C MET VB 203 -61.62 73.84 -31.42
N VAL VB 204 -62.71 74.58 -31.17
CA VAL VB 204 -63.82 74.03 -30.42
C VAL VB 204 -64.50 72.90 -31.20
N ASP VB 205 -64.56 73.03 -32.53
CA ASP VB 205 -65.14 71.97 -33.34
C ASP VB 205 -64.35 70.68 -33.23
N THR VB 206 -63.02 70.77 -33.13
CA THR VB 206 -62.20 69.57 -33.00
C THR VB 206 -62.50 68.78 -31.73
N GLY VB 207 -63.07 69.43 -30.72
CA GLY VB 207 -63.43 68.77 -29.48
C GLY VB 207 -62.34 68.73 -28.44
N ILE VB 208 -61.14 69.21 -28.74
CA ILE VB 208 -60.04 69.19 -27.78
C ILE VB 208 -60.03 70.43 -26.89
N VAL VB 209 -60.83 71.45 -27.22
CA VAL VB 209 -60.92 72.67 -26.44
C VAL VB 209 -62.36 72.81 -25.94
N ASP VB 210 -62.51 73.03 -24.64
CA ASP VB 210 -63.82 73.22 -24.05
C ASP VB 210 -64.41 74.57 -24.48
N PRO VB 211 -65.73 74.69 -24.48
CA PRO VB 211 -66.35 75.94 -24.93
C PRO VB 211 -66.04 77.10 -23.99
N LEU VB 212 -66.29 78.31 -24.48
CA LEU VB 212 -66.08 79.49 -23.67
C LEU VB 212 -66.99 79.48 -22.46
N TRP VB 213 -66.43 79.83 -21.30
CA TRP VB 213 -67.13 79.68 -20.03
C TRP VB 213 -67.72 80.98 -19.50
N TYR VB 214 -67.62 82.08 -20.24
CA TYR VB 214 -68.14 83.35 -19.76
C TYR VB 214 -68.58 84.20 -20.94
N ASP VB 215 -69.27 85.29 -20.61
CA ASP VB 215 -69.70 86.27 -21.60
C ASP VB 215 -69.40 87.66 -21.08
N ILE VB 216 -68.91 88.53 -21.96
CA ILE VB 216 -68.58 89.90 -21.58
C ILE VB 216 -69.80 90.75 -21.92
N ARG VB 217 -70.68 90.94 -20.94
CA ARG VB 217 -71.88 91.73 -21.09
C ARG VB 217 -71.67 93.09 -20.44
N GLU VB 218 -71.89 94.15 -21.21
CA GLU VB 218 -71.51 95.52 -20.81
C GLU VB 218 -70.02 95.50 -20.49
N GLY VB 219 -69.60 95.91 -19.31
CA GLY VB 219 -68.20 95.82 -18.93
C GLY VB 219 -67.97 94.73 -17.89
N LYS VB 220 -68.92 93.81 -17.78
CA LYS VB 220 -68.88 92.77 -16.76
C LYS VB 220 -68.66 91.40 -17.38
N LYS VB 221 -67.77 90.63 -16.79
CA LYS VB 221 -67.56 89.24 -17.17
C LYS VB 221 -68.51 88.37 -16.35
N VAL VB 222 -69.48 87.77 -17.01
CA VAL VB 222 -70.50 86.94 -16.38
C VAL VB 222 -70.22 85.49 -16.71
N TYR VB 223 -69.95 84.68 -15.69
CA TYR VB 223 -69.71 83.27 -15.91
C TYR VB 223 -71.02 82.52 -16.06
N TYR VB 224 -71.03 81.55 -16.98
CA TYR VB 224 -72.23 80.76 -17.19
C TYR VB 224 -72.48 79.86 -15.99
N ASP VB 225 -73.74 79.43 -15.85
CA ASP VB 225 -74.12 78.60 -14.71
C ASP VB 225 -73.38 77.28 -14.71
N TRP VB 226 -73.19 76.67 -15.88
CA TRP VB 226 -72.51 75.39 -15.98
C TRP VB 226 -71.01 75.50 -15.71
N ALA VB 227 -70.46 76.71 -15.65
CA ALA VB 227 -69.02 76.86 -15.40
C ALA VB 227 -68.64 76.42 -14.00
N GLY VB 228 -69.57 76.40 -13.06
CA GLY VB 228 -69.30 75.96 -11.70
C GLY VB 228 -68.37 76.85 -10.92
N VAL VB 229 -68.47 78.16 -11.09
CA VAL VB 229 -67.68 79.11 -10.32
C VAL VB 229 -68.59 80.25 -9.85
N ASN VB 230 -68.16 80.91 -8.77
CA ASN VB 230 -68.86 82.08 -8.29
C ASN VB 230 -68.68 83.24 -9.26
N GLN VB 231 -69.54 84.24 -9.13
CA GLN VB 231 -69.35 85.41 -9.95
C GLN VB 231 -68.26 86.30 -9.37
N PRO VB 232 -67.54 87.04 -10.20
CA PRO VB 232 -66.47 87.90 -9.69
C PRO VB 232 -67.02 88.97 -8.75
N MET VB 233 -66.21 89.33 -7.76
CA MET VB 233 -66.63 90.34 -6.79
C MET VB 233 -66.69 91.72 -7.45
N GLU VB 234 -67.57 92.56 -6.92
CA GLU VB 234 -67.65 93.93 -7.38
C GLU VB 234 -66.39 94.70 -7.02
N ASP VB 235 -65.96 95.58 -7.91
CA ASP VB 235 -64.79 96.42 -7.67
C ASP VB 235 -65.26 97.64 -6.89
N ILE VB 236 -65.20 97.54 -5.57
CA ILE VB 236 -65.67 98.61 -4.69
C ILE VB 236 -64.55 99.64 -4.48
N ALA WB 861 -35.98 31.31 -7.14
CA ALA WB 861 -35.16 30.17 -6.74
C ALA WB 861 -35.39 28.96 -7.64
N LEU WB 862 -35.49 27.78 -7.03
CA LEU WB 862 -35.51 26.54 -7.80
C LEU WB 862 -36.72 26.46 -8.72
N PHE WB 863 -37.92 26.66 -8.17
CA PHE WB 863 -39.15 26.60 -8.93
C PHE WB 863 -40.06 27.76 -8.53
N PHE WB 864 -39.46 28.93 -8.32
CA PHE WB 864 -40.20 30.09 -7.87
C PHE WB 864 -41.25 30.51 -8.90
N MET WB 865 -40.89 30.46 -10.18
CA MET WB 865 -41.82 30.81 -11.24
C MET WB 865 -42.84 29.72 -11.52
N ALA WB 866 -42.64 28.51 -10.99
CA ALA WB 866 -43.63 27.45 -10.98
C ALA WB 866 -43.99 26.94 -12.36
N ASN WB 867 -43.43 27.54 -13.40
CA ASN WB 867 -43.73 27.15 -14.78
C ASN WB 867 -42.79 27.91 -15.70
N THR WB 868 -42.43 27.26 -16.81
CA THR WB 868 -41.66 27.89 -17.87
C THR WB 868 -42.29 27.53 -19.21
N ALA WB 869 -42.53 28.54 -20.04
CA ALA WB 869 -43.21 28.33 -21.32
C ALA WB 869 -42.17 27.99 -22.39
N ILE WB 870 -41.79 26.70 -22.41
CA ILE WB 870 -40.89 26.23 -23.45
C ILE WB 870 -41.60 25.94 -24.75
N SER WB 871 -42.94 25.94 -24.74
CA SER WB 871 -43.70 25.60 -25.94
C SER WB 871 -43.61 26.69 -27.00
N VAL WB 872 -43.53 27.96 -26.59
CA VAL WB 872 -43.50 29.07 -27.53
C VAL WB 872 -42.16 29.07 -28.25
N PRO WB 873 -42.14 28.93 -29.57
CA PRO WB 873 -40.86 28.82 -30.28
C PRO WB 873 -40.29 30.17 -30.67
N SER WB 874 -39.09 30.18 -31.24
CA SER WB 874 -38.54 31.40 -31.80
C SER WB 874 -39.40 31.87 -32.97
N VAL WB 875 -39.49 33.19 -33.11
CA VAL WB 875 -40.32 33.76 -34.16
C VAL WB 875 -39.77 33.33 -35.51
N LEU WB 876 -40.57 32.59 -36.28
CA LEU WB 876 -40.13 32.10 -37.57
C LEU WB 876 -40.05 33.26 -38.57
N ASP WB 877 -38.93 33.34 -39.29
CA ASP WB 877 -38.72 34.39 -40.26
C ASP WB 877 -39.36 33.99 -41.59
N THR WB 878 -40.40 34.71 -41.99
CA THR WB 878 -41.18 34.39 -43.17
C THR WB 878 -41.01 35.43 -44.27
N SER WB 879 -39.90 36.15 -44.28
CA SER WB 879 -39.66 37.17 -45.28
C SER WB 879 -39.52 36.53 -46.66
N PRO WB 880 -39.92 37.25 -47.72
CA PRO WB 880 -39.93 36.64 -49.06
C PRO WB 880 -38.57 36.15 -49.55
N CYS WB 881 -37.57 37.02 -49.62
CA CYS WB 881 -36.27 36.67 -50.17
C CYS WB 881 -35.17 36.88 -49.14
N MET WB 882 -35.43 36.52 -47.89
CA MET WB 882 -34.45 36.75 -46.84
C MET WB 882 -33.26 35.81 -46.97
N LYS WB 883 -33.52 34.54 -47.31
CA LYS WB 883 -32.42 33.58 -47.42
C LYS WB 883 -31.45 33.99 -48.53
N GLN WB 884 -31.97 34.40 -49.68
CA GLN WB 884 -31.11 34.85 -50.77
C GLN WB 884 -30.36 36.11 -50.39
N MET WB 885 -31.02 37.04 -49.69
CA MET WB 885 -30.34 38.26 -49.25
C MET WB 885 -29.17 37.93 -48.33
N LEU WB 886 -29.39 37.04 -47.38
CA LEU WB 886 -28.33 36.68 -46.45
C LEU WB 886 -27.20 35.94 -47.15
N ALA WB 887 -27.53 35.07 -48.11
CA ALA WB 887 -26.50 34.38 -48.87
C ALA WB 887 -25.64 35.36 -49.66
N TYR WB 888 -26.30 36.30 -50.35
CA TYR WB 888 -25.56 37.30 -51.13
C TYR WB 888 -24.71 38.18 -50.22
N GLU WB 889 -25.24 38.56 -49.06
CA GLU WB 889 -24.47 39.40 -48.14
C GLU WB 889 -23.26 38.66 -47.58
N ASP WB 890 -23.42 37.38 -47.25
CA ASP WB 890 -22.26 36.60 -46.81
C ASP WB 890 -21.22 36.52 -47.91
N CYS WB 891 -21.66 36.28 -49.15
CA CYS WB 891 -20.71 36.21 -50.26
C CYS WB 891 -19.97 37.52 -50.45
N VAL WB 892 -20.68 38.64 -50.39
CA VAL WB 892 -20.04 39.95 -50.55
C VAL WB 892 -19.09 40.23 -49.40
N LEU WB 893 -19.44 39.80 -48.19
CA LEU WB 893 -18.53 39.92 -47.07
C LEU WB 893 -17.25 39.14 -47.31
N ASP WB 894 -17.36 37.97 -47.96
CA ASP WB 894 -16.16 37.21 -48.30
C ASP WB 894 -15.24 38.00 -49.22
N ALA WB 895 -15.81 38.79 -50.13
CA ALA WB 895 -15.00 39.53 -51.09
C ALA WB 895 -14.12 40.59 -50.42
N ASN WB 896 -14.50 41.06 -49.23
CA ASN WB 896 -13.74 42.06 -48.48
C ASN WB 896 -13.55 43.34 -49.30
N VAL WB 897 -14.67 43.99 -49.59
CA VAL WB 897 -14.72 45.20 -50.41
C VAL WB 897 -14.96 46.38 -49.49
N PRO WB 898 -14.13 47.43 -49.56
CA PRO WB 898 -14.36 48.61 -48.69
C PRO WB 898 -15.69 49.31 -48.94
N GLN WB 899 -16.17 49.33 -50.17
CA GLN WB 899 -17.41 50.04 -50.47
C GLN WB 899 -18.61 49.28 -49.92
N GLN WB 900 -19.49 50.00 -49.21
CA GLN WB 900 -20.68 49.40 -48.65
C GLN WB 900 -21.86 49.37 -49.61
N GLU WB 901 -21.80 50.19 -50.67
CA GLU WB 901 -22.87 50.18 -51.67
C GLU WB 901 -23.04 48.82 -52.32
N VAL WB 902 -22.00 47.97 -52.26
CA VAL WB 902 -22.09 46.63 -52.81
C VAL WB 902 -23.05 45.74 -52.05
N ILE WB 903 -23.52 46.18 -50.87
CA ILE WB 903 -24.48 45.38 -50.12
C ILE WB 903 -25.75 45.17 -50.94
N HIS WB 904 -26.19 46.20 -51.65
CA HIS WB 904 -27.34 46.06 -52.54
C HIS WB 904 -26.92 45.34 -53.81
N PRO WB 905 -27.69 44.34 -54.26
CA PRO WB 905 -27.34 43.66 -55.52
C PRO WB 905 -27.42 44.56 -56.74
N GLN WB 906 -28.07 45.71 -56.64
CA GLN WB 906 -28.27 46.61 -57.76
C GLN WB 906 -27.18 47.66 -57.89
N TRP WB 907 -26.06 47.49 -57.20
CA TRP WB 907 -25.02 48.52 -57.21
C TRP WB 907 -24.50 48.87 -58.60
N PRO WB 908 -24.31 47.95 -59.56
CA PRO WB 908 -23.75 48.38 -60.85
C PRO WB 908 -24.61 49.40 -61.57
N THR WB 909 -25.92 49.42 -61.33
CA THR WB 909 -26.81 50.39 -61.95
C THR WB 909 -27.07 51.60 -61.06
N ILE WB 910 -27.20 51.41 -59.75
CA ILE WB 910 -27.45 52.53 -58.86
C ILE WB 910 -26.20 53.40 -58.73
N TRP WB 911 -25.02 52.78 -58.67
CA TRP WB 911 -23.76 53.50 -58.50
C TRP WB 911 -22.75 53.03 -59.55
N PRO WB 912 -23.02 53.29 -60.83
CA PRO WB 912 -22.12 52.79 -61.88
C PRO WB 912 -20.72 53.34 -61.79
N ARG WB 913 -20.54 54.51 -61.16
CA ARG WB 913 -19.20 55.07 -60.99
C ARG WB 913 -18.31 54.19 -60.15
N LEU WB 914 -18.86 53.22 -59.42
CA LEU WB 914 -18.02 52.25 -58.73
C LEU WB 914 -17.14 51.47 -59.69
N LEU WB 915 -17.50 51.40 -60.97
CA LEU WB 915 -16.73 50.66 -61.96
C LEU WB 915 -15.88 51.54 -62.86
N THR WB 916 -16.00 52.87 -62.77
CA THR WB 916 -15.27 53.77 -63.63
C THR WB 916 -14.25 54.61 -62.87
N ASP WB 917 -14.71 55.42 -61.91
CA ASP WB 917 -13.79 56.26 -61.15
C ASP WB 917 -14.10 56.34 -59.66
N GLY WB 918 -15.27 55.88 -59.21
CA GLY WB 918 -15.60 55.91 -57.80
C GLY WB 918 -16.25 57.19 -57.31
N LYS WB 919 -16.41 58.20 -58.16
CA LYS WB 919 -17.01 59.45 -57.75
C LYS WB 919 -18.52 59.25 -57.65
N LEU WB 920 -19.01 58.97 -56.44
CA LEU WB 920 -20.44 58.75 -56.23
C LEU WB 920 -21.18 59.99 -55.74
N LEU WB 921 -20.46 61.03 -55.31
CA LEU WB 921 -21.07 62.27 -54.87
C LEU WB 921 -20.37 63.44 -55.52
N GLU WB 922 -21.13 64.50 -55.81
CA GLU WB 922 -20.58 65.69 -56.46
C GLU WB 922 -20.12 66.70 -55.42
N PHE WB 923 -19.18 66.25 -54.58
CA PHE WB 923 -18.62 67.06 -53.50
C PHE WB 923 -19.72 67.61 -52.59
N ASP WB 924 -20.67 66.74 -52.23
CA ASP WB 924 -21.74 67.09 -51.30
C ASP WB 924 -21.74 66.09 -50.15
N LYS WB 925 -20.56 65.84 -49.60
CA LYS WB 925 -20.32 64.77 -48.64
C LYS WB 925 -19.89 65.36 -47.30
N VAL WB 926 -20.02 64.56 -46.24
CA VAL WB 926 -19.53 64.96 -44.93
C VAL WB 926 -18.80 63.81 -44.22
N PRO WB 927 -17.82 63.16 -44.83
CA PRO WB 927 -17.05 62.12 -44.13
C PRO WB 927 -15.72 62.61 -43.55
N PHE WB 928 -15.50 63.92 -43.50
CA PHE WB 928 -14.24 64.57 -43.11
C PHE WB 928 -13.20 64.48 -44.22
N HIS WB 929 -12.02 65.06 -43.98
CA HIS WB 929 -10.98 65.24 -44.98
C HIS WB 929 -10.21 63.95 -45.23
N PRO WB 930 -9.62 63.79 -46.42
CA PRO WB 930 -8.89 62.55 -46.72
C PRO WB 930 -7.54 62.49 -46.01
N GLU WB 931 -7.57 62.35 -44.70
CA GLU WB 931 -6.35 62.28 -43.89
C GLU WB 931 -5.94 60.86 -43.56
N ASN WB 932 -6.89 59.93 -43.47
CA ASN WB 932 -6.61 58.53 -43.19
C ASN WB 932 -7.18 57.66 -44.31
N ILE WB 933 -6.83 56.38 -44.27
CA ILE WB 933 -7.31 55.44 -45.29
C ILE WB 933 -8.81 55.26 -45.18
N TYR WB 934 -9.35 55.27 -43.96
CA TYR WB 934 -10.78 55.03 -43.76
C TYR WB 934 -11.60 56.30 -44.03
N ASN WB 935 -11.41 56.89 -45.20
CA ASN WB 935 -12.19 58.05 -45.62
C ASN WB 935 -12.53 57.91 -47.10
N TYR WB 936 -13.66 58.50 -47.48
CA TYR WB 936 -14.11 58.50 -48.87
C TYR WB 936 -14.17 57.08 -49.43
N THR WB 937 -14.68 56.14 -48.62
CA THR WB 937 -14.73 54.74 -49.05
C THR WB 937 -15.57 54.58 -50.30
N TYR WB 938 -16.71 55.26 -50.37
CA TYR WB 938 -17.51 55.23 -51.59
C TYR WB 938 -16.87 56.04 -52.72
N MET WB 939 -15.99 56.99 -52.38
CA MET WB 939 -15.25 57.74 -53.39
C MET WB 939 -14.01 56.98 -53.88
N ARG WB 940 -13.94 55.68 -53.61
CA ARG WB 940 -12.83 54.83 -54.01
C ARG WB 940 -13.34 53.80 -55.01
N PRO WB 941 -12.87 53.80 -56.25
CA PRO WB 941 -13.37 52.82 -57.22
C PRO WB 941 -12.93 51.41 -56.88
N LEU WB 942 -13.69 50.44 -57.40
CA LEU WB 942 -13.34 49.04 -57.20
C LEU WB 942 -12.04 48.72 -57.93
N THR WB 943 -11.15 48.03 -57.24
CA THR WB 943 -9.89 47.60 -57.85
C THR WB 943 -10.09 46.25 -58.54
N LYS WB 944 -9.02 45.74 -59.15
CA LYS WB 944 -9.11 44.46 -59.85
C LYS WB 944 -9.42 43.32 -58.90
N LYS WB 945 -8.78 43.32 -57.72
CA LYS WB 945 -9.06 42.26 -56.75
C LYS WB 945 -10.51 42.31 -56.28
N ASN WB 946 -11.01 43.51 -55.98
CA ASN WB 946 -12.39 43.65 -55.57
C ASN WB 946 -13.34 43.19 -56.67
N LYS WB 947 -13.06 43.58 -57.92
CA LYS WB 947 -13.93 43.18 -59.03
C LYS WB 947 -13.94 41.67 -59.21
N GLN WB 948 -12.78 41.02 -59.09
CA GLN WB 948 -12.74 39.57 -59.21
C GLN WB 948 -13.54 38.90 -58.10
N TYR WB 949 -13.27 39.28 -56.84
CA TYR WB 949 -13.94 38.63 -55.73
C TYR WB 949 -15.41 39.00 -55.62
N LEU WB 950 -15.85 40.04 -56.32
CA LEU WB 950 -17.28 40.30 -56.46
C LEU WB 950 -17.90 39.52 -57.60
N TYR WB 951 -17.15 39.31 -58.70
CA TYR WB 951 -17.63 38.44 -59.77
C TYR WB 951 -17.83 37.02 -59.28
N GLU WB 952 -17.01 36.58 -58.32
CA GLU WB 952 -17.20 35.24 -57.76
C GLU WB 952 -18.56 35.09 -57.10
N CYS WB 953 -19.22 36.20 -56.77
CA CYS WB 953 -20.53 36.21 -56.12
C CYS WB 953 -21.64 36.58 -57.10
N GLU WB 954 -21.52 36.14 -58.35
CA GLU WB 954 -22.44 36.57 -59.38
C GLU WB 954 -23.71 35.72 -59.42
N GLU WB 955 -23.60 34.42 -59.22
CA GLU WB 955 -24.77 33.56 -59.28
C GLU WB 955 -25.74 33.85 -58.14
N GLU WB 956 -25.22 34.04 -56.93
CA GLU WB 956 -26.07 34.35 -55.80
C GLU WB 956 -26.69 35.74 -55.93
N ARG WB 957 -25.93 36.69 -56.47
CA ARG WB 957 -26.49 38.00 -56.76
C ARG WB 957 -27.62 37.90 -57.77
N PHE WB 958 -27.44 37.09 -58.81
CA PHE WB 958 -28.48 36.91 -59.81
C PHE WB 958 -29.71 36.23 -59.21
N VAL WB 959 -29.52 35.25 -58.34
CA VAL WB 959 -30.66 34.59 -57.71
C VAL WB 959 -31.41 35.57 -56.81
N PHE WB 960 -30.68 36.40 -56.07
CA PHE WB 960 -31.34 37.41 -55.24
C PHE WB 960 -32.12 38.40 -56.10
N LYS WB 961 -31.54 38.84 -57.21
CA LYS WB 961 -32.26 39.77 -58.08
C LYS WB 961 -33.49 39.12 -58.71
N ALA WB 962 -33.39 37.85 -59.09
CA ALA WB 962 -34.54 37.14 -59.64
C ALA WB 962 -35.64 36.99 -58.60
N CYS WB 963 -35.26 36.68 -57.36
CA CYS WB 963 -36.26 36.59 -56.29
C CYS WB 963 -36.94 37.93 -56.07
N LEU WB 964 -36.16 39.02 -56.06
CA LEU WB 964 -36.72 40.34 -55.89
C LEU WB 964 -37.69 40.68 -57.02
N ARG WB 965 -37.31 40.36 -58.27
CA ARG WB 965 -38.19 40.67 -59.39
C ARG WB 965 -39.47 39.86 -59.34
N LYS WB 966 -39.37 38.57 -58.97
CA LYS WB 966 -40.58 37.76 -58.85
C LYS WB 966 -41.49 38.27 -57.75
N VAL WB 967 -40.91 38.68 -56.62
CA VAL WB 967 -41.71 39.27 -55.54
C VAL WB 967 -42.38 40.55 -55.99
N ILE WB 968 -41.67 41.37 -56.75
CA ILE WB 968 -42.25 42.60 -57.29
C ILE WB 968 -43.40 42.26 -58.23
N SER WB 969 -43.28 41.18 -58.99
CA SER WB 969 -44.34 40.79 -59.92
C SER WB 969 -45.60 40.31 -59.21
N LEU WB 970 -45.54 40.07 -57.91
CA LEU WB 970 -46.71 39.60 -57.17
C LEU WB 970 -47.62 40.79 -56.82
N LYS WB 971 -48.86 40.71 -57.24
CA LYS WB 971 -49.84 41.76 -57.00
C LYS WB 971 -51.01 41.22 -56.21
N LYS WB 972 -51.58 42.07 -55.36
CA LYS WB 972 -52.76 41.69 -54.58
C LYS WB 972 -53.98 41.71 -55.49
N THR WB 973 -54.65 40.56 -55.60
CA THR WB 973 -55.80 40.41 -56.47
C THR WB 973 -57.06 40.19 -55.64
N ASP WB 974 -58.19 40.05 -56.34
CA ASP WB 974 -59.49 39.92 -55.68
C ASP WB 974 -59.77 38.50 -55.20
N LYS WB 975 -58.96 37.53 -55.59
CA LYS WB 975 -59.16 36.14 -55.15
C LYS WB 975 -58.50 35.85 -53.81
N HIS WB 976 -57.81 36.83 -53.21
CA HIS WB 976 -57.17 36.63 -51.92
C HIS WB 976 -58.18 36.89 -50.80
N THR WB 977 -59.11 35.95 -50.66
CA THR WB 977 -60.14 36.05 -49.63
C THR WB 977 -59.56 35.92 -48.23
N SER WB 978 -58.37 35.34 -48.08
CA SER WB 978 -57.73 35.18 -46.79
C SER WB 978 -56.78 36.31 -46.45
N TRP WB 979 -56.97 37.50 -47.05
CA TRP WB 979 -56.05 38.60 -46.80
C TRP WB 979 -56.25 39.18 -45.40
N ASP WB 980 -57.51 39.27 -44.94
CA ASP WB 980 -57.78 39.88 -43.65
C ASP WB 980 -57.38 38.98 -42.49
N THR WB 981 -57.17 37.69 -42.73
CA THR WB 981 -56.74 36.75 -41.71
C THR WB 981 -55.43 36.08 -42.10
N ALA WB 982 -54.54 36.85 -42.74
CA ALA WB 982 -53.27 36.31 -43.20
C ALA WB 982 -52.26 36.11 -42.08
N GLU WB 983 -52.53 36.63 -40.87
CA GLU WB 983 -51.61 36.45 -39.76
C GLU WB 983 -51.51 34.99 -39.35
N VAL WB 984 -52.63 34.28 -39.36
CA VAL WB 984 -52.62 32.87 -38.98
C VAL WB 984 -51.74 32.06 -39.92
N ALA WB 985 -51.88 32.30 -41.23
CA ALA WB 985 -51.02 31.63 -42.20
C ALA WB 985 -49.58 32.09 -42.06
N ASN WB 986 -49.36 33.34 -41.66
CA ASN WB 986 -48.01 33.84 -41.41
C ASN WB 986 -47.42 33.28 -40.12
N LEU WB 987 -48.23 32.56 -39.33
CA LEU WB 987 -47.75 31.87 -38.12
C LEU WB 987 -47.37 32.87 -37.03
N GLN WB 988 -48.26 33.83 -36.77
CA GLN WB 988 -48.05 34.80 -35.72
C GLN WB 988 -48.65 34.37 -34.38
N LEU WB 989 -49.36 33.25 -34.33
CA LEU WB 989 -50.00 32.79 -33.11
C LEU WB 989 -49.12 31.73 -32.45
N THR WB 990 -48.73 31.99 -31.20
CA THR WB 990 -47.96 31.03 -30.42
C THR WB 990 -48.62 30.75 -29.08
N MET XB 1 -80.33 102.48 14.85
CA MET XB 1 -80.63 101.09 15.13
C MET XB 1 -82.13 100.87 15.21
N PHE XB 2 -82.53 99.59 15.18
CA PHE XB 2 -83.91 99.21 15.40
C PHE XB 2 -84.14 98.54 16.75
N PHE XB 3 -83.09 98.02 17.37
CA PHE XB 3 -83.14 97.52 18.74
C PHE XB 3 -81.71 97.54 19.28
N GLU XB 4 -81.49 96.84 20.40
CA GLU XB 4 -80.20 96.96 21.10
C GLU XB 4 -79.02 96.56 20.24
N LEU XB 5 -79.22 95.76 19.21
CA LEU XB 5 -78.14 95.31 18.33
C LEU XB 5 -78.30 95.94 16.95
N GLU XB 6 -77.17 96.36 16.38
CA GLU XB 6 -77.11 96.85 15.01
C GLU XB 6 -76.29 95.88 14.19
N ASP XB 7 -76.88 95.33 13.13
CA ASP XB 7 -76.14 94.47 12.21
C ASP XB 7 -75.34 95.37 11.28
N ILE XB 8 -74.08 95.59 11.62
CA ILE XB 8 -73.26 96.54 10.88
C ILE XB 8 -72.76 95.89 9.60
N LYS XB 9 -73.49 96.08 8.51
CA LYS XB 9 -73.02 95.61 7.22
C LYS XB 9 -71.88 96.49 6.73
N ARG XB 10 -70.86 95.86 6.14
CA ARG XB 10 -69.67 96.56 5.71
C ARG XB 10 -69.37 96.22 4.26
N ARG XB 11 -68.63 97.12 3.61
CA ARG XB 11 -68.18 96.91 2.25
C ARG XB 11 -66.71 96.53 2.25
N HIS XB 12 -66.34 95.62 1.35
CA HIS XB 12 -64.98 95.12 1.26
C HIS XB 12 -64.50 95.15 -0.18
N SER XB 13 -63.21 95.40 -0.35
CA SER XB 13 -62.62 95.33 -1.68
C SER XB 13 -62.50 93.88 -2.13
N LEU XB 14 -62.35 93.71 -3.44
CA LEU XB 14 -62.39 92.37 -4.03
C LEU XB 14 -61.16 91.56 -3.67
N TYR XB 15 -61.31 90.24 -3.76
CA TYR XB 15 -60.20 89.31 -3.67
C TYR XB 15 -60.41 88.19 -4.68
N TRP XB 16 -59.33 87.52 -5.04
CA TRP XB 16 -59.41 86.36 -5.91
C TRP XB 16 -58.22 85.46 -5.63
N ASP XB 17 -58.33 84.20 -6.05
CA ASP XB 17 -57.30 83.20 -5.78
C ASP XB 17 -56.97 82.48 -7.09
N ILE XB 18 -56.03 81.54 -6.99
CA ILE XB 18 -55.57 80.82 -8.18
C ILE XB 18 -56.65 79.86 -8.68
N TYR XB 19 -57.34 79.17 -7.77
CA TYR XB 19 -58.34 78.18 -8.12
C TYR XB 19 -59.71 78.63 -7.63
N ASN XB 20 -60.75 78.18 -8.34
CA ASN XB 20 -62.12 78.58 -8.04
C ASN XB 20 -63.10 77.42 -7.88
N VAL XB 21 -62.64 76.17 -8.01
CA VAL XB 21 -63.59 75.09 -8.26
C VAL XB 21 -63.50 73.94 -7.25
N GLN XB 22 -63.09 74.21 -6.01
CA GLN XB 22 -63.13 73.16 -5.01
C GLN XB 22 -63.60 73.65 -3.64
N GLY XB 23 -64.22 74.83 -3.57
CA GLY XB 23 -64.75 75.31 -2.31
C GLY XB 23 -66.26 75.29 -2.29
N TRP XB 24 -66.87 76.30 -1.67
CA TRP XB 24 -68.32 76.43 -1.68
C TRP XB 24 -68.74 77.26 -2.89
N VAL XB 25 -69.48 76.64 -3.81
CA VAL XB 25 -70.09 77.34 -4.92
C VAL XB 25 -71.53 76.85 -5.02
N ARG XB 26 -72.47 77.71 -4.62
CA ARG XB 26 -73.88 77.33 -4.61
C ARG XB 26 -74.36 77.03 -6.03
N ARG XB 27 -75.04 75.90 -6.18
CA ARG XB 27 -75.46 75.43 -7.48
C ARG XB 27 -76.70 76.20 -7.97
N PRO XB 28 -76.86 76.34 -9.29
CA PRO XB 28 -78.03 77.08 -9.80
C PRO XB 28 -79.37 76.46 -9.46
N ASP XB 29 -79.43 75.14 -9.24
CA ASP XB 29 -80.67 74.47 -8.95
C ASP XB 29 -80.96 74.35 -7.46
N SER XB 30 -80.26 75.14 -6.63
CA SER XB 30 -80.43 75.10 -5.18
C SER XB 30 -81.39 76.15 -4.66
N THR XB 31 -82.37 76.57 -5.47
CA THR XB 31 -83.37 77.50 -4.98
C THR XB 31 -84.30 76.80 -3.98
N LEU XB 32 -84.98 77.61 -3.16
CA LEU XB 32 -85.85 77.06 -2.14
C LEU XB 32 -86.97 76.25 -2.75
N TYR XB 33 -87.59 76.76 -3.82
CA TYR XB 33 -88.71 76.07 -4.45
C TYR XB 33 -88.29 74.71 -4.99
N ASN XB 34 -87.16 74.67 -5.69
CA ASN XB 34 -86.71 73.41 -6.30
C ASN XB 34 -86.35 72.38 -5.24
N ASN XB 35 -85.60 72.79 -4.22
CA ASN XB 35 -85.24 71.87 -3.16
C ASN XB 35 -86.47 71.35 -2.44
N VAL XB 36 -87.43 72.23 -2.13
CA VAL XB 36 -88.64 71.80 -1.44
C VAL XB 36 -89.41 70.81 -2.31
N LYS XB 37 -89.55 71.11 -3.60
CA LYS XB 37 -90.30 70.22 -4.48
C LYS XB 37 -89.66 68.84 -4.58
N ARG XB 38 -88.34 68.81 -4.81
CA ARG XB 38 -87.67 67.52 -4.95
C ARG XB 38 -87.70 66.71 -3.66
N GLY XB 39 -87.41 67.37 -2.52
CA GLY XB 39 -87.45 66.68 -1.26
C GLY XB 39 -88.83 66.16 -0.92
N VAL XB 40 -89.87 66.96 -1.18
CA VAL XB 40 -91.23 66.53 -0.90
C VAL XB 40 -91.60 65.33 -1.76
N THR XB 41 -91.24 65.37 -3.05
CA THR XB 41 -91.56 64.25 -3.92
C THR XB 41 -90.91 62.96 -3.43
N ALA XB 42 -89.59 63.00 -3.20
CA ALA XB 42 -88.89 61.81 -2.74
C ALA XB 42 -89.44 61.33 -1.40
N GLY XB 43 -89.70 62.26 -0.48
CA GLY XB 43 -90.18 61.89 0.82
C GLY XB 43 -91.56 61.25 0.78
N VAL XB 44 -92.47 61.81 0.01
CA VAL XB 44 -93.82 61.25 -0.02
C VAL XB 44 -93.81 59.86 -0.66
N VAL XB 45 -93.02 59.68 -1.72
CA VAL XB 45 -92.97 58.34 -2.33
C VAL XB 45 -92.39 57.32 -1.36
N ALA XB 46 -91.24 57.66 -0.75
CA ALA XB 46 -90.61 56.73 0.17
C ALA XB 46 -91.50 56.44 1.37
N SER XB 47 -92.17 57.46 1.90
CA SER XB 47 -93.02 57.27 3.07
C SER XB 47 -94.25 56.44 2.73
N LEU XB 48 -94.84 56.67 1.55
CA LEU XB 48 -95.99 55.86 1.16
C LEU XB 48 -95.61 54.39 1.06
N VAL XB 49 -94.47 54.11 0.43
CA VAL XB 49 -94.04 52.71 0.33
C VAL XB 49 -93.74 52.13 1.71
N GLN XB 50 -93.07 52.90 2.57
CA GLN XB 50 -92.73 52.41 3.89
C GLN XB 50 -93.97 52.12 4.72
N GLU XB 51 -94.97 53.00 4.66
CA GLU XB 51 -96.18 52.79 5.46
C GLU XB 51 -97.03 51.66 4.90
N ASN XB 52 -97.06 51.47 3.58
CA ASN XB 52 -97.74 50.29 3.04
C ASN XB 52 -97.04 49.02 3.50
N ILE XB 53 -95.70 49.03 3.52
CA ILE XB 53 -94.95 47.88 4.02
C ILE XB 53 -95.29 47.61 5.47
N THR XB 54 -95.32 48.65 6.29
CA THR XB 54 -95.61 48.48 7.71
C THR XB 54 -97.01 47.94 7.92
N ALA XB 55 -98.00 48.49 7.21
CA ALA XB 55 -99.37 48.01 7.35
C ALA XB 55 -99.48 46.55 6.94
N LEU XB 56 -98.86 46.18 5.82
CA LEU XB 56 -98.91 44.79 5.38
C LEU XB 56 -98.26 43.85 6.38
N VAL XB 57 -97.08 44.23 6.89
CA VAL XB 57 -96.37 43.37 7.83
C VAL XB 57 -97.17 43.18 9.10
N GLU XB 58 -97.71 44.28 9.63
CA GLU XB 58 -98.41 44.19 10.92
C GLU XB 58 -99.75 43.50 10.78
N ASN XB 59 -100.42 43.62 9.63
CA ASN XB 59 -101.66 42.89 9.43
C ASN XB 59 -101.41 41.41 9.12
N CYS XB 60 -100.25 41.08 8.55
CA CYS XB 60 -99.88 39.67 8.44
C CYS XB 60 -99.59 39.08 9.81
N LYS XB 61 -98.89 39.82 10.67
CA LYS XB 61 -98.67 39.36 12.04
C LYS XB 61 -99.97 39.27 12.82
N LEU XB 62 -100.92 40.18 12.55
CA LEU XB 62 -102.21 40.11 13.21
C LEU XB 62 -102.99 38.86 12.81
N LEU XB 63 -102.93 38.49 11.52
CA LEU XB 63 -103.62 37.29 11.07
C LEU XB 63 -102.90 36.03 11.52
N ALA XB 64 -101.57 36.08 11.61
CA ALA XB 64 -100.80 34.89 11.97
C ALA XB 64 -100.96 34.49 13.42
N THR XB 65 -101.45 35.40 14.27
CA THR XB 65 -101.69 35.05 15.67
C THR XB 65 -103.00 34.32 15.86
N LYS XB 66 -103.87 34.27 14.85
CA LYS XB 66 -105.12 33.54 14.90
C LYS XB 66 -105.20 32.39 13.91
N TYR XB 67 -104.32 32.34 12.93
CA TYR XB 67 -104.23 31.24 11.98
C TYR XB 67 -102.79 30.81 11.84
N GLU XB 68 -102.59 29.52 11.53
CA GLU XB 68 -101.25 28.98 11.42
C GLU XB 68 -100.51 29.59 10.24
N LYS XB 69 -99.21 29.83 10.42
CA LYS XB 69 -98.40 30.35 9.33
C LYS XB 69 -98.37 29.34 8.19
N PRO XB 70 -98.31 29.82 6.94
CA PRO XB 70 -98.39 28.91 5.80
C PRO XB 70 -97.21 27.95 5.75
N GLN XB 71 -97.47 26.75 5.24
CA GLN XB 71 -96.43 25.73 5.13
C GLN XB 71 -95.69 25.79 3.80
N ASN XB 72 -96.42 26.01 2.70
CA ASN XB 72 -95.81 26.05 1.38
C ASN XB 72 -96.16 27.35 0.67
N LEU XB 73 -95.84 27.44 -0.63
CA LEU XB 73 -96.02 28.69 -1.35
C LEU XB 73 -97.49 28.95 -1.66
N ARG XB 74 -98.26 27.91 -1.98
CA ARG XB 74 -99.68 28.10 -2.24
C ARG XB 74 -100.40 28.59 -0.98
N GLN XB 75 -100.08 28.01 0.17
CA GLN XB 75 -100.65 28.49 1.42
C GLN XB 75 -100.19 29.90 1.72
N ALA XB 76 -98.97 30.26 1.35
CA ALA XB 76 -98.50 31.63 1.53
C ALA XB 76 -99.31 32.61 0.69
N ALA XB 77 -99.61 32.23 -0.56
CA ALA XB 77 -100.43 33.08 -1.41
C ALA XB 77 -101.84 33.22 -0.85
N THR XB 78 -102.42 32.12 -0.36
CA THR XB 78 -103.75 32.20 0.25
C THR XB 78 -103.73 33.09 1.49
N PHE XB 79 -102.69 32.96 2.31
CA PHE XB 79 -102.56 33.79 3.51
C PHE XB 79 -102.46 35.26 3.14
N MET XB 80 -101.67 35.59 2.12
CA MET XB 80 -101.54 36.97 1.68
C MET XB 80 -102.85 37.51 1.12
N LYS XB 81 -103.59 36.68 0.38
CA LYS XB 81 -104.89 37.12 -0.13
C LYS XB 81 -105.84 37.42 1.02
N GLU XB 82 -105.86 36.57 2.04
CA GLU XB 82 -106.73 36.83 3.19
C GLU XB 82 -106.27 38.05 3.97
N VAL XB 83 -104.96 38.31 4.01
CA VAL XB 83 -104.46 39.54 4.65
C VAL XB 83 -104.96 40.76 3.91
N PHE XB 84 -104.89 40.73 2.57
CA PHE XB 84 -105.40 41.83 1.78
C PHE XB 84 -106.91 41.99 1.96
N LYS XB 85 -107.63 40.89 2.15
CA LYS XB 85 -109.07 40.95 2.32
C LYS XB 85 -109.49 41.55 3.66
N LEU XB 86 -108.56 41.67 4.61
CA LEU XB 86 -108.92 42.10 5.95
C LEU XB 86 -109.52 43.50 5.95
N GLU XB 87 -110.58 43.68 6.74
CA GLU XB 87 -111.11 45.02 6.97
C GLU XB 87 -110.10 45.90 7.69
N ASN XB 88 -109.37 45.31 8.65
CA ASN XB 88 -108.38 46.07 9.40
C ASN XB 88 -107.24 46.55 8.51
N TYR XB 89 -106.97 45.84 7.41
CA TYR XB 89 -105.84 46.20 6.56
C TYR XB 89 -106.13 47.42 5.69
N ARG XB 90 -107.35 47.53 5.17
CA ARG XB 90 -107.66 48.62 4.24
C ARG XB 90 -107.67 49.97 4.94
N LYS XB 91 -108.31 50.03 6.11
CA LYS XB 91 -108.31 51.27 6.88
C LYS XB 91 -106.88 51.64 7.31
N ALA XB 92 -106.08 50.63 7.65
CA ALA XB 92 -104.69 50.88 7.97
C ALA XB 92 -103.95 51.48 6.78
N VAL XB 93 -104.19 50.93 5.59
CA VAL XB 93 -103.55 51.46 4.39
C VAL XB 93 -103.94 52.92 4.19
N TRP XB 94 -105.22 53.23 4.32
CA TRP XB 94 -105.69 54.60 4.11
C TRP XB 94 -105.07 55.57 5.10
N ASN XB 95 -105.16 55.25 6.39
CA ASN XB 95 -104.70 56.18 7.41
C ASN XB 95 -103.18 56.31 7.43
N ARG XB 96 -102.46 55.20 7.25
CA ARG XB 96 -101.02 55.28 7.17
C ARG XB 96 -100.56 55.93 5.87
N SER XB 97 -101.37 55.93 4.82
CA SER XB 97 -101.04 56.71 3.63
C SER XB 97 -101.17 58.19 3.92
N GLN XB 98 -102.21 58.60 4.64
CA GLN XB 98 -102.30 60.00 5.07
C GLN XB 98 -101.11 60.39 5.94
N TYR XB 99 -100.75 59.51 6.87
CA TYR XB 99 -99.58 59.77 7.72
C TYR XB 99 -98.30 59.85 6.90
N ALA XB 100 -98.18 59.00 5.88
CA ALA XB 100 -97.01 59.03 5.02
C ALA XB 100 -96.93 60.33 4.24
N LEU XB 101 -98.06 60.82 3.74
CA LEU XB 101 -98.07 62.12 3.08
C LEU XB 101 -97.62 63.22 4.03
N CYS XB 102 -98.15 63.21 5.26
CA CYS XB 102 -97.78 64.24 6.22
C CYS XB 102 -96.29 64.20 6.56
N ILE XB 103 -95.74 63.00 6.78
CA ILE XB 103 -94.33 62.90 7.16
C ILE XB 103 -93.38 62.96 5.97
N GLY XB 104 -93.88 62.86 4.75
CA GLY XB 104 -93.03 63.02 3.59
C GLY XB 104 -92.97 64.48 3.18
N THR XB 105 -94.09 65.18 3.28
CA THR XB 105 -94.09 66.59 2.92
C THR XB 105 -93.38 67.46 3.96
N PHE XB 106 -93.42 67.06 5.25
CA PHE XB 106 -92.96 67.93 6.31
C PHE XB 106 -91.79 67.38 7.14
N ASP XB 107 -91.48 66.08 7.06
CA ASP XB 107 -90.34 65.55 7.79
C ASP XB 107 -89.24 65.07 6.86
N ILE XB 108 -89.51 64.10 5.99
CA ILE XB 108 -88.47 63.63 5.07
C ILE XB 108 -88.20 64.68 4.01
N GLY XB 109 -89.25 65.31 3.48
CA GLY XB 109 -89.04 66.40 2.55
C GLY XB 109 -88.27 67.55 3.16
N ALA XB 110 -88.58 67.89 4.40
CA ALA XB 110 -87.84 68.95 5.09
C ALA XB 110 -86.38 68.57 5.31
N ARG XB 111 -86.13 67.31 5.68
CA ARG XB 111 -84.75 66.86 5.84
C ARG XB 111 -83.98 66.98 4.54
N LEU XB 112 -84.58 66.50 3.44
CA LEU XB 112 -83.90 66.56 2.14
C LEU XB 112 -83.68 67.99 1.69
N ALA XB 113 -84.68 68.85 1.85
CA ALA XB 113 -84.55 70.24 1.45
C ALA XB 113 -83.47 70.94 2.26
N THR XB 114 -83.44 70.73 3.58
CA THR XB 114 -82.42 71.38 4.41
C THR XB 114 -81.04 70.86 4.09
N PHE XB 115 -80.89 69.55 3.87
CA PHE XB 115 -79.59 69.00 3.54
C PHE XB 115 -79.08 69.56 2.21
N ARG XB 116 -79.95 69.60 1.19
CA ARG XB 116 -79.55 70.16 -0.08
C ARG XB 116 -79.22 71.64 0.04
N TRP XB 117 -80.03 72.39 0.80
CA TRP XB 117 -79.78 73.81 0.98
C TRP XB 117 -78.42 74.06 1.62
N LEU XB 118 -78.04 73.23 2.59
CA LEU XB 118 -76.79 73.43 3.29
C LEU XB 118 -75.60 72.81 2.57
N ASN XB 119 -75.82 71.77 1.75
CA ASN XB 119 -74.73 70.99 1.19
C ASN XB 119 -74.69 71.00 -0.34
N ASN XB 120 -75.42 71.90 -0.99
CA ASN XB 120 -75.40 71.91 -2.45
C ASN XB 120 -74.07 72.40 -2.99
N GLY XB 121 -73.46 73.38 -2.32
CA GLY XB 121 -72.30 74.05 -2.86
C GLY XB 121 -70.97 73.38 -2.64
N TRP XB 122 -70.92 72.23 -1.98
CA TRP XB 122 -69.65 71.55 -1.74
C TRP XB 122 -69.23 70.83 -3.02
N GLN XB 123 -68.28 71.41 -3.74
CA GLN XB 123 -67.82 70.83 -4.99
C GLN XB 123 -66.80 69.71 -4.74
N ARG XB 124 -66.59 68.91 -5.76
CA ARG XB 124 -65.71 67.75 -5.68
C ARG XB 124 -64.51 67.92 -6.60
N VAL XB 125 -63.44 67.17 -6.29
CA VAL XB 125 -62.25 67.20 -7.10
C VAL XB 125 -62.52 66.55 -8.46
N PHE XB 126 -61.84 67.05 -9.50
CA PHE XB 126 -62.11 66.64 -10.87
C PHE XB 126 -61.90 65.15 -11.10
N ALA XB 127 -60.66 64.68 -10.97
CA ALA XB 127 -60.34 63.29 -11.23
C ALA XB 127 -59.83 62.59 -9.97
N GLY XB 128 -60.33 63.01 -8.81
CA GLY XB 128 -59.99 62.37 -7.57
C GLY XB 128 -61.21 62.20 -6.69
N PHE XB 129 -61.04 62.38 -5.39
CA PHE XB 129 -62.11 62.23 -4.43
C PHE XB 129 -62.17 63.47 -3.56
N GLU XB 130 -63.34 63.76 -3.02
CA GLU XB 130 -63.49 64.94 -2.17
C GLU XB 130 -62.74 64.70 -0.87
N PHE XB 131 -61.48 65.12 -0.82
CA PHE XB 131 -60.64 64.82 0.33
C PHE XB 131 -61.12 65.53 1.59
N ASN XB 132 -61.57 66.78 1.46
CA ASN XB 132 -62.03 67.56 2.61
C ASN XB 132 -63.53 67.35 2.78
N PHE XB 133 -63.88 66.20 3.34
CA PHE XB 133 -65.25 65.92 3.71
C PHE XB 133 -65.59 66.38 5.12
N VAL XB 134 -64.59 66.74 5.92
CA VAL XB 134 -64.84 67.20 7.29
C VAL XB 134 -65.69 68.46 7.27
N ARG XB 135 -65.55 69.29 6.24
CA ARG XB 135 -66.37 70.48 6.12
C ARG XB 135 -67.86 70.15 6.07
N LYS XB 136 -68.22 68.94 5.64
CA LYS XB 136 -69.63 68.55 5.61
C LYS XB 136 -70.13 68.06 6.96
N ILE XB 137 -69.22 67.76 7.90
CA ILE XB 137 -69.66 67.25 9.21
C ILE XB 137 -70.50 68.28 9.97
N PRO XB 138 -70.06 69.54 10.14
CA PRO XB 138 -70.94 70.51 10.80
C PRO XB 138 -72.19 70.78 9.99
N THR XB 139 -71.99 71.07 8.70
CA THR XB 139 -73.10 71.40 7.81
C THR XB 139 -74.23 70.37 7.91
N THR XB 140 -73.92 69.12 7.58
CA THR XB 140 -74.92 68.06 7.69
C THR XB 140 -75.52 68.03 9.09
N MET XB 141 -74.67 68.10 10.12
CA MET XB 141 -75.15 68.11 11.49
C MET XB 141 -76.21 69.17 11.68
N LEU XB 142 -75.93 70.40 11.24
CA LEU XB 142 -76.90 71.48 11.38
C LEU XB 142 -78.24 71.05 10.80
N ALA XB 143 -78.22 70.53 9.56
CA ALA XB 143 -79.45 70.10 8.92
C ALA XB 143 -80.22 69.14 9.83
N ALA XB 144 -79.52 68.12 10.33
CA ALA XB 144 -80.17 67.14 11.20
C ALA XB 144 -80.85 67.84 12.36
N LEU XB 145 -80.11 68.70 13.06
CA LEU XB 145 -80.70 69.43 14.17
C LEU XB 145 -81.92 70.21 13.72
N PHE XB 146 -81.77 70.98 12.64
CA PHE XB 146 -82.86 71.84 12.22
C PHE XB 146 -84.07 71.05 11.77
N THR XB 147 -83.90 69.75 11.48
CA THR XB 147 -85.01 68.92 11.07
C THR XB 147 -85.31 67.80 12.05
N ALA XB 148 -84.68 67.82 13.23
CA ALA XB 148 -84.95 66.78 14.22
C ALA XB 148 -86.39 66.76 14.70
N PRO XB 149 -87.00 67.88 15.10
CA PRO XB 149 -88.36 67.81 15.65
C PRO XB 149 -89.48 67.99 14.63
N PHE XB 150 -89.21 67.91 13.33
CA PHE XB 150 -90.25 68.14 12.34
C PHE XB 150 -91.22 66.97 12.20
N SER XB 151 -90.85 65.79 12.69
CA SER XB 151 -91.73 64.63 12.65
C SER XB 151 -92.45 64.37 13.96
N VAL XB 152 -92.02 65.03 15.04
CA VAL XB 152 -92.60 64.75 16.36
C VAL XB 152 -94.10 65.02 16.43
N PRO XB 153 -94.61 66.18 15.99
CA PRO XB 153 -96.06 66.38 16.07
C PRO XB 153 -96.85 65.37 15.29
N PHE XB 154 -96.38 64.97 14.11
CA PHE XB 154 -97.11 64.00 13.30
C PHE XB 154 -97.09 62.61 13.94
N GLU XB 155 -95.93 62.20 14.47
CA GLU XB 155 -95.87 60.91 15.13
C GLU XB 155 -96.75 60.87 16.36
N LEU XB 156 -96.75 61.93 17.16
CA LEU XB 156 -97.58 61.95 18.35
C LEU XB 156 -99.07 62.07 18.00
N ALA XB 157 -99.39 62.73 16.89
CA ALA XB 157 -100.77 62.74 16.42
C ALA XB 157 -101.23 61.34 16.00
N ARG XB 158 -100.36 60.59 15.33
CA ARG XB 158 -100.70 59.21 14.98
C ARG XB 158 -100.90 58.37 16.24
N MET XB 159 -100.01 58.53 17.23
CA MET XB 159 -100.15 57.80 18.48
C MET XB 159 -101.47 58.13 19.16
N ALA XB 160 -101.82 59.42 19.20
CA ALA XB 160 -103.07 59.82 19.83
C ALA XB 160 -104.28 59.31 19.06
N TYR XB 161 -104.19 59.28 17.72
CA TYR XB 161 -105.28 58.75 16.91
C TYR XB 161 -105.55 57.29 17.23
N TYR XB 162 -104.49 56.48 17.28
CA TYR XB 162 -104.70 55.07 17.60
C TYR XB 162 -105.14 54.87 19.05
N GLY XB 163 -104.57 55.64 19.97
CA GLY XB 163 -105.00 55.56 21.36
C GLY XB 163 -106.47 55.90 21.52
N ASP XB 164 -106.95 56.88 20.75
CA ASP XB 164 -108.38 57.16 20.72
C ASP XB 164 -109.15 55.96 20.16
N LYS XB 165 -108.61 55.34 19.11
CA LYS XB 165 -109.30 54.21 18.50
C LYS XB 165 -109.47 53.05 19.47
N THR XB 166 -108.58 52.93 20.46
CA THR XB 166 -108.57 51.75 21.33
C THR XB 166 -109.28 51.94 22.66
N PHE XB 167 -110.03 53.02 22.84
CA PHE XB 167 -110.74 53.30 24.08
C PHE XB 167 -112.22 52.99 23.95
N PRO XB 168 -112.95 52.91 25.06
CA PRO XB 168 -114.40 52.69 24.98
C PRO XB 168 -115.11 53.83 24.26
N LYS XB 169 -116.39 53.57 23.93
CA LYS XB 169 -117.14 54.50 23.10
C LYS XB 169 -117.34 55.84 23.80
N GLU XB 170 -117.62 55.83 25.10
CA GLU XB 170 -117.86 57.06 25.82
C GLU XB 170 -116.59 57.90 25.98
N LEU XB 171 -115.41 57.29 25.86
CA LEU XB 171 -114.14 57.98 26.03
C LEU XB 171 -113.39 58.10 24.71
N GLN XB 172 -114.12 58.34 23.61
CA GLN XB 172 -113.54 58.45 22.28
C GLN XB 172 -113.78 59.84 21.72
N ARG XB 173 -112.78 60.37 21.02
CA ARG XB 173 -112.90 61.64 20.32
C ARG XB 173 -113.64 61.50 19.00
N GLY XB 174 -113.83 60.28 18.50
CA GLY XB 174 -114.46 60.09 17.21
C GLY XB 174 -113.64 60.59 16.04
N TYR XB 175 -112.34 60.32 16.04
CA TYR XB 175 -111.47 60.74 14.95
C TYR XB 175 -111.82 59.95 13.68
N SER XB 176 -112.27 60.66 12.65
CA SER XB 176 -112.66 60.00 11.41
C SER XB 176 -111.45 59.46 10.65
N SER XB 177 -110.33 60.19 10.69
CA SER XB 177 -109.12 59.79 9.99
C SER XB 177 -107.92 60.36 10.70
N TYR XB 178 -106.73 60.09 10.16
CA TYR XB 178 -105.51 60.64 10.75
C TYR XB 178 -105.45 62.15 10.59
N LEU XB 179 -105.87 62.67 9.43
CA LEU XB 179 -105.84 64.11 9.21
C LEU XB 179 -106.80 64.83 10.14
N SER XB 180 -107.97 64.22 10.41
CA SER XB 180 -108.90 64.81 11.37
C SER XB 180 -108.28 64.91 12.75
N ALA XB 181 -107.60 63.85 13.19
CA ALA XB 181 -106.93 63.90 14.48
C ALA XB 181 -105.83 64.94 14.51
N LEU XB 182 -105.03 65.02 13.43
CA LEU XB 182 -103.95 65.99 13.38
C LEU XB 182 -104.48 67.41 13.42
N ALA XB 183 -105.61 67.67 12.77
CA ALA XB 183 -106.20 69.00 12.78
C ALA XB 183 -106.90 69.33 14.09
N ARG XB 184 -107.41 68.32 14.79
CA ARG XB 184 -108.20 68.56 16.00
C ARG XB 184 -107.37 68.59 17.27
N ILE XB 185 -106.26 67.86 17.33
CA ILE XB 185 -105.50 67.78 18.58
C ILE XB 185 -105.01 69.13 19.07
N PRO XB 186 -104.37 69.97 18.26
CA PRO XB 186 -103.84 71.24 18.80
C PRO XB 186 -104.91 72.17 19.35
N PHE XB 187 -106.17 72.01 18.95
CA PHE XB 187 -107.25 72.84 19.47
C PHE XB 187 -108.06 72.17 20.56
N GLU XB 188 -107.69 70.94 20.95
CA GLU XB 188 -108.36 70.24 22.04
C GLU XB 188 -107.44 69.96 23.21
N GLU XB 189 -106.28 69.34 22.96
CA GLU XB 189 -105.30 69.08 23.99
C GLU XB 189 -104.13 70.07 23.96
N GLY XB 190 -104.14 71.01 23.02
CA GLY XB 190 -103.10 72.01 22.96
C GLY XB 190 -101.93 71.58 22.08
N PRO XB 191 -101.17 72.56 21.60
CA PRO XB 191 -100.00 72.24 20.77
C PRO XB 191 -98.95 71.41 21.49
N TYR XB 192 -98.78 71.61 22.80
CA TYR XB 192 -97.76 70.89 23.54
C TYR XB 192 -98.08 69.41 23.69
N PHE XB 193 -99.33 69.00 23.43
CA PHE XB 193 -99.67 67.58 23.42
C PHE XB 193 -98.94 66.83 22.32
N LEU XB 194 -98.43 67.53 21.32
CA LEU XB 194 -97.69 66.94 20.22
C LEU XB 194 -96.18 67.11 20.36
N PHE XB 195 -95.70 67.62 21.49
CA PHE XB 195 -94.27 67.82 21.69
C PHE XB 195 -93.77 67.37 23.07
N LYS XB 196 -94.64 67.03 24.00
CA LYS XB 196 -94.22 66.78 25.37
C LYS XB 196 -93.42 65.50 25.46
N ASN XB 197 -92.25 65.58 26.12
CA ASN XB 197 -91.39 64.42 26.38
C ASN XB 197 -91.10 63.65 25.10
N SER XB 198 -90.59 64.37 24.09
CA SER XB 198 -90.31 63.80 22.78
C SER XB 198 -88.82 63.69 22.49
N PHE XB 199 -88.00 63.64 23.53
CA PHE XB 199 -86.56 63.46 23.33
C PHE XB 199 -86.22 62.19 22.55
N PRO XB 200 -86.83 61.02 22.81
CA PRO XB 200 -86.49 59.84 22.00
C PRO XB 200 -86.71 60.08 20.51
N LEU XB 201 -87.86 60.62 20.14
CA LEU XB 201 -88.14 60.88 18.73
C LEU XB 201 -87.17 61.90 18.16
N ILE XB 202 -86.87 62.96 18.91
CA ILE XB 202 -86.00 64.01 18.39
C ILE XB 202 -84.59 63.48 18.15
N ILE XB 203 -84.02 62.78 19.13
CA ILE XB 203 -82.66 62.28 18.95
C ILE XB 203 -82.60 61.16 17.93
N ARG XB 204 -83.66 60.34 17.84
CA ARG XB 204 -83.70 59.31 16.81
C ARG XB 204 -83.73 59.93 15.43
N ASN XB 205 -84.53 60.98 15.24
CA ASN XB 205 -84.55 61.67 13.95
C ASN XB 205 -83.20 62.30 13.64
N PHE XB 206 -82.56 62.89 14.66
CA PHE XB 206 -81.24 63.47 14.45
C PHE XB 206 -80.26 62.42 13.95
N PHE XB 207 -80.21 61.27 14.61
CA PHE XB 207 -79.25 60.25 14.22
C PHE XB 207 -79.60 59.64 12.87
N GLN XB 208 -80.89 59.40 12.61
CA GLN XB 208 -81.30 58.93 11.29
C GLN XB 208 -80.81 59.87 10.21
N THR XB 209 -81.14 61.16 10.34
CA THR XB 209 -80.77 62.12 9.30
C THR XB 209 -79.26 62.19 9.12
N PHE XB 210 -78.52 62.42 10.21
CA PHE XB 210 -77.09 62.61 10.08
C PHE XB 210 -76.41 61.36 9.53
N THR XB 211 -76.66 60.20 10.16
CA THR XB 211 -76.00 58.98 9.72
C THR XB 211 -76.35 58.67 8.27
N LEU XB 212 -77.64 58.67 7.94
CA LEU XB 212 -78.07 58.33 6.59
C LEU XB 212 -77.40 59.24 5.56
N PHE XB 213 -77.62 60.55 5.67
CA PHE XB 213 -77.15 61.46 4.63
C PHE XB 213 -75.63 61.50 4.57
N TYR XB 214 -74.96 61.64 5.72
CA TYR XB 214 -73.51 61.72 5.72
C TYR XB 214 -72.88 60.45 5.19
N THR XB 215 -73.34 59.28 5.66
CA THR XB 215 -72.78 58.03 5.20
C THR XB 215 -73.00 57.84 3.70
N TYR XB 216 -74.20 58.16 3.22
CA TYR XB 216 -74.47 57.95 1.80
C TYR XB 216 -73.60 58.86 0.94
N ASP XB 217 -73.52 60.15 1.27
CA ASP XB 217 -72.71 61.05 0.47
C ASP XB 217 -71.24 60.64 0.51
N PHE XB 218 -70.73 60.34 1.71
CA PHE XB 218 -69.34 59.94 1.87
C PHE XB 218 -69.04 58.70 1.03
N LEU XB 219 -69.83 57.64 1.19
CA LEU XB 219 -69.55 56.40 0.47
C LEU XB 219 -69.73 56.58 -1.03
N LYS XB 220 -70.76 57.29 -1.47
CA LYS XB 220 -70.96 57.49 -2.89
C LYS XB 220 -69.88 58.35 -3.52
N ASP XB 221 -69.12 59.09 -2.72
CA ASP XB 221 -67.93 59.73 -3.26
C ASP XB 221 -66.66 58.92 -3.04
N LYS XB 222 -66.44 58.38 -1.84
CA LYS XB 222 -65.18 57.72 -1.55
C LYS XB 222 -65.08 56.33 -2.17
N ALA XB 223 -66.21 55.63 -2.28
CA ALA XB 223 -66.25 54.33 -2.94
C ALA XB 223 -66.51 54.46 -4.44
N SER XB 224 -66.23 55.63 -5.02
CA SER XB 224 -66.47 55.83 -6.44
C SER XB 224 -65.43 55.15 -7.31
N PHE XB 225 -64.26 54.80 -6.76
CA PHE XB 225 -63.30 54.02 -7.52
C PHE XB 225 -63.86 52.65 -7.88
N ALA XB 226 -64.89 52.19 -7.18
CA ALA XB 226 -65.46 50.88 -7.46
C ALA XB 226 -66.11 50.82 -8.83
N TRP XB 227 -66.48 51.95 -9.42
CA TRP XB 227 -67.05 51.95 -10.75
C TRP XB 227 -66.40 52.98 -11.68
N ARG XB 228 -65.32 53.62 -11.25
CA ARG XB 228 -64.55 54.53 -12.08
C ARG XB 228 -63.20 53.97 -12.50
N VAL XB 229 -62.47 53.36 -11.56
CA VAL XB 229 -61.18 52.75 -11.87
C VAL XB 229 -61.41 51.33 -12.36
N GLY XB 230 -61.98 50.49 -11.50
CA GLY XB 230 -62.36 49.15 -11.90
C GLY XB 230 -63.83 49.09 -12.27
N GLU XB 231 -64.12 49.04 -13.57
CA GLU XB 231 -65.48 49.27 -14.06
C GLU XB 231 -66.47 48.26 -13.51
N GLN XB 232 -67.36 48.70 -12.62
CA GLN XB 232 -68.47 47.91 -12.13
C GLN XB 232 -69.78 48.58 -12.55
N ASN XB 233 -70.90 48.00 -12.11
CA ASN XB 233 -72.20 48.43 -12.59
C ASN XB 233 -72.54 49.86 -12.17
N GLU XB 234 -72.11 50.25 -10.97
CA GLU XB 234 -72.37 51.53 -10.33
C GLU XB 234 -73.81 51.64 -9.83
N TYR XB 235 -74.68 50.78 -10.34
CA TYR XB 235 -76.04 50.76 -9.80
C TYR XB 235 -76.16 49.74 -8.68
N ALA XB 236 -75.57 48.56 -8.87
CA ALA XB 236 -75.40 47.64 -7.75
C ALA XB 236 -74.55 48.27 -6.67
N CYS XB 237 -73.51 49.01 -7.06
CA CYS XB 237 -72.68 49.70 -6.07
C CYS XB 237 -73.47 50.77 -5.33
N LYS XB 238 -74.28 51.56 -6.04
CA LYS XB 238 -75.11 52.55 -5.37
C LYS XB 238 -76.11 51.89 -4.43
N MET XB 239 -76.72 50.78 -4.84
CA MET XB 239 -77.67 50.09 -3.97
C MET XB 239 -76.98 49.54 -2.73
N ILE XB 240 -75.77 48.98 -2.89
CA ILE XB 240 -75.04 48.46 -1.74
C ILE XB 240 -74.68 49.59 -0.78
N ILE XB 241 -74.25 50.73 -1.33
CA ILE XB 241 -73.91 51.88 -0.49
C ILE XB 241 -75.15 52.37 0.26
N ALA XB 242 -76.29 52.46 -0.43
CA ALA XB 242 -77.52 52.89 0.22
C ALA XB 242 -77.93 51.91 1.32
N GLY XB 243 -77.78 50.61 1.07
CA GLY XB 243 -78.11 49.63 2.09
C GLY XB 243 -77.21 49.74 3.31
N ILE XB 244 -75.91 49.94 3.09
CA ILE XB 244 -74.98 50.10 4.21
C ILE XB 244 -75.33 51.34 5.01
N SER XB 245 -75.62 52.46 4.32
CA SER XB 245 -75.98 53.68 5.02
C SER XB 245 -77.26 53.52 5.80
N THR XB 246 -78.26 52.85 5.21
CA THR XB 246 -79.52 52.63 5.90
C THR XB 246 -79.34 51.75 7.14
N TYR XB 247 -78.53 50.70 7.02
CA TYR XB 247 -78.29 49.84 8.17
C TYR XB 247 -77.58 50.60 9.28
N LEU XB 248 -76.60 51.44 8.92
CA LEU XB 248 -75.91 52.24 9.94
C LEU XB 248 -76.85 53.23 10.60
N ALA XB 249 -77.73 53.87 9.82
CA ALA XB 249 -78.69 54.81 10.39
C ALA XB 249 -79.65 54.11 11.34
N ALA XB 250 -80.14 52.93 10.95
CA ALA XB 250 -81.04 52.17 11.82
C ALA XB 250 -80.33 51.71 13.08
N VAL XB 251 -79.06 51.31 12.96
CA VAL XB 251 -78.31 50.88 14.13
C VAL XB 251 -78.09 52.04 15.09
N PHE XB 252 -77.71 53.20 14.56
CA PHE XB 252 -77.43 54.35 15.42
C PHE XB 252 -78.68 55.06 15.92
N SER XB 253 -79.85 54.74 15.35
CA SER XB 253 -81.08 55.39 15.77
C SER XB 253 -81.92 54.56 16.72
N TYR XB 254 -81.82 53.24 16.67
CA TYR XB 254 -82.68 52.39 17.50
C TYR XB 254 -82.49 52.57 19.00
N PRO XB 255 -81.27 52.59 19.55
CA PRO XB 255 -81.13 52.55 21.01
C PRO XB 255 -81.88 53.66 21.73
N TRP XB 256 -82.12 54.78 21.06
CA TRP XB 256 -82.89 55.86 21.67
C TRP XB 256 -84.38 55.58 21.69
N MET XB 257 -84.85 54.62 20.89
CA MET XB 257 -86.24 54.19 20.94
C MET XB 257 -86.49 53.11 21.97
N VAL XB 258 -85.44 52.59 22.61
CA VAL XB 258 -85.61 51.66 23.71
C VAL XB 258 -85.96 52.39 25.00
N THR XB 259 -85.61 53.67 25.11
CA THR XB 259 -85.88 54.42 26.33
C THR XB 259 -87.37 54.44 26.66
N ARG XB 260 -88.23 54.39 25.64
CA ARG XB 260 -89.66 54.25 25.90
C ARG XB 260 -89.95 52.95 26.63
N GLU XB 261 -89.38 51.84 26.15
CA GLU XB 261 -89.60 50.55 26.80
C GLU XB 261 -89.02 50.55 28.20
N MET XB 262 -87.84 51.13 28.39
CA MET XB 262 -87.20 51.11 29.71
C MET XB 262 -87.95 51.96 30.72
N VAL XB 263 -88.53 53.09 30.28
CA VAL XB 263 -89.07 54.05 31.23
C VAL XB 263 -90.48 53.66 31.67
N ASP XB 264 -91.41 53.55 30.73
CA ASP XB 264 -92.81 53.36 31.09
C ASP XB 264 -93.37 52.01 30.65
N PHE XB 265 -92.53 51.03 30.40
CA PHE XB 265 -93.04 49.69 30.12
C PHE XB 265 -92.41 48.62 31.00
N TRP XB 266 -91.15 48.76 31.36
CA TRP XB 266 -90.53 47.80 32.27
C TRP XB 266 -91.25 47.85 33.61
N PRO XB 267 -91.57 46.70 34.22
CA PRO XB 267 -92.27 46.72 35.51
C PRO XB 267 -91.45 47.40 36.58
N LYS XB 268 -92.13 48.10 37.47
CA LYS XB 268 -91.49 48.90 38.50
C LYS XB 268 -91.36 48.11 39.79
N VAL XB 269 -90.29 48.39 40.53
CA VAL XB 269 -90.08 47.78 41.85
C VAL XB 269 -90.99 48.50 42.84
N PRO XB 270 -91.90 47.80 43.50
CA PRO XB 270 -92.78 48.46 44.47
C PRO XB 270 -91.99 49.05 45.63
N GLY XB 271 -92.42 50.22 46.08
CA GLY XB 271 -91.79 50.86 47.23
C GLY XB 271 -90.40 51.39 46.98
N ALA XB 272 -90.00 51.55 45.73
CA ALA XB 272 -88.69 52.07 45.40
C ALA XB 272 -88.84 53.21 44.40
N PRO XB 273 -87.97 54.22 44.48
CA PRO XB 273 -88.05 55.33 43.52
C PRO XB 273 -87.85 54.83 42.10
N CYS XB 274 -88.62 55.38 41.18
CA CYS XB 274 -88.54 54.95 39.79
C CYS XB 274 -87.20 55.32 39.20
N THR XB 275 -86.52 54.34 38.60
CA THR XB 275 -85.26 54.63 37.93
C THR XB 275 -85.52 55.45 36.68
N PHE XB 276 -84.53 56.27 36.31
CA PHE XB 276 -84.58 57.17 35.16
C PHE XB 276 -85.53 58.34 35.42
N ASN XB 277 -86.27 58.29 36.52
CA ASN XB 277 -87.22 59.33 36.91
C ASN XB 277 -88.21 59.66 35.80
N GLY XB 278 -88.45 58.73 34.88
CA GLY XB 278 -89.40 58.94 33.80
C GLY XB 278 -89.06 60.08 32.87
N ASN XB 279 -87.81 60.16 32.41
CA ASN XB 279 -87.32 61.31 31.67
C ASN XB 279 -87.00 61.04 30.21
N TYR XB 280 -86.57 59.82 29.88
CA TYR XB 280 -86.12 59.36 28.57
C TYR XB 280 -84.75 59.92 28.22
N ARG XB 281 -84.32 60.98 28.90
CA ARG XB 281 -82.99 61.53 28.63
C ARG XB 281 -81.97 61.02 29.62
N LYS XB 282 -82.36 60.90 30.89
CA LYS XB 282 -81.55 60.12 31.82
C LYS XB 282 -81.44 58.68 31.34
N ALA XB 283 -82.52 58.14 30.80
CA ALA XB 283 -82.47 56.80 30.22
C ALA XB 283 -81.55 56.76 29.00
N ALA XB 284 -81.60 57.78 28.15
CA ALA XB 284 -80.70 57.82 27.00
C ALA XB 284 -79.24 57.89 27.44
N VAL XB 285 -78.94 58.68 28.46
CA VAL XB 285 -77.58 58.78 28.96
C VAL XB 285 -77.13 57.46 29.58
N TRP XB 286 -78.01 56.79 30.31
CA TRP XB 286 -77.69 55.49 30.87
C TRP XB 286 -77.39 54.48 29.77
N ILE XB 287 -78.18 54.51 28.69
CA ILE XB 287 -77.91 53.65 27.54
C ILE XB 287 -76.56 54.00 26.93
N TRP XB 288 -76.26 55.29 26.81
CA TRP XB 288 -74.99 55.72 26.23
C TRP XB 288 -73.82 55.21 27.04
N TYR XB 289 -73.95 55.18 28.37
CA TYR XB 289 -72.87 54.74 29.25
C TYR XB 289 -73.00 53.28 29.68
N HIS XB 290 -73.98 52.56 29.15
CA HIS XB 290 -74.14 51.15 29.53
C HIS XB 290 -73.02 50.30 28.93
N GLU XB 291 -72.58 49.31 29.69
CA GLU XB 291 -71.45 48.47 29.29
C GLU XB 291 -71.84 47.44 28.24
N PHE XB 292 -73.02 46.85 28.35
CA PHE XB 292 -73.46 45.81 27.44
C PHE XB 292 -74.30 46.44 26.33
N SER XB 293 -73.79 46.40 25.10
CA SER XB 293 -74.48 47.02 23.97
C SER XB 293 -75.59 46.15 23.41
N GLY XB 294 -75.76 44.92 23.90
CA GLY XB 294 -76.81 44.07 23.40
C GLY XB 294 -78.12 44.23 24.13
N ASN XB 295 -78.07 44.83 25.33
CA ASN XB 295 -79.27 44.94 26.14
C ASN XB 295 -80.26 45.94 25.56
N TYR XB 296 -79.77 46.99 24.92
CA TYR XB 296 -80.63 47.97 24.28
C TYR XB 296 -80.74 47.77 22.78
N PHE XB 297 -80.30 46.63 22.26
CA PHE XB 297 -80.52 46.28 20.86
C PHE XB 297 -81.47 45.10 20.70
N ALA XB 298 -82.08 44.64 21.79
CA ALA XB 298 -83.07 43.57 21.69
C ALA XB 298 -84.35 44.12 21.09
N GLY XB 299 -84.90 43.40 20.11
CA GLY XB 299 -86.06 43.89 19.39
C GLY XB 299 -85.74 44.87 18.29
N PHE XB 300 -84.47 44.94 17.85
CA PHE XB 300 -84.10 45.86 16.79
C PHE XB 300 -84.90 45.61 15.53
N PHE XB 301 -84.95 44.36 15.07
CA PHE XB 301 -85.68 44.05 13.85
C PHE XB 301 -87.17 43.85 14.09
N THR XB 302 -87.55 43.48 15.31
CA THR XB 302 -88.96 43.25 15.59
C THR XB 302 -89.73 44.56 15.72
N LYS XB 303 -89.12 45.57 16.33
CA LYS XB 303 -89.82 46.80 16.66
C LYS XB 303 -89.51 47.96 15.73
N TYR XB 304 -88.30 48.03 15.19
CA TYR XB 304 -87.90 49.28 14.54
C TYR XB 304 -87.42 49.13 13.11
N PHE XB 305 -86.65 48.08 12.80
CA PHE XB 305 -85.92 48.06 11.54
C PHE XB 305 -86.87 48.06 10.35
N TRP XB 306 -87.84 47.16 10.34
CA TRP XB 306 -88.74 47.03 9.20
C TRP XB 306 -89.84 48.07 9.20
N LYS XB 307 -89.74 49.09 10.06
CA LYS XB 307 -90.65 50.23 10.03
C LYS XB 307 -89.96 51.53 9.67
N ALA XB 308 -88.64 51.54 9.56
CA ALA XB 308 -87.88 52.71 9.15
C ALA XB 308 -86.89 52.42 8.03
N SER XB 309 -86.29 51.22 8.01
CA SER XB 309 -85.19 50.97 7.07
C SER XB 309 -85.62 50.99 5.61
N PRO XB 310 -86.71 50.33 5.19
CA PRO XB 310 -87.12 50.49 3.78
C PRO XB 310 -87.42 51.93 3.41
N GLY XB 311 -88.01 52.70 4.32
CA GLY XB 311 -88.25 54.10 4.05
C GLY XB 311 -86.97 54.88 3.84
N MET XB 312 -85.97 54.65 4.70
CA MET XB 312 -84.70 55.36 4.54
C MET XB 312 -83.98 54.94 3.27
N PHE XB 313 -84.04 53.64 2.94
CA PHE XB 313 -83.38 53.15 1.74
C PHE XB 313 -84.00 53.79 0.49
N LEU XB 314 -85.33 53.80 0.42
CA LEU XB 314 -85.99 54.43 -0.71
C LEU XB 314 -85.77 55.94 -0.72
N THR XB 315 -85.67 56.57 0.46
CA THR XB 315 -85.36 57.99 0.51
C THR XB 315 -84.01 58.27 -0.12
N LEU XB 316 -83.00 57.47 0.22
CA LEU XB 316 -81.68 57.64 -0.38
C LEU XB 316 -81.73 57.42 -1.89
N MET XB 317 -82.38 56.33 -2.32
CA MET XB 317 -82.41 56.02 -3.75
C MET XB 317 -83.11 57.11 -4.54
N LEU XB 318 -84.28 57.55 -4.07
CA LEU XB 318 -85.04 58.56 -4.80
C LEU XB 318 -84.38 59.92 -4.72
N ALA XB 319 -83.74 60.26 -3.60
CA ALA XB 319 -83.02 61.53 -3.51
C ALA XB 319 -81.85 61.55 -4.49
N ASP XB 320 -81.13 60.43 -4.62
CA ASP XB 320 -80.04 60.38 -5.58
C ASP XB 320 -80.56 60.42 -7.01
N LYS XB 321 -81.71 59.78 -7.27
CA LYS XB 321 -82.27 59.79 -8.61
C LYS XB 321 -82.73 61.18 -9.01
N VAL XB 322 -83.43 61.88 -8.10
CA VAL XB 322 -83.90 63.22 -8.41
C VAL XB 322 -82.74 64.20 -8.51
N GLY XB 323 -81.73 64.04 -7.68
CA GLY XB 323 -80.52 64.83 -7.81
C GLY XB 323 -80.12 65.63 -6.60
N LEU XB 324 -80.54 65.20 -5.41
CA LEU XB 324 -80.22 65.91 -4.18
C LEU XB 324 -78.85 65.56 -3.61
N PHE XB 325 -78.13 64.64 -4.25
CA PHE XB 325 -76.78 64.29 -3.82
C PHE XB 325 -75.73 64.61 -4.89
N ASP XB 326 -76.13 65.27 -5.97
CA ASP XB 326 -75.19 65.65 -7.02
C ASP XB 326 -74.37 66.86 -6.59
N GLN XB 327 -73.06 66.78 -6.82
CA GLN XB 327 -72.15 67.87 -6.53
C GLN XB 327 -71.36 68.21 -7.79
N THR XB 328 -71.08 69.49 -7.96
CA THR XB 328 -70.41 69.97 -9.17
C THR XB 328 -68.93 69.61 -9.13
N THR XB 329 -68.46 69.01 -10.22
CA THR XB 329 -67.05 68.68 -10.39
C THR XB 329 -66.54 69.37 -11.64
N VAL XB 330 -65.53 70.23 -11.48
CA VAL XB 330 -64.99 71.03 -12.57
C VAL XB 330 -63.48 70.84 -12.59
N ASP XB 331 -62.91 70.77 -13.80
CA ASP XB 331 -61.47 70.66 -13.94
C ASP XB 331 -60.79 71.86 -13.28
N ASN XB 332 -59.75 71.58 -12.50
CA ASN XB 332 -59.06 72.60 -11.73
C ASN XB 332 -57.91 73.24 -12.48
N PHE XB 333 -57.74 72.91 -13.75
CA PHE XB 333 -56.66 73.46 -14.57
C PHE XB 333 -57.17 74.30 -15.74
N GLY XB 334 -58.15 73.81 -16.47
CA GLY XB 334 -58.62 74.49 -17.66
C GLY XB 334 -59.91 75.25 -17.43
N GLY XB 335 -60.07 76.34 -18.18
CA GLY XB 335 -61.30 77.10 -18.15
C GLY XB 335 -61.49 77.93 -16.90
N ALA XB 336 -62.71 77.93 -16.37
CA ALA XB 336 -63.04 78.75 -15.22
C ALA XB 336 -62.39 78.27 -13.93
N GLY XB 337 -61.81 77.07 -13.93
CA GLY XB 337 -61.25 76.50 -12.72
C GLY XB 337 -59.92 77.06 -12.29
N ASN XB 338 -59.27 77.86 -13.13
CA ASN XB 338 -57.93 78.33 -12.85
C ASN XB 338 -57.81 79.80 -13.20
N ASN XB 339 -57.00 80.52 -12.42
CA ASN XB 339 -56.63 81.89 -12.72
C ASN XB 339 -55.17 82.01 -13.11
N SER XB 340 -54.42 80.91 -13.10
CA SER XB 340 -53.04 80.87 -13.55
C SER XB 340 -52.96 79.78 -14.61
N TRP XB 341 -53.27 80.13 -15.85
CA TRP XB 341 -53.29 79.17 -16.94
C TRP XB 341 -51.90 78.86 -17.48
N GLU XB 342 -50.90 79.65 -17.13
CA GLU XB 342 -49.57 79.48 -17.71
C GLU XB 342 -48.85 78.27 -17.15
N ASP XB 343 -49.22 77.79 -15.97
CA ASP XB 343 -48.64 76.57 -15.41
C ASP XB 343 -49.45 75.32 -15.72
N THR XB 344 -50.57 75.46 -16.43
CA THR XB 344 -51.45 74.32 -16.66
C THR XB 344 -50.80 73.28 -17.56
N PHE XB 345 -50.08 73.71 -18.60
CA PHE XB 345 -49.60 72.79 -19.62
C PHE XB 345 -48.08 72.69 -19.73
N VAL XB 346 -47.33 73.52 -19.02
CA VAL XB 346 -45.87 73.55 -19.15
C VAL XB 346 -45.25 72.21 -18.80
N ASN YB 2 -62.66 101.85 9.29
CA ASN YB 2 -63.46 103.05 9.45
C ASN YB 2 -63.98 103.54 8.11
N TYR YB 3 -63.34 103.11 7.02
CA TYR YB 3 -63.88 103.31 5.69
C TYR YB 3 -64.80 102.19 5.25
N SER YB 4 -64.88 101.10 6.01
CA SER YB 4 -65.58 99.90 5.59
C SER YB 4 -67.09 100.02 5.73
N TYR YB 5 -67.60 101.04 6.40
CA TYR YB 5 -69.03 101.12 6.65
C TYR YB 5 -69.79 101.35 5.35
N LYS YB 6 -71.09 101.07 5.40
CA LYS YB 6 -71.95 101.14 4.22
C LYS YB 6 -73.28 101.78 4.63
N ARG YB 7 -73.35 103.10 4.54
CA ARG YB 7 -74.53 103.87 4.94
C ARG YB 7 -75.05 104.71 3.79
N TYR YB 8 -75.10 104.14 2.59
CA TYR YB 8 -75.55 104.89 1.43
C TYR YB 8 -77.05 105.13 1.43
N TRP YB 9 -77.80 104.43 2.30
CA TRP YB 9 -79.23 104.65 2.45
C TRP YB 9 -79.54 104.75 3.94
N GLU YB 10 -80.05 105.90 4.37
CA GLU YB 10 -80.40 106.12 5.76
C GLU YB 10 -81.92 106.17 5.89
N PRO YB 11 -82.52 105.25 6.64
CA PRO YB 11 -83.98 105.28 6.81
C PRO YB 11 -84.43 106.51 7.57
N SER YB 12 -85.64 106.97 7.26
CA SER YB 12 -86.21 108.13 7.92
C SER YB 12 -86.75 107.73 9.29
N THR YB 13 -87.15 108.75 10.06
CA THR YB 13 -87.66 108.51 11.41
C THR YB 13 -88.95 107.69 11.37
N ALA YB 14 -89.85 108.01 10.44
CA ALA YB 14 -91.09 107.24 10.33
C ALA YB 14 -90.80 105.79 9.98
N GLU YB 15 -89.86 105.55 9.05
CA GLU YB 15 -89.53 104.19 8.65
C GLU YB 15 -88.97 103.40 9.82
N VAL YB 16 -88.01 103.98 10.54
CA VAL YB 16 -87.40 103.25 11.65
C VAL YB 16 -88.42 102.98 12.73
N ILE YB 17 -89.29 103.96 13.04
CA ILE YB 17 -90.28 103.77 14.09
C ILE YB 17 -91.25 102.65 13.71
N GLY YB 18 -91.81 102.71 12.51
CA GLY YB 18 -92.77 101.69 12.10
C GLY YB 18 -92.15 100.30 12.02
N LEU YB 19 -90.98 100.20 11.39
CA LEU YB 19 -90.32 98.92 11.25
C LEU YB 19 -89.95 98.34 12.61
N SER YB 20 -89.39 99.16 13.49
CA SER YB 20 -89.03 98.69 14.82
C SER YB 20 -90.27 98.18 15.55
N LEU YB 21 -91.35 98.96 15.55
CA LEU YB 21 -92.55 98.56 16.26
C LEU YB 21 -93.06 97.22 15.75
N SER YB 22 -93.23 97.09 14.43
CA SER YB 22 -93.81 95.86 13.88
C SER YB 22 -92.90 94.66 14.13
N VAL YB 23 -91.63 94.77 13.75
CA VAL YB 23 -90.73 93.63 13.82
C VAL YB 23 -90.51 93.21 15.27
N ASN YB 24 -90.36 94.18 16.17
CA ASN YB 24 -90.15 93.83 17.57
C ASN YB 24 -91.42 93.33 18.22
N THR YB 25 -92.59 93.73 17.73
CA THR YB 25 -93.82 93.10 18.20
C THR YB 25 -93.80 91.62 17.86
N ILE YB 26 -93.42 91.29 16.63
CA ILE YB 26 -93.33 89.88 16.24
C ILE YB 26 -92.30 89.15 17.10
N SER YB 27 -91.13 89.76 17.27
CA SER YB 27 -90.05 89.10 18.02
C SER YB 27 -90.43 88.87 19.47
N ALA YB 28 -91.05 89.87 20.12
CA ALA YB 28 -91.47 89.72 21.51
C ALA YB 28 -92.60 88.71 21.64
N ALA YB 29 -93.49 88.65 20.65
CA ALA YB 29 -94.55 87.64 20.69
C ALA YB 29 -93.97 86.24 20.59
N LEU YB 30 -92.88 86.07 19.84
CA LEU YB 30 -92.32 84.72 19.68
C LEU YB 30 -91.62 84.24 20.95
N THR YB 31 -90.91 85.11 21.65
CA THR YB 31 -90.01 84.70 22.72
C THR YB 31 -90.54 85.01 24.11
N TYR YB 32 -91.79 85.48 24.23
CA TYR YB 32 -92.32 85.78 25.56
C TYR YB 32 -92.40 84.56 26.47
N PRO YB 33 -92.78 83.36 26.01
CA PRO YB 33 -92.69 82.20 26.91
C PRO YB 33 -91.28 81.93 27.40
N ILE YB 34 -90.26 82.19 26.59
CA ILE YB 34 -88.89 82.01 27.04
C ILE YB 34 -88.55 83.03 28.12
N GLU YB 35 -88.99 84.28 27.94
CA GLU YB 35 -88.78 85.27 28.99
C GLU YB 35 -89.52 84.90 30.26
N PHE YB 36 -90.73 84.35 30.12
CA PHE YB 36 -91.52 83.91 31.26
C PHE YB 36 -90.78 82.83 32.03
N VAL YB 37 -90.23 81.85 31.31
CA VAL YB 37 -89.47 80.78 31.94
C VAL YB 37 -88.23 81.33 32.63
N LYS YB 38 -87.54 82.28 32.00
CA LYS YB 38 -86.35 82.86 32.63
C LYS YB 38 -86.69 83.60 33.91
N VAL YB 39 -87.77 84.39 33.90
CA VAL YB 39 -88.15 85.12 35.11
C VAL YB 39 -88.55 84.17 36.21
N ARG YB 40 -89.29 83.11 35.87
CA ARG YB 40 -89.69 82.14 36.88
C ARG YB 40 -88.47 81.42 37.46
N SER YB 41 -87.51 81.07 36.60
CA SER YB 41 -86.29 80.43 37.07
C SER YB 41 -85.50 81.33 38.01
N GLN YB 42 -85.45 82.63 37.70
CA GLN YB 42 -84.78 83.56 38.60
C GLN YB 42 -85.54 83.71 39.91
N ILE YB 43 -86.88 83.68 39.85
CA ILE YB 43 -87.68 83.85 41.05
C ILE YB 43 -87.49 82.66 41.99
N ARG YB 44 -87.48 81.44 41.46
CA ARG YB 44 -87.50 80.26 42.31
C ARG YB 44 -86.19 80.02 43.05
N THR YB 45 -85.12 80.76 42.73
CA THR YB 45 -83.82 80.56 43.36
C THR YB 45 -83.31 81.87 43.97
N GLU YB 46 -84.15 82.56 44.73
CA GLU YB 46 -83.73 83.83 45.32
C GLU YB 46 -82.83 83.60 46.53
N GLY YB 47 -83.36 82.97 47.58
CA GLY YB 47 -82.56 82.71 48.75
C GLY YB 47 -81.71 81.47 48.67
N VAL YB 48 -81.89 80.66 47.63
CA VAL YB 48 -81.25 79.36 47.53
C VAL YB 48 -80.01 79.44 46.65
N GLY YB 49 -80.20 79.82 45.40
CA GLY YB 49 -79.10 79.84 44.44
C GLY YB 49 -78.97 78.53 43.69
N ILE YB 50 -77.78 78.31 43.16
CA ILE YB 50 -77.48 77.09 42.42
C ILE YB 50 -76.89 76.07 43.40
N ARG YB 51 -77.58 74.94 43.56
CA ARG YB 51 -77.21 73.95 44.56
C ARG YB 51 -76.74 72.64 43.97
N SER YB 52 -76.95 72.40 42.68
CA SER YB 52 -76.43 71.20 42.04
C SER YB 52 -74.94 71.35 41.78
N LYS YB 53 -74.33 70.34 41.19
CA LYS YB 53 -72.89 70.32 40.98
C LYS YB 53 -72.56 69.84 39.58
N ASN YB 54 -71.43 70.29 39.07
CA ASN YB 54 -70.85 69.86 37.79
C ASN YB 54 -71.86 70.17 36.68
N LEU YB 55 -72.18 69.24 35.80
CA LEU YB 55 -73.04 69.51 34.65
C LEU YB 55 -74.47 69.83 35.04
N TYR YB 56 -74.86 69.61 36.29
CA TYR YB 56 -76.21 69.88 36.75
C TYR YB 56 -76.39 71.30 37.28
N MET YB 57 -75.33 72.11 37.29
CA MET YB 57 -75.41 73.46 37.83
C MET YB 57 -76.43 74.28 37.05
N GLY YB 58 -77.27 75.01 37.78
CA GLY YB 58 -78.27 75.87 37.20
C GLY YB 58 -79.66 75.28 37.32
N ILE YB 59 -80.61 75.94 36.66
CA ILE YB 59 -82.00 75.53 36.64
C ILE YB 59 -82.37 75.12 35.23
N ASN YB 60 -82.93 73.93 35.08
CA ASN YB 60 -83.29 73.41 33.76
C ASN YB 60 -84.47 74.21 33.19
N PRO YB 61 -84.32 74.85 32.03
CA PRO YB 61 -85.46 75.56 31.44
C PRO YB 61 -86.63 74.65 31.10
N ASN YB 62 -86.35 73.43 30.63
CA ASN YB 62 -87.42 72.53 30.25
C ASN YB 62 -88.21 72.05 31.46
N LYS YB 63 -87.55 71.87 32.60
CA LYS YB 63 -88.27 71.48 33.82
C LYS YB 63 -89.26 72.57 34.22
N VAL YB 64 -88.82 73.83 34.17
CA VAL YB 64 -89.71 74.94 34.51
C VAL YB 64 -90.85 75.02 33.50
N PHE YB 65 -90.55 74.82 32.22
CA PHE YB 65 -91.60 74.84 31.20
C PHE YB 65 -92.63 73.75 31.46
N ARG YB 66 -92.17 72.53 31.79
CA ARG YB 66 -93.10 71.44 32.04
C ARG YB 66 -93.95 71.71 33.27
N GLU YB 67 -93.36 72.27 34.33
CA GLU YB 67 -94.14 72.59 35.52
C GLU YB 67 -95.20 73.66 35.22
N ILE YB 68 -94.80 74.72 34.51
CA ILE YB 68 -95.75 75.79 34.19
C ILE YB 68 -96.86 75.27 33.29
N HIS YB 69 -96.55 74.35 32.39
CA HIS YB 69 -97.60 73.77 31.56
C HIS YB 69 -98.51 72.85 32.36
N ALA YB 70 -97.92 72.05 33.25
CA ALA YB 70 -98.70 71.14 34.09
C ALA YB 70 -99.54 71.88 35.11
N THR YB 71 -99.30 73.18 35.31
CA THR YB 71 -100.21 73.99 36.11
C THR YB 71 -101.65 73.84 35.62
N GLY YB 72 -101.84 73.77 34.31
CA GLY YB 72 -103.15 73.53 33.73
C GLY YB 72 -103.67 74.63 32.83
N ASN YB 73 -102.90 75.69 32.61
CA ASN YB 73 -103.33 76.79 31.74
C ASN YB 73 -102.84 76.63 30.31
N GLY YB 74 -102.07 75.58 30.02
CA GLY YB 74 -101.61 75.36 28.66
C GLY YB 74 -100.51 76.35 28.26
N LEU YB 75 -100.39 76.55 26.96
CA LEU YB 75 -99.45 77.53 26.44
C LEU YB 75 -99.92 78.95 26.72
N ARG YB 76 -101.24 79.16 26.79
CA ARG YB 76 -101.75 80.48 27.14
C ARG YB 76 -101.34 80.92 28.53
N GLY YB 77 -100.91 79.98 29.38
CA GLY YB 77 -100.37 80.34 30.67
C GLY YB 77 -98.97 80.92 30.62
N PHE YB 78 -98.28 80.79 29.49
CA PHE YB 78 -96.99 81.42 29.30
C PHE YB 78 -97.10 82.83 28.75
N TYR YB 79 -98.30 83.27 28.38
CA TYR YB 79 -98.53 84.61 27.86
C TYR YB 79 -99.29 85.48 28.85
N GLN YB 80 -99.25 85.15 30.13
CA GLN YB 80 -99.84 85.98 31.16
C GLN YB 80 -98.91 87.16 31.44
N GLY YB 81 -99.46 88.37 31.42
CA GLY YB 81 -98.64 89.56 31.50
C GLY YB 81 -98.05 90.00 30.19
N PHE YB 82 -98.44 89.36 29.08
CA PHE YB 82 -97.89 89.73 27.78
C PHE YB 82 -98.34 91.12 27.36
N GLU YB 83 -99.52 91.56 27.80
CA GLU YB 83 -99.93 92.93 27.51
C GLU YB 83 -98.95 93.92 28.12
N SER YB 84 -98.62 93.73 29.40
CA SER YB 84 -97.65 94.60 30.05
C SER YB 84 -96.29 94.51 29.38
N HIS YB 85 -95.84 93.29 29.07
CA HIS YB 85 -94.53 93.12 28.44
C HIS YB 85 -94.47 93.83 27.09
N LEU YB 86 -95.51 93.66 26.27
CA LEU YB 86 -95.53 94.25 24.94
C LEU YB 86 -95.61 95.77 25.00
N ILE YB 87 -96.48 96.31 25.85
CA ILE YB 87 -96.59 97.76 25.93
C ILE YB 87 -95.29 98.37 26.44
N GLY YB 88 -94.69 97.78 27.48
CA GLY YB 88 -93.44 98.29 27.99
C GLY YB 88 -92.32 98.21 26.96
N ARG YB 89 -92.22 97.09 26.26
CA ARG YB 89 -91.19 96.93 25.23
C ARG YB 89 -91.37 97.93 24.11
N LEU YB 90 -92.61 98.13 23.65
CA LEU YB 90 -92.86 99.06 22.56
C LEU YB 90 -92.57 100.49 22.98
N SER YB 91 -92.97 100.89 24.19
CA SER YB 91 -92.68 102.24 24.65
C SER YB 91 -91.18 102.46 24.81
N TYR YB 92 -90.47 101.48 25.38
CA TYR YB 92 -89.03 101.57 25.52
C TYR YB 92 -88.36 101.71 24.16
N LEU YB 93 -88.79 100.90 23.20
CA LEU YB 93 -88.20 100.97 21.87
C LEU YB 93 -88.51 102.30 21.19
N PHE YB 94 -89.73 102.81 21.35
CA PHE YB 94 -90.07 104.10 20.75
C PHE YB 94 -89.16 105.19 21.29
N ILE YB 95 -89.04 105.29 22.62
CA ILE YB 95 -88.22 106.36 23.21
C ILE YB 95 -86.76 106.18 22.84
N ARG YB 96 -86.26 104.94 22.94
CA ARG YB 96 -84.84 104.68 22.65
C ARG YB 96 -84.51 104.98 21.21
N ASN YB 97 -85.35 104.52 20.28
CA ASN YB 97 -85.09 104.74 18.86
C ASN YB 97 -85.20 106.21 18.49
N LEU YB 98 -86.18 106.92 19.06
CA LEU YB 98 -86.27 108.35 18.78
C LEU YB 98 -85.03 109.09 19.24
N THR YB 99 -84.62 108.88 20.50
CA THR YB 99 -83.45 109.58 21.02
C THR YB 99 -82.19 109.19 20.26
N TYR YB 100 -82.02 107.89 19.98
CA TYR YB 100 -80.85 107.43 19.25
C TYR YB 100 -80.80 108.03 17.84
N LYS YB 101 -81.96 108.07 17.16
CA LYS YB 101 -82.00 108.65 15.82
C LYS YB 101 -81.65 110.13 15.86
N ILE YB 102 -82.18 110.86 16.83
CA ILE YB 102 -81.89 112.30 16.92
C ILE YB 102 -80.41 112.53 17.16
N ILE YB 103 -79.84 111.87 18.17
CA ILE YB 103 -78.44 112.10 18.51
C ILE YB 103 -77.52 111.59 17.41
N TYR YB 104 -77.94 110.55 16.68
CA TYR YB 104 -77.14 110.04 15.58
C TYR YB 104 -77.16 111.00 14.40
N ASP YB 105 -78.34 111.51 14.03
CA ASP YB 105 -78.43 112.47 12.95
C ASP YB 105 -77.66 113.74 13.27
N ARG YB 106 -77.57 114.12 14.55
CA ARG YB 106 -76.77 115.28 14.90
C ARG YB 106 -75.27 115.00 14.86
N THR YB 107 -74.86 113.73 14.93
CA THR YB 107 -73.46 113.39 15.13
C THR YB 107 -72.85 112.49 14.06
N LYS YB 108 -73.66 111.93 13.15
CA LYS YB 108 -73.13 110.98 12.19
C LYS YB 108 -72.16 111.66 11.22
N PRO YB 109 -71.14 110.95 10.75
CA PRO YB 109 -70.16 111.54 9.84
C PRO YB 109 -70.76 111.88 8.49
N VAL YB 110 -70.09 112.79 7.80
CA VAL YB 110 -70.58 113.29 6.51
C VAL YB 110 -70.56 112.19 5.46
N LYS YB 111 -69.43 111.49 5.34
CA LYS YB 111 -69.27 110.50 4.28
C LYS YB 111 -70.15 109.28 4.53
N ALA YB 112 -70.67 108.71 3.45
CA ALA YB 112 -71.56 107.56 3.53
C ALA YB 112 -70.83 106.26 3.86
N HIS YB 113 -69.51 106.23 3.72
CA HIS YB 113 -68.72 105.06 4.08
C HIS YB 113 -68.02 105.23 5.43
N ASN YB 114 -68.40 106.24 6.20
CA ASN YB 114 -67.90 106.43 7.56
C ASN YB 114 -69.06 106.32 8.54
N ASP YB 115 -68.72 106.00 9.78
CA ASP YB 115 -69.72 105.90 10.84
C ASP YB 115 -69.03 106.09 12.18
N LEU YB 116 -69.83 106.36 13.20
CA LEU YB 116 -69.31 106.53 14.54
C LEU YB 116 -68.65 105.24 15.02
N SER YB 117 -67.57 105.37 15.78
CA SER YB 117 -66.95 104.20 16.36
C SER YB 117 -67.88 103.57 17.38
N HIS YB 118 -67.65 102.29 17.66
CA HIS YB 118 -68.54 101.55 18.54
C HIS YB 118 -68.60 102.14 19.93
N ARG YB 119 -67.58 102.91 20.35
CA ARG YB 119 -67.65 103.57 21.64
C ARG YB 119 -68.61 104.75 21.61
N GLU YB 120 -68.59 105.55 20.53
CA GLU YB 120 -69.52 106.68 20.43
C GLU YB 120 -70.95 106.20 20.30
N LYS YB 121 -71.20 105.25 19.40
CA LYS YB 121 -72.52 104.66 19.28
C LYS YB 121 -72.92 103.95 20.57
N GLY YB 122 -71.95 103.39 21.29
CA GLY YB 122 -72.26 102.78 22.57
C GLY YB 122 -72.71 103.80 23.60
N VAL YB 123 -72.07 104.96 23.63
CA VAL YB 123 -72.49 106.02 24.54
C VAL YB 123 -73.90 106.48 24.19
N ILE YB 124 -74.17 106.69 22.90
CA ILE YB 124 -75.49 107.16 22.47
C ILE YB 124 -76.55 106.11 22.81
N ALA YB 125 -76.27 104.84 22.52
CA ALA YB 125 -77.22 103.78 22.80
C ALA YB 125 -77.43 103.60 24.29
N GLY YB 126 -76.37 103.72 25.09
CA GLY YB 126 -76.53 103.61 26.52
C GLY YB 126 -77.39 104.72 27.10
N PHE YB 127 -77.17 105.96 26.65
CA PHE YB 127 -78.00 107.07 27.11
C PHE YB 127 -79.45 106.86 26.71
N ALA YB 128 -79.69 106.47 25.45
CA ALA YB 128 -81.04 106.27 24.97
C ALA YB 128 -81.73 105.15 25.74
N GLY YB 129 -81.03 104.03 25.94
CA GLY YB 129 -81.62 102.91 26.66
C GLY YB 129 -81.87 103.24 28.12
N GLY YB 130 -80.96 103.97 28.76
CA GLY YB 130 -81.20 104.38 30.13
C GLY YB 130 -82.43 105.25 30.26
N LEU YB 131 -82.57 106.25 29.38
CA LEU YB 131 -83.75 107.11 29.43
C LEU YB 131 -85.03 106.31 29.20
N ALA YB 132 -85.04 105.48 28.15
CA ALA YB 132 -86.25 104.74 27.81
C ALA YB 132 -86.61 103.74 28.90
N ALA YB 133 -85.61 103.11 29.52
CA ALA YB 133 -85.89 102.15 30.59
C ALA YB 133 -86.36 102.85 31.85
N PHE YB 134 -85.84 104.05 32.13
CA PHE YB 134 -86.36 104.81 33.26
C PHE YB 134 -87.82 105.17 33.04
N LEU YB 135 -88.19 105.51 31.81
CA LEU YB 135 -89.58 105.90 31.57
C LEU YB 135 -90.54 104.72 31.54
N THR YB 136 -90.09 103.53 31.14
CA THR YB 136 -90.95 102.36 31.04
C THR YB 136 -90.80 101.40 32.21
N SER YB 137 -90.12 101.82 33.26
CA SER YB 137 -90.00 100.99 34.47
C SER YB 137 -91.34 100.59 35.07
N PRO YB 138 -92.38 101.44 35.11
CA PRO YB 138 -93.67 100.94 35.62
C PRO YB 138 -94.21 99.74 34.85
N ALA YB 139 -94.14 99.77 33.53
CA ALA YB 139 -94.62 98.65 32.74
C ALA YB 139 -93.77 97.41 32.96
N ASP YB 140 -92.44 97.57 33.01
CA ASP YB 140 -91.58 96.43 33.29
C ASP YB 140 -91.87 95.84 34.67
N LEU YB 141 -92.14 96.71 35.65
CA LEU YB 141 -92.45 96.27 37.00
C LEU YB 141 -93.76 95.47 37.03
N VAL YB 142 -94.79 95.98 36.34
CA VAL YB 142 -96.06 95.26 36.30
C VAL YB 142 -95.89 93.91 35.63
N ASN YB 143 -95.14 93.86 34.54
CA ASN YB 143 -94.92 92.59 33.85
C ASN YB 143 -94.18 91.60 34.72
N THR YB 144 -93.13 92.05 35.41
CA THR YB 144 -92.35 91.14 36.25
C THR YB 144 -93.15 90.67 37.44
N ARG YB 145 -93.99 91.54 38.01
CA ARG YB 145 -94.85 91.10 39.11
C ARG YB 145 -95.90 90.10 38.63
N THR YB 146 -96.44 90.30 37.42
CA THR YB 146 -97.40 89.35 36.88
C THR YB 146 -96.75 87.99 36.64
N ILE YB 147 -95.52 87.98 36.14
CA ILE YB 147 -94.83 86.71 35.90
C ILE YB 147 -94.46 86.04 37.22
N ALA YB 148 -93.94 86.81 38.18
CA ALA YB 148 -93.39 86.24 39.40
C ALA YB 148 -94.46 85.55 40.23
N GLU YB 149 -95.64 86.16 40.34
CA GLU YB 149 -96.72 85.52 41.09
C GLU YB 149 -97.13 84.23 40.41
N GLY YB 150 -97.41 83.21 41.21
CA GLY YB 150 -97.58 81.87 40.70
C GLY YB 150 -96.50 80.98 41.25
N GLY YB 151 -95.31 81.54 41.41
CA GLY YB 151 -94.23 80.89 42.11
C GLY YB 151 -94.05 81.44 43.51
N LYS YB 152 -95.08 82.10 44.01
CA LYS YB 152 -95.09 82.75 45.31
C LYS YB 152 -96.33 82.31 46.08
N PRO YB 153 -96.29 82.39 47.41
CA PRO YB 153 -97.47 82.00 48.20
C PRO YB 153 -98.68 82.86 47.88
N LYS YB 154 -99.85 82.31 48.20
CA LYS YB 154 -101.11 82.95 47.82
C LYS YB 154 -101.24 84.35 48.42
N GLU YB 155 -100.88 84.50 49.70
CA GLU YB 155 -100.97 85.80 50.34
C GLU YB 155 -99.93 86.80 49.86
N TRP YB 156 -98.93 86.34 49.10
CA TRP YB 156 -97.89 87.23 48.59
C TRP YB 156 -98.19 87.77 47.20
N ARG YB 157 -99.26 87.32 46.56
CA ARG YB 157 -99.53 87.68 45.17
C ARG YB 157 -100.26 89.02 45.08
N TRP YB 158 -99.97 89.75 44.02
CA TRP YB 158 -100.54 91.07 43.81
C TRP YB 158 -101.87 91.03 43.06
N GLY YB 159 -102.01 90.11 42.11
CA GLY YB 159 -103.25 89.98 41.38
C GLY YB 159 -103.50 91.11 40.41
N TYR YB 160 -102.70 91.20 39.35
CA TYR YB 160 -102.85 92.20 38.31
C TYR YB 160 -103.52 91.58 37.09
N LYS YB 161 -104.54 92.25 36.57
CA LYS YB 161 -105.28 91.78 35.40
C LYS YB 161 -104.99 92.59 34.15
N GLY YB 162 -103.98 93.44 34.18
CA GLY YB 162 -103.64 94.24 33.02
C GLY YB 162 -102.52 95.20 33.37
N LEU YB 163 -102.17 96.04 32.40
CA LEU YB 163 -101.13 97.04 32.64
C LEU YB 163 -101.71 98.25 33.37
N MET YB 164 -102.82 98.80 32.87
CA MET YB 164 -103.44 99.93 33.55
C MET YB 164 -103.99 99.52 34.91
N ASP YB 165 -104.56 98.32 35.01
CA ASP YB 165 -105.04 97.83 36.30
C ASP YB 165 -103.89 97.68 37.28
N GLY YB 166 -102.77 97.13 36.83
CA GLY YB 166 -101.62 97.00 37.70
C GLY YB 166 -101.05 98.34 38.12
N ILE YB 167 -100.99 99.30 37.20
CA ILE YB 167 -100.49 100.63 37.52
C ILE YB 167 -101.39 101.31 38.54
N ASN YB 168 -102.71 101.20 38.35
CA ASN YB 168 -103.64 101.79 39.31
C ASN YB 168 -103.48 101.14 40.68
N LYS YB 169 -103.34 99.82 40.73
CA LYS YB 169 -103.17 99.15 42.02
C LYS YB 169 -101.87 99.55 42.70
N ILE YB 170 -100.79 99.67 41.93
CA ILE YB 170 -99.51 100.06 42.51
C ILE YB 170 -99.58 101.49 43.05
N ALA YB 171 -100.14 102.41 42.27
CA ALA YB 171 -100.23 103.79 42.70
C ALA YB 171 -101.13 103.95 43.92
N ALA YB 172 -102.27 103.28 43.92
CA ALA YB 172 -103.24 103.45 45.00
C ALA YB 172 -102.76 102.78 46.29
N THR YB 173 -102.26 101.55 46.19
CA THR YB 173 -101.91 100.79 47.39
C THR YB 173 -100.58 101.26 47.97
N GLU YB 174 -99.50 101.12 47.20
CA GLU YB 174 -98.18 101.47 47.70
C GLU YB 174 -98.07 102.97 47.99
N GLY YB 175 -98.67 103.80 47.13
CA GLY YB 175 -98.74 105.22 47.42
C GLY YB 175 -97.88 106.09 46.53
N GLY YB 176 -98.51 106.93 45.72
CA GLY YB 176 -97.81 107.89 44.90
C GLY YB 176 -97.29 107.30 43.61
N ASN YB 177 -96.92 108.19 42.70
CA ASN YB 177 -96.31 107.77 41.44
C ASN YB 177 -94.87 107.32 41.61
N ALA YB 178 -94.23 107.66 42.73
CA ALA YB 178 -92.90 107.13 43.02
C ALA YB 178 -92.92 105.63 43.26
N ALA YB 179 -94.09 105.06 43.59
CA ALA YB 179 -94.20 103.62 43.74
C ALA YB 179 -94.08 102.91 42.41
N LEU YB 180 -94.55 103.53 41.33
CA LEU YB 180 -94.44 102.92 40.01
C LEU YB 180 -93.00 102.72 39.58
N PHE YB 181 -92.07 103.47 40.16
CA PHE YB 181 -90.66 103.43 39.76
C PHE YB 181 -89.81 102.66 40.77
N ARG YB 182 -90.36 101.59 41.33
CA ARG YB 182 -89.58 100.70 42.19
C ARG YB 182 -88.58 99.92 41.34
N GLY YB 183 -87.30 99.99 41.72
CA GLY YB 183 -86.28 99.29 40.97
C GLY YB 183 -86.03 99.84 39.59
N SER YB 184 -86.32 101.13 39.37
CA SER YB 184 -86.13 101.72 38.05
C SER YB 184 -84.65 101.90 37.74
N TYR YB 185 -83.82 102.14 38.75
CA TYR YB 185 -82.38 102.24 38.52
C TYR YB 185 -81.82 100.92 38.03
N ALA YB 186 -82.36 99.81 38.51
CA ALA YB 186 -81.96 98.50 38.00
C ALA YB 186 -82.31 98.35 36.52
N ASN YB 187 -83.50 98.81 36.12
CA ASN YB 187 -83.87 98.77 34.72
C ASN YB 187 -82.95 99.65 33.88
N VAL YB 188 -82.60 100.83 34.40
CA VAL YB 188 -81.69 101.71 33.68
C VAL YB 188 -80.34 101.03 33.47
N LEU YB 189 -79.81 100.40 34.52
CA LEU YB 189 -78.53 99.71 34.39
C LEU YB 189 -78.62 98.55 33.41
N ARG YB 190 -79.72 97.80 33.45
CA ARG YB 190 -79.90 96.68 32.54
C ARG YB 190 -79.95 97.16 31.09
N ALA YB 191 -80.66 98.25 30.83
CA ALA YB 191 -80.76 98.76 29.47
C ALA YB 191 -79.43 99.35 29.00
N VAL YB 192 -78.69 100.00 29.90
CA VAL YB 192 -77.39 100.53 29.53
C VAL YB 192 -76.44 99.41 29.16
N ILE YB 193 -76.42 98.33 29.95
CA ILE YB 193 -75.50 97.23 29.67
C ILE YB 193 -75.94 96.48 28.41
N LEU YB 194 -77.23 96.26 28.24
CA LEU YB 194 -77.72 95.50 27.08
C LEU YB 194 -77.47 96.26 25.78
N ASN YB 195 -77.60 97.58 25.80
CA ASN YB 195 -77.42 98.38 24.60
C ASN YB 195 -75.95 98.51 24.18
N ILE YB 196 -75.01 98.07 25.01
CA ILE YB 196 -73.59 98.14 24.66
C ILE YB 196 -72.93 96.78 24.56
N SER YB 197 -73.63 95.70 24.91
CA SER YB 197 -73.04 94.37 24.94
C SER YB 197 -73.32 93.54 23.69
N LEU YB 198 -74.03 94.09 22.72
CA LEU YB 198 -74.40 93.35 21.52
C LEU YB 198 -73.76 93.87 20.24
N THR YB 199 -73.73 95.19 20.05
CA THR YB 199 -73.14 95.74 18.83
C THR YB 199 -71.64 95.47 18.76
N GLY YB 200 -70.96 95.57 19.90
CA GLY YB 200 -69.53 95.35 19.95
C GLY YB 200 -69.12 93.94 19.57
N PRO YB 201 -69.60 92.95 20.32
CA PRO YB 201 -69.25 91.55 19.99
C PRO YB 201 -69.71 91.11 18.61
N PHE YB 202 -70.84 91.61 18.11
CA PHE YB 202 -71.32 91.16 16.81
C PHE YB 202 -70.38 91.57 15.69
N ASP YB 203 -70.04 92.85 15.63
CA ASP YB 203 -69.18 93.33 14.56
C ASP YB 203 -67.81 92.69 14.62
N TYR YB 204 -67.27 92.51 15.82
CA TYR YB 204 -65.99 91.85 16.02
C TYR YB 204 -65.93 90.51 15.29
N LEU YB 205 -66.80 89.57 15.69
CA LEU YB 205 -66.75 88.25 15.10
C LEU YB 205 -67.20 88.26 13.65
N ASN YB 206 -68.16 89.12 13.30
CA ASN YB 206 -68.61 89.16 11.91
C ASN YB 206 -67.46 89.53 10.98
N GLU YB 207 -66.72 90.59 11.32
CA GLU YB 207 -65.61 91.01 10.48
C GLU YB 207 -64.48 89.98 10.51
N LYS YB 208 -64.23 89.36 11.67
CA LYS YB 208 -63.17 88.36 11.71
C LYS YB 208 -63.52 87.13 10.87
N ILE YB 209 -64.78 86.70 10.90
CA ILE YB 209 -65.22 85.60 10.06
C ILE YB 209 -65.11 85.97 8.59
N TRP YB 210 -65.47 87.22 8.24
CA TRP YB 210 -65.30 87.64 6.85
C TRP YB 210 -63.84 87.58 6.44
N ILE YB 211 -62.95 88.08 7.30
CA ILE YB 211 -61.52 88.06 6.99
C ILE YB 211 -61.04 86.63 6.79
N THR YB 212 -61.57 85.70 7.58
CA THR YB 212 -61.14 84.32 7.47
C THR YB 212 -61.78 83.60 6.29
N PHE YB 213 -63.10 83.62 6.20
CA PHE YB 213 -63.84 82.78 5.25
C PHE YB 213 -64.45 83.56 4.10
N GLY YB 214 -64.09 84.81 3.90
CA GLY YB 214 -64.66 85.52 2.78
C GLY YB 214 -66.12 85.87 3.01
N ASP YB 215 -66.80 86.18 1.90
CA ASP YB 215 -68.19 86.65 1.97
C ASP YB 215 -69.15 85.48 1.81
N MET YB 216 -69.20 84.64 2.84
CA MET YB 216 -70.20 83.59 2.92
C MET YB 216 -71.48 84.16 3.52
N THR YB 217 -72.48 83.29 3.70
CA THR YB 217 -73.77 83.72 4.21
C THR YB 217 -73.96 83.43 5.69
N TRP YB 218 -73.20 82.51 6.25
CA TRP YB 218 -73.34 82.13 7.66
C TRP YB 218 -72.59 83.07 8.60
N ASN YB 219 -71.82 84.02 8.06
CA ASN YB 219 -70.97 84.85 8.90
C ASN YB 219 -71.80 85.64 9.90
N LYS YB 220 -72.86 86.30 9.43
CA LYS YB 220 -73.66 87.14 10.31
C LYS YB 220 -74.38 86.32 11.36
N TYR YB 221 -74.79 85.09 11.05
CA TYR YB 221 -75.50 84.29 12.03
C TYR YB 221 -74.57 83.70 13.08
N ALA YB 222 -73.36 83.29 12.69
CA ALA YB 222 -72.38 82.90 13.70
C ALA YB 222 -72.02 84.06 14.59
N ALA YB 223 -71.82 85.25 14.00
CA ALA YB 223 -71.55 86.44 14.79
C ALA YB 223 -72.71 86.78 15.71
N LEU YB 224 -73.94 86.55 15.24
CA LEU YB 224 -75.12 86.79 16.06
C LEU YB 224 -75.15 85.85 17.25
N LEU YB 225 -74.80 84.59 17.05
CA LEU YB 225 -74.72 83.64 18.16
C LEU YB 225 -73.69 84.08 19.17
N TRP YB 226 -72.52 84.50 18.70
CA TRP YB 226 -71.45 84.97 19.59
C TRP YB 226 -71.87 86.22 20.35
N ALA YB 227 -72.48 87.18 19.65
CA ALA YB 227 -72.93 88.41 20.29
C ALA YB 227 -74.02 88.14 21.32
N SER YB 228 -74.93 87.22 21.01
CA SER YB 228 -75.96 86.86 21.98
C SER YB 228 -75.34 86.23 23.22
N PHE YB 229 -74.33 85.38 23.04
CA PHE YB 229 -73.67 84.78 24.20
C PHE YB 229 -73.04 85.86 25.08
N TRP YB 230 -72.31 86.79 24.47
CA TRP YB 230 -71.61 87.79 25.29
C TRP YB 230 -72.57 88.81 25.89
N GLY YB 231 -73.64 89.16 25.18
CA GLY YB 231 -74.65 90.03 25.76
C GLY YB 231 -75.36 89.38 26.92
N SER YB 232 -75.64 88.09 26.82
CA SER YB 232 -76.23 87.37 27.94
C SER YB 232 -75.27 87.30 29.13
N VAL YB 233 -73.99 87.08 28.85
CA VAL YB 233 -73.01 87.05 29.94
C VAL YB 233 -72.94 88.40 30.64
N ALA YB 234 -72.97 89.49 29.88
CA ALA YB 234 -72.83 90.81 30.48
C ALA YB 234 -74.12 91.28 31.15
N THR YB 235 -75.27 90.96 30.57
CA THR YB 235 -76.54 91.56 31.01
C THR YB 235 -77.27 90.74 32.06
N LEU YB 236 -77.00 89.44 32.16
CA LEU YB 236 -77.80 88.59 33.03
C LEU YB 236 -77.76 88.99 34.51
N PRO YB 237 -76.62 89.33 35.12
CA PRO YB 237 -76.68 89.76 36.53
C PRO YB 237 -77.56 90.96 36.77
N PHE YB 238 -77.52 91.94 35.87
CA PHE YB 238 -78.36 93.13 36.01
C PHE YB 238 -79.83 92.78 35.83
N ASP YB 239 -80.13 91.88 34.90
CA ASP YB 239 -81.51 91.42 34.74
C ASP YB 239 -81.99 90.69 35.98
N ASN YB 240 -81.11 89.89 36.59
CA ASN YB 240 -81.47 89.18 37.82
C ASN YB 240 -81.78 90.15 38.94
N ILE YB 241 -80.95 91.18 39.11
CA ILE YB 241 -81.18 92.15 40.18
C ILE YB 241 -82.44 92.96 39.90
N ARG YB 242 -82.69 93.30 38.64
CA ARG YB 242 -83.93 93.98 38.30
C ARG YB 242 -85.15 93.13 38.60
N THR YB 243 -85.07 91.82 38.32
CA THR YB 243 -86.16 90.92 38.66
C THR YB 243 -86.38 90.86 40.16
N ARG YB 244 -85.29 90.80 40.93
CA ARG YB 244 -85.41 90.76 42.39
C ARG YB 244 -86.06 92.03 42.92
N LEU YB 245 -85.66 93.19 42.40
CA LEU YB 245 -86.21 94.45 42.87
C LEU YB 245 -87.66 94.63 42.45
N TYR YB 246 -88.01 94.16 41.24
CA TYR YB 246 -89.38 94.29 40.77
C TYR YB 246 -90.34 93.41 41.55
N ALA YB 247 -89.93 92.18 41.85
CA ALA YB 247 -90.82 91.21 42.49
C ALA YB 247 -90.92 91.40 43.99
N GLN YB 248 -90.15 92.30 44.58
CA GLN YB 248 -90.18 92.50 46.02
C GLN YB 248 -91.51 93.13 46.43
N ASN YB 249 -92.16 92.52 47.42
CA ASN YB 249 -93.47 92.99 47.86
C ASN YB 249 -93.30 94.18 48.80
N ALA YB 250 -94.35 95.02 48.84
CA ALA YB 250 -94.30 96.21 49.68
C ALA YB 250 -94.20 95.85 51.16
N ASP YB 251 -94.94 94.83 51.58
CA ASP YB 251 -94.89 94.38 52.98
C ASP YB 251 -93.60 93.61 53.21
N PRO YB 252 -92.74 94.04 54.15
CA PRO YB 252 -91.50 93.28 54.40
C PRO YB 252 -91.76 91.87 54.89
N THR YB 253 -92.93 91.60 55.46
CA THR YB 253 -93.27 90.23 55.86
C THR YB 253 -93.36 89.31 54.65
N LYS YB 254 -93.95 89.77 53.56
CA LYS YB 254 -94.22 88.94 52.39
C LYS YB 254 -93.03 88.93 51.42
N ASN YB 255 -91.84 88.60 51.92
CA ASN YB 255 -90.65 88.57 51.10
C ASN YB 255 -89.68 87.54 51.66
N ARG YB 256 -89.09 86.74 50.76
CA ARG YB 256 -87.99 85.88 51.16
C ARG YB 256 -86.79 86.70 51.61
N LEU YB 257 -86.51 87.78 50.89
CA LEU YB 257 -85.48 88.74 51.27
C LEU YB 257 -86.01 90.15 51.03
N THR YB 258 -85.49 91.11 51.79
CA THR YB 258 -85.85 92.50 51.65
C THR YB 258 -84.65 93.29 51.15
N TYR YB 259 -84.84 94.02 50.06
CA TYR YB 259 -83.78 94.81 49.44
C TYR YB 259 -84.14 96.29 49.54
N SER YB 260 -83.19 97.09 50.00
CA SER YB 260 -83.36 98.53 50.08
C SER YB 260 -82.83 99.27 48.87
N GLY YB 261 -82.27 98.55 47.90
CA GLY YB 261 -81.73 99.19 46.71
C GLY YB 261 -81.01 98.18 45.85
N TRP YB 262 -80.40 98.71 44.78
CA TRP YB 262 -79.65 97.86 43.86
C TRP YB 262 -78.44 97.25 44.55
N ALA YB 263 -77.69 98.06 45.28
CA ALA YB 263 -76.51 97.56 45.99
C ALA YB 263 -76.90 96.53 47.05
N ASP YB 264 -77.99 96.79 47.76
CA ASP YB 264 -78.44 95.84 48.78
C ASP YB 264 -78.83 94.51 48.15
N ALA YB 265 -79.52 94.56 46.99
CA ALA YB 265 -79.88 93.33 46.29
C ALA YB 265 -78.64 92.56 45.85
N ALA YB 266 -77.64 93.26 45.31
CA ALA YB 266 -76.40 92.59 44.91
C ALA YB 266 -75.70 91.98 46.12
N LYS YB 267 -75.66 92.70 47.24
CA LYS YB 267 -75.00 92.18 48.44
C LYS YB 267 -75.67 90.92 48.96
N LYS YB 268 -77.01 90.95 49.03
CA LYS YB 268 -77.74 89.79 49.53
C LYS YB 268 -77.76 88.65 48.53
N LEU YB 269 -77.55 88.93 47.24
CA LEU YB 269 -77.36 87.85 46.29
C LEU YB 269 -76.00 87.19 46.46
N ILE YB 270 -74.95 88.00 46.68
CA ILE YB 270 -73.63 87.43 46.87
C ILE YB 270 -73.56 86.64 48.19
N GLN YB 271 -74.23 87.13 49.23
CA GLN YB 271 -74.16 86.48 50.52
C GLN YB 271 -74.78 85.08 50.50
N HIS YB 272 -76.00 84.98 49.97
CA HIS YB 272 -76.74 83.72 50.06
C HIS YB 272 -76.49 82.81 48.87
N GLU YB 273 -76.34 83.36 47.66
CA GLU YB 273 -76.20 82.54 46.46
C GLU YB 273 -74.78 82.43 45.95
N GLY YB 274 -73.92 83.40 46.27
CA GLY YB 274 -72.60 83.45 45.68
C GLY YB 274 -72.61 84.14 44.34
N ILE YB 275 -71.44 84.19 43.71
CA ILE YB 275 -71.32 84.84 42.41
C ILE YB 275 -72.14 84.09 41.36
N SER YB 276 -72.05 82.76 41.36
CA SER YB 276 -72.74 81.96 40.36
C SER YB 276 -74.26 82.10 40.47
N GLY YB 277 -74.76 82.64 41.58
CA GLY YB 277 -76.18 82.90 41.69
C GLY YB 277 -76.69 83.97 40.75
N PHE YB 278 -75.79 84.80 40.22
CA PHE YB 278 -76.21 85.81 39.24
C PHE YB 278 -76.71 85.15 37.96
N TYR YB 279 -76.06 84.08 37.53
CA TYR YB 279 -76.35 83.44 36.24
C TYR YB 279 -77.27 82.25 36.48
N VAL YB 280 -78.54 82.55 36.74
CA VAL YB 280 -79.59 81.54 36.84
C VAL YB 280 -80.60 81.81 35.75
N GLY YB 281 -80.93 80.78 34.97
CA GLY YB 281 -81.69 80.99 33.75
C GLY YB 281 -80.85 81.50 32.61
N PHE YB 282 -79.55 81.19 32.61
CA PHE YB 282 -78.68 81.66 31.54
C PHE YB 282 -79.07 81.05 30.21
N TYR YB 283 -79.41 79.76 30.18
CA TYR YB 283 -79.79 79.14 28.92
C TYR YB 283 -81.05 79.79 28.35
N ALA YB 284 -82.05 80.03 29.20
CA ALA YB 284 -83.27 80.66 28.73
C ALA YB 284 -83.01 82.08 28.26
N PHE YB 285 -82.22 82.85 29.02
CA PHE YB 285 -81.93 84.23 28.62
C PHE YB 285 -81.17 84.27 27.31
N TYR YB 286 -80.17 83.40 27.15
CA TYR YB 286 -79.38 83.35 25.92
C TYR YB 286 -80.23 82.93 24.74
N ILE YB 287 -81.09 81.92 24.91
CA ILE YB 287 -81.94 81.48 23.82
C ILE YB 287 -82.93 82.57 23.42
N ARG YB 288 -83.53 83.24 24.41
CA ARG YB 288 -84.44 84.33 24.09
C ARG YB 288 -83.72 85.46 23.38
N THR YB 289 -82.52 85.82 23.85
CA THR YB 289 -81.76 86.88 23.21
C THR YB 289 -81.45 86.52 21.77
N PHE YB 290 -80.98 85.29 21.53
CA PHE YB 290 -80.63 84.90 20.17
C PHE YB 290 -81.86 84.87 19.27
N LEU YB 291 -82.98 84.33 19.75
CA LEU YB 291 -84.18 84.25 18.92
C LEU YB 291 -84.73 85.64 18.61
N TYR YB 292 -84.81 86.50 19.62
CA TYR YB 292 -85.27 87.86 19.41
C TYR YB 292 -84.39 88.60 18.41
N ALA YB 293 -83.08 88.53 18.62
CA ALA YB 293 -82.15 89.21 17.73
C ALA YB 293 -82.22 88.64 16.32
N TRP YB 294 -82.31 87.32 16.18
CA TRP YB 294 -82.37 86.71 14.86
C TRP YB 294 -83.62 87.12 14.12
N THR YB 295 -84.78 87.05 14.79
CA THR YB 295 -86.02 87.45 14.14
C THR YB 295 -85.96 88.90 13.72
N THR YB 296 -85.52 89.79 14.61
CA THR YB 296 -85.49 91.21 14.29
C THR YB 296 -84.52 91.48 13.14
N VAL YB 297 -83.31 90.92 13.22
CA VAL YB 297 -82.32 91.16 12.18
C VAL YB 297 -82.78 90.62 10.84
N PHE YB 298 -83.33 89.41 10.82
CA PHE YB 298 -83.77 88.80 9.58
C PHE YB 298 -84.88 89.62 8.93
N ILE YB 299 -85.94 89.93 9.68
CA ILE YB 299 -87.07 90.64 9.08
C ILE YB 299 -86.66 92.05 8.69
N THR YB 300 -85.92 92.74 9.56
CA THR YB 300 -85.48 94.10 9.26
C THR YB 300 -84.57 94.13 8.04
N ASP YB 301 -83.66 93.17 7.92
CA ASP YB 301 -82.78 93.12 6.76
C ASP YB 301 -83.56 92.87 5.48
N LYS YB 302 -84.53 91.95 5.52
CA LYS YB 302 -85.35 91.73 4.33
C LYS YB 302 -86.09 93.00 3.92
N ILE YB 303 -86.74 93.65 4.87
CA ILE YB 303 -87.54 94.84 4.56
C ILE YB 303 -86.64 95.97 4.06
N THR YB 304 -85.53 96.22 4.74
CA THR YB 304 -84.66 97.32 4.36
C THR YB 304 -83.95 97.06 3.03
N SER YB 305 -83.59 95.80 2.75
CA SER YB 305 -83.03 95.50 1.44
C SER YB 305 -84.06 95.71 0.33
N ASP YB 306 -85.31 95.31 0.59
CA ASP YB 306 -86.36 95.57 -0.40
C ASP YB 306 -86.53 97.07 -0.62
N TRP YB 307 -86.47 97.86 0.45
CA TRP YB 307 -86.56 99.31 0.32
C TRP YB 307 -85.39 99.88 -0.47
N LYS YB 308 -84.17 99.39 -0.19
CA LYS YB 308 -82.99 99.90 -0.88
C LYS YB 308 -83.03 99.59 -2.37
N ARG YB 309 -83.48 98.38 -2.74
CA ARG YB 309 -83.55 98.03 -4.15
C ARG YB 309 -84.53 98.92 -4.89
N LYS YB 310 -85.57 99.41 -4.22
CA LYS YB 310 -86.50 100.35 -4.81
C LYS YB 310 -85.96 101.78 -4.80
N ALA YB 311 -84.86 102.04 -4.11
CA ALA YB 311 -84.22 103.35 -4.08
C ALA YB 311 -83.10 103.48 -5.11
N GLY YB 312 -82.84 102.43 -5.89
CA GLY YB 312 -81.82 102.48 -6.91
C GLY YB 312 -80.41 102.18 -6.46
N LEU YB 313 -80.22 101.74 -5.22
CA LEU YB 313 -78.88 101.40 -4.75
C LEU YB 313 -78.35 100.18 -5.48
N LYS YB 314 -77.04 100.20 -5.75
CA LYS YB 314 -76.41 99.06 -6.40
C LYS YB 314 -76.29 97.89 -5.43
N GLU YB 315 -75.98 96.72 -5.98
CA GLU YB 315 -75.96 95.50 -5.16
C GLU YB 315 -74.89 95.57 -4.09
N TRP YB 316 -73.70 96.09 -4.41
CA TRP YB 316 -72.66 96.17 -3.40
C TRP YB 316 -72.94 97.22 -2.33
N GLN YB 317 -73.88 98.13 -2.58
CA GLN YB 317 -74.28 99.13 -1.60
C GLN YB 317 -75.42 98.65 -0.70
N ILE YB 318 -75.95 97.45 -0.95
CA ILE YB 318 -77.07 96.94 -0.17
C ILE YB 318 -76.59 95.89 0.82
N ALA ZB 2 -17.91 106.20 31.35
CA ALA ZB 2 -17.68 107.01 30.16
C ALA ZB 2 -18.01 108.47 30.43
N ASN ZB 3 -18.91 108.69 31.39
CA ASN ZB 3 -19.31 110.04 31.77
C ASN ZB 3 -18.64 110.53 33.05
N PHE ZB 4 -18.15 109.62 33.89
CA PHE ZB 4 -17.68 110.01 35.22
C PHE ZB 4 -16.26 109.53 35.51
N VAL ZB 5 -15.84 108.42 34.91
CA VAL ZB 5 -14.54 107.82 35.18
C VAL ZB 5 -13.62 107.91 33.98
N ILE ZB 6 -14.10 107.53 32.80
CA ILE ZB 6 -13.25 107.58 31.60
C ILE ZB 6 -12.71 108.98 31.33
N PRO ZB 7 -13.46 110.07 31.51
CA PRO ZB 7 -12.85 111.39 31.33
C PRO ZB 7 -11.63 111.65 32.20
N TYR ZB 8 -11.47 110.92 33.31
CA TYR ZB 8 -10.27 111.05 34.14
C TYR ZB 8 -9.27 109.94 33.92
N LEU ZB 9 -9.72 108.72 33.63
CA LEU ZB 9 -8.81 107.60 33.42
C LEU ZB 9 -8.12 107.68 32.06
N LYS ZB 10 -8.86 108.09 31.03
CA LYS ZB 10 -8.31 108.12 29.68
C LYS ZB 10 -7.08 109.03 29.53
N PRO ZB 11 -7.03 110.23 30.12
CA PRO ZB 11 -5.78 111.01 30.02
C PRO ZB 11 -4.56 110.30 30.58
N VAL ZB 12 -4.73 109.52 31.66
CA VAL ZB 12 -3.61 108.76 32.20
C VAL ZB 12 -3.13 107.72 31.20
N ALA ZB 13 -4.08 107.03 30.54
CA ALA ZB 13 -3.69 106.05 29.53
C ALA ZB 13 -3.03 106.72 28.35
N ASP ZB 14 -3.49 107.90 27.95
CA ASP ZB 14 -2.86 108.63 26.86
C ASP ZB 14 -1.44 109.03 27.22
N PHE ZB 15 -1.23 109.47 28.47
CA PHE ZB 15 0.13 109.79 28.92
C PHE ZB 15 1.02 108.55 28.92
N TRP ZB 16 0.48 107.42 29.37
CA TRP ZB 16 1.22 106.17 29.36
C TRP ZB 16 1.63 105.79 27.95
N ASN ZB 17 0.70 105.88 27.00
CA ASN ZB 17 1.01 105.56 25.61
C ASN ZB 17 2.03 106.53 25.03
N SER ZB 18 1.91 107.82 25.36
CA SER ZB 18 2.89 108.80 24.88
C SER ZB 18 4.28 108.46 25.39
N LEU ZB 19 4.37 107.98 26.63
CA LEU ZB 19 5.67 107.52 27.13
C LEU ZB 19 6.11 106.22 26.50
N CYS ZB 20 5.18 105.39 26.02
CA CYS ZB 20 5.51 104.07 25.50
C CYS ZB 20 5.57 104.02 23.97
N ILE ZB 21 4.58 104.59 23.30
CA ILE ZB 21 4.47 104.51 21.84
C ILE ZB 21 5.31 105.60 21.20
N ASP ZB 22 5.94 105.28 20.07
CA ASP ZB 22 6.71 106.26 19.30
C ASP ZB 22 5.82 107.36 18.77
N GLN ZB 23 5.97 108.56 19.32
CA GLN ZB 23 5.02 109.64 19.04
C GLN ZB 23 5.17 110.17 17.63
N HIS ZB 24 6.41 110.35 17.15
CA HIS ZB 24 6.61 110.85 15.80
C HIS ZB 24 6.04 109.89 14.77
N GLN ZB 25 6.33 108.60 14.93
CA GLN ZB 25 5.79 107.59 14.01
C GLN ZB 25 4.27 107.54 14.08
N ASP ZB 26 3.70 107.59 15.29
CA ASP ZB 26 2.25 107.55 15.42
C ASP ZB 26 1.59 108.75 14.75
N SER ZB 27 2.16 109.94 14.96
CA SER ZB 27 1.61 111.13 14.31
C SER ZB 27 1.77 111.07 12.80
N LEU ZB 28 2.86 110.48 12.33
CA LEU ZB 28 3.03 110.28 10.89
C LEU ZB 28 1.96 109.38 10.33
N PHE ZB 29 1.61 108.30 11.05
CA PHE ZB 29 0.59 107.38 10.58
C PHE ZB 29 -0.81 107.96 10.64
N GLN ZB 30 -1.03 109.05 11.40
CA GLN ZB 30 -2.36 109.60 11.55
C GLN ZB 30 -2.88 110.22 10.26
N PHE ZB 31 -2.00 110.79 9.45
CA PHE ZB 31 -2.38 111.46 8.21
C PHE ZB 31 -2.20 110.47 7.07
N LYS ZB 32 -3.22 109.65 6.84
CA LYS ZB 32 -3.18 108.64 5.79
C LYS ZB 32 -3.90 109.14 4.55
N GLY ZB 33 -3.21 109.12 3.42
CA GLY ZB 33 -3.73 109.62 2.17
C GLY ZB 33 -2.63 110.27 1.35
N GLN ZB 34 -2.96 110.73 0.15
CA GLN ZB 34 -1.99 111.41 -0.70
C GLN ZB 34 -2.64 112.63 -1.31
N THR ZB 35 -1.83 113.63 -1.62
CA THR ZB 35 -2.28 114.87 -2.25
C THR ZB 35 -1.40 115.21 -3.44
N GLY ZB 36 -1.15 114.21 -4.28
CA GLY ZB 36 -0.42 114.41 -5.52
C GLY ZB 36 1.04 114.04 -5.49
N SER ZB 37 1.53 113.47 -4.39
CA SER ZB 37 2.93 113.09 -4.28
C SER ZB 37 3.03 111.62 -3.89
N LEU ZB 38 4.10 110.99 -4.35
CA LEU ZB 38 4.39 109.61 -4.01
C LEU ZB 38 5.21 109.55 -2.73
N GLY ZB 39 5.07 108.45 -2.00
CA GLY ZB 39 5.79 108.27 -0.76
C GLY ZB 39 5.06 108.70 0.48
N THR ZB 40 3.74 108.91 0.40
CA THR ZB 40 2.93 109.28 1.56
C THR ZB 40 2.02 108.14 2.01
N ASP ZB 41 2.27 106.92 1.53
CA ASP ZB 41 1.50 105.77 1.96
C ASP ZB 41 2.09 105.21 3.25
N TRP ZB 42 1.48 104.15 3.77
CA TRP ZB 42 1.89 103.62 5.06
C TRP ZB 42 3.30 103.05 5.01
N THR ZB 43 3.66 102.38 3.92
CA THR ZB 43 4.96 101.75 3.83
C THR ZB 43 6.09 102.78 3.83
N SER ZB 44 5.96 103.81 2.98
CA SER ZB 44 6.99 104.84 2.92
C SER ZB 44 7.08 105.61 4.23
N LYS ZB 45 5.92 105.89 4.84
CA LYS ZB 45 5.92 106.59 6.12
C LYS ZB 45 6.60 105.75 7.19
N TYR ZB 46 6.35 104.45 7.22
CA TYR ZB 46 7.04 103.60 8.18
C TYR ZB 46 8.55 103.61 7.95
N LEU ZB 47 8.97 103.51 6.69
CA LEU ZB 47 10.40 103.47 6.39
C LEU ZB 47 11.08 104.77 6.83
N ARG ZB 48 10.49 105.91 6.49
CA ARG ZB 48 11.09 107.17 6.90
C ARG ZB 48 11.04 107.35 8.41
N SER ZB 49 9.99 106.84 9.07
CA SER ZB 49 9.91 106.94 10.52
C SER ZB 49 10.98 106.11 11.20
N GLU ZB 50 11.26 104.92 10.66
CA GLU ZB 50 12.33 104.11 11.23
C GLU ZB 50 13.70 104.67 10.91
N GLN ZB 51 13.83 105.47 9.86
CA GLN ZB 51 15.04 106.24 9.66
C GLN ZB 51 15.02 107.58 10.38
N ASP ZB 52 13.87 108.01 10.89
CA ASP ZB 52 13.76 109.31 11.52
C ASP ZB 52 14.19 109.33 12.98
N VAL ZB 53 14.39 108.18 13.60
CA VAL ZB 53 14.84 108.16 14.99
C VAL ZB 53 16.23 108.76 15.11
N TYR ZB 54 17.16 108.27 14.30
CA TYR ZB 54 18.53 108.78 14.36
C TYR ZB 54 18.63 110.18 13.78
N ASN ZB 55 17.81 110.51 12.79
CA ASN ZB 55 17.78 111.87 12.29
C ASN ZB 55 17.29 112.84 13.37
N HIS ZB 56 16.28 112.44 14.14
CA HIS ZB 56 15.79 113.27 15.22
C HIS ZB 56 16.82 113.42 16.33
N LYS ZB 57 17.54 112.35 16.63
CA LYS ZB 57 18.65 112.46 17.59
C LYS ZB 57 19.69 113.45 17.09
N TYR ZB 58 20.03 113.38 15.80
CA TYR ZB 58 20.99 114.31 15.23
C TYR ZB 58 20.48 115.75 15.28
N LEU ZB 59 19.20 115.94 14.99
CA LEU ZB 59 18.65 117.30 15.02
C LEU ZB 59 18.63 117.86 16.44
N GLN ZB 60 18.30 117.04 17.43
CA GLN ZB 60 18.34 117.49 18.81
C GLN ZB 60 19.76 117.88 19.22
N TYR ZB 61 20.75 117.05 18.84
CA TYR ZB 61 22.13 117.38 19.16
C TYR ZB 61 22.58 118.65 18.43
N HIS ZB 62 22.14 118.82 17.18
CA HIS ZB 62 22.47 120.01 16.42
C HIS ZB 62 21.90 121.27 17.07
N LYS ZB 63 20.65 121.19 17.54
CA LYS ZB 63 20.05 122.32 18.24
C LYS ZB 63 20.79 122.62 19.52
N ARG ZB 64 21.19 121.58 20.25
CA ARG ZB 64 21.92 121.80 21.50
C ARG ZB 64 23.28 122.44 21.24
N VAL ZB 65 23.96 122.03 20.18
CA VAL ZB 65 25.32 122.51 19.93
C VAL ZB 65 25.30 123.91 19.33
N HIS ZB 66 24.53 124.11 18.27
CA HIS ZB 66 24.65 125.34 17.47
C HIS ZB 66 23.70 126.43 17.94
N GLU ZB 67 22.42 126.12 18.12
CA GLU ZB 67 21.46 127.15 18.49
C GLU ZB 67 21.61 127.53 19.96
N ALA ZB 68 20.95 128.61 20.35
CA ALA ZB 68 21.02 129.09 21.72
C ALA ZB 68 20.39 128.05 22.67
N PRO ZB 69 21.04 127.75 23.79
CA PRO ZB 69 20.54 126.70 24.68
C PRO ZB 69 19.20 127.08 25.30
N GLU ZB 70 18.41 126.04 25.57
CA GLU ZB 70 17.11 126.18 26.21
C GLU ZB 70 17.11 125.40 27.52
N LEU ZB 71 16.41 125.93 28.53
CA LEU ZB 71 16.41 125.30 29.84
C LEU ZB 71 15.79 123.91 29.79
N THR ZB 72 14.69 123.77 29.04
CA THR ZB 72 14.02 122.48 28.96
C THR ZB 72 14.92 121.40 28.35
N ASP ZB 73 15.66 121.77 27.31
CA ASP ZB 73 16.56 120.80 26.67
C ASP ZB 73 17.65 120.33 27.63
N VAL ZB 74 18.26 121.26 28.37
CA VAL ZB 74 19.30 120.88 29.32
C VAL ZB 74 18.73 120.03 30.44
N ILE ZB 75 17.55 120.39 30.95
CA ILE ZB 75 16.94 119.62 32.04
C ILE ZB 75 16.63 118.21 31.57
N SER ZB 76 16.05 118.08 30.38
CA SER ZB 76 15.77 116.75 29.86
C SER ZB 76 17.04 115.97 29.57
N ASP ZB 77 18.11 116.65 29.19
CA ASP ZB 77 19.40 115.98 29.01
C ASP ZB 77 19.95 115.46 30.33
N ASN ZB 78 19.64 116.14 31.44
CA ASN ZB 78 20.12 115.72 32.75
C ASN ZB 78 18.97 115.42 33.70
N VAL ZB 79 17.95 114.71 33.20
CA VAL ZB 79 16.71 114.54 33.96
C VAL ZB 79 16.90 113.63 35.17
N TYR ZB 80 17.78 112.63 35.08
CA TYR ZB 80 17.91 111.68 36.17
C TYR ZB 80 18.62 112.27 37.38
N ARG ZB 81 19.56 113.20 37.16
CA ARG ZB 81 20.23 113.84 38.28
C ARG ZB 81 19.29 114.73 39.06
N LEU ZB 82 18.24 115.24 38.42
CA LEU ZB 82 17.39 116.27 39.01
C LEU ZB 82 16.04 115.75 39.47
N THR ZB 83 15.51 114.70 38.85
CA THR ZB 83 14.17 114.23 39.13
C THR ZB 83 14.15 113.02 40.05
N LEU ZB 84 14.81 111.93 39.64
CA LEU ZB 84 14.70 110.67 40.37
C LEU ZB 84 15.80 110.51 41.41
N PHE ZB 85 17.06 110.73 41.00
CA PHE ZB 85 18.20 110.60 41.89
C PHE ZB 85 18.64 111.95 42.45
N ALA ZB 86 17.71 112.88 42.64
CA ALA ZB 86 18.05 114.16 43.25
C ALA ZB 86 18.41 114.00 44.71
N GLY ZB 87 17.90 112.97 45.37
CA GLY ZB 87 18.25 112.73 46.75
C GLY ZB 87 19.65 112.18 46.95
N VAL ZB 88 20.24 111.59 45.90
CA VAL ZB 88 21.61 111.14 46.00
C VAL ZB 88 22.56 112.32 46.16
N GLU ZB 89 22.20 113.49 45.63
CA GLU ZB 89 22.96 114.69 45.90
C GLU ZB 89 22.96 115.02 47.39
N ARG ZB 90 21.79 114.92 48.03
CA ARG ZB 90 21.73 115.16 49.47
C ARG ZB 90 22.53 114.12 50.23
N VAL ZB 91 22.47 112.85 49.79
CA VAL ZB 91 23.25 111.80 50.44
C VAL ZB 91 24.74 112.10 50.36
N LEU ZB 92 25.20 112.52 49.19
CA LEU ZB 92 26.62 112.86 49.04
C LEU ZB 92 27.01 114.05 49.88
N SER ZB 93 26.14 115.07 49.96
CA SER ZB 93 26.44 116.23 50.79
C SER ZB 93 26.53 115.84 52.26
N VAL ZB 94 25.61 115.01 52.73
CA VAL ZB 94 25.64 114.56 54.12
C VAL ZB 94 26.89 113.73 54.38
N ARG ZB 95 27.27 112.87 53.43
CA ARG ZB 95 28.48 112.09 53.58
C ARG ZB 95 29.71 112.98 53.69
N GLN ZB 96 29.78 114.02 52.85
CA GLN ZB 96 30.91 114.94 52.90
C GLN ZB 96 30.95 115.69 54.22
N ALA ZB 97 29.80 116.11 54.74
CA ALA ZB 97 29.73 116.85 55.98
C ALA ZB 97 29.57 115.97 57.21
N GLN ZB 98 29.57 114.64 57.03
CA GLN ZB 98 29.23 113.74 58.13
C GLN ZB 98 30.24 113.76 59.26
N ALA ZB 99 31.47 114.19 59.00
CA ALA ZB 99 32.51 114.14 60.03
C ALA ZB 99 32.22 115.05 61.21
N ILE ZB 100 31.40 116.09 61.02
CA ILE ZB 100 31.14 117.05 62.09
C ILE ZB 100 29.65 117.28 62.25
N LEU ZB 101 28.82 116.33 61.84
CA LEU ZB 101 27.40 116.56 61.65
C LEU ZB 101 26.50 115.88 62.68
N LYS ZB 102 27.07 115.22 63.68
CA LYS ZB 102 26.34 114.54 64.77
C LYS ZB 102 25.51 113.36 64.30
N THR ZB 103 25.50 113.03 63.01
CA THR ZB 103 24.70 111.90 62.54
C THR ZB 103 25.18 110.58 63.12
N GLN ZB 104 26.44 110.52 63.55
CA GLN ZB 104 26.93 109.32 64.22
C GLN ZB 104 26.28 109.09 65.57
N PHE ZB 105 25.59 110.09 66.12
CA PHE ZB 105 24.92 109.95 67.41
C PHE ZB 105 23.42 109.78 67.28
N ALA ZB 106 22.88 109.71 66.06
CA ALA ZB 106 21.47 109.39 65.84
C ALA ZB 106 21.37 108.29 64.79
N GLY ZB 107 21.55 107.05 65.23
CA GLY ZB 107 21.22 105.90 64.41
C GLY ZB 107 21.86 105.86 63.05
N ALA ZB 108 23.15 106.20 62.97
CA ALA ZB 108 23.84 106.16 61.69
C ALA ZB 108 25.33 105.93 61.93
N THR ZB 109 25.97 105.37 60.91
CA THR ZB 109 27.40 105.12 60.94
C THR ZB 109 28.13 106.14 60.08
N GLU ZB 110 29.45 106.07 60.09
CA GLU ZB 110 30.29 107.00 59.33
C GLU ZB 110 30.68 106.34 58.00
N ASN ZB 111 29.68 106.13 57.15
CA ASN ZB 111 29.89 105.56 55.83
C ASN ZB 111 28.71 105.96 54.95
N ILE ZB 112 28.73 105.49 53.71
CA ILE ZB 112 27.70 105.87 52.75
C ILE ZB 112 26.34 105.32 53.16
N SER ZB 113 26.30 104.13 53.77
CA SER ZB 113 25.04 103.62 54.31
C SER ZB 113 24.51 104.52 55.40
N GLY ZB 114 25.41 105.06 56.23
CA GLY ZB 114 24.97 105.99 57.26
C GLY ZB 114 24.34 107.24 56.71
N ALA ZB 115 24.96 107.82 55.66
CA ALA ZB 115 24.38 109.00 55.03
C ALA ZB 115 23.04 108.67 54.36
N PHE ZB 116 22.97 107.51 53.69
CA PHE ZB 116 21.71 107.11 53.07
C PHE ZB 116 20.61 106.95 54.11
N GLN ZB 117 20.93 106.36 55.26
CA GLN ZB 117 19.91 106.16 56.29
C GLN ZB 117 19.53 107.47 56.94
N THR ZB 118 20.50 108.37 57.14
CA THR ZB 118 20.19 109.68 57.70
C THR ZB 118 19.26 110.46 56.77
N VAL ZB 119 19.50 110.39 55.46
CA VAL ZB 119 18.62 111.06 54.51
C VAL ZB 119 17.25 110.39 54.49
N LEU ZB 120 17.22 109.06 54.45
CA LEU ZB 120 15.97 108.32 54.29
C LEU ZB 120 15.19 108.14 55.57
N ASN ZB 121 15.77 108.47 56.73
CA ASN ZB 121 15.01 108.40 57.98
C ASN ZB 121 13.89 109.42 57.99
N GLY ZB 122 14.12 110.61 57.45
CA GLY ZB 122 13.09 111.62 57.41
C GLY ZB 122 11.90 111.22 56.57
N GLY ZB 123 12.12 110.39 55.56
CA GLY ZB 123 11.05 109.93 54.71
C GLY ZB 123 11.46 109.82 53.27
N ILE ZB 124 10.52 110.01 52.35
CA ILE ZB 124 10.77 110.00 50.93
C ILE ZB 124 10.43 111.34 50.28
N PHE ZB 125 10.15 112.35 51.08
CA PHE ZB 125 9.61 113.63 50.61
C PHE ZB 125 10.29 114.75 51.38
N ARG ZB 126 9.67 115.93 51.36
CA ARG ZB 126 10.24 117.21 51.78
C ARG ZB 126 11.16 117.14 52.99
N ARG ZB 127 10.87 116.28 53.95
CA ARG ZB 127 11.72 116.12 55.12
C ARG ZB 127 12.75 115.01 54.96
N GLY ZB 128 12.74 114.31 53.83
CA GLY ZB 128 13.58 113.14 53.66
C GLY ZB 128 14.42 113.13 52.40
N TYR ZB 129 14.19 112.12 51.56
CA TYR ZB 129 14.98 111.95 50.34
C TYR ZB 129 14.90 113.17 49.43
N PHE ZB 130 13.70 113.69 49.23
CA PHE ZB 130 13.51 114.88 48.38
C PHE ZB 130 13.47 116.15 49.22
N ARG ZB 131 14.54 116.39 49.97
CA ARG ZB 131 14.73 117.62 50.72
C ARG ZB 131 15.79 118.46 49.99
N GLY ZB 132 15.41 119.66 49.59
CA GLY ZB 132 16.29 120.48 48.78
C GLY ZB 132 16.31 120.15 47.32
N ALA ZB 133 15.45 119.24 46.86
CA ALA ZB 133 15.40 118.89 45.45
C ALA ZB 133 15.01 120.08 44.59
N LEU ZB 134 14.03 120.86 45.05
CA LEU ZB 134 13.68 122.08 44.33
C LEU ZB 134 14.82 123.09 44.36
N LEU ZB 135 15.52 123.20 45.50
CA LEU ZB 135 16.70 124.05 45.54
C LEU ZB 135 17.80 123.54 44.61
N ASN ZB 136 17.95 122.22 44.52
CA ASN ZB 136 18.91 121.66 43.58
C ASN ZB 136 18.55 122.01 42.14
N LEU ZB 137 17.26 121.91 41.80
CA LEU ZB 137 16.81 122.27 40.46
C LEU ZB 137 17.05 123.75 40.19
N LEU ZB 138 16.79 124.61 41.19
CA LEU ZB 138 17.05 126.03 41.03
C LEU ZB 138 18.53 126.31 40.83
N GLN ZB 139 19.39 125.63 41.59
CA GLN ZB 139 20.83 125.82 41.42
C GLN ZB 139 21.30 125.38 40.04
N PHE ZB 140 20.72 124.27 39.54
CA PHE ZB 140 21.06 123.82 38.20
C PHE ZB 140 20.59 124.80 37.13
N CYS ZB 141 19.39 125.36 37.31
CA CYS ZB 141 18.91 126.36 36.37
C CYS ZB 141 19.74 127.63 36.44
N GLY ZB 142 20.29 127.95 37.60
CA GLY ZB 142 21.08 129.15 37.75
C GLY ZB 142 22.51 129.07 37.27
N ALA ZB 143 23.34 128.26 37.92
CA ALA ZB 143 24.76 128.35 37.60
C ALA ZB 143 25.12 127.64 36.29
N PRO ZB 144 24.89 126.32 36.15
CA PRO ZB 144 25.36 125.65 34.93
C PRO ZB 144 24.63 126.09 33.67
N TYR ZB 145 23.32 126.33 33.76
CA TYR ZB 145 22.57 126.73 32.58
C TYR ZB 145 22.99 128.10 32.08
N GLN ZB 146 23.16 129.07 32.99
CA GLN ZB 146 23.62 130.38 32.55
C GLN ZB 146 25.06 130.33 32.07
N SER ZB 147 25.90 129.48 32.67
CA SER ZB 147 27.25 129.30 32.14
C SER ZB 147 27.22 128.79 30.71
N LEU ZB 148 26.33 127.83 30.43
CA LEU ZB 148 26.17 127.35 29.06
C LEU ZB 148 25.67 128.46 28.14
N ILE ZB 149 24.74 129.29 28.63
CA ILE ZB 149 24.18 130.36 27.80
C ILE ZB 149 25.27 131.34 27.40
N TRP ZB 150 26.09 131.78 28.36
CA TRP ZB 150 27.05 132.84 28.07
C TRP ZB 150 28.34 132.36 27.43
N SER ZB 151 28.62 131.05 27.46
CA SER ZB 151 29.76 130.49 26.74
C SER ZB 151 29.24 129.23 26.03
N ARG ZB 152 28.70 129.41 24.83
CA ARG ZB 152 28.06 128.30 24.15
C ARG ZB 152 29.09 127.37 23.52
N ASN ZB 153 29.85 127.88 22.55
CA ASN ZB 153 30.91 127.11 21.90
C ASN ZB 153 32.23 127.76 22.32
N SER ZB 154 32.81 127.26 23.42
CA SER ZB 154 33.99 127.86 24.00
C SER ZB 154 35.01 126.78 24.34
N GLY ZB 155 36.27 127.19 24.37
CA GLY ZB 155 37.32 126.31 24.84
C GLY ZB 155 37.23 126.09 26.34
N ILE ZB 156 37.99 125.10 26.82
CA ILE ZB 156 37.87 124.69 28.20
C ILE ZB 156 38.18 125.84 29.15
N THR ZB 157 39.18 126.67 28.80
CA THR ZB 157 39.52 127.80 29.66
C THR ZB 157 38.36 128.79 29.76
N ASN ZB 158 37.71 129.11 28.63
CA ASN ZB 158 36.59 130.04 28.67
C ASN ZB 158 35.40 129.43 29.41
N GLN ZB 159 35.17 128.12 29.24
CA GLN ZB 159 34.14 127.45 30.01
C GLN ZB 159 34.39 127.59 31.51
N VAL ZB 160 35.64 127.36 31.92
CA VAL ZB 160 35.99 127.46 33.34
C VAL ZB 160 35.81 128.88 33.83
N ILE ZB 161 36.21 129.87 33.04
CA ILE ZB 161 36.08 131.26 33.46
C ILE ZB 161 34.62 131.64 33.66
N VAL ZB 162 33.78 131.34 32.67
CA VAL ZB 162 32.37 131.70 32.76
C VAL ZB 162 31.71 130.95 33.91
N SER ZB 163 32.02 129.66 34.06
CA SER ZB 163 31.44 128.87 35.13
C SER ZB 163 31.86 129.40 36.50
N SER ZB 164 33.12 129.78 36.65
CA SER ZB 164 33.58 130.33 37.92
C SER ZB 164 32.86 131.63 38.24
N ILE ZB 165 32.68 132.50 37.23
CA ILE ZB 165 31.97 133.76 37.47
C ILE ZB 165 30.55 133.48 37.94
N PHE ZB 166 29.87 132.55 37.27
CA PHE ZB 166 28.46 132.30 37.63
C PHE ZB 166 28.32 131.55 38.94
N GLU ZB 167 29.24 130.62 39.25
CA GLU ZB 167 29.20 129.95 40.54
C GLU ZB 167 29.49 130.92 41.67
N ALA ZB 168 30.36 131.90 41.44
CA ALA ZB 168 30.55 132.96 42.42
C ALA ZB 168 29.30 133.79 42.60
N PHE ZB 169 28.60 134.07 41.49
CA PHE ZB 169 27.39 134.88 41.59
C PHE ZB 169 26.27 134.15 42.32
N PHE ZB 170 26.13 132.85 42.11
CA PHE ZB 170 25.02 132.08 42.65
C PHE ZB 170 25.40 131.27 43.89
N TYR ZB 171 26.56 131.53 44.48
CA TYR ZB 171 27.03 130.70 45.60
C TYR ZB 171 26.12 130.70 46.82
N PRO ZB 172 25.53 131.82 47.26
CA PRO ZB 172 24.64 131.75 48.43
C PRO ZB 172 23.53 130.73 48.30
N LEU ZB 173 23.00 130.51 47.10
CA LEU ZB 173 22.03 129.44 46.91
C LEU ZB 173 22.65 128.09 47.20
N ASP ZB 174 23.91 127.88 46.80
CA ASP ZB 174 24.59 126.63 47.12
C ASP ZB 174 24.74 126.46 48.62
N THR ZB 175 25.12 127.53 49.33
CA THR ZB 175 25.25 127.42 50.78
C THR ZB 175 23.92 127.10 51.45
N VAL ZB 176 22.85 127.75 50.99
CA VAL ZB 176 21.52 127.48 51.55
C VAL ZB 176 21.11 126.04 51.28
N LYS ZB 177 21.37 125.55 50.06
CA LYS ZB 177 21.04 124.16 49.74
C LYS ZB 177 21.82 123.19 50.60
N THR ZB 178 23.11 123.47 50.83
CA THR ZB 178 23.92 122.59 51.67
C THR ZB 178 23.40 122.57 53.11
N LEU ZB 179 23.02 123.75 53.63
CA LEU ZB 179 22.48 123.80 54.99
C LEU ZB 179 21.14 123.09 55.10
N ILE ZB 180 20.31 123.19 54.06
CA ILE ZB 180 19.02 122.49 54.06
C ILE ZB 180 19.22 120.99 53.88
N TYR ZB 181 20.31 120.58 53.25
CA TYR ZB 181 20.59 119.15 53.13
C TYR ZB 181 20.92 118.51 54.46
N ASN ZB 182 21.56 119.25 55.37
CA ASN ZB 182 22.19 118.66 56.54
C ASN ZB 182 21.42 118.88 57.84
N ASP ZB 183 20.22 119.46 57.79
CA ASP ZB 183 19.44 119.65 59.02
C ASP ZB 183 18.56 118.41 59.22
N VAL ZB 184 19.10 117.44 59.94
CA VAL ZB 184 18.38 116.20 60.18
C VAL ZB 184 17.14 116.44 61.02
N GLN ZB 185 17.20 117.38 61.96
CA GLN ZB 185 16.07 117.69 62.82
C GLN ZB 185 15.08 118.68 62.19
N GLY ZB 186 15.36 119.15 60.99
CA GLY ZB 186 14.44 120.05 60.31
C GLY ZB 186 14.27 121.40 60.96
N LYS ZB 187 15.38 122.02 61.39
CA LYS ZB 187 15.29 123.33 62.03
C LYS ZB 187 14.81 124.40 61.06
N TYR ZB 188 15.29 124.37 59.82
CA TYR ZB 188 14.95 125.37 58.83
C TYR ZB 188 13.68 124.96 58.09
N LYS ZB 189 12.73 125.89 58.00
CA LYS ZB 189 11.47 125.64 57.31
C LYS ZB 189 11.56 125.89 55.81
N GLY ZB 190 12.66 126.43 55.31
CA GLY ZB 190 12.78 126.71 53.89
C GLY ZB 190 14.10 127.37 53.58
N ALA ZB 191 14.27 127.72 52.31
CA ALA ZB 191 15.49 128.38 51.87
C ALA ZB 191 15.58 129.79 52.43
N PHE ZB 192 14.49 130.55 52.33
CA PHE ZB 192 14.49 131.92 52.86
C PHE ZB 192 14.69 131.92 54.37
N HIS ZB 193 14.05 131.00 55.08
CA HIS ZB 193 14.22 130.93 56.53
C HIS ZB 193 15.66 130.63 56.91
N CYS ZB 194 16.29 129.66 56.23
CA CYS ZB 194 17.66 129.32 56.53
C CYS ZB 194 18.61 130.48 56.22
N ALA ZB 195 18.42 131.12 55.07
CA ALA ZB 195 19.27 132.26 54.72
C ALA ZB 195 19.10 133.39 55.72
N SER ZB 196 17.86 133.65 56.14
CA SER ZB 196 17.60 134.70 57.12
C SER ZB 196 18.27 134.39 58.45
N GLN ZB 197 18.17 133.13 58.91
CA GLN ZB 197 18.81 132.75 60.17
C GLN ZB 197 20.32 132.92 60.07
N VAL ZB 198 20.92 132.50 58.96
CA VAL ZB 198 22.37 132.60 58.81
C VAL ZB 198 22.81 134.07 58.79
N VAL ZB 199 22.09 134.90 58.03
CA VAL ZB 199 22.45 136.31 57.94
C VAL ZB 199 22.28 137.01 59.29
N GLN ZB 200 21.18 136.72 59.99
CA GLN ZB 200 20.92 137.37 61.26
C GLN ZB 200 21.92 136.92 62.34
N ASN ZB 201 22.33 135.66 62.31
CA ASN ZB 201 23.22 135.14 63.34
C ASN ZB 201 24.69 135.19 62.98
N ALA ZB 202 25.03 135.32 61.69
CA ALA ZB 202 26.43 135.31 61.29
C ALA ZB 202 26.80 136.35 60.23
N GLY ZB 203 25.85 137.13 59.73
CA GLY ZB 203 26.14 138.14 58.73
C GLY ZB 203 26.00 137.64 57.31
N TRP ZB 204 26.07 138.58 56.37
CA TRP ZB 204 25.93 138.24 54.96
C TRP ZB 204 27.13 137.48 54.42
N SER ZB 205 28.32 137.74 54.95
CA SER ZB 205 29.53 137.13 54.43
C SER ZB 205 29.65 135.65 54.75
N ARG ZB 206 28.78 135.11 55.61
CA ARG ZB 206 28.85 133.70 55.95
C ARG ZB 206 28.21 132.80 54.90
N LEU ZB 207 27.60 133.37 53.86
CA LEU ZB 207 27.06 132.59 52.76
C LEU ZB 207 28.10 132.23 51.73
N TYR ZB 208 29.34 132.69 51.90
CA TYR ZB 208 30.42 132.43 50.95
C TYR ZB 208 31.55 131.66 51.64
N ALA ZB 209 31.20 130.60 52.37
CA ALA ZB 209 32.19 129.92 53.21
C ALA ZB 209 33.27 129.24 52.38
N GLY ZB 210 32.87 128.44 51.38
CA GLY ZB 210 33.83 127.67 50.61
C GLY ZB 210 33.78 127.95 49.12
N ILE ZB 211 33.59 129.23 48.76
CA ILE ZB 211 33.40 129.60 47.36
C ILE ZB 211 34.65 129.28 46.54
N PHE ZB 212 35.83 129.54 47.09
CA PHE ZB 212 37.06 129.29 46.35
C PHE ZB 212 37.30 127.80 46.16
N GLN ZB 213 37.04 126.99 47.20
CA GLN ZB 213 37.14 125.55 47.04
C GLN ZB 213 36.18 125.04 45.99
N LYS ZB 214 34.95 125.55 45.99
CA LYS ZB 214 33.99 125.15 44.96
C LYS ZB 214 34.49 125.54 43.58
N LEU ZB 215 35.07 126.74 43.44
CA LEU ZB 215 35.55 127.17 42.14
C LEU ZB 215 36.67 126.29 41.62
N ILE ZB 216 37.64 125.94 42.48
CA ILE ZB 216 38.74 125.09 42.06
C ILE ZB 216 38.24 123.70 41.69
N PHE ZB 217 37.37 123.13 42.52
CA PHE ZB 217 36.85 121.80 42.20
C PHE ZB 217 36.00 121.83 40.94
N ASN ZB 218 35.28 122.92 40.69
CA ASN ZB 218 34.50 123.03 39.46
C ASN ZB 218 35.40 123.12 38.24
N SER ZB 219 36.54 123.79 38.36
CA SER ZB 219 37.51 123.79 37.28
C SER ZB 219 37.98 122.38 36.97
N ALA ZB 220 38.32 121.62 38.02
CA ALA ZB 220 38.75 120.24 37.82
C ALA ZB 220 37.64 119.39 37.20
N LEU ZB 221 36.41 119.57 37.67
CA LEU ZB 221 35.28 118.79 37.17
C LEU ZB 221 34.98 119.14 35.72
N ILE ZB 222 35.11 120.41 35.35
CA ILE ZB 222 34.88 120.81 33.96
C ILE ZB 222 35.93 120.18 33.05
N PHE ZB 223 37.19 120.18 33.49
CA PHE ZB 223 38.22 119.51 32.69
C PHE ZB 223 37.90 118.03 32.54
N HIS ZB 224 37.48 117.37 33.61
CA HIS ZB 224 37.15 115.95 33.52
C HIS ZB 224 35.97 115.72 32.59
N LEU ZB 225 34.94 116.56 32.66
CA LEU ZB 225 33.78 116.39 31.79
C LEU ZB 225 34.18 116.58 30.33
N ASN ZB 226 35.03 117.58 30.04
CA ASN ZB 226 35.47 117.78 28.68
C ASN ZB 226 36.27 116.60 28.16
N GLN ZB 227 37.10 116.01 29.02
CA GLN ZB 227 37.84 114.81 28.60
C GLN ZB 227 36.92 113.62 28.41
N VAL ZB 228 35.85 113.53 29.19
CA VAL ZB 228 34.89 112.43 29.02
C VAL ZB 228 34.11 112.58 27.72
N TRP ZB 229 33.66 113.80 27.42
CA TRP ZB 229 32.85 114.02 26.22
C TRP ZB 229 33.64 113.70 24.96
N ASP ZB 230 34.92 114.08 24.92
CA ASP ZB 230 35.74 113.80 23.76
C ASP ZB 230 36.04 112.31 23.61
N GLY ZB 231 35.83 111.53 24.66
CA GLY ZB 231 36.15 110.11 24.60
C GLY ZB 231 37.64 109.82 24.57
N SER ZB 232 38.46 110.76 25.02
CA SER ZB 232 39.90 110.59 24.97
C SER ZB 232 40.36 109.56 25.99
N SER ZB 233 41.59 109.09 25.82
CA SER ZB 233 42.19 108.18 26.79
C SER ZB 233 42.52 108.85 28.11
N GLN ZB 234 42.46 110.19 28.18
CA GLN ZB 234 42.74 110.93 29.40
C GLN ZB 234 41.58 110.92 30.38
N GLN ZB 235 40.57 110.07 30.17
CA GLN ZB 235 39.47 109.99 31.12
C GLN ZB 235 39.97 109.50 32.48
N TRP ZB 236 40.93 108.59 32.49
CA TRP ZB 236 41.45 108.09 33.76
C TRP ZB 236 42.33 109.13 34.44
N ALA ZB 237 43.11 109.89 33.68
CA ALA ZB 237 43.88 110.97 34.26
C ALA ZB 237 42.96 112.03 34.86
N SER ZB 238 41.86 112.33 34.18
CA SER ZB 238 40.89 113.29 34.70
C SER ZB 238 40.19 112.73 35.94
N LEU ZB 239 39.91 111.43 35.96
CA LEU ZB 239 39.34 110.83 37.17
C LEU ZB 239 40.31 110.94 38.34
N ALA ZB 240 41.60 110.71 38.08
CA ALA ZB 240 42.60 110.88 39.13
C ALA ZB 240 42.65 112.32 39.61
N LEU ZB 241 42.56 113.27 38.68
CA LEU ZB 241 42.55 114.68 39.06
C LEU ZB 241 41.34 115.04 39.91
N VAL ZB 242 40.17 114.50 39.56
CA VAL ZB 242 38.97 114.76 40.34
C VAL ZB 242 39.07 114.10 41.71
N ALA ZB 243 39.67 112.92 41.77
CA ALA ZB 243 39.90 112.27 43.06
C ALA ZB 243 40.82 113.10 43.94
N ALA ZB 244 41.85 113.71 43.32
CA ALA ZB 244 42.74 114.57 44.08
C ALA ZB 244 42.03 115.84 44.55
N ALA ZB 245 41.13 116.37 43.73
CA ALA ZB 245 40.45 117.61 44.05
C ALA ZB 245 39.22 117.42 44.95
N TYR ZB 246 38.78 116.18 45.14
CA TYR ZB 246 37.62 115.92 45.99
C TYR ZB 246 37.75 116.48 47.42
N PRO ZB 247 38.90 116.41 48.09
CA PRO ZB 247 39.01 117.04 49.40
C PRO ZB 247 38.63 118.51 49.39
N LEU ZB 248 38.81 119.21 48.28
CA LEU ZB 248 38.33 120.59 48.19
C LEU ZB 248 36.81 120.64 48.32
N LEU ZB 249 36.10 119.72 47.68
CA LEU ZB 249 34.65 119.67 47.81
C LEU ZB 249 34.23 119.32 49.24
N VAL ZB 250 34.93 118.37 49.86
CA VAL ZB 250 34.62 118.00 51.24
C VAL ZB 250 34.83 119.20 52.17
N LEU ZB 251 35.94 119.91 52.00
CA LEU ZB 251 36.20 121.10 52.80
C LEU ZB 251 35.17 122.18 52.53
N LYS ZB 252 34.71 122.30 51.29
CA LYS ZB 252 33.67 123.27 50.98
C LYS ZB 252 32.41 122.97 51.76
N THR ZB 253 31.97 121.71 51.76
CA THR ZB 253 30.76 121.36 52.50
C THR ZB 253 30.94 121.58 54.00
N ARG ZB 254 32.10 121.21 54.53
CA ARG ZB 254 32.34 121.38 55.96
C ARG ZB 254 32.39 122.85 56.35
N PHE ZB 255 33.01 123.70 55.52
CA PHE ZB 255 33.01 125.13 55.78
C PHE ZB 255 31.61 125.71 55.69
N GLN ZB 256 30.80 125.21 54.76
CA GLN ZB 256 29.44 125.72 54.61
C GLN ZB 256 28.60 125.40 55.85
N VAL ZB 257 28.74 124.19 56.40
CA VAL ZB 257 27.93 123.81 57.56
C VAL ZB 257 28.62 124.06 58.88
N ALA ZB 258 29.82 124.65 58.89
CA ALA ZB 258 30.65 124.73 60.09
C ALA ZB 258 30.04 125.52 61.24
N GLY ZB 259 29.85 126.83 61.05
CA GLY ZB 259 29.47 127.68 62.17
C GLY ZB 259 28.06 127.50 62.65
N THR ZB 260 27.19 126.89 61.84
CA THR ZB 260 25.80 126.73 62.21
C THR ZB 260 25.64 125.72 63.33
N PRO ZB 261 24.51 125.75 64.05
CA PRO ZB 261 24.25 124.72 65.07
C PRO ZB 261 24.10 123.32 64.49
N LEU ZB 262 24.07 123.17 63.17
CA LEU ZB 262 24.00 121.87 62.54
C LEU ZB 262 25.27 121.04 62.72
N ALA ZB 263 26.36 121.66 63.15
CA ALA ZB 263 27.66 120.98 63.19
C ALA ZB 263 28.31 121.14 64.55
N LEU ZB 264 29.15 120.16 64.89
CA LEU ZB 264 29.93 120.21 66.12
C LEU ZB 264 31.12 121.15 66.02
N ALA ZB 265 31.74 121.25 64.86
CA ALA ZB 265 32.98 121.99 64.69
C ALA ZB 265 32.71 123.37 64.10
N THR ZB 266 33.38 124.37 64.67
CA THR ZB 266 33.36 125.71 64.09
C THR ZB 266 34.32 125.78 62.90
N SER ZB 267 34.32 126.93 62.23
CA SER ZB 267 35.09 127.06 60.99
C SER ZB 267 36.57 126.82 61.23
N ASN ZB 268 37.13 127.41 62.30
CA ASN ZB 268 38.53 127.22 62.60
C ASN ZB 268 38.88 125.77 62.88
N GLU ZB 269 37.89 124.95 63.24
CA GLU ZB 269 38.11 123.54 63.51
C GLU ZB 269 37.86 122.66 62.28
N VAL ZB 270 37.48 123.25 61.15
CA VAL ZB 270 37.25 122.45 59.95
C VAL ZB 270 38.56 121.89 59.42
N LEU ZB 271 39.64 122.67 59.51
CA LEU ZB 271 40.94 122.19 59.07
C LEU ZB 271 41.65 121.37 60.14
N LYS ZB 272 41.06 121.24 61.32
CA LYS ZB 272 41.59 120.38 62.38
C LYS ZB 272 40.99 118.99 62.35
N VAL ZB 273 40.05 118.71 61.45
CA VAL ZB 273 39.46 117.38 61.37
C VAL ZB 273 40.51 116.38 60.90
N ASN ZB 274 40.26 115.10 61.21
CA ASN ZB 274 41.19 114.04 60.86
C ASN ZB 274 41.45 114.02 59.36
N ARG ZB 275 42.72 113.81 58.99
CA ARG ZB 275 43.08 113.80 57.57
C ARG ZB 275 42.47 112.62 56.84
N LYS ZB 276 42.33 111.47 57.51
CA LYS ZB 276 41.76 110.29 56.87
C LYS ZB 276 40.33 110.52 56.40
N THR ZB 277 39.66 111.55 56.92
CA THR ZB 277 38.30 111.87 56.52
C THR ZB 277 38.23 112.84 55.36
N LEU ZB 278 39.37 113.21 54.77
CA LEU ZB 278 39.34 114.17 53.67
C LEU ZB 278 38.60 113.62 52.46
N TYR ZB 279 38.77 112.34 52.16
CA TYR ZB 279 38.04 111.69 51.08
C TYR ZB 279 36.80 111.00 51.66
N ALA ZB 280 35.85 111.83 52.06
CA ALA ZB 280 34.68 111.33 52.77
C ALA ZB 280 33.80 110.47 51.86
N GLY ZB 281 33.46 110.97 50.69
CA GLY ZB 281 32.54 110.26 49.81
C GLY ZB 281 33.08 110.11 48.40
N LEU ZB 282 34.37 109.83 48.28
CA LEU ZB 282 35.03 109.86 46.98
C LEU ZB 282 34.44 108.81 46.04
N VAL ZB 283 34.39 107.57 46.47
CA VAL ZB 283 33.91 106.48 45.61
C VAL ZB 283 32.43 106.65 45.27
N PRO ZB 284 31.53 106.92 46.23
CA PRO ZB 284 30.15 107.20 45.83
C PRO ZB 284 30.00 108.37 44.89
N TYR ZB 285 30.77 109.44 45.10
CA TYR ZB 285 30.69 110.60 44.21
C TYR ZB 285 31.15 110.25 42.81
N LEU ZB 286 32.26 109.53 42.69
CA LEU ZB 286 32.75 109.14 41.38
C LEU ZB 286 31.78 108.21 40.67
N ILE ZB 287 31.20 107.26 41.41
CA ILE ZB 287 30.23 106.34 40.81
C ILE ZB 287 29.01 107.12 40.32
N PHE ZB 288 28.50 108.02 41.15
CA PHE ZB 288 27.32 108.79 40.77
C PHE ZB 288 27.58 109.66 39.55
N ASN ZB 289 28.75 110.32 39.50
CA ASN ZB 289 29.04 111.17 38.36
C ASN ZB 289 29.31 110.36 37.10
N THR ZB 290 29.96 109.19 37.24
CA THR ZB 290 30.17 108.33 36.08
C THR ZB 290 28.83 107.84 35.52
N LEU ZB 291 27.90 107.45 36.39
CA LEU ZB 291 26.61 106.98 35.91
C LEU ZB 291 25.80 108.11 35.31
N PHE ZB 292 25.53 109.16 36.09
CA PHE ZB 292 24.78 110.32 35.62
C PHE ZB 292 25.69 111.53 35.74
N ALA ZB 293 26.52 111.74 34.72
CA ALA ZB 293 27.33 112.93 34.63
C ALA ZB 293 26.57 114.04 33.91
N TYR ZB 294 27.08 115.26 34.06
CA TYR ZB 294 26.46 116.40 33.41
C TYR ZB 294 26.62 116.28 31.89
N GLU ZB 295 25.53 116.47 31.18
CA GLU ZB 295 25.52 116.43 29.72
C GLU ZB 295 25.22 117.83 29.21
N PHE ZB 296 26.26 118.58 28.91
CA PHE ZB 296 26.16 119.95 28.39
C PHE ZB 296 26.61 119.90 26.93
N ALA ZB 297 25.67 119.59 26.03
CA ALA ZB 297 26.01 119.47 24.63
C ALA ZB 297 26.45 120.79 24.01
N ALA ZB 298 26.14 121.92 24.64
CA ALA ZB 298 26.65 123.19 24.17
C ALA ZB 298 28.17 123.24 24.28
N TRP ZB 299 28.72 122.79 25.40
CA TRP ZB 299 30.15 122.82 25.66
C TRP ZB 299 30.92 121.72 24.95
N HIS ZB 300 30.25 120.83 24.22
CA HIS ZB 300 30.94 119.77 23.51
C HIS ZB 300 31.93 120.36 22.51
N SER ZB 301 33.15 119.84 22.54
CA SER ZB 301 34.21 120.31 21.65
C SER ZB 301 34.01 119.70 20.27
N SER ZB 302 34.97 119.93 19.37
CA SER ZB 302 34.89 119.34 18.04
C SER ZB 302 34.94 117.83 18.10
N THR ZB 303 35.80 117.28 18.96
CA THR ZB 303 35.92 115.83 19.06
C THR ZB 303 34.64 115.18 19.56
N ALA ZB 304 33.98 115.80 20.55
CA ALA ZB 304 32.74 115.24 21.06
C ALA ZB 304 31.64 115.26 20.00
N GLN ZB 305 31.51 116.38 19.28
CA GLN ZB 305 30.54 116.45 18.21
C GLN ZB 305 30.82 115.42 17.14
N GLU ZB 306 32.09 115.27 16.76
CA GLU ZB 306 32.45 114.26 15.77
C GLU ZB 306 32.09 112.86 16.26
N ARG ZB 307 32.36 112.57 17.54
CA ARG ZB 307 32.06 111.25 18.08
C ARG ZB 307 30.56 110.97 18.04
N VAL ZB 308 29.75 111.92 18.50
CA VAL ZB 308 28.31 111.70 18.56
C VAL ZB 308 27.74 111.54 17.15
N ILE ZB 309 28.12 112.44 16.24
CA ILE ZB 309 27.58 112.40 14.89
C ILE ZB 309 28.07 111.16 14.15
N GLY ZB 310 29.32 110.75 14.38
CA GLY ZB 310 29.80 109.52 13.78
C GLY ZB 310 29.07 108.30 14.29
N GLY ZB 311 28.75 108.28 15.59
CA GLY ZB 311 27.93 107.20 16.10
C GLY ZB 311 26.57 107.13 15.44
N LEU ZB 312 25.92 108.29 15.28
CA LEU ZB 312 24.62 108.31 14.61
C LEU ZB 312 24.74 107.85 13.16
N GLN ZB 313 25.76 108.32 12.45
CA GLN ZB 313 25.95 107.94 11.05
C GLN ZB 313 26.22 106.45 10.92
N ASN ZB 314 27.03 105.89 11.82
CA ASN ZB 314 27.25 104.44 11.81
C ASN ZB 314 25.96 103.70 12.10
N ALA ZB 315 25.13 104.22 13.00
CA ALA ZB 315 23.84 103.61 13.26
C ALA ZB 315 22.89 103.74 12.07
N MET ZB 316 23.16 104.65 11.14
CA MET ZB 316 22.32 104.82 9.96
C MET ZB 316 22.69 103.89 8.81
N LYS ZB 317 23.70 103.04 8.98
CA LYS ZB 317 24.16 102.17 7.91
C LYS ZB 317 23.39 100.86 7.81
N GLN ZB 318 22.42 100.63 8.70
CA GLN ZB 318 21.71 99.36 8.74
C GLN ZB 318 20.55 99.30 7.76
N PHE ZB 319 20.21 100.40 7.09
CA PHE ZB 319 19.01 100.45 6.26
C PHE ZB 319 19.31 100.04 4.82
N SER ZB 320 19.81 98.82 4.69
CA SER ZB 320 20.09 98.24 3.39
C SER ZB 320 20.04 96.71 3.51
N SER ZB 321 19.74 96.05 2.41
CA SER ZB 321 19.61 94.60 2.42
C SER ZB 321 20.98 93.95 2.54
N PRO ZB 322 21.18 93.04 3.52
CA PRO ZB 322 22.45 92.31 3.57
C PRO ZB 322 22.74 91.52 2.31
N ALA ZB 323 21.72 90.90 1.72
CA ALA ZB 323 21.89 90.12 0.50
C ALA ZB 323 21.47 90.96 -0.71
N ALA ZB 324 22.29 91.99 -0.96
CA ALA ZB 324 22.07 92.89 -2.10
C ALA ZB 324 23.06 92.51 -3.20
N GLU ZB 325 22.52 92.16 -4.37
CA GLU ZB 325 23.38 91.78 -5.49
C GLU ZB 325 24.15 92.98 -6.01
N GLN ZB 326 25.45 92.77 -6.24
CA GLN ZB 326 26.29 93.80 -6.85
C GLN ZB 326 26.05 93.76 -8.35
N VAL ZB 327 25.30 94.73 -8.86
CA VAL ZB 327 24.81 94.72 -10.23
C VAL ZB 327 25.70 95.59 -11.10
N TRP ZB 328 25.95 95.11 -12.33
CA TRP ZB 328 26.80 95.83 -13.26
C TRP ZB 328 26.18 97.16 -13.67
N SER ZB 329 24.89 97.17 -13.96
CA SER ZB 329 24.16 98.38 -14.33
C SER ZB 329 23.12 98.66 -13.26
N SER ZB 330 23.17 99.86 -12.69
CA SER ZB 330 22.25 100.24 -11.62
C SER ZB 330 21.81 101.69 -11.75
N THR AC 3 -0.91 101.74 -34.72
CA THR AC 3 -1.76 102.28 -35.79
C THR AC 3 -1.32 103.68 -36.19
N GLU AC 4 -0.82 104.43 -35.22
CA GLU AC 4 -0.35 105.80 -35.44
C GLU AC 4 1.14 105.87 -35.20
N VAL AC 5 1.86 106.47 -36.14
CA VAL AC 5 3.31 106.59 -36.08
C VAL AC 5 3.69 108.07 -36.07
N SER AC 6 4.53 108.46 -35.12
CA SER AC 6 4.96 109.84 -35.03
C SER AC 6 5.93 110.18 -36.15
N ASN AC 7 6.05 111.48 -36.42
CA ASN AC 7 7.02 111.93 -37.41
C ASN AC 7 8.43 111.59 -36.96
N HIS AC 8 8.71 111.67 -35.66
CA HIS AC 8 10.03 111.30 -35.15
C HIS AC 8 10.30 109.82 -35.35
N ASN AC 9 9.30 108.96 -35.14
CA ASN AC 9 9.50 107.53 -35.34
C ASN AC 9 9.68 107.20 -36.82
N TYR AC 10 8.95 107.89 -37.70
CA TYR AC 10 9.19 107.72 -39.13
C TYR AC 10 10.62 108.14 -39.49
N THR AC 11 11.07 109.26 -38.93
CA THR AC 11 12.44 109.71 -39.19
C THR AC 11 13.46 108.70 -38.67
N GLN AC 12 13.18 108.08 -37.52
CA GLN AC 12 14.07 107.06 -36.99
C GLN AC 12 14.12 105.84 -37.90
N ALA AC 13 12.97 105.44 -38.45
CA ALA AC 13 12.97 104.34 -39.41
C ALA AC 13 13.79 104.70 -40.64
N VAL AC 14 13.65 105.93 -41.13
CA VAL AC 14 14.43 106.37 -42.28
C VAL AC 14 15.92 106.37 -41.95
N ALA AC 15 16.27 106.75 -40.72
CA ALA AC 15 17.67 106.73 -40.30
C ALA AC 15 18.22 105.31 -40.23
N TYR AC 16 17.39 104.37 -39.75
CA TYR AC 16 17.77 102.95 -39.79
C TYR AC 16 18.05 102.51 -41.21
N LEU AC 17 17.15 102.87 -42.14
CA LEU AC 17 17.35 102.51 -43.54
C LEU AC 17 18.60 103.16 -44.10
N ASN AC 18 18.88 104.40 -43.72
CA ASN AC 18 20.06 105.10 -44.21
C ASN AC 18 21.34 104.41 -43.76
N ARG AC 19 21.45 104.09 -42.47
CA ARG AC 19 22.66 103.44 -41.99
C ARG AC 19 22.82 102.05 -42.56
N ALA AC 20 21.71 101.30 -42.68
CA ALA AC 20 21.77 99.98 -43.28
C ALA AC 20 22.22 100.06 -44.74
N THR AC 21 21.67 101.02 -45.49
CA THR AC 21 22.02 101.16 -46.90
C THR AC 21 23.49 101.52 -47.05
N SER AC 22 23.99 102.46 -46.25
CA SER AC 22 25.39 102.85 -46.36
C SER AC 22 26.31 101.69 -46.03
N SER AC 23 26.01 100.97 -44.95
CA SER AC 23 26.87 99.86 -44.55
C SER AC 23 26.82 98.73 -45.56
N CYS AC 24 25.66 98.45 -46.14
CA CYS AC 24 25.57 97.37 -47.13
C CYS AC 24 26.19 97.78 -48.46
N VAL AC 25 26.15 99.06 -48.81
CA VAL AC 25 26.85 99.53 -50.00
C VAL AC 25 28.36 99.37 -49.82
N LYS AC 26 28.87 99.77 -48.65
CA LYS AC 26 30.30 99.63 -48.40
C LYS AC 26 30.71 98.16 -48.34
N LYS AC 27 29.90 97.32 -47.68
CA LYS AC 27 30.28 95.93 -47.45
C LYS AC 27 30.21 95.11 -48.74
N CYS AC 28 29.14 95.27 -49.51
CA CYS AC 28 28.88 94.44 -50.68
C CYS AC 28 29.44 95.03 -51.96
N ASP AC 29 30.10 96.19 -51.89
CA ASP AC 29 30.63 96.88 -53.07
C ASP AC 29 29.54 97.09 -54.11
N SER AC 30 28.38 97.56 -53.64
CA SER AC 30 27.21 97.71 -54.51
C SER AC 30 27.35 98.83 -55.51
N LEU AC 31 28.34 99.72 -55.36
CA LEU AC 31 28.55 100.80 -56.32
C LEU AC 31 29.43 100.40 -57.49
N ASN AC 32 30.06 99.23 -57.45
CA ASN AC 32 30.93 98.77 -58.51
C ASN AC 32 30.11 98.02 -59.56
N ASN AC 33 29.32 98.79 -60.31
CA ASN AC 33 28.36 98.24 -61.25
C ASN AC 33 28.39 99.06 -62.53
N ASN AC 34 27.49 98.70 -63.45
CA ASN AC 34 27.25 99.47 -64.67
C ASN AC 34 25.87 100.12 -64.63
N GLY AC 35 25.42 100.50 -63.44
CA GLY AC 35 24.11 101.07 -63.22
C GLY AC 35 23.10 100.11 -62.62
N SER AC 36 23.36 98.81 -62.67
CA SER AC 36 22.46 97.80 -62.12
C SER AC 36 23.26 96.81 -61.30
N LEU AC 37 22.63 96.28 -60.26
CA LEU AC 37 23.30 95.36 -59.35
C LEU AC 37 23.53 94.01 -60.00
N SER AC 38 24.51 93.29 -59.49
CA SER AC 38 24.78 91.93 -59.92
C SER AC 38 24.01 90.94 -59.05
N SER AC 39 23.96 89.68 -59.49
CA SER AC 39 23.30 88.65 -58.70
C SER AC 39 24.02 88.44 -57.37
N LYS AC 40 25.35 88.37 -57.42
CA LYS AC 40 26.14 88.27 -56.19
C LYS AC 40 25.94 89.49 -55.31
N GLN AC 41 25.93 90.68 -55.91
CA GLN AC 41 25.71 91.89 -55.13
C GLN AC 41 24.31 91.93 -54.54
N GLU AC 42 23.31 91.47 -55.30
CA GLU AC 42 21.95 91.42 -54.76
C GLU AC 42 21.86 90.46 -53.58
N SER AC 43 22.50 89.30 -53.69
CA SER AC 43 22.49 88.35 -52.57
C SER AC 43 23.18 88.94 -51.35
N CYS AC 44 24.34 89.58 -51.56
CA CYS AC 44 25.05 90.19 -50.45
C CYS AC 44 24.24 91.30 -49.81
N LEU AC 45 23.56 92.11 -50.63
CA LEU AC 45 22.72 93.18 -50.08
C LEU AC 45 21.56 92.61 -49.28
N LYS AC 46 20.93 91.54 -49.77
CA LYS AC 46 19.85 90.92 -49.02
C LYS AC 46 20.34 90.40 -47.67
N THR AC 47 21.48 89.70 -47.67
CA THR AC 47 22.01 89.18 -46.42
C THR AC 47 22.37 90.31 -45.45
N CYS AC 48 23.00 91.37 -45.97
CA CYS AC 48 23.40 92.49 -45.13
C CYS AC 48 22.19 93.22 -44.57
N ALA AC 49 21.13 93.39 -45.37
CA ALA AC 49 19.93 94.05 -44.90
C ALA AC 49 19.24 93.23 -43.82
N GLU AC 50 19.17 91.92 -43.99
CA GLU AC 50 18.59 91.08 -42.94
C GLU AC 50 19.41 91.15 -41.66
N ASN AC 51 20.74 91.12 -41.79
CA ASN AC 51 21.60 91.24 -40.63
C ASN AC 51 21.39 92.59 -39.94
N HIS AC 52 21.24 93.65 -40.72
CA HIS AC 52 20.99 94.97 -40.15
C HIS AC 52 19.66 95.02 -39.42
N ALA AC 53 18.63 94.37 -39.97
CA ALA AC 53 17.34 94.33 -39.30
C ALA AC 53 17.46 93.63 -37.95
N ILE AC 54 18.11 92.48 -37.92
CA ILE AC 54 18.30 91.75 -36.67
C ILE AC 54 19.08 92.61 -35.67
N ALA AC 55 20.16 93.23 -36.14
CA ALA AC 55 21.00 94.02 -35.25
C ALA AC 55 20.26 95.25 -34.73
N THR AC 56 19.43 95.87 -35.57
CA THR AC 56 18.66 97.02 -35.13
C THR AC 56 17.69 96.62 -34.03
N LYS AC 57 16.99 95.50 -34.22
CA LYS AC 57 16.08 95.01 -33.18
C LYS AC 57 16.83 94.76 -31.88
N ILE AC 58 17.96 94.06 -31.96
CA ILE AC 58 18.70 93.70 -30.76
C ILE AC 58 19.27 94.94 -30.08
N HIS AC 59 19.79 95.88 -30.86
CA HIS AC 59 20.37 97.09 -30.29
C HIS AC 59 19.31 97.94 -29.60
N ALA AC 60 18.15 98.10 -30.23
CA ALA AC 60 17.08 98.87 -29.59
C ALA AC 60 16.63 98.20 -28.30
N GLU AC 61 16.48 96.87 -28.32
CA GLU AC 61 16.09 96.17 -27.09
C GLU AC 61 17.15 96.32 -26.01
N TYR AC 62 18.42 96.23 -26.38
CA TYR AC 62 19.49 96.35 -25.39
C TYR AC 62 19.53 97.74 -24.77
N ILE AC 63 19.38 98.78 -25.59
CA ILE AC 63 19.40 100.14 -25.05
C ILE AC 63 18.21 100.37 -24.13
N ARG AC 64 17.02 99.91 -24.53
CA ARG AC 64 15.86 100.07 -23.68
C ARG AC 64 16.02 99.31 -22.37
N LYS AC 65 16.61 98.10 -22.43
CA LYS AC 65 16.80 97.32 -21.22
C LYS AC 65 17.82 97.97 -20.29
N LEU AC 66 18.86 98.60 -20.85
CA LEU AC 66 19.81 99.33 -20.02
C LEU AC 66 19.12 100.50 -19.31
N ALA AC 67 18.37 101.28 -20.07
CA ALA AC 67 17.66 102.43 -19.48
C ALA AC 67 16.68 101.98 -18.40
N GLU AC 68 15.97 100.88 -18.65
CA GLU AC 68 15.04 100.37 -17.64
C GLU AC 68 15.76 99.78 -16.44
N SER AC 69 16.94 99.20 -16.64
CA SER AC 69 17.72 98.69 -15.53
C SER AC 69 18.18 99.82 -14.63
N LYS AC 70 18.33 101.03 -15.19
CA LYS AC 70 18.56 102.18 -14.32
C LYS AC 70 17.40 102.40 -13.36
N TYR AC 71 16.16 102.20 -13.83
CA TYR AC 71 15.01 102.32 -12.95
C TYR AC 71 14.98 101.22 -11.90
N LEU AC 72 15.12 99.97 -12.34
CA LEU AC 72 15.04 98.83 -11.44
C LEU AC 72 16.21 98.79 -10.48
N ASP BC 3 28.40 128.69 -24.22
CA ASP BC 3 27.55 128.49 -23.06
C ASP BC 3 28.09 127.34 -22.21
N LYS BC 4 27.78 127.38 -20.91
CA LYS BC 4 28.26 126.33 -20.01
C LYS BC 4 27.64 124.98 -20.35
N ARG BC 5 26.35 124.97 -20.69
CA ARG BC 5 25.71 123.73 -21.11
C ARG BC 5 26.35 123.19 -22.38
N LYS BC 6 26.67 124.08 -23.33
CA LYS BC 6 27.32 123.64 -24.56
C LYS BC 6 28.71 123.06 -24.27
N ILE BC 7 29.45 123.69 -23.36
CA ILE BC 7 30.78 123.19 -23.02
C ILE BC 7 30.69 121.82 -22.37
N GLN BC 8 29.72 121.63 -21.47
CA GLN BC 8 29.52 120.31 -20.86
C GLN BC 8 29.14 119.27 -21.91
N HIS BC 9 28.27 119.65 -22.85
CA HIS BC 9 27.88 118.75 -23.92
C HIS BC 9 29.08 118.33 -24.75
N GLU BC 10 29.92 119.29 -25.12
CA GLU BC 10 31.12 118.98 -25.91
C GLU BC 10 32.06 118.08 -25.12
N GLY BC 11 32.22 118.33 -23.82
CA GLY BC 11 33.08 117.49 -23.02
C GLY BC 11 32.60 116.04 -22.97
N ILE BC 12 31.29 115.85 -22.78
CA ILE BC 12 30.76 114.49 -22.71
C ILE BC 12 30.85 113.80 -24.08
N ILE BC 13 30.60 114.55 -25.15
CA ILE BC 13 30.75 113.98 -26.49
C ILE BC 13 32.19 113.55 -26.74
N ALA BC 14 33.14 114.37 -26.31
CA ALA BC 14 34.56 114.01 -26.46
C ALA BC 14 34.89 112.76 -25.64
N LEU BC 15 34.36 112.66 -24.43
CA LEU BC 15 34.53 111.46 -23.63
C LEU BC 15 34.05 110.23 -24.38
N ILE BC 16 32.84 110.31 -24.95
CA ILE BC 16 32.28 109.18 -25.68
C ILE BC 16 33.14 108.83 -26.88
N ASN BC 17 33.56 109.84 -27.65
CA ASN BC 17 34.33 109.59 -28.85
C ASN BC 17 35.67 108.92 -28.53
N TYR BC 18 36.37 109.41 -27.51
CA TYR BC 18 37.68 108.83 -27.24
C TYR BC 18 37.57 107.50 -26.50
N SER BC 19 36.51 107.27 -25.73
CA SER BC 19 36.29 105.92 -25.21
C SER BC 19 36.05 104.93 -26.33
N THR BC 20 35.26 105.32 -27.33
CA THR BC 20 35.06 104.47 -28.50
C THR BC 20 36.38 104.23 -29.24
N LEU BC 21 37.19 105.28 -29.37
CA LEU BC 21 38.48 105.14 -30.05
C LEU BC 21 39.39 104.16 -29.33
N CYS BC 22 39.46 104.25 -28.00
CA CYS BC 22 40.27 103.30 -27.25
C CYS BC 22 39.72 101.88 -27.36
N ALA BC 23 38.40 101.75 -27.33
CA ALA BC 23 37.80 100.41 -27.45
C ALA BC 23 38.13 99.79 -28.80
N GLN BC 24 38.14 100.60 -29.87
CA GLN BC 24 38.49 100.08 -31.18
C GLN BC 24 39.98 99.77 -31.27
N LYS BC 25 40.83 100.63 -30.71
CA LYS BC 25 42.27 100.44 -30.84
C LYS BC 25 42.76 99.25 -30.02
N CYS BC 26 42.16 98.98 -28.87
CA CYS BC 26 42.58 97.88 -28.02
C CYS BC 26 41.92 96.55 -28.41
N ASP BC 27 41.08 96.54 -29.45
CA ASP BC 27 40.38 95.34 -29.90
C ASP BC 27 39.57 94.71 -28.77
N VAL BC 28 38.95 95.57 -27.97
CA VAL BC 28 38.15 95.08 -26.84
C VAL BC 28 36.87 94.43 -27.33
N LEU BC 29 36.22 95.02 -28.31
CA LEU BC 29 34.89 94.57 -28.76
C LEU BC 29 35.00 93.21 -29.44
N LYS BC 30 34.52 92.17 -28.75
CA LYS BC 30 34.49 90.81 -29.27
C LYS BC 30 33.15 90.20 -28.92
N GLY BC 31 32.75 89.19 -29.69
CA GLY BC 31 31.44 88.61 -29.51
C GLY BC 31 31.39 87.32 -28.72
N HIS BC 32 32.54 86.73 -28.42
CA HIS BC 32 32.55 85.41 -27.80
C HIS BC 32 32.05 85.47 -26.35
N ASP BC 33 32.33 86.54 -25.63
CA ASP BC 33 31.78 86.75 -24.30
C ASP BC 33 31.75 88.23 -24.01
N ASP BC 34 30.95 88.61 -23.02
CA ASP BC 34 30.74 90.02 -22.69
C ASP BC 34 31.66 90.55 -21.60
N LYS BC 35 32.56 89.72 -21.07
CA LYS BC 35 33.43 90.14 -19.99
C LYS BC 35 34.76 90.63 -20.54
N ILE BC 36 35.16 91.82 -20.12
CA ILE BC 36 36.44 92.40 -20.51
C ILE BC 36 37.50 91.93 -19.52
N THR BC 37 38.53 91.24 -20.01
CA THR BC 37 39.56 90.71 -19.15
C THR BC 37 40.41 91.83 -18.57
N ASP BC 38 41.19 91.50 -17.54
CA ASP BC 38 42.03 92.49 -16.91
C ASP BC 38 43.12 93.00 -17.85
N THR BC 39 43.60 92.15 -18.77
CA THR BC 39 44.55 92.60 -19.76
C THR BC 39 43.94 93.68 -20.66
N GLU BC 40 42.70 93.47 -21.10
CA GLU BC 40 42.04 94.47 -21.93
C GLU BC 40 41.72 95.73 -21.13
N GLU BC 41 41.38 95.59 -19.85
CA GLU BC 41 41.19 96.78 -19.01
C GLU BC 41 42.47 97.58 -18.88
N GLN BC 42 43.60 96.90 -18.69
CA GLN BC 42 44.88 97.58 -18.64
C GLN BC 42 45.18 98.28 -19.96
N CYS BC 43 44.89 97.62 -21.08
CA CYS BC 43 45.10 98.25 -22.38
C CYS BC 43 44.24 99.50 -22.53
N LEU BC 44 42.98 99.43 -22.12
CA LEU BC 44 42.10 100.59 -22.20
C LEU BC 44 42.61 101.73 -21.32
N ARG BC 45 43.07 101.42 -20.12
CA ARG BC 45 43.56 102.46 -19.23
C ARG BC 45 44.84 103.09 -19.77
N VAL BC 46 45.72 102.29 -20.38
CA VAL BC 46 46.93 102.85 -20.98
C VAL BC 46 46.57 103.73 -22.17
N CYS BC 47 45.59 103.31 -22.97
CA CYS BC 47 45.13 104.14 -24.08
C CYS BC 47 44.57 105.47 -23.58
N ALA BC 48 43.77 105.44 -22.51
CA ALA BC 48 43.24 106.67 -21.93
C ALA BC 48 44.36 107.55 -21.40
N GLU BC 49 45.35 106.96 -20.76
CA GLU BC 49 46.49 107.73 -20.27
C GLU BC 49 47.24 108.41 -21.40
N LYS BC 50 47.45 107.69 -22.51
CA LYS BC 50 48.15 108.29 -23.64
C LYS BC 50 47.34 109.42 -24.25
N ILE BC 51 46.01 109.25 -24.32
CA ILE BC 51 45.16 110.33 -24.82
C ILE BC 51 45.28 111.55 -23.91
N ARG BC 52 45.27 111.33 -22.59
CA ARG BC 52 45.38 112.43 -21.64
C ARG BC 52 46.71 113.16 -21.79
N GLN BC 53 47.80 112.41 -21.95
CA GLN BC 53 49.10 113.05 -22.14
C GLN BC 53 49.15 113.85 -23.42
N THR BC 54 48.60 113.29 -24.52
CA THR BC 54 48.59 114.01 -25.79
C THR BC 54 47.79 115.29 -25.69
N PHE BC 55 46.64 115.24 -25.01
CA PHE BC 55 45.83 116.44 -24.88
C PHE BC 55 46.48 117.47 -23.95
N GLU BC 56 47.18 117.03 -22.92
CA GLU BC 56 47.93 117.99 -22.10
C GLU BC 56 48.99 118.69 -22.92
N PHE BC 57 49.72 117.94 -23.74
CA PHE BC 57 50.74 118.54 -24.60
C PHE BC 57 50.12 119.53 -25.57
N THR BC 58 49.00 119.14 -26.20
CA THR BC 58 48.35 120.03 -27.16
C THR BC 58 47.81 121.29 -26.49
N ASN BC 59 47.20 121.14 -25.31
CA ASN BC 59 46.70 122.31 -24.60
C ASN BC 59 47.83 123.25 -24.22
N ASP BC 60 48.95 122.71 -23.75
CA ASP BC 60 50.08 123.58 -23.41
C ASP BC 60 50.61 124.31 -24.63
N ILE BC 61 50.74 123.60 -25.76
CA ILE BC 61 51.27 124.23 -26.96
C ILE BC 61 50.33 125.34 -27.45
N TYR BC 62 49.02 125.06 -27.47
CA TYR BC 62 48.07 126.04 -27.97
C TYR BC 62 47.85 127.19 -27.00
N LEU BC 63 48.10 126.98 -25.70
CA LEU BC 63 48.08 128.10 -24.77
C LEU BC 63 49.31 128.97 -24.93
N LYS BC 64 50.47 128.36 -25.20
CA LYS BC 64 51.66 129.15 -25.51
C LYS BC 64 51.46 129.96 -26.79
N ASN BC 65 50.85 129.36 -27.81
CA ASN BC 65 50.57 130.07 -29.05
C ASN BC 65 49.26 130.84 -28.95
N MET CC 1 9.55 109.26 -48.23
CA MET CC 1 9.13 110.34 -49.12
C MET CC 1 7.98 111.13 -48.51
N SER CC 2 7.30 110.55 -47.53
CA SER CC 2 6.22 111.25 -46.86
C SER CC 2 6.77 112.48 -46.16
N THR CC 3 6.44 113.66 -46.67
CA THR CC 3 7.02 114.91 -46.18
C THR CC 3 6.02 115.65 -45.30
N ARG CC 4 6.53 116.25 -44.23
CA ARG CC 4 5.73 117.03 -43.30
C ARG CC 4 6.46 118.33 -43.00
N LYS CC 5 5.69 119.31 -42.53
CA LYS CC 5 6.24 120.58 -42.06
C LYS CC 5 6.60 120.41 -40.60
N ILE CC 6 7.89 120.21 -40.33
CA ILE CC 6 8.39 119.99 -38.97
C ILE CC 6 9.21 121.17 -38.49
N PHE CC 7 10.32 121.47 -39.15
CA PHE CC 7 11.19 122.56 -38.76
C PHE CC 7 10.77 123.85 -39.46
N ASP CC 8 11.10 124.97 -38.83
CA ASP CC 8 10.88 126.27 -39.44
C ASP CC 8 11.92 126.52 -40.52
N SER CC 9 11.75 127.63 -41.24
CA SER CC 9 12.66 127.95 -42.34
C SER CC 9 14.08 128.15 -41.81
N GLU CC 10 14.23 128.92 -40.74
CA GLU CC 10 15.55 129.15 -40.17
C GLU CC 10 16.13 127.85 -39.61
N GLU CC 11 15.31 127.05 -38.95
CA GLU CC 11 15.78 125.77 -38.43
C GLU CC 11 16.17 124.82 -39.54
N GLN CC 12 15.39 124.78 -40.63
CA GLN CC 12 15.76 123.95 -41.77
C GLN CC 12 17.09 124.40 -42.37
N SER CC 13 17.27 125.71 -42.52
CA SER CC 13 18.53 126.22 -43.06
C SER CC 13 19.69 125.87 -42.15
N PHE CC 14 19.49 125.97 -40.83
CA PHE CC 14 20.57 125.62 -39.90
C PHE CC 14 20.91 124.14 -39.97
N ILE CC 15 19.90 123.26 -40.07
CA ILE CC 15 20.18 121.83 -40.15
C ILE CC 15 20.90 121.50 -41.46
N ARG CC 16 20.52 122.17 -42.55
CA ARG CC 16 21.23 122.00 -43.80
C ARG CC 16 22.69 122.44 -43.67
N LEU CC 17 22.92 123.58 -43.00
CA LEU CC 17 24.28 124.03 -42.77
C LEU CC 17 25.06 123.03 -41.90
N VAL CC 18 24.38 122.42 -40.93
CA VAL CC 18 25.05 121.45 -40.05
C VAL CC 18 25.47 120.22 -40.84
N ASP CC 19 24.57 119.68 -41.66
CA ASP CC 19 24.97 118.52 -42.45
C ASP CC 19 26.01 118.86 -43.49
N LYS CC 20 25.98 120.09 -44.02
CA LYS CC 20 27.06 120.53 -44.91
C LYS CC 20 28.38 120.62 -44.15
N PHE CC 21 28.35 121.07 -42.90
CA PHE CC 21 29.56 121.13 -42.09
C PHE CC 21 30.15 119.75 -41.85
N TYR CC 22 29.29 118.77 -41.53
CA TYR CC 22 29.79 117.42 -41.34
C TYR CC 22 30.25 116.79 -42.65
N LEU CC 23 29.60 117.11 -43.76
CA LEU CC 23 30.10 116.68 -45.06
C LEU CC 23 31.47 117.29 -45.35
N GLY CC 24 31.66 118.55 -44.96
CA GLY CC 24 32.96 119.17 -45.13
C GLY CC 24 34.04 118.48 -44.32
N LEU CC 25 33.71 118.08 -43.09
CA LEU CC 25 34.67 117.32 -42.28
C LEU CC 25 34.99 115.97 -42.94
N SER CC 26 33.96 115.29 -43.44
CA SER CC 26 34.19 114.00 -44.10
C SER CC 26 35.05 114.16 -45.34
N LEU CC 27 34.79 115.20 -46.13
CA LEU CC 27 35.59 115.45 -47.32
C LEU CC 27 37.01 115.90 -46.97
N THR CC 28 37.19 116.56 -45.83
CA THR CC 28 38.53 116.87 -45.36
C THR CC 28 39.30 115.58 -45.10
N LYS CC 29 38.67 114.63 -44.40
CA LYS CC 29 39.33 113.34 -44.17
C LYS CC 29 39.60 112.62 -45.49
N LEU CC 30 38.64 112.68 -46.41
CA LEU CC 30 38.79 112.01 -47.70
C LEU CC 30 39.97 112.58 -48.48
N CYS CC 31 40.05 113.91 -48.59
CA CYS CC 31 41.15 114.53 -49.32
C CYS CC 31 42.47 114.29 -48.61
N ALA CC 32 42.47 114.25 -47.27
CA ALA CC 32 43.71 113.95 -46.56
C ALA CC 32 44.19 112.54 -46.87
N GLN CC 33 43.29 111.56 -46.89
CA GLN CC 33 43.69 110.19 -47.20
C GLN CC 33 44.15 110.07 -48.66
N SER CC 34 43.39 110.64 -49.58
CA SER CC 34 43.69 110.49 -51.00
C SER CC 34 44.94 111.23 -51.43
N CYS CC 35 45.38 112.21 -50.65
CA CYS CC 35 46.60 112.95 -50.95
C CYS CC 35 47.78 112.49 -50.11
N ASN CC 36 47.64 111.36 -49.42
CA ASN CC 36 48.73 110.77 -48.61
C ASN CC 36 49.22 111.74 -47.55
N LEU CC 37 48.31 112.52 -46.98
CA LEU CC 37 48.67 113.43 -45.90
C LEU CC 37 48.83 112.70 -44.58
N LEU CC 38 47.99 111.68 -44.34
CA LEU CC 38 47.98 110.97 -43.06
C LEU CC 38 48.98 109.82 -43.12
N ARG CC 39 50.23 110.11 -42.77
CA ARG CC 39 51.27 109.09 -42.70
C ARG CC 39 52.24 109.43 -41.58
N ASN CC 40 52.85 108.38 -41.03
CA ASN CC 40 53.83 108.55 -39.96
C ASN CC 40 55.18 109.07 -40.47
N ASP CC 41 55.40 109.06 -41.79
CA ASP CC 41 56.66 109.53 -42.34
C ASP CC 41 56.78 111.04 -42.30
N ILE CC 42 55.67 111.77 -42.15
CA ILE CC 42 55.71 113.22 -42.16
C ILE CC 42 56.41 113.73 -40.91
N SER CC 43 57.42 114.59 -41.10
CA SER CC 43 58.18 115.17 -40.00
C SER CC 43 58.12 116.70 -40.03
N GLY CC 44 57.18 117.27 -40.78
CA GLY CC 44 57.03 118.70 -40.85
C GLY CC 44 55.60 119.12 -40.63
N SER CC 45 55.42 120.40 -40.29
CA SER CC 45 54.11 120.98 -40.04
C SER CC 45 53.56 121.75 -41.22
N ALA CC 46 54.16 121.61 -42.40
CA ALA CC 46 53.73 122.33 -43.59
C ALA CC 46 53.49 121.35 -44.73
N LEU CC 47 52.63 121.75 -45.65
CA LEU CC 47 52.30 120.91 -46.79
C LEU CC 47 53.33 121.09 -47.90
N THR CC 48 53.78 119.97 -48.47
CA THR CC 48 54.72 120.02 -49.58
C THR CC 48 53.99 120.39 -50.86
N GLN CC 49 54.77 120.64 -51.92
CA GLN CC 49 54.19 121.12 -53.17
C GLN CC 49 53.27 120.07 -53.80
N LYS CC 50 53.70 118.79 -53.79
CA LYS CC 50 52.85 117.74 -54.35
C LYS CC 50 51.55 117.60 -53.57
N GLU CC 51 51.64 117.65 -52.24
CA GLU CC 51 50.44 117.56 -51.42
C GLU CC 51 49.51 118.74 -51.69
N LYS CC 52 50.07 119.94 -51.83
CA LYS CC 52 49.25 121.11 -52.13
C LYS CC 52 48.57 120.98 -53.49
N ASP CC 53 49.29 120.47 -54.49
CA ASP CC 53 48.68 120.27 -55.81
C ASP CC 53 47.55 119.25 -55.75
N CYS CC 54 47.77 118.14 -55.05
CA CYS CC 54 46.73 117.12 -54.94
C CYS CC 54 45.52 117.67 -54.17
N LEU CC 55 45.76 118.45 -53.12
CA LEU CC 55 44.65 119.06 -52.39
C LEU CC 55 43.88 120.05 -53.27
N SER CC 56 44.59 120.80 -54.10
CA SER CC 56 43.92 121.71 -55.03
C SER CC 56 43.06 120.93 -56.02
N ILE CC 57 43.56 119.78 -56.48
CA ILE CC 57 42.75 118.93 -57.35
C ILE CC 57 41.50 118.45 -56.61
N CYS CC 58 41.65 118.07 -55.34
CA CYS CC 58 40.51 117.64 -54.55
C CYS CC 58 39.48 118.76 -54.41
N TYR CC 59 39.94 119.98 -54.14
CA TYR CC 59 39.03 121.11 -54.02
C TYR CC 59 38.32 121.38 -55.33
N ASN CC 60 39.04 121.32 -56.45
CA ASN CC 60 38.42 121.54 -57.75
C ASN CC 60 37.36 120.47 -58.02
N ASN CC 61 37.65 119.21 -57.72
CA ASN CC 61 36.67 118.15 -57.93
C ASN CC 61 35.44 118.35 -57.06
N ILE CC 62 35.63 118.77 -55.81
CA ILE CC 62 34.49 119.05 -54.94
C ILE CC 62 33.66 120.19 -55.50
N GLU CC 63 34.32 121.22 -56.02
CA GLU CC 63 33.62 122.38 -56.54
C GLU CC 63 32.77 122.04 -57.76
N LYS CC 64 33.29 121.18 -58.65
CA LYS CC 64 32.65 120.98 -59.94
C LYS CC 64 31.31 120.24 -59.82
N THR CC 65 31.24 119.23 -58.97
CA THR CC 65 30.12 118.29 -59.01
C THR CC 65 29.22 118.31 -57.79
N GLN CC 66 29.48 119.16 -56.80
CA GLN CC 66 28.68 119.13 -55.58
C GLN CC 66 27.24 119.55 -55.85
N SER CC 67 27.05 120.77 -56.37
CA SER CC 67 25.71 121.27 -56.63
C SER CC 67 24.99 120.44 -57.68
N ALA CC 68 25.70 120.03 -58.72
CA ALA CC 68 25.10 119.20 -59.76
C ALA CC 68 24.61 117.88 -59.20
N PHE CC 69 25.43 117.24 -58.35
CA PHE CC 69 25.03 115.96 -57.79
C PHE CC 69 23.86 116.12 -56.82
N TYR CC 70 23.86 117.21 -56.04
CA TYR CC 70 22.73 117.46 -55.15
C TYR CC 70 21.44 117.65 -55.95
N ALA CC 71 21.52 118.40 -57.05
CA ALA CC 71 20.33 118.57 -57.88
C ALA CC 71 19.87 117.24 -58.47
N LYS CC 72 20.82 116.42 -58.92
CA LYS CC 72 20.44 115.12 -59.48
C LYS CC 72 19.78 114.22 -58.43
N VAL CC 73 20.31 114.21 -57.21
CA VAL CC 73 19.70 113.41 -56.15
C VAL CC 73 18.31 113.94 -55.82
N LYS CC 74 18.16 115.27 -55.78
CA LYS CC 74 16.85 115.85 -55.48
C LYS CC 74 15.84 115.47 -56.55
N THR CC 75 16.24 115.48 -57.82
CA THR CC 75 15.33 115.07 -58.88
C THR CC 75 15.01 113.59 -58.80
N THR CC 76 16.00 112.75 -58.50
CA THR CC 76 15.79 111.30 -58.49
C THR CC 76 14.89 110.89 -57.33
N MET CC 77 15.17 111.39 -56.13
CA MET CC 77 14.38 111.01 -54.95
C MET CC 77 12.94 111.49 -55.08
N ASN CC 78 12.74 112.71 -55.58
CA ASN CC 78 11.43 113.25 -55.89
C ASN CC 78 10.51 113.26 -54.66
N LEU CC 79 10.93 114.03 -53.66
CA LEU CC 79 10.12 114.19 -52.46
C LEU CC 79 8.91 115.09 -52.77
N PRO CC 80 7.70 114.64 -52.48
CA PRO CC 80 6.52 115.49 -52.73
C PRO CC 80 6.54 116.75 -51.87
N ALA CC 81 5.98 117.82 -52.43
CA ALA CC 81 5.95 119.10 -51.73
C ALA CC 81 5.04 119.03 -50.50
N VAL CC 82 5.37 119.85 -49.51
CA VAL CC 82 4.65 119.84 -48.24
C VAL CC 82 3.37 120.65 -48.38
N GLU CC 83 2.25 120.04 -48.02
CA GLU CC 83 0.96 120.73 -48.02
C GLU CC 83 0.12 120.28 -46.83
N GLU DC 2 21.35 116.73 -23.46
CA GLU DC 2 21.64 115.42 -22.89
C GLU DC 2 21.13 114.31 -23.80
N GLN DC 3 19.98 114.56 -24.42
CA GLN DC 3 19.43 113.59 -25.36
C GLN DC 3 20.37 113.38 -26.54
N ASN DC 4 20.99 114.45 -27.02
CA ASN DC 4 21.95 114.31 -28.09
C ASN DC 4 23.16 113.48 -27.65
N THR DC 5 23.60 113.69 -26.41
CA THR DC 5 24.72 112.89 -25.88
C THR DC 5 24.36 111.41 -25.88
N THR DC 6 23.17 111.08 -25.37
CA THR DC 6 22.78 109.67 -25.30
C THR DC 6 22.57 109.09 -26.71
N GLN DC 7 22.04 109.90 -27.63
CA GLN DC 7 21.86 109.44 -29.01
C GLN DC 7 23.20 109.13 -29.65
N VAL DC 8 24.20 110.00 -29.45
CA VAL DC 8 25.53 109.73 -29.99
C VAL DC 8 26.11 108.47 -29.37
N PHE DC 9 25.93 108.31 -28.05
CA PHE DC 9 26.42 107.11 -27.36
C PHE DC 9 25.83 105.84 -27.99
N SER DC 10 24.50 105.81 -28.11
CA SER DC 10 23.83 104.62 -28.64
C SER DC 10 24.21 104.35 -30.09
N ASP DC 11 24.27 105.40 -30.92
CA ASP DC 11 24.58 105.21 -32.33
C ASP DC 11 26.01 104.72 -32.52
N LEU DC 12 26.96 105.26 -31.75
CA LEU DC 12 28.32 104.75 -31.83
C LEU DC 12 28.39 103.30 -31.36
N ALA DC 13 27.65 102.97 -30.30
CA ALA DC 13 27.61 101.58 -29.84
C ALA DC 13 27.16 100.66 -30.95
N TYR DC 14 26.04 100.98 -31.60
CA TYR DC 14 25.53 100.12 -32.66
C TYR DC 14 26.51 100.05 -33.82
N LYS DC 15 27.07 101.19 -34.22
CA LYS DC 15 27.98 101.22 -35.36
C LYS DC 15 29.17 100.31 -35.13
N VAL DC 16 29.86 100.49 -34.00
CA VAL DC 16 31.06 99.71 -33.74
C VAL DC 16 30.73 98.23 -33.56
N CYS DC 17 29.68 97.93 -32.79
CA CYS DC 17 29.37 96.53 -32.51
C CYS DC 17 28.92 95.80 -33.76
N PHE DC 18 28.12 96.43 -34.62
CA PHE DC 18 27.73 95.76 -35.85
C PHE DC 18 28.90 95.63 -36.82
N LYS DC 19 29.81 96.59 -36.83
CA LYS DC 19 31.00 96.44 -37.67
C LYS DC 19 31.82 95.24 -37.22
N VAL DC 20 31.95 95.05 -35.90
CA VAL DC 20 32.74 93.92 -35.40
C VAL DC 20 32.02 92.60 -35.66
N ILE DC 21 30.72 92.54 -35.37
CA ILE DC 21 30.01 91.26 -35.43
C ILE DC 21 29.80 90.83 -36.87
N ASN DC 22 29.32 91.73 -37.72
CA ASN DC 22 29.04 91.41 -39.12
C ASN DC 22 30.31 91.63 -39.93
N ASP DC 23 31.24 90.69 -39.81
CA ASP DC 23 32.53 90.78 -40.47
C ASP DC 23 32.58 89.97 -41.76
N LYS DC 24 32.06 88.75 -41.76
CA LYS DC 24 32.05 87.89 -42.93
C LYS DC 24 30.78 88.03 -43.75
N ASN DC 25 29.84 88.86 -43.32
CA ASN DC 25 28.57 89.09 -44.02
C ASN DC 25 27.79 87.79 -44.20
N LYS DC 26 27.96 86.85 -43.27
CA LYS DC 26 27.11 85.67 -43.33
C LYS DC 26 25.76 85.97 -42.69
N PRO DC 27 24.71 85.26 -43.09
CA PRO DC 27 23.40 85.44 -42.44
C PRO DC 27 23.49 85.11 -40.96
N PHE DC 28 22.79 85.89 -40.16
CA PHE DC 28 22.87 85.75 -38.71
C PHE DC 28 22.08 84.55 -38.23
N VAL DC 29 22.38 84.15 -37.00
CA VAL DC 29 21.64 83.12 -36.27
C VAL DC 29 21.28 83.70 -34.90
N LEU DC 30 20.66 82.86 -34.06
CA LEU DC 30 20.33 83.31 -32.71
C LEU DC 30 21.59 83.63 -31.91
N HIS DC 31 22.61 82.78 -32.03
CA HIS DC 31 23.86 83.06 -31.34
C HIS DC 31 24.50 84.33 -31.85
N ASP DC 32 24.22 84.73 -33.10
CA ASP DC 32 24.75 86.00 -33.58
C ASP DC 32 24.10 87.18 -32.88
N GLU DC 33 22.80 87.07 -32.57
CA GLU DC 33 22.14 88.08 -31.75
C GLU DC 33 22.76 88.13 -30.36
N GLN DC 34 23.03 86.96 -29.78
CA GLN DC 34 23.66 86.94 -28.46
C GLN DC 34 25.07 87.53 -28.51
N ARG DC 35 25.80 87.27 -29.61
CA ARG DC 35 27.14 87.84 -29.75
C ARG DC 35 27.09 89.35 -29.92
N LEU DC 36 26.06 89.86 -30.61
CA LEU DC 36 25.89 91.30 -30.70
C LEU DC 36 25.62 91.90 -29.33
N ALA DC 37 24.80 91.22 -28.53
CA ALA DC 37 24.56 91.70 -27.16
C ALA DC 37 25.83 91.70 -26.34
N ASN DC 38 26.65 90.65 -26.49
CA ASN DC 38 27.95 90.60 -25.80
C ASN DC 38 28.84 91.76 -26.22
N CYS DC 39 28.88 92.05 -27.52
CA CYS DC 39 29.70 93.14 -28.01
C CYS DC 39 29.21 94.49 -27.49
N LEU DC 40 27.89 94.67 -27.41
CA LEU DC 40 27.35 95.90 -26.83
C LEU DC 40 27.74 96.04 -25.37
N THR DC 41 27.66 94.94 -24.61
CA THR DC 41 28.07 94.98 -23.21
C THR DC 41 29.55 95.32 -23.08
N ARG DC 42 30.39 94.75 -23.95
CA ARG DC 42 31.80 95.08 -23.93
C ARG DC 42 32.04 96.55 -24.25
N TYR DC 43 31.27 97.10 -25.19
CA TYR DC 43 31.40 98.53 -25.50
C TYR DC 43 31.05 99.39 -24.30
N VAL DC 44 29.95 99.06 -23.62
CA VAL DC 44 29.54 99.85 -22.46
C VAL DC 44 30.58 99.75 -21.35
N GLU DC 45 31.11 98.56 -21.11
CA GLU DC 45 32.11 98.39 -20.06
C GLU DC 45 33.41 99.11 -20.42
N ALA DC 46 33.79 99.09 -21.71
CA ALA DC 46 34.97 99.80 -22.14
C ALA DC 46 34.81 101.31 -21.94
N PHE DC 47 33.63 101.83 -22.25
CA PHE DC 47 33.36 103.24 -21.97
C PHE DC 47 33.49 103.53 -20.48
N ASN DC 48 32.92 102.68 -19.64
CA ASN DC 48 33.01 102.88 -18.20
C ASN DC 48 34.47 102.95 -17.76
N VAL DC 49 35.28 101.98 -18.20
CA VAL DC 49 36.67 101.91 -17.77
C VAL DC 49 37.43 103.15 -18.25
N THR DC 50 37.27 103.50 -19.52
CA THR DC 50 38.06 104.60 -20.08
C THR DC 50 37.67 105.94 -19.46
N SER DC 51 36.36 106.21 -19.32
CA SER DC 51 35.95 107.47 -18.72
C SER DC 51 36.35 107.56 -17.25
N GLU DC 52 36.19 106.47 -16.51
CA GLU DC 52 36.58 106.47 -15.10
C GLU DC 52 38.07 106.73 -14.97
N TYR DC 53 38.88 106.16 -15.85
CA TYR DC 53 40.31 106.48 -15.82
C TYR DC 53 40.55 107.94 -16.18
N PHE DC 54 39.80 108.47 -17.15
CA PHE DC 54 40.01 109.84 -17.58
C PHE DC 54 39.79 110.83 -16.45
N PHE DC 55 38.72 110.64 -15.67
CA PHE DC 55 38.46 111.62 -14.61
C PHE DC 55 39.40 111.45 -13.42
N ARG DC 56 39.65 110.22 -12.98
CA ARG DC 56 40.66 110.00 -11.94
C ARG DC 56 41.10 108.54 -11.98
N GLU DC 57 42.31 108.29 -12.50
CA GLU DC 57 42.93 106.98 -12.52
C GLU DC 57 41.99 105.82 -12.82
N GLU EC 2 24.09 136.80 -26.69
CA GLU EC 2 23.22 137.93 -26.99
C GLU EC 2 22.96 138.06 -28.48
N ASP EC 3 23.13 139.28 -29.01
CA ASP EC 3 22.86 139.54 -30.42
C ASP EC 3 23.82 138.79 -31.34
N ASN EC 4 24.94 138.30 -30.82
CA ASN EC 4 25.92 137.59 -31.64
C ASN EC 4 25.56 136.10 -31.73
N TYR EC 5 24.34 135.85 -32.20
CA TYR EC 5 23.92 134.47 -32.44
C TYR EC 5 24.74 133.82 -33.54
N ALA EC 6 25.00 134.56 -34.61
CA ALA EC 6 25.84 134.04 -35.69
C ALA EC 6 27.25 133.78 -35.20
N ALA EC 7 27.79 134.69 -34.38
CA ALA EC 7 29.13 134.48 -33.83
C ALA EC 7 29.17 133.25 -32.94
N ASP EC 8 28.12 133.04 -32.13
CA ASP EC 8 28.08 131.86 -31.27
C ASP EC 8 28.02 130.58 -32.09
N VAL EC 9 27.19 130.57 -33.15
CA VAL EC 9 27.11 129.39 -34.00
C VAL EC 9 28.45 129.13 -34.68
N GLN EC 10 29.11 130.19 -35.16
CA GLN EC 10 30.42 130.02 -35.79
C GLN EC 10 31.44 129.49 -34.79
N ARG EC 11 31.39 129.96 -33.55
CA ARG EC 11 32.31 129.47 -32.53
C ARG EC 11 32.07 127.99 -32.23
N GLN EC 12 30.81 127.59 -32.15
CA GLN EC 12 30.50 126.17 -31.96
C GLN EC 12 31.01 125.34 -33.13
N PHE EC 13 30.81 125.83 -34.36
CA PHE EC 13 31.33 125.12 -35.53
C PHE EC 13 32.84 124.99 -35.48
N ASN EC 14 33.53 126.07 -35.10
CA ASN EC 14 34.98 126.04 -35.03
C ASN EC 14 35.46 125.04 -33.98
N ARG EC 15 34.83 125.04 -32.81
CA ARG EC 15 35.22 124.09 -31.77
C ARG EC 15 35.01 122.65 -32.23
N THR EC 16 33.85 122.37 -32.84
CA THR EC 16 33.57 121.01 -33.28
C THR EC 16 34.53 120.57 -34.37
N ALA EC 17 34.82 121.44 -35.34
CA ALA EC 17 35.76 121.08 -36.39
C ALA EC 17 37.16 120.86 -35.84
N PHE EC 18 37.58 121.71 -34.90
CA PHE EC 18 38.88 121.55 -34.25
C PHE EC 18 38.99 120.18 -33.59
N ASP EC 19 37.99 119.84 -32.78
CA ASP EC 19 38.01 118.56 -32.07
C ASP EC 19 37.95 117.38 -33.04
N SER EC 20 37.14 117.48 -34.08
CA SER EC 20 37.02 116.39 -35.04
C SER EC 20 38.33 116.16 -35.79
N LEU EC 21 38.98 117.24 -36.22
CA LEU EC 21 40.26 117.09 -36.91
C LEU EC 21 41.32 116.51 -35.98
N TYR EC 22 41.34 116.96 -34.73
CA TYR EC 22 42.30 116.40 -33.78
C TYR EC 22 42.06 114.92 -33.55
N LYS EC 23 40.79 114.51 -33.44
CA LYS EC 23 40.48 113.10 -33.29
C LYS EC 23 40.88 112.30 -34.52
N ILE EC 24 40.68 112.86 -35.70
CA ILE EC 24 41.09 112.17 -36.93
C ILE EC 24 42.60 111.94 -36.92
N CYS EC 25 43.36 112.97 -36.58
CA CYS EC 25 44.81 112.82 -36.54
C CYS EC 25 45.23 111.81 -35.49
N TYR EC 26 44.61 111.85 -34.31
CA TYR EC 26 44.97 110.90 -33.26
C TYR EC 26 44.66 109.47 -33.67
N ASN EC 27 43.50 109.25 -34.30
CA ASN EC 27 43.15 107.91 -34.77
C ASN EC 27 44.11 107.44 -35.85
N SER EC 28 44.57 108.36 -36.71
CA SER EC 28 45.46 107.97 -37.80
C SER EC 28 46.87 107.67 -37.28
N LEU EC 29 47.33 108.40 -36.28
CA LEU EC 29 48.73 108.35 -35.88
C LEU EC 29 49.04 107.38 -34.75
N VAL EC 30 48.06 107.09 -33.88
CA VAL EC 30 48.33 106.26 -32.72
C VAL EC 30 48.70 104.85 -33.17
N GLN EC 31 49.62 104.22 -32.43
CA GLN EC 31 50.19 102.94 -32.84
C GLN EC 31 50.21 101.98 -31.66
N LYS EC 32 50.15 100.68 -31.99
CA LYS EC 32 50.31 99.59 -31.03
C LYS EC 32 49.27 99.65 -29.91
N ASN EC 33 47.99 99.74 -30.32
CA ASN EC 33 46.86 99.74 -29.39
C ASN EC 33 47.01 100.85 -28.33
N GLY EC 34 47.38 102.04 -28.79
CA GLY EC 34 47.68 103.11 -27.88
C GLY EC 34 49.09 102.99 -27.33
N SER EC 35 49.38 103.84 -26.36
CA SER EC 35 50.65 103.90 -25.63
C SER EC 35 51.83 104.33 -26.50
N THR EC 36 51.60 104.68 -27.77
CA THR EC 36 52.69 105.08 -28.65
C THR EC 36 52.16 106.08 -29.66
N ILE EC 37 52.55 107.35 -29.52
CA ILE EC 37 52.22 108.39 -30.48
C ILE EC 37 53.15 109.56 -30.22
N ASP EC 38 53.55 110.24 -31.29
CA ASP EC 38 54.47 111.37 -31.20
C ASP EC 38 53.65 112.65 -31.13
N PHE EC 39 53.89 113.44 -30.08
CA PHE EC 39 53.11 114.66 -29.87
C PHE EC 39 53.39 115.69 -30.97
N GLN EC 40 54.64 115.82 -31.40
CA GLN EC 40 54.94 116.74 -32.48
C GLN EC 40 54.28 116.32 -33.78
N LYS EC 41 54.28 115.02 -34.07
CA LYS EC 41 53.59 114.52 -35.25
C LYS EC 41 52.09 114.78 -35.16
N GLN EC 42 51.52 114.62 -33.96
CA GLN EC 42 50.10 114.92 -33.78
C GLN EC 42 49.81 116.40 -34.05
N ILE EC 43 50.66 117.29 -33.54
CA ILE EC 43 50.46 118.71 -33.75
C ILE EC 43 50.58 119.06 -35.23
N ASP EC 44 51.59 118.51 -35.90
CA ASP EC 44 51.78 118.80 -37.32
C ASP EC 44 50.60 118.30 -38.15
N CYS EC 45 50.12 117.08 -37.86
CA CYS EC 45 48.95 116.57 -38.55
C CYS EC 45 47.74 117.46 -38.31
N HIS EC 46 47.55 117.91 -37.07
CA HIS EC 46 46.41 118.76 -36.76
C HIS EC 46 46.49 120.07 -37.55
N GLN EC 47 47.68 120.67 -37.63
CA GLN EC 47 47.82 121.91 -38.38
C GLN EC 47 47.54 121.70 -39.87
N ARG EC 48 48.06 120.60 -40.43
CA ARG EC 48 47.83 120.34 -41.85
C ARG EC 48 46.35 120.10 -42.13
N LEU EC 49 45.67 119.34 -41.27
CA LEU EC 49 44.24 119.12 -41.46
C LEU EC 49 43.46 120.41 -41.26
N ILE EC 50 43.92 121.29 -40.37
CA ILE EC 50 43.28 122.59 -40.20
C ILE EC 50 43.38 123.40 -41.49
N GLN EC 51 44.55 123.37 -42.14
CA GLN EC 51 44.69 124.06 -43.42
C GLN EC 51 43.76 123.46 -44.48
N VAL EC 52 43.67 122.13 -44.52
CA VAL EC 52 42.81 121.48 -45.50
C VAL EC 52 41.35 121.87 -45.27
N PHE EC 53 40.90 121.82 -44.02
CA PHE EC 53 39.51 122.18 -43.75
C PHE EC 53 39.26 123.67 -43.95
N ALA EC 54 40.27 124.51 -43.73
CA ALA EC 54 40.13 125.93 -44.02
C ALA EC 54 39.92 126.16 -45.51
N LYS EC 55 40.62 125.38 -46.35
CA LYS EC 55 40.38 125.48 -47.78
C LYS EC 55 39.03 124.89 -48.18
N ILE EC 56 38.56 123.87 -47.47
CA ILE EC 56 37.32 123.19 -47.88
C ILE EC 56 36.07 123.93 -47.41
N ALA EC 57 36.11 124.57 -46.24
CA ALA EC 57 34.90 125.12 -45.63
C ALA EC 57 34.15 126.11 -46.52
N PRO EC 58 34.80 127.09 -47.16
CA PRO EC 58 34.04 127.97 -48.07
C PRO EC 58 33.40 127.22 -49.23
N ILE EC 59 34.05 126.15 -49.72
CA ILE EC 59 33.51 125.41 -50.85
C ILE EC 59 32.23 124.67 -50.46
N VAL EC 60 32.27 123.98 -49.32
CA VAL EC 60 31.21 123.05 -48.94
C VAL EC 60 30.25 123.71 -47.97
N VAL EC 61 30.78 124.18 -46.84
CA VAL EC 61 29.93 124.70 -45.77
C VAL EC 61 29.40 126.08 -46.17
N LYS EC 62 28.18 126.12 -46.66
CA LYS EC 62 27.54 127.37 -47.06
C LYS EC 62 26.04 127.14 -47.17
N VAL EC 63 25.30 128.23 -47.21
CA VAL EC 63 23.85 128.19 -47.26
C VAL EC 63 23.40 128.38 -48.71
N GLU EC 64 22.14 128.04 -48.97
CA GLU EC 64 21.53 128.19 -50.29
C GLU EC 64 22.30 127.45 -51.37
N ASP FC 2 10.62 115.64 -42.31
CA ASP FC 2 10.88 116.97 -42.84
C ASP FC 2 11.74 116.87 -44.10
N PRO FC 3 11.50 117.75 -45.07
CA PRO FC 3 12.28 117.68 -46.31
C PRO FC 3 13.78 117.76 -46.12
N VAL FC 4 14.25 118.44 -45.07
CA VAL FC 4 15.68 118.55 -44.83
C VAL FC 4 16.31 117.17 -44.68
N LEU FC 5 15.57 116.21 -44.11
CA LEU FC 5 16.08 114.84 -44.01
C LEU FC 5 16.44 114.29 -45.39
N GLY FC 6 15.58 114.54 -46.39
CA GLY FC 6 15.94 114.15 -47.74
C GLY FC 6 17.26 114.75 -48.17
N ASP FC 7 17.44 116.05 -47.89
CA ASP FC 7 18.72 116.70 -48.16
C ASP FC 7 19.85 115.94 -47.46
N VAL FC 8 19.63 115.59 -46.18
CA VAL FC 8 20.63 114.82 -45.45
C VAL FC 8 20.96 113.53 -46.21
N ILE FC 9 19.91 112.83 -46.68
CA ILE FC 9 20.13 111.61 -47.45
C ILE FC 9 21.04 111.91 -48.63
N ALA FC 10 20.73 112.99 -49.36
CA ALA FC 10 21.54 113.36 -50.51
C ALA FC 10 23.00 113.45 -50.12
N THR FC 11 23.29 114.13 -49.00
CA THR FC 11 24.67 114.29 -48.57
C THR FC 11 25.35 112.94 -48.48
N ARG FC 12 24.74 112.00 -47.76
CA ARG FC 12 25.33 110.68 -47.61
C ARG FC 12 25.64 110.10 -48.98
N ILE FC 13 24.65 110.11 -49.88
CA ILE FC 13 24.86 109.55 -51.20
C ILE FC 13 26.06 110.20 -51.87
N TYR FC 14 26.09 111.53 -51.85
CA TYR FC 14 27.21 112.24 -52.48
C TYR FC 14 28.52 111.75 -51.90
N LYS FC 15 28.61 111.71 -50.57
CA LYS FC 15 29.83 111.25 -49.93
C LYS FC 15 30.23 109.90 -50.47
N ALA FC 16 29.29 108.94 -50.45
CA ALA FC 16 29.60 107.60 -50.93
C ALA FC 16 30.09 107.66 -52.38
N CYS FC 17 29.35 108.38 -53.22
CA CYS FC 17 29.71 108.42 -54.63
C CYS FC 17 31.09 109.04 -54.82
N PHE FC 18 31.42 110.05 -54.00
CA PHE FC 18 32.73 110.66 -54.11
C PHE FC 18 33.81 109.62 -53.87
N LYS FC 19 33.64 108.80 -52.83
CA LYS FC 19 34.65 107.79 -52.53
C LYS FC 19 34.78 106.78 -53.67
N HIS FC 20 33.70 106.59 -54.45
CA HIS FC 20 33.77 105.62 -55.54
C HIS FC 20 34.47 106.19 -56.75
N VAL FC 21 34.58 107.52 -56.86
CA VAL FC 21 35.14 108.11 -58.07
C VAL FC 21 36.58 108.55 -57.83
N TYR FC 22 36.77 109.44 -56.86
CA TYR FC 22 38.08 109.99 -56.56
C TYR FC 22 38.71 109.38 -55.31
N GLY FC 23 38.15 108.28 -54.80
CA GLY FC 23 38.72 107.65 -53.62
C GLY FC 23 40.14 107.18 -53.84
N LYS FC 24 40.43 106.69 -55.05
CA LYS FC 24 41.76 106.20 -55.40
C LYS FC 24 42.49 107.12 -56.37
N ASN FC 25 41.86 107.49 -57.48
CA ASN FC 25 42.48 108.34 -58.49
C ASN FC 25 41.95 109.75 -58.33
N MET FC 26 42.79 110.67 -57.85
CA MET FC 26 42.41 112.07 -57.69
C MET FC 26 42.82 112.83 -58.95
N LYS FC 27 42.00 112.70 -59.99
CA LYS FC 27 42.24 113.35 -61.26
C LYS FC 27 41.38 114.62 -61.36
N ALA FC 28 41.42 115.26 -62.52
CA ALA FC 28 40.62 116.46 -62.75
C ALA FC 28 39.18 116.06 -63.07
N TYR FC 29 38.39 117.01 -63.54
CA TYR FC 29 36.98 116.79 -63.81
C TYR FC 29 36.70 116.88 -65.31
N SER FC 30 35.77 116.06 -65.78
CA SER FC 30 35.34 116.06 -67.17
C SER FC 30 33.96 115.41 -67.24
N GLU FC 31 33.44 115.28 -68.46
CA GLU FC 31 32.15 114.63 -68.63
C GLU FC 31 32.19 113.16 -68.24
N LYS FC 32 33.37 112.52 -68.36
CA LYS FC 32 33.50 111.14 -67.93
C LYS FC 32 33.23 110.99 -66.44
N ASP FC 33 33.75 111.93 -65.65
CA ASP FC 33 33.47 111.90 -64.21
C ASP FC 33 32.00 112.15 -63.92
N GLU FC 34 31.35 113.01 -64.72
CA GLU FC 34 29.92 113.22 -64.54
C GLU FC 34 29.12 111.95 -64.84
N ALA FC 35 29.50 111.23 -65.89
CA ALA FC 35 28.85 109.95 -66.20
C ALA FC 35 29.08 108.94 -65.08
N LYS FC 36 30.31 108.89 -64.54
CA LYS FC 36 30.59 107.98 -63.43
C LYS FC 36 29.77 108.35 -62.20
N PHE FC 37 29.60 109.65 -61.94
CA PHE FC 37 28.78 110.08 -60.82
C PHE FC 37 27.32 109.68 -61.00
N ASP FC 38 26.80 109.81 -62.23
CA ASP FC 38 25.43 109.38 -62.48
C ASP FC 38 25.28 107.88 -62.30
N GLN FC 39 26.27 107.12 -62.75
CA GLN FC 39 26.26 105.67 -62.55
C GLN FC 39 26.25 105.32 -61.07
N CYS FC 40 27.09 105.99 -60.29
CA CYS FC 40 27.15 105.74 -58.85
C CYS FC 40 25.83 106.11 -58.18
N LEU FC 41 25.22 107.22 -58.62
CA LEU FC 41 23.93 107.61 -58.07
C LEU FC 41 22.87 106.57 -58.34
N THR FC 42 22.81 106.05 -59.57
CA THR FC 42 21.82 105.03 -59.89
C THR FC 42 22.07 103.75 -59.09
N SER FC 43 23.34 103.35 -58.97
CA SER FC 43 23.65 102.15 -58.20
C SER FC 43 23.27 102.33 -56.73
N TYR FC 44 23.53 103.50 -56.17
CA TYR FC 44 23.18 103.76 -54.77
C TYR FC 44 21.67 103.78 -54.57
N VAL FC 45 20.93 104.35 -55.52
CA VAL FC 45 19.47 104.37 -55.40
C VAL FC 45 18.91 102.96 -55.46
N GLU FC 46 19.41 102.13 -56.39
CA GLU FC 46 18.94 100.76 -56.47
C GLU FC 46 19.32 99.97 -55.21
N SER FC 47 20.52 100.19 -54.69
CA SER FC 47 20.93 99.52 -53.46
C SER FC 47 20.07 99.95 -52.29
N TYR FC 48 19.73 101.23 -52.22
CA TYR FC 48 18.84 101.71 -51.17
C TYR FC 48 17.46 101.07 -51.28
N LYS FC 49 16.94 100.94 -52.50
CA LYS FC 49 15.65 100.27 -52.68
C LYS FC 49 15.71 98.83 -52.22
N SER FC 50 16.76 98.10 -52.61
CA SER FC 50 16.90 96.70 -52.22
C SER FC 50 17.03 96.55 -50.71
N VAL FC 51 17.86 97.39 -50.09
CA VAL FC 51 18.08 97.32 -48.64
C VAL FC 51 16.79 97.65 -47.90
N THR FC 52 16.07 98.68 -48.36
CA THR FC 52 14.80 99.02 -47.73
C THR FC 52 13.83 97.86 -47.83
N ASN FC 53 13.72 97.26 -49.02
CA ASN FC 53 12.80 96.14 -49.20
C ASN FC 53 13.12 95.00 -48.24
N HIS FC 54 14.39 94.59 -48.20
CA HIS FC 54 14.74 93.42 -47.38
C HIS FC 54 14.68 93.73 -45.89
N PHE FC 55 15.12 94.93 -45.49
CA PHE FC 55 15.05 95.34 -44.09
C PHE FC 55 13.61 95.34 -43.60
N ILE FC 56 12.72 96.02 -44.34
CA ILE FC 56 11.32 96.10 -43.92
C ILE FC 56 10.67 94.73 -43.96
N THR FC 57 10.97 93.93 -44.99
CA THR FC 57 10.38 92.59 -45.07
C THR FC 57 10.77 91.75 -43.86
N TYR FC 58 12.06 91.74 -43.51
CA TYR FC 58 12.50 90.93 -42.40
C TYR FC 58 11.90 91.42 -41.08
N LEU FC 59 11.88 92.74 -40.86
CA LEU FC 59 11.34 93.23 -39.60
C LEU FC 59 9.83 93.18 -39.53
N GLY FC 60 9.14 93.00 -40.66
CA GLY FC 60 7.71 92.87 -40.63
C GLY FC 60 7.24 91.43 -40.61
N GLN FC 61 8.09 90.51 -41.03
CA GLN FC 61 7.76 89.09 -40.96
C GLN FC 61 8.01 88.49 -39.58
N LEU FC 62 8.65 89.21 -38.68
CA LEU FC 62 8.83 88.72 -37.32
C LEU FC 62 7.49 88.74 -36.60
N PRO FC 63 7.04 87.61 -36.04
CA PRO FC 63 5.75 87.60 -35.34
C PRO FC 63 5.78 88.51 -34.12
N LYS FC 64 4.64 89.14 -33.85
CA LYS FC 64 4.51 90.06 -32.72
C LYS FC 64 3.29 89.81 -31.86
N LYS FC 65 2.30 89.07 -32.34
CA LYS FC 65 1.14 88.68 -31.53
C LYS FC 65 0.52 87.45 -32.19
N GLY FC 66 -0.65 87.04 -31.68
CA GLY FC 66 -1.30 85.88 -32.25
C GLY FC 66 -1.74 86.13 -33.68
N LEU FC 67 -1.64 85.09 -34.50
CA LEU FC 67 -2.05 85.21 -35.90
C LEU FC 67 -3.56 85.32 -35.98
N SER FC 68 -4.04 86.29 -36.75
CA SER FC 68 -5.47 86.58 -36.83
C SER FC 68 -6.13 85.84 -38.00
N LEU FC 69 -5.70 86.13 -39.22
CA LEU FC 69 -6.26 85.53 -40.43
C LEU FC 69 -7.78 85.64 -40.44
N ASP FC 70 -8.28 86.85 -40.25
CA ASP FC 70 -9.71 87.12 -40.15
C ASP FC 70 -10.46 86.63 -41.39
N GLY GC 1 -58.68 123.21 91.92
CA GLY GC 1 -57.32 123.71 91.73
C GLY GC 1 -57.13 124.43 90.41
N ASN GC 2 -55.95 125.04 90.25
CA ASN GC 2 -55.63 125.74 89.01
C ASN GC 2 -55.49 124.75 87.87
N LEU GC 3 -55.79 125.22 86.65
CA LEU GC 3 -55.69 124.32 85.52
C LEU GC 3 -54.31 124.46 84.91
N TYR GC 4 -53.83 123.39 84.29
CA TYR GC 4 -52.58 123.46 83.53
C TYR GC 4 -52.80 122.75 82.22
N THR GC 5 -52.42 123.38 81.12
CA THR GC 5 -52.67 122.82 79.81
C THR GC 5 -51.40 122.90 78.96
N TRP GC 6 -51.22 121.88 78.12
CA TRP GC 6 -50.14 121.86 77.15
C TRP GC 6 -50.57 120.94 76.01
N GLY GC 7 -49.75 120.88 74.97
CA GLY GC 7 -50.04 119.99 73.88
C GLY GC 7 -49.35 120.42 72.60
N GLN GC 8 -49.58 119.63 71.56
CA GLN GC 8 -48.94 119.88 70.27
C GLN GC 8 -49.48 121.15 69.62
N TYR GC 9 -50.78 121.39 69.73
CA TYR GC 9 -51.43 122.54 69.12
C TYR GC 9 -52.14 123.36 70.20
N ALA GC 10 -52.74 124.48 69.77
CA ALA GC 10 -53.33 125.44 70.69
C ALA GC 10 -54.84 125.58 70.50
N SER GC 11 -55.51 124.55 70.00
CA SER GC 11 -56.95 124.66 69.77
C SER GC 11 -57.72 124.64 71.09
N GLY GC 12 -57.64 123.52 71.82
CA GLY GC 12 -58.41 123.38 73.03
C GLY GC 12 -57.63 123.64 74.30
N THR GC 13 -56.50 124.34 74.19
CA THR GC 13 -55.63 124.59 75.33
C THR GC 13 -56.02 125.81 76.14
N GLY GC 14 -57.01 126.57 75.71
CA GLY GC 14 -57.37 127.80 76.39
C GLY GC 14 -56.51 129.00 76.06
N PHE GC 15 -55.51 128.84 75.21
CA PHE GC 15 -54.63 129.91 74.76
C PHE GC 15 -54.73 130.04 73.25
N GLU GC 16 -53.89 130.93 72.69
CA GLU GC 16 -53.85 131.15 71.26
C GLU GC 16 -52.61 130.58 70.60
N THR GC 17 -51.52 130.40 71.33
CA THR GC 17 -50.28 129.83 70.81
C THR GC 17 -49.94 128.57 71.58
N ALA GC 18 -49.48 127.55 70.86
CA ALA GC 18 -49.20 126.26 71.45
C ALA GC 18 -47.92 126.31 72.28
N SER GC 19 -47.83 125.40 73.25
CA SER GC 19 -46.65 125.28 74.10
C SER GC 19 -46.53 123.84 74.57
N ALA GC 20 -45.32 123.29 74.49
CA ALA GC 20 -45.08 121.96 75.01
C ALA GC 20 -45.02 121.97 76.54
N VAL GC 21 -44.36 122.97 77.11
CA VAL GC 21 -44.27 123.10 78.57
C VAL GC 21 -45.67 123.39 79.12
N PRO GC 22 -46.05 122.84 80.27
CA PRO GC 22 -47.36 123.16 80.84
C PRO GC 22 -47.49 124.66 81.12
N ARG GC 23 -48.66 125.20 80.78
CA ARG GC 23 -48.98 126.59 81.06
C ARG GC 23 -50.21 126.66 81.95
N LYS GC 24 -50.15 127.53 82.95
CA LYS GC 24 -51.19 127.61 83.96
C LYS GC 24 -52.38 128.38 83.41
N VAL GC 25 -53.50 127.67 83.21
CA VAL GC 25 -54.79 128.32 83.00
C VAL GC 25 -55.25 128.82 84.37
N ASP GC 26 -55.33 130.15 84.49
CA ASP GC 26 -55.70 130.85 85.70
C ASP GC 26 -56.95 131.71 85.51
N TYR GC 27 -57.60 131.60 84.35
CA TYR GC 27 -58.94 132.19 84.20
C TYR GC 27 -59.87 131.65 85.28
N PHE GC 28 -59.63 130.43 85.75
CA PHE GC 28 -60.27 129.88 86.92
C PHE GC 28 -59.34 130.05 88.11
N SER GC 29 -59.86 130.61 89.19
CA SER GC 29 -59.05 130.90 90.38
C SER GC 29 -59.08 129.69 91.32
N GLY GC 30 -58.46 128.60 90.86
CA GLY GC 30 -58.37 127.40 91.66
C GLY GC 30 -59.70 126.74 91.93
N ASN GC 31 -60.72 126.99 91.11
CA ASN GC 31 -62.04 126.43 91.29
C ASN GC 31 -62.37 125.32 90.31
N VAL GC 32 -61.39 124.86 89.53
CA VAL GC 32 -61.63 123.81 88.54
C VAL GC 32 -61.92 122.50 89.26
N SER GC 33 -63.02 121.85 88.90
CA SER GC 33 -63.40 120.56 89.45
C SER GC 33 -63.20 119.42 88.47
N LYS GC 34 -63.67 119.58 87.24
CA LYS GC 34 -63.52 118.55 86.22
C LYS GC 34 -63.12 119.18 84.90
N VAL GC 35 -62.37 118.42 84.10
CA VAL GC 35 -61.95 118.85 82.78
C VAL GC 35 -62.13 117.67 81.82
N ALA GC 36 -62.69 117.94 80.65
CA ALA GC 36 -62.81 116.95 79.58
C ALA GC 36 -62.28 117.58 78.31
N MET GC 37 -61.21 117.01 77.76
CA MET GC 37 -60.57 117.53 76.57
C MET GC 37 -60.84 116.58 75.39
N GLY GC 38 -61.43 117.12 74.33
CA GLY GC 38 -61.55 116.41 73.09
C GLY GC 38 -60.34 116.67 72.23
N PRO GC 39 -60.38 116.22 70.98
CA PRO GC 39 -59.26 116.51 70.07
C PRO GC 39 -59.00 117.99 69.87
N TYR GC 40 -60.07 118.81 69.82
CA TYR GC 40 -59.92 120.21 69.43
C TYR GC 40 -60.63 121.19 70.35
N HIS GC 41 -61.37 120.73 71.35
CA HIS GC 41 -61.99 121.65 72.28
C HIS GC 41 -62.10 121.01 73.65
N THR GC 42 -62.28 121.86 74.66
CA THR GC 42 -62.24 121.46 76.06
C THR GC 42 -63.45 122.02 76.80
N ALA GC 43 -63.95 121.26 77.76
CA ALA GC 43 -65.04 121.70 78.63
C ALA GC 43 -64.63 121.51 80.08
N VAL GC 44 -64.77 122.56 80.88
CA VAL GC 44 -64.32 122.59 82.26
C VAL GC 44 -65.51 122.90 83.16
N ILE GC 45 -65.68 122.11 84.21
CA ILE GC 45 -66.71 122.31 85.21
C ILE GC 45 -66.05 122.75 86.49
N THR GC 46 -66.53 123.87 87.06
CA THR GC 46 -65.94 124.45 88.25
C THR GC 46 -66.67 123.91 89.50
N ASN GC 47 -66.31 124.46 90.67
CA ASN GC 47 -66.91 123.99 91.92
C ASN GC 47 -68.39 124.29 92.00
N ASP GC 48 -68.84 125.38 91.37
CA ASP GC 48 -70.22 125.80 91.45
C ASP GC 48 -71.08 125.24 90.32
N GLY GC 49 -70.57 124.26 89.58
CA GLY GC 49 -71.33 123.62 88.53
C GLY GC 49 -71.39 124.36 87.21
N SER GC 50 -70.70 125.50 87.10
CA SER GC 50 -70.68 126.23 85.84
C SER GC 50 -69.84 125.50 84.81
N LEU GC 51 -70.25 125.60 83.55
CA LEU GC 51 -69.59 124.93 82.44
C LEU GC 51 -68.95 125.96 81.52
N TYR GC 52 -67.66 125.77 81.25
CA TYR GC 52 -66.89 126.66 80.37
C TYR GC 52 -66.31 125.83 79.24
N THR GC 53 -66.74 126.12 78.01
CA THR GC 53 -66.23 125.43 76.84
C THR GC 53 -65.36 126.38 76.03
N PHE GC 54 -64.26 125.86 75.49
CA PHE GC 54 -63.40 126.67 74.64
C PHE GC 54 -62.72 125.76 73.62
N GLY GC 55 -62.14 126.39 72.60
CA GLY GC 55 -61.46 125.67 71.54
C GLY GC 55 -62.13 125.89 70.20
N TRP GC 56 -62.04 124.87 69.34
CA TRP GC 56 -62.64 124.93 68.02
C TRP GC 56 -64.13 124.63 68.13
N GLY GC 57 -64.96 125.58 67.71
CA GLY GC 57 -66.40 125.42 67.83
C GLY GC 57 -67.06 124.90 66.57
N GLN GC 58 -66.40 123.98 65.88
CA GLN GC 58 -66.92 123.47 64.61
C GLN GC 58 -68.23 122.72 64.83
N ASN GC 59 -69.10 122.81 63.82
CA ASN GC 59 -70.37 122.09 63.79
C ASN GC 59 -71.22 122.40 65.01
N GLY GC 60 -71.18 123.65 65.45
CA GLY GC 60 -72.03 124.08 66.54
C GLY GC 60 -71.63 123.61 67.91
N ALA GC 61 -70.38 123.19 68.10
CA ALA GC 61 -69.91 122.81 69.41
C ALA GC 61 -69.73 124.04 70.28
N LEU GC 62 -69.21 123.82 71.50
CA LEU GC 62 -68.91 124.88 72.47
C LEU GC 62 -70.18 125.52 73.02
N GLY GC 63 -71.34 125.11 72.51
CA GLY GC 63 -72.60 125.62 73.02
C GLY GC 63 -72.76 127.12 72.91
N ASN GC 64 -72.31 127.71 71.81
CA ASN GC 64 -72.43 129.15 71.60
C ASN GC 64 -73.18 129.52 70.34
N GLY GC 65 -73.65 128.54 69.57
CA GLY GC 65 -74.42 128.82 68.38
C GLY GC 65 -73.62 129.29 67.18
N ALA GC 66 -72.32 129.04 67.16
CA ALA GC 66 -71.45 129.45 66.06
C ALA GC 66 -70.63 128.26 65.59
N LYS GC 67 -69.81 128.49 64.58
CA LYS GC 67 -68.91 127.49 64.01
C LYS GC 67 -67.52 128.07 63.80
N GLU GC 68 -67.01 128.78 64.81
CA GLU GC 68 -65.73 129.46 64.70
C GLU GC 68 -64.88 129.13 65.92
N PHE GC 69 -63.61 129.52 65.84
CA PHE GC 69 -62.69 129.30 66.94
C PHE GC 69 -62.99 130.22 68.12
N GLN GC 70 -63.02 129.66 69.31
CA GLN GC 70 -63.10 130.41 70.56
C GLN GC 70 -62.00 129.88 71.45
N LEU GC 71 -60.78 130.42 71.28
CA LEU GC 71 -59.63 129.88 71.99
C LEU GC 71 -59.66 130.23 73.47
N SER GC 72 -60.10 131.44 73.80
CA SER GC 72 -60.19 131.83 75.20
C SER GC 72 -61.36 131.11 75.88
N PRO GC 73 -61.20 130.76 77.16
CA PRO GC 73 -62.31 130.14 77.89
C PRO GC 73 -63.51 131.07 77.96
N SER GC 74 -64.70 130.47 77.88
CA SER GC 74 -65.95 131.23 77.89
C SER GC 74 -67.05 130.36 78.46
N PRO GC 75 -67.90 130.89 79.33
CA PRO GC 75 -68.97 130.08 79.92
C PRO GC 75 -70.03 129.72 78.90
N VAL GC 76 -70.71 128.60 79.16
CA VAL GC 76 -71.83 128.19 78.32
C VAL GC 76 -73.08 128.90 78.82
N SER GC 77 -73.69 129.72 77.95
CA SER GC 77 -74.80 130.55 78.36
C SER GC 77 -76.06 129.74 78.66
N PHE GC 78 -76.19 128.54 78.09
CA PHE GC 78 -77.40 127.74 78.31
C PHE GC 78 -77.55 127.34 79.77
N PHE GC 79 -76.46 126.92 80.40
CA PHE GC 79 -76.53 126.43 81.78
C PHE GC 79 -76.32 127.54 82.80
N ASN GC 80 -75.43 128.50 82.51
CA ASN GC 80 -75.17 129.57 83.46
C ASN GC 80 -76.35 130.52 83.59
N ASP GC 81 -77.10 130.76 82.52
CA ASP GC 81 -78.26 131.64 82.60
C ASP GC 81 -79.33 131.06 83.52
N LYS GC 82 -79.61 129.77 83.40
CA LYS GC 82 -80.61 129.11 84.24
C LYS GC 82 -80.04 128.64 85.57
N LYS GC 83 -78.74 128.86 85.81
CA LYS GC 83 -78.07 128.40 87.02
C LYS GC 83 -78.27 126.89 87.21
N LEU GC 84 -78.18 126.15 86.10
CA LEU GC 84 -78.31 124.70 86.12
C LEU GC 84 -76.93 124.10 86.31
N LYS GC 85 -76.65 123.59 87.50
CA LYS GC 85 -75.33 123.06 87.80
C LYS GC 85 -75.11 121.75 87.05
N VAL GC 86 -73.94 121.63 86.44
CA VAL GC 86 -73.58 120.47 85.62
C VAL GC 86 -72.68 119.56 86.45
N LYS GC 87 -73.01 118.27 86.49
CA LYS GC 87 -72.26 117.31 87.29
C LYS GC 87 -71.04 116.76 86.55
N ASP GC 88 -71.20 116.43 85.27
CA ASP GC 88 -70.10 115.84 84.52
C ASP GC 88 -70.22 116.23 83.05
N VAL GC 89 -69.13 116.02 82.30
CA VAL GC 89 -69.08 116.42 80.91
C VAL GC 89 -68.25 115.41 80.13
N VAL GC 90 -68.68 115.15 78.89
CA VAL GC 90 -67.96 114.28 77.96
C VAL GC 90 -67.76 115.06 76.67
N VAL GC 91 -66.51 115.11 76.20
CA VAL GC 91 -66.15 115.89 75.02
C VAL GC 91 -65.59 114.95 73.96
N GLY GC 92 -66.13 115.03 72.74
CA GLY GC 92 -65.64 114.25 71.63
C GLY GC 92 -65.37 115.12 70.43
N GLU GC 93 -64.83 114.49 69.39
CA GLU GC 93 -64.20 115.18 68.27
C GLU GC 93 -64.91 116.47 67.87
N SER GC 94 -66.24 116.43 67.76
CA SER GC 94 -66.99 117.65 67.45
C SER GC 94 -68.29 117.71 68.23
N TYR GC 95 -68.34 117.17 69.44
CA TYR GC 95 -69.57 117.18 70.21
C TYR GC 95 -69.25 117.35 71.69
N THR GC 96 -70.26 117.78 72.44
CA THR GC 96 -70.17 117.87 73.89
C THR GC 96 -71.46 117.36 74.51
N ILE GC 97 -71.34 116.66 75.62
CA ILE GC 97 -72.46 116.13 76.38
C ILE GC 97 -72.28 116.55 77.84
N ALA GC 98 -73.35 117.05 78.45
CA ALA GC 98 -73.31 117.52 79.83
C ALA GC 98 -74.37 116.78 80.64
N VAL GC 99 -73.94 116.19 81.76
CA VAL GC 99 -74.84 115.53 82.70
C VAL GC 99 -74.99 116.48 83.88
N THR GC 100 -76.21 116.99 84.08
CA THR GC 100 -76.51 117.89 85.17
C THR GC 100 -76.81 117.11 86.44
N GLU GC 101 -76.96 117.85 87.54
CA GLU GC 101 -77.14 117.21 88.84
C GLU GC 101 -78.55 116.63 89.02
N ASN GC 102 -79.52 117.07 88.22
CA ASN GC 102 -80.86 116.51 88.33
C ASN GC 102 -81.03 115.23 87.53
N GLY GC 103 -80.00 114.78 86.82
CA GLY GC 103 -80.07 113.57 86.02
C GLY GC 103 -80.29 113.79 84.54
N GLU GC 104 -80.64 115.01 84.13
CA GLU GC 104 -80.84 115.30 82.72
C GLU GC 104 -79.52 115.29 81.97
N VAL GC 105 -79.57 114.89 80.70
CA VAL GC 105 -78.40 114.82 79.85
C VAL GC 105 -78.64 115.69 78.62
N TYR GC 106 -77.73 116.63 78.38
CA TYR GC 106 -77.79 117.54 77.24
C TYR GC 106 -76.64 117.24 76.29
N SER GC 107 -76.83 117.54 75.02
CA SER GC 107 -75.80 117.36 74.01
C SER GC 107 -75.86 118.51 73.02
N TRP GC 108 -74.73 118.76 72.37
CA TRP GC 108 -74.65 119.77 71.33
C TRP GC 108 -73.37 119.59 70.52
N GLY GC 109 -73.48 119.71 69.21
CA GLY GC 109 -72.33 119.62 68.33
C GLY GC 109 -72.72 118.94 67.02
N TYR GC 110 -71.73 118.29 66.43
CA TYR GC 110 -71.92 117.58 65.16
C TYR GC 110 -72.85 116.39 65.36
N GLY GC 111 -73.72 116.15 64.38
CA GLY GC 111 -74.70 115.09 64.49
C GLY GC 111 -74.79 114.19 63.28
N GLY GC 112 -73.97 114.44 62.26
CA GLY GC 112 -73.96 113.64 61.06
C GLY GC 112 -74.56 114.31 59.83
N GLU GC 113 -74.94 115.57 59.92
CA GLU GC 113 -75.50 116.27 58.77
C GLU GC 113 -74.45 116.41 57.68
N PRO GC 114 -74.80 116.13 56.42
CA PRO GC 114 -73.82 116.28 55.33
C PRO GC 114 -73.32 117.71 55.23
N SER GC 115 -72.04 117.86 54.92
CA SER GC 115 -71.43 119.19 54.87
C SER GC 115 -72.05 120.05 53.76
N SER GC 116 -72.27 119.46 52.59
CA SER GC 116 -72.78 120.21 51.45
C SER GC 116 -73.77 119.35 50.68
N LYS GC 117 -74.56 120.02 49.83
CA LYS GC 117 -75.53 119.33 49.00
C LYS GC 117 -74.88 118.56 47.85
N ILE GC 118 -73.65 118.91 47.48
CA ILE GC 118 -72.93 118.24 46.41
C ILE GC 118 -71.90 117.33 47.07
N ASN GC 119 -72.18 116.04 47.11
CA ASN GC 119 -71.28 115.07 47.73
C ASN GC 119 -71.55 113.69 47.15
N LEU GC 120 -70.59 112.80 47.33
CA LEU GC 120 -70.71 111.42 46.85
C LEU GC 120 -71.39 110.53 47.87
N ASP GC 121 -72.57 110.94 48.34
CA ASP GC 121 -73.34 110.14 49.28
C ASP GC 121 -74.01 108.95 48.62
N PHE GC 122 -74.21 109.00 47.30
CA PHE GC 122 -74.79 107.86 46.59
C PHE GC 122 -73.92 106.62 46.75
N PHE GC 123 -72.68 106.70 46.26
CA PHE GC 123 -71.76 105.56 46.34
C PHE GC 123 -71.43 105.23 47.80
N ARG GC 124 -71.21 106.26 48.62
CA ARG GC 124 -70.83 106.00 50.01
C ARG GC 124 -71.92 105.25 50.75
N ASN GC 125 -73.17 105.71 50.62
CA ASN GC 125 -74.28 105.00 51.26
C ASN GC 125 -74.52 103.64 50.61
N ALA GC 126 -74.13 103.47 49.35
CA ALA GC 126 -74.12 102.14 48.77
C ALA GC 126 -73.06 101.25 49.40
N ILE GC 127 -72.00 101.83 49.96
CA ILE GC 127 -70.88 101.08 50.54
C ILE GC 127 -70.93 101.14 52.08
N LEU GC 128 -70.82 102.33 52.65
CA LEU GC 128 -70.69 102.53 54.09
C LEU GC 128 -72.02 102.88 54.73
N PRO GC 129 -72.15 102.68 56.05
CA PRO GC 129 -73.39 103.06 56.72
C PRO GC 129 -73.56 104.57 56.77
N GLN GC 130 -74.77 104.98 57.11
CA GLN GC 130 -75.09 106.40 57.21
C GLN GC 130 -74.33 107.03 58.37
N ARG GC 131 -73.82 108.24 58.16
CA ARG GC 131 -73.05 108.92 59.17
C ARG GC 131 -73.93 109.38 60.34
N CYS GC 132 -73.34 109.36 61.53
CA CYS GC 132 -74.07 109.75 62.74
C CYS GC 132 -73.08 110.31 63.75
N GLY GC 133 -73.61 111.09 64.70
CA GLY GC 133 -72.82 111.66 65.77
C GLY GC 133 -73.31 111.19 67.13
N ALA GC 134 -72.64 111.69 68.15
CA ALA GC 134 -72.92 111.27 69.52
C ALA GC 134 -74.13 111.98 70.12
N LEU GC 135 -74.96 112.60 69.31
CA LEU GC 135 -76.19 113.19 69.80
C LEU GC 135 -77.29 112.13 69.90
N GLY GC 136 -78.15 112.29 70.89
CA GLY GC 136 -79.27 111.39 71.07
C GLY GC 136 -80.54 111.94 70.46
N SER GC 137 -80.36 112.87 69.51
CA SER GC 137 -81.51 113.56 68.92
C SER GC 137 -82.43 112.61 68.18
N GLY GC 138 -81.86 111.65 67.44
CA GLY GC 138 -82.64 110.79 66.58
C GLY GC 138 -82.57 111.14 65.12
N ASP GC 139 -81.77 112.14 64.75
CA ASP GC 139 -81.58 112.51 63.35
C ASP GC 139 -80.19 113.11 63.19
N ASN GC 140 -79.70 113.10 61.96
CA ASN GC 140 -78.36 113.62 61.65
C ASN GC 140 -78.46 115.13 61.43
N LYS GC 141 -78.67 115.85 62.53
CA LYS GC 141 -78.78 117.31 62.49
C LYS GC 141 -77.89 117.90 63.58
N ASN GC 142 -77.08 118.88 63.20
CA ASN GC 142 -76.17 119.51 64.15
C ASN GC 142 -76.96 120.32 65.18
N ARG GC 143 -76.45 120.32 66.41
CA ARG GC 143 -77.04 121.09 67.51
C ARG GC 143 -76.07 122.21 67.86
N LEU GC 144 -76.38 123.43 67.41
CA LEU GC 144 -75.52 124.57 67.70
C LEU GC 144 -75.59 125.01 69.14
N THR GC 145 -76.69 124.71 69.83
CA THR GC 145 -76.89 125.07 71.22
C THR GC 145 -77.26 123.84 72.02
N PRO GC 146 -76.95 123.81 73.32
CA PRO GC 146 -77.25 122.61 74.12
C PRO GC 146 -78.73 122.25 74.05
N GLN GC 147 -79.00 120.95 73.91
CA GLN GC 147 -80.36 120.46 73.84
C GLN GC 147 -80.44 119.11 74.54
N GLN GC 148 -81.50 118.91 75.30
CA GLN GC 148 -81.62 117.72 76.13
C GLN GC 148 -81.79 116.46 75.29
N ILE GC 149 -81.13 115.39 75.70
CA ILE GC 149 -81.31 114.08 75.07
C ILE GC 149 -82.60 113.47 75.63
N ALA GC 150 -83.57 113.23 74.75
CA ALA GC 150 -84.88 112.77 75.18
C ALA GC 150 -84.81 111.34 75.70
N ASN GC 151 -85.54 111.09 76.80
CA ASN GC 151 -85.68 109.75 77.38
C ASN GC 151 -84.32 109.16 77.74
N LEU GC 152 -83.51 109.95 78.45
CA LEU GC 152 -82.24 109.48 78.97
C LEU GC 152 -81.98 110.15 80.32
N LYS GC 153 -81.95 109.36 81.38
CA LYS GC 153 -81.66 109.86 82.72
C LYS GC 153 -80.37 109.23 83.22
N ALA GC 154 -79.44 110.07 83.68
CA ALA GC 154 -78.17 109.62 84.23
C ALA GC 154 -78.07 110.13 85.66
N ASP GC 155 -78.63 109.36 86.58
CA ASP GC 155 -78.57 109.66 88.01
C ASP GC 155 -78.06 108.41 88.73
N GLY GC 156 -76.98 108.57 89.48
CA GLY GC 156 -76.34 107.41 90.09
C GLY GC 156 -75.55 106.56 89.14
N TYR GC 157 -75.34 107.01 87.91
CA TYR GC 157 -74.63 106.23 86.91
C TYR GC 157 -73.20 105.97 87.35
N LYS GC 158 -72.68 104.79 87.01
CA LYS GC 158 -71.29 104.48 87.30
C LYS GC 158 -70.36 105.36 86.49
N ASN GC 159 -70.62 105.52 85.20
CA ASN GC 159 -69.67 106.19 84.33
C ASN GC 159 -70.37 106.70 83.09
N ILE GC 160 -69.75 107.67 82.43
CA ILE GC 160 -70.17 108.11 81.10
C ILE GC 160 -68.93 108.52 80.33
N SER GC 161 -68.83 108.06 79.09
CA SER GC 161 -67.64 108.37 78.29
C SER GC 161 -67.98 108.24 76.82
N GLY GC 162 -67.25 108.98 75.98
CA GLY GC 162 -67.52 108.99 74.57
C GLY GC 162 -66.23 109.09 73.76
N GLY GC 163 -66.31 108.56 72.55
CA GLY GC 163 -65.23 108.61 71.59
C GLY GC 163 -65.39 109.76 70.63
N ASP GC 164 -64.88 109.57 69.41
CA ASP GC 164 -64.94 110.65 68.43
C ASP GC 164 -66.36 110.90 67.95
N ASN GC 165 -67.13 109.84 67.73
CA ASN GC 165 -68.50 109.99 67.24
C ASN GC 165 -69.47 109.02 67.90
N PHE GC 166 -69.25 108.70 69.17
CA PHE GC 166 -70.16 107.82 69.90
C PHE GC 166 -70.05 108.11 71.38
N ALA GC 167 -71.09 107.71 72.12
CA ALA GC 167 -71.15 107.93 73.56
C ALA GC 167 -71.77 106.72 74.25
N THR GC 168 -71.42 106.55 75.52
CA THR GC 168 -71.78 105.38 76.31
C THR GC 168 -72.01 105.81 77.74
N LEU GC 169 -73.07 105.26 78.35
CA LEU GC 169 -73.43 105.54 79.73
C LEU GC 169 -73.58 104.21 80.46
N VAL GC 170 -72.81 104.01 81.52
CA VAL GC 170 -72.89 102.82 82.36
C VAL GC 170 -73.59 103.22 83.65
N ASN GC 171 -74.78 102.65 83.87
CA ASN GC 171 -75.63 102.99 84.99
C ASN GC 171 -75.16 102.27 86.25
N GLN GC 172 -75.90 102.49 87.35
CA GLN GC 172 -75.57 101.86 88.62
C GLN GC 172 -75.84 100.36 88.63
N SER GC 173 -76.77 99.90 87.79
CA SER GC 173 -77.14 98.49 87.73
C SER GC 173 -76.30 97.71 86.73
N GLY GC 174 -75.26 98.32 86.17
CA GLY GC 174 -74.45 97.66 85.17
C GLY GC 174 -75.01 97.73 83.76
N GLU GC 175 -76.15 98.39 83.56
CA GLU GC 175 -76.72 98.52 82.23
C GLU GC 175 -75.91 99.53 81.40
N VAL GC 176 -75.63 99.17 80.16
CA VAL GC 176 -74.85 100.00 79.25
C VAL GC 176 -75.79 100.54 78.18
N ILE GC 177 -75.84 101.86 78.05
CA ILE GC 177 -76.65 102.54 77.05
C ILE GC 177 -75.71 103.25 76.08
N ASN GC 178 -75.79 102.90 74.81
CA ASN GC 178 -74.90 103.44 73.80
C ASN GC 178 -75.69 104.23 72.77
N TRP GC 179 -75.03 105.23 72.17
CA TRP GC 179 -75.58 105.90 71.01
C TRP GC 179 -74.45 106.48 70.19
N GLY GC 180 -74.75 106.79 68.94
CA GLY GC 180 -73.76 107.32 68.02
C GLY GC 180 -73.38 106.32 66.95
N THR GC 181 -72.18 106.49 66.42
CA THR GC 181 -71.68 105.64 65.35
C THR GC 181 -71.14 104.35 65.93
N GLY GC 182 -71.76 103.22 65.56
CA GLY GC 182 -71.33 101.91 65.98
C GLY GC 182 -70.53 101.14 64.95
N LEU GC 183 -70.05 101.80 63.90
CA LEU GC 183 -69.31 101.12 62.85
C LEU GC 183 -68.00 100.57 63.38
N PHE GC 184 -67.61 99.40 62.87
CA PHE GC 184 -66.38 98.71 63.26
C PHE GC 184 -66.36 98.39 64.75
N GLY GC 185 -67.53 98.10 65.31
CA GLY GC 185 -67.63 97.64 66.69
C GLY GC 185 -67.16 98.64 67.72
N SER GC 186 -67.36 99.93 67.47
CA SER GC 186 -66.96 100.93 68.46
C SER GC 186 -67.83 100.84 69.71
N LEU GC 187 -69.12 100.57 69.55
CA LEU GC 187 -70.02 100.47 70.70
C LEU GC 187 -69.98 99.09 71.35
N GLY GC 188 -69.43 98.09 70.67
CA GLY GC 188 -69.39 96.76 71.23
C GLY GC 188 -70.71 96.03 71.27
N ASN GC 189 -71.72 96.53 70.56
CA ASN GC 189 -73.04 95.92 70.56
C ASN GC 189 -73.24 94.90 69.45
N GLY GC 190 -72.23 94.66 68.62
CA GLY GC 190 -72.34 93.67 67.57
C GLY GC 190 -72.98 94.12 66.29
N SER GC 191 -73.23 95.42 66.13
CA SER GC 191 -73.82 95.94 64.91
C SER GC 191 -73.02 97.14 64.43
N ASP GC 192 -72.96 97.31 63.11
CA ASP GC 192 -72.30 98.45 62.49
C ASP GC 192 -73.26 99.58 62.15
N TYR GC 193 -74.55 99.41 62.42
CA TYR GC 193 -75.51 100.45 62.10
C TYR GC 193 -75.46 101.56 63.15
N PRO GC 194 -75.72 102.80 62.74
CA PRO GC 194 -75.71 103.91 63.71
C PRO GC 194 -76.90 103.84 64.65
N LEU GC 195 -76.72 104.39 65.84
CA LEU GC 195 -77.77 104.49 66.85
C LEU GC 195 -78.07 105.97 67.06
N PHE GC 196 -79.05 106.48 66.32
CA PHE GC 196 -79.43 107.88 66.47
C PHE GC 196 -79.99 108.16 67.86
N THR GC 197 -80.80 107.25 68.39
CA THR GC 197 -81.30 107.36 69.74
C THR GC 197 -80.57 106.39 70.66
N PRO GC 198 -80.41 106.75 71.94
CA PRO GC 198 -79.72 105.84 72.87
C PRO GC 198 -80.46 104.51 72.99
N GLU GC 199 -79.69 103.42 73.04
CA GLU GC 199 -80.26 102.09 73.13
C GLU GC 199 -79.44 101.26 74.11
N VAL GC 200 -80.12 100.32 74.77
CA VAL GC 200 -79.45 99.45 75.73
C VAL GC 200 -78.56 98.47 75.00
N ASN GC 201 -77.32 98.34 75.45
CA ASN GC 201 -76.38 97.42 74.81
C ASN GC 201 -76.78 95.99 75.09
N ALA GC 202 -77.03 95.22 74.04
CA ALA GC 202 -77.51 93.86 74.20
C ALA GC 202 -76.42 92.90 74.64
N TYR GC 203 -75.17 93.13 74.22
CA TYR GC 203 -74.10 92.17 74.52
C TYR GC 203 -73.78 92.18 76.02
N PHE GC 204 -73.66 93.35 76.62
CA PHE GC 204 -73.36 93.40 78.05
C PHE GC 204 -74.54 92.93 78.88
N LYS GC 205 -75.76 93.19 78.41
CA LYS GC 205 -76.94 92.62 79.07
C LYS GC 205 -76.90 91.10 79.04
N HIS GC 206 -76.53 90.53 77.89
CA HIS GC 206 -76.38 89.08 77.79
C HIS GC 206 -75.31 88.56 78.74
N LEU GC 207 -74.18 89.27 78.82
CA LEU GC 207 -73.12 88.86 79.73
C LEU GC 207 -73.59 88.87 81.19
N LYS GC 208 -74.31 89.92 81.58
CA LYS GC 208 -74.79 89.99 82.96
C LYS GC 208 -75.85 88.93 83.24
N GLU GC 209 -76.68 88.60 82.25
CA GLU GC 209 -77.68 87.56 82.46
C GLU GC 209 -77.03 86.19 82.57
N HIS GC 210 -76.32 85.76 81.53
CA HIS GC 210 -75.79 84.40 81.51
C HIS GC 210 -74.50 84.29 82.32
N GLU GC 211 -73.46 85.03 81.91
CA GLU GC 211 -72.17 84.92 82.58
C GLU GC 211 -72.13 85.65 83.92
N GLY GC 212 -73.08 86.56 84.17
CA GLY GC 212 -73.12 87.24 85.45
C GLY GC 212 -72.06 88.29 85.66
N LEU GC 213 -71.50 88.85 84.59
CA LEU GC 213 -70.45 89.86 84.69
C LEU GC 213 -71.07 91.24 84.58
N THR GC 214 -70.87 92.07 85.61
CA THR GC 214 -71.40 93.43 85.64
C THR GC 214 -70.33 94.40 85.19
N VAL GC 215 -70.71 95.34 84.32
CA VAL GC 215 -69.76 96.30 83.75
C VAL GC 215 -69.39 97.31 84.83
N GLN GC 216 -68.13 97.28 85.28
CA GLN GC 216 -67.67 98.26 86.24
C GLN GC 216 -67.55 99.64 85.60
N SER GC 217 -66.93 99.72 84.43
CA SER GC 217 -66.76 101.00 83.77
C SER GC 217 -66.44 100.80 82.30
N ILE GC 218 -66.60 101.87 81.52
CA ILE GC 218 -66.24 101.89 80.11
C ILE GC 218 -65.58 103.23 79.81
N LYS GC 219 -64.45 103.19 79.10
CA LYS GC 219 -63.73 104.39 78.72
C LYS GC 219 -63.36 104.32 77.24
N SER GC 220 -63.57 105.42 76.52
CA SER GC 220 -63.39 105.43 75.08
C SER GC 220 -62.49 106.59 74.66
N ALA GC 221 -61.77 106.37 73.56
CA ALA GC 221 -61.02 107.42 72.88
C ALA GC 221 -60.90 107.03 71.42
N GLY GC 222 -60.92 108.04 70.55
CA GLY GC 222 -60.92 107.75 69.12
C GLY GC 222 -62.13 106.91 68.78
N HIS GC 223 -61.91 105.88 67.96
CA HIS GC 223 -62.94 104.89 67.66
C HIS GC 223 -62.72 103.60 68.43
N PHE GC 224 -62.13 103.69 69.61
CA PHE GC 224 -61.73 102.54 70.40
C PHE GC 224 -62.28 102.71 71.81
N SER GC 225 -62.66 101.60 72.44
CA SER GC 225 -63.22 101.63 73.78
C SER GC 225 -62.76 100.40 74.55
N ALA GC 226 -62.69 100.54 75.87
CA ALA GC 226 -62.31 99.45 76.76
C ALA GC 226 -63.25 99.44 77.96
N ALA GC 227 -63.68 98.24 78.34
CA ALA GC 227 -64.62 98.05 79.43
C ALA GC 227 -63.99 97.19 80.51
N LEU GC 228 -64.12 97.61 81.75
CA LEU GC 228 -63.74 96.81 82.91
C LEU GC 228 -65.01 96.23 83.50
N LEU GC 229 -65.05 94.90 83.64
CA LEU GC 229 -66.21 94.16 84.08
C LEU GC 229 -66.06 93.78 85.56
N SER GC 230 -67.01 92.97 86.06
CA SER GC 230 -67.00 92.59 87.47
C SER GC 230 -65.73 91.83 87.83
N ASN GC 231 -65.33 90.87 86.99
CA ASN GC 231 -64.02 90.27 87.16
C ASN GC 231 -62.94 91.24 86.68
N GLY GC 232 -61.72 91.01 87.14
CA GLY GC 232 -60.63 91.89 86.77
C GLY GC 232 -60.13 91.64 85.36
N LYS GC 233 -60.98 91.91 84.37
CA LYS GC 233 -60.63 91.71 82.97
C LYS GC 233 -61.02 92.93 82.16
N LEU GC 234 -60.23 93.21 81.13
CA LEU GC 234 -60.47 94.30 80.20
C LEU GC 234 -61.00 93.74 78.89
N TYR GC 235 -62.11 94.29 78.41
CA TYR GC 235 -62.72 93.91 77.15
C TYR GC 235 -62.64 95.10 76.21
N THR GC 236 -61.82 95.01 75.18
CA THR GC 236 -61.62 96.10 74.24
C THR GC 236 -62.44 95.86 72.97
N PHE GC 237 -62.87 96.95 72.35
CA PHE GC 237 -63.66 96.87 71.13
C PHE GC 237 -63.56 98.19 70.39
N GLY GC 238 -63.40 98.11 69.07
CA GLY GC 238 -63.26 99.30 68.26
C GLY GC 238 -62.28 99.10 67.13
N VAL GC 239 -61.62 100.17 66.70
CA VAL GC 239 -60.64 100.12 65.62
C VAL GC 239 -59.25 100.05 66.23
N ASN GC 240 -58.48 99.05 65.83
CA ASN GC 240 -57.15 98.80 66.39
C ASN GC 240 -56.08 99.40 65.48
N THR GC 241 -56.04 100.73 65.48
CA THR GC 241 -55.11 101.44 64.58
C THR GC 241 -53.67 101.12 64.93
N GLN GC 242 -53.31 101.16 66.22
CA GLN GC 242 -51.93 101.02 66.64
C GLN GC 242 -51.80 100.03 67.79
N GLY GC 243 -52.60 98.97 67.77
CA GLY GC 243 -52.51 97.95 68.79
C GLY GC 243 -53.06 98.35 70.14
N GLN GC 244 -53.97 99.32 70.20
CA GLN GC 244 -54.52 99.74 71.48
C GLN GC 244 -55.37 98.65 72.11
N LEU GC 245 -56.03 97.83 71.30
CA LEU GC 245 -56.96 96.83 71.82
C LEU GC 245 -56.25 95.78 72.67
N GLY GC 246 -54.99 95.48 72.36
CA GLY GC 246 -54.26 94.48 73.12
C GLY GC 246 -54.82 93.08 72.99
N ILE GC 247 -55.21 92.66 71.79
CA ILE GC 247 -55.84 91.37 71.56
C ILE GC 247 -55.02 90.49 70.63
N ARG GC 248 -53.77 90.86 70.35
CA ARG GC 248 -52.96 90.14 69.37
C ARG GC 248 -52.17 89.05 70.08
N GLU GC 249 -52.57 87.79 69.83
CA GLU GC 249 -51.86 86.66 70.42
C GLU GC 249 -50.46 86.50 69.81
N ASN GC 250 -50.39 86.52 68.48
CA ASN GC 250 -49.13 86.34 67.77
C ASN GC 250 -48.73 87.66 67.16
N LEU GC 251 -47.54 88.15 67.51
CA LEU GC 251 -47.11 89.49 67.12
C LEU GC 251 -47.12 89.68 65.61
N GLY GC 252 -46.83 88.62 64.86
CA GLY GC 252 -46.73 88.70 63.42
C GLY GC 252 -48.02 88.56 62.64
N HIS GC 253 -49.17 88.43 63.30
CA HIS GC 253 -50.44 88.27 62.62
C HIS GC 253 -51.17 89.61 62.58
N ASN GC 254 -51.33 90.16 61.39
CA ASN GC 254 -52.07 91.41 61.20
C ASN GC 254 -53.54 91.15 60.88
N THR GC 255 -54.20 90.36 61.72
CA THR GC 255 -55.61 90.03 61.55
C THR GC 255 -56.48 90.65 62.63
N ASP GC 256 -55.94 91.56 63.43
CA ASP GC 256 -56.64 92.19 64.54
C ASP GC 256 -57.04 93.63 64.21
N GLN GC 257 -57.48 93.86 62.97
CA GLN GC 257 -57.74 95.23 62.51
C GLN GC 257 -58.82 95.91 63.36
N ASN GC 258 -59.88 95.18 63.69
CA ASN GC 258 -60.93 95.71 64.53
C ASN GC 258 -61.65 94.57 65.22
N ALA GC 259 -62.35 94.89 66.31
CA ALA GC 259 -63.10 93.91 67.08
C ALA GC 259 -64.54 94.36 67.19
N ARG GC 260 -65.45 93.65 66.52
CA ARG GC 260 -66.86 94.02 66.56
C ARG GC 260 -67.44 93.85 67.96
N LEU GC 261 -67.11 92.76 68.63
CA LEU GC 261 -67.59 92.47 69.98
C LEU GC 261 -66.47 92.67 70.99
N PRO GC 262 -66.79 93.00 72.24
CA PRO GC 262 -65.74 93.16 73.26
C PRO GC 262 -64.90 91.91 73.42
N THR GC 263 -63.63 91.99 73.04
CA THR GC 263 -62.74 90.86 73.21
C THR GC 263 -61.80 91.11 74.38
N PRO GC 264 -61.57 90.11 75.22
CA PRO GC 264 -60.65 90.32 76.35
C PRO GC 264 -59.23 90.55 75.87
N VAL GC 265 -58.51 91.39 76.62
CA VAL GC 265 -57.11 91.61 76.32
C VAL GC 265 -56.32 90.34 76.58
N VAL GC 266 -55.13 90.26 75.98
CA VAL GC 266 -54.29 89.07 76.12
C VAL GC 266 -53.76 89.04 77.55
N ASP GC 267 -54.27 88.10 78.35
CA ASP GC 267 -53.91 87.93 79.76
C ASP GC 267 -52.57 87.22 79.95
N ARG GC 268 -51.76 87.11 78.89
CA ARG GC 268 -50.56 86.30 78.95
C ARG GC 268 -49.55 86.85 79.96
N HIS GC 269 -49.37 88.17 79.99
CA HIS GC 269 -48.30 88.77 80.77
C HIS GC 269 -48.69 89.07 82.22
N PHE GC 270 -49.97 88.96 82.57
CA PHE GC 270 -50.42 89.22 83.94
C PHE GC 270 -51.37 88.12 84.40
N VAL GC 271 -50.98 86.86 84.20
CA VAL GC 271 -51.80 85.75 84.66
C VAL GC 271 -51.93 85.79 86.17
N GLY GC 272 -53.16 85.66 86.65
CA GLY GC 272 -53.43 85.68 88.07
C GLY GC 272 -53.66 87.05 88.67
N GLN GC 273 -53.54 88.11 87.88
CA GLN GC 273 -53.76 89.47 88.35
C GLN GC 273 -55.10 89.99 87.83
N LYS GC 274 -55.72 90.88 88.60
CA LYS GC 274 -56.98 91.50 88.23
C LYS GC 274 -56.77 92.99 88.05
N VAL GC 275 -57.32 93.52 86.95
CA VAL GC 275 -57.13 94.93 86.64
C VAL GC 275 -57.90 95.78 87.65
N VAL GC 276 -57.21 96.73 88.27
CA VAL GC 276 -57.86 97.64 89.20
C VAL GC 276 -58.51 98.79 88.44
N ASP GC 277 -57.75 99.44 87.57
CA ASP GC 277 -58.33 100.54 86.79
C ASP GC 277 -57.61 100.64 85.45
N PHE GC 278 -58.10 101.53 84.60
CA PHE GC 278 -57.53 101.68 83.27
C PHE GC 278 -57.80 103.08 82.73
N GLU GC 279 -57.03 103.44 81.71
CA GLU GC 279 -57.16 104.71 81.02
C GLU GC 279 -56.95 104.50 79.53
N VAL GC 280 -57.74 105.20 78.73
CA VAL GC 280 -57.79 105.01 77.28
C VAL GC 280 -57.42 106.34 76.62
N GLY GC 281 -56.40 106.31 75.76
CA GLY GC 281 -56.02 107.44 74.95
C GLY GC 281 -56.05 107.07 73.48
N GLU GC 282 -55.90 108.10 72.63
CA GLU GC 282 -56.24 107.98 71.22
C GLU GC 282 -55.61 106.76 70.58
N ASN GC 283 -54.35 106.47 70.90
CA ASN GC 283 -53.68 105.29 70.37
C ASN GC 283 -53.01 104.49 71.47
N THR GC 284 -53.59 104.47 72.68
CA THR GC 284 -52.94 103.77 73.77
C THR GC 284 -53.97 103.33 74.80
N LEU GC 285 -53.59 102.32 75.58
CA LEU GC 285 -54.42 101.79 76.66
C LEU GC 285 -53.49 101.40 77.80
N VAL GC 286 -53.66 102.02 78.97
CA VAL GC 286 -52.77 101.81 80.11
C VAL GC 286 -53.62 101.43 81.31
N PHE GC 287 -53.40 100.24 81.85
CA PHE GC 287 -54.20 99.78 82.98
C PHE GC 287 -53.32 99.30 84.12
N LEU GC 288 -53.80 99.55 85.34
CA LEU GC 288 -53.13 99.17 86.57
C LEU GC 288 -53.87 98.00 87.21
N THR GC 289 -53.11 96.95 87.53
CA THR GC 289 -53.60 95.72 88.13
C THR GC 289 -53.16 95.63 89.59
N ASP GC 290 -53.91 94.82 90.34
CA ASP GC 290 -53.94 94.84 91.80
C ASP GC 290 -52.60 94.50 92.45
N LYS GC 291 -51.66 93.94 91.70
CA LYS GC 291 -50.30 93.82 92.19
C LYS GC 291 -49.52 95.13 92.06
N ASN GC 292 -50.24 96.24 91.92
CA ASN GC 292 -49.65 97.56 91.70
C ASN GC 292 -48.77 97.55 90.45
N GLU GC 293 -49.26 96.92 89.39
CA GLU GC 293 -48.48 96.75 88.17
C GLU GC 293 -49.16 97.45 87.01
N VAL GC 294 -48.39 98.24 86.27
CA VAL GC 294 -48.91 99.02 85.16
C VAL GC 294 -48.56 98.31 83.86
N PHE GC 295 -49.59 97.97 83.09
CA PHE GC 295 -49.43 97.37 81.78
C PHE GC 295 -49.94 98.33 80.73
N PHE GC 296 -49.34 98.29 79.55
CA PHE GC 296 -49.74 99.20 78.48
C PHE GC 296 -49.79 98.45 77.16
N SER GC 297 -50.59 99.00 76.25
CA SER GC 297 -50.69 98.53 74.88
C SER GC 297 -50.90 99.74 73.98
N GLY GC 298 -50.45 99.64 72.73
CA GLY GC 298 -50.62 100.73 71.80
C GLY GC 298 -49.34 101.35 71.32
N LEU GC 299 -49.42 102.55 70.75
CA LEU GC 299 -48.27 103.30 70.22
C LEU GC 299 -47.55 102.55 69.12
N GLU GC 300 -48.20 101.57 68.51
CA GLU GC 300 -47.61 100.69 67.49
C GLU GC 300 -46.42 99.90 68.02
N LEU GC 301 -46.21 99.88 69.34
CA LEU GC 301 -45.15 99.11 69.95
C LEU GC 301 -45.65 97.79 70.53
N ALA GC 302 -46.66 97.86 71.39
CA ALA GC 302 -47.22 96.69 72.05
C ALA GC 302 -48.62 96.45 71.50
N TYR GC 303 -48.80 95.36 70.77
CA TYR GC 303 -50.11 94.95 70.30
C TYR GC 303 -50.83 94.05 71.29
N GLN GC 304 -50.15 93.63 72.36
CA GLN GC 304 -50.73 92.95 73.50
C GLN GC 304 -50.18 93.57 74.76
N PRO GC 305 -50.95 93.60 75.85
CA PRO GC 305 -50.54 94.35 77.04
C PRO GC 305 -49.23 93.83 77.61
N ILE GC 306 -48.23 94.71 77.67
CA ILE GC 306 -46.94 94.36 78.24
C ILE GC 306 -46.65 95.29 79.41
N ARG GC 307 -45.88 94.79 80.37
CA ARG GC 307 -45.70 95.50 81.63
C ARG GC 307 -44.79 96.71 81.45
N TRP GC 308 -45.24 97.86 81.96
CA TRP GC 308 -44.38 99.02 82.09
C TRP GC 308 -43.48 98.82 83.30
N GLU GC 309 -42.17 99.00 83.10
CA GLU GC 309 -41.17 98.60 84.09
C GLU GC 309 -40.85 99.69 85.09
N ILE GC 310 -41.80 100.57 85.39
CA ILE GC 310 -41.61 101.61 86.40
C ILE GC 310 -41.50 100.92 87.77
N PRO GC 311 -40.82 101.52 88.74
CA PRO GC 311 -40.71 100.89 90.06
C PRO GC 311 -42.07 100.69 90.70
N THR GC 312 -42.22 99.55 91.38
CA THR GC 312 -43.45 99.19 92.07
C THR GC 312 -43.38 99.42 93.56
N ASP GC 313 -42.34 100.12 94.04
CA ASP GC 313 -42.21 100.38 95.47
C ASP GC 313 -43.36 101.24 95.97
N LYS GC 314 -43.72 102.28 95.22
CA LYS GC 314 -44.77 103.21 95.61
C LYS GC 314 -46.06 102.90 94.86
N LYS GC 315 -47.18 103.01 95.57
CA LYS GC 315 -48.48 102.69 94.97
C LYS GC 315 -48.83 103.73 93.91
N ILE GC 316 -49.35 103.26 92.79
CA ILE GC 316 -49.73 104.12 91.68
C ILE GC 316 -51.13 104.66 91.94
N VAL GC 317 -51.27 105.98 91.96
CA VAL GC 317 -52.53 106.64 92.28
C VAL GC 317 -53.30 107.02 91.02
N LYS GC 318 -52.63 107.66 90.07
CA LYS GC 318 -53.29 108.15 88.86
C LYS GC 318 -52.63 107.54 87.63
N LEU GC 319 -53.45 107.32 86.60
CA LEU GC 319 -52.97 106.93 85.29
C LEU GC 319 -53.50 107.93 84.26
N ALA GC 320 -52.71 108.14 83.21
CA ALA GC 320 -53.15 109.03 82.14
C ALA GC 320 -52.59 108.51 80.82
N ALA GC 321 -53.40 108.59 79.77
CA ALA GC 321 -53.00 108.15 78.44
C ALA GC 321 -53.33 109.25 77.44
N SER GC 322 -52.52 109.36 76.40
CA SER GC 322 -52.68 110.39 75.39
C SER GC 322 -51.95 109.96 74.13
N LYS GC 323 -52.15 110.70 73.06
CA LYS GC 323 -51.58 110.35 71.77
C LYS GC 323 -50.06 110.23 71.88
N ASP GC 324 -49.56 109.00 71.73
CA ASP GC 324 -48.14 108.64 71.75
C ASP GC 324 -47.49 108.80 73.12
N THR GC 325 -48.26 109.12 74.17
CA THR GC 325 -47.66 109.32 75.49
C THR GC 325 -48.54 108.70 76.55
N PHE GC 326 -47.93 108.38 77.69
CA PHE GC 326 -48.76 108.10 78.87
C PHE GC 326 -47.93 108.31 80.12
N ALA GC 327 -48.62 108.33 81.27
CA ALA GC 327 -47.98 108.69 82.52
C ALA GC 327 -48.70 108.04 83.68
N ALA GC 328 -47.95 107.91 84.79
CA ALA GC 328 -48.46 107.34 86.03
C ALA GC 328 -47.97 108.18 87.19
N VAL GC 329 -48.90 108.53 88.09
CA VAL GC 329 -48.61 109.37 89.25
C VAL GC 329 -48.75 108.51 90.50
N THR GC 330 -47.70 108.51 91.32
CA THR GC 330 -47.63 107.66 92.50
C THR GC 330 -48.18 108.40 93.72
N GLU GC 331 -47.99 107.81 94.90
CA GLU GC 331 -48.45 108.44 96.13
C GLU GC 331 -47.71 109.75 96.40
N THR GC 332 -46.40 109.77 96.17
CA THR GC 332 -45.58 110.94 96.46
C THR GC 332 -45.70 112.03 95.40
N GLY GC 333 -46.52 111.82 94.37
CA GLY GC 333 -46.65 112.77 93.30
C GLY GC 333 -45.64 112.62 92.18
N LYS GC 334 -44.72 111.67 92.30
CA LYS GC 334 -43.76 111.42 91.23
C LYS GC 334 -44.49 110.93 89.99
N ILE GC 335 -44.15 111.50 88.85
CA ILE GC 335 -44.86 111.24 87.59
C ILE GC 335 -43.90 110.52 86.65
N TYR GC 336 -44.05 109.21 86.54
CA TYR GC 336 -43.37 108.48 85.48
C TYR GC 336 -44.10 108.70 84.16
N GLN GC 337 -43.34 108.72 83.07
CA GLN GC 337 -43.94 108.99 81.78
C GLN GC 337 -43.25 108.20 80.69
N PHE GC 338 -44.05 107.57 79.83
CA PHE GC 338 -43.60 107.06 78.55
C PHE GC 338 -43.80 108.16 77.52
N ASN GC 339 -42.69 108.58 76.90
CA ASN GC 339 -42.58 109.76 76.05
C ASN GC 339 -42.82 111.03 76.85
N GLU GC 340 -42.82 112.18 76.19
CA GLU GC 340 -42.95 113.47 76.86
C GLU GC 340 -44.43 113.76 77.08
N PHE GC 341 -44.95 113.30 78.22
CA PHE GC 341 -46.34 113.57 78.55
C PHE GC 341 -46.51 114.97 79.13
N VAL GC 342 -45.83 115.25 80.24
CA VAL GC 342 -45.88 116.58 80.82
C VAL GC 342 -45.15 117.58 79.93
N GLY GC 343 -44.04 117.15 79.31
CA GLY GC 343 -43.26 117.99 78.44
C GLY GC 343 -41.89 118.34 78.96
N VAL GC 344 -41.67 118.20 80.26
CA VAL GC 344 -40.38 118.45 80.90
C VAL GC 344 -39.97 117.19 81.63
N SER GC 345 -38.74 116.73 81.37
CA SER GC 345 -38.24 115.48 81.96
C SER GC 345 -36.96 115.75 82.73
N THR GC 346 -36.79 115.02 83.83
CA THR GC 346 -35.56 115.07 84.60
C THR GC 346 -34.53 114.10 84.02
N ASN GC 347 -33.32 114.14 84.56
CA ASN GC 347 -32.27 113.24 84.12
C ASN GC 347 -32.47 111.81 84.61
N GLU GC 348 -33.42 111.58 85.52
CA GLU GC 348 -33.70 110.24 86.00
C GLU GC 348 -34.47 109.48 84.92
N VAL GC 349 -33.83 108.44 84.37
CA VAL GC 349 -34.39 107.68 83.26
C VAL GC 349 -34.28 106.20 83.59
N GLY GC 350 -35.10 105.40 82.93
CA GLY GC 350 -35.06 103.96 83.08
C GLY GC 350 -35.46 103.31 81.79
N ASN GC 351 -35.28 101.99 81.74
CA ASN GC 351 -35.39 101.17 80.53
C ASN GC 351 -36.50 101.63 79.60
N ASP GC 352 -37.68 101.95 80.15
CA ASP GC 352 -38.77 102.40 79.30
C ASP GC 352 -39.54 103.56 79.92
N TYR GC 353 -38.88 104.43 80.68
CA TYR GC 353 -39.61 105.54 81.27
C TYR GC 353 -38.69 106.71 81.55
N ASN GC 354 -39.28 107.90 81.59
CA ASN GC 354 -38.66 109.10 82.12
C ASN GC 354 -39.46 109.55 83.33
N VAL GC 355 -38.93 110.53 84.06
CA VAL GC 355 -39.61 111.10 85.21
C VAL GC 355 -39.89 112.57 84.91
N ALA GC 356 -41.16 112.95 84.96
CA ALA GC 356 -41.53 114.32 84.67
C ALA GC 356 -41.03 115.24 85.77
N ASP GC 357 -40.56 116.42 85.37
CA ASP GC 357 -40.05 117.38 86.33
C ASP GC 357 -41.20 118.00 87.12
N SER GC 358 -41.06 118.03 88.45
CA SER GC 358 -42.09 118.59 89.29
C SER GC 358 -42.14 120.11 89.25
N LYS GC 359 -41.12 120.75 88.69
CA LYS GC 359 -41.07 122.21 88.62
C LYS GC 359 -42.05 122.78 87.61
N ALA GC 360 -42.63 121.96 86.75
CA ALA GC 360 -43.57 122.46 85.76
C ALA GC 360 -44.82 123.03 86.41
N PHE GC 361 -45.32 122.37 87.45
CA PHE GC 361 -46.52 122.79 88.16
C PHE GC 361 -46.15 123.36 89.51
N GLU GC 362 -46.96 124.31 89.97
CA GLU GC 362 -46.79 124.93 91.29
C GLU GC 362 -47.87 124.35 92.21
N GLY GC 363 -47.55 123.24 92.85
CA GLY GC 363 -48.46 122.54 93.73
C GLY GC 363 -48.38 121.06 93.50
N LYS GC 364 -49.40 120.35 93.96
CA LYS GC 364 -49.47 118.89 93.83
C LYS GC 364 -50.43 118.54 92.71
N VAL GC 365 -50.00 117.66 91.81
CA VAL GC 365 -50.81 117.28 90.66
C VAL GC 365 -51.93 116.35 91.13
N VAL GC 366 -53.11 116.92 91.35
CA VAL GC 366 -54.25 116.10 91.76
C VAL GC 366 -54.74 115.23 90.62
N ASP GC 367 -54.89 115.80 89.43
CA ASP GC 367 -55.46 115.08 88.31
C ASP GC 367 -54.64 115.30 87.04
N LEU GC 368 -54.59 114.27 86.20
CA LEU GC 368 -53.98 114.32 84.88
C LEU GC 368 -54.98 113.81 83.86
N GLY GC 369 -54.87 114.30 82.63
CA GLY GC 369 -55.77 113.81 81.60
C GLY GC 369 -55.48 114.41 80.25
N GLY GC 370 -56.36 114.11 79.30
CA GLY GC 370 -56.19 114.53 77.92
C GLY GC 370 -55.75 113.37 77.07
N SER GC 371 -56.51 113.05 76.00
CA SER GC 371 -56.25 111.85 75.24
C SER GC 371 -55.94 112.08 73.77
N TYR GC 372 -56.12 113.30 73.24
CA TYR GC 372 -55.82 113.58 71.83
C TYR GC 372 -54.91 114.80 71.75
N GLY GC 373 -53.60 114.59 71.91
CA GLY GC 373 -52.64 115.62 71.56
C GLY GC 373 -52.56 116.81 72.48
N ILE GC 374 -53.63 117.09 73.24
CA ILE GC 374 -53.66 118.18 74.20
C ILE GC 374 -53.96 117.58 75.57
N ARG GC 375 -53.10 117.91 76.55
CA ARG GC 375 -53.15 117.30 77.87
C ARG GC 375 -53.31 118.38 78.92
N PHE GC 376 -53.85 117.97 80.07
CA PHE GC 376 -54.14 118.88 81.17
C PHE GC 376 -53.81 118.24 82.49
N ALA GC 377 -53.62 119.09 83.49
CA ALA GC 377 -53.38 118.69 84.87
C ALA GC 377 -54.12 119.65 85.78
N ILE GC 378 -54.98 119.11 86.64
CA ILE GC 378 -55.62 119.89 87.69
C ILE GC 378 -54.73 119.84 88.91
N VAL GC 379 -54.22 121.01 89.33
CA VAL GC 379 -53.20 121.08 90.37
C VAL GC 379 -53.76 121.88 91.54
N ASN GC 380 -53.67 121.30 92.74
CA ASN GC 380 -54.10 121.99 93.95
C ASN GC 380 -52.94 122.77 94.56
N MET HC 1 -96.62 9.45 33.97
CA MET HC 1 -97.44 9.18 35.14
C MET HC 1 -98.28 7.93 34.90
N SER HC 2 -99.60 8.09 34.88
CA SER HC 2 -100.48 6.95 34.68
C SER HC 2 -100.26 6.31 33.31
N ALA HC 3 -100.06 7.13 32.27
CA ALA HC 3 -99.85 6.60 30.93
C ALA HC 3 -98.58 5.76 30.86
N ILE HC 4 -97.51 6.22 31.52
CA ILE HC 4 -96.27 5.46 31.53
C ILE HC 4 -96.45 4.16 32.33
N LEU HC 5 -97.14 4.24 33.47
CA LEU HC 5 -97.34 3.06 34.30
C LEU HC 5 -98.20 2.02 33.60
N LYS HC 6 -99.11 2.44 32.72
CA LYS HC 6 -99.93 1.49 31.98
C LYS HC 6 -99.06 0.58 31.11
N ARG HC 7 -98.06 1.15 30.44
CA ARG HC 7 -97.19 0.39 29.55
C ARG HC 7 -95.90 -0.05 30.22
N ALA HC 8 -95.68 0.32 31.49
CA ALA HC 8 -94.41 0.00 32.14
C ALA HC 8 -94.26 -1.49 32.41
N ALA HC 9 -95.35 -2.25 32.43
CA ALA HC 9 -95.25 -3.68 32.70
C ALA HC 9 -94.50 -4.40 31.59
N LYS HC 10 -94.74 -4.03 30.34
CA LYS HC 10 -94.14 -4.71 29.19
C LYS HC 10 -92.77 -4.17 28.82
N TYR HC 11 -92.35 -3.05 29.39
CA TYR HC 11 -91.06 -2.46 29.03
C TYR HC 11 -89.91 -3.33 29.53
N LYS HC 12 -88.88 -3.46 28.69
CA LYS HC 12 -87.71 -4.25 29.01
C LYS HC 12 -86.48 -3.35 28.98
N ARG HC 13 -85.59 -3.54 29.95
CA ARG HC 13 -84.39 -2.74 30.05
C ARG HC 13 -83.24 -3.39 29.31
N VAL HC 14 -82.24 -2.58 28.97
CA VAL HC 14 -81.05 -3.02 28.25
C VAL HC 14 -79.83 -2.70 29.09
N SER HC 15 -78.78 -3.51 28.94
CA SER HC 15 -77.56 -3.31 29.69
C SER HC 15 -76.88 -1.99 29.28
N SER HC 16 -76.15 -1.41 30.22
CA SER HC 16 -75.47 -0.14 30.01
C SER HC 16 -74.03 -0.29 29.55
N ILE HC 17 -73.57 -1.52 29.32
CA ILE HC 17 -72.19 -1.77 28.89
C ILE HC 17 -72.17 -1.72 27.37
N LEU HC 18 -71.42 -0.77 26.81
CA LEU HC 18 -71.32 -0.62 25.37
C LEU HC 18 -69.94 -0.10 25.00
N CYS HC 19 -69.22 -0.85 24.17
CA CYS HC 19 -67.92 -0.46 23.62
C CYS HC 19 -66.91 -0.09 24.71
N GLU HC 20 -67.16 -0.54 25.94
CA GLU HC 20 -66.24 -0.29 27.04
C GLU HC 20 -65.94 -1.51 27.89
N GLY HC 21 -66.82 -2.52 27.89
CA GLY HC 21 -66.57 -3.73 28.62
C GLY HC 21 -66.53 -3.49 30.13
N GLU HC 22 -65.81 -4.37 30.82
CA GLU HC 22 -65.62 -4.28 32.25
C GLU HC 22 -64.16 -3.98 32.54
N ALA HC 23 -63.91 -2.92 33.31
CA ALA HC 23 -62.53 -2.53 33.62
C ALA HC 23 -61.83 -3.59 34.46
N HIS HC 24 -62.55 -4.19 35.41
CA HIS HC 24 -61.93 -5.15 36.32
C HIS HC 24 -61.49 -6.43 35.60
N LEU HC 25 -62.10 -6.75 34.46
CA LEU HC 25 -61.71 -7.95 33.73
C LEU HC 25 -60.37 -7.74 33.02
N ARG HC 26 -60.15 -6.56 32.45
CA ARG HC 26 -58.94 -6.28 31.70
C ARG HC 26 -57.92 -5.45 32.46
N ASP HC 27 -58.16 -5.18 33.74
CA ASP HC 27 -57.28 -4.27 34.45
C ASP HC 27 -57.24 -4.58 35.93
N PRO HC 28 -56.07 -4.87 36.51
CA PRO HC 28 -55.96 -4.95 37.98
C PRO HC 28 -56.12 -3.58 38.59
N PHE HC 29 -55.98 -3.49 39.92
CA PHE HC 29 -56.15 -2.25 40.69
C PHE HC 29 -57.58 -1.76 40.67
N THR HC 30 -58.48 -2.41 39.96
CA THR HC 30 -59.89 -2.03 39.89
C THR HC 30 -60.73 -3.14 40.48
N PRO HC 31 -61.30 -2.97 41.68
CA PRO HC 31 -62.12 -4.02 42.24
C PRO HC 31 -63.39 -4.22 41.42
N PRO HC 32 -63.98 -5.41 41.44
CA PRO HC 32 -65.19 -5.64 40.67
C PRO HC 32 -66.32 -4.77 41.17
N PRO HC 33 -67.30 -4.46 40.32
CA PRO HC 33 -68.39 -3.57 40.74
C PRO HC 33 -69.17 -4.14 41.92
N VAL HC 34 -69.53 -3.24 42.84
CA VAL HC 34 -70.25 -3.60 44.06
C VAL HC 34 -71.51 -2.75 44.14
N ILE HC 35 -72.63 -3.40 44.39
CA ILE HC 35 -73.91 -2.70 44.51
C ILE HC 35 -74.04 -2.22 45.95
N LEU HC 36 -73.99 -0.90 46.13
CA LEU HC 36 -74.16 -0.28 47.44
C LEU HC 36 -75.59 0.20 47.59
N LYS HC 37 -76.21 -0.17 48.70
CA LYS HC 37 -77.58 0.22 49.00
C LYS HC 37 -77.60 1.31 50.07
N PRO HC 38 -78.43 2.35 49.88
CA PRO HC 38 -78.45 3.43 50.86
C PRO HC 38 -79.05 2.96 52.16
N PRO HC 39 -78.67 3.58 53.28
CA PRO HC 39 -79.34 3.27 54.56
C PRO HC 39 -80.72 3.89 54.63
N ALA HC 40 -81.38 3.76 55.76
CA ALA HC 40 -82.69 4.38 55.94
C ALA HC 40 -82.53 5.90 55.90
N PRO HC 41 -83.49 6.62 55.31
CA PRO HC 41 -83.38 8.09 55.27
C PRO HC 41 -83.38 8.69 56.67
N ARG HC 42 -82.61 9.76 56.83
CA ARG HC 42 -82.47 10.40 58.12
C ARG HC 42 -83.78 11.05 58.54
N LYS HC 43 -84.12 10.91 59.83
CA LYS HC 43 -85.33 11.52 60.35
C LYS HC 43 -85.25 13.04 60.30
N ASP HC 44 -84.11 13.60 60.67
CA ASP HC 44 -83.90 15.04 60.66
C ASP HC 44 -82.64 15.37 59.87
N LYS HC 45 -82.71 16.42 59.08
CA LYS HC 45 -81.58 16.88 58.28
C LYS HC 45 -80.88 18.02 59.01
N LYS HC 46 -79.61 17.84 59.33
CA LYS HC 46 -78.87 18.87 60.02
C LYS HC 46 -77.84 19.51 59.08
N PRO HC 47 -77.55 20.81 59.26
CA PRO HC 47 -76.58 21.46 58.37
C PRO HC 47 -75.18 20.87 58.44
N ASP HC 48 -74.83 20.19 59.52
CA ASP HC 48 -73.49 19.63 59.68
C ASP HC 48 -73.46 18.12 59.50
N ASP HC 49 -74.45 17.56 58.81
CA ASP HC 49 -74.51 16.11 58.59
C ASP HC 49 -73.59 15.73 57.44
N ILE HC 50 -72.62 14.86 57.72
CA ILE HC 50 -71.83 14.22 56.67
C ILE HC 50 -72.63 13.02 56.17
N THR HC 51 -72.19 12.44 55.06
CA THR HC 51 -72.93 11.36 54.43
C THR HC 51 -72.94 10.10 55.31
N ASP HC 52 -74.03 9.35 55.21
CA ASP HC 52 -74.16 8.07 55.90
C ASP HC 52 -74.12 6.89 54.93
N PHE HC 53 -73.78 7.13 53.67
CA PHE HC 53 -73.72 6.08 52.69
C PHE HC 53 -72.59 5.11 53.01
N PRO HC 54 -72.74 3.83 52.67
CA PRO HC 54 -71.66 2.87 52.91
C PRO HC 54 -70.36 3.29 52.22
N ALA HC 55 -69.25 3.07 52.91
CA ALA HC 55 -67.95 3.47 52.40
C ALA HC 55 -67.57 2.63 51.18
N GLN HC 56 -66.72 3.21 50.34
CA GLN HC 56 -66.25 2.57 49.12
C GLN HC 56 -64.75 2.40 49.18
N LYS HC 57 -64.28 1.24 48.71
CA LYS HC 57 -62.85 0.95 48.71
C LYS HC 57 -62.10 1.99 47.89
N LEU HC 58 -61.04 2.54 48.47
CA LEU HC 58 -60.27 3.62 47.86
C LEU HC 58 -58.87 3.10 47.52
N ILE HC 59 -58.58 3.01 46.23
CA ILE HC 59 -57.28 2.53 45.75
C ILE HC 59 -56.44 3.74 45.40
N PRO HC 60 -55.31 3.97 46.07
CA PRO HC 60 -54.45 5.10 45.72
C PRO HC 60 -53.77 4.87 44.38
N LEU HC 61 -53.26 5.96 43.81
CA LEU HC 61 -52.53 5.85 42.56
C LEU HC 61 -51.22 5.10 42.79
N PRO HC 62 -50.98 3.98 42.13
CA PRO HC 62 -49.70 3.31 42.27
C PRO HC 62 -48.58 4.14 41.68
N GLU HC 63 -47.39 4.00 42.27
CA GLU HC 63 -46.23 4.73 41.75
C GLU HC 63 -45.87 4.24 40.35
N SER HC 64 -45.98 2.92 40.13
CA SER HC 64 -45.78 2.33 38.81
C SER HC 64 -46.50 1.00 38.79
N ILE HC 65 -46.79 0.51 37.59
CA ILE HC 65 -47.50 -0.75 37.44
C ILE HC 65 -46.57 -1.82 36.88
N PRO HC 66 -46.75 -3.09 37.23
CA PRO HC 66 -45.90 -4.14 36.69
C PRO HC 66 -46.22 -4.42 35.23
N TYR HC 67 -45.37 -5.23 34.62
CA TYR HC 67 -45.61 -5.68 33.25
C TYR HC 67 -46.73 -6.71 33.24
N GLN HC 68 -47.90 -6.31 32.76
CA GLN HC 68 -49.02 -7.22 32.59
C GLN HC 68 -48.83 -7.97 31.29
N GLU HC 69 -48.67 -9.29 31.37
CA GLU HC 69 -48.10 -10.08 30.29
C GLU HC 69 -49.11 -10.22 29.15
N GLY HC 70 -49.15 -9.20 28.30
CA GLY HC 70 -50.02 -9.19 27.16
C GLY HC 70 -51.46 -8.79 27.44
N LYS HC 71 -51.78 -8.43 28.68
CA LYS HC 71 -53.14 -8.07 29.08
C LYS HC 71 -53.06 -6.72 29.77
N TYR HC 72 -53.09 -5.65 28.99
CA TYR HC 72 -52.88 -4.30 29.51
C TYR HC 72 -53.96 -3.38 28.95
N ARG HC 73 -54.87 -2.93 29.80
CA ARG HC 73 -55.83 -1.91 29.44
C ARG HC 73 -55.41 -0.59 30.08
N PRO HC 74 -55.18 0.46 29.30
CA PRO HC 74 -54.76 1.74 29.90
C PRO HC 74 -55.79 2.22 30.91
N ALA HC 75 -55.29 2.71 32.05
CA ALA HC 75 -56.17 3.19 33.10
C ALA HC 75 -56.95 4.41 32.64
N SER HC 76 -56.31 5.29 31.89
CA SER HC 76 -56.96 6.41 31.23
C SER HC 76 -56.48 6.46 29.79
N ILE HC 77 -57.15 7.28 28.99
CA ILE HC 77 -56.77 7.43 27.58
C ILE HC 77 -55.43 8.15 27.51
N PRO HC 78 -54.40 7.55 26.91
CA PRO HC 78 -53.10 8.23 26.81
C PRO HC 78 -52.99 9.03 25.52
N MET HC 79 -52.04 9.96 25.53
CA MET HC 79 -51.66 10.64 24.30
C MET HC 79 -50.90 9.68 23.41
N VAL HC 80 -51.25 9.66 22.13
CA VAL HC 80 -50.67 8.67 21.22
C VAL HC 80 -49.16 8.85 21.13
N ALA HC 81 -48.71 10.07 20.89
CA ALA HC 81 -47.29 10.40 20.87
C ALA HC 81 -46.52 9.57 19.85
N GLY HC 82 -47.16 9.26 18.72
CA GLY HC 82 -46.50 8.52 17.67
C GLY HC 82 -47.18 7.22 17.32
N PHE HC 83 -47.28 6.91 16.02
CA PHE HC 83 -47.88 5.68 15.54
C PHE HC 83 -46.84 4.67 15.09
N PHE HC 84 -45.58 4.85 15.48
CA PHE HC 84 -44.51 3.96 15.09
C PHE HC 84 -43.78 3.47 16.33
N PRO HC 85 -43.42 2.20 16.38
CA PRO HC 85 -42.67 1.69 17.54
C PRO HC 85 -41.21 2.10 17.50
N TYR HC 86 -40.66 2.36 18.68
CA TYR HC 86 -39.24 2.58 18.79
C TYR HC 86 -38.50 1.26 18.73
N ASN HC 87 -37.29 1.29 18.18
CA ASN HC 87 -36.42 0.11 18.15
C ASN HC 87 -35.27 0.38 19.11
N CYS HC 88 -35.46 0.00 20.37
CA CYS HC 88 -34.55 0.39 21.45
C CYS HC 88 -33.78 -0.82 21.94
N TYR HC 89 -32.49 -0.61 22.23
CA TYR HC 89 -31.63 -1.66 22.76
C TYR HC 89 -31.76 -1.67 24.27
N LEU HC 90 -32.32 -2.75 24.81
CA LEU HC 90 -32.50 -2.91 26.24
C LEU HC 90 -31.43 -3.85 26.79
N GLN HC 91 -30.81 -3.45 27.89
CA GLN HC 91 -29.79 -4.26 28.54
C GLN HC 91 -30.44 -5.26 29.49
N GLN HC 92 -29.84 -6.44 29.57
CA GLN HC 92 -30.38 -7.50 30.42
C GLN HC 92 -30.26 -7.13 31.89
N GLY HC 93 -31.33 -7.34 32.64
CA GLY HC 93 -31.31 -7.13 34.08
C GLY HC 93 -31.37 -5.68 34.51
N LYS HC 94 -31.65 -4.75 33.60
CA LYS HC 94 -31.74 -3.34 33.94
C LYS HC 94 -33.21 -2.93 33.97
N VAL HC 95 -33.60 -2.21 35.02
CA VAL HC 95 -34.99 -1.81 35.21
C VAL HC 95 -35.29 -0.60 34.34
N TYR HC 96 -36.33 -0.70 33.52
CA TYR HC 96 -36.76 0.39 32.65
C TYR HC 96 -38.16 0.82 33.05
N SER HC 97 -38.39 2.13 33.05
CA SER HC 97 -39.72 2.69 33.26
C SER HC 97 -40.26 3.14 31.91
N TRP HC 98 -41.38 2.57 31.50
CA TRP HC 98 -41.99 2.88 30.21
C TRP HC 98 -43.08 3.91 30.40
N CYS HC 99 -43.03 4.98 29.61
CA CYS HC 99 -44.03 6.04 29.70
C CYS HC 99 -45.37 5.54 29.18
N SER HC 100 -46.35 5.44 30.06
CA SER HC 100 -47.69 5.05 29.65
C SER HC 100 -48.55 6.24 29.24
N CYS HC 101 -48.37 7.40 29.88
CA CYS HC 101 -49.15 8.58 29.54
C CYS HC 101 -48.85 9.06 28.12
N GLY HC 102 -47.57 9.09 27.74
CA GLY HC 102 -47.18 9.51 26.41
C GLY HC 102 -46.70 10.92 26.29
N ILE HC 103 -46.67 11.69 27.39
CA ILE HC 103 -46.24 13.08 27.34
C ILE HC 103 -44.79 13.25 27.77
N SER HC 104 -44.05 12.15 27.92
CA SER HC 104 -42.68 12.24 28.37
C SER HC 104 -41.79 12.87 27.32
N GLN HC 105 -40.89 13.75 27.76
CA GLN HC 105 -39.89 14.33 26.86
C GLN HC 105 -38.74 13.37 26.59
N SER HC 106 -38.55 12.38 27.44
CA SER HC 106 -37.43 11.44 27.32
C SER HC 106 -37.79 10.21 26.50
N GLY HC 107 -38.32 10.43 25.30
CA GLY HC 107 -38.63 9.35 24.40
C GLY HC 107 -39.66 8.38 24.95
N PRO HC 108 -39.37 7.08 24.86
CA PRO HC 108 -40.34 6.08 25.32
C PRO HC 108 -40.40 5.95 26.82
N TRP HC 109 -39.41 6.45 27.55
CA TRP HC 109 -39.31 6.20 28.98
C TRP HC 109 -40.04 7.28 29.78
N CYS HC 110 -40.19 7.02 31.08
CA CYS HC 110 -41.18 7.75 31.87
C CYS HC 110 -40.80 9.20 32.09
N ASP HC 111 -39.53 9.49 32.35
CA ASP HC 111 -39.08 10.82 32.78
C ASP HC 111 -39.79 11.12 34.08
N GLY HC 112 -40.57 12.19 34.20
CA GLY HC 112 -41.34 12.42 35.40
C GLY HC 112 -42.68 13.09 35.19
N LEU HC 113 -43.08 13.26 33.92
CA LEU HC 113 -44.21 14.12 33.59
C LEU HC 113 -45.56 13.45 33.82
N CYS HC 114 -45.61 12.16 34.17
CA CYS HC 114 -46.88 11.56 34.52
C CYS HC 114 -47.42 12.11 35.83
N ASN HC 115 -46.55 12.62 36.70
CA ASN HC 115 -46.96 13.28 37.93
C ASN HC 115 -47.48 14.69 37.67
N SER HC 116 -47.23 15.25 36.49
CA SER HC 116 -47.62 16.60 36.14
C SER HC 116 -48.78 16.66 35.16
N VAL HC 117 -49.57 15.59 35.10
CA VAL HC 117 -50.75 15.56 34.24
C VAL HC 117 -51.83 14.76 34.96
N VAL HC 118 -53.09 15.13 34.72
CA VAL HC 118 -54.22 14.42 35.32
C VAL HC 118 -54.47 13.14 34.53
N THR HC 119 -53.91 12.03 35.00
CA THR HC 119 -54.11 10.75 34.36
C THR HC 119 -53.84 9.65 35.38
N ARG HC 120 -54.42 8.49 35.13
CA ARG HC 120 -54.14 7.29 35.91
C ARG HC 120 -53.14 6.38 35.22
N CYS HC 121 -52.53 6.84 34.13
CA CYS HC 121 -51.52 6.07 33.42
C CYS HC 121 -50.20 6.18 34.17
N ARG HC 122 -49.77 5.09 34.76
CA ARG HC 122 -48.53 5.02 35.52
C ARG HC 122 -47.47 4.28 34.72
N PRO HC 123 -46.18 4.56 34.95
CA PRO HC 123 -45.13 3.90 34.18
C PRO HC 123 -45.13 2.39 34.41
N VAL HC 124 -44.73 1.66 33.38
CA VAL HC 124 -44.62 0.21 33.44
C VAL HC 124 -43.16 -0.11 33.72
N VAL HC 125 -42.86 -0.47 34.97
CA VAL HC 125 -41.50 -0.84 35.35
C VAL HC 125 -41.30 -2.31 35.01
N PHE HC 126 -40.39 -2.58 34.06
CA PHE HC 126 -40.20 -3.92 33.53
C PHE HC 126 -38.72 -4.21 33.42
N ASN HC 127 -38.39 -5.49 33.36
CA ASN HC 127 -37.01 -5.96 33.24
C ASN HC 127 -36.99 -7.12 32.27
N VAL HC 128 -36.05 -7.09 31.32
CA VAL HC 128 -35.95 -8.11 30.29
C VAL HC 128 -34.95 -9.17 30.71
N SER HC 129 -35.18 -10.41 30.27
CA SER HC 129 -34.30 -11.52 30.61
C SER HC 129 -33.08 -11.60 29.71
N GLN HC 130 -33.07 -10.89 28.59
CA GLN HC 130 -31.95 -10.93 27.66
C GLN HC 130 -31.83 -9.59 26.96
N SER HC 131 -30.60 -9.09 26.88
CA SER HC 131 -30.34 -7.83 26.20
C SER HC 131 -30.52 -7.97 24.70
N GLY HC 132 -31.03 -6.93 24.07
CA GLY HC 132 -31.24 -6.95 22.64
C GLY HC 132 -32.14 -5.81 22.22
N TYR HC 133 -32.45 -5.80 20.92
CA TYR HC 133 -33.30 -4.78 20.33
C TYR HC 133 -34.75 -5.18 20.46
N TYR HC 134 -35.57 -4.31 21.06
CA TYR HC 134 -36.99 -4.55 21.26
C TYR HC 134 -37.79 -3.42 20.62
N LYS HC 135 -38.99 -3.75 20.18
CA LYS HC 135 -39.93 -2.78 19.63
C LYS HC 135 -40.75 -2.22 20.78
N ILE HC 136 -40.31 -1.09 21.32
CA ILE HC 136 -41.01 -0.43 22.42
C ILE HC 136 -42.22 0.30 21.85
N CYS HC 137 -43.39 0.06 22.45
CA CYS HC 137 -44.61 0.71 22.01
C CYS HC 137 -44.50 2.21 22.21
N ASN HC 138 -44.94 2.96 21.20
CA ASN HC 138 -44.94 4.41 21.27
C ASN HC 138 -46.32 5.01 21.13
N CYS HC 139 -47.34 4.21 20.80
CA CYS HC 139 -48.72 4.67 20.76
C CYS HC 139 -49.44 4.48 22.09
N LYS HC 140 -48.82 3.80 23.05
CA LYS HC 140 -49.32 3.65 24.41
C LYS HC 140 -50.65 2.91 24.47
N PHE HC 141 -50.98 2.12 23.46
CA PHE HC 141 -52.23 1.36 23.43
C PHE HC 141 -52.03 -0.13 23.33
N SER HC 142 -50.78 -0.60 23.24
CA SER HC 142 -50.53 -2.01 22.98
C SER HC 142 -50.93 -2.87 24.17
N ALA HC 143 -51.50 -4.06 23.88
CA ALA HC 143 -51.84 -4.99 24.93
C ALA HC 143 -50.59 -5.47 25.66
N ASN HC 144 -49.50 -5.71 24.93
CA ASN HC 144 -48.20 -5.86 25.56
C ASN HC 144 -47.82 -4.50 26.15
N ALA HC 145 -47.48 -4.48 27.45
CA ALA HC 145 -47.38 -3.20 28.14
C ALA HC 145 -46.31 -2.30 27.54
N PRO HC 146 -45.02 -2.65 27.55
CA PRO HC 146 -44.01 -1.77 26.94
C PRO HC 146 -43.62 -2.13 25.52
N PHE HC 147 -44.20 -3.16 24.92
CA PHE HC 147 -43.77 -3.67 23.63
C PHE HC 147 -44.87 -3.48 22.60
N CYS HC 148 -44.48 -3.52 21.33
CA CYS HC 148 -45.38 -3.27 20.23
C CYS HC 148 -46.02 -4.57 19.75
N ASN HC 149 -47.34 -4.56 19.60
CA ASN HC 149 -48.09 -5.70 19.10
C ASN HC 149 -48.90 -5.31 17.86
N ASN HC 150 -48.41 -4.31 17.12
CA ASN HC 150 -49.05 -3.83 15.89
C ASN HC 150 -50.46 -3.30 16.13
N THR HC 151 -50.70 -2.73 17.31
CA THR HC 151 -51.97 -2.04 17.54
C THR HC 151 -52.00 -0.68 16.86
N HIS HC 152 -50.83 -0.08 16.63
CA HIS HC 152 -50.78 1.22 15.98
C HIS HC 152 -51.35 1.17 14.57
N ARG HC 153 -51.24 0.03 13.89
CA ARG HC 153 -51.88 -0.10 12.59
C ARG HC 153 -53.40 0.01 12.70
N LYS HC 154 -53.98 -0.65 13.71
CA LYS HC 154 -55.42 -0.52 13.92
C LYS HC 154 -55.79 0.90 14.29
N MET HC 155 -54.95 1.57 15.09
CA MET HC 155 -55.23 2.96 15.45
C MET HC 155 -55.21 3.86 14.22
N VAL HC 156 -54.23 3.66 13.33
CA VAL HC 156 -54.16 4.45 12.11
C VAL HC 156 -55.37 4.20 11.22
N ARG HC 157 -55.76 2.93 11.09
CA ARG HC 157 -56.94 2.61 10.28
C ARG HC 157 -58.20 3.24 10.85
N TYR HC 158 -58.36 3.20 12.18
CA TYR HC 158 -59.52 3.83 12.80
C TYR HC 158 -59.50 5.33 12.60
N HIS HC 159 -58.33 5.95 12.72
CA HIS HC 159 -58.22 7.39 12.47
C HIS HC 159 -58.62 7.72 11.05
N HIS HC 160 -58.20 6.91 10.08
CA HIS HC 160 -58.58 7.14 8.69
C HIS HC 160 -60.07 6.92 8.47
N GLN HC 161 -60.70 6.03 9.24
CA GLN HC 161 -62.13 5.78 9.07
C GLN HC 161 -62.98 6.96 9.54
N THR HC 162 -62.49 7.73 10.51
CA THR HC 162 -63.25 8.87 11.00
C THR HC 162 -63.38 9.92 9.90
N HIS HC 163 -64.48 10.69 9.97
CA HIS HC 163 -64.73 11.70 8.94
C HIS HC 163 -63.63 12.75 8.91
N ARG HC 164 -63.25 13.27 10.09
CA ARG HC 164 -62.23 14.31 10.12
C ARG HC 164 -60.86 13.76 9.75
N GLY HC 165 -60.55 12.54 10.20
CA GLY HC 165 -59.29 11.92 9.80
C GLY HC 165 -59.24 11.64 8.31
N PHE HC 166 -60.36 11.19 7.74
CA PHE HC 166 -60.45 10.99 6.30
C PHE HC 166 -60.21 12.31 5.56
N TYR HC 167 -60.83 13.39 6.01
CA TYR HC 167 -60.61 14.68 5.38
C TYR HC 167 -59.17 15.12 5.51
N GLU HC 168 -58.55 14.90 6.67
CA GLU HC 168 -57.17 15.34 6.87
C GLU HC 168 -56.22 14.58 5.96
N ILE HC 169 -56.37 13.26 5.89
CA ILE HC 169 -55.45 12.48 5.05
C ILE HC 169 -55.67 12.80 3.58
N TRP HC 170 -56.92 13.01 3.16
CA TRP HC 170 -57.15 13.35 1.77
C TRP HC 170 -56.67 14.77 1.44
N GLY HC 171 -56.75 15.70 2.40
CA GLY HC 171 -56.20 17.02 2.17
C GLY HC 171 -54.68 16.98 2.02
N ALA HC 172 -54.00 16.21 2.87
CA ALA HC 172 -52.56 16.07 2.71
C ALA HC 172 -52.22 15.41 1.38
N ALA HC 173 -52.98 14.38 1.01
CA ALA HC 173 -52.75 13.71 -0.27
C ALA HC 173 -52.95 14.66 -1.44
N LEU HC 174 -53.97 15.50 -1.38
CA LEU HC 174 -54.21 16.45 -2.46
C LEU HC 174 -53.16 17.56 -2.49
N PHE HC 175 -52.62 17.95 -1.33
CA PHE HC 175 -51.51 18.89 -1.31
C PHE HC 175 -50.29 18.31 -2.01
N VAL HC 176 -49.98 17.04 -1.70
CA VAL HC 176 -48.85 16.39 -2.36
C VAL HC 176 -49.11 16.23 -3.85
N LEU HC 177 -50.34 15.88 -4.22
CA LEU HC 177 -50.68 15.74 -5.63
C LEU HC 177 -50.66 17.08 -6.35
N GLY HC 178 -50.94 18.18 -5.65
CA GLY HC 178 -50.78 19.49 -6.26
C GLY HC 178 -49.32 19.81 -6.53
N TRP HC 179 -48.44 19.47 -5.59
CA TRP HC 179 -47.00 19.60 -5.87
C TRP HC 179 -46.60 18.76 -7.08
N VAL HC 180 -47.08 17.52 -7.13
CA VAL HC 180 -46.74 16.64 -8.25
C VAL HC 180 -47.29 17.18 -9.56
N TYR HC 181 -48.50 17.71 -9.54
CA TYR HC 181 -49.10 18.28 -10.75
C TYR HC 181 -48.32 19.49 -11.23
N MET HC 182 -47.86 20.33 -10.30
CA MET HC 182 -47.02 21.46 -10.70
C MET HC 182 -45.72 20.97 -11.33
N GLY HC 183 -45.09 19.96 -10.72
CA GLY HC 183 -43.87 19.42 -11.28
C GLY HC 183 -44.09 18.79 -12.66
N PHE HC 184 -45.25 18.20 -12.88
CA PHE HC 184 -45.57 17.58 -14.16
C PHE HC 184 -45.87 18.63 -15.22
N ASN HC 185 -46.51 19.73 -14.83
CA ASN HC 185 -46.86 20.81 -15.74
C ASN HC 185 -45.84 21.94 -15.75
N TYR HC 186 -44.65 21.70 -15.21
CA TYR HC 186 -43.65 22.76 -15.14
C TYR HC 186 -43.20 23.24 -16.52
N TYR HC 187 -43.46 22.49 -17.57
CA TYR HC 187 -42.97 22.82 -18.91
C TYR HC 187 -44.12 23.11 -19.87
N THR HC 188 -45.11 23.87 -19.42
CA THR HC 188 -46.22 24.28 -20.29
C THR HC 188 -46.36 25.79 -20.31
N TYR IC 28 -35.88 -24.41 39.96
CA TYR IC 28 -35.84 -23.01 39.56
C TYR IC 28 -36.32 -22.11 40.69
N ASN IC 29 -35.53 -21.07 40.98
CA ASN IC 29 -35.84 -20.12 42.05
C ASN IC 29 -36.54 -18.92 41.43
N PHE IC 30 -37.83 -18.77 41.71
CA PHE IC 30 -38.61 -17.69 41.12
C PHE IC 30 -38.22 -16.36 41.76
N PRO IC 31 -37.88 -15.34 40.96
CA PRO IC 31 -37.58 -14.03 41.54
C PRO IC 31 -38.80 -13.42 42.20
N GLU IC 32 -38.56 -12.60 43.22
CA GLU IC 32 -39.64 -12.06 44.02
C GLU IC 32 -40.46 -11.05 43.22
N TYR IC 33 -41.78 -11.09 43.43
CA TYR IC 33 -42.67 -10.18 42.73
C TYR IC 33 -42.54 -8.76 43.27
N ARG IC 34 -42.51 -8.61 44.58
CA ARG IC 34 -42.48 -7.28 45.18
C ARG IC 34 -41.20 -6.55 44.82
N THR IC 35 -41.34 -5.32 44.34
CA THR IC 35 -40.21 -4.49 43.97
C THR IC 35 -39.68 -3.75 45.19
N GLY IC 36 -38.59 -3.01 45.01
CA GLY IC 36 -37.99 -2.29 46.12
C GLY IC 36 -37.32 -3.18 47.13
N GLY IC 37 -36.83 -4.35 46.72
CA GLY IC 37 -36.14 -5.23 47.64
C GLY IC 37 -34.78 -4.75 48.05
N VAL IC 38 -34.15 -3.89 47.24
CA VAL IC 38 -32.85 -3.33 47.60
C VAL IC 38 -32.99 -2.45 48.84
N GLN IC 39 -34.06 -1.66 48.90
CA GLN IC 39 -34.31 -0.82 50.06
C GLN IC 39 -34.83 -1.60 51.26
N ALA IC 40 -35.36 -2.80 51.05
CA ALA IC 40 -35.90 -3.60 52.15
C ALA IC 40 -34.84 -4.38 52.90
N ASN IC 41 -33.64 -4.51 52.34
CA ASN IC 41 -32.53 -5.24 52.98
C ASN IC 41 -31.31 -4.34 52.99
N PRO IC 42 -31.25 -3.39 53.93
CA PRO IC 42 -30.08 -2.50 53.99
C PRO IC 42 -28.78 -3.25 54.20
N GLY IC 43 -28.79 -4.31 55.00
CA GLY IC 43 -27.57 -5.07 55.22
C GLY IC 43 -27.09 -5.77 53.96
N ILE IC 44 -28.00 -6.38 53.21
CA ILE IC 44 -27.61 -7.06 51.98
C ILE IC 44 -27.17 -6.06 50.93
N THR IC 45 -27.84 -4.90 50.86
CA THR IC 45 -27.40 -3.86 49.94
C THR IC 45 -25.99 -3.38 50.27
N ALA IC 46 -25.71 -3.17 51.56
CA ALA IC 46 -24.38 -2.75 51.96
C ALA IC 46 -23.35 -3.84 51.65
N LYS IC 47 -23.72 -5.10 51.82
CA LYS IC 47 -22.81 -6.19 51.49
C LYS IC 47 -22.49 -6.21 50.00
N ARG IC 48 -23.51 -6.03 49.15
CA ARG IC 48 -23.27 -5.99 47.71
C ARG IC 48 -22.38 -4.82 47.34
N ILE IC 49 -22.64 -3.65 47.94
CA ILE IC 49 -21.82 -2.47 47.66
C ILE IC 49 -20.38 -2.72 48.07
N ILE IC 50 -20.18 -3.30 49.25
CA ILE IC 50 -18.84 -3.59 49.73
C ILE IC 50 -18.13 -4.56 48.81
N LYS IC 51 -18.83 -5.61 48.38
CA LYS IC 51 -18.22 -6.62 47.51
C LYS IC 51 -17.79 -6.00 46.18
N CYS IC 52 -18.71 -5.30 45.52
CA CYS IC 52 -18.39 -4.74 44.20
C CYS IC 52 -17.29 -3.68 44.31
N ILE IC 53 -17.37 -2.81 45.32
CA ILE IC 53 -16.35 -1.78 45.50
C ILE IC 53 -15.00 -2.42 45.77
N GLY IC 54 -14.96 -3.45 46.61
CA GLY IC 54 -13.70 -4.11 46.90
C GLY IC 54 -13.09 -4.74 45.67
N GLU IC 55 -13.90 -5.45 44.88
CA GLU IC 55 -13.39 -6.07 43.67
C GLU IC 55 -12.85 -5.02 42.71
N ARG IC 56 -13.60 -3.93 42.50
CA ARG IC 56 -13.16 -2.91 41.58
C ARG IC 56 -11.88 -2.22 42.06
N LEU IC 57 -11.78 -1.94 43.35
CA LEU IC 57 -10.61 -1.27 43.87
C LEU IC 57 -9.38 -2.17 43.83
N ARG IC 58 -9.55 -3.47 44.10
CA ARG IC 58 -8.41 -4.37 44.02
C ARG IC 58 -7.97 -4.60 42.58
N LYS IC 59 -8.91 -4.55 41.62
CA LYS IC 59 -8.52 -4.67 40.22
C LYS IC 59 -7.83 -3.40 39.73
N TYR IC 60 -8.41 -2.24 40.05
CA TYR IC 60 -7.91 -0.98 39.52
C TYR IC 60 -6.62 -0.55 40.20
N ASP IC 61 -6.53 -0.69 41.51
CA ASP IC 61 -5.38 -0.25 42.29
C ASP IC 61 -4.94 -1.39 43.20
N PRO IC 62 -4.37 -2.45 42.63
CA PRO IC 62 -3.97 -3.59 43.46
C PRO IC 62 -2.89 -3.27 44.47
N ALA IC 63 -1.97 -2.36 44.15
CA ALA IC 63 -0.86 -2.08 45.05
C ALA IC 63 -1.32 -1.41 46.34
N ARG IC 64 -2.53 -0.89 46.38
CA ARG IC 64 -3.03 -0.13 47.52
C ARG IC 64 -4.13 -0.84 48.29
N TRP IC 65 -5.11 -1.42 47.60
CA TRP IC 65 -6.31 -1.96 48.23
C TRP IC 65 -6.32 -3.47 48.37
N GLU IC 66 -5.25 -4.16 47.96
CA GLU IC 66 -5.26 -5.62 48.04
C GLU IC 66 -5.08 -6.12 49.47
N ASN IC 67 -4.58 -5.29 50.38
CA ASN IC 67 -4.40 -5.67 51.77
C ASN IC 67 -5.39 -5.02 52.73
N VAL IC 68 -6.15 -4.02 52.27
CA VAL IC 68 -7.01 -3.22 53.13
C VAL IC 68 -8.40 -3.85 53.13
N PRO IC 69 -8.91 -4.30 54.27
CA PRO IC 69 -10.31 -4.73 54.32
C PRO IC 69 -11.25 -3.56 54.15
N ILE IC 70 -12.27 -3.75 53.33
CA ILE IC 70 -13.23 -2.72 53.00
C ILE IC 70 -14.51 -3.01 53.78
N THR IC 71 -14.84 -2.12 54.70
CA THR IC 71 -16.05 -2.23 55.53
C THR IC 71 -16.93 -1.01 55.25
N PHE IC 72 -18.01 -0.89 56.04
CA PHE IC 72 -18.98 0.17 55.77
C PHE IC 72 -18.41 1.56 56.08
N LYS IC 73 -17.50 1.66 57.04
CA LYS IC 73 -16.94 2.94 57.42
C LYS IC 73 -15.68 3.30 56.64
N THR IC 74 -15.27 2.48 55.68
CA THR IC 74 -14.07 2.75 54.90
C THR IC 74 -14.34 3.85 53.88
N HIS IC 75 -13.48 4.86 53.86
CA HIS IC 75 -13.55 5.93 52.89
C HIS IC 75 -12.40 5.80 51.90
N PHE IC 76 -12.52 6.52 50.79
CA PHE IC 76 -11.55 6.46 49.70
C PHE IC 76 -10.95 7.83 49.44
N ARG IC 77 -10.55 8.51 50.50
CA ARG IC 77 -9.91 9.81 50.43
C ARG IC 77 -8.51 9.73 51.03
N ASP IC 78 -7.77 10.83 50.91
CA ASP IC 78 -6.46 10.92 51.53
C ASP IC 78 -6.60 11.09 53.04
N GLU IC 79 -5.46 11.08 53.73
CA GLU IC 79 -5.46 11.34 55.16
C GLU IC 79 -5.84 12.78 55.49
N ASN IC 80 -5.87 13.67 54.50
CA ASN IC 80 -6.25 15.06 54.70
C ASN IC 80 -7.64 15.35 54.13
N GLY IC 81 -8.38 14.33 53.72
CA GLY IC 81 -9.72 14.52 53.20
C GLY IC 81 -9.81 14.87 51.74
N TYR IC 82 -8.69 14.86 51.01
CA TYR IC 82 -8.72 15.16 49.59
C TYR IC 82 -9.07 13.91 48.80
N SER IC 83 -10.02 14.04 47.88
CA SER IC 83 -10.57 12.92 47.13
C SER IC 83 -9.90 12.78 45.78
N ASP IC 84 -9.84 11.54 45.29
CA ASP IC 84 -9.29 11.23 43.97
C ASP IC 84 -10.45 10.93 43.04
N VAL IC 85 -10.51 11.67 41.92
CA VAL IC 85 -11.64 11.54 41.01
C VAL IC 85 -11.59 10.20 40.27
N ALA IC 86 -10.40 9.74 39.91
CA ALA IC 86 -10.28 8.50 39.14
C ALA IC 86 -10.81 7.32 39.94
N THR IC 87 -10.41 7.20 41.21
CA THR IC 87 -10.90 6.11 42.04
C THR IC 87 -12.41 6.16 42.21
N SER IC 88 -12.95 7.36 42.42
CA SER IC 88 -14.39 7.49 42.62
C SER IC 88 -15.16 7.18 41.34
N ILE IC 89 -14.62 7.52 40.17
CA ILE IC 89 -15.31 7.17 38.93
C ILE IC 89 -15.24 5.67 38.68
N GLN IC 90 -14.13 5.03 39.06
CA GLN IC 90 -14.09 3.57 39.01
C GLN IC 90 -15.15 2.97 39.90
N ILE IC 91 -15.34 3.54 41.10
CA ILE IC 91 -16.38 3.06 42.01
C ILE IC 91 -17.77 3.30 41.42
N HIS IC 92 -17.96 4.43 40.75
CA HIS IC 92 -19.24 4.70 40.09
C HIS IC 92 -19.52 3.65 39.03
N ASP IC 93 -18.53 3.31 38.22
CA ASP IC 93 -18.71 2.29 37.20
C ASP IC 93 -19.03 0.94 37.82
N ALA IC 94 -18.34 0.60 38.90
CA ALA IC 94 -18.61 -0.67 39.58
C ALA IC 94 -20.03 -0.72 40.13
N LEU IC 95 -20.49 0.39 40.73
CA LEU IC 95 -21.85 0.43 41.27
C LEU IC 95 -22.89 0.37 40.15
N GLU IC 96 -22.61 1.03 39.02
CA GLU IC 96 -23.54 0.96 37.90
C GLU IC 96 -23.67 -0.46 37.38
N ARG IC 97 -22.54 -1.16 37.25
CA ARG IC 97 -22.59 -2.53 36.74
C ARG IC 97 -23.21 -3.49 37.76
N GLU IC 98 -23.00 -3.25 39.06
CA GLU IC 98 -23.51 -4.16 40.07
C GLU IC 98 -25.03 -4.05 40.22
N PHE IC 99 -25.54 -2.83 40.27
CA PHE IC 99 -26.95 -2.59 40.57
C PHE IC 99 -27.78 -2.21 39.36
N GLY IC 100 -27.18 -2.09 38.18
CA GLY IC 100 -27.96 -1.69 37.02
C GLY IC 100 -28.54 -0.30 37.12
N ILE IC 101 -27.76 0.66 37.60
CA ILE IC 101 -28.21 2.03 37.77
C ILE IC 101 -27.29 2.93 36.94
N ASP IC 102 -27.68 4.19 36.83
CA ASP IC 102 -26.90 5.21 36.15
C ASP IC 102 -26.59 6.31 37.15
N ILE IC 103 -25.39 6.28 37.72
CA ILE IC 103 -25.01 7.24 38.75
C ILE IC 103 -24.62 8.56 38.08
N LYS IC 104 -25.26 9.64 38.50
CA LYS IC 104 -24.95 10.97 37.97
C LYS IC 104 -23.65 11.42 38.60
N ASP IC 105 -22.56 11.35 37.83
CA ASP IC 105 -21.24 11.67 38.34
C ASP IC 105 -21.08 13.15 38.67
N ARG IC 106 -21.89 14.01 38.06
CA ARG IC 106 -21.79 15.44 38.28
C ARG IC 106 -22.51 15.91 39.53
N LEU IC 107 -23.36 15.07 40.13
CA LEU IC 107 -24.14 15.46 41.30
C LEU IC 107 -23.48 15.05 42.61
N ALA IC 108 -22.94 13.84 42.70
CA ALA IC 108 -22.26 13.38 43.90
C ALA IC 108 -21.07 12.51 43.50
N LEU IC 109 -20.04 12.56 44.33
CA LEU IC 109 -18.84 11.77 44.14
C LEU IC 109 -18.73 10.77 45.29
N VAL IC 110 -18.62 9.49 44.96
CA VAL IC 110 -18.55 8.45 45.97
C VAL IC 110 -17.13 8.42 46.53
N THR IC 111 -16.97 8.91 47.75
CA THR IC 111 -15.68 8.92 48.43
C THR IC 111 -15.66 8.00 49.64
N ASP IC 112 -16.76 7.32 49.95
CA ASP IC 112 -16.81 6.37 51.05
C ASP IC 112 -17.95 5.40 50.78
N VAL IC 113 -17.97 4.31 51.54
CA VAL IC 113 -19.04 3.32 51.39
C VAL IC 113 -20.38 3.89 51.83
N GLU IC 114 -20.38 4.82 52.78
CA GLU IC 114 -21.63 5.45 53.19
C GLU IC 114 -22.25 6.24 52.06
N THR IC 115 -21.44 6.98 51.29
CA THR IC 115 -21.97 7.73 50.15
C THR IC 115 -22.49 6.79 49.08
N ALA IC 116 -21.79 5.68 48.84
CA ALA IC 116 -22.28 4.69 47.88
C ALA IC 116 -23.60 4.10 48.32
N PHE IC 117 -23.73 3.82 49.63
CA PHE IC 117 -24.99 3.31 50.17
C PHE IC 117 -26.12 4.32 49.98
N TYR IC 118 -25.85 5.59 50.27
CA TYR IC 118 -26.85 6.62 50.09
C TYR IC 118 -27.29 6.73 48.62
N ILE IC 119 -26.32 6.69 47.71
CA ILE IC 119 -26.63 6.80 46.29
C ILE IC 119 -27.46 5.60 45.83
N VAL IC 120 -27.04 4.40 46.22
CA VAL IC 120 -27.74 3.19 45.77
C VAL IC 120 -29.16 3.15 46.32
N MET IC 121 -29.32 3.45 47.61
CA MET IC 121 -30.65 3.40 48.22
C MET IC 121 -31.53 4.56 47.77
N SER IC 122 -30.94 5.66 47.29
CA SER IC 122 -31.74 6.76 46.78
C SER IC 122 -32.31 6.47 45.40
N HIS IC 123 -31.58 5.72 44.57
CA HIS IC 123 -32.07 5.37 43.24
C HIS IC 123 -33.33 4.52 43.34
N HIS IC 124 -34.27 4.77 42.44
CA HIS IC 124 -35.55 4.08 42.46
C HIS IC 124 -35.59 2.84 41.58
N ASP IC 125 -34.51 2.53 40.86
CA ASP IC 125 -34.44 1.32 40.05
C ASP IC 125 -33.13 0.56 40.26
N PRO IC 126 -32.77 0.23 41.52
CA PRO IC 126 -31.62 -0.65 41.71
C PRO IC 126 -32.05 -2.10 41.80
N LEU IC 127 -31.21 -3.01 41.29
CA LEU IC 127 -31.57 -4.42 41.29
C LEU IC 127 -30.33 -5.30 41.19
N ILE JC 103 92.88 24.78 66.60
CA ILE JC 103 92.42 26.08 67.08
C ILE JC 103 91.92 25.97 68.52
N ASN JC 104 92.87 25.95 69.46
CA ASN JC 104 92.59 25.87 70.90
C ASN JC 104 91.76 24.62 71.21
N PHE JC 105 92.41 23.48 70.98
CA PHE JC 105 91.74 22.19 71.17
C PHE JC 105 91.25 22.02 72.59
N LYS JC 106 92.07 22.39 73.58
CA LYS JC 106 91.66 22.27 74.97
C LYS JC 106 90.45 23.13 75.26
N THR JC 107 90.42 24.36 74.72
CA THR JC 107 89.27 25.24 74.92
C THR JC 107 88.01 24.60 74.36
N LYS JC 108 88.09 24.02 73.16
CA LYS JC 108 86.94 23.32 72.60
C LYS JC 108 86.57 22.11 73.45
N TYR JC 109 87.57 21.37 73.93
CA TYR JC 109 87.29 20.23 74.79
C TYR JC 109 86.74 20.68 76.14
N ARG JC 110 87.22 21.82 76.65
CA ARG JC 110 86.67 22.36 77.89
C ARG JC 110 85.20 22.73 77.71
N PHE JC 111 84.86 23.33 76.57
CA PHE JC 111 83.47 23.65 76.27
C PHE JC 111 82.64 22.37 76.15
N TYR JC 112 83.19 21.33 75.52
CA TYR JC 112 82.49 20.06 75.43
C TYR JC 112 82.24 19.46 76.82
N LYS JC 113 83.25 19.54 77.70
CA LYS JC 113 83.09 19.03 79.05
C LYS JC 113 82.01 19.80 79.80
N PHE JC 114 81.98 21.12 79.63
CA PHE JC 114 80.93 21.90 80.27
C PHE JC 114 79.56 21.52 79.74
N ILE JC 115 79.44 21.32 78.42
CA ILE JC 115 78.16 20.95 77.83
C ILE JC 115 77.70 19.61 78.35
N SER JC 116 78.60 18.62 78.39
CA SER JC 116 78.24 17.29 78.87
C SER JC 116 77.94 17.29 80.36
N THR JC 117 78.55 18.20 81.12
CA THR JC 117 78.39 18.19 82.56
C THR JC 117 76.95 18.59 82.96
N ASN JC 118 76.44 19.68 82.39
CA ASN JC 118 75.16 20.22 82.80
C ASN JC 118 74.01 19.85 81.87
N PHE JC 119 74.30 19.40 80.65
CA PHE JC 119 73.28 18.96 79.70
C PHE JC 119 73.38 17.45 79.53
N ASN JC 120 72.23 16.78 79.55
CA ASN JC 120 72.22 15.33 79.38
C ASN JC 120 72.81 14.94 78.04
N LEU JC 121 72.34 15.58 76.97
CA LEU JC 121 72.84 15.46 75.59
C LEU JC 121 72.60 14.09 74.97
N GLN JC 122 72.05 13.14 75.73
CA GLN JC 122 71.77 11.82 75.18
C GLN JC 122 70.36 11.73 74.58
N THR JC 123 69.46 12.63 74.98
CA THR JC 123 68.11 12.61 74.44
C THR JC 123 68.08 13.00 72.97
N ILE JC 124 68.96 13.91 72.55
CA ILE JC 124 68.93 14.38 71.16
C ILE JC 124 69.32 13.27 70.21
N ILE JC 125 70.42 12.56 70.48
CA ILE JC 125 70.89 11.45 69.66
C ILE JC 125 71.14 10.26 70.57
N LYS JC 126 70.62 9.11 70.21
CA LYS JC 126 70.77 7.90 71.00
C LYS JC 126 71.76 6.93 70.36
N ASN JC 127 72.20 5.95 71.15
CA ASN JC 127 73.09 4.89 70.69
C ASN JC 127 74.40 5.44 70.13
N CYS JC 128 74.98 6.39 70.86
CA CYS JC 128 76.25 6.98 70.45
C CYS JC 128 76.90 7.64 71.65
N ASN JC 129 78.19 7.93 71.52
CA ASN JC 129 78.96 8.56 72.59
C ASN JC 129 78.72 10.06 72.60
N ASP JC 130 79.09 10.68 73.73
CA ASP JC 130 78.90 12.12 73.89
C ASP JC 130 79.77 12.92 72.92
N LYS JC 131 80.95 12.40 72.56
CA LYS JC 131 81.79 13.08 71.60
C LYS JC 131 81.09 13.24 70.25
N ILE JC 132 80.48 12.15 69.76
CA ILE JC 132 79.80 12.19 68.47
C ILE JC 132 78.60 13.12 68.54
N ILE JC 133 77.83 13.06 69.63
CA ILE JC 133 76.67 13.93 69.77
C ILE JC 133 77.08 15.39 69.77
N PHE JC 134 78.12 15.72 70.54
CA PHE JC 134 78.61 17.09 70.62
C PHE JC 134 79.07 17.59 69.27
N SER JC 135 79.85 16.77 68.56
CA SER JC 135 80.36 17.18 67.26
C SER JC 135 79.23 17.34 66.24
N THR JC 136 78.25 16.44 66.27
CA THR JC 136 77.12 16.52 65.34
C THR JC 136 76.28 17.77 65.62
N LEU JC 137 76.05 18.08 66.90
CA LEU JC 137 75.33 19.30 67.23
C LEU JC 137 76.10 20.54 66.78
N LEU JC 138 77.43 20.52 66.94
CA LEU JC 138 78.24 21.63 66.46
C LEU JC 138 78.10 21.80 64.95
N TYR JC 139 78.13 20.69 64.21
CA TYR JC 139 77.97 20.78 62.77
C TYR JC 139 76.59 21.32 62.39
N ILE JC 140 75.55 20.87 63.10
CA ILE JC 140 74.19 21.32 62.79
C ILE JC 140 74.06 22.82 63.04
N VAL JC 141 74.58 23.29 64.18
CA VAL JC 141 74.47 24.71 64.49
C VAL JC 141 75.31 25.54 63.52
N ASN JC 142 76.47 25.02 63.11
CA ASN JC 142 77.28 25.72 62.12
C ASN JC 142 76.54 25.83 60.79
N LEU JC 143 75.86 24.76 60.38
CA LEU JC 143 75.15 24.77 59.10
C LEU JC 143 73.91 25.66 59.17
N ASN JC 144 73.28 25.79 60.34
CA ASN JC 144 72.02 26.49 60.43
C ASN JC 144 72.09 27.86 61.09
N TYR JC 145 73.18 28.18 61.79
CA TYR JC 145 73.26 29.42 62.57
C TYR JC 145 74.59 30.13 62.36
N SER JC 146 75.01 30.25 61.10
CA SER JC 146 76.18 31.08 60.78
C SER JC 146 75.83 32.56 60.81
N PHE JC 147 74.59 32.91 60.44
CA PHE JC 147 74.16 34.30 60.46
C PHE JC 147 74.23 34.88 61.86
N PHE JC 148 74.12 34.05 62.89
CA PHE JC 148 74.34 34.48 64.26
C PHE JC 148 75.76 34.23 64.73
N TYR JC 149 76.50 33.34 64.05
CA TYR JC 149 77.92 33.19 64.34
C TYR JC 149 78.67 34.48 64.04
N LYS JC 150 78.33 35.14 62.94
CA LYS JC 150 79.03 36.37 62.58
C LYS JC 150 78.82 37.49 63.60
N THR JC 151 77.80 37.38 64.45
CA THR JC 151 77.49 38.43 65.43
C THR JC 151 77.77 38.01 66.86
N ILE JC 152 77.31 36.84 67.28
CA ILE JC 152 77.53 36.36 68.64
C ILE JC 152 78.42 35.13 68.60
N LYS JC 153 78.96 34.78 69.76
CA LYS JC 153 79.94 33.71 69.85
C LYS JC 153 79.31 32.36 69.52
N ASN JC 154 80.15 31.45 69.02
CA ASN JC 154 79.70 30.09 68.74
C ASN JC 154 79.26 29.38 70.01
N THR JC 155 80.12 29.37 71.02
CA THR JC 155 79.81 28.66 72.27
C THR JC 155 78.64 29.30 72.99
N ASP JC 156 78.56 30.63 72.97
CA ASP JC 156 77.44 31.32 73.61
C ASP JC 156 76.12 30.90 72.98
N LEU JC 157 76.06 30.88 71.65
CA LEU JC 157 74.84 30.48 70.96
C LEU JC 157 74.50 29.02 71.23
N ILE JC 158 75.50 28.15 71.22
CA ILE JC 158 75.25 26.73 71.49
C ILE JC 158 74.69 26.53 72.89
N VAL JC 159 75.29 27.19 73.88
CA VAL JC 159 74.82 27.05 75.26
C VAL JC 159 73.41 27.61 75.39
N TYR JC 160 73.13 28.75 74.75
CA TYR JC 160 71.78 29.32 74.82
C TYR JC 160 70.75 28.34 74.25
N LEU JC 161 71.03 27.80 73.06
CA LEU JC 161 70.07 26.91 72.41
C LEU JC 161 69.86 25.64 73.25
N LEU JC 162 70.95 25.02 73.70
CA LEU JC 162 70.82 23.79 74.49
C LEU JC 162 70.12 24.06 75.82
N ALA JC 163 70.43 25.18 76.47
CA ALA JC 163 69.80 25.51 77.74
C ALA JC 163 68.30 25.69 77.57
N ASN JC 164 67.88 26.39 76.51
CA ASN JC 164 66.45 26.55 76.28
C ASN JC 164 65.79 25.21 75.95
N LYS JC 165 66.43 24.40 75.11
CA LYS JC 165 65.84 23.13 74.70
C LYS JC 165 65.63 22.23 75.91
N PHE JC 166 66.63 22.15 76.80
CA PHE JC 166 66.46 21.34 78.00
C PHE JC 166 65.66 22.04 79.09
N SER JC 167 65.46 23.36 78.98
CA SER JC 167 64.52 24.03 79.87
C SER JC 167 63.09 23.66 79.54
N ILE JC 168 62.80 23.41 78.26
CA ILE JC 168 61.47 22.90 77.91
C ILE JC 168 61.21 21.58 78.64
N LEU JC 169 62.16 20.66 78.58
CA LEU JC 169 62.14 19.44 79.39
C LEU JC 169 63.50 18.76 79.26
N ASN JC 170 63.94 18.13 80.35
CA ASN JC 170 65.22 17.43 80.34
C ASN JC 170 65.22 16.25 79.38
N ASP JC 171 64.11 15.50 79.32
CA ASP JC 171 64.05 14.29 78.52
C ASP JC 171 63.60 14.62 77.10
N ASN JC 172 63.27 13.60 76.32
CA ASN JC 172 62.93 13.78 74.92
C ASN JC 172 61.65 14.58 74.76
N ILE JC 173 61.64 15.46 73.76
CA ILE JC 173 60.46 16.23 73.38
C ILE JC 173 60.27 16.11 71.88
N ILE JC 174 59.03 16.31 71.45
CA ILE JC 174 58.68 16.29 70.02
C ILE JC 174 58.05 17.63 69.70
N VAL JC 175 58.71 18.41 68.85
CA VAL JC 175 58.27 19.76 68.51
C VAL JC 175 57.93 19.80 67.04
N SER JC 176 56.74 20.31 66.72
CA SER JC 176 56.30 20.46 65.34
C SER JC 176 55.95 21.92 65.09
N LYS JC 177 56.44 22.48 63.99
CA LYS JC 177 56.21 23.87 63.64
C LYS JC 177 55.16 23.98 62.54
N PHE JC 178 54.27 24.96 62.68
CA PHE JC 178 53.19 25.18 61.74
C PHE JC 178 53.13 26.66 61.37
N ASN JC 179 52.81 26.93 60.10
CA ASN JC 179 52.61 28.29 59.62
C ASN JC 179 51.10 28.48 59.48
N ILE JC 180 50.51 29.23 60.41
CA ILE JC 180 49.05 29.34 60.49
C ILE JC 180 48.48 30.00 59.24
N SER JC 181 49.27 30.84 58.57
CA SER JC 181 48.79 31.51 57.37
C SER JC 181 48.58 30.55 56.20
N LYS JC 182 49.10 29.33 56.27
CA LYS JC 182 48.95 28.35 55.21
C LYS JC 182 47.87 27.32 55.58
N PHE JC 183 47.18 26.84 54.56
CA PHE JC 183 46.01 25.99 54.76
C PHE JC 183 46.40 24.64 55.38
N ASN JC 184 47.39 23.97 54.79
CA ASN JC 184 47.79 22.65 55.28
C ASN JC 184 48.36 22.73 56.69
N ASP JC 185 49.21 23.73 56.95
CA ASP JC 185 49.79 23.87 58.28
C ASP JC 185 48.73 24.25 59.31
N TYR JC 186 47.77 25.09 58.92
CA TYR JC 186 46.68 25.42 59.84
C TYR JC 186 45.84 24.19 60.17
N ILE JC 187 45.58 23.35 59.18
CA ILE JC 187 44.86 22.10 59.42
C ILE JC 187 45.62 21.22 60.40
N LYS JC 188 46.92 21.03 60.15
CA LYS JC 188 47.73 20.22 61.05
C LYS JC 188 47.74 20.79 62.46
N TYR JC 189 47.80 22.11 62.57
CA TYR JC 189 47.86 22.76 63.88
C TYR JC 189 46.56 22.56 64.64
N ILE JC 190 45.41 22.81 64.00
CA ILE JC 190 44.15 22.69 64.72
C ILE JC 190 43.73 21.24 64.94
N ASN JC 191 44.35 20.28 64.24
CA ASN JC 191 44.02 18.89 64.50
C ASN JC 191 44.88 18.31 65.62
N ASN JC 192 46.20 18.51 65.55
CA ASN JC 192 47.09 17.86 66.50
C ASN JC 192 46.92 18.40 67.91
N THR JC 193 46.76 19.72 68.05
CA THR JC 193 46.69 20.32 69.37
C THR JC 193 45.37 19.98 70.07
N ASN JC 194 45.44 19.75 71.37
CA ASN JC 194 44.27 19.48 72.19
C ASN JC 194 44.30 20.36 73.42
N SER JC 195 43.11 20.76 73.87
CA SER JC 195 43.02 21.56 75.09
C SER JC 195 43.35 20.73 76.33
N ILE JC 196 42.98 19.45 76.34
CA ILE JC 196 43.28 18.59 77.48
C ILE JC 196 44.79 18.45 77.66
N ASP JC 197 45.50 18.22 76.56
CA ASP JC 197 46.96 18.08 76.64
C ASP JC 197 47.61 19.36 77.13
N THR JC 198 47.12 20.51 76.67
CA THR JC 198 47.67 21.78 77.12
C THR JC 198 47.41 22.01 78.59
N TYR JC 199 46.20 21.67 79.06
CA TYR JC 199 45.88 21.83 80.48
C TYR JC 199 46.76 20.94 81.35
N LEU JC 200 46.97 19.69 80.93
CA LEU JC 200 47.82 18.77 81.65
C LEU JC 200 49.30 19.02 81.44
N GLU JC 201 49.65 20.12 80.78
CA GLU JC 201 51.04 20.49 80.51
C GLU JC 201 51.78 19.43 79.69
N ASN JC 202 51.04 18.63 78.93
CA ASN JC 202 51.68 17.72 77.99
C ASN JC 202 52.07 18.43 76.71
N GLN JC 203 51.30 19.45 76.31
CA GLN JC 203 51.59 20.24 75.12
C GLN JC 203 51.81 21.69 75.54
N ILE JC 204 52.87 22.29 75.03
CA ILE JC 204 53.14 23.71 75.20
C ILE JC 204 53.29 24.33 73.81
N ILE JC 205 52.59 25.43 73.57
CA ILE JC 205 52.58 26.09 72.27
C ILE JC 205 53.30 27.42 72.40
N LEU JC 206 54.34 27.60 71.59
CA LEU JC 206 55.20 28.78 71.62
C LEU JC 206 55.14 29.50 70.29
N GLY JC 207 54.92 30.81 70.34
CA GLY JC 207 54.82 31.59 69.11
C GLY JC 207 53.71 32.61 69.16
N LEU JC 208 52.64 32.29 69.87
CA LEU JC 208 51.54 33.21 70.09
C LEU JC 208 51.47 33.58 71.57
N ASN JC 209 51.13 34.84 71.84
CA ASN JC 209 51.16 35.35 73.20
C ASN JC 209 49.76 35.46 73.79
N LYS JC 218 37.06 44.87 83.40
CA LYS JC 218 36.02 44.00 83.94
C LYS JC 218 35.42 44.60 85.20
N ASN JC 219 34.51 45.55 85.03
CA ASN JC 219 33.84 46.21 86.15
C ASN JC 219 32.37 45.85 86.13
N ILE JC 220 31.86 45.37 87.25
CA ILE JC 220 30.47 44.96 87.36
C ILE JC 220 29.59 46.19 87.54
N ASN JC 221 28.47 46.24 86.83
CA ASN JC 221 27.54 47.37 86.91
C ASN JC 221 26.71 47.23 88.19
N THR JC 222 27.39 47.41 89.31
CA THR JC 222 26.74 47.25 90.61
C THR JC 222 25.59 48.23 90.79
N LYS JC 223 25.70 49.43 90.22
CA LYS JC 223 24.61 50.39 90.31
C LYS JC 223 23.33 49.83 89.70
N LEU JC 224 23.42 49.30 88.47
CA LEU JC 224 22.23 48.76 87.81
C LEU JC 224 21.75 47.48 88.49
N LEU JC 225 22.69 46.66 88.97
CA LEU JC 225 22.30 45.44 89.67
C LEU JC 225 21.52 45.76 90.94
N ASN JC 226 21.96 46.76 91.70
CA ASN JC 226 21.22 47.18 92.89
C ASN JC 226 19.90 47.83 92.52
N SER JC 227 19.88 48.58 91.41
CA SER JC 227 18.62 49.18 90.96
C SER JC 227 17.58 48.12 90.67
N TYR JC 228 17.98 47.03 90.00
CA TYR JC 228 17.05 45.94 89.76
C TYR JC 228 16.78 45.11 91.00
N SER JC 229 17.72 45.06 91.95
CA SER JC 229 17.49 44.35 93.19
C SER JC 229 16.44 45.04 94.04
N ASN JC 230 16.41 46.38 94.02
CA ASN JC 230 15.42 47.12 94.80
C ASN JC 230 14.02 46.98 94.25
N LEU JC 231 13.85 46.48 93.02
CA LEU JC 231 12.53 46.27 92.43
C LEU JC 231 12.05 44.85 92.70
N LYS JC 232 11.95 44.52 93.99
CA LYS JC 232 11.57 43.17 94.39
C LYS JC 232 10.13 42.83 94.01
N ASN JC 233 9.29 43.83 93.77
CA ASN JC 233 7.94 43.55 93.31
C ASN JC 233 7.94 43.05 91.87
N LEU JC 234 8.90 43.50 91.07
CA LEU JC 234 8.92 43.14 89.65
C LEU JC 234 9.55 41.75 89.44
N VAL JC 235 10.82 41.61 89.79
CA VAL JC 235 11.58 40.38 89.56
C VAL JC 235 12.32 40.02 90.83
N ASN JC 236 12.78 38.77 90.88
CA ASN JC 236 13.69 38.32 91.93
C ASN JC 236 14.93 37.73 91.30
N ILE JC 237 16.09 38.07 91.85
CA ILE JC 237 17.38 37.66 91.30
C ILE JC 237 17.88 36.46 92.09
N THR JC 238 18.14 35.36 91.39
CA THR JC 238 18.63 34.15 92.02
C THR JC 238 19.56 33.44 91.06
N ASN JC 239 20.76 33.08 91.54
CA ASN JC 239 21.76 32.39 90.73
C ASN JC 239 22.05 33.13 89.44
N ASN JC 240 22.17 34.45 89.54
CA ASN JC 240 22.43 35.32 88.39
C ASN JC 240 21.35 35.17 87.33
N THR JC 241 20.11 34.97 87.76
CA THR JC 241 18.98 34.85 86.86
C THR JC 241 17.85 35.73 87.38
N PHE JC 242 17.25 36.51 86.48
CA PHE JC 242 16.22 37.49 86.84
C PHE JC 242 14.86 36.86 86.60
N TYR JC 243 14.36 36.12 87.60
CA TYR JC 243 13.07 35.46 87.46
C TYR JC 243 11.96 36.50 87.60
N LEU JC 244 11.19 36.66 86.53
CA LEU JC 244 10.08 37.60 86.51
C LEU JC 244 8.91 37.04 87.31
N LYS JC 245 8.36 37.86 88.20
CA LYS JC 245 7.16 37.47 88.95
C LYS JC 245 5.95 37.64 88.05
N LYS JC 246 5.29 36.53 87.72
CA LYS JC 246 4.19 36.55 86.77
C LYS JC 246 3.02 37.38 87.27
N ILE JC 247 2.76 38.50 86.59
CA ILE JC 247 1.65 39.39 86.92
C ILE JC 247 0.58 39.20 85.86
N ASN JC 248 -0.67 39.05 86.30
CA ASN JC 248 -1.77 38.81 85.37
C ASN JC 248 -1.98 40.03 84.48
N ASP JC 249 -2.30 39.76 83.21
CA ASP JC 249 -2.66 40.84 82.30
C ASP JC 249 -4.06 41.39 82.56
N ASN JC 250 -4.82 40.75 83.46
CA ASN JC 250 -6.15 41.23 83.85
C ASN JC 250 -5.98 42.17 85.04
N TYR JC 251 -5.91 43.47 84.76
CA TYR JC 251 -5.73 44.47 85.80
C TYR JC 251 -6.85 45.49 85.84
N ASN JC 252 -7.91 45.31 85.05
CA ASN JC 252 -9.01 46.26 85.02
C ASN JC 252 -10.07 46.01 86.08
N THR JC 253 -10.32 44.75 86.42
CA THR JC 253 -11.46 44.41 87.25
C THR JC 253 -11.08 43.32 88.24
N VAL JC 254 -11.59 43.44 89.47
CA VAL JC 254 -11.47 42.41 90.49
C VAL JC 254 -12.88 42.00 90.91
N ILE JC 255 -13.18 40.72 90.83
CA ILE JC 255 -14.47 40.17 91.23
C ILE JC 255 -14.29 39.47 92.57
N ASN JC 256 -15.16 39.78 93.53
CA ASN JC 256 -15.01 39.27 94.88
C ASN JC 256 -15.14 37.76 94.90
N SER JC 257 -14.38 37.11 95.78
CA SER JC 257 -14.40 35.66 95.87
C SER JC 257 -15.76 35.16 96.33
N GLU JC 258 -16.36 35.83 97.32
CA GLU JC 258 -17.70 35.45 97.79
C GLU JC 258 -18.73 35.62 96.69
N PHE JC 259 -18.63 36.72 95.92
CA PHE JC 259 -19.56 36.93 94.81
C PHE JC 259 -19.39 35.87 93.74
N LEU JC 260 -18.14 35.49 93.44
CA LEU JC 260 -17.91 34.42 92.48
C LEU JC 260 -18.47 33.10 92.97
N THR JC 261 -18.32 32.80 94.26
CA THR JC 261 -18.90 31.57 94.82
C THR JC 261 -20.42 31.59 94.71
N TYR JC 262 -21.03 32.73 95.00
CA TYR JC 262 -22.48 32.86 94.86
C TYR JC 262 -22.92 32.64 93.42
N LEU JC 263 -22.20 33.23 92.47
CA LEU JC 263 -22.54 33.06 91.06
C LEU JC 263 -22.39 31.60 90.63
N LYS JC 264 -21.30 30.95 91.03
CA LYS JC 264 -21.08 29.57 90.64
C LYS JC 264 -22.12 28.64 91.25
N SER JC 265 -22.51 28.89 92.50
CA SER JC 265 -23.53 28.05 93.12
C SER JC 265 -24.90 28.27 92.48
N ASN JC 266 -25.27 29.52 92.22
CA ASN JC 266 -26.61 29.78 91.68
C ASN JC 266 -26.70 29.41 90.20
N TYR JC 267 -25.68 29.75 89.41
CA TYR JC 267 -25.72 29.55 87.97
C TYR JC 267 -24.56 28.67 87.55
N LYS JC 268 -24.85 27.62 86.79
CA LYS JC 268 -23.85 26.71 86.27
C LYS JC 268 -23.63 27.04 84.80
N ILE JC 269 -22.40 27.43 84.45
CA ILE JC 269 -22.09 27.80 83.06
C ILE JC 269 -22.14 26.54 82.22
N SER JC 270 -23.14 26.46 81.32
CA SER JC 270 -23.31 25.30 80.46
C SER JC 270 -23.10 25.60 78.98
N PHE JC 271 -23.06 26.87 78.59
CA PHE JC 271 -22.92 27.25 77.20
C PHE JC 271 -21.83 28.30 77.04
N SER JC 272 -21.22 28.33 75.86
CA SER JC 272 -20.14 29.25 75.59
C SER JC 272 -20.66 30.63 75.22
N ALA JC 273 -19.78 31.62 75.30
CA ALA JC 273 -20.11 32.98 74.93
C ALA JC 273 -19.83 33.17 73.45
N SER JC 274 -20.85 33.61 72.70
CA SER JC 274 -20.68 33.85 71.28
C SER JC 274 -20.09 35.22 70.97
N ASN JC 275 -20.05 36.12 71.95
CA ASN JC 275 -19.52 37.46 71.73
C ASN JC 275 -18.00 37.38 71.59
N ILE JC 276 -17.46 38.08 70.58
CA ILE JC 276 -16.02 38.09 70.36
C ILE JC 276 -15.29 38.97 71.37
N VAL JC 277 -16.02 39.74 72.17
CA VAL JC 277 -15.41 40.56 73.20
C VAL JC 277 -14.70 39.69 74.25
N LYS JC 278 -15.11 38.44 74.38
CA LYS JC 278 -14.51 37.55 75.37
C LYS JC 278 -13.02 37.35 75.16
N TYR JC 279 -12.53 37.53 73.93
CA TYR JC 279 -11.11 37.38 73.65
C TYR JC 279 -10.31 38.63 74.01
N LEU JC 280 -10.97 39.76 74.23
CA LEU JC 280 -10.26 41.01 74.48
C LEU JC 280 -9.52 40.95 75.81
N SER JC 281 -8.26 41.39 75.80
CA SER JC 281 -7.50 41.56 77.02
C SER JC 281 -7.74 42.96 77.59
N ASP JC 282 -7.28 43.17 78.83
CA ASP JC 282 -7.50 44.45 79.47
C ASP JC 282 -6.74 45.57 78.78
N LYS JC 283 -5.63 45.26 78.12
CA LYS JC 283 -4.92 46.27 77.35
C LYS JC 283 -5.76 46.75 76.17
N SER JC 284 -6.44 45.83 75.50
CA SER JC 284 -7.27 46.18 74.35
C SER JC 284 -8.59 46.82 74.76
N VAL JC 285 -9.08 46.53 75.97
CA VAL JC 285 -10.30 47.18 76.45
C VAL JC 285 -10.04 48.65 76.72
N ASN JC 286 -8.89 48.98 77.30
CA ASN JC 286 -8.59 50.36 77.64
C ASN JC 286 -8.39 51.25 76.41
N ASN JC 287 -8.16 50.65 75.25
CA ASN JC 287 -7.96 51.41 74.02
C ASN JC 287 -9.25 51.59 73.22
N SER JC 288 -10.38 51.13 73.72
CA SER JC 288 -11.64 51.28 73.01
C SER JC 288 -12.14 52.72 73.12
N VAL JC 289 -12.91 53.14 72.11
CA VAL JC 289 -13.48 54.48 72.06
C VAL JC 289 -14.99 54.34 72.12
N ILE JC 290 -15.62 55.01 73.09
CA ILE JC 290 -17.05 54.93 73.28
C ILE JC 290 -17.71 56.01 72.41
N LEU JC 291 -18.43 55.57 71.38
CA LEU JC 291 -19.19 56.46 70.52
C LEU JC 291 -20.68 56.32 70.83
N TYR JC 292 -21.42 57.40 70.58
CA TYR JC 292 -22.84 57.45 70.90
C TYR JC 292 -23.67 57.48 69.63
N LEU JC 293 -24.77 56.74 69.65
CA LEU JC 293 -25.71 56.68 68.54
C LEU JC 293 -27.07 57.16 69.02
N ARG JC 294 -27.49 58.33 68.56
CA ARG JC 294 -28.80 58.85 68.91
C ARG JC 294 -29.88 57.93 68.37
N LYS JC 295 -30.75 57.44 69.26
CA LYS JC 295 -31.81 56.52 68.89
C LYS JC 295 -33.15 57.24 69.08
N ASN JC 296 -33.66 57.80 68.01
CA ASN JC 296 -34.96 58.45 67.99
C ASN JC 296 -35.93 57.62 67.16
N LYS JC 297 -37.15 58.13 67.00
CA LYS JC 297 -38.16 57.44 66.21
C LYS JC 297 -37.76 57.43 64.74
N ILE JC 298 -38.17 56.39 64.03
CA ILE JC 298 -37.79 56.17 62.64
C ILE JC 298 -39.01 56.40 61.76
N PHE JC 299 -38.87 57.31 60.79
CA PHE JC 299 -39.93 57.59 59.83
C PHE JC 299 -39.56 57.27 58.39
N ASN JC 300 -38.28 57.20 58.07
CA ASN JC 300 -37.83 56.90 56.71
C ASN JC 300 -37.51 55.42 56.64
N LYS JC 301 -38.20 54.72 55.74
CA LYS JC 301 -38.11 53.26 55.62
C LYS JC 301 -37.29 52.84 54.41
N SER JC 302 -36.23 53.58 54.07
CA SER JC 302 -35.39 53.25 52.94
C SER JC 302 -33.95 53.61 53.28
N ARG JC 303 -33.01 52.99 52.55
CA ARG JC 303 -31.61 53.28 52.75
C ARG JC 303 -31.19 54.61 52.15
N TYR JC 304 -32.05 55.24 51.35
CA TYR JC 304 -31.82 56.60 50.88
C TYR JC 304 -32.50 57.59 51.81
N SER JC 305 -31.81 58.68 52.09
CA SER JC 305 -32.34 59.69 53.00
C SER JC 305 -33.62 60.31 52.43
N ARG JC 306 -34.31 61.07 53.27
CA ARG JC 306 -35.53 61.73 52.85
C ARG JC 306 -35.23 62.72 51.73
N ASN JC 307 -36.04 62.67 50.67
CA ASN JC 307 -35.85 63.49 49.49
C ASN JC 307 -36.94 64.55 49.43
N ARG JC 308 -36.54 65.81 49.24
CA ARG JC 308 -37.51 66.89 49.10
C ARG JC 308 -38.39 66.65 47.88
N GLN JC 309 -39.68 66.94 48.04
CA GLN JC 309 -40.68 66.54 47.05
C GLN JC 309 -41.01 67.63 46.03
N THR JC 310 -40.32 68.76 46.05
CA THR JC 310 -40.57 69.84 45.10
C THR JC 310 -39.26 70.35 44.54
N TYR JC 311 -39.29 70.78 43.27
CA TYR JC 311 -38.12 71.38 42.61
C TYR JC 311 -38.56 72.67 41.94
N ARG JC 312 -38.66 73.74 42.73
CA ARG JC 312 -39.09 75.03 42.19
C ARG JC 312 -37.96 75.69 41.41
N THR JC 313 -36.74 75.68 41.96
CA THR JC 313 -35.61 76.23 41.24
C THR JC 313 -35.37 75.46 39.96
N GLY JC 314 -35.62 74.15 39.96
CA GLY JC 314 -35.50 73.39 38.74
C GLY JC 314 -36.55 73.75 37.70
N ALA JC 315 -37.80 73.92 38.13
CA ALA JC 315 -38.83 74.34 37.20
C ALA JC 315 -38.48 75.68 36.57
N TYR JC 316 -37.99 76.63 37.37
CA TYR JC 316 -37.68 77.95 36.82
C TYR JC 316 -36.40 77.94 35.99
N TRP JC 317 -35.43 77.12 36.36
CA TRP JC 317 -34.24 76.97 35.53
C TRP JC 317 -34.59 76.40 34.17
N CYS JC 318 -35.54 75.46 34.12
CA CYS JC 318 -35.95 74.91 32.84
C CYS JC 318 -36.77 75.92 32.04
N LEU JC 319 -37.60 76.72 32.71
CA LEU JC 319 -38.28 77.80 31.99
C LEU JC 319 -37.27 78.75 31.36
N TYR JC 320 -36.22 79.08 32.10
CA TYR JC 320 -35.18 79.94 31.56
C TYR JC 320 -34.42 79.26 30.42
N VAL JC 321 -34.22 77.95 30.50
CA VAL JC 321 -33.59 77.23 29.39
C VAL JC 321 -34.45 77.32 28.13
N ASN JC 322 -35.76 77.16 28.28
CA ASN JC 322 -36.67 77.30 27.14
C ASN JC 322 -36.61 78.70 26.56
N ILE JC 323 -36.64 79.72 27.43
CA ILE JC 323 -36.57 81.10 26.96
C ILE JC 323 -35.27 81.34 26.23
N ILE JC 324 -34.15 80.87 26.80
CA ILE JC 324 -32.86 81.04 26.16
C ILE JC 324 -32.86 80.42 24.78
N ALA JC 325 -33.31 79.16 24.68
CA ALA JC 325 -33.28 78.47 23.40
C ALA JC 325 -34.10 79.23 22.36
N VAL JC 326 -35.36 79.53 22.67
CA VAL JC 326 -36.23 80.15 21.66
C VAL JC 326 -35.72 81.53 21.28
N VAL JC 327 -35.47 82.37 22.30
CA VAL JC 327 -35.08 83.76 22.04
C VAL JC 327 -33.75 83.83 21.32
N ALA JC 328 -32.75 83.08 21.81
CA ALA JC 328 -31.42 83.12 21.20
C ALA JC 328 -31.45 82.59 19.78
N PHE JC 329 -32.18 81.50 19.53
CA PHE JC 329 -32.21 80.96 18.17
C PHE JC 329 -32.91 81.92 17.21
N TYR JC 330 -34.04 82.50 17.64
CA TYR JC 330 -34.71 83.47 16.79
C TYR JC 330 -33.84 84.68 16.50
N PHE JC 331 -33.11 85.16 17.51
CA PHE JC 331 -32.28 86.35 17.33
C PHE JC 331 -31.08 86.04 16.44
N TRP JC 332 -30.45 84.89 16.64
CA TRP JC 332 -29.24 84.56 15.89
C TRP JC 332 -29.56 84.27 14.43
N PHE JC 333 -30.63 83.51 14.17
CA PHE JC 333 -30.86 82.99 12.83
C PHE JC 333 -31.96 83.74 12.09
N TYR JC 334 -33.12 83.92 12.72
CA TYR JC 334 -34.19 84.71 12.10
C TYR JC 334 -34.01 86.21 12.31
N LYS JC 335 -33.12 86.62 13.21
CA LYS JC 335 -32.96 88.02 13.60
C LYS JC 335 -34.26 88.62 14.13
N PHE JC 336 -35.07 87.79 14.80
CA PHE JC 336 -36.35 88.22 15.33
C PHE JC 336 -36.25 88.45 16.83
N THR JC 337 -36.89 89.51 17.30
CA THR JC 337 -37.13 89.72 18.72
C THR JC 337 -38.62 89.91 18.92
N MET JC 338 -39.18 89.27 19.95
CA MET JC 338 -40.61 89.36 20.18
C MET JC 338 -41.01 90.78 20.54
N ASN JC 339 -42.14 91.22 19.99
CA ASN JC 339 -42.68 92.55 20.28
C ASN JC 339 -43.57 92.43 21.50
N PHE JC 340 -42.99 92.68 22.68
CA PHE JC 340 -43.72 92.55 23.92
C PHE JC 340 -44.83 93.58 24.05
N GLY JC 341 -44.74 94.70 23.32
CA GLY JC 341 -45.78 95.69 23.36
C GLY JC 341 -47.02 95.36 22.56
N TYR JC 342 -46.97 94.29 21.76
CA TYR JC 342 -48.16 93.88 21.02
C TYR JC 342 -49.27 93.43 21.97
N LEU JC 343 -48.93 92.54 22.90
CA LEU JC 343 -49.81 92.21 24.02
C LEU JC 343 -49.28 92.96 25.24
N TRP JC 344 -49.66 94.23 25.33
CA TRP JC 344 -49.07 95.08 26.35
C TRP JC 344 -49.47 94.68 27.76
N TRP JC 345 -50.60 94.00 27.92
CA TRP JC 345 -51.05 93.65 29.27
C TRP JC 345 -50.26 92.51 29.89
N LEU JC 346 -49.65 91.64 29.09
CA LEU JC 346 -48.67 90.72 29.64
C LEU JC 346 -47.46 91.46 30.18
N LEU JC 347 -47.00 92.48 29.45
CA LEU JC 347 -45.91 93.31 29.94
C LEU JC 347 -46.30 94.04 31.22
N TYR JC 348 -47.54 94.50 31.29
CA TYR JC 348 -48.02 95.14 32.51
C TYR JC 348 -48.07 94.15 33.66
N SER JC 349 -48.52 92.92 33.40
CA SER JC 349 -48.53 91.89 34.43
C SER JC 349 -47.12 91.62 34.93
N LEU JC 350 -46.13 91.67 34.04
CA LEU JC 350 -44.75 91.60 34.49
C LEU JC 350 -44.40 92.79 35.36
N ILE JC 351 -44.79 93.99 34.95
CA ILE JC 351 -44.46 95.21 35.71
C ILE JC 351 -45.24 95.25 37.01
N LEU JC 352 -46.51 94.88 36.97
CA LEU JC 352 -47.35 94.94 38.17
C LEU JC 352 -46.86 93.99 39.25
N SER JC 353 -46.35 92.82 38.85
CA SER JC 353 -45.98 91.79 39.81
C SER JC 353 -44.85 92.25 40.73
N PHE JC 354 -44.00 93.16 40.26
CA PHE JC 354 -42.89 93.61 41.08
C PHE JC 354 -43.35 94.44 42.28
N PHE JC 355 -44.50 95.08 42.19
CA PHE JC 355 -45.00 95.94 43.26
C PHE JC 355 -46.26 95.42 43.93
N PHE JC 356 -46.87 94.36 43.40
CA PHE JC 356 -48.16 93.92 43.91
C PHE JC 356 -48.04 93.29 45.29
N SER JC 357 -47.09 92.36 45.47
CA SER JC 357 -47.05 91.57 46.69
C SER JC 357 -46.66 92.41 47.90
N ARG JC 358 -45.61 93.23 47.75
CA ARG JC 358 -45.16 94.04 48.88
C ARG JC 358 -46.21 95.05 49.29
N ALA JC 359 -46.91 95.64 48.32
CA ALA JC 359 -48.04 96.50 48.64
C ALA JC 359 -49.20 95.71 49.20
N LEU JC 360 -49.37 94.46 48.77
CA LEU JC 360 -50.41 93.60 49.31
C LEU JC 360 -50.17 93.32 50.79
N LYS JC 361 -48.91 93.23 51.21
CA LYS JC 361 -48.60 92.95 52.61
C LYS JC 361 -49.16 94.05 53.52
N HIS JC 362 -49.05 95.30 53.11
CA HIS JC 362 -49.53 96.43 53.89
C HIS JC 362 -50.96 96.81 53.54
N ARG JC 363 -51.63 96.02 52.72
CA ARG JC 363 -53.02 96.27 52.32
C ARG JC 363 -53.16 97.63 51.63
N PHE JC 364 -52.29 97.87 50.66
CA PHE JC 364 -52.33 99.09 49.86
C PHE JC 364 -53.29 98.99 48.69
N TYR JC 365 -53.95 97.85 48.49
CA TYR JC 365 -55.07 97.80 47.57
C TYR JC 365 -56.24 98.65 48.06
N ASN JC 366 -56.27 98.97 49.34
CA ASN JC 366 -57.26 99.88 49.89
C ASN JC 366 -56.84 101.32 49.60
N PRO JC 367 -57.66 102.11 48.91
CA PRO JC 367 -57.26 103.50 48.62
C PRO JC 367 -57.01 104.34 49.86
N LEU JC 368 -57.71 104.09 50.97
CA LEU JC 368 -57.49 104.87 52.18
C LEU JC 368 -56.10 104.66 52.75
N ASN JC 369 -55.62 103.41 52.74
CA ASN JC 369 -54.28 103.13 53.25
C ASN JC 369 -53.23 103.85 52.43
N VAL JC 370 -53.44 103.95 51.12
CA VAL JC 370 -52.47 104.65 50.27
C VAL JC 370 -52.41 106.13 50.63
N MET JC 371 -53.56 106.77 50.82
CA MET JC 371 -53.57 108.18 51.19
C MET JC 371 -52.92 108.41 52.54
N THR JC 372 -53.24 107.57 53.52
CA THR JC 372 -52.63 107.71 54.83
C THR JC 372 -51.13 107.52 54.76
N GLU JC 373 -50.67 106.54 53.97
CA GLU JC 373 -49.23 106.31 53.84
C GLU JC 373 -48.54 107.46 53.13
N PHE JC 374 -49.19 108.06 52.13
CA PHE JC 374 -48.61 109.22 51.46
C PHE JC 374 -48.42 110.36 52.44
N LYS JC 375 -49.47 110.66 53.22
CA LYS JC 375 -49.38 111.74 54.20
C LYS JC 375 -48.28 111.47 55.21
N ASN JC 376 -48.25 110.26 55.77
CA ASN JC 376 -47.27 109.94 56.80
C ASN JC 376 -45.85 109.96 56.24
N GLY JC 377 -45.66 109.46 55.02
CA GLY JC 377 -44.33 109.46 54.43
C GLY JC 377 -43.83 110.86 54.13
N PHE JC 378 -44.70 111.73 53.64
CA PHE JC 378 -44.27 113.11 53.41
C PHE JC 378 -43.94 113.80 54.73
N MET JC 379 -44.74 113.56 55.77
CA MET JC 379 -44.40 114.15 57.07
C MET JC 379 -43.08 113.62 57.59
N TRP JC 380 -42.81 112.32 57.41
CA TRP JC 380 -41.54 111.73 57.82
C TRP JC 380 -40.38 112.39 57.09
N PHE JC 381 -40.51 112.60 55.78
CA PHE JC 381 -39.47 113.25 54.99
C PHE JC 381 -39.22 114.67 55.49
N ILE JC 382 -40.29 115.41 55.77
CA ILE JC 382 -40.14 116.78 56.26
C ILE JC 382 -39.45 116.78 57.62
N ILE JC 383 -39.80 115.83 58.50
CA ILE JC 383 -39.16 115.76 59.81
C ILE JC 383 -37.67 115.52 59.65
N ILE JC 384 -37.30 114.60 58.77
CA ILE JC 384 -35.88 114.30 58.58
C ILE JC 384 -35.14 115.53 58.08
N LEU JC 385 -35.71 116.23 57.10
CA LEU JC 385 -35.03 117.41 56.56
C LEU JC 385 -34.88 118.50 57.61
N ILE JC 386 -35.93 118.74 58.40
CA ILE JC 386 -35.87 119.79 59.41
C ILE JC 386 -34.84 119.44 60.48
N ASN JC 387 -34.81 118.17 60.90
CA ASN JC 387 -33.82 117.76 61.90
C ASN JC 387 -32.41 117.80 61.33
N ILE JC 388 -32.27 117.67 60.01
CA ILE JC 388 -30.96 117.85 59.38
C ILE JC 388 -30.54 119.32 59.42
N PHE JC 389 -31.48 120.23 59.17
CA PHE JC 389 -31.13 121.64 59.01
C PHE JC 389 -31.12 122.44 60.31
N LYS JC 390 -31.62 121.89 61.42
CA LYS JC 390 -31.53 122.60 62.70
C LYS JC 390 -30.11 122.72 63.26
N PRO JC 391 -29.23 121.73 63.04
CA PRO JC 391 -27.83 121.92 63.45
C PRO JC 391 -27.18 123.15 62.86
N LEU JC 392 -27.65 123.65 61.71
CA LEU JC 392 -27.14 124.92 61.21
C LEU JC 392 -27.43 126.05 62.18
N LEU JC 393 -28.66 126.10 62.72
CA LEU JC 393 -28.99 127.11 63.72
C LEU JC 393 -28.17 126.93 64.99
N LYS JC 394 -27.96 125.66 65.40
CA LYS JC 394 -27.12 125.42 66.57
C LYS JC 394 -25.71 125.95 66.35
N LEU JC 395 -25.15 125.71 65.16
CA LEU JC 395 -23.81 126.21 64.83
C LEU JC 395 -23.79 127.73 64.77
N LEU JC 396 -24.88 128.36 64.32
CA LEU JC 396 -24.95 129.82 64.33
C LEU JC 396 -24.88 130.37 65.74
N GLU JC 397 -25.63 129.76 66.67
CA GLU JC 397 -25.56 130.21 68.06
C GLU JC 397 -24.17 129.99 68.65
N ASN JC 398 -23.56 128.85 68.32
CA ASN JC 398 -22.19 128.60 68.76
C ASN JC 398 -21.23 129.65 68.21
N ASN JC 399 -21.44 130.07 66.96
CA ASN JC 399 -20.62 131.11 66.37
C ASN JC 399 -20.80 132.45 67.08
N TYR JC 400 -22.04 132.76 67.47
CA TYR JC 400 -22.28 133.96 68.25
C TYR JC 400 -21.49 133.94 69.56
N ILE JC 401 -21.59 132.84 70.29
CA ILE JC 401 -20.88 132.74 71.58
C ILE JC 401 -19.37 132.78 71.36
N ASN JC 402 -18.90 132.15 70.28
CA ASN JC 402 -17.48 132.16 69.97
C ASN JC 402 -16.99 133.56 69.65
N LEU JC 403 -17.80 134.35 68.94
CA LEU JC 403 -17.44 135.74 68.67
C LEU JC 403 -17.36 136.54 69.97
N TYR JC 404 -18.30 136.31 70.88
CA TYR JC 404 -18.25 136.99 72.17
C TYR JC 404 -16.97 136.65 72.92
N ASN JC 405 -16.62 135.36 72.95
CA ASN JC 405 -15.41 134.94 73.63
C ASN JC 405 -14.17 135.53 72.96
N HIS JC 406 -14.16 135.58 71.62
CA HIS JC 406 -13.03 136.19 70.91
C HIS JC 406 -12.88 137.65 71.28
N LEU JC 407 -13.99 138.39 71.36
CA LEU JC 407 -13.92 139.80 71.74
C LEU JC 407 -13.35 139.95 73.14
N VAL JC 408 -13.82 139.13 74.08
CA VAL JC 408 -13.34 139.23 75.46
C VAL JC 408 -11.85 138.91 75.53
N ILE JC 409 -11.42 137.86 74.84
CA ILE JC 409 -10.01 137.46 74.89
C ILE JC 409 -9.13 138.51 74.24
N LYS JC 410 -9.58 139.10 73.12
CA LYS JC 410 -8.80 140.15 72.48
C LYS JC 410 -8.68 141.38 73.38
N TYR JC 411 -9.77 141.75 74.06
CA TYR JC 411 -9.69 142.85 75.01
C TYR JC 411 -8.70 142.55 76.12
N TYR JC 412 -8.74 141.33 76.66
CA TYR JC 412 -7.83 140.95 77.73
C TYR JC 412 -6.37 141.00 77.28
N GLN JC 413 -6.10 140.46 76.09
CA GLN JC 413 -4.73 140.47 75.57
C GLN JC 413 -4.25 141.88 75.28
N SER JC 414 -5.12 142.73 74.73
CA SER JC 414 -4.74 144.12 74.48
C SER JC 414 -4.45 144.85 75.78
N PHE JC 415 -5.26 144.61 76.81
CA PHE JC 415 -5.00 145.24 78.10
C PHE JC 415 -3.67 144.78 78.67
N ILE JC 416 -3.37 143.48 78.58
CA ILE JC 416 -2.11 142.98 79.10
C ILE JC 416 -0.94 143.60 78.34
N CYS JC 417 -1.03 143.67 77.01
CA CYS JC 417 0.05 144.22 76.22
C CYS JC 417 0.25 145.71 76.51
N ASN JC 418 -0.85 146.45 76.68
CA ASN JC 418 -0.74 147.87 77.01
C ASN JC 418 -0.09 148.06 78.39
N THR JC 419 -0.47 147.21 79.36
CA THR JC 419 0.14 147.31 80.68
C THR JC 419 1.62 146.97 80.63
N LEU JC 420 2.00 145.99 79.79
CA LEU JC 420 3.40 145.68 79.59
C LEU JC 420 4.14 146.77 78.81
N ILE JC 421 3.41 147.61 78.08
CA ILE JC 421 3.99 148.67 77.26
C ILE JC 421 4.97 148.10 76.25
N GLU JC 427 -5.06 149.79 69.48
CA GLU JC 427 -5.53 149.07 70.66
C GLU JC 427 -6.82 148.31 70.34
N PHE JC 428 -7.88 149.05 70.05
CA PHE JC 428 -9.17 148.44 69.70
C PHE JC 428 -9.28 148.11 68.23
N ASN JC 429 -8.29 148.47 67.41
CA ASN JC 429 -8.30 148.04 66.01
C ASN JC 429 -8.17 146.52 65.91
N TYR JC 430 -7.33 145.92 66.75
CA TYR JC 430 -7.21 144.47 66.77
C TYR JC 430 -8.41 143.82 67.44
N ILE JC 431 -8.98 144.46 68.47
CA ILE JC 431 -10.10 143.88 69.19
C ILE JC 431 -11.32 143.75 68.29
N LEU JC 432 -11.57 144.76 67.46
CA LEU JC 432 -12.76 144.81 66.60
C LEU JC 432 -12.38 144.72 65.13
N SER JC 433 -11.48 143.79 64.80
CA SER JC 433 -11.01 143.67 63.43
C SER JC 433 -12.13 143.29 62.47
N SER JC 434 -12.97 142.33 62.86
CA SER JC 434 -14.04 141.87 61.97
C SER JC 434 -15.34 141.61 62.72
N PHE JC 435 -15.59 142.36 63.80
CA PHE JC 435 -16.82 142.18 64.55
C PHE JC 435 -18.04 142.55 63.72
N LYS JC 436 -17.96 143.64 62.96
CA LYS JC 436 -19.12 144.12 62.20
C LYS JC 436 -19.56 143.11 61.16
N PHE JC 437 -18.62 142.51 60.43
CA PHE JC 437 -18.98 141.56 59.38
C PHE JC 437 -19.68 140.34 59.95
N ILE JC 438 -19.12 139.76 61.03
CA ILE JC 438 -19.72 138.58 61.64
C ILE JC 438 -21.09 138.92 62.20
N LYS JC 439 -21.20 140.06 62.89
CA LYS JC 439 -22.49 140.45 63.47
C LYS JC 439 -23.55 140.66 62.40
N GLU JC 440 -23.19 141.35 61.32
CA GLU JC 440 -24.16 141.59 60.24
C GLU JC 440 -24.57 140.29 59.56
N LEU JC 441 -23.62 139.40 59.30
CA LEU JC 441 -23.96 138.12 58.67
C LEU JC 441 -24.88 137.30 59.57
N ASN JC 442 -24.57 137.23 60.87
CA ASN JC 442 -25.41 136.48 61.79
C ASN JC 442 -26.80 137.09 61.88
N ASN JC 443 -26.89 138.42 61.92
CA ASN JC 443 -28.20 139.07 61.98
C ASN JC 443 -29.00 138.81 60.70
N ILE JC 444 -28.35 138.83 59.54
CA ILE JC 444 -29.03 138.53 58.29
C ILE JC 444 -29.57 137.10 58.29
N ILE JC 445 -28.76 136.16 58.77
CA ILE JC 445 -29.22 134.76 58.80
C ILE JC 445 -30.36 134.60 59.80
N ILE JC 446 -30.30 135.33 60.93
CA ILE JC 446 -31.39 135.26 61.91
C ILE JC 446 -32.67 135.82 61.32
N ILE JC 447 -32.57 136.92 60.56
CA ILE JC 447 -33.75 137.48 59.89
C ILE JC 447 -34.31 136.48 58.88
N SER JC 448 -33.44 135.83 58.12
CA SER JC 448 -33.89 134.84 57.14
C SER JC 448 -34.61 133.70 57.84
N LEU JC 449 -34.10 133.26 58.99
CA LEU JC 449 -34.79 132.23 59.77
C LEU JC 449 -36.15 132.74 60.26
N ASN JC 450 -36.20 133.99 60.72
CA ASN JC 450 -37.46 134.58 61.16
C ASN JC 450 -38.45 134.72 60.02
N LYS JC 451 -37.98 134.68 58.78
CA LYS JC 451 -38.86 134.60 57.62
C LYS JC 451 -39.38 133.18 57.38
N LEU JC 452 -39.29 132.31 58.40
CA LEU JC 452 -39.82 130.94 58.36
C LEU JC 452 -39.06 130.09 57.36
N PHE JC 453 -37.73 130.16 57.41
CA PHE JC 453 -36.87 129.34 56.58
C PHE JC 453 -36.79 127.92 57.17
N PHE KC 2 -16.82 31.59 63.89
CA PHE KC 2 -17.60 30.46 63.40
C PHE KC 2 -17.29 30.12 61.95
N ARG KC 3 -17.33 28.82 61.64
CA ARG KC 3 -17.16 28.32 60.28
C ARG KC 3 -18.44 27.83 59.65
N TRP KC 4 -19.37 27.29 60.44
CA TRP KC 4 -20.60 26.71 59.96
C TRP KC 4 -21.79 27.54 60.43
N LEU KC 5 -22.78 27.70 59.56
CA LEU KC 5 -23.95 28.48 59.93
C LEU KC 5 -24.80 27.77 60.97
N PHE KC 6 -24.88 26.44 60.91
CA PHE KC 6 -25.69 25.71 61.88
C PHE KC 6 -25.07 25.77 63.28
N LEU KC 7 -23.75 25.89 63.38
CA LEU KC 7 -23.12 26.18 64.66
C LEU KC 7 -23.25 27.65 65.04
N TYR KC 8 -23.22 28.54 64.05
CA TYR KC 8 -23.32 29.98 64.30
C TYR KC 8 -24.66 30.34 64.92
N TRP KC 9 -25.75 29.81 64.35
CA TRP KC 9 -27.09 30.19 64.75
C TRP KC 9 -27.71 29.23 65.76
N TYR KC 10 -26.95 28.26 66.26
CA TYR KC 10 -27.53 27.28 67.16
C TYR KC 10 -27.87 27.90 68.51
N ASN KC 11 -26.86 28.40 69.21
CA ASN KC 11 -27.05 29.03 70.52
C ASN KC 11 -26.16 30.28 70.55
N SER KC 12 -26.75 31.41 70.15
CA SER KC 12 -26.03 32.67 70.12
C SER KC 12 -26.48 33.52 71.30
N THR KC 13 -25.52 33.94 72.13
CA THR KC 13 -25.81 34.75 73.30
C THR KC 13 -25.46 36.21 73.13
N ASP KC 14 -24.90 36.60 71.97
CA ASP KC 14 -24.60 37.99 71.67
C ASP KC 14 -25.71 38.65 70.88
N THR KC 15 -26.96 38.21 71.07
CA THR KC 15 -28.07 38.75 70.35
C THR KC 15 -28.37 40.18 70.80
N PRO KC 16 -29.09 40.95 69.97
CA PRO KC 16 -29.39 42.33 70.35
C PRO KC 16 -30.10 42.47 71.68
N SER KC 17 -30.90 41.49 72.09
CA SER KC 17 -31.58 41.58 73.38
C SER KC 17 -30.56 41.69 74.52
N ALA KC 18 -29.61 40.75 74.58
CA ALA KC 18 -28.61 40.78 75.65
C ALA KC 18 -27.69 41.98 75.51
N ILE KC 19 -27.22 42.24 74.28
CA ILE KC 19 -26.29 43.35 74.12
C ILE KC 19 -26.96 44.69 74.44
N ALA KC 20 -28.28 44.78 74.26
CA ALA KC 20 -29.02 45.96 74.67
C ALA KC 20 -29.20 46.01 76.18
N LYS KC 21 -29.34 44.84 76.82
CA LYS KC 21 -29.34 44.82 78.28
C LYS KC 21 -28.03 45.34 78.84
N VAL KC 22 -26.93 45.21 78.09
CA VAL KC 22 -25.69 45.87 78.50
C VAL KC 22 -25.40 47.16 77.74
N ASN KC 23 -25.93 47.31 76.52
CA ASN KC 23 -25.81 48.54 75.73
C ASN KC 23 -24.35 48.90 75.43
N LEU KC 24 -23.62 47.95 74.85
CA LEU KC 24 -22.23 48.18 74.48
C LEU KC 24 -21.98 47.39 73.19
N TRP KC 25 -22.10 48.05 72.05
CA TRP KC 25 -22.05 47.41 70.74
C TRP KC 25 -20.65 47.61 70.15
N SER KC 26 -19.77 46.67 70.44
CA SER KC 26 -18.39 46.76 69.95
C SER KC 26 -18.32 46.55 68.45
N TYR KC 27 -17.34 47.21 67.82
CA TYR KC 27 -17.18 47.09 66.37
C TYR KC 27 -16.66 45.72 65.97
N ILE KC 28 -15.77 45.13 66.79
CA ILE KC 28 -15.18 43.85 66.43
C ILE KC 28 -16.19 42.72 66.42
N ASN KC 29 -17.41 42.96 66.92
CA ASN KC 29 -18.45 41.95 66.96
C ASN KC 29 -19.47 42.12 65.84
N LEU KC 30 -19.08 42.75 64.73
CA LEU KC 30 -19.98 42.88 63.59
C LEU KC 30 -20.31 41.50 63.05
N ARG KC 31 -21.57 41.31 62.67
CA ARG KC 31 -21.98 40.03 62.11
C ARG KC 31 -21.48 39.83 60.68
N LEU KC 32 -20.90 40.86 60.07
CA LEU KC 32 -20.30 40.70 58.75
C LEU KC 32 -19.06 39.82 58.80
N PHE KC 33 -18.39 39.76 59.94
CA PHE KC 33 -17.14 39.02 60.08
C PHE KC 33 -17.26 37.77 60.95
N LYS KC 34 -18.42 37.51 61.55
CA LYS KC 34 -18.51 36.43 62.52
C LYS KC 34 -18.39 35.05 61.88
N ALA KC 35 -19.09 34.83 60.77
CA ALA KC 35 -19.10 33.53 60.11
C ALA KC 35 -18.50 33.65 58.73
N ARG KC 36 -17.78 32.60 58.31
CA ARG KC 36 -17.21 32.53 56.98
C ARG KC 36 -16.89 31.08 56.65
N LEU KC 37 -17.30 30.64 55.46
CA LEU KC 37 -17.13 29.25 55.08
C LEU KC 37 -15.67 28.96 54.73
N SER KC 38 -15.39 27.71 54.40
CA SER KC 38 -14.02 27.22 54.25
C SER KC 38 -13.49 27.31 52.84
N SER KC 39 -14.29 27.77 51.88
CA SER KC 39 -13.94 27.86 50.47
C SER KC 39 -13.60 26.51 49.84
N SER KC 40 -13.91 25.42 50.53
CA SER KC 40 -13.81 24.07 49.98
C SER KC 40 -15.20 23.48 49.85
N ILE KC 41 -15.44 22.75 48.75
CA ILE KC 41 -16.78 22.25 48.48
C ILE KC 41 -17.25 21.40 49.64
N ALA KC 42 -18.47 21.64 50.09
CA ALA KC 42 -19.06 20.89 51.19
C ALA KC 42 -20.55 20.78 50.93
N TYR KC 43 -21.00 19.59 50.56
CA TYR KC 43 -22.40 19.33 50.26
C TYR KC 43 -22.95 18.36 51.29
N TYR KC 44 -24.24 18.03 51.17
CA TYR KC 44 -24.94 17.21 52.13
C TYR KC 44 -25.50 15.97 51.45
N ILE KC 45 -25.23 14.81 52.05
CA ILE KC 45 -25.88 13.56 51.67
C ILE KC 45 -26.75 13.15 52.83
N LEU KC 46 -27.49 12.06 52.68
CA LEU KC 46 -28.30 11.52 53.77
C LEU KC 46 -27.53 10.35 54.39
N GLY KC 47 -27.16 10.50 55.65
CA GLY KC 47 -26.46 9.45 56.35
C GLY KC 47 -27.41 8.37 56.82
N LEU KC 48 -27.16 7.84 58.01
CA LEU KC 48 -28.05 6.82 58.57
C LEU KC 48 -29.16 7.42 59.41
N ASN KC 49 -28.91 8.54 60.06
CA ASN KC 49 -29.90 9.21 60.91
C ASN KC 49 -30.31 10.59 60.42
N ASN KC 50 -29.41 11.32 59.77
CA ASN KC 50 -29.63 12.73 59.49
C ASN KC 50 -28.75 13.11 58.30
N LEU KC 51 -28.61 14.41 58.07
CA LEU KC 51 -27.74 14.89 57.00
C LEU KC 51 -26.28 14.68 57.38
N GLU KC 52 -25.48 14.29 56.39
CA GLU KC 52 -24.05 14.10 56.55
C GLU KC 52 -23.32 15.09 55.64
N LEU KC 53 -22.33 15.78 56.21
CA LEU KC 53 -21.58 16.80 55.48
C LEU KC 53 -20.37 16.16 54.83
N LYS KC 54 -20.33 16.18 53.50
CA LYS KC 54 -19.24 15.62 52.73
C LYS KC 54 -18.48 16.73 52.04
N LYS KC 55 -17.16 16.74 52.19
CA LYS KC 55 -16.31 17.79 51.65
C LYS KC 55 -15.58 17.27 50.41
N LEU KC 56 -15.70 18.00 49.30
CA LEU KC 56 -15.04 17.66 48.05
C LEU KC 56 -13.85 18.58 47.85
N LYS KC 57 -12.66 18.08 48.15
CA LYS KC 57 -11.42 18.83 47.97
C LYS KC 57 -10.60 18.11 46.91
N ILE KC 58 -10.29 18.82 45.83
CA ILE KC 58 -9.73 18.18 44.63
C ILE KC 58 -8.23 18.37 44.56
N PHE KC 59 -7.77 19.62 44.56
CA PHE KC 59 -6.35 19.91 44.43
C PHE KC 59 -5.93 20.95 45.45
N TYR KC 60 -4.65 20.91 45.82
CA TYR KC 60 -4.07 21.88 46.73
C TYR KC 60 -3.77 23.19 46.00
N LYS KC 61 -3.65 24.26 46.78
CA LYS KC 61 -3.36 25.58 46.24
C LYS KC 61 -2.03 26.15 46.69
N ASN KC 62 -1.23 25.39 47.45
CA ASN KC 62 0.04 25.87 47.96
C ASN KC 62 1.23 25.30 47.18
N THR KC 63 1.02 24.91 45.93
CA THR KC 63 2.10 24.37 45.12
C THR KC 63 3.14 25.45 44.84
N TYR KC 64 4.42 25.08 44.95
CA TYR KC 64 5.51 25.97 44.60
C TYR KC 64 6.06 25.61 43.22
N PHE KC 65 6.93 26.47 42.71
CA PHE KC 65 7.39 26.34 41.34
C PHE KC 65 8.23 25.09 41.12
N ASP KC 66 8.97 24.63 42.13
CA ASP KC 66 9.83 23.47 41.95
C ASP KC 66 9.02 22.23 41.58
N TYR KC 67 7.84 22.07 42.20
CA TYR KC 67 6.98 20.96 41.84
C TYR KC 67 6.55 21.04 40.37
N ILE KC 68 6.17 22.24 39.92
CA ILE KC 68 5.75 22.43 38.55
C ILE KC 68 6.89 22.12 37.59
N TYR KC 69 8.10 22.59 37.91
CA TYR KC 69 9.25 22.35 37.05
C TYR KC 69 9.61 20.88 36.98
N LEU KC 70 9.61 20.19 38.12
CA LEU KC 70 9.97 18.77 38.13
C LEU KC 70 8.90 17.93 37.45
N LYS KC 71 7.65 18.33 37.52
CA LYS KC 71 6.57 17.59 36.86
C LYS KC 71 6.50 17.90 35.37
N SER KC 72 7.26 18.85 34.87
CA SER KC 72 7.25 19.22 33.46
C SER KC 72 8.42 18.65 32.67
N ILE KC 73 9.42 18.08 33.35
CA ILE KC 73 10.61 17.59 32.65
C ILE KC 73 10.27 16.53 31.60
N PRO KC 74 9.45 15.51 31.89
CA PRO KC 74 9.09 14.56 30.82
C PRO KC 74 8.40 15.22 29.64
N CYS KC 75 7.54 16.21 29.89
CA CYS KC 75 6.87 16.89 28.78
C CYS KC 75 7.87 17.64 27.92
N LEU KC 76 8.81 18.35 28.55
CA LEU KC 76 9.81 19.09 27.78
C LEU KC 76 10.69 18.14 26.97
N PHE KC 77 11.10 17.02 27.56
CA PHE KC 77 11.92 16.08 26.81
C PHE KC 77 11.13 15.43 25.68
N LEU KC 78 9.83 15.18 25.88
CA LEU KC 78 9.01 14.68 24.78
C LEU KC 78 8.91 15.70 23.65
N ILE KC 79 8.78 16.98 24.00
CA ILE KC 79 8.73 18.02 22.96
C ILE KC 79 10.05 18.05 22.18
N ILE KC 80 11.18 17.99 22.89
CA ILE KC 80 12.48 17.99 22.24
C ILE KC 80 12.61 16.79 21.31
N PHE KC 81 12.23 15.61 21.81
CA PHE KC 81 12.33 14.39 21.02
C PHE KC 81 11.46 14.46 19.78
N PHE KC 82 10.22 14.93 19.92
CA PHE KC 82 9.32 15.01 18.78
C PHE KC 82 9.82 16.01 17.75
N THR KC 83 10.33 17.16 18.18
CA THR KC 83 10.83 18.15 17.23
C THR KC 83 12.06 17.63 16.49
N ASN KC 84 12.98 16.98 17.20
CA ASN KC 84 14.16 16.43 16.52
C ASN KC 84 13.76 15.27 15.59
N LEU KC 85 12.77 14.48 15.99
CA LEU KC 85 12.28 13.41 15.13
C LEU KC 85 11.65 13.98 13.86
N TYR KC 86 10.90 15.06 13.98
CA TYR KC 86 10.35 15.72 12.81
C TYR KC 86 11.45 16.26 11.91
N LEU KC 87 12.49 16.83 12.50
CA LEU KC 87 13.62 17.32 11.71
C LEU KC 87 14.30 16.19 10.95
N PHE KC 88 14.52 15.06 11.61
CA PHE KC 88 15.21 13.94 10.96
C PHE KC 88 14.32 13.23 9.96
N LEU KC 89 13.00 13.27 10.15
CA LEU KC 89 12.07 12.55 9.29
C LEU KC 89 10.93 13.45 8.83
N HIS LC 87 70.46 24.05 41.44
CA HIS LC 87 69.37 23.35 42.11
C HIS LC 87 68.07 24.14 42.04
N LEU LC 88 67.15 23.84 42.95
CA LEU LC 88 65.80 24.41 43.05
C LEU LC 88 64.91 24.00 41.87
N TYR LC 89 65.45 23.26 40.91
CA TYR LC 89 64.67 22.73 39.79
C TYR LC 89 64.70 21.22 39.76
N THR LC 90 65.88 20.60 39.84
CA THR LC 90 65.96 19.15 39.93
C THR LC 90 65.37 18.64 41.24
N THR LC 91 65.59 19.38 42.33
CA THR LC 91 65.00 18.98 43.61
C THR LC 91 63.48 19.02 43.55
N GLU LC 92 62.92 20.06 42.94
CA GLU LC 92 61.47 20.13 42.81
C GLU LC 92 60.93 19.08 41.86
N LEU LC 93 61.68 18.74 40.81
CA LEU LC 93 61.27 17.63 39.96
C LEU LC 93 61.26 16.32 40.73
N LEU LC 94 62.26 16.10 41.57
CA LEU LC 94 62.29 14.89 42.39
C LEU LC 94 61.12 14.86 43.38
N ILE LC 95 60.81 16.01 43.97
CA ILE LC 95 59.67 16.09 44.89
C ILE LC 95 58.38 15.76 44.16
N GLU LC 96 58.21 16.32 42.96
CA GLU LC 96 57.02 16.04 42.18
C GLU LC 96 56.95 14.56 41.81
N LEU LC 97 58.08 13.96 41.47
CA LEU LC 97 58.08 12.54 41.11
C LEU LC 97 57.73 11.65 42.29
N ILE LC 98 58.23 11.97 43.49
CA ILE LC 98 57.90 11.18 44.66
C ILE LC 98 56.41 11.31 44.99
N LEU LC 99 55.90 12.54 44.96
CA LEU LC 99 54.47 12.74 45.17
C LEU LC 99 53.66 12.03 44.10
N PHE LC 100 54.18 11.98 42.86
CA PHE LC 100 53.49 11.29 41.79
C PHE LC 100 53.45 9.78 42.03
N LYS LC 101 54.53 9.22 42.55
CA LYS LC 101 54.52 7.79 42.90
C LYS LC 101 53.49 7.52 43.98
N TYR LC 102 53.44 8.36 45.02
CA TYR LC 102 52.44 8.15 46.06
C TYR LC 102 51.02 8.29 45.50
N LYS LC 103 50.81 9.28 44.62
CA LYS LC 103 49.48 9.48 44.05
C LYS LC 103 49.09 8.34 43.12
N LEU LC 104 50.05 7.73 42.42
CA LEU LC 104 49.76 6.53 41.64
C LEU LC 104 49.36 5.38 42.55
N ILE LC 105 50.05 5.24 43.68
CA ILE LC 105 49.65 4.20 44.64
C ILE LC 105 48.23 4.45 45.14
N ILE LC 106 47.89 5.71 45.40
CA ILE LC 106 46.54 6.06 45.83
C ILE LC 106 45.52 5.71 44.75
N LEU LC 107 45.82 6.09 43.50
CA LEU LC 107 44.87 5.90 42.41
C LEU LC 107 44.69 4.42 42.07
N LYS LC 108 45.70 3.59 42.34
CA LYS LC 108 45.56 2.16 42.05
C LYS LC 108 44.47 1.53 42.92
N PHE LC 109 44.34 1.98 44.18
CA PHE LC 109 43.40 1.40 45.13
C PHE LC 109 42.24 2.35 45.41
N SER LC 110 41.79 3.09 44.41
CA SER LC 110 40.72 4.06 44.58
C SER LC 110 40.05 4.31 43.24
N SER LC 111 38.89 4.96 43.30
CA SER LC 111 38.12 5.29 42.11
C SER LC 111 38.27 6.76 41.76
N ILE LC 112 37.84 7.10 40.55
CA ILE LC 112 37.90 8.49 40.09
C ILE LC 112 36.90 9.34 40.86
N LYS LC 113 35.70 8.80 41.12
CA LYS LC 113 34.67 9.57 41.81
C LYS LC 113 35.11 9.96 43.21
N TYR LC 114 35.74 9.04 43.94
CA TYR LC 114 36.20 9.34 45.29
C TYR LC 114 37.26 10.43 45.29
N ILE LC 115 38.20 10.35 44.34
CA ILE LC 115 39.25 11.36 44.26
C ILE LC 115 38.66 12.72 43.91
N LEU LC 116 37.71 12.75 42.97
CA LEU LC 116 37.07 14.01 42.62
C LEU LC 116 36.33 14.61 43.81
N ASN LC 117 35.60 13.77 44.55
CA ASN LC 117 34.87 14.26 45.72
C ASN LC 117 35.83 14.81 46.77
N PHE LC 118 36.92 14.08 47.04
CA PHE LC 118 37.88 14.55 48.04
C PHE LC 118 38.51 15.87 47.62
N ASN LC 119 38.90 15.99 46.35
CA ASN LC 119 39.53 17.22 45.90
C ASN LC 119 38.56 18.39 45.92
N VAL LC 120 37.30 18.15 45.55
CA VAL LC 120 36.29 19.22 45.61
C VAL LC 120 36.08 19.68 47.04
N ARG LC 121 35.98 18.74 47.97
CA ARG LC 121 35.80 19.11 49.38
C ARG LC 121 37.02 19.87 49.90
N LYS LC 122 38.22 19.44 49.51
CA LYS LC 122 39.43 20.14 49.95
C LYS LC 122 39.48 21.55 49.39
N PHE LC 123 39.09 21.73 48.13
CA PHE LC 123 39.07 23.07 47.55
C PHE LC 123 38.04 23.96 48.22
N ILE LC 124 36.87 23.40 48.56
CA ILE LC 124 35.87 24.17 49.27
C ILE LC 124 36.39 24.60 50.65
N LEU LC 125 37.07 23.68 51.33
CA LEU LC 125 37.68 24.02 52.62
C LEU LC 125 38.72 25.11 52.46
N PHE LC 126 39.53 25.04 51.40
CA PHE LC 126 40.55 26.06 51.16
C PHE LC 126 39.92 27.43 50.92
N ASN LC 127 38.84 27.46 50.12
CA ASN LC 127 38.16 28.73 49.88
C ASN LC 127 37.56 29.31 51.15
N LEU LC 128 36.95 28.44 51.97
CA LEU LC 128 36.42 28.90 53.25
C LEU LC 128 37.53 29.41 54.15
N PHE LC 129 38.69 28.75 54.13
CA PHE LC 129 39.84 29.21 54.90
C PHE LC 129 40.28 30.60 54.46
N LEU LC 130 40.36 30.83 53.14
CA LEU LC 130 40.74 32.15 52.66
C LEU LC 130 39.73 33.21 53.08
N ILE LC 131 38.44 32.90 52.95
CA ILE LC 131 37.40 33.86 53.31
C ILE LC 131 37.48 34.20 54.79
N ASN LC 132 37.69 33.19 55.64
CA ASN LC 132 37.86 33.46 57.07
C ASN LC 132 39.12 34.27 57.33
N ASN LC 133 40.19 33.99 56.58
CA ASN LC 133 41.44 34.71 56.79
C ASN LC 133 41.29 36.20 56.49
N TYR LC 134 40.50 36.54 55.48
CA TYR LC 134 40.28 37.94 55.12
C TYR LC 134 38.97 38.47 55.68
N LYS LC 135 38.59 38.05 56.88
CA LYS LC 135 37.38 38.56 57.54
C LYS LC 135 37.65 39.79 58.39
N ALA LC 136 38.80 39.86 59.04
CA ALA LC 136 39.12 40.95 59.94
C ALA LC 136 39.74 42.15 59.24
N TYR LC 137 39.92 42.08 57.92
CA TYR LC 137 40.50 43.20 57.19
C TYR LC 137 39.50 44.34 57.06
N LYS LC 138 39.99 45.56 57.28
CA LYS LC 138 39.10 46.72 57.29
C LYS LC 138 38.52 47.00 55.92
N ILE LC 139 39.29 46.78 54.85
CA ILE LC 139 38.78 47.05 53.51
C ILE LC 139 37.68 46.06 53.13
N ASN LC 140 37.90 44.77 53.41
CA ASN LC 140 36.88 43.76 53.14
C ASN LC 140 35.64 44.01 53.99
N THR LC 141 35.83 44.38 55.26
CA THR LC 141 34.70 44.70 56.11
C THR LC 141 33.96 45.94 55.63
N PHE LC 142 34.68 46.92 55.08
CA PHE LC 142 34.03 48.09 54.52
C PHE LC 142 33.18 47.74 53.30
N PHE LC 143 33.70 46.86 52.44
CA PHE LC 143 32.90 46.41 51.31
C PHE LC 143 31.65 45.67 51.78
N LEU LC 144 31.80 44.78 52.77
CA LEU LC 144 30.64 44.07 53.30
C LEU LC 144 29.66 45.03 53.95
N TYR LC 145 30.17 46.06 54.64
CA TYR LC 145 29.30 47.04 55.28
C TYR LC 145 28.52 47.83 54.24
N ILE LC 146 29.16 48.21 53.14
CA ILE LC 146 28.45 48.90 52.06
C ILE LC 146 27.37 47.98 51.48
N TYR LC 147 27.71 46.70 51.28
CA TYR LC 147 26.73 45.75 50.77
C TYR LC 147 25.53 45.63 51.70
N ILE LC 148 25.78 45.52 53.01
CA ILE LC 148 24.70 45.40 53.99
C ILE LC 148 23.86 46.67 54.00
N TYR LC 149 24.51 47.83 53.98
CA TYR LC 149 23.77 49.09 54.01
C TYR LC 149 22.89 49.24 52.78
N LEU LC 150 23.39 48.85 51.60
CA LEU LC 150 22.57 48.89 50.41
C LEU LC 150 21.45 47.87 50.47
N ASN LC 151 21.65 46.75 51.17
CA ASN LC 151 20.61 45.74 51.27
C ASN LC 151 19.40 46.26 52.04
N ASN LC 152 19.63 46.87 53.20
CA ASN LC 152 18.54 47.36 54.05
C ASN LC 152 18.14 48.80 53.74
N LEU LC 153 18.69 49.38 52.68
CA LEU LC 153 18.37 50.76 52.35
C LEU LC 153 16.91 50.91 51.94
N ASN LC 154 16.38 49.96 51.18
CA ASN LC 154 15.04 50.07 50.60
C ASN LC 154 14.11 49.08 51.31
N ILE LC 155 13.47 49.56 52.38
CA ILE LC 155 12.43 48.82 53.09
C ILE LC 155 11.08 49.40 52.69
N ILE LC 156 10.19 48.54 52.23
CA ILE LC 156 8.93 48.94 51.60
C ILE LC 156 7.77 48.50 52.47
N TRP LC 157 6.77 49.37 52.60
CA TRP LC 157 5.57 49.08 53.37
C TRP LC 157 4.41 48.81 52.42
N TYR LC 158 3.72 47.69 52.65
CA TYR LC 158 2.57 47.31 51.84
C TYR LC 158 1.30 47.44 52.66
N PRO LC 159 0.53 48.50 52.51
CA PRO LC 159 -0.68 48.67 53.31
C PRO LC 159 -1.84 47.86 52.75
N ILE LC 160 -2.90 47.78 53.54
CA ILE LC 160 -4.16 47.17 53.13
C ILE LC 160 -5.10 48.30 52.73
N PHE LC 161 -5.44 48.37 51.45
CA PHE LC 161 -6.21 49.48 50.92
C PHE LC 161 -7.68 49.14 50.71
N LYS LC 162 -8.15 48.02 51.25
CA LYS LC 162 -9.57 47.73 51.23
C LYS LC 162 -10.24 48.31 52.48
N ALA LC 163 -11.54 48.56 52.37
CA ALA LC 163 -12.28 49.15 53.49
C ALA LC 163 -12.34 48.22 54.69
N TYR LC 164 -12.16 46.91 54.50
CA TYR LC 164 -12.12 46.00 55.64
C TYR LC 164 -10.94 46.30 56.55
N SER LC 165 -9.80 46.65 55.96
CA SER LC 165 -8.58 47.03 56.68
C SER LC 165 -8.05 45.89 57.52
N ILE LC 166 -7.52 46.22 58.70
CA ILE LC 166 -6.76 45.24 59.48
C ILE LC 166 -7.68 44.16 60.06
N PHE LC 167 -8.85 44.57 60.58
CA PHE LC 167 -9.69 43.59 61.24
C PHE LC 167 -10.31 42.60 60.25
N GLY LC 168 -10.72 43.09 59.08
CA GLY LC 168 -11.25 42.18 58.08
C GLY LC 168 -10.22 41.17 57.61
N TYR LC 169 -8.99 41.64 57.37
CA TYR LC 169 -7.92 40.72 57.00
C TYR LC 169 -7.65 39.73 58.12
N TYR LC 170 -7.64 40.20 59.37
CA TYR LC 170 -7.40 39.30 60.49
C TYR LC 170 -8.47 38.23 60.59
N LYS LC 171 -9.73 38.61 60.41
CA LYS LC 171 -10.80 37.61 60.40
C LYS LC 171 -10.70 36.69 59.19
N SER LC 172 -10.06 37.12 58.11
CA SER LC 172 -9.88 36.23 56.97
C SER LC 172 -8.84 35.15 57.23
N THR LC 173 -8.03 35.27 58.29
CA THR LC 173 -6.94 34.36 58.56
C THR LC 173 -7.22 33.46 59.76
N ARG LC 174 -8.49 33.13 60.00
CA ARG LC 174 -8.90 32.40 61.19
C ARG LC 174 -9.37 30.98 60.88
N LEU LC 175 -9.23 30.52 59.64
CA LEU LC 175 -9.85 29.26 59.26
C LEU LC 175 -9.25 28.06 60.00
N ASN LC 176 -7.92 28.03 60.13
CA ASN LC 176 -7.27 26.88 60.73
C ASN LC 176 -7.51 26.76 62.22
N PHE LC 177 -8.01 27.82 62.87
CA PHE LC 177 -8.13 27.84 64.31
C PHE LC 177 -9.56 27.99 64.81
N ILE LC 178 -10.55 28.01 63.91
CA ILE LC 178 -11.94 28.19 64.34
C ILE LC 178 -12.42 26.94 65.07
N ASP LC 179 -12.05 25.76 64.59
CA ASP LC 179 -12.54 24.51 65.17
C ASP LC 179 -11.97 24.25 66.56
N THR LC 180 -10.93 24.98 66.99
CA THR LC 180 -10.35 24.78 68.30
C THR LC 180 -10.86 25.80 69.31
N LYS LC 181 -12.11 26.23 69.18
CA LYS LC 181 -12.66 27.30 70.00
C LYS LC 181 -13.93 26.83 70.70
N ASN LC 182 -14.18 27.40 71.89
CA ASN LC 182 -15.23 26.89 72.75
C ASN LC 182 -16.61 27.02 72.12
N GLU LC 183 -16.84 28.06 71.33
CA GLU LC 183 -18.16 28.20 70.70
C GLU LC 183 -18.41 27.16 69.63
N ASN LC 184 -17.38 26.43 69.18
CA ASN LC 184 -17.53 25.38 68.18
C ASN LC 184 -17.57 23.99 68.79
N ILE LC 185 -17.51 23.87 70.12
CA ILE LC 185 -17.63 22.58 70.78
C ILE LC 185 -19.05 22.06 70.63
N LYS LC 186 -19.19 20.77 70.36
CA LYS LC 186 -20.50 20.14 70.37
C LYS LC 186 -21.13 20.28 71.74
N ARG LC 187 -22.24 21.02 71.81
CA ARG LC 187 -22.91 21.30 73.08
C ARG LC 187 -24.40 21.39 72.80
N ILE LC 188 -25.11 20.29 73.01
CA ILE LC 188 -26.53 20.21 72.70
C ILE LC 188 -27.34 20.83 73.82
N LYS LC 189 -28.36 21.61 73.46
CA LYS LC 189 -29.20 22.25 74.47
C LYS LC 189 -29.95 21.22 75.29
N TYR LC 190 -30.53 20.20 74.65
CA TYR LC 190 -31.32 19.21 75.36
C TYR LC 190 -30.47 18.00 75.72
N ASP MC 33 -33.35 -6.20 71.90
CA ASP MC 33 -32.54 -6.29 73.12
C ASP MC 33 -32.93 -5.19 74.10
N GLU MC 34 -32.90 -5.53 75.39
CA GLU MC 34 -33.36 -4.59 76.41
C GLU MC 34 -32.45 -3.37 76.51
N ALA MC 35 -31.13 -3.56 76.39
CA ALA MC 35 -30.22 -2.43 76.43
C ALA MC 35 -30.45 -1.48 75.26
N TYR MC 36 -30.62 -2.03 74.06
CA TYR MC 36 -30.90 -1.18 72.90
C TYR MC 36 -32.24 -0.48 73.07
N LEU MC 37 -33.24 -1.17 73.61
CA LEU MC 37 -34.52 -0.52 73.87
C LEU MC 37 -34.36 0.65 74.83
N ASN MC 38 -33.58 0.46 75.89
CA ASN MC 38 -33.34 1.54 76.84
C ASN MC 38 -32.68 2.74 76.16
N GLU MC 39 -31.65 2.48 75.35
CA GLU MC 39 -30.95 3.58 74.68
C GLU MC 39 -31.89 4.32 73.72
N VAL MC 40 -32.59 3.58 72.87
CA VAL MC 40 -33.44 4.24 71.89
C VAL MC 40 -34.60 4.98 72.56
N ARG MC 41 -35.12 4.45 73.67
CA ARG MC 41 -36.14 5.19 74.40
C ARG MC 41 -35.56 6.46 75.03
N GLN MC 42 -34.31 6.39 75.50
CA GLN MC 42 -33.66 7.60 76.00
C GLN MC 42 -33.41 8.62 74.90
N ARG MC 43 -33.40 8.20 73.64
CA ARG MC 43 -33.25 9.17 72.56
C ARG MC 43 -34.39 10.18 72.50
N TYR MC 44 -35.61 9.76 72.85
CA TYR MC 44 -36.78 10.64 72.79
C TYR MC 44 -37.18 11.01 74.21
N VAL MC 45 -36.56 12.05 74.75
CA VAL MC 45 -36.88 12.58 76.07
C VAL MC 45 -37.10 14.08 75.93
N THR MC 46 -38.28 14.55 76.29
CA THR MC 46 -38.59 15.97 76.19
C THR MC 46 -37.95 16.72 77.35
N PRO MC 47 -37.13 17.72 77.09
CA PRO MC 47 -36.54 18.48 78.21
C PRO MC 47 -37.57 19.31 78.93
N ASP MC 48 -37.32 19.56 80.21
CA ASP MC 48 -38.19 20.41 81.02
C ASP MC 48 -37.86 21.86 80.68
N MET MC 49 -38.40 22.32 79.54
CA MET MC 49 -38.08 23.63 79.02
C MET MC 49 -38.71 24.76 79.82
N GLU MC 50 -39.63 24.47 80.74
CA GLU MC 50 -40.24 25.53 81.51
C GLU MC 50 -39.30 26.15 82.53
N LYS MC 51 -38.13 25.56 82.74
CA LYS MC 51 -37.10 26.15 83.59
C LYS MC 51 -36.12 27.01 82.81
N TRP MC 52 -36.23 27.05 81.48
CA TRP MC 52 -35.38 27.88 80.65
C TRP MC 52 -36.00 29.22 80.31
N ALA MC 53 -37.31 29.37 80.49
CA ALA MC 53 -38.04 30.49 79.91
C ALA MC 53 -38.85 31.21 80.97
N TYR MC 54 -39.02 32.51 80.75
CA TYR MC 54 -39.96 33.33 81.52
C TYR MC 54 -41.33 33.23 80.87
N LEU MC 55 -42.24 32.49 81.49
CA LEU MC 55 -43.58 32.28 80.96
C LEU MC 55 -44.60 33.21 81.61
N ASP MC 56 -44.19 34.43 81.93
CA ASP MC 56 -45.06 35.40 82.57
C ASP MC 56 -45.76 36.22 81.50
N TYR MC 57 -47.09 36.17 81.48
CA TYR MC 57 -47.86 36.92 80.49
C TYR MC 57 -47.71 38.41 80.72
N LYS MC 58 -47.68 39.17 79.63
CA LYS MC 58 -47.53 40.62 79.70
C LYS MC 58 -48.91 41.27 79.73
N LYS MC 59 -49.15 42.07 80.76
CA LYS MC 59 -50.45 42.74 80.89
C LYS MC 59 -50.56 43.90 79.91
N HIS MC 60 -51.76 44.11 79.40
CA HIS MC 60 -52.00 45.26 78.53
C HIS MC 60 -51.86 46.54 79.33
N PRO MC 61 -51.33 47.62 78.73
CA PRO MC 61 -51.15 48.87 79.48
C PRO MC 61 -52.45 49.50 79.94
N SER MC 62 -53.60 49.09 79.38
CA SER MC 62 -54.88 49.66 79.79
C SER MC 62 -55.21 49.35 81.24
N THR MC 63 -54.53 48.37 81.85
CA THR MC 63 -54.75 48.06 83.26
C THR MC 63 -54.06 49.07 84.15
N THR MC 64 -52.73 49.21 84.00
CA THR MC 64 -51.98 50.08 84.89
C THR MC 64 -52.20 51.55 84.57
N LEU MC 65 -52.22 51.91 83.29
CA LEU MC 65 -52.31 53.30 82.87
C LEU MC 65 -53.75 53.63 82.50
N SER MC 66 -54.28 54.71 83.07
CA SER MC 66 -55.67 55.09 82.86
C SER MC 66 -55.91 55.73 81.50
N HIS MC 67 -54.87 56.24 80.83
CA HIS MC 67 -55.07 56.87 79.55
C HIS MC 67 -55.11 55.88 78.39
N TYR MC 68 -54.83 54.61 78.65
CA TYR MC 68 -55.09 53.55 77.68
C TYR MC 68 -56.45 52.91 77.88
N ASP MC 69 -57.04 53.07 79.05
CA ASP MC 69 -58.32 52.44 79.37
C ASP MC 69 -59.44 53.18 78.63
N HIS MC 70 -60.15 52.45 77.77
CA HIS MC 70 -61.15 53.05 76.90
C HIS MC 70 -62.35 53.61 77.65
N LYS MC 71 -62.53 53.27 78.93
CA LYS MC 71 -63.68 53.69 79.72
C LYS MC 71 -63.23 54.21 81.07
N SER MC 72 -62.23 55.07 81.09
CA SER MC 72 -61.68 55.62 82.32
C SER MC 72 -61.73 57.13 82.41
N LYS MC 73 -62.24 57.82 81.40
CA LYS MC 73 -62.44 59.27 81.35
C LYS MC 73 -61.11 60.01 81.25
N ASP MC 74 -60.01 59.28 81.39
CA ASP MC 74 -58.68 59.80 81.08
C ASP MC 74 -58.17 59.28 79.75
N TYR MC 75 -59.02 58.61 78.99
CA TYR MC 75 -58.61 57.96 77.75
C TYR MC 75 -58.21 59.00 76.72
N VAL MC 76 -57.05 58.79 76.10
CA VAL MC 76 -56.59 59.60 74.98
C VAL MC 76 -56.67 58.71 73.75
N GLU MC 77 -57.56 59.05 72.83
CA GLU MC 77 -57.84 58.20 71.68
C GLU MC 77 -56.74 58.40 70.64
N SER MC 78 -55.61 57.75 70.89
CA SER MC 78 -54.47 57.75 69.97
C SER MC 78 -54.43 56.39 69.28
N GLU MC 79 -54.76 56.38 67.99
CA GLU MC 79 -54.86 55.11 67.27
C GLU MC 79 -53.52 54.40 67.19
N ARG MC 80 -52.45 55.14 66.89
CA ARG MC 80 -51.15 54.51 66.71
C ARG MC 80 -50.59 53.97 68.02
N ASP MC 81 -50.73 54.72 69.10
CA ASP MC 81 -50.24 54.25 70.41
C ASP MC 81 -51.03 53.04 70.89
N ASP MC 82 -52.35 53.06 70.71
CA ASP MC 82 -53.16 51.89 71.06
C ASP MC 82 -52.76 50.68 70.24
N TYR MC 83 -52.52 50.89 68.93
CA TYR MC 83 -52.08 49.78 68.10
C TYR MC 83 -50.74 49.22 68.57
N ASN MC 84 -49.81 50.10 68.92
CA ASN MC 84 -48.49 49.64 69.37
C ASN MC 84 -48.62 48.81 70.65
N ALA MC 85 -49.40 49.30 71.62
CA ALA MC 85 -49.58 48.56 72.86
C ALA MC 85 -50.22 47.21 72.59
N ASP MC 86 -51.27 47.20 71.76
CA ASP MC 86 -51.95 45.95 71.45
C ASP MC 86 -51.02 44.96 70.79
N VAL MC 87 -50.24 45.41 69.81
CA VAL MC 87 -49.41 44.48 69.05
C VAL MC 87 -48.29 43.93 69.93
N ALA MC 88 -47.69 44.76 70.79
CA ALA MC 88 -46.64 44.27 71.66
C ALA MC 88 -47.17 43.22 72.63
N THR MC 89 -48.29 43.54 73.31
CA THR MC 89 -48.85 42.60 74.28
C THR MC 89 -49.29 41.31 73.60
N ASN MC 90 -49.97 41.42 72.45
CA ASN MC 90 -50.45 40.24 71.76
C ASN MC 90 -49.28 39.38 71.28
N SER MC 91 -48.22 40.00 70.77
CA SER MC 91 -47.08 39.22 70.31
C SER MC 91 -46.45 38.44 71.45
N HIS MC 92 -46.24 39.11 72.60
CA HIS MC 92 -45.62 38.42 73.73
C HIS MC 92 -46.48 37.25 74.21
N ASN MC 93 -47.78 37.51 74.42
CA ASN MC 93 -48.65 36.46 74.92
C ASN MC 93 -48.81 35.32 73.91
N LYS MC 94 -48.84 35.66 72.62
CA LYS MC 94 -48.92 34.63 71.60
C LYS MC 94 -47.68 33.74 71.60
N LEU MC 95 -46.50 34.33 71.76
CA LEU MC 95 -45.29 33.53 71.86
C LEU MC 95 -45.33 32.61 73.07
N ILE MC 96 -45.82 33.11 74.21
CA ILE MC 96 -45.90 32.27 75.40
C ILE MC 96 -46.86 31.10 75.18
N ASP MC 97 -48.03 31.38 74.60
CA ASP MC 97 -49.01 30.33 74.36
C ASP MC 97 -48.49 29.30 73.36
N ASP MC 98 -47.81 29.77 72.31
CA ASP MC 98 -47.21 28.86 71.34
C ASP MC 98 -46.15 27.99 72.00
N PHE MC 99 -45.34 28.57 72.89
CA PHE MC 99 -44.34 27.79 73.61
C PHE MC 99 -45.00 26.67 74.40
N LYS MC 100 -46.04 27.00 75.17
CA LYS MC 100 -46.70 25.98 75.98
C LYS MC 100 -47.31 24.88 75.12
N ARG MC 101 -48.07 25.27 74.09
CA ARG MC 101 -48.75 24.29 73.25
C ARG MC 101 -47.74 23.41 72.51
N ASN MC 102 -46.65 24.01 72.03
CA ASN MC 102 -45.62 23.24 71.33
C ASN MC 102 -44.93 22.27 72.28
N LEU MC 103 -44.70 22.68 73.53
CA LEU MC 103 -44.12 21.76 74.49
C LEU MC 103 -45.03 20.56 74.74
N GLN MC 104 -46.34 20.82 74.88
CA GLN MC 104 -47.28 19.70 75.05
C GLN MC 104 -47.29 18.78 73.85
N MET MC 105 -47.29 19.36 72.64
CA MET MC 105 -47.29 18.54 71.43
C MET MC 105 -46.01 17.72 71.31
N GLN MC 106 -44.86 18.31 71.69
CA GLN MC 106 -43.61 17.58 71.66
C GLN MC 106 -43.62 16.44 72.67
N ARG MC 107 -44.18 16.65 73.85
CA ARG MC 107 -44.30 15.57 74.81
C ARG MC 107 -45.16 14.44 74.25
N LYS MC 108 -46.26 14.79 73.59
CA LYS MC 108 -47.12 13.77 72.98
C LYS MC 108 -46.36 12.98 71.92
N VAL MC 109 -45.62 13.68 71.05
CA VAL MC 109 -44.92 13.01 69.97
C VAL MC 109 -43.81 12.11 70.50
N HIS MC 110 -43.06 12.58 71.51
CA HIS MC 110 -42.01 11.77 72.10
C HIS MC 110 -42.58 10.54 72.79
N ASP MC 111 -43.72 10.69 73.47
CA ASP MC 111 -44.38 9.54 74.07
C ASP MC 111 -44.82 8.54 73.00
N ILE MC 112 -45.30 9.03 71.87
CA ILE MC 112 -45.65 8.14 70.77
C ILE MC 112 -44.42 7.39 70.27
N LEU MC 113 -43.30 8.09 70.12
CA LEU MC 113 -42.10 7.47 69.56
C LEU MC 113 -41.45 6.50 70.53
N GLN MC 114 -41.59 6.72 71.84
CA GLN MC 114 -40.95 5.83 72.80
C GLN MC 114 -41.64 4.46 72.84
N LYS MC 115 -42.98 4.45 72.81
CA LYS MC 115 -43.73 3.22 72.98
C LYS MC 115 -44.08 2.52 71.67
N MET MC 116 -43.66 3.06 70.53
CA MET MC 116 -44.01 2.45 69.26
C MET MC 116 -43.30 1.12 69.09
N ASP MC 117 -43.98 0.19 68.42
CA ASP MC 117 -43.38 -1.10 68.14
C ASP MC 117 -42.25 -0.96 67.12
N ARG MC 118 -41.20 -1.76 67.29
CA ARG MC 118 -40.03 -1.72 66.43
C ARG MC 118 -39.85 -3.08 65.77
N PRO MC 119 -40.48 -3.29 64.61
CA PRO MC 119 -40.39 -4.61 63.96
C PRO MC 119 -38.99 -4.96 63.47
N TYR MC 120 -38.09 -3.98 63.34
CA TYR MC 120 -36.75 -4.29 62.87
C TYR MC 120 -35.91 -5.00 63.91
N LEU MC 121 -36.34 -5.02 65.17
CA LEU MC 121 -35.63 -5.76 66.20
C LEU MC 121 -35.95 -7.26 66.17
N ARG MC 122 -36.91 -7.68 65.36
CA ARG MC 122 -37.23 -9.08 65.17
C ARG MC 122 -36.78 -9.60 63.82
N GLY MC 123 -35.99 -8.82 63.08
CA GLY MC 123 -35.51 -9.23 61.78
C GLY MC 123 -34.21 -10.02 61.86
N VAL MC 124 -33.70 -10.35 60.68
CA VAL MC 124 -32.46 -11.13 60.59
C VAL MC 124 -31.28 -10.23 60.95
N PRO MC 125 -30.40 -10.65 61.86
CA PRO MC 125 -29.20 -9.85 62.13
C PRO MC 125 -28.36 -9.69 60.88
N GLY MC 126 -27.86 -8.47 60.67
CA GLY MC 126 -27.06 -8.18 59.50
C GLY MC 126 -27.86 -7.85 58.26
N VAL MC 127 -29.18 -7.90 58.31
CA VAL MC 127 -30.04 -7.53 57.20
C VAL MC 127 -30.97 -6.37 57.58
N THR MC 128 -31.73 -6.53 58.66
CA THR MC 128 -32.55 -5.45 59.19
C THR MC 128 -32.19 -5.13 60.64
N LYS MC 129 -31.00 -5.53 61.08
CA LYS MC 129 -30.60 -5.37 62.47
C LYS MC 129 -29.09 -5.43 62.53
N ASN MC 130 -28.53 -4.88 63.60
CA ASN MC 130 -27.09 -5.01 63.83
C ASN MC 130 -26.73 -6.48 64.03
N ILE MC 131 -25.52 -6.82 63.62
CA ILE MC 131 -25.09 -8.21 63.70
C ILE MC 131 -25.08 -8.66 65.16
N SER MC 132 -25.10 -9.99 65.36
CA SER MC 132 -25.22 -10.54 66.70
C SER MC 132 -24.04 -10.15 67.58
N ALA MC 133 -22.86 -9.95 66.99
CA ALA MC 133 -21.70 -9.54 67.78
C ALA MC 133 -21.91 -8.16 68.37
N GLY MC 134 -22.50 -7.24 67.60
CA GLY MC 134 -22.74 -5.88 68.01
C GLY MC 134 -22.17 -4.92 66.99
N LEU MC 135 -21.92 -3.69 67.42
CA LEU MC 135 -21.30 -2.68 66.56
C LEU MC 135 -19.80 -2.64 66.84
N GLN MC 136 -19.01 -2.71 65.78
CA GLN MC 136 -17.57 -2.80 65.89
C GLN MC 136 -16.90 -1.58 65.27
N ASP MC 137 -15.71 -1.26 65.76
CA ASP MC 137 -14.87 -0.22 65.16
C ASP MC 137 -13.56 -0.87 64.76
N TYR MC 138 -13.26 -0.84 63.46
CA TYR MC 138 -12.08 -1.50 62.92
C TYR MC 138 -10.94 -0.53 62.67
N SER MC 139 -11.08 0.72 63.08
CA SER MC 139 -10.00 1.70 62.95
C SER MC 139 -9.07 1.61 64.15
N ALA MC 140 -7.90 2.25 64.01
CA ALA MC 140 -6.88 2.27 65.05
C ALA MC 140 -6.51 3.73 65.30
N PRO MC 141 -7.32 4.46 66.07
CA PRO MC 141 -7.04 5.88 66.29
C PRO MC 141 -5.74 6.09 67.03
N VAL MC 142 -5.09 7.21 66.72
CA VAL MC 142 -3.81 7.57 67.34
C VAL MC 142 -3.93 8.77 68.25
N SER MC 143 -5.03 9.51 68.20
CA SER MC 143 -5.21 10.69 69.04
C SER MC 143 -6.70 10.89 69.30
N LYS MC 144 -6.99 11.70 70.32
CA LYS MC 144 -8.38 11.97 70.67
C LYS MC 144 -9.06 12.78 69.57
N LYS MC 145 -10.29 12.39 69.25
CA LYS MC 145 -11.06 13.12 68.25
C LYS MC 145 -11.54 14.44 68.84
N SER MC 146 -11.55 15.48 68.00
CA SER MC 146 -11.95 16.80 68.46
C SER MC 146 -13.44 16.83 68.78
N GLN MC 147 -13.79 17.70 69.72
CA GLN MC 147 -15.19 17.89 70.10
C GLN MC 147 -15.93 18.80 69.13
N SER MC 148 -15.26 19.38 68.14
CA SER MC 148 -15.86 20.32 67.22
C SER MC 148 -16.20 19.69 65.87
N ASP MC 149 -16.38 18.38 65.83
CA ASP MC 149 -16.80 17.74 64.59
C ASP MC 149 -18.21 18.22 64.23
N PRO MC 150 -18.45 18.64 62.99
CA PRO MC 150 -19.76 19.19 62.64
C PRO MC 150 -20.83 18.14 62.46
N ASN MC 151 -20.44 16.94 61.99
CA ASN MC 151 -21.41 15.91 61.67
C ASN MC 151 -22.11 15.40 62.92
N ASP MC 152 -21.34 15.11 63.97
CA ASP MC 152 -21.94 14.63 65.22
C ASP MC 152 -22.87 15.68 65.80
N PHE MC 153 -22.42 16.93 65.82
CA PHE MC 153 -23.24 18.01 66.36
C PHE MC 153 -24.54 18.15 65.59
N TYR MC 154 -24.46 18.13 64.25
CA TYR MC 154 -25.67 18.29 63.47
C TYR MC 154 -26.61 17.09 63.64
N ARG MC 155 -26.07 15.88 63.66
CA ARG MC 155 -26.93 14.71 63.78
C ARG MC 155 -27.58 14.61 65.14
N ASP MC 156 -26.99 15.22 66.17
CA ASP MC 156 -27.62 15.22 67.49
C ASP MC 156 -28.41 16.49 67.78
N ALA MC 157 -28.28 17.53 66.97
CA ALA MC 157 -28.89 18.82 67.25
C ALA MC 157 -30.17 19.05 66.44
N TYR MC 158 -30.09 18.95 65.12
CA TYR MC 158 -31.21 19.25 64.23
C TYR MC 158 -31.86 17.93 63.84
N ARG MC 159 -32.98 17.61 64.49
CA ARG MC 159 -33.69 16.36 64.27
C ARG MC 159 -35.15 16.65 63.93
N ASN MC 160 -35.76 15.74 63.19
CA ASN MC 160 -37.17 15.89 62.86
C ASN MC 160 -38.06 15.66 64.07
N GLU MC 161 -37.63 14.83 65.02
CA GLU MC 161 -38.45 14.54 66.19
C GLU MC 161 -38.63 15.79 67.05
N ASN MC 162 -37.58 16.60 67.20
CA ASN MC 162 -37.61 17.80 68.01
C ASN MC 162 -38.20 19.00 67.29
N ARG MC 163 -38.98 18.75 66.23
CA ARG MC 163 -39.51 19.83 65.41
C ARG MC 163 -40.37 20.79 66.22
N TRP MC 164 -41.00 20.31 67.29
CA TRP MC 164 -41.98 21.10 68.01
C TRP MC 164 -41.38 21.97 69.10
N ILE MC 165 -40.09 21.87 69.38
CA ILE MC 165 -39.49 22.71 70.41
C ILE MC 165 -38.23 23.39 69.87
N ASP MC 166 -37.77 22.96 68.70
CA ASP MC 166 -36.55 23.53 68.14
C ASP MC 166 -36.73 24.96 67.66
N GLN MC 167 -37.97 25.41 67.47
CA GLN MC 167 -38.25 26.74 66.95
C GLN MC 167 -39.32 27.43 67.77
N SER MC 168 -39.26 27.29 69.09
CA SER MC 168 -40.19 27.95 69.99
C SER MC 168 -39.47 29.12 70.66
N VAL MC 169 -39.87 30.33 70.31
CA VAL MC 169 -39.23 31.53 70.85
C VAL MC 169 -39.64 31.71 72.30
N PHE MC 170 -38.67 32.00 73.16
CA PHE MC 170 -38.94 32.20 74.57
C PHE MC 170 -37.96 33.24 75.10
N THR MC 171 -38.34 33.84 76.24
CA THR MC 171 -37.45 34.75 76.95
C THR MC 171 -36.61 33.96 77.93
N PRO MC 172 -35.29 33.92 77.78
CA PRO MC 172 -34.47 33.09 78.66
C PRO MC 172 -34.59 33.51 80.12
N LYS MC 173 -34.49 32.53 81.01
CA LYS MC 173 -34.58 32.76 82.45
C LYS MC 173 -33.24 33.26 82.96
N THR MC 174 -32.95 34.52 82.63
CA THR MC 174 -31.76 35.20 83.10
C THR MC 174 -32.10 36.08 84.29
N SER MC 175 -31.05 36.57 84.95
CA SER MC 175 -31.24 37.41 86.12
C SER MC 175 -31.73 38.79 85.71
N LYS MC 176 -32.65 39.35 86.48
CA LYS MC 176 -33.22 40.65 86.18
C LYS MC 176 -32.21 41.75 86.45
N MET MC 177 -32.27 42.80 85.62
CA MET MC 177 -31.44 43.98 85.79
C MET MC 177 -32.33 45.15 86.19
N THR MC 178 -31.93 45.86 87.25
CA THR MC 178 -32.77 46.92 87.80
C THR MC 178 -32.97 48.05 86.79
N HIS MC 179 -31.90 48.46 86.11
CA HIS MC 179 -32.00 49.58 85.18
C HIS MC 179 -32.88 49.26 83.98
N TYR MC 180 -33.07 47.98 83.66
CA TYR MC 180 -33.76 47.57 82.45
C TYR MC 180 -35.13 46.98 82.69
N ASP MC 181 -35.34 46.29 83.82
CA ASP MC 181 -36.59 45.62 84.10
C ASP MC 181 -37.45 46.33 85.13
N VAL MC 182 -36.94 47.35 85.80
CA VAL MC 182 -37.72 48.08 86.79
C VAL MC 182 -37.72 49.57 86.44
N GLU MC 183 -36.53 50.17 86.41
CA GLU MC 183 -36.43 51.61 86.20
C GLU MC 183 -36.93 52.01 84.82
N TRP MC 184 -36.58 51.24 83.79
CA TRP MC 184 -37.07 51.59 82.45
C TRP MC 184 -38.59 51.44 82.34
N PRO MC 185 -39.22 50.36 82.82
CA PRO MC 185 -40.69 50.35 82.85
C PRO MC 185 -41.29 51.49 83.65
N LYS MC 186 -40.65 51.92 84.74
CA LYS MC 186 -41.16 53.09 85.47
C LYS MC 186 -41.07 54.35 84.62
N GLU MC 187 -39.96 54.52 83.89
CA GLU MC 187 -39.81 55.69 83.03
C GLU MC 187 -40.83 55.69 81.90
N LEU MC 188 -41.08 54.52 81.31
CA LEU MC 188 -42.06 54.44 80.23
C LEU MC 188 -43.47 54.76 80.72
N ALA MC 189 -43.82 54.30 81.92
CA ALA MC 189 -45.16 54.51 82.45
C ALA MC 189 -45.37 55.90 83.02
N SER MC 190 -44.31 56.67 83.23
CA SER MC 190 -44.40 58.02 83.77
C SER MC 190 -44.41 59.08 82.69
N ARG MC 191 -44.48 58.68 81.42
CA ARG MC 191 -44.47 59.66 80.33
C ARG MC 191 -45.74 60.50 80.37
N PRO MC 192 -45.62 61.82 80.36
CA PRO MC 192 -46.83 62.65 80.26
C PRO MC 192 -47.51 62.47 78.93
N VAL MC 193 -48.83 62.63 78.93
CA VAL MC 193 -49.63 62.52 77.71
C VAL MC 193 -50.43 63.79 77.53
N THR MC 194 -50.77 64.09 76.27
CA THR MC 194 -51.58 65.24 75.94
C THR MC 194 -52.65 64.83 74.93
N LYS MC 195 -53.89 65.24 75.17
CA LYS MC 195 -54.94 65.04 74.17
C LYS MC 195 -54.80 66.01 73.01
N LYS MC 196 -54.03 67.09 73.18
CA LYS MC 196 -53.83 68.09 72.14
C LYS MC 196 -52.58 67.75 71.32
N PHE MC 197 -52.58 66.55 70.75
CA PHE MC 197 -51.52 66.11 69.87
C PHE MC 197 -51.96 66.23 68.42
N HIS MC 198 -50.99 66.20 67.51
CA HIS MC 198 -51.28 66.32 66.08
C HIS MC 198 -52.06 65.08 65.66
N HIS MC 199 -53.36 65.25 65.44
CA HIS MC 199 -54.24 64.11 65.23
C HIS MC 199 -53.96 63.37 63.93
N ASP MC 200 -53.18 63.95 63.02
CA ASP MC 200 -52.86 63.31 61.75
C ASP MC 200 -51.43 62.82 61.67
N LYS MC 201 -50.51 63.37 62.46
CA LYS MC 201 -49.11 62.99 62.39
C LYS MC 201 -48.49 62.64 63.74
N GLY MC 202 -49.09 63.02 64.86
CA GLY MC 202 -48.46 62.91 66.15
C GLY MC 202 -49.05 61.82 67.03
N TYR MC 203 -48.40 61.64 68.18
CA TYR MC 203 -48.77 60.64 69.16
C TYR MC 203 -49.13 61.33 70.47
N LYS MC 204 -49.83 60.61 71.34
CA LYS MC 204 -50.23 61.22 72.61
C LYS MC 204 -49.07 61.46 73.55
N TYR MC 205 -47.91 60.88 73.28
CA TYR MC 205 -46.69 61.20 74.04
C TYR MC 205 -45.92 62.33 73.38
N ASP MC 206 -46.64 63.41 73.05
CA ASP MC 206 -46.05 64.60 72.45
C ASP MC 206 -46.24 65.74 73.45
N VAL MC 207 -45.30 65.84 74.38
CA VAL MC 207 -45.32 66.87 75.41
C VAL MC 207 -44.08 67.72 75.23
N THR MC 208 -44.26 68.99 74.92
CA THR MC 208 -43.15 69.88 74.69
C THR MC 208 -42.45 70.19 76.01
N THR MC 209 -41.12 70.09 76.02
CA THR MC 209 -40.36 70.51 77.18
C THR MC 209 -40.42 72.03 77.29
N PRO MC 210 -40.91 72.59 78.39
CA PRO MC 210 -41.00 74.05 78.49
C PRO MC 210 -39.60 74.66 78.49
N TYR MC 211 -39.53 75.92 78.03
CA TYR MC 211 -38.24 76.60 77.97
C TYR MC 211 -37.60 76.72 79.34
N ASP MC 212 -38.39 76.63 80.42
CA ASP MC 212 -37.82 76.70 81.75
C ASP MC 212 -37.06 75.41 82.09
N GLN MC 213 -37.58 74.26 81.65
CA GLN MC 213 -36.99 72.97 81.99
C GLN MC 213 -35.87 72.55 81.05
N ARG MC 214 -35.61 73.31 79.99
CA ARG MC 214 -34.52 72.95 79.08
C ARG MC 214 -33.18 73.25 79.74
N TYR MC 215 -32.16 72.48 79.34
CA TYR MC 215 -30.85 72.61 79.95
C TYR MC 215 -30.18 73.92 79.53
N ASN MC 216 -29.72 74.68 80.51
CA ASN MC 216 -29.00 75.91 80.22
C ASN MC 216 -27.63 75.60 79.63
N TYR MC 217 -27.10 76.57 78.91
CA TYR MC 217 -25.79 76.45 78.29
C TYR MC 217 -24.72 76.82 79.31
N VAL MC 218 -23.87 75.86 79.66
CA VAL MC 218 -22.80 76.07 80.64
C VAL MC 218 -21.43 75.71 80.10
N ALA MC 219 -21.32 75.34 78.82
CA ALA MC 219 -20.04 74.87 78.28
C ALA MC 219 -18.98 75.96 78.33
N ASP MC 220 -19.36 77.20 78.00
CA ASP MC 220 -18.43 78.32 78.02
C ASP MC 220 -19.16 79.57 78.50
N ARG MC 221 -18.37 80.55 78.93
CA ARG MC 221 -18.91 81.79 79.47
C ARG MC 221 -19.02 82.89 78.43
N LEU MC 222 -18.21 82.85 77.37
CA LEU MC 222 -18.27 83.88 76.34
C LEU MC 222 -19.58 83.79 75.57
N GLY MC 223 -20.07 84.95 75.12
CA GLY MC 223 -21.27 84.99 74.33
C GLY MC 223 -21.03 84.58 72.90
N HIS MC 224 -22.11 84.26 72.21
CA HIS MC 224 -22.08 83.76 70.83
C HIS MC 224 -23.00 84.63 69.99
N PRO MC 225 -22.53 85.79 69.53
CA PRO MC 225 -23.42 86.74 68.84
C PRO MC 225 -23.81 86.31 67.44
N GLU MC 226 -23.41 85.13 66.97
CA GLU MC 226 -23.87 84.67 65.67
C GLU MC 226 -25.37 84.49 65.63
N ILE MC 227 -25.97 84.12 66.77
CA ILE MC 227 -27.41 83.87 66.81
C ILE MC 227 -28.21 85.15 66.65
N LEU MC 228 -27.58 86.31 66.84
CA LEU MC 228 -28.27 87.58 66.58
C LEU MC 228 -28.31 87.89 65.09
N GLY MC 229 -27.29 87.49 64.35
CA GLY MC 229 -27.12 87.95 62.99
C GLY MC 229 -26.08 89.06 62.95
N ASN MC 230 -26.27 90.03 62.06
CA ASN MC 230 -25.44 91.22 62.03
C ASN MC 230 -26.34 92.37 61.61
N PRO MC 231 -26.01 93.60 62.02
CA PRO MC 231 -26.70 94.75 61.42
C PRO MC 231 -26.57 94.78 59.91
N PHE MC 232 -25.43 94.33 59.38
CA PHE MC 232 -25.26 94.31 57.93
C PHE MC 232 -26.20 93.32 57.26
N GLU MC 233 -26.26 92.09 57.75
CA GLU MC 233 -27.09 91.09 57.10
C GLU MC 233 -28.56 91.17 57.52
N ARG MC 234 -28.87 91.89 58.60
CA ARG MC 234 -30.26 92.27 58.84
C ARG MC 234 -30.68 93.39 57.90
N LEU MC 235 -29.78 94.35 57.66
CA LEU MC 235 -30.07 95.43 56.72
C LEU MC 235 -30.24 94.90 55.31
N MET MC 236 -29.39 93.94 54.90
CA MET MC 236 -29.45 93.34 53.58
C MET MC 236 -30.57 92.30 53.45
N ARG MC 237 -31.31 92.04 54.52
CA ARG MC 237 -32.43 91.10 54.51
C ARG MC 237 -31.96 89.70 54.11
N LEU MC 238 -30.79 89.32 54.58
CA LEU MC 238 -30.25 87.99 54.34
C LEU MC 238 -30.76 87.01 55.40
N GLU MC 239 -31.14 85.82 54.96
CA GLU MC 239 -31.63 84.79 55.85
C GLU MC 239 -30.50 83.78 56.10
N GLY MC 240 -30.16 83.58 57.36
CA GLY MC 240 -29.11 82.65 57.74
C GLY MC 240 -29.65 81.55 58.63
N ASP MC 241 -29.02 80.39 58.54
CA ASP MC 241 -29.46 79.26 59.35
C ASP MC 241 -29.10 79.41 60.82
N ILE MC 242 -28.17 80.31 61.15
CA ILE MC 242 -27.68 80.40 62.51
C ILE MC 242 -28.49 81.38 63.37
N TYR MC 243 -29.27 82.26 62.76
CA TYR MC 243 -30.15 83.16 63.50
C TYR MC 243 -31.61 82.98 63.12
N HIS MC 244 -31.96 81.79 62.64
CA HIS MC 244 -33.35 81.48 62.35
C HIS MC 244 -34.08 81.16 63.64
N PRO MC 245 -35.19 81.84 63.95
CA PRO MC 245 -35.86 81.60 65.24
C PRO MC 245 -36.35 80.18 65.41
N ASN MC 246 -36.75 79.50 64.34
CA ASN MC 246 -37.25 78.13 64.47
C ASN MC 246 -36.13 77.16 64.82
N TYR MC 247 -34.95 77.36 64.23
CA TYR MC 247 -33.84 76.44 64.46
C TYR MC 247 -33.14 76.72 65.78
N LEU MC 248 -33.14 77.97 66.23
CA LEU MC 248 -32.62 78.30 67.56
C LEU MC 248 -33.53 77.85 68.68
N ASP MC 249 -34.78 77.51 68.37
CA ASP MC 249 -35.73 77.03 69.38
C ASP MC 249 -35.54 75.54 69.60
N GLN MC 250 -34.39 75.21 70.19
CA GLN MC 250 -34.08 73.82 70.47
C GLN MC 250 -35.01 73.27 71.54
N PRO MC 251 -35.51 72.04 71.37
CA PRO MC 251 -36.51 71.53 72.31
C PRO MC 251 -35.95 70.94 73.58
N PHE MC 252 -34.68 70.53 73.60
CA PHE MC 252 -34.12 69.83 74.76
C PHE MC 252 -33.04 70.61 75.48
N VAL MC 253 -32.33 71.50 74.79
CA VAL MC 253 -31.27 72.30 75.38
C VAL MC 253 -31.44 73.75 74.95
N LYS MC 254 -30.65 74.62 75.55
CA LYS MC 254 -30.67 76.04 75.24
C LYS MC 254 -29.42 76.43 74.47
N VAL MC 255 -29.60 77.24 73.44
CA VAL MC 255 -28.47 77.82 72.70
C VAL MC 255 -27.77 78.81 73.62
N PRO MC 256 -26.50 79.10 73.41
CA PRO MC 256 -25.80 80.02 74.31
C PRO MC 256 -26.36 81.43 74.20
N ASN MC 257 -26.23 82.18 75.30
CA ASN MC 257 -26.64 83.56 75.30
C ASN MC 257 -25.73 84.38 74.38
N ALA MC 258 -26.31 85.38 73.72
CA ALA MC 258 -25.53 86.20 72.80
C ALA MC 258 -24.46 87.00 73.53
N ASN MC 259 -24.79 87.53 74.68
CA ASN MC 259 -23.87 88.34 75.48
C ASN MC 259 -23.01 87.46 76.37
N PRO MC 260 -21.81 87.90 76.73
CA PRO MC 260 -20.97 87.11 77.62
C PRO MC 260 -21.56 87.03 79.01
N ASN MC 261 -21.11 86.01 79.75
CA ASN MC 261 -21.62 85.77 81.10
C ASN MC 261 -21.34 86.97 81.99
N ALA MC 262 -22.29 87.28 82.87
CA ALA MC 262 -22.17 88.44 83.74
C ALA MC 262 -21.01 88.31 84.72
N SER MC 263 -20.59 87.09 85.03
CA SER MC 263 -19.46 86.89 85.94
C SER MC 263 -18.15 87.33 85.30
N LEU MC 264 -18.06 87.29 83.97
CA LEU MC 264 -16.83 87.65 83.29
C LEU MC 264 -16.52 89.14 83.43
N ASN MC 265 -15.25 89.45 83.62
CA ASN MC 265 -14.75 90.81 83.70
C ASN MC 265 -13.77 91.04 82.57
N PHE MC 266 -13.99 92.10 81.79
CA PHE MC 266 -13.21 92.36 80.59
C PHE MC 266 -12.16 93.44 80.78
N GLU MC 267 -11.87 93.82 82.01
CA GLU MC 267 -10.84 94.83 82.26
C GLU MC 267 -9.47 94.29 81.86
N GLU MC 268 -8.64 95.17 81.31
CA GLU MC 268 -7.32 94.76 80.84
C GLU MC 268 -6.45 94.29 82.00
N GLY MC 269 -5.52 93.39 81.68
CA GLY MC 269 -4.59 92.84 82.66
C GLY MC 269 -3.17 92.87 82.14
N GLU MC 270 -2.38 91.92 82.62
CA GLU MC 270 -0.98 91.82 82.22
C GLU MC 270 -0.88 91.39 80.77
N VAL MC 271 0.09 91.97 80.05
CA VAL MC 271 0.40 91.54 78.70
C VAL MC 271 1.23 90.28 78.76
N LEU MC 272 0.85 89.27 77.99
CA LEU MC 272 1.52 87.97 78.00
C LEU MC 272 2.55 87.85 76.88
N TYR MC 273 2.13 88.06 75.64
CA TYR MC 273 2.98 87.84 74.47
C TYR MC 273 2.79 89.01 73.51
N GLU MC 274 3.87 89.43 72.86
CA GLU MC 274 3.78 90.56 71.95
C GLU MC 274 4.78 90.39 70.83
N ASN MC 275 4.28 90.15 69.61
CA ASN MC 275 5.09 90.13 68.39
C ASN MC 275 4.37 91.02 67.38
N THR MC 276 4.63 92.33 67.46
CA THR MC 276 3.91 93.28 66.62
C THR MC 276 4.42 93.30 65.19
N ARG MC 277 5.70 92.99 64.97
CA ARG MC 277 6.28 93.06 63.65
C ARG MC 277 5.54 92.18 62.65
N LEU MC 278 4.87 91.13 63.12
CA LEU MC 278 4.07 90.29 62.25
C LEU MC 278 3.16 91.13 61.37
N LEU MC 279 2.51 92.14 61.97
CA LEU MC 279 1.62 93.00 61.20
C LEU MC 279 2.33 93.53 59.95
N GLU MC 280 3.52 94.12 60.14
CA GLU MC 280 4.27 94.61 58.99
C GLU MC 280 4.49 93.50 57.98
N TRP MC 281 5.02 92.36 58.44
CA TRP MC 281 5.22 91.23 57.54
C TRP MC 281 3.93 90.92 56.82
N ALA MC 282 2.83 90.80 57.57
CA ALA MC 282 1.52 90.58 56.98
C ALA MC 282 1.30 91.53 55.83
N LYS MC 283 1.30 92.83 56.13
CA LYS MC 283 1.12 93.85 55.11
C LYS MC 283 1.97 93.53 53.91
N PHE MC 284 3.29 93.45 54.14
CA PHE MC 284 4.23 93.17 53.05
C PHE MC 284 3.73 92.03 52.20
N TRP MC 285 3.61 90.84 52.80
CA TRP MC 285 3.25 89.67 52.01
C TRP MC 285 1.94 89.92 51.29
N ASN MC 286 0.92 90.36 52.04
CA ASN MC 286 -0.37 90.57 51.40
C ASN MC 286 -0.22 91.50 50.21
N TYR MC 287 0.38 92.66 50.44
CA TYR MC 287 0.50 93.63 49.35
C TYR MC 287 1.27 93.02 48.21
N SER MC 288 2.39 92.37 48.51
CA SER MC 288 3.19 91.76 47.46
C SER MC 288 2.32 90.85 46.62
N VAL MC 289 1.61 89.94 47.28
CA VAL MC 289 0.79 88.98 46.54
C VAL MC 289 -0.18 89.73 45.64
N VAL MC 290 -0.90 90.70 46.22
CA VAL MC 290 -1.88 91.45 45.44
C VAL MC 290 -1.20 92.08 44.23
N VAL MC 291 -0.08 92.77 44.46
CA VAL MC 291 0.63 93.39 43.36
C VAL MC 291 1.01 92.34 42.33
N GLY MC 292 1.64 91.26 42.80
CA GLY MC 292 2.00 90.20 41.88
C GLY MC 292 0.77 89.67 41.17
N TYR MC 293 -0.29 89.42 41.93
CA TYR MC 293 -1.54 88.94 41.35
C TYR MC 293 -1.96 89.85 40.22
N LEU MC 294 -2.00 91.17 40.49
CA LEU MC 294 -2.40 92.10 39.45
C LEU MC 294 -1.50 91.96 38.24
N TRP MC 295 -0.18 92.03 38.45
CA TRP MC 295 0.73 91.95 37.32
C TRP MC 295 0.56 90.63 36.58
N CYS MC 296 0.25 89.56 37.30
CA CYS MC 296 0.16 88.26 36.66
C CYS MC 296 -1.23 87.96 36.16
N ALA MC 297 -2.23 88.78 36.45
CA ALA MC 297 -3.59 88.44 36.08
C ALA MC 297 -4.27 89.49 35.22
N TYR MC 298 -3.86 90.75 35.30
CA TYR MC 298 -4.52 91.81 34.55
C TYR MC 298 -3.59 92.55 33.61
N PHE MC 299 -2.42 92.98 34.07
CA PHE MC 299 -1.55 93.77 33.21
C PHE MC 299 -1.01 92.96 32.04
N VAL MC 300 -0.44 91.78 32.32
CA VAL MC 300 0.14 90.95 31.28
C VAL MC 300 -0.93 90.43 30.32
N PRO MC 301 -2.03 89.83 30.80
CA PRO MC 301 -3.09 89.43 29.86
C PRO MC 301 -3.66 90.60 29.07
N TYR MC 302 -3.84 91.76 29.71
CA TYR MC 302 -4.37 92.91 29.00
C TYR MC 302 -3.43 93.33 27.88
N ASN MC 303 -2.13 93.40 28.17
CA ASN MC 303 -1.19 93.88 27.17
C ASN MC 303 -1.01 92.89 26.03
N ILE MC 304 -1.03 91.59 26.33
CA ILE MC 304 -0.85 90.60 25.27
C ILE MC 304 -2.15 90.21 24.60
N PHE MC 305 -3.28 90.72 25.06
CA PHE MC 305 -4.56 90.45 24.42
C PHE MC 305 -5.13 91.63 23.66
N PHE MC 306 -4.98 92.85 24.18
CA PHE MC 306 -5.58 94.03 23.57
C PHE MC 306 -4.59 94.97 22.92
N LYS MC 307 -3.35 95.01 23.38
CA LYS MC 307 -2.36 95.95 22.88
C LYS MC 307 -1.52 95.40 21.75
N THR MC 308 -1.85 94.21 21.25
CA THR MC 308 -1.13 93.64 20.12
C THR MC 308 -2.05 92.67 19.38
N HIS MC 309 -1.69 92.39 18.14
CA HIS MC 309 -2.36 91.35 17.35
C HIS MC 309 -1.49 90.13 17.14
N MET MC 310 -0.20 90.22 17.42
CA MET MC 310 0.72 89.13 17.17
C MET MC 310 0.68 88.12 18.32
N PRO MC 311 0.49 86.84 18.03
CA PRO MC 311 0.46 85.85 19.11
C PRO MC 311 1.84 85.61 19.70
N LEU MC 312 1.83 85.12 20.94
CA LEU MC 312 3.05 84.60 21.54
C LEU MC 312 3.21 83.12 21.18
N GLU MC 313 4.39 82.58 21.48
CA GLU MC 313 4.74 81.26 21.00
C GLU MC 313 3.84 80.18 21.61
N HIS MC 314 3.50 80.31 22.89
CA HIS MC 314 2.72 79.28 23.54
C HIS MC 314 1.26 79.25 23.09
N ALA MC 315 0.83 80.22 22.30
CA ALA MC 315 -0.52 80.20 21.76
C ALA MC 315 -0.68 79.21 20.60
N TYR MC 316 0.40 78.96 19.85
CA TYR MC 316 0.27 78.13 18.65
C TYR MC 316 1.41 77.17 18.43
N ASP MC 317 2.29 76.94 19.41
CA ASP MC 317 3.44 76.07 19.16
C ASP MC 317 3.01 74.64 18.87
N ASN MC 318 1.97 74.15 19.55
CA ASN MC 318 1.51 72.79 19.33
C ASN MC 318 0.55 72.66 18.15
N LEU MC 319 0.08 73.77 17.59
CA LEU MC 319 -0.84 73.75 16.47
C LEU MC 319 -0.08 73.71 15.15
N PHE MC 320 -0.77 73.29 14.10
CA PHE MC 320 -0.19 73.21 12.77
C PHE MC 320 -0.91 74.11 11.77
N PHE MC 321 -1.58 75.15 12.27
CA PHE MC 321 -2.07 76.21 11.42
C PHE MC 321 -0.89 77.04 10.90
N PRO MC 322 -1.06 77.71 9.76
CA PRO MC 322 -0.10 78.74 9.39
C PRO MC 322 -0.18 79.91 10.35
N TYR MC 323 0.87 80.72 10.35
CA TYR MC 323 0.89 81.89 11.22
C TYR MC 323 -0.24 82.85 10.85
N PHE MC 324 -0.89 83.41 11.87
CA PHE MC 324 -1.92 84.42 11.67
C PHE MC 324 -2.00 85.29 12.91
N GLN MC 325 -2.57 86.47 12.74
CA GLN MC 325 -2.82 87.39 13.83
C GLN MC 325 -4.25 87.24 14.32
N HIS MC 326 -4.51 87.80 15.51
CA HIS MC 326 -5.83 87.75 16.11
C HIS MC 326 -6.32 89.15 16.43
N THR MC 327 -7.62 89.34 16.32
CA THR MC 327 -8.27 90.60 16.66
C THR MC 327 -9.32 90.37 17.73
N HIS MC 328 -9.48 91.34 18.61
CA HIS MC 328 -10.46 91.25 19.69
C HIS MC 328 -11.89 91.45 19.22
N PHE MC 329 -12.09 91.91 17.98
CA PHE MC 329 -13.40 92.33 17.55
C PHE MC 329 -14.10 91.36 16.60
N LEU MC 330 -13.36 90.48 15.92
CA LEU MC 330 -13.99 89.46 15.10
C LEU MC 330 -14.06 88.12 15.84
N TRP MC 331 -14.72 88.13 17.00
CA TRP MC 331 -14.96 86.90 17.75
C TRP MC 331 -15.97 87.18 18.85
N ASP MC 332 -16.77 86.16 19.16
CA ASP MC 332 -17.70 86.19 20.29
C ASP MC 332 -18.69 87.36 20.15
N ASN MC 333 -19.51 87.27 19.11
CA ASN MC 333 -20.43 88.35 18.79
C ASN MC 333 -21.38 88.62 19.96
N ASN MC 334 -22.02 87.58 20.49
CA ASN MC 334 -22.77 87.70 21.73
C ASN MC 334 -21.78 87.56 22.88
N ALA MC 335 -21.51 88.65 23.58
CA ALA MC 335 -20.35 88.71 24.45
C ALA MC 335 -20.54 87.86 25.70
N LEU MC 336 -20.21 86.57 25.60
CA LEU MC 336 -20.20 85.68 26.75
C LEU MC 336 -18.86 85.68 27.46
N HIS MC 337 -17.85 86.32 26.90
CA HIS MC 337 -16.56 86.42 27.57
C HIS MC 337 -16.53 87.51 28.63
N ILE MC 338 -17.44 88.49 28.54
CA ILE MC 338 -17.45 89.60 29.50
C ILE MC 338 -17.94 89.13 30.86
N PRO MC 339 -19.10 88.46 30.98
CA PRO MC 339 -19.46 87.92 32.30
C PRO MC 339 -18.47 86.90 32.80
N THR MC 340 -17.88 86.09 31.92
CA THR MC 340 -16.89 85.12 32.34
C THR MC 340 -15.66 85.80 32.95
N VAL MC 341 -15.13 86.81 32.26
CA VAL MC 341 -13.96 87.53 32.77
C VAL MC 341 -14.30 88.26 34.07
N GLY MC 342 -15.47 88.89 34.12
CA GLY MC 342 -15.86 89.58 35.35
C GLY MC 342 -15.98 88.64 36.53
N GLY MC 343 -16.65 87.50 36.34
CA GLY MC 343 -16.80 86.54 37.41
C GLY MC 343 -15.47 85.94 37.83
N VAL MC 344 -14.60 85.62 36.86
CA VAL MC 344 -13.29 85.08 37.19
C VAL MC 344 -12.50 86.09 38.01
N ALA MC 345 -12.51 87.36 37.59
CA ALA MC 345 -11.78 88.38 38.33
C ALA MC 345 -12.32 88.52 39.75
N ILE MC 346 -13.64 88.64 39.88
CA ILE MC 346 -14.24 88.87 41.19
C ILE MC 346 -13.93 87.71 42.12
N TYR MC 347 -14.18 86.48 41.67
CA TYR MC 347 -14.03 85.34 42.56
C TYR MC 347 -12.58 84.96 42.79
N ALA MC 348 -11.70 85.16 41.80
CA ALA MC 348 -10.28 84.93 42.04
C ALA MC 348 -9.74 85.92 43.07
N THR MC 349 -10.12 87.19 42.98
CA THR MC 349 -9.69 88.15 43.98
C THR MC 349 -10.25 87.81 45.36
N TYR MC 350 -11.52 87.42 45.42
CA TYR MC 350 -12.12 87.05 46.70
C TYR MC 350 -11.39 85.86 47.31
N ILE MC 351 -11.13 84.82 46.52
CA ILE MC 351 -10.46 83.63 47.03
C ILE MC 351 -9.05 83.98 47.48
N ALA MC 352 -8.32 84.77 46.69
CA ALA MC 352 -6.97 85.15 47.08
C ALA MC 352 -6.97 85.88 48.41
N LEU MC 353 -7.79 86.92 48.55
CA LEU MC 353 -7.81 87.67 49.79
C LEU MC 353 -8.25 86.80 50.97
N SER MC 354 -9.30 86.01 50.78
CA SER MC 354 -9.85 85.23 51.87
C SER MC 354 -8.86 84.17 52.36
N TYR MC 355 -8.19 83.48 51.43
CA TYR MC 355 -7.26 82.44 51.86
C TYR MC 355 -5.93 83.03 52.35
N ILE MC 356 -5.52 84.19 51.85
CA ILE MC 356 -4.38 84.88 52.44
C ILE MC 356 -4.68 85.24 53.89
N ASN MC 357 -5.89 85.75 54.15
CA ASN MC 357 -6.28 86.06 55.51
C ASN MC 357 -6.36 84.80 56.37
N ASN MC 358 -6.87 83.71 55.80
CA ASN MC 358 -6.98 82.46 56.55
C ASN MC 358 -5.62 81.93 56.96
N ILE MC 359 -4.62 82.06 56.09
CA ILE MC 359 -3.28 81.60 56.43
C ILE MC 359 -2.74 82.38 57.63
N TRP MC 360 -2.95 83.69 57.64
CA TRP MC 360 -2.45 84.55 58.72
C TRP MC 360 -3.30 84.50 59.97
N LYS MC 361 -4.48 83.89 59.91
CA LYS MC 361 -5.41 83.95 61.04
C LYS MC 361 -4.97 83.10 62.22
N ASP MC 362 -4.01 82.19 62.03
CA ASP MC 362 -3.52 81.40 63.15
C ASP MC 362 -2.57 82.19 64.03
N TYR MC 363 -1.75 83.05 63.43
CA TYR MC 363 -0.69 83.73 64.17
C TYR MC 363 -1.24 84.76 65.12
N VAL MC 364 -0.55 84.93 66.24
CA VAL MC 364 -0.94 85.85 67.31
C VAL MC 364 -0.02 87.05 67.23
N VAL MC 365 -0.59 88.21 66.88
CA VAL MC 365 0.18 89.45 66.93
C VAL MC 365 0.42 89.86 68.38
N ARG MC 366 -0.59 89.71 69.23
CA ARG MC 366 -0.47 90.10 70.63
C ARG MC 366 -1.43 89.25 71.47
N ALA MC 367 -1.07 89.04 72.73
CA ALA MC 367 -1.91 88.28 73.65
C ALA MC 367 -1.76 88.90 75.03
N GLN MC 368 -2.88 89.37 75.59
CA GLN MC 368 -2.88 90.07 76.87
C GLN MC 368 -3.91 89.43 77.79
N PHE MC 369 -3.54 89.20 79.04
CA PHE MC 369 -4.46 88.61 79.99
C PHE MC 369 -5.53 89.62 80.41
N SER MC 370 -6.59 89.11 81.02
CA SER MC 370 -7.52 89.96 81.73
C SER MC 370 -6.99 90.26 83.12
N LYS MC 371 -7.69 91.14 83.84
CA LYS MC 371 -7.25 91.50 85.18
C LYS MC 371 -7.28 90.29 86.11
N ASP MC 372 -8.33 89.48 86.02
CA ASP MC 372 -8.44 88.25 86.78
C ASP MC 372 -7.79 87.07 86.09
N LYS MC 373 -7.16 87.29 84.92
CA LYS MC 373 -6.46 86.27 84.16
C LYS MC 373 -7.38 85.12 83.77
N GLU MC 374 -8.68 85.40 83.65
CA GLU MC 374 -9.65 84.42 83.18
C GLU MC 374 -9.86 84.50 81.67
N LEU MC 375 -9.46 85.59 81.03
CA LEU MC 375 -9.61 85.77 79.60
C LEU MC 375 -8.27 86.13 78.99
N LEU MC 376 -8.14 85.85 77.69
CA LEU MC 376 -6.96 86.20 76.91
C LEU MC 376 -7.43 86.95 75.68
N PHE MC 377 -7.05 88.23 75.58
CA PHE MC 377 -7.37 89.04 74.42
C PHE MC 377 -6.24 88.91 73.42
N VAL MC 378 -6.56 88.36 72.25
CA VAL MC 378 -5.58 88.03 71.22
C VAL MC 378 -5.81 88.95 70.02
N THR MC 379 -4.81 89.76 69.72
CA THR MC 379 -4.80 90.59 68.53
C THR MC 379 -4.14 89.80 67.40
N ARG MC 380 -4.85 89.68 66.28
CA ARG MC 380 -4.41 88.93 65.11
C ARG MC 380 -4.46 89.84 63.89
N VAL MC 381 -4.08 89.27 62.74
CA VAL MC 381 -3.92 90.01 61.50
C VAL MC 381 -5.26 90.14 60.79
N SER MC 382 -5.62 91.36 60.42
CA SER MC 382 -6.81 91.64 59.64
C SER MC 382 -6.56 91.34 58.17
N PRO MC 383 -7.61 91.28 57.35
CA PRO MC 383 -7.39 91.00 55.92
C PRO MC 383 -6.45 91.95 55.22
N PHE MC 384 -6.44 93.23 55.61
CA PHE MC 384 -5.58 94.22 54.96
C PHE MC 384 -4.33 94.54 55.75
N GLY MC 385 -4.01 93.75 56.77
CA GLY MC 385 -2.73 93.84 57.44
C GLY MC 385 -2.73 94.48 58.81
N THR MC 386 -3.80 95.15 59.20
CA THR MC 386 -3.85 95.78 60.51
C THR MC 386 -4.43 94.82 61.54
N THR MC 387 -4.78 95.32 62.71
CA THR MC 387 -5.14 94.47 63.84
C THR MC 387 -6.63 94.16 63.87
N GLU MC 388 -6.96 92.97 64.36
CA GLU MC 388 -8.33 92.63 64.75
C GLU MC 388 -8.28 91.82 66.03
N GLU MC 389 -9.16 92.13 66.97
CA GLU MC 389 -9.10 91.59 68.31
C GLU MC 389 -10.12 90.49 68.52
N GLU MC 390 -9.70 89.42 69.21
CA GLU MC 390 -10.56 88.32 69.61
C GLU MC 390 -10.33 88.05 71.09
N VAL MC 391 -11.23 87.27 71.70
CA VAL MC 391 -11.12 86.92 73.10
C VAL MC 391 -11.27 85.41 73.25
N TYR MC 392 -10.49 84.84 74.16
CA TYR MC 392 -10.54 83.42 74.46
C TYR MC 392 -10.58 83.23 75.97
N GLU MC 393 -10.97 82.03 76.39
CA GLU MC 393 -10.91 81.65 77.79
C GLU MC 393 -9.69 80.77 78.02
N VAL MC 394 -8.87 81.13 79.00
CA VAL MC 394 -7.64 80.40 79.25
C VAL MC 394 -7.90 78.95 79.64
N ALA MC 395 -9.11 78.66 80.15
CA ALA MC 395 -9.45 77.29 80.50
C ALA MC 395 -9.54 76.40 79.26
N HIS MC 396 -9.91 76.96 78.12
CA HIS MC 396 -10.06 76.19 76.89
C HIS MC 396 -8.79 76.10 76.06
N LEU MC 397 -7.73 76.79 76.46
CA LEU MC 397 -6.48 76.82 75.71
C LEU MC 397 -5.61 75.65 76.15
N GLU MC 398 -5.21 74.80 75.21
CA GLU MC 398 -4.39 73.65 75.53
C GLU MC 398 -3.32 73.46 74.46
N HIS MC 399 -2.13 73.05 74.87
CA HIS MC 399 -1.07 72.70 73.93
C HIS MC 399 -1.20 71.20 73.66
N LEU MC 400 -2.00 70.85 72.67
CA LEU MC 400 -2.34 69.47 72.39
C LEU MC 400 -1.18 68.76 71.71
N PRO MC 401 -0.87 67.53 72.11
CA PRO MC 401 0.14 66.74 71.41
C PRO MC 401 -0.36 66.29 70.05
N PRO MC 402 0.53 65.98 69.12
CA PRO MC 402 0.09 65.57 67.78
C PRO MC 402 -0.69 64.26 67.84
N SER MC 403 -1.61 64.12 66.88
CA SER MC 403 -2.32 62.85 66.73
C SER MC 403 -1.37 61.74 66.31
N VAL MC 404 -0.43 62.05 65.42
CA VAL MC 404 0.57 61.10 64.96
C VAL MC 404 1.76 61.19 65.91
N ARG MC 405 1.99 60.12 66.68
CA ARG MC 405 3.03 60.15 67.71
C ARG MC 405 4.44 60.17 67.12
N SER MC 406 4.62 59.70 65.89
CA SER MC 406 5.92 59.73 65.26
C SER MC 406 6.27 61.10 64.70
N GLY MC 407 5.31 62.02 64.64
CA GLY MC 407 5.52 63.35 64.12
C GLY MC 407 5.95 64.38 65.13
N VAL MC 408 6.19 63.98 66.39
CA VAL MC 408 6.66 64.92 67.40
C VAL MC 408 8.06 65.42 67.04
N LYS MC 409 8.89 64.56 66.45
CA LYS MC 409 10.20 64.99 66.02
C LYS MC 409 10.12 66.11 64.98
N ASP MC 410 9.13 66.04 64.09
CA ASP MC 410 8.98 67.00 63.01
C ASP MC 410 8.04 68.15 63.40
N LEU MC 411 8.30 68.77 64.54
CA LEU MC 411 7.53 69.92 65.00
C LEU MC 411 8.40 71.16 64.99
N SER MC 412 7.75 72.32 64.86
CA SER MC 412 8.48 73.58 64.97
C SER MC 412 8.94 73.83 66.40
N ALA MC 413 8.18 73.36 67.39
CA ALA MC 413 8.52 73.58 68.79
C ALA MC 413 9.78 72.84 69.21
N GLN MC 414 10.29 71.92 68.40
CA GLN MC 414 11.56 71.29 68.71
C GLN MC 414 12.70 72.30 68.68
N ASP MC 415 12.64 73.26 67.76
CA ASP MC 415 13.66 74.28 67.67
C ASP MC 415 13.54 75.28 68.83
N ALA MC 416 14.66 75.94 69.12
CA ALA MC 416 14.67 76.95 70.17
C ALA MC 416 13.96 78.23 69.74
N ASP MC 417 13.80 78.45 68.44
CA ASP MC 417 13.14 79.64 67.92
C ASP MC 417 11.92 79.29 67.07
N GLY MC 418 11.34 78.11 67.25
CA GLY MC 418 10.23 77.65 66.45
C GLY MC 418 8.92 78.32 66.80
N LEU MC 419 7.84 77.59 66.57
CA LEU MC 419 6.50 78.07 66.84
C LEU MC 419 5.77 77.11 67.76
N VAL MC 420 4.91 77.66 68.61
CA VAL MC 420 4.10 76.91 69.54
C VAL MC 420 2.64 77.11 69.17
N ASP MC 421 1.94 76.03 68.86
CA ASP MC 421 0.55 76.09 68.44
C ASP MC 421 -0.32 75.66 69.63
N VAL MC 422 -1.11 76.59 70.15
CA VAL MC 422 -2.00 76.35 71.28
C VAL MC 422 -3.42 76.35 70.74
N THR MC 423 -4.15 75.26 70.95
CA THR MC 423 -5.49 75.13 70.44
C THR MC 423 -6.50 75.64 71.46
N CYS MC 424 -7.34 76.57 71.04
CA CYS MC 424 -8.57 76.89 71.76
C CYS MC 424 -9.60 75.84 71.38
N MET MC 425 -10.00 75.04 72.36
CA MET MC 425 -10.82 73.86 72.12
C MET MC 425 -12.31 74.16 72.10
N SER MC 426 -12.75 75.25 72.72
CA SER MC 426 -14.16 75.62 72.66
C SER MC 426 -14.55 76.19 71.31
N SER MC 427 -13.58 76.55 70.47
CA SER MC 427 -13.85 77.02 69.12
C SER MC 427 -12.98 76.36 68.07
N GLN MC 428 -12.10 75.45 68.47
CA GLN MC 428 -11.19 74.76 67.57
C GLN MC 428 -10.38 75.75 66.73
N ARG MC 429 -9.81 76.74 67.41
CA ARG MC 429 -8.96 77.72 66.76
C ARG MC 429 -7.53 77.54 67.22
N SER MC 430 -6.60 78.18 66.51
CA SER MC 430 -5.18 78.00 66.78
C SER MC 430 -4.54 79.35 67.10
N LEU MC 431 -3.67 79.35 68.10
CA LEU MC 431 -2.87 80.50 68.50
C LEU MC 431 -1.41 80.11 68.30
N VAL MC 432 -0.74 80.75 67.35
CA VAL MC 432 0.64 80.43 67.03
C VAL MC 432 1.52 81.49 67.65
N PHE MC 433 2.33 81.09 68.62
CA PHE MC 433 3.27 81.97 69.29
C PHE MC 433 4.69 81.68 68.84
N TYR MC 434 5.54 82.69 68.88
CA TYR MC 434 6.97 82.50 68.70
C TYR MC 434 7.57 82.12 70.04
N LYS MC 435 8.25 80.98 70.10
CA LYS MC 435 8.80 80.52 71.38
C LYS MC 435 10.19 81.11 71.63
N GLY MC 436 10.28 82.43 71.51
CA GLY MC 436 11.49 83.16 71.87
C GLY MC 436 11.20 84.03 73.08
N ASP MC 437 12.15 84.04 74.03
CA ASP MC 437 11.91 84.70 75.30
C ASP MC 437 11.74 86.21 75.15
N GLN MC 438 12.18 86.79 74.03
CA GLN MC 438 12.05 88.22 73.85
C GLN MC 438 10.62 88.64 73.52
N TYR MC 439 9.78 87.71 73.10
CA TYR MC 439 8.39 88.02 72.78
C TYR MC 439 7.44 87.77 73.94
N TRP MC 440 7.93 87.31 75.08
CA TRP MC 440 7.09 86.88 76.18
C TRP MC 440 7.34 87.72 77.41
N ASN MC 441 6.32 87.77 78.28
CA ASN MC 441 6.41 88.47 79.55
C ASN MC 441 6.73 87.47 80.64
N PRO MC 442 7.90 87.57 81.28
CA PRO MC 442 8.30 86.54 82.26
C PRO MC 442 7.37 86.46 83.47
N LYS MC 443 6.62 87.51 83.77
CA LYS MC 443 5.79 87.53 84.97
C LYS MC 443 4.56 86.65 84.84
N VAL MC 444 4.15 86.29 83.62
CA VAL MC 444 2.93 85.51 83.42
C VAL MC 444 3.20 84.31 82.54
N TYR MC 445 4.42 84.23 81.98
CA TYR MC 445 4.74 83.18 81.03
C TYR MC 445 4.65 81.80 81.67
N ASN MC 446 5.23 81.64 82.86
CA ASN MC 446 5.24 80.34 83.51
C ASN MC 446 3.82 79.90 83.88
N ASP MC 447 3.00 80.84 84.36
CA ASP MC 447 1.61 80.52 84.67
C ASP MC 447 0.87 80.08 83.42
N PHE MC 448 1.05 80.78 82.31
CA PHE MC 448 0.39 80.40 81.07
C PHE MC 448 0.84 79.02 80.61
N ILE MC 449 2.15 78.74 80.70
CA ILE MC 449 2.66 77.44 80.27
C ILE MC 449 2.11 76.33 81.14
N ASN MC 450 2.05 76.56 82.45
CA ASN MC 450 1.51 75.55 83.35
C ASN MC 450 0.02 75.30 83.09
N GLN MC 451 -0.73 76.36 82.80
CA GLN MC 451 -2.16 76.20 82.60
C GLN MC 451 -2.49 75.57 81.25
N THR MC 452 -1.65 75.78 80.23
CA THR MC 452 -1.96 75.26 78.91
C THR MC 452 -1.37 73.88 78.64
N SER MC 453 -0.40 73.44 79.42
CA SER MC 453 0.23 72.13 79.22
C SER MC 453 -0.29 71.19 80.29
N ASN MC 454 -1.38 70.49 79.98
CA ASN MC 454 -1.98 69.55 80.92
C ASN MC 454 -2.27 68.21 80.26
N LEU MC 455 -2.47 68.21 78.94
CA LEU MC 455 -2.74 66.98 78.22
C LEU MC 455 -1.50 66.37 77.59
N TRP MC 456 -0.41 67.12 77.46
CA TRP MC 456 0.85 66.57 76.97
C TRP MC 456 1.60 66.01 78.16
N THR MC 457 1.32 64.76 78.48
CA THR MC 457 1.84 64.10 79.67
C THR MC 457 2.72 62.92 79.28
N ARG MC 458 3.13 62.16 80.29
CA ARG MC 458 4.04 61.04 80.07
C ARG MC 458 3.35 59.85 79.42
N ASN MC 459 2.04 59.70 79.58
CA ASN MC 459 1.33 58.60 78.95
C ASN MC 459 1.40 58.66 77.43
N TYR MC 460 1.65 59.84 76.87
CA TYR MC 460 1.74 59.97 75.43
C TYR MC 460 2.83 59.09 74.86
N THR MC 461 3.91 58.88 75.61
CA THR MC 461 4.98 57.99 75.17
C THR MC 461 4.61 56.52 75.35
N GLY MC 462 3.84 56.19 76.38
CA GLY MC 462 3.41 54.84 76.66
C GLY MC 462 3.67 54.47 78.09
N TYR MC 463 3.40 53.21 78.41
CA TYR MC 463 3.59 52.67 79.76
C TYR MC 463 4.69 51.62 79.73
N ASN MC 464 5.65 51.76 80.64
CA ASN MC 464 6.72 50.78 80.74
C ASN MC 464 6.21 49.56 81.53
N ARG MC 465 7.14 48.68 81.92
CA ARG MC 465 6.73 47.45 82.59
C ARG MC 465 6.09 47.72 83.93
N LEU MC 466 6.43 48.83 84.57
CA LEU MC 466 5.92 49.13 85.91
C LEU MC 466 4.65 49.97 85.89
N GLU MC 467 4.52 50.90 84.93
CA GLU MC 467 3.37 51.78 84.87
C GLU MC 467 2.14 51.15 84.22
N VAL MC 468 2.30 50.02 83.54
CA VAL MC 468 1.16 49.42 82.85
C VAL MC 468 0.13 48.93 83.86
N GLN MC 469 0.56 48.43 85.02
CA GLN MC 469 -0.37 48.00 86.04
C GLN MC 469 -1.19 49.16 86.60
N ASN MC 470 -0.60 50.35 86.66
CA ASN MC 470 -1.26 51.55 87.15
C ASN MC 470 -1.92 52.35 86.04
N SER MC 471 -1.96 51.83 84.82
CA SER MC 471 -2.56 52.54 83.71
C SER MC 471 -4.04 52.80 83.92
N VAL MC 472 -4.72 52.00 84.74
CA VAL MC 472 -6.13 52.17 85.04
C VAL MC 472 -6.34 51.94 86.54
N GLU MC 473 -7.54 52.25 86.99
CA GLU MC 473 -7.96 51.98 88.36
C GLU MC 473 -8.90 50.78 88.37
N GLN MC 474 -8.60 49.81 89.22
CA GLN MC 474 -9.37 48.57 89.21
C GLN MC 474 -10.82 48.82 89.57
N VAL MC 475 -11.72 48.08 88.92
CA VAL MC 475 -13.14 48.10 89.20
C VAL MC 475 -13.44 46.91 90.10
N LYS MC 476 -13.80 47.18 91.35
CA LYS MC 476 -14.08 46.12 92.31
C LYS MC 476 -15.56 45.77 92.27
N ILE MC 477 -15.85 44.49 92.11
CA ILE MC 477 -17.20 44.00 91.88
C ILE MC 477 -17.57 43.02 92.99
N GLY MC 478 -18.74 43.22 93.58
CA GLY MC 478 -19.26 42.30 94.58
C GLY MC 478 -18.78 42.53 95.99
N PHE MC 479 -17.88 43.49 96.21
CA PHE MC 479 -17.39 43.76 97.55
C PHE MC 479 -18.45 44.39 98.44
N SER MC 480 -19.49 44.98 97.85
CA SER MC 480 -20.60 45.57 98.60
C SER MC 480 -20.13 46.58 99.63
N THR NC 258 45.45 120.45 68.40
CA THR NC 258 45.46 119.06 67.98
C THR NC 258 44.35 118.78 66.97
N VAL NC 259 44.12 117.50 66.67
CA VAL NC 259 43.05 117.13 65.76
C VAL NC 259 41.71 117.34 66.42
N PHE NC 260 40.67 117.55 65.60
CA PHE NC 260 39.33 117.73 66.13
C PHE NC 260 38.74 116.38 66.52
N ASP NC 261 38.19 116.32 67.73
CA ASP NC 261 37.51 115.13 68.23
C ASP NC 261 36.02 115.45 68.35
N ALA NC 262 35.21 114.84 67.47
CA ALA NC 262 33.78 115.10 67.49
C ALA NC 262 33.12 114.50 68.73
N GLU NC 263 33.66 113.40 69.25
CA GLU NC 263 33.07 112.76 70.42
C GLU NC 263 33.12 113.67 71.64
N LEU NC 264 34.27 114.32 71.88
CA LEU NC 264 34.38 115.21 73.02
C LEU NC 264 33.52 116.46 72.84
N ALA NC 265 33.42 116.97 71.61
CA ALA NC 265 32.56 118.12 71.36
C ALA NC 265 31.10 117.77 71.64
N PHE NC 266 30.65 116.60 71.20
CA PHE NC 266 29.28 116.20 71.49
C PHE NC 266 29.09 115.90 72.97
N ILE NC 267 30.13 115.41 73.65
CA ILE NC 267 30.02 115.21 75.10
C ILE NC 267 29.80 116.54 75.79
N LYS NC 268 30.55 117.58 75.40
CA LYS NC 268 30.36 118.90 75.98
C LYS NC 268 28.96 119.44 75.68
N GLU NC 269 28.50 119.28 74.43
CA GLU NC 269 27.17 119.76 74.07
C GLU NC 269 26.09 119.03 74.85
N ALA NC 270 26.24 117.71 75.01
CA ALA NC 270 25.26 116.92 75.75
C ALA NC 270 25.25 117.28 77.22
N ASN NC 271 26.42 117.55 77.79
CA ASN NC 271 26.48 118.02 79.18
C ASN NC 271 25.75 119.35 79.33
N GLU NC 272 25.95 120.27 78.39
CA GLU NC 272 25.23 121.54 78.44
C GLU NC 272 23.72 121.33 78.32
N MET NC 273 23.31 120.42 77.43
CA MET NC 273 21.89 120.14 77.28
C MET NC 273 21.29 119.53 78.53
N ILE NC 274 22.02 118.61 79.17
CA ILE NC 274 21.55 117.99 80.40
C ILE NC 274 21.41 119.03 81.50
N GLN NC 275 22.40 119.92 81.61
CA GLN NC 275 22.32 120.97 82.62
C GLN NC 275 21.14 121.92 82.36
N GLN NC 276 20.88 122.22 81.09
CA GLN NC 276 19.79 123.13 80.76
C GLN NC 276 18.42 122.49 81.01
N ASN NC 277 18.28 121.20 80.67
CA ASN NC 277 16.98 120.55 80.82
C ASN NC 277 16.56 120.49 82.29
N THR NC 278 17.49 120.17 83.18
CA THR NC 278 17.17 120.12 84.61
C THR NC 278 17.02 121.52 85.22
N GLY NC 279 17.35 122.57 84.49
CA GLY NC 279 17.22 123.92 84.99
C GLY NC 279 18.33 124.39 85.90
N ASN NC 280 19.44 123.65 85.97
CA ASN NC 280 20.56 124.02 86.83
C ASN NC 280 21.47 124.97 86.06
N LEU NC 281 21.42 126.25 86.40
CA LEU NC 281 22.26 127.27 85.80
C LEU NC 281 22.97 128.04 86.89
N PRO NC 282 24.23 128.42 86.67
CA PRO NC 282 25.00 129.11 87.71
C PRO NC 282 24.65 130.59 87.80
N TRP NC 283 25.25 131.25 88.78
CA TRP NC 283 25.17 132.70 88.90
C TRP NC 283 26.27 133.33 88.04
N ASP NC 284 25.87 134.12 87.04
CA ASP NC 284 26.81 134.72 86.10
C ASP NC 284 27.09 136.19 86.43
N GLY NC 285 26.06 137.01 86.49
CA GLY NC 285 26.24 138.42 86.75
C GLY NC 285 25.24 138.99 87.73
N GLY NC 286 24.84 138.18 88.72
CA GLY NC 286 23.85 138.57 89.68
C GLY NC 286 22.42 138.25 89.28
N LYS NC 287 22.20 137.82 88.05
CA LYS NC 287 20.89 137.35 87.59
C LYS NC 287 21.01 135.87 87.29
N LYS NC 288 20.23 135.06 88.00
CA LYS NC 288 20.21 133.62 87.80
C LYS NC 288 19.00 133.27 86.92
N LYS NC 289 19.28 132.68 85.77
CA LYS NC 289 18.20 132.29 84.85
C LYS NC 289 17.47 131.09 85.42
N ILE NC 290 16.34 131.34 86.07
CA ILE NC 290 15.58 130.29 86.74
C ILE NC 290 14.42 129.79 85.90
N PHE NC 291 14.15 130.39 84.75
CA PHE NC 291 13.05 129.90 83.92
C PHE NC 291 13.32 130.23 82.46
N GLN NC 292 13.07 129.25 81.60
CA GLN NC 292 13.13 129.42 80.14
C GLN NC 292 11.91 128.75 79.53
N GLY NC 293 11.24 129.44 78.61
CA GLY NC 293 10.04 128.91 78.00
C GLY NC 293 10.04 129.14 76.51
N GLN NC 294 9.03 128.56 75.85
CA GLN NC 294 8.88 128.63 74.41
C GLN NC 294 7.47 129.10 74.07
N ALA NC 295 7.37 129.94 73.03
CA ALA NC 295 6.10 130.49 72.59
C ALA NC 295 5.68 129.84 71.29
N ASN NC 296 4.43 129.38 71.23
CA ASN NC 296 3.92 128.75 70.02
C ASN NC 296 3.68 129.78 68.93
N LYS NC 297 4.09 129.44 67.71
CA LYS NC 297 3.91 130.29 66.54
C LYS NC 297 2.95 129.61 65.58
N TYR NC 298 1.88 130.31 65.21
CA TYR NC 298 0.83 129.76 64.37
C TYR NC 298 0.75 130.52 63.06
N LEU NC 299 0.37 129.81 62.00
CA LEU NC 299 0.30 130.40 60.68
C LEU NC 299 -0.91 131.31 60.54
N GLU NC 300 -0.70 132.47 59.93
CA GLU NC 300 -1.78 133.41 59.63
C GLU NC 300 -1.81 133.82 58.17
N THR NC 301 -0.65 133.97 57.54
CA THR NC 301 -0.60 134.39 56.14
C THR NC 301 -1.28 133.41 55.19
N PRO NC 302 -1.02 132.09 55.25
CA PRO NC 302 -1.74 131.19 54.34
C PRO NC 302 -3.25 131.23 54.51
N TYR NC 303 -3.74 131.35 55.74
CA TYR NC 303 -5.17 131.39 55.96
C TYR NC 303 -5.77 132.70 55.47
N TYR NC 304 -5.06 133.81 55.67
CA TYR NC 304 -5.53 135.09 55.12
C TYR NC 304 -5.57 135.05 53.60
N LEU NC 305 -4.55 134.47 52.99
CA LEU NC 305 -4.54 134.36 51.53
C LEU NC 305 -5.69 133.48 51.04
N LEU NC 306 -5.95 132.37 51.74
CA LEU NC 306 -7.06 131.49 51.34
C LEU NC 306 -8.40 132.19 51.47
N ALA NC 307 -8.60 132.94 52.56
CA ALA NC 307 -9.85 133.66 52.73
C ALA NC 307 -10.04 134.74 51.66
N ALA NC 308 -8.97 135.48 51.35
CA ALA NC 308 -9.06 136.49 50.31
C ALA NC 308 -9.33 135.86 48.96
N LEU NC 309 -8.67 134.73 48.66
CA LEU NC 309 -8.92 134.04 47.40
C LEU NC 309 -10.36 133.55 47.31
N SER NC 310 -10.91 133.03 48.41
CA SER NC 310 -12.30 132.59 48.40
C SER NC 310 -13.25 133.75 48.16
N GLY NC 311 -12.99 134.90 48.80
CA GLY NC 311 -13.84 136.06 48.57
C GLY NC 311 -13.77 136.56 47.13
N LEU NC 312 -12.56 136.64 46.58
CA LEU NC 312 -12.40 137.07 45.20
C LEU NC 312 -13.03 136.07 44.24
N GLY NC 313 -12.93 134.78 44.55
CA GLY NC 313 -13.57 133.78 43.72
C GLY NC 313 -15.07 133.87 43.74
N LEU NC 314 -15.66 134.12 44.91
CA LEU NC 314 -17.10 134.34 44.97
C LEU NC 314 -17.50 135.56 44.15
N LEU NC 315 -16.75 136.65 44.28
CA LEU NC 315 -17.07 137.85 43.50
C LEU NC 315 -16.95 137.58 42.00
N TYR NC 316 -15.93 136.85 41.58
CA TYR NC 316 -15.75 136.52 40.17
C TYR NC 316 -16.89 135.63 39.67
N PHE NC 317 -17.29 134.65 40.47
CA PHE NC 317 -18.39 133.78 40.07
C PHE NC 317 -19.71 134.56 40.01
N LEU NC 318 -19.84 135.63 40.78
CA LEU NC 318 -20.96 136.53 40.59
C LEU NC 318 -20.86 137.25 39.25
N TYR NC 319 -19.65 137.67 38.87
CA TYR NC 319 -19.47 138.41 37.62
C TYR NC 319 -19.66 137.49 36.42
N SER NC 320 -19.06 136.32 36.43
CA SER NC 320 -19.16 135.36 35.34
C SER NC 320 -19.93 134.13 35.83
N GLY NC 321 -21.00 133.78 35.11
CA GLY NC 321 -21.86 132.71 35.54
C GLY NC 321 -21.35 131.32 35.25
N ASP NC 322 -20.02 131.17 35.14
CA ASP NC 322 -19.40 129.87 34.90
C ASP NC 322 -18.97 129.19 36.20
N ALA NC 323 -19.90 129.08 37.15
CA ALA NC 323 -19.62 128.46 38.45
C ALA NC 323 -20.57 127.30 38.66
N LYS NC 324 -20.00 126.13 39.01
CA LYS NC 324 -20.83 124.97 39.28
C LYS NC 324 -21.51 125.11 40.65
N TYR NC 325 -22.54 124.30 40.87
CA TYR NC 325 -23.18 124.28 42.18
C TYR NC 325 -22.23 123.80 43.26
N LYS NC 326 -21.44 122.76 42.96
CA LYS NC 326 -20.47 122.27 43.93
C LYS NC 326 -19.42 123.34 44.23
N THR NC 327 -19.01 124.10 43.21
CA THR NC 327 -18.05 125.18 43.44
C THR NC 327 -18.66 126.27 44.30
N LEU NC 328 -19.90 126.67 44.01
CA LEU NC 328 -20.57 127.71 44.79
C LEU NC 328 -20.89 127.25 46.20
N VAL NC 329 -20.90 125.94 46.46
CA VAL NC 329 -21.07 125.45 47.81
C VAL NC 329 -19.74 125.35 48.55
N LEU NC 330 -18.70 124.85 47.88
CA LEU NC 330 -17.42 124.62 48.55
C LEU NC 330 -16.65 125.91 48.79
N THR NC 331 -16.74 126.88 47.87
CA THR NC 331 -15.97 128.11 48.04
C THR NC 331 -16.33 128.88 49.31
N PRO NC 332 -17.60 129.18 49.60
CA PRO NC 332 -17.90 129.85 50.87
C PRO NC 332 -17.54 129.03 52.10
N VAL NC 333 -17.69 127.70 52.04
CA VAL NC 333 -17.34 126.87 53.19
C VAL NC 333 -15.85 126.95 53.47
N VAL NC 334 -15.03 126.81 52.41
CA VAL NC 334 -13.58 126.89 52.57
C VAL NC 334 -13.19 128.28 53.06
N GLY NC 335 -13.83 129.32 52.51
CA GLY NC 335 -13.50 130.67 52.95
C GLY NC 335 -13.84 130.92 54.40
N ILE NC 336 -15.00 130.45 54.85
CA ILE NC 336 -15.40 130.63 56.25
C ILE NC 336 -14.47 129.85 57.16
N ALA NC 337 -14.12 128.62 56.79
CA ALA NC 337 -13.21 127.84 57.62
C ALA NC 337 -11.84 128.50 57.71
N ALA NC 338 -11.33 129.01 56.58
CA ALA NC 338 -10.04 129.69 56.58
C ALA NC 338 -10.07 130.95 57.41
N PHE NC 339 -11.16 131.71 57.33
CA PHE NC 339 -11.27 132.93 58.12
C PHE NC 339 -11.33 132.62 59.62
N VAL NC 340 -12.07 131.58 59.99
CA VAL NC 340 -12.15 131.19 61.39
C VAL NC 340 -10.79 130.76 61.91
N LEU NC 341 -10.07 129.95 61.11
CA LEU NC 341 -8.74 129.51 61.51
C LEU NC 341 -7.78 130.69 61.62
N LEU NC 342 -7.90 131.65 60.69
CA LEU NC 342 -7.06 132.85 60.76
C LEU NC 342 -7.32 133.65 62.02
N ARG NC 343 -8.59 133.85 62.38
CA ARG NC 343 -8.90 134.57 63.61
C ARG NC 343 -8.38 133.83 64.83
N ARG NC 344 -8.54 132.51 64.85
CA ARG NC 344 -8.06 131.72 65.98
C ARG NC 344 -6.55 131.82 66.11
N ASN NC 345 -5.82 131.75 64.99
CA ASN NC 345 -4.37 131.84 65.04
C ASN NC 345 -3.91 133.24 65.42
N GLN NC 346 -4.63 134.26 64.97
CA GLN NC 346 -4.29 135.63 65.39
C GLN NC 346 -4.47 135.81 66.88
N ILE NC 347 -5.55 135.24 67.43
CA ILE NC 347 -5.76 135.31 68.88
C ILE NC 347 -4.66 134.55 69.62
N LEU NC 348 -4.30 133.37 69.11
CA LEU NC 348 -3.30 132.55 69.80
C LEU NC 348 -1.90 133.16 69.72
N ASN NC 349 -1.61 133.92 68.66
CA ASN NC 349 -0.27 134.48 68.52
C ASN NC 349 -0.03 135.64 69.48
N ARG NC 350 -1.06 136.46 69.74
CA ARG NC 350 -0.91 137.63 70.60
C ARG NC 350 -0.91 137.28 72.08
N VAL NC 351 -0.90 136.00 72.43
CA VAL NC 351 -0.87 135.58 73.83
C VAL NC 351 0.48 135.95 74.42
N PRO NC 352 0.52 136.73 75.50
CA PRO NC 352 1.80 137.05 76.15
C PRO NC 352 2.29 135.87 77.00
N THR NC 353 3.34 135.21 76.52
CA THR NC 353 3.90 134.04 77.18
C THR NC 353 5.23 134.41 77.81
N LEU NC 354 5.41 134.04 79.07
CA LEU NC 354 6.68 134.26 79.75
C LEU NC 354 7.74 133.35 79.13
N THR NC 355 8.75 133.95 78.51
CA THR NC 355 9.81 133.19 77.85
C THR NC 355 11.06 133.04 78.69
N GLU NC 356 11.49 134.10 79.38
CA GLU NC 356 12.66 134.00 80.24
C GLU NC 356 12.37 134.65 81.59
N LEU NC 357 12.99 134.11 82.64
CA LEU NC 357 12.81 134.64 83.98
C LEU NC 357 14.11 134.47 84.75
N PHE NC 358 14.70 135.60 85.14
CA PHE NC 358 15.95 135.65 85.88
C PHE NC 358 15.69 136.09 87.31
N LEU NC 359 16.42 135.50 88.25
CA LEU NC 359 16.28 135.81 89.66
C LEU NC 359 17.42 136.71 90.11
N HIS NC 360 17.09 137.75 90.87
CA HIS NC 360 18.11 138.66 91.38
C HIS NC 360 18.94 137.97 92.45
N LYS NC 361 20.12 138.54 92.71
CA LYS NC 361 21.03 137.97 93.71
C LYS NC 361 20.40 138.02 95.10
N ASP NC 362 19.69 139.10 95.41
CA ASP NC 362 19.03 139.22 96.71
C ASP NC 362 17.82 138.31 96.84
N GLY NC 363 17.36 137.70 95.76
CA GLY NC 363 16.24 136.78 95.82
C GLY NC 363 14.93 137.42 96.18
N LYS NC 364 14.70 138.67 95.77
CA LYS NC 364 13.44 139.35 96.01
C LYS NC 364 12.82 139.97 94.77
N PHE NC 365 13.54 140.04 93.66
CA PHE NC 365 13.02 140.60 92.42
C PHE NC 365 13.36 139.68 91.26
N VAL NC 366 12.50 139.69 90.24
CA VAL NC 366 12.66 138.84 89.08
C VAL NC 366 12.58 139.69 87.82
N ASP NC 367 13.45 139.39 86.86
CA ASP NC 367 13.42 140.04 85.55
C ASP NC 367 12.76 139.09 84.55
N ALA NC 368 11.69 139.56 83.93
CA ALA NC 368 10.87 138.73 83.06
C ALA NC 368 10.97 139.20 81.62
N VAL NC 369 11.14 138.26 80.70
CA VAL NC 369 11.13 138.51 79.27
C VAL NC 369 9.93 137.75 78.70
N VAL NC 370 8.94 138.51 78.22
CA VAL NC 370 7.65 137.98 77.82
C VAL NC 370 7.47 138.21 76.33
N SER NC 371 7.04 137.16 75.61
CA SER NC 371 6.87 137.23 74.17
C SER NC 371 5.41 137.48 73.84
N VAL NC 372 5.16 138.58 73.13
CA VAL NC 372 3.84 138.91 72.61
C VAL NC 372 3.97 139.00 71.09
N ASN NC 373 3.43 137.99 70.40
CA ASN NC 373 3.48 137.93 68.94
C ASN NC 373 4.91 138.05 68.42
N GLY NC 374 5.84 137.39 69.09
CA GLY NC 374 7.23 137.43 68.70
C GLY NC 374 7.99 138.65 69.17
N GLN NC 375 7.35 139.56 69.90
CA GLN NC 375 8.01 140.76 70.41
C GLN NC 375 8.36 140.55 71.88
N LEU NC 376 9.63 140.78 72.22
CA LEU NC 376 10.12 140.52 73.56
C LEU NC 376 10.03 141.79 74.40
N ILE NC 377 9.23 141.74 75.46
CA ILE NC 377 9.04 142.84 76.39
C ILE NC 377 9.71 142.47 77.71
N SER NC 378 10.51 143.38 78.24
CA SER NC 378 11.32 143.10 79.42
C SER NC 378 10.83 143.92 80.61
N LYS NC 379 10.56 143.25 81.72
CA LYS NC 379 10.25 143.89 83.00
C LYS NC 379 11.40 143.56 83.95
N ASN NC 380 12.16 144.58 84.34
CA ASN NC 380 13.39 144.37 85.11
C ASN NC 380 13.21 144.57 86.61
N ASP NC 381 11.99 144.80 87.09
CA ASP NC 381 11.77 144.98 88.53
C ASP NC 381 10.36 144.49 88.86
N ILE NC 382 10.27 143.26 89.33
CA ILE NC 382 9.01 142.68 89.81
C ILE NC 382 9.26 141.99 91.14
N PRO NC 383 8.74 142.52 92.25
CA PRO NC 383 8.95 141.85 93.54
C PRO NC 383 8.36 140.45 93.56
N VAL NC 384 9.08 139.53 94.20
CA VAL NC 384 8.64 138.15 94.27
C VAL NC 384 7.31 138.04 95.01
N SER NC 385 7.11 138.88 96.02
CA SER NC 385 5.83 138.88 96.74
C SER NC 385 4.66 139.19 95.84
N THR NC 386 4.89 139.86 94.70
CA THR NC 386 3.81 140.15 93.78
C THR NC 386 3.46 138.98 92.87
N LEU NC 387 4.39 138.04 92.67
CA LEU NC 387 4.14 136.92 91.77
C LEU NC 387 3.06 136.01 92.33
N LYS NC 388 2.23 135.48 91.44
CA LYS NC 388 1.20 134.53 91.86
C LYS NC 388 0.87 133.62 90.69
N LEU NC 389 1.28 132.35 90.77
CA LEU NC 389 0.91 131.38 89.76
C LEU NC 389 -0.46 130.81 90.08
N TYR NC 390 -1.40 130.94 89.15
CA TYR NC 390 -2.77 130.49 89.39
C TYR NC 390 -2.86 129.00 89.12
N ARG NC 391 -3.00 128.22 90.20
CA ARG NC 391 -3.21 126.77 90.09
C ARG NC 391 -4.69 126.48 89.87
N GLY NC 392 -5.22 127.01 88.76
CA GLY NC 392 -6.63 126.92 88.48
C GLY NC 392 -7.14 128.15 87.76
N ASP NC 393 -8.32 128.06 87.18
CA ASP NC 393 -8.86 129.18 86.42
C ASP NC 393 -9.22 130.34 87.34
N HIS NC 394 -9.17 131.55 86.78
CA HIS NC 394 -9.48 132.76 87.52
C HIS NC 394 -10.56 133.54 86.78
N THR NC 395 -10.81 134.78 87.17
CA THR NC 395 -11.84 135.60 86.56
C THR NC 395 -11.22 136.90 86.06
N VAL NC 396 -11.38 137.18 84.77
CA VAL NC 396 -10.95 138.45 84.20
C VAL NC 396 -12.08 139.45 84.31
N LYS NC 397 -11.72 140.73 84.32
CA LYS NC 397 -12.69 141.80 84.52
C LYS NC 397 -12.50 142.89 83.47
N VAL NC 398 -13.61 143.39 82.93
CA VAL NC 398 -13.60 144.51 82.00
C VAL NC 398 -14.01 145.74 82.82
N ASN NC 399 -13.01 146.42 83.38
CA ASN NC 399 -13.30 147.49 84.33
C ASN NC 399 -13.85 148.74 83.64
N LEU NC 400 -13.44 149.01 82.41
CA LEU NC 400 -13.88 150.20 81.69
C LEU NC 400 -15.20 149.96 80.95
N ASN NC 401 -16.21 149.47 81.68
CA ASN NC 401 -17.49 149.12 81.09
C ASN NC 401 -17.29 148.18 79.91
N ASP NC 402 -17.30 148.75 78.70
CA ASP NC 402 -16.87 148.03 77.51
C ASP NC 402 -15.89 148.90 76.73
N PHE NC 403 -16.03 150.22 76.88
CA PHE NC 403 -15.08 151.19 76.34
C PHE NC 403 -14.89 151.00 74.83
N GLU NC 404 -15.99 151.14 74.09
CA GLU NC 404 -15.99 150.91 72.66
C GLU NC 404 -17.22 151.57 72.06
N ASP NC 405 -17.51 151.26 70.80
CA ASP NC 405 -18.66 151.83 70.13
C ASP NC 405 -19.95 151.25 70.72
N ALA NC 406 -21.08 151.86 70.34
CA ALA NC 406 -22.36 151.49 70.92
C ALA NC 406 -22.72 150.04 70.59
N SER NC 407 -22.50 149.62 69.34
CA SER NC 407 -22.86 148.26 68.95
C SER NC 407 -22.04 147.22 69.69
N ALA NC 408 -20.71 147.40 69.72
CA ALA NC 408 -19.85 146.47 70.43
C ALA NC 408 -20.14 146.47 71.92
N LYS NC 409 -20.40 147.65 72.49
CA LYS NC 409 -20.73 147.74 73.91
C LYS NC 409 -22.01 146.97 74.21
N LYS NC 410 -23.04 147.14 73.38
CA LYS NC 410 -24.28 146.40 73.59
C LYS NC 410 -24.06 144.90 73.46
N PHE NC 411 -23.27 144.49 72.47
CA PHE NC 411 -23.02 143.06 72.28
C PHE NC 411 -22.28 142.46 73.48
N LEU NC 412 -21.27 143.17 74.00
CA LEU NC 412 -20.54 142.66 75.15
C LEU NC 412 -21.38 142.71 76.41
N ALA NC 413 -22.30 143.67 76.52
CA ALA NC 413 -23.14 143.77 77.70
C ALA NC 413 -24.26 142.72 77.72
N GLN NC 414 -24.78 142.36 76.54
CA GLN NC 414 -25.91 141.43 76.48
C GLN NC 414 -25.55 140.07 77.06
N GLN NC 415 -24.47 139.48 76.59
CA GLN NC 415 -24.04 138.16 77.04
C GLN NC 415 -23.03 138.25 78.18
N SER NC 416 -23.36 139.02 79.21
CA SER NC 416 -22.48 139.23 80.34
C SER NC 416 -23.31 139.71 81.53
N GLY NC 417 -22.63 140.24 82.54
CA GLY NC 417 -23.31 140.77 83.72
C GLY NC 417 -24.17 141.97 83.44
N GLN NC 418 -23.91 142.69 82.34
CA GLN NC 418 -24.79 143.74 81.83
C GLN NC 418 -24.73 145.00 82.71
N GLU NC 419 -24.04 144.93 83.84
CA GLU NC 419 -24.02 146.01 84.81
C GLU NC 419 -22.59 146.52 84.98
N GLY NC 420 -22.21 147.50 84.16
CA GLY NC 420 -20.90 148.11 84.30
C GLY NC 420 -19.78 147.11 84.07
N VAL NC 421 -18.92 146.97 85.08
CA VAL NC 421 -17.82 146.03 85.00
C VAL NC 421 -18.38 144.61 84.93
N ILE NC 422 -17.97 143.86 83.91
CA ILE NC 422 -18.41 142.49 83.71
C ILE NC 422 -17.24 141.56 83.99
N ASN NC 423 -17.50 140.50 84.76
CA ASN NC 423 -16.49 139.52 85.10
C ASN NC 423 -16.75 138.24 84.31
N VAL NC 424 -15.71 137.76 83.62
CA VAL NC 424 -15.80 136.55 82.82
C VAL NC 424 -14.81 135.53 83.38
N HIS NC 425 -15.31 134.34 83.70
CA HIS NC 425 -14.45 133.30 84.23
C HIS NC 425 -13.50 132.79 83.14
N PHE NC 426 -12.26 132.50 83.53
CA PHE NC 426 -11.24 132.11 82.57
C PHE NC 426 -11.49 130.75 81.95
N SER NC 427 -12.44 129.97 82.48
CA SER NC 427 -12.77 128.69 81.87
C SER NC 427 -13.32 128.87 80.47
N LYS NC 428 -14.14 129.91 80.26
CA LYS NC 428 -14.68 130.19 78.94
C LYS NC 428 -13.59 130.66 77.97
N LEU NC 429 -12.45 131.13 78.48
CA LEU NC 429 -11.40 131.70 77.66
C LEU NC 429 -10.11 130.89 77.70
N ARG NC 430 -10.08 129.77 78.41
CA ARG NC 430 -8.83 129.02 78.60
C ARG NC 430 -8.31 128.45 77.29
N ASN NC 431 -9.21 127.99 76.42
CA ASN NC 431 -8.78 127.29 75.20
C ASN NC 431 -8.11 128.20 74.19
N LEU NC 432 -8.16 129.52 74.37
CA LEU NC 432 -7.53 130.44 73.45
C LEU NC 432 -6.52 131.37 74.11
N ALA NC 433 -6.48 131.45 75.44
CA ALA NC 433 -5.56 132.34 76.13
C ALA NC 433 -4.42 131.61 76.81
N ALA NC 434 -4.70 130.53 77.53
CA ALA NC 434 -3.67 129.81 78.26
C ALA NC 434 -3.84 128.31 78.10
N ARG NC 435 -4.14 127.86 76.88
CA ARG NC 435 -4.32 126.43 76.65
C ARG NC 435 -3.01 125.66 76.71
N ASN NC 436 -1.87 126.35 76.56
CA ASN NC 436 -0.56 125.70 76.57
C ASN NC 436 0.30 126.20 77.73
N GLY NC 437 -0.34 126.60 78.83
CA GLY NC 437 0.41 127.07 79.98
C GLY NC 437 -0.53 127.48 81.09
N GLN NC 438 0.06 128.01 82.15
CA GLN NC 438 -0.68 128.47 83.32
C GLN NC 438 -0.56 129.98 83.45
N VAL NC 439 -1.63 130.60 83.95
CA VAL NC 439 -1.64 132.05 84.09
C VAL NC 439 -0.85 132.44 85.33
N LEU NC 440 0.12 133.33 85.15
CA LEU NC 440 0.98 133.83 86.22
C LEU NC 440 0.80 135.33 86.32
N ASN NC 441 0.32 135.79 87.47
CA ASN NC 441 0.15 137.22 87.72
C ASN NC 441 1.48 137.80 88.17
N LEU NC 442 2.05 138.67 87.35
CA LEU NC 442 3.30 139.36 87.66
C LEU NC 442 3.03 140.71 88.33
N GLY NC 443 2.22 140.70 89.39
CA GLY NC 443 1.88 141.92 90.08
C GLY NC 443 0.89 142.79 89.31
N ASP NC 444 1.31 143.31 88.16
CA ASP NC 444 0.47 144.16 87.33
C ASP NC 444 -0.11 143.44 86.13
N THR NC 445 0.68 142.59 85.48
CA THR NC 445 0.26 141.89 84.27
C THR NC 445 0.21 140.39 84.53
N GLU NC 446 -0.61 139.70 83.75
CA GLU NC 446 -0.73 138.26 83.81
C GLU NC 446 -0.25 137.66 82.50
N VAL NC 447 0.74 136.77 82.58
CA VAL NC 447 1.31 136.13 81.41
C VAL NC 447 0.97 134.64 81.46
N VAL NC 448 1.39 133.90 80.44
CA VAL NC 448 1.12 132.48 80.34
C VAL NC 448 2.47 131.75 80.36
N VAL NC 449 2.76 131.06 81.45
CA VAL NC 449 3.98 130.25 81.52
C VAL NC 449 3.71 128.96 80.76
N PRO NC 450 4.52 128.64 79.75
CA PRO NC 450 4.27 127.44 78.96
C PRO NC 450 4.47 126.17 79.77
N PHE NC 451 3.71 125.14 79.42
CA PHE NC 451 3.92 123.83 80.03
C PHE NC 451 5.25 123.23 79.62
N GLU NC 452 5.72 123.51 78.41
CA GLU NC 452 7.04 123.10 77.96
C GLU NC 452 8.03 124.18 78.37
N ASN NC 453 8.79 123.91 79.43
CA ASN NC 453 9.68 124.91 79.99
C ASN NC 453 10.79 124.21 80.75
N GLN NC 454 11.95 124.87 80.82
CA GLN NC 454 13.10 124.41 81.59
C GLN NC 454 13.32 125.43 82.71
N ALA NC 455 13.10 125.01 83.95
CA ALA NC 455 13.14 125.94 85.06
C ALA NC 455 13.75 125.28 86.28
N ASN NC 456 14.26 126.11 87.19
CA ASN NC 456 14.79 125.64 88.46
C ASN NC 456 13.60 125.37 89.37
N ARG NC 457 13.27 124.09 89.53
CA ARG NC 457 11.98 123.72 90.12
C ARG NC 457 11.86 124.19 91.56
N ILE NC 458 12.94 124.11 92.34
CA ILE NC 458 12.86 124.53 93.74
C ILE NC 458 12.62 126.03 93.84
N ILE NC 459 13.42 126.81 93.13
CA ILE NC 459 13.27 128.26 93.15
C ILE NC 459 11.95 128.68 92.53
N LEU NC 460 11.55 128.00 91.45
CA LEU NC 460 10.29 128.33 90.80
C LEU NC 460 9.12 128.07 91.73
N LYS NC 461 9.14 126.94 92.45
CA LYS NC 461 8.08 126.65 93.41
C LYS NC 461 8.06 127.68 94.53
N GLN NC 462 9.24 128.11 94.99
CA GLN NC 462 9.29 129.11 96.04
C GLN NC 462 8.68 130.43 95.57
N ILE NC 463 9.12 130.94 94.42
CA ILE NC 463 8.71 132.27 94.00
C ILE NC 463 7.25 132.30 93.58
N PHE NC 464 6.78 131.26 92.88
CA PHE NC 464 5.44 131.29 92.31
C PHE NC 464 4.34 131.23 93.37
N LYS NC 465 4.67 130.92 94.62
CA LYS NC 465 3.72 131.02 95.71
C LYS NC 465 3.80 132.35 96.44
N GLY NC 466 4.62 133.28 95.95
CA GLY NC 466 4.85 134.53 96.64
C GLY NC 466 5.92 134.49 97.71
N VAL NC 467 6.63 133.38 97.85
CA VAL NC 467 7.65 133.21 98.88
C VAL NC 467 9.01 133.58 98.28
N GLU NC 468 9.71 134.50 98.94
CA GLU NC 468 11.02 134.92 98.46
C GLU NC 468 12.07 133.86 98.73
N VAL NC 469 13.12 133.87 97.91
CA VAL NC 469 14.20 132.89 98.00
C VAL NC 469 15.36 133.51 98.75
N LEU NC 470 15.90 132.78 99.71
CA LEU NC 470 17.02 133.28 100.50
C LEU NC 470 18.25 133.44 99.61
N PRO NC 471 19.01 134.54 99.77
CA PRO NC 471 20.22 134.82 98.99
C PRO NC 471 21.27 133.71 99.08
N ASN OC 112 11.77 141.25 58.75
CA ASN OC 112 12.83 142.25 58.74
C ASN OC 112 14.06 141.72 58.02
N VAL OC 113 14.82 140.85 58.70
CA VAL OC 113 15.98 140.24 58.08
C VAL OC 113 15.57 139.34 56.93
N THR OC 114 14.46 138.61 57.10
CA THR OC 114 13.94 137.80 56.00
C THR OC 114 13.53 138.67 54.82
N GLY OC 115 12.91 139.82 55.10
CA GLY OC 115 12.57 140.74 54.03
C GLY OC 115 13.79 141.26 53.32
N LYS OC 116 14.85 141.60 54.07
CA LYS OC 116 16.10 142.05 53.45
C LYS OC 116 16.70 140.97 52.58
N VAL OC 117 16.71 139.72 53.05
CA VAL OC 117 17.26 138.63 52.26
C VAL OC 117 16.47 138.43 50.97
N ALA OC 118 15.13 138.46 51.08
CA ALA OC 118 14.30 138.30 49.89
C ALA OC 118 14.53 139.44 48.91
N LEU OC 119 14.63 140.67 49.41
CA LEU OC 119 14.87 141.81 48.53
C LEU OC 119 16.23 141.70 47.85
N ALA OC 120 17.26 141.27 48.59
CA ALA OC 120 18.58 141.12 47.98
C ALA OC 120 18.57 140.06 46.89
N THR OC 121 17.90 138.93 47.15
CA THR OC 121 17.83 137.86 46.14
C THR OC 121 17.08 138.34 44.91
N LEU OC 122 15.94 139.00 45.11
CA LEU OC 122 15.16 139.50 43.98
C LEU OC 122 15.94 140.54 43.19
N GLY OC 123 16.64 141.43 43.89
CA GLY OC 123 17.43 142.44 43.20
C GLY OC 123 18.56 141.83 42.38
N ALA OC 124 19.24 140.83 42.94
CA ALA OC 124 20.31 140.16 42.20
C ALA OC 124 19.76 139.47 40.96
N LEU OC 125 18.65 138.73 41.11
CA LEU OC 125 18.09 138.02 39.97
C LEU OC 125 17.61 138.99 38.89
N THR OC 126 16.93 140.06 39.28
CA THR OC 126 16.41 141.01 38.30
C THR OC 126 17.54 141.82 37.65
N GLY OC 127 18.59 142.13 38.40
CA GLY OC 127 19.74 142.79 37.79
C GLY OC 127 20.43 141.92 36.78
N TYR OC 128 20.59 140.63 37.10
CA TYR OC 128 21.17 139.71 36.12
C TYR OC 128 20.28 139.59 34.89
N GLY OC 129 18.96 139.52 35.09
CA GLY OC 129 18.06 139.47 33.95
C GLY OC 129 18.14 140.70 33.08
N ALA OC 130 18.23 141.88 33.71
CA ALA OC 130 18.37 143.12 32.94
C ALA OC 130 19.68 143.14 32.17
N PHE OC 131 20.77 142.70 32.79
CA PHE OC 131 22.06 142.66 32.09
C PHE OC 131 22.01 141.71 30.89
N TYR OC 132 21.42 140.53 31.08
CA TYR OC 132 21.30 139.57 30.00
C TYR OC 132 20.47 140.14 28.85
N HIS OC 133 19.33 140.76 29.19
CA HIS OC 133 18.48 141.33 28.15
C HIS OC 133 19.14 142.50 27.45
N TYR OC 134 19.95 143.28 28.16
CA TYR OC 134 20.66 144.38 27.51
C TYR OC 134 21.69 143.85 26.52
N ASN OC 135 22.46 142.84 26.92
CA ASN OC 135 23.44 142.26 25.99
C ASN OC 135 22.74 141.64 24.78
N GLN OC 136 21.63 140.95 25.01
CA GLN OC 136 20.87 140.37 23.90
C GLN OC 136 20.32 141.46 23.00
N TYR OC 137 19.89 142.58 23.58
CA TYR OC 137 19.41 143.70 22.78
C TYR OC 137 20.51 144.25 21.89
N LEU OC 138 21.71 144.42 22.44
CA LEU OC 138 22.84 144.91 21.64
C LEU OC 138 23.15 143.96 20.49
N ASN OC 139 23.23 142.66 20.79
CA ASN OC 139 23.55 141.68 19.76
C ASN OC 139 22.47 141.64 18.69
N LEU OC 140 21.20 141.67 19.10
CA LEU OC 140 20.10 141.60 18.13
C LEU OC 140 20.05 142.86 17.28
N SER OC 141 20.33 144.03 17.86
CA SER OC 141 20.36 145.25 17.06
C SER OC 141 21.48 145.21 16.02
N ALA OC 142 22.66 144.74 16.42
CA ALA OC 142 23.75 144.64 15.47
C ALA OC 142 23.42 143.66 14.34
N ARG OC 143 22.88 142.49 14.69
CA ARG OC 143 22.52 141.52 13.67
C ARG OC 143 21.41 142.04 12.77
N TRP OC 144 20.45 142.79 13.32
CA TRP OC 144 19.37 143.33 12.52
C TRP OC 144 19.87 144.39 11.55
N GLN OC 145 20.82 145.21 11.98
CA GLN OC 145 21.43 146.15 11.05
C GLN OC 145 22.15 145.43 9.93
N GLN OC 146 22.89 144.37 10.25
CA GLN OC 146 23.55 143.59 9.22
C GLN OC 146 22.54 142.98 8.26
N ILE OC 147 21.44 142.45 8.79
CA ILE OC 147 20.41 141.84 7.96
C ILE OC 147 19.78 142.87 7.03
N GLN OC 148 19.49 144.06 7.55
CA GLN OC 148 18.89 145.10 6.73
C GLN OC 148 19.83 145.52 5.61
N GLU OC 149 21.12 145.67 5.92
CA GLU OC 149 22.09 146.02 4.88
C GLU OC 149 22.16 144.94 3.81
N ASN OC 150 22.21 143.67 4.22
CA ASN OC 150 22.29 142.57 3.27
C ASN OC 150 21.05 142.51 2.38
N ILE OC 151 19.87 142.72 2.96
CA ILE OC 151 18.64 142.71 2.17
C ILE OC 151 18.61 143.90 1.21
N ALA OC 152 19.02 145.08 1.68
CA ALA OC 152 19.07 146.24 0.81
C ALA OC 152 20.07 146.08 -0.33
N LYS OC 153 21.07 145.21 -0.16
CA LYS OC 153 21.97 144.92 -1.27
C LYS OC 153 21.22 144.34 -2.47
N ASP OC 154 20.26 143.45 -2.20
CA ASP OC 154 19.34 142.93 -3.22
C ASP OC 154 20.10 142.19 -4.34
N GLN OC 155 20.72 141.08 -3.97
CA GLN OC 155 21.31 140.14 -4.92
C GLN OC 155 20.77 138.75 -4.60
N PRO OC 156 19.59 138.41 -5.10
CA PRO OC 156 19.00 137.10 -4.78
C PRO OC 156 19.87 135.96 -5.27
N PHE OC 157 19.89 134.88 -4.49
CA PHE OC 157 20.60 133.66 -4.87
C PHE OC 157 19.65 132.78 -5.68
N ASP OC 158 20.01 132.49 -6.93
CA ASP OC 158 19.16 131.70 -7.80
C ASP OC 158 19.25 130.24 -7.41
N VAL OC 159 18.14 129.68 -6.93
CA VAL OC 159 18.07 128.27 -6.53
C VAL OC 159 17.60 127.50 -7.76
N ASP OC 160 18.56 127.04 -8.56
CA ASP OC 160 18.26 126.31 -9.77
C ASP OC 160 19.16 125.08 -9.86
N GLY OC 161 18.68 124.08 -10.59
CA GLY OC 161 19.43 122.86 -10.78
C GLY OC 161 19.36 121.93 -9.59
N PHE OC 162 20.50 121.41 -9.16
CA PHE OC 162 20.55 120.53 -8.01
C PHE OC 162 20.10 121.25 -6.74
N ASP OC 163 20.41 122.54 -6.62
CA ASP OC 163 20.04 123.30 -5.44
C ASP OC 163 18.53 123.35 -5.24
N ALA OC 164 17.76 123.23 -6.32
CA ALA OC 164 16.31 123.24 -6.23
C ALA OC 164 15.74 121.91 -5.79
N LYS OC 165 16.53 120.83 -5.84
CA LYS OC 165 16.06 119.53 -5.38
C LYS OC 165 16.34 119.35 -3.89
N VAL OC 166 17.61 119.46 -3.50
CA VAL OC 166 18.00 119.53 -2.09
C VAL OC 166 18.63 120.88 -1.86
N TYR OC 167 18.03 121.67 -0.99
CA TYR OC 167 18.36 123.09 -0.86
C TYR OC 167 19.67 123.27 -0.11
N PRO OC 168 20.37 124.39 -0.34
CA PRO OC 168 21.66 124.61 0.34
C PRO OC 168 21.55 124.64 1.85
N TRP OC 169 20.46 125.17 2.40
CA TRP OC 169 20.28 125.17 3.84
C TRP OC 169 19.86 123.80 4.39
N VAL OC 170 19.47 122.87 3.52
CA VAL OC 170 19.23 121.50 3.94
C VAL OC 170 20.46 120.64 3.75
N ARG OC 171 21.17 120.84 2.63
CA ARG OC 171 22.35 120.03 2.33
C ARG OC 171 23.45 120.28 3.36
N GLU OC 172 23.75 121.54 3.63
CA GLU OC 172 24.75 121.88 4.64
C GLU OC 172 24.16 122.05 6.04
N ASN OC 173 22.82 122.03 6.16
CA ASN OC 173 22.14 122.16 7.45
C ASN OC 173 22.56 123.43 8.18
N ASN OC 174 22.73 124.51 7.44
CA ASN OC 174 23.09 125.81 8.00
C ASN OC 174 21.98 126.80 7.65
N VAL OC 175 20.94 126.85 8.47
CA VAL OC 175 19.88 127.81 8.24
C VAL OC 175 20.23 129.15 8.88
N ASN OC 176 21.05 129.16 9.93
CA ASN OC 176 21.48 130.42 10.52
C ASN OC 176 22.39 131.19 9.58
N ASP OC 177 23.21 130.49 8.79
CA ASP OC 177 23.99 131.15 7.76
C ASP OC 177 23.13 131.59 6.58
N TRP OC 178 21.95 131.01 6.43
CA TRP OC 178 21.03 131.34 5.35
C TRP OC 178 19.78 132.05 5.84
N GLU OC 179 19.76 132.53 7.08
CA GLU OC 179 18.56 133.12 7.63
C GLU OC 179 18.36 134.54 7.10
N TYR OC 180 17.10 134.89 6.83
CA TYR OC 180 16.74 136.19 6.26
C TYR OC 180 17.47 136.43 4.95
N LYS OC 181 17.64 135.40 4.13
CA LYS OC 181 18.56 135.48 2.99
C LYS OC 181 17.81 135.48 1.67
N LEU OC 182 18.11 136.45 0.81
CA LEU OC 182 17.38 136.62 -0.45
C LEU OC 182 17.68 135.47 -1.40
N VAL OC 183 16.63 134.73 -1.79
CA VAL OC 183 16.74 133.64 -2.75
C VAL OC 183 15.66 133.81 -3.80
N LYS OC 184 15.83 133.10 -4.91
CA LYS OC 184 14.89 133.10 -6.03
C LYS OC 184 14.74 131.68 -6.53
N MET OC 185 13.49 131.24 -6.70
CA MET OC 185 13.24 129.86 -7.11
C MET OC 185 11.97 129.80 -7.94
N ARG OC 186 11.91 128.79 -8.82
CA ARG OC 186 10.78 128.62 -9.72
C ARG OC 186 10.11 127.28 -9.50
N GLY OC 187 8.79 127.26 -9.63
CA GLY OC 187 8.02 126.05 -9.42
C GLY OC 187 6.54 126.38 -9.47
N TYR OC 188 5.72 125.38 -9.15
CA TYR OC 188 4.28 125.54 -9.16
C TYR OC 188 3.72 125.35 -7.75
N PHE OC 189 2.90 126.30 -7.31
CA PHE OC 189 2.29 126.21 -6.00
C PHE OC 189 1.19 125.16 -6.00
N LYS OC 190 1.08 124.42 -4.91
CA LYS OC 190 -0.01 123.49 -4.73
C LYS OC 190 -1.22 124.22 -4.15
N ASP OC 191 -2.40 123.64 -4.38
CA ASP OC 191 -3.66 124.36 -4.16
C ASP OC 191 -3.84 124.76 -2.70
N GLN OC 192 -3.50 123.86 -1.77
CA GLN OC 192 -3.83 124.07 -0.37
C GLN OC 192 -3.12 125.29 0.20
N ARG OC 193 -3.80 125.96 1.13
CA ARG OC 193 -3.27 127.13 1.83
C ARG OC 193 -3.37 126.90 3.33
N PHE OC 194 -2.41 127.44 4.07
CA PHE OC 194 -2.35 127.31 5.51
C PHE OC 194 -2.35 128.70 6.14
N PHE OC 195 -3.13 128.87 7.21
CA PHE OC 195 -3.28 130.17 7.87
C PHE OC 195 -2.74 130.09 9.28
N VAL OC 196 -1.90 131.05 9.65
CA VAL OC 196 -1.36 131.15 11.01
C VAL OC 196 -1.72 132.53 11.56
N ARG OC 197 -2.34 132.55 12.73
CA ARG OC 197 -2.77 133.82 13.33
C ARG OC 197 -1.56 134.70 13.61
N ARG OC 198 -1.62 135.95 13.14
CA ARG OC 198 -0.52 136.89 13.31
C ARG OC 198 -1.05 138.30 13.18
N LYS OC 199 -0.36 139.24 13.82
CA LYS OC 199 -0.68 140.66 13.73
C LYS OC 199 0.43 141.37 12.96
N ARG OC 200 0.05 142.12 11.94
CA ARG OC 200 0.98 142.93 11.16
C ARG OC 200 0.55 144.38 11.23
N ASP OC 201 1.49 145.26 11.61
CA ASP OC 201 1.22 146.69 11.79
C ASP OC 201 0.14 146.95 12.82
N GLY OC 202 0.06 146.08 13.84
CA GLY OC 202 -0.86 146.29 14.93
C GLY OC 202 -2.31 145.95 14.66
N LYS OC 203 -2.59 145.19 13.60
CA LYS OC 203 -3.95 144.74 13.32
C LYS OC 203 -3.95 143.24 13.07
N GLU OC 204 -5.03 142.59 13.48
CA GLU OC 204 -5.10 141.14 13.47
C GLU OC 204 -5.26 140.61 12.04
N GLY OC 205 -4.65 139.46 11.80
CA GLY OC 205 -4.72 138.86 10.48
C GLY OC 205 -4.14 137.46 10.49
N PHE OC 206 -3.83 136.98 9.29
CA PHE OC 206 -3.30 135.63 9.11
C PHE OC 206 -2.13 135.65 8.13
N LEU OC 207 -1.07 134.95 8.48
CA LEU OC 207 -0.01 134.62 7.53
C LEU OC 207 -0.45 133.44 6.70
N VAL OC 208 -0.24 133.52 5.39
CA VAL OC 208 -0.69 132.52 4.43
C VAL OC 208 0.52 131.79 3.89
N PHE OC 209 0.51 130.46 4.03
CA PHE OC 209 1.58 129.60 3.56
C PHE OC 209 1.04 128.69 2.46
N ALA OC 210 1.88 128.44 1.46
CA ALA OC 210 1.53 127.52 0.40
C ALA OC 210 2.70 126.59 0.09
N PRO OC 211 2.42 125.34 -0.24
CA PRO OC 211 3.49 124.48 -0.76
C PRO OC 211 3.97 124.97 -2.11
N PHE OC 212 5.26 124.78 -2.36
CA PHE OC 212 5.90 125.26 -3.58
C PHE OC 212 6.84 124.17 -4.05
N VAL OC 213 6.48 123.52 -5.16
CA VAL OC 213 7.22 122.36 -5.66
C VAL OC 213 8.34 122.89 -6.54
N THR OC 214 9.56 122.86 -6.00
CA THR OC 214 10.73 123.34 -6.74
C THR OC 214 11.43 122.24 -7.53
N ALA OC 215 11.02 120.99 -7.37
CA ALA OC 215 11.62 119.89 -8.12
C ALA OC 215 10.63 118.73 -8.13
N VAL OC 216 10.59 118.00 -9.24
CA VAL OC 216 9.71 116.86 -9.41
C VAL OC 216 10.54 115.69 -9.92
N GLU OC 217 10.28 114.50 -9.37
CA GLU OC 217 11.01 113.31 -9.73
C GLU OC 217 10.03 112.22 -10.15
N ARG OC 218 10.27 111.65 -11.33
CA ARG OC 218 9.41 110.62 -11.89
C ARG OC 218 10.16 109.30 -11.87
N VAL OC 219 9.56 108.28 -11.24
CA VAL OC 219 10.27 107.03 -10.96
C VAL OC 219 9.50 105.85 -11.53
N ASN OC 220 8.70 106.08 -12.58
CA ASN OC 220 7.91 105.04 -13.21
C ASN OC 220 8.53 104.68 -14.55
N HIS OC 221 8.79 103.39 -14.75
CA HIS OC 221 9.29 102.91 -16.03
C HIS OC 221 8.25 102.18 -16.86
N ARG OC 222 7.15 101.76 -16.25
CA ARG OC 222 5.99 101.23 -16.98
C ARG OC 222 5.05 102.38 -17.31
N LEU OC 223 5.51 103.24 -18.21
CA LEU OC 223 4.81 104.50 -18.47
C LEU OC 223 3.44 104.26 -19.07
N LYS OC 224 3.33 103.34 -20.03
CA LYS OC 224 2.04 103.09 -20.65
C LYS OC 224 1.13 102.27 -19.74
N GLN OC 225 1.69 101.32 -18.99
CA GLN OC 225 0.87 100.48 -18.13
C GLN OC 225 0.40 101.22 -16.89
N LYS OC 226 1.28 102.01 -16.27
CA LYS OC 226 1.02 102.64 -14.99
C LYS OC 226 1.19 104.14 -15.10
N ASP OC 227 0.34 104.88 -14.41
CA ASP OC 227 0.44 106.34 -14.30
C ASP OC 227 0.76 106.66 -12.84
N LEU OC 228 2.05 106.62 -12.51
CA LEU OC 228 2.49 106.83 -11.13
C LEU OC 228 2.48 108.30 -10.77
N LEU OC 229 2.13 108.60 -9.53
CA LEU OC 229 2.26 109.95 -9.03
C LEU OC 229 3.73 110.31 -8.87
N PRO OC 230 4.13 111.53 -9.22
CA PRO OC 230 5.53 111.91 -9.10
C PRO OC 230 5.91 112.18 -7.65
N VAL OC 231 7.21 112.07 -7.38
CA VAL OC 231 7.77 112.44 -6.08
C VAL OC 231 8.10 113.92 -6.13
N GLU OC 232 7.37 114.72 -5.35
CA GLU OC 232 7.47 116.17 -5.40
C GLU OC 232 8.27 116.68 -4.21
N TYR OC 233 9.30 117.47 -4.50
CA TYR OC 233 10.07 118.15 -3.47
C TYR OC 233 9.57 119.59 -3.37
N SER OC 234 9.11 119.97 -2.18
CA SER OC 234 8.44 121.25 -2.00
C SER OC 234 8.98 121.94 -0.75
N VAL OC 235 8.83 123.26 -0.74
CA VAL OC 235 9.15 124.09 0.41
C VAL OC 235 7.94 124.98 0.68
N PHE OC 236 7.81 125.43 1.92
CA PHE OC 236 6.69 126.29 2.29
C PHE OC 236 7.04 127.74 2.01
N VAL OC 237 6.14 128.43 1.33
CA VAL OC 237 6.33 129.83 0.97
C VAL OC 237 5.25 130.64 1.67
N ASN OC 238 5.67 131.64 2.44
CA ASN OC 238 4.76 132.57 3.10
C ASN OC 238 4.30 133.58 2.06
N LEU OC 239 3.09 133.39 1.53
CA LEU OC 239 2.62 134.24 0.44
C LEU OC 239 2.43 135.67 0.90
N GLY OC 240 2.02 135.89 2.14
CA GLY OC 240 1.82 137.23 2.64
C GLY OC 240 0.98 137.20 3.91
N TRP OC 241 0.34 138.34 4.17
CA TRP OC 241 -0.51 138.52 5.34
C TRP OC 241 -1.87 139.04 4.89
N VAL OC 242 -2.93 138.42 5.38
CA VAL OC 242 -4.30 138.81 5.05
C VAL OC 242 -5.04 139.08 6.35
N PRO OC 243 -5.77 140.18 6.47
CA PRO OC 243 -6.49 140.45 7.73
C PRO OC 243 -7.63 139.45 7.94
N VAL OC 244 -8.07 139.38 9.20
CA VAL OC 244 -9.10 138.42 9.58
C VAL OC 244 -10.39 138.67 8.81
N GLU OC 245 -10.64 139.92 8.41
CA GLU OC 245 -11.84 140.21 7.64
C GLU OC 245 -11.79 139.56 6.27
N ASN OC 246 -10.61 139.53 5.64
CA ASN OC 246 -10.46 139.09 4.26
C ASN OC 246 -9.89 137.69 4.14
N LYS OC 247 -9.93 136.89 5.22
CA LYS OC 247 -9.48 135.51 5.12
C LYS OC 247 -10.33 134.72 4.13
N LYS OC 248 -11.62 135.06 4.04
CA LYS OC 248 -12.50 134.43 3.06
C LYS OC 248 -12.23 134.88 1.64
N ASP OC 249 -11.42 135.92 1.44
CA ASP OC 249 -11.08 136.39 0.10
C ASP OC 249 -9.85 135.69 -0.46
N VAL OC 250 -9.16 134.87 0.32
CA VAL OC 250 -8.08 134.05 -0.21
C VAL OC 250 -8.68 132.89 -0.98
N GLU OC 251 -8.31 132.75 -2.24
CA GLU OC 251 -8.90 131.77 -3.13
C GLU OC 251 -8.04 130.52 -3.20
N LEU OC 252 -8.70 129.37 -3.32
CA LEU OC 252 -7.99 128.10 -3.42
C LEU OC 252 -7.36 127.96 -4.79
N GLY OC 253 -6.06 127.72 -4.83
CA GLY OC 253 -5.34 127.64 -6.09
C GLY OC 253 -5.25 128.96 -6.82
N GLY OC 254 -5.06 130.06 -6.10
CA GLY OC 254 -4.91 131.35 -6.74
C GLY OC 254 -3.53 131.53 -7.35
N GLU OC 255 -3.42 132.58 -8.18
CA GLU OC 255 -2.19 132.86 -8.90
C GLU OC 255 -1.35 133.83 -8.06
N VAL OC 256 -0.34 133.29 -7.38
CA VAL OC 256 0.53 134.12 -6.55
C VAL OC 256 1.34 135.08 -7.42
N CYS OC 257 1.98 134.56 -8.45
CA CYS OC 257 2.83 135.32 -9.34
C CYS OC 257 2.54 134.92 -10.78
N PRO OC 258 2.66 135.84 -11.73
CA PRO OC 258 2.48 135.48 -13.14
C PRO OC 258 3.47 134.40 -13.55
N PRO OC 259 3.07 133.48 -14.43
CA PRO OC 259 3.96 132.38 -14.79
C PRO OC 259 5.19 132.88 -15.53
N MET OC 260 6.29 132.15 -15.36
CA MET OC 260 7.57 132.54 -15.92
C MET OC 260 7.53 132.49 -17.45
N ASP OC 261 8.25 133.42 -18.07
CA ASP OC 261 8.31 133.49 -19.51
C ASP OC 261 9.02 132.29 -20.10
N ALA OC 262 8.58 131.88 -21.29
CA ALA OC 262 9.20 130.74 -21.95
C ALA OC 262 10.61 131.08 -22.40
N PRO OC 263 11.56 130.17 -22.24
CA PRO OC 263 12.94 130.45 -22.65
C PRO OC 263 13.06 130.56 -24.16
N THR OC 264 14.09 131.29 -24.60
CA THR OC 264 14.34 131.52 -26.01
C THR OC 264 15.30 130.50 -26.62
N ASP OC 265 15.74 129.51 -25.86
CA ASP OC 265 16.63 128.47 -26.36
C ASP OC 265 15.84 127.20 -26.58
N SER OC 266 15.80 126.73 -27.83
CA SER OC 266 14.99 125.57 -28.18
C SER OC 266 15.45 124.31 -27.45
N THR OC 267 16.70 124.27 -27.01
CA THR OC 267 17.20 123.10 -26.28
C THR OC 267 16.80 123.10 -24.82
N LEU OC 268 16.14 124.16 -24.35
CA LEU OC 268 15.68 124.22 -22.97
C LEU OC 268 14.25 123.68 -22.79
N PHE OC 269 13.64 123.17 -23.85
CA PHE OC 269 12.28 122.65 -23.81
C PHE OC 269 12.22 121.17 -23.49
N VAL OC 270 13.21 120.65 -22.78
CA VAL OC 270 13.23 119.26 -22.34
C VAL OC 270 13.19 119.23 -20.82
N ASN OC 271 12.85 118.07 -20.27
CA ASN OC 271 12.83 117.91 -18.83
C ASN OC 271 14.22 118.14 -18.26
N ASP OC 272 14.29 118.97 -17.23
CA ASP OC 272 15.57 119.31 -16.62
C ASP OC 272 16.19 118.09 -15.96
N THR OC 273 17.52 118.04 -15.96
CA THR OC 273 18.23 116.88 -15.45
C THR OC 273 17.97 116.69 -13.95
N PHE OC 274 17.97 117.77 -13.18
CA PHE OC 274 17.84 117.70 -11.74
C PHE OC 274 16.43 118.02 -11.25
N THR OC 275 15.89 119.17 -11.65
CA THR OC 275 14.55 119.54 -11.18
C THR OC 275 13.46 118.75 -11.89
N GLY OC 276 13.70 118.29 -13.11
CA GLY OC 276 12.71 117.53 -13.84
C GLY OC 276 11.59 118.36 -14.45
N PHE OC 277 11.73 119.68 -14.49
CA PHE OC 277 10.70 120.55 -15.02
C PHE OC 277 10.93 120.81 -16.51
N ASN OC 278 9.84 120.83 -17.26
CA ASN OC 278 9.88 121.14 -18.69
C ASN OC 278 9.28 122.52 -18.91
N PRO OC 279 10.07 123.53 -19.27
CA PRO OC 279 9.54 124.88 -19.52
C PRO OC 279 8.87 125.03 -20.87
N ASP OC 280 8.02 124.07 -21.22
CA ASP OC 280 7.37 124.04 -22.53
C ASP OC 280 5.90 124.38 -22.38
N PRO OC 281 5.44 125.52 -22.90
CA PRO OC 281 4.01 125.84 -22.78
C PRO OC 281 3.10 124.84 -23.46
N ALA OC 282 3.54 124.27 -24.59
CA ALA OC 282 2.78 123.25 -25.31
C ALA OC 282 3.63 121.99 -25.35
N ASN OC 283 3.52 121.19 -24.31
CA ASN OC 283 4.32 119.98 -24.15
C ASN OC 283 3.61 118.80 -24.80
N PRO OC 284 4.27 118.09 -25.72
CA PRO OC 284 3.65 116.89 -26.29
C PRO OC 284 3.28 115.85 -25.25
N GLU OC 285 4.08 115.73 -24.18
CA GLU OC 285 3.76 114.85 -23.07
C GLU OC 285 2.79 115.58 -22.16
N ASP OC 286 1.51 115.23 -22.24
CA ASP OC 286 0.50 115.91 -21.44
C ASP OC 286 0.74 115.69 -19.95
N THR OC 287 1.12 114.46 -19.57
CA THR OC 287 1.37 114.15 -18.18
C THR OC 287 2.62 114.84 -17.62
N GLU OC 288 3.47 115.39 -18.49
CA GLU OC 288 4.67 116.09 -18.06
C GLU OC 288 4.56 117.60 -18.26
N GLN OC 289 3.34 118.11 -18.45
CA GLN OC 289 3.12 119.53 -18.65
C GLN OC 289 3.09 120.24 -17.30
N VAL OC 290 3.97 121.21 -17.12
CA VAL OC 290 4.06 121.99 -15.89
C VAL OC 290 4.08 123.47 -16.23
N THR OC 291 3.54 124.27 -15.32
CA THR OC 291 3.61 125.73 -15.42
C THR OC 291 4.47 126.24 -14.27
N LEU OC 292 5.52 126.96 -14.60
CA LEU OC 292 6.49 127.42 -13.62
C LEU OC 292 6.32 128.91 -13.36
N THR OC 293 6.12 129.26 -12.09
CA THR OC 293 6.15 130.64 -11.64
C THR OC 293 7.42 130.85 -10.83
N GLU OC 294 8.06 132.00 -11.02
CA GLU OC 294 9.32 132.30 -10.37
C GLU OC 294 9.08 133.32 -9.28
N ILE OC 295 9.41 132.96 -8.05
CA ILE OC 295 9.25 133.83 -6.90
C ILE OC 295 10.63 134.20 -6.36
N THR OC 296 10.68 135.33 -5.69
CA THR OC 296 11.85 135.76 -4.93
C THR OC 296 11.41 136.03 -3.51
N GLY OC 297 12.16 135.51 -2.55
CA GLY OC 297 11.81 135.68 -1.15
C GLY OC 297 13.05 135.68 -0.28
N ILE OC 298 12.85 135.57 1.03
CA ILE OC 298 13.95 135.47 1.98
C ILE OC 298 13.79 134.17 2.75
N VAL OC 299 14.88 133.40 2.82
CA VAL OC 299 14.92 132.23 3.68
C VAL OC 299 14.82 132.68 5.13
N ARG OC 300 13.88 132.06 5.85
CA ARG OC 300 13.64 132.24 7.28
C ARG OC 300 13.50 130.87 7.92
N ARG OC 301 13.83 130.78 9.20
CA ARG OC 301 13.69 129.52 9.92
C ARG OC 301 12.28 129.39 10.48
N GLY OC 302 11.92 128.16 10.84
CA GLY OC 302 10.63 127.91 11.44
C GLY OC 302 10.54 128.40 12.86
N GLU OC 303 9.31 128.41 13.39
CA GLU OC 303 9.03 128.94 14.71
C GLU OC 303 8.89 127.81 15.73
N GLN OC 304 8.86 128.20 17.00
CA GLN OC 304 8.71 127.27 18.11
C GLN OC 304 7.61 127.77 19.05
N GLN OC 305 7.12 126.86 19.87
CA GLN OC 305 6.06 127.19 20.81
C GLN OC 305 6.57 128.05 21.95
N ASP OC 306 5.83 129.10 22.28
CA ASP OC 306 6.13 129.92 23.45
C ASP OC 306 4.79 130.37 24.03
N ILE OC 307 4.31 129.61 25.03
CA ILE OC 307 2.97 129.87 25.58
C ILE OC 307 2.92 131.24 26.22
N LEU OC 308 3.97 131.63 26.96
CA LEU OC 308 4.00 132.94 27.58
C LEU OC 308 4.00 134.06 26.55
N ALA OC 309 4.45 133.79 25.33
CA ALA OC 309 4.37 134.75 24.23
C ALA OC 309 3.06 134.66 23.49
N ARG OC 310 2.12 133.86 23.97
CA ARG OC 310 0.82 133.64 23.32
C ARG OC 310 1.00 133.12 21.90
N ARG OC 311 1.98 132.24 21.71
CA ARG OC 311 2.17 131.51 20.46
C ARG OC 311 2.00 130.03 20.79
N ARG OC 312 0.75 129.60 20.78
CA ARG OC 312 0.37 128.22 21.07
C ARG OC 312 -0.77 127.85 20.14
N ASN OC 313 -0.68 126.69 19.51
CA ASN OC 313 -1.63 126.27 18.50
C ASN OC 313 -2.33 125.00 18.92
N TRP OC 314 -3.66 124.98 18.78
CA TRP OC 314 -4.47 123.80 19.06
C TRP OC 314 -4.74 123.12 17.72
N ASN OC 315 -4.02 122.04 17.45
CA ASN OC 315 -4.11 121.39 16.14
C ASN OC 315 -5.50 120.82 15.91
N LYS OC 316 -6.11 120.23 16.95
CA LYS OC 316 -7.43 119.62 16.78
C LYS OC 316 -8.48 120.66 16.44
N GLU OC 317 -8.47 121.80 17.12
CA GLU OC 317 -9.45 122.84 16.88
C GLU OC 317 -9.17 123.66 15.63
N GLY OC 318 -7.97 123.55 15.06
CA GLY OC 318 -7.62 124.33 13.89
C GLY OC 318 -7.11 125.73 14.17
N ILE OC 319 -6.85 126.05 15.44
CA ILE OC 319 -6.30 127.35 15.80
C ILE OC 319 -4.77 127.23 15.78
N TYR OC 320 -4.12 128.08 14.99
CA TYR OC 320 -2.67 128.06 14.85
C TYR OC 320 -2.12 129.45 15.15
N ASN OC 321 -1.13 129.51 16.03
CA ASN OC 321 -0.50 130.77 16.40
C ASN OC 321 0.99 130.84 16.08
N TRP OC 322 1.65 129.72 15.88
CA TRP OC 322 3.06 129.70 15.49
C TRP OC 322 3.24 128.72 14.33
N VAL OC 323 4.31 128.95 13.56
CA VAL OC 323 4.55 128.21 12.33
C VAL OC 323 5.17 126.86 12.72
N ASP OC 324 4.35 125.81 12.70
CA ASP OC 324 4.81 124.45 12.97
C ASP OC 324 5.03 123.78 11.63
N LEU OC 325 6.26 123.85 11.12
CA LEU OC 325 6.55 123.32 9.80
C LEU OC 325 6.32 121.82 9.74
N ASP OC 326 6.62 121.12 10.83
CA ASP OC 326 6.41 119.68 10.87
C ASP OC 326 4.94 119.32 10.68
N TYR OC 327 4.06 119.95 11.46
CA TYR OC 327 2.64 119.68 11.32
C TYR OC 327 2.11 120.14 9.97
N MET OC 328 2.59 121.29 9.48
CA MET OC 328 2.11 121.79 8.19
C MET OC 328 2.50 120.84 7.06
N GLY OC 329 3.70 120.26 7.13
CA GLY OC 329 4.09 119.28 6.14
C GLY OC 329 3.30 117.98 6.27
N LYS OC 330 3.02 117.55 7.49
CA LYS OC 330 2.29 116.31 7.68
C LYS OC 330 0.84 116.43 7.22
N ILE OC 331 0.18 117.55 7.53
CA ILE OC 331 -1.24 117.70 7.22
C ILE OC 331 -1.46 117.78 5.72
N PHE OC 332 -0.54 118.40 4.98
CA PHE OC 332 -0.67 118.55 3.54
C PHE OC 332 -0.18 117.34 2.76
N ARG OC 333 0.24 116.28 3.45
CA ARG OC 333 0.72 115.06 2.82
C ARG OC 333 1.88 115.35 1.87
N LEU OC 334 2.77 116.24 2.28
CA LEU OC 334 3.96 116.55 1.51
C LEU OC 334 5.03 115.48 1.75
N PHE OC 335 6.04 115.46 0.88
CA PHE OC 335 7.01 114.37 0.85
C PHE OC 335 8.27 114.67 1.66
N ASN OC 336 9.01 115.71 1.30
CA ASN OC 336 10.30 115.99 1.92
C ASN OC 336 10.07 116.73 3.23
N LEU OC 337 9.66 115.96 4.25
CA LEU OC 337 9.27 116.56 5.53
C LEU OC 337 10.46 117.21 6.22
N ASP OC 338 11.65 116.62 6.13
CA ASP OC 338 12.81 117.22 6.79
C ASP OC 338 13.22 118.53 6.12
N ALA OC 339 13.31 118.52 4.79
CA ALA OC 339 13.62 119.73 4.04
C ALA OC 339 12.51 120.77 4.14
N ILE OC 340 11.32 120.38 4.61
CA ILE OC 340 10.28 121.35 4.91
C ILE OC 340 10.46 121.91 6.32
N ASN OC 341 10.80 121.05 7.27
CA ASN OC 341 10.97 121.48 8.65
C ASN OC 341 12.17 122.40 8.82
N THR OC 342 13.18 122.30 7.94
CA THR OC 342 14.40 123.05 8.17
C THR OC 342 14.16 124.56 8.08
N ALA OC 343 13.38 125.02 7.10
CA ALA OC 343 13.18 126.45 6.90
C ALA OC 343 12.01 126.65 5.93
N TYR OC 344 11.68 127.92 5.70
CA TYR OC 344 10.64 128.28 4.74
C TYR OC 344 10.99 129.64 4.14
N ILE OC 345 10.44 129.91 2.96
CA ILE OC 345 10.77 131.11 2.20
C ILE OC 345 9.62 132.09 2.32
N GLU OC 346 9.92 133.30 2.79
CA GLU OC 346 8.92 134.36 2.90
C GLU OC 346 8.97 135.20 1.64
N ARG OC 347 7.88 135.20 0.88
CA ARG OC 347 7.86 135.87 -0.42
C ARG OC 347 7.92 137.38 -0.25
N VAL OC 348 8.86 138.01 -0.95
CA VAL OC 348 9.10 139.45 -0.84
C VAL OC 348 9.00 140.06 -2.23
N VAL OC 349 7.99 140.91 -2.42
CA VAL OC 349 7.78 141.63 -3.68
C VAL OC 349 8.78 142.77 -3.75
N PRO OC 350 9.16 143.24 -4.95
CA PRO OC 350 10.28 144.19 -5.06
C PRO OC 350 10.07 145.52 -4.35
N SER OC 351 9.00 146.24 -4.67
CA SER OC 351 8.86 147.58 -4.12
C SER OC 351 7.48 147.86 -3.55
N PHE OC 352 6.44 147.28 -4.16
CA PHE OC 352 5.07 147.57 -3.77
C PHE OC 352 4.32 146.28 -3.47
N GLU OC 353 3.42 146.36 -2.49
CA GLU OC 353 2.64 145.21 -2.06
C GLU OC 353 1.16 145.42 -2.34
N LEU OC 359 -4.82 140.70 -4.54
CA LEU OC 359 -4.87 141.74 -3.52
C LEU OC 359 -4.70 141.13 -2.13
N TYR OC 360 -5.06 139.85 -1.99
CA TYR OC 360 -4.87 139.12 -0.75
C TYR OC 360 -4.34 137.74 -1.10
N PRO OC 361 -3.27 137.26 -0.44
CA PRO OC 361 -2.55 137.91 0.66
C PRO OC 361 -1.69 139.08 0.21
N ILE OC 362 -1.38 139.98 1.15
CA ILE OC 362 -0.53 141.14 0.87
C ILE OC 362 0.92 140.71 1.10
N PRO OC 363 1.73 140.62 0.05
CA PRO OC 363 3.09 140.11 0.23
C PRO OC 363 3.96 141.06 1.02
N ALA OC 364 4.97 140.49 1.69
CA ALA OC 364 5.95 141.29 2.39
C ALA OC 364 6.87 141.98 1.40
N THR OC 365 7.45 143.09 1.83
CA THR OC 365 8.42 143.82 1.02
C THR OC 365 9.76 143.88 1.76
N LYS OC 366 10.70 144.65 1.21
CA LYS OC 366 12.01 144.78 1.82
C LYS OC 366 11.96 145.42 3.20
N ASP OC 367 10.86 146.10 3.52
CA ASP OC 367 10.76 146.83 4.78
C ASP OC 367 9.64 146.37 5.70
N THR OC 368 8.85 145.37 5.29
CA THR OC 368 7.73 144.92 6.11
C THR OC 368 7.66 143.40 6.20
N PHE OC 369 8.78 142.71 6.02
CA PHE OC 369 8.76 141.27 6.20
C PHE OC 369 8.61 140.93 7.68
N GLU OC 370 7.94 139.81 7.95
CA GLU OC 370 7.45 139.50 9.29
C GLU OC 370 8.61 139.45 10.28
N ARG OC 371 8.48 140.24 11.35
CA ARG OC 371 9.54 140.33 12.35
C ARG OC 371 9.58 139.08 13.21
N PRO OC 372 10.77 138.64 13.63
CA PRO OC 372 10.87 137.49 14.53
C PRO OC 372 10.38 137.85 15.93
N LEU OC 373 10.14 136.82 16.73
CA LEU OC 373 9.66 137.04 18.10
C LEU OC 373 10.70 137.76 18.94
N ASN OC 374 11.97 137.35 18.83
CA ASN OC 374 13.04 138.00 19.57
C ASN OC 374 13.44 139.28 18.84
N THR OC 375 13.09 140.42 19.42
CA THR OC 375 13.36 141.71 18.82
C THR OC 375 14.08 142.60 19.82
N PRO OC 376 14.88 143.56 19.33
CA PRO OC 376 15.48 144.54 20.24
C PRO OC 376 14.45 145.31 21.05
N GLU OC 377 13.27 145.58 20.48
CA GLU OC 377 12.22 146.24 21.26
C GLU OC 377 11.76 145.37 22.43
N ARG OC 378 11.55 144.07 22.16
CA ARG OC 378 11.13 143.16 23.22
C ARG OC 378 12.18 143.04 24.30
N HIS OC 379 13.45 142.90 23.91
CA HIS OC 379 14.51 142.79 24.91
C HIS OC 379 14.70 144.10 25.67
N SER OC 380 14.47 145.24 25.02
CA SER OC 380 14.54 146.51 25.74
C SER OC 380 13.42 146.63 26.76
N THR OC 381 12.21 146.17 26.41
CA THR OC 381 11.12 146.17 27.38
C THR OC 381 11.44 145.27 28.57
N PHE OC 382 11.97 144.08 28.30
CA PHE OC 382 12.35 143.18 29.39
C PHE OC 382 13.46 143.79 30.26
N PHE OC 383 14.44 144.44 29.62
CA PHE OC 383 15.51 145.09 30.36
C PHE OC 383 14.97 146.21 31.24
N ASN OC 384 14.05 147.02 30.71
CA ASN OC 384 13.46 148.09 31.51
C ASN OC 384 12.70 147.53 32.70
N PHE OC 385 11.91 146.48 32.48
CA PHE OC 385 11.16 145.87 33.57
C PHE OC 385 12.08 145.34 34.65
N TYR OC 386 13.13 144.61 34.25
CA TYR OC 386 14.04 144.02 35.22
C TYR OC 386 14.86 145.08 35.95
N ALA OC 387 15.31 146.11 35.23
CA ALA OC 387 16.06 147.18 35.88
C ALA OC 387 15.19 147.94 36.88
N ALA OC 388 13.93 148.21 36.51
CA ALA OC 388 13.03 148.85 37.45
C ALA OC 388 12.81 147.98 38.68
N THR OC 389 12.61 146.67 38.48
CA THR OC 389 12.41 145.78 39.62
C THR OC 389 13.63 145.75 40.52
N SER OC 390 14.83 145.68 39.94
CA SER OC 390 16.05 145.67 40.75
C SER OC 390 16.23 146.98 41.51
N ALA OC 391 15.97 148.11 40.85
CA ALA OC 391 16.09 149.39 41.54
C ALA OC 391 15.10 149.50 42.69
N LEU OC 392 13.86 149.06 42.48
CA LEU OC 392 12.87 149.09 43.54
C LEU OC 392 13.27 148.16 44.69
N SER OC 393 13.80 146.98 44.36
CA SER OC 393 14.24 146.06 45.40
C SER OC 393 15.36 146.66 46.23
N PHE OC 394 16.33 147.29 45.57
CA PHE OC 394 17.43 147.91 46.30
C PHE OC 394 16.96 149.09 47.14
N ILE OC 395 16.02 149.89 46.62
CA ILE OC 395 15.47 151.00 47.39
C ILE OC 395 14.76 150.50 48.63
N SER OC 396 13.96 149.43 48.48
CA SER OC 396 13.26 148.86 49.63
C SER OC 396 14.23 148.27 50.63
N MET OC 397 15.31 147.63 50.15
CA MET OC 397 16.32 147.09 51.06
C MET OC 397 17.01 148.21 51.82
N LEU OC 398 17.31 149.32 51.15
CA LEU OC 398 17.91 150.46 51.84
C LEU OC 398 16.96 151.05 52.87
N LEU OC 399 15.66 151.14 52.54
CA LEU OC 399 14.68 151.64 53.49
C LEU OC 399 14.59 150.74 54.71
N LEU OC 400 14.59 149.43 54.50
CA LEU OC 400 14.55 148.48 55.61
C LEU OC 400 15.93 148.33 56.24
N ILE PC 2 -1.51 -22.31 53.10
CA ILE PC 2 -1.00 -20.96 52.86
C ILE PC 2 -1.66 -19.95 53.79
N SER PC 3 -0.84 -19.24 54.55
CA SER PC 3 -1.32 -18.15 55.41
C SER PC 3 -1.20 -16.85 54.63
N ALA PC 4 -2.34 -16.35 54.16
CA ALA PC 4 -2.36 -15.18 53.28
C ALA PC 4 -2.59 -13.89 54.07
N ARG PC 5 -1.68 -13.65 55.02
CA ARG PC 5 -1.73 -12.41 55.78
C ARG PC 5 -1.22 -11.24 54.93
N ALA PC 6 -1.63 -10.04 55.31
CA ALA PC 6 -1.13 -8.84 54.65
C ALA PC 6 0.33 -8.62 54.99
N VAL PC 7 1.14 -8.34 53.97
CA VAL PC 7 2.58 -8.16 54.12
C VAL PC 7 2.99 -6.70 53.93
N HIS PC 8 2.69 -6.13 52.77
CA HIS PC 8 3.08 -4.76 52.44
C HIS PC 8 1.82 -3.91 52.34
N ARG PC 9 1.38 -3.39 53.48
CA ARG PC 9 0.26 -2.47 53.56
C ARG PC 9 0.75 -1.12 54.03
N PHE PC 10 0.52 -0.08 53.22
CA PHE PC 10 0.91 1.27 53.56
C PHE PC 10 -0.27 2.17 53.87
N LEU PC 11 -1.49 1.74 53.59
CA LEU PC 11 -2.68 2.54 53.87
C LEU PC 11 -3.02 2.38 55.35
N ARG PC 12 -2.85 3.45 56.11
CA ARG PC 12 -3.08 3.45 57.55
C ARG PC 12 -4.37 4.17 57.86
N ASN PC 13 -5.23 3.53 58.66
CA ASN PC 13 -6.51 4.08 59.08
C ASN PC 13 -7.34 4.59 57.92
N PRO PC 14 -7.89 3.71 57.08
CA PRO PC 14 -8.86 4.14 56.07
C PRO PC 14 -10.31 4.19 56.56
N ASN PC 15 -10.54 4.13 57.87
CA ASN PC 15 -11.88 4.16 58.43
C ASN PC 15 -12.06 5.30 59.43
N LEU PC 16 -11.25 6.35 59.35
CA LEU PC 16 -11.18 7.33 60.42
C LEU PC 16 -11.65 8.73 60.06
N GLU PC 17 -11.55 9.14 58.79
CA GLU PC 17 -11.76 10.54 58.40
C GLU PC 17 -10.79 11.45 59.15
N THR PC 18 -9.51 11.24 58.87
CA THR PC 18 -8.43 11.95 59.54
C THR PC 18 -8.23 13.34 58.95
N GLY PC 19 -7.25 14.06 59.47
CA GLY PC 19 -6.92 15.38 58.99
C GLY PC 19 -7.13 16.48 60.02
N ALA PC 20 -6.34 17.55 59.92
CA ALA PC 20 -6.47 18.73 60.78
C ALA PC 20 -6.30 18.37 62.26
N ALA PC 21 -5.07 17.95 62.58
CA ALA PC 21 -4.59 17.59 63.91
C ALA PC 21 -5.10 16.23 64.37
N PHE PC 22 -5.93 15.56 63.59
CA PHE PC 22 -6.37 14.20 63.86
C PHE PC 22 -5.69 13.32 62.82
N ARG PC 23 -4.47 12.88 63.14
CA ARG PC 23 -3.65 12.16 62.17
C ARG PC 23 -4.04 10.69 62.11
N ALA PC 24 -3.59 10.03 61.04
CA ALA PC 24 -3.81 8.60 60.88
C ALA PC 24 -2.80 7.76 61.66
N GLY PC 25 -1.75 8.38 62.17
CA GLY PC 25 -0.77 7.66 62.97
C GLY PC 25 0.51 8.45 63.10
N THR PC 26 1.37 7.96 63.99
CA THR PC 26 2.68 8.54 64.22
C THR PC 26 3.72 7.78 63.43
N ARG PC 27 4.55 8.49 62.67
CA ARG PC 27 5.58 7.86 61.87
C ARG PC 27 6.97 7.98 62.47
N PHE PC 28 7.14 8.75 63.55
CA PHE PC 28 8.48 8.92 64.09
C PHE PC 28 8.93 7.68 64.85
N ASP PC 29 8.29 7.39 65.98
CA ASP PC 29 8.37 6.14 66.75
C ASP PC 29 9.73 5.47 66.65
N PRO PC 30 10.81 6.10 67.11
CA PRO PC 30 12.14 5.53 66.91
C PRO PC 30 12.35 4.32 67.83
N PHE PC 31 13.35 3.52 67.47
CA PHE PC 31 13.77 2.32 68.19
C PHE PC 31 12.73 1.20 68.13
N LYS PC 32 11.57 1.45 67.53
CA LYS PC 32 10.53 0.45 67.39
C LYS PC 32 10.15 0.16 65.95
N ASN PC 33 10.31 1.14 65.05
CA ASN PC 33 10.15 0.87 63.63
C ASN PC 33 11.27 0.01 63.07
N THR PC 34 12.36 -0.16 63.82
CA THR PC 34 13.57 -0.81 63.34
C THR PC 34 13.80 -2.19 63.92
N LEU PC 35 13.62 -2.37 65.22
CA LEU PC 35 13.87 -3.65 65.87
C LEU PC 35 12.57 -4.46 65.99
N THR PC 36 12.64 -5.73 65.60
CA THR PC 36 11.53 -6.66 65.77
C THR PC 36 12.05 -7.92 66.44
N VAL PC 37 11.26 -8.47 67.36
CA VAL PC 37 11.62 -9.68 68.09
C VAL PC 37 10.73 -10.81 67.59
N LEU PC 38 11.35 -11.89 67.13
CA LEU PC 38 10.64 -13.04 66.60
C LEU PC 38 11.08 -14.29 67.36
N LYS PC 39 10.17 -15.25 67.50
CA LYS PC 39 10.44 -16.43 68.29
C LYS PC 39 10.07 -17.69 67.51
N ASP PC 40 10.81 -18.76 67.80
CA ASP PC 40 10.59 -20.08 67.22
C ASP PC 40 10.46 -21.04 68.38
N PRO PC 41 9.25 -21.22 68.93
CA PRO PC 41 9.08 -22.09 70.09
C PRO PC 41 9.39 -23.55 69.82
N GLN PC 42 9.32 -24.00 68.56
CA GLN PC 42 9.63 -25.39 68.26
C GLN PC 42 11.08 -25.72 68.60
N ASN PC 43 12.00 -24.83 68.24
CA ASN PC 43 13.41 -25.00 68.56
C ASN PC 43 13.89 -24.07 69.66
N GLY PC 44 12.99 -23.26 70.22
CA GLY PC 44 13.39 -22.32 71.26
C GLY PC 44 14.38 -21.28 70.78
N ARG PC 45 14.16 -20.72 69.60
CA ARG PC 45 15.08 -19.76 69.01
C ARG PC 45 14.51 -18.34 69.12
N THR PC 46 15.40 -17.37 69.23
CA THR PC 46 15.02 -15.97 69.30
C THR PC 46 15.79 -15.19 68.24
N LEU PC 47 15.08 -14.36 67.47
CA LEU PC 47 15.66 -13.58 66.41
C LEU PC 47 15.37 -12.10 66.66
N TYR PC 48 16.40 -11.27 66.56
CA TYR PC 48 16.29 -9.83 66.66
C TYR PC 48 16.56 -9.27 65.28
N LEU PC 49 15.49 -8.97 64.55
CA LEU PC 49 15.58 -8.48 63.18
C LEU PC 49 15.64 -6.97 63.22
N ILE PC 50 16.78 -6.41 62.80
CA ILE PC 50 17.02 -4.97 62.82
C ILE PC 50 17.03 -4.50 61.38
N GLY PC 51 16.04 -3.69 61.02
CA GLY PC 51 16.00 -3.15 59.67
C GLY PC 51 16.62 -1.78 59.59
N THR PC 52 17.79 -1.68 58.96
CA THR PC 52 18.56 -0.45 58.94
C THR PC 52 18.48 0.22 57.58
N THR PC 53 18.38 1.55 57.60
CA THR PC 53 18.52 2.36 56.40
C THR PC 53 19.95 2.87 56.21
N ASN PC 54 20.88 2.43 57.06
CA ASN PC 54 22.31 2.74 56.92
C ASN PC 54 22.57 4.25 56.90
N SER PC 55 21.79 5.02 57.65
CA SER PC 55 21.93 6.47 57.60
C SER PC 55 21.91 7.16 58.95
N SER PC 56 21.58 6.49 60.05
CA SER PC 56 21.39 7.14 61.33
C SER PC 56 22.47 6.68 62.31
N THR PC 57 23.04 7.64 63.04
CA THR PC 57 24.00 7.32 64.10
C THR PC 57 23.31 6.79 65.35
N LEU PC 58 22.13 7.35 65.66
CA LEU PC 58 21.40 6.91 66.85
C LEU PC 58 21.04 5.44 66.77
N LEU PC 59 20.53 5.00 65.62
CA LEU PC 59 20.20 3.59 65.43
C LEU PC 59 21.44 2.72 65.42
N ALA PC 60 22.56 3.23 64.90
CA ALA PC 60 23.80 2.47 64.94
C ALA PC 60 24.26 2.24 66.38
N ASN PC 61 24.17 3.27 67.21
CA ASN PC 61 24.51 3.12 68.63
C ASN PC 61 23.57 2.15 69.32
N ARG PC 62 22.27 2.24 69.02
CA ARG PC 62 21.33 1.30 69.64
C ARG PC 62 21.61 -0.13 69.23
N THR PC 63 21.93 -0.36 67.95
CA THR PC 63 22.28 -1.70 67.50
C THR PC 63 23.55 -2.20 68.15
N LYS PC 64 24.56 -1.34 68.29
CA LYS PC 64 25.78 -1.73 68.96
C LYS PC 64 25.52 -2.13 70.41
N ASP PC 65 24.70 -1.34 71.12
CA ASP PC 65 24.37 -1.67 72.49
C ASP PC 65 23.58 -2.97 72.58
N LEU PC 66 22.67 -3.19 71.63
CA LEU PC 66 21.90 -4.43 71.61
C LEU PC 66 22.80 -5.65 71.42
N VAL PC 67 23.76 -5.56 70.49
CA VAL PC 67 24.67 -6.67 70.29
C VAL PC 67 25.56 -6.87 71.52
N GLN PC 68 25.96 -5.76 72.17
CA GLN PC 68 26.79 -5.87 73.35
C GLN PC 68 26.07 -6.57 74.50
N LYS PC 69 24.82 -6.21 74.76
CA LYS PC 69 24.14 -6.69 75.95
C LYS PC 69 23.36 -7.98 75.71
N GLU PC 70 22.88 -8.22 74.49
CA GLU PC 70 22.08 -9.41 74.22
C GLU PC 70 22.94 -10.67 74.13
N LYS PC 71 24.17 -10.54 73.63
CA LYS PC 71 25.10 -11.65 73.46
C LYS PC 71 24.47 -12.76 72.64
N PRO PC 72 24.20 -12.52 71.35
CA PRO PC 72 23.58 -13.56 70.53
C PRO PC 72 24.57 -14.67 70.18
N ASP PC 73 24.02 -15.82 69.82
CA ASP PC 73 24.84 -16.91 69.35
C ASP PC 73 25.25 -16.76 67.89
N ALA PC 74 24.64 -15.84 67.16
CA ALA PC 74 25.03 -15.59 65.77
C ALA PC 74 24.57 -14.20 65.37
N VAL PC 75 25.36 -13.57 64.49
CA VAL PC 75 25.04 -12.27 63.94
C VAL PC 75 25.02 -12.39 62.42
N PHE PC 76 23.93 -11.95 61.80
CA PHE PC 76 23.72 -12.03 60.36
C PHE PC 76 23.68 -10.61 59.81
N VAL PC 77 24.74 -10.21 59.12
CA VAL PC 77 24.89 -8.86 58.61
C VAL PC 77 24.75 -8.91 57.09
N GLN PC 78 23.95 -8.00 56.54
CA GLN PC 78 23.68 -7.97 55.10
C GLN PC 78 24.75 -7.15 54.36
N THR PC 79 25.98 -7.64 54.44
CA THR PC 79 27.10 -7.06 53.70
C THR PC 79 27.90 -8.17 53.04
N ASN PC 80 29.06 -7.84 52.46
CA ASN PC 80 29.92 -8.83 51.84
C ASN PC 80 31.37 -8.62 52.29
N LYS PC 81 32.25 -9.51 51.82
CA LYS PC 81 33.64 -9.51 52.27
C LYS PC 81 34.36 -8.23 51.86
N GLU PC 82 34.12 -7.76 50.64
CA GLU PC 82 34.81 -6.56 50.16
C GLU PC 82 34.43 -5.35 50.99
N TRP PC 83 33.13 -5.15 51.24
CA TRP PC 83 32.71 -4.05 52.08
C TRP PC 83 33.24 -4.19 53.50
N TRP PC 84 33.26 -5.42 54.02
CA TRP PC 84 33.75 -5.59 55.38
C TRP PC 84 35.23 -5.26 55.48
N ASN PC 85 36.02 -5.64 54.47
CA ASN PC 85 37.43 -5.26 54.47
C ASN PC 85 37.59 -3.74 54.42
N LEU PC 86 36.85 -3.09 53.52
CA LEU PC 86 36.95 -1.64 53.42
C LEU PC 86 36.56 -0.95 54.72
N ALA PC 87 35.50 -1.44 55.37
CA ALA PC 87 35.01 -0.81 56.59
C ALA PC 87 35.90 -1.11 57.79
N LYS PC 88 36.50 -2.30 57.85
CA LYS PC 88 37.38 -2.61 58.97
C LYS PC 88 38.71 -1.89 58.84
N ASN PC 89 39.13 -1.58 57.61
CA ASN PC 89 40.31 -0.73 57.45
C ASN PC 89 40.02 0.73 57.80
N ILE PC 90 38.75 1.11 57.91
CA ILE PC 90 38.36 2.45 58.32
C ILE PC 90 38.14 2.44 59.83
N GLN PC 91 38.83 3.33 60.53
CA GLN PC 91 38.77 3.36 61.99
C GLN PC 91 38.72 4.81 62.46
N ASP PC 92 38.46 4.96 63.76
CA ASP PC 92 38.29 6.26 64.41
C ASP PC 92 37.10 7.04 63.84
N VAL PC 93 36.10 6.33 63.35
CA VAL PC 93 34.87 6.92 62.84
C VAL PC 93 33.72 6.47 63.73
N LYS PC 94 33.01 7.43 64.31
CA LYS PC 94 31.92 7.12 65.23
C LYS PC 94 30.62 7.86 64.93
N CYS PC 95 30.56 8.64 63.86
CA CYS PC 95 29.33 9.29 63.43
C CYS PC 95 29.06 8.94 61.98
N GLN PC 96 27.79 8.96 61.60
CA GLN PC 96 27.42 8.54 60.26
C GLN PC 96 27.85 9.54 59.19
N GLN PC 97 28.01 10.82 59.53
CA GLN PC 97 28.48 11.79 58.54
C GLN PC 97 29.90 11.47 58.08
N GLU PC 98 30.79 11.13 59.02
CA GLU PC 98 32.15 10.77 58.65
C GLU PC 98 32.17 9.55 57.72
N LEU PC 99 31.32 8.56 58.01
CA LEU PC 99 31.27 7.40 57.13
C LEU PC 99 30.62 7.74 55.79
N ASN PC 100 29.67 8.67 55.78
CA ASN PC 100 29.11 9.15 54.52
C ASN PC 100 30.19 9.82 53.68
N ARG PC 101 31.22 10.36 54.32
CA ARG PC 101 32.34 10.93 53.56
C ARG PC 101 33.05 9.87 52.72
N TYR PC 102 32.97 8.60 53.11
CA TYR PC 102 33.58 7.49 52.36
C TYR PC 102 32.57 6.76 51.48
N ASN PC 103 31.50 7.43 51.05
CA ASN PC 103 30.43 6.72 50.35
C ASN PC 103 30.92 6.10 49.05
N ASP PC 104 31.79 6.80 48.32
CA ASP PC 104 32.32 6.24 47.08
C ASP PC 104 33.21 5.03 47.34
N LEU PC 105 34.08 5.12 48.36
CA LEU PC 105 34.97 4.02 48.68
C LEU PC 105 34.18 2.78 49.10
N LEU PC 106 33.13 2.96 49.90
CA LEU PC 106 32.30 1.83 50.28
C LEU PC 106 31.45 1.33 49.10
N SER PC 107 31.06 2.23 48.20
CA SER PC 107 30.35 1.82 47.00
C SER PC 107 31.24 1.04 46.05
N GLN PC 108 32.56 1.11 46.23
CA GLN PC 108 33.45 0.25 45.47
C GLN PC 108 33.23 -1.23 45.77
N ALA PC 109 32.55 -1.55 46.88
CA ALA PC 109 32.28 -2.94 47.22
C ALA PC 109 31.27 -3.59 46.28
N TYR PC 110 30.53 -2.79 45.51
CA TYR PC 110 29.62 -3.32 44.49
C TYR PC 110 30.45 -3.78 43.30
N THR PC 111 30.96 -5.00 43.41
CA THR PC 111 31.81 -5.60 42.38
C THR PC 111 31.02 -6.72 41.70
N LEU PC 112 30.94 -6.66 40.38
CA LEU PC 112 30.22 -7.65 39.59
C LEU PC 112 31.24 -8.58 38.93
N SER PC 113 31.16 -9.87 39.24
CA SER PC 113 32.05 -10.87 38.65
C SER PC 113 31.44 -11.39 37.36
N LEU PC 114 31.40 -10.52 36.36
CA LEU PC 114 30.85 -10.84 35.05
C LEU PC 114 31.96 -11.04 34.04
N ASP PC 115 31.62 -11.71 32.94
CA ASP PC 115 32.56 -12.00 31.88
C ASP PC 115 32.69 -10.80 30.94
N ASN PC 116 33.63 -10.92 30.00
CA ASN PC 116 33.88 -9.89 29.01
C ASN PC 116 33.31 -10.26 27.64
N THR PC 117 32.48 -11.30 27.56
CA THR PC 117 31.90 -11.72 26.31
C THR PC 117 30.94 -10.65 25.77
N ILE PC 118 30.48 -10.85 24.53
CA ILE PC 118 29.59 -9.89 23.91
C ILE PC 118 28.25 -9.84 24.66
N ARG PC 119 27.71 -11.01 25.00
CA ARG PC 119 26.45 -11.04 25.73
C ARG PC 119 26.57 -10.38 27.11
N ASN PC 120 27.65 -10.66 27.82
CA ASN PC 120 27.84 -10.06 29.13
C ASN PC 120 28.07 -8.55 29.03
N LEU PC 121 28.76 -8.10 27.97
CA LEU PC 121 28.94 -6.67 27.77
C LEU PC 121 27.62 -5.98 27.48
N VAL PC 122 26.78 -6.60 26.64
CA VAL PC 122 25.45 -6.04 26.37
C VAL PC 122 24.62 -5.99 27.65
N PHE PC 123 24.68 -7.06 28.45
CA PHE PC 123 23.96 -7.06 29.72
C PHE PC 123 24.47 -5.98 30.65
N LYS PC 124 25.80 -5.78 30.69
CA LYS PC 124 26.36 -4.74 31.55
C LYS PC 124 25.88 -3.36 31.11
N ALA PC 125 25.85 -3.11 29.80
CA ALA PC 125 25.35 -1.82 29.31
C ALA PC 125 23.89 -1.62 29.69
N LYS PC 126 23.06 -2.64 29.47
CA LYS PC 126 21.64 -2.52 29.81
C LYS PC 126 21.45 -2.33 31.31
N PHE PC 127 22.18 -3.08 32.11
CA PHE PC 127 22.03 -3.01 33.56
C PHE PC 127 22.48 -1.67 34.10
N TYR PC 128 23.59 -1.13 33.58
CA TYR PC 128 24.03 0.18 34.04
C TYR PC 128 23.06 1.29 33.61
N SER PC 129 22.52 1.21 32.40
CA SER PC 129 21.52 2.18 32.00
C SER PC 129 20.28 2.10 32.88
N TRP PC 130 19.81 0.88 33.16
CA TRP PC 130 18.65 0.72 34.03
C TRP PC 130 18.93 1.22 35.44
N LEU PC 131 20.15 0.97 35.95
CA LEU PC 131 20.51 1.48 37.26
C LEU PC 131 20.51 3.00 37.28
N PHE PC 132 21.02 3.63 36.22
CA PHE PC 132 20.99 5.09 36.15
C PHE PC 132 19.56 5.61 36.15
N VAL PC 133 18.68 4.99 35.37
CA VAL PC 133 17.29 5.43 35.33
C VAL PC 133 16.60 5.22 36.67
N ILE PC 134 16.83 4.06 37.30
CA ILE PC 134 16.15 3.76 38.55
C ILE PC 134 16.69 4.60 39.70
N ASN PC 135 17.95 5.05 39.59
CA ASN PC 135 18.47 6.00 40.57
C ASN PC 135 17.94 7.40 40.32
N TRP PC 136 17.68 7.76 39.07
CA TRP PC 136 17.00 9.01 38.79
C TRP PC 136 15.60 9.01 39.39
N PHE PC 137 14.89 7.89 39.28
CA PHE PC 137 13.55 7.82 39.86
C PHE PC 137 13.59 7.70 41.38
N LYS PC 138 14.61 7.03 41.92
CA LYS PC 138 14.74 6.91 43.37
C LYS PC 138 15.08 8.26 44.00
N ALA PC 139 16.09 8.95 43.46
CA ALA PC 139 16.43 10.32 43.83
C ALA PC 139 16.72 10.45 45.33
N PHE PC 140 17.75 9.71 45.77
CA PHE PC 140 18.07 9.92 47.18
C PHE PC 140 19.30 10.79 47.32
N PRO PC 141 19.36 11.63 48.35
CA PRO PC 141 20.54 12.49 48.54
C PRO PC 141 21.73 11.70 49.06
N ASP PC 142 22.86 12.39 49.26
CA ASP PC 142 24.08 11.72 49.72
C ASP PC 142 23.91 11.16 51.12
N ASP PC 143 23.22 11.88 52.00
CA ASP PC 143 23.14 11.51 53.40
C ASP PC 143 22.13 10.40 53.69
N PHE PC 144 21.30 10.03 52.72
CA PHE PC 144 20.34 8.94 52.89
C PHE PC 144 20.62 7.90 51.81
N HIS PC 145 21.33 6.84 52.18
CA HIS PC 145 21.72 5.78 51.26
C HIS PC 145 21.34 4.44 51.85
N PRO PC 146 20.07 4.03 51.68
CA PRO PC 146 19.62 2.77 52.29
C PRO PC 146 20.32 1.53 51.75
N PHE PC 147 20.97 1.60 50.59
CA PHE PC 147 21.57 0.43 49.98
C PHE PC 147 23.09 0.41 50.09
N ILE PC 148 23.69 1.43 50.71
CA ILE PC 148 25.12 1.46 50.99
C ILE PC 148 25.30 1.28 52.49
N PRO PC 149 25.78 0.13 52.96
CA PRO PC 149 25.86 -0.10 54.41
C PRO PC 149 26.76 0.90 55.10
N GLY PC 150 26.41 1.23 56.35
CA GLY PC 150 27.08 2.28 57.10
C GLY PC 150 27.50 1.79 58.48
N LEU PC 151 27.28 2.66 59.46
CA LEU PC 151 27.83 2.42 60.80
C LEU PC 151 27.12 1.29 61.53
N GLU PC 152 25.84 1.07 61.26
CA GLU PC 152 25.11 0.03 61.97
C GLU PC 152 25.70 -1.35 61.68
N MET PC 153 25.94 -1.64 60.40
CA MET PC 153 26.56 -2.91 60.04
C MET PC 153 27.96 -3.04 60.62
N LYS PC 154 28.75 -1.97 60.54
CA LYS PC 154 30.12 -2.01 61.03
C LYS PC 154 30.16 -2.27 62.53
N PHE PC 155 29.31 -1.57 63.30
CA PHE PC 155 29.26 -1.78 64.73
C PHE PC 155 28.78 -3.20 65.06
N ALA PC 156 27.79 -3.70 64.32
CA ALA PC 156 27.32 -5.07 64.56
C ALA PC 156 28.44 -6.08 64.33
N ILE PC 157 29.18 -5.92 63.23
CA ILE PC 157 30.25 -6.87 62.93
C ILE PC 157 31.37 -6.78 63.95
N GLU PC 158 31.75 -5.55 64.35
CA GLU PC 158 32.81 -5.40 65.33
C GLU PC 158 32.42 -5.97 66.68
N GLU PC 159 31.18 -5.75 67.12
CA GLU PC 159 30.74 -6.30 68.40
C GLU PC 159 30.57 -7.81 68.34
N ALA PC 160 30.24 -8.34 67.16
CA ALA PC 160 30.24 -9.79 66.99
C ALA PC 160 31.65 -10.36 67.09
N ASN PC 161 32.63 -9.65 66.51
CA ASN PC 161 34.01 -10.11 66.58
C ASN PC 161 34.56 -10.03 68.00
N LYS PC 162 34.16 -9.01 68.76
CA LYS PC 162 34.62 -8.88 70.14
C LYS PC 162 34.16 -10.05 70.99
N GLN PC 163 32.92 -10.49 70.78
CA GLN PC 163 32.38 -11.63 71.52
C GLN PC 163 32.73 -12.97 70.86
N ASN PC 164 33.44 -12.95 69.74
CA ASN PC 164 33.89 -14.17 69.06
C ASN PC 164 32.73 -15.06 68.66
N ILE PC 165 31.65 -14.44 68.19
CA ILE PC 165 30.49 -15.20 67.70
C ILE PC 165 30.52 -15.18 66.17
N PRO PC 166 30.06 -16.23 65.50
CA PRO PC 166 30.14 -16.26 64.04
C PRO PC 166 29.33 -15.15 63.38
N VAL PC 167 29.83 -14.67 62.25
CA VAL PC 167 29.19 -13.61 61.48
C VAL PC 167 28.86 -14.17 60.11
N VAL PC 168 27.60 -14.02 59.69
CA VAL PC 168 27.12 -14.53 58.41
C VAL PC 168 26.81 -13.33 57.52
N LEU PC 169 27.53 -13.22 56.42
CA LEU PC 169 27.37 -12.11 55.49
C LEU PC 169 26.37 -12.49 54.40
N GLY PC 170 25.26 -11.78 54.33
CA GLY PC 170 24.22 -12.06 53.38
C GLY PC 170 24.33 -11.37 52.04
N GLY PC 171 25.38 -10.59 51.82
CA GLY PC 171 25.55 -9.89 50.56
C GLY PC 171 24.74 -8.61 50.49
N LEU PC 172 25.16 -7.72 49.60
CA LEU PC 172 24.50 -6.44 49.44
C LEU PC 172 23.16 -6.63 48.73
N GLU PC 173 22.49 -5.51 48.44
CA GLU PC 173 21.22 -5.59 47.73
C GLU PC 173 21.38 -6.19 46.35
N VAL PC 174 22.41 -5.78 45.62
CA VAL PC 174 22.73 -6.32 44.31
C VAL PC 174 24.02 -7.11 44.46
N ASP PC 175 23.89 -8.42 44.61
CA ASP PC 175 25.01 -9.34 44.74
C ASP PC 175 25.00 -10.30 43.56
N ASP PC 176 25.87 -11.31 43.61
CA ASP PC 176 26.00 -12.24 42.50
C ASP PC 176 24.69 -12.99 42.25
N VAL PC 177 24.02 -13.40 43.32
CA VAL PC 177 22.75 -14.12 43.18
C VAL PC 177 21.71 -13.25 42.50
N THR PC 178 21.52 -12.03 43.01
CA THR PC 178 20.55 -11.13 42.39
C THR PC 178 20.99 -10.67 41.01
N LEU PC 179 22.30 -10.56 40.79
CA LEU PC 179 22.78 -10.20 39.45
C LEU PC 179 22.43 -11.27 38.44
N SER PC 180 22.62 -12.54 38.81
CA SER PC 180 22.22 -13.63 37.92
C SER PC 180 20.71 -13.67 37.73
N ALA PC 181 19.95 -13.40 38.80
CA ALA PC 181 18.50 -13.36 38.68
C ALA PC 181 18.06 -12.27 37.71
N LEU PC 182 18.68 -11.10 37.77
CA LEU PC 182 18.39 -10.04 36.81
C LEU PC 182 18.84 -10.42 35.41
N LYS PC 183 19.93 -11.19 35.30
CA LYS PC 183 20.36 -11.68 33.99
C LYS PC 183 19.30 -12.58 33.37
N VAL PC 184 18.65 -13.41 34.19
CA VAL PC 184 17.61 -14.31 33.68
C VAL PC 184 16.45 -13.50 33.10
N GLU PC 185 16.03 -12.44 33.78
CA GLU PC 185 14.90 -11.65 33.32
C GLU PC 185 15.36 -10.65 32.26
N PRO PC 186 14.82 -10.71 31.05
CA PRO PC 186 15.29 -9.81 29.99
C PRO PC 186 14.56 -8.48 29.95
N ARG PC 187 13.81 -8.15 31.01
CA ARG PC 187 12.96 -6.96 31.02
C ARG PC 187 13.70 -5.69 31.41
N LEU PC 188 15.03 -5.66 31.32
CA LEU PC 188 15.80 -4.46 31.63
C LEU PC 188 15.96 -3.62 30.37
N ASP PC 189 15.50 -2.37 30.43
CA ASP PC 189 15.61 -1.43 29.32
C ASP PC 189 15.48 -0.02 29.87
N PRO PC 190 16.48 0.85 29.63
CA PRO PC 190 16.38 2.21 30.18
C PRO PC 190 15.21 3.01 29.66
N PHE PC 191 14.88 2.89 28.37
CA PHE PC 191 13.81 3.71 27.80
C PHE PC 191 12.45 3.25 28.28
N SER PC 192 12.21 1.94 28.26
CA SER PC 192 10.96 1.41 28.81
C SER PC 192 10.87 1.70 30.29
N GLN PC 193 12.00 1.67 31.00
CA GLN PC 193 11.99 2.00 32.42
C GLN PC 193 11.60 3.45 32.65
N LEU PC 194 12.13 4.37 31.83
CA LEU PC 194 11.73 5.77 31.94
C LEU PC 194 10.24 5.93 31.68
N TYR PC 195 9.74 5.31 30.62
CA TYR PC 195 8.33 5.44 30.28
C TYR PC 195 7.44 4.89 31.38
N TYR PC 196 7.80 3.73 31.94
CA TYR PC 196 6.97 3.13 32.98
C TYR PC 196 7.10 3.87 34.31
N GLY PC 197 8.28 4.46 34.58
CA GLY PC 197 8.45 5.21 35.80
C GLY PC 197 7.78 6.56 35.81
N TYR PC 198 7.55 7.13 34.63
CA TYR PC 198 6.75 8.35 34.54
C TYR PC 198 5.27 8.06 34.39
N ARG PC 199 4.85 6.80 34.50
CA ARG PC 199 3.45 6.42 34.52
C ARG PC 199 3.08 5.68 35.80
N ALA PC 200 4.01 5.57 36.75
CA ALA PC 200 3.74 4.79 37.97
C ALA PC 200 2.67 5.43 38.83
N LEU PC 201 2.73 6.74 39.01
CA LEU PC 201 1.79 7.46 39.87
C LEU PC 201 0.52 7.75 39.06
N HIS PC 202 -0.30 6.72 38.89
CA HIS PC 202 -1.41 6.79 37.95
C HIS PC 202 -2.63 7.52 38.51
N ASN PC 203 -2.70 7.75 39.82
CA ASN PC 203 -3.77 8.55 40.40
C ASN PC 203 -3.16 9.57 41.34
N SER PC 204 -4.00 10.51 41.79
CA SER PC 204 -3.51 11.62 42.61
C SER PC 204 -2.91 11.12 43.92
N PHE PC 205 -3.57 10.16 44.56
CA PHE PC 205 -3.12 9.62 45.84
C PHE PC 205 -1.62 9.36 45.83
N TRP PC 206 -1.18 8.44 44.97
CA TRP PC 206 0.23 8.11 44.89
C TRP PC 206 1.06 9.37 44.73
N ARG PC 207 0.70 10.21 43.75
CA ARG PC 207 1.39 11.47 43.54
C ARG PC 207 1.56 12.21 44.86
N ARG PC 208 0.43 12.51 45.52
CA ARG PC 208 0.49 13.24 46.77
C ARG PC 208 1.42 12.54 47.75
N GLU PC 209 1.21 11.23 47.95
CA GLU PC 209 2.07 10.48 48.86
C GLU PC 209 3.52 10.68 48.49
N HIS PC 210 3.84 10.43 47.21
CA HIS PC 210 5.18 10.63 46.69
C HIS PC 210 5.71 11.95 47.18
N PHE PC 211 5.00 13.03 46.82
CA PHE PC 211 5.43 14.37 47.20
C PHE PC 211 5.85 14.42 48.66
N ASP PC 212 4.89 14.14 49.56
CA ASP PC 212 5.16 14.41 50.96
C ASP PC 212 6.33 13.56 51.44
N ASN PC 213 6.38 12.30 50.99
CA ASN PC 213 7.51 11.46 51.36
C ASN PC 213 8.81 12.18 51.05
N TYR PC 214 9.03 12.47 49.77
CA TYR PC 214 10.27 13.12 49.39
C TYR PC 214 10.36 14.51 49.99
N ALA PC 215 9.22 15.18 50.20
CA ALA PC 215 9.26 16.49 50.83
C ALA PC 215 9.92 16.40 52.19
N THR PC 216 9.55 15.39 52.99
CA THR PC 216 10.19 15.23 54.28
C THR PC 216 11.68 14.98 54.10
N LEU PC 217 12.05 14.16 53.11
CA LEU PC 217 13.46 13.88 52.87
C LEU PC 217 14.22 15.15 52.52
N ASP PC 218 13.55 16.13 51.92
CA ASP PC 218 14.22 17.38 51.60
C ASP PC 218 14.32 18.31 52.79
N VAL PC 219 13.46 18.16 53.79
CA VAL PC 219 13.45 19.07 54.94
C VAL PC 219 14.33 18.49 56.02
N VAL PC 220 13.98 17.31 56.52
CA VAL PC 220 14.82 16.62 57.49
C VAL PC 220 15.90 15.86 56.75
N GLY PC 221 17.05 15.71 57.38
CA GLY PC 221 18.18 15.07 56.74
C GLY PC 221 17.99 13.56 56.66
N GLY PC 222 19.05 12.90 56.20
CA GLY PC 222 19.03 11.45 56.17
C GLY PC 222 18.93 10.83 57.54
N GLU PC 223 19.64 11.40 58.52
CA GLU PC 223 19.58 10.88 59.88
C GLU PC 223 18.19 11.04 60.48
N ALA PC 224 17.57 12.20 60.28
CA ALA PC 224 16.25 12.45 60.82
C ALA PC 224 15.15 11.73 60.03
N TYR PC 225 15.43 11.35 58.80
CA TYR PC 225 14.46 10.62 57.98
C TYR PC 225 14.55 9.12 58.21
N ALA PC 226 15.71 8.61 58.60
CA ALA PC 226 15.85 7.19 58.92
C ALA PC 226 15.04 6.83 60.15
N GLU PC 227 14.98 7.74 61.13
CA GLU PC 227 14.23 7.47 62.35
C GLU PC 227 12.72 7.48 62.10
N SER PC 228 12.26 8.30 61.15
CA SER PC 228 10.84 8.47 60.87
C SER PC 228 10.36 7.59 59.73
N MET PC 229 11.00 6.45 59.50
CA MET PC 229 10.59 5.50 58.48
C MET PC 229 10.00 4.28 59.19
N ASP PC 230 8.68 4.20 59.23
CA ASP PC 230 7.99 3.13 59.90
C ASP PC 230 7.62 2.05 58.88
N ARG PC 231 6.84 1.06 59.34
CA ARG PC 231 6.44 -0.03 58.47
C ARG PC 231 5.58 0.46 57.32
N PHE PC 232 4.68 1.41 57.58
CA PHE PC 232 3.81 1.91 56.52
C PHE PC 232 4.61 2.63 55.45
N ARG PC 233 5.56 3.47 55.84
CA ARG PC 233 6.40 4.15 54.85
C ARG PC 233 7.27 3.16 54.10
N THR PC 234 7.80 2.15 54.79
CA THR PC 234 8.59 1.13 54.11
C THR PC 234 7.76 0.37 53.08
N ASN PC 235 6.53 0.01 53.44
CA ASN PC 235 5.65 -0.68 52.51
C ASN PC 235 5.26 0.22 51.34
N TRP PC 236 5.07 1.51 51.59
CA TRP PC 236 4.83 2.42 50.48
C TRP PC 236 6.02 2.45 49.53
N PHE PC 237 7.23 2.43 50.07
CA PHE PC 237 8.41 2.45 49.20
C PHE PC 237 8.54 1.16 48.40
N VAL PC 238 8.27 0.01 49.01
CA VAL PC 238 8.35 -1.24 48.24
C VAL PC 238 7.26 -1.28 47.17
N LYS PC 239 6.08 -0.75 47.47
CA LYS PC 239 5.03 -0.70 46.45
C LYS PC 239 5.35 0.31 45.35
N TYR PC 240 6.01 1.42 45.69
CA TYR PC 240 6.47 2.36 44.67
C TYR PC 240 7.50 1.70 43.76
N PHE PC 241 8.41 0.91 44.34
CA PHE PC 241 9.34 0.13 43.53
C PHE PC 241 8.60 -0.84 42.62
N GLU PC 242 7.57 -1.51 43.16
CA GLU PC 242 6.78 -2.44 42.35
C GLU PC 242 6.11 -1.72 41.18
N LYS PC 243 5.60 -0.52 41.42
CA LYS PC 243 4.98 0.24 40.33
C LYS PC 243 6.02 0.70 39.31
N LEU PC 244 7.22 1.07 39.78
CA LEU PC 244 8.28 1.46 38.85
C LEU PC 244 8.74 0.29 38.01
N ALA PC 245 9.06 -0.84 38.63
CA ALA PC 245 9.59 -2.00 37.94
C ALA PC 245 9.13 -3.26 38.64
N PRO PC 246 7.97 -3.81 38.25
CA PRO PC 246 7.45 -4.99 38.95
C PRO PC 246 8.37 -6.20 38.90
N TYR PC 247 9.05 -6.42 37.77
CA TYR PC 247 9.91 -7.59 37.65
C TYR PC 247 11.15 -7.46 38.53
N GLN PC 248 11.80 -6.30 38.48
CA GLN PC 248 12.97 -6.08 39.33
C GLN PC 248 12.57 -5.97 40.79
N LYS PC 249 11.35 -5.50 41.09
CA LYS PC 249 10.88 -5.54 42.47
C LYS PC 249 10.70 -6.97 42.94
N LYS PC 250 10.15 -7.83 42.09
CA LYS PC 250 9.99 -9.23 42.44
C LYS PC 250 11.34 -9.89 42.67
N ILE PC 251 12.32 -9.56 41.83
CA ILE PC 251 13.65 -10.16 41.98
C ILE PC 251 14.36 -9.64 43.22
N ILE PC 252 14.28 -8.34 43.46
CA ILE PC 252 15.12 -7.70 44.48
C ILE PC 252 14.48 -7.71 45.86
N VAL PC 253 13.15 -7.64 45.95
CA VAL PC 253 12.50 -7.60 47.26
C VAL PC 253 11.99 -8.98 47.65
N ASP PC 254 11.05 -9.53 46.86
CA ASP PC 254 10.37 -10.76 47.25
C ASP PC 254 11.34 -11.93 47.31
N GLN PC 255 12.08 -12.16 46.23
CA GLN PC 255 12.99 -13.30 46.19
C GLN PC 255 14.11 -13.16 47.22
N LYS PC 256 14.62 -11.94 47.40
CA LYS PC 256 15.64 -11.75 48.42
C LYS PC 256 15.07 -11.88 49.83
N ASP PC 257 13.80 -11.49 50.03
CA ASP PC 257 13.17 -11.75 51.31
C ASP PC 257 13.11 -13.25 51.59
N LEU PC 258 12.75 -14.04 50.58
CA LEU PC 258 12.69 -15.49 50.77
C LEU PC 258 14.09 -16.06 51.04
N ASP PC 259 15.10 -15.57 50.32
CA ASP PC 259 16.46 -16.06 50.53
C ASP PC 259 16.96 -15.71 51.93
N LEU PC 260 16.70 -14.49 52.40
CA LEU PC 260 17.10 -14.10 53.73
C LEU PC 260 16.36 -14.90 54.79
N PHE PC 261 15.07 -15.19 54.56
CA PHE PC 261 14.34 -16.06 55.49
C PHE PC 261 14.94 -17.45 55.53
N TYR PC 262 15.31 -18.01 54.37
CA TYR PC 262 15.98 -19.30 54.34
C TYR PC 262 17.27 -19.27 55.16
N ALA PC 263 18.09 -18.25 54.94
CA ALA PC 263 19.37 -18.15 55.63
C ALA PC 263 19.19 -18.00 57.13
N LEU PC 264 18.21 -17.19 57.54
CA LEU PC 264 17.99 -16.95 58.97
C LEU PC 264 17.32 -18.13 59.66
N TYR PC 265 16.55 -18.92 58.93
CA TYR PC 265 15.80 -20.02 59.54
C TYR PC 265 16.59 -21.32 59.57
N ARG PC 266 17.38 -21.60 58.54
CA ARG PC 266 18.07 -22.87 58.45
C ARG PC 266 19.59 -22.75 58.46
N ASP PC 267 20.16 -21.80 57.71
CA ASP PC 267 21.60 -21.69 57.58
C ASP PC 267 22.15 -20.70 58.62
N THR PC 268 22.09 -21.12 59.88
CA THR PC 268 22.54 -20.29 60.99
C THR PC 268 22.81 -21.19 62.19
N PRO PC 269 23.74 -20.80 63.07
CA PRO PC 269 23.97 -21.58 64.30
C PRO PC 269 22.72 -21.72 65.16
N GLY PC 270 22.14 -20.61 65.57
CA GLY PC 270 20.80 -20.61 66.15
C GLY PC 270 20.81 -20.39 67.65
N LYS PC 271 19.59 -20.38 68.20
CA LYS PC 271 19.23 -20.23 69.60
C LYS PC 271 19.39 -18.79 70.09
N LYS PC 272 20.06 -17.95 69.32
CA LYS PC 272 19.99 -16.51 69.46
C LYS PC 272 20.63 -15.85 68.25
N ILE PC 273 19.85 -15.12 67.46
CA ILE PC 273 20.34 -14.52 66.23
C ILE PC 273 20.04 -13.03 66.26
N VAL PC 274 21.02 -12.21 65.89
CA VAL PC 274 20.81 -10.79 65.67
C VAL PC 274 21.07 -10.53 64.19
N ALA PC 275 20.02 -10.17 63.45
CA ALA PC 275 20.10 -10.07 62.00
C ALA PC 275 19.89 -8.61 61.60
N VAL PC 276 20.97 -7.94 61.22
CA VAL PC 276 20.91 -6.56 60.76
C VAL PC 276 20.76 -6.58 59.25
N VAL PC 277 19.52 -6.46 58.78
CA VAL PC 277 19.23 -6.48 57.35
C VAL PC 277 18.76 -5.11 56.91
N ASN PC 278 18.55 -4.94 55.61
CA ASN PC 278 18.03 -3.68 55.11
C ASN PC 278 16.58 -3.50 55.55
N GLN PC 279 16.14 -2.24 55.51
CA GLN PC 279 14.87 -1.88 56.13
C GLN PC 279 13.69 -2.58 55.47
N TRP PC 280 13.70 -2.68 54.14
CA TRP PC 280 12.50 -3.11 53.42
C TRP PC 280 12.42 -4.62 53.24
N HIS PC 281 13.39 -5.38 53.76
CA HIS PC 281 13.26 -6.83 53.82
C HIS PC 281 12.62 -7.30 55.11
N VAL PC 282 12.49 -6.43 56.10
CA VAL PC 282 11.92 -6.83 57.39
C VAL PC 282 10.47 -7.31 57.26
N PRO PC 283 9.58 -6.65 56.51
CA PRO PC 283 8.22 -7.18 56.40
C PRO PC 283 8.16 -8.61 55.87
N GLY PC 284 8.86 -8.89 54.77
CA GLY PC 284 8.81 -10.23 54.20
C GLY PC 284 9.44 -11.28 55.10
N ILE PC 285 10.61 -10.97 55.67
CA ILE PC 285 11.27 -11.91 56.57
C ILE PC 285 10.40 -12.20 57.78
N GLU PC 286 9.81 -11.16 58.36
CA GLU PC 286 8.96 -11.33 59.53
C GLU PC 286 7.73 -12.16 59.19
N ASN PC 287 7.10 -11.89 58.04
CA ASN PC 287 5.92 -12.65 57.65
C ASN PC 287 6.26 -14.12 57.44
N HIS PC 288 7.36 -14.40 56.74
CA HIS PC 288 7.76 -15.78 56.51
C HIS PC 288 8.09 -16.48 57.82
N TRP PC 289 8.81 -15.79 58.73
CA TRP PC 289 9.17 -16.39 60.00
C TRP PC 289 7.94 -16.72 60.82
N LYS PC 290 6.99 -15.79 60.89
CA LYS PC 290 5.77 -16.03 61.66
C LYS PC 290 4.95 -17.16 61.04
N SER PC 291 4.85 -17.20 59.71
CA SER PC 291 4.09 -18.26 59.07
C SER PC 291 4.73 -19.63 59.29
N ALA PC 292 6.06 -19.70 59.21
CA ALA PC 292 6.74 -20.99 59.39
C ALA PC 292 6.68 -21.45 60.84
N THR PC 293 6.81 -20.53 61.79
CA THR PC 293 6.78 -20.87 63.20
C THR PC 293 5.39 -20.75 63.82
N ASN PC 294 4.39 -20.39 63.03
CA ASN PC 294 3.00 -20.26 63.46
C ASN PC 294 2.82 -19.22 64.56
N THR PC 295 3.78 -18.30 64.71
CA THR PC 295 3.70 -17.26 65.72
C THR PC 295 3.09 -15.98 65.18
N HIS PC 296 1.92 -16.10 64.54
CA HIS PC 296 1.17 -14.95 64.08
C HIS PC 296 0.28 -14.44 65.20
N GLU PC 297 0.01 -13.14 65.17
CA GLU PC 297 -0.92 -12.56 66.13
C GLU PC 297 -2.32 -13.13 65.88
N PRO PC 298 -3.11 -13.34 66.93
CA PRO PC 298 -4.41 -14.00 66.74
C PRO PC 298 -5.32 -13.22 65.80
N LEU PC 299 -6.08 -13.96 64.99
CA LEU PC 299 -6.99 -13.36 64.03
C LEU PC 299 -8.22 -12.79 64.73
N LYS PC 300 -8.56 -11.56 64.39
CA LYS PC 300 -9.79 -10.92 64.85
C LYS PC 300 -10.67 -10.71 63.63
N ALA PC 301 -11.67 -11.58 63.47
CA ALA PC 301 -12.47 -11.59 62.25
C ALA PC 301 -13.18 -10.25 62.05
N ILE PC 302 -13.20 -9.81 60.80
CA ILE PC 302 -13.74 -8.50 60.43
C ILE PC 302 -14.99 -8.74 59.60
N ASN PC 303 -16.15 -8.46 60.19
CA ASN PC 303 -17.41 -8.50 59.45
C ASN PC 303 -17.52 -7.25 58.60
N PRO PC 304 -17.77 -7.38 57.29
CA PRO PC 304 -17.83 -6.17 56.44
C PRO PC 304 -18.84 -5.15 56.92
N ILE PC 305 -19.98 -5.59 57.45
CA ILE PC 305 -20.97 -4.69 58.01
C ILE PC 305 -20.88 -4.63 59.53
N GLY PC 306 -19.73 -5.02 60.10
CA GLY PC 306 -19.58 -4.97 61.54
C GLY PC 306 -19.65 -3.55 62.08
N ASP PC 307 -19.12 -2.59 61.32
CA ASP PC 307 -19.15 -1.19 61.72
C ASP PC 307 -20.34 -0.44 61.14
N MET PC 308 -21.25 -1.15 60.46
CA MET PC 308 -22.48 -0.54 59.98
C MET PC 308 -23.56 -0.67 61.03
N ASP PC 309 -24.18 0.44 61.38
CA ASP PC 309 -25.26 0.46 62.36
C ASP PC 309 -26.58 0.39 61.61
N ILE PC 310 -27.04 -0.83 61.35
CA ILE PC 310 -28.31 -1.02 60.66
C ILE PC 310 -29.47 -0.59 61.55
N ASN PC 311 -29.33 -0.72 62.86
CA ASN PC 311 -30.38 -0.29 63.77
C ASN PC 311 -30.62 1.21 63.66
N LYS PC 312 -29.57 2.00 63.46
CA LYS PC 312 -29.74 3.44 63.27
C LYS PC 312 -30.59 3.72 62.04
N TYR PC 313 -30.28 3.05 60.93
CA TYR PC 313 -31.02 3.28 59.69
C TYR PC 313 -32.48 2.87 59.85
N MET PC 314 -32.72 1.68 60.41
CA MET PC 314 -34.09 1.20 60.55
C MET PC 314 -34.89 2.05 61.53
N GLU PC 315 -34.25 2.50 62.62
CA GLU PC 315 -34.93 3.37 63.57
C GLU PC 315 -35.26 4.71 62.93
N SER PC 316 -34.34 5.27 62.14
CA SER PC 316 -34.65 6.51 61.44
C SER PC 316 -35.82 6.33 60.49
N GLN PC 317 -35.83 5.23 59.75
CA GLN PC 317 -36.94 4.98 58.82
C GLN PC 317 -38.26 4.86 59.58
N LEU PC 318 -38.26 4.11 60.68
CA LEU PC 318 -39.49 3.93 61.47
C LEU PC 318 -39.96 5.25 62.07
N VAL PC 319 -39.02 6.03 62.61
CA VAL PC 319 -39.37 7.31 63.23
C VAL PC 319 -39.97 8.24 62.18
N ASN PC 320 -39.36 8.32 61.01
CA ASN PC 320 -39.86 9.23 60.00
C ASN PC 320 -41.18 8.76 59.41
N ASP PC 321 -41.39 7.44 59.29
CA ASP PC 321 -42.70 6.95 58.87
C ASP PC 321 -43.77 7.31 59.89
N THR PC 322 -43.48 7.12 61.18
CA THR PC 322 -44.44 7.48 62.22
C THR PC 322 -44.72 8.98 62.22
N LEU PC 323 -43.68 9.79 62.05
CA LEU PC 323 -43.86 11.24 62.01
C LEU PC 323 -44.69 11.66 60.80
N ARG PC 324 -44.44 11.04 59.64
CA ARG PC 324 -45.24 11.35 58.46
C ARG PC 324 -46.71 10.99 58.68
N ALA PC 325 -46.96 9.81 59.24
CA ALA PC 325 -48.35 9.42 59.51
C ALA PC 325 -49.01 10.36 60.51
N PHE PC 326 -48.30 10.71 61.58
CA PHE PC 326 -48.85 11.60 62.59
C PHE PC 326 -49.17 12.96 62.02
N VAL PC 327 -48.24 13.54 61.26
CA VAL PC 327 -48.44 14.88 60.71
C VAL PC 327 -49.54 14.87 59.65
N SER PC 328 -49.60 13.81 58.85
CA SER PC 328 -50.66 13.71 57.84
C SER PC 328 -52.03 13.58 58.49
N LYS PC 329 -52.13 12.81 59.58
CA LYS PC 329 -53.41 12.70 60.27
C LYS PC 329 -53.79 14.01 60.93
N VAL PC 330 -52.80 14.73 61.49
CA VAL PC 330 -53.09 16.02 62.12
C VAL PC 330 -53.59 17.01 61.08
N GLY PC 331 -52.92 17.07 59.93
CA GLY PC 331 -53.27 18.00 58.88
C GLY PC 331 -54.31 17.53 57.90
N LYS PC 332 -54.82 16.30 58.05
CA LYS PC 332 -55.82 15.75 57.14
C LYS PC 332 -55.34 15.78 55.69
N THR PC 333 -54.14 15.25 55.48
CA THR PC 333 -53.49 15.29 54.17
C THR PC 333 -52.61 14.05 54.05
N GLU PC 334 -51.68 14.09 53.11
CA GLU PC 334 -50.73 13.02 52.86
C GLU PC 334 -49.32 13.60 52.82
N PRO PC 335 -48.30 12.77 53.04
CA PRO PC 335 -46.92 13.28 52.96
C PRO PC 335 -46.59 13.79 51.57
N ALA PC 336 -45.69 14.76 51.52
CA ALA PC 336 -45.31 15.38 50.25
C ALA PC 336 -44.05 14.80 49.64
N THR PC 337 -43.17 14.21 50.44
CA THR PC 337 -41.86 13.81 49.91
C THR PC 337 -41.55 12.33 50.06
N TRP PC 338 -41.85 11.72 51.20
CA TRP PC 338 -41.43 10.37 51.57
C TRP PC 338 -39.91 10.23 51.64
N LYS PC 339 -39.18 11.34 51.57
CA LYS PC 339 -37.75 11.36 51.80
C LYS PC 339 -37.52 11.97 53.18
N ASN PC 340 -36.80 11.26 54.03
CA ASN PC 340 -36.69 11.66 55.43
C ASN PC 340 -36.06 13.04 55.57
N TYR PC 341 -34.95 13.27 54.87
CA TYR PC 341 -34.25 14.55 54.88
C TYR PC 341 -33.93 14.95 53.46
N SER PC 342 -34.12 16.23 53.15
CA SER PC 342 -34.05 16.70 51.77
C SER PC 342 -32.61 16.97 51.37
N THR PC 343 -32.15 16.27 50.33
CA THR PC 343 -30.85 16.49 49.73
C THR PC 343 -31.02 16.55 48.22
N ILE PC 344 -30.11 17.26 47.55
CA ILE PC 344 -30.20 17.46 46.11
C ILE PC 344 -29.31 16.42 45.44
N TYR PC 345 -29.89 15.25 45.18
CA TYR PC 345 -29.30 14.27 44.29
C TYR PC 345 -30.36 13.82 43.28
N HIS PC 346 -31.61 13.81 43.71
CA HIS PC 346 -32.72 13.48 42.83
C HIS PC 346 -33.30 14.69 42.11
N LYS PC 347 -32.95 15.91 42.55
CA LYS PC 347 -33.49 17.13 41.97
C LYS PC 347 -35.01 17.17 42.02
N ASP PC 348 -35.60 16.42 42.97
CA ASP PC 348 -37.04 16.39 43.10
C ASP PC 348 -37.61 17.70 43.64
N ASN PC 349 -36.77 18.56 44.20
CA ASN PC 349 -37.24 19.86 44.69
C ASN PC 349 -37.81 20.70 43.56
N TYR PC 350 -37.14 20.70 42.40
CA TYR PC 350 -37.55 21.55 41.29
C TYR PC 350 -37.92 20.80 40.03
N GLU PC 351 -37.75 19.49 39.98
CA GLU PC 351 -38.20 18.69 38.84
C GLU PC 351 -39.50 17.98 39.22
N ALA PC 352 -39.97 17.11 38.32
CA ALA PC 352 -41.26 16.46 38.47
C ALA PC 352 -41.16 15.01 38.95
N GLU PC 353 -39.97 14.57 39.34
CA GLU PC 353 -39.77 13.19 39.78
C GLU PC 353 -39.97 13.12 41.29
N ARG PC 354 -41.09 12.57 41.72
CA ARG PC 354 -41.41 12.43 43.13
C ARG PC 354 -40.64 11.26 43.74
N VAL PC 355 -40.59 11.25 45.07
CA VAL PC 355 -39.97 10.16 45.83
C VAL PC 355 -41.06 9.42 46.59
N ARG PC 356 -42.27 9.43 46.03
CA ARG PC 356 -43.40 8.76 46.66
C ARG PC 356 -43.20 7.25 46.63
N HIS PC 357 -43.51 6.60 47.75
CA HIS PC 357 -43.32 5.16 47.93
C HIS PC 357 -44.68 4.51 48.13
N VAL PC 358 -45.35 4.18 47.02
CA VAL PC 358 -46.61 3.46 47.05
C VAL PC 358 -46.57 2.38 46.00
N ALA PC 359 -46.40 1.13 46.43
CA ALA PC 359 -46.25 0.00 45.51
C ALA PC 359 -47.23 -1.11 45.89
N PHE PC 360 -48.05 -1.52 44.93
CA PHE PC 360 -48.93 -2.67 45.10
C PHE PC 360 -49.27 -3.18 43.71
N VAL PC 361 -49.77 -4.42 43.66
CA VAL PC 361 -49.97 -5.11 42.40
C VAL PC 361 -51.44 -5.30 42.03
N ASP PC 362 -52.36 -5.16 42.97
CA ASP PC 362 -53.77 -5.31 42.67
C ASP PC 362 -54.59 -4.65 43.79
N HIS PC 363 -55.91 -4.69 43.64
CA HIS PC 363 -56.79 -4.10 44.64
C HIS PC 363 -56.85 -4.90 45.92
N LYS PC 364 -56.43 -6.16 45.90
CA LYS PC 364 -56.42 -7.01 47.08
C LYS PC 364 -55.08 -7.03 47.79
N ASP PC 365 -54.13 -6.21 47.34
CA ASP PC 365 -52.80 -6.24 47.93
C ASP PC 365 -52.84 -5.69 49.35
N PRO PC 366 -52.42 -6.46 50.36
CA PRO PC 366 -52.40 -5.93 51.73
C PRO PC 366 -51.48 -4.73 51.88
N HIS PC 367 -50.38 -4.68 51.13
CA HIS PC 367 -49.38 -3.63 51.26
C HIS PC 367 -49.73 -2.41 50.42
N MET PC 368 -51.01 -2.23 50.08
CA MET PC 368 -51.40 -1.11 49.25
C MET PC 368 -51.26 0.22 49.99
N TYR PC 369 -51.60 0.24 51.28
CA TYR PC 369 -51.62 1.48 52.05
C TYR PC 369 -50.34 1.72 52.84
N HIS PC 370 -49.33 0.87 52.67
CA HIS PC 370 -48.05 1.12 53.32
C HIS PC 370 -47.43 2.40 52.79
N GLY PC 371 -46.99 3.27 53.71
CA GLY PC 371 -46.45 4.55 53.36
C GLY PC 371 -47.44 5.69 53.37
N LEU PC 372 -48.72 5.40 53.43
CA LEU PC 372 -49.79 6.37 53.47
C LEU PC 372 -50.35 6.47 54.89
N PRO PC 373 -50.90 7.63 55.27
CA PRO PC 373 -51.45 7.77 56.63
C PRO PC 373 -52.61 6.84 56.92
N GLN PC 374 -53.27 6.30 55.89
CA GLN PC 374 -54.36 5.36 56.12
C GLN PC 374 -53.88 4.07 56.78
N ASP PC 375 -52.57 3.80 56.76
CA ASP PC 375 -52.04 2.58 57.35
C ASP PC 375 -52.08 2.60 58.86
N TYR PC 376 -52.18 3.78 59.48
CA TYR PC 376 -52.09 3.92 60.92
C TYR PC 376 -53.46 4.14 61.54
N ASP PC 377 -53.59 3.74 62.79
CA ASP PC 377 -54.80 4.02 63.57
C ASP PC 377 -54.80 5.46 64.03
N ASP PC 378 -55.91 5.88 64.66
CA ASP PC 378 -55.97 7.22 65.24
C ASP PC 378 -55.02 7.38 66.42
N ASN PC 379 -54.50 6.30 66.97
CA ASN PC 379 -53.47 6.35 67.99
C ASN PC 379 -52.06 6.33 67.41
N ILE PC 380 -51.95 6.46 66.08
CA ILE PC 380 -50.68 6.38 65.37
C ILE PC 380 -50.04 5.02 65.65
N LYS PC 381 -50.82 3.96 65.51
CA LYS PC 381 -50.36 2.58 65.67
C LYS PC 381 -49.99 2.01 64.31
N PRO PC 382 -48.84 1.35 64.19
CA PRO PC 382 -48.31 1.04 62.85
C PRO PC 382 -49.24 0.21 61.98
N LYS PC 383 -50.01 -0.70 62.55
CA LYS PC 383 -50.83 -1.62 61.76
C LYS PC 383 -52.28 -1.18 61.75
N HIS PC 384 -52.92 -1.34 60.58
CA HIS PC 384 -54.33 -1.02 60.39
C HIS PC 384 -54.63 0.44 60.73
N LEU QC 106 -94.57 61.48 25.20
CA LEU QC 106 -94.83 60.17 24.65
C LEU QC 106 -95.72 59.35 25.57
N ASN QC 107 -95.46 59.44 26.88
CA ASN QC 107 -96.26 58.72 27.85
C ASN QC 107 -97.62 59.36 28.09
N HIS QC 108 -97.76 60.65 27.76
CA HIS QC 108 -99.03 61.33 27.95
C HIS QC 108 -100.09 60.87 26.97
N VAL QC 109 -99.72 60.12 25.93
CA VAL QC 109 -100.68 59.56 25.00
C VAL QC 109 -101.25 58.27 25.58
N GLN QC 110 -102.57 58.17 25.64
CA GLN QC 110 -103.23 57.08 26.32
C GLN QC 110 -103.67 56.03 25.31
N ASN QC 111 -103.10 54.83 25.43
CA ASN QC 111 -103.41 53.71 24.58
C ASN QC 111 -103.82 52.54 25.47
N MET QC 112 -105.01 51.99 25.23
CA MET QC 112 -105.51 50.91 26.07
C MET QC 112 -104.69 49.64 25.89
N LEU QC 113 -104.24 49.37 24.67
CA LEU QC 113 -103.37 48.22 24.45
C LEU QC 113 -102.04 48.39 25.19
N GLU QC 114 -101.50 49.61 25.18
CA GLU QC 114 -100.28 49.87 25.95
C GLU QC 114 -100.52 49.67 27.44
N GLU QC 115 -101.66 50.14 27.94
CA GLU QC 115 -101.95 49.96 29.37
C GLU QC 115 -102.12 48.49 29.71
N ASN QC 116 -102.77 47.72 28.84
CA ASN QC 116 -102.88 46.28 29.06
C ASN QC 116 -101.52 45.60 29.04
N LEU QC 117 -100.63 46.03 28.15
CA LEU QC 117 -99.29 45.46 28.11
C LEU QC 117 -98.51 45.78 29.39
N LYS QC 118 -98.63 47.03 29.87
CA LYS QC 118 -97.98 47.40 31.12
C LYS QC 118 -98.52 46.58 32.28
N TYR QC 119 -99.85 46.40 32.33
CA TYR QC 119 -100.45 45.61 33.39
C TYR QC 119 -100.00 44.16 33.32
N ASP QC 120 -99.92 43.59 32.11
CA ASP QC 120 -99.46 42.22 31.97
C ASP QC 120 -98.03 42.07 32.43
N ALA QC 121 -97.15 43.00 32.05
CA ALA QC 121 -95.76 42.92 32.46
C ALA QC 121 -95.63 43.05 33.98
N GLN QC 122 -96.35 44.00 34.58
CA GLN QC 122 -96.26 44.18 36.02
C GLN QC 122 -96.84 42.99 36.78
N LYS QC 123 -97.96 42.44 36.30
CA LYS QC 123 -98.57 41.30 36.96
C LYS QC 123 -97.69 40.06 36.83
N TYR QC 124 -97.03 39.89 35.68
CA TYR QC 124 -96.11 38.78 35.53
C TYR QC 124 -94.89 38.95 36.43
N ASN QC 125 -94.43 40.19 36.61
CA ASN QC 125 -93.34 40.46 37.52
C ASN QC 125 -93.73 40.15 38.96
N ASP QC 126 -94.97 40.46 39.33
CA ASP QC 126 -95.40 40.29 40.72
C ASP QC 126 -95.80 38.84 41.02
N GLU QC 127 -96.84 38.35 40.35
CA GLU QC 127 -97.47 37.09 40.75
C GLU QC 127 -96.67 35.88 40.31
N VAL QC 128 -96.09 35.90 39.12
CA VAL QC 128 -95.37 34.74 38.59
C VAL QC 128 -93.97 34.74 39.21
N ALA QC 129 -93.68 33.73 40.01
CA ALA QC 129 -92.42 33.64 40.74
C ALA QC 129 -91.46 32.67 40.05
N VAL QC 130 -90.20 32.73 40.47
CA VAL QC 130 -89.20 31.80 39.96
C VAL QC 130 -89.52 30.39 40.40
N ILE QC 131 -89.88 30.20 41.67
CA ILE QC 131 -90.19 28.89 42.21
C ILE QC 131 -91.62 28.53 41.81
N GLN QC 132 -91.76 27.50 40.99
CA GLN QC 132 -93.06 27.08 40.46
C GLN QC 132 -93.40 25.70 40.99
N LYS QC 133 -94.62 25.55 41.50
CA LYS QC 133 -95.08 24.26 41.99
C LYS QC 133 -95.55 23.39 40.84
N THR QC 134 -95.18 22.11 40.89
CA THR QC 134 -95.53 21.15 39.85
C THR QC 134 -96.07 19.88 40.48
N SER QC 135 -96.98 19.23 39.76
CA SER QC 135 -97.54 17.96 40.17
C SER QC 135 -97.17 16.83 39.23
N ARG QC 136 -96.32 17.08 38.24
CA ARG QC 136 -95.87 16.05 37.31
C ARG QC 136 -94.73 15.31 37.96
N ILE QC 137 -95.06 14.25 38.69
CA ILE QC 137 -94.10 13.39 39.36
C ILE QC 137 -94.35 11.96 38.95
N TYR QC 138 -93.29 11.26 38.56
CA TYR QC 138 -93.38 9.86 38.14
C TYR QC 138 -92.54 9.01 39.09
N LYS QC 139 -93.15 7.94 39.59
CA LYS QC 139 -92.46 6.99 40.45
C LYS QC 139 -92.18 5.71 39.68
N PRO QC 140 -90.94 5.43 39.30
CA PRO QC 140 -90.67 4.21 38.53
C PRO QC 140 -90.96 2.96 39.35
N THR QC 141 -91.32 1.89 38.64
CA THR QC 141 -91.78 0.66 39.27
C THR QC 141 -90.64 -0.23 39.75
N TYR QC 142 -89.39 0.16 39.55
CA TYR QC 142 -88.25 -0.66 39.92
C TYR QC 142 -87.22 0.20 40.62
N THR QC 143 -86.23 -0.47 41.21
CA THR QC 143 -85.10 0.21 41.83
C THR QC 143 -84.15 0.71 40.76
N ILE QC 144 -83.80 1.99 40.82
CA ILE QC 144 -82.91 2.60 39.85
C ILE QC 144 -81.46 2.35 40.27
N GLU QC 145 -80.69 1.76 39.37
CA GLU QC 145 -79.28 1.46 39.64
C GLU QC 145 -78.43 2.55 38.99
N PHE QC 146 -78.13 3.59 39.75
CA PHE QC 146 -77.25 4.64 39.25
C PHE QC 146 -75.83 4.12 39.19
N ASN QC 147 -75.00 4.78 38.38
CA ASN QC 147 -73.61 4.40 38.24
C ASN QC 147 -72.80 5.01 39.38
N ARG QC 148 -71.47 4.95 39.28
CA ARG QC 148 -70.64 5.50 40.33
C ARG QC 148 -70.73 7.01 40.43
N GLU QC 149 -71.24 7.68 39.40
CA GLU QC 149 -71.38 9.13 39.38
C GLU QC 149 -72.79 9.59 39.68
N GLY QC 150 -73.66 8.69 40.14
CA GLY QC 150 -75.02 9.07 40.47
C GLY QC 150 -75.87 9.51 39.30
N GLU QC 151 -75.78 8.80 38.18
CA GLU QC 151 -76.64 9.06 37.03
C GLU QC 151 -76.82 7.78 36.24
N VAL QC 152 -78.05 7.52 35.82
CA VAL QC 152 -78.39 6.31 35.09
C VAL QC 152 -78.53 6.63 33.62
N LEU QC 153 -77.82 5.88 32.77
CA LEU QC 153 -77.91 6.08 31.33
C LEU QC 153 -79.26 5.61 30.83
N VAL QC 154 -80.02 6.51 30.21
CA VAL QC 154 -81.35 6.18 29.70
C VAL QC 154 -81.42 6.16 28.19
N TYR QC 155 -80.41 6.67 27.48
CA TYR QC 155 -80.43 6.56 26.02
C TYR QC 155 -79.01 6.61 25.49
N SER QC 156 -78.73 5.77 24.49
CA SER QC 156 -77.43 5.79 23.82
C SER QC 156 -77.62 5.56 22.32
N ALA QC 157 -76.73 6.13 21.53
CA ALA QC 157 -76.81 6.00 20.08
C ALA QC 157 -75.51 6.47 19.46
N ASP QC 158 -75.40 6.27 18.13
CA ASP QC 158 -74.30 6.80 17.32
C ASP QC 158 -74.93 7.51 16.13
N PRO QC 159 -75.39 8.75 16.32
CA PRO QC 159 -76.14 9.43 15.24
C PRO QC 159 -75.33 9.65 13.97
N ILE QC 160 -74.03 9.92 14.08
CA ILE QC 160 -73.23 10.17 12.88
C ILE QC 160 -73.07 8.90 12.07
N LYS QC 161 -72.90 7.76 12.75
CA LYS QC 161 -72.73 6.49 12.04
C LYS QC 161 -73.96 6.13 11.21
N ASN QC 162 -75.15 6.49 11.69
CA ASN QC 162 -76.40 6.09 11.05
C ASN QC 162 -76.95 7.16 10.12
N SER QC 163 -76.24 8.26 9.90
CA SER QC 163 -76.71 9.34 9.06
C SER QC 163 -75.90 9.41 7.77
N VAL QC 164 -76.56 9.83 6.70
CA VAL QC 164 -75.92 10.05 5.41
C VAL QC 164 -75.26 11.42 5.46
N VAL QC 165 -73.92 11.43 5.34
CA VAL QC 165 -73.16 12.66 5.53
C VAL QC 165 -72.92 13.38 4.21
N TYR QC 166 -72.46 12.67 3.18
CA TYR QC 166 -72.01 13.29 1.95
C TYR QC 166 -73.11 13.37 0.90
N PHE QC 167 -73.67 12.23 0.49
CA PHE QC 167 -74.60 12.19 -0.64
C PHE QC 167 -76.04 12.30 -0.13
N LYS QC 168 -76.38 13.50 0.35
CA LYS QC 168 -77.72 13.83 0.76
C LYS QC 168 -78.40 14.62 -0.36
N TYR QC 169 -79.66 14.29 -0.63
CA TYR QC 169 -80.30 14.76 -1.87
C TYR QC 169 -80.33 16.27 -2.02
N PRO QC 170 -80.85 17.06 -1.06
CA PRO QC 170 -80.99 18.49 -1.33
C PRO QC 170 -79.67 19.18 -1.64
N TYR QC 171 -78.56 18.71 -1.08
CA TYR QC 171 -77.30 19.42 -1.15
C TYR QC 171 -76.41 18.97 -2.30
N VAL QC 172 -76.50 17.69 -2.69
CA VAL QC 172 -75.77 17.25 -3.88
C VAL QC 172 -76.26 18.00 -5.11
N LEU QC 173 -77.52 18.43 -5.11
CA LEU QC 173 -78.05 19.21 -6.23
C LEU QC 173 -77.28 20.52 -6.39
N TYR QC 174 -77.11 21.25 -5.29
CA TYR QC 174 -76.40 22.52 -5.36
C TYR QC 174 -74.92 22.30 -5.70
N GLU QC 175 -74.29 21.33 -5.05
CA GLU QC 175 -72.88 21.10 -5.31
C GLU QC 175 -72.61 20.55 -6.70
N ALA QC 176 -73.60 19.93 -7.33
CA ALA QC 176 -73.46 19.51 -8.72
C ALA QC 176 -73.80 20.64 -9.69
N ALA QC 177 -74.61 21.61 -9.25
CA ALA QC 177 -74.85 22.79 -10.07
C ALA QC 177 -73.66 23.74 -10.09
N ILE QC 178 -72.79 23.67 -9.08
CA ILE QC 178 -71.62 24.57 -9.04
C ILE QC 178 -70.78 24.51 -10.31
N PRO QC 179 -70.33 23.34 -10.80
CA PRO QC 179 -69.47 23.34 -11.99
C PRO QC 179 -70.12 23.94 -13.22
N LEU QC 180 -71.45 23.83 -13.34
CA LEU QC 180 -72.14 24.43 -14.47
C LEU QC 180 -71.97 25.96 -14.47
N PHE QC 181 -72.13 26.58 -13.30
CA PHE QC 181 -71.91 28.02 -13.20
C PHE QC 181 -70.46 28.40 -13.46
N ILE QC 182 -69.52 27.62 -12.94
CA ILE QC 182 -68.11 27.93 -13.18
C ILE QC 182 -67.79 27.85 -14.66
N TRP QC 183 -68.29 26.81 -15.34
CA TRP QC 183 -68.08 26.68 -16.78
C TRP QC 183 -68.74 27.82 -17.55
N ALA QC 184 -69.96 28.21 -17.15
CA ALA QC 184 -70.64 29.30 -17.83
C ALA QC 184 -69.85 30.59 -17.71
N TRP QC 185 -69.20 30.82 -16.57
CA TRP QC 185 -68.33 31.98 -16.46
C TRP QC 185 -67.08 31.82 -17.33
N ILE QC 186 -66.48 30.63 -17.32
CA ILE QC 186 -65.19 30.45 -17.98
C ILE QC 186 -65.32 30.63 -19.49
N TYR QC 187 -66.33 30.02 -20.09
CA TYR QC 187 -66.46 30.04 -21.55
C TYR QC 187 -67.44 31.08 -22.05
N ASN QC 188 -68.31 31.60 -21.19
CA ASN QC 188 -69.29 32.63 -21.56
C ASN QC 188 -70.09 32.25 -22.80
N PRO QC 189 -70.82 31.13 -22.76
CA PRO QC 189 -71.63 30.74 -23.93
C PRO QC 189 -72.81 31.66 -24.18
N LEU QC 190 -73.24 32.44 -23.19
CA LEU QC 190 -74.37 33.35 -23.36
C LEU QC 190 -73.96 34.73 -23.86
N GLU QC 191 -72.66 34.96 -24.07
CA GLU QC 191 -72.15 36.24 -24.57
C GLU QC 191 -72.61 37.40 -23.69
N LEU QC 192 -72.48 37.21 -22.38
CA LEU QC 192 -72.83 38.24 -21.42
C LEU QC 192 -71.71 39.27 -21.29
N SER QC 193 -72.03 40.41 -20.69
CA SER QC 193 -71.06 41.46 -20.46
C SER QC 193 -70.17 41.07 -19.29
N LYS QC 194 -69.27 41.98 -18.88
CA LYS QC 194 -68.32 41.64 -17.82
C LYS QC 194 -69.00 41.51 -16.47
N ASN QC 195 -70.05 42.29 -16.21
CA ASN QC 195 -70.71 42.23 -14.91
C ASN QC 195 -71.61 41.01 -14.80
N ALA QC 196 -72.24 40.61 -15.90
CA ALA QC 196 -73.19 39.50 -15.84
C ALA QC 196 -72.49 38.17 -15.60
N VAL QC 197 -71.31 37.97 -16.18
CA VAL QC 197 -70.58 36.73 -15.93
C VAL QC 197 -70.11 36.66 -14.48
N ASN QC 198 -69.74 37.80 -13.90
CA ASN QC 198 -69.41 37.80 -12.48
C ASN QC 198 -70.65 37.50 -11.63
N SER QC 199 -71.81 38.02 -12.03
CA SER QC 199 -73.05 37.65 -11.36
C SER QC 199 -73.28 36.15 -11.44
N LEU QC 200 -72.90 35.53 -12.56
CA LEU QC 200 -72.91 34.07 -12.63
C LEU QC 200 -71.96 33.47 -11.60
N LEU QC 201 -70.78 34.07 -11.44
CA LEU QC 201 -69.80 33.58 -10.48
C LEU QC 201 -70.22 33.80 -9.04
N ILE QC 202 -71.31 34.55 -8.79
CA ILE QC 202 -71.80 34.72 -7.43
C ILE QC 202 -72.19 33.37 -6.83
N TYR QC 203 -72.84 32.51 -7.60
CA TYR QC 203 -73.46 31.30 -7.06
C TYR QC 203 -72.50 30.36 -6.34
N PRO QC 204 -71.31 30.04 -6.85
CA PRO QC 204 -70.47 29.04 -6.16
C PRO QC 204 -70.12 29.38 -4.73
N ASN QC 205 -70.21 30.66 -4.33
CA ASN QC 205 -69.91 31.02 -2.95
C ASN QC 205 -71.02 30.64 -1.98
N ILE QC 206 -72.26 30.50 -2.45
CA ILE QC 206 -73.41 30.35 -1.58
C ILE QC 206 -74.11 29.00 -1.79
N ALA QC 207 -73.45 28.06 -2.45
CA ALA QC 207 -74.10 26.79 -2.76
C ALA QC 207 -73.76 25.67 -1.77
N TRP QC 208 -72.71 25.83 -0.97
CA TRP QC 208 -72.35 24.85 0.04
C TRP QC 208 -72.91 25.19 1.41
N ILE QC 209 -73.58 26.33 1.56
CA ILE QC 209 -74.11 26.72 2.86
C ILE QC 209 -75.18 25.75 3.38
N PRO QC 210 -76.15 25.31 2.58
CA PRO QC 210 -77.12 24.33 3.10
C PRO QC 210 -76.47 23.07 3.63
N ARG QC 211 -75.39 22.59 2.99
CA ARG QC 211 -74.68 21.44 3.52
C ARG QC 211 -74.05 21.75 4.87
N MET QC 212 -73.54 22.98 5.04
CA MET QC 212 -73.02 23.38 6.34
C MET QC 212 -74.11 23.34 7.40
N TRP QC 213 -75.30 23.83 7.08
CA TRP QC 213 -76.39 23.79 8.05
C TRP QC 213 -76.81 22.36 8.36
N TYR QC 214 -76.84 21.48 7.37
CA TYR QC 214 -77.18 20.09 7.63
C TYR QC 214 -76.15 19.41 8.52
N TRP QC 215 -74.86 19.59 8.21
CA TRP QC 215 -73.81 19.01 9.04
C TRP QC 215 -73.83 19.58 10.45
N ARG QC 216 -74.23 20.85 10.60
CA ARG QC 216 -74.44 21.39 11.93
C ARG QC 216 -75.62 20.70 12.62
N SER QC 217 -76.70 20.44 11.89
CA SER QC 217 -77.86 19.79 12.47
C SER QC 217 -77.54 18.37 12.91
N LEU QC 218 -76.53 17.74 12.30
CA LEU QC 218 -76.15 16.39 12.71
C LEU QC 218 -75.66 16.33 14.15
N GLN QC 219 -75.22 17.45 14.72
CA GLN QC 219 -74.70 17.46 16.08
C GLN QC 219 -75.78 17.73 17.12
N TYR QC 220 -77.03 17.93 16.71
CA TYR QC 220 -78.15 18.07 17.62
C TYR QC 220 -78.93 16.77 17.78
N LYS QC 221 -78.47 15.68 17.17
CA LYS QC 221 -79.03 14.37 17.45
C LYS QC 221 -78.34 13.80 18.68
N ILE QC 222 -79.14 13.34 19.64
CA ILE QC 222 -78.61 12.97 20.94
C ILE QC 222 -77.76 11.72 20.82
N GLN QC 223 -76.54 11.78 21.35
CA GLN QC 223 -75.65 10.63 21.41
C GLN QC 223 -75.83 9.86 22.71
N LYS QC 224 -75.89 10.56 23.83
CA LYS QC 224 -76.14 9.93 25.12
C LYS QC 224 -77.08 10.80 25.94
N MET QC 225 -77.89 10.15 26.79
CA MET QC 225 -78.71 10.86 27.75
C MET QC 225 -78.75 10.06 29.05
N TYR QC 226 -78.29 10.70 30.12
CA TYR QC 226 -78.30 10.19 31.48
C TYR QC 226 -79.35 10.93 32.30
N LEU QC 227 -79.84 10.26 33.35
CA LEU QC 227 -80.71 10.88 34.35
C LEU QC 227 -79.97 10.95 35.67
N LEU QC 228 -79.66 12.16 36.11
CA LEU QC 228 -78.93 12.35 37.36
C LEU QC 228 -79.84 12.04 38.55
N ARG QC 229 -79.21 11.87 39.72
CA ARG QC 229 -79.97 11.63 40.94
C ARG QC 229 -80.83 12.83 41.29
N GLY QC 230 -81.98 12.57 41.88
CA GLY QC 230 -82.98 13.57 42.14
C GLY QC 230 -84.08 13.63 41.10
N GLY QC 231 -83.83 13.13 39.90
CA GLY QC 231 -84.86 13.04 38.88
C GLY QC 231 -85.32 14.35 38.31
N LYS QC 232 -84.54 15.41 38.45
CA LYS QC 232 -84.91 16.72 37.93
C LYS QC 232 -83.96 17.23 36.86
N VAL QC 233 -82.86 16.55 36.60
CA VAL QC 233 -81.84 16.97 35.64
C VAL QC 233 -81.52 15.79 34.73
N ALA QC 234 -81.36 16.06 33.44
CA ALA QC 234 -80.93 15.06 32.47
C ALA QC 234 -79.70 15.60 31.75
N LYS QC 235 -78.66 14.78 31.66
CA LYS QC 235 -77.43 15.15 30.98
C LYS QC 235 -77.47 14.63 29.55
N ILE QC 236 -77.21 15.50 28.59
CA ILE QC 236 -77.31 15.20 27.17
C ILE QC 236 -75.93 15.41 26.57
N GLU QC 237 -75.40 14.37 25.93
CA GLU QC 237 -74.11 14.43 25.27
C GLU QC 237 -74.31 14.26 23.78
N THR QC 238 -73.75 15.19 23.00
CA THR QC 238 -73.78 15.16 21.55
C THR QC 238 -72.37 15.31 21.02
N GLN QC 239 -72.19 15.05 19.73
CA GLN QC 239 -70.88 15.14 19.11
C GLN QC 239 -71.02 15.70 17.70
N SER QC 240 -70.16 16.66 17.37
CA SER QC 240 -70.17 17.25 16.04
C SER QC 240 -69.51 16.32 15.04
N LEU QC 241 -69.54 16.70 13.77
CA LEU QC 241 -68.95 15.88 12.72
C LEU QC 241 -67.44 15.97 12.69
N ALA QC 242 -66.84 16.91 13.42
CA ALA QC 242 -65.39 17.04 13.50
C ALA QC 242 -64.80 16.47 14.79
N GLY QC 243 -65.59 15.71 15.55
CA GLY QC 243 -65.09 15.07 16.75
C GLY QC 243 -65.25 15.87 18.03
N ASP QC 244 -65.74 17.11 17.95
CA ASP QC 244 -65.99 17.87 19.17
C ASP QC 244 -67.17 17.27 19.92
N ARG QC 245 -67.09 17.29 21.25
CA ARG QC 245 -68.11 16.71 22.11
C ARG QC 245 -68.71 17.80 22.98
N PHE QC 246 -70.03 17.81 23.08
CA PHE QC 246 -70.77 18.82 23.83
C PHE QC 246 -71.64 18.16 24.88
N THR QC 247 -71.64 18.72 26.08
CA THR QC 247 -72.43 18.23 27.20
C THR QC 247 -73.35 19.34 27.69
N SER QC 248 -74.60 18.99 27.95
CA SER QC 248 -75.58 19.97 28.42
C SER QC 248 -76.47 19.33 29.48
N TRP QC 249 -76.54 19.95 30.65
CA TRP QC 249 -77.47 19.53 31.68
C TRP QC 249 -78.75 20.33 31.52
N VAL QC 250 -79.86 19.65 31.32
CA VAL QC 250 -81.14 20.28 31.03
C VAL QC 250 -82.19 19.74 31.99
N GLU QC 251 -82.99 20.65 32.55
CA GLU QC 251 -84.05 20.23 33.45
C GLU QC 251 -85.08 19.41 32.68
N THR QC 252 -85.70 18.45 33.40
CA THR QC 252 -86.61 17.52 32.73
C THR QC 252 -87.85 18.20 32.21
N TYR QC 253 -88.27 19.33 32.80
CA TYR QC 253 -89.48 19.98 32.35
C TYR QC 253 -89.30 20.74 31.04
N GLN QC 254 -88.05 20.90 30.57
CA GLN QC 254 -87.81 21.57 29.30
C GLN QC 254 -88.26 20.74 28.10
N PHE QC 255 -88.36 19.42 28.27
CA PHE QC 255 -88.62 18.53 27.15
C PHE QC 255 -90.09 18.58 26.73
N HIS QC 256 -90.33 18.81 25.45
CA HIS QC 256 -91.69 18.76 24.88
C HIS QC 256 -91.65 17.87 23.65
N PRO QC 257 -92.30 16.71 23.65
CA PRO QC 257 -92.25 15.83 22.48
C PRO QC 257 -92.93 16.44 21.27
N LEU QC 258 -92.37 16.16 20.10
CA LEU QC 258 -92.98 16.53 18.83
C LEU QC 258 -93.67 15.31 18.23
N THR QC 259 -94.50 15.56 17.23
CA THR QC 259 -95.18 14.47 16.55
C THR QC 259 -94.20 13.69 15.69
N GLN QC 260 -94.69 12.63 15.05
CA GLN QC 260 -93.82 11.82 14.20
C GLN QC 260 -93.31 12.62 13.02
N ASP QC 261 -94.17 13.43 12.39
CA ASP QC 261 -93.75 14.27 11.29
C ASP QC 261 -92.99 15.50 11.76
N GLN QC 262 -92.98 15.77 13.08
CA GLN QC 262 -92.34 16.91 13.72
C GLN QC 262 -92.95 18.24 13.32
N LYS QC 263 -94.06 18.25 12.58
CA LYS QC 263 -94.68 19.51 12.20
C LYS QC 263 -95.34 20.20 13.39
N ASN QC 264 -96.00 19.43 14.26
CA ASN QC 264 -96.72 19.99 15.39
C ASN QC 264 -96.24 19.35 16.68
N PHE QC 265 -96.56 19.99 17.79
CA PHE QC 265 -96.23 19.43 19.10
C PHE QC 265 -97.04 18.18 19.36
N ASP QC 266 -96.46 17.27 20.14
CA ASP QC 266 -97.12 16.04 20.53
C ASP QC 266 -97.68 16.19 21.94
N ASN QC 267 -98.87 15.62 22.15
CA ASN QC 267 -99.55 15.79 23.42
C ASN QC 267 -98.80 15.06 24.53
N GLN QC 268 -98.40 15.80 25.56
CA GLN QC 268 -97.82 15.17 26.74
C GLN QC 268 -98.91 14.46 27.53
N ASP QC 269 -98.48 13.48 28.34
CA ASP QC 269 -99.34 12.63 29.16
C ASP QC 269 -100.12 11.63 28.32
N ASN QC 270 -100.05 11.77 26.99
CA ASN QC 270 -100.65 10.77 26.10
C ASN QC 270 -99.91 10.85 24.78
N ALA QC 271 -98.93 9.96 24.59
CA ALA QC 271 -98.12 9.92 23.38
C ALA QC 271 -97.35 8.62 23.39
N GLU QC 272 -97.26 7.98 22.22
CA GLU QC 272 -96.63 6.67 22.10
C GLU QC 272 -95.48 6.78 21.10
N PHE QC 273 -94.31 7.19 21.59
CA PHE QC 273 -93.09 7.17 20.79
C PHE QC 273 -92.22 5.97 21.10
N LEU QC 274 -92.63 5.10 22.01
CA LEU QC 274 -91.97 3.84 22.29
C LEU QC 274 -92.92 2.70 21.96
N GLU QC 275 -92.40 1.65 21.33
CA GLU QC 275 -93.22 0.51 20.97
C GLU QC 275 -93.57 -0.29 22.22
N ASP QC 276 -94.25 -1.41 22.02
CA ASP QC 276 -94.70 -2.23 23.15
C ASP QC 276 -93.52 -2.74 23.96
N GLU QC 277 -92.46 -3.18 23.29
CA GLU QC 277 -91.29 -3.70 23.99
C GLU QC 277 -90.60 -2.62 24.81
N GLY QC 278 -90.52 -1.41 24.26
CA GLY QC 278 -89.92 -0.30 25.00
C GLY QC 278 -88.88 0.48 24.23
N GLN QC 279 -88.63 0.09 22.99
CA GLN QC 279 -87.67 0.80 22.15
C GLN QC 279 -88.38 1.88 21.32
N LEU QC 280 -87.58 2.75 20.72
CA LEU QC 280 -88.13 3.89 19.99
C LEU QC 280 -88.91 3.42 18.77
N LYS QC 281 -90.13 3.93 18.63
CA LYS QC 281 -90.97 3.58 17.48
C LYS QC 281 -90.54 4.34 16.23
N TYR QC 282 -90.02 5.55 16.38
CA TYR QC 282 -89.59 6.39 15.27
C TYR QC 282 -88.58 7.38 15.80
N GLU QC 283 -88.01 8.17 14.89
CA GLU QC 283 -87.10 9.24 15.32
C GLU QC 283 -87.90 10.32 16.04
N LEU QC 284 -87.68 10.44 17.34
CA LEU QC 284 -88.47 11.32 18.19
C LEU QC 284 -87.82 12.70 18.26
N GLY QC 285 -88.60 13.73 17.96
CA GLY QC 285 -88.15 15.10 18.11
C GLY QC 285 -88.67 15.69 19.41
N VAL QC 286 -87.77 16.35 20.14
CA VAL QC 286 -88.11 16.96 21.42
C VAL QC 286 -87.61 18.40 21.39
N GLN QC 287 -88.49 19.33 21.75
CA GLN QC 287 -88.15 20.74 21.81
C GLN QC 287 -87.84 21.15 23.25
N LEU QC 288 -86.78 21.92 23.41
CA LEU QC 288 -86.36 22.46 24.69
C LEU QC 288 -86.58 23.97 24.68
N ASP QC 289 -87.26 24.47 25.71
CA ASP QC 289 -87.54 25.90 25.80
C ASP QC 289 -86.27 26.71 25.96
N ASN QC 290 -85.34 26.23 26.79
CA ASN QC 290 -84.06 26.89 26.99
C ASN QC 290 -83.00 25.82 27.15
N LEU QC 291 -82.05 25.78 26.22
CA LEU QC 291 -80.93 24.84 26.27
C LEU QC 291 -79.65 25.66 26.42
N GLN QC 292 -78.87 25.36 27.45
CA GLN QC 292 -77.59 26.03 27.65
C GLN QC 292 -76.51 25.18 27.00
N GLU QC 293 -76.11 25.56 25.80
CA GLU QC 293 -75.11 24.84 25.03
C GLU QC 293 -73.80 25.61 25.09
N MET QC 294 -72.78 24.98 25.69
CA MET QC 294 -71.43 25.53 25.77
C MET QC 294 -71.38 26.83 26.57
N GLY QC 295 -72.41 27.12 27.36
CA GLY QC 295 -72.45 28.33 28.16
C GLY QC 295 -73.29 29.45 27.60
N THR QC 296 -73.98 29.23 26.48
CA THR QC 296 -74.88 30.22 25.89
C THR QC 296 -76.28 29.65 25.86
N THR QC 297 -77.22 30.35 26.47
CA THR QC 297 -78.60 29.89 26.50
C THR QC 297 -79.27 30.19 25.16
N SER QC 298 -79.96 29.19 24.61
CA SER QC 298 -80.68 29.33 23.35
C SER QC 298 -82.10 28.84 23.54
N GLN QC 299 -83.05 29.55 22.94
CA GLN QC 299 -84.46 29.25 23.11
C GLN QC 299 -84.97 28.37 21.96
N ASP QC 300 -85.84 27.43 22.31
CA ASP QC 300 -86.58 26.59 21.35
C ASP QC 300 -85.61 25.81 20.45
N ILE QC 301 -84.87 24.90 21.10
CA ILE QC 301 -83.90 24.05 20.41
C ILE QC 301 -84.49 22.66 20.25
N VAL QC 302 -84.47 22.12 19.03
CA VAL QC 302 -85.05 20.82 18.75
C VAL QC 302 -83.93 19.78 18.68
N ILE QC 303 -84.09 18.70 19.43
CA ILE QC 303 -83.15 17.59 19.45
C ILE QC 303 -83.87 16.34 18.97
N ASN QC 304 -83.10 15.38 18.47
CA ASN QC 304 -83.65 14.19 17.86
C ASN QC 304 -83.06 12.94 18.51
N PHE QC 305 -83.92 11.95 18.75
CA PHE QC 305 -83.53 10.62 19.20
C PHE QC 305 -83.80 9.67 18.06
N MET QC 306 -82.73 9.11 17.48
CA MET QC 306 -82.87 8.26 16.32
C MET QC 306 -83.46 6.89 16.69
N LYS QC 307 -84.16 6.30 15.73
CA LYS QC 307 -84.79 5.00 15.98
C LYS QC 307 -83.73 3.92 16.22
N GLU QC 308 -82.62 3.97 15.48
CA GLU QC 308 -81.53 3.01 15.67
C GLU QC 308 -80.67 3.43 16.86
N GLY QC 309 -81.31 3.51 18.02
CA GLY QC 309 -80.62 3.84 19.25
C GLY QC 309 -81.21 3.06 20.40
N THR QC 310 -80.35 2.71 21.35
CA THR QC 310 -80.75 1.86 22.47
C THR QC 310 -81.37 2.72 23.55
N VAL QC 311 -82.62 2.41 23.90
CA VAL QC 311 -83.34 3.10 24.97
C VAL QC 311 -83.24 2.20 26.19
N HIS QC 312 -82.22 2.42 27.00
CA HIS QC 312 -82.16 1.78 28.31
C HIS QC 312 -83.19 2.43 29.22
N HIS QC 313 -83.80 1.63 30.09
CA HIS QC 313 -84.82 2.13 31.00
C HIS QC 313 -85.91 2.87 30.23
N PRO QC 314 -86.79 2.16 29.51
CA PRO QC 314 -87.83 2.86 28.74
C PRO QC 314 -88.71 3.75 29.58
N GLU QC 315 -89.01 3.36 30.83
CA GLU QC 315 -89.84 4.19 31.69
C GLU QC 315 -89.17 5.52 31.98
N LEU QC 316 -87.88 5.50 32.33
CA LEU QC 316 -87.18 6.73 32.63
C LEU QC 316 -87.05 7.63 31.40
N PHE QC 317 -86.76 7.03 30.25
CA PHE QC 317 -86.68 7.80 29.01
C PHE QC 317 -88.01 8.46 28.69
N GLU QC 318 -89.10 7.70 28.80
CA GLU QC 318 -90.42 8.23 28.51
C GLU QC 318 -90.79 9.34 29.49
N ALA QC 319 -90.42 9.18 30.76
CA ALA QC 319 -90.74 10.20 31.75
C ALA QC 319 -89.92 11.48 31.52
N ILE QC 320 -88.63 11.34 31.20
CA ILE QC 320 -87.81 12.52 30.93
C ILE QC 320 -88.34 13.27 29.71
N VAL QC 321 -88.64 12.53 28.64
CA VAL QC 321 -89.13 13.18 27.42
C VAL QC 321 -90.47 13.84 27.66
N LYS QC 322 -91.34 13.19 28.44
CA LYS QC 322 -92.64 13.76 28.77
C LYS QC 322 -92.58 14.80 29.87
N GLY QC 323 -91.39 15.27 30.23
CA GLY QC 323 -91.26 16.35 31.19
C GLY QC 323 -91.73 16.02 32.60
N TYR QC 324 -91.32 14.88 33.11
CA TYR QC 324 -91.69 14.45 34.45
C TYR QC 324 -90.52 14.61 35.42
N ASN QC 325 -90.85 14.88 36.68
CA ASN QC 325 -89.89 14.82 37.78
C ASN QC 325 -89.92 13.40 38.33
N ILE QC 326 -88.86 12.65 38.08
CA ILE QC 326 -88.83 11.23 38.40
C ILE QC 326 -88.35 11.04 39.84
N ASP QC 327 -89.08 10.23 40.59
CA ASP QC 327 -88.76 9.98 41.99
C ASP QC 327 -87.70 8.88 42.06
N THR QC 328 -86.46 9.28 42.36
CA THR QC 328 -85.34 8.34 42.44
C THR QC 328 -85.01 7.96 43.87
N SER QC 329 -86.02 7.88 44.74
CA SER QC 329 -85.77 7.50 46.13
C SER QC 329 -85.30 6.06 46.24
N ASP QC 330 -85.89 5.16 45.47
CA ASP QC 330 -85.53 3.73 45.49
C ASP QC 330 -84.37 3.53 44.52
N TYR QC 331 -83.15 3.64 45.05
CA TYR QC 331 -81.96 3.60 44.22
C TYR QC 331 -80.90 2.72 44.86
N VAL QC 332 -79.97 2.26 44.03
CA VAL QC 332 -78.72 1.65 44.45
C VAL QC 332 -77.61 2.25 43.59
N ILE QC 333 -76.37 2.08 44.05
CA ILE QC 333 -75.20 2.64 43.38
C ILE QC 333 -74.31 1.50 42.93
N ASN QC 334 -73.97 1.49 41.65
CA ASN QC 334 -73.11 0.47 41.08
C ASN QC 334 -71.70 1.05 40.94
N THR QC 335 -70.75 0.43 41.63
CA THR QC 335 -69.37 0.92 41.66
C THR QC 335 -68.59 0.31 40.50
N ALA QC 336 -68.98 0.69 39.29
CA ALA QC 336 -68.34 0.21 38.07
C ALA QC 336 -67.58 1.36 37.43
N ASN QC 337 -66.25 1.31 37.51
CA ASN QC 337 -65.40 2.34 36.91
C ASN QC 337 -64.97 1.93 35.50
N ASN QC 338 -65.94 1.60 34.66
CA ASN QC 338 -65.63 1.09 33.33
C ASN QC 338 -65.22 2.17 32.36
N LEU QC 339 -65.86 3.34 32.41
CA LEU QC 339 -65.63 4.37 31.41
C LEU QC 339 -64.37 5.17 31.72
N ARG QC 340 -63.92 5.92 30.72
CA ARG QC 340 -62.78 6.81 30.84
C ARG QC 340 -63.11 8.12 30.13
N ALA QC 341 -62.37 9.16 30.49
CA ALA QC 341 -62.53 10.44 29.83
C ALA QC 341 -62.09 10.34 28.37
N ARG QC 342 -62.85 10.97 27.48
CA ARG QC 342 -62.58 10.94 26.04
C ARG QC 342 -62.53 9.51 25.51
N GLU QC 343 -63.50 8.71 25.93
CA GLU QC 343 -63.57 7.31 25.52
C GLU QC 343 -64.12 7.18 24.11
N GLY QC 344 -63.45 6.35 23.30
CA GLY QC 344 -63.89 6.08 21.94
C GLY QC 344 -65.29 5.50 21.89
N ASN QC 345 -66.12 5.99 20.95
CA ASN QC 345 -67.54 5.66 20.97
C ASN QC 345 -68.11 5.34 19.59
N HIS QC 346 -67.27 5.06 18.59
CA HIS QC 346 -67.73 4.80 17.22
C HIS QC 346 -68.53 5.96 16.67
N ASN QC 347 -68.14 7.18 17.04
CA ASN QC 347 -68.80 8.41 16.60
C ASN QC 347 -70.31 8.39 16.87
N ARG RC 26 -57.05 73.83 59.74
CA ARG RC 26 -56.01 72.85 59.45
C ARG RC 26 -55.08 72.69 60.65
N ALA RC 27 -54.47 71.52 60.77
CA ALA RC 27 -53.52 71.27 61.85
C ALA RC 27 -52.24 72.05 61.61
N GLY RC 28 -51.57 72.41 62.70
CA GLY RC 28 -50.37 73.21 62.63
C GLY RC 28 -49.16 72.43 62.17
N PRO RC 29 -48.00 73.07 62.21
CA PRO RC 29 -46.76 72.36 61.85
C PRO RC 29 -46.43 71.28 62.86
N TYR RC 30 -45.75 70.24 62.40
CA TYR RC 30 -45.39 69.11 63.24
C TYR RC 30 -43.94 68.72 62.99
N ASN RC 31 -43.14 68.75 64.05
CA ASN RC 31 -41.77 68.23 64.03
C ASN RC 31 -41.66 67.16 65.10
N PRO RC 32 -41.63 65.88 64.72
CA PRO RC 32 -41.59 64.80 65.73
C PRO RC 32 -40.31 64.79 66.56
N ASN RC 33 -39.24 65.46 66.10
CA ASN RC 33 -37.98 65.46 66.83
C ASN RC 33 -37.98 66.39 68.02
N ARG RC 34 -39.04 67.17 68.23
CA ARG RC 34 -39.14 68.08 69.36
C ARG RC 34 -39.71 67.41 70.60
N TYR RC 35 -40.03 66.12 70.53
CA TYR RC 35 -40.62 65.40 71.64
C TYR RC 35 -39.73 64.21 72.00
N LYS RC 36 -39.55 63.99 73.29
CA LYS RC 36 -38.66 62.94 73.75
C LYS RC 36 -39.22 61.56 73.44
N ASP RC 37 -38.32 60.63 73.13
CA ASP RC 37 -38.68 59.23 72.94
C ASP RC 37 -37.82 58.37 73.86
N TYR RC 38 -38.40 57.28 74.33
CA TYR RC 38 -37.79 56.43 75.35
C TYR RC 38 -37.57 55.05 74.77
N TYR RC 39 -36.45 54.88 74.06
CA TYR RC 39 -36.06 53.58 73.54
C TYR RC 39 -34.89 52.97 74.29
N ILE RC 40 -34.14 53.77 75.04
CA ILE RC 40 -32.99 53.31 75.81
C ILE RC 40 -33.25 53.66 77.26
N PRO RC 41 -33.04 52.74 78.21
CA PRO RC 41 -33.17 53.12 79.63
C PRO RC 41 -32.21 54.23 79.99
N ARG RC 42 -32.68 55.14 80.84
CA ARG RC 42 -31.94 56.35 81.15
C ARG RC 42 -30.99 56.19 82.32
N THR RC 43 -30.84 54.97 82.85
CA THR RC 43 -29.88 54.67 83.90
C THR RC 43 -28.93 53.57 83.43
N LEU RC 44 -27.76 53.52 84.06
CA LEU RC 44 -26.75 52.56 83.65
C LEU RC 44 -26.74 51.36 84.60
N PRO RC 45 -26.41 50.17 84.08
CA PRO RC 45 -26.49 48.97 84.92
C PRO RC 45 -25.40 48.95 85.98
N LYS RC 46 -25.68 48.21 87.05
CA LYS RC 46 -24.67 47.98 88.07
C LYS RC 46 -23.65 46.96 87.57
N ASN RC 47 -22.43 47.05 88.10
CA ASN RC 47 -21.38 46.10 87.73
C ASN RC 47 -21.75 44.69 88.15
N GLU RC 48 -22.23 44.53 89.39
CA GLU RC 48 -22.64 43.23 89.88
C GLU RC 48 -23.79 42.68 89.06
N GLU RC 49 -24.73 43.54 88.69
CA GLU RC 49 -25.84 43.10 87.85
C GLU RC 49 -25.35 42.67 86.48
N ILE RC 50 -24.36 43.35 85.92
CA ILE RC 50 -23.82 42.95 84.63
C ILE RC 50 -23.19 41.56 84.73
N VAL RC 51 -22.38 41.33 85.77
CA VAL RC 51 -21.72 40.04 85.93
C VAL RC 51 -22.76 38.94 86.11
N GLU RC 52 -23.75 39.18 86.97
CA GLU RC 52 -24.77 38.19 87.23
C GLU RC 52 -25.60 37.91 85.98
N PHE RC 53 -25.90 38.94 85.19
CA PHE RC 53 -26.67 38.74 83.97
C PHE RC 53 -25.89 37.92 82.94
N VAL RC 54 -24.60 38.18 82.78
CA VAL RC 54 -23.80 37.39 81.85
C VAL RC 54 -23.77 35.93 82.29
N GLN RC 55 -23.54 35.70 83.59
CA GLN RC 55 -23.55 34.34 84.10
C GLN RC 55 -24.89 33.66 83.87
N SER RC 56 -25.99 34.37 84.14
CA SER RC 56 -27.32 33.78 83.98
C SER RC 56 -27.62 33.46 82.53
N GLN RC 57 -27.28 34.36 81.61
CA GLN RC 57 -27.58 34.12 80.21
C GLN RC 57 -26.70 33.03 79.62
N HIS RC 58 -25.54 32.77 80.20
CA HIS RC 58 -24.74 31.65 79.75
C HIS RC 58 -24.95 30.39 80.59
N SER RC 59 -25.87 30.42 81.55
CA SER RC 59 -26.25 29.20 82.26
C SER RC 59 -27.48 28.52 81.68
N VAL RC 60 -28.20 29.15 80.76
CA VAL RC 60 -29.42 28.58 80.19
C VAL RC 60 -29.35 28.71 78.67
N PRO RC 61 -30.09 27.87 77.94
CA PRO RC 61 -30.08 27.98 76.48
C PRO RC 61 -30.70 29.28 76.01
N ALA RC 62 -30.20 29.77 74.88
CA ALA RC 62 -30.73 30.99 74.29
C ALA RC 62 -31.95 30.67 73.43
N SER RC 63 -32.71 31.71 73.10
CA SER RC 63 -33.89 31.53 72.28
C SER RC 63 -33.48 31.06 70.88
N PRO RC 64 -34.29 30.21 70.24
CA PRO RC 64 -33.92 29.72 68.91
C PRO RC 64 -34.02 30.79 67.85
N ILE RC 65 -33.25 30.60 66.79
CA ILE RC 65 -33.23 31.49 65.64
C ILE RC 65 -33.79 30.73 64.44
N ARG RC 66 -34.46 31.47 63.55
CA ARG RC 66 -35.29 30.85 62.52
C ARG RC 66 -34.50 29.89 61.65
N ASN RC 67 -35.06 28.70 61.46
CA ASN RC 67 -34.51 27.68 60.59
C ASN RC 67 -35.52 27.42 59.48
N GLN RC 68 -35.06 27.41 58.24
CA GLN RC 68 -35.93 27.34 57.08
C GLN RC 68 -36.00 25.95 56.46
N ARG RC 69 -35.50 24.93 57.14
CA ARG RC 69 -35.57 23.57 56.61
C ARG RC 69 -36.99 23.04 56.68
N HIS RC 70 -37.38 22.29 55.65
CA HIS RC 70 -38.68 21.62 55.61
C HIS RC 70 -38.52 20.25 56.27
N ILE RC 71 -39.20 20.05 57.40
CA ILE RC 71 -38.96 18.85 58.20
C ILE RC 71 -39.74 17.67 57.65
N ASN RC 72 -41.06 17.75 57.68
CA ASN RC 72 -41.93 16.69 57.16
C ASN RC 72 -42.99 17.36 56.29
N PRO RC 73 -42.66 17.65 55.04
CA PRO RC 73 -43.61 18.33 54.17
C PRO RC 73 -44.86 17.49 53.94
N VAL RC 74 -45.99 18.17 53.80
CA VAL RC 74 -47.26 17.54 53.50
C VAL RC 74 -47.85 18.22 52.27
N ARG RC 75 -48.80 17.53 51.64
CA ARG RC 75 -49.40 18.06 50.43
C ARG RC 75 -50.17 19.34 50.72
N GLU RC 76 -49.88 20.38 49.95
CA GLU RC 76 -50.57 21.66 50.12
C GLU RC 76 -51.98 21.63 49.57
N SER RC 77 -52.27 20.71 48.64
CA SER RC 77 -53.56 20.63 47.98
C SER RC 77 -54.39 19.44 48.45
N GLY RC 78 -54.11 18.93 49.65
CA GLY RC 78 -54.84 17.82 50.18
C GLY RC 78 -54.35 16.50 49.64
N PRO RC 79 -55.02 15.40 49.99
CA PRO RC 79 -54.58 14.09 49.54
C PRO RC 79 -54.64 13.96 48.02
N LEU RC 80 -53.68 13.22 47.47
CA LEU RC 80 -53.60 13.04 46.03
C LEU RC 80 -54.81 12.23 45.54
N PRO RC 81 -55.35 12.55 44.37
CA PRO RC 81 -56.53 11.83 43.88
C PRO RC 81 -56.26 10.35 43.70
N SER RC 82 -57.29 9.55 43.90
CA SER RC 82 -57.16 8.11 43.95
C SER RC 82 -57.32 7.48 42.56
N TYR RC 83 -56.73 6.29 42.41
CA TYR RC 83 -56.95 5.51 41.20
C TYR RC 83 -58.40 5.07 41.10
N ASP RC 84 -58.96 4.57 42.20
CA ASP RC 84 -60.34 4.15 42.25
C ASP RC 84 -60.94 4.59 43.58
N GLY RC 85 -62.22 4.91 43.55
CA GLY RC 85 -62.89 5.40 44.74
C GLY RC 85 -64.10 6.23 44.36
N THR RC 86 -64.61 6.96 45.34
CA THR RC 86 -65.74 7.85 45.10
C THR RC 86 -65.38 8.94 44.11
N TYR RC 87 -64.19 9.51 44.22
CA TYR RC 87 -63.71 10.55 43.31
C TYR RC 87 -62.28 10.21 42.89
N THR RC 88 -62.06 10.15 41.58
CA THR RC 88 -60.78 9.76 40.99
C THR RC 88 -60.32 10.87 40.03
N MET RC 89 -59.26 10.58 39.27
CA MET RC 89 -58.75 11.55 38.31
C MET RC 89 -59.53 11.60 37.00
N GLU RC 90 -60.24 10.52 36.67
CA GLU RC 90 -61.10 10.55 35.48
C GLU RC 90 -62.15 11.64 35.60
N ASP RC 91 -62.67 11.84 36.82
CA ASP RC 91 -63.61 12.93 37.05
C ASP RC 91 -62.96 14.28 36.78
N ILE RC 92 -61.70 14.44 37.16
CA ILE RC 92 -60.99 15.70 36.92
C ILE RC 92 -60.84 15.96 35.42
N ARG RC 93 -60.46 14.94 34.66
CA ARG RC 93 -60.35 15.11 33.22
C ARG RC 93 -61.70 15.48 32.60
N ALA RC 94 -62.74 14.71 32.93
CA ALA RC 94 -64.07 15.01 32.41
C ALA RC 94 -64.50 16.42 32.78
N VAL RC 95 -64.05 16.91 33.94
CA VAL RC 95 -64.29 18.30 34.31
C VAL RC 95 -63.61 19.23 33.31
N PHE RC 96 -62.36 18.93 32.95
CA PHE RC 96 -61.64 19.83 32.05
C PHE RC 96 -62.35 19.96 30.72
N TYR RC 97 -62.83 18.86 30.16
CA TYR RC 97 -63.28 18.92 28.78
C TYR RC 97 -64.63 19.63 28.59
N ASN RC 98 -65.18 20.29 29.61
CA ASN RC 98 -66.46 20.98 29.49
C ASN RC 98 -66.44 22.33 30.20
N THR RC 99 -65.37 23.09 30.04
CA THR RC 99 -65.23 24.37 30.75
C THR RC 99 -65.89 25.48 29.95
N THR RC 100 -66.68 26.30 30.64
CA THR RC 100 -67.33 27.46 30.03
C THR RC 100 -67.71 28.44 31.13
N VAL RC 101 -67.67 29.74 30.79
CA VAL RC 101 -68.01 30.80 31.72
C VAL RC 101 -69.03 31.69 31.00
N GLY RC 102 -70.31 31.42 31.23
CA GLY RC 102 -71.38 32.16 30.59
C GLY RC 102 -71.82 33.35 31.41
N ARG RC 103 -72.87 34.01 30.93
CA ARG RC 103 -73.46 35.15 31.61
C ARG RC 103 -74.63 34.78 32.50
N ASP RC 104 -74.95 33.49 32.62
CA ASP RC 104 -76.09 33.06 33.41
C ASP RC 104 -75.73 31.79 34.17
N TYR RC 105 -76.51 31.50 35.20
CA TYR RC 105 -76.27 30.34 36.04
C TYR RC 105 -76.59 29.05 35.30
N CYS RC 106 -76.03 27.95 35.78
CA CYS RC 106 -76.45 26.61 35.42
C CYS RC 106 -77.40 26.15 36.51
N TYR RC 107 -78.70 26.41 36.30
CA TYR RC 107 -79.70 26.18 37.33
C TYR RC 107 -79.99 24.70 37.58
N CYS RC 108 -79.29 23.80 36.91
CA CYS RC 108 -79.39 22.38 37.20
C CYS RC 108 -78.54 22.07 38.42
N GLN RC 109 -79.17 21.61 39.49
CA GLN RC 109 -78.52 21.43 40.79
C GLN RC 109 -78.29 19.96 41.06
N MET RC 110 -77.04 19.62 41.35
CA MET RC 110 -76.72 18.27 41.79
C MET RC 110 -77.34 18.01 43.17
N ASP RC 111 -77.68 16.75 43.41
CA ASP RC 111 -78.26 16.40 44.71
C ASP RC 111 -77.23 16.61 45.81
N PRO RC 112 -77.56 17.34 46.87
CA PRO RC 112 -76.61 17.49 47.98
C PRO RC 112 -76.24 16.16 48.61
N GLU RC 113 -77.16 15.20 48.65
CA GLU RC 113 -76.82 13.88 49.14
C GLU RC 113 -75.77 13.21 48.26
N GLU RC 114 -75.90 13.37 46.93
CA GLU RC 114 -74.90 12.81 46.03
C GLU RC 114 -73.56 13.50 46.19
N ILE RC 115 -73.55 14.82 46.37
CA ILE RC 115 -72.30 15.53 46.60
C ILE RC 115 -71.64 15.05 47.90
N MET RC 116 -72.46 14.86 48.94
CA MET RC 116 -71.93 14.34 50.20
C MET RC 116 -71.38 12.94 50.04
N ARG RC 117 -72.02 12.12 49.18
CA ARG RC 117 -71.53 10.76 48.97
C ARG RC 117 -70.21 10.76 48.21
N ARG RC 118 -70.09 11.59 47.17
CA ARG RC 118 -68.85 11.64 46.40
C ARG RC 118 -67.70 12.16 47.24
N VAL RC 119 -67.95 13.16 48.08
CA VAL RC 119 -66.95 13.69 49.00
C VAL RC 119 -67.43 13.39 50.41
N PRO RC 120 -67.02 12.26 50.99
CA PRO RC 120 -67.68 11.80 52.23
C PRO RC 120 -67.60 12.78 53.39
N GLY RC 121 -66.50 13.51 53.53
CA GLY RC 121 -66.36 14.36 54.69
C GLY RC 121 -67.06 15.71 54.61
N ILE RC 122 -67.65 16.05 53.47
CA ILE RC 122 -68.26 17.35 53.31
C ILE RC 122 -69.62 17.38 54.01
N THR RC 123 -69.98 18.54 54.55
CA THR RC 123 -71.21 18.69 55.31
C THR RC 123 -72.37 19.09 54.41
N ARG RC 124 -73.58 19.03 54.97
CA ARG RC 124 -74.77 19.30 54.18
C ARG RC 124 -74.85 20.75 53.73
N LYS RC 125 -74.50 21.68 54.63
CA LYS RC 125 -74.59 23.10 54.28
C LYS RC 125 -73.65 23.46 53.14
N GLU RC 126 -72.43 22.93 53.17
CA GLU RC 126 -71.48 23.21 52.09
C GLU RC 126 -71.98 22.65 50.77
N ALA RC 127 -72.49 21.42 50.78
CA ALA RC 127 -73.00 20.83 49.55
C ALA RC 127 -74.16 21.64 48.99
N GLU RC 128 -75.09 22.06 49.85
CA GLU RC 128 -76.23 22.84 49.38
C GLU RC 128 -75.77 24.18 48.81
N PHE RC 129 -74.85 24.86 49.49
CA PHE RC 129 -74.37 26.15 48.99
C PHE RC 129 -73.65 25.98 47.66
N ILE RC 130 -72.88 24.90 47.51
CA ILE RC 130 -72.22 24.64 46.23
C ILE RC 130 -73.23 24.41 45.13
N THR RC 131 -74.32 23.69 45.44
CA THR RC 131 -75.38 23.52 44.46
C THR RC 131 -76.06 24.84 44.13
N LYS RC 132 -76.02 25.81 45.06
CA LYS RC 132 -76.62 27.11 44.82
C LYS RC 132 -75.72 28.06 44.03
N LEU RC 133 -74.54 27.63 43.63
CA LEU RC 133 -73.69 28.41 42.75
C LEU RC 133 -73.99 28.06 41.29
N GLY RC 134 -73.29 28.69 40.36
CA GLY RC 134 -73.60 28.54 38.95
C GLY RC 134 -72.85 27.47 38.21
N LEU RC 135 -72.18 26.56 38.90
CA LEU RC 135 -71.37 25.54 38.26
C LEU RC 135 -72.26 24.41 37.74
N SER RC 136 -71.85 23.83 36.61
CA SER RC 136 -72.49 22.62 36.13
C SER RC 136 -72.21 21.47 37.09
N PRO RC 137 -73.10 20.48 37.16
CA PRO RC 137 -72.97 19.46 38.24
C PRO RC 137 -71.61 18.80 38.34
N GLN RC 138 -70.93 18.54 37.23
CA GLN RC 138 -69.57 18.04 37.29
C GLN RC 138 -68.67 19.00 38.05
N GLU RC 139 -68.79 20.30 37.72
CA GLU RC 139 -67.98 21.30 38.40
C GLU RC 139 -68.40 21.48 39.84
N GLN RC 140 -69.68 21.25 40.15
CA GLN RC 140 -70.13 21.32 41.53
C GLN RC 140 -69.46 20.24 42.37
N VAL RC 141 -69.45 19.01 41.86
CA VAL RC 141 -68.81 17.92 42.60
C VAL RC 141 -67.30 18.15 42.69
N ASP RC 142 -66.68 18.62 41.60
CA ASP RC 142 -65.24 18.86 41.63
C ASP RC 142 -64.88 19.97 42.61
N PHE RC 143 -65.67 21.05 42.63
CA PHE RC 143 -65.44 22.14 43.56
C PHE RC 143 -65.65 21.68 44.99
N ALA RC 144 -66.64 20.83 45.23
CA ALA RC 144 -66.82 20.26 46.56
C ALA RC 144 -65.59 19.46 46.97
N TYR RC 145 -65.07 18.64 46.06
CA TYR RC 145 -63.88 17.86 46.35
C TYR RC 145 -62.70 18.75 46.72
N ILE RC 146 -62.44 19.77 45.90
CA ILE RC 146 -61.31 20.65 46.15
C ILE RC 146 -61.51 21.40 47.47
N ALA RC 147 -62.70 21.94 47.69
CA ALA RC 147 -62.97 22.73 48.87
C ALA RC 147 -62.82 21.91 50.14
N TYR RC 148 -63.33 20.68 50.14
CA TYR RC 148 -63.17 19.85 51.32
C TYR RC 148 -61.73 19.44 51.53
N ASN RC 149 -61.02 19.04 50.46
CA ASN RC 149 -59.67 18.54 50.63
C ASN RC 149 -58.71 19.62 51.09
N ILE RC 150 -58.83 20.83 50.54
CA ILE RC 150 -57.90 21.90 50.91
C ILE RC 150 -58.43 22.76 52.05
N GLY RC 151 -59.60 22.45 52.59
CA GLY RC 151 -60.14 23.25 53.67
C GLY RC 151 -60.61 24.63 53.25
N LEU RC 152 -61.06 24.77 52.01
CA LEU RC 152 -61.48 26.07 51.50
C LEU RC 152 -62.78 26.50 52.18
N ASP RC 153 -62.90 27.82 52.39
CA ASP RC 153 -64.14 28.42 52.88
C ASP RC 153 -64.94 28.90 51.68
N ILE RC 154 -66.02 28.19 51.36
CA ILE RC 154 -66.79 28.50 50.16
C ILE RC 154 -67.71 29.69 50.32
N PHE RC 155 -67.93 30.15 51.55
CA PHE RC 155 -68.81 31.28 51.81
C PHE RC 155 -68.08 32.61 51.75
N TYR RC 156 -66.79 32.60 51.42
CA TYR RC 156 -66.01 33.83 51.30
C TYR RC 156 -66.28 34.46 49.94
N PHE RC 157 -66.65 35.74 49.95
CA PHE RC 157 -66.96 36.46 48.72
C PHE RC 157 -65.69 37.04 48.12
N THR RC 158 -65.47 36.77 46.84
CA THR RC 158 -64.26 37.20 46.17
C THR RC 158 -64.24 38.71 46.00
N ASN RC 159 -63.13 39.33 46.38
CA ASN RC 159 -62.94 40.77 46.23
C ASN RC 159 -61.52 41.02 45.74
N GLN RC 160 -61.12 42.29 45.73
CA GLN RC 160 -59.80 42.66 45.25
C GLN RC 160 -58.75 42.67 46.34
N MET RC 161 -59.13 42.39 47.59
CA MET RC 161 -58.13 42.17 48.63
C MET RC 161 -57.65 40.72 48.61
N PHE RC 162 -58.56 39.78 48.81
CA PHE RC 162 -58.27 38.36 48.79
C PHE RC 162 -59.34 37.66 47.97
N VAL RC 163 -58.92 36.77 47.08
CA VAL RC 163 -59.89 36.06 46.26
C VAL RC 163 -60.42 34.81 46.96
N ALA RC 164 -59.72 34.29 47.96
CA ALA RC 164 -60.22 33.10 48.64
C ALA RC 164 -59.74 33.07 50.08
N ARG RC 165 -60.40 32.24 50.88
CA ARG RC 165 -60.03 32.01 52.27
C ARG RC 165 -60.07 30.53 52.55
N GLN RC 166 -59.09 30.05 53.32
CA GLN RC 166 -58.94 28.61 53.52
C GLN RC 166 -58.39 28.36 54.91
N VAL RC 167 -59.14 27.65 55.74
CA VAL RC 167 -58.73 27.37 57.12
C VAL RC 167 -58.11 25.98 57.16
N VAL RC 168 -56.83 25.92 57.53
CA VAL RC 168 -56.09 24.67 57.56
C VAL RC 168 -55.30 24.57 58.85
N THR RC 169 -55.25 23.38 59.42
CA THR RC 169 -54.44 23.11 60.60
C THR RC 169 -53.06 22.63 60.17
N ASN RC 170 -52.02 23.29 60.67
CA ASN RC 170 -50.66 22.97 60.27
C ASN RC 170 -50.16 21.77 61.07
N SER RC 171 -48.87 21.45 60.91
CA SER RC 171 -48.29 20.28 61.56
C SER RC 171 -48.25 20.41 63.08
N LYS RC 172 -48.32 21.64 63.60
CA LYS RC 172 -48.40 21.85 65.04
C LYS RC 172 -49.83 21.96 65.54
N GLY RC 173 -50.81 21.78 64.67
CA GLY RC 173 -52.20 21.85 65.06
C GLY RC 173 -52.67 23.22 65.53
N GLU RC 174 -52.29 24.27 64.81
CA GLU RC 174 -52.66 25.62 65.21
C GLU RC 174 -53.94 26.12 64.56
N LYS RC 175 -54.42 25.45 63.51
CA LYS RC 175 -55.65 25.81 62.83
C LYS RC 175 -55.59 27.25 62.31
N VAL RC 176 -54.58 27.51 61.48
CA VAL RC 176 -54.35 28.83 60.89
C VAL RC 176 -55.27 29.04 59.70
N GLU RC 177 -55.33 30.27 59.21
CA GLU RC 177 -56.06 30.59 57.99
C GLU RC 177 -55.11 31.17 56.96
N VAL RC 178 -55.40 30.88 55.69
CA VAL RC 178 -54.61 31.35 54.56
C VAL RC 178 -55.55 32.09 53.62
N LEU RC 179 -55.15 33.29 53.22
CA LEU RC 179 -55.97 34.14 52.37
C LEU RC 179 -55.32 34.24 51.00
N TRP RC 180 -56.00 33.71 49.99
CA TRP RC 180 -55.53 33.80 48.61
C TRP RC 180 -55.82 35.20 48.11
N ASN RC 181 -54.76 35.96 47.86
CA ASN RC 181 -54.87 37.35 47.46
C ASN RC 181 -55.37 37.47 46.03
N ALA RC 182 -55.75 38.69 45.67
CA ALA RC 182 -55.98 39.06 44.28
C ALA RC 182 -54.67 39.52 43.68
N GLN RC 183 -54.34 38.99 42.50
CA GLN RC 183 -53.04 39.20 41.90
C GLN RC 183 -53.18 39.99 40.60
N CYS RC 184 -52.03 40.39 40.06
CA CYS RC 184 -51.95 41.05 38.77
C CYS RC 184 -50.80 40.43 37.99
N TYR RC 185 -50.93 40.47 36.66
CA TYR RC 185 -49.96 39.83 35.77
C TYR RC 185 -48.84 40.82 35.46
N GLU RC 186 -47.78 40.75 36.24
CA GLU RC 186 -46.51 41.45 36.05
C GLU RC 186 -46.61 42.96 36.18
N ASP RC 187 -47.80 43.51 36.41
CA ASP RC 187 -48.03 44.95 36.28
C ASP RC 187 -48.62 45.49 37.58
N ILE RC 188 -47.78 46.11 38.41
CA ILE RC 188 -48.28 46.76 39.62
C ILE RC 188 -49.25 47.89 39.26
N ALA RC 189 -49.07 48.49 38.08
CA ALA RC 189 -50.00 49.53 37.62
C ALA RC 189 -51.40 48.97 37.45
N GLN RC 190 -51.53 47.69 37.12
CA GLN RC 190 -52.82 47.03 36.99
C GLN RC 190 -53.29 46.38 38.28
N LEU RC 191 -52.52 46.53 39.36
CA LEU RC 191 -52.87 45.91 40.64
C LEU RC 191 -53.83 46.82 41.40
N ASN RC 192 -54.93 46.23 41.88
CA ASN RC 192 -55.93 46.96 42.66
C ASN RC 192 -55.43 47.03 44.10
N VAL RC 193 -54.76 48.13 44.44
CA VAL RC 193 -54.24 48.35 45.78
C VAL RC 193 -55.37 48.99 46.58
N GLY RC 194 -56.24 48.15 47.12
CA GLY RC 194 -57.38 48.63 47.88
C GLY RC 194 -57.47 47.93 49.23
N PHE RC 195 -58.30 48.50 50.10
CA PHE RC 195 -58.50 47.97 51.44
C PHE RC 195 -59.99 47.76 51.71
N ALA RC 196 -60.76 47.48 50.67
CA ALA RC 196 -62.19 47.25 50.77
C ALA RC 196 -62.55 45.95 50.09
N PRO RC 197 -63.56 45.25 50.59
CA PRO RC 197 -64.02 44.00 49.96
C PRO RC 197 -64.88 44.25 48.73
N VAL RC 198 -64.31 44.95 47.75
CA VAL RC 198 -65.03 45.31 46.53
C VAL RC 198 -64.12 45.05 45.33
N LEU RC 199 -64.74 44.99 44.16
CA LEU RC 199 -64.00 44.72 42.92
C LEU RC 199 -63.53 45.98 42.21
N GLU RC 200 -64.13 47.13 42.49
CA GLU RC 200 -63.79 48.34 41.77
C GLU RC 200 -62.41 48.86 42.16
N SER RC 201 -61.87 49.73 41.30
CA SER RC 201 -60.60 50.41 41.56
C SER RC 201 -60.93 51.84 41.94
N VAL RC 202 -61.16 52.06 43.23
CA VAL RC 202 -61.63 53.35 43.73
C VAL RC 202 -60.46 54.19 44.23
N ASP RC 203 -59.45 53.53 44.78
CA ASP RC 203 -58.29 54.22 45.34
C ASP RC 203 -57.26 54.49 44.26
N TYR RC 204 -56.81 55.74 44.18
CA TYR RC 204 -55.73 56.15 43.28
C TYR RC 204 -54.64 56.79 44.12
N HIS RC 205 -53.44 56.24 44.06
CA HIS RC 205 -52.32 56.70 44.89
C HIS RC 205 -51.31 57.43 44.02
N TRP RC 206 -51.02 58.68 44.37
CA TRP RC 206 -49.97 59.39 43.67
C TRP RC 206 -48.60 58.81 44.00
N GLU RC 207 -48.38 58.44 45.25
CA GLU RC 207 -47.14 57.82 45.70
C GLU RC 207 -47.43 56.36 46.01
N ILE RC 208 -46.97 55.46 45.13
CA ILE RC 208 -47.26 54.04 45.30
C ILE RC 208 -46.51 53.46 46.48
N PHE RC 209 -45.22 53.79 46.61
CA PHE RC 209 -44.42 53.35 47.74
C PHE RC 209 -44.33 54.53 48.71
N LEU RC 210 -45.36 54.64 49.56
CA LEU RC 210 -45.53 55.85 50.37
C LEU RC 210 -44.36 56.06 51.32
N TRP RC 211 -43.90 54.99 51.96
CA TRP RC 211 -42.84 55.07 52.97
C TRP RC 211 -41.46 54.81 52.39
N ALA RC 212 -41.34 54.75 51.06
CA ALA RC 212 -40.12 54.44 50.33
C ALA RC 212 -39.65 53.01 50.53
N ASP RC 213 -40.46 52.15 51.14
CA ASP RC 213 -40.09 50.76 51.28
C ASP RC 213 -40.25 50.05 49.93
N PRO RC 214 -39.21 49.38 49.44
CA PRO RC 214 -39.30 48.80 48.11
C PRO RC 214 -40.19 47.57 48.11
N PRO RC 215 -40.82 47.24 46.98
CA PRO RC 215 -41.45 45.93 46.84
C PRO RC 215 -40.38 44.85 46.77
N ILE RC 216 -40.82 43.60 46.85
CA ILE RC 216 -39.89 42.48 46.86
C ILE RC 216 -40.37 41.39 45.91
N LYS RC 217 -39.42 40.78 45.22
CA LYS RC 217 -39.63 39.53 44.49
C LYS RC 217 -38.73 38.49 45.16
N PRO RC 218 -39.27 37.66 46.04
CA PRO RC 218 -38.40 36.74 46.80
C PRO RC 218 -37.83 35.65 45.92
N ASN RC 219 -36.52 35.49 45.98
CA ASN RC 219 -35.84 34.38 45.33
C ASN RC 219 -35.75 33.21 46.29
N ASN RC 220 -36.00 32.01 45.78
CA ASN RC 220 -36.03 30.80 46.58
C ASN RC 220 -34.73 30.04 46.42
N ASP RC 221 -34.14 29.62 47.53
CA ASP RC 221 -32.98 28.76 47.49
C ASP RC 221 -33.38 27.39 46.97
N PHE RC 222 -32.58 26.83 46.06
CA PHE RC 222 -32.89 25.52 45.50
C PHE RC 222 -32.82 24.44 46.56
N ASP RC 223 -31.87 24.55 47.50
CA ASP RC 223 -31.73 23.55 48.55
C ASP RC 223 -32.92 23.55 49.50
N LEU RC 224 -33.60 24.68 49.63
CA LEU RC 224 -34.72 24.83 50.55
C LEU RC 224 -36.07 24.73 49.86
N ASN RC 225 -36.10 24.33 48.59
CA ASN RC 225 -37.36 24.10 47.91
C ASN RC 225 -38.05 22.87 48.48
N VAL RC 226 -39.33 22.72 48.13
CA VAL RC 226 -40.13 21.57 48.53
C VAL RC 226 -40.73 20.99 47.26
N PRO RC 227 -40.95 19.68 47.17
CA PRO RC 227 -41.61 19.13 45.99
C PRO RC 227 -42.98 19.75 45.76
N CYS RC 228 -43.30 20.00 44.50
CA CYS RC 228 -44.55 20.67 44.16
C CYS RC 228 -45.73 19.78 44.53
N THR RC 229 -46.60 20.28 45.40
CA THR RC 229 -47.78 19.55 45.84
C THR RC 229 -49.05 20.40 45.75
N TRP RC 230 -48.96 21.60 45.20
CA TRP RC 230 -50.14 22.45 45.01
C TRP RC 230 -50.72 22.14 43.64
N PHE RC 231 -51.55 21.10 43.60
CA PHE RC 231 -52.16 20.63 42.36
C PHE RC 231 -51.09 20.38 41.31
N GLU RC 232 -50.03 19.67 41.71
CA GLU RC 232 -48.90 19.43 40.83
C GLU RC 232 -49.31 18.69 39.57
N TYR RC 233 -50.38 17.91 39.64
CA TYR RC 233 -50.82 17.07 38.54
C TYR RC 233 -51.54 17.84 37.45
N GLU RC 234 -51.44 19.17 37.43
CA GLU RC 234 -52.09 19.97 36.41
C GLU RC 234 -51.14 20.78 35.55
N GLN RC 235 -49.82 20.64 35.76
CA GLN RC 235 -48.89 21.51 35.04
C GLN RC 235 -48.91 21.27 33.54
N GLU RC 236 -48.95 20.00 33.11
CA GLU RC 236 -49.02 19.68 31.70
C GLU RC 236 -50.44 19.42 31.22
N TRP RC 237 -51.40 19.35 32.14
CA TRP RC 237 -52.79 19.00 31.84
C TRP RC 237 -53.31 19.70 30.60
N TRP RC 238 -53.33 21.04 30.64
CA TRP RC 238 -53.85 21.83 29.52
C TRP RC 238 -53.22 21.39 28.22
N MET RC 239 -51.89 21.30 28.17
CA MET RC 239 -51.21 20.90 26.94
C MET RC 239 -51.77 19.57 26.45
N GLU RC 240 -51.80 18.56 27.33
CA GLU RC 240 -52.28 17.26 26.93
C GLU RC 240 -53.73 17.34 26.47
N SER RC 241 -54.55 18.13 27.18
CA SER RC 241 -55.95 18.21 26.83
C SER RC 241 -56.17 18.98 25.55
N CYS RC 242 -55.20 19.78 25.12
CA CYS RC 242 -55.30 20.41 23.81
C CYS RC 242 -54.92 19.46 22.69
N ILE RC 243 -54.29 18.34 23.01
CA ILE RC 243 -53.81 17.38 22.02
C ILE RC 243 -54.80 16.23 21.92
N GLN RC 244 -55.50 15.95 23.02
CA GLN RC 244 -56.48 14.87 23.04
C GLN RC 244 -57.87 15.30 22.60
N GLU RC 245 -58.11 16.61 22.41
CA GLU RC 245 -59.41 17.04 21.91
C GLU RC 245 -59.59 16.67 20.44
N ASP RC 246 -58.50 16.66 19.67
CA ASP RC 246 -58.55 16.31 18.25
C ASP RC 246 -57.89 14.96 18.00
N GLN RC 247 -58.05 14.03 18.93
CA GLN RC 247 -57.50 12.70 18.84
C GLN RC 247 -58.64 11.69 18.91
N PHE RC 248 -58.61 10.69 18.03
CA PHE RC 248 -59.62 9.64 18.00
C PHE RC 248 -59.02 8.36 18.58
N ASN RC 249 -59.70 7.78 19.56
CA ASN RC 249 -59.18 6.66 20.31
C ASN RC 249 -59.86 5.37 19.90
N LEU RC 250 -59.07 4.33 19.75
CA LEU RC 250 -59.58 3.03 19.31
C LEU RC 250 -60.46 2.43 20.39
N PRO RC 251 -61.71 2.07 20.09
CA PRO RC 251 -62.57 1.47 21.11
C PRO RC 251 -62.01 0.14 21.60
N GLU RC 252 -62.30 -0.17 22.86
CA GLU RC 252 -61.83 -1.42 23.44
C GLU RC 252 -62.41 -2.64 22.73
N ASP RC 253 -63.51 -2.49 22.01
CA ASP RC 253 -64.02 -3.59 21.20
C ASP RC 253 -63.08 -3.94 20.06
N GLU RC 254 -62.30 -2.96 19.58
CA GLU RC 254 -61.42 -3.16 18.45
C GLU RC 254 -59.95 -3.27 18.84
N ARG RC 255 -59.58 -2.94 20.07
CA ARG RC 255 -58.19 -3.02 20.48
C ARG RC 255 -57.83 -4.47 20.75
N PRO RC 256 -56.81 -5.02 20.07
CA PRO RC 256 -56.43 -6.41 20.32
C PRO RC 256 -55.98 -6.62 21.76
N TYR RC 257 -56.31 -7.79 22.30
CA TYR RC 257 -56.07 -8.10 23.70
C TYR RC 257 -55.59 -9.53 23.82
N ASN RC 258 -54.97 -9.85 24.96
CA ASN RC 258 -54.43 -11.17 25.24
C ASN RC 258 -53.41 -11.59 24.18
N THR RC 259 -52.61 -10.63 23.72
CA THR RC 259 -51.55 -10.92 22.77
C THR RC 259 -50.45 -11.74 23.44
N PRO RC 260 -49.69 -12.50 22.66
CA PRO RC 260 -48.65 -13.35 23.26
C PRO RC 260 -47.63 -12.53 24.05
N ARG RC 261 -47.21 -13.08 25.18
CA ARG RC 261 -46.26 -12.43 26.06
C ARG RC 261 -44.89 -12.35 25.40
N ASN RC 262 -44.15 -11.28 25.70
CA ASN RC 262 -42.78 -11.18 25.25
C ASN RC 262 -41.94 -12.28 25.91
N PRO RC 263 -41.09 -12.97 25.15
CA PRO RC 263 -40.38 -14.13 25.72
C PRO RC 263 -39.48 -13.78 26.90
N HIS RC 264 -38.90 -12.58 26.90
CA HIS RC 264 -37.86 -12.23 27.88
C HIS RC 264 -38.37 -11.33 28.99
N CYS RC 265 -39.67 -11.10 29.08
CA CYS RC 265 -40.23 -10.21 30.09
C CYS RC 265 -41.38 -10.89 30.82
N ARG RC 266 -41.41 -10.72 32.14
CA ARG RC 266 -42.49 -11.21 32.97
C ARG RC 266 -42.84 -10.14 33.99
N LYS RC 267 -43.93 -10.36 34.73
CA LYS RC 267 -44.38 -9.37 35.69
C LYS RC 267 -43.38 -9.19 36.82
N GLU RC 268 -42.76 -10.28 37.28
CA GLU RC 268 -41.70 -10.20 38.28
C GLU RC 268 -40.42 -9.73 37.61
N LEU RC 269 -39.76 -8.75 38.22
CA LEU RC 269 -38.51 -8.24 37.67
C LEU RC 269 -37.45 -9.33 37.69
N TRP RC 270 -36.73 -9.47 36.58
CA TRP RC 270 -35.85 -10.62 36.40
C TRP RC 270 -34.61 -10.52 37.28
N ARG RC 271 -34.28 -11.63 37.91
CA ARG RC 271 -33.06 -11.78 38.69
C ARG RC 271 -32.38 -13.07 38.27
N SER RC 272 -31.09 -12.98 37.94
CA SER RC 272 -30.36 -14.18 37.54
C SER RC 272 -30.21 -15.13 38.71
N GLN RC 273 -30.18 -16.42 38.40
CA GLN RC 273 -30.04 -17.43 39.45
C GLN RC 273 -28.76 -17.23 40.26
N ASP RC 274 -27.69 -16.76 39.61
CA ASP RC 274 -26.47 -16.44 40.34
C ASP RC 274 -26.70 -15.32 41.34
N ALA RC 275 -27.45 -14.29 40.94
CA ALA RC 275 -27.72 -13.18 41.86
C ALA RC 275 -28.60 -13.64 43.03
N LEU RC 276 -29.60 -14.46 42.77
CA LEU RC 276 -30.44 -14.98 43.85
C LEU RC 276 -29.62 -15.83 44.82
N GLN RC 277 -28.74 -16.69 44.28
CA GLN RC 277 -27.87 -17.48 45.15
C GLN RC 277 -26.93 -16.60 45.95
N GLU RC 278 -26.41 -15.54 45.33
CA GLU RC 278 -25.51 -14.64 46.04
C GLU RC 278 -26.23 -13.92 47.18
N GLU RC 279 -27.47 -13.49 46.95
CA GLU RC 279 -28.25 -12.88 48.02
C GLU RC 279 -28.54 -13.89 49.13
N GLU RC 280 -28.86 -15.13 48.76
CA GLU RC 280 -29.08 -16.17 49.76
C GLU RC 280 -27.83 -16.38 50.62
N LEU RC 281 -26.65 -16.38 49.99
CA LEU RC 281 -25.41 -16.48 50.73
C LEU RC 281 -25.19 -15.26 51.62
N MET RC 282 -25.52 -14.07 51.11
CA MET RC 282 -25.34 -12.84 51.89
C MET RC 282 -26.28 -12.75 53.07
N VAL RC 283 -27.37 -13.52 53.06
CA VAL RC 283 -28.26 -13.53 54.23
C VAL RC 283 -27.50 -13.98 55.47
N ASN RC 284 -26.52 -14.87 55.32
CA ASN RC 284 -25.74 -15.34 56.45
C ASN RC 284 -24.96 -14.19 57.08
N GLU RC 285 -24.81 -14.24 58.40
CA GLU RC 285 -24.16 -13.16 59.14
C GLU RC 285 -22.65 -13.17 58.94
N ASN RC 286 -22.05 -14.35 58.78
CA ASN RC 286 -20.60 -14.49 58.67
C ASN RC 286 -20.09 -14.37 57.24
N TRP RC 287 -20.83 -13.66 56.38
CA TRP RC 287 -20.47 -13.57 54.97
C TRP RC 287 -19.25 -12.66 54.78
N TYR RC 288 -18.31 -13.13 53.98
CA TYR RC 288 -17.18 -12.33 53.52
C TYR RC 288 -16.90 -12.72 52.08
N PRO RC 289 -16.24 -11.84 51.31
CA PRO RC 289 -16.13 -12.07 49.85
C PRO RC 289 -15.50 -13.40 49.45
N LYS RC 290 -14.47 -13.86 50.18
CA LYS RC 290 -13.84 -15.16 49.95
C LYS RC 290 -13.06 -15.24 48.64
N ASN RC 291 -13.09 -14.19 47.83
CA ASN RC 291 -12.38 -14.18 46.56
C ASN RC 291 -11.13 -13.29 46.59
N THR RC 292 -10.79 -12.75 47.75
CA THR RC 292 -9.62 -11.90 47.86
C THR RC 292 -8.34 -12.73 47.79
N GLN RC 293 -7.26 -12.09 47.36
CA GLN RC 293 -5.97 -12.77 47.31
C GLN RC 293 -5.34 -12.91 48.68
N TYR RC 294 -5.56 -11.94 49.57
CA TYR RC 294 -5.05 -11.97 50.93
C TYR RC 294 -6.20 -12.07 51.92
N ASN RC 295 -5.87 -12.51 53.14
CA ASN RC 295 -6.85 -12.65 54.20
C ASN RC 295 -7.07 -11.30 54.88
N ILE RC 296 -7.77 -10.42 54.16
CA ILE RC 296 -7.93 -9.05 54.63
C ILE RC 296 -8.97 -8.95 55.74
N TYR RC 297 -9.93 -9.87 55.78
CA TYR RC 297 -10.95 -9.86 56.82
C TYR RC 297 -10.59 -10.76 58.01
N ASN RC 298 -9.39 -11.34 58.01
CA ASN RC 298 -8.88 -12.13 59.14
C ASN RC 298 -9.82 -13.28 59.48
N GLN RC 299 -10.45 -13.85 58.47
CA GLN RC 299 -11.41 -14.92 58.70
C GLN RC 299 -10.67 -16.22 59.00
N PRO RC 300 -11.06 -16.96 60.04
CA PRO RC 300 -10.35 -18.21 60.38
C PRO RC 300 -10.47 -19.29 59.31
N ASP RC 301 -11.47 -19.21 58.43
CA ASP RC 301 -11.73 -20.25 57.45
C ASP RC 301 -11.37 -19.79 56.04
N PHE RC 302 -10.28 -19.03 55.91
CA PHE RC 302 -9.88 -18.48 54.62
C PHE RC 302 -8.89 -19.42 53.93
N ILE RC 303 -9.21 -19.77 52.69
CA ILE RC 303 -8.34 -20.58 51.84
C ILE RC 303 -7.96 -19.75 50.63
N LYS RC 304 -6.67 -19.60 50.39
CA LYS RC 304 -6.20 -18.75 49.29
C LYS RC 304 -6.65 -19.33 47.96
N PRO RC 305 -7.33 -18.56 47.11
CA PRO RC 305 -7.97 -19.15 45.93
C PRO RC 305 -7.03 -19.44 44.77
N LYS RC 306 -5.89 -18.78 44.67
CA LYS RC 306 -5.01 -18.94 43.52
C LYS RC 306 -4.47 -20.36 43.42
N THR SC 67 -95.71 29.00 -29.70
CA THR SC 67 -94.40 28.57 -30.15
C THR SC 67 -94.38 28.33 -31.65
N LEU SC 68 -95.37 27.58 -32.14
CA LEU SC 68 -95.48 27.38 -33.59
C LEU SC 68 -95.78 28.68 -34.31
N LEU SC 69 -96.65 29.51 -33.73
CA LEU SC 69 -96.92 30.82 -34.31
C LEU SC 69 -95.68 31.69 -34.33
N TYR SC 70 -94.91 31.66 -33.23
CA TYR SC 70 -93.67 32.42 -33.17
C TYR SC 70 -92.67 31.94 -34.21
N GLY SC 71 -92.57 30.62 -34.40
CA GLY SC 71 -91.68 30.09 -35.41
C GLY SC 71 -92.09 30.48 -36.82
N ALA SC 72 -93.40 30.45 -37.10
CA ALA SC 72 -93.87 30.88 -38.41
C ALA SC 72 -93.59 32.36 -38.64
N ASN SC 73 -93.78 33.18 -37.60
CA ASN SC 73 -93.46 34.60 -37.72
C ASN SC 73 -91.97 34.81 -37.97
N GLN SC 74 -91.13 34.04 -37.28
CA GLN SC 74 -89.69 34.14 -37.51
C GLN SC 74 -89.32 33.75 -38.93
N SER SC 75 -89.96 32.70 -39.46
CA SER SC 75 -89.68 32.29 -40.83
C SER SC 75 -90.11 33.37 -41.83
N SER SC 76 -91.28 33.97 -41.60
CA SER SC 76 -91.72 35.05 -42.48
C SER SC 76 -90.77 36.24 -42.42
N LYS SC 77 -90.32 36.59 -41.21
CA LYS SC 77 -89.37 37.69 -41.08
C LYS SC 77 -88.04 37.36 -41.75
N ALA SC 78 -87.62 36.09 -41.69
CA ALA SC 78 -86.41 35.67 -42.38
C ALA SC 78 -86.54 35.84 -43.88
N ARG SC 79 -87.68 35.43 -44.44
CA ARG SC 79 -87.89 35.59 -45.88
C ARG SC 79 -87.90 37.07 -46.27
N GLU SC 80 -88.59 37.89 -45.48
CA GLU SC 80 -88.64 39.32 -45.76
C GLU SC 80 -87.26 39.95 -45.68
N ASN SC 81 -86.47 39.54 -44.68
CA ASN SC 81 -85.11 40.06 -44.55
C ASN SC 81 -84.23 39.62 -45.71
N LYS SC 82 -84.42 38.40 -46.21
CA LYS SC 82 -83.65 37.96 -47.37
C LYS SC 82 -83.99 38.80 -48.59
N VAL SC 83 -85.27 39.08 -48.81
CA VAL SC 83 -85.66 39.94 -49.92
C VAL SC 83 -85.07 41.33 -49.76
N ALA SC 84 -85.12 41.87 -48.53
CA ALA SC 84 -84.57 43.21 -48.29
C ALA SC 84 -83.07 43.23 -48.52
N THR SC 85 -82.35 42.19 -48.11
CA THR SC 85 -80.91 42.15 -48.32
C THR SC 85 -80.57 42.07 -49.81
N GLU SC 86 -81.35 41.29 -50.58
CA GLU SC 86 -81.13 41.28 -52.02
C GLU SC 86 -81.37 42.66 -52.63
N THR SC 87 -82.43 43.34 -52.19
CA THR SC 87 -82.71 44.68 -52.69
C THR SC 87 -81.56 45.65 -52.36
N ARG SC 88 -81.05 45.58 -51.14
CA ARG SC 88 -79.97 46.47 -50.73
C ARG SC 88 -78.68 46.17 -51.49
N LYS SC 89 -78.41 44.89 -51.75
CA LYS SC 89 -77.24 44.54 -52.57
C LYS SC 89 -77.38 45.11 -53.97
N GLU SC 90 -78.58 45.00 -54.56
CA GLU SC 90 -78.78 45.57 -55.89
C GLU SC 90 -78.60 47.08 -55.88
N ARG SC 91 -79.10 47.75 -54.84
CA ARG SC 91 -78.94 49.20 -54.74
C ARG SC 91 -77.46 49.58 -54.61
N MET SC 92 -76.72 48.86 -53.77
CA MET SC 92 -75.32 49.21 -53.52
C MET SC 92 -74.39 48.79 -54.64
N ALA SC 93 -74.82 47.88 -55.52
CA ALA SC 93 -73.97 47.48 -56.64
C ALA SC 93 -73.74 48.60 -57.64
N LYS SC 94 -74.60 49.61 -57.65
CA LYS SC 94 -74.47 50.71 -58.59
C LYS SC 94 -73.25 51.56 -58.23
N PRO SC 95 -72.66 52.25 -59.21
CA PRO SC 95 -71.53 53.13 -58.92
C PRO SC 95 -71.95 54.32 -58.08
N THR SC 96 -70.96 54.87 -57.37
CA THR SC 96 -71.22 55.95 -56.42
C THR SC 96 -71.69 57.21 -57.13
N ILE SC 97 -72.61 57.93 -56.49
CA ILE SC 97 -73.11 59.19 -57.00
C ILE SC 97 -72.30 60.32 -56.37
N GLN SC 98 -71.67 61.15 -57.21
CA GLN SC 98 -70.79 62.20 -56.71
C GLN SC 98 -71.58 63.40 -56.20
N LEU SC 99 -71.09 64.00 -55.11
CA LEU SC 99 -71.69 65.19 -54.50
C LEU SC 99 -70.55 66.12 -54.11
N THR SC 100 -70.25 67.04 -55.01
CA THR SC 100 -69.20 68.05 -54.83
C THR SC 100 -69.75 69.41 -55.23
N GLY SC 101 -69.16 70.45 -54.66
CA GLY SC 101 -69.64 71.79 -54.95
C GLY SC 101 -71.02 72.02 -54.35
N ALA SC 102 -71.82 72.81 -55.07
CA ALA SC 102 -73.14 73.19 -54.56
C ALA SC 102 -74.01 71.97 -54.28
N ASP SC 103 -73.83 70.89 -55.06
CA ASP SC 103 -74.62 69.68 -54.84
C ASP SC 103 -74.42 69.13 -53.44
N SER SC 104 -73.23 69.29 -52.88
CA SER SC 104 -73.01 68.88 -51.49
C SER SC 104 -73.74 69.79 -50.51
N GLN SC 105 -73.74 71.11 -50.79
CA GLN SC 105 -74.35 72.04 -49.86
C GLN SC 105 -75.86 71.90 -49.82
N ASN SC 106 -76.46 71.37 -50.89
CA ASN SC 106 -77.89 71.10 -50.95
C ASN SC 106 -78.06 69.65 -51.39
N PRO SC 107 -77.88 68.70 -50.46
CA PRO SC 107 -77.95 67.29 -50.85
C PRO SC 107 -79.35 66.94 -51.33
N PRO SC 108 -79.46 66.02 -52.29
CA PRO SC 108 -80.78 65.62 -52.79
C PRO SC 108 -81.59 64.82 -51.78
N PHE SC 109 -80.99 64.37 -50.68
CA PHE SC 109 -81.72 63.58 -49.69
C PHE SC 109 -82.76 64.45 -49.01
N THR SC 110 -83.97 63.89 -48.86
CA THR SC 110 -85.04 64.58 -48.16
C THR SC 110 -85.99 63.54 -47.59
N GLU SC 111 -86.84 63.97 -46.66
CA GLU SC 111 -87.77 63.05 -46.01
C GLU SC 111 -88.72 62.42 -47.02
N LYS SC 112 -89.00 63.10 -48.12
CA LYS SC 112 -89.95 62.60 -49.11
C LYS SC 112 -89.29 61.76 -50.19
N ASN SC 113 -88.05 62.07 -50.55
CA ASN SC 113 -87.34 61.38 -51.62
C ASN SC 113 -86.38 60.32 -51.11
N ILE SC 114 -86.40 60.04 -49.80
CA ILE SC 114 -85.39 59.17 -49.20
C ILE SC 114 -85.46 57.77 -49.78
N ASN SC 115 -86.66 57.29 -50.12
CA ASN SC 115 -86.78 55.95 -50.69
C ASN SC 115 -86.04 55.82 -52.02
N ASP SC 116 -85.80 56.93 -52.71
CA ASP SC 116 -85.03 56.85 -53.95
C ASP SC 116 -83.55 56.66 -53.66
N TRP SC 117 -83.03 57.30 -52.61
CA TRP SC 117 -81.62 57.26 -52.26
C TRP SC 117 -81.32 56.31 -51.12
N LEU SC 118 -82.31 55.54 -50.66
CA LEU SC 118 -82.11 54.70 -49.49
C LEU SC 118 -81.11 53.59 -49.78
N TYR SC 119 -80.16 53.40 -48.86
CA TYR SC 119 -79.11 52.39 -48.99
C TYR SC 119 -78.38 52.52 -50.31
N LYS SC 120 -78.01 53.75 -50.65
CA LYS SC 120 -77.40 54.02 -51.95
C LYS SC 120 -76.09 54.77 -51.77
N THR SC 121 -75.07 54.41 -52.55
CA THR SC 121 -73.72 54.89 -52.30
C THR SC 121 -73.52 56.26 -52.95
N VAL SC 122 -73.26 57.27 -52.13
CA VAL SC 122 -72.90 58.60 -52.60
C VAL SC 122 -71.50 58.92 -52.09
N SER SC 123 -70.91 59.97 -52.64
CA SER SC 123 -69.59 60.45 -52.23
C SER SC 123 -69.72 61.96 -52.05
N ILE SC 124 -69.93 62.40 -50.81
CA ILE SC 124 -70.31 63.78 -50.52
C ILE SC 124 -69.13 64.47 -49.84
N THR SC 125 -68.93 65.75 -50.18
CA THR SC 125 -67.90 66.54 -49.52
C THR SC 125 -68.51 67.49 -48.49
N GLY SC 126 -67.88 67.55 -47.32
CA GLY SC 126 -68.36 68.40 -46.23
C GLY SC 126 -67.40 68.31 -45.07
N ARG SC 127 -67.71 69.03 -44.00
CA ARG SC 127 -66.79 69.07 -42.87
C ARG SC 127 -67.43 68.45 -41.63
N PRO SC 128 -66.80 67.44 -41.03
CA PRO SC 128 -67.38 66.79 -39.85
C PRO SC 128 -67.03 67.52 -38.56
N ILE SC 129 -67.92 67.41 -37.59
CA ILE SC 129 -67.78 68.06 -36.29
C ILE SC 129 -67.51 66.98 -35.27
N HIS SC 130 -66.22 66.76 -34.94
CA HIS SC 130 -65.86 65.73 -33.98
C HIS SC 130 -66.12 66.16 -32.54
N GLY SC 131 -66.32 67.45 -32.29
CA GLY SC 131 -66.59 67.90 -30.93
C GLY SC 131 -67.91 67.41 -30.40
N LYS SC 132 -68.96 67.45 -31.23
CA LYS SC 132 -70.31 67.06 -30.83
C LYS SC 132 -70.66 65.66 -31.33
N GLY SC 133 -69.69 64.75 -31.35
CA GLY SC 133 -69.97 63.41 -31.84
C GLY SC 133 -70.81 62.61 -30.84
N MET SC 134 -71.80 61.90 -31.38
CA MET SC 134 -72.61 60.98 -30.60
C MET SC 134 -72.02 59.58 -30.70
N MET SC 135 -72.08 58.85 -29.59
CA MET SC 135 -71.52 57.50 -29.49
C MET SC 135 -72.66 56.54 -29.21
N ILE SC 136 -73.23 55.97 -30.26
CA ILE SC 136 -74.33 55.03 -30.11
C ILE SC 136 -73.76 53.68 -29.67
N PRO SC 137 -74.16 53.13 -28.54
CA PRO SC 137 -73.55 51.87 -28.08
C PRO SC 137 -73.77 50.75 -29.08
N ALA SC 138 -72.70 50.00 -29.33
CA ALA SC 138 -72.75 48.90 -30.30
C ALA SC 138 -71.60 47.94 -29.99
N LYS SC 139 -71.74 46.72 -30.49
CA LYS SC 139 -70.75 45.68 -30.29
C LYS SC 139 -70.30 45.16 -31.65
N SER SC 140 -68.98 45.07 -31.84
CA SER SC 140 -68.41 44.64 -33.11
C SER SC 140 -67.29 43.66 -32.84
N TYR SC 141 -67.48 42.40 -33.26
CA TYR SC 141 -66.49 41.33 -33.10
C TYR SC 141 -66.07 41.19 -31.64
N GLY SC 142 -67.06 41.15 -30.76
CA GLY SC 142 -66.82 40.93 -29.34
C GLY SC 142 -66.34 42.15 -28.59
N LEU SC 143 -66.19 43.30 -29.25
CA LEU SC 143 -65.75 44.52 -28.60
C LEU SC 143 -66.97 45.41 -28.34
N HIS SC 144 -67.15 45.80 -27.09
CA HIS SC 144 -68.19 46.77 -26.74
C HIS SC 144 -67.62 48.16 -26.99
N GLY SC 145 -68.06 48.79 -28.07
CA GLY SC 145 -67.61 50.12 -28.43
C GLY SC 145 -68.79 51.00 -28.75
N PHE SC 146 -68.59 51.89 -29.73
CA PHE SC 146 -69.62 52.84 -30.12
C PHE SC 146 -69.58 53.05 -31.63
N GLU SC 147 -70.76 53.21 -32.21
CA GLU SC 147 -70.90 53.81 -33.53
C GLU SC 147 -70.72 55.31 -33.40
N TYR SC 148 -69.85 55.87 -34.23
CA TYR SC 148 -69.37 57.24 -34.09
C TYR SC 148 -70.14 58.13 -35.05
N LEU SC 149 -71.29 58.63 -34.61
CA LEU SC 149 -72.04 59.58 -35.41
C LEU SC 149 -71.48 60.99 -35.21
N VAL SC 150 -71.39 61.75 -36.29
CA VAL SC 150 -70.95 63.14 -36.20
C VAL SC 150 -71.90 64.02 -36.99
N PRO SC 151 -72.09 65.27 -36.58
CA PRO SC 151 -72.81 66.24 -37.42
C PRO SC 151 -71.94 66.66 -38.59
N PHE SC 152 -72.36 66.30 -39.79
CA PHE SC 152 -71.60 66.56 -41.01
C PHE SC 152 -72.11 67.84 -41.64
N VAL SC 153 -71.32 68.90 -41.55
CA VAL SC 153 -71.72 70.23 -42.02
C VAL SC 153 -71.40 70.35 -43.50
N THR SC 154 -72.43 70.63 -44.31
CA THR SC 154 -72.26 70.83 -45.74
C THR SC 154 -72.25 72.29 -46.13
N LYS SC 155 -73.22 73.08 -45.64
CA LYS SC 155 -73.29 74.50 -45.89
C LYS SC 155 -73.38 75.25 -44.57
N GLU SC 156 -72.67 76.37 -44.48
CA GLU SC 156 -72.74 77.22 -43.31
C GLU SC 156 -72.38 78.65 -43.70
N ASN SC 157 -72.85 79.59 -42.90
CA ASN SC 157 -72.53 81.00 -43.10
C ASN SC 157 -71.15 81.31 -42.53
N GLU SC 158 -70.66 82.51 -42.84
CA GLU SC 158 -69.31 82.90 -42.43
C GLU SC 158 -69.17 82.94 -40.92
N ASP SC 159 -70.19 83.46 -40.24
CA ASP SC 159 -70.13 83.53 -38.78
C ASP SC 159 -70.21 82.15 -38.14
N GLY SC 160 -70.82 81.18 -38.82
CA GLY SC 160 -70.96 79.84 -38.29
C GLY SC 160 -72.14 79.62 -37.38
N SER SC 161 -72.94 80.66 -37.12
CA SER SC 161 -74.13 80.49 -36.28
C SER SC 161 -75.18 79.62 -36.96
N VAL SC 162 -75.35 79.77 -38.27
CA VAL SC 162 -76.34 79.02 -39.03
C VAL SC 162 -75.62 77.94 -39.83
N GLN SC 163 -75.92 76.69 -39.53
CA GLN SC 163 -75.32 75.55 -40.21
C GLN SC 163 -76.40 74.57 -40.62
N GLU SC 164 -76.18 73.90 -41.75
CA GLU SC 164 -77.04 72.82 -42.20
C GLU SC 164 -76.17 71.66 -42.65
N GLY SC 165 -76.69 70.45 -42.49
CA GLY SC 165 -75.93 69.27 -42.86
C GLY SC 165 -76.68 67.97 -42.68
N LEU SC 166 -75.96 66.93 -42.29
CA LEU SC 166 -76.51 65.59 -42.16
C LEU SC 166 -75.87 64.92 -40.95
N ILE SC 167 -76.16 63.64 -40.75
CA ILE SC 167 -75.54 62.82 -39.72
C ILE SC 167 -74.69 61.77 -40.41
N LEU SC 168 -73.43 61.66 -40.00
CA LEU SC 168 -72.46 60.80 -40.65
C LEU SC 168 -71.98 59.75 -39.66
N ASN SC 169 -72.20 58.48 -39.97
CA ASN SC 169 -71.71 57.37 -39.15
C ASN SC 169 -70.29 57.06 -39.60
N LEU SC 170 -69.31 57.47 -38.79
CA LEU SC 170 -67.92 57.27 -39.13
C LEU SC 170 -67.46 55.83 -38.95
N GLY SC 171 -68.27 54.98 -38.33
CA GLY SC 171 -67.93 53.59 -38.12
C GLY SC 171 -67.76 53.28 -36.64
N PHE SC 172 -67.27 52.07 -36.40
CA PHE SC 172 -67.07 51.59 -35.03
C PHE SC 172 -65.83 52.23 -34.42
N ILE SC 173 -65.97 52.75 -33.20
CA ILE SC 173 -64.83 53.24 -32.44
C ILE SC 173 -64.83 52.53 -31.09
N PRO SC 174 -63.69 51.98 -30.66
CA PRO SC 174 -63.68 51.22 -29.41
C PRO SC 174 -64.01 52.09 -28.21
N ARG SC 175 -64.42 51.43 -27.13
CA ARG SC 175 -64.83 52.14 -25.92
C ARG SC 175 -63.68 52.90 -25.28
N GLU SC 176 -62.44 52.41 -25.45
CA GLU SC 176 -61.31 53.06 -24.81
C GLU SC 176 -61.03 54.44 -25.40
N TYR SC 177 -61.20 54.60 -26.70
CA TYR SC 177 -60.86 55.81 -27.41
C TYR SC 177 -62.05 56.72 -27.67
N ALA SC 178 -63.23 56.38 -27.14
CA ALA SC 178 -64.42 57.21 -27.39
C ALA SC 178 -64.25 58.63 -26.88
N PRO SC 179 -63.78 58.89 -25.66
CA PRO SC 179 -63.59 60.28 -25.24
C PRO SC 179 -62.51 60.98 -26.05
N ILE SC 180 -62.75 62.26 -26.35
CA ILE SC 180 -61.83 63.02 -27.20
C ILE SC 180 -60.45 63.10 -26.56
N TRP SC 181 -60.41 63.29 -25.25
CA TRP SC 181 -59.13 63.37 -24.55
C TRP SC 181 -58.40 62.04 -24.49
N ALA SC 182 -59.04 60.94 -24.86
CA ALA SC 182 -58.40 59.64 -24.83
C ALA SC 182 -57.62 59.34 -26.10
N ARG SC 183 -57.70 60.19 -27.11
CA ARG SC 183 -57.06 59.95 -28.40
C ARG SC 183 -55.78 60.74 -28.51
N ALA SC 184 -54.81 60.18 -29.23
CA ALA SC 184 -53.53 60.83 -29.48
C ALA SC 184 -53.54 61.65 -30.75
N ARG SC 185 -54.70 62.18 -31.13
CA ARG SC 185 -54.86 62.96 -32.35
C ARG SC 185 -55.67 64.21 -32.04
N VAL SC 186 -55.47 65.23 -32.87
CA VAL SC 186 -56.34 66.39 -32.92
C VAL SC 186 -57.17 66.23 -34.19
N GLU SC 187 -58.48 66.04 -34.03
CA GLU SC 187 -59.32 65.65 -35.15
C GLU SC 187 -59.38 66.73 -36.21
N ASN SC 188 -59.45 66.30 -37.47
CA ASN SC 188 -59.51 67.19 -38.61
C ASN SC 188 -60.97 67.54 -38.90
N VAL SC 189 -61.30 68.82 -38.82
CA VAL SC 189 -62.67 69.29 -39.00
C VAL SC 189 -62.81 70.17 -40.24
N GLU SC 190 -61.89 70.03 -41.19
CA GLU SC 190 -61.96 70.81 -42.42
C GLU SC 190 -62.80 70.05 -43.45
N GLU SC 191 -62.86 70.57 -44.67
CA GLU SC 191 -63.65 69.95 -45.73
C GLU SC 191 -62.97 68.65 -46.17
N GLN SC 192 -63.70 67.55 -46.05
CA GLN SC 192 -63.23 66.24 -46.46
C GLN SC 192 -64.31 65.57 -47.29
N THR SC 193 -63.89 64.68 -48.19
CA THR SC 193 -64.81 63.94 -49.03
C THR SC 193 -64.96 62.54 -48.46
N PHE SC 194 -66.21 62.13 -48.21
CA PHE SC 194 -66.51 60.82 -47.64
C PHE SC 194 -67.44 60.07 -48.58
N THR SC 195 -67.09 58.83 -48.87
CA THR SC 195 -67.93 57.94 -49.66
C THR SC 195 -68.79 57.14 -48.68
N CYS SC 196 -70.07 57.46 -48.61
CA CYS SC 196 -70.97 56.88 -47.63
C CYS SC 196 -72.20 56.31 -48.32
N VAL SC 197 -72.75 55.26 -47.71
CA VAL SC 197 -74.03 54.72 -48.14
C VAL SC 197 -75.12 55.46 -47.38
N VAL SC 198 -76.04 56.08 -48.13
CA VAL SC 198 -77.24 56.63 -47.54
C VAL SC 198 -78.08 55.49 -47.00
N THR SC 199 -78.42 55.56 -45.71
CA THR SC 199 -79.05 54.49 -44.97
C THR SC 199 -80.11 55.08 -44.05
N ASP SC 200 -81.21 54.34 -43.87
CA ASP SC 200 -82.27 54.81 -42.99
C ASP SC 200 -81.79 54.91 -41.54
N GLY SC 201 -80.93 53.99 -41.12
CA GLY SC 201 -80.51 53.94 -39.74
C GLY SC 201 -81.55 53.24 -38.89
N LYS SC 202 -81.88 52.00 -39.26
CA LYS SC 202 -82.99 51.29 -38.66
C LYS SC 202 -82.58 50.49 -37.43
N HIS SC 203 -81.62 49.57 -37.59
CA HIS SC 203 -81.25 48.70 -36.48
C HIS SC 203 -80.61 49.48 -35.35
N LEU SC 204 -79.98 50.61 -35.66
CA LEU SC 204 -79.47 51.47 -34.59
C LEU SC 204 -80.61 52.09 -33.78
N SER SC 205 -81.73 52.41 -34.45
CA SER SC 205 -82.88 52.98 -33.77
C SER SC 205 -83.72 51.95 -33.04
N GLU SC 206 -83.45 50.66 -33.24
CA GLU SC 206 -84.23 49.59 -32.62
C GLU SC 206 -83.36 48.68 -31.77
N GLN SC 207 -82.26 49.21 -31.24
CA GLN SC 207 -81.32 48.42 -30.45
C GLN SC 207 -81.38 48.72 -28.96
N GLY SC 208 -82.08 49.78 -28.55
CA GLY SC 208 -82.09 50.15 -27.15
C GLY SC 208 -82.68 49.08 -26.25
N GLY SC 209 -83.79 48.48 -26.68
CA GLY SC 209 -84.48 47.51 -25.87
C GLY SC 209 -85.29 48.18 -24.77
N LEU SC 210 -85.99 47.35 -24.01
CA LEU SC 210 -86.79 47.86 -22.91
C LEU SC 210 -85.90 48.37 -21.78
N PHE SC 211 -86.44 49.29 -21.00
CA PHE SC 211 -85.77 49.87 -19.83
C PHE SC 211 -84.49 50.60 -20.23
N ALA SC 212 -84.44 51.15 -21.43
CA ALA SC 212 -83.31 51.92 -21.91
C ALA SC 212 -83.82 53.18 -22.59
N SER SC 213 -83.10 54.29 -22.38
CA SER SC 213 -83.47 55.56 -22.98
C SER SC 213 -82.23 56.44 -23.10
N ASN SC 214 -82.26 57.33 -24.09
CA ASN SC 214 -81.16 58.25 -24.32
C ASN SC 214 -81.23 59.44 -23.38
N LYS SC 215 -80.07 59.92 -22.97
CA LYS SC 215 -79.96 61.19 -22.25
C LYS SC 215 -79.22 62.17 -23.14
N PRO SC 216 -79.96 63.02 -23.89
CA PRO SC 216 -79.33 64.15 -24.57
C PRO SC 216 -79.26 65.36 -23.64
N CYS SC 217 -78.73 66.47 -24.16
CA CYS SC 217 -78.26 67.63 -23.38
C CYS SC 217 -76.98 67.21 -22.65
N GLU SC 218 -76.69 65.92 -22.74
CA GLU SC 218 -75.41 65.31 -22.47
C GLU SC 218 -75.22 64.25 -23.54
N ASN SC 219 -74.00 63.76 -23.70
CA ASN SC 219 -73.75 62.72 -24.68
C ASN SC 219 -73.97 61.35 -24.03
N GLN SC 220 -75.24 61.01 -23.83
CA GLN SC 220 -75.60 59.67 -23.38
C GLN SC 220 -76.60 59.09 -24.36
N TRP SC 221 -76.26 57.98 -24.99
CA TRP SC 221 -77.12 57.39 -25.99
C TRP SC 221 -77.25 55.89 -25.75
N GLU SC 222 -78.43 55.36 -26.09
CA GLU SC 222 -78.69 53.93 -26.10
C GLU SC 222 -79.18 53.43 -27.45
N TYR SC 223 -79.83 54.29 -28.23
CA TYR SC 223 -80.31 53.95 -29.57
C TYR SC 223 -80.33 55.22 -30.39
N ALA SC 224 -80.27 55.04 -31.71
CA ALA SC 224 -80.19 56.18 -32.63
C ALA SC 224 -81.60 56.73 -32.87
N ASP SC 225 -82.03 57.58 -31.95
CA ASP SC 225 -83.28 58.31 -32.11
C ASP SC 225 -83.02 59.47 -33.06
N LEU SC 226 -83.56 59.37 -34.28
CA LEU SC 226 -83.18 60.31 -35.34
C LEU SC 226 -83.57 61.74 -34.99
N ASP SC 227 -84.75 61.94 -34.43
CA ASP SC 227 -85.18 63.30 -34.09
C ASP SC 227 -84.29 63.89 -32.99
N GLN SC 228 -83.95 63.10 -31.99
CA GLN SC 228 -83.09 63.60 -30.91
C GLN SC 228 -81.68 63.90 -31.43
N LEU SC 229 -81.15 63.04 -32.30
CA LEU SC 229 -79.85 63.32 -32.89
C LEU SC 229 -79.89 64.59 -33.73
N ALA SC 230 -80.96 64.78 -34.50
CA ALA SC 230 -81.10 65.98 -35.31
C ALA SC 230 -81.17 67.23 -34.45
N LYS SC 231 -81.92 67.16 -33.34
CA LYS SC 231 -81.98 68.29 -32.42
C LYS SC 231 -80.61 68.57 -31.81
N HIS SC 232 -79.86 67.51 -31.48
CA HIS SC 232 -78.52 67.69 -30.93
C HIS SC 232 -77.59 68.36 -31.93
N THR SC 233 -77.75 68.02 -33.22
CA THR SC 233 -76.88 68.61 -34.24
C THR SC 233 -77.04 70.13 -34.29
N GLY SC 234 -78.27 70.62 -34.18
CA GLY SC 234 -78.52 72.04 -34.28
C GLY SC 234 -78.63 72.57 -35.68
N PHE SC 235 -78.64 71.70 -36.68
CA PHE SC 235 -78.75 72.13 -38.07
C PHE SC 235 -80.14 72.67 -38.35
N VAL SC 236 -80.20 73.64 -39.28
CA VAL SC 236 -81.47 74.28 -39.59
C VAL SC 236 -82.39 73.34 -40.36
N ASN SC 237 -81.84 72.54 -41.27
CA ASN SC 237 -82.65 71.63 -42.10
C ASN SC 237 -82.94 70.36 -41.29
N GLN SC 238 -83.86 70.51 -40.33
CA GLN SC 238 -84.11 69.43 -39.38
C GLN SC 238 -84.71 68.22 -40.06
N GLU SC 239 -85.60 68.42 -41.03
CA GLU SC 239 -86.26 67.30 -41.69
C GLU SC 239 -85.25 66.45 -42.45
N GLN SC 240 -84.34 67.08 -43.18
CA GLN SC 240 -83.34 66.34 -43.95
C GLN SC 240 -82.40 65.57 -43.03
N VAL SC 241 -82.02 66.18 -41.91
CA VAL SC 241 -81.18 65.49 -40.93
C VAL SC 241 -81.91 64.29 -40.36
N ARG SC 242 -83.19 64.45 -40.02
CA ARG SC 242 -83.99 63.35 -39.50
C ARG SC 242 -84.25 62.27 -40.53
N SER SC 243 -84.11 62.58 -41.82
CA SER SC 243 -84.49 61.63 -42.86
C SER SC 243 -83.65 60.36 -42.80
N CYS SC 244 -82.33 60.51 -42.70
CA CYS SC 244 -81.43 59.37 -42.85
C CYS SC 244 -80.08 59.70 -42.23
N ILE SC 245 -79.18 58.72 -42.25
CA ILE SC 245 -77.78 58.92 -41.89
C ILE SC 245 -76.92 58.30 -42.98
N LEU SC 246 -75.70 58.81 -43.12
CA LEU SC 246 -74.78 58.35 -44.15
C LEU SC 246 -73.68 57.54 -43.47
N GLU SC 247 -73.65 56.24 -43.75
CA GLU SC 247 -72.67 55.35 -43.13
C GLU SC 247 -71.39 55.31 -43.97
N HIS SC 248 -70.27 55.69 -43.37
CA HIS SC 248 -68.99 55.68 -44.06
C HIS SC 248 -68.62 54.26 -44.45
N VAL SC 249 -68.49 54.02 -45.76
CA VAL SC 249 -68.34 52.67 -46.29
C VAL SC 249 -67.13 52.62 -47.21
N ASN SC 250 -66.60 51.41 -47.40
CA ASN SC 250 -65.53 51.13 -48.34
C ASN SC 250 -66.10 50.30 -49.48
N THR SC 251 -66.10 50.86 -50.68
CA THR SC 251 -66.74 50.24 -51.84
C THR SC 251 -65.81 49.30 -52.60
N GLU SC 252 -64.58 49.09 -52.11
CA GLU SC 252 -63.65 48.14 -52.72
C GLU SC 252 -63.70 46.77 -52.05
N THR SC 253 -64.88 46.38 -51.55
CA THR SC 253 -65.07 45.17 -50.78
C THR SC 253 -66.19 44.35 -51.40
N PRO SC 254 -66.22 43.04 -51.15
CA PRO SC 254 -67.29 42.20 -51.71
C PRO SC 254 -68.67 42.66 -51.24
N ASN SC 255 -69.64 42.53 -52.14
CA ASN SC 255 -71.00 43.01 -51.90
C ASN SC 255 -71.92 41.95 -51.32
N ASP SC 256 -71.43 40.75 -51.03
CA ASP SC 256 -72.25 39.71 -50.44
C ASP SC 256 -72.40 39.94 -48.93
N GLU SC 257 -73.54 39.50 -48.39
CA GLU SC 257 -73.78 39.60 -46.97
C GLU SC 257 -73.14 38.47 -46.17
N ARG SC 258 -72.46 37.54 -46.84
CA ARG SC 258 -71.77 36.43 -46.21
C ARG SC 258 -70.27 36.67 -46.08
N ASP SC 259 -69.82 37.91 -46.27
CA ASP SC 259 -68.37 38.17 -46.26
C ASP SC 259 -67.77 38.00 -44.87
N CYS SC 260 -68.55 38.23 -43.82
CA CYS SC 260 -68.14 38.07 -42.43
C CYS SC 260 -66.97 38.98 -42.05
N ARG SC 261 -66.73 40.04 -42.82
CA ARG SC 261 -65.86 41.13 -42.42
C ARG SC 261 -66.69 42.41 -42.53
N HIS SC 262 -67.25 42.85 -41.41
CA HIS SC 262 -68.25 43.90 -41.42
C HIS SC 262 -67.67 45.30 -41.31
N ILE SC 263 -66.47 45.45 -40.73
CA ILE SC 263 -65.77 46.73 -40.73
C ILE SC 263 -64.47 46.56 -41.47
N ASP SC 264 -64.04 47.63 -42.14
CA ASP SC 264 -62.86 47.57 -43.00
C ASP SC 264 -61.61 47.55 -42.13
N ILE SC 265 -61.26 46.35 -41.69
CA ILE SC 265 -60.08 46.12 -40.85
C ILE SC 265 -59.40 44.84 -41.32
N CYS SC 266 -58.26 44.56 -40.71
CA CYS SC 266 -57.58 43.29 -40.79
C CYS SC 266 -57.60 42.64 -39.42
N SER SC 267 -57.05 41.42 -39.32
CA SER SC 267 -57.04 40.72 -38.04
C SER SC 267 -56.21 41.48 -37.01
N ASP SC 268 -55.09 42.06 -37.43
CA ASP SC 268 -54.24 42.80 -36.51
C ASP SC 268 -54.76 44.21 -36.20
N TYR SC 269 -55.88 44.60 -36.81
CA TYR SC 269 -56.50 45.90 -36.56
C TYR SC 269 -55.54 47.05 -36.89
N LYS SC 270 -54.75 46.88 -37.93
CA LYS SC 270 -53.74 47.88 -38.27
C LYS SC 270 -54.35 49.19 -38.77
N GLU SC 271 -55.65 49.22 -39.05
CA GLU SC 271 -56.30 50.45 -39.46
C GLU SC 271 -56.39 51.42 -38.28
N ASP SC 272 -56.98 52.58 -38.54
CA ASP SC 272 -57.11 53.63 -37.54
C ASP SC 272 -58.58 53.84 -37.20
N TYR SC 273 -58.87 53.95 -35.90
CA TYR SC 273 -60.24 54.15 -35.48
C TYR SC 273 -60.71 55.56 -35.83
N PRO SC 274 -61.99 55.74 -36.16
CA PRO SC 274 -63.02 54.70 -36.25
C PRO SC 274 -62.90 53.86 -37.51
N TYR SC 275 -63.37 52.62 -37.46
CA TYR SC 275 -63.21 51.69 -38.58
C TYR SC 275 -64.46 51.72 -39.44
N LYS SC 276 -64.28 52.08 -40.71
CA LYS SC 276 -65.41 52.21 -41.62
C LYS SC 276 -65.97 50.84 -41.99
N PHE SC 277 -67.21 50.83 -42.44
CA PHE SC 277 -67.89 49.59 -42.80
C PHE SC 277 -67.45 49.12 -44.19
N THR SC 278 -67.50 47.81 -44.38
CA THR SC 278 -67.44 47.24 -45.71
C THR SC 278 -68.86 47.16 -46.27
N ARG SC 279 -68.96 46.87 -47.57
CA ARG SC 279 -70.28 46.77 -48.17
C ARG SC 279 -71.11 45.64 -47.58
N SER SC 280 -70.47 44.64 -46.97
CA SER SC 280 -71.20 43.62 -46.23
C SER SC 280 -71.66 44.13 -44.87
N GLY SC 281 -70.91 45.06 -44.27
CA GLY SC 281 -71.30 45.59 -42.98
C GLY SC 281 -72.58 46.40 -43.03
N VAL SC 282 -72.77 47.16 -44.10
CA VAL SC 282 -74.00 47.94 -44.26
C VAL SC 282 -75.20 47.02 -44.40
N LEU SC 283 -75.05 45.94 -45.18
CA LEU SC 283 -76.13 44.99 -45.36
C LEU SC 283 -76.47 44.23 -44.08
N GLN SC 284 -75.62 44.28 -43.07
CA GLN SC 284 -75.70 43.39 -41.93
C GLN SC 284 -76.59 44.00 -40.85
N GLN SC 285 -77.70 43.35 -40.55
CA GLN SC 285 -78.52 43.69 -39.39
C GLN SC 285 -78.09 42.79 -38.24
N PRO SC 286 -77.52 43.33 -37.16
CA PRO SC 286 -76.95 42.47 -36.12
C PRO SC 286 -78.02 41.64 -35.42
N GLY SC 287 -77.90 40.32 -35.58
CA GLY SC 287 -78.77 39.38 -34.90
C GLY SC 287 -80.12 39.14 -35.54
N GLN SC 288 -80.42 39.80 -36.65
CA GLN SC 288 -81.71 39.65 -37.31
C GLN SC 288 -81.57 39.25 -38.77
N MET SC 289 -80.43 38.69 -39.16
CA MET SC 289 -80.29 38.20 -40.52
C MET SC 289 -81.14 36.96 -40.72
N TYR SC 290 -81.33 36.59 -41.99
CA TYR SC 290 -82.29 35.54 -42.30
C TYR SC 290 -81.86 34.19 -41.75
N TRP SC 291 -80.55 33.92 -41.66
CA TRP SC 291 -80.11 32.66 -41.09
C TRP SC 291 -80.39 32.58 -39.60
N ASP SC 292 -80.20 33.69 -38.88
CA ASP SC 292 -80.52 33.72 -37.46
C ASP SC 292 -82.01 33.50 -37.22
N LEU SC 293 -82.85 34.14 -38.04
CA LEU SC 293 -84.29 33.97 -37.88
C LEU SC 293 -84.71 32.55 -38.26
N ASN SC 294 -84.05 31.95 -39.26
CA ASN SC 294 -84.34 30.56 -39.59
C ASN SC 294 -83.96 29.62 -38.45
N LYS SC 295 -82.81 29.87 -37.81
CA LYS SC 295 -82.43 29.07 -36.65
C LYS SC 295 -83.42 29.22 -35.51
N SER SC 296 -83.87 30.46 -35.26
CA SER SC 296 -84.86 30.69 -34.22
C SER SC 296 -86.17 29.98 -34.53
N ALA SC 297 -86.59 30.02 -35.80
CA ALA SC 297 -87.82 29.34 -36.19
C ALA SC 297 -87.70 27.84 -36.00
N SER SC 298 -86.56 27.26 -36.38
CA SER SC 298 -86.36 25.83 -36.17
C SER SC 298 -86.37 25.48 -34.69
N TYR SC 299 -85.71 26.28 -33.87
CA TYR SC 299 -85.67 26.01 -32.43
C TYR SC 299 -87.07 26.08 -31.83
N TYR SC 300 -87.85 27.08 -32.21
CA TYR SC 300 -89.19 27.22 -31.65
C TYR SC 300 -90.13 26.14 -32.17
N SER SC 301 -89.98 25.70 -33.41
CA SER SC 301 -90.75 24.57 -33.90
C SER SC 301 -90.42 23.31 -33.12
N LEU SC 302 -89.13 23.07 -32.85
CA LEU SC 302 -88.75 21.91 -32.05
C LEU SC 302 -89.32 22.01 -30.64
N LEU SC 303 -89.28 23.19 -30.04
CA LEU SC 303 -89.82 23.37 -28.70
C LEU SC 303 -91.33 23.12 -28.68
N GLY SC 304 -92.05 23.64 -29.67
CA GLY SC 304 -93.49 23.45 -29.71
C GLY SC 304 -93.89 22.00 -29.95
N LEU SC 305 -93.22 21.33 -30.89
CA LEU SC 305 -93.56 19.95 -31.19
C LEU SC 305 -92.74 18.99 -30.33
N THR TC 125 39.81 0.09 -1.72
CA THR TC 125 40.87 0.39 -2.67
C THR TC 125 40.69 1.79 -3.24
N TYR TC 126 39.51 2.38 -3.01
CA TYR TC 126 39.25 3.73 -3.50
C TYR TC 126 40.22 4.73 -2.88
N TYR TC 127 40.48 4.61 -1.58
CA TYR TC 127 41.41 5.51 -0.92
C TYR TC 127 42.81 5.38 -1.48
N SER TC 128 43.28 4.14 -1.68
CA SER TC 128 44.62 3.92 -2.21
C SER TC 128 44.75 4.48 -3.63
N THR TC 129 43.75 4.21 -4.48
CA THR TC 129 43.81 4.72 -5.85
C THR TC 129 43.78 6.23 -5.89
N ASN TC 130 42.92 6.86 -5.07
CA ASN TC 130 42.85 8.32 -5.04
C ASN TC 130 44.15 8.91 -4.52
N LYS TC 131 44.74 8.30 -3.49
CA LYS TC 131 46.02 8.78 -2.98
C LYS TC 131 47.11 8.69 -4.03
N GLU TC 132 47.17 7.57 -4.76
CA GLU TC 132 48.16 7.45 -5.82
C GLU TC 132 47.93 8.47 -6.92
N ALA TC 133 46.67 8.68 -7.31
CA ALA TC 133 46.38 9.66 -8.35
C ALA TC 133 46.76 11.06 -7.92
N LEU TC 134 46.49 11.41 -6.66
CA LEU TC 134 46.85 12.73 -6.15
C LEU TC 134 48.36 12.91 -6.11
N ILE TC 135 49.07 11.91 -5.57
CA ILE TC 135 50.52 12.05 -5.43
C ILE TC 135 51.19 12.12 -6.78
N GLN TC 136 50.76 11.28 -7.72
CA GLN TC 136 51.41 11.24 -9.03
C GLN TC 136 51.11 12.49 -9.86
N ASN TC 137 49.87 12.97 -9.82
CA ASN TC 137 49.40 13.95 -10.79
C ASN TC 137 49.10 15.32 -10.18
N PHE TC 138 49.73 15.67 -9.06
CA PHE TC 138 49.55 16.98 -8.45
C PHE TC 138 50.88 17.73 -8.48
N GLU TC 139 50.87 18.92 -9.08
CA GLU TC 139 51.98 19.84 -9.04
C GLU TC 139 51.45 21.25 -8.78
N PRO TC 140 52.22 22.09 -8.10
CA PRO TC 140 51.79 23.48 -7.91
C PRO TC 140 51.74 24.22 -9.24
N LEU TC 141 50.99 25.31 -9.26
CA LEU TC 141 50.78 26.06 -10.49
C LEU TC 141 52.11 26.54 -11.09
N ASN TC 142 53.11 26.78 -10.25
CA ASN TC 142 54.48 27.07 -10.65
C ASN TC 142 54.62 28.38 -11.42
N ARG TC 143 53.56 29.18 -11.50
CA ARG TC 143 53.61 30.41 -12.27
C ARG TC 143 52.63 31.42 -11.70
N LYS TC 144 52.87 32.68 -12.02
CA LYS TC 144 51.94 33.75 -11.68
C LYS TC 144 50.91 33.91 -12.79
N PHE TC 145 49.65 34.07 -12.39
CA PHE TC 145 48.59 34.27 -13.38
C PHE TC 145 48.86 35.51 -14.22
N THR TC 146 48.76 35.36 -15.53
CA THR TC 146 49.05 36.45 -16.44
C THR TC 146 47.95 37.50 -16.39
N GLU TC 147 48.22 38.65 -17.01
CA GLU TC 147 47.23 39.72 -17.05
C GLU TC 147 45.98 39.28 -17.79
N GLU TC 148 46.15 38.55 -18.91
CA GLU TC 148 45.00 38.09 -19.67
C GLU TC 148 44.15 37.11 -18.86
N GLU TC 149 44.80 36.21 -18.12
CA GLU TC 149 44.06 35.26 -17.30
C GLU TC 149 43.27 35.97 -16.21
N VAL TC 150 43.89 36.96 -15.56
CA VAL TC 150 43.19 37.69 -14.50
C VAL TC 150 42.03 38.48 -15.08
N GLU TC 151 42.22 39.10 -16.25
CA GLU TC 151 41.12 39.82 -16.88
C GLU TC 151 39.98 38.89 -17.24
N GLN TC 152 40.30 37.69 -17.75
CA GLN TC 152 39.25 36.71 -18.04
C GLN TC 152 38.52 36.29 -16.78
N PHE TC 153 39.26 36.11 -15.68
CA PHE TC 153 38.62 35.79 -14.41
C PHE TC 153 37.68 36.90 -13.96
N LEU TC 154 38.10 38.16 -14.11
CA LEU TC 154 37.25 39.27 -13.73
C LEU TC 154 36.02 39.39 -14.64
N ARG TC 155 36.12 38.91 -15.88
CA ARG TC 155 35.00 38.94 -16.81
C ARG TC 155 34.18 37.66 -16.77
N ASN TC 156 34.56 36.68 -15.95
CA ASN TC 156 33.78 35.47 -15.82
C ASN TC 156 32.44 35.70 -15.14
N GLU TC 157 32.22 36.88 -14.54
CA GLU TC 157 30.88 37.25 -14.11
C GLU TC 157 29.92 37.35 -15.29
N GLY TC 158 30.44 37.58 -16.50
CA GLY TC 158 29.62 37.58 -17.69
C GLY TC 158 29.19 36.20 -18.16
N ARG TC 159 29.81 35.15 -17.64
CA ARG TC 159 29.35 33.80 -17.94
C ARG TC 159 28.01 33.55 -17.29
N SER TC 160 27.12 32.87 -18.02
CA SER TC 160 25.79 32.53 -17.54
C SER TC 160 25.69 31.02 -17.38
N GLN TC 161 25.08 30.59 -16.27
CA GLN TC 161 24.96 29.18 -15.94
C GLN TC 161 23.54 28.71 -16.22
N GLU TC 162 23.44 27.50 -16.79
CA GLU TC 162 22.21 26.82 -17.17
C GLU TC 162 21.50 27.46 -18.37
N GLU TC 163 22.01 28.57 -18.90
CA GLU TC 163 21.41 29.19 -20.08
C GLU TC 163 22.44 30.08 -20.74
N LYS TC 164 22.60 29.92 -22.05
CA LYS TC 164 23.63 30.67 -22.77
C LYS TC 164 23.32 32.15 -22.80
N ARG TC 165 24.37 32.97 -22.68
CA ARG TC 165 24.21 34.41 -22.72
C ARG TC 165 24.06 34.90 -24.16
N ASN TC 166 23.14 35.82 -24.37
CA ASN TC 166 22.95 36.44 -25.68
C ASN TC 166 23.98 37.54 -25.84
N TRP TC 167 25.01 37.28 -26.64
CA TRP TC 167 26.07 38.25 -26.87
C TRP TC 167 25.65 39.21 -27.98
N ILE TC 168 25.52 40.49 -27.63
CA ILE TC 168 25.16 41.54 -28.59
C ILE TC 168 26.39 42.40 -28.82
N TYR TC 169 26.63 42.76 -30.08
CA TYR TC 169 27.84 43.46 -30.48
C TYR TC 169 27.53 44.96 -30.61
N ASN TC 170 28.27 45.77 -29.87
CA ASN TC 170 28.20 47.22 -29.98
C ASN TC 170 29.58 47.72 -30.42
N PRO TC 171 29.72 48.21 -31.66
CA PRO TC 171 31.06 48.58 -32.16
C PRO TC 171 31.73 49.69 -31.38
N HIS TC 172 30.97 50.53 -30.69
CA HIS TC 172 31.57 51.66 -29.98
C HIS TC 172 32.14 51.27 -28.63
N ILE TC 173 31.78 50.09 -28.10
CA ILE TC 173 32.32 49.62 -26.84
C ILE TC 173 33.20 48.39 -27.01
N HIS TC 174 33.06 47.64 -28.09
CA HIS TC 174 33.82 46.42 -28.32
C HIS TC 174 34.90 46.56 -29.37
N GLY TC 175 34.74 47.48 -30.32
CA GLY TC 175 35.72 47.64 -31.37
C GLY TC 175 35.71 46.47 -32.34
N SER TC 176 36.78 46.40 -33.12
CA SER TC 176 37.01 45.34 -34.11
C SER TC 176 35.83 45.32 -35.08
N THR TC 177 35.49 44.14 -35.58
CA THR TC 177 34.30 43.94 -36.40
C THR TC 177 33.39 42.92 -35.72
N GLU TC 178 32.16 42.82 -36.21
CA GLU TC 178 31.19 41.93 -35.58
C GLU TC 178 31.64 40.48 -35.68
N GLY TC 179 32.13 40.05 -36.84
CA GLY TC 179 32.55 38.67 -37.00
C GLY TC 179 33.74 38.33 -36.12
N GLU TC 180 34.76 39.18 -36.10
CA GLU TC 180 35.94 38.92 -35.28
C GLU TC 180 35.58 38.95 -33.79
N TRP TC 181 34.77 39.92 -33.39
CA TRP TC 181 34.37 39.99 -31.98
C TRP TC 181 33.58 38.77 -31.57
N LYS TC 182 32.65 38.32 -32.41
CA LYS TC 182 31.86 37.15 -32.07
C LYS TC 182 32.72 35.89 -32.04
N ALA TC 183 33.69 35.78 -32.94
CA ALA TC 183 34.61 34.65 -32.90
C ALA TC 183 35.42 34.64 -31.62
N ASP TC 184 35.93 35.81 -31.21
CA ASP TC 184 36.69 35.89 -29.97
C ASP TC 184 35.82 35.56 -28.76
N ILE TC 185 34.57 36.03 -28.76
CA ILE TC 185 33.66 35.74 -27.66
C ILE TC 185 33.35 34.26 -27.60
N HIS TC 186 33.12 33.62 -28.76
CA HIS TC 186 32.87 32.18 -28.77
C HIS TC 186 34.09 31.42 -28.26
N GLU TC 187 35.28 31.86 -28.62
CA GLU TC 187 36.49 31.23 -28.11
C GLU TC 187 36.62 31.38 -26.61
N LYS TC 188 36.34 32.58 -26.09
CA LYS TC 188 36.57 32.86 -24.68
C LYS TC 188 35.53 32.23 -23.77
N PHE TC 189 34.25 32.29 -24.15
CA PHE TC 189 33.17 31.91 -23.25
C PHE TC 189 32.43 30.65 -23.69
N ASP TC 190 31.88 30.64 -24.91
CA ASP TC 190 30.99 29.56 -25.31
C ASP TC 190 31.74 28.24 -25.50
N SER TC 191 32.94 28.29 -26.09
CA SER TC 191 33.69 27.07 -26.34
C SER TC 191 34.14 26.38 -25.06
N GLY TC 192 34.21 27.12 -23.96
CA GLY TC 192 34.71 26.57 -22.71
C GLY TC 192 36.22 26.47 -22.63
N LYS TC 193 36.94 26.96 -23.63
CA LYS TC 193 38.39 26.87 -23.62
C LYS TC 193 38.98 27.81 -22.58
N ALA TC 194 39.89 27.30 -21.77
CA ALA TC 194 40.46 28.04 -20.66
C ALA TC 194 41.47 29.08 -21.17
N PRO TC 195 41.72 30.13 -20.36
CA PRO TC 195 42.71 31.13 -20.79
C PRO TC 195 44.10 30.57 -21.02
N TRP TC 196 44.51 29.56 -20.25
CA TRP TC 196 45.84 28.98 -20.43
C TRP TC 196 45.95 28.13 -21.70
N GLU TC 197 44.84 27.89 -22.39
CA GLU TC 197 44.86 27.14 -23.63
C GLU TC 197 44.97 28.03 -24.86
N ARG TC 198 45.08 29.35 -24.69
CA ARG TC 198 45.24 30.27 -25.80
C ARG TC 198 46.71 30.41 -26.16
N GLU TC 199 46.99 30.49 -27.46
CA GLU TC 199 48.38 30.48 -27.93
C GLU TC 199 49.15 31.70 -27.45
N HIS TC 200 48.55 32.89 -27.55
CA HIS TC 200 49.23 34.09 -27.10
C HIS TC 200 49.43 34.08 -25.59
N VAL TC 201 48.46 33.56 -24.84
CA VAL TC 201 48.62 33.42 -23.40
C VAL TC 201 49.74 32.45 -23.07
N LYS TC 202 49.83 31.34 -23.81
CA LYS TC 202 50.92 30.40 -23.60
C LYS TC 202 52.28 31.04 -23.89
N ALA TC 203 52.35 31.83 -24.96
CA ALA TC 203 53.59 32.53 -25.28
C ALA TC 203 53.97 33.51 -24.17
N LYS TC 204 52.98 34.24 -23.64
CA LYS TC 204 53.24 35.16 -22.54
C LYS TC 204 53.72 34.41 -21.31
N ILE TC 205 53.13 33.25 -21.03
CA ILE TC 205 53.55 32.43 -19.89
C ILE TC 205 55.00 31.97 -20.07
N LEU TC 206 55.33 31.48 -21.26
CA LEU TC 206 56.68 31.01 -21.51
C LEU TC 206 57.70 32.14 -21.63
N GLU TC 207 57.25 33.38 -21.79
CA GLU TC 207 58.16 34.52 -21.86
C GLU TC 207 58.38 35.16 -20.50
N THR TC 208 57.28 35.41 -19.76
CA THR TC 208 57.40 36.12 -18.49
C THR TC 208 58.01 35.27 -17.39
N ASN TC 209 58.09 33.95 -17.57
CA ASN TC 209 58.63 33.05 -16.57
C ASN TC 209 59.79 32.24 -17.14
N LYS TC 210 60.59 32.85 -18.00
CA LYS TC 210 61.73 32.16 -18.58
C LYS TC 210 62.82 31.86 -17.55
N ALA TC 211 62.89 32.65 -16.47
CA ALA TC 211 63.84 32.37 -15.41
C ALA TC 211 63.56 31.01 -14.77
N LYS TC 212 62.28 30.69 -14.56
CA LYS TC 212 61.93 29.37 -14.06
C LYS TC 212 62.06 28.31 -15.14
N ILE TC 213 61.90 28.69 -16.41
CA ILE TC 213 62.15 27.75 -17.50
C ILE TC 213 63.60 27.28 -17.48
N ASP TC 214 64.52 28.21 -17.26
CA ASP TC 214 65.91 27.85 -17.04
C ASP TC 214 66.04 27.04 -15.75
N ALA TC 215 67.20 26.41 -15.58
CA ALA TC 215 67.51 25.55 -14.44
C ALA TC 215 66.60 24.33 -14.37
N GLY TC 216 65.97 23.97 -15.49
CA GLY TC 216 65.20 22.74 -15.58
C GLY TC 216 63.94 22.65 -14.74
N GLU TC 217 63.13 23.72 -14.73
CA GLU TC 217 61.79 23.67 -14.15
C GLU TC 217 60.77 23.92 -15.25
N GLU TC 218 59.79 23.02 -15.35
CA GLU TC 218 58.77 23.11 -16.38
C GLU TC 218 57.53 23.78 -15.81
N ILE TC 219 57.00 24.75 -16.56
CA ILE TC 219 55.85 25.52 -16.11
C ILE TC 219 54.58 24.71 -16.32
N GLN TC 220 53.71 24.72 -15.31
CA GLN TC 220 52.41 24.08 -15.42
C GLN TC 220 51.37 25.10 -15.86
N LEU TC 221 50.62 24.75 -16.91
CA LEU TC 221 49.67 25.69 -17.50
C LEU TC 221 48.32 25.64 -16.79
N LYS TC 222 47.68 24.47 -16.80
CA LYS TC 222 46.35 24.33 -16.19
C LYS TC 222 46.50 24.03 -14.71
N PRO TC 223 45.89 24.81 -13.82
CA PRO TC 223 45.95 24.49 -12.39
C PRO TC 223 45.27 23.16 -12.10
N PHE TC 224 45.80 22.45 -11.11
CA PHE TC 224 45.29 21.14 -10.76
C PHE TC 224 43.88 21.22 -10.20
N LYS TC 225 43.08 20.21 -10.51
CA LYS TC 225 41.72 20.11 -9.99
C LYS TC 225 41.42 18.71 -9.48
N ASN UC 48 -44.41 129.63 9.26
CA ASN UC 48 -45.78 129.57 8.76
C ASN UC 48 -46.69 128.93 9.80
N ASN UC 49 -46.08 128.41 10.86
CA ASN UC 49 -46.72 127.71 11.97
C ASN UC 49 -47.27 126.35 11.56
N LEU UC 50 -47.21 125.99 10.29
CA LEU UC 50 -47.55 124.65 9.83
C LEU UC 50 -46.33 123.84 9.44
N ARG UC 51 -45.18 124.47 9.28
CA ARG UC 51 -43.95 123.77 8.95
C ARG UC 51 -43.26 123.34 10.23
N LEU UC 52 -42.98 122.05 10.34
CA LEU UC 52 -42.30 121.52 11.52
C LEU UC 52 -40.82 121.85 11.43
N LYS UC 53 -40.33 122.61 12.40
CA LYS UC 53 -38.91 122.91 12.45
C LYS UC 53 -38.13 121.63 12.74
N PRO UC 54 -36.87 121.55 12.30
CA PRO UC 54 -36.10 120.32 12.50
C PRO UC 54 -35.97 119.92 13.97
N TRP UC 55 -36.03 120.88 14.88
CA TRP UC 55 -35.89 120.63 16.31
C TRP UC 55 -37.24 120.64 17.03
N PHE UC 56 -38.32 120.30 16.32
CA PHE UC 56 -39.64 120.36 16.93
C PHE UC 56 -39.80 119.33 18.05
N HIS UC 57 -38.94 118.31 18.10
CA HIS UC 57 -39.03 117.28 19.11
C HIS UC 57 -37.92 117.37 20.16
N TRP UC 58 -36.95 118.26 19.98
CA TRP UC 58 -35.83 118.34 20.90
C TRP UC 58 -36.28 118.81 22.27
N THR UC 59 -35.62 118.28 23.31
CA THR UC 59 -35.85 118.71 24.66
C THR UC 59 -34.99 119.93 24.97
N ASP UC 60 -35.15 120.48 26.17
CA ASP UC 60 -34.37 121.66 26.56
C ASP UC 60 -32.89 121.34 26.60
N GLU UC 61 -32.53 120.16 27.11
CA GLU UC 61 -31.13 119.76 27.14
C GLU UC 61 -30.56 119.65 25.74
N GLU UC 62 -31.34 119.08 24.81
CA GLU UC 62 -30.87 118.94 23.43
C GLU UC 62 -30.70 120.30 22.76
N ARG UC 63 -31.64 121.23 22.99
CA ARG UC 63 -31.50 122.57 22.42
C ARG UC 63 -30.28 123.28 22.98
N SER UC 64 -30.08 123.20 24.29
CA SER UC 64 -28.92 123.84 24.91
C SER UC 64 -27.62 123.23 24.40
N HIS UC 65 -27.57 121.90 24.26
CA HIS UC 65 -26.37 121.27 23.74
C HIS UC 65 -26.13 121.65 22.28
N ALA UC 66 -27.19 121.78 21.49
CA ALA UC 66 -27.01 122.20 20.11
C ALA UC 66 -26.42 123.60 20.04
N ILE UC 67 -26.92 124.51 20.88
CA ILE UC 67 -26.36 125.86 20.90
C ILE UC 67 -24.90 125.83 21.35
N PHE UC 68 -24.59 125.04 22.38
CA PHE UC 68 -23.22 124.96 22.87
C PHE UC 68 -22.28 124.39 21.83
N SER UC 69 -22.70 123.33 21.13
CA SER UC 69 -21.87 122.75 20.09
C SER UC 69 -21.68 123.70 18.93
N ALA UC 70 -22.73 124.42 18.55
CA ALA UC 70 -22.60 125.40 17.47
C ALA UC 70 -21.61 126.49 17.84
N TYR UC 71 -21.68 126.99 19.07
CA TYR UC 71 -20.73 128.02 19.49
C TYR UC 71 -19.32 127.47 19.58
N GLU UC 72 -19.17 126.24 20.10
CA GLU UC 72 -17.84 125.64 20.25
C GLU UC 72 -17.23 125.34 18.89
N LYS UC 73 -18.04 124.93 17.92
CA LYS UC 73 -17.58 124.63 16.58
C LYS UC 73 -17.46 125.87 15.70
N ARG UC 74 -17.61 127.06 16.28
CA ARG UC 74 -17.45 128.32 15.56
C ARG UC 74 -18.46 128.49 14.43
N ILE UC 75 -19.63 127.89 14.58
CA ILE UC 75 -20.76 128.19 13.70
C ILE UC 75 -21.52 129.41 14.19
N LEU UC 76 -21.71 129.51 15.50
CA LEU UC 76 -22.28 130.69 16.13
C LEU UC 76 -21.14 131.56 16.66
N LYS UC 77 -21.22 132.86 16.38
CA LYS UC 77 -20.22 133.80 16.85
C LYS UC 77 -20.59 134.29 18.25
N SER UC 78 -19.64 135.00 18.88
CA SER UC 78 -19.91 135.60 20.18
C SER UC 78 -20.87 136.76 20.09
N GLU UC 79 -21.21 137.23 18.89
CA GLU UC 79 -22.17 138.31 18.72
C GLU UC 79 -23.61 137.84 18.79
N ASP UC 80 -23.86 136.54 18.74
CA ASP UC 80 -25.22 136.00 18.81
C ASP UC 80 -25.62 135.61 20.22
N LEU UC 81 -24.66 135.38 21.10
CA LEU UC 81 -24.87 134.92 22.47
C LEU UC 81 -25.33 135.98 23.47
N PRO UC 82 -24.87 137.24 23.41
CA PRO UC 82 -25.05 138.14 24.57
C PRO UC 82 -26.48 138.29 25.02
N SER UC 83 -27.46 138.26 24.12
CA SER UC 83 -28.85 138.28 24.54
C SER UC 83 -29.22 136.99 25.27
N PHE UC 84 -29.08 135.85 24.58
CA PHE UC 84 -29.46 134.57 25.15
C PHE UC 84 -28.79 134.35 26.50
N LEU UC 85 -27.47 134.53 26.55
CA LEU UC 85 -26.74 134.37 27.80
C LEU UC 85 -27.37 135.21 28.91
N ARG UC 86 -27.66 136.48 28.62
CA ARG UC 86 -28.28 137.34 29.61
C ARG UC 86 -29.57 136.70 30.14
N ALA UC 87 -30.45 136.30 29.22
CA ALA UC 87 -31.68 135.65 29.63
C ALA UC 87 -31.39 134.45 30.52
N ASN UC 88 -30.39 133.65 30.12
CA ASN UC 88 -30.02 132.49 30.91
C ASN UC 88 -29.77 132.87 32.35
N ARG UC 89 -28.96 133.90 32.58
CA ARG UC 89 -28.64 134.29 33.95
C ARG UC 89 -29.92 134.68 34.69
N ILE UC 90 -30.78 135.47 34.03
CA ILE UC 90 -32.03 135.86 34.67
C ILE UC 90 -32.81 134.62 35.07
N ASN UC 91 -32.86 133.63 34.17
CA ASN UC 91 -33.58 132.40 34.47
C ASN UC 91 -33.06 131.76 35.74
N ASN UC 92 -31.73 131.73 35.91
CA ASN UC 92 -31.17 131.17 37.13
C ASN UC 92 -31.66 131.95 38.35
N VAL UC 93 -31.63 133.28 38.27
CA VAL UC 93 -32.11 134.08 39.38
C VAL UC 93 -33.61 133.89 39.55
N SER UC 94 -34.32 133.54 38.47
CA SER UC 94 -35.74 133.29 38.58
C SER UC 94 -36.05 131.94 39.21
N THR UC 95 -35.04 131.09 39.43
CA THR UC 95 -35.26 129.76 39.97
C THR UC 95 -34.94 129.66 41.46
N TRP UC 96 -33.79 130.17 41.87
CA TRP UC 96 -33.33 130.02 43.24
C TRP UC 96 -33.73 131.18 44.14
N VAL UC 97 -34.45 132.17 43.61
CA VAL UC 97 -34.96 133.26 44.43
C VAL UC 97 -36.46 133.14 44.66
N PHE UC 98 -37.21 132.51 43.76
CA PHE UC 98 -38.66 132.43 43.88
C PHE UC 98 -39.13 131.92 45.24
N PRO UC 99 -38.63 130.78 45.77
CA PRO UC 99 -39.11 130.37 47.10
C PRO UC 99 -38.90 131.44 48.15
N LEU UC 100 -37.73 132.10 48.13
CA LEU UC 100 -37.53 133.25 49.01
C LEU UC 100 -38.63 134.28 48.81
N ILE UC 101 -38.85 134.69 47.56
CA ILE UC 101 -39.90 135.66 47.27
C ILE UC 101 -41.26 135.11 47.67
N ALA UC 102 -41.43 133.78 47.58
CA ALA UC 102 -42.71 133.19 47.92
C ALA UC 102 -42.85 132.86 49.40
N LEU UC 103 -41.80 133.06 50.19
CA LEU UC 103 -41.91 132.64 51.58
C LEU UC 103 -42.72 133.64 52.41
N PRO UC 104 -42.37 134.93 52.43
CA PRO UC 104 -43.20 135.86 53.21
C PRO UC 104 -44.51 136.20 52.55
N LEU UC 105 -44.57 136.21 51.21
CA LEU UC 105 -45.80 136.59 50.52
C LEU UC 105 -46.95 135.68 50.92
N PHE UC 106 -46.72 134.36 50.92
CA PHE UC 106 -47.75 133.44 51.39
C PHE UC 106 -48.09 133.71 52.85
N ASN UC 107 -47.07 134.01 53.67
CA ASN UC 107 -47.32 134.36 55.07
C ASN UC 107 -48.27 135.53 55.20
N GLN UC 108 -48.36 136.39 54.18
CA GLN UC 108 -49.28 137.50 54.20
C GLN UC 108 -50.57 137.24 53.44
N SER UC 109 -50.60 136.23 52.56
CA SER UC 109 -51.75 136.04 51.69
C SER UC 109 -52.45 134.70 51.90
N ILE UC 110 -51.71 133.60 51.84
CA ILE UC 110 -52.32 132.26 51.84
C ILE UC 110 -52.31 131.65 53.24
N PHE UC 111 -51.21 131.81 53.97
CA PHE UC 111 -51.06 131.15 55.27
C PHE UC 111 -51.83 131.85 56.38
N LYS UC 112 -52.46 132.99 56.10
CA LYS UC 112 -53.35 133.65 57.05
C LYS UC 112 -54.82 133.39 56.75
N LEU UC 113 -55.11 132.53 55.77
CA LEU UC 113 -56.49 132.23 55.40
C LEU UC 113 -57.13 131.33 56.44
N GLY UC 114 -58.42 131.03 56.25
CA GLY UC 114 -59.15 130.22 57.20
C GLY UC 114 -58.65 128.78 57.26
N PHE UC 115 -58.41 128.17 56.10
CA PHE UC 115 -57.93 126.80 56.06
C PHE UC 115 -56.55 126.68 56.70
N ALA UC 116 -55.66 127.61 56.37
CA ALA UC 116 -54.32 127.59 56.94
C ALA UC 116 -54.36 127.81 58.45
N GLN UC 117 -55.19 128.75 58.92
CA GLN UC 117 -55.29 128.96 60.36
C GLN UC 117 -55.88 127.75 61.07
N ARG UC 118 -56.85 127.09 60.44
CA ARG UC 118 -57.39 125.85 61.01
C ARG UC 118 -56.30 124.79 61.15
N ILE UC 119 -55.48 124.63 60.11
CA ILE UC 119 -54.38 123.68 60.18
C ILE UC 119 -53.40 124.08 61.28
N LEU UC 120 -53.11 125.38 61.39
CA LEU UC 120 -52.16 125.87 62.39
C LEU UC 120 -52.65 125.59 63.80
N LEU UC 121 -53.95 125.80 64.05
CA LEU UC 121 -54.47 125.74 65.40
C LEU UC 121 -54.88 124.34 65.83
N THR UC 122 -55.29 123.47 64.91
CA THR UC 122 -55.81 122.17 65.27
C THR UC 122 -54.88 121.01 64.88
N ARG UC 123 -53.62 121.28 64.54
CA ARG UC 123 -52.70 120.24 64.15
C ARG UC 123 -51.31 120.55 64.68
N PRO UC 124 -50.48 119.53 64.86
CA PRO UC 124 -49.14 119.75 65.42
C PRO UC 124 -48.30 120.67 64.56
N ALA UC 125 -47.27 121.25 65.18
CA ALA UC 125 -46.41 122.19 64.48
C ALA UC 125 -45.72 121.54 63.30
N ILE UC 126 -45.46 120.23 63.39
CA ILE UC 126 -44.81 119.54 62.27
C ILE UC 126 -45.76 119.47 61.07
N GLU UC 127 -47.05 119.28 61.32
CA GLU UC 127 -48.00 119.30 60.21
C GLU UC 127 -48.14 120.70 59.61
N TRP UC 128 -48.03 121.74 60.43
CA TRP UC 128 -48.02 123.10 59.91
C TRP UC 128 -46.80 123.34 59.03
N HIS UC 129 -45.63 122.89 59.48
CA HIS UC 129 -44.44 122.99 58.65
C HIS UC 129 -44.60 122.20 57.35
N CYS UC 130 -45.19 121.01 57.43
CA CYS UC 130 -45.41 120.20 56.24
C CYS UC 130 -46.34 120.90 55.27
N PHE UC 131 -47.42 121.52 55.77
CA PHE UC 131 -48.34 122.25 54.91
C PHE UC 131 -47.65 123.42 54.22
N LYS UC 132 -46.88 124.20 54.98
CA LYS UC 132 -46.18 125.34 54.39
C LYS UC 132 -45.17 124.88 53.34
N ILE UC 133 -44.39 123.85 53.65
CA ILE UC 133 -43.38 123.37 52.72
C ILE UC 133 -44.02 122.81 51.47
N ALA UC 134 -45.13 122.06 51.63
CA ALA UC 134 -45.81 121.50 50.47
C ALA UC 134 -46.39 122.59 49.58
N THR UC 135 -47.00 123.62 50.18
CA THR UC 135 -47.52 124.72 49.39
C THR UC 135 -46.42 125.44 48.64
N VAL UC 136 -45.30 125.74 49.32
CA VAL UC 136 -44.20 126.43 48.67
C VAL UC 136 -43.59 125.58 47.58
N ALA UC 137 -43.48 124.27 47.80
CA ALA UC 137 -42.89 123.40 46.79
C ALA UC 137 -43.80 123.26 45.57
N ALA UC 138 -45.12 123.17 45.78
CA ALA UC 138 -46.04 123.14 44.65
C ALA UC 138 -45.98 124.44 43.86
N SER UC 139 -45.92 125.58 44.56
CA SER UC 139 -45.79 126.86 43.87
C SER UC 139 -44.47 126.93 43.10
N TRP UC 140 -43.39 126.41 43.68
CA TRP UC 140 -42.11 126.42 43.01
C TRP UC 140 -42.13 125.56 41.75
N LEU UC 141 -42.75 124.39 41.81
CA LEU UC 141 -42.86 123.54 40.64
C LEU UC 141 -43.68 124.21 39.55
N ALA UC 142 -44.81 124.82 39.93
CA ALA UC 142 -45.63 125.53 38.96
C ALA UC 142 -44.86 126.69 38.34
N TRP UC 143 -44.07 127.40 39.14
CA TRP UC 143 -43.23 128.48 38.62
C TRP UC 143 -42.20 127.95 37.64
N LEU UC 144 -41.54 126.84 37.98
CA LEU UC 144 -40.54 126.28 37.08
C LEU UC 144 -41.15 125.88 35.75
N ASN UC 145 -42.32 125.26 35.77
CA ASN UC 145 -42.97 124.87 34.52
C ASN UC 145 -43.44 126.09 33.73
N PHE UC 146 -44.02 127.08 34.42
CA PHE UC 146 -44.60 128.25 33.77
C PHE UC 146 -43.97 129.51 34.37
N SER UC 147 -42.83 129.91 33.82
CA SER UC 147 -42.14 131.10 34.27
C SER UC 147 -41.95 132.05 33.10
N PRO UC 148 -42.23 133.35 33.25
CA PRO UC 148 -41.99 134.28 32.14
C PRO UC 148 -40.53 134.29 31.69
N PHE UC 149 -39.60 134.18 32.64
CA PHE UC 149 -38.18 134.18 32.28
C PHE UC 149 -37.76 132.88 31.62
N TYR UC 150 -38.38 131.76 32.03
CA TYR UC 150 -38.17 130.51 31.33
C TYR UC 150 -38.67 130.59 29.88
N ARG UC 151 -39.83 131.22 29.68
CA ARG UC 151 -40.32 131.42 28.32
C ARG UC 151 -39.37 132.30 27.52
N LYS UC 152 -38.83 133.35 28.13
CA LYS UC 152 -37.88 134.20 27.43
C LYS UC 152 -36.62 133.44 27.05
N LEU UC 153 -36.12 132.60 27.95
CA LEU UC 153 -34.95 131.78 27.64
C LEU UC 153 -35.24 130.82 26.49
N GLU UC 154 -36.42 130.21 26.49
CA GLU UC 154 -36.78 129.32 25.40
C GLU UC 154 -36.89 130.08 24.09
N ASN UC 155 -37.43 131.30 24.12
CA ASN UC 155 -37.51 132.11 22.91
C ASN UC 155 -36.13 132.45 22.38
N GLU UC 156 -35.19 132.79 23.28
CA GLU UC 156 -33.83 133.11 22.84
C GLU UC 156 -33.16 131.88 22.23
N LYS UC 157 -33.34 130.70 22.84
CA LYS UC 157 -32.79 129.48 22.27
C LYS UC 157 -33.42 129.19 20.91
N GLU UC 158 -34.72 129.45 20.77
CA GLU UC 158 -35.37 129.26 19.47
C GLU UC 158 -34.81 130.20 18.42
N TYR UC 159 -34.53 131.46 18.81
CA TYR UC 159 -33.94 132.40 17.87
C TYR UC 159 -32.55 131.95 17.43
N LEU UC 160 -31.75 131.45 18.38
CA LEU UC 160 -30.42 130.95 18.03
C LEU UC 160 -30.52 129.75 17.09
N LEU UC 161 -31.47 128.85 17.34
CA LEU UC 161 -31.64 127.71 16.45
C LEU UC 161 -32.12 128.14 15.07
N ASP UC 162 -32.97 129.17 15.00
CA ASP UC 162 -33.38 129.72 13.71
C ASP UC 162 -32.20 130.30 12.95
N THR UC 163 -31.31 131.01 13.67
CA THR UC 163 -30.09 131.52 13.03
C THR UC 163 -29.25 130.37 12.50
N LEU UC 164 -29.11 129.30 13.28
CA LEU UC 164 -28.36 128.14 12.83
C LEU UC 164 -28.96 127.53 11.58
N GLU UC 165 -30.28 127.37 11.56
CA GLU UC 165 -30.92 126.81 10.37
C GLU UC 165 -30.76 127.73 9.16
N SER UC 166 -30.73 129.06 9.39
CA SER UC 166 -30.48 129.98 8.30
C SER UC 166 -29.04 129.88 7.80
N ARG UC 167 -28.11 129.47 8.67
CA ARG UC 167 -26.71 129.40 8.26
C ARG UC 167 -26.35 128.06 7.61
N ILE UC 168 -26.66 126.94 8.28
CA ILE UC 168 -26.24 125.63 7.80
C ILE UC 168 -27.40 124.81 7.26
N GLY UC 169 -28.61 125.35 7.22
CA GLY UC 169 -29.72 124.63 6.62
C GLY UC 169 -30.13 123.42 7.45
N ILE UC 170 -30.47 122.34 6.75
CA ILE UC 170 -30.93 121.12 7.42
C ILE UC 170 -29.83 120.47 8.24
N ASN UC 171 -28.57 120.85 8.02
CA ASN UC 171 -27.47 120.29 8.79
C ASN UC 171 -27.47 120.76 10.24
N VAL UC 172 -28.46 121.54 10.66
CA VAL UC 172 -28.57 121.88 12.08
C VAL UC 172 -28.86 120.64 12.91
N LEU UC 173 -29.54 119.65 12.31
CA LEU UC 173 -29.78 118.39 13.01
C LEU UC 173 -28.50 117.63 13.30
N ASP UC 174 -27.41 117.97 12.61
CA ASP UC 174 -26.12 117.34 12.88
C ASP UC 174 -25.49 117.84 14.17
N LEU UC 175 -26.05 118.87 14.79
CA LEU UC 175 -25.53 119.38 16.05
C LEU UC 175 -26.00 118.59 17.27
N ASN UC 176 -26.97 117.69 17.10
CA ASN UC 176 -27.50 116.92 18.21
C ASN UC 176 -26.78 115.58 18.32
N ASP UC 177 -26.79 115.02 19.53
CA ASP UC 177 -26.13 113.75 19.80
C ASP UC 177 -26.93 113.02 20.89
N ALA UC 178 -26.34 111.95 21.42
CA ALA UC 178 -26.91 111.23 22.56
C ALA UC 178 -26.29 111.80 23.82
N LEU UC 179 -27.01 112.73 24.44
CA LEU UC 179 -26.47 113.48 25.56
C LEU UC 179 -26.36 112.60 26.81
N PRO UC 180 -25.43 112.93 27.71
CA PRO UC 180 -25.39 112.23 28.99
C PRO UC 180 -26.68 112.42 29.77
N ARG UC 181 -27.06 111.40 30.53
CA ARG UC 181 -28.38 111.36 31.14
C ARG UC 181 -28.56 112.48 32.15
N TRP UC 182 -27.55 112.74 32.97
CA TRP UC 182 -27.68 113.66 34.10
C TRP UC 182 -27.15 115.06 33.80
N THR UC 183 -26.67 115.32 32.59
CA THR UC 183 -26.30 116.67 32.22
C THR UC 183 -27.55 117.44 31.79
N THR UC 184 -27.71 118.64 32.32
CA THR UC 184 -28.96 119.38 32.20
C THR UC 184 -28.82 120.54 31.24
N SER UC 185 -29.97 121.10 30.87
CA SER UC 185 -30.00 122.28 30.01
C SER UC 185 -29.26 123.44 30.66
N GLN UC 186 -29.44 123.61 31.97
CA GLN UC 186 -28.70 124.66 32.68
C GLN UC 186 -27.21 124.40 32.62
N GLU UC 187 -26.80 123.13 32.73
CA GLU UC 187 -25.38 122.83 32.66
C GLU UC 187 -24.80 123.16 31.29
N TYR UC 188 -25.53 122.85 30.22
CA TYR UC 188 -25.05 123.20 28.89
C TYR UC 188 -25.01 124.71 28.69
N ASN UC 189 -26.01 125.42 29.22
CA ASN UC 189 -25.98 126.89 29.17
C ASN UC 189 -24.79 127.44 29.94
N ARG UC 190 -24.47 126.85 31.08
CA ARG UC 190 -23.32 127.29 31.85
C ARG UC 190 -22.02 127.00 31.11
N ARG UC 191 -21.95 125.88 30.39
CA ARG UC 191 -20.79 125.60 29.57
C ARG UC 191 -20.65 126.62 28.44
N THR UC 192 -21.77 127.00 27.83
CA THR UC 192 -21.73 128.05 26.80
C THR UC 192 -21.26 129.37 27.40
N GLN UC 193 -21.74 129.71 28.59
CA GLN UC 193 -21.31 130.94 29.25
C GLN UC 193 -19.83 130.89 29.57
N GLN UC 194 -19.34 129.74 30.03
CA GLN UC 194 -17.92 129.57 30.32
C GLN UC 194 -17.09 129.74 29.05
N LEU UC 195 -17.55 129.15 27.95
CA LEU UC 195 -16.82 129.30 26.69
C LEU UC 195 -16.82 130.74 26.22
N TYR UC 196 -17.93 131.45 26.41
CA TYR UC 196 -17.98 132.87 26.08
C TYR UC 196 -16.99 133.66 26.93
N ASN UC 197 -16.91 133.34 28.22
CA ASN UC 197 -15.96 134.04 29.10
C ASN UC 197 -14.52 133.74 28.68
N GLN UC 198 -14.25 132.51 28.25
CA GLN UC 198 -12.90 132.15 27.84
C GLN UC 198 -12.51 132.85 26.55
N ARG UC 199 -13.38 132.81 25.55
CA ARG UC 199 -13.06 133.42 24.26
C ARG UC 199 -13.08 134.93 24.32
N ASN UC 200 -14.11 135.51 24.95
CA ASN UC 200 -14.27 136.96 24.99
C ASN UC 200 -13.69 137.52 26.30
N GLY UC 201 -12.40 137.27 26.49
CA GLY UC 201 -11.75 137.75 27.68
C GLY UC 201 -10.26 137.51 27.61
N PHE UC 202 -9.60 137.75 28.74
CA PHE UC 202 -8.17 137.50 28.83
C PHE UC 202 -7.90 136.00 28.73
N PHE UC 203 -6.63 135.66 28.54
CA PHE UC 203 -6.12 134.30 28.39
C PHE UC 203 -6.56 133.65 27.08
N ALA UC 204 -7.29 134.35 26.22
CA ALA UC 204 -7.64 133.80 24.92
C ALA UC 204 -6.41 133.77 24.03
N GLY UC 205 -6.05 132.59 23.56
CA GLY UC 205 -4.80 132.39 22.87
C GLY UC 205 -3.64 131.97 23.74
N LEU UC 206 -3.79 132.09 25.06
CA LEU UC 206 -2.78 131.64 26.02
C LEU UC 206 -3.19 130.35 26.71
N LEU UC 207 -4.41 130.28 27.24
CA LEU UC 207 -4.93 129.08 27.87
C LEU UC 207 -6.10 128.45 27.12
N TYR UC 208 -6.80 129.21 26.29
CA TYR UC 208 -7.98 128.73 25.60
C TYR UC 208 -7.91 129.05 24.12
N PRO UC 209 -8.46 128.20 23.26
CA PRO UC 209 -8.43 128.47 21.83
C PRO UC 209 -9.21 129.73 21.49
N GLN UC 210 -8.73 130.43 20.47
CA GLN UC 210 -9.35 131.67 20.05
C GLN UC 210 -10.62 131.38 19.25
N GLU UC 211 -11.46 132.41 19.12
CA GLU UC 211 -12.72 132.25 18.41
C GLU UC 211 -12.54 132.26 16.90
N GLU UC 212 -11.47 132.85 16.40
CA GLU UC 212 -11.22 132.88 14.96
C GLU UC 212 -10.53 131.59 14.53
N SER UC 213 -11.10 130.93 13.54
CA SER UC 213 -10.55 129.67 13.06
C SER UC 213 -9.44 129.92 12.04
N SER UC 214 -8.42 129.05 12.07
CA SER UC 214 -7.29 129.12 11.17
C SER UC 214 -7.13 127.83 10.39
N ARG UC 215 -8.24 127.17 10.08
CA ARG UC 215 -8.17 125.88 9.40
C ARG UC 215 -7.59 126.04 8.00
N PRO UC 216 -6.86 125.04 7.53
CA PRO UC 216 -6.26 125.12 6.19
C PRO UC 216 -7.33 125.20 5.11
N LEU UC 217 -6.98 125.87 4.01
CA LEU UC 217 -7.87 126.01 2.86
C LEU UC 217 -7.59 124.88 1.89
N VAL UC 218 -8.45 123.86 1.88
CA VAL UC 218 -8.31 122.72 1.00
C VAL UC 218 -9.66 122.48 0.31
N ASP UC 219 -9.64 121.60 -0.68
CA ASP UC 219 -10.85 121.17 -1.36
C ASP UC 219 -11.29 119.83 -0.76
N ILE UC 220 -12.37 119.86 0.03
CA ILE UC 220 -12.79 118.67 0.75
C ILE UC 220 -13.23 117.55 -0.19
N ALA UC 221 -13.59 117.89 -1.42
CA ALA UC 221 -13.95 116.86 -2.39
C ALA UC 221 -12.76 115.97 -2.73
N SER UC 222 -11.56 116.55 -2.79
CA SER UC 222 -10.37 115.82 -3.18
C SER UC 222 -9.39 115.57 -2.04
N PHE UC 223 -9.48 116.33 -0.95
CA PHE UC 223 -8.53 116.17 0.14
C PHE UC 223 -8.73 114.81 0.82
N PRO UC 224 -7.64 114.13 1.18
CA PRO UC 224 -7.79 112.81 1.82
C PRO UC 224 -8.51 112.89 3.16
N LYS UC 225 -9.26 111.84 3.45
CA LYS UC 225 -10.05 111.74 4.66
C LYS UC 225 -9.51 110.65 5.57
N ASN UC 226 -9.83 110.77 6.87
CA ASN UC 226 -9.32 109.82 7.84
C ASN UC 226 -10.05 108.48 7.76
N LEU UC 227 -11.36 108.51 7.54
CA LEU UC 227 -12.19 107.32 7.55
C LEU UC 227 -12.52 106.88 6.13
N HIS UC 228 -12.39 105.58 5.87
CA HIS UC 228 -12.85 105.00 4.62
C HIS UC 228 -14.34 104.72 4.70
N LYS UC 229 -14.96 104.55 3.53
CA LYS UC 229 -16.41 104.34 3.49
C LYS UC 229 -16.81 103.04 4.17
N GLU UC 230 -16.09 101.96 3.89
CA GLU UC 230 -16.48 100.66 4.42
C GLU UC 230 -15.37 99.94 5.18
N LYS UC 231 -14.13 100.04 4.73
CA LYS UC 231 -13.03 99.26 5.28
C LYS UC 231 -12.20 100.10 6.24
N LEU UC 232 -11.22 99.44 6.86
CA LEU UC 232 -10.22 100.13 7.67
C LEU UC 232 -8.97 100.35 6.83
N THR UC 233 -8.38 101.53 6.97
CA THR UC 233 -7.23 101.92 6.17
C THR UC 233 -6.08 102.32 7.07
N LYS UC 234 -4.86 102.12 6.59
CA LYS UC 234 -3.67 102.54 7.30
C LYS UC 234 -2.66 103.18 6.36
N CYS VC 24 -50.83 83.48 51.92
CA CYS VC 24 -51.89 83.44 52.92
C CYS VC 24 -52.68 84.75 52.93
N ILE VC 25 -53.84 84.74 52.28
CA ILE VC 25 -54.66 85.94 52.13
C ILE VC 25 -55.80 85.86 53.12
N TYR VC 26 -55.87 86.83 54.03
CA TYR VC 26 -56.90 86.98 55.06
C TYR VC 26 -56.91 85.84 56.08
N GLN VC 27 -55.98 84.89 55.99
CA GLN VC 27 -55.89 83.79 56.93
C GLN VC 27 -54.45 83.64 57.37
N ALA VC 28 -54.23 83.50 58.67
CA ALA VC 28 -52.89 83.41 59.23
C ALA VC 28 -52.56 81.94 59.48
N TYR VC 29 -51.93 81.31 58.49
CA TYR VC 29 -51.51 79.92 58.61
C TYR VC 29 -50.11 79.81 59.21
N GLN VC 30 -49.14 80.50 58.62
CA GLN VC 30 -47.77 80.42 59.08
C GLN VC 30 -47.60 81.13 60.43
N ASN VC 31 -46.48 80.85 61.07
CA ASN VC 31 -46.15 81.45 62.37
C ASN VC 31 -44.95 82.37 62.20
N PRO VC 32 -45.15 83.69 62.18
CA PRO VC 32 -44.01 84.60 61.99
C PRO VC 32 -42.96 84.51 63.08
N LEU VC 33 -43.31 84.00 64.27
CA LEU VC 33 -42.32 83.82 65.32
C LEU VC 33 -41.27 82.79 64.97
N ARG VC 34 -41.50 81.97 63.94
CA ARG VC 34 -40.59 80.90 63.56
C ARG VC 34 -40.03 81.09 62.15
N HIS VC 35 -40.00 82.31 61.66
CA HIS VC 35 -39.48 82.61 60.33
C HIS VC 35 -38.66 83.88 60.37
N ILE VC 36 -37.52 83.87 59.67
CA ILE VC 36 -36.72 85.09 59.56
C ILE VC 36 -37.45 86.14 58.72
N ASN VC 37 -37.98 85.73 57.58
CA ASN VC 37 -38.59 86.64 56.62
C ASN VC 37 -39.99 86.14 56.29
N THR VC 38 -40.99 86.84 56.78
CA THR VC 38 -42.37 86.59 56.38
C THR VC 38 -42.65 87.40 55.13
N GLY VC 39 -43.00 86.71 54.04
CA GLY VC 39 -42.99 87.33 52.74
C GLY VC 39 -42.37 86.43 51.70
N HIS VC 40 -42.14 85.17 52.08
CA HIS VC 40 -41.81 84.14 51.11
C HIS VC 40 -43.00 83.80 50.22
N ASN VC 41 -44.22 84.12 50.66
CA ASN VC 41 -45.43 83.96 49.88
C ASN VC 41 -46.20 85.27 49.89
N PRO VC 42 -46.93 85.56 48.83
CA PRO VC 42 -47.78 86.76 48.82
C PRO VC 42 -48.87 86.66 49.86
N ASN VC 43 -48.90 87.62 50.78
CA ASN VC 43 -49.82 87.59 51.90
C ASN VC 43 -50.11 89.01 52.34
N ASN VC 44 -51.13 89.16 53.20
CA ASN VC 44 -51.49 90.45 53.76
C ASN VC 44 -51.72 90.35 55.27
N VAL VC 45 -51.25 89.27 55.91
CA VAL VC 45 -51.57 89.01 57.31
C VAL VC 45 -50.33 88.67 58.12
N TYR VC 46 -49.15 88.86 57.54
CA TYR VC 46 -47.91 88.53 58.21
C TYR VC 46 -47.01 89.75 58.33
N GLU VC 47 -46.27 89.81 59.43
CA GLU VC 47 -45.29 90.85 59.67
C GLU VC 47 -44.07 90.24 60.34
N ASP VC 48 -42.88 90.65 59.89
CA ASP VC 48 -41.65 90.15 60.47
C ASP VC 48 -41.51 90.57 61.92
N ILE VC 49 -41.04 89.66 62.76
CA ILE VC 49 -40.79 89.99 64.16
C ILE VC 49 -39.62 90.97 64.26
N VAL VC 50 -38.56 90.73 63.50
CA VAL VC 50 -37.45 91.67 63.39
C VAL VC 50 -37.71 92.49 62.13
N MET VC 51 -38.22 93.71 62.31
CA MET VC 51 -38.66 94.53 61.20
C MET VC 51 -37.45 95.17 60.51
N LEU VC 52 -37.72 96.14 59.63
CA LEU VC 52 -36.65 96.73 58.85
C LEU VC 52 -35.62 97.44 59.72
N GLY VC 53 -36.08 98.20 60.71
CA GLY VC 53 -35.19 98.94 61.56
C GLY VC 53 -34.75 98.24 62.82
N ASP VC 54 -35.11 96.98 63.00
CA ASP VC 54 -34.79 96.24 64.22
C ASP VC 54 -33.50 95.45 64.03
N TYR VC 55 -32.60 95.59 64.99
CA TYR VC 55 -31.32 94.89 64.96
C TYR VC 55 -31.00 94.33 66.33
N PRO VC 56 -31.13 93.02 66.53
CA PRO VC 56 -30.69 92.43 67.80
C PRO VC 56 -29.18 92.60 67.97
N VAL VC 57 -28.79 93.19 69.10
CA VAL VC 57 -27.40 93.51 69.36
C VAL VC 57 -27.04 93.08 70.78
N GLN VC 58 -25.74 92.94 71.02
CA GLN VC 58 -25.25 92.54 72.33
C GLN VC 58 -25.36 93.69 73.32
N ASN VC 59 -25.84 93.38 74.53
CA ASN VC 59 -25.74 94.34 75.62
C ASN VC 59 -24.29 94.60 75.98
N ARG VC 60 -23.48 93.55 76.05
CA ARG VC 60 -22.05 93.65 76.24
C ARG VC 60 -21.34 92.95 75.10
N THR VC 61 -20.29 93.58 74.58
CA THR VC 61 -19.47 92.99 73.55
C THR VC 61 -18.20 92.40 74.15
N HIS VC 62 -17.43 91.70 73.32
CA HIS VC 62 -16.17 91.12 73.76
C HIS VC 62 -15.01 92.08 73.54
N ASP VC 63 -15.18 93.31 74.01
CA ASP VC 63 -14.17 94.35 73.89
C ASP VC 63 -13.57 94.61 75.26
N LYS VC 64 -12.24 94.58 75.34
CA LYS VC 64 -11.59 94.77 76.62
C LYS VC 64 -11.81 96.19 77.13
N VAL VC 65 -12.08 96.30 78.41
CA VAL VC 65 -12.32 97.58 79.07
C VAL VC 65 -10.99 98.14 79.53
N ILE VC 66 -10.82 99.46 79.41
CA ILE VC 66 -9.58 100.09 79.81
C ILE VC 66 -9.32 99.84 81.29
N SER VC 67 -8.04 99.75 81.66
CA SER VC 67 -7.66 99.41 83.02
C SER VC 67 -8.19 100.44 84.01
N GLN VC 68 -8.83 99.95 85.08
CA GLN VC 68 -9.46 100.78 86.08
C GLN VC 68 -8.58 100.94 87.32
N THR VC 69 -7.26 100.86 87.17
CA THR VC 69 -6.37 100.93 88.32
C THR VC 69 -6.45 102.30 88.99
N TYR VC 70 -6.49 103.37 88.20
CA TYR VC 70 -6.43 104.73 88.73
C TYR VC 70 -7.78 105.43 88.75
N VAL VC 71 -8.86 104.76 88.33
CA VAL VC 71 -10.18 105.38 88.40
C VAL VC 71 -10.59 105.71 89.84
N PRO VC 72 -10.43 104.82 90.82
CA PRO VC 72 -10.72 105.23 92.21
C PRO VC 72 -9.87 106.41 92.68
N ALA VC 73 -8.60 106.47 92.29
CA ALA VC 73 -7.76 107.58 92.71
C ALA VC 73 -8.23 108.90 92.09
N ILE VC 74 -8.56 108.87 90.80
CA ILE VC 74 -9.06 110.07 90.13
C ILE VC 74 -10.35 110.54 90.78
N ALA VC 75 -11.27 109.60 91.04
CA ALA VC 75 -12.53 109.96 91.67
C ALA VC 75 -12.30 110.51 93.07
N ASN VC 76 -11.39 109.91 93.84
CA ASN VC 76 -11.14 110.37 95.19
C ASN VC 76 -10.58 111.79 95.20
N ILE VC 77 -9.61 112.06 94.31
CA ILE VC 77 -9.01 113.40 94.28
C ILE VC 77 -10.05 114.43 93.86
N ALA VC 78 -10.79 114.14 92.78
CA ALA VC 78 -11.77 115.10 92.28
C ALA VC 78 -12.85 115.36 93.32
N PHE VC 79 -13.37 114.31 93.96
CA PHE VC 79 -14.44 114.49 94.93
C PHE VC 79 -13.94 115.15 96.20
N THR VC 80 -12.70 114.89 96.61
CA THR VC 80 -12.16 115.61 97.77
C THR VC 80 -12.07 117.10 97.49
N HIS VC 81 -11.57 117.48 96.30
CA HIS VC 81 -11.49 118.89 95.97
C HIS VC 81 -12.88 119.52 95.91
N LEU VC 82 -13.82 118.84 95.27
CA LEU VC 82 -15.17 119.40 95.13
C LEU VC 82 -15.86 119.51 96.48
N SER VC 83 -15.64 118.54 97.37
CA SER VC 83 -16.21 118.61 98.70
C SER VC 83 -15.59 119.76 99.50
N LYS VC 84 -14.30 120.02 99.28
CA LYS VC 84 -13.71 121.24 99.84
C LYS VC 84 -14.40 122.47 99.29
N LYS VC 85 -14.85 122.42 98.03
CA LYS VC 85 -15.54 123.56 97.43
C LYS VC 85 -17.06 123.50 97.61
N TYR VC 86 -17.67 122.32 97.46
CA TYR VC 86 -19.11 122.15 97.53
C TYR VC 86 -19.46 121.14 98.61
N PRO VC 87 -19.57 121.58 99.86
CA PRO VC 87 -19.98 120.66 100.93
C PRO VC 87 -21.45 120.29 100.80
N GLN VC 88 -21.80 119.17 101.45
CA GLN VC 88 -23.15 118.63 101.45
C GLN VC 88 -23.63 118.27 100.04
N ALA VC 89 -22.71 117.96 99.14
CA ALA VC 89 -23.05 117.50 97.80
C ALA VC 89 -23.05 115.99 97.67
N GLY VC 90 -22.72 115.28 98.75
CA GLY VC 90 -22.69 113.83 98.69
C GLY VC 90 -21.63 113.27 97.76
N LEU VC 91 -20.47 113.94 97.70
CA LEU VC 91 -19.40 113.55 96.78
C LEU VC 91 -18.38 112.72 97.56
N LYS VC 92 -18.54 111.40 97.49
CA LYS VC 92 -17.63 110.46 98.12
C LYS VC 92 -17.25 109.39 97.13
N VAL VC 93 -16.00 108.92 97.24
CA VAL VC 93 -15.52 107.85 96.37
C VAL VC 93 -16.26 106.54 96.64
N ASP VC 94 -16.80 106.36 97.85
CA ASP VC 94 -17.57 105.16 98.14
C ASP VC 94 -18.86 105.09 97.31
N GLN VC 95 -19.47 106.23 97.02
CA GLN VC 95 -20.69 106.30 96.22
C GLN VC 95 -20.40 106.53 94.74
N LEU VC 96 -19.27 106.00 94.25
CA LEU VC 96 -18.80 106.35 92.91
C LEU VC 96 -19.79 105.93 91.84
N ASN VC 97 -20.43 104.77 92.00
CA ASN VC 97 -21.37 104.31 90.97
C ASN VC 97 -22.58 105.25 90.87
N THR VC 98 -23.20 105.57 92.00
CA THR VC 98 -24.35 106.46 91.99
C THR VC 98 -23.97 107.84 91.49
N LEU VC 99 -22.77 108.32 91.84
CA LEU VC 99 -22.34 109.62 91.34
C LEU VC 99 -22.07 109.58 89.85
N LYS VC 100 -21.54 108.45 89.34
CA LYS VC 100 -21.35 108.29 87.91
C LYS VC 100 -22.67 108.36 87.16
N GLU VC 101 -23.70 107.74 87.71
CA GLU VC 101 -24.98 107.74 87.01
C GLU VC 101 -25.69 109.09 87.03
N LYS VC 102 -25.09 110.13 87.60
CA LYS VC 102 -25.72 111.44 87.69
C LYS VC 102 -24.81 112.51 87.10
N THR VC 103 -25.42 113.56 86.57
CA THR VC 103 -24.68 114.66 85.96
C THR VC 103 -24.26 115.66 87.04
N TRP VC 104 -23.49 116.66 86.62
CA TRP VC 104 -23.02 117.67 87.55
C TRP VC 104 -24.12 118.67 87.93
N ASN VC 105 -25.07 118.92 87.02
CA ASN VC 105 -26.18 119.80 87.34
C ASN VC 105 -27.04 119.22 88.45
N ASP VC 106 -27.25 117.90 88.43
CA ASP VC 106 -28.02 117.25 89.50
C ASP VC 106 -27.32 117.40 90.84
N LEU VC 107 -25.99 117.31 90.86
CA LEU VC 107 -25.22 117.49 92.08
C LEU VC 107 -25.07 118.95 92.46
N GLY VC 108 -25.48 119.88 91.60
CA GLY VC 108 -25.30 121.29 91.88
C GLY VC 108 -23.85 121.71 91.90
N VAL VC 109 -23.02 121.10 91.05
CA VAL VC 109 -21.58 121.36 91.02
C VAL VC 109 -21.25 122.00 89.70
N ASN VC 110 -20.53 123.13 89.74
CA ASN VC 110 -20.06 123.80 88.53
C ASN VC 110 -18.67 123.24 88.23
N ILE VC 111 -18.63 122.15 87.48
CA ILE VC 111 -17.36 121.50 87.19
C ILE VC 111 -16.48 122.38 86.32
N GLU VC 112 -17.07 123.29 85.55
CA GLU VC 112 -16.28 124.14 84.67
C GLU VC 112 -15.34 125.03 85.46
N HIS VC 113 -15.81 125.58 86.58
CA HIS VC 113 -14.96 126.44 87.40
C HIS VC 113 -13.87 125.64 88.10
N GLU VC 114 -14.19 124.44 88.55
CA GLU VC 114 -13.26 123.61 89.30
C GLU VC 114 -12.42 122.69 88.42
N LYS VC 115 -12.65 122.72 87.10
CA LYS VC 115 -12.00 121.76 86.21
C LYS VC 115 -10.49 121.91 86.23
N GLN VC 116 -9.98 123.14 86.20
CA GLN VC 116 -8.53 123.32 86.13
C GLN VC 116 -7.85 122.95 87.44
N GLU VC 117 -8.46 123.31 88.58
CA GLU VC 117 -7.89 122.89 89.86
C GLU VC 117 -7.90 121.38 89.98
N ILE VC 118 -8.97 120.73 89.54
CA ILE VC 118 -9.03 119.28 89.58
C ILE VC 118 -7.93 118.67 88.69
N LEU VC 119 -7.72 119.26 87.51
CA LEU VC 119 -6.67 118.76 86.63
C LEU VC 119 -5.30 118.91 87.26
N VAL VC 120 -5.03 120.05 87.88
CA VAL VC 120 -3.72 120.27 88.51
C VAL VC 120 -3.51 119.30 89.66
N GLU VC 121 -4.53 119.09 90.49
CA GLU VC 121 -4.39 118.16 91.60
C GLU VC 121 -4.23 116.73 91.12
N LEU VC 122 -4.95 116.34 90.07
CA LEU VC 122 -4.77 115.00 89.51
C LEU VC 122 -3.37 114.82 88.96
N SER VC 123 -2.84 115.86 88.30
CA SER VC 123 -1.48 115.80 87.80
C SER VC 123 -0.47 115.66 88.93
N GLU VC 124 -0.69 116.39 90.02
CA GLU VC 124 0.29 116.39 91.11
C GLU VC 124 0.24 115.11 91.94
N GLN VC 125 -0.95 114.60 92.24
CA GLN VC 125 -1.12 113.58 93.26
C GLN VC 125 -1.26 112.16 92.73
N ILE VC 126 -1.03 111.94 91.44
CA ILE VC 126 -1.12 110.61 90.84
C ILE VC 126 0.22 110.25 90.23
N PHE VC 127 0.77 109.12 90.65
CA PHE VC 127 2.01 108.57 90.09
C PHE VC 127 1.67 107.31 89.32
N VAL VC 128 2.02 107.29 88.04
CA VAL VC 128 1.71 106.16 87.16
C VAL VC 128 2.99 105.36 87.00
N LYS VC 129 2.99 104.13 87.54
CA LYS VC 129 4.19 103.30 87.48
C LYS VC 129 4.35 102.59 86.15
N GLU VC 130 3.26 102.36 85.41
CA GLU VC 130 3.35 101.71 84.11
C GLU VC 130 3.51 102.72 82.98
N SER VC 131 4.47 103.62 83.14
CA SER VC 131 4.78 104.63 82.14
C SER VC 131 6.29 104.79 82.11
N LYS VC 132 6.86 104.86 80.92
CA LYS VC 132 8.31 104.94 80.78
C LYS VC 132 8.84 106.36 80.89
N LEU VC 133 8.06 107.26 81.50
CA LEU VC 133 8.50 108.62 81.76
C LEU VC 133 8.64 108.82 83.27
N ARG VC 134 9.73 109.47 83.67
CA ARG VC 134 9.94 109.76 85.08
C ARG VC 134 8.80 110.61 85.62
N TRP VC 135 8.46 110.39 86.89
CA TRP VC 135 7.21 110.93 87.42
C TRP VC 135 7.14 112.44 87.31
N VAL VC 136 8.29 113.13 87.36
CA VAL VC 136 8.29 114.58 87.14
C VAL VC 136 7.84 114.88 85.71
N HIS VC 137 8.56 114.31 84.73
CA HIS VC 137 8.21 114.52 83.33
C HIS VC 137 6.83 113.94 83.02
N GLU VC 138 6.53 112.76 83.56
CA GLU VC 138 5.23 112.15 83.28
C GLU VC 138 4.09 113.01 83.78
N GLN VC 139 4.21 113.53 85.01
CA GLN VC 139 3.16 114.37 85.57
C GLN VC 139 3.04 115.68 84.81
N ARG VC 140 4.17 116.29 84.44
CA ARG VC 140 4.10 117.55 83.70
C ARG VC 140 3.46 117.35 82.32
N GLN VC 141 3.85 116.30 81.62
CA GLN VC 141 3.26 116.01 80.30
C GLN VC 141 1.78 115.71 80.44
N ARG VC 142 1.39 114.95 81.47
CA ARG VC 142 -0.01 114.67 81.68
C ARG VC 142 -0.79 115.93 81.97
N LEU VC 143 -0.23 116.84 82.77
CA LEU VC 143 -0.89 118.10 83.04
C LEU VC 143 -1.09 118.89 81.76
N ALA VC 144 -0.06 118.96 80.91
CA ALA VC 144 -0.18 119.70 79.65
C ALA VC 144 -1.26 119.09 78.76
N HIS VC 145 -1.19 117.77 78.55
CA HIS VC 145 -2.11 117.09 77.65
C HIS VC 145 -3.54 117.21 78.15
N THR VC 146 -3.76 116.93 79.43
CA THR VC 146 -5.11 116.98 79.99
C THR VC 146 -5.63 118.41 80.04
N THR VC 147 -4.78 119.39 80.33
CA THR VC 147 -5.22 120.78 80.30
C THR VC 147 -5.70 121.16 78.91
N TYR VC 148 -4.92 120.82 77.88
CA TYR VC 148 -5.35 121.10 76.52
C TYR VC 148 -6.68 120.45 76.20
N VAL VC 149 -6.79 119.14 76.43
CA VAL VC 149 -7.97 118.40 75.99
C VAL VC 149 -9.20 118.84 76.79
N PHE VC 150 -9.08 118.91 78.11
CA PHE VC 150 -10.22 119.28 78.96
C PHE VC 150 -10.60 120.73 78.79
N SER VC 151 -9.64 121.60 78.48
CA SER VC 151 -9.97 122.99 78.17
C SER VC 151 -10.80 123.06 76.90
N GLY VC 152 -10.50 122.21 75.92
CA GLY VC 152 -11.34 122.16 74.74
C GLY VC 152 -12.76 121.70 75.03
N LEU VC 153 -12.95 120.84 76.01
CA LEU VC 153 -14.22 120.14 76.22
C LEU VC 153 -15.11 120.86 77.23
N GLU VC 154 -16.35 120.40 77.31
CA GLU VC 154 -17.37 120.93 78.20
C GLU VC 154 -18.07 119.78 78.90
N PHE VC 155 -17.94 119.69 80.22
CA PHE VC 155 -18.42 118.55 80.98
C PHE VC 155 -19.64 118.86 81.84
N GLN VC 156 -20.19 120.07 81.77
CA GLN VC 156 -21.22 120.46 82.73
C GLN VC 156 -22.51 119.67 82.53
N ASN VC 157 -22.89 119.40 81.29
CA ASN VC 157 -24.19 118.81 80.99
C ASN VC 157 -24.13 117.29 80.86
N VAL VC 158 -23.00 116.66 81.16
CA VAL VC 158 -22.87 115.21 81.06
C VAL VC 158 -22.62 114.64 82.45
N LYS VC 159 -22.49 113.31 82.53
CA LYS VC 159 -22.39 112.62 83.80
C LYS VC 159 -20.97 112.72 84.37
N VAL VC 160 -20.87 112.45 85.68
CA VAL VC 160 -19.56 112.40 86.34
C VAL VC 160 -18.72 111.27 85.78
N GLY VC 161 -19.37 110.16 85.42
CA GLY VC 161 -18.64 109.03 84.88
C GLY VC 161 -17.88 109.37 83.63
N PHE VC 162 -18.47 110.21 82.77
CA PHE VC 162 -17.75 110.61 81.55
C PHE VC 162 -16.49 111.39 81.89
N PHE VC 163 -16.57 112.31 82.85
CA PHE VC 163 -15.39 113.07 83.25
C PHE VC 163 -14.29 112.15 83.78
N ILE VC 164 -14.63 111.27 84.71
CA ILE VC 164 -13.61 110.41 85.32
C ILE VC 164 -13.05 109.42 84.30
N ASP VC 165 -13.92 108.82 83.48
CA ASP VC 165 -13.46 107.87 82.48
C ASP VC 165 -12.61 108.55 81.42
N SER VC 166 -12.95 109.79 81.06
CA SER VC 166 -12.15 110.52 80.08
C SER VC 166 -10.77 110.83 80.63
N TYR VC 167 -10.68 111.25 81.89
CA TYR VC 167 -9.36 111.49 82.46
C TYR VC 167 -8.55 110.21 82.55
N ASN VC 168 -9.19 109.11 82.96
CA ASN VC 168 -8.49 107.83 83.02
C ASN VC 168 -8.03 107.39 81.64
N PHE VC 169 -8.85 107.62 80.61
CA PHE VC 169 -8.47 107.27 79.25
C PHE VC 169 -7.27 108.08 78.80
N LEU VC 170 -7.25 109.38 79.08
CA LEU VC 170 -6.10 110.19 78.70
C LEU VC 170 -4.84 109.75 79.44
N LEU VC 171 -4.97 109.44 80.72
CA LEU VC 171 -3.83 108.96 81.50
C LEU VC 171 -3.26 107.68 80.92
N GLN VC 172 -4.13 106.70 80.65
CA GLN VC 172 -3.67 105.42 80.12
C GLN VC 172 -3.11 105.57 78.71
N GLU VC 173 -3.67 106.46 77.90
CA GLU VC 173 -3.16 106.67 76.56
C GLU VC 173 -1.77 107.31 76.60
N LEU VC 174 -1.56 108.26 77.51
CA LEU VC 174 -0.23 108.82 77.69
C LEU VC 174 0.76 107.75 78.15
N ALA VC 175 0.32 106.87 79.06
CA ALA VC 175 1.18 105.78 79.50
C ALA VC 175 1.54 104.86 78.34
N HIS VC 176 0.56 104.55 77.47
CA HIS VC 176 0.82 103.70 76.32
C HIS VC 176 1.78 104.37 75.34
N ARG VC 177 1.60 105.66 75.09
CA ARG VC 177 2.49 106.35 74.16
C ARG VC 177 3.90 106.47 74.72
N SER VC 178 4.05 106.58 76.03
CA SER VC 178 5.38 106.63 76.62
C SER VC 178 6.16 105.35 76.36
N ASN VC 179 5.47 104.23 76.17
CA ASN VC 179 6.08 102.96 75.82
C ASN VC 179 6.06 102.70 74.32
N LEU VC 180 5.70 103.70 73.51
CA LEU VC 180 5.68 103.59 72.06
C LEU VC 180 4.74 102.49 71.60
N TYR VC 181 3.62 102.33 72.30
CA TYR VC 181 2.58 101.37 71.96
C TYR VC 181 3.12 99.94 71.92
N GLN VC 182 4.02 99.63 72.84
CA GLN VC 182 4.49 98.27 73.07
C GLN VC 182 4.51 98.02 74.57
N SER VC 183 4.45 96.75 74.94
CA SER VC 183 4.37 96.39 76.36
C SER VC 183 5.66 96.72 77.06
N LYS VC 184 5.56 97.36 78.22
CA LYS VC 184 6.74 97.70 79.01
C LYS VC 184 7.46 96.48 79.54
N ASP VC 185 6.77 95.35 79.66
CA ASP VC 185 7.32 94.15 80.26
C ASP VC 185 7.92 93.17 79.25
N ILE VC 186 7.75 93.42 77.96
CA ILE VC 186 8.29 92.56 76.91
C ILE VC 186 9.56 93.21 76.37
N VAL VC 187 10.66 92.44 76.35
CA VAL VC 187 11.92 92.96 75.85
C VAL VC 187 11.82 93.30 74.37
N GLY VC 188 11.21 92.42 73.59
CA GLY VC 188 11.03 92.65 72.17
C GLY VC 188 12.23 92.23 71.35
N GLU VC 189 12.01 92.17 70.04
CA GLU VC 189 13.04 91.80 69.08
C GLU VC 189 13.59 93.05 68.41
N LYS VC 190 14.91 93.11 68.26
CA LYS VC 190 15.53 94.25 67.59
C LYS VC 190 15.11 94.30 66.12
N SER VC 191 14.91 95.50 65.61
CA SER VC 191 14.47 95.67 64.24
C SER VC 191 15.63 95.41 63.28
N PHE VC 192 15.36 95.56 61.98
CA PHE VC 192 16.42 95.38 60.99
C PHE VC 192 17.52 96.42 61.17
N HIS VC 193 17.14 97.68 61.43
CA HIS VC 193 18.13 98.73 61.62
C HIS VC 193 18.98 98.47 62.86
N GLU VC 194 18.36 98.05 63.96
CA GLU VC 194 19.12 97.84 65.18
C GLU VC 194 20.10 96.68 65.04
N LYS VC 195 19.67 95.58 64.42
CA LYS VC 195 20.59 94.47 64.17
C LYS VC 195 21.71 94.87 63.22
N HIS VC 196 21.37 95.64 62.17
CA HIS VC 196 22.38 96.08 61.24
C HIS VC 196 23.42 96.97 61.92
N LEU VC 197 22.96 97.89 62.77
CA LEU VC 197 23.89 98.77 63.47
C LEU VC 197 24.72 98.01 64.50
N GLU VC 198 24.13 97.01 65.14
CA GLU VC 198 24.87 96.18 66.08
C GLU VC 198 25.97 95.40 65.37
N GLN VC 199 25.69 94.89 64.17
CA GLN VC 199 26.70 94.18 63.41
C GLN VC 199 27.77 95.12 62.88
N GLN VC 200 27.38 96.30 62.41
CA GLN VC 200 28.31 97.19 61.73
C GLN VC 200 29.27 97.89 62.68
N THR VC 201 28.94 98.00 63.96
CA THR VC 201 29.83 98.64 64.92
C THR VC 201 30.72 97.65 65.67
N ALA VC 202 30.64 96.37 65.33
CA ALA VC 202 31.51 95.39 65.97
C ALA VC 202 32.96 95.64 65.58
N PRO VC 203 33.89 95.56 66.52
CA PRO VC 203 35.30 95.79 66.19
C PRO VC 203 35.83 94.75 65.22
N TYR VC 204 36.71 95.19 64.32
CA TYR VC 204 37.38 94.30 63.38
C TYR VC 204 38.68 93.82 64.01
N SER VC 205 38.75 92.51 64.29
CA SER VC 205 39.97 91.89 64.79
C SER VC 205 40.65 91.22 63.60
N GLY VC 206 41.69 91.85 63.09
CA GLY VC 206 42.35 91.38 61.88
C GLY VC 206 43.10 90.08 62.11
N VAL VC 207 43.94 89.77 61.13
CA VAL VC 207 44.73 88.53 61.17
C VAL VC 207 45.74 88.65 62.31
N LYS VC 208 45.49 87.94 63.41
CA LYS VC 208 46.35 88.04 64.58
C LYS VC 208 47.67 87.30 64.42
N SER VC 209 47.75 86.35 63.48
CA SER VC 209 49.00 85.64 63.27
C SER VC 209 50.05 86.50 62.59
N LEU VC 210 49.64 87.58 61.94
CA LEU VC 210 50.60 88.49 61.31
C LEU VC 210 51.32 89.37 62.33
N GLU VC 211 50.63 89.76 63.39
CA GLU VC 211 51.22 90.60 64.43
C GLU VC 211 51.84 89.70 65.51
N GLU VC 212 52.98 89.12 65.18
CA GLU VC 212 53.72 88.27 66.09
C GLU VC 212 55.19 88.61 66.05
N PRO VC 213 55.92 88.36 67.15
CA PRO VC 213 57.35 88.71 67.19
C PRO VC 213 58.22 87.80 66.33
N VAL VC 214 57.59 86.91 65.55
CA VAL VC 214 58.34 86.02 64.68
C VAL VC 214 59.06 86.84 63.62
N SER VC 215 60.31 86.49 63.35
CA SER VC 215 61.09 87.20 62.33
C SER VC 215 60.47 87.04 60.94
N GLN VC 216 59.72 85.96 60.72
CA GLN VC 216 59.09 85.73 59.43
C GLN VC 216 58.10 86.83 59.05
N ASN VC 217 57.61 87.59 60.03
CA ASN VC 217 56.70 88.69 59.77
C ASN VC 217 57.42 89.99 59.46
N LYS VC 218 58.75 89.99 59.46
CA LYS VC 218 59.52 91.19 59.13
C LYS VC 218 59.77 91.34 57.63
N SER VC 219 59.33 90.38 56.83
CA SER VC 219 59.50 90.48 55.39
C SER VC 219 58.61 91.60 54.83
N PHE VC 220 58.99 92.08 53.64
CA PHE VC 220 58.20 93.14 53.00
C PHE VC 220 56.80 92.65 52.68
N ILE VC 221 56.67 91.43 52.16
CA ILE VC 221 55.35 90.90 51.81
C ILE VC 221 54.50 90.72 53.06
N ASN VC 222 55.08 90.16 54.12
CA ASN VC 222 54.35 89.98 55.37
C ASN VC 222 53.95 91.33 55.96
N SER VC 223 54.83 92.32 55.91
CA SER VC 223 54.49 93.64 56.41
C SER VC 223 53.38 94.29 55.60
N LEU VC 224 53.43 94.11 54.27
CA LEU VC 224 52.38 94.67 53.42
C LEU VC 224 51.02 94.04 53.73
N MET VC 225 51.00 92.70 53.87
CA MET VC 225 49.76 92.02 54.22
C MET VC 225 49.27 92.45 55.59
N ARG VC 226 50.18 92.57 56.56
CA ARG VC 226 49.80 93.02 57.89
C ARG VC 226 49.19 94.41 57.85
N ALA VC 227 49.80 95.33 57.10
CA ALA VC 227 49.25 96.67 57.01
C ALA VC 227 47.86 96.65 56.39
N ILE VC 228 47.73 96.02 55.22
CA ILE VC 228 46.47 96.08 54.49
C ILE VC 228 45.36 95.30 55.19
N HIS VC 229 45.69 94.39 56.11
CA HIS VC 229 44.65 93.66 56.83
C HIS VC 229 44.39 94.25 58.22
N ASN VC 230 45.41 94.34 59.06
CA ASN VC 230 45.28 95.01 60.36
C ASN VC 230 45.60 96.49 60.24
N HIS VC 231 44.98 97.15 59.26
CA HIS VC 231 44.94 98.62 59.11
C HIS VC 231 45.58 99.44 60.22
N GLU WC 29 31.40 77.72 -2.04
CA GLU WC 29 31.38 77.23 -3.42
C GLU WC 29 32.68 77.59 -4.13
N MET WC 30 33.02 76.81 -5.15
CA MET WC 30 34.22 77.06 -5.91
C MET WC 30 34.17 78.43 -6.58
N ILE WC 31 35.32 79.12 -6.56
CA ILE WC 31 35.50 80.34 -7.34
C ILE WC 31 36.12 79.96 -8.66
N LEU WC 32 35.55 80.47 -9.76
CA LEU WC 32 36.05 80.12 -11.07
C LEU WC 32 37.48 80.65 -11.23
N PRO WC 33 38.33 79.92 -11.96
CA PRO WC 33 39.75 80.30 -12.03
C PRO WC 33 39.99 81.71 -12.53
N HIS WC 34 39.20 82.18 -13.49
CA HIS WC 34 39.37 83.55 -13.97
C HIS WC 34 38.84 84.58 -12.98
N ASN WC 35 37.90 84.20 -12.12
CA ASN WC 35 37.40 85.07 -11.06
C ASN WC 35 38.13 84.86 -9.74
N ASN WC 36 39.17 84.03 -9.73
CA ASN WC 36 39.88 83.71 -8.51
C ASN WC 36 41.03 84.70 -8.33
N ARG WC 37 41.00 85.46 -7.24
CA ARG WC 37 42.09 86.36 -6.88
C ARG WC 37 43.05 85.60 -5.99
N GLN WC 38 44.26 85.38 -6.48
CA GLN WC 38 45.26 84.60 -5.72
C GLN WC 38 45.83 85.47 -4.60
N LEU WC 39 44.97 85.75 -3.61
CA LEU WC 39 45.42 86.49 -2.44
C LEU WC 39 46.43 85.69 -1.62
N ALA WC 40 46.24 84.37 -1.56
CA ALA WC 40 47.24 83.52 -0.92
C ALA WC 40 48.58 83.63 -1.61
N ARG WC 41 48.58 83.63 -2.95
CA ARG WC 41 49.82 83.81 -3.69
C ARG WC 41 50.43 85.19 -3.46
N GLN WC 42 49.58 86.22 -3.38
CA GLN WC 42 50.09 87.57 -3.12
C GLN WC 42 50.78 87.65 -1.76
N TYR WC 43 50.19 87.04 -0.74
CA TYR WC 43 50.85 87.01 0.55
C TYR WC 43 52.11 86.15 0.51
N PHE WC 44 52.08 85.05 -0.23
CA PHE WC 44 53.23 84.16 -0.31
C PHE WC 44 54.42 84.86 -0.94
N ASP WC 45 54.19 85.67 -1.97
CA ASP WC 45 55.27 86.39 -2.63
C ASP WC 45 55.88 87.45 -1.72
N SER WC 46 55.10 87.98 -0.79
CA SER WC 46 55.58 89.00 0.13
C SER WC 46 56.34 88.42 1.32
N LEU WC 47 56.43 87.10 1.44
CA LEU WC 47 57.13 86.49 2.54
C LEU WC 47 58.64 86.67 2.38
N PRO WC 48 59.39 86.63 3.48
CA PRO WC 48 60.85 86.61 3.38
C PRO WC 48 61.33 85.32 2.73
N GLU WC 49 62.53 85.38 2.16
CA GLU WC 49 63.09 84.22 1.47
C GLU WC 49 63.28 83.05 2.42
N ASN WC 50 63.78 83.33 3.63
CA ASN WC 50 63.97 82.28 4.64
C ASN WC 50 62.71 82.21 5.50
N ASP WC 51 61.70 81.50 4.98
CA ASP WC 51 60.42 81.40 5.63
C ASP WC 51 59.96 79.95 5.67
N ILE WC 52 59.25 79.60 6.75
CA ILE WC 52 58.77 78.24 6.91
C ILE WC 52 57.72 77.90 5.86
N ASN WC 53 56.89 78.87 5.47
CA ASN WC 53 55.91 78.61 4.42
C ASN WC 53 56.58 78.36 3.08
N ARG WC 54 57.65 79.10 2.77
CA ARG WC 54 58.41 78.81 1.56
C ARG WC 54 59.10 77.45 1.64
N LYS WC 55 59.55 77.06 2.83
CA LYS WC 55 60.10 75.72 3.00
C LYS WC 55 59.03 74.65 2.73
N TYR WC 56 57.81 74.90 3.21
CA TYR WC 56 56.70 73.98 2.92
C TYR WC 56 56.42 73.92 1.42
N TYR WC 57 56.50 75.07 0.75
CA TYR WC 57 56.21 75.12 -0.68
C TYR WC 57 57.19 74.30 -1.51
N GLU WC 58 58.36 73.98 -0.95
CA GLU WC 58 59.37 73.20 -1.66
C GLU WC 58 59.28 71.71 -1.38
N GLY WC 59 58.29 71.26 -0.61
CA GLY WC 59 58.11 69.85 -0.34
C GLY WC 59 58.30 69.44 1.11
N LEU WC 60 58.51 70.37 2.03
CA LEU WC 60 58.64 70.01 3.45
C LEU WC 60 57.33 69.45 3.96
N LYS WC 61 57.42 68.40 4.78
CA LYS WC 61 56.26 67.72 5.33
C LYS WC 61 56.06 68.13 6.78
N TYR WC 62 54.81 68.46 7.12
CA TYR WC 62 54.45 68.81 8.49
C TYR WC 62 53.83 67.59 9.16
N GLU WC 63 54.41 67.18 10.28
CA GLU WC 63 53.93 66.05 11.05
C GLU WC 63 53.44 66.52 12.40
N THR WC 64 52.20 66.18 12.74
CA THR WC 64 51.66 66.53 14.04
C THR WC 64 52.45 65.81 15.13
N PRO WC 65 52.81 66.50 16.22
CA PRO WC 65 53.56 65.83 17.29
C PRO WC 65 52.76 64.67 17.89
N LYS WC 66 53.49 63.60 18.24
CA LYS WC 66 52.89 62.43 18.86
C LYS WC 66 53.27 62.27 20.33
N THR WC 67 54.46 62.71 20.72
CA THR WC 67 54.86 62.64 22.11
C THR WC 67 54.06 63.62 22.95
N PHE WC 68 53.84 63.28 24.22
CA PHE WC 68 53.14 64.19 25.11
C PHE WC 68 53.91 65.48 25.31
N PHE WC 69 55.23 65.39 25.46
CA PHE WC 69 56.05 66.59 25.59
C PHE WC 69 55.99 67.43 24.32
N GLY WC 70 56.03 66.79 23.16
CA GLY WC 70 55.92 67.53 21.91
C GLY WC 70 54.58 68.23 21.77
N ARG WC 71 53.49 67.55 22.14
CA ARG WC 71 52.18 68.19 22.09
C ARG WC 71 52.08 69.34 23.06
N PHE WC 72 52.64 69.18 24.26
CA PHE WC 72 52.60 70.26 25.25
C PHE WC 72 53.39 71.47 24.78
N LEU WC 73 54.55 71.25 24.15
CA LEU WC 73 55.30 72.37 23.60
C LEU WC 73 54.60 72.99 22.40
N ASN WC 74 53.92 72.18 21.60
CA ASN WC 74 53.29 72.66 20.37
C ASN WC 74 52.03 73.46 20.61
N GLN WC 75 51.35 73.26 21.75
CA GLN WC 75 50.08 73.93 21.99
C GLN WC 75 50.24 75.44 22.17
N PHE WC 76 51.47 75.92 22.34
CA PHE WC 76 51.71 77.36 22.46
C PHE WC 76 51.83 78.06 21.11
N ASN WC 77 51.94 77.31 20.02
CA ASN WC 77 51.99 77.88 18.68
C ASN WC 77 50.61 78.11 18.09
N ILE WC 78 49.55 77.62 18.75
CA ILE WC 78 48.20 77.64 18.18
C ILE WC 78 47.88 79.02 17.62
N ASP WC 79 47.87 80.03 18.50
CA ASP WC 79 47.52 81.37 18.08
C ASP WC 79 48.41 81.84 16.94
N ALA WC 80 49.72 81.59 17.06
CA ALA WC 80 50.65 81.97 16.00
C ALA WC 80 50.20 81.39 14.67
N LYS WC 81 49.90 80.08 14.66
CA LYS WC 81 49.46 79.45 13.42
C LYS WC 81 48.25 80.18 12.85
N LEU WC 82 47.29 80.50 13.71
CA LEU WC 82 46.09 81.18 13.22
C LEU WC 82 46.44 82.48 12.52
N ASP WC 83 47.37 83.25 13.09
CA ASP WC 83 47.78 84.50 12.46
C ASP WC 83 48.25 84.23 11.04
N THR WC 84 49.10 83.22 10.86
CA THR WC 84 49.59 82.90 9.54
C THR WC 84 48.43 82.57 8.61
N LEU WC 85 47.49 81.75 9.09
CA LEU WC 85 46.32 81.44 8.28
C LEU WC 85 45.54 82.70 7.97
N SER WC 86 45.38 83.58 8.96
CA SER WC 86 44.65 84.82 8.74
C SER WC 86 45.32 85.71 7.71
N LYS WC 87 46.61 85.47 7.43
CA LYS WC 87 47.31 86.22 6.40
C LYS WC 87 47.34 85.49 5.06
N PHE WC 88 47.12 84.19 5.05
CA PHE WC 88 47.03 83.44 3.80
C PHE WC 88 45.60 83.42 3.29
N TYR WC 89 44.67 82.95 4.11
CA TYR WC 89 43.26 82.83 3.75
C TYR WC 89 42.48 83.74 4.69
N THR WC 90 42.39 85.01 4.33
CA THR WC 90 41.74 85.99 5.18
C THR WC 90 40.23 85.88 5.12
N TYR WC 91 39.68 85.58 3.94
CA TYR WC 91 38.24 85.54 3.74
C TYR WC 91 37.68 84.13 3.69
N GLN WC 92 38.50 83.12 3.95
CA GLN WC 92 38.00 81.75 4.05
C GLN WC 92 37.02 81.64 5.21
N LYS WC 93 35.87 81.01 4.96
CA LYS WC 93 34.81 80.99 5.95
C LYS WC 93 35.23 80.25 7.22
N THR WC 94 35.92 79.11 7.06
CA THR WC 94 36.33 78.35 8.24
C THR WC 94 37.39 79.11 9.05
N ILE WC 95 38.33 79.76 8.38
CA ILE WC 95 39.34 80.54 9.09
C ILE WC 95 38.69 81.71 9.83
N ARG WC 96 37.76 82.40 9.17
CA ARG WC 96 37.08 83.51 9.82
C ARG WC 96 36.27 83.05 11.01
N ALA WC 97 35.57 81.92 10.87
CA ALA WC 97 34.79 81.39 11.98
C ALA WC 97 35.68 80.96 13.13
N THR WC 98 36.82 80.34 12.83
CA THR WC 98 37.77 79.98 13.87
C THR WC 98 38.28 81.22 14.60
N GLN WC 99 38.61 82.27 13.85
CA GLN WC 99 39.07 83.50 14.48
C GLN WC 99 38.00 84.09 15.39
N ALA WC 100 36.76 84.18 14.89
CA ALA WC 100 35.69 84.77 15.67
C ALA WC 100 35.40 83.96 16.93
N GLU WC 101 35.33 82.64 16.79
CA GLU WC 101 35.06 81.78 17.94
C GLU WC 101 36.19 81.83 18.96
N LEU WC 102 37.44 81.83 18.49
CA LEU WC 102 38.56 81.91 19.41
C LEU WC 102 38.57 83.24 20.15
N GLN WC 103 38.28 84.34 19.43
CA GLN WC 103 38.24 85.65 20.07
C GLN WC 103 37.14 85.70 21.13
N GLU WC 104 35.95 85.22 20.79
CA GLU WC 104 34.84 85.28 21.74
C GLU WC 104 35.08 84.36 22.93
N ASP WC 105 35.65 83.17 22.70
CA ASP WC 105 35.97 82.28 23.80
C ASP WC 105 37.05 82.87 24.69
N ARG WC 106 38.07 83.50 24.11
CA ARG WC 106 39.08 84.16 24.92
C ARG WC 106 38.47 85.26 25.76
N LYS WC 107 37.61 86.08 25.18
CA LYS WC 107 36.97 87.15 25.93
C LYS WC 107 36.12 86.59 27.07
N SER WC 108 35.31 85.57 26.78
CA SER WC 108 34.43 85.01 27.80
C SER WC 108 35.21 84.36 28.93
N TYR WC 109 36.22 83.56 28.58
CA TYR WC 109 37.02 82.89 29.61
C TYR WC 109 37.82 83.89 30.42
N LEU WC 110 38.36 84.92 29.77
CA LEU WC 110 39.09 85.94 30.51
C LEU WC 110 38.18 86.70 31.47
N THR WC 111 36.97 87.05 31.01
CA THR WC 111 36.04 87.74 31.89
C THR WC 111 35.64 86.85 33.07
N ASN WC 112 35.40 85.56 32.80
CA ASN WC 112 35.03 84.65 33.89
C ASN WC 112 36.18 84.47 34.88
N SER WC 113 37.41 84.34 34.38
CA SER WC 113 38.55 84.22 35.28
C SER WC 113 38.77 85.48 36.10
N LEU WC 114 38.60 86.65 35.48
CA LEU WC 114 38.75 87.90 36.22
C LEU WC 114 37.65 88.06 37.26
N LEU WC 115 36.43 87.65 36.93
CA LEU WC 115 35.35 87.70 37.92
C LEU WC 115 35.63 86.75 39.08
N PHE WC 116 36.12 85.54 38.78
CA PHE WC 116 36.48 84.61 39.83
C PHE WC 116 37.59 85.17 40.71
N THR WC 117 38.61 85.78 40.09
CA THR WC 117 39.69 86.38 40.85
C THR WC 117 39.21 87.52 41.72
N ALA WC 118 38.33 88.38 41.17
CA ALA WC 118 37.80 89.49 41.95
C ALA WC 118 36.97 88.99 43.13
N VAL WC 119 36.13 87.99 42.91
CA VAL WC 119 35.32 87.45 44.00
C VAL WC 119 36.21 86.81 45.06
N SER WC 120 37.23 86.06 44.63
CA SER WC 120 38.13 85.40 45.58
C SER WC 120 38.89 86.43 46.40
N TRP WC 121 39.43 87.46 45.75
CA TRP WC 121 40.18 88.48 46.46
C TRP WC 121 39.29 89.26 47.41
N PHE WC 122 38.07 89.60 46.98
CA PHE WC 122 37.13 90.28 47.84
C PHE WC 122 36.80 89.44 49.06
N SER WC 123 36.55 88.15 48.86
CA SER WC 123 36.21 87.27 49.98
C SER WC 123 37.39 87.14 50.94
N ILE WC 124 38.60 86.93 50.41
CA ILE WC 124 39.76 86.77 51.26
C ILE WC 124 40.01 88.03 52.07
N TYR WC 125 39.92 89.20 51.43
CA TYR WC 125 40.15 90.44 52.15
C TYR WC 125 39.07 90.68 53.21
N GLN WC 126 37.80 90.48 52.86
CA GLN WC 126 36.72 90.78 53.80
C GLN WC 126 36.73 89.83 54.98
N PHE WC 127 37.02 88.55 54.75
CA PHE WC 127 37.07 87.60 55.85
C PHE WC 127 38.34 87.73 56.68
N ALA WC 128 39.45 88.14 56.06
CA ALA WC 128 40.68 88.33 56.82
C ALA WC 128 40.64 89.57 57.70
N ARG WC 129 39.80 90.55 57.36
CA ARG WC 129 39.62 91.70 58.24
C ARG WC 129 39.02 91.29 59.58
N LYS WC 130 38.27 90.19 59.59
CA LYS WC 130 37.71 89.64 60.82
C LYS WC 130 38.50 88.46 61.34
N GLY WC 131 39.68 88.20 60.79
CA GLY WC 131 40.54 87.13 61.27
C GLY WC 131 40.21 85.75 60.73
N ALA WC 132 39.20 85.62 59.87
CA ALA WC 132 38.80 84.33 59.33
C ALA WC 132 39.59 84.08 58.05
N VAL WC 133 40.74 83.43 58.20
CA VAL WC 133 41.59 83.07 57.07
C VAL WC 133 41.42 81.59 56.80
N LEU WC 134 41.04 81.25 55.58
CA LEU WC 134 40.77 79.86 55.22
C LEU WC 134 42.06 79.05 55.23
N PRO WC 135 42.13 77.96 55.98
CA PRO WC 135 43.40 77.20 56.10
C PRO WC 135 43.65 76.29 54.90
N VAL WC 136 43.99 76.90 53.76
CA VAL WC 136 44.19 76.15 52.53
C VAL WC 136 45.66 75.77 52.34
N LEU WC 137 46.57 76.71 52.60
CA LEU WC 137 47.99 76.49 52.42
C LEU WC 137 48.69 76.56 53.78
N ARG WC 138 49.99 76.26 53.78
CA ARG WC 138 50.74 76.38 55.01
C ARG WC 138 50.91 77.85 55.38
N GLU WC 139 51.18 78.09 56.65
CA GLU WC 139 51.03 79.44 57.20
C GLU WC 139 52.08 80.39 56.63
N TYR WC 140 53.36 80.12 56.89
CA TYR WC 140 54.43 81.04 56.56
C TYR WC 140 55.37 80.49 55.50
N GLY WC 141 54.81 79.83 54.49
CA GLY WC 141 55.62 79.37 53.38
C GLY WC 141 56.70 78.38 53.80
N ARG WC 142 57.57 78.09 52.85
CA ARG WC 142 58.67 77.18 53.14
C ARG WC 142 60.03 77.74 52.79
N TYR WC 143 60.15 78.45 51.66
CA TYR WC 143 61.43 78.99 51.22
C TYR WC 143 61.58 80.47 51.54
N PHE WC 144 60.67 81.30 51.03
CA PHE WC 144 60.77 82.75 51.20
C PHE WC 144 59.97 83.27 52.39
N GLY WC 145 59.22 82.40 53.08
CA GLY WC 145 58.48 82.83 54.25
C GLY WC 145 57.27 83.68 53.97
N THR WC 146 56.76 83.66 52.74
CA THR WC 146 55.57 84.42 52.41
C THR WC 146 54.36 83.86 53.18
N HIS WC 147 53.40 84.73 53.46
CA HIS WC 147 52.28 84.35 54.29
C HIS WC 147 51.17 83.70 53.47
N ARG WC 148 50.31 82.96 54.17
CA ARG WC 148 49.22 82.24 53.54
C ARG WC 148 48.28 83.19 52.81
N LEU WC 149 48.07 84.39 53.35
CA LEU WC 149 47.23 85.37 52.67
C LEU WC 149 47.80 85.74 51.31
N PHE WC 150 49.09 86.06 51.27
CA PHE WC 150 49.72 86.43 50.01
C PHE WC 150 49.69 85.27 49.01
N ARG WC 151 49.99 84.06 49.48
CA ARG WC 151 49.99 82.94 48.55
C ARG WC 151 48.58 82.60 48.08
N GLN WC 152 47.57 82.79 48.91
CA GLN WC 152 46.19 82.60 48.47
C GLN WC 152 45.80 83.62 47.42
N TYR WC 153 46.19 84.88 47.62
CA TYR WC 153 45.94 85.89 46.58
C TYR WC 153 46.61 85.52 45.27
N LEU WC 154 47.89 85.12 45.35
CA LEU WC 154 48.64 84.76 44.15
C LEU WC 154 48.00 83.58 43.43
N HIS WC 155 47.58 82.56 44.18
CA HIS WC 155 47.00 81.38 43.55
C HIS WC 155 45.65 81.70 42.93
N THR WC 156 44.78 82.41 43.67
CA THR WC 156 43.48 82.77 43.12
C THR WC 156 43.59 83.73 41.94
N LEU WC 157 44.73 84.40 41.78
CA LEU WC 157 44.93 85.17 40.57
C LEU WC 157 45.49 84.34 39.42
N VAL WC 158 46.40 83.42 39.70
CA VAL WC 158 47.16 82.75 38.64
C VAL WC 158 46.46 81.47 38.17
N LEU WC 159 46.09 80.60 39.09
CA LEU WC 159 45.52 79.30 38.70
C LEU WC 159 44.29 79.43 37.82
N PRO WC 160 43.33 80.33 38.06
CA PRO WC 160 42.26 80.52 37.07
C PRO WC 160 42.78 80.88 35.68
N LEU WC 161 43.82 81.71 35.59
CA LEU WC 161 44.39 82.05 34.29
C LEU WC 161 45.02 80.84 33.61
N LEU WC 162 45.75 80.03 34.38
CA LEU WC 162 46.35 78.82 33.81
C LEU WC 162 45.28 77.85 33.33
N TYR WC 163 44.21 77.70 34.11
CA TYR WC 163 43.12 76.82 33.70
C TYR WC 163 42.43 77.35 32.45
N THR WC 164 42.24 78.67 32.37
CA THR WC 164 41.64 79.27 31.18
C THR WC 164 42.49 79.01 29.94
N GLU WC 165 43.81 79.22 30.07
CA GLU WC 165 44.70 78.97 28.93
C GLU WC 165 44.69 77.50 28.54
N TYR WC 166 44.69 76.60 29.53
CA TYR WC 166 44.68 75.18 29.23
C TYR WC 166 43.39 74.79 28.51
N ALA WC 167 42.24 75.30 28.96
CA ALA WC 167 40.98 74.97 28.32
C ALA WC 167 40.93 75.52 26.90
N LEU WC 168 41.39 76.77 26.71
CA LEU WC 168 41.39 77.34 25.36
C LEU WC 168 42.29 76.56 24.42
N ASN WC 169 43.46 76.15 24.89
CA ASN WC 169 44.35 75.34 24.05
C ASN WC 169 43.72 73.98 23.77
N GLN WC 170 43.05 73.39 24.77
CA GLN WC 170 42.44 72.08 24.58
C GLN WC 170 41.34 72.12 23.53
N LYS WC 171 40.54 73.19 23.53
CA LYS WC 171 39.44 73.28 22.57
C LYS WC 171 39.94 73.35 21.14
N TYR WC 172 40.97 74.15 20.89
CA TYR WC 172 41.35 74.50 19.52
C TYR WC 172 42.63 73.83 19.05
N TYR WC 173 43.26 72.96 19.85
CA TYR WC 173 44.52 72.36 19.42
C TYR WC 173 44.31 71.46 18.20
N THR WC 174 43.35 70.55 18.27
CA THR WC 174 43.12 69.64 17.15
C THR WC 174 42.57 70.38 15.94
N HIS WC 175 41.68 71.35 16.15
CA HIS WC 175 41.14 72.13 15.05
C HIS WC 175 42.26 72.88 14.32
N MET WC 176 43.15 73.51 15.08
CA MET WC 176 44.26 74.23 14.46
C MET WC 176 45.27 73.28 13.81
N GLU WC 177 45.44 72.09 14.38
CA GLU WC 177 46.30 71.10 13.73
C GLU WC 177 45.74 70.69 12.38
N HIS WC 178 44.42 70.47 12.30
CA HIS WC 178 43.81 70.15 11.03
C HIS WC 178 43.93 71.30 10.04
N LEU WC 179 43.71 72.53 10.49
CA LEU WC 179 43.83 73.68 9.61
C LEU WC 179 45.25 73.82 9.08
N TRP WC 180 46.24 73.68 9.95
CA TRP WC 180 47.63 73.81 9.52
C TRP WC 180 48.04 72.65 8.62
N THR WC 181 47.52 71.45 8.87
CA THR WC 181 47.81 70.32 7.99
C THR WC 181 47.24 70.55 6.60
N VAL WC 182 46.02 71.09 6.52
CA VAL WC 182 45.46 71.42 5.21
C VAL WC 182 46.30 72.47 4.52
N HIS WC 183 46.72 73.50 5.26
CA HIS WC 183 47.56 74.54 4.69
C HIS WC 183 48.86 73.96 4.14
N VAL WC 184 49.52 73.11 4.91
CA VAL WC 184 50.79 72.54 4.49
C VAL WC 184 50.59 71.60 3.30
N ASN WC 185 49.49 70.85 3.28
CA ASN WC 185 49.22 69.96 2.16
C ASN WC 185 49.05 70.75 0.87
N ARG WC 186 48.24 71.81 0.91
CA ARG WC 186 48.02 72.57 -0.31
C ARG WC 186 49.20 73.45 -0.67
N LEU WC 187 50.13 73.70 0.26
CA LEU WC 187 51.40 74.31 -0.12
C LEU WC 187 52.33 73.28 -0.76
N ASN WC 188 52.34 72.05 -0.25
CA ASN WC 188 53.18 71.00 -0.83
C ASN WC 188 52.74 70.69 -2.25
N GLN WC 189 51.43 70.66 -2.50
CA GLN WC 189 50.92 70.50 -3.84
C GLN WC 189 51.00 71.77 -4.66
N LYS WC 190 51.68 72.81 -4.14
CA LYS WC 190 51.89 74.07 -4.85
C LYS WC 190 50.58 74.72 -5.27
N ILE WC 191 49.58 74.67 -4.39
CA ILE WC 191 48.29 75.28 -4.62
C ILE WC 191 48.27 76.60 -3.87
N LEU WC 192 48.57 77.70 -4.57
CA LEU WC 192 48.47 79.02 -4.00
C LEU WC 192 47.15 79.70 -4.34
N GLU WC 193 46.26 79.01 -5.04
CA GLU WC 193 44.93 79.54 -5.29
C GLU WC 193 44.10 79.54 -4.01
N ASP WC 194 43.14 80.45 -3.95
CA ASP WC 194 42.32 80.57 -2.76
C ASP WC 194 41.45 79.33 -2.57
N PRO WC 195 41.11 79.00 -1.31
CA PRO WC 195 40.31 77.79 -1.06
C PRO WC 195 38.89 77.92 -1.58
N LEU WC 196 38.07 76.90 -1.33
CA LEU WC 196 36.72 76.88 -1.88
C LEU WC 196 35.86 77.97 -1.26
N TYR WC 197 35.63 77.89 0.05
CA TYR WC 197 34.69 78.79 0.71
C TYR WC 197 35.35 80.12 1.07
N THR WC 198 35.80 80.82 0.03
CA THR WC 198 36.40 82.13 0.15
C THR WC 198 35.42 83.16 -0.39
N PHE WC 199 35.03 84.11 0.44
CA PHE WC 199 34.04 85.12 0.08
C PHE WC 199 34.72 86.49 0.13
N TYR WC 200 35.07 87.01 -1.05
CA TYR WC 200 35.81 88.24 -1.16
C TYR WC 200 34.96 89.43 -0.71
N PRO WC 201 35.60 90.55 -0.36
CA PRO WC 201 34.84 91.76 -0.07
C PRO WC 201 34.21 92.35 -1.32
N GLN WC 202 33.53 93.49 -1.17
CA GLN WC 202 32.78 94.07 -2.28
C GLN WC 202 33.70 94.47 -3.43
N GLU WC 203 34.88 95.01 -3.11
CA GLU WC 203 35.75 95.53 -4.16
C GLU WC 203 36.37 94.42 -5.00
N LEU WC 204 36.51 93.21 -4.44
CA LEU WC 204 37.12 92.10 -5.15
C LEU WC 204 36.12 91.22 -5.88
N ASN WC 205 34.83 91.49 -5.75
CA ASN WC 205 33.82 90.66 -6.39
C ASN WC 205 33.56 91.13 -7.83
N VAL WC 206 32.89 90.28 -8.58
CA VAL WC 206 32.53 90.55 -9.97
C VAL WC 206 31.09 91.04 -9.99
N PRO WC 207 30.81 92.24 -10.50
CA PRO WC 207 29.42 92.69 -10.60
C PRO WC 207 28.63 91.82 -11.57
N LYS WC 208 27.35 91.61 -11.25
CA LYS WC 208 26.49 90.79 -12.09
C LYS WC 208 25.90 91.62 -13.21
N HIS WC 209 25.94 91.09 -14.42
CA HIS WC 209 25.46 91.81 -15.60
C HIS WC 209 23.94 91.75 -15.64
N ASN WC 210 23.30 92.92 -15.50
CA ASN WC 210 21.84 92.97 -15.48
C ASN WC 210 21.24 92.81 -16.86
N ILE WC 211 21.90 93.34 -17.89
CA ILE WC 211 21.28 93.50 -19.19
C ILE WC 211 21.34 92.14 -19.89
N ILE WC 212 20.24 91.40 -19.83
CA ILE WC 212 20.08 90.14 -20.54
C ILE WC 212 18.95 90.34 -21.53
N VAL WC 213 19.27 90.26 -22.82
CA VAL WC 213 18.31 90.50 -23.89
C VAL WC 213 17.92 89.14 -24.47
N PRO WC 214 16.67 88.70 -24.33
CA PRO WC 214 16.26 87.45 -24.96
C PRO WC 214 16.32 87.53 -26.47
N THR WC 215 16.57 86.38 -27.09
CA THR WC 215 16.68 86.32 -28.54
C THR WC 215 15.33 86.61 -29.18
N ILE WC 216 15.38 87.01 -30.46
CA ILE WC 216 14.17 87.35 -31.18
C ILE WC 216 13.33 86.09 -31.39
N PHE WC 217 12.04 86.19 -31.10
CA PHE WC 217 11.14 85.07 -31.34
C PHE WC 217 10.86 84.94 -32.82
N ARG WC 218 11.01 83.71 -33.33
CA ARG WC 218 10.68 83.41 -34.72
C ARG WC 218 9.92 82.10 -34.78
N ASP WC 219 9.01 82.00 -35.74
CA ASP WC 219 8.20 80.81 -35.89
C ASP WC 219 9.07 79.62 -36.29
N THR WC 220 8.79 78.47 -35.70
CA THR WC 220 9.50 77.25 -36.06
C THR WC 220 9.01 76.76 -37.40
N PRO WC 221 9.90 76.51 -38.36
CA PRO WC 221 9.45 75.98 -39.67
C PRO WC 221 8.74 74.64 -39.56
N GLN WC 222 9.10 73.82 -38.58
CA GLN WC 222 8.44 72.54 -38.38
C GLN WC 222 7.44 72.62 -37.23
N GLU XC 30 -14.71 -4.22 23.05
CA GLU XC 30 -14.87 -5.17 24.14
C GLU XC 30 -14.37 -4.58 25.45
N GLU XC 31 -13.50 -5.34 26.13
CA GLU XC 31 -12.93 -4.86 27.39
C GLU XC 31 -12.07 -3.62 27.17
N ARG XC 32 -11.33 -3.58 26.06
CA ARG XC 32 -10.54 -2.40 25.76
C ARG XC 32 -11.42 -1.19 25.49
N TYR XC 33 -12.55 -1.40 24.81
CA TYR XC 33 -13.51 -0.32 24.60
C TYR XC 33 -14.08 0.18 25.92
N ASP XC 34 -14.39 -0.75 26.84
CA ASP XC 34 -14.88 -0.35 28.15
C ASP XC 34 -13.83 0.45 28.91
N ALA XC 35 -12.56 0.02 28.83
CA ALA XC 35 -11.49 0.75 29.49
C ALA XC 35 -11.34 2.16 28.90
N LEU XC 36 -11.44 2.28 27.58
CA LEU XC 36 -11.36 3.59 26.94
C LEU XC 36 -12.51 4.49 27.40
N ARG XC 37 -13.72 3.93 27.47
CA ARG XC 37 -14.87 4.72 27.92
C ARG XC 37 -14.69 5.18 29.36
N VAL XC 38 -14.21 4.28 30.23
CA VAL XC 38 -13.99 4.66 31.63
C VAL XC 38 -12.91 5.72 31.73
N GLN XC 39 -11.85 5.61 30.94
CA GLN XC 39 -10.78 6.62 30.99
C GLN XC 39 -11.28 7.97 30.50
N ARG XC 40 -12.09 7.98 29.44
CA ARG XC 40 -12.67 9.24 28.97
C ARG XC 40 -13.55 9.87 30.03
N ARG XC 41 -14.38 9.05 30.70
CA ARG XC 41 -15.21 9.58 31.78
C ARG XC 41 -14.36 10.11 32.92
N ILE XC 42 -13.26 9.44 33.23
CA ILE XC 42 -12.37 9.88 34.31
C ILE XC 42 -11.77 11.24 33.97
N TRP XC 43 -11.29 11.42 32.73
CA TRP XC 43 -10.74 12.70 32.34
C TRP XC 43 -11.79 13.80 32.41
N SER XC 44 -12.98 13.52 31.88
CA SER XC 44 -14.05 14.52 31.89
C SER XC 44 -14.41 14.91 33.31
N MET XC 45 -14.50 13.94 34.22
CA MET XC 45 -14.88 14.24 35.59
C MET XC 45 -13.76 14.91 36.37
N ARG XC 46 -12.50 14.60 36.07
CA ARG XC 46 -11.40 15.33 36.70
C ARG XC 46 -11.47 16.81 36.33
N PHE XC 47 -11.66 17.11 35.04
CA PHE XC 47 -11.80 18.50 34.64
C PHE XC 47 -13.02 19.13 35.30
N TYR XC 48 -14.14 18.42 35.32
CA TYR XC 48 -15.36 18.97 35.89
C TYR XC 48 -15.20 19.31 37.37
N TYR XC 49 -14.57 18.42 38.13
CA TYR XC 49 -14.46 18.64 39.57
C TYR XC 49 -13.41 19.69 39.91
N ALA XC 50 -12.31 19.78 39.16
CA ALA XC 50 -11.40 20.89 39.36
C ALA XC 50 -12.09 22.22 39.07
N ARG XC 51 -12.87 22.26 37.98
CA ARG XC 51 -13.60 23.48 37.65
C ARG XC 51 -14.62 23.82 38.72
N GLN XC 52 -15.29 22.81 39.27
CA GLN XC 52 -16.30 23.06 40.32
C GLN XC 52 -15.64 23.56 41.59
N GLN XC 53 -14.46 23.05 41.94
CA GLN XC 53 -13.74 23.60 43.09
C GLN XC 53 -13.40 25.06 42.87
N CYS XC 54 -12.91 25.40 41.67
CA CYS XC 54 -12.60 26.80 41.38
C CYS XC 54 -13.86 27.67 41.47
N LEU XC 55 -14.98 27.19 40.94
CA LEU XC 55 -16.21 27.97 40.97
C LEU XC 55 -16.74 28.15 42.39
N TYR XC 56 -16.66 27.10 43.21
CA TYR XC 56 -17.09 27.23 44.60
C TYR XC 56 -16.24 28.24 45.35
N GLU XC 57 -14.92 28.20 45.15
CA GLU XC 57 -14.06 29.18 45.80
C GLU XC 57 -14.37 30.59 45.32
N LEU XC 58 -14.62 30.74 44.01
CA LEU XC 58 -14.97 32.05 43.47
C LEU XC 58 -16.26 32.57 44.08
N PHE XC 59 -17.27 31.71 44.22
CA PHE XC 59 -18.53 32.14 44.81
C PHE XC 59 -18.35 32.54 46.27
N VAL XC 60 -17.57 31.77 47.02
CA VAL XC 60 -17.43 32.05 48.45
C VAL XC 60 -16.62 33.33 48.67
N ASP XC 61 -15.51 33.49 47.95
CA ASP XC 61 -14.59 34.58 48.23
C ASP XC 61 -14.82 35.82 47.37
N HIS XC 62 -15.37 35.68 46.17
CA HIS XC 62 -15.53 36.79 45.22
C HIS XC 62 -16.95 36.77 44.67
N PRO XC 63 -17.94 37.11 45.49
CA PRO XC 63 -19.33 36.94 45.06
C PRO XC 63 -19.73 37.74 43.84
N ASP XC 64 -19.20 38.95 43.65
CA ASP XC 64 -19.62 39.77 42.52
C ASP XC 64 -19.11 39.19 41.20
N LEU XC 65 -17.86 38.72 41.17
CA LEU XC 65 -17.36 38.09 39.96
C LEU XC 65 -18.08 36.79 39.66
N ALA XC 66 -18.44 36.04 40.71
CA ALA XC 66 -19.21 34.82 40.51
C ALA XC 66 -20.56 35.12 39.87
N GLN XC 67 -21.23 36.17 40.32
CA GLN XC 67 -22.49 36.56 39.72
C GLN XC 67 -22.29 37.03 38.29
N TRP XC 68 -21.24 37.80 38.03
CA TRP XC 68 -21.00 38.32 36.69
C TRP XC 68 -20.74 37.20 35.71
N THR XC 69 -19.96 36.18 36.10
CA THR XC 69 -19.65 35.08 35.21
C THR XC 69 -20.83 34.14 34.99
N GLY XC 70 -21.91 34.28 35.74
CA GLY XC 70 -23.04 33.39 35.59
C GLY XC 70 -23.01 32.16 36.45
N THR XC 71 -22.32 32.21 37.60
CA THR XC 71 -22.20 31.07 38.49
C THR XC 71 -23.36 31.05 39.47
N TYR XC 72 -24.00 29.89 39.62
CA TYR XC 72 -25.08 29.73 40.58
C TYR XC 72 -24.55 29.85 42.00
N PRO XC 73 -25.43 30.16 42.97
CA PRO XC 73 -25.03 30.02 44.37
C PRO XC 73 -24.72 28.58 44.70
N LYS XC 74 -23.45 28.29 45.01
CA LYS XC 74 -22.96 26.92 45.09
C LYS XC 74 -22.79 26.44 46.52
N VAL XC 75 -23.42 27.11 47.49
CA VAL XC 75 -23.37 26.68 48.89
C VAL XC 75 -24.60 25.85 49.18
N ASP XC 76 -24.40 24.66 49.73
CA ASP XC 76 -25.49 23.75 50.06
C ASP XC 76 -26.11 24.20 51.37
N SER XC 77 -27.34 24.70 51.29
CA SER XC 77 -28.08 25.18 52.46
C SER XC 77 -29.17 24.21 52.89
N SER XC 78 -28.90 22.91 52.78
CA SER XC 78 -29.88 21.91 53.18
C SER XC 78 -30.11 21.87 54.68
N HIS XC 79 -29.24 22.47 55.47
CA HIS XC 79 -29.43 22.51 56.92
C HIS XC 79 -30.47 23.53 57.35
N GLY XC 80 -30.96 24.37 56.44
CA GLY XC 80 -32.03 25.28 56.73
C GLY XC 80 -31.62 26.72 56.96
N PHE XC 81 -30.32 27.00 57.12
CA PHE XC 81 -29.87 28.36 57.36
C PHE XC 81 -29.38 28.97 56.05
N PRO XC 82 -30.02 30.02 55.55
CA PRO XC 82 -29.59 30.61 54.29
C PRO XC 82 -28.20 31.22 54.38
N PHE XC 83 -27.51 31.24 53.24
CA PHE XC 83 -26.15 31.73 53.18
C PHE XC 83 -26.10 33.22 53.45
N TYR XC 84 -24.99 33.66 54.05
CA TYR XC 84 -24.88 35.06 54.45
C TYR XC 84 -24.64 36.00 53.28
N SER XC 85 -24.06 35.51 52.17
CA SER XC 85 -23.82 36.35 50.99
C SER XC 85 -24.24 35.57 49.75
N THR XC 86 -25.51 35.68 49.39
CA THR XC 86 -26.06 35.07 48.18
C THR XC 86 -26.56 36.18 47.27
N TYR XC 87 -26.86 35.81 46.02
CA TYR XC 87 -27.20 36.82 45.02
C TYR XC 87 -28.18 36.23 44.02
N GLU XC 88 -28.80 37.14 43.25
CA GLU XC 88 -29.70 36.78 42.17
C GLU XC 88 -28.90 36.46 40.91
N MET XC 89 -29.35 35.45 40.17
CA MET XC 89 -28.60 34.98 39.01
C MET XC 89 -28.61 36.00 37.89
N TYR XC 90 -27.43 36.29 37.36
CA TYR XC 90 -27.24 37.17 36.20
C TYR XC 90 -26.92 36.28 35.01
N ARG XC 91 -27.97 35.77 34.37
CA ARG XC 91 -27.82 34.85 33.25
C ARG XC 91 -27.91 35.62 31.93
N ASP XC 92 -26.84 36.39 31.68
CA ASP XC 92 -26.80 37.23 30.48
C ASP XC 92 -26.77 36.38 29.21
N PHE XC 93 -25.85 35.40 29.15
CA PHE XC 93 -25.76 34.56 27.97
C PHE XC 93 -26.96 33.61 27.88
N GLN XC 94 -27.29 32.96 28.99
CA GLN XC 94 -28.39 31.99 29.07
C GLN XC 94 -28.43 31.04 27.87
N SER XC 103 -30.45 29.59 20.47
CA SER XC 103 -30.33 28.79 19.26
C SER XC 103 -30.28 29.67 18.02
N PHE XC 104 -31.43 30.22 17.65
CA PHE XC 104 -31.50 31.09 16.48
C PHE XC 104 -30.64 32.34 16.67
N ALA XC 105 -30.68 32.92 17.88
CA ALA XC 105 -29.88 34.11 18.14
C ALA XC 105 -28.39 33.80 17.98
N GLN XC 106 -27.94 32.67 18.52
CA GLN XC 106 -26.54 32.28 18.38
C GLN XC 106 -26.18 32.05 16.92
N TRP XC 107 -27.06 31.38 16.17
CA TRP XC 107 -26.78 31.09 14.77
C TRP XC 107 -26.68 32.38 13.96
N ILE XC 108 -27.63 33.29 14.15
CA ILE XC 108 -27.65 34.52 13.35
C ILE XC 108 -26.49 35.44 13.74
N THR XC 109 -26.14 35.48 15.03
CA THR XC 109 -24.98 36.26 15.44
C THR XC 109 -23.70 35.68 14.84
N LEU XC 110 -23.58 34.36 14.81
CA LEU XC 110 -22.41 33.75 14.20
C LEU XC 110 -22.34 34.06 12.71
N VAL XC 111 -23.48 34.00 12.01
CA VAL XC 111 -23.49 34.28 10.57
C VAL XC 111 -23.09 35.73 10.31
N CYS XC 112 -23.67 36.66 11.07
CA CYS XC 112 -23.34 38.07 10.89
C CYS XC 112 -21.89 38.36 11.23
N GLY XC 113 -21.37 37.73 12.30
CA GLY XC 113 -19.98 37.93 12.65
C GLY XC 113 -19.04 37.37 11.61
N ILE XC 114 -19.36 36.21 11.05
CA ILE XC 114 -18.54 35.64 9.98
C ILE XC 114 -18.55 36.56 8.76
N TYR XC 115 -19.72 37.10 8.42
CA TYR XC 115 -19.79 38.02 7.28
C TYR XC 115 -18.96 39.27 7.54
N VAL XC 116 -19.05 39.82 8.75
CA VAL XC 116 -18.29 41.03 9.08
C VAL XC 116 -16.79 40.75 9.05
N ILE XC 117 -16.37 39.60 9.59
CA ILE XC 117 -14.96 39.24 9.57
C ILE XC 117 -14.47 39.07 8.12
N HIS XC 118 -15.30 38.46 7.27
CA HIS XC 118 -14.94 38.32 5.87
C HIS XC 118 -14.79 39.68 5.21
N VAL XC 119 -15.70 40.62 5.51
CA VAL XC 119 -15.62 41.95 4.93
C VAL XC 119 -14.35 42.67 5.39
N ILE XC 120 -14.09 42.66 6.70
CA ILE XC 120 -12.92 43.37 7.20
C ILE XC 120 -11.63 42.73 6.73
N TYR XC 121 -11.66 41.42 6.47
CA TYR XC 121 -10.45 40.73 6.02
C TYR XC 121 -9.99 41.23 4.65
N ASN XC 122 -10.94 41.45 3.74
CA ASN XC 122 -10.59 41.74 2.35
C ASN XC 122 -10.98 43.14 1.89
N TYR XC 123 -11.73 43.89 2.67
CA TYR XC 123 -12.18 45.22 2.26
C TYR XC 123 -11.60 46.34 3.10
N MET XC 124 -11.54 46.20 4.42
CA MET XC 124 -11.04 47.26 5.27
C MET XC 124 -9.51 47.23 5.35
N ILE XC 125 -8.95 46.16 5.91
CA ILE XC 125 -7.50 46.11 6.16
C ILE XC 125 -6.69 46.27 4.87
N PRO XC 126 -6.97 45.55 3.78
CA PRO XC 126 -6.17 45.74 2.57
C PRO XC 126 -6.22 47.16 2.02
N TYR XC 127 -7.17 47.97 2.48
CA TYR XC 127 -7.21 49.37 2.04
C TYR XC 127 -5.96 50.13 2.48
N TYR XC 128 -5.32 49.69 3.55
CA TYR XC 128 -4.19 50.41 4.11
C TYR XC 128 -2.84 49.90 3.62
N TRP XC 129 -2.83 48.86 2.76
CA TRP XC 129 -1.55 48.30 2.31
C TRP XC 129 -0.79 49.29 1.45
N VAL XC 130 -1.47 49.93 0.51
CA VAL XC 130 -0.85 50.88 -0.41
C VAL XC 130 -1.48 52.24 -0.16
N SER XC 131 -0.64 53.23 0.16
CA SER XC 131 -1.10 54.59 0.39
C SER XC 131 -0.23 55.63 -0.30
N THR XC 132 0.86 55.22 -0.95
CA THR XC 132 1.77 56.10 -1.65
C THR XC 132 2.06 55.53 -3.02
N PRO XC 133 2.44 56.36 -3.99
CA PRO XC 133 2.88 55.83 -5.28
C PRO XC 133 4.10 54.93 -5.14
N LEU XC 134 4.12 53.87 -5.93
CA LEU XC 134 5.12 52.81 -5.81
C LEU XC 134 6.03 52.81 -7.03
N LYS XC 135 7.33 52.66 -6.79
CA LYS XC 135 8.29 52.66 -7.89
C LYS XC 135 8.21 51.37 -8.69
N ASN XC 136 8.14 50.23 -8.02
CA ASN XC 136 8.24 48.92 -8.68
C ASN XC 136 6.90 48.21 -8.63
N ASP XC 137 6.39 47.85 -9.80
CA ASP XC 137 5.18 47.03 -9.94
C ASP XC 137 4.00 47.61 -9.16
N GLU XC 138 3.83 48.93 -9.27
CA GLU XC 138 2.71 49.59 -8.59
C GLU XC 138 1.39 49.05 -9.09
N PHE XC 139 1.25 48.87 -10.40
CA PHE XC 139 0.01 48.34 -10.95
C PHE XC 139 -0.22 46.91 -10.50
N THR XC 140 0.85 46.12 -10.40
CA THR XC 140 0.72 44.75 -9.90
C THR XC 140 0.18 44.73 -8.47
N ARG XC 141 0.76 45.56 -7.60
CA ARG XC 141 0.32 45.56 -6.20
C ARG XC 141 -1.10 46.08 -6.07
N LEU XC 142 -1.45 47.13 -6.83
CA LEU XC 142 -2.81 47.65 -6.79
C LEU XC 142 -3.80 46.62 -7.32
N ARG XC 143 -3.42 45.89 -8.38
CA ARG XC 143 -4.27 44.82 -8.89
C ARG XC 143 -4.47 43.73 -7.85
N MET XC 144 -3.42 43.38 -7.11
CA MET XC 144 -3.55 42.39 -6.05
C MET XC 144 -4.57 42.84 -5.00
N LYS XC 145 -4.39 44.07 -4.50
CA LYS XC 145 -5.31 44.59 -3.49
C LYS XC 145 -6.74 44.60 -4.00
N ASP XC 146 -6.94 45.06 -5.24
CA ASP XC 146 -8.29 45.15 -5.78
C ASP XC 146 -8.90 43.77 -6.01
N TYR XC 147 -8.09 42.81 -6.49
CA TYR XC 147 -8.61 41.48 -6.77
C TYR XC 147 -9.10 40.80 -5.50
N ILE XC 148 -8.33 40.92 -4.41
CA ILE XC 148 -8.78 40.24 -3.19
C ILE XC 148 -10.04 40.86 -2.61
N ALA XC 149 -10.55 41.93 -3.19
CA ALA XC 149 -11.76 42.59 -2.72
C ALA XC 149 -12.87 42.61 -3.75
N SER XC 150 -12.57 42.98 -5.01
CA SER XC 150 -13.61 43.16 -6.00
C SER XC 150 -14.26 41.83 -6.39
N THR XC 151 -13.45 40.82 -6.68
CA THR XC 151 -13.97 39.54 -7.14
C THR XC 151 -14.46 38.73 -5.94
N VAL XC 152 -15.75 38.39 -5.95
CA VAL XC 152 -16.35 37.58 -4.90
C VAL XC 152 -16.87 36.30 -5.52
N LEU XC 153 -17.14 35.31 -4.67
CA LEU XC 153 -17.55 34.00 -5.16
C LEU XC 153 -18.96 34.03 -5.74
N GLU XC 154 -19.88 34.74 -5.08
CA GLU XC 154 -21.29 34.68 -5.43
C GLU XC 154 -21.53 34.92 -6.91
N GLU XC 155 -20.70 35.78 -7.53
CA GLU XC 155 -20.90 36.14 -8.93
C GLU XC 155 -21.04 34.91 -9.82
N VAL XC 156 -20.23 33.87 -9.57
CA VAL XC 156 -20.28 32.70 -10.44
C VAL XC 156 -21.66 32.06 -10.39
N TYR XC 157 -22.21 31.90 -9.17
CA TYR XC 157 -23.55 31.35 -9.05
C TYR XC 157 -24.56 32.22 -9.77
N GLY XC 158 -24.35 33.53 -9.75
CA GLY XC 158 -25.27 34.47 -10.37
C GLY XC 158 -25.53 34.15 -11.82
N ILE XC 159 -24.62 33.41 -12.44
CA ILE XC 159 -24.84 32.92 -13.80
C ILE XC 159 -24.87 31.40 -13.89
N SER XC 160 -24.30 30.69 -12.90
CA SER XC 160 -24.30 29.23 -12.96
C SER XC 160 -25.71 28.66 -12.85
N TYR XC 161 -26.64 29.39 -12.25
CA TYR XC 161 -28.04 28.99 -12.13
C TYR XC 161 -28.93 30.08 -12.68
N ALA XC 162 -28.60 30.58 -13.87
CA ALA XC 162 -29.31 31.68 -14.49
C ALA XC 162 -30.74 31.33 -14.89
N GLU XC 163 -31.08 30.03 -14.94
CA GLU XC 163 -32.43 29.63 -15.31
C GLU XC 163 -33.47 29.98 -14.25
N TRP XC 164 -33.03 30.40 -13.05
CA TRP XC 164 -33.96 30.72 -11.97
C TRP XC 164 -34.50 32.13 -12.12
N GLY XC 165 -35.06 32.46 -13.29
CA GLY XC 165 -35.56 33.79 -13.53
C GLY XC 165 -35.37 34.26 -14.96
N TRP XC 166 -34.54 33.55 -15.71
CA TRP XC 166 -34.36 33.81 -17.13
C TRP XC 166 -35.06 32.72 -17.94
N LEU XC 167 -36.08 33.11 -18.69
CA LEU XC 167 -36.78 32.22 -19.60
C LEU XC 167 -35.81 31.82 -20.73
N PRO XC 168 -36.20 30.92 -21.63
CA PRO XC 168 -35.27 30.58 -22.73
C PRO XC 168 -34.87 31.76 -23.60
N HIS XC 169 -35.83 32.53 -24.09
CA HIS XC 169 -35.49 33.64 -25.00
C HIS XC 169 -34.80 34.77 -24.26
N ASP XC 170 -35.26 35.09 -23.04
CA ASP XC 170 -34.57 36.07 -22.23
C ASP XC 170 -33.15 35.61 -21.92
N PHE XC 171 -32.97 34.30 -21.72
CA PHE XC 171 -31.63 33.77 -21.48
C PHE XC 171 -30.75 33.95 -22.69
N ALA XC 172 -31.29 33.72 -23.89
CA ALA XC 172 -30.50 33.93 -25.11
C ALA XC 172 -30.09 35.40 -25.25
N TYR XC 173 -31.05 36.31 -25.07
CA TYR XC 173 -30.73 37.73 -25.19
C TYR XC 173 -29.72 38.16 -24.14
N ASN XC 174 -29.91 37.75 -22.89
CA ASN XC 174 -28.96 38.09 -21.84
C ASN XC 174 -27.63 37.39 -22.03
N ARG XC 175 -27.60 36.27 -22.75
CA ARG XC 175 -26.33 35.62 -23.07
C ARG XC 175 -25.52 36.47 -24.04
N MET XC 176 -26.16 36.94 -25.11
CA MET XC 176 -25.45 37.84 -26.02
C MET XC 176 -25.07 39.13 -25.31
N ARG XC 177 -25.95 39.64 -24.45
CA ARG XC 177 -25.68 40.86 -23.70
C ARG XC 177 -24.50 40.69 -22.76
N GLY XC 178 -24.43 39.55 -22.06
CA GLY XC 178 -23.31 39.31 -21.17
C GLY XC 178 -22.01 39.08 -21.90
N LEU XC 179 -22.05 38.38 -23.03
CA LEU XC 179 -20.85 38.22 -23.83
C LEU XC 179 -20.33 39.57 -24.34
N ALA XC 180 -21.25 40.49 -24.65
CA ALA XC 180 -20.82 41.83 -25.02
C ALA XC 180 -20.26 42.59 -23.82
N GLY XC 181 -20.96 42.55 -22.68
CA GLY XC 181 -20.59 43.35 -21.53
C GLY XC 181 -19.35 42.90 -20.81
N TYR XC 182 -19.01 41.61 -20.91
CA TYR XC 182 -17.77 41.09 -20.36
C TYR XC 182 -16.73 40.83 -21.44
N MET XC 183 -16.76 41.65 -22.50
CA MET XC 183 -15.81 41.50 -23.60
C MET XC 183 -14.40 41.88 -23.20
N HIS XC 184 -14.25 42.84 -22.30
CA HIS XC 184 -12.94 43.35 -21.97
C HIS XC 184 -12.09 42.26 -21.32
N PRO XC 185 -10.88 42.01 -21.82
CA PRO XC 185 -10.09 40.90 -21.26
C PRO XC 185 -9.54 41.18 -19.88
N ASP XC 186 -9.11 42.41 -19.62
CA ASP XC 186 -8.48 42.76 -18.35
C ASP XC 186 -9.58 43.02 -17.31
N ASP XC 187 -10.18 41.93 -16.86
CA ASP XC 187 -11.25 41.98 -15.87
C ASP XC 187 -11.21 40.69 -15.06
N PRO XC 188 -10.64 40.72 -13.86
CA PRO XC 188 -10.63 39.51 -13.02
C PRO XC 188 -12.02 39.07 -12.59
N ARG XC 189 -13.02 39.95 -12.65
CA ARG XC 189 -14.38 39.55 -12.31
C ARG XC 189 -14.98 38.68 -13.41
N ALA XC 190 -14.64 38.93 -14.67
CA ALA XC 190 -15.07 38.04 -15.75
C ALA XC 190 -14.49 36.65 -15.55
N MET XC 191 -13.23 36.57 -15.14
CA MET XC 191 -12.69 35.32 -14.63
C MET XC 191 -13.42 34.95 -13.34
N CYS XC 192 -13.50 33.64 -13.07
CA CYS XC 192 -14.25 33.12 -11.93
C CYS XC 192 -15.74 33.43 -12.04
N THR XC 193 -16.23 33.52 -13.27
CA THR XC 193 -17.66 33.71 -13.56
C THR XC 193 -18.09 32.62 -14.53
N SER XC 194 -19.21 31.96 -14.24
CA SER XC 194 -19.68 30.88 -15.09
C SER XC 194 -19.91 31.38 -16.51
N THR XC 195 -19.59 30.53 -17.48
CA THR XC 195 -19.57 30.94 -18.87
C THR XC 195 -20.95 31.31 -19.38
N PHE XC 196 -20.99 32.25 -20.32
CA PHE XC 196 -22.18 32.53 -21.09
C PHE XC 196 -22.28 31.67 -22.34
N HIS XC 197 -21.24 30.91 -22.67
CA HIS XC 197 -21.27 29.98 -23.79
C HIS XC 197 -21.91 28.67 -23.34
N ARG XC 198 -23.22 28.75 -23.11
CA ARG XC 198 -23.97 27.59 -22.62
C ARG XC 198 -25.39 27.67 -23.14
N LYS XC 199 -26.03 26.51 -23.18
CA LYS XC 199 -27.43 26.41 -23.57
C LYS XC 199 -28.32 26.49 -22.33
N HIS XC 200 -29.54 26.99 -22.52
CA HIS XC 200 -30.52 26.99 -21.45
C HIS XC 200 -30.85 25.56 -21.06
N LYS XC 201 -30.89 25.29 -19.75
CA LYS XC 201 -31.07 23.92 -19.28
C LYS XC 201 -32.44 23.37 -19.68
N TYR XC 202 -33.48 24.20 -19.62
CA TYR XC 202 -34.82 23.72 -19.94
C TYR XC 202 -34.95 23.43 -21.43
N ILE XC 203 -34.77 24.46 -22.26
CA ILE XC 203 -34.75 24.29 -23.71
C ILE XC 203 -33.95 25.45 -24.30
N GLU XC 204 -33.25 25.18 -25.39
CA GLU XC 204 -32.44 26.18 -26.07
C GLU XC 204 -32.97 26.38 -27.48
N HIS XC 205 -33.23 27.63 -27.84
CA HIS XC 205 -33.79 27.97 -29.14
C HIS XC 205 -32.75 28.46 -30.14
N GLU XC 206 -31.98 29.48 -29.76
CA GLU XC 206 -31.06 30.10 -30.71
C GLU XC 206 -29.85 29.22 -30.99
N VAL XC 207 -29.26 28.64 -29.94
CA VAL XC 207 -27.98 27.96 -30.05
C VAL XC 207 -28.20 26.48 -30.32
N GLU XC 208 -27.63 25.97 -31.40
CA GLU XC 208 -27.69 24.55 -31.72
C GLU XC 208 -26.46 23.80 -31.21
N LYS XC 209 -25.29 24.43 -31.26
CA LYS XC 209 -24.08 23.88 -30.68
C LYS XC 209 -23.37 24.96 -29.89
N VAL XC 210 -22.63 24.55 -28.86
CA VAL XC 210 -22.02 25.50 -27.94
C VAL XC 210 -21.01 26.39 -28.64
N GLY XC 211 -20.17 25.80 -29.50
CA GLY XC 211 -19.10 26.57 -30.10
C GLY XC 211 -19.18 26.74 -31.60
N ASP XC 212 -20.38 26.73 -32.17
CA ASP XC 212 -20.60 26.93 -33.60
C ASP XC 212 -21.12 28.34 -33.79
N TYR XC 213 -20.21 29.29 -33.97
CA TYR XC 213 -20.53 30.69 -34.15
C TYR XC 213 -19.98 31.18 -35.47
N HIS XC 214 -20.42 32.37 -35.88
CA HIS XC 214 -19.85 33.06 -37.02
C HIS XC 214 -18.93 34.21 -36.61
N HIS XC 215 -18.98 34.62 -35.34
CA HIS XC 215 -18.07 35.61 -34.78
C HIS XC 215 -17.63 35.11 -33.42
N MET XC 216 -16.34 35.34 -33.10
CA MET XC 216 -15.81 34.78 -31.86
C MET XC 216 -16.48 35.37 -30.62
N THR XC 217 -16.71 36.68 -30.62
CA THR XC 217 -17.26 37.37 -29.47
C THR XC 217 -18.77 37.59 -29.59
N TYR XC 218 -19.48 36.70 -30.27
CA TYR XC 218 -20.91 36.80 -30.39
C TYR XC 218 -21.49 35.40 -30.47
N PRO XC 219 -22.56 35.11 -29.72
CA PRO XC 219 -23.07 33.74 -29.64
C PRO XC 219 -23.86 33.27 -30.86
N LYS XC 220 -23.85 34.01 -31.96
CA LYS XC 220 -24.55 33.58 -33.15
C LYS XC 220 -23.70 33.83 -34.40
N THR YC 5 -61.79 125.84 -15.96
CA THR YC 5 -61.80 125.97 -14.51
C THR YC 5 -61.80 124.60 -13.84
N ALA YC 6 -61.60 123.55 -14.65
CA ALA YC 6 -61.55 122.19 -14.11
C ALA YC 6 -60.37 122.03 -13.15
N SER YC 7 -59.21 122.56 -13.52
CA SER YC 7 -58.05 122.48 -12.64
C SER YC 7 -58.29 123.25 -11.34
N GLU YC 8 -58.92 124.43 -11.44
CA GLU YC 8 -59.24 125.19 -10.23
C GLU YC 8 -60.18 124.42 -9.33
N GLU YC 9 -61.21 123.78 -9.91
CA GLU YC 9 -62.14 123.00 -9.10
C GLU YC 9 -61.45 121.81 -8.45
N GLU YC 10 -60.56 121.14 -9.19
CA GLU YC 10 -59.82 120.02 -8.62
C GLU YC 10 -58.93 120.46 -7.47
N LEU YC 11 -58.25 121.60 -7.62
CA LEU YC 11 -57.42 122.11 -6.53
C LEU YC 11 -58.26 122.48 -5.31
N LYS YC 12 -59.40 123.14 -5.53
CA LYS YC 12 -60.27 123.50 -4.42
C LYS YC 12 -60.80 122.26 -3.71
N LYS YC 13 -61.07 121.19 -4.47
CA LYS YC 13 -61.44 119.92 -3.86
C LYS YC 13 -60.29 119.34 -3.05
N LEU YC 14 -59.06 119.49 -3.54
CA LEU YC 14 -57.91 119.02 -2.79
C LEU YC 14 -57.78 119.74 -1.46
N TYR YC 15 -58.10 121.03 -1.43
CA TYR YC 15 -58.01 121.80 -0.19
C TYR YC 15 -59.29 121.75 0.64
N ASP YC 16 -60.30 121.02 0.20
CA ASP YC 16 -61.51 120.84 1.01
C ASP YC 16 -61.21 119.97 2.21
N PRO YC 17 -61.66 120.34 3.41
CA PRO YC 17 -61.36 119.52 4.60
C PRO YC 17 -61.88 118.10 4.52
N ASN YC 18 -63.01 117.86 3.84
CA ASN YC 18 -63.60 116.54 3.77
C ASN YC 18 -63.04 115.70 2.63
N THR YC 19 -61.83 116.00 2.17
CA THR YC 19 -61.22 115.23 1.09
C THR YC 19 -60.34 114.10 1.63
N PHE YC 20 -59.32 114.44 2.42
CA PHE YC 20 -58.39 113.46 2.94
C PHE YC 20 -58.74 112.99 4.34
N TYR YC 21 -59.86 113.42 4.89
CA TYR YC 21 -60.24 113.11 6.26
C TYR YC 21 -61.37 112.08 6.26
N GLU YC 22 -61.11 110.93 6.88
CA GLU YC 22 -62.13 109.93 7.18
C GLU YC 22 -62.30 109.85 8.69
N HIS YC 23 -63.53 109.72 9.14
CA HIS YC 23 -63.81 109.68 10.57
C HIS YC 23 -63.08 108.52 11.23
N GLY YC 24 -62.59 108.75 12.44
CA GLY YC 24 -61.78 107.76 13.12
C GLY YC 24 -60.31 107.79 12.76
N ASP YC 25 -59.89 108.73 11.91
CA ASP YC 25 -58.50 108.91 11.53
C ASP YC 25 -58.00 110.24 12.10
N ASN YC 26 -56.77 110.60 11.73
CA ASN YC 26 -56.15 111.81 12.24
C ASN YC 26 -56.93 113.04 11.79
N PRO YC 27 -57.39 113.89 12.71
CA PRO YC 27 -58.05 115.14 12.29
C PRO YC 27 -57.13 116.10 11.57
N ALA YC 28 -55.81 115.92 11.66
CA ALA YC 28 -54.89 116.75 10.90
C ALA YC 28 -55.05 116.56 9.40
N PHE YC 29 -55.72 115.50 8.98
CA PHE YC 29 -56.06 115.31 7.58
C PHE YC 29 -57.11 116.30 7.09
N LYS YC 30 -57.77 117.03 7.99
CA LYS YC 30 -58.68 118.08 7.56
C LYS YC 30 -57.92 119.20 6.86
N GLN YC 31 -56.73 119.53 7.34
CA GLN YC 31 -55.86 120.51 6.71
C GLN YC 31 -54.67 119.85 6.02
N PHE YC 32 -54.74 118.55 5.76
CA PHE YC 32 -53.63 117.75 5.25
C PHE YC 32 -52.84 118.48 4.19
N MET YC 33 -53.51 118.85 3.09
CA MET YC 33 -52.81 119.44 1.96
C MET YC 33 -51.98 120.64 2.39
N ASN YC 34 -52.58 121.55 3.15
CA ASN YC 34 -51.84 122.71 3.63
C ASN YC 34 -50.58 122.27 4.36
N ILE YC 35 -50.74 121.39 5.35
CA ILE YC 35 -49.59 120.90 6.09
C ILE YC 35 -48.59 120.28 5.14
N ALA YC 36 -49.08 119.48 4.19
CA ALA YC 36 -48.20 118.83 3.24
C ALA YC 36 -47.35 119.85 2.49
N VAL YC 37 -47.98 120.92 1.98
CA VAL YC 37 -47.21 121.83 1.15
C VAL YC 37 -46.18 122.58 1.98
N GLU YC 38 -46.33 122.59 3.31
CA GLU YC 38 -45.34 123.23 4.15
C GLU YC 38 -44.21 122.31 4.57
N ASN YC 39 -44.39 121.00 4.39
CA ASN YC 39 -43.41 120.03 4.89
C ASN YC 39 -42.79 119.18 3.80
N LEU YC 40 -43.58 118.67 2.87
CA LEU YC 40 -43.07 117.82 1.80
C LEU YC 40 -42.61 118.65 0.61
N ARG YC 41 -41.74 119.63 0.88
CA ARG YC 41 -41.22 120.47 -0.19
C ARG YC 41 -40.30 119.67 -1.10
N GLU YC 42 -40.49 119.84 -2.41
CA GLU YC 42 -39.71 119.15 -3.45
C GLU YC 42 -39.92 117.64 -3.41
N GLY YC 43 -40.95 117.17 -2.71
CA GLY YC 43 -41.23 115.75 -2.63
C GLY YC 43 -40.34 114.99 -1.68
N LYS YC 44 -39.56 115.67 -0.85
CA LYS YC 44 -38.61 115.03 0.05
C LYS YC 44 -39.15 115.03 1.47
N LEU YC 45 -39.01 113.90 2.16
CA LEU YC 45 -39.40 113.79 3.55
C LEU YC 45 -38.20 114.12 4.44
N THR YC 46 -38.32 115.18 5.22
CA THR YC 46 -37.23 115.59 6.10
C THR YC 46 -37.02 114.53 7.18
N ASP YC 47 -35.76 114.18 7.41
CA ASP YC 47 -35.39 113.17 8.40
C ASP YC 47 -34.99 113.88 9.68
N HIS YC 48 -35.88 113.84 10.68
CA HIS YC 48 -35.63 114.49 11.96
C HIS YC 48 -34.81 113.63 12.90
N ARG YC 49 -34.47 112.41 12.51
CA ARG YC 49 -33.67 111.55 13.37
C ARG YC 49 -32.27 112.09 13.54
N THR YC 50 -31.67 111.81 14.69
CA THR YC 50 -30.34 112.29 15.03
C THR YC 50 -29.32 111.21 14.74
N TYR YC 51 -28.27 111.56 14.00
CA TYR YC 51 -27.19 110.62 13.70
C TYR YC 51 -26.25 110.58 14.88
N VAL YC 52 -26.17 109.43 15.55
CA VAL YC 52 -25.39 109.26 16.77
C VAL YC 52 -24.26 108.29 16.49
N VAL YC 53 -23.04 108.71 16.81
CA VAL YC 53 -21.88 107.83 16.80
C VAL YC 53 -21.59 107.47 18.25
N ASP YC 54 -21.58 106.17 18.54
CA ASP YC 54 -21.57 105.72 19.92
C ASP YC 54 -20.26 106.02 20.62
N THR YC 55 -20.35 106.58 21.82
CA THR YC 55 -19.24 106.69 22.75
C THR YC 55 -19.63 106.19 24.13
N TYR YC 56 -20.72 105.43 24.22
CA TYR YC 56 -21.24 104.88 25.46
C TYR YC 56 -21.57 105.98 26.47
N LYS YC 57 -22.07 107.12 25.96
CA LYS YC 57 -22.61 108.15 26.83
C LYS YC 57 -24.05 107.90 27.23
N LYS YC 58 -24.70 106.92 26.61
CA LYS YC 58 -26.06 106.55 26.95
C LYS YC 58 -26.23 105.05 26.78
N TRP YC 59 -27.03 104.45 27.64
CA TRP YC 59 -27.37 103.03 27.56
C TRP YC 59 -28.84 102.81 27.24
N MET YC 60 -29.74 103.46 27.97
CA MET YC 60 -31.16 103.26 27.75
C MET YC 60 -31.71 104.10 26.62
N TYR YC 61 -30.99 105.13 26.19
CA TYR YC 61 -31.40 106.03 25.12
C TYR YC 61 -32.75 106.68 25.37
N ALA YC 62 -33.18 106.75 26.63
CA ALA YC 62 -34.38 107.47 27.02
C ALA YC 62 -33.96 108.84 27.53
N ARG YC 63 -34.44 109.89 26.86
CA ARG YC 63 -34.00 111.23 27.22
C ARG YC 63 -34.47 111.62 28.62
N ASN YC 64 -35.69 111.24 28.98
CA ASN YC 64 -36.23 111.57 30.29
C ASN YC 64 -37.22 110.47 30.69
N TRP YC 65 -37.81 110.63 31.88
CA TRP YC 65 -38.77 109.64 32.36
C TRP YC 65 -40.02 109.63 31.49
N ASP YC 66 -40.40 110.78 30.94
CA ASP YC 66 -41.51 110.81 30.00
C ASP YC 66 -41.22 109.94 28.79
N ASP YC 67 -40.01 110.04 28.24
CA ASP YC 67 -39.61 109.18 27.13
C ASP YC 67 -39.62 107.72 27.55
N PHE YC 68 -39.13 107.41 28.75
CA PHE YC 68 -39.12 106.04 29.23
C PHE YC 68 -40.54 105.47 29.26
N LEU YC 69 -41.47 106.19 29.89
CA LEU YC 69 -42.84 105.71 29.98
C LEU YC 69 -43.50 105.61 28.61
N GLN YC 70 -43.24 106.58 27.73
CA GLN YC 70 -43.90 106.58 26.43
C GLN YC 70 -43.39 105.47 25.53
N ARG YC 71 -42.08 105.24 25.51
CA ARG YC 71 -41.47 104.36 24.52
C ARG YC 71 -41.03 103.02 25.10
N ASP YC 72 -40.28 103.01 26.20
CA ASP YC 72 -39.83 101.73 26.76
C ASP YC 72 -41.00 100.94 27.33
N CYS YC 73 -41.86 101.59 28.12
CA CYS YC 73 -43.05 100.93 28.64
C CYS YC 73 -44.21 100.95 27.67
N LYS YC 74 -44.10 101.70 26.57
CA LYS YC 74 -45.13 101.76 25.53
C LYS YC 74 -46.49 102.12 26.09
N ALA YC 75 -46.52 103.12 26.98
CA ALA YC 75 -47.77 103.67 27.49
C ALA YC 75 -48.31 104.73 26.55
N ILE YC 76 -48.55 104.30 25.30
CA ILE YC 76 -48.99 105.24 24.27
C ILE YC 76 -50.42 105.70 24.50
N THR YC 77 -51.26 104.86 25.08
CA THR YC 77 -52.66 105.19 25.32
C THR YC 77 -52.86 105.63 26.76
N PHE YC 78 -54.09 106.06 27.07
CA PHE YC 78 -54.39 106.51 28.42
C PHE YC 78 -54.62 105.36 29.40
N PRO YC 79 -55.34 104.29 29.03
CA PRO YC 79 -55.45 103.16 29.98
C PRO YC 79 -54.09 102.61 30.39
N ARG YC 80 -53.14 102.53 29.46
CA ARG YC 80 -51.79 102.09 29.81
C ARG YC 80 -51.13 103.07 30.76
N ALA YC 81 -51.30 104.37 30.53
CA ALA YC 81 -50.73 105.37 31.42
C ALA YC 81 -51.32 105.27 32.82
N PHE YC 82 -52.63 105.04 32.93
CA PHE YC 82 -53.26 104.93 34.23
C PHE YC 82 -52.85 103.64 34.94
N ALA YC 83 -52.67 102.56 34.19
CA ALA YC 83 -52.16 101.32 34.79
C ALA YC 83 -50.74 101.53 35.34
N LEU YC 84 -49.89 102.20 34.57
CA LEU YC 84 -48.55 102.51 35.06
C LEU YC 84 -48.61 103.44 36.27
N TRP YC 85 -49.56 104.37 36.29
CA TRP YC 85 -49.71 105.24 37.44
C TRP YC 85 -50.13 104.46 38.69
N ILE YC 86 -51.02 103.47 38.53
CA ILE YC 86 -51.41 102.64 39.65
C ILE YC 86 -50.22 101.84 40.17
N VAL YC 87 -49.42 101.29 39.26
CA VAL YC 87 -48.22 100.57 39.67
C VAL YC 87 -47.26 101.51 40.41
N GLY YC 88 -47.09 102.72 39.90
CA GLY YC 88 -46.21 103.67 40.57
C GLY YC 88 -46.74 104.09 41.93
N THR YC 89 -48.06 104.22 42.07
CA THR YC 89 -48.66 104.56 43.35
C THR YC 89 -48.42 103.45 44.36
N LEU YC 90 -48.60 102.19 43.96
CA LEU YC 90 -48.31 101.08 44.86
C LEU YC 90 -46.84 101.06 45.25
N GLY YC 91 -45.94 101.29 44.28
CA GLY YC 91 -44.53 101.32 44.59
C GLY YC 91 -44.16 102.44 45.53
N MET YC 92 -44.74 103.62 45.33
CA MET YC 92 -44.47 104.76 46.21
C MET YC 92 -44.99 104.51 47.62
N ALA YC 93 -46.19 103.94 47.73
CA ALA YC 93 -46.71 103.62 49.06
C ALA YC 93 -45.83 102.60 49.77
N THR YC 94 -45.39 101.58 49.05
CA THR YC 94 -44.50 100.59 49.66
C THR YC 94 -43.17 101.20 50.07
N ALA YC 95 -42.62 102.09 49.24
CA ALA YC 95 -41.36 102.73 49.58
C ALA YC 95 -41.50 103.63 50.80
N SER YC 96 -42.61 104.38 50.88
CA SER YC 96 -42.86 105.20 52.06
C SER YC 96 -42.99 104.35 53.31
N LYS YC 97 -43.69 103.23 53.21
CA LYS YC 97 -43.83 102.34 54.37
C LYS YC 97 -42.48 101.76 54.78
N TRP YC 98 -41.65 101.37 53.80
CA TRP YC 98 -40.33 100.85 54.12
C TRP YC 98 -39.47 101.89 54.81
N CYS YC 99 -39.49 103.14 54.32
CA CYS YC 99 -38.69 104.18 54.92
C CYS YC 99 -39.18 104.55 56.30
N ARG YC 100 -40.49 104.50 56.54
CA ARG YC 100 -41.01 104.78 57.87
C ARG YC 100 -40.78 103.62 58.83
N GLN YC 101 -40.67 102.39 58.32
CA GLN YC 101 -40.36 101.25 59.18
C GLN YC 101 -38.88 101.21 59.55
N ILE YC 102 -38.00 101.57 58.61
CA ILE YC 102 -36.57 101.46 58.89
C ILE YC 102 -36.08 102.63 59.72
N LEU YC 103 -36.73 103.79 59.61
CA LEU YC 103 -36.35 104.99 60.36
C LEU YC 103 -37.60 105.55 61.04
N PRO YC 104 -38.07 104.88 62.09
CA PRO YC 104 -39.39 105.22 62.65
C PRO YC 104 -39.41 106.54 63.40
N VAL YC 105 -39.47 107.65 62.68
CA VAL YC 105 -39.58 108.97 63.28
C VAL YC 105 -41.02 109.41 63.15
N GLY YC 106 -41.64 109.77 64.27
CA GLY YC 106 -43.03 110.14 64.29
C GLY YC 106 -44.01 108.99 64.33
N SER YC 107 -43.54 107.77 64.61
CA SER YC 107 -44.40 106.59 64.61
C SER YC 107 -44.85 106.20 66.01
N HIS YC 108 -43.89 105.96 66.92
CA HIS YC 108 -44.19 105.53 68.28
C HIS YC 108 -43.92 106.63 69.29
N GLY YC 109 -44.16 107.88 68.91
CA GLY YC 109 -43.77 109.01 69.72
C GLY YC 109 -42.34 109.44 69.53
N ILE YC 110 -41.60 108.80 68.62
CA ILE YC 110 -40.22 109.19 68.35
C ILE YC 110 -40.22 110.50 67.58
N THR YC 111 -39.42 111.46 68.03
CA THR YC 111 -39.34 112.76 67.39
C THR YC 111 -37.95 113.09 66.84
N LYS YC 112 -36.91 112.39 67.26
CA LYS YC 112 -35.55 112.67 66.84
C LYS YC 112 -34.98 111.47 66.10
N ILE YC 113 -34.21 111.76 65.06
CA ILE YC 113 -33.55 110.70 64.30
C ILE YC 113 -32.57 109.94 65.18
N SER YC 114 -32.02 110.61 66.20
CA SER YC 114 -31.08 109.96 67.09
C SER YC 114 -31.72 108.81 67.84
N GLN YC 115 -32.98 108.97 68.24
CA GLN YC 115 -33.67 107.95 69.04
C GLN YC 115 -34.29 106.88 68.16
N THR YC 116 -33.49 106.33 67.25
CA THR YC 116 -33.90 105.17 66.45
C THR YC 116 -32.73 104.20 66.41
N GLN YC 117 -33.06 102.90 66.36
CA GLN YC 117 -32.02 101.88 66.31
C GLN YC 117 -31.23 101.95 65.03
N PHE YC 118 -31.86 102.41 63.95
CA PHE YC 118 -31.15 102.56 62.67
C PHE YC 118 -30.02 103.58 62.80
N PHE YC 119 -30.28 104.70 63.49
CA PHE YC 119 -29.22 105.68 63.70
C PHE YC 119 -28.16 105.15 64.66
N HIS YC 120 -28.57 104.36 65.65
CA HIS YC 120 -27.59 103.77 66.56
C HIS YC 120 -26.63 102.86 65.81
N GLN YC 121 -27.15 102.09 64.86
CA GLN YC 121 -26.31 101.13 64.16
C GLN YC 121 -25.48 101.78 63.06
N PHE YC 122 -26.11 102.57 62.18
CA PHE YC 122 -25.45 103.03 60.98
C PHE YC 122 -25.21 104.53 60.93
N GLY YC 123 -25.78 105.30 61.84
CA GLY YC 123 -25.48 106.71 61.93
C GLY YC 123 -26.05 107.54 60.79
N PRO YC 124 -25.47 108.73 60.58
CA PRO YC 124 -25.99 109.63 59.55
C PRO YC 124 -25.93 109.08 58.14
N LEU YC 125 -25.02 108.13 57.86
CA LEU YC 125 -24.96 107.54 56.53
C LEU YC 125 -26.24 106.79 56.19
N GLY YC 126 -26.78 106.05 57.16
CA GLY YC 126 -28.04 105.37 56.94
C GLY YC 126 -29.19 106.34 56.70
N THR YC 127 -29.23 107.43 57.46
CA THR YC 127 -30.27 108.43 57.26
C THR YC 127 -30.16 109.05 55.87
N LEU YC 128 -28.93 109.33 55.43
CA LEU YC 128 -28.73 109.87 54.09
C LEU YC 128 -29.19 108.88 53.03
N GLY YC 129 -28.89 107.59 53.22
CA GLY YC 129 -29.35 106.60 52.27
C GLY YC 129 -30.86 106.48 52.20
N ALA YC 130 -31.52 106.49 53.37
CA ALA YC 130 -32.98 106.43 53.39
C ALA YC 130 -33.60 107.65 52.75
N VAL YC 131 -33.04 108.84 53.02
CA VAL YC 131 -33.54 110.06 52.41
C VAL YC 131 -33.36 110.01 50.91
N GLY YC 132 -32.20 109.53 50.44
CA GLY YC 132 -31.99 109.42 48.99
C GLY YC 132 -32.95 108.44 48.34
N PHE YC 133 -33.20 107.31 49.00
CA PHE YC 133 -34.14 106.33 48.46
C PHE YC 133 -35.54 106.92 48.35
N TYR YC 134 -36.01 107.57 49.43
CA TYR YC 134 -37.35 108.16 49.39
C TYR YC 134 -37.42 109.30 48.37
N GLY YC 135 -36.36 110.10 48.27
CA GLY YC 135 -36.38 111.18 47.31
C GLY YC 135 -36.42 110.69 45.87
N LEU YC 136 -35.64 109.66 45.55
CA LEU YC 136 -35.69 109.10 44.21
C LEU YC 136 -37.06 108.52 43.91
N THR YC 137 -37.64 107.77 44.86
CA THR YC 137 -38.96 107.19 44.63
C THR YC 137 -40.01 108.28 44.44
N ALA YC 138 -39.97 109.33 45.27
CA ALA YC 138 -40.93 110.42 45.15
C ALA YC 138 -40.76 111.17 43.84
N TYR YC 139 -39.51 111.37 43.41
CA TYR YC 139 -39.25 112.03 42.14
C TYR YC 139 -39.82 111.23 40.98
N LEU YC 140 -39.58 109.93 40.97
CA LEU YC 140 -40.12 109.09 39.90
C LEU YC 140 -41.64 109.05 39.93
N TYR YC 141 -42.23 109.01 41.13
CA TYR YC 141 -43.68 109.02 41.23
C TYR YC 141 -44.27 110.35 40.73
N TYR YC 142 -43.60 111.46 41.03
CA TYR YC 142 -44.05 112.75 40.54
C TYR YC 142 -43.98 112.80 39.02
N LYS YC 143 -42.90 112.28 38.44
CA LYS YC 143 -42.79 112.24 36.98
C LYS YC 143 -43.89 111.37 36.37
N THR YC 144 -44.16 110.22 36.98
CA THR YC 144 -45.23 109.35 36.49
C THR YC 144 -46.59 110.03 36.59
N THR YC 145 -46.83 110.74 37.70
CA THR YC 145 -48.10 111.44 37.86
C THR YC 145 -48.27 112.53 36.82
N ILE YC 146 -47.21 113.29 36.55
CA ILE YC 146 -47.27 114.33 35.52
C ILE YC 146 -47.54 113.70 34.15
N PHE YC 147 -46.87 112.60 33.84
CA PHE YC 147 -47.09 111.91 32.58
C PHE YC 147 -48.54 111.45 32.45
N THR YC 148 -49.09 110.87 33.52
CA THR YC 148 -50.47 110.37 33.48
C THR YC 148 -51.47 111.51 33.34
N VAL YC 149 -51.24 112.62 34.04
CA VAL YC 149 -52.15 113.76 33.94
C VAL YC 149 -52.09 114.35 32.54
N LYS YC 150 -50.90 114.46 31.96
CA LYS YC 150 -50.78 114.96 30.59
C LYS YC 150 -51.51 114.04 29.61
N LYS YC 151 -51.35 112.73 29.76
CA LYS YC 151 -52.03 111.80 28.87
C LYS YC 151 -53.54 111.83 29.06
N PHE YC 152 -54.02 112.03 30.28
CA PHE YC 152 -55.45 112.18 30.50
C PHE YC 152 -55.97 113.44 29.84
N TYR YC 153 -55.23 114.55 29.97
CA TYR YC 153 -55.67 115.80 29.35
C TYR YC 153 -55.68 115.68 27.83
N SER YC 154 -54.69 114.98 27.27
CA SER YC 154 -54.60 114.86 25.82
C SER YC 154 -55.66 113.90 25.29
N HIS YC 155 -55.61 112.63 25.72
CA HIS YC 155 -56.45 111.61 25.11
C HIS YC 155 -57.91 111.71 25.53
N CYS YC 156 -58.19 112.13 26.76
CA CYS YC 156 -59.56 112.14 27.26
C CYS YC 156 -60.25 113.48 27.11
N ILE YC 157 -59.56 114.59 27.39
CA ILE YC 157 -60.18 115.91 27.29
C ILE YC 157 -60.08 116.42 25.86
N LEU YC 158 -58.86 116.45 25.31
CA LEU YC 158 -58.65 116.93 23.96
C LEU YC 158 -58.96 115.89 22.89
N GLN YC 159 -59.25 114.64 23.30
CA GLN YC 159 -59.61 113.57 22.37
C GLN YC 159 -58.53 113.33 21.32
N GLU YC 160 -57.27 113.43 21.73
CA GLU YC 160 -56.16 113.03 20.88
C GLU YC 160 -55.91 111.54 21.02
N ARG YC 161 -55.21 110.98 20.04
CA ARG YC 161 -54.90 109.56 20.04
C ARG YC 161 -53.49 109.36 19.50
N GLU YC 162 -52.97 108.15 19.68
CA GLU YC 162 -51.78 107.71 18.96
C GLU YC 162 -52.26 107.19 17.61
N TRP YC 163 -52.08 107.98 16.56
CA TRP YC 163 -52.82 107.75 15.34
C TRP YC 163 -52.31 106.57 14.53
N ILE YC 164 -51.02 106.25 14.60
CA ILE YC 164 -50.55 105.02 13.97
C ILE YC 164 -51.09 103.82 14.73
N PHE YC 165 -51.19 103.92 16.05
CA PHE YC 165 -51.82 102.87 16.85
C PHE YC 165 -53.28 102.70 16.45
N GLU YC 166 -53.99 103.81 16.21
CA GLU YC 166 -55.38 103.72 15.76
C GLU YC 166 -55.48 103.07 14.40
N GLN YC 167 -54.57 103.43 13.49
CA GLN YC 167 -54.57 102.80 12.16
C GLN YC 167 -54.36 101.29 12.27
N GLU YC 168 -53.44 100.87 13.14
CA GLU YC 168 -53.24 99.44 13.34
C GLU YC 168 -54.46 98.79 13.99
N ARG YC 169 -55.18 99.53 14.83
CA ARG YC 169 -56.41 98.99 15.41
C ARG YC 169 -57.47 98.77 14.34
N GLN YC 170 -57.59 99.69 13.38
CA GLN YC 170 -58.67 99.61 12.41
C GLN YC 170 -58.54 98.40 11.50
N ASN YC 171 -57.32 98.09 11.06
CA ASN YC 171 -57.12 96.95 10.17
C ASN YC 171 -56.43 95.82 10.93
N PRO YC 172 -57.08 94.67 11.13
CA PRO YC 172 -56.50 93.56 11.89
C PRO YC 172 -55.58 92.66 11.07
N GLY YC 173 -54.67 93.27 10.31
CA GLY YC 173 -53.69 92.51 9.57
C GLY YC 173 -54.05 92.16 8.15
N TYR YC 174 -55.14 91.40 7.95
CA TYR YC 174 -55.47 90.91 6.63
C TYR YC 174 -56.87 91.30 6.19
N GLY YC 175 -57.23 92.56 6.39
CA GLY YC 175 -58.52 93.06 5.94
C GLY YC 175 -58.46 93.62 4.54
N GLU YC 176 -59.60 93.58 3.85
CA GLU YC 176 -59.72 94.08 2.49
C GLU YC 176 -60.43 95.43 2.54
N TYR YC 177 -59.66 96.50 2.75
CA TYR YC 177 -60.20 97.85 2.85
C TYR YC 177 -59.43 98.81 1.96
N PHE YC 178 -59.18 98.41 0.72
CA PHE YC 178 -58.59 99.28 -0.28
C PHE YC 178 -59.70 99.75 -1.21
N PHE YC 179 -60.16 100.99 -1.00
CA PHE YC 179 -61.30 101.51 -1.73
C PHE YC 179 -60.90 102.69 -2.60
N LYS YC 180 -61.61 102.84 -3.72
CA LYS YC 180 -61.37 103.99 -4.59
C LYS YC 180 -61.88 105.29 -3.96
N ASP YC 181 -62.91 105.20 -3.13
CA ASP YC 181 -63.48 106.39 -2.51
C ASP YC 181 -62.55 107.03 -1.49
N VAL YC 182 -61.56 106.28 -1.00
CA VAL YC 182 -60.67 106.74 0.06
C VAL YC 182 -59.29 106.98 -0.56
N PRO YC 183 -58.86 108.24 -0.70
CA PRO YC 183 -57.51 108.50 -1.26
C PRO YC 183 -56.39 107.93 -0.43
N LEU YC 184 -56.56 107.80 0.88
CA LEU YC 184 -55.51 107.31 1.77
C LEU YC 184 -55.61 105.81 2.03
N SER YC 185 -56.53 105.10 1.37
CA SER YC 185 -56.68 103.67 1.60
C SER YC 185 -55.48 102.90 1.05
N ALA YC 186 -54.96 103.30 -0.10
CA ALA YC 186 -53.86 102.59 -0.74
C ALA YC 186 -53.02 103.56 -1.54
N GLU YC 187 -51.87 103.08 -2.01
CA GLU YC 187 -51.00 103.90 -2.85
C GLU YC 187 -51.59 104.09 -4.25
N GLU YC 188 -52.38 103.12 -4.72
CA GLU YC 188 -52.96 103.22 -6.05
C GLU YC 188 -54.08 104.24 -6.13
N HIS YC 189 -54.74 104.53 -5.01
CA HIS YC 189 -55.92 105.38 -5.01
C HIS YC 189 -55.63 106.81 -4.56
N PHE YC 190 -54.36 107.14 -4.34
CA PHE YC 190 -53.98 108.51 -4.03
C PHE YC 190 -53.78 109.26 -5.34
N ASN YC 191 -54.59 110.29 -5.57
CA ASN YC 191 -54.60 110.96 -6.86
C ASN YC 191 -53.28 111.67 -7.12
N ASP YC 192 -52.90 111.72 -8.40
CA ASP YC 192 -51.62 112.28 -8.80
C ASP YC 192 -51.57 113.79 -8.62
N LEU YC 193 -52.74 114.45 -8.68
CA LEU YC 193 -52.75 115.90 -8.50
C LEU YC 193 -52.30 116.28 -7.09
N ALA YC 194 -52.72 115.51 -6.09
CA ALA YC 194 -52.26 115.76 -4.73
C ALA YC 194 -50.76 115.57 -4.61
N ARG YC 195 -50.22 114.52 -5.26
CA ARG YC 195 -48.79 114.28 -5.22
C ARG YC 195 -48.02 115.43 -5.84
N GLY YC 196 -48.52 115.97 -6.96
CA GLY YC 196 -47.89 117.13 -7.55
C GLY YC 196 -48.01 118.38 -6.70
N GLU YC 197 -49.18 118.59 -6.09
CA GLU YC 197 -49.44 119.83 -5.37
C GLU YC 197 -48.67 119.90 -4.06
N MET YC 198 -48.54 118.77 -3.36
CA MET YC 198 -47.89 118.80 -2.06
C MET YC 198 -46.39 119.01 -2.15
N ALA YC 199 -45.80 118.95 -3.35
CA ALA YC 199 -44.37 119.09 -3.54
C ALA YC 199 -44.00 120.34 -4.33
N LYS YC 200 -44.88 121.34 -4.37
CA LYS YC 200 -44.64 122.50 -5.22
C LYS YC 200 -43.61 123.45 -4.64
N LYS YC 201 -43.56 123.59 -3.31
CA LYS YC 201 -42.65 124.54 -2.70
C LYS YC 201 -41.23 124.02 -2.71
N LYS YC 202 -40.28 124.91 -2.42
CA LYS YC 202 -38.86 124.60 -2.45
C LYS YC 202 -38.19 125.04 -1.16
N PHE YC 203 -37.15 124.31 -0.76
CA PHE YC 203 -36.39 124.65 0.42
C PHE YC 203 -35.56 125.91 0.19
N GLU YC 204 -35.35 126.67 1.25
CA GLU YC 204 -34.47 127.83 1.20
C GLU YC 204 -33.01 127.40 1.17
N LYS YC 205 -32.19 128.19 0.51
CA LYS YC 205 -30.76 127.91 0.45
C LYS YC 205 -30.05 128.65 1.58
N PRO YC 206 -29.37 127.95 2.47
CA PRO YC 206 -28.72 128.63 3.60
C PRO YC 206 -27.61 129.55 3.16
N ASN YC 207 -27.42 130.62 3.93
CA ASN YC 207 -26.32 131.56 3.72
C ASN YC 207 -25.19 131.17 4.65
N HIS YC 208 -24.11 130.62 4.09
CA HIS YC 208 -23.02 130.07 4.88
C HIS YC 208 -22.17 131.20 5.46
N GLU YC 209 -22.78 131.95 6.37
CA GLU YC 209 -22.15 133.11 6.99
C GLU YC 209 -21.56 132.74 8.34
N PHE YC 210 -20.52 131.90 8.29
CA PHE YC 210 -19.82 131.50 9.49
C PHE YC 210 -18.38 131.11 9.17
N VAL ZC 66 1.21 79.96 -49.16
CA VAL ZC 66 0.38 79.58 -48.03
C VAL ZC 66 -0.97 80.28 -48.11
N GLU ZC 67 -1.11 81.20 -49.06
CA GLU ZC 67 -2.35 81.94 -49.21
C GLU ZC 67 -3.45 81.09 -49.81
N GLU ZC 68 -3.12 80.27 -50.80
CA GLU ZC 68 -4.13 79.49 -51.51
C GLU ZC 68 -4.63 78.32 -50.68
N MET ZC 69 -5.63 78.57 -49.85
CA MET ZC 69 -6.25 77.55 -49.00
C MET ZC 69 -7.73 77.83 -48.90
N ASP ZC 70 -8.49 76.80 -48.52
CA ASP ZC 70 -9.90 76.98 -48.24
C ASP ZC 70 -10.08 77.43 -46.80
N THR ZC 71 -11.33 77.56 -46.36
CA THR ZC 71 -11.59 78.04 -45.01
C THR ZC 71 -11.05 77.07 -43.97
N ILE ZC 72 -11.28 75.78 -44.14
CA ILE ZC 72 -10.84 74.80 -43.15
C ILE ZC 72 -9.32 74.74 -43.09
N GLN ZC 73 -8.66 74.72 -44.25
CA GLN ZC 73 -7.21 74.68 -44.27
C GLN ZC 73 -6.61 75.95 -43.67
N LYS ZC 74 -7.21 77.11 -43.96
CA LYS ZC 74 -6.73 78.35 -43.37
C LYS ZC 74 -6.89 78.34 -41.86
N MET ZC 75 -8.02 77.85 -41.36
CA MET ZC 75 -8.22 77.77 -39.92
C MET ZC 75 -7.22 76.82 -39.27
N ASN ZC 76 -6.95 75.69 -39.92
CA ASN ZC 76 -5.98 74.74 -39.37
C ASN ZC 76 -4.57 75.33 -39.36
N TYR ZC 77 -4.19 76.04 -40.43
CA TYR ZC 77 -2.89 76.69 -40.45
C TYR ZC 77 -2.78 77.75 -39.37
N GLU ZC 78 -3.84 78.55 -39.18
CA GLU ZC 78 -3.84 79.55 -38.12
C GLU ZC 78 -3.71 78.90 -36.76
N ALA ZC 79 -4.40 77.77 -36.55
CA ALA ZC 79 -4.29 77.07 -35.28
C ALA ZC 79 -2.88 76.58 -35.04
N THR ZC 80 -2.26 75.98 -36.06
CA THR ZC 80 -0.90 75.47 -35.90
C THR ZC 80 0.08 76.61 -35.63
N VAL ZC 81 -0.11 77.76 -36.29
CA VAL ZC 81 0.76 78.89 -36.04
C VAL ZC 81 0.58 79.43 -34.63
N ASN ZC 82 -0.67 79.56 -34.18
CA ASN ZC 82 -0.94 80.13 -32.86
C ASN ZC 82 -0.47 79.21 -31.74
N MET ZC 83 -0.53 77.89 -31.93
CA MET ZC 83 -0.05 76.99 -30.90
C MET ZC 83 1.46 77.10 -30.68
N GLY ZC 84 2.18 77.75 -31.58
CA GLY ZC 84 3.61 77.95 -31.45
C GLY ZC 84 4.03 79.33 -30.98
N ARG ZC 85 3.09 80.25 -30.78
CA ARG ZC 85 3.40 81.59 -30.34
C ARG ZC 85 3.12 81.81 -28.86
N GLN ZC 86 2.93 80.73 -28.10
CA GLN ZC 86 2.75 80.84 -26.66
C GLN ZC 86 4.00 81.40 -25.99
N ASP ZC 87 5.18 81.08 -26.52
CA ASP ZC 87 6.41 81.69 -26.03
C ASP ZC 87 6.49 83.16 -26.39
N LEU ZC 88 5.89 83.56 -27.52
CA LEU ZC 88 5.92 84.96 -27.92
C LEU ZC 88 4.99 85.80 -27.06
N ILE ZC 89 3.78 85.30 -26.77
CA ILE ZC 89 2.82 86.10 -26.04
C ILE ZC 89 3.25 86.30 -24.59
N THR ZC 90 3.82 85.28 -23.97
CA THR ZC 90 4.13 85.30 -22.56
C THR ZC 90 5.49 85.92 -22.23
N ARG ZC 91 6.28 86.29 -23.23
CA ARG ZC 91 7.59 86.90 -22.94
C ARG ZC 91 7.46 88.30 -22.40
N GLU ZC 92 6.31 88.97 -22.61
CA GLU ZC 92 6.11 90.31 -22.09
C GLU ZC 92 5.80 90.32 -20.60
N TYR ZC 93 5.20 89.24 -20.09
CA TYR ZC 93 4.78 89.18 -18.68
C TYR ZC 93 5.92 88.61 -17.84
N THR ZC 94 6.81 89.51 -17.45
CA THR ZC 94 7.94 89.16 -16.59
C THR ZC 94 7.67 89.58 -15.15
N PHE ZC 95 8.36 88.92 -14.23
CA PHE ZC 95 8.17 89.15 -12.80
C PHE ZC 95 9.39 89.88 -12.23
N TYR ZC 96 9.12 90.83 -11.33
CA TYR ZC 96 10.18 91.65 -10.77
C TYR ZC 96 11.00 90.90 -9.73
N SER ZC 97 10.35 90.07 -8.92
CA SER ZC 97 10.99 89.45 -7.77
C SER ZC 97 11.73 88.17 -8.09
N ASP ZC 98 11.72 87.73 -9.34
CA ASP ZC 98 12.38 86.48 -9.69
C ASP ZC 98 13.89 86.64 -9.63
N TYR ZC 99 14.58 85.53 -9.40
CA TYR ZC 99 16.03 85.48 -9.43
C TYR ZC 99 16.47 85.21 -10.86
N GLU ZC 100 17.03 86.22 -11.52
CA GLU ZC 100 17.49 86.07 -12.89
C GLU ZC 100 18.89 85.48 -12.92
N PHE ZC 101 19.19 84.78 -14.02
CA PHE ZC 101 20.50 84.22 -14.25
C PHE ZC 101 20.89 84.44 -15.71
N ILE ZC 102 22.18 84.44 -15.96
CA ILE ZC 102 22.66 84.51 -17.35
C ILE ZC 102 22.39 83.16 -17.98
N PRO ZC 103 21.59 83.09 -19.04
CA PRO ZC 103 21.25 81.78 -19.61
C PRO ZC 103 22.42 81.20 -20.39
N ILE ZC 104 22.31 79.89 -20.65
CA ILE ZC 104 23.31 79.21 -21.46
C ILE ZC 104 23.19 79.69 -22.89
N GLN ZC 105 24.31 80.08 -23.48
CA GLN ZC 105 24.32 80.64 -24.82
C GLN ZC 105 23.96 79.57 -25.85
N GLU ZC 106 23.57 80.04 -27.04
CA GLU ZC 106 23.08 79.12 -28.07
C GLU ZC 106 24.16 78.16 -28.54
N ASP ZC 107 25.39 78.64 -28.71
CA ASP ZC 107 26.47 77.76 -29.13
C ASP ZC 107 26.76 76.70 -28.07
N ARG ZC 108 26.74 77.09 -26.80
CA ARG ZC 108 26.94 76.11 -25.73
C ARG ZC 108 25.79 75.11 -25.68
N LYS ZC 109 24.56 75.56 -25.94
CA LYS ZC 109 23.43 74.64 -26.03
C LYS ZC 109 23.65 73.62 -27.14
N GLN ZC 110 24.10 74.08 -28.30
CA GLN ZC 110 24.34 73.17 -29.41
C GLN ZC 110 25.45 72.19 -29.09
N GLN ZC 111 26.50 72.65 -28.43
CA GLN ZC 111 27.58 71.75 -28.04
C GLN ZC 111 27.12 70.70 -27.05
N MET ZC 112 26.30 71.10 -26.07
CA MET ZC 112 25.77 70.14 -25.11
C MET ZC 112 24.86 69.12 -25.77
N GLU ZC 113 24.02 69.57 -26.72
CA GLU ZC 113 23.17 68.64 -27.44
C GLU ZC 113 23.99 67.71 -28.33
N ASP ZC 114 25.08 68.21 -28.90
CA ASP ZC 114 25.99 67.34 -29.66
C ASP ZC 114 26.61 66.28 -28.76
N ALA ZC 115 26.99 66.66 -27.54
CA ALA ZC 115 27.53 65.69 -26.60
C ALA ZC 115 26.48 64.63 -26.24
N LEU ZC 116 25.23 65.06 -26.04
CA LEU ZC 116 24.15 64.12 -25.76
C LEU ZC 116 23.93 63.17 -26.94
N ASN ZC 117 23.96 63.70 -28.16
CA ASN ZC 117 23.80 62.85 -29.34
C ASN ZC 117 24.96 61.86 -29.47
N ASN ZC 118 26.18 62.30 -29.13
CA ASN ZC 118 27.32 61.39 -29.13
C ASN ZC 118 27.12 60.27 -28.12
N LEU ZC 119 26.59 60.60 -26.94
CA LEU ZC 119 26.25 59.56 -25.98
C LEU ZC 119 25.21 58.60 -26.54
N HIS ZC 120 24.18 59.13 -27.20
CA HIS ZC 120 23.14 58.29 -27.77
C HIS ZC 120 23.68 57.40 -28.88
N LYS ZC 121 24.75 57.83 -29.55
CA LYS ZC 121 25.36 57.00 -30.59
C LYS ZC 121 25.91 55.71 -30.00
N ILE ZC 122 26.53 55.79 -28.82
CA ILE ZC 122 27.16 54.62 -28.21
C ILE ZC 122 26.10 53.65 -27.71
N ILE ZC 123 25.03 54.17 -27.08
CA ILE ZC 123 24.06 53.29 -26.42
C ILE ZC 123 23.08 52.66 -27.41
N HIS ZC 124 23.01 53.17 -28.64
CA HIS ZC 124 21.94 52.75 -29.56
C HIS ZC 124 21.98 51.27 -29.89
N PRO ZC 125 23.11 50.68 -30.35
CA PRO ZC 125 23.07 49.24 -30.67
C PRO ZC 125 22.73 48.38 -29.47
N THR ZC 126 23.26 48.71 -28.30
CA THR ZC 126 23.00 47.91 -27.10
C THR ZC 126 21.53 47.96 -26.72
N VAL ZC 127 20.92 49.14 -26.69
CA VAL ZC 127 19.52 49.21 -26.28
C VAL ZC 127 18.61 48.63 -27.34
N THR ZC 128 18.97 48.76 -28.62
CA THR ZC 128 18.12 48.20 -29.67
C THR ZC 128 18.29 46.71 -29.83
N GLN ZC 129 19.34 46.12 -29.27
CA GLN ZC 129 19.52 44.68 -29.28
C GLN ZC 129 19.04 44.01 -27.99
N LEU ZC 130 18.45 44.78 -27.07
CA LEU ZC 130 17.88 44.24 -25.85
C LEU ZC 130 16.37 44.11 -26.00
N LYS ZC 131 15.85 42.92 -25.72
CA LYS ZC 131 14.43 42.64 -25.89
C LYS ZC 131 13.62 42.80 -24.61
N LYS ZC 132 14.24 43.21 -23.51
CA LYS ZC 132 13.55 43.40 -22.24
C LYS ZC 132 13.50 44.89 -21.91
N LYS ZC 133 12.31 45.38 -21.60
CA LYS ZC 133 12.17 46.78 -21.21
C LYS ZC 133 12.87 47.06 -19.89
N ALA ZC 134 12.93 46.07 -19.00
CA ALA ZC 134 13.56 46.27 -17.69
C ALA ZC 134 15.04 46.57 -17.85
N ASN ZC 135 15.74 45.86 -18.75
CA ASN ZC 135 17.16 46.11 -18.95
C ASN ZC 135 17.41 47.51 -19.50
N VAL ZC 136 16.59 47.94 -20.46
CA VAL ZC 136 16.76 49.27 -21.04
C VAL ZC 136 16.47 50.34 -20.00
N GLN ZC 137 15.44 50.15 -19.18
CA GLN ZC 137 15.15 51.10 -18.12
C GLN ZC 137 16.29 51.16 -17.10
N GLU ZC 138 16.87 50.00 -16.79
CA GLU ZC 138 18.00 49.98 -15.86
C GLU ZC 138 19.20 50.71 -16.44
N ILE ZC 139 19.49 50.51 -17.72
CA ILE ZC 139 20.57 51.24 -18.37
C ILE ZC 139 20.30 52.73 -18.33
N GLN ZC 140 19.06 53.13 -18.60
CA GLN ZC 140 18.71 54.54 -18.56
C GLN ZC 140 18.89 55.13 -17.16
N ASP ZC 141 18.50 54.38 -16.14
CA ASP ZC 141 18.62 54.86 -14.77
C ASP ZC 141 20.07 54.99 -14.34
N ARG ZC 142 20.91 54.03 -14.73
CA ARG ZC 142 22.31 54.05 -14.29
C ARG ZC 142 23.05 55.27 -14.84
N VAL ZC 143 22.85 55.57 -16.13
CA VAL ZC 143 23.48 56.75 -16.72
C VAL ZC 143 22.89 58.03 -16.15
N PHE ZC 144 21.58 58.02 -15.89
CA PHE ZC 144 20.89 59.25 -15.52
C PHE ZC 144 21.37 59.78 -14.17
N ARG ZC 145 21.85 58.93 -13.28
CA ARG ZC 145 22.35 59.43 -11.98
C ARG ZC 145 23.62 60.26 -12.17
N LYS ZC 146 24.57 59.76 -12.96
CA LYS ZC 146 25.76 60.53 -13.27
C LYS ZC 146 25.41 61.82 -14.00
N LEU ZC 147 24.53 61.71 -14.99
CA LEU ZC 147 24.13 62.90 -15.74
C LEU ZC 147 23.43 63.91 -14.84
N GLN ZC 148 22.67 63.45 -13.85
CA GLN ZC 148 21.96 64.36 -12.96
C GLN ZC 148 22.90 65.03 -11.98
N GLY ZC 149 23.92 64.32 -11.51
CA GLY ZC 149 24.94 64.99 -10.70
C GLY ZC 149 25.65 66.09 -11.47
N TRP ZC 150 26.03 65.79 -12.72
CA TRP ZC 150 26.68 66.81 -13.55
C TRP ZC 150 25.72 67.96 -13.85
N GLU ZC 151 24.44 67.66 -14.07
CA GLU ZC 151 23.45 68.69 -14.32
C GLU ZC 151 23.27 69.59 -13.10
N GLY ZC 152 23.27 69.01 -11.90
CA GLY ZC 152 23.18 69.83 -10.71
C GLY ZC 152 24.38 70.75 -10.55
N GLU ZC 153 25.58 70.23 -10.82
CA GLU ZC 153 26.77 71.08 -10.78
C GLU ZC 153 26.64 72.23 -11.78
N LEU ZC 154 26.21 71.93 -13.00
CA LEU ZC 154 26.07 72.96 -14.03
C LEU ZC 154 25.02 73.99 -13.64
N ASN ZC 155 23.88 73.53 -13.11
CA ASN ZC 155 22.82 74.47 -12.74
C ASN ZC 155 23.28 75.40 -11.63
N THR ZC 156 23.98 74.86 -10.62
CA THR ZC 156 24.50 75.72 -9.57
C THR ZC 156 25.47 76.76 -10.12
N CYS ZC 157 26.45 76.29 -10.91
CA CYS ZC 157 27.50 77.19 -11.38
C CYS ZC 157 27.00 78.18 -12.42
N VAL ZC 158 25.89 77.89 -13.10
CA VAL ZC 158 25.32 78.82 -14.06
C VAL ZC 158 24.38 79.82 -13.40
N PHE ZC 159 23.62 79.37 -12.39
CA PHE ZC 159 22.80 80.30 -11.64
C PHE ZC 159 23.66 81.30 -10.89
N SER ZC 160 24.80 80.85 -10.36
CA SER ZC 160 25.72 81.75 -9.67
C SER ZC 160 26.69 82.46 -10.60
N ALA ZC 161 26.36 82.55 -11.89
CA ALA ZC 161 27.22 83.18 -12.87
C ALA ZC 161 26.98 84.67 -12.93
N LYS ZC 162 28.05 85.43 -13.12
CA LYS ZC 162 27.98 86.89 -13.19
C LYS ZC 162 27.95 87.42 -14.61
N ASN ZC 163 28.81 86.91 -15.48
CA ASN ZC 163 28.87 87.32 -16.87
C ASN ZC 163 28.74 86.11 -17.78
N VAL ZC 164 28.69 86.37 -19.09
CA VAL ZC 164 28.57 85.31 -20.07
C VAL ZC 164 29.83 84.44 -20.08
N ARG ZC 165 30.98 85.02 -19.71
CA ARG ZC 165 32.20 84.22 -19.65
C ARG ZC 165 32.08 83.09 -18.63
N ASP ZC 166 31.51 83.39 -17.46
CA ASP ZC 166 31.31 82.36 -16.44
C ASP ZC 166 30.34 81.29 -16.91
N SER ZC 167 29.23 81.70 -17.54
CA SER ZC 167 28.27 80.72 -18.04
C SER ZC 167 28.89 79.83 -19.10
N ASN ZC 168 29.70 80.41 -20.00
CA ASN ZC 168 30.40 79.61 -20.99
C ASN ZC 168 31.37 78.66 -20.33
N PHE ZC 169 32.08 79.10 -19.29
CA PHE ZC 169 33.01 78.23 -18.60
C PHE ZC 169 32.28 77.03 -17.99
N CYS ZC 170 31.14 77.28 -17.35
CA CYS ZC 170 30.39 76.20 -16.72
C CYS ZC 170 29.84 75.24 -17.76
N ALA ZC 171 29.29 75.76 -18.86
CA ALA ZC 171 28.76 74.90 -19.91
C ALA ZC 171 29.86 74.07 -20.54
N ASP ZC 172 31.04 74.66 -20.76
CA ASP ZC 172 32.17 73.92 -21.30
C ASP ZC 172 32.62 72.83 -20.35
N ARG ZC 173 32.62 73.12 -19.04
CA ARG ZC 173 32.99 72.08 -18.08
C ARG ZC 173 32.00 70.93 -18.12
N PHE ZC 174 30.70 71.24 -18.20
CA PHE ZC 174 29.69 70.17 -18.27
C PHE ZC 174 29.84 69.34 -19.53
N THR ZC 175 30.04 70.00 -20.67
CA THR ZC 175 30.20 69.28 -21.93
C THR ZC 175 31.46 68.42 -21.90
N ASN ZC 176 32.54 68.93 -21.33
CA ASN ZC 176 33.78 68.16 -21.24
C ASN ZC 176 33.61 66.96 -20.31
N ARG ZC 177 32.84 67.12 -19.23
CA ARG ZC 177 32.56 65.97 -18.37
C ARG ZC 177 31.77 64.91 -19.12
N ILE ZC 178 30.80 65.33 -19.93
CA ILE ZC 178 30.02 64.36 -20.70
C ILE ZC 178 30.91 63.65 -21.72
N ASN ZC 179 31.75 64.41 -22.43
CA ASN ZC 179 32.54 63.83 -23.51
C ASN ZC 179 33.74 63.04 -23.02
N THR ZC 180 34.19 63.26 -21.79
CA THR ZC 180 35.37 62.60 -21.25
C THR ZC 180 35.03 61.43 -20.33
N GLU ZC 181 34.27 61.70 -19.28
CA GLU ZC 181 33.91 60.67 -18.32
C GLU ZC 181 32.58 60.00 -18.63
N GLY ZC 182 31.64 60.74 -19.24
CA GLY ZC 182 30.35 60.16 -19.56
C GLY ZC 182 30.44 59.01 -20.53
N VAL ZC 183 31.26 59.17 -21.57
CA VAL ZC 183 31.39 58.10 -22.57
C VAL ZC 183 32.05 56.87 -21.95
N GLU ZC 184 33.07 57.08 -21.10
CA GLU ZC 184 33.72 55.95 -20.45
C GLU ZC 184 32.75 55.20 -19.54
N PHE ZC 185 31.97 55.94 -18.75
CA PHE ZC 185 30.99 55.31 -17.87
C PHE ZC 185 29.93 54.57 -18.66
N VAL ZC 186 29.44 55.17 -19.74
CA VAL ZC 186 28.43 54.53 -20.58
C VAL ZC 186 29.00 53.26 -21.20
N LYS ZC 187 30.24 53.30 -21.68
CA LYS ZC 187 30.84 52.12 -22.27
C LYS ZC 187 30.98 51.00 -21.24
N GLN ZC 188 31.38 51.34 -20.01
CA GLN ZC 188 31.48 50.31 -18.98
C GLN ZC 188 30.11 49.69 -18.70
N ILE ZC 189 29.06 50.51 -18.60
CA ILE ZC 189 27.72 49.97 -18.36
C ILE ZC 189 27.31 49.05 -19.49
N LEU ZC 190 27.51 49.49 -20.73
CA LEU ZC 190 27.08 48.70 -21.88
C LEU ZC 190 27.86 47.40 -21.99
N ARG ZC 191 29.15 47.41 -21.64
CA ARG ZC 191 29.90 46.16 -21.59
C ARG ZC 191 29.34 45.24 -20.51
N GLU ZC 192 28.91 45.81 -19.38
CA GLU ZC 192 28.27 44.99 -18.37
C GLU ZC 192 27.01 44.33 -18.91
N TYR ZC 193 26.24 45.07 -19.70
CA TYR ZC 193 25.05 44.49 -20.35
C TYR ZC 193 25.42 43.73 -21.61
N ASN AD 2 -14.76 104.92 73.73
CA ASN AD 2 -15.70 103.82 73.64
C ASN AD 2 -15.17 102.71 72.73
N ASN AD 3 -16.01 101.71 72.46
CA ASN AD 3 -15.56 100.54 71.70
C ASN AD 3 -15.44 100.84 70.21
N THR AD 4 -16.35 101.62 69.66
CA THR AD 4 -16.42 101.79 68.21
C THR AD 4 -15.23 102.60 67.68
N PHE AD 5 -14.93 103.72 68.31
CA PHE AD 5 -13.88 104.62 67.82
C PHE AD 5 -12.49 104.17 68.24
N LYS AD 6 -12.38 103.05 68.95
CA LYS AD 6 -11.08 102.60 69.46
C LYS AD 6 -10.12 102.31 68.32
N PHE AD 7 -10.58 101.63 67.27
CA PHE AD 7 -9.69 101.27 66.17
C PHE AD 7 -9.17 102.50 65.44
N LEU AD 8 -10.07 103.40 65.07
CA LEU AD 8 -9.66 104.63 64.39
C LEU AD 8 -8.73 105.45 65.27
N HIS AD 9 -9.07 105.58 66.55
CA HIS AD 9 -8.24 106.36 67.46
C HIS AD 9 -6.84 105.78 67.58
N GLN AD 10 -6.74 104.45 67.74
CA GLN AD 10 -5.42 103.86 67.92
C GLN AD 10 -4.62 103.92 66.64
N VAL AD 11 -5.26 103.75 65.48
CA VAL AD 11 -4.55 103.86 64.21
C VAL AD 11 -3.99 105.26 64.02
N ILE AD 12 -4.83 106.28 64.25
CA ILE AD 12 -4.38 107.65 64.06
C ILE AD 12 -3.31 108.02 65.08
N SER AD 13 -3.47 107.56 66.32
CA SER AD 13 -2.48 107.86 67.36
C SER AD 13 -1.14 107.21 67.05
N LYS AD 14 -1.16 105.99 66.51
CA LYS AD 14 0.09 105.37 66.07
C LYS AD 14 0.71 106.14 64.92
N LEU AD 15 -0.12 106.64 64.00
CA LEU AD 15 0.41 107.44 62.89
C LEU AD 15 1.01 108.74 63.39
N THR AD 16 0.35 109.42 64.33
CA THR AD 16 0.81 110.73 64.77
C THR AD 16 1.93 110.67 65.80
N LEU AD 17 2.21 109.50 66.39
CA LEU AD 17 3.31 109.39 67.33
C LEU AD 17 4.67 109.55 66.65
N LYS AD 18 4.74 109.29 65.34
CA LYS AD 18 5.99 109.48 64.62
C LYS AD 18 6.41 110.94 64.59
N ALA AD 19 5.48 111.87 64.82
CA ALA AD 19 5.84 113.28 64.88
C ALA AD 19 6.75 113.57 66.07
N GLN AD 20 6.45 112.98 67.23
CA GLN AD 20 7.26 113.21 68.42
C GLN AD 20 8.51 112.35 68.42
N VAL AD 21 8.36 111.05 68.19
CA VAL AD 21 9.47 110.11 68.16
C VAL AD 21 9.55 109.52 66.77
N PRO AD 22 10.44 110.03 65.92
CA PRO AD 22 10.54 109.50 64.55
C PRO AD 22 11.01 108.06 64.55
N ASN AD 23 10.36 107.25 63.72
CA ASN AD 23 10.71 105.84 63.53
C ASN AD 23 10.77 105.09 64.86
N TYR AD 24 9.76 105.32 65.71
CA TYR AD 24 9.76 104.65 67.00
C TYR AD 24 9.59 103.14 66.86
N GLY AD 25 8.91 102.69 65.81
CA GLY AD 25 8.74 101.26 65.61
C GLY AD 25 10.04 100.52 65.36
N GLN AD 26 10.98 101.16 64.66
CA GLN AD 26 12.24 100.52 64.32
C GLN AD 26 13.30 100.67 65.40
N TYR AD 27 13.05 101.48 66.43
CA TYR AD 27 14.05 101.73 67.46
C TYR AD 27 13.47 101.62 68.87
N SER AD 28 12.30 101.00 69.00
CA SER AD 28 11.68 100.88 70.32
C SER AD 28 12.60 100.18 71.31
N HIS AD 29 13.18 99.05 70.90
CA HIS AD 29 14.09 98.33 71.79
C HIS AD 29 15.30 99.18 72.17
N SER AD 30 15.72 100.09 71.29
CA SER AD 30 16.83 100.97 71.60
C SER AD 30 16.42 102.16 72.46
N LEU AD 31 15.13 102.44 72.57
CA LEU AD 31 14.65 103.56 73.37
C LEU AD 31 14.26 103.13 74.77
N LYS AD 32 14.43 101.86 75.12
CA LYS AD 32 14.17 101.42 76.49
C LYS AD 32 15.18 102.01 77.47
N ARG AD 33 16.35 102.39 77.00
CA ARG AD 33 17.42 102.93 77.83
C ARG AD 33 17.40 104.45 77.76
N PRO AD 34 17.47 105.14 78.89
CA PRO AD 34 17.49 106.62 78.86
C PRO AD 34 18.87 107.14 78.48
N ILE AD 35 18.93 108.45 78.27
CA ILE AD 35 20.19 109.07 77.85
C ILE AD 35 21.20 109.05 78.99
N ASN AD 36 20.78 109.40 80.20
CA ASN AD 36 21.66 109.52 81.36
C ASN AD 36 21.10 108.67 82.48
N PRO AD 37 21.38 107.37 82.49
CA PRO AD 37 20.77 106.49 83.48
C PRO AD 37 21.28 106.73 84.90
N LYS AD 38 20.42 107.29 85.74
CA LYS AD 38 20.69 107.42 87.17
C LYS AD 38 19.95 106.31 87.89
N VAL AD 39 20.69 105.45 88.57
CA VAL AD 39 20.15 104.29 89.28
C VAL AD 39 20.45 104.47 90.76
N VAL AD 40 19.52 104.06 91.59
CA VAL AD 40 19.70 104.04 93.05
C VAL AD 40 19.56 102.59 93.49
N VAL AD 41 20.63 102.02 94.02
CA VAL AD 41 20.68 100.60 94.35
C VAL AD 41 20.60 100.43 95.85
N PHE AD 42 19.72 99.54 96.31
CA PHE AD 42 19.46 99.35 97.73
C PHE AD 42 20.08 98.09 98.31
N GLY AD 43 20.15 97.00 97.54
CA GLY AD 43 20.68 95.76 98.04
C GLY AD 43 22.14 95.85 98.48
N ASN AD 44 22.44 95.37 99.69
CA ASN AD 44 23.78 95.42 100.27
C ASN AD 44 24.15 94.03 100.77
N SER AD 45 24.67 93.20 99.89
CA SER AD 45 25.03 91.83 100.24
C SER AD 45 26.07 91.33 99.24
N SER AD 46 26.60 90.14 99.51
CA SER AD 46 27.62 89.57 98.63
C SER AD 46 27.05 89.27 97.25
N ARG AD 47 25.92 88.56 97.19
CA ARG AD 47 25.28 88.30 95.91
C ARG AD 47 24.76 89.59 95.30
N ALA AD 48 24.27 90.52 96.13
CA ALA AD 48 23.85 91.81 95.62
C ALA AD 48 25.03 92.54 94.99
N TYR AD 49 26.20 92.50 95.63
CA TYR AD 49 27.38 93.14 95.06
C TYR AD 49 27.79 92.47 93.75
N GLU AD 50 27.71 91.14 93.67
CA GLU AD 50 28.03 90.47 92.43
C GLU AD 50 27.08 90.88 91.31
N LEU AD 51 25.79 90.97 91.62
CA LEU AD 51 24.82 91.39 90.61
C LEU AD 51 25.06 92.83 90.18
N ILE AD 52 25.39 93.71 91.12
CA ILE AD 52 25.68 95.10 90.78
C ILE AD 52 26.88 95.18 89.86
N SER AD 53 27.95 94.44 90.19
CA SER AD 53 29.16 94.48 89.38
C SER AD 53 28.90 93.92 87.98
N SER AD 54 28.13 92.83 87.88
CA SER AD 54 27.88 92.23 86.59
C SER AD 54 26.96 93.11 85.73
N GLN AD 55 25.93 93.69 86.33
CA GLN AD 55 24.95 94.46 85.57
C GLN AD 55 25.47 95.86 85.23
N PHE AD 56 25.85 96.62 86.26
CA PHE AD 56 26.30 98.00 86.07
C PHE AD 56 27.83 98.03 85.92
N ARG AD 57 28.31 97.29 84.93
CA ARG AD 57 29.76 97.22 84.70
C ARG AD 57 30.27 98.50 84.06
N ASN AD 58 29.53 99.06 83.11
CA ASN AD 58 29.93 100.28 82.43
C ASN AD 58 29.43 101.53 83.13
N PHE AD 59 28.63 101.38 84.18
CA PHE AD 59 28.18 102.54 84.94
C PHE AD 59 29.24 102.94 85.97
N ASN AD 60 29.14 104.17 86.44
CA ASN AD 60 30.01 104.68 87.48
C ASN AD 60 29.33 104.52 88.83
N HIS AD 61 30.14 104.61 89.89
CA HIS AD 61 29.69 104.37 91.25
C HIS AD 61 29.67 105.69 92.02
N VAL AD 62 28.53 105.98 92.66
CA VAL AD 62 28.39 107.15 93.52
C VAL AD 62 28.18 106.61 94.94
N ASN AD 63 29.24 106.67 95.74
CA ASN AD 63 29.20 106.16 97.11
C ASN AD 63 28.55 107.22 98.00
N GLY AD 64 27.27 107.03 98.29
CA GLY AD 64 26.55 107.96 99.13
C GLY AD 64 26.72 107.77 100.61
N LEU AD 65 27.47 106.75 101.03
CA LEU AD 65 27.68 106.51 102.46
C LEU AD 65 28.54 107.59 103.10
N GLU AD 66 29.38 108.27 102.32
CA GLU AD 66 30.21 109.33 102.88
C GLU AD 66 29.35 110.51 103.35
N LEU AD 67 28.27 110.81 102.62
CA LEU AD 67 27.39 111.92 102.96
C LEU AD 67 26.53 111.52 104.15
N LYS AD 68 27.14 111.55 105.33
CA LYS AD 68 26.48 111.20 106.58
C LYS AD 68 26.47 112.40 107.50
N GLY AD 69 25.30 112.71 108.05
CA GLY AD 69 25.19 113.78 109.03
C GLY AD 69 25.06 115.18 108.46
N GLN AD 70 24.71 115.32 107.19
CA GLN AD 70 24.49 116.62 106.59
C GLN AD 70 23.01 117.01 106.74
N GLU AD 71 22.59 118.05 106.01
CA GLU AD 71 21.28 118.65 106.19
C GLU AD 71 20.21 118.02 105.31
N ASP AD 72 20.51 116.92 104.62
CA ASP AD 72 19.58 116.21 103.75
C ASP AD 72 19.25 117.02 102.50
N ASN AD 73 19.76 118.25 102.42
CA ASN AD 73 19.75 119.03 101.19
C ASN AD 73 21.13 119.20 100.58
N ILE AD 74 22.17 119.20 101.42
CA ILE AD 74 23.53 119.21 100.90
C ILE AD 74 23.85 117.87 100.26
N GLN AD 75 23.40 116.77 100.87
CA GLN AD 75 23.67 115.44 100.34
C GLN AD 75 23.02 115.28 98.96
N ALA AD 76 21.76 115.67 98.84
CA ALA AD 76 21.07 115.53 97.56
C ALA AD 76 21.70 116.42 96.50
N ASN AD 77 22.11 117.63 96.89
CA ASN AD 77 22.78 118.51 95.94
C ASN AD 77 24.09 117.91 95.45
N LYS AD 78 24.89 117.36 96.36
CA LYS AD 78 26.16 116.74 95.97
C LYS AD 78 25.93 115.54 95.06
N VAL AD 79 24.96 114.69 95.41
CA VAL AD 79 24.68 113.52 94.59
C VAL AD 79 24.21 113.94 93.21
N ALA AD 80 23.35 114.96 93.13
CA ALA AD 80 22.88 115.45 91.85
C ALA AD 80 24.03 116.01 91.01
N GLN AD 81 24.94 116.75 91.65
CA GLN AD 81 26.11 117.25 90.93
C GLN AD 81 27.02 116.10 90.49
N SER AD 82 26.95 114.96 91.15
CA SER AD 82 27.78 113.81 90.78
C SER AD 82 27.17 112.94 89.69
N VAL AD 83 25.89 113.13 89.34
CA VAL AD 83 25.20 112.25 88.40
C VAL AD 83 24.61 113.01 87.22
N LEU AD 84 25.02 114.25 87.00
CA LEU AD 84 24.45 115.03 85.91
C LEU AD 84 25.52 115.45 84.91
N SER AD 85 26.39 114.51 84.52
CA SER AD 85 27.43 114.81 83.57
C SER AD 85 27.82 113.52 82.84
N ILE AD 86 28.51 113.68 81.72
CA ILE AD 86 29.00 112.57 80.92
C ILE AD 86 30.51 112.60 80.94
N ASN AD 87 31.12 111.46 81.27
CA ASN AD 87 32.57 111.36 81.31
C ASN AD 87 33.15 111.48 79.89
N ASP AD 88 34.45 111.73 79.84
CA ASP AD 88 35.14 111.79 78.55
C ASP AD 88 35.10 110.46 77.82
N GLY AD 89 34.82 109.37 78.52
CA GLY AD 89 34.61 108.07 77.91
C GLY AD 89 33.17 107.80 77.53
N PHE AD 90 32.32 108.83 77.51
CA PHE AD 90 30.91 108.70 77.18
C PHE AD 90 30.20 107.72 78.10
N GLN AD 91 30.55 107.76 79.38
CA GLN AD 91 29.90 106.94 80.41
C GLN AD 91 28.88 107.85 81.11
N ASP AD 92 27.65 107.84 80.61
CA ASP AD 92 26.60 108.68 81.13
C ASP AD 92 25.74 108.00 82.18
N GLY AD 93 26.09 106.78 82.59
CA GLY AD 93 25.32 106.04 83.56
C GLY AD 93 26.01 106.02 84.92
N TYR AD 94 25.23 106.29 85.96
CA TYR AD 94 25.71 106.26 87.34
C TYR AD 94 24.74 105.47 88.19
N TYR AD 95 25.26 104.72 89.15
CA TYR AD 95 24.45 104.09 90.17
C TYR AD 95 24.95 104.51 91.55
N ILE AD 96 24.00 104.81 92.43
CA ILE AD 96 24.26 105.43 93.72
C ILE AD 96 23.96 104.40 94.81
N THR AD 97 24.91 104.23 95.72
CA THR AD 97 24.83 103.22 96.76
C THR AD 97 24.64 103.89 98.12
N ASP AD 98 23.58 103.51 98.82
CA ASP AD 98 23.36 103.84 100.22
C ASP AD 98 23.16 105.34 100.45
N PHE AD 99 22.85 106.11 99.41
CA PHE AD 99 22.58 107.53 99.66
C PHE AD 99 21.17 107.75 100.23
N PRO AD 100 20.09 107.37 99.53
CA PRO AD 100 18.76 107.74 100.03
C PRO AD 100 18.37 106.94 101.25
N GLN AD 101 18.28 107.61 102.40
CA GLN AD 101 17.95 106.94 103.64
C GLN AD 101 16.61 107.37 104.22
N ASN AD 102 16.01 108.43 103.69
CA ASN AD 102 14.68 108.86 104.12
C ASN AD 102 13.99 109.49 102.93
N SER AD 103 12.74 109.90 103.14
CA SER AD 103 11.94 110.44 102.04
C SER AD 103 12.43 111.81 101.59
N LYS AD 104 12.91 112.63 102.53
CA LYS AD 104 13.29 114.00 102.18
C LYS AD 104 14.46 114.02 101.19
N GLN AD 105 15.48 113.20 101.42
CA GLN AD 105 16.61 113.14 100.51
C GLN AD 105 16.19 112.68 99.12
N ALA AD 106 15.32 111.66 99.07
CA ALA AD 106 14.85 111.17 97.77
C ALA AD 106 14.04 112.23 97.04
N GLU AD 107 13.18 112.96 97.77
CA GLU AD 107 12.40 114.02 97.15
C GLU AD 107 13.31 115.11 96.60
N ARG AD 108 14.32 115.51 97.37
CA ARG AD 108 15.23 116.55 96.90
C ARG AD 108 16.01 116.09 95.67
N LEU AD 109 16.50 114.85 95.69
CA LEU AD 109 17.25 114.33 94.55
C LEU AD 109 16.37 114.23 93.31
N ASP AD 110 15.10 113.85 93.48
CA ASP AD 110 14.20 113.78 92.34
C ASP AD 110 13.87 115.18 91.82
N LEU AD 111 13.75 116.15 92.71
CA LEU AD 111 13.47 117.52 92.27
C LEU AD 111 14.64 118.10 91.48
N ILE AD 112 15.86 117.90 91.97
CA ILE AD 112 17.02 118.50 91.30
C ILE AD 112 17.29 117.83 89.96
N THR AD 113 17.25 116.50 89.91
CA THR AD 113 17.62 115.75 88.71
C THR AD 113 16.43 115.36 87.86
N ASP AD 114 15.23 115.89 88.16
CA ASP AD 114 14.00 115.51 87.48
C ASP AD 114 13.72 114.02 87.63
N GLY AD 115 14.15 113.43 88.73
CA GLY AD 115 13.88 112.05 89.04
C GLY AD 115 15.01 111.12 88.60
N VAL AD 116 15.19 110.05 89.37
CA VAL AD 116 16.16 109.02 89.01
C VAL AD 116 15.53 108.10 87.97
N ASN AD 117 16.37 107.60 87.06
CA ASN AD 117 15.86 106.76 85.98
C ASN AD 117 15.45 105.38 86.48
N LEU AD 118 16.15 104.85 87.48
CA LEU AD 118 15.81 103.54 88.01
C LEU AD 118 16.15 103.49 89.48
N ALA AD 119 15.28 102.83 90.26
CA ALA AD 119 15.60 102.42 91.61
C ALA AD 119 15.50 100.90 91.66
N LEU AD 120 16.56 100.25 92.13
CA LEU AD 120 16.66 98.79 92.09
C LEU AD 120 16.79 98.27 93.52
N TYR AD 121 15.99 97.25 93.84
CA TYR AD 121 16.00 96.62 95.16
C TYR AD 121 16.33 95.14 94.98
N ILE AD 122 17.51 94.74 95.44
CA ILE AD 122 17.95 93.35 95.27
C ILE AD 122 17.13 92.40 96.12
N LYS AD 123 16.64 92.86 97.28
CA LYS AD 123 15.71 92.08 98.10
C LYS AD 123 16.30 90.72 98.47
N ASP AD 124 17.55 90.73 98.91
CA ASP AD 124 18.23 89.52 99.34
C ASP AD 124 17.96 89.29 100.82
N PRO AD 125 17.42 88.14 101.21
CA PRO AD 125 17.20 87.88 102.65
C PRO AD 125 18.47 87.69 103.46
N SER AD 126 19.63 87.62 102.81
CA SER AD 126 20.89 87.42 103.53
C SER AD 126 21.44 88.71 104.14
N ASP AD 127 20.90 89.87 103.78
CA ASP AD 127 21.37 91.14 104.32
C ASP AD 127 20.33 91.70 105.28
N LYS AD 128 20.82 92.42 106.30
CA LYS AD 128 19.97 92.92 107.37
C LYS AD 128 19.88 94.43 107.43
N VAL AD 129 20.91 95.15 106.95
CA VAL AD 129 20.96 96.58 107.17
C VAL AD 129 20.08 97.35 106.18
N THR AD 130 19.79 96.77 105.02
CA THR AD 130 19.07 97.51 103.98
C THR AD 130 17.68 97.92 104.46
N VAL AD 131 16.95 96.99 105.07
CA VAL AD 131 15.61 97.31 105.54
C VAL AD 131 15.67 98.26 106.72
N THR AD 132 16.74 98.20 107.52
CA THR AD 132 16.82 99.04 108.70
C THR AD 132 17.17 100.49 108.37
N ARG AD 133 17.98 100.73 107.33
CA ARG AD 133 18.49 102.07 107.08
C ARG AD 133 17.90 102.77 105.86
N GLN AD 134 17.23 102.05 104.96
CA GLN AD 134 16.71 102.67 103.74
C GLN AD 134 15.25 102.31 103.49
N GLN AD 135 14.50 101.94 104.53
CA GLN AD 135 13.11 101.55 104.33
C GLN AD 135 12.27 102.73 103.85
N GLU AD 136 12.53 103.92 104.39
CA GLU AD 136 11.77 105.09 103.94
C GLU AD 136 12.02 105.39 102.47
N ALA AD 137 13.27 105.28 102.02
CA ALA AD 137 13.57 105.51 100.61
C ALA AD 137 12.93 104.44 99.73
N ILE AD 138 12.95 103.19 100.16
CA ILE AD 138 12.30 102.13 99.39
C ILE AD 138 10.80 102.39 99.28
N ASP AD 139 10.18 102.79 100.39
CA ASP AD 139 8.75 103.11 100.35
C ASP AD 139 8.47 104.28 99.42
N TYR AD 140 9.33 105.31 99.44
CA TYR AD 140 9.13 106.46 98.56
C TYR AD 140 9.22 106.04 97.10
N TYR AD 141 10.23 105.24 96.76
CA TYR AD 141 10.40 104.87 95.36
C TYR AD 141 9.33 103.88 94.91
N ARG AD 142 8.76 103.11 95.84
CA ARG AD 142 7.57 102.34 95.49
C ARG AD 142 6.36 103.23 95.29
N LYS AD 143 6.28 104.33 96.05
CA LYS AD 143 5.19 105.28 95.87
C LYS AD 143 5.25 105.94 94.50
N THR AD 144 6.44 106.38 94.08
CA THR AD 144 6.58 107.08 92.81
C THR AD 144 6.60 106.13 91.61
N GLY AD 145 6.67 104.82 91.84
CA GLY AD 145 6.69 103.86 90.76
C GLY AD 145 8.04 103.60 90.13
N ALA AD 146 9.11 104.19 90.66
CA ALA AD 146 10.44 104.02 90.12
C ALA AD 146 11.18 102.82 90.71
N LEU AD 147 10.53 102.05 91.58
CA LEU AD 147 11.17 100.95 92.27
C LEU AD 147 10.94 99.65 91.53
N VAL AD 148 12.01 98.89 91.31
CA VAL AD 148 11.96 97.56 90.74
C VAL AD 148 12.58 96.61 91.74
N GLU AD 149 11.78 95.69 92.26
CA GLU AD 149 12.24 94.69 93.21
C GLU AD 149 12.58 93.41 92.47
N PHE AD 150 13.82 92.99 92.54
CA PHE AD 150 14.30 91.77 91.87
C PHE AD 150 14.68 90.78 92.95
N GLU AD 151 13.74 89.90 93.31
CA GLU AD 151 13.98 88.92 94.36
C GLU AD 151 15.12 87.98 93.97
N VAL AD 152 16.05 87.79 94.90
CA VAL AD 152 17.27 87.03 94.64
C VAL AD 152 17.40 85.94 95.69
N ASP AD 153 17.67 84.71 95.25
CA ASP AD 153 18.07 83.64 96.15
C ASP AD 153 19.59 83.61 96.22
N PRO AD 154 20.20 83.79 97.38
CA PRO AD 154 21.67 83.82 97.45
C PRO AD 154 22.33 82.51 97.04
N ARG AD 155 21.59 81.40 97.06
CA ARG AD 155 22.12 80.10 96.66
C ARG AD 155 21.70 79.71 95.25
N GLY AD 156 21.14 80.64 94.48
CA GLY AD 156 20.68 80.34 93.14
C GLY AD 156 21.80 80.41 92.11
N ASP AD 157 21.39 80.36 90.85
CA ASP AD 157 22.32 80.36 89.73
C ASP AD 157 22.65 81.80 89.35
N LEU AD 158 23.94 82.14 89.38
CA LEU AD 158 24.36 83.52 89.12
C LEU AD 158 24.06 83.94 87.69
N GLU AD 159 24.24 83.03 86.72
CA GLU AD 159 24.02 83.40 85.33
C GLU AD 159 22.54 83.65 85.05
N GLU AD 160 21.67 82.78 85.55
CA GLU AD 160 20.24 83.02 85.39
C GLU AD 160 19.82 84.30 86.11
N GLN AD 161 20.36 84.52 87.32
CA GLN AD 161 20.01 85.73 88.06
C GLN AD 161 20.46 86.99 87.31
N VAL AD 162 21.65 86.96 86.73
CA VAL AD 162 22.13 88.16 86.03
C VAL AD 162 21.37 88.38 84.74
N LYS AD 163 20.97 87.32 84.04
CA LYS AD 163 20.14 87.49 82.85
C LYS AD 163 18.78 88.09 83.21
N GLN AD 164 18.16 87.58 84.27
CA GLN AD 164 16.87 88.12 84.71
C GLN AD 164 17.01 89.56 85.16
N LEU AD 165 18.09 89.88 85.87
CA LEU AD 165 18.32 91.24 86.32
C LEU AD 165 18.52 92.17 85.13
N SER AD 166 19.26 91.73 84.12
CA SER AD 166 19.46 92.55 82.93
C SER AD 166 18.14 92.85 82.25
N ASN AD 167 17.30 91.82 82.06
CA ASN AD 167 16.01 92.05 81.43
C ASN AD 167 15.13 93.00 82.24
N GLN AD 168 15.08 92.78 83.57
CA GLN AD 168 14.23 93.61 84.41
C GLN AD 168 14.71 95.05 84.45
N VAL AD 169 16.02 95.27 84.52
CA VAL AD 169 16.56 96.63 84.51
C VAL AD 169 16.27 97.30 83.18
N LEU AD 170 16.47 96.58 82.07
CA LEU AD 170 16.21 97.18 80.76
C LEU AD 170 14.75 97.57 80.61
N ASN AD 171 13.83 96.73 81.10
CA ASN AD 171 12.41 97.05 81.01
C ASN AD 171 11.96 98.03 82.08
N GLY AD 172 12.76 98.29 83.11
CA GLY AD 172 12.37 99.14 84.21
C GLY AD 172 12.89 100.56 84.17
N TYR AD 173 13.67 100.92 83.16
CA TYR AD 173 14.18 102.28 83.03
C TYR AD 173 13.04 103.26 82.79
N LYS AD 174 13.25 104.50 83.22
CA LYS AD 174 12.32 105.59 82.98
C LYS AD 174 13.04 106.71 82.24
N HIS AD 175 12.35 107.31 81.27
CA HIS AD 175 12.92 108.43 80.54
C HIS AD 175 12.86 109.71 81.36
N MET BD 1 28.83 34.41 19.65
CA MET BD 1 27.79 34.83 20.59
C MET BD 1 26.41 34.42 20.07
N ASP BD 2 25.74 35.35 19.40
CA ASP BD 2 24.40 35.11 18.87
C ASP BD 2 24.48 34.26 17.61
N ASN BD 3 23.40 33.53 17.35
CA ASN BD 3 23.28 32.70 16.16
C ASN BD 3 22.69 33.44 14.98
N ASN BD 4 22.38 34.73 15.13
CA ASN BD 4 21.75 35.48 14.06
C ASN BD 4 22.58 36.73 13.71
N TYR BD 5 23.89 36.55 13.58
CA TYR BD 5 24.75 37.65 13.17
C TYR BD 5 24.54 38.03 11.71
N HIS BD 6 23.92 37.16 10.93
CA HIS BD 6 23.63 37.46 9.53
C HIS BD 6 22.50 38.47 9.39
N PHE BD 7 21.64 38.61 10.40
CA PHE BD 7 20.46 39.44 10.28
C PHE BD 7 20.83 40.90 10.06
N TRP BD 8 20.15 41.54 9.11
CA TRP BD 8 20.49 42.92 8.76
C TRP BD 8 20.09 43.89 9.86
N GLY BD 9 19.04 43.58 10.62
CA GLY BD 9 18.63 44.41 11.73
C GLY BD 9 19.43 44.23 12.99
N ASN BD 10 20.43 43.36 12.97
CA ASN BD 10 21.29 43.09 14.11
C ASN BD 10 22.58 43.91 13.96
N GLY BD 11 23.43 43.83 14.98
CA GLY BD 11 24.72 44.50 14.92
C GLY BD 11 25.56 44.15 16.13
N ASP BD 12 26.84 44.47 16.02
CA ASP BD 12 27.80 44.29 17.11
C ASP BD 12 28.14 45.65 17.70
N ARG BD 13 29.04 45.65 18.68
CA ARG BD 13 29.38 46.88 19.38
C ARG BD 13 30.02 47.91 18.44
N GLN BD 14 30.88 47.45 17.54
CA GLN BD 14 31.69 48.34 16.72
C GLN BD 14 31.05 48.65 15.37
N ASP BD 15 29.72 48.59 15.29
CA ASP BD 15 29.00 49.03 14.11
C ASP BD 15 28.63 50.50 14.25
N VAL BD 16 28.26 51.11 13.11
CA VAL BD 16 27.87 52.51 13.13
C VAL BD 16 26.60 52.67 13.95
N SER BD 17 26.63 53.59 14.91
CA SER BD 17 25.55 53.77 15.87
C SER BD 17 24.81 55.05 15.53
N LEU BD 18 23.51 54.94 15.29
CA LEU BD 18 22.64 56.08 15.06
C LEU BD 18 21.42 55.95 15.96
N SER BD 19 21.08 57.03 16.65
CA SER BD 19 19.85 57.06 17.42
C SER BD 19 18.65 57.12 16.46
N TYR BD 20 17.46 56.83 17.01
CA TYR BD 20 16.27 56.89 16.18
C TYR BD 20 15.99 58.31 15.69
N GLU BD 21 16.24 59.30 16.55
CA GLU BD 21 16.08 60.69 16.14
C GLU BD 21 17.02 61.03 14.99
N ASP BD 22 18.27 60.61 15.09
CA ASP BD 22 19.22 60.84 14.00
C ASP BD 22 18.78 60.12 12.74
N TYR BD 23 18.29 58.89 12.87
CA TYR BD 23 17.85 58.14 11.69
C TYR BD 23 16.69 58.83 10.99
N TYR BD 24 15.70 59.31 11.74
CA TYR BD 24 14.57 59.99 11.12
C TYR BD 24 14.99 61.31 10.49
N SER BD 25 15.86 62.07 11.17
CA SER BD 25 16.35 63.31 10.58
C SER BD 25 17.12 63.04 9.30
N ILE BD 26 17.94 61.99 9.27
CA ILE BD 26 18.68 61.62 8.07
C ILE BD 26 17.72 61.27 6.95
N LEU BD 27 16.66 60.50 7.26
CA LEU BD 27 15.65 60.21 6.27
C LEU BD 27 15.00 61.48 5.72
N ASP BD 28 14.91 62.52 6.55
CA ASP BD 28 14.24 63.75 6.12
C ASP BD 28 15.02 64.53 5.06
N CYS BD 29 16.26 64.15 4.76
CA CYS BD 29 17.08 64.91 3.82
C CYS BD 29 17.64 64.02 2.72
N LEU BD 30 16.84 63.10 2.20
CA LEU BD 30 17.28 62.21 1.13
C LEU BD 30 16.19 62.07 0.10
N LEU BD 31 16.59 61.72 -1.12
CA LEU BD 31 15.69 61.48 -2.23
C LEU BD 31 15.90 60.07 -2.77
N ASP BD 32 14.80 59.40 -3.10
CA ASP BD 32 14.87 58.03 -3.59
C ASP BD 32 15.30 57.95 -5.04
N GLU BD 33 15.18 59.04 -5.81
CA GLU BD 33 15.63 59.03 -7.20
C GLU BD 33 17.14 58.93 -7.31
N LYS BD 34 17.87 59.44 -6.32
CA LYS BD 34 19.31 59.48 -6.36
C LYS BD 34 19.96 58.20 -5.86
N LEU BD 35 19.17 57.20 -5.46
CA LEU BD 35 19.69 55.97 -4.90
C LEU BD 35 19.45 54.81 -5.86
N SER BD 36 20.43 53.91 -5.94
CA SER BD 36 20.31 52.72 -6.74
C SER BD 36 19.30 51.75 -6.11
N PRO BD 37 18.80 50.78 -6.87
CA PRO BD 37 17.83 49.84 -6.29
C PRO BD 37 18.36 49.06 -5.10
N GLN BD 38 19.69 48.90 -4.98
CA GLN BD 38 20.24 48.25 -3.79
C GLN BD 38 20.16 49.17 -2.57
N GLY BD 39 20.48 50.46 -2.76
CA GLY BD 39 20.36 51.40 -1.66
C GLY BD 39 18.93 51.55 -1.17
N LEU BD 40 17.98 51.55 -2.09
CA LEU BD 40 16.57 51.59 -1.70
C LEU BD 40 16.21 50.35 -0.90
N MET BD 41 16.74 49.19 -1.28
CA MET BD 41 16.48 47.97 -0.54
C MET BD 41 17.03 48.07 0.88
N LYS BD 42 18.26 48.60 1.02
CA LYS BD 42 18.81 48.80 2.35
C LYS BD 42 17.93 49.72 3.18
N PHE BD 43 17.46 50.81 2.58
CA PHE BD 43 16.62 51.75 3.33
C PHE BD 43 15.27 51.14 3.70
N LYS BD 44 14.72 50.27 2.85
CA LYS BD 44 13.44 49.64 3.18
C LYS BD 44 13.58 48.62 4.30
N ASN BD 45 14.65 47.81 4.26
CA ASN BD 45 14.92 46.90 5.37
C ASN BD 45 15.10 47.67 6.67
N LEU BD 46 15.87 48.77 6.61
CA LEU BD 46 16.03 49.61 7.79
C LEU BD 46 14.71 50.19 8.24
N HIS BD 47 13.83 50.52 7.30
CA HIS BD 47 12.52 51.07 7.67
C HIS BD 47 11.71 50.07 8.48
N GLU BD 48 11.65 48.82 8.03
CA GLU BD 48 10.85 47.85 8.78
C GLU BD 48 11.48 47.56 10.15
N VAL BD 49 12.79 47.37 10.19
CA VAL BD 49 13.46 47.14 11.47
C VAL BD 49 13.20 48.31 12.41
N SER BD 50 13.29 49.54 11.90
CA SER BD 50 13.15 50.72 12.74
C SER BD 50 11.71 50.98 13.15
N MET BD 51 10.72 50.64 12.32
CA MET BD 51 9.34 50.79 12.76
C MET BD 51 9.06 49.85 13.92
N TYR BD 52 9.53 48.60 13.84
CA TYR BD 52 9.37 47.72 14.99
C TYR BD 52 10.13 48.26 16.21
N GLY BD 53 11.34 48.78 15.99
CA GLY BD 53 12.12 49.27 17.12
C GLY BD 53 11.50 50.45 17.83
N VAL BD 54 10.99 51.43 17.06
CA VAL BD 54 10.36 52.59 17.67
C VAL BD 54 9.06 52.17 18.35
N SER BD 55 8.38 51.15 17.83
CA SER BD 55 7.23 50.63 18.55
C SER BD 55 7.65 50.06 19.90
N TYR BD 56 8.79 49.37 19.95
CA TYR BD 56 9.17 48.62 21.14
C TYR BD 56 9.91 49.44 22.20
N VAL BD 57 10.50 50.59 21.86
CA VAL BD 57 11.34 51.32 22.81
C VAL BD 57 10.60 51.68 24.10
N PRO BD 58 9.37 52.21 24.07
CA PRO BD 58 8.67 52.47 25.34
C PRO BD 58 8.51 51.24 26.21
N LEU BD 59 8.34 50.07 25.59
CA LEU BD 59 8.29 48.84 26.37
C LEU BD 59 9.61 48.57 27.07
N TYR BD 60 10.73 48.85 26.40
CA TYR BD 60 12.03 48.71 27.05
C TYR BD 60 12.17 49.66 28.22
N CYS BD 61 11.72 50.91 28.05
CA CYS BD 61 11.91 51.91 29.08
C CYS BD 61 10.88 51.84 30.20
N PHE BD 62 9.81 51.06 30.03
CA PHE BD 62 8.77 51.01 31.05
C PHE BD 62 9.26 50.55 32.42
N PRO BD 63 10.10 49.51 32.56
CA PRO BD 63 10.57 49.15 33.91
C PRO BD 63 11.29 50.28 34.63
N VAL BD 64 12.14 51.03 33.93
CA VAL BD 64 12.89 52.09 34.59
C VAL BD 64 11.96 53.24 34.98
N ALA BD 65 11.03 53.60 34.09
CA ALA BD 65 10.06 54.64 34.42
C ALA BD 65 9.19 54.23 35.59
N TYR BD 66 8.79 52.95 35.62
CA TYR BD 66 7.99 52.44 36.73
C TYR BD 66 8.76 52.55 38.04
N GLY BD 67 10.03 52.15 38.03
CA GLY BD 67 10.83 52.24 39.25
C GLY BD 67 11.01 53.67 39.72
N ILE BD 68 11.30 54.58 38.78
CA ILE BD 68 11.52 55.98 39.15
C ILE BD 68 10.23 56.61 39.67
N SER BD 69 9.10 56.32 39.02
CA SER BD 69 7.82 56.85 39.50
C SER BD 69 7.49 56.31 40.88
N HIS BD 70 7.79 55.03 41.12
CA HIS BD 70 7.59 54.47 42.45
C HIS BD 70 8.47 55.16 43.48
N MET BD 71 9.73 55.41 43.15
CA MET BD 71 10.64 56.04 44.10
C MET BD 71 10.30 57.51 44.33
N LEU BD 72 9.60 58.15 43.39
CA LEU BD 72 9.17 59.53 43.61
C LEU BD 72 8.01 59.61 44.58
N THR BD 73 7.10 58.65 44.53
CA THR BD 73 5.97 58.65 45.45
C THR BD 73 6.42 58.47 46.89
N GLY BD 74 7.36 57.56 47.12
CA GLY BD 74 7.83 57.26 48.44
C GLY BD 74 8.24 55.81 48.53
N LYS BD 75 8.31 55.30 49.76
CA LYS BD 75 8.66 53.91 50.00
C LYS BD 75 7.44 53.08 50.40
N VAL BD 76 6.29 53.37 49.81
CA VAL BD 76 5.06 52.65 50.05
C VAL BD 76 4.51 52.16 48.73
N ARG BD 77 4.21 50.86 48.64
CA ARG BD 77 3.65 50.28 47.42
C ARG BD 77 2.16 50.07 47.65
N ARG BD 78 1.37 51.04 47.22
CA ARG BD 78 -0.09 50.95 47.28
C ARG BD 78 -0.65 50.47 45.94
N GLY BD 79 -0.28 49.25 45.57
CA GLY BD 79 -0.74 48.69 44.30
C GLY BD 79 -2.25 48.69 44.21
N HIS BD 80 -2.78 49.10 43.06
CA HIS BD 80 -4.21 49.28 42.80
C HIS BD 80 -4.79 50.45 43.58
N SER BD 81 -4.01 51.09 44.46
CA SER BD 81 -4.48 52.22 45.24
C SER BD 81 -3.66 53.47 45.07
N GLY BD 82 -2.40 53.35 44.65
CA GLY BD 82 -1.60 54.51 44.30
C GLY BD 82 -1.43 54.61 42.80
N TYR BD 83 -2.35 53.99 42.06
CA TYR BD 83 -2.24 53.98 40.60
C TYR BD 83 -2.32 55.38 40.02
N ARG BD 84 -3.13 56.27 40.61
CA ARG BD 84 -3.29 57.60 40.05
C ARG BD 84 -1.98 58.38 40.09
N ASN BD 85 -1.36 58.47 41.27
CA ASN BD 85 -0.06 59.14 41.37
C ASN BD 85 1.00 58.40 40.57
N LEU BD 86 0.97 57.08 40.63
CA LEU BD 86 1.97 56.29 39.93
C LEU BD 86 1.94 56.56 38.43
N PHE BD 87 0.74 56.62 37.85
CA PHE BD 87 0.64 56.78 36.41
C PHE BD 87 0.69 58.24 35.96
N SER BD 88 0.39 59.20 36.84
CA SER BD 88 0.73 60.58 36.51
C SER BD 88 2.24 60.76 36.46
N LEU BD 89 2.95 60.32 37.50
CA LEU BD 89 4.40 60.35 37.48
C LEU BD 89 4.95 59.51 36.34
N MET BD 90 4.25 58.46 35.93
CA MET BD 90 4.68 57.66 34.79
C MET BD 90 4.54 58.44 33.49
N SER BD 91 3.39 59.07 33.27
CA SER BD 91 3.20 59.88 32.07
C SER BD 91 4.19 61.03 32.02
N VAL BD 92 4.77 61.41 33.14
CA VAL BD 92 5.84 62.40 33.13
C VAL BD 92 7.21 61.75 32.87
N VAL BD 93 7.51 60.65 33.57
CA VAL BD 93 8.88 60.13 33.62
C VAL BD 93 9.18 59.24 32.42
N LEU BD 94 8.24 58.40 32.02
CA LEU BD 94 8.43 57.55 30.84
C LEU BD 94 8.80 58.35 29.60
N PRO BD 95 8.21 59.50 29.31
CA PRO BD 95 8.77 60.33 28.23
C PRO BD 95 10.23 60.72 28.43
N PHE BD 96 10.66 60.96 29.67
CA PHE BD 96 12.06 61.31 29.89
C PHE BD 96 12.98 60.12 29.63
N THR BD 97 12.60 58.93 30.10
CA THR BD 97 13.41 57.74 29.84
C THR BD 97 13.43 57.41 28.36
N CYS BD 98 12.29 57.56 27.68
CA CYS BD 98 12.26 57.36 26.23
C CYS BD 98 13.07 58.43 25.51
N TRP BD 99 13.14 59.63 26.06
CA TRP BD 99 14.03 60.66 25.51
C TRP BD 99 15.48 60.22 25.59
N TYR BD 100 15.88 59.68 26.74
CA TYR BD 100 17.25 59.18 26.88
C TYR BD 100 17.52 58.01 25.94
N ALA BD 101 16.52 57.16 25.74
CA ALA BD 101 16.70 55.99 24.87
C ALA BD 101 16.76 56.40 23.40
N TYR BD 102 15.84 57.27 22.97
CA TYR BD 102 15.77 57.70 21.58
C TYR BD 102 16.91 58.62 21.20
N THR BD 103 17.54 59.28 22.17
CA THR BD 103 18.75 60.03 21.89
C THR BD 103 20.00 59.19 22.05
N THR BD 104 19.86 57.90 22.37
CA THR BD 104 20.99 57.01 22.53
C THR BD 104 21.27 56.30 21.20
N PRO BD 105 22.47 56.44 20.64
CA PRO BD 105 22.78 55.71 19.40
C PRO BD 105 22.82 54.20 19.64
N ILE BD 106 22.36 53.45 18.64
CA ILE BD 106 22.41 51.99 18.71
C ILE BD 106 23.06 51.46 17.43
N PRO BD 107 23.91 50.45 17.52
CA PRO BD 107 24.61 49.96 16.33
C PRO BD 107 23.76 49.02 15.51
N ARG BD 108 23.96 49.08 14.19
CA ARG BD 108 23.23 48.21 13.28
C ARG BD 108 24.04 47.99 12.01
N ARG BD 109 23.92 46.79 11.46
CA ARG BD 109 24.56 46.47 10.19
C ARG BD 109 23.99 47.35 9.07
N LEU BD 110 22.70 47.62 9.11
CA LEU BD 110 22.12 48.50 8.10
C LEU BD 110 22.65 49.93 8.26
N TYR BD 111 22.85 50.38 9.50
CA TYR BD 111 23.47 51.68 9.72
C TYR BD 111 24.88 51.73 9.15
N THR BD 112 25.67 50.67 9.37
CA THR BD 112 27.04 50.68 8.89
C THR BD 112 27.14 50.43 7.38
N GLU BD 113 26.11 49.86 6.77
CA GLU BD 113 26.10 49.67 5.32
C GLU BD 113 25.60 50.91 4.59
N ILE BD 114 24.61 51.61 5.15
CA ILE BD 114 24.07 52.79 4.48
C ILE BD 114 25.08 53.92 4.47
N ILE BD 115 25.78 54.12 5.59
CA ILE BD 115 26.68 55.26 5.73
C ILE BD 115 28.06 54.96 5.14
N CYS BD 116 28.61 53.78 5.44
CA CYS BD 116 30.01 53.49 5.18
C CYS BD 116 30.25 52.69 3.90
N SER BD 117 29.23 52.50 3.08
CA SER BD 117 29.44 51.79 1.82
C SER BD 117 30.28 52.64 0.88
N ASN BD 118 31.14 51.97 0.11
CA ASN BD 118 32.09 52.66 -0.75
C ASN BD 118 31.55 52.92 -2.15
N ASN BD 119 30.31 52.52 -2.44
CA ASN BD 119 29.73 52.74 -3.75
C ASN BD 119 29.19 54.17 -3.83
N ALA BD 120 28.43 54.46 -4.89
CA ALA BD 120 27.91 55.82 -5.07
C ALA BD 120 26.82 56.15 -4.07
N ASP BD 121 26.05 55.16 -3.62
CA ASP BD 121 24.99 55.42 -2.64
C ASP BD 121 25.57 55.91 -1.33
N GLY BD 122 26.65 55.29 -0.87
CA GLY BD 122 27.26 55.72 0.38
C GLY BD 122 27.79 57.14 0.29
N ALA BD 123 28.45 57.48 -0.82
CA ALA BD 123 28.96 58.83 -1.00
C ALA BD 123 27.81 59.83 -1.04
N TYR BD 124 26.74 59.49 -1.75
CA TYR BD 124 25.58 60.38 -1.83
C TYR BD 124 25.00 60.64 -0.45
N VAL BD 125 24.79 59.57 0.34
CA VAL BD 125 24.22 59.73 1.66
C VAL BD 125 25.14 60.53 2.57
N ARG BD 126 26.44 60.24 2.52
CA ARG BD 126 27.39 60.96 3.36
C ARG BD 126 27.41 62.44 3.04
N ASN BD 127 27.44 62.80 1.75
CA ASN BD 127 27.49 64.20 1.38
C ASN BD 127 26.16 64.89 1.69
N ARG BD 128 25.04 64.19 1.54
CA ARG BD 128 23.75 64.78 1.85
C ARG BD 128 23.64 65.08 3.34
N ILE BD 129 24.09 64.16 4.19
CA ILE BD 129 24.10 64.42 5.63
C ILE BD 129 25.08 65.53 5.96
N LYS BD 130 26.22 65.57 5.25
CA LYS BD 130 27.23 66.58 5.51
C LYS BD 130 26.70 67.97 5.22
N GLN BD 131 25.91 68.14 4.17
CA GLN BD 131 25.45 69.46 3.81
C GLN BD 131 24.14 69.85 4.50
N GLN BD 132 23.16 68.95 4.56
CA GLN BD 132 21.85 69.30 5.11
C GLN BD 132 21.74 69.12 6.61
N LYS BD 133 22.57 68.26 7.21
CA LYS BD 133 22.52 67.98 8.64
C LYS BD 133 23.91 68.16 9.23
N PRO BD 134 24.38 69.41 9.35
CA PRO BD 134 25.76 69.63 9.82
C PRO BD 134 26.05 69.07 11.20
N GLY BD 135 25.12 69.15 12.14
CA GLY BD 135 25.36 68.63 13.49
C GLY BD 135 25.37 67.12 13.56
N ILE BD 136 24.40 66.52 12.89
CA ILE BD 136 24.35 65.06 12.78
C ILE BD 136 25.60 64.54 12.12
N TRP BD 137 26.05 65.21 11.04
CA TRP BD 137 27.29 64.79 10.40
C TRP BD 137 28.49 65.07 11.27
N ARG BD 138 28.45 66.10 12.12
CA ARG BD 138 29.56 66.32 13.04
C ARG BD 138 29.74 65.12 13.96
N LYS BD 139 28.65 64.72 14.63
CA LYS BD 139 28.71 63.55 15.51
C LYS BD 139 29.08 62.30 14.74
N LEU BD 140 28.47 62.10 13.56
CA LEU BD 140 28.69 60.89 12.79
C LEU BD 140 30.11 60.82 12.25
N SER BD 141 30.68 61.97 11.86
CA SER BD 141 32.07 62.00 11.42
C SER BD 141 33.02 61.68 12.55
N GLN BD 142 32.75 62.21 13.75
CA GLN BD 142 33.56 61.83 14.90
C GLN BD 142 33.52 60.32 15.12
N GLN BD 143 32.30 59.75 15.09
CA GLN BD 143 32.16 58.32 15.31
C GLN BD 143 32.86 57.49 14.23
N LEU BD 144 32.71 57.89 12.97
CA LEU BD 144 33.31 57.14 11.87
C LEU BD 144 34.83 57.22 11.91
N TYR BD 145 35.38 58.40 12.21
CA TYR BD 145 36.83 58.51 12.31
C TYR BD 145 37.35 57.69 13.47
N ASN BD 146 36.62 57.65 14.59
CA ASN BD 146 37.04 56.83 15.71
C ASN BD 146 37.05 55.34 15.35
N LYS BD 147 36.26 54.93 14.35
CA LYS BD 147 36.13 53.54 13.97
C LYS BD 147 36.99 53.18 12.76
N ASN BD 148 38.08 53.91 12.55
CA ASN BD 148 39.04 53.63 11.48
C ASN BD 148 38.40 53.64 10.10
N PHE BD 149 37.44 54.55 9.90
CA PHE BD 149 36.87 54.80 8.58
C PHE BD 149 37.54 56.03 8.00
N ARG BD 150 38.00 55.91 6.75
CA ARG BD 150 38.69 57.00 6.07
C ARG BD 150 37.88 57.36 4.83
N PHE BD 151 37.13 58.45 4.92
CA PHE BD 151 36.32 58.98 3.84
C PHE BD 151 36.67 60.44 3.62
N PRO BD 152 36.59 60.93 2.38
CA PRO BD 152 36.82 62.36 2.14
C PRO BD 152 35.84 63.26 2.87
N GLU BD 153 34.60 62.79 3.09
CA GLU BD 153 33.57 63.62 3.69
C GLU BD 153 33.79 63.87 5.18
N LEU BD 154 34.72 63.17 5.81
CA LEU BD 154 34.95 63.36 7.24
C LEU BD 154 35.61 64.71 7.50
N ASN BD 155 35.21 65.34 8.61
CA ASN BD 155 35.88 66.56 9.05
C ASN BD 155 37.32 66.28 9.41
N GLN BD 156 37.57 65.14 10.07
CA GLN BD 156 38.92 64.73 10.44
C GLN BD 156 39.54 64.00 9.25
N ASP BD 157 40.01 64.78 8.28
CA ASP BD 157 40.63 64.25 7.07
C ASP BD 157 41.97 64.96 6.89
N LEU BD 158 43.06 64.28 7.23
CA LEU BD 158 44.38 64.88 7.18
C LEU BD 158 44.98 64.90 5.78
N THR BD 159 44.37 64.21 4.82
CA THR BD 159 44.87 64.19 3.45
C THR BD 159 44.18 65.22 2.56
N ALA BD 160 43.28 66.02 3.10
CA ALA BD 160 42.52 66.96 2.30
C ALA BD 160 43.29 68.26 2.10
N THR BD 161 43.07 68.89 0.94
CA THR BD 161 43.62 70.20 0.65
C THR BD 161 42.60 71.31 0.84
N GLU BD 162 41.38 70.98 1.27
CA GLU BD 162 40.35 71.97 1.57
C GLU BD 162 40.06 71.96 3.06
N PHE BD 163 39.78 73.13 3.62
CA PHE BD 163 39.58 73.25 5.05
C PHE BD 163 38.27 72.59 5.47
N PRO BD 164 38.20 72.10 6.71
CA PRO BD 164 36.98 71.44 7.17
C PRO BD 164 35.81 72.41 7.23
N LEU BD 165 34.61 71.86 7.03
CA LEU BD 165 33.38 72.64 7.01
C LEU BD 165 32.76 72.80 8.38
N ASP BD 166 33.43 72.34 9.44
CA ASP BD 166 32.87 72.43 10.79
C ASP BD 166 34.02 72.41 11.78
N TYR BD 167 33.68 72.53 13.06
CA TYR BD 167 34.66 72.48 14.12
C TYR BD 167 35.12 71.05 14.34
N VAL BD 168 36.43 70.82 14.31
CA VAL BD 168 36.99 69.49 14.52
C VAL BD 168 37.24 69.31 16.01
N ALA BD 169 36.41 68.51 16.65
CA ALA BD 169 36.53 68.27 18.08
C ALA BD 169 37.84 67.56 18.39
N PRO BD 170 38.40 67.78 19.58
CA PRO BD 170 39.68 67.14 19.91
C PRO BD 170 39.59 65.63 19.91
N HIS BD 171 40.64 64.99 19.40
CA HIS BD 171 40.72 63.54 19.34
C HIS BD 171 42.19 63.15 19.33
N LYS BD 172 42.45 61.88 19.62
CA LYS BD 172 43.81 61.36 19.64
C LYS BD 172 44.23 60.99 18.22
N PHE BD 173 45.26 61.65 17.72
CA PHE BD 173 45.79 61.37 16.39
C PHE BD 173 46.39 59.97 16.32
N PHE CD 5 46.05 17.08 17.12
CA PHE CD 5 46.06 15.81 17.85
C PHE CD 5 47.33 15.02 17.60
N LEU CD 6 47.44 13.85 18.23
CA LEU CD 6 48.65 13.05 18.13
C LEU CD 6 48.79 12.40 16.76
N PHE CD 7 47.69 12.14 16.07
CA PHE CD 7 47.74 11.41 14.81
C PHE CD 7 48.52 12.18 13.75
N TYR CD 8 48.29 13.48 13.65
CA TYR CD 8 48.92 14.31 12.63
C TYR CD 8 49.89 15.30 13.25
N ASN CD 9 50.71 15.90 12.39
CA ASN CD 9 51.67 16.91 12.80
C ASN CD 9 51.12 18.29 12.45
N GLN CD 10 51.08 19.17 13.44
CA GLN CD 10 50.45 20.48 13.30
C GLN CD 10 51.42 21.62 13.62
N GLN CD 11 52.71 21.40 13.42
CA GLN CD 11 53.68 22.47 13.66
C GLN CD 11 53.66 23.52 12.56
N HIS CD 12 53.12 23.19 11.39
CA HIS CD 12 53.07 24.11 10.27
C HIS CD 12 51.82 24.98 10.25
N LYS CD 13 50.85 24.70 11.12
CA LYS CD 13 49.57 25.42 11.06
C LYS CD 13 49.72 26.88 11.47
N THR CD 14 50.48 27.14 12.53
CA THR CD 14 50.58 28.48 13.10
C THR CD 14 51.95 29.11 12.87
N ARG CD 15 52.65 28.69 11.81
CA ARG CD 15 53.97 29.21 11.51
C ARG CD 15 54.09 29.47 10.01
N ASN CD 16 54.99 30.37 9.67
CA ASN CD 16 55.30 30.70 8.27
C ASN CD 16 54.07 31.19 7.52
N GLY CD 17 53.23 31.98 8.19
CA GLY CD 17 52.11 32.62 7.54
C GLY CD 17 51.05 31.68 7.02
N TYR CD 18 51.01 30.44 7.51
CA TYR CD 18 50.00 29.48 7.07
C TYR CD 18 48.60 29.91 7.47
N PHE CD 19 48.48 30.75 8.50
CA PHE CD 19 47.19 31.19 9.02
C PHE CD 19 46.60 32.35 8.24
N ILE CD 20 47.31 32.90 7.25
CA ILE CD 20 46.81 34.02 6.48
C ILE CD 20 45.68 33.53 5.56
N ASN CD 21 44.56 34.23 5.59
CA ASN CD 21 43.44 33.93 4.71
C ASN CD 21 42.86 35.25 4.21
N HIS CD 22 41.69 35.17 3.57
CA HIS CD 22 41.10 36.35 2.95
C HIS CD 22 40.72 37.42 3.96
N ASP CD 23 40.46 37.05 5.22
CA ASP CD 23 40.13 38.04 6.23
C ASP CD 23 41.31 38.97 6.50
N ASN CD 24 42.53 38.45 6.43
CA ASN CD 24 43.71 39.29 6.58
C ASN CD 24 43.87 40.27 5.43
N LEU CD 25 43.28 39.96 4.26
CA LEU CD 25 43.44 40.79 3.07
C LEU CD 25 42.30 41.77 2.87
N MET CD 26 41.10 41.46 3.37
CA MET CD 26 39.95 42.34 3.15
C MET CD 26 40.18 43.71 3.78
N LEU CD 27 40.75 43.75 4.99
CA LEU CD 27 40.95 45.00 5.70
C LEU CD 27 42.29 45.65 5.42
N ALA CD 28 43.17 44.98 4.69
CA ALA CD 28 44.51 45.51 4.46
C ALA CD 28 44.50 46.54 3.34
N SER CD 29 45.48 47.42 3.37
CA SER CD 29 45.70 48.36 2.27
C SER CD 29 46.16 47.60 1.04
N LEU CD 30 46.23 48.31 -0.09
CA LEU CD 30 46.71 47.68 -1.32
C LEU CD 30 48.14 47.18 -1.15
N GLU CD 31 49.02 48.04 -0.63
CA GLU CD 31 50.41 47.63 -0.39
C GLU CD 31 50.49 46.54 0.68
N GLU CD 32 49.72 46.68 1.75
CA GLU CD 32 49.72 45.66 2.80
C GLU CD 32 49.14 44.34 2.28
N ARG CD 33 48.10 44.41 1.45
CA ARG CD 33 47.58 43.20 0.83
C ARG CD 33 48.62 42.53 -0.03
N LYS CD 34 49.36 43.31 -0.82
CA LYS CD 34 50.42 42.74 -1.64
C LYS CD 34 51.49 42.08 -0.78
N LYS CD 35 51.89 42.74 0.31
CA LYS CD 35 52.91 42.18 1.19
C LYS CD 35 52.43 40.87 1.81
N LEU CD 36 51.20 40.84 2.31
CA LEU CD 36 50.68 39.64 2.94
C LEU CD 36 50.57 38.49 1.94
N ILE CD 37 50.05 38.77 0.74
CA ILE CD 37 49.92 37.74 -0.27
C ILE CD 37 51.29 37.19 -0.66
N PHE CD 38 52.26 38.09 -0.88
CA PHE CD 38 53.60 37.63 -1.24
C PHE CD 38 54.21 36.80 -0.12
N TYR CD 39 54.03 37.22 1.13
CA TYR CD 39 54.61 36.47 2.24
C TYR CD 39 54.02 35.07 2.31
N PHE CD 40 52.69 34.96 2.19
CA PHE CD 40 52.06 33.65 2.22
C PHE CD 40 52.53 32.78 1.07
N ILE CD 41 52.59 33.34 -0.14
CA ILE CD 41 53.00 32.57 -1.31
C ILE CD 41 54.45 32.10 -1.17
N ALA CD 42 55.34 33.00 -0.75
CA ALA CD 42 56.75 32.65 -0.64
C ALA CD 42 56.98 31.60 0.45
N ASN CD 43 56.27 31.71 1.57
CA ASN CD 43 56.47 30.73 2.64
C ASN CD 43 55.86 29.38 2.28
N GLN CD 44 54.68 29.38 1.65
CA GLN CD 44 53.95 28.14 1.41
C GLN CD 44 54.17 27.57 0.02
N VAL CD 45 54.19 28.39 -1.01
CA VAL CD 45 54.36 27.90 -2.38
C VAL CD 45 55.55 28.62 -3.02
N PRO CD 46 56.78 28.24 -2.68
CA PRO CD 46 57.94 28.93 -3.26
C PRO CD 46 58.09 28.71 -4.76
N GLU CD 47 57.42 27.71 -5.33
CA GLU CD 47 57.55 27.42 -6.75
C GLU CD 47 57.07 28.57 -7.63
N LYS CD 48 56.20 29.44 -7.11
CA LYS CD 48 55.71 30.57 -7.89
C LYS CD 48 56.76 31.65 -8.11
N LEU CD 49 57.91 31.56 -7.44
CA LEU CD 49 58.95 32.56 -7.54
C LEU CD 49 60.12 32.03 -8.36
N ASP CD 50 60.89 32.96 -8.93
CA ASP CD 50 62.12 32.59 -9.62
C ASP CD 50 63.13 32.05 -8.60
N PRO CD 51 64.02 31.16 -9.01
CA PRO CD 51 64.95 30.54 -8.03
C PRO CD 51 65.81 31.54 -7.28
N VAL CD 52 66.26 32.61 -7.94
CA VAL CD 52 67.06 33.62 -7.25
C VAL CD 52 66.23 34.31 -6.18
N ASP CD 53 64.97 34.64 -6.50
CA ASP CD 53 64.09 35.24 -5.51
C ASP CD 53 63.79 34.27 -4.37
N ARG CD 54 63.67 32.97 -4.68
CA ARG CD 54 63.48 31.98 -3.64
C ARG CD 54 64.68 31.96 -2.69
N VAL CD 55 65.88 32.00 -3.25
CA VAL CD 55 67.08 31.99 -2.41
C VAL CD 55 67.13 33.25 -1.55
N LYS CD 56 66.82 34.40 -2.14
CA LYS CD 56 66.84 35.64 -1.37
C LYS CD 56 65.82 35.62 -0.24
N PHE CD 57 64.60 35.14 -0.53
CA PHE CD 57 63.57 35.09 0.51
C PHE CD 57 63.92 34.09 1.60
N ASN CD 58 64.49 32.95 1.22
CA ASN CD 58 64.91 31.97 2.22
C ASN CD 58 66.01 32.54 3.11
N GLU CD 59 66.96 33.27 2.52
CA GLU CD 59 68.01 33.89 3.32
C GLU CD 59 67.45 34.95 4.24
N GLU CD 60 66.50 35.75 3.77
CA GLU CD 60 65.93 36.80 4.60
C GLU CD 60 65.04 36.23 5.70
N LEU CD 61 64.37 35.10 5.43
CA LEU CD 61 63.51 34.49 6.44
C LEU CD 61 64.32 33.72 7.48
N SER CD 62 65.39 33.05 7.06
CA SER CD 62 66.14 32.19 7.97
C SER CD 62 66.81 33.00 9.07
N ASP CD 63 67.52 34.06 8.71
CA ASP CD 63 68.22 34.85 9.72
C ASP CD 63 67.28 35.66 10.59
N ASN CD 64 66.00 35.73 10.25
CA ASN CD 64 65.02 36.48 11.02
C ASN CD 64 64.01 35.61 11.74
N LEU CD 65 63.45 34.59 11.08
CA LEU CD 65 62.40 33.79 11.68
C LEU CD 65 62.78 32.32 11.84
N SER CD 66 63.22 31.65 10.79
CA SER CD 66 63.38 30.20 10.85
C SER CD 66 64.56 29.80 11.74
N THR CD 67 65.76 30.23 11.38
CA THR CD 67 66.93 29.85 12.17
C THR CD 67 66.93 30.51 13.53
N LYS CD 68 66.41 31.74 13.63
CA LYS CD 68 66.26 32.37 14.94
C LYS CD 68 65.32 31.58 15.83
N ALA CD 69 64.22 31.08 15.26
CA ALA CD 69 63.30 30.25 16.03
C ALA CD 69 63.96 28.95 16.46
N ARG CD 70 64.74 28.34 15.57
CA ARG CD 70 65.46 27.12 15.93
C ARG CD 70 66.42 27.38 17.09
N LEU CD 71 67.16 28.48 17.03
CA LEU CD 71 68.13 28.80 18.08
C LEU CD 71 67.43 29.12 19.40
N ILE CD 72 66.32 29.86 19.35
CA ILE CD 72 65.58 30.19 20.57
C ILE CD 72 65.01 28.93 21.20
N GLY CD 73 64.46 28.03 20.38
CA GLY CD 73 63.98 26.77 20.90
C GLY CD 73 65.10 25.94 21.51
N SER CD 74 66.27 25.94 20.88
CA SER CD 74 67.42 25.21 21.43
C SER CD 74 67.82 25.78 22.78
N LEU CD 75 67.88 27.11 22.89
CA LEU CD 75 68.23 27.72 24.17
C LEU CD 75 67.21 27.40 25.25
N THR CD 76 65.91 27.50 24.92
CA THR CD 76 64.88 27.20 25.90
C THR CD 76 64.91 25.73 26.31
N GLY CD 77 65.23 24.83 25.37
CA GLY CD 77 65.41 23.44 25.75
C GLY CD 77 66.62 23.22 26.64
N LEU CD 78 67.70 23.97 26.39
CA LEU CD 78 68.86 23.90 27.26
C LEU CD 78 68.54 24.42 28.66
N ILE CD 79 67.57 25.33 28.76
CA ILE CD 79 67.15 25.81 30.08
C ILE CD 79 66.60 24.65 30.92
N GLY CD 80 65.91 23.72 30.27
CA GLY CD 80 65.34 22.57 30.94
C GLY CD 80 66.31 21.45 31.24
N LEU CD 81 67.61 21.65 31.00
CA LEU CD 81 68.64 20.67 31.29
C LEU CD 81 69.66 21.21 32.27
N VAL CD 82 69.20 21.87 33.33
CA VAL CD 82 70.12 22.34 34.36
C VAL CD 82 70.84 21.18 35.00
N GLY CD 83 70.10 20.14 35.38
CA GLY CD 83 70.70 18.90 35.82
C GLY CD 83 70.22 17.72 35.01
N PHE CD 84 71.12 17.13 34.22
CA PHE CD 84 70.76 15.97 33.42
C PHE CD 84 70.57 14.72 34.27
N PRO CD 85 71.34 14.50 35.33
CA PRO CD 85 71.04 13.34 36.19
C PRO CD 85 69.63 13.34 36.75
N TYR CD 86 69.05 14.51 37.04
CA TYR CD 86 67.70 14.61 37.58
C TYR CD 86 67.54 13.69 38.78
N ILE CD 87 66.78 12.61 38.59
CA ILE CD 87 66.64 11.57 39.60
C ILE CD 87 67.85 10.65 39.50
N SER CD 88 68.69 10.64 40.53
CA SER CD 88 69.88 9.81 40.54
C SER CD 88 70.42 9.72 41.96
N THR CD 89 70.80 8.50 42.36
CA THR CD 89 71.40 8.26 43.67
C THR CD 89 72.55 7.27 43.51
N ARG CD 90 73.33 7.12 44.57
CA ARG CD 90 74.44 6.17 44.53
C ARG CD 90 73.92 4.74 44.42
N ILE CD 91 72.83 4.41 45.13
CA ILE CD 91 72.32 3.06 45.13
C ILE CD 91 71.80 2.67 43.76
N TYR CD 92 71.06 3.56 43.12
CA TYR CD 92 70.43 3.26 41.84
C TYR CD 92 70.54 4.47 40.92
N SER CD 93 70.77 4.20 39.64
CA SER CD 93 70.70 5.21 38.59
C SER CD 93 69.47 4.96 37.74
N ARG CD 94 68.97 6.02 37.12
CA ARG CD 94 67.76 5.95 36.30
C ARG CD 94 68.05 6.54 34.92
N PRO CD 95 68.84 5.84 34.11
CA PRO CD 95 69.15 6.37 32.78
C PRO CD 95 67.93 6.47 31.88
N VAL CD 96 67.11 5.42 31.81
CA VAL CD 96 65.93 5.45 30.95
C VAL CD 96 64.93 6.49 31.46
N LEU CD 97 64.75 6.58 32.77
CA LEU CD 97 63.82 7.57 33.31
C LEU CD 97 64.29 8.99 33.02
N ASN CD 98 65.59 9.25 33.17
CA ASN CD 98 66.11 10.58 32.89
C ASN CD 98 66.01 10.91 31.40
N ILE CD 99 66.26 9.92 30.53
CA ILE CD 99 66.11 10.15 29.10
C ILE CD 99 64.66 10.47 28.77
N GLY CD 100 63.72 9.75 29.37
CA GLY CD 100 62.32 10.04 29.15
C GLY CD 100 61.93 11.43 29.64
N LEU CD 101 62.43 11.82 30.80
CA LEU CD 101 62.15 13.16 31.31
C LEU CD 101 62.71 14.22 30.38
N SER CD 102 63.92 14.00 29.86
CA SER CD 102 64.48 14.96 28.90
C SER CD 102 63.63 15.03 27.64
N LEU CD 103 63.22 13.87 27.11
CA LEU CD 103 62.39 13.85 25.90
C LEU CD 103 61.00 14.42 26.15
N LEU CD 104 60.57 14.51 27.41
CA LEU CD 104 59.29 15.15 27.71
C LEU CD 104 59.43 16.65 27.98
N ILE CD 105 60.57 17.09 28.49
CA ILE CD 105 60.74 18.49 28.86
C ILE CD 105 61.31 19.30 27.70
N CYS CD 106 62.47 18.87 27.19
CA CYS CD 106 63.17 19.67 26.18
C CYS CD 106 62.35 19.92 24.92
N PRO CD 107 61.67 18.93 24.33
CA PRO CD 107 60.78 19.27 23.20
C PRO CD 107 59.69 20.26 23.56
N PHE CD 108 59.13 20.18 24.78
CA PHE CD 108 58.10 21.12 25.17
C PHE CD 108 58.64 22.54 25.25
N LEU CD 109 59.79 22.72 25.88
CA LEU CD 109 60.38 24.05 25.97
C LEU CD 109 60.81 24.56 24.60
N TYR CD 110 61.30 23.66 23.74
CA TYR CD 110 61.62 24.05 22.38
C TYR CD 110 60.38 24.57 21.66
N TYR CD 111 59.25 23.85 21.80
CA TYR CD 111 58.02 24.28 21.18
C TYR CD 111 57.56 25.63 21.72
N VAL CD 112 57.66 25.82 23.04
CA VAL CD 112 57.23 27.08 23.63
C VAL CD 112 58.07 28.24 23.11
N GLY CD 113 59.40 28.05 23.10
CA GLY CD 113 60.27 29.11 22.62
C GLY CD 113 60.08 29.42 21.15
N ASN CD 114 59.94 28.38 20.33
CA ASN CD 114 59.73 28.57 18.90
C ASN CD 114 58.41 29.30 18.63
N GLN CD 115 57.34 28.90 19.32
CA GLN CD 115 56.07 29.59 19.14
C GLN CD 115 56.15 31.04 19.62
N LEU CD 116 56.90 31.28 20.69
CA LEU CD 116 57.06 32.65 21.18
C LEU CD 116 57.76 33.52 20.16
N THR CD 117 58.91 33.06 19.65
CA THR CD 117 59.66 33.87 18.71
C THR CD 117 58.96 34.01 17.37
N TYR CD 118 58.05 33.08 17.03
CA TYR CD 118 57.20 33.32 15.87
C TYR CD 118 56.09 34.30 16.17
N SER CD 119 55.55 34.27 17.40
CA SER CD 119 54.48 35.18 17.76
C SER CD 119 54.96 36.62 17.93
N VAL CD 120 56.25 36.82 18.16
CA VAL CD 120 56.78 38.16 18.37
C VAL CD 120 57.34 38.76 17.09
N TRP CD 121 58.16 38.01 16.36
CA TRP CD 121 58.94 38.59 15.27
C TRP CD 121 58.31 38.45 13.89
N GLU CD 122 57.39 37.52 13.70
CA GLU CD 122 56.80 37.34 12.37
C GLU CD 122 56.00 38.54 11.90
N PRO CD 123 55.10 39.14 12.69
CA PRO CD 123 54.40 40.34 12.20
C PRO CD 123 55.32 41.49 11.88
N LYS CD 124 56.36 41.70 12.68
CA LYS CD 124 57.31 42.77 12.41
C LYS CD 124 58.12 42.47 11.15
N PHE CD 125 58.46 41.20 10.94
CA PHE CD 125 59.17 40.81 9.71
C PHE CD 125 58.30 41.05 8.49
N ILE CD 126 57.01 40.73 8.58
CA ILE CD 126 56.12 40.97 7.44
C ILE CD 126 55.98 42.47 7.19
N ALA CD 127 55.82 43.27 8.25
CA ALA CD 127 55.50 44.68 8.09
C ALA CD 127 56.71 45.59 7.98
N ASN CD 128 57.90 45.13 8.38
CA ASN CD 128 59.07 46.01 8.46
C ASN CD 128 60.30 45.32 7.88
N ASN CD 129 60.17 44.73 6.69
CA ASN CD 129 61.31 44.14 6.00
C ASN CD 129 61.40 44.72 4.60
N ASN CD 130 62.61 45.16 4.22
CA ASN CD 130 62.79 45.75 2.90
C ASN CD 130 62.80 44.70 1.80
N THR CD 131 63.37 43.53 2.06
CA THR CD 131 63.38 42.48 1.04
C THR CD 131 61.97 42.03 0.68
N VAL CD 132 61.12 41.87 1.69
CA VAL CD 132 59.74 41.45 1.44
C VAL CD 132 59.01 42.49 0.62
N CYS CD 133 59.16 43.78 0.97
CA CYS CD 133 58.50 44.83 0.21
C CYS CD 133 59.00 44.89 -1.22
N GLU CD 134 60.31 44.79 -1.41
CA GLU CD 134 60.87 44.87 -2.76
C GLU CD 134 60.42 43.69 -3.62
N LEU CD 135 60.41 42.48 -3.06
CA LEU CD 135 59.97 41.33 -3.84
C LEU CD 135 58.47 41.35 -4.08
N SER CD 136 57.69 41.89 -3.14
CA SER CD 136 56.26 42.04 -3.37
C SER CD 136 55.99 43.02 -4.50
N LYS CD 137 56.74 44.12 -4.55
CA LYS CD 137 56.61 45.04 -5.68
C LYS CD 137 57.07 44.39 -6.98
N LYS CD 138 58.11 43.56 -6.91
CA LYS CD 138 58.61 42.89 -8.10
C LYS CD 138 57.59 41.91 -8.66
N TYR CD 139 56.90 41.17 -7.80
CA TYR CD 139 55.96 40.16 -8.25
C TYR CD 139 54.55 40.69 -8.41
N ASN CD 140 54.05 41.44 -7.43
CA ASN CD 140 52.73 42.07 -7.49
C ASN CD 140 51.64 41.02 -7.70
N PHE CD 141 51.49 40.15 -6.71
CA PHE CD 141 50.49 39.10 -6.78
C PHE CD 141 49.09 39.67 -6.59
N THR CD 142 48.11 38.96 -7.12
CA THR CD 142 46.71 39.33 -7.07
C THR CD 142 45.96 38.39 -6.13
N VAL CD 143 44.67 38.69 -5.94
CA VAL CD 143 43.84 37.86 -5.06
C VAL CD 143 43.66 36.47 -5.64
N PHE CD 144 43.58 36.37 -6.97
CA PHE CD 144 43.49 35.06 -7.61
C PHE CD 144 44.75 34.24 -7.36
N ASP CD 145 45.91 34.89 -7.40
CA ASP CD 145 47.15 34.21 -7.07
C ASP CD 145 47.13 33.70 -5.64
N PHE CD 146 46.61 34.51 -4.70
CA PHE CD 146 46.52 34.09 -3.31
C PHE CD 146 45.57 32.91 -3.15
N ALA CD 147 44.43 32.93 -3.85
CA ALA CD 147 43.50 31.80 -3.76
C ALA CD 147 44.13 30.52 -4.29
N GLN CD 148 44.79 30.61 -5.44
CA GLN CD 148 45.46 29.45 -5.99
C GLN CD 148 46.55 28.95 -5.05
N ALA CD 149 47.32 29.87 -4.45
CA ALA CD 149 48.37 29.48 -3.53
C ALA CD 149 47.81 28.83 -2.27
N LYS CD 150 46.66 29.32 -1.79
CA LYS CD 150 46.01 28.69 -0.64
C LYS CD 150 45.61 27.26 -0.95
N LYS CD 151 45.00 27.05 -2.14
CA LYS CD 151 44.65 25.70 -2.54
C LYS CD 151 45.89 24.82 -2.64
N GLU CD 152 46.96 25.34 -3.26
CA GLU CD 152 48.17 24.54 -3.43
C GLU CD 152 48.80 24.19 -2.09
N ALA CD 153 48.80 25.15 -1.14
CA ALA CD 153 49.38 24.89 0.16
C ALA CD 153 48.59 23.82 0.91
N HIS CD 154 47.25 23.92 0.87
CA HIS CD 154 46.45 22.89 1.53
C HIS CD 154 46.66 21.52 0.90
N LEU CD 155 46.73 21.47 -0.43
CA LEU CD 155 46.94 20.20 -1.12
C LEU CD 155 48.32 19.63 -0.82
N LYS CD 156 49.34 20.49 -0.72
CA LYS CD 156 50.67 20.00 -0.38
C LYS CD 156 50.72 19.47 1.05
N ALA CD 157 50.04 20.14 1.98
CA ALA CD 157 49.96 19.62 3.34
C ALA CD 157 49.25 18.28 3.38
N LEU CD 158 48.16 18.15 2.61
CA LEU CD 158 47.47 16.86 2.52
C LEU CD 158 48.37 15.78 1.95
N ARG CD 159 49.13 16.10 0.90
CA ARG CD 159 50.05 15.13 0.31
C ARG CD 159 51.13 14.71 1.30
N THR CD 160 51.67 15.67 2.05
CA THR CD 160 52.68 15.33 3.06
C THR CD 160 52.10 14.44 4.14
N GLU CD 161 50.85 14.70 4.55
CA GLU CD 161 50.20 13.81 5.50
C GLU CD 161 50.01 12.41 4.90
N LEU CD 162 49.67 12.34 3.62
CA LEU CD 162 49.48 11.04 2.97
C LEU CD 162 50.77 10.25 2.92
N VAL CD 163 51.87 10.90 2.58
CA VAL CD 163 53.16 10.21 2.49
C VAL CD 163 53.77 10.06 3.88
N MET DD 1 35.25 69.48 61.10
CA MET DD 1 35.05 68.60 62.26
C MET DD 1 33.86 67.67 62.03
N ALA DD 2 32.83 68.16 61.34
CA ALA DD 2 31.69 67.32 61.02
C ALA DD 2 32.09 66.19 60.08
N ILE DD 3 32.94 66.48 59.10
CA ILE DD 3 33.42 65.45 58.19
C ILE DD 3 34.22 64.41 58.96
N ARG DD 4 35.09 64.85 59.87
CA ARG DD 4 35.89 63.91 60.65
C ARG DD 4 35.00 63.06 61.55
N ASN DD 5 33.96 63.65 62.14
CA ASN DD 5 33.05 62.88 62.97
C ASN DD 5 32.28 61.85 62.16
N PHE DD 6 31.83 62.21 60.95
CA PHE DD 6 31.15 61.26 60.09
C PHE DD 6 32.08 60.12 59.69
N VAL DD 7 33.33 60.45 59.32
CA VAL DD 7 34.30 59.43 58.97
C VAL DD 7 34.55 58.50 60.16
N PHE DD 8 34.65 59.07 61.37
CA PHE DD 8 34.88 58.22 62.54
C PHE DD 8 33.67 57.36 62.87
N LYS DD 9 32.45 57.85 62.64
CA LYS DD 9 31.28 57.00 62.83
C LYS DD 9 31.31 55.81 61.87
N ILE DD 10 31.63 56.07 60.61
CA ILE DD 10 31.74 54.99 59.65
C ILE DD 10 32.83 54.01 60.06
N SER DD 11 33.98 54.53 60.50
CA SER DD 11 35.07 53.68 60.94
C SER DD 11 34.69 52.84 62.16
N ASN DD 12 33.95 53.44 63.09
CA ASN DD 12 33.52 52.72 64.28
C ASN DD 12 32.60 51.58 63.91
N GLN DD 13 31.64 51.83 63.02
CA GLN DD 13 30.74 50.75 62.59
C GLN DD 13 31.50 49.67 61.84
N ILE DD 14 32.45 50.05 61.00
CA ILE DD 14 33.25 49.07 60.27
C ILE DD 14 34.05 48.20 61.23
N GLN DD 15 34.66 48.82 62.23
CA GLN DD 15 35.48 48.06 63.18
C GLN DD 15 34.63 47.15 64.04
N ASN DD 16 33.44 47.61 64.45
CA ASN DD 16 32.53 46.73 65.17
C ASN DD 16 32.13 45.53 64.32
N LEU DD 17 31.82 45.76 63.04
CA LEU DD 17 31.46 44.65 62.16
C LEU DD 17 32.64 43.70 61.98
N ALA DD 18 33.85 44.24 61.83
CA ALA DD 18 35.03 43.40 61.63
C ALA DD 18 35.31 42.55 62.85
N ALA DD 19 35.17 43.12 64.05
CA ALA DD 19 35.36 42.33 65.26
C ALA DD 19 34.26 41.31 65.44
N LYS DD 20 33.04 41.63 65.01
CA LYS DD 20 31.95 40.65 65.06
C LYS DD 20 32.23 39.48 64.14
N ARG DD 21 32.75 39.75 62.94
CA ARG DD 21 33.04 38.67 61.99
C ARG DD 21 34.14 37.75 62.52
N SER DD 22 35.17 38.31 63.13
CA SER DD 22 36.34 37.53 63.54
C SER DD 22 36.24 37.01 64.97
N LEU DD 23 35.17 37.34 65.71
CA LEU DD 23 35.05 36.88 67.08
C LEU DD 23 33.63 36.47 67.44
N ALA DD 24 32.77 36.19 66.46
CA ALA DD 24 31.40 35.81 66.75
C ALA DD 24 31.32 34.47 67.47
N TYR DD 25 32.26 33.56 67.20
CA TYR DD 25 32.19 32.23 67.77
C TYR DD 25 32.44 32.21 69.28
N LEU DD 26 33.07 33.25 69.83
CA LEU DD 26 33.38 33.24 71.25
C LEU DD 26 32.12 33.44 72.10
N ASN DD 27 31.28 34.40 71.73
CA ASN DD 27 30.14 34.79 72.54
C ASN DD 27 28.84 34.22 71.99
N GLN DD 28 27.81 34.28 72.83
CA GLN DD 28 26.46 33.86 72.46
C GLN DD 28 25.53 35.04 72.21
N ILE DD 29 26.08 36.18 71.78
CA ILE DD 29 25.26 37.35 71.48
C ILE DD 29 24.30 37.05 70.35
N ASP DD 30 24.79 36.40 69.30
CA ASP DD 30 23.92 36.01 68.19
C ASP DD 30 22.93 34.95 68.64
N SER DD 31 21.69 35.08 68.20
CA SER DD 31 20.64 34.18 68.62
C SER DD 31 20.93 32.75 68.18
N GLN DD 32 20.58 31.80 69.03
CA GLN DD 32 20.74 30.37 68.78
C GLN DD 32 22.20 29.95 68.62
N SER DD 33 23.14 30.83 68.95
CA SER DD 33 24.57 30.52 68.90
C SER DD 33 24.99 29.99 67.53
N VAL DD 34 24.46 30.62 66.48
CA VAL DD 34 24.69 30.16 65.11
C VAL DD 34 26.16 30.23 64.75
N PRO DD 35 26.80 31.41 64.68
CA PRO DD 35 28.14 31.48 64.08
C PRO DD 35 29.15 30.59 64.77
N SER DD 36 29.08 30.48 66.09
CA SER DD 36 29.98 29.59 66.83
C SER DD 36 29.92 28.19 66.26
N ARG DD 37 28.71 27.63 66.13
CA ARG DD 37 28.55 26.31 65.55
C ARG DD 37 29.25 26.22 64.22
N ALA DD 38 29.08 27.24 63.37
CA ALA DD 38 29.71 27.24 62.06
C ALA DD 38 31.20 27.00 62.17
N THR DD 39 31.87 27.77 63.04
CA THR DD 39 33.30 27.59 63.20
C THR DD 39 33.61 26.18 63.71
N ILE DD 40 32.85 25.72 64.71
CA ILE DD 40 33.02 24.35 65.17
C ILE DD 40 32.83 23.38 64.01
N ASN DD 41 31.78 23.61 63.21
CA ASN DD 41 31.56 22.78 62.04
C ASN DD 41 32.80 22.72 61.19
N MET DD 42 33.42 23.88 60.94
CA MET DD 42 34.63 23.92 60.13
C MET DD 42 35.67 22.97 60.70
N LYS DD 43 35.92 23.07 62.01
CA LYS DD 43 36.92 22.20 62.63
C LYS DD 43 36.60 20.75 62.33
N ASP DD 44 35.32 20.36 62.53
CA ASP DD 44 34.93 18.99 62.25
C ASP DD 44 35.34 18.61 60.85
N GLN DD 45 34.95 19.42 59.86
CA GLN DD 45 35.31 19.13 58.49
C GLN DD 45 36.81 18.93 58.37
N VAL DD 46 37.58 19.87 58.91
CA VAL DD 46 39.03 19.77 58.82
C VAL DD 46 39.50 18.46 59.41
N THR DD 47 39.05 18.16 60.64
CA THR DD 47 39.44 16.91 61.28
C THR DD 47 39.08 15.74 60.38
N GLN DD 48 37.84 15.70 59.91
CA GLN DD 48 37.40 14.60 59.07
C GLN DD 48 38.36 14.42 57.90
N MET DD 49 38.71 15.53 57.24
CA MET DD 49 39.57 15.45 56.07
C MET DD 49 40.85 14.71 56.42
N GLN DD 50 41.53 15.16 57.49
CA GLN DD 50 42.78 14.50 57.86
C GLN DD 50 42.54 13.04 58.15
N ARG DD 51 41.52 12.74 58.96
CA ARG DD 51 41.22 11.35 59.27
C ARG DD 51 40.99 10.57 57.98
N GLU DD 52 40.25 11.17 57.05
CA GLU DD 52 39.99 10.52 55.77
C GLU DD 52 41.29 10.06 55.13
N ILE DD 53 42.26 10.97 55.04
CA ILE DD 53 43.54 10.62 54.43
C ILE DD 53 44.14 9.42 55.13
N ASP DD 54 44.19 9.47 56.47
CA ASP DD 54 44.78 8.38 57.22
C ASP DD 54 44.04 7.08 56.92
N ASN DD 55 42.71 7.13 56.90
CA ASN DD 55 41.94 5.92 56.65
C ASN DD 55 42.28 5.35 55.29
N MET DD 56 42.44 6.23 54.28
CA MET DD 56 42.81 5.76 52.96
C MET DD 56 44.10 4.94 53.04
N ALA DD 57 45.11 5.47 53.73
CA ALA DD 57 46.37 4.75 53.87
C ALA DD 57 46.14 3.38 54.49
N ASN DD 58 45.30 3.31 55.53
CA ASN DD 58 45.00 2.04 56.16
C ASN DD 58 44.49 1.04 55.13
N VAL DD 59 43.57 1.48 54.27
CA VAL DD 59 43.06 0.60 53.23
C VAL DD 59 44.21 0.11 52.36
N ILE DD 60 45.05 1.04 51.90
CA ILE DD 60 46.17 0.66 51.06
C ILE DD 60 47.16 -0.20 51.86
N ARG DD 61 47.25 0.03 53.16
CA ARG DD 61 48.17 -0.77 53.96
C ARG DD 61 47.70 -2.22 54.08
N ALA DD 62 46.42 -2.48 53.81
CA ALA DD 62 45.88 -3.84 53.94
C ALA DD 62 45.80 -4.58 52.62
N GLN DD 63 46.00 -3.90 51.49
CA GLN DD 63 45.85 -4.52 50.18
C GLN DD 63 47.16 -4.69 49.43
N ILE DD 64 48.19 -3.91 49.75
CA ILE DD 64 49.49 -4.06 49.11
C ILE DD 64 50.17 -5.30 49.67
N PRO DD 65 51.11 -5.91 48.95
CA PRO DD 65 51.85 -7.04 49.52
C PRO DD 65 52.64 -6.63 50.75
N ASP DD 66 52.86 -7.60 51.64
CA ASP DD 66 53.53 -7.31 52.91
C ASP DD 66 54.93 -6.74 52.70
N GLU DD 67 55.58 -7.10 51.58
CA GLU DD 67 56.93 -6.61 51.34
C GLU DD 67 56.94 -5.11 51.02
N ASP DD 68 55.84 -4.57 50.51
CA ASP DD 68 55.80 -3.18 50.08
C ASP DD 68 55.43 -2.22 51.19
N ARG DD 69 54.92 -2.71 52.32
CA ARG DD 69 54.32 -1.83 53.32
C ARG DD 69 55.27 -0.71 53.72
N ALA DD 70 56.50 -1.06 54.10
CA ALA DD 70 57.47 -0.05 54.51
C ALA DD 70 57.60 1.03 53.46
N GLU DD 71 57.79 0.63 52.20
CA GLU DD 71 57.91 1.62 51.13
C GLU DD 71 56.74 2.58 51.14
N PHE DD 72 55.52 2.03 51.17
CA PHE DD 72 54.34 2.88 51.18
C PHE DD 72 54.41 3.86 52.34
N GLU DD 73 54.74 3.35 53.53
CA GLU DD 73 54.83 4.23 54.69
C GLU DD 73 55.76 5.39 54.41
N ILE DD 74 56.95 5.11 53.87
CA ILE DD 74 57.89 6.16 53.54
C ILE DD 74 57.20 7.20 52.66
N LEU DD 75 56.64 6.75 51.54
CA LEU DD 75 55.94 7.66 50.65
C LEU DD 75 54.85 8.40 51.39
N LYS DD 76 54.05 7.67 52.18
CA LYS DD 76 52.97 8.30 52.92
C LYS DD 76 53.53 9.41 53.80
N LYS DD 77 54.61 9.13 54.52
CA LYS DD 77 55.18 10.14 55.38
C LYS DD 77 55.62 11.35 54.57
N TYR DD 78 56.26 11.11 53.42
CA TYR DD 78 56.71 12.22 52.61
C TYR DD 78 55.54 13.00 52.04
N TYR DD 79 54.37 12.37 51.88
CA TYR DD 79 53.21 13.13 51.42
C TYR DD 79 52.57 13.94 52.53
N VAL DD 80 52.84 13.60 53.79
CA VAL DD 80 52.14 14.26 54.89
C VAL DD 80 52.96 15.44 55.39
N THR DD 81 54.18 15.18 55.85
CA THR DD 81 55.01 16.21 56.46
C THR DD 81 56.38 16.38 55.81
N GLY DD 82 56.88 15.39 55.08
CA GLY DD 82 58.22 15.48 54.53
C GLY DD 82 58.37 16.60 53.50
N GLN DD 83 57.38 16.73 52.61
CA GLN DD 83 57.48 17.72 51.54
C GLN DD 83 57.47 19.14 52.09
N HIS DD 84 56.66 19.40 53.12
CA HIS DD 84 56.51 20.75 53.63
C HIS DD 84 57.70 21.20 54.47
N ASP DD 85 58.55 20.28 54.90
CA ASP DD 85 59.73 20.63 55.69
C ASP DD 85 60.91 20.84 54.75
N SER DD 86 61.51 22.04 54.79
CA SER DD 86 62.61 22.36 53.91
C SER DD 86 63.92 21.69 54.33
N LEU DD 87 64.00 21.19 55.55
CA LEU DD 87 65.21 20.54 56.04
C LEU DD 87 65.25 19.05 55.72
N VAL DD 88 64.22 18.52 55.07
CA VAL DD 88 64.18 17.12 54.66
C VAL DD 88 64.64 17.03 53.22
N ASP DD 89 65.58 16.13 52.94
CA ASP DD 89 66.17 16.02 51.62
C ASP DD 89 65.39 15.03 50.77
N PRO DD 90 64.73 15.45 49.69
CA PRO DD 90 64.14 14.48 48.77
C PRO DD 90 65.17 13.54 48.17
N GLN DD 91 66.40 14.02 47.99
CA GLN DD 91 67.47 13.13 47.54
C GLN DD 91 67.69 11.99 48.52
N ASP DD 92 67.69 12.30 49.83
CA ASP DD 92 67.88 11.24 50.82
C ASP DD 92 66.66 10.35 50.92
N VAL DD 93 65.46 10.91 50.74
CA VAL DD 93 64.27 10.07 50.71
C VAL DD 93 64.35 9.07 49.55
N LEU DD 94 64.76 9.55 48.38
CA LEU DD 94 64.93 8.66 47.23
C LEU DD 94 66.02 7.62 47.50
N LEU DD 95 67.10 8.01 48.15
CA LEU DD 95 68.16 7.07 48.47
C LEU DD 95 67.66 5.98 49.42
N GLN DD 96 66.85 6.37 50.41
CA GLN DD 96 66.27 5.40 51.32
C GLN DD 96 65.34 4.44 50.57
N LEU DD 97 64.54 4.98 49.65
CA LEU DD 97 63.67 4.13 48.84
C LEU DD 97 64.48 3.15 48.01
N ASP DD 98 65.59 3.61 47.44
CA ASP DD 98 66.45 2.72 46.66
C ASP DD 98 67.05 1.62 47.54
N ARG DD 99 67.46 1.98 48.76
CA ARG DD 99 68.00 0.97 49.67
C ARG DD 99 66.95 -0.06 50.02
N ILE DD 100 65.71 0.38 50.27
CA ILE DD 100 64.64 -0.55 50.59
C ILE DD 100 64.34 -1.46 49.40
N GLN DD 101 64.39 -0.90 48.18
CA GLN DD 101 64.18 -1.71 46.99
C GLN DD 101 65.28 -2.76 46.84
N VAL DD 102 66.54 -2.38 47.13
CA VAL DD 102 67.64 -3.34 47.08
C VAL DD 102 67.42 -4.45 48.09
N LEU DD 103 66.99 -4.09 49.31
CA LEU DD 103 66.70 -5.10 50.32
C LEU DD 103 65.57 -6.02 49.88
N LYS DD 104 64.55 -5.47 49.24
CA LYS DD 104 63.44 -6.28 48.73
C LYS DD 104 63.91 -7.25 47.66
N ASN DD 105 64.79 -6.79 46.76
CA ASN DD 105 65.33 -7.69 45.75
C ASN DD 105 66.19 -8.78 46.39
N LEU DD 106 66.96 -8.42 47.42
CA LEU DD 106 67.76 -9.42 48.12
C LEU DD 106 66.88 -10.47 48.77
N LYS DD 107 65.76 -10.06 49.36
CA LYS DD 107 64.81 -11.03 49.90
C LYS DD 107 64.20 -11.87 48.79
N MET DD 108 63.95 -11.26 47.64
CA MET DD 108 63.44 -12.00 46.49
C MET DD 108 64.42 -13.07 46.03
N ILE DD 109 65.73 -12.82 46.21
CA ILE DD 109 66.73 -13.82 45.87
C ILE DD 109 66.52 -15.08 46.71
N GLU DD 110 66.07 -14.92 47.95
CA GLU DD 110 65.88 -16.03 48.88
C GLU DD 110 64.55 -16.76 48.65
N LEU DD 111 63.94 -16.60 47.47
CA LEU DD 111 62.72 -17.30 47.12
C LEU DD 111 62.99 -18.52 46.26
N ASN DD 112 64.09 -19.23 46.54
CA ASN DD 112 64.50 -20.42 45.80
C ASN DD 112 64.77 -20.08 44.34
N GLU DD 113 65.67 -19.13 44.11
CA GLU DD 113 66.06 -18.77 42.75
C GLU DD 113 66.78 -19.94 42.08
N GLU DD 114 67.55 -20.72 42.86
CA GLU DD 114 68.24 -21.90 42.37
C GLU DD 114 69.23 -21.59 41.25
N ALA DD 115 69.91 -20.44 41.36
CA ALA DD 115 70.98 -20.07 40.44
C ALA DD 115 72.29 -20.11 41.24
N TYR DD 116 73.19 -21.01 40.83
CA TYR DD 116 74.36 -21.29 41.65
C TYR DD 116 75.30 -20.09 41.72
N ASP DD 117 75.79 -19.62 40.58
CA ASP DD 117 76.68 -18.48 40.52
C ASP DD 117 75.94 -17.14 40.66
N PRO DD 118 74.79 -16.95 40.00
CA PRO DD 118 74.09 -15.67 40.17
C PRO DD 118 73.69 -15.37 41.61
N GLU DD 119 73.46 -16.38 42.44
CA GLU DD 119 73.17 -16.11 43.85
C GLU DD 119 74.32 -15.36 44.50
N LEU DD 120 75.54 -15.89 44.37
CA LEU DD 120 76.71 -15.23 44.93
C LEU DD 120 76.93 -13.86 44.29
N VAL DD 121 76.79 -13.78 42.96
CA VAL DD 121 77.04 -12.53 42.27
C VAL DD 121 76.09 -11.44 42.76
N ARG DD 122 74.80 -11.74 42.81
CA ARG DD 122 73.81 -10.75 43.24
C ARG DD 122 73.96 -10.43 44.72
N LEU DD 123 74.26 -11.41 45.55
CA LEU DD 123 74.47 -11.13 46.97
C LEU DD 123 75.62 -10.17 47.17
N GLU DD 124 76.74 -10.41 46.49
CA GLU DD 124 77.89 -9.50 46.60
C GLU DD 124 77.56 -8.12 46.06
N LYS DD 125 76.86 -8.06 44.91
CA LYS DD 125 76.53 -6.77 44.32
C LYS DD 125 75.62 -5.96 45.23
N LEU DD 126 74.63 -6.61 45.85
CA LEU DD 126 73.73 -5.89 46.74
C LEU DD 126 74.41 -5.52 48.05
N LYS DD 127 75.32 -6.35 48.54
CA LYS DD 127 76.07 -5.99 49.74
C LYS DD 127 76.94 -4.76 49.50
N ALA DD 128 77.62 -4.69 48.36
CA ALA DD 128 78.45 -3.54 48.07
C ALA DD 128 77.64 -2.34 47.59
N ARG DD 129 76.40 -2.55 47.16
CA ARG DD 129 75.60 -1.46 46.62
C ARG DD 129 75.10 -0.53 47.72
N VAL DD 130 74.67 -1.10 48.85
CA VAL DD 130 74.10 -0.31 49.94
C VAL DD 130 75.22 0.09 50.90
N LEU DD 131 76.47 -0.09 50.47
CA LEU DD 131 77.64 0.32 51.24
C LEU DD 131 77.70 -0.38 52.60
N LEU DD 132 77.78 -1.71 52.54
CA LEU DD 132 77.92 -2.52 53.73
C LEU DD 132 79.40 -2.64 54.10
N GLU DD 133 79.70 -3.48 55.09
CA GLU DD 133 81.09 -3.69 55.49
C GLU DD 133 81.88 -4.38 54.39
N GLU DD 134 81.21 -5.18 53.55
CA GLU DD 134 81.90 -5.87 52.47
C GLU DD 134 82.43 -4.88 51.45
N GLU DD 135 83.67 -5.10 51.02
CA GLU DD 135 84.32 -4.20 50.08
C GLU DD 135 83.95 -4.56 48.64
N GLY DD 136 84.00 -3.55 47.77
CA GLY DD 136 83.82 -3.81 46.35
C GLY DD 136 84.94 -4.66 45.78
N ALA DD 137 86.17 -4.43 46.27
CA ALA DD 137 87.29 -5.25 45.83
C ALA DD 137 87.10 -6.72 46.21
N LEU DD 138 86.34 -6.98 47.27
CA LEU DD 138 86.08 -8.37 47.65
C LEU DD 138 85.32 -9.10 46.55
N LEU DD 139 84.21 -8.52 46.08
CA LEU DD 139 83.48 -9.14 44.98
C LEU DD 139 84.27 -9.07 43.68
N GLU DD 140 85.10 -8.04 43.51
CA GLU DD 140 85.92 -7.96 42.31
C GLU DD 140 86.88 -9.13 42.22
N TYR DD 141 87.51 -9.48 43.36
CA TYR DD 141 88.38 -10.65 43.40
C TYR DD 141 87.56 -11.94 43.30
N ALA DD 142 86.36 -11.94 43.87
CA ALA DD 142 85.52 -13.13 43.78
C ALA DD 142 85.14 -13.45 42.35
N HIS DD 143 84.86 -12.42 41.55
CA HIS DD 143 84.51 -12.62 40.14
C HIS DD 143 85.68 -13.22 39.36
N GLY ED 2 23.62 42.85 -16.04
CA GLY ED 2 22.23 42.57 -16.34
C GLY ED 2 22.00 42.19 -17.79
N PHE ED 3 22.75 41.19 -18.26
CA PHE ED 3 22.66 40.76 -19.66
C PHE ED 3 21.39 39.94 -19.86
N GLU ED 4 21.24 39.39 -21.06
CA GLU ED 4 20.09 38.56 -21.38
C GLU ED 4 20.56 37.26 -22.01
N THR ED 5 19.70 36.25 -21.94
CA THR ED 5 19.98 34.94 -22.48
C THR ED 5 19.25 34.75 -23.81
N VAL ED 6 19.70 33.74 -24.57
CA VAL ED 6 19.12 33.47 -25.87
C VAL ED 6 17.71 32.92 -25.68
N VAL ED 7 16.76 33.49 -26.42
CA VAL ED 7 15.36 33.06 -26.36
C VAL ED 7 15.18 31.93 -27.36
N PRO ED 8 14.86 30.72 -26.92
CA PRO ED 8 14.63 29.62 -27.87
C PRO ED 8 13.35 29.84 -28.65
N ALA ED 9 13.30 29.20 -29.82
CA ALA ED 9 12.11 29.28 -30.67
C ALA ED 9 10.94 28.61 -29.96
N PRO ED 10 9.72 28.99 -30.32
CA PRO ED 10 8.53 28.39 -29.68
C PRO ED 10 8.58 26.88 -29.81
N PRO ED 11 8.24 26.16 -28.74
CA PRO ED 11 8.42 24.71 -28.74
C PRO ED 11 7.51 24.01 -29.73
N THR ED 12 8.00 22.89 -30.25
CA THR ED 12 7.20 22.04 -31.12
C THR ED 12 6.26 21.19 -30.26
N ARG ED 13 5.48 20.33 -30.92
CA ARG ED 13 4.48 19.55 -30.20
C ARG ED 13 5.15 18.57 -29.23
N ASP ED 14 6.29 18.00 -29.61
CA ASP ED 14 7.00 17.10 -28.71
C ASP ED 14 7.47 17.82 -27.46
N ASP ED 15 8.02 19.03 -27.63
CA ASP ED 15 8.46 19.80 -26.47
C ASP ED 15 7.27 20.21 -25.60
N GLU ED 16 6.15 20.57 -26.22
CA GLU ED 16 4.96 20.89 -25.44
C GLU ED 16 4.47 19.69 -24.65
N LEU ED 17 4.49 18.50 -25.26
CA LEU ED 17 4.08 17.29 -24.56
C LEU ED 17 5.02 16.97 -23.42
N ARG ED 18 6.33 17.15 -23.61
CA ARG ED 18 7.27 16.94 -22.52
C ARG ED 18 7.02 17.91 -21.39
N MET ED 19 6.73 19.17 -21.71
CA MET ED 19 6.42 20.16 -20.69
C MET ED 19 5.16 19.79 -19.92
N ILE ED 20 4.13 19.32 -20.62
CA ILE ED 20 2.89 18.91 -19.96
C ILE ED 20 3.15 17.73 -19.05
N LYS ED 21 3.94 16.76 -19.51
CA LYS ED 21 4.27 15.60 -18.68
C LYS ED 21 5.02 16.02 -17.42
N ALA ED 22 5.99 16.93 -17.56
CA ALA ED 22 6.72 17.41 -16.39
C ALA ED 22 5.80 18.14 -15.42
N THR ED 23 4.91 18.99 -15.93
CA THR ED 23 4.00 19.71 -15.06
C THR ED 23 3.08 18.77 -14.32
N GLU ED 24 2.55 17.75 -14.99
CA GLU ED 24 1.63 16.84 -14.31
C GLU ED 24 2.37 15.97 -13.30
N GLU ED 25 3.60 15.56 -13.62
CA GLU ED 25 4.40 14.81 -12.65
C GLU ED 25 4.70 15.63 -11.42
N GLN ED 26 5.02 16.92 -11.60
CA GLN ED 26 5.24 17.78 -10.44
C GLN ED 26 3.96 18.04 -9.68
N PHE ED 27 2.82 18.06 -10.37
CA PHE ED 27 1.53 18.17 -9.69
C PHE ED 27 1.28 16.97 -8.80
N LEU ED 28 1.65 15.78 -9.26
CA LEU ED 28 1.40 14.57 -8.48
C LEU ED 28 2.18 14.53 -7.18
N GLN ED 29 3.21 15.36 -7.02
CA GLN ED 29 4.09 15.29 -5.86
C GLN ED 29 3.60 16.10 -4.67
N GLN ED 30 2.53 16.88 -4.82
CA GLN ED 30 2.08 17.73 -3.73
C GLN ED 30 1.34 16.91 -2.68
N PRO ED 31 1.80 16.89 -1.43
CA PRO ED 31 1.06 16.19 -0.39
C PRO ED 31 -0.34 16.77 -0.22
N ARG ED 32 -1.31 15.89 0.06
CA ARG ED 32 -2.69 16.34 0.16
C ARG ED 32 -2.94 17.18 1.41
N TYR ED 33 -2.09 17.08 2.42
CA TYR ED 33 -2.24 17.87 3.63
C TYR ED 33 -1.60 19.26 3.53
N LYS ED 34 -0.94 19.56 2.41
CA LYS ED 34 -0.41 20.90 2.15
C LYS ED 34 -1.36 21.61 1.20
N LEU ED 35 -2.09 22.60 1.72
CA LEU ED 35 -3.14 23.27 0.97
C LEU ED 35 -2.59 24.56 0.38
N TYR ED 36 -1.88 24.42 -0.73
CA TYR ED 36 -1.42 25.54 -1.54
C TYR ED 36 -2.14 25.51 -2.87
N MET ED 37 -2.77 26.63 -3.24
CA MET ED 37 -3.54 26.69 -4.47
C MET ED 37 -2.62 26.71 -5.68
N ASN ED 38 -3.21 26.42 -6.85
CA ASN ED 38 -2.46 26.45 -8.11
C ASN ED 38 -2.23 27.89 -8.52
N GLU ED 39 -0.97 28.29 -8.57
CA GLU ED 39 -0.58 29.65 -8.94
C GLU ED 39 0.88 29.64 -9.33
N ALA ED 40 1.34 30.77 -9.88
CA ALA ED 40 2.73 30.87 -10.30
C ALA ED 40 3.68 30.74 -9.12
N HIS ED 41 3.36 31.40 -8.00
CA HIS ED 41 4.25 31.42 -6.86
C HIS ED 41 4.11 30.19 -5.97
N ARG ED 42 3.16 29.31 -6.27
CA ARG ED 42 2.86 28.16 -5.42
C ARG ED 42 4.13 27.43 -5.01
N ILE ED 43 4.89 26.94 -5.99
CA ILE ED 43 6.11 26.18 -5.67
C ILE ED 43 7.01 27.01 -4.77
N ALA ED 44 7.24 28.27 -5.15
CA ALA ED 44 8.04 29.15 -4.31
C ALA ED 44 7.49 29.19 -2.89
N LYS ED 45 6.20 29.47 -2.76
CA LYS ED 45 5.57 29.47 -1.45
C LYS ED 45 5.83 28.16 -0.73
N MET ED 46 5.61 27.04 -1.42
CA MET ED 46 5.83 25.74 -0.80
C MET ED 46 7.24 25.64 -0.26
N ASN ED 47 8.23 26.00 -1.09
CA ASN ED 47 9.61 25.98 -0.61
C ASN ED 47 9.73 26.83 0.64
N HIS ED 48 9.24 28.07 0.58
CA HIS ED 48 9.26 28.94 1.74
C HIS ED 48 8.64 28.23 2.94
N GLY ED 49 7.45 27.66 2.74
CA GLY ED 49 6.79 26.99 3.84
C GLY ED 49 7.66 25.92 4.45
N ASP ED 50 8.27 25.09 3.60
CA ASP ED 50 9.14 24.04 4.12
C ASP ED 50 10.20 24.63 5.03
N ARG ED 51 10.92 25.64 4.53
CA ARG ED 51 11.97 26.25 5.34
C ARG ED 51 11.38 26.78 6.63
N HIS ED 52 10.24 27.49 6.53
CA HIS ED 52 9.62 28.01 7.73
C HIS ED 52 9.36 26.90 8.73
N ASN ED 53 8.76 25.80 8.25
CA ASN ED 53 8.47 24.68 9.16
C ASN ED 53 9.75 24.20 9.82
N ASN ED 54 10.83 24.06 9.04
CA ASN ED 54 12.09 23.64 9.61
C ASN ED 54 12.46 24.55 10.77
N ILE ED 55 12.47 25.86 10.53
CA ILE ED 55 12.80 26.82 11.57
C ILE ED 55 11.91 26.59 12.78
N ARG ED 56 10.61 26.46 12.54
CA ARG ED 56 9.66 26.29 13.62
C ARG ED 56 10.11 25.16 14.54
N ALA ED 57 10.42 24.00 13.94
CA ALA ED 57 10.82 22.86 14.76
C ALA ED 57 11.99 23.23 15.66
N HIS ED 58 13.06 23.76 15.05
CA HIS ED 58 14.22 24.15 15.84
C HIS ED 58 13.80 25.05 16.99
N PHE ED 59 13.02 26.09 16.67
CA PHE ED 59 12.61 27.05 17.68
C PHE ED 59 11.98 26.31 18.86
N TRP ED 60 11.00 25.46 18.59
CA TRP ED 60 10.28 24.83 19.69
C TRP ED 60 11.22 23.97 20.50
N SER ED 61 12.12 23.23 19.83
CA SER ED 61 13.10 22.46 20.57
C SER ED 61 13.85 23.36 21.53
N ASN ED 62 14.41 24.46 21.01
CA ASN ED 62 15.14 25.39 21.85
C ASN ED 62 14.23 25.91 22.95
N PHE ED 63 12.98 26.25 22.61
CA PHE ED 63 12.05 26.73 23.63
C PHE ED 63 11.97 25.73 24.77
N ALA ED 64 11.71 24.46 24.43
CA ALA ED 64 11.67 23.44 25.47
C ALA ED 64 12.99 23.40 26.22
N LEU ED 65 14.10 23.36 25.48
CA LEU ED 65 15.40 23.35 26.13
C LEU ED 65 15.55 24.57 27.02
N GLY ED 66 15.12 25.74 26.53
CA GLY ED 66 15.23 26.94 27.33
C GLY ED 66 14.53 26.78 28.66
N LEU ED 67 13.32 26.23 28.64
CA LEU ED 67 12.59 26.01 29.89
C LEU ED 67 13.45 25.23 30.86
N LEU ED 68 14.00 24.10 30.39
CA LEU ED 68 14.88 23.30 31.25
C LEU ED 68 16.00 24.16 31.79
N ILE ED 69 16.72 24.85 30.91
CA ILE ED 69 17.88 25.61 31.34
C ILE ED 69 17.46 26.79 32.21
N THR ED 70 16.24 27.28 32.06
CA THR ED 70 15.78 28.39 32.88
C THR ED 70 15.06 27.91 34.13
N GLY ED 71 14.98 26.61 34.35
CA GLY ED 71 14.34 26.10 35.54
C GLY ED 71 15.15 26.36 36.79
N PRO ED 72 16.28 25.68 36.93
CA PRO ED 72 17.05 25.76 38.19
C PRO ED 72 18.03 26.92 38.22
N ILE ED 73 18.34 27.50 37.06
CA ILE ED 73 19.40 28.49 37.00
C ILE ED 73 18.87 29.87 37.40
N PHE ED 74 17.68 30.24 36.93
CA PHE ED 74 17.15 31.58 37.15
C PHE ED 74 15.92 31.59 38.05
N ILE ED 75 14.88 30.83 37.68
CA ILE ED 75 13.58 31.04 38.29
C ILE ED 75 13.54 30.56 39.74
N ILE ED 76 14.17 29.43 40.04
CA ILE ED 76 14.20 28.93 41.41
C ILE ED 76 15.00 29.87 42.32
N PRO ED 77 16.22 30.30 41.94
CA PRO ED 77 16.88 31.33 42.74
C PRO ED 77 16.10 32.62 42.84
N PHE ED 78 15.32 32.97 41.82
CA PHE ED 78 14.42 34.11 41.92
C PHE ED 78 13.37 33.88 42.99
N GLY ED 79 12.82 32.67 43.05
CA GLY ED 79 11.86 32.31 44.07
C GLY ED 79 12.45 32.25 45.46
N LYS ED 80 13.79 32.19 45.57
CA LYS ED 80 14.42 32.34 46.86
C LYS ED 80 14.23 33.72 47.48
N ALA ED 81 13.76 34.70 46.71
CA ALA ED 81 13.61 36.06 47.18
C ALA ED 81 12.26 36.34 47.84
N PHE ED 82 11.34 35.38 47.82
CA PHE ED 82 10.02 35.54 48.42
C PHE ED 82 9.94 34.93 49.81
N ARG ED 83 11.04 34.43 50.35
CA ARG ED 83 11.01 33.83 51.67
C ARG ED 83 10.75 34.89 52.74
N ASN ED 84 11.46 36.01 52.69
CA ASN ED 84 11.33 37.08 53.66
C ASN ED 84 11.12 38.40 52.92
N LEU ED 85 10.54 39.36 53.63
CA LEU ED 85 10.41 40.71 53.11
C LEU ED 85 11.71 41.48 53.35
N ARG ED 86 11.76 42.72 52.86
CA ARG ED 86 12.94 43.54 53.06
C ARG ED 86 13.15 43.93 54.51
N SER ED 87 12.14 43.77 55.35
CA SER ED 87 12.25 44.07 56.77
C SER ED 87 12.64 42.84 57.60
N GLY ED 88 12.85 41.69 56.95
CA GLY ED 88 13.24 40.48 57.64
C GLY ED 88 12.09 39.61 58.11
N VAL ED 89 10.88 40.15 58.17
CA VAL ED 89 9.72 39.36 58.60
C VAL ED 89 9.35 38.39 57.49
N PRO ED 90 9.03 37.14 57.80
CA PRO ED 90 8.68 36.18 56.74
C PRO ED 90 7.49 36.66 55.91
N TYR ED 91 7.41 36.12 54.70
CA TYR ED 91 6.38 36.54 53.75
C TYR ED 91 4.99 36.30 54.32
N TYR ED 92 4.12 37.30 54.18
CA TYR ED 92 2.71 37.18 54.55
C TYR ED 92 1.87 37.77 53.44
N PHE ED 93 0.59 37.41 53.45
CA PHE ED 93 -0.33 37.78 52.37
C PHE ED 93 -0.76 39.22 52.51
N ARG ED 94 -0.61 40.00 51.43
CA ARG ED 94 -1.17 41.34 51.34
C ARG ED 94 -2.32 41.30 50.34
N PRO ED 95 -3.57 41.38 50.79
CA PRO ED 95 -4.69 41.21 49.87
C PRO ED 95 -4.99 42.49 49.11
N LYS ED 96 -5.28 42.34 47.82
CA LYS ED 96 -5.64 43.51 47.01
C LYS ED 96 -7.11 43.87 47.19
N TYR ED 97 -8.01 43.02 46.69
CA TYR ED 97 -9.43 43.23 46.91
C TYR ED 97 -10.06 42.04 47.61
N VAL ED 98 -9.80 40.84 47.11
CA VAL ED 98 -10.40 39.64 47.67
C VAL ED 98 -9.55 39.18 48.86
N PHE ED 99 -10.19 39.03 50.02
CA PHE ED 99 -9.51 38.54 51.21
C PHE ED 99 -9.59 37.01 51.20
N THR ED 100 -8.78 36.41 50.34
CA THR ED 100 -8.73 34.96 50.24
C THR ED 100 -8.18 34.36 51.53
N GLN ED 101 -8.73 33.21 51.92
CA GLN ED 101 -8.25 32.48 53.09
C GLN ED 101 -7.08 31.60 52.66
N LYS ED 102 -5.87 31.96 53.11
CA LYS ED 102 -4.66 31.21 52.79
C LYS ED 102 -4.37 30.18 53.89
N ASN ED 103 -5.32 29.26 54.06
CA ASN ED 103 -5.25 28.33 55.19
C ASN ED 103 -4.11 27.33 55.04
N GLN ED 104 -3.80 26.93 53.81
CA GLN ED 104 -2.76 25.93 53.60
C GLN ED 104 -1.39 26.51 53.93
N TYR ED 105 -0.38 25.64 53.97
CA TYR ED 105 0.88 25.93 54.64
C TYR ED 105 1.53 27.21 54.15
N ASN ED 106 1.94 27.23 52.88
CA ASN ED 106 2.56 28.43 52.32
C ASN ED 106 1.78 28.89 51.10
N GLN ED 107 0.45 28.90 51.20
CA GLN ED 107 -0.37 29.22 50.04
C GLN ED 107 -0.08 30.62 49.54
N ASP ED 108 0.02 31.59 50.44
CA ASP ED 108 0.29 32.97 50.05
C ASP ED 108 1.66 33.10 49.40
N ARG ED 109 2.69 32.61 50.08
CA ARG ED 109 4.07 32.76 49.57
C ARG ED 109 4.25 32.00 48.27
N ASN ED 110 3.79 30.75 48.22
CA ASN ED 110 3.93 29.96 47.01
C ASN ED 110 3.15 30.55 45.85
N TRP ED 111 1.94 31.06 46.11
CA TRP ED 111 1.17 31.64 45.02
C TRP ED 111 1.78 32.91 44.50
N GLY ED 112 2.29 33.79 45.39
CA GLY ED 112 2.97 34.97 44.92
C GLY ED 112 4.22 34.63 44.13
N ALA ED 113 5.00 33.68 44.62
CA ALA ED 113 6.19 33.25 43.90
C ALA ED 113 5.83 32.70 42.52
N MET ED 114 4.78 31.89 42.43
CA MET ED 114 4.37 31.35 41.13
C MET ED 114 3.88 32.45 40.20
N LYS ED 115 3.12 33.41 40.73
CA LYS ED 115 2.62 34.51 39.90
C LYS ED 115 3.78 35.30 39.31
N LYS ED 116 4.86 35.48 40.06
CA LYS ED 116 5.99 36.22 39.54
C LYS ED 116 7.06 35.34 38.89
N GLN ED 117 6.89 34.01 38.91
CA GLN ED 117 7.86 33.09 38.34
C GLN ED 117 7.43 32.49 37.01
N ILE ED 118 6.17 32.10 36.88
CA ILE ED 118 5.70 31.52 35.61
C ILE ED 118 5.85 32.49 34.45
N PRO ED 119 5.40 33.75 34.54
CA PRO ED 119 5.70 34.70 33.45
C PRO ED 119 7.19 34.88 33.23
N LEU ED 120 7.99 34.93 34.30
CA LEU ED 120 9.43 35.05 34.13
C LEU ED 120 10.01 33.80 33.46
N TRP ED 121 9.52 32.62 33.85
CA TRP ED 121 9.96 31.38 33.22
C TRP ED 121 9.69 31.40 31.72
N LEU ED 122 8.45 31.73 31.34
CA LEU ED 122 8.09 31.74 29.93
C LEU ED 122 8.84 32.82 29.17
N GLY ED 123 9.03 33.99 29.78
CA GLY ED 123 9.76 35.05 29.11
C GLY ED 123 11.23 34.71 28.87
N LEU ED 124 11.89 34.15 29.87
CA LEU ED 124 13.28 33.75 29.70
C LEU ED 124 13.40 32.61 28.70
N SER ED 125 12.43 31.69 28.68
CA SER ED 125 12.45 30.61 27.70
C SER ED 125 12.27 31.15 26.29
N THR ED 126 11.36 32.11 26.11
CA THR ED 126 11.19 32.72 24.79
C THR ED 126 12.43 33.48 24.36
N ALA ED 127 13.07 34.19 25.29
CA ALA ED 127 14.32 34.87 25.00
C ALA ED 127 15.40 33.89 24.58
N TYR ED 128 15.51 32.77 25.31
CA TYR ED 128 16.48 31.74 24.94
C TYR ED 128 16.20 31.18 23.55
N ALA ED 129 14.94 30.90 23.26
CA ALA ED 129 14.58 30.33 21.97
C ALA ED 129 14.91 31.28 20.84
N TYR ED 130 14.59 32.57 21.00
CA TYR ED 130 14.90 33.54 19.95
C TYR ED 130 16.38 33.82 19.84
N TRP ED 131 17.12 33.69 20.95
CA TRP ED 131 18.55 33.96 20.91
C TRP ED 131 19.33 32.83 20.25
N PHE ED 132 18.93 31.59 20.50
CA PHE ED 132 19.75 30.46 20.09
C PHE ED 132 19.32 29.78 18.80
N THR ED 133 18.06 29.90 18.40
CA THR ED 133 17.66 29.29 17.14
C THR ED 133 18.13 30.16 15.97
N ASP ED 134 18.35 29.51 14.83
CA ASP ED 134 18.92 30.15 13.66
C ASP ED 134 17.85 30.29 12.58
N PHE ED 135 17.59 31.51 12.16
CA PHE ED 135 16.63 31.80 11.10
C PHE ED 135 17.30 31.98 9.75
N SER ED 136 18.57 31.58 9.61
CA SER ED 136 19.34 31.93 8.43
C SER ED 136 18.79 31.30 7.16
N ILE ED 137 18.23 30.09 7.25
CA ILE ED 137 17.83 29.38 6.05
C ILE ED 137 16.70 30.11 5.32
N ASN ED 138 15.81 30.77 6.07
CA ASN ED 138 14.71 31.49 5.46
C ASN ED 138 14.98 32.97 5.29
N ASP ED 139 16.04 33.50 5.90
CA ASP ED 139 16.33 34.92 5.77
C ASP ED 139 16.79 35.25 4.35
N ASP ED 140 16.22 36.29 3.78
CA ASP ED 140 16.57 36.76 2.43
C ASP ED 140 16.60 38.28 2.49
N GLU ED 141 17.80 38.84 2.62
CA GLU ED 141 17.93 40.29 2.80
C GLU ED 141 17.44 41.05 1.59
N TRP ED 142 17.78 40.57 0.39
CA TRP ED 142 17.41 41.25 -0.85
C TRP ED 142 16.14 40.69 -1.48
N LEU ED 143 15.47 39.77 -0.80
CA LEU ED 143 14.19 39.21 -1.26
C LEU ED 143 14.31 38.61 -2.66
N GLU ED 144 15.42 37.92 -2.92
CA GLU ED 144 15.65 37.30 -4.21
C GLU ED 144 14.97 35.96 -4.38
N LYS ED 145 14.40 35.40 -3.32
CA LYS ED 145 13.83 34.06 -3.36
C LYS ED 145 12.34 34.07 -3.68
N GLY ED 146 11.77 35.21 -4.03
CA GLY ED 146 10.39 35.29 -4.44
C GLY ED 146 10.17 35.04 -5.92
N LYS ED 147 11.22 34.65 -6.65
CA LYS ED 147 11.10 34.42 -8.08
C LYS ED 147 10.21 33.21 -8.35
N VAL ED 148 9.45 33.28 -9.44
CA VAL ED 148 8.52 32.22 -9.78
C VAL ED 148 9.28 31.02 -10.33
N ILE ED 149 9.02 29.84 -9.75
CA ILE ED 149 9.59 28.58 -10.22
C ILE ED 149 8.46 27.77 -10.82
N TYR ED 150 8.64 27.31 -12.05
CA TYR ED 150 7.55 26.59 -12.67
C TYR ED 150 7.75 25.08 -12.54
N PRO ED 151 6.65 24.32 -12.50
CA PRO ED 151 6.78 22.87 -12.28
C PRO ED 151 7.57 22.15 -13.36
N HIS ED 152 7.48 22.58 -14.61
CA HIS ED 152 8.22 21.90 -15.67
C HIS ED 152 9.71 22.21 -15.62
N GLN ED 153 10.10 23.30 -14.98
CA GLN ED 153 11.52 23.60 -14.79
C GLN ED 153 12.16 22.72 -13.73
N THR ED 154 11.36 22.21 -12.79
CA THR ED 154 11.90 21.38 -11.72
C THR ED 154 12.24 19.97 -12.21
N ILE ED 155 11.41 19.40 -13.07
CA ILE ED 155 11.52 18.01 -13.49
C ILE ED 155 11.94 17.97 -14.95
N LYS ED 156 12.88 17.08 -15.26
CA LYS ED 156 13.33 16.84 -16.63
C LYS ED 156 12.72 15.52 -17.12
N VAL ED 157 12.07 15.56 -18.28
CA VAL ED 157 11.36 14.42 -18.83
C VAL ED 157 12.02 14.01 -20.14
N LEU ED 158 12.34 12.72 -20.25
CA LEU ED 158 12.87 12.14 -21.49
C LEU ED 158 14.16 12.81 -21.93
N SER FD 2 -51.66 38.15 -31.44
CA SER FD 2 -52.08 39.19 -30.51
C SER FD 2 -53.48 38.91 -29.99
N CYS FD 3 -53.86 39.59 -28.90
CA CYS FD 3 -55.20 39.40 -28.36
C CYS FD 3 -56.26 39.88 -29.33
N THR FD 4 -56.01 41.01 -30.01
CA THR FD 4 -56.96 41.50 -31.00
C THR FD 4 -57.08 40.52 -32.17
N THR FD 5 -55.96 39.99 -32.65
CA THR FD 5 -56.01 39.02 -33.74
C THR FD 5 -56.77 37.77 -33.32
N ARG FD 6 -56.49 37.26 -32.12
CA ARG FD 6 -57.18 36.07 -31.65
C ARG FD 6 -58.67 36.30 -31.49
N ARG FD 7 -59.06 37.46 -30.94
CA ARG FD 7 -60.48 37.76 -30.77
C ARG FD 7 -61.17 37.91 -32.12
N PHE FD 8 -60.52 38.58 -33.08
CA PHE FD 8 -61.10 38.72 -34.40
C PHE FD 8 -61.28 37.36 -35.06
N ILE FD 9 -60.28 36.49 -34.94
CA ILE FD 9 -60.39 35.15 -35.54
C ILE FD 9 -61.55 34.39 -34.89
N ASP FD 10 -61.64 34.44 -33.56
CA ASP FD 10 -62.70 33.71 -32.87
C ASP FD 10 -64.07 34.22 -33.29
N GLU FD 11 -64.27 35.54 -33.32
CA GLU FD 11 -65.59 36.08 -33.62
C GLU FD 11 -65.94 35.88 -35.10
N LYS FD 12 -64.96 35.98 -35.99
CA LYS FD 12 -65.23 35.71 -37.40
C LYS FD 12 -65.61 34.25 -37.61
N GLU FD 13 -64.95 33.33 -36.90
CA GLU FD 13 -65.32 31.93 -36.98
C GLU FD 13 -66.73 31.71 -36.45
N LYS FD 14 -67.09 32.39 -35.36
CA LYS FD 14 -68.44 32.28 -34.84
C LYS FD 14 -69.47 32.77 -35.85
N LEU FD 15 -69.20 33.92 -36.49
CA LEU FD 15 -70.12 34.44 -37.50
C LEU FD 15 -70.25 33.50 -38.68
N GLU FD 16 -69.12 32.95 -39.15
CA GLU FD 16 -69.15 32.02 -40.28
C GLU FD 16 -69.96 30.77 -39.93
N TYR FD 17 -69.77 30.22 -38.73
CA TYR FD 17 -70.55 29.07 -38.33
C TYR FD 17 -72.02 29.41 -38.17
N SER FD 18 -72.33 30.64 -37.75
CA SER FD 18 -73.71 31.03 -37.57
C SER FD 18 -74.45 31.18 -38.90
N ARG FD 19 -73.79 31.77 -39.91
CA ARG FD 19 -74.49 32.01 -41.16
C ARG FD 19 -74.70 30.73 -41.97
N GLY FD 20 -73.74 29.81 -41.92
CA GLY FD 20 -73.83 28.59 -42.71
C GLY FD 20 -72.51 28.22 -43.35
N TYR FD 21 -72.45 27.13 -44.11
CA TYR FD 21 -71.18 26.68 -44.65
C TYR FD 21 -71.25 26.17 -46.09
N ASN FD 22 -72.28 26.55 -46.85
CA ASN FD 22 -72.30 26.29 -48.28
C ASN FD 22 -72.15 24.80 -48.60
N GLN FD 23 -71.69 24.48 -49.81
CA GLN FD 23 -71.37 23.11 -50.20
C GLN FD 23 -69.89 22.96 -50.53
N GLN FD 24 -69.36 23.77 -51.45
CA GLN FD 24 -67.94 23.75 -51.72
C GLN FD 24 -67.13 24.16 -50.50
N GLU FD 25 -67.67 25.07 -49.69
CA GLU FD 25 -67.01 25.40 -48.43
C GLU FD 25 -66.98 24.18 -47.51
N LEU FD 26 -68.05 23.38 -47.51
CA LEU FD 26 -68.05 22.16 -46.71
C LEU FD 26 -67.00 21.17 -47.21
N GLU FD 27 -66.87 21.04 -48.54
CA GLU FD 27 -65.86 20.13 -49.09
C GLU FD 27 -64.45 20.58 -48.71
N ALA FD 28 -64.16 21.87 -48.87
CA ALA FD 28 -62.85 22.39 -48.49
C ALA FD 28 -62.61 22.21 -46.99
N SER FD 29 -63.64 22.43 -46.17
CA SER FD 29 -63.52 22.24 -44.74
C SER FD 29 -63.23 20.79 -44.40
N LYS FD 30 -63.87 19.85 -45.10
CA LYS FD 30 -63.60 18.44 -44.87
C LYS FD 30 -62.15 18.10 -45.21
N LEU FD 31 -61.64 18.61 -46.33
CA LEU FD 31 -60.25 18.36 -46.69
C LEU FD 31 -59.31 18.91 -45.63
N ARG FD 32 -59.54 20.15 -45.21
CA ARG FD 32 -58.68 20.77 -44.19
C ARG FD 32 -58.74 20.01 -42.87
N LYS FD 33 -59.94 19.60 -42.46
CA LYS FD 33 -60.09 18.88 -41.21
C LYS FD 33 -59.41 17.51 -41.27
N ASP FD 34 -59.52 16.81 -42.41
CA ASP FD 34 -58.83 15.53 -42.54
C ASP FD 34 -57.32 15.71 -42.44
N PHE FD 35 -56.78 16.72 -43.14
CA PHE FD 35 -55.34 16.96 -43.06
C PHE FD 35 -54.92 17.27 -41.62
N VAL FD 36 -55.63 18.19 -40.97
CA VAL FD 36 -55.25 18.60 -39.62
C VAL FD 36 -55.35 17.41 -38.67
N LYS FD 37 -56.49 16.72 -38.69
CA LYS FD 37 -56.69 15.55 -37.84
C LYS FD 37 -55.53 14.58 -37.99
N LYS FD 38 -55.30 14.08 -39.21
CA LYS FD 38 -54.23 13.12 -39.42
C LYS FD 38 -52.89 13.69 -38.92
N TYR FD 39 -52.39 14.72 -39.59
CA TYR FD 39 -51.01 15.14 -39.41
C TYR FD 39 -50.71 15.76 -38.05
N ILE FD 40 -51.72 16.12 -37.26
CA ILE FD 40 -51.50 16.71 -35.95
C ILE FD 40 -52.03 15.80 -34.83
N VAL FD 41 -53.33 15.50 -34.85
CA VAL FD 41 -53.90 14.72 -33.77
C VAL FD 41 -53.47 13.26 -33.87
N ASP FD 42 -53.44 12.70 -35.09
CA ASP FD 42 -53.14 11.29 -35.23
C ASP FD 42 -51.64 11.01 -35.33
N PHE FD 43 -50.81 12.02 -35.19
CA PHE FD 43 -49.36 11.88 -35.31
C PHE FD 43 -48.69 12.54 -34.12
N ASP FD 44 -47.55 11.99 -33.73
CA ASP FD 44 -46.74 12.57 -32.68
C ASP FD 44 -45.90 13.70 -33.28
N THR FD 45 -46.21 14.94 -32.92
CA THR FD 45 -45.58 16.10 -33.52
C THR FD 45 -44.10 16.19 -33.23
N THR FD 46 -43.58 15.40 -32.29
CA THR FD 46 -42.16 15.37 -32.00
C THR FD 46 -41.39 14.45 -32.94
N LEU FD 47 -42.05 13.78 -33.87
CA LEU FD 47 -41.41 12.85 -34.79
C LEU FD 47 -41.03 13.49 -36.11
N TYR FD 48 -41.27 14.78 -36.29
CA TYR FD 48 -40.85 15.46 -37.52
C TYR FD 48 -39.34 15.69 -37.49
N LYS FD 49 -38.75 15.76 -38.68
CA LYS FD 49 -37.29 15.80 -38.79
C LYS FD 49 -36.73 17.11 -38.28
N THR FD 50 -37.31 18.23 -38.70
CA THR FD 50 -36.75 19.53 -38.40
C THR FD 50 -37.38 20.13 -37.14
N GLN FD 51 -36.62 21.01 -36.49
CA GLN FD 51 -37.11 21.65 -35.27
C GLN FD 51 -38.28 22.58 -35.54
N VAL FD 52 -38.27 23.27 -36.70
CA VAL FD 52 -39.36 24.17 -37.04
C VAL FD 52 -40.67 23.40 -37.14
N GLU FD 53 -40.64 22.25 -37.83
CA GLU FD 53 -41.85 21.43 -37.96
C GLU FD 53 -42.37 21.01 -36.60
N ARG FD 54 -41.48 20.53 -35.73
CA ARG FD 54 -41.91 20.06 -34.42
C ARG FD 54 -42.51 21.20 -33.60
N ASP FD 55 -41.83 22.35 -33.57
CA ASP FD 55 -42.32 23.47 -32.78
C ASP FD 55 -43.69 23.93 -33.25
N TRP FD 56 -43.84 24.17 -34.55
CA TRP FD 56 -45.10 24.74 -35.02
C TRP FD 56 -46.21 23.70 -35.09
N ALA FD 57 -45.89 22.43 -35.31
CA ALA FD 57 -46.90 21.39 -35.19
C ALA FD 57 -47.39 21.25 -33.76
N TYR FD 58 -46.49 21.39 -32.78
CA TYR FD 58 -46.94 21.36 -31.39
C TYR FD 58 -47.76 22.59 -31.06
N ILE FD 59 -47.42 23.75 -31.62
CA ILE FD 59 -48.24 24.94 -31.40
C ILE FD 59 -49.64 24.72 -31.96
N ALA FD 60 -49.75 24.15 -33.17
CA ALA FD 60 -51.05 23.87 -33.74
C ALA FD 60 -51.81 22.84 -32.92
N LYS FD 61 -51.10 21.83 -32.40
CA LYS FD 61 -51.76 20.81 -31.58
C LYS FD 61 -52.25 21.39 -30.27
N ARG FD 62 -51.49 22.30 -29.67
CA ARG FD 62 -51.94 22.96 -28.45
C ARG FD 62 -53.16 23.83 -28.72
N GLU FD 63 -53.18 24.52 -29.87
CA GLU FD 63 -54.35 25.31 -30.23
C GLU FD 63 -55.57 24.40 -30.41
N TYR FD 64 -55.37 23.23 -31.03
CA TYR FD 64 -56.46 22.27 -31.15
C TYR FD 64 -56.93 21.78 -29.78
N ARG FD 65 -55.98 21.52 -28.88
CA ARG FD 65 -56.31 21.02 -27.55
C ARG FD 65 -57.16 22.03 -26.78
N TYR FD 66 -56.80 23.31 -26.84
CA TYR FD 66 -57.56 24.31 -26.11
C TYR FD 66 -58.85 24.71 -26.82
N GLU FD 67 -58.85 24.74 -28.15
CA GLU FD 67 -60.00 25.25 -28.89
C GLU FD 67 -60.99 24.16 -29.31
N VAL FD 68 -60.58 22.90 -29.31
CA VAL FD 68 -61.50 21.83 -29.69
C VAL FD 68 -61.63 20.81 -28.57
N GLN FD 69 -60.50 20.24 -28.12
CA GLN FD 69 -60.56 19.21 -27.09
C GLN FD 69 -61.11 19.76 -25.78
N LEU FD 70 -60.52 20.84 -25.27
CA LEU FD 70 -60.96 21.37 -23.98
C LEU FD 70 -62.33 22.01 -24.07
N LYS FD 71 -62.61 22.72 -25.16
CA LYS FD 71 -63.93 23.32 -25.33
C LYS FD 71 -65.01 22.26 -25.42
N SER FD 72 -64.77 21.20 -26.19
CA SER FD 72 -65.74 20.12 -26.30
C SER FD 72 -65.90 19.39 -24.97
N ILE FD 73 -64.82 19.19 -24.24
CA ILE FD 73 -64.93 18.59 -22.92
C ILE FD 73 -65.79 19.46 -22.00
N GLY FD 74 -65.56 20.78 -22.04
CA GLY FD 74 -66.35 21.67 -21.21
C GLY FD 74 -67.83 21.68 -21.55
N TYR FD 75 -68.14 21.72 -22.85
CA TYR FD 75 -69.54 21.75 -23.26
C TYR FD 75 -70.23 20.41 -23.00
N GLY FD 76 -69.54 19.30 -23.25
CA GLY FD 76 -70.09 18.01 -22.90
C GLY FD 76 -70.28 17.85 -21.41
N GLY FD 77 -69.36 18.39 -20.62
CA GLY FD 77 -69.52 18.37 -19.18
C GLY FD 77 -70.69 19.24 -18.72
N ALA FD 78 -70.92 20.36 -19.39
CA ALA FD 78 -72.09 21.17 -19.09
C ALA FD 78 -73.38 20.43 -19.40
N LEU FD 79 -73.43 19.74 -20.54
CA LEU FD 79 -74.61 18.94 -20.86
C LEU FD 79 -74.79 17.82 -19.86
N ALA FD 80 -73.70 17.17 -19.46
CA ALA FD 80 -73.76 16.11 -18.47
C ALA FD 80 -74.22 16.66 -17.12
N ASN FD 81 -73.79 17.86 -16.76
CA ASN FD 81 -74.24 18.49 -15.53
C ASN FD 81 -75.74 18.79 -15.58
N ALA FD 82 -76.23 19.26 -16.72
CA ALA FD 82 -77.66 19.50 -16.85
C ALA FD 82 -78.45 18.20 -16.67
N VAL FD 83 -78.02 17.14 -17.36
CA VAL FD 83 -78.70 15.85 -17.23
C VAL FD 83 -78.57 15.31 -15.80
N LEU FD 84 -77.42 15.54 -15.17
CA LEU FD 84 -77.20 15.07 -13.81
C LEU FD 84 -78.10 15.78 -12.82
N LEU FD 85 -78.27 17.10 -12.97
CA LEU FD 85 -79.19 17.82 -12.12
C LEU FD 85 -80.61 17.33 -12.33
N TRP FD 86 -81.00 17.09 -13.59
CA TRP FD 86 -82.32 16.54 -13.87
C TRP FD 86 -82.52 15.21 -13.16
N ARG FD 87 -81.53 14.32 -13.26
CA ARG FD 87 -81.69 12.98 -12.69
C ARG FD 87 -81.66 13.01 -11.17
N ILE FD 88 -80.85 13.88 -10.58
CA ILE FD 88 -80.83 14.02 -9.13
C ILE FD 88 -82.17 14.53 -8.63
N TYR FD 89 -82.74 15.52 -9.32
CA TYR FD 89 -84.05 16.02 -8.92
C TYR FD 89 -85.13 14.96 -9.10
N ALA FD 90 -85.05 14.17 -10.18
CA ALA FD 90 -86.08 13.17 -10.45
C ALA FD 90 -86.02 12.02 -9.45
N ASN FD 91 -84.82 11.50 -9.19
CA ASN FD 91 -84.65 10.37 -8.30
C ASN FD 91 -84.57 10.76 -6.83
N LYS FD 92 -84.47 12.06 -6.53
CA LYS FD 92 -84.35 12.55 -5.16
C LYS FD 92 -83.16 11.93 -4.44
N LYS FD 93 -82.08 11.67 -5.17
CA LYS FD 93 -80.87 11.11 -4.60
C LYS FD 93 -79.73 11.32 -5.58
N MET FD 94 -78.51 11.15 -5.09
CA MET FD 94 -77.33 11.30 -5.93
C MET FD 94 -77.23 10.14 -6.92
N VAL FD 95 -76.95 10.46 -8.17
CA VAL FD 95 -76.74 9.46 -9.21
C VAL FD 95 -75.41 9.75 -9.90
N PHE FD 96 -74.83 8.71 -10.49
CA PHE FD 96 -73.53 8.81 -11.13
C PHE FD 96 -73.54 8.50 -12.61
N TRP FD 97 -74.56 7.82 -13.13
CA TRP FD 97 -74.57 7.45 -14.54
C TRP FD 97 -74.53 8.63 -15.51
N PRO FD 98 -75.20 9.76 -15.26
CA PRO FD 98 -75.19 10.83 -16.28
C PRO FD 98 -73.82 11.43 -16.52
N ILE FD 99 -72.85 11.24 -15.63
CA ILE FD 99 -71.54 11.85 -15.83
C ILE FD 99 -70.82 11.16 -16.99
N PRO FD 100 -70.49 9.85 -16.93
CA PRO FD 100 -69.69 9.26 -18.01
C PRO FD 100 -70.41 9.21 -19.34
N ILE FD 101 -71.61 8.63 -19.37
CA ILE FD 101 -72.30 8.40 -20.64
C ILE FD 101 -72.65 9.72 -21.31
N VAL FD 102 -73.30 10.63 -20.58
CA VAL FD 102 -73.72 11.89 -21.20
C VAL FD 102 -72.52 12.77 -21.46
N GLY FD 103 -71.47 12.69 -20.64
CA GLY FD 103 -70.25 13.43 -20.94
C GLY FD 103 -69.61 12.98 -22.24
N ALA FD 104 -69.54 11.66 -22.46
CA ALA FD 104 -69.00 11.14 -23.70
C ALA FD 104 -69.87 11.53 -24.89
N LEU FD 105 -71.19 11.46 -24.74
CA LEU FD 105 -72.08 11.86 -25.82
C LEU FD 105 -71.93 13.34 -26.13
N GLY FD 106 -71.80 14.18 -25.10
CA GLY FD 106 -71.61 15.60 -25.34
C GLY FD 106 -70.28 15.89 -26.02
N TYR FD 107 -69.22 15.19 -25.61
CA TYR FD 107 -67.93 15.38 -26.28
C TYR FD 107 -68.02 14.96 -27.74
N LEU FD 108 -68.67 13.82 -28.03
CA LEU FD 108 -68.79 13.38 -29.40
C LEU FD 108 -69.70 14.29 -30.22
N TYR FD 109 -70.63 14.97 -29.58
CA TYR FD 109 -71.48 15.92 -30.29
C TYR FD 109 -70.76 17.23 -30.57
N PHE FD 110 -69.92 17.69 -29.63
CA PHE FD 110 -69.34 19.03 -29.73
C PHE FD 110 -67.98 19.05 -30.40
N GLN FD 111 -67.23 17.94 -30.40
CA GLN FD 111 -65.94 17.95 -31.07
C GLN FD 111 -66.05 18.22 -32.57
N PRO FD 112 -66.96 17.58 -33.32
CA PRO FD 112 -67.11 17.99 -34.73
C PRO FD 112 -67.53 19.43 -34.90
N VAL FD 113 -68.35 19.97 -34.00
CA VAL FD 113 -68.81 21.35 -34.14
C VAL FD 113 -67.65 22.32 -33.99
N PHE FD 114 -66.85 22.16 -32.93
CA PHE FD 114 -65.72 23.05 -32.71
C PHE FD 114 -64.57 22.79 -33.67
N PHE FD 115 -64.52 21.60 -34.27
CA PHE FD 115 -63.52 21.36 -35.32
C PHE FD 115 -63.93 22.05 -36.61
N GLN FD 116 -65.22 21.98 -36.96
CA GLN FD 116 -65.70 22.66 -38.16
C GLN FD 116 -65.59 24.16 -38.01
N LYS FD 117 -65.81 24.68 -36.79
CA LYS FD 117 -65.74 26.12 -36.58
C LYS FD 117 -64.34 26.66 -36.83
N SER FD 118 -63.32 25.92 -36.37
CA SER FD 118 -61.95 26.42 -36.36
C SER FD 118 -61.04 25.60 -37.27
N ASN FD 119 -61.56 25.12 -38.40
CA ASN FD 119 -60.75 24.30 -39.28
C ASN FD 119 -59.66 25.12 -39.97
N LYS FD 120 -60.01 26.32 -40.45
CA LYS FD 120 -59.04 27.15 -41.13
C LYS FD 120 -57.92 27.59 -40.20
N ARG FD 121 -58.25 27.84 -38.92
CA ARG FD 121 -57.25 28.26 -37.97
C ARG FD 121 -56.16 27.21 -37.82
N PHE FD 122 -56.56 25.94 -37.69
CA PHE FD 122 -55.58 24.88 -37.54
C PHE FD 122 -54.86 24.60 -38.84
N PHE FD 123 -55.57 24.69 -39.97
CA PHE FD 123 -54.94 24.44 -41.26
C PHE FD 123 -53.85 25.46 -41.57
N ASP FD 124 -54.12 26.74 -41.27
CA ASP FD 124 -53.14 27.78 -41.58
C ASP FD 124 -51.94 27.74 -40.66
N MET FD 125 -52.12 27.28 -39.42
CA MET FD 125 -51.00 27.23 -38.48
C MET FD 125 -49.95 26.20 -38.88
N CYS FD 126 -50.23 25.34 -39.84
CA CYS FD 126 -49.27 24.36 -40.33
C CYS FD 126 -48.43 24.89 -41.48
N ASN FD 127 -48.58 26.16 -41.84
CA ASN FD 127 -47.88 26.75 -42.98
C ASN FD 127 -46.45 27.08 -42.58
N VAL FD 128 -45.66 26.02 -42.40
CA VAL FD 128 -44.26 26.19 -42.03
C VAL FD 128 -43.38 26.44 -43.25
N GLY FD 129 -43.87 26.16 -44.45
CA GLY FD 129 -43.11 26.43 -45.66
C GLY FD 129 -42.95 25.24 -46.57
N GLU FD 130 -42.68 25.52 -47.85
CA GLU FD 130 -42.52 24.46 -48.84
C GLU FD 130 -41.24 23.65 -48.64
N GLU FD 131 -40.32 24.11 -47.80
CA GLU FD 131 -39.07 23.38 -47.58
C GLU FD 131 -39.25 22.18 -46.66
N TYR FD 132 -40.38 22.07 -45.97
CA TYR FD 132 -40.61 21.02 -45.00
C TYR FD 132 -41.73 20.11 -45.45
N TYR FD 133 -41.73 18.88 -44.93
CA TYR FD 133 -42.72 17.89 -45.34
C TYR FD 133 -44.13 18.31 -44.95
N LEU FD 134 -44.29 18.80 -43.71
CA LEU FD 134 -45.60 19.26 -43.26
C LEU FD 134 -46.10 20.42 -44.11
N GLY FD 135 -45.21 21.37 -44.41
CA GLY FD 135 -45.60 22.48 -45.26
C GLY FD 135 -45.97 22.05 -46.67
N ARG FD 136 -45.22 21.09 -47.22
CA ARG FD 136 -45.54 20.58 -48.56
C ARG FD 136 -46.92 19.92 -48.58
N GLU FD 137 -47.22 19.10 -47.58
CA GLU FD 137 -48.53 18.45 -47.54
C GLU FD 137 -49.64 19.48 -47.36
N ARG FD 138 -49.43 20.46 -46.48
CA ARG FD 138 -50.44 21.50 -46.30
C ARG FD 138 -50.63 22.29 -47.58
N ASN FD 139 -49.56 22.55 -48.32
CA ASN FD 139 -49.68 23.30 -49.57
C ASN FD 139 -50.42 22.50 -50.63
N LYS FD 140 -50.21 21.18 -50.68
CA LYS FD 140 -50.98 20.35 -51.60
C LYS FD 140 -52.47 20.41 -51.27
N ILE FD 141 -52.81 20.26 -49.98
CA ILE FD 141 -54.21 20.34 -49.59
C ILE FD 141 -54.76 21.73 -49.84
N LEU FD 142 -53.94 22.76 -49.66
CA LEU FD 142 -54.36 24.13 -49.91
C LEU FD 142 -54.64 24.35 -51.39
N ARG FD 143 -53.83 23.78 -52.27
CA ARG FD 143 -54.09 23.90 -53.70
C ARG FD 143 -55.37 23.17 -54.08
N GLU FD 144 -55.63 22.01 -53.47
CA GLU FD 144 -56.91 21.34 -53.72
C GLU FD 144 -58.09 22.19 -53.25
N CYS FD 145 -57.97 22.81 -52.07
CA CYS FD 145 -59.04 23.66 -51.57
C CYS FD 145 -59.23 24.90 -52.43
N ASN FD 146 -58.13 25.45 -52.95
CA ASN FD 146 -58.22 26.59 -53.86
C ASN FD 146 -58.93 26.19 -55.14
N LYS FD 147 -58.65 24.99 -55.65
CA LYS FD 147 -59.38 24.49 -56.81
C LYS FD 147 -60.86 24.36 -56.51
N ILE FD 148 -61.21 23.87 -55.32
CA ILE FD 148 -62.62 23.67 -54.97
C ILE FD 148 -63.34 25.01 -54.85
N LEU FD 149 -62.75 25.96 -54.12
CA LEU FD 149 -63.41 27.22 -53.80
C LEU FD 149 -63.19 28.30 -54.85
N ASN FD 150 -62.36 28.05 -55.87
CA ASN FD 150 -62.08 29.02 -56.92
C ASN FD 150 -61.53 30.33 -56.35
N VAL FD 151 -60.69 30.23 -55.34
CA VAL FD 151 -60.04 31.37 -54.70
C VAL FD 151 -58.57 31.06 -54.50
N GLU FD 152 -57.85 31.99 -53.88
CA GLU FD 152 -56.45 31.82 -53.54
C GLU FD 152 -56.26 32.15 -52.07
N ASP FD 153 -55.72 31.21 -51.31
CA ASP FD 153 -55.47 31.37 -49.89
C ASP FD 153 -53.97 31.37 -49.62
N PHE FD 154 -53.62 31.59 -48.37
CA PHE FD 154 -52.22 31.66 -47.97
C PHE FD 154 -51.81 30.45 -47.15
N ASP GD 4 -87.90 81.73 62.12
CA ASP GD 4 -88.36 82.45 60.93
C ASP GD 4 -87.55 82.04 59.71
N GLN GD 5 -87.75 82.77 58.61
CA GLN GD 5 -86.96 82.55 57.41
C GLN GD 5 -85.54 83.05 57.61
N LEU GD 6 -84.68 82.74 56.64
CA LEU GD 6 -83.24 82.99 56.65
C LEU GD 6 -82.51 82.17 57.70
N ASP GD 7 -83.21 81.33 58.45
CA ASP GD 7 -82.60 80.31 59.30
C ASP GD 7 -82.78 78.98 58.56
N PHE GD 8 -81.75 78.59 57.81
CA PHE GD 8 -81.84 77.44 56.92
C PHE GD 8 -81.56 76.13 57.63
N SER GD 9 -81.68 76.09 58.96
CA SER GD 9 -81.60 74.81 59.67
C SER GD 9 -82.87 74.00 59.50
N HIS GD 10 -84.01 74.66 59.30
CA HIS GD 10 -85.28 73.99 59.02
C HIS GD 10 -85.98 74.70 57.89
N PHE GD 11 -86.73 73.93 57.09
CA PHE GD 11 -87.39 74.46 55.91
C PHE GD 11 -88.49 75.43 56.29
N ASP GD 12 -88.67 76.45 55.45
CA ASP GD 12 -89.71 77.45 55.62
C ASP GD 12 -90.61 77.45 54.40
N LYS GD 13 -91.90 77.69 54.62
CA LYS GD 13 -92.88 77.67 53.54
C LYS GD 13 -92.70 78.81 52.55
N ALA GD 14 -91.93 79.84 52.90
CA ALA GD 14 -91.67 80.94 51.98
C ALA GD 14 -90.80 80.53 50.80
N PHE GD 15 -90.13 79.38 50.88
CA PHE GD 15 -89.26 78.90 49.82
C PHE GD 15 -89.90 77.79 49.00
N GLU GD 16 -91.22 77.66 49.06
CA GLU GD 16 -91.93 76.60 48.35
C GLU GD 16 -92.08 77.00 46.88
N ASN GD 17 -91.39 76.28 46.00
CA ASN GD 17 -91.48 76.51 44.56
C ASN GD 17 -92.54 75.63 43.91
N LYS GD 18 -93.74 75.66 44.45
CA LYS GD 18 -94.86 74.84 43.98
C LYS GD 18 -95.87 75.74 43.29
N TYR GD 19 -96.25 75.38 42.07
CA TYR GD 19 -97.23 76.12 41.30
C TYR GD 19 -98.60 75.47 41.46
N ASP GD 20 -99.65 76.29 41.49
CA ASP GD 20 -100.99 75.77 41.67
C ASP GD 20 -101.43 74.95 40.46
N ILE GD 21 -102.45 74.12 40.67
CA ILE GD 21 -103.02 73.29 39.63
C ILE GD 21 -104.41 73.82 39.34
N VAL GD 22 -104.52 74.68 38.32
CA VAL GD 22 -105.80 75.29 37.98
C VAL GD 22 -106.75 74.25 37.37
N ALA GD 23 -106.25 73.43 36.47
CA ALA GD 23 -107.10 72.53 35.69
C ALA GD 23 -106.25 71.35 35.25
N PRO GD 24 -106.88 70.29 34.72
CA PRO GD 24 -106.08 69.20 34.14
C PRO GD 24 -105.20 69.71 33.01
N GLU GD 25 -104.01 69.11 32.91
CA GLU GD 25 -102.99 69.64 32.00
C GLU GD 25 -103.43 69.56 30.55
N PHE GD 26 -104.07 68.46 30.15
CA PHE GD 26 -104.42 68.21 28.75
C PHE GD 26 -105.92 68.03 28.57
N GLY GD 27 -106.72 68.80 29.30
CA GLY GD 27 -108.16 68.77 29.12
C GLY GD 27 -108.87 67.79 30.03
N ASP GD 28 -110.20 67.82 29.93
CA ASP GD 28 -111.03 67.00 30.80
C ASP GD 28 -111.07 65.55 30.36
N LEU GD 29 -111.14 65.29 29.05
CA LEU GD 29 -111.23 63.91 28.57
C LEU GD 29 -109.93 63.15 28.84
N HIS GD 30 -108.79 63.83 28.78
CA HIS GD 30 -107.53 63.19 29.15
C HIS GD 30 -107.56 62.74 30.61
N GLN GD 31 -108.10 63.58 31.50
CA GLN GD 31 -108.21 63.20 32.90
C GLN GD 31 -109.18 62.05 33.09
N LYS GD 32 -110.31 62.06 32.39
CA LYS GD 32 -111.27 60.96 32.50
C LYS GD 32 -110.65 59.66 32.02
N ARG GD 33 -109.90 59.70 30.92
CA ARG GD 33 -109.20 58.51 30.44
C ARG GD 33 -108.15 58.05 31.42
N ALA GD 34 -107.45 58.98 32.08
CA ALA GD 34 -106.47 58.58 33.09
C ALA GD 34 -107.15 57.88 34.26
N GLU GD 35 -108.30 58.39 34.70
CA GLU GD 35 -109.05 57.71 35.76
C GLU GD 35 -109.51 56.33 35.32
N PHE GD 36 -109.99 56.21 34.08
CA PHE GD 36 -110.41 54.92 33.55
C PHE GD 36 -109.24 53.95 33.48
N ILE GD 37 -108.08 54.44 33.06
CA ILE GD 37 -106.88 53.60 33.01
C ILE GD 37 -106.51 53.12 34.41
N ALA GD 38 -106.58 54.02 35.39
CA ALA GD 38 -106.29 53.62 36.77
C ALA GD 38 -107.26 52.55 37.24
N LYS GD 39 -108.54 52.71 36.94
CA LYS GD 39 -109.52 51.72 37.38
C LYS GD 39 -109.51 50.46 36.52
N ASN GD 40 -109.33 50.61 35.21
CA ASN GD 40 -109.53 49.52 34.26
C ASN GD 40 -108.26 49.19 33.48
N GLN GD 41 -107.12 49.12 34.16
CA GLN GD 41 -105.88 48.69 33.53
C GLN GD 41 -105.80 47.18 33.62
N GLY GD 42 -106.05 46.50 32.50
CA GLY GD 42 -106.00 45.06 32.43
C GLY GD 42 -107.35 44.38 32.41
N THR GD 43 -108.36 44.98 33.06
CA THR GD 43 -109.69 44.39 33.01
C THR GD 43 -110.37 44.66 31.68
N TYR GD 44 -110.14 45.83 31.09
CA TYR GD 44 -110.66 46.17 29.78
C TYR GD 44 -109.57 45.91 28.74
N ARG GD 45 -109.80 44.89 27.91
CA ARG GD 45 -108.82 44.48 26.90
C ARG GD 45 -109.45 44.52 25.51
N PRO GD 46 -109.20 45.56 24.73
CA PRO GD 46 -109.69 45.57 23.35
C PRO GD 46 -109.00 44.51 22.52
N VAL GD 47 -109.73 43.96 21.55
CA VAL GD 47 -109.24 42.88 20.70
C VAL GD 47 -109.31 43.35 19.26
N PRO GD 48 -108.18 43.44 18.55
CA PRO GD 48 -108.23 43.77 17.12
C PRO GD 48 -109.02 42.73 16.34
N LEU GD 49 -109.77 43.21 15.34
CA LEU GD 49 -110.74 42.38 14.65
C LEU GD 49 -110.04 41.47 13.65
N VAL GD 50 -110.26 40.16 13.80
CA VAL GD 50 -109.85 39.16 12.81
C VAL GD 50 -111.03 38.21 12.60
N PRO GD 51 -111.44 37.95 11.37
CA PRO GD 51 -112.54 37.00 11.15
C PRO GD 51 -112.18 35.61 11.66
N ASN GD 52 -113.21 34.90 12.14
CA ASN GD 52 -113.00 33.61 12.80
C ASN GD 52 -112.91 32.47 11.79
N ASN GD 53 -113.96 32.27 11.00
CA ASN GD 53 -114.03 31.14 10.07
C ASN GD 53 -113.64 31.64 8.68
N ILE GD 54 -112.39 31.42 8.31
CA ILE GD 54 -111.87 31.78 6.99
C ILE GD 54 -111.46 30.48 6.30
N LYS GD 55 -112.03 30.24 5.12
CA LYS GD 55 -111.72 29.03 4.38
C LYS GD 55 -110.30 29.09 3.82
N GLY GD 56 -109.63 27.93 3.83
CA GLY GD 56 -108.28 27.83 3.33
C GLY GD 56 -107.20 28.10 4.36
N LEU GD 57 -107.57 28.53 5.57
CA LEU GD 57 -106.63 28.83 6.63
C LEU GD 57 -106.86 27.87 7.79
N ILE GD 58 -105.77 27.28 8.29
CA ILE GD 58 -105.84 26.36 9.42
C ILE GD 58 -105.74 27.19 10.70
N PRO GD 59 -106.77 27.21 11.54
CA PRO GD 59 -106.69 28.01 12.78
C PRO GD 59 -105.60 27.48 13.71
N LYS GD 60 -104.94 28.41 14.40
CA LYS GD 60 -103.82 28.06 15.29
C LYS GD 60 -104.40 27.72 16.65
N THR GD 61 -104.64 26.43 16.86
CA THR GD 61 -105.15 25.96 18.15
C THR GD 61 -104.06 25.99 19.22
N CYS GD 62 -102.84 25.62 18.86
CA CYS GD 62 -101.75 25.51 19.82
C CYS GD 62 -100.47 26.08 19.21
N ARG GD 63 -99.47 26.27 20.07
CA ARG GD 63 -98.18 26.78 19.65
C ARG GD 63 -97.48 25.79 18.73
N LEU GD 64 -96.74 26.33 17.74
CA LEU GD 64 -96.04 25.53 16.75
C LEU GD 64 -94.57 25.38 17.11
N PRO GD 65 -93.96 24.24 16.77
CA PRO GD 65 -92.55 24.01 17.13
C PRO GD 65 -91.58 24.89 16.36
N ALA GD 66 -90.30 24.76 16.68
CA ALA GD 66 -89.25 25.43 15.91
C ALA GD 66 -89.00 24.78 14.56
N THR GD 67 -89.60 23.60 14.32
CA THR GD 67 -89.44 22.94 13.03
C THR GD 67 -90.11 23.73 11.91
N ARG GD 68 -91.18 24.46 12.21
CA ARG GD 68 -91.93 25.19 11.21
C ARG GD 68 -91.35 26.58 10.92
N ASN GD 69 -90.30 27.00 11.62
CA ASN GD 69 -89.74 28.32 11.41
C ASN GD 69 -89.07 28.41 10.04
N TRP GD 70 -89.32 29.50 9.33
CA TRP GD 70 -88.64 29.75 8.07
C TRP GD 70 -87.22 30.26 8.28
N TYR GD 71 -86.99 31.03 9.34
CA TYR GD 71 -85.73 31.70 9.60
C TYR GD 71 -85.17 31.29 10.96
N ARG GD 72 -83.85 31.22 11.03
CA ARG GD 72 -83.14 30.80 12.24
C ARG GD 72 -82.52 32.01 12.92
N ARG GD 73 -82.83 32.20 14.19
CA ARG GD 73 -82.31 33.34 14.94
C ARG GD 73 -80.83 33.16 15.24
N THR GD 74 -80.08 34.25 15.11
CA THR GD 74 -78.67 34.27 15.49
C THR GD 74 -78.44 34.88 16.86
N SER GD 75 -79.50 35.30 17.53
CA SER GD 75 -79.40 35.92 18.85
C SER GD 75 -80.39 35.25 19.79
N SER GD 76 -80.09 35.30 21.08
CA SER GD 76 -80.93 34.63 22.06
C SER GD 76 -80.99 35.47 23.33
N PHE GD 77 -81.74 34.98 24.31
CA PHE GD 77 -81.88 35.61 25.61
C PHE GD 77 -81.39 34.67 26.69
N GLU GD 78 -80.55 35.18 27.59
CA GLU GD 78 -80.29 34.47 28.82
C GLU GD 78 -81.52 34.53 29.72
N ARG GD 79 -81.65 33.54 30.59
CA ARG GD 79 -82.83 33.47 31.44
C ARG GD 79 -82.93 34.63 32.42
N ASN GD 80 -81.83 35.32 32.69
CA ASN GD 80 -81.84 36.46 33.60
C ASN GD 80 -82.02 37.79 32.87
N GLY GD 81 -82.28 37.76 31.56
CA GLY GD 81 -82.52 38.96 30.79
C GLY GD 81 -81.36 39.38 29.91
N PHE GD 82 -80.19 38.79 30.08
CA PHE GD 82 -79.05 39.15 29.26
C PHE GD 82 -79.27 38.71 27.81
N PHE GD 83 -78.96 39.60 26.88
CA PHE GD 83 -79.22 39.37 25.46
C PHE GD 83 -77.93 38.91 24.79
N ASN GD 84 -77.92 37.65 24.34
CA ASN GD 84 -76.77 37.08 23.67
C ASN GD 84 -76.81 37.43 22.19
N ILE GD 85 -75.81 38.21 21.75
CA ILE GD 85 -75.59 38.48 20.34
C ILE GD 85 -74.68 37.43 19.71
N HIS GD 86 -73.62 37.05 20.42
CA HIS GD 86 -72.69 36.03 19.95
C HIS GD 86 -73.19 34.67 20.44
N THR GD 87 -74.04 34.05 19.65
CA THR GD 87 -74.64 32.76 19.93
C THR GD 87 -73.97 31.67 19.11
N PRO GD 88 -74.23 30.39 19.42
CA PRO GD 88 -73.69 29.33 18.57
C PRO GD 88 -74.15 29.40 17.12
N VAL GD 89 -75.34 29.96 16.86
CA VAL GD 89 -75.79 30.13 15.49
C VAL GD 89 -74.95 31.18 14.77
N LEU GD 90 -74.46 32.18 15.50
CA LEU GD 90 -73.69 33.25 14.86
C LEU GD 90 -72.38 32.72 14.28
N ASN GD 91 -71.78 31.70 14.90
CA ASN GD 91 -70.54 31.15 14.35
C ASN GD 91 -70.79 30.52 12.98
N THR GD 92 -71.85 29.70 12.88
CA THR GD 92 -72.18 29.08 11.60
C THR GD 92 -72.58 30.13 10.57
N LYS GD 93 -73.26 31.20 11.02
CA LYS GD 93 -73.61 32.25 10.08
C LYS GD 93 -72.39 33.04 9.62
N MET GD 94 -71.39 33.21 10.48
CA MET GD 94 -70.21 33.97 10.13
C MET GD 94 -69.18 33.18 9.34
N ILE GD 95 -69.30 31.85 9.31
CA ILE GD 95 -68.37 31.04 8.50
C ILE GD 95 -68.32 31.47 7.04
N PRO GD 96 -69.45 31.62 6.33
CA PRO GD 96 -69.34 31.95 4.90
C PRO GD 96 -68.79 33.34 4.63
N TRP GD 97 -69.21 34.35 5.40
CA TRP GD 97 -68.70 35.70 5.20
C TRP GD 97 -67.20 35.75 5.42
N LEU GD 98 -66.72 35.12 6.50
CA LEU GD 98 -65.29 35.10 6.77
C LEU GD 98 -64.54 34.34 5.69
N LEU GD 99 -65.11 33.22 5.21
CA LEU GD 99 -64.46 32.47 4.15
C LEU GD 99 -64.30 33.32 2.89
N PHE GD 100 -65.36 34.02 2.49
CA PHE GD 100 -65.28 34.83 1.28
C PHE GD 100 -64.32 36.00 1.45
N ILE GD 101 -64.37 36.68 2.59
CA ILE GD 101 -63.56 37.87 2.77
C ILE GD 101 -62.08 37.51 2.89
N VAL GD 102 -61.76 36.46 3.65
CA VAL GD 102 -60.37 36.16 3.94
C VAL GD 102 -59.75 35.35 2.80
N LEU GD 103 -60.45 34.31 2.33
CA LEU GD 103 -59.85 33.35 1.41
C LEU GD 103 -60.32 33.52 -0.03
N THR GD 104 -61.63 33.48 -0.27
CA THR GD 104 -62.13 33.41 -1.64
C THR GD 104 -61.84 34.69 -2.42
N TRP GD 105 -62.07 35.85 -1.81
CA TRP GD 105 -61.88 37.09 -2.54
C TRP GD 105 -60.40 37.40 -2.74
N GLY GD 106 -59.57 37.09 -1.76
CA GLY GD 106 -58.16 37.41 -1.86
C GLY GD 106 -57.35 36.48 -2.73
N TRP GD 107 -57.94 35.39 -3.21
CA TRP GD 107 -57.24 34.42 -4.02
C TRP GD 107 -57.86 34.18 -5.39
N SER GD 108 -58.94 34.89 -5.72
CA SER GD 108 -59.56 34.74 -7.04
C SER GD 108 -59.92 36.05 -7.71
N SER GD 109 -60.00 37.17 -6.99
CA SER GD 109 -60.50 38.41 -7.59
C SER GD 109 -59.57 38.93 -8.67
N PHE GD 110 -58.26 38.92 -8.43
CA PHE GD 110 -57.34 39.47 -9.41
C PHE GD 110 -57.27 38.61 -10.66
N GLN GD 111 -57.31 37.29 -10.50
CA GLN GD 111 -57.31 36.41 -11.66
C GLN GD 111 -58.56 36.61 -12.51
N ILE GD 112 -59.71 36.75 -11.85
CA ILE GD 112 -60.95 37.06 -12.55
C ILE GD 112 -60.85 38.38 -13.29
N GLY GD 113 -60.28 39.39 -12.62
CA GLY GD 113 -60.13 40.68 -13.26
C GLY GD 113 -59.24 40.64 -14.49
N GLY GD 114 -58.10 39.96 -14.38
CA GLY GD 114 -57.22 39.83 -15.53
C GLY GD 114 -57.85 39.05 -16.67
N TYR GD 115 -58.55 37.97 -16.35
CA TYR GD 115 -59.22 37.17 -17.37
C TYR GD 115 -60.29 38.00 -18.09
N ASN GD 116 -61.06 38.79 -17.35
CA ASN GD 116 -62.06 39.64 -17.98
C ASN GD 116 -61.42 40.75 -18.79
N TYR GD 117 -60.32 41.32 -18.30
CA TYR GD 117 -59.64 42.38 -19.03
C TYR GD 117 -59.10 41.87 -20.36
N GLU GD 118 -58.51 40.68 -20.37
CA GLU GD 118 -58.03 40.11 -21.62
C GLU GD 118 -59.19 39.71 -22.52
N ARG GD 119 -60.27 39.18 -21.93
CA ARG GD 119 -61.38 38.66 -22.72
C ARG GD 119 -62.18 39.77 -23.37
N PHE GD 120 -62.36 40.89 -22.67
CA PHE GD 120 -63.22 41.97 -23.15
C PHE GD 120 -62.45 43.17 -23.68
N ASP GD 121 -61.44 43.63 -22.96
CA ASP GD 121 -60.71 44.84 -23.33
C ASP GD 121 -59.47 44.57 -24.16
N ASP GD 122 -59.20 43.32 -24.51
CA ASP GD 122 -58.01 42.94 -25.29
C ASP GD 122 -56.73 43.43 -24.63
N ASN GD 123 -56.71 43.40 -23.29
CA ASN GD 123 -55.55 43.82 -22.50
C ASN GD 123 -55.17 45.26 -22.77
N GLY GD 124 -56.12 46.08 -23.20
CA GLY GD 124 -55.86 47.49 -23.44
C GLY GD 124 -54.83 47.74 -24.52
N GLU GD 125 -54.92 47.03 -25.63
CA GLU GD 125 -53.97 47.18 -26.73
C GLU GD 125 -54.29 48.41 -27.56
N ARG GD 126 -53.25 49.12 -27.99
CA ARG GD 126 -53.37 50.18 -28.98
C ARG GD 126 -53.28 49.52 -30.34
N ARG GD 127 -54.44 49.25 -30.95
CA ARG GD 127 -54.53 48.31 -32.06
C ARG GD 127 -53.88 48.80 -33.34
N ASN GD 128 -53.52 50.07 -33.43
CA ASN GD 128 -53.03 50.62 -34.70
C ASN GD 128 -51.56 50.29 -34.91
N THR GD 129 -51.17 49.02 -34.77
CA THR GD 129 -49.79 48.60 -34.88
C THR GD 129 -49.63 47.63 -36.03
N LEU GD 130 -48.42 47.60 -36.61
CA LEU GD 130 -48.23 46.95 -37.90
C LEU GD 130 -48.03 45.44 -37.81
N TYR GD 131 -46.95 45.00 -37.18
CA TYR GD 131 -46.48 43.61 -37.31
C TYR GD 131 -46.33 43.00 -35.92
N TRP GD 132 -47.15 41.98 -35.64
CA TRP GD 132 -47.16 41.39 -34.31
C TRP GD 132 -45.81 40.81 -33.93
N LYS GD 133 -45.16 40.14 -34.89
CA LYS GD 133 -43.85 39.55 -34.62
C LYS GD 133 -42.77 40.59 -34.37
N LEU GD 134 -43.03 41.87 -34.68
CA LEU GD 134 -42.09 42.94 -34.43
C LEU GD 134 -42.59 43.93 -33.39
N SER GD 135 -43.63 43.58 -32.64
CA SER GD 135 -44.24 44.51 -31.71
C SER GD 135 -44.18 43.95 -30.28
N PRO GD 136 -44.04 44.81 -29.28
CA PRO GD 136 -44.05 44.35 -27.90
C PRO GD 136 -45.45 43.88 -27.51
N VAL GD 137 -45.49 42.99 -26.52
CA VAL GD 137 -46.75 42.39 -26.08
C VAL GD 137 -47.34 43.24 -24.97
N GLU GD 138 -48.62 43.57 -25.10
CA GLU GD 138 -49.38 44.17 -24.02
C GLU GD 138 -49.69 43.07 -23.01
N PHE GD 139 -48.95 43.06 -21.91
CA PHE GD 139 -49.06 41.97 -20.96
C PHE GD 139 -50.42 41.99 -20.27
N PRO GD 140 -50.96 40.82 -19.92
CA PRO GD 140 -52.12 40.79 -19.03
C PRO GD 140 -51.75 41.33 -17.66
N GLN GD 141 -52.78 41.58 -16.85
CA GLN GD 141 -52.56 42.17 -15.54
C GLN GD 141 -51.67 41.28 -14.68
N SER GD 142 -50.65 41.88 -14.07
CA SER GD 142 -49.71 41.14 -13.25
C SER GD 142 -49.48 41.74 -11.87
N LYS GD 143 -49.84 42.99 -11.63
CA LYS GD 143 -49.73 43.60 -10.31
C LYS GD 143 -51.06 43.41 -9.60
N LEU GD 144 -51.05 42.61 -8.53
CA LEU GD 144 -52.28 42.32 -7.80
C LEU GD 144 -52.76 43.57 -7.09
N TRP GD 145 -54.00 43.98 -7.35
CA TRP GD 145 -54.61 45.10 -6.66
C TRP GD 145 -55.33 44.70 -5.38
N ASN GD 146 -55.41 43.40 -5.09
CA ASN GD 146 -56.00 42.91 -3.85
C ASN GD 146 -54.96 42.58 -2.78
N ARG GD 147 -53.71 42.98 -3.00
CA ARG GD 147 -52.69 42.89 -1.98
C ARG GD 147 -52.25 44.31 -1.58
N PRO GD 148 -51.87 44.53 -0.32
CA PRO GD 148 -51.65 45.90 0.16
C PRO GD 148 -50.55 46.64 -0.58
N SER GD 149 -49.49 45.97 -0.99
CA SER GD 149 -48.38 46.63 -1.67
C SER GD 149 -48.79 47.07 -3.07
N VAL HD 23 -23.69 12.41 13.16
CA VAL HD 23 -23.04 12.15 11.88
C VAL HD 23 -23.21 13.35 10.95
N TYR HD 24 -24.14 14.24 11.31
CA TYR HD 24 -24.35 15.45 10.52
C TYR HD 24 -23.11 16.33 10.51
N CYS HD 25 -22.47 16.48 11.68
CA CYS HD 25 -21.24 17.26 11.75
C CYS HD 25 -20.14 16.62 10.91
N THR HD 26 -20.04 15.28 10.95
CA THR HD 26 -19.03 14.60 10.15
C THR HD 26 -19.26 14.78 8.66
N VAL HD 27 -20.52 14.69 8.22
CA VAL HD 27 -20.82 14.89 6.81
C VAL HD 27 -20.53 16.33 6.39
N LEU HD 28 -20.87 17.30 7.24
CA LEU HD 28 -20.55 18.69 6.93
C LEU HD 28 -19.04 18.90 6.83
N ALA HD 29 -18.28 18.30 7.75
CA ALA HD 29 -16.83 18.42 7.71
C ALA HD 29 -16.27 17.77 6.45
N TYR HD 30 -16.79 16.62 6.05
CA TYR HD 30 -16.34 15.97 4.83
C TYR HD 30 -16.63 16.83 3.61
N TYR HD 31 -17.82 17.44 3.56
CA TYR HD 31 -18.15 18.31 2.44
C TYR HD 31 -17.24 19.51 2.39
N GLY HD 32 -16.96 20.12 3.55
CA GLY HD 32 -16.04 21.25 3.58
C GLY HD 32 -14.64 20.87 3.14
N TRP HD 33 -14.15 19.72 3.61
CA TRP HD 33 -12.83 19.27 3.16
C TRP HD 33 -12.82 18.98 1.67
N TRP HD 34 -13.91 18.42 1.14
CA TRP HD 34 -13.97 18.16 -0.29
C TRP HD 34 -13.89 19.45 -1.08
N LEU HD 35 -14.61 20.49 -0.65
CA LEU HD 35 -14.51 21.79 -1.32
C LEU HD 35 -13.09 22.34 -1.22
N TYR HD 36 -12.49 22.26 -0.04
CA TYR HD 36 -11.14 22.79 0.16
C TYR HD 36 -10.13 22.07 -0.72
N ASP HD 37 -10.23 20.74 -0.81
CA ASP HD 37 -9.31 19.96 -1.62
C ASP HD 37 -9.54 20.21 -3.10
N ARG HD 38 -10.79 20.35 -3.52
CA ARG HD 38 -11.08 20.65 -4.92
C ARG HD 38 -10.49 21.99 -5.32
N TYR HD 39 -10.58 22.99 -4.43
CA TYR HD 39 -10.03 24.29 -4.76
C TYR HD 39 -8.51 24.29 -4.73
N TYR HD 40 -7.91 23.67 -3.72
CA TYR HD 40 -6.48 23.84 -3.49
C TYR HD 40 -5.62 22.81 -4.19
N LEU HD 41 -6.15 21.65 -4.54
CA LEU HD 41 -5.41 20.63 -5.27
C LEU HD 41 -5.98 20.39 -6.65
N PHE HD 42 -6.31 21.48 -7.35
CA PHE HD 42 -6.89 21.37 -8.69
C PHE HD 42 -5.92 20.66 -9.64
N GLY HD 43 -4.65 21.03 -9.61
CA GLY HD 43 -3.69 20.42 -10.51
C GLY HD 43 -3.52 18.93 -10.26
N LYS HD 44 -3.40 18.55 -8.99
CA LYS HD 44 -3.26 17.14 -8.65
C LYS HD 44 -4.50 16.34 -9.03
N ASN HD 45 -5.68 16.88 -8.74
CA ASN HD 45 -6.92 16.19 -9.09
C ASN HD 45 -7.05 16.04 -10.60
N ALA HD 46 -6.75 17.09 -11.36
CA ALA HD 46 -6.86 17.00 -12.81
C ALA HD 46 -5.84 16.03 -13.39
N THR HD 47 -4.62 16.01 -12.84
CA THR HD 47 -3.62 15.06 -13.29
C THR HD 47 -4.05 13.62 -13.02
N GLN HD 48 -4.65 13.38 -11.85
CA GLN HD 48 -5.16 12.05 -11.56
C GLN HD 48 -6.31 11.68 -12.49
N ASP HD 49 -7.18 12.64 -12.79
CA ASP HD 49 -8.31 12.36 -13.68
C ASP HD 49 -7.87 12.09 -15.11
N ILE HD 50 -6.80 12.76 -15.57
CA ILE HD 50 -6.35 12.58 -16.94
C ILE HD 50 -5.76 11.19 -17.16
N ARG HD 51 -5.33 10.52 -16.08
CA ARG HD 51 -4.72 9.21 -16.18
C ARG HD 51 -5.70 8.06 -15.94
N LYS HD 52 -6.97 8.37 -15.69
CA LYS HD 52 -7.97 7.32 -15.49
C LYS HD 52 -8.52 6.75 -16.79
N ASP HD 53 -8.23 7.37 -17.93
CA ASP HD 53 -8.67 6.89 -19.22
C ASP HD 53 -7.46 6.78 -20.14
N THR HD 54 -7.56 5.87 -21.11
CA THR HD 54 -6.46 5.64 -22.04
C THR HD 54 -6.40 6.76 -23.06
N THR HD 55 -5.43 6.68 -23.96
CA THR HD 55 -5.26 7.71 -24.98
C THR HD 55 -6.45 7.76 -25.93
N GLU HD 56 -6.96 6.60 -26.34
CA GLU HD 56 -8.03 6.57 -27.33
C GLU HD 56 -9.30 7.24 -26.81
N VAL HD 57 -9.66 6.98 -25.54
CA VAL HD 57 -10.86 7.57 -24.97
C VAL HD 57 -10.73 9.08 -24.92
N TRP HD 58 -9.57 9.58 -24.49
CA TRP HD 58 -9.38 11.02 -24.42
C TRP HD 58 -9.39 11.65 -25.81
N GLU HD 59 -8.82 10.97 -26.81
CA GLU HD 59 -8.88 11.48 -28.17
C GLU HD 59 -10.31 11.56 -28.67
N LYS HD 60 -11.12 10.53 -28.38
CA LYS HD 60 -12.52 10.55 -28.78
C LYS HD 60 -13.26 11.71 -28.09
N ARG HD 61 -13.02 11.90 -26.80
CA ARG HD 61 -13.67 13.00 -26.09
C ARG HD 61 -13.26 14.34 -26.66
N ALA HD 62 -11.97 14.52 -26.97
CA ALA HD 62 -11.50 15.77 -27.56
C ALA HD 62 -12.13 16.00 -28.92
N ALA HD 63 -12.27 14.95 -29.72
CA ALA HD 63 -12.92 15.08 -31.02
C ALA HD 63 -14.38 15.49 -30.85
N LEU HD 64 -15.06 14.93 -29.85
CA LEU HD 64 -16.45 15.30 -29.61
C LEU HD 64 -16.59 16.77 -29.20
N ASN HD 65 -15.60 17.31 -28.50
CA ASN HD 65 -15.66 18.67 -27.98
C ASN HD 65 -15.01 19.69 -28.92
N LYS HD 66 -14.60 19.28 -30.12
CA LYS HD 66 -13.97 20.20 -31.05
C LYS HD 66 -15.01 21.16 -31.64
N ARG HD 67 -14.78 22.45 -31.44
CA ARG HD 67 -15.67 23.48 -31.95
C ARG HD 67 -14.85 24.55 -32.68
N ASN HD 68 -15.44 25.16 -33.69
CA ASN HD 68 -14.73 26.19 -34.44
C ASN HD 68 -14.64 27.50 -33.66
N TRP HD 69 -15.61 27.74 -32.77
CA TRP HD 69 -15.67 28.93 -31.91
C TRP HD 69 -15.81 30.23 -32.68
N GLY HD 70 -16.17 30.16 -33.95
CA GLY HD 70 -16.34 31.35 -34.76
C GLY HD 70 -15.16 31.75 -35.61
N TYR HD 71 -14.14 30.90 -35.72
CA TYR HD 71 -12.98 31.21 -36.56
C TYR HD 71 -13.20 30.70 -37.97
N ASN HD 72 -12.80 31.52 -38.94
CA ASN HD 72 -12.88 31.17 -40.36
C ASN HD 72 -14.29 30.74 -40.75
N ALA HD 73 -15.27 31.52 -40.28
CA ALA HD 73 -16.68 31.25 -40.60
C ALA HD 73 -17.08 31.98 -41.88
N HIS HD 74 -16.36 31.67 -42.95
CA HIS HD 74 -16.63 32.29 -44.24
C HIS HD 74 -17.92 31.72 -44.82
N TYR HD 75 -18.30 32.21 -45.99
CA TYR HD 75 -19.54 31.80 -46.63
C TYR HD 75 -19.49 30.32 -46.97
N LYS HD 76 -20.57 29.61 -46.65
CA LYS HD 76 -20.71 28.20 -46.99
C LYS HD 76 -21.77 28.08 -48.08
N PRO HD 77 -21.38 27.85 -49.33
CA PRO HD 77 -22.36 27.87 -50.42
C PRO HD 77 -23.37 26.75 -50.35
N GLU HD 78 -24.63 27.09 -50.08
CA GLU HD 78 -25.73 26.14 -50.14
C GLU HD 78 -26.38 26.08 -51.52
N LEU HD 79 -26.24 27.15 -52.31
CA LEU HD 79 -26.77 27.16 -53.66
C LEU HD 79 -26.02 26.16 -54.53
N GLU HD 80 -26.76 25.40 -55.34
CA GLU HD 80 -26.15 24.33 -56.12
C GLU HD 80 -25.35 24.85 -57.30
N ARG HD 81 -25.76 25.98 -57.89
CA ARG HD 81 -25.06 26.55 -59.02
C ARG HD 81 -24.05 27.61 -58.62
N SER HD 82 -23.77 27.77 -57.33
CA SER HD 82 -22.88 28.82 -56.86
C SER HD 82 -21.46 28.56 -57.35
N MET HD 83 -20.84 29.60 -57.92
CA MET HD 83 -19.46 29.49 -58.38
C MET HD 83 -18.50 29.32 -57.21
N LYS HD 84 -18.77 30.02 -56.11
CA LYS HD 84 -17.91 29.92 -54.94
C LYS HD 84 -17.93 28.53 -54.33
N LYS HD 85 -18.94 27.72 -54.63
CA LYS HD 85 -18.93 26.33 -54.16
C LYS HD 85 -17.75 25.57 -54.78
N VAL HD 86 -17.63 25.63 -56.10
CA VAL HD 86 -16.52 24.98 -56.77
C VAL HD 86 -15.20 25.65 -56.41
N LEU HD 87 -15.22 26.99 -56.25
CA LEU HD 87 -14.00 27.70 -55.88
C LEU HD 87 -13.50 27.26 -54.50
N TYR HD 88 -14.41 27.08 -53.54
CA TYR HD 88 -14.02 26.66 -52.21
C TYR HD 88 -13.61 25.19 -52.18
N ALA HD 89 -14.24 24.36 -53.00
CA ALA HD 89 -13.78 22.98 -53.12
C ALA HD 89 -12.35 22.89 -53.63
N ASP HD 90 -11.88 23.93 -54.32
CA ASP HD 90 -10.51 23.96 -54.81
C ASP HD 90 -9.55 24.19 -53.66
N PRO HD 91 -8.57 23.30 -53.44
CA PRO HD 91 -7.62 23.51 -52.33
C PRO HD 91 -6.66 24.67 -52.55
N ASN HD 92 -6.58 25.23 -53.75
CA ASN HD 92 -5.66 26.32 -54.05
C ASN HD 92 -6.35 27.68 -54.03
N TYR HD 93 -7.57 27.77 -53.52
CA TYR HD 93 -8.27 29.04 -53.50
C TYR HD 93 -7.69 29.96 -52.43
N LYS HD 94 -7.45 31.20 -52.79
CA LYS HD 94 -6.94 32.21 -51.87
C LYS HD 94 -8.02 33.26 -51.61
N PHE HD 95 -8.37 33.43 -50.35
CA PHE HD 95 -9.27 34.49 -49.97
C PHE HD 95 -8.56 35.83 -50.09
N PRO HD 96 -9.31 36.92 -50.28
CA PRO HD 96 -8.67 38.24 -50.40
C PRO HD 96 -7.87 38.62 -49.16
N ILE HD 97 -8.26 38.13 -48.00
CA ILE HD 97 -7.55 38.45 -46.76
C ILE HD 97 -7.75 37.30 -45.78
N GLU HD 98 -6.72 37.02 -44.99
CA GLU HD 98 -6.81 35.97 -43.98
C GLU HD 98 -7.83 36.35 -42.91
N TRP HD 99 -8.51 35.33 -42.38
CA TRP HD 99 -9.60 35.58 -41.45
C TRP HD 99 -9.18 36.40 -40.23
N PRO HD 100 -8.11 36.06 -39.51
CA PRO HD 100 -7.72 36.91 -38.37
C PRO HD 100 -7.39 38.34 -38.77
N GLU HD 101 -7.05 38.58 -40.03
CA GLU HD 101 -6.74 39.92 -40.51
C GLU HD 101 -7.99 40.69 -40.92
N ARG HD 102 -9.16 40.06 -40.91
CA ARG HD 102 -10.39 40.76 -41.23
C ARG HD 102 -10.83 41.72 -40.13
N TYR HD 103 -10.23 41.63 -38.94
CA TYR HD 103 -10.58 42.49 -37.82
C TYR HD 103 -9.39 43.31 -37.34
N MET HD 104 -8.42 43.55 -38.20
CA MET HD 104 -7.23 44.33 -37.87
C MET HD 104 -7.18 45.58 -38.72
N ALA HD 105 -6.81 46.70 -38.11
CA ALA HD 105 -6.73 47.96 -38.82
C ALA HD 105 -5.57 47.95 -39.80
N GLU HD 106 -5.78 48.60 -40.95
CA GLU HD 106 -4.73 48.65 -41.96
C GLU HD 106 -3.57 49.51 -41.49
N THR HD 107 -2.35 49.06 -41.79
CA THR HD 107 -1.14 49.75 -41.37
C THR HD 107 -0.37 50.35 -42.54
N LYS HD 108 -1.00 50.50 -43.70
CA LYS HD 108 -0.37 51.08 -44.88
C LYS HD 108 -1.29 52.10 -45.50
N THR HD 109 -0.70 52.99 -46.29
CA THR HD 109 -1.43 54.11 -46.87
C THR HD 109 -2.40 53.64 -47.94
N LEU HD 110 -3.40 54.49 -48.20
CA LEU HD 110 -4.43 54.15 -49.19
C LEU HD 110 -3.82 54.03 -50.58
N GLU HD 111 -2.83 54.86 -50.90
CA GLU HD 111 -2.16 54.73 -52.19
C GLU HD 111 -1.51 53.36 -52.33
N GLN HD 112 -0.83 52.90 -51.29
CA GLN HD 112 -0.21 51.59 -51.32
C GLN HD 112 -1.26 50.48 -51.45
N VAL HD 113 -2.38 50.61 -50.74
CA VAL HD 113 -3.43 49.61 -50.82
C VAL HD 113 -3.96 49.52 -52.25
N MET HD 114 -4.27 50.67 -52.85
CA MET HD 114 -4.81 50.66 -54.21
C MET HD 114 -3.79 50.15 -55.21
N ASP HD 115 -2.51 50.52 -55.04
CA ASP HD 115 -1.49 50.02 -55.94
C ASP HD 115 -1.34 48.51 -55.85
N GLU HD 116 -1.34 47.96 -54.64
CA GLU HD 116 -1.23 46.51 -54.48
C GLU HD 116 -2.46 45.80 -55.06
N GLU HD 117 -3.65 46.36 -54.86
CA GLU HD 117 -4.85 45.71 -55.38
C GLU HD 117 -4.91 45.79 -56.90
N GLU HD 118 -4.42 46.88 -57.50
CA GLU HD 118 -4.43 47.01 -58.94
C GLU HD 118 -3.36 46.18 -59.62
N ASN HD 119 -2.28 45.84 -58.92
CA ASN HD 119 -1.27 44.93 -59.44
C ASN HD 119 -1.55 43.48 -59.06
N TRP HD 120 -2.60 43.23 -58.31
CA TRP HD 120 -2.96 41.87 -57.89
C TRP HD 120 -3.40 41.05 -59.10
N GLU HD 121 -3.06 39.77 -59.08
CA GLU HD 121 -3.43 38.85 -60.15
C GLU HD 121 -4.03 37.58 -59.55
N TYR HD 122 -5.10 37.11 -60.18
CA TYR HD 122 -5.83 35.95 -59.68
C TYR HD 122 -5.05 34.66 -59.96
N TYR HD 123 -5.11 33.74 -59.01
CA TYR HD 123 -4.52 32.42 -59.22
C TYR HD 123 -5.30 31.67 -60.30
N LYS HD 124 -4.79 30.50 -60.66
CA LYS HD 124 -5.43 29.63 -61.66
C LYS HD 124 -5.71 30.35 -62.98
N MET ID 1 15.66 76.43 4.05
CA MET ID 1 17.02 76.90 3.82
C MET ID 1 17.88 76.69 5.07
N GLU ID 2 17.33 77.04 6.22
CA GLU ID 2 18.01 76.80 7.48
C GLU ID 2 18.09 75.31 7.75
N PRO ID 3 19.19 74.82 8.33
CA PRO ID 3 19.25 73.43 8.76
C PRO ID 3 18.26 73.16 9.88
N PHE ID 4 17.71 71.94 9.89
CA PHE ID 4 16.71 71.53 10.85
C PHE ID 4 17.21 70.33 11.65
N GLY ID 5 16.85 70.29 12.92
CA GLY ID 5 17.20 69.16 13.76
C GLY ID 5 17.46 69.60 15.18
N THR ID 6 17.65 68.60 16.04
CA THR ID 6 17.99 68.89 17.43
C THR ID 6 19.41 69.41 17.57
N ASP ID 7 20.35 68.84 16.82
CA ASP ID 7 21.75 69.18 16.93
C ASP ID 7 22.10 70.50 16.26
N GLU ID 8 21.18 71.09 15.50
CA GLU ID 8 21.48 72.33 14.78
C GLU ID 8 21.56 73.51 15.73
N ARG ID 9 22.28 74.53 15.30
CA ARG ID 9 22.43 75.75 16.08
C ARG ID 9 21.17 76.61 15.97
N ASN ID 10 20.71 77.12 17.11
CA ASN ID 10 19.56 78.02 17.11
C ASN ID 10 19.95 79.34 16.45
N TRP ID 11 18.92 80.08 16.03
CA TRP ID 11 19.14 81.39 15.43
C TRP ID 11 19.84 82.31 16.41
N THR ID 12 21.00 82.82 16.02
CA THR ID 12 21.69 83.78 16.86
C THR ID 12 21.13 85.18 16.62
N HIS ID 13 21.50 86.11 17.50
CA HIS ID 13 21.01 87.48 17.38
C HIS ID 13 21.45 88.11 16.07
N GLU ID 14 22.70 87.87 15.66
CA GLU ID 14 23.18 88.42 14.40
C GLU ID 14 22.40 87.86 13.22
N GLU ID 15 22.14 86.55 13.23
CA GLU ID 15 21.37 85.94 12.15
C GLU ID 15 19.96 86.50 12.09
N LYS ID 16 19.33 86.67 13.26
CA LYS ID 16 17.98 87.23 13.29
C LYS ID 16 17.96 88.64 12.74
N ASP ID 17 18.94 89.47 13.13
CA ASP ID 17 18.99 90.84 12.63
C ASP ID 17 19.24 90.88 11.14
N ILE ID 18 20.15 90.04 10.64
CA ILE ID 18 20.44 90.02 9.21
C ILE ID 18 19.22 89.58 8.42
N ILE ID 19 18.50 88.56 8.90
CA ILE ID 19 17.31 88.11 8.21
C ILE ID 19 16.21 89.16 8.25
N THR ID 20 16.07 89.86 9.38
CA THR ID 20 15.06 90.91 9.47
C THR ID 20 15.35 92.02 8.47
N ARG ID 21 16.61 92.47 8.40
CA ARG ID 21 16.96 93.54 7.47
C ARG ID 21 16.95 93.06 6.03
N PHE ID 22 17.13 91.77 5.80
CA PHE ID 22 16.95 91.21 4.46
C PHE ID 22 15.49 91.27 4.05
N LEU ID 23 14.59 90.81 4.92
CA LEU ID 23 13.17 90.78 4.58
C LEU ID 23 12.59 92.19 4.47
N LYS ID 24 13.12 93.15 5.23
CA LYS ID 24 12.55 94.49 5.21
C LYS ID 24 12.88 95.23 3.91
N TYR ID 25 14.14 95.17 3.47
CA TYR ID 25 14.62 96.06 2.42
C TYR ID 25 14.92 95.39 1.10
N ASP ID 26 15.19 94.10 1.08
CA ASP ID 26 15.61 93.45 -0.15
C ASP ID 26 14.45 93.35 -1.15
N LYS ID 27 14.81 93.29 -2.42
CA LYS ID 27 13.87 92.89 -3.46
C LYS ID 27 13.76 91.37 -3.41
N HIS ID 28 13.13 90.77 -4.41
CA HIS ID 28 12.83 89.34 -4.42
C HIS ID 28 11.88 88.99 -3.28
N VAL ID 29 11.42 89.99 -2.55
CA VAL ID 29 10.48 89.83 -1.44
C VAL ID 29 9.20 90.56 -1.81
N ASN ID 30 8.07 89.85 -1.75
CA ASN ID 30 6.81 90.47 -2.11
C ASN ID 30 6.44 91.54 -1.09
N LEU ID 31 5.48 92.38 -1.45
CA LEU ID 31 5.08 93.48 -0.59
C LEU ID 31 4.46 92.97 0.70
N LYS ID 32 3.75 91.83 0.65
CA LYS ID 32 3.08 91.30 1.84
C LYS ID 32 4.08 90.88 2.91
N THR ID 33 5.17 90.21 2.52
CA THR ID 33 6.17 89.79 3.49
C THR ID 33 6.84 90.99 4.16
N ALA ID 34 7.23 91.98 3.36
CA ALA ID 34 7.84 93.18 3.91
C ALA ID 34 6.88 93.90 4.84
N GLU ID 35 5.60 93.97 4.45
CA GLU ID 35 4.61 94.60 5.31
C GLU ID 35 4.44 93.83 6.62
N MET ID 36 4.54 92.50 6.55
CA MET ID 36 4.49 91.70 7.77
C MET ID 36 5.63 92.08 8.71
N VAL ID 37 6.84 92.20 8.18
CA VAL ID 37 7.96 92.56 9.03
C VAL ID 37 7.80 93.98 9.57
N TYR ID 38 7.26 94.89 8.75
CA TYR ID 38 7.04 96.26 9.20
C TYR ID 38 6.04 96.31 10.34
N SER ID 39 4.93 95.58 10.20
CA SER ID 39 3.94 95.52 11.27
C SER ID 39 4.49 94.84 12.51
N ALA ID 40 5.41 93.89 12.34
CA ALA ID 40 6.11 93.32 13.49
C ALA ID 40 6.89 94.40 14.23
N GLU ID 41 7.63 95.23 13.48
CA GLU ID 41 8.44 96.25 14.12
C GLU ID 41 7.58 97.31 14.79
N VAL ID 42 6.44 97.66 14.21
CA VAL ID 42 5.62 98.74 14.75
C VAL ID 42 4.99 98.33 16.08
N GLU ID 43 4.36 97.15 16.13
CA GLU ID 43 3.59 96.77 17.30
C GLU ID 43 4.47 96.31 18.46
N SER ID 44 5.63 95.71 18.17
CA SER ID 44 6.47 95.18 19.23
C SER ID 44 7.09 96.28 20.09
N ALA ID 45 7.25 97.48 19.53
CA ALA ID 45 7.98 98.53 20.23
C ALA ID 45 7.29 98.99 21.50
N TYR ID 46 5.97 98.79 21.61
CA TYR ID 46 5.26 99.23 22.81
C TYR ID 46 5.66 98.44 24.04
N PHE ID 47 6.00 97.17 23.88
CA PHE ID 47 6.12 96.29 25.03
C PHE ID 47 7.39 96.53 25.82
N GLY ID 48 8.50 96.85 25.15
CA GLY ID 48 9.72 97.16 25.90
C GLY ID 48 9.53 98.37 26.80
N LYS ID 49 9.00 99.46 26.23
CA LYS ID 49 8.76 100.67 27.01
C LYS ID 49 7.72 100.43 28.10
N ALA ID 50 6.66 99.70 27.77
CA ALA ID 50 5.61 99.43 28.76
C ALA ID 50 6.15 98.63 29.94
N GLY ID 51 6.93 97.58 29.65
CA GLY ID 51 7.53 96.81 30.72
C GLY ID 51 8.47 97.63 31.57
N ALA ID 52 9.33 98.42 30.94
CA ALA ID 52 10.27 99.25 31.70
C ALA ID 52 9.53 100.25 32.58
N LEU ID 53 8.49 100.89 32.05
CA LEU ID 53 7.77 101.90 32.81
C LEU ID 53 6.97 101.28 33.96
N ALA ID 54 6.29 100.16 33.70
CA ALA ID 54 5.56 99.48 34.76
C ALA ID 54 6.51 99.00 35.84
N GLY ID 55 7.68 98.51 35.45
CA GLY ID 55 8.68 98.12 36.43
C GLY ID 55 9.16 99.30 37.25
N GLY ID 56 9.37 100.44 36.61
CA GLY ID 56 9.78 101.62 37.36
C GLY ID 56 8.74 102.04 38.38
N VAL ID 57 7.47 102.05 37.98
CA VAL ID 57 6.40 102.45 38.91
C VAL ID 57 6.29 101.45 40.06
N ILE ID 58 6.32 100.15 39.74
CA ILE ID 58 6.19 99.13 40.77
C ILE ID 58 7.38 99.16 41.70
N SER ID 59 8.58 99.43 41.18
CA SER ID 59 9.76 99.52 42.04
C SER ID 59 9.71 100.75 42.92
N ALA ID 60 9.18 101.86 42.41
CA ALA ID 60 9.01 103.04 43.24
C ALA ID 60 8.04 102.76 44.40
N LEU ID 61 6.97 102.01 44.12
CA LEU ID 61 6.06 101.60 45.19
C LEU ID 61 6.73 100.61 46.15
N PHE ID 62 7.54 99.71 45.61
CA PHE ID 62 8.13 98.63 46.40
C PHE ID 62 9.24 99.13 47.30
N PHE ID 63 9.90 100.22 46.91
CA PHE ID 63 10.95 100.80 47.73
C PHE ID 63 10.42 101.32 49.06
N ASN ID 64 9.09 101.50 49.18
CA ASN ID 64 8.46 101.98 50.39
C ASN ID 64 7.46 100.98 50.97
N PHE ID 65 7.63 99.70 50.64
CA PHE ID 65 6.73 98.68 51.14
C PHE ID 65 6.94 98.49 52.65
N PRO ID 66 5.93 97.95 53.36
CA PRO ID 66 6.00 97.95 54.83
C PRO ID 66 7.24 97.30 55.41
N ILE ID 67 7.75 96.23 54.80
CA ILE ID 67 9.00 95.63 55.29
C ILE ID 67 10.21 96.23 54.58
N VAL ID 68 10.08 96.53 53.29
CA VAL ID 68 11.20 97.06 52.53
C VAL ID 68 11.60 98.44 53.05
N ARG ID 69 10.62 99.25 53.47
CA ARG ID 69 10.91 100.61 53.90
C ARG ID 69 11.74 100.67 55.17
N ASN ID 70 11.89 99.55 55.88
CA ASN ID 70 12.63 99.52 57.14
C ASN ID 70 13.88 98.66 57.05
N LEU ID 71 14.38 98.43 55.86
CA LEU ID 71 15.59 97.66 55.63
C LEU ID 71 16.79 98.57 55.50
N PRO ID 72 18.00 98.07 55.77
CA PRO ID 72 19.20 98.83 55.43
C PRO ID 72 19.26 99.14 53.95
N ILE ID 73 20.05 100.16 53.60
CA ILE ID 73 19.96 100.75 52.27
C ILE ID 73 20.31 99.73 51.20
N ILE ID 74 21.27 98.84 51.46
CA ILE ID 74 21.69 97.89 50.44
C ILE ID 74 20.58 96.87 50.15
N ARG ID 75 20.04 96.26 51.21
CA ARG ID 75 18.95 95.31 51.05
C ARG ID 75 17.70 96.00 50.52
N ARG ID 76 17.41 97.20 51.03
CA ARG ID 76 16.24 97.94 50.57
C ARG ID 76 16.34 98.24 49.08
N SER ID 77 17.52 98.65 48.62
CA SER ID 77 17.70 98.95 47.20
C SER ID 77 17.56 97.69 46.35
N VAL ID 78 18.16 96.58 46.78
CA VAL ID 78 18.07 95.34 45.99
C VAL ID 78 16.61 94.89 45.88
N ILE ID 79 15.91 94.83 47.02
CA ILE ID 79 14.53 94.37 47.02
C ILE ID 79 13.63 95.33 46.26
N GLY ID 80 13.92 96.64 46.33
CA GLY ID 80 13.12 97.60 45.59
C GLY ID 80 13.32 97.49 44.09
N VAL ID 81 14.55 97.25 43.64
CA VAL ID 81 14.80 97.17 42.20
C VAL ID 81 14.47 95.81 41.61
N LEU ID 82 14.25 94.79 42.43
CA LEU ID 82 13.84 93.50 41.87
C LEU ID 82 12.59 93.59 40.99
N PRO ID 83 11.49 94.23 41.40
CA PRO ID 83 10.34 94.33 40.49
C PRO ID 83 10.66 95.07 39.20
N PHE ID 84 11.48 96.11 39.26
CA PHE ID 84 11.84 96.81 38.03
C PHE ID 84 12.60 95.91 37.08
N LEU ID 85 13.57 95.15 37.60
CA LEU ID 85 14.31 94.23 36.74
C LEU ID 85 13.39 93.18 36.15
N TYR ID 86 12.48 92.63 36.95
CA TYR ID 86 11.58 91.60 36.44
C TYR ID 86 10.69 92.15 35.32
N CYS ID 87 10.10 93.32 35.53
CA CYS ID 87 9.18 93.86 34.54
C CYS ID 87 9.92 94.35 33.30
N TYR ID 88 11.12 94.91 33.46
CA TYR ID 88 11.92 95.31 32.32
C TYR ID 88 12.30 94.09 31.48
N THR ID 89 12.70 93.00 32.14
CA THR ID 89 13.02 91.78 31.41
C THR ID 89 11.78 91.23 30.70
N TRP ID 90 10.62 91.28 31.37
CA TRP ID 90 9.39 90.83 30.73
C TRP ID 90 9.10 91.64 29.47
N GLY ID 91 9.24 92.97 29.57
CA GLY ID 91 8.95 93.81 28.42
C GLY ID 91 9.89 93.54 27.27
N LYS ID 92 11.19 93.46 27.55
CA LYS ID 92 12.17 93.19 26.49
C LYS ID 92 11.94 91.82 25.86
N ASN ID 93 11.70 90.80 26.68
CA ASN ID 93 11.50 89.46 26.15
C ASN ID 93 10.23 89.38 25.32
N THR ID 94 9.15 90.01 25.78
CA THR ID 94 7.90 90.01 25.01
C THR ID 94 8.06 90.73 23.68
N GLN ID 95 8.75 91.88 23.68
CA GLN ID 95 8.98 92.59 22.44
C GLN ID 95 9.78 91.73 21.47
N GLU ID 96 10.89 91.16 21.94
CA GLU ID 96 11.71 90.33 21.07
C GLU ID 96 10.93 89.13 20.55
N GLU ID 97 10.17 88.47 21.41
CA GLU ID 97 9.43 87.28 20.99
C GLU ID 97 8.38 87.61 19.95
N LEU ID 98 7.58 88.66 20.18
CA LEU ID 98 6.56 89.04 19.21
C LEU ID 98 7.19 89.39 17.87
N ARG ID 99 8.22 90.26 17.90
CA ARG ID 99 8.85 90.69 16.67
C ARG ID 99 9.45 89.51 15.92
N TRP ID 100 10.14 88.61 16.62
CA TRP ID 100 10.80 87.52 15.93
C TRP ID 100 9.80 86.47 15.44
N LEU ID 101 8.70 86.24 16.16
CA LEU ID 101 7.70 85.32 15.66
C LEU ID 101 7.09 85.83 14.37
N LYS ID 102 6.73 87.11 14.33
CA LYS ID 102 6.18 87.66 13.08
C LYS ID 102 7.23 87.67 11.97
N THR ID 103 8.48 87.99 12.30
CA THR ID 103 9.54 87.98 11.29
C THR ID 103 9.79 86.58 10.75
N PHE ID 104 9.75 85.57 11.62
CA PHE ID 104 9.94 84.20 11.17
C PHE ID 104 8.77 83.73 10.32
N ALA ID 105 7.55 84.18 10.64
CA ALA ID 105 6.43 83.91 9.75
C ALA ID 105 6.66 84.52 8.38
N ALA ID 106 7.17 85.75 8.34
CA ALA ID 106 7.48 86.38 7.07
C ALA ID 106 8.57 85.62 6.32
N TYR ID 107 9.57 85.12 7.06
CA TYR ID 107 10.63 84.34 6.44
C TYR ID 107 10.11 83.03 5.85
N GLN ID 108 9.19 82.36 6.56
CA GLN ID 108 8.56 81.17 6.02
C GLN ID 108 7.77 81.50 4.76
N ARG ID 109 7.05 82.63 4.78
CA ARG ID 109 6.31 83.05 3.60
C ARG ID 109 7.23 83.31 2.42
N PHE ID 110 8.38 83.94 2.68
CA PHE ID 110 9.36 84.18 1.62
C PHE ID 110 9.93 82.88 1.08
N VAL ID 111 10.26 81.94 1.96
CA VAL ID 111 10.84 80.67 1.53
C VAL ID 111 9.85 79.89 0.67
N VAL ID 112 8.58 79.84 1.09
CA VAL ID 112 7.56 79.19 0.27
C VAL ID 112 7.36 79.95 -1.04
N TYR ID 113 7.48 81.29 -1.00
CA TYR ID 113 7.28 82.11 -2.19
C TYR ID 113 8.29 81.76 -3.27
N HIS ID 114 9.55 81.56 -2.89
CA HIS ID 114 10.61 81.23 -3.83
C HIS ID 114 10.94 79.75 -3.86
N GLY ID 115 10.07 78.91 -3.31
CA GLY ID 115 10.24 77.47 -3.41
C GLY ID 115 11.55 76.96 -2.85
N GLN ID 116 11.99 77.53 -1.73
CA GLN ID 116 13.29 77.20 -1.15
C GLN ID 116 13.19 76.22 0.01
N HIS ID 117 12.12 75.44 0.06
CA HIS ID 117 11.97 74.39 1.05
C HIS ID 117 11.63 73.10 0.31
N CYS ID 118 12.47 72.08 0.49
CA CYS ID 118 12.13 70.77 -0.05
C CYS ID 118 10.93 70.20 0.70
N LYS ID 119 10.23 69.30 0.03
CA LYS ID 119 8.97 68.74 0.56
C LYS ID 119 7.95 69.84 0.81
N LEU ID 120 7.92 70.84 -0.07
CA LEU ID 120 6.89 71.87 -0.05
C LEU ID 120 6.68 72.35 -1.49
N TRP ID 121 5.48 72.12 -2.01
CA TRP ID 121 5.15 72.57 -3.37
C TRP ID 121 3.64 72.69 -3.49
N VAL ID 122 3.20 73.43 -4.49
CA VAL ID 122 1.77 73.66 -4.70
C VAL ID 122 1.14 72.49 -5.44
N MET JD 1 -14.85 33.27 -16.13
CA MET JD 1 -14.77 32.57 -17.40
C MET JD 1 -15.99 32.84 -18.26
N ALA JD 2 -16.38 34.11 -18.34
CA ALA JD 2 -17.56 34.47 -19.12
C ALA JD 2 -17.38 34.15 -20.60
N GLN JD 3 -16.16 34.31 -21.12
CA GLN JD 3 -15.87 34.05 -22.52
C GLN JD 3 -15.43 32.62 -22.79
N THR JD 4 -15.33 31.79 -21.76
CA THR JD 4 -14.79 30.44 -21.89
C THR JD 4 -15.94 29.47 -22.15
N ALA JD 5 -15.66 28.17 -22.05
CA ALA JD 5 -16.61 27.13 -22.45
C ALA JD 5 -17.23 26.37 -21.30
N HIS JD 6 -16.66 26.43 -20.10
CA HIS JD 6 -17.10 25.59 -18.99
C HIS JD 6 -17.65 26.46 -17.86
N GLN JD 7 -18.61 25.89 -17.13
CA GLN JD 7 -19.25 26.62 -16.03
C GLN JD 7 -18.26 26.92 -14.92
N ASN JD 8 -17.42 25.95 -14.56
CA ASN JD 8 -16.39 26.14 -13.55
C ASN JD 8 -15.05 25.70 -14.10
N ARG JD 9 -13.98 26.23 -13.51
CA ARG JD 9 -12.63 25.95 -14.00
C ARG JD 9 -12.25 24.50 -13.84
N TYR JD 10 -12.93 23.75 -12.97
CA TYR JD 10 -12.58 22.35 -12.74
C TYR JD 10 -13.00 21.46 -13.89
N GLN JD 11 -14.00 21.88 -14.68
CA GLN JD 11 -14.39 21.10 -15.85
C GLN JD 11 -13.40 21.26 -16.99
N GLY JD 12 -12.57 22.29 -16.97
CA GLY JD 12 -11.58 22.46 -18.01
C GLY JD 12 -10.53 21.36 -18.03
N GLY JD 13 -10.17 20.84 -16.86
CA GLY JD 13 -9.27 19.72 -16.78
C GLY JD 13 -7.85 20.10 -16.45
N LEU JD 14 -6.89 19.32 -16.95
CA LEU JD 14 -5.48 19.61 -16.68
C LEU JD 14 -5.03 20.91 -17.33
N CYS JD 15 -5.61 21.26 -18.48
CA CYS JD 15 -5.20 22.47 -19.18
C CYS JD 15 -5.50 23.71 -18.34
N TYR JD 16 -6.68 23.77 -17.72
CA TYR JD 16 -7.01 24.92 -16.89
C TYR JD 16 -6.14 24.95 -15.64
N ALA JD 17 -5.77 23.78 -15.10
CA ALA JD 17 -4.85 23.75 -13.97
C ALA JD 17 -3.49 24.32 -14.36
N GLN JD 18 -3.00 23.97 -15.55
CA GLN JD 18 -1.73 24.52 -16.01
C GLN JD 18 -1.84 26.02 -16.25
N CYS JD 19 -2.98 26.48 -16.77
CA CYS JD 19 -3.19 27.92 -16.94
C CYS JD 19 -3.18 28.65 -15.60
N ASN JD 20 -3.82 28.07 -14.58
CA ASN JD 20 -3.78 28.66 -13.25
C ASN JD 20 -2.35 28.69 -12.71
N GLU JD 21 -1.59 27.61 -12.93
CA GLU JD 21 -0.20 27.57 -12.47
C GLU JD 21 0.68 28.54 -13.25
N LEU JD 22 0.27 28.95 -14.45
CA LEU JD 22 1.13 29.80 -15.27
C LEU JD 22 1.17 31.23 -14.74
N PHE JD 23 0.03 31.76 -14.32
CA PHE JD 23 -0.07 33.15 -13.90
C PHE JD 23 -0.43 33.25 -12.43
N SER JD 24 -0.16 34.41 -11.84
CA SER JD 24 -0.54 34.67 -10.46
C SER JD 24 -2.05 34.72 -10.33
N PHE JD 25 -2.54 34.50 -9.11
CA PHE JD 25 -3.97 34.30 -8.90
C PHE JD 25 -4.79 35.55 -9.21
N TRP JD 26 -4.20 36.73 -9.18
CA TRP JD 26 -4.92 37.95 -9.51
C TRP JD 26 -4.79 38.34 -10.97
N ASN JD 27 -4.09 37.55 -11.76
CA ASN JD 27 -3.83 37.89 -13.15
C ASN JD 27 -5.01 37.45 -14.02
N PRO JD 28 -5.68 38.37 -14.71
CA PRO JD 28 -6.79 37.97 -15.58
C PRO JD 28 -6.36 37.26 -16.86
N SER JD 29 -5.05 37.11 -17.09
CA SER JD 29 -4.58 36.40 -18.28
C SER JD 29 -5.01 34.95 -18.27
N ILE JD 30 -5.25 34.39 -17.08
CA ILE JD 30 -5.59 32.98 -16.97
C ILE JD 30 -6.80 32.66 -17.83
N GLN JD 31 -7.83 33.50 -17.76
CA GLN JD 31 -9.01 33.30 -18.58
C GLN JD 31 -8.64 33.21 -20.05
N GLN JD 32 -7.81 34.15 -20.52
CA GLN JD 32 -7.36 34.08 -21.91
C GLN JD 32 -6.60 32.79 -22.17
N CYS JD 33 -5.74 32.40 -21.24
CA CYS JD 33 -5.09 31.09 -21.33
C CYS JD 33 -6.13 29.99 -21.46
N TRP JD 34 -7.20 30.09 -20.67
CA TRP JD 34 -8.28 29.10 -20.75
C TRP JD 34 -8.85 29.04 -22.16
N LYS JD 35 -9.02 30.19 -22.81
CA LYS JD 35 -9.54 30.20 -24.18
C LYS JD 35 -8.61 29.43 -25.10
N GLY JD 36 -7.31 29.54 -24.89
CA GLY JD 36 -6.38 28.72 -25.65
C GLY JD 36 -6.69 27.24 -25.49
N CYS JD 37 -6.94 26.82 -24.25
CA CYS JD 37 -7.33 25.42 -24.01
C CYS JD 37 -8.58 25.05 -24.78
N ASP JD 38 -9.48 26.02 -24.98
CA ASP JD 38 -10.68 25.74 -25.77
C ASP JD 38 -10.36 25.60 -27.24
N PHE JD 39 -9.38 26.34 -27.74
CA PHE JD 39 -9.11 26.35 -29.17
C PHE JD 39 -8.36 25.09 -29.61
N GLY JD 40 -7.56 24.51 -28.73
CA GLY JD 40 -6.77 23.36 -29.10
C GLY JD 40 -7.27 22.05 -28.52
N VAL JD 41 -8.59 21.85 -28.55
CA VAL JD 41 -9.15 20.62 -28.00
C VAL JD 41 -8.89 19.45 -28.95
N GLY JD 42 -9.45 19.52 -30.15
CA GLY JD 42 -9.27 18.46 -31.12
C GLY JD 42 -8.26 18.81 -32.20
N ARG JD 43 -7.45 19.84 -31.94
CA ARG JD 43 -6.56 20.38 -32.95
C ARG JD 43 -5.08 20.27 -32.62
N VAL JD 44 -4.71 20.16 -31.34
CA VAL JD 44 -3.29 20.21 -30.97
C VAL JD 44 -2.54 19.04 -31.58
N ASN JD 45 -3.14 17.85 -31.59
CA ASN JD 45 -2.43 16.68 -32.09
C ASN JD 45 -2.31 16.69 -33.61
N ASP JD 46 -3.28 17.26 -34.30
CA ASP JD 46 -3.20 17.34 -35.76
C ASP JD 46 -2.16 18.38 -36.16
N PRO JD 47 -1.23 18.06 -37.06
CA PRO JD 47 -0.17 19.03 -37.39
C PRO JD 47 -0.67 20.35 -37.93
N GLU JD 48 -1.74 20.35 -38.72
CA GLU JD 48 -2.36 21.59 -39.17
C GLU JD 48 -3.38 22.12 -38.19
N GLY JD 49 -3.92 21.28 -37.31
CA GLY JD 49 -4.81 21.75 -36.28
C GLY JD 49 -4.13 22.69 -35.31
N ARG JD 50 -2.84 22.45 -35.04
CA ARG JD 50 -2.10 23.35 -34.16
C ARG JD 50 -1.97 24.73 -34.78
N ILE JD 51 -1.67 24.80 -36.08
CA ILE JD 51 -1.62 26.07 -36.77
C ILE JD 51 -2.99 26.73 -36.79
N GLU JD 52 -4.04 25.93 -36.97
CA GLU JD 52 -5.39 26.47 -36.93
C GLU JD 52 -5.70 27.07 -35.56
N ALA JD 53 -5.29 26.40 -34.49
CA ALA JD 53 -5.51 26.92 -33.15
C ALA JD 53 -4.74 28.21 -32.91
N GLN JD 54 -3.52 28.29 -33.41
CA GLN JD 54 -2.76 29.55 -33.29
C GLN JD 54 -3.44 30.68 -34.06
N GLN JD 55 -3.97 30.38 -35.25
CA GLN JD 55 -4.73 31.38 -35.98
C GLN JD 55 -5.98 31.80 -35.22
N MET JD 56 -6.63 30.84 -34.55
CA MET JD 56 -7.79 31.16 -33.73
C MET JD 56 -7.41 32.10 -32.59
N CYS JD 57 -6.26 31.87 -31.98
CA CYS JD 57 -5.77 32.79 -30.95
C CYS JD 57 -5.53 34.18 -31.51
N LYS JD 58 -4.94 34.26 -32.70
CA LYS JD 58 -4.71 35.56 -33.32
C LYS JD 58 -6.02 36.28 -33.59
N ARG JD 59 -7.02 35.56 -34.11
CA ARG JD 59 -8.33 36.16 -34.36
C ARG JD 59 -8.98 36.63 -33.06
N TRP JD 60 -8.86 35.83 -32.00
CA TRP JD 60 -9.44 36.20 -30.72
C TRP JD 60 -8.80 37.48 -30.18
N ALA JD 61 -7.47 37.57 -30.25
CA ALA JD 61 -6.79 38.79 -29.83
C ALA JD 61 -7.21 39.98 -30.68
N ALA JD 62 -7.33 39.79 -31.99
CA ALA JD 62 -7.75 40.88 -32.87
C ALA JD 62 -9.17 41.33 -32.59
N GLU JD 63 -10.04 40.42 -32.15
CA GLU JD 63 -11.41 40.79 -31.85
C GLU JD 63 -11.54 41.46 -30.48
N LEU JD 64 -10.72 41.08 -29.52
CA LEU JD 64 -10.82 41.70 -28.19
C LEU JD 64 -10.35 43.14 -28.20
N TYR JD 65 -9.20 43.40 -28.84
CA TYR JD 65 -8.62 44.74 -28.89
C TYR JD 65 -8.44 45.18 -30.33
N TRP JD 66 -8.41 46.50 -30.53
CA TRP JD 66 -8.02 47.04 -31.83
C TRP JD 66 -6.59 46.64 -32.13
N THR JD 67 -6.36 46.11 -33.33
CA THR JD 67 -5.04 45.63 -33.70
C THR JD 67 -4.74 46.08 -35.12
N TYR JD 68 -3.45 46.13 -35.45
CA TYR JD 68 -3.01 46.40 -36.81
C TYR JD 68 -2.55 45.11 -37.47
N LYS JD 69 -2.49 45.13 -38.80
CA LYS JD 69 -2.36 43.89 -39.55
C LYS JD 69 -1.06 43.17 -39.26
N GLY JD 70 0.06 43.89 -39.21
CA GLY JD 70 1.33 43.26 -38.91
C GLY JD 70 1.67 43.13 -37.45
N GLU JD 71 0.85 43.74 -36.58
CA GLU JD 71 1.23 43.92 -35.18
C GLU JD 71 1.48 42.59 -34.47
N LEU JD 72 0.61 41.61 -34.70
CA LEU JD 72 0.76 40.31 -34.05
C LEU JD 72 1.74 39.39 -34.75
N ASP JD 73 2.30 39.81 -35.89
CA ASP JD 73 3.26 38.99 -36.62
C ASP JD 73 4.70 39.41 -36.39
N THR JD 74 4.93 40.52 -35.70
CA THR JD 74 6.28 41.02 -35.45
C THR JD 74 6.64 40.99 -33.98
N ILE JD 75 6.00 40.13 -33.19
CA ILE JD 75 6.30 40.03 -31.77
C ILE JD 75 7.65 39.34 -31.61
N LYS JD 76 8.58 40.01 -30.93
CA LYS JD 76 9.93 39.45 -30.77
C LYS JD 76 9.93 38.25 -29.84
N ASP JD 77 9.26 38.37 -28.69
CA ASP JD 77 9.28 37.34 -27.66
C ASP JD 77 7.85 36.91 -27.36
N LEU JD 78 7.55 35.64 -27.59
CA LEU JD 78 6.25 35.08 -27.31
C LEU JD 78 6.16 34.45 -25.92
N ARG JD 79 7.24 34.48 -25.15
CA ARG JD 79 7.21 33.94 -23.80
C ARG JD 79 6.34 34.82 -22.90
N VAL JD 80 5.78 34.20 -21.88
CA VAL JD 80 4.93 34.90 -20.92
C VAL JD 80 5.54 34.74 -19.54
N HIS JD 81 5.19 35.68 -18.65
CA HIS JD 81 5.61 35.62 -17.26
C HIS JD 81 4.36 35.73 -16.37
N ALA JD 82 4.58 35.61 -15.06
CA ALA JD 82 3.46 35.56 -14.13
C ALA JD 82 2.67 36.86 -14.13
N ASP JD 83 3.36 37.99 -14.23
CA ASP JD 83 2.74 39.31 -14.15
C ASP JD 83 2.39 39.88 -15.52
N MET JD 84 2.07 39.03 -16.48
CA MET JD 84 1.66 39.49 -17.81
C MET JD 84 0.15 39.65 -17.83
N TYR JD 85 -0.32 40.88 -18.01
CA TYR JD 85 -1.75 41.15 -17.96
C TYR JD 85 -2.29 41.41 -19.35
N PRO JD 86 -3.54 41.04 -19.63
CA PRO JD 86 -4.10 41.19 -20.98
C PRO JD 86 -4.50 42.63 -21.29
N THR JD 87 -3.54 43.54 -21.15
CA THR JD 87 -3.77 44.95 -21.45
C THR JD 87 -3.59 45.28 -22.92
N THR JD 88 -2.96 44.39 -23.69
CA THR JD 88 -2.67 44.62 -25.09
C THR JD 88 -3.05 43.39 -25.90
N PRO JD 89 -3.34 43.56 -27.19
CA PRO JD 89 -3.59 42.39 -28.04
C PRO JD 89 -2.39 41.45 -28.10
N GLN JD 90 -1.17 41.97 -27.99
CA GLN JD 90 -0.01 41.09 -27.92
C GLN JD 90 -0.06 40.19 -26.69
N ASN JD 91 -0.42 40.75 -25.54
CA ASN JD 91 -0.52 39.95 -24.32
C ASN JD 91 -1.66 38.94 -24.41
N VAL JD 92 -2.80 39.35 -24.97
CA VAL JD 92 -3.89 38.40 -25.16
C VAL JD 92 -3.46 37.25 -26.06
N TYR JD 93 -2.78 37.57 -27.15
CA TYR JD 93 -2.29 36.55 -28.08
C TYR JD 93 -1.30 35.62 -27.41
N ARG JD 94 -0.37 36.17 -26.62
CA ARG JD 94 0.62 35.33 -25.95
C ARG JD 94 -0.03 34.41 -24.92
N ALA JD 95 -0.97 34.94 -24.14
CA ALA JD 95 -1.67 34.09 -23.18
C ALA JD 95 -2.45 32.99 -23.87
N CYS JD 96 -3.14 33.32 -24.96
CA CYS JD 96 -3.89 32.31 -25.70
C CYS JD 96 -2.97 31.24 -26.27
N LEU JD 97 -1.82 31.65 -26.81
CA LEU JD 97 -0.87 30.67 -27.34
C LEU JD 97 -0.33 29.77 -26.23
N ALA JD 98 -0.03 30.35 -25.07
CA ALA JD 98 0.44 29.54 -23.95
C ALA JD 98 -0.63 28.55 -23.51
N GLY JD 99 -1.89 28.95 -23.54
CA GLY JD 99 -2.97 28.02 -23.25
C GLY JD 99 -3.07 26.91 -24.28
N VAL JD 100 -2.83 27.25 -25.56
CA VAL JD 100 -2.85 26.24 -26.60
C VAL JD 100 -1.73 25.22 -26.41
N ARG JD 101 -0.55 25.70 -26.00
CA ARG JD 101 0.58 24.78 -25.83
C ARG JD 101 0.31 23.75 -24.74
N ARG JD 102 -0.51 24.08 -23.75
CA ARG JD 102 -0.73 23.24 -22.59
C ARG JD 102 -1.96 22.36 -22.72
N GLN JD 103 -2.44 22.13 -23.94
CA GLN JD 103 -3.66 21.35 -24.17
C GLN JD 103 -3.25 19.98 -24.67
N LYS JD 104 -3.04 19.05 -23.74
CA LYS JD 104 -2.87 17.66 -24.11
C LYS JD 104 -4.20 17.10 -24.64
N PHE JD 105 -4.12 16.26 -25.66
CA PHE JD 105 -5.30 15.69 -26.31
C PHE JD 105 -6.21 16.78 -26.87
N PRO KD 27 55.97 11.40 17.78
CA PRO KD 27 57.37 11.50 18.25
C PRO KD 27 57.59 12.68 19.17
N LEU KD 28 58.58 13.51 18.83
CA LEU KD 28 58.88 14.68 19.65
C LEU KD 28 57.90 15.82 19.42
N LYS KD 29 57.31 15.90 18.23
CA LYS KD 29 56.47 17.03 17.84
C LYS KD 29 55.00 16.66 18.00
N PHE KD 30 54.49 16.85 19.22
CA PHE KD 30 53.05 16.82 19.47
C PHE KD 30 52.58 17.98 20.33
N TRP KD 31 53.47 18.64 21.08
CA TRP KD 31 53.10 19.87 21.75
C TRP KD 31 52.63 20.92 20.75
N TRP KD 32 53.12 20.83 19.50
CA TRP KD 32 52.57 21.67 18.43
C TRP KD 32 51.12 21.35 18.18
N GLY KD 33 50.75 20.06 18.20
CA GLY KD 33 49.36 19.68 18.09
C GLY KD 33 48.54 20.05 19.31
N LEU KD 34 49.19 20.31 20.44
CA LEU KD 34 48.48 20.77 21.62
C LEU KD 34 47.97 22.20 21.49
N ASN KD 35 48.30 22.91 20.41
CA ASN KD 35 47.90 24.31 20.26
C ASN KD 35 46.40 24.50 20.14
N LYS KD 36 45.63 23.45 19.88
CA LYS KD 36 44.20 23.62 19.67
C LYS KD 36 43.45 24.06 20.93
N PHE KD 37 44.01 23.78 22.11
CA PHE KD 37 43.36 24.17 23.35
C PHE KD 37 43.47 25.69 23.56
N GLU KD 38 42.35 26.31 23.94
CA GLU KD 38 42.33 27.76 24.10
C GLU KD 38 43.24 28.21 25.23
N THR KD 39 43.47 27.36 26.23
CA THR KD 39 44.38 27.72 27.31
C THR KD 39 45.81 27.87 26.81
N ILE KD 40 46.26 26.96 25.93
CA ILE KD 40 47.60 27.06 25.36
C ILE KD 40 47.71 28.31 24.50
N GLN KD 41 46.68 28.62 23.73
CA GLN KD 41 46.68 29.85 22.94
C GLN KD 41 46.76 31.08 23.82
N GLY KD 42 46.04 31.07 24.95
CA GLY KD 42 46.14 32.17 25.89
C GLY KD 42 47.53 32.30 26.48
N ILE KD 43 48.15 31.17 26.82
CA ILE KD 43 49.53 31.20 27.33
C ILE KD 43 50.46 31.82 26.31
N HIS KD 44 50.34 31.39 25.05
CA HIS KD 44 51.19 31.93 24.00
C HIS KD 44 50.95 33.42 23.81
N SER KD 45 49.69 33.85 23.89
CA SER KD 45 49.39 35.27 23.77
C SER KD 45 50.00 36.08 24.91
N ILE KD 46 49.92 35.55 26.14
CA ILE KD 46 50.51 36.23 27.28
C ILE KD 46 52.01 36.37 27.09
N LEU KD 47 52.67 35.28 26.70
CA LEU KD 47 54.12 35.32 26.50
C LEU KD 47 54.50 36.29 25.38
N GLY KD 48 53.74 36.26 24.28
CA GLY KD 48 54.04 37.16 23.18
C GLY KD 48 53.86 38.62 23.54
N ASN KD 49 52.79 38.94 24.27
CA ASN KD 49 52.57 40.32 24.68
C ASN KD 49 53.63 40.78 25.69
N ALA KD 50 54.04 39.89 26.61
CA ALA KD 50 55.10 40.25 27.54
C ALA KD 50 56.41 40.50 26.81
N ALA KD 51 56.72 39.66 25.82
CA ALA KD 51 57.94 39.87 25.03
C ALA KD 51 57.84 41.16 24.22
N ASP KD 52 56.66 41.48 23.70
CA ASP KD 52 56.47 42.74 22.99
C ASP KD 52 56.70 43.93 23.92
N LEU KD 53 56.21 43.84 25.15
CA LEU KD 53 56.48 44.90 26.12
C LEU KD 53 57.97 45.03 26.40
N VAL KD 54 58.66 43.89 26.55
CA VAL KD 54 60.10 43.92 26.79
C VAL KD 54 60.83 44.59 25.64
N VAL KD 55 60.45 44.23 24.41
CA VAL KD 55 61.07 44.84 23.23
C VAL KD 55 60.78 46.33 23.17
N SER KD 56 59.53 46.73 23.43
CA SER KD 56 59.16 48.13 23.36
C SER KD 56 59.92 48.96 24.38
N THR KD 57 60.09 48.43 25.60
CA THR KD 57 60.89 49.12 26.60
C THR KD 57 62.38 49.15 26.22
N LEU KD 58 62.82 48.23 25.38
CA LEU KD 58 64.21 48.19 24.93
C LEU KD 58 64.40 48.77 23.53
N SER KD 59 63.39 49.46 23.00
CA SER KD 59 63.48 50.03 21.67
C SER KD 59 64.49 51.16 21.57
N PHE KD 60 64.95 51.72 22.69
CA PHE KD 60 65.93 52.78 22.64
C PHE KD 60 67.27 52.29 22.10
N ILE KD 61 67.58 51.02 22.31
CA ILE KD 61 68.81 50.45 21.74
C ILE KD 61 68.66 50.39 20.22
N PRO KD 62 69.62 50.89 19.45
CA PRO KD 62 69.53 50.81 17.99
C PRO KD 62 69.58 49.36 17.52
N GLY KD 63 68.88 49.09 16.42
CA GLY KD 63 68.87 47.79 15.79
C GLY KD 63 67.61 46.98 16.03
N VAL KD 64 66.81 47.34 17.03
CA VAL KD 64 65.55 46.65 17.32
C VAL KD 64 64.40 47.52 16.85
N GLN KD 65 63.50 46.92 16.07
CA GLN KD 65 62.43 47.70 15.45
C GLN KD 65 61.41 48.16 16.49
N GLY KD 66 61.07 47.31 17.45
CA GLY KD 66 60.00 47.61 18.37
C GLY KD 66 58.66 47.16 17.83
N ARG KD 67 57.61 47.54 18.55
CA ARG KD 67 56.24 47.19 18.19
C ARG KD 67 55.47 48.46 17.86
N ASN KD 68 54.77 48.44 16.73
CA ASN KD 68 53.95 49.55 16.29
C ASN KD 68 52.48 49.15 16.33
N ASN KD 69 51.67 49.94 17.02
CA ASN KD 69 50.25 49.66 17.19
C ASN KD 69 49.39 50.33 16.13
N ALA KD 70 49.98 51.10 15.22
CA ALA KD 70 49.25 51.77 14.16
C ALA KD 70 49.34 51.03 12.83
N SER KD 71 49.90 49.83 12.82
CA SER KD 71 50.05 49.04 11.60
C SER KD 71 49.05 47.90 11.60
N TYR KD 72 48.30 47.77 10.50
CA TYR KD 72 47.30 46.71 10.42
C TYR KD 72 47.95 45.34 10.36
N ILE KD 73 49.09 45.21 9.68
CA ILE KD 73 49.68 43.89 9.44
C ILE KD 73 50.07 43.24 10.76
N GLU KD 74 50.73 44.01 11.65
CA GLU KD 74 51.19 43.44 12.90
C GLU KD 74 50.03 42.97 13.75
N ASN KD 75 49.00 43.80 13.89
CA ASN KD 75 47.84 43.41 14.69
C ASN KD 75 47.12 42.21 14.10
N SER KD 76 46.96 42.19 12.77
CA SER KD 76 46.27 41.09 12.12
C SER KD 76 47.04 39.78 12.29
N ILE KD 77 48.36 39.82 12.18
CA ILE KD 77 49.15 38.63 12.40
C ILE KD 77 49.04 38.17 13.86
N ARG KD 78 49.06 39.12 14.80
CA ARG KD 78 49.00 38.75 16.22
C ARG KD 78 47.66 38.10 16.56
N VAL KD 79 46.55 38.71 16.14
CA VAL KD 79 45.25 38.28 16.63
C VAL KD 79 44.64 37.14 15.82
N THR KD 80 45.14 36.88 14.61
CA THR KD 80 44.58 35.83 13.76
C THR KD 80 45.52 34.63 13.63
N ARG KD 81 46.54 34.53 14.49
CA ARG KD 81 47.47 33.41 14.39
C ARG KD 81 46.78 32.08 14.66
N PHE KD 82 45.93 32.04 15.68
CA PHE KD 82 45.20 30.83 16.04
C PHE KD 82 43.77 30.83 15.53
N ARG KD 83 43.38 31.83 14.75
CA ARG KD 83 42.04 31.86 14.17
C ARG KD 83 41.86 30.74 13.17
N GLY KD 84 40.73 30.06 13.23
CA GLY KD 84 40.45 28.99 12.30
C GLY KD 84 41.32 27.76 12.46
N PHE KD 85 41.88 27.55 13.65
CA PHE KD 85 42.73 26.38 13.88
C PHE KD 85 41.90 25.11 13.83
N ASP KD 86 42.47 24.07 13.22
CA ASP KD 86 41.80 22.78 13.13
C ASP KD 86 42.78 21.64 13.41
N PHE LD 429 59.67 34.51 58.96
CA PHE LD 429 58.25 34.20 59.03
C PHE LD 429 57.85 33.81 60.44
N PHE LD 430 56.57 33.97 60.76
CA PHE LD 430 56.05 33.62 62.07
C PHE LD 430 55.51 32.18 62.03
N THR LD 431 55.90 31.38 63.01
CA THR LD 431 55.46 30.00 63.11
C THR LD 431 55.11 29.68 64.55
N ASP LD 432 54.22 28.71 64.72
CA ASP LD 432 53.84 28.21 66.03
C ASP LD 432 54.49 26.84 66.24
N PHE LD 433 55.20 26.69 67.36
CA PHE LD 433 55.83 25.42 67.71
C PHE LD 433 55.00 24.75 68.78
N VAL LD 434 54.56 23.53 68.51
CA VAL LD 434 53.82 22.71 69.47
C VAL LD 434 54.77 21.65 69.98
N SER LD 435 55.01 21.65 71.30
CA SER LD 435 55.93 20.73 71.93
C SER LD 435 55.14 19.75 72.80
N LEU LD 436 55.35 18.46 72.54
CA LEU LD 436 54.67 17.39 73.23
C LEU LD 436 55.73 16.45 73.81
N ILE LD 437 55.33 15.66 74.80
CA ILE LD 437 56.23 14.75 75.50
C ILE LD 437 55.85 13.32 75.12
N VAL LD 438 56.84 12.57 74.63
CA VAL LD 438 56.60 11.16 74.33
C VAL LD 438 56.39 10.38 75.62
N LEU LD 439 57.11 10.74 76.68
CA LEU LD 439 56.93 10.07 77.97
C LEU LD 439 55.55 10.35 78.55
N GLY LD 440 55.04 11.57 78.37
CA GLY LD 440 53.81 12.00 78.98
C GLY LD 440 53.99 12.85 80.21
N ILE LD 441 55.23 13.03 80.68
CA ILE LD 441 55.49 13.87 81.84
C ILE LD 441 55.25 15.32 81.46
N LYS LD 442 54.70 16.09 82.41
CA LYS LD 442 54.33 17.47 82.14
C LYS LD 442 55.56 18.32 81.83
N VAL LD 443 55.40 19.27 80.90
CA VAL LD 443 56.40 20.29 80.66
C VAL LD 443 56.28 21.31 81.78
N ILE LD 444 57.26 22.21 81.88
CA ILE LD 444 57.27 23.21 82.94
C ILE LD 444 56.91 24.57 82.34
N LYS LD 445 56.44 25.46 83.21
CA LYS LD 445 55.85 26.72 82.80
C LYS LD 445 56.93 27.71 82.35
N ARG LD 446 56.48 28.89 81.93
CA ARG LD 446 57.40 29.93 81.47
C ARG LD 446 58.29 30.43 82.60
N SER LD 447 57.71 30.63 83.79
CA SER LD 447 58.52 31.02 84.94
C SER LD 447 59.57 29.97 85.25
N ASN LD 448 59.26 28.69 85.00
CA ASN LD 448 60.26 27.65 85.17
C ASN LD 448 61.39 27.81 84.16
N PHE LD 449 61.08 28.27 82.95
CA PHE LD 449 62.13 28.57 81.98
C PHE LD 449 62.99 29.72 82.45
N ILE LD 450 62.36 30.79 82.95
CA ILE LD 450 63.09 31.96 83.41
C ILE LD 450 63.87 31.66 84.68
N VAL LD 451 63.56 30.57 85.36
CA VAL LD 451 64.39 30.10 86.48
C VAL LD 451 65.52 29.21 85.99
N TYR LD 452 65.23 28.30 85.06
CA TYR LD 452 66.21 27.31 84.62
C TYR LD 452 67.34 27.96 83.84
N ASN LD 453 67.01 28.87 82.92
CA ASN LD 453 68.05 29.44 82.05
C ASN LD 453 69.14 30.18 82.81
N PRO LD 454 68.83 31.09 83.75
CA PRO LD 454 69.91 31.79 84.46
C PRO LD 454 70.84 30.87 85.23
N ASN LD 455 70.37 29.71 85.67
CA ASN LD 455 71.25 28.77 86.37
C ASN LD 455 72.40 28.34 85.48
N HIS LD 456 72.10 27.85 84.28
CA HIS LD 456 73.15 27.44 83.38
C HIS LD 456 73.90 28.62 82.79
N ASN LD 457 73.25 29.79 82.70
CA ASN LD 457 73.97 30.99 82.30
C ASN LD 457 75.06 31.33 83.31
N LEU LD 458 74.74 31.26 84.60
CA LEU LD 458 75.72 31.49 85.64
C LEU LD 458 76.78 30.41 85.66
N LEU LD 459 76.39 29.16 85.38
CA LEU LD 459 77.38 28.08 85.28
C LEU LD 459 78.39 28.36 84.17
N THR LD 460 77.91 28.81 83.00
CA THR LD 460 78.82 29.14 81.91
C THR LD 460 79.68 30.36 82.26
N TYR LD 461 79.09 31.35 82.93
CA TYR LD 461 79.86 32.53 83.32
C TYR LD 461 80.97 32.16 84.29
N CYS LD 462 80.69 31.26 85.23
CA CYS LD 462 81.76 30.73 86.09
C CYS LD 462 82.78 29.97 85.27
N PHE LD 463 82.32 29.22 84.26
CA PHE LD 463 83.24 28.49 83.39
C PHE LD 463 84.09 29.44 82.56
N ASN LD 464 83.45 30.39 81.89
CA ASN LD 464 84.16 31.35 81.05
C ASN LD 464 83.55 32.74 81.25
N MET LD 465 84.40 33.75 81.20
CA MET LD 465 83.99 35.13 81.35
C MET LD 465 83.97 35.82 79.99
N LEU LD 466 83.67 37.12 80.02
CA LEU LD 466 83.57 37.99 78.84
C LEU LD 466 82.46 37.58 77.88
N ILE LD 467 81.54 36.72 78.31
CA ILE LD 467 80.41 36.33 77.47
C ILE LD 467 79.25 37.27 77.74
N PHE LD 468 78.28 37.26 76.84
CA PHE LD 468 77.11 38.13 76.89
C PHE LD 468 75.82 37.33 76.94
N PHE LD 469 75.78 36.31 77.81
CA PHE LD 469 74.60 35.44 77.89
C PHE LD 469 73.35 36.22 78.27
N LYS LD 470 73.48 37.20 79.17
CA LYS LD 470 72.30 37.92 79.65
C LYS LD 470 71.63 38.70 78.52
N VAL LD 471 72.43 39.36 77.68
CA VAL LD 471 71.86 40.15 76.58
C VAL LD 471 71.10 39.25 75.62
N ASN LD 472 71.67 38.09 75.29
CA ASN LD 472 70.98 37.14 74.42
C ASN LD 472 69.72 36.60 75.09
N GLY LD 473 69.78 36.37 76.40
CA GLY LD 473 68.61 35.87 77.10
C GLY LD 473 67.46 36.86 77.08
N ILE LD 474 67.75 38.15 77.24
CA ILE LD 474 66.72 39.17 77.09
C ILE LD 474 67.07 40.12 75.96
#